data_8TOC
#
_entry.id   8TOC
#
_cell.length_a   1.00
_cell.length_b   1.00
_cell.length_c   1.00
_cell.angle_alpha   90.00
_cell.angle_beta   90.00
_cell.angle_gamma   90.00
#
_symmetry.space_group_name_H-M   'P 1'
#
loop_
_entity.id
_entity.type
_entity.pdbx_description
1 polymer 'RNA (4269-MER)'
2 polymer 'Maturation protein'
3 polymer 'Coat protein'
#
loop_
_entity_poly.entity_id
_entity_poly.type
_entity_poly.pdbx_seq_one_letter_code
_entity_poly.pdbx_strand_id
1 'polyribonucleotide'
;GGAGUGAACCCCGGAGGGGGUUCGCUGAAAGCCGAAUCGAAUUCGACUUUGCGUGAUUCACAUCACGUCUUACUCACGAU
ACUAGUACCGCGAGUUAUCUUGUGGUAAUUAAAAACUACCAGGAGAUAACUUUAUGAAGAAAAGGACAAAAGCCUUGCUU
CCCUAUGCGGUUUUCAUCAUACUCAGCUUUCAACUAACAUUGUUGACUGCCUUGUUUAUGUAUUACCAUUAUACCUUUUA
GGAGAUGGUGUCAUGAACAUGUACAAAUGGGUACCUGAAAGUAUCCGCGAUUCUGGCGAGGGGCAACCCUCUUAUUCAAA
UAAUGGUGAUUAUGCACCGAGCGGCCCUUGGGUUGCUGCGGGUAUUCAUACCAUGCCACAAUCGCUGCGGGAUUCCAUGA
GAAAUUCUAUCAUGGUCACCGCGCAAGCUCGUCGUGAUGUCAUUGGCCCCGAAUGGGGCCCUGACGGACGCUUUACUGGA
UAUGCUUCAGUGAUCGGGACACCUGAUCCUAAGCCUGCUGAUAUUGUGAACAAGUUUACAGUUGAACGCAGACCGGUCAG
CAACGGAAAUUUUCAACAGCGUGUGAAAGCUGGUGACAUUGUUGUUGCACCGUAUACCAGUGAUGGAAAGAUUACUGUUA
AACUAGUCGCCGGUCAGAAGGACAUUUCAAGUACUCCUGAUUACGAUUAUCGAAUUGACAGUAGUUUGGCGUCAUCCGCC
GGAUUUGUUGUUGCUGGUGAACGUUGGUAUUAUACCAAACGUCACUUCAUUAUCCCUCGUUACUUCCAAAACUGGCGCAU
GCGCCGGCGUAAGUACGUAACUGGUUGGGUAAUGCCAACGUUUUAUAGUCCGAAAGAGAUUUUUAAUCGCCUUAAGGAUU
CGUUGGUACCAGAUACUGGGUUAGUCACCCAAGUUUGGGCAGACAACAACACAAAACGGAUGGAUUUCCUCACCGCUAUG
GCUGAAAUCCCACAGACUCUCUCUUCUUUUCUCGAUGCGUUGGGUUACCUCGGAUCGCUUAUUAAAGAUUUUAAACGUCG
UCGCUUCUUUUUAAAUAAAGCGCAUCAACGUAUCCGUAAUAAGCUCGGGGUGUCUUUCGCAGAAAGAAGAUCACAAAUUG
UAUCUAAGUACGAUCGUAAGAUCGCAUCUGCCCGUAAGCCUGCAAUUAUUGUAAAAUUGCGGCAACGGAAAGAAAAGGCC
UUAAAAGCCCUAGAUAAAAUGCGUGUUCGAGAGGAAAAGAAAAUGAUACGUGAAUUUGCCACUCAGGCAGCCUCACUAUG
GCUUUCUUUUCGGUACGAGAUCAUGCCGCUUUAUUAUCAAUCUCAGGACGUAUUGGACGUAAUUGCCAACUCGACUUCUG
AAUUUAUGACAUCGCGGGACUUUGUUGCUAAAGCAAUCAACAUUGGAAUUCCUUUGGAAUGGAAUCUUGAUCAAGAAAAC
UUGGUUUCUCAACCGAGACACAAUGUGAUGGUUAAAUCAAAAUUGUCACCCGAAAACAACAUCGGGAAGACUCUUUCAGU
UAAUCCAUUUACAACAGCUUGGGAGCUGUUGACAUUGUCCUUCGUCGUCGACUGGUUUGUCAACUUUGGUGACGUCAUCG
CAGGGUUUACUGGCGGUUACUCAGAUGAUUCUGGGGCAACUGCUAGUUGGCGCUUUGAUGAUAAAAAGGUAUUCCACUUA
AAGAAUAUCCCCUCAGCUAUGGUGAUCGUCGACAUUAACUUCUACACCCGUCAGGUCAUUGACCCGCGGCUGUGCGGGGG
GCUUGCUUUCUCCCCCAAACUUAACCUUUUCCGGUAUCUUGACGCCAUGAGUUUAUCAUGGAAUCGAUCUCGUUUAAAGA
UCAGUCGAGCUACUUGACAAUUUUCUGCGCACCCAUCCCGGGUGGCGCCCAAAGUGAGGAAAAUCACAUGGCAAAUAAGC
CAAUGCAACCGAUCACAUCUACAGCAAAUAAAAUUGUGUGGAGUGAUCCAACUCGUUUAUCAACUACAUUUUCAGCAAGU
CUGUUACGCCAACGUGUUAAAGUUGGUAUAGCCGAACUGAAUAAUGUUUCAGGUCAAUAUGUAUCUGUUUAUAAGCGUCC
UGCACCUAAACCGGAAGGUUGUGCAGAUGCCUGUGUCAUUAUGCCGAAUGAAAACCAAUCCAUUCGCACAGUGAUUUCAG
GGUCAGCCGAAAACUUGGCUACCUUAAAAGCAGAAUGGGAAACUCACAAACGUAACGUUGACACACUCUUCGCGAGCGGC
AACGCCGGUUUGGGUUUCCUUGACCCUACUGCGGCUAUCGUAUCGUCUGAUACUACUGCUUAAGUGGUGAUUACUGUGCC
UAAAAGUCAAAAUAAACGACAAAUAAGACGCAGUUCUUCCGUUAAUUACAAGAAUAUCGUUAAAGCUUGCAAUGAUGCAA
UGCUAAACGCUUGUGAUCAACUGAAGUCCACGAGUAUUCCUGCUUUCCAAUCAAACGUCCUUUCGGAUGUUCUUUCCCUC
UCUGAUGCGGCCGACAUAACAGUCAAGCACCGAAUUGUUUCUAAAUUCGGCGAGCCUGCUGGGUCGAGCCUCCGCGACGU
UGCUUUUAACAAUUAUAAAUUGUUCGAACAACAUCUUGGGAGCAUUCCUCAGAUUACUAAUCUGUGGCAGGAAGGAAAAG
AGUUUUUCUUUUUGCGGAAAGCAAAGGCUAACUUGGGUAAAUGGUUAAAAACAUUUAAACUUGACUAUAAUUCUAUUACA
GUCGAGUUCACCCCAGGUGAGUCUUAUACCUCGGCCACUGGGCACGUAUCGGUGUUUGCUAAGCUUUCCAACUUAGCUCA
CUGGACAUGCACUGCUGACGUCGUUGAUGAUGUUUGCCAUCUAGUGUAUUAUAAUCGCGGCCUAAAGGCUGCCGCUAGAA
AACACAUCGGUCUGAUGGUCCCAAUUGAGGGAGAGUCUGGGUUUGACACCUUUUCUCGCCACCUCAUGGGUGUUAUAUCC
AUCGUUCCUGGGGCCCGCGGCGCAUCCGUGCCGAAGAACCAGGAAACGGACCGUUUUAUCGACGUUGAACCCACUUUCAA
UAUGAUUCUCCAGCGUUGGGUAGCGGGCGAAAUUACUCGCUGCUUAACUUUAGCUAAGAAUCAUCUUGGCGCAUCACGGA
AUAUUAACGGUAAAGUUGUAUUUCACGAUGCUCAAGAAUUGCACAAAGAAAUGAUCCGAGAUCUUUCUUAUGCUACUAUU
GAUUUUUCAAACGCUUCUGAUAGCGUCUUGCUGUGGGUGGUACAGCUUCUUUUUCCGAAGCAUGUAUCGUAUGUUUUGAC
ACAGUAUCGUUCGUCGACUGUCCAACUCGGUUCAGAUCUUAUCGAACCGAAUAAACUUUCAAGUAUGGGAAAUGGUUUUA
CUUUUGAAGUAAUGACCCUCCUCUUACUGUCGAUAGGUAGAAUCUUUGAUCCUACCUGCCGGGUUUACGGAGAUGAUGUU
AUCAUCAAAGCAGAAGUAGCCGACGAUUUCAUCAACACUGUGUCAUCCAUUGCCUUCAUGACGAACAAUAAGAAGACCUU
UUUGAAGGGUCUCUUUCGUGAAUCAUGCGGUGCUUUCCAAUUUGACACAUUUGACAUCCAGUCAUUUGAGUUCGAAUGGG
CUGAUAAUUUUACUGACGUUAUUGCGAUCUGCAACAAACUGAAGUUAAUUAUCGACGCUGCUCAAUGCAACGAAGCAGUA
AUAGCAAUAUUACGCAAUGCGCAUACCGUCAUCUGUGAAUGCAUCCCUGUUCUUUGCAAGGGACCGCAGCCGCCUGAUUU
CAACCUCUUUUUAUCUCAAUAUGUUUAUGAUGAUAAUUGGAAGAAGAAACAGAUGAAAUCUGAUUUAGCCAUAACUAAGC
UAAAUAGACUCGUUGAUAAACAAUGGGGUUUCUUUUCAGCUACACAUCAUCACCCUGAGGAAUUAUGUUACGUAAACAUU
CCUGUUUACGUCCCUCGUCGUGAUUCUGUUCAUGCUGGCCAGAAUCUUUUCGUUGACCUUUCAAAUCUUUACGCUUUACG
UUUUACCAAAUCAACGGUAAGAGGUAAAGGUAAAUGGGUCAAUGUUCCCCACUGGGUUACACCGGUUGGUUCAAUUUAUC
GUGCUUCCCGUAUCAGACAGCAAUACCCUAACAUAGGGGAAUUGCCUACCUGCUACUGGUCACCACAUCAGUUGGACUUG
AUCACCUCCUAAUAAAUCUUUACGAUUUAUAAUAAUGGUAUGUACUAUGAGUAUGUAUGUAGGUUGAAAACCCUACCCGC
UUAGGAUUGCUUAGCAGUCCUUCCCGGCA
;
R
2 'polypeptide(L)'
;MNMYKWVPESIRDSGEGQPSYSNNGDYAPSGPWVAAGIHTMPQSLRDSMRNSIMVTAQARRDVIGPEWGPDGRFTGYASV
IGTPDPKPADIVNKFTVERRPVSNGNFQQRVKAGDIVVAPYTSDGKITVKLVAGQKDISSTPDYDYRIDSSLASSAGFVV
AGERWYYTKRHFIIPRYFQNWRMRRRKYVTGWVMPTFYSPKEIFNRLKDSLVPDTGLVTQVWADNNTKRMDFLTAMAEIP
QTLSSFLDALGYLGSLIKDFKRRRFFLNKAHQRIRNKLGVSFAERRSQIVSKYDRKIASARKPAIIVKLRQRKEKALKAL
DKMRVREEKKMIREFATQAASLWLSFRYEIMPLYYQSQDVLDVIANSTSEFMTSRDFVAKAINIGIPLEWNLDQENLVSQ
PRHNVMVKSKLSPENNIGKTLSVNPFTTAWELLTLSFVVDWFVNFGDVIAGFTGGYSDDSGATASWRFDDKKVFHLKNIP
SAMVIVDINFYTRQVIDPRLCGGLAFSPKLNLFRYLDAMSLSWNRSRLKISRAT
;
a,b
3 'polypeptide(L)'
;ANKPMQPITSTANKIVWSDPTRLSTTFSASLLRQRVKVGIAELNNVSGQYVSVYKRPAPKPEGCADACVIMPNENQSIRT
VISGSAENLATLKAEWETHKRNVDTLFASGNAGLGFLDPTAAIVSSDTT
;
AB,AC,AE,AF,AG,AH,AI,AJ,AK,AL,AM,AN,AO,AP,AQ,Ac,AS,AT,AU,AV,AW,AX,AY,AZ,BA,BB,BC,BD,BE,BF,BG,BH,BI,BJ,BK,BL,BM,BN,BO,BP,BQ,Bc,BS,BT,BU,BV,BW,BX,BY,BZ,CA,CB,CC,CD,CE,CF,CG,CH,CI,CJ,CK,CL,CM,CN,CO,CP,CQ,Cc,CS,CT,CU,CV,CW,CX,CY,CZ,DA,DB,DC,DD,DE,DF,DG,DH,DI,DJ,DK,DL,DM,DN,DO,DQ,Dc,DS,DT,DU,DV,DW,DX,DY,DZ,EA,EB,EC,ED,EE,EF,EG,EH,EI,EJ,EK,EL,EM,EN,EO,EP,EQ,Ec,ES,ET,EU,EV,EW,EX,EY,EZ,FA,FB,FC,FD,FE,FF,FG,FH,FI,FJ,FK,FL,FM,FN,FO,FP,FQ,Fc,FS,FT,FU,FV,FW,FX,FY,FZ,GA,GB,GC,GD,GE,GF,GG,GH,GI,GJ,GK,GL,GM,GN,GO,GP,GQ,Gc,GS,GT,GU,GV,GW,GX,GY
#
# COMPACT_ATOMS: atom_id res chain seq x y z
N MET B 1 -39.39 162.19 -9.62
CA MET B 1 -38.16 162.30 -10.39
C MET B 1 -38.36 161.92 -11.85
N ASN B 2 -37.42 162.34 -12.70
CA ASN B 2 -37.45 162.09 -14.12
C ASN B 2 -36.26 161.22 -14.50
N MET B 3 -36.42 160.42 -15.54
CA MET B 3 -35.41 159.43 -15.91
C MET B 3 -35.32 159.37 -17.43
N TYR B 4 -34.18 159.80 -17.98
CA TYR B 4 -33.93 159.60 -19.40
C TYR B 4 -33.89 158.10 -19.71
N LYS B 5 -34.74 157.67 -20.63
CA LYS B 5 -34.84 156.26 -20.98
C LYS B 5 -34.74 156.08 -22.49
N TRP B 6 -34.03 155.03 -22.90
CA TRP B 6 -33.89 154.71 -24.31
C TRP B 6 -35.22 154.19 -24.86
N VAL B 7 -35.48 154.46 -26.13
CA VAL B 7 -36.81 154.20 -26.69
C VAL B 7 -36.68 153.30 -27.92
N PRO B 8 -36.53 151.99 -27.75
CA PRO B 8 -36.48 151.10 -28.91
C PRO B 8 -37.82 150.96 -29.61
N GLU B 9 -37.90 150.10 -30.62
CA GLU B 9 -39.10 149.84 -31.42
C GLU B 9 -39.56 151.08 -32.19
N SER B 10 -38.70 152.08 -32.35
CA SER B 10 -39.02 153.30 -33.09
C SER B 10 -37.82 153.76 -33.90
N ILE B 11 -37.17 152.83 -34.60
CA ILE B 11 -35.97 153.14 -35.36
C ILE B 11 -36.27 153.00 -36.84
N ARG B 12 -35.38 153.56 -37.66
CA ARG B 12 -35.47 153.43 -39.10
C ARG B 12 -34.07 153.53 -39.69
N ASP B 13 -33.86 152.84 -40.81
CA ASP B 13 -32.60 152.89 -41.53
C ASP B 13 -32.68 154.05 -42.53
N SER B 14 -32.01 155.15 -42.21
CA SER B 14 -32.11 156.36 -43.03
C SER B 14 -31.29 156.27 -44.32
N GLY B 15 -30.42 155.28 -44.45
CA GLY B 15 -29.66 155.12 -45.67
C GLY B 15 -28.45 156.01 -45.79
N GLU B 16 -27.99 156.62 -44.69
CA GLU B 16 -26.82 157.49 -44.69
C GLU B 16 -25.51 156.71 -44.61
N GLY B 17 -25.53 155.39 -44.77
CA GLY B 17 -24.32 154.62 -44.63
C GLY B 17 -23.42 154.74 -45.84
N GLN B 18 -22.11 154.59 -45.61
CA GLN B 18 -21.09 154.66 -46.65
C GLN B 18 -20.18 153.44 -46.53
N PRO B 19 -20.55 152.33 -47.15
CA PRO B 19 -19.64 151.18 -47.19
C PRO B 19 -18.36 151.52 -47.93
N SER B 20 -17.26 150.92 -47.49
CA SER B 20 -15.94 151.21 -48.03
C SER B 20 -15.50 150.09 -48.97
N TYR B 21 -14.98 150.47 -50.12
CA TYR B 21 -14.62 149.55 -51.19
C TYR B 21 -13.11 149.37 -51.21
N SER B 22 -12.65 148.20 -50.80
CA SER B 22 -11.22 147.94 -50.63
C SER B 22 -10.56 147.80 -51.99
N ASN B 23 -9.51 148.59 -52.24
CA ASN B 23 -8.79 148.50 -53.49
C ASN B 23 -7.83 147.31 -53.51
N ASN B 24 -7.60 146.67 -52.37
CA ASN B 24 -6.65 145.57 -52.28
C ASN B 24 -7.22 144.25 -52.80
N GLY B 25 -8.51 144.19 -53.09
CA GLY B 25 -9.11 142.96 -53.60
C GLY B 25 -9.09 141.80 -52.65
N ASP B 26 -9.22 142.07 -51.36
CA ASP B 26 -9.19 141.03 -50.34
C ASP B 26 -9.73 141.63 -49.05
N TYR B 27 -9.63 140.86 -47.97
CA TYR B 27 -10.01 141.31 -46.63
C TYR B 27 -8.86 141.99 -45.91
N ALA B 28 -7.92 142.58 -46.65
CA ALA B 28 -6.79 143.23 -46.03
C ALA B 28 -7.25 144.44 -45.23
N PRO B 29 -6.81 144.59 -43.98
CA PRO B 29 -7.15 145.79 -43.20
C PRO B 29 -6.30 147.01 -43.51
N SER B 30 -5.46 146.93 -44.55
CA SER B 30 -4.59 148.04 -44.92
C SER B 30 -4.82 148.40 -46.39
N GLY B 31 -3.95 149.27 -46.93
CA GLY B 31 -4.07 149.67 -48.30
C GLY B 31 -5.17 150.69 -48.52
N PRO B 32 -5.49 150.97 -49.78
CA PRO B 32 -6.49 151.99 -50.07
C PRO B 32 -7.91 151.42 -50.10
N TRP B 33 -8.86 152.30 -49.78
CA TRP B 33 -10.28 151.96 -49.80
C TRP B 33 -11.05 153.13 -50.38
N VAL B 34 -12.21 152.83 -50.96
CA VAL B 34 -13.06 153.82 -51.60
C VAL B 34 -14.45 153.75 -50.97
N ALA B 35 -15.02 154.91 -50.66
CA ALA B 35 -16.40 154.94 -50.18
C ALA B 35 -17.34 154.53 -51.30
N ALA B 36 -18.23 153.60 -51.02
CA ALA B 36 -19.14 153.04 -52.01
C ALA B 36 -20.59 153.37 -51.63
N GLY B 37 -21.50 153.09 -52.55
CA GLY B 37 -22.90 153.36 -52.30
C GLY B 37 -23.53 152.32 -51.40
N ILE B 38 -24.54 152.75 -50.63
CA ILE B 38 -25.22 151.86 -49.69
C ILE B 38 -26.08 150.82 -50.38
N HIS B 39 -26.24 150.91 -51.70
CA HIS B 39 -27.07 149.95 -52.42
C HIS B 39 -26.50 148.54 -52.36
N THR B 40 -25.21 148.43 -52.05
CA THR B 40 -24.55 147.12 -52.04
C THR B 40 -24.96 146.26 -50.87
N MET B 41 -25.29 146.84 -49.73
CA MET B 41 -25.61 146.05 -48.54
C MET B 41 -26.95 145.33 -48.71
N PRO B 42 -26.99 144.00 -48.52
CA PRO B 42 -28.24 143.27 -48.69
C PRO B 42 -29.32 143.72 -47.72
N GLN B 43 -30.55 143.78 -48.21
CA GLN B 43 -31.69 144.15 -47.39
C GLN B 43 -31.93 143.14 -46.26
N SER B 44 -31.82 141.84 -46.57
CA SER B 44 -32.10 140.81 -45.57
C SER B 44 -31.09 140.88 -44.42
N LEU B 45 -29.80 141.00 -44.73
CA LEU B 45 -28.80 141.09 -43.68
C LEU B 45 -28.93 142.41 -42.92
N ARG B 46 -29.25 143.51 -43.62
CA ARG B 46 -29.48 144.77 -42.93
C ARG B 46 -30.60 144.64 -41.92
N ASP B 47 -31.71 144.02 -42.32
CA ASP B 47 -32.83 143.80 -41.42
C ASP B 47 -32.43 142.89 -40.25
N SER B 48 -31.64 141.85 -40.54
CA SER B 48 -31.22 140.95 -39.48
C SER B 48 -30.41 141.67 -38.41
N MET B 49 -29.42 142.46 -38.83
CA MET B 49 -28.60 143.14 -37.83
C MET B 49 -29.39 144.26 -37.15
N ARG B 50 -30.33 144.87 -37.87
CA ARG B 50 -31.20 145.86 -37.24
C ARG B 50 -32.05 145.23 -36.14
N ASN B 51 -32.59 144.04 -36.39
CA ASN B 51 -33.38 143.35 -35.38
C ASN B 51 -32.50 142.90 -34.21
N SER B 52 -31.24 142.53 -34.50
CA SER B 52 -30.31 142.20 -33.43
C SER B 52 -30.09 143.40 -32.52
N ILE B 53 -29.88 144.58 -33.12
CA ILE B 53 -29.75 145.80 -32.32
C ILE B 53 -31.04 146.07 -31.56
N MET B 54 -32.19 145.81 -32.19
CA MET B 54 -33.47 146.01 -31.51
C MET B 54 -33.57 145.15 -30.25
N VAL B 55 -33.27 143.86 -30.36
CA VAL B 55 -33.43 142.98 -29.21
C VAL B 55 -32.41 143.31 -28.14
N THR B 56 -31.18 143.66 -28.54
CA THR B 56 -30.19 144.05 -27.54
C THR B 56 -30.61 145.31 -26.79
N ALA B 57 -31.12 146.31 -27.52
CA ALA B 57 -31.57 147.54 -26.87
C ALA B 57 -32.76 147.28 -25.97
N GLN B 58 -33.69 146.43 -26.40
CA GLN B 58 -34.85 146.12 -25.56
C GLN B 58 -34.41 145.42 -24.29
N ALA B 59 -33.46 144.49 -24.40
CA ALA B 59 -32.92 143.84 -23.21
C ALA B 59 -32.26 144.85 -22.29
N ARG B 60 -31.47 145.77 -22.84
CA ARG B 60 -30.83 146.83 -22.07
C ARG B 60 -31.77 148.02 -22.04
N ARG B 61 -32.84 147.90 -21.26
CA ARG B 61 -33.80 148.98 -21.15
C ARG B 61 -34.28 149.08 -19.71
N ASP B 62 -34.40 150.30 -19.22
CA ASP B 62 -34.84 150.59 -17.86
C ASP B 62 -33.95 149.89 -16.84
N VAL B 63 -32.66 149.77 -17.15
CA VAL B 63 -31.71 149.03 -16.33
C VAL B 63 -30.64 149.94 -15.74
N ILE B 64 -30.32 151.04 -16.41
CA ILE B 64 -29.22 151.94 -16.04
C ILE B 64 -27.95 151.10 -16.07
N GLY B 65 -27.95 150.07 -16.92
CA GLY B 65 -26.88 149.10 -16.93
C GLY B 65 -25.60 149.64 -17.53
N PRO B 66 -25.59 149.88 -18.84
CA PRO B 66 -24.41 150.46 -19.47
C PRO B 66 -24.51 151.98 -19.58
N GLU B 67 -23.40 152.59 -19.97
CA GLU B 67 -23.30 154.02 -20.18
C GLU B 67 -23.01 154.30 -21.64
N TRP B 68 -22.84 155.59 -21.96
CA TRP B 68 -22.50 155.96 -23.34
C TRP B 68 -21.08 155.54 -23.66
N GLY B 69 -20.88 155.02 -24.86
CA GLY B 69 -19.60 154.54 -25.29
C GLY B 69 -18.55 155.63 -25.36
N PRO B 70 -17.31 155.30 -25.01
CA PRO B 70 -16.22 156.29 -25.13
C PRO B 70 -16.04 156.81 -26.54
N ASP B 71 -16.27 155.95 -27.53
CA ASP B 71 -16.22 156.35 -28.94
C ASP B 71 -17.54 156.91 -29.42
N GLY B 72 -18.54 157.02 -28.54
CA GLY B 72 -19.86 157.47 -28.92
C GLY B 72 -20.84 156.35 -29.20
N ARG B 73 -20.37 155.11 -29.28
CA ARG B 73 -21.25 153.97 -29.53
C ARG B 73 -22.21 153.82 -28.35
N PHE B 74 -23.48 154.10 -28.59
CA PHE B 74 -24.46 154.03 -27.53
C PHE B 74 -24.77 152.57 -27.17
N THR B 75 -25.47 152.39 -26.05
CA THR B 75 -25.99 151.11 -25.63
C THR B 75 -27.39 151.35 -25.09
N GLY B 76 -27.93 150.38 -24.37
CA GLY B 76 -29.17 150.65 -23.68
C GLY B 76 -28.91 151.67 -22.59
N TYR B 77 -29.35 152.90 -22.82
CA TYR B 77 -28.90 154.03 -22.03
C TYR B 77 -30.03 154.55 -21.15
N ALA B 78 -29.67 154.89 -19.91
CA ALA B 78 -30.62 155.44 -18.96
C ALA B 78 -29.89 156.46 -18.10
N SER B 79 -30.13 157.74 -18.36
CA SER B 79 -29.47 158.82 -17.65
C SER B 79 -30.37 159.32 -16.53
N VAL B 80 -29.82 159.36 -15.32
CA VAL B 80 -30.59 159.78 -14.15
C VAL B 80 -30.69 161.30 -14.13
N ILE B 81 -31.84 161.81 -13.74
CA ILE B 81 -32.06 163.24 -13.57
C ILE B 81 -32.26 163.49 -12.08
N GLY B 82 -31.36 164.26 -11.49
CA GLY B 82 -31.41 164.45 -10.06
C GLY B 82 -31.09 163.16 -9.32
N THR B 83 -31.61 163.05 -8.12
CA THR B 83 -31.42 161.83 -7.34
C THR B 83 -32.33 160.73 -7.87
N PRO B 84 -31.83 159.51 -8.03
CA PRO B 84 -32.70 158.41 -8.45
C PRO B 84 -33.71 158.05 -7.36
N ASP B 85 -34.87 157.59 -7.77
CA ASP B 85 -35.91 157.21 -6.82
C ASP B 85 -35.51 155.95 -6.08
N PRO B 86 -35.70 155.89 -4.76
CA PRO B 86 -35.44 154.65 -4.04
C PRO B 86 -36.37 153.54 -4.50
N LYS B 87 -35.83 152.32 -4.57
CA LYS B 87 -36.60 151.16 -4.97
C LYS B 87 -37.01 150.35 -3.75
N PRO B 88 -38.31 150.15 -3.54
CA PRO B 88 -38.75 149.36 -2.38
C PRO B 88 -38.21 147.94 -2.44
N ALA B 89 -37.85 147.42 -1.27
CA ALA B 89 -37.28 146.08 -1.20
C ALA B 89 -38.35 145.03 -1.53
N ASP B 90 -37.92 143.98 -2.23
CA ASP B 90 -38.83 142.89 -2.54
C ASP B 90 -39.17 142.12 -1.27
N ILE B 91 -40.40 142.29 -0.80
CA ILE B 91 -40.82 141.74 0.48
C ILE B 91 -41.16 140.27 0.30
N VAL B 92 -41.18 139.54 1.41
CA VAL B 92 -41.50 138.12 1.43
C VAL B 92 -42.53 137.85 2.52
N ASN B 93 -43.54 137.04 2.19
CA ASN B 93 -44.47 136.50 3.17
C ASN B 93 -44.43 134.98 3.07
N LYS B 94 -44.21 134.33 4.21
CA LYS B 94 -44.01 132.89 4.25
C LYS B 94 -44.99 132.25 5.22
N PHE B 95 -45.48 131.07 4.84
CA PHE B 95 -46.35 130.28 5.70
C PHE B 95 -45.88 128.84 5.68
N THR B 96 -45.95 128.18 6.84
CA THR B 96 -45.58 126.78 6.98
C THR B 96 -46.80 125.99 7.38
N VAL B 97 -47.06 124.90 6.66
CA VAL B 97 -48.19 124.02 6.93
C VAL B 97 -47.78 123.08 8.06
N GLU B 98 -48.57 123.06 9.13
CA GLU B 98 -48.23 122.25 10.28
C GLU B 98 -48.57 120.79 10.05
N ARG B 99 -47.65 119.91 10.46
CA ARG B 99 -47.88 118.48 10.33
C ARG B 99 -48.99 118.03 11.28
N ARG B 100 -49.75 117.03 10.85
CA ARG B 100 -50.81 116.43 11.65
C ARG B 100 -50.63 114.92 11.67
N PRO B 101 -49.59 114.45 12.34
CA PRO B 101 -49.33 113.00 12.36
C PRO B 101 -50.33 112.26 13.23
N VAL B 102 -50.58 111.01 12.87
CA VAL B 102 -51.45 110.12 13.64
C VAL B 102 -50.80 108.75 13.69
N SER B 103 -50.91 108.09 14.84
CA SER B 103 -50.37 106.75 15.05
C SER B 103 -51.53 105.76 15.10
N ASN B 104 -51.39 104.66 14.37
CA ASN B 104 -52.48 103.70 14.21
C ASN B 104 -52.46 102.59 15.25
N GLY B 105 -52.36 102.98 16.52
CA GLY B 105 -52.36 101.99 17.58
C GLY B 105 -51.25 100.98 17.40
N ASN B 106 -51.60 99.70 17.49
CA ASN B 106 -50.66 98.62 17.19
C ASN B 106 -50.70 98.33 15.69
N PHE B 107 -50.19 99.31 14.93
CA PHE B 107 -50.14 99.20 13.48
C PHE B 107 -49.38 97.96 13.05
N GLN B 108 -48.20 97.73 13.63
CA GLN B 108 -47.38 96.60 13.25
C GLN B 108 -48.07 95.28 13.58
N GLN B 109 -48.74 95.21 14.73
CA GLN B 109 -49.41 93.97 15.11
C GLN B 109 -50.58 93.70 14.18
N ARG B 110 -51.34 94.74 13.83
CA ARG B 110 -52.45 94.58 12.90
C ARG B 110 -51.97 94.12 11.52
N VAL B 111 -50.90 94.75 11.01
CA VAL B 111 -50.42 94.37 9.68
C VAL B 111 -49.81 92.96 9.72
N LYS B 112 -49.22 92.59 10.85
CA LYS B 112 -48.76 91.22 11.02
C LYS B 112 -49.93 90.25 10.98
N ALA B 113 -51.03 90.60 11.65
CA ALA B 113 -52.24 89.80 11.58
C ALA B 113 -52.85 89.80 10.19
N GLY B 114 -52.50 90.76 9.35
CA GLY B 114 -52.98 90.83 7.98
C GLY B 114 -53.92 91.98 7.71
N ASP B 115 -54.35 92.71 8.72
CA ASP B 115 -55.23 93.85 8.51
C ASP B 115 -54.50 94.95 7.76
N ILE B 116 -55.27 95.75 7.02
CA ILE B 116 -54.75 96.89 6.27
C ILE B 116 -55.17 98.15 7.01
N VAL B 117 -54.23 99.06 7.23
CA VAL B 117 -54.46 100.25 8.04
C VAL B 117 -54.14 101.48 7.20
N VAL B 118 -55.09 102.43 7.18
CA VAL B 118 -54.96 103.66 6.43
C VAL B 118 -55.22 104.82 7.38
N ALA B 119 -54.34 105.82 7.35
CA ALA B 119 -54.47 106.99 8.22
C ALA B 119 -54.22 108.27 7.45
N PRO B 120 -54.98 109.32 7.71
CA PRO B 120 -54.71 110.60 7.06
C PRO B 120 -53.42 111.22 7.57
N TYR B 121 -52.78 112.00 6.70
CA TYR B 121 -51.52 112.61 7.05
C TYR B 121 -51.40 113.96 6.35
N THR B 122 -50.54 114.81 6.90
CA THR B 122 -50.27 116.11 6.30
C THR B 122 -48.80 116.45 6.58
N SER B 123 -47.96 116.27 5.58
CA SER B 123 -46.55 116.62 5.75
C SER B 123 -46.39 118.12 5.83
N ASP B 124 -45.27 118.55 6.42
CA ASP B 124 -45.00 119.97 6.58
C ASP B 124 -44.86 120.65 5.22
N GLY B 125 -45.50 121.80 5.08
CA GLY B 125 -45.53 122.52 3.83
C GLY B 125 -44.62 123.73 3.81
N LYS B 126 -44.72 124.48 2.71
CA LYS B 126 -43.90 125.67 2.53
C LYS B 126 -44.62 126.56 1.52
N ILE B 127 -45.18 127.66 2.00
CA ILE B 127 -45.93 128.60 1.16
C ILE B 127 -45.25 129.96 1.23
N THR B 128 -44.88 130.50 0.07
CA THR B 128 -44.16 131.75 0.00
C THR B 128 -44.71 132.59 -1.14
N VAL B 129 -44.61 133.91 -1.01
CA VAL B 129 -44.98 134.84 -2.07
C VAL B 129 -43.87 135.89 -2.21
N LYS B 130 -43.45 136.14 -3.45
CA LYS B 130 -42.50 137.20 -3.77
C LYS B 130 -43.25 138.40 -4.28
N LEU B 131 -42.95 139.58 -3.74
CA LEU B 131 -43.51 140.84 -4.22
C LEU B 131 -42.36 141.70 -4.71
N VAL B 132 -42.21 141.81 -6.02
CA VAL B 132 -41.11 142.52 -6.64
C VAL B 132 -41.58 143.91 -7.04
N ALA B 133 -40.89 144.94 -6.55
CA ALA B 133 -41.22 146.31 -6.91
C ALA B 133 -40.91 146.55 -8.38
N GLY B 134 -41.78 147.33 -9.03
CA GLY B 134 -41.60 147.65 -10.44
C GLY B 134 -41.83 149.11 -10.74
N GLN B 135 -40.91 149.73 -11.47
CA GLN B 135 -41.06 151.13 -11.85
C GLN B 135 -42.15 151.25 -12.91
N LYS B 136 -42.90 152.34 -12.86
CA LYS B 136 -44.02 152.58 -13.76
C LYS B 136 -43.83 153.89 -14.49
N ASP B 137 -43.87 153.85 -15.83
CA ASP B 137 -43.76 155.04 -16.65
C ASP B 137 -45.09 155.79 -16.59
N ILE B 138 -45.23 156.66 -15.60
CA ILE B 138 -46.49 157.40 -15.44
C ILE B 138 -46.67 158.40 -16.58
N SER B 139 -45.58 158.99 -17.07
CA SER B 139 -45.68 159.98 -18.14
C SER B 139 -44.39 160.01 -18.93
N SER B 140 -44.51 160.14 -20.25
CA SER B 140 -43.38 160.27 -21.14
C SER B 140 -43.86 160.84 -22.46
N THR B 141 -43.37 162.03 -22.82
CA THR B 141 -43.84 162.69 -24.05
C THR B 141 -42.72 163.33 -24.87
N PRO B 142 -41.79 164.11 -24.29
CA PRO B 142 -40.77 164.76 -25.13
C PRO B 142 -39.87 163.72 -25.79
N ASP B 143 -39.35 164.07 -26.96
CA ASP B 143 -38.54 163.15 -27.74
C ASP B 143 -37.38 163.89 -28.39
N TYR B 144 -36.32 163.15 -28.72
CA TYR B 144 -35.16 163.71 -29.39
C TYR B 144 -34.56 162.66 -30.32
N ASP B 145 -33.80 163.14 -31.30
CA ASP B 145 -33.26 162.30 -32.36
C ASP B 145 -31.75 162.09 -32.21
N TYR B 146 -31.32 160.85 -32.41
CA TYR B 146 -29.90 160.50 -32.39
C TYR B 146 -29.61 159.58 -33.56
N ARG B 147 -28.50 159.81 -34.25
CA ARG B 147 -28.12 158.94 -35.39
C ARG B 147 -27.16 157.85 -34.93
N ILE B 148 -25.98 158.24 -34.47
CA ILE B 148 -24.97 157.34 -33.92
C ILE B 148 -24.70 156.17 -34.88
N ASP B 149 -24.14 155.08 -34.38
CA ASP B 149 -23.72 153.96 -35.20
C ASP B 149 -24.35 152.67 -34.68
N SER B 150 -23.92 151.54 -35.24
CA SER B 150 -24.50 150.23 -34.95
C SER B 150 -23.42 149.21 -34.67
N SER B 151 -22.47 149.54 -33.79
CA SER B 151 -21.51 148.55 -33.35
C SER B 151 -22.22 147.39 -32.65
N LEU B 152 -21.47 146.31 -32.41
CA LEU B 152 -21.95 145.06 -31.80
C LEU B 152 -23.18 144.50 -32.50
N ALA B 153 -23.41 144.85 -33.77
CA ALA B 153 -24.60 144.38 -34.48
C ALA B 153 -24.58 142.87 -34.64
N SER B 154 -23.59 142.34 -35.37
CA SER B 154 -23.48 140.92 -35.62
C SER B 154 -22.09 140.61 -36.12
N SER B 155 -21.73 139.33 -36.06
CA SER B 155 -20.41 138.87 -36.50
C SER B 155 -20.47 137.82 -37.60
N ALA B 156 -21.49 136.98 -37.62
CA ALA B 156 -21.60 135.95 -38.64
C ALA B 156 -21.82 136.58 -40.02
N GLY B 157 -21.27 135.97 -41.04
CA GLY B 157 -21.34 136.52 -42.40
C GLY B 157 -20.34 137.62 -42.66
N PHE B 158 -20.31 138.64 -41.81
CA PHE B 158 -19.32 139.69 -41.93
C PHE B 158 -17.92 139.13 -41.73
N VAL B 159 -16.97 139.59 -42.54
CA VAL B 159 -15.57 139.21 -42.39
C VAL B 159 -14.84 140.37 -41.71
N VAL B 160 -14.32 140.12 -40.51
CA VAL B 160 -13.73 141.16 -39.69
C VAL B 160 -12.25 141.28 -40.03
N ALA B 161 -11.83 142.49 -40.37
CA ALA B 161 -10.42 142.82 -40.61
C ALA B 161 -10.10 144.06 -39.79
N GLY B 162 -9.74 143.86 -38.52
CA GLY B 162 -9.58 144.98 -37.63
C GLY B 162 -10.89 145.72 -37.48
N GLU B 163 -10.85 147.04 -37.70
CA GLU B 163 -12.09 147.81 -37.70
C GLU B 163 -12.97 147.44 -38.88
N ARG B 164 -12.38 147.05 -40.00
CA ARG B 164 -13.15 146.72 -41.19
C ARG B 164 -13.94 145.44 -40.97
N TRP B 165 -15.23 145.49 -41.33
CA TRP B 165 -16.10 144.31 -41.37
C TRP B 165 -16.52 144.11 -42.82
N TYR B 166 -15.99 143.07 -43.45
CA TYR B 166 -16.27 142.81 -44.85
C TYR B 166 -17.57 142.03 -44.99
N TYR B 167 -18.63 142.71 -45.41
CA TYR B 167 -19.87 142.03 -45.76
C TYR B 167 -19.78 141.33 -47.11
N THR B 168 -18.77 141.66 -47.91
CA THR B 168 -18.52 140.97 -49.17
C THR B 168 -17.04 140.63 -49.28
N LYS B 169 -16.65 140.04 -50.42
CA LYS B 169 -15.24 139.69 -50.62
C LYS B 169 -14.35 140.93 -50.65
N ARG B 170 -14.80 141.98 -51.32
CA ARG B 170 -13.97 143.17 -51.56
C ARG B 170 -14.44 144.38 -50.76
N HIS B 171 -15.74 144.70 -50.81
CA HIS B 171 -16.27 145.82 -50.04
C HIS B 171 -16.31 145.48 -48.56
N PHE B 172 -16.37 146.51 -47.73
CA PHE B 172 -16.50 146.31 -46.29
C PHE B 172 -17.20 147.52 -45.68
N ILE B 173 -17.69 147.33 -44.46
CA ILE B 173 -18.31 148.39 -43.67
C ILE B 173 -17.64 148.43 -42.30
N ILE B 174 -17.81 149.55 -41.61
CA ILE B 174 -17.16 149.78 -40.34
C ILE B 174 -18.22 150.04 -39.28
N PRO B 175 -18.12 149.43 -38.09
CA PRO B 175 -19.23 149.57 -37.12
C PRO B 175 -19.48 150.98 -36.65
N ARG B 176 -18.45 151.75 -36.29
CA ARG B 176 -18.69 153.08 -35.76
C ARG B 176 -18.87 154.13 -36.86
N TYR B 177 -18.75 153.73 -38.13
CA TYR B 177 -18.99 154.62 -39.26
C TYR B 177 -20.36 154.37 -39.90
N PHE B 178 -21.15 153.46 -39.35
CA PHE B 178 -22.43 153.07 -39.94
C PHE B 178 -23.49 154.01 -39.39
N GLN B 179 -23.61 155.16 -40.03
CA GLN B 179 -24.26 156.36 -39.50
C GLN B 179 -25.65 156.57 -40.11
N ASN B 180 -26.40 155.49 -40.36
CA ASN B 180 -27.61 155.58 -41.17
C ASN B 180 -28.88 155.25 -40.39
N TRP B 181 -28.85 155.34 -39.06
CA TRP B 181 -29.98 154.93 -38.25
C TRP B 181 -30.57 156.11 -37.51
N ARG B 182 -31.89 156.19 -37.49
CA ARG B 182 -32.62 157.26 -36.82
C ARG B 182 -33.20 156.71 -35.52
N MET B 183 -32.88 157.37 -34.40
CA MET B 183 -33.19 156.86 -33.08
C MET B 183 -34.03 157.86 -32.30
N ARG B 184 -34.95 157.33 -31.51
CA ARG B 184 -35.79 158.12 -30.61
C ARG B 184 -35.34 157.91 -29.17
N ARG B 185 -35.09 159.00 -28.47
CA ARG B 185 -34.87 158.98 -27.03
C ARG B 185 -35.80 159.99 -26.38
N ARG B 186 -36.52 159.55 -25.35
CA ARG B 186 -37.61 160.34 -24.81
C ARG B 186 -37.41 160.62 -23.34
N LYS B 187 -38.17 161.58 -22.85
CA LYS B 187 -38.14 162.00 -21.46
C LYS B 187 -39.19 161.21 -20.69
N TYR B 188 -38.76 160.52 -19.62
CA TYR B 188 -39.60 159.59 -18.91
C TYR B 188 -39.68 159.99 -17.44
N VAL B 189 -40.89 160.02 -16.89
CA VAL B 189 -41.12 160.13 -15.45
C VAL B 189 -41.58 158.77 -14.97
N THR B 190 -40.88 158.21 -13.99
CA THR B 190 -41.13 156.85 -13.55
C THR B 190 -41.28 156.80 -12.03
N GLY B 191 -41.97 155.76 -11.57
CA GLY B 191 -42.16 155.52 -10.16
C GLY B 191 -42.41 154.06 -9.85
N TRP B 192 -41.76 153.56 -8.81
CA TRP B 192 -41.93 152.16 -8.43
C TRP B 192 -43.34 151.89 -7.93
N VAL B 193 -43.87 150.72 -8.27
CA VAL B 193 -45.19 150.31 -7.84
C VAL B 193 -45.07 148.96 -7.14
N MET B 194 -45.96 148.72 -6.18
CA MET B 194 -45.92 147.50 -5.38
C MET B 194 -47.08 146.60 -5.75
N PRO B 195 -46.86 145.47 -6.42
CA PRO B 195 -47.95 144.53 -6.69
C PRO B 195 -48.49 143.94 -5.40
N THR B 196 -49.78 143.62 -5.41
CA THR B 196 -50.47 143.06 -4.27
C THR B 196 -50.98 141.66 -4.58
N PHE B 197 -51.24 140.89 -3.52
CA PHE B 197 -51.71 139.52 -3.65
C PHE B 197 -52.32 139.10 -2.30
N TYR B 198 -52.85 137.89 -2.27
CA TYR B 198 -53.41 137.35 -1.04
C TYR B 198 -52.30 137.00 -0.06
N SER B 199 -52.71 136.80 1.20
CA SER B 199 -51.80 136.26 2.20
C SER B 199 -51.52 134.79 1.91
N PRO B 200 -50.29 134.32 2.17
CA PRO B 200 -50.01 132.89 1.99
C PRO B 200 -50.91 131.99 2.82
N LYS B 201 -51.18 132.39 4.07
CA LYS B 201 -52.09 131.62 4.90
C LYS B 201 -53.50 131.64 4.34
N GLU B 202 -53.93 132.79 3.81
CA GLU B 202 -55.25 132.87 3.19
C GLU B 202 -55.35 131.92 2.00
N ILE B 203 -54.32 131.90 1.15
CA ILE B 203 -54.31 130.99 0.01
C ILE B 203 -54.32 129.54 0.48
N PHE B 204 -53.55 129.24 1.52
CA PHE B 204 -53.53 127.88 2.04
C PHE B 204 -54.90 127.46 2.55
N ASN B 205 -55.58 128.36 3.26
CA ASN B 205 -56.92 128.04 3.76
C ASN B 205 -57.91 127.84 2.62
N ARG B 206 -57.85 128.70 1.60
CA ARG B 206 -58.73 128.53 0.45
C ARG B 206 -58.49 127.19 -0.23
N LEU B 207 -57.22 126.83 -0.41
CA LEU B 207 -56.89 125.56 -1.04
C LEU B 207 -57.35 124.38 -0.18
N LYS B 208 -57.17 124.49 1.13
CA LYS B 208 -57.58 123.44 2.05
C LYS B 208 -59.08 123.22 1.98
N ASP B 209 -59.84 124.31 1.90
CA ASP B 209 -61.29 124.17 1.73
C ASP B 209 -61.62 123.58 0.36
N SER B 210 -60.87 123.97 -0.67
CA SER B 210 -61.22 123.57 -2.04
C SER B 210 -60.96 122.10 -2.29
N LEU B 211 -59.94 121.52 -1.65
CA LEU B 211 -59.59 120.13 -1.95
C LEU B 211 -60.74 119.19 -1.62
N VAL B 212 -60.95 118.21 -2.48
CA VAL B 212 -62.08 117.28 -2.37
C VAL B 212 -61.79 116.05 -3.23
N PRO B 213 -62.13 114.84 -2.78
CA PRO B 213 -61.92 113.66 -3.62
C PRO B 213 -62.74 113.71 -4.90
N ASP B 214 -62.19 113.08 -5.94
CA ASP B 214 -62.84 113.03 -7.24
C ASP B 214 -63.74 111.81 -7.31
N THR B 215 -65.05 112.04 -7.44
CA THR B 215 -66.01 110.94 -7.45
C THR B 215 -65.79 110.03 -8.65
N GLY B 216 -65.55 110.61 -9.83
CA GLY B 216 -65.36 109.80 -11.01
C GLY B 216 -64.13 108.91 -10.92
N LEU B 217 -63.01 109.48 -10.49
CA LEU B 217 -61.80 108.70 -10.32
C LEU B 217 -61.98 107.63 -9.25
N VAL B 218 -62.70 107.96 -8.18
CA VAL B 218 -63.00 106.98 -7.14
C VAL B 218 -63.79 105.82 -7.73
N THR B 219 -64.79 106.12 -8.55
CA THR B 219 -65.57 105.06 -9.17
C THR B 219 -64.71 104.20 -10.09
N GLN B 220 -63.82 104.82 -10.86
CA GLN B 220 -62.98 104.05 -11.77
C GLN B 220 -62.05 103.10 -11.01
N VAL B 221 -61.34 103.63 -10.01
CA VAL B 221 -60.44 102.77 -9.24
C VAL B 221 -61.23 101.74 -8.46
N TRP B 222 -62.46 102.09 -8.06
CA TRP B 222 -63.35 101.16 -7.38
C TRP B 222 -63.69 99.97 -8.27
N ALA B 223 -64.05 100.25 -9.53
CA ALA B 223 -64.36 99.19 -10.48
C ALA B 223 -63.12 98.36 -10.78
N ASP B 224 -61.96 99.01 -10.86
CA ASP B 224 -60.73 98.26 -11.09
C ASP B 224 -60.47 97.28 -9.95
N ASN B 225 -60.63 97.73 -8.72
CA ASN B 225 -60.45 96.85 -7.57
C ASN B 225 -61.48 95.72 -7.58
N ASN B 226 -62.73 96.05 -7.96
CA ASN B 226 -63.76 95.02 -8.01
C ASN B 226 -63.42 93.94 -9.04
N THR B 227 -62.95 94.34 -10.22
CA THR B 227 -62.54 93.36 -11.21
C THR B 227 -61.38 92.53 -10.70
N LYS B 228 -60.43 93.16 -10.02
CA LYS B 228 -59.29 92.42 -9.48
C LYS B 228 -59.75 91.36 -8.47
N ARG B 229 -60.67 91.73 -7.58
CA ARG B 229 -61.10 90.76 -6.57
C ARG B 229 -61.95 89.67 -7.20
N MET B 230 -62.74 89.99 -8.23
CA MET B 230 -63.47 88.95 -8.96
C MET B 230 -62.51 87.96 -9.61
N ASP B 231 -61.45 88.48 -10.24
CA ASP B 231 -60.45 87.60 -10.83
C ASP B 231 -59.78 86.73 -9.78
N PHE B 232 -59.44 87.30 -8.63
CA PHE B 232 -58.84 86.50 -7.58
C PHE B 232 -59.81 85.43 -7.08
N LEU B 233 -61.09 85.79 -6.94
CA LEU B 233 -62.08 84.81 -6.49
C LEU B 233 -62.19 83.64 -7.45
N THR B 234 -62.34 83.94 -8.75
CA THR B 234 -62.46 82.86 -9.72
C THR B 234 -61.16 82.07 -9.84
N ALA B 235 -60.03 82.68 -9.51
CA ALA B 235 -58.77 81.94 -9.51
C ALA B 235 -58.66 81.00 -8.32
N MET B 236 -59.02 81.48 -7.13
CA MET B 236 -58.91 80.66 -5.92
C MET B 236 -60.07 79.68 -5.77
N ALA B 237 -61.07 79.77 -6.65
CA ALA B 237 -62.16 78.79 -6.65
C ALA B 237 -61.68 77.34 -6.75
N GLU B 238 -60.42 77.11 -7.11
CA GLU B 238 -59.92 75.77 -7.39
C GLU B 238 -59.04 75.21 -6.28
N ILE B 239 -58.97 75.87 -5.12
CA ILE B 239 -58.04 75.43 -4.07
C ILE B 239 -58.37 74.04 -3.54
N PRO B 240 -59.61 73.73 -3.14
CA PRO B 240 -59.88 72.37 -2.67
C PRO B 240 -59.70 71.32 -3.75
N GLN B 241 -59.77 71.70 -5.03
CA GLN B 241 -59.39 70.76 -6.07
C GLN B 241 -57.94 70.32 -5.90
N THR B 242 -57.06 71.26 -5.54
CA THR B 242 -55.69 70.89 -5.19
C THR B 242 -55.65 70.09 -3.90
N LEU B 243 -56.48 70.46 -2.92
CA LEU B 243 -56.49 69.74 -1.64
C LEU B 243 -56.97 68.30 -1.81
N SER B 244 -57.63 67.99 -2.92
CA SER B 244 -58.08 66.63 -3.18
C SER B 244 -56.90 65.65 -3.31
N SER B 245 -55.68 66.16 -3.49
CA SER B 245 -54.52 65.27 -3.42
C SER B 245 -54.31 64.76 -2.00
N PHE B 246 -54.28 65.66 -1.02
CA PHE B 246 -54.10 65.18 0.34
C PHE B 246 -55.35 64.50 0.87
N LEU B 247 -56.51 64.73 0.25
CA LEU B 247 -57.72 63.95 0.49
C LEU B 247 -57.43 62.48 0.72
N ASP B 248 -56.49 61.91 -0.05
CA ASP B 248 -56.02 60.55 0.18
C ASP B 248 -54.57 60.48 0.65
N ALA B 249 -53.73 61.43 0.26
CA ALA B 249 -52.32 61.36 0.63
C ALA B 249 -52.12 61.41 2.14
N LEU B 250 -52.87 62.27 2.83
CA LEU B 250 -52.65 62.39 4.27
C LEU B 250 -53.23 61.21 5.02
N GLY B 251 -54.33 60.65 4.51
CA GLY B 251 -54.87 59.43 5.09
C GLY B 251 -54.02 58.22 4.85
N TYR B 252 -53.19 58.24 3.80
CA TYR B 252 -52.35 57.08 3.48
C TYR B 252 -51.42 56.69 4.62
N LEU B 253 -51.12 57.62 5.54
CA LEU B 253 -50.16 57.36 6.62
C LEU B 253 -50.67 56.31 7.62
N GLY B 254 -51.96 55.98 7.61
CA GLY B 254 -52.46 54.96 8.52
C GLY B 254 -51.82 53.61 8.29
N SER B 255 -51.65 53.22 7.02
CA SER B 255 -50.97 51.99 6.71
C SER B 255 -49.54 52.01 7.21
N LEU B 256 -48.85 53.14 7.04
CA LEU B 256 -47.47 53.24 7.49
C LEU B 256 -47.37 53.10 9.01
N ILE B 257 -48.27 53.76 9.74
CA ILE B 257 -48.18 53.72 11.20
C ILE B 257 -48.54 52.34 11.73
N LYS B 258 -49.55 51.68 11.13
CA LYS B 258 -49.88 50.33 11.57
C LYS B 258 -48.75 49.36 11.25
N ASP B 259 -48.09 49.55 10.09
CA ASP B 259 -46.94 48.72 9.76
C ASP B 259 -45.82 48.95 10.76
N PHE B 260 -45.59 50.20 11.15
CA PHE B 260 -44.56 50.50 12.14
C PHE B 260 -44.85 49.81 13.47
N LYS B 261 -46.11 49.89 13.93
CA LYS B 261 -46.44 49.29 15.21
C LYS B 261 -46.34 47.76 15.14
N ARG B 262 -46.76 47.16 14.02
CA ARG B 262 -46.63 45.71 13.88
C ARG B 262 -45.17 45.29 13.84
N ARG B 263 -44.32 46.08 13.16
CA ARG B 263 -42.89 45.81 13.18
C ARG B 263 -42.34 45.87 14.59
N ARG B 264 -42.79 46.86 15.37
CA ARG B 264 -42.33 46.96 16.75
C ARG B 264 -42.74 45.73 17.56
N PHE B 265 -44.00 45.30 17.40
CA PHE B 265 -44.46 44.12 18.13
C PHE B 265 -43.66 42.88 17.75
N PHE B 266 -43.48 42.64 16.45
CA PHE B 266 -42.74 41.46 16.02
C PHE B 266 -41.29 41.51 16.49
N LEU B 267 -40.65 42.68 16.39
CA LEU B 267 -39.26 42.82 16.80
C LEU B 267 -39.10 42.56 18.28
N ASN B 268 -39.96 43.16 19.12
CA ASN B 268 -39.82 42.97 20.56
C ASN B 268 -40.10 41.52 20.95
N LYS B 269 -41.11 40.91 20.31
CA LYS B 269 -41.42 39.51 20.61
C LYS B 269 -40.26 38.60 20.23
N ALA B 270 -39.69 38.81 19.04
CA ALA B 270 -38.58 37.96 18.60
C ALA B 270 -37.37 38.14 19.50
N HIS B 271 -37.06 39.40 19.86
CA HIS B 271 -35.89 39.63 20.69
C HIS B 271 -36.07 39.03 22.08
N GLN B 272 -37.24 39.22 22.69
CA GLN B 272 -37.47 38.61 24.00
C GLN B 272 -37.42 37.10 23.90
N ARG B 273 -37.94 36.54 22.81
CA ARG B 273 -37.93 35.08 22.65
C ARG B 273 -36.50 34.56 22.60
N ILE B 274 -35.66 35.17 21.78
CA ILE B 274 -34.29 34.66 21.63
C ILE B 274 -33.49 34.91 22.90
N ARG B 275 -33.67 36.07 23.54
CA ARG B 275 -32.93 36.36 24.76
C ARG B 275 -33.36 35.43 25.89
N ASN B 276 -34.66 35.14 25.98
CA ASN B 276 -35.15 34.22 26.99
C ASN B 276 -34.65 32.80 26.72
N LYS B 277 -34.56 32.41 25.45
CA LYS B 277 -33.98 31.11 25.13
C LYS B 277 -32.52 31.03 25.55
N LEU B 278 -31.76 32.09 25.31
CA LEU B 278 -30.37 32.12 25.74
C LEU B 278 -30.26 32.05 27.27
N GLY B 279 -31.13 32.79 27.97
CA GLY B 279 -31.14 32.70 29.42
C GLY B 279 -31.49 31.31 29.91
N VAL B 280 -32.41 30.64 29.21
CA VAL B 280 -32.78 29.28 29.57
C VAL B 280 -31.58 28.34 29.38
N SER B 281 -30.85 28.51 28.29
CA SER B 281 -29.66 27.69 28.07
C SER B 281 -28.61 27.93 29.16
N PHE B 282 -28.42 29.20 29.54
CA PHE B 282 -27.47 29.51 30.60
C PHE B 282 -27.90 28.90 31.93
N ALA B 283 -29.20 28.97 32.23
CA ALA B 283 -29.72 28.36 33.44
C ALA B 283 -29.59 26.84 33.41
N GLU B 284 -29.72 26.23 32.23
CA GLU B 284 -29.50 24.79 32.12
C GLU B 284 -28.04 24.45 32.39
N ARG B 285 -27.13 25.27 31.88
CA ARG B 285 -25.71 25.05 32.20
C ARG B 285 -25.46 25.18 33.69
N ARG B 286 -26.08 26.18 34.33
CA ARG B 286 -25.94 26.33 35.78
C ARG B 286 -26.51 25.12 36.52
N SER B 287 -27.68 24.63 36.10
CA SER B 287 -28.30 23.50 36.76
C SER B 287 -27.44 22.25 36.62
N GLN B 288 -26.86 22.04 35.44
CA GLN B 288 -25.96 20.93 35.23
C GLN B 288 -24.71 21.05 36.11
N ILE B 289 -24.15 22.26 36.19
CA ILE B 289 -22.99 22.49 37.04
C ILE B 289 -23.34 22.20 38.50
N VAL B 290 -24.51 22.63 38.95
CA VAL B 290 -24.93 22.40 40.33
C VAL B 290 -25.17 20.92 40.59
N SER B 291 -25.71 20.20 39.60
CA SER B 291 -25.90 18.77 39.75
C SER B 291 -24.57 18.06 39.91
N LYS B 292 -23.59 18.41 39.07
CA LYS B 292 -22.26 17.84 39.21
C LYS B 292 -21.66 18.19 40.58
N TYR B 293 -21.86 19.43 41.01
CA TYR B 293 -21.29 19.87 42.28
C TYR B 293 -21.90 19.10 43.45
N ASP B 294 -23.22 18.88 43.43
CA ASP B 294 -23.84 18.18 44.54
C ASP B 294 -23.47 16.70 44.53
N ARG B 295 -23.38 16.07 43.36
CA ARG B 295 -22.98 14.66 43.33
C ARG B 295 -21.53 14.50 43.80
N LYS B 296 -20.64 15.43 43.42
CA LYS B 296 -19.26 15.30 43.89
C LYS B 296 -19.13 15.66 45.37
N ILE B 297 -19.98 16.58 45.85
CA ILE B 297 -20.01 16.86 47.29
C ILE B 297 -20.45 15.62 48.06
N ALA B 298 -21.45 14.91 47.56
CA ALA B 298 -21.87 13.66 48.18
C ALA B 298 -20.76 12.63 48.15
N SER B 299 -20.04 12.54 47.03
CA SER B 299 -18.95 11.58 46.90
C SER B 299 -17.69 11.98 47.65
N ALA B 300 -17.62 13.22 48.14
CA ALA B 300 -16.43 13.72 48.81
C ALA B 300 -16.07 12.85 50.03
N ARG B 301 -16.97 12.79 51.01
CA ARG B 301 -16.83 11.99 52.23
C ARG B 301 -15.68 12.44 53.12
N LYS B 302 -15.12 13.63 52.88
CA LYS B 302 -14.05 14.17 53.71
C LYS B 302 -14.31 15.64 53.96
N PRO B 303 -13.90 16.16 55.13
CA PRO B 303 -14.18 17.57 55.46
C PRO B 303 -13.46 18.57 54.57
N ALA B 304 -12.16 18.35 54.34
CA ALA B 304 -11.40 19.26 53.48
C ALA B 304 -11.95 19.24 52.05
N ILE B 305 -12.29 18.04 51.56
CA ILE B 305 -12.88 17.95 50.22
C ILE B 305 -14.21 18.67 50.17
N ILE B 306 -15.02 18.53 51.22
CA ILE B 306 -16.30 19.24 51.27
C ILE B 306 -16.07 20.75 51.20
N VAL B 307 -15.09 21.24 51.97
CA VAL B 307 -14.83 22.68 52.03
C VAL B 307 -14.38 23.19 50.66
N LYS B 308 -13.44 22.46 50.02
CA LYS B 308 -12.94 22.92 48.73
C LYS B 308 -14.01 22.83 47.65
N LEU B 309 -14.90 21.84 47.74
CA LEU B 309 -15.99 21.75 46.78
C LEU B 309 -17.00 22.87 46.99
N ARG B 310 -17.26 23.26 48.24
CA ARG B 310 -18.10 24.42 48.50
C ARG B 310 -17.47 25.69 47.92
N GLN B 311 -16.15 25.84 48.08
CA GLN B 311 -15.46 26.98 47.49
C GLN B 311 -15.57 26.97 45.97
N ARG B 312 -15.41 25.79 45.36
CA ARG B 312 -15.58 25.67 43.92
C ARG B 312 -16.99 26.07 43.49
N LYS B 313 -18.00 25.63 44.24
CA LYS B 313 -19.38 25.99 43.91
C LYS B 313 -19.59 27.49 44.02
N GLU B 314 -19.05 28.11 45.07
CA GLU B 314 -19.17 29.55 45.22
C GLU B 314 -18.55 30.29 44.05
N LYS B 315 -17.33 29.89 43.66
CA LYS B 315 -16.65 30.55 42.56
C LYS B 315 -17.42 30.35 41.25
N ALA B 316 -17.91 29.15 41.00
CA ALA B 316 -18.64 28.89 39.76
C ALA B 316 -19.95 29.67 39.71
N LEU B 317 -20.66 29.75 40.84
CA LEU B 317 -21.90 30.53 40.87
C LEU B 317 -21.64 32.01 40.66
N LYS B 318 -20.54 32.52 41.24
CA LYS B 318 -20.18 33.91 41.01
C LYS B 318 -19.84 34.14 39.54
N ALA B 319 -19.15 33.18 38.91
CA ALA B 319 -18.86 33.29 37.49
C ALA B 319 -20.15 33.30 36.67
N LEU B 320 -21.10 32.43 37.01
CA LEU B 320 -22.38 32.42 36.30
C LEU B 320 -23.10 33.74 36.46
N ASP B 321 -23.06 34.32 37.67
CA ASP B 321 -23.69 35.62 37.88
C ASP B 321 -23.02 36.71 37.06
N LYS B 322 -21.68 36.67 36.97
CA LYS B 322 -21.00 37.70 36.20
C LYS B 322 -21.29 37.55 34.71
N MET B 323 -21.42 36.32 34.22
CA MET B 323 -21.81 36.13 32.83
C MET B 323 -23.25 36.57 32.60
N ARG B 324 -24.12 36.41 33.61
CA ARG B 324 -25.47 36.96 33.49
C ARG B 324 -25.44 38.48 33.40
N VAL B 325 -24.58 39.13 34.19
CA VAL B 325 -24.45 40.58 34.09
C VAL B 325 -23.94 40.97 32.69
N ARG B 326 -22.99 40.22 32.17
CA ARG B 326 -22.46 40.50 30.84
C ARG B 326 -23.56 40.38 29.78
N GLU B 327 -24.29 39.26 29.80
CA GLU B 327 -25.38 39.09 28.84
C GLU B 327 -26.49 40.11 29.07
N GLU B 328 -26.61 40.62 30.30
CA GLU B 328 -27.57 41.68 30.57
C GLU B 328 -27.20 42.94 29.81
N LYS B 329 -25.94 43.37 29.96
CA LYS B 329 -25.45 44.46 29.14
C LYS B 329 -25.63 44.17 27.65
N LYS B 330 -25.46 42.90 27.28
CA LYS B 330 -25.59 42.52 25.87
C LYS B 330 -26.99 42.76 25.35
N MET B 331 -28.02 42.25 26.03
CA MET B 331 -29.34 42.43 25.41
C MET B 331 -29.82 43.85 25.60
N ILE B 332 -29.32 44.58 26.60
CA ILE B 332 -29.64 46.00 26.69
C ILE B 332 -29.11 46.75 25.48
N ARG B 333 -27.85 46.49 25.12
CA ARG B 333 -27.30 47.09 23.91
C ARG B 333 -28.07 46.66 22.68
N GLU B 334 -28.47 45.39 22.61
CA GLU B 334 -29.23 44.91 21.46
C GLU B 334 -30.58 45.61 21.36
N PHE B 335 -31.29 45.74 22.49
CA PHE B 335 -32.52 46.52 22.55
C PHE B 335 -32.30 47.92 21.99
N ALA B 336 -31.25 48.59 22.49
CA ALA B 336 -30.99 49.96 22.05
C ALA B 336 -30.77 50.02 20.55
N THR B 337 -29.94 49.13 20.02
CA THR B 337 -29.63 49.15 18.59
C THR B 337 -30.86 48.87 17.74
N GLN B 338 -31.62 47.83 18.08
CA GLN B 338 -32.78 47.47 17.27
C GLN B 338 -33.86 48.53 17.34
N ALA B 339 -34.11 49.09 18.53
CA ALA B 339 -35.10 50.16 18.65
C ALA B 339 -34.66 51.40 17.87
N ALA B 340 -33.36 51.72 17.93
CA ALA B 340 -32.86 52.87 17.18
C ALA B 340 -33.04 52.68 15.69
N SER B 341 -32.72 51.50 15.17
CA SER B 341 -32.87 51.25 13.74
C SER B 341 -34.34 51.31 13.33
N LEU B 342 -35.21 50.65 14.11
CA LEU B 342 -36.63 50.66 13.79
C LEU B 342 -37.19 52.07 13.78
N TRP B 343 -36.81 52.88 14.77
CA TRP B 343 -37.32 54.24 14.83
C TRP B 343 -36.72 55.11 13.72
N LEU B 344 -35.45 54.90 13.38
CA LEU B 344 -34.85 55.65 12.29
C LEU B 344 -35.44 55.27 10.94
N SER B 345 -36.12 54.13 10.87
CA SER B 345 -36.90 53.81 9.67
C SER B 345 -38.05 54.78 9.46
N PHE B 346 -38.17 55.78 10.32
CA PHE B 346 -39.26 56.75 10.25
C PHE B 346 -39.18 57.60 8.97
N ARG B 347 -37.96 57.89 8.51
CA ARG B 347 -37.78 58.85 7.44
C ARG B 347 -38.66 58.51 6.24
N TYR B 348 -38.78 57.21 5.93
CA TYR B 348 -39.60 56.64 4.87
C TYR B 348 -40.90 57.39 4.68
N GLU B 349 -41.64 57.57 5.76
CA GLU B 349 -42.96 58.19 5.69
C GLU B 349 -42.99 59.61 6.24
N ILE B 350 -42.24 59.92 7.29
CA ILE B 350 -42.32 61.28 7.85
C ILE B 350 -41.69 62.30 6.90
N MET B 351 -40.53 62.00 6.33
CA MET B 351 -39.88 63.01 5.49
C MET B 351 -40.74 63.44 4.31
N PRO B 352 -41.25 62.55 3.45
CA PRO B 352 -41.98 63.05 2.27
C PRO B 352 -43.37 63.56 2.61
N LEU B 353 -44.04 62.98 3.61
CA LEU B 353 -45.34 63.48 4.01
C LEU B 353 -45.22 64.91 4.52
N TYR B 354 -44.23 65.17 5.36
CA TYR B 354 -43.99 66.54 5.83
C TYR B 354 -43.61 67.46 4.68
N TYR B 355 -42.79 66.97 3.75
CA TYR B 355 -42.38 67.80 2.62
C TYR B 355 -43.58 68.22 1.78
N GLN B 356 -44.47 67.27 1.48
CA GLN B 356 -45.65 67.59 0.70
C GLN B 356 -46.62 68.47 1.48
N SER B 357 -46.70 68.28 2.80
CA SER B 357 -47.54 69.16 3.62
C SER B 357 -47.04 70.59 3.55
N GLN B 358 -45.73 70.79 3.66
CA GLN B 358 -45.19 72.14 3.52
C GLN B 358 -45.40 72.66 2.10
N ASP B 359 -45.34 71.78 1.10
CA ASP B 359 -45.60 72.19 -0.27
C ASP B 359 -47.01 72.74 -0.43
N VAL B 360 -48.00 72.03 0.11
CA VAL B 360 -49.38 72.49 -0.03
C VAL B 360 -49.59 73.76 0.79
N LEU B 361 -48.94 73.85 1.96
CA LEU B 361 -49.05 75.05 2.77
C LEU B 361 -48.51 76.27 2.02
N ASP B 362 -47.37 76.10 1.34
CA ASP B 362 -46.82 77.19 0.56
C ASP B 362 -47.72 77.54 -0.61
N VAL B 363 -48.25 76.53 -1.31
CA VAL B 363 -49.00 76.82 -2.54
C VAL B 363 -50.35 77.42 -2.20
N ILE B 364 -50.84 77.23 -0.97
CA ILE B 364 -52.06 77.93 -0.59
C ILE B 364 -51.73 79.32 -0.05
N ALA B 365 -50.65 79.44 0.73
CA ALA B 365 -50.32 80.72 1.36
C ALA B 365 -49.93 81.77 0.33
N ASN B 366 -49.18 81.37 -0.70
CA ASN B 366 -48.75 82.35 -1.71
C ASN B 366 -49.93 82.94 -2.45
N SER B 367 -50.92 82.11 -2.78
CA SER B 367 -52.13 82.61 -3.43
C SER B 367 -53.01 83.37 -2.45
N THR B 368 -53.00 82.97 -1.17
CA THR B 368 -53.86 83.60 -0.19
C THR B 368 -53.38 84.99 0.20
N SER B 369 -52.08 85.22 0.15
CA SER B 369 -51.52 86.55 0.45
C SER B 369 -51.24 87.26 -0.87
N GLU B 370 -52.31 87.73 -1.51
CA GLU B 370 -52.18 88.46 -2.76
C GLU B 370 -52.12 89.96 -2.53
N PHE B 371 -52.88 90.48 -1.56
CA PHE B 371 -52.81 91.87 -1.13
C PHE B 371 -53.06 92.82 -2.30
N MET B 372 -54.14 92.57 -3.04
CA MET B 372 -54.36 93.28 -4.28
C MET B 372 -54.56 94.77 -4.04
N THR B 373 -54.07 95.59 -4.96
CA THR B 373 -54.21 97.02 -4.88
C THR B 373 -54.66 97.55 -6.23
N SER B 374 -55.26 98.74 -6.22
CA SER B 374 -55.64 99.42 -7.45
C SER B 374 -55.56 100.92 -7.18
N ARG B 375 -54.94 101.66 -8.10
CA ARG B 375 -54.71 103.08 -7.92
C ARG B 375 -54.75 103.79 -9.25
N ASP B 376 -54.94 105.10 -9.18
CA ASP B 376 -54.94 105.94 -10.37
C ASP B 376 -54.52 107.35 -9.98
N PHE B 377 -54.04 108.10 -10.96
CA PHE B 377 -53.58 109.47 -10.75
C PHE B 377 -54.24 110.37 -11.77
N VAL B 378 -54.55 111.60 -11.35
CA VAL B 378 -55.05 112.64 -12.24
C VAL B 378 -54.35 113.95 -11.91
N ALA B 379 -54.46 114.89 -12.83
CA ALA B 379 -53.85 116.21 -12.71
C ALA B 379 -54.92 117.28 -12.86
N LYS B 380 -56.02 117.13 -12.13
CA LYS B 380 -57.09 118.11 -12.16
C LYS B 380 -56.59 119.45 -11.64
N ALA B 381 -57.12 120.53 -12.21
CA ALA B 381 -56.66 121.87 -11.87
C ALA B 381 -57.54 122.48 -10.78
N ILE B 382 -56.94 123.40 -10.03
CA ILE B 382 -57.63 124.16 -8.99
C ILE B 382 -57.55 125.62 -9.35
N ASN B 383 -58.70 126.31 -9.33
CA ASN B 383 -58.79 127.70 -9.73
C ASN B 383 -59.11 128.58 -8.53
N ILE B 384 -58.40 129.70 -8.43
CA ILE B 384 -58.61 130.67 -7.36
C ILE B 384 -58.78 132.03 -8.01
N GLY B 385 -59.92 132.67 -7.76
CA GLY B 385 -60.21 133.94 -8.41
C GLY B 385 -59.22 135.01 -8.00
N ILE B 386 -58.79 135.80 -8.98
CA ILE B 386 -57.88 136.92 -8.77
C ILE B 386 -58.65 138.22 -8.99
N PRO B 387 -58.64 139.14 -8.04
CA PRO B 387 -59.33 140.42 -8.25
C PRO B 387 -58.76 141.15 -9.46
N LEU B 388 -59.67 141.73 -10.24
CA LEU B 388 -59.26 142.33 -11.52
C LEU B 388 -58.48 143.62 -11.31
N GLU B 389 -58.79 144.38 -10.25
CA GLU B 389 -58.10 145.63 -10.01
C GLU B 389 -56.61 145.43 -9.73
N TRP B 390 -56.20 144.20 -9.41
CA TRP B 390 -54.79 143.94 -9.12
C TRP B 390 -53.89 144.07 -10.33
N ASN B 391 -54.46 144.21 -11.53
CA ASN B 391 -53.71 144.58 -12.74
C ASN B 391 -52.65 143.55 -13.06
N LEU B 392 -53.03 142.27 -12.94
CA LEU B 392 -52.12 141.16 -13.17
C LEU B 392 -52.31 140.62 -14.58
N ASP B 393 -51.20 140.13 -15.17
CA ASP B 393 -51.26 139.60 -16.52
C ASP B 393 -52.17 138.38 -16.60
N GLN B 394 -52.13 137.52 -15.58
CA GLN B 394 -52.97 136.33 -15.53
C GLN B 394 -54.22 136.63 -14.72
N GLU B 395 -55.38 136.25 -15.25
CA GLU B 395 -56.64 136.59 -14.62
C GLU B 395 -57.04 135.59 -13.54
N ASN B 396 -56.63 134.33 -13.67
CA ASN B 396 -57.04 133.28 -12.76
C ASN B 396 -55.84 132.51 -12.24
N LEU B 397 -55.78 132.32 -10.93
CA LEU B 397 -54.73 131.51 -10.33
C LEU B 397 -55.04 130.03 -10.59
N VAL B 398 -54.04 129.31 -11.08
CA VAL B 398 -54.18 127.91 -11.45
C VAL B 398 -53.20 127.08 -10.64
N SER B 399 -53.70 126.04 -9.99
CA SER B 399 -52.89 125.08 -9.25
C SER B 399 -53.07 123.71 -9.87
N GLN B 400 -52.00 122.90 -9.84
CA GLN B 400 -51.98 121.59 -10.48
C GLN B 400 -51.57 120.55 -9.43
N PRO B 401 -52.49 120.16 -8.55
CA PRO B 401 -52.15 119.17 -7.51
C PRO B 401 -52.08 117.77 -8.10
N ARG B 402 -51.02 117.05 -7.74
CA ARG B 402 -50.96 115.63 -8.04
C ARG B 402 -52.01 114.91 -7.21
N HIS B 403 -53.10 114.52 -7.84
CA HIS B 403 -54.21 113.87 -7.16
C HIS B 403 -54.05 112.37 -7.28
N ASN B 404 -54.04 111.68 -6.13
CA ASN B 404 -53.81 110.25 -6.08
C ASN B 404 -54.89 109.61 -5.22
N VAL B 405 -55.54 108.58 -5.75
CA VAL B 405 -56.49 107.76 -5.01
C VAL B 405 -56.08 106.32 -5.19
N MET B 406 -56.35 105.50 -4.18
CA MET B 406 -56.00 104.08 -4.22
C MET B 406 -56.95 103.33 -3.31
N VAL B 407 -57.54 102.26 -3.81
CA VAL B 407 -58.42 101.38 -3.05
C VAL B 407 -57.89 99.96 -3.15
N LYS B 408 -57.92 99.24 -2.03
CA LYS B 408 -57.31 97.92 -1.97
C LYS B 408 -58.04 97.07 -0.93
N SER B 409 -58.03 95.77 -1.13
CA SER B 409 -58.65 94.80 -0.24
C SER B 409 -57.64 93.72 0.14
N LYS B 410 -58.08 92.78 0.98
CA LYS B 410 -57.23 91.67 1.39
C LYS B 410 -57.81 90.31 1.04
N LEU B 411 -59.09 90.08 1.36
CA LEU B 411 -59.79 88.84 1.03
C LEU B 411 -59.08 87.60 1.60
N SER B 412 -59.06 87.55 2.93
CA SER B 412 -58.51 86.39 3.60
C SER B 412 -59.62 85.45 4.04
N PRO B 413 -59.43 84.14 3.93
CA PRO B 413 -60.46 83.20 4.37
C PRO B 413 -60.38 82.90 5.85
N GLU B 414 -61.31 82.08 6.35
CA GLU B 414 -61.36 81.72 7.76
C GLU B 414 -60.50 80.48 7.96
N ASN B 415 -59.31 80.67 8.51
CA ASN B 415 -58.32 79.59 8.64
C ASN B 415 -57.27 79.99 9.66
N ASN B 416 -56.20 79.21 9.74
CA ASN B 416 -55.30 79.17 10.89
C ASN B 416 -53.83 79.20 10.47
N ILE B 417 -53.44 80.24 9.71
CA ILE B 417 -52.07 80.41 9.24
C ILE B 417 -51.14 80.64 10.44
N GLY B 418 -51.69 80.60 11.64
CA GLY B 418 -50.92 80.88 12.84
C GLY B 418 -50.05 79.72 13.27
N LYS B 419 -50.15 79.31 14.54
CA LYS B 419 -49.28 78.31 15.17
C LYS B 419 -48.95 77.14 14.26
N THR B 420 -49.92 76.71 13.44
CA THR B 420 -49.65 75.62 12.50
C THR B 420 -48.51 75.95 11.55
N LEU B 421 -48.32 77.23 11.25
CA LEU B 421 -47.17 77.66 10.43
C LEU B 421 -45.93 77.60 11.30
N SER B 422 -45.36 76.40 11.39
CA SER B 422 -44.17 76.16 12.18
C SER B 422 -43.20 75.30 11.37
N VAL B 423 -41.93 75.38 11.73
CA VAL B 423 -40.89 74.59 11.08
C VAL B 423 -41.08 73.13 11.47
N ASN B 424 -40.39 72.23 10.76
CA ASN B 424 -40.36 70.81 11.06
C ASN B 424 -40.26 70.50 12.54
N PRO B 425 -41.22 69.73 13.09
CA PRO B 425 -41.21 69.46 14.54
C PRO B 425 -39.95 68.78 15.02
N PHE B 426 -39.42 67.84 14.24
CA PHE B 426 -38.18 67.16 14.63
C PHE B 426 -37.00 68.11 14.60
N THR B 427 -36.93 68.97 13.58
CA THR B 427 -35.88 69.97 13.43
C THR B 427 -34.50 69.33 13.55
N THR B 428 -33.85 69.52 14.70
CA THR B 428 -32.59 68.87 15.00
C THR B 428 -32.66 68.08 16.30
N ALA B 429 -33.83 68.04 16.92
CA ALA B 429 -34.04 67.34 18.20
C ALA B 429 -34.66 65.96 18.01
N TRP B 430 -34.28 65.25 16.94
CA TRP B 430 -34.80 63.91 16.73
C TRP B 430 -34.39 62.95 17.83
N GLU B 431 -33.38 63.32 18.63
CA GLU B 431 -32.93 62.44 19.72
C GLU B 431 -34.03 62.17 20.74
N LEU B 432 -35.03 63.03 20.84
CA LEU B 432 -36.13 62.79 21.78
C LEU B 432 -37.06 61.75 21.18
N LEU B 433 -37.32 60.68 21.94
CA LEU B 433 -38.08 59.55 21.41
C LEU B 433 -39.58 59.81 21.53
N THR B 434 -40.30 59.61 20.43
CA THR B 434 -41.75 59.74 20.42
C THR B 434 -42.31 59.08 19.17
N LEU B 435 -43.54 58.61 19.27
CA LEU B 435 -44.25 58.07 18.12
C LEU B 435 -45.63 58.72 18.00
N SER B 436 -46.21 59.10 19.13
CA SER B 436 -47.53 59.72 19.13
C SER B 436 -47.48 61.21 18.81
N PHE B 437 -46.37 61.88 19.12
CA PHE B 437 -46.28 63.31 18.85
C PHE B 437 -46.39 63.60 17.36
N VAL B 438 -45.71 62.80 16.53
CA VAL B 438 -45.73 63.05 15.10
C VAL B 438 -47.12 62.82 14.52
N VAL B 439 -47.81 61.77 14.96
CA VAL B 439 -49.14 61.50 14.43
C VAL B 439 -50.12 62.55 14.90
N ASP B 440 -49.98 63.02 16.15
CA ASP B 440 -50.83 64.10 16.63
C ASP B 440 -50.60 65.37 15.83
N TRP B 441 -49.34 65.71 15.56
CA TRP B 441 -49.05 66.88 14.76
C TRP B 441 -49.64 66.76 13.37
N PHE B 442 -49.52 65.58 12.75
CA PHE B 442 -50.05 65.37 11.41
C PHE B 442 -51.57 65.49 11.38
N VAL B 443 -52.25 64.88 12.36
CA VAL B 443 -53.71 64.94 12.34
C VAL B 443 -54.20 66.35 12.65
N ASN B 444 -53.51 67.07 13.55
CA ASN B 444 -53.86 68.45 13.80
C ASN B 444 -53.68 69.31 12.55
N PHE B 445 -52.55 69.13 11.86
CA PHE B 445 -52.34 69.86 10.61
C PHE B 445 -53.43 69.53 9.60
N GLY B 446 -53.79 68.25 9.51
CA GLY B 446 -54.80 67.84 8.54
C GLY B 446 -56.15 68.45 8.83
N ASP B 447 -56.58 68.40 10.09
CA ASP B 447 -57.89 68.96 10.43
C ASP B 447 -57.91 70.47 10.23
N VAL B 448 -56.81 71.15 10.60
CA VAL B 448 -56.73 72.59 10.37
C VAL B 448 -56.83 72.90 8.89
N ILE B 449 -56.02 72.23 8.07
CA ILE B 449 -55.97 72.55 6.65
C ILE B 449 -57.26 72.13 5.95
N ALA B 450 -58.00 71.21 6.54
CA ALA B 450 -59.30 70.85 5.99
C ALA B 450 -60.36 71.88 6.36
N GLY B 451 -60.32 72.39 7.58
CA GLY B 451 -61.32 73.33 8.04
C GLY B 451 -61.02 74.79 7.73
N PHE B 452 -61.13 75.19 6.46
CA PHE B 452 -60.93 76.60 6.12
C PHE B 452 -62.08 77.11 5.27
N THR B 453 -62.73 76.19 4.55
CA THR B 453 -63.69 76.56 3.50
C THR B 453 -64.94 77.24 4.05
N GLY B 454 -65.20 77.11 5.36
CA GLY B 454 -66.44 77.66 5.91
C GLY B 454 -66.58 79.15 5.70
N GLY B 455 -65.49 79.90 5.90
CA GLY B 455 -65.57 81.34 5.79
C GLY B 455 -64.44 81.91 4.94
N TYR B 456 -64.78 82.95 4.18
CA TYR B 456 -63.80 83.64 3.34
C TYR B 456 -64.31 85.06 3.10
N SER B 457 -63.73 86.03 3.81
CA SER B 457 -64.09 87.43 3.65
C SER B 457 -63.09 88.27 4.43
N ASP B 458 -62.96 89.54 4.04
CA ASP B 458 -62.06 90.47 4.71
C ASP B 458 -62.52 91.89 4.43
N ASP B 459 -61.66 92.85 4.75
CA ASP B 459 -61.97 94.26 4.72
C ASP B 459 -61.22 94.96 3.59
N SER B 460 -61.34 96.29 3.55
CA SER B 460 -60.71 97.10 2.50
C SER B 460 -60.56 98.53 3.00
N GLY B 461 -59.90 99.34 2.19
CA GLY B 461 -59.73 100.75 2.51
C GLY B 461 -59.32 101.52 1.26
N ALA B 462 -59.56 102.82 1.30
CA ALA B 462 -59.25 103.69 0.18
C ALA B 462 -58.66 105.00 0.69
N THR B 463 -57.80 105.60 -0.14
CA THR B 463 -57.11 106.83 0.23
C THR B 463 -57.41 107.91 -0.79
N ALA B 464 -57.31 109.16 -0.33
CA ALA B 464 -57.43 110.32 -1.20
C ALA B 464 -56.34 111.29 -0.80
N SER B 465 -55.34 111.44 -1.67
CA SER B 465 -54.15 112.23 -1.35
C SER B 465 -53.93 113.29 -2.43
N TRP B 466 -53.39 114.43 -2.01
CA TRP B 466 -53.05 115.52 -2.92
C TRP B 466 -51.60 115.91 -2.65
N ARG B 467 -50.85 116.17 -3.72
CA ARG B 467 -49.52 116.73 -3.61
C ARG B 467 -49.48 118.03 -4.40
N PHE B 468 -48.91 119.06 -3.79
CA PHE B 468 -48.80 120.37 -4.41
C PHE B 468 -47.32 120.73 -4.53
N ASP B 469 -46.88 121.06 -5.74
CA ASP B 469 -45.53 121.54 -5.99
C ASP B 469 -45.58 122.66 -7.02
N ASP B 470 -46.53 123.58 -6.85
CA ASP B 470 -46.80 124.61 -7.84
C ASP B 470 -46.03 125.87 -7.49
N LYS B 471 -45.16 126.31 -8.40
CA LYS B 471 -44.40 127.55 -8.27
C LYS B 471 -44.83 128.45 -9.43
N LYS B 472 -45.81 129.31 -9.18
CA LYS B 472 -46.41 130.12 -10.23
C LYS B 472 -45.86 131.53 -10.24
N VAL B 473 -45.90 132.14 -11.42
CA VAL B 473 -45.39 133.48 -11.65
C VAL B 473 -46.48 134.32 -12.33
N PHE B 474 -46.60 135.57 -11.89
CA PHE B 474 -47.55 136.50 -12.48
C PHE B 474 -46.88 137.85 -12.65
N HIS B 475 -47.18 138.50 -13.77
CA HIS B 475 -46.64 139.81 -14.08
C HIS B 475 -47.71 140.88 -13.92
N LEU B 476 -47.32 142.01 -13.35
CA LEU B 476 -48.21 143.16 -13.30
C LEU B 476 -48.32 143.73 -14.71
N LYS B 477 -49.38 143.35 -15.43
CA LYS B 477 -49.47 143.69 -16.85
C LYS B 477 -49.36 145.19 -17.07
N ASN B 478 -48.68 145.57 -18.14
CA ASN B 478 -48.20 146.90 -18.51
C ASN B 478 -46.99 147.31 -17.68
N ILE B 479 -46.61 146.54 -16.67
CA ILE B 479 -45.39 146.79 -15.89
C ILE B 479 -44.64 145.47 -15.77
N PRO B 480 -43.93 145.04 -16.82
CA PRO B 480 -43.24 143.74 -16.74
C PRO B 480 -42.20 143.68 -15.64
N SER B 481 -41.64 144.82 -15.23
CA SER B 481 -40.67 144.82 -14.13
C SER B 481 -41.31 144.32 -12.84
N ALA B 482 -42.50 144.81 -12.52
CA ALA B 482 -43.23 144.32 -11.36
C ALA B 482 -43.69 142.89 -11.61
N MET B 483 -43.55 142.03 -10.60
CA MET B 483 -43.82 140.62 -10.77
C MET B 483 -44.04 139.99 -9.40
N VAL B 484 -44.81 138.90 -9.38
CA VAL B 484 -45.14 138.19 -8.14
C VAL B 484 -44.95 136.70 -8.36
N ILE B 485 -44.32 136.05 -7.39
CA ILE B 485 -44.08 134.61 -7.40
C ILE B 485 -44.90 133.98 -6.30
N VAL B 486 -45.62 132.90 -6.63
CA VAL B 486 -46.39 132.13 -5.66
C VAL B 486 -45.90 130.70 -5.70
N ASP B 487 -45.48 130.17 -4.55
CA ASP B 487 -45.00 128.81 -4.43
C ASP B 487 -45.88 128.05 -3.46
N ILE B 488 -46.41 126.91 -3.90
CA ILE B 488 -47.22 126.03 -3.07
C ILE B 488 -46.53 124.68 -3.04
N ASN B 489 -46.23 124.19 -1.84
CA ASN B 489 -45.56 122.90 -1.69
C ASN B 489 -46.00 122.29 -0.36
N PHE B 490 -46.82 121.23 -0.43
CA PHE B 490 -47.26 120.50 0.74
C PHE B 490 -48.02 119.27 0.26
N TYR B 491 -48.12 118.29 1.14
CA TYR B 491 -48.79 117.03 0.85
C TYR B 491 -49.84 116.77 1.93
N THR B 492 -50.97 116.20 1.52
CA THR B 492 -52.04 115.88 2.45
C THR B 492 -52.85 114.73 1.90
N ARG B 493 -53.24 113.80 2.77
CA ARG B 493 -54.14 112.72 2.40
C ARG B 493 -55.22 112.58 3.47
N GLN B 494 -56.37 112.08 3.04
CA GLN B 494 -57.46 111.79 3.94
C GLN B 494 -57.99 110.40 3.63
N VAL B 495 -58.34 109.66 4.68
CA VAL B 495 -58.96 108.36 4.49
C VAL B 495 -60.31 108.56 3.84
N ILE B 496 -60.50 107.96 2.67
CA ILE B 496 -61.74 108.10 1.93
C ILE B 496 -62.44 106.75 1.93
N ASP B 497 -63.70 106.76 2.31
CA ASP B 497 -64.56 105.59 2.20
C ASP B 497 -65.98 106.08 2.07
N PRO B 498 -66.34 106.67 0.93
CA PRO B 498 -67.71 107.16 0.74
C PRO B 498 -68.73 106.06 0.78
N ARG B 499 -68.31 104.82 0.51
CA ARG B 499 -69.10 103.59 0.63
C ARG B 499 -70.55 103.78 0.16
N LEU B 500 -70.72 104.57 -0.89
CA LEU B 500 -72.07 104.73 -1.44
C LEU B 500 -72.62 103.40 -1.94
N CYS B 501 -71.79 102.59 -2.58
CA CYS B 501 -72.23 101.38 -3.24
C CYS B 501 -71.75 100.15 -2.47
N GLY B 502 -71.58 100.31 -1.16
CA GLY B 502 -71.24 99.20 -0.29
C GLY B 502 -69.78 99.03 0.04
N GLY B 503 -68.89 99.82 -0.57
CA GLY B 503 -67.48 99.80 -0.22
C GLY B 503 -66.65 99.08 -1.25
N LEU B 504 -67.12 97.91 -1.67
CA LEU B 504 -66.60 97.08 -2.76
C LEU B 504 -67.64 96.02 -3.05
N ALA B 505 -67.71 95.61 -4.31
CA ALA B 505 -68.57 94.50 -4.67
C ALA B 505 -67.96 93.19 -4.19
N PHE B 506 -68.81 92.34 -3.62
CA PHE B 506 -68.30 91.09 -3.07
C PHE B 506 -68.72 89.87 -3.89
N SER B 507 -69.93 89.88 -4.46
CA SER B 507 -70.42 88.79 -5.29
C SER B 507 -70.40 87.48 -4.52
N PRO B 508 -71.33 87.27 -3.58
CA PRO B 508 -71.30 86.05 -2.75
C PRO B 508 -71.50 84.75 -3.52
N LYS B 509 -71.53 84.83 -4.85
CA LYS B 509 -71.76 83.66 -5.71
C LYS B 509 -70.65 82.62 -5.59
N LEU B 510 -69.67 82.87 -4.72
CA LEU B 510 -68.61 81.91 -4.44
C LEU B 510 -69.15 80.69 -3.69
N ASN B 511 -70.45 80.68 -3.41
CA ASN B 511 -71.08 79.61 -2.64
C ASN B 511 -71.11 78.30 -3.41
N LEU B 512 -70.62 78.30 -4.65
CA LEU B 512 -70.60 77.09 -5.46
C LEU B 512 -69.52 76.08 -5.01
N PHE B 513 -68.87 76.29 -3.87
CA PHE B 513 -67.85 75.37 -3.37
C PHE B 513 -68.43 74.27 -2.49
N ARG B 514 -69.71 73.94 -2.66
CA ARG B 514 -70.33 72.94 -1.81
C ARG B 514 -69.72 71.56 -2.03
N TYR B 515 -69.44 71.20 -3.29
CA TYR B 515 -68.80 69.92 -3.56
C TYR B 515 -67.38 69.90 -2.98
N LEU B 516 -66.69 71.04 -3.03
CA LEU B 516 -65.36 71.12 -2.43
C LEU B 516 -65.43 70.95 -0.91
N ASP B 517 -66.44 71.55 -0.28
CA ASP B 517 -66.61 71.38 1.16
C ASP B 517 -66.96 69.93 1.50
N ALA B 518 -67.77 69.28 0.67
CA ALA B 518 -68.06 67.86 0.87
C ALA B 518 -66.79 67.04 0.74
N MET B 519 -65.93 67.39 -0.21
CA MET B 519 -64.61 66.75 -0.32
C MET B 519 -63.83 66.92 0.98
N SER B 520 -63.81 68.13 1.52
CA SER B 520 -63.05 68.39 2.74
C SER B 520 -63.60 67.58 3.91
N LEU B 521 -64.93 67.49 4.03
CA LEU B 521 -65.52 66.70 5.09
C LEU B 521 -65.21 65.22 4.93
N SER B 522 -65.24 64.72 3.69
CA SER B 522 -64.88 63.33 3.44
C SER B 522 -63.44 63.07 3.85
N TRP B 523 -62.54 63.99 3.51
CA TRP B 523 -61.16 63.87 3.94
C TRP B 523 -61.08 63.81 5.46
N ASN B 524 -61.82 64.71 6.11
CA ASN B 524 -61.77 64.79 7.57
C ASN B 524 -62.17 63.46 8.21
N ARG B 525 -63.34 62.92 7.86
CA ARG B 525 -63.78 61.75 8.61
C ARG B 525 -63.03 60.50 8.16
N SER B 526 -62.65 60.42 6.88
CA SER B 526 -61.83 59.30 6.45
C SER B 526 -60.51 59.26 7.21
N ARG B 527 -59.80 60.39 7.24
CA ARG B 527 -58.56 60.49 8.00
C ARG B 527 -58.77 60.14 9.45
N LEU B 528 -59.82 60.70 10.07
CA LEU B 528 -60.05 60.48 11.49
C LEU B 528 -60.28 59.01 11.80
N LYS B 529 -61.12 58.35 11.02
CA LYS B 529 -61.39 56.94 11.27
C LYS B 529 -60.15 56.09 11.06
N ILE B 530 -59.45 56.28 9.94
CA ILE B 530 -58.33 55.39 9.65
C ILE B 530 -57.12 55.74 10.50
N SER B 531 -57.15 56.87 11.20
CA SER B 531 -56.07 57.19 12.12
C SER B 531 -56.37 56.69 13.53
N ARG B 532 -57.60 56.88 14.01
CA ARG B 532 -57.96 56.37 15.34
C ARG B 532 -58.16 54.87 15.34
N ALA B 533 -58.24 54.23 14.16
CA ALA B 533 -58.32 52.78 14.13
C ALA B 533 -57.06 52.15 14.72
N THR B 534 -55.90 52.69 14.39
CA THR B 534 -54.64 52.20 14.93
C THR B 534 -54.51 52.55 16.42
N MET C 1 3.07 205.63 20.89
CA MET C 1 3.57 204.48 20.16
C MET C 1 3.64 204.78 18.66
N ASN C 2 4.84 205.12 18.20
CA ASN C 2 5.08 205.44 16.80
C ASN C 2 6.29 204.66 16.32
N MET C 3 6.33 204.40 15.01
CA MET C 3 7.34 203.54 14.41
C MET C 3 7.72 204.09 13.04
N TYR C 4 9.00 204.41 12.87
CA TYR C 4 9.51 204.90 11.59
C TYR C 4 9.48 203.78 10.55
N LYS C 5 8.76 204.01 9.46
CA LYS C 5 8.61 202.98 8.44
C LYS C 5 8.73 203.59 7.05
N TRP C 6 8.92 202.72 6.07
CA TRP C 6 9.04 203.11 4.68
C TRP C 6 7.72 203.64 4.14
N VAL C 7 7.82 204.52 3.14
CA VAL C 7 6.64 205.04 2.44
C VAL C 7 6.63 204.48 1.02
N PRO C 8 5.77 203.52 0.72
CA PRO C 8 5.75 202.96 -0.64
C PRO C 8 5.28 203.99 -1.65
N GLU C 9 5.81 203.87 -2.87
CA GLU C 9 5.44 204.73 -3.99
C GLU C 9 5.71 206.20 -3.69
N SER C 10 6.76 206.48 -2.92
CA SER C 10 7.16 207.85 -2.59
C SER C 10 8.58 208.15 -3.06
N ILE C 11 9.10 207.38 -4.01
CA ILE C 11 10.47 207.50 -4.48
C ILE C 11 10.44 207.85 -5.96
N ARG C 12 11.16 208.90 -6.34
CA ARG C 12 11.20 209.39 -7.70
C ARG C 12 12.63 209.53 -8.16
N ASP C 13 12.83 209.49 -9.48
CA ASP C 13 14.14 209.65 -10.09
C ASP C 13 14.49 211.14 -10.06
N SER C 14 15.16 211.54 -8.97
CA SER C 14 15.55 212.94 -8.83
C SER C 14 16.55 213.36 -9.92
N GLY C 15 17.47 212.47 -10.26
CA GLY C 15 18.45 212.76 -11.28
C GLY C 15 19.63 213.60 -10.83
N GLU C 16 19.82 213.77 -9.53
CA GLU C 16 20.92 214.58 -9.00
C GLU C 16 22.20 213.74 -8.89
N GLY C 17 22.54 213.10 -10.00
CA GLY C 17 23.75 212.28 -10.06
C GLY C 17 24.53 212.60 -11.31
N GLN C 18 25.85 212.55 -11.18
CA GLN C 18 26.76 212.87 -12.27
C GLN C 18 27.51 211.63 -12.71
N PRO C 19 27.14 211.02 -13.83
CA PRO C 19 27.90 209.88 -14.35
C PRO C 19 29.33 210.28 -14.68
N SER C 20 30.25 209.35 -14.45
CA SER C 20 31.68 209.60 -14.64
C SER C 20 32.11 209.15 -16.02
N TYR C 21 32.66 210.07 -16.80
CA TYR C 21 33.20 209.74 -18.12
C TYR C 21 34.62 209.23 -17.98
N SER C 22 34.90 208.11 -18.63
CA SER C 22 36.23 207.50 -18.59
C SER C 22 37.08 208.04 -19.73
N ASN C 23 38.22 208.63 -19.37
CA ASN C 23 39.11 209.17 -20.40
C ASN C 23 39.77 208.05 -21.21
N ASN C 24 39.97 206.88 -20.61
CA ASN C 24 40.57 205.77 -21.32
C ASN C 24 39.66 205.20 -22.40
N GLY C 25 38.36 205.51 -22.34
CA GLY C 25 37.43 205.00 -23.33
C GLY C 25 37.30 203.49 -23.33
N ASP C 26 37.41 202.87 -22.16
CA ASP C 26 37.28 201.42 -22.04
C ASP C 26 36.73 201.11 -20.65
N TYR C 27 36.81 199.85 -20.25
CA TYR C 27 36.30 199.39 -18.97
C TYR C 27 37.38 199.32 -17.90
N ALA C 28 38.34 200.24 -17.94
CA ALA C 28 39.44 200.24 -16.97
C ALA C 28 38.92 200.59 -15.58
N PRO C 29 39.16 199.76 -14.57
CA PRO C 29 38.67 200.08 -13.22
C PRO C 29 39.30 201.32 -12.61
N SER C 30 40.50 201.71 -13.06
CA SER C 30 41.21 202.85 -12.52
C SER C 30 41.44 203.88 -13.62
N GLY C 31 41.73 205.11 -13.19
CA GLY C 31 41.97 206.20 -14.11
C GLY C 31 41.12 207.41 -13.79
N PRO C 32 41.50 208.56 -14.35
CA PRO C 32 40.72 209.79 -14.10
C PRO C 32 39.32 209.68 -14.68
N TRP C 33 38.38 210.36 -14.04
CA TRP C 33 37.00 210.38 -14.47
C TRP C 33 36.48 211.81 -14.47
N VAL C 34 35.58 212.10 -15.41
CA VAL C 34 34.99 213.43 -15.56
C VAL C 34 33.48 213.29 -15.42
N ALA C 35 32.90 214.11 -14.55
CA ALA C 35 31.46 214.10 -14.34
C ALA C 35 30.73 214.57 -15.59
N ALA C 36 29.62 213.92 -15.91
CA ALA C 36 28.82 214.25 -17.08
C ALA C 36 27.36 214.32 -16.67
N GLY C 37 26.49 214.57 -17.65
CA GLY C 37 25.07 214.62 -17.39
C GLY C 37 24.45 213.24 -17.22
N ILE C 38 23.29 213.22 -16.58
CA ILE C 38 22.57 211.97 -16.34
C ILE C 38 21.68 211.57 -17.51
N HIS C 39 21.56 212.42 -18.53
CA HIS C 39 20.74 212.10 -19.69
C HIS C 39 21.34 210.98 -20.53
N THR C 40 22.63 210.67 -20.34
CA THR C 40 23.26 209.60 -21.11
C THR C 40 22.74 208.22 -20.74
N MET C 41 22.06 208.09 -19.60
CA MET C 41 21.51 206.81 -19.20
C MET C 41 20.37 206.42 -20.12
N PRO C 42 20.33 205.18 -20.62
CA PRO C 42 19.14 204.72 -21.35
C PRO C 42 17.93 204.73 -20.43
N GLN C 43 16.78 205.08 -21.00
CA GLN C 43 15.55 205.14 -20.21
C GLN C 43 15.16 203.76 -19.68
N SER C 44 15.31 202.74 -20.52
CA SER C 44 15.00 201.38 -20.09
C SER C 44 15.91 200.93 -18.96
N LEU C 45 17.22 201.22 -19.06
CA LEU C 45 18.14 200.87 -18.00
C LEU C 45 17.82 201.61 -16.71
N ARG C 46 17.50 202.90 -16.81
CA ARG C 46 17.13 203.67 -15.63
C ARG C 46 15.89 203.10 -14.97
N ASP C 47 14.87 202.77 -15.76
CA ASP C 47 13.65 202.20 -15.21
C ASP C 47 13.91 200.86 -14.55
N SER C 48 14.72 200.01 -15.19
CA SER C 48 15.02 198.70 -14.62
C SER C 48 15.78 198.84 -13.31
N MET C 49 16.77 199.73 -13.25
CA MET C 49 17.53 199.90 -12.02
C MET C 49 16.67 200.51 -10.92
N ARG C 50 15.78 201.46 -11.27
CA ARG C 50 14.87 202.01 -10.29
C ARG C 50 13.92 200.95 -9.75
N ASN C 51 13.41 200.08 -10.63
CA ASN C 51 12.51 199.02 -10.18
C ASN C 51 13.24 198.02 -9.29
N SER C 52 14.50 197.70 -9.62
CA SER C 52 15.29 196.82 -8.75
C SER C 52 15.54 197.46 -7.39
N ILE C 53 15.82 198.76 -7.37
CA ILE C 53 15.98 199.47 -6.10
C ILE C 53 14.68 199.43 -5.31
N MET C 54 13.56 199.64 -6.00
CA MET C 54 12.24 199.57 -5.36
C MET C 54 12.03 198.21 -4.72
N VAL C 55 12.33 197.13 -5.45
CA VAL C 55 12.13 195.79 -4.93
C VAL C 55 13.01 195.55 -3.71
N THR C 56 14.31 195.82 -3.85
CA THR C 56 15.24 195.59 -2.74
C THR C 56 14.90 196.45 -1.54
N ALA C 57 14.21 197.57 -1.75
CA ALA C 57 13.88 198.46 -0.64
C ALA C 57 12.60 198.02 0.07
N GLN C 58 11.54 197.71 -0.68
CA GLN C 58 10.25 197.45 -0.05
C GLN C 58 9.95 195.96 0.15
N ALA C 59 10.22 195.12 -0.86
CA ALA C 59 9.86 193.71 -0.74
C ALA C 59 10.82 192.92 0.13
N ARG C 60 11.97 193.49 0.49
CA ARG C 60 12.92 192.76 1.32
C ARG C 60 12.34 192.47 2.69
N ARG C 61 11.84 193.50 3.37
CA ARG C 61 11.27 193.34 4.71
C ARG C 61 10.14 194.35 4.86
N ASP C 62 9.02 193.90 5.40
CA ASP C 62 7.87 194.78 5.58
C ASP C 62 8.01 195.62 6.84
N VAL C 63 8.03 194.98 8.01
CA VAL C 63 8.15 195.66 9.29
C VAL C 63 9.24 194.99 10.10
N ILE C 64 10.26 195.76 10.49
CA ILE C 64 11.35 195.25 11.31
C ILE C 64 12.06 196.46 11.90
N GLY C 65 12.81 196.23 12.98
CA GLY C 65 13.72 197.21 13.52
C GLY C 65 15.16 197.05 13.06
N PRO C 66 15.45 197.39 11.81
CA PRO C 66 16.78 197.14 11.26
C PRO C 66 17.78 198.17 11.78
N GLU C 67 18.99 198.11 11.23
CA GLU C 67 20.07 198.99 11.64
C GLU C 67 20.38 199.98 10.53
N TRP C 68 20.55 201.25 10.91
CA TRP C 68 20.93 202.29 9.96
C TRP C 68 22.35 202.05 9.45
N GLY C 69 22.54 202.26 8.15
CA GLY C 69 23.83 202.09 7.53
C GLY C 69 24.87 203.02 8.13
N PRO C 70 25.96 202.43 8.63
CA PRO C 70 26.99 203.25 9.30
C PRO C 70 27.59 204.33 8.41
N ASP C 71 27.75 204.06 7.10
CA ASP C 71 28.24 205.04 6.16
C ASP C 71 27.26 205.30 5.02
N GLY C 72 25.96 205.25 5.31
CA GLY C 72 24.94 205.44 4.32
C GLY C 72 24.60 204.21 3.50
N ARG C 73 25.27 203.08 3.75
CA ARG C 73 25.03 201.86 2.99
C ARG C 73 23.92 201.03 3.65
N PHE C 74 22.74 201.64 3.72
CA PHE C 74 21.58 200.99 4.31
C PHE C 74 21.07 199.88 3.39
N THR C 75 20.31 198.96 3.98
CA THR C 75 19.66 197.87 3.24
C THR C 75 18.21 197.75 3.71
N GLY C 76 17.49 198.86 3.66
CA GLY C 76 16.14 198.92 4.18
C GLY C 76 16.13 199.47 5.58
N TYR C 77 15.73 200.74 5.74
CA TYR C 77 15.89 201.45 6.99
C TYR C 77 14.53 201.69 7.64
N ALA C 78 14.44 201.35 8.93
CA ALA C 78 13.28 201.66 9.76
C ALA C 78 13.76 201.81 11.20
N SER C 79 12.96 202.47 12.02
CA SER C 79 13.33 202.74 13.40
C SER C 79 12.17 202.39 14.33
N VAL C 80 12.51 201.91 15.52
CA VAL C 80 11.54 201.64 16.58
C VAL C 80 11.73 202.68 17.67
N ILE C 81 10.62 203.19 18.19
CA ILE C 81 10.62 204.25 19.19
C ILE C 81 9.96 203.73 20.45
N GLY C 82 10.63 203.91 21.59
CA GLY C 82 10.13 203.38 22.84
C GLY C 82 10.31 201.87 22.90
N THR C 83 9.62 201.27 23.85
CA THR C 83 9.65 199.82 23.99
C THR C 83 8.86 199.19 22.85
N PRO C 84 9.46 198.31 22.05
CA PRO C 84 8.70 197.67 20.97
C PRO C 84 7.56 196.83 21.52
N ASP C 85 6.45 196.83 20.82
CA ASP C 85 5.29 196.07 21.26
C ASP C 85 5.58 194.59 21.12
N PRO C 86 5.46 193.80 22.20
CA PRO C 86 5.78 192.38 22.11
C PRO C 86 4.84 191.64 21.16
N LYS C 87 5.38 190.65 20.47
CA LYS C 87 4.58 189.88 19.53
C LYS C 87 3.65 188.96 20.29
N PRO C 88 2.34 189.06 20.10
CA PRO C 88 1.42 188.14 20.77
C PRO C 88 1.61 186.71 20.28
N ALA C 89 1.36 185.77 21.19
CA ALA C 89 1.55 184.36 20.86
C ALA C 89 0.59 183.92 19.77
N ASP C 90 1.10 183.12 18.84
CA ASP C 90 0.26 182.61 17.75
C ASP C 90 -0.78 181.64 18.31
N ILE C 91 -2.04 181.84 17.92
CA ILE C 91 -3.13 181.01 18.41
C ILE C 91 -3.10 179.69 17.64
N VAL C 92 -2.92 178.58 18.36
CA VAL C 92 -2.89 177.25 17.79
C VAL C 92 -3.98 176.42 18.44
N ASN C 93 -4.78 175.74 17.61
CA ASN C 93 -5.87 174.89 18.09
C ASN C 93 -5.81 173.57 17.34
N LYS C 94 -5.54 172.49 18.06
CA LYS C 94 -5.41 171.17 17.47
C LYS C 94 -6.60 170.32 17.90
N PHE C 95 -7.24 169.69 16.91
CA PHE C 95 -8.33 168.76 17.17
C PHE C 95 -8.07 167.47 16.41
N THR C 96 -8.13 166.35 17.12
CA THR C 96 -7.97 165.03 16.54
C THR C 96 -9.31 164.31 16.57
N VAL C 97 -9.76 163.86 15.41
CA VAL C 97 -11.04 163.15 15.32
C VAL C 97 -10.82 161.72 15.78
N GLU C 98 -11.66 161.27 16.71
CA GLU C 98 -11.52 159.92 17.26
C GLU C 98 -11.84 158.87 16.21
N ARG C 99 -11.02 157.83 16.16
CA ARG C 99 -11.28 156.73 15.25
C ARG C 99 -12.54 155.99 15.67
N ARG C 100 -13.31 155.55 14.68
CA ARG C 100 -14.54 154.79 14.90
C ARG C 100 -14.46 153.52 14.06
N PRO C 101 -13.74 152.51 14.56
CA PRO C 101 -13.65 151.24 13.84
C PRO C 101 -14.80 150.31 14.20
N VAL C 102 -15.18 149.48 13.23
CA VAL C 102 -16.26 148.53 13.40
C VAL C 102 -15.75 147.14 13.02
N SER C 103 -16.01 146.16 13.87
CA SER C 103 -15.65 144.78 13.61
C SER C 103 -16.84 144.03 13.04
N ASN C 104 -16.57 143.08 12.15
CA ASN C 104 -17.60 142.30 11.50
C ASN C 104 -17.80 140.93 12.14
N GLY C 105 -17.23 140.70 13.32
CA GLY C 105 -17.40 139.41 13.96
C GLY C 105 -16.43 138.40 13.39
N ASN C 106 -16.95 137.22 13.05
CA ASN C 106 -16.12 136.14 12.49
C ASN C 106 -15.78 136.47 11.04
N PHE C 107 -14.83 137.40 10.90
CA PHE C 107 -14.40 137.85 9.58
C PHE C 107 -13.97 136.71 8.68
N GLN C 108 -12.98 135.94 9.14
CA GLN C 108 -12.45 134.85 8.32
C GLN C 108 -13.50 133.78 8.06
N GLN C 109 -14.34 133.50 9.05
CA GLN C 109 -15.38 132.49 8.85
C GLN C 109 -16.36 132.93 7.77
N ARG C 110 -16.76 134.20 7.79
CA ARG C 110 -17.65 134.71 6.75
C ARG C 110 -16.96 134.71 5.39
N VAL C 111 -15.67 135.04 5.36
CA VAL C 111 -14.92 135.00 4.10
C VAL C 111 -14.91 133.60 3.52
N LYS C 112 -14.66 132.60 4.35
CA LYS C 112 -14.72 131.22 3.88
C LYS C 112 -16.11 130.85 3.42
N ALA C 113 -17.14 131.33 4.14
CA ALA C 113 -18.51 131.12 3.69
C ALA C 113 -18.74 131.72 2.32
N GLY C 114 -18.03 132.80 1.99
CA GLY C 114 -18.10 133.36 0.65
C GLY C 114 -18.88 134.65 0.58
N ASP C 115 -18.72 135.50 1.60
CA ASP C 115 -19.42 136.76 1.69
C ASP C 115 -18.45 137.91 1.54
N ILE C 116 -18.90 138.97 0.87
CA ILE C 116 -18.15 140.21 0.79
C ILE C 116 -18.63 141.13 1.90
N VAL C 117 -17.72 141.88 2.49
CA VAL C 117 -18.01 142.66 3.68
C VAL C 117 -17.61 144.10 3.47
N VAL C 118 -18.46 145.02 3.93
CA VAL C 118 -18.17 146.44 3.97
C VAL C 118 -18.58 146.96 5.35
N ALA C 119 -17.98 148.09 5.74
CA ALA C 119 -18.29 148.69 7.03
C ALA C 119 -17.81 150.14 7.02
N PRO C 120 -18.54 151.05 7.67
CA PRO C 120 -18.03 152.42 7.78
C PRO C 120 -16.78 152.48 8.64
N TYR C 121 -15.91 153.44 8.32
CA TYR C 121 -14.64 153.59 9.03
C TYR C 121 -14.27 155.06 9.08
N THR C 122 -13.53 155.43 10.12
CA THR C 122 -12.97 156.75 10.27
C THR C 122 -11.50 156.63 10.65
N SER C 123 -10.71 157.62 10.26
CA SER C 123 -9.32 157.67 10.64
C SER C 123 -9.14 158.49 11.91
N ASP C 124 -7.95 158.38 12.50
CA ASP C 124 -7.57 159.20 13.64
C ASP C 124 -6.93 160.50 13.15
N GLY C 125 -7.65 161.19 12.26
CA GLY C 125 -7.14 162.39 11.65
C GLY C 125 -7.08 163.56 12.61
N LYS C 126 -6.36 164.60 12.18
CA LYS C 126 -6.18 165.80 12.98
C LYS C 126 -6.47 167.03 12.14
N ILE C 127 -7.11 168.02 12.77
CA ILE C 127 -7.39 169.31 12.13
C ILE C 127 -6.79 170.39 13.02
N THR C 128 -5.98 171.27 12.44
CA THR C 128 -5.29 172.31 13.17
C THR C 128 -5.63 173.67 12.57
N VAL C 129 -5.73 174.68 13.43
CA VAL C 129 -5.94 176.06 13.03
C VAL C 129 -4.87 176.90 13.70
N LYS C 130 -4.04 177.57 12.90
CA LYS C 130 -2.98 178.43 13.40
C LYS C 130 -3.21 179.85 12.91
N LEU C 131 -3.09 180.81 13.82
CA LEU C 131 -3.31 182.22 13.53
C LEU C 131 -2.05 182.99 13.88
N VAL C 132 -1.61 183.86 12.96
CA VAL C 132 -0.39 184.64 13.13
C VAL C 132 -0.76 186.11 13.14
N ALA C 133 -0.36 186.81 14.20
CA ALA C 133 -0.67 188.22 14.32
C ALA C 133 0.13 189.05 13.32
N GLY C 134 -0.38 190.25 13.04
CA GLY C 134 0.27 191.17 12.13
C GLY C 134 0.18 192.60 12.63
N GLN C 135 0.86 193.49 11.93
CA GLN C 135 0.85 194.90 12.25
C GLN C 135 -0.39 195.56 11.66
N LYS C 136 -1.01 196.46 12.41
CA LYS C 136 -2.21 197.16 11.99
C LYS C 136 -1.95 198.66 12.02
N ASP C 137 -1.70 199.24 10.85
CA ASP C 137 -1.46 200.68 10.73
C ASP C 137 -2.76 201.43 10.93
N ILE C 138 -2.74 202.44 11.80
CA ILE C 138 -3.93 203.19 12.16
C ILE C 138 -3.83 204.66 11.72
N SER C 139 -2.62 205.25 11.81
CA SER C 139 -2.47 206.65 11.47
C SER C 139 -1.01 206.94 11.18
N SER C 140 -0.79 208.08 10.53
CA SER C 140 0.56 208.57 10.25
C SER C 140 0.47 210.06 9.92
N THR C 141 1.59 210.75 10.11
CA THR C 141 1.63 212.18 9.82
C THR C 141 3.05 212.67 9.53
N PRO C 142 4.03 212.48 10.43
CA PRO C 142 5.36 213.03 10.16
C PRO C 142 6.01 212.34 8.96
N ASP C 143 6.85 213.10 8.24
CA ASP C 143 7.53 212.58 7.07
C ASP C 143 8.87 213.29 6.89
N TYR C 144 9.77 212.65 6.17
CA TYR C 144 11.07 213.22 5.86
C TYR C 144 11.61 212.58 4.60
N ASP C 145 12.42 213.34 3.87
CA ASP C 145 12.98 212.89 2.60
C ASP C 145 14.45 212.53 2.77
N TYR C 146 14.81 211.31 2.37
CA TYR C 146 16.17 210.81 2.45
C TYR C 146 16.73 210.62 1.04
N ARG C 147 18.00 210.99 0.87
CA ARG C 147 18.72 210.69 -0.37
C ARG C 147 19.83 209.68 -0.16
N ILE C 148 20.72 209.95 0.80
CA ILE C 148 21.79 209.04 1.25
C ILE C 148 22.38 208.19 0.13
N ASP C 149 21.86 206.98 -0.09
CA ASP C 149 22.41 206.07 -1.08
C ASP C 149 21.28 205.43 -1.87
N SER C 150 21.57 205.09 -3.12
CA SER C 150 20.62 204.41 -4.00
C SER C 150 21.28 203.21 -4.67
N SER C 151 22.07 202.46 -3.91
CA SER C 151 22.80 201.31 -4.41
C SER C 151 22.25 200.00 -3.86
N LEU C 152 20.96 199.98 -3.50
CA LEU C 152 20.36 198.75 -2.98
C LEU C 152 20.36 197.65 -4.04
N ALA C 153 20.09 198.02 -5.29
CA ALA C 153 20.02 197.05 -6.37
C ALA C 153 21.42 196.51 -6.69
N SER C 154 21.44 195.41 -7.44
CA SER C 154 22.69 194.79 -7.87
C SER C 154 23.15 195.42 -9.18
N SER C 155 24.18 194.84 -9.79
CA SER C 155 24.80 195.40 -11.00
C SER C 155 24.31 194.70 -12.26
N ALA C 156 23.05 194.29 -12.27
CA ALA C 156 22.47 193.68 -13.46
C ALA C 156 22.36 194.71 -14.58
N GLY C 157 22.81 194.32 -15.77
CA GLY C 157 22.84 195.23 -16.89
C GLY C 157 23.98 196.21 -16.91
N PHE C 158 25.01 195.99 -16.08
CA PHE C 158 26.17 196.87 -16.02
C PHE C 158 27.43 196.03 -16.03
N VAL C 159 28.52 196.63 -16.50
CA VAL C 159 29.83 196.00 -16.50
C VAL C 159 30.56 196.39 -15.22
N VAL C 160 31.03 195.39 -14.48
CA VAL C 160 31.69 195.61 -13.20
C VAL C 160 33.19 195.72 -13.43
N ALA C 161 33.76 196.85 -13.03
CA ALA C 161 35.21 197.08 -13.08
C ALA C 161 35.59 197.82 -11.80
N GLY C 162 35.92 197.04 -10.77
CA GLY C 162 36.17 197.64 -9.47
C GLY C 162 34.89 198.25 -8.93
N GLU C 163 34.96 199.52 -8.54
CA GLU C 163 33.79 200.26 -8.11
C GLU C 163 33.02 200.88 -9.27
N ARG C 164 33.49 200.71 -10.50
CA ARG C 164 32.87 201.32 -11.67
C ARG C 164 31.79 200.40 -12.22
N TRP C 165 30.59 200.96 -12.41
CA TRP C 165 29.49 200.25 -13.04
C TRP C 165 29.36 200.76 -14.47
N TYR C 166 30.06 200.10 -15.39
CA TYR C 166 30.07 200.54 -16.77
C TYR C 166 28.79 200.12 -17.48
N TYR C 167 28.04 201.11 -17.96
CA TYR C 167 26.88 200.87 -18.81
C TYR C 167 27.15 201.15 -20.28
N THR C 168 28.17 201.95 -20.58
CA THR C 168 28.62 202.18 -21.95
C THR C 168 30.13 202.08 -21.99
N LYS C 169 30.67 202.01 -23.20
CA LYS C 169 32.11 201.85 -23.37
C LYS C 169 32.90 203.09 -22.96
N ARG C 170 32.24 204.24 -22.79
CA ARG C 170 32.93 205.47 -22.43
C ARG C 170 32.47 206.10 -21.11
N HIS C 171 31.36 205.63 -20.54
CA HIS C 171 30.83 206.20 -19.32
C HIS C 171 30.58 205.09 -18.29
N PHE C 172 30.65 205.48 -17.02
CA PHE C 172 30.43 204.56 -15.91
C PHE C 172 29.91 205.34 -14.71
N ILE C 173 29.46 204.62 -13.69
CA ILE C 173 28.99 205.22 -12.45
C ILE C 173 29.48 204.37 -11.29
N ILE C 174 29.58 205.01 -10.13
CA ILE C 174 29.89 204.32 -8.88
C ILE C 174 28.70 204.53 -7.94
N PRO C 175 27.78 203.57 -7.85
CA PRO C 175 26.59 203.76 -6.99
C PRO C 175 26.92 203.97 -5.54
N ARG C 176 28.15 203.62 -5.10
CA ARG C 176 28.59 203.99 -3.77
C ARG C 176 28.51 205.51 -3.58
N TYR C 177 28.77 206.27 -4.65
CA TYR C 177 28.65 207.72 -4.62
C TYR C 177 27.65 208.26 -5.62
N PHE C 178 27.15 207.45 -6.54
CA PHE C 178 26.16 207.89 -7.53
C PHE C 178 24.78 207.84 -6.88
N GLN C 179 24.34 208.97 -6.36
CA GLN C 179 23.07 209.09 -5.66
C GLN C 179 22.14 209.96 -6.50
N ASN C 180 21.06 209.36 -7.00
CA ASN C 180 20.10 210.10 -7.80
C ASN C 180 18.65 209.73 -7.51
N TRP C 181 18.38 208.94 -6.48
CA TRP C 181 17.03 208.57 -6.10
C TRP C 181 16.73 209.10 -4.70
N ARG C 182 15.60 209.80 -4.57
CA ARG C 182 15.18 210.39 -3.30
C ARG C 182 13.93 209.66 -2.81
N MET C 183 13.93 209.32 -1.52
CA MET C 183 12.84 208.57 -0.92
C MET C 183 12.09 209.44 0.07
N ARG C 184 11.03 208.87 0.64
CA ARG C 184 10.30 209.48 1.75
C ARG C 184 10.15 208.46 2.86
N ARG C 185 10.31 208.91 4.10
CA ARG C 185 10.16 208.07 5.28
C ARG C 185 9.18 208.73 6.22
N ARG C 186 8.20 207.97 6.70
CA ARG C 186 7.14 208.50 7.54
C ARG C 186 7.18 207.86 8.93
N LYS C 187 6.33 208.37 9.81
CA LYS C 187 6.20 207.88 11.17
C LYS C 187 4.84 207.20 11.30
N TYR C 188 4.78 205.92 10.95
CA TYR C 188 3.53 205.20 11.03
C TYR C 188 3.19 204.85 12.47
N VAL C 189 1.90 204.73 12.74
CA VAL C 189 1.39 204.27 14.02
C VAL C 189 0.74 202.92 13.79
N THR C 190 1.26 201.90 14.47
CA THR C 190 0.82 200.53 14.22
C THR C 190 0.61 199.81 15.55
N GLY C 191 -0.24 198.78 15.49
CA GLY C 191 -0.50 197.93 16.63
C GLY C 191 -0.56 196.48 16.21
N TRP C 192 -0.62 195.60 17.20
CA TRP C 192 -0.67 194.16 16.97
C TRP C 192 -2.12 193.73 16.82
N VAL C 193 -2.48 193.27 15.62
CA VAL C 193 -3.82 192.77 15.33
C VAL C 193 -3.74 191.25 15.23
N MET C 194 -4.67 190.57 15.89
CA MET C 194 -4.66 189.13 15.96
C MET C 194 -5.80 188.56 15.14
N PRO C 195 -5.56 187.99 13.97
CA PRO C 195 -6.66 187.40 13.20
C PRO C 195 -7.25 186.19 13.91
N THR C 196 -8.54 185.96 13.66
CA THR C 196 -9.27 184.90 14.32
C THR C 196 -9.92 183.99 13.28
N PHE C 197 -10.14 182.74 13.67
CA PHE C 197 -10.74 181.75 12.79
C PHE C 197 -11.52 180.75 13.64
N TYR C 198 -12.43 180.03 12.98
CA TYR C 198 -13.26 179.06 13.67
C TYR C 198 -12.41 177.89 14.16
N SER C 199 -12.89 177.25 15.24
CA SER C 199 -12.16 176.15 15.84
C SER C 199 -12.27 174.88 14.99
N PRO C 200 -11.24 174.03 15.01
CA PRO C 200 -11.30 172.79 14.24
C PRO C 200 -12.46 171.89 14.64
N LYS C 201 -12.95 172.01 15.87
CA LYS C 201 -14.13 171.24 16.29
C LYS C 201 -15.31 171.53 15.38
N GLU C 202 -15.77 172.79 15.34
CA GLU C 202 -16.90 173.12 14.49
C GLU C 202 -16.55 173.03 13.01
N ILE C 203 -15.27 173.20 12.65
CA ILE C 203 -14.87 173.01 11.26
C ILE C 203 -15.15 171.58 10.83
N PHE C 204 -14.71 170.61 11.63
CA PHE C 204 -14.95 169.21 11.32
C PHE C 204 -16.44 168.87 11.41
N ASN C 205 -17.17 169.50 12.33
CA ASN C 205 -18.60 169.27 12.41
C ASN C 205 -19.28 169.69 11.10
N ARG C 206 -18.96 170.89 10.61
CA ARG C 206 -19.53 171.36 9.35
C ARG C 206 -19.11 170.44 8.20
N LEU C 207 -17.86 170.01 8.19
CA LEU C 207 -17.37 169.15 7.11
C LEU C 207 -18.12 167.82 7.08
N LYS C 208 -18.27 167.19 8.25
CA LYS C 208 -18.97 165.90 8.29
C LYS C 208 -20.45 166.06 7.98
N ASP C 209 -21.03 167.21 8.33
CA ASP C 209 -22.40 167.48 7.90
C ASP C 209 -22.48 167.61 6.38
N SER C 210 -21.49 168.26 5.77
CA SER C 210 -21.46 168.46 4.33
C SER C 210 -21.06 167.21 3.56
N LEU C 211 -20.56 166.18 4.24
CA LEU C 211 -20.17 164.95 3.56
C LEU C 211 -21.36 164.34 2.81
N VAL C 212 -21.23 164.22 1.50
CA VAL C 212 -22.29 163.70 0.64
C VAL C 212 -21.66 162.84 -0.46
N PRO C 213 -22.17 161.63 -0.71
CA PRO C 213 -21.59 160.79 -1.77
C PRO C 213 -21.83 161.38 -3.15
N ASP C 214 -20.92 161.05 -4.07
CA ASP C 214 -20.95 161.58 -5.43
C ASP C 214 -21.85 160.70 -6.28
N THR C 215 -23.02 161.23 -6.64
CA THR C 215 -23.99 160.47 -7.42
C THR C 215 -23.44 160.12 -8.80
N GLY C 216 -22.72 161.05 -9.43
CA GLY C 216 -22.16 160.76 -10.74
C GLY C 216 -21.16 159.62 -10.70
N LEU C 217 -20.26 159.65 -9.72
CA LEU C 217 -19.31 158.56 -9.55
C LEU C 217 -20.02 157.24 -9.27
N VAL C 218 -21.04 157.28 -8.41
CA VAL C 218 -21.79 156.07 -8.08
C VAL C 218 -22.41 155.47 -9.34
N THR C 219 -23.06 156.32 -10.14
CA THR C 219 -23.70 155.84 -11.37
C THR C 219 -22.68 155.29 -12.36
N GLN C 220 -21.54 155.99 -12.50
CA GLN C 220 -20.52 155.53 -13.43
C GLN C 220 -19.95 154.17 -13.03
N VAL C 221 -19.68 153.99 -11.73
CA VAL C 221 -19.12 152.73 -11.26
C VAL C 221 -20.16 151.62 -11.38
N TRP C 222 -21.44 151.93 -11.10
CA TRP C 222 -22.49 150.95 -11.29
C TRP C 222 -22.58 150.51 -12.74
N ALA C 223 -22.49 151.46 -13.67
CA ALA C 223 -22.50 151.11 -15.09
C ALA C 223 -21.31 150.25 -15.46
N ASP C 224 -20.14 150.59 -14.94
CA ASP C 224 -18.94 149.82 -15.24
C ASP C 224 -19.09 148.37 -14.79
N ASN C 225 -19.64 148.17 -13.58
CA ASN C 225 -19.89 146.81 -13.12
C ASN C 225 -20.96 146.12 -13.97
N ASN C 226 -22.02 146.84 -14.31
CA ASN C 226 -23.14 146.24 -15.03
C ASN C 226 -22.75 145.79 -16.42
N THR C 227 -21.76 146.43 -17.03
CA THR C 227 -21.32 146.00 -18.36
C THR C 227 -20.83 144.54 -18.34
N LYS C 228 -19.89 144.24 -17.45
CA LYS C 228 -19.40 142.87 -17.35
C LYS C 228 -20.45 141.95 -16.74
N ARG C 229 -21.33 142.48 -15.90
CA ARG C 229 -22.46 141.68 -15.42
C ARG C 229 -23.30 141.19 -16.60
N MET C 230 -23.60 142.09 -17.54
CA MET C 230 -24.34 141.72 -18.75
C MET C 230 -23.55 140.75 -19.60
N ASP C 231 -22.24 140.94 -19.70
CA ASP C 231 -21.43 139.98 -20.44
C ASP C 231 -21.62 138.57 -19.90
N PHE C 232 -21.51 138.42 -18.57
CA PHE C 232 -21.63 137.10 -17.98
C PHE C 232 -23.06 136.57 -18.08
N LEU C 233 -24.06 137.43 -17.92
CA LEU C 233 -25.44 136.99 -18.06
C LEU C 233 -25.71 136.46 -19.47
N THR C 234 -25.24 137.18 -20.49
CA THR C 234 -25.42 136.73 -21.86
C THR C 234 -24.68 135.42 -22.09
N ALA C 235 -23.50 135.26 -21.49
CA ALA C 235 -22.78 134.00 -21.61
C ALA C 235 -23.55 132.85 -20.97
N MET C 236 -24.15 133.08 -19.80
CA MET C 236 -24.76 132.03 -19.01
C MET C 236 -26.21 131.75 -19.38
N ALA C 237 -26.84 132.60 -20.19
CA ALA C 237 -28.26 132.48 -20.51
C ALA C 237 -28.69 131.08 -20.96
N GLU C 238 -27.80 130.33 -21.60
CA GLU C 238 -28.17 129.04 -22.15
C GLU C 238 -28.28 127.95 -21.09
N ILE C 239 -27.73 128.18 -19.89
CA ILE C 239 -27.67 127.13 -18.87
C ILE C 239 -29.06 126.60 -18.50
N PRO C 240 -30.03 127.43 -18.13
CA PRO C 240 -31.34 126.88 -17.75
C PRO C 240 -32.03 126.13 -18.87
N GLN C 241 -31.72 126.43 -20.13
CA GLN C 241 -32.26 125.64 -21.23
C GLN C 241 -31.76 124.20 -21.14
N THR C 242 -30.46 124.01 -20.89
CA THR C 242 -29.94 122.67 -20.67
C THR C 242 -30.57 122.04 -19.44
N LEU C 243 -30.79 122.84 -18.39
CA LEU C 243 -31.46 122.35 -17.19
C LEU C 243 -32.83 121.77 -17.52
N SER C 244 -33.65 122.54 -18.26
CA SER C 244 -34.99 122.10 -18.60
C SER C 244 -34.95 120.90 -19.55
N SER C 245 -33.98 120.88 -20.47
CA SER C 245 -33.83 119.73 -21.35
C SER C 245 -33.59 118.47 -20.54
N PHE C 246 -32.72 118.56 -19.53
CA PHE C 246 -32.55 117.45 -18.62
C PHE C 246 -33.83 117.08 -17.89
N LEU C 247 -34.56 118.10 -17.43
CA LEU C 247 -35.78 117.81 -16.68
C LEU C 247 -36.76 117.01 -17.55
N ASP C 248 -36.87 117.37 -18.82
CA ASP C 248 -37.67 116.58 -19.75
C ASP C 248 -37.07 115.18 -19.93
N ALA C 249 -35.75 115.09 -20.11
CA ALA C 249 -35.13 113.80 -20.41
C ALA C 249 -35.19 112.83 -19.24
N LEU C 250 -35.37 113.33 -18.03
CA LEU C 250 -35.38 112.48 -16.85
C LEU C 250 -36.55 111.50 -16.84
N GLY C 251 -37.62 111.79 -17.61
CA GLY C 251 -38.83 110.99 -17.50
C GLY C 251 -38.67 109.55 -17.94
N TYR C 252 -37.68 109.26 -18.79
CA TYR C 252 -37.51 107.90 -19.31
C TYR C 252 -37.14 106.92 -18.20
N LEU C 253 -36.70 107.40 -17.06
CA LEU C 253 -36.41 106.52 -15.94
C LEU C 253 -37.66 105.78 -15.49
N GLY C 254 -38.84 106.37 -15.71
CA GLY C 254 -40.07 105.66 -15.40
C GLY C 254 -40.23 104.40 -16.23
N SER C 255 -39.99 104.50 -17.54
CA SER C 255 -40.01 103.31 -18.39
C SER C 255 -38.92 102.34 -18.00
N LEU C 256 -37.75 102.88 -17.59
CA LEU C 256 -36.65 102.02 -17.17
C LEU C 256 -37.05 101.15 -15.97
N ILE C 257 -37.57 101.77 -14.92
CA ILE C 257 -37.98 101.02 -13.73
C ILE C 257 -39.17 100.13 -14.07
N LYS C 258 -40.02 100.56 -15.01
CA LYS C 258 -41.12 99.74 -15.45
C LYS C 258 -40.62 98.41 -16.03
N ASP C 259 -39.65 98.50 -16.95
CA ASP C 259 -39.08 97.29 -17.54
C ASP C 259 -38.34 96.46 -16.50
N PHE C 260 -37.69 97.13 -15.54
CA PHE C 260 -37.04 96.39 -14.46
C PHE C 260 -38.06 95.58 -13.67
N LYS C 261 -39.21 96.18 -13.38
CA LYS C 261 -40.26 95.45 -12.67
C LYS C 261 -40.80 94.31 -13.52
N ARG C 262 -40.88 94.51 -14.84
CA ARG C 262 -41.24 93.41 -15.73
C ARG C 262 -40.30 92.23 -15.55
N ARG C 263 -39.00 92.49 -15.62
CA ARG C 263 -38.03 91.41 -15.50
C ARG C 263 -38.11 90.76 -14.12
N ARG C 264 -38.27 91.56 -13.07
CA ARG C 264 -38.35 91.01 -11.72
C ARG C 264 -39.56 90.10 -11.57
N PHE C 265 -40.73 90.56 -12.04
CA PHE C 265 -41.94 89.76 -11.92
C PHE C 265 -41.83 88.48 -12.72
N PHE C 266 -41.27 88.56 -13.94
CA PHE C 266 -41.12 87.35 -14.74
C PHE C 266 -40.15 86.37 -14.09
N LEU C 267 -39.06 86.87 -13.52
CA LEU C 267 -38.12 86.00 -12.82
C LEU C 267 -38.78 85.32 -11.63
N ASN C 268 -39.56 86.07 -10.85
CA ASN C 268 -40.25 85.49 -9.72
C ASN C 268 -41.24 84.42 -10.16
N LYS C 269 -41.99 84.68 -11.22
CA LYS C 269 -42.94 83.69 -11.72
C LYS C 269 -42.22 82.44 -12.21
N ALA C 270 -41.10 82.62 -12.91
CA ALA C 270 -40.34 81.46 -13.38
C ALA C 270 -39.82 80.64 -12.21
N HIS C 271 -39.32 81.31 -11.16
CA HIS C 271 -38.78 80.57 -10.02
C HIS C 271 -39.88 79.82 -9.28
N GLN C 272 -41.05 80.45 -9.10
CA GLN C 272 -42.13 79.76 -8.41
C GLN C 272 -42.63 78.58 -9.25
N ARG C 273 -42.67 78.73 -10.57
CA ARG C 273 -43.04 77.61 -11.42
C ARG C 273 -42.01 76.48 -11.32
N ILE C 274 -40.73 76.83 -11.25
CA ILE C 274 -39.70 75.83 -11.06
C ILE C 274 -39.90 75.08 -9.75
N ARG C 275 -40.22 75.82 -8.68
CA ARG C 275 -40.48 75.18 -7.40
C ARG C 275 -41.66 74.22 -7.49
N ASN C 276 -42.75 74.65 -8.14
CA ASN C 276 -43.92 73.78 -8.28
C ASN C 276 -43.59 72.52 -9.07
N LYS C 277 -42.87 72.68 -10.19
CA LYS C 277 -42.48 71.53 -11.00
C LYS C 277 -41.61 70.57 -10.20
N LEU C 278 -40.65 71.10 -9.44
CA LEU C 278 -39.78 70.25 -8.64
C LEU C 278 -40.59 69.49 -7.59
N GLY C 279 -41.53 70.18 -6.94
CA GLY C 279 -42.35 69.52 -5.93
C GLY C 279 -43.21 68.41 -6.50
N VAL C 280 -43.87 68.68 -7.65
CA VAL C 280 -44.74 67.66 -8.23
C VAL C 280 -43.90 66.49 -8.74
N SER C 281 -42.70 66.76 -9.26
CA SER C 281 -41.82 65.67 -9.67
C SER C 281 -41.42 64.80 -8.49
N PHE C 282 -41.10 65.43 -7.35
CA PHE C 282 -40.76 64.67 -6.16
C PHE C 282 -41.94 63.83 -5.68
N ALA C 283 -43.15 64.40 -5.71
CA ALA C 283 -44.32 63.65 -5.30
C ALA C 283 -44.55 62.45 -6.21
N GLU C 284 -44.42 62.64 -7.53
CA GLU C 284 -44.58 61.53 -8.46
C GLU C 284 -43.53 60.46 -8.22
N ARG C 285 -42.28 60.85 -8.01
CA ARG C 285 -41.22 59.88 -7.76
C ARG C 285 -41.52 59.08 -6.50
N ARG C 286 -41.92 59.75 -5.43
CA ARG C 286 -42.25 59.06 -4.18
C ARG C 286 -43.39 58.08 -4.40
N SER C 287 -44.44 58.52 -5.09
CA SER C 287 -45.59 57.64 -5.33
C SER C 287 -45.18 56.40 -6.10
N GLN C 288 -44.44 56.57 -7.19
CA GLN C 288 -44.09 55.41 -8.01
C GLN C 288 -43.17 54.46 -7.25
N ILE C 289 -42.19 55.00 -6.51
CA ILE C 289 -41.25 54.11 -5.81
C ILE C 289 -41.97 53.34 -4.72
N VAL C 290 -42.83 54.02 -3.94
CA VAL C 290 -43.51 53.33 -2.84
C VAL C 290 -44.45 52.28 -3.38
N SER C 291 -45.18 52.59 -4.45
CA SER C 291 -46.08 51.60 -5.04
C SER C 291 -45.30 50.40 -5.54
N LYS C 292 -44.24 50.65 -6.32
CA LYS C 292 -43.47 49.56 -6.92
C LYS C 292 -42.88 48.65 -5.86
N TYR C 293 -42.36 49.22 -4.78
CA TYR C 293 -41.69 48.37 -3.80
C TYR C 293 -42.65 47.73 -2.80
N ASP C 294 -43.69 48.44 -2.35
CA ASP C 294 -44.62 47.81 -1.44
C ASP C 294 -45.51 46.79 -2.14
N ARG C 295 -45.57 46.80 -3.47
CA ARG C 295 -46.27 45.72 -4.17
C ARG C 295 -45.62 44.38 -3.87
N LYS C 296 -44.28 44.33 -3.91
CA LYS C 296 -43.58 43.09 -3.53
C LYS C 296 -43.55 42.91 -2.03
N ILE C 297 -43.36 44.01 -1.27
CA ILE C 297 -43.32 43.89 0.18
C ILE C 297 -44.62 43.34 0.75
N ALA C 298 -45.75 43.56 0.06
CA ALA C 298 -47.03 43.09 0.57
C ALA C 298 -47.05 41.58 0.78
N SER C 299 -46.45 40.83 -0.15
CA SER C 299 -46.44 39.37 -0.08
C SER C 299 -45.03 38.87 -0.45
N ALA C 300 -44.17 38.75 0.57
CA ALA C 300 -42.83 38.22 0.37
C ALA C 300 -42.58 36.95 1.19
N ARG C 301 -42.81 37.02 2.50
CA ARG C 301 -42.78 35.90 3.46
C ARG C 301 -41.38 35.38 3.74
N LYS C 302 -40.35 35.85 3.03
CA LYS C 302 -38.99 35.40 3.27
C LYS C 302 -38.18 36.51 3.91
N PRO C 303 -37.70 36.32 5.13
CA PRO C 303 -37.04 37.44 5.85
C PRO C 303 -35.85 38.03 5.10
N ALA C 304 -35.06 37.20 4.43
CA ALA C 304 -33.88 37.70 3.72
C ALA C 304 -34.28 38.65 2.60
N ILE C 305 -35.24 38.24 1.76
CA ILE C 305 -35.71 39.11 0.69
C ILE C 305 -36.42 40.34 1.26
N ILE C 306 -37.14 40.16 2.37
CA ILE C 306 -37.81 41.30 2.99
C ILE C 306 -36.80 42.36 3.42
N VAL C 307 -35.75 41.94 4.13
CA VAL C 307 -34.78 42.91 4.62
C VAL C 307 -33.96 43.48 3.47
N LYS C 308 -33.70 42.69 2.43
CA LYS C 308 -32.95 43.22 1.29
C LYS C 308 -33.77 44.26 0.54
N LEU C 309 -35.09 44.06 0.44
CA LEU C 309 -35.93 45.03 -0.24
C LEU C 309 -36.13 46.28 0.62
N ARG C 310 -36.17 46.10 1.95
CA ARG C 310 -36.19 47.26 2.83
C ARG C 310 -34.91 48.05 2.71
N GLN C 311 -33.77 47.38 2.57
CA GLN C 311 -32.51 48.06 2.32
C GLN C 311 -32.53 48.80 0.98
N ARG C 312 -33.12 48.16 -0.04
CA ARG C 312 -33.27 48.84 -1.33
C ARG C 312 -34.10 50.11 -1.21
N LYS C 313 -35.22 50.03 -0.49
CA LYS C 313 -36.02 51.23 -0.26
C LYS C 313 -35.23 52.28 0.51
N GLU C 314 -34.48 51.85 1.54
CA GLU C 314 -33.66 52.78 2.30
C GLU C 314 -32.72 53.55 1.38
N LYS C 315 -31.95 52.82 0.57
CA LYS C 315 -30.97 53.46 -0.30
C LYS C 315 -31.65 54.35 -1.32
N ALA C 316 -32.75 53.87 -1.91
CA ALA C 316 -33.42 54.61 -2.98
C ALA C 316 -34.00 55.92 -2.47
N LEU C 317 -34.78 55.86 -1.37
CA LEU C 317 -35.37 57.09 -0.88
C LEU C 317 -34.35 57.98 -0.17
N LYS C 318 -33.24 57.40 0.30
CA LYS C 318 -32.14 58.23 0.79
C LYS C 318 -31.54 59.04 -0.34
N ALA C 319 -31.28 58.40 -1.48
CA ALA C 319 -30.81 59.14 -2.65
C ALA C 319 -31.84 60.16 -3.08
N LEU C 320 -33.13 59.80 -3.00
CA LEU C 320 -34.19 60.72 -3.37
C LEU C 320 -34.17 61.97 -2.50
N ASP C 321 -34.08 61.81 -1.19
CA ASP C 321 -34.09 62.98 -0.30
C ASP C 321 -32.80 63.79 -0.45
N LYS C 322 -31.67 63.12 -0.69
CA LYS C 322 -30.43 63.84 -0.91
C LYS C 322 -30.51 64.70 -2.17
N MET C 323 -30.98 64.12 -3.27
CA MET C 323 -31.11 64.91 -4.50
C MET C 323 -32.17 65.99 -4.34
N ARG C 324 -33.21 65.72 -3.53
CA ARG C 324 -34.21 66.74 -3.25
C ARG C 324 -33.59 67.95 -2.58
N VAL C 325 -32.83 67.74 -1.50
CA VAL C 325 -32.27 68.87 -0.77
C VAL C 325 -31.19 69.55 -1.60
N ARG C 326 -30.41 68.78 -2.37
CA ARG C 326 -29.40 69.39 -3.22
C ARG C 326 -30.04 70.26 -4.30
N GLU C 327 -31.12 69.77 -4.91
CA GLU C 327 -31.83 70.58 -5.91
C GLU C 327 -32.40 71.84 -5.27
N GLU C 328 -32.99 71.71 -4.08
CA GLU C 328 -33.58 72.88 -3.44
C GLU C 328 -32.52 73.94 -3.15
N LYS C 329 -31.38 73.52 -2.61
CA LYS C 329 -30.36 74.50 -2.25
C LYS C 329 -29.71 75.09 -3.51
N LYS C 330 -29.52 74.28 -4.55
CA LYS C 330 -28.89 74.80 -5.77
C LYS C 330 -29.82 75.77 -6.48
N MET C 331 -31.13 75.53 -6.43
CA MET C 331 -32.05 76.50 -6.98
C MET C 331 -32.16 77.74 -6.10
N ILE C 332 -31.90 77.61 -4.79
CA ILE C 332 -31.77 78.79 -3.94
C ILE C 332 -30.64 79.69 -4.42
N ARG C 333 -29.43 79.13 -4.58
CA ARG C 333 -28.36 79.95 -5.15
C ARG C 333 -28.67 80.39 -6.57
N GLU C 334 -29.39 79.57 -7.34
CA GLU C 334 -29.73 79.99 -8.70
C GLU C 334 -30.58 81.24 -8.69
N PHE C 335 -31.58 81.29 -7.82
CA PHE C 335 -32.41 82.49 -7.72
C PHE C 335 -31.61 83.68 -7.20
N ALA C 336 -30.71 83.42 -6.25
CA ALA C 336 -29.87 84.52 -5.74
C ALA C 336 -29.02 85.11 -6.85
N THR C 337 -28.40 84.26 -7.66
CA THR C 337 -27.58 84.72 -8.78
C THR C 337 -28.44 85.44 -9.81
N GLN C 338 -29.65 84.93 -10.08
CA GLN C 338 -30.53 85.61 -11.02
C GLN C 338 -30.89 87.00 -10.53
N ALA C 339 -31.20 87.13 -9.25
CA ALA C 339 -31.53 88.44 -8.69
C ALA C 339 -30.34 89.39 -8.78
N ALA C 340 -29.14 88.88 -8.45
CA ALA C 340 -27.94 89.73 -8.54
C ALA C 340 -27.69 90.16 -9.99
N SER C 341 -27.86 89.24 -10.93
CA SER C 341 -27.67 89.57 -12.34
C SER C 341 -28.67 90.62 -12.81
N LEU C 342 -29.93 90.47 -12.40
CA LEU C 342 -30.93 91.46 -12.77
C LEU C 342 -30.62 92.82 -12.16
N TRP C 343 -30.16 92.83 -10.91
CA TRP C 343 -29.78 94.08 -10.27
C TRP C 343 -28.62 94.75 -11.02
N LEU C 344 -27.62 93.97 -11.40
CA LEU C 344 -26.49 94.52 -12.16
C LEU C 344 -26.93 95.01 -13.53
N SER C 345 -27.87 94.30 -14.16
CA SER C 345 -28.38 94.75 -15.46
C SER C 345 -29.11 96.08 -15.31
N PHE C 346 -29.91 96.23 -14.26
CA PHE C 346 -30.60 97.50 -14.01
C PHE C 346 -29.58 98.61 -13.76
N ARG C 347 -28.51 98.29 -13.03
CA ARG C 347 -27.38 99.19 -12.82
C ARG C 347 -26.80 99.66 -14.14
N TYR C 348 -26.53 98.73 -15.05
CA TYR C 348 -25.95 99.07 -16.35
C TYR C 348 -26.95 99.82 -17.21
N GLU C 349 -28.24 99.62 -16.98
CA GLU C 349 -29.25 100.34 -17.74
C GLU C 349 -29.39 101.78 -17.27
N ILE C 350 -29.22 102.01 -15.96
CA ILE C 350 -29.54 103.33 -15.43
C ILE C 350 -28.33 104.25 -15.50
N MET C 351 -27.11 103.74 -15.21
CA MET C 351 -26.03 104.72 -15.12
C MET C 351 -25.72 105.48 -16.41
N PRO C 352 -26.06 105.00 -17.60
CA PRO C 352 -26.04 105.93 -18.74
C PRO C 352 -26.76 107.23 -18.44
N LEU C 353 -27.93 107.14 -17.80
CA LEU C 353 -28.62 108.34 -17.36
C LEU C 353 -27.86 109.03 -16.24
N TYR C 354 -27.20 108.25 -15.36
CA TYR C 354 -26.42 108.84 -14.29
C TYR C 354 -25.32 109.74 -14.83
N TYR C 355 -24.63 109.26 -15.86
CA TYR C 355 -23.58 110.05 -16.50
C TYR C 355 -24.17 111.23 -17.25
N GLN C 356 -25.26 110.99 -17.98
CA GLN C 356 -25.94 112.07 -18.69
C GLN C 356 -26.49 113.12 -17.73
N SER C 357 -26.61 112.77 -16.44
CA SER C 357 -27.23 113.65 -15.46
C SER C 357 -26.24 114.38 -14.57
N GLN C 358 -25.53 113.61 -13.73
CA GLN C 358 -25.06 114.17 -12.48
C GLN C 358 -23.85 115.06 -12.68
N ASP C 359 -22.76 114.51 -13.23
CA ASP C 359 -21.55 115.31 -13.38
C ASP C 359 -21.80 116.50 -14.30
N VAL C 360 -22.52 116.29 -15.40
CA VAL C 360 -22.72 117.36 -16.37
C VAL C 360 -23.57 118.46 -15.78
N LEU C 361 -24.64 118.10 -15.05
CA LEU C 361 -25.51 119.15 -14.53
C LEU C 361 -24.87 119.86 -13.35
N ASP C 362 -24.10 119.12 -12.54
CA ASP C 362 -23.37 119.75 -11.45
C ASP C 362 -22.33 120.73 -11.96
N VAL C 363 -21.60 120.36 -13.02
CA VAL C 363 -20.59 121.26 -13.56
C VAL C 363 -21.26 122.44 -14.27
N ILE C 364 -22.45 122.21 -14.85
CA ILE C 364 -23.20 123.32 -15.43
C ILE C 364 -23.58 124.32 -14.35
N ALA C 365 -24.06 123.82 -13.20
CA ALA C 365 -24.34 124.70 -12.07
C ALA C 365 -23.08 125.40 -11.58
N ASN C 366 -21.98 124.67 -11.53
CA ASN C 366 -20.72 125.23 -11.02
C ASN C 366 -20.21 126.35 -11.91
N SER C 367 -20.38 126.20 -13.23
CA SER C 367 -19.88 127.22 -14.15
C SER C 367 -20.77 128.46 -14.08
N THR C 368 -20.77 129.12 -12.93
CA THR C 368 -21.58 130.31 -12.71
C THR C 368 -20.97 131.09 -11.56
N SER C 369 -21.11 132.42 -11.62
CA SER C 369 -20.69 133.35 -10.59
C SER C 369 -19.18 133.48 -10.49
N GLU C 370 -18.71 134.71 -10.27
CA GLU C 370 -17.30 135.00 -10.04
C GLU C 370 -17.20 136.44 -9.53
N PHE C 371 -16.09 136.75 -8.88
CA PHE C 371 -15.89 138.07 -8.31
C PHE C 371 -15.39 139.05 -9.36
N MET C 372 -15.89 140.28 -9.28
CA MET C 372 -15.37 141.40 -10.07
C MET C 372 -15.79 142.68 -9.37
N THR C 373 -15.17 143.79 -9.78
CA THR C 373 -15.43 145.05 -9.12
C THR C 373 -15.12 146.20 -10.06
N SER C 374 -15.64 147.37 -9.71
CA SER C 374 -15.36 148.60 -10.44
C SER C 374 -15.22 149.72 -9.42
N ARG C 375 -14.47 150.76 -9.81
CA ARG C 375 -14.20 151.86 -8.90
C ARG C 375 -13.81 153.09 -9.69
N ASP C 376 -13.99 154.26 -9.07
CA ASP C 376 -13.57 155.52 -9.65
C ASP C 376 -13.44 156.53 -8.52
N PHE C 377 -12.70 157.62 -8.80
CA PHE C 377 -12.43 158.64 -7.81
C PHE C 377 -12.58 160.02 -8.44
N VAL C 378 -12.78 161.01 -7.59
CA VAL C 378 -12.88 162.40 -8.02
C VAL C 378 -12.19 163.29 -6.99
N ALA C 379 -11.82 164.48 -7.42
CA ALA C 379 -11.25 165.51 -6.55
C ALA C 379 -12.28 166.60 -6.25
N LYS C 380 -13.53 166.17 -6.04
CA LYS C 380 -14.63 167.12 -5.89
C LYS C 380 -14.39 168.06 -4.71
N ALA C 381 -14.75 169.32 -4.90
CA ALA C 381 -14.53 170.37 -3.91
C ALA C 381 -15.77 170.56 -3.07
N ILE C 382 -15.59 170.68 -1.75
CA ILE C 382 -16.66 171.00 -0.82
C ILE C 382 -16.35 172.36 -0.23
N ASN C 383 -17.29 173.29 -0.34
CA ASN C 383 -17.08 174.68 0.02
C ASN C 383 -17.95 175.05 1.22
N ILE C 384 -17.34 175.78 2.16
CA ILE C 384 -18.04 176.35 3.31
C ILE C 384 -17.79 177.85 3.29
N GLY C 385 -18.87 178.64 3.34
CA GLY C 385 -18.74 180.07 3.25
C GLY C 385 -18.27 180.69 4.56
N ILE C 386 -17.55 181.80 4.43
CA ILE C 386 -17.11 182.61 5.57
C ILE C 386 -17.45 184.05 5.28
N PRO C 387 -18.14 184.75 6.19
CA PRO C 387 -18.45 186.16 5.96
C PRO C 387 -17.18 186.99 5.86
N LEU C 388 -17.24 188.03 5.01
CA LEU C 388 -16.07 188.88 4.79
C LEU C 388 -15.66 189.64 6.04
N GLU C 389 -16.60 189.90 6.95
CA GLU C 389 -16.26 190.61 8.19
C GLU C 389 -15.49 189.72 9.17
N TRP C 390 -15.12 188.51 8.77
CA TRP C 390 -14.27 187.64 9.57
C TRP C 390 -12.80 188.04 9.52
N ASN C 391 -12.50 189.23 9.00
CA ASN C 391 -11.13 189.75 8.91
C ASN C 391 -10.25 188.80 8.11
N LEU C 392 -10.68 188.50 6.89
CA LEU C 392 -10.01 187.54 6.03
C LEU C 392 -10.25 187.92 4.57
N ASP C 393 -9.45 187.33 3.69
CA ASP C 393 -9.55 187.61 2.26
C ASP C 393 -10.55 186.69 1.55
N GLN C 394 -10.41 185.38 1.74
CA GLN C 394 -11.28 184.43 1.07
C GLN C 394 -12.64 184.35 1.76
N GLU C 395 -13.63 183.87 1.01
CA GLU C 395 -14.99 183.72 1.51
C GLU C 395 -15.43 182.27 1.64
N ASN C 396 -15.07 181.41 0.70
CA ASN C 396 -15.50 180.02 0.69
C ASN C 396 -14.32 179.12 1.07
N LEU C 397 -14.53 178.26 2.07
CA LEU C 397 -13.52 177.30 2.47
C LEU C 397 -13.68 176.06 1.61
N VAL C 398 -12.87 175.95 0.57
CA VAL C 398 -12.98 174.87 -0.41
C VAL C 398 -11.97 173.78 -0.05
N SER C 399 -12.46 172.55 0.08
CA SER C 399 -11.62 171.39 0.33
C SER C 399 -11.86 170.37 -0.77
N GLN C 400 -10.77 169.73 -1.24
CA GLN C 400 -10.81 168.84 -2.39
C GLN C 400 -10.26 167.48 -1.99
N PRO C 401 -11.01 166.69 -1.24
CA PRO C 401 -10.56 165.35 -0.89
C PRO C 401 -10.69 164.40 -2.07
N ARG C 402 -9.90 163.34 -2.05
CA ARG C 402 -10.05 162.28 -3.05
C ARG C 402 -11.28 161.45 -2.70
N HIS C 403 -12.42 161.82 -3.26
CA HIS C 403 -13.67 161.11 -3.04
C HIS C 403 -13.79 160.00 -4.07
N ASN C 404 -13.84 158.76 -3.58
CA ASN C 404 -13.90 157.59 -4.45
C ASN C 404 -15.01 156.67 -3.99
N VAL C 405 -15.63 156.01 -4.97
CA VAL C 405 -16.66 155.01 -4.71
C VAL C 405 -16.30 153.76 -5.51
N MET C 406 -16.79 152.63 -5.03
CA MET C 406 -16.49 151.34 -5.65
C MET C 406 -17.59 150.35 -5.34
N VAL C 407 -17.80 149.39 -6.24
CA VAL C 407 -18.78 148.34 -6.06
C VAL C 407 -18.06 147.00 -6.20
N LYS C 408 -18.31 146.09 -5.26
CA LYS C 408 -17.80 144.74 -5.33
C LYS C 408 -18.96 143.82 -5.69
N SER C 409 -18.77 143.01 -6.74
CA SER C 409 -19.84 142.17 -7.25
C SER C 409 -19.33 140.75 -7.45
N LYS C 410 -20.16 139.78 -7.07
CA LYS C 410 -19.91 138.38 -7.35
C LYS C 410 -21.07 137.73 -8.09
N LEU C 411 -22.03 138.54 -8.53
CA LEU C 411 -23.30 138.06 -9.09
C LEU C 411 -23.94 137.07 -8.14
N SER C 412 -24.03 135.80 -8.55
CA SER C 412 -24.68 134.83 -7.68
C SER C 412 -24.39 133.40 -8.08
N PRO C 413 -24.04 132.55 -7.13
CA PRO C 413 -24.03 131.11 -7.39
C PRO C 413 -25.42 130.52 -7.22
N GLU C 414 -25.52 129.20 -7.31
CA GLU C 414 -26.80 128.52 -7.15
C GLU C 414 -27.17 128.33 -5.68
N ASN C 415 -27.34 129.44 -4.96
CA ASN C 415 -27.80 129.50 -3.57
C ASN C 415 -27.16 128.47 -2.65
N ASN C 416 -25.90 128.12 -2.93
CA ASN C 416 -25.09 127.25 -2.06
C ASN C 416 -25.77 125.90 -1.84
N ILE C 417 -25.95 125.17 -2.94
CA ILE C 417 -26.48 123.81 -2.87
C ILE C 417 -25.47 122.88 -2.21
N GLY C 418 -24.21 122.97 -2.63
CA GLY C 418 -23.11 122.22 -2.03
C GLY C 418 -23.31 120.72 -1.95
N LYS C 419 -23.47 120.21 -0.73
CA LYS C 419 -23.54 118.77 -0.50
C LYS C 419 -24.72 118.14 -1.24
N THR C 420 -25.80 118.89 -1.46
CA THR C 420 -26.99 118.32 -2.07
C THR C 420 -26.71 117.75 -3.45
N LEU C 421 -25.68 118.24 -4.14
CA LEU C 421 -25.33 117.75 -5.47
C LEU C 421 -23.90 117.23 -5.57
N SER C 422 -22.94 117.80 -4.85
CA SER C 422 -21.55 117.33 -4.92
C SER C 422 -21.38 116.09 -4.03
N VAL C 423 -22.27 115.13 -4.23
CA VAL C 423 -22.40 113.99 -3.33
C VAL C 423 -22.41 112.68 -4.11
N ASN C 424 -21.71 112.66 -5.25
CA ASN C 424 -21.63 111.56 -6.22
C ASN C 424 -21.66 110.14 -5.67
N PRO C 425 -20.89 109.80 -4.59
CA PRO C 425 -20.72 108.38 -4.23
C PRO C 425 -21.96 107.55 -3.94
N PHE C 426 -23.18 108.09 -4.04
CA PHE C 426 -24.36 107.25 -3.83
C PHE C 426 -24.45 106.06 -4.78
N THR C 427 -23.62 105.99 -5.81
CA THR C 427 -23.50 104.77 -6.61
C THR C 427 -22.08 104.25 -6.44
N THR C 428 -21.84 103.55 -5.34
CA THR C 428 -20.56 102.90 -5.09
C THR C 428 -20.68 101.50 -4.49
N ALA C 429 -21.85 101.11 -3.98
CA ALA C 429 -22.09 99.82 -3.35
C ALA C 429 -23.36 99.21 -3.89
N TRP C 430 -23.46 99.16 -5.23
CA TRP C 430 -24.71 98.78 -5.89
C TRP C 430 -25.22 97.41 -5.50
N GLU C 431 -24.35 96.50 -5.03
CA GLU C 431 -24.78 95.13 -4.82
C GLU C 431 -25.87 95.03 -3.77
N LEU C 432 -26.08 96.08 -2.96
CA LEU C 432 -27.32 96.21 -2.20
C LEU C 432 -27.65 97.70 -2.14
N LEU C 433 -28.62 98.12 -2.95
CA LEU C 433 -29.08 99.50 -2.89
C LEU C 433 -30.61 99.59 -2.87
N THR C 434 -31.28 98.63 -3.51
CA THR C 434 -32.73 98.57 -3.66
C THR C 434 -33.24 99.69 -4.58
N LEU C 435 -34.28 99.39 -5.35
CA LEU C 435 -34.80 100.36 -6.31
C LEU C 435 -35.41 101.57 -5.62
N SER C 436 -35.96 101.40 -4.42
CA SER C 436 -36.56 102.52 -3.71
C SER C 436 -35.53 103.60 -3.42
N PHE C 437 -34.33 103.20 -2.98
CA PHE C 437 -33.30 104.17 -2.62
C PHE C 437 -32.89 105.00 -3.83
N VAL C 438 -32.63 104.34 -4.96
CA VAL C 438 -32.19 105.07 -6.15
C VAL C 438 -33.31 105.95 -6.69
N VAL C 439 -34.55 105.45 -6.63
CA VAL C 439 -35.68 106.26 -7.09
C VAL C 439 -35.82 107.51 -6.23
N ASP C 440 -35.71 107.36 -4.92
CA ASP C 440 -35.79 108.52 -4.03
C ASP C 440 -34.65 109.48 -4.29
N TRP C 441 -33.45 108.97 -4.52
CA TRP C 441 -32.30 109.82 -4.79
C TRP C 441 -32.53 110.63 -6.07
N PHE C 442 -33.02 109.97 -7.12
CA PHE C 442 -33.28 110.67 -8.38
C PHE C 442 -34.38 111.71 -8.22
N VAL C 443 -35.43 111.37 -7.48
CA VAL C 443 -36.53 112.30 -7.26
C VAL C 443 -36.04 113.51 -6.49
N ASN C 444 -35.24 113.30 -5.45
CA ASN C 444 -34.68 114.40 -4.69
C ASN C 444 -33.78 115.27 -5.55
N PHE C 445 -32.98 114.65 -6.40
CA PHE C 445 -32.12 115.42 -7.30
C PHE C 445 -32.95 116.29 -8.22
N GLY C 446 -34.00 115.74 -8.82
CA GLY C 446 -34.86 116.53 -9.68
C GLY C 446 -35.53 117.66 -8.93
N ASP C 447 -35.99 117.38 -7.71
CA ASP C 447 -36.65 118.41 -6.92
C ASP C 447 -35.70 119.56 -6.59
N VAL C 448 -34.46 119.24 -6.20
CA VAL C 448 -33.51 120.30 -5.84
C VAL C 448 -33.07 121.06 -7.08
N ILE C 449 -33.01 120.38 -8.23
CA ILE C 449 -32.72 121.08 -9.48
C ILE C 449 -33.83 122.05 -9.84
N ALA C 450 -35.08 121.68 -9.54
CA ALA C 450 -36.21 122.54 -9.89
C ALA C 450 -36.11 123.91 -9.24
N GLY C 451 -35.36 124.04 -8.16
CA GLY C 451 -35.28 125.28 -7.42
C GLY C 451 -34.09 126.18 -7.69
N PHE C 452 -33.13 125.73 -8.50
CA PHE C 452 -32.00 126.59 -8.82
C PHE C 452 -32.44 127.85 -9.56
N THR C 453 -33.29 127.69 -10.58
CA THR C 453 -33.74 128.82 -11.38
C THR C 453 -34.58 129.79 -10.56
N GLY C 454 -35.03 129.40 -9.38
CA GLY C 454 -35.75 130.31 -8.51
C GLY C 454 -34.86 130.92 -7.44
N GLY C 455 -33.87 130.18 -6.98
CA GLY C 455 -33.00 130.67 -5.93
C GLY C 455 -31.63 131.15 -6.40
N TYR C 456 -31.50 131.39 -7.69
CA TYR C 456 -30.20 131.75 -8.27
C TYR C 456 -29.61 133.04 -7.70
N SER C 457 -30.27 134.16 -7.95
CA SER C 457 -29.63 135.46 -7.75
C SER C 457 -29.49 135.81 -6.26
N ASP C 458 -28.35 136.43 -5.93
CA ASP C 458 -28.05 136.81 -4.55
C ASP C 458 -27.48 138.22 -4.41
N ASP C 459 -27.02 138.86 -5.49
CA ASP C 459 -26.57 140.25 -5.46
C ASP C 459 -25.30 140.42 -4.63
N SER C 460 -24.81 141.65 -4.51
CA SER C 460 -23.58 141.97 -3.79
C SER C 460 -23.72 143.36 -3.19
N GLY C 461 -22.60 143.95 -2.76
CA GLY C 461 -22.62 145.23 -2.10
C GLY C 461 -21.61 146.24 -2.61
N ALA C 462 -21.55 147.42 -1.98
CA ALA C 462 -20.65 148.49 -2.38
C ALA C 462 -20.52 149.46 -1.21
N THR C 463 -19.59 150.40 -1.35
CA THR C 463 -19.35 151.41 -0.32
C THR C 463 -18.74 152.64 -0.96
N ALA C 464 -18.77 153.74 -0.22
CA ALA C 464 -18.19 155.01 -0.62
C ALA C 464 -17.07 155.40 0.35
N SER C 465 -16.24 156.34 -0.07
CA SER C 465 -15.07 156.70 0.72
C SER C 465 -14.64 158.13 0.42
N TRP C 466 -13.92 158.71 1.38
CA TRP C 466 -13.34 160.04 1.26
C TRP C 466 -11.90 160.02 1.73
N ARG C 467 -11.04 160.76 1.03
CA ARG C 467 -9.63 160.86 1.36
C ARG C 467 -9.27 162.34 1.52
N PHE C 468 -9.28 162.83 2.75
CA PHE C 468 -9.06 164.25 3.01
C PHE C 468 -7.59 164.51 3.30
N ASP C 469 -7.01 165.46 2.55
CA ASP C 469 -5.65 165.94 2.82
C ASP C 469 -5.55 167.33 2.22
N ASP C 470 -5.64 168.36 3.06
CA ASP C 470 -5.62 169.74 2.59
C ASP C 470 -4.78 170.59 3.52
N LYS C 471 -4.09 171.56 2.95
CA LYS C 471 -3.28 172.52 3.69
C LYS C 471 -3.46 173.88 3.02
N LYS C 472 -4.23 174.76 3.66
CA LYS C 472 -4.59 176.05 3.10
C LYS C 472 -4.12 177.17 4.02
N VAL C 473 -3.50 178.19 3.43
CA VAL C 473 -3.05 179.37 4.15
C VAL C 473 -3.81 180.57 3.62
N PHE C 474 -4.41 181.35 4.52
CA PHE C 474 -5.23 182.49 4.14
C PHE C 474 -4.57 183.77 4.65
N HIS C 475 -4.37 184.72 3.74
CA HIS C 475 -3.80 186.01 4.08
C HIS C 475 -4.86 186.95 4.62
N LEU C 476 -4.41 188.08 5.16
CA LEU C 476 -5.30 189.12 5.64
C LEU C 476 -5.34 190.27 4.63
N LYS C 477 -6.54 190.73 4.32
CA LYS C 477 -6.70 191.84 3.39
C LYS C 477 -5.97 193.08 3.89
N ASN C 478 -5.09 193.61 3.05
CA ASN C 478 -4.27 194.81 3.28
C ASN C 478 -3.21 194.60 4.36
N ILE C 479 -3.18 193.44 5.01
CA ILE C 479 -2.17 193.13 6.03
C ILE C 479 -1.61 191.75 5.71
N PRO C 480 -0.65 191.64 4.78
CA PRO C 480 -0.09 190.31 4.47
C PRO C 480 0.64 189.66 5.64
N SER C 481 1.06 190.44 6.64
CA SER C 481 1.81 189.88 7.76
C SER C 481 0.97 188.95 8.63
N ALA C 482 -0.35 189.06 8.57
CA ALA C 482 -1.24 188.20 9.36
C ALA C 482 -1.79 187.10 8.47
N MET C 483 -1.64 185.85 8.90
CA MET C 483 -2.03 184.70 8.11
C MET C 483 -2.85 183.74 8.95
N VAL C 484 -3.70 182.97 8.27
CA VAL C 484 -4.47 181.89 8.86
C VAL C 484 -4.14 180.61 8.13
N ILE C 485 -3.66 179.61 8.85
CA ILE C 485 -3.22 178.34 8.26
C ILE C 485 -4.16 177.24 8.72
N VAL C 486 -4.72 176.51 7.76
CA VAL C 486 -5.66 175.42 8.03
C VAL C 486 -5.12 174.15 7.38
N ASP C 487 -4.98 173.10 8.17
CA ASP C 487 -4.54 171.80 7.70
C ASP C 487 -5.54 170.74 8.15
N ILE C 488 -6.07 169.99 7.20
CA ILE C 488 -7.02 168.91 7.46
C ILE C 488 -6.53 167.66 6.75
N ASN C 489 -6.44 166.55 7.48
CA ASN C 489 -6.01 165.28 6.91
C ASN C 489 -6.65 164.14 7.69
N PHE C 490 -7.60 163.47 7.07
CA PHE C 490 -8.27 162.33 7.68
C PHE C 490 -8.91 161.49 6.57
N TYR C 491 -9.37 160.30 6.95
CA TYR C 491 -9.98 159.38 6.00
C TYR C 491 -11.29 158.86 6.59
N THR C 492 -12.27 158.65 5.71
CA THR C 492 -13.56 158.09 6.10
C THR C 492 -14.03 157.11 5.03
N ARG C 493 -14.88 156.17 5.46
CA ARG C 493 -15.48 155.20 4.57
C ARG C 493 -16.97 155.13 4.88
N GLN C 494 -17.79 155.13 3.83
CA GLN C 494 -19.23 155.22 3.99
C GLN C 494 -19.93 154.15 3.15
N VAL C 495 -21.02 153.64 3.68
CA VAL C 495 -21.84 152.64 2.98
C VAL C 495 -22.62 153.31 1.86
N ILE C 496 -23.25 152.50 1.00
CA ILE C 496 -24.00 153.01 -0.14
C ILE C 496 -25.49 153.02 0.18
N ASP C 497 -25.82 153.08 1.47
CA ASP C 497 -27.18 153.12 2.04
C ASP C 497 -28.17 152.34 1.18
N PRO C 498 -28.01 151.01 1.09
CA PRO C 498 -28.77 150.23 0.10
C PRO C 498 -30.28 150.37 0.19
N ARG C 499 -30.80 151.03 1.22
CA ARG C 499 -32.23 151.34 1.24
C ARG C 499 -32.58 152.32 0.13
N LEU C 500 -31.76 153.37 -0.03
CA LEU C 500 -31.96 154.38 -1.06
C LEU C 500 -31.19 154.03 -2.34
N CYS C 501 -29.87 153.95 -2.24
CA CYS C 501 -29.03 153.54 -3.35
C CYS C 501 -28.85 152.02 -3.30
N GLY C 502 -27.86 151.50 -4.02
CA GLY C 502 -27.56 150.09 -4.01
C GLY C 502 -28.31 149.29 -5.05
N GLY C 503 -29.41 149.81 -5.57
CA GLY C 503 -30.07 149.21 -6.72
C GLY C 503 -29.45 149.76 -7.98
N LEU C 504 -30.28 150.32 -8.86
CA LEU C 504 -29.84 150.94 -10.11
C LEU C 504 -29.05 149.95 -10.98
N ALA C 505 -29.15 148.67 -10.68
CA ALA C 505 -28.44 147.61 -11.38
C ALA C 505 -29.44 146.73 -12.12
N PHE C 506 -28.92 145.65 -12.70
CA PHE C 506 -29.77 144.77 -13.49
C PHE C 506 -30.73 143.96 -12.63
N SER C 507 -30.38 143.72 -11.36
CA SER C 507 -31.18 142.87 -10.49
C SER C 507 -31.40 141.52 -11.15
N PRO C 508 -30.38 140.66 -11.19
CA PRO C 508 -30.48 139.42 -12.00
C PRO C 508 -31.64 138.51 -11.64
N LYS C 509 -32.49 138.89 -10.68
CA LYS C 509 -33.75 138.16 -10.50
C LYS C 509 -34.53 138.10 -11.80
N LEU C 510 -34.74 139.26 -12.43
CA LEU C 510 -35.46 139.33 -13.69
C LEU C 510 -34.60 138.79 -14.84
N ASN C 511 -35.25 138.56 -15.97
CA ASN C 511 -34.71 137.90 -17.15
C ASN C 511 -34.42 136.43 -16.87
N LEU C 512 -34.62 135.99 -15.65
CA LEU C 512 -34.54 134.59 -15.22
C LEU C 512 -35.80 134.15 -14.52
N PHE C 513 -36.44 135.05 -13.75
CA PHE C 513 -37.73 134.71 -13.16
C PHE C 513 -38.83 134.70 -14.20
N ARG C 514 -38.86 135.71 -15.08
CA ARG C 514 -39.76 135.66 -16.24
C ARG C 514 -39.39 134.56 -17.21
N TYR C 515 -38.21 133.97 -17.05
CA TYR C 515 -37.68 132.93 -17.93
C TYR C 515 -38.30 131.61 -17.51
N LEU C 516 -37.68 130.49 -17.88
CA LEU C 516 -38.33 129.18 -17.95
C LEU C 516 -39.00 128.68 -16.67
N ASP C 517 -38.94 129.42 -15.57
CA ASP C 517 -39.42 128.96 -14.27
C ASP C 517 -40.75 128.21 -14.34
N ALA C 518 -41.59 128.52 -15.32
CA ALA C 518 -42.87 127.83 -15.48
C ALA C 518 -42.70 126.48 -16.18
N MET C 519 -42.06 126.46 -17.35
CA MET C 519 -41.93 125.20 -18.09
C MET C 519 -40.99 124.24 -17.37
N SER C 520 -39.96 124.77 -16.72
CA SER C 520 -39.09 123.94 -15.89
C SER C 520 -39.87 123.33 -14.74
N LEU C 521 -40.75 124.12 -14.12
CA LEU C 521 -41.66 123.58 -13.11
C LEU C 521 -42.55 122.50 -13.70
N SER C 522 -42.92 122.65 -14.97
CA SER C 522 -43.82 121.73 -15.65
C SER C 522 -43.23 120.32 -15.75
N TRP C 523 -42.05 120.11 -15.17
CA TRP C 523 -41.49 118.77 -15.03
C TRP C 523 -42.36 117.91 -14.11
N ASN C 524 -43.46 118.50 -13.61
CA ASN C 524 -44.47 117.72 -12.92
C ASN C 524 -44.99 116.59 -13.79
N ARG C 525 -44.97 116.78 -15.11
CA ARG C 525 -45.33 115.69 -16.02
C ARG C 525 -44.41 114.49 -15.82
N SER C 526 -43.09 114.73 -15.87
CA SER C 526 -42.14 113.64 -15.68
C SER C 526 -42.23 113.06 -14.28
N ARG C 527 -42.45 113.91 -13.28
CA ARG C 527 -42.57 113.41 -11.91
C ARG C 527 -43.79 112.52 -11.77
N LEU C 528 -44.91 112.89 -12.38
CA LEU C 528 -46.09 112.05 -12.36
C LEU C 528 -45.82 110.73 -13.09
N LYS C 529 -45.12 110.80 -14.22
CA LYS C 529 -44.78 109.58 -14.95
C LYS C 529 -43.99 108.62 -14.08
N ILE C 530 -42.93 109.12 -13.43
CA ILE C 530 -42.10 108.24 -12.62
C ILE C 530 -42.86 107.76 -11.39
N SER C 531 -43.69 108.62 -10.80
CA SER C 531 -44.46 108.24 -9.63
C SER C 531 -45.47 107.15 -9.97
N ARG C 532 -46.01 107.16 -11.19
CA ARG C 532 -46.97 106.13 -11.58
C ARG C 532 -46.34 104.75 -11.54
N ALA C 533 -45.13 104.62 -12.08
CA ALA C 533 -44.43 103.35 -12.08
C ALA C 533 -43.70 103.07 -10.77
N THR C 534 -43.58 104.07 -9.89
CA THR C 534 -42.90 103.90 -8.62
C THR C 534 -43.68 102.95 -7.72
N ALA D 1 -18.61 140.84 29.15
CA ALA D 1 -19.30 140.83 27.88
C ALA D 1 -18.98 139.54 27.12
N ASN D 2 -19.26 138.41 27.74
CA ASN D 2 -18.97 137.12 27.13
C ASN D 2 -19.97 136.83 26.02
N LYS D 3 -19.82 135.68 25.38
CA LYS D 3 -20.68 135.27 24.28
C LYS D 3 -21.65 134.21 24.77
N PRO D 4 -22.92 134.56 25.03
CA PRO D 4 -23.87 133.55 25.49
C PRO D 4 -24.16 132.52 24.42
N MET D 5 -24.47 131.30 24.85
CA MET D 5 -24.90 130.24 23.96
C MET D 5 -26.32 129.82 24.30
N GLN D 6 -26.92 129.07 23.38
CA GLN D 6 -28.27 128.56 23.50
C GLN D 6 -28.24 127.04 23.59
N PRO D 7 -29.23 126.44 24.26
CA PRO D 7 -29.25 124.98 24.35
C PRO D 7 -29.36 124.35 22.97
N ILE D 8 -28.67 123.22 22.80
CA ILE D 8 -28.62 122.55 21.51
C ILE D 8 -29.28 121.18 21.53
N THR D 9 -29.26 120.47 22.65
CA THR D 9 -29.94 119.18 22.76
C THR D 9 -30.49 119.06 24.17
N SER D 10 -31.81 119.02 24.29
CA SER D 10 -32.47 118.98 25.58
C SER D 10 -33.13 117.63 25.81
N THR D 11 -33.16 117.22 27.06
CA THR D 11 -33.76 115.96 27.47
C THR D 11 -34.18 116.12 28.94
N ALA D 12 -35.04 115.22 29.41
CA ALA D 12 -35.51 115.29 30.78
C ALA D 12 -34.35 115.26 31.78
N ASN D 13 -33.24 114.65 31.40
CA ASN D 13 -32.05 114.58 32.25
C ASN D 13 -30.88 115.38 31.71
N LYS D 14 -30.62 115.30 30.41
CA LYS D 14 -29.44 115.89 29.80
C LYS D 14 -29.84 117.10 28.97
N ILE D 15 -29.19 118.24 29.23
CA ILE D 15 -29.34 119.44 28.41
C ILE D 15 -27.95 119.88 27.97
N VAL D 16 -27.78 120.08 26.67
CA VAL D 16 -26.50 120.42 26.07
C VAL D 16 -26.57 121.81 25.48
N TRP D 17 -25.60 122.65 25.83
CA TRP D 17 -25.43 123.96 25.23
C TRP D 17 -24.25 123.94 24.28
N SER D 18 -24.21 124.94 23.39
CA SER D 18 -23.07 125.13 22.50
C SER D 18 -23.15 126.53 21.91
N ASP D 19 -22.00 127.18 21.80
CA ASP D 19 -21.95 128.53 21.26
C ASP D 19 -22.16 128.48 19.75
N PRO D 20 -23.10 129.25 19.20
CA PRO D 20 -23.33 129.21 17.74
C PRO D 20 -22.10 129.59 16.93
N THR D 21 -21.33 130.58 17.37
CA THR D 21 -20.14 130.97 16.63
C THR D 21 -19.08 129.88 16.67
N ARG D 22 -18.88 129.28 17.84
CA ARG D 22 -17.89 128.21 18.02
C ARG D 22 -18.62 127.00 18.59
N LEU D 23 -18.99 126.06 17.73
CA LEU D 23 -19.75 124.90 18.17
C LEU D 23 -18.90 123.93 18.98
N SER D 24 -17.58 124.07 18.95
CA SER D 24 -16.72 123.14 19.70
C SER D 24 -16.97 123.25 21.20
N THR D 25 -16.98 124.48 21.72
CA THR D 25 -17.15 124.66 23.15
C THR D 25 -18.60 124.36 23.55
N THR D 26 -18.76 123.52 24.58
CA THR D 26 -20.07 123.15 25.08
C THR D 26 -20.06 123.21 26.59
N PHE D 27 -21.24 123.44 27.17
CA PHE D 27 -21.46 123.34 28.61
C PHE D 27 -22.59 122.34 28.79
N SER D 28 -22.23 121.07 28.93
CA SER D 28 -23.20 119.99 29.03
C SER D 28 -23.44 119.66 30.50
N ALA D 29 -24.69 119.76 30.93
CA ALA D 29 -25.06 119.52 32.31
C ALA D 29 -26.06 118.36 32.38
N SER D 30 -25.76 117.39 33.23
CA SER D 30 -26.64 116.25 33.46
C SER D 30 -27.07 116.24 34.93
N LEU D 31 -28.22 115.64 35.19
CA LEU D 31 -28.75 115.59 36.54
C LEU D 31 -29.40 114.24 36.79
N LEU D 32 -29.05 113.62 37.91
CA LEU D 32 -29.60 112.33 38.31
C LEU D 32 -30.23 112.45 39.68
N ARG D 33 -31.45 111.95 39.82
CA ARG D 33 -32.21 112.04 41.06
C ARG D 33 -32.50 110.65 41.60
N GLN D 34 -32.29 110.47 42.90
CA GLN D 34 -32.59 109.21 43.56
C GLN D 34 -33.06 109.50 44.99
N ARG D 35 -33.71 108.50 45.58
CA ARG D 35 -34.15 108.58 46.96
C ARG D 35 -33.54 107.40 47.72
N VAL D 36 -33.12 107.64 48.96
CA VAL D 36 -32.34 106.67 49.70
C VAL D 36 -32.77 106.63 51.16
N LYS D 37 -32.47 105.49 51.80
CA LYS D 37 -32.55 105.34 53.25
C LYS D 37 -31.17 105.56 53.85
N VAL D 38 -31.11 106.36 54.92
CA VAL D 38 -29.91 106.46 55.75
C VAL D 38 -30.22 106.13 57.20
N GLY D 39 -31.00 106.97 57.88
CA GLY D 39 -31.52 106.65 59.19
C GLY D 39 -32.95 106.16 59.14
N ILE D 40 -33.19 105.07 58.41
CA ILE D 40 -34.54 104.55 58.12
C ILE D 40 -35.49 105.69 57.77
N ALA D 41 -34.95 106.77 57.22
CA ALA D 41 -35.71 107.96 56.84
C ALA D 41 -35.37 108.31 55.41
N GLU D 42 -36.34 108.87 54.69
CA GLU D 42 -36.14 109.14 53.28
C GLU D 42 -35.41 110.46 53.06
N LEU D 43 -34.34 110.40 52.29
CA LEU D 43 -33.63 111.59 51.82
C LEU D 43 -33.49 111.51 50.32
N ASN D 44 -33.94 112.55 49.62
CA ASN D 44 -33.88 112.59 48.17
C ASN D 44 -32.49 113.04 47.74
N ASN D 45 -31.79 112.19 47.01
CA ASN D 45 -30.44 112.45 46.58
C ASN D 45 -30.42 112.94 45.14
N VAL D 46 -29.65 113.99 44.88
CA VAL D 46 -29.54 114.59 43.56
C VAL D 46 -28.06 114.61 43.17
N SER D 47 -27.78 114.21 41.94
CA SER D 47 -26.42 114.19 41.41
C SER D 47 -26.37 115.06 40.18
N GLY D 48 -25.57 116.13 40.23
CA GLY D 48 -25.41 117.02 39.12
C GLY D 48 -24.02 116.92 38.52
N GLN D 49 -23.95 116.45 37.27
CA GLN D 49 -22.69 116.28 36.57
C GLN D 49 -22.58 117.34 35.49
N TYR D 50 -21.71 118.32 35.71
CA TYR D 50 -21.57 119.47 34.84
C TYR D 50 -20.24 119.37 34.10
N VAL D 51 -20.29 119.49 32.78
CA VAL D 51 -19.12 119.32 31.94
C VAL D 51 -18.96 120.55 31.05
N SER D 52 -17.73 121.08 31.00
CA SER D 52 -17.39 122.15 30.08
C SER D 52 -16.20 121.69 29.26
N VAL D 53 -16.33 121.72 27.94
CA VAL D 53 -15.27 121.30 27.04
C VAL D 53 -14.87 122.49 26.19
N TYR D 54 -13.61 122.52 25.77
CA TYR D 54 -13.09 123.59 24.93
C TYR D 54 -11.90 123.06 24.15
N LYS D 55 -11.78 123.50 22.91
CA LYS D 55 -10.70 123.06 22.03
C LYS D 55 -10.05 124.31 21.44
N ARG D 56 -8.88 124.66 21.98
CA ARG D 56 -8.19 125.90 21.63
C ARG D 56 -6.73 125.61 21.32
N PRO D 57 -6.40 125.30 20.08
CA PRO D 57 -5.01 125.01 19.72
C PRO D 57 -4.14 126.25 19.75
N ALA D 58 -3.29 126.39 20.77
CA ALA D 58 -2.35 127.51 20.79
C ALA D 58 -1.14 127.29 21.69
N PRO D 59 -0.35 126.22 21.51
CA PRO D 59 0.97 126.21 22.15
C PRO D 59 1.87 127.34 21.70
N LYS D 60 1.87 127.65 20.39
CA LYS D 60 2.60 128.78 19.81
C LYS D 60 4.07 128.79 20.22
N PRO D 61 4.90 127.94 19.62
CA PRO D 61 6.32 127.93 19.99
C PRO D 61 6.97 129.28 19.67
N GLU D 62 7.46 129.93 20.71
CA GLU D 62 8.05 131.27 20.65
C GLU D 62 7.27 132.19 19.70
N GLY D 63 7.96 133.00 18.90
CA GLY D 63 7.30 134.03 18.15
C GLY D 63 7.29 133.94 16.63
N CYS D 64 7.03 132.77 16.06
CA CYS D 64 6.71 132.70 14.64
C CYS D 64 5.27 133.11 14.36
N ALA D 65 4.97 133.26 13.08
CA ALA D 65 3.67 133.65 12.57
C ALA D 65 3.48 132.98 11.21
N ASP D 66 2.55 133.50 10.42
CA ASP D 66 2.34 133.02 9.05
C ASP D 66 1.94 131.55 9.06
N ALA D 67 2.78 130.68 8.52
CA ALA D 67 2.45 129.27 8.39
C ALA D 67 2.87 128.51 9.65
N CYS D 68 2.20 128.84 10.75
CA CYS D 68 2.39 128.16 12.02
C CYS D 68 1.05 127.75 12.62
N VAL D 69 0.09 127.39 11.77
CA VAL D 69 -1.25 127.01 12.21
C VAL D 69 -1.39 125.51 12.05
N ILE D 70 -0.34 124.88 11.52
CA ILE D 70 -0.32 123.43 11.30
C ILE D 70 -0.36 122.68 12.64
N MET D 71 -0.14 123.37 13.74
CA MET D 71 -0.13 122.75 15.05
C MET D 71 -1.47 122.10 15.36
N PRO D 72 -1.46 120.87 15.89
CA PRO D 72 -2.71 120.14 16.08
C PRO D 72 -3.54 120.72 17.22
N ASN D 73 -4.82 120.37 17.22
CA ASN D 73 -5.73 120.77 18.28
C ASN D 73 -5.50 119.95 19.53
N GLU D 74 -5.79 120.57 20.68
CA GLU D 74 -5.73 119.91 21.97
C GLU D 74 -7.03 120.14 22.71
N ASN D 75 -7.40 119.20 23.58
CA ASN D 75 -8.68 119.25 24.27
C ASN D 75 -8.49 119.75 25.69
N GLN D 76 -9.40 120.61 26.13
CA GLN D 76 -9.47 121.07 27.51
C GLN D 76 -10.84 120.72 28.07
N SER D 77 -10.86 119.86 29.09
CA SER D 77 -12.09 119.42 29.71
C SER D 77 -12.06 119.76 31.20
N ILE D 78 -13.13 120.38 31.68
CA ILE D 78 -13.30 120.71 33.09
C ILE D 78 -14.68 120.23 33.51
N ARG D 79 -14.72 119.31 34.47
CA ARG D 79 -15.93 118.60 34.82
C ARG D 79 -16.17 118.70 36.33
N THR D 80 -17.43 118.89 36.71
CA THR D 80 -17.82 119.06 38.10
C THR D 80 -18.99 118.17 38.40
N VAL D 81 -18.91 117.44 39.51
CA VAL D 81 -19.98 116.57 39.98
C VAL D 81 -20.40 117.04 41.35
N ILE D 82 -21.69 117.35 41.51
CA ILE D 82 -22.24 117.79 42.78
C ILE D 82 -23.30 116.78 43.19
N SER D 83 -23.20 116.29 44.42
CA SER D 83 -24.12 115.29 44.94
C SER D 83 -24.48 115.62 46.38
N GLY D 84 -25.70 115.26 46.77
CA GLY D 84 -26.14 115.49 48.13
C GLY D 84 -27.64 115.42 48.23
N SER D 85 -28.11 115.44 49.47
CA SER D 85 -29.54 115.43 49.74
C SER D 85 -30.16 116.76 49.31
N ALA D 86 -31.31 116.68 48.65
CA ALA D 86 -32.01 117.89 48.23
C ALA D 86 -32.49 118.70 49.43
N GLU D 87 -32.75 118.02 50.54
CA GLU D 87 -33.26 118.69 51.73
C GLU D 87 -32.24 119.63 52.35
N ASN D 88 -30.97 119.50 51.99
CA ASN D 88 -29.90 120.29 52.60
C ASN D 88 -29.23 121.22 51.59
N LEU D 89 -29.99 121.69 50.60
CA LEU D 89 -29.40 122.55 49.58
C LEU D 89 -28.87 123.84 50.18
N ALA D 90 -29.61 124.43 51.11
CA ALA D 90 -29.21 125.70 51.70
C ALA D 90 -27.81 125.60 52.31
N THR D 91 -27.57 124.53 53.07
CA THR D 91 -26.25 124.32 53.63
C THR D 91 -25.29 123.67 52.64
N LEU D 92 -25.81 122.99 51.62
CA LEU D 92 -24.92 122.43 50.60
C LEU D 92 -24.34 123.53 49.72
N LYS D 93 -25.09 124.61 49.48
CA LYS D 93 -24.57 125.71 48.69
C LYS D 93 -23.35 126.33 49.36
N ALA D 94 -23.38 126.46 50.69
CA ALA D 94 -22.21 126.94 51.41
C ALA D 94 -21.01 126.03 51.16
N GLU D 95 -21.24 124.73 51.01
CA GLU D 95 -20.16 123.82 50.68
C GLU D 95 -19.62 124.10 49.28
N TRP D 96 -20.51 124.44 48.35
CA TRP D 96 -20.07 124.74 47.00
C TRP D 96 -19.13 125.95 46.98
N GLU D 97 -19.57 127.05 47.59
CA GLU D 97 -18.75 128.27 47.57
C GLU D 97 -17.45 128.07 48.33
N THR D 98 -17.49 127.29 49.42
CA THR D 98 -16.25 126.95 50.11
C THR D 98 -15.35 126.12 49.21
N HIS D 99 -15.92 125.19 48.46
CA HIS D 99 -15.14 124.41 47.51
C HIS D 99 -14.52 125.29 46.44
N LYS D 100 -15.17 126.42 46.13
CA LYS D 100 -14.64 127.32 45.10
C LYS D 100 -13.29 127.88 45.52
N ARG D 101 -13.27 128.68 46.59
CA ARG D 101 -12.02 129.31 46.99
C ARG D 101 -10.99 128.28 47.40
N ASN D 102 -11.43 127.10 47.80
CA ASN D 102 -10.49 126.05 48.19
C ASN D 102 -9.64 125.61 47.00
N VAL D 103 -10.29 125.26 45.89
CA VAL D 103 -9.53 124.87 44.71
C VAL D 103 -8.81 126.08 44.10
N ASP D 104 -9.42 127.26 44.20
CA ASP D 104 -8.75 128.46 43.70
C ASP D 104 -7.44 128.71 44.42
N THR D 105 -7.37 128.36 45.70
CA THR D 105 -6.11 128.46 46.43
C THR D 105 -5.05 127.59 45.80
N LEU D 106 -5.41 126.35 45.45
CA LEU D 106 -4.47 125.46 44.78
C LEU D 106 -4.29 125.81 43.31
N PHE D 107 -5.37 126.19 42.63
CA PHE D 107 -5.32 126.35 41.18
C PHE D 107 -5.10 127.79 40.75
N ALA D 108 -5.96 128.70 41.20
CA ALA D 108 -5.85 130.09 40.76
C ALA D 108 -4.59 130.75 41.30
N SER D 109 -4.49 130.87 42.62
CA SER D 109 -3.31 131.48 43.22
C SER D 109 -2.09 130.59 43.07
N GLY D 110 -2.26 129.29 43.34
CA GLY D 110 -1.16 128.35 43.24
C GLY D 110 -0.88 127.94 41.80
N ASN D 111 0.12 127.07 41.66
CA ASN D 111 0.52 126.54 40.36
C ASN D 111 0.29 125.04 40.28
N ALA D 112 -0.75 124.55 40.95
CA ALA D 112 -1.03 123.12 40.92
C ALA D 112 -1.37 122.64 39.52
N GLY D 113 -1.94 123.50 38.68
CA GLY D 113 -2.27 123.09 37.33
C GLY D 113 -1.06 122.67 36.53
N LEU D 114 0.10 123.26 36.82
CA LEU D 114 1.33 122.83 36.17
C LEU D 114 1.72 121.42 36.56
N GLY D 115 1.15 120.88 37.64
CA GLY D 115 1.49 119.57 38.15
C GLY D 115 2.11 119.59 39.53
N PHE D 116 1.99 120.68 40.28
CA PHE D 116 2.69 120.79 41.55
C PHE D 116 1.74 120.62 42.72
N LEU D 117 2.30 120.32 43.87
CA LEU D 117 1.56 120.23 45.12
C LEU D 117 2.20 121.15 46.15
N ASP D 118 1.36 121.86 46.90
CA ASP D 118 1.82 122.77 47.95
C ASP D 118 1.12 122.40 49.26
N PRO D 119 1.71 121.50 50.04
CA PRO D 119 1.09 121.13 51.32
C PRO D 119 0.95 122.31 52.27
N THR D 120 1.75 123.36 52.08
CA THR D 120 1.68 124.54 52.94
C THR D 120 0.53 125.47 52.57
N ALA D 121 -0.25 125.14 51.54
CA ALA D 121 -1.32 126.04 51.12
C ALA D 121 -2.39 126.15 52.19
N ALA D 122 -3.14 127.25 52.13
CA ALA D 122 -4.19 127.54 53.10
C ALA D 122 -5.50 126.95 52.61
N ILE D 123 -5.88 125.80 53.17
CA ILE D 123 -7.14 125.13 52.86
C ILE D 123 -8.05 125.25 54.06
N VAL D 124 -9.25 125.78 53.84
CA VAL D 124 -10.17 126.10 54.92
C VAL D 124 -11.48 125.38 54.69
N SER D 125 -12.16 125.03 55.77
CA SER D 125 -13.44 124.35 55.70
C SER D 125 -14.59 125.35 55.68
N SER D 126 -15.77 124.85 55.34
CA SER D 126 -16.95 125.71 55.31
C SER D 126 -17.37 126.15 56.70
N ASP D 127 -17.22 125.27 57.69
CA ASP D 127 -17.64 125.58 59.04
C ASP D 127 -16.85 126.77 59.57
N THR D 128 -17.56 127.71 60.18
CA THR D 128 -16.96 128.92 60.70
C THR D 128 -16.87 128.85 62.23
N THR D 129 -16.22 129.84 62.81
CA THR D 129 -16.11 129.92 64.27
C THR D 129 -16.05 131.36 64.74
N ALA E 1 -54.01 128.72 50.20
CA ALA E 1 -53.85 127.99 48.96
C ALA E 1 -53.04 126.71 49.18
N ASN E 2 -52.59 126.12 48.08
CA ASN E 2 -51.78 124.91 48.12
C ASN E 2 -50.55 125.11 47.26
N LYS E 3 -49.46 124.45 47.63
CA LYS E 3 -48.19 124.64 46.93
C LYS E 3 -48.30 124.14 45.50
N PRO E 4 -48.04 124.98 44.50
CA PRO E 4 -47.97 124.48 43.13
C PRO E 4 -46.78 123.57 42.95
N MET E 5 -46.89 122.64 42.01
CA MET E 5 -45.83 121.69 41.72
C MET E 5 -45.29 121.92 40.31
N GLN E 6 -44.01 121.80 40.17
CA GLN E 6 -43.40 122.04 38.88
C GLN E 6 -43.12 120.72 38.16
N PRO E 7 -43.12 120.75 36.84
CA PRO E 7 -42.80 119.53 36.08
C PRO E 7 -41.37 119.08 36.33
N ILE E 8 -41.17 117.76 36.32
CA ILE E 8 -39.86 117.17 36.46
C ILE E 8 -39.41 116.52 35.16
N THR E 9 -40.20 115.61 34.62
CA THR E 9 -39.89 114.91 33.37
C THR E 9 -40.92 115.37 32.34
N SER E 10 -40.62 116.48 31.67
CA SER E 10 -41.51 117.01 30.66
C SER E 10 -41.32 116.24 29.36
N THR E 11 -42.38 115.58 28.89
CA THR E 11 -42.34 114.80 27.67
C THR E 11 -43.64 115.03 26.93
N ALA E 12 -43.65 114.66 25.64
CA ALA E 12 -44.84 114.85 24.82
C ALA E 12 -46.03 114.07 25.36
N ASN E 13 -45.80 113.03 26.15
CA ASN E 13 -46.87 112.21 26.68
C ASN E 13 -46.90 112.22 28.20
N LYS E 14 -45.73 112.26 28.83
CA LYS E 14 -45.61 112.17 30.28
C LYS E 14 -45.12 113.49 30.85
N ILE E 15 -45.87 114.04 31.80
CA ILE E 15 -45.42 115.17 32.59
C ILE E 15 -45.57 114.81 34.05
N VAL E 16 -44.47 114.91 34.80
CA VAL E 16 -44.43 114.51 36.19
C VAL E 16 -44.18 115.76 37.03
N TRP E 17 -45.12 116.06 37.92
CA TRP E 17 -45.00 117.21 38.80
C TRP E 17 -44.59 116.75 40.19
N SER E 18 -43.79 117.57 40.87
CA SER E 18 -43.38 117.28 42.24
C SER E 18 -43.34 118.57 43.03
N ASP E 19 -43.64 118.48 44.31
CA ASP E 19 -43.56 119.64 45.18
C ASP E 19 -42.10 120.01 45.40
N PRO E 20 -41.68 121.24 45.08
CA PRO E 20 -40.30 121.62 45.35
C PRO E 20 -39.92 121.51 46.82
N THR E 21 -40.83 121.81 47.73
CA THR E 21 -40.53 121.72 49.15
C THR E 21 -40.61 120.30 49.69
N ARG E 22 -41.21 119.38 48.95
CA ARG E 22 -41.28 117.98 49.37
C ARG E 22 -41.28 117.13 48.11
N LEU E 23 -40.10 116.63 47.72
CA LEU E 23 -39.98 115.88 46.48
C LEU E 23 -40.72 114.55 46.53
N SER E 24 -41.09 114.09 47.72
CA SER E 24 -41.85 112.84 47.82
C SER E 24 -43.20 112.97 47.14
N THR E 25 -43.89 114.10 47.37
CA THR E 25 -45.18 114.31 46.76
C THR E 25 -45.05 114.49 45.25
N THR E 26 -45.67 113.58 44.50
CA THR E 26 -45.61 113.63 43.05
C THR E 26 -47.00 113.41 42.48
N PHE E 27 -47.23 113.96 41.30
CA PHE E 27 -48.44 113.70 40.53
C PHE E 27 -48.07 113.68 39.06
N SER E 28 -48.12 112.50 38.46
CA SER E 28 -47.76 112.32 37.07
C SER E 28 -48.99 111.98 36.26
N ALA E 29 -49.06 112.51 35.05
CA ALA E 29 -50.14 112.23 34.11
C ALA E 29 -49.55 111.64 32.84
N SER E 30 -49.87 110.37 32.58
CA SER E 30 -49.40 109.68 31.39
C SER E 30 -50.56 109.58 30.41
N LEU E 31 -50.29 109.91 29.15
CA LEU E 31 -51.32 109.96 28.13
C LEU E 31 -50.83 109.20 26.89
N LEU E 32 -51.77 108.61 26.17
CA LEU E 32 -51.45 107.76 25.02
C LEU E 32 -52.55 107.91 23.97
N ARG E 33 -52.21 108.50 22.83
CA ARG E 33 -53.14 108.63 21.72
C ARG E 33 -52.97 107.48 20.74
N GLN E 34 -54.09 106.96 20.25
CA GLN E 34 -54.06 105.84 19.33
C GLN E 34 -55.24 105.92 18.37
N ARG E 35 -55.04 105.37 17.17
CA ARG E 35 -56.10 105.23 16.18
C ARG E 35 -56.56 103.79 16.21
N VAL E 36 -57.84 103.57 16.51
CA VAL E 36 -58.34 102.23 16.85
C VAL E 36 -59.50 101.89 15.93
N LYS E 37 -59.50 100.66 15.44
CA LYS E 37 -60.59 100.09 14.65
C LYS E 37 -61.38 99.13 15.51
N VAL E 38 -62.68 99.37 15.64
CA VAL E 38 -63.54 98.50 16.44
C VAL E 38 -64.50 97.73 15.53
N GLY E 39 -65.25 98.44 14.69
CA GLY E 39 -66.12 97.79 13.72
C GLY E 39 -66.70 98.81 12.76
N ILE E 40 -66.57 98.54 11.45
CA ILE E 40 -67.01 99.40 10.36
C ILE E 40 -66.86 100.89 10.68
N ALA E 41 -65.85 101.24 11.47
CA ALA E 41 -65.66 102.61 11.89
C ALA E 41 -64.27 102.78 12.47
N GLU E 42 -63.68 103.94 12.21
CA GLU E 42 -62.39 104.31 12.77
C GLU E 42 -62.58 105.30 13.90
N LEU E 43 -62.01 105.00 15.06
CA LEU E 43 -62.09 105.88 16.21
C LEU E 43 -60.70 106.08 16.80
N ASN E 44 -60.45 107.29 17.28
CA ASN E 44 -59.24 107.56 18.03
C ASN E 44 -59.48 107.31 19.52
N ASN E 45 -58.48 106.74 20.18
CA ASN E 45 -58.58 106.37 21.58
C ASN E 45 -57.53 107.13 22.38
N VAL E 46 -57.97 107.79 23.45
CA VAL E 46 -57.08 108.56 24.32
C VAL E 46 -57.13 107.91 25.70
N SER E 47 -55.97 107.48 26.18
CA SER E 47 -55.85 106.84 27.49
C SER E 47 -55.01 107.74 28.39
N GLY E 48 -55.56 108.11 29.54
CA GLY E 48 -54.84 108.96 30.48
C GLY E 48 -54.70 108.35 31.85
N GLN E 49 -53.47 107.99 32.23
CA GLN E 49 -53.19 107.46 33.55
C GLN E 49 -52.89 108.62 34.49
N TYR E 50 -53.73 108.80 35.50
CA TYR E 50 -53.61 109.91 36.43
C TYR E 50 -53.32 109.33 37.81
N VAL E 51 -52.06 109.39 38.23
CA VAL E 51 -51.63 108.81 39.50
C VAL E 51 -50.96 109.88 40.33
N SER E 52 -51.36 109.99 41.60
CA SER E 52 -50.77 110.90 42.56
C SER E 52 -50.30 110.10 43.75
N VAL E 53 -49.06 110.35 44.17
CA VAL E 53 -48.43 109.58 45.24
C VAL E 53 -47.99 110.54 46.34
N TYR E 54 -48.39 110.21 47.58
CA TYR E 54 -47.95 110.96 48.75
C TYR E 54 -47.35 109.96 49.74
N LYS E 55 -46.17 110.28 50.25
CA LYS E 55 -45.50 109.44 51.24
C LYS E 55 -45.85 109.97 52.62
N ARG E 56 -47.08 109.72 53.02
CA ARG E 56 -47.60 110.24 54.27
C ARG E 56 -46.93 109.55 55.45
N PRO E 57 -46.54 110.30 56.49
CA PRO E 57 -45.99 109.66 57.68
C PRO E 57 -47.05 108.89 58.45
N ALA E 58 -46.59 108.00 59.32
CA ALA E 58 -47.50 107.20 60.13
C ALA E 58 -48.29 108.11 61.07
N PRO E 59 -49.53 107.74 61.40
CA PRO E 59 -50.35 108.59 62.27
C PRO E 59 -49.73 108.73 63.65
N LYS E 60 -49.85 109.93 64.21
CA LYS E 60 -49.32 110.18 65.53
C LYS E 60 -50.16 109.44 66.58
N PRO E 61 -49.57 108.55 67.36
CA PRO E 61 -50.36 107.80 68.34
C PRO E 61 -51.01 108.72 69.36
N GLU E 62 -52.24 108.36 69.74
CA GLU E 62 -53.06 109.10 70.69
C GLU E 62 -52.94 110.61 70.52
N GLY E 63 -52.86 111.36 71.61
CA GLY E 63 -52.94 112.80 71.51
C GLY E 63 -51.72 113.59 71.92
N CYS E 64 -50.52 113.00 71.82
CA CYS E 64 -49.32 113.76 72.13
C CYS E 64 -48.92 114.59 70.92
N ALA E 65 -48.72 115.89 71.15
CA ALA E 65 -48.08 116.73 70.13
C ALA E 65 -46.59 116.48 70.07
N ASP E 66 -45.96 116.35 71.25
CA ASP E 66 -44.52 116.14 71.38
C ASP E 66 -43.75 117.11 70.50
N ALA E 67 -42.78 116.59 69.74
CA ALA E 67 -41.93 117.43 68.91
C ALA E 67 -41.13 116.58 67.93
N CYS E 68 -39.89 116.24 68.29
CA CYS E 68 -39.00 115.49 67.41
C CYS E 68 -39.26 113.98 67.57
N VAL E 69 -40.39 113.54 67.03
CA VAL E 69 -40.69 112.12 66.94
C VAL E 69 -41.02 111.76 65.51
N ILE E 70 -40.15 110.97 64.88
CA ILE E 70 -40.33 110.60 63.48
C ILE E 70 -40.88 109.19 63.42
N MET E 71 -41.82 108.97 62.50
CA MET E 71 -42.35 107.63 62.28
C MET E 71 -42.28 107.32 60.80
N PRO E 72 -42.13 106.04 60.43
CA PRO E 72 -41.97 105.70 59.01
C PRO E 72 -43.15 106.17 58.19
N ASN E 73 -42.87 106.65 56.99
CA ASN E 73 -43.87 107.20 56.09
C ASN E 73 -44.40 106.09 55.19
N GLU E 74 -45.71 106.05 55.00
CA GLU E 74 -46.36 105.08 54.15
C GLU E 74 -46.88 105.74 52.88
N ASN E 75 -46.85 104.99 51.79
CA ASN E 75 -47.28 105.51 50.51
C ASN E 75 -48.80 105.62 50.44
N GLN E 76 -49.27 106.53 49.59
CA GLN E 76 -50.71 106.73 49.36
C GLN E 76 -50.89 106.92 47.86
N SER E 77 -51.14 105.82 47.15
CA SER E 77 -51.22 105.82 45.69
C SER E 77 -52.68 105.86 45.27
N ILE E 78 -53.02 106.83 44.41
CA ILE E 78 -54.37 107.02 43.91
C ILE E 78 -54.26 107.15 42.41
N ARG E 79 -54.63 106.10 41.68
CA ARG E 79 -54.39 106.03 40.26
C ARG E 79 -55.70 105.83 39.51
N THR E 80 -55.92 106.64 38.48
CA THR E 80 -57.10 106.55 37.64
C THR E 80 -56.68 106.45 36.18
N VAL E 81 -57.52 105.80 35.38
CA VAL E 81 -57.30 105.70 33.94
C VAL E 81 -58.58 106.16 33.25
N ILE E 82 -58.43 106.72 32.05
CA ILE E 82 -59.55 107.17 31.24
C ILE E 82 -59.43 106.50 29.88
N SER E 83 -60.53 105.96 29.38
CA SER E 83 -60.56 105.34 28.06
C SER E 83 -61.79 105.83 27.31
N GLY E 84 -61.60 106.25 26.07
CA GLY E 84 -62.71 106.73 25.28
C GLY E 84 -62.23 107.34 23.98
N SER E 85 -63.16 107.95 23.26
CA SER E 85 -62.87 108.57 21.97
C SER E 85 -63.01 110.08 22.09
N ALA E 86 -62.18 110.80 21.34
CA ALA E 86 -62.17 112.26 21.42
C ALA E 86 -63.51 112.85 20.98
N GLU E 87 -64.11 112.27 19.93
CA GLU E 87 -65.42 112.75 19.50
C GLU E 87 -66.48 112.53 20.57
N ASN E 88 -66.23 111.62 21.50
CA ASN E 88 -67.11 111.40 22.64
C ASN E 88 -66.57 112.02 23.91
N LEU E 89 -65.65 112.99 23.79
CA LEU E 89 -65.08 113.61 24.98
C LEU E 89 -66.14 114.36 25.79
N ALA E 90 -67.07 115.02 25.11
CA ALA E 90 -68.08 115.81 25.81
C ALA E 90 -68.95 114.92 26.69
N THR E 91 -69.36 113.77 26.18
CA THR E 91 -70.12 112.81 26.97
C THR E 91 -69.25 112.02 27.94
N LEU E 92 -67.94 111.92 27.68
CA LEU E 92 -67.06 111.31 28.67
C LEU E 92 -66.93 112.19 29.91
N LYS E 93 -67.00 113.51 29.74
CA LYS E 93 -66.92 114.41 30.89
C LYS E 93 -68.07 114.13 31.86
N ALA E 94 -69.27 113.92 31.33
CA ALA E 94 -70.41 113.61 32.19
C ALA E 94 -70.19 112.31 32.93
N GLU E 95 -69.65 111.29 32.26
CA GLU E 95 -69.35 110.04 32.94
C GLU E 95 -68.25 110.23 33.98
N TRP E 96 -67.27 111.08 33.67
CA TRP E 96 -66.20 111.32 34.62
C TRP E 96 -66.73 111.97 35.89
N GLU E 97 -67.62 112.95 35.76
CA GLU E 97 -68.12 113.65 36.94
C GLU E 97 -69.12 112.79 37.70
N THR E 98 -69.91 111.99 37.00
CA THR E 98 -70.82 111.10 37.71
C THR E 98 -70.06 109.94 38.34
N HIS E 99 -68.89 109.60 37.78
CA HIS E 99 -68.00 108.68 38.46
C HIS E 99 -67.51 109.28 39.76
N LYS E 100 -67.23 110.58 39.75
CA LYS E 100 -66.80 111.26 40.98
C LYS E 100 -67.88 111.16 42.05
N ARG E 101 -69.12 111.47 41.70
CA ARG E 101 -70.19 111.44 42.70
C ARG E 101 -70.46 110.01 43.16
N ASN E 102 -70.33 109.03 42.27
CA ASN E 102 -70.50 107.65 42.68
C ASN E 102 -69.42 107.25 43.69
N VAL E 103 -68.18 107.65 43.43
CA VAL E 103 -67.09 107.26 44.31
C VAL E 103 -67.21 107.95 45.67
N ASP E 104 -67.43 109.26 45.67
CA ASP E 104 -67.42 109.99 46.94
C ASP E 104 -68.60 109.57 47.81
N THR E 105 -69.77 109.35 47.22
CA THR E 105 -70.91 108.89 48.00
C THR E 105 -70.65 107.49 48.55
N LEU E 106 -69.72 106.76 47.94
CA LEU E 106 -69.38 105.43 48.42
C LEU E 106 -68.11 105.44 49.26
N PHE E 107 -67.20 106.37 48.99
CA PHE E 107 -65.92 106.41 49.69
C PHE E 107 -65.77 107.64 50.58
N ALA E 108 -65.96 108.84 50.04
CA ALA E 108 -65.80 110.05 50.85
C ALA E 108 -66.86 110.10 51.95
N SER E 109 -68.13 110.21 51.56
CA SER E 109 -69.19 110.20 52.55
C SER E 109 -69.33 108.83 53.19
N GLY E 110 -69.17 107.77 52.41
CA GLY E 110 -69.27 106.43 52.92
C GLY E 110 -68.05 106.03 53.71
N ASN E 111 -68.03 104.76 54.13
CA ASN E 111 -66.94 104.21 54.92
C ASN E 111 -66.21 103.09 54.20
N ALA E 112 -66.27 103.06 52.87
CA ALA E 112 -65.53 102.06 52.12
C ALA E 112 -64.03 102.21 52.30
N GLY E 113 -63.56 103.41 52.65
CA GLY E 113 -62.15 103.57 52.94
C GLY E 113 -61.70 102.75 54.13
N LEU E 114 -62.58 102.58 55.11
CA LEU E 114 -62.27 101.72 56.25
C LEU E 114 -62.30 100.24 55.89
N GLY E 115 -62.78 99.90 54.70
CA GLY E 115 -62.96 98.50 54.33
C GLY E 115 -64.39 98.02 54.40
N PHE E 116 -65.31 98.84 54.88
CA PHE E 116 -66.71 98.46 54.99
C PHE E 116 -67.44 98.92 53.73
N LEU E 117 -67.83 97.97 52.89
CA LEU E 117 -68.57 98.28 51.67
C LEU E 117 -70.06 98.12 51.92
N ASP E 118 -70.84 99.06 51.37
CA ASP E 118 -72.27 99.15 51.67
C ASP E 118 -73.10 98.78 50.45
N PRO E 119 -73.75 97.62 50.44
CA PRO E 119 -74.62 97.28 49.30
C PRO E 119 -75.79 98.21 49.12
N THR E 120 -76.31 98.79 50.21
CA THR E 120 -77.50 99.62 50.12
C THR E 120 -77.19 101.08 49.83
N ALA E 121 -75.92 101.46 49.75
CA ALA E 121 -75.58 102.84 49.46
C ALA E 121 -76.02 103.23 48.06
N ALA E 122 -76.91 104.21 47.97
CA ALA E 122 -77.51 104.58 46.70
C ALA E 122 -76.49 105.30 45.82
N ILE E 123 -76.39 104.88 44.56
CA ILE E 123 -75.50 105.50 43.60
C ILE E 123 -76.30 105.79 42.32
N VAL E 124 -75.76 106.71 41.52
CA VAL E 124 -76.52 107.38 40.46
C VAL E 124 -75.85 107.08 39.12
N SER E 125 -76.66 107.01 38.07
CA SER E 125 -76.15 106.75 36.73
C SER E 125 -75.66 108.04 36.08
N SER E 126 -75.21 107.92 34.83
CA SER E 126 -74.68 109.07 34.10
C SER E 126 -75.79 109.88 33.45
N ASP E 127 -76.53 109.26 32.53
CA ASP E 127 -77.53 109.98 31.77
C ASP E 127 -78.70 110.41 32.66
N THR E 128 -79.24 111.59 32.37
CA THR E 128 -80.32 112.14 33.15
C THR E 128 -81.63 111.43 32.83
N THR E 129 -82.62 111.62 33.71
CA THR E 129 -83.93 111.00 33.52
C THR E 129 -84.72 111.72 32.43
N ALA F 1 14.67 -88.15 120.82
CA ALA F 1 13.37 -88.39 120.22
C ALA F 1 13.06 -87.34 119.16
N ASN F 2 13.24 -87.71 117.90
CA ASN F 2 13.03 -86.80 116.77
C ASN F 2 11.59 -86.90 116.29
N LYS F 3 11.00 -85.77 115.96
CA LYS F 3 9.61 -85.74 115.51
C LYS F 3 9.49 -86.38 114.13
N PRO F 4 8.69 -87.43 113.97
CA PRO F 4 8.44 -87.95 112.63
C PRO F 4 7.59 -86.99 111.82
N MET F 5 7.76 -87.04 110.50
CA MET F 5 6.90 -86.30 109.58
C MET F 5 5.98 -87.26 108.86
N GLN F 6 4.72 -86.89 108.74
CA GLN F 6 3.91 -87.60 107.77
C GLN F 6 4.10 -86.97 106.40
N PRO F 7 3.90 -87.73 105.33
CA PRO F 7 3.99 -87.13 104.01
C PRO F 7 2.86 -86.14 103.78
N ILE F 8 3.13 -85.12 102.97
CA ILE F 8 2.12 -84.16 102.58
C ILE F 8 1.73 -84.29 101.12
N THR F 9 2.53 -84.96 100.30
CA THR F 9 2.16 -85.27 98.93
C THR F 9 2.89 -86.52 98.51
N SER F 10 2.14 -87.55 98.11
CA SER F 10 2.71 -88.84 97.76
C SER F 10 2.49 -89.13 96.29
N THR F 11 3.56 -89.56 95.63
CA THR F 11 3.51 -89.91 94.22
C THR F 11 4.50 -91.03 93.98
N ALA F 12 4.29 -91.77 92.89
CA ALA F 12 5.20 -92.85 92.56
C ALA F 12 6.58 -92.37 92.16
N ASN F 13 6.74 -91.07 91.93
CA ASN F 13 8.05 -90.51 91.56
C ASN F 13 8.57 -89.51 92.57
N LYS F 14 7.77 -89.10 93.55
CA LYS F 14 8.21 -88.09 94.51
C LYS F 14 7.34 -88.07 95.75
N ILE F 15 7.96 -88.18 96.93
CA ILE F 15 7.25 -88.10 98.20
C ILE F 15 7.91 -87.02 99.03
N VAL F 16 7.10 -86.13 99.61
CA VAL F 16 7.59 -85.01 100.37
C VAL F 16 7.04 -85.11 101.79
N TRP F 17 7.92 -85.26 102.76
CA TRP F 17 7.54 -85.20 104.16
C TRP F 17 7.73 -83.77 104.67
N SER F 18 6.98 -83.44 105.73
CA SER F 18 7.07 -82.12 106.33
C SER F 18 6.66 -82.23 107.79
N ASP F 19 7.37 -81.51 108.64
CA ASP F 19 7.08 -81.54 110.07
C ASP F 19 5.72 -80.90 110.33
N PRO F 20 4.83 -81.56 111.08
CA PRO F 20 3.54 -80.94 111.38
C PRO F 20 3.65 -79.62 112.14
N THR F 21 4.60 -79.51 113.07
CA THR F 21 4.77 -78.28 113.81
C THR F 21 5.40 -77.20 112.94
N ARG F 22 6.42 -77.55 112.19
CA ARG F 22 7.13 -76.63 111.30
C ARG F 22 7.01 -77.15 109.88
N LEU F 23 6.07 -76.58 109.12
CA LEU F 23 5.91 -76.99 107.73
C LEU F 23 7.05 -76.51 106.84
N SER F 24 7.89 -75.60 107.34
CA SER F 24 9.00 -75.10 106.54
C SER F 24 10.02 -76.20 106.27
N THR F 25 10.42 -76.93 107.30
CA THR F 25 11.40 -77.99 107.11
C THR F 25 10.76 -79.17 106.39
N THR F 26 11.48 -79.70 105.40
CA THR F 26 10.94 -80.75 104.55
C THR F 26 12.02 -81.79 104.28
N PHE F 27 11.60 -82.88 103.65
CA PHE F 27 12.53 -83.89 103.14
C PHE F 27 11.84 -84.61 101.99
N SER F 28 12.28 -84.34 100.77
CA SER F 28 11.64 -84.86 99.58
C SER F 28 12.56 -85.86 98.90
N ALA F 29 12.03 -87.02 98.52
CA ALA F 29 12.77 -88.04 97.80
C ALA F 29 12.15 -88.21 96.42
N SER F 30 12.97 -88.08 95.39
CA SER F 30 12.51 -88.22 94.01
C SER F 30 13.39 -89.23 93.29
N LEU F 31 12.75 -90.10 92.51
CA LEU F 31 13.42 -91.14 91.77
C LEU F 31 13.15 -90.99 90.29
N LEU F 32 14.19 -91.16 89.49
CA LEU F 32 14.11 -91.10 88.03
C LEU F 32 14.74 -92.37 87.49
N ARG F 33 13.91 -93.29 87.01
CA ARG F 33 14.35 -94.58 86.50
C ARG F 33 14.35 -94.56 84.99
N GLN F 34 15.44 -95.05 84.39
CA GLN F 34 15.56 -95.08 82.95
C GLN F 34 16.33 -96.32 82.53
N ARG F 35 16.36 -96.55 81.22
CA ARG F 35 16.98 -97.73 80.63
C ARG F 35 18.32 -97.32 80.03
N VAL F 36 19.38 -98.02 80.40
CA VAL F 36 20.74 -97.64 80.03
C VAL F 36 21.36 -98.76 79.20
N LYS F 37 22.11 -98.37 78.18
CA LYS F 37 22.73 -99.31 77.26
C LYS F 37 24.19 -99.53 77.63
N VAL F 38 24.60 -100.79 77.62
CA VAL F 38 25.98 -101.19 77.90
C VAL F 38 26.42 -102.18 76.84
N GLY F 39 27.55 -102.83 77.07
CA GLY F 39 28.14 -103.70 76.06
C GLY F 39 27.30 -104.94 75.82
N ILE F 40 26.20 -104.74 75.11
CA ILE F 40 25.21 -105.73 74.67
C ILE F 40 24.68 -106.48 75.91
N ALA F 41 24.55 -105.75 77.01
CA ALA F 41 23.79 -106.20 78.16
C ALA F 41 22.71 -105.18 78.45
N GLU F 42 21.75 -105.57 79.29
CA GLU F 42 20.63 -104.72 79.64
C GLU F 42 20.68 -104.38 81.12
N LEU F 43 20.68 -103.08 81.42
CA LEU F 43 20.71 -102.61 82.80
C LEU F 43 19.64 -101.56 83.00
N ASN F 44 19.11 -101.51 84.22
CA ASN F 44 18.12 -100.52 84.62
C ASN F 44 18.77 -99.57 85.61
N ASN F 45 18.74 -98.28 85.31
CA ASN F 45 19.41 -97.26 86.11
C ASN F 45 18.38 -96.39 86.81
N VAL F 46 18.65 -96.09 88.07
CA VAL F 46 17.80 -95.23 88.89
C VAL F 46 18.65 -94.10 89.44
N SER F 47 18.05 -92.92 89.54
CA SER F 47 18.74 -91.74 90.10
C SER F 47 17.84 -91.16 91.19
N GLY F 48 18.09 -91.57 92.43
CA GLY F 48 17.30 -91.12 93.54
C GLY F 48 17.84 -89.84 94.11
N GLN F 49 17.09 -88.76 93.94
CA GLN F 49 17.46 -87.44 94.41
C GLN F 49 16.79 -87.18 95.75
N TYR F 50 17.58 -86.93 96.78
CA TYR F 50 17.10 -86.72 98.13
C TYR F 50 17.45 -85.31 98.57
N VAL F 51 16.46 -84.54 98.97
CA VAL F 51 16.66 -83.15 99.36
C VAL F 51 16.11 -82.96 100.77
N SER F 52 16.93 -82.41 101.66
CA SER F 52 16.51 -82.05 103.00
C SER F 52 16.70 -80.54 103.17
N VAL F 53 15.62 -79.86 103.55
CA VAL F 53 15.61 -78.40 103.64
C VAL F 53 15.17 -78.01 105.04
N TYR F 54 15.87 -77.07 105.65
CA TYR F 54 15.52 -76.53 106.96
C TYR F 54 15.49 -75.01 106.89
N LYS F 55 14.52 -74.42 107.56
CA LYS F 55 14.40 -72.97 107.70
C LYS F 55 14.65 -72.59 109.15
N ARG F 56 15.61 -71.71 109.38
CA ARG F 56 15.90 -71.24 110.73
C ARG F 56 16.58 -69.88 110.63
N PRO F 57 16.31 -69.00 111.59
CA PRO F 57 16.99 -67.70 111.60
C PRO F 57 18.42 -67.84 112.12
N ALA F 58 19.38 -67.80 111.20
CA ALA F 58 20.78 -67.89 111.60
C ALA F 58 21.24 -66.67 112.39
N PRO F 59 20.98 -65.41 111.96
CA PRO F 59 21.70 -64.26 112.50
C PRO F 59 21.99 -64.21 113.99
N LYS F 60 21.03 -64.59 114.85
CA LYS F 60 21.01 -64.14 116.24
C LYS F 60 22.37 -64.29 116.92
N PRO F 61 23.07 -63.18 117.12
CA PRO F 61 24.38 -63.20 117.75
C PRO F 61 24.34 -62.92 119.24
N GLU F 62 25.52 -62.80 119.85
CA GLU F 62 25.75 -62.27 121.19
C GLU F 62 24.80 -62.82 122.26
N GLY F 63 24.56 -62.04 123.29
CA GLY F 63 23.81 -62.50 124.45
C GLY F 63 22.35 -62.09 124.52
N CYS F 64 21.94 -61.09 123.75
CA CYS F 64 20.53 -60.71 123.73
C CYS F 64 19.67 -61.82 123.15
N ALA F 65 18.83 -62.41 124.00
CA ALA F 65 17.71 -63.22 123.54
C ALA F 65 16.45 -62.38 123.40
N ASP F 66 16.54 -61.08 123.68
CA ASP F 66 15.51 -60.06 123.52
C ASP F 66 14.10 -60.58 123.72
N ALA F 67 13.24 -60.38 122.73
CA ALA F 67 11.82 -60.65 122.82
C ALA F 67 11.31 -61.15 121.47
N CYS F 68 10.02 -60.95 121.21
CA CYS F 68 9.45 -61.28 119.90
C CYS F 68 10.04 -60.32 118.87
N VAL F 69 11.18 -60.68 118.29
CA VAL F 69 11.76 -59.95 117.18
C VAL F 69 12.02 -60.96 116.07
N ILE F 70 11.09 -61.03 115.12
CA ILE F 70 11.07 -62.12 114.16
C ILE F 70 12.22 -61.92 113.20
N MET F 71 13.29 -62.65 113.45
CA MET F 71 14.57 -62.54 112.76
C MET F 71 14.40 -63.05 111.33
N PRO F 72 15.07 -62.41 110.36
CA PRO F 72 15.02 -62.92 108.99
C PRO F 72 15.56 -64.34 108.90
N ASN F 73 14.95 -65.11 108.00
CA ASN F 73 15.20 -66.54 107.89
C ASN F 73 16.24 -66.79 106.79
N GLU F 74 16.71 -68.03 106.69
CA GLU F 74 17.72 -68.39 105.70
C GLU F 74 17.66 -69.91 105.48
N ASN F 75 18.32 -70.35 104.43
CA ASN F 75 18.21 -71.72 103.95
C ASN F 75 19.35 -72.60 104.42
N GLN F 76 19.04 -73.86 104.69
CA GLN F 76 20.03 -74.90 104.95
C GLN F 76 19.55 -76.14 104.21
N SER F 77 20.11 -76.37 103.03
CA SER F 77 19.66 -77.45 102.15
C SER F 77 20.77 -78.48 101.97
N ILE F 78 20.36 -79.74 101.97
CA ILE F 78 21.26 -80.86 101.72
C ILE F 78 20.64 -81.72 100.64
N ARG F 79 21.34 -81.87 99.51
CA ARG F 79 20.85 -82.66 98.39
C ARG F 79 21.80 -83.81 98.13
N THR F 80 21.24 -84.98 97.85
CA THR F 80 22.02 -86.17 97.56
C THR F 80 21.35 -86.91 96.42
N VAL F 81 22.13 -87.30 95.41
CA VAL F 81 21.63 -88.10 94.30
C VAL F 81 22.44 -89.38 94.25
N ILE F 82 21.74 -90.51 94.10
CA ILE F 82 22.36 -91.83 94.03
C ILE F 82 22.06 -92.38 92.64
N SER F 83 23.11 -92.71 91.90
CA SER F 83 22.96 -93.23 90.55
C SER F 83 23.67 -94.57 90.44
N GLY F 84 23.14 -95.42 89.58
CA GLY F 84 23.72 -96.74 89.38
C GLY F 84 22.63 -97.75 89.11
N SER F 85 23.05 -98.85 88.49
CA SER F 85 22.13 -99.92 88.15
C SER F 85 21.60 -100.59 89.40
N ALA F 86 20.32 -100.95 89.39
CA ALA F 86 19.74 -101.68 90.51
C ALA F 86 20.33 -103.06 90.66
N GLU F 87 20.92 -103.61 89.60
CA GLU F 87 21.54 -104.92 89.66
C GLU F 87 22.81 -104.94 90.49
N ASN F 88 23.37 -103.77 90.79
CA ASN F 88 24.53 -103.66 91.66
C ASN F 88 24.17 -102.95 92.97
N LEU F 89 22.97 -103.20 93.48
CA LEU F 89 22.53 -102.52 94.68
C LEU F 89 23.37 -102.88 95.89
N ALA F 90 23.75 -104.15 96.02
CA ALA F 90 24.47 -104.59 97.21
C ALA F 90 25.79 -103.86 97.34
N THR F 91 26.52 -103.71 96.25
CA THR F 91 27.78 -102.96 96.28
C THR F 91 27.54 -101.45 96.31
N LEU F 92 26.45 -100.98 95.72
CA LEU F 92 26.15 -99.55 95.76
C LEU F 92 25.91 -99.09 97.19
N LYS F 93 25.25 -99.92 98.00
CA LYS F 93 25.08 -99.59 99.41
C LYS F 93 26.43 -99.47 100.10
N ALA F 94 27.37 -100.37 99.77
CA ALA F 94 28.73 -100.24 100.29
C ALA F 94 29.36 -98.94 99.83
N GLU F 95 29.12 -98.55 98.59
CA GLU F 95 29.57 -97.24 98.12
C GLU F 95 28.97 -96.13 98.94
N TRP F 96 27.68 -96.24 99.27
CA TRP F 96 27.02 -95.19 100.02
C TRP F 96 27.62 -95.03 101.41
N GLU F 97 27.97 -96.16 102.04
CA GLU F 97 28.56 -96.10 103.38
C GLU F 97 29.89 -95.37 103.38
N THR F 98 30.77 -95.70 102.43
CA THR F 98 32.08 -95.06 102.39
C THR F 98 31.96 -93.59 102.04
N HIS F 99 31.02 -93.25 101.16
CA HIS F 99 30.79 -91.84 100.84
C HIS F 99 30.40 -91.07 102.09
N LYS F 100 29.67 -91.72 103.01
CA LYS F 100 29.30 -91.06 104.25
C LYS F 100 30.54 -90.72 105.08
N ARG F 101 31.39 -91.72 105.32
CA ARG F 101 32.54 -91.49 106.19
C ARG F 101 33.56 -90.57 105.53
N ASN F 102 33.60 -90.54 104.20
CA ASN F 102 34.49 -89.63 103.51
C ASN F 102 34.07 -88.18 103.75
N VAL F 103 32.77 -87.89 103.61
CA VAL F 103 32.28 -86.54 103.86
C VAL F 103 32.46 -86.18 105.33
N ASP F 104 32.20 -87.13 106.22
CA ASP F 104 32.35 -86.87 107.65
C ASP F 104 33.77 -86.45 107.98
N THR F 105 34.76 -87.02 107.30
CA THR F 105 36.14 -86.64 107.55
C THR F 105 36.38 -85.18 107.21
N LEU F 106 35.92 -84.75 106.04
CA LEU F 106 36.13 -83.38 105.62
C LEU F 106 35.18 -82.40 106.31
N PHE F 107 33.94 -82.81 106.56
CA PHE F 107 32.90 -81.88 106.99
C PHE F 107 32.52 -82.04 108.45
N ALA F 108 32.13 -83.25 108.87
CA ALA F 108 31.74 -83.45 110.26
C ALA F 108 32.90 -83.19 111.20
N SER F 109 34.10 -83.65 110.84
CA SER F 109 35.28 -83.47 111.68
C SER F 109 36.20 -82.36 111.20
N GLY F 110 36.28 -82.12 109.89
CA GLY F 110 37.14 -81.09 109.34
C GLY F 110 36.44 -79.75 109.29
N ASN F 111 37.08 -78.82 108.59
CA ASN F 111 36.59 -77.46 108.45
C ASN F 111 36.09 -77.17 107.04
N ALA F 112 35.61 -78.21 106.34
CA ALA F 112 35.12 -78.01 104.98
C ALA F 112 33.92 -77.09 104.96
N GLY F 113 33.01 -77.24 105.92
CA GLY F 113 31.84 -76.38 105.95
C GLY F 113 32.19 -74.93 106.17
N LEU F 114 33.22 -74.65 106.95
CA LEU F 114 33.64 -73.28 107.17
C LEU F 114 34.21 -72.62 105.92
N GLY F 115 34.49 -73.40 104.88
CA GLY F 115 35.12 -72.89 103.68
C GLY F 115 36.57 -73.29 103.52
N PHE F 116 37.10 -74.12 104.40
CA PHE F 116 38.48 -74.54 104.31
C PHE F 116 38.58 -75.90 103.63
N LEU F 117 39.75 -76.17 103.06
CA LEU F 117 40.02 -77.46 102.45
C LEU F 117 41.32 -78.01 103.03
N ASP F 118 41.32 -79.31 103.32
CA ASP F 118 42.43 -79.97 104.01
C ASP F 118 43.00 -81.06 103.10
N PRO F 119 43.99 -80.74 102.27
CA PRO F 119 44.53 -81.76 101.38
C PRO F 119 45.51 -82.68 102.08
N THR F 120 45.14 -83.14 103.27
CA THR F 120 45.90 -84.17 103.96
C THR F 120 45.01 -85.14 104.75
N ALA F 121 43.69 -85.03 104.63
CA ALA F 121 42.79 -85.88 105.39
C ALA F 121 42.86 -87.32 104.88
N ALA F 122 42.32 -88.23 105.70
CA ALA F 122 42.31 -89.66 105.38
C ALA F 122 41.01 -89.97 104.64
N ILE F 123 41.12 -90.23 103.34
CA ILE F 123 39.98 -90.59 102.51
C ILE F 123 40.19 -92.02 102.02
N VAL F 124 39.25 -92.90 102.33
CA VAL F 124 39.39 -94.32 102.05
C VAL F 124 38.41 -94.71 100.96
N SER F 125 38.75 -95.77 100.23
CA SER F 125 37.94 -96.25 99.13
C SER F 125 36.98 -97.34 99.58
N SER F 126 35.96 -97.58 98.76
CA SER F 126 35.03 -98.66 99.04
C SER F 126 35.72 -100.01 99.01
N ASP F 127 36.64 -100.19 98.05
CA ASP F 127 37.36 -101.45 97.96
C ASP F 127 38.24 -101.64 99.18
N THR F 128 38.05 -102.77 99.86
CA THR F 128 38.81 -103.05 101.06
C THR F 128 40.06 -103.86 100.72
N THR F 129 40.92 -104.06 101.71
CA THR F 129 42.17 -104.78 101.48
C THR F 129 42.19 -106.12 102.19
N ALA G 1 6.97 -121.63 93.78
CA ALA G 1 5.94 -120.59 93.77
C ALA G 1 6.41 -119.37 93.02
N ASN G 2 5.49 -118.71 92.31
CA ASN G 2 5.84 -117.52 91.56
C ASN G 2 6.22 -116.39 92.51
N LYS G 3 7.23 -115.62 92.12
CA LYS G 3 7.68 -114.52 92.97
C LYS G 3 6.61 -113.45 93.05
N PRO G 4 6.43 -112.83 94.21
CA PRO G 4 5.44 -111.75 94.33
C PRO G 4 5.81 -110.59 93.42
N MET G 5 4.79 -109.93 92.92
CA MET G 5 4.95 -108.83 91.98
C MET G 5 4.67 -107.52 92.73
N GLN G 6 5.34 -106.43 92.34
CA GLN G 6 5.12 -105.19 93.08
C GLN G 6 4.93 -103.99 92.16
N PRO G 7 4.13 -103.01 92.57
CA PRO G 7 3.87 -101.86 91.70
C PRO G 7 5.07 -100.92 91.61
N ILE G 8 5.12 -100.18 90.51
CA ILE G 8 6.14 -99.16 90.30
C ILE G 8 5.49 -97.79 90.29
N THR G 9 4.60 -97.55 89.33
CA THR G 9 3.98 -96.25 89.16
C THR G 9 2.47 -96.36 89.27
N SER G 10 1.87 -95.35 89.88
CA SER G 10 0.42 -95.28 90.03
C SER G 10 -0.10 -94.05 89.30
N THR G 11 -1.27 -94.20 88.69
CA THR G 11 -1.85 -93.15 87.89
C THR G 11 -3.37 -93.29 87.99
N ALA G 12 -4.09 -92.22 87.62
CA ALA G 12 -5.54 -92.23 87.71
C ALA G 12 -6.14 -93.37 86.89
N ASN G 13 -5.45 -93.84 85.85
CA ASN G 13 -6.02 -94.85 84.98
C ASN G 13 -5.09 -96.02 84.79
N LYS G 14 -3.80 -95.85 85.07
CA LYS G 14 -2.80 -96.86 84.79
C LYS G 14 -2.04 -97.22 86.06
N ILE G 15 -1.90 -98.53 86.29
CA ILE G 15 -1.06 -99.05 87.37
C ILE G 15 -0.07 -100.02 86.74
N VAL G 16 1.21 -99.88 87.08
CA VAL G 16 2.26 -100.69 86.50
C VAL G 16 2.98 -101.44 87.62
N TRP G 17 3.11 -102.75 87.45
CA TRP G 17 3.86 -103.59 88.36
C TRP G 17 5.15 -104.05 87.69
N SER G 18 6.22 -104.18 88.48
CA SER G 18 7.47 -104.71 87.98
C SER G 18 8.13 -105.54 89.07
N ASP G 19 8.75 -106.64 88.66
CA ASP G 19 9.35 -107.56 89.62
C ASP G 19 10.53 -106.92 90.33
N PRO G 20 10.68 -107.12 91.64
CA PRO G 20 11.81 -106.49 92.33
C PRO G 20 13.17 -107.03 91.92
N THR G 21 13.31 -108.35 91.78
CA THR G 21 14.62 -108.91 91.48
C THR G 21 14.92 -108.95 89.99
N ARG G 22 13.95 -108.61 89.14
CA ARG G 22 14.21 -108.48 87.70
C ARG G 22 13.26 -107.41 87.17
N LEU G 23 13.78 -106.21 86.99
CA LEU G 23 12.94 -105.07 86.61
C LEU G 23 12.46 -105.17 85.17
N SER G 24 13.08 -106.03 84.35
CA SER G 24 12.70 -106.11 82.94
C SER G 24 11.27 -106.58 82.79
N THR G 25 10.88 -107.61 83.54
CA THR G 25 9.53 -108.13 83.43
C THR G 25 8.53 -107.21 84.14
N THR G 26 7.40 -106.98 83.50
CA THR G 26 6.41 -106.04 84.01
C THR G 26 5.02 -106.53 83.69
N PHE G 27 4.03 -105.94 84.36
CA PHE G 27 2.63 -106.16 84.06
C PHE G 27 1.87 -104.90 84.44
N SER G 28 1.17 -104.31 83.48
CA SER G 28 0.47 -103.05 83.70
C SER G 28 -0.98 -103.18 83.28
N ALA G 29 -1.85 -102.47 83.98
CA ALA G 29 -3.27 -102.43 83.67
C ALA G 29 -3.69 -100.99 83.48
N SER G 30 -4.40 -100.71 82.38
CA SER G 30 -4.90 -99.38 82.09
C SER G 30 -6.41 -99.44 81.91
N LEU G 31 -7.10 -98.46 82.46
CA LEU G 31 -8.55 -98.41 82.42
C LEU G 31 -9.02 -97.12 81.79
N LEU G 32 -10.06 -97.21 80.96
CA LEU G 32 -10.63 -96.06 80.30
C LEU G 32 -12.15 -96.20 80.33
N ARG G 33 -12.82 -95.20 80.89
CA ARG G 33 -14.26 -95.24 81.09
C ARG G 33 -14.91 -94.06 80.36
N GLN G 34 -15.92 -94.37 79.54
CA GLN G 34 -16.69 -93.35 78.85
C GLN G 34 -18.14 -93.44 79.29
N ARG G 35 -18.94 -92.50 78.81
CA ARG G 35 -20.39 -92.47 79.03
C ARG G 35 -21.04 -92.68 77.67
N VAL G 36 -21.18 -93.94 77.27
CA VAL G 36 -21.76 -94.27 75.98
C VAL G 36 -23.27 -94.20 76.07
N LYS G 37 -23.89 -93.65 75.03
CA LYS G 37 -25.33 -93.50 74.95
C LYS G 37 -25.89 -94.42 73.88
N VAL G 38 -26.82 -95.29 74.27
CA VAL G 38 -27.50 -96.16 73.33
C VAL G 38 -28.96 -95.74 73.28
N GLY G 39 -29.76 -96.40 72.45
CA GLY G 39 -31.16 -96.07 72.27
C GLY G 39 -31.91 -95.85 73.58
N ILE G 40 -32.35 -94.61 73.79
CA ILE G 40 -33.03 -94.14 75.00
C ILE G 40 -32.51 -94.83 76.25
N ALA G 41 -31.19 -94.93 76.37
CA ALA G 41 -30.58 -95.56 77.55
C ALA G 41 -29.16 -95.05 77.70
N GLU G 42 -28.83 -94.58 78.89
CA GLU G 42 -27.49 -94.14 79.24
C GLU G 42 -26.69 -95.33 79.75
N LEU G 43 -25.42 -95.40 79.36
CA LEU G 43 -24.63 -96.57 79.64
C LEU G 43 -23.22 -96.15 80.03
N ASN G 44 -22.61 -96.93 80.91
CA ASN G 44 -21.22 -96.73 81.33
C ASN G 44 -20.36 -97.81 80.71
N ASN G 45 -19.37 -97.40 79.93
CA ASN G 45 -18.49 -98.33 79.23
C ASN G 45 -17.10 -98.27 79.83
N VAL G 46 -16.48 -99.43 79.98
CA VAL G 46 -15.13 -99.56 80.54
C VAL G 46 -14.27 -100.32 79.55
N SER G 47 -13.11 -99.76 79.23
CA SER G 47 -12.15 -100.38 78.33
C SER G 47 -10.86 -100.62 79.09
N GLY G 48 -10.63 -101.87 79.49
CA GLY G 48 -9.46 -102.20 80.28
C GLY G 48 -8.38 -102.89 79.47
N GLN G 49 -7.18 -102.31 79.47
CA GLN G 49 -6.05 -102.82 78.69
C GLN G 49 -5.03 -103.41 79.65
N TYR G 50 -4.71 -104.69 79.47
CA TYR G 50 -3.78 -105.40 80.33
C TYR G 50 -2.67 -105.96 79.46
N VAL G 51 -1.43 -105.56 79.74
CA VAL G 51 -0.27 -105.99 78.97
C VAL G 51 0.77 -106.57 79.92
N SER G 52 1.31 -107.72 79.55
CA SER G 52 2.37 -108.38 80.29
C SER G 52 3.60 -108.48 79.40
N VAL G 53 4.75 -108.08 79.93
CA VAL G 53 5.98 -108.01 79.17
C VAL G 53 7.05 -108.81 79.88
N TYR G 54 7.75 -109.66 79.12
CA TYR G 54 8.89 -110.40 79.64
C TYR G 54 10.02 -110.32 78.63
N LYS G 55 11.24 -110.34 79.14
CA LYS G 55 12.44 -110.33 78.31
C LYS G 55 13.32 -111.49 78.72
N ARG G 56 13.54 -112.42 77.80
CA ARG G 56 14.33 -113.62 78.04
C ARG G 56 15.31 -113.82 76.91
N PRO G 57 16.43 -114.49 77.18
CA PRO G 57 17.47 -114.64 76.17
C PRO G 57 17.07 -115.68 75.11
N ALA G 58 18.02 -115.94 74.21
CA ALA G 58 17.80 -116.87 73.12
C ALA G 58 17.73 -118.31 73.65
N PRO G 59 17.16 -119.22 72.86
CA PRO G 59 17.02 -120.61 73.36
C PRO G 59 18.35 -121.29 73.63
N LYS G 60 19.46 -120.78 73.08
CA LYS G 60 20.81 -121.28 73.28
C LYS G 60 21.00 -122.59 72.52
N PRO G 61 22.18 -122.80 71.92
CA PRO G 61 22.44 -124.09 71.25
C PRO G 61 22.37 -125.24 72.23
N GLU G 62 21.60 -126.26 71.86
CA GLU G 62 21.46 -127.45 72.69
C GLU G 62 22.79 -128.17 72.81
N GLY G 63 22.88 -129.05 73.80
CA GLY G 63 24.15 -129.65 74.12
C GLY G 63 24.87 -128.84 75.17
N CYS G 64 25.80 -128.00 74.72
CA CYS G 64 26.59 -127.16 75.63
C CYS G 64 25.70 -126.29 76.49
N ALA G 65 25.76 -126.50 77.80
CA ALA G 65 24.99 -125.71 78.76
C ALA G 65 25.96 -125.12 79.77
N ASP G 66 27.03 -124.51 79.26
CA ASP G 66 28.12 -124.04 80.10
C ASP G 66 27.68 -122.93 81.03
N ALA G 67 28.63 -122.41 81.80
CA ALA G 67 28.32 -121.47 82.87
C ALA G 67 27.59 -120.24 82.36
N CYS G 68 28.10 -119.60 81.31
CA CYS G 68 27.52 -118.36 80.81
C CYS G 68 27.95 -118.12 79.36
N VAL G 69 26.96 -117.91 78.50
CA VAL G 69 27.18 -117.46 77.12
C VAL G 69 26.38 -116.18 76.92
N ILE G 70 25.15 -116.18 77.42
CA ILE G 70 24.20 -115.06 77.46
C ILE G 70 24.04 -114.37 76.10
N MET G 71 22.91 -114.63 75.44
CA MET G 71 22.54 -114.00 74.18
C MET G 71 21.59 -112.84 74.46
N PRO G 72 21.42 -111.91 73.53
CA PRO G 72 20.50 -110.80 73.76
C PRO G 72 19.07 -111.30 73.89
N ASN G 73 18.28 -110.56 74.66
CA ASN G 73 16.92 -110.93 74.99
C ASN G 73 15.95 -110.37 73.96
N GLU G 74 14.87 -111.11 73.71
CA GLU G 74 13.81 -110.65 72.83
C GLU G 74 12.63 -110.18 73.68
N ASN G 75 11.52 -109.84 73.03
CA ASN G 75 10.33 -109.36 73.71
C ASN G 75 9.25 -110.44 73.69
N GLN G 76 8.67 -110.73 74.84
CA GLN G 76 7.53 -111.60 74.95
C GLN G 76 6.38 -110.78 75.53
N SER G 77 5.46 -110.37 74.68
CA SER G 77 4.38 -109.47 75.05
C SER G 77 3.04 -110.17 74.91
N ILE G 78 2.14 -109.89 75.85
CA ILE G 78 0.78 -110.42 75.81
C ILE G 78 -0.15 -109.28 76.18
N ARG G 79 -0.84 -108.71 75.18
CA ARG G 79 -1.78 -107.63 75.38
C ARG G 79 -3.19 -108.18 75.39
N THR G 80 -4.03 -107.59 76.25
CA THR G 80 -5.44 -107.97 76.33
C THR G 80 -6.25 -106.73 76.64
N VAL G 81 -7.33 -106.52 75.88
CA VAL G 81 -8.21 -105.39 76.08
C VAL G 81 -9.62 -105.93 76.32
N ILE G 82 -10.27 -105.42 77.35
CA ILE G 82 -11.61 -105.84 77.73
C ILE G 82 -12.52 -104.63 77.58
N SER G 83 -13.50 -104.72 76.69
CA SER G 83 -14.42 -103.62 76.44
C SER G 83 -15.84 -104.10 76.63
N GLY G 84 -16.62 -103.35 77.40
CA GLY G 84 -18.01 -103.68 77.60
C GLY G 84 -18.62 -102.77 78.65
N SER G 85 -19.94 -102.83 78.72
CA SER G 85 -20.70 -102.05 79.70
C SER G 85 -20.48 -102.61 81.08
N ALA G 86 -20.49 -101.72 82.08
CA ALA G 86 -20.31 -102.15 83.46
C ALA G 86 -21.46 -103.02 83.93
N GLU G 87 -22.68 -102.70 83.49
CA GLU G 87 -23.85 -103.44 83.96
C GLU G 87 -23.82 -104.89 83.51
N ASN G 88 -23.40 -105.14 82.29
CA ASN G 88 -23.32 -106.50 81.75
C ASN G 88 -22.07 -107.23 82.18
N LEU G 89 -21.38 -106.75 83.21
CA LEU G 89 -20.13 -107.37 83.63
C LEU G 89 -20.33 -108.82 84.05
N ALA G 90 -21.48 -109.14 84.64
CA ALA G 90 -21.72 -110.50 85.10
C ALA G 90 -21.67 -111.48 83.94
N THR G 91 -22.30 -111.13 82.83
CA THR G 91 -22.24 -111.98 81.65
C THR G 91 -20.91 -111.85 80.93
N LEU G 92 -20.32 -110.66 80.93
CA LEU G 92 -19.06 -110.45 80.24
C LEU G 92 -17.95 -111.29 80.86
N LYS G 93 -18.05 -111.59 82.16
CA LYS G 93 -17.06 -112.45 82.78
C LYS G 93 -17.05 -113.83 82.13
N ALA G 94 -18.23 -114.35 81.78
CA ALA G 94 -18.29 -115.60 81.02
C ALA G 94 -17.62 -115.43 79.66
N GLU G 95 -17.82 -114.28 79.02
CA GLU G 95 -17.16 -114.02 77.75
C GLU G 95 -15.66 -114.09 77.88
N TRP G 96 -15.11 -113.46 78.91
CA TRP G 96 -13.68 -113.56 79.16
C TRP G 96 -13.29 -115.00 79.47
N GLU G 97 -14.11 -115.70 80.26
CA GLU G 97 -13.78 -117.07 80.63
C GLU G 97 -13.76 -117.97 79.40
N THR G 98 -14.75 -117.82 78.51
CA THR G 98 -14.77 -118.68 77.34
C THR G 98 -13.70 -118.28 76.34
N HIS G 99 -13.21 -117.04 76.40
CA HIS G 99 -12.10 -116.66 75.54
C HIS G 99 -10.85 -117.45 75.90
N LYS G 100 -10.64 -117.69 77.19
CA LYS G 100 -9.56 -118.57 77.61
C LYS G 100 -9.63 -119.91 76.91
N ARG G 101 -10.83 -120.50 76.88
CA ARG G 101 -10.99 -121.83 76.30
C ARG G 101 -10.64 -121.81 74.82
N ASN G 102 -11.13 -120.82 74.08
CA ASN G 102 -10.91 -120.78 72.64
C ASN G 102 -9.43 -120.59 72.32
N VAL G 103 -8.75 -119.69 73.04
CA VAL G 103 -7.33 -119.50 72.80
C VAL G 103 -6.55 -120.74 73.19
N ASP G 104 -6.87 -121.32 74.34
CA ASP G 104 -6.14 -122.49 74.81
C ASP G 104 -6.29 -123.65 73.84
N THR G 105 -7.52 -123.90 73.37
CA THR G 105 -7.73 -125.02 72.46
C THR G 105 -7.13 -124.74 71.10
N LEU G 106 -6.73 -123.51 70.84
CA LEU G 106 -6.17 -123.15 69.55
C LEU G 106 -4.69 -122.84 69.62
N PHE G 107 -4.22 -122.27 70.72
CA PHE G 107 -2.82 -121.87 70.87
C PHE G 107 -2.07 -122.73 71.86
N ALA G 108 -2.64 -122.97 73.04
CA ALA G 108 -1.95 -123.79 74.03
C ALA G 108 -1.90 -125.25 73.60
N SER G 109 -3.07 -125.88 73.47
CA SER G 109 -3.09 -127.26 73.00
C SER G 109 -2.63 -127.37 71.57
N GLY G 110 -3.04 -126.44 70.72
CA GLY G 110 -2.68 -126.46 69.33
C GLY G 110 -1.27 -125.93 69.11
N ASN G 111 -0.92 -125.78 67.85
CA ASN G 111 0.39 -125.29 67.44
C ASN G 111 0.29 -123.94 66.75
N ALA G 112 -0.70 -123.14 67.12
CA ALA G 112 -0.84 -121.81 66.53
C ALA G 112 0.31 -120.89 66.89
N GLY G 113 0.97 -121.14 68.03
CA GLY G 113 2.11 -120.32 68.38
C GLY G 113 3.23 -120.39 67.36
N LEU G 114 3.44 -121.59 66.80
CA LEU G 114 4.45 -121.73 65.76
C LEU G 114 4.03 -121.03 64.47
N GLY G 115 2.72 -120.91 64.24
CA GLY G 115 2.25 -120.21 63.06
C GLY G 115 1.31 -121.03 62.20
N PHE G 116 0.76 -122.10 62.77
CA PHE G 116 -0.11 -123.01 62.02
C PHE G 116 -1.55 -122.79 62.44
N LEU G 117 -2.43 -122.66 61.47
CA LEU G 117 -3.87 -122.54 61.72
C LEU G 117 -4.56 -123.85 61.43
N ASP G 118 -5.43 -124.28 62.34
CA ASP G 118 -6.19 -125.51 62.17
C ASP G 118 -7.65 -125.17 61.96
N PRO G 119 -8.18 -125.27 60.73
CA PRO G 119 -9.59 -124.95 60.52
C PRO G 119 -10.53 -125.85 61.31
N THR G 120 -10.16 -127.10 61.55
CA THR G 120 -11.01 -128.03 62.28
C THR G 120 -10.70 -127.98 63.78
N ALA G 121 -10.76 -126.77 64.33
CA ALA G 121 -10.54 -126.56 65.74
C ALA G 121 -11.82 -126.90 66.51
N ALA G 122 -11.85 -126.58 67.80
CA ALA G 122 -12.97 -126.88 68.68
C ALA G 122 -13.46 -125.62 69.38
N ILE G 123 -13.67 -124.56 68.60
CA ILE G 123 -14.12 -123.29 69.16
C ILE G 123 -15.53 -123.45 69.68
N VAL G 124 -15.75 -123.09 70.94
CA VAL G 124 -17.04 -123.25 71.60
C VAL G 124 -17.50 -121.90 72.14
N SER G 125 -18.79 -121.61 71.97
CA SER G 125 -19.33 -120.31 72.33
C SER G 125 -19.67 -120.25 73.81
N SER G 126 -19.81 -119.03 74.32
CA SER G 126 -20.16 -118.84 75.72
C SER G 126 -21.54 -119.38 76.03
N ASP G 127 -22.48 -119.20 75.11
CA ASP G 127 -23.86 -119.65 75.35
C ASP G 127 -23.90 -121.15 75.54
N THR G 128 -24.77 -121.60 76.44
CA THR G 128 -24.87 -122.99 76.83
C THR G 128 -26.17 -123.58 76.33
N THR G 129 -26.12 -124.85 75.93
CA THR G 129 -27.30 -125.56 75.46
C THR G 129 -28.37 -125.63 76.53
N ALA H 1 -24.65 -101.00 107.96
CA ALA H 1 -23.42 -100.47 107.38
C ALA H 1 -23.69 -99.83 106.03
N ASN H 2 -22.76 -99.00 105.58
CA ASN H 2 -22.88 -98.29 104.32
C ASN H 2 -21.85 -98.80 103.33
N LYS H 3 -22.19 -98.78 102.05
CA LYS H 3 -21.29 -99.27 101.03
C LYS H 3 -20.10 -98.34 100.88
N PRO H 4 -18.88 -98.82 101.08
CA PRO H 4 -17.71 -97.96 100.84
C PRO H 4 -17.46 -97.77 99.35
N MET H 5 -16.82 -96.66 99.02
CA MET H 5 -16.41 -96.42 97.64
C MET H 5 -14.98 -96.90 97.43
N GLN H 6 -14.52 -96.73 96.19
CA GLN H 6 -13.14 -96.94 95.82
C GLN H 6 -12.65 -95.74 95.02
N PRO H 7 -11.37 -95.39 95.12
CA PRO H 7 -10.87 -94.24 94.38
C PRO H 7 -10.94 -94.46 92.88
N ILE H 8 -11.15 -93.36 92.15
CA ILE H 8 -11.19 -93.38 90.70
C ILE H 8 -9.97 -92.67 90.15
N THR H 9 -9.68 -91.49 90.69
CA THR H 9 -8.63 -90.63 90.15
C THR H 9 -7.72 -90.26 91.31
N SER H 10 -6.66 -91.04 91.51
CA SER H 10 -5.67 -90.76 92.53
C SER H 10 -4.67 -89.76 91.99
N THR H 11 -4.52 -88.65 92.70
CA THR H 11 -3.63 -87.57 92.28
C THR H 11 -3.09 -86.89 93.53
N ALA H 12 -1.95 -86.21 93.38
CA ALA H 12 -1.35 -85.52 94.51
C ALA H 12 -2.24 -84.41 95.04
N ASN H 13 -3.24 -83.98 94.27
CA ASN H 13 -4.13 -82.91 94.68
C ASN H 13 -5.57 -83.35 94.89
N LYS H 14 -6.12 -84.13 93.97
CA LYS H 14 -7.53 -84.50 94.00
C LYS H 14 -7.68 -86.01 93.97
N ILE H 15 -8.61 -86.52 94.79
CA ILE H 15 -8.96 -87.93 94.80
C ILE H 15 -10.46 -88.03 94.66
N VAL H 16 -10.93 -88.91 93.78
CA VAL H 16 -12.34 -89.10 93.50
C VAL H 16 -12.72 -90.54 93.80
N TRP H 17 -13.72 -90.72 94.66
CA TRP H 17 -14.27 -92.03 94.97
C TRP H 17 -15.60 -92.21 94.27
N SER H 18 -15.91 -93.45 93.89
CA SER H 18 -17.19 -93.79 93.29
C SER H 18 -17.64 -95.13 93.82
N ASP H 19 -18.96 -95.29 93.92
CA ASP H 19 -19.52 -96.50 94.51
C ASP H 19 -19.58 -97.63 93.49
N PRO H 20 -19.13 -98.83 93.85
CA PRO H 20 -19.22 -99.95 92.89
C PRO H 20 -20.63 -100.28 92.44
N THR H 21 -21.61 -100.24 93.35
CA THR H 21 -22.97 -100.57 92.96
C THR H 21 -23.58 -99.46 92.09
N ARG H 22 -23.41 -98.21 92.51
CA ARG H 22 -23.93 -97.05 91.79
C ARG H 22 -22.73 -96.22 91.34
N LEU H 23 -22.39 -96.30 90.05
CA LEU H 23 -21.20 -95.63 89.55
C LEU H 23 -21.36 -94.11 89.51
N SER H 24 -22.56 -93.59 89.72
CA SER H 24 -22.77 -92.15 89.61
C SER H 24 -22.56 -91.42 90.92
N THR H 25 -22.74 -92.08 92.05
CA THR H 25 -22.56 -91.43 93.34
C THR H 25 -21.07 -91.30 93.63
N THR H 26 -20.58 -90.07 93.71
CA THR H 26 -19.16 -89.81 93.87
C THR H 26 -18.93 -88.89 95.05
N PHE H 27 -17.71 -88.97 95.59
CA PHE H 27 -17.26 -88.04 96.62
C PHE H 27 -15.83 -87.66 96.29
N SER H 28 -15.62 -86.40 95.92
CA SER H 28 -14.30 -85.93 95.48
C SER H 28 -13.75 -84.91 96.46
N ALA H 29 -12.48 -85.06 96.78
CA ALA H 29 -11.79 -84.15 97.69
C ALA H 29 -10.55 -83.60 96.99
N SER H 30 -10.37 -82.28 97.08
CA SER H 30 -9.23 -81.63 96.48
C SER H 30 -8.65 -80.61 97.46
N LEU H 31 -7.33 -80.53 97.50
CA LEU H 31 -6.62 -79.61 98.37
C LEU H 31 -5.78 -78.67 97.53
N LEU H 32 -5.74 -77.40 97.93
CA LEU H 32 -4.92 -76.40 97.27
C LEU H 32 -4.05 -75.77 98.36
N ARG H 33 -2.90 -76.39 98.62
CA ARG H 33 -1.96 -75.85 99.58
C ARG H 33 -1.23 -74.65 98.98
N GLN H 34 -1.05 -73.61 99.79
CA GLN H 34 -0.46 -72.38 99.29
C GLN H 34 0.24 -71.67 100.44
N ARG H 35 1.39 -71.08 100.12
CA ARG H 35 2.22 -70.39 101.10
C ARG H 35 1.75 -68.94 101.17
N VAL H 36 1.10 -68.58 102.28
CA VAL H 36 0.56 -67.24 102.47
C VAL H 36 1.44 -66.47 103.45
N LYS H 37 1.68 -65.20 103.13
CA LYS H 37 2.55 -64.36 103.95
C LYS H 37 1.68 -63.40 104.76
N VAL H 38 1.81 -63.47 106.09
CA VAL H 38 1.11 -62.57 106.98
C VAL H 38 2.13 -61.67 107.63
N GLY H 39 1.68 -60.74 108.48
CA GLY H 39 2.57 -59.77 109.07
C GLY H 39 3.80 -60.37 109.71
N ILE H 40 4.95 -60.11 109.08
CA ILE H 40 6.27 -60.59 109.46
C ILE H 40 6.20 -62.03 109.97
N ALA H 41 5.31 -62.82 109.39
CA ALA H 41 5.17 -64.22 109.77
C ALA H 41 4.81 -65.03 108.53
N GLU H 42 5.18 -66.31 108.56
CA GLU H 42 5.00 -67.20 107.43
C GLU H 42 4.00 -68.29 107.79
N LEU H 43 2.92 -68.39 107.01
CA LEU H 43 1.85 -69.34 107.27
C LEU H 43 1.61 -70.20 106.04
N ASN H 44 1.30 -71.46 106.26
CA ASN H 44 1.02 -72.41 105.19
C ASN H 44 -0.50 -72.60 105.12
N ASN H 45 -1.14 -71.84 104.24
CA ASN H 45 -2.58 -71.92 104.08
C ASN H 45 -2.95 -73.14 103.25
N VAL H 46 -4.12 -73.70 103.53
CA VAL H 46 -4.65 -74.84 102.80
C VAL H 46 -6.14 -74.63 102.60
N SER H 47 -6.65 -75.08 101.47
CA SER H 47 -8.07 -74.95 101.14
C SER H 47 -8.57 -76.30 100.65
N GLY H 48 -9.23 -77.05 101.56
CA GLY H 48 -9.72 -78.36 101.24
C GLY H 48 -11.16 -78.31 100.77
N GLN H 49 -11.37 -78.70 99.52
CA GLN H 49 -12.69 -78.69 98.89
C GLN H 49 -13.19 -80.12 98.80
N TYR H 50 -14.40 -80.36 99.30
CA TYR H 50 -15.01 -81.67 99.32
C TYR H 50 -16.40 -81.59 98.70
N VAL H 51 -16.68 -82.48 97.75
CA VAL H 51 -17.93 -82.47 97.01
C VAL H 51 -18.54 -83.86 97.05
N SER H 52 -19.83 -83.94 97.38
CA SER H 52 -20.58 -85.18 97.35
C SER H 52 -21.75 -85.03 96.39
N VAL H 53 -21.95 -86.02 95.53
CA VAL H 53 -22.94 -85.95 94.46
C VAL H 53 -23.77 -87.23 94.46
N TYR H 54 -25.08 -87.10 94.26
CA TYR H 54 -25.98 -88.23 94.21
C TYR H 54 -27.05 -87.96 93.16
N LYS H 55 -27.55 -89.03 92.55
CA LYS H 55 -28.65 -88.97 91.61
C LYS H 55 -29.89 -89.56 92.25
N ARG H 56 -30.88 -88.72 92.54
CA ARG H 56 -32.16 -89.22 93.03
C ARG H 56 -33.16 -89.22 91.89
N PRO H 57 -33.80 -90.35 91.59
CA PRO H 57 -34.64 -90.42 90.40
C PRO H 57 -35.82 -89.45 90.39
N ALA H 58 -36.74 -89.60 91.35
CA ALA H 58 -38.00 -88.85 91.32
C ALA H 58 -38.83 -89.15 92.56
N PRO H 59 -39.89 -88.38 92.82
CA PRO H 59 -40.83 -88.75 93.88
C PRO H 59 -41.86 -89.77 93.44
N LYS H 60 -41.75 -90.30 92.22
CA LYS H 60 -42.62 -91.36 91.72
C LYS H 60 -44.10 -90.98 91.88
N PRO H 61 -44.61 -90.12 91.00
CA PRO H 61 -45.92 -89.50 91.24
C PRO H 61 -47.06 -90.52 91.39
N GLU H 62 -47.91 -90.25 92.37
CA GLU H 62 -49.21 -90.88 92.61
C GLU H 62 -49.17 -92.41 92.65
N GLY H 63 -47.98 -92.98 92.76
CA GLY H 63 -47.86 -94.42 92.90
C GLY H 63 -48.35 -95.21 91.70
N CYS H 64 -47.62 -95.12 90.59
CA CYS H 64 -47.91 -95.89 89.38
C CYS H 64 -46.94 -97.05 89.23
N ALA H 65 -46.64 -97.76 90.32
CA ALA H 65 -45.65 -98.82 90.25
C ALA H 65 -46.10 -99.90 89.26
N ASP H 66 -45.44 -99.89 88.10
CA ASP H 66 -45.73 -100.82 87.01
C ASP H 66 -44.42 -101.28 86.42
N ALA H 67 -43.49 -101.66 87.29
CA ALA H 67 -42.10 -101.95 86.93
C ALA H 67 -41.39 -100.69 86.44
N CYS H 68 -41.30 -100.48 85.13
CA CYS H 68 -40.44 -99.44 84.59
C CYS H 68 -41.25 -98.26 84.05
N VAL H 69 -41.15 -97.13 84.74
CA VAL H 69 -41.49 -95.81 84.21
C VAL H 69 -40.29 -94.90 84.45
N ILE H 70 -39.09 -95.49 84.43
CA ILE H 70 -37.86 -94.79 84.78
C ILE H 70 -37.83 -93.40 84.16
N MET H 71 -37.56 -92.40 84.98
CA MET H 71 -37.63 -91.01 84.63
C MET H 71 -36.34 -90.31 85.01
N PRO H 72 -36.02 -89.14 84.43
CA PRO H 72 -34.70 -88.54 84.66
C PRO H 72 -34.40 -88.27 86.12
N ASN H 73 -33.15 -88.49 86.51
CA ASN H 73 -32.73 -88.26 87.88
C ASN H 73 -32.68 -86.76 88.17
N GLU H 74 -32.66 -86.44 89.47
CA GLU H 74 -32.45 -85.08 89.93
C GLU H 74 -31.22 -85.05 90.81
N ASN H 75 -30.44 -83.98 90.69
CA ASN H 75 -29.12 -83.92 91.29
C ASN H 75 -29.18 -83.42 92.73
N GLN H 76 -28.36 -84.02 93.58
CA GLN H 76 -28.19 -83.59 94.97
C GLN H 76 -26.70 -83.45 95.22
N SER H 77 -26.24 -82.22 95.42
CA SER H 77 -24.82 -81.93 95.59
C SER H 77 -24.58 -81.19 96.89
N ILE H 78 -23.51 -81.57 97.59
CA ILE H 78 -23.11 -80.93 98.83
C ILE H 78 -21.62 -80.63 98.72
N ARG H 79 -21.26 -79.35 98.80
CA ARG H 79 -19.87 -78.92 98.68
C ARG H 79 -19.45 -78.23 99.96
N THR H 80 -18.18 -78.39 100.32
CA THR H 80 -17.64 -77.80 101.53
C THR H 80 -16.16 -77.51 101.31
N VAL H 81 -15.77 -76.26 101.46
CA VAL H 81 -14.37 -75.87 101.37
C VAL H 81 -13.96 -75.35 102.75
N ILE H 82 -12.75 -75.72 103.16
CA ILE H 82 -12.21 -75.33 104.46
C ILE H 82 -10.88 -74.65 104.21
N SER H 83 -10.81 -73.35 104.53
CA SER H 83 -9.63 -72.54 104.30
C SER H 83 -9.06 -72.10 105.64
N GLY H 84 -7.77 -72.34 105.84
CA GLY H 84 -7.13 -71.92 107.06
C GLY H 84 -5.68 -72.34 107.08
N SER H 85 -4.91 -71.63 107.89
CA SER H 85 -3.49 -71.94 108.02
C SER H 85 -3.31 -73.22 108.84
N ALA H 86 -2.33 -74.03 108.44
CA ALA H 86 -2.09 -75.28 109.16
C ALA H 86 -1.47 -75.05 110.53
N GLU H 87 -0.87 -73.88 110.76
CA GLU H 87 -0.20 -73.64 112.04
C GLU H 87 -1.20 -73.65 113.19
N ASN H 88 -2.35 -73.02 113.01
CA ASN H 88 -3.41 -73.01 114.02
C ASN H 88 -4.54 -73.96 113.65
N LEU H 89 -4.19 -75.12 113.07
CA LEU H 89 -5.20 -76.07 112.62
C LEU H 89 -5.98 -76.65 113.79
N ALA H 90 -5.32 -76.84 114.93
CA ALA H 90 -5.96 -77.52 116.06
C ALA H 90 -7.24 -76.82 116.48
N THR H 91 -7.20 -75.49 116.58
CA THR H 91 -8.42 -74.74 116.90
C THR H 91 -9.37 -74.68 115.72
N LEU H 92 -8.87 -74.86 114.50
CA LEU H 92 -9.75 -74.85 113.34
C LEU H 92 -10.65 -76.08 113.31
N LYS H 93 -10.16 -77.21 113.81
CA LYS H 93 -10.99 -78.42 113.85
C LYS H 93 -12.22 -78.21 114.70
N ALA H 94 -12.07 -77.53 115.85
CA ALA H 94 -13.23 -77.20 116.67
C ALA H 94 -14.21 -76.33 115.89
N GLU H 95 -13.69 -75.44 115.04
CA GLU H 95 -14.57 -74.60 114.25
C GLU H 95 -15.40 -75.43 113.28
N TRP H 96 -14.81 -76.46 112.68
CA TRP H 96 -15.59 -77.37 111.86
C TRP H 96 -16.66 -78.07 112.69
N GLU H 97 -16.34 -78.40 113.94
CA GLU H 97 -17.33 -79.01 114.82
C GLU H 97 -18.50 -78.07 115.06
N THR H 98 -18.23 -76.83 115.45
CA THR H 98 -19.31 -75.89 115.72
C THR H 98 -20.04 -75.51 114.44
N HIS H 99 -19.35 -75.56 113.30
CA HIS H 99 -20.01 -75.27 112.04
C HIS H 99 -21.05 -76.33 111.70
N LYS H 100 -20.72 -77.60 111.95
CA LYS H 100 -21.68 -78.67 111.68
C LYS H 100 -22.93 -78.51 112.53
N ARG H 101 -22.75 -78.37 113.84
CA ARG H 101 -23.90 -78.24 114.73
C ARG H 101 -24.62 -76.92 114.51
N ASN H 102 -23.93 -75.93 113.95
CA ASN H 102 -24.59 -74.70 113.56
C ASN H 102 -25.58 -74.95 112.42
N VAL H 103 -25.13 -75.63 111.37
CA VAL H 103 -25.98 -75.88 110.22
C VAL H 103 -27.11 -76.83 110.59
N ASP H 104 -26.81 -77.83 111.42
CA ASP H 104 -27.83 -78.80 111.79
C ASP H 104 -29.06 -78.14 112.40
N THR H 105 -28.86 -77.01 113.09
CA THR H 105 -29.99 -76.29 113.66
C THR H 105 -30.91 -75.76 112.56
N LEU H 106 -30.33 -75.23 111.49
CA LEU H 106 -31.13 -74.68 110.41
C LEU H 106 -31.60 -75.73 109.42
N PHE H 107 -30.73 -76.66 109.04
CA PHE H 107 -31.05 -77.60 107.98
C PHE H 107 -31.62 -78.91 108.54
N ALA H 108 -30.84 -79.59 109.39
CA ALA H 108 -31.27 -80.88 109.90
C ALA H 108 -32.53 -80.75 110.76
N SER H 109 -32.41 -80.07 111.90
CA SER H 109 -33.54 -79.92 112.80
C SER H 109 -34.45 -78.78 112.41
N GLY H 110 -34.02 -77.89 111.53
CA GLY H 110 -34.80 -76.75 111.12
C GLY H 110 -35.58 -77.01 109.85
N ASN H 111 -36.03 -75.92 109.23
CA ASN H 111 -36.83 -75.99 108.02
C ASN H 111 -36.15 -75.29 106.84
N ALA H 112 -34.84 -75.09 106.92
CA ALA H 112 -34.13 -74.45 105.82
C ALA H 112 -34.17 -75.30 104.56
N GLY H 113 -34.46 -76.60 104.71
CA GLY H 113 -34.57 -77.44 103.52
C GLY H 113 -35.71 -77.04 102.63
N LEU H 114 -36.74 -76.41 103.19
CA LEU H 114 -37.89 -75.97 102.41
C LEU H 114 -37.78 -74.52 101.97
N GLY H 115 -36.68 -73.84 102.29
CA GLY H 115 -36.51 -72.46 101.90
C GLY H 115 -36.91 -71.44 102.95
N PHE H 116 -37.11 -71.84 104.19
CA PHE H 116 -37.49 -70.93 105.26
C PHE H 116 -36.30 -70.72 106.18
N LEU H 117 -36.02 -69.45 106.49
CA LEU H 117 -34.91 -69.08 107.35
C LEU H 117 -35.47 -68.50 108.63
N ASP H 118 -35.31 -69.21 109.74
CA ASP H 118 -35.83 -68.74 111.00
C ASP H 118 -34.82 -67.79 111.64
N PRO H 119 -35.17 -66.52 111.87
CA PRO H 119 -34.23 -65.59 112.51
C PRO H 119 -34.09 -65.79 114.01
N THR H 120 -34.79 -66.77 114.60
CA THR H 120 -34.71 -67.03 116.02
C THR H 120 -33.96 -68.31 116.34
N ALA H 121 -33.23 -68.87 115.38
CA ALA H 121 -32.48 -70.08 115.62
C ALA H 121 -31.32 -69.83 116.57
N ALA H 122 -30.94 -70.87 117.32
CA ALA H 122 -29.84 -70.77 118.27
C ALA H 122 -28.52 -70.96 117.52
N ILE H 123 -27.77 -69.88 117.38
CA ILE H 123 -26.50 -69.88 116.66
C ILE H 123 -25.39 -69.58 117.65
N VAL H 124 -24.67 -70.62 118.07
CA VAL H 124 -23.64 -70.52 119.09
C VAL H 124 -22.28 -70.51 118.41
N SER H 125 -21.35 -69.75 118.97
CA SER H 125 -20.06 -69.54 118.35
C SER H 125 -19.08 -70.65 118.71
N SER H 126 -17.93 -70.63 118.03
CA SER H 126 -16.87 -71.58 118.34
C SER H 126 -16.31 -71.35 119.74
N ASP H 127 -16.23 -70.09 120.15
CA ASP H 127 -15.67 -69.77 121.46
C ASP H 127 -16.57 -70.28 122.57
N THR H 128 -16.00 -70.38 123.77
CA THR H 128 -16.66 -70.93 124.93
C THR H 128 -16.64 -69.91 126.06
N THR H 129 -17.76 -69.78 126.76
CA THR H 129 -17.88 -68.86 127.88
C THR H 129 -16.87 -69.18 128.97
N ALA I 1 95.30 -35.32 -109.26
CA ALA I 1 93.98 -35.93 -109.40
C ALA I 1 93.37 -36.21 -108.02
N ASN I 2 92.11 -35.83 -107.86
CA ASN I 2 91.41 -36.00 -106.60
C ASN I 2 90.05 -36.62 -106.86
N LYS I 3 89.42 -37.08 -105.79
CA LYS I 3 88.11 -37.71 -105.91
C LYS I 3 87.03 -36.63 -105.98
N PRO I 4 86.29 -36.53 -107.08
CA PRO I 4 85.19 -35.56 -107.12
C PRO I 4 84.03 -36.01 -106.24
N MET I 5 83.43 -35.06 -105.55
CA MET I 5 82.25 -35.41 -104.77
C MET I 5 81.07 -35.66 -105.69
N GLN I 6 80.07 -36.35 -105.15
CA GLN I 6 78.84 -36.61 -105.88
C GLN I 6 77.73 -35.83 -105.21
N PRO I 7 77.02 -34.97 -105.93
CA PRO I 7 76.03 -34.09 -105.27
C PRO I 7 74.97 -34.90 -104.56
N ILE I 8 74.58 -34.42 -103.38
CA ILE I 8 73.61 -35.09 -102.54
C ILE I 8 72.25 -34.41 -102.61
N THR I 9 72.20 -33.13 -102.29
CA THR I 9 70.98 -32.33 -102.34
C THR I 9 71.11 -31.30 -103.45
N SER I 10 70.15 -31.28 -104.36
CA SER I 10 70.13 -30.33 -105.46
C SER I 10 68.89 -29.46 -105.34
N THR I 11 69.10 -28.15 -105.38
CA THR I 11 67.99 -27.20 -105.26
C THR I 11 68.37 -25.95 -106.03
N ALA I 12 67.34 -25.19 -106.42
CA ALA I 12 67.59 -23.91 -107.09
C ALA I 12 68.31 -22.93 -106.18
N ASN I 13 68.31 -23.16 -104.87
CA ASN I 13 69.00 -22.30 -103.92
C ASN I 13 70.34 -22.88 -103.49
N LYS I 14 70.33 -24.08 -102.94
CA LYS I 14 71.49 -24.65 -102.28
C LYS I 14 71.78 -26.02 -102.86
N ILE I 15 73.06 -26.32 -103.08
CA ILE I 15 73.50 -27.63 -103.55
C ILE I 15 74.61 -28.11 -102.63
N VAL I 16 74.56 -29.38 -102.24
CA VAL I 16 75.52 -29.96 -101.32
C VAL I 16 76.21 -31.13 -102.00
N TRP I 17 77.54 -31.11 -102.01
CA TRP I 17 78.34 -32.22 -102.50
C TRP I 17 78.95 -32.95 -101.32
N SER I 18 79.17 -34.25 -101.50
CA SER I 18 79.81 -35.06 -100.48
C SER I 18 80.66 -36.14 -101.13
N ASP I 19 81.73 -36.51 -100.47
CA ASP I 19 82.64 -37.51 -101.00
C ASP I 19 82.05 -38.90 -100.84
N PRO I 20 81.91 -39.68 -101.92
CA PRO I 20 81.31 -41.01 -101.78
C PRO I 20 82.07 -41.94 -100.85
N THR I 21 83.40 -41.82 -100.82
CA THR I 21 84.18 -42.66 -99.91
C THR I 21 84.05 -42.19 -98.48
N ARG I 22 84.07 -40.87 -98.26
CA ARG I 22 84.01 -40.27 -96.93
C ARG I 22 82.89 -39.25 -96.94
N LEU I 23 81.69 -39.69 -96.57
CA LEU I 23 80.52 -38.81 -96.64
C LEU I 23 80.59 -37.66 -95.65
N SER I 24 81.50 -37.72 -94.67
CA SER I 24 81.67 -36.61 -93.74
C SER I 24 82.13 -35.35 -94.47
N THR I 25 83.06 -35.51 -95.40
CA THR I 25 83.54 -34.37 -96.18
C THR I 25 82.42 -33.81 -97.05
N THR I 26 82.25 -32.49 -96.99
CA THR I 26 81.18 -31.84 -97.73
C THR I 26 81.69 -30.55 -98.35
N PHE I 27 80.95 -30.06 -99.34
CA PHE I 27 81.16 -28.75 -99.92
C PHE I 27 79.81 -28.24 -100.41
N SER I 28 79.23 -27.29 -99.69
CA SER I 28 77.91 -26.78 -99.98
C SER I 28 78.00 -25.34 -100.49
N ALA I 29 77.10 -25.00 -101.39
CA ALA I 29 77.05 -23.66 -101.98
C ALA I 29 75.61 -23.22 -102.03
N SER I 30 75.29 -22.10 -101.38
CA SER I 30 73.95 -21.56 -101.35
C SER I 30 73.97 -20.12 -101.82
N LEU I 31 73.05 -19.78 -102.71
CA LEU I 31 72.91 -18.42 -103.20
C LEU I 31 71.73 -17.73 -102.53
N LEU I 32 71.79 -16.40 -102.53
CA LEU I 32 70.75 -15.57 -101.94
C LEU I 32 70.69 -14.30 -102.75
N ARG I 33 69.58 -14.09 -103.45
CA ARG I 33 69.45 -13.05 -104.45
C ARG I 33 68.39 -12.04 -104.02
N GLN I 34 68.77 -10.77 -104.02
CA GLN I 34 67.91 -9.66 -103.61
C GLN I 34 68.04 -8.51 -104.60
N ARG I 35 67.05 -7.63 -104.56
CA ARG I 35 67.04 -6.41 -105.34
C ARG I 35 67.34 -5.24 -104.41
N VAL I 36 68.33 -4.42 -104.78
CA VAL I 36 68.80 -3.34 -103.94
C VAL I 36 68.69 -2.03 -104.69
N LYS I 37 68.12 -1.01 -104.05
CA LYS I 37 67.98 0.31 -104.64
C LYS I 37 69.26 1.09 -104.40
N VAL I 38 70.20 1.02 -105.35
CA VAL I 38 71.44 1.77 -105.21
C VAL I 38 71.17 3.27 -105.28
N GLY I 39 70.09 3.67 -105.92
CA GLY I 39 69.76 5.07 -106.08
C GLY I 39 69.44 5.38 -107.52
N ILE I 40 68.23 5.91 -107.76
CA ILE I 40 67.67 6.19 -109.09
C ILE I 40 67.95 5.06 -110.07
N ALA I 41 68.16 3.85 -109.53
CA ALA I 41 68.52 2.69 -110.33
C ALA I 41 68.41 1.45 -109.45
N GLU I 42 68.01 0.34 -110.06
CA GLU I 42 67.79 -0.90 -109.34
C GLU I 42 68.83 -1.93 -109.76
N LEU I 43 69.46 -2.57 -108.77
CA LEU I 43 70.52 -3.53 -109.01
C LEU I 43 70.18 -4.85 -108.32
N ASN I 44 70.66 -5.93 -108.90
CA ASN I 44 70.43 -7.27 -108.37
C ASN I 44 71.64 -7.69 -107.56
N ASN I 45 71.41 -8.01 -106.29
CA ASN I 45 72.48 -8.42 -105.38
C ASN I 45 72.45 -9.93 -105.20
N VAL I 46 73.61 -10.56 -105.31
CA VAL I 46 73.76 -12.00 -105.15
C VAL I 46 74.75 -12.25 -104.03
N SER I 47 74.34 -13.05 -103.05
CA SER I 47 75.15 -13.35 -101.87
C SER I 47 75.54 -14.82 -101.91
N GLY I 48 76.66 -15.11 -102.57
CA GLY I 48 77.12 -16.48 -102.67
C GLY I 48 77.88 -16.95 -101.44
N GLN I 49 77.33 -17.93 -100.74
CA GLN I 49 77.95 -18.48 -99.55
C GLN I 49 78.39 -19.90 -99.85
N TYR I 50 79.68 -20.16 -99.67
CA TYR I 50 80.27 -21.47 -99.95
C TYR I 50 80.95 -21.98 -98.70
N VAL I 51 80.66 -23.22 -98.32
CA VAL I 51 81.15 -23.80 -97.08
C VAL I 51 81.86 -25.11 -97.40
N SER I 52 83.09 -25.25 -96.92
CA SER I 52 83.84 -26.50 -97.02
C SER I 52 84.06 -27.04 -95.63
N VAL I 53 83.65 -28.30 -95.41
CA VAL I 53 83.72 -28.92 -94.11
C VAL I 53 84.48 -30.24 -94.24
N TYR I 54 85.44 -30.45 -93.36
CA TYR I 54 86.19 -31.70 -93.30
C TYR I 54 86.22 -32.20 -91.87
N LYS I 55 86.08 -33.51 -91.72
CA LYS I 55 86.18 -34.16 -90.42
C LYS I 55 87.52 -34.89 -90.36
N ARG I 56 88.40 -34.44 -89.48
CA ARG I 56 89.73 -35.02 -89.37
C ARG I 56 89.98 -35.45 -87.93
N PRO I 57 90.54 -36.65 -87.75
CA PRO I 57 90.88 -37.09 -86.39
C PRO I 57 91.96 -36.21 -85.79
N ALA I 58 91.91 -36.10 -84.47
CA ALA I 58 92.89 -35.30 -83.75
C ALA I 58 94.28 -35.87 -83.99
N PRO I 59 95.31 -35.05 -84.18
CA PRO I 59 96.63 -35.57 -84.52
C PRO I 59 97.21 -36.41 -83.40
N LYS I 60 97.34 -37.71 -83.63
CA LYS I 60 97.94 -38.58 -82.63
C LYS I 60 99.43 -38.30 -82.53
N PRO I 61 100.03 -38.56 -81.38
CA PRO I 61 101.47 -38.30 -81.23
C PRO I 61 102.30 -39.09 -82.22
N GLU I 62 103.46 -38.54 -82.57
CA GLU I 62 104.29 -39.04 -83.67
C GLU I 62 104.56 -40.54 -83.61
N GLY I 63 104.11 -41.25 -84.65
CA GLY I 63 104.39 -42.65 -84.88
C GLY I 63 104.45 -43.54 -83.67
N CYS I 64 103.48 -43.40 -82.76
CA CYS I 64 103.55 -44.12 -81.50
C CYS I 64 102.36 -45.05 -81.31
N ALA I 65 101.14 -44.53 -81.47
CA ALA I 65 99.95 -45.34 -81.22
C ALA I 65 99.63 -46.23 -82.41
N ASP I 66 99.52 -45.63 -83.60
CA ASP I 66 99.49 -46.35 -84.86
C ASP I 66 98.35 -47.36 -84.93
N ALA I 67 98.40 -48.38 -84.07
CA ALA I 67 97.37 -49.43 -83.97
C ALA I 67 95.97 -48.85 -84.05
N CYS I 68 95.09 -49.52 -84.77
CA CYS I 68 93.79 -48.95 -85.12
C CYS I 68 92.92 -48.72 -83.88
N VAL I 69 92.85 -47.45 -83.46
CA VAL I 69 91.98 -46.99 -82.39
C VAL I 69 91.50 -45.59 -82.78
N ILE I 70 90.21 -45.44 -83.00
CA ILE I 70 89.69 -44.19 -83.54
C ILE I 70 89.60 -43.15 -82.43
N MET I 71 90.32 -42.06 -82.60
CA MET I 71 90.19 -40.90 -81.73
C MET I 71 89.19 -39.93 -82.33
N PRO I 72 88.53 -39.10 -81.54
CA PRO I 72 87.46 -38.25 -82.08
C PRO I 72 87.99 -37.25 -83.11
N ASN I 73 87.12 -36.96 -84.07
CA ASN I 73 87.46 -36.06 -85.16
C ASN I 73 87.35 -34.60 -84.70
N GLU I 74 87.91 -33.71 -85.51
CA GLU I 74 87.83 -32.29 -85.26
C GLU I 74 87.45 -31.56 -86.53
N ASN I 75 86.77 -30.43 -86.37
CA ASN I 75 86.15 -29.73 -87.49
C ASN I 75 87.14 -28.81 -88.18
N GLN I 76 87.11 -28.83 -89.51
CA GLN I 76 87.90 -27.91 -90.34
C GLN I 76 86.93 -27.24 -91.30
N SER I 77 86.50 -26.03 -90.97
CA SER I 77 85.49 -25.32 -91.73
C SER I 77 86.13 -24.15 -92.48
N ILE I 78 85.68 -23.93 -93.70
CA ILE I 78 86.12 -22.82 -94.54
C ILE I 78 84.89 -22.25 -95.21
N ARG I 79 84.44 -21.08 -94.76
CA ARG I 79 83.26 -20.43 -95.31
C ARG I 79 83.67 -19.13 -95.98
N THR I 80 83.16 -18.90 -97.18
CA THR I 80 83.34 -17.64 -97.89
C THR I 80 82.00 -17.11 -98.33
N VAL I 81 81.80 -15.81 -98.21
CA VAL I 81 80.57 -15.15 -98.61
C VAL I 81 80.92 -14.11 -99.67
N ILE I 82 80.31 -14.23 -100.84
CA ILE I 82 80.54 -13.32 -101.95
C ILE I 82 79.25 -12.56 -102.21
N SER I 83 79.25 -11.27 -101.91
CA SER I 83 78.08 -10.42 -102.08
C SER I 83 78.45 -9.25 -102.97
N GLY I 84 77.67 -9.04 -104.01
CA GLY I 84 77.91 -7.94 -104.92
C GLY I 84 76.85 -7.88 -105.99
N SER I 85 76.82 -6.74 -106.69
CA SER I 85 75.86 -6.55 -107.77
C SER I 85 76.15 -7.50 -108.91
N ALA I 86 75.09 -8.08 -109.48
CA ALA I 86 75.26 -8.96 -110.63
C ALA I 86 75.77 -8.22 -111.85
N GLU I 87 75.53 -6.90 -111.93
CA GLU I 87 75.99 -6.10 -113.05
C GLU I 87 77.47 -5.78 -112.98
N ASN I 88 78.09 -5.94 -111.82
CA ASN I 88 79.52 -5.70 -111.65
C ASN I 88 80.27 -7.01 -111.45
N LEU I 89 79.79 -8.09 -112.05
CA LEU I 89 80.43 -9.39 -111.86
C LEU I 89 81.84 -9.39 -112.44
N ALA I 90 82.03 -8.77 -113.60
CA ALA I 90 83.34 -8.80 -114.25
C ALA I 90 84.41 -8.18 -113.36
N THR I 91 84.12 -7.03 -112.77
CA THR I 91 85.08 -6.41 -111.88
C THR I 91 85.13 -7.12 -110.53
N LEU I 92 84.02 -7.74 -110.13
CA LEU I 92 84.01 -8.44 -108.85
C LEU I 92 84.91 -9.66 -108.88
N LYS I 93 85.04 -10.30 -110.05
CA LYS I 93 85.96 -11.43 -110.15
C LYS I 93 87.38 -11.02 -109.83
N ALA I 94 87.78 -9.81 -110.24
CA ALA I 94 89.09 -9.30 -109.87
C ALA I 94 89.22 -9.16 -108.36
N GLU I 95 88.12 -8.76 -107.69
CA GLU I 95 88.15 -8.69 -106.24
C GLU I 95 88.41 -10.06 -105.63
N TRP I 96 87.81 -11.10 -106.20
CA TRP I 96 88.01 -12.44 -105.68
C TRP I 96 89.47 -12.86 -105.78
N GLU I 97 90.13 -12.49 -106.87
CA GLU I 97 91.53 -12.86 -107.06
C GLU I 97 92.43 -12.22 -106.01
N THR I 98 92.29 -10.90 -105.82
CA THR I 98 93.13 -10.23 -104.84
C THR I 98 92.79 -10.66 -103.43
N HIS I 99 91.52 -11.00 -103.18
CA HIS I 99 91.15 -11.55 -101.88
C HIS I 99 91.91 -12.84 -101.62
N LYS I 100 92.02 -13.69 -102.64
CA LYS I 100 92.78 -14.93 -102.49
C LYS I 100 94.24 -14.63 -102.20
N ARG I 101 94.86 -13.73 -102.97
CA ARG I 101 96.28 -13.48 -102.81
C ARG I 101 96.58 -12.79 -101.49
N ASN I 102 95.67 -11.95 -101.02
CA ASN I 102 95.87 -11.31 -99.72
C ASN I 102 95.84 -12.32 -98.60
N VAL I 103 94.85 -13.21 -98.60
CA VAL I 103 94.77 -14.23 -97.56
C VAL I 103 95.96 -15.16 -97.65
N ASP I 104 96.42 -15.45 -98.87
CA ASP I 104 97.55 -16.35 -99.04
C ASP I 104 98.79 -15.82 -98.34
N THR I 105 99.05 -14.52 -98.46
CA THR I 105 100.20 -13.94 -97.78
C THR I 105 100.08 -14.10 -96.27
N LEU I 106 98.90 -13.80 -95.73
CA LEU I 106 98.71 -13.93 -94.29
C LEU I 106 98.69 -15.39 -93.86
N PHE I 107 97.91 -16.22 -94.55
CA PHE I 107 97.62 -17.57 -94.08
C PHE I 107 98.47 -18.62 -94.80
N ALA I 108 98.39 -18.68 -96.13
CA ALA I 108 99.11 -19.71 -96.86
C ALA I 108 100.63 -19.51 -96.74
N SER I 109 101.09 -18.27 -96.89
CA SER I 109 102.52 -17.99 -96.82
C SER I 109 102.95 -17.65 -95.39
N GLY I 110 102.23 -16.74 -94.73
CA GLY I 110 102.53 -16.39 -93.37
C GLY I 110 102.06 -17.42 -92.38
N ASN I 111 102.23 -17.11 -91.11
CA ASN I 111 101.84 -17.99 -90.02
C ASN I 111 100.59 -17.50 -89.29
N ALA I 112 99.65 -16.91 -90.03
CA ALA I 112 98.43 -16.44 -89.40
C ALA I 112 97.56 -17.58 -88.90
N GLY I 113 97.70 -18.76 -89.49
CA GLY I 113 96.89 -19.88 -89.08
C GLY I 113 97.11 -20.26 -87.63
N LEU I 114 98.35 -20.17 -87.15
CA LEU I 114 98.63 -20.49 -85.76
C LEU I 114 98.12 -19.42 -84.81
N GLY I 115 97.90 -18.20 -85.29
CA GLY I 115 97.36 -17.15 -84.44
C GLY I 115 98.21 -15.91 -84.37
N PHE I 116 99.16 -15.77 -85.28
CA PHE I 116 100.07 -14.64 -85.30
C PHE I 116 99.77 -13.77 -86.51
N LEU I 117 99.67 -12.46 -86.29
CA LEU I 117 99.41 -11.51 -87.35
C LEU I 117 100.60 -10.58 -87.54
N ASP I 118 100.96 -10.35 -88.79
CA ASP I 118 102.14 -9.57 -89.13
C ASP I 118 101.70 -8.21 -89.67
N PRO I 119 101.86 -7.14 -88.91
CA PRO I 119 101.42 -5.82 -89.38
C PRO I 119 102.15 -5.34 -90.62
N THR I 120 103.35 -5.85 -90.89
CA THR I 120 104.11 -5.41 -92.05
C THR I 120 103.91 -6.30 -93.28
N ALA I 121 102.96 -7.23 -93.23
CA ALA I 121 102.70 -8.09 -94.38
C ALA I 121 102.21 -7.27 -95.56
N ALA I 122 102.61 -7.67 -96.77
CA ALA I 122 102.29 -6.92 -97.97
C ALA I 122 100.87 -7.26 -98.42
N ILE I 123 100.01 -6.25 -98.45
CA ILE I 123 98.63 -6.40 -98.90
C ILE I 123 98.41 -5.47 -100.08
N VAL I 124 97.90 -6.01 -101.18
CA VAL I 124 97.69 -5.25 -102.40
C VAL I 124 96.20 -5.25 -102.73
N SER I 125 95.78 -4.24 -103.49
CA SER I 125 94.38 -4.02 -103.80
C SER I 125 94.04 -4.54 -105.19
N SER I 126 92.73 -4.53 -105.49
CA SER I 126 92.28 -4.98 -106.79
C SER I 126 92.73 -4.03 -107.90
N ASP I 127 92.55 -2.73 -107.69
CA ASP I 127 92.92 -1.75 -108.69
C ASP I 127 94.42 -1.76 -108.93
N THR I 128 94.82 -1.48 -110.17
CA THR I 128 96.20 -1.57 -110.60
C THR I 128 96.73 -0.19 -110.96
N THR I 129 98.05 -0.02 -110.82
CA THR I 129 98.70 1.25 -111.10
C THR I 129 98.59 1.61 -112.58
N ALA J 1 67.57 -13.66 -133.71
CA ALA J 1 68.07 -14.44 -132.58
C ALA J 1 67.87 -13.69 -131.27
N ASN J 2 67.07 -14.28 -130.38
CA ASN J 2 66.75 -13.68 -129.09
C ASN J 2 67.61 -14.30 -128.00
N LYS J 3 67.76 -13.56 -126.91
CA LYS J 3 68.54 -14.05 -125.79
C LYS J 3 67.81 -15.19 -125.11
N PRO J 4 68.40 -16.39 -125.03
CA PRO J 4 67.77 -17.46 -124.27
C PRO J 4 67.91 -17.22 -122.77
N MET J 5 66.95 -17.73 -122.01
CA MET J 5 67.02 -17.70 -120.56
C MET J 5 67.41 -19.06 -120.03
N GLN J 6 67.80 -19.08 -118.77
CA GLN J 6 67.99 -20.32 -118.04
C GLN J 6 67.09 -20.33 -116.81
N PRO J 7 66.62 -21.49 -116.38
CA PRO J 7 65.80 -21.54 -115.17
C PRO J 7 66.59 -21.04 -113.96
N ILE J 8 65.89 -20.31 -113.09
CA ILE J 8 66.52 -19.76 -111.90
C ILE J 8 65.99 -20.47 -110.66
N THR J 9 64.68 -20.37 -110.44
CA THR J 9 64.04 -20.96 -109.27
C THR J 9 63.12 -22.07 -109.75
N SER J 10 63.49 -23.31 -109.47
CA SER J 10 62.66 -24.46 -109.79
C SER J 10 62.01 -24.97 -108.51
N THR J 11 60.68 -25.05 -108.53
CA THR J 11 59.91 -25.46 -107.37
C THR J 11 59.05 -26.65 -107.81
N ALA J 12 58.27 -27.21 -106.88
CA ALA J 12 57.36 -28.28 -107.22
C ALA J 12 56.35 -27.84 -108.27
N ASN J 13 56.03 -26.54 -108.31
CA ASN J 13 55.08 -26.02 -109.28
C ASN J 13 55.61 -24.88 -110.13
N LYS J 14 56.63 -24.16 -109.69
CA LYS J 14 57.09 -22.97 -110.39
C LYS J 14 58.51 -23.17 -110.92
N ILE J 15 58.72 -22.75 -112.17
CA ILE J 15 60.06 -22.58 -112.73
C ILE J 15 60.13 -21.18 -113.32
N VAL J 16 61.17 -20.44 -112.94
CA VAL J 16 61.34 -19.05 -113.37
C VAL J 16 62.61 -18.96 -114.20
N TRP J 17 62.47 -18.52 -115.44
CA TRP J 17 63.59 -18.22 -116.29
C TRP J 17 63.92 -16.74 -116.19
N SER J 18 65.19 -16.40 -116.36
CA SER J 18 65.60 -15.01 -116.37
C SER J 18 66.84 -14.87 -117.22
N ASP J 19 66.95 -13.73 -117.91
CA ASP J 19 68.04 -13.52 -118.83
C ASP J 19 69.34 -13.28 -118.08
N PRO J 20 70.41 -14.04 -118.36
CA PRO J 20 71.67 -13.78 -117.66
C PRO J 20 72.22 -12.38 -117.88
N THR J 21 72.07 -11.83 -119.08
CA THR J 21 72.59 -10.50 -119.34
C THR J 21 71.78 -9.43 -118.65
N ARG J 22 70.45 -9.60 -118.60
CA ARG J 22 69.56 -8.68 -117.92
C ARG J 22 68.71 -9.49 -116.94
N LEU J 23 69.08 -9.47 -115.67
CA LEU J 23 68.34 -10.22 -114.67
C LEU J 23 66.94 -9.68 -114.45
N SER J 24 66.66 -8.49 -114.98
CA SER J 24 65.35 -7.88 -114.77
C SER J 24 64.24 -8.69 -115.41
N THR J 25 64.37 -9.01 -116.69
CA THR J 25 63.30 -9.69 -117.40
C THR J 25 63.24 -11.16 -117.02
N THR J 26 62.03 -11.64 -116.76
CA THR J 26 61.83 -13.03 -116.34
C THR J 26 60.58 -13.58 -117.02
N PHE J 27 60.49 -14.90 -117.04
CA PHE J 27 59.31 -15.61 -117.48
C PHE J 27 59.06 -16.78 -116.54
N SER J 28 57.89 -16.83 -115.93
CA SER J 28 57.58 -17.84 -114.94
C SER J 28 56.32 -18.61 -115.34
N ALA J 29 56.31 -19.89 -115.00
CA ALA J 29 55.16 -20.75 -115.25
C ALA J 29 54.80 -21.47 -113.97
N SER J 30 53.52 -21.42 -113.61
CA SER J 30 53.03 -22.10 -112.41
C SER J 30 51.81 -22.92 -112.77
N LEU J 31 51.80 -24.17 -112.36
CA LEU J 31 50.73 -25.11 -112.69
C LEU J 31 50.07 -25.60 -111.42
N LEU J 32 48.74 -25.60 -111.43
CA LEU J 32 47.95 -26.14 -110.33
C LEU J 32 47.06 -27.23 -110.88
N ARG J 33 47.20 -28.44 -110.36
CA ARG J 33 46.40 -29.58 -110.78
C ARG J 33 45.43 -29.96 -109.69
N GLN J 34 44.16 -30.14 -110.07
CA GLN J 34 43.10 -30.43 -109.12
C GLN J 34 42.25 -31.56 -109.68
N ARG J 35 41.74 -32.40 -108.78
CA ARG J 35 41.07 -33.63 -109.18
C ARG J 35 39.56 -33.41 -109.22
N VAL J 36 39.13 -32.51 -110.11
CA VAL J 36 37.72 -32.16 -110.21
C VAL J 36 36.94 -33.35 -110.75
N LYS J 37 35.66 -33.42 -110.44
CA LYS J 37 34.80 -34.51 -110.87
C LYS J 37 33.49 -33.96 -111.40
N VAL J 38 33.15 -34.32 -112.63
CA VAL J 38 31.86 -33.99 -113.21
C VAL J 38 31.02 -35.26 -113.24
N GLY J 39 29.74 -35.11 -113.61
CA GLY J 39 28.79 -36.20 -113.59
C GLY J 39 29.32 -37.54 -114.09
N ILE J 40 29.32 -38.53 -113.20
CA ILE J 40 29.84 -39.89 -113.40
C ILE J 40 31.12 -39.89 -114.25
N ALA J 41 31.98 -38.90 -114.03
CA ALA J 41 33.23 -38.79 -114.78
C ALA J 41 34.28 -38.19 -113.86
N GLU J 42 35.37 -38.92 -113.65
CA GLU J 42 36.44 -38.51 -112.75
C GLU J 42 37.50 -37.80 -113.58
N LEU J 43 37.82 -36.55 -113.21
CA LEU J 43 38.55 -35.64 -114.09
C LEU J 43 39.82 -35.10 -113.46
N ASN J 44 40.72 -34.65 -114.33
CA ASN J 44 41.97 -33.98 -113.94
C ASN J 44 41.93 -32.57 -114.51
N ASN J 45 41.97 -31.57 -113.63
CA ASN J 45 41.98 -30.18 -114.06
C ASN J 45 43.36 -29.59 -113.87
N VAL J 46 43.78 -28.73 -114.79
CA VAL J 46 45.07 -28.06 -114.75
C VAL J 46 44.86 -26.59 -115.02
N SER J 47 45.55 -25.74 -114.26
CA SER J 47 45.50 -24.29 -114.44
C SER J 47 46.93 -23.78 -114.52
N GLY J 48 47.39 -23.48 -115.74
CA GLY J 48 48.74 -23.04 -115.96
C GLY J 48 48.83 -21.53 -116.05
N GLN J 49 49.54 -20.94 -115.09
CA GLN J 49 49.71 -19.49 -115.01
C GLN J 49 51.09 -19.13 -115.57
N TYR J 50 51.11 -18.33 -116.62
CA TYR J 50 52.35 -17.89 -117.25
C TYR J 50 52.44 -16.38 -117.15
N VAL J 51 53.56 -15.88 -116.65
CA VAL J 51 53.76 -14.46 -116.41
C VAL J 51 55.07 -14.03 -117.03
N SER J 52 55.03 -12.99 -117.84
CA SER J 52 56.22 -12.37 -118.40
C SER J 52 56.28 -10.92 -117.93
N VAL J 53 57.43 -10.50 -117.42
CA VAL J 53 57.60 -9.16 -116.88
C VAL J 53 58.86 -8.56 -117.48
N TYR J 54 58.90 -7.22 -117.54
CA TYR J 54 60.02 -6.51 -118.12
C TYR J 54 60.05 -5.10 -117.57
N LYS J 55 61.16 -4.73 -116.94
CA LYS J 55 61.38 -3.35 -116.51
C LYS J 55 61.85 -2.58 -117.72
N ARG J 56 60.93 -2.11 -118.51
CA ARG J 56 61.25 -1.36 -119.71
C ARG J 56 61.49 0.10 -119.35
N PRO J 57 62.63 0.67 -119.74
CA PRO J 57 62.88 2.09 -119.41
C PRO J 57 61.87 3.00 -120.09
N ALA J 58 61.62 4.13 -119.43
CA ALA J 58 60.70 5.12 -119.98
C ALA J 58 61.23 5.62 -121.32
N PRO J 59 60.34 6.03 -122.23
CA PRO J 59 60.80 6.43 -123.56
C PRO J 59 61.60 7.73 -123.50
N LYS J 60 62.56 7.83 -124.40
CA LYS J 60 63.36 9.05 -124.50
C LYS J 60 62.47 10.19 -124.98
N PRO J 61 62.57 11.38 -124.37
CA PRO J 61 61.85 12.52 -124.91
C PRO J 61 62.25 12.79 -126.35
N GLU J 62 61.25 13.13 -127.17
CA GLU J 62 61.44 13.20 -128.60
C GLU J 62 62.42 14.30 -128.97
N GLY J 63 63.14 14.08 -130.07
CA GLY J 63 64.04 15.07 -130.61
C GLY J 63 65.48 14.96 -130.16
N CYS J 64 65.80 14.04 -129.25
CA CYS J 64 67.15 13.89 -128.77
C CYS J 64 67.51 12.42 -128.66
N ALA J 65 68.79 12.13 -128.83
CA ALA J 65 69.31 10.79 -128.59
C ALA J 65 70.39 10.88 -127.52
N ASP J 66 71.04 12.04 -127.44
CA ASP J 66 72.17 12.28 -126.54
C ASP J 66 73.17 11.15 -126.74
N ALA J 67 73.75 10.66 -125.66
CA ALA J 67 74.48 9.41 -125.65
C ALA J 67 74.05 8.52 -124.50
N CYS J 68 73.76 9.10 -123.34
CA CYS J 68 73.39 8.33 -122.16
C CYS J 68 72.69 9.22 -121.15
N VAL J 69 71.40 8.98 -120.95
CA VAL J 69 70.60 9.72 -119.96
C VAL J 69 69.72 8.70 -119.25
N ILE J 70 69.70 8.76 -117.92
CA ILE J 70 68.94 7.77 -117.16
C ILE J 70 67.50 8.22 -117.01
N MET J 71 66.58 7.28 -117.21
CA MET J 71 65.15 7.49 -117.01
C MET J 71 64.59 6.32 -116.22
N PRO J 72 63.54 6.57 -115.43
CA PRO J 72 62.99 5.48 -114.61
C PRO J 72 62.45 4.36 -115.47
N ASN J 73 62.57 3.14 -114.96
CA ASN J 73 62.08 1.96 -115.65
C ASN J 73 60.63 1.71 -115.24
N GLU J 74 59.72 1.74 -116.21
CA GLU J 74 58.36 1.36 -115.93
C GLU J 74 58.24 -0.17 -115.94
N ASN J 75 57.01 -0.65 -115.80
CA ASN J 75 56.74 -2.08 -115.77
C ASN J 75 55.92 -2.48 -116.98
N GLN J 76 56.33 -3.56 -117.63
CA GLN J 76 55.57 -4.20 -118.68
C GLN J 76 55.35 -5.66 -118.29
N SER J 77 54.11 -6.05 -118.14
CA SER J 77 53.78 -7.39 -117.66
C SER J 77 52.69 -8.00 -118.51
N ILE J 78 52.80 -9.30 -118.76
CA ILE J 78 51.80 -10.07 -119.47
C ILE J 78 51.54 -11.35 -118.69
N ARG J 79 50.29 -11.57 -118.31
CA ARG J 79 49.90 -12.73 -117.52
C ARG J 79 48.88 -13.54 -118.30
N THR J 80 49.01 -14.86 -118.26
CA THR J 80 48.11 -15.75 -118.97
C THR J 80 47.82 -16.97 -118.11
N VAL J 81 46.55 -17.37 -118.06
CA VAL J 81 46.13 -18.55 -117.32
C VAL J 81 45.33 -19.44 -118.26
N ILE J 82 45.70 -20.71 -118.33
CA ILE J 82 45.01 -21.70 -119.15
C ILE J 82 44.42 -22.73 -118.21
N SER J 83 43.09 -22.85 -118.21
CA SER J 83 42.38 -23.78 -117.34
C SER J 83 41.51 -24.70 -118.18
N GLY J 84 41.61 -25.99 -117.93
CA GLY J 84 40.81 -26.95 -118.67
C GLY J 84 41.12 -28.35 -118.22
N SER J 85 40.27 -29.28 -118.66
CA SER J 85 40.44 -30.68 -118.32
C SER J 85 41.62 -31.27 -119.09
N ALA J 86 42.27 -32.26 -118.48
CA ALA J 86 43.47 -32.83 -119.08
C ALA J 86 43.19 -33.52 -120.40
N GLU J 87 42.09 -34.29 -120.46
CA GLU J 87 41.85 -35.10 -121.65
C GLU J 87 41.53 -34.25 -122.86
N ASN J 88 40.99 -33.04 -122.65
CA ASN J 88 40.54 -32.19 -123.73
C ASN J 88 41.64 -31.27 -124.21
N LEU J 89 42.89 -31.59 -123.89
CA LEU J 89 44.02 -30.80 -124.37
C LEU J 89 44.06 -30.77 -125.89
N ALA J 90 43.52 -31.80 -126.56
CA ALA J 90 43.43 -31.78 -128.01
C ALA J 90 42.66 -30.55 -128.48
N THR J 91 41.47 -30.33 -127.90
CA THR J 91 40.72 -29.14 -128.28
C THR J 91 41.19 -27.92 -127.49
N LEU J 92 41.73 -28.12 -126.29
CA LEU J 92 42.20 -26.98 -125.50
C LEU J 92 43.17 -26.10 -126.29
N LYS J 93 44.03 -26.71 -127.11
CA LYS J 93 44.94 -25.91 -127.92
C LYS J 93 44.16 -25.05 -128.92
N ALA J 94 43.02 -25.56 -129.39
CA ALA J 94 42.35 -24.92 -130.52
C ALA J 94 41.91 -23.50 -130.21
N GLU J 95 41.20 -23.29 -129.10
CA GLU J 95 40.79 -21.94 -128.77
C GLU J 95 41.98 -21.10 -128.32
N TRP J 96 43.02 -21.74 -127.78
CA TRP J 96 44.26 -21.02 -127.52
C TRP J 96 44.80 -20.40 -128.80
N GLU J 97 44.78 -21.16 -129.89
CA GLU J 97 45.14 -20.58 -131.18
C GLU J 97 44.15 -19.48 -131.54
N THR J 98 42.85 -19.73 -131.34
CA THR J 98 41.85 -18.69 -131.58
C THR J 98 42.07 -17.51 -130.65
N HIS J 99 42.29 -17.77 -129.36
CA HIS J 99 42.44 -16.69 -128.40
C HIS J 99 43.63 -15.80 -128.76
N LYS J 100 44.70 -16.40 -129.27
CA LYS J 100 45.84 -15.61 -129.73
C LYS J 100 45.44 -14.70 -130.88
N ARG J 101 44.82 -15.25 -131.92
CA ARG J 101 44.44 -14.44 -133.06
C ARG J 101 43.28 -13.52 -132.72
N ASN J 102 42.43 -13.93 -131.78
CA ASN J 102 41.31 -13.07 -131.39
C ASN J 102 41.81 -11.81 -130.70
N VAL J 103 42.77 -11.96 -129.79
CA VAL J 103 43.33 -10.79 -129.11
C VAL J 103 44.10 -9.92 -130.10
N ASP J 104 44.76 -10.56 -131.07
CA ASP J 104 45.61 -9.83 -132.00
C ASP J 104 44.83 -8.76 -132.75
N THR J 105 43.58 -9.05 -133.11
CA THR J 105 42.76 -8.05 -133.80
C THR J 105 42.56 -6.82 -132.93
N LEU J 106 42.24 -7.03 -131.66
CA LEU J 106 42.05 -5.89 -130.76
C LEU J 106 43.38 -5.22 -130.45
N PHE J 107 44.41 -6.00 -130.14
CA PHE J 107 45.65 -5.45 -129.61
C PHE J 107 46.68 -5.18 -130.71
N ALA J 108 47.09 -6.23 -131.43
CA ALA J 108 48.16 -6.08 -132.42
C ALA J 108 47.69 -5.23 -133.59
N SER J 109 46.53 -5.54 -134.15
CA SER J 109 46.02 -4.80 -135.29
C SER J 109 45.28 -3.54 -134.89
N GLY J 110 44.41 -3.64 -133.88
CA GLY J 110 43.68 -2.49 -133.40
C GLY J 110 44.53 -1.64 -132.48
N ASN J 111 43.86 -0.71 -131.82
CA ASN J 111 44.51 0.19 -130.87
C ASN J 111 43.90 0.06 -129.48
N ALA J 112 43.50 -1.16 -129.12
CA ALA J 112 43.00 -1.39 -127.77
C ALA J 112 44.05 -1.12 -126.72
N GLY J 113 45.33 -1.24 -127.08
CA GLY J 113 46.39 -0.94 -126.14
C GLY J 113 46.57 0.54 -125.87
N LEU J 114 45.93 1.40 -126.66
CA LEU J 114 45.93 2.83 -126.40
C LEU J 114 44.76 3.27 -125.54
N GLY J 115 43.99 2.32 -125.01
CA GLY J 115 42.81 2.63 -124.24
C GLY J 115 41.53 2.66 -125.04
N PHE J 116 41.58 2.44 -126.34
CA PHE J 116 40.38 2.47 -127.15
C PHE J 116 39.70 1.11 -127.13
N LEU J 117 38.45 1.09 -127.56
CA LEU J 117 37.71 -0.15 -127.79
C LEU J 117 36.95 -0.04 -129.10
N ASP J 118 36.89 -1.13 -129.85
CA ASP J 118 36.27 -1.16 -131.17
C ASP J 118 35.11 -2.14 -131.14
N PRO J 119 33.87 -1.65 -130.97
CA PRO J 119 32.72 -2.57 -130.95
C PRO J 119 32.54 -3.35 -132.23
N THR J 120 32.93 -2.79 -133.38
CA THR J 120 32.74 -3.47 -134.65
C THR J 120 33.97 -4.25 -135.11
N ALA J 121 34.88 -4.57 -134.18
CA ALA J 121 36.04 -5.37 -134.52
C ALA J 121 35.64 -6.77 -134.92
N ALA J 122 36.44 -7.39 -135.79
CA ALA J 122 36.15 -8.73 -136.29
C ALA J 122 36.59 -9.76 -135.26
N ILE J 123 35.63 -10.50 -134.72
CA ILE J 123 35.88 -11.51 -133.71
C ILE J 123 35.39 -12.85 -134.23
N VAL J 124 36.25 -13.85 -134.22
CA VAL J 124 35.90 -15.18 -134.71
C VAL J 124 35.74 -16.11 -133.52
N SER J 125 35.12 -17.25 -133.77
CA SER J 125 34.91 -18.27 -132.75
C SER J 125 35.92 -19.39 -132.90
N SER J 126 36.10 -20.14 -131.82
CA SER J 126 37.02 -21.27 -131.85
C SER J 126 36.57 -22.32 -132.86
N ASP J 127 35.27 -22.61 -132.89
CA ASP J 127 34.75 -23.59 -133.82
C ASP J 127 34.87 -23.09 -135.26
N THR J 128 35.15 -24.01 -136.17
CA THR J 128 35.33 -23.67 -137.57
C THR J 128 34.00 -23.73 -138.32
N THR J 129 34.01 -23.17 -139.52
CA THR J 129 32.82 -23.18 -140.38
C THR J 129 32.65 -24.52 -141.07
N ALA K 1 58.84 -50.81 -126.70
CA ALA K 1 59.36 -50.14 -125.51
C ALA K 1 58.23 -49.78 -124.55
N ASN K 2 58.53 -48.92 -123.60
CA ASN K 2 57.56 -48.48 -122.59
C ASN K 2 57.52 -46.97 -122.58
N LYS K 3 56.33 -46.41 -122.36
CA LYS K 3 56.20 -44.96 -122.31
C LYS K 3 56.98 -44.43 -121.11
N PRO K 4 57.92 -43.52 -121.30
CA PRO K 4 58.62 -42.92 -120.17
C PRO K 4 57.73 -41.93 -119.44
N MET K 5 57.96 -41.82 -118.13
CA MET K 5 57.25 -40.85 -117.33
C MET K 5 58.09 -39.59 -117.16
N GLN K 6 57.44 -38.55 -116.65
CA GLN K 6 58.14 -37.31 -116.35
C GLN K 6 57.90 -36.94 -114.89
N PRO K 7 58.85 -36.24 -114.26
CA PRO K 7 58.64 -35.83 -112.87
C PRO K 7 57.47 -34.88 -112.76
N ILE K 8 56.75 -34.98 -111.65
CA ILE K 8 55.62 -34.12 -111.34
C ILE K 8 55.94 -33.16 -110.21
N THR K 9 56.25 -33.69 -109.04
CA THR K 9 56.65 -32.90 -107.89
C THR K 9 58.12 -33.16 -107.63
N SER K 10 58.94 -32.13 -107.80
CA SER K 10 60.37 -32.23 -107.56
C SER K 10 60.70 -31.63 -106.21
N THR K 11 61.46 -32.36 -105.41
CA THR K 11 61.80 -31.92 -104.06
C THR K 11 63.15 -32.55 -103.72
N ALA K 12 63.82 -31.97 -102.73
CA ALA K 12 65.10 -32.53 -102.28
C ALA K 12 64.95 -33.92 -101.68
N ASN K 13 63.73 -34.34 -101.37
CA ASN K 13 63.52 -35.66 -100.79
C ASN K 13 62.64 -36.54 -101.66
N LYS K 14 61.58 -35.96 -102.23
CA LYS K 14 60.60 -36.73 -102.97
C LYS K 14 60.51 -36.26 -104.41
N ILE K 15 60.50 -37.21 -105.34
CA ILE K 15 60.20 -36.94 -106.74
C ILE K 15 59.18 -37.97 -107.21
N VAL K 16 58.14 -37.50 -107.89
CA VAL K 16 57.05 -38.35 -108.35
C VAL K 16 57.00 -38.28 -109.86
N TRP K 17 57.06 -39.44 -110.51
CA TRP K 17 56.90 -39.54 -111.95
C TRP K 17 55.47 -39.95 -112.28
N SER K 18 54.98 -39.52 -113.43
CA SER K 18 53.66 -39.92 -113.91
C SER K 18 53.66 -39.94 -115.43
N ASP K 19 52.76 -40.73 -115.99
CA ASP K 19 52.72 -40.96 -117.42
C ASP K 19 51.84 -39.91 -118.10
N PRO K 20 52.28 -39.32 -119.20
CA PRO K 20 51.42 -38.35 -119.90
C PRO K 20 50.11 -38.93 -120.38
N THR K 21 50.13 -40.13 -120.96
CA THR K 21 48.89 -40.71 -121.47
C THR K 21 47.96 -41.10 -120.33
N ARG K 22 48.50 -41.63 -119.25
CA ARG K 22 47.72 -42.01 -118.08
C ARG K 22 48.30 -41.32 -116.85
N LEU K 23 47.68 -40.23 -116.42
CA LEU K 23 48.10 -39.58 -115.18
C LEU K 23 47.82 -40.44 -113.96
N SER K 24 47.05 -41.52 -114.12
CA SER K 24 46.73 -42.38 -112.99
C SER K 24 47.98 -43.07 -112.46
N THR K 25 48.75 -43.72 -113.32
CA THR K 25 49.93 -44.44 -112.87
C THR K 25 51.01 -43.47 -112.41
N THR K 26 51.72 -43.85 -111.36
CA THR K 26 52.73 -43.00 -110.77
C THR K 26 53.92 -43.83 -110.31
N PHE K 27 55.01 -43.14 -109.98
CA PHE K 27 56.20 -43.76 -109.40
C PHE K 27 56.86 -42.71 -108.53
N SER K 28 56.89 -42.94 -107.23
CA SER K 28 57.40 -41.98 -106.27
C SER K 28 58.60 -42.57 -105.52
N ALA K 29 59.64 -41.77 -105.38
CA ALA K 29 60.83 -42.16 -104.64
C ALA K 29 61.15 -41.09 -103.59
N SER K 30 61.35 -41.53 -102.36
CA SER K 30 61.67 -40.62 -101.27
C SER K 30 62.79 -41.22 -100.42
N LEU K 31 63.66 -40.35 -99.91
CA LEU K 31 64.80 -40.77 -99.13
C LEU K 31 64.78 -40.07 -97.77
N LEU K 32 65.27 -40.77 -96.75
CA LEU K 32 65.46 -40.19 -95.43
C LEU K 32 66.93 -40.40 -95.08
N ARG K 33 67.79 -39.47 -95.51
CA ARG K 33 69.21 -39.54 -95.22
C ARG K 33 69.40 -39.10 -93.77
N GLN K 34 69.87 -40.03 -92.94
CA GLN K 34 69.97 -39.80 -91.51
C GLN K 34 71.27 -40.42 -91.00
N ARG K 35 71.81 -39.82 -89.94
CA ARG K 35 73.11 -40.20 -89.41
C ARG K 35 72.93 -41.10 -88.19
N VAL K 36 73.57 -42.25 -88.21
CA VAL K 36 73.44 -43.25 -87.16
C VAL K 36 74.77 -43.41 -86.44
N LYS K 37 74.71 -43.43 -85.11
CA LYS K 37 75.89 -43.60 -84.26
C LYS K 37 75.84 -45.00 -83.69
N VAL K 38 76.55 -45.94 -84.32
CA VAL K 38 76.48 -47.34 -83.88
C VAL K 38 77.85 -47.90 -83.52
N GLY K 39 78.79 -47.88 -84.46
CA GLY K 39 80.05 -48.56 -84.27
C GLY K 39 81.16 -47.71 -83.72
N ILE K 40 80.95 -47.13 -82.54
CA ILE K 40 81.83 -46.15 -81.88
C ILE K 40 82.42 -45.21 -82.93
N ALA K 41 81.67 -44.99 -84.01
CA ALA K 41 82.08 -44.18 -85.16
C ALA K 41 80.84 -43.93 -85.97
N GLU K 42 80.64 -42.68 -86.39
CA GLU K 42 79.41 -42.30 -87.05
C GLU K 42 79.25 -42.99 -88.40
N LEU K 43 78.04 -43.43 -88.69
CA LEU K 43 77.70 -44.04 -89.96
C LEU K 43 76.51 -43.30 -90.57
N ASN K 44 76.45 -43.28 -91.90
CA ASN K 44 75.42 -42.56 -92.62
C ASN K 44 74.46 -43.56 -93.25
N ASN K 45 73.23 -43.56 -92.76
CA ASN K 45 72.21 -44.51 -93.19
C ASN K 45 71.18 -43.79 -94.05
N VAL K 46 70.87 -44.37 -95.20
CA VAL K 46 69.89 -43.82 -96.13
C VAL K 46 68.75 -44.80 -96.23
N SER K 47 67.54 -44.33 -95.94
CA SER K 47 66.34 -45.15 -95.99
C SER K 47 65.55 -44.77 -97.23
N GLY K 48 65.53 -45.65 -98.22
CA GLY K 48 64.87 -45.40 -99.49
C GLY K 48 63.48 -45.99 -99.51
N GLN K 49 62.55 -45.24 -100.10
CA GLN K 49 61.17 -45.69 -100.27
C GLN K 49 60.76 -45.47 -101.72
N TYR K 50 60.25 -46.52 -102.35
CA TYR K 50 59.85 -46.48 -103.75
C TYR K 50 58.46 -47.06 -103.88
N VAL K 51 57.55 -46.30 -104.44
CA VAL K 51 56.16 -46.71 -104.59
C VAL K 51 55.79 -46.64 -106.07
N SER K 52 55.30 -47.75 -106.60
CA SER K 52 54.78 -47.81 -107.96
C SER K 52 53.30 -48.13 -107.86
N VAL K 53 52.45 -47.26 -108.40
CA VAL K 53 51.01 -47.34 -108.23
C VAL K 53 50.35 -47.35 -109.60
N TYR K 54 49.43 -48.28 -109.81
CA TYR K 54 48.64 -48.37 -111.02
C TYR K 54 47.20 -48.67 -110.65
N LYS K 55 46.27 -48.03 -111.34
CA LYS K 55 44.84 -48.30 -111.17
C LYS K 55 44.41 -49.19 -112.32
N ARG K 56 44.11 -50.44 -112.02
CA ARG K 56 43.73 -51.41 -113.03
C ARG K 56 42.22 -51.61 -113.01
N PRO K 57 41.53 -51.38 -114.11
CA PRO K 57 40.08 -51.62 -114.13
C PRO K 57 39.75 -53.07 -113.84
N ALA K 58 38.62 -53.28 -113.19
CA ALA K 58 38.18 -54.62 -112.82
C ALA K 58 38.04 -55.48 -114.08
N PRO K 59 38.31 -56.78 -113.97
CA PRO K 59 38.30 -57.63 -115.18
C PRO K 59 36.91 -57.66 -115.81
N LYS K 60 36.90 -57.70 -117.14
CA LYS K 60 35.64 -57.69 -117.86
C LYS K 60 34.85 -58.96 -117.55
N PRO K 61 33.57 -58.84 -117.21
CA PRO K 61 32.75 -60.04 -116.99
C PRO K 61 32.68 -60.90 -118.24
N GLU K 62 32.31 -62.15 -118.03
CA GLU K 62 32.30 -63.14 -119.11
C GLU K 62 31.34 -62.70 -120.21
N GLY K 63 31.81 -62.76 -121.46
CA GLY K 63 31.00 -62.35 -122.58
C GLY K 63 30.63 -60.88 -122.60
N CYS K 64 31.54 -60.01 -122.17
CA CYS K 64 31.30 -58.57 -122.15
C CYS K 64 32.33 -57.74 -122.90
N ALA K 65 33.15 -58.34 -123.75
CA ALA K 65 34.04 -57.55 -124.59
C ALA K 65 33.29 -57.06 -125.84
N ASP K 66 32.08 -56.55 -125.58
CA ASP K 66 31.22 -56.02 -126.63
C ASP K 66 30.76 -54.59 -126.37
N ALA K 67 30.24 -54.32 -125.17
CA ALA K 67 29.45 -53.12 -124.94
C ALA K 67 30.34 -51.97 -124.45
N CYS K 68 29.70 -50.83 -124.21
CA CYS K 68 30.32 -49.62 -123.68
C CYS K 68 29.94 -49.51 -122.21
N VAL K 69 30.72 -50.16 -121.35
CA VAL K 69 30.51 -50.11 -119.91
C VAL K 69 31.85 -49.86 -119.23
N ILE K 70 31.86 -48.95 -118.26
CA ILE K 70 33.06 -48.62 -117.52
C ILE K 70 33.00 -49.27 -116.15
N MET K 71 34.13 -49.83 -115.72
CA MET K 71 34.22 -50.57 -114.47
C MET K 71 35.19 -49.92 -113.52
N PRO K 72 34.98 -50.07 -112.21
CA PRO K 72 35.90 -49.47 -111.25
C PRO K 72 37.30 -50.04 -111.37
N ASN K 73 38.27 -49.23 -111.01
CA ASN K 73 39.69 -49.60 -111.10
C ASN K 73 40.18 -50.03 -109.73
N GLU K 74 40.86 -51.18 -109.68
CA GLU K 74 41.44 -51.64 -108.44
C GLU K 74 42.73 -50.89 -108.14
N ASN K 75 43.38 -51.28 -107.06
CA ASN K 75 44.56 -50.58 -106.54
C ASN K 75 45.75 -51.53 -106.61
N GLN K 76 46.52 -51.45 -107.69
CA GLN K 76 47.75 -52.22 -107.82
C GLN K 76 48.91 -51.35 -107.35
N SER K 77 49.45 -51.65 -106.17
CA SER K 77 50.51 -50.88 -105.56
C SER K 77 51.69 -51.77 -105.22
N ILE K 78 52.89 -51.25 -105.44
CA ILE K 78 54.12 -51.93 -105.09
C ILE K 78 54.98 -50.94 -104.32
N ARG K 79 55.31 -51.26 -103.07
CA ARG K 79 56.13 -50.40 -102.23
C ARG K 79 57.38 -51.15 -101.83
N THR K 80 58.54 -50.52 -102.05
CA THR K 80 59.82 -51.11 -101.71
C THR K 80 60.59 -50.14 -100.83
N VAL K 81 61.12 -50.66 -99.72
CA VAL K 81 61.88 -49.87 -98.75
C VAL K 81 63.29 -50.43 -98.70
N ILE K 82 64.27 -49.57 -98.92
CA ILE K 82 65.68 -49.94 -98.89
C ILE K 82 66.34 -49.14 -97.77
N SER K 83 66.97 -49.83 -96.84
CA SER K 83 67.67 -49.19 -95.74
C SER K 83 69.06 -49.79 -95.59
N GLY K 84 70.02 -48.95 -95.22
CA GLY K 84 71.38 -49.41 -95.02
C GLY K 84 72.35 -48.25 -95.02
N SER K 85 73.54 -48.53 -94.51
CA SER K 85 74.58 -47.51 -94.45
C SER K 85 75.15 -47.25 -95.84
N ALA K 86 75.49 -45.99 -96.09
CA ALA K 86 76.07 -45.62 -97.37
C ALA K 86 77.44 -46.26 -97.56
N GLU K 87 78.17 -46.48 -96.46
CA GLU K 87 79.49 -47.08 -96.55
C GLU K 87 79.41 -48.50 -97.08
N ASN K 88 78.36 -49.23 -96.71
CA ASN K 88 78.15 -50.59 -97.18
C ASN K 88 77.24 -50.64 -98.39
N LEU K 89 77.28 -49.60 -99.23
CA LEU K 89 76.42 -49.55 -100.41
C LEU K 89 76.76 -50.67 -101.39
N ALA K 90 78.05 -50.93 -101.62
CA ALA K 90 78.43 -51.90 -102.63
C ALA K 90 77.87 -53.28 -102.31
N THR K 91 77.96 -53.69 -101.06
CA THR K 91 77.37 -54.95 -100.65
C THR K 91 75.85 -54.86 -100.53
N LEU K 92 75.32 -53.67 -100.26
CA LEU K 92 73.87 -53.52 -100.20
C LEU K 92 73.24 -53.78 -101.55
N LYS K 93 73.90 -53.38 -102.63
CA LYS K 93 73.39 -53.66 -103.96
C LYS K 93 73.29 -55.16 -104.20
N ALA K 94 74.28 -55.92 -103.74
CA ALA K 94 74.23 -57.37 -103.86
C ALA K 94 73.03 -57.92 -103.10
N GLU K 95 72.70 -57.34 -101.95
CA GLU K 95 71.52 -57.74 -101.22
C GLU K 95 70.26 -57.47 -102.03
N TRP K 96 70.25 -56.39 -102.81
CA TRP K 96 69.10 -56.10 -103.65
C TRP K 96 68.90 -57.19 -104.71
N GLU K 97 69.99 -57.64 -105.32
CA GLU K 97 69.88 -58.66 -106.38
C GLU K 97 69.30 -59.95 -105.82
N THR K 98 69.81 -60.40 -104.68
CA THR K 98 69.31 -61.65 -104.12
C THR K 98 67.90 -61.49 -103.58
N HIS K 99 67.52 -60.27 -103.18
CA HIS K 99 66.16 -60.04 -102.74
C HIS K 99 65.18 -60.20 -103.90
N LYS K 100 65.55 -59.71 -105.08
CA LYS K 100 64.67 -59.83 -106.23
C LYS K 100 64.43 -61.28 -106.61
N ARG K 101 65.50 -62.07 -106.70
CA ARG K 101 65.34 -63.45 -107.15
C ARG K 101 64.62 -64.29 -106.10
N ASN K 102 64.77 -63.95 -104.82
CA ASN K 102 64.00 -64.63 -103.79
C ASN K 102 62.51 -64.35 -103.94
N VAL K 103 62.15 -63.08 -104.12
CA VAL K 103 60.74 -62.74 -104.33
C VAL K 103 60.25 -63.34 -105.64
N ASP K 104 61.06 -63.27 -106.70
CA ASP K 104 60.67 -63.85 -107.97
C ASP K 104 60.37 -65.33 -107.82
N THR K 105 61.16 -66.04 -107.01
CA THR K 105 60.90 -67.45 -106.78
C THR K 105 59.53 -67.66 -106.14
N LEU K 106 59.21 -66.87 -105.11
CA LEU K 106 57.92 -67.02 -104.46
C LEU K 106 56.79 -66.45 -105.30
N PHE K 107 56.99 -65.28 -105.89
CA PHE K 107 55.91 -64.54 -106.53
C PHE K 107 55.88 -64.71 -108.04
N ALA K 108 56.97 -64.36 -108.72
CA ALA K 108 56.98 -64.39 -110.18
C ALA K 108 56.81 -65.80 -110.71
N SER K 109 57.50 -66.77 -110.11
CA SER K 109 57.41 -68.14 -110.57
C SER K 109 56.43 -68.96 -109.74
N GLY K 110 56.37 -68.73 -108.44
CA GLY K 110 55.48 -69.47 -107.56
C GLY K 110 54.08 -68.91 -107.57
N ASN K 111 53.27 -69.41 -106.65
CA ASN K 111 51.88 -69.02 -106.52
C ASN K 111 51.62 -68.16 -105.28
N ALA K 112 52.62 -67.42 -104.84
CA ALA K 112 52.43 -66.54 -103.69
C ALA K 112 51.39 -65.46 -104.00
N GLY K 113 51.24 -65.10 -105.27
CA GLY K 113 50.24 -64.11 -105.62
C GLY K 113 48.83 -64.59 -105.33
N LEU K 114 48.58 -65.88 -105.54
CA LEU K 114 47.27 -66.43 -105.19
C LEU K 114 47.01 -66.36 -103.70
N GLY K 115 48.03 -66.57 -102.88
CA GLY K 115 47.87 -66.54 -101.44
C GLY K 115 48.47 -67.75 -100.76
N PHE K 116 49.24 -68.53 -101.51
CA PHE K 116 49.83 -69.76 -101.01
C PHE K 116 51.33 -69.60 -100.82
N LEU K 117 51.83 -70.00 -99.65
CA LEU K 117 53.26 -70.05 -99.38
C LEU K 117 53.75 -71.47 -99.56
N ASP K 118 54.65 -71.66 -100.51
CA ASP K 118 55.29 -72.96 -100.65
C ASP K 118 56.36 -73.09 -99.58
N PRO K 119 56.26 -74.04 -98.66
CA PRO K 119 57.28 -74.19 -97.61
C PRO K 119 58.54 -74.89 -98.07
N THR K 120 58.69 -75.16 -99.36
CA THR K 120 59.90 -75.79 -99.89
C THR K 120 60.50 -75.00 -101.05
N ALA K 121 60.10 -73.75 -101.25
CA ALA K 121 60.65 -72.96 -102.33
C ALA K 121 62.13 -72.70 -102.11
N ALA K 122 62.91 -72.79 -103.17
CA ALA K 122 64.36 -72.59 -103.09
C ALA K 122 64.66 -71.12 -102.87
N ILE K 123 65.21 -70.80 -101.72
CA ILE K 123 65.58 -69.43 -101.37
C ILE K 123 67.05 -69.40 -100.99
N VAL K 124 67.81 -68.53 -101.65
CA VAL K 124 69.26 -68.48 -101.50
C VAL K 124 69.65 -67.11 -100.98
N SER K 125 70.76 -67.06 -100.24
CA SER K 125 71.19 -65.86 -99.57
C SER K 125 72.13 -65.03 -100.45
N SER K 126 72.45 -63.84 -99.97
CA SER K 126 73.40 -63.00 -100.68
C SER K 126 74.78 -63.63 -100.71
N ASP K 127 75.20 -64.22 -99.59
CA ASP K 127 76.53 -64.83 -99.51
C ASP K 127 76.61 -66.04 -100.43
N THR K 128 77.73 -66.16 -101.12
CA THR K 128 77.98 -67.27 -102.02
C THR K 128 78.83 -68.33 -101.31
N THR K 129 79.17 -69.39 -102.02
CA THR K 129 80.00 -70.45 -101.45
C THR K 129 80.94 -71.02 -102.51
N ALA L 1 69.34 -133.21 -25.14
CA ALA L 1 67.90 -133.01 -25.14
C ALA L 1 67.54 -131.64 -24.57
N ASN L 2 66.24 -131.42 -24.37
CA ASN L 2 65.75 -130.16 -23.83
C ASN L 2 64.53 -130.44 -22.96
N LYS L 3 64.32 -129.57 -21.99
CA LYS L 3 63.16 -129.71 -21.11
C LYS L 3 61.90 -129.32 -21.87
N PRO L 4 60.93 -130.21 -22.02
CA PRO L 4 59.66 -129.81 -22.61
C PRO L 4 58.92 -128.83 -21.71
N MET L 5 58.20 -127.92 -22.32
CA MET L 5 57.36 -126.99 -21.56
C MET L 5 55.96 -127.57 -21.41
N GLN L 6 55.25 -127.04 -20.44
CA GLN L 6 53.86 -127.41 -20.31
C GLN L 6 52.96 -126.24 -20.66
N PRO L 7 51.88 -126.47 -21.41
CA PRO L 7 50.96 -125.39 -21.71
C PRO L 7 50.38 -124.79 -20.44
N ILE L 8 50.22 -123.47 -20.44
CA ILE L 8 49.69 -122.77 -19.29
C ILE L 8 48.33 -122.15 -19.55
N THR L 9 48.01 -121.77 -20.79
CA THR L 9 46.71 -121.18 -21.09
C THR L 9 46.31 -121.67 -22.47
N SER L 10 45.50 -122.73 -22.50
CA SER L 10 45.04 -123.32 -23.75
C SER L 10 43.76 -122.65 -24.20
N THR L 11 43.72 -122.27 -25.47
CA THR L 11 42.55 -121.62 -26.04
C THR L 11 42.58 -121.87 -27.54
N ALA L 12 41.42 -121.75 -28.18
CA ALA L 12 41.34 -121.93 -29.62
C ALA L 12 42.14 -120.89 -30.39
N ASN L 13 42.54 -119.79 -29.75
CA ASN L 13 43.34 -118.76 -30.39
C ASN L 13 44.70 -118.57 -29.76
N LYS L 14 44.84 -118.75 -28.46
CA LYS L 14 46.08 -118.52 -27.74
C LYS L 14 46.49 -119.77 -26.99
N ILE L 15 47.74 -120.19 -27.14
CA ILE L 15 48.32 -121.24 -26.33
C ILE L 15 49.68 -120.77 -25.85
N VAL L 16 49.93 -120.89 -24.55
CA VAL L 16 51.16 -120.40 -23.94
C VAL L 16 51.80 -121.53 -23.17
N TRP L 17 53.00 -121.94 -23.60
CA TRP L 17 53.80 -122.90 -22.85
C TRP L 17 54.76 -122.16 -21.93
N SER L 18 55.25 -122.89 -20.93
CA SER L 18 56.25 -122.35 -20.01
C SER L 18 57.04 -123.50 -19.40
N ASP L 19 58.30 -123.22 -19.09
CA ASP L 19 59.15 -124.25 -18.49
C ASP L 19 58.76 -124.45 -17.03
N PRO L 20 58.56 -125.69 -16.61
CA PRO L 20 58.17 -125.95 -15.21
C PRO L 20 59.18 -125.44 -14.19
N THR L 21 60.47 -125.59 -14.50
CA THR L 21 61.49 -125.14 -13.57
C THR L 21 61.58 -123.63 -13.54
N ARG L 22 61.60 -123.00 -14.72
CA ARG L 22 61.70 -121.55 -14.84
C ARG L 22 60.47 -121.04 -15.58
N LEU L 23 59.60 -120.33 -14.86
CA LEU L 23 58.37 -119.85 -15.45
C LEU L 23 58.52 -118.55 -16.21
N SER L 24 59.69 -117.92 -16.14
CA SER L 24 59.90 -116.68 -16.89
C SER L 24 59.93 -116.94 -18.38
N THR L 25 60.63 -117.98 -18.80
CA THR L 25 60.72 -118.32 -20.22
C THR L 25 59.40 -118.92 -20.70
N THR L 26 58.89 -118.40 -21.82
CA THR L 26 57.62 -118.85 -22.35
C THR L 26 57.73 -118.95 -23.86
N PHE L 27 56.75 -119.65 -24.46
CA PHE L 27 56.57 -119.67 -25.91
C PHE L 27 55.07 -119.64 -26.17
N SER L 28 54.61 -118.61 -26.88
CA SER L 28 53.19 -118.43 -27.13
C SER L 28 52.92 -118.42 -28.61
N ALA L 29 51.76 -118.95 -28.99
CA ALA L 29 51.30 -118.96 -30.37
C ALA L 29 49.90 -118.36 -30.44
N SER L 30 49.71 -117.43 -31.37
CA SER L 30 48.42 -116.78 -31.56
C SER L 30 48.03 -116.88 -33.02
N LEU L 31 46.72 -117.01 -33.27
CA LEU L 31 46.20 -117.21 -34.61
C LEU L 31 45.06 -116.24 -34.87
N LEU L 32 45.04 -115.71 -36.10
CA LEU L 32 43.96 -114.84 -36.55
C LEU L 32 43.50 -115.32 -37.92
N ARG L 33 42.19 -115.43 -38.09
CA ARG L 33 41.60 -115.90 -39.35
C ARG L 33 40.64 -114.85 -39.87
N GLN L 34 40.83 -114.45 -41.13
CA GLN L 34 39.93 -113.49 -41.77
C GLN L 34 39.55 -114.00 -43.15
N ARG L 35 38.56 -113.35 -43.73
CA ARG L 35 38.18 -113.59 -45.11
C ARG L 35 38.82 -112.53 -46.00
N VAL L 36 39.47 -112.98 -47.07
CA VAL L 36 40.12 -112.07 -48.01
C VAL L 36 39.50 -112.26 -49.38
N LYS L 37 39.10 -111.16 -50.01
CA LYS L 37 38.49 -111.19 -51.34
C LYS L 37 39.55 -110.81 -52.36
N VAL L 38 40.33 -111.82 -52.76
CA VAL L 38 41.42 -111.59 -53.70
C VAL L 38 40.88 -111.13 -55.06
N GLY L 39 39.74 -111.67 -55.46
CA GLY L 39 39.15 -111.35 -56.74
C GLY L 39 38.47 -112.56 -57.34
N ILE L 40 37.22 -112.36 -57.80
CA ILE L 40 36.33 -113.39 -58.35
C ILE L 40 36.45 -114.71 -57.59
N ALA L 41 36.83 -114.63 -56.31
CA ALA L 41 37.06 -115.80 -55.47
C ALA L 41 37.29 -115.30 -54.05
N GLU L 42 37.18 -116.21 -53.09
CA GLU L 42 37.34 -115.89 -51.68
C GLU L 42 38.29 -116.88 -51.06
N LEU L 43 39.27 -116.38 -50.30
CA LEU L 43 40.35 -117.21 -49.76
C LEU L 43 40.42 -117.06 -48.25
N ASN L 44 40.90 -118.12 -47.60
CA ASN L 44 41.01 -118.15 -46.15
C ASN L 44 42.43 -117.76 -45.75
N ASN L 45 42.55 -116.68 -44.98
CA ASN L 45 43.84 -116.16 -44.57
C ASN L 45 44.08 -116.48 -43.10
N VAL L 46 45.26 -117.03 -42.81
CA VAL L 46 45.68 -117.33 -41.44
C VAL L 46 46.98 -116.59 -41.17
N SER L 47 47.00 -115.80 -40.10
CA SER L 47 48.17 -115.00 -39.73
C SER L 47 48.64 -115.47 -38.37
N GLY L 48 49.48 -116.51 -38.35
CA GLY L 48 50.04 -116.99 -37.11
C GLY L 48 51.03 -116.00 -36.52
N GLN L 49 51.14 -116.03 -35.19
CA GLN L 49 52.06 -115.15 -34.49
C GLN L 49 52.68 -115.94 -33.34
N TYR L 50 53.97 -116.22 -33.46
CA TYR L 50 54.70 -117.01 -32.46
C TYR L 50 55.73 -116.13 -31.78
N VAL L 51 55.67 -116.07 -30.46
CA VAL L 51 56.57 -115.24 -29.67
C VAL L 51 57.30 -116.15 -28.69
N SER L 52 58.63 -116.08 -28.72
CA SER L 52 59.47 -116.79 -27.77
C SER L 52 60.27 -115.76 -26.99
N VAL L 53 60.09 -115.75 -25.67
CA VAL L 53 60.71 -114.76 -24.80
C VAL L 53 61.52 -115.49 -23.72
N TYR L 54 62.65 -114.90 -23.36
CA TYR L 54 63.49 -115.42 -22.29
C TYR L 54 63.90 -114.26 -21.39
N LYS L 55 64.09 -114.57 -20.12
CA LYS L 55 64.47 -113.58 -19.12
C LYS L 55 65.90 -113.85 -18.72
N ARG L 56 66.85 -113.15 -19.35
CA ARG L 56 68.25 -113.44 -19.19
C ARG L 56 68.93 -112.37 -18.35
N PRO L 57 69.69 -112.74 -17.32
CA PRO L 57 70.43 -111.75 -16.53
C PRO L 57 71.54 -111.13 -17.36
N ALA L 58 71.89 -109.90 -16.99
CA ALA L 58 73.00 -109.22 -17.65
C ALA L 58 74.28 -110.03 -17.45
N PRO L 59 75.11 -110.15 -18.48
CA PRO L 59 76.31 -110.99 -18.37
C PRO L 59 77.25 -110.46 -17.29
N LYS L 60 77.84 -111.38 -16.54
CA LYS L 60 78.82 -111.02 -15.55
C LYS L 60 80.07 -110.51 -16.28
N PRO L 61 80.57 -109.31 -15.95
CA PRO L 61 81.55 -108.63 -16.82
C PRO L 61 82.77 -109.46 -17.17
N GLU L 62 83.27 -110.20 -16.19
CA GLU L 62 84.37 -111.14 -16.39
C GLU L 62 84.04 -112.33 -15.51
N GLY L 63 84.62 -113.49 -15.81
CA GLY L 63 84.35 -114.64 -14.97
C GLY L 63 84.64 -114.31 -13.52
N CYS L 64 83.59 -114.16 -12.73
CA CYS L 64 83.68 -113.64 -11.36
C CYS L 64 82.57 -114.30 -10.55
N ALA L 65 82.90 -115.40 -9.87
CA ALA L 65 81.94 -116.00 -8.96
C ALA L 65 81.85 -115.17 -7.70
N ASP L 66 81.06 -114.11 -7.76
CA ASP L 66 81.10 -113.08 -6.74
C ASP L 66 80.25 -113.44 -5.53
N ALA L 67 78.94 -113.59 -5.73
CA ALA L 67 78.02 -113.92 -4.65
C ALA L 67 76.65 -114.25 -5.23
N CYS L 68 75.67 -114.43 -4.35
CA CYS L 68 74.27 -114.57 -4.75
C CYS L 68 73.62 -113.20 -4.68
N VAL L 69 74.12 -112.31 -5.53
CA VAL L 69 73.68 -110.93 -5.60
C VAL L 69 72.94 -110.65 -6.91
N ILE L 70 72.19 -111.63 -7.40
CA ILE L 70 71.75 -111.73 -8.80
C ILE L 70 71.30 -110.39 -9.36
N MET L 71 71.85 -110.04 -10.52
CA MET L 71 71.59 -108.77 -11.18
C MET L 71 70.24 -108.86 -11.90
N PRO L 72 69.62 -107.73 -12.19
CA PRO L 72 68.35 -107.75 -12.93
C PRO L 72 68.52 -108.34 -14.31
N ASN L 73 67.46 -108.99 -14.78
CA ASN L 73 67.46 -109.71 -16.04
C ASN L 73 67.11 -108.76 -17.19
N GLU L 74 67.34 -109.24 -18.40
CA GLU L 74 67.02 -108.52 -19.62
C GLU L 74 66.16 -109.44 -20.49
N ASN L 75 65.43 -108.85 -21.44
CA ASN L 75 64.45 -109.56 -22.23
C ASN L 75 65.06 -109.99 -23.55
N GLN L 76 65.21 -111.29 -23.74
CA GLN L 76 65.60 -111.87 -25.02
C GLN L 76 64.33 -112.35 -25.70
N SER L 77 63.87 -111.61 -26.70
CA SER L 77 62.57 -111.83 -27.31
C SER L 77 62.72 -112.11 -28.80
N ILE L 78 61.95 -113.08 -29.29
CA ILE L 78 61.90 -113.39 -30.71
C ILE L 78 60.44 -113.50 -31.12
N ARG L 79 60.05 -112.77 -32.16
CA ARG L 79 58.68 -112.76 -32.64
C ARG L 79 58.66 -113.13 -34.11
N THR L 80 57.68 -113.95 -34.50
CA THR L 80 57.55 -114.37 -35.89
C THR L 80 56.08 -114.29 -36.27
N VAL L 81 55.81 -113.72 -37.44
CA VAL L 81 54.46 -113.58 -37.96
C VAL L 81 54.42 -114.24 -39.33
N ILE L 82 53.52 -115.20 -39.50
CA ILE L 82 53.37 -115.95 -40.74
C ILE L 82 51.97 -115.65 -41.26
N SER L 83 51.86 -114.82 -42.29
CA SER L 83 50.58 -114.43 -42.85
C SER L 83 50.49 -114.94 -44.29
N GLY L 84 49.41 -115.62 -44.60
CA GLY L 84 49.19 -116.12 -45.95
C GLY L 84 47.91 -116.91 -46.03
N SER L 85 47.54 -117.24 -47.26
CA SER L 85 46.34 -118.04 -47.49
C SER L 85 46.55 -119.46 -47.00
N ALA L 86 45.45 -120.09 -46.57
CA ALA L 86 45.55 -121.44 -46.04
C ALA L 86 45.69 -122.48 -47.14
N GLU L 87 45.11 -122.22 -48.30
CA GLU L 87 45.08 -123.23 -49.36
C GLU L 87 46.47 -123.57 -49.85
N ASN L 88 47.36 -122.57 -49.94
CA ASN L 88 48.71 -122.76 -50.45
C ASN L 88 49.73 -122.90 -49.34
N LEU L 89 49.34 -123.55 -48.24
CA LEU L 89 50.28 -123.78 -47.15
C LEU L 89 51.48 -124.58 -47.62
N ALA L 90 51.30 -125.47 -48.59
CA ALA L 90 52.40 -126.30 -49.06
C ALA L 90 53.54 -125.46 -49.60
N THR L 91 53.24 -124.52 -50.49
CA THR L 91 54.27 -123.65 -51.02
C THR L 91 54.67 -122.57 -50.03
N LEU L 92 53.78 -122.18 -49.12
CA LEU L 92 54.14 -121.17 -48.15
C LEU L 92 55.16 -121.70 -47.15
N LYS L 93 55.16 -123.01 -46.90
CA LYS L 93 56.19 -123.60 -46.06
C LYS L 93 57.57 -123.42 -46.67
N ALA L 94 57.66 -123.57 -48.00
CA ALA L 94 58.93 -123.35 -48.67
C ALA L 94 59.45 -121.94 -48.44
N GLU L 95 58.54 -120.96 -48.39
CA GLU L 95 58.94 -119.60 -48.06
C GLU L 95 59.52 -119.53 -46.66
N TRP L 96 58.93 -120.25 -45.72
CA TRP L 96 59.46 -120.30 -44.36
C TRP L 96 60.86 -120.89 -44.35
N GLU L 97 61.09 -121.95 -45.14
CA GLU L 97 62.42 -122.52 -45.23
C GLU L 97 63.43 -121.53 -45.77
N THR L 98 63.06 -120.80 -46.83
CA THR L 98 63.95 -119.79 -47.37
C THR L 98 64.18 -118.67 -46.36
N HIS L 99 63.12 -118.26 -45.66
CA HIS L 99 63.25 -117.19 -44.69
C HIS L 99 64.23 -117.57 -43.58
N LYS L 100 64.17 -118.82 -43.14
CA LYS L 100 65.13 -119.27 -42.13
C LYS L 100 66.56 -119.20 -42.66
N ARG L 101 66.76 -119.62 -43.91
CA ARG L 101 68.10 -119.59 -44.49
C ARG L 101 68.62 -118.17 -44.61
N ASN L 102 67.76 -117.24 -45.04
CA ASN L 102 68.20 -115.86 -45.20
C ASN L 102 68.59 -115.24 -43.87
N VAL L 103 67.77 -115.46 -42.84
CA VAL L 103 68.08 -114.89 -41.53
C VAL L 103 69.36 -115.48 -40.97
N ASP L 104 69.54 -116.80 -41.12
CA ASP L 104 70.76 -117.44 -40.64
C ASP L 104 71.99 -116.84 -41.30
N THR L 105 71.85 -116.37 -42.54
CA THR L 105 72.98 -115.76 -43.22
C THR L 105 73.41 -114.46 -42.53
N LEU L 106 72.45 -113.57 -42.28
CA LEU L 106 72.79 -112.30 -41.65
C LEU L 106 73.08 -112.46 -40.17
N PHE L 107 72.28 -113.25 -39.47
CA PHE L 107 72.29 -113.29 -38.02
C PHE L 107 73.13 -114.43 -37.46
N ALA L 108 72.82 -115.67 -37.82
CA ALA L 108 73.55 -116.80 -37.26
C ALA L 108 75.01 -116.79 -37.70
N SER L 109 75.27 -116.51 -38.98
CA SER L 109 76.60 -116.57 -39.54
C SER L 109 77.18 -115.19 -39.83
N GLY L 110 76.54 -114.14 -39.34
CA GLY L 110 77.02 -112.80 -39.61
C GLY L 110 77.03 -111.93 -38.37
N ASN L 111 77.12 -110.61 -38.55
CA ASN L 111 77.17 -109.68 -37.44
C ASN L 111 75.90 -108.84 -37.33
N ALA L 112 74.77 -109.36 -37.82
CA ALA L 112 73.53 -108.63 -37.73
C ALA L 112 73.13 -108.42 -36.27
N GLY L 113 73.33 -109.44 -35.44
CA GLY L 113 72.99 -109.31 -34.03
C GLY L 113 73.76 -108.20 -33.35
N LEU L 114 75.04 -108.06 -33.69
CA LEU L 114 75.85 -106.98 -33.13
C LEU L 114 75.45 -105.61 -33.66
N GLY L 115 74.66 -105.54 -34.71
CA GLY L 115 74.24 -104.28 -35.28
C GLY L 115 74.81 -103.96 -36.65
N PHE L 116 75.49 -104.90 -37.28
CA PHE L 116 76.13 -104.65 -38.57
C PHE L 116 75.25 -105.16 -39.70
N LEU L 117 75.35 -104.51 -40.85
CA LEU L 117 74.66 -104.94 -42.06
C LEU L 117 75.69 -105.24 -43.13
N ASP L 118 75.58 -106.39 -43.77
CA ASP L 118 76.47 -106.76 -44.86
C ASP L 118 75.71 -106.67 -46.18
N PRO L 119 75.95 -105.65 -47.01
CA PRO L 119 75.25 -105.56 -48.29
C PRO L 119 75.68 -106.62 -49.30
N THR L 120 76.72 -107.39 -49.00
CA THR L 120 77.20 -108.44 -49.89
C THR L 120 76.77 -109.83 -49.45
N ALA L 121 75.86 -109.92 -48.49
CA ALA L 121 75.41 -111.23 -48.02
C ALA L 121 74.68 -111.97 -49.13
N ALA L 122 74.83 -113.29 -49.14
CA ALA L 122 74.27 -114.14 -50.19
C ALA L 122 72.80 -114.45 -49.88
N ILE L 123 71.95 -113.47 -50.18
CA ILE L 123 70.52 -113.65 -49.97
C ILE L 123 69.95 -114.43 -51.15
N VAL L 124 69.26 -115.53 -50.85
CA VAL L 124 68.79 -116.46 -51.87
C VAL L 124 67.28 -116.57 -51.75
N SER L 125 66.59 -116.56 -52.89
CA SER L 125 65.14 -116.49 -52.91
C SER L 125 64.52 -117.87 -52.73
N SER L 126 63.21 -117.94 -52.89
CA SER L 126 62.50 -119.21 -52.75
C SER L 126 62.42 -119.94 -54.08
N ASP L 127 62.19 -119.21 -55.17
CA ASP L 127 62.08 -119.84 -56.48
C ASP L 127 63.42 -120.44 -56.88
N THR L 128 63.38 -121.70 -57.31
CA THR L 128 64.58 -122.42 -57.69
C THR L 128 64.76 -122.38 -59.20
N THR L 129 65.87 -122.94 -59.67
CA THR L 129 66.17 -123.00 -61.09
C THR L 129 65.84 -124.36 -61.66
N ALA M 1 33.71 -142.46 -47.90
CA ALA M 1 34.22 -141.99 -46.63
C ALA M 1 34.21 -140.46 -46.58
N ASN M 2 33.30 -139.91 -45.79
CA ASN M 2 33.22 -138.46 -45.66
C ASN M 2 34.42 -137.91 -44.91
N LYS M 3 34.93 -136.78 -45.38
CA LYS M 3 36.04 -136.14 -44.69
C LYS M 3 35.59 -135.68 -43.31
N PRO M 4 36.39 -135.93 -42.27
CA PRO M 4 36.04 -135.43 -40.94
C PRO M 4 36.56 -134.03 -40.68
N MET M 5 35.76 -133.25 -39.96
CA MET M 5 36.21 -131.92 -39.57
C MET M 5 36.98 -132.00 -38.26
N GLN M 6 37.48 -130.84 -37.81
CA GLN M 6 38.13 -130.71 -36.53
C GLN M 6 37.55 -129.49 -35.81
N PRO M 7 37.53 -129.50 -34.48
CA PRO M 7 37.04 -128.32 -33.75
C PRO M 7 37.90 -127.12 -34.05
N ILE M 8 37.27 -125.95 -34.11
CA ILE M 8 37.99 -124.74 -34.49
C ILE M 8 38.04 -123.77 -33.32
N THR M 9 36.88 -123.26 -32.93
CA THR M 9 36.79 -122.24 -31.88
C THR M 9 35.97 -122.81 -30.74
N SER M 10 36.63 -123.53 -29.84
CA SER M 10 35.96 -124.04 -28.65
C SER M 10 35.70 -122.89 -27.70
N THR M 11 34.48 -122.83 -27.17
CA THR M 11 34.07 -121.74 -26.29
C THR M 11 33.23 -122.36 -25.18
N ALA M 12 32.68 -121.51 -24.31
CA ALA M 12 31.83 -122.01 -23.24
C ALA M 12 30.58 -122.69 -23.80
N ASN M 13 30.03 -122.14 -24.87
CA ASN M 13 28.76 -122.62 -25.40
C ASN M 13 28.81 -123.03 -26.86
N LYS M 14 29.79 -122.58 -27.63
CA LYS M 14 29.85 -122.82 -29.06
C LYS M 14 31.15 -123.48 -29.46
N ILE M 15 31.05 -124.53 -30.28
CA ILE M 15 32.20 -125.18 -30.89
C ILE M 15 31.95 -125.28 -32.38
N VAL M 16 32.96 -124.96 -33.19
CA VAL M 16 32.84 -124.92 -34.64
C VAL M 16 33.80 -125.95 -35.22
N TRP M 17 33.29 -126.78 -36.13
CA TRP M 17 34.12 -127.71 -36.87
C TRP M 17 34.35 -127.16 -38.28
N SER M 18 35.51 -127.46 -38.84
CA SER M 18 35.83 -127.04 -40.19
C SER M 18 36.71 -128.07 -40.86
N ASP M 19 36.50 -128.25 -42.16
CA ASP M 19 37.26 -129.24 -42.91
C ASP M 19 38.66 -128.74 -43.19
N PRO M 20 39.70 -129.49 -42.83
CA PRO M 20 41.06 -129.02 -43.14
C PRO M 20 41.31 -128.77 -44.61
N THR M 21 40.76 -129.63 -45.48
CA THR M 21 40.98 -129.48 -46.91
C THR M 21 40.13 -128.36 -47.51
N ARG M 22 39.07 -127.96 -46.84
CA ARG M 22 38.19 -126.90 -47.33
C ARG M 22 37.64 -126.16 -46.10
N LEU M 23 38.34 -125.10 -45.72
CA LEU M 23 37.90 -124.33 -44.56
C LEU M 23 36.57 -123.63 -44.78
N SER M 24 36.11 -123.57 -46.03
CA SER M 24 34.86 -122.88 -46.33
C SER M 24 33.68 -123.55 -45.66
N THR M 25 33.59 -124.87 -45.78
CA THR M 25 32.50 -125.61 -45.16
C THR M 25 32.74 -125.78 -43.67
N THR M 26 31.72 -125.53 -42.86
CA THR M 26 31.86 -125.61 -41.42
C THR M 26 30.62 -126.27 -40.82
N PHE M 27 30.67 -126.51 -39.51
CA PHE M 27 29.53 -126.98 -38.74
C PHE M 27 29.72 -126.51 -37.31
N SER M 28 28.74 -125.79 -36.78
CA SER M 28 28.83 -125.21 -35.45
C SER M 28 27.63 -125.61 -34.61
N ALA M 29 27.87 -125.85 -33.33
CA ALA M 29 26.82 -126.18 -32.38
C ALA M 29 26.88 -125.19 -31.23
N SER M 30 25.72 -124.61 -30.89
CA SER M 30 25.62 -123.64 -29.81
C SER M 30 24.55 -124.08 -28.83
N LEU M 31 24.85 -123.96 -27.54
CA LEU M 31 23.94 -124.35 -26.49
C LEU M 31 23.63 -123.16 -25.61
N LEU M 32 22.39 -123.10 -25.11
CA LEU M 32 21.96 -122.04 -24.22
C LEU M 32 21.02 -122.65 -23.19
N ARG M 33 21.45 -122.68 -21.93
CA ARG M 33 20.71 -123.30 -20.85
C ARG M 33 20.33 -122.25 -19.82
N GLN M 34 19.11 -122.33 -19.31
CA GLN M 34 18.63 -121.40 -18.31
C GLN M 34 17.67 -122.12 -17.37
N ARG M 35 17.15 -121.37 -16.41
CA ARG M 35 16.22 -121.89 -15.41
C ARG M 35 14.81 -121.49 -15.80
N VAL M 36 13.90 -122.46 -15.85
CA VAL M 36 12.52 -122.22 -16.22
C VAL M 36 11.61 -122.92 -15.23
N LYS M 37 10.55 -122.23 -14.82
CA LYS M 37 9.55 -122.77 -13.90
C LYS M 37 8.23 -122.89 -14.65
N VAL M 38 7.89 -124.11 -15.07
CA VAL M 38 6.60 -124.32 -15.73
C VAL M 38 5.46 -124.29 -14.72
N GLY M 39 5.58 -125.08 -13.66
CA GLY M 39 4.64 -125.04 -12.56
C GLY M 39 5.18 -125.77 -11.35
N ILE M 40 5.15 -125.11 -10.19
CA ILE M 40 5.61 -125.62 -8.90
C ILE M 40 6.83 -126.51 -9.01
N ALA M 41 7.69 -126.25 -9.99
CA ALA M 41 8.86 -127.08 -10.22
C ALA M 41 9.83 -126.32 -11.13
N GLU M 42 11.10 -126.65 -10.99
CA GLU M 42 12.16 -126.07 -11.81
C GLU M 42 12.60 -127.08 -12.85
N LEU M 43 12.68 -126.64 -14.11
CA LEU M 43 13.04 -127.51 -15.22
C LEU M 43 14.29 -126.96 -15.91
N ASN M 44 15.12 -127.87 -16.38
CA ASN M 44 16.35 -127.50 -17.07
C ASN M 44 16.07 -127.38 -18.57
N ASN M 45 15.85 -126.16 -19.02
CA ASN M 45 15.57 -125.90 -20.43
C ASN M 45 16.88 -125.76 -21.18
N VAL M 46 16.98 -126.45 -22.31
CA VAL M 46 18.18 -126.43 -23.15
C VAL M 46 17.76 -126.08 -24.57
N SER M 47 18.39 -125.05 -25.13
CA SER M 47 18.14 -124.63 -26.49
C SER M 47 19.39 -124.89 -27.31
N GLY M 48 19.37 -125.93 -28.14
CA GLY M 48 20.52 -126.28 -28.95
C GLY M 48 20.38 -125.83 -30.38
N GLN M 49 21.33 -125.02 -30.84
CA GLN M 49 21.32 -124.50 -32.20
C GLN M 49 22.48 -125.12 -32.97
N TYR M 50 22.16 -125.73 -34.11
CA TYR M 50 23.13 -126.43 -34.94
C TYR M 50 23.08 -125.86 -36.33
N VAL M 51 24.20 -125.35 -36.81
CA VAL M 51 24.27 -124.68 -38.10
C VAL M 51 25.33 -125.37 -38.95
N SER M 52 24.91 -125.85 -40.12
CA SER M 52 25.82 -126.44 -41.09
C SER M 52 25.72 -125.62 -42.37
N VAL M 53 26.87 -125.11 -42.83
CA VAL M 53 26.91 -124.20 -43.97
C VAL M 53 27.94 -124.71 -44.96
N TYR M 54 27.62 -124.59 -46.25
CA TYR M 54 28.51 -124.99 -47.33
C TYR M 54 28.49 -123.92 -48.40
N LYS M 55 29.67 -123.65 -48.98
CA LYS M 55 29.80 -122.72 -50.09
C LYS M 55 30.04 -123.53 -51.34
N ARG M 56 29.08 -123.48 -52.27
CA ARG M 56 29.12 -124.28 -53.47
C ARG M 56 29.01 -123.39 -54.69
N PRO M 57 29.75 -123.66 -55.76
CA PRO M 57 29.63 -122.85 -56.97
C PRO M 57 28.31 -123.09 -57.67
N ALA M 58 28.03 -122.21 -58.64
CA ALA M 58 26.81 -122.31 -59.42
C ALA M 58 26.84 -123.58 -60.27
N PRO M 59 25.67 -124.08 -60.69
CA PRO M 59 25.62 -125.41 -61.32
C PRO M 59 26.35 -125.52 -62.65
N LYS M 60 27.05 -124.47 -63.09
CA LYS M 60 27.92 -124.51 -64.27
C LYS M 60 27.08 -124.57 -65.55
N PRO M 61 27.60 -124.09 -66.68
CA PRO M 61 26.85 -124.25 -67.94
C PRO M 61 26.51 -125.69 -68.22
N GLU M 62 25.29 -125.90 -68.71
CA GLU M 62 24.74 -127.24 -68.88
C GLU M 62 25.21 -127.86 -70.19
N GLY M 63 25.03 -129.18 -70.28
CA GLY M 63 25.30 -129.90 -71.50
C GLY M 63 26.75 -129.88 -71.92
N CYS M 64 27.66 -129.49 -71.03
CA CYS M 64 29.07 -129.41 -71.37
C CYS M 64 29.93 -129.35 -70.10
N ALA M 65 31.00 -130.14 -70.08
CA ALA M 65 31.95 -130.14 -68.97
C ALA M 65 33.25 -129.55 -69.51
N ASP M 66 33.35 -128.23 -69.47
CA ASP M 66 34.60 -127.57 -69.80
C ASP M 66 35.67 -127.96 -68.78
N ALA M 67 36.92 -127.65 -69.11
CA ALA M 67 38.02 -127.94 -68.20
C ALA M 67 37.76 -127.32 -66.83
N CYS M 68 37.66 -126.00 -66.79
CA CYS M 68 37.19 -125.28 -65.61
C CYS M 68 36.85 -123.84 -65.96
N VAL M 69 35.60 -123.46 -65.72
CA VAL M 69 35.07 -122.13 -66.01
C VAL M 69 34.59 -121.52 -64.71
N ILE M 70 35.30 -121.82 -63.63
CA ILE M 70 34.86 -121.63 -62.24
C ILE M 70 34.10 -120.32 -62.04
N MET M 71 33.01 -120.40 -61.30
CA MET M 71 32.04 -119.34 -61.14
C MET M 71 31.76 -119.13 -59.66
N PRO M 72 31.22 -117.96 -59.26
CA PRO M 72 31.14 -117.65 -57.83
C PRO M 72 30.31 -118.65 -57.05
N ASN M 73 30.70 -118.87 -55.81
CA ASN M 73 30.03 -119.80 -54.91
C ASN M 73 28.74 -119.19 -54.38
N GLU M 74 27.92 -120.03 -53.76
CA GLU M 74 26.65 -119.58 -53.21
C GLU M 74 26.35 -120.36 -51.93
N ASN M 75 25.60 -119.72 -51.05
CA ASN M 75 25.40 -120.23 -49.70
C ASN M 75 24.47 -121.44 -49.69
N GLN M 76 24.80 -122.42 -48.85
CA GLN M 76 23.95 -123.56 -48.58
C GLN M 76 23.95 -123.80 -47.08
N SER M 77 23.02 -123.16 -46.38
CA SER M 77 23.00 -123.17 -44.92
C SER M 77 21.82 -124.00 -44.44
N ILE M 78 22.06 -124.83 -43.44
CA ILE M 78 21.03 -125.62 -42.77
C ILE M 78 21.15 -125.35 -41.28
N ARG M 79 20.11 -124.77 -40.69
CA ARG M 79 20.11 -124.42 -39.28
C ARG M 79 19.00 -125.18 -38.58
N THR M 80 19.33 -125.79 -37.44
CA THR M 80 18.37 -126.55 -36.66
C THR M 80 18.43 -126.09 -35.21
N VAL M 81 17.26 -125.81 -34.64
CA VAL M 81 17.16 -125.35 -33.26
C VAL M 81 16.32 -126.37 -32.49
N ILE M 82 16.91 -126.94 -31.45
CA ILE M 82 16.23 -127.92 -30.60
C ILE M 82 16.06 -127.28 -29.23
N SER M 83 14.80 -127.11 -28.82
CA SER M 83 14.49 -126.53 -27.52
C SER M 83 13.63 -127.49 -26.72
N GLY M 84 13.94 -127.65 -25.45
CA GLY M 84 13.17 -128.53 -24.61
C GLY M 84 13.73 -128.54 -23.21
N SER M 85 13.08 -129.32 -22.34
CA SER M 85 13.52 -129.48 -20.97
C SER M 85 14.38 -130.73 -20.86
N ALA M 86 15.53 -130.60 -20.20
CA ALA M 86 16.46 -131.71 -20.08
C ALA M 86 15.91 -132.87 -19.28
N GLU M 87 14.82 -132.68 -18.53
CA GLU M 87 14.30 -133.75 -17.70
C GLU M 87 13.59 -134.80 -18.54
N ASN M 88 12.89 -134.39 -19.60
CA ASN M 88 12.14 -135.32 -20.44
C ASN M 88 12.67 -135.37 -21.86
N LEU M 89 13.99 -135.31 -22.05
CA LEU M 89 14.53 -135.36 -23.40
C LEU M 89 14.35 -136.73 -24.05
N ALA M 90 14.07 -137.76 -23.26
CA ALA M 90 13.95 -139.10 -23.81
C ALA M 90 12.84 -139.16 -24.84
N THR M 91 11.69 -138.57 -24.54
CA THR M 91 10.63 -138.49 -25.54
C THR M 91 10.98 -137.49 -26.64
N LEU M 92 11.78 -136.47 -26.31
CA LEU M 92 12.11 -135.46 -27.30
C LEU M 92 13.02 -136.02 -28.38
N LYS M 93 13.82 -137.03 -28.05
CA LYS M 93 14.60 -137.69 -29.09
C LYS M 93 13.69 -138.34 -30.14
N ALA M 94 12.60 -138.96 -29.69
CA ALA M 94 11.61 -139.46 -30.63
C ALA M 94 11.00 -138.34 -31.45
N GLU M 95 10.82 -137.18 -30.83
CA GLU M 95 10.34 -136.02 -31.57
C GLU M 95 11.32 -135.61 -32.66
N TRP M 96 12.61 -135.74 -32.38
CA TRP M 96 13.61 -135.50 -33.41
C TRP M 96 13.48 -136.52 -34.54
N GLU M 97 13.16 -137.76 -34.20
CA GLU M 97 13.02 -138.80 -35.22
C GLU M 97 11.87 -138.49 -36.15
N THR M 98 10.69 -138.20 -35.61
CA THR M 98 9.53 -137.96 -36.45
C THR M 98 9.68 -136.66 -37.23
N HIS M 99 10.38 -135.67 -36.65
CA HIS M 99 10.60 -134.43 -37.37
C HIS M 99 11.43 -134.66 -38.63
N LYS M 100 12.44 -135.52 -38.52
CA LYS M 100 13.24 -135.87 -39.70
C LYS M 100 12.38 -136.51 -40.78
N ARG M 101 11.54 -137.47 -40.40
CA ARG M 101 10.70 -138.14 -41.38
C ARG M 101 9.71 -137.18 -42.02
N ASN M 102 9.13 -136.29 -41.22
CA ASN M 102 8.16 -135.34 -41.77
C ASN M 102 8.83 -134.42 -42.78
N VAL M 103 10.03 -133.94 -42.49
CA VAL M 103 10.75 -133.11 -43.45
C VAL M 103 11.15 -133.92 -44.67
N ASP M 104 11.64 -135.14 -44.45
CA ASP M 104 12.10 -135.97 -45.55
C ASP M 104 10.97 -136.27 -46.52
N THR M 105 9.79 -136.63 -45.99
CA THR M 105 8.66 -136.91 -46.86
C THR M 105 8.16 -135.65 -47.55
N LEU M 106 8.59 -134.48 -47.09
CA LEU M 106 8.18 -133.23 -47.70
C LEU M 106 9.28 -132.60 -48.55
N PHE M 107 10.52 -132.65 -48.09
CA PHE M 107 11.65 -132.02 -48.77
C PHE M 107 12.53 -133.02 -49.48
N ALA M 108 13.00 -134.06 -48.79
CA ALA M 108 13.89 -135.02 -49.40
C ALA M 108 13.21 -135.77 -50.54
N SER M 109 11.96 -136.18 -50.33
CA SER M 109 11.21 -136.88 -51.37
C SER M 109 10.35 -135.93 -52.18
N GLY M 110 9.59 -135.07 -51.51
CA GLY M 110 8.76 -134.11 -52.21
C GLY M 110 9.58 -133.01 -52.85
N ASN M 111 8.91 -132.22 -53.67
CA ASN M 111 9.54 -131.12 -54.39
C ASN M 111 9.48 -129.80 -53.63
N ALA M 112 9.43 -129.85 -52.30
CA ALA M 112 9.39 -128.63 -51.51
C ALA M 112 10.65 -127.80 -51.67
N GLY M 113 11.74 -128.40 -52.15
CA GLY M 113 12.96 -127.66 -52.35
C GLY M 113 12.95 -126.74 -53.54
N LEU M 114 11.92 -126.82 -54.38
CA LEU M 114 11.79 -125.94 -55.54
C LEU M 114 10.69 -124.91 -55.36
N GLY M 115 10.25 -124.68 -54.13
CA GLY M 115 9.19 -123.72 -53.88
C GLY M 115 7.79 -124.29 -53.96
N PHE M 116 7.63 -125.55 -54.33
CA PHE M 116 6.33 -126.18 -54.44
C PHE M 116 5.90 -126.72 -53.08
N LEU M 117 4.59 -126.65 -52.82
CA LEU M 117 4.04 -127.16 -51.58
C LEU M 117 2.92 -128.15 -51.89
N ASP M 118 2.90 -129.27 -51.16
CA ASP M 118 1.92 -130.32 -51.39
C ASP M 118 1.03 -130.47 -50.16
N PRO M 119 -0.21 -129.95 -50.19
CA PRO M 119 -1.11 -130.14 -49.04
C PRO M 119 -1.49 -131.59 -48.79
N THR M 120 -1.30 -132.47 -49.77
CA THR M 120 -1.65 -133.87 -49.63
C THR M 120 -0.50 -134.71 -49.10
N ALA M 121 0.55 -134.08 -48.59
CA ALA M 121 1.69 -134.81 -48.07
C ALA M 121 1.28 -135.67 -46.89
N ALA M 122 1.76 -136.91 -46.88
CA ALA M 122 1.38 -137.90 -45.87
C ALA M 122 2.33 -137.85 -44.68
N ILE M 123 2.37 -136.70 -44.02
CA ILE M 123 3.17 -136.57 -42.81
C ILE M 123 2.46 -137.25 -41.66
N VAL M 124 3.23 -137.67 -40.65
CA VAL M 124 2.68 -138.45 -39.56
C VAL M 124 3.34 -137.98 -38.26
N SER M 125 2.63 -138.18 -37.15
CA SER M 125 3.00 -137.61 -35.87
C SER M 125 3.94 -138.53 -35.08
N SER M 126 4.45 -137.99 -33.97
CA SER M 126 5.34 -138.76 -33.12
C SER M 126 4.60 -139.88 -32.40
N ASP M 127 3.45 -139.56 -31.81
CA ASP M 127 2.72 -140.55 -31.03
C ASP M 127 2.25 -141.69 -31.93
N THR M 128 2.39 -142.91 -31.42
CA THR M 128 2.07 -144.11 -32.17
C THR M 128 0.71 -144.64 -31.72
N THR M 129 0.08 -145.41 -32.60
CA THR M 129 -1.22 -146.01 -32.30
C THR M 129 -1.09 -147.21 -31.37
N ALA N 1 33.23 -147.28 -8.52
CA ALA N 1 32.93 -146.49 -9.72
C ALA N 1 31.89 -145.42 -9.40
N ASN N 2 32.15 -144.21 -9.88
CA ASN N 2 31.25 -143.09 -9.67
C ASN N 2 30.95 -142.43 -11.00
N LYS N 3 29.82 -141.74 -11.08
CA LYS N 3 29.44 -141.08 -12.30
C LYS N 3 30.45 -139.99 -12.64
N PRO N 4 31.11 -140.04 -13.79
CA PRO N 4 31.99 -138.94 -14.17
C PRO N 4 31.21 -137.76 -14.69
N MET N 5 31.76 -136.57 -14.49
CA MET N 5 31.15 -135.37 -15.05
C MET N 5 31.80 -135.02 -16.39
N GLN N 6 31.15 -134.13 -17.10
CA GLN N 6 31.72 -133.51 -18.28
C GLN N 6 31.78 -132.01 -18.09
N PRO N 7 32.80 -131.35 -18.63
CA PRO N 7 32.88 -129.89 -18.50
C PRO N 7 31.67 -129.21 -19.12
N ILE N 8 31.20 -128.17 -18.46
CA ILE N 8 30.05 -127.40 -18.91
C ILE N 8 30.47 -126.04 -19.45
N THR N 9 31.24 -125.28 -18.66
CA THR N 9 31.68 -123.94 -19.03
C THR N 9 33.20 -123.96 -19.04
N SER N 10 33.78 -124.34 -20.17
CA SER N 10 35.23 -124.38 -20.30
C SER N 10 35.74 -122.98 -20.63
N THR N 11 36.72 -122.52 -19.86
CA THR N 11 37.31 -121.21 -20.06
C THR N 11 38.80 -121.31 -19.73
N ALA N 12 39.56 -120.33 -20.22
CA ALA N 12 41.00 -120.32 -19.96
C ALA N 12 41.32 -120.25 -18.46
N ASN N 13 40.37 -119.80 -17.65
CA ASN N 13 40.60 -119.67 -16.21
C ASN N 13 39.69 -120.55 -15.37
N LYS N 14 38.46 -120.82 -15.80
CA LYS N 14 37.49 -121.54 -15.00
C LYS N 14 36.83 -122.63 -15.83
N ILE N 15 36.72 -123.82 -15.24
CA ILE N 15 36.03 -124.94 -15.85
C ILE N 15 35.05 -125.51 -14.84
N VAL N 16 33.82 -125.76 -15.28
CA VAL N 16 32.76 -126.28 -14.42
C VAL N 16 32.32 -127.62 -14.96
N TRP N 17 32.34 -128.64 -14.11
CA TRP N 17 31.84 -129.96 -14.45
C TRP N 17 30.46 -130.16 -13.84
N SER N 18 29.60 -130.86 -14.57
CA SER N 18 28.26 -131.18 -14.07
C SER N 18 27.93 -132.62 -14.45
N ASP N 19 27.19 -133.29 -13.58
CA ASP N 19 26.84 -134.68 -13.82
C ASP N 19 25.69 -134.76 -14.82
N PRO N 20 25.83 -135.53 -15.90
CA PRO N 20 24.73 -135.63 -16.86
C PRO N 20 23.45 -136.19 -16.26
N THR N 21 23.54 -137.15 -15.35
CA THR N 21 22.34 -137.73 -14.77
C THR N 21 21.66 -136.74 -13.84
N ARG N 22 22.42 -136.04 -13.00
CA ARG N 22 21.90 -135.05 -12.08
C ARG N 22 22.65 -133.75 -12.31
N LEU N 23 21.97 -132.77 -12.89
CA LEU N 23 22.61 -131.51 -13.23
C LEU N 23 22.87 -130.63 -12.02
N SER N 24 22.24 -130.93 -10.88
CA SER N 24 22.39 -130.09 -9.70
C SER N 24 23.84 -130.11 -9.19
N THR N 25 24.41 -131.30 -9.04
CA THR N 25 25.76 -131.40 -8.53
C THR N 25 26.77 -130.88 -9.54
N THR N 26 27.75 -130.14 -9.04
CA THR N 26 28.76 -129.53 -9.91
C THR N 26 30.13 -129.66 -9.25
N PHE N 27 31.15 -129.24 -9.99
CA PHE N 27 32.51 -129.14 -9.45
C PHE N 27 33.26 -128.16 -10.34
N SER N 28 33.62 -127.01 -9.79
CA SER N 28 34.27 -125.95 -10.55
C SER N 28 35.67 -125.69 -9.99
N ALA N 29 36.56 -125.25 -10.88
CA ALA N 29 37.93 -124.96 -10.49
C ALA N 29 38.39 -123.73 -11.27
N SER N 30 38.73 -122.67 -10.55
CA SER N 30 39.20 -121.43 -11.17
C SER N 30 40.55 -121.07 -10.57
N LEU N 31 41.46 -120.62 -11.43
CA LEU N 31 42.81 -120.30 -11.03
C LEU N 31 43.14 -118.86 -11.38
N LEU N 32 43.76 -118.16 -10.45
CA LEU N 32 44.27 -116.81 -10.67
C LEU N 32 45.79 -116.87 -10.57
N ARG N 33 46.46 -116.82 -11.72
CA ARG N 33 47.90 -116.87 -11.77
C ARG N 33 48.43 -115.44 -11.74
N GLN N 34 49.37 -115.17 -10.85
CA GLN N 34 49.87 -113.82 -10.64
C GLN N 34 51.33 -113.88 -10.25
N ARG N 35 52.02 -112.77 -10.48
CA ARG N 35 53.45 -112.66 -10.27
C ARG N 35 53.70 -111.80 -9.04
N VAL N 36 54.51 -112.30 -8.11
CA VAL N 36 54.69 -111.66 -6.81
C VAL N 36 56.18 -111.39 -6.58
N LYS N 37 56.47 -110.26 -5.98
CA LYS N 37 57.84 -109.82 -5.70
C LYS N 37 58.08 -109.90 -4.19
N VAL N 38 58.52 -111.06 -3.72
CA VAL N 38 58.77 -111.21 -2.28
C VAL N 38 59.93 -110.33 -1.85
N GLY N 39 61.05 -110.39 -2.57
CA GLY N 39 62.14 -109.47 -2.37
C GLY N 39 63.32 -109.85 -3.24
N ILE N 40 63.87 -108.88 -3.97
CA ILE N 40 65.01 -109.03 -4.89
C ILE N 40 64.91 -110.34 -5.68
N ALA N 41 63.69 -110.87 -5.81
CA ALA N 41 63.46 -112.14 -6.50
C ALA N 41 61.98 -112.21 -6.84
N GLU N 42 61.68 -112.35 -8.12
CA GLU N 42 60.30 -112.33 -8.59
C GLU N 42 59.75 -113.75 -8.58
N LEU N 43 58.57 -113.92 -7.99
CA LEU N 43 57.96 -115.23 -7.84
C LEU N 43 56.61 -115.27 -8.54
N ASN N 44 56.22 -116.46 -8.96
CA ASN N 44 54.97 -116.68 -9.67
C ASN N 44 54.01 -117.41 -8.74
N ASN N 45 52.94 -116.72 -8.34
CA ASN N 45 51.97 -117.27 -7.41
C ASN N 45 50.74 -117.75 -8.16
N VAL N 46 50.22 -118.90 -7.73
CA VAL N 46 49.02 -119.49 -8.32
C VAL N 46 48.01 -119.76 -7.20
N SER N 47 46.82 -119.20 -7.33
CA SER N 47 45.77 -119.37 -6.34
C SER N 47 44.61 -120.13 -6.99
N GLY N 48 44.55 -121.44 -6.73
CA GLY N 48 43.53 -122.28 -7.31
C GLY N 48 42.38 -122.48 -6.36
N GLN N 49 41.18 -122.11 -6.81
CA GLN N 49 39.96 -122.23 -6.03
C GLN N 49 39.14 -123.41 -6.56
N TYR N 50 38.73 -124.29 -5.66
CA TYR N 50 38.01 -125.50 -6.03
C TYR N 50 36.73 -125.57 -5.22
N VAL N 51 35.61 -125.83 -5.89
CA VAL N 51 34.29 -125.83 -5.27
C VAL N 51 33.56 -127.11 -5.67
N SER N 52 33.00 -127.80 -4.69
CA SER N 52 32.14 -128.95 -4.92
C SER N 52 30.77 -128.64 -4.31
N VAL N 53 29.72 -128.83 -5.09
CA VAL N 53 28.36 -128.47 -4.67
C VAL N 53 27.44 -129.64 -4.91
N TYR N 54 26.61 -129.96 -3.92
CA TYR N 54 25.57 -130.95 -4.06
C TYR N 54 24.28 -130.41 -3.46
N LYS N 55 23.17 -130.67 -4.14
CA LYS N 55 21.84 -130.31 -3.65
C LYS N 55 21.23 -131.54 -3.01
N ARG N 56 21.61 -131.79 -1.76
CA ARG N 56 21.11 -132.94 -1.02
C ARG N 56 19.68 -132.69 -0.59
N PRO N 57 18.72 -133.54 -0.96
CA PRO N 57 17.35 -133.36 -0.47
C PRO N 57 17.28 -133.50 1.04
N ALA N 58 16.37 -132.76 1.64
CA ALA N 58 16.20 -132.84 3.08
C ALA N 58 15.75 -134.23 3.48
N PRO N 59 16.14 -134.72 4.66
CA PRO N 59 15.77 -136.09 5.07
C PRO N 59 14.26 -136.26 5.17
N LYS N 60 13.76 -137.39 4.71
CA LYS N 60 12.35 -137.72 4.79
C LYS N 60 11.96 -137.87 6.27
N PRO N 61 10.91 -137.19 6.73
CA PRO N 61 10.58 -137.29 8.16
C PRO N 61 9.98 -138.65 8.49
N GLU N 62 10.83 -139.53 9.02
CA GLU N 62 10.50 -140.84 9.57
C GLU N 62 9.99 -141.80 8.50
N GLY N 63 9.50 -141.27 7.38
CA GLY N 63 9.17 -142.06 6.22
C GLY N 63 7.79 -142.65 6.38
N CYS N 64 6.75 -142.02 5.86
CA CYS N 64 5.45 -142.66 5.89
C CYS N 64 4.82 -142.71 4.50
N ALA N 65 4.65 -141.54 3.90
CA ALA N 65 4.01 -141.41 2.59
C ALA N 65 5.08 -141.25 1.51
N ASP N 66 5.86 -142.32 1.35
CA ASP N 66 6.93 -142.31 0.36
C ASP N 66 6.39 -142.15 -1.06
N ALA N 67 5.07 -142.01 -1.22
CA ALA N 67 4.48 -141.74 -2.51
C ALA N 67 4.62 -140.28 -2.89
N CYS N 68 5.80 -139.92 -3.41
CA CYS N 68 5.97 -138.69 -4.18
C CYS N 68 5.75 -137.46 -3.31
N VAL N 69 6.48 -137.36 -2.21
CA VAL N 69 6.53 -136.16 -1.38
C VAL N 69 7.98 -135.68 -1.39
N ILE N 70 8.23 -134.59 -2.11
CA ILE N 70 9.58 -134.12 -2.38
C ILE N 70 10.00 -133.13 -1.31
N MET N 71 10.91 -133.56 -0.43
CA MET N 71 11.52 -132.64 0.50
C MET N 71 12.48 -131.72 -0.26
N PRO N 72 12.42 -130.41 -0.01
CA PRO N 72 13.32 -129.50 -0.73
C PRO N 72 14.77 -129.76 -0.39
N ASN N 73 15.64 -129.54 -1.38
CA ASN N 73 17.05 -129.84 -1.24
C ASN N 73 17.74 -128.76 -0.42
N GLU N 74 18.96 -129.06 0.03
CA GLU N 74 19.77 -128.14 0.79
C GLU N 74 21.20 -128.19 0.27
N ASN N 75 21.92 -127.10 0.44
CA ASN N 75 23.24 -126.95 -0.17
C ASN N 75 24.31 -127.63 0.67
N GLN N 76 25.05 -128.55 0.05
CA GLN N 76 26.24 -129.15 0.63
C GLN N 76 27.43 -128.69 -0.22
N SER N 77 28.19 -127.74 0.30
CA SER N 77 29.26 -127.11 -0.46
C SER N 77 30.60 -127.33 0.23
N ILE N 78 31.63 -127.59 -0.57
CA ILE N 78 32.99 -127.70 -0.10
C ILE N 78 33.87 -126.84 -0.98
N ARG N 79 34.53 -125.86 -0.38
CA ARG N 79 35.41 -124.95 -1.11
C ARG N 79 36.82 -125.07 -0.57
N THR N 80 37.79 -125.12 -1.48
CA THR N 80 39.20 -125.21 -1.12
C THR N 80 39.99 -124.28 -2.01
N VAL N 81 40.85 -123.46 -1.40
CA VAL N 81 41.73 -122.57 -2.14
C VAL N 81 43.16 -122.94 -1.80
N ILE N 82 43.99 -123.07 -2.82
CA ILE N 82 45.40 -123.42 -2.67
C ILE N 82 46.21 -122.25 -3.20
N SER N 83 47.07 -121.69 -2.34
CA SER N 83 47.89 -120.55 -2.72
C SER N 83 49.35 -120.85 -2.42
N GLY N 84 50.22 -120.26 -3.22
CA GLY N 84 51.64 -120.42 -3.04
C GLY N 84 52.37 -120.29 -4.37
N SER N 85 53.66 -120.00 -4.28
CA SER N 85 54.48 -119.85 -5.47
C SER N 85 54.62 -121.19 -6.19
N ALA N 86 54.55 -121.15 -7.52
CA ALA N 86 54.72 -122.37 -8.30
C ALA N 86 56.12 -122.94 -8.16
N GLU N 87 57.10 -122.10 -7.82
CA GLU N 87 58.46 -122.57 -7.65
C GLU N 87 58.59 -123.51 -6.46
N ASN N 88 57.70 -123.41 -5.49
CA ASN N 88 57.67 -124.32 -4.34
C ASN N 88 56.57 -125.36 -4.47
N LEU N 89 56.20 -125.71 -5.71
CA LEU N 89 55.09 -126.63 -5.92
C LEU N 89 55.38 -128.00 -5.34
N ALA N 90 56.62 -128.47 -5.48
CA ALA N 90 56.95 -129.83 -5.05
C ALA N 90 56.71 -130.00 -3.56
N THR N 91 57.09 -129.02 -2.76
CA THR N 91 56.89 -129.11 -1.32
C THR N 91 55.51 -128.68 -0.89
N LEU N 92 54.84 -127.82 -1.67
CA LEU N 92 53.50 -127.39 -1.30
C LEU N 92 52.51 -128.54 -1.43
N LYS N 93 52.80 -129.50 -2.32
CA LYS N 93 51.95 -130.69 -2.43
C LYS N 93 51.93 -131.45 -1.11
N ALA N 94 53.08 -131.52 -0.42
CA ALA N 94 53.12 -132.16 0.88
C ALA N 94 52.21 -131.43 1.86
N GLU N 95 52.13 -130.11 1.75
CA GLU N 95 51.21 -129.35 2.60
C GLU N 95 49.78 -129.77 2.36
N TRP N 96 49.40 -129.94 1.09
CA TRP N 96 48.05 -130.37 0.79
C TRP N 96 47.76 -131.74 1.38
N GLU N 97 48.73 -132.67 1.27
CA GLU N 97 48.53 -133.98 1.86
C GLU N 97 48.41 -133.89 3.37
N THR N 98 49.26 -133.10 4.01
CA THR N 98 49.18 -132.93 5.46
C THR N 98 47.87 -132.25 5.85
N HIS N 99 47.49 -131.21 5.10
CA HIS N 99 46.24 -130.51 5.39
C HIS N 99 45.06 -131.47 5.32
N LYS N 100 45.12 -132.45 4.42
CA LYS N 100 44.05 -133.44 4.35
C LYS N 100 43.95 -134.25 5.63
N ARG N 101 45.10 -134.67 6.16
CA ARG N 101 45.09 -135.47 7.39
C ARG N 101 44.58 -134.66 8.57
N ASN N 102 45.00 -133.40 8.68
CA ASN N 102 44.57 -132.57 9.79
C ASN N 102 43.05 -132.38 9.76
N VAL N 103 42.49 -132.14 8.58
CA VAL N 103 41.05 -131.98 8.49
C VAL N 103 40.35 -133.31 8.74
N ASP N 104 40.92 -134.40 8.22
CA ASP N 104 40.30 -135.70 8.39
C ASP N 104 40.19 -136.08 9.87
N THR N 105 41.25 -135.83 10.64
CA THR N 105 41.21 -136.18 12.05
C THR N 105 40.26 -135.32 12.85
N LEU N 106 39.76 -134.23 12.29
CA LEU N 106 38.74 -133.42 12.93
C LEU N 106 37.35 -133.64 12.37
N PHE N 107 37.24 -133.94 11.08
CA PHE N 107 35.95 -134.05 10.41
C PHE N 107 35.57 -135.49 10.11
N ALA N 108 36.43 -136.23 9.41
CA ALA N 108 36.12 -137.61 9.07
C ALA N 108 36.01 -138.47 10.32
N SER N 109 36.93 -138.29 11.26
CA SER N 109 36.91 -139.05 12.51
C SER N 109 36.34 -138.27 13.68
N GLY N 110 36.65 -136.97 13.77
CA GLY N 110 36.18 -136.16 14.86
C GLY N 110 34.73 -135.77 14.70
N ASN N 111 34.26 -134.98 15.66
CA ASN N 111 32.89 -134.51 15.69
C ASN N 111 32.75 -133.05 15.27
N ALA N 112 33.76 -132.51 14.60
CA ALA N 112 33.68 -131.12 14.14
C ALA N 112 32.51 -130.93 13.19
N GLY N 113 32.09 -131.98 12.49
CA GLY N 113 30.94 -131.86 11.62
C GLY N 113 29.68 -131.50 12.38
N LEU N 114 29.46 -132.15 13.52
CA LEU N 114 28.29 -131.85 14.32
C LEU N 114 28.42 -130.53 15.08
N GLY N 115 29.61 -129.96 15.11
CA GLY N 115 29.82 -128.65 15.70
C GLY N 115 30.67 -128.60 16.96
N PHE N 116 31.50 -129.60 17.20
CA PHE N 116 32.32 -129.67 18.40
C PHE N 116 33.79 -129.62 18.02
N LEU N 117 34.53 -128.70 18.63
CA LEU N 117 35.98 -128.62 18.47
C LEU N 117 36.65 -129.40 19.59
N ASP N 118 37.16 -130.58 19.26
CA ASP N 118 38.00 -131.30 20.20
C ASP N 118 39.32 -130.55 20.38
N PRO N 119 39.66 -130.11 21.58
CA PRO N 119 40.93 -129.41 21.80
C PRO N 119 42.11 -130.32 22.06
N THR N 120 41.93 -131.64 22.03
CA THR N 120 43.00 -132.60 22.27
C THR N 120 43.25 -133.51 21.07
N ALA N 121 42.79 -133.10 19.89
CA ALA N 121 43.00 -133.91 18.70
C ALA N 121 44.46 -133.89 18.29
N ALA N 122 44.88 -134.95 17.60
CA ALA N 122 46.27 -135.11 17.20
C ALA N 122 46.50 -134.37 15.88
N ILE N 123 46.92 -133.11 15.99
CA ILE N 123 47.24 -132.28 14.84
C ILE N 123 48.75 -132.32 14.64
N VAL N 124 49.17 -132.63 13.41
CA VAL N 124 50.58 -132.77 13.10
C VAL N 124 50.93 -131.83 11.95
N SER N 125 52.20 -131.47 11.89
CA SER N 125 52.70 -130.56 10.86
C SER N 125 53.27 -131.34 9.69
N SER N 126 53.45 -130.64 8.57
CA SER N 126 54.05 -131.26 7.40
C SER N 126 55.52 -131.58 7.63
N ASP N 127 56.17 -130.86 8.53
CA ASP N 127 57.58 -131.10 8.81
C ASP N 127 57.78 -132.47 9.42
N THR N 128 58.91 -133.10 9.07
CA THR N 128 59.21 -134.46 9.49
C THR N 128 60.46 -134.47 10.36
N THR N 129 60.35 -135.11 11.52
CA THR N 129 61.48 -135.22 12.44
C THR N 129 62.50 -136.23 11.91
N ALA O 1 22.79 107.05 -95.69
CA ALA O 1 21.47 106.71 -95.17
C ALA O 1 21.60 105.70 -94.03
N ASN O 2 20.73 104.69 -94.04
CA ASN O 2 20.73 103.65 -93.04
C ASN O 2 20.66 102.29 -93.72
N LYS O 3 21.24 101.29 -93.10
CA LYS O 3 21.20 99.96 -93.66
C LYS O 3 19.79 99.41 -93.59
N PRO O 4 19.16 99.08 -94.71
CA PRO O 4 17.79 98.57 -94.67
C PRO O 4 17.72 97.09 -94.34
N MET O 5 17.16 96.77 -93.18
CA MET O 5 17.00 95.36 -92.81
C MET O 5 15.92 94.72 -93.67
N GLN O 6 15.94 93.39 -93.70
CA GLN O 6 14.99 92.61 -94.46
C GLN O 6 14.44 91.49 -93.60
N PRO O 7 13.20 91.07 -93.85
CA PRO O 7 12.57 90.09 -92.95
C PRO O 7 13.27 88.75 -93.00
N ILE O 8 13.20 88.04 -91.89
CA ILE O 8 13.74 86.68 -91.81
C ILE O 8 12.70 85.67 -91.35
N THR O 9 11.55 86.12 -90.83
CA THR O 9 10.52 85.21 -90.36
C THR O 9 9.18 85.92 -90.50
N SER O 10 8.44 85.58 -91.55
CA SER O 10 7.16 86.22 -91.83
C SER O 10 6.02 85.36 -91.32
N THR O 11 5.04 86.01 -90.69
CA THR O 11 3.86 85.32 -90.19
C THR O 11 2.74 86.35 -90.12
N ALA O 12 1.51 85.86 -90.13
CA ALA O 12 0.36 86.76 -90.02
C ALA O 12 0.29 87.48 -88.69
N ASN O 13 1.05 87.04 -87.69
CA ASN O 13 1.06 87.66 -86.37
C ASN O 13 2.36 88.39 -86.07
N LYS O 14 3.51 87.77 -86.32
CA LYS O 14 4.80 88.34 -85.98
C LYS O 14 5.71 88.30 -87.20
N ILE O 15 6.42 89.41 -87.42
CA ILE O 15 7.42 89.50 -88.46
C ILE O 15 8.71 90.03 -87.83
N VAL O 16 9.83 89.41 -88.17
CA VAL O 16 11.13 89.76 -87.60
C VAL O 16 12.05 90.19 -88.72
N TRP O 17 12.65 91.36 -88.59
CA TRP O 17 13.67 91.85 -89.50
C TRP O 17 15.03 91.75 -88.83
N SER O 18 16.07 91.56 -89.65
CA SER O 18 17.44 91.50 -89.14
C SER O 18 18.38 92.11 -90.15
N ASP O 19 19.48 92.64 -89.65
CA ASP O 19 20.51 93.18 -90.53
C ASP O 19 21.32 92.03 -91.11
N PRO O 20 21.38 91.89 -92.45
CA PRO O 20 22.24 90.84 -93.02
C PRO O 20 23.70 90.99 -92.63
N THR O 21 24.19 92.23 -92.52
CA THR O 21 25.58 92.45 -92.12
C THR O 21 25.80 92.00 -90.69
N ARG O 22 24.84 92.27 -89.80
CA ARG O 22 24.97 91.96 -88.39
C ARG O 22 23.66 91.36 -87.92
N LEU O 23 23.59 90.03 -87.87
CA LEU O 23 22.33 89.35 -87.56
C LEU O 23 21.87 89.58 -86.13
N SER O 24 22.73 90.12 -85.26
CA SER O 24 22.31 90.42 -83.90
C SER O 24 21.21 91.47 -83.89
N THR O 25 21.34 92.49 -84.74
CA THR O 25 20.32 93.53 -84.80
C THR O 25 19.01 92.96 -85.29
N THR O 26 17.95 93.17 -84.51
CA THR O 26 16.64 92.64 -84.85
C THR O 26 15.59 93.69 -84.60
N PHE O 27 14.46 93.57 -85.30
CA PHE O 27 13.28 94.39 -85.07
C PHE O 27 12.06 93.54 -85.30
N SER O 28 11.44 93.07 -84.22
CA SER O 28 10.31 92.17 -84.29
C SER O 28 9.04 92.94 -83.95
N ALA O 29 8.07 92.94 -84.86
CA ALA O 29 6.80 93.59 -84.67
C ALA O 29 5.72 92.51 -84.62
N SER O 30 5.35 92.08 -83.42
CA SER O 30 4.34 91.07 -83.22
C SER O 30 3.02 91.74 -82.86
N LEU O 31 1.96 91.31 -83.52
CA LEU O 31 0.64 91.92 -83.36
C LEU O 31 -0.34 90.91 -82.80
N LEU O 32 -1.26 91.39 -81.96
CA LEU O 32 -2.26 90.53 -81.34
C LEU O 32 -3.62 91.23 -81.51
N ARG O 33 -4.38 90.78 -82.50
CA ARG O 33 -5.72 91.32 -82.69
C ARG O 33 -6.67 90.72 -81.66
N GLN O 34 -7.57 91.55 -81.15
CA GLN O 34 -8.47 91.13 -80.08
C GLN O 34 -9.76 91.94 -80.18
N ARG O 35 -10.87 91.32 -79.80
CA ARG O 35 -12.16 91.97 -79.78
C ARG O 35 -12.57 92.21 -78.33
N VAL O 36 -13.10 93.39 -78.06
CA VAL O 36 -13.43 93.81 -76.71
C VAL O 36 -14.88 94.27 -76.68
N LYS O 37 -15.52 94.09 -75.53
CA LYS O 37 -16.92 94.46 -75.35
C LYS O 37 -16.98 95.69 -74.44
N VAL O 38 -17.39 96.81 -75.01
CA VAL O 38 -17.66 98.02 -74.25
C VAL O 38 -19.17 98.17 -74.16
N GLY O 39 -19.61 99.17 -73.40
CA GLY O 39 -21.03 99.40 -73.20
C GLY O 39 -21.86 99.31 -74.47
N ILE O 40 -22.74 98.30 -74.53
CA ILE O 40 -23.61 97.96 -75.66
C ILE O 40 -22.88 98.15 -76.99
N ALA O 41 -21.63 97.70 -77.05
CA ALA O 41 -20.87 97.79 -78.29
C ALA O 41 -19.68 96.84 -78.21
N GLU O 42 -19.45 96.13 -79.31
CA GLU O 42 -18.28 95.28 -79.48
C GLU O 42 -17.25 96.04 -80.30
N LEU O 43 -16.04 96.14 -79.78
CA LEU O 43 -14.96 96.83 -80.47
C LEU O 43 -13.77 95.90 -80.63
N ASN O 44 -12.94 96.21 -81.61
CA ASN O 44 -11.77 95.40 -81.95
C ASN O 44 -10.54 96.10 -81.39
N ASN O 45 -9.83 95.41 -80.50
CA ASN O 45 -8.66 95.97 -79.83
C ASN O 45 -7.41 95.36 -80.42
N VAL O 46 -6.55 96.20 -80.99
CA VAL O 46 -5.27 95.77 -81.50
C VAL O 46 -4.19 96.20 -80.53
N SER O 47 -3.27 95.28 -80.22
CA SER O 47 -2.18 95.55 -79.30
C SER O 47 -0.95 94.80 -79.79
N GLY O 48 -0.02 95.52 -80.40
CA GLY O 48 1.16 94.89 -80.94
C GLY O 48 2.44 95.60 -80.55
N GLN O 49 3.32 94.90 -79.84
CA GLN O 49 4.58 95.49 -79.41
C GLN O 49 5.58 95.44 -80.54
N TYR O 50 6.41 96.48 -80.63
CA TYR O 50 7.47 96.56 -81.61
C TYR O 50 8.79 96.57 -80.85
N VAL O 51 9.55 95.48 -80.98
CA VAL O 51 10.77 95.28 -80.22
C VAL O 51 11.96 95.48 -81.14
N SER O 52 12.83 96.41 -80.76
CA SER O 52 14.10 96.63 -81.45
C SER O 52 15.21 96.23 -80.49
N VAL O 53 16.06 95.31 -80.91
CA VAL O 53 17.13 94.78 -80.07
C VAL O 53 18.45 95.00 -80.79
N TYR O 54 19.41 95.59 -80.09
CA TYR O 54 20.76 95.78 -80.60
C TYR O 54 21.75 95.38 -79.53
N LYS O 55 22.90 94.90 -79.95
CA LYS O 55 23.92 94.40 -79.04
C LYS O 55 25.21 95.17 -79.25
N ARG O 56 25.85 95.56 -78.15
CA ARG O 56 27.04 96.39 -78.21
C ARG O 56 28.11 95.89 -77.25
N PRO O 57 29.36 95.86 -77.68
CA PRO O 57 30.45 95.53 -76.76
C PRO O 57 30.61 96.59 -75.70
N ALA O 58 31.12 96.20 -74.54
CA ALA O 58 31.40 97.14 -73.47
C ALA O 58 32.40 98.18 -73.98
N PRO O 59 32.28 99.44 -73.58
CA PRO O 59 33.18 100.47 -74.11
C PRO O 59 34.64 100.20 -73.76
N LYS O 60 35.54 100.52 -74.68
CA LYS O 60 36.96 100.39 -74.39
C LYS O 60 37.32 101.43 -73.32
N PRO O 61 37.95 101.02 -72.20
CA PRO O 61 38.04 101.87 -71.02
C PRO O 61 38.39 103.34 -71.25
N GLU O 62 39.53 103.60 -71.89
CA GLU O 62 40.00 104.96 -72.11
C GLU O 62 40.30 105.24 -73.57
N GLY O 63 39.63 104.56 -74.48
CA GLY O 63 40.08 104.57 -75.85
C GLY O 63 41.42 103.86 -75.94
N CYS O 64 41.52 102.74 -75.23
CA CYS O 64 42.75 101.95 -75.16
C CYS O 64 42.67 100.77 -76.12
N ALA O 65 42.13 101.00 -77.32
CA ALA O 65 41.93 99.91 -78.26
C ALA O 65 43.28 99.33 -78.68
N ASP O 66 43.64 98.20 -78.08
CA ASP O 66 44.88 97.52 -78.44
C ASP O 66 44.68 96.69 -79.70
N ALA O 67 43.66 95.85 -79.71
CA ALA O 67 43.32 95.06 -80.89
C ALA O 67 41.85 94.65 -80.77
N CYS O 68 41.41 93.78 -81.67
CA CYS O 68 40.03 93.30 -81.66
C CYS O 68 39.96 92.02 -80.83
N VAL O 69 39.92 92.20 -79.53
CA VAL O 69 39.77 91.09 -78.59
C VAL O 69 38.32 90.82 -78.23
N ILE O 70 37.36 91.51 -78.88
CA ILE O 70 35.92 91.35 -78.72
C ILE O 70 35.51 91.15 -77.26
N MET O 71 35.42 92.24 -76.52
CA MET O 71 34.96 92.17 -75.14
C MET O 71 33.51 91.69 -75.11
N PRO O 72 33.06 91.07 -74.00
CA PRO O 72 31.68 90.59 -73.94
C PRO O 72 30.68 91.71 -74.15
N ASN O 73 29.81 91.55 -75.14
CA ASN O 73 28.87 92.58 -75.53
C ASN O 73 27.66 92.60 -74.61
N GLU O 74 26.98 93.74 -74.58
CA GLU O 74 25.83 93.95 -73.70
C GLU O 74 24.61 94.28 -74.55
N ASN O 75 23.43 93.96 -73.99
CA ASN O 75 22.18 94.02 -74.75
C ASN O 75 21.48 95.35 -74.55
N GLN O 76 21.19 96.02 -75.66
CA GLN O 76 20.41 97.25 -75.67
C GLN O 76 19.03 96.93 -76.22
N SER O 77 18.08 96.68 -75.33
CA SER O 77 16.72 96.34 -75.72
C SER O 77 15.82 97.56 -75.56
N ILE O 78 15.13 97.92 -76.63
CA ILE O 78 14.17 99.01 -76.64
C ILE O 78 12.87 98.46 -77.20
N ARG O 79 11.83 98.48 -76.38
CA ARG O 79 10.55 97.87 -76.73
C ARG O 79 9.41 98.81 -76.40
N THR O 80 8.44 98.88 -77.32
CA THR O 80 7.25 99.70 -77.16
C THR O 80 6.01 98.84 -77.32
N VAL O 81 4.98 99.16 -76.55
CA VAL O 81 3.70 98.46 -76.62
C VAL O 81 2.62 99.50 -76.86
N ILE O 82 1.82 99.31 -77.89
CA ILE O 82 0.76 100.24 -78.27
C ILE O 82 -0.53 99.46 -78.39
N SER O 83 -1.59 99.95 -77.75
CA SER O 83 -2.88 99.29 -77.75
C SER O 83 -3.99 100.33 -77.89
N GLY O 84 -5.11 99.88 -78.43
CA GLY O 84 -6.25 100.76 -78.59
C GLY O 84 -7.26 100.17 -79.54
N SER O 85 -8.44 100.80 -79.56
CA SER O 85 -9.50 100.36 -80.45
C SER O 85 -9.11 100.59 -81.90
N ALA O 86 -9.51 99.66 -82.78
CA ALA O 86 -9.06 99.71 -84.16
C ALA O 86 -9.58 100.96 -84.87
N GLU O 87 -10.84 101.30 -84.66
CA GLU O 87 -11.45 102.40 -85.42
C GLU O 87 -10.89 103.76 -85.04
N ASN O 88 -10.16 103.85 -83.93
CA ASN O 88 -9.69 105.13 -83.39
C ASN O 88 -8.24 105.41 -83.72
N LEU O 89 -7.75 104.93 -84.87
CA LEU O 89 -6.38 105.21 -85.24
C LEU O 89 -6.15 106.69 -85.48
N ALA O 90 -7.17 107.39 -85.97
CA ALA O 90 -7.03 108.82 -86.23
C ALA O 90 -6.60 109.56 -84.97
N THR O 91 -7.28 109.28 -83.85
CA THR O 91 -6.86 109.87 -82.59
C THR O 91 -5.67 109.15 -81.98
N LEU O 92 -5.56 107.83 -82.18
CA LEU O 92 -4.46 107.09 -81.59
C LEU O 92 -3.12 107.54 -82.17
N LYS O 93 -3.06 107.70 -83.49
CA LYS O 93 -1.82 108.15 -84.12
C LYS O 93 -1.43 109.53 -83.61
N ALA O 94 -2.38 110.44 -83.51
CA ALA O 94 -2.10 111.74 -82.93
C ALA O 94 -1.69 111.60 -81.47
N GLU O 95 -2.38 110.75 -80.72
CA GLU O 95 -1.99 110.49 -79.35
C GLU O 95 -0.62 109.82 -79.29
N TRP O 96 -0.34 108.91 -80.23
CA TRP O 96 0.98 108.28 -80.28
C TRP O 96 2.06 109.31 -80.55
N GLU O 97 1.79 110.29 -81.42
CA GLU O 97 2.77 111.32 -81.70
C GLU O 97 3.10 112.13 -80.46
N THR O 98 2.08 112.47 -79.67
CA THR O 98 2.34 113.21 -78.42
C THR O 98 3.19 112.39 -77.48
N HIS O 99 3.08 111.07 -77.53
CA HIS O 99 3.94 110.22 -76.72
C HIS O 99 5.40 110.39 -77.10
N LYS O 100 5.67 110.60 -78.39
CA LYS O 100 7.04 110.85 -78.83
C LYS O 100 7.60 112.10 -78.18
N ARG O 101 6.99 113.26 -78.46
CA ARG O 101 7.55 114.51 -77.96
C ARG O 101 7.58 114.53 -76.44
N ASN O 102 6.64 113.84 -75.80
CA ASN O 102 6.64 113.78 -74.34
C ASN O 102 7.90 113.10 -73.82
N VAL O 103 8.19 111.90 -74.32
CA VAL O 103 9.38 111.20 -73.86
C VAL O 103 10.65 111.89 -74.32
N ASP O 104 10.61 112.51 -75.50
CA ASP O 104 11.80 113.20 -76.01
C ASP O 104 12.24 114.29 -75.05
N THR O 105 11.29 115.08 -74.54
CA THR O 105 11.66 116.08 -73.54
C THR O 105 12.22 115.44 -72.29
N LEU O 106 11.61 114.36 -71.82
CA LEU O 106 12.07 113.70 -70.60
C LEU O 106 13.36 112.93 -70.79
N PHE O 107 13.48 112.17 -71.86
CA PHE O 107 14.60 111.24 -71.99
C PHE O 107 15.60 111.64 -73.07
N ALA O 108 15.14 112.09 -74.23
CA ALA O 108 16.07 112.45 -75.29
C ALA O 108 16.84 113.72 -74.94
N SER O 109 16.12 114.83 -74.77
CA SER O 109 16.77 116.06 -74.34
C SER O 109 17.17 115.98 -72.87
N GLY O 110 16.27 115.50 -72.02
CA GLY O 110 16.58 115.38 -70.62
C GLY O 110 17.59 114.28 -70.34
N ASN O 111 18.13 114.29 -69.13
CA ASN O 111 19.09 113.29 -68.70
C ASN O 111 18.43 112.12 -67.98
N ALA O 112 17.16 111.86 -68.25
CA ALA O 112 16.48 110.73 -67.61
C ALA O 112 17.10 109.40 -67.99
N GLY O 113 17.79 109.33 -69.12
CA GLY O 113 18.46 108.09 -69.49
C GLY O 113 19.48 107.66 -68.47
N LEU O 114 20.27 108.61 -67.97
CA LEU O 114 21.19 108.29 -66.88
C LEU O 114 20.43 107.86 -65.64
N GLY O 115 19.17 108.24 -65.52
CA GLY O 115 18.36 107.94 -64.35
C GLY O 115 17.87 109.14 -63.59
N PHE O 116 18.20 110.35 -64.04
CA PHE O 116 17.83 111.54 -63.31
C PHE O 116 16.41 111.97 -63.66
N LEU O 117 15.54 112.02 -62.64
CA LEU O 117 14.16 112.45 -62.83
C LEU O 117 14.10 113.97 -62.80
N ASP O 118 13.17 114.53 -63.57
CA ASP O 118 12.95 115.98 -63.60
C ASP O 118 11.46 116.25 -63.41
N PRO O 119 11.02 116.47 -62.16
CA PRO O 119 9.61 116.79 -61.93
C PRO O 119 9.15 118.05 -62.64
N THR O 120 10.06 118.95 -62.97
CA THR O 120 9.74 120.18 -63.69
C THR O 120 9.74 119.99 -65.20
N ALA O 121 9.59 118.76 -65.69
CA ALA O 121 9.62 118.53 -67.12
C ALA O 121 8.44 119.19 -67.82
N ALA O 122 8.68 119.70 -69.02
CA ALA O 122 7.65 120.38 -69.79
C ALA O 122 6.75 119.38 -70.49
N ILE O 123 6.19 118.43 -69.73
CA ILE O 123 5.30 117.44 -70.30
C ILE O 123 4.03 118.11 -70.81
N VAL O 124 3.45 117.57 -71.88
CA VAL O 124 2.21 118.06 -72.44
C VAL O 124 1.24 116.89 -72.54
N SER O 125 -0.01 117.22 -72.88
CA SER O 125 -1.05 116.23 -73.05
C SER O 125 -1.45 116.14 -74.52
N SER O 126 -2.20 115.09 -74.84
CA SER O 126 -2.61 114.87 -76.23
C SER O 126 -3.54 115.98 -76.71
N ASP O 127 -4.47 116.40 -75.86
CA ASP O 127 -5.47 117.39 -76.27
C ASP O 127 -4.85 118.76 -76.41
N THR O 128 -5.14 119.43 -77.53
CA THR O 128 -4.65 120.77 -77.77
C THR O 128 -5.70 121.78 -77.31
N THR O 129 -5.37 123.07 -77.40
CA THR O 129 -6.29 124.11 -77.01
C THR O 129 -5.96 125.43 -77.71
N ALA P 1 -19.24 100.00 -107.25
CA ALA P 1 -18.10 99.31 -106.65
C ALA P 1 -18.36 99.04 -105.17
N ASN P 2 -17.56 98.15 -104.59
CA ASN P 2 -17.67 97.81 -103.18
C ASN P 2 -16.30 97.77 -102.56
N LYS P 3 -16.25 97.97 -101.25
CA LYS P 3 -14.98 98.03 -100.54
C LYS P 3 -14.34 96.66 -100.51
N PRO P 4 -13.14 96.48 -101.05
CA PRO P 4 -12.47 95.19 -101.00
C PRO P 4 -11.73 95.00 -99.69
N MET P 5 -11.43 93.74 -99.39
CA MET P 5 -10.64 93.42 -98.22
C MET P 5 -9.23 92.98 -98.63
N GLN P 6 -8.43 92.64 -97.64
CA GLN P 6 -7.13 92.02 -97.85
C GLN P 6 -6.94 90.95 -96.79
N PRO P 7 -6.06 89.97 -97.03
CA PRO P 7 -5.92 88.88 -96.07
C PRO P 7 -5.52 89.37 -94.69
N ILE P 8 -6.00 88.67 -93.67
CA ILE P 8 -5.73 89.03 -92.28
C ILE P 8 -4.83 88.01 -91.61
N THR P 9 -5.28 86.77 -91.49
CA THR P 9 -4.54 85.71 -90.81
C THR P 9 -4.27 84.60 -91.82
N SER P 10 -3.16 84.74 -92.54
CA SER P 10 -2.78 83.71 -93.51
C SER P 10 -2.34 82.44 -92.78
N THR P 11 -2.64 81.30 -93.40
CA THR P 11 -2.27 80.01 -92.86
C THR P 11 -2.18 79.04 -94.04
N ALA P 12 -1.63 77.86 -93.78
CA ALA P 12 -1.53 76.84 -94.81
C ALA P 12 -2.88 76.48 -95.39
N ASN P 13 -3.93 76.49 -94.58
CA ASN P 13 -5.27 76.13 -95.02
C ASN P 13 -6.24 77.30 -94.97
N LYS P 14 -6.40 77.93 -93.82
CA LYS P 14 -7.42 78.96 -93.63
C LYS P 14 -6.79 80.34 -93.78
N ILE P 15 -7.32 81.12 -94.72
CA ILE P 15 -6.95 82.51 -94.87
C ILE P 15 -8.23 83.33 -94.89
N VAL P 16 -8.24 84.45 -94.17
CA VAL P 16 -9.44 85.24 -93.97
C VAL P 16 -9.19 86.66 -94.41
N TRP P 17 -10.27 87.35 -94.75
CA TRP P 17 -10.23 88.75 -95.15
C TRP P 17 -11.13 89.57 -94.23
N SER P 18 -10.80 90.85 -94.10
CA SER P 18 -11.62 91.76 -93.31
C SER P 18 -11.51 93.16 -93.89
N ASP P 19 -12.63 93.87 -93.87
CA ASP P 19 -12.66 95.21 -94.43
C ASP P 19 -11.88 96.17 -93.53
N PRO P 20 -10.93 96.92 -94.08
CA PRO P 20 -10.18 97.86 -93.23
C PRO P 20 -11.06 98.88 -92.54
N THR P 21 -12.08 99.39 -93.22
CA THR P 21 -12.96 100.38 -92.59
C THR P 21 -13.79 99.75 -91.48
N ARG P 22 -14.42 98.62 -91.76
CA ARG P 22 -15.25 97.90 -90.79
C ARG P 22 -14.70 96.48 -90.74
N LEU P 23 -13.78 96.23 -89.81
CA LEU P 23 -13.15 94.92 -89.72
C LEU P 23 -14.01 93.90 -88.99
N SER P 24 -15.22 94.28 -88.58
CA SER P 24 -16.12 93.31 -87.98
C SER P 24 -16.54 92.25 -88.99
N THR P 25 -16.84 92.65 -90.21
CA THR P 25 -17.20 91.69 -91.24
C THR P 25 -15.97 90.93 -91.72
N THR P 26 -16.14 89.63 -91.97
CA THR P 26 -15.04 88.78 -92.40
C THR P 26 -15.52 87.84 -93.50
N PHE P 27 -14.56 87.37 -94.30
CA PHE P 27 -14.79 86.31 -95.26
C PHE P 27 -13.66 85.31 -95.13
N SER P 28 -13.99 84.06 -94.84
CA SER P 28 -13.01 83.03 -94.60
C SER P 28 -13.15 81.93 -95.65
N ALA P 29 -12.03 81.28 -95.96
CA ALA P 29 -12.01 80.18 -96.91
C ALA P 29 -10.97 79.16 -96.42
N SER P 30 -11.43 78.18 -95.64
CA SER P 30 -10.58 77.12 -95.13
C SER P 30 -10.73 75.90 -96.03
N LEU P 31 -9.61 75.38 -96.50
CA LEU P 31 -9.61 74.31 -97.49
C LEU P 31 -8.92 73.10 -96.90
N LEU P 32 -9.57 71.94 -96.99
CA LEU P 32 -9.03 70.68 -96.51
C LEU P 32 -8.91 69.74 -97.69
N ARG P 33 -7.71 69.19 -97.90
CA ARG P 33 -7.43 68.30 -99.02
C ARG P 33 -7.09 66.91 -98.49
N GLN P 34 -7.53 65.89 -99.22
CA GLN P 34 -7.26 64.51 -98.85
C GLN P 34 -7.16 63.67 -100.12
N ARG P 35 -6.42 62.58 -99.99
CA ARG P 35 -6.24 61.61 -101.06
C ARG P 35 -7.10 60.39 -100.77
N VAL P 36 -7.95 60.02 -101.73
CA VAL P 36 -8.95 58.98 -101.53
C VAL P 36 -8.85 57.96 -102.65
N LYS P 37 -8.90 56.69 -102.28
CA LYS P 37 -8.84 55.56 -103.21
C LYS P 37 -10.24 54.96 -103.30
N VAL P 38 -10.98 55.29 -104.35
CA VAL P 38 -12.34 54.78 -104.48
C VAL P 38 -12.34 53.36 -105.01
N GLY P 39 -11.60 53.10 -106.09
CA GLY P 39 -11.45 51.76 -106.62
C GLY P 39 -10.54 51.75 -107.83
N ILE P 40 -9.54 50.85 -107.80
CA ILE P 40 -8.49 50.71 -108.81
C ILE P 40 -8.07 52.05 -109.40
N ALA P 41 -8.19 53.13 -108.61
CA ALA P 41 -7.88 54.46 -109.08
C ALA P 41 -7.78 55.42 -107.89
N GLU P 42 -6.66 56.13 -107.79
CA GLU P 42 -6.52 57.09 -106.71
C GLU P 42 -7.18 58.41 -107.09
N LEU P 43 -7.71 59.10 -106.07
CA LEU P 43 -8.38 60.37 -106.28
C LEU P 43 -7.94 61.35 -105.20
N ASN P 44 -7.92 62.63 -105.57
CA ASN P 44 -7.61 63.70 -104.63
C ASN P 44 -8.91 64.42 -104.29
N ASN P 45 -9.26 64.43 -103.01
CA ASN P 45 -10.50 65.03 -102.53
C ASN P 45 -10.21 66.31 -101.78
N VAL P 46 -11.02 67.33 -102.02
CA VAL P 46 -10.88 68.63 -101.39
C VAL P 46 -12.23 69.08 -100.87
N SER P 47 -12.24 69.70 -99.70
CA SER P 47 -13.47 70.22 -99.10
C SER P 47 -13.22 71.66 -98.68
N GLY P 48 -13.78 72.60 -99.44
CA GLY P 48 -13.59 74.02 -99.19
C GLY P 48 -14.76 74.60 -98.42
N GLN P 49 -14.45 75.15 -97.24
CA GLN P 49 -15.45 75.76 -96.38
C GLN P 49 -15.31 77.27 -96.52
N TYR P 50 -16.24 77.89 -97.22
CA TYR P 50 -16.23 79.32 -97.48
C TYR P 50 -17.29 79.97 -96.61
N VAL P 51 -16.86 80.76 -95.65
CA VAL P 51 -17.75 81.36 -94.66
C VAL P 51 -17.71 82.87 -94.82
N SER P 52 -18.87 83.48 -94.92
CA SER P 52 -19.02 84.93 -94.95
C SER P 52 -19.84 85.37 -93.75
N VAL P 53 -19.31 86.28 -92.95
CA VAL P 53 -19.95 86.73 -91.73
C VAL P 53 -20.07 88.24 -91.78
N TYR P 54 -21.26 88.75 -91.51
CA TYR P 54 -21.51 90.18 -91.44
C TYR P 54 -22.22 90.49 -90.13
N LYS P 55 -21.69 91.45 -89.38
CA LYS P 55 -22.33 91.96 -88.18
C LYS P 55 -23.10 93.20 -88.57
N ARG P 56 -24.43 93.14 -88.45
CA ARG P 56 -25.26 94.23 -88.90
C ARG P 56 -26.19 94.66 -87.78
N PRO P 57 -26.44 95.97 -87.64
CA PRO P 57 -27.35 96.43 -86.59
C PRO P 57 -28.75 95.89 -86.80
N ALA P 58 -29.45 95.70 -85.69
CA ALA P 58 -30.83 95.26 -85.74
C ALA P 58 -31.68 96.29 -86.50
N PRO P 59 -32.75 95.85 -87.17
CA PRO P 59 -33.53 96.80 -87.97
C PRO P 59 -34.09 97.93 -87.14
N LYS P 60 -33.78 99.16 -87.53
CA LYS P 60 -34.26 100.32 -86.81
C LYS P 60 -35.79 100.37 -86.87
N PRO P 61 -36.45 100.65 -85.75
CA PRO P 61 -37.92 100.74 -85.77
C PRO P 61 -38.39 101.80 -86.77
N GLU P 62 -39.51 101.52 -87.42
CA GLU P 62 -39.95 102.36 -88.53
C GLU P 62 -40.24 103.79 -88.06
N GLY P 63 -40.09 104.73 -88.99
CA GLY P 63 -40.37 106.12 -88.72
C GLY P 63 -39.22 106.91 -88.13
N CYS P 64 -38.06 106.29 -87.93
CA CYS P 64 -36.92 107.03 -87.40
C CYS P 64 -35.65 106.55 -88.07
N ALA P 65 -34.88 107.50 -88.59
CA ALA P 65 -33.52 107.25 -89.02
C ALA P 65 -32.62 108.36 -88.49
N ASP P 66 -33.16 109.58 -88.45
CA ASP P 66 -32.44 110.76 -87.99
C ASP P 66 -31.91 110.58 -86.58
N ALA P 67 -32.78 110.20 -85.65
CA ALA P 67 -32.37 110.01 -84.26
C ALA P 67 -31.49 108.77 -84.16
N CYS P 68 -30.18 108.95 -84.14
CA CYS P 68 -29.28 107.81 -84.09
C CYS P 68 -29.40 107.10 -82.74
N VAL P 69 -30.07 105.96 -82.74
CA VAL P 69 -30.20 105.11 -81.56
C VAL P 69 -29.60 103.76 -81.95
N ILE P 70 -28.59 103.32 -81.20
CA ILE P 70 -27.88 102.12 -81.57
C ILE P 70 -28.70 100.89 -81.25
N MET P 71 -28.89 100.04 -82.24
CA MET P 71 -29.48 98.72 -82.09
C MET P 71 -28.37 97.68 -82.09
N PRO P 72 -28.53 96.62 -81.30
CA PRO P 72 -27.51 95.56 -81.26
C PRO P 72 -27.37 94.88 -82.61
N ASN P 73 -26.30 94.10 -82.73
CA ASN P 73 -25.91 93.51 -84.00
C ASN P 73 -26.24 92.02 -84.02
N GLU P 74 -26.82 91.57 -85.12
CA GLU P 74 -27.10 90.15 -85.32
C GLU P 74 -26.03 89.52 -86.19
N ASN P 75 -26.09 88.20 -86.30
CA ASN P 75 -25.11 87.42 -87.03
C ASN P 75 -25.73 86.96 -88.34
N GLN P 76 -25.37 87.63 -89.44
CA GLN P 76 -25.73 87.17 -90.77
C GLN P 76 -24.58 86.33 -91.32
N SER P 77 -24.78 85.03 -91.34
CA SER P 77 -23.72 84.08 -91.70
C SER P 77 -24.13 83.25 -92.90
N ILE P 78 -23.18 83.03 -93.81
CA ILE P 78 -23.38 82.20 -94.98
C ILE P 78 -22.11 81.38 -95.15
N ARG P 79 -22.18 80.09 -94.85
CA ARG P 79 -21.03 79.20 -95.00
C ARG P 79 -21.36 78.15 -96.04
N THR P 80 -20.39 77.87 -96.91
CA THR P 80 -20.56 76.96 -98.03
C THR P 80 -19.48 75.89 -97.99
N VAL P 81 -19.88 74.65 -98.23
CA VAL P 81 -18.96 73.53 -98.28
C VAL P 81 -19.02 72.93 -99.68
N ILE P 82 -17.86 72.85 -100.34
CA ILE P 82 -17.75 72.28 -101.67
C ILE P 82 -16.84 71.06 -101.55
N SER P 83 -17.36 69.89 -101.86
CA SER P 83 -16.61 68.64 -101.76
C SER P 83 -16.68 67.89 -103.07
N GLY P 84 -15.55 67.33 -103.48
CA GLY P 84 -15.50 66.56 -104.70
C GLY P 84 -14.07 66.29 -105.10
N SER P 85 -13.92 65.36 -106.04
CA SER P 85 -12.60 65.00 -106.54
C SER P 85 -12.05 66.11 -107.43
N ALA P 86 -10.74 66.33 -107.34
CA ALA P 86 -10.10 67.33 -108.19
C ALA P 86 -10.19 66.95 -109.66
N GLU P 87 -10.12 65.65 -109.96
CA GLU P 87 -10.15 65.20 -111.35
C GLU P 87 -11.49 65.50 -112.01
N ASN P 88 -12.56 65.61 -111.24
CA ASN P 88 -13.87 65.96 -111.78
C ASN P 88 -14.20 67.43 -111.56
N LEU P 89 -13.19 68.28 -111.48
CA LEU P 89 -13.43 69.70 -111.23
C LEU P 89 -14.21 70.34 -112.38
N ALA P 90 -13.88 69.98 -113.62
CA ALA P 90 -14.51 70.62 -114.77
C ALA P 90 -16.02 70.45 -114.72
N THR P 91 -16.48 69.24 -114.42
CA THR P 91 -17.92 69.03 -114.28
C THR P 91 -18.44 69.55 -112.95
N LEU P 92 -17.59 69.58 -111.91
CA LEU P 92 -18.06 69.99 -110.60
C LEU P 92 -18.54 71.43 -110.59
N LYS P 93 -17.90 72.31 -111.37
CA LYS P 93 -18.34 73.69 -111.45
C LYS P 93 -19.77 73.78 -111.97
N ALA P 94 -20.19 72.80 -112.77
CA ALA P 94 -21.55 72.84 -113.31
C ALA P 94 -22.59 72.77 -112.20
N GLU P 95 -22.42 71.85 -111.24
CA GLU P 95 -23.36 71.79 -110.13
C GLU P 95 -23.31 73.06 -109.30
N TRP P 96 -22.15 73.70 -109.21
CA TRP P 96 -22.05 74.91 -108.40
C TRP P 96 -22.97 76.00 -108.93
N GLU P 97 -22.99 76.20 -110.24
CA GLU P 97 -23.82 77.26 -110.79
C GLU P 97 -25.30 76.86 -110.80
N THR P 98 -25.59 75.56 -110.91
CA THR P 98 -26.97 75.13 -110.71
C THR P 98 -27.37 75.26 -109.25
N HIS P 99 -26.47 74.89 -108.33
CA HIS P 99 -26.76 75.10 -106.91
C HIS P 99 -27.02 76.57 -106.63
N LYS P 100 -26.29 77.46 -107.30
CA LYS P 100 -26.64 78.87 -107.28
C LYS P 100 -28.08 79.07 -107.74
N ARG P 101 -28.41 78.53 -108.91
CA ARG P 101 -29.72 78.77 -109.50
C ARG P 101 -30.83 78.18 -108.64
N ASN P 102 -30.63 76.96 -108.14
CA ASN P 102 -31.67 76.33 -107.34
C ASN P 102 -31.94 77.11 -106.07
N VAL P 103 -30.89 77.55 -105.38
CA VAL P 103 -31.08 78.33 -104.16
C VAL P 103 -31.74 79.66 -104.48
N ASP P 104 -31.38 80.27 -105.62
CA ASP P 104 -32.00 81.54 -105.99
C ASP P 104 -33.50 81.41 -106.15
N THR P 105 -33.96 80.32 -106.77
CA THR P 105 -35.39 80.10 -106.90
C THR P 105 -36.06 79.97 -105.54
N LEU P 106 -35.46 79.18 -104.65
CA LEU P 106 -36.05 78.98 -103.32
C LEU P 106 -35.93 80.23 -102.47
N PHE P 107 -34.71 80.78 -102.38
CA PHE P 107 -34.44 81.86 -101.43
C PHE P 107 -34.60 83.25 -102.04
N ALA P 108 -33.84 83.53 -103.10
CA ALA P 108 -33.85 84.87 -103.67
C ALA P 108 -35.22 85.22 -104.24
N SER P 109 -35.64 84.50 -105.27
CA SER P 109 -36.94 84.78 -105.87
C SER P 109 -38.07 84.44 -104.91
N GLY P 110 -37.98 83.30 -104.24
CA GLY P 110 -39.00 82.87 -103.31
C GLY P 110 -38.88 83.57 -101.97
N ASN P 111 -39.60 83.04 -100.99
CA ASN P 111 -39.59 83.56 -99.64
C ASN P 111 -39.13 82.51 -98.64
N ALA P 112 -38.16 81.68 -99.03
CA ALA P 112 -37.63 80.69 -98.12
C ALA P 112 -36.88 81.32 -96.95
N GLY P 113 -36.46 82.57 -97.09
CA GLY P 113 -35.76 83.23 -96.01
C GLY P 113 -36.64 83.62 -94.84
N LEU P 114 -37.96 83.58 -95.00
CA LEU P 114 -38.89 83.93 -93.94
C LEU P 114 -39.47 82.70 -93.26
N GLY P 115 -38.92 81.52 -93.55
CA GLY P 115 -39.48 80.29 -93.01
C GLY P 115 -40.57 79.67 -93.85
N PHE P 116 -40.76 80.14 -95.07
CA PHE P 116 -41.82 79.65 -95.95
C PHE P 116 -41.23 78.68 -96.96
N LEU P 117 -41.92 77.56 -97.18
CA LEU P 117 -41.49 76.56 -98.14
C LEU P 117 -42.48 76.49 -99.30
N ASP P 118 -41.96 76.42 -100.51
CA ASP P 118 -42.79 76.30 -101.70
C ASP P 118 -42.45 74.97 -102.36
N PRO P 119 -43.25 73.92 -102.14
CA PRO P 119 -42.96 72.62 -102.73
C PRO P 119 -43.22 72.53 -104.23
N THR P 120 -43.53 73.65 -104.88
CA THR P 120 -43.75 73.71 -106.32
C THR P 120 -42.73 74.60 -106.99
N ALA P 121 -41.49 74.58 -106.47
CA ALA P 121 -40.42 75.41 -107.01
C ALA P 121 -39.86 74.78 -108.27
N ALA P 122 -39.69 75.58 -109.30
CA ALA P 122 -39.16 75.11 -110.59
C ALA P 122 -37.65 75.05 -110.50
N ILE P 123 -37.16 73.95 -109.93
CA ILE P 123 -35.73 73.71 -109.78
C ILE P 123 -35.30 72.62 -110.75
N VAL P 124 -34.08 72.72 -111.25
CA VAL P 124 -33.60 71.84 -112.30
C VAL P 124 -32.32 71.14 -111.86
N SER P 125 -31.77 70.31 -112.74
CA SER P 125 -30.56 69.54 -112.47
C SER P 125 -29.38 70.10 -113.23
N SER P 126 -28.19 69.63 -112.85
CA SER P 126 -26.97 70.07 -113.51
C SER P 126 -26.95 69.70 -114.98
N ASP P 127 -27.26 68.45 -115.29
CA ASP P 127 -27.28 68.00 -116.67
C ASP P 127 -28.49 68.60 -117.40
N THR P 128 -28.32 68.83 -118.69
CA THR P 128 -29.34 69.42 -119.53
C THR P 128 -29.88 68.40 -120.51
N THR P 129 -30.82 68.84 -121.34
CA THR P 129 -31.43 67.97 -122.34
C THR P 129 -31.01 68.39 -123.75
N ALA Q 1 7.76 76.57 -122.38
CA ALA Q 1 7.71 77.27 -121.10
C ALA Q 1 7.28 76.31 -119.99
N ASN Q 2 8.03 76.31 -118.89
CA ASN Q 2 7.73 75.42 -117.78
C ASN Q 2 6.50 75.89 -117.01
N LYS Q 3 5.70 74.93 -116.56
CA LYS Q 3 4.53 75.27 -115.76
C LYS Q 3 4.95 75.71 -114.37
N PRO Q 4 4.57 76.89 -113.91
CA PRO Q 4 4.87 77.27 -112.53
C PRO Q 4 3.93 76.59 -111.55
N MET Q 5 4.39 76.46 -110.31
CA MET Q 5 3.58 75.93 -109.23
C MET Q 5 2.95 77.06 -108.44
N GLN Q 6 2.17 76.68 -107.44
CA GLN Q 6 1.70 77.57 -106.40
C GLN Q 6 1.85 76.89 -105.05
N PRO Q 7 2.09 77.65 -103.99
CA PRO Q 7 2.28 77.03 -102.68
C PRO Q 7 1.02 76.34 -102.19
N ILE Q 8 1.22 75.30 -101.37
CA ILE Q 8 0.13 74.56 -100.77
C ILE Q 8 0.12 74.70 -99.25
N THR Q 9 1.23 74.38 -98.60
CA THR Q 9 1.32 74.39 -97.14
C THR Q 9 2.36 75.45 -96.77
N SER Q 10 1.90 76.69 -96.65
CA SER Q 10 2.77 77.78 -96.25
C SER Q 10 2.94 77.78 -94.74
N THR Q 11 4.18 77.94 -94.29
CA THR Q 11 4.50 77.93 -92.87
C THR Q 11 5.76 78.76 -92.70
N ALA Q 12 6.01 79.19 -91.46
CA ALA Q 12 7.22 79.95 -91.17
C ALA Q 12 8.48 79.15 -91.44
N ASN Q 13 8.37 77.83 -91.55
CA ASN Q 13 9.52 76.97 -91.82
C ASN Q 13 9.44 76.28 -93.16
N LYS Q 14 8.31 75.67 -93.50
CA LYS Q 14 8.19 74.82 -94.67
C LYS Q 14 7.09 75.33 -95.60
N ILE Q 15 7.42 75.42 -96.89
CA ILE Q 15 6.46 75.75 -97.94
C ILE Q 15 6.57 74.70 -99.03
N VAL Q 16 5.43 74.14 -99.42
CA VAL Q 16 5.39 73.04 -100.37
C VAL Q 16 4.59 73.49 -101.58
N TRP Q 17 5.29 73.86 -102.65
CA TRP Q 17 4.63 74.11 -103.92
C TRP Q 17 4.21 72.79 -104.57
N SER Q 18 3.19 72.87 -105.41
CA SER Q 18 2.77 71.73 -106.21
C SER Q 18 2.08 72.23 -107.47
N ASP Q 19 2.24 71.48 -108.54
CA ASP Q 19 1.68 71.90 -109.82
C ASP Q 19 0.16 71.79 -109.81
N PRO Q 20 -0.54 72.77 -110.36
CA PRO Q 20 -2.01 72.70 -110.37
C PRO Q 20 -2.54 71.60 -111.27
N THR Q 21 -2.06 71.52 -112.51
CA THR Q 21 -2.64 70.57 -113.45
C THR Q 21 -2.24 69.14 -113.14
N ARG Q 22 -1.17 68.95 -112.37
CA ARG Q 22 -0.74 67.64 -111.91
C ARG Q 22 -0.31 67.75 -110.46
N LEU Q 23 -1.08 67.14 -109.56
CA LEU Q 23 -0.83 67.29 -108.13
C LEU Q 23 0.23 66.32 -107.62
N SER Q 24 0.65 65.36 -108.43
CA SER Q 24 1.67 64.42 -107.97
C SER Q 24 3.01 65.11 -107.77
N THR Q 25 3.46 65.87 -108.77
CA THR Q 25 4.73 66.56 -108.67
C THR Q 25 4.66 67.67 -107.64
N THR Q 26 5.81 67.95 -107.01
CA THR Q 26 5.85 68.92 -105.93
C THR Q 26 7.27 69.40 -105.72
N PHE Q 27 7.41 70.43 -104.90
CA PHE Q 27 8.71 70.99 -104.55
C PHE Q 27 8.55 71.69 -103.21
N SER Q 28 9.29 71.24 -102.20
CA SER Q 28 9.17 71.76 -100.85
C SER Q 28 10.51 72.28 -100.36
N ALA Q 29 10.49 73.37 -99.63
CA ALA Q 29 11.68 73.96 -99.03
C ALA Q 29 11.46 74.06 -97.53
N SER Q 30 12.33 73.42 -96.77
CA SER Q 30 12.24 73.41 -95.31
C SER Q 30 13.60 73.70 -94.73
N LEU Q 31 13.69 74.71 -93.87
CA LEU Q 31 14.95 75.12 -93.30
C LEU Q 31 14.75 75.59 -91.86
N LEU Q 32 15.81 75.45 -91.07
CA LEU Q 32 15.83 75.83 -89.68
C LEU Q 32 17.10 76.62 -89.39
N ARG Q 33 17.01 77.54 -88.43
CA ARG Q 33 18.11 78.45 -88.13
C ARG Q 33 18.56 78.25 -86.69
N GLN Q 34 19.86 78.09 -86.50
CA GLN Q 34 20.46 77.87 -85.19
C GLN Q 34 21.47 78.97 -84.88
N ARG Q 35 21.93 78.97 -83.64
CA ARG Q 35 23.01 79.84 -83.20
C ARG Q 35 24.09 78.96 -82.57
N VAL Q 36 25.32 79.11 -83.03
CA VAL Q 36 26.42 78.27 -82.60
C VAL Q 36 27.59 79.14 -82.16
N LYS Q 37 28.43 78.58 -81.30
CA LYS Q 37 29.61 79.27 -80.78
C LYS Q 37 30.85 78.50 -81.24
N VAL Q 38 31.77 79.21 -81.87
CA VAL Q 38 33.04 78.61 -82.27
C VAL Q 38 34.21 79.37 -81.67
N GLY Q 39 34.37 80.64 -82.03
CA GLY Q 39 35.40 81.47 -81.43
C GLY Q 39 34.87 82.28 -80.27
N ILE Q 40 34.32 81.59 -79.27
CA ILE Q 40 33.58 82.18 -78.14
C ILE Q 40 32.73 83.35 -78.61
N ALA Q 41 32.23 83.26 -79.83
CA ALA Q 41 31.45 84.33 -80.46
C ALA Q 41 30.21 83.72 -81.09
N GLU Q 42 29.15 84.51 -81.14
CA GLU Q 42 27.89 84.03 -81.70
C GLU Q 42 28.02 83.84 -83.21
N LEU Q 43 27.37 82.79 -83.71
CA LEU Q 43 27.40 82.48 -85.13
C LEU Q 43 26.05 81.91 -85.53
N ASN Q 44 25.46 82.48 -86.58
CA ASN Q 44 24.11 82.11 -87.01
C ASN Q 44 24.21 81.09 -88.15
N ASN Q 45 23.62 79.91 -87.93
CA ASN Q 45 23.66 78.83 -88.91
C ASN Q 45 22.26 78.58 -89.46
N VAL Q 46 22.19 78.38 -90.77
CA VAL Q 46 20.94 78.10 -91.46
C VAL Q 46 21.14 76.84 -92.30
N SER Q 47 20.24 75.87 -92.13
CA SER Q 47 20.32 74.60 -92.86
C SER Q 47 19.06 74.46 -93.71
N GLY Q 48 19.20 74.70 -95.01
CA GLY Q 48 18.09 74.67 -95.94
C GLY Q 48 17.98 73.34 -96.64
N GLN Q 49 16.84 72.69 -96.49
CA GLN Q 49 16.56 71.41 -97.12
C GLN Q 49 15.52 71.60 -98.21
N TYR Q 50 15.84 71.17 -99.42
CA TYR Q 50 14.99 71.35 -100.59
C TYR Q 50 14.75 69.99 -101.23
N VAL Q 51 13.49 69.65 -101.42
CA VAL Q 51 13.10 68.35 -101.97
C VAL Q 51 12.26 68.57 -103.21
N SER Q 52 12.63 67.93 -104.30
CA SER Q 52 11.86 67.93 -105.54
C SER Q 52 11.42 66.50 -105.83
N VAL Q 53 10.12 66.31 -106.01
CA VAL Q 53 9.54 64.98 -106.17
C VAL Q 53 8.68 64.97 -107.42
N TYR Q 54 8.88 63.95 -108.26
CA TYR Q 54 8.05 63.73 -109.43
C TYR Q 54 7.57 62.28 -109.43
N LYS Q 55 6.30 62.10 -109.77
CA LYS Q 55 5.71 60.76 -109.90
C LYS Q 55 5.73 60.40 -111.37
N ARG Q 56 6.70 59.58 -111.76
CA ARG Q 56 6.91 59.27 -113.18
C ARG Q 56 6.55 57.82 -113.44
N PRO Q 57 5.70 57.53 -114.42
CA PRO Q 57 5.27 56.15 -114.66
C PRO Q 57 6.36 55.26 -115.23
N ALA Q 58 6.36 54.00 -114.88
CA ALA Q 58 7.31 53.11 -115.50
C ALA Q 58 7.15 53.21 -117.00
N PRO Q 59 8.19 52.86 -117.73
CA PRO Q 59 8.10 52.90 -119.20
C PRO Q 59 7.12 51.88 -119.71
N LYS Q 60 6.98 51.79 -121.03
CA LYS Q 60 6.00 50.87 -121.60
C LYS Q 60 6.62 49.63 -122.13
N PRO Q 61 5.84 48.58 -122.26
CA PRO Q 61 6.38 47.38 -122.88
C PRO Q 61 6.82 47.74 -124.28
N GLU Q 62 7.90 47.13 -124.77
CA GLU Q 62 8.39 47.53 -126.08
C GLU Q 62 7.32 47.86 -127.12
N GLY Q 63 7.46 49.05 -127.72
CA GLY Q 63 6.71 49.49 -128.89
C GLY Q 63 5.24 49.14 -128.98
N CYS Q 64 4.48 49.45 -127.93
CA CYS Q 64 3.04 49.17 -127.99
C CYS Q 64 2.25 50.03 -127.02
N ALA Q 65 1.53 51.03 -127.54
CA ALA Q 65 0.73 51.89 -126.69
C ALA Q 65 -0.68 51.35 -126.51
N ASP Q 66 -1.22 50.72 -127.55
CA ASP Q 66 -2.59 50.19 -127.59
C ASP Q 66 -3.58 51.09 -126.88
N ALA Q 67 -4.41 50.50 -126.02
CA ALA Q 67 -5.41 51.24 -125.27
C ALA Q 67 -4.83 51.75 -123.96
N CYS Q 68 -5.68 52.23 -123.06
CA CYS Q 68 -5.23 52.80 -121.80
C CYS Q 68 -4.78 51.67 -120.89
N VAL Q 69 -3.49 51.40 -120.91
CA VAL Q 69 -2.90 50.44 -119.99
C VAL Q 69 -2.14 51.19 -118.90
N ILE Q 70 -2.82 51.44 -117.79
CA ILE Q 70 -2.30 52.25 -116.69
C ILE Q 70 -1.04 51.62 -116.15
N MET Q 71 0.04 52.39 -116.13
CA MET Q 71 1.34 51.89 -115.72
C MET Q 71 1.68 52.41 -114.33
N PRO Q 72 2.38 51.62 -113.53
CA PRO Q 72 2.76 52.10 -112.19
C PRO Q 72 3.77 53.22 -112.29
N ASN Q 73 3.90 54.01 -111.22
CA ASN Q 73 4.72 55.21 -111.23
C ASN Q 73 5.93 55.05 -110.33
N GLU Q 74 7.07 55.51 -110.80
CA GLU Q 74 8.28 55.53 -110.00
C GLU Q 74 8.47 56.88 -109.34
N ASN Q 75 9.01 56.87 -108.13
CA ASN Q 75 9.34 58.08 -107.40
C ASN Q 75 10.70 58.58 -107.82
N GLN Q 76 10.74 59.76 -108.44
CA GLN Q 76 11.99 60.43 -108.76
C GLN Q 76 12.15 61.60 -107.79
N SER Q 77 13.08 61.48 -106.86
CA SER Q 77 13.27 62.46 -105.80
C SER Q 77 14.68 63.03 -105.85
N ILE Q 78 14.78 64.31 -105.54
CA ILE Q 78 16.07 65.01 -105.48
C ILE Q 78 16.04 65.86 -104.21
N ARG Q 79 16.85 65.50 -103.23
CA ARG Q 79 16.95 66.25 -101.99
C ARG Q 79 18.31 66.92 -101.94
N THR Q 80 18.33 68.16 -101.44
CA THR Q 80 19.57 68.93 -101.34
C THR Q 80 19.50 69.75 -100.07
N VAL Q 81 20.52 69.63 -99.23
CA VAL Q 81 20.60 70.37 -97.97
C VAL Q 81 21.83 71.26 -98.02
N ILE Q 82 21.64 72.54 -97.69
CA ILE Q 82 22.72 73.50 -97.61
C ILE Q 82 22.81 73.99 -96.17
N SER Q 83 23.96 73.78 -95.55
CA SER Q 83 24.18 74.21 -94.17
C SER Q 83 25.42 75.09 -94.12
N GLY Q 84 25.29 76.22 -93.46
CA GLY Q 84 26.41 77.13 -93.33
C GLY Q 84 25.99 78.39 -92.62
N SER Q 85 26.98 79.11 -92.13
CA SER Q 85 26.72 80.34 -91.41
C SER Q 85 26.25 81.43 -92.37
N ALA Q 86 25.27 82.23 -91.93
CA ALA Q 86 24.81 83.34 -92.75
C ALA Q 86 25.85 84.45 -92.83
N GLU Q 87 26.80 84.48 -91.90
CA GLU Q 87 27.80 85.55 -91.89
C GLU Q 87 28.71 85.48 -93.10
N ASN Q 88 28.92 84.29 -93.65
CA ASN Q 88 29.72 84.11 -94.86
C ASN Q 88 28.87 83.49 -95.97
N LEU Q 89 27.66 84.01 -96.14
CA LEU Q 89 26.77 83.50 -97.18
C LEU Q 89 27.36 83.71 -98.58
N ALA Q 90 28.03 84.83 -98.80
CA ALA Q 90 28.53 85.15 -100.13
C ALA Q 90 29.49 84.09 -100.63
N THR Q 91 30.45 83.70 -99.81
CA THR Q 91 31.39 82.66 -100.22
C THR Q 91 30.70 81.31 -100.32
N LEU Q 92 29.61 81.12 -99.57
CA LEU Q 92 28.87 79.88 -99.67
C LEU Q 92 28.17 79.75 -101.02
N LYS Q 93 27.85 80.88 -101.65
CA LYS Q 93 27.25 80.83 -102.98
C LYS Q 93 28.17 80.15 -103.98
N ALA Q 94 29.47 80.48 -103.91
CA ALA Q 94 30.43 79.83 -104.80
C ALA Q 94 30.49 78.33 -104.52
N GLU Q 95 30.27 77.94 -103.27
CA GLU Q 95 30.22 76.52 -102.94
C GLU Q 95 29.10 75.83 -103.69
N TRP Q 96 27.93 76.46 -103.74
CA TRP Q 96 26.80 75.90 -104.47
C TRP Q 96 27.08 75.87 -105.97
N GLU Q 97 27.80 76.88 -106.47
CA GLU Q 97 28.12 76.93 -107.89
C GLU Q 97 28.99 75.75 -108.30
N THR Q 98 30.04 75.47 -107.53
CA THR Q 98 30.92 74.37 -107.88
C THR Q 98 30.25 73.02 -107.64
N HIS Q 99 29.44 72.94 -106.57
CA HIS Q 99 28.70 71.70 -106.33
C HIS Q 99 27.80 71.36 -107.52
N LYS Q 100 27.31 72.39 -108.21
CA LYS Q 100 26.64 72.17 -109.49
C LYS Q 100 27.57 71.50 -110.48
N ARG Q 101 28.75 72.08 -110.67
CA ARG Q 101 29.66 71.61 -111.71
C ARG Q 101 30.14 70.19 -111.42
N ASN Q 102 30.51 69.92 -110.18
CA ASN Q 102 31.02 68.59 -109.85
C ASN Q 102 29.97 67.51 -110.09
N VAL Q 103 28.73 67.78 -109.70
CA VAL Q 103 27.67 66.81 -109.96
C VAL Q 103 27.40 66.70 -111.44
N ASP Q 104 27.32 67.85 -112.14
CA ASP Q 104 27.05 67.83 -113.57
C ASP Q 104 28.12 67.08 -114.34
N THR Q 105 29.39 67.35 -114.02
CA THR Q 105 30.47 66.71 -114.75
C THR Q 105 30.57 65.23 -114.43
N LEU Q 106 29.92 64.79 -113.35
CA LEU Q 106 29.98 63.40 -112.95
C LEU Q 106 28.67 62.66 -113.19
N PHE Q 107 27.54 63.37 -113.18
CA PHE Q 107 26.24 62.74 -113.36
C PHE Q 107 25.57 63.20 -114.65
N ALA Q 108 25.42 64.50 -114.86
CA ALA Q 108 24.75 64.99 -116.06
C ALA Q 108 25.51 64.60 -117.32
N SER Q 109 26.80 64.92 -117.37
CA SER Q 109 27.63 64.54 -118.51
C SER Q 109 28.26 63.16 -118.34
N GLY Q 110 28.22 62.60 -117.15
CA GLY Q 110 28.82 61.30 -116.88
C GLY Q 110 27.82 60.17 -116.97
N ASN Q 111 28.18 59.05 -116.36
CA ASN Q 111 27.33 57.86 -116.34
C ASN Q 111 26.95 57.47 -114.92
N ALA Q 112 26.91 58.43 -114.00
CA ALA Q 112 26.57 58.13 -112.62
C ALA Q 112 25.15 57.58 -112.49
N GLY Q 113 24.22 58.10 -113.29
CA GLY Q 113 22.85 57.61 -113.22
C GLY Q 113 22.75 56.12 -113.49
N LEU Q 114 23.52 55.62 -114.45
CA LEU Q 114 23.54 54.19 -114.73
C LEU Q 114 24.12 53.39 -113.57
N GLY Q 115 24.92 54.02 -112.72
CA GLY Q 115 25.47 53.33 -111.57
C GLY Q 115 26.97 53.15 -111.62
N PHE Q 116 27.64 53.98 -112.42
CA PHE Q 116 29.08 53.91 -112.58
C PHE Q 116 29.72 55.21 -112.10
N LEU Q 117 30.75 55.08 -111.26
CA LEU Q 117 31.50 56.23 -110.76
C LEU Q 117 32.87 56.24 -111.42
N ASP Q 118 33.06 57.16 -112.35
CA ASP Q 118 34.33 57.26 -113.05
C ASP Q 118 35.40 57.84 -112.12
N PRO Q 119 36.48 57.11 -111.84
CA PRO Q 119 37.50 57.63 -110.93
C PRO Q 119 38.41 58.66 -111.54
N THR Q 120 38.32 58.93 -112.84
CA THR Q 120 39.15 59.92 -113.50
C THR Q 120 38.36 61.16 -113.93
N ALA Q 121 37.15 61.35 -113.39
CA ALA Q 121 36.36 62.51 -113.75
C ALA Q 121 37.04 63.79 -113.27
N ALA Q 122 36.93 64.84 -114.08
CA ALA Q 122 37.55 66.12 -113.75
C ALA Q 122 36.68 66.87 -112.76
N ILE Q 123 37.16 67.04 -111.54
CA ILE Q 123 36.42 67.68 -110.46
C ILE Q 123 37.23 68.85 -109.95
N VAL Q 124 36.61 70.03 -109.93
CA VAL Q 124 37.30 71.28 -109.59
C VAL Q 124 36.72 71.85 -108.30
N SER Q 125 37.53 72.63 -107.61
CA SER Q 125 37.18 73.17 -106.30
C SER Q 125 36.69 74.60 -106.40
N SER Q 126 36.15 75.09 -105.29
CA SER Q 126 35.62 76.45 -105.26
C SER Q 126 36.72 77.48 -105.42
N ASP Q 127 37.78 77.37 -104.63
CA ASP Q 127 38.86 78.34 -104.69
C ASP Q 127 39.55 78.28 -106.04
N THR Q 128 39.79 79.45 -106.62
CA THR Q 128 40.40 79.55 -107.93
C THR Q 128 41.90 79.33 -107.84
N THR Q 129 42.61 79.60 -108.93
CA THR Q 129 44.06 79.47 -108.96
C THR Q 129 44.73 80.39 -107.96
N ALA R 1 -49.89 23.62 135.93
CA ALA R 1 -50.19 24.80 135.12
C ALA R 1 -49.44 24.77 133.81
N ASN R 2 -50.01 24.10 132.82
CA ASN R 2 -49.40 23.95 131.50
C ASN R 2 -50.22 24.71 130.48
N LYS R 3 -49.55 25.47 129.64
CA LYS R 3 -50.24 26.28 128.64
C LYS R 3 -50.83 25.41 127.55
N PRO R 4 -52.14 25.46 127.31
CA PRO R 4 -52.73 24.65 126.24
C PRO R 4 -52.30 25.15 124.87
N MET R 5 -52.20 24.22 123.92
CA MET R 5 -51.93 24.61 122.55
C MET R 5 -53.21 25.06 121.87
N GLN R 6 -53.05 25.72 120.73
CA GLN R 6 -54.16 26.17 119.93
C GLN R 6 -54.18 25.39 118.62
N PRO R 7 -55.24 24.67 118.30
CA PRO R 7 -55.26 23.90 117.05
C PRO R 7 -55.10 24.80 115.85
N ILE R 8 -54.38 24.30 114.84
CA ILE R 8 -54.11 25.09 113.65
C ILE R 8 -54.90 24.53 112.47
N THR R 9 -54.63 23.29 112.12
CA THR R 9 -55.31 22.61 111.02
C THR R 9 -56.20 21.52 111.59
N SER R 10 -57.50 21.60 111.32
CA SER R 10 -58.46 20.63 111.79
C SER R 10 -59.02 19.86 110.61
N THR R 11 -59.02 18.54 110.72
CA THR R 11 -59.50 17.68 109.66
C THR R 11 -60.04 16.41 110.31
N ALA R 12 -60.92 15.71 109.60
CA ALA R 12 -61.46 14.46 110.10
C ALA R 12 -60.40 13.39 110.27
N ASN R 13 -59.23 13.57 109.67
CA ASN R 13 -58.15 12.59 109.77
C ASN R 13 -56.99 13.09 110.62
N LYS R 14 -56.52 14.32 110.41
CA LYS R 14 -55.37 14.86 111.10
C LYS R 14 -55.73 16.18 111.76
N ILE R 15 -55.32 16.36 113.01
CA ILE R 15 -55.45 17.63 113.71
C ILE R 15 -54.09 17.96 114.31
N VAL R 16 -53.68 19.22 114.19
CA VAL R 16 -52.37 19.67 114.63
C VAL R 16 -52.55 20.80 115.62
N TRP R 17 -51.94 20.67 116.79
CA TRP R 17 -51.88 21.73 117.78
C TRP R 17 -50.44 22.26 117.86
N SER R 18 -50.32 23.50 118.32
CA SER R 18 -49.02 24.06 118.64
C SER R 18 -49.20 25.18 119.64
N ASP R 19 -48.15 25.46 120.39
CA ASP R 19 -48.22 26.48 121.43
C ASP R 19 -48.26 27.86 120.79
N PRO R 20 -49.19 28.72 121.17
CA PRO R 20 -49.23 30.07 120.57
C PRO R 20 -47.97 30.87 120.80
N THR R 21 -47.35 30.73 121.97
CA THR R 21 -46.15 31.51 122.27
C THR R 21 -44.98 31.05 121.42
N ARG R 22 -44.78 29.74 121.33
CA ARG R 22 -43.71 29.16 120.51
C ARG R 22 -44.34 28.19 119.54
N LEU R 23 -44.31 28.52 118.25
CA LEU R 23 -44.98 27.71 117.25
C LEU R 23 -44.21 26.45 116.89
N SER R 24 -42.94 26.36 117.29
CA SER R 24 -42.13 25.20 116.93
C SER R 24 -42.66 23.93 117.57
N THR R 25 -42.95 23.98 118.87
CA THR R 25 -43.49 22.81 119.54
C THR R 25 -44.89 22.51 119.04
N THR R 26 -45.15 21.23 118.79
CA THR R 26 -46.41 20.81 118.18
C THR R 26 -46.85 19.48 118.78
N PHE R 27 -48.12 19.18 118.57
CA PHE R 27 -48.69 17.87 118.91
C PHE R 27 -49.76 17.56 117.88
N SER R 28 -49.49 16.61 117.00
CA SER R 28 -50.39 16.27 115.93
C SER R 28 -50.88 14.84 116.11
N ALA R 29 -52.19 14.65 116.02
CA ALA R 29 -52.80 13.34 116.14
C ALA R 29 -53.52 13.01 114.84
N SER R 30 -52.92 12.16 114.02
CA SER R 30 -53.48 11.76 112.74
C SER R 30 -54.03 10.35 112.89
N LEU R 31 -55.30 10.17 112.50
CA LEU R 31 -56.00 8.92 112.69
C LEU R 31 -56.27 8.26 111.35
N LEU R 32 -56.16 6.94 111.31
CA LEU R 32 -56.39 6.17 110.10
C LEU R 32 -57.30 5.00 110.44
N ARG R 33 -58.49 4.97 109.86
CA ARG R 33 -59.47 3.93 110.10
C ARG R 33 -59.43 2.90 108.98
N GLN R 34 -59.60 1.64 109.35
CA GLN R 34 -59.48 0.54 108.40
C GLN R 34 -60.47 -0.55 108.77
N ARG R 35 -60.91 -1.29 107.74
CA ARG R 35 -61.81 -2.41 107.93
C ARG R 35 -61.04 -3.69 107.61
N VAL R 36 -61.05 -4.62 108.55
CA VAL R 36 -60.25 -5.84 108.46
C VAL R 36 -61.16 -7.05 108.61
N LYS R 37 -60.88 -8.10 107.84
CA LYS R 37 -61.66 -9.32 107.83
C LYS R 37 -60.84 -10.44 108.46
N VAL R 38 -61.18 -10.81 109.70
CA VAL R 38 -60.43 -11.85 110.38
C VAL R 38 -61.35 -12.99 110.85
N GLY R 39 -62.33 -12.68 111.69
CA GLY R 39 -63.18 -13.70 112.28
C GLY R 39 -64.47 -13.92 111.53
N ILE R 40 -64.39 -14.38 110.28
CA ILE R 40 -65.50 -14.51 109.34
C ILE R 40 -66.48 -13.36 109.51
N ALA R 41 -65.97 -12.18 109.84
CA ALA R 41 -66.80 -11.01 110.11
C ALA R 41 -65.88 -9.80 110.05
N GLU R 42 -66.29 -8.76 109.35
CA GLU R 42 -65.45 -7.58 109.20
C GLU R 42 -65.28 -6.89 110.55
N LEU R 43 -64.08 -6.37 110.78
CA LEU R 43 -63.77 -5.61 111.98
C LEU R 43 -63.21 -4.25 111.60
N ASN R 44 -63.58 -3.24 112.36
CA ASN R 44 -63.09 -1.90 112.13
C ASN R 44 -61.79 -1.70 112.91
N ASN R 45 -60.71 -1.42 112.19
CA ASN R 45 -59.39 -1.23 112.79
C ASN R 45 -59.00 0.23 112.70
N VAL R 46 -58.32 0.72 113.72
CA VAL R 46 -57.90 2.11 113.80
C VAL R 46 -56.40 2.15 114.07
N SER R 47 -55.78 3.27 113.71
CA SER R 47 -54.36 3.47 113.98
C SER R 47 -54.11 4.96 114.13
N GLY R 48 -53.78 5.38 115.35
CA GLY R 48 -53.60 6.79 115.61
C GLY R 48 -52.16 7.20 115.79
N GLN R 49 -51.60 7.89 114.80
CA GLN R 49 -50.25 8.42 114.89
C GLN R 49 -50.29 9.67 115.76
N TYR R 50 -49.72 9.57 116.96
CA TYR R 50 -49.64 10.71 117.87
C TYR R 50 -48.19 11.14 117.94
N VAL R 51 -47.92 12.39 117.59
CA VAL R 51 -46.56 12.90 117.45
C VAL R 51 -46.41 14.14 118.32
N SER R 52 -45.36 14.16 119.13
CA SER R 52 -45.00 15.31 119.94
C SER R 52 -43.63 15.78 119.53
N VAL R 53 -43.49 17.06 119.21
CA VAL R 53 -42.25 17.63 118.72
C VAL R 53 -41.89 18.83 119.58
N TYR R 54 -40.61 18.91 119.97
CA TYR R 54 -40.10 20.06 120.69
C TYR R 54 -38.73 20.42 120.13
N LYS R 55 -38.41 21.70 120.19
CA LYS R 55 -37.14 22.24 119.72
C LYS R 55 -36.33 22.72 120.94
N ARG R 56 -35.57 21.81 121.53
CA ARG R 56 -34.67 22.17 122.61
C ARG R 56 -33.36 22.69 122.02
N PRO R 57 -33.01 23.94 122.23
CA PRO R 57 -31.77 24.45 121.63
C PRO R 57 -30.54 24.02 122.41
N ALA R 58 -29.79 23.06 121.86
CA ALA R 58 -28.55 22.55 122.42
C ALA R 58 -28.74 22.02 123.84
N PRO R 59 -27.70 21.51 124.48
CA PRO R 59 -27.79 21.27 125.94
C PRO R 59 -27.34 22.47 126.74
N LYS R 60 -27.20 23.62 126.05
CA LYS R 60 -26.74 24.90 126.60
C LYS R 60 -25.26 24.78 126.91
N PRO R 61 -24.45 25.83 126.67
CA PRO R 61 -23.03 25.72 127.01
C PRO R 61 -22.78 25.69 128.50
N GLU R 62 -22.42 24.50 128.99
CA GLU R 62 -22.13 24.20 130.40
C GLU R 62 -22.82 25.10 131.41
N GLY R 63 -22.08 25.55 132.43
CA GLY R 63 -22.71 26.19 133.57
C GLY R 63 -22.97 27.67 133.41
N CYS R 64 -22.11 28.36 132.69
CA CYS R 64 -22.23 29.81 132.58
C CYS R 64 -23.30 30.21 131.58
N ALA R 65 -24.33 30.89 132.08
CA ALA R 65 -25.43 31.38 131.28
C ALA R 65 -25.03 32.67 130.58
N ASP R 66 -24.54 32.57 129.33
CA ASP R 66 -23.94 33.71 128.66
C ASP R 66 -24.97 34.56 127.91
N ALA R 67 -24.44 35.42 127.02
CA ALA R 67 -25.19 36.45 126.33
C ALA R 67 -26.01 35.90 125.19
N CYS R 68 -26.45 36.76 124.28
CA CYS R 68 -27.45 36.41 123.28
C CYS R 68 -26.89 35.43 122.27
N VAL R 69 -26.53 34.23 122.74
CA VAL R 69 -26.00 33.19 121.87
C VAL R 69 -27.16 32.39 121.31
N ILE R 70 -27.30 32.39 119.98
CA ILE R 70 -28.39 31.64 119.35
C ILE R 70 -27.79 30.42 118.67
N MET R 71 -27.75 29.31 119.40
CA MET R 71 -27.17 28.07 118.91
C MET R 71 -28.14 27.36 117.97
N PRO R 72 -27.62 26.45 117.14
CA PRO R 72 -28.52 25.61 116.34
C PRO R 72 -29.43 24.79 117.23
N ASN R 73 -30.68 24.64 116.79
CA ASN R 73 -31.68 23.98 117.59
C ASN R 73 -31.86 22.53 117.15
N GLU R 74 -32.08 21.65 118.13
CA GLU R 74 -32.15 20.22 117.86
C GLU R 74 -33.53 19.69 118.22
N ASN R 75 -33.80 18.48 117.76
CA ASN R 75 -35.15 17.94 117.74
C ASN R 75 -35.39 16.96 118.88
N GLN R 76 -36.58 17.03 119.48
CA GLN R 76 -37.03 16.06 120.47
C GLN R 76 -38.41 15.58 120.03
N SER R 77 -38.48 14.41 119.42
CA SER R 77 -39.71 13.90 118.83
C SER R 77 -40.14 12.63 119.54
N ILE R 78 -41.44 12.49 119.75
CA ILE R 78 -42.04 11.31 120.35
C ILE R 78 -43.23 10.90 119.50
N ARG R 79 -43.21 9.67 118.99
CA ARG R 79 -44.31 9.15 118.19
C ARG R 79 -44.94 7.96 118.91
N THR R 80 -46.23 7.77 118.69
CA THR R 80 -46.97 6.66 119.28
C THR R 80 -48.09 6.27 118.32
N VAL R 81 -48.11 5.01 117.91
CA VAL R 81 -49.16 4.47 117.06
C VAL R 81 -49.87 3.38 117.83
N ILE R 82 -51.19 3.45 117.87
CA ILE R 82 -52.02 2.49 118.59
C ILE R 82 -52.95 1.84 117.58
N SER R 83 -52.82 0.53 117.41
CA SER R 83 -53.60 -0.22 116.44
C SER R 83 -54.39 -1.30 117.14
N GLY R 84 -55.66 -1.43 116.78
CA GLY R 84 -56.50 -2.46 117.36
C GLY R 84 -57.92 -2.31 116.88
N SER R 85 -58.67 -3.40 117.00
CA SER R 85 -60.07 -3.40 116.61
C SER R 85 -60.86 -2.47 117.53
N ALA R 86 -61.76 -1.69 116.94
CA ALA R 86 -62.58 -0.78 117.73
C ALA R 86 -63.48 -1.55 118.69
N GLU R 87 -63.89 -2.76 118.32
CA GLU R 87 -64.74 -3.56 119.19
C GLU R 87 -64.04 -3.97 120.47
N ASN R 88 -62.71 -4.16 120.42
CA ASN R 88 -61.93 -4.49 121.61
C ASN R 88 -61.27 -3.26 122.21
N LEU R 89 -61.93 -2.11 122.17
CA LEU R 89 -61.35 -0.89 122.69
C LEU R 89 -61.12 -0.97 124.19
N ALA R 90 -62.09 -1.46 124.95
CA ALA R 90 -62.02 -1.40 126.40
C ALA R 90 -60.80 -2.15 126.92
N THR R 91 -60.57 -3.35 126.41
CA THR R 91 -59.38 -4.09 126.81
C THR R 91 -58.11 -3.43 126.30
N LEU R 92 -58.20 -2.70 125.18
CA LEU R 92 -57.03 -2.05 124.63
C LEU R 92 -56.59 -0.87 125.49
N LYS R 93 -57.53 -0.28 126.25
CA LYS R 93 -57.15 0.80 127.16
C LYS R 93 -56.15 0.31 128.19
N ALA R 94 -56.39 -0.87 128.75
CA ALA R 94 -55.42 -1.47 129.65
C ALA R 94 -54.10 -1.70 128.95
N GLU R 95 -54.15 -2.06 127.67
CA GLU R 95 -52.94 -2.27 126.89
C GLU R 95 -52.13 -0.98 126.82
N TRP R 96 -52.80 0.14 126.56
CA TRP R 96 -52.13 1.42 126.57
C TRP R 96 -51.59 1.75 127.95
N GLU R 97 -52.38 1.48 128.99
CA GLU R 97 -51.96 1.80 130.35
C GLU R 97 -50.72 1.01 130.74
N THR R 98 -50.74 -0.31 130.53
CA THR R 98 -49.59 -1.12 130.91
C THR R 98 -48.38 -0.82 130.03
N HIS R 99 -48.61 -0.39 128.80
CA HIS R 99 -47.49 0.01 127.94
C HIS R 99 -46.76 1.19 128.54
N LYS R 100 -47.50 2.10 129.19
CA LYS R 100 -46.88 3.23 129.85
C LYS R 100 -45.95 2.77 130.98
N ARG R 101 -46.39 1.79 131.77
CA ARG R 101 -45.57 1.31 132.88
C ARG R 101 -44.27 0.71 132.39
N ASN R 102 -44.34 -0.14 131.36
CA ASN R 102 -43.15 -0.82 130.89
C ASN R 102 -42.13 0.17 130.35
N VAL R 103 -42.58 1.14 129.55
CA VAL R 103 -41.65 2.16 129.08
C VAL R 103 -41.12 2.98 130.24
N ASP R 104 -42.00 3.36 131.18
CA ASP R 104 -41.57 4.13 132.33
C ASP R 104 -40.52 3.38 133.13
N THR R 105 -40.67 2.05 133.24
CA THR R 105 -39.67 1.26 133.93
C THR R 105 -38.31 1.34 133.25
N LEU R 106 -38.28 1.15 131.93
CA LEU R 106 -37.01 1.23 131.21
C LEU R 106 -36.53 2.66 131.06
N PHE R 107 -37.42 3.58 130.72
CA PHE R 107 -37.03 4.93 130.32
C PHE R 107 -37.04 5.90 131.48
N ALA R 108 -38.19 6.09 132.13
CA ALA R 108 -38.30 7.11 133.17
C ALA R 108 -37.43 6.75 134.37
N SER R 109 -37.56 5.53 134.86
CA SER R 109 -36.82 5.10 136.05
C SER R 109 -35.50 4.42 135.72
N GLY R 110 -35.19 4.21 134.44
CA GLY R 110 -33.98 3.56 134.03
C GLY R 110 -33.13 4.42 133.11
N ASN R 111 -32.07 3.80 132.59
CA ASN R 111 -31.14 4.46 131.70
C ASN R 111 -31.36 4.09 130.24
N ALA R 112 -32.56 3.65 129.88
CA ALA R 112 -32.84 3.30 128.49
C ALA R 112 -32.66 4.50 127.58
N GLY R 113 -32.92 5.71 128.09
CA GLY R 113 -32.76 6.89 127.28
C GLY R 113 -31.32 7.24 126.94
N LEU R 114 -30.38 6.76 127.75
CA LEU R 114 -28.97 7.05 127.52
C LEU R 114 -28.30 6.00 126.65
N GLY R 115 -29.05 5.03 126.14
CA GLY R 115 -28.48 3.94 125.38
C GLY R 115 -28.19 2.70 126.18
N PHE R 116 -28.68 2.60 127.41
CA PHE R 116 -28.40 1.47 128.28
C PHE R 116 -29.62 0.58 128.38
N LEU R 117 -29.44 -0.70 128.08
CA LEU R 117 -30.51 -1.68 128.14
C LEU R 117 -30.32 -2.57 129.36
N ASP R 118 -31.39 -2.74 130.13
CA ASP R 118 -31.35 -3.47 131.40
C ASP R 118 -32.15 -4.75 131.26
N PRO R 119 -31.48 -5.90 131.05
CA PRO R 119 -32.23 -7.16 130.90
C PRO R 119 -32.97 -7.59 132.14
N THR R 120 -32.59 -7.11 133.32
CA THR R 120 -33.22 -7.53 134.57
C THR R 120 -34.31 -6.59 135.04
N ALA R 121 -34.68 -5.61 134.23
CA ALA R 121 -35.74 -4.67 134.62
C ALA R 121 -37.04 -5.42 134.86
N ALA R 122 -37.77 -4.99 135.89
CA ALA R 122 -38.99 -5.69 136.32
C ALA R 122 -40.16 -5.23 135.45
N ILE R 123 -40.07 -5.59 134.19
CA ILE R 123 -41.16 -5.38 133.25
C ILE R 123 -42.27 -6.36 133.57
N VAL R 124 -43.52 -5.95 133.38
CA VAL R 124 -44.66 -6.78 133.72
C VAL R 124 -45.62 -6.81 132.53
N SER R 125 -46.40 -7.88 132.47
CA SER R 125 -47.35 -8.08 131.39
C SER R 125 -48.66 -7.37 131.67
N SER R 126 -49.54 -7.37 130.67
CA SER R 126 -50.83 -6.69 130.81
C SER R 126 -51.80 -7.49 131.66
N ASP R 127 -51.97 -8.77 131.33
CA ASP R 127 -52.99 -9.58 132.00
C ASP R 127 -52.63 -9.79 133.47
N THR R 128 -53.62 -9.69 134.33
CA THR R 128 -53.41 -9.85 135.75
C THR R 128 -53.51 -11.32 136.13
N THR R 129 -53.39 -11.61 137.42
CA THR R 129 -53.46 -12.98 137.90
C THR R 129 -54.73 -13.24 138.69
N ALA S 1 -85.60 7.59 120.94
CA ALA S 1 -84.98 6.66 121.86
C ALA S 1 -83.88 5.87 121.18
N ASN S 2 -83.67 6.16 119.90
CA ASN S 2 -82.64 5.46 119.14
C ASN S 2 -81.28 6.07 119.40
N LYS S 3 -80.25 5.33 119.04
CA LYS S 3 -78.87 5.78 119.27
C LYS S 3 -78.47 6.80 118.24
N PRO S 4 -78.02 7.99 118.63
CA PRO S 4 -77.57 8.98 117.65
C PRO S 4 -76.17 8.68 117.14
N MET S 5 -75.84 9.31 116.03
CA MET S 5 -74.51 9.21 115.44
C MET S 5 -73.71 10.48 115.72
N GLN S 6 -72.44 10.46 115.31
CA GLN S 6 -71.60 11.63 115.24
C GLN S 6 -70.84 11.58 113.92
N PRO S 7 -70.52 12.73 113.34
CA PRO S 7 -69.81 12.73 112.06
C PRO S 7 -68.43 12.12 112.17
N ILE S 8 -68.01 11.45 111.11
CA ILE S 8 -66.68 10.88 111.03
C ILE S 8 -65.82 11.49 109.93
N THR S 9 -66.41 11.91 108.82
CA THR S 9 -65.66 12.49 107.72
C THR S 9 -66.29 13.82 107.34
N SER S 10 -65.46 14.85 107.24
CA SER S 10 -65.92 16.18 106.86
C SER S 10 -65.23 16.59 105.57
N THR S 11 -66.00 17.16 104.65
CA THR S 11 -65.49 17.57 103.34
C THR S 11 -66.36 18.73 102.88
N ALA S 12 -65.93 19.39 101.80
CA ALA S 12 -66.70 20.50 101.25
C ALA S 12 -68.09 20.05 100.84
N ASN S 13 -68.21 18.86 100.27
CA ASN S 13 -69.46 18.37 99.72
C ASN S 13 -69.73 16.94 100.17
N LYS S 14 -69.27 16.59 101.37
CA LYS S 14 -69.40 15.22 101.84
C LYS S 14 -69.30 15.21 103.36
N ILE S 15 -70.19 14.46 104.00
CA ILE S 15 -70.16 14.30 105.45
C ILE S 15 -70.77 12.93 105.77
N VAL S 16 -70.16 12.24 106.73
CA VAL S 16 -70.52 10.86 107.05
C VAL S 16 -70.66 10.72 108.55
N TRP S 17 -71.77 10.15 108.99
CA TRP S 17 -71.98 9.78 110.39
C TRP S 17 -71.87 8.27 110.53
N SER S 18 -71.46 7.82 111.71
CA SER S 18 -71.48 6.41 112.05
C SER S 18 -71.71 6.25 113.54
N ASP S 19 -72.35 5.15 113.90
CA ASP S 19 -72.72 4.91 115.29
C ASP S 19 -71.50 4.45 116.08
N PRO S 20 -71.16 5.10 117.20
CA PRO S 20 -69.99 4.64 117.97
C PRO S 20 -70.10 3.20 118.44
N THR S 21 -71.28 2.76 118.85
CA THR S 21 -71.42 1.39 119.34
C THR S 21 -71.17 0.38 118.23
N ARG S 22 -71.68 0.65 117.04
CA ARG S 22 -71.49 -0.22 115.89
C ARG S 22 -71.11 0.64 114.69
N LEU S 23 -69.84 0.59 114.30
CA LEU S 23 -69.38 1.40 113.18
C LEU S 23 -69.87 0.90 111.84
N SER S 24 -70.47 -0.30 111.80
CA SER S 24 -70.94 -0.84 110.53
C SER S 24 -72.00 0.06 109.91
N THR S 25 -72.96 0.50 110.72
CA THR S 25 -74.01 1.37 110.21
C THR S 25 -73.49 2.78 109.99
N THR S 26 -73.94 3.40 108.91
CA THR S 26 -73.48 4.73 108.52
C THR S 26 -74.61 5.48 107.86
N PHE S 27 -74.44 6.80 107.77
CA PHE S 27 -75.33 7.66 107.01
C PHE S 27 -74.51 8.78 106.41
N SER S 28 -74.52 8.90 105.09
CA SER S 28 -73.70 9.86 104.38
C SER S 28 -74.56 10.75 103.51
N ALA S 29 -74.20 12.02 103.44
CA ALA S 29 -74.88 12.99 102.59
C ALA S 29 -73.84 13.73 101.76
N SER S 30 -74.06 13.79 100.45
CA SER S 30 -73.18 14.51 99.55
C SER S 30 -74.01 15.43 98.67
N LEU S 31 -73.53 16.65 98.47
CA LEU S 31 -74.27 17.68 97.76
C LEU S 31 -73.45 18.19 96.60
N LEU S 32 -74.09 18.38 95.45
CA LEU S 32 -73.45 18.96 94.28
C LEU S 32 -74.19 20.24 93.91
N ARG S 33 -73.47 21.34 93.84
CA ARG S 33 -74.04 22.62 93.44
C ARG S 33 -73.66 22.90 92.00
N GLN S 34 -74.67 23.16 91.16
CA GLN S 34 -74.45 23.35 89.74
C GLN S 34 -75.18 24.60 89.27
N ARG S 35 -74.59 25.25 88.29
CA ARG S 35 -75.09 26.50 87.71
C ARG S 35 -75.54 26.20 86.28
N VAL S 36 -76.84 25.98 86.11
CA VAL S 36 -77.41 25.57 84.83
C VAL S 36 -78.41 26.63 84.37
N LYS S 37 -78.32 27.03 83.11
CA LYS S 37 -79.21 28.02 82.54
C LYS S 37 -80.40 27.32 81.88
N VAL S 38 -81.60 27.68 82.33
CA VAL S 38 -82.81 27.12 81.72
C VAL S 38 -83.14 27.88 80.44
N GLY S 39 -83.42 29.16 80.57
CA GLY S 39 -83.57 30.04 79.42
C GLY S 39 -83.63 31.48 79.89
N ILE S 40 -82.79 32.33 79.30
CA ILE S 40 -82.59 33.74 79.69
C ILE S 40 -82.77 33.95 81.19
N ALA S 41 -82.32 32.98 81.98
CA ALA S 41 -82.45 33.04 83.43
C ALA S 41 -81.21 32.43 84.08
N GLU S 42 -80.80 33.02 85.19
CA GLU S 42 -79.61 32.60 85.92
C GLU S 42 -80.06 31.70 87.06
N LEU S 43 -79.77 30.40 86.95
CA LEU S 43 -80.29 29.43 87.88
C LEU S 43 -79.19 28.53 88.42
N ASN S 44 -79.20 28.32 89.73
CA ASN S 44 -78.30 27.39 90.40
C ASN S 44 -79.05 26.13 90.79
N ASN S 45 -78.45 24.98 90.47
CA ASN S 45 -79.05 23.69 90.73
C ASN S 45 -78.23 22.93 91.76
N VAL S 46 -78.93 22.16 92.59
CA VAL S 46 -78.31 21.39 93.65
C VAL S 46 -78.87 19.97 93.63
N SER S 47 -77.99 18.98 93.74
CA SER S 47 -78.38 17.58 93.75
C SER S 47 -77.77 16.93 94.98
N GLY S 48 -78.60 16.58 95.95
CA GLY S 48 -78.15 15.99 97.20
C GLY S 48 -78.35 14.48 97.19
N GLN S 49 -77.27 13.77 97.52
CA GLN S 49 -77.28 12.32 97.58
C GLN S 49 -77.21 11.90 99.04
N TYR S 50 -78.13 11.04 99.46
CA TYR S 50 -78.21 10.57 100.84
C TYR S 50 -78.20 9.06 100.83
N VAL S 51 -77.28 8.46 101.58
CA VAL S 51 -77.08 7.03 101.59
C VAL S 51 -77.08 6.55 103.03
N SER S 52 -77.90 5.55 103.33
CA SER S 52 -77.91 4.90 104.63
C SER S 52 -77.56 3.43 104.43
N VAL S 53 -76.55 2.96 105.16
CA VAL S 53 -76.03 1.61 105.01
C VAL S 53 -76.06 0.92 106.36
N TYR S 54 -76.53 -0.32 106.38
CA TYR S 54 -76.57 -1.12 107.59
C TYR S 54 -76.16 -2.56 107.25
N LYS S 55 -75.38 -3.15 108.14
CA LYS S 55 -74.96 -4.54 108.02
C LYS S 55 -75.79 -5.36 109.00
N ARG S 56 -76.68 -6.20 108.47
CA ARG S 56 -77.50 -7.01 109.34
C ARG S 56 -77.14 -8.48 109.21
N PRO S 57 -77.19 -9.23 110.31
CA PRO S 57 -76.99 -10.68 110.21
C PRO S 57 -78.11 -11.33 109.44
N ALA S 58 -77.77 -12.43 108.77
CA ALA S 58 -78.78 -13.22 108.09
C ALA S 58 -79.79 -13.74 109.12
N PRO S 59 -81.06 -13.86 108.74
CA PRO S 59 -82.08 -14.26 109.72
C PRO S 59 -81.85 -15.70 110.17
N LYS S 60 -81.60 -15.88 111.46
CA LYS S 60 -81.39 -17.21 112.00
C LYS S 60 -82.66 -18.04 111.86
N PRO S 61 -82.50 -19.35 111.64
CA PRO S 61 -83.69 -20.20 111.48
C PRO S 61 -84.60 -20.17 112.69
N GLU S 62 -85.89 -20.36 112.46
CA GLU S 62 -86.90 -20.23 113.50
C GLU S 62 -86.72 -21.27 114.59
N GLY S 63 -87.13 -20.93 115.81
CA GLY S 63 -87.00 -21.84 116.94
C GLY S 63 -85.57 -22.18 117.24
N CYS S 64 -84.68 -21.18 117.21
CA CYS S 64 -83.26 -21.45 117.39
C CYS S 64 -82.64 -20.44 118.35
N ALA S 65 -83.44 -19.86 119.22
CA ALA S 65 -82.92 -18.90 120.19
C ALA S 65 -81.85 -19.56 121.02
N ASP S 66 -80.61 -19.12 120.84
CA ASP S 66 -79.47 -19.79 121.44
C ASP S 66 -78.57 -18.78 122.13
N ALA S 67 -77.48 -19.29 122.74
CA ALA S 67 -76.47 -18.43 123.33
C ALA S 67 -75.92 -17.51 122.25
N CYS S 68 -75.26 -18.08 121.25
CA CYS S 68 -74.84 -17.34 120.07
C CYS S 68 -74.48 -18.31 118.95
N VAL S 69 -75.18 -18.18 117.83
CA VAL S 69 -74.74 -18.78 116.58
C VAL S 69 -74.74 -17.68 115.52
N ILE S 70 -73.55 -17.33 115.04
CA ILE S 70 -73.42 -16.11 114.25
C ILE S 70 -73.58 -16.42 112.76
N MET S 71 -74.08 -15.42 112.04
CA MET S 71 -74.27 -15.50 110.59
C MET S 71 -73.51 -14.36 109.94
N PRO S 72 -73.08 -14.49 108.70
CA PRO S 72 -72.49 -13.36 108.00
C PRO S 72 -73.55 -12.32 107.66
N ASN S 73 -73.08 -11.10 107.50
CA ASN S 73 -73.97 -9.95 107.32
C ASN S 73 -74.22 -9.71 105.84
N GLU S 74 -75.34 -9.05 105.56
CA GLU S 74 -75.66 -8.58 104.22
C GLU S 74 -75.83 -7.08 104.24
N ASN S 75 -76.02 -6.50 103.06
CA ASN S 75 -76.11 -5.06 102.90
C ASN S 75 -77.58 -4.66 102.81
N GLN S 76 -78.02 -3.80 103.72
CA GLN S 76 -79.32 -3.16 103.62
C GLN S 76 -79.07 -1.67 103.42
N SER S 77 -78.88 -1.27 102.17
CA SER S 77 -78.51 0.10 101.83
C SER S 77 -79.69 0.76 101.13
N ILE S 78 -80.02 1.97 101.57
CA ILE S 78 -81.06 2.78 100.96
C ILE S 78 -80.41 4.06 100.47
N ARG S 79 -80.57 4.35 99.19
CA ARG S 79 -79.96 5.51 98.57
C ARG S 79 -81.04 6.42 98.01
N THR S 80 -80.90 7.72 98.25
CA THR S 80 -81.84 8.71 97.77
C THR S 80 -81.10 9.91 97.22
N VAL S 81 -81.54 10.39 96.07
CA VAL S 81 -80.97 11.59 95.46
C VAL S 81 -82.10 12.57 95.18
N ILE S 82 -81.89 13.83 95.55
CA ILE S 82 -82.87 14.88 95.35
C ILE S 82 -82.24 15.91 94.41
N SER S 83 -82.92 16.19 93.31
CA SER S 83 -82.41 17.11 92.31
C SER S 83 -83.43 18.20 92.01
N GLY S 84 -82.98 19.45 92.03
CA GLY S 84 -83.85 20.56 91.74
C GLY S 84 -83.18 21.86 92.12
N SER S 85 -83.80 22.95 91.68
CA SER S 85 -83.28 24.29 91.93
C SER S 85 -83.64 24.74 93.33
N ALA S 86 -82.88 25.70 93.85
CA ALA S 86 -83.03 26.10 95.24
C ALA S 86 -84.26 26.98 95.47
N GLU S 87 -84.64 27.79 94.47
CA GLU S 87 -85.69 28.78 94.73
C GLU S 87 -87.04 28.11 94.93
N ASN S 88 -87.39 27.15 94.06
CA ASN S 88 -88.66 26.42 94.16
C ASN S 88 -88.53 25.22 95.08
N LEU S 89 -87.54 25.23 95.97
CA LEU S 89 -87.43 24.20 96.99
C LEU S 89 -88.68 24.11 97.84
N ALA S 90 -89.37 25.23 98.04
CA ALA S 90 -90.59 25.23 98.85
C ALA S 90 -91.59 24.23 98.30
N THR S 91 -91.71 24.14 96.98
CA THR S 91 -92.54 23.12 96.36
C THR S 91 -91.80 21.81 96.18
N LEU S 92 -90.48 21.84 95.98
CA LEU S 92 -89.70 20.61 95.94
C LEU S 92 -89.80 19.86 97.25
N LYS S 93 -89.98 20.57 98.37
CA LYS S 93 -90.23 19.91 99.63
C LYS S 93 -91.51 19.10 99.58
N ALA S 94 -92.55 19.65 98.95
CA ALA S 94 -93.79 18.89 98.77
C ALA S 94 -93.56 17.66 97.90
N GLU S 95 -92.73 17.77 96.86
CA GLU S 95 -92.37 16.62 96.05
C GLU S 95 -91.79 15.51 96.94
N TRP S 96 -90.88 15.88 97.84
CA TRP S 96 -90.31 14.91 98.76
C TRP S 96 -91.38 14.36 99.69
N GLU S 97 -92.35 15.19 100.07
CA GLU S 97 -93.39 14.73 100.98
C GLU S 97 -94.27 13.69 100.31
N THR S 98 -94.74 13.96 99.09
CA THR S 98 -95.58 12.99 98.40
C THR S 98 -94.79 11.76 97.99
N HIS S 99 -93.48 11.91 97.76
CA HIS S 99 -92.66 10.77 97.43
C HIS S 99 -92.64 9.77 98.60
N LYS S 100 -92.64 10.28 99.82
CA LYS S 100 -92.77 9.41 100.99
C LYS S 100 -94.04 8.59 100.92
N ARG S 101 -95.18 9.26 100.75
CA ARG S 101 -96.45 8.55 100.70
C ARG S 101 -96.49 7.59 99.52
N ASN S 102 -95.94 8.02 98.38
CA ASN S 102 -95.98 7.21 97.18
C ASN S 102 -95.23 5.89 97.38
N VAL S 103 -94.04 5.95 97.98
CA VAL S 103 -93.29 4.73 98.23
C VAL S 103 -93.95 3.91 99.32
N ASP S 104 -94.39 4.57 100.40
CA ASP S 104 -94.96 3.84 101.53
C ASP S 104 -96.20 3.07 101.12
N THR S 105 -97.08 3.70 100.33
CA THR S 105 -98.29 3.01 99.91
C THR S 105 -98.00 1.85 98.97
N LEU S 106 -96.77 1.75 98.48
CA LEU S 106 -96.39 0.71 97.54
C LEU S 106 -95.39 -0.28 98.09
N PHE S 107 -94.45 0.19 98.92
CA PHE S 107 -93.41 -0.68 99.47
C PHE S 107 -93.68 -1.06 100.92
N ALA S 108 -93.93 -0.08 101.78
CA ALA S 108 -94.12 -0.37 103.20
C ALA S 108 -95.44 -1.10 103.42
N SER S 109 -96.57 -0.44 103.13
CA SER S 109 -97.85 -1.09 103.29
C SER S 109 -98.00 -2.25 102.32
N GLY S 110 -97.56 -2.08 101.09
CA GLY S 110 -97.63 -3.14 100.10
C GLY S 110 -96.53 -4.17 100.30
N ASN S 111 -96.52 -5.15 99.42
CA ASN S 111 -95.53 -6.22 99.45
C ASN S 111 -94.52 -6.11 98.33
N ALA S 112 -94.31 -4.90 97.80
CA ALA S 112 -93.34 -4.72 96.73
C ALA S 112 -91.92 -5.03 97.19
N GLY S 113 -91.66 -4.92 98.49
CA GLY S 113 -90.36 -5.29 98.99
C GLY S 113 -90.05 -6.76 98.77
N LEU S 114 -91.08 -7.61 98.83
CA LEU S 114 -90.88 -9.03 98.58
C LEU S 114 -90.45 -9.27 97.14
N GLY S 115 -90.98 -8.49 96.21
CA GLY S 115 -90.65 -8.66 94.81
C GLY S 115 -91.86 -8.59 93.91
N PHE S 116 -93.01 -8.26 94.48
CA PHE S 116 -94.25 -8.19 93.73
C PHE S 116 -94.50 -6.77 93.28
N LEU S 117 -95.30 -6.62 92.22
CA LEU S 117 -95.72 -5.32 91.73
C LEU S 117 -97.24 -5.30 91.64
N ASP S 118 -97.85 -4.25 92.17
CA ASP S 118 -99.30 -4.09 92.14
C ASP S 118 -99.67 -2.90 91.27
N PRO S 119 -100.15 -3.11 90.04
CA PRO S 119 -100.56 -1.97 89.22
C PRO S 119 -101.83 -1.28 89.69
N THR S 120 -102.50 -1.81 90.71
CA THR S 120 -103.72 -1.23 91.24
C THR S 120 -103.48 -0.40 92.49
N ALA S 121 -102.23 -0.17 92.86
CA ALA S 121 -101.93 0.60 94.06
C ALA S 121 -102.37 2.06 93.89
N ALA S 122 -102.75 2.67 95.01
CA ALA S 122 -103.20 4.06 95.00
C ALA S 122 -101.99 4.98 94.99
N ILE S 123 -101.79 5.68 93.87
CA ILE S 123 -100.66 6.58 93.68
C ILE S 123 -101.20 7.99 93.52
N VAL S 124 -100.89 8.86 94.48
CA VAL S 124 -101.50 10.18 94.59
C VAL S 124 -100.48 11.23 94.15
N SER S 125 -100.94 12.21 93.39
CA SER S 125 -100.05 13.23 92.87
C SER S 125 -99.76 14.29 93.93
N SER S 126 -98.64 14.99 93.74
CA SER S 126 -98.24 16.02 94.68
C SER S 126 -99.25 17.15 94.73
N ASP S 127 -99.73 17.59 93.57
CA ASP S 127 -100.67 18.70 93.54
C ASP S 127 -102.02 18.30 94.11
N THR S 128 -102.77 19.29 94.56
CA THR S 128 -104.05 19.08 95.21
C THR S 128 -105.15 19.78 94.42
N THR S 129 -106.25 19.08 94.21
CA THR S 129 -107.38 19.62 93.46
C THR S 129 -108.00 20.82 94.17
N ALA T 1 -80.96 42.70 113.24
CA ALA T 1 -79.63 42.20 112.93
C ALA T 1 -79.46 41.97 111.44
N ASN T 2 -78.58 41.05 111.08
CA ASN T 2 -78.31 40.73 109.69
C ASN T 2 -78.30 39.22 109.52
N LYS T 3 -78.56 38.77 108.30
CA LYS T 3 -78.59 37.34 108.02
C LYS T 3 -77.21 36.74 108.20
N PRO T 4 -77.05 35.70 108.99
CA PRO T 4 -75.75 35.02 109.09
C PRO T 4 -75.58 34.01 107.97
N MET T 5 -74.35 33.88 107.49
CA MET T 5 -74.04 32.88 106.48
C MET T 5 -73.70 31.54 107.13
N GLN T 6 -73.57 30.52 106.29
CA GLN T 6 -73.15 29.20 106.70
C GLN T 6 -71.98 28.75 105.83
N PRO T 7 -71.07 27.96 106.38
CA PRO T 7 -69.96 27.47 105.57
C PRO T 7 -70.43 26.58 104.45
N ILE T 8 -69.73 26.66 103.31
CA ILE T 8 -70.03 25.86 102.13
C ILE T 8 -68.88 24.93 101.78
N THR T 9 -67.70 25.48 101.55
CA THR T 9 -66.52 24.70 101.20
C THR T 9 -65.57 24.73 102.39
N SER T 10 -65.70 23.75 103.27
CA SER T 10 -64.85 23.65 104.46
C SER T 10 -63.58 22.90 104.09
N THR T 11 -62.44 23.52 104.37
CA THR T 11 -61.15 22.94 104.03
C THR T 11 -60.13 23.46 105.04
N ALA T 12 -59.04 22.72 105.21
CA ALA T 12 -58.00 23.14 106.14
C ALA T 12 -57.34 24.44 105.71
N ASN T 13 -57.53 24.87 104.46
CA ASN T 13 -56.93 26.09 103.95
C ASN T 13 -57.93 27.17 103.59
N LYS T 14 -59.19 26.82 103.32
CA LYS T 14 -60.17 27.79 102.86
C LYS T 14 -61.56 27.40 103.32
N ILE T 15 -62.31 28.38 103.81
CA ILE T 15 -63.71 28.20 104.16
C ILE T 15 -64.52 29.28 103.47
N VAL T 16 -65.63 28.91 102.84
CA VAL T 16 -66.46 29.82 102.09
C VAL T 16 -67.84 29.89 102.72
N TRP T 17 -68.31 31.10 103.00
CA TRP T 17 -69.62 31.33 103.57
C TRP T 17 -70.52 31.97 102.52
N SER T 18 -71.76 31.48 102.43
CA SER T 18 -72.76 32.06 101.54
C SER T 18 -74.09 32.15 102.27
N ASP T 19 -74.86 33.15 101.92
CA ASP T 19 -76.13 33.40 102.59
C ASP T 19 -77.22 32.52 101.98
N PRO T 20 -78.02 31.84 102.81
CA PRO T 20 -79.08 31.00 102.24
C PRO T 20 -80.09 31.76 101.40
N THR T 21 -80.46 32.98 101.81
CA THR T 21 -81.45 33.73 101.05
C THR T 21 -80.90 34.15 99.70
N ARG T 22 -79.70 34.73 99.69
CA ARG T 22 -79.02 35.13 98.46
C ARG T 22 -77.74 34.31 98.34
N LEU T 23 -77.78 33.28 97.48
CA LEU T 23 -76.58 32.48 97.24
C LEU T 23 -75.48 33.28 96.59
N SER T 24 -75.80 34.44 96.02
CA SER T 24 -74.79 35.27 95.37
C SER T 24 -73.80 35.83 96.38
N THR T 25 -74.29 36.32 97.51
CA THR T 25 -73.41 36.90 98.52
C THR T 25 -72.45 35.85 99.04
N THR T 26 -71.18 36.23 99.19
CA THR T 26 -70.15 35.26 99.51
C THR T 26 -69.06 35.92 100.35
N PHE T 27 -68.51 35.14 101.28
CA PHE T 27 -67.34 35.56 102.04
C PHE T 27 -66.47 34.33 102.24
N SER T 28 -65.23 34.38 101.76
CA SER T 28 -64.31 33.26 101.86
C SER T 28 -62.97 33.73 102.39
N ALA T 29 -62.33 32.89 103.19
CA ALA T 29 -61.04 33.19 103.79
C ALA T 29 -60.06 32.07 103.49
N SER T 30 -58.86 32.41 103.05
CA SER T 30 -57.82 31.44 102.76
C SER T 30 -56.52 31.89 103.39
N LEU T 31 -55.75 30.93 103.89
CA LEU T 31 -54.52 31.20 104.62
C LEU T 31 -53.38 30.38 104.05
N LEU T 32 -52.20 31.00 103.99
CA LEU T 32 -50.96 30.34 103.61
C LEU T 32 -50.00 30.43 104.78
N ARG T 33 -49.86 29.35 105.52
CA ARG T 33 -48.91 29.29 106.63
C ARG T 33 -47.57 28.82 106.09
N GLN T 34 -46.54 29.64 106.25
CA GLN T 34 -45.26 29.36 105.64
C GLN T 34 -44.14 29.83 106.55
N ARG T 35 -42.98 29.19 106.41
CA ARG T 35 -41.87 29.31 107.35
C ARG T 35 -40.78 30.17 106.73
N VAL T 36 -40.33 31.18 107.46
CA VAL T 36 -39.33 32.11 106.95
C VAL T 36 -38.14 32.16 107.89
N LYS T 37 -36.96 32.30 107.29
CA LYS T 37 -35.67 32.39 108.00
C LYS T 37 -35.04 33.72 107.61
N VAL T 38 -35.33 34.76 108.38
CA VAL T 38 -34.86 36.10 108.10
C VAL T 38 -34.06 36.69 109.26
N GLY T 39 -34.56 36.52 110.49
CA GLY T 39 -33.89 37.08 111.64
C GLY T 39 -32.88 36.13 112.25
N ILE T 40 -31.97 35.62 111.42
CA ILE T 40 -31.03 34.55 111.76
C ILE T 40 -31.69 33.52 112.68
N ALA T 41 -32.99 33.35 112.50
CA ALA T 41 -33.81 32.47 113.33
C ALA T 41 -35.08 32.17 112.55
N GLU T 42 -35.93 31.33 113.13
CA GLU T 42 -37.14 30.87 112.46
C GLU T 42 -38.32 31.75 112.83
N LEU T 43 -39.03 32.24 111.81
CA LEU T 43 -40.26 32.98 112.00
C LEU T 43 -41.35 32.29 111.20
N ASN T 44 -42.53 32.16 111.79
CA ASN T 44 -43.67 31.53 111.13
C ASN T 44 -44.56 32.64 110.56
N ASN T 45 -44.74 32.63 109.25
CA ASN T 45 -45.50 33.67 108.57
C ASN T 45 -46.82 33.13 108.07
N VAL T 46 -47.86 33.97 108.13
CA VAL T 46 -49.19 33.61 107.69
C VAL T 46 -49.68 34.69 106.72
N SER T 47 -50.41 34.26 105.70
CA SER T 47 -50.98 35.18 104.72
C SER T 47 -52.47 34.88 104.59
N GLY T 48 -53.28 35.62 105.33
CA GLY T 48 -54.71 35.41 105.30
C GLY T 48 -55.43 36.29 104.32
N GLN T 49 -56.06 35.70 103.31
CA GLN T 49 -56.76 36.43 102.28
C GLN T 49 -58.26 36.32 102.54
N TYR T 50 -58.94 37.47 102.60
CA TYR T 50 -60.37 37.54 102.84
C TYR T 50 -61.01 38.33 101.71
N VAL T 51 -62.03 37.75 101.09
CA VAL T 51 -62.74 38.40 100.00
C VAL T 51 -64.23 38.32 100.29
N SER T 52 -64.93 39.43 100.10
CA SER T 52 -66.38 39.50 100.24
C SER T 52 -66.97 39.96 98.91
N VAL T 53 -67.99 39.25 98.44
CA VAL T 53 -68.56 39.48 97.12
C VAL T 53 -70.05 39.68 97.24
N TYR T 54 -70.56 40.73 96.59
CA TYR T 54 -71.99 40.98 96.51
C TYR T 54 -72.37 41.21 95.06
N LYS T 55 -73.51 40.67 94.66
CA LYS T 55 -74.08 40.89 93.34
C LYS T 55 -75.27 41.83 93.48
N ARG T 56 -75.04 43.11 93.25
CA ARG T 56 -76.10 44.10 93.40
C ARG T 56 -76.76 44.36 92.06
N PRO T 57 -78.08 44.38 92.00
CA PRO T 57 -78.76 44.58 90.72
C PRO T 57 -78.77 46.02 90.25
N ALA T 58 -77.60 46.59 89.96
CA ALA T 58 -77.46 47.88 89.30
C ALA T 58 -78.22 48.98 90.04
N PRO T 59 -78.32 50.20 89.49
CA PRO T 59 -79.33 51.12 89.99
C PRO T 59 -80.63 50.98 89.22
N LYS T 60 -81.68 51.67 89.66
CA LYS T 60 -82.98 51.60 88.98
C LYS T 60 -82.83 52.07 87.54
N PRO T 61 -83.30 51.28 86.57
CA PRO T 61 -83.13 51.64 85.16
C PRO T 61 -83.66 53.02 84.83
N GLU T 62 -82.74 53.92 84.43
CA GLU T 62 -83.09 55.22 83.88
C GLU T 62 -83.90 56.06 84.88
N GLY T 63 -83.70 55.78 86.17
CA GLY T 63 -84.33 56.57 87.22
C GLY T 63 -85.84 56.53 87.18
N CYS T 64 -86.41 55.33 87.07
CA CYS T 64 -87.85 55.18 86.93
C CYS T 64 -88.52 54.63 88.18
N ALA T 65 -89.82 54.37 88.07
CA ALA T 65 -90.58 53.63 89.06
C ALA T 65 -91.32 52.50 88.35
N ASP T 66 -90.62 51.80 87.45
CA ASP T 66 -91.25 50.77 86.64
C ASP T 66 -91.73 49.61 87.52
N ALA T 67 -92.75 48.91 87.04
CA ALA T 67 -93.34 47.83 87.81
C ALA T 67 -92.37 46.66 87.96
N CYS T 68 -91.98 46.05 86.83
CA CYS T 68 -91.20 44.81 86.85
C CYS T 68 -90.26 44.74 85.66
N VAL T 69 -89.00 45.10 85.89
CA VAL T 69 -87.92 44.86 84.95
C VAL T 69 -86.75 44.27 85.72
N ILE T 70 -85.94 43.45 85.05
CA ILE T 70 -84.83 42.74 85.67
C ILE T 70 -83.54 43.28 85.04
N MET T 71 -82.83 44.12 85.77
CA MET T 71 -81.57 44.68 85.33
C MET T 71 -80.43 43.75 85.70
N PRO T 72 -79.29 43.86 85.03
CA PRO T 72 -78.15 43.00 85.38
C PRO T 72 -77.53 43.40 86.71
N ASN T 73 -76.61 42.55 87.17
CA ASN T 73 -75.95 42.72 88.45
C ASN T 73 -74.55 43.33 88.25
N GLU T 74 -74.00 43.83 89.35
CA GLU T 74 -72.65 44.37 89.36
C GLU T 74 -71.80 43.64 90.41
N ASN T 75 -70.54 43.43 90.09
CA ASN T 75 -69.58 42.87 91.02
C ASN T 75 -69.22 43.93 92.06
N GLN T 76 -69.48 43.63 93.33
CA GLN T 76 -68.99 44.43 94.44
C GLN T 76 -68.06 43.56 95.26
N SER T 77 -66.76 43.78 95.12
CA SER T 77 -65.75 42.93 95.73
C SER T 77 -64.92 43.73 96.72
N ILE T 78 -64.61 43.10 97.86
CA ILE T 78 -63.77 43.69 98.88
C ILE T 78 -62.75 42.64 99.28
N ARG T 79 -61.52 42.78 98.80
CA ARG T 79 -60.46 41.81 99.06
C ARG T 79 -59.49 42.39 100.07
N THR T 80 -59.00 41.54 100.97
CA THR T 80 -58.09 41.97 102.02
C THR T 80 -57.15 40.82 102.35
N VAL T 81 -55.84 41.09 102.31
CA VAL T 81 -54.84 40.11 102.69
C VAL T 81 -54.01 40.70 103.83
N ILE T 82 -53.72 39.88 104.83
CA ILE T 82 -52.91 40.27 105.97
C ILE T 82 -51.75 39.30 106.07
N SER T 83 -50.53 39.82 105.99
CA SER T 83 -49.32 39.00 106.04
C SER T 83 -48.43 39.50 107.17
N GLY T 84 -47.83 38.56 107.89
CA GLY T 84 -46.94 38.90 108.98
C GLY T 84 -46.64 37.73 109.88
N SER T 85 -45.54 37.80 110.61
CA SER T 85 -45.16 36.72 111.50
C SER T 85 -46.16 36.60 112.64
N ALA T 86 -46.47 35.35 113.01
CA ALA T 86 -47.39 35.12 114.12
C ALA T 86 -46.74 35.40 115.46
N GLU T 87 -45.42 35.51 115.52
CA GLU T 87 -44.74 35.72 116.80
C GLU T 87 -45.06 37.08 117.38
N ASN T 88 -45.18 38.10 116.54
CA ASN T 88 -45.53 39.45 116.98
C ASN T 88 -46.96 39.78 116.56
N LEU T 89 -47.84 38.79 116.67
CA LEU T 89 -49.22 38.96 116.25
C LEU T 89 -49.94 40.01 117.08
N ALA T 90 -49.65 40.07 118.38
CA ALA T 90 -50.36 41.00 119.25
C ALA T 90 -50.22 42.43 118.75
N THR T 91 -49.03 42.80 118.30
CA THR T 91 -48.86 44.09 117.64
C THR T 91 -49.47 44.10 116.26
N LEU T 92 -49.47 42.96 115.57
CA LEU T 92 -49.97 42.92 114.20
C LEU T 92 -51.45 43.30 114.15
N LYS T 93 -52.19 43.01 115.21
CA LYS T 93 -53.58 43.46 115.27
C LYS T 93 -53.66 44.98 115.25
N ALA T 94 -52.66 45.65 115.84
CA ALA T 94 -52.77 47.09 116.05
C ALA T 94 -52.83 47.85 114.74
N GLU T 95 -51.92 47.57 113.81
CA GLU T 95 -51.89 48.37 112.58
C GLU T 95 -53.13 48.12 111.74
N TRP T 96 -53.78 46.97 111.91
CA TRP T 96 -55.07 46.79 111.25
C TRP T 96 -56.09 47.80 111.77
N GLU T 97 -56.08 48.08 113.07
CA GLU T 97 -57.00 49.07 113.61
C GLU T 97 -56.76 50.43 113.00
N THR T 98 -55.49 50.83 112.88
CA THR T 98 -55.21 52.09 112.23
C THR T 98 -55.34 51.96 110.71
N HIS T 99 -55.26 50.73 110.18
CA HIS T 99 -55.54 50.53 108.77
C HIS T 99 -57.03 50.76 108.48
N LYS T 100 -57.89 50.36 109.41
CA LYS T 100 -59.31 50.66 109.26
C LYS T 100 -59.54 52.16 109.24
N ARG T 101 -58.99 52.87 110.23
CA ARG T 101 -59.21 54.30 110.32
C ARG T 101 -58.60 55.03 109.13
N ASN T 102 -57.42 54.60 108.70
CA ASN T 102 -56.80 55.22 107.52
C ASN T 102 -57.70 55.08 106.30
N VAL T 103 -58.23 53.88 106.08
CA VAL T 103 -59.18 53.70 104.98
C VAL T 103 -60.47 54.45 105.26
N ASP T 104 -60.96 54.36 106.49
CA ASP T 104 -62.22 55.01 106.83
C ASP T 104 -62.12 56.52 106.65
N THR T 105 -61.00 57.11 107.08
CA THR T 105 -60.80 58.53 106.87
C THR T 105 -60.81 58.88 105.40
N LEU T 106 -60.19 58.03 104.58
CA LEU T 106 -60.07 58.32 103.16
C LEU T 106 -61.27 57.84 102.35
N PHE T 107 -61.95 56.78 102.79
CA PHE T 107 -63.02 56.19 102.00
C PHE T 107 -64.39 56.35 102.66
N ALA T 108 -64.55 55.91 103.91
CA ALA T 108 -65.86 55.96 104.54
C ALA T 108 -66.33 57.40 104.70
N SER T 109 -65.46 58.27 105.18
CA SER T 109 -65.77 59.69 105.30
C SER T 109 -65.32 60.50 104.09
N GLY T 110 -64.22 60.11 103.47
CA GLY T 110 -63.73 60.81 102.29
C GLY T 110 -64.50 60.42 101.05
N ASN T 111 -64.02 60.93 99.92
CA ASN T 111 -64.64 60.70 98.63
C ASN T 111 -63.77 59.83 97.74
N ALA T 112 -63.11 58.84 98.34
CA ALA T 112 -62.31 57.89 97.57
C ALA T 112 -63.18 57.09 96.61
N GLY T 113 -64.36 56.69 97.06
CA GLY T 113 -65.24 55.92 96.21
C GLY T 113 -65.63 56.66 94.94
N LEU T 114 -65.85 57.97 95.06
CA LEU T 114 -66.16 58.76 93.87
C LEU T 114 -64.96 58.85 92.94
N GLY T 115 -63.75 58.74 93.47
CA GLY T 115 -62.57 58.74 92.64
C GLY T 115 -61.60 59.86 92.94
N PHE T 116 -61.68 60.43 94.14
CA PHE T 116 -60.86 61.56 94.53
C PHE T 116 -59.86 61.15 95.60
N LEU T 117 -58.62 61.57 95.43
CA LEU T 117 -57.55 61.33 96.41
C LEU T 117 -57.20 62.67 97.04
N ASP T 118 -57.75 62.92 98.22
CA ASP T 118 -57.45 64.18 98.90
C ASP T 118 -56.08 64.12 99.52
N PRO T 119 -55.12 64.95 99.09
CA PRO T 119 -53.79 64.92 99.72
C PRO T 119 -53.79 65.44 101.14
N THR T 120 -54.82 66.18 101.55
CA THR T 120 -54.87 66.75 102.88
C THR T 120 -55.58 65.86 103.89
N ALA T 121 -55.93 64.63 103.51
CA ALA T 121 -56.58 63.72 104.44
C ALA T 121 -55.68 63.47 105.65
N ALA T 122 -56.27 63.55 106.84
CA ALA T 122 -55.52 63.43 108.09
C ALA T 122 -55.45 61.96 108.47
N ILE T 123 -54.54 61.24 107.82
CA ILE T 123 -54.30 59.85 108.14
C ILE T 123 -53.19 59.78 109.18
N VAL T 124 -53.13 58.66 109.90
CA VAL T 124 -52.29 58.55 111.08
C VAL T 124 -51.72 57.15 111.17
N SER T 125 -50.58 57.03 111.87
CA SER T 125 -49.85 55.79 111.94
C SER T 125 -50.35 54.89 113.06
N SER T 126 -49.75 53.71 113.17
CA SER T 126 -50.04 52.82 114.28
C SER T 126 -49.37 53.30 115.56
N ASP T 127 -48.12 53.74 115.46
CA ASP T 127 -47.37 54.16 116.64
C ASP T 127 -47.95 55.45 117.21
N THR T 128 -48.02 55.52 118.53
CA THR T 128 -48.61 56.64 119.23
C THR T 128 -47.54 57.38 120.03
N THR T 129 -47.81 58.66 120.30
CA THR T 129 -46.88 59.49 121.06
C THR T 129 -46.80 59.02 122.51
N ALA U 1 -126.83 36.32 -61.65
CA ALA U 1 -126.44 36.21 -60.25
C ALA U 1 -124.98 35.80 -60.11
N ASN U 2 -124.67 35.09 -59.04
CA ASN U 2 -123.32 34.59 -58.79
C ASN U 2 -123.29 33.08 -59.02
N LYS U 3 -122.26 32.61 -59.70
CA LYS U 3 -122.17 31.17 -59.97
C LYS U 3 -121.95 30.43 -58.67
N PRO U 4 -122.81 29.50 -58.30
CA PRO U 4 -122.59 28.74 -57.07
C PRO U 4 -121.38 27.84 -57.18
N MET U 5 -120.70 27.65 -56.05
CA MET U 5 -119.57 26.75 -55.97
C MET U 5 -120.00 25.46 -55.27
N GLN U 6 -119.20 24.41 -55.46
CA GLN U 6 -119.57 23.08 -55.02
C GLN U 6 -118.45 22.47 -54.19
N PRO U 7 -118.78 21.60 -53.24
CA PRO U 7 -117.79 21.18 -52.25
C PRO U 7 -116.73 20.26 -52.84
N ILE U 8 -115.56 20.26 -52.20
CA ILE U 8 -114.47 19.37 -52.57
C ILE U 8 -114.04 18.43 -51.46
N THR U 9 -114.18 18.81 -50.19
CA THR U 9 -113.74 17.96 -49.09
C THR U 9 -114.83 17.99 -48.02
N SER U 10 -115.74 17.04 -48.08
CA SER U 10 -116.82 16.95 -47.10
C SER U 10 -116.39 16.10 -45.92
N THR U 11 -116.57 16.64 -44.72
CA THR U 11 -116.21 15.96 -43.50
C THR U 11 -117.12 16.47 -42.39
N ALA U 12 -117.27 15.66 -41.34
CA ALA U 12 -118.08 16.07 -40.21
C ALA U 12 -117.49 17.27 -39.47
N ASN U 13 -116.24 17.62 -39.73
CA ASN U 13 -115.59 18.74 -39.06
C ASN U 13 -115.34 19.92 -40.00
N LYS U 14 -114.81 19.68 -41.19
CA LYS U 14 -114.47 20.75 -42.11
C LYS U 14 -115.03 20.45 -43.49
N ILE U 15 -115.58 21.48 -44.13
CA ILE U 15 -116.05 21.39 -45.51
C ILE U 15 -115.50 22.58 -46.27
N VAL U 16 -115.04 22.34 -47.50
CA VAL U 16 -114.48 23.40 -48.33
C VAL U 16 -115.23 23.41 -49.66
N TRP U 17 -115.58 24.60 -50.12
CA TRP U 17 -116.17 24.79 -51.43
C TRP U 17 -115.20 25.61 -52.29
N SER U 18 -115.30 25.41 -53.60
CA SER U 18 -114.48 26.18 -54.53
C SER U 18 -115.23 26.35 -55.85
N ASP U 19 -114.93 27.44 -56.53
CA ASP U 19 -115.55 27.71 -57.82
C ASP U 19 -115.00 26.75 -58.86
N PRO U 20 -115.85 25.95 -59.52
CA PRO U 20 -115.34 25.12 -60.62
C PRO U 20 -114.74 25.95 -61.75
N THR U 21 -115.25 27.15 -61.99
CA THR U 21 -114.67 28.02 -63.01
C THR U 21 -113.24 28.40 -62.66
N ARG U 22 -112.99 28.75 -61.40
CA ARG U 22 -111.65 29.13 -60.94
C ARG U 22 -111.45 28.50 -59.58
N LEU U 23 -110.67 27.42 -59.53
CA LEU U 23 -110.53 26.62 -58.32
C LEU U 23 -109.79 27.37 -57.22
N SER U 24 -109.13 28.48 -57.52
CA SER U 24 -108.41 29.20 -56.49
C SER U 24 -109.35 29.78 -55.44
N THR U 25 -110.50 30.30 -55.87
CA THR U 25 -111.50 30.78 -54.94
C THR U 25 -111.96 29.65 -54.03
N THR U 26 -112.00 29.91 -52.73
CA THR U 26 -112.32 28.87 -51.76
C THR U 26 -113.08 29.47 -50.58
N PHE U 27 -113.97 28.67 -50.01
CA PHE U 27 -114.68 29.04 -48.79
C PHE U 27 -114.77 27.81 -47.91
N SER U 28 -114.08 27.85 -46.77
CA SER U 28 -113.96 26.71 -45.88
C SER U 28 -114.71 26.99 -44.58
N ALA U 29 -115.34 25.95 -44.04
CA ALA U 29 -116.07 26.05 -42.77
C ALA U 29 -115.70 24.87 -41.91
N SER U 30 -115.04 25.13 -40.79
CA SER U 30 -114.67 24.09 -39.83
C SER U 30 -115.02 24.58 -38.44
N LEU U 31 -115.58 23.69 -37.62
CA LEU U 31 -116.04 24.05 -36.29
C LEU U 31 -115.58 23.01 -35.27
N LEU U 32 -115.22 23.50 -34.08
CA LEU U 32 -114.87 22.64 -32.96
C LEU U 32 -115.95 22.77 -31.90
N ARG U 33 -116.45 21.63 -31.44
CA ARG U 33 -117.47 21.59 -30.40
C ARG U 33 -116.85 21.06 -29.12
N GLN U 34 -117.25 21.65 -27.99
CA GLN U 34 -116.63 21.38 -26.72
C GLN U 34 -117.68 21.46 -25.61
N ARG U 35 -117.45 20.70 -24.56
CA ARG U 35 -118.31 20.70 -23.37
C ARG U 35 -117.58 21.48 -22.28
N VAL U 36 -118.12 22.63 -21.91
CA VAL U 36 -117.58 23.43 -20.81
C VAL U 36 -118.72 23.76 -19.86
N LYS U 37 -118.44 23.68 -18.57
CA LYS U 37 -119.42 23.99 -17.54
C LYS U 37 -119.07 25.33 -16.91
N VAL U 38 -119.97 26.30 -17.06
CA VAL U 38 -119.74 27.62 -16.47
C VAL U 38 -119.89 27.56 -14.96
N GLY U 39 -120.91 26.82 -14.49
CA GLY U 39 -121.11 26.62 -13.08
C GLY U 39 -122.37 25.81 -12.83
N ILE U 40 -122.26 24.78 -11.99
CA ILE U 40 -123.33 23.85 -11.63
C ILE U 40 -124.19 23.50 -12.85
N ALA U 41 -123.59 23.54 -14.04
CA ALA U 41 -124.32 23.25 -15.28
C ALA U 41 -123.31 22.99 -16.38
N GLU U 42 -123.39 21.83 -17.01
CA GLU U 42 -122.58 21.49 -18.16
C GLU U 42 -123.19 22.10 -19.42
N LEU U 43 -122.37 22.79 -20.20
CA LEU U 43 -122.86 23.49 -21.39
C LEU U 43 -122.02 23.13 -22.59
N ASN U 44 -122.59 23.30 -23.78
CA ASN U 44 -121.94 22.96 -25.04
C ASN U 44 -121.76 24.21 -25.87
N ASN U 45 -120.53 24.47 -26.31
CA ASN U 45 -120.23 25.57 -27.19
C ASN U 45 -119.63 25.06 -28.49
N VAL U 46 -119.54 25.95 -29.47
CA VAL U 46 -118.99 25.63 -30.79
C VAL U 46 -118.08 26.76 -31.22
N SER U 47 -116.98 26.42 -31.87
CA SER U 47 -116.06 27.40 -32.43
C SER U 47 -116.11 27.28 -33.95
N GLY U 48 -117.09 27.95 -34.56
CA GLY U 48 -117.28 27.88 -35.99
C GLY U 48 -116.39 28.86 -36.71
N GLN U 49 -115.43 28.33 -37.47
CA GLN U 49 -114.49 29.15 -38.22
C GLN U 49 -114.85 29.10 -39.70
N TYR U 50 -115.07 30.27 -40.29
CA TYR U 50 -115.40 30.38 -41.70
C TYR U 50 -114.35 31.24 -42.38
N VAL U 51 -113.71 30.68 -43.40
CA VAL U 51 -112.63 31.35 -44.10
C VAL U 51 -112.98 31.44 -45.58
N SER U 52 -112.99 32.65 -46.11
CA SER U 52 -113.17 32.88 -47.54
C SER U 52 -111.89 33.52 -48.08
N VAL U 53 -111.30 32.89 -49.10
CA VAL U 53 -110.02 33.32 -49.63
C VAL U 53 -110.15 33.55 -51.12
N TYR U 54 -109.50 34.60 -51.61
CA TYR U 54 -109.53 34.96 -53.02
C TYR U 54 -108.13 35.41 -53.43
N LYS U 55 -107.77 35.13 -54.67
CA LYS U 55 -106.50 35.56 -55.24
C LYS U 55 -106.78 36.60 -56.31
N ARG U 56 -106.14 37.75 -56.20
CA ARG U 56 -106.36 38.85 -57.11
C ARG U 56 -105.02 39.31 -57.69
N PRO U 57 -104.95 39.55 -59.00
CA PRO U 57 -103.75 40.18 -59.55
C PRO U 57 -103.63 41.61 -59.08
N ALA U 58 -102.41 42.12 -59.07
CA ALA U 58 -102.18 43.51 -58.70
C ALA U 58 -102.94 44.40 -59.66
N PRO U 59 -103.59 45.47 -59.17
CA PRO U 59 -104.44 46.28 -60.04
C PRO U 59 -103.71 46.84 -61.25
N LYS U 60 -102.46 47.28 -61.05
CA LYS U 60 -101.49 47.78 -62.02
C LYS U 60 -102.03 48.99 -62.77
N PRO U 61 -101.16 49.82 -63.39
CA PRO U 61 -101.63 51.06 -64.00
C PRO U 61 -102.80 50.89 -64.96
N GLU U 62 -103.91 51.55 -64.65
CA GLU U 62 -105.09 51.50 -65.50
C GLU U 62 -104.86 52.29 -66.78
N GLY U 63 -105.74 52.07 -67.75
CA GLY U 63 -105.50 52.59 -69.09
C GLY U 63 -104.51 51.70 -69.79
N CYS U 64 -103.31 51.61 -69.22
CA CYS U 64 -102.32 50.60 -69.59
C CYS U 64 -102.95 49.22 -69.51
N ALA U 65 -103.11 48.55 -70.64
CA ALA U 65 -103.77 47.25 -70.69
C ALA U 65 -102.85 46.25 -71.39
N ASP U 66 -101.94 45.65 -70.63
CA ASP U 66 -101.05 44.64 -71.17
C ASP U 66 -101.79 43.32 -71.39
N ALA U 67 -101.65 42.76 -72.59
CA ALA U 67 -102.38 41.55 -72.93
C ALA U 67 -101.47 40.32 -72.82
N CYS U 68 -102.10 39.19 -72.47
CA CYS U 68 -101.44 37.89 -72.45
C CYS U 68 -100.20 37.90 -71.55
N VAL U 69 -100.29 38.64 -70.46
CA VAL U 69 -99.23 38.68 -69.45
C VAL U 69 -99.88 39.04 -68.11
N ILE U 70 -99.47 38.33 -67.06
CA ILE U 70 -100.14 38.44 -65.77
C ILE U 70 -99.13 38.74 -64.68
N MET U 71 -99.48 39.63 -63.76
CA MET U 71 -98.67 39.91 -62.59
C MET U 71 -99.08 38.97 -61.47
N PRO U 72 -98.20 38.70 -60.51
CA PRO U 72 -98.54 37.71 -59.47
C PRO U 72 -99.76 38.12 -58.66
N ASN U 73 -100.53 37.12 -58.26
CA ASN U 73 -101.76 37.30 -57.52
C ASN U 73 -101.46 37.70 -56.09
N GLU U 74 -102.27 38.61 -55.55
CA GLU U 74 -102.19 38.97 -54.15
C GLU U 74 -103.37 38.37 -53.39
N ASN U 75 -103.13 37.99 -52.15
CA ASN U 75 -104.10 37.23 -51.37
C ASN U 75 -105.13 38.13 -50.73
N GLN U 76 -106.40 37.75 -50.85
CA GLN U 76 -107.50 38.41 -50.16
C GLN U 76 -108.22 37.37 -49.32
N SER U 77 -108.10 37.50 -48.00
CA SER U 77 -108.63 36.52 -47.06
C SER U 77 -109.58 37.19 -46.09
N ILE U 78 -110.72 36.55 -45.85
CA ILE U 78 -111.66 36.95 -44.81
C ILE U 78 -111.92 35.74 -43.94
N ARG U 79 -111.50 35.81 -42.68
CA ARG U 79 -111.67 34.71 -41.74
C ARG U 79 -112.56 35.17 -40.61
N THR U 80 -113.60 34.39 -40.31
CA THR U 80 -114.55 34.72 -39.27
C THR U 80 -114.63 33.55 -38.30
N VAL U 81 -114.38 33.83 -37.03
CA VAL U 81 -114.49 32.83 -35.96
C VAL U 81 -115.64 33.24 -35.07
N ILE U 82 -116.64 32.38 -34.96
CA ILE U 82 -117.80 32.63 -34.13
C ILE U 82 -117.84 31.57 -33.04
N SER U 83 -118.02 32.00 -31.80
CA SER U 83 -117.99 31.11 -30.65
C SER U 83 -119.16 31.45 -29.73
N GLY U 84 -119.64 30.43 -29.02
CA GLY U 84 -120.73 30.64 -28.09
C GLY U 84 -121.41 29.35 -27.76
N SER U 85 -122.17 29.38 -26.67
CA SER U 85 -122.91 28.22 -26.21
C SER U 85 -123.99 27.83 -27.22
N ALA U 86 -124.24 26.53 -27.32
CA ALA U 86 -125.16 26.04 -28.32
C ALA U 86 -126.61 26.44 -28.02
N GLU U 87 -127.01 26.36 -26.75
CA GLU U 87 -128.40 26.63 -26.41
C GLU U 87 -128.77 28.08 -26.69
N ASN U 88 -127.78 28.98 -26.64
CA ASN U 88 -127.99 30.40 -26.83
C ASN U 88 -127.81 30.79 -28.29
N LEU U 89 -128.03 29.84 -29.20
CA LEU U 89 -127.92 30.14 -30.62
C LEU U 89 -128.90 31.24 -31.01
N ALA U 90 -130.09 31.23 -30.42
CA ALA U 90 -131.08 32.24 -30.75
C ALA U 90 -130.58 33.65 -30.43
N THR U 91 -129.99 33.83 -29.25
CA THR U 91 -129.54 35.17 -28.89
C THR U 91 -128.23 35.52 -29.56
N LEU U 92 -127.28 34.57 -29.64
CA LEU U 92 -126.01 34.91 -30.26
C LEU U 92 -126.13 35.08 -31.77
N LYS U 93 -127.15 34.49 -32.38
CA LYS U 93 -127.52 34.86 -33.74
C LYS U 93 -127.85 36.34 -33.80
N ALA U 94 -128.68 36.80 -32.86
CA ALA U 94 -129.15 38.18 -32.90
C ALA U 94 -128.01 39.17 -32.76
N GLU U 95 -126.97 38.82 -32.01
CA GLU U 95 -125.86 39.75 -31.86
C GLU U 95 -124.89 39.66 -33.05
N TRP U 96 -125.06 38.67 -33.91
CA TRP U 96 -124.17 38.57 -35.07
C TRP U 96 -124.37 39.72 -36.04
N GLU U 97 -125.62 39.99 -36.46
CA GLU U 97 -125.83 41.08 -37.39
C GLU U 97 -125.48 42.42 -36.75
N THR U 98 -125.54 42.50 -35.43
CA THR U 98 -124.96 43.64 -34.74
C THR U 98 -123.47 43.72 -35.01
N HIS U 99 -122.78 42.58 -34.95
CA HIS U 99 -121.38 42.55 -35.35
C HIS U 99 -121.22 42.87 -36.83
N LYS U 100 -122.12 42.34 -37.66
CA LYS U 100 -122.08 42.66 -39.08
C LYS U 100 -122.33 44.15 -39.31
N ARG U 101 -123.32 44.71 -38.62
CA ARG U 101 -123.60 46.13 -38.77
C ARG U 101 -122.43 46.98 -38.26
N ASN U 102 -121.82 46.57 -37.15
CA ASN U 102 -120.73 47.36 -36.58
C ASN U 102 -119.56 47.46 -37.55
N VAL U 103 -119.18 46.35 -38.17
CA VAL U 103 -118.09 46.39 -39.14
C VAL U 103 -118.49 47.22 -40.35
N ASP U 104 -119.75 47.12 -40.76
CA ASP U 104 -120.21 47.87 -41.92
C ASP U 104 -120.06 49.37 -41.71
N THR U 105 -120.39 49.85 -40.50
CA THR U 105 -120.38 51.28 -40.24
C THR U 105 -119.00 51.89 -40.43
N LEU U 106 -117.94 51.12 -40.16
CA LEU U 106 -116.59 51.66 -40.26
C LEU U 106 -115.78 51.09 -41.40
N PHE U 107 -116.09 49.88 -41.87
CA PHE U 107 -115.35 49.30 -42.98
C PHE U 107 -116.09 49.40 -44.31
N ALA U 108 -117.34 48.93 -44.37
CA ALA U 108 -118.10 49.03 -45.61
C ALA U 108 -118.36 50.50 -45.97
N SER U 109 -118.82 51.29 -45.00
CA SER U 109 -119.07 52.70 -45.26
C SER U 109 -117.81 53.52 -45.01
N GLY U 110 -117.26 53.44 -43.80
CA GLY U 110 -116.07 54.20 -43.48
C GLY U 110 -114.85 53.66 -44.18
N ASN U 111 -113.78 54.45 -44.14
CA ASN U 111 -112.53 54.10 -44.79
C ASN U 111 -111.55 53.39 -43.86
N ALA U 112 -112.06 52.66 -42.86
CA ALA U 112 -111.17 51.92 -41.99
C ALA U 112 -110.44 50.81 -42.72
N GLY U 113 -110.96 50.39 -43.87
CA GLY U 113 -110.30 49.34 -44.63
C GLY U 113 -108.91 49.77 -45.08
N LEU U 114 -108.77 51.01 -45.53
CA LEU U 114 -107.47 51.50 -45.93
C LEU U 114 -106.53 51.68 -44.75
N GLY U 115 -107.05 51.78 -43.54
CA GLY U 115 -106.22 51.91 -42.36
C GLY U 115 -106.50 53.14 -41.54
N PHE U 116 -107.71 53.68 -41.62
CA PHE U 116 -108.09 54.91 -40.95
C PHE U 116 -109.15 54.62 -39.90
N LEU U 117 -108.77 54.69 -38.64
CA LEU U 117 -109.70 54.50 -37.53
C LEU U 117 -110.26 55.85 -37.11
N ASP U 118 -111.59 55.94 -37.04
CA ASP U 118 -112.28 57.16 -36.63
C ASP U 118 -113.08 56.97 -35.35
N PRO U 119 -112.60 57.52 -34.23
CA PRO U 119 -113.30 57.35 -32.95
C PRO U 119 -114.73 57.86 -32.98
N THR U 120 -115.06 58.68 -33.97
CA THR U 120 -116.40 59.28 -34.07
C THR U 120 -117.40 58.36 -34.75
N ALA U 121 -117.01 57.13 -35.10
CA ALA U 121 -117.93 56.23 -35.78
C ALA U 121 -119.12 55.90 -34.91
N ALA U 122 -120.30 55.82 -35.53
CA ALA U 122 -121.54 55.51 -34.83
C ALA U 122 -121.68 54.00 -34.75
N ILE U 123 -121.42 53.45 -33.57
CA ILE U 123 -121.43 52.01 -33.34
C ILE U 123 -122.49 51.69 -32.30
N VAL U 124 -123.25 50.63 -32.54
CA VAL U 124 -124.38 50.28 -31.69
C VAL U 124 -124.20 48.85 -31.18
N SER U 125 -124.88 48.56 -30.08
CA SER U 125 -124.73 47.30 -29.38
C SER U 125 -125.88 46.35 -29.70
N SER U 126 -125.70 45.09 -29.29
CA SER U 126 -126.73 44.08 -29.51
C SER U 126 -127.99 44.40 -28.71
N ASP U 127 -127.82 44.88 -27.48
CA ASP U 127 -128.98 45.18 -26.64
C ASP U 127 -129.77 46.36 -27.22
N THR U 128 -131.07 46.23 -27.22
CA THR U 128 -131.95 47.27 -27.73
C THR U 128 -132.32 48.22 -26.59
N THR U 129 -133.15 49.21 -26.90
CA THR U 129 -133.58 50.18 -25.90
C THR U 129 -135.02 50.62 -26.15
N ALA V 1 -144.46 10.93 -30.25
CA ALA V 1 -143.64 11.45 -31.34
C ALA V 1 -142.23 11.71 -30.85
N ASN V 2 -141.38 10.70 -30.93
CA ASN V 2 -140.00 10.83 -30.48
C ASN V 2 -139.23 11.80 -31.35
N LYS V 3 -138.40 12.62 -30.73
CA LYS V 3 -137.63 13.61 -31.46
C LYS V 3 -136.43 12.94 -32.12
N PRO V 4 -136.29 13.04 -33.44
CA PRO V 4 -135.15 12.41 -34.12
C PRO V 4 -133.88 13.22 -33.95
N MET V 5 -132.75 12.53 -34.17
CA MET V 5 -131.46 13.20 -34.20
C MET V 5 -130.92 13.21 -35.63
N GLN V 6 -129.73 13.80 -35.76
CA GLN V 6 -128.98 13.82 -37.00
C GLN V 6 -127.54 13.40 -36.70
N PRO V 7 -126.84 12.85 -37.69
CA PRO V 7 -125.44 12.49 -37.47
C PRO V 7 -124.60 13.73 -37.14
N ILE V 8 -123.64 13.54 -36.24
CA ILE V 8 -122.78 14.63 -35.81
C ILE V 8 -121.38 14.42 -36.36
N THR V 9 -120.74 13.35 -35.93
CA THR V 9 -119.37 13.03 -36.34
C THR V 9 -119.39 11.70 -37.07
N SER V 10 -119.20 11.75 -38.39
CA SER V 10 -119.14 10.55 -39.21
C SER V 10 -117.69 10.14 -39.41
N THR V 11 -117.40 8.87 -39.17
CA THR V 11 -116.06 8.33 -39.29
C THR V 11 -116.17 7.03 -40.09
N ALA V 12 -115.03 6.48 -40.49
CA ALA V 12 -115.03 5.24 -41.26
C ALA V 12 -115.69 4.10 -40.52
N ASN V 13 -115.77 4.16 -39.19
CA ASN V 13 -116.38 3.11 -38.40
C ASN V 13 -117.45 3.62 -37.45
N LYS V 14 -117.32 4.86 -36.96
CA LYS V 14 -118.23 5.40 -35.98
C LYS V 14 -119.04 6.56 -36.56
N ILE V 15 -120.33 6.56 -36.26
CA ILE V 15 -121.19 7.70 -36.56
C ILE V 15 -122.07 7.96 -35.34
N VAL V 16 -122.20 9.24 -34.98
CA VAL V 16 -122.83 9.64 -33.73
C VAL V 16 -124.00 10.56 -34.02
N TRP V 17 -125.12 10.31 -33.36
CA TRP V 17 -126.30 11.16 -33.45
C TRP V 17 -126.46 11.97 -32.17
N SER V 18 -127.10 13.14 -32.30
CA SER V 18 -127.39 13.98 -31.15
C SER V 18 -128.63 14.81 -31.44
N ASP V 19 -129.43 15.02 -30.41
CA ASP V 19 -130.68 15.76 -30.55
C ASP V 19 -130.37 17.24 -30.77
N PRO V 20 -130.84 17.84 -31.87
CA PRO V 20 -130.58 19.28 -32.05
C PRO V 20 -131.12 20.13 -30.92
N THR V 21 -132.28 19.78 -30.37
CA THR V 21 -132.85 20.54 -29.27
C THR V 21 -132.01 20.38 -28.01
N ARG V 22 -131.68 19.13 -27.66
CA ARG V 22 -130.90 18.81 -26.47
C ARG V 22 -129.71 17.97 -26.91
N LEU V 23 -128.63 18.63 -27.31
CA LEU V 23 -127.47 17.91 -27.83
C LEU V 23 -126.69 17.17 -26.76
N SER V 24 -127.16 17.21 -25.51
CA SER V 24 -126.51 16.43 -24.47
C SER V 24 -126.67 14.94 -24.71
N THR V 25 -127.86 14.51 -25.10
CA THR V 25 -128.09 13.10 -25.35
C THR V 25 -127.49 12.70 -26.70
N THR V 26 -126.94 11.49 -26.75
CA THR V 26 -126.27 11.00 -27.94
C THR V 26 -126.64 9.53 -28.18
N PHE V 27 -126.24 9.03 -29.34
CA PHE V 27 -126.35 7.62 -29.66
C PHE V 27 -125.39 7.34 -30.80
N SER V 28 -124.38 6.51 -30.54
CA SER V 28 -123.33 6.25 -31.52
C SER V 28 -123.16 4.76 -31.74
N ALA V 29 -122.87 4.39 -32.98
CA ALA V 29 -122.62 3.01 -33.36
C ALA V 29 -121.24 2.92 -34.00
N SER V 30 -120.44 1.96 -33.55
CA SER V 30 -119.11 1.75 -34.12
C SER V 30 -118.98 0.28 -34.50
N LEU V 31 -118.58 0.03 -35.73
CA LEU V 31 -118.39 -1.32 -36.24
C LEU V 31 -116.92 -1.56 -36.52
N LEU V 32 -116.45 -2.76 -36.19
CA LEU V 32 -115.13 -3.21 -36.59
C LEU V 32 -115.28 -4.53 -37.33
N ARG V 33 -114.78 -4.57 -38.55
CA ARG V 33 -114.87 -5.75 -39.41
C ARG V 33 -113.53 -6.45 -39.41
N GLN V 34 -113.53 -7.74 -39.06
CA GLN V 34 -112.30 -8.51 -39.04
C GLN V 34 -112.57 -9.89 -39.63
N ARG V 35 -111.67 -10.32 -40.51
CA ARG V 35 -111.77 -11.64 -41.13
C ARG V 35 -111.22 -12.68 -40.16
N VAL V 36 -112.05 -13.68 -39.84
CA VAL V 36 -111.69 -14.74 -38.92
C VAL V 36 -111.71 -16.05 -39.68
N LYS V 37 -110.71 -16.90 -39.42
CA LYS V 37 -110.56 -18.17 -40.11
C LYS V 37 -111.02 -19.28 -39.20
N VAL V 38 -112.06 -19.99 -39.61
CA VAL V 38 -112.52 -21.19 -38.93
C VAL V 38 -112.03 -22.38 -39.76
N GLY V 39 -111.98 -23.56 -39.12
CA GLY V 39 -111.53 -24.76 -39.79
C GLY V 39 -112.10 -24.92 -41.18
N ILE V 40 -111.22 -24.88 -42.18
CA ILE V 40 -111.53 -24.80 -43.61
C ILE V 40 -112.75 -23.93 -43.87
N ALA V 41 -112.82 -22.78 -43.19
CA ALA V 41 -113.96 -21.89 -43.32
C ALA V 41 -113.51 -20.46 -43.18
N GLU V 42 -113.79 -19.64 -44.17
CA GLU V 42 -113.49 -18.21 -44.15
C GLU V 42 -114.73 -17.46 -43.69
N LEU V 43 -114.62 -16.74 -42.58
CA LEU V 43 -115.74 -16.04 -41.99
C LEU V 43 -115.40 -14.57 -41.81
N ASN V 44 -116.39 -13.72 -42.04
CA ASN V 44 -116.26 -12.28 -41.79
C ASN V 44 -116.97 -11.97 -40.49
N ASN V 45 -116.22 -11.52 -39.50
CA ASN V 45 -116.75 -11.24 -38.17
C ASN V 45 -116.93 -9.74 -37.98
N VAL V 46 -118.04 -9.35 -37.37
CA VAL V 46 -118.35 -7.95 -37.10
C VAL V 46 -118.65 -7.82 -35.62
N SER V 47 -118.21 -6.71 -35.03
CA SER V 47 -118.48 -6.40 -33.63
C SER V 47 -118.91 -4.95 -33.53
N GLY V 48 -120.17 -4.73 -33.17
CA GLY V 48 -120.70 -3.38 -33.14
C GLY V 48 -121.19 -2.92 -31.79
N GLN V 49 -120.63 -1.82 -31.29
CA GLN V 49 -121.11 -1.20 -30.08
C GLN V 49 -122.25 -0.24 -30.43
N TYR V 50 -123.22 -0.15 -29.54
CA TYR V 50 -124.31 0.81 -29.66
C TYR V 50 -124.56 1.40 -28.27
N VAL V 51 -124.13 2.64 -28.07
CA VAL V 51 -124.25 3.29 -26.78
C VAL V 51 -125.31 4.37 -26.87
N SER V 52 -126.19 4.42 -25.90
CA SER V 52 -127.19 5.48 -25.77
C SER V 52 -126.93 6.20 -24.45
N VAL V 53 -126.64 7.48 -24.54
CA VAL V 53 -126.24 8.28 -23.38
C VAL V 53 -127.25 9.39 -23.19
N TYR V 54 -127.77 9.52 -21.98
CA TYR V 54 -128.67 10.61 -21.62
C TYR V 54 -128.23 11.19 -20.29
N LYS V 55 -128.04 12.49 -20.26
CA LYS V 55 -127.76 13.21 -19.01
C LYS V 55 -129.09 13.68 -18.43
N ARG V 56 -129.56 12.98 -17.40
CA ARG V 56 -130.84 13.35 -16.83
C ARG V 56 -130.65 13.98 -15.46
N PRO V 57 -131.42 15.01 -15.13
CA PRO V 57 -131.34 15.59 -13.78
C PRO V 57 -131.78 14.59 -12.74
N ALA V 58 -131.23 14.75 -11.53
CA ALA V 58 -131.62 13.92 -10.41
C ALA V 58 -133.09 14.16 -10.08
N PRO V 59 -133.75 13.18 -9.47
CA PRO V 59 -135.18 13.36 -9.16
C PRO V 59 -135.41 14.36 -8.04
N LYS V 60 -135.98 15.51 -8.39
CA LYS V 60 -136.18 16.56 -7.40
C LYS V 60 -137.25 16.13 -6.39
N PRO V 61 -137.19 16.65 -5.17
CA PRO V 61 -138.07 16.15 -4.10
C PRO V 61 -139.54 16.40 -4.40
N GLU V 62 -140.38 15.51 -3.88
CA GLU V 62 -141.78 15.46 -4.25
C GLU V 62 -142.53 16.72 -3.81
N GLY V 63 -143.52 17.08 -4.62
CA GLY V 63 -144.42 18.18 -4.31
C GLY V 63 -143.71 19.50 -4.15
N CYS V 64 -142.64 19.69 -4.91
CA CYS V 64 -141.90 20.93 -4.89
C CYS V 64 -141.55 21.33 -6.33
N ALA V 65 -141.99 20.52 -7.28
CA ALA V 65 -141.64 20.68 -8.69
C ALA V 65 -141.85 22.10 -9.21
N ASP V 66 -142.78 22.84 -8.58
CA ASP V 66 -143.12 24.19 -9.00
C ASP V 66 -141.91 25.05 -9.28
N ALA V 67 -141.08 25.28 -8.26
CA ALA V 67 -139.92 26.14 -8.38
C ALA V 67 -138.84 25.49 -9.24
N CYS V 68 -138.23 26.29 -10.11
CA CYS V 68 -137.07 25.80 -10.86
C CYS V 68 -135.84 25.76 -9.97
N VAL V 69 -135.49 24.57 -9.51
CA VAL V 69 -134.26 24.33 -8.77
C VAL V 69 -133.40 23.48 -9.69
N ILE V 70 -132.17 23.91 -9.94
CA ILE V 70 -131.32 23.22 -10.89
C ILE V 70 -130.83 21.95 -10.23
N MET V 71 -131.51 20.85 -10.52
CA MET V 71 -131.11 19.58 -9.95
C MET V 71 -129.98 19.01 -10.79
N PRO V 72 -128.88 18.58 -10.18
CA PRO V 72 -127.70 18.20 -10.95
C PRO V 72 -127.99 17.03 -11.88
N ASN V 73 -127.32 17.04 -13.03
CA ASN V 73 -127.50 16.01 -14.04
C ASN V 73 -126.73 14.75 -13.67
N GLU V 74 -127.29 13.61 -14.05
CA GLU V 74 -126.62 12.32 -13.91
C GLU V 74 -126.77 11.56 -15.21
N ASN V 75 -125.84 10.63 -15.45
CA ASN V 75 -125.71 9.95 -16.73
C ASN V 75 -126.40 8.59 -16.69
N GLN V 76 -127.25 8.34 -17.68
CA GLN V 76 -127.84 7.04 -17.91
C GLN V 76 -127.33 6.52 -19.24
N SER V 77 -126.50 5.47 -19.19
CA SER V 77 -125.86 4.94 -20.37
C SER V 77 -126.27 3.49 -20.59
N ILE V 78 -126.54 3.14 -21.85
CA ILE V 78 -126.88 1.79 -22.24
C ILE V 78 -125.95 1.40 -23.37
N ARG V 79 -125.13 0.38 -23.16
CA ARG V 79 -124.19 -0.11 -24.15
C ARG V 79 -124.56 -1.51 -24.57
N THR V 80 -124.57 -1.76 -25.88
CA THR V 80 -124.87 -3.06 -26.44
C THR V 80 -123.79 -3.45 -27.43
N VAL V 81 -123.28 -4.66 -27.31
CA VAL V 81 -122.25 -5.18 -28.19
C VAL V 81 -122.79 -6.43 -28.87
N ILE V 82 -122.78 -6.44 -30.20
CA ILE V 82 -123.21 -7.58 -30.99
C ILE V 82 -121.99 -8.10 -31.73
N SER V 83 -121.67 -9.38 -31.54
CA SER V 83 -120.52 -9.99 -32.18
C SER V 83 -120.93 -11.29 -32.83
N GLY V 84 -120.46 -11.50 -34.04
CA GLY V 84 -120.77 -12.72 -34.76
C GLY V 84 -120.40 -12.60 -36.21
N SER V 85 -120.35 -13.75 -36.87
CA SER V 85 -120.03 -13.78 -38.29
C SER V 85 -121.23 -13.34 -39.11
N ALA V 86 -120.97 -12.58 -40.18
CA ALA V 86 -122.04 -12.10 -41.03
C ALA V 86 -122.67 -13.21 -41.86
N GLU V 87 -121.96 -14.33 -42.04
CA GLU V 87 -122.47 -15.40 -42.90
C GLU V 87 -123.75 -16.01 -42.34
N ASN V 88 -123.78 -16.25 -41.03
CA ASN V 88 -124.97 -16.77 -40.36
C ASN V 88 -125.76 -15.67 -39.67
N LEU V 89 -125.84 -14.50 -40.31
CA LEU V 89 -126.51 -13.36 -39.70
C LEU V 89 -127.96 -13.65 -39.36
N ALA V 90 -128.60 -14.57 -40.09
CA ALA V 90 -130.03 -14.81 -39.91
C ALA V 90 -130.34 -15.25 -38.48
N THR V 91 -129.50 -16.11 -37.91
CA THR V 91 -129.77 -16.59 -36.56
C THR V 91 -129.50 -15.52 -35.51
N LEU V 92 -128.71 -14.50 -35.85
CA LEU V 92 -128.45 -13.42 -34.90
C LEU V 92 -129.73 -12.66 -34.56
N LYS V 93 -130.58 -12.42 -35.57
CA LYS V 93 -131.85 -11.76 -35.30
C LYS V 93 -132.64 -12.50 -34.24
N ALA V 94 -132.67 -13.83 -34.34
CA ALA V 94 -133.29 -14.62 -33.27
C ALA V 94 -132.54 -14.44 -31.97
N GLU V 95 -131.21 -14.45 -32.03
CA GLU V 95 -130.41 -14.24 -30.82
C GLU V 95 -130.67 -12.86 -30.22
N TRP V 96 -130.66 -11.83 -31.06
CA TRP V 96 -130.91 -10.49 -30.57
C TRP V 96 -132.31 -10.36 -29.98
N GLU V 97 -133.31 -10.92 -30.67
CA GLU V 97 -134.67 -10.83 -30.16
C GLU V 97 -134.82 -11.58 -28.85
N THR V 98 -134.27 -12.79 -28.77
CA THR V 98 -134.35 -13.54 -27.52
C THR V 98 -133.60 -12.84 -26.40
N HIS V 99 -132.40 -12.32 -26.71
CA HIS V 99 -131.66 -11.56 -25.71
C HIS V 99 -132.48 -10.38 -25.20
N LYS V 100 -133.23 -9.73 -26.10
CA LYS V 100 -134.12 -8.66 -25.67
C LYS V 100 -135.20 -9.19 -24.72
N ARG V 101 -135.75 -10.36 -25.01
CA ARG V 101 -136.82 -10.90 -24.19
C ARG V 101 -136.33 -11.21 -22.78
N ASN V 102 -135.13 -11.80 -22.67
CA ASN V 102 -134.64 -12.20 -21.36
C ASN V 102 -134.42 -11.00 -20.45
N VAL V 103 -133.68 -10.00 -20.92
CA VAL V 103 -133.40 -8.84 -20.09
C VAL V 103 -134.69 -8.10 -19.78
N ASP V 104 -135.69 -8.19 -20.66
CA ASP V 104 -136.99 -7.62 -20.36
C ASP V 104 -137.58 -8.25 -19.10
N THR V 105 -137.46 -9.58 -18.98
CA THR V 105 -137.96 -10.25 -17.79
C THR V 105 -137.17 -9.82 -16.55
N LEU V 106 -135.85 -9.76 -16.64
CA LEU V 106 -135.04 -9.44 -15.49
C LEU V 106 -135.13 -7.96 -15.13
N PHE V 107 -135.08 -7.08 -16.14
CA PHE V 107 -134.97 -5.66 -15.91
C PHE V 107 -136.26 -4.90 -16.13
N ALA V 108 -136.88 -5.04 -17.30
CA ALA V 108 -138.10 -4.29 -17.58
C ALA V 108 -139.23 -4.69 -16.65
N SER V 109 -139.37 -5.99 -16.39
CA SER V 109 -140.42 -6.48 -15.50
C SER V 109 -139.93 -6.80 -14.10
N GLY V 110 -138.68 -7.27 -13.97
CA GLY V 110 -138.15 -7.62 -12.67
C GLY V 110 -137.62 -6.41 -11.92
N ASN V 111 -136.92 -6.71 -10.83
CA ASN V 111 -136.35 -5.68 -9.97
C ASN V 111 -134.84 -5.57 -10.11
N ALA V 112 -134.28 -5.99 -11.25
CA ALA V 112 -132.84 -5.86 -11.44
C ALA V 112 -132.40 -4.41 -11.40
N GLY V 113 -133.30 -3.48 -11.76
CA GLY V 113 -132.94 -2.07 -11.71
C GLY V 113 -132.60 -1.60 -10.31
N LEU V 114 -133.40 -2.01 -9.33
CA LEU V 114 -133.13 -1.66 -7.93
C LEU V 114 -131.89 -2.36 -7.38
N GLY V 115 -131.35 -3.33 -8.09
CA GLY V 115 -130.24 -4.12 -7.59
C GLY V 115 -130.60 -5.49 -7.10
N PHE V 116 -131.85 -5.91 -7.29
CA PHE V 116 -132.31 -7.21 -6.82
C PHE V 116 -132.24 -8.22 -7.96
N LEU V 117 -131.62 -9.36 -7.68
CA LEU V 117 -131.37 -10.38 -8.69
C LEU V 117 -132.17 -11.62 -8.32
N ASP V 118 -132.99 -12.10 -9.25
CA ASP V 118 -133.96 -13.15 -8.96
C ASP V 118 -133.55 -14.46 -9.60
N PRO V 119 -133.31 -15.52 -8.83
CA PRO V 119 -132.99 -16.83 -9.44
C PRO V 119 -134.19 -17.56 -9.99
N THR V 120 -135.42 -17.08 -9.75
CA THR V 120 -136.62 -17.77 -10.17
C THR V 120 -137.26 -17.18 -11.40
N ALA V 121 -136.55 -16.30 -12.11
CA ALA V 121 -137.10 -15.72 -13.32
C ALA V 121 -137.27 -16.78 -14.41
N ALA V 122 -138.14 -16.50 -15.37
CA ALA V 122 -138.46 -17.42 -16.45
C ALA V 122 -137.88 -16.86 -17.74
N ILE V 123 -136.72 -17.39 -18.14
CA ILE V 123 -136.02 -16.96 -19.34
C ILE V 123 -135.88 -18.16 -20.26
N VAL V 124 -136.05 -17.93 -21.56
CA VAL V 124 -136.11 -19.00 -22.54
C VAL V 124 -135.00 -18.83 -23.57
N SER V 125 -134.68 -19.90 -24.27
CA SER V 125 -133.63 -19.90 -25.27
C SER V 125 -134.13 -19.41 -26.62
N SER V 126 -133.18 -19.03 -27.47
CA SER V 126 -133.54 -18.64 -28.83
C SER V 126 -134.10 -19.82 -29.61
N ASP V 127 -133.53 -21.00 -29.42
CA ASP V 127 -134.00 -22.17 -30.14
C ASP V 127 -135.41 -22.54 -29.70
N THR V 128 -136.29 -22.70 -30.68
CA THR V 128 -137.66 -23.10 -30.38
C THR V 128 -137.72 -24.57 -30.02
N THR V 129 -138.78 -24.94 -29.28
CA THR V 129 -138.97 -26.32 -28.87
C THR V 129 -139.33 -27.20 -30.06
N ALA W 1 -130.98 -5.06 -63.83
CA ALA W 1 -130.44 -4.44 -62.63
C ALA W 1 -129.40 -5.35 -61.97
N ASN W 2 -128.47 -4.73 -61.25
CA ASN W 2 -127.43 -5.47 -60.55
C ASN W 2 -127.42 -5.05 -59.09
N LYS W 3 -126.62 -5.76 -58.30
CA LYS W 3 -126.56 -5.49 -56.87
C LYS W 3 -125.96 -4.12 -56.61
N PRO W 4 -126.67 -3.22 -55.93
CA PRO W 4 -126.05 -1.95 -55.55
C PRO W 4 -124.99 -2.15 -54.48
N MET W 5 -124.02 -1.25 -54.48
CA MET W 5 -122.93 -1.30 -53.52
C MET W 5 -123.30 -0.51 -52.26
N GLN W 6 -122.44 -0.62 -51.24
CA GLN W 6 -122.53 0.19 -50.04
C GLN W 6 -121.14 0.65 -49.64
N PRO W 7 -121.02 1.87 -49.14
CA PRO W 7 -119.70 2.37 -48.72
C PRO W 7 -119.21 1.65 -47.47
N ILE W 8 -117.90 1.49 -47.39
CA ILE W 8 -117.28 0.85 -46.23
C ILE W 8 -116.37 1.77 -45.46
N THR W 9 -115.68 2.71 -46.10
CA THR W 9 -114.74 3.59 -45.41
C THR W 9 -114.84 4.97 -46.04
N SER W 10 -115.32 5.94 -45.27
CA SER W 10 -115.46 7.31 -45.76
C SER W 10 -114.25 8.11 -45.31
N THR W 11 -113.60 8.78 -46.26
CA THR W 11 -112.45 9.61 -45.97
C THR W 11 -112.42 10.74 -46.98
N ALA W 12 -111.80 11.85 -46.58
CA ALA W 12 -111.73 13.02 -47.46
C ALA W 12 -111.01 12.74 -48.76
N ASN W 13 -110.20 11.67 -48.81
CA ASN W 13 -109.45 11.36 -50.00
C ASN W 13 -109.68 9.96 -50.56
N LYS W 14 -110.35 9.08 -49.82
CA LYS W 14 -110.55 7.71 -50.27
C LYS W 14 -111.87 7.19 -49.76
N ILE W 15 -112.61 6.48 -50.61
CA ILE W 15 -113.85 5.84 -50.22
C ILE W 15 -113.84 4.42 -50.75
N VAL W 16 -114.34 3.48 -49.95
CA VAL W 16 -114.31 2.07 -50.31
C VAL W 16 -115.74 1.54 -50.32
N TRP W 17 -116.07 0.83 -51.40
CA TRP W 17 -117.41 0.32 -51.63
C TRP W 17 -117.36 -1.20 -51.59
N SER W 18 -118.46 -1.81 -51.14
CA SER W 18 -118.55 -3.27 -51.12
C SER W 18 -120.01 -3.69 -51.18
N ASP W 19 -120.21 -4.94 -51.52
CA ASP W 19 -121.54 -5.52 -51.73
C ASP W 19 -122.01 -6.25 -50.48
N PRO W 20 -123.28 -6.11 -50.11
CA PRO W 20 -123.79 -6.88 -48.96
C PRO W 20 -123.77 -8.38 -49.19
N THR W 21 -124.27 -8.85 -50.33
CA THR W 21 -124.35 -10.28 -50.58
C THR W 21 -122.95 -10.90 -50.65
N ARG W 22 -122.03 -10.25 -51.35
CA ARG W 22 -120.66 -10.72 -51.48
C ARG W 22 -119.74 -9.69 -50.86
N LEU W 23 -119.18 -10.01 -49.70
CA LEU W 23 -118.27 -9.09 -49.03
C LEU W 23 -116.95 -8.96 -49.76
N SER W 24 -116.63 -9.89 -50.66
CA SER W 24 -115.35 -9.86 -51.35
C SER W 24 -115.32 -8.77 -52.42
N THR W 25 -116.43 -8.59 -53.13
CA THR W 25 -116.49 -7.58 -54.19
C THR W 25 -116.29 -6.18 -53.60
N THR W 26 -115.39 -5.41 -54.20
CA THR W 26 -115.09 -4.07 -53.72
C THR W 26 -114.93 -3.13 -54.90
N PHE W 27 -115.02 -1.83 -54.60
CA PHE W 27 -114.76 -0.78 -55.56
C PHE W 27 -114.26 0.44 -54.78
N SER W 28 -112.99 0.76 -54.92
CA SER W 28 -112.38 1.84 -54.16
C SER W 28 -111.93 2.95 -55.08
N ALA W 29 -112.09 4.18 -54.59
CA ALA W 29 -111.66 5.37 -55.33
C ALA W 29 -110.87 6.27 -54.41
N SER W 30 -109.74 6.75 -54.88
CA SER W 30 -108.89 7.65 -54.12
C SER W 30 -108.48 8.82 -54.99
N LEU W 31 -108.26 9.97 -54.36
CA LEU W 31 -107.96 11.20 -55.07
C LEU W 31 -106.74 11.88 -54.46
N LEU W 32 -106.01 12.59 -55.30
CA LEU W 32 -104.92 13.47 -54.87
C LEU W 32 -105.07 14.79 -55.60
N ARG W 33 -104.89 15.90 -54.88
CA ARG W 33 -104.99 17.23 -55.46
C ARG W 33 -103.68 17.95 -55.24
N GLN W 34 -103.06 18.43 -56.32
CA GLN W 34 -101.69 18.93 -56.26
C GLN W 34 -101.61 20.40 -56.63
N ARG W 35 -100.63 21.07 -56.03
CA ARG W 35 -100.31 22.47 -56.24
C ARG W 35 -99.29 22.57 -57.38
N VAL W 36 -99.78 22.67 -58.61
CA VAL W 36 -98.94 22.49 -59.79
C VAL W 36 -99.18 23.68 -60.71
N LYS W 37 -98.17 24.52 -60.88
CA LYS W 37 -98.25 25.64 -61.81
C LYS W 37 -97.61 25.24 -63.14
N VAL W 38 -98.25 25.61 -64.26
CA VAL W 38 -97.68 25.30 -65.56
C VAL W 38 -96.72 26.40 -66.02
N GLY W 39 -97.21 27.65 -66.03
CA GLY W 39 -96.37 28.80 -66.29
C GLY W 39 -97.16 30.09 -66.36
N ILE W 40 -96.67 31.11 -65.66
CA ILE W 40 -97.30 32.42 -65.47
C ILE W 40 -98.82 32.27 -65.32
N ALA W 41 -99.24 31.12 -64.79
CA ALA W 41 -100.66 30.79 -64.70
C ALA W 41 -100.84 29.61 -63.76
N GLU W 42 -101.57 29.81 -62.67
CA GLU W 42 -101.72 28.72 -61.70
C GLU W 42 -102.53 27.60 -62.32
N LEU W 43 -102.34 26.40 -61.77
CA LEU W 43 -103.03 25.21 -62.27
C LEU W 43 -103.31 24.27 -61.11
N ASN W 44 -104.47 23.60 -61.17
CA ASN W 44 -104.87 22.63 -60.16
C ASN W 44 -104.99 21.25 -60.79
N ASN W 45 -104.31 20.27 -60.22
CA ASN W 45 -104.22 18.93 -60.76
C ASN W 45 -104.89 17.94 -59.82
N VAL W 46 -105.54 16.91 -60.41
CA VAL W 46 -106.18 15.85 -59.65
C VAL W 46 -105.66 14.51 -60.15
N SER W 47 -105.77 13.49 -59.29
CA SER W 47 -105.33 12.15 -59.63
C SER W 47 -106.33 11.15 -59.06
N GLY W 48 -107.23 10.64 -59.89
CA GLY W 48 -108.24 9.70 -59.46
C GLY W 48 -107.78 8.27 -59.69
N GLN W 49 -107.73 7.51 -58.59
CA GLN W 49 -107.26 6.14 -58.61
C GLN W 49 -108.43 5.23 -58.27
N TYR W 50 -108.87 4.44 -59.25
CA TYR W 50 -110.07 3.61 -59.11
C TYR W 50 -109.70 2.15 -59.24
N VAL W 51 -110.19 1.35 -58.29
CA VAL W 51 -109.87 -0.07 -58.22
C VAL W 51 -111.18 -0.85 -58.12
N SER W 52 -111.31 -1.88 -58.95
CA SER W 52 -112.44 -2.81 -58.88
C SER W 52 -111.87 -4.21 -58.74
N VAL W 53 -112.27 -4.92 -57.69
CA VAL W 53 -111.71 -6.22 -57.35
C VAL W 53 -112.85 -7.24 -57.24
N TYR W 54 -112.65 -8.39 -57.86
CA TYR W 54 -113.58 -9.51 -57.72
C TYR W 54 -112.78 -10.78 -57.47
N LYS W 55 -113.41 -11.73 -56.80
CA LYS W 55 -112.83 -13.05 -56.56
C LYS W 55 -113.80 -14.09 -57.09
N ARG W 56 -113.58 -14.54 -58.31
CA ARG W 56 -114.45 -15.54 -58.91
C ARG W 56 -113.78 -16.90 -58.87
N PRO W 57 -114.24 -17.82 -58.03
CA PRO W 57 -113.64 -19.16 -57.95
C PRO W 57 -114.31 -20.13 -58.91
N ALA W 58 -114.00 -19.99 -60.21
CA ALA W 58 -114.59 -20.86 -61.22
C ALA W 58 -113.55 -21.47 -62.16
N PRO W 59 -112.63 -22.28 -61.64
CA PRO W 59 -111.91 -23.20 -62.53
C PRO W 59 -112.83 -24.34 -62.95
N LYS W 60 -113.57 -24.89 -61.99
CA LYS W 60 -114.60 -25.89 -62.21
C LYS W 60 -114.08 -27.08 -63.00
N PRO W 61 -113.36 -28.00 -62.36
CA PRO W 61 -112.87 -29.19 -63.07
C PRO W 61 -114.02 -29.92 -63.75
N GLU W 62 -113.71 -30.48 -64.93
CA GLU W 62 -114.72 -30.84 -65.92
C GLU W 62 -115.90 -31.65 -65.41
N GLY W 63 -117.08 -31.04 -65.47
CA GLY W 63 -118.35 -31.74 -65.41
C GLY W 63 -118.61 -32.61 -64.19
N CYS W 64 -118.31 -32.13 -62.99
CA CYS W 64 -118.75 -32.84 -61.80
C CYS W 64 -119.75 -32.02 -61.01
N ALA W 65 -119.34 -30.82 -60.60
CA ALA W 65 -120.13 -29.95 -59.75
C ALA W 65 -120.72 -30.70 -58.56
N ASP W 66 -122.03 -30.98 -58.63
CA ASP W 66 -122.84 -31.71 -57.65
C ASP W 66 -122.17 -31.92 -56.29
N ALA W 67 -121.21 -32.85 -56.22
CA ALA W 67 -120.50 -33.16 -55.00
C ALA W 67 -119.76 -31.94 -54.50
N CYS W 68 -120.15 -31.44 -53.32
CA CYS W 68 -119.65 -30.16 -52.83
C CYS W 68 -118.12 -30.12 -52.81
N VAL W 69 -117.56 -29.28 -53.68
CA VAL W 69 -116.13 -29.01 -53.73
C VAL W 69 -115.96 -27.52 -53.99
N ILE W 70 -115.25 -26.84 -53.10
CA ILE W 70 -115.03 -25.41 -53.23
C ILE W 70 -113.66 -25.19 -53.88
N MET W 71 -113.64 -24.44 -54.95
CA MET W 71 -112.38 -24.15 -55.60
C MET W 71 -111.79 -22.86 -55.03
N PRO W 72 -110.47 -22.77 -54.95
CA PRO W 72 -109.85 -21.53 -54.47
C PRO W 72 -110.18 -20.37 -55.39
N ASN W 73 -110.32 -19.19 -54.80
CA ASN W 73 -110.69 -18.02 -55.55
C ASN W 73 -109.47 -17.44 -56.27
N GLU W 74 -109.70 -16.96 -57.48
CA GLU W 74 -108.70 -16.22 -58.24
C GLU W 74 -109.07 -14.74 -58.25
N ASN W 75 -108.17 -13.93 -58.79
CA ASN W 75 -108.26 -12.49 -58.66
C ASN W 75 -108.56 -11.85 -60.01
N GLN W 76 -109.52 -10.92 -60.02
CA GLN W 76 -109.87 -10.14 -61.20
C GLN W 76 -109.81 -8.67 -60.79
N SER W 77 -108.71 -8.00 -61.11
CA SER W 77 -108.45 -6.64 -60.65
C SER W 77 -108.44 -5.70 -61.84
N ILE W 78 -109.14 -4.57 -61.70
CA ILE W 78 -109.22 -3.55 -62.74
C ILE W 78 -108.79 -2.22 -62.11
N ARG W 79 -107.55 -1.82 -62.34
CA ARG W 79 -107.08 -0.52 -61.89
C ARG W 79 -107.42 0.54 -62.92
N THR W 80 -107.43 1.79 -62.47
CA THR W 80 -107.67 2.92 -63.37
C THR W 80 -107.20 4.19 -62.69
N VAL W 81 -106.33 4.93 -63.35
CA VAL W 81 -105.85 6.21 -62.86
C VAL W 81 -106.13 7.27 -63.91
N ILE W 82 -106.60 8.43 -63.48
CA ILE W 82 -106.79 9.58 -64.36
C ILE W 82 -106.13 10.77 -63.69
N SER W 83 -105.20 11.40 -64.40
CA SER W 83 -104.52 12.59 -63.91
C SER W 83 -104.69 13.70 -64.94
N GLY W 84 -105.10 14.88 -64.48
CA GLY W 84 -105.30 15.99 -65.38
C GLY W 84 -105.70 17.23 -64.60
N SER W 85 -105.69 18.35 -65.31
CA SER W 85 -106.05 19.62 -64.72
C SER W 85 -107.56 19.80 -64.67
N ALA W 86 -108.02 20.61 -63.71
CA ALA W 86 -109.45 20.68 -63.45
C ALA W 86 -110.19 21.54 -64.47
N GLU W 87 -109.59 22.65 -64.93
CA GLU W 87 -110.34 23.62 -65.72
C GLU W 87 -110.84 23.00 -67.01
N ASN W 88 -110.04 22.12 -67.61
CA ASN W 88 -110.36 21.45 -68.86
C ASN W 88 -110.84 20.02 -68.62
N LEU W 89 -111.61 19.82 -67.55
CA LEU W 89 -112.18 18.51 -67.29
C LEU W 89 -113.06 18.06 -68.47
N ALA W 90 -113.64 19.03 -69.19
CA ALA W 90 -114.51 18.68 -70.30
C ALA W 90 -113.76 17.88 -71.37
N THR W 91 -112.61 18.39 -71.80
CA THR W 91 -111.83 17.64 -72.78
C THR W 91 -111.19 16.40 -72.17
N LEU W 92 -110.89 16.43 -70.87
CA LEU W 92 -110.40 15.24 -70.21
C LEU W 92 -111.44 14.14 -70.23
N LYS W 93 -112.70 14.50 -70.03
CA LYS W 93 -113.78 13.52 -70.12
C LYS W 93 -113.84 12.91 -71.51
N ALA W 94 -113.64 13.73 -72.55
CA ALA W 94 -113.62 13.20 -73.90
C ALA W 94 -112.51 12.15 -74.06
N GLU W 95 -111.34 12.41 -73.49
CA GLU W 95 -110.26 11.44 -73.57
C GLU W 95 -110.62 10.15 -72.83
N TRP W 96 -111.34 10.24 -71.72
CA TRP W 96 -111.95 9.05 -71.15
C TRP W 96 -112.86 8.34 -72.13
N GLU W 97 -113.75 9.07 -72.79
CA GLU W 97 -114.71 8.40 -73.65
C GLU W 97 -114.01 7.67 -74.79
N THR W 98 -113.01 8.33 -75.39
CA THR W 98 -112.23 7.68 -76.44
C THR W 98 -111.37 6.55 -75.87
N HIS W 99 -110.77 6.77 -74.70
CA HIS W 99 -109.96 5.72 -74.08
C HIS W 99 -110.79 4.48 -73.83
N LYS W 100 -112.03 4.65 -73.38
CA LYS W 100 -112.93 3.52 -73.23
C LYS W 100 -113.15 2.82 -74.56
N ARG W 101 -113.49 3.59 -75.59
CA ARG W 101 -113.72 3.01 -76.90
C ARG W 101 -112.45 2.40 -77.46
N ASN W 102 -111.30 2.99 -77.15
CA ASN W 102 -110.04 2.51 -77.70
C ASN W 102 -109.73 1.11 -77.19
N VAL W 103 -109.79 0.92 -75.87
CA VAL W 103 -109.48 -0.39 -75.30
C VAL W 103 -110.55 -1.41 -75.67
N ASP W 104 -111.82 -0.98 -75.72
CA ASP W 104 -112.90 -1.90 -76.07
C ASP W 104 -112.65 -2.56 -77.42
N THR W 105 -112.12 -1.80 -78.37
CA THR W 105 -111.73 -2.38 -79.65
C THR W 105 -110.65 -3.44 -79.46
N LEU W 106 -109.68 -3.16 -78.60
CA LEU W 106 -108.53 -4.05 -78.45
C LEU W 106 -108.82 -5.22 -77.53
N PHE W 107 -109.41 -4.94 -76.36
CA PHE W 107 -109.59 -5.98 -75.36
C PHE W 107 -110.97 -6.62 -75.44
N ALA W 108 -112.03 -5.82 -75.28
CA ALA W 108 -113.38 -6.38 -75.25
C ALA W 108 -113.76 -7.00 -76.58
N SER W 109 -113.63 -6.24 -77.66
CA SER W 109 -113.94 -6.77 -78.98
C SER W 109 -112.83 -7.68 -79.49
N GLY W 110 -111.58 -7.31 -79.25
CA GLY W 110 -110.46 -8.07 -79.74
C GLY W 110 -110.13 -9.26 -78.85
N ASN W 111 -108.99 -9.87 -79.16
CA ASN W 111 -108.53 -11.06 -78.45
C ASN W 111 -107.41 -10.75 -77.46
N ALA W 112 -107.23 -9.48 -77.10
CA ALA W 112 -106.19 -9.11 -76.15
C ALA W 112 -106.39 -9.78 -74.80
N GLY W 113 -107.61 -10.19 -74.48
CA GLY W 113 -107.83 -10.93 -73.24
C GLY W 113 -107.07 -12.24 -73.22
N LEU W 114 -106.95 -12.89 -74.38
CA LEU W 114 -106.18 -14.11 -74.48
C LEU W 114 -104.68 -13.85 -74.44
N GLY W 115 -104.24 -12.67 -74.86
CA GLY W 115 -102.83 -12.34 -74.83
C GLY W 115 -102.27 -12.02 -76.20
N PHE W 116 -103.13 -11.64 -77.13
CA PHE W 116 -102.71 -11.34 -78.50
C PHE W 116 -102.88 -9.84 -78.73
N LEU W 117 -101.79 -9.17 -79.10
CA LEU W 117 -101.81 -7.75 -79.44
C LEU W 117 -101.91 -7.65 -80.95
N ASP W 118 -103.09 -7.34 -81.44
CA ASP W 118 -103.29 -7.21 -82.88
C ASP W 118 -102.69 -5.90 -83.36
N PRO W 119 -101.69 -5.92 -84.24
CA PRO W 119 -101.07 -4.67 -84.69
C PRO W 119 -101.85 -3.92 -85.76
N THR W 120 -103.05 -4.37 -86.12
CA THR W 120 -103.87 -3.68 -87.10
C THR W 120 -105.21 -3.24 -86.52
N ALA W 121 -105.32 -3.16 -85.20
CA ALA W 121 -106.55 -2.72 -84.57
C ALA W 121 -106.81 -1.25 -84.89
N ALA W 122 -108.10 -0.91 -84.97
CA ALA W 122 -108.52 0.46 -85.30
C ALA W 122 -108.42 1.32 -84.05
N ILE W 123 -107.28 1.95 -83.88
CA ILE W 123 -107.05 2.86 -82.76
C ILE W 123 -107.49 4.25 -83.17
N VAL W 124 -108.25 4.91 -82.30
CA VAL W 124 -108.92 6.16 -82.61
C VAL W 124 -108.51 7.20 -81.58
N SER W 125 -108.14 8.39 -82.05
CA SER W 125 -107.66 9.46 -81.18
C SER W 125 -108.80 10.28 -80.61
N SER W 126 -108.49 11.05 -79.58
CA SER W 126 -109.50 11.86 -78.92
C SER W 126 -110.00 12.98 -79.83
N ASP W 127 -109.09 13.72 -80.44
CA ASP W 127 -109.49 14.81 -81.32
C ASP W 127 -110.13 14.27 -82.58
N THR W 128 -111.06 15.05 -83.12
CA THR W 128 -111.84 14.67 -84.29
C THR W 128 -111.33 15.41 -85.52
N THR W 129 -111.98 15.16 -86.64
CA THR W 129 -111.62 15.79 -87.90
C THR W 129 -112.82 16.52 -88.51
N ALA X 1 -127.20 -73.71 21.34
CA ALA X 1 -127.60 -72.60 22.19
C ALA X 1 -126.50 -71.55 22.23
N ASN X 2 -125.58 -71.62 21.27
CA ASN X 2 -124.44 -70.73 21.20
C ASN X 2 -124.55 -69.85 19.96
N LYS X 3 -124.28 -68.56 20.12
CA LYS X 3 -124.35 -67.64 19.00
C LYS X 3 -123.25 -67.94 18.00
N PRO X 4 -123.60 -68.27 16.75
CA PRO X 4 -122.58 -68.59 15.77
C PRO X 4 -121.77 -67.37 15.37
N MET X 5 -120.51 -67.59 15.02
CA MET X 5 -119.70 -66.56 14.38
C MET X 5 -119.97 -66.59 12.90
N GLN X 6 -119.69 -65.49 12.24
CA GLN X 6 -119.65 -65.60 10.79
C GLN X 6 -118.27 -65.21 10.29
N PRO X 7 -117.81 -65.82 9.19
CA PRO X 7 -116.44 -65.54 8.72
C PRO X 7 -116.30 -64.09 8.33
N ILE X 8 -115.11 -63.54 8.58
CA ILE X 8 -114.79 -62.18 8.18
C ILE X 8 -113.62 -62.12 7.22
N THR X 9 -112.88 -63.21 7.02
CA THR X 9 -111.80 -63.24 6.05
C THR X 9 -111.68 -64.68 5.55
N SER X 10 -112.25 -64.94 4.39
CA SER X 10 -112.21 -66.26 3.80
C SER X 10 -111.09 -66.34 2.76
N THR X 11 -110.34 -67.43 2.81
CA THR X 11 -109.21 -67.63 1.91
C THR X 11 -109.00 -69.13 1.78
N ALA X 12 -108.30 -69.53 0.72
CA ALA X 12 -107.94 -70.93 0.54
C ALA X 12 -107.03 -71.44 1.64
N ASN X 13 -106.42 -70.57 2.43
CA ASN X 13 -105.54 -70.97 3.51
C ASN X 13 -106.05 -70.54 4.87
N LYS X 14 -106.47 -69.29 5.02
CA LYS X 14 -106.92 -68.75 6.30
C LYS X 14 -108.42 -68.49 6.26
N ILE X 15 -109.10 -68.94 7.31
CA ILE X 15 -110.47 -68.53 7.58
C ILE X 15 -110.56 -68.14 9.04
N VAL X 16 -111.08 -66.95 9.31
CA VAL X 16 -111.22 -66.45 10.68
C VAL X 16 -112.69 -66.14 10.92
N TRP X 17 -113.20 -66.58 12.06
CA TRP X 17 -114.58 -66.32 12.46
C TRP X 17 -114.57 -65.38 13.66
N SER X 18 -115.40 -64.35 13.61
CA SER X 18 -115.52 -63.41 14.71
C SER X 18 -116.97 -63.29 15.12
N ASP X 19 -117.19 -63.12 16.42
CA ASP X 19 -118.54 -63.00 16.94
C ASP X 19 -119.14 -61.67 16.51
N PRO X 20 -120.31 -61.67 15.87
CA PRO X 20 -120.88 -60.38 15.42
C PRO X 20 -121.14 -59.42 16.56
N THR X 21 -121.57 -59.92 17.72
CA THR X 21 -121.85 -59.04 18.84
C THR X 21 -120.56 -58.47 19.43
N ARG X 22 -119.56 -59.33 19.62
CA ARG X 22 -118.26 -58.92 20.18
C ARG X 22 -117.19 -59.41 19.21
N LEU X 23 -116.65 -58.49 18.42
CA LEU X 23 -115.69 -58.86 17.39
C LEU X 23 -114.35 -59.31 17.95
N SER X 24 -114.11 -59.11 19.25
CA SER X 24 -112.85 -59.54 19.84
C SER X 24 -112.70 -61.05 19.79
N THR X 25 -113.77 -61.79 20.06
CA THR X 25 -113.72 -63.24 20.03
C THR X 25 -113.46 -63.73 18.60
N THR X 26 -112.47 -64.59 18.46
CA THR X 26 -112.08 -65.08 17.14
C THR X 26 -111.78 -66.57 17.20
N PHE X 27 -111.93 -67.23 16.06
CA PHE X 27 -111.52 -68.62 15.89
C PHE X 27 -110.96 -68.74 14.47
N SER X 28 -109.66 -69.01 14.37
CA SER X 28 -108.96 -69.03 13.09
C SER X 28 -108.51 -70.44 12.78
N ALA X 29 -108.73 -70.86 11.54
CA ALA X 29 -108.27 -72.16 11.06
C ALA X 29 -107.31 -71.94 9.91
N SER X 30 -106.11 -72.53 10.01
CA SER X 30 -105.08 -72.38 9.00
C SER X 30 -104.52 -73.74 8.64
N LEU X 31 -104.17 -73.90 7.37
CA LEU X 31 -103.59 -75.14 6.87
C LEU X 31 -102.33 -74.83 6.08
N LEU X 32 -101.33 -75.68 6.27
CA LEU X 32 -100.10 -75.64 5.48
C LEU X 32 -99.92 -77.05 4.92
N ARG X 33 -100.42 -77.26 3.71
CA ARG X 33 -100.35 -78.56 3.06
C ARG X 33 -99.00 -78.67 2.34
N GLN X 34 -98.23 -79.68 2.70
CA GLN X 34 -96.86 -79.80 2.22
C GLN X 34 -96.65 -81.21 1.70
N ARG X 35 -95.82 -81.33 0.67
CA ARG X 35 -95.62 -82.59 -0.03
C ARG X 35 -94.38 -83.28 0.56
N VAL X 36 -94.59 -84.38 1.28
CA VAL X 36 -93.55 -85.00 2.10
C VAL X 36 -93.16 -86.34 1.50
N LYS X 37 -91.90 -86.73 1.72
CA LYS X 37 -91.35 -87.97 1.19
C LYS X 37 -90.95 -88.86 2.36
N VAL X 38 -91.62 -90.00 2.52
CA VAL X 38 -91.35 -90.86 3.66
C VAL X 38 -90.40 -92.00 3.26
N GLY X 39 -90.82 -92.84 2.33
CA GLY X 39 -89.94 -93.87 1.78
C GLY X 39 -90.53 -94.53 0.56
N ILE X 40 -89.75 -94.55 -0.54
CA ILE X 40 -90.12 -95.11 -1.83
C ILE X 40 -91.58 -94.85 -2.20
N ALA X 41 -92.14 -93.77 -1.66
CA ALA X 41 -93.53 -93.43 -1.85
C ALA X 41 -93.73 -92.01 -1.32
N GLU X 42 -94.43 -91.20 -2.11
CA GLU X 42 -94.56 -89.77 -1.82
C GLU X 42 -95.92 -89.54 -1.19
N LEU X 43 -95.94 -88.87 -0.04
CA LEU X 43 -97.18 -88.68 0.71
C LEU X 43 -97.52 -87.21 0.85
N ASN X 44 -98.83 -86.93 0.94
CA ASN X 44 -99.31 -85.59 1.20
C ASN X 44 -99.46 -85.36 2.70
N ASN X 45 -98.96 -84.24 3.17
CA ASN X 45 -99.01 -83.90 4.59
C ASN X 45 -99.71 -82.57 4.77
N VAL X 46 -100.60 -82.49 5.75
CA VAL X 46 -101.32 -81.27 6.08
C VAL X 46 -101.03 -80.93 7.53
N SER X 47 -100.95 -79.63 7.83
CA SER X 47 -100.67 -79.16 9.18
C SER X 47 -101.73 -78.12 9.53
N GLY X 48 -102.87 -78.58 10.02
CA GLY X 48 -103.93 -77.67 10.40
C GLY X 48 -103.64 -76.96 11.70
N GLN X 49 -103.88 -75.66 11.71
CA GLN X 49 -103.71 -74.83 12.89
C GLN X 49 -105.04 -74.21 13.26
N TYR X 50 -105.40 -74.27 14.54
CA TYR X 50 -106.68 -73.78 15.03
C TYR X 50 -106.45 -72.95 16.28
N VAL X 51 -106.74 -71.66 16.19
CA VAL X 51 -106.51 -70.73 17.29
C VAL X 51 -107.85 -70.15 17.71
N SER X 52 -108.22 -70.35 18.96
CA SER X 52 -109.42 -69.74 19.54
C SER X 52 -108.96 -68.71 20.56
N VAL X 53 -109.37 -67.46 20.36
CA VAL X 53 -108.90 -66.35 21.17
C VAL X 53 -110.08 -65.64 21.79
N TYR X 54 -109.99 -65.34 23.08
CA TYR X 54 -110.98 -64.56 23.78
C TYR X 54 -110.27 -63.54 24.66
N LYS X 55 -110.96 -62.44 24.94
CA LYS X 55 -110.47 -61.43 25.87
C LYS X 55 -111.38 -61.41 27.09
N ARG X 56 -110.80 -61.72 28.25
CA ARG X 56 -111.55 -61.76 29.49
C ARG X 56 -111.12 -60.61 30.40
N PRO X 57 -112.06 -59.89 31.00
CA PRO X 57 -111.69 -58.82 31.92
C PRO X 57 -111.02 -59.36 33.17
N ALA X 58 -110.60 -58.43 34.03
CA ALA X 58 -109.96 -58.78 35.28
C ALA X 58 -110.93 -59.60 36.14
N PRO X 59 -110.42 -60.26 37.18
CA PRO X 59 -111.29 -61.12 38.00
C PRO X 59 -112.49 -60.41 38.61
N LYS X 60 -112.40 -59.10 38.87
CA LYS X 60 -113.43 -58.39 39.61
C LYS X 60 -113.59 -59.07 40.95
N PRO X 61 -112.65 -58.86 41.87
CA PRO X 61 -112.49 -59.78 43.01
C PRO X 61 -113.70 -59.79 43.94
N GLU X 62 -114.78 -60.38 43.45
CA GLU X 62 -116.06 -60.51 44.16
C GLU X 62 -116.42 -59.10 44.61
N GLY X 63 -116.79 -58.88 45.86
CA GLY X 63 -117.09 -57.55 46.35
C GLY X 63 -118.10 -56.79 45.52
N CYS X 64 -117.71 -55.59 45.11
CA CYS X 64 -118.60 -54.70 44.37
C CYS X 64 -118.83 -55.20 42.96
N ALA X 65 -120.04 -54.98 42.46
CA ALA X 65 -120.35 -55.15 41.04
C ALA X 65 -120.46 -53.77 40.40
N ASP X 66 -119.31 -53.27 39.93
CA ASP X 66 -119.22 -51.90 39.45
C ASP X 66 -120.08 -51.71 38.20
N ALA X 67 -120.44 -50.46 37.90
CA ALA X 67 -121.35 -50.20 36.81
C ALA X 67 -120.63 -50.19 35.46
N CYS X 68 -119.79 -49.19 35.23
CA CYS X 68 -119.11 -49.05 33.94
C CYS X 68 -117.66 -48.58 34.08
N VAL X 69 -117.09 -48.66 35.27
CA VAL X 69 -115.64 -48.49 35.39
C VAL X 69 -114.98 -49.78 34.92
N ILE X 70 -114.55 -49.81 33.66
CA ILE X 70 -114.15 -51.03 32.98
C ILE X 70 -112.67 -51.28 33.28
N MET X 71 -112.39 -52.45 33.81
CA MET X 71 -111.05 -52.92 34.13
C MET X 71 -110.30 -53.30 32.86
N PRO X 72 -108.97 -53.34 32.90
CA PRO X 72 -108.22 -53.77 31.71
C PRO X 72 -108.54 -55.23 31.37
N ASN X 73 -108.49 -55.53 30.08
CA ASN X 73 -108.89 -56.82 29.57
C ASN X 73 -107.67 -57.64 29.17
N GLU X 74 -107.63 -58.88 29.64
CA GLU X 74 -106.52 -59.79 29.39
C GLU X 74 -106.91 -60.84 28.36
N ASN X 75 -105.93 -61.65 27.97
CA ASN X 75 -106.04 -62.51 26.80
C ASN X 75 -106.13 -63.98 27.20
N GLN X 76 -107.13 -64.66 26.65
CA GLN X 76 -107.26 -66.11 26.77
C GLN X 76 -107.18 -66.71 25.37
N SER X 77 -106.27 -67.67 25.18
CA SER X 77 -106.04 -68.23 23.87
C SER X 77 -105.87 -69.74 23.97
N ILE X 78 -106.19 -70.42 22.87
CA ILE X 78 -106.07 -71.87 22.77
C ILE X 78 -105.63 -72.18 21.34
N ARG X 79 -104.48 -72.81 21.19
CA ARG X 79 -103.95 -73.17 19.88
C ARG X 79 -103.87 -74.67 19.75
N THR X 80 -104.03 -75.17 18.53
CA THR X 80 -103.97 -76.60 18.26
C THR X 80 -103.38 -76.82 16.88
N VAL X 81 -102.47 -77.79 16.78
CA VAL X 81 -101.83 -78.11 15.52
C VAL X 81 -102.00 -79.61 15.27
N ILE X 82 -102.51 -79.97 14.10
CA ILE X 82 -102.70 -81.35 13.71
C ILE X 82 -101.86 -81.58 12.47
N SER X 83 -100.91 -82.51 12.55
CA SER X 83 -100.03 -82.82 11.43
C SER X 83 -100.05 -84.32 11.18
N GLY X 84 -100.26 -84.70 9.93
CA GLY X 84 -100.26 -86.10 9.57
C GLY X 84 -100.54 -86.25 8.10
N SER X 85 -100.33 -87.47 7.60
CA SER X 85 -100.59 -87.75 6.20
C SER X 85 -102.08 -87.70 5.93
N ALA X 86 -102.44 -87.19 4.75
CA ALA X 86 -103.85 -87.11 4.37
C ALA X 86 -104.44 -88.50 4.21
N GLU X 87 -103.59 -89.50 3.93
CA GLU X 87 -104.07 -90.85 3.73
C GLU X 87 -104.42 -91.56 5.04
N ASN X 88 -104.17 -90.93 6.18
CA ASN X 88 -104.33 -91.60 7.47
C ASN X 88 -105.35 -90.89 8.38
N LEU X 89 -106.28 -90.13 7.81
CA LEU X 89 -107.30 -89.51 8.65
C LEU X 89 -108.15 -90.55 9.36
N ALA X 90 -108.33 -91.71 8.76
CA ALA X 90 -109.11 -92.76 9.40
C ALA X 90 -108.54 -93.09 10.77
N THR X 91 -107.21 -93.11 10.88
CA THR X 91 -106.56 -93.34 12.16
C THR X 91 -106.13 -92.06 12.84
N LEU X 92 -105.93 -90.97 12.08
CA LEU X 92 -105.56 -89.71 12.71
C LEU X 92 -106.70 -89.16 13.55
N LYS X 93 -107.94 -89.33 13.10
CA LYS X 93 -109.08 -88.88 13.89
C LYS X 93 -109.12 -89.58 15.24
N ALA X 94 -108.77 -90.87 15.27
CA ALA X 94 -108.68 -91.58 16.54
C ALA X 94 -107.64 -90.94 17.44
N GLU X 95 -106.51 -90.50 16.87
CA GLU X 95 -105.51 -89.79 17.65
C GLU X 95 -106.08 -88.52 18.25
N TRP X 96 -106.84 -87.76 17.46
CA TRP X 96 -107.42 -86.52 17.96
C TRP X 96 -108.39 -86.80 19.09
N GLU X 97 -109.22 -87.83 18.95
CA GLU X 97 -110.16 -88.18 20.01
C GLU X 97 -109.42 -88.60 21.27
N THR X 98 -108.40 -89.45 21.12
CA THR X 98 -107.60 -89.85 22.28
C THR X 98 -106.90 -88.67 22.90
N HIS X 99 -106.34 -87.79 22.07
CA HIS X 99 -105.71 -86.58 22.58
C HIS X 99 -106.69 -85.72 23.35
N LYS X 100 -107.97 -85.76 22.97
CA LYS X 100 -108.97 -84.97 23.66
C LYS X 100 -109.14 -85.42 25.10
N ARG X 101 -109.33 -86.73 25.31
CA ARG X 101 -109.61 -87.20 26.66
C ARG X 101 -108.38 -87.10 27.55
N ASN X 102 -107.18 -87.20 26.98
CA ASN X 102 -105.97 -87.15 27.79
C ASN X 102 -105.84 -85.80 28.48
N VAL X 103 -105.93 -84.71 27.72
CA VAL X 103 -105.86 -83.40 28.35
C VAL X 103 -107.06 -83.15 29.24
N ASP X 104 -108.18 -83.81 28.96
CA ASP X 104 -109.35 -83.67 29.81
C ASP X 104 -109.04 -84.12 31.23
N THR X 105 -108.37 -85.26 31.37
CA THR X 105 -107.98 -85.72 32.70
C THR X 105 -106.98 -84.76 33.33
N LEU X 106 -105.99 -84.31 32.56
CA LEU X 106 -104.99 -83.39 33.09
C LEU X 106 -105.60 -82.04 33.41
N PHE X 107 -106.30 -81.45 32.44
CA PHE X 107 -106.73 -80.06 32.53
C PHE X 107 -108.15 -79.92 33.06
N ALA X 108 -109.12 -80.56 32.40
CA ALA X 108 -110.52 -80.41 32.82
C ALA X 108 -110.76 -81.07 34.16
N SER X 109 -110.54 -82.39 34.24
CA SER X 109 -110.77 -83.10 35.50
C SER X 109 -109.75 -82.69 36.54
N GLY X 110 -108.47 -82.68 36.19
CA GLY X 110 -107.42 -82.31 37.11
C GLY X 110 -107.27 -80.81 37.23
N ASN X 111 -106.24 -80.40 37.97
CA ASN X 111 -105.93 -79.00 38.17
C ASN X 111 -104.62 -78.60 37.50
N ALA X 112 -104.31 -79.20 36.35
CA ALA X 112 -103.09 -78.82 35.65
C ALA X 112 -103.14 -77.38 35.18
N GLY X 113 -104.33 -76.87 34.89
CA GLY X 113 -104.45 -75.48 34.46
C GLY X 113 -103.97 -74.51 35.51
N LEU X 114 -104.14 -74.85 36.78
CA LEU X 114 -103.65 -74.01 37.87
C LEU X 114 -102.13 -74.06 38.00
N GLY X 115 -101.47 -74.98 37.30
CA GLY X 115 -100.05 -75.16 37.42
C GLY X 115 -99.62 -76.42 38.12
N PHE X 116 -100.51 -77.39 38.27
CA PHE X 116 -100.25 -78.57 39.09
C PHE X 116 -100.18 -79.80 38.18
N LEU X 117 -98.97 -80.29 37.96
CA LEU X 117 -98.76 -81.48 37.16
C LEU X 117 -98.87 -82.72 38.04
N ASP X 118 -99.70 -83.68 37.62
CA ASP X 118 -99.99 -84.85 38.43
C ASP X 118 -99.35 -86.09 37.82
N PRO X 119 -98.25 -86.59 38.38
CA PRO X 119 -97.59 -87.76 37.79
C PRO X 119 -98.39 -89.04 37.89
N THR X 120 -99.42 -89.08 38.74
CA THR X 120 -100.20 -90.30 38.91
C THR X 120 -101.51 -90.28 38.14
N ALA X 121 -101.70 -89.32 37.24
CA ALA X 121 -102.93 -89.27 36.46
C ALA X 121 -103.02 -90.46 35.52
N ALA X 122 -104.24 -90.97 35.33
CA ALA X 122 -104.46 -92.11 34.46
C ALA X 122 -104.77 -91.64 33.05
N ILE X 123 -103.88 -91.93 32.11
CA ILE X 123 -104.05 -91.55 30.72
C ILE X 123 -103.84 -92.76 29.84
N VAL X 124 -104.49 -92.78 28.68
CA VAL X 124 -104.55 -93.96 27.83
C VAL X 124 -104.12 -93.60 26.42
N SER X 125 -103.72 -94.61 25.66
CA SER X 125 -103.25 -94.45 24.30
C SER X 125 -104.38 -94.61 23.29
N SER X 126 -104.07 -94.30 22.03
CA SER X 126 -105.01 -94.56 20.95
C SER X 126 -105.23 -96.04 20.76
N ASP X 127 -104.16 -96.84 20.85
CA ASP X 127 -104.29 -98.28 20.65
C ASP X 127 -105.07 -98.91 21.79
N THR X 128 -105.90 -99.88 21.44
CA THR X 128 -106.74 -100.58 22.40
C THR X 128 -106.36 -102.05 22.44
N THR X 129 -106.57 -102.68 23.59
CA THR X 129 -106.27 -104.10 23.76
C THR X 129 -107.09 -104.96 22.81
N ALA Y 1 -119.62 -93.33 -13.37
CA ALA Y 1 -119.09 -91.97 -13.41
C ALA Y 1 -117.65 -91.96 -12.94
N ASN Y 2 -117.12 -90.75 -12.69
CA ASN Y 2 -115.77 -90.59 -12.23
C ASN Y 2 -115.77 -89.70 -11.00
N LYS Y 3 -114.70 -89.80 -10.21
CA LYS Y 3 -114.61 -89.03 -8.98
C LYS Y 3 -114.43 -87.55 -9.32
N PRO Y 4 -115.23 -86.65 -8.73
CA PRO Y 4 -115.06 -85.23 -8.97
C PRO Y 4 -114.15 -84.57 -7.94
N MET Y 5 -113.48 -83.50 -8.39
CA MET Y 5 -112.62 -82.75 -7.49
C MET Y 5 -113.43 -81.73 -6.71
N GLN Y 6 -112.73 -80.97 -5.85
CA GLN Y 6 -113.23 -79.75 -5.27
C GLN Y 6 -112.08 -78.75 -5.26
N PRO Y 7 -112.36 -77.46 -5.44
CA PRO Y 7 -111.29 -76.48 -5.42
C PRO Y 7 -110.61 -76.44 -4.06
N ILE Y 8 -109.29 -76.23 -4.07
CA ILE Y 8 -108.50 -76.13 -2.86
C ILE Y 8 -107.76 -74.80 -2.77
N THR Y 9 -107.23 -74.32 -3.88
CA THR Y 9 -106.47 -73.08 -3.92
C THR Y 9 -107.13 -72.13 -4.90
N SER Y 10 -107.59 -70.98 -4.41
CA SER Y 10 -108.23 -69.98 -5.23
C SER Y 10 -107.44 -68.69 -5.17
N THR Y 11 -107.37 -68.00 -6.30
CA THR Y 11 -106.62 -66.75 -6.40
C THR Y 11 -107.36 -65.86 -7.39
N ALA Y 12 -106.86 -64.64 -7.57
CA ALA Y 12 -107.46 -63.73 -8.54
C ALA Y 12 -107.43 -64.31 -9.94
N ASN Y 13 -106.45 -65.15 -10.25
CA ASN Y 13 -106.26 -65.66 -11.60
C ASN Y 13 -106.21 -67.18 -11.67
N LYS Y 14 -105.76 -67.85 -10.62
CA LYS Y 14 -105.57 -69.30 -10.65
C LYS Y 14 -106.49 -69.99 -9.65
N ILE Y 15 -107.10 -71.07 -10.10
CA ILE Y 15 -107.93 -71.93 -9.25
C ILE Y 15 -107.49 -73.37 -9.47
N VAL Y 16 -107.33 -74.13 -8.39
CA VAL Y 16 -106.74 -75.46 -8.45
C VAL Y 16 -107.69 -76.46 -7.81
N TRP Y 17 -107.92 -77.58 -8.49
CA TRP Y 17 -108.72 -78.67 -7.98
C TRP Y 17 -107.81 -79.84 -7.61
N SER Y 18 -108.36 -80.79 -6.86
CA SER Y 18 -107.64 -82.02 -6.53
C SER Y 18 -108.62 -83.04 -5.99
N ASP Y 19 -108.32 -84.31 -6.23
CA ASP Y 19 -109.20 -85.39 -5.85
C ASP Y 19 -109.10 -85.62 -4.34
N PRO Y 20 -110.21 -85.55 -3.60
CA PRO Y 20 -110.12 -85.79 -2.15
C PRO Y 20 -109.56 -87.15 -1.79
N THR Y 21 -109.90 -88.19 -2.56
CA THR Y 21 -109.39 -89.51 -2.27
C THR Y 21 -108.01 -89.77 -2.85
N ARG Y 22 -107.51 -88.88 -3.70
CA ARG Y 22 -106.17 -89.04 -4.27
C ARG Y 22 -105.64 -87.64 -4.56
N LEU Y 23 -104.88 -87.09 -3.61
CA LEU Y 23 -104.43 -85.72 -3.75
C LEU Y 23 -103.31 -85.57 -4.77
N SER Y 24 -102.76 -86.68 -5.26
CA SER Y 24 -101.70 -86.59 -6.26
C SER Y 24 -102.20 -85.94 -7.54
N THR Y 25 -103.39 -86.34 -8.00
CA THR Y 25 -103.94 -85.79 -9.23
C THR Y 25 -104.57 -84.43 -8.98
N THR Y 26 -104.35 -83.49 -9.90
CA THR Y 26 -104.87 -82.15 -9.78
C THR Y 26 -105.31 -81.64 -11.14
N PHE Y 27 -105.97 -80.49 -11.13
CA PHE Y 27 -106.35 -79.78 -12.35
C PHE Y 27 -106.38 -78.30 -12.01
N SER Y 28 -105.65 -77.50 -12.78
CA SER Y 28 -105.50 -76.09 -12.50
C SER Y 28 -105.75 -75.27 -13.75
N ALA Y 29 -106.30 -74.07 -13.56
CA ALA Y 29 -106.55 -73.14 -14.65
C ALA Y 29 -106.10 -71.75 -14.21
N SER Y 30 -105.41 -71.04 -15.10
CA SER Y 30 -104.94 -69.70 -14.83
C SER Y 30 -105.26 -68.81 -16.02
N LEU Y 31 -105.62 -67.56 -15.74
CA LEU Y 31 -106.08 -66.63 -16.76
C LEU Y 31 -105.24 -65.36 -16.72
N LEU Y 32 -104.89 -64.86 -17.89
CA LEU Y 32 -104.21 -63.58 -18.03
C LEU Y 32 -104.95 -62.76 -19.06
N ARG Y 33 -105.34 -61.55 -18.70
CA ARG Y 33 -106.09 -60.66 -19.59
C ARG Y 33 -105.31 -59.39 -19.82
N GLN Y 34 -105.17 -58.99 -21.09
CA GLN Y 34 -104.36 -57.84 -21.48
C GLN Y 34 -105.22 -56.79 -22.18
N ARG Y 35 -104.58 -55.66 -22.45
CA ARG Y 35 -105.16 -54.54 -23.19
C ARG Y 35 -104.37 -54.43 -24.49
N VAL Y 36 -104.76 -55.23 -25.48
CA VAL Y 36 -104.00 -55.34 -26.72
C VAL Y 36 -104.49 -54.30 -27.71
N LYS Y 37 -103.55 -53.68 -28.41
CA LYS Y 37 -103.85 -52.71 -29.45
C LYS Y 37 -103.70 -53.34 -30.81
N VAL Y 38 -104.69 -53.15 -31.66
CA VAL Y 38 -104.56 -53.34 -33.10
C VAL Y 38 -104.88 -52.00 -33.75
N GLY Y 39 -104.92 -52.01 -35.07
CA GLY Y 39 -105.21 -50.79 -35.82
C GLY Y 39 -106.45 -50.07 -35.35
N ILE Y 40 -106.24 -48.85 -34.82
CA ILE Y 40 -107.27 -47.93 -34.34
C ILE Y 40 -108.45 -48.65 -33.69
N ALA Y 41 -108.18 -49.68 -32.90
CA ALA Y 41 -109.24 -50.50 -32.35
C ALA Y 41 -108.93 -50.88 -30.92
N GLU Y 42 -109.97 -51.01 -30.11
CA GLU Y 42 -109.87 -51.54 -28.75
C GLU Y 42 -110.16 -53.03 -28.79
N LEU Y 43 -109.18 -53.83 -28.40
CA LEU Y 43 -109.30 -55.27 -28.39
C LEU Y 43 -108.91 -55.79 -27.02
N ASN Y 44 -109.69 -56.75 -26.51
CA ASN Y 44 -109.45 -57.34 -25.20
C ASN Y 44 -109.00 -58.78 -25.36
N ASN Y 45 -107.79 -59.07 -24.86
CA ASN Y 45 -107.16 -60.36 -25.06
C ASN Y 45 -107.07 -61.10 -23.75
N VAL Y 46 -107.19 -62.43 -23.82
CA VAL Y 46 -107.08 -63.30 -22.66
C VAL Y 46 -106.31 -64.55 -23.05
N SER Y 47 -105.50 -65.07 -22.13
CA SER Y 47 -104.79 -66.32 -22.35
C SER Y 47 -105.08 -67.25 -21.19
N GLY Y 48 -105.62 -68.43 -21.49
CA GLY Y 48 -105.98 -69.37 -20.45
C GLY Y 48 -105.12 -70.61 -20.44
N GLN Y 49 -104.46 -70.87 -19.32
CA GLN Y 49 -103.57 -72.02 -19.17
C GLN Y 49 -104.26 -73.08 -18.34
N TYR Y 50 -104.32 -74.30 -18.87
CA TYR Y 50 -105.00 -75.41 -18.23
C TYR Y 50 -104.03 -76.57 -18.11
N VAL Y 51 -103.89 -77.10 -16.90
CA VAL Y 51 -102.91 -78.14 -16.61
C VAL Y 51 -103.61 -79.29 -15.93
N SER Y 52 -103.38 -80.51 -16.41
CA SER Y 52 -103.86 -81.73 -15.77
C SER Y 52 -102.65 -82.59 -15.45
N VAL Y 53 -102.53 -83.01 -14.19
CA VAL Y 53 -101.37 -83.74 -13.71
C VAL Y 53 -101.85 -84.98 -12.96
N TYR Y 54 -101.19 -86.10 -13.20
CA TYR Y 54 -101.53 -87.35 -12.52
C TYR Y 54 -100.25 -88.12 -12.23
N LYS Y 55 -100.07 -88.52 -10.98
CA LYS Y 55 -98.99 -89.42 -10.60
C LYS Y 55 -99.46 -90.85 -10.83
N ARG Y 56 -98.71 -91.61 -11.62
CA ARG Y 56 -99.14 -92.96 -11.93
C ARG Y 56 -98.00 -93.95 -11.72
N PRO Y 57 -98.26 -95.07 -11.07
CA PRO Y 57 -97.21 -96.08 -10.88
C PRO Y 57 -96.77 -96.68 -12.20
N ALA Y 58 -95.51 -97.14 -12.20
CA ALA Y 58 -94.95 -97.81 -13.35
C ALA Y 58 -95.71 -99.09 -13.63
N PRO Y 59 -95.72 -99.56 -14.87
CA PRO Y 59 -96.52 -100.75 -15.21
C PRO Y 59 -96.03 -101.97 -14.45
N LYS Y 60 -96.97 -102.82 -14.05
CA LYS Y 60 -96.63 -104.04 -13.35
C LYS Y 60 -95.90 -104.99 -14.31
N PRO Y 61 -94.98 -105.80 -13.80
CA PRO Y 61 -94.25 -106.72 -14.67
C PRO Y 61 -95.18 -107.62 -15.44
N GLU Y 62 -94.80 -107.92 -16.68
CA GLU Y 62 -95.71 -108.57 -17.63
C GLU Y 62 -96.20 -109.90 -17.10
N GLY Y 63 -97.50 -110.13 -17.26
CA GLY Y 63 -98.12 -111.40 -16.94
C GLY Y 63 -97.99 -111.82 -15.50
N CYS Y 64 -98.01 -110.87 -14.56
CA CYS Y 64 -98.02 -111.22 -13.15
C CYS Y 64 -98.65 -110.07 -12.38
N ALA Y 65 -99.62 -110.39 -11.52
CA ALA Y 65 -100.28 -109.39 -10.69
C ALA Y 65 -100.49 -109.99 -9.30
N ASP Y 66 -99.50 -109.78 -8.43
CA ASP Y 66 -99.67 -110.14 -7.03
C ASP Y 66 -100.25 -108.97 -6.26
N ALA Y 67 -100.49 -109.21 -4.96
CA ALA Y 67 -101.25 -108.27 -4.14
C ALA Y 67 -100.65 -106.88 -4.12
N CYS Y 68 -99.33 -106.76 -3.93
CA CYS Y 68 -98.71 -105.45 -3.84
C CYS Y 68 -97.22 -105.54 -4.12
N VAL Y 69 -96.79 -104.86 -5.19
CA VAL Y 69 -95.39 -104.61 -5.46
C VAL Y 69 -95.16 -103.11 -5.49
N ILE Y 70 -96.14 -102.38 -6.01
CA ILE Y 70 -96.18 -100.92 -6.16
C ILE Y 70 -94.82 -100.32 -6.54
N MET Y 71 -94.58 -100.16 -7.83
CA MET Y 71 -93.41 -99.46 -8.33
C MET Y 71 -93.61 -97.96 -8.21
N PRO Y 72 -92.52 -97.18 -8.23
CA PRO Y 72 -92.65 -95.73 -8.05
C PRO Y 72 -93.49 -95.07 -9.14
N ASN Y 73 -93.97 -93.87 -8.86
CA ASN Y 73 -94.88 -93.16 -9.74
C ASN Y 73 -94.09 -92.32 -10.74
N GLU Y 74 -94.82 -91.81 -11.73
CA GLU Y 74 -94.24 -90.98 -12.78
C GLU Y 74 -95.29 -90.02 -13.31
N ASN Y 75 -94.81 -88.93 -13.90
CA ASN Y 75 -95.67 -87.81 -14.27
C ASN Y 75 -96.43 -88.08 -15.56
N GLN Y 76 -97.71 -87.73 -15.56
CA GLN Y 76 -98.52 -87.70 -16.78
C GLN Y 76 -99.22 -86.35 -16.83
N SER Y 77 -98.62 -85.39 -17.53
CA SER Y 77 -99.10 -84.02 -17.54
C SER Y 77 -99.64 -83.67 -18.92
N ILE Y 78 -100.71 -82.90 -18.94
CA ILE Y 78 -101.31 -82.40 -20.17
C ILE Y 78 -101.54 -80.90 -19.97
N ARG Y 79 -100.85 -80.08 -20.75
CA ARG Y 79 -100.94 -78.63 -20.63
C ARG Y 79 -101.47 -78.05 -21.93
N THR Y 80 -102.45 -77.17 -21.84
CA THR Y 80 -102.97 -76.45 -22.99
C THR Y 80 -103.11 -74.98 -22.63
N VAL Y 81 -102.76 -74.10 -23.57
CA VAL Y 81 -102.95 -72.67 -23.42
C VAL Y 81 -103.83 -72.18 -24.56
N ILE Y 82 -104.86 -71.41 -24.23
CA ILE Y 82 -105.79 -70.87 -25.20
C ILE Y 82 -105.59 -69.37 -25.23
N SER Y 83 -105.16 -68.84 -26.37
CA SER Y 83 -104.90 -67.42 -26.52
C SER Y 83 -105.84 -66.85 -27.58
N GLY Y 84 -106.49 -65.74 -27.25
CA GLY Y 84 -107.40 -65.11 -28.18
C GLY Y 84 -108.13 -63.98 -27.50
N SER Y 85 -108.95 -63.29 -28.30
CA SER Y 85 -109.71 -62.14 -27.83
C SER Y 85 -111.14 -62.56 -27.55
N ALA Y 86 -111.71 -62.01 -26.48
CA ALA Y 86 -113.09 -62.33 -26.13
C ALA Y 86 -114.08 -61.83 -27.17
N GLU Y 87 -113.70 -60.83 -27.96
CA GLU Y 87 -114.61 -60.29 -28.96
C GLU Y 87 -114.96 -61.33 -30.01
N ASN Y 88 -113.98 -62.12 -30.45
CA ASN Y 88 -114.21 -63.19 -31.41
C ASN Y 88 -114.08 -64.56 -30.76
N LEU Y 89 -114.62 -64.70 -29.54
CA LEU Y 89 -114.59 -65.99 -28.86
C LEU Y 89 -115.35 -67.05 -29.64
N ALA Y 90 -116.45 -66.68 -30.29
CA ALA Y 90 -117.32 -67.68 -30.93
C ALA Y 90 -116.56 -68.50 -31.95
N THR Y 91 -115.73 -67.84 -32.77
CA THR Y 91 -114.90 -68.59 -33.71
C THR Y 91 -113.81 -69.36 -33.00
N LEU Y 92 -113.24 -68.79 -31.93
CA LEU Y 92 -112.22 -69.51 -31.17
C LEU Y 92 -112.80 -70.77 -30.55
N LYS Y 93 -114.09 -70.76 -30.25
CA LYS Y 93 -114.75 -71.96 -29.74
C LYS Y 93 -114.65 -73.09 -30.75
N ALA Y 94 -114.90 -72.79 -32.03
CA ALA Y 94 -114.80 -73.81 -33.06
C ALA Y 94 -113.35 -74.23 -33.28
N GLU Y 95 -112.42 -73.27 -33.18
CA GLU Y 95 -111.01 -73.58 -33.40
C GLU Y 95 -110.51 -74.60 -32.39
N TRP Y 96 -110.91 -74.45 -31.14
CA TRP Y 96 -110.58 -75.44 -30.12
C TRP Y 96 -111.20 -76.79 -30.48
N GLU Y 97 -112.44 -76.78 -30.98
CA GLU Y 97 -113.10 -78.02 -31.34
C GLU Y 97 -112.33 -78.74 -32.44
N THR Y 98 -111.90 -78.00 -33.47
CA THR Y 98 -111.11 -78.61 -34.52
C THR Y 98 -109.77 -79.09 -33.99
N HIS Y 99 -109.13 -78.28 -33.13
CA HIS Y 99 -107.85 -78.68 -32.55
C HIS Y 99 -107.98 -79.99 -31.79
N LYS Y 100 -109.11 -80.18 -31.08
CA LYS Y 100 -109.36 -81.46 -30.42
C LYS Y 100 -109.39 -82.60 -31.42
N ARG Y 101 -110.21 -82.44 -32.47
CA ARG Y 101 -110.33 -83.50 -33.48
C ARG Y 101 -109.00 -83.73 -34.19
N ASN Y 102 -108.25 -82.65 -34.41
CA ASN Y 102 -107.03 -82.76 -35.18
C ASN Y 102 -105.98 -83.60 -34.46
N VAL Y 103 -105.75 -83.32 -33.18
CA VAL Y 103 -104.75 -84.08 -32.43
C VAL Y 103 -105.23 -85.51 -32.20
N ASP Y 104 -106.52 -85.70 -31.99
CA ASP Y 104 -107.04 -87.04 -31.76
C ASP Y 104 -106.72 -87.95 -32.94
N THR Y 105 -106.84 -87.42 -34.16
CA THR Y 105 -106.42 -88.18 -35.33
C THR Y 105 -104.93 -88.49 -35.28
N LEU Y 106 -104.12 -87.49 -34.93
CA LEU Y 106 -102.68 -87.67 -35.00
C LEU Y 106 -102.15 -88.46 -33.81
N PHE Y 107 -102.73 -88.27 -32.63
CA PHE Y 107 -102.21 -88.87 -31.40
C PHE Y 107 -103.06 -90.03 -30.90
N ALA Y 108 -104.36 -89.81 -30.70
CA ALA Y 108 -105.20 -90.84 -30.10
C ALA Y 108 -105.36 -92.03 -31.04
N SER Y 109 -105.97 -91.81 -32.21
CA SER Y 109 -106.13 -92.90 -33.16
C SER Y 109 -104.78 -93.37 -33.68
N GLY Y 110 -103.87 -92.44 -33.96
CA GLY Y 110 -102.55 -92.79 -34.45
C GLY Y 110 -101.67 -93.36 -33.36
N ASN Y 111 -100.36 -93.27 -33.58
CA ASN Y 111 -99.39 -93.78 -32.63
C ASN Y 111 -98.30 -92.75 -32.34
N ALA Y 112 -98.67 -91.46 -32.34
CA ALA Y 112 -97.71 -90.42 -32.00
C ALA Y 112 -97.29 -90.49 -30.55
N GLY Y 113 -98.10 -91.13 -29.69
CA GLY Y 113 -97.70 -91.27 -28.30
C GLY Y 113 -96.44 -92.08 -28.13
N LEU Y 114 -96.28 -93.14 -28.94
CA LEU Y 114 -95.06 -93.92 -28.90
C LEU Y 114 -93.86 -93.13 -29.39
N GLY Y 115 -94.08 -92.04 -30.11
CA GLY Y 115 -92.99 -91.26 -30.66
C GLY Y 115 -92.93 -91.34 -32.16
N PHE Y 116 -94.04 -91.70 -32.79
CA PHE Y 116 -94.08 -91.98 -34.21
C PHE Y 116 -94.82 -90.85 -34.92
N LEU Y 117 -94.16 -90.24 -35.91
CA LEU Y 117 -94.82 -89.23 -36.71
C LEU Y 117 -95.33 -89.85 -38.02
N ASP Y 118 -96.25 -89.14 -38.65
CA ASP Y 118 -96.89 -89.62 -39.88
C ASP Y 118 -97.28 -88.41 -40.72
N PRO Y 119 -96.52 -88.13 -41.79
CA PRO Y 119 -96.89 -87.01 -42.67
C PRO Y 119 -98.20 -87.25 -43.41
N THR Y 120 -98.69 -88.47 -43.46
CA THR Y 120 -99.88 -88.82 -44.22
C THR Y 120 -101.15 -88.78 -43.39
N ALA Y 121 -101.09 -88.29 -42.15
CA ALA Y 121 -102.28 -88.23 -41.32
C ALA Y 121 -103.30 -87.26 -41.89
N ALA Y 122 -104.58 -87.55 -41.63
CA ALA Y 122 -105.68 -86.72 -42.12
C ALA Y 122 -105.82 -85.50 -41.22
N ILE Y 123 -105.26 -84.38 -41.65
CA ILE Y 123 -105.28 -83.15 -40.89
C ILE Y 123 -106.36 -82.24 -41.47
N VAL Y 124 -107.20 -81.70 -40.60
CA VAL Y 124 -108.45 -81.07 -41.00
C VAL Y 124 -108.48 -79.64 -40.49
N SER Y 125 -108.93 -78.71 -41.35
CA SER Y 125 -108.98 -77.30 -40.99
C SER Y 125 -110.21 -76.99 -40.13
N SER Y 126 -110.15 -75.82 -39.49
CA SER Y 126 -111.28 -75.36 -38.69
C SER Y 126 -112.43 -74.91 -39.57
N ASP Y 127 -112.14 -74.12 -40.60
CA ASP Y 127 -113.19 -73.60 -41.47
C ASP Y 127 -113.80 -74.71 -42.31
N THR Y 128 -115.03 -74.50 -42.74
CA THR Y 128 -115.78 -75.47 -43.51
C THR Y 128 -115.81 -75.07 -44.98
N THR Y 129 -116.16 -76.03 -45.83
CA THR Y 129 -116.23 -75.79 -47.26
C THR Y 129 -117.37 -74.84 -47.61
N ALA Z 1 -134.91 -58.32 -16.91
CA ALA Z 1 -134.09 -58.16 -15.72
C ALA Z 1 -132.72 -57.56 -16.08
N ASN Z 2 -131.82 -57.55 -15.10
CA ASN Z 2 -130.50 -56.96 -15.28
C ASN Z 2 -129.46 -58.07 -15.40
N LYS Z 3 -128.48 -57.88 -16.27
CA LYS Z 3 -127.43 -58.86 -16.44
C LYS Z 3 -126.57 -58.91 -15.19
N PRO Z 4 -126.41 -60.08 -14.56
CA PRO Z 4 -125.54 -60.16 -13.39
C PRO Z 4 -124.08 -60.28 -13.79
N MET Z 5 -123.20 -59.69 -12.99
CA MET Z 5 -121.78 -59.84 -13.21
C MET Z 5 -121.28 -61.11 -12.54
N GLN Z 6 -119.98 -61.35 -12.64
CA GLN Z 6 -119.32 -62.42 -11.93
C GLN Z 6 -117.97 -61.92 -11.43
N PRO Z 7 -117.49 -62.44 -10.31
CA PRO Z 7 -116.24 -61.92 -9.74
C PRO Z 7 -115.05 -62.14 -10.66
N ILE Z 8 -114.15 -61.17 -10.69
CA ILE Z 8 -112.97 -61.25 -11.52
C ILE Z 8 -111.68 -61.34 -10.71
N THR Z 9 -111.63 -60.71 -9.53
CA THR Z 9 -110.41 -60.71 -8.73
C THR Z 9 -110.83 -60.93 -7.28
N SER Z 10 -110.78 -62.19 -6.84
CA SER Z 10 -111.16 -62.55 -5.49
C SER Z 10 -109.95 -62.40 -4.58
N THR Z 11 -110.11 -61.59 -3.54
CA THR Z 11 -109.02 -61.32 -2.61
C THR Z 11 -109.64 -61.08 -1.23
N ALA Z 12 -108.81 -61.23 -0.20
CA ALA Z 12 -109.29 -61.05 1.17
C ALA Z 12 -109.75 -59.64 1.44
N ASN Z 13 -109.41 -58.68 0.59
CA ASN Z 13 -109.74 -57.29 0.83
C ASN Z 13 -110.43 -56.59 -0.34
N LYS Z 14 -110.53 -57.22 -1.50
CA LYS Z 14 -111.17 -56.56 -2.62
C LYS Z 14 -111.69 -57.60 -3.61
N ILE Z 15 -112.91 -57.42 -4.07
CA ILE Z 15 -113.50 -58.26 -5.10
C ILE Z 15 -114.08 -57.35 -6.18
N VAL Z 16 -113.79 -57.65 -7.44
CA VAL Z 16 -114.31 -56.90 -8.57
C VAL Z 16 -115.16 -57.81 -9.43
N TRP Z 17 -116.28 -57.28 -9.90
CA TRP Z 17 -117.18 -58.01 -10.78
C TRP Z 17 -117.19 -57.35 -12.15
N SER Z 18 -117.38 -58.16 -13.20
CA SER Z 18 -117.47 -57.65 -14.56
C SER Z 18 -118.55 -58.41 -15.30
N ASP Z 19 -119.16 -57.73 -16.27
CA ASP Z 19 -120.27 -58.30 -17.03
C ASP Z 19 -119.74 -59.12 -18.19
N PRO Z 20 -120.18 -60.38 -18.34
CA PRO Z 20 -119.67 -61.18 -19.46
C PRO Z 20 -119.92 -60.59 -20.83
N THR Z 21 -121.09 -59.98 -21.04
CA THR Z 21 -121.39 -59.41 -22.35
C THR Z 21 -120.55 -58.16 -22.61
N ARG Z 22 -120.45 -57.29 -21.62
CA ARG Z 22 -119.68 -56.05 -21.75
C ARG Z 22 -118.65 -56.02 -20.61
N LEU Z 23 -117.39 -56.26 -20.96
CA LEU Z 23 -116.36 -56.34 -19.94
C LEU Z 23 -115.93 -54.97 -19.44
N SER Z 24 -116.35 -53.89 -20.09
CA SER Z 24 -115.95 -52.56 -19.66
C SER Z 24 -116.55 -52.21 -18.30
N THR Z 25 -117.85 -52.49 -18.12
CA THR Z 25 -118.50 -52.16 -16.87
C THR Z 25 -118.01 -53.05 -15.74
N THR Z 26 -117.83 -52.45 -14.56
CA THR Z 26 -117.31 -53.15 -13.40
C THR Z 26 -117.98 -52.65 -12.14
N PHE Z 27 -117.87 -53.43 -11.08
CA PHE Z 27 -118.31 -53.02 -9.74
C PHE Z 27 -117.32 -53.60 -8.74
N SER Z 28 -116.57 -52.73 -8.06
CA SER Z 28 -115.52 -53.16 -7.15
C SER Z 28 -115.87 -52.77 -5.73
N ALA Z 29 -115.59 -53.68 -4.80
CA ALA Z 29 -115.81 -53.44 -3.38
C ALA Z 29 -114.53 -53.76 -2.62
N SER Z 30 -114.14 -52.86 -1.73
CA SER Z 30 -112.94 -53.03 -0.93
C SER Z 30 -113.22 -52.68 0.52
N LEU Z 31 -112.59 -53.42 1.42
CA LEU Z 31 -112.76 -53.22 2.86
C LEU Z 31 -111.41 -52.95 3.49
N LEU Z 32 -111.41 -52.09 4.50
CA LEU Z 32 -110.22 -51.80 5.30
C LEU Z 32 -110.65 -51.86 6.76
N ARG Z 33 -110.60 -53.06 7.35
CA ARG Z 33 -110.98 -53.26 8.73
C ARG Z 33 -109.85 -52.79 9.63
N GLN Z 34 -110.19 -51.99 10.64
CA GLN Z 34 -109.19 -51.35 11.48
C GLN Z 34 -109.70 -51.32 12.92
N ARG Z 35 -108.74 -51.29 13.85
CA ARG Z 35 -109.02 -51.19 15.27
C ARG Z 35 -108.66 -49.79 15.74
N VAL Z 36 -109.58 -49.14 16.46
CA VAL Z 36 -109.36 -47.79 16.96
C VAL Z 36 -109.69 -47.75 18.44
N LYS Z 37 -108.84 -47.08 19.21
CA LYS Z 37 -109.03 -46.91 20.65
C LYS Z 37 -109.57 -45.51 20.88
N VAL Z 38 -110.89 -45.39 21.07
CA VAL Z 38 -111.50 -44.07 21.12
C VAL Z 38 -112.24 -43.84 22.45
N GLY Z 39 -113.21 -44.69 22.78
CA GLY Z 39 -113.99 -44.49 23.99
C GLY Z 39 -113.42 -45.26 25.15
N ILE Z 40 -112.17 -44.96 25.52
CA ILE Z 40 -111.33 -45.73 26.44
C ILE Z 40 -111.58 -47.22 26.22
N ALA Z 41 -111.88 -47.60 24.98
CA ALA Z 41 -112.21 -48.96 24.61
C ALA Z 41 -111.88 -49.13 23.14
N GLU Z 42 -111.77 -50.40 22.72
CA GLU Z 42 -111.41 -50.72 21.35
C GLU Z 42 -112.67 -50.82 20.50
N LEU Z 43 -112.67 -50.09 19.38
CA LEU Z 43 -113.77 -50.11 18.44
C LEU Z 43 -113.26 -50.58 17.08
N ASN Z 44 -114.04 -51.42 16.41
CA ASN Z 44 -113.68 -51.95 15.11
C ASN Z 44 -114.47 -51.22 14.03
N ASN Z 45 -113.78 -50.44 13.21
CA ASN Z 45 -114.41 -49.76 12.09
C ASN Z 45 -113.97 -50.39 10.78
N VAL Z 46 -114.77 -50.19 9.73
CA VAL Z 46 -114.49 -50.72 8.42
C VAL Z 46 -114.72 -49.61 7.40
N SER Z 47 -113.75 -49.42 6.51
CA SER Z 47 -113.86 -48.42 5.45
C SER Z 47 -114.26 -49.13 4.15
N GLY Z 48 -115.54 -49.49 4.07
CA GLY Z 48 -116.05 -50.15 2.89
C GLY Z 48 -116.15 -49.23 1.70
N GLN Z 49 -115.29 -49.43 0.71
CA GLN Z 49 -115.26 -48.61 -0.49
C GLN Z 49 -115.89 -49.36 -1.65
N TYR Z 50 -116.81 -48.72 -2.35
CA TYR Z 50 -117.55 -49.33 -3.45
C TYR Z 50 -117.52 -48.40 -4.65
N VAL Z 51 -117.11 -48.92 -5.80
CA VAL Z 51 -117.05 -48.15 -7.03
C VAL Z 51 -117.77 -48.93 -8.13
N SER Z 52 -118.46 -48.22 -9.00
CA SER Z 52 -119.07 -48.79 -10.20
C SER Z 52 -118.69 -47.91 -11.38
N VAL Z 53 -118.19 -48.54 -12.45
CA VAL Z 53 -117.63 -47.84 -13.59
C VAL Z 53 -118.30 -48.31 -14.86
N TYR Z 54 -118.63 -47.37 -15.74
CA TYR Z 54 -119.23 -47.69 -17.03
C TYR Z 54 -118.56 -46.86 -18.12
N LYS Z 55 -118.24 -47.51 -19.24
CA LYS Z 55 -117.63 -46.86 -20.39
C LYS Z 55 -118.73 -46.52 -21.40
N ARG Z 56 -119.53 -45.50 -21.08
CA ARG Z 56 -120.64 -45.15 -21.95
C ARG Z 56 -120.14 -44.34 -23.14
N PRO Z 57 -120.48 -44.73 -24.36
CA PRO Z 57 -120.10 -43.93 -25.52
C PRO Z 57 -120.78 -42.57 -25.51
N ALA Z 58 -120.13 -41.61 -26.16
CA ALA Z 58 -120.57 -40.22 -26.23
C ALA Z 58 -121.97 -40.12 -26.80
N PRO Z 59 -122.68 -38.99 -26.60
CA PRO Z 59 -124.08 -38.90 -27.03
C PRO Z 59 -124.29 -39.06 -28.52
N LYS Z 60 -123.20 -39.00 -29.30
CA LYS Z 60 -123.21 -39.28 -30.74
C LYS Z 60 -123.81 -38.10 -31.50
N PRO Z 61 -123.18 -37.64 -32.59
CA PRO Z 61 -123.63 -36.41 -33.26
C PRO Z 61 -125.09 -36.45 -33.68
N GLU Z 62 -125.78 -35.33 -33.50
CA GLU Z 62 -127.21 -35.24 -33.78
C GLU Z 62 -127.51 -35.53 -35.25
N GLY Z 63 -128.55 -36.32 -35.49
CA GLY Z 63 -128.97 -36.63 -36.84
C GLY Z 63 -127.89 -37.31 -37.66
N CYS Z 64 -127.19 -38.27 -37.05
CA CYS Z 64 -126.12 -38.96 -37.75
C CYS Z 64 -126.26 -40.46 -37.57
N ALA Z 65 -127.48 -40.99 -37.73
CA ALA Z 65 -127.62 -42.44 -37.69
C ALA Z 65 -127.09 -43.02 -38.99
N ASP Z 66 -125.76 -43.07 -39.12
CA ASP Z 66 -125.17 -43.54 -40.36
C ASP Z 66 -125.05 -45.06 -40.42
N ALA Z 67 -124.17 -45.63 -39.59
CA ALA Z 67 -123.81 -47.04 -39.65
C ALA Z 67 -122.58 -47.29 -38.79
N CYS Z 68 -121.52 -46.55 -39.15
CA CYS Z 68 -120.13 -46.92 -38.92
C CYS Z 68 -119.40 -45.85 -38.13
N VAL Z 69 -120.14 -44.87 -37.60
CA VAL Z 69 -119.53 -43.86 -36.75
C VAL Z 69 -119.55 -44.35 -35.31
N ILE Z 70 -118.36 -44.61 -34.77
CA ILE Z 70 -118.20 -45.08 -33.40
C ILE Z 70 -117.29 -44.09 -32.70
N MET Z 71 -117.86 -43.27 -31.84
CA MET Z 71 -117.12 -42.25 -31.12
C MET Z 71 -116.70 -42.77 -29.75
N PRO Z 72 -115.61 -42.24 -29.19
CA PRO Z 72 -115.05 -42.81 -27.97
C PRO Z 72 -115.99 -42.69 -26.79
N ASN Z 73 -115.87 -43.65 -25.87
CA ASN Z 73 -116.66 -43.66 -24.66
C ASN Z 73 -116.08 -42.68 -23.64
N GLU Z 74 -116.90 -42.34 -22.65
CA GLU Z 74 -116.54 -41.38 -21.62
C GLU Z 74 -116.68 -42.05 -20.26
N ASN Z 75 -115.82 -41.64 -19.33
CA ASN Z 75 -115.78 -42.21 -18.01
C ASN Z 75 -117.00 -41.80 -17.20
N GLN Z 76 -117.83 -42.78 -16.87
CA GLN Z 76 -119.06 -42.55 -16.11
C GLN Z 76 -118.93 -43.35 -14.83
N SER Z 77 -118.32 -42.75 -13.81
CA SER Z 77 -117.91 -43.47 -12.61
C SER Z 77 -118.73 -42.99 -11.41
N ILE Z 78 -119.06 -43.93 -10.53
CA ILE Z 78 -119.76 -43.65 -9.29
C ILE Z 78 -119.03 -44.40 -8.17
N ARG Z 79 -118.74 -43.70 -7.08
CA ARG Z 79 -117.95 -44.24 -5.98
C ARG Z 79 -118.61 -43.90 -4.66
N THR Z 80 -118.60 -44.87 -3.74
CA THR Z 80 -119.16 -44.68 -2.41
C THR Z 80 -118.28 -45.40 -1.41
N VAL Z 81 -117.92 -44.73 -0.33
CA VAL Z 81 -117.14 -45.32 0.75
C VAL Z 81 -117.87 -45.09 2.07
N ILE Z 82 -117.98 -46.14 2.87
CA ILE Z 82 -118.68 -46.10 4.14
C ILE Z 82 -117.69 -46.42 5.25
N SER Z 83 -117.59 -45.53 6.21
CA SER Z 83 -116.68 -45.70 7.34
C SER Z 83 -117.46 -45.58 8.64
N GLY Z 84 -117.26 -46.55 9.54
CA GLY Z 84 -117.94 -46.52 10.82
C GLY Z 84 -117.68 -47.76 11.64
N SER Z 85 -117.89 -47.66 12.95
CA SER Z 85 -117.61 -48.78 13.84
C SER Z 85 -118.57 -49.93 13.55
N ALA Z 86 -118.02 -51.14 13.50
CA ALA Z 86 -118.83 -52.32 13.30
C ALA Z 86 -119.75 -52.59 14.49
N GLU Z 87 -119.43 -52.03 15.65
CA GLU Z 87 -120.27 -52.24 16.83
C GLU Z 87 -121.59 -51.49 16.72
N ASN Z 88 -121.72 -50.56 15.79
CA ASN Z 88 -122.93 -49.78 15.61
C ASN Z 88 -123.45 -49.85 14.18
N LEU Z 89 -123.31 -51.01 13.53
CA LEU Z 89 -123.73 -51.11 12.13
C LEU Z 89 -125.25 -50.99 12.00
N ALA Z 90 -125.98 -51.46 13.02
CA ALA Z 90 -127.44 -51.42 12.94
C ALA Z 90 -127.95 -50.00 12.82
N THR Z 91 -127.41 -49.10 13.64
CA THR Z 91 -127.76 -47.69 13.50
C THR Z 91 -127.04 -47.05 12.33
N LEU Z 92 -125.90 -47.60 11.92
CA LEU Z 92 -125.20 -47.05 10.77
C LEU Z 92 -125.98 -47.28 9.48
N LYS Z 93 -126.66 -48.42 9.37
CA LYS Z 93 -127.45 -48.67 8.18
C LYS Z 93 -128.55 -47.63 8.02
N ALA Z 94 -129.08 -47.12 9.14
CA ALA Z 94 -130.05 -46.05 9.07
C ALA Z 94 -129.45 -44.80 8.43
N GLU Z 95 -128.18 -44.51 8.74
CA GLU Z 95 -127.49 -43.41 8.09
C GLU Z 95 -127.43 -43.62 6.59
N TRP Z 96 -127.12 -44.84 6.16
CA TRP Z 96 -127.07 -45.14 4.74
C TRP Z 96 -128.44 -44.96 4.09
N GLU Z 97 -129.49 -45.38 4.78
CA GLU Z 97 -130.84 -45.16 4.27
C GLU Z 97 -131.13 -43.66 4.13
N THR Z 98 -130.76 -42.88 5.14
CA THR Z 98 -130.94 -41.43 5.05
C THR Z 98 -130.08 -40.85 3.94
N HIS Z 99 -128.84 -41.35 3.79
CA HIS Z 99 -127.96 -40.84 2.76
C HIS Z 99 -128.55 -41.04 1.37
N LYS Z 100 -129.15 -42.20 1.13
CA LYS Z 100 -129.71 -42.48 -0.18
C LYS Z 100 -130.79 -41.48 -0.56
N ARG Z 101 -131.76 -41.26 0.34
CA ARG Z 101 -132.85 -40.35 0.02
C ARG Z 101 -132.36 -38.90 -0.02
N ASN Z 102 -131.37 -38.56 0.81
CA ASN Z 102 -130.83 -37.21 0.79
C ASN Z 102 -130.16 -36.91 -0.55
N VAL Z 103 -129.42 -37.87 -1.08
CA VAL Z 103 -128.81 -37.67 -2.40
C VAL Z 103 -129.89 -37.64 -3.47
N ASP Z 104 -130.91 -38.48 -3.33
CA ASP Z 104 -131.96 -38.55 -4.35
C ASP Z 104 -132.68 -37.22 -4.51
N THR Z 105 -132.99 -36.55 -3.39
CA THR Z 105 -133.69 -35.28 -3.47
C THR Z 105 -132.85 -34.19 -4.10
N LEU Z 106 -131.54 -34.40 -4.21
CA LEU Z 106 -130.67 -33.46 -4.90
C LEU Z 106 -130.30 -33.92 -6.30
N PHE Z 107 -129.91 -35.18 -6.46
CA PHE Z 107 -129.41 -35.68 -7.74
C PHE Z 107 -130.48 -36.41 -8.54
N ALA Z 108 -131.08 -37.45 -7.96
CA ALA Z 108 -132.02 -38.27 -8.70
C ALA Z 108 -133.27 -37.48 -9.07
N SER Z 109 -133.90 -36.84 -8.09
CA SER Z 109 -135.10 -36.06 -8.33
C SER Z 109 -134.81 -34.58 -8.52
N GLY Z 110 -133.67 -34.10 -8.05
CA GLY Z 110 -133.32 -32.70 -8.14
C GLY Z 110 -132.51 -32.38 -9.38
N ASN Z 111 -132.03 -31.15 -9.42
CA ASN Z 111 -131.28 -30.62 -10.54
C ASN Z 111 -129.77 -30.70 -10.34
N ALA Z 112 -129.30 -31.22 -9.20
CA ALA Z 112 -127.89 -31.15 -8.88
C ALA Z 112 -127.03 -31.87 -9.90
N GLY Z 113 -127.62 -32.76 -10.69
CA GLY Z 113 -126.85 -33.45 -11.72
C GLY Z 113 -126.26 -32.48 -12.73
N LEU Z 114 -127.06 -31.49 -13.15
CA LEU Z 114 -126.59 -30.55 -14.15
C LEU Z 114 -125.52 -29.61 -13.60
N GLY Z 115 -125.43 -29.46 -12.29
CA GLY Z 115 -124.42 -28.60 -11.70
C GLY Z 115 -124.98 -27.41 -10.97
N PHE Z 116 -126.20 -27.53 -10.45
CA PHE Z 116 -126.88 -26.45 -9.76
C PHE Z 116 -127.23 -26.89 -8.35
N LEU Z 117 -126.99 -26.01 -7.37
CA LEU Z 117 -127.30 -26.29 -5.98
C LEU Z 117 -128.47 -25.40 -5.57
N ASP Z 118 -129.54 -26.01 -5.08
CA ASP Z 118 -130.67 -25.24 -4.61
C ASP Z 118 -130.75 -25.32 -3.09
N PRO Z 119 -130.65 -24.19 -2.38
CA PRO Z 119 -130.77 -24.24 -0.91
C PRO Z 119 -132.14 -24.68 -0.42
N THR Z 120 -133.16 -24.60 -1.28
CA THR Z 120 -134.52 -24.92 -0.86
C THR Z 120 -134.78 -26.41 -0.75
N ALA Z 121 -133.80 -27.26 -1.08
CA ALA Z 121 -134.01 -28.70 -1.01
C ALA Z 121 -134.28 -29.13 0.43
N ALA Z 122 -135.14 -30.13 0.57
CA ALA Z 122 -135.49 -30.66 1.89
C ALA Z 122 -134.54 -31.79 2.24
N ILE Z 123 -133.68 -31.55 3.22
CA ILE Z 123 -132.71 -32.54 3.67
C ILE Z 123 -133.11 -32.99 5.07
N VAL Z 124 -133.36 -34.29 5.22
CA VAL Z 124 -133.83 -34.85 6.47
C VAL Z 124 -132.72 -35.68 7.09
N SER Z 125 -132.73 -35.75 8.42
CA SER Z 125 -131.69 -36.43 9.17
C SER Z 125 -132.11 -37.85 9.52
N SER Z 126 -131.13 -38.65 9.95
CA SER Z 126 -131.43 -40.01 10.36
C SER Z 126 -132.36 -40.03 11.57
N ASP Z 127 -132.12 -39.14 12.53
CA ASP Z 127 -132.99 -39.06 13.70
C ASP Z 127 -134.38 -38.61 13.28
N THR Z 128 -135.39 -39.19 13.92
CA THR Z 128 -136.78 -38.88 13.62
C THR Z 128 -137.49 -38.37 14.87
N THR Z 129 -138.54 -37.60 14.65
CA THR Z 129 -139.31 -37.02 15.75
C THR Z 129 -140.39 -37.99 16.21
N ALA AA 1 -71.78 -82.81 -102.24
CA ALA AA 1 -71.89 -81.41 -101.86
C ALA AA 1 -71.05 -81.12 -100.62
N ASN AA 2 -71.32 -79.99 -99.99
CA ASN AA 2 -70.59 -79.56 -98.80
C ASN AA 2 -71.57 -79.23 -97.69
N LYS AA 3 -71.15 -79.47 -96.45
CA LYS AA 3 -72.01 -79.18 -95.31
C LYS AA 3 -72.11 -77.68 -95.12
N PRO AA 4 -73.30 -77.10 -95.21
CA PRO AA 4 -73.43 -75.65 -95.00
C PRO AA 4 -73.27 -75.30 -93.54
N MET AA 5 -72.59 -74.19 -93.27
CA MET AA 5 -72.54 -73.67 -91.92
C MET AA 5 -73.85 -72.97 -91.60
N GLN AA 6 -74.02 -72.63 -90.33
CA GLN AA 6 -75.13 -71.80 -89.90
C GLN AA 6 -74.60 -70.70 -89.00
N PRO AA 7 -75.16 -69.50 -89.09
CA PRO AA 7 -74.54 -68.35 -88.44
C PRO AA 7 -74.45 -68.53 -86.93
N ILE AA 8 -73.34 -68.05 -86.37
CA ILE AA 8 -73.15 -68.04 -84.92
C ILE AA 8 -73.38 -66.66 -84.32
N THR AA 9 -72.81 -65.62 -84.91
CA THR AA 9 -73.02 -64.26 -84.42
C THR AA 9 -73.45 -63.40 -85.58
N SER AA 10 -74.66 -62.86 -85.52
CA SER AA 10 -75.20 -62.03 -86.57
C SER AA 10 -75.22 -60.57 -86.12
N THR AA 11 -74.69 -59.70 -86.96
CA THR AA 11 -74.66 -58.27 -86.66
C THR AA 11 -74.77 -57.53 -87.98
N ALA AA 12 -75.22 -56.27 -87.90
CA ALA AA 12 -75.41 -55.47 -89.10
C ALA AA 12 -74.13 -55.26 -89.87
N ASN AA 13 -72.97 -55.43 -89.23
CA ASN AA 13 -71.70 -55.20 -89.90
C ASN AA 13 -70.70 -56.34 -89.74
N LYS AA 14 -71.10 -57.48 -89.20
CA LYS AA 14 -70.19 -58.61 -89.06
C LYS AA 14 -70.99 -59.87 -88.77
N ILE AA 15 -70.72 -60.92 -89.52
CA ILE AA 15 -71.39 -62.20 -89.35
C ILE AA 15 -70.35 -63.31 -89.35
N VAL AA 16 -70.51 -64.27 -88.46
CA VAL AA 16 -69.61 -65.41 -88.34
C VAL AA 16 -70.41 -66.69 -88.50
N TRP AA 17 -69.99 -67.54 -89.43
CA TRP AA 17 -70.55 -68.87 -89.59
C TRP AA 17 -69.60 -69.89 -89.01
N SER AA 18 -70.13 -71.05 -88.65
CA SER AA 18 -69.31 -72.15 -88.14
C SER AA 18 -69.97 -73.47 -88.50
N ASP AA 19 -69.14 -74.48 -88.71
CA ASP AA 19 -69.65 -75.79 -89.08
C ASP AA 19 -70.29 -76.46 -87.87
N PRO AA 20 -71.53 -76.91 -87.97
CA PRO AA 20 -72.16 -77.56 -86.80
C PRO AA 20 -71.42 -78.80 -86.34
N THR AA 21 -70.87 -79.58 -87.27
CA THR AA 21 -70.16 -80.80 -86.87
C THR AA 21 -68.81 -80.46 -86.23
N ARG AA 22 -68.11 -79.48 -86.77
CA ARG AA 22 -66.83 -79.04 -86.23
C ARG AA 22 -66.85 -77.53 -86.12
N LEU AA 23 -67.05 -77.01 -84.90
CA LEU AA 23 -67.19 -75.59 -84.70
C LEU AA 23 -65.89 -74.83 -84.90
N SER AA 24 -64.76 -75.52 -85.02
CA SER AA 24 -63.48 -74.84 -85.19
C SER AA 24 -63.44 -74.06 -86.51
N THR AA 25 -63.92 -74.68 -87.58
CA THR AA 25 -63.86 -74.04 -88.89
C THR AA 25 -64.92 -72.95 -88.98
N THR AA 26 -64.47 -71.71 -89.23
CA THR AA 26 -65.38 -70.57 -89.28
C THR AA 26 -65.14 -69.79 -90.57
N PHE AA 27 -66.16 -69.03 -90.95
CA PHE AA 27 -66.04 -68.09 -92.06
C PHE AA 27 -66.68 -66.78 -91.61
N SER AA 28 -65.90 -65.70 -91.62
CA SER AA 28 -66.35 -64.42 -91.12
C SER AA 28 -66.39 -63.39 -92.24
N ALA AA 29 -67.27 -62.41 -92.08
CA ALA AA 29 -67.42 -61.33 -93.05
C ALA AA 29 -67.66 -60.03 -92.28
N SER AA 30 -66.75 -59.08 -92.43
CA SER AA 30 -66.88 -57.78 -91.78
C SER AA 30 -66.83 -56.68 -92.82
N LEU AA 31 -67.56 -55.60 -92.56
CA LEU AA 31 -67.68 -54.51 -93.51
C LEU AA 31 -67.37 -53.18 -92.84
N LEU AA 32 -66.67 -52.32 -93.56
CA LEU AA 32 -66.45 -50.94 -93.14
C LEU AA 32 -66.89 -50.04 -94.28
N ARG AA 33 -67.82 -49.13 -94.01
CA ARG AA 33 -68.36 -48.24 -95.01
C ARG AA 33 -67.99 -46.80 -94.66
N GLN AA 34 -67.41 -46.09 -95.64
CA GLN AA 34 -66.90 -44.75 -95.42
C GLN AA 34 -67.37 -43.85 -96.54
N ARG AA 35 -67.49 -42.56 -96.22
CA ARG AA 35 -67.77 -41.52 -97.21
C ARG AA 35 -66.46 -40.83 -97.54
N VAL AA 36 -65.88 -41.18 -98.68
CA VAL AA 36 -64.65 -40.58 -99.16
C VAL AA 36 -64.96 -39.82 -100.44
N LYS AA 37 -64.48 -38.58 -100.52
CA LYS AA 37 -64.75 -37.72 -101.66
C LYS AA 37 -63.46 -37.57 -102.46
N VAL AA 38 -63.53 -37.84 -103.76
CA VAL AA 38 -62.34 -37.77 -104.60
C VAL AA 38 -62.07 -36.33 -105.02
N GLY AA 39 -63.08 -35.68 -105.60
CA GLY AA 39 -63.00 -34.27 -105.94
C GLY AA 39 -64.34 -33.76 -106.39
N ILE AA 40 -64.80 -32.66 -105.79
CA ILE AA 40 -66.10 -32.02 -106.02
C ILE AA 40 -67.18 -33.07 -106.24
N ALA AA 41 -67.04 -34.23 -105.58
CA ALA AA 41 -67.99 -35.32 -105.69
C ALA AA 41 -67.82 -36.22 -104.48
N GLU AA 42 -68.92 -36.87 -104.10
CA GLU AA 42 -68.94 -37.72 -102.92
C GLU AA 42 -69.07 -39.17 -103.34
N LEU AA 43 -68.27 -40.04 -102.73
CA LEU AA 43 -68.28 -41.45 -103.06
C LEU AA 43 -68.41 -42.25 -101.78
N ASN AA 44 -69.13 -43.37 -101.87
CA ASN AA 44 -69.32 -44.26 -100.74
C ASN AA 44 -68.39 -45.45 -100.90
N ASN AA 45 -67.37 -45.51 -100.04
CA ASN AA 45 -66.41 -46.60 -100.09
C ASN AA 45 -66.84 -47.70 -99.14
N VAL AA 46 -66.73 -48.95 -99.59
CA VAL AA 46 -67.04 -50.12 -98.78
C VAL AA 46 -65.87 -51.07 -98.84
N SER AA 47 -65.37 -51.48 -97.68
CA SER AA 47 -64.25 -52.40 -97.58
C SER AA 47 -64.73 -53.65 -96.84
N GLY AA 48 -64.96 -54.73 -97.59
CA GLY AA 48 -65.43 -55.97 -97.02
C GLY AA 48 -64.29 -56.91 -96.74
N GLN AA 49 -64.15 -57.32 -95.49
CA GLN AA 49 -63.12 -58.25 -95.07
C GLN AA 49 -63.75 -59.62 -94.85
N TYR AA 50 -63.17 -60.63 -95.49
CA TYR AA 50 -63.70 -61.99 -95.44
C TYR AA 50 -62.60 -62.91 -94.96
N VAL AA 51 -62.91 -63.72 -93.95
CA VAL AA 51 -61.92 -64.59 -93.30
C VAL AA 51 -62.46 -66.01 -93.31
N SER AA 52 -61.62 -66.95 -93.74
CA SER AA 52 -61.92 -68.37 -93.65
C SER AA 52 -60.75 -69.07 -92.98
N VAL AA 53 -61.03 -69.87 -91.96
CA VAL AA 53 -59.99 -70.51 -91.17
C VAL AA 53 -60.36 -71.97 -90.95
N TYR AA 54 -59.35 -72.82 -90.86
CA TYR AA 54 -59.51 -74.24 -90.60
C TYR AA 54 -58.44 -74.71 -89.64
N LYS AA 55 -58.81 -75.60 -88.72
CA LYS AA 55 -57.88 -76.21 -87.78
C LYS AA 55 -57.49 -77.58 -88.33
N ARG AA 56 -56.60 -77.57 -89.30
CA ARG AA 56 -56.17 -78.80 -89.95
C ARG AA 56 -55.18 -79.53 -89.08
N PRO AA 57 -55.43 -80.78 -88.70
CA PRO AA 57 -54.54 -81.49 -87.76
C PRO AA 57 -53.34 -82.11 -88.47
N ALA AA 58 -52.17 -81.58 -88.14
CA ALA AA 58 -50.93 -82.17 -88.61
C ALA AA 58 -50.85 -82.61 -90.05
N PRO AA 59 -49.73 -83.22 -90.40
CA PRO AA 59 -49.71 -83.72 -91.76
C PRO AA 59 -49.62 -85.20 -91.70
N LYS AA 60 -49.90 -85.78 -90.55
CA LYS AA 60 -49.83 -87.22 -90.37
C LYS AA 60 -48.40 -87.67 -90.29
N PRO AA 61 -48.11 -88.49 -89.29
CA PRO AA 61 -46.76 -88.99 -89.12
C PRO AA 61 -46.09 -89.26 -90.43
N GLU AA 62 -46.63 -90.17 -91.21
CA GLU AA 62 -45.97 -90.54 -92.43
C GLU AA 62 -46.76 -91.62 -93.06
N GLY AA 63 -48.04 -91.62 -92.77
CA GLY AA 63 -48.85 -92.71 -93.25
C GLY AA 63 -48.82 -93.71 -92.13
N CYS AA 64 -48.60 -93.21 -90.92
CA CYS AA 64 -48.67 -94.15 -89.81
C CYS AA 64 -50.12 -94.55 -89.56
N ALA AA 65 -50.32 -95.79 -89.15
CA ALA AA 65 -51.68 -96.29 -88.97
C ALA AA 65 -52.43 -95.44 -87.95
N ASP AA 66 -52.02 -95.51 -86.69
CA ASP AA 66 -52.55 -94.70 -85.60
C ASP AA 66 -54.04 -94.93 -85.35
N ALA AA 67 -54.46 -94.83 -84.09
CA ALA AA 67 -55.90 -94.85 -83.83
C ALA AA 67 -56.37 -93.56 -83.18
N CYS AA 68 -55.82 -93.23 -82.01
CA CYS AA 68 -56.36 -92.16 -81.18
C CYS AA 68 -55.25 -91.27 -80.63
N VAL AA 69 -54.31 -90.89 -81.49
CA VAL AA 69 -53.11 -90.19 -81.07
C VAL AA 69 -53.19 -88.73 -81.52
N ILE AA 70 -54.41 -88.20 -81.57
CA ILE AA 70 -54.69 -86.87 -82.10
C ILE AA 70 -53.71 -85.84 -81.54
N MET AA 71 -53.01 -85.16 -82.44
CA MET AA 71 -51.95 -84.21 -82.14
C MET AA 71 -52.43 -82.80 -82.44
N PRO AA 72 -51.76 -81.75 -81.97
CA PRO AA 72 -52.33 -80.40 -82.09
C PRO AA 72 -52.46 -79.97 -83.55
N ASN AA 73 -53.27 -78.93 -83.74
CA ASN AA 73 -53.64 -78.48 -85.07
C ASN AA 73 -52.77 -77.33 -85.52
N GLU AA 74 -52.90 -76.93 -86.79
CA GLU AA 74 -52.19 -75.79 -87.33
C GLU AA 74 -53.18 -74.92 -88.09
N ASN AA 75 -52.95 -73.61 -88.06
CA ASN AA 75 -53.90 -72.67 -88.64
C ASN AA 75 -53.77 -72.64 -90.15
N GLN AA 76 -54.91 -72.72 -90.84
CA GLN AA 76 -54.98 -72.47 -92.28
C GLN AA 76 -56.01 -71.37 -92.51
N SER AA 77 -55.53 -70.13 -92.58
CA SER AA 77 -56.40 -68.97 -92.67
C SER AA 77 -56.26 -68.32 -94.03
N ILE AA 78 -57.38 -67.79 -94.55
CA ILE AA 78 -57.41 -67.10 -95.82
C ILE AA 78 -58.20 -65.82 -95.61
N ARG AA 79 -57.50 -64.68 -95.61
CA ARG AA 79 -58.12 -63.39 -95.38
C ARG AA 79 -58.15 -62.60 -96.68
N THR AA 80 -59.30 -62.01 -96.97
CA THR AA 80 -59.48 -61.22 -98.19
C THR AA 80 -60.24 -59.95 -97.85
N VAL AA 81 -59.76 -58.83 -98.39
CA VAL AA 81 -60.43 -57.54 -98.23
C VAL AA 81 -60.71 -56.98 -99.62
N ILE AA 82 -61.91 -56.45 -99.81
CA ILE AA 82 -62.33 -55.89 -101.09
C ILE AA 82 -62.70 -54.44 -100.83
N SER AA 83 -61.85 -53.52 -101.27
CA SER AA 83 -62.06 -52.10 -101.05
C SER AA 83 -62.37 -51.41 -102.37
N GLY AA 84 -63.43 -50.61 -102.38
CA GLY AA 84 -63.79 -49.88 -103.58
C GLY AA 84 -65.10 -49.15 -103.37
N SER AA 85 -65.35 -48.21 -104.27
CA SER AA 85 -66.59 -47.44 -104.21
C SER AA 85 -67.78 -48.30 -104.60
N ALA AA 86 -68.90 -48.10 -103.91
CA ALA AA 86 -70.10 -48.88 -104.21
C ALA AA 86 -70.65 -48.56 -105.59
N GLU AA 87 -70.44 -47.32 -106.06
CA GLU AA 87 -70.94 -46.93 -107.37
C GLU AA 87 -70.19 -47.63 -108.48
N ASN AA 88 -68.90 -47.90 -108.30
CA ASN AA 88 -68.12 -48.66 -109.27
C ASN AA 88 -68.18 -50.16 -109.03
N LEU AA 89 -69.21 -50.63 -108.33
CA LEU AA 89 -69.29 -52.05 -108.01
C LEU AA 89 -69.41 -52.90 -109.27
N ALA AA 90 -70.15 -52.42 -110.27
CA ALA AA 90 -70.39 -53.21 -111.46
C ALA AA 90 -69.07 -53.63 -112.11
N THR AA 91 -68.16 -52.68 -112.29
CA THR AA 91 -66.85 -53.03 -112.84
C THR AA 91 -65.96 -53.67 -111.78
N LEU AA 92 -66.25 -53.44 -110.50
CA LEU AA 92 -65.37 -53.93 -109.45
C LEU AA 92 -65.40 -55.45 -109.38
N LYS AA 93 -66.54 -56.06 -109.72
CA LYS AA 93 -66.59 -57.52 -109.76
C LYS AA 93 -65.63 -58.07 -110.80
N ALA AA 94 -65.33 -57.29 -111.84
CA ALA AA 94 -64.52 -57.81 -112.94
C ALA AA 94 -63.10 -58.15 -112.47
N GLU AA 95 -62.41 -57.22 -111.82
CA GLU AA 95 -61.05 -57.52 -111.40
C GLU AA 95 -61.03 -58.56 -110.29
N TRP AA 96 -62.13 -58.69 -109.55
CA TRP AA 96 -62.25 -59.80 -108.61
C TRP AA 96 -62.13 -61.12 -109.34
N GLU AA 97 -62.80 -61.25 -110.49
CA GLU AA 97 -62.59 -62.43 -111.33
C GLU AA 97 -61.14 -62.50 -111.80
N THR AA 98 -60.59 -61.36 -112.22
CA THR AA 98 -59.20 -61.33 -112.64
C THR AA 98 -58.26 -61.65 -111.49
N HIS AA 99 -58.51 -61.07 -110.32
CA HIS AA 99 -57.68 -61.35 -109.17
C HIS AA 99 -57.72 -62.83 -108.80
N LYS AA 100 -58.90 -63.45 -108.92
CA LYS AA 100 -58.99 -64.88 -108.74
C LYS AA 100 -58.17 -65.62 -109.79
N ARG AA 101 -58.19 -65.12 -111.03
CA ARG AA 101 -57.42 -65.75 -112.09
C ARG AA 101 -55.94 -65.71 -111.81
N ASN AA 102 -55.43 -64.52 -111.47
CA ASN AA 102 -53.99 -64.35 -111.28
C ASN AA 102 -53.48 -65.19 -110.13
N VAL AA 103 -54.23 -65.23 -109.02
CA VAL AA 103 -53.79 -66.02 -107.87
C VAL AA 103 -53.80 -67.49 -108.22
N ASP AA 104 -54.78 -67.93 -109.02
CA ASP AA 104 -54.87 -69.34 -109.38
C ASP AA 104 -53.63 -69.80 -110.13
N THR AA 105 -53.17 -69.00 -111.09
CA THR AA 105 -51.97 -69.38 -111.83
C THR AA 105 -50.76 -69.45 -110.91
N LEU AA 106 -50.62 -68.47 -110.02
CA LEU AA 106 -49.48 -68.47 -109.11
C LEU AA 106 -49.60 -69.58 -108.07
N PHE AA 107 -50.77 -69.72 -107.45
CA PHE AA 107 -50.93 -70.60 -106.30
C PHE AA 107 -51.55 -71.94 -106.66
N ALA AA 108 -52.73 -71.94 -107.28
CA ALA AA 108 -53.40 -73.20 -107.57
C ALA AA 108 -52.60 -74.05 -108.54
N SER AA 109 -52.01 -73.43 -109.57
CA SER AA 109 -51.23 -74.15 -110.55
C SER AA 109 -49.74 -74.11 -110.30
N GLY AA 110 -49.21 -72.96 -109.88
CA GLY AA 110 -47.79 -72.83 -109.61
C GLY AA 110 -47.40 -73.35 -108.24
N ASN AA 111 -46.18 -73.04 -107.86
CA ASN AA 111 -45.63 -73.46 -106.58
C ASN AA 111 -45.56 -72.32 -105.58
N ALA AA 112 -46.40 -71.29 -105.75
CA ALA AA 112 -46.38 -70.17 -104.82
C ALA AA 112 -46.69 -70.62 -103.40
N GLY AA 113 -47.55 -71.61 -103.24
CA GLY AA 113 -47.86 -72.11 -101.91
C GLY AA 113 -46.65 -72.70 -101.22
N LEU AA 114 -45.82 -73.41 -101.97
CA LEU AA 114 -44.64 -74.04 -101.36
C LEU AA 114 -43.59 -73.02 -100.94
N GLY AA 115 -43.65 -71.81 -101.48
CA GLY AA 115 -42.68 -70.78 -101.15
C GLY AA 115 -41.83 -70.39 -102.33
N PHE AA 116 -42.40 -70.46 -103.52
CA PHE AA 116 -41.67 -70.24 -104.75
C PHE AA 116 -42.34 -69.13 -105.56
N LEU AA 117 -41.54 -68.39 -106.32
CA LEU AA 117 -42.03 -67.36 -107.20
C LEU AA 117 -41.65 -67.72 -108.63
N ASP AA 118 -42.58 -67.49 -109.56
CA ASP AA 118 -42.31 -67.74 -110.97
C ASP AA 118 -42.41 -66.42 -111.72
N PRO AA 119 -41.29 -65.75 -111.99
CA PRO AA 119 -41.36 -64.45 -112.67
C PRO AA 119 -41.92 -64.51 -114.08
N THR AA 120 -41.98 -65.70 -114.67
CA THR AA 120 -42.49 -65.84 -116.03
C THR AA 120 -43.95 -66.31 -116.08
N ALA AA 121 -44.65 -66.27 -114.95
CA ALA AA 121 -46.05 -66.68 -114.94
C ALA AA 121 -46.91 -65.69 -115.72
N ALA AA 122 -47.96 -66.20 -116.34
CA ALA AA 122 -48.86 -65.36 -117.12
C ALA AA 122 -49.83 -64.63 -116.20
N ILE AA 123 -49.80 -63.31 -116.26
CA ILE AA 123 -50.67 -62.45 -115.45
C ILE AA 123 -51.44 -61.56 -116.39
N VAL AA 124 -52.77 -61.56 -116.27
CA VAL AA 124 -53.63 -60.78 -117.13
C VAL AA 124 -54.37 -59.77 -116.28
N SER AA 125 -54.81 -58.69 -116.92
CA SER AA 125 -55.48 -57.59 -116.22
C SER AA 125 -56.99 -57.63 -116.47
N SER AA 126 -57.71 -56.83 -115.70
CA SER AA 126 -59.14 -56.73 -115.90
C SER AA 126 -59.47 -56.12 -117.27
N ASP AA 127 -58.57 -55.29 -117.79
CA ASP AA 127 -58.78 -54.71 -119.11
C ASP AA 127 -58.74 -55.78 -120.18
N THR AA 128 -59.52 -55.58 -121.23
CA THR AA 128 -59.61 -56.52 -122.34
C THR AA 128 -59.33 -55.79 -123.65
N THR AA 129 -58.56 -56.43 -124.52
CA THR AA 129 -58.23 -55.85 -125.81
C THR AA 129 -59.45 -55.84 -126.73
N ALA BA 1 -94.47 -46.14 -107.85
CA ALA BA 1 -93.36 -46.95 -108.35
C ALA BA 1 -92.03 -46.36 -107.91
N ASN BA 2 -91.97 -45.96 -106.65
CA ASN BA 2 -90.79 -45.34 -106.07
C ASN BA 2 -90.01 -46.34 -105.20
N LYS BA 3 -88.70 -46.12 -105.13
CA LYS BA 3 -87.78 -47.14 -104.66
C LYS BA 3 -87.97 -47.41 -103.17
N PRO BA 4 -87.86 -48.67 -102.74
CA PRO BA 4 -87.76 -48.99 -101.32
C PRO BA 4 -86.31 -49.13 -100.88
N MET BA 5 -86.09 -48.84 -99.59
CA MET BA 5 -84.76 -49.03 -99.04
C MET BA 5 -84.64 -50.42 -98.42
N GLN BA 6 -83.47 -50.69 -97.84
CA GLN BA 6 -83.21 -51.87 -97.04
C GLN BA 6 -82.39 -51.46 -95.83
N PRO BA 7 -82.51 -52.18 -94.72
CA PRO BA 7 -81.78 -51.79 -93.51
C PRO BA 7 -80.27 -51.92 -93.69
N ILE BA 8 -79.55 -51.07 -92.96
CA ILE BA 8 -78.08 -51.08 -92.95
C ILE BA 8 -77.55 -51.48 -91.58
N THR BA 9 -77.84 -50.70 -90.56
CA THR BA 9 -77.22 -50.85 -89.25
C THR BA 9 -78.32 -51.07 -88.22
N SER BA 10 -78.72 -52.34 -88.05
CA SER BA 10 -79.59 -52.69 -86.95
C SER BA 10 -78.85 -52.53 -85.64
N THR BA 11 -79.53 -51.99 -84.64
CA THR BA 11 -78.92 -51.72 -83.35
C THR BA 11 -79.99 -51.96 -82.29
N ALA BA 12 -79.58 -51.98 -81.02
CA ALA BA 12 -80.51 -52.21 -79.93
C ALA BA 12 -81.64 -51.18 -79.95
N ASN BA 13 -81.32 -49.94 -80.36
CA ASN BA 13 -82.34 -48.89 -80.36
C ASN BA 13 -82.22 -48.00 -81.60
N LYS BA 14 -81.78 -48.56 -82.73
CA LYS BA 14 -81.68 -47.76 -83.95
C LYS BA 14 -81.62 -48.68 -85.16
N ILE BA 15 -82.37 -48.32 -86.19
CA ILE BA 15 -82.31 -48.98 -87.49
C ILE BA 15 -82.23 -47.91 -88.56
N VAL BA 16 -81.38 -48.11 -89.55
CA VAL BA 16 -81.20 -47.15 -90.64
C VAL BA 16 -81.41 -47.88 -91.96
N TRP BA 17 -82.14 -47.25 -92.87
CA TRP BA 17 -82.36 -47.77 -94.22
C TRP BA 17 -81.70 -46.86 -95.22
N SER BA 18 -81.19 -47.44 -96.31
CA SER BA 18 -80.58 -46.66 -97.37
C SER BA 18 -80.88 -47.29 -98.71
N ASP BA 19 -81.05 -46.45 -99.72
CA ASP BA 19 -81.39 -46.93 -101.05
C ASP BA 19 -80.21 -47.68 -101.67
N PRO BA 20 -80.41 -48.89 -102.18
CA PRO BA 20 -79.28 -49.61 -102.79
C PRO BA 20 -78.65 -48.87 -103.95
N THR BA 21 -79.45 -48.21 -104.79
CA THR BA 21 -78.88 -47.52 -105.95
C THR BA 21 -78.12 -46.27 -105.52
N ARG BA 22 -78.69 -45.48 -104.62
CA ARG BA 22 -78.04 -44.27 -104.12
C ARG BA 22 -77.95 -44.39 -102.60
N LEU BA 23 -76.76 -44.73 -102.11
CA LEU BA 23 -76.56 -44.88 -100.67
C LEU BA 23 -76.59 -43.55 -99.94
N SER BA 24 -76.58 -42.44 -100.65
CA SER BA 24 -76.57 -41.14 -99.99
C SER BA 24 -77.85 -40.93 -99.19
N THR BA 25 -79.00 -41.24 -99.79
CA THR BA 25 -80.26 -41.06 -99.07
C THR BA 25 -80.43 -42.12 -98.00
N THR BA 26 -80.89 -41.70 -96.83
CA THR BA 26 -81.03 -42.60 -95.69
C THR BA 26 -82.31 -42.26 -94.94
N PHE BA 27 -82.74 -43.19 -94.11
CA PHE BA 27 -83.87 -42.98 -93.20
C PHE BA 27 -83.56 -43.72 -91.91
N SER BA 28 -83.27 -42.98 -90.85
CA SER BA 28 -82.90 -43.55 -89.57
C SER BA 28 -84.06 -43.41 -88.58
N ALA BA 29 -84.25 -44.44 -87.77
CA ALA BA 29 -85.30 -44.46 -86.77
C ALA BA 29 -84.71 -44.96 -85.46
N SER BA 30 -84.43 -44.05 -84.55
CA SER BA 30 -83.90 -44.39 -83.24
C SER BA 30 -84.85 -43.87 -82.18
N LEU BA 31 -85.12 -44.67 -81.17
CA LEU BA 31 -86.10 -44.33 -80.15
C LEU BA 31 -85.53 -44.70 -78.77
N LEU BA 32 -85.99 -43.99 -77.75
CA LEU BA 32 -85.51 -44.18 -76.39
C LEU BA 32 -86.71 -44.43 -75.48
N ARG BA 33 -86.66 -45.53 -74.73
CA ARG BA 33 -87.70 -45.86 -73.77
C ARG BA 33 -87.17 -45.64 -72.36
N GLN BA 34 -88.04 -45.11 -71.49
CA GLN BA 34 -87.60 -44.65 -70.19
C GLN BA 34 -88.77 -44.69 -69.22
N ARG BA 35 -88.46 -44.95 -67.96
CA ARG BA 35 -89.44 -45.06 -66.89
C ARG BA 35 -89.67 -43.69 -66.28
N VAL BA 36 -90.91 -43.20 -66.34
CA VAL BA 36 -91.24 -41.86 -65.88
C VAL BA 36 -92.35 -41.95 -64.83
N LYS BA 37 -92.19 -41.21 -63.75
CA LYS BA 37 -93.18 -41.13 -62.66
C LYS BA 37 -93.89 -39.80 -62.79
N VAL BA 38 -95.12 -39.82 -63.32
CA VAL BA 38 -95.90 -38.60 -63.44
C VAL BA 38 -96.53 -38.23 -62.10
N GLY BA 39 -97.17 -39.18 -61.46
CA GLY BA 39 -97.63 -39.03 -60.09
C GLY BA 39 -98.45 -40.22 -59.68
N ILE BA 40 -98.15 -40.79 -58.50
CA ILE BA 40 -98.76 -42.01 -57.97
C ILE BA 40 -99.03 -43.01 -59.09
N ALA BA 41 -98.19 -43.01 -60.12
CA ALA BA 41 -98.37 -43.85 -61.29
C ALA BA 41 -97.08 -43.83 -62.10
N GLU BA 42 -96.59 -45.00 -62.46
CA GLU BA 42 -95.37 -45.14 -63.23
C GLU BA 42 -95.72 -45.44 -64.67
N LEU BA 43 -95.08 -44.71 -65.59
CA LEU BA 43 -95.46 -44.73 -66.99
C LEU BA 43 -94.26 -45.10 -67.87
N ASN BA 44 -94.57 -45.60 -69.06
CA ASN BA 44 -93.55 -45.91 -70.05
C ASN BA 44 -93.48 -44.78 -71.07
N ASN BA 45 -92.31 -44.14 -71.15
CA ASN BA 45 -92.10 -43.01 -72.04
C ASN BA 45 -91.20 -43.43 -73.19
N VAL BA 46 -91.64 -43.16 -74.42
CA VAL BA 46 -90.87 -43.48 -75.61
C VAL BA 46 -90.61 -42.17 -76.35
N SER BA 47 -89.38 -42.02 -76.87
CA SER BA 47 -89.00 -40.84 -77.62
C SER BA 47 -88.46 -41.29 -78.97
N GLY BA 48 -89.36 -41.46 -79.93
CA GLY BA 48 -88.99 -41.90 -81.25
C GLY BA 48 -88.50 -40.75 -82.10
N GLN BA 49 -87.24 -40.81 -82.49
CA GLN BA 49 -86.62 -39.80 -83.33
C GLN BA 49 -86.39 -40.40 -84.72
N TYR BA 50 -86.99 -39.80 -85.73
CA TYR BA 50 -86.89 -40.27 -87.11
C TYR BA 50 -86.21 -39.21 -87.95
N VAL BA 51 -85.22 -39.62 -88.73
CA VAL BA 51 -84.46 -38.72 -89.58
C VAL BA 51 -84.45 -39.28 -90.99
N SER BA 52 -84.78 -38.44 -91.96
CA SER BA 52 -84.65 -38.78 -93.38
C SER BA 52 -83.73 -37.76 -94.02
N VAL BA 53 -82.70 -38.24 -94.71
CA VAL BA 53 -81.65 -37.39 -95.26
C VAL BA 53 -81.54 -37.65 -96.74
N TYR BA 54 -81.51 -36.57 -97.53
CA TYR BA 54 -81.30 -36.64 -98.96
C TYR BA 54 -80.25 -35.59 -99.34
N LYS BA 55 -79.53 -35.87 -100.41
CA LYS BA 55 -78.51 -34.94 -100.91
C LYS BA 55 -78.88 -34.55 -102.33
N ARG BA 56 -79.54 -33.39 -102.47
CA ARG BA 56 -79.94 -32.90 -103.77
C ARG BA 56 -78.84 -32.04 -104.35
N PRO BA 57 -78.47 -32.22 -105.61
CA PRO BA 57 -77.55 -31.28 -106.27
C PRO BA 57 -78.23 -29.91 -106.39
N ALA BA 58 -77.42 -28.86 -106.42
CA ALA BA 58 -77.96 -27.52 -106.54
C ALA BA 58 -78.73 -27.38 -107.85
N PRO BA 59 -79.72 -26.51 -107.92
CA PRO BA 59 -80.49 -26.37 -109.16
C PRO BA 59 -79.65 -25.74 -110.26
N LYS BA 60 -79.61 -26.39 -111.41
CA LYS BA 60 -78.85 -25.91 -112.55
C LYS BA 60 -79.58 -24.76 -113.22
N PRO BA 61 -78.84 -23.91 -113.94
CA PRO BA 61 -79.46 -22.74 -114.56
C PRO BA 61 -80.52 -23.13 -115.58
N GLU BA 62 -81.53 -22.27 -115.71
CA GLU BA 62 -82.65 -22.55 -116.58
C GLU BA 62 -82.20 -22.64 -118.04
N GLY BA 63 -82.85 -23.52 -118.78
CA GLY BA 63 -82.57 -23.68 -120.19
C GLY BA 63 -81.19 -24.23 -120.48
N CYS BA 64 -80.52 -24.79 -119.47
CA CYS BA 64 -79.22 -25.38 -119.72
C CYS BA 64 -79.15 -26.76 -119.10
N ALA BA 65 -80.30 -27.42 -118.95
CA ALA BA 65 -80.29 -28.82 -118.54
C ALA BA 65 -79.45 -29.65 -119.50
N ASP BA 66 -79.90 -29.76 -120.76
CA ASP BA 66 -79.14 -30.19 -121.92
C ASP BA 66 -77.86 -30.95 -121.62
N ALA BA 67 -76.81 -30.23 -121.21
CA ALA BA 67 -75.49 -30.79 -121.03
C ALA BA 67 -75.37 -31.54 -119.71
N CYS BA 68 -74.15 -31.86 -119.31
CA CYS BA 68 -73.96 -32.57 -118.06
C CYS BA 68 -72.85 -31.89 -117.26
N VAL BA 69 -73.23 -30.97 -116.39
CA VAL BA 69 -72.32 -30.37 -115.43
C VAL BA 69 -72.92 -30.58 -114.04
N ILE BA 70 -72.13 -31.11 -113.12
CA ILE BA 70 -72.63 -31.53 -111.82
C ILE BA 70 -72.18 -30.53 -110.77
N MET BA 71 -73.16 -29.89 -110.13
CA MET BA 71 -72.95 -29.00 -109.00
C MET BA 71 -72.91 -29.82 -107.72
N PRO BA 72 -72.31 -29.32 -106.66
CA PRO BA 72 -72.27 -30.08 -105.40
C PRO BA 72 -73.66 -30.28 -104.83
N ASN BA 73 -73.81 -31.36 -104.08
CA ASN BA 73 -75.08 -31.70 -103.46
C ASN BA 73 -75.30 -30.86 -102.21
N GLU BA 74 -76.55 -30.78 -101.80
CA GLU BA 74 -76.95 -30.04 -100.62
C GLU BA 74 -77.86 -30.91 -99.76
N ASN BA 75 -77.75 -30.77 -98.46
CA ASN BA 75 -78.42 -31.66 -97.52
C ASN BA 75 -79.86 -31.22 -97.30
N GLN BA 76 -80.81 -32.09 -97.63
CA GLN BA 76 -82.20 -31.90 -97.28
C GLN BA 76 -82.51 -32.80 -96.09
N SER BA 77 -82.36 -32.27 -94.89
CA SER BA 77 -82.54 -33.04 -93.67
C SER BA 77 -83.90 -32.74 -93.08
N ILE BA 78 -84.63 -33.79 -92.73
CA ILE BA 78 -85.95 -33.68 -92.10
C ILE BA 78 -85.96 -34.63 -90.91
N ARG BA 79 -86.29 -34.10 -89.73
CA ARG BA 79 -86.27 -34.86 -88.50
C ARG BA 79 -87.55 -34.62 -87.72
N THR BA 80 -88.16 -35.69 -87.23
CA THR BA 80 -89.30 -35.60 -86.34
C THR BA 80 -89.03 -36.42 -85.09
N VAL BA 81 -89.25 -35.83 -83.93
CA VAL BA 81 -89.16 -36.53 -82.66
C VAL BA 81 -90.51 -36.42 -81.97
N ILE BA 82 -91.06 -37.55 -81.57
CA ILE BA 82 -92.36 -37.61 -80.90
C ILE BA 82 -92.18 -38.33 -79.58
N SER BA 83 -92.67 -37.73 -78.51
CA SER BA 83 -92.49 -38.26 -77.17
C SER BA 83 -93.83 -38.28 -76.45
N GLY BA 84 -94.09 -39.37 -75.73
CA GLY BA 84 -95.32 -39.49 -74.98
C GLY BA 84 -95.37 -40.83 -74.29
N SER BA 85 -96.36 -40.98 -73.42
CA SER BA 85 -96.54 -42.22 -72.68
C SER BA 85 -97.16 -43.27 -73.57
N ALA BA 86 -96.59 -44.48 -73.52
CA ALA BA 86 -97.12 -45.58 -74.32
C ALA BA 86 -98.51 -46.01 -73.88
N GLU BA 87 -98.93 -45.63 -72.68
CA GLU BA 87 -100.24 -46.03 -72.20
C GLU BA 87 -101.36 -45.43 -73.03
N ASN BA 88 -101.21 -44.18 -73.45
CA ASN BA 88 -102.23 -43.46 -74.19
C ASN BA 88 -101.74 -42.98 -75.55
N LEU BA 89 -101.06 -43.86 -76.29
CA LEU BA 89 -100.61 -43.47 -77.62
C LEU BA 89 -101.76 -43.34 -78.60
N ALA BA 90 -102.90 -43.97 -78.28
CA ALA BA 90 -104.04 -43.94 -79.20
C ALA BA 90 -104.48 -42.52 -79.48
N THR BA 91 -104.54 -41.69 -78.44
CA THR BA 91 -104.81 -40.27 -78.66
C THR BA 91 -103.58 -39.55 -79.19
N LEU BA 92 -102.38 -40.04 -78.86
CA LEU BA 92 -101.18 -39.40 -79.39
C LEU BA 92 -101.05 -39.60 -80.89
N LYS BA 93 -101.53 -40.72 -81.41
CA LYS BA 93 -101.55 -40.91 -82.85
C LYS BA 93 -102.43 -39.86 -83.52
N ALA BA 94 -103.56 -39.53 -82.91
CA ALA BA 94 -104.40 -38.46 -83.44
C ALA BA 94 -103.65 -37.13 -83.45
N GLU BA 95 -102.81 -36.91 -82.44
CA GLU BA 95 -102.04 -35.66 -82.39
C GLU BA 95 -101.12 -35.53 -83.59
N TRP BA 96 -100.44 -36.61 -83.96
CA TRP BA 96 -99.57 -36.57 -85.13
C TRP BA 96 -100.37 -36.29 -86.40
N GLU BA 97 -101.57 -36.86 -86.48
CA GLU BA 97 -102.45 -36.55 -87.61
C GLU BA 97 -102.71 -35.05 -87.69
N THR BA 98 -103.01 -34.43 -86.55
CA THR BA 98 -103.16 -32.98 -86.52
C THR BA 98 -101.84 -32.30 -86.84
N HIS BA 99 -100.74 -32.82 -86.30
CA HIS BA 99 -99.44 -32.19 -86.52
C HIS BA 99 -99.10 -32.13 -88.01
N LYS BA 100 -99.48 -33.16 -88.75
CA LYS BA 100 -99.30 -33.13 -90.20
C LYS BA 100 -100.10 -32.00 -90.81
N ARG BA 101 -101.37 -31.88 -90.44
CA ARG BA 101 -102.24 -30.88 -91.04
C ARG BA 101 -101.73 -29.48 -90.77
N ASN BA 102 -101.33 -29.20 -89.52
CA ASN BA 102 -100.84 -27.87 -89.19
C ASN BA 102 -99.56 -27.55 -89.95
N VAL BA 103 -98.64 -28.52 -90.05
CA VAL BA 103 -97.42 -28.28 -90.80
C VAL BA 103 -97.71 -28.09 -92.28
N ASP BA 104 -98.56 -28.95 -92.84
CA ASP BA 104 -98.87 -28.85 -94.27
C ASP BA 104 -99.56 -27.54 -94.60
N THR BA 105 -100.50 -27.12 -93.76
CA THR BA 105 -101.34 -25.98 -94.12
C THR BA 105 -100.53 -24.69 -94.18
N LEU BA 106 -99.37 -24.65 -93.54
CA LEU BA 106 -98.55 -23.44 -93.58
C LEU BA 106 -97.20 -23.66 -94.26
N PHE BA 107 -96.80 -24.89 -94.50
CA PHE BA 107 -95.54 -25.11 -95.20
C PHE BA 107 -95.73 -25.76 -96.55
N ALA BA 108 -96.54 -26.82 -96.64
CA ALA BA 108 -96.83 -27.42 -97.94
C ALA BA 108 -97.57 -26.45 -98.84
N SER BA 109 -98.73 -25.96 -98.38
CA SER BA 109 -99.47 -24.97 -99.13
C SER BA 109 -98.97 -23.55 -98.89
N GLY BA 110 -98.39 -23.29 -97.73
CA GLY BA 110 -97.92 -21.96 -97.39
C GLY BA 110 -96.55 -21.65 -97.95
N ASN BA 111 -96.02 -20.50 -97.53
CA ASN BA 111 -94.71 -20.05 -97.96
C ASN BA 111 -93.67 -20.14 -96.84
N ALA BA 112 -93.89 -21.02 -95.87
CA ALA BA 112 -92.95 -21.14 -94.76
C ALA BA 112 -91.59 -21.60 -95.25
N GLY BA 113 -91.56 -22.51 -96.21
CA GLY BA 113 -90.29 -23.00 -96.72
C GLY BA 113 -89.46 -21.93 -97.38
N LEU BA 114 -90.09 -20.84 -97.82
CA LEU BA 114 -89.38 -19.73 -98.43
C LEU BA 114 -88.88 -18.73 -97.40
N GLY BA 115 -89.15 -18.95 -96.11
CA GLY BA 115 -88.76 -18.03 -95.07
C GLY BA 115 -89.85 -17.11 -94.58
N PHE BA 116 -90.98 -17.06 -95.28
CA PHE BA 116 -92.08 -16.21 -94.86
C PHE BA 116 -92.88 -16.88 -93.75
N LEU BA 117 -93.55 -16.04 -92.96
CA LEU BA 117 -94.50 -16.49 -91.95
C LEU BA 117 -95.87 -15.96 -92.29
N ASP BA 118 -96.91 -16.70 -91.89
CA ASP BA 118 -98.29 -16.35 -92.20
C ASP BA 118 -99.01 -16.32 -90.86
N PRO BA 119 -99.03 -15.18 -90.18
CA PRO BA 119 -99.71 -15.10 -88.89
C PRO BA 119 -101.20 -15.40 -88.97
N THR BA 120 -101.82 -15.17 -90.12
CA THR BA 120 -103.25 -15.43 -90.28
C THR BA 120 -103.53 -16.82 -90.85
N ALA BA 121 -102.57 -17.74 -90.77
CA ALA BA 121 -102.79 -19.09 -91.24
C ALA BA 121 -103.81 -19.80 -90.34
N ALA BA 122 -104.66 -20.62 -90.96
CA ALA BA 122 -105.74 -21.28 -90.25
C ALA BA 122 -105.36 -22.70 -89.84
N ILE BA 123 -104.53 -22.78 -88.79
CA ILE BA 123 -104.16 -24.08 -88.25
C ILE BA 123 -105.23 -24.52 -87.26
N VAL BA 124 -105.33 -25.84 -87.05
CA VAL BA 124 -106.49 -26.45 -86.44
C VAL BA 124 -106.04 -27.44 -85.37
N SER BA 125 -106.75 -27.48 -84.25
CA SER BA 125 -106.44 -28.38 -83.15
C SER BA 125 -106.92 -29.80 -83.44
N SER BA 126 -106.50 -30.72 -82.56
CA SER BA 126 -107.00 -32.09 -82.64
C SER BA 126 -108.40 -32.22 -82.08
N ASP BA 127 -108.71 -31.46 -81.03
CA ASP BA 127 -110.00 -31.57 -80.37
C ASP BA 127 -111.13 -31.21 -81.32
N THR BA 128 -112.15 -32.04 -81.35
CA THR BA 128 -113.26 -31.91 -82.29
C THR BA 128 -114.43 -31.20 -81.65
N THR BA 129 -114.98 -30.21 -82.35
CA THR BA 129 -116.15 -29.48 -81.88
C THR BA 129 -117.41 -30.31 -82.04
N ALA CA 1 -105.93 -68.02 -79.61
CA ALA CA 1 -104.78 -68.56 -78.90
C ALA CA 1 -104.20 -67.54 -77.94
N ASN CA 2 -102.88 -67.52 -77.84
CA ASN CA 2 -102.16 -66.65 -76.93
C ASN CA 2 -101.15 -65.78 -77.69
N LYS CA 3 -100.98 -64.55 -77.20
CA LYS CA 3 -100.34 -63.52 -77.98
C LYS CA 3 -98.81 -63.64 -77.92
N PRO CA 4 -98.11 -63.35 -79.02
CA PRO CA 4 -96.66 -63.41 -79.03
C PRO CA 4 -96.02 -62.08 -78.69
N MET CA 5 -94.72 -62.11 -78.48
CA MET CA 5 -93.96 -60.90 -78.22
C MET CA 5 -93.22 -60.45 -79.48
N GLN CA 6 -92.44 -59.39 -79.33
CA GLN CA 6 -91.50 -58.93 -80.33
C GLN CA 6 -90.19 -58.55 -79.65
N PRO CA 7 -89.06 -58.71 -80.33
CA PRO CA 7 -87.78 -58.38 -79.71
C PRO CA 7 -87.69 -56.89 -79.39
N ILE CA 8 -87.00 -56.57 -78.32
CA ILE CA 8 -86.83 -55.18 -77.88
C ILE CA 8 -85.39 -54.73 -78.03
N THR CA 9 -84.47 -55.41 -77.36
CA THR CA 9 -83.05 -55.10 -77.42
C THR CA 9 -82.33 -56.26 -78.09
N SER CA 10 -81.89 -56.06 -79.32
CA SER CA 10 -81.21 -57.08 -80.09
C SER CA 10 -79.71 -56.88 -79.94
N THR CA 11 -79.01 -57.95 -79.56
CA THR CA 11 -77.58 -57.89 -79.34
C THR CA 11 -76.99 -59.24 -79.75
N ALA CA 12 -75.69 -59.24 -80.05
CA ALA CA 12 -75.03 -60.48 -80.43
C ALA CA 12 -75.08 -61.51 -79.31
N ASN CA 13 -75.33 -61.09 -78.08
CA ASN CA 13 -75.38 -62.00 -76.95
C ASN CA 13 -76.69 -61.94 -76.17
N LYS CA 14 -77.59 -61.03 -76.50
CA LYS CA 14 -78.81 -60.86 -75.74
C LYS CA 14 -79.96 -60.46 -76.65
N ILE CA 15 -81.11 -61.09 -76.48
CA ILE CA 15 -82.35 -60.65 -77.10
C ILE CA 15 -83.43 -60.66 -76.04
N VAL CA 16 -84.17 -59.55 -75.93
CA VAL CA 16 -85.24 -59.42 -74.95
C VAL CA 16 -86.53 -59.14 -75.72
N TRP CA 17 -87.51 -60.03 -75.55
CA TRP CA 17 -88.82 -59.80 -76.11
C TRP CA 17 -89.73 -59.18 -75.06
N SER CA 18 -90.75 -58.46 -75.52
CA SER CA 18 -91.76 -57.91 -74.63
C SER CA 18 -93.10 -57.89 -75.35
N ASP CA 19 -94.17 -57.94 -74.57
CA ASP CA 19 -95.52 -58.02 -75.12
C ASP CA 19 -96.05 -56.62 -75.40
N PRO CA 20 -96.58 -56.36 -76.59
CA PRO CA 20 -97.16 -55.03 -76.86
C PRO CA 20 -98.30 -54.68 -75.93
N THR CA 21 -99.21 -55.62 -75.66
CA THR CA 21 -100.38 -55.31 -74.85
C THR CA 21 -99.97 -54.95 -73.43
N ARG CA 22 -99.02 -55.67 -72.86
CA ARG CA 22 -98.53 -55.41 -71.51
C ARG CA 22 -97.01 -55.41 -71.55
N LEU CA 23 -96.40 -54.26 -71.24
CA LEU CA 23 -94.96 -54.11 -71.40
C LEU CA 23 -94.18 -54.76 -70.27
N SER CA 24 -94.84 -55.09 -69.16
CA SER CA 24 -94.12 -55.69 -68.04
C SER CA 24 -93.59 -57.08 -68.38
N THR CA 25 -94.39 -57.85 -69.12
CA THR CA 25 -93.98 -59.21 -69.47
C THR CA 25 -92.77 -59.19 -70.40
N THR CA 26 -91.76 -59.97 -70.04
CA THR CA 26 -90.54 -60.04 -70.83
C THR CA 26 -90.04 -61.47 -70.88
N PHE CA 27 -89.21 -61.76 -71.87
CA PHE CA 27 -88.47 -63.02 -71.94
C PHE CA 27 -87.12 -62.73 -72.56
N SER CA 28 -86.07 -62.85 -71.76
CA SER CA 28 -84.72 -62.54 -72.21
C SER CA 28 -83.90 -63.82 -72.31
N ALA CA 29 -83.07 -63.88 -73.36
CA ALA CA 29 -82.20 -65.02 -73.59
C ALA CA 29 -80.79 -64.50 -73.81
N SER CA 30 -79.87 -64.85 -72.92
CA SER CA 30 -78.48 -64.43 -73.00
C SER CA 30 -77.59 -65.66 -73.08
N LEU CA 31 -76.68 -65.67 -74.04
CA LEU CA 31 -75.78 -66.80 -74.28
C LEU CA 31 -74.35 -66.35 -74.10
N LEU CA 32 -73.59 -67.09 -73.29
CA LEU CA 32 -72.16 -66.88 -73.12
C LEU CA 32 -71.46 -68.08 -73.73
N ARG CA 33 -70.85 -67.89 -74.90
CA ARG CA 33 -70.16 -68.93 -75.61
C ARG CA 33 -68.66 -68.74 -75.43
N GLN CA 34 -67.96 -69.81 -75.06
CA GLN CA 34 -66.53 -69.74 -74.87
C GLN CA 34 -65.95 -71.14 -75.06
N ARG CA 35 -64.65 -71.18 -75.35
CA ARG CA 35 -63.94 -72.42 -75.67
C ARG CA 35 -63.29 -72.94 -74.40
N VAL CA 36 -63.51 -74.22 -74.09
CA VAL CA 36 -62.99 -74.84 -72.89
C VAL CA 36 -62.07 -75.98 -73.28
N LYS CA 37 -60.88 -76.00 -72.69
CA LYS CA 37 -59.86 -77.02 -72.95
C LYS CA 37 -59.89 -78.00 -71.78
N VAL CA 38 -60.69 -79.06 -71.91
CA VAL CA 38 -60.87 -80.00 -70.80
C VAL CA 38 -60.55 -81.42 -71.22
N GLY CA 39 -61.10 -81.87 -72.34
CA GLY CA 39 -60.96 -83.26 -72.74
C GLY CA 39 -59.71 -83.55 -73.54
N ILE CA 40 -58.57 -83.03 -73.08
CA ILE CA 40 -57.30 -83.07 -73.80
C ILE CA 40 -57.58 -82.72 -75.26
N ALA CA 41 -58.51 -81.80 -75.47
CA ALA CA 41 -58.98 -81.39 -76.78
C ALA CA 41 -59.89 -80.19 -76.58
N GLU CA 42 -59.88 -79.28 -77.55
CA GLU CA 42 -60.68 -78.07 -77.41
C GLU CA 42 -62.16 -78.39 -77.50
N LEU CA 43 -62.95 -77.76 -76.64
CA LEU CA 43 -64.39 -77.94 -76.66
C LEU CA 43 -65.06 -76.56 -76.57
N ASN CA 44 -66.20 -76.45 -77.25
CA ASN CA 44 -66.96 -75.21 -77.30
C ASN CA 44 -68.13 -75.32 -76.34
N ASN CA 45 -68.08 -74.57 -75.25
CA ASN CA 45 -69.11 -74.60 -74.23
C ASN CA 45 -69.99 -73.35 -74.38
N VAL CA 46 -71.30 -73.55 -74.25
CA VAL CA 46 -72.27 -72.47 -74.30
C VAL CA 46 -73.11 -72.52 -73.03
N SER CA 47 -73.37 -71.37 -72.44
CA SER CA 47 -74.17 -71.27 -71.22
C SER CA 47 -75.36 -70.36 -71.53
N GLY CA 48 -76.43 -70.96 -72.06
CA GLY CA 48 -77.64 -70.22 -72.35
C GLY CA 48 -78.40 -69.91 -71.08
N GLN CA 49 -78.95 -68.69 -71.02
CA GLN CA 49 -79.67 -68.23 -69.85
C GLN CA 49 -80.99 -67.63 -70.32
N TYR CA 50 -82.10 -68.22 -69.90
CA TYR CA 50 -83.42 -67.81 -70.33
C TYR CA 50 -84.21 -67.37 -69.12
N VAL CA 51 -84.72 -66.14 -69.15
CA VAL CA 51 -85.42 -65.54 -68.01
C VAL CA 51 -86.79 -65.10 -68.48
N SER CA 52 -87.83 -65.62 -67.85
CA SER CA 52 -89.21 -65.22 -68.11
C SER CA 52 -89.72 -64.48 -66.88
N VAL CA 53 -90.23 -63.27 -67.10
CA VAL CA 53 -90.65 -62.39 -66.01
C VAL CA 53 -92.07 -61.95 -66.26
N TYR CA 54 -92.93 -62.08 -65.24
CA TYR CA 54 -94.29 -61.58 -65.29
C TYR CA 54 -94.58 -60.84 -64.00
N LYS CA 55 -95.37 -59.78 -64.10
CA LYS CA 55 -95.79 -58.99 -62.96
C LYS CA 55 -97.27 -59.26 -62.72
N ARG CA 56 -97.58 -59.99 -61.66
CA ARG CA 56 -98.98 -60.28 -61.44
C ARG CA 56 -99.52 -59.49 -60.26
N PRO CA 57 -100.73 -58.94 -60.37
CA PRO CA 57 -101.32 -58.19 -59.26
C PRO CA 57 -101.65 -59.08 -58.07
N ALA CA 58 -102.05 -58.42 -56.99
CA ALA CA 58 -102.33 -59.07 -55.72
C ALA CA 58 -103.53 -60.01 -55.84
N PRO CA 59 -103.68 -60.95 -54.90
CA PRO CA 59 -104.77 -61.95 -54.99
C PRO CA 59 -106.17 -61.36 -55.02
N LYS CA 60 -106.33 -60.03 -54.95
CA LYS CA 60 -107.60 -59.33 -55.10
C LYS CA 60 -108.55 -59.81 -54.01
N PRO CA 61 -108.33 -59.38 -52.75
CA PRO CA 61 -109.14 -59.88 -51.62
C PRO CA 61 -110.62 -60.02 -51.90
N GLU CA 62 -111.19 -61.17 -51.52
CA GLU CA 62 -112.54 -61.54 -51.91
C GLU CA 62 -113.58 -60.61 -51.30
N GLY CA 63 -114.82 -60.72 -51.79
CA GLY CA 63 -115.88 -59.82 -51.41
C GLY CA 63 -115.83 -58.48 -52.10
N CYS CA 64 -114.89 -58.31 -53.02
CA CYS CA 64 -114.69 -57.01 -53.67
C CYS CA 64 -114.14 -57.24 -55.06
N ALA CA 65 -114.91 -56.89 -56.08
CA ALA CA 65 -114.44 -56.78 -57.46
C ALA CA 65 -114.67 -55.39 -58.03
N ASP CA 66 -115.87 -54.85 -57.83
CA ASP CA 66 -116.31 -53.57 -58.37
C ASP CA 66 -115.38 -52.40 -58.07
N ALA CA 67 -114.96 -52.26 -56.82
CA ALA CA 67 -114.33 -51.03 -56.36
C ALA CA 67 -113.09 -50.70 -57.17
N CYS CA 68 -112.90 -49.41 -57.40
CA CYS CA 68 -111.72 -48.90 -58.12
C CYS CA 68 -110.50 -48.91 -57.22
N VAL CA 69 -109.78 -50.03 -57.18
CA VAL CA 69 -108.61 -50.15 -56.32
C VAL CA 69 -107.43 -50.72 -57.09
N ILE CA 70 -106.42 -49.88 -57.29
CA ILE CA 70 -105.15 -50.30 -57.88
C ILE CA 70 -104.31 -50.98 -56.80
N MET CA 71 -103.86 -52.21 -57.08
CA MET CA 71 -103.12 -53.03 -56.14
C MET CA 71 -101.64 -53.19 -56.54
N PRO CA 72 -100.77 -53.36 -55.55
CA PRO CA 72 -99.34 -53.57 -55.84
C PRO CA 72 -99.09 -54.78 -56.72
N ASN CA 73 -98.05 -54.67 -57.53
CA ASN CA 73 -97.73 -55.70 -58.51
C ASN CA 73 -96.58 -56.57 -58.00
N GLU CA 74 -96.84 -57.85 -57.84
CA GLU CA 74 -95.86 -58.77 -57.29
C GLU CA 74 -95.23 -59.58 -58.43
N ASN CA 75 -93.96 -59.88 -58.26
CA ASN CA 75 -93.12 -60.38 -59.35
C ASN CA 75 -93.22 -61.89 -59.43
N GLN CA 76 -93.32 -62.39 -60.67
CA GLN CA 76 -93.34 -63.81 -60.96
C GLN CA 76 -92.29 -64.09 -62.01
N SER CA 77 -91.16 -64.64 -61.59
CA SER CA 77 -90.01 -64.82 -62.47
C SER CA 77 -89.62 -66.28 -62.54
N ILE CA 78 -89.32 -66.74 -63.75
CA ILE CA 78 -88.80 -68.08 -63.99
C ILE CA 78 -87.54 -67.94 -64.83
N ARG CA 79 -86.42 -68.42 -64.32
CA ARG CA 79 -85.16 -68.35 -65.03
C ARG CA 79 -84.50 -69.72 -65.04
N THR CA 80 -83.93 -70.08 -66.18
CA THR CA 80 -83.23 -71.35 -66.34
C THR CA 80 -81.92 -71.09 -67.06
N VAL CA 81 -80.91 -71.88 -66.74
CA VAL CA 81 -79.60 -71.79 -67.37
C VAL CA 81 -79.19 -73.18 -67.83
N ILE CA 82 -78.71 -73.27 -69.07
CA ILE CA 82 -78.31 -74.53 -69.67
C ILE CA 82 -76.85 -74.41 -70.08
N SER CA 83 -76.03 -75.35 -69.61
CA SER CA 83 -74.61 -75.37 -69.93
C SER CA 83 -74.23 -76.73 -70.51
N GLY CA 84 -73.21 -76.73 -71.34
CA GLY CA 84 -72.74 -77.97 -71.93
C GLY CA 84 -72.00 -77.71 -73.23
N SER CA 85 -71.24 -78.72 -73.63
CA SER CA 85 -70.48 -78.64 -74.87
C SER CA 85 -71.40 -78.72 -76.06
N ALA CA 86 -71.14 -77.87 -77.06
CA ALA CA 86 -71.94 -77.89 -78.27
C ALA CA 86 -71.79 -79.19 -79.03
N GLU CA 87 -70.62 -79.84 -78.90
CA GLU CA 87 -70.38 -81.10 -79.57
C GLU CA 87 -71.31 -82.21 -79.07
N ASN CA 88 -71.78 -82.11 -77.83
CA ASN CA 88 -72.72 -83.05 -77.27
C ASN CA 88 -74.14 -82.48 -77.24
N LEU CA 89 -74.50 -81.71 -78.27
CA LEU CA 89 -75.79 -81.06 -78.29
C LEU CA 89 -76.94 -82.06 -78.31
N ALA CA 90 -76.81 -83.13 -79.08
CA ALA CA 90 -77.92 -84.07 -79.24
C ALA CA 90 -78.31 -84.70 -77.90
N THR CA 91 -77.32 -85.13 -77.12
CA THR CA 91 -77.63 -85.69 -75.81
C THR CA 91 -78.04 -84.61 -74.82
N LEU CA 92 -77.55 -83.38 -74.99
CA LEU CA 92 -77.96 -82.31 -74.10
C LEU CA 92 -79.44 -81.99 -74.24
N LYS CA 93 -79.96 -82.03 -75.47
CA LYS CA 93 -81.39 -81.84 -75.68
C LYS CA 93 -82.19 -82.93 -74.98
N ALA CA 94 -81.68 -84.16 -74.99
CA ALA CA 94 -82.32 -85.23 -74.24
C ALA CA 94 -82.31 -84.94 -72.75
N GLU CA 95 -81.22 -84.34 -72.25
CA GLU CA 95 -81.18 -83.95 -70.85
C GLU CA 95 -82.24 -82.90 -70.55
N TRP CA 96 -82.44 -81.95 -71.46
CA TRP CA 96 -83.38 -80.88 -71.22
C TRP CA 96 -84.80 -81.41 -71.02
N GLU CA 97 -85.25 -82.28 -71.91
CA GLU CA 97 -86.61 -82.80 -71.78
C GLU CA 97 -86.75 -83.66 -70.52
N THR CA 98 -85.71 -84.39 -70.15
CA THR CA 98 -85.74 -85.11 -68.89
C THR CA 98 -85.83 -84.15 -67.71
N HIS CA 99 -85.05 -83.07 -67.76
CA HIS CA 99 -85.13 -82.06 -66.71
C HIS CA 99 -86.52 -81.46 -66.63
N LYS CA 100 -87.16 -81.27 -67.79
CA LYS CA 100 -88.55 -80.82 -67.80
C LYS CA 100 -89.44 -81.81 -67.05
N ARG CA 101 -89.29 -83.10 -67.36
CA ARG CA 101 -90.16 -84.11 -66.76
C ARG CA 101 -89.99 -84.18 -65.25
N ASN CA 102 -88.75 -84.09 -64.77
CA ASN CA 102 -88.52 -84.16 -63.34
C ASN CA 102 -89.22 -83.03 -62.60
N VAL CA 103 -89.15 -81.81 -63.14
CA VAL CA 103 -89.83 -80.70 -62.50
C VAL CA 103 -91.34 -80.86 -62.62
N ASP CA 104 -91.82 -81.38 -63.75
CA ASP CA 104 -93.25 -81.63 -63.90
C ASP CA 104 -93.77 -82.51 -62.77
N THR CA 105 -93.13 -83.66 -62.56
CA THR CA 105 -93.61 -84.59 -61.54
C THR CA 105 -93.34 -84.10 -60.13
N LEU CA 106 -92.55 -83.04 -59.98
CA LEU CA 106 -92.24 -82.54 -58.65
C LEU CA 106 -92.96 -81.24 -58.34
N PHE CA 107 -93.15 -80.37 -59.33
CA PHE CA 107 -93.76 -79.06 -59.10
C PHE CA 107 -95.06 -78.88 -59.85
N ALA CA 108 -95.07 -79.15 -61.16
CA ALA CA 108 -96.28 -78.91 -61.94
C ALA CA 108 -97.41 -79.83 -61.51
N SER CA 109 -97.14 -81.13 -61.44
CA SER CA 109 -98.13 -82.09 -60.99
C SER CA 109 -98.06 -82.36 -59.49
N GLY CA 110 -96.93 -82.06 -58.86
CA GLY CA 110 -96.78 -82.20 -57.43
C GLY CA 110 -97.27 -80.98 -56.69
N ASN CA 111 -96.72 -80.76 -55.51
CA ASN CA 111 -97.08 -79.60 -54.70
C ASN CA 111 -95.86 -78.87 -54.16
N ALA CA 112 -94.74 -78.92 -54.90
CA ALA CA 112 -93.56 -78.18 -54.49
C ALA CA 112 -93.78 -76.68 -54.50
N GLY CA 113 -94.76 -76.20 -55.26
CA GLY CA 113 -95.05 -74.78 -55.26
C GLY CA 113 -95.49 -74.28 -53.89
N LEU CA 114 -96.27 -75.07 -53.18
CA LEU CA 114 -96.68 -74.69 -51.83
C LEU CA 114 -95.52 -74.64 -50.85
N GLY CA 115 -94.42 -75.32 -51.15
CA GLY CA 115 -93.27 -75.32 -50.26
C GLY CA 115 -93.00 -76.67 -49.65
N PHE CA 116 -93.56 -77.71 -50.25
CA PHE CA 116 -93.38 -79.07 -49.76
C PHE CA 116 -92.64 -79.92 -50.77
N LEU CA 117 -91.60 -80.62 -50.31
CA LEU CA 117 -90.80 -81.48 -51.16
C LEU CA 117 -91.14 -82.92 -50.83
N ASP CA 118 -91.54 -83.66 -51.85
CA ASP CA 118 -91.98 -85.04 -51.63
C ASP CA 118 -90.79 -85.99 -51.78
N PRO CA 119 -90.31 -86.57 -50.68
CA PRO CA 119 -89.14 -87.46 -50.77
C PRO CA 119 -89.42 -88.74 -51.53
N THR CA 120 -90.68 -89.14 -51.68
CA THR CA 120 -91.03 -90.36 -52.39
C THR CA 120 -91.50 -90.09 -53.82
N ALA CA 121 -91.30 -88.88 -54.32
CA ALA CA 121 -91.65 -88.58 -55.70
C ALA CA 121 -90.80 -89.41 -56.66
N ALA CA 122 -91.45 -89.92 -57.71
CA ALA CA 122 -90.79 -90.78 -58.67
C ALA CA 122 -90.19 -89.91 -59.78
N ILE CA 123 -88.91 -89.57 -59.62
CA ILE CA 123 -88.21 -88.81 -60.65
C ILE CA 123 -87.35 -89.77 -61.43
N VAL CA 124 -87.02 -89.40 -62.67
CA VAL CA 124 -86.50 -90.34 -63.64
C VAL CA 124 -85.27 -89.74 -64.31
N SER CA 125 -84.31 -90.61 -64.63
CA SER CA 125 -83.07 -90.19 -65.25
C SER CA 125 -83.17 -90.17 -66.77
N SER CA 126 -82.17 -89.55 -67.40
CA SER CA 126 -82.14 -89.48 -68.86
C SER CA 126 -81.89 -90.84 -69.48
N ASP CA 127 -80.97 -91.61 -68.93
CA ASP CA 127 -80.58 -92.89 -69.52
C ASP CA 127 -81.73 -93.89 -69.46
N THR CA 128 -81.83 -94.71 -70.50
CA THR CA 128 -82.90 -95.69 -70.64
C THR CA 128 -82.35 -97.09 -70.46
N THR CA 129 -83.26 -98.05 -70.42
CA THR CA 129 -82.89 -99.46 -70.32
C THR CA 129 -82.69 -100.08 -71.69
N ALA DA 1 -83.46 -112.09 54.22
CA ALA DA 1 -83.20 -111.65 55.59
C ALA DA 1 -82.06 -110.63 55.61
N ASN DA 2 -82.28 -109.49 54.96
CA ASN DA 2 -81.28 -108.44 54.88
C ASN DA 2 -81.96 -107.11 55.16
N LYS DA 3 -81.15 -106.09 55.40
CA LYS DA 3 -81.68 -104.78 55.72
C LYS DA 3 -82.45 -104.22 54.52
N PRO DA 4 -83.67 -103.73 54.71
CA PRO DA 4 -84.33 -102.98 53.65
C PRO DA 4 -83.49 -101.78 53.27
N MET DA 5 -83.46 -101.48 51.98
CA MET DA 5 -82.44 -100.62 51.39
C MET DA 5 -83.09 -99.29 51.05
N GLN DA 6 -82.54 -98.20 51.60
CA GLN DA 6 -83.23 -96.92 51.61
C GLN DA 6 -82.82 -96.06 50.42
N PRO DA 7 -83.77 -95.51 49.67
CA PRO DA 7 -83.43 -94.57 48.60
C PRO DA 7 -83.19 -93.17 49.15
N ILE DA 8 -82.28 -92.45 48.49
CA ILE DA 8 -82.00 -91.06 48.85
C ILE DA 8 -82.12 -90.09 47.69
N THR DA 9 -81.92 -90.50 46.45
CA THR DA 9 -81.98 -89.58 45.31
C THR DA 9 -82.84 -90.23 44.24
N SER DA 10 -84.10 -89.83 44.17
CA SER DA 10 -85.05 -90.37 43.21
C SER DA 10 -85.15 -89.44 42.02
N THR DA 11 -84.96 -89.98 40.82
CA THR DA 11 -85.05 -89.21 39.59
C THR DA 11 -85.50 -90.15 38.48
N ALA DA 12 -86.11 -89.56 37.46
CA ALA DA 12 -86.55 -90.36 36.32
C ALA DA 12 -85.38 -91.01 35.58
N ASN DA 13 -84.16 -90.54 35.83
CA ASN DA 13 -82.97 -91.08 35.18
C ASN DA 13 -82.08 -91.87 36.11
N LYS DA 14 -82.08 -91.57 37.41
CA LYS DA 14 -81.19 -92.24 38.35
C LYS DA 14 -81.86 -92.37 39.70
N ILE DA 15 -81.67 -93.53 40.33
CA ILE DA 15 -82.09 -93.76 41.71
C ILE DA 15 -80.87 -94.22 42.49
N VAL DA 16 -80.74 -93.73 43.72
CA VAL DA 16 -79.60 -94.06 44.57
C VAL DA 16 -80.12 -94.58 45.90
N TRP DA 17 -79.68 -95.77 46.28
CA TRP DA 17 -80.04 -96.37 47.55
C TRP DA 17 -78.82 -96.42 48.47
N SER DA 18 -79.00 -96.04 49.73
CA SER DA 18 -77.99 -96.22 50.76
C SER DA 18 -78.65 -96.86 51.97
N ASP DA 19 -77.90 -97.72 52.64
CA ASP DA 19 -78.42 -98.39 53.82
C ASP DA 19 -78.64 -97.39 54.95
N PRO DA 20 -79.80 -97.39 55.60
CA PRO DA 20 -80.02 -96.43 56.69
C PRO DA 20 -79.03 -96.59 57.84
N THR DA 21 -78.65 -97.83 58.18
CA THR DA 21 -77.74 -98.04 59.29
C THR DA 21 -76.31 -97.67 58.93
N ARG DA 22 -75.97 -97.65 57.64
CA ARG DA 22 -74.64 -97.23 57.20
C ARG DA 22 -74.79 -96.67 55.79
N LEU DA 23 -74.66 -95.35 55.67
CA LEU DA 23 -74.77 -94.71 54.37
C LEU DA 23 -73.57 -94.98 53.47
N SER DA 24 -72.52 -95.59 54.02
CA SER DA 24 -71.32 -95.84 53.23
C SER DA 24 -71.62 -96.78 52.06
N THR DA 25 -72.35 -97.86 52.32
CA THR DA 25 -72.74 -98.78 51.27
C THR DA 25 -73.87 -98.20 50.45
N THR DA 26 -73.82 -98.37 49.13
CA THR DA 26 -74.78 -97.77 48.23
C THR DA 26 -75.22 -98.78 47.18
N PHE DA 27 -76.24 -98.41 46.43
CA PHE DA 27 -76.65 -99.13 45.24
C PHE DA 27 -77.44 -98.17 44.36
N SER DA 28 -76.93 -97.90 43.17
CA SER DA 28 -77.54 -96.93 42.28
C SER DA 28 -77.82 -97.55 40.92
N ALA DA 29 -78.84 -97.04 40.24
CA ALA DA 29 -79.21 -97.51 38.91
C ALA DA 29 -79.49 -96.30 38.03
N SER DA 30 -78.87 -96.29 36.85
CA SER DA 30 -79.06 -95.22 35.89
C SER DA 30 -79.45 -95.79 34.53
N LEU DA 31 -80.16 -94.99 33.75
CA LEU DA 31 -80.68 -95.44 32.46
C LEU DA 31 -80.37 -94.41 31.39
N LEU DA 32 -80.15 -94.90 30.17
CA LEU DA 32 -79.96 -94.04 29.01
C LEU DA 32 -80.82 -94.59 27.89
N ARG DA 33 -81.80 -93.79 27.46
CA ARG DA 33 -82.70 -94.17 26.38
C ARG DA 33 -82.42 -93.29 25.17
N GLN DA 34 -82.18 -93.92 24.02
CA GLN DA 34 -82.01 -93.18 22.79
C GLN DA 34 -82.44 -94.06 21.63
N ARG DA 35 -82.77 -93.41 20.52
CA ARG DA 35 -83.24 -94.11 19.33
C ARG DA 35 -82.05 -94.55 18.50
N VAL DA 36 -82.08 -95.80 18.03
CA VAL DA 36 -81.03 -96.35 17.18
C VAL DA 36 -81.67 -96.92 15.93
N LYS DA 37 -81.17 -96.50 14.77
CA LYS DA 37 -81.72 -96.92 13.48
C LYS DA 37 -80.90 -98.09 12.97
N VAL DA 38 -81.49 -99.29 13.02
CA VAL DA 38 -80.80 -100.49 12.57
C VAL DA 38 -80.87 -100.57 11.06
N GLY DA 39 -82.09 -100.73 10.53
CA GLY DA 39 -82.30 -100.70 9.10
C GLY DA 39 -83.78 -100.64 8.79
N ILE DA 40 -84.16 -99.66 7.95
CA ILE DA 40 -85.54 -99.37 7.54
C ILE DA 40 -86.50 -99.56 8.72
N ALA DA 41 -86.00 -99.33 9.94
CA ALA DA 41 -86.80 -99.54 11.14
C ALA DA 41 -86.09 -98.88 12.31
N GLU DA 42 -86.81 -98.08 13.08
CA GLU DA 42 -86.23 -97.39 14.22
C GLU DA 42 -86.54 -98.17 15.49
N LEU DA 43 -85.51 -98.42 16.29
CA LEU DA 43 -85.64 -99.21 17.51
C LEU DA 43 -85.15 -98.41 18.70
N ASN DA 44 -85.88 -98.50 19.80
CA ASN DA 44 -85.53 -97.80 21.03
C ASN DA 44 -84.55 -98.64 21.83
N ASN DA 45 -83.43 -98.04 22.18
CA ASN DA 45 -82.36 -98.72 22.91
C ASN DA 45 -82.25 -98.14 24.31
N VAL DA 46 -82.04 -99.01 25.29
CA VAL DA 46 -81.83 -98.62 26.68
C VAL DA 46 -80.54 -99.26 27.16
N SER DA 47 -79.82 -98.55 28.03
CA SER DA 47 -78.57 -99.02 28.59
C SER DA 47 -78.59 -98.76 30.09
N GLY DA 48 -79.11 -99.71 30.85
CA GLY DA 48 -79.11 -99.58 32.29
C GLY DA 48 -77.70 -99.68 32.84
N GLN DA 49 -77.48 -99.03 33.98
CA GLN DA 49 -76.18 -99.04 34.64
C GLN DA 49 -76.42 -99.18 36.13
N TYR DA 50 -76.09 -100.34 36.68
CA TYR DA 50 -76.36 -100.67 38.08
C TYR DA 50 -75.03 -100.80 38.80
N VAL DA 51 -74.87 -100.04 39.88
CA VAL DA 51 -73.60 -99.95 40.60
C VAL DA 51 -73.86 -100.30 42.05
N SER DA 52 -73.11 -101.25 42.58
CA SER DA 52 -73.17 -101.62 43.99
C SER DA 52 -71.79 -101.37 44.60
N VAL DA 53 -71.75 -100.60 45.68
CA VAL DA 53 -70.51 -100.17 46.29
C VAL DA 53 -70.55 -100.51 47.77
N TYR DA 54 -69.46 -101.10 48.27
CA TYR DA 54 -69.30 -101.38 49.69
C TYR DA 54 -67.91 -100.95 50.13
N LYS DA 55 -67.80 -100.62 51.41
CA LYS DA 55 -66.54 -100.26 52.04
C LYS DA 55 -66.22 -101.28 53.11
N ARG DA 56 -65.10 -101.99 52.95
CA ARG DA 56 -64.68 -103.00 53.90
C ARG DA 56 -63.41 -102.56 54.61
N PRO DA 57 -63.39 -102.54 55.93
CA PRO DA 57 -62.23 -102.00 56.64
C PRO DA 57 -61.09 -102.99 56.76
N ALA DA 58 -60.33 -103.18 55.67
CA ALA DA 58 -59.10 -103.97 55.64
C ALA DA 58 -59.39 -105.43 55.98
N PRO DA 59 -58.40 -106.34 55.87
CA PRO DA 59 -58.62 -107.72 56.33
C PRO DA 59 -58.45 -107.84 57.83
N LYS DA 60 -57.57 -107.02 58.40
CA LYS DA 60 -57.33 -106.94 59.84
C LYS DA 60 -57.03 -108.33 60.39
N PRO DA 61 -55.83 -108.86 60.16
CA PRO DA 61 -55.53 -110.27 60.48
C PRO DA 61 -55.86 -110.65 61.91
N GLU DA 62 -56.75 -111.63 62.06
CA GLU DA 62 -57.18 -112.23 63.33
C GLU DA 62 -57.37 -111.21 64.46
N GLY DA 63 -57.86 -110.02 64.12
CA GLY DA 63 -58.49 -109.10 65.06
C GLY DA 63 -57.86 -108.94 66.43
N CYS DA 64 -56.67 -108.35 66.51
CA CYS DA 64 -56.02 -108.18 67.80
C CYS DA 64 -56.29 -106.78 68.36
N ALA DA 65 -55.84 -105.75 67.64
CA ALA DA 65 -56.14 -104.38 68.04
C ALA DA 65 -57.64 -104.13 68.04
N ASP DA 66 -58.34 -104.80 67.13
CA ASP DA 66 -59.80 -104.87 66.99
C ASP DA 66 -60.61 -103.75 67.64
N ALA DA 67 -60.56 -103.65 68.97
CA ALA DA 67 -61.51 -102.79 69.69
C ALA DA 67 -61.41 -101.34 69.27
N CYS DA 68 -62.34 -100.92 68.40
CA CYS DA 68 -62.49 -99.55 67.91
C CYS DA 68 -61.17 -98.78 67.89
N VAL DA 69 -60.23 -99.35 67.16
CA VAL DA 69 -59.17 -98.59 66.51
C VAL DA 69 -59.42 -98.86 65.03
N ILE DA 70 -59.90 -97.82 64.33
CA ILE DA 70 -60.56 -98.03 63.06
C ILE DA 70 -59.56 -98.19 61.93
N MET DA 71 -59.72 -99.26 61.16
CA MET DA 71 -58.88 -99.55 60.02
C MET DA 71 -59.20 -98.63 58.87
N PRO DA 72 -58.22 -98.30 58.03
CA PRO DA 72 -58.52 -97.57 56.81
C PRO DA 72 -59.36 -98.43 55.88
N ASN DA 73 -60.34 -97.82 55.21
CA ASN DA 73 -61.27 -98.60 54.43
C ASN DA 73 -60.84 -98.67 52.97
N GLU DA 74 -61.45 -99.61 52.24
CA GLU DA 74 -61.15 -99.83 50.84
C GLU DA 74 -62.44 -100.10 50.09
N ASN DA 75 -62.37 -100.00 48.76
CA ASN DA 75 -63.53 -100.02 47.91
C ASN DA 75 -63.79 -101.44 47.39
N GLN DA 76 -65.05 -101.87 47.47
CA GLN DA 76 -65.52 -103.08 46.82
C GLN DA 76 -66.73 -102.69 45.97
N SER DA 77 -66.52 -102.53 44.67
CA SER DA 77 -67.55 -102.04 43.77
C SER DA 77 -67.80 -103.04 42.65
N ILE DA 78 -69.08 -103.28 42.36
CA ILE DA 78 -69.49 -104.10 41.24
C ILE DA 78 -70.50 -103.29 40.43
N ARG DA 79 -70.22 -103.11 39.15
CA ARG DA 79 -71.10 -102.35 38.27
C ARG DA 79 -71.44 -103.17 37.04
N THR DA 80 -72.62 -102.94 36.50
CA THR DA 80 -73.16 -103.74 35.40
C THR DA 80 -73.90 -102.83 34.44
N VAL DA 81 -73.73 -103.06 33.15
CA VAL DA 81 -74.46 -102.34 32.11
C VAL DA 81 -75.21 -103.35 31.26
N ILE DA 82 -76.46 -103.06 30.95
CA ILE DA 82 -77.31 -103.91 30.14
C ILE DA 82 -77.79 -103.08 28.97
N SER DA 83 -77.27 -103.37 27.77
CA SER DA 83 -77.61 -102.62 26.58
C SER DA 83 -78.37 -103.52 25.61
N GLY DA 84 -79.51 -103.02 25.12
CA GLY DA 84 -80.29 -103.77 24.16
C GLY DA 84 -81.55 -103.02 23.82
N SER DA 85 -82.15 -103.41 22.71
CA SER DA 85 -83.40 -102.81 22.29
C SER DA 85 -84.55 -103.27 23.18
N ALA DA 86 -85.40 -102.32 23.56
CA ALA DA 86 -86.49 -102.65 24.48
C ALA DA 86 -87.45 -103.64 23.86
N GLU DA 87 -87.73 -103.52 22.56
CA GLU DA 87 -88.66 -104.42 21.91
C GLU DA 87 -88.15 -105.85 21.88
N ASN DA 88 -86.85 -106.05 22.06
CA ASN DA 88 -86.26 -107.38 22.11
C ASN DA 88 -85.86 -107.77 23.52
N LEU DA 89 -86.64 -107.35 24.52
CA LEU DA 89 -86.26 -107.56 25.91
C LEU DA 89 -86.45 -109.00 26.35
N ALA DA 90 -87.43 -109.71 25.80
CA ALA DA 90 -87.75 -111.04 26.29
C ALA DA 90 -86.54 -111.96 26.26
N THR DA 91 -85.79 -111.91 25.15
CA THR DA 91 -84.58 -112.73 25.06
C THR DA 91 -83.46 -112.16 25.92
N LEU DA 92 -83.43 -110.85 26.13
CA LEU DA 92 -82.34 -110.26 26.90
C LEU DA 92 -82.32 -110.76 28.34
N LYS DA 93 -83.50 -111.13 28.86
CA LYS DA 93 -83.54 -111.74 30.19
C LYS DA 93 -82.74 -113.02 30.22
N ALA DA 94 -82.89 -113.85 29.18
CA ALA DA 94 -82.09 -115.06 29.08
C ALA DA 94 -80.61 -114.75 28.97
N GLU DA 95 -80.27 -113.71 28.20
CA GLU DA 95 -78.87 -113.31 28.09
C GLU DA 95 -78.32 -112.90 29.45
N TRP DA 96 -79.10 -112.14 30.21
CA TRP DA 96 -78.68 -111.76 31.55
C TRP DA 96 -78.54 -112.98 32.44
N GLU DA 97 -79.48 -113.93 32.33
CA GLU DA 97 -79.40 -115.13 33.15
C GLU DA 97 -78.17 -115.95 32.83
N THR DA 98 -77.89 -116.16 31.54
CA THR DA 98 -76.71 -116.93 31.16
C THR DA 98 -75.43 -116.21 31.53
N HIS DA 99 -75.42 -114.88 31.37
CA HIS DA 99 -74.24 -114.11 31.78
C HIS DA 99 -73.96 -114.31 33.26
N LYS DA 100 -75.01 -114.47 34.07
CA LYS DA 100 -74.81 -114.76 35.49
C LYS DA 100 -74.11 -116.10 35.67
N ARG DA 101 -74.55 -117.13 34.95
CA ARG DA 101 -73.96 -118.45 35.10
C ARG DA 101 -72.51 -118.46 34.64
N ASN DA 102 -72.22 -117.75 33.54
CA ASN DA 102 -70.87 -117.78 33.00
C ASN DA 102 -69.86 -117.20 33.98
N VAL DA 103 -70.19 -116.05 34.58
CA VAL DA 103 -69.27 -115.47 35.55
C VAL DA 103 -69.22 -116.31 36.83
N ASP DA 104 -70.34 -116.90 37.23
CA ASP DA 104 -70.37 -117.70 38.45
C ASP DA 104 -69.38 -118.86 38.35
N THR DA 105 -69.44 -119.62 37.26
CA THR DA 105 -68.53 -120.74 37.10
C THR DA 105 -67.10 -120.26 36.89
N LEU DA 106 -66.92 -118.97 36.64
CA LEU DA 106 -65.58 -118.41 36.46
C LEU DA 106 -65.09 -117.71 37.71
N PHE DA 107 -65.91 -116.85 38.31
CA PHE DA 107 -65.51 -116.04 39.45
C PHE DA 107 -65.97 -116.65 40.77
N ALA DA 108 -67.27 -116.90 40.91
CA ALA DA 108 -67.80 -117.46 42.16
C ALA DA 108 -67.23 -118.84 42.41
N SER DA 109 -67.54 -119.79 41.54
CA SER DA 109 -67.03 -121.15 41.73
C SER DA 109 -65.52 -121.21 41.54
N GLY DA 110 -65.02 -120.54 40.51
CA GLY DA 110 -63.60 -120.54 40.23
C GLY DA 110 -62.85 -119.58 41.14
N ASN DA 111 -61.57 -119.37 40.79
CA ASN DA 111 -60.72 -118.47 41.54
C ASN DA 111 -60.32 -117.26 40.71
N ALA DA 112 -61.23 -116.78 39.86
CA ALA DA 112 -60.94 -115.59 39.06
C ALA DA 112 -60.72 -114.36 39.95
N GLY DA 113 -61.36 -114.33 41.12
CA GLY DA 113 -61.17 -113.20 42.02
C GLY DA 113 -59.72 -113.06 42.47
N LEU DA 114 -59.05 -114.18 42.71
CA LEU DA 114 -57.65 -114.13 43.10
C LEU DA 114 -56.76 -113.60 41.99
N GLY DA 115 -57.16 -113.76 40.73
CA GLY DA 115 -56.37 -113.29 39.62
C GLY DA 115 -55.97 -114.39 38.67
N PHE DA 116 -56.65 -115.53 38.74
CA PHE DA 116 -56.32 -116.69 37.93
C PHE DA 116 -57.45 -116.99 36.96
N LEU DA 117 -57.09 -117.21 35.70
CA LEU DA 117 -58.03 -117.53 34.64
C LEU DA 117 -57.85 -118.97 34.20
N ASP DA 118 -58.98 -119.67 34.03
CA ASP DA 118 -58.96 -121.08 33.71
C ASP DA 118 -59.44 -121.28 32.27
N PRO DA 119 -58.52 -121.51 31.33
CA PRO DA 119 -58.95 -121.69 29.93
C PRO DA 119 -59.85 -122.90 29.72
N THR DA 120 -59.77 -123.90 30.58
CA THR DA 120 -60.61 -125.08 30.45
C THR DA 120 -61.92 -124.98 31.20
N ALA DA 121 -62.25 -123.80 31.73
CA ALA DA 121 -63.54 -123.61 32.37
C ALA DA 121 -64.67 -123.82 31.38
N ALA DA 122 -65.71 -124.53 31.82
CA ALA DA 122 -66.83 -124.87 30.96
C ALA DA 122 -67.90 -123.79 31.06
N ILE DA 123 -68.11 -123.06 29.97
CA ILE DA 123 -69.14 -122.03 29.90
C ILE DA 123 -69.99 -122.28 28.67
N VAL DA 124 -71.26 -121.89 28.76
CA VAL DA 124 -72.23 -122.18 27.71
C VAL DA 124 -72.97 -120.91 27.34
N SER DA 125 -73.50 -120.91 26.12
CA SER DA 125 -74.09 -119.72 25.52
C SER DA 125 -75.57 -119.60 25.86
N SER DA 126 -76.15 -118.46 25.47
CA SER DA 126 -77.56 -118.21 25.76
C SER DA 126 -78.46 -119.20 25.02
N ASP DA 127 -78.19 -119.44 23.74
CA ASP DA 127 -79.03 -120.33 22.97
C ASP DA 127 -78.82 -121.78 23.40
N THR DA 128 -79.80 -122.62 23.09
CA THR DA 128 -79.78 -124.02 23.48
C THR DA 128 -80.14 -124.89 22.29
N THR DA 129 -79.83 -126.17 22.41
CA THR DA 129 -80.13 -127.15 21.38
C THR DA 129 -81.64 -127.42 21.31
N ALA EA 1 -110.59 -99.84 26.55
CA ALA EA 1 -109.66 -100.94 26.34
C ALA EA 1 -108.29 -100.41 25.91
N ASN EA 2 -108.14 -99.10 25.98
CA ASN EA 2 -106.90 -98.48 25.54
C ASN EA 2 -105.76 -98.80 26.50
N LYS EA 3 -104.58 -99.00 25.95
CA LYS EA 3 -103.40 -99.25 26.77
C LYS EA 3 -103.01 -97.98 27.51
N PRO EA 4 -102.79 -98.02 28.81
CA PRO EA 4 -102.32 -96.85 29.55
C PRO EA 4 -100.80 -96.73 29.51
N MET EA 5 -100.34 -95.48 29.44
CA MET EA 5 -98.91 -95.22 29.47
C MET EA 5 -98.42 -95.07 30.90
N GLN EA 6 -97.10 -95.07 31.04
CA GLN EA 6 -96.44 -94.82 32.31
C GLN EA 6 -95.53 -93.61 32.16
N PRO EA 7 -95.35 -92.82 33.21
CA PRO EA 7 -94.44 -91.69 33.13
C PRO EA 7 -93.02 -92.15 32.87
N ILE EA 8 -92.31 -91.38 32.04
CA ILE EA 8 -90.93 -91.68 31.67
C ILE EA 8 -89.97 -90.68 32.31
N THR EA 9 -90.16 -89.40 32.04
CA THR EA 9 -89.22 -88.36 32.49
C THR EA 9 -90.00 -87.28 33.23
N SER EA 10 -90.05 -87.38 34.55
CA SER EA 10 -90.54 -86.27 35.34
C SER EA 10 -89.50 -85.16 35.36
N THR EA 11 -89.96 -83.93 35.53
CA THR EA 11 -89.08 -82.77 35.54
C THR EA 11 -89.75 -81.72 36.41
N ALA EA 12 -89.10 -80.57 36.54
CA ALA EA 12 -89.69 -79.47 37.31
C ALA EA 12 -91.05 -79.08 36.76
N ASN EA 13 -91.15 -78.95 35.44
CA ASN EA 13 -92.39 -78.55 34.80
C ASN EA 13 -92.64 -79.36 33.54
N LYS EA 14 -92.37 -80.66 33.61
CA LYS EA 14 -92.53 -81.50 32.42
C LYS EA 14 -92.62 -82.96 32.84
N ILE EA 15 -93.62 -83.66 32.29
CA ILE EA 15 -93.77 -85.10 32.45
C ILE EA 15 -94.03 -85.71 31.09
N VAL EA 16 -93.32 -86.79 30.79
CA VAL EA 16 -93.46 -87.51 29.53
C VAL EA 16 -93.95 -88.92 29.84
N TRP EA 17 -95.01 -89.31 29.16
CA TRP EA 17 -95.62 -90.62 29.35
C TRP EA 17 -95.37 -91.44 28.09
N SER EA 18 -95.16 -92.75 28.25
CA SER EA 18 -94.89 -93.61 27.11
C SER EA 18 -95.55 -94.96 27.31
N ASP EA 19 -95.95 -95.56 26.19
CA ASP EA 19 -96.57 -96.87 26.22
C ASP EA 19 -95.50 -97.94 26.42
N PRO EA 20 -95.62 -98.81 27.41
CA PRO EA 20 -94.59 -99.84 27.62
C PRO EA 20 -94.41 -100.75 26.42
N THR EA 21 -95.49 -101.10 25.72
CA THR EA 21 -95.36 -102.00 24.59
C THR EA 21 -94.76 -101.29 23.38
N ARG EA 22 -95.18 -100.06 23.13
CA ARG EA 22 -94.73 -99.28 21.98
C ARG EA 22 -94.18 -97.97 22.50
N LEU EA 23 -92.87 -97.92 22.74
CA LEU EA 23 -92.26 -96.73 23.32
C LEU EA 23 -92.27 -95.54 22.38
N SER EA 24 -92.57 -95.75 21.10
CA SER EA 24 -92.67 -94.61 20.18
C SER EA 24 -93.81 -93.69 20.58
N THR EA 25 -94.95 -94.25 20.97
CA THR EA 25 -96.09 -93.44 21.39
C THR EA 25 -95.78 -92.74 22.69
N THR EA 26 -95.96 -91.41 22.71
CA THR EA 26 -95.70 -90.64 23.91
C THR EA 26 -96.79 -89.59 24.11
N PHE EA 27 -96.83 -89.03 25.31
CA PHE EA 27 -97.67 -87.89 25.61
C PHE EA 27 -96.90 -87.01 26.59
N SER EA 28 -96.71 -85.75 26.24
CA SER EA 28 -95.91 -84.83 27.03
C SER EA 28 -96.73 -83.62 27.45
N ALA EA 29 -96.45 -83.11 28.65
CA ALA EA 29 -97.12 -81.93 29.17
C ALA EA 29 -96.09 -81.04 29.85
N SER EA 30 -96.04 -79.77 29.44
CA SER EA 30 -95.12 -78.80 30.01
C SER EA 30 -95.89 -77.54 30.37
N LEU EA 31 -95.55 -76.94 31.50
CA LEU EA 31 -96.29 -75.83 32.06
C LEU EA 31 -95.37 -74.65 32.31
N LEU EA 32 -95.88 -73.45 32.07
CA LEU EA 32 -95.18 -72.20 32.35
C LEU EA 32 -96.02 -71.38 33.30
N ARG EA 33 -95.38 -70.81 34.33
CA ARG EA 33 -96.06 -69.98 35.32
C ARG EA 33 -95.43 -68.60 35.33
N GLN EA 34 -96.23 -67.57 35.05
CA GLN EA 34 -95.75 -66.22 34.89
C GLN EA 34 -96.50 -65.27 35.82
N ARG EA 35 -95.85 -64.15 36.14
CA ARG EA 35 -96.47 -63.04 36.83
C ARG EA 35 -96.82 -61.98 35.80
N VAL EA 36 -98.09 -61.59 35.74
CA VAL EA 36 -98.58 -60.69 34.71
C VAL EA 36 -99.25 -59.49 35.38
N LYS EA 37 -98.92 -58.30 34.91
CA LYS EA 37 -99.55 -57.06 35.37
C LYS EA 37 -100.52 -56.59 34.30
N VAL EA 38 -101.79 -56.97 34.44
CA VAL EA 38 -102.83 -56.43 33.56
C VAL EA 38 -103.08 -54.95 33.83
N GLY EA 39 -102.60 -54.44 34.96
CA GLY EA 39 -102.95 -53.13 35.45
C GLY EA 39 -103.54 -53.24 36.84
N ILE EA 40 -102.81 -52.71 37.83
CA ILE EA 40 -103.19 -52.68 39.24
C ILE EA 40 -103.72 -54.03 39.72
N ALA EA 41 -103.22 -55.12 39.15
CA ALA EA 41 -103.68 -56.45 39.55
C ALA EA 41 -102.55 -57.45 39.36
N GLU EA 42 -102.61 -58.52 40.16
CA GLU EA 42 -101.65 -59.61 40.08
C GLU EA 42 -102.28 -60.79 39.35
N LEU EA 43 -101.56 -61.35 38.39
CA LEU EA 43 -102.07 -62.42 37.55
C LEU EA 43 -101.17 -63.64 37.66
N ASN EA 44 -101.78 -64.81 37.78
CA ASN EA 44 -101.06 -66.08 37.73
C ASN EA 44 -101.33 -66.69 36.35
N ASN EA 45 -100.47 -66.35 35.40
CA ASN EA 45 -100.63 -66.82 34.04
C ASN EA 45 -100.00 -68.19 33.89
N VAL EA 46 -100.78 -69.15 33.40
CA VAL EA 46 -100.31 -70.51 33.17
C VAL EA 46 -100.56 -70.86 31.71
N SER EA 47 -99.52 -71.33 31.03
CA SER EA 47 -99.61 -71.71 29.62
C SER EA 47 -99.14 -73.15 29.48
N GLY EA 48 -100.06 -74.10 29.61
CA GLY EA 48 -99.74 -75.50 29.49
C GLY EA 48 -99.59 -75.92 28.04
N GLN EA 49 -98.65 -76.82 27.79
CA GLN EA 49 -98.36 -77.31 26.45
C GLN EA 49 -98.45 -78.82 26.46
N TYR EA 50 -99.35 -79.36 25.66
CA TYR EA 50 -99.63 -80.79 25.63
C TYR EA 50 -99.36 -81.31 24.23
N VAL EA 51 -98.45 -82.28 24.12
CA VAL EA 51 -98.03 -82.82 22.83
C VAL EA 51 -98.22 -84.32 22.86
N SER EA 52 -98.95 -84.84 21.87
CA SER EA 52 -99.14 -86.28 21.69
C SER EA 52 -98.66 -86.65 20.30
N VAL EA 53 -97.80 -87.66 20.23
CA VAL EA 53 -97.19 -88.07 18.97
C VAL EA 53 -97.34 -89.58 18.81
N TYR EA 54 -97.40 -90.03 17.57
CA TYR EA 54 -97.50 -91.45 17.24
C TYR EA 54 -96.79 -91.69 15.93
N LYS EA 55 -96.12 -92.83 15.82
CA LYS EA 55 -95.44 -93.24 14.60
C LYS EA 55 -96.26 -94.35 13.95
N ARG EA 56 -97.07 -94.00 12.97
CA ARG EA 56 -97.81 -95.04 12.30
C ARG EA 56 -97.13 -95.42 11.00
N PRO EA 57 -97.22 -96.67 10.59
CA PRO EA 57 -96.67 -97.07 9.29
C PRO EA 57 -97.45 -96.42 8.16
N ALA EA 58 -96.77 -96.28 7.03
CA ALA EA 58 -97.42 -95.74 5.85
C ALA EA 58 -98.56 -96.67 5.43
N PRO EA 59 -99.60 -96.13 4.77
CA PRO EA 59 -100.79 -96.96 4.48
C PRO EA 59 -100.48 -98.19 3.65
N LYS EA 60 -101.17 -99.27 3.96
CA LYS EA 60 -100.94 -100.53 3.26
C LYS EA 60 -101.36 -100.39 1.80
N PRO EA 61 -100.58 -100.94 0.85
CA PRO EA 61 -101.02 -100.91 -0.55
C PRO EA 61 -102.36 -101.59 -0.72
N GLU EA 62 -103.21 -101.02 -1.57
CA GLU EA 62 -104.61 -101.43 -1.66
C GLU EA 62 -104.74 -102.89 -2.05
N GLY EA 63 -105.59 -103.62 -1.34
CA GLY EA 63 -105.81 -105.03 -1.66
C GLY EA 63 -104.57 -105.89 -1.49
N CYS EA 64 -103.75 -105.58 -0.50
CA CYS EA 64 -102.58 -106.39 -0.18
C CYS EA 64 -102.63 -106.77 1.28
N ALA EA 65 -102.89 -108.05 1.55
CA ALA EA 65 -102.90 -108.55 2.94
C ALA EA 65 -101.50 -108.93 3.38
N ASP EA 66 -100.89 -109.89 2.68
CA ASP EA 66 -99.59 -110.44 3.05
C ASP EA 66 -99.56 -110.80 4.52
N ALA EA 67 -98.86 -109.97 5.31
CA ALA EA 67 -98.64 -110.16 6.73
C ALA EA 67 -97.61 -109.15 7.21
N CYS EA 68 -96.47 -109.09 6.52
CA CYS EA 68 -95.46 -108.06 6.77
C CYS EA 68 -94.69 -107.70 5.50
N VAL EA 69 -95.17 -106.67 4.83
CA VAL EA 69 -94.33 -105.84 3.97
C VAL EA 69 -94.33 -104.47 4.62
N ILE EA 70 -93.19 -104.09 5.20
CA ILE EA 70 -93.16 -102.96 6.11
C ILE EA 70 -92.82 -101.68 5.35
N MET EA 71 -93.48 -100.60 5.74
CA MET EA 71 -93.24 -99.27 5.20
C MET EA 71 -92.69 -98.39 6.31
N PRO EA 72 -91.91 -97.38 5.96
CA PRO EA 72 -91.41 -96.46 6.98
C PRO EA 72 -92.55 -95.75 7.70
N ASN EA 73 -92.32 -95.46 8.97
CA ASN EA 73 -93.32 -94.84 9.82
C ASN EA 73 -93.37 -93.34 9.56
N GLU EA 74 -94.60 -92.82 9.55
CA GLU EA 74 -94.82 -91.39 9.43
C GLU EA 74 -94.94 -90.77 10.82
N ASN EA 75 -95.16 -89.46 10.86
CA ASN EA 75 -95.32 -88.73 12.12
C ASN EA 75 -96.73 -88.20 12.22
N GLN EA 76 -97.38 -88.48 13.37
CA GLN EA 76 -98.70 -87.96 13.67
C GLN EA 76 -98.60 -87.16 14.96
N SER EA 77 -98.52 -85.84 14.85
CA SER EA 77 -98.30 -84.97 15.98
C SER EA 77 -99.55 -84.13 16.23
N ILE EA 78 -99.93 -84.02 17.50
CA ILE EA 78 -101.06 -83.20 17.92
C ILE EA 78 -100.61 -82.43 19.16
N ARG EA 79 -100.42 -81.13 19.02
CA ARG EA 79 -99.98 -80.30 20.13
C ARG EA 79 -100.99 -79.17 20.37
N THR EA 80 -101.21 -78.86 21.64
CA THR EA 80 -102.10 -77.77 22.03
C THR EA 80 -101.45 -76.97 23.14
N VAL EA 81 -101.66 -75.66 23.13
CA VAL EA 81 -101.21 -74.79 24.21
C VAL EA 81 -102.43 -74.05 24.75
N ILE EA 82 -102.58 -74.06 26.07
CA ILE EA 82 -103.71 -73.43 26.74
C ILE EA 82 -103.13 -72.35 27.65
N SER EA 83 -103.30 -71.09 27.26
CA SER EA 83 -102.74 -69.97 27.99
C SER EA 83 -103.87 -69.14 28.58
N GLY EA 84 -103.77 -68.86 29.88
CA GLY EA 84 -104.78 -68.05 30.54
C GLY EA 84 -104.42 -67.85 31.99
N SER EA 85 -105.13 -66.91 32.62
CA SER EA 85 -104.93 -66.65 34.03
C SER EA 85 -105.52 -67.79 34.87
N ALA EA 86 -104.94 -68.00 36.04
CA ALA EA 86 -105.33 -69.15 36.85
C ALA EA 86 -106.70 -68.96 37.48
N GLU EA 87 -107.00 -67.74 37.96
CA GLU EA 87 -108.18 -67.53 38.77
C GLU EA 87 -109.47 -67.73 37.98
N ASN EA 88 -109.50 -67.30 36.72
CA ASN EA 88 -110.69 -67.43 35.89
C ASN EA 88 -110.64 -68.71 35.06
N LEU EA 89 -110.01 -69.75 35.62
CA LEU EA 89 -109.93 -71.03 34.92
C LEU EA 89 -111.31 -71.64 34.72
N ALA EA 90 -112.27 -71.32 35.58
CA ALA EA 90 -113.59 -71.94 35.48
C ALA EA 90 -114.24 -71.63 34.15
N THR EA 91 -114.17 -70.37 33.71
CA THR EA 91 -114.72 -70.03 32.40
C THR EA 91 -113.82 -70.50 31.27
N LEU EA 92 -112.51 -70.61 31.53
CA LEU EA 92 -111.60 -71.05 30.48
C LEU EA 92 -111.85 -72.50 30.10
N LYS EA 93 -112.36 -73.30 31.03
CA LYS EA 93 -112.75 -74.66 30.69
C LYS EA 93 -113.84 -74.67 29.61
N ALA EA 94 -114.81 -73.78 29.73
CA ALA EA 94 -115.83 -73.65 28.69
C ALA EA 94 -115.20 -73.29 27.35
N GLU EA 95 -114.19 -72.44 27.38
CA GLU EA 95 -113.46 -72.12 26.16
C GLU EA 95 -112.81 -73.37 25.58
N TRP EA 96 -112.17 -74.17 26.42
CA TRP EA 96 -111.59 -75.42 25.94
C TRP EA 96 -112.67 -76.36 25.44
N GLU EA 97 -113.82 -76.38 26.11
CA GLU EA 97 -114.92 -77.21 25.65
C GLU EA 97 -115.42 -76.76 24.29
N THR EA 98 -115.61 -75.45 24.13
CA THR EA 98 -116.04 -74.92 22.83
C THR EA 98 -115.00 -75.18 21.75
N HIS EA 99 -113.72 -75.03 22.09
CA HIS EA 99 -112.65 -75.25 21.12
C HIS EA 99 -112.71 -76.66 20.55
N LYS EA 100 -113.18 -77.62 21.34
CA LYS EA 100 -113.40 -78.97 20.82
C LYS EA 100 -114.41 -78.96 19.68
N ARG EA 101 -115.54 -78.29 19.90
CA ARG EA 101 -116.61 -78.29 18.91
C ARG EA 101 -116.16 -77.67 17.61
N ASN EA 102 -115.47 -76.52 17.70
CA ASN EA 102 -115.06 -75.82 16.49
C ASN EA 102 -114.07 -76.64 15.67
N VAL EA 103 -113.14 -77.31 16.35
CA VAL EA 103 -112.21 -78.17 15.63
C VAL EA 103 -112.94 -79.38 15.06
N ASP EA 104 -113.78 -80.02 15.87
CA ASP EA 104 -114.45 -81.24 15.42
C ASP EA 104 -115.38 -80.96 14.25
N THR EA 105 -116.05 -79.80 14.26
CA THR EA 105 -117.07 -79.55 13.26
C THR EA 105 -116.49 -79.43 11.85
N LEU EA 106 -115.18 -79.24 11.73
CA LEU EA 106 -114.55 -79.16 10.43
C LEU EA 106 -113.40 -80.14 10.24
N PHE EA 107 -112.83 -80.68 11.31
CA PHE EA 107 -111.80 -81.70 11.16
C PHE EA 107 -112.40 -83.10 11.11
N ALA EA 108 -113.12 -83.49 12.16
CA ALA EA 108 -113.69 -84.83 12.20
C ALA EA 108 -114.84 -84.96 11.21
N SER EA 109 -115.91 -84.18 11.41
CA SER EA 109 -117.03 -84.22 10.49
C SER EA 109 -116.64 -83.63 9.14
N GLY EA 110 -115.92 -82.51 9.14
CA GLY EA 110 -115.56 -81.84 7.92
C GLY EA 110 -114.39 -82.50 7.21
N ASN EA 111 -113.95 -81.86 6.13
CA ASN EA 111 -112.89 -82.37 5.29
C ASN EA 111 -111.61 -81.55 5.41
N ALA EA 112 -111.46 -80.78 6.49
CA ALA EA 112 -110.24 -80.01 6.68
C ALA EA 112 -109.00 -80.89 6.82
N GLY EA 113 -109.18 -82.12 7.30
CA GLY EA 113 -108.04 -83.02 7.41
C GLY EA 113 -107.41 -83.36 6.08
N LEU EA 114 -108.17 -83.27 4.99
CA LEU EA 114 -107.64 -83.51 3.66
C LEU EA 114 -107.09 -82.25 3.02
N GLY EA 115 -107.18 -81.11 3.70
CA GLY EA 115 -106.68 -79.87 3.15
C GLY EA 115 -107.73 -78.97 2.53
N PHE EA 116 -109.01 -79.26 2.69
CA PHE EA 116 -110.07 -78.44 2.14
C PHE EA 116 -110.59 -77.48 3.20
N LEU EA 117 -111.22 -76.40 2.74
CA LEU EA 117 -111.80 -75.40 3.63
C LEU EA 117 -113.30 -75.32 3.40
N ASP EA 118 -114.04 -75.00 4.46
CA ASP EA 118 -115.48 -74.82 4.37
C ASP EA 118 -115.87 -73.49 5.00
N PRO EA 119 -115.90 -72.41 4.22
CA PRO EA 119 -116.31 -71.11 4.80
C PRO EA 119 -117.74 -71.10 5.32
N THR EA 120 -118.56 -72.07 4.94
CA THR EA 120 -119.93 -72.16 5.41
C THR EA 120 -120.08 -73.09 6.61
N ALA EA 121 -118.97 -73.53 7.19
CA ALA EA 121 -119.03 -74.41 8.36
C ALA EA 121 -119.60 -73.66 9.56
N ALA EA 122 -120.24 -74.42 10.46
CA ALA EA 122 -120.90 -73.86 11.62
C ALA EA 122 -119.91 -73.74 12.77
N ILE EA 123 -119.63 -72.50 13.18
CA ILE EA 123 -118.73 -72.21 14.29
C ILE EA 123 -119.53 -71.49 15.36
N VAL EA 124 -119.53 -72.03 16.58
CA VAL EA 124 -120.35 -71.51 17.67
C VAL EA 124 -119.44 -71.04 18.78
N SER EA 125 -119.82 -69.96 19.45
CA SER EA 125 -118.99 -69.38 20.50
C SER EA 125 -119.34 -69.98 21.86
N SER EA 126 -118.45 -69.73 22.82
CA SER EA 126 -118.70 -70.18 24.18
C SER EA 126 -119.91 -69.47 24.78
N ASP EA 127 -120.02 -68.16 24.53
CA ASP EA 127 -121.15 -67.40 25.05
C ASP EA 127 -122.44 -67.93 24.46
N THR EA 128 -123.46 -68.05 25.31
CA THR EA 128 -124.74 -68.60 24.92
C THR EA 128 -125.80 -67.50 24.89
N THR EA 129 -126.75 -67.65 23.98
CA THR EA 129 -127.81 -66.66 23.81
C THR EA 129 -128.79 -66.70 24.97
N ALA FA 1 -108.90 -80.70 58.80
CA ALA FA 1 -109.47 -80.54 57.47
C ALA FA 1 -108.76 -79.44 56.70
N ASN FA 2 -107.47 -79.30 56.95
CA ASN FA 2 -106.68 -78.28 56.26
C ASN FA 2 -106.58 -78.61 54.78
N LYS FA 3 -106.49 -77.57 53.96
CA LYS FA 3 -106.31 -77.76 52.53
C LYS FA 3 -104.97 -78.42 52.26
N PRO FA 4 -104.93 -79.57 51.59
CA PRO FA 4 -103.65 -80.16 51.21
C PRO FA 4 -103.06 -79.47 49.99
N MET FA 5 -101.74 -79.44 49.94
CA MET FA 5 -101.04 -78.91 48.78
C MET FA 5 -100.65 -80.04 47.83
N GLN FA 6 -100.04 -79.66 46.73
CA GLN FA 6 -99.43 -80.57 45.78
C GLN FA 6 -98.10 -79.99 45.36
N PRO FA 7 -97.13 -80.83 45.02
CA PRO FA 7 -95.82 -80.32 44.60
C PRO FA 7 -95.92 -79.47 43.35
N ILE FA 8 -95.06 -78.45 43.30
CA ILE FA 8 -94.98 -77.58 42.14
C ILE FA 8 -93.69 -77.78 41.35
N THR FA 9 -92.54 -77.83 42.01
CA THR FA 9 -91.27 -77.97 41.33
C THR FA 9 -90.52 -79.13 42.00
N SER FA 10 -90.75 -80.34 41.50
CA SER FA 10 -90.06 -81.52 42.02
C SER FA 10 -88.62 -81.52 41.53
N THR FA 11 -87.68 -81.73 42.45
CA THR FA 11 -86.27 -81.76 42.13
C THR FA 11 -85.59 -82.68 43.14
N ALA FA 12 -84.41 -83.19 42.78
CA ALA FA 12 -83.68 -84.07 43.67
C ALA FA 12 -83.30 -83.38 44.98
N ASN FA 13 -83.31 -82.04 45.02
CA ASN FA 13 -82.92 -81.30 46.20
C ASN FA 13 -84.01 -80.38 46.73
N LYS FA 14 -84.89 -79.89 45.86
CA LYS FA 14 -85.92 -78.94 46.26
C LYS FA 14 -87.29 -79.43 45.84
N ILE FA 15 -88.26 -79.34 46.74
CA ILE FA 15 -89.66 -79.55 46.42
C ILE FA 15 -90.46 -78.42 47.05
N VAL FA 16 -91.36 -77.82 46.27
CA VAL FA 16 -92.21 -76.75 46.75
C VAL FA 16 -93.65 -77.19 46.64
N TRP FA 17 -94.38 -77.09 47.74
CA TRP FA 17 -95.81 -77.33 47.74
C TRP FA 17 -96.54 -76.00 47.76
N SER FA 18 -97.59 -75.88 46.94
CA SER FA 18 -98.41 -74.69 46.92
C SER FA 18 -99.87 -75.10 46.91
N ASP FA 19 -100.71 -74.26 47.49
CA ASP FA 19 -102.13 -74.59 47.64
C ASP FA 19 -102.87 -74.24 46.36
N PRO FA 20 -103.65 -75.17 45.79
CA PRO FA 20 -104.40 -74.84 44.58
C PRO FA 20 -105.36 -73.67 44.75
N THR FA 21 -106.03 -73.58 45.90
CA THR FA 21 -106.98 -72.49 46.10
C THR FA 21 -106.27 -71.15 46.18
N ARG FA 22 -105.13 -71.10 46.88
CA ARG FA 22 -104.34 -69.88 47.02
C ARG FA 22 -102.92 -70.18 46.58
N LEU FA 23 -102.54 -69.68 45.40
CA LEU FA 23 -101.19 -69.91 44.91
C LEU FA 23 -100.14 -69.14 45.71
N SER FA 24 -100.56 -68.14 46.50
CA SER FA 24 -99.60 -67.34 47.23
C SER FA 24 -98.88 -68.18 48.28
N THR FA 25 -99.62 -68.94 49.07
CA THR FA 25 -99.00 -69.73 50.14
C THR FA 25 -98.21 -70.89 49.56
N THR FA 26 -97.00 -71.09 50.09
CA THR FA 26 -96.12 -72.14 49.61
C THR FA 26 -95.46 -72.82 50.81
N PHE FA 27 -94.72 -73.87 50.52
CA PHE FA 27 -93.93 -74.57 51.54
C PHE FA 27 -92.80 -75.30 50.84
N SER FA 28 -91.58 -74.80 50.98
CA SER FA 28 -90.42 -75.38 50.32
C SER FA 28 -89.60 -76.19 51.32
N ALA FA 29 -89.00 -77.27 50.83
CA ALA FA 29 -88.12 -78.11 51.65
C ALA FA 29 -86.87 -78.41 50.84
N SER FA 30 -85.87 -77.54 50.94
CA SER FA 30 -84.60 -77.73 50.26
C SER FA 30 -83.68 -78.53 51.16
N LEU FA 31 -83.09 -79.59 50.62
CA LEU FA 31 -82.25 -80.49 51.38
C LEU FA 31 -80.86 -80.52 50.77
N LEU FA 32 -79.84 -80.45 51.63
CA LEU FA 32 -78.45 -80.51 51.21
C LEU FA 32 -77.74 -81.56 52.04
N ARG FA 33 -77.24 -82.60 51.38
CA ARG FA 33 -76.51 -83.67 52.04
C ARG FA 33 -75.02 -83.51 51.76
N GLN FA 34 -74.22 -83.51 52.82
CA GLN FA 34 -72.80 -83.26 52.71
C GLN FA 34 -72.03 -84.32 53.47
N ARG FA 35 -70.81 -84.59 53.02
CA ARG FA 35 -69.97 -85.66 53.55
C ARG FA 35 -68.86 -85.01 54.37
N VAL FA 36 -68.84 -85.26 55.67
CA VAL FA 36 -68.02 -84.51 56.60
C VAL FA 36 -67.11 -85.45 57.38
N LYS FA 37 -65.86 -85.02 57.57
CA LYS FA 37 -64.82 -85.83 58.21
C LYS FA 37 -64.34 -85.10 59.45
N VAL FA 38 -64.73 -85.59 60.63
CA VAL FA 38 -64.36 -84.92 61.87
C VAL FA 38 -63.66 -85.88 62.83
N GLY FA 39 -64.28 -87.02 63.12
CA GLY FA 39 -63.74 -87.90 64.14
C GLY FA 39 -62.88 -89.01 63.59
N ILE FA 40 -61.81 -88.64 62.88
CA ILE FA 40 -60.92 -89.54 62.14
C ILE FA 40 -61.72 -90.63 61.44
N ALA FA 41 -62.97 -90.32 61.11
CA ALA FA 41 -63.89 -91.27 60.50
C ALA FA 41 -64.89 -90.48 59.67
N GLU FA 42 -65.24 -90.98 58.50
CA GLU FA 42 -66.10 -90.23 57.60
C GLU FA 42 -67.55 -90.35 58.03
N LEU FA 43 -68.22 -89.20 58.14
CA LEU FA 43 -69.63 -89.19 58.53
C LEU FA 43 -70.42 -88.33 57.55
N ASN FA 44 -71.72 -88.63 57.46
CA ASN FA 44 -72.60 -87.94 56.53
C ASN FA 44 -73.48 -86.93 57.24
N ASN FA 45 -73.52 -85.72 56.70
CA ASN FA 45 -74.29 -84.63 57.28
C ASN FA 45 -75.40 -84.21 56.32
N VAL FA 46 -76.55 -83.86 56.89
CA VAL FA 46 -77.70 -83.37 56.12
C VAL FA 46 -78.12 -82.03 56.68
N SER FA 47 -78.46 -81.10 55.78
CA SER FA 47 -78.92 -79.78 56.16
C SER FA 47 -80.14 -79.44 55.33
N GLY FA 48 -81.32 -79.44 55.97
CA GLY FA 48 -82.54 -79.16 55.25
C GLY FA 48 -83.21 -77.87 55.67
N GLN FA 49 -83.47 -77.00 54.69
CA GLN FA 49 -84.18 -75.75 54.94
C GLN FA 49 -85.65 -75.97 54.63
N TYR FA 50 -86.50 -75.68 55.61
CA TYR FA 50 -87.95 -75.79 55.46
C TYR FA 50 -88.54 -74.41 55.62
N VAL FA 51 -89.07 -73.87 54.53
CA VAL FA 51 -89.61 -72.52 54.50
C VAL FA 51 -91.09 -72.60 54.16
N SER FA 52 -91.93 -72.09 55.04
CA SER FA 52 -93.36 -71.96 54.81
C SER FA 52 -93.70 -70.48 54.72
N VAL FA 53 -94.35 -70.09 53.63
CA VAL FA 53 -94.64 -68.69 53.35
C VAL FA 53 -96.14 -68.52 53.18
N TYR FA 54 -96.70 -67.52 53.85
CA TYR FA 54 -98.09 -67.15 53.67
C TYR FA 54 -98.18 -65.65 53.49
N LYS FA 55 -99.16 -65.22 52.70
CA LYS FA 55 -99.42 -63.82 52.45
C LYS FA 55 -100.80 -63.49 53.01
N ARG FA 56 -100.83 -62.70 54.08
CA ARG FA 56 -102.11 -62.28 54.63
C ARG FA 56 -102.33 -60.79 54.40
N PRO FA 57 -103.55 -60.40 54.04
CA PRO FA 57 -103.85 -58.97 53.95
C PRO FA 57 -103.76 -58.33 55.32
N ALA FA 58 -103.41 -57.05 55.33
CA ALA FA 58 -103.27 -56.31 56.58
C ALA FA 58 -104.59 -56.32 57.34
N PRO FA 59 -104.58 -56.06 58.64
CA PRO FA 59 -105.86 -55.92 59.36
C PRO FA 59 -106.67 -54.75 58.82
N LYS FA 60 -107.95 -54.99 58.57
CA LYS FA 60 -108.80 -53.96 58.00
C LYS FA 60 -109.08 -52.89 59.06
N PRO FA 61 -109.04 -51.60 58.70
CA PRO FA 61 -109.42 -50.57 59.66
C PRO FA 61 -110.85 -50.77 60.14
N GLU FA 62 -111.07 -50.52 61.42
CA GLU FA 62 -112.35 -50.85 62.03
C GLU FA 62 -113.46 -49.99 61.42
N GLY FA 63 -114.67 -50.55 61.41
CA GLY FA 63 -115.80 -49.87 60.81
C GLY FA 63 -116.02 -50.24 59.36
N CYS FA 64 -114.94 -50.23 58.57
CA CYS FA 64 -115.02 -50.58 57.15
C CYS FA 64 -115.60 -51.97 56.95
N ALA FA 65 -116.71 -52.05 56.23
CA ALA FA 65 -117.31 -53.33 55.89
C ALA FA 65 -117.74 -53.32 54.43
N ASP FA 66 -117.21 -52.37 53.67
CA ASP FA 66 -117.60 -52.22 52.27
C ASP FA 66 -116.97 -53.30 51.41
N ALA FA 67 -117.42 -53.38 50.15
CA ALA FA 67 -117.14 -54.54 49.31
C ALA FA 67 -115.69 -54.59 48.85
N CYS FA 68 -115.13 -53.47 48.40
CA CYS FA 68 -113.92 -53.49 47.59
C CYS FA 68 -112.80 -52.60 48.14
N VAL FA 69 -112.49 -52.73 49.42
CA VAL FA 69 -111.22 -52.25 49.94
C VAL FA 69 -110.25 -53.42 49.93
N ILE FA 70 -109.26 -53.37 49.05
CA ILE FA 70 -108.27 -54.42 48.90
C ILE FA 70 -106.93 -53.82 49.30
N MET FA 71 -106.62 -53.89 50.59
CA MET FA 71 -105.39 -53.33 51.12
C MET FA 71 -104.20 -54.20 50.78
N PRO FA 72 -102.98 -53.65 50.82
CA PRO FA 72 -101.81 -54.43 50.41
C PRO FA 72 -101.65 -55.69 51.25
N ASN FA 73 -101.15 -56.73 50.59
CA ASN FA 73 -101.00 -58.05 51.18
C ASN FA 73 -99.60 -58.15 51.77
N GLU FA 74 -99.52 -58.28 53.09
CA GLU FA 74 -98.23 -58.36 53.76
C GLU FA 74 -97.75 -59.81 53.80
N ASN FA 75 -96.50 -59.98 54.19
CA ASN FA 75 -95.81 -61.26 54.08
C ASN FA 75 -95.52 -61.84 55.46
N GLN FA 76 -95.96 -63.08 55.68
CA GLN FA 76 -95.62 -63.85 56.86
C GLN FA 76 -94.75 -65.02 56.43
N SER FA 77 -93.57 -65.13 57.01
CA SER FA 77 -92.64 -66.19 56.65
C SER FA 77 -92.16 -66.90 57.91
N ILE FA 78 -91.89 -68.19 57.76
CA ILE FA 78 -91.37 -69.02 58.84
C ILE FA 78 -90.41 -70.03 58.24
N ARG FA 79 -89.15 -69.97 58.65
CA ARG FA 79 -88.09 -70.77 58.07
C ARG FA 79 -87.40 -71.57 59.16
N THR FA 80 -87.22 -72.86 58.91
CA THR FA 80 -86.54 -73.76 59.84
C THR FA 80 -85.46 -74.51 59.10
N VAL FA 81 -84.25 -74.53 59.65
CA VAL FA 81 -83.14 -75.29 59.09
C VAL FA 81 -82.65 -76.25 60.16
N ILE FA 82 -82.43 -77.51 59.76
CA ILE FA 82 -81.99 -78.56 60.67
C ILE FA 82 -80.71 -79.14 60.11
N SER FA 83 -79.65 -79.11 60.92
CA SER FA 83 -78.36 -79.64 60.52
C SER FA 83 -77.91 -80.70 61.52
N GLY FA 84 -77.48 -81.83 61.01
CA GLY FA 84 -77.04 -82.92 61.87
C GLY FA 84 -76.60 -84.14 61.10
N SER FA 85 -75.86 -85.02 61.77
CA SER FA 85 -75.37 -86.23 61.14
C SER FA 85 -76.45 -87.28 61.04
N ALA FA 86 -76.38 -88.11 60.00
CA ALA FA 86 -77.43 -89.09 59.75
C ALA FA 86 -77.45 -90.17 60.82
N GLU FA 87 -76.28 -90.60 61.28
CA GLU FA 87 -76.24 -91.71 62.24
C GLU FA 87 -76.88 -91.35 63.56
N ASN FA 88 -76.81 -90.08 63.96
CA ASN FA 88 -77.41 -89.60 65.20
C ASN FA 88 -78.83 -89.09 64.97
N LEU FA 89 -79.49 -89.56 63.91
CA LEU FA 89 -80.86 -89.13 63.65
C LEU FA 89 -81.79 -89.51 64.78
N ALA FA 90 -81.49 -90.61 65.48
CA ALA FA 90 -82.35 -91.04 66.57
C ALA FA 90 -82.42 -89.98 67.66
N THR FA 91 -81.26 -89.44 68.05
CA THR FA 91 -81.25 -88.39 69.06
C THR FA 91 -81.59 -87.03 68.47
N LEU FA 92 -81.34 -86.82 67.17
CA LEU FA 92 -81.66 -85.54 66.55
C LEU FA 92 -83.15 -85.28 66.58
N LYS FA 93 -83.97 -86.32 66.38
CA LYS FA 93 -85.42 -86.14 66.44
C LYS FA 93 -85.86 -85.66 67.81
N ALA FA 94 -85.25 -86.18 68.87
CA ALA FA 94 -85.60 -85.74 70.21
C ALA FA 94 -85.28 -84.26 70.40
N GLU FA 95 -84.11 -83.83 69.93
CA GLU FA 95 -83.75 -82.42 70.05
C GLU FA 95 -84.71 -81.54 69.26
N TRP FA 96 -85.13 -82.00 68.07
CA TRP FA 96 -86.15 -81.27 67.32
C TRP FA 96 -87.42 -81.14 68.14
N GLU FA 97 -87.85 -82.22 68.79
CA GLU FA 97 -89.02 -82.16 69.64
C GLU FA 97 -88.82 -81.16 70.77
N THR FA 98 -87.64 -81.19 71.40
CA THR FA 98 -87.34 -80.22 72.45
C THR FA 98 -87.33 -78.80 71.90
N HIS FA 99 -86.76 -78.62 70.71
CA HIS FA 99 -86.75 -77.30 70.08
C HIS FA 99 -88.15 -76.76 69.94
N LYS FA 100 -89.13 -77.63 69.67
CA LYS FA 100 -90.51 -77.19 69.55
C LYS FA 100 -91.02 -76.61 70.86
N ARG FA 101 -90.73 -77.30 71.97
CA ARG FA 101 -91.22 -76.83 73.27
C ARG FA 101 -90.64 -75.48 73.63
N ASN FA 102 -89.33 -75.31 73.44
CA ASN FA 102 -88.69 -74.06 73.81
C ASN FA 102 -89.26 -72.89 73.02
N VAL FA 103 -89.46 -73.06 71.72
CA VAL FA 103 -90.06 -72.00 70.92
C VAL FA 103 -91.49 -71.76 71.34
N ASP FA 104 -92.23 -72.84 71.61
CA ASP FA 104 -93.64 -72.70 71.98
C ASP FA 104 -93.79 -71.89 73.26
N THR FA 105 -92.95 -72.18 74.26
CA THR FA 105 -93.11 -71.53 75.55
C THR FA 105 -92.69 -70.06 75.49
N LEU FA 106 -91.92 -69.66 74.46
CA LEU FA 106 -91.63 -68.25 74.29
C LEU FA 106 -92.58 -67.58 73.31
N PHE FA 107 -92.99 -68.28 72.27
CA PHE FA 107 -93.77 -67.67 71.21
C PHE FA 107 -95.21 -68.14 71.17
N ALA FA 108 -95.44 -69.45 71.09
CA ALA FA 108 -96.81 -69.95 71.05
C ALA FA 108 -97.53 -69.68 72.36
N SER FA 109 -96.87 -69.92 73.48
CA SER FA 109 -97.45 -69.67 74.79
C SER FA 109 -96.94 -68.40 75.45
N GLY FA 110 -95.68 -68.04 75.22
CA GLY FA 110 -95.12 -66.84 75.80
C GLY FA 110 -95.61 -65.59 75.11
N ASN FA 111 -94.79 -64.54 75.13
CA ASN FA 111 -95.19 -63.26 74.56
C ASN FA 111 -94.12 -62.69 73.63
N ALA FA 112 -93.24 -63.54 73.10
CA ALA FA 112 -92.18 -63.06 72.22
C ALA FA 112 -92.72 -62.50 70.91
N GLY FA 113 -93.98 -62.80 70.58
CA GLY FA 113 -94.52 -62.31 69.33
C GLY FA 113 -94.60 -60.79 69.28
N LEU FA 114 -95.07 -60.17 70.36
CA LEU FA 114 -95.11 -58.71 70.41
C LEU FA 114 -93.71 -58.10 70.42
N GLY FA 115 -92.69 -58.87 70.76
CA GLY FA 115 -91.34 -58.37 70.83
C GLY FA 115 -90.71 -58.38 72.20
N PHE FA 116 -91.31 -59.05 73.18
CA PHE FA 116 -90.81 -59.10 74.54
C PHE FA 116 -90.07 -60.41 74.76
N LEU FA 117 -88.85 -60.32 75.29
CA LEU FA 117 -88.02 -61.48 75.57
C LEU FA 117 -88.04 -61.72 77.08
N ASP FA 118 -88.92 -62.62 77.51
CA ASP FA 118 -89.04 -62.91 78.93
C ASP FA 118 -87.81 -63.67 79.41
N PRO FA 119 -87.06 -63.16 80.39
CA PRO FA 119 -85.90 -63.89 80.90
C PRO FA 119 -86.23 -64.91 81.97
N THR FA 120 -87.50 -65.09 82.31
CA THR FA 120 -87.91 -66.06 83.32
C THR FA 120 -88.65 -67.24 82.73
N ALA FA 121 -88.58 -67.45 81.42
CA ALA FA 121 -89.24 -68.59 80.81
C ALA FA 121 -88.59 -69.89 81.30
N ALA FA 122 -89.43 -70.91 81.50
CA ALA FA 122 -88.97 -72.18 82.04
C ALA FA 122 -88.74 -73.18 80.90
N ILE FA 123 -87.68 -72.94 80.15
CA ILE FA 123 -87.34 -73.84 79.05
C ILE FA 123 -86.56 -75.02 79.61
N VAL FA 124 -86.54 -76.12 78.87
CA VAL FA 124 -85.88 -77.34 79.30
C VAL FA 124 -84.97 -77.84 78.19
N SER FA 125 -84.03 -78.69 78.56
CA SER FA 125 -83.06 -79.21 77.62
C SER FA 125 -83.53 -80.54 77.02
N SER FA 126 -82.81 -80.98 76.00
CA SER FA 126 -83.14 -82.26 75.37
C SER FA 126 -82.87 -83.42 76.32
N ASP FA 127 -81.77 -83.35 77.07
CA ASP FA 127 -81.42 -84.43 77.99
C ASP FA 127 -82.45 -84.54 79.11
N THR FA 128 -82.76 -85.77 79.49
CA THR FA 128 -83.74 -86.02 80.54
C THR FA 128 -83.02 -86.11 81.89
N THR FA 129 -83.75 -86.53 82.91
CA THR FA 129 -83.18 -86.67 84.26
C THR FA 129 -83.56 -88.01 84.85
N ALA GA 1 -18.33 -56.21 -137.15
CA ALA GA 1 -18.90 -56.73 -135.91
C ALA GA 1 -18.29 -56.04 -134.70
N ASN GA 2 -19.01 -56.04 -133.59
CA ASN GA 2 -18.56 -55.41 -132.36
C ASN GA 2 -18.65 -56.41 -131.21
N LYS GA 3 -17.80 -56.22 -130.22
CA LYS GA 3 -17.80 -57.11 -129.06
C LYS GA 3 -19.08 -56.91 -128.27
N PRO GA 4 -19.91 -57.94 -128.10
CA PRO GA 4 -21.10 -57.82 -127.25
C PRO GA 4 -20.75 -58.08 -125.79
N MET GA 5 -21.05 -57.12 -124.93
CA MET GA 5 -20.81 -57.35 -123.52
C MET GA 5 -21.77 -58.41 -122.98
N GLN GA 6 -21.50 -58.82 -121.75
CA GLN GA 6 -22.30 -59.81 -121.05
C GLN GA 6 -22.66 -59.26 -119.68
N PRO GA 7 -23.94 -59.32 -119.31
CA PRO GA 7 -24.37 -58.65 -118.08
C PRO GA 7 -23.66 -59.19 -116.86
N ILE GA 8 -23.43 -58.29 -115.90
CA ILE GA 8 -22.70 -58.66 -114.69
C ILE GA 8 -23.51 -58.49 -113.42
N THR GA 9 -24.48 -57.57 -113.38
CA THR GA 9 -25.30 -57.38 -112.20
C THR GA 9 -26.70 -57.01 -112.66
N SER GA 10 -27.58 -58.00 -112.75
CA SER GA 10 -28.94 -57.78 -113.23
C SER GA 10 -29.85 -57.54 -112.03
N THR GA 11 -30.58 -56.43 -112.09
CA THR GA 11 -31.49 -56.06 -111.02
C THR GA 11 -32.67 -55.34 -111.65
N ALA GA 12 -33.78 -55.29 -110.91
CA ALA GA 12 -34.97 -54.60 -111.42
C ALA GA 12 -34.74 -53.11 -111.59
N ASN GA 13 -33.70 -52.55 -110.95
CA ASN GA 13 -33.44 -51.13 -111.04
C ASN GA 13 -32.13 -50.77 -111.73
N LYS GA 14 -31.24 -51.74 -111.95
CA LYS GA 14 -29.95 -51.42 -112.56
C LYS GA 14 -29.35 -52.69 -113.14
N ILE GA 15 -28.90 -52.62 -114.39
CA ILE GA 15 -28.22 -53.73 -115.05
C ILE GA 15 -26.89 -53.20 -115.57
N VAL GA 16 -25.82 -53.94 -115.30
CA VAL GA 16 -24.47 -53.54 -115.68
C VAL GA 16 -23.91 -54.55 -116.66
N TRP GA 17 -23.51 -54.08 -117.84
CA TRP GA 17 -22.82 -54.89 -118.83
C TRP GA 17 -21.34 -54.54 -118.81
N SER GA 18 -20.50 -55.52 -119.09
CA SER GA 18 -19.06 -55.29 -119.16
C SER GA 18 -18.46 -56.22 -120.21
N ASP GA 19 -17.42 -55.74 -120.86
CA ASP GA 19 -16.76 -56.51 -121.91
C ASP GA 19 -15.99 -57.66 -121.30
N PRO GA 20 -16.20 -58.90 -121.76
CA PRO GA 20 -15.45 -60.02 -121.19
C PRO GA 20 -13.95 -59.92 -121.37
N THR GA 21 -13.49 -59.38 -122.51
CA THR GA 21 -12.05 -59.27 -122.73
C THR GA 21 -11.45 -58.21 -121.82
N ARG GA 22 -12.05 -57.03 -121.76
CA ARG GA 22 -11.63 -55.97 -120.85
C ARG GA 22 -12.78 -55.64 -119.93
N LEU GA 23 -12.68 -56.07 -118.67
CA LEU GA 23 -13.76 -55.81 -117.72
C LEU GA 23 -13.88 -54.34 -117.37
N SER GA 24 -12.87 -53.53 -117.72
CA SER GA 24 -12.96 -52.10 -117.47
C SER GA 24 -14.10 -51.47 -118.27
N THR GA 25 -14.26 -51.87 -119.52
CA THR GA 25 -15.33 -51.35 -120.35
C THR GA 25 -16.68 -51.76 -119.78
N THR GA 26 -17.51 -50.78 -119.45
CA THR GA 26 -18.80 -51.05 -118.83
C THR GA 26 -19.87 -50.18 -119.45
N PHE GA 27 -21.12 -50.63 -119.31
CA PHE GA 27 -22.29 -49.86 -119.69
C PHE GA 27 -23.42 -50.28 -118.77
N SER GA 28 -23.86 -49.38 -117.90
CA SER GA 28 -24.88 -49.68 -116.91
C SER GA 28 -26.08 -48.77 -117.11
N ALA GA 29 -27.28 -49.34 -117.05
CA ALA GA 29 -28.52 -48.60 -117.17
C ALA GA 29 -29.26 -48.66 -115.84
N SER GA 30 -29.65 -47.51 -115.33
CA SER GA 30 -30.40 -47.41 -114.09
C SER GA 30 -31.69 -46.65 -114.32
N LEU GA 31 -32.74 -47.07 -113.64
CA LEU GA 31 -34.07 -46.50 -113.83
C LEU GA 31 -34.63 -46.04 -112.50
N LEU GA 32 -35.38 -44.95 -112.53
CA LEU GA 32 -36.06 -44.42 -111.36
C LEU GA 32 -37.51 -44.15 -111.74
N ARG GA 33 -38.44 -44.69 -110.97
CA ARG GA 33 -39.86 -44.52 -111.21
C ARG GA 33 -40.45 -43.62 -110.13
N GLN GA 34 -41.32 -42.70 -110.53
CA GLN GA 34 -41.82 -41.69 -109.63
C GLN GA 34 -43.25 -41.34 -109.99
N ARG GA 35 -43.99 -40.85 -108.99
CA ARG GA 35 -45.33 -40.32 -109.17
C ARG GA 35 -45.24 -38.81 -109.31
N VAL GA 36 -45.86 -38.27 -110.35
CA VAL GA 36 -45.87 -36.83 -110.60
C VAL GA 36 -47.32 -36.37 -110.72
N LYS GA 37 -47.70 -35.44 -109.85
CA LYS GA 37 -49.05 -34.87 -109.87
C LYS GA 37 -48.99 -33.58 -110.66
N VAL GA 38 -49.01 -33.71 -111.99
CA VAL GA 38 -48.89 -32.52 -112.85
C VAL GA 38 -50.08 -31.60 -112.65
N GLY GA 39 -51.29 -32.15 -112.71
CA GLY GA 39 -52.49 -31.41 -112.37
C GLY GA 39 -53.71 -32.25 -112.61
N ILE GA 40 -54.62 -32.30 -111.63
CA ILE GA 40 -55.86 -33.09 -111.63
C ILE GA 40 -55.65 -34.43 -112.33
N ALA GA 41 -54.43 -34.96 -112.26
CA ALA GA 41 -54.08 -36.20 -112.94
C ALA GA 41 -52.70 -36.64 -112.46
N GLU GA 42 -52.58 -37.95 -112.21
CA GLU GA 42 -51.34 -38.54 -111.75
C GLU GA 42 -50.68 -39.27 -112.90
N LEU GA 43 -49.40 -39.02 -113.13
CA LEU GA 43 -48.69 -39.59 -114.26
C LEU GA 43 -47.46 -40.36 -113.79
N ASN GA 44 -47.01 -41.28 -114.63
CA ASN GA 44 -45.86 -42.11 -114.32
C ASN GA 44 -44.62 -41.50 -114.95
N ASN GA 45 -43.66 -41.11 -114.11
CA ASN GA 45 -42.41 -40.53 -114.57
C ASN GA 45 -41.29 -41.55 -114.39
N VAL GA 46 -40.52 -41.76 -115.46
CA VAL GA 46 -39.42 -42.72 -115.46
C VAL GA 46 -38.16 -41.97 -115.84
N SER GA 47 -37.19 -41.94 -114.93
CA SER GA 47 -35.91 -41.28 -115.16
C SER GA 47 -34.86 -42.36 -115.43
N GLY GA 48 -34.50 -42.54 -116.69
CA GLY GA 48 -33.51 -43.52 -117.07
C GLY GA 48 -32.14 -42.90 -117.22
N GLN GA 49 -31.17 -43.49 -116.52
CA GLN GA 49 -29.79 -43.02 -116.54
C GLN GA 49 -28.93 -44.09 -117.17
N TYR GA 50 -28.19 -43.72 -118.21
CA TYR GA 50 -27.34 -44.63 -118.95
C TYR GA 50 -25.93 -44.06 -118.98
N VAL GA 51 -24.96 -44.82 -118.49
CA VAL GA 51 -23.57 -44.39 -118.45
C VAL GA 51 -22.72 -45.44 -119.14
N SER GA 52 -21.84 -44.98 -120.03
CA SER GA 52 -20.88 -45.85 -120.70
C SER GA 52 -19.48 -45.39 -120.32
N VAL GA 53 -18.67 -46.31 -119.82
CA VAL GA 53 -17.35 -45.99 -119.27
C VAL GA 53 -16.30 -46.80 -120.01
N TYR GA 54 -15.26 -46.12 -120.47
CA TYR GA 54 -14.12 -46.76 -121.09
C TYR GA 54 -12.85 -46.13 -120.53
N LYS GA 55 -11.79 -46.93 -120.45
CA LYS GA 55 -10.50 -46.48 -119.95
C LYS GA 55 -9.46 -46.66 -121.07
N ARG GA 56 -9.02 -45.56 -121.64
CA ARG GA 56 -8.03 -45.58 -122.71
C ARG GA 56 -6.70 -45.12 -122.19
N PRO GA 57 -5.61 -45.81 -122.53
CA PRO GA 57 -4.28 -45.28 -122.21
C PRO GA 57 -4.07 -43.94 -122.90
N ALA GA 58 -3.39 -43.04 -122.21
CA ALA GA 58 -3.13 -41.73 -122.79
C ALA GA 58 -2.28 -41.89 -124.04
N PRO GA 59 -2.51 -41.07 -125.07
CA PRO GA 59 -1.78 -41.25 -126.34
C PRO GA 59 -0.32 -40.88 -126.17
N LYS GA 60 0.55 -41.87 -126.26
CA LYS GA 60 1.99 -41.67 -126.17
C LYS GA 60 2.47 -40.87 -127.37
N PRO GA 61 3.62 -40.21 -127.26
CA PRO GA 61 4.18 -39.52 -128.42
C PRO GA 61 4.29 -40.45 -129.62
N GLU GA 62 3.58 -40.11 -130.69
CA GLU GA 62 3.38 -41.02 -131.81
C GLU GA 62 4.70 -41.46 -132.43
N GLY GA 63 4.67 -42.61 -133.08
CA GLY GA 63 5.81 -43.14 -133.78
C GLY GA 63 6.57 -44.20 -132.99
N CYS GA 64 6.74 -43.99 -131.69
CA CYS GA 64 7.51 -44.91 -130.85
C CYS GA 64 6.58 -45.86 -130.10
N ALA GA 65 5.92 -46.72 -130.87
CA ALA GA 65 5.24 -47.85 -130.27
C ALA GA 65 6.28 -48.83 -129.78
N ASP GA 66 6.76 -48.60 -128.54
CA ASP GA 66 7.95 -49.31 -128.09
C ASP GA 66 7.62 -50.72 -127.64
N ALA GA 67 6.74 -50.88 -126.66
CA ALA GA 67 6.38 -52.20 -126.16
C ALA GA 67 5.25 -52.13 -125.15
N CYS GA 68 5.07 -53.24 -124.43
CA CYS GA 68 4.11 -53.32 -123.33
C CYS GA 68 4.80 -52.85 -122.05
N VAL GA 69 4.90 -51.54 -121.94
CA VAL GA 69 5.52 -50.84 -120.81
C VAL GA 69 4.37 -50.11 -120.13
N ILE GA 70 3.21 -50.76 -120.13
CA ILE GA 70 1.89 -50.15 -120.04
C ILE GA 70 1.83 -48.98 -119.07
N MET GA 71 1.36 -47.85 -119.57
CA MET GA 71 1.30 -46.58 -118.89
C MET GA 71 -0.14 -46.29 -118.47
N PRO GA 72 -0.39 -45.45 -117.48
CA PRO GA 72 -1.73 -45.33 -116.91
C PRO GA 72 -2.72 -44.75 -117.92
N ASN GA 73 -3.98 -45.12 -117.72
CA ASN GA 73 -5.05 -44.83 -118.67
C ASN GA 73 -6.02 -43.82 -118.06
N GLU GA 74 -6.60 -42.99 -118.92
CA GLU GA 74 -7.57 -41.99 -118.51
C GLU GA 74 -8.98 -42.56 -118.56
N ASN GA 75 -9.94 -41.76 -118.15
CA ASN GA 75 -11.34 -42.17 -118.09
C ASN GA 75 -12.15 -41.44 -119.15
N GLN GA 76 -12.99 -42.20 -119.86
CA GLN GA 76 -13.91 -41.64 -120.84
C GLN GA 76 -15.31 -42.08 -120.45
N SER GA 77 -16.11 -41.14 -119.96
CA SER GA 77 -17.44 -41.43 -119.46
C SER GA 77 -18.48 -40.65 -120.25
N ILE GA 78 -19.57 -41.33 -120.60
CA ILE GA 78 -20.68 -40.72 -121.31
C ILE GA 78 -21.96 -41.09 -120.57
N ARG GA 79 -22.54 -40.11 -119.89
CA ARG GA 79 -23.76 -40.32 -119.12
C ARG GA 79 -24.93 -39.68 -119.85
N THR GA 80 -26.02 -40.42 -119.97
CA THR GA 80 -27.24 -39.92 -120.58
C THR GA 80 -28.38 -40.10 -119.59
N VAL GA 81 -29.14 -39.05 -119.36
CA VAL GA 81 -30.28 -39.07 -118.46
C VAL GA 81 -31.51 -38.68 -119.25
N ILE GA 82 -32.49 -39.58 -119.31
CA ILE GA 82 -33.74 -39.34 -120.02
C ILE GA 82 -34.87 -39.37 -119.00
N SER GA 83 -35.61 -38.27 -118.90
CA SER GA 83 -36.70 -38.15 -117.95
C SER GA 83 -37.95 -37.69 -118.67
N GLY GA 84 -39.10 -38.25 -118.28
CA GLY GA 84 -40.36 -37.84 -118.84
C GLY GA 84 -41.51 -38.76 -118.47
N SER GA 85 -42.73 -38.32 -118.75
CA SER GA 85 -43.90 -39.15 -118.46
C SER GA 85 -43.91 -40.37 -119.35
N ALA GA 86 -44.31 -41.51 -118.77
CA ALA GA 86 -44.37 -42.75 -119.53
C ALA GA 86 -45.46 -42.73 -120.58
N GLU GA 87 -46.53 -41.96 -120.37
CA GLU GA 87 -47.61 -41.93 -121.35
C GLU GA 87 -47.21 -41.16 -122.60
N ASN GA 88 -46.34 -40.17 -122.48
CA ASN GA 88 -45.84 -39.42 -123.61
C ASN GA 88 -44.60 -40.06 -124.23
N LEU GA 89 -44.36 -41.34 -123.95
CA LEU GA 89 -43.17 -42.00 -124.46
C LEU GA 89 -43.14 -42.00 -125.98
N ALA GA 90 -44.31 -42.05 -126.63
CA ALA GA 90 -44.35 -42.07 -128.08
C ALA GA 90 -43.70 -40.81 -128.65
N THR GA 91 -44.05 -39.65 -128.11
CA THR GA 91 -43.44 -38.41 -128.58
C THR GA 91 -42.12 -38.14 -127.87
N LEU GA 92 -41.89 -38.79 -126.73
CA LEU GA 92 -40.62 -38.58 -126.02
C LEU GA 92 -39.46 -39.15 -126.82
N LYS GA 93 -39.68 -40.22 -127.57
CA LYS GA 93 -38.62 -40.76 -128.41
C LYS GA 93 -38.23 -39.77 -129.51
N ALA GA 94 -39.14 -38.88 -129.88
CA ALA GA 94 -38.88 -37.98 -131.01
C ALA GA 94 -37.71 -37.06 -130.75
N GLU GA 95 -37.70 -36.38 -129.61
CA GLU GA 95 -36.60 -35.46 -129.33
C GLU GA 95 -35.31 -36.21 -129.06
N TRP GA 96 -35.40 -37.47 -128.66
CA TRP GA 96 -34.20 -38.29 -128.55
C TRP GA 96 -33.46 -38.35 -129.89
N GLU GA 97 -34.21 -38.49 -130.99
CA GLU GA 97 -33.61 -38.32 -132.30
C GLU GA 97 -33.11 -36.90 -132.48
N THR GA 98 -33.90 -35.92 -132.06
CA THR GA 98 -33.48 -34.52 -132.17
C THR GA 98 -32.27 -34.25 -131.29
N HIS GA 99 -32.29 -34.74 -130.05
CA HIS GA 99 -31.15 -34.52 -129.17
C HIS GA 99 -29.89 -35.17 -129.71
N LYS GA 100 -30.02 -36.37 -130.28
CA LYS GA 100 -28.88 -37.01 -130.92
C LYS GA 100 -28.39 -36.17 -132.11
N ARG GA 101 -29.32 -35.67 -132.92
CA ARG GA 101 -28.94 -34.88 -134.08
C ARG GA 101 -28.27 -33.58 -133.66
N ASN GA 102 -28.82 -32.90 -132.65
CA ASN GA 102 -28.24 -31.63 -132.22
C ASN GA 102 -26.83 -31.82 -131.68
N VAL GA 103 -26.63 -32.86 -130.86
CA VAL GA 103 -25.31 -33.10 -130.29
C VAL GA 103 -24.31 -33.42 -131.39
N ASP GA 104 -24.72 -34.22 -132.37
CA ASP GA 104 -23.83 -34.56 -133.48
C ASP GA 104 -23.37 -33.32 -134.21
N THR GA 105 -24.23 -32.30 -134.30
CA THR GA 105 -23.85 -31.08 -134.98
C THR GA 105 -22.69 -30.39 -134.27
N LEU GA 106 -22.75 -30.29 -132.95
CA LEU GA 106 -21.67 -29.68 -132.19
C LEU GA 106 -20.50 -30.62 -131.97
N PHE GA 107 -20.77 -31.89 -131.69
CA PHE GA 107 -19.72 -32.82 -131.31
C PHE GA 107 -19.13 -33.56 -132.50
N ALA GA 108 -19.97 -34.31 -133.23
CA ALA GA 108 -19.45 -35.13 -134.31
C ALA GA 108 -18.92 -34.27 -135.45
N SER GA 109 -19.72 -33.29 -135.90
CA SER GA 109 -19.34 -32.45 -137.03
C SER GA 109 -18.70 -31.14 -136.62
N GLY GA 110 -18.51 -30.91 -135.31
CA GLY GA 110 -17.95 -29.66 -134.83
C GLY GA 110 -16.77 -29.88 -133.92
N ASN GA 111 -16.27 -28.77 -133.38
CA ASN GA 111 -15.12 -28.77 -132.49
C ASN GA 111 -15.51 -28.66 -131.02
N ALA GA 112 -16.77 -28.91 -130.70
CA ALA GA 112 -17.21 -28.82 -129.31
C ALA GA 112 -16.42 -29.77 -128.42
N GLY GA 113 -16.02 -30.92 -128.95
CA GLY GA 113 -15.19 -31.82 -128.18
C GLY GA 113 -13.85 -31.19 -127.81
N LEU GA 114 -13.26 -30.44 -128.73
CA LEU GA 114 -12.00 -29.77 -128.42
C LEU GA 114 -12.14 -28.71 -127.34
N GLY GA 115 -13.37 -28.28 -127.06
CA GLY GA 115 -13.62 -27.21 -126.13
C GLY GA 115 -14.07 -25.91 -126.76
N PHE GA 116 -14.63 -25.95 -127.96
CA PHE GA 116 -15.01 -24.76 -128.70
C PHE GA 116 -16.52 -24.70 -128.86
N LEU GA 117 -17.09 -23.53 -128.60
CA LEU GA 117 -18.52 -23.30 -128.77
C LEU GA 117 -18.74 -22.52 -130.05
N ASP GA 118 -19.67 -23.00 -130.88
CA ASP GA 118 -19.95 -22.38 -132.16
C ASP GA 118 -21.36 -21.82 -132.18
N PRO GA 119 -21.54 -20.53 -131.95
CA PRO GA 119 -22.90 -19.97 -131.91
C PRO GA 119 -23.64 -20.03 -133.24
N THR GA 120 -22.92 -20.19 -134.35
CA THR GA 120 -23.54 -20.20 -135.66
C THR GA 120 -23.95 -21.59 -136.12
N ALA GA 121 -23.83 -22.60 -135.25
CA ALA GA 121 -24.23 -23.94 -135.62
C ALA GA 121 -25.74 -24.01 -135.83
N ALA GA 122 -26.15 -24.93 -136.71
CA ALA GA 122 -27.57 -25.10 -137.04
C ALA GA 122 -28.19 -26.09 -136.08
N ILE GA 123 -29.18 -25.63 -135.31
CA ILE GA 123 -29.85 -26.47 -134.32
C ILE GA 123 -31.32 -26.55 -134.69
N VAL GA 124 -31.83 -27.78 -134.80
CA VAL GA 124 -33.20 -28.02 -135.24
C VAL GA 124 -33.98 -28.58 -134.06
N SER GA 125 -35.27 -28.24 -134.01
CA SER GA 125 -36.10 -28.60 -132.87
C SER GA 125 -36.90 -29.88 -133.15
N SER GA 126 -37.51 -30.40 -132.09
CA SER GA 126 -38.34 -31.59 -132.24
C SER GA 126 -39.53 -31.34 -133.15
N ASP GA 127 -40.15 -30.18 -133.02
CA ASP GA 127 -41.31 -29.85 -133.84
C ASP GA 127 -40.90 -29.69 -135.30
N THR GA 128 -41.82 -30.04 -136.19
CA THR GA 128 -41.58 -30.00 -137.63
C THR GA 128 -42.64 -29.15 -138.30
N THR GA 129 -42.21 -28.25 -139.17
CA THR GA 129 -43.13 -27.38 -139.89
C THR GA 129 -43.76 -28.12 -141.07
N ALA HA 1 -59.43 -61.98 -123.85
CA ALA HA 1 -58.19 -61.42 -124.36
C ALA HA 1 -57.74 -60.24 -123.49
N ASN HA 2 -57.25 -60.54 -122.30
CA ASN HA 2 -56.84 -59.52 -121.35
C ASN HA 2 -55.38 -59.16 -121.57
N LYS HA 3 -55.05 -57.89 -121.38
CA LYS HA 3 -53.69 -57.44 -121.56
C LYS HA 3 -52.77 -58.09 -120.53
N PRO HA 4 -51.71 -58.76 -120.94
CA PRO HA 4 -50.78 -59.34 -119.97
C PRO HA 4 -49.92 -58.27 -119.32
N MET HA 5 -49.40 -58.60 -118.14
CA MET HA 5 -48.46 -57.73 -117.45
C MET HA 5 -47.05 -58.29 -117.57
N GLN HA 6 -46.09 -57.43 -117.40
CA GLN HA 6 -44.71 -57.88 -117.26
C GLN HA 6 -44.20 -57.54 -115.88
N PRO HA 7 -43.34 -58.37 -115.30
CA PRO HA 7 -42.78 -58.06 -113.99
C PRO HA 7 -41.98 -56.77 -114.01
N ILE HA 8 -42.08 -56.01 -112.93
CA ILE HA 8 -41.40 -54.73 -112.82
C ILE HA 8 -40.29 -54.77 -111.78
N THR HA 9 -40.60 -55.18 -110.55
CA THR HA 9 -39.63 -55.18 -109.46
C THR HA 9 -39.51 -56.60 -108.92
N SER HA 10 -38.63 -57.38 -109.54
CA SER HA 10 -38.33 -58.70 -109.01
C SER HA 10 -37.52 -58.59 -107.74
N THR HA 11 -37.82 -59.46 -106.77
CA THR HA 11 -37.13 -59.44 -105.49
C THR HA 11 -37.14 -60.86 -104.94
N ALA HA 12 -36.31 -61.10 -103.94
CA ALA HA 12 -36.26 -62.42 -103.30
C ALA HA 12 -37.61 -62.80 -102.73
N ASN HA 13 -38.41 -61.80 -102.32
CA ASN HA 13 -39.69 -62.07 -101.67
C ASN HA 13 -40.86 -61.36 -102.34
N LYS HA 14 -40.62 -60.59 -103.40
CA LYS HA 14 -41.68 -59.81 -104.01
C LYS HA 14 -41.50 -59.76 -105.52
N ILE HA 15 -42.61 -59.92 -106.24
CA ILE HA 15 -42.65 -59.67 -107.66
C ILE HA 15 -43.87 -58.80 -107.94
N VAL HA 16 -43.67 -57.71 -108.65
CA VAL HA 16 -44.73 -56.75 -108.96
C VAL HA 16 -44.90 -56.70 -110.46
N TRP HA 17 -46.08 -57.06 -110.94
CA TRP HA 17 -46.41 -56.90 -112.34
C TRP HA 17 -47.05 -55.54 -112.58
N SER HA 18 -47.03 -55.10 -113.83
CA SER HA 18 -47.63 -53.83 -114.19
C SER HA 18 -47.90 -53.81 -115.68
N ASP HA 19 -49.06 -53.29 -116.06
CA ASP HA 19 -49.48 -53.30 -117.45
C ASP HA 19 -48.72 -52.22 -118.22
N PRO HA 20 -48.04 -52.57 -119.31
CA PRO HA 20 -47.31 -51.53 -120.07
C PRO HA 20 -48.20 -50.42 -120.59
N THR HA 21 -49.42 -50.76 -121.04
CA THR HA 21 -50.30 -49.74 -121.58
C THR HA 21 -50.80 -48.80 -120.49
N ARG HA 22 -50.96 -49.29 -119.27
CA ARG HA 22 -51.39 -48.45 -118.16
C ARG HA 22 -50.60 -48.87 -116.93
N LEU HA 23 -49.61 -48.05 -116.58
CA LEU HA 23 -48.74 -48.37 -115.45
C LEU HA 23 -49.49 -48.35 -114.13
N SER HA 24 -50.70 -47.81 -114.12
CA SER HA 24 -51.47 -47.75 -112.88
C SER HA 24 -51.80 -49.13 -112.34
N THR HA 25 -52.25 -50.03 -113.20
CA THR HA 25 -52.70 -51.34 -112.76
C THR HA 25 -51.52 -52.20 -112.39
N THR HA 26 -51.54 -52.75 -111.17
CA THR HA 26 -50.46 -53.59 -110.68
C THR HA 26 -51.05 -54.82 -110.01
N PHE HA 27 -50.25 -55.89 -109.96
CA PHE HA 27 -50.59 -57.09 -109.21
C PHE HA 27 -49.33 -57.60 -108.56
N SER HA 28 -49.18 -57.36 -107.26
CA SER HA 28 -47.96 -57.69 -106.54
C SER HA 28 -48.21 -58.91 -105.65
N ALA HA 29 -47.27 -59.85 -105.69
CA ALA HA 29 -47.33 -61.06 -104.88
C ALA HA 29 -46.10 -61.10 -103.99
N SER HA 30 -46.31 -61.29 -102.69
CA SER HA 30 -45.23 -61.37 -101.73
C SER HA 30 -45.37 -62.64 -100.91
N LEU HA 31 -44.25 -63.30 -100.67
CA LEU HA 31 -44.21 -64.52 -99.89
C LEU HA 31 -43.38 -64.29 -98.63
N LEU HA 32 -43.75 -65.01 -97.57
CA LEU HA 32 -43.02 -64.93 -96.30
C LEU HA 32 -43.03 -66.33 -95.71
N ARG HA 33 -41.91 -67.03 -95.85
CA ARG HA 33 -41.75 -68.37 -95.30
C ARG HA 33 -40.99 -68.27 -93.99
N GLN HA 34 -41.54 -68.87 -92.94
CA GLN HA 34 -40.90 -68.86 -91.65
C GLN HA 34 -40.98 -70.25 -91.05
N ARG HA 35 -40.10 -70.51 -90.10
CA ARG HA 35 -39.75 -71.86 -89.68
C ARG HA 35 -40.46 -72.12 -88.35
N VAL HA 36 -41.26 -73.18 -88.29
CA VAL HA 36 -42.21 -73.34 -87.20
C VAL HA 36 -42.37 -74.81 -86.83
N LYS HA 37 -42.69 -75.06 -85.56
CA LYS HA 37 -43.04 -76.39 -85.06
C LYS HA 37 -44.46 -76.33 -84.51
N VAL HA 38 -45.29 -77.30 -84.93
CA VAL HA 38 -46.64 -77.40 -84.37
C VAL HA 38 -46.61 -78.15 -83.04
N GLY HA 39 -46.10 -79.37 -83.04
CA GLY HA 39 -45.85 -80.13 -81.83
C GLY HA 39 -45.09 -81.39 -82.16
N ILE HA 40 -43.95 -81.60 -81.51
CA ILE HA 40 -42.95 -82.65 -81.81
C ILE HA 40 -42.92 -82.91 -83.31
N ALA HA 41 -43.10 -81.86 -84.11
CA ALA HA 41 -43.10 -81.97 -85.56
C ALA HA 41 -42.80 -80.60 -86.13
N GLU HA 42 -41.67 -80.48 -86.82
CA GLU HA 42 -41.30 -79.22 -87.41
C GLU HA 42 -42.07 -79.00 -88.71
N LEU HA 43 -42.34 -77.74 -89.03
CA LEU HA 43 -43.16 -77.40 -90.19
C LEU HA 43 -42.62 -76.16 -90.88
N ASN HA 44 -43.04 -75.97 -92.12
CA ASN HA 44 -42.65 -74.83 -92.94
C ASN HA 44 -43.90 -74.02 -93.24
N ASN HA 45 -44.08 -72.92 -92.52
CA ASN HA 45 -45.24 -72.06 -92.74
C ASN HA 45 -44.91 -70.99 -93.76
N VAL HA 46 -45.90 -70.62 -94.57
CA VAL HA 46 -45.75 -69.63 -95.62
C VAL HA 46 -46.97 -68.71 -95.59
N SER HA 47 -46.75 -67.43 -95.87
CA SER HA 47 -47.82 -66.45 -95.98
C SER HA 47 -47.66 -65.72 -97.31
N GLY HA 48 -48.72 -65.71 -98.10
CA GLY HA 48 -48.66 -65.08 -99.39
C GLY HA 48 -49.59 -63.90 -99.56
N GLN HA 49 -49.04 -62.70 -99.63
CA GLN HA 49 -49.82 -61.49 -99.83
C GLN HA 49 -49.96 -61.23 -101.32
N TYR HA 50 -51.19 -61.30 -101.82
CA TYR HA 50 -51.49 -60.98 -103.22
C TYR HA 50 -52.39 -59.77 -103.24
N VAL HA 51 -51.97 -58.72 -103.93
CA VAL HA 51 -52.69 -57.46 -103.97
C VAL HA 51 -52.94 -57.09 -105.42
N SER HA 52 -54.16 -56.66 -105.72
CA SER HA 52 -54.52 -56.13 -107.03
C SER HA 52 -54.94 -54.68 -106.86
N VAL HA 53 -54.30 -53.78 -107.59
CA VAL HA 53 -54.54 -52.35 -107.46
C VAL HA 53 -54.93 -51.80 -108.82
N TYR HA 54 -56.01 -51.04 -108.86
CA TYR HA 54 -56.50 -50.42 -110.09
C TYR HA 54 -57.04 -49.05 -109.74
N LYS HA 55 -56.48 -48.01 -110.36
CA LYS HA 55 -57.02 -46.67 -110.23
C LYS HA 55 -58.10 -46.49 -111.28
N ARG HA 56 -59.33 -46.28 -110.82
CA ARG HA 56 -60.43 -46.19 -111.76
C ARG HA 56 -61.11 -44.83 -111.68
N PRO HA 57 -61.41 -44.20 -112.81
CA PRO HA 57 -62.14 -42.94 -112.76
C PRO HA 57 -63.51 -43.12 -112.14
N ALA HA 58 -63.96 -42.09 -111.42
CA ALA HA 58 -65.25 -42.15 -110.77
C ALA HA 58 -66.36 -42.25 -111.81
N PRO HA 59 -67.49 -42.88 -111.48
CA PRO HA 59 -68.57 -43.03 -112.47
C PRO HA 59 -69.07 -41.69 -112.98
N LYS HA 60 -68.94 -41.49 -114.29
CA LYS HA 60 -69.33 -40.24 -114.90
C LYS HA 60 -70.85 -40.09 -114.89
N PRO HA 61 -71.36 -38.86 -115.00
CA PRO HA 61 -72.81 -38.64 -114.90
C PRO HA 61 -73.62 -39.50 -115.85
N GLU HA 62 -74.81 -39.92 -115.42
CA GLU HA 62 -75.63 -40.87 -116.16
C GLU HA 62 -75.99 -40.34 -117.54
N GLY HA 63 -75.70 -41.13 -118.57
CA GLY HA 63 -75.96 -40.74 -119.94
C GLY HA 63 -75.25 -39.45 -120.33
N CYS HA 64 -73.98 -39.34 -119.96
CA CYS HA 64 -73.26 -38.09 -120.16
C CYS HA 64 -71.85 -38.34 -120.69
N ALA HA 65 -71.69 -39.41 -121.45
CA ALA HA 65 -70.39 -39.70 -122.05
C ALA HA 65 -70.23 -38.87 -123.32
N ASP HA 66 -70.04 -37.56 -123.17
CA ASP HA 66 -70.07 -36.71 -124.35
C ASP HA 66 -68.72 -36.66 -125.09
N ALA HA 67 -67.71 -35.97 -124.57
CA ALA HA 67 -66.39 -36.13 -125.17
C ALA HA 67 -65.26 -36.17 -124.13
N CYS HA 68 -65.25 -35.20 -123.22
CA CYS HA 68 -64.13 -34.97 -122.31
C CYS HA 68 -64.73 -34.46 -121.00
N VAL HA 69 -64.94 -35.36 -120.03
CA VAL HA 69 -65.43 -34.96 -118.73
C VAL HA 69 -64.61 -35.67 -117.65
N ILE HA 70 -63.36 -35.99 -117.96
CA ILE HA 70 -62.51 -36.82 -117.12
C ILE HA 70 -62.46 -36.32 -115.68
N MET HA 71 -62.71 -37.23 -114.75
CA MET HA 71 -62.77 -36.98 -113.32
C MET HA 71 -61.66 -37.72 -112.61
N PRO HA 72 -61.33 -37.34 -111.37
CA PRO HA 72 -60.24 -38.02 -110.67
C PRO HA 72 -60.54 -39.49 -110.44
N ASN HA 73 -59.47 -40.27 -110.41
CA ASN HA 73 -59.54 -41.71 -110.22
C ASN HA 73 -59.81 -42.04 -108.76
N GLU HA 74 -60.26 -43.27 -108.53
CA GLU HA 74 -60.51 -43.76 -107.18
C GLU HA 74 -59.93 -45.17 -107.05
N ASN HA 75 -59.62 -45.55 -105.82
CA ASN HA 75 -58.84 -46.74 -105.56
C ASN HA 75 -59.72 -47.98 -105.59
N GLN HA 76 -59.22 -49.03 -106.23
CA GLN HA 76 -59.83 -50.35 -106.20
C GLN HA 76 -58.75 -51.35 -105.79
N SER HA 77 -58.87 -51.90 -104.60
CA SER HA 77 -57.85 -52.77 -104.03
C SER HA 77 -58.46 -54.10 -103.65
N ILE HA 78 -57.74 -55.18 -103.93
CA ILE HA 78 -58.13 -56.52 -103.54
C ILE HA 78 -56.90 -57.20 -102.97
N ARG HA 79 -56.90 -57.45 -101.67
CA ARG HA 79 -55.78 -58.06 -100.97
C ARG HA 79 -56.18 -59.45 -100.49
N THR HA 80 -55.31 -60.42 -100.71
CA THR HA 80 -55.54 -61.78 -100.26
C THR HA 80 -54.26 -62.32 -99.62
N VAL HA 81 -54.40 -62.90 -98.44
CA VAL HA 81 -53.28 -63.53 -97.74
C VAL HA 81 -53.65 -64.98 -97.47
N ILE HA 82 -52.75 -65.89 -97.79
CA ILE HA 82 -52.96 -67.31 -97.60
C ILE HA 82 -51.85 -67.83 -96.70
N SER HA 83 -52.23 -68.38 -95.54
CA SER HA 83 -51.27 -68.88 -94.57
C SER HA 83 -51.55 -70.34 -94.29
N GLY HA 84 -50.50 -71.15 -94.32
CA GLY HA 84 -50.65 -72.56 -94.04
C GLY HA 84 -49.32 -73.26 -94.23
N SER HA 85 -49.23 -74.47 -93.67
CA SER HA 85 -48.03 -75.26 -93.79
C SER HA 85 -47.93 -75.83 -95.19
N ALA HA 86 -46.74 -75.73 -95.80
CA ALA HA 86 -46.54 -76.28 -97.13
C ALA HA 86 -46.57 -77.80 -97.15
N GLU HA 87 -46.47 -78.45 -95.99
CA GLU HA 87 -46.43 -79.91 -95.94
C GLU HA 87 -47.78 -80.53 -96.25
N ASN HA 88 -48.87 -79.79 -96.07
CA ASN HA 88 -50.21 -80.25 -96.45
C ASN HA 88 -50.84 -79.27 -97.41
N LEU HA 89 -50.08 -78.86 -98.43
CA LEU HA 89 -50.60 -77.90 -99.41
C LEU HA 89 -51.76 -78.46 -100.21
N ALA HA 90 -51.83 -79.77 -100.40
CA ALA HA 90 -52.89 -80.35 -101.23
C ALA HA 90 -54.26 -80.03 -100.67
N THR HA 91 -54.43 -80.17 -99.35
CA THR HA 91 -55.71 -79.82 -98.75
C THR HA 91 -55.87 -78.31 -98.65
N LEU HA 92 -54.76 -77.57 -98.63
CA LEU HA 92 -54.84 -76.11 -98.55
C LEU HA 92 -55.60 -75.53 -99.74
N LYS HA 93 -55.38 -76.09 -100.93
CA LYS HA 93 -56.07 -75.60 -102.11
C LYS HA 93 -57.58 -75.77 -101.99
N ALA HA 94 -58.02 -76.77 -101.23
CA ALA HA 94 -59.44 -77.11 -101.21
C ALA HA 94 -60.28 -75.97 -100.68
N GLU HA 95 -59.95 -75.45 -99.49
CA GLU HA 95 -60.73 -74.35 -98.94
C GLU HA 95 -60.46 -73.05 -99.68
N TRP HA 96 -59.30 -72.92 -100.33
CA TRP HA 96 -59.10 -71.79 -101.22
C TRP HA 96 -60.17 -71.78 -102.31
N GLU HA 97 -60.46 -72.94 -102.87
CA GLU HA 97 -61.59 -73.05 -103.79
C GLU HA 97 -62.89 -72.76 -103.05
N THR HA 98 -63.03 -73.27 -101.83
CA THR HA 98 -64.22 -72.98 -101.04
C THR HA 98 -64.28 -71.49 -100.67
N HIS HA 99 -63.15 -70.91 -100.29
CA HIS HA 99 -63.11 -69.48 -100.00
C HIS HA 99 -63.62 -68.66 -101.18
N LYS HA 100 -63.34 -69.12 -102.40
CA LYS HA 100 -63.90 -68.49 -103.58
C LYS HA 100 -65.42 -68.57 -103.56
N ARG HA 101 -65.95 -69.76 -103.24
CA ARG HA 101 -67.39 -69.97 -103.31
C ARG HA 101 -68.13 -69.08 -102.32
N ASN HA 102 -67.62 -68.98 -101.09
CA ASN HA 102 -68.34 -68.24 -100.06
C ASN HA 102 -68.45 -66.76 -100.41
N VAL HA 103 -67.33 -66.14 -100.77
CA VAL HA 103 -67.37 -64.71 -101.09
C VAL HA 103 -68.19 -64.47 -102.35
N ASP HA 104 -68.11 -65.38 -103.33
CA ASP HA 104 -68.88 -65.19 -104.56
C ASP HA 104 -70.38 -65.18 -104.27
N THR HA 105 -70.85 -66.12 -103.45
CA THR HA 105 -72.26 -66.13 -103.11
C THR HA 105 -72.62 -65.03 -102.15
N LEU HA 106 -71.62 -64.41 -101.52
CA LEU HA 106 -71.86 -63.31 -100.60
C LEU HA 106 -71.65 -61.95 -101.25
N PHE HA 107 -70.67 -61.84 -102.15
CA PHE HA 107 -70.32 -60.56 -102.77
C PHE HA 107 -70.62 -60.52 -104.25
N ALA HA 108 -70.13 -61.49 -105.02
CA ALA HA 108 -70.36 -61.49 -106.46
C ALA HA 108 -71.84 -61.60 -106.79
N SER HA 109 -72.56 -62.45 -106.07
CA SER HA 109 -74.00 -62.59 -106.25
C SER HA 109 -74.80 -61.77 -105.25
N GLY HA 110 -74.32 -61.64 -104.02
CA GLY HA 110 -75.02 -60.89 -103.01
C GLY HA 110 -74.78 -59.40 -103.11
N ASN HA 111 -75.20 -58.69 -102.07
CA ASN HA 111 -75.07 -57.25 -102.00
C ASN HA 111 -74.04 -56.79 -100.99
N ALA HA 112 -73.04 -57.64 -100.69
CA ALA HA 112 -72.04 -57.26 -99.71
C ALA HA 112 -71.23 -56.04 -100.15
N GLY HA 113 -71.04 -55.88 -101.45
CA GLY HA 113 -70.30 -54.73 -101.93
C GLY HA 113 -70.98 -53.42 -101.63
N LEU HA 114 -72.30 -53.39 -101.74
CA LEU HA 114 -73.06 -52.18 -101.46
C LEU HA 114 -73.12 -51.85 -99.97
N GLY HA 115 -72.67 -52.74 -99.10
CA GLY HA 115 -72.78 -52.56 -97.68
C GLY HA 115 -73.86 -53.39 -97.03
N PHE HA 116 -74.80 -53.92 -97.82
CA PHE HA 116 -75.79 -54.83 -97.28
C PHE HA 116 -75.13 -56.15 -96.88
N LEU HA 117 -75.42 -56.61 -95.66
CA LEU HA 117 -74.87 -57.86 -95.16
C LEU HA 117 -76.03 -58.81 -94.92
N ASP HA 118 -75.96 -60.00 -95.52
CA ASP HA 118 -77.08 -60.92 -95.51
C ASP HA 118 -76.84 -62.04 -94.52
N PRO HA 119 -77.63 -62.16 -93.46
CA PRO HA 119 -77.41 -63.24 -92.49
C PRO HA 119 -77.93 -64.59 -92.92
N THR HA 120 -78.79 -64.67 -93.94
CA THR HA 120 -79.35 -65.93 -94.36
C THR HA 120 -78.73 -66.46 -95.64
N ALA HA 121 -77.58 -65.92 -96.05
CA ALA HA 121 -76.92 -66.41 -97.25
C ALA HA 121 -76.44 -67.83 -97.05
N ALA HA 122 -76.51 -68.62 -98.12
CA ALA HA 122 -76.14 -70.04 -98.07
C ALA HA 122 -74.67 -70.19 -98.44
N ILE HA 123 -73.85 -70.56 -97.46
CA ILE HA 123 -72.41 -70.75 -97.66
C ILE HA 123 -72.05 -72.13 -97.12
N VAL HA 124 -71.09 -72.77 -97.77
CA VAL HA 124 -70.78 -74.18 -97.51
C VAL HA 124 -69.34 -74.31 -97.03
N SER HA 125 -69.04 -75.46 -96.43
CA SER HA 125 -67.74 -75.73 -95.85
C SER HA 125 -66.80 -76.36 -96.87
N SER HA 126 -65.50 -76.30 -96.56
CA SER HA 126 -64.52 -76.97 -97.39
C SER HA 126 -64.73 -78.48 -97.37
N ASP HA 127 -65.01 -79.03 -96.20
CA ASP HA 127 -65.26 -80.46 -96.09
C ASP HA 127 -66.53 -80.84 -96.82
N THR HA 128 -66.46 -81.90 -97.61
CA THR HA 128 -67.63 -82.37 -98.33
C THR HA 128 -68.50 -83.22 -97.40
N THR HA 129 -69.69 -83.55 -97.90
CA THR HA 129 -70.64 -84.36 -97.14
C THR HA 129 -70.13 -85.78 -96.93
N ALA IA 1 -32.52 -87.60 -115.16
CA ALA IA 1 -33.87 -87.45 -114.62
C ALA IA 1 -33.83 -87.11 -113.15
N ASN IA 2 -33.66 -85.83 -112.83
CA ASN IA 2 -33.61 -85.36 -111.47
C ASN IA 2 -34.60 -84.22 -111.29
N LYS IA 3 -35.13 -84.09 -110.09
CA LYS IA 3 -36.08 -83.03 -109.82
C LYS IA 3 -35.36 -81.69 -109.80
N PRO IA 4 -35.72 -80.75 -110.68
CA PRO IA 4 -35.04 -79.46 -110.68
C PRO IA 4 -35.46 -78.61 -109.50
N MET IA 5 -34.59 -77.68 -109.12
CA MET IA 5 -34.92 -76.69 -108.11
C MET IA 5 -35.44 -75.42 -108.77
N GLN IA 6 -35.89 -74.51 -107.93
CA GLN IA 6 -36.19 -73.14 -108.35
C GLN IA 6 -35.59 -72.18 -107.35
N PRO IA 7 -35.22 -70.98 -107.78
CA PRO IA 7 -34.64 -70.01 -106.85
C PRO IA 7 -35.63 -69.63 -105.76
N ILE IA 8 -35.10 -69.38 -104.57
CA ILE IA 8 -35.87 -68.91 -103.43
C ILE IA 8 -35.46 -67.51 -103.02
N THR IA 9 -34.20 -67.34 -102.62
CA THR IA 9 -33.64 -66.05 -102.26
C THR IA 9 -32.77 -65.58 -103.42
N SER IA 10 -33.28 -64.63 -104.18
CA SER IA 10 -32.56 -64.09 -105.33
C SER IA 10 -32.00 -62.72 -104.98
N THR IA 11 -30.73 -62.51 -105.32
CA THR IA 11 -30.04 -61.26 -105.02
C THR IA 11 -28.98 -61.07 -106.09
N ALA IA 12 -28.50 -59.84 -106.22
CA ALA IA 12 -27.51 -59.52 -107.23
C ALA IA 12 -26.22 -60.32 -107.07
N ASN IA 13 -25.97 -60.87 -105.90
CA ASN IA 13 -24.76 -61.66 -105.66
C ASN IA 13 -25.05 -63.11 -105.32
N LYS IA 14 -26.05 -63.37 -104.47
CA LYS IA 14 -26.32 -64.71 -103.99
C LYS IA 14 -27.72 -65.15 -104.39
N ILE IA 15 -27.82 -66.36 -104.93
CA ILE IA 15 -29.09 -66.98 -105.27
C ILE IA 15 -29.12 -68.38 -104.68
N VAL IA 16 -30.24 -68.74 -104.05
CA VAL IA 16 -30.38 -70.01 -103.35
C VAL IA 16 -31.49 -70.79 -104.05
N TRP IA 17 -31.15 -71.99 -104.53
CA TRP IA 17 -32.17 -72.88 -105.04
C TRP IA 17 -32.69 -73.78 -103.92
N SER IA 18 -33.81 -74.43 -104.17
CA SER IA 18 -34.39 -75.36 -103.20
C SER IA 18 -35.41 -76.23 -103.91
N ASP IA 19 -35.40 -77.51 -103.59
CA ASP IA 19 -36.31 -78.44 -104.24
C ASP IA 19 -37.73 -78.22 -103.76
N PRO IA 20 -38.72 -78.19 -104.67
CA PRO IA 20 -40.11 -78.05 -104.21
C PRO IA 20 -40.60 -79.24 -103.42
N THR IA 21 -40.27 -80.46 -103.85
CA THR IA 21 -40.73 -81.65 -103.13
C THR IA 21 -40.13 -81.71 -101.73
N ARG IA 22 -38.83 -81.47 -101.62
CA ARG IA 22 -38.14 -81.43 -100.33
C ARG IA 22 -37.59 -80.03 -100.13
N LEU IA 23 -38.26 -79.25 -99.29
CA LEU IA 23 -37.83 -77.88 -99.03
C LEU IA 23 -36.56 -77.81 -98.24
N SER IA 24 -35.92 -78.94 -97.98
CA SER IA 24 -34.74 -79.00 -97.14
C SER IA 24 -33.44 -79.14 -97.93
N THR IA 25 -33.50 -79.52 -99.21
CA THR IA 25 -32.32 -79.67 -100.03
C THR IA 25 -32.10 -78.39 -100.82
N THR IA 26 -30.94 -77.76 -100.62
CA THR IA 26 -30.68 -76.45 -101.21
C THR IA 26 -29.35 -76.48 -101.93
N PHE IA 27 -29.20 -75.57 -102.88
CA PHE IA 27 -27.93 -75.34 -103.58
C PHE IA 27 -27.79 -73.84 -103.76
N SER IA 28 -26.89 -73.23 -103.00
CA SER IA 28 -26.73 -71.78 -102.98
C SER IA 28 -25.40 -71.40 -103.62
N ALA IA 29 -25.44 -70.43 -104.52
CA ALA IA 29 -24.25 -69.89 -105.16
C ALA IA 29 -24.14 -68.41 -104.81
N SER IA 30 -23.04 -68.03 -104.18
CA SER IA 30 -22.80 -66.64 -103.80
C SER IA 30 -21.45 -66.21 -104.33
N LEU IA 31 -21.40 -65.05 -104.97
CA LEU IA 31 -20.18 -64.55 -105.57
C LEU IA 31 -19.71 -63.28 -104.88
N LEU IA 32 -18.42 -63.01 -105.00
CA LEU IA 32 -17.81 -61.81 -104.43
C LEU IA 32 -16.76 -61.33 -105.41
N ARG IA 33 -17.12 -60.35 -106.23
CA ARG IA 33 -16.23 -59.81 -107.25
C ARG IA 33 -15.49 -58.61 -106.69
N GLN IA 34 -14.17 -58.65 -106.80
CA GLN IA 34 -13.33 -57.54 -106.35
C GLN IA 34 -12.25 -57.30 -107.39
N ARG IA 35 -11.96 -56.03 -107.62
CA ARG IA 35 -10.94 -55.62 -108.58
C ARG IA 35 -9.65 -55.37 -107.81
N VAL IA 36 -8.60 -56.10 -108.16
CA VAL IA 36 -7.35 -56.10 -107.41
C VAL IA 36 -6.22 -55.67 -108.35
N LYS IA 37 -5.29 -54.89 -107.81
CA LYS IA 37 -4.15 -54.37 -108.56
C LYS IA 37 -2.88 -54.86 -107.88
N VAL IA 38 -2.39 -56.03 -108.31
CA VAL IA 38 -1.16 -56.61 -107.80
C VAL IA 38 -0.17 -56.91 -108.92
N GLY IA 39 -0.64 -57.47 -110.03
CA GLY IA 39 0.25 -57.83 -111.12
C GLY IA 39 0.64 -56.66 -111.99
N ILE IA 40 1.07 -55.56 -111.35
CA ILE IA 40 1.41 -54.28 -111.97
C ILE IA 40 0.42 -53.96 -113.09
N ALA IA 41 -0.82 -54.42 -112.92
CA ALA IA 41 -1.89 -54.25 -113.88
C ALA IA 41 -3.20 -54.54 -113.17
N GLU IA 42 -4.27 -53.93 -113.65
CA GLU IA 42 -5.55 -54.07 -112.99
C GLU IA 42 -6.12 -55.46 -113.24
N LEU IA 43 -6.54 -56.14 -112.18
CA LEU IA 43 -7.11 -57.47 -112.27
C LEU IA 43 -8.47 -57.49 -111.59
N ASN IA 44 -9.37 -58.31 -112.14
CA ASN IA 44 -10.73 -58.42 -111.63
C ASN IA 44 -10.89 -59.80 -111.02
N ASN IA 45 -10.53 -59.91 -109.75
CA ASN IA 45 -10.68 -61.18 -109.04
C ASN IA 45 -12.15 -61.49 -108.81
N VAL IA 46 -12.50 -62.75 -109.00
CA VAL IA 46 -13.86 -63.23 -108.75
C VAL IA 46 -13.78 -64.45 -107.85
N SER IA 47 -14.52 -64.43 -106.75
CA SER IA 47 -14.58 -65.54 -105.81
C SER IA 47 -16.03 -66.00 -105.72
N GLY IA 48 -16.26 -67.27 -106.05
CA GLY IA 48 -17.59 -67.84 -106.06
C GLY IA 48 -17.69 -68.98 -105.06
N GLN IA 49 -18.72 -68.90 -104.21
CA GLN IA 49 -18.96 -69.90 -103.17
C GLN IA 49 -20.21 -70.69 -103.57
N TYR IA 50 -20.04 -72.00 -103.71
CA TYR IA 50 -21.13 -72.89 -104.11
C TYR IA 50 -21.31 -73.93 -103.02
N VAL IA 51 -22.48 -73.93 -102.38
CA VAL IA 51 -22.76 -74.80 -101.26
C VAL IA 51 -23.98 -75.64 -101.60
N SER IA 52 -23.85 -76.95 -101.45
CA SER IA 52 -24.95 -77.89 -101.63
C SER IA 52 -25.20 -78.61 -100.32
N VAL IA 53 -26.44 -78.59 -99.85
CA VAL IA 53 -26.81 -79.13 -98.54
C VAL IA 53 -27.96 -80.10 -98.72
N TYR IA 54 -27.85 -81.28 -98.12
CA TYR IA 54 -28.91 -82.28 -98.11
C TYR IA 54 -29.07 -82.80 -96.69
N LYS IA 55 -30.30 -82.84 -96.21
CA LYS IA 55 -30.61 -83.42 -94.91
C LYS IA 55 -31.07 -84.85 -95.14
N ARG IA 56 -30.20 -85.80 -94.87
CA ARG IA 56 -30.58 -87.18 -95.10
C ARG IA 56 -30.96 -87.85 -93.79
N PRO IA 57 -31.93 -88.75 -93.79
CA PRO IA 57 -32.25 -89.50 -92.57
C PRO IA 57 -31.11 -90.41 -92.14
N ALA IA 58 -31.21 -90.89 -90.91
CA ALA IA 58 -30.19 -91.75 -90.36
C ALA IA 58 -30.12 -93.06 -91.14
N PRO IA 59 -28.99 -93.77 -91.08
CA PRO IA 59 -28.89 -95.04 -91.81
C PRO IA 59 -29.96 -96.04 -91.40
N LYS IA 60 -30.43 -95.94 -90.15
CA LYS IA 60 -31.59 -96.67 -89.65
C LYS IA 60 -31.23 -98.14 -89.44
N PRO IA 61 -31.48 -98.69 -88.26
CA PRO IA 61 -31.01 -100.04 -87.95
C PRO IA 61 -31.60 -101.08 -88.88
N GLU IA 62 -30.85 -102.16 -89.10
CA GLU IA 62 -31.19 -103.21 -90.04
C GLU IA 62 -32.23 -104.16 -89.43
N GLY IA 63 -32.93 -104.87 -90.32
CA GLY IA 63 -33.93 -105.85 -89.91
C GLY IA 63 -35.30 -105.22 -89.73
N CYS IA 64 -35.36 -104.16 -88.93
CA CYS IA 64 -36.59 -103.45 -88.67
C CYS IA 64 -36.92 -102.49 -89.81
N ALA IA 65 -38.21 -102.19 -89.95
CA ALA IA 65 -38.71 -101.10 -90.77
C ALA IA 65 -40.17 -100.93 -90.40
N ASP IA 66 -41.08 -101.36 -91.29
CA ASP IA 66 -42.44 -101.77 -90.98
C ASP IA 66 -43.08 -101.01 -89.84
N ALA IA 67 -42.96 -99.68 -89.84
CA ALA IA 67 -43.47 -98.85 -88.76
C ALA IA 67 -43.40 -97.41 -89.21
N CYS IA 68 -43.69 -96.50 -88.27
CA CYS IA 68 -43.67 -95.07 -88.54
C CYS IA 68 -42.72 -94.36 -87.58
N VAL IA 69 -41.57 -94.97 -87.33
CA VAL IA 69 -40.50 -94.39 -86.53
C VAL IA 69 -39.69 -93.47 -87.45
N ILE IA 70 -39.37 -92.28 -86.95
CA ILE IA 70 -38.68 -91.27 -87.74
C ILE IA 70 -37.40 -90.87 -87.05
N MET IA 71 -36.27 -91.34 -87.57
CA MET IA 71 -34.99 -91.03 -86.97
C MET IA 71 -34.50 -89.66 -87.44
N PRO IA 72 -33.71 -88.97 -86.63
CA PRO IA 72 -33.30 -87.61 -87.00
C PRO IA 72 -32.39 -87.58 -88.23
N ASN IA 73 -32.41 -86.43 -88.90
CA ASN IA 73 -31.60 -86.20 -90.08
C ASN IA 73 -30.18 -85.83 -89.68
N GLU IA 74 -29.25 -85.97 -90.62
CA GLU IA 74 -27.89 -85.49 -90.45
C GLU IA 74 -27.48 -84.67 -91.67
N ASN IA 75 -26.52 -83.78 -91.46
CA ASN IA 75 -26.08 -82.86 -92.49
C ASN IA 75 -25.28 -83.60 -93.56
N GLN IA 76 -25.40 -83.11 -94.79
CA GLN IA 76 -24.57 -83.58 -95.91
C GLN IA 76 -24.24 -82.36 -96.74
N SER IA 77 -23.12 -81.72 -96.44
CA SER IA 77 -22.74 -80.47 -97.07
C SER IA 77 -21.49 -80.65 -97.92
N ILE IA 78 -21.53 -80.11 -99.13
CA ILE IA 78 -20.40 -80.12 -100.05
C ILE IA 78 -20.29 -78.71 -100.60
N ARG IA 79 -19.36 -77.92 -100.07
CA ARG IA 79 -19.16 -76.56 -100.51
C ARG IA 79 -17.81 -76.42 -101.19
N THR IA 80 -17.75 -75.57 -102.21
CA THR IA 80 -16.53 -75.28 -102.94
C THR IA 80 -16.41 -73.77 -103.14
N VAL IA 81 -15.17 -73.30 -103.27
CA VAL IA 81 -14.90 -71.91 -103.58
C VAL IA 81 -13.90 -71.85 -104.73
N ILE IA 82 -14.17 -71.00 -105.71
CA ILE IA 82 -13.29 -70.82 -106.86
C ILE IA 82 -12.81 -69.39 -106.85
N SER IA 83 -11.50 -69.20 -106.72
CA SER IA 83 -10.90 -67.88 -106.69
C SER IA 83 -9.96 -67.72 -107.88
N GLY IA 84 -10.13 -66.62 -108.62
CA GLY IA 84 -9.29 -66.38 -109.76
C GLY IA 84 -9.64 -65.06 -110.41
N SER IA 85 -8.98 -64.80 -111.53
CA SER IA 85 -9.17 -63.56 -112.29
C SER IA 85 -9.84 -63.88 -113.61
N ALA IA 86 -10.90 -63.13 -113.93
CA ALA IA 86 -11.64 -63.37 -115.16
C ALA IA 86 -10.81 -63.10 -116.40
N GLU IA 87 -9.70 -62.36 -116.26
CA GLU IA 87 -8.87 -62.04 -117.42
C GLU IA 87 -8.31 -63.31 -118.06
N ASN IA 88 -7.89 -64.26 -117.24
CA ASN IA 88 -7.38 -65.54 -117.69
C ASN IA 88 -8.30 -66.66 -117.24
N LEU IA 89 -9.60 -66.44 -117.36
CA LEU IA 89 -10.60 -67.40 -116.90
C LEU IA 89 -10.52 -68.72 -117.65
N ALA IA 90 -10.03 -68.72 -118.88
CA ALA IA 90 -10.05 -69.95 -119.68
C ALA IA 90 -9.24 -71.05 -119.02
N THR IA 91 -8.06 -70.72 -118.49
CA THR IA 91 -7.27 -71.75 -117.81
C THR IA 91 -7.87 -72.12 -116.47
N LEU IA 92 -8.66 -71.23 -115.87
CA LEU IA 92 -9.30 -71.55 -114.61
C LEU IA 92 -10.28 -72.70 -114.77
N LYS IA 93 -10.97 -72.76 -115.91
CA LYS IA 93 -11.85 -73.89 -116.18
C LYS IA 93 -11.06 -75.19 -116.21
N ALA IA 94 -9.88 -75.16 -116.83
CA ALA IA 94 -9.04 -76.35 -116.87
C ALA IA 94 -8.63 -76.77 -115.46
N GLU IA 95 -8.36 -75.80 -114.59
CA GLU IA 95 -8.10 -76.12 -113.19
C GLU IA 95 -9.28 -76.82 -112.54
N TRP IA 96 -10.49 -76.34 -112.83
CA TRP IA 96 -11.67 -76.95 -112.23
C TRP IA 96 -11.83 -78.39 -112.70
N GLU IA 97 -11.48 -78.67 -113.96
CA GLU IA 97 -11.59 -80.03 -114.47
C GLU IA 97 -10.64 -80.97 -113.76
N THR IA 98 -9.36 -80.60 -113.64
CA THR IA 98 -8.40 -81.47 -112.98
C THR IA 98 -8.71 -81.60 -111.50
N HIS IA 99 -9.11 -80.50 -110.86
CA HIS IA 99 -9.50 -80.56 -109.46
C HIS IA 99 -10.64 -81.54 -109.26
N LYS IA 100 -11.53 -81.64 -110.23
CA LYS IA 100 -12.56 -82.68 -110.20
C LYS IA 100 -11.93 -84.07 -110.23
N ARG IA 101 -10.99 -84.28 -111.15
CA ARG IA 101 -10.39 -85.60 -111.31
C ARG IA 101 -9.61 -86.01 -110.08
N ASN IA 102 -8.85 -85.07 -109.51
CA ASN IA 102 -8.01 -85.41 -108.36
C ASN IA 102 -8.87 -85.83 -107.17
N VAL IA 103 -9.95 -85.11 -106.92
CA VAL IA 103 -10.86 -85.49 -105.83
C VAL IA 103 -11.51 -86.83 -106.15
N ASP IA 104 -11.94 -87.01 -107.39
CA ASP IA 104 -12.64 -88.24 -107.77
C ASP IA 104 -11.76 -89.46 -107.57
N THR IA 105 -10.51 -89.38 -108.03
CA THR IA 105 -9.61 -90.52 -107.89
C THR IA 105 -9.20 -90.73 -106.44
N LEU IA 106 -9.39 -89.73 -105.60
CA LEU IA 106 -9.02 -89.85 -104.19
C LEU IA 106 -10.22 -90.16 -103.30
N PHE IA 107 -11.39 -89.64 -103.64
CA PHE IA 107 -12.57 -89.79 -102.79
C PHE IA 107 -13.63 -90.65 -103.44
N ALA IA 108 -14.08 -90.32 -104.65
CA ALA IA 108 -15.11 -91.12 -105.30
C ALA IA 108 -14.61 -92.50 -105.65
N SER IA 109 -13.46 -92.58 -106.33
CA SER IA 109 -12.87 -93.88 -106.64
C SER IA 109 -12.20 -94.51 -105.43
N GLY IA 110 -11.51 -93.71 -104.63
CA GLY IA 110 -10.85 -94.20 -103.44
C GLY IA 110 -11.81 -94.32 -102.27
N ASN IA 111 -11.24 -94.50 -101.09
CA ASN IA 111 -12.02 -94.61 -99.86
C ASN IA 111 -11.69 -93.50 -98.88
N ALA IA 112 -11.50 -92.28 -99.40
CA ALA IA 112 -11.28 -91.14 -98.52
C ALA IA 112 -12.50 -90.84 -97.66
N GLY IA 113 -13.69 -91.28 -98.07
CA GLY IA 113 -14.87 -91.08 -97.26
C GLY IA 113 -14.84 -91.86 -95.95
N LEU IA 114 -14.01 -92.89 -95.88
CA LEU IA 114 -13.85 -93.68 -94.67
C LEU IA 114 -12.81 -93.09 -93.72
N GLY IA 115 -12.15 -92.01 -94.10
CA GLY IA 115 -11.14 -91.40 -93.27
C GLY IA 115 -9.71 -91.73 -93.64
N PHE IA 116 -9.48 -92.40 -94.77
CA PHE IA 116 -8.16 -92.89 -95.14
C PHE IA 116 -7.63 -92.12 -96.34
N LEU IA 117 -6.39 -91.66 -96.23
CA LEU IA 117 -5.67 -91.06 -97.35
C LEU IA 117 -4.64 -92.05 -97.85
N ASP IA 118 -4.69 -92.37 -99.13
CA ASP IA 118 -3.71 -93.25 -99.73
C ASP IA 118 -2.61 -92.41 -100.37
N PRO IA 119 -1.40 -92.38 -99.81
CA PRO IA 119 -0.32 -91.61 -100.44
C PRO IA 119 0.08 -92.14 -101.80
N THR IA 120 -0.26 -93.38 -102.12
CA THR IA 120 0.07 -93.97 -103.41
C THR IA 120 -0.86 -93.51 -104.52
N ALA IA 121 -1.99 -92.89 -104.17
CA ALA IA 121 -2.97 -92.48 -105.17
C ALA IA 121 -2.35 -91.57 -106.20
N ALA IA 122 -2.62 -91.84 -107.47
CA ALA IA 122 -2.01 -91.11 -108.58
C ALA IA 122 -2.89 -89.92 -108.95
N ILE IA 123 -2.34 -88.72 -108.76
CA ILE IA 123 -3.03 -87.49 -109.13
C ILE IA 123 -2.17 -86.76 -110.15
N VAL IA 124 -2.81 -85.95 -110.98
CA VAL IA 124 -2.15 -85.32 -112.11
C VAL IA 124 -2.43 -83.83 -112.09
N SER IA 125 -1.51 -83.07 -112.69
CA SER IA 125 -1.59 -81.61 -112.67
C SER IA 125 -2.42 -81.10 -113.84
N SER IA 126 -2.69 -79.79 -113.80
CA SER IA 126 -3.50 -79.17 -114.84
C SER IA 126 -2.78 -79.19 -116.18
N ASP IA 127 -1.53 -78.73 -116.20
CA ASP IA 127 -0.81 -78.65 -117.46
C ASP IA 127 -0.53 -80.03 -118.02
N THR IA 128 -0.67 -80.16 -119.33
CA THR IA 128 -0.44 -81.44 -120.00
C THR IA 128 1.05 -81.62 -120.27
N THR IA 129 1.40 -82.72 -120.93
CA THR IA 129 2.80 -83.00 -121.23
C THR IA 129 3.00 -83.17 -122.73
N ALA JA 1 -115.28 83.68 -12.23
CA ALA JA 1 -114.74 83.89 -13.56
C ALA JA 1 -113.34 83.29 -13.67
N ASN JA 2 -113.18 82.08 -13.15
CA ASN JA 2 -111.88 81.42 -13.18
C ASN JA 2 -111.49 81.11 -14.62
N LYS JA 3 -110.21 81.26 -14.90
CA LYS JA 3 -109.71 81.01 -16.25
C LYS JA 3 -109.69 79.51 -16.53
N PRO JA 4 -110.40 79.04 -17.54
CA PRO JA 4 -110.22 77.64 -17.96
C PRO JA 4 -108.84 77.44 -18.53
N MET JA 5 -108.31 76.24 -18.37
CA MET JA 5 -106.99 75.90 -18.88
C MET JA 5 -107.10 74.86 -19.99
N GLN JA 6 -106.17 74.92 -20.92
CA GLN JA 6 -106.16 74.02 -22.05
C GLN JA 6 -105.43 72.73 -21.68
N PRO JA 7 -106.03 71.57 -21.92
CA PRO JA 7 -105.29 70.31 -21.73
C PRO JA 7 -104.08 70.28 -22.65
N ILE JA 8 -102.98 69.71 -22.14
CA ILE JA 8 -101.73 69.69 -22.86
C ILE JA 8 -101.31 68.27 -23.24
N THR JA 9 -101.85 67.27 -22.57
CA THR JA 9 -101.56 65.87 -22.89
C THR JA 9 -102.83 65.05 -22.67
N SER JA 10 -103.51 64.70 -23.76
CA SER JA 10 -104.74 63.95 -23.70
C SER JA 10 -104.49 62.49 -24.07
N THR JA 11 -105.03 61.58 -23.27
CA THR JA 11 -104.88 60.15 -23.50
C THR JA 11 -106.12 59.46 -22.94
N ALA JA 12 -106.33 58.22 -23.39
CA ALA JA 12 -107.47 57.46 -22.91
C ALA JA 12 -107.36 57.13 -21.42
N ASN JA 13 -106.19 57.30 -20.82
CA ASN JA 13 -105.99 57.02 -19.41
C ASN JA 13 -105.64 58.26 -18.61
N LYS JA 14 -104.81 59.14 -19.15
CA LYS JA 14 -104.39 60.34 -18.45
C LYS JA 14 -104.69 61.57 -19.29
N ILE JA 15 -105.33 62.56 -18.68
CA ILE JA 15 -105.47 63.88 -19.28
C ILE JA 15 -105.02 64.90 -18.26
N VAL JA 16 -104.09 65.77 -18.64
CA VAL JA 16 -103.55 66.78 -17.76
C VAL JA 16 -103.91 68.15 -18.32
N TRP JA 17 -104.44 69.01 -17.47
CA TRP JA 17 -104.75 70.38 -17.82
C TRP JA 17 -103.73 71.31 -17.18
N SER JA 18 -103.37 72.37 -17.89
CA SER JA 18 -102.41 73.33 -17.38
C SER JA 18 -102.81 74.73 -17.83
N ASP JA 19 -102.67 75.68 -16.92
CA ASP JA 19 -103.11 77.04 -17.17
C ASP JA 19 -102.25 77.71 -18.23
N PRO JA 20 -102.83 78.27 -19.29
CA PRO JA 20 -102.00 78.90 -20.33
C PRO JA 20 -101.18 80.07 -19.84
N THR JA 21 -101.71 80.86 -18.90
CA THR JA 21 -100.96 82.02 -18.42
C THR JA 21 -99.71 81.59 -17.66
N ARG JA 22 -99.86 80.68 -16.70
CA ARG JA 22 -98.74 80.07 -16.00
C ARG JA 22 -98.91 78.56 -16.07
N LEU JA 23 -97.98 77.90 -16.76
CA LEU JA 23 -98.10 76.47 -16.99
C LEU JA 23 -97.72 75.62 -15.80
N SER JA 24 -97.14 76.23 -14.76
CA SER JA 24 -96.66 75.44 -13.64
C SER JA 24 -97.81 74.82 -12.85
N THR JA 25 -98.94 75.51 -12.76
CA THR JA 25 -100.13 74.96 -12.13
C THR JA 25 -100.82 74.00 -13.10
N THR JA 26 -101.10 72.78 -12.63
CA THR JA 26 -101.72 71.78 -13.47
C THR JA 26 -102.81 71.06 -12.68
N PHE JA 27 -103.64 70.32 -13.42
CA PHE JA 27 -104.65 69.46 -12.81
C PHE JA 27 -104.76 68.21 -13.66
N SER JA 28 -104.34 67.07 -13.10
CA SER JA 28 -104.30 65.81 -13.82
C SER JA 28 -105.43 64.90 -13.35
N ALA JA 29 -105.89 64.05 -14.26
CA ALA JA 29 -106.95 63.08 -13.97
C ALA JA 29 -106.54 61.74 -14.56
N SER JA 30 -105.81 60.96 -13.77
CA SER JA 30 -105.42 59.62 -14.17
C SER JA 30 -106.51 58.63 -13.76
N LEU JA 31 -107.00 57.86 -14.72
CA LEU JA 31 -108.07 56.90 -14.50
C LEU JA 31 -107.55 55.50 -14.81
N LEU JA 32 -107.81 54.57 -13.90
CA LEU JA 32 -107.40 53.18 -14.07
C LEU JA 32 -108.63 52.30 -13.89
N ARG JA 33 -108.96 51.54 -14.93
CA ARG JA 33 -110.11 50.65 -14.91
C ARG JA 33 -109.64 49.21 -14.75
N GLN JA 34 -110.21 48.51 -13.77
CA GLN JA 34 -109.83 47.15 -13.47
C GLN JA 34 -111.08 46.32 -13.29
N ARG JA 35 -110.95 45.03 -13.57
CA ARG JA 35 -112.06 44.09 -13.57
C ARG JA 35 -111.89 43.12 -12.40
N VAL JA 36 -112.92 43.02 -11.56
CA VAL JA 36 -112.80 42.38 -10.26
C VAL JA 36 -113.93 41.36 -10.07
N LYS JA 37 -113.60 40.22 -9.47
CA LYS JA 37 -114.55 39.16 -9.16
C LYS JA 37 -114.77 39.14 -7.66
N VAL JA 38 -115.92 39.65 -7.21
CA VAL JA 38 -116.23 39.76 -5.79
C VAL JA 38 -117.54 39.05 -5.43
N GLY JA 39 -118.64 39.42 -6.07
CA GLY JA 39 -119.93 38.88 -5.69
C GLY JA 39 -120.40 37.75 -6.56
N ILE JA 40 -119.64 36.65 -6.59
CA ILE JA 40 -119.85 35.49 -7.47
C ILE JA 40 -120.27 35.93 -8.87
N ALA JA 41 -119.84 37.11 -9.26
CA ALA JA 41 -120.14 37.71 -10.55
C ALA JA 41 -119.02 38.68 -10.85
N GLU JA 42 -118.66 38.81 -12.12
CA GLU JA 42 -117.50 39.61 -12.47
C GLU JA 42 -117.87 41.07 -12.53
N LEU JA 43 -117.20 41.91 -11.75
CA LEU JA 43 -117.50 43.33 -11.70
C LEU JA 43 -116.28 44.15 -12.11
N ASN JA 44 -116.48 45.46 -12.21
CA ASN JA 44 -115.49 46.36 -12.75
C ASN JA 44 -115.24 47.51 -11.79
N ASN JA 45 -113.98 47.80 -11.54
CA ASN JA 45 -113.57 48.87 -10.63
C ASN JA 45 -112.85 49.97 -11.40
N VAL JA 46 -113.07 51.20 -10.98
CA VAL JA 46 -112.42 52.37 -11.56
C VAL JA 46 -111.72 53.13 -10.45
N SER JA 47 -110.48 53.54 -10.70
CA SER JA 47 -109.68 54.29 -9.75
C SER JA 47 -109.23 55.57 -10.43
N GLY JA 48 -109.78 56.71 -10.00
CA GLY JA 48 -109.44 57.97 -10.60
C GLY JA 48 -108.58 58.85 -9.73
N GLN JA 49 -107.28 58.95 -10.06
CA GLN JA 49 -106.35 59.81 -9.34
C GLN JA 49 -106.51 61.22 -9.91
N TYR JA 50 -107.16 62.08 -9.15
CA TYR JA 50 -107.34 63.48 -9.54
C TYR JA 50 -106.36 64.31 -8.72
N VAL JA 51 -105.35 64.86 -9.39
CA VAL JA 51 -104.27 65.57 -8.73
C VAL JA 51 -104.30 67.02 -9.19
N SER JA 52 -104.41 67.94 -8.25
CA SER JA 52 -104.31 69.37 -8.51
C SER JA 52 -103.09 69.90 -7.75
N VAL JA 53 -102.18 70.54 -8.48
CA VAL JA 53 -100.94 71.03 -7.90
C VAL JA 53 -100.77 72.49 -8.28
N TYR JA 54 -100.22 73.28 -7.35
CA TYR JA 54 -99.99 74.69 -7.57
C TYR JA 54 -98.66 75.08 -6.95
N LYS JA 55 -98.02 76.08 -7.54
CA LYS JA 55 -96.79 76.65 -7.01
C LYS JA 55 -97.10 78.03 -6.46
N ARG JA 56 -96.97 78.20 -5.14
CA ARG JA 56 -97.21 79.50 -4.56
C ARG JA 56 -95.97 80.01 -3.86
N PRO JA 57 -95.53 81.23 -4.15
CA PRO JA 57 -94.36 81.78 -3.47
C PRO JA 57 -94.62 81.90 -1.98
N ALA JA 58 -93.58 81.66 -1.20
CA ALA JA 58 -93.70 81.67 0.25
C ALA JA 58 -94.16 83.04 0.72
N PRO JA 59 -95.13 83.13 1.63
CA PRO JA 59 -95.63 84.44 2.05
C PRO JA 59 -94.61 85.20 2.87
N LYS JA 60 -93.99 86.20 2.27
CA LYS JA 60 -92.99 86.99 2.96
C LYS JA 60 -93.67 88.15 3.70
N PRO JA 61 -93.07 88.63 4.79
CA PRO JA 61 -93.80 89.48 5.75
C PRO JA 61 -94.52 90.67 5.16
N GLU JA 62 -95.85 90.63 5.23
CA GLU JA 62 -96.78 91.73 5.02
C GLU JA 62 -96.62 92.42 3.66
N GLY JA 63 -95.74 91.92 2.81
CA GLY JA 63 -95.67 92.38 1.44
C GLY JA 63 -95.05 93.73 1.20
N CYS JA 64 -94.04 94.12 1.97
CA CYS JA 64 -93.29 95.34 1.70
C CYS JA 64 -92.44 95.17 0.43
N ALA JA 65 -91.61 96.17 0.16
CA ALA JA 65 -90.54 96.06 -0.84
C ALA JA 65 -91.08 95.78 -2.24
N ASP JA 66 -90.17 95.50 -3.17
CA ASP JA 66 -90.57 95.22 -4.55
C ASP JA 66 -91.16 93.81 -4.66
N ALA JA 67 -91.61 93.50 -5.87
CA ALA JA 67 -91.96 92.14 -6.25
C ALA JA 67 -91.04 91.61 -7.33
N CYS JA 68 -89.93 92.30 -7.58
CA CYS JA 68 -88.97 91.95 -8.63
C CYS JA 68 -87.94 90.94 -8.17
N VAL JA 69 -87.99 90.54 -6.89
CA VAL JA 69 -87.14 89.46 -6.42
C VAL JA 69 -88.00 88.21 -6.24
N ILE JA 70 -87.75 87.21 -7.08
CA ILE JA 70 -88.54 86.00 -7.06
C ILE JA 70 -88.03 85.06 -5.97
N MET JA 71 -88.72 85.05 -4.84
CA MET JA 71 -88.37 84.20 -3.71
C MET JA 71 -88.69 82.75 -4.06
N PRO JA 72 -88.09 81.79 -3.35
CA PRO JA 72 -88.35 80.38 -3.68
C PRO JA 72 -89.84 80.04 -3.56
N ASN JA 73 -90.30 79.17 -4.44
CA ASN JA 73 -91.71 78.87 -4.60
C ASN JA 73 -91.97 77.48 -4.02
N GLU JA 74 -92.89 77.40 -3.07
CA GLU JA 74 -93.20 76.14 -2.40
C GLU JA 74 -94.35 75.42 -3.11
N ASN JA 75 -94.72 74.28 -2.56
CA ASN JA 75 -95.63 73.34 -3.23
C ASN JA 75 -96.96 73.29 -2.48
N GLN JA 76 -98.05 73.57 -3.18
CA GLN JA 76 -99.40 73.35 -2.68
C GLN JA 76 -100.04 72.26 -3.52
N SER JA 77 -100.04 71.03 -3.01
CA SER JA 77 -100.50 69.88 -3.75
C SER JA 77 -101.70 69.25 -3.08
N ILE JA 78 -102.71 68.93 -3.87
CA ILE JA 78 -103.90 68.24 -3.41
C ILE JA 78 -104.27 67.16 -4.44
N ARG JA 79 -104.52 65.95 -3.95
CA ARG JA 79 -104.85 64.85 -4.84
C ARG JA 79 -105.96 64.01 -4.23
N THR JA 80 -106.81 63.47 -5.08
CA THR JA 80 -107.97 62.69 -4.65
C THR JA 80 -107.98 61.37 -5.39
N VAL JA 81 -108.15 60.28 -4.66
CA VAL JA 81 -108.30 58.95 -5.22
C VAL JA 81 -109.67 58.43 -4.84
N ILE JA 82 -110.47 58.08 -5.84
CA ILE JA 82 -111.83 57.60 -5.65
C ILE JA 82 -111.98 56.27 -6.36
N SER JA 83 -112.52 55.28 -5.67
CA SER JA 83 -112.64 53.93 -6.20
C SER JA 83 -114.02 53.37 -5.90
N GLY JA 84 -114.40 52.36 -6.67
CA GLY JA 84 -115.68 51.72 -6.48
C GLY JA 84 -116.10 50.97 -7.71
N SER JA 85 -117.15 50.19 -7.56
CA SER JA 85 -117.71 49.44 -8.68
C SER JA 85 -118.46 50.37 -9.62
N ALA JA 86 -118.43 50.02 -10.91
CA ALA JA 86 -119.02 50.88 -11.93
C ALA JA 86 -120.54 50.99 -11.76
N GLU JA 87 -121.20 49.88 -11.48
CA GLU JA 87 -122.66 49.90 -11.41
C GLU JA 87 -123.16 50.76 -10.26
N ASN JA 88 -122.34 50.89 -9.20
CA ASN JA 88 -122.71 51.65 -8.02
C ASN JA 88 -122.38 53.13 -8.16
N LEU JA 89 -122.21 53.62 -9.38
CA LEU JA 89 -121.95 55.03 -9.60
C LEU JA 89 -123.05 55.90 -9.00
N ALA JA 90 -124.27 55.37 -8.92
CA ALA JA 90 -125.38 56.11 -8.33
C ALA JA 90 -125.09 56.42 -6.86
N THR JA 91 -124.55 55.44 -6.13
CA THR JA 91 -124.31 55.65 -4.72
C THR JA 91 -122.92 56.22 -4.45
N LEU JA 92 -121.96 56.01 -5.35
CA LEU JA 92 -120.66 56.64 -5.18
C LEU JA 92 -120.78 58.15 -5.17
N LYS JA 93 -121.69 58.70 -5.98
CA LYS JA 93 -121.90 60.14 -5.97
C LYS JA 93 -122.36 60.61 -4.60
N ALA JA 94 -123.25 59.85 -3.95
CA ALA JA 94 -123.65 60.18 -2.60
C ALA JA 94 -122.46 60.10 -1.65
N GLU JA 95 -121.61 59.09 -1.82
CA GLU JA 95 -120.40 59.00 -1.01
C GLU JA 95 -119.50 60.21 -1.26
N TRP JA 96 -119.34 60.61 -2.52
CA TRP JA 96 -118.44 61.71 -2.84
C TRP JA 96 -118.86 62.99 -2.16
N GLU JA 97 -120.14 63.33 -2.23
CA GLU JA 97 -120.59 64.58 -1.60
C GLU JA 97 -120.52 64.46 -0.09
N THR JA 98 -120.78 63.29 0.47
CA THR JA 98 -120.61 63.09 1.90
C THR JA 98 -119.15 63.24 2.30
N HIS JA 99 -118.25 62.66 1.50
CA HIS JA 99 -116.82 62.86 1.76
C HIS JA 99 -116.45 64.33 1.68
N LYS JA 100 -117.14 65.09 0.85
CA LYS JA 100 -116.85 66.51 0.72
C LYS JA 100 -117.14 67.26 2.01
N ARG JA 101 -118.34 67.06 2.57
CA ARG JA 101 -118.72 67.82 3.75
C ARG JA 101 -117.93 67.39 4.98
N ASN JA 102 -117.51 66.12 5.01
CA ASN JA 102 -116.75 65.63 6.17
C ASN JA 102 -115.42 66.36 6.29
N VAL JA 103 -114.64 66.41 5.21
CA VAL JA 103 -113.38 67.14 5.25
C VAL JA 103 -113.64 68.64 5.37
N ASP JA 104 -114.77 69.10 4.84
CA ASP JA 104 -115.12 70.51 4.96
C ASP JA 104 -115.26 70.93 6.41
N THR JA 105 -115.96 70.13 7.21
CA THR JA 105 -116.17 70.48 8.60
C THR JA 105 -114.93 70.26 9.45
N LEU JA 106 -113.89 69.64 8.90
CA LEU JA 106 -112.62 69.51 9.61
C LEU JA 106 -111.57 70.47 9.09
N PHE JA 107 -111.49 70.66 7.78
CA PHE JA 107 -110.43 71.43 7.18
C PHE JA 107 -110.90 72.79 6.67
N ALA JA 108 -111.98 72.80 5.89
CA ALA JA 108 -112.48 74.07 5.36
C ALA JA 108 -112.98 74.98 6.48
N SER JA 109 -113.74 74.42 7.42
CA SER JA 109 -114.31 75.20 8.52
C SER JA 109 -113.54 75.05 9.82
N GLY JA 110 -112.83 73.95 10.01
CA GLY JA 110 -112.02 73.75 11.18
C GLY JA 110 -110.62 74.29 11.00
N ASN JA 111 -109.68 73.74 11.78
CA ASN JA 111 -108.29 74.14 11.69
C ASN JA 111 -107.38 72.95 11.42
N ALA JA 112 -107.87 71.95 10.70
CA ALA JA 112 -107.05 70.79 10.38
C ALA JA 112 -105.85 71.18 9.53
N GLY JA 113 -106.00 72.18 8.66
CA GLY JA 113 -104.88 72.59 7.83
C GLY JA 113 -103.71 73.13 8.61
N LEU JA 114 -103.96 73.61 9.83
CA LEU JA 114 -102.90 74.14 10.69
C LEU JA 114 -102.15 73.04 11.42
N GLY JA 115 -102.49 71.78 11.20
CA GLY JA 115 -101.94 70.69 11.98
C GLY JA 115 -102.75 70.32 13.20
N PHE JA 116 -103.96 70.85 13.32
CA PHE JA 116 -104.80 70.61 14.48
C PHE JA 116 -105.83 69.53 14.17
N LEU JA 117 -106.40 68.97 15.23
CA LEU JA 117 -107.30 67.83 15.09
C LEU JA 117 -108.32 67.85 16.23
N ASP JA 118 -109.60 67.86 15.87
CA ASP JA 118 -110.68 68.00 16.84
C ASP JA 118 -111.51 66.74 16.92
N PRO JA 119 -111.36 65.93 17.97
CA PRO JA 119 -112.21 64.73 18.10
C PRO JA 119 -113.68 65.05 18.27
N THR JA 120 -114.03 66.26 18.69
CA THR JA 120 -115.41 66.61 18.97
C THR JA 120 -116.17 67.07 17.72
N ALA JA 121 -115.51 67.14 16.56
CA ALA JA 121 -116.20 67.56 15.36
C ALA JA 121 -117.34 66.60 15.02
N ALA JA 122 -118.46 67.15 14.58
CA ALA JA 122 -119.65 66.35 14.29
C ALA JA 122 -119.67 66.04 12.80
N ILE JA 123 -119.11 64.88 12.45
CA ILE JA 123 -119.08 64.46 11.06
C ILE JA 123 -120.33 63.65 10.76
N VAL JA 124 -120.59 63.47 9.47
CA VAL JA 124 -121.86 62.97 8.97
C VAL JA 124 -121.62 61.77 8.08
N SER JA 125 -122.52 60.80 8.15
CA SER JA 125 -122.46 59.60 7.34
C SER JA 125 -123.20 59.77 6.03
N SER JA 126 -122.82 58.95 5.05
CA SER JA 126 -123.55 58.91 3.79
C SER JA 126 -124.97 58.41 3.99
N ASP JA 127 -125.16 57.41 4.83
CA ASP JA 127 -126.48 56.84 5.06
C ASP JA 127 -127.38 57.84 5.77
N THR JA 128 -128.67 57.80 5.43
CA THR JA 128 -129.64 58.73 5.97
C THR JA 128 -130.59 57.99 6.90
N THR JA 129 -131.22 58.75 7.80
CA THR JA 129 -132.15 58.18 8.76
C THR JA 129 -133.47 57.81 8.07
N ALA KA 1 -134.09 50.69 -31.64
CA ALA KA 1 -132.76 51.27 -31.56
C ALA KA 1 -131.85 50.45 -30.65
N ASN KA 2 -130.58 50.82 -30.60
CA ASN KA 2 -129.60 50.14 -29.77
C ASN KA 2 -128.77 51.17 -29.03
N LYS KA 3 -128.37 50.84 -27.82
CA LYS KA 3 -127.57 51.77 -27.03
C LYS KA 3 -126.16 51.84 -27.61
N PRO KA 4 -125.70 53.00 -28.05
CA PRO KA 4 -124.36 53.09 -28.64
C PRO KA 4 -123.28 52.97 -27.58
N MET KA 5 -122.08 52.66 -28.05
CA MET KA 5 -120.93 52.64 -27.17
C MET KA 5 -120.19 53.97 -27.27
N GLN KA 6 -119.11 54.09 -26.51
CA GLN KA 6 -118.14 55.16 -26.61
C GLN KA 6 -116.75 54.56 -26.65
N PRO KA 7 -115.79 55.25 -27.26
CA PRO KA 7 -114.42 54.73 -27.25
C PRO KA 7 -113.89 54.61 -25.83
N ILE KA 8 -113.07 53.60 -25.61
CA ILE KA 8 -112.47 53.34 -24.30
C ILE KA 8 -110.97 53.60 -24.32
N THR KA 9 -110.22 52.80 -25.05
CA THR KA 9 -108.77 52.95 -25.17
C THR KA 9 -108.46 53.34 -26.61
N SER KA 10 -107.84 54.51 -26.78
CA SER KA 10 -107.48 55.00 -28.10
C SER KA 10 -105.99 54.77 -28.32
N THR KA 11 -105.66 54.12 -29.43
CA THR KA 11 -104.28 53.78 -29.74
C THR KA 11 -104.08 54.00 -31.24
N ALA KA 12 -102.82 54.16 -31.63
CA ALA KA 12 -102.51 54.40 -33.04
C ALA KA 12 -103.11 53.32 -33.93
N ASN KA 13 -103.10 52.07 -33.47
CA ASN KA 13 -103.59 50.96 -34.27
C ASN KA 13 -104.59 50.11 -33.48
N LYS KA 14 -105.34 50.73 -32.58
CA LYS KA 14 -106.26 49.97 -31.73
C LYS KA 14 -107.26 50.94 -31.12
N ILE KA 15 -108.52 50.52 -31.06
CA ILE KA 15 -109.57 51.32 -30.45
C ILE KA 15 -110.66 50.38 -29.96
N VAL KA 16 -111.19 50.67 -28.78
CA VAL KA 16 -112.13 49.79 -28.09
C VAL KA 16 -113.37 50.58 -27.70
N TRP KA 17 -114.54 50.05 -28.02
CA TRP KA 17 -115.80 50.59 -27.55
C TRP KA 17 -116.38 49.69 -26.48
N SER KA 18 -117.13 50.30 -25.56
CA SER KA 18 -117.81 49.54 -24.51
C SER KA 18 -119.06 50.29 -24.09
N ASP KA 19 -120.10 49.54 -23.79
CA ASP KA 19 -121.41 50.12 -23.49
C ASP KA 19 -121.39 50.84 -22.14
N PRO KA 20 -121.81 52.10 -22.06
CA PRO KA 20 -121.81 52.77 -20.76
C PRO KA 20 -122.69 52.11 -19.73
N THR KA 21 -123.85 51.59 -20.13
CA THR KA 21 -124.77 50.99 -19.16
C THR KA 21 -124.21 49.67 -18.64
N ARG KA 22 -123.77 48.80 -19.54
CA ARG KA 22 -123.21 47.49 -19.20
C ARG KA 22 -121.88 47.38 -19.92
N LEU KA 23 -120.80 47.74 -19.23
CA LEU KA 23 -119.53 47.86 -19.92
C LEU KA 23 -118.81 46.53 -20.08
N SER KA 24 -119.45 45.41 -19.73
CA SER KA 24 -118.91 44.11 -20.10
C SER KA 24 -118.92 43.93 -21.61
N THR KA 25 -120.00 44.37 -22.27
CA THR KA 25 -120.07 44.32 -23.72
C THR KA 25 -119.02 45.24 -24.33
N THR KA 26 -118.24 44.72 -25.26
CA THR KA 26 -117.16 45.47 -25.86
C THR KA 26 -117.11 45.23 -27.36
N PHE KA 27 -116.48 46.16 -28.07
CA PHE KA 27 -116.13 46.01 -29.48
C PHE KA 27 -114.73 46.53 -29.68
N SER KA 28 -113.94 45.81 -30.47
CA SER KA 28 -112.54 46.16 -30.66
C SER KA 28 -112.21 46.14 -32.15
N ALA KA 29 -111.38 47.09 -32.57
CA ALA KA 29 -110.89 47.13 -33.94
C ALA KA 29 -109.39 47.37 -33.91
N SER KA 30 -108.64 46.56 -34.63
CA SER KA 30 -107.19 46.68 -34.71
C SER KA 30 -106.76 46.59 -36.17
N LEU KA 31 -105.70 47.34 -36.50
CA LEU KA 31 -105.22 47.40 -37.86
C LEU KA 31 -103.71 47.18 -37.89
N LEU KA 32 -103.23 46.57 -38.96
CA LEU KA 32 -101.81 46.42 -39.22
C LEU KA 32 -101.56 46.77 -40.67
N ARG KA 33 -100.84 47.86 -40.91
CA ARG KA 33 -100.51 48.31 -42.26
C ARG KA 33 -99.08 47.92 -42.60
N GLN KA 34 -98.90 47.22 -43.71
CA GLN KA 34 -97.58 46.77 -44.12
C GLN KA 34 -97.39 47.04 -45.59
N ARG KA 35 -96.14 47.23 -45.97
CA ARG KA 35 -95.74 47.35 -47.37
C ARG KA 35 -95.34 45.98 -47.87
N VAL KA 36 -95.96 45.52 -48.95
CA VAL KA 36 -95.76 44.18 -49.47
C VAL KA 36 -95.16 44.28 -50.86
N LYS KA 37 -94.05 43.57 -51.07
CA LYS KA 37 -93.40 43.51 -52.37
C LYS KA 37 -93.93 42.33 -53.15
N VAL KA 38 -94.44 42.60 -54.35
CA VAL KA 38 -94.79 41.56 -55.31
C VAL KA 38 -93.99 41.84 -56.56
N GLY KA 39 -94.23 41.08 -57.62
CA GLY KA 39 -93.54 41.30 -58.88
C GLY KA 39 -93.56 42.75 -59.32
N ILE KA 40 -92.39 43.39 -59.29
CA ILE KA 40 -92.14 44.78 -59.66
C ILE KA 40 -93.29 45.71 -59.27
N ALA KA 41 -93.86 45.49 -58.09
CA ALA KA 41 -94.94 46.35 -57.62
C ALA KA 41 -94.95 46.38 -56.10
N GLU KA 42 -95.30 47.52 -55.54
CA GLU KA 42 -95.39 47.71 -54.10
C GLU KA 42 -96.85 47.89 -53.71
N LEU KA 43 -97.30 47.09 -52.75
CA LEU KA 43 -98.69 47.09 -52.31
C LEU KA 43 -98.75 47.31 -50.81
N ASN KA 44 -99.60 48.24 -50.39
CA ASN KA 44 -99.82 48.52 -48.98
C ASN KA 44 -100.85 47.52 -48.46
N ASN KA 45 -100.40 46.54 -47.70
CA ASN KA 45 -101.29 45.53 -47.15
C ASN KA 45 -101.84 45.99 -45.81
N VAL KA 46 -103.09 45.64 -45.55
CA VAL KA 46 -103.77 45.99 -44.31
C VAL KA 46 -104.47 44.74 -43.79
N SER KA 47 -104.42 44.53 -42.49
CA SER KA 47 -105.10 43.41 -41.84
C SER KA 47 -105.92 43.96 -40.68
N GLY KA 48 -107.23 44.01 -40.85
CA GLY KA 48 -108.13 44.56 -39.85
C GLY KA 48 -108.78 43.45 -39.04
N GLN KA 49 -108.56 43.50 -37.74
CA GLN KA 49 -109.08 42.49 -36.81
C GLN KA 49 -110.22 43.11 -36.03
N TYR KA 50 -111.35 42.42 -35.96
CA TYR KA 50 -112.58 42.97 -35.41
C TYR KA 50 -113.16 41.98 -34.42
N VAL KA 51 -113.26 42.38 -33.15
CA VAL KA 51 -113.68 41.50 -32.08
C VAL KA 51 -114.93 42.10 -31.43
N SER KA 52 -115.98 41.29 -31.33
CA SER KA 52 -117.20 41.64 -30.61
C SER KA 52 -117.39 40.63 -29.50
N VAL KA 53 -117.53 41.11 -28.26
CA VAL KA 53 -117.59 40.26 -27.09
C VAL KA 53 -118.83 40.62 -26.28
N TYR KA 54 -119.61 39.61 -25.92
CA TYR KA 54 -120.75 39.77 -25.04
C TYR KA 54 -120.66 38.73 -23.93
N LYS KA 55 -121.02 39.14 -22.72
CA LYS KA 55 -121.00 38.27 -21.55
C LYS KA 55 -122.44 37.88 -21.25
N ARG KA 56 -122.91 36.84 -21.94
CA ARG KA 56 -124.30 36.40 -21.83
C ARG KA 56 -124.48 35.51 -20.62
N PRO KA 57 -125.48 35.78 -19.78
CA PRO KA 57 -125.79 34.86 -18.68
C PRO KA 57 -126.28 33.52 -19.20
N ALA KA 58 -126.08 32.49 -18.39
CA ALA KA 58 -126.52 31.16 -18.76
C ALA KA 58 -128.03 31.13 -18.95
N PRO KA 59 -128.54 30.26 -19.83
CA PRO KA 59 -129.99 30.27 -20.12
C PRO KA 59 -130.84 29.99 -18.90
N LYS KA 60 -131.86 30.81 -18.71
CA LYS KA 60 -132.76 30.62 -17.58
C LYS KA 60 -133.47 29.28 -17.70
N PRO KA 61 -133.58 28.50 -16.63
CA PRO KA 61 -134.32 27.24 -16.71
C PRO KA 61 -135.78 27.47 -17.06
N GLU KA 62 -136.34 26.52 -17.81
CA GLU KA 62 -137.64 26.68 -18.44
C GLU KA 62 -138.80 26.72 -17.45
N GLY KA 63 -139.90 27.32 -17.89
CA GLY KA 63 -141.15 27.33 -17.14
C GLY KA 63 -141.16 28.07 -15.82
N CYS KA 64 -140.36 29.13 -15.72
CA CYS KA 64 -140.45 30.05 -14.59
C CYS KA 64 -139.56 31.25 -14.86
N ALA KA 65 -140.00 32.41 -14.41
CA ALA KA 65 -139.31 33.67 -14.62
C ALA KA 65 -139.07 34.35 -13.28
N ASP KA 66 -138.50 33.60 -12.33
CA ASP KA 66 -138.20 34.16 -11.02
C ASP KA 66 -137.26 35.36 -11.16
N ALA KA 67 -137.59 36.44 -10.46
CA ALA KA 67 -136.88 37.69 -10.65
C ALA KA 67 -135.42 37.57 -10.22
N CYS KA 68 -135.17 36.95 -9.07
CA CYS KA 68 -133.81 36.72 -8.60
C CYS KA 68 -133.49 35.24 -8.64
N VAL KA 69 -133.10 34.76 -9.82
CA VAL KA 69 -132.36 33.52 -9.95
C VAL KA 69 -131.17 33.79 -10.87
N ILE KA 70 -130.05 34.18 -10.28
CA ILE KA 70 -128.87 34.57 -11.05
C ILE KA 70 -128.18 33.30 -11.55
N MET KA 71 -127.59 33.37 -12.73
CA MET KA 71 -126.83 32.28 -13.29
C MET KA 71 -125.52 32.80 -13.85
N PRO KA 72 -124.47 31.98 -13.83
CA PRO KA 72 -123.16 32.44 -14.29
C PRO KA 72 -123.18 32.81 -15.77
N ASN KA 73 -122.34 33.77 -16.12
CA ASN KA 73 -122.23 34.29 -17.48
C ASN KA 73 -121.25 33.45 -18.28
N GLU KA 74 -121.43 33.47 -19.60
CA GLU KA 74 -120.45 32.93 -20.53
C GLU KA 74 -120.22 33.96 -21.62
N ASN KA 75 -119.05 33.86 -22.24
CA ASN KA 75 -118.66 34.81 -23.28
C ASN KA 75 -119.16 34.37 -24.64
N GLN KA 76 -119.48 35.36 -25.48
CA GLN KA 76 -119.88 35.13 -26.86
C GLN KA 76 -119.00 36.01 -27.74
N SER KA 77 -118.09 35.39 -28.49
CA SER KA 77 -117.07 36.10 -29.24
C SER KA 77 -117.31 35.94 -30.72
N ILE KA 78 -117.09 37.02 -31.46
CA ILE KA 78 -117.14 37.00 -32.92
C ILE KA 78 -115.93 37.74 -33.44
N ARG KA 79 -114.92 37.02 -33.90
CA ARG KA 79 -113.68 37.62 -34.36
C ARG KA 79 -113.55 37.45 -35.87
N THR KA 80 -113.30 38.56 -36.56
CA THR KA 80 -113.08 38.55 -38.00
C THR KA 80 -111.81 39.32 -38.32
N VAL KA 81 -111.07 38.81 -39.30
CA VAL KA 81 -109.88 39.48 -39.79
C VAL KA 81 -110.05 39.70 -41.29
N ILE KA 82 -109.73 40.90 -41.74
CA ILE KA 82 -109.85 41.27 -43.15
C ILE KA 82 -108.46 41.63 -43.63
N SER KA 83 -107.95 40.88 -44.60
CA SER KA 83 -106.59 41.07 -45.11
C SER KA 83 -106.65 41.32 -46.61
N GLY KA 84 -105.97 42.38 -47.06
CA GLY KA 84 -105.94 42.70 -48.47
C GLY KA 84 -105.15 43.97 -48.70
N SER KA 85 -104.99 44.31 -49.97
CA SER KA 85 -104.32 45.54 -50.35
C SER KA 85 -105.30 46.69 -50.40
N ALA KA 86 -104.80 47.90 -50.12
CA ALA KA 86 -105.67 49.07 -50.09
C ALA KA 86 -106.28 49.36 -51.45
N GLU KA 87 -105.48 49.22 -52.51
CA GLU KA 87 -105.98 49.54 -53.85
C GLU KA 87 -107.03 48.52 -54.32
N ASN KA 88 -107.03 47.32 -53.75
CA ASN KA 88 -108.05 46.34 -54.04
C ASN KA 88 -109.24 46.43 -53.09
N LEU KA 89 -109.27 47.44 -52.21
CA LEU KA 89 -110.39 47.57 -51.29
C LEU KA 89 -111.71 47.69 -52.02
N ALA KA 90 -111.69 48.33 -53.20
CA ALA KA 90 -112.92 48.50 -53.96
C ALA KA 90 -113.57 47.16 -54.28
N THR KA 91 -112.78 46.23 -54.83
CA THR KA 91 -113.32 44.90 -55.07
C THR KA 91 -113.38 44.09 -53.79
N LEU KA 92 -112.53 44.40 -52.81
CA LEU KA 92 -112.50 43.61 -51.58
C LEU KA 92 -113.83 43.70 -50.82
N LYS KA 93 -114.54 44.82 -50.96
CA LYS KA 93 -115.84 44.95 -50.31
C LYS KA 93 -116.82 43.91 -50.83
N ALA KA 94 -116.62 43.44 -52.06
CA ALA KA 94 -117.59 42.54 -52.67
C ALA KA 94 -117.64 41.20 -51.94
N GLU KA 95 -116.49 40.56 -51.73
CA GLU KA 95 -116.51 39.26 -51.09
C GLU KA 95 -116.95 39.36 -49.63
N TRP KA 96 -116.61 40.46 -48.96
CA TRP KA 96 -117.15 40.69 -47.62
C TRP KA 96 -118.66 40.62 -47.64
N GLU KA 97 -119.30 41.21 -48.66
CA GLU KA 97 -120.72 41.03 -48.84
C GLU KA 97 -121.05 39.57 -49.09
N THR KA 98 -120.24 38.90 -49.91
CA THR KA 98 -120.47 37.49 -50.18
C THR KA 98 -120.16 36.62 -48.98
N HIS KA 99 -119.03 36.91 -48.29
CA HIS KA 99 -118.70 36.15 -47.10
C HIS KA 99 -119.81 36.27 -46.06
N LYS KA 100 -120.50 37.40 -46.04
CA LYS KA 100 -121.70 37.52 -45.22
C LYS KA 100 -122.75 36.50 -45.63
N ARG KA 101 -123.03 36.41 -46.93
CA ARG KA 101 -124.13 35.58 -47.41
C ARG KA 101 -123.89 34.11 -47.09
N ASN KA 102 -122.67 33.63 -47.32
CA ASN KA 102 -122.38 32.23 -47.09
C ASN KA 102 -122.55 31.87 -45.63
N VAL KA 103 -122.04 32.72 -44.73
CA VAL KA 103 -122.24 32.47 -43.30
C VAL KA 103 -123.72 32.61 -42.95
N ASP KA 104 -124.40 33.57 -43.56
CA ASP KA 104 -125.84 33.67 -43.41
C ASP KA 104 -126.52 32.35 -43.76
N THR KA 105 -126.19 31.81 -44.93
CA THR KA 105 -126.81 30.56 -45.37
C THR KA 105 -126.39 29.41 -44.46
N LEU KA 106 -125.11 29.32 -44.14
CA LEU KA 106 -124.61 28.17 -43.41
C LEU KA 106 -125.01 28.21 -41.94
N PHE KA 107 -124.89 29.38 -41.30
CA PHE KA 107 -125.05 29.48 -39.86
C PHE KA 107 -126.34 30.17 -39.43
N ALA KA 108 -126.63 31.34 -39.98
CA ALA KA 108 -127.83 32.06 -39.59
C ALA KA 108 -129.08 31.27 -39.94
N SER KA 109 -129.32 31.05 -41.24
CA SER KA 109 -130.48 30.27 -41.64
C SER KA 109 -130.28 28.79 -41.33
N GLY KA 110 -129.08 28.28 -41.51
CA GLY KA 110 -128.78 26.90 -41.23
C GLY KA 110 -128.65 26.63 -39.75
N ASN KA 111 -128.32 25.39 -39.42
CA ASN KA 111 -128.14 24.97 -38.04
C ASN KA 111 -126.68 24.66 -37.71
N ALA KA 112 -125.74 25.30 -38.42
CA ALA KA 112 -124.33 25.10 -38.12
C ALA KA 112 -123.97 25.57 -36.73
N GLY KA 113 -124.74 26.50 -36.16
CA GLY KA 113 -124.47 26.95 -34.81
C GLY KA 113 -124.62 25.83 -33.79
N LEU KA 114 -125.52 24.89 -34.04
CA LEU KA 114 -125.67 23.75 -33.16
C LEU KA 114 -124.50 22.79 -33.26
N GLY KA 115 -123.69 22.90 -34.31
CA GLY KA 115 -122.55 22.03 -34.48
C GLY KA 115 -122.72 21.05 -35.62
N PHE KA 116 -123.59 21.40 -36.56
CA PHE KA 116 -123.88 20.55 -37.71
C PHE KA 116 -123.26 21.14 -38.95
N LEU KA 117 -122.99 20.29 -39.94
CA LEU KA 117 -122.49 20.73 -41.23
C LEU KA 117 -123.38 20.14 -42.32
N ASP KA 118 -123.81 20.98 -43.26
CA ASP KA 118 -124.70 20.55 -44.32
C ASP KA 118 -123.97 20.64 -45.65
N PRO KA 119 -123.47 19.53 -46.20
CA PRO KA 119 -122.71 19.61 -47.44
C PRO KA 119 -123.51 20.11 -48.63
N THR KA 120 -124.84 20.02 -48.59
CA THR KA 120 -125.66 20.45 -49.72
C THR KA 120 -126.10 21.91 -49.59
N ALA KA 121 -125.65 22.62 -48.57
CA ALA KA 121 -126.03 24.02 -48.42
C ALA KA 121 -125.49 24.83 -49.59
N ALA KA 122 -126.29 25.79 -50.04
CA ALA KA 122 -125.92 26.60 -51.19
C ALA KA 122 -124.81 27.58 -50.80
N ILE KA 123 -123.68 27.48 -51.51
CA ILE KA 123 -122.54 28.36 -51.28
C ILE KA 123 -122.31 29.16 -52.55
N VAL KA 124 -122.19 30.48 -52.40
CA VAL KA 124 -122.28 31.42 -53.50
C VAL KA 124 -120.95 32.14 -53.66
N SER KA 125 -120.48 32.26 -54.90
CA SER KA 125 -119.23 32.93 -55.17
C SER KA 125 -119.40 34.44 -55.13
N SER KA 126 -118.27 35.14 -54.96
CA SER KA 126 -118.31 36.59 -54.89
C SER KA 126 -118.59 37.19 -56.26
N ASP KA 127 -117.82 36.79 -57.27
CA ASP KA 127 -118.02 37.33 -58.61
C ASP KA 127 -119.30 36.78 -59.23
N THR KA 128 -119.85 37.53 -60.17
CA THR KA 128 -121.14 37.23 -60.77
C THR KA 128 -120.99 36.48 -62.08
N THR KA 129 -122.13 36.11 -62.65
CA THR KA 129 -122.15 35.38 -63.92
C THR KA 129 -121.77 36.28 -65.07
N ALA LA 1 -111.16 73.00 -53.54
CA ALA LA 1 -110.83 72.47 -52.23
C ALA LA 1 -109.67 71.50 -52.31
N ASN LA 2 -109.23 71.00 -51.16
CA ASN LA 2 -108.10 70.09 -51.08
C ASN LA 2 -108.51 68.80 -50.37
N LYS LA 3 -107.69 67.77 -50.54
CA LYS LA 3 -107.95 66.49 -49.91
C LYS LA 3 -107.58 66.56 -48.43
N PRO LA 4 -108.52 66.34 -47.51
CA PRO LA 4 -108.17 66.31 -46.09
C PRO LA 4 -107.73 64.92 -45.68
N MET LA 5 -106.64 64.85 -44.92
CA MET LA 5 -106.17 63.56 -44.44
C MET LA 5 -106.88 63.21 -43.13
N GLN LA 6 -106.60 62.00 -42.66
CA GLN LA 6 -107.04 61.52 -41.36
C GLN LA 6 -105.84 60.91 -40.64
N PRO LA 7 -105.83 60.95 -39.31
CA PRO LA 7 -104.67 60.45 -38.59
C PRO LA 7 -104.49 58.95 -38.76
N ILE LA 8 -103.23 58.52 -38.76
CA ILE LA 8 -102.86 57.12 -38.79
C ILE LA 8 -102.28 56.67 -37.47
N THR LA 9 -101.17 57.28 -37.06
CA THR LA 9 -100.54 56.99 -35.79
C THR LA 9 -100.89 58.10 -34.80
N SER LA 10 -101.48 57.72 -33.68
CA SER LA 10 -101.87 58.66 -32.64
C SER LA 10 -101.08 58.36 -31.38
N THR LA 11 -100.45 59.39 -30.82
CA THR LA 11 -99.66 59.25 -29.62
C THR LA 11 -99.69 60.59 -28.89
N ALA LA 12 -99.42 60.55 -27.59
CA ALA LA 12 -99.49 61.76 -26.77
C ALA LA 12 -98.51 62.83 -27.23
N ASN LA 13 -97.47 62.46 -27.98
CA ASN LA 13 -96.47 63.43 -28.40
C ASN LA 13 -96.32 63.58 -29.91
N LYS LA 14 -97.00 62.77 -30.71
CA LYS LA 14 -96.91 62.93 -32.16
C LYS LA 14 -98.12 62.32 -32.83
N ILE LA 15 -98.56 62.95 -33.92
CA ILE LA 15 -99.70 62.50 -34.72
C ILE LA 15 -99.24 62.46 -36.17
N VAL LA 16 -99.62 61.41 -36.90
CA VAL LA 16 -99.30 61.27 -38.30
C VAL LA 16 -100.57 61.17 -39.10
N TRP LA 17 -100.71 62.01 -40.12
CA TRP LA 17 -101.84 61.99 -41.04
C TRP LA 17 -101.43 61.32 -42.34
N SER LA 18 -102.43 61.05 -43.18
CA SER LA 18 -102.20 60.43 -44.47
C SER LA 18 -103.45 60.58 -45.32
N ASP LA 19 -103.25 60.89 -46.59
CA ASP LA 19 -104.38 61.02 -47.50
C ASP LA 19 -105.01 59.65 -47.76
N PRO LA 20 -106.32 59.50 -47.57
CA PRO LA 20 -106.94 58.20 -47.85
C PRO LA 20 -106.77 57.74 -49.29
N THR LA 21 -106.84 58.65 -50.26
CA THR LA 21 -106.72 58.25 -51.66
C THR LA 21 -105.29 57.85 -52.00
N ARG LA 22 -104.32 58.64 -51.55
CA ARG LA 22 -102.91 58.38 -51.82
C ARG LA 22 -102.19 58.22 -50.49
N LEU LA 23 -101.83 56.98 -50.17
CA LEU LA 23 -101.19 56.71 -48.88
C LEU LA 23 -99.76 57.21 -48.84
N SER LA 24 -99.18 57.56 -49.99
CA SER LA 24 -97.79 57.99 -50.00
C SER LA 24 -97.61 59.32 -49.30
N THR LA 25 -98.47 60.30 -49.60
CA THR LA 25 -98.34 61.63 -49.02
C THR LA 25 -98.79 61.60 -47.57
N THR LA 26 -97.97 62.17 -46.69
CA THR LA 26 -98.24 62.16 -45.26
C THR LA 26 -97.86 63.52 -44.68
N PHE LA 27 -98.42 63.80 -43.50
CA PHE LA 27 -98.02 64.96 -42.70
C PHE LA 27 -97.96 64.53 -41.25
N SER LA 28 -96.82 64.77 -40.60
CA SER LA 28 -96.62 64.39 -39.22
C SER LA 28 -96.29 65.62 -38.38
N ALA LA 29 -96.56 65.52 -37.09
CA ALA LA 29 -96.30 66.61 -36.16
C ALA LA 29 -95.83 66.03 -34.84
N SER LA 30 -94.62 66.36 -34.44
CA SER LA 30 -94.05 65.91 -33.18
C SER LA 30 -93.61 67.13 -32.39
N LEU LA 31 -93.66 67.02 -31.06
CA LEU LA 31 -93.29 68.13 -30.18
C LEU LA 31 -92.81 67.60 -28.85
N LEU LA 32 -91.88 68.35 -28.25
CA LEU LA 32 -91.29 68.01 -26.96
C LEU LA 32 -91.55 69.14 -25.97
N ARG LA 33 -91.63 68.77 -24.69
CA ARG LA 33 -91.80 69.73 -23.61
C ARG LA 33 -90.63 69.58 -22.65
N GLN LA 34 -89.97 70.70 -22.37
CA GLN LA 34 -88.75 70.70 -21.57
C GLN LA 34 -88.85 71.73 -20.47
N ARG LA 35 -88.09 71.50 -19.39
CA ARG LA 35 -87.97 72.44 -18.29
C ARG LA 35 -86.61 73.11 -18.41
N VAL LA 36 -86.61 74.37 -18.85
CA VAL LA 36 -85.38 75.11 -19.07
C VAL LA 36 -85.25 76.15 -17.96
N LYS LA 37 -84.06 76.19 -17.34
CA LYS LA 37 -83.79 77.04 -16.18
C LYS LA 37 -82.80 78.12 -16.61
N VAL LA 38 -83.31 79.27 -17.04
CA VAL LA 38 -82.46 80.33 -17.56
C VAL LA 38 -82.68 81.64 -16.83
N GLY LA 39 -83.92 82.08 -16.70
CA GLY LA 39 -84.21 83.36 -16.10
C GLY LA 39 -84.28 83.30 -14.58
N ILE LA 40 -83.24 82.75 -13.95
CA ILE LA 40 -83.15 82.44 -12.53
C ILE LA 40 -84.50 81.90 -12.06
N ALA LA 41 -85.20 81.20 -12.96
CA ALA LA 41 -86.53 80.68 -12.70
C ALA LA 41 -86.84 79.64 -13.77
N GLU LA 42 -87.71 78.69 -13.44
CA GLU LA 42 -88.11 77.69 -14.42
C GLU LA 42 -88.80 78.36 -15.60
N LEU LA 43 -88.55 77.83 -16.79
CA LEU LA 43 -89.16 78.29 -18.02
C LEU LA 43 -89.65 77.10 -18.82
N ASN LA 44 -90.80 77.23 -19.46
CA ASN LA 44 -91.41 76.14 -20.22
C ASN LA 44 -91.08 76.30 -21.68
N ASN LA 45 -90.36 75.33 -22.24
CA ASN LA 45 -89.93 75.34 -23.63
C ASN LA 45 -90.59 74.21 -24.39
N VAL LA 46 -91.11 74.53 -25.57
CA VAL LA 46 -91.77 73.57 -26.44
C VAL LA 46 -91.06 73.56 -27.77
N SER LA 47 -90.68 72.37 -28.24
CA SER LA 47 -89.98 72.20 -29.51
C SER LA 47 -90.86 71.35 -30.43
N GLY LA 48 -91.71 72.01 -31.20
CA GLY LA 48 -92.62 71.33 -32.11
C GLY LA 48 -92.05 71.32 -33.52
N GLN LA 49 -91.92 70.11 -34.07
CA GLN LA 49 -91.32 69.92 -35.38
C GLN LA 49 -92.31 69.24 -36.31
N TYR LA 50 -92.43 69.76 -37.52
CA TYR LA 50 -93.49 69.37 -38.45
C TYR LA 50 -92.84 68.91 -39.75
N VAL LA 51 -93.34 67.81 -40.31
CA VAL LA 51 -92.77 67.24 -41.52
C VAL LA 51 -93.90 66.98 -42.51
N SER LA 52 -93.73 67.47 -43.73
CA SER LA 52 -94.65 67.19 -44.83
C SER LA 52 -93.88 66.41 -45.89
N VAL LA 53 -94.41 65.26 -46.30
CA VAL LA 53 -93.74 64.36 -47.23
C VAL LA 53 -94.67 64.07 -48.39
N TYR LA 54 -94.14 64.14 -49.61
CA TYR LA 54 -94.87 63.76 -50.81
C TYR LA 54 -93.97 62.89 -51.68
N LYS LA 55 -94.56 61.86 -52.26
CA LYS LA 55 -93.89 61.00 -53.22
C LYS LA 55 -94.41 61.35 -54.60
N ARG LA 56 -93.56 61.95 -55.42
CA ARG LA 56 -93.97 62.42 -56.75
C ARG LA 56 -93.10 61.76 -57.80
N PRO LA 57 -93.69 61.22 -58.86
CA PRO LA 57 -92.88 60.58 -59.91
C PRO LA 57 -92.02 61.59 -60.65
N ALA LA 58 -90.92 61.09 -61.20
CA ALA LA 58 -89.99 61.94 -61.93
C ALA LA 58 -90.67 62.55 -63.15
N PRO LA 59 -90.23 63.73 -63.59
CA PRO LA 59 -90.86 64.37 -64.74
C PRO LA 59 -90.77 63.49 -65.98
N LYS LA 60 -91.87 63.42 -66.71
CA LYS LA 60 -91.91 62.61 -67.91
C LYS LA 60 -91.06 63.27 -69.00
N PRO LA 61 -90.21 62.51 -69.70
CA PRO LA 61 -89.28 63.14 -70.66
C PRO LA 61 -89.97 63.89 -71.78
N GLU LA 62 -89.29 64.93 -72.29
CA GLU LA 62 -89.84 65.80 -73.33
C GLU LA 62 -90.21 65.00 -74.57
N GLY LA 63 -91.39 65.26 -75.13
CA GLY LA 63 -91.84 64.55 -76.31
C GLY LA 63 -92.36 63.17 -75.96
N CYS LA 64 -91.80 62.60 -74.90
CA CYS LA 64 -92.16 61.28 -74.43
C CYS LA 64 -93.50 61.32 -73.69
N ALA LA 65 -94.60 61.04 -74.39
CA ALA LA 65 -95.88 60.85 -73.72
C ALA LA 65 -96.33 59.41 -73.83
N ASP LA 66 -96.42 58.89 -75.07
CA ASP LA 66 -96.63 57.50 -75.47
C ASP LA 66 -97.22 56.55 -74.43
N ALA LA 67 -96.58 55.39 -74.27
CA ALA LA 67 -97.21 54.21 -73.72
C ALA LA 67 -97.05 54.11 -72.21
N CYS LA 68 -97.23 52.87 -71.72
CA CYS LA 68 -97.28 52.50 -70.32
C CYS LA 68 -95.90 52.50 -69.67
N VAL LA 69 -95.50 53.63 -69.12
CA VAL LA 69 -94.20 53.77 -68.48
C VAL LA 69 -94.42 54.22 -67.03
N ILE LA 70 -93.65 53.64 -66.11
CA ILE LA 70 -93.68 53.99 -64.70
C ILE LA 70 -92.29 54.38 -64.26
N MET LA 71 -92.16 55.55 -63.65
CA MET LA 71 -90.87 56.06 -63.21
C MET LA 71 -90.83 56.20 -61.69
N PRO LA 72 -89.67 56.03 -61.08
CA PRO LA 72 -89.59 56.10 -59.61
C PRO LA 72 -89.96 57.48 -59.11
N ASN LA 73 -90.58 57.51 -57.92
CA ASN LA 73 -90.97 58.77 -57.32
C ASN LA 73 -89.81 59.36 -56.54
N GLU LA 74 -89.88 60.68 -56.34
CA GLU LA 74 -88.86 61.43 -55.63
C GLU LA 74 -89.42 61.95 -54.31
N ASN LA 75 -88.58 61.97 -53.29
CA ASN LA 75 -88.99 62.52 -52.00
C ASN LA 75 -89.10 64.04 -52.10
N GLN LA 76 -90.29 64.56 -51.85
CA GLN LA 76 -90.51 66.00 -51.70
C GLN LA 76 -90.89 66.22 -50.24
N SER LA 77 -89.88 66.31 -49.39
CA SER LA 77 -90.08 66.42 -47.94
C SER LA 77 -89.58 67.77 -47.48
N ILE LA 78 -90.43 68.49 -46.74
CA ILE LA 78 -90.07 69.77 -46.16
C ILE LA 78 -90.40 69.72 -44.67
N ARG LA 79 -89.43 70.15 -43.86
CA ARG LA 79 -89.49 69.99 -42.42
C ARG LA 79 -89.38 71.35 -41.74
N THR LA 80 -90.22 71.58 -40.74
CA THR LA 80 -90.24 72.82 -39.99
C THR LA 80 -90.09 72.51 -38.51
N VAL LA 81 -89.19 73.23 -37.85
CA VAL LA 81 -88.93 73.05 -36.42
C VAL LA 81 -89.25 74.36 -35.72
N ILE LA 82 -90.14 74.29 -34.72
CA ILE LA 82 -90.56 75.46 -33.96
C ILE LA 82 -90.13 75.23 -32.51
N SER LA 83 -89.23 76.07 -32.02
CA SER LA 83 -88.73 75.96 -30.66
C SER LA 83 -88.81 77.31 -29.97
N GLY LA 84 -89.24 77.31 -28.72
CA GLY LA 84 -89.31 78.54 -27.96
C GLY LA 84 -90.08 78.34 -26.68
N SER LA 85 -90.08 79.40 -25.87
CA SER LA 85 -90.79 79.36 -24.59
C SER LA 85 -92.27 79.60 -24.80
N ALA LA 86 -93.10 78.79 -24.14
CA ALA LA 86 -94.54 78.96 -24.25
C ALA LA 86 -95.01 80.26 -23.63
N GLU LA 87 -94.23 80.81 -22.69
CA GLU LA 87 -94.58 82.09 -22.10
C GLU LA 87 -94.49 83.21 -23.13
N ASN LA 88 -93.50 83.14 -24.02
CA ASN LA 88 -93.36 84.10 -25.12
C ASN LA 88 -94.04 83.62 -26.38
N LEU LA 89 -95.11 82.84 -26.24
CA LEU LA 89 -95.77 82.26 -27.41
C LEU LA 89 -96.33 83.33 -28.34
N ALA LA 90 -96.96 84.36 -27.76
CA ALA LA 90 -97.66 85.34 -28.58
C ALA LA 90 -96.71 86.04 -29.54
N THR LA 91 -95.55 86.46 -29.04
CA THR LA 91 -94.56 87.07 -29.92
C THR LA 91 -93.87 86.03 -30.80
N LEU LA 92 -93.79 84.79 -30.33
CA LEU LA 92 -93.21 83.73 -31.16
C LEU LA 92 -94.05 83.51 -32.40
N LYS LA 93 -95.37 83.58 -32.27
CA LYS LA 93 -96.25 83.46 -33.42
C LYS LA 93 -95.98 84.59 -34.42
N ALA LA 94 -95.77 85.80 -33.91
CA ALA LA 94 -95.54 86.94 -34.80
C ALA LA 94 -94.28 86.74 -35.63
N GLU LA 95 -93.19 86.30 -35.01
CA GLU LA 95 -91.95 86.10 -35.76
C GLU LA 95 -92.05 84.88 -36.66
N TRP LA 96 -92.97 83.97 -36.37
CA TRP LA 96 -93.23 82.87 -37.31
C TRP LA 96 -93.74 83.42 -38.64
N GLU LA 97 -94.60 84.44 -38.58
CA GLU LA 97 -95.13 85.03 -39.81
C GLU LA 97 -94.01 85.61 -40.66
N THR LA 98 -93.11 86.39 -40.05
CA THR LA 98 -92.04 87.00 -40.82
C THR LA 98 -91.07 85.94 -41.33
N HIS LA 99 -91.00 84.79 -40.65
CA HIS LA 99 -90.22 83.68 -41.17
C HIS LA 99 -90.82 83.16 -42.47
N LYS LA 100 -92.15 83.07 -42.53
CA LYS LA 100 -92.80 82.67 -43.77
C LYS LA 100 -92.53 83.69 -44.87
N ARG LA 101 -92.67 84.98 -44.55
CA ARG LA 101 -92.44 86.01 -45.55
C ARG LA 101 -90.98 86.02 -46.00
N ASN LA 102 -90.06 85.82 -45.05
CA ASN LA 102 -88.64 85.82 -45.40
C ASN LA 102 -88.30 84.65 -46.32
N VAL LA 103 -88.89 83.48 -46.06
CA VAL LA 103 -88.64 82.34 -46.94
C VAL LA 103 -89.29 82.56 -48.30
N ASP LA 104 -90.53 83.06 -48.30
CA ASP LA 104 -91.23 83.25 -49.56
C ASP LA 104 -90.51 84.25 -50.45
N THR LA 105 -89.99 85.32 -49.87
CA THR LA 105 -89.42 86.39 -50.68
C THR LA 105 -88.15 85.96 -51.41
N LEU LA 106 -87.56 84.82 -51.02
CA LEU LA 106 -86.39 84.31 -51.72
C LEU LA 106 -86.59 82.93 -52.31
N PHE LA 107 -87.54 82.14 -51.83
CA PHE LA 107 -87.81 80.81 -52.37
C PHE LA 107 -89.02 80.82 -53.30
N ALA LA 108 -90.17 81.27 -52.81
CA ALA LA 108 -91.38 81.25 -53.63
C ALA LA 108 -91.32 82.33 -54.70
N SER LA 109 -91.30 83.59 -54.29
CA SER LA 109 -91.12 84.67 -55.27
C SER LA 109 -89.71 84.67 -55.82
N GLY LA 110 -88.73 84.35 -54.97
CA GLY LA 110 -87.35 84.34 -55.39
C GLY LA 110 -87.00 83.14 -56.23
N ASN LA 111 -85.72 83.09 -56.63
CA ASN LA 111 -85.22 82.05 -57.50
C ASN LA 111 -84.31 81.07 -56.78
N ALA LA 112 -84.27 81.11 -55.44
CA ALA LA 112 -83.35 80.27 -54.69
C ALA LA 112 -83.71 78.79 -54.78
N GLY LA 113 -84.92 78.46 -55.26
CA GLY LA 113 -85.29 77.07 -55.39
C GLY LA 113 -84.38 76.33 -56.36
N LEU LA 114 -83.96 76.99 -57.43
CA LEU LA 114 -83.02 76.38 -58.36
C LEU LA 114 -81.66 76.14 -57.73
N GLY LA 115 -81.33 76.86 -56.67
CA GLY LA 115 -80.05 76.68 -56.00
C GLY LA 115 -79.17 77.91 -56.07
N PHE LA 116 -79.78 79.08 -56.13
CA PHE LA 116 -79.05 80.34 -56.26
C PHE LA 116 -79.50 81.32 -55.20
N LEU LA 117 -78.62 81.62 -54.26
CA LEU LA 117 -78.91 82.63 -53.25
C LEU LA 117 -78.75 84.03 -53.81
N ASP LA 118 -79.66 84.92 -53.41
CA ASP LA 118 -79.66 86.30 -53.89
C ASP LA 118 -79.33 87.25 -52.75
N PRO LA 119 -78.10 87.75 -52.66
CA PRO LA 119 -77.77 88.70 -51.59
C PRO LA 119 -78.60 89.95 -51.61
N THR LA 120 -79.12 90.33 -52.78
CA THR LA 120 -79.92 91.54 -52.89
C THR LA 120 -81.37 91.34 -52.49
N ALA LA 121 -81.75 90.13 -52.09
CA ALA LA 121 -83.13 89.89 -51.67
C ALA LA 121 -83.47 90.76 -50.47
N ALA LA 122 -84.65 91.39 -50.52
CA ALA LA 122 -85.05 92.37 -49.52
C ALA LA 122 -85.89 91.68 -48.46
N ILE LA 123 -85.21 90.90 -47.61
CA ILE LA 123 -85.90 90.28 -46.49
C ILE LA 123 -86.11 91.31 -45.39
N VAL LA 124 -86.97 90.97 -44.44
CA VAL LA 124 -87.36 91.92 -43.40
C VAL LA 124 -87.51 91.18 -42.08
N SER LA 125 -87.35 91.92 -40.99
CA SER LA 125 -87.44 91.36 -39.65
C SER LA 125 -88.89 91.36 -39.17
N SER LA 126 -89.07 90.99 -37.90
CA SER LA 126 -90.38 91.01 -37.26
C SER LA 126 -90.63 92.32 -36.54
N ASP LA 127 -89.58 92.94 -36.00
CA ASP LA 127 -89.74 94.19 -35.26
C ASP LA 127 -90.15 95.32 -36.21
N THR LA 128 -91.15 96.08 -35.78
CA THR LA 128 -91.73 97.14 -36.59
C THR LA 128 -91.20 98.49 -36.13
N THR LA 129 -90.69 99.27 -37.08
CA THR LA 129 -90.20 100.61 -36.81
C THR LA 129 -91.35 101.56 -36.54
N ALA MA 1 -65.97 -125.05 -53.56
CA ALA MA 1 -65.32 -124.95 -52.26
C ALA MA 1 -64.36 -123.77 -52.23
N ASN MA 2 -63.95 -123.38 -51.02
CA ASN MA 2 -63.05 -122.26 -50.83
C ASN MA 2 -61.81 -122.73 -50.10
N LYS MA 3 -60.68 -122.10 -50.39
CA LYS MA 3 -59.43 -122.47 -49.74
C LYS MA 3 -59.48 -122.08 -48.28
N PRO MA 4 -59.33 -123.03 -47.35
CA PRO MA 4 -59.29 -122.66 -45.93
C PRO MA 4 -57.95 -122.02 -45.60
N MET MA 5 -57.99 -120.81 -45.05
CA MET MA 5 -56.76 -120.14 -44.70
C MET MA 5 -56.07 -120.85 -43.54
N GLN MA 6 -54.90 -120.35 -43.17
CA GLN MA 6 -54.06 -120.97 -42.16
C GLN MA 6 -53.68 -119.94 -41.12
N PRO MA 7 -53.83 -120.25 -39.83
CA PRO MA 7 -53.55 -119.27 -38.79
C PRO MA 7 -52.10 -118.82 -38.82
N ILE MA 8 -51.90 -117.54 -38.50
CA ILE MA 8 -50.57 -116.96 -38.50
C ILE MA 8 -50.08 -116.58 -37.11
N THR MA 9 -50.91 -115.96 -36.28
CA THR MA 9 -50.49 -115.55 -34.94
C THR MA 9 -51.57 -116.02 -33.97
N SER MA 10 -51.26 -117.05 -33.19
CA SER MA 10 -52.19 -117.62 -32.23
C SER MA 10 -51.89 -117.07 -30.85
N THR MA 11 -52.92 -116.59 -30.17
CA THR MA 11 -52.78 -116.05 -28.83
C THR MA 11 -54.11 -116.24 -28.12
N ALA MA 12 -54.07 -116.18 -26.78
CA ALA MA 12 -55.28 -116.31 -25.99
C ALA MA 12 -56.25 -115.17 -26.21
N ASN MA 13 -55.81 -114.08 -26.83
CA ASN MA 13 -56.67 -112.93 -27.09
C ASN MA 13 -56.93 -112.73 -28.58
N LYS MA 14 -55.89 -112.62 -29.39
CA LYS MA 14 -56.02 -112.35 -30.81
C LYS MA 14 -55.50 -113.53 -31.62
N ILE MA 15 -56.26 -113.95 -32.62
CA ILE MA 15 -55.83 -114.94 -33.58
C ILE MA 15 -56.10 -114.40 -34.97
N VAL MA 16 -55.10 -114.49 -35.85
CA VAL MA 16 -55.22 -114.01 -37.22
C VAL MA 16 -55.06 -115.19 -38.16
N TRP MA 17 -55.91 -115.24 -39.19
CA TRP MA 17 -55.84 -116.25 -40.23
C TRP MA 17 -55.56 -115.56 -41.55
N SER MA 18 -54.64 -116.13 -42.33
CA SER MA 18 -54.30 -115.58 -43.63
C SER MA 18 -54.29 -116.69 -44.67
N ASP MA 19 -54.70 -116.34 -45.88
CA ASP MA 19 -54.71 -117.28 -46.98
C ASP MA 19 -53.28 -117.60 -47.41
N PRO MA 20 -52.86 -118.86 -47.43
CA PRO MA 20 -51.48 -119.17 -47.83
C PRO MA 20 -51.16 -118.74 -49.25
N THR MA 21 -52.11 -118.84 -50.17
CA THR MA 21 -51.86 -118.42 -51.54
C THR MA 21 -51.70 -116.91 -51.63
N ARG MA 22 -52.51 -116.16 -50.87
CA ARG MA 22 -52.49 -114.70 -50.88
C ARG MA 22 -52.60 -114.23 -49.43
N LEU MA 23 -51.45 -113.94 -48.81
CA LEU MA 23 -51.45 -113.56 -47.41
C LEU MA 23 -52.05 -112.18 -47.17
N SER MA 24 -52.33 -111.42 -48.23
CA SER MA 24 -52.92 -110.10 -48.05
C SER MA 24 -54.30 -110.21 -47.39
N THR MA 25 -55.10 -111.19 -47.81
CA THR MA 25 -56.39 -111.41 -47.18
C THR MA 25 -56.21 -111.98 -45.78
N THR MA 26 -56.89 -111.40 -44.81
CA THR MA 26 -56.77 -111.82 -43.43
C THR MA 26 -58.14 -111.85 -42.78
N PHE MA 27 -58.23 -112.60 -41.68
CA PHE MA 27 -59.44 -112.64 -40.85
C PHE MA 27 -58.99 -112.79 -39.42
N SER MA 28 -59.11 -111.71 -38.64
CA SER MA 28 -58.62 -111.67 -37.27
C SER MA 28 -59.77 -111.63 -36.28
N ALA MA 29 -59.60 -112.34 -35.17
CA ALA MA 29 -60.59 -112.36 -34.10
C ALA MA 29 -59.89 -112.00 -32.80
N SER MA 30 -60.47 -111.06 -32.06
CA SER MA 30 -59.94 -110.64 -30.78
C SER MA 30 -61.05 -110.58 -29.75
N LEU MA 31 -60.72 -110.94 -28.51
CA LEU MA 31 -61.70 -110.99 -27.44
C LEU MA 31 -61.25 -110.09 -26.31
N LEU MA 32 -62.19 -109.32 -25.77
CA LEU MA 32 -61.96 -108.49 -24.60
C LEU MA 32 -63.02 -108.84 -23.57
N ARG MA 33 -62.61 -109.55 -22.52
CA ARG MA 33 -63.52 -110.00 -21.47
C ARG MA 33 -63.44 -109.07 -20.28
N GLN MA 34 -64.59 -108.69 -19.75
CA GLN MA 34 -64.68 -107.61 -18.77
C GLN MA 34 -65.74 -107.97 -17.73
N ARG MA 35 -65.63 -107.32 -16.58
CA ARG MA 35 -66.58 -107.48 -15.49
C ARG MA 35 -67.56 -106.32 -15.49
N VAL MA 36 -68.85 -106.62 -15.48
CA VAL MA 36 -69.89 -105.61 -15.45
C VAL MA 36 -70.77 -105.85 -14.24
N LYS MA 37 -71.06 -104.79 -13.49
CA LYS MA 37 -71.85 -104.87 -12.27
C LYS MA 37 -73.20 -104.23 -12.55
N VAL MA 38 -74.16 -105.05 -13.01
CA VAL MA 38 -75.45 -104.51 -13.41
C VAL MA 38 -76.26 -104.07 -12.20
N GLY MA 39 -76.54 -104.99 -11.28
CA GLY MA 39 -77.22 -104.66 -10.04
C GLY MA 39 -77.24 -105.85 -9.11
N ILE MA 40 -76.81 -105.64 -7.87
CA ILE MA 40 -76.64 -106.67 -6.84
C ILE MA 40 -76.10 -107.97 -7.45
N ALA MA 41 -75.32 -107.83 -8.53
CA ALA MA 41 -74.81 -108.98 -9.27
C ALA MA 41 -73.71 -108.57 -10.23
N GLU MA 42 -72.63 -109.34 -10.26
CA GLU MA 42 -71.52 -109.11 -11.17
C GLU MA 42 -71.61 -110.12 -12.32
N LEU MA 43 -71.54 -109.61 -13.54
CA LEU MA 43 -71.77 -110.42 -14.73
C LEU MA 43 -70.53 -110.39 -15.62
N ASN MA 44 -70.26 -111.52 -16.27
CA ASN MA 44 -69.11 -111.63 -17.17
C ASN MA 44 -69.59 -111.35 -18.59
N ASN MA 45 -69.09 -110.27 -19.18
CA ASN MA 45 -69.40 -109.93 -20.56
C ASN MA 45 -68.12 -109.96 -21.38
N VAL MA 46 -68.28 -110.18 -22.68
CA VAL MA 46 -67.17 -110.23 -23.63
C VAL MA 46 -67.50 -109.33 -24.80
N SER MA 47 -66.48 -108.92 -25.53
CA SER MA 47 -66.65 -108.13 -26.75
C SER MA 47 -65.77 -108.73 -27.83
N GLY MA 48 -66.34 -109.65 -28.60
CA GLY MA 48 -65.63 -110.30 -29.68
C GLY MA 48 -65.55 -109.39 -30.89
N GLN MA 49 -64.34 -109.12 -31.33
CA GLN MA 49 -64.08 -108.26 -32.48
C GLN MA 49 -63.52 -109.09 -33.61
N TYR MA 50 -64.23 -109.13 -34.72
CA TYR MA 50 -63.84 -109.91 -35.90
C TYR MA 50 -63.66 -108.97 -37.07
N VAL MA 51 -62.51 -109.07 -37.73
CA VAL MA 51 -62.17 -108.20 -38.85
C VAL MA 51 -61.78 -109.07 -40.04
N SER MA 52 -62.42 -108.83 -41.18
CA SER MA 52 -62.09 -109.50 -42.43
C SER MA 52 -61.60 -108.45 -43.41
N VAL MA 53 -60.43 -108.68 -43.99
CA VAL MA 53 -59.77 -107.70 -44.85
C VAL MA 53 -59.44 -108.36 -46.18
N TYR MA 54 -59.77 -107.69 -47.28
CA TYR MA 54 -59.43 -108.12 -48.62
C TYR MA 54 -59.01 -106.92 -49.42
N LYS MA 55 -57.97 -107.07 -50.23
CA LYS MA 55 -57.49 -106.02 -51.11
C LYS MA 55 -57.92 -106.36 -52.54
N ARG MA 56 -58.75 -105.49 -53.13
CA ARG MA 56 -59.26 -105.75 -54.47
C ARG MA 56 -58.51 -104.87 -55.46
N PRO MA 57 -57.64 -105.43 -56.30
CA PRO MA 57 -57.03 -104.67 -57.39
C PRO MA 57 -57.84 -104.70 -58.67
N ALA MA 58 -59.13 -104.37 -58.56
CA ALA MA 58 -60.03 -104.39 -59.72
C ALA MA 58 -60.83 -103.10 -59.88
N PRO MA 59 -60.15 -101.95 -60.02
CA PRO MA 59 -60.86 -100.79 -60.61
C PRO MA 59 -61.02 -100.93 -62.11
N LYS MA 60 -60.30 -101.87 -62.72
CA LYS MA 60 -60.21 -102.11 -64.16
C LYS MA 60 -61.56 -102.06 -64.85
N PRO MA 61 -61.68 -101.31 -65.95
CA PRO MA 61 -62.91 -101.37 -66.75
C PRO MA 61 -62.96 -102.61 -67.62
N GLU MA 62 -63.97 -102.72 -68.47
CA GLU MA 62 -64.22 -103.93 -69.23
C GLU MA 62 -63.13 -104.16 -70.28
N GLY MA 63 -62.80 -105.43 -70.47
CA GLY MA 63 -61.97 -105.90 -71.57
C GLY MA 63 -60.63 -105.21 -71.73
N CYS MA 64 -59.97 -104.89 -70.62
CA CYS MA 64 -58.65 -104.26 -70.70
C CYS MA 64 -57.72 -104.87 -69.66
N ALA MA 65 -57.83 -106.18 -69.45
CA ALA MA 65 -56.84 -106.90 -68.67
C ALA MA 65 -55.46 -106.81 -69.31
N ASP MA 66 -55.41 -106.53 -70.61
CA ASP MA 66 -54.19 -106.16 -71.31
C ASP MA 66 -53.10 -107.21 -71.16
N ALA MA 67 -52.17 -106.97 -70.24
CA ALA MA 67 -50.96 -107.76 -70.14
C ALA MA 67 -50.50 -107.85 -68.69
N CYS MA 68 -49.23 -108.18 -68.49
CA CYS MA 68 -48.68 -108.37 -67.16
C CYS MA 68 -48.55 -106.99 -66.51
N VAL MA 69 -49.69 -106.43 -66.14
CA VAL MA 69 -49.76 -105.09 -65.57
C VAL MA 69 -50.49 -105.17 -64.24
N ILE MA 70 -50.00 -104.42 -63.25
CA ILE MA 70 -50.58 -104.42 -61.92
C ILE MA 70 -50.95 -102.98 -61.56
N MET MA 71 -52.19 -102.78 -61.14
CA MET MA 71 -52.67 -101.49 -60.68
C MET MA 71 -52.80 -101.54 -59.17
N PRO MA 72 -52.76 -100.41 -58.47
CA PRO MA 72 -52.94 -100.42 -57.02
C PRO MA 72 -54.32 -100.95 -56.63
N ASN MA 73 -54.36 -101.62 -55.50
CA ASN MA 73 -55.56 -102.26 -54.98
C ASN MA 73 -56.20 -101.37 -53.93
N GLU MA 74 -57.46 -101.67 -53.62
CA GLU MA 74 -58.25 -100.90 -52.68
C GLU MA 74 -58.73 -101.80 -51.56
N ASN MA 75 -58.86 -101.22 -50.36
CA ASN MA 75 -59.12 -102.01 -49.17
C ASN MA 75 -60.60 -102.31 -49.01
N GLN MA 76 -60.90 -103.58 -48.73
CA GLN MA 76 -62.26 -104.03 -48.42
C GLN MA 76 -62.23 -104.64 -47.04
N SER MA 77 -62.80 -103.94 -46.05
CA SER MA 77 -62.74 -104.36 -44.66
C SER MA 77 -64.15 -104.53 -44.11
N ILE MA 78 -64.31 -105.51 -43.22
CA ILE MA 78 -65.55 -105.74 -42.50
C ILE MA 78 -65.19 -106.00 -41.04
N ARG MA 79 -65.62 -105.11 -40.16
CA ARG MA 79 -65.40 -105.27 -38.73
C ARG MA 79 -66.73 -105.50 -38.04
N THR MA 80 -66.81 -106.56 -37.23
CA THR MA 80 -68.00 -106.87 -36.47
C THR MA 80 -67.61 -107.02 -35.00
N VAL MA 81 -68.27 -106.26 -34.13
CA VAL MA 81 -68.07 -106.37 -32.70
C VAL MA 81 -69.40 -106.71 -32.06
N ILE MA 82 -69.42 -107.76 -31.25
CA ILE MA 82 -70.61 -108.19 -30.53
C ILE MA 82 -70.28 -108.24 -29.05
N SER MA 83 -71.10 -107.59 -28.24
CA SER MA 83 -70.86 -107.46 -26.81
C SER MA 83 -72.10 -107.88 -26.05
N GLY MA 84 -71.90 -108.64 -24.98
CA GLY MA 84 -73.01 -109.05 -24.14
C GLY MA 84 -72.53 -109.96 -23.03
N SER MA 85 -73.40 -110.16 -22.06
CA SER MA 85 -73.09 -111.05 -20.94
C SER MA 85 -72.97 -112.48 -21.42
N ALA MA 86 -71.99 -113.20 -20.89
CA ALA MA 86 -71.78 -114.59 -21.29
C ALA MA 86 -72.95 -115.46 -20.87
N GLU MA 87 -73.62 -115.10 -19.78
CA GLU MA 87 -74.74 -115.90 -19.29
C GLU MA 87 -75.91 -115.85 -20.27
N ASN MA 88 -76.14 -114.71 -20.91
CA ASN MA 88 -77.19 -114.57 -21.91
C ASN MA 88 -76.70 -114.91 -23.31
N LEU MA 89 -75.67 -115.75 -23.42
CA LEU MA 89 -75.15 -116.10 -24.74
C LEU MA 89 -76.21 -116.82 -25.57
N ALA MA 90 -76.95 -117.73 -24.95
CA ALA MA 90 -77.93 -118.52 -25.69
C ALA MA 90 -78.96 -117.64 -26.37
N THR MA 91 -79.45 -116.63 -25.65
CA THR MA 91 -80.39 -115.70 -26.25
C THR MA 91 -79.67 -114.65 -27.10
N LEU MA 92 -78.37 -114.44 -26.84
CA LEU MA 92 -77.62 -113.45 -27.62
C LEU MA 92 -77.51 -113.88 -29.08
N LYS MA 93 -77.38 -115.18 -29.33
CA LYS MA 93 -77.26 -115.67 -30.70
C LYS MA 93 -78.49 -115.33 -31.52
N ALA MA 94 -79.64 -115.14 -30.87
CA ALA MA 94 -80.85 -114.80 -31.59
C ALA MA 94 -80.72 -113.47 -32.31
N GLU MA 95 -80.17 -112.46 -31.62
CA GLU MA 95 -79.97 -111.16 -32.28
C GLU MA 95 -78.98 -111.28 -33.42
N TRP MA 96 -77.92 -112.06 -33.24
CA TRP MA 96 -76.96 -112.23 -34.33
C TRP MA 96 -77.63 -112.81 -35.55
N GLU MA 97 -78.55 -113.75 -35.36
CA GLU MA 97 -79.40 -114.19 -36.47
C GLU MA 97 -80.21 -113.03 -37.02
N THR MA 98 -80.87 -112.29 -36.14
CA THR MA 98 -81.67 -111.15 -36.56
C THR MA 98 -80.80 -110.05 -37.17
N HIS MA 99 -79.63 -109.80 -36.57
CA HIS MA 99 -78.74 -108.77 -37.10
C HIS MA 99 -78.33 -109.08 -38.52
N LYS MA 100 -78.02 -110.34 -38.81
CA LYS MA 100 -77.68 -110.73 -40.17
C LYS MA 100 -78.86 -110.52 -41.10
N ARG MA 101 -80.07 -110.89 -40.67
CA ARG MA 101 -81.24 -110.69 -41.52
C ARG MA 101 -81.47 -109.23 -41.81
N ASN MA 102 -81.35 -108.37 -40.79
CA ASN MA 102 -81.62 -106.96 -40.99
C ASN MA 102 -80.63 -106.33 -41.97
N VAL MA 103 -79.34 -106.53 -41.75
CA VAL MA 103 -78.35 -105.92 -42.63
C VAL MA 103 -78.47 -106.47 -44.04
N ASP MA 104 -78.75 -107.77 -44.17
CA ASP MA 104 -78.94 -108.34 -45.50
C ASP MA 104 -80.16 -107.75 -46.18
N THR MA 105 -81.16 -107.33 -45.39
CA THR MA 105 -82.39 -106.81 -45.98
C THR MA 105 -82.12 -105.55 -46.78
N LEU MA 106 -81.32 -104.63 -46.24
CA LEU MA 106 -81.08 -103.37 -46.92
C LEU MA 106 -79.71 -103.30 -47.59
N PHE MA 107 -78.81 -104.21 -47.28
CA PHE MA 107 -77.49 -104.22 -47.93
C PHE MA 107 -77.33 -105.34 -48.93
N ALA MA 108 -77.69 -106.57 -48.56
CA ALA MA 108 -77.62 -107.66 -49.53
C ALA MA 108 -78.72 -107.53 -50.58
N SER MA 109 -79.97 -107.57 -50.15
CA SER MA 109 -81.07 -107.36 -51.07
C SER MA 109 -81.13 -105.92 -51.54
N GLY MA 110 -81.01 -104.97 -50.62
CA GLY MA 110 -81.05 -103.56 -50.97
C GLY MA 110 -79.76 -103.07 -51.55
N ASN MA 111 -79.72 -101.78 -51.84
CA ASN MA 111 -78.56 -101.13 -52.44
C ASN MA 111 -77.86 -100.18 -51.48
N ALA MA 112 -77.76 -100.57 -50.21
CA ALA MA 112 -77.03 -99.73 -49.25
C ALA MA 112 -75.56 -99.64 -49.60
N GLY MA 113 -75.01 -100.67 -50.25
CA GLY MA 113 -73.62 -100.62 -50.65
C GLY MA 113 -73.33 -99.45 -51.58
N LEU MA 114 -74.27 -99.15 -52.47
CA LEU MA 114 -74.14 -97.98 -53.32
C LEU MA 114 -74.23 -96.67 -52.56
N GLY MA 115 -74.66 -96.72 -51.30
CA GLY MA 115 -74.86 -95.51 -50.53
C GLY MA 115 -76.28 -95.06 -50.37
N PHE MA 116 -77.25 -95.87 -50.78
CA PHE MA 116 -78.65 -95.48 -50.76
C PHE MA 116 -79.32 -96.04 -49.51
N LEU MA 117 -80.27 -95.27 -48.97
CA LEU MA 117 -81.02 -95.66 -47.78
C LEU MA 117 -82.49 -95.75 -48.12
N ASP MA 118 -83.11 -96.86 -47.72
CA ASP MA 118 -84.54 -97.06 -47.98
C ASP MA 118 -85.32 -97.00 -46.67
N PRO MA 119 -86.06 -95.93 -46.41
CA PRO MA 119 -86.86 -95.88 -45.18
C PRO MA 119 -87.95 -96.92 -45.11
N THR MA 120 -88.31 -97.55 -46.23
CA THR MA 120 -89.39 -98.52 -46.27
C THR MA 120 -88.90 -99.95 -46.14
N ALA MA 121 -87.63 -100.16 -45.78
CA ALA MA 121 -87.11 -101.51 -45.66
C ALA MA 121 -87.82 -102.25 -44.53
N ALA MA 122 -88.02 -103.55 -44.75
CA ALA MA 122 -88.76 -104.39 -43.81
C ALA MA 122 -87.82 -104.96 -42.76
N ILE MA 123 -87.47 -104.10 -41.80
CA ILE MA 123 -86.61 -104.52 -40.70
C ILE MA 123 -87.46 -105.18 -39.62
N VAL MA 124 -86.99 -106.31 -39.12
CA VAL MA 124 -87.74 -107.10 -38.13
C VAL MA 124 -86.86 -107.28 -36.90
N SER MA 125 -87.50 -107.44 -35.75
CA SER MA 125 -86.77 -107.54 -34.50
C SER MA 125 -86.40 -109.00 -34.20
N SER MA 126 -85.73 -109.19 -33.07
CA SER MA 126 -85.37 -110.52 -32.62
C SER MA 126 -86.50 -111.20 -31.86
N ASP MA 127 -87.53 -110.47 -31.47
CA ASP MA 127 -88.64 -111.05 -30.74
C ASP MA 127 -89.57 -111.80 -31.67
N THR MA 128 -90.42 -112.64 -31.08
CA THR MA 128 -91.37 -113.45 -31.82
C THR MA 128 -92.78 -113.04 -31.45
N THR MA 129 -93.63 -112.86 -32.46
CA THR MA 129 -95.02 -112.48 -32.24
C THR MA 129 -95.76 -113.55 -31.44
N ALA NA 1 -67.69 -137.05 -13.25
CA ALA NA 1 -68.82 -136.51 -12.50
C ALA NA 1 -68.54 -135.08 -12.06
N ASN NA 2 -67.37 -134.58 -12.43
CA ASN NA 2 -66.95 -133.24 -12.08
C ASN NA 2 -66.77 -132.42 -13.34
N LYS NA 3 -67.04 -131.12 -13.23
CA LYS NA 3 -67.07 -130.26 -14.41
C LYS NA 3 -65.68 -130.20 -15.05
N PRO NA 4 -65.58 -130.38 -16.36
CA PRO NA 4 -64.31 -130.13 -17.05
C PRO NA 4 -63.94 -128.66 -16.97
N MET NA 5 -62.66 -128.38 -17.16
CA MET NA 5 -62.12 -127.08 -16.86
C MET NA 5 -61.30 -126.62 -18.06
N GLN NA 6 -61.47 -125.38 -18.49
CA GLN NA 6 -60.93 -124.94 -19.77
C GLN NA 6 -59.94 -123.81 -19.59
N PRO NA 7 -58.76 -123.88 -20.23
CA PRO NA 7 -57.81 -122.78 -20.16
C PRO NA 7 -58.33 -121.55 -20.88
N ILE NA 8 -57.92 -120.38 -20.37
CA ILE NA 8 -58.33 -119.09 -20.93
C ILE NA 8 -57.15 -118.31 -21.45
N THR NA 9 -56.22 -117.94 -20.58
CA THR NA 9 -55.10 -117.09 -20.92
C THR NA 9 -53.82 -117.91 -20.89
N SER NA 10 -53.08 -117.88 -21.98
CA SER NA 10 -51.81 -118.56 -22.08
C SER NA 10 -50.68 -117.54 -22.10
N THR NA 11 -49.62 -117.83 -21.37
CA THR NA 11 -48.49 -116.92 -21.25
C THR NA 11 -47.24 -117.76 -21.01
N ALA NA 12 -46.09 -117.11 -21.10
CA ALA NA 12 -44.82 -117.80 -20.87
C ALA NA 12 -44.73 -118.38 -19.47
N ASN NA 13 -45.49 -117.85 -18.52
CA ASN NA 13 -45.39 -118.32 -17.14
C ASN NA 13 -46.75 -118.62 -16.53
N LYS NA 14 -47.80 -117.98 -17.03
CA LYS NA 14 -49.13 -118.08 -16.43
C LYS NA 14 -50.09 -118.78 -17.37
N ILE NA 15 -50.84 -119.73 -16.82
CA ILE NA 15 -51.97 -120.34 -17.51
C ILE NA 15 -53.17 -120.24 -16.58
N VAL NA 16 -54.31 -119.79 -17.11
CA VAL NA 16 -55.50 -119.57 -16.33
C VAL NA 16 -56.63 -120.41 -16.91
N TRP NA 17 -57.28 -121.20 -16.05
CA TRP NA 17 -58.42 -122.01 -16.43
C TRP NA 17 -59.69 -121.37 -15.88
N SER NA 18 -60.77 -121.43 -16.65
CA SER NA 18 -62.08 -121.00 -16.18
C SER NA 18 -63.14 -121.98 -16.63
N ASP NA 19 -64.16 -122.16 -15.80
CA ASP NA 19 -65.23 -123.09 -16.11
C ASP NA 19 -66.17 -122.48 -17.16
N PRO NA 20 -66.47 -123.20 -18.25
CA PRO NA 20 -67.37 -122.64 -19.27
C PRO NA 20 -68.75 -122.29 -18.73
N THR NA 21 -69.30 -123.12 -17.85
CA THR NA 21 -70.65 -122.87 -17.36
C THR NA 21 -70.68 -121.69 -16.40
N ARG NA 22 -69.73 -121.64 -15.47
CA ARG NA 22 -69.66 -120.59 -14.45
C ARG NA 22 -68.29 -119.94 -14.56
N LEU NA 23 -68.24 -118.76 -15.20
CA LEU NA 23 -66.97 -118.11 -15.46
C LEU NA 23 -66.30 -117.59 -14.21
N SER NA 24 -67.03 -117.52 -13.09
CA SER NA 24 -66.43 -116.99 -11.86
C SER NA 24 -65.32 -117.89 -11.35
N THR NA 25 -65.54 -119.20 -11.38
CA THR NA 25 -64.53 -120.13 -10.87
C THR NA 25 -63.33 -120.16 -11.79
N THR NA 26 -62.14 -120.04 -11.20
CA THR NA 26 -60.91 -120.04 -11.97
C THR NA 26 -59.85 -120.82 -11.21
N PHE NA 27 -58.86 -121.29 -11.96
CA PHE NA 27 -57.69 -121.94 -11.38
C PHE NA 27 -56.48 -121.57 -12.22
N SER NA 28 -55.58 -120.78 -11.64
CA SER NA 28 -54.42 -120.27 -12.36
C SER NA 28 -53.13 -120.84 -11.78
N ALA NA 29 -52.18 -121.13 -12.66
CA ALA NA 29 -50.88 -121.65 -12.27
C ALA NA 29 -49.80 -120.78 -12.89
N SER NA 30 -49.00 -120.13 -12.06
CA SER NA 30 -47.90 -119.30 -12.52
C SER NA 30 -46.59 -119.85 -11.97
N LEU NA 31 -45.61 -120.00 -12.84
CA LEU NA 31 -44.30 -120.54 -12.49
C LEU NA 31 -43.24 -119.47 -12.74
N LEU NA 32 -42.38 -119.27 -11.74
CA LEU NA 32 -41.27 -118.34 -11.84
C LEU NA 32 -39.99 -119.13 -11.62
N ARG NA 33 -39.26 -119.39 -12.70
CA ARG NA 33 -38.02 -120.15 -12.63
C ARG NA 33 -36.85 -119.18 -12.54
N GLN NA 34 -35.95 -119.43 -11.59
CA GLN NA 34 -34.81 -118.56 -11.35
C GLN NA 34 -33.57 -119.41 -11.24
N ARG NA 35 -32.43 -118.84 -11.65
CA ARG NA 35 -31.17 -119.57 -11.70
C ARG NA 35 -30.40 -119.24 -10.43
N VAL NA 36 -30.42 -120.16 -9.46
CA VAL NA 36 -29.95 -119.88 -8.10
C VAL NA 36 -28.58 -120.51 -7.92
N LYS NA 37 -27.78 -119.93 -7.03
CA LYS NA 37 -26.43 -120.39 -6.73
C LYS NA 37 -26.33 -120.78 -5.27
N VAL NA 38 -25.84 -122.00 -5.01
CA VAL NA 38 -25.51 -122.44 -3.67
C VAL NA 38 -24.02 -122.75 -3.65
N GLY NA 39 -23.51 -123.22 -2.51
CA GLY NA 39 -22.10 -123.54 -2.37
C GLY NA 39 -21.54 -124.34 -3.54
N ILE NA 40 -20.61 -123.72 -4.27
CA ILE NA 40 -19.97 -124.24 -5.47
C ILE NA 40 -20.93 -125.07 -6.33
N ALA NA 41 -22.18 -124.63 -6.42
CA ALA NA 41 -23.17 -125.32 -7.24
C ALA NA 41 -24.24 -124.34 -7.66
N GLU NA 42 -24.53 -124.31 -8.96
CA GLU NA 42 -25.56 -123.44 -9.52
C GLU NA 42 -26.79 -124.29 -9.82
N LEU NA 43 -27.93 -123.87 -9.29
CA LEU NA 43 -29.15 -124.67 -9.35
C LEU NA 43 -30.28 -123.89 -9.99
N ASN NA 44 -31.36 -124.61 -10.29
CA ASN NA 44 -32.56 -124.03 -10.88
C ASN NA 44 -33.66 -124.01 -9.82
N ASN NA 45 -34.12 -122.81 -9.48
CA ASN NA 45 -35.17 -122.64 -8.49
C ASN NA 45 -36.48 -122.34 -9.19
N VAL NA 46 -37.55 -123.02 -8.77
CA VAL NA 46 -38.87 -122.85 -9.35
C VAL NA 46 -39.85 -122.53 -8.24
N SER NA 47 -40.77 -121.62 -8.51
CA SER NA 47 -41.82 -121.24 -7.57
C SER NA 47 -43.15 -121.23 -8.32
N GLY NA 48 -44.05 -122.13 -7.95
CA GLY NA 48 -45.31 -122.24 -8.65
C GLY NA 48 -46.51 -121.82 -7.83
N GLN NA 49 -47.08 -120.67 -8.17
CA GLN NA 49 -48.29 -120.17 -7.52
C GLN NA 49 -49.50 -120.84 -8.15
N TYR NA 50 -50.30 -121.53 -7.34
CA TYR NA 50 -51.51 -122.19 -7.80
C TYR NA 50 -52.68 -121.61 -7.04
N VAL NA 51 -53.53 -120.86 -7.73
CA VAL NA 51 -54.61 -120.10 -7.12
C VAL NA 51 -55.93 -120.70 -7.57
N SER NA 52 -56.77 -121.07 -6.61
CA SER NA 52 -58.12 -121.55 -6.88
C SER NA 52 -59.10 -120.55 -6.27
N VAL NA 53 -60.01 -120.03 -7.09
CA VAL NA 53 -60.94 -119.00 -6.67
C VAL NA 53 -62.36 -119.45 -7.00
N TYR NA 54 -63.26 -119.31 -6.03
CA TYR NA 54 -64.67 -119.58 -6.22
C TYR NA 54 -65.49 -118.45 -5.61
N LYS NA 55 -66.44 -117.95 -6.38
CA LYS NA 55 -67.38 -116.94 -5.89
C LYS NA 55 -68.63 -117.68 -5.44
N ARG NA 56 -68.82 -117.77 -4.13
CA ARG NA 56 -69.88 -118.59 -3.58
C ARG NA 56 -70.92 -117.72 -2.91
N PRO NA 57 -72.21 -117.94 -3.19
CA PRO NA 57 -73.25 -117.15 -2.53
C PRO NA 57 -73.29 -117.41 -1.04
N ALA NA 58 -73.67 -116.37 -0.30
CA ALA NA 58 -73.81 -116.51 1.13
C ALA NA 58 -74.91 -117.51 1.46
N PRO NA 59 -74.77 -118.25 2.56
CA PRO NA 59 -75.77 -119.28 2.88
C PRO NA 59 -77.13 -118.65 3.12
N LYS NA 60 -78.17 -119.34 2.64
CA LYS NA 60 -79.52 -118.83 2.77
C LYS NA 60 -79.96 -118.93 4.24
N PRO NA 61 -80.85 -118.03 4.67
CA PRO NA 61 -81.34 -118.11 6.05
C PRO NA 61 -82.04 -119.44 6.30
N GLU NA 62 -81.88 -119.95 7.52
CA GLU NA 62 -82.32 -121.30 7.86
C GLU NA 62 -83.81 -121.48 7.60
N GLY NA 63 -84.17 -122.54 6.88
CA GLY NA 63 -85.55 -122.86 6.58
C GLY NA 63 -86.08 -122.22 5.32
N CYS NA 64 -85.38 -121.24 4.76
CA CYS NA 64 -85.86 -120.52 3.58
C CYS NA 64 -85.53 -121.34 2.34
N ALA NA 65 -86.34 -122.37 2.07
CA ALA NA 65 -86.17 -123.13 0.85
C ALA NA 65 -86.67 -122.34 -0.36
N ASP NA 66 -87.85 -121.72 -0.22
CA ASP NA 66 -88.53 -120.82 -1.17
C ASP NA 66 -88.31 -121.34 -2.59
N ALA NA 67 -88.06 -120.47 -3.57
CA ALA NA 67 -87.66 -120.94 -4.88
C ALA NA 67 -86.34 -120.27 -5.27
N CYS NA 68 -86.21 -118.97 -4.96
CA CYS NA 68 -84.98 -118.24 -5.21
C CYS NA 68 -85.01 -116.92 -4.47
N VAL NA 69 -84.04 -116.72 -3.58
CA VAL NA 69 -83.69 -115.41 -3.06
C VAL NA 69 -82.17 -115.30 -3.08
N ILE NA 70 -81.65 -114.48 -3.99
CA ILE NA 70 -80.21 -114.47 -4.22
C ILE NA 70 -79.53 -113.55 -3.20
N MET NA 71 -78.47 -114.03 -2.60
CA MET NA 71 -77.61 -113.22 -1.75
C MET NA 71 -76.30 -112.95 -2.47
N PRO NA 72 -75.65 -111.83 -2.16
CA PRO NA 72 -74.35 -111.56 -2.78
C PRO NA 72 -73.34 -112.64 -2.44
N ASN NA 73 -72.53 -112.98 -3.43
CA ASN NA 73 -71.61 -114.11 -3.31
C ASN NA 73 -70.29 -113.66 -2.70
N GLU NA 74 -69.85 -114.38 -1.68
CA GLU NA 74 -68.59 -114.11 -1.03
C GLU NA 74 -67.47 -114.83 -1.78
N ASN NA 75 -66.24 -114.46 -1.48
CA ASN NA 75 -65.07 -114.92 -2.22
C ASN NA 75 -64.37 -116.03 -1.45
N GLN NA 76 -64.21 -117.18 -2.09
CA GLN NA 76 -63.44 -118.28 -1.53
C GLN NA 76 -62.14 -118.41 -2.32
N SER NA 77 -61.01 -118.31 -1.63
CA SER NA 77 -59.71 -118.31 -2.28
C SER NA 77 -58.78 -119.30 -1.62
N ILE NA 78 -58.03 -120.03 -2.44
CA ILE NA 78 -57.01 -120.97 -1.98
C ILE NA 78 -55.83 -120.84 -2.93
N ARG NA 79 -54.72 -120.30 -2.46
CA ARG NA 79 -53.52 -120.16 -3.27
C ARG NA 79 -52.37 -120.90 -2.60
N THR NA 80 -51.61 -121.63 -3.40
CA THR NA 80 -50.49 -122.45 -2.93
C THR NA 80 -49.25 -122.08 -3.72
N VAL NA 81 -48.14 -121.88 -3.01
CA VAL NA 81 -46.86 -121.62 -3.65
C VAL NA 81 -45.89 -122.71 -3.19
N ILE NA 82 -45.19 -123.29 -4.16
CA ILE NA 82 -44.22 -124.36 -3.89
C ILE NA 82 -42.89 -123.90 -4.46
N SER NA 83 -41.89 -123.76 -3.59
CA SER NA 83 -40.57 -123.31 -3.97
C SER NA 83 -39.55 -124.40 -3.69
N GLY NA 84 -38.70 -124.68 -4.67
CA GLY NA 84 -37.69 -125.70 -4.49
C GLY NA 84 -36.81 -125.82 -5.72
N SER NA 85 -35.82 -126.70 -5.61
CA SER NA 85 -34.86 -126.93 -6.68
C SER NA 85 -35.32 -128.12 -7.50
N ALA NA 86 -35.25 -127.98 -8.83
CA ALA NA 86 -35.66 -129.07 -9.71
C ALA NA 86 -34.81 -130.30 -9.49
N GLU NA 87 -33.54 -130.13 -9.10
CA GLU NA 87 -32.67 -131.27 -8.84
C GLU NA 87 -33.17 -132.11 -7.67
N ASN NA 88 -33.85 -131.50 -6.71
CA ASN NA 88 -34.39 -132.22 -5.56
C ASN NA 88 -35.90 -132.41 -5.67
N LEU NA 89 -36.43 -132.47 -6.89
CA LEU NA 89 -37.86 -132.57 -7.07
C LEU NA 89 -38.43 -133.86 -6.50
N ALA NA 90 -37.66 -134.96 -6.58
CA ALA NA 90 -38.19 -136.26 -6.17
C ALA NA 90 -38.60 -136.25 -4.71
N THR NA 91 -37.76 -135.70 -3.84
CA THR NA 91 -38.11 -135.59 -2.44
C THR NA 91 -39.10 -134.46 -2.19
N LEU NA 92 -39.10 -133.42 -3.03
CA LEU NA 92 -40.03 -132.33 -2.86
C LEU NA 92 -41.48 -132.80 -3.00
N LYS NA 93 -41.71 -133.79 -3.87
CA LYS NA 93 -43.05 -134.36 -3.98
C LYS NA 93 -43.48 -134.99 -2.67
N ALA NA 94 -42.56 -135.68 -1.99
CA ALA NA 94 -42.86 -136.23 -0.68
C ALA NA 94 -43.18 -135.12 0.31
N GLU NA 95 -42.46 -133.99 0.21
CA GLU NA 95 -42.79 -132.84 1.04
C GLU NA 95 -44.20 -132.36 0.77
N TRP NA 96 -44.59 -132.31 -0.49
CA TRP NA 96 -45.95 -131.89 -0.84
C TRP NA 96 -46.98 -132.85 -0.25
N GLU NA 97 -46.70 -134.15 -0.30
CA GLU NA 97 -47.66 -135.12 0.18
C GLU NA 97 -47.90 -134.96 1.68
N THR NA 98 -46.83 -134.78 2.46
CA THR NA 98 -47.00 -134.63 3.90
C THR NA 98 -47.66 -133.29 4.23
N HIS NA 99 -47.34 -132.25 3.45
CA HIS NA 99 -48.01 -130.97 3.64
C HIS NA 99 -49.52 -131.12 3.53
N LYS NA 100 -49.98 -132.00 2.66
CA LYS NA 100 -51.39 -132.33 2.60
C LYS NA 100 -51.87 -132.92 3.92
N ARG NA 101 -51.08 -133.85 4.47
CA ARG NA 101 -51.50 -134.57 5.66
C ARG NA 101 -51.66 -133.63 6.85
N ASN NA 102 -50.69 -132.77 7.08
CA ASN NA 102 -50.73 -131.91 8.26
C ASN NA 102 -51.93 -130.99 8.25
N VAL NA 103 -52.19 -130.33 7.11
CA VAL NA 103 -53.30 -129.39 7.05
C VAL NA 103 -54.62 -130.14 7.15
N ASP NA 104 -54.68 -131.36 6.61
CA ASP NA 104 -55.90 -132.15 6.69
C ASP NA 104 -56.27 -132.45 8.14
N THR NA 105 -55.27 -132.85 8.94
CA THR NA 105 -55.53 -133.06 10.35
C THR NA 105 -55.92 -131.77 11.04
N LEU NA 106 -55.28 -130.67 10.67
CA LEU NA 106 -55.51 -129.40 11.34
C LEU NA 106 -56.76 -128.68 10.83
N PHE NA 107 -56.92 -128.59 9.51
CA PHE NA 107 -58.00 -127.81 8.92
C PHE NA 107 -59.18 -128.66 8.49
N ALA NA 108 -58.94 -129.75 7.76
CA ALA NA 108 -60.05 -130.56 7.26
C ALA NA 108 -60.75 -131.28 8.39
N SER NA 109 -60.03 -132.17 9.09
CA SER NA 109 -60.64 -132.89 10.20
C SER NA 109 -60.85 -131.97 11.40
N GLY NA 110 -59.85 -131.16 11.72
CA GLY NA 110 -59.95 -130.24 12.83
C GLY NA 110 -60.86 -129.06 12.52
N ASN NA 111 -61.10 -128.26 13.55
CA ASN NA 111 -61.94 -127.08 13.42
C ASN NA 111 -61.13 -125.80 13.27
N ALA NA 112 -59.91 -125.90 12.76
CA ALA NA 112 -59.11 -124.70 12.51
C ALA NA 112 -59.73 -123.80 11.47
N GLY NA 113 -60.61 -124.34 10.62
CA GLY NA 113 -61.31 -123.49 9.67
C GLY NA 113 -62.20 -122.47 10.36
N LEU NA 114 -62.89 -122.89 11.43
CA LEU NA 114 -63.73 -121.96 12.17
C LEU NA 114 -62.90 -120.85 12.80
N GLY NA 115 -61.74 -121.19 13.34
CA GLY NA 115 -60.90 -120.21 14.01
C GLY NA 115 -60.22 -120.78 15.24
N PHE NA 116 -60.67 -121.97 15.65
CA PHE NA 116 -60.13 -122.65 16.83
C PHE NA 116 -58.82 -123.31 16.44
N LEU NA 117 -57.71 -122.64 16.75
CA LEU NA 117 -56.40 -123.22 16.49
C LEU NA 117 -56.05 -124.21 17.59
N ASP NA 118 -55.66 -125.43 17.21
CA ASP NA 118 -55.54 -126.52 18.14
C ASP NA 118 -54.07 -126.74 18.50
N PRO NA 119 -53.67 -126.56 19.77
CA PRO NA 119 -52.27 -126.79 20.13
C PRO NA 119 -51.87 -128.26 20.18
N THR NA 120 -52.80 -129.18 20.41
CA THR NA 120 -52.46 -130.58 20.64
C THR NA 120 -52.72 -131.45 19.42
N ALA NA 121 -52.89 -130.86 18.24
CA ALA NA 121 -53.08 -131.66 17.04
C ALA NA 121 -51.83 -132.46 16.74
N ALA NA 122 -52.03 -133.66 16.19
CA ALA NA 122 -50.94 -134.59 15.88
C ALA NA 122 -50.57 -134.46 14.41
N ILE NA 123 -49.37 -133.95 14.15
CA ILE NA 123 -48.87 -133.75 12.80
C ILE NA 123 -47.48 -134.38 12.69
N VAL NA 124 -47.15 -134.89 11.51
CA VAL NA 124 -45.96 -135.68 11.31
C VAL NA 124 -45.10 -135.08 10.21
N SER NA 125 -43.82 -135.45 10.20
CA SER NA 125 -42.84 -134.92 9.26
C SER NA 125 -42.79 -135.76 7.99
N SER NA 126 -42.04 -135.26 7.01
CA SER NA 126 -41.80 -136.03 5.80
C SER NA 126 -40.94 -137.24 6.09
N ASP NA 127 -39.92 -137.09 6.92
CA ASP NA 127 -39.02 -138.18 7.23
C ASP NA 127 -39.77 -139.30 7.96
N THR NA 128 -39.43 -140.54 7.63
CA THR NA 128 -40.08 -141.70 8.19
C THR NA 128 -39.05 -142.59 8.86
N THR NA 129 -39.44 -143.21 9.98
CA THR NA 129 -38.57 -144.12 10.71
C THR NA 129 -38.07 -145.25 9.84
N ALA OA 1 -35.42 -143.94 -29.48
CA ALA OA 1 -35.79 -142.56 -29.76
C ALA OA 1 -34.98 -141.61 -28.90
N ASN OA 2 -35.49 -140.39 -28.73
CA ASN OA 2 -34.82 -139.38 -27.93
C ASN OA 2 -35.86 -138.64 -27.10
N LYS OA 3 -35.39 -137.93 -26.08
CA LYS OA 3 -36.31 -137.19 -25.22
C LYS OA 3 -36.97 -136.08 -26.02
N PRO OA 4 -38.29 -136.00 -26.04
CA PRO OA 4 -38.94 -134.81 -26.60
C PRO OA 4 -38.96 -133.68 -25.60
N MET OA 5 -38.81 -132.46 -26.09
CA MET OA 5 -38.87 -131.32 -25.21
C MET OA 5 -40.31 -130.85 -25.02
N GLN OA 6 -40.49 -129.90 -24.11
CA GLN OA 6 -41.74 -129.20 -23.94
C GLN OA 6 -41.47 -127.71 -23.95
N PRO OA 7 -42.42 -126.91 -24.45
CA PRO OA 7 -42.20 -125.46 -24.50
C PRO OA 7 -42.04 -124.87 -23.11
N ILE OA 8 -41.21 -123.84 -23.03
CA ILE OA 8 -40.99 -123.09 -21.80
C ILE OA 8 -41.59 -121.69 -21.89
N THR OA 9 -41.18 -120.91 -22.89
CA THR OA 9 -41.71 -119.59 -23.12
C THR OA 9 -42.47 -119.61 -24.44
N SER OA 10 -43.75 -119.26 -24.40
CA SER OA 10 -44.60 -119.22 -25.57
C SER OA 10 -44.99 -117.79 -25.87
N THR OA 11 -44.84 -117.38 -27.13
CA THR OA 11 -45.13 -116.02 -27.55
C THR OA 11 -45.57 -116.07 -29.00
N ALA OA 12 -46.20 -114.99 -29.45
CA ALA OA 12 -46.68 -114.92 -30.83
C ALA OA 12 -45.54 -115.04 -31.83
N ASN OA 13 -44.30 -114.74 -31.43
CA ASN OA 13 -43.18 -114.84 -32.35
C ASN OA 13 -41.94 -115.43 -31.68
N LYS OA 14 -42.10 -116.23 -30.65
CA LYS OA 14 -40.94 -116.79 -29.94
C LYS OA 14 -41.40 -117.97 -29.10
N ILE OA 15 -40.84 -119.14 -29.35
CA ILE OA 15 -41.12 -120.33 -28.55
C ILE OA 15 -39.80 -121.02 -28.22
N VAL OA 16 -39.62 -121.39 -26.96
CA VAL OA 16 -38.40 -122.02 -26.49
C VAL OA 16 -38.76 -123.36 -25.88
N TRP OA 17 -38.10 -124.43 -26.34
CA TRP OA 17 -38.23 -125.75 -25.75
C TRP OA 17 -37.00 -126.06 -24.92
N SER OA 18 -37.19 -126.90 -23.90
CA SER OA 18 -36.09 -127.37 -23.09
C SER OA 18 -36.41 -128.78 -22.62
N ASP OA 19 -35.38 -129.60 -22.47
CA ASP OA 19 -35.57 -130.98 -22.08
C ASP OA 19 -35.95 -131.05 -20.60
N PRO OA 20 -36.94 -131.88 -20.25
CA PRO OA 20 -37.33 -131.99 -18.84
C PRO OA 20 -36.25 -132.58 -17.96
N THR OA 21 -35.63 -133.68 -18.41
CA THR OA 21 -34.61 -134.35 -17.62
C THR OA 21 -33.40 -133.44 -17.42
N ARG OA 22 -32.97 -132.76 -18.47
CA ARG OA 22 -31.82 -131.88 -18.43
C ARG OA 22 -32.23 -130.51 -18.96
N LEU OA 23 -32.19 -129.50 -18.10
CA LEU OA 23 -32.68 -128.18 -18.46
C LEU OA 23 -31.67 -127.36 -19.25
N SER OA 24 -30.43 -127.83 -19.38
CA SER OA 24 -29.45 -127.08 -20.15
C SER OA 24 -29.79 -127.11 -21.63
N THR OA 25 -30.21 -128.25 -22.14
CA THR OA 25 -30.54 -128.38 -23.55
C THR OA 25 -31.76 -127.53 -23.89
N THR OA 26 -31.63 -126.66 -24.88
CA THR OA 26 -32.72 -125.78 -25.27
C THR OA 26 -32.83 -125.74 -26.79
N PHE OA 27 -34.04 -125.44 -27.26
CA PHE OA 27 -34.30 -125.14 -28.65
C PHE OA 27 -35.27 -123.98 -28.72
N SER OA 28 -34.96 -123.00 -29.57
CA SER OA 28 -35.78 -121.80 -29.65
C SER OA 28 -35.96 -121.40 -31.10
N ALA OA 29 -37.12 -120.84 -31.41
CA ALA OA 29 -37.43 -120.35 -32.74
C ALA OA 29 -38.10 -118.99 -32.63
N SER OA 30 -37.61 -118.02 -33.39
CA SER OA 30 -38.17 -116.68 -33.42
C SER OA 30 -38.47 -116.29 -34.86
N LEU OA 31 -39.60 -115.61 -35.05
CA LEU OA 31 -40.06 -115.27 -36.38
C LEU OA 31 -40.24 -113.77 -36.50
N LEU OA 32 -39.82 -113.23 -37.63
CA LEU OA 32 -40.04 -111.82 -37.96
C LEU OA 32 -40.72 -111.75 -39.31
N ARG OA 33 -41.82 -111.03 -39.38
CA ARG OA 33 -42.54 -110.83 -40.63
C ARG OA 33 -42.40 -109.39 -41.07
N GLN OA 34 -41.93 -109.14 -42.26
CA GLN OA 34 -41.89 -107.77 -42.70
C GLN OA 34 -42.48 -107.70 -44.08
N ARG OA 35 -43.50 -106.88 -44.24
CA ARG OA 35 -44.06 -106.70 -45.53
C ARG OA 35 -43.05 -105.87 -46.27
N VAL OA 36 -42.49 -106.42 -47.32
CA VAL OA 36 -41.47 -105.71 -48.05
C VAL OA 36 -41.88 -105.36 -49.45
N LYS OA 37 -41.55 -104.15 -49.87
CA LYS OA 37 -41.89 -103.73 -51.21
C LYS OA 37 -40.71 -103.98 -52.08
N VAL OA 38 -40.95 -104.57 -53.23
CA VAL OA 38 -39.86 -104.88 -54.16
C VAL OA 38 -40.25 -104.69 -55.61
N GLY OA 39 -41.11 -105.57 -56.13
CA GLY OA 39 -41.34 -105.66 -57.56
C GLY OA 39 -42.53 -104.91 -58.13
N ILE OA 40 -42.57 -103.59 -57.96
CA ILE OA 40 -43.71 -102.72 -58.26
C ILE OA 40 -44.99 -103.43 -57.82
N ALA OA 41 -44.87 -104.23 -56.76
CA ALA OA 41 -45.98 -104.98 -56.17
C ALA OA 41 -45.57 -105.30 -54.75
N GLU OA 42 -46.39 -104.89 -53.79
CA GLU OA 42 -46.02 -105.01 -52.39
C GLU OA 42 -45.96 -106.47 -51.96
N LEU OA 43 -44.95 -106.80 -51.15
CA LEU OA 43 -44.63 -108.19 -50.81
C LEU OA 43 -44.41 -108.33 -49.32
N ASN OA 44 -44.45 -109.56 -48.82
CA ASN OA 44 -44.17 -109.83 -47.42
C ASN OA 44 -43.05 -110.84 -47.26
N ASN OA 45 -42.27 -110.67 -46.19
CA ASN OA 45 -41.08 -111.46 -45.95
C ASN OA 45 -41.15 -112.10 -44.57
N VAL OA 46 -40.52 -113.26 -44.43
CA VAL OA 46 -40.44 -113.99 -43.16
C VAL OA 46 -38.99 -114.38 -42.92
N SER OA 47 -38.49 -114.10 -41.72
CA SER OA 47 -37.12 -114.42 -41.34
C SER OA 47 -37.15 -115.19 -40.02
N GLY OA 48 -37.11 -116.52 -40.11
CA GLY OA 48 -37.16 -117.36 -38.93
C GLY OA 48 -35.78 -117.73 -38.43
N GLN OA 49 -35.55 -117.51 -37.15
CA GLN OA 49 -34.26 -117.79 -36.51
C GLN OA 49 -34.41 -118.99 -35.59
N TYR OA 50 -33.50 -119.95 -35.72
CA TYR OA 50 -33.55 -121.19 -34.96
C TYR OA 50 -32.23 -121.38 -34.24
N VAL OA 51 -32.30 -121.66 -32.94
CA VAL OA 51 -31.12 -121.80 -32.10
C VAL OA 51 -31.22 -123.10 -31.32
N SER OA 52 -30.17 -123.91 -31.37
CA SER OA 52 -30.06 -125.13 -30.58
C SER OA 52 -28.81 -125.03 -29.72
N VAL OA 53 -28.96 -125.23 -28.42
CA VAL OA 53 -27.89 -125.05 -27.46
C VAL OA 53 -27.76 -126.29 -26.61
N TYR OA 54 -26.52 -126.76 -26.42
CA TYR OA 54 -26.25 -127.89 -25.53
C TYR OA 54 -25.06 -127.53 -24.65
N LYS OA 55 -25.17 -127.86 -23.36
CA LYS OA 55 -24.07 -127.72 -22.42
C LYS OA 55 -23.35 -129.05 -22.34
N ARG OA 56 -22.20 -129.14 -22.99
CA ARG OA 56 -21.47 -130.40 -23.08
C ARG OA 56 -20.27 -130.36 -22.15
N PRO OA 57 -20.14 -131.28 -21.20
CA PRO OA 57 -18.96 -131.29 -20.34
C PRO OA 57 -17.69 -131.51 -21.15
N ALA OA 58 -16.61 -130.88 -20.69
CA ALA OA 58 -15.32 -131.06 -21.34
C ALA OA 58 -14.88 -132.51 -21.22
N PRO OA 59 -14.14 -133.01 -22.22
CA PRO OA 59 -13.84 -134.45 -22.24
C PRO OA 59 -12.97 -134.87 -21.07
N LYS OA 60 -13.25 -136.04 -20.50
CA LYS OA 60 -12.53 -136.43 -19.28
C LYS OA 60 -11.04 -136.28 -19.39
N PRO OA 61 -10.41 -135.91 -18.28
CA PRO OA 61 -8.96 -135.89 -18.39
C PRO OA 61 -8.62 -137.32 -18.43
N GLU OA 62 -8.27 -137.81 -19.60
CA GLU OA 62 -7.98 -139.22 -19.75
C GLU OA 62 -7.38 -139.81 -18.51
N GLY OA 63 -7.95 -140.91 -18.07
CA GLY OA 63 -7.43 -141.57 -16.89
C GLY OA 63 -8.38 -141.36 -15.76
N CYS OA 64 -8.51 -140.13 -15.30
CA CYS OA 64 -9.37 -139.86 -14.16
C CYS OA 64 -10.64 -140.63 -14.29
N ALA OA 65 -10.75 -141.69 -13.52
CA ALA OA 65 -11.94 -142.49 -13.55
C ALA OA 65 -12.23 -142.71 -12.10
N ASP OA 66 -12.97 -141.82 -11.49
CA ASP OA 66 -13.17 -141.91 -10.05
C ASP OA 66 -14.33 -141.00 -9.64
N ALA OA 67 -14.45 -140.75 -8.34
CA ALA OA 67 -15.52 -139.92 -7.79
C ALA OA 67 -15.52 -138.53 -8.41
N CYS OA 68 -16.57 -137.75 -8.11
CA CYS OA 68 -16.88 -136.52 -8.82
C CYS OA 68 -15.66 -135.61 -9.02
N VAL OA 69 -15.26 -135.46 -10.28
CA VAL OA 69 -14.20 -134.54 -10.69
C VAL OA 69 -14.73 -133.69 -11.83
N ILE OA 70 -16.05 -133.45 -11.82
CA ILE OA 70 -16.73 -132.84 -12.95
C ILE OA 70 -16.05 -131.52 -13.32
N MET OA 71 -15.84 -131.32 -14.61
CA MET OA 71 -15.30 -130.08 -15.16
C MET OA 71 -16.45 -129.30 -15.78
N PRO OA 72 -16.30 -127.99 -16.03
CA PRO OA 72 -17.42 -127.22 -16.57
C PRO OA 72 -17.73 -127.63 -18.00
N ASN OA 73 -18.79 -127.03 -18.54
CA ASN OA 73 -19.36 -127.42 -19.81
C ASN OA 73 -18.92 -126.44 -20.90
N GLU OA 74 -19.03 -126.89 -22.15
CA GLU OA 74 -18.79 -126.03 -23.28
C GLU OA 74 -20.12 -125.68 -23.95
N ASN OA 75 -20.06 -124.71 -24.86
CA ASN OA 75 -21.25 -124.23 -25.55
C ASN OA 75 -21.27 -124.82 -26.95
N GLN OA 76 -22.05 -125.88 -27.13
CA GLN OA 76 -22.31 -126.44 -28.45
C GLN OA 76 -23.60 -125.81 -28.96
N SER OA 77 -23.47 -124.73 -29.73
CA SER OA 77 -24.61 -123.96 -30.20
C SER OA 77 -24.66 -123.96 -31.72
N ILE OA 78 -25.87 -124.07 -32.26
CA ILE OA 78 -26.09 -124.06 -33.70
C ILE OA 78 -27.24 -123.10 -33.99
N ARG OA 79 -26.94 -122.03 -34.70
CA ARG OA 79 -27.93 -121.00 -35.02
C ARG OA 79 -28.20 -121.02 -36.52
N THR OA 80 -29.48 -120.92 -36.89
CA THR OA 80 -29.89 -120.94 -38.28
C THR OA 80 -30.97 -119.90 -38.50
N VAL OA 81 -30.82 -119.11 -39.56
CA VAL OA 81 -31.82 -118.12 -39.94
C VAL OA 81 -32.22 -118.37 -41.39
N ILE OA 82 -33.52 -118.33 -41.66
CA ILE OA 82 -34.07 -118.56 -42.98
C ILE OA 82 -34.89 -117.33 -43.34
N SER OA 83 -34.54 -116.67 -44.43
CA SER OA 83 -35.22 -115.46 -44.87
C SER OA 83 -35.71 -115.63 -46.30
N GLY OA 84 -36.97 -115.27 -46.53
CA GLY OA 84 -37.52 -115.33 -47.88
C GLY OA 84 -38.99 -115.01 -47.86
N SER OA 85 -39.49 -114.67 -49.04
CA SER OA 85 -40.90 -114.34 -49.20
C SER OA 85 -41.77 -115.56 -48.96
N ALA OA 86 -42.98 -115.33 -48.44
CA ALA OA 86 -43.87 -116.44 -48.16
C ALA OA 86 -44.47 -117.02 -49.43
N GLU OA 87 -44.80 -116.16 -50.40
CA GLU OA 87 -45.42 -116.65 -51.63
C GLU OA 87 -44.50 -117.58 -52.39
N ASN OA 88 -43.19 -117.34 -52.35
CA ASN OA 88 -42.24 -118.16 -53.06
C ASN OA 88 -41.59 -119.19 -52.16
N LEU OA 89 -42.25 -119.53 -51.05
CA LEU OA 89 -41.72 -120.51 -50.11
C LEU OA 89 -41.54 -121.89 -50.75
N ALA OA 90 -42.33 -122.20 -51.76
CA ALA OA 90 -42.32 -123.54 -52.34
C ALA OA 90 -40.93 -123.94 -52.79
N THR OA 91 -40.23 -123.04 -53.48
CA THR OA 91 -38.85 -123.31 -53.89
C THR OA 91 -37.85 -123.10 -52.77
N LEU OA 92 -38.19 -122.28 -51.78
CA LEU OA 92 -37.23 -121.99 -50.72
C LEU OA 92 -36.98 -123.22 -49.86
N LYS OA 93 -37.97 -124.12 -49.75
CA LYS OA 93 -37.74 -125.38 -49.08
C LYS OA 93 -36.65 -126.17 -49.78
N ALA OA 94 -36.67 -126.17 -51.12
CA ALA OA 94 -35.61 -126.83 -51.87
C ALA OA 94 -34.26 -126.19 -51.60
N GLU OA 95 -34.23 -124.86 -51.49
CA GLU OA 95 -33.00 -124.18 -51.08
C GLU OA 95 -32.50 -124.70 -49.74
N TRP OA 96 -33.41 -124.86 -48.78
CA TRP OA 96 -33.01 -125.37 -47.47
C TRP OA 96 -32.49 -126.80 -47.59
N GLU OA 97 -33.07 -127.58 -48.50
CA GLU OA 97 -32.62 -128.96 -48.67
C GLU OA 97 -31.17 -129.00 -49.16
N THR OA 98 -30.87 -128.27 -50.23
CA THR OA 98 -29.52 -128.30 -50.78
C THR OA 98 -28.52 -127.68 -49.81
N HIS OA 99 -28.95 -126.65 -49.07
CA HIS OA 99 -28.07 -126.06 -48.08
C HIS OA 99 -27.67 -127.09 -47.03
N LYS OA 100 -28.60 -127.97 -46.66
CA LYS OA 100 -28.25 -129.08 -45.78
C LYS OA 100 -27.22 -129.98 -46.43
N ARG OA 101 -27.43 -130.30 -47.71
CA ARG OA 101 -26.51 -131.18 -48.41
C ARG OA 101 -25.13 -130.56 -48.54
N ASN OA 102 -25.06 -129.26 -48.83
CA ASN OA 102 -23.78 -128.60 -49.00
C ASN OA 102 -22.96 -128.63 -47.72
N VAL OA 103 -23.56 -128.19 -46.61
CA VAL OA 103 -22.82 -128.09 -45.37
C VAL OA 103 -22.45 -129.49 -44.86
N ASP OA 104 -23.25 -130.50 -45.20
CA ASP OA 104 -22.90 -131.86 -44.80
C ASP OA 104 -21.58 -132.28 -45.43
N THR OA 105 -21.37 -131.94 -46.70
CA THR OA 105 -20.12 -132.27 -47.36
C THR OA 105 -18.95 -131.60 -46.66
N LEU OA 106 -19.10 -130.32 -46.32
CA LEU OA 106 -18.00 -129.59 -45.68
C LEU OA 106 -17.81 -130.04 -44.23
N PHE OA 107 -18.90 -130.14 -43.47
CA PHE OA 107 -18.82 -130.36 -42.04
C PHE OA 107 -18.97 -131.83 -41.67
N ALA OA 108 -20.09 -132.45 -42.02
CA ALA OA 108 -20.35 -133.81 -41.60
C ALA OA 108 -19.33 -134.78 -42.18
N SER OA 109 -19.34 -134.92 -43.51
CA SER OA 109 -18.40 -135.82 -44.16
C SER OA 109 -16.99 -135.25 -44.27
N GLY OA 110 -16.85 -133.93 -44.20
CA GLY OA 110 -15.57 -133.28 -44.36
C GLY OA 110 -14.85 -133.10 -43.05
N ASN OA 111 -13.88 -132.19 -43.05
CA ASN OA 111 -13.08 -131.90 -41.88
C ASN OA 111 -13.18 -130.43 -41.47
N ALA OA 112 -14.25 -129.75 -41.87
CA ALA OA 112 -14.40 -128.35 -41.48
C ALA OA 112 -14.57 -128.20 -39.98
N GLY OA 113 -14.99 -129.25 -39.29
CA GLY OA 113 -15.11 -129.17 -37.83
C GLY OA 113 -13.77 -128.94 -37.16
N LEU OA 114 -12.73 -129.62 -37.62
CA LEU OA 114 -11.39 -129.37 -37.10
C LEU OA 114 -10.86 -128.00 -37.48
N GLY OA 115 -11.46 -127.35 -38.48
CA GLY OA 115 -11.06 -126.02 -38.86
C GLY OA 115 -10.31 -125.97 -40.17
N PHE OA 116 -10.67 -126.84 -41.11
CA PHE OA 116 -9.98 -126.92 -42.39
C PHE OA 116 -11.00 -126.90 -43.52
N LEU OA 117 -11.07 -125.78 -44.23
CA LEU OA 117 -11.87 -125.73 -45.45
C LEU OA 117 -11.21 -126.55 -46.54
N ASP OA 118 -12.02 -127.29 -47.29
CA ASP OA 118 -11.50 -128.10 -48.38
C ASP OA 118 -11.83 -127.43 -49.70
N PRO OA 119 -10.85 -126.89 -50.42
CA PRO OA 119 -11.14 -126.15 -51.65
C PRO OA 119 -11.54 -127.02 -52.83
N THR OA 120 -11.74 -128.32 -52.63
CA THR OA 120 -12.14 -129.20 -53.72
C THR OA 120 -13.37 -130.03 -53.38
N ALA OA 121 -14.08 -129.69 -52.31
CA ALA OA 121 -15.28 -130.44 -51.96
C ALA OA 121 -16.37 -130.21 -53.00
N ALA OA 122 -17.10 -131.28 -53.32
CA ALA OA 122 -18.18 -131.18 -54.28
C ALA OA 122 -19.37 -130.46 -53.66
N ILE OA 123 -19.72 -129.31 -54.22
CA ILE OA 123 -20.82 -128.50 -53.73
C ILE OA 123 -21.75 -128.20 -54.91
N VAL OA 124 -23.02 -128.52 -54.75
CA VAL OA 124 -23.99 -128.47 -55.83
C VAL OA 124 -25.12 -127.53 -55.45
N SER OA 125 -25.69 -126.87 -56.45
CA SER OA 125 -26.71 -125.86 -56.23
C SER OA 125 -28.11 -126.48 -56.29
N SER OA 126 -29.11 -125.67 -55.92
CA SER OA 126 -30.49 -126.14 -55.96
C SER OA 126 -30.93 -126.44 -57.37
N ASP OA 127 -30.55 -125.59 -58.33
CA ASP OA 127 -30.93 -125.80 -59.72
C ASP OA 127 -30.35 -127.12 -60.22
N THR OA 128 -31.20 -127.91 -60.88
CA THR OA 128 -30.81 -129.22 -61.39
C THR OA 128 -30.86 -129.21 -62.91
N THR OA 129 -30.01 -130.01 -63.53
CA THR OA 129 -29.97 -130.11 -64.97
C THR OA 129 -30.93 -131.17 -65.49
N ALA PA 1 -88.08 25.60 -113.25
CA ALA PA 1 -87.54 26.94 -113.19
C ALA PA 1 -86.72 27.14 -111.93
N ASN PA 2 -85.87 26.17 -111.63
CA ASN PA 2 -85.01 26.21 -110.46
C ASN PA 2 -83.69 26.88 -110.80
N LYS PA 3 -83.20 27.69 -109.88
CA LYS PA 3 -81.95 28.40 -110.10
C LYS PA 3 -80.78 27.43 -110.05
N PRO PA 4 -80.00 27.30 -111.12
CA PRO PA 4 -78.88 26.37 -111.09
C PRO PA 4 -77.78 26.84 -110.15
N MET PA 5 -77.03 25.89 -109.61
CA MET PA 5 -75.86 26.20 -108.81
C MET PA 5 -74.62 26.17 -109.70
N GLN PA 6 -73.65 26.97 -109.34
CA GLN PA 6 -72.38 26.89 -110.03
C GLN PA 6 -71.35 26.24 -109.11
N PRO PA 7 -70.53 25.33 -109.62
CA PRO PA 7 -69.63 24.57 -108.74
C PRO PA 7 -68.63 25.50 -108.05
N ILE PA 8 -68.36 25.20 -106.78
CA ILE PA 8 -67.43 26.00 -106.00
C ILE PA 8 -66.16 25.25 -105.64
N THR PA 9 -66.09 23.95 -105.93
CA THR PA 9 -64.89 23.16 -105.65
C THR PA 9 -64.89 21.98 -106.61
N SER PA 10 -64.07 22.08 -107.65
CA SER PA 10 -63.99 21.04 -108.67
C SER PA 10 -62.74 20.20 -108.44
N THR PA 11 -62.92 18.88 -108.48
CA THR PA 11 -61.80 17.95 -108.30
C THR PA 11 -62.14 16.67 -109.05
N ALA PA 12 -61.11 15.88 -109.32
CA ALA PA 12 -61.32 14.60 -110.00
C ALA PA 12 -62.11 13.63 -109.14
N ASN PA 13 -62.26 13.91 -107.85
CA ASN PA 13 -63.00 13.03 -106.96
C ASN PA 13 -64.28 13.64 -106.41
N LYS PA 14 -64.22 14.89 -105.95
CA LYS PA 14 -65.38 15.55 -105.36
C LYS PA 14 -65.66 16.86 -106.08
N ILE PA 15 -66.93 17.07 -106.45
CA ILE PA 15 -67.39 18.34 -106.98
C ILE PA 15 -68.55 18.81 -106.14
N VAL PA 16 -68.52 20.07 -105.72
CA VAL PA 16 -69.52 20.64 -104.85
C VAL PA 16 -70.14 21.84 -105.54
N TRP PA 17 -71.47 21.85 -105.63
CA TRP PA 17 -72.22 22.98 -106.13
C TRP PA 17 -72.82 23.75 -104.97
N SER PA 18 -73.10 25.03 -105.20
CA SER PA 18 -73.69 25.87 -104.18
C SER PA 18 -74.48 26.99 -104.84
N ASP PA 19 -75.58 27.36 -104.21
CA ASP PA 19 -76.47 28.37 -104.77
C ASP PA 19 -75.84 29.75 -104.62
N PRO PA 20 -75.63 30.49 -105.71
CA PRO PA 20 -75.07 31.84 -105.56
C PRO PA 20 -75.89 32.73 -104.66
N THR PA 21 -77.22 32.64 -104.72
CA THR PA 21 -78.05 33.45 -103.85
C THR PA 21 -77.91 33.05 -102.39
N ARG PA 22 -77.89 31.74 -102.13
CA ARG PA 22 -77.77 31.19 -100.77
C ARG PA 22 -76.79 30.03 -100.82
N LEU PA 23 -75.51 30.32 -100.63
CA LEU PA 23 -74.48 29.30 -100.74
C LEU PA 23 -74.47 28.33 -99.57
N SER PA 24 -75.37 28.50 -98.60
CA SER PA 24 -75.54 27.47 -97.58
C SER PA 24 -76.04 26.18 -98.20
N THR PA 25 -76.96 26.28 -99.16
CA THR PA 25 -77.43 25.10 -99.88
C THR PA 25 -76.31 24.53 -100.72
N THR PA 26 -76.10 23.22 -100.61
CA THR PA 26 -75.01 22.56 -101.31
C THR PA 26 -75.51 21.24 -101.89
N PHE PA 27 -74.75 20.73 -102.86
CA PHE PA 27 -74.98 19.41 -103.43
C PHE PA 27 -73.63 18.89 -103.88
N SER PA 28 -73.09 17.89 -103.17
CA SER PA 28 -71.75 17.40 -103.40
C SER PA 28 -71.81 15.97 -103.91
N ALA PA 29 -71.00 15.66 -104.90
CA ALA PA 29 -70.88 14.31 -105.45
C ALA PA 29 -69.43 13.89 -105.37
N SER PA 30 -69.17 12.75 -104.72
CA SER PA 30 -67.84 12.21 -104.58
C SER PA 30 -67.84 10.77 -105.03
N LEU PA 31 -66.86 10.41 -105.86
CA LEU PA 31 -66.74 9.06 -106.40
C LEU PA 31 -65.48 8.41 -105.84
N LEU PA 32 -65.64 7.22 -105.29
CA LEU PA 32 -64.51 6.40 -104.84
C LEU PA 32 -64.45 5.22 -105.78
N ARG PA 33 -63.59 5.30 -106.78
CA ARG PA 33 -63.45 4.24 -107.78
C ARG PA 33 -62.37 3.28 -107.32
N GLN PA 34 -62.71 1.99 -107.32
CA GLN PA 34 -61.76 0.95 -106.94
C GLN PA 34 -62.20 -0.34 -107.59
N ARG PA 35 -61.24 -1.07 -108.16
CA ARG PA 35 -61.52 -2.19 -109.03
C ARG PA 35 -61.19 -3.51 -108.33
N VAL PA 36 -62.10 -4.49 -108.48
CA VAL PA 36 -62.14 -5.69 -107.66
C VAL PA 36 -62.20 -6.91 -108.56
N LYS PA 37 -61.44 -7.94 -108.22
CA LYS PA 37 -61.45 -9.21 -108.94
C LYS PA 37 -62.21 -10.24 -108.11
N VAL PA 38 -63.28 -10.78 -108.66
CA VAL PA 38 -64.06 -11.80 -107.94
C VAL PA 38 -64.26 -13.05 -108.80
N GLY PA 39 -64.91 -12.92 -109.95
CA GLY PA 39 -65.22 -14.07 -110.77
C GLY PA 39 -64.20 -14.35 -111.84
N ILE PA 40 -62.98 -14.67 -111.42
CA ILE PA 40 -61.80 -14.86 -112.29
C ILE PA 40 -61.79 -13.84 -113.42
N ALA PA 41 -62.33 -12.66 -113.16
CA ALA PA 41 -62.45 -11.61 -114.16
C ALA PA 41 -62.45 -10.28 -113.41
N GLU PA 42 -61.66 -9.33 -113.90
CA GLU PA 42 -61.55 -8.06 -113.20
C GLU PA 42 -62.83 -7.24 -113.37
N LEU PA 43 -63.30 -6.68 -112.26
CA LEU PA 43 -64.46 -5.80 -112.26
C LEU PA 43 -64.10 -4.48 -111.58
N ASN PA 44 -64.33 -3.38 -112.28
CA ASN PA 44 -64.11 -2.06 -111.74
C ASN PA 44 -65.39 -1.58 -111.06
N ASN PA 45 -65.28 -1.21 -109.78
CA ASN PA 45 -66.42 -0.79 -108.99
C ASN PA 45 -66.33 0.69 -108.67
N VAL PA 46 -67.49 1.35 -108.61
CA VAL PA 46 -67.58 2.75 -108.25
C VAL PA 46 -68.60 2.89 -107.12
N SER PA 47 -68.33 3.79 -106.19
CA SER PA 47 -69.22 4.07 -105.07
C SER PA 47 -69.56 5.55 -105.12
N GLY PA 48 -70.59 5.91 -105.89
CA GLY PA 48 -70.97 7.29 -106.03
C GLY PA 48 -71.70 7.79 -104.81
N GLN PA 49 -71.11 8.75 -104.11
CA GLN PA 49 -71.72 9.42 -102.98
C GLN PA 49 -72.33 10.72 -103.45
N TYR PA 50 -73.60 10.94 -103.13
CA TYR PA 50 -74.30 12.16 -103.52
C TYR PA 50 -75.02 12.69 -102.30
N VAL PA 51 -74.61 13.87 -101.83
CA VAL PA 51 -75.16 14.48 -100.63
C VAL PA 51 -75.82 15.79 -101.03
N SER PA 52 -77.10 15.93 -100.71
CA SER PA 52 -77.83 17.17 -100.90
C SER PA 52 -78.18 17.72 -99.53
N VAL PA 53 -77.79 18.95 -99.26
CA VAL PA 53 -77.95 19.57 -97.95
C VAL PA 53 -78.69 20.89 -98.13
N TYR PA 54 -79.75 21.08 -97.34
CA TYR PA 54 -80.43 22.36 -97.25
C TYR PA 54 -80.49 22.77 -95.78
N LYS PA 55 -80.54 24.08 -95.56
CA LYS PA 55 -80.46 24.66 -94.23
C LYS PA 55 -81.72 25.49 -94.03
N ARG PA 56 -82.79 24.84 -93.59
CA ARG PA 56 -84.10 25.48 -93.50
C ARG PA 56 -84.31 26.08 -92.12
N PRO PA 57 -84.62 27.37 -92.01
CA PRO PA 57 -84.61 28.02 -90.70
C PRO PA 57 -85.87 27.77 -89.89
N ALA PA 58 -86.10 26.51 -89.50
CA ALA PA 58 -87.12 26.07 -88.57
C ALA PA 58 -88.55 26.39 -89.00
N PRO PA 59 -89.56 25.76 -88.38
CA PRO PA 59 -90.94 26.15 -88.65
C PRO PA 59 -91.49 27.16 -87.65
N LYS PA 60 -91.14 28.43 -87.81
CA LYS PA 60 -91.60 29.47 -86.90
C LYS PA 60 -93.12 29.35 -86.70
N PRO PA 61 -93.60 29.40 -85.44
CA PRO PA 61 -94.96 28.93 -85.15
C PRO PA 61 -96.07 29.52 -85.98
N GLU PA 62 -96.70 28.64 -86.79
CA GLU PA 62 -97.90 28.88 -87.59
C GLU PA 62 -98.08 30.30 -88.12
N GLY PA 63 -99.32 30.77 -88.20
CA GLY PA 63 -99.61 32.05 -88.84
C GLY PA 63 -99.25 33.27 -88.01
N CYS PA 64 -98.91 33.09 -86.74
CA CYS PA 64 -98.42 34.20 -85.94
C CYS PA 64 -97.09 34.72 -86.49
N ALA PA 65 -96.35 33.86 -87.18
CA ALA PA 65 -94.97 34.19 -87.51
C ALA PA 65 -94.90 35.44 -88.37
N ASP PA 66 -94.55 36.55 -87.74
CA ASP PA 66 -94.31 37.84 -88.40
C ASP PA 66 -93.09 38.49 -87.76
N ALA PA 67 -92.67 37.96 -86.62
CA ALA PA 67 -91.51 38.50 -85.91
C ALA PA 67 -90.26 38.32 -86.76
N CYS PA 68 -89.78 39.42 -87.32
CA CYS PA 68 -88.78 39.34 -88.38
C CYS PA 68 -87.37 39.32 -87.79
N VAL PA 69 -87.00 38.18 -87.20
CA VAL PA 69 -85.63 37.90 -86.82
C VAL PA 69 -85.35 36.48 -87.26
N ILE PA 70 -84.10 36.17 -87.61
CA ILE PA 70 -83.79 34.82 -88.06
C ILE PA 70 -83.92 33.83 -86.90
N MET PA 71 -84.63 32.73 -87.15
CA MET PA 71 -84.75 31.65 -86.19
C MET PA 71 -83.48 30.81 -86.22
N PRO PA 72 -83.20 30.02 -85.17
CA PRO PA 72 -82.11 29.06 -85.28
C PRO PA 72 -82.39 28.07 -86.41
N ASN PA 73 -81.36 27.72 -87.16
CA ASN PA 73 -81.55 27.03 -88.43
C ASN PA 73 -81.12 25.58 -88.32
N GLU PA 74 -81.91 24.69 -88.92
CA GLU PA 74 -81.74 23.26 -88.80
C GLU PA 74 -81.34 22.65 -90.14
N ASN PA 75 -80.96 21.37 -90.10
CA ASN PA 75 -80.32 20.70 -91.23
C ASN PA 75 -81.28 19.73 -91.91
N GLN PA 76 -81.24 19.71 -93.23
CA GLN PA 76 -81.99 18.77 -94.04
C GLN PA 76 -81.03 18.15 -95.05
N SER PA 77 -80.64 16.90 -94.82
CA SER PA 77 -79.61 16.25 -95.62
C SER PA 77 -80.17 15.01 -96.30
N ILE PA 78 -79.87 14.86 -97.59
CA ILE PA 78 -80.26 13.70 -98.37
C ILE PA 78 -79.00 13.14 -98.99
N ARG PA 79 -78.43 12.11 -98.38
CA ARG PA 79 -77.20 11.49 -98.86
C ARG PA 79 -77.55 10.18 -99.55
N THR PA 80 -76.91 9.93 -100.69
CA THR PA 80 -77.18 8.75 -101.50
C THR PA 80 -75.87 8.10 -101.90
N VAL PA 81 -75.81 6.78 -101.81
CA VAL PA 81 -74.64 6.00 -102.17
C VAL PA 81 -75.05 5.01 -103.25
N ILE PA 82 -74.34 5.02 -104.37
CA ILE PA 82 -74.58 4.09 -105.47
C ILE PA 82 -73.31 3.29 -105.67
N SER PA 83 -73.40 1.98 -105.47
CA SER PA 83 -72.25 1.09 -105.59
C SER PA 83 -72.58 -0.03 -106.58
N GLY PA 84 -71.65 -0.30 -107.48
CA GLY PA 84 -71.82 -1.37 -108.44
C GLY PA 84 -70.72 -1.32 -109.47
N SER PA 85 -70.52 -2.47 -110.10
CA SER PA 85 -69.48 -2.57 -111.13
C SER PA 85 -69.89 -1.80 -112.37
N ALA PA 86 -68.91 -1.13 -112.98
CA ALA PA 86 -69.18 -0.35 -114.18
C ALA PA 86 -69.47 -1.20 -115.40
N GLU PA 87 -69.08 -2.47 -115.39
CA GLU PA 87 -69.26 -3.33 -116.55
C GLU PA 87 -70.70 -3.77 -116.76
N ASN PA 88 -71.55 -3.62 -115.76
CA ASN PA 88 -72.99 -3.84 -115.90
C ASN PA 88 -73.75 -2.60 -115.44
N LEU PA 89 -73.31 -1.44 -115.93
CA LEU PA 89 -73.98 -0.19 -115.58
C LEU PA 89 -75.40 -0.14 -116.10
N ALA PA 90 -75.69 -0.81 -117.22
CA ALA PA 90 -77.00 -0.71 -117.83
C ALA PA 90 -78.09 -1.17 -116.89
N THR PA 91 -77.87 -2.31 -116.21
CA THR PA 91 -78.85 -2.79 -115.25
C THR PA 91 -78.87 -1.94 -113.99
N LEU PA 92 -77.75 -1.30 -113.65
CA LEU PA 92 -77.73 -0.44 -112.47
C LEU PA 92 -78.65 0.75 -112.63
N LYS PA 93 -78.86 1.19 -113.86
CA LYS PA 93 -79.81 2.28 -114.10
C LYS PA 93 -81.21 1.88 -113.64
N ALA PA 94 -81.62 0.66 -113.98
CA ALA PA 94 -82.94 0.18 -113.57
C ALA PA 94 -83.02 0.07 -112.05
N GLU PA 95 -81.96 -0.40 -111.41
CA GLU PA 95 -81.96 -0.52 -109.96
C GLU PA 95 -82.14 0.85 -109.31
N TRP PA 96 -81.42 1.84 -109.80
CA TRP PA 96 -81.62 3.21 -109.31
C TRP PA 96 -83.02 3.69 -109.63
N GLU PA 97 -83.53 3.36 -110.82
CA GLU PA 97 -84.88 3.76 -111.19
C GLU PA 97 -85.90 3.11 -110.26
N THR PA 98 -85.73 1.81 -110.00
CA THR PA 98 -86.66 1.12 -109.10
C THR PA 98 -86.59 1.70 -107.69
N HIS PA 99 -85.38 2.04 -107.24
CA HIS PA 99 -85.22 2.59 -105.89
C HIS PA 99 -86.08 3.82 -105.68
N LYS PA 100 -86.21 4.66 -106.72
CA LYS PA 100 -87.03 5.86 -106.59
C LYS PA 100 -88.46 5.51 -106.22
N ARG PA 101 -89.15 4.79 -107.10
CA ARG PA 101 -90.54 4.46 -106.84
C ARG PA 101 -90.69 3.57 -105.62
N ASN PA 102 -89.64 2.82 -105.27
CA ASN PA 102 -89.68 2.03 -104.05
C ASN PA 102 -89.68 2.93 -102.83
N VAL PA 103 -88.77 3.89 -102.78
CA VAL PA 103 -88.75 4.84 -101.67
C VAL PA 103 -89.94 5.78 -101.74
N ASP PA 104 -90.29 6.23 -102.95
CA ASP PA 104 -91.39 7.17 -103.11
C ASP PA 104 -92.69 6.57 -102.60
N THR PA 105 -92.92 5.29 -102.87
CA THR PA 105 -94.10 4.62 -102.35
C THR PA 105 -94.09 4.61 -100.82
N LEU PA 106 -92.94 4.31 -100.23
CA LEU PA 106 -92.86 4.22 -98.78
C LEU PA 106 -92.83 5.59 -98.11
N PHE PA 107 -92.19 6.56 -98.74
CA PHE PA 107 -91.92 7.85 -98.10
C PHE PA 107 -92.70 9.00 -98.73
N ALA PA 108 -92.57 9.20 -100.04
CA ALA PA 108 -93.24 10.32 -100.69
C ALA PA 108 -94.75 10.20 -100.58
N SER PA 109 -95.27 8.99 -100.76
CA SER PA 109 -96.70 8.76 -100.63
C SER PA 109 -97.10 8.24 -99.25
N GLY PA 110 -96.20 7.59 -98.54
CA GLY PA 110 -96.49 7.03 -97.23
C GLY PA 110 -96.22 8.00 -96.11
N ASN PA 111 -96.07 7.46 -94.91
CA ASN PA 111 -95.80 8.25 -93.72
C ASN PA 111 -94.42 7.96 -93.13
N ALA PA 112 -93.49 7.52 -93.98
CA ALA PA 112 -92.16 7.19 -93.49
C ALA PA 112 -91.47 8.41 -92.90
N GLY PA 113 -91.63 9.57 -93.54
CA GLY PA 113 -90.98 10.78 -93.05
C GLY PA 113 -91.45 11.16 -91.65
N LEU PA 114 -92.72 10.94 -91.36
CA LEU PA 114 -93.25 11.24 -90.05
C LEU PA 114 -92.77 10.26 -88.98
N GLY PA 115 -92.11 9.18 -89.37
CA GLY PA 115 -91.67 8.18 -88.43
C GLY PA 115 -92.49 6.91 -88.40
N PHE PA 116 -93.37 6.70 -89.38
CA PHE PA 116 -94.30 5.58 -89.38
C PHE PA 116 -93.90 4.59 -90.46
N LEU PA 117 -93.71 3.33 -90.08
CA LEU PA 117 -93.46 2.27 -91.04
C LEU PA 117 -94.77 1.62 -91.45
N ASP PA 118 -94.86 1.28 -92.73
CA ASP PA 118 -96.06 0.64 -93.27
C ASP PA 118 -95.74 -0.79 -93.68
N PRO PA 119 -96.13 -1.79 -92.90
CA PRO PA 119 -95.80 -3.18 -93.22
C PRO PA 119 -96.63 -3.77 -94.35
N THR PA 120 -97.41 -2.96 -95.07
CA THR PA 120 -98.24 -3.45 -96.16
C THR PA 120 -98.06 -2.63 -97.43
N ALA PA 121 -96.97 -1.86 -97.52
CA ALA PA 121 -96.72 -1.08 -98.72
C ALA PA 121 -96.42 -2.00 -99.90
N ALA PA 122 -97.01 -1.67 -101.04
CA ALA PA 122 -96.87 -2.47 -102.26
C ALA PA 122 -95.61 -2.00 -102.99
N ILE PA 123 -94.50 -2.68 -102.73
CA ILE PA 123 -93.23 -2.36 -103.36
C ILE PA 123 -92.88 -3.49 -104.32
N VAL PA 124 -92.05 -3.19 -105.31
CA VAL PA 124 -91.74 -4.14 -106.36
C VAL PA 124 -90.22 -4.24 -106.53
N SER PA 125 -89.80 -5.31 -107.18
CA SER PA 125 -88.39 -5.56 -107.48
C SER PA 125 -88.01 -4.94 -108.81
N SER PA 126 -86.69 -4.82 -109.03
CA SER PA 126 -86.21 -4.20 -110.25
C SER PA 126 -86.57 -5.04 -111.47
N ASP PA 127 -86.30 -6.33 -111.42
CA ASP PA 127 -86.60 -7.19 -112.56
C ASP PA 127 -88.10 -7.32 -112.76
N THR PA 128 -88.51 -7.43 -114.02
CA THR PA 128 -89.92 -7.49 -114.37
C THR PA 128 -90.46 -8.90 -114.13
N THR PA 129 -91.66 -9.16 -114.63
CA THR PA 129 -92.29 -10.47 -114.50
C THR PA 129 -91.48 -11.54 -115.23
N ALA QA 1 -59.51 5.45 -136.11
CA ALA QA 1 -60.76 4.73 -135.89
C ALA QA 1 -60.70 3.95 -134.58
N ASN QA 2 -60.25 4.61 -133.54
CA ASN QA 2 -60.12 3.99 -132.22
C ASN QA 2 -60.88 4.82 -131.20
N LYS QA 3 -61.41 4.15 -130.19
CA LYS QA 3 -62.21 4.83 -129.19
C LYS QA 3 -61.33 5.79 -128.40
N PRO QA 4 -61.69 7.07 -128.32
CA PRO QA 4 -60.89 8.02 -127.56
C PRO QA 4 -61.08 7.81 -126.06
N MET QA 5 -60.17 8.40 -125.30
CA MET QA 5 -60.19 8.32 -123.85
C MET QA 5 -60.59 9.66 -123.25
N GLN QA 6 -60.95 9.63 -121.98
CA GLN QA 6 -61.26 10.83 -121.22
C GLN QA 6 -60.47 10.82 -119.92
N PRO QA 7 -60.12 11.98 -119.39
CA PRO QA 7 -59.32 12.03 -118.17
C PRO QA 7 -60.07 11.44 -116.99
N ILE QA 8 -59.30 10.84 -116.08
CA ILE QA 8 -59.83 10.27 -114.84
C ILE QA 8 -59.44 11.11 -113.64
N THR QA 9 -58.14 11.30 -113.43
CA THR QA 9 -57.63 11.99 -112.24
C THR QA 9 -56.79 13.17 -112.71
N SER QA 10 -57.45 14.31 -112.94
CA SER QA 10 -56.73 15.54 -113.21
C SER QA 10 -55.98 15.98 -111.96
N THR QA 11 -54.71 16.35 -112.15
CA THR QA 11 -53.87 16.72 -111.03
C THR QA 11 -52.85 17.72 -111.56
N ALA QA 12 -52.23 18.46 -110.64
CA ALA QA 12 -51.26 19.48 -111.01
C ALA QA 12 -50.16 18.90 -111.89
N ASN QA 13 -49.69 17.69 -111.58
CA ASN QA 13 -48.56 17.11 -112.27
C ASN QA 13 -48.86 15.75 -112.90
N LYS QA 14 -50.14 15.38 -113.04
CA LYS QA 14 -50.47 14.11 -113.65
C LYS QA 14 -51.92 14.12 -114.12
N ILE QA 15 -52.15 13.50 -115.28
CA ILE QA 15 -53.49 13.22 -115.77
C ILE QA 15 -53.55 11.75 -116.16
N VAL QA 16 -54.57 11.06 -115.67
CA VAL QA 16 -54.78 9.65 -115.97
C VAL QA 16 -55.97 9.53 -116.90
N TRP QA 17 -55.79 8.84 -118.01
CA TRP QA 17 -56.81 8.69 -119.03
C TRP QA 17 -57.30 7.25 -119.04
N SER QA 18 -58.53 7.04 -119.49
CA SER QA 18 -59.09 5.70 -119.55
C SER QA 18 -60.16 5.63 -120.62
N ASP QA 19 -60.42 4.41 -121.07
CA ASP QA 19 -61.46 4.14 -122.04
C ASP QA 19 -62.78 3.83 -121.32
N PRO QA 20 -63.87 4.54 -121.61
CA PRO QA 20 -65.13 4.24 -120.93
C PRO QA 20 -65.60 2.82 -121.16
N THR QA 21 -65.40 2.27 -122.37
CA THR QA 21 -65.88 0.92 -122.65
C THR QA 21 -65.06 -0.14 -121.96
N ARG QA 22 -63.84 0.19 -121.52
CA ARG QA 22 -63.00 -0.77 -120.80
C ARG QA 22 -62.07 0.03 -119.91
N LEU QA 23 -62.42 0.15 -118.63
CA LEU QA 23 -61.65 0.96 -117.71
C LEU QA 23 -60.28 0.38 -117.42
N SER QA 24 -60.02 -0.86 -117.82
CA SER QA 24 -58.71 -1.46 -117.59
C SER QA 24 -57.63 -0.72 -118.36
N THR QA 25 -57.90 -0.36 -119.61
CA THR QA 25 -56.93 0.37 -120.40
C THR QA 25 -56.68 1.75 -119.80
N THR QA 26 -55.42 2.17 -119.79
CA THR QA 26 -55.06 3.40 -119.10
C THR QA 26 -53.83 4.00 -119.75
N PHE QA 27 -53.84 5.33 -119.88
CA PHE QA 27 -52.69 6.09 -120.36
C PHE QA 27 -52.50 7.27 -119.42
N SER QA 28 -51.39 7.32 -118.71
CA SER QA 28 -51.12 8.37 -117.74
C SER QA 28 -49.84 9.09 -118.09
N ALA QA 29 -49.84 10.42 -117.93
CA ALA QA 29 -48.68 11.25 -118.16
C ALA QA 29 -48.39 12.07 -116.91
N SER QA 30 -47.13 12.06 -116.47
CA SER QA 30 -46.72 12.79 -115.28
C SER QA 30 -45.49 13.62 -115.63
N LEU QA 31 -45.48 14.87 -115.18
CA LEU QA 31 -44.41 15.81 -115.51
C LEU QA 31 -43.78 16.35 -114.24
N LEU QA 32 -42.45 16.32 -114.19
CA LEU QA 32 -41.70 16.91 -113.09
C LEU QA 32 -40.78 17.97 -113.67
N ARG QA 33 -40.94 19.21 -113.19
CA ARG QA 33 -40.12 20.32 -113.63
C ARG QA 33 -39.54 21.02 -112.39
N GLN QA 34 -38.30 21.49 -112.52
CA GLN QA 34 -37.67 22.15 -111.39
C GLN QA 34 -36.56 23.07 -111.90
N ARG QA 35 -35.74 23.54 -110.97
CA ARG QA 35 -34.87 24.70 -111.16
C ARG QA 35 -33.44 24.21 -111.31
N VAL QA 36 -32.90 24.24 -112.53
CA VAL QA 36 -31.57 23.72 -112.79
C VAL QA 36 -30.81 24.70 -113.67
N LYS QA 37 -29.57 25.00 -113.28
CA LYS QA 37 -28.70 25.84 -114.08
C LYS QA 37 -27.30 25.25 -114.09
N VAL QA 38 -26.62 25.32 -115.23
CA VAL QA 38 -25.37 24.59 -115.39
C VAL QA 38 -24.20 25.51 -115.71
N GLY QA 39 -24.24 26.13 -116.89
CA GLY QA 39 -23.11 26.90 -117.36
C GLY QA 39 -23.16 28.39 -117.10
N ILE QA 40 -23.43 28.77 -115.85
CA ILE QA 40 -23.69 30.16 -115.47
C ILE QA 40 -24.67 30.75 -116.48
N ALA QA 41 -25.51 29.88 -117.04
CA ALA QA 41 -26.60 30.27 -117.93
C ALA QA 41 -27.85 29.58 -117.42
N GLU QA 42 -28.81 30.36 -116.92
CA GLU QA 42 -29.94 29.78 -116.21
C GLU QA 42 -30.75 28.92 -117.17
N LEU QA 43 -31.32 27.84 -116.65
CA LEU QA 43 -31.91 26.81 -117.48
C LEU QA 43 -33.14 26.27 -116.76
N ASN QA 44 -33.99 25.55 -117.50
CA ASN QA 44 -35.19 24.94 -116.93
C ASN QA 44 -35.30 23.51 -117.40
N ASN QA 45 -35.43 22.58 -116.47
CA ASN QA 45 -35.45 21.15 -116.77
C ASN QA 45 -36.85 20.60 -116.61
N VAL QA 46 -37.29 19.81 -117.58
CA VAL QA 46 -38.58 19.14 -117.55
C VAL QA 46 -38.35 17.66 -117.78
N SER QA 47 -38.90 16.82 -116.90
CA SER QA 47 -38.73 15.38 -116.96
C SER QA 47 -40.11 14.74 -117.11
N GLY QA 48 -40.52 14.49 -118.35
CA GLY QA 48 -41.81 13.87 -118.61
C GLY QA 48 -41.79 12.38 -118.30
N GLN QA 49 -42.98 11.80 -118.23
CA GLN QA 49 -43.14 10.39 -117.94
C GLN QA 49 -44.52 9.94 -118.42
N TYR QA 50 -44.54 9.01 -119.37
CA TYR QA 50 -45.77 8.57 -120.01
C TYR QA 50 -45.87 7.06 -119.89
N VAL QA 51 -46.97 6.58 -119.32
CA VAL QA 51 -47.18 5.17 -119.07
C VAL QA 51 -48.48 4.76 -119.76
N SER QA 52 -48.41 3.71 -120.58
CA SER QA 52 -49.57 3.13 -121.22
C SER QA 52 -49.73 1.71 -120.72
N VAL QA 53 -50.90 1.39 -120.16
CA VAL QA 53 -51.17 0.09 -119.58
C VAL QA 53 -52.41 -0.48 -120.25
N TYR QA 54 -52.30 -1.73 -120.72
CA TYR QA 54 -53.42 -2.43 -121.32
C TYR QA 54 -53.38 -3.87 -120.80
N LYS QA 55 -54.28 -4.18 -119.87
CA LYS QA 55 -54.41 -5.56 -119.43
C LYS QA 55 -55.03 -6.38 -120.55
N ARG QA 56 -54.39 -7.49 -120.90
CA ARG QA 56 -54.77 -8.22 -122.08
C ARG QA 56 -54.92 -9.71 -121.78
N PRO QA 57 -55.99 -10.34 -122.26
CA PRO QA 57 -56.18 -11.77 -121.99
C PRO QA 57 -55.07 -12.61 -122.61
N ALA QA 58 -54.77 -13.71 -121.94
CA ALA QA 58 -53.77 -14.63 -122.45
C ALA QA 58 -54.22 -15.23 -123.78
N PRO QA 59 -53.28 -15.61 -124.65
CA PRO QA 59 -53.67 -16.17 -125.95
C PRO QA 59 -54.33 -17.52 -125.77
N LYS QA 60 -55.59 -17.60 -126.21
CA LYS QA 60 -56.33 -18.86 -126.15
C LYS QA 60 -55.71 -19.88 -127.09
N PRO QA 61 -55.88 -21.17 -126.79
CA PRO QA 61 -55.23 -22.21 -127.60
C PRO QA 61 -55.63 -22.11 -129.07
N GLU QA 62 -54.65 -22.29 -129.94
CA GLU QA 62 -54.84 -22.12 -131.37
C GLU QA 62 -55.53 -23.35 -131.95
N GLY QA 63 -55.87 -23.27 -133.23
CA GLY QA 63 -56.56 -24.36 -133.88
C GLY QA 63 -58.01 -24.46 -133.51
N CYS QA 64 -58.51 -23.54 -132.69
CA CYS QA 64 -59.90 -23.56 -132.26
C CYS QA 64 -60.38 -22.17 -131.89
N ALA QA 65 -61.17 -21.57 -132.77
CA ALA QA 65 -61.91 -20.37 -132.43
C ALA QA 65 -63.14 -20.80 -131.65
N ASP QA 66 -62.97 -21.03 -130.35
CA ASP QA 66 -64.08 -21.44 -129.51
C ASP QA 66 -65.04 -20.26 -129.33
N ALA QA 67 -66.26 -20.55 -128.89
CA ALA QA 67 -67.22 -19.47 -128.68
C ALA QA 67 -66.72 -18.50 -127.62
N CYS QA 68 -66.41 -18.99 -126.41
CA CYS QA 68 -66.04 -18.12 -125.31
C CYS QA 68 -65.51 -18.89 -124.11
N VAL QA 69 -64.26 -18.63 -123.72
CA VAL QA 69 -63.49 -19.53 -122.85
C VAL QA 69 -62.71 -18.80 -121.77
N ILE QA 70 -62.53 -17.48 -121.92
CA ILE QA 70 -61.99 -16.61 -120.87
C ILE QA 70 -60.63 -17.05 -120.35
N MET QA 71 -59.57 -16.73 -121.06
CA MET QA 71 -58.22 -16.85 -120.50
C MET QA 71 -57.97 -15.73 -119.50
N PRO QA 72 -57.18 -15.97 -118.45
CA PRO QA 72 -56.80 -14.88 -117.55
C PRO QA 72 -55.94 -13.85 -118.27
N ASN QA 73 -56.02 -12.61 -117.81
CA ASN QA 73 -55.36 -11.50 -118.49
C ASN QA 73 -53.97 -11.25 -117.91
N GLU QA 74 -53.09 -10.78 -118.77
CA GLU QA 74 -51.74 -10.39 -118.41
C GLU QA 74 -51.60 -8.87 -118.44
N ASN QA 75 -50.45 -8.39 -118.00
CA ASN QA 75 -50.18 -6.96 -117.94
C ASN QA 75 -49.22 -6.57 -119.06
N GLN QA 76 -49.65 -5.65 -119.90
CA GLN QA 76 -48.80 -5.08 -120.95
C GLN QA 76 -48.56 -3.62 -120.61
N SER QA 77 -47.30 -3.24 -120.49
CA SER QA 77 -46.93 -1.90 -120.06
C SER QA 77 -45.86 -1.32 -120.97
N ILE QA 78 -46.00 -0.04 -121.28
CA ILE QA 78 -45.02 0.71 -122.06
C ILE QA 78 -44.81 2.04 -121.36
N ARG QA 79 -43.64 2.24 -120.76
CA ARG QA 79 -43.34 3.47 -120.05
C ARG QA 79 -42.17 4.17 -120.73
N THR QA 80 -42.33 5.46 -120.99
CA THR QA 80 -41.26 6.28 -121.55
C THR QA 80 -41.05 7.49 -120.66
N VAL QA 81 -39.79 7.88 -120.51
CA VAL QA 81 -39.40 9.05 -119.74
C VAL QA 81 -38.60 9.97 -120.65
N ILE QA 82 -39.04 11.22 -120.75
CA ILE QA 82 -38.36 12.22 -121.55
C ILE QA 82 -37.83 13.27 -120.58
N SER QA 83 -36.51 13.38 -120.51
CA SER QA 83 -35.86 14.35 -119.65
C SER QA 83 -35.01 15.28 -120.49
N GLY QA 84 -35.11 16.58 -120.21
CA GLY QA 84 -34.39 17.55 -120.99
C GLY QA 84 -34.85 18.95 -120.64
N SER QA 85 -34.15 19.91 -121.20
CA SER QA 85 -34.46 21.31 -120.93
C SER QA 85 -35.44 21.86 -121.97
N ALA QA 86 -36.33 22.73 -121.50
CA ALA QA 86 -37.32 23.32 -122.40
C ALA QA 86 -36.67 24.26 -123.41
N GLU QA 87 -35.50 24.82 -123.06
CA GLU QA 87 -34.85 25.79 -123.93
C GLU QA 87 -34.47 25.17 -125.27
N ASN QA 88 -33.90 23.97 -125.26
CA ASN QA 88 -33.52 23.28 -126.48
C ASN QA 88 -34.49 22.14 -126.82
N LEU QA 89 -35.78 22.35 -126.57
CA LEU QA 89 -36.76 21.32 -126.88
C LEU QA 89 -36.81 21.00 -128.36
N ALA QA 90 -36.52 21.99 -129.20
CA ALA QA 90 -36.64 21.80 -130.65
C ALA QA 90 -35.74 20.66 -131.13
N THR QA 91 -34.49 20.64 -130.66
CA THR QA 91 -33.62 19.52 -130.99
C THR QA 91 -33.98 18.28 -130.20
N LEU QA 92 -34.59 18.45 -129.03
CA LEU QA 92 -35.02 17.29 -128.25
C LEU QA 92 -36.09 16.51 -128.98
N LYS QA 93 -36.98 17.20 -129.68
CA LYS QA 93 -38.00 16.51 -130.47
C LYS QA 93 -37.35 15.65 -131.55
N ALA QA 94 -36.31 16.15 -132.20
CA ALA QA 94 -35.61 15.36 -133.20
C ALA QA 94 -35.00 14.11 -132.58
N GLU QA 95 -34.39 14.25 -131.40
CA GLU QA 95 -33.83 13.10 -130.71
C GLU QA 95 -34.92 12.09 -130.35
N TRP QA 96 -36.09 12.58 -129.94
CA TRP QA 96 -37.22 11.69 -129.72
C TRP QA 96 -37.62 11.01 -131.03
N GLU QA 97 -37.58 11.75 -132.13
CA GLU QA 97 -37.94 11.16 -133.42
C GLU QA 97 -37.00 10.03 -133.80
N THR QA 98 -35.69 10.25 -133.62
CA THR QA 98 -34.74 9.20 -133.97
C THR QA 98 -34.79 8.06 -132.97
N HIS QA 99 -35.20 8.34 -131.72
CA HIS QA 99 -35.37 7.28 -130.75
C HIS QA 99 -36.47 6.32 -131.18
N LYS QA 100 -37.48 6.85 -131.87
CA LYS QA 100 -38.51 5.99 -132.44
C LYS QA 100 -37.91 5.01 -133.43
N ARG QA 101 -37.04 5.51 -134.32
CA ARG QA 101 -36.46 4.65 -135.35
C ARG QA 101 -35.62 3.55 -134.74
N ASN QA 102 -34.80 3.89 -133.74
CA ASN QA 102 -33.91 2.89 -133.15
C ASN QA 102 -34.70 1.75 -132.53
N VAL QA 103 -35.76 2.07 -131.79
CA VAL QA 103 -36.59 1.02 -131.22
C VAL QA 103 -37.30 0.25 -132.32
N ASP QA 104 -37.82 0.98 -133.32
CA ASP QA 104 -38.59 0.33 -134.38
C ASP QA 104 -37.73 -0.67 -135.14
N THR QA 105 -36.52 -0.29 -135.51
CA THR QA 105 -35.66 -1.22 -136.24
C THR QA 105 -35.22 -2.37 -135.36
N LEU QA 106 -35.28 -2.20 -134.05
CA LEU QA 106 -34.83 -3.23 -133.12
C LEU QA 106 -35.98 -4.03 -132.53
N PHE QA 107 -37.11 -3.39 -132.23
CA PHE QA 107 -38.25 -4.06 -131.63
C PHE QA 107 -39.33 -4.41 -132.65
N ALA QA 108 -39.71 -3.43 -133.49
CA ALA QA 108 -40.81 -3.67 -134.42
C ALA QA 108 -40.38 -4.58 -135.56
N SER QA 109 -39.43 -4.13 -136.37
CA SER QA 109 -38.97 -4.96 -137.47
C SER QA 109 -38.21 -6.18 -136.95
N GLY QA 110 -37.34 -5.98 -135.97
CA GLY QA 110 -36.61 -7.08 -135.37
C GLY QA 110 -37.46 -7.87 -134.42
N ASN QA 111 -36.86 -8.93 -133.88
CA ASN QA 111 -37.54 -9.81 -132.93
C ASN QA 111 -36.97 -9.69 -131.54
N ALA QA 112 -36.61 -8.47 -131.12
CA ALA QA 112 -36.12 -8.27 -129.77
C ALA QA 112 -37.19 -8.57 -128.73
N GLY QA 113 -38.46 -8.33 -129.08
CA GLY QA 113 -39.52 -8.66 -128.15
C GLY QA 113 -39.58 -10.13 -127.82
N LEU QA 114 -39.14 -10.98 -128.75
CA LEU QA 114 -39.01 -12.39 -128.43
C LEU QA 114 -37.97 -12.61 -127.35
N GLY QA 115 -36.88 -11.85 -127.39
CA GLY QA 115 -35.79 -12.03 -126.45
C GLY QA 115 -34.46 -12.17 -127.15
N PHE QA 116 -34.43 -11.84 -128.43
CA PHE QA 116 -33.24 -11.97 -129.26
C PHE QA 116 -32.63 -10.59 -129.50
N LEU QA 117 -31.38 -10.42 -129.09
CA LEU QA 117 -30.65 -9.19 -129.33
C LEU QA 117 -29.81 -9.33 -130.59
N ASP QA 118 -29.92 -8.35 -131.47
CA ASP QA 118 -29.21 -8.38 -132.75
C ASP QA 118 -28.10 -7.32 -132.74
N PRO QA 119 -26.85 -7.70 -132.58
CA PRO QA 119 -25.78 -6.69 -132.51
C PRO QA 119 -25.40 -6.12 -133.86
N THR QA 120 -26.14 -6.50 -134.91
CA THR QA 120 -25.84 -6.04 -136.26
C THR QA 120 -26.96 -5.16 -136.83
N ALA QA 121 -27.85 -4.66 -135.97
CA ALA QA 121 -28.92 -3.81 -136.45
C ALA QA 121 -28.40 -2.44 -136.85
N ALA QA 122 -29.16 -1.77 -137.72
CA ALA QA 122 -28.80 -0.44 -138.21
C ALA QA 122 -29.36 0.61 -137.24
N ILE QA 123 -28.47 1.23 -136.48
CA ILE QA 123 -28.86 2.21 -135.48
C ILE QA 123 -28.22 3.55 -135.85
N VAL QA 124 -29.07 4.55 -136.08
CA VAL QA 124 -28.66 5.81 -136.70
C VAL QA 124 -28.71 6.91 -135.65
N SER QA 125 -27.81 7.89 -135.79
CA SER QA 125 -27.74 9.00 -134.85
C SER QA 125 -28.82 10.04 -135.14
N SER QA 126 -29.14 10.82 -134.11
CA SER QA 126 -29.99 11.98 -134.31
C SER QA 126 -29.32 13.01 -135.21
N ASP QA 127 -28.01 13.22 -135.02
CA ASP QA 127 -27.29 14.19 -135.82
C ASP QA 127 -27.24 13.75 -137.28
N THR QA 128 -27.49 14.69 -138.18
CA THR QA 128 -27.45 14.39 -139.59
C THR QA 128 -26.00 14.36 -140.09
N THR QA 129 -25.82 13.75 -141.26
CA THR QA 129 -24.49 13.68 -141.86
C THR QA 129 -24.14 14.98 -142.58
N ALA RA 1 -52.37 41.87 -129.44
CA ALA RA 1 -52.77 40.75 -128.61
C ALA RA 1 -51.60 40.27 -127.76
N ASN RA 2 -51.92 39.59 -126.66
CA ASN RA 2 -50.93 39.12 -125.71
C ASN RA 2 -50.91 37.60 -125.70
N LYS RA 3 -49.76 37.03 -125.40
CA LYS RA 3 -49.63 35.59 -125.34
C LYS RA 3 -50.37 35.05 -124.13
N PRO RA 4 -51.38 34.20 -124.31
CA PRO RA 4 -52.04 33.59 -123.15
C PRO RA 4 -51.13 32.58 -122.48
N MET RA 5 -51.33 32.40 -121.19
CA MET RA 5 -50.63 31.33 -120.48
C MET RA 5 -51.54 30.11 -120.37
N GLN RA 6 -51.02 29.07 -119.72
CA GLN RA 6 -51.77 27.86 -119.45
C GLN RA 6 -51.52 27.46 -118.01
N PRO RA 7 -52.46 26.76 -117.38
CA PRO RA 7 -52.25 26.34 -115.99
C PRO RA 7 -51.05 25.41 -115.87
N ILE RA 8 -50.33 25.55 -114.77
CA ILE RA 8 -49.13 24.76 -114.51
C ILE RA 8 -49.39 23.87 -113.31
N THR RA 9 -50.25 24.34 -112.41
CA THR RA 9 -50.55 23.62 -111.18
C THR RA 9 -52.02 23.86 -110.84
N SER RA 10 -52.83 22.84 -111.01
CA SER RA 10 -54.27 22.94 -110.74
C SER RA 10 -54.58 22.31 -109.40
N THR RA 11 -55.29 23.05 -108.55
CA THR RA 11 -55.62 22.59 -107.21
C THR RA 11 -56.95 23.23 -106.83
N ALA RA 12 -57.61 22.63 -105.84
CA ALA RA 12 -58.89 23.16 -105.39
C ALA RA 12 -58.76 24.59 -104.86
N ASN RA 13 -57.56 25.01 -104.48
CA ASN RA 13 -57.33 26.37 -103.98
C ASN RA 13 -56.45 27.19 -104.90
N LYS RA 14 -55.25 26.71 -105.23
CA LYS RA 14 -54.28 27.47 -105.98
C LYS RA 14 -54.19 26.98 -107.41
N ILE RA 15 -54.22 27.92 -108.36
CA ILE RA 15 -53.95 27.65 -109.77
C ILE RA 15 -52.96 28.68 -110.25
N VAL RA 16 -51.90 28.22 -110.91
CA VAL RA 16 -50.85 29.10 -111.41
C VAL RA 16 -50.74 28.92 -112.92
N TRP RA 17 -50.51 30.03 -113.62
CA TRP RA 17 -50.29 30.02 -115.05
C TRP RA 17 -48.86 30.46 -115.35
N SER RA 18 -48.34 30.04 -116.49
CA SER RA 18 -47.04 30.49 -116.95
C SER RA 18 -47.03 30.54 -118.47
N ASP RA 19 -46.26 31.48 -119.00
CA ASP RA 19 -46.22 31.68 -120.44
C ASP RA 19 -45.31 30.65 -121.10
N PRO RA 20 -45.77 29.93 -122.12
CA PRO RA 20 -44.88 28.98 -122.79
C PRO RA 20 -43.65 29.62 -123.38
N THR RA 21 -43.76 30.82 -123.95
CA THR RA 21 -42.61 31.46 -124.56
C THR RA 21 -41.66 32.06 -123.53
N ARG RA 22 -42.08 32.17 -122.27
CA ARG RA 22 -41.22 32.69 -121.22
C ARG RA 22 -41.71 32.09 -119.90
N LEU RA 23 -41.01 31.07 -119.42
CA LEU RA 23 -41.44 30.38 -118.20
C LEU RA 23 -41.33 31.26 -116.96
N SER RA 24 -40.54 32.33 -117.03
CA SER RA 24 -40.33 33.16 -115.84
C SER RA 24 -41.62 33.86 -115.41
N THR RA 25 -42.33 34.45 -116.36
CA THR RA 25 -43.53 35.21 -116.01
C THR RA 25 -44.66 34.26 -115.62
N THR RA 26 -45.31 34.55 -114.49
CA THR RA 26 -46.38 33.71 -113.97
C THR RA 26 -47.49 34.58 -113.42
N PHE RA 27 -48.67 33.98 -113.29
CA PHE RA 27 -49.80 34.61 -112.62
C PHE RA 27 -50.46 33.55 -111.75
N SER RA 28 -50.42 33.74 -110.44
CA SER RA 28 -50.90 32.76 -109.49
C SER RA 28 -52.14 33.30 -108.79
N ALA RA 29 -53.22 32.53 -108.82
CA ALA RA 29 -54.46 32.88 -108.13
C ALA RA 29 -54.72 31.84 -107.06
N SER RA 30 -54.72 32.27 -105.79
CA SER RA 30 -55.00 31.41 -104.66
C SER RA 30 -56.17 31.97 -103.89
N LEU RA 31 -57.04 31.09 -103.43
CA LEU RA 31 -58.27 31.49 -102.77
C LEU RA 31 -58.44 30.73 -101.46
N LEU RA 32 -58.98 31.42 -100.46
CA LEU RA 32 -59.29 30.81 -99.17
C LEU RA 32 -60.74 31.16 -98.83
N ARG RA 33 -61.59 30.15 -98.78
CA ARG RA 33 -63.00 30.32 -98.47
C ARG RA 33 -63.22 30.06 -96.98
N GLN RA 34 -63.86 31.00 -96.31
CA GLN RA 34 -64.03 30.94 -94.87
C GLN RA 34 -65.48 31.26 -94.51
N ARG RA 35 -65.97 30.58 -93.47
CA ARG RA 35 -67.31 30.80 -92.95
C ARG RA 35 -67.19 31.47 -91.59
N VAL RA 36 -67.66 32.70 -91.49
CA VAL RA 36 -67.51 33.50 -90.28
C VAL RA 36 -68.85 34.10 -89.90
N LYS RA 37 -69.19 34.03 -88.62
CA LYS RA 37 -70.40 34.66 -88.09
C LYS RA 37 -70.01 36.05 -87.60
N VAL RA 38 -70.20 37.06 -88.46
CA VAL RA 38 -69.84 38.42 -88.10
C VAL RA 38 -70.69 38.90 -86.92
N GLY RA 39 -71.99 38.63 -86.98
CA GLY RA 39 -72.87 38.94 -85.87
C GLY RA 39 -74.29 38.53 -86.17
N ILE RA 40 -74.91 37.81 -85.24
CA ILE RA 40 -76.28 37.28 -85.31
C ILE RA 40 -76.66 36.87 -86.73
N ALA RA 41 -75.68 36.38 -87.49
CA ALA RA 41 -75.88 35.97 -88.87
C ALA RA 41 -74.63 35.25 -89.34
N GLU RA 42 -74.83 34.25 -90.18
CA GLU RA 42 -73.73 33.43 -90.68
C GLU RA 42 -73.31 33.93 -92.05
N LEU RA 43 -72.02 34.24 -92.20
CA LEU RA 43 -71.49 34.82 -93.42
C LEU RA 43 -70.35 33.95 -93.94
N ASN RA 44 -70.12 34.04 -95.25
CA ASN RA 44 -69.07 33.30 -95.93
C ASN RA 44 -68.05 34.28 -96.51
N ASN RA 45 -66.86 34.30 -95.92
CA ASN RA 45 -65.80 35.17 -96.39
C ASN RA 45 -64.95 34.46 -97.43
N VAL RA 46 -64.51 35.21 -98.43
CA VAL RA 46 -63.64 34.70 -99.48
C VAL RA 46 -62.49 35.69 -99.66
N SER RA 47 -61.27 35.19 -99.62
CA SER RA 47 -60.07 36.00 -99.82
C SER RA 47 -59.25 35.39 -100.93
N GLY RA 48 -58.93 36.20 -101.95
CA GLY RA 48 -58.17 35.70 -103.08
C GLY RA 48 -56.90 36.47 -103.35
N GLN RA 49 -55.75 35.83 -103.17
CA GLN RA 49 -54.45 36.43 -103.44
C GLN RA 49 -54.14 36.22 -104.91
N TYR RA 50 -54.10 37.31 -105.67
CA TYR RA 50 -53.76 37.28 -107.08
C TYR RA 50 -52.38 37.90 -107.26
N VAL RA 51 -51.41 37.07 -107.60
CA VAL RA 51 -50.01 37.49 -107.71
C VAL RA 51 -49.55 37.27 -109.14
N SER RA 52 -49.06 38.33 -109.77
CA SER RA 52 -48.44 38.24 -111.08
C SER RA 52 -46.97 38.62 -110.93
N VAL RA 53 -46.09 37.78 -111.48
CA VAL RA 53 -44.65 37.95 -111.31
C VAL RA 53 -44.00 38.00 -112.69
N TYR RA 54 -43.12 38.97 -112.89
CA TYR RA 54 -42.35 39.09 -114.12
C TYR RA 54 -40.89 39.32 -113.76
N LYS RA 55 -40.01 38.63 -114.49
CA LYS RA 55 -38.58 38.80 -114.37
C LYS RA 55 -38.09 39.61 -115.56
N ARG RA 56 -37.50 40.78 -115.28
CA ARG RA 56 -37.03 41.67 -116.35
C ARG RA 56 -35.59 42.06 -116.06
N PRO RA 57 -34.71 42.02 -117.06
CA PRO RA 57 -33.32 42.43 -116.82
C PRO RA 57 -33.23 43.91 -116.54
N ALA RA 58 -32.19 44.29 -115.78
CA ALA RA 58 -31.95 45.69 -115.51
C ALA RA 58 -31.59 46.42 -116.80
N PRO RA 59 -31.88 47.71 -116.90
CA PRO RA 59 -31.57 48.44 -118.14
C PRO RA 59 -30.07 48.44 -118.42
N LYS RA 60 -29.74 48.37 -119.70
CA LYS RA 60 -28.34 48.30 -120.10
C LYS RA 60 -27.64 49.62 -119.82
N PRO RA 61 -26.36 49.58 -119.45
CA PRO RA 61 -25.58 50.82 -119.40
C PRO RA 61 -25.52 51.45 -120.78
N GLU RA 62 -25.60 52.77 -120.81
CA GLU RA 62 -25.71 53.50 -122.06
C GLU RA 62 -24.45 53.34 -122.90
N GLY RA 63 -24.61 53.44 -124.22
CA GLY RA 63 -23.51 53.50 -125.14
C GLY RA 63 -22.86 52.18 -125.50
N CYS RA 64 -23.38 51.05 -125.03
CA CYS RA 64 -22.82 49.77 -125.42
C CYS RA 64 -23.91 48.71 -125.42
N ALA RA 65 -24.25 48.22 -126.59
CA ALA RA 65 -25.00 46.98 -126.69
C ALA RA 65 -24.07 45.78 -126.76
N ASP RA 66 -22.83 46.00 -127.19
CA ASP RA 66 -21.83 44.97 -127.43
C ASP RA 66 -22.47 43.84 -128.23
N ALA RA 67 -22.27 42.60 -127.80
CA ALA RA 67 -23.02 41.50 -128.37
C ALA RA 67 -23.72 40.73 -127.25
N CYS RA 68 -23.00 40.52 -126.15
CA CYS RA 68 -23.35 39.52 -125.16
C CYS RA 68 -23.00 40.06 -123.78
N VAL RA 69 -23.96 40.77 -123.17
CA VAL RA 69 -23.75 41.39 -121.85
C VAL RA 69 -24.52 40.63 -120.77
N ILE RA 70 -25.85 40.60 -120.88
CA ILE RA 70 -26.74 39.85 -119.98
C ILE RA 70 -26.52 40.23 -118.51
N MET RA 71 -27.27 41.21 -118.04
CA MET RA 71 -27.30 41.57 -116.62
C MET RA 71 -28.43 40.83 -115.93
N PRO RA 72 -28.39 40.68 -114.60
CA PRO RA 72 -29.41 39.90 -113.91
C PRO RA 72 -30.80 40.53 -114.04
N ASN RA 73 -31.81 39.68 -113.86
CA ASN RA 73 -33.20 40.05 -114.05
C ASN RA 73 -33.75 40.63 -112.76
N GLU RA 74 -34.30 41.84 -112.83
CA GLU RA 74 -34.99 42.42 -111.70
C GLU RA 74 -36.38 41.81 -111.54
N ASN RA 75 -36.78 41.61 -110.29
CA ASN RA 75 -38.10 41.05 -109.99
C ASN RA 75 -39.14 42.16 -110.05
N GLN RA 76 -40.14 41.96 -110.91
CA GLN RA 76 -41.30 42.84 -111.00
C GLN RA 76 -42.49 42.07 -110.45
N SER RA 77 -42.83 42.32 -109.20
CA SER RA 77 -43.88 41.57 -108.50
C SER RA 77 -45.06 42.49 -108.23
N ILE RA 78 -46.26 42.00 -108.49
CA ILE RA 78 -47.50 42.71 -108.22
C ILE RA 78 -48.46 41.74 -107.55
N ARG RA 79 -49.03 42.14 -106.43
CA ARG RA 79 -49.94 41.28 -105.66
C ARG RA 79 -51.21 42.04 -105.34
N THR RA 80 -52.33 41.33 -105.36
CA THR RA 80 -53.62 41.89 -104.99
C THR RA 80 -54.34 40.91 -104.08
N VAL RA 81 -54.79 41.39 -102.93
CA VAL RA 81 -55.57 40.59 -101.99
C VAL RA 81 -56.93 41.25 -101.84
N ILE RA 82 -57.97 40.49 -102.15
CA ILE RA 82 -59.34 40.99 -102.08
C ILE RA 82 -60.12 40.07 -101.14
N SER RA 83 -60.84 40.67 -100.21
CA SER RA 83 -61.58 39.93 -99.18
C SER RA 83 -62.95 40.54 -99.00
N GLY RA 84 -63.95 39.68 -98.79
CA GLY RA 84 -65.29 40.16 -98.55
C GLY RA 84 -66.26 39.00 -98.46
N SER RA 85 -67.46 39.32 -97.99
CA SER RA 85 -68.51 38.32 -97.85
C SER RA 85 -68.98 37.84 -99.22
N ALA RA 86 -69.28 36.55 -99.31
CA ALA RA 86 -69.78 36.00 -100.56
C ALA RA 86 -71.15 36.57 -100.94
N GLU RA 87 -71.86 37.12 -99.95
CA GLU RA 87 -73.20 37.64 -100.20
C GLU RA 87 -73.20 39.01 -100.83
N ASN RA 88 -72.04 39.65 -100.97
CA ASN RA 88 -71.97 41.04 -101.42
C ASN RA 88 -71.08 41.21 -102.65
N LEU RA 89 -70.95 40.18 -103.49
CA LEU RA 89 -70.21 40.36 -104.73
C LEU RA 89 -70.84 41.44 -105.60
N ALA RA 90 -72.14 41.68 -105.45
CA ALA RA 90 -72.78 42.75 -106.20
C ALA RA 90 -72.16 44.10 -105.88
N THR RA 91 -71.66 44.27 -104.65
CA THR RA 91 -71.09 45.55 -104.27
C THR RA 91 -69.57 45.53 -104.17
N LEU RA 92 -68.96 44.39 -103.82
CA LEU RA 92 -67.50 44.33 -103.79
C LEU RA 92 -66.88 44.75 -105.12
N LYS RA 93 -67.54 44.42 -106.22
CA LYS RA 93 -67.04 44.86 -107.51
C LYS RA 93 -66.98 46.37 -107.60
N ALA RA 94 -67.88 47.07 -106.90
CA ALA RA 94 -67.88 48.53 -106.94
C ALA RA 94 -66.58 49.09 -106.37
N GLU RA 95 -66.15 48.58 -105.21
CA GLU RA 95 -64.85 49.01 -104.69
C GLU RA 95 -63.72 48.62 -105.62
N TRP RA 96 -63.79 47.44 -106.23
CA TRP RA 96 -62.75 47.01 -107.15
C TRP RA 96 -62.57 48.03 -108.27
N GLU RA 97 -63.68 48.58 -108.78
CA GLU RA 97 -63.58 49.65 -109.76
C GLU RA 97 -62.90 50.87 -109.18
N THR RA 98 -63.40 51.34 -108.02
CA THR RA 98 -62.82 52.54 -107.41
C THR RA 98 -61.38 52.29 -106.98
N HIS RA 99 -61.12 51.12 -106.40
CA HIS RA 99 -59.75 50.79 -106.01
C HIS RA 99 -58.82 50.84 -107.20
N LYS RA 100 -59.30 50.42 -108.37
CA LYS RA 100 -58.50 50.55 -109.58
C LYS RA 100 -58.27 52.02 -109.94
N ARG RA 101 -59.32 52.84 -109.85
CA ARG RA 101 -59.17 54.25 -110.17
C ARG RA 101 -58.24 54.95 -109.19
N ASN RA 102 -58.40 54.67 -107.90
CA ASN RA 102 -57.58 55.34 -106.89
C ASN RA 102 -56.11 54.99 -107.07
N VAL RA 103 -55.81 53.73 -107.33
CA VAL RA 103 -54.42 53.35 -107.59
C VAL RA 103 -53.93 53.98 -108.89
N ASP RA 104 -54.79 54.00 -109.91
CA ASP RA 104 -54.38 54.54 -111.21
C ASP RA 104 -54.03 56.02 -111.09
N THR RA 105 -54.82 56.80 -110.36
CA THR RA 105 -54.53 58.22 -110.27
C THR RA 105 -53.26 58.48 -109.47
N LEU RA 106 -52.90 57.57 -108.57
CA LEU RA 106 -51.64 57.69 -107.86
C LEU RA 106 -50.49 57.12 -108.67
N PHE RA 107 -50.67 55.90 -109.19
CA PHE RA 107 -49.58 55.16 -109.80
C PHE RA 107 -49.57 55.29 -111.33
N ALA RA 108 -50.67 54.93 -112.00
CA ALA RA 108 -50.67 54.94 -113.45
C ALA RA 108 -50.54 56.35 -114.00
N SER RA 109 -51.38 57.27 -113.51
CA SER RA 109 -51.31 58.65 -113.99
C SER RA 109 -50.31 59.48 -113.21
N GLY RA 110 -50.31 59.37 -111.88
CA GLY RA 110 -49.36 60.08 -111.06
C GLY RA 110 -48.00 59.43 -111.09
N ASN RA 111 -47.09 60.01 -110.33
CA ASN RA 111 -45.71 59.54 -110.25
C ASN RA 111 -45.41 58.83 -108.94
N ALA RA 112 -46.38 58.10 -108.40
CA ALA RA 112 -46.14 57.32 -107.18
C ALA RA 112 -45.12 56.22 -107.41
N GLY RA 113 -44.93 55.79 -108.66
CA GLY RA 113 -43.90 54.81 -108.94
C GLY RA 113 -42.50 55.35 -108.70
N LEU RA 114 -42.34 56.66 -108.74
CA LEU RA 114 -41.06 57.29 -108.43
C LEU RA 114 -40.82 57.41 -106.94
N GLY RA 115 -41.60 56.70 -106.12
CA GLY RA 115 -41.46 56.82 -104.68
C GLY RA 115 -41.87 58.16 -104.13
N PHE RA 116 -42.89 58.79 -104.73
CA PHE RA 116 -43.39 60.07 -104.27
C PHE RA 116 -44.89 59.97 -104.02
N LEU RA 117 -45.35 60.54 -102.91
CA LEU RA 117 -46.75 60.55 -102.55
C LEU RA 117 -47.32 61.95 -102.75
N ASP RA 118 -48.46 62.03 -103.45
CA ASP RA 118 -49.07 63.32 -103.75
C ASP RA 118 -50.27 63.55 -102.83
N PRO RA 119 -50.15 64.41 -101.82
CA PRO RA 119 -51.27 64.62 -100.90
C PRO RA 119 -52.49 65.26 -101.54
N THR RA 120 -52.33 65.94 -102.67
CA THR RA 120 -53.44 66.63 -103.32
C THR RA 120 -54.09 65.82 -104.42
N ALA RA 121 -53.72 64.55 -104.57
CA ALA RA 121 -54.35 63.72 -105.59
C ALA RA 121 -55.82 63.50 -105.27
N ALA RA 122 -56.63 63.39 -106.33
CA ALA RA 122 -58.06 63.19 -106.17
C ALA RA 122 -58.38 61.73 -105.93
N ILE RA 123 -59.07 61.45 -104.83
CA ILE RA 123 -59.49 60.10 -104.48
C ILE RA 123 -61.00 60.08 -104.39
N VAL RA 124 -61.63 59.16 -105.12
CA VAL RA 124 -63.08 59.07 -105.22
C VAL RA 124 -63.54 57.79 -104.55
N SER RA 125 -64.65 57.87 -103.83
CA SER RA 125 -65.13 56.75 -103.03
C SER RA 125 -66.06 55.86 -103.83
N SER RA 126 -66.38 54.70 -103.25
CA SER RA 126 -67.34 53.80 -103.87
C SER RA 126 -68.72 54.42 -103.92
N ASP RA 127 -69.13 55.11 -102.86
CA ASP RA 127 -70.43 55.74 -102.81
C ASP RA 127 -70.48 56.90 -103.79
N THR RA 128 -71.66 57.12 -104.37
CA THR RA 128 -71.88 58.18 -105.34
C THR RA 128 -72.91 59.15 -104.82
N THR RA 129 -72.64 60.44 -104.99
CA THR RA 129 -73.54 61.48 -104.54
C THR RA 129 -74.86 61.47 -105.33
N ALA SA 1 -141.61 -10.14 39.46
CA ALA SA 1 -140.67 -9.10 39.09
C ALA SA 1 -139.25 -9.63 39.06
N ASN SA 2 -138.29 -8.72 38.92
CA ASN SA 2 -136.88 -9.09 38.89
C ASN SA 2 -136.12 -8.27 39.92
N LYS SA 3 -135.03 -8.83 40.43
CA LYS SA 3 -134.24 -8.11 41.41
C LYS SA 3 -133.53 -6.94 40.74
N PRO SA 4 -133.73 -5.71 41.20
CA PRO SA 4 -133.00 -4.59 40.62
C PRO SA 4 -131.53 -4.62 41.00
N MET SA 5 -130.70 -4.04 40.14
CA MET SA 5 -129.28 -3.94 40.43
C MET SA 5 -128.97 -2.71 41.27
N GLN SA 6 -127.71 -2.57 41.64
CA GLN SA 6 -127.24 -1.40 42.34
C GLN SA 6 -126.08 -0.78 41.57
N PRO SA 7 -126.05 0.55 41.45
CA PRO SA 7 -124.89 1.19 40.81
C PRO SA 7 -123.62 0.87 41.56
N ILE SA 8 -122.55 0.62 40.80
CA ILE SA 8 -121.25 0.31 41.40
C ILE SA 8 -120.27 1.42 41.08
N THR SA 9 -120.36 1.95 39.86
CA THR SA 9 -119.53 3.05 39.42
C THR SA 9 -120.41 4.06 38.70
N SER SA 10 -120.38 5.30 39.16
CA SER SA 10 -121.18 6.36 38.57
C SER SA 10 -120.27 7.46 38.05
N THR SA 11 -120.51 7.87 36.81
CA THR SA 11 -119.74 8.94 36.19
C THR SA 11 -120.64 9.63 35.17
N ALA SA 12 -120.24 10.84 34.78
CA ALA SA 12 -121.04 11.59 33.81
C ALA SA 12 -121.06 10.93 32.44
N ASN SA 13 -120.15 10.00 32.17
CA ASN SA 13 -120.09 9.37 30.86
C ASN SA 13 -120.14 7.85 30.95
N LYS SA 14 -119.92 7.31 32.14
CA LYS SA 14 -119.91 5.88 32.37
C LYS SA 14 -120.72 5.56 33.62
N ILE SA 15 -121.45 4.45 33.60
CA ILE SA 15 -122.16 3.97 34.77
C ILE SA 15 -122.35 2.47 34.66
N VAL SA 16 -122.19 1.78 35.78
CA VAL SA 16 -122.23 0.32 35.81
C VAL SA 16 -123.14 -0.13 36.95
N TRP SA 17 -124.08 -1.02 36.65
CA TRP SA 17 -124.90 -1.67 37.66
C TRP SA 17 -124.44 -3.12 37.83
N SER SA 18 -124.77 -3.69 38.97
CA SER SA 18 -124.47 -5.09 39.25
C SER SA 18 -125.54 -5.66 40.17
N ASP SA 19 -125.79 -6.96 40.00
CA ASP SA 19 -126.76 -7.64 40.84
C ASP SA 19 -126.16 -7.80 42.24
N PRO SA 20 -126.78 -7.28 43.29
CA PRO SA 20 -126.19 -7.41 44.63
C PRO SA 20 -125.99 -8.84 45.07
N THR SA 21 -126.90 -9.74 44.71
CA THR SA 21 -126.76 -11.14 45.10
C THR SA 21 -125.82 -11.92 44.20
N ARG SA 22 -125.44 -11.37 43.05
CA ARG SA 22 -124.52 -12.05 42.13
C ARG SA 22 -123.79 -10.97 41.35
N LEU SA 23 -122.57 -10.62 41.78
CA LEU SA 23 -121.87 -9.51 41.17
C LEU SA 23 -121.37 -9.82 39.77
N SER SA 24 -121.43 -11.07 39.33
CA SER SA 24 -121.05 -11.40 37.96
C SER SA 24 -121.97 -10.70 36.96
N THR SA 25 -123.27 -10.70 37.22
CA THR SA 25 -124.22 -10.02 36.36
C THR SA 25 -123.99 -8.52 36.42
N THR SA 26 -123.90 -7.87 35.26
CA THR SA 26 -123.61 -6.46 35.18
C THR SA 26 -124.47 -5.81 34.12
N PHE SA 27 -124.41 -4.48 34.07
CA PHE SA 27 -125.05 -3.70 33.01
C PHE SA 27 -124.38 -2.33 33.00
N SER SA 28 -123.71 -2.00 31.90
CA SER SA 28 -122.96 -0.77 31.79
C SER SA 28 -123.53 0.10 30.67
N ALA SA 29 -123.46 1.42 30.86
CA ALA SA 29 -123.89 2.38 29.86
C ALA SA 29 -122.76 3.38 29.64
N SER SA 30 -122.57 3.78 28.37
CA SER SA 30 -121.53 4.72 28.00
C SER SA 30 -122.02 5.55 26.83
N LEU SA 31 -121.62 6.82 26.80
CA LEU SA 31 -122.17 7.78 25.86
C LEU SA 31 -121.08 8.63 25.25
N LEU SA 32 -120.96 8.60 23.93
CA LEU SA 32 -120.09 9.52 23.21
C LEU SA 32 -120.85 10.83 23.03
N ARG SA 33 -120.15 11.96 23.16
CA ARG SA 33 -120.80 13.26 23.06
C ARG SA 33 -119.98 14.20 22.18
N GLN SA 34 -119.59 13.74 21.00
CA GLN SA 34 -118.87 14.58 20.06
C GLN SA 34 -119.86 15.35 19.19
N ARG SA 35 -119.33 16.19 18.31
CA ARG SA 35 -120.12 16.98 17.40
C ARG SA 35 -119.75 16.62 15.96
N VAL SA 36 -120.72 16.75 15.07
CA VAL SA 36 -120.56 16.37 13.67
C VAL SA 36 -120.84 17.58 12.79
N LYS SA 37 -119.93 17.85 11.86
CA LYS SA 37 -120.06 18.95 10.92
C LYS SA 37 -120.81 18.43 9.69
N VAL SA 38 -121.98 19.00 9.42
CA VAL SA 38 -122.77 18.62 8.26
C VAL SA 38 -122.95 19.86 7.40
N GLY SA 39 -123.67 19.73 6.28
CA GLY SA 39 -123.81 20.80 5.32
C GLY SA 39 -124.21 22.13 5.93
N ILE SA 40 -123.28 23.08 5.93
CA ILE SA 40 -123.40 24.43 6.48
C ILE SA 40 -124.22 24.41 7.77
N ALA SA 41 -124.04 23.35 8.57
CA ALA SA 41 -124.74 23.24 9.84
C ALA SA 41 -123.90 22.45 10.82
N GLU SA 42 -124.06 22.75 12.09
CA GLU SA 42 -123.38 22.02 13.16
C GLU SA 42 -124.40 21.15 13.87
N LEU SA 43 -124.04 19.90 14.10
CA LEU SA 43 -124.98 18.91 14.60
C LEU SA 43 -124.33 18.10 15.71
N ASN SA 44 -125.11 17.83 16.76
CA ASN SA 44 -124.62 17.15 17.96
C ASN SA 44 -124.93 15.66 17.82
N ASN SA 45 -123.88 14.84 17.83
CA ASN SA 45 -124.01 13.40 17.66
C ASN SA 45 -123.71 12.70 18.96
N VAL SA 46 -124.58 11.79 19.35
CA VAL SA 46 -124.42 10.98 20.56
C VAL SA 46 -124.54 9.51 20.17
N SER SA 47 -123.61 8.70 20.68
CA SER SA 47 -123.64 7.26 20.44
C SER SA 47 -123.55 6.57 21.80
N GLY SA 48 -124.70 6.14 22.32
CA GLY SA 48 -124.75 5.45 23.59
C GLY SA 48 -124.40 3.99 23.41
N GLN SA 49 -123.62 3.45 24.34
CA GLN SA 49 -123.21 2.06 24.32
C GLN SA 49 -123.75 1.36 25.55
N TYR SA 50 -124.37 0.21 25.35
CA TYR SA 50 -125.02 -0.52 26.43
C TYR SA 50 -124.56 -1.97 26.38
N VAL SA 51 -124.08 -2.48 27.50
CA VAL SA 51 -123.51 -3.82 27.57
C VAL SA 51 -124.15 -4.56 28.74
N SER SA 52 -124.69 -5.74 28.46
CA SER SA 52 -125.23 -6.62 29.49
C SER SA 52 -124.46 -7.93 29.44
N VAL SA 53 -123.95 -8.36 30.60
CA VAL SA 53 -123.10 -9.54 30.69
C VAL SA 53 -123.64 -10.45 31.79
N TYR SA 54 -123.75 -11.74 31.48
CA TYR SA 54 -124.04 -12.73 32.50
C TYR SA 54 -122.98 -13.82 32.45
N LYS SA 55 -122.55 -14.27 33.62
CA LYS SA 55 -121.50 -15.27 33.76
C LYS SA 55 -122.21 -16.58 34.12
N ARG SA 56 -122.57 -17.36 33.11
CA ARG SA 56 -123.54 -18.44 33.22
C ARG SA 56 -122.85 -19.79 33.17
N PRO SA 57 -123.19 -20.71 34.07
CA PRO SA 57 -122.54 -22.03 34.06
C PRO SA 57 -122.93 -22.86 32.85
N ALA SA 58 -122.05 -23.81 32.54
CA ALA SA 58 -122.28 -24.73 31.44
C ALA SA 58 -123.47 -25.64 31.73
N PRO SA 59 -124.17 -26.10 30.70
CA PRO SA 59 -125.37 -26.92 30.93
C PRO SA 59 -125.01 -28.33 31.39
N LYS SA 60 -125.69 -28.78 32.44
CA LYS SA 60 -125.43 -30.11 32.98
C LYS SA 60 -126.13 -31.16 32.12
N PRO SA 61 -125.48 -32.29 31.86
CA PRO SA 61 -126.17 -33.40 31.18
C PRO SA 61 -127.42 -33.83 31.93
N GLU SA 62 -128.44 -34.18 31.16
CA GLU SA 62 -129.80 -34.38 31.65
C GLU SA 62 -129.89 -35.42 32.76
N GLY SA 63 -129.35 -36.62 32.55
CA GLY SA 63 -129.43 -37.67 33.55
C GLY SA 63 -128.37 -37.53 34.61
N CYS SA 64 -128.23 -36.34 35.18
CA CYS SA 64 -127.15 -36.07 36.10
C CYS SA 64 -127.44 -34.78 36.85
N ALA SA 65 -127.36 -34.83 38.18
CA ALA SA 65 -127.49 -33.65 39.00
C ALA SA 65 -126.11 -33.19 39.45
N ASP SA 66 -125.07 -33.73 38.80
CA ASP SA 66 -123.69 -33.50 39.17
C ASP SA 66 -123.47 -33.77 40.66
N ALA SA 67 -123.42 -32.71 41.45
CA ALA SA 67 -123.28 -32.78 42.90
C ALA SA 67 -123.34 -31.37 43.45
N CYS SA 68 -122.23 -30.90 44.02
CA CYS SA 68 -122.14 -29.53 44.47
C CYS SA 68 -120.76 -28.95 44.15
N VAL SA 69 -120.21 -29.33 43.00
CA VAL SA 69 -118.97 -28.75 42.50
C VAL SA 69 -119.34 -27.84 41.34
N ILE SA 70 -118.52 -26.81 41.12
CA ILE SA 70 -118.85 -25.75 40.18
C ILE SA 70 -117.94 -25.87 38.96
N MET SA 71 -118.54 -26.05 37.81
CA MET SA 71 -117.82 -26.04 36.54
C MET SA 71 -117.56 -24.61 36.10
N PRO SA 72 -116.59 -24.40 35.22
CA PRO SA 72 -116.38 -23.05 34.69
C PRO SA 72 -117.58 -22.60 33.89
N ASN SA 73 -117.77 -21.28 33.85
CA ASN SA 73 -118.93 -20.68 33.24
C ASN SA 73 -118.54 -20.07 31.91
N GLU SA 74 -119.52 -19.82 31.04
CA GLU SA 74 -119.27 -19.10 29.81
C GLU SA 74 -119.94 -17.73 29.88
N ASN SA 75 -119.48 -16.84 29.02
CA ASN SA 75 -119.91 -15.45 29.04
C ASN SA 75 -121.07 -15.26 28.07
N GLN SA 76 -122.15 -14.66 28.56
CA GLN SA 76 -123.30 -14.31 27.75
C GLN SA 76 -123.39 -12.79 27.72
N SER SA 77 -122.96 -12.21 26.60
CA SER SA 77 -122.84 -10.76 26.49
C SER SA 77 -123.75 -10.25 25.38
N ILE SA 78 -124.41 -9.13 25.65
CA ILE SA 78 -125.25 -8.45 24.68
C ILE SA 78 -124.83 -6.99 24.67
N ARG SA 79 -124.32 -6.52 23.54
CA ARG SA 79 -123.83 -5.15 23.40
C ARG SA 79 -124.57 -4.45 22.29
N THR SA 80 -125.04 -3.24 22.56
CA THR SA 80 -125.67 -2.41 21.55
C THR SA 80 -125.07 -1.01 21.60
N VAL SA 81 -124.98 -0.38 20.44
CA VAL SA 81 -124.56 1.01 20.33
C VAL SA 81 -125.64 1.76 19.55
N ILE SA 82 -126.01 2.94 20.03
CA ILE SA 82 -127.09 3.72 19.44
C ILE SA 82 -126.48 5.04 19.01
N SER SA 83 -126.03 5.11 17.77
CA SER SA 83 -125.38 6.30 17.23
C SER SA 83 -126.41 7.13 16.48
N GLY SA 84 -126.49 8.41 16.82
CA GLY SA 84 -127.44 9.29 16.15
C GLY SA 84 -127.37 10.68 16.74
N SER SA 85 -128.10 11.59 16.11
CA SER SA 85 -128.13 12.97 16.55
C SER SA 85 -129.27 13.21 17.52
N ALA SA 86 -129.01 13.99 18.56
CA ALA SA 86 -130.05 14.28 19.55
C ALA SA 86 -131.10 15.22 18.99
N GLU SA 87 -130.79 15.92 17.91
CA GLU SA 87 -131.76 16.85 17.32
C GLU SA 87 -132.94 16.11 16.71
N ASN SA 88 -132.72 14.92 16.17
CA ASN SA 88 -133.78 14.08 15.64
C ASN SA 88 -133.90 12.79 16.45
N LEU SA 89 -133.90 12.93 17.77
CA LEU SA 89 -134.03 11.76 18.64
C LEU SA 89 -135.36 11.05 18.43
N ALA SA 90 -136.44 11.80 18.22
CA ALA SA 90 -137.77 11.20 18.19
C ALA SA 90 -137.86 10.14 17.09
N THR SA 91 -137.33 10.43 15.92
CA THR SA 91 -137.30 9.42 14.86
C THR SA 91 -136.29 8.32 15.16
N LEU SA 92 -135.17 8.66 15.81
CA LEU SA 92 -134.26 7.62 16.26
C LEU SA 92 -134.92 6.69 17.26
N LYS SA 93 -135.88 7.22 18.02
CA LYS SA 93 -136.64 6.37 18.94
C LYS SA 93 -137.39 5.30 18.19
N ALA SA 94 -138.02 5.67 17.07
CA ALA SA 94 -138.75 4.69 16.28
C ALA SA 94 -137.80 3.69 15.63
N GLU SA 95 -136.59 4.13 15.29
CA GLU SA 95 -135.61 3.22 14.72
C GLU SA 95 -135.29 2.09 15.68
N TRP SA 96 -135.18 2.42 16.97
CA TRP SA 96 -134.90 1.39 17.98
C TRP SA 96 -136.01 0.35 18.00
N GLU SA 97 -137.26 0.78 17.95
CA GLU SA 97 -138.37 -0.17 17.99
C GLU SA 97 -138.35 -1.11 16.80
N THR SA 98 -138.10 -0.57 15.60
CA THR SA 98 -137.99 -1.42 14.42
C THR SA 98 -136.80 -2.37 14.55
N HIS SA 99 -135.68 -1.87 15.05
CA HIS SA 99 -134.52 -2.74 15.29
C HIS SA 99 -134.87 -3.86 16.25
N LYS SA 100 -135.68 -3.55 17.26
CA LYS SA 100 -136.16 -4.58 18.18
C LYS SA 100 -136.91 -5.68 17.44
N ARG SA 101 -137.86 -5.30 16.59
CA ARG SA 101 -138.67 -6.28 15.89
C ARG SA 101 -137.84 -7.13 14.95
N ASN SA 102 -136.93 -6.49 14.21
CA ASN SA 102 -136.20 -7.21 13.18
C ASN SA 102 -135.36 -8.34 13.76
N VAL SA 103 -134.58 -8.03 14.79
CA VAL SA 103 -133.75 -9.08 15.40
C VAL SA 103 -134.62 -10.09 16.11
N ASP SA 104 -135.73 -9.65 16.70
CA ASP SA 104 -136.63 -10.57 17.39
C ASP SA 104 -137.19 -11.61 16.42
N THR SA 105 -137.72 -11.14 15.28
CA THR SA 105 -138.29 -12.08 14.32
C THR SA 105 -137.20 -12.91 13.66
N LEU SA 106 -135.94 -12.55 13.84
CA LEU SA 106 -134.84 -13.30 13.26
C LEU SA 106 -134.12 -14.18 14.27
N PHE SA 107 -134.09 -13.76 15.53
CA PHE SA 107 -133.38 -14.48 16.57
C PHE SA 107 -134.28 -15.00 17.68
N ALA SA 108 -135.16 -14.17 18.21
CA ALA SA 108 -136.05 -14.63 19.28
C ALA SA 108 -136.98 -15.73 18.80
N SER SA 109 -137.51 -15.60 17.58
CA SER SA 109 -138.39 -16.60 17.01
C SER SA 109 -137.70 -17.48 15.97
N GLY SA 110 -136.60 -17.03 15.40
CA GLY SA 110 -135.87 -17.80 14.41
C GLY SA 110 -134.84 -18.71 15.03
N ASN SA 111 -133.89 -19.15 14.20
CA ASN SA 111 -132.82 -20.03 14.64
C ASN SA 111 -131.46 -19.36 14.55
N ALA SA 112 -131.43 -18.03 14.54
CA ALA SA 112 -130.16 -17.32 14.52
C ALA SA 112 -129.32 -17.64 15.75
N GLY SA 113 -129.97 -17.93 16.87
CA GLY SA 113 -129.22 -18.33 18.05
C GLY SA 113 -128.43 -19.60 17.83
N LEU SA 114 -129.01 -20.55 17.10
CA LEU SA 114 -128.28 -21.77 16.77
C LEU SA 114 -127.19 -21.51 15.74
N GLY SA 115 -127.45 -20.63 14.78
CA GLY SA 115 -126.46 -20.32 13.77
C GLY SA 115 -127.00 -20.38 12.36
N PHE SA 116 -128.32 -20.49 12.23
CA PHE SA 116 -128.98 -20.56 10.94
C PHE SA 116 -129.62 -19.22 10.61
N LEU SA 117 -129.40 -18.74 9.39
CA LEU SA 117 -130.01 -17.51 8.91
C LEU SA 117 -131.09 -17.85 7.89
N ASP SA 118 -132.28 -17.30 8.10
CA ASP SA 118 -133.39 -17.56 7.20
C ASP SA 118 -133.51 -16.40 6.22
N PRO SA 119 -133.24 -16.60 4.93
CA PRO SA 119 -133.31 -15.49 3.98
C PRO SA 119 -134.72 -15.07 3.63
N THR SA 120 -135.74 -15.73 4.16
CA THR SA 120 -137.13 -15.37 3.88
C THR SA 120 -137.84 -14.83 5.12
N ALA SA 121 -137.09 -14.34 6.10
CA ALA SA 121 -137.70 -13.74 7.28
C ALA SA 121 -138.41 -12.44 6.91
N ALA SA 122 -139.43 -12.10 7.69
CA ALA SA 122 -140.27 -10.94 7.42
C ALA SA 122 -139.65 -9.67 7.99
N ILE SA 123 -138.44 -9.36 7.54
CA ILE SA 123 -137.76 -8.16 8.01
C ILE SA 123 -138.47 -6.94 7.46
N VAL SA 124 -138.62 -5.91 8.29
CA VAL SA 124 -139.48 -4.79 7.97
C VAL SA 124 -138.77 -3.50 8.33
N SER SA 125 -139.24 -2.40 7.73
CA SER SA 125 -138.56 -1.11 7.85
C SER SA 125 -139.07 -0.29 9.02
N SER SA 126 -138.34 0.79 9.30
CA SER SA 126 -138.79 1.76 10.29
C SER SA 126 -139.96 2.59 9.77
N ASP SA 127 -139.85 3.08 8.54
CA ASP SA 127 -140.92 3.88 7.97
C ASP SA 127 -142.10 3.00 7.58
N THR SA 128 -143.24 3.63 7.37
CA THR SA 128 -144.48 2.92 7.10
C THR SA 128 -145.23 3.61 5.98
N THR SA 129 -146.38 3.03 5.63
CA THR SA 129 -147.25 3.59 4.61
C THR SA 129 -148.69 3.66 5.10
N ALA TA 1 -141.57 31.19 31.74
CA ALA TA 1 -140.31 31.35 32.44
C ALA TA 1 -139.13 31.12 31.50
N ASN TA 2 -138.09 30.46 32.01
CA ASN TA 2 -136.89 30.20 31.24
C ASN TA 2 -136.50 28.73 31.38
N LYS TA 3 -135.99 28.15 30.30
CA LYS TA 3 -135.65 26.74 30.31
C LYS TA 3 -134.39 26.51 31.14
N PRO TA 4 -134.38 25.52 32.02
CA PRO TA 4 -133.20 25.22 32.82
C PRO TA 4 -132.30 24.17 32.18
N MET TA 5 -131.01 24.28 32.47
CA MET TA 5 -130.06 23.25 32.07
C MET TA 5 -130.09 22.11 33.09
N GLN TA 6 -129.23 21.11 32.87
CA GLN TA 6 -129.08 20.01 33.81
C GLN TA 6 -127.59 19.70 33.87
N PRO TA 7 -127.11 19.16 34.98
CA PRO TA 7 -125.68 18.84 35.07
C PRO TA 7 -125.34 17.66 34.15
N ILE TA 8 -124.38 17.88 33.27
CA ILE TA 8 -124.05 16.90 32.24
C ILE TA 8 -122.67 16.30 32.40
N THR TA 9 -121.69 17.02 32.93
CA THR TA 9 -120.32 16.54 33.04
C THR TA 9 -119.81 16.89 34.43
N SER TA 10 -119.53 15.88 35.24
CA SER TA 10 -119.22 16.07 36.65
C SER TA 10 -117.91 15.38 37.01
N THR TA 11 -117.09 16.08 37.78
CA THR TA 11 -115.84 15.58 38.34
C THR TA 11 -115.47 16.51 39.49
N ALA TA 12 -114.22 16.43 39.96
CA ALA TA 12 -113.83 17.08 41.20
C ALA TA 12 -114.13 18.57 41.21
N ASN TA 13 -113.67 19.29 40.18
CA ASN TA 13 -113.74 20.74 40.20
C ASN TA 13 -114.90 21.29 39.37
N LYS TA 14 -114.98 20.97 38.09
CA LYS TA 14 -115.90 21.66 37.19
C LYS TA 14 -117.13 20.81 36.91
N ILE TA 15 -118.28 21.48 36.84
CA ILE TA 15 -119.55 20.87 36.50
C ILE TA 15 -120.08 21.57 35.26
N VAL TA 16 -120.45 20.80 34.25
CA VAL TA 16 -120.91 21.35 32.99
C VAL TA 16 -122.41 21.12 32.88
N TRP TA 17 -123.16 22.20 32.70
CA TRP TA 17 -124.58 22.10 32.41
C TRP TA 17 -124.80 22.24 30.92
N SER TA 18 -125.99 21.83 30.46
CA SER TA 18 -126.33 21.96 29.05
C SER TA 18 -127.85 21.89 28.87
N ASP TA 19 -128.38 22.74 28.02
CA ASP TA 19 -129.82 22.76 27.81
C ASP TA 19 -130.23 21.55 26.96
N PRO TA 20 -131.21 20.77 27.42
CA PRO TA 20 -131.59 19.58 26.64
C PRO TA 20 -132.24 19.92 25.31
N THR TA 21 -133.01 21.00 25.26
CA THR TA 21 -133.64 21.40 24.00
C THR TA 21 -132.59 21.81 22.97
N ARG TA 22 -131.59 22.57 23.40
CA ARG TA 22 -130.53 23.07 22.52
C ARG TA 22 -129.20 22.72 23.19
N LEU TA 23 -128.58 21.63 22.72
CA LEU TA 23 -127.35 21.15 23.35
C LEU TA 23 -126.21 22.15 23.24
N SER TA 24 -126.32 23.12 22.33
CA SER TA 24 -125.26 24.11 22.18
C SER TA 24 -125.11 24.97 23.42
N THR TA 25 -126.22 25.35 24.05
CA THR TA 25 -126.19 26.26 25.19
C THR TA 25 -125.64 25.52 26.41
N THR TA 26 -124.43 25.89 26.83
CA THR TA 26 -123.80 25.26 27.98
C THR TA 26 -123.32 26.33 28.95
N PHE TA 27 -123.14 25.93 30.20
CA PHE TA 27 -122.57 26.80 31.23
C PHE TA 27 -121.86 25.92 32.24
N SER TA 28 -120.57 26.17 32.46
CA SER TA 28 -119.78 25.35 33.35
C SER TA 28 -118.98 26.23 34.29
N ALA TA 29 -118.64 25.67 35.45
CA ALA TA 29 -117.95 26.40 36.51
C ALA TA 29 -116.85 25.52 37.08
N SER TA 30 -115.60 25.96 36.92
CA SER TA 30 -114.45 25.25 37.43
C SER TA 30 -113.84 26.02 38.58
N LEU TA 31 -113.39 25.29 39.60
CA LEU TA 31 -112.87 25.88 40.82
C LEU TA 31 -111.47 25.37 41.11
N LEU TA 32 -110.54 26.28 41.38
CA LEU TA 32 -109.19 25.94 41.79
C LEU TA 32 -109.01 26.40 43.22
N ARG TA 33 -108.61 25.49 44.09
CA ARG TA 33 -108.39 25.78 45.49
C ARG TA 33 -106.91 25.60 45.83
N GLN TA 34 -106.37 26.51 46.63
CA GLN TA 34 -104.94 26.56 46.87
C GLN TA 34 -104.68 27.22 48.22
N ARG TA 35 -103.48 26.99 48.73
CA ARG TA 35 -102.98 27.66 49.93
C ARG TA 35 -101.73 28.45 49.56
N VAL TA 36 -101.78 29.76 49.78
CA VAL TA 36 -100.67 30.66 49.45
C VAL TA 36 -100.35 31.52 50.66
N LYS TA 37 -99.12 31.40 51.16
CA LYS TA 37 -98.72 32.10 52.39
C LYS TA 37 -98.58 33.58 52.10
N VAL TA 38 -99.54 34.37 52.58
CA VAL TA 38 -99.50 35.82 52.39
C VAL TA 38 -99.56 36.53 53.74
N GLY TA 39 -100.45 36.08 54.63
CA GLY TA 39 -100.64 36.75 55.90
C GLY TA 39 -99.96 36.04 57.05
N ILE TA 40 -98.96 35.22 56.73
CA ILE TA 40 -98.30 34.36 57.70
C ILE TA 40 -99.37 33.58 58.46
N ALA TA 41 -100.38 33.13 57.73
CA ALA TA 41 -101.50 32.39 58.31
C ALA TA 41 -102.09 31.48 57.26
N GLU TA 42 -102.80 30.45 57.71
CA GLU TA 42 -103.36 29.44 56.82
C GLU TA 42 -104.61 30.03 56.16
N LEU TA 43 -104.43 30.51 54.93
CA LEU TA 43 -105.46 31.24 54.19
C LEU TA 43 -105.79 30.47 52.93
N ASN TA 44 -107.06 30.06 52.79
CA ASN TA 44 -107.47 29.29 51.63
C ASN TA 44 -107.92 30.20 50.50
N ASN TA 45 -107.36 29.97 49.32
CA ASN TA 45 -107.66 30.76 48.13
C ASN TA 45 -108.48 29.92 47.16
N VAL TA 46 -109.56 30.51 46.65
CA VAL TA 46 -110.45 29.85 45.69
C VAL TA 46 -110.58 30.72 44.45
N SER TA 47 -110.40 30.13 43.29
CA SER TA 47 -110.57 30.83 42.01
C SER TA 47 -111.57 30.06 41.17
N GLY TA 48 -112.74 30.65 40.95
CA GLY TA 48 -113.80 29.97 40.22
C GLY TA 48 -114.01 30.50 38.82
N GLN TA 49 -113.63 29.70 37.83
CA GLN TA 49 -113.74 30.09 36.43
C GLN TA 49 -115.10 29.67 35.91
N TYR TA 50 -115.93 30.66 35.53
CA TYR TA 50 -117.29 30.42 35.07
C TYR TA 50 -117.39 30.84 33.62
N VAL TA 51 -117.94 29.98 32.78
CA VAL TA 51 -118.06 30.24 31.35
C VAL TA 51 -119.47 29.87 30.92
N SER TA 52 -120.07 30.72 30.09
CA SER TA 52 -121.35 30.44 29.46
C SER TA 52 -121.25 30.75 27.97
N VAL TA 53 -121.70 29.81 27.14
CA VAL TA 53 -121.57 29.93 25.70
C VAL TA 53 -122.94 29.91 25.07
N TYR TA 54 -122.98 30.28 23.80
CA TYR TA 54 -124.21 30.25 23.01
C TYR TA 54 -123.83 30.43 21.54
N LYS TA 55 -124.37 29.57 20.69
CA LYS TA 55 -124.17 29.69 19.25
C LYS TA 55 -125.40 30.40 18.68
N ARG TA 56 -125.44 31.72 18.84
CA ARG TA 56 -126.53 32.51 18.30
C ARG TA 56 -126.35 32.64 16.79
N PRO TA 57 -127.35 32.32 16.00
CA PRO TA 57 -127.20 32.42 14.55
C PRO TA 57 -126.97 33.87 14.13
N ALA TA 58 -126.26 34.04 13.02
CA ALA TA 58 -125.96 35.37 12.53
C ALA TA 58 -127.27 36.10 12.23
N PRO TA 59 -127.33 37.42 12.39
CA PRO TA 59 -128.60 38.13 12.26
C PRO TA 59 -129.25 37.93 10.90
N LYS TA 60 -130.57 37.77 10.89
CA LYS TA 60 -131.31 37.68 9.65
C LYS TA 60 -131.17 39.00 8.89
N PRO TA 61 -131.05 38.95 7.57
CA PRO TA 61 -130.81 40.19 6.82
C PRO TA 61 -131.90 41.21 7.07
N GLU TA 62 -131.63 42.45 6.64
CA GLU TA 62 -132.50 43.59 6.93
C GLU TA 62 -133.95 43.33 6.56
N GLY TA 63 -134.85 43.43 7.54
CA GLY TA 63 -136.28 43.35 7.30
C GLY TA 63 -136.71 42.16 6.47
N CYS TA 64 -136.44 40.96 6.96
CA CYS TA 64 -136.66 39.74 6.17
C CYS TA 64 -137.69 38.92 6.94
N ALA TA 65 -138.97 39.24 6.77
CA ALA TA 65 -140.02 38.44 7.39
C ALA TA 65 -140.25 37.20 6.53
N ASP TA 66 -139.23 36.36 6.41
CA ASP TA 66 -139.29 35.23 5.50
C ASP TA 66 -139.53 33.93 6.26
N ALA TA 67 -139.51 32.80 5.54
CA ALA TA 67 -139.71 31.51 6.18
C ALA TA 67 -138.46 31.11 6.94
N CYS TA 68 -137.36 30.92 6.23
CA CYS TA 68 -136.09 30.57 6.87
C CYS TA 68 -134.95 30.75 5.87
N VAL TA 69 -133.97 31.57 6.25
CA VAL TA 69 -132.66 31.58 5.59
C VAL TA 69 -131.66 31.25 6.69
N ILE TA 70 -131.15 30.02 6.65
CA ILE TA 70 -130.33 29.51 7.74
C ILE TA 70 -128.98 30.19 7.72
N MET TA 71 -128.78 31.13 8.64
CA MET TA 71 -127.52 31.84 8.77
C MET TA 71 -126.57 31.01 9.62
N PRO TA 72 -125.26 31.17 9.46
CA PRO TA 72 -124.31 30.51 10.35
C PRO TA 72 -124.44 31.06 11.77
N ASN TA 73 -123.91 30.29 12.72
CA ASN TA 73 -124.03 30.60 14.13
C ASN TA 73 -122.78 31.31 14.61
N GLU TA 74 -122.97 32.42 15.32
CA GLU TA 74 -121.86 33.13 15.95
C GLU TA 74 -121.59 32.53 17.32
N ASN TA 75 -120.32 32.31 17.62
CA ASN TA 75 -119.91 31.86 18.95
C ASN TA 75 -119.81 33.06 19.87
N GLN TA 76 -120.86 33.34 20.62
CA GLN TA 76 -120.86 34.42 21.60
C GLN TA 76 -120.71 33.79 22.98
N SER TA 77 -119.66 34.18 23.70
CA SER TA 77 -119.34 33.59 24.99
C SER TA 77 -118.88 34.68 25.94
N ILE TA 78 -119.15 34.49 27.23
CA ILE TA 78 -118.78 35.45 28.25
C ILE TA 78 -118.23 34.70 29.46
N ARG TA 79 -116.97 34.95 29.78
CA ARG TA 79 -116.27 34.24 30.85
C ARG TA 79 -116.23 35.11 32.10
N THR TA 80 -116.02 34.47 33.24
CA THR TA 80 -115.88 35.17 34.52
C THR TA 80 -115.07 34.29 35.46
N VAL TA 81 -114.03 34.85 36.05
CA VAL TA 81 -113.26 34.17 37.09
C VAL TA 81 -113.26 35.05 38.33
N ILE TA 82 -113.47 34.44 39.48
CA ILE TA 82 -113.49 35.15 40.75
C ILE TA 82 -112.43 34.50 41.63
N SER TA 83 -111.41 35.28 41.99
CA SER TA 83 -110.29 34.79 42.79
C SER TA 83 -110.23 35.57 44.09
N GLY TA 84 -110.10 34.86 45.20
CA GLY TA 84 -110.00 35.52 46.49
C GLY TA 84 -109.94 34.49 47.60
N SER TA 85 -109.56 34.97 48.77
CA SER TA 85 -109.46 34.12 49.95
C SER TA 85 -110.85 33.70 50.42
N ALA TA 86 -110.93 32.48 50.95
CA ALA TA 86 -112.22 31.93 51.37
C ALA TA 86 -112.81 32.71 52.53
N GLU TA 87 -111.99 33.07 53.52
CA GLU TA 87 -112.50 33.70 54.72
C GLU TA 87 -113.08 35.08 54.42
N ASN TA 88 -112.56 35.76 53.40
CA ASN TA 88 -113.00 37.09 53.02
C ASN TA 88 -114.16 37.04 52.04
N LEU TA 89 -114.91 35.95 52.05
CA LEU TA 89 -116.03 35.81 51.13
C LEU TA 89 -117.08 36.89 51.38
N ALA TA 90 -117.33 37.23 52.65
CA ALA TA 90 -118.34 38.22 52.96
C ALA TA 90 -118.03 39.57 52.31
N THR TA 91 -116.78 40.02 52.42
CA THR TA 91 -116.41 41.27 51.77
C THR TA 91 -116.26 41.09 50.27
N LEU TA 92 -115.96 39.87 49.81
CA LEU TA 92 -115.78 39.65 48.38
C LEU TA 92 -117.13 39.60 47.66
N LYS TA 93 -118.16 39.06 48.30
CA LYS TA 93 -119.47 39.03 47.67
C LYS TA 93 -119.97 40.44 47.35
N ALA TA 94 -119.80 41.37 48.29
CA ALA TA 94 -120.19 42.75 48.03
C ALA TA 94 -119.40 43.34 46.88
N GLU TA 95 -118.14 42.92 46.74
CA GLU TA 95 -117.31 43.46 45.66
C GLU TA 95 -117.78 42.95 44.31
N TRP TA 96 -118.22 41.70 44.23
CA TRP TA 96 -118.84 41.25 42.99
C TRP TA 96 -120.12 42.03 42.71
N GLU TA 97 -120.85 42.37 43.77
CA GLU TA 97 -122.07 43.16 43.59
C GLU TA 97 -121.76 44.48 42.91
N THR TA 98 -120.77 45.21 43.40
CA THR TA 98 -120.42 46.48 42.75
C THR TA 98 -119.75 46.24 41.41
N HIS TA 99 -119.14 45.07 41.20
CA HIS TA 99 -118.58 44.75 39.90
C HIS TA 99 -119.68 44.63 38.86
N LYS TA 100 -120.85 44.14 39.26
CA LYS TA 100 -121.99 44.10 38.36
C LYS TA 100 -122.33 45.49 37.86
N ARG TA 101 -122.70 46.39 38.77
CA ARG TA 101 -123.08 47.74 38.39
C ARG TA 101 -121.95 48.44 37.64
N ASN TA 102 -120.71 48.19 38.05
CA ASN TA 102 -119.57 48.81 37.39
C ASN TA 102 -119.48 48.37 35.94
N VAL TA 103 -119.71 47.09 35.67
CA VAL TA 103 -119.71 46.62 34.29
C VAL TA 103 -120.95 47.12 33.55
N ASP TA 104 -122.11 47.08 34.21
CA ASP TA 104 -123.37 47.39 33.54
C ASP TA 104 -123.39 48.83 33.06
N THR TA 105 -122.88 49.76 33.87
CA THR TA 105 -123.03 51.18 33.54
C THR TA 105 -122.34 51.52 32.22
N LEU TA 106 -121.23 50.86 31.92
CA LEU TA 106 -120.51 51.15 30.69
C LEU TA 106 -120.84 50.20 29.56
N PHE TA 107 -121.31 48.99 29.86
CA PHE TA 107 -121.65 48.02 28.83
C PHE TA 107 -123.14 47.87 28.63
N ALA TA 108 -123.88 47.56 29.70
CA ALA TA 108 -125.32 47.38 29.57
C ALA TA 108 -126.01 48.66 29.15
N SER TA 109 -125.59 49.79 29.70
CA SER TA 109 -126.14 51.09 29.35
C SER TA 109 -125.28 51.85 28.35
N GLY TA 110 -123.96 51.74 28.45
CA GLY TA 110 -123.08 52.42 27.53
C GLY TA 110 -122.92 51.68 26.22
N ASN TA 111 -122.08 52.24 25.36
CA ASN TA 111 -121.82 51.68 24.04
C ASN TA 111 -120.55 50.85 24.00
N ALA TA 112 -120.03 50.44 25.15
CA ALA TA 112 -118.80 49.64 25.16
C ALA TA 112 -118.99 48.34 24.40
N GLY TA 113 -120.22 47.82 24.35
CA GLY TA 113 -120.46 46.64 23.54
C GLY TA 113 -120.21 46.90 22.06
N LEU TA 114 -120.59 48.08 21.58
CA LEU TA 114 -120.33 48.42 20.18
C LEU TA 114 -118.83 48.50 19.92
N GLY TA 115 -118.08 49.10 20.85
CA GLY TA 115 -116.67 49.29 20.65
C GLY TA 115 -116.19 50.66 21.08
N PHE TA 116 -117.09 51.46 21.64
CA PHE TA 116 -116.76 52.81 22.08
C PHE TA 116 -116.41 52.81 23.56
N LEU TA 117 -115.50 53.70 23.95
CA LEU TA 117 -115.09 53.85 25.34
C LEU TA 117 -115.46 55.25 25.81
N ASP TA 118 -116.01 55.35 27.03
CA ASP TA 118 -116.42 56.62 27.61
C ASP TA 118 -115.65 56.87 28.89
N PRO TA 119 -114.64 57.74 28.85
CA PRO TA 119 -113.94 58.11 30.09
C PRO TA 119 -114.82 58.84 31.08
N THR TA 120 -115.95 59.40 30.64
CA THR TA 120 -116.83 60.19 31.50
C THR TA 120 -118.00 59.36 32.04
N ALA TA 121 -117.80 58.06 32.21
CA ALA TA 121 -118.84 57.21 32.77
C ALA TA 121 -118.77 57.26 34.29
N ALA TA 122 -119.85 56.83 34.95
CA ALA TA 122 -119.94 56.80 36.40
C ALA TA 122 -119.46 55.45 36.91
N ILE TA 123 -118.30 55.43 37.56
CA ILE TA 123 -117.69 54.21 38.04
C ILE TA 123 -117.56 54.31 39.56
N VAL TA 124 -118.29 53.46 40.27
CA VAL TA 124 -118.35 53.53 41.73
C VAL TA 124 -117.66 52.32 42.32
N SER TA 125 -117.18 52.47 43.55
CA SER TA 125 -116.32 51.49 44.20
C SER TA 125 -117.11 50.68 45.22
N SER TA 126 -116.49 49.58 45.65
CA SER TA 126 -117.13 48.71 46.64
C SER TA 126 -117.32 49.43 47.96
N ASP TA 127 -116.31 50.17 48.41
CA ASP TA 127 -116.39 50.84 49.70
C ASP TA 127 -117.46 51.94 49.66
N THR TA 128 -118.21 52.05 50.76
CA THR TA 128 -119.22 53.08 50.88
C THR TA 128 -118.60 54.37 51.42
N THR TA 129 -119.42 55.40 51.54
CA THR TA 129 -118.97 56.70 52.02
C THR TA 129 -119.48 56.95 53.44
N ALA UA 1 -127.19 18.80 66.64
CA ALA UA 1 -127.30 19.35 65.29
C ALA UA 1 -125.93 19.59 64.69
N ASN UA 2 -125.25 18.50 64.33
CA ASN UA 2 -123.94 18.60 63.74
C ASN UA 2 -124.01 19.24 62.35
N LYS UA 3 -123.02 20.04 62.02
CA LYS UA 3 -122.97 20.67 60.71
C LYS UA 3 -122.68 19.63 59.65
N PRO UA 4 -123.52 19.48 58.63
CA PRO UA 4 -123.19 18.56 57.53
C PRO UA 4 -122.10 19.12 56.65
N MET UA 5 -121.37 18.22 55.99
CA MET UA 5 -120.36 18.63 55.02
C MET UA 5 -120.93 18.55 53.61
N GLN UA 6 -120.14 19.03 52.66
CA GLN UA 6 -120.40 18.87 51.24
C GLN UA 6 -119.20 18.20 50.59
N PRO UA 7 -119.44 17.35 49.59
CA PRO UA 7 -118.32 16.72 48.89
C PRO UA 7 -117.44 17.76 48.21
N ILE UA 8 -116.14 17.50 48.19
CA ILE UA 8 -115.18 18.41 47.59
C ILE UA 8 -114.76 17.88 46.22
N THR UA 9 -114.12 16.72 46.22
CA THR UA 9 -113.62 16.10 45.00
C THR UA 9 -114.32 14.76 44.82
N SER UA 10 -115.41 14.76 44.08
CA SER UA 10 -116.16 13.54 43.81
C SER UA 10 -115.45 12.75 42.71
N THR UA 11 -115.19 11.48 42.98
CA THR UA 11 -114.54 10.59 42.04
C THR UA 11 -115.15 9.21 42.18
N ALA UA 12 -114.99 8.39 41.15
CA ALA UA 12 -115.54 7.04 41.18
C ALA UA 12 -114.92 6.19 42.29
N ASN UA 13 -113.77 6.60 42.83
CA ASN UA 13 -113.12 5.86 43.89
C ASN UA 13 -112.89 6.66 45.16
N LYS UA 14 -113.10 7.98 45.14
CA LYS UA 14 -112.85 8.80 46.31
C LYS UA 14 -113.81 9.97 46.34
N ILE UA 15 -114.38 10.23 47.50
CA ILE UA 15 -115.14 11.44 47.77
C ILE UA 15 -114.67 12.03 49.08
N VAL UA 16 -114.38 13.32 49.08
CA VAL UA 16 -113.88 14.02 50.26
C VAL UA 16 -114.91 15.07 50.65
N TRP UA 17 -115.40 14.98 51.88
CA TRP UA 17 -116.28 15.99 52.44
C TRP UA 17 -115.48 16.97 53.28
N SER UA 18 -115.98 18.20 53.36
CA SER UA 18 -115.33 19.23 54.17
C SER UA 18 -116.38 20.23 54.61
N ASP UA 19 -116.25 20.70 55.84
CA ASP UA 19 -117.26 21.57 56.42
C ASP UA 19 -117.12 22.99 55.86
N PRO UA 20 -118.21 23.60 55.41
CA PRO UA 20 -118.11 25.00 54.95
C PRO UA 20 -117.62 25.95 56.01
N THR UA 21 -118.06 25.79 57.27
CA THR UA 21 -117.65 26.71 58.31
C THR UA 21 -116.15 26.57 58.60
N ARG UA 22 -115.65 25.35 58.59
CA ARG UA 22 -114.22 25.08 58.83
C ARG UA 22 -113.71 24.20 57.71
N LEU UA 23 -112.98 24.79 56.77
CA LEU UA 23 -112.47 24.04 55.63
C LEU UA 23 -111.39 23.05 56.03
N SER UA 24 -110.83 23.18 57.23
CA SER UA 24 -109.72 22.33 57.63
C SER UA 24 -110.19 20.90 57.89
N THR UA 25 -111.30 20.74 58.60
CA THR UA 25 -111.80 19.40 58.90
C THR UA 25 -112.32 18.73 57.62
N THR UA 26 -112.02 17.44 57.49
CA THR UA 26 -112.37 16.69 56.30
C THR UA 26 -112.81 15.28 56.70
N PHE UA 27 -113.43 14.60 55.74
CA PHE UA 27 -113.77 13.19 55.90
C PHE UA 27 -113.81 12.57 54.51
N SER UA 28 -112.89 11.65 54.24
CA SER UA 28 -112.77 11.03 52.94
C SER UA 28 -113.04 9.54 53.03
N ALA UA 29 -113.57 8.99 51.94
CA ALA UA 29 -113.90 7.57 51.86
C ALA UA 29 -113.31 7.02 50.57
N SER UA 30 -112.17 6.34 50.67
CA SER UA 30 -111.52 5.72 49.53
C SER UA 30 -111.93 4.26 49.47
N LEU UA 31 -112.50 3.84 48.35
CA LEU UA 31 -113.00 2.49 48.18
C LEU UA 31 -112.25 1.83 47.03
N LEU UA 32 -111.79 0.60 47.25
CA LEU UA 32 -111.05 -0.15 46.25
C LEU UA 32 -111.75 -1.49 46.03
N ARG UA 33 -112.09 -1.77 44.77
CA ARG UA 33 -112.76 -3.01 44.40
C ARG UA 33 -111.78 -3.89 43.64
N GLN UA 34 -111.68 -5.15 44.07
CA GLN UA 34 -110.70 -6.06 43.48
C GLN UA 34 -111.33 -7.43 43.29
N ARG UA 35 -110.96 -8.08 42.20
CA ARG UA 35 -111.51 -9.38 41.81
C ARG UA 35 -110.61 -10.47 42.40
N VAL UA 36 -111.02 -11.00 43.55
CA VAL UA 36 -110.20 -11.95 44.28
C VAL UA 36 -110.65 -13.37 43.98
N LYS UA 37 -109.69 -14.25 43.69
CA LYS UA 37 -109.96 -15.66 43.42
C LYS UA 37 -109.51 -16.48 44.62
N VAL UA 38 -110.45 -17.24 45.19
CA VAL UA 38 -110.15 -18.16 46.28
C VAL UA 38 -110.33 -19.57 45.74
N GLY UA 39 -110.02 -20.56 46.59
CA GLY UA 39 -110.11 -21.95 46.21
C GLY UA 39 -111.42 -22.33 45.55
N ILE UA 40 -111.35 -22.73 44.28
CA ILE UA 40 -112.45 -23.17 43.43
C ILE UA 40 -113.68 -22.28 43.64
N ALA UA 41 -113.46 -21.00 43.89
CA ALA UA 41 -114.56 -20.06 44.09
C ALA UA 41 -114.07 -18.67 43.78
N GLU UA 42 -114.87 -17.90 43.05
CA GLU UA 42 -114.55 -16.53 42.69
C GLU UA 42 -115.32 -15.57 43.58
N LEU UA 43 -114.62 -14.58 44.12
CA LEU UA 43 -115.21 -13.63 45.06
C LEU UA 43 -114.82 -12.21 44.68
N ASN UA 44 -115.49 -11.26 45.30
CA ASN UA 44 -115.21 -9.84 45.11
C ASN UA 44 -114.93 -9.20 46.45
N ASN UA 45 -113.77 -8.56 46.58
CA ASN UA 45 -113.34 -7.97 47.82
C ASN UA 45 -113.33 -6.45 47.69
N VAL UA 46 -113.73 -5.76 48.75
CA VAL UA 46 -113.75 -4.31 48.80
C VAL UA 46 -112.92 -3.86 50.00
N SER UA 47 -112.19 -2.77 49.84
CA SER UA 47 -111.39 -2.20 50.91
C SER UA 47 -111.85 -0.76 51.12
N GLY UA 48 -112.73 -0.55 52.08
CA GLY UA 48 -113.24 0.79 52.34
C GLY UA 48 -112.39 1.54 53.34
N GLN UA 49 -111.50 2.38 52.85
CA GLN UA 49 -110.61 3.17 53.69
C GLN UA 49 -111.27 4.51 53.98
N TYR UA 50 -111.57 4.76 55.26
CA TYR UA 50 -112.25 5.97 55.69
C TYR UA 50 -111.34 6.74 56.63
N VAL UA 51 -111.17 8.03 56.36
CA VAL UA 51 -110.27 8.88 57.12
C VAL UA 51 -111.06 10.09 57.60
N SER UA 52 -110.94 10.40 58.88
CA SER UA 52 -111.55 11.58 59.48
C SER UA 52 -110.43 12.42 60.09
N VAL UA 53 -110.39 13.71 59.73
CA VAL UA 53 -109.30 14.59 60.10
C VAL UA 53 -109.87 15.82 60.79
N TYR UA 54 -109.26 16.20 61.91
CA TYR UA 54 -109.61 17.43 62.61
C TYR UA 54 -108.34 18.05 63.15
N LYS UA 55 -108.35 19.38 63.27
CA LYS UA 55 -107.21 20.16 63.75
C LYS UA 55 -107.68 21.00 64.93
N ARG UA 56 -107.16 20.70 66.12
CA ARG UA 56 -107.56 21.48 67.30
C ARG UA 56 -106.35 22.21 67.86
N PRO UA 57 -106.45 23.51 68.13
CA PRO UA 57 -105.30 24.27 68.61
C PRO UA 57 -105.07 24.07 70.11
N ALA UA 58 -104.06 23.25 70.45
CA ALA UA 58 -103.57 22.90 71.78
C ALA UA 58 -104.65 22.81 72.86
N PRO UA 59 -104.29 22.59 74.14
CA PRO UA 59 -105.25 22.91 75.20
C PRO UA 59 -105.02 24.29 75.80
N LYS UA 60 -104.89 25.32 74.96
CA LYS UA 60 -104.77 26.70 75.40
C LYS UA 60 -103.54 26.84 76.31
N PRO UA 61 -103.25 28.01 76.90
CA PRO UA 61 -102.38 28.00 78.08
C PRO UA 61 -103.14 27.68 79.36
N GLU UA 62 -102.48 27.82 80.50
CA GLU UA 62 -102.99 27.32 81.78
C GLU UA 62 -104.26 28.01 82.27
N GLY UA 63 -104.90 28.83 81.45
CA GLY UA 63 -106.09 29.53 81.89
C GLY UA 63 -105.90 31.04 81.92
N CYS UA 64 -105.04 31.53 81.04
CA CYS UA 64 -104.86 32.95 80.78
C CYS UA 64 -105.44 33.29 79.42
N ALA UA 65 -106.74 33.04 79.26
CA ALA UA 65 -107.44 33.32 78.01
C ALA UA 65 -107.34 34.79 77.63
N ASP UA 66 -106.65 35.08 76.54
CA ASP UA 66 -106.61 36.42 75.96
C ASP UA 66 -107.45 36.42 74.69
N ALA UA 67 -107.66 37.61 74.13
CA ALA UA 67 -108.51 37.74 72.96
C ALA UA 67 -107.96 36.94 71.79
N CYS UA 68 -106.79 37.34 71.26
CA CYS UA 68 -106.15 36.57 70.20
C CYS UA 68 -104.71 36.26 70.59
N VAL UA 69 -104.53 35.14 71.28
CA VAL UA 69 -103.21 34.55 71.45
C VAL UA 69 -103.32 33.11 70.96
N ILE UA 70 -102.99 32.90 69.68
CA ILE UA 70 -103.38 31.70 68.96
C ILE UA 70 -102.20 30.76 68.88
N MET UA 71 -102.38 29.56 69.43
CA MET UA 71 -101.38 28.51 69.35
C MET UA 71 -101.66 27.64 68.13
N PRO UA 72 -100.62 27.03 67.56
CA PRO UA 72 -100.83 26.17 66.39
C PRO UA 72 -101.65 24.95 66.76
N ASN UA 73 -102.35 24.44 65.77
CA ASN UA 73 -103.29 23.35 65.96
C ASN UA 73 -102.66 21.99 65.64
N GLU UA 74 -102.88 21.04 66.54
CA GLU UA 74 -102.40 19.68 66.38
C GLU UA 74 -103.38 18.89 65.51
N ASN UA 75 -102.94 17.72 65.06
CA ASN UA 75 -103.69 16.93 64.10
C ASN UA 75 -104.38 15.78 64.81
N GLN UA 76 -105.70 15.68 64.65
CA GLN UA 76 -106.49 14.57 65.16
C GLN UA 76 -107.00 13.78 63.97
N SER UA 77 -106.45 12.60 63.76
CA SER UA 77 -106.79 11.79 62.60
C SER UA 77 -107.29 10.42 63.03
N ILE UA 78 -108.35 9.96 62.39
CA ILE UA 78 -108.94 8.65 62.66
C ILE UA 78 -109.10 7.93 61.32
N ARG UA 79 -108.41 6.81 61.17
CA ARG UA 79 -108.46 6.04 59.94
C ARG UA 79 -109.04 4.66 60.24
N THR UA 80 -109.92 4.20 59.37
CA THR UA 80 -110.46 2.85 59.46
C THR UA 80 -110.52 2.24 58.08
N VAL UA 81 -110.21 0.95 57.99
CA VAL UA 81 -110.25 0.21 56.74
C VAL UA 81 -111.14 -1.01 56.94
N ILE UA 82 -112.06 -1.23 56.01
CA ILE UA 82 -112.99 -2.35 56.06
C ILE UA 82 -112.70 -3.24 54.88
N SER UA 83 -112.40 -4.51 55.14
CA SER UA 83 -112.06 -5.45 54.10
C SER UA 83 -112.87 -6.74 54.28
N GLY UA 84 -113.17 -7.39 53.17
CA GLY UA 84 -113.92 -8.62 53.20
C GLY UA 84 -114.68 -8.82 51.90
N SER UA 85 -115.06 -10.07 51.67
CA SER UA 85 -115.80 -10.41 50.46
C SER UA 85 -117.13 -9.69 50.43
N ALA UA 86 -117.53 -9.24 49.25
CA ALA UA 86 -118.75 -8.46 49.11
C ALA UA 86 -119.99 -9.28 49.44
N GLU UA 87 -120.00 -10.57 49.09
CA GLU UA 87 -121.21 -11.36 49.30
C GLU UA 87 -121.42 -11.70 50.78
N ASN UA 88 -120.37 -11.70 51.58
CA ASN UA 88 -120.49 -11.90 53.02
C ASN UA 88 -120.90 -10.63 53.75
N LEU UA 89 -121.45 -9.65 53.02
CA LEU UA 89 -121.71 -8.34 53.60
C LEU UA 89 -122.65 -8.40 54.79
N ALA UA 90 -123.66 -9.29 54.74
CA ALA UA 90 -124.55 -9.43 55.88
C ALA UA 90 -123.77 -9.78 57.14
N THR UA 91 -122.86 -10.75 57.03
CA THR UA 91 -121.99 -11.06 58.15
C THR UA 91 -120.92 -9.98 58.33
N LEU UA 92 -120.41 -9.41 57.23
CA LEU UA 92 -119.40 -8.37 57.33
C LEU UA 92 -119.82 -7.24 58.26
N LYS UA 93 -121.10 -6.88 58.24
CA LYS UA 93 -121.60 -5.82 59.12
C LYS UA 93 -121.48 -6.20 60.57
N ALA UA 94 -121.64 -7.49 60.88
CA ALA UA 94 -121.79 -7.92 62.26
C ALA UA 94 -120.56 -7.60 63.10
N GLU UA 95 -119.38 -7.96 62.62
CA GLU UA 95 -118.18 -7.69 63.42
C GLU UA 95 -117.88 -6.21 63.46
N TRP UA 96 -118.32 -5.46 62.45
CA TRP UA 96 -118.20 -4.00 62.52
C TRP UA 96 -118.89 -3.47 63.75
N GLU UA 97 -120.11 -3.96 64.03
CA GLU UA 97 -120.75 -3.59 65.29
C GLU UA 97 -119.95 -4.10 66.47
N THR UA 98 -119.45 -5.33 66.39
CA THR UA 98 -118.60 -5.85 67.46
C THR UA 98 -117.31 -5.05 67.58
N HIS UA 99 -116.68 -4.73 66.44
CA HIS UA 99 -115.45 -3.96 66.47
C HIS UA 99 -115.66 -2.62 67.15
N LYS UA 100 -116.76 -1.94 66.84
CA LYS UA 100 -117.07 -0.69 67.51
C LYS UA 100 -117.18 -0.89 69.00
N ARG UA 101 -117.87 -1.96 69.42
CA ARG UA 101 -118.07 -2.20 70.84
C ARG UA 101 -116.78 -2.59 71.53
N ASN UA 102 -115.89 -3.28 70.82
CA ASN UA 102 -114.61 -3.65 71.42
C ASN UA 102 -113.75 -2.44 71.72
N VAL UA 103 -113.58 -1.56 70.73
CA VAL UA 103 -112.78 -0.36 70.97
C VAL UA 103 -113.52 0.61 71.88
N ASP UA 104 -114.85 0.46 71.98
CA ASP UA 104 -115.60 1.25 72.94
C ASP UA 104 -115.14 0.96 74.37
N THR UA 105 -115.13 -0.32 74.75
CA THR UA 105 -114.76 -0.67 76.11
C THR UA 105 -113.27 -0.55 76.35
N LEU UA 106 -112.48 -0.50 75.28
CA LEU UA 106 -111.04 -0.40 75.42
C LEU UA 106 -110.52 1.03 75.36
N PHE UA 107 -111.10 1.86 74.49
CA PHE UA 107 -110.64 3.23 74.30
C PHE UA 107 -111.62 4.26 74.81
N ALA UA 108 -112.87 4.20 74.36
CA ALA UA 108 -113.87 5.17 74.81
C ALA UA 108 -114.10 5.05 76.31
N SER UA 109 -114.61 3.90 76.75
CA SER UA 109 -114.79 3.68 78.18
C SER UA 109 -113.46 3.48 78.89
N GLY UA 110 -112.51 2.84 78.23
CA GLY UA 110 -111.23 2.55 78.84
C GLY UA 110 -110.30 3.74 78.82
N ASN UA 111 -109.03 3.46 79.11
CA ASN UA 111 -107.99 4.48 79.17
C ASN UA 111 -106.95 4.30 78.07
N ALA UA 112 -107.33 3.70 76.94
CA ALA UA 112 -106.37 3.51 75.86
C ALA UA 112 -105.88 4.84 75.31
N GLY UA 113 -106.71 5.88 75.38
CA GLY UA 113 -106.29 7.19 74.91
C GLY UA 113 -105.10 7.73 75.67
N LEU UA 114 -105.09 7.54 76.99
CA LEU UA 114 -103.97 8.00 77.80
C LEU UA 114 -102.70 7.22 77.57
N GLY UA 115 -102.77 6.11 76.83
CA GLY UA 115 -101.63 5.26 76.60
C GLY UA 115 -101.62 3.99 77.43
N PHE UA 116 -102.52 3.85 78.38
CA PHE UA 116 -102.60 2.62 79.16
C PHE UA 116 -103.36 1.56 78.39
N LEU UA 117 -102.83 0.36 78.38
CA LEU UA 117 -103.38 -0.75 77.62
C LEU UA 117 -103.86 -1.81 78.61
N ASP UA 118 -105.14 -1.77 78.94
CA ASP UA 118 -105.68 -2.62 79.99
C ASP UA 118 -105.64 -4.07 79.55
N PRO UA 119 -105.01 -4.97 80.32
CA PRO UA 119 -104.95 -6.39 79.95
C PRO UA 119 -106.14 -7.22 80.41
N THR UA 120 -107.05 -6.67 81.21
CA THR UA 120 -108.20 -7.42 81.69
C THR UA 120 -109.52 -6.82 81.21
N ALA UA 121 -109.48 -6.02 80.15
CA ALA UA 121 -110.70 -5.45 79.61
C ALA UA 121 -111.61 -6.55 79.08
N ALA UA 122 -112.90 -6.40 79.32
CA ALA UA 122 -113.88 -7.42 78.97
C ALA UA 122 -114.37 -7.22 77.53
N ILE UA 123 -113.47 -7.48 76.59
CA ILE UA 123 -113.83 -7.44 75.18
C ILE UA 123 -114.50 -8.75 74.83
N VAL UA 124 -115.30 -8.74 73.77
CA VAL UA 124 -116.14 -9.87 73.42
C VAL UA 124 -116.11 -10.06 71.91
N SER UA 125 -116.27 -11.31 71.49
CA SER UA 125 -116.18 -11.69 70.09
C SER UA 125 -117.48 -11.39 69.34
N SER UA 126 -117.44 -11.64 68.03
CA SER UA 126 -118.58 -11.30 67.17
C SER UA 126 -119.69 -12.34 67.27
N ASP UA 127 -119.38 -13.59 66.96
CA ASP UA 127 -120.39 -14.64 66.93
C ASP UA 127 -120.96 -14.88 68.32
N THR UA 128 -122.28 -15.07 68.37
CA THR UA 128 -123.00 -15.19 69.63
C THR UA 128 -122.90 -16.60 70.20
N THR UA 129 -123.26 -16.73 71.47
CA THR UA 129 -123.25 -18.02 72.14
C THR UA 129 -124.41 -18.89 71.68
N ALA VA 1 -123.99 55.23 49.58
CA ALA VA 1 -123.36 55.79 48.39
C ALA VA 1 -121.90 55.35 48.29
N ASN VA 2 -121.44 55.15 47.07
CA ASN VA 2 -120.06 54.73 46.82
C ASN VA 2 -119.26 55.87 46.22
N LYS VA 3 -117.96 55.87 46.55
CA LYS VA 3 -117.06 56.93 46.08
C LYS VA 3 -116.67 56.65 44.64
N PRO VA 4 -116.95 57.55 43.70
CA PRO VA 4 -116.52 57.32 42.32
C PRO VA 4 -115.01 57.40 42.19
N MET VA 5 -114.49 56.73 41.17
CA MET VA 5 -113.06 56.80 40.88
C MET VA 5 -112.82 57.79 39.74
N GLN VA 6 -111.67 58.42 39.77
CA GLN VA 6 -111.41 59.18 38.56
C GLN VA 6 -110.52 58.36 37.62
N PRO VA 7 -110.69 58.52 36.31
CA PRO VA 7 -109.82 57.79 35.38
C PRO VA 7 -108.37 58.23 35.53
N ILE VA 8 -107.45 57.30 35.25
CA ILE VA 8 -106.03 57.60 35.29
C ILE VA 8 -105.38 57.48 33.92
N THR VA 9 -105.60 56.40 33.19
CA THR VA 9 -104.95 56.20 31.90
C THR VA 9 -106.05 55.99 30.87
N SER VA 10 -106.39 57.05 30.15
CA SER VA 10 -107.46 57.01 29.16
C SER VA 10 -106.87 56.75 27.78
N THR VA 11 -107.43 55.77 27.08
CA THR VA 11 -106.98 55.42 25.74
C THR VA 11 -108.17 54.87 24.98
N ALA VA 12 -108.03 54.81 23.65
CA ALA VA 12 -109.09 54.24 22.83
C ALA VA 12 -109.34 52.77 23.13
N ASN VA 13 -108.38 52.09 23.75
CA ASN VA 13 -108.51 50.68 24.07
C ASN VA 13 -108.61 50.42 25.56
N LYS VA 14 -107.78 51.10 26.36
CA LYS VA 14 -107.64 50.81 27.78
C LYS VA 14 -107.91 52.08 28.58
N ILE VA 15 -108.90 52.02 29.47
CA ILE VA 15 -109.16 53.12 30.39
C ILE VA 15 -109.31 52.53 31.79
N VAL VA 16 -108.60 53.13 32.75
CA VAL VA 16 -108.45 52.58 34.08
C VAL VA 16 -108.92 53.60 35.10
N TRP VA 17 -109.76 53.17 36.03
CA TRP VA 17 -110.14 53.97 37.18
C TRP VA 17 -109.46 53.45 38.43
N SER VA 18 -109.33 54.33 39.43
CA SER VA 18 -108.80 53.95 40.72
C SER VA 18 -109.23 54.99 41.74
N ASP VA 19 -109.52 54.54 42.96
CA ASP VA 19 -110.10 55.42 43.95
C ASP VA 19 -109.08 56.47 44.39
N PRO VA 20 -109.48 57.74 44.48
CA PRO VA 20 -108.53 58.77 44.92
C PRO VA 20 -108.01 58.54 46.32
N THR VA 21 -108.91 58.19 47.25
CA THR VA 21 -108.50 57.96 48.63
C THR VA 21 -107.62 56.72 48.73
N ARG VA 22 -108.02 55.63 48.09
CA ARG VA 22 -107.30 54.36 48.11
C ARG VA 22 -107.00 54.00 46.66
N LEU VA 23 -105.86 54.47 46.15
CA LEU VA 23 -105.54 54.23 44.75
C LEU VA 23 -105.07 52.80 44.48
N SER VA 24 -104.91 51.99 45.52
CA SER VA 24 -104.56 50.59 45.29
C SER VA 24 -105.67 49.85 44.57
N THR VA 25 -106.92 50.10 44.95
CA THR VA 25 -108.04 49.47 44.26
C THR VA 25 -108.26 50.14 42.91
N THR VA 26 -108.48 49.33 41.89
CA THR VA 26 -108.62 49.83 40.52
C THR VA 26 -109.74 49.10 39.82
N PHE VA 27 -110.09 49.59 38.64
CA PHE VA 27 -111.03 48.93 37.74
C PHE VA 27 -110.70 49.37 36.32
N SER VA 28 -110.38 48.42 35.46
CA SER VA 28 -109.95 48.72 34.10
C SER VA 28 -110.80 47.97 33.10
N ALA VA 29 -111.10 48.64 31.99
CA ALA VA 29 -111.85 48.04 30.90
C ALA VA 29 -111.00 48.10 29.64
N SER VA 30 -110.80 46.94 29.01
CA SER VA 30 -109.98 46.85 27.81
C SER VA 30 -110.82 46.23 26.70
N LEU VA 31 -110.82 46.85 25.53
CA LEU VA 31 -111.58 46.38 24.39
C LEU VA 31 -110.63 45.94 23.29
N LEU VA 32 -110.82 44.74 22.78
CA LEU VA 32 -110.09 44.23 21.63
C LEU VA 32 -111.11 44.01 20.52
N ARG VA 33 -111.21 44.98 19.62
CA ARG VA 33 -112.15 44.94 18.51
C ARG VA 33 -111.44 44.44 17.27
N GLN VA 34 -112.05 43.50 16.58
CA GLN VA 34 -111.47 42.93 15.37
C GLN VA 34 -112.59 42.42 14.48
N ARG VA 35 -112.33 42.42 13.19
CA ARG VA 35 -113.33 42.11 12.17
C ARG VA 35 -113.26 40.61 11.89
N VAL VA 36 -114.35 39.89 12.17
CA VAL VA 36 -114.35 38.44 12.10
C VAL VA 36 -115.15 37.99 10.87
N LYS VA 37 -114.75 36.85 10.31
CA LYS VA 37 -115.34 36.28 9.11
C LYS VA 37 -116.25 35.11 9.45
N VAL VA 38 -117.46 35.11 8.87
CA VAL VA 38 -118.36 33.97 8.96
C VAL VA 38 -118.80 33.62 7.54
N GLY VA 39 -119.70 32.64 7.43
CA GLY VA 39 -120.17 32.18 6.14
C GLY VA 39 -120.73 33.27 5.24
N ILE VA 40 -120.01 33.56 4.15
CA ILE VA 40 -120.32 34.57 3.14
C ILE VA 40 -120.92 35.82 3.79
N ALA VA 41 -120.40 36.17 4.97
CA ALA VA 41 -120.79 37.39 5.66
C ALA VA 41 -119.63 37.79 6.56
N GLU VA 42 -119.53 39.09 6.85
CA GLU VA 42 -118.42 39.62 7.61
C GLU VA 42 -118.98 40.35 8.82
N LEU VA 43 -118.41 40.08 9.99
CA LEU VA 43 -118.94 40.62 11.24
C LEU VA 43 -117.83 41.28 12.05
N ASN VA 44 -118.25 42.24 12.87
CA ASN VA 44 -117.35 42.97 13.76
C ASN VA 44 -117.49 42.41 15.16
N ASN VA 45 -116.41 41.81 15.66
CA ASN VA 45 -116.42 41.18 16.97
C ASN VA 45 -115.67 42.05 17.97
N VAL VA 46 -116.16 42.06 19.22
CA VAL VA 46 -115.54 42.81 20.30
C VAL VA 46 -115.29 41.87 21.47
N SER VA 47 -114.24 42.16 22.23
CA SER VA 47 -113.92 41.39 23.43
C SER VA 47 -113.62 42.36 24.56
N GLY VA 48 -114.65 42.66 25.35
CA GLY VA 48 -114.51 43.60 26.46
C GLY VA 48 -113.98 42.91 27.70
N GLN VA 49 -112.73 43.22 28.04
CA GLN VA 49 -112.09 42.65 29.23
C GLN VA 49 -112.26 43.64 30.37
N TYR VA 50 -113.09 43.29 31.34
CA TYR VA 50 -113.38 44.15 32.48
C TYR VA 50 -112.75 43.50 33.71
N VAL VA 51 -111.90 44.25 34.40
CA VAL VA 51 -111.13 43.73 35.52
C VAL VA 51 -111.37 44.61 36.73
N SER VA 52 -111.67 43.99 37.87
CA SER VA 52 -111.79 44.69 39.15
C SER VA 52 -110.75 44.12 40.10
N VAL VA 53 -109.93 44.99 40.68
CA VAL VA 53 -108.83 44.59 41.55
C VAL VA 53 -108.97 45.33 42.87
N TYR VA 54 -108.86 44.61 43.98
CA TYR VA 54 -108.85 45.20 45.31
C TYR VA 54 -107.75 44.57 46.13
N LYS VA 55 -107.01 45.40 46.85
CA LYS VA 55 -106.01 44.93 47.79
C LYS VA 55 -106.64 44.85 49.17
N ARG VA 56 -106.98 43.64 49.60
CA ARG VA 56 -107.65 43.41 50.86
C ARG VA 56 -106.66 42.90 51.89
N PRO VA 57 -106.54 43.54 53.05
CA PRO VA 57 -105.57 43.11 54.05
C PRO VA 57 -105.99 41.77 54.66
N ALA VA 58 -105.17 41.30 55.59
CA ALA VA 58 -105.42 40.02 56.22
C ALA VA 58 -106.76 40.05 56.97
N PRO VA 59 -107.46 38.93 57.06
CA PRO VA 59 -108.75 38.91 57.75
C PRO VA 59 -108.65 39.33 59.21
N LYS VA 60 -107.51 39.02 59.85
CA LYS VA 60 -107.19 39.39 61.22
C LYS VA 60 -108.05 38.59 62.20
N PRO VA 61 -107.48 38.08 63.27
CA PRO VA 61 -108.28 37.35 64.26
C PRO VA 61 -109.32 38.27 64.89
N GLU VA 62 -110.37 37.65 65.41
CA GLU VA 62 -111.55 38.38 65.86
C GLU VA 62 -111.23 39.36 66.97
N GLY VA 63 -111.88 40.51 66.92
CA GLY VA 63 -111.93 41.50 67.99
C GLY VA 63 -110.64 41.80 68.72
N CYS VA 64 -109.52 41.83 68.00
CA CYS VA 64 -108.27 42.22 68.64
C CYS VA 64 -107.40 43.06 67.73
N ALA VA 65 -107.99 43.58 66.66
CA ALA VA 65 -107.25 44.48 65.77
C ALA VA 65 -106.74 45.68 66.57
N ASP VA 66 -105.45 45.96 66.42
CA ASP VA 66 -104.81 46.93 67.30
C ASP VA 66 -105.06 48.37 66.87
N ALA VA 67 -104.50 48.76 65.71
CA ALA VA 67 -104.56 50.10 65.14
C ALA VA 67 -103.43 50.27 64.12
N CYS VA 68 -102.22 50.50 64.62
CA CYS VA 68 -101.05 50.71 63.76
C CYS VA 68 -100.37 49.36 63.54
N VAL VA 69 -101.17 48.40 63.09
CA VAL VA 69 -100.65 47.11 62.68
C VAL VA 69 -101.08 46.84 61.24
N ILE VA 70 -100.23 47.23 60.29
CA ILE VA 70 -100.55 47.08 58.89
C ILE VA 70 -100.27 45.64 58.44
N MET VA 71 -101.34 44.86 58.30
CA MET VA 71 -101.21 43.47 57.92
C MET VA 71 -100.69 43.36 56.49
N PRO VA 72 -99.99 42.27 56.16
CA PRO VA 72 -99.65 42.01 54.76
C PRO VA 72 -100.92 41.92 53.94
N ASN VA 73 -100.86 42.48 52.74
CA ASN VA 73 -102.04 42.77 51.94
C ASN VA 73 -102.13 41.81 50.77
N GLU VA 74 -103.27 41.12 50.67
CA GLU VA 74 -103.53 40.21 49.56
C GLU VA 74 -104.55 40.83 48.61
N ASN VA 75 -104.77 40.17 47.48
CA ASN VA 75 -105.55 40.74 46.40
C ASN VA 75 -106.81 39.93 46.15
N GLN VA 76 -107.84 40.62 45.65
CA GLN VA 76 -109.09 40.00 45.23
C GLN VA 76 -109.41 40.50 43.83
N SER VA 77 -109.46 39.60 42.87
CA SER VA 77 -109.62 39.96 41.47
C SER VA 77 -110.89 39.37 40.91
N ILE VA 78 -111.58 40.14 40.06
CA ILE VA 78 -112.78 39.71 39.37
C ILE VA 78 -112.68 40.25 37.95
N ARG VA 79 -112.40 39.38 36.99
CA ARG VA 79 -112.26 39.80 35.60
C ARG VA 79 -113.25 39.02 34.74
N THR VA 80 -113.84 39.70 33.77
CA THR VA 80 -114.78 39.09 32.84
C THR VA 80 -114.42 39.51 31.42
N VAL VA 81 -114.79 38.68 30.45
CA VAL VA 81 -114.63 38.99 29.04
C VAL VA 81 -115.97 38.79 28.36
N ILE VA 82 -116.31 39.68 27.44
CA ILE VA 82 -117.56 39.63 26.70
C ILE VA 82 -117.20 39.53 25.22
N SER VA 83 -117.51 38.40 24.60
CA SER VA 83 -117.18 38.16 23.21
C SER VA 83 -118.47 38.04 22.40
N GLY VA 84 -118.56 38.80 21.33
CA GLY VA 84 -119.74 38.75 20.48
C GLY VA 84 -119.71 39.88 19.47
N SER VA 85 -120.53 39.73 18.44
CA SER VA 85 -120.65 40.74 17.42
C SER VA 85 -121.57 41.87 17.87
N ALA VA 86 -121.20 43.10 17.52
CA ALA VA 86 -122.07 44.23 17.81
C ALA VA 86 -123.40 44.13 17.08
N GLU VA 87 -123.43 43.43 15.94
CA GLU VA 87 -124.66 43.24 15.20
C GLU VA 87 -125.70 42.44 15.97
N ASN VA 88 -125.28 41.65 16.95
CA ASN VA 88 -126.20 40.92 17.82
C ASN VA 88 -126.04 41.37 19.26
N LEU VA 89 -125.78 42.65 19.47
CA LEU VA 89 -125.58 43.16 20.82
C LEU VA 89 -126.86 43.11 21.63
N ALA VA 90 -128.00 43.42 21.00
CA ALA VA 90 -129.26 43.49 21.75
C ALA VA 90 -129.56 42.16 22.43
N THR VA 91 -129.38 41.06 21.71
CA THR VA 91 -129.60 39.75 22.31
C THR VA 91 -128.45 39.36 23.23
N LEU VA 92 -127.29 40.01 23.07
CA LEU VA 92 -126.17 39.71 23.95
C LEU VA 92 -126.42 40.23 25.36
N LYS VA 93 -127.24 41.28 25.51
CA LYS VA 93 -127.54 41.79 26.83
C LYS VA 93 -128.25 40.74 27.68
N ALA VA 94 -129.18 40.01 27.06
CA ALA VA 94 -129.85 38.93 27.77
C ALA VA 94 -128.86 37.87 28.22
N GLU VA 95 -127.83 37.61 27.41
CA GLU VA 95 -126.78 36.69 27.83
C GLU VA 95 -126.08 37.20 29.08
N TRP VA 96 -125.80 38.49 29.14
CA TRP VA 96 -125.09 39.05 30.27
C TRP VA 96 -125.88 38.89 31.56
N GLU VA 97 -127.16 39.28 31.53
CA GLU VA 97 -127.96 39.21 32.75
C GLU VA 97 -128.19 37.76 33.17
N THR VA 98 -128.39 36.86 32.20
CA THR VA 98 -128.54 35.46 32.54
C THR VA 98 -127.27 34.91 33.19
N HIS VA 99 -126.11 35.28 32.64
CA HIS VA 99 -124.86 34.87 33.23
C HIS VA 99 -124.74 35.39 34.66
N LYS VA 100 -125.20 36.61 34.90
CA LYS VA 100 -125.19 37.16 36.25
C LYS VA 100 -126.03 36.28 37.19
N ARG VA 101 -127.25 35.95 36.78
CA ARG VA 101 -128.12 35.15 37.63
C ARG VA 101 -127.56 33.76 37.83
N ASN VA 102 -126.97 33.17 36.79
CA ASN VA 102 -126.40 31.83 36.93
C ASN VA 102 -125.28 31.82 37.94
N VAL VA 103 -124.40 32.83 37.91
CA VAL VA 103 -123.34 32.90 38.91
C VAL VA 103 -123.92 33.22 40.29
N ASP VA 104 -124.99 34.02 40.32
CA ASP VA 104 -125.65 34.32 41.60
C ASP VA 104 -126.01 33.06 42.34
N THR VA 105 -126.68 32.13 41.66
CA THR VA 105 -127.19 30.94 42.33
C THR VA 105 -126.09 29.96 42.73
N LEU VA 106 -124.88 30.14 42.23
CA LEU VA 106 -123.73 29.39 42.73
C LEU VA 106 -122.89 30.15 43.72
N PHE VA 107 -122.62 31.43 43.46
CA PHE VA 107 -121.70 32.22 44.26
C PHE VA 107 -122.41 33.03 45.34
N ALA VA 108 -123.36 33.87 44.94
CA ALA VA 108 -124.05 34.71 45.91
C ALA VA 108 -124.82 33.87 46.92
N SER VA 109 -125.51 32.83 46.45
CA SER VA 109 -126.33 31.99 47.30
C SER VA 109 -125.63 30.71 47.73
N GLY VA 110 -125.05 29.98 46.79
CA GLY VA 110 -124.39 28.73 47.10
C GLY VA 110 -123.02 28.94 47.71
N ASN VA 111 -122.34 27.82 47.94
CA ASN VA 111 -121.02 27.84 48.56
C ASN VA 111 -119.90 27.73 47.54
N ALA VA 112 -120.08 28.28 46.34
CA ALA VA 112 -119.02 28.25 45.34
C ALA VA 112 -117.80 29.02 45.80
N GLY VA 113 -118.00 30.16 46.47
CA GLY VA 113 -116.86 30.92 46.96
C GLY VA 113 -116.00 30.15 47.93
N LEU VA 114 -116.63 29.34 48.78
CA LEU VA 114 -115.87 28.54 49.73
C LEU VA 114 -115.10 27.42 49.06
N GLY VA 115 -115.35 27.14 47.80
CA GLY VA 115 -114.72 26.05 47.11
C GLY VA 115 -115.60 24.84 46.88
N PHE VA 116 -116.90 24.94 47.17
CA PHE VA 116 -117.83 23.84 46.98
C PHE VA 116 -118.55 24.01 45.66
N LEU VA 117 -119.27 22.97 45.26
CA LEU VA 117 -120.19 23.05 44.13
C LEU VA 117 -121.49 22.35 44.48
N ASP VA 118 -122.55 22.75 43.80
CA ASP VA 118 -123.89 22.21 44.01
C ASP VA 118 -124.35 21.56 42.71
N PRO VA 119 -124.15 20.26 42.54
CA PRO VA 119 -124.54 19.62 41.28
C PRO VA 119 -126.03 19.68 41.00
N THR VA 120 -126.85 19.89 42.02
CA THR VA 120 -128.29 20.02 41.83
C THR VA 120 -128.76 21.47 41.87
N ALA VA 121 -127.84 22.42 41.83
CA ALA VA 121 -128.23 23.82 41.76
C ALA VA 121 -129.02 24.08 40.49
N ALA VA 122 -130.14 24.81 40.63
CA ALA VA 122 -131.07 25.01 39.52
C ALA VA 122 -130.70 26.28 38.77
N ILE VA 123 -129.76 26.14 37.86
CA ILE VA 123 -129.42 27.23 36.96
C ILE VA 123 -130.37 27.19 35.77
N VAL VA 124 -130.42 28.27 35.01
CA VAL VA 124 -131.39 28.42 33.96
C VAL VA 124 -130.74 29.06 32.74
N SER VA 125 -131.33 28.85 31.58
CA SER VA 125 -130.78 29.36 30.33
C SER VA 125 -131.15 30.83 30.16
N SER VA 126 -130.88 31.37 28.99
CA SER VA 126 -131.18 32.77 28.69
C SER VA 126 -132.49 32.93 27.94
N ASP VA 127 -132.64 32.20 26.82
CA ASP VA 127 -133.87 32.28 26.05
C ASP VA 127 -135.04 31.74 26.86
N THR VA 128 -136.16 32.44 26.80
CA THR VA 128 -137.34 32.07 27.57
C THR VA 128 -138.07 30.93 26.87
N THR VA 129 -139.22 30.53 27.43
CA THR VA 129 -140.01 29.45 26.85
C THR VA 129 -141.09 30.01 25.94
N ALA WA 1 -129.97 65.15 7.64
CA ALA WA 1 -130.63 64.08 8.38
C ALA WA 1 -129.92 62.75 8.13
N ASN WA 2 -128.68 62.66 8.59
CA ASN WA 2 -127.87 61.47 8.43
C ASN WA 2 -127.36 61.02 9.79
N LYS WA 3 -127.12 59.71 9.92
CA LYS WA 3 -126.58 59.19 11.16
C LYS WA 3 -125.20 59.76 11.40
N PRO WA 4 -124.89 60.20 12.63
CA PRO WA 4 -123.53 60.66 12.93
C PRO WA 4 -122.66 59.56 13.50
N MET WA 5 -121.35 59.71 13.25
CA MET WA 5 -120.37 58.78 13.78
C MET WA 5 -119.84 59.27 15.12
N GLN WA 6 -119.08 58.41 15.76
CA GLN WA 6 -118.34 58.71 16.98
C GLN WA 6 -116.92 58.20 16.82
N PRO WA 7 -115.96 58.86 17.47
CA PRO WA 7 -114.57 58.44 17.33
C PRO WA 7 -114.34 57.05 17.90
N ILE WA 8 -113.44 56.31 17.27
CA ILE WA 8 -112.97 55.02 17.76
C ILE WA 8 -111.60 55.13 18.39
N THR WA 9 -110.62 55.57 17.60
CA THR WA 9 -109.24 55.63 18.06
C THR WA 9 -108.75 57.06 17.95
N SER WA 10 -108.36 57.63 19.08
CA SER WA 10 -107.78 58.97 19.13
C SER WA 10 -106.28 58.86 19.33
N THR WA 11 -105.53 59.64 18.58
CA THR WA 11 -104.08 59.57 18.61
C THR WA 11 -103.56 60.98 18.31
N ALA WA 12 -102.26 61.19 18.57
CA ALA WA 12 -101.65 62.49 18.34
C ALA WA 12 -101.86 62.96 16.91
N ASN WA 13 -101.94 62.05 15.96
CA ASN WA 13 -102.11 62.39 14.55
C ASN WA 13 -103.28 61.68 13.90
N LYS WA 14 -103.75 60.57 14.46
CA LYS WA 14 -104.75 59.73 13.84
C LYS WA 14 -106.03 59.75 14.65
N ILE WA 15 -107.15 59.95 13.97
CA ILE WA 15 -108.47 59.84 14.59
C ILE WA 15 -109.37 59.10 13.63
N VAL WA 16 -110.15 58.16 14.16
CA VAL WA 16 -111.00 57.30 13.35
C VAL WA 16 -112.41 57.33 13.90
N TRP WA 17 -113.39 57.54 13.03
CA TRP WA 17 -114.79 57.49 13.42
C TRP WA 17 -115.41 56.18 12.96
N SER WA 18 -116.66 55.96 13.35
CA SER WA 18 -117.41 54.79 12.93
C SER WA 18 -118.87 54.99 13.30
N ASP WA 19 -119.75 54.45 12.47
CA ASP WA 19 -121.19 54.56 12.71
C ASP WA 19 -121.60 53.45 13.67
N PRO WA 20 -122.17 53.77 14.83
CA PRO WA 20 -122.61 52.70 15.74
C PRO WA 20 -123.63 51.76 15.13
N THR WA 21 -124.53 52.27 14.28
CA THR WA 21 -125.52 51.40 13.66
C THR WA 21 -124.86 50.40 12.73
N ARG WA 22 -123.85 50.82 11.98
CA ARG WA 22 -123.13 49.95 11.06
C ARG WA 22 -121.65 50.26 11.19
N LEU WA 23 -120.91 49.41 11.91
CA LEU WA 23 -119.50 49.65 12.17
C LEU WA 23 -118.64 49.52 10.91
N SER WA 24 -119.19 49.00 9.82
CA SER WA 24 -118.39 48.79 8.62
C SER WA 24 -117.91 50.12 8.04
N THR WA 25 -118.80 51.11 7.95
CA THR WA 25 -118.42 52.40 7.40
C THR WA 25 -117.54 53.16 8.38
N THR WA 26 -116.57 53.89 7.84
CA THR WA 26 -115.60 54.59 8.68
C THR WA 26 -115.24 55.92 8.02
N PHE WA 27 -114.48 56.72 8.76
CA PHE WA 27 -113.89 57.96 8.26
C PHE WA 27 -112.78 58.35 9.20
N SER WA 28 -111.56 58.49 8.68
CA SER WA 28 -110.43 58.78 9.53
C SER WA 28 -109.55 59.84 8.89
N ALA WA 29 -108.82 60.56 9.74
CA ALA WA 29 -107.91 61.62 9.30
C ALA WA 29 -106.55 61.42 9.96
N SER WA 30 -105.50 61.65 9.19
CA SER WA 30 -104.13 61.56 9.69
C SER WA 30 -103.38 62.80 9.23
N LEU WA 31 -102.47 63.27 10.08
CA LEU WA 31 -101.77 64.52 9.86
C LEU WA 31 -100.27 64.33 10.04
N LEU WA 32 -99.50 65.07 9.26
CA LEU WA 32 -98.05 65.10 9.40
C LEU WA 32 -97.57 66.54 9.30
N ARG WA 33 -96.64 66.91 10.16
CA ARG WA 33 -96.07 68.24 10.18
C ARG WA 33 -94.55 68.15 10.07
N GLN WA 34 -93.98 68.95 9.18
CA GLN WA 34 -92.56 68.89 8.89
C GLN WA 34 -91.97 70.28 8.93
N ARG WA 35 -90.69 70.33 9.27
CA ARG WA 35 -89.99 71.58 9.49
C ARG WA 35 -89.31 71.95 8.18
N VAL WA 36 -89.93 72.82 7.37
CA VAL WA 36 -89.56 72.96 5.97
C VAL WA 36 -88.76 74.24 5.75
N LYS WA 37 -87.59 74.11 5.16
CA LYS WA 37 -86.66 75.22 4.93
C LYS WA 37 -86.62 75.56 3.44
N VAL WA 38 -87.03 76.76 3.10
CA VAL WA 38 -86.81 77.31 1.76
C VAL WA 38 -85.86 78.51 1.89
N GLY WA 39 -85.47 79.06 0.74
CA GLY WA 39 -84.53 80.15 0.69
C GLY WA 39 -84.82 81.28 1.67
N ILE WA 40 -83.91 81.45 2.64
CA ILE WA 40 -83.97 82.42 3.73
C ILE WA 40 -85.38 82.59 4.29
N ALA WA 41 -86.12 81.50 4.35
CA ALA WA 41 -87.46 81.54 4.91
C ALA WA 41 -87.79 80.15 5.44
N GLU WA 42 -88.29 80.10 6.67
CA GLU WA 42 -88.74 78.86 7.28
C GLU WA 42 -90.26 78.89 7.38
N LEU WA 43 -90.88 77.77 7.06
CA LEU WA 43 -92.34 77.67 7.07
C LEU WA 43 -92.77 76.27 7.48
N ASN WA 44 -94.04 76.17 7.86
CA ASN WA 44 -94.62 74.96 8.42
C ASN WA 44 -95.43 74.23 7.36
N ASN WA 45 -95.20 72.93 7.22
CA ASN WA 45 -95.91 72.11 6.25
C ASN WA 45 -96.83 71.15 6.98
N VAL WA 46 -98.02 70.95 6.44
CA VAL WA 46 -99.01 70.04 7.01
C VAL WA 46 -99.59 69.20 5.88
N SER WA 47 -99.59 67.88 6.06
CA SER WA 47 -100.17 66.95 5.09
C SER WA 47 -101.23 66.14 5.80
N GLY WA 48 -102.47 66.25 5.35
CA GLY WA 48 -103.57 65.57 5.98
C GLY WA 48 -104.27 64.57 5.09
N GLN WA 49 -104.27 63.30 5.48
CA GLN WA 49 -104.89 62.23 4.70
C GLN WA 49 -106.28 61.96 5.24
N TYR WA 50 -107.26 61.88 4.35
CA TYR WA 50 -108.65 61.67 4.72
C TYR WA 50 -109.18 60.49 3.90
N VAL WA 51 -109.81 59.54 4.58
CA VAL WA 51 -110.33 58.35 3.93
C VAL WA 51 -111.79 58.17 4.33
N SER WA 52 -112.58 57.61 3.44
CA SER WA 52 -113.96 57.26 3.72
C SER WA 52 -114.25 55.91 3.09
N VAL WA 53 -114.62 54.93 3.91
CA VAL WA 53 -114.77 53.54 3.48
C VAL WA 53 -116.20 53.11 3.70
N TYR WA 54 -116.78 52.48 2.69
CA TYR WA 54 -118.14 51.94 2.79
C TYR WA 54 -118.19 50.60 2.08
N LYS WA 55 -119.04 49.71 2.60
CA LYS WA 55 -119.27 48.40 1.99
C LYS WA 55 -120.73 48.29 1.60
N ARG WA 56 -120.99 47.95 0.34
CA ARG WA 56 -122.35 47.94 -0.17
C ARG WA 56 -122.63 46.66 -0.93
N PRO WA 57 -123.82 46.09 -0.76
CA PRO WA 57 -124.23 44.95 -1.62
C PRO WA 57 -124.62 45.46 -2.99
N ALA WA 58 -123.78 45.22 -3.99
CA ALA WA 58 -123.84 46.02 -5.20
C ALA WA 58 -125.07 45.77 -6.07
N PRO WA 59 -125.22 44.61 -6.71
CA PRO WA 59 -126.11 44.56 -7.87
C PRO WA 59 -127.60 44.46 -7.58
N LYS WA 60 -128.01 43.58 -6.65
CA LYS WA 60 -129.41 43.26 -6.42
C LYS WA 60 -130.14 43.12 -7.76
N PRO WA 61 -129.96 41.99 -8.46
CA PRO WA 61 -130.37 41.89 -9.88
C PRO WA 61 -131.65 42.62 -10.24
N GLU WA 62 -131.59 43.38 -11.34
CA GLU WA 62 -132.60 44.35 -11.72
C GLU WA 62 -134.02 43.83 -11.66
N GLY WA 63 -134.96 44.72 -11.33
CA GLY WA 63 -136.36 44.36 -11.24
C GLY WA 63 -136.64 43.26 -10.24
N CYS WA 64 -135.89 43.25 -9.16
CA CYS WA 64 -136.19 42.30 -8.10
C CYS WA 64 -135.49 42.65 -6.86
N ALA WA 65 -136.07 42.24 -5.75
CA ALA WA 65 -135.44 42.48 -4.48
C ALA WA 65 -135.95 41.47 -3.51
N ASP WA 66 -136.83 40.59 -4.00
CA ASP WA 66 -137.45 39.62 -3.12
C ASP WA 66 -137.65 40.32 -1.80
N ALA WA 67 -137.32 39.67 -0.70
CA ALA WA 67 -137.39 40.36 0.55
C ALA WA 67 -135.98 40.70 0.75
N CYS WA 68 -135.16 39.69 0.59
CA CYS WA 68 -133.74 39.88 0.78
C CYS WA 68 -132.96 38.71 0.19
N VAL WA 69 -132.16 38.98 -0.82
CA VAL WA 69 -131.14 38.05 -1.28
C VAL WA 69 -129.86 38.86 -1.43
N ILE WA 70 -128.90 38.63 -0.53
CA ILE WA 70 -127.83 39.58 -0.28
C ILE WA 70 -126.52 39.03 -0.85
N MET WA 71 -125.83 39.85 -1.63
CA MET WA 71 -124.55 39.47 -2.17
C MET WA 71 -123.46 40.15 -1.37
N PRO WA 72 -122.23 39.63 -1.36
CA PRO WA 72 -121.17 40.25 -0.57
C PRO WA 72 -120.86 41.66 -1.06
N ASN WA 73 -120.40 42.48 -0.13
CA ASN WA 73 -120.15 43.88 -0.38
C ASN WA 73 -118.75 44.07 -0.96
N GLU WA 74 -118.52 45.27 -1.48
CA GLU WA 74 -117.22 45.64 -2.04
C GLU WA 74 -116.79 46.97 -1.44
N ASN WA 75 -115.55 47.35 -1.74
CA ASN WA 75 -114.97 48.55 -1.17
C ASN WA 75 -115.41 49.78 -1.96
N GLN WA 76 -115.79 50.84 -1.23
CA GLN WA 76 -116.06 52.14 -1.82
C GLN WA 76 -115.25 53.15 -1.03
N SER WA 77 -114.00 53.35 -1.42
CA SER WA 77 -113.06 54.17 -0.67
C SER WA 77 -112.80 55.47 -1.43
N ILE WA 78 -112.65 56.55 -0.68
CA ILE WA 78 -112.31 57.85 -1.22
C ILE WA 78 -111.10 58.39 -0.46
N ARG WA 79 -110.04 58.70 -1.19
CA ARG WA 79 -108.78 59.14 -0.60
C ARG WA 79 -108.51 60.58 -0.98
N THR WA 80 -108.25 61.42 0.01
CA THR WA 80 -107.83 62.79 -0.25
C THR WA 80 -106.69 63.12 0.70
N VAL WA 81 -105.61 63.67 0.17
CA VAL WA 81 -104.51 64.20 0.98
C VAL WA 81 -104.27 65.63 0.54
N ILE WA 82 -104.00 66.51 1.51
CA ILE WA 82 -103.75 67.92 1.25
C ILE WA 82 -102.40 68.27 1.86
N SER WA 83 -101.45 68.62 1.00
CA SER WA 83 -100.12 69.02 1.44
C SER WA 83 -99.90 70.47 1.09
N GLY WA 84 -99.53 71.27 2.08
CA GLY WA 84 -99.33 72.69 1.86
C GLY WA 84 -98.84 73.36 3.13
N SER WA 85 -98.56 74.65 3.00
CA SER WA 85 -98.05 75.44 4.10
C SER WA 85 -99.19 75.97 4.94
N ALA WA 86 -99.04 75.86 6.27
CA ALA WA 86 -100.01 76.48 7.16
C ALA WA 86 -100.06 77.98 6.99
N GLU WA 87 -98.91 78.59 6.64
CA GLU WA 87 -98.88 80.03 6.41
C GLU WA 87 -99.72 80.40 5.19
N ASN WA 88 -99.89 79.47 4.25
CA ASN WA 88 -100.71 79.69 3.07
C ASN WA 88 -102.03 78.94 3.14
N LEU WA 89 -102.55 78.71 4.34
CA LEU WA 89 -103.80 77.97 4.47
C LEU WA 89 -104.95 78.73 3.82
N ALA WA 90 -104.95 80.06 3.93
CA ALA WA 90 -106.08 80.85 3.44
C ALA WA 90 -106.29 80.65 1.95
N THR WA 91 -105.20 80.66 1.18
CA THR WA 91 -105.33 80.39 -0.25
C THR WA 91 -105.54 78.91 -0.52
N LEU WA 92 -105.08 78.03 0.37
CA LEU WA 92 -105.26 76.60 0.16
C LEU WA 92 -106.73 76.21 0.19
N LYS WA 93 -107.51 76.81 1.09
CA LYS WA 93 -108.94 76.52 1.14
C LYS WA 93 -109.61 76.83 -0.18
N ALA WA 94 -109.27 77.97 -0.78
CA ALA WA 94 -109.86 78.32 -2.06
C ALA WA 94 -109.48 77.31 -3.14
N GLU WA 95 -108.24 76.83 -3.11
CA GLU WA 95 -107.81 75.83 -4.07
C GLU WA 95 -108.57 74.52 -3.90
N TRP WA 96 -108.80 74.13 -2.65
CA TRP WA 96 -109.61 72.95 -2.39
C TRP WA 96 -111.03 73.12 -2.94
N GLU WA 97 -111.54 74.35 -2.93
CA GLU WA 97 -112.83 74.61 -3.57
C GLU WA 97 -112.73 74.41 -5.06
N THR WA 98 -111.62 74.83 -5.68
CA THR WA 98 -111.44 74.57 -7.10
C THR WA 98 -111.34 73.08 -7.37
N HIS WA 99 -110.61 72.35 -6.53
CA HIS WA 99 -110.52 70.90 -6.68
C HIS WA 99 -111.90 70.26 -6.63
N LYS WA 100 -112.78 70.79 -5.76
CA LYS WA 100 -114.17 70.37 -5.77
C LYS WA 100 -114.78 70.52 -7.16
N ARG WA 101 -114.63 71.71 -7.73
CA ARG WA 101 -115.32 72.04 -8.99
C ARG WA 101 -114.84 71.14 -10.12
N ASN WA 102 -113.52 70.94 -10.22
CA ASN WA 102 -112.98 70.14 -11.31
C ASN WA 102 -113.47 68.71 -11.23
N VAL WA 103 -113.38 68.10 -10.05
CA VAL WA 103 -113.81 66.71 -9.90
C VAL WA 103 -115.30 66.58 -10.13
N ASP WA 104 -116.10 67.48 -9.55
CA ASP WA 104 -117.54 67.38 -9.70
C ASP WA 104 -117.96 67.47 -11.15
N THR WA 105 -117.35 68.39 -11.91
CA THR WA 105 -117.63 68.46 -13.33
C THR WA 105 -117.20 67.19 -14.03
N LEU WA 106 -116.01 66.68 -13.70
CA LEU WA 106 -115.49 65.51 -14.39
C LEU WA 106 -116.17 64.24 -13.91
N PHE WA 107 -116.39 64.10 -12.61
CA PHE WA 107 -116.94 62.88 -12.04
C PHE WA 107 -118.45 62.95 -11.85
N ALA WA 108 -118.94 63.91 -11.06
CA ALA WA 108 -120.37 63.97 -10.78
C ALA WA 108 -121.15 64.39 -12.01
N SER WA 109 -120.76 65.50 -12.63
CA SER WA 109 -121.43 65.92 -13.85
C SER WA 109 -121.02 65.06 -15.04
N GLY WA 110 -119.73 64.76 -15.14
CA GLY WA 110 -119.21 64.02 -16.27
C GLY WA 110 -119.46 62.52 -16.16
N ASN WA 111 -118.82 61.80 -17.07
CA ASN WA 111 -118.99 60.35 -17.17
C ASN WA 111 -117.71 59.61 -16.78
N ALA WA 112 -116.83 60.26 -16.02
CA ALA WA 112 -115.58 59.63 -15.61
C ALA WA 112 -115.80 58.50 -14.63
N GLY WA 113 -116.95 58.46 -13.96
CA GLY WA 113 -117.21 57.39 -13.02
C GLY WA 113 -117.27 56.02 -13.70
N LEU WA 114 -117.87 55.97 -14.88
CA LEU WA 114 -117.93 54.73 -15.64
C LEU WA 114 -116.60 54.38 -16.29
N GLY WA 115 -115.63 55.28 -16.24
CA GLY WA 115 -114.35 55.07 -16.87
C GLY WA 115 -114.10 55.87 -18.13
N PHE WA 116 -114.84 56.95 -18.35
CA PHE WA 116 -114.77 57.71 -19.58
C PHE WA 116 -114.04 59.02 -19.35
N LEU WA 117 -113.04 59.31 -20.18
CA LEU WA 117 -112.29 60.55 -20.08
C LEU WA 117 -112.69 61.47 -21.21
N ASP WA 118 -113.09 62.69 -20.87
CA ASP WA 118 -113.57 63.65 -21.86
C ASP WA 118 -112.60 64.81 -21.96
N PRO WA 119 -111.79 64.90 -23.02
CA PRO WA 119 -110.80 65.98 -23.11
C PRO WA 119 -111.41 67.36 -23.21
N THR WA 120 -112.68 67.48 -23.56
CA THR WA 120 -113.33 68.77 -23.73
C THR WA 120 -114.10 69.21 -22.48
N ALA WA 121 -113.94 68.51 -21.36
CA ALA WA 121 -114.61 68.91 -20.14
C ALA WA 121 -114.11 70.26 -19.66
N ALA WA 122 -115.01 71.05 -19.09
CA ALA WA 122 -114.66 72.38 -18.61
C ALA WA 122 -113.92 72.29 -17.29
N ILE WA 123 -112.67 72.74 -17.27
CA ILE WA 123 -111.84 72.76 -16.08
C ILE WA 123 -111.40 74.19 -15.83
N VAL WA 124 -111.49 74.64 -14.57
CA VAL WA 124 -111.19 76.02 -14.22
C VAL WA 124 -110.07 76.03 -13.18
N SER WA 125 -109.46 77.20 -13.03
CA SER WA 125 -108.34 77.38 -12.12
C SER WA 125 -108.80 78.02 -10.81
N SER WA 126 -107.88 78.08 -9.84
CA SER WA 126 -108.20 78.72 -8.57
C SER WA 126 -108.24 80.23 -8.72
N ASP WA 127 -107.26 80.80 -9.41
CA ASP WA 127 -107.21 82.25 -9.55
C ASP WA 127 -108.31 82.75 -10.49
N THR WA 128 -108.59 84.04 -10.38
CA THR WA 128 -109.72 84.65 -11.09
C THR WA 128 -109.34 86.06 -11.51
N THR WA 129 -109.94 86.53 -12.60
CA THR WA 129 -109.79 87.91 -13.01
C THR WA 129 -110.63 88.83 -12.12
N ALA XA 1 -109.40 86.91 28.08
CA ALA XA 1 -109.78 86.72 26.69
C ALA XA 1 -108.59 86.18 25.89
N ASN XA 2 -107.71 85.44 26.58
CA ASN XA 2 -106.56 84.86 25.93
C ASN XA 2 -106.99 83.82 24.91
N LYS XA 3 -106.24 83.70 23.83
CA LYS XA 3 -106.55 82.70 22.81
C LYS XA 3 -106.33 81.31 23.40
N PRO XA 4 -107.35 80.45 23.43
CA PRO XA 4 -107.14 79.08 23.89
C PRO XA 4 -106.35 78.27 22.87
N MET XA 5 -105.62 77.28 23.36
CA MET XA 5 -104.93 76.36 22.48
C MET XA 5 -105.70 75.04 22.38
N GLN XA 6 -105.19 74.16 21.55
CA GLN XA 6 -105.73 72.82 21.36
C GLN XA 6 -104.58 71.83 21.35
N PRO XA 7 -104.83 70.59 21.73
CA PRO XA 7 -103.76 69.59 21.76
C PRO XA 7 -103.21 69.30 20.38
N ILE XA 8 -101.90 69.04 20.32
CA ILE XA 8 -101.23 68.58 19.12
C ILE XA 8 -100.81 67.12 19.23
N THR XA 9 -99.96 66.80 20.21
CA THR XA 9 -99.46 65.46 20.40
C THR XA 9 -100.12 64.90 21.65
N SER XA 10 -101.28 64.27 21.47
CA SER XA 10 -102.01 63.66 22.57
C SER XA 10 -101.48 62.25 22.81
N THR XA 11 -101.05 61.99 24.04
CA THR XA 11 -100.49 60.70 24.41
C THR XA 11 -100.84 60.44 25.87
N ALA XA 12 -100.77 59.17 26.27
CA ALA XA 12 -101.05 58.81 27.65
C ALA XA 12 -100.07 59.45 28.63
N ASN XA 13 -98.92 59.91 28.16
CA ASN XA 13 -97.91 60.52 29.02
C ASN XA 13 -97.66 61.99 28.71
N LYS XA 14 -97.63 62.37 27.44
CA LYS XA 14 -97.37 63.75 27.06
C LYS XA 14 -98.54 64.30 26.26
N ILE XA 15 -99.01 65.48 26.64
CA ILE XA 15 -99.98 66.24 25.85
C ILE XA 15 -99.43 67.64 25.70
N VAL XA 16 -99.42 68.14 24.47
CA VAL XA 16 -98.88 69.46 24.17
C VAL XA 16 -99.99 70.29 23.53
N TRP XA 17 -100.06 71.56 23.92
CA TRP XA 17 -100.96 72.52 23.30
C TRP XA 17 -100.15 73.53 22.51
N SER XA 18 -100.78 74.12 21.50
CA SER XA 18 -100.16 75.19 20.73
C SER XA 18 -101.24 76.10 20.19
N ASP XA 19 -100.86 77.35 19.93
CA ASP XA 19 -101.80 78.35 19.47
C ASP XA 19 -102.00 78.19 17.96
N PRO XA 20 -103.24 78.02 17.48
CA PRO XA 20 -103.44 78.01 16.03
C PRO XA 20 -102.98 79.30 15.36
N THR XA 21 -103.15 80.44 16.02
CA THR XA 21 -102.69 81.69 15.44
C THR XA 21 -101.17 81.82 15.44
N ARG XA 22 -100.49 81.10 16.32
CA ARG XA 22 -99.03 81.17 16.39
C ARG XA 22 -98.53 79.80 16.85
N LEU XA 23 -97.99 79.02 15.91
CA LEU XA 23 -97.54 77.67 16.23
C LEU XA 23 -96.29 77.67 17.09
N SER XA 24 -95.59 78.80 17.19
CA SER XA 24 -94.36 78.83 17.97
C SER XA 24 -94.64 78.62 19.46
N THR XA 25 -95.62 79.32 19.99
CA THR XA 25 -95.92 79.22 21.42
C THR XA 25 -96.64 77.91 21.72
N THR XA 26 -96.12 77.17 22.70
CA THR XA 26 -96.66 75.88 23.06
C THR XA 26 -96.69 75.74 24.57
N PHE XA 27 -97.47 74.77 25.04
CA PHE XA 27 -97.52 74.43 26.46
C PHE XA 27 -97.62 72.92 26.57
N SER XA 28 -96.53 72.28 26.98
CA SER XA 28 -96.44 70.83 27.03
C SER XA 28 -96.52 70.36 28.47
N ALA XA 29 -97.39 69.39 28.73
CA ALA XA 29 -97.52 68.78 30.05
C ALA XA 29 -97.22 67.30 29.94
N SER XA 30 -96.18 66.84 30.62
CA SER XA 30 -95.81 65.45 30.65
C SER XA 30 -95.85 64.95 32.08
N LEU XA 31 -96.37 63.74 32.26
CA LEU XA 31 -96.60 63.19 33.58
C LEU XA 31 -95.95 61.82 33.69
N LEU XA 32 -95.31 61.58 34.82
CA LEU XA 32 -94.67 60.30 35.11
C LEU XA 32 -95.30 59.70 36.37
N ARG XA 33 -95.61 58.41 36.30
CA ARG XA 33 -96.32 57.72 37.36
C ARG XA 33 -95.46 56.59 37.89
N GLN XA 34 -95.30 56.53 39.21
CA GLN XA 34 -94.35 55.62 39.83
C GLN XA 34 -94.86 55.21 41.20
N ARG XA 35 -94.44 54.02 41.63
CA ARG XA 35 -94.70 53.51 42.97
C ARG XA 35 -93.39 53.48 43.74
N VAL XA 36 -93.42 54.01 44.97
CA VAL XA 36 -92.20 54.12 45.78
C VAL XA 36 -92.44 53.45 47.13
N LYS XA 37 -91.33 53.07 47.76
CA LYS XA 37 -91.34 52.32 49.02
C LYS XA 37 -90.27 52.94 49.92
N VAL XA 38 -90.66 53.96 50.69
CA VAL XA 38 -89.69 54.67 51.52
C VAL XA 38 -89.40 53.89 52.80
N GLY XA 39 -90.44 53.34 53.42
CA GLY XA 39 -90.29 52.43 54.53
C GLY XA 39 -91.17 51.23 54.29
N ILE XA 40 -92.01 50.86 55.25
CA ILE XA 40 -93.18 50.02 54.94
C ILE XA 40 -94.31 50.99 54.63
N ALA XA 41 -94.27 51.52 53.41
CA ALA XA 41 -95.11 52.67 53.08
C ALA XA 41 -95.82 52.53 51.74
N GLU XA 42 -95.18 51.87 50.78
CA GLU XA 42 -95.69 51.66 49.42
C GLU XA 42 -96.47 52.85 48.86
N LEU XA 43 -95.90 54.05 48.93
CA LEU XA 43 -96.54 55.22 48.36
C LEU XA 43 -96.51 55.18 46.84
N ASN XA 44 -97.33 56.03 46.24
CA ASN XA 44 -97.36 56.25 44.79
C ASN XA 44 -97.12 57.73 44.53
N ASN XA 45 -95.98 58.07 43.96
CA ASN XA 45 -95.69 59.46 43.63
C ASN XA 45 -95.99 59.74 42.17
N VAL XA 46 -96.37 60.97 41.90
CA VAL XA 46 -96.67 61.43 40.55
C VAL XA 46 -95.76 62.60 40.23
N SER XA 47 -94.89 62.42 39.23
CA SER XA 47 -93.94 63.44 38.83
C SER XA 47 -94.37 63.98 37.47
N GLY XA 48 -95.01 65.14 37.47
CA GLY XA 48 -95.47 65.73 36.24
C GLY XA 48 -94.86 67.08 35.97
N GLN XA 49 -94.06 67.19 34.92
CA GLN XA 49 -93.38 68.43 34.57
C GLN XA 49 -94.19 69.15 33.50
N TYR XA 50 -94.22 70.48 33.59
CA TYR XA 50 -94.99 71.32 32.69
C TYR XA 50 -94.07 72.35 32.07
N VAL XA 51 -94.17 72.51 30.75
CA VAL XA 51 -93.31 73.42 30.01
C VAL XA 51 -94.18 74.37 29.21
N SER XA 52 -93.89 75.67 29.33
CA SER XA 52 -94.53 76.69 28.51
C SER XA 52 -93.44 77.46 27.78
N VAL XA 53 -93.56 77.56 26.46
CA VAL XA 53 -92.52 78.11 25.61
C VAL XA 53 -93.14 79.20 24.74
N TYR XA 54 -92.45 80.33 24.64
CA TYR XA 54 -92.85 81.41 23.76
C TYR XA 54 -91.63 81.92 23.00
N LYS XA 55 -91.81 82.22 21.72
CA LYS XA 55 -90.77 82.79 20.88
C LYS XA 55 -91.13 84.25 20.61
N ARG XA 56 -90.60 85.16 21.40
CA ARG XA 56 -90.91 86.58 21.27
C ARG XA 56 -89.67 87.37 20.91
N PRO XA 57 -89.50 87.78 19.66
CA PRO XA 57 -88.41 88.70 19.30
C PRO XA 57 -88.78 90.12 19.66
N ALA XA 58 -88.20 90.63 20.74
CA ALA XA 58 -88.42 92.03 21.03
C ALA XA 58 -87.17 92.79 21.45
N PRO XA 59 -86.02 92.64 20.78
CA PRO XA 59 -84.99 93.68 20.92
C PRO XA 59 -85.41 94.98 20.26
N LYS XA 60 -85.81 94.93 18.99
CA LYS XA 60 -86.36 96.05 18.22
C LYS XA 60 -85.52 97.30 18.37
N PRO XA 61 -84.37 97.37 17.68
CA PRO XA 61 -83.53 98.59 17.75
C PRO XA 61 -84.35 99.85 17.54
N GLU XA 62 -84.11 100.85 18.39
CA GLU XA 62 -85.00 102.00 18.49
C GLU XA 62 -85.04 102.78 17.19
N GLY XA 63 -86.17 103.47 16.98
CA GLY XA 63 -86.33 104.34 15.82
C GLY XA 63 -87.10 103.76 14.66
N CYS XA 64 -86.57 102.70 14.03
CA CYS XA 64 -87.17 102.16 12.83
C CYS XA 64 -88.56 101.61 13.07
N ALA XA 65 -89.45 101.83 12.10
CA ALA XA 65 -90.75 101.20 12.05
C ALA XA 65 -90.88 100.29 10.83
N ASP XA 66 -89.76 99.97 10.18
CA ASP XA 66 -89.77 99.09 9.03
C ASP XA 66 -90.33 97.73 9.42
N ALA XA 67 -91.42 97.32 8.76
CA ALA XA 67 -92.07 96.07 9.13
C ALA XA 67 -91.21 94.86 8.81
N CYS XA 68 -90.57 94.86 7.63
CA CYS XA 68 -89.93 93.63 7.17
C CYS XA 68 -88.56 93.39 7.79
N VAL XA 69 -88.01 94.36 8.51
CA VAL XA 69 -86.77 94.11 9.23
C VAL XA 69 -87.10 93.40 10.54
N ILE XA 70 -86.64 92.16 10.66
CA ILE XA 70 -87.04 91.32 11.78
C ILE XA 70 -85.82 90.62 12.38
N MET XA 71 -85.65 90.77 13.68
CA MET XA 71 -84.63 90.04 14.42
C MET XA 71 -85.15 88.66 14.77
N PRO XA 72 -84.25 87.69 14.93
CA PRO XA 72 -84.70 86.32 15.23
C PRO XA 72 -85.44 86.25 16.55
N ASN XA 73 -86.41 85.34 16.63
CA ASN XA 73 -87.26 85.22 17.80
C ASN XA 73 -86.47 84.79 19.03
N GLU XA 74 -86.55 85.59 20.10
CA GLU XA 74 -85.95 85.21 21.37
C GLU XA 74 -86.74 84.10 22.03
N ASN XA 75 -86.04 83.18 22.68
CA ASN XA 75 -86.70 82.05 23.30
C ASN XA 75 -87.02 82.36 24.77
N GLN XA 76 -88.31 82.36 25.10
CA GLN XA 76 -88.77 82.59 26.46
C GLN XA 76 -89.43 81.31 26.95
N SER XA 77 -88.71 80.56 27.79
CA SER XA 77 -89.16 79.26 28.26
C SER XA 77 -89.30 79.27 29.76
N ILE XA 78 -90.41 78.73 30.26
CA ILE XA 78 -90.67 78.58 31.68
C ILE XA 78 -91.02 77.12 31.95
N ARG XA 79 -90.35 76.53 32.94
CA ARG XA 79 -90.46 75.12 33.24
C ARG XA 79 -90.92 74.91 34.67
N THR XA 80 -91.80 73.94 34.87
CA THR XA 80 -92.29 73.62 36.21
C THR XA 80 -92.47 72.12 36.31
N VAL XA 81 -91.74 71.49 37.22
CA VAL XA 81 -91.92 70.08 37.53
C VAL XA 81 -92.28 69.96 39.00
N ILE XA 82 -93.32 69.18 39.27
CA ILE XA 82 -93.84 69.00 40.61
C ILE XA 82 -93.86 67.51 40.92
N SER XA 83 -93.39 67.15 42.12
CA SER XA 83 -93.29 65.76 42.53
C SER XA 83 -93.84 65.59 43.92
N GLY XA 84 -94.34 64.40 44.20
CA GLY XA 84 -94.89 64.10 45.51
C GLY XA 84 -95.80 62.90 45.45
N SER XA 85 -96.03 62.31 46.61
CA SER XA 85 -96.89 61.14 46.71
C SER XA 85 -98.33 61.51 46.38
N ALA XA 86 -98.98 60.66 45.58
CA ALA XA 86 -100.37 60.91 45.21
C ALA XA 86 -101.31 60.80 46.40
N GLU XA 87 -100.87 60.17 47.48
CA GLU XA 87 -101.74 60.02 48.65
C GLU XA 87 -101.91 61.34 49.38
N ASN XA 88 -100.98 62.27 49.22
CA ASN XA 88 -100.99 63.54 49.93
C ASN XA 88 -101.15 64.72 48.98
N LEU XA 89 -101.90 64.53 47.90
CA LEU XA 89 -102.08 65.63 46.95
C LEU XA 89 -102.86 66.77 47.58
N ALA XA 90 -103.75 66.46 48.53
CA ALA XA 90 -104.55 67.50 49.16
C ALA XA 90 -103.67 68.51 49.87
N THR XA 91 -102.66 68.03 50.61
CA THR XA 91 -101.73 68.96 51.24
C THR XA 91 -100.65 69.41 50.28
N LEU XA 92 -100.37 68.61 49.24
CA LEU XA 92 -99.34 68.99 48.27
C LEU XA 92 -99.67 70.32 47.60
N LYS XA 93 -100.95 70.54 47.32
CA LYS XA 93 -101.36 71.82 46.72
C LYS XA 93 -101.02 72.99 47.63
N ALA XA 94 -101.01 72.78 48.94
CA ALA XA 94 -100.67 73.86 49.86
C ALA XA 94 -99.26 74.36 49.64
N GLU XA 95 -98.30 73.45 49.47
CA GLU XA 95 -96.94 73.88 49.17
C GLU XA 95 -96.86 74.65 47.86
N TRP XA 96 -97.58 74.19 46.84
CA TRP XA 96 -97.54 74.89 45.56
C TRP XA 96 -98.10 76.30 45.69
N GLU XA 97 -99.18 76.47 46.44
CA GLU XA 97 -99.68 77.82 46.68
C GLU XA 97 -98.65 78.66 47.39
N THR XA 98 -97.97 78.09 48.38
CA THR XA 98 -96.84 78.77 48.98
C THR XA 98 -95.72 78.98 47.96
N HIS XA 99 -95.48 77.96 47.12
CA HIS XA 99 -94.45 78.09 46.09
C HIS XA 99 -94.75 79.25 45.15
N LYS XA 100 -96.03 79.46 44.85
CA LYS XA 100 -96.40 80.53 43.93
C LYS XA 100 -95.91 81.88 44.44
N ARG XA 101 -96.30 82.24 45.66
CA ARG XA 101 -95.99 83.57 46.14
C ARG XA 101 -94.56 83.67 46.65
N ASN XA 102 -93.94 82.55 47.00
CA ASN XA 102 -92.51 82.59 47.33
C ASN XA 102 -91.70 83.01 46.12
N VAL XA 103 -92.03 82.46 44.94
CA VAL XA 103 -91.39 82.91 43.72
C VAL XA 103 -91.81 84.33 43.39
N ASP XA 104 -93.09 84.64 43.55
CA ASP XA 104 -93.59 85.97 43.20
C ASP XA 104 -92.96 87.05 44.06
N THR XA 105 -92.80 86.78 45.36
CA THR XA 105 -92.39 87.82 46.28
C THR XA 105 -90.98 88.33 45.98
N LEU XA 106 -90.21 87.57 45.19
CA LEU XA 106 -88.88 88.03 44.83
C LEU XA 106 -88.68 88.15 43.32
N PHE XA 107 -89.46 87.44 42.51
CA PHE XA 107 -89.34 87.55 41.06
C PHE XA 107 -90.44 88.40 40.44
N ALA XA 108 -91.71 88.11 40.76
CA ALA XA 108 -92.80 88.92 40.23
C ALA XA 108 -92.79 90.31 40.82
N SER XA 109 -92.96 90.40 42.14
CA SER XA 109 -92.87 91.70 42.81
C SER XA 109 -91.43 92.20 42.83
N GLY XA 110 -90.49 91.34 43.20
CA GLY XA 110 -89.11 91.74 43.28
C GLY XA 110 -88.45 91.80 41.91
N ASN XA 111 -87.15 92.10 41.93
CA ASN XA 111 -86.37 92.25 40.71
C ASN XA 111 -85.35 91.12 40.54
N ALA XA 112 -85.67 89.92 41.05
CA ALA XA 112 -84.78 88.79 40.88
C ALA XA 112 -84.61 88.42 39.42
N GLY XA 113 -85.61 88.71 38.59
CA GLY XA 113 -85.48 88.44 37.17
C GLY XA 113 -84.35 89.22 36.54
N LEU XA 114 -84.09 90.44 37.04
CA LEU XA 114 -82.99 91.23 36.52
C LEU XA 114 -81.65 90.54 36.77
N GLY XA 115 -81.54 89.76 37.84
CA GLY XA 115 -80.32 89.04 38.13
C GLY XA 115 -79.77 89.30 39.51
N PHE XA 116 -80.61 89.80 40.41
CA PHE XA 116 -80.19 90.17 41.76
C PHE XA 116 -80.98 89.41 42.81
N LEU XA 117 -80.28 88.96 43.85
CA LEU XA 117 -80.90 88.29 44.98
C LEU XA 117 -80.86 89.21 46.18
N ASP XA 118 -82.00 89.38 46.85
CA ASP XA 118 -82.07 90.18 48.06
C ASP XA 118 -82.37 89.27 49.24
N PRO XA 119 -81.38 88.99 50.10
CA PRO XA 119 -81.66 88.19 51.30
C PRO XA 119 -82.69 88.85 52.20
N THR XA 120 -82.81 90.18 52.16
CA THR XA 120 -83.80 90.87 52.96
C THR XA 120 -85.22 90.55 52.52
N ALA XA 121 -85.41 90.01 51.32
CA ALA XA 121 -86.75 89.65 50.86
C ALA XA 121 -87.37 88.63 51.80
N ALA XA 122 -88.57 88.94 52.28
CA ALA XA 122 -89.25 88.12 53.27
C ALA XA 122 -90.10 87.08 52.58
N ILE XA 123 -89.62 85.84 52.55
CA ILE XA 123 -90.38 84.74 52.02
C ILE XA 123 -91.06 84.02 53.18
N VAL XA 124 -92.04 83.19 52.87
CA VAL XA 124 -92.89 82.60 53.89
C VAL XA 124 -93.12 81.13 53.54
N SER XA 125 -93.37 80.33 54.56
CA SER XA 125 -93.45 78.88 54.43
C SER XA 125 -94.89 78.41 54.30
N SER XA 126 -95.03 77.11 54.06
CA SER XA 126 -96.36 76.53 53.91
C SER XA 126 -97.04 76.36 55.26
N ASP XA 127 -96.29 75.99 56.29
CA ASP XA 127 -96.86 75.75 57.61
C ASP XA 127 -97.40 77.04 58.20
N THR XA 128 -98.61 76.97 58.74
CA THR XA 128 -99.30 78.12 59.31
C THR XA 128 -99.12 78.14 60.81
N THR XA 129 -98.73 79.29 61.35
CA THR XA 129 -98.53 79.45 62.78
C THR XA 129 -99.83 79.25 63.55
N ALA YA 1 -46.05 -143.41 9.98
CA ALA YA 1 -44.84 -143.94 10.60
C ALA YA 1 -43.77 -142.86 10.65
N ASN YA 2 -44.18 -141.62 10.47
CA ASN YA 2 -43.28 -140.48 10.49
C ASN YA 2 -43.14 -139.93 11.90
N LYS YA 3 -42.02 -139.23 12.12
CA LYS YA 3 -41.77 -138.63 13.43
C LYS YA 3 -42.69 -137.43 13.63
N PRO YA 4 -43.54 -137.44 14.65
CA PRO YA 4 -44.38 -136.27 14.89
C PRO YA 4 -43.56 -135.09 15.39
N MET YA 5 -43.86 -133.91 14.86
CA MET YA 5 -43.18 -132.71 15.33
C MET YA 5 -43.64 -132.34 16.73
N GLN YA 6 -42.77 -131.66 17.45
CA GLN YA 6 -43.19 -131.16 18.74
C GLN YA 6 -43.46 -129.67 18.66
N PRO YA 7 -44.58 -129.18 19.21
CA PRO YA 7 -44.90 -127.75 19.12
C PRO YA 7 -43.90 -126.92 19.90
N ILE YA 8 -43.19 -126.05 19.20
CA ILE YA 8 -42.17 -125.23 19.84
C ILE YA 8 -42.80 -124.06 20.57
N THR YA 9 -43.48 -123.20 19.83
CA THR YA 9 -44.17 -122.05 20.41
C THR YA 9 -45.66 -122.15 20.10
N SER YA 10 -46.48 -121.82 21.09
CA SER YA 10 -47.92 -121.89 20.98
C SER YA 10 -48.52 -120.53 21.30
N THR YA 11 -49.48 -120.11 20.48
CA THR YA 11 -50.16 -118.85 20.69
C THR YA 11 -51.58 -119.02 20.15
N ALA YA 12 -52.48 -118.14 20.61
CA ALA YA 12 -53.88 -118.24 20.21
C ALA YA 12 -54.04 -118.14 18.71
N ASN YA 13 -53.18 -117.35 18.05
CA ASN YA 13 -53.33 -117.13 16.62
C ASN YA 13 -52.30 -117.89 15.79
N LYS YA 14 -51.13 -118.21 16.35
CA LYS YA 14 -50.09 -118.88 15.60
C LYS YA 14 -49.47 -120.00 16.43
N ILE YA 15 -49.24 -121.14 15.77
CA ILE YA 15 -48.56 -122.27 16.38
C ILE YA 15 -47.46 -122.75 15.44
N VAL YA 16 -46.33 -123.15 16.01
CA VAL YA 16 -45.19 -123.62 15.24
C VAL YA 16 -44.76 -124.99 15.77
N TRP YA 17 -44.63 -125.95 14.87
CA TRP YA 17 -44.11 -127.26 15.19
C TRP YA 17 -42.72 -127.43 14.58
N SER YA 18 -41.97 -128.40 15.09
CA SER YA 18 -40.68 -128.74 14.52
C SER YA 18 -40.29 -130.13 14.96
N ASP YA 19 -39.47 -130.78 14.15
CA ASP YA 19 -39.02 -132.13 14.47
C ASP YA 19 -38.01 -132.08 15.60
N PRO YA 20 -38.20 -132.85 16.67
CA PRO YA 20 -37.23 -132.82 17.77
C PRO YA 20 -35.83 -133.25 17.35
N THR YA 21 -35.73 -134.23 16.45
CA THR YA 21 -34.41 -134.69 16.02
C THR YA 21 -33.75 -133.69 15.08
N ARG YA 22 -34.53 -133.05 14.23
CA ARG YA 22 -34.02 -132.08 13.25
C ARG YA 22 -34.82 -130.79 13.41
N LEU YA 23 -34.25 -129.81 14.10
CA LEU YA 23 -34.96 -128.57 14.37
C LEU YA 23 -35.08 -127.68 13.14
N SER YA 24 -34.39 -128.02 12.05
CA SER YA 24 -34.44 -127.18 10.85
C SER YA 24 -35.84 -127.19 10.25
N THR YA 25 -36.42 -128.37 10.06
CA THR YA 25 -37.75 -128.47 9.48
C THR YA 25 -38.80 -127.97 10.46
N THR YA 26 -39.80 -127.26 9.94
CA THR YA 26 -40.83 -126.67 10.77
C THR YA 26 -42.15 -126.71 10.02
N PHE YA 27 -43.24 -126.58 10.77
CA PHE YA 27 -44.58 -126.45 10.21
C PHE YA 27 -45.34 -125.45 11.07
N SER YA 28 -45.60 -124.27 10.52
CA SER YA 28 -46.25 -123.19 11.24
C SER YA 28 -47.60 -122.90 10.65
N ALA YA 29 -48.57 -122.59 11.51
CA ALA YA 29 -49.92 -122.25 11.09
C ALA YA 29 -50.35 -120.99 11.83
N SER YA 30 -50.90 -120.03 11.09
CA SER YA 30 -51.39 -118.79 11.67
C SER YA 30 -52.77 -118.48 11.10
N LEU YA 31 -53.55 -117.74 11.87
CA LEU YA 31 -54.94 -117.44 11.50
C LEU YA 31 -55.19 -115.95 11.62
N LEU YA 32 -55.91 -115.41 10.63
CA LEU YA 32 -56.40 -114.04 10.66
C LEU YA 32 -57.91 -114.09 10.50
N ARG YA 33 -58.61 -113.53 11.48
CA ARG YA 33 -60.07 -113.54 11.49
C ARG YA 33 -60.59 -112.11 11.51
N GLN YA 34 -61.47 -111.78 10.56
CA GLN YA 34 -62.11 -110.48 10.50
C GLN YA 34 -63.57 -110.68 10.13
N ARG YA 35 -64.32 -109.58 10.14
CA ARG YA 35 -65.72 -109.58 9.73
C ARG YA 35 -65.82 -108.82 8.42
N VAL YA 36 -66.51 -109.41 7.44
CA VAL YA 36 -66.63 -108.83 6.11
C VAL YA 36 -68.09 -108.53 5.83
N LYS YA 37 -68.37 -107.28 5.49
CA LYS YA 37 -69.73 -106.81 5.21
C LYS YA 37 -70.07 -107.24 3.79
N VAL YA 38 -70.67 -108.43 3.67
CA VAL YA 38 -70.99 -108.98 2.35
C VAL YA 38 -72.15 -108.21 1.75
N GLY YA 39 -73.30 -108.26 2.40
CA GLY YA 39 -74.45 -107.48 1.98
C GLY YA 39 -75.58 -107.57 2.98
N ILE YA 40 -76.07 -106.42 3.43
CA ILE YA 40 -77.10 -106.25 4.46
C ILE YA 40 -76.96 -107.31 5.56
N ALA YA 41 -75.73 -107.73 5.84
CA ALA YA 41 -75.45 -108.80 6.80
C ALA YA 41 -73.95 -108.86 7.02
N GLU YA 42 -73.57 -109.22 8.23
CA GLU YA 42 -72.16 -109.33 8.61
C GLU YA 42 -71.76 -110.80 8.61
N LEU YA 43 -70.57 -111.08 8.09
CA LEU YA 43 -70.14 -112.45 7.89
C LEU YA 43 -68.71 -112.61 8.38
N ASN YA 44 -68.43 -113.74 9.03
CA ASN YA 44 -67.13 -113.97 9.65
C ASN YA 44 -66.17 -114.60 8.65
N ASN YA 45 -65.00 -114.01 8.51
CA ASN YA 45 -63.99 -114.49 7.56
C ASN YA 45 -62.74 -114.93 8.31
N VAL YA 46 -62.07 -115.95 7.76
CA VAL YA 46 -60.83 -116.47 8.32
C VAL YA 46 -59.86 -116.72 7.17
N SER YA 47 -58.57 -116.52 7.44
CA SER YA 47 -57.52 -116.78 6.47
C SER YA 47 -56.41 -117.56 7.17
N GLY YA 48 -56.43 -118.88 7.02
CA GLY YA 48 -55.46 -119.74 7.65
C GLY YA 48 -54.25 -119.95 6.76
N GLN YA 49 -53.12 -119.40 7.18
CA GLN YA 49 -51.87 -119.51 6.43
C GLN YA 49 -51.06 -120.67 7.00
N TYR YA 50 -50.74 -121.64 6.14
CA TYR YA 50 -50.03 -122.85 6.55
C TYR YA 50 -48.71 -122.89 5.81
N VAL YA 51 -47.61 -123.05 6.55
CA VAL YA 51 -46.27 -122.99 5.98
C VAL YA 51 -45.49 -124.20 6.46
N SER YA 52 -44.87 -124.91 5.51
CA SER YA 52 -43.98 -126.02 5.81
C SER YA 52 -42.62 -125.74 5.17
N VAL YA 53 -41.57 -125.80 5.97
CA VAL YA 53 -40.22 -125.45 5.52
C VAL YA 53 -39.28 -126.60 5.85
N TYR YA 54 -38.37 -126.90 4.92
CA TYR YA 54 -37.39 -127.97 5.12
C TYR YA 54 -36.06 -127.53 4.53
N LYS YA 55 -34.98 -127.83 5.24
CA LYS YA 55 -33.63 -127.54 4.77
C LYS YA 55 -33.02 -128.81 4.20
N ARG YA 56 -32.61 -128.76 2.94
CA ARG YA 56 -32.08 -129.93 2.27
C ARG YA 56 -30.77 -129.58 1.57
N PRO YA 57 -29.75 -130.43 1.66
CA PRO YA 57 -28.46 -130.12 1.03
C PRO YA 57 -28.50 -130.39 -0.47
N ALA YA 58 -27.36 -130.16 -1.11
CA ALA YA 58 -27.25 -130.33 -2.55
C ALA YA 58 -27.36 -131.81 -2.93
N PRO YA 59 -27.72 -132.11 -4.18
CA PRO YA 59 -27.91 -133.51 -4.60
C PRO YA 59 -26.69 -134.40 -4.43
N LYS YA 60 -25.48 -133.85 -4.55
CA LYS YA 60 -24.25 -134.63 -4.42
C LYS YA 60 -24.24 -135.76 -5.46
N PRO YA 61 -24.04 -135.42 -6.74
CA PRO YA 61 -24.38 -136.34 -7.83
C PRO YA 61 -23.52 -137.60 -7.83
N GLU YA 62 -24.02 -138.60 -8.57
CA GLU YA 62 -23.28 -139.80 -8.93
C GLU YA 62 -22.81 -140.57 -7.70
N GLY YA 63 -23.38 -140.26 -6.55
CA GLY YA 63 -22.97 -140.93 -5.33
C GLY YA 63 -21.52 -140.67 -4.95
N CYS YA 64 -21.03 -139.46 -5.20
CA CYS YA 64 -19.68 -139.07 -4.82
C CYS YA 64 -19.60 -138.69 -3.35
N ALA YA 65 -20.69 -138.85 -2.60
CA ALA YA 65 -20.72 -138.45 -1.21
C ALA YA 65 -19.74 -139.27 -0.38
N ASP YA 66 -19.33 -138.70 0.75
CA ASP YA 66 -18.44 -139.37 1.67
C ASP YA 66 -18.82 -138.93 3.09
N ALA YA 67 -17.90 -139.09 4.02
CA ALA YA 67 -18.19 -138.73 5.39
C ALA YA 67 -18.29 -137.22 5.54
N CYS YA 68 -19.51 -136.70 5.39
CA CYS YA 68 -19.87 -135.33 5.77
C CYS YA 68 -18.87 -134.28 5.27
N VAL YA 69 -18.84 -134.13 3.95
CA VAL YA 69 -18.37 -132.90 3.33
C VAL YA 69 -19.33 -131.80 3.75
N ILE YA 70 -20.60 -132.17 3.93
CA ILE YA 70 -21.70 -131.30 4.35
C ILE YA 70 -21.67 -129.94 3.65
N MET YA 71 -22.08 -129.93 2.39
CA MET YA 71 -22.30 -128.72 1.61
C MET YA 71 -23.54 -128.03 2.15
N PRO YA 72 -23.73 -126.73 1.91
CA PRO YA 72 -24.86 -126.02 2.52
C PRO YA 72 -26.19 -126.52 1.95
N ASN YA 73 -27.27 -125.99 2.50
CA ASN YA 73 -28.60 -126.47 2.17
C ASN YA 73 -29.39 -125.44 1.39
N GLU YA 74 -30.66 -125.75 1.11
CA GLU YA 74 -31.51 -124.85 0.34
C GLU YA 74 -32.94 -125.01 0.80
N ASN YA 75 -33.75 -123.99 0.53
CA ASN YA 75 -35.10 -123.93 1.06
C ASN YA 75 -36.06 -124.79 0.25
N GLN YA 76 -36.80 -125.65 0.93
CA GLN YA 76 -37.93 -126.37 0.36
C GLN YA 76 -39.17 -125.96 1.13
N SER YA 77 -39.90 -124.96 0.63
CA SER YA 77 -41.02 -124.39 1.35
C SER YA 77 -42.31 -124.62 0.58
N ILE YA 78 -43.40 -124.78 1.32
CA ILE YA 78 -44.73 -124.95 0.76
C ILE YA 78 -45.68 -124.10 1.60
N ARG YA 79 -46.27 -123.08 0.98
CA ARG YA 79 -47.16 -122.17 1.69
C ARG YA 79 -48.55 -122.22 1.08
N THR YA 80 -49.56 -122.38 1.91
CA THR YA 80 -50.96 -122.34 1.49
C THR YA 80 -51.72 -121.43 2.43
N VAL YA 81 -52.62 -120.62 1.88
CA VAL YA 81 -53.54 -119.83 2.68
C VAL YA 81 -54.95 -120.18 2.25
N ILE YA 82 -55.84 -120.36 3.22
CA ILE YA 82 -57.21 -120.74 2.96
C ILE YA 82 -58.09 -119.60 3.46
N SER YA 83 -58.71 -118.88 2.55
CA SER YA 83 -59.52 -117.72 2.89
C SER YA 83 -60.98 -118.01 2.53
N GLY YA 84 -61.88 -117.69 3.45
CA GLY YA 84 -63.29 -117.89 3.20
C GLY YA 84 -64.08 -117.74 4.49
N SER YA 85 -65.39 -117.66 4.31
CA SER YA 85 -66.29 -117.51 5.45
C SER YA 85 -66.38 -118.81 6.23
N ALA YA 86 -66.38 -118.70 7.56
CA ALA YA 86 -66.54 -119.89 8.39
C ALA YA 86 -67.94 -120.48 8.24
N GLU YA 87 -68.94 -119.65 7.92
CA GLU YA 87 -70.29 -120.14 7.77
C GLU YA 87 -70.42 -121.05 6.56
N ASN YA 88 -69.57 -120.87 5.55
CA ASN YA 88 -69.55 -121.74 4.37
C ASN YA 88 -68.38 -122.72 4.45
N LEU YA 89 -68.04 -123.16 5.65
CA LEU YA 89 -66.88 -124.04 5.81
C LEU YA 89 -67.09 -125.39 5.13
N ALA YA 90 -68.29 -125.97 5.25
CA ALA YA 90 -68.52 -127.32 4.76
C ALA YA 90 -68.27 -127.40 3.26
N THR YA 91 -68.80 -126.45 2.50
CA THR YA 91 -68.55 -126.40 1.07
C THR YA 91 -67.13 -125.95 0.76
N LEU YA 92 -66.53 -125.15 1.64
CA LEU YA 92 -65.16 -124.73 1.40
C LEU YA 92 -64.19 -125.89 1.46
N LYS YA 93 -64.48 -126.89 2.30
CA LYS YA 93 -63.61 -128.06 2.36
C LYS YA 93 -63.59 -128.79 1.03
N ALA YA 94 -64.72 -128.82 0.33
CA ALA YA 94 -64.74 -129.40 -1.02
C ALA YA 94 -63.83 -128.62 -1.96
N GLU YA 95 -63.79 -127.29 -1.81
CA GLU YA 95 -62.87 -126.49 -2.59
C GLU YA 95 -61.43 -126.90 -2.30
N TRP YA 96 -61.10 -127.12 -1.03
CA TRP YA 96 -59.76 -127.57 -0.68
C TRP YA 96 -59.48 -128.94 -1.27
N GLU YA 97 -60.46 -129.84 -1.21
CA GLU YA 97 -60.26 -131.17 -1.79
C GLU YA 97 -60.03 -131.09 -3.29
N THR YA 98 -60.83 -130.28 -3.99
CA THR YA 98 -60.63 -130.12 -5.43
C THR YA 98 -59.29 -129.46 -5.71
N HIS YA 99 -58.92 -128.45 -4.93
CA HIS YA 99 -57.64 -127.78 -5.12
C HIS YA 99 -56.49 -128.77 -5.01
N LYS YA 100 -56.66 -129.81 -4.21
CA LYS YA 100 -55.65 -130.87 -4.14
C LYS YA 100 -55.47 -131.55 -5.50
N ARG YA 101 -56.57 -131.91 -6.13
CA ARG YA 101 -56.50 -132.65 -7.39
C ARG YA 101 -55.84 -131.83 -8.48
N ASN YA 102 -56.19 -130.55 -8.59
CA ASN YA 102 -55.71 -129.74 -9.69
C ASN YA 102 -54.19 -129.60 -9.65
N VAL YA 103 -53.65 -129.25 -8.48
CA VAL YA 103 -52.20 -129.12 -8.38
C VAL YA 103 -51.53 -130.48 -8.55
N ASP YA 104 -52.22 -131.55 -8.14
CA ASP YA 104 -51.66 -132.89 -8.29
C ASP YA 104 -51.39 -133.22 -9.75
N THR YA 105 -52.32 -132.85 -10.63
CA THR YA 105 -52.13 -133.12 -12.06
C THR YA 105 -50.91 -132.40 -12.60
N LEU YA 106 -50.77 -131.11 -12.26
CA LEU YA 106 -49.63 -130.35 -12.76
C LEU YA 106 -48.33 -130.74 -12.05
N PHE YA 107 -48.38 -130.87 -10.72
CA PHE YA 107 -47.16 -131.02 -9.95
C PHE YA 107 -46.83 -132.49 -9.67
N ALA YA 108 -47.75 -133.19 -9.02
CA ALA YA 108 -47.48 -134.57 -8.61
C ALA YA 108 -47.24 -135.47 -9.81
N SER YA 109 -48.06 -135.32 -10.85
CA SER YA 109 -47.94 -136.14 -12.05
C SER YA 109 -47.23 -135.42 -13.19
N GLY YA 110 -47.59 -134.18 -13.46
CA GLY YA 110 -46.99 -133.44 -14.55
C GLY YA 110 -45.60 -132.94 -14.22
N ASN YA 111 -45.10 -132.07 -15.09
CA ASN YA 111 -43.75 -131.54 -14.97
C ASN YA 111 -43.74 -130.09 -14.50
N ALA YA 112 -44.77 -129.66 -13.78
CA ALA YA 112 -44.80 -128.29 -13.29
C ALA YA 112 -43.67 -128.02 -12.32
N GLY YA 113 -43.19 -129.05 -11.61
CA GLY YA 113 -42.08 -128.84 -10.71
C GLY YA 113 -40.78 -128.54 -11.40
N LEU YA 114 -40.68 -128.84 -12.70
CA LEU YA 114 -39.49 -128.54 -13.47
C LEU YA 114 -39.61 -127.25 -14.28
N GLY YA 115 -40.72 -126.53 -14.14
CA GLY YA 115 -40.92 -125.32 -14.89
C GLY YA 115 -41.73 -125.44 -16.15
N PHE YA 116 -42.40 -126.57 -16.36
CA PHE YA 116 -43.16 -126.83 -17.59
C PHE YA 116 -44.66 -126.75 -17.30
N LEU YA 117 -45.38 -126.04 -18.17
CA LEU YA 117 -46.83 -125.97 -18.12
C LEU YA 117 -47.42 -126.81 -19.25
N ASP YA 118 -48.39 -127.65 -18.92
CA ASP YA 118 -49.12 -128.39 -19.94
C ASP YA 118 -50.50 -127.78 -20.07
N PRO YA 119 -50.79 -127.05 -21.15
CA PRO YA 119 -52.12 -126.46 -21.32
C PRO YA 119 -53.21 -127.45 -21.66
N THR YA 120 -52.90 -128.75 -21.68
CA THR YA 120 -53.89 -129.78 -21.95
C THR YA 120 -54.17 -130.65 -20.74
N ALA YA 121 -53.74 -130.22 -19.56
CA ALA YA 121 -53.96 -131.01 -18.35
C ALA YA 121 -55.45 -131.10 -18.02
N ALA YA 122 -55.85 -132.22 -17.44
CA ALA YA 122 -57.25 -132.48 -17.11
C ALA YA 122 -57.57 -131.82 -15.78
N ILE YA 123 -57.83 -130.53 -15.83
CA ILE YA 123 -58.23 -129.78 -14.65
C ILE YA 123 -59.72 -130.02 -14.42
N VAL YA 124 -60.14 -130.01 -13.16
CA VAL YA 124 -61.53 -130.18 -12.80
C VAL YA 124 -61.94 -129.08 -11.83
N SER YA 125 -63.23 -128.77 -11.82
CA SER YA 125 -63.76 -127.76 -10.93
C SER YA 125 -64.27 -128.40 -9.64
N SER YA 126 -64.96 -127.62 -8.84
CA SER YA 126 -65.52 -128.15 -7.59
C SER YA 126 -66.95 -128.63 -7.79
N ASP YA 127 -67.74 -127.89 -8.54
CA ASP YA 127 -69.13 -128.27 -8.77
C ASP YA 127 -69.19 -129.57 -9.56
N THR YA 128 -70.07 -130.47 -9.13
CA THR YA 128 -70.23 -131.74 -9.80
C THR YA 128 -71.28 -131.65 -10.91
N THR YA 129 -71.26 -132.63 -11.79
CA THR YA 129 -72.21 -132.67 -12.91
C THR YA 129 -73.56 -133.20 -12.45
N ALA ZA 1 -78.98 -127.52 28.07
CA ALA ZA 1 -78.51 -127.94 26.76
C ALA ZA 1 -77.98 -126.74 25.98
N ASN ZA 2 -77.38 -125.80 26.70
CA ASN ZA 2 -76.86 -124.61 26.06
C ASN ZA 2 -75.58 -124.92 25.30
N LYS ZA 3 -75.35 -124.18 24.23
CA LYS ZA 3 -74.15 -124.40 23.42
C LYS ZA 3 -72.92 -123.97 24.20
N PRO ZA 4 -71.94 -124.86 24.40
CA PRO ZA 4 -70.71 -124.45 25.06
C PRO ZA 4 -69.75 -123.82 24.08
N MET ZA 5 -69.07 -122.76 24.52
CA MET ZA 5 -68.12 -122.09 23.64
C MET ZA 5 -66.75 -122.75 23.74
N GLN ZA 6 -65.83 -122.27 22.90
CA GLN ZA 6 -64.43 -122.64 22.97
C GLN ZA 6 -63.60 -121.36 22.95
N PRO ZA 7 -62.49 -121.32 23.67
CA PRO ZA 7 -61.65 -120.12 23.68
C PRO ZA 7 -61.12 -119.80 22.30
N ILE ZA 8 -61.08 -118.51 21.98
CA ILE ZA 8 -60.48 -118.04 20.73
C ILE ZA 8 -59.07 -117.54 21.00
N THR ZA 9 -58.96 -116.48 21.79
CA THR ZA 9 -57.70 -115.84 22.08
C THR ZA 9 -57.37 -116.00 23.56
N SER ZA 10 -56.23 -116.61 23.85
CA SER ZA 10 -55.74 -116.75 25.21
C SER ZA 10 -54.58 -115.79 25.43
N THR ZA 11 -54.59 -115.11 26.57
CA THR ZA 11 -53.59 -114.12 26.89
C THR ZA 11 -53.40 -114.11 28.40
N ALA ZA 12 -52.38 -113.39 28.87
CA ALA ZA 12 -52.22 -113.20 30.30
C ALA ZA 12 -53.44 -112.51 30.90
N ASN ZA 13 -54.10 -111.65 30.13
CA ASN ZA 13 -55.23 -110.87 30.62
C ASN ZA 13 -56.56 -111.37 30.09
N LYS ZA 14 -56.72 -111.49 28.78
CA LYS ZA 14 -58.01 -111.80 28.20
C LYS ZA 14 -58.06 -113.23 27.67
N ILE ZA 15 -59.18 -113.90 27.93
CA ILE ZA 15 -59.56 -115.11 27.22
C ILE ZA 15 -60.96 -114.91 26.69
N VAL ZA 16 -61.15 -115.11 25.39
CA VAL ZA 16 -62.45 -114.94 24.76
C VAL ZA 16 -62.94 -116.29 24.26
N TRP ZA 17 -64.13 -116.67 24.71
CA TRP ZA 17 -64.80 -117.84 24.19
C TRP ZA 17 -65.79 -117.42 23.12
N SER ZA 18 -65.99 -118.30 22.14
CA SER ZA 18 -66.96 -118.04 21.08
C SER ZA 18 -67.58 -119.34 20.63
N ASP ZA 19 -68.86 -119.29 20.32
CA ASP ZA 19 -69.60 -120.49 19.95
C ASP ZA 19 -69.19 -120.96 18.56
N PRO ZA 20 -68.81 -122.22 18.39
CA PRO ZA 20 -68.46 -122.70 17.04
C PRO ZA 20 -69.58 -122.55 16.03
N THR ZA 21 -70.82 -122.79 16.44
CA THR ZA 21 -71.93 -122.70 15.50
C THR ZA 21 -72.16 -121.27 15.04
N ARG ZA 22 -72.10 -120.31 15.95
CA ARG ZA 22 -72.32 -118.90 15.64
C ARG ZA 22 -71.14 -118.11 16.21
N LEU ZA 23 -70.32 -117.55 15.33
CA LEU ZA 23 -69.13 -116.84 15.78
C LEU ZA 23 -69.45 -115.47 16.36
N SER ZA 24 -70.67 -114.97 16.16
CA SER ZA 24 -71.01 -113.64 16.65
C SER ZA 24 -71.03 -113.61 18.17
N THR ZA 25 -71.72 -114.55 18.80
CA THR ZA 25 -71.82 -114.57 20.25
C THR ZA 25 -70.49 -114.95 20.87
N THR ZA 26 -70.04 -114.13 21.83
CA THR ZA 26 -68.77 -114.36 22.51
C THR ZA 26 -68.91 -113.98 23.97
N PHE ZA 27 -68.00 -114.51 24.78
CA PHE ZA 27 -67.87 -114.12 26.17
C PHE ZA 27 -66.39 -113.87 26.45
N SER ZA 28 -66.08 -112.74 27.06
CA SER ZA 28 -64.70 -112.33 27.31
C SER ZA 28 -64.50 -112.01 28.78
N ALA ZA 29 -63.33 -112.35 29.29
CA ALA ZA 29 -62.94 -112.04 30.66
C ALA ZA 29 -61.53 -111.47 30.66
N SER ZA 30 -61.37 -110.29 31.25
CA SER ZA 30 -60.07 -109.64 31.36
C SER ZA 30 -59.81 -109.29 32.81
N LEU ZA 31 -58.59 -109.57 33.27
CA LEU ZA 31 -58.22 -109.35 34.66
C LEU ZA 31 -57.06 -108.38 34.73
N LEU ZA 32 -57.17 -107.41 35.65
CA LEU ZA 32 -56.14 -106.41 35.86
C LEU ZA 32 -55.80 -106.38 37.34
N ARG ZA 33 -54.59 -106.82 37.68
CA ARG ZA 33 -54.13 -106.88 39.06
C ARG ZA 33 -53.10 -105.79 39.31
N GLN ZA 34 -53.26 -105.05 40.39
CA GLN ZA 34 -52.40 -103.91 40.70
C GLN ZA 34 -51.90 -104.03 42.13
N ARG ZA 35 -51.07 -103.08 42.52
CA ARG ZA 35 -50.58 -102.95 43.88
C ARG ZA 35 -51.33 -101.79 44.54
N VAL ZA 36 -51.99 -102.09 45.65
CA VAL ZA 36 -52.75 -101.07 46.38
C VAL ZA 36 -52.30 -101.09 47.83
N LYS ZA 37 -52.03 -99.91 48.37
CA LYS ZA 37 -51.51 -99.73 49.72
C LYS ZA 37 -52.57 -98.97 50.50
N VAL ZA 38 -53.49 -99.70 51.13
CA VAL ZA 38 -54.63 -99.08 51.80
C VAL ZA 38 -54.14 -98.29 53.00
N GLY ZA 39 -53.57 -98.98 53.98
CA GLY ZA 39 -52.97 -98.32 55.12
C GLY ZA 39 -52.26 -99.31 56.01
N ILE ZA 40 -50.99 -99.03 56.32
CA ILE ZA 40 -50.08 -99.87 57.11
C ILE ZA 40 -50.29 -101.34 56.78
N ALA ZA 41 -50.67 -101.63 55.53
CA ALA ZA 41 -50.97 -102.99 55.12
C ALA ZA 41 -50.87 -103.08 53.60
N GLU ZA 42 -50.51 -104.25 53.12
CA GLU ZA 42 -50.37 -104.50 51.69
C GLU ZA 42 -51.58 -105.27 51.19
N LEU ZA 43 -52.23 -104.74 50.16
CA LEU ZA 43 -53.46 -105.31 49.64
C LEU ZA 43 -53.31 -105.60 48.15
N ASN ZA 44 -54.03 -106.60 47.66
CA ASN ZA 44 -54.00 -107.00 46.27
C ASN ZA 44 -55.38 -106.82 45.67
N ASN ZA 45 -55.55 -105.79 44.84
CA ASN ZA 45 -56.82 -105.52 44.20
C ASN ZA 45 -56.87 -106.20 42.84
N VAL ZA 46 -58.04 -106.73 42.50
CA VAL ZA 46 -58.27 -107.39 41.22
C VAL ZA 46 -59.56 -106.84 40.63
N SER ZA 47 -59.49 -106.41 39.36
CA SER ZA 47 -60.65 -105.91 38.65
C SER ZA 47 -60.83 -106.73 37.39
N GLY ZA 48 -61.99 -107.35 37.24
CA GLY ZA 48 -62.22 -108.21 36.09
C GLY ZA 48 -63.39 -107.82 35.22
N GLN ZA 49 -63.12 -107.35 34.00
CA GLN ZA 49 -64.15 -107.03 33.04
C GLN ZA 49 -64.68 -108.31 32.44
N TYR ZA 50 -65.98 -108.54 32.60
CA TYR ZA 50 -66.65 -109.70 32.01
C TYR ZA 50 -67.68 -109.19 31.01
N VAL ZA 51 -67.44 -109.41 29.73
CA VAL ZA 51 -68.27 -108.86 28.66
C VAL ZA 51 -68.86 -110.01 27.88
N SER ZA 52 -70.19 -110.05 27.79
CA SER ZA 52 -70.91 -111.02 26.99
C SER ZA 52 -71.73 -110.25 25.95
N VAL ZA 53 -71.49 -110.56 24.68
CA VAL ZA 53 -72.15 -109.88 23.57
C VAL ZA 53 -72.90 -110.91 22.75
N TYR ZA 54 -73.89 -110.45 21.99
CA TYR ZA 54 -74.68 -111.33 21.15
C TYR ZA 54 -75.29 -110.51 20.03
N LYS ZA 55 -75.00 -110.90 18.80
CA LYS ZA 55 -75.64 -110.29 17.63
C LYS ZA 55 -76.97 -110.99 17.39
N ARG ZA 56 -78.06 -110.25 17.61
CA ARG ZA 56 -79.38 -110.82 17.47
C ARG ZA 56 -80.15 -110.11 16.37
N PRO ZA 57 -80.89 -110.85 15.55
CA PRO ZA 57 -81.73 -110.20 14.54
C PRO ZA 57 -82.82 -109.36 15.19
N ALA ZA 58 -83.19 -108.29 14.51
CA ALA ZA 58 -84.28 -107.46 14.98
C ALA ZA 58 -85.58 -108.26 14.95
N PRO ZA 59 -86.52 -107.98 15.84
CA PRO ZA 59 -87.76 -108.77 15.88
C PRO ZA 59 -88.58 -108.56 14.61
N LYS ZA 60 -88.86 -109.65 13.92
CA LYS ZA 60 -89.65 -109.59 12.71
C LYS ZA 60 -91.10 -109.24 13.05
N PRO ZA 61 -91.83 -108.63 12.12
CA PRO ZA 61 -93.22 -108.27 12.40
C PRO ZA 61 -94.09 -109.49 12.69
N GLU ZA 62 -95.12 -109.30 13.50
CA GLU ZA 62 -95.94 -110.40 13.98
C GLU ZA 62 -96.67 -111.08 12.82
N GLY ZA 63 -97.00 -112.35 13.04
CA GLY ZA 63 -97.74 -113.13 12.06
C GLY ZA 63 -96.98 -113.34 10.77
N CYS ZA 64 -95.68 -113.61 10.87
CA CYS ZA 64 -94.81 -113.72 9.72
C CYS ZA 64 -94.01 -115.02 9.81
N ALA ZA 65 -94.70 -116.13 10.03
CA ALA ZA 65 -94.02 -117.42 10.06
C ALA ZA 65 -93.37 -117.65 8.70
N ASP ZA 66 -92.06 -117.47 8.65
CA ASP ZA 66 -91.32 -117.42 7.39
C ASP ZA 66 -89.84 -117.53 7.69
N ALA ZA 67 -89.01 -117.68 6.65
CA ALA ZA 67 -87.58 -117.78 6.86
C ALA ZA 67 -86.82 -116.88 5.89
N CYS ZA 68 -87.54 -116.31 4.92
CA CYS ZA 68 -86.93 -115.46 3.90
C CYS ZA 68 -87.18 -113.98 4.17
N VAL ZA 69 -87.43 -113.62 5.42
CA VAL ZA 69 -87.71 -112.25 5.81
C VAL ZA 69 -86.69 -111.80 6.85
N ILE ZA 70 -85.44 -112.28 6.70
CA ILE ZA 70 -84.41 -112.05 7.70
C ILE ZA 70 -84.27 -110.57 7.98
N MET ZA 71 -84.11 -110.23 9.26
CA MET ZA 71 -83.98 -108.86 9.73
C MET ZA 71 -82.52 -108.58 10.08
N PRO ZA 72 -82.09 -107.32 10.12
CA PRO ZA 72 -80.71 -107.03 10.49
C PRO ZA 72 -80.47 -107.23 11.98
N ASN ZA 73 -79.20 -107.17 12.36
CA ASN ZA 73 -78.77 -107.51 13.70
C ASN ZA 73 -78.59 -106.26 14.56
N GLU ZA 74 -78.74 -106.45 15.86
CA GLU ZA 74 -78.42 -105.42 16.85
C GLU ZA 74 -77.66 -106.04 18.00
N ASN ZA 75 -76.94 -105.21 18.73
CA ASN ZA 75 -76.07 -105.68 19.79
C ASN ZA 75 -76.85 -105.95 21.07
N GLN ZA 76 -76.40 -106.94 21.84
CA GLN ZA 76 -76.90 -107.21 23.18
C GLN ZA 76 -75.70 -107.48 24.06
N SER ZA 77 -75.21 -106.46 24.75
CA SER ZA 77 -73.97 -106.54 25.50
C SER ZA 77 -74.26 -106.43 27.00
N ILE ZA 78 -73.49 -107.17 27.78
CA ILE ZA 78 -73.61 -107.19 29.23
C ILE ZA 78 -72.21 -107.13 29.80
N ARG ZA 79 -71.82 -105.98 30.34
CA ARG ZA 79 -70.49 -105.77 30.89
C ARG ZA 79 -70.57 -105.65 32.40
N THR ZA 80 -69.78 -106.45 33.10
CA THR ZA 80 -69.67 -106.36 34.54
C THR ZA 80 -68.20 -106.33 34.91
N VAL ZA 81 -67.84 -105.48 35.86
CA VAL ZA 81 -66.48 -105.46 36.40
C VAL ZA 81 -66.60 -105.64 37.91
N ILE ZA 82 -65.75 -106.48 38.47
CA ILE ZA 82 -65.74 -106.76 39.90
C ILE ZA 82 -64.40 -106.31 40.43
N SER ZA 83 -64.40 -105.25 41.24
CA SER ZA 83 -63.18 -104.68 41.78
C SER ZA 83 -63.17 -104.86 43.28
N GLY ZA 84 -62.09 -105.45 43.79
CA GLY ZA 84 -61.97 -105.67 45.21
C GLY ZA 84 -60.64 -106.30 45.53
N SER ZA 85 -60.36 -106.39 46.83
CA SER ZA 85 -59.12 -106.97 47.32
C SER ZA 85 -59.23 -108.49 47.33
N ALA ZA 86 -58.15 -109.16 46.93
CA ALA ZA 86 -58.13 -110.62 46.95
C ALA ZA 86 -58.22 -111.14 48.38
N GLU ZA 87 -57.86 -110.31 49.37
CA GLU ZA 87 -57.92 -110.74 50.75
C GLU ZA 87 -59.35 -110.89 51.23
N ASN ZA 88 -60.24 -110.02 50.74
CA ASN ZA 88 -61.62 -109.99 51.20
C ASN ZA 88 -62.59 -110.61 50.21
N LEU ZA 89 -62.10 -111.36 49.22
CA LEU ZA 89 -62.99 -111.88 48.18
C LEU ZA 89 -64.04 -112.83 48.76
N ALA ZA 90 -63.74 -113.43 49.91
CA ALA ZA 90 -64.76 -114.23 50.59
C ALA ZA 90 -66.00 -113.40 50.86
N THR ZA 91 -65.81 -112.16 51.31
CA THR ZA 91 -66.93 -111.23 51.43
C THR ZA 91 -67.42 -110.77 50.07
N LEU ZA 92 -66.50 -110.50 49.15
CA LEU ZA 92 -66.89 -109.98 47.84
C LEU ZA 92 -67.83 -110.92 47.11
N LYS ZA 93 -67.67 -112.23 47.32
CA LYS ZA 93 -68.60 -113.18 46.73
C LYS ZA 93 -70.01 -112.98 47.27
N ALA ZA 94 -70.13 -112.70 48.57
CA ALA ZA 94 -71.43 -112.37 49.13
C ALA ZA 94 -71.98 -111.09 48.50
N GLU ZA 95 -71.12 -110.10 48.29
CA GLU ZA 95 -71.53 -108.90 47.57
C GLU ZA 95 -72.08 -109.23 46.20
N TRP ZA 96 -71.44 -110.19 45.52
CA TRP ZA 96 -71.89 -110.55 44.18
C TRP ZA 96 -73.31 -111.10 44.19
N GLU ZA 97 -73.63 -111.91 45.20
CA GLU ZA 97 -74.99 -112.44 45.31
C GLU ZA 97 -76.00 -111.34 45.50
N THR ZA 98 -75.70 -110.37 46.36
CA THR ZA 98 -76.61 -109.26 46.57
C THR ZA 98 -76.77 -108.42 45.31
N HIS ZA 99 -75.67 -108.16 44.62
CA HIS ZA 99 -75.75 -107.41 43.37
C HIS ZA 99 -76.62 -108.13 42.36
N LYS ZA 100 -76.54 -109.47 42.33
CA LYS ZA 100 -77.41 -110.24 41.47
C LYS ZA 100 -78.88 -110.02 41.82
N ARG ZA 101 -79.20 -110.13 43.11
CA ARG ZA 101 -80.59 -110.06 43.53
C ARG ZA 101 -81.18 -108.68 43.25
N ASN ZA 102 -80.43 -107.62 43.54
CA ASN ZA 102 -80.97 -106.28 43.36
C ASN ZA 102 -81.27 -105.99 41.89
N VAL ZA 103 -80.35 -106.36 41.00
CA VAL ZA 103 -80.58 -106.13 39.58
C VAL ZA 103 -81.79 -106.91 39.09
N ASP ZA 104 -81.97 -108.12 39.61
CA ASP ZA 104 -83.10 -108.94 39.18
C ASP ZA 104 -84.42 -108.26 39.48
N THR ZA 105 -84.54 -107.65 40.67
CA THR ZA 105 -85.78 -106.97 41.01
C THR ZA 105 -86.04 -105.80 40.07
N LEU ZA 106 -85.02 -104.97 39.83
CA LEU ZA 106 -85.21 -103.83 38.95
C LEU ZA 106 -85.43 -104.25 37.51
N PHE ZA 107 -84.56 -105.11 36.98
CA PHE ZA 107 -84.51 -105.39 35.56
C PHE ZA 107 -85.19 -106.69 35.17
N ALA ZA 108 -84.88 -107.79 35.84
CA ALA ZA 108 -85.50 -109.06 35.48
C ALA ZA 108 -86.98 -109.07 35.88
N SER ZA 109 -87.25 -108.93 37.18
CA SER ZA 109 -88.63 -108.92 37.63
C SER ZA 109 -89.34 -107.63 37.24
N GLY ZA 110 -88.69 -106.49 37.43
CA GLY ZA 110 -89.27 -105.21 37.09
C GLY ZA 110 -89.15 -104.90 35.62
N ASN ZA 111 -89.54 -103.67 35.28
CA ASN ZA 111 -89.50 -103.20 33.90
C ASN ZA 111 -88.42 -102.14 33.68
N ALA ZA 112 -87.31 -102.22 34.43
CA ALA ZA 112 -86.23 -101.28 34.20
C ALA ZA 112 -85.64 -101.41 32.81
N GLY ZA 113 -85.77 -102.59 32.20
CA GLY ZA 113 -85.29 -102.77 30.85
C GLY ZA 113 -86.16 -102.11 29.79
N LEU ZA 114 -87.34 -101.64 30.16
CA LEU ZA 114 -88.20 -100.91 29.25
C LEU ZA 114 -88.07 -99.40 29.41
N GLY ZA 115 -87.18 -98.93 30.27
CA GLY ZA 115 -86.98 -97.52 30.51
C GLY ZA 115 -87.63 -96.99 31.77
N PHE ZA 116 -88.57 -97.73 32.36
CA PHE ZA 116 -89.23 -97.26 33.56
C PHE ZA 116 -88.35 -97.50 34.79
N LEU ZA 117 -88.36 -96.54 35.71
CA LEU ZA 117 -87.65 -96.65 36.97
C LEU ZA 117 -88.66 -96.58 38.12
N ASP ZA 118 -88.55 -97.50 39.06
CA ASP ZA 118 -89.47 -97.58 40.19
C ASP ZA 118 -88.73 -97.28 41.48
N PRO ZA 119 -88.92 -96.09 42.07
CA PRO ZA 119 -88.27 -95.80 43.36
C PRO ZA 119 -88.77 -96.68 44.49
N THR ZA 120 -89.94 -97.30 44.35
CA THR ZA 120 -90.51 -98.13 45.39
C THR ZA 120 -90.08 -99.58 45.30
N ALA ZA 121 -89.11 -99.90 44.44
CA ALA ZA 121 -88.66 -101.28 44.31
C ALA ZA 121 -88.00 -101.76 45.60
N ALA ZA 122 -88.13 -103.06 45.87
CA ALA ZA 122 -87.61 -103.65 47.10
C ALA ZA 122 -86.15 -104.03 46.90
N ILE ZA 123 -85.25 -103.21 47.44
CA ILE ZA 123 -83.82 -103.47 47.38
C ILE ZA 123 -83.37 -103.94 48.75
N VAL ZA 124 -82.30 -104.73 48.79
CA VAL ZA 124 -81.77 -105.28 50.03
C VAL ZA 124 -80.27 -105.08 50.05
N SER ZA 125 -79.73 -104.76 51.22
CA SER ZA 125 -78.29 -104.70 51.39
C SER ZA 125 -77.71 -106.10 51.56
N SER ZA 126 -76.39 -106.19 51.49
CA SER ZA 126 -75.73 -107.49 51.64
C SER ZA 126 -75.80 -107.98 53.08
N ASP ZA 127 -75.64 -107.09 54.04
CA ASP ZA 127 -75.58 -107.48 55.44
C ASP ZA 127 -76.92 -108.07 55.87
N THR ZA 128 -76.86 -109.20 56.57
CA THR ZA 128 -78.06 -109.83 57.07
C THR ZA 128 -78.56 -109.11 58.32
N THR ZA 129 -79.85 -109.30 58.60
CA THR ZA 129 -80.48 -108.66 59.75
C THR ZA 129 -79.95 -109.24 61.05
N ALA AB 1 -47.11 -133.28 48.04
CA ALA AB 1 -48.32 -132.90 48.76
C ALA AB 1 -48.28 -131.42 49.11
N ASN AB 2 -48.02 -130.58 48.11
CA ASN AB 2 -47.94 -129.15 48.30
C ASN AB 2 -48.96 -128.45 47.42
N LYS AB 3 -49.12 -127.15 47.65
CA LYS AB 3 -50.08 -126.38 46.89
C LYS AB 3 -49.60 -126.22 45.46
N PRO AB 4 -50.37 -126.66 44.47
CA PRO AB 4 -49.97 -126.42 43.08
C PRO AB 4 -50.35 -125.02 42.63
N MET AB 5 -49.47 -124.38 41.88
CA MET AB 5 -49.78 -123.05 41.37
C MET AB 5 -50.63 -123.15 40.12
N GLN AB 6 -51.03 -122.00 39.60
CA GLN AB 6 -51.64 -121.86 38.29
C GLN AB 6 -50.98 -120.68 37.60
N PRO AB 7 -50.87 -120.71 36.28
CA PRO AB 7 -50.20 -119.61 35.58
C PRO AB 7 -50.93 -118.30 35.78
N ILE AB 8 -50.15 -117.23 35.91
CA ILE AB 8 -50.69 -115.88 36.03
C ILE AB 8 -50.51 -115.17 34.70
N THR AB 9 -49.28 -115.09 34.23
CA THR AB 9 -48.95 -114.46 32.96
C THR AB 9 -48.53 -115.55 31.98
N SER AB 10 -49.22 -115.63 30.85
CA SER AB 10 -48.93 -116.61 29.82
C SER AB 10 -48.42 -115.89 28.58
N THR AB 11 -47.29 -116.36 28.07
CA THR AB 11 -46.68 -115.76 26.89
C THR AB 11 -45.90 -116.85 26.16
N ALA AB 12 -45.63 -116.60 24.88
CA ALA AB 12 -44.82 -117.55 24.11
C ALA AB 12 -43.40 -117.67 24.66
N ASN AB 13 -42.98 -116.73 25.50
CA ASN AB 13 -41.63 -116.75 26.07
C ASN AB 13 -41.64 -116.97 27.57
N LYS AB 14 -42.38 -116.17 28.32
CA LYS AB 14 -42.37 -116.23 29.78
C LYS AB 14 -43.70 -116.78 30.29
N ILE AB 15 -43.61 -117.73 31.23
CA ILE AB 15 -44.77 -118.24 31.94
C ILE AB 15 -44.52 -118.05 33.42
N VAL AB 16 -45.50 -117.49 34.13
CA VAL AB 16 -45.35 -117.19 35.55
C VAL AB 16 -46.47 -117.86 36.32
N TRP AB 17 -46.11 -118.70 37.28
CA TRP AB 17 -47.06 -119.29 38.21
C TRP AB 17 -46.97 -118.57 39.54
N SER AB 18 -48.09 -118.55 40.26
CA SER AB 18 -48.11 -118.02 41.62
C SER AB 18 -49.19 -118.75 42.39
N ASP AB 19 -48.93 -118.98 43.68
CA ASP AB 19 -49.85 -119.78 44.48
C ASP AB 19 -51.14 -119.01 44.71
N PRO AB 20 -52.30 -119.63 44.54
CA PRO AB 20 -53.57 -118.91 44.77
C PRO AB 20 -53.75 -118.49 46.22
N THR AB 21 -53.43 -119.37 47.17
CA THR AB 21 -53.63 -119.04 48.58
C THR AB 21 -52.72 -117.89 48.99
N ARG AB 22 -51.46 -117.93 48.59
CA ARG AB 22 -50.48 -116.90 48.93
C ARG AB 22 -49.89 -116.36 47.63
N LEU AB 23 -50.18 -115.09 47.35
CA LEU AB 23 -49.80 -114.49 46.08
C LEU AB 23 -48.34 -114.10 46.02
N SER AB 24 -47.62 -114.14 47.14
CA SER AB 24 -46.22 -113.71 47.13
C SER AB 24 -45.34 -114.71 46.40
N THR AB 25 -45.53 -116.00 46.68
CA THR AB 25 -44.70 -117.03 46.06
C THR AB 25 -44.96 -117.11 44.57
N THR AB 26 -43.90 -117.17 43.78
CA THR AB 26 -44.02 -117.23 42.34
C THR AB 26 -42.99 -118.20 41.78
N PHE AB 27 -43.19 -118.59 40.52
CA PHE AB 27 -42.23 -119.40 39.78
C PHE AB 27 -42.33 -119.00 38.32
N SER AB 28 -41.27 -118.38 37.81
CA SER AB 28 -41.25 -117.88 36.44
C SER AB 28 -40.24 -118.67 35.62
N ALA AB 29 -40.60 -118.93 34.36
CA ALA AB 29 -39.74 -119.68 33.45
C ALA AB 29 -39.75 -118.98 32.10
N SER AB 30 -38.64 -118.34 31.75
CA SER AB 30 -38.50 -117.64 30.49
C SER AB 30 -37.42 -118.30 29.65
N LEU AB 31 -37.75 -118.60 28.40
CA LEU AB 31 -36.85 -119.28 27.48
C LEU AB 31 -36.53 -118.38 26.31
N LEU AB 32 -35.27 -118.35 25.93
CA LEU AB 32 -34.81 -117.61 24.76
C LEU AB 32 -34.12 -118.60 23.84
N ARG AB 33 -34.79 -118.94 22.74
CA ARG AB 33 -34.24 -119.86 21.74
C ARG AB 33 -33.54 -119.03 20.68
N GLN AB 34 -32.33 -119.43 20.31
CA GLN AB 34 -31.48 -118.57 19.51
C GLN AB 34 -30.87 -119.33 18.33
N ARG AB 35 -30.58 -118.56 17.29
CA ARG AB 35 -29.97 -118.99 16.04
C ARG AB 35 -28.46 -118.83 16.14
N VAL AB 36 -27.75 -119.92 16.39
CA VAL AB 36 -26.31 -119.89 16.61
C VAL AB 36 -25.62 -120.78 15.58
N LYS AB 37 -24.36 -120.43 15.29
CA LYS AB 37 -23.58 -121.09 14.26
C LYS AB 37 -22.27 -121.60 14.84
N VAL AB 38 -21.86 -122.78 14.40
CA VAL AB 38 -20.58 -123.40 14.73
C VAL AB 38 -19.91 -123.78 13.42
N GLY AB 39 -18.83 -124.56 13.48
CA GLY AB 39 -17.99 -124.82 12.34
C GLY AB 39 -18.67 -125.62 11.26
N ILE AB 40 -19.55 -124.92 10.52
CA ILE AB 40 -20.34 -125.36 9.37
C ILE AB 40 -21.26 -126.50 9.81
N ALA AB 41 -21.76 -126.38 11.04
CA ALA AB 41 -22.80 -127.24 11.58
C ALA AB 41 -23.84 -126.34 12.22
N GLU AB 42 -25.10 -126.77 12.23
CA GLU AB 42 -26.19 -125.91 12.72
C GLU AB 42 -26.53 -126.36 14.14
N LEU AB 43 -26.47 -125.44 15.09
CA LEU AB 43 -26.87 -125.72 16.46
C LEU AB 43 -27.94 -124.71 16.86
N ASN AB 44 -28.91 -125.17 17.63
CA ASN AB 44 -30.00 -124.33 18.13
C ASN AB 44 -29.81 -124.20 19.63
N ASN AB 45 -29.52 -122.99 20.09
CA ASN AB 45 -29.25 -122.72 21.50
C ASN AB 45 -30.51 -122.23 22.18
N VAL AB 46 -30.75 -122.73 23.40
CA VAL AB 46 -31.90 -122.34 24.21
C VAL AB 46 -31.40 -121.96 25.59
N SER AB 47 -31.92 -120.86 26.12
CA SER AB 47 -31.53 -120.36 27.44
C SER AB 47 -32.76 -120.33 28.33
N GLY AB 48 -32.91 -121.35 29.18
CA GLY AB 48 -34.05 -121.47 30.06
C GLY AB 48 -33.74 -120.89 31.43
N GLN AB 49 -34.34 -119.74 31.71
CA GLN AB 49 -34.16 -119.03 32.98
C GLN AB 49 -35.34 -119.33 33.88
N TYR AB 50 -35.08 -119.95 35.02
CA TYR AB 50 -36.11 -120.32 35.98
C TYR AB 50 -35.84 -119.59 37.28
N VAL AB 51 -36.85 -118.87 37.78
CA VAL AB 51 -36.71 -118.08 38.99
C VAL AB 51 -37.82 -118.50 39.95
N SER AB 52 -37.45 -118.88 41.16
CA SER AB 52 -38.41 -119.20 42.21
C SER AB 52 -38.22 -118.19 43.34
N VAL AB 53 -39.31 -117.56 43.76
CA VAL AB 53 -39.28 -116.49 44.75
C VAL AB 53 -40.26 -116.82 45.85
N TYR AB 54 -39.81 -116.71 47.10
CA TYR AB 54 -40.66 -116.84 48.27
C TYR AB 54 -40.45 -115.63 49.16
N LYS AB 55 -41.55 -115.06 49.66
CA LYS AB 55 -41.50 -113.97 50.62
C LYS AB 55 -41.68 -114.59 51.99
N ARG AB 56 -40.57 -114.81 52.69
CA ARG AB 56 -40.56 -115.49 53.97
C ARG AB 56 -40.47 -114.48 55.09
N PRO AB 57 -41.39 -114.50 56.04
CA PRO AB 57 -41.35 -113.53 57.14
C PRO AB 57 -40.12 -113.71 58.01
N ALA AB 58 -39.66 -112.60 58.59
CA ALA AB 58 -38.47 -112.62 59.42
C ALA AB 58 -38.68 -113.50 60.64
N PRO AB 59 -37.62 -114.14 61.15
CA PRO AB 59 -37.79 -115.04 62.28
C PRO AB 59 -38.25 -114.30 63.53
N LYS AB 60 -39.06 -114.99 64.32
CA LYS AB 60 -39.66 -114.39 65.50
C LYS AB 60 -38.57 -114.08 66.53
N PRO AB 61 -38.65 -112.95 67.24
CA PRO AB 61 -37.63 -112.66 68.26
C PRO AB 61 -37.81 -113.52 69.49
N GLU AB 62 -36.84 -114.42 69.74
CA GLU AB 62 -36.65 -115.20 70.97
C GLU AB 62 -37.84 -116.10 71.27
N GLY AB 63 -38.86 -116.07 70.44
CA GLY AB 63 -40.07 -116.83 70.70
C GLY AB 63 -41.12 -115.97 71.37
N CYS AB 64 -41.22 -114.72 70.93
CA CYS AB 64 -42.16 -113.76 71.51
C CYS AB 64 -43.51 -113.84 70.79
N ALA AB 65 -44.26 -114.87 71.16
CA ALA AB 65 -45.58 -115.05 70.58
C ALA AB 65 -46.56 -114.04 71.17
N ASP AB 66 -46.67 -112.86 70.54
CA ASP AB 66 -47.64 -111.87 70.99
C ASP AB 66 -49.02 -112.18 70.42
N ALA AB 67 -49.15 -112.08 69.09
CA ALA AB 67 -50.37 -112.25 68.31
C ALA AB 67 -50.23 -111.52 66.98
N CYS AB 68 -50.66 -110.26 66.95
CA CYS AB 68 -50.65 -109.46 65.72
C CYS AB 68 -49.45 -108.50 65.72
N VAL AB 69 -48.26 -109.09 65.69
CA VAL AB 69 -47.03 -108.34 65.47
C VAL AB 69 -46.51 -108.73 64.08
N ILE AB 70 -46.42 -107.73 63.20
CA ILE AB 70 -46.15 -107.97 61.80
C ILE AB 70 -44.66 -107.78 61.57
N MET AB 71 -43.92 -108.88 61.54
CA MET AB 71 -42.51 -108.81 61.21
C MET AB 71 -42.34 -108.50 59.72
N PRO AB 72 -41.32 -107.75 59.35
CA PRO AB 72 -41.08 -107.47 57.93
C PRO AB 72 -40.74 -108.74 57.17
N ASN AB 73 -41.09 -108.72 55.88
CA ASN AB 73 -40.94 -109.88 55.02
C ASN AB 73 -39.63 -109.79 54.24
N GLU AB 74 -38.86 -110.87 54.27
CA GLU AB 74 -37.65 -110.98 53.48
C GLU AB 74 -37.83 -112.03 52.39
N ASN AB 75 -37.16 -111.82 51.26
CA ASN AB 75 -37.40 -112.58 50.05
C ASN AB 75 -36.30 -113.63 49.87
N GLN AB 76 -36.71 -114.89 49.77
CA GLN AB 76 -35.83 -115.97 49.39
C GLN AB 76 -36.01 -116.25 47.90
N SER AB 77 -34.91 -116.27 47.16
CA SER AB 77 -34.98 -116.42 45.71
C SER AB 77 -33.98 -117.46 45.24
N ILE AB 78 -34.34 -118.19 44.19
CA ILE AB 78 -33.44 -119.11 43.50
C ILE AB 78 -33.59 -118.85 42.01
N ARG AB 79 -32.49 -118.54 41.34
CA ARG AB 79 -32.50 -118.29 39.91
C ARG AB 79 -31.52 -119.25 39.24
N THR AB 80 -31.99 -119.96 38.22
CA THR AB 80 -31.16 -120.89 37.46
C THR AB 80 -31.35 -120.62 35.99
N VAL AB 81 -30.25 -120.76 35.23
CA VAL AB 81 -30.29 -120.63 33.78
C VAL AB 81 -29.64 -121.88 33.18
N ILE AB 82 -30.29 -122.46 32.18
CA ILE AB 82 -29.76 -123.60 31.45
C ILE AB 82 -29.55 -123.14 30.01
N SER AB 83 -28.30 -123.15 29.58
CA SER AB 83 -27.96 -122.76 28.22
C SER AB 83 -27.25 -123.92 27.54
N GLY AB 84 -27.73 -124.29 26.36
CA GLY AB 84 -27.14 -125.41 25.64
C GLY AB 84 -27.88 -125.63 24.35
N SER AB 85 -27.34 -126.55 23.55
CA SER AB 85 -27.94 -126.87 22.27
C SER AB 85 -29.03 -127.92 22.42
N ALA AB 86 -30.10 -127.76 21.65
CA ALA AB 86 -31.19 -128.73 21.70
C ALA AB 86 -30.73 -130.08 21.18
N GLU AB 87 -29.80 -130.10 20.23
CA GLU AB 87 -29.29 -131.34 19.69
C GLU AB 87 -28.51 -132.14 20.72
N ASN AB 88 -27.93 -131.48 21.72
CA ASN AB 88 -27.24 -132.17 22.80
C ASN AB 88 -28.10 -132.24 24.06
N LEU AB 89 -29.42 -132.25 23.92
CA LEU AB 89 -30.29 -132.28 25.08
C LEU AB 89 -30.10 -133.55 25.90
N ALA AB 90 -29.76 -134.66 25.24
CA ALA AB 90 -29.57 -135.91 25.96
C ALA AB 90 -28.45 -135.79 26.99
N THR AB 91 -27.30 -135.27 26.57
CA THR AB 91 -26.21 -135.10 27.51
C THR AB 91 -26.41 -133.90 28.42
N LEU AB 92 -27.16 -132.89 27.95
CA LEU AB 92 -27.44 -131.73 28.80
C LEU AB 92 -28.26 -132.13 30.02
N LYS AB 93 -29.20 -133.05 29.87
CA LYS AB 93 -29.97 -133.51 31.01
C LYS AB 93 -29.07 -134.17 32.04
N ALA AB 94 -28.05 -134.89 31.58
CA ALA AB 94 -27.06 -135.43 32.50
C ALA AB 94 -26.33 -134.32 33.23
N GLU AB 95 -26.02 -133.22 32.53
CA GLU AB 95 -25.38 -132.08 33.16
C GLU AB 95 -26.26 -131.51 34.25
N TRP AB 96 -27.55 -131.36 33.97
CA TRP AB 96 -28.48 -130.83 34.97
C TRP AB 96 -28.57 -131.76 36.17
N GLU AB 97 -28.65 -133.07 35.91
CA GLU AB 97 -28.77 -134.03 37.00
C GLU AB 97 -27.54 -134.00 37.88
N THR AB 98 -26.35 -134.01 37.27
CA THR AB 98 -25.13 -134.00 38.09
C THR AB 98 -24.91 -132.64 38.73
N HIS AB 99 -25.48 -131.58 38.15
CA HIS AB 99 -25.36 -130.26 38.76
C HIS AB 99 -26.06 -130.23 40.11
N LYS AB 100 -27.14 -131.00 40.26
CA LYS AB 100 -27.81 -131.10 41.54
C LYS AB 100 -26.86 -131.63 42.60
N ARG AB 101 -26.17 -132.73 42.29
CA ARG AB 101 -25.31 -133.37 43.29
C ARG AB 101 -24.19 -132.44 43.72
N ASN AB 102 -23.60 -131.73 42.76
CA ASN AB 102 -22.51 -130.81 43.10
C ASN AB 102 -23.00 -129.70 44.03
N VAL AB 103 -24.16 -129.14 43.74
CA VAL AB 103 -24.71 -128.11 44.61
C VAL AB 103 -25.16 -128.71 45.94
N ASP AB 104 -25.76 -129.90 45.88
CA ASP AB 104 -26.28 -130.52 47.10
C ASP AB 104 -25.17 -130.79 48.11
N THR AB 105 -24.04 -131.31 47.64
CA THR AB 105 -22.95 -131.65 48.55
C THR AB 105 -22.30 -130.41 49.15
N LEU AB 106 -22.54 -129.23 48.57
CA LEU AB 106 -22.05 -127.98 49.13
C LEU AB 106 -23.10 -127.25 49.96
N PHE AB 107 -24.33 -127.16 49.44
CA PHE AB 107 -25.36 -126.37 50.08
C PHE AB 107 -26.23 -127.21 51.02
N ALA AB 108 -26.86 -128.25 50.48
CA ALA AB 108 -27.78 -129.04 51.29
C ALA AB 108 -27.06 -129.73 52.44
N SER AB 109 -26.16 -130.66 52.12
CA SER AB 109 -25.42 -131.36 53.17
C SER AB 109 -24.37 -130.47 53.80
N GLY AB 110 -23.65 -129.70 52.98
CA GLY AB 110 -22.60 -128.85 53.47
C GLY AB 110 -23.11 -127.58 54.11
N ASN AB 111 -22.16 -126.72 54.48
CA ASN AB 111 -22.48 -125.47 55.17
C ASN AB 111 -22.24 -124.25 54.28
N ALA AB 112 -22.35 -124.42 52.96
CA ALA AB 112 -22.23 -123.26 52.07
C ALA AB 112 -23.36 -122.27 52.32
N GLY AB 113 -24.46 -122.72 52.90
CA GLY AB 113 -25.54 -121.80 53.23
C GLY AB 113 -25.14 -120.78 54.27
N LEU AB 114 -24.40 -121.20 55.29
CA LEU AB 114 -23.98 -120.27 56.33
C LEU AB 114 -23.02 -119.24 55.77
N GLY AB 115 -22.18 -119.63 54.82
CA GLY AB 115 -21.20 -118.71 54.26
C GLY AB 115 -19.82 -119.31 54.18
N PHE AB 116 -19.73 -120.63 54.38
CA PHE AB 116 -18.44 -121.32 54.42
C PHE AB 116 -18.29 -122.19 53.18
N LEU AB 117 -17.19 -121.98 52.45
CA LEU AB 117 -16.83 -122.82 51.32
C LEU AB 117 -15.85 -123.89 51.81
N ASP AB 118 -16.28 -125.13 51.74
CA ASP AB 118 -15.39 -126.23 52.10
C ASP AB 118 -14.53 -126.61 50.90
N PRO AB 119 -13.22 -126.41 50.96
CA PRO AB 119 -12.37 -126.72 49.80
C PRO AB 119 -12.06 -128.21 49.63
N THR AB 120 -12.56 -129.06 50.51
CA THR AB 120 -12.31 -130.50 50.41
C THR AB 120 -13.58 -131.29 50.12
N ALA AB 121 -14.64 -130.60 49.70
CA ALA AB 121 -15.87 -131.30 49.35
C ALA AB 121 -15.65 -132.19 48.13
N ALA AB 122 -16.16 -133.41 48.21
CA ALA AB 122 -15.97 -134.39 47.15
C ALA AB 122 -17.05 -134.22 46.08
N ILE AB 123 -16.86 -133.20 45.25
CA ILE AB 123 -17.82 -132.99 44.17
C ILE AB 123 -17.52 -133.95 43.03
N VAL AB 124 -18.49 -134.07 42.13
CA VAL AB 124 -18.52 -135.16 41.16
C VAL AB 124 -18.81 -134.60 39.78
N SER AB 125 -18.13 -135.13 38.77
CA SER AB 125 -18.29 -134.70 37.40
C SER AB 125 -19.27 -135.59 36.64
N SER AB 126 -19.76 -135.08 35.53
CA SER AB 126 -20.78 -135.78 34.75
C SER AB 126 -20.24 -137.06 34.11
N ASP AB 127 -19.01 -137.03 33.60
CA ASP AB 127 -18.50 -138.18 32.87
C ASP AB 127 -18.31 -139.37 33.79
N THR AB 128 -18.58 -140.56 33.24
CA THR AB 128 -18.56 -141.80 34.00
C THR AB 128 -17.29 -142.56 33.67
N THR AB 129 -16.71 -143.20 34.68
CA THR AB 129 -15.49 -143.98 34.50
C THR AB 129 -15.75 -145.19 33.61
N ALA BB 1 -28.01 11.62 -144.67
CA ALA BB 1 -29.01 11.09 -143.76
C ALA BB 1 -28.53 11.19 -142.32
N ASN BB 2 -28.42 10.06 -141.64
CA ASN BB 2 -27.94 9.99 -140.27
C ASN BB 2 -26.78 9.03 -140.20
N LYS BB 3 -25.70 9.45 -139.55
CA LYS BB 3 -24.54 8.59 -139.42
C LYS BB 3 -24.87 7.44 -138.48
N PRO BB 4 -24.73 6.19 -138.92
CA PRO BB 4 -25.11 5.07 -138.06
C PRO BB 4 -24.12 4.87 -136.93
N MET BB 5 -24.63 4.51 -135.76
CA MET BB 5 -23.73 4.08 -134.71
C MET BB 5 -23.25 2.66 -134.98
N GLN BB 6 -22.28 2.23 -134.19
CA GLN BB 6 -21.76 0.89 -134.26
C GLN BB 6 -21.47 0.38 -132.86
N PRO BB 7 -21.62 -0.92 -132.62
CA PRO BB 7 -21.59 -1.41 -131.23
C PRO BB 7 -20.23 -1.23 -130.60
N ILE BB 8 -20.23 -1.02 -129.29
CA ILE BB 8 -19.00 -0.96 -128.51
C ILE BB 8 -19.00 -1.95 -127.35
N THR BB 9 -20.13 -2.57 -127.04
CA THR BB 9 -20.19 -3.60 -126.01
C THR BB 9 -21.38 -4.50 -126.32
N SER BB 10 -21.12 -5.66 -126.88
CA SER BB 10 -22.15 -6.61 -127.24
C SER BB 10 -22.25 -7.70 -126.19
N THR BB 11 -23.48 -8.06 -125.84
CA THR BB 11 -23.73 -9.08 -124.83
C THR BB 11 -25.12 -9.65 -125.11
N ALA BB 12 -25.37 -10.84 -124.58
CA ALA BB 12 -26.67 -11.46 -124.75
C ALA BB 12 -27.78 -10.70 -124.02
N ASN BB 13 -27.44 -9.76 -123.16
CA ASN BB 13 -28.43 -8.97 -122.42
C ASN BB 13 -28.39 -7.50 -122.76
N LYS BB 14 -27.22 -6.92 -122.97
CA LYS BB 14 -27.09 -5.50 -123.27
C LYS BB 14 -26.22 -5.29 -124.50
N ILE BB 15 -26.66 -4.40 -125.38
CA ILE BB 15 -25.86 -3.93 -126.50
C ILE BB 15 -25.94 -2.41 -126.50
N VAL BB 16 -24.78 -1.76 -126.48
CA VAL BB 16 -24.71 -0.30 -126.44
C VAL BB 16 -24.01 0.18 -127.71
N TRP BB 17 -24.62 1.13 -128.39
CA TRP BB 17 -24.02 1.74 -129.56
C TRP BB 17 -23.44 3.10 -129.20
N SER BB 18 -22.66 3.65 -130.11
CA SER BB 18 -22.06 4.96 -129.90
C SER BB 18 -21.62 5.52 -131.25
N ASP BB 19 -21.72 6.84 -131.37
CA ASP BB 19 -21.29 7.50 -132.59
C ASP BB 19 -19.77 7.62 -132.59
N PRO BB 20 -19.08 7.10 -133.61
CA PRO BB 20 -17.63 7.29 -133.66
C PRO BB 20 -17.22 8.75 -133.66
N THR BB 21 -18.00 9.62 -134.30
CA THR BB 21 -17.66 11.04 -134.33
C THR BB 21 -17.73 11.65 -132.94
N ARG BB 22 -18.77 11.34 -132.18
CA ARG BB 22 -18.94 11.84 -130.83
C ARG BB 22 -19.32 10.67 -129.94
N LEU BB 23 -18.43 10.32 -129.01
CA LEU BB 23 -18.64 9.16 -128.15
C LEU BB 23 -19.57 9.46 -126.98
N SER BB 24 -19.95 10.72 -126.78
CA SER BB 24 -20.87 11.03 -125.70
C SER BB 24 -22.24 10.42 -125.94
N THR BB 25 -22.77 10.57 -127.15
CA THR BB 25 -24.09 10.03 -127.45
C THR BB 25 -24.04 8.51 -127.52
N THR BB 26 -25.03 7.87 -126.89
CA THR BB 26 -25.10 6.42 -126.84
C THR BB 26 -26.54 5.98 -127.02
N PHE BB 27 -26.71 4.69 -127.29
CA PHE BB 27 -28.03 4.07 -127.35
C PHE BB 27 -27.89 2.65 -126.81
N SER BB 28 -28.46 2.40 -125.64
CA SER BB 28 -28.31 1.12 -124.95
C SER BB 28 -29.61 0.35 -125.03
N ALA BB 29 -29.53 -0.90 -125.45
CA ALA BB 29 -30.68 -1.80 -125.47
C ALA BB 29 -30.44 -2.90 -124.47
N SER BB 30 -31.10 -2.82 -123.32
CA SER BB 30 -31.01 -3.82 -122.27
C SER BB 30 -32.30 -4.62 -122.23
N LEU BB 31 -32.14 -5.94 -122.17
CA LEU BB 31 -33.28 -6.84 -122.27
C LEU BB 31 -33.24 -7.84 -121.11
N LEU BB 32 -34.39 -8.06 -120.49
CA LEU BB 32 -34.50 -8.95 -119.34
C LEU BB 32 -35.61 -9.95 -119.61
N ARG BB 33 -35.27 -11.24 -119.54
CA ARG BB 33 -36.23 -12.31 -119.77
C ARG BB 33 -36.66 -12.90 -118.43
N GLN BB 34 -37.96 -12.97 -118.21
CA GLN BB 34 -38.51 -13.47 -116.97
C GLN BB 34 -39.69 -14.37 -117.28
N ARG BB 35 -39.71 -15.55 -116.68
CA ARG BB 35 -40.81 -16.49 -116.88
C ARG BB 35 -41.88 -16.24 -115.84
N VAL BB 36 -43.09 -15.92 -116.30
CA VAL BB 36 -44.20 -15.63 -115.41
C VAL BB 36 -45.32 -16.62 -115.71
N LYS BB 37 -46.00 -17.06 -114.66
CA LYS BB 37 -47.03 -18.08 -114.79
C LYS BB 37 -48.35 -17.51 -114.27
N VAL BB 38 -49.12 -16.93 -115.17
CA VAL BB 38 -50.47 -16.47 -114.86
C VAL BB 38 -51.32 -17.71 -114.68
N GLY BB 39 -52.55 -17.55 -114.18
CA GLY BB 39 -53.43 -18.66 -113.87
C GLY BB 39 -53.44 -19.76 -114.92
N ILE BB 40 -53.01 -20.96 -114.49
CA ILE BB 40 -52.92 -22.18 -115.30
C ILE BB 40 -52.41 -21.87 -116.71
N ALA BB 41 -51.39 -21.02 -116.80
CA ALA BB 41 -50.80 -20.69 -118.09
C ALA BB 41 -49.37 -20.23 -117.87
N GLU BB 42 -48.44 -20.77 -118.64
CA GLU BB 42 -47.03 -20.45 -118.51
C GLU BB 42 -46.65 -19.43 -119.58
N LEU BB 43 -46.12 -18.28 -119.15
CA LEU BB 43 -45.81 -17.19 -120.05
C LEU BB 43 -44.36 -16.75 -119.83
N ASN BB 44 -43.88 -15.89 -120.73
CA ASN BB 44 -42.53 -15.35 -120.67
C ASN BB 44 -42.57 -13.86 -120.91
N ASN BB 45 -42.25 -13.08 -119.88
CA ASN BB 45 -42.15 -11.63 -120.02
C ASN BB 45 -40.80 -11.26 -120.60
N VAL BB 46 -40.78 -10.16 -121.35
CA VAL BB 46 -39.55 -9.51 -121.79
C VAL BB 46 -39.61 -8.06 -121.37
N SER BB 47 -38.53 -7.59 -120.75
CA SER BB 47 -38.44 -6.20 -120.31
C SER BB 47 -37.27 -5.57 -121.04
N GLY BB 48 -37.58 -4.73 -122.03
CA GLY BB 48 -36.53 -4.10 -122.81
C GLY BB 48 -36.35 -2.63 -122.52
N GLN BB 49 -35.31 -2.29 -121.76
CA GLN BB 49 -34.98 -0.90 -121.50
C GLN BB 49 -34.16 -0.36 -122.66
N TYR BB 50 -34.73 0.56 -123.41
CA TYR BB 50 -34.03 1.24 -124.50
C TYR BB 50 -33.75 2.67 -124.05
N VAL BB 51 -32.47 3.00 -123.93
CA VAL BB 51 -32.04 4.29 -123.41
C VAL BB 51 -31.25 5.00 -124.49
N SER BB 52 -31.71 6.19 -124.85
CA SER BB 52 -30.99 7.05 -125.78
C SER BB 52 -30.50 8.26 -125.00
N VAL BB 53 -29.18 8.41 -124.91
CA VAL BB 53 -28.56 9.50 -124.18
C VAL BB 53 -27.78 10.36 -125.15
N TYR BB 54 -28.10 11.65 -125.20
CA TYR BB 54 -27.35 12.61 -125.99
C TYR BB 54 -27.05 13.80 -125.11
N LYS BB 55 -25.81 14.28 -125.18
CA LYS BB 55 -25.37 15.41 -124.38
C LYS BB 55 -25.06 16.58 -125.30
N ARG BB 56 -25.72 17.72 -125.07
CA ARG BB 56 -25.55 18.88 -125.92
C ARG BB 56 -25.59 20.14 -125.06
N PRO BB 57 -24.54 20.95 -125.10
CA PRO BB 57 -24.61 22.27 -124.46
C PRO BB 57 -25.26 23.28 -125.39
N ALA BB 58 -26.48 23.70 -125.09
CA ALA BB 58 -27.08 24.70 -125.97
C ALA BB 58 -27.83 25.81 -125.24
N PRO BB 59 -27.27 26.42 -124.18
CA PRO BB 59 -27.83 27.72 -123.76
C PRO BB 59 -27.57 28.76 -124.83
N LYS BB 60 -26.28 28.92 -125.16
CA LYS BB 60 -25.73 29.67 -126.29
C LYS BB 60 -26.52 30.96 -126.49
N PRO BB 61 -26.38 31.93 -125.58
CA PRO BB 61 -27.27 33.11 -125.62
C PRO BB 61 -27.11 33.97 -126.86
N GLU BB 62 -28.24 34.22 -127.54
CA GLU BB 62 -28.41 35.23 -128.59
C GLU BB 62 -27.47 35.05 -129.78
N GLY BB 63 -26.64 34.02 -129.74
CA GLY BB 63 -25.52 33.95 -130.66
C GLY BB 63 -24.27 34.53 -130.03
N CYS BB 64 -24.09 34.27 -128.74
CA CYS BB 64 -22.85 34.58 -128.02
C CYS BB 64 -21.81 33.57 -128.50
N ALA BB 65 -21.36 33.73 -129.74
CA ALA BB 65 -20.42 32.79 -130.32
C ALA BB 65 -19.16 32.68 -129.49
N ASP BB 66 -18.41 33.78 -129.40
CA ASP BB 66 -17.15 33.81 -128.68
C ASP BB 66 -16.27 32.65 -129.11
N ALA BB 67 -16.29 32.40 -130.42
CA ALA BB 67 -15.64 31.28 -131.09
C ALA BB 67 -15.76 29.93 -130.37
N CYS BB 68 -14.78 29.60 -129.54
CA CYS BB 68 -14.41 28.22 -129.28
C CYS BB 68 -14.24 28.05 -127.76
N VAL BB 69 -15.20 28.60 -127.02
CA VAL BB 69 -15.15 28.60 -125.56
C VAL BB 69 -15.62 27.26 -124.97
N ILE BB 70 -16.47 26.53 -125.71
CA ILE BB 70 -17.19 25.35 -125.23
C ILE BB 70 -17.66 25.47 -123.79
N MET BB 71 -18.87 26.01 -123.61
CA MET BB 71 -19.52 26.07 -122.30
C MET BB 71 -19.83 24.65 -121.84
N PRO BB 72 -19.99 24.43 -120.53
CA PRO BB 72 -20.26 23.06 -120.05
C PRO BB 72 -21.56 22.51 -120.63
N ASN BB 73 -21.68 21.19 -120.58
CA ASN BB 73 -22.61 20.44 -121.41
C ASN BB 73 -23.66 19.74 -120.56
N GLU BB 74 -24.92 19.88 -120.96
CA GLU BB 74 -26.03 19.34 -120.18
C GLU BB 74 -26.55 18.05 -120.80
N ASN BB 75 -27.52 17.44 -120.13
CA ASN BB 75 -27.92 16.06 -120.40
C ASN BB 75 -29.33 16.00 -121.00
N GLN BB 76 -29.47 15.19 -122.04
CA GLN BB 76 -30.78 14.86 -122.61
C GLN BB 76 -30.85 13.35 -122.74
N SER BB 77 -31.83 12.74 -122.07
CA SER BB 77 -31.97 11.30 -122.05
C SER BB 77 -33.40 10.91 -122.33
N ILE BB 78 -33.58 9.83 -123.08
CA ILE BB 78 -34.88 9.28 -123.41
C ILE BB 78 -34.83 7.80 -123.11
N ARG BB 79 -35.66 7.36 -122.18
CA ARG BB 79 -35.66 5.97 -121.72
C ARG BB 79 -37.02 5.35 -121.99
N THR BB 80 -37.02 4.17 -122.57
CA THR BB 80 -38.24 3.45 -122.90
C THR BB 80 -38.13 2.01 -122.43
N VAL BB 81 -39.16 1.53 -121.75
CA VAL BB 81 -39.22 0.16 -121.27
C VAL BB 81 -40.52 -0.47 -121.77
N ILE BB 82 -40.42 -1.66 -122.32
CA ILE BB 82 -41.57 -2.38 -122.86
C ILE BB 82 -41.64 -3.73 -122.17
N SER BB 83 -42.82 -4.05 -121.63
CA SER BB 83 -43.04 -5.30 -120.92
C SER BB 83 -44.23 -6.01 -121.49
N GLY BB 84 -44.12 -7.33 -121.66
CA GLY BB 84 -45.22 -8.11 -122.17
C GLY BB 84 -44.76 -9.53 -122.45
N SER BB 85 -45.76 -10.39 -122.64
CA SER BB 85 -45.47 -11.78 -122.97
C SER BB 85 -45.08 -11.91 -124.44
N ALA BB 86 -44.11 -12.79 -124.71
CA ALA BB 86 -43.70 -13.04 -126.08
C ALA BB 86 -44.83 -13.63 -126.90
N GLU BB 87 -45.74 -14.38 -126.26
CA GLU BB 87 -46.85 -14.99 -126.96
C GLU BB 87 -47.85 -13.97 -127.50
N ASN BB 88 -47.90 -12.77 -126.92
CA ASN BB 88 -48.80 -11.72 -127.36
C ASN BB 88 -48.05 -10.61 -128.08
N LEU BB 89 -46.90 -10.94 -128.67
CA LEU BB 89 -46.10 -9.92 -129.35
C LEU BB 89 -46.82 -9.38 -130.58
N ALA BB 90 -47.60 -10.21 -131.26
CA ALA BB 90 -48.34 -9.74 -132.44
C ALA BB 90 -49.19 -8.53 -132.09
N THR BB 91 -49.85 -8.56 -130.93
CA THR BB 91 -50.61 -7.40 -130.49
C THR BB 91 -49.82 -6.47 -129.60
N LEU BB 92 -48.75 -6.96 -128.98
CA LEU BB 92 -47.89 -6.08 -128.20
C LEU BB 92 -47.37 -4.93 -129.02
N LYS BB 93 -47.10 -5.16 -130.31
CA LYS BB 93 -46.64 -4.11 -131.21
C LYS BB 93 -47.71 -3.04 -131.40
N ALA BB 94 -48.99 -3.43 -131.31
CA ALA BB 94 -50.06 -2.53 -131.68
C ALA BB 94 -50.10 -1.29 -130.79
N GLU BB 95 -50.06 -1.48 -129.48
CA GLU BB 95 -50.12 -0.33 -128.59
C GLU BB 95 -48.83 0.47 -128.64
N TRP BB 96 -47.73 -0.14 -129.07
CA TRP BB 96 -46.52 0.64 -129.35
C TRP BB 96 -46.81 1.73 -130.37
N GLU BB 97 -47.61 1.42 -131.39
CA GLU BB 97 -48.00 2.47 -132.32
C GLU BB 97 -48.87 3.51 -131.63
N THR BB 98 -49.84 3.07 -130.82
CA THR BB 98 -50.68 4.03 -130.12
C THR BB 98 -49.87 4.81 -129.10
N HIS BB 99 -48.97 4.14 -128.38
CA HIS BB 99 -48.10 4.84 -127.45
C HIS BB 99 -47.29 5.91 -128.16
N LYS BB 100 -46.96 5.68 -129.42
CA LYS BB 100 -46.28 6.70 -130.21
C LYS BB 100 -47.17 7.93 -130.39
N ARG BB 101 -48.33 7.73 -131.04
CA ARG BB 101 -49.19 8.87 -131.36
C ARG BB 101 -49.68 9.56 -130.10
N ASN BB 102 -49.92 8.81 -129.03
CA ASN BB 102 -50.39 9.43 -127.79
C ASN BB 102 -49.40 10.45 -127.27
N VAL BB 103 -48.12 10.08 -127.16
CA VAL BB 103 -47.15 11.05 -126.69
C VAL BB 103 -46.86 12.09 -127.76
N ASP BB 104 -47.09 11.76 -129.03
CA ASP BB 104 -46.92 12.74 -130.09
C ASP BB 104 -47.86 13.92 -129.90
N THR BB 105 -49.12 13.63 -129.59
CA THR BB 105 -50.06 14.72 -129.32
C THR BB 105 -49.63 15.51 -128.09
N LEU BB 106 -49.24 14.81 -127.03
CA LEU BB 106 -48.82 15.50 -125.82
C LEU BB 106 -47.53 16.25 -126.03
N PHE BB 107 -46.51 15.59 -126.56
CA PHE BB 107 -45.15 16.12 -126.59
C PHE BB 107 -44.79 16.70 -127.96
N ALA BB 108 -44.87 15.88 -129.01
CA ALA BB 108 -44.49 16.36 -130.34
C ALA BB 108 -45.42 17.47 -130.81
N SER BB 109 -46.72 17.30 -130.62
CA SER BB 109 -47.70 18.29 -131.05
C SER BB 109 -47.95 19.33 -129.97
N GLY BB 110 -48.35 18.89 -128.78
CA GLY BB 110 -48.58 19.82 -127.69
C GLY BB 110 -47.29 20.32 -127.08
N ASN BB 111 -47.43 21.20 -126.10
CA ASN BB 111 -46.29 21.79 -125.42
C ASN BB 111 -45.98 21.10 -124.09
N ALA BB 112 -46.25 19.81 -123.98
CA ALA BB 112 -45.92 19.09 -122.75
C ALA BB 112 -44.42 19.10 -122.49
N GLY BB 113 -43.62 19.18 -123.55
CA GLY BB 113 -42.18 19.26 -123.36
C GLY BB 113 -41.77 20.47 -122.54
N LEU BB 114 -42.47 21.59 -122.75
CA LEU BB 114 -42.22 22.78 -121.95
C LEU BB 114 -42.64 22.59 -120.50
N GLY BB 115 -43.45 21.58 -120.22
CA GLY BB 115 -43.97 21.36 -118.89
C GLY BB 115 -45.45 21.67 -118.71
N PHE BB 116 -46.19 21.83 -119.79
CA PHE BB 116 -47.60 22.21 -119.71
C PHE BB 116 -48.48 20.99 -119.96
N LEU BB 117 -49.34 20.69 -119.01
CA LEU BB 117 -50.27 19.58 -119.12
C LEU BB 117 -51.54 20.02 -119.86
N ASP BB 118 -52.02 19.16 -120.74
CA ASP BB 118 -53.15 19.48 -121.62
C ASP BB 118 -54.26 18.50 -121.26
N PRO BB 119 -55.20 18.92 -120.41
CA PRO BB 119 -56.31 18.02 -120.05
C PRO BB 119 -57.27 17.75 -121.20
N THR BB 120 -57.28 18.56 -122.24
CA THR BB 120 -58.24 18.40 -123.33
C THR BB 120 -57.63 17.75 -124.57
N ALA BB 121 -56.44 17.16 -124.45
CA ALA BB 121 -55.83 16.50 -125.59
C ALA BB 121 -56.66 15.30 -126.03
N ALA BB 122 -56.70 15.07 -127.35
CA ALA BB 122 -57.51 14.00 -127.91
C ALA BB 122 -56.65 12.77 -128.16
N ILE BB 123 -56.29 12.10 -127.05
CA ILE BB 123 -55.49 10.89 -127.13
C ILE BB 123 -56.36 9.74 -127.61
N VAL BB 124 -55.74 8.63 -127.97
CA VAL BB 124 -56.41 7.54 -128.67
C VAL BB 124 -56.03 6.22 -128.01
N SER BB 125 -57.03 5.35 -127.84
CA SER BB 125 -56.82 4.02 -127.27
C SER BB 125 -56.36 3.04 -128.33
N SER BB 126 -55.89 1.88 -127.86
CA SER BB 126 -55.33 0.89 -128.78
C SER BB 126 -56.43 0.20 -129.60
N ASP BB 127 -57.51 -0.20 -128.97
CA ASP BB 127 -58.56 -0.94 -129.66
C ASP BB 127 -59.25 -0.05 -130.69
N THR BB 128 -59.59 -0.65 -131.83
CA THR BB 128 -60.26 0.05 -132.90
C THR BB 128 -61.77 -0.15 -132.81
N THR BB 129 -62.49 0.58 -133.64
CA THR BB 129 -63.94 0.52 -133.67
C THR BB 129 -64.43 -0.11 -134.97
N ALA CB 1 -37.64 -30.71 -141.81
CA ALA CB 1 -38.34 -29.43 -141.77
C ALA CB 1 -38.56 -28.99 -140.34
N ASN CB 2 -37.56 -29.21 -139.50
CA ASN CB 2 -37.66 -28.82 -138.10
C ASN CB 2 -37.41 -27.33 -137.93
N LYS CB 3 -38.08 -26.74 -136.95
CA LYS CB 3 -37.88 -25.33 -136.68
C LYS CB 3 -36.48 -25.09 -136.12
N PRO CB 4 -35.68 -24.25 -136.75
CA PRO CB 4 -34.37 -23.90 -136.18
C PRO CB 4 -34.54 -22.95 -135.00
N MET CB 5 -33.51 -22.93 -134.14
CA MET CB 5 -33.44 -21.97 -133.06
C MET CB 5 -32.26 -21.04 -133.29
N GLN CB 6 -32.23 -19.99 -132.46
CA GLN CB 6 -31.11 -19.05 -132.43
C GLN CB 6 -30.64 -18.90 -131.00
N PRO CB 7 -29.37 -18.57 -130.79
CA PRO CB 7 -28.86 -18.43 -129.42
C PRO CB 7 -29.59 -17.34 -128.66
N ILE CB 8 -29.74 -17.56 -127.35
CA ILE CB 8 -30.33 -16.60 -126.45
C ILE CB 8 -29.32 -16.04 -125.48
N THR CB 9 -28.70 -16.90 -124.68
CA THR CB 9 -27.75 -16.49 -123.67
C THR CB 9 -26.37 -17.00 -124.06
N SER CB 10 -25.41 -16.09 -124.14
CA SER CB 10 -24.04 -16.44 -124.46
C SER CB 10 -23.17 -16.24 -123.23
N THR CB 11 -22.24 -17.15 -123.02
CA THR CB 11 -21.37 -17.14 -121.86
C THR CB 11 -20.04 -17.73 -122.28
N ALA CB 12 -19.01 -17.48 -121.47
CA ALA CB 12 -17.69 -18.01 -121.77
C ALA CB 12 -17.68 -19.53 -121.85
N ASN CB 13 -18.65 -20.19 -121.25
CA ASN CB 13 -18.69 -21.65 -121.25
C ASN CB 13 -20.01 -22.22 -121.74
N LYS CB 14 -21.10 -21.47 -121.64
CA LYS CB 14 -22.43 -21.97 -121.94
C LYS CB 14 -23.09 -21.15 -123.04
N ILE CB 15 -23.74 -21.85 -123.97
CA ILE CB 15 -24.53 -21.22 -125.02
C ILE CB 15 -25.87 -21.93 -125.10
N VAL CB 16 -26.95 -21.16 -125.26
CA VAL CB 16 -28.30 -21.68 -125.15
C VAL CB 16 -29.12 -21.23 -126.36
N TRP CB 17 -29.82 -22.18 -126.97
CA TRP CB 17 -30.77 -21.88 -128.03
C TRP CB 17 -32.19 -22.00 -127.51
N SER CB 18 -33.14 -21.44 -128.25
CA SER CB 18 -34.56 -21.62 -127.96
C SER CB 18 -35.37 -21.29 -129.18
N ASP CB 19 -36.50 -21.94 -129.33
CA ASP CB 19 -37.33 -21.74 -130.51
C ASP CB 19 -38.08 -20.42 -130.42
N PRO CB 20 -37.99 -19.55 -131.42
CA PRO CB 20 -38.74 -18.29 -131.37
C PRO CB 20 -40.25 -18.49 -131.26
N THR CB 21 -40.79 -19.53 -131.90
CA THR CB 21 -42.23 -19.75 -131.84
C THR CB 21 -42.64 -20.28 -130.48
N ARG CB 22 -41.87 -21.22 -129.92
CA ARG CB 22 -42.13 -21.79 -128.60
C ARG CB 22 -40.89 -21.56 -127.75
N LEU CB 23 -40.92 -20.53 -126.92
CA LEU CB 23 -39.77 -20.23 -126.07
C LEU CB 23 -39.56 -21.30 -125.00
N SER CB 24 -40.55 -22.15 -124.76
CA SER CB 24 -40.41 -23.17 -123.73
C SER CB 24 -39.30 -24.17 -124.07
N THR CB 25 -39.26 -24.62 -125.32
CA THR CB 25 -38.25 -25.59 -125.71
C THR CB 25 -36.90 -24.93 -125.94
N THR CB 26 -35.87 -25.49 -125.31
CA THR CB 26 -34.52 -24.94 -125.38
C THR CB 26 -33.52 -26.06 -125.54
N PHE CB 27 -32.32 -25.69 -126.00
CA PHE CB 27 -31.19 -26.61 -126.08
C PHE CB 27 -29.96 -25.84 -125.63
N SER CB 28 -29.31 -26.31 -124.56
CA SER CB 28 -28.19 -25.62 -123.96
C SER CB 28 -26.97 -26.53 -123.95
N ALA CB 29 -25.82 -25.96 -124.29
CA ALA CB 29 -24.56 -26.67 -124.26
C ALA CB 29 -23.57 -25.89 -123.41
N SER CB 30 -22.91 -26.58 -122.48
CA SER CB 30 -21.92 -25.96 -121.61
C SER CB 30 -20.65 -26.77 -121.64
N LEU CB 31 -19.54 -26.14 -122.01
CA LEU CB 31 -18.24 -26.79 -122.05
C LEU CB 31 -17.44 -26.37 -120.84
N LEU CB 32 -16.97 -27.33 -120.07
CA LEU CB 32 -16.16 -27.08 -118.89
C LEU CB 32 -14.82 -27.78 -119.10
N ARG CB 33 -13.84 -27.04 -119.60
CA ARG CB 33 -12.53 -27.58 -119.90
C ARG CB 33 -11.63 -27.46 -118.67
N GLN CB 34 -10.74 -28.43 -118.51
CA GLN CB 34 -9.83 -28.44 -117.37
C GLN CB 34 -8.58 -29.20 -117.76
N ARG CB 35 -7.46 -28.83 -117.15
CA ARG CB 35 -6.15 -29.34 -117.55
C ARG CB 35 -5.68 -30.39 -116.56
N VAL CB 36 -5.44 -31.60 -117.05
CA VAL CB 36 -5.15 -32.76 -116.21
C VAL CB 36 -3.96 -33.50 -116.80
N LYS CB 37 -3.03 -33.91 -115.93
CA LYS CB 37 -1.93 -34.76 -116.32
C LYS CB 37 -2.06 -36.11 -115.62
N VAL CB 38 -1.87 -37.19 -116.37
CA VAL CB 38 -2.03 -38.52 -115.80
C VAL CB 38 -0.75 -39.34 -115.96
N GLY CB 39 -0.29 -39.52 -117.19
CA GLY CB 39 0.93 -40.27 -117.45
C GLY CB 39 2.11 -39.35 -117.70
N ILE CB 40 2.53 -38.61 -116.68
CA ILE CB 40 3.54 -37.56 -116.74
C ILE CB 40 3.42 -36.76 -118.03
N ALA CB 41 2.17 -36.60 -118.50
CA ALA CB 41 1.90 -35.88 -119.73
C ALA CB 41 0.61 -35.10 -119.54
N GLU CB 42 0.69 -33.78 -119.66
CA GLU CB 42 -0.48 -32.95 -119.45
C GLU CB 42 -1.51 -33.19 -120.55
N LEU CB 43 -2.78 -33.26 -120.16
CA LEU CB 43 -3.87 -33.48 -121.09
C LEU CB 43 -4.94 -32.43 -120.86
N ASN CB 44 -5.65 -32.08 -121.92
CA ASN CB 44 -6.76 -31.12 -121.85
C ASN CB 44 -8.06 -31.92 -121.74
N ASN CB 45 -8.67 -31.86 -120.57
CA ASN CB 45 -9.93 -32.57 -120.34
C ASN CB 45 -11.10 -31.61 -120.51
N VAL CB 46 -12.17 -32.11 -121.10
CA VAL CB 46 -13.38 -31.33 -121.36
C VAL CB 46 -14.58 -32.14 -120.90
N SER CB 47 -15.59 -31.45 -120.37
CA SER CB 47 -16.85 -32.08 -119.97
C SER CB 47 -17.98 -31.31 -120.62
N GLY CB 48 -18.43 -31.79 -121.78
CA GLY CB 48 -19.48 -31.12 -122.52
C GLY CB 48 -20.85 -31.61 -122.09
N GLN CB 49 -21.58 -30.75 -121.39
CA GLN CB 49 -22.91 -31.05 -120.90
C GLN CB 49 -23.93 -30.46 -121.87
N TYR CB 50 -24.72 -31.32 -122.50
CA TYR CB 50 -25.76 -30.92 -123.44
C TYR CB 50 -27.11 -31.26 -122.84
N VAL CB 51 -27.96 -30.24 -122.70
CA VAL CB 51 -29.27 -30.39 -122.08
C VAL CB 51 -30.32 -29.95 -123.09
N SER CB 52 -31.31 -30.80 -123.33
CA SER CB 52 -32.43 -30.49 -124.20
C SER CB 52 -33.71 -30.70 -123.40
N VAL CB 53 -34.54 -29.67 -123.33
CA VAL CB 53 -35.78 -29.71 -122.55
C VAL CB 53 -36.95 -29.33 -123.45
N TYR CB 54 -38.07 -30.00 -123.25
CA TYR CB 54 -39.30 -29.68 -123.95
C TYR CB 54 -40.45 -29.70 -122.96
N LYS CB 55 -41.37 -28.76 -123.13
CA LYS CB 55 -42.55 -28.65 -122.28
C LYS CB 55 -43.71 -29.27 -123.05
N ARG CB 56 -43.98 -30.55 -122.78
CA ARG CB 56 -44.99 -31.29 -123.50
C ARG CB 56 -46.29 -31.25 -122.71
N PRO CB 57 -47.40 -30.79 -123.29
CA PRO CB 57 -48.68 -30.84 -122.58
C PRO CB 57 -49.07 -32.29 -122.31
N ALA CB 58 -49.77 -32.49 -121.20
CA ALA CB 58 -50.20 -33.82 -120.83
C ALA CB 58 -51.14 -34.38 -121.89
N PRO CB 59 -51.13 -35.70 -122.10
CA PRO CB 59 -51.98 -36.28 -123.15
C PRO CB 59 -53.45 -36.23 -122.75
N LYS CB 60 -54.24 -35.52 -123.52
CA LYS CB 60 -55.66 -35.46 -123.27
C LYS CB 60 -56.30 -36.82 -123.56
N PRO CB 61 -57.44 -37.12 -122.93
CA PRO CB 61 -58.04 -38.45 -123.09
C PRO CB 61 -58.37 -38.74 -124.54
N GLU CB 62 -58.22 -40.00 -124.93
CA GLU CB 62 -58.45 -40.44 -126.30
C GLU CB 62 -59.86 -40.10 -126.78
N GLY CB 63 -60.04 -40.04 -128.10
CA GLY CB 63 -61.31 -39.62 -128.65
C GLY CB 63 -61.37 -38.11 -128.79
N CYS CB 64 -62.03 -37.46 -127.84
CA CYS CB 64 -62.11 -36.01 -127.79
C CYS CB 64 -60.71 -35.38 -127.88
N ALA CB 65 -60.52 -34.60 -128.94
CA ALA CB 65 -59.31 -33.83 -129.14
C ALA CB 65 -59.65 -32.43 -129.62
N ASP CB 66 -60.71 -32.33 -130.40
CA ASP CB 66 -61.14 -31.07 -131.00
C ASP CB 66 -61.47 -30.03 -129.94
N ALA CB 67 -62.23 -30.43 -128.92
CA ALA CB 67 -62.59 -29.53 -127.83
C ALA CB 67 -61.34 -29.06 -127.11
N CYS CB 68 -61.04 -27.77 -127.21
CA CYS CB 68 -59.81 -27.27 -126.61
C CYS CB 68 -59.89 -27.26 -125.10
N VAL CB 69 -59.32 -28.28 -124.47
CA VAL CB 69 -59.14 -28.35 -123.04
C VAL CB 69 -57.65 -28.25 -122.75
N ILE CB 70 -57.27 -27.30 -121.93
CA ILE CB 70 -55.86 -27.06 -121.65
C ILE CB 70 -55.34 -28.13 -120.70
N MET CB 71 -54.53 -29.01 -121.23
CA MET CB 71 -53.92 -30.01 -120.38
C MET CB 71 -52.72 -29.41 -119.67
N PRO CB 72 -52.54 -29.68 -118.38
CA PRO CB 72 -51.39 -29.12 -117.68
C PRO CB 72 -50.09 -29.56 -118.33
N ASN CB 73 -49.15 -28.63 -118.42
CA ASN CB 73 -47.92 -28.87 -119.13
C ASN CB 73 -46.92 -29.62 -118.23
N GLU CB 74 -46.06 -30.41 -118.86
CA GLU CB 74 -45.02 -31.13 -118.13
C GLU CB 74 -43.76 -31.16 -118.97
N ASN CB 75 -42.62 -31.36 -118.31
CA ASN CB 75 -41.33 -31.19 -118.94
C ASN CB 75 -40.72 -32.52 -119.35
N GLN CB 76 -40.20 -32.57 -120.57
CA GLN CB 76 -39.43 -33.69 -121.08
C GLN CB 76 -38.00 -33.22 -121.29
N SER CB 77 -37.06 -33.86 -120.61
CA SER CB 77 -35.67 -33.41 -120.61
C SER CB 77 -34.73 -34.56 -120.96
N ILE CB 78 -33.65 -34.23 -121.66
CA ILE CB 78 -32.60 -35.18 -122.02
C ILE CB 78 -31.27 -34.48 -121.76
N ARG CB 79 -30.51 -35.00 -120.80
CA ARG CB 79 -29.23 -34.41 -120.44
C ARG CB 79 -28.12 -35.42 -120.66
N THR CB 80 -27.07 -35.02 -121.38
CA THR CB 80 -25.91 -35.86 -121.63
C THR CB 80 -24.65 -35.07 -121.32
N VAL CB 81 -23.64 -35.78 -120.80
CA VAL CB 81 -22.34 -35.20 -120.51
C VAL CB 81 -21.28 -36.05 -121.19
N ILE CB 82 -20.36 -35.40 -121.88
CA ILE CB 82 -19.26 -36.07 -122.57
C ILE CB 82 -17.97 -35.64 -121.89
N SER CB 83 -17.30 -36.58 -121.22
CA SER CB 83 -16.07 -36.30 -120.50
C SER CB 83 -14.94 -37.10 -121.12
N GLY CB 84 -13.83 -36.43 -121.40
CA GLY CB 84 -12.68 -37.10 -121.97
C GLY CB 84 -11.63 -36.09 -122.38
N SER CB 85 -10.45 -36.61 -122.71
CA SER CB 85 -9.34 -35.77 -123.12
C SER CB 85 -9.43 -35.48 -124.60
N ALA CB 86 -9.07 -34.25 -124.97
CA ALA CB 86 -9.13 -33.86 -126.38
C ALA CB 86 -8.02 -34.48 -127.22
N GLU CB 87 -6.95 -34.94 -126.58
CA GLU CB 87 -5.82 -35.50 -127.32
C GLU CB 87 -6.14 -36.83 -127.98
N ASN CB 88 -7.10 -37.58 -127.45
CA ASN CB 88 -7.58 -38.81 -128.08
C ASN CB 88 -9.05 -38.69 -128.43
N LEU CB 89 -9.45 -37.55 -128.99
CA LEU CB 89 -10.86 -37.31 -129.26
C LEU CB 89 -11.40 -38.22 -130.35
N ALA CB 90 -10.56 -38.59 -131.32
CA ALA CB 90 -11.05 -39.32 -132.48
C ALA CB 90 -11.67 -40.65 -132.06
N THR CB 91 -11.02 -41.38 -131.16
CA THR CB 91 -11.60 -42.61 -130.66
C THR CB 91 -12.78 -42.36 -129.75
N LEU CB 92 -12.84 -41.18 -129.12
CA LEU CB 92 -13.97 -40.87 -128.26
C LEU CB 92 -15.23 -40.63 -129.08
N LYS CB 93 -15.09 -40.14 -130.31
CA LYS CB 93 -16.25 -39.99 -131.18
C LYS CB 93 -16.93 -41.32 -131.41
N ALA CB 94 -16.13 -42.37 -131.66
CA ALA CB 94 -16.71 -43.71 -131.83
C ALA CB 94 -17.41 -44.16 -130.55
N GLU CB 95 -16.84 -43.81 -129.40
CA GLU CB 95 -17.49 -44.16 -128.13
C GLU CB 95 -18.86 -43.51 -128.02
N TRP CB 96 -18.97 -42.25 -128.45
CA TRP CB 96 -20.28 -41.61 -128.51
C TRP CB 96 -21.21 -42.35 -129.45
N GLU CB 97 -20.70 -42.76 -130.62
CA GLU CB 97 -21.55 -43.41 -131.59
C GLU CB 97 -22.09 -44.73 -131.07
N THR CB 98 -21.23 -45.54 -130.44
CA THR CB 98 -21.71 -46.81 -129.90
C THR CB 98 -22.60 -46.59 -128.69
N HIS CB 99 -22.38 -45.50 -127.96
CA HIS CB 99 -23.27 -45.18 -126.84
C HIS CB 99 -24.67 -44.91 -127.32
N LYS CB 100 -24.80 -44.27 -128.49
CA LYS CB 100 -26.12 -44.04 -129.06
C LYS CB 100 -26.83 -45.34 -129.36
N ARG CB 101 -26.14 -46.27 -130.03
CA ARG CB 101 -26.77 -47.53 -130.40
C ARG CB 101 -27.12 -48.34 -129.16
N ASN CB 102 -26.25 -48.35 -128.16
CA ASN CB 102 -26.54 -49.09 -126.94
C ASN CB 102 -27.76 -48.54 -126.23
N VAL CB 103 -27.89 -47.22 -126.17
CA VAL CB 103 -29.08 -46.62 -125.57
C VAL CB 103 -30.30 -46.90 -126.43
N ASP CB 104 -30.12 -46.88 -127.76
CA ASP CB 104 -31.26 -47.06 -128.65
C ASP CB 104 -31.91 -48.41 -128.46
N THR CB 105 -31.10 -49.47 -128.30
CA THR CB 105 -31.67 -50.80 -128.23
C THR CB 105 -32.50 -50.99 -126.96
N LEU CB 106 -32.11 -50.34 -125.87
CA LEU CB 106 -32.96 -50.36 -124.68
C LEU CB 106 -34.16 -49.44 -124.83
N PHE CB 107 -33.94 -48.25 -125.37
CA PHE CB 107 -34.94 -47.19 -125.33
C PHE CB 107 -35.81 -47.16 -126.58
N ALA CB 108 -35.19 -46.99 -127.75
CA ALA CB 108 -35.96 -46.83 -128.98
C ALA CB 108 -36.67 -48.11 -129.34
N SER CB 109 -35.91 -49.17 -129.64
CA SER CB 109 -36.52 -50.44 -129.99
C SER CB 109 -37.14 -51.11 -128.77
N GLY CB 110 -36.41 -51.11 -127.65
CA GLY CB 110 -36.90 -51.72 -126.43
C GLY CB 110 -37.93 -50.86 -125.74
N ASN CB 111 -38.45 -51.39 -124.63
CA ASN CB 111 -39.46 -50.70 -123.84
C ASN CB 111 -38.91 -50.25 -122.49
N ALA CB 112 -37.61 -49.96 -122.43
CA ALA CB 112 -37.02 -49.53 -121.17
C ALA CB 112 -37.57 -48.20 -120.68
N GLY CB 113 -38.07 -47.36 -121.59
CA GLY CB 113 -38.60 -46.08 -121.17
C GLY CB 113 -39.80 -46.23 -120.25
N LEU CB 114 -40.62 -47.25 -120.48
CA LEU CB 114 -41.80 -47.46 -119.64
C LEU CB 114 -41.44 -47.88 -118.23
N GLY CB 115 -40.21 -48.32 -117.98
CA GLY CB 115 -39.81 -48.70 -116.65
C GLY CB 115 -39.39 -50.16 -116.55
N PHE CB 116 -39.20 -50.80 -117.69
CA PHE CB 116 -38.84 -52.21 -117.73
C PHE CB 116 -37.38 -52.38 -118.09
N LEU CB 117 -36.80 -53.51 -117.65
CA LEU CB 117 -35.42 -53.83 -117.96
C LEU CB 117 -35.37 -55.19 -118.64
N ASP CB 118 -34.46 -55.32 -119.61
CA ASP CB 118 -34.28 -56.55 -120.37
C ASP CB 118 -32.83 -57.00 -120.27
N PRO CB 119 -32.53 -57.91 -119.35
CA PRO CB 119 -31.15 -58.42 -119.22
C PRO CB 119 -30.67 -59.16 -120.45
N THR CB 120 -31.54 -59.42 -121.43
CA THR CB 120 -31.17 -60.14 -122.63
C THR CB 120 -30.92 -59.22 -123.82
N ALA CB 121 -30.86 -57.91 -123.60
CA ALA CB 121 -30.68 -56.98 -124.69
C ALA CB 121 -29.28 -57.13 -125.30
N ALA CB 122 -29.20 -56.88 -126.61
CA ALA CB 122 -27.96 -56.99 -127.35
C ALA CB 122 -27.16 -55.71 -127.18
N ILE CB 123 -26.09 -55.78 -126.39
CA ILE CB 123 -25.26 -54.62 -126.09
C ILE CB 123 -23.88 -54.88 -126.65
N VAL CB 124 -23.42 -54.01 -127.56
CA VAL CB 124 -22.16 -54.21 -128.24
C VAL CB 124 -21.21 -53.07 -127.88
N SER CB 125 -19.92 -53.36 -127.99
CA SER CB 125 -18.87 -52.44 -127.55
C SER CB 125 -18.34 -51.59 -128.71
N SER CB 126 -17.61 -50.55 -128.34
CA SER CB 126 -17.02 -49.67 -129.35
C SER CB 126 -16.02 -50.41 -130.22
N ASP CB 127 -15.12 -51.17 -129.60
CA ASP CB 127 -14.10 -51.87 -130.38
C ASP CB 127 -14.72 -52.96 -131.23
N THR CB 128 -14.07 -53.25 -132.36
CA THR CB 128 -14.57 -54.21 -133.32
C THR CB 128 -13.75 -55.49 -133.27
N THR CB 129 -14.20 -56.48 -134.05
CA THR CB 129 -13.50 -57.75 -134.15
C THR CB 129 -12.63 -57.80 -135.39
N ALA DB 1 -0.94 -19.82 -145.74
CA ALA DB 1 -2.13 -20.49 -145.26
C ALA DB 1 -1.95 -20.96 -143.82
N ASN DB 2 -2.27 -20.08 -142.89
CA ASN DB 2 -2.12 -20.40 -141.48
C ASN DB 2 -3.44 -20.93 -140.92
N LYS DB 3 -3.34 -21.82 -139.94
CA LYS DB 3 -4.55 -22.30 -139.28
C LYS DB 3 -5.21 -21.15 -138.52
N PRO DB 4 -6.47 -20.86 -138.76
CA PRO DB 4 -7.15 -19.80 -138.00
C PRO DB 4 -7.67 -20.31 -136.67
N MET DB 5 -7.53 -19.51 -135.62
CA MET DB 5 -8.07 -19.93 -134.34
C MET DB 5 -9.57 -19.70 -134.30
N GLN DB 6 -10.19 -20.19 -133.23
CA GLN DB 6 -11.57 -19.88 -132.90
C GLN DB 6 -11.63 -19.37 -131.47
N PRO DB 7 -12.58 -18.49 -131.17
CA PRO DB 7 -12.67 -17.97 -129.80
C PRO DB 7 -12.96 -19.10 -128.81
N ILE DB 8 -12.32 -19.01 -127.65
CA ILE DB 8 -12.53 -19.96 -126.57
C ILE DB 8 -13.30 -19.34 -125.43
N THR DB 9 -12.88 -18.17 -124.96
CA THR DB 9 -13.56 -17.46 -123.89
C THR DB 9 -14.06 -16.14 -124.45
N SER DB 10 -15.35 -15.89 -124.31
CA SER DB 10 -15.97 -14.67 -124.81
C SER DB 10 -16.48 -13.83 -123.64
N THR DB 11 -16.15 -12.54 -123.68
CA THR DB 11 -16.55 -11.61 -122.64
C THR DB 11 -16.72 -10.24 -123.28
N ALA DB 12 -17.45 -9.37 -122.59
CA ALA DB 12 -17.70 -8.04 -123.12
C ALA DB 12 -16.42 -7.23 -123.28
N ASN DB 13 -15.33 -7.63 -122.64
CA ASN DB 13 -14.10 -6.85 -122.69
C ASN DB 13 -12.87 -7.69 -123.00
N LYS DB 14 -13.01 -9.01 -122.97
CA LYS DB 14 -11.90 -9.91 -123.24
C LYS DB 14 -12.34 -11.06 -124.13
N ILE DB 15 -11.54 -11.36 -125.15
CA ILE DB 15 -11.77 -12.50 -126.03
C ILE DB 15 -10.46 -13.28 -126.12
N VAL DB 16 -10.55 -14.60 -126.08
CA VAL DB 16 -9.39 -15.47 -126.18
C VAL DB 16 -9.61 -16.46 -127.30
N TRP DB 17 -8.65 -16.54 -128.22
CA TRP DB 17 -8.65 -17.52 -129.29
C TRP DB 17 -7.65 -18.63 -129.00
N SER DB 18 -7.93 -19.81 -129.54
CA SER DB 18 -7.01 -20.93 -129.45
C SER DB 18 -7.14 -21.79 -130.69
N ASP DB 19 -6.04 -22.43 -131.06
CA ASP DB 19 -5.99 -23.25 -132.26
C ASP DB 19 -6.55 -24.62 -131.97
N PRO DB 20 -7.48 -25.13 -132.76
CA PRO DB 20 -8.02 -26.48 -132.50
C PRO DB 20 -6.97 -27.56 -132.52
N THR DB 21 -5.99 -27.47 -133.42
CA THR DB 21 -4.98 -28.54 -133.52
C THR DB 21 -4.05 -28.51 -132.31
N ARG DB 22 -3.55 -27.33 -131.95
CA ARG DB 22 -2.67 -27.17 -130.79
C ARG DB 22 -3.34 -26.23 -129.81
N LEU DB 23 -3.71 -26.76 -128.65
CA LEU DB 23 -4.38 -25.94 -127.64
C LEU DB 23 -3.41 -25.07 -126.87
N SER DB 24 -2.11 -25.34 -126.96
CA SER DB 24 -1.13 -24.53 -126.24
C SER DB 24 -1.08 -23.11 -126.79
N THR DB 25 -0.95 -22.98 -128.10
CA THR DB 25 -0.92 -21.65 -128.70
C THR DB 25 -2.26 -20.95 -128.52
N THR DB 26 -2.22 -19.64 -128.35
CA THR DB 26 -3.42 -18.88 -128.05
C THR DB 26 -3.20 -17.41 -128.40
N PHE DB 27 -4.31 -16.67 -128.43
CA PHE DB 27 -4.29 -15.25 -128.66
C PHE DB 27 -5.35 -14.59 -127.78
N SER DB 28 -4.99 -13.47 -127.17
CA SER DB 28 -5.88 -12.79 -126.24
C SER DB 28 -5.94 -11.30 -126.58
N ALA DB 29 -7.10 -10.70 -126.32
CA ALA DB 29 -7.33 -9.29 -126.60
C ALA DB 29 -8.25 -8.73 -125.53
N SER DB 30 -7.77 -7.75 -124.77
CA SER DB 30 -8.54 -7.13 -123.70
C SER DB 30 -8.54 -5.63 -123.88
N LEU DB 31 -9.68 -5.01 -123.59
CA LEU DB 31 -9.80 -3.56 -123.59
C LEU DB 31 -10.30 -3.07 -122.25
N LEU DB 32 -9.67 -2.00 -121.75
CA LEU DB 32 -10.15 -1.27 -120.59
C LEU DB 32 -10.46 0.14 -121.05
N ARG DB 33 -11.75 0.49 -121.09
CA ARG DB 33 -12.20 1.76 -121.65
C ARG DB 33 -12.61 2.69 -120.52
N GLN DB 34 -11.94 3.83 -120.42
CA GLN DB 34 -12.35 4.91 -119.55
C GLN DB 34 -12.61 6.15 -120.40
N ARG DB 35 -12.83 7.27 -119.73
CA ARG DB 35 -12.69 8.56 -120.37
C ARG DB 35 -12.19 9.55 -119.33
N VAL DB 36 -11.31 10.46 -119.76
CA VAL DB 36 -10.59 11.32 -118.84
C VAL DB 36 -10.90 12.78 -119.14
N LYS DB 37 -10.77 13.61 -118.12
CA LYS DB 37 -10.95 15.05 -118.22
C LYS DB 37 -9.56 15.69 -118.16
N VAL DB 38 -8.90 15.73 -119.31
CA VAL DB 38 -7.58 16.33 -119.44
C VAL DB 38 -7.58 17.45 -120.47
N GLY DB 39 -8.22 17.22 -121.62
CA GLY DB 39 -8.29 18.23 -122.66
C GLY DB 39 -9.41 19.22 -122.44
N ILE DB 40 -9.74 19.48 -121.17
CA ILE DB 40 -10.89 20.29 -120.78
C ILE DB 40 -12.11 19.72 -121.50
N ALA DB 41 -12.16 18.40 -121.58
CA ALA DB 41 -13.21 17.70 -122.32
C ALA DB 41 -13.27 16.26 -121.86
N GLU DB 42 -14.29 15.56 -122.31
CA GLU DB 42 -14.49 14.15 -121.96
C GLU DB 42 -13.67 13.29 -122.93
N LEU DB 43 -12.38 13.21 -122.64
CA LEU DB 43 -11.43 12.49 -123.48
C LEU DB 43 -11.64 10.99 -123.29
N ASN DB 44 -12.11 10.31 -124.32
CA ASN DB 44 -12.40 8.88 -124.24
C ASN DB 44 -11.13 8.09 -124.51
N ASN DB 45 -10.66 7.35 -123.51
CA ASN DB 45 -9.41 6.61 -123.60
C ASN DB 45 -9.68 5.10 -123.56
N VAL DB 46 -8.89 4.35 -124.31
CA VAL DB 46 -8.97 2.89 -124.32
C VAL DB 46 -7.57 2.33 -124.07
N SER DB 47 -7.52 1.05 -123.69
CA SER DB 47 -6.25 0.38 -123.41
C SER DB 47 -6.33 -1.04 -123.95
N GLY DB 48 -5.84 -1.24 -125.18
CA GLY DB 48 -5.89 -2.52 -125.82
C GLY DB 48 -4.66 -3.35 -125.52
N GLN DB 49 -4.86 -4.42 -124.75
CA GLN DB 49 -3.79 -5.34 -124.40
C GLN DB 49 -3.95 -6.60 -125.23
N TYR DB 50 -2.90 -6.95 -125.96
CA TYR DB 50 -2.92 -8.11 -126.84
C TYR DB 50 -1.76 -9.02 -126.49
N VAL DB 51 -2.04 -10.30 -126.31
CA VAL DB 51 -1.05 -11.28 -125.87
C VAL DB 51 -1.07 -12.46 -126.83
N SER DB 52 0.10 -12.86 -127.29
CA SER DB 52 0.26 -14.05 -128.12
C SER DB 52 1.23 -15.00 -127.42
N VAL DB 53 0.85 -16.27 -127.34
CA VAL DB 53 1.62 -17.26 -126.58
C VAL DB 53 1.81 -18.50 -127.44
N TYR DB 54 3.03 -19.01 -127.45
CA TYR DB 54 3.36 -20.27 -128.11
C TYR DB 54 4.27 -21.08 -127.20
N LYS DB 55 4.21 -22.40 -127.35
CA LYS DB 55 5.04 -23.32 -126.58
C LYS DB 55 5.96 -24.06 -127.54
N ARG DB 56 7.12 -23.47 -127.83
CA ARG DB 56 8.09 -24.13 -128.69
C ARG DB 56 8.74 -25.28 -127.93
N PRO DB 57 8.88 -26.44 -128.55
CA PRO DB 57 9.44 -27.59 -127.85
C PRO DB 57 10.95 -27.52 -127.66
N ALA DB 58 11.45 -26.37 -127.23
CA ALA DB 58 12.88 -26.12 -127.02
C ALA DB 58 13.68 -26.46 -128.28
N PRO DB 59 15.03 -26.46 -128.26
CA PRO DB 59 15.75 -27.03 -129.39
C PRO DB 59 16.09 -28.50 -129.20
N LYS DB 60 15.80 -29.31 -130.21
CA LYS DB 60 16.16 -30.71 -130.19
C LYS DB 60 17.68 -30.85 -130.11
N PRO DB 61 18.23 -31.59 -129.15
CA PRO DB 61 19.68 -31.83 -129.14
C PRO DB 61 20.11 -32.49 -130.44
N GLU DB 62 21.14 -31.91 -131.06
CA GLU DB 62 21.57 -32.31 -132.39
C GLU DB 62 22.18 -33.71 -132.32
N GLY DB 63 22.37 -34.35 -133.48
CA GLY DB 63 22.79 -35.73 -133.51
C GLY DB 63 21.65 -36.70 -133.76
N CYS DB 64 21.13 -37.29 -132.69
CA CYS DB 64 20.11 -38.33 -132.83
C CYS DB 64 18.84 -37.76 -133.44
N ALA DB 65 17.99 -38.67 -133.93
CA ALA DB 65 16.69 -38.35 -134.50
C ALA DB 65 15.64 -39.27 -133.88
N ASP DB 66 15.71 -39.40 -132.56
CA ASP DB 66 14.85 -40.33 -131.84
C ASP DB 66 13.38 -39.94 -132.05
N ALA DB 67 12.52 -40.96 -132.18
CA ALA DB 67 11.10 -40.72 -132.36
C ALA DB 67 10.51 -40.00 -131.16
N CYS DB 68 10.87 -40.44 -129.95
CA CYS DB 68 10.37 -39.84 -128.72
C CYS DB 68 11.53 -39.55 -127.77
N VAL DB 69 12.14 -38.38 -127.96
CA VAL DB 69 12.98 -37.77 -126.95
C VAL DB 69 12.43 -36.36 -126.71
N ILE DB 70 11.55 -36.24 -125.71
CA ILE DB 70 10.75 -35.04 -125.57
C ILE DB 70 11.34 -34.15 -124.49
N MET DB 71 11.66 -32.92 -124.86
CA MET DB 71 12.12 -31.90 -123.94
C MET DB 71 11.00 -30.91 -123.66
N PRO DB 72 11.06 -30.21 -122.53
CA PRO DB 72 9.96 -29.30 -122.17
C PRO DB 72 9.83 -28.15 -123.15
N ASN DB 73 8.79 -27.35 -122.93
CA ASN DB 73 8.42 -26.26 -123.82
C ASN DB 73 8.85 -24.93 -123.22
N GLU DB 74 9.31 -24.04 -124.09
CA GLU DB 74 9.57 -22.66 -123.69
C GLU DB 74 8.37 -21.79 -124.01
N ASN DB 75 8.28 -20.65 -123.34
CA ASN DB 75 7.12 -19.77 -123.46
C ASN DB 75 7.52 -18.58 -124.34
N GLN DB 76 7.20 -18.68 -125.63
CA GLN DB 76 7.37 -17.55 -126.54
C GLN DB 76 6.14 -16.66 -126.42
N SER DB 77 6.28 -15.57 -125.67
CA SER DB 77 5.16 -14.68 -125.38
C SER DB 77 5.44 -13.31 -125.96
N ILE DB 78 4.44 -12.74 -126.62
CA ILE DB 78 4.51 -11.38 -127.15
C ILE DB 78 3.30 -10.62 -126.63
N ARG DB 79 3.55 -9.53 -125.91
CA ARG DB 79 2.49 -8.73 -125.32
C ARG DB 79 2.56 -7.31 -125.87
N THR DB 80 1.42 -6.77 -126.23
CA THR DB 80 1.32 -5.42 -126.76
C THR DB 80 0.14 -4.71 -126.10
N VAL DB 81 0.38 -3.46 -125.72
CA VAL DB 81 -0.66 -2.63 -125.12
C VAL DB 81 -0.72 -1.32 -125.90
N ILE DB 82 -1.93 -0.90 -126.26
CA ILE DB 82 -2.16 0.30 -127.03
C ILE DB 82 -3.04 1.21 -126.19
N SER DB 83 -2.60 2.44 -125.97
CA SER DB 83 -3.34 3.39 -125.15
C SER DB 83 -3.43 4.72 -125.88
N GLY DB 84 -4.61 5.33 -125.84
CA GLY DB 84 -4.77 6.63 -126.46
C GLY DB 84 -6.24 7.00 -126.56
N SER DB 85 -6.45 8.28 -126.84
CA SER DB 85 -7.81 8.79 -126.97
C SER DB 85 -8.49 8.21 -128.19
N ALA DB 86 -9.80 7.96 -128.06
CA ALA DB 86 -10.53 7.30 -129.14
C ALA DB 86 -10.62 8.17 -130.38
N GLU DB 87 -10.83 9.48 -130.20
CA GLU DB 87 -11.07 10.35 -131.35
C GLU DB 87 -9.82 10.47 -132.22
N ASN DB 88 -8.64 10.29 -131.64
CA ASN DB 88 -7.38 10.38 -132.35
C ASN DB 88 -6.96 9.03 -132.92
N LEU DB 89 -7.94 8.18 -133.24
CA LEU DB 89 -7.64 6.85 -133.76
C LEU DB 89 -6.93 6.93 -135.10
N ALA DB 90 -7.32 7.87 -135.95
CA ALA DB 90 -6.72 7.97 -137.27
C ALA DB 90 -5.22 8.23 -137.18
N THR DB 91 -4.82 9.17 -136.32
CA THR DB 91 -3.39 9.43 -136.15
C THR DB 91 -2.72 8.37 -135.29
N LEU DB 92 -3.45 7.79 -134.33
CA LEU DB 92 -2.87 6.74 -133.51
C LEU DB 92 -2.54 5.52 -134.33
N LYS DB 93 -3.32 5.25 -135.39
CA LYS DB 93 -3.01 4.14 -136.26
C LYS DB 93 -1.65 4.34 -136.92
N ALA DB 94 -1.35 5.56 -137.34
CA ALA DB 94 -0.03 5.85 -137.89
C ALA DB 94 1.06 5.58 -136.86
N GLU DB 95 0.78 5.88 -135.59
CA GLU DB 95 1.73 5.59 -134.53
C GLU DB 95 2.01 4.09 -134.44
N TRP DB 96 0.97 3.27 -134.64
CA TRP DB 96 1.16 1.83 -134.64
C TRP DB 96 2.04 1.41 -135.82
N GLU DB 97 1.88 2.07 -136.97
CA GLU DB 97 2.70 1.75 -138.13
C GLU DB 97 4.16 2.08 -137.87
N THR DB 98 4.43 3.29 -137.38
CA THR DB 98 5.82 3.67 -137.13
C THR DB 98 6.41 2.86 -135.98
N HIS DB 99 5.57 2.44 -135.03
CA HIS DB 99 6.06 1.55 -133.98
C HIS DB 99 6.46 0.21 -134.57
N LYS DB 100 5.72 -0.25 -135.58
CA LYS DB 100 6.09 -1.49 -136.27
C LYS DB 100 7.47 -1.37 -136.89
N ARG DB 101 7.73 -0.26 -137.60
CA ARG DB 101 9.00 -0.09 -138.27
C ARG DB 101 10.14 -0.05 -137.28
N ASN DB 102 9.98 0.68 -136.18
CA ASN DB 102 11.07 0.84 -135.22
C ASN DB 102 11.45 -0.49 -134.61
N VAL DB 103 10.47 -1.28 -134.19
CA VAL DB 103 10.78 -2.60 -133.64
C VAL DB 103 11.38 -3.49 -134.71
N ASP DB 104 10.78 -3.49 -135.91
CA ASP DB 104 11.33 -4.30 -136.99
C ASP DB 104 12.72 -3.82 -137.37
N THR DB 105 13.00 -2.53 -137.17
CA THR DB 105 14.30 -1.99 -137.55
C THR DB 105 15.42 -2.65 -136.76
N LEU DB 106 15.24 -2.79 -135.45
CA LEU DB 106 16.31 -3.29 -134.61
C LEU DB 106 16.08 -4.71 -134.11
N PHE DB 107 14.90 -5.29 -134.33
CA PHE DB 107 14.65 -6.66 -133.91
C PHE DB 107 14.46 -7.61 -135.07
N ALA DB 108 13.51 -7.32 -135.98
CA ALA DB 108 13.31 -8.20 -137.12
C ALA DB 108 14.51 -8.16 -138.07
N SER DB 109 14.95 -6.96 -138.44
CA SER DB 109 16.14 -6.82 -139.25
C SER DB 109 17.39 -6.63 -138.42
N GLY DB 110 17.27 -5.96 -137.28
CA GLY DB 110 18.39 -5.79 -136.38
C GLY DB 110 18.68 -7.05 -135.60
N ASN DB 111 19.66 -6.94 -134.71
CA ASN DB 111 20.13 -8.09 -133.95
C ASN DB 111 19.84 -7.97 -132.46
N ALA DB 112 18.84 -7.16 -132.08
CA ALA DB 112 18.51 -7.03 -130.67
C ALA DB 112 17.88 -8.29 -130.10
N GLY DB 113 17.48 -9.23 -130.95
CA GLY DB 113 16.90 -10.46 -130.44
C GLY DB 113 17.87 -11.23 -129.57
N LEU DB 114 19.15 -11.24 -129.95
CA LEU DB 114 20.15 -11.89 -129.11
C LEU DB 114 20.45 -11.10 -127.85
N GLY DB 115 20.09 -9.81 -127.82
CA GLY DB 115 20.33 -9.00 -126.64
C GLY DB 115 21.36 -7.92 -126.87
N PHE DB 116 21.45 -7.42 -128.09
CA PHE DB 116 22.43 -6.40 -128.46
C PHE DB 116 21.72 -5.11 -128.79
N LEU DB 117 22.20 -4.00 -128.22
CA LEU DB 117 21.67 -2.69 -128.50
C LEU DB 117 22.53 -2.02 -129.57
N ASP DB 118 21.89 -1.49 -130.60
CA ASP DB 118 22.62 -0.83 -131.67
C ASP DB 118 22.26 0.65 -131.71
N PRO DB 119 23.05 1.51 -131.09
CA PRO DB 119 22.78 2.96 -131.19
C PRO DB 119 22.82 3.46 -132.63
N THR DB 120 23.60 2.80 -133.48
CA THR DB 120 23.69 3.17 -134.88
C THR DB 120 22.38 2.95 -135.63
N ALA DB 121 21.52 2.07 -135.14
CA ALA DB 121 20.27 1.76 -135.83
C ALA DB 121 19.44 3.03 -136.04
N ALA DB 122 18.93 3.19 -137.25
CA ALA DB 122 18.22 4.40 -137.66
C ALA DB 122 16.73 4.14 -137.51
N ILE DB 123 16.17 4.51 -136.38
CA ILE DB 123 14.73 4.45 -136.19
C ILE DB 123 14.16 5.80 -136.60
N VAL DB 124 12.88 5.81 -136.98
CA VAL DB 124 12.28 6.99 -137.58
C VAL DB 124 10.95 7.26 -136.89
N SER DB 125 10.56 8.53 -136.86
CA SER DB 125 9.35 8.97 -136.18
C SER DB 125 8.15 8.95 -137.11
N SER DB 126 6.96 9.07 -136.52
CA SER DB 126 5.75 9.12 -137.31
C SER DB 126 5.64 10.43 -138.09
N ASP DB 127 6.07 11.53 -137.49
CA ASP DB 127 6.00 12.82 -138.17
C ASP DB 127 6.91 12.82 -139.40
N THR DB 128 6.34 13.21 -140.54
CA THR DB 128 7.08 13.23 -141.78
C THR DB 128 7.75 14.59 -141.97
N THR DB 129 8.42 14.76 -143.10
CA THR DB 129 9.09 16.02 -143.41
C THR DB 129 8.44 16.70 -144.60
N ALA EB 1 82.36 -122.15 38.65
CA ALA EB 1 81.18 -121.51 39.20
C ALA EB 1 80.74 -120.34 38.32
N ASN EB 2 80.30 -119.26 38.96
CA ASN EB 2 79.84 -118.07 38.25
C ASN EB 2 80.41 -116.83 38.91
N LYS EB 3 80.51 -115.77 38.12
CA LYS EB 3 81.05 -114.52 38.65
C LYS EB 3 80.05 -113.90 39.60
N PRO EB 4 80.42 -113.65 40.86
CA PRO EB 4 79.52 -112.91 41.75
C PRO EB 4 79.50 -111.44 41.37
N MET EB 5 78.31 -110.86 41.35
CA MET EB 5 78.23 -109.43 41.06
C MET EB 5 78.75 -108.64 42.25
N GLN EB 6 78.91 -107.34 42.05
CA GLN EB 6 79.41 -106.46 43.07
C GLN EB 6 78.34 -105.37 43.24
N PRO EB 7 77.89 -105.12 44.46
CA PRO EB 7 76.79 -104.17 44.66
C PRO EB 7 77.16 -102.79 44.13
N ILE EB 8 76.18 -102.11 43.54
CA ILE EB 8 76.39 -100.79 42.98
C ILE EB 8 75.69 -99.68 43.74
N THR EB 9 74.44 -99.87 44.13
CA THR EB 9 73.72 -98.83 44.87
C THR EB 9 73.05 -99.49 46.07
N SER EB 10 73.62 -99.28 47.25
CA SER EB 10 73.13 -99.89 48.48
C SER EB 10 72.28 -98.89 49.25
N THR EB 11 71.13 -99.33 49.71
CA THR EB 11 70.22 -98.49 50.49
C THR EB 11 69.43 -99.41 51.40
N ALA EB 12 68.79 -98.81 52.41
CA ALA EB 12 67.95 -99.58 53.32
C ALA EB 12 66.75 -100.18 52.61
N ASN EB 13 66.42 -99.70 51.41
CA ASN EB 13 65.29 -100.22 50.65
C ASN EB 13 65.71 -100.85 49.34
N LYS EB 14 66.64 -100.24 48.62
CA LYS EB 14 67.06 -100.71 47.30
C LYS EB 14 68.52 -101.14 47.35
N ILE EB 15 68.80 -102.34 46.85
CA ILE EB 15 70.17 -102.80 46.64
C ILE EB 15 70.26 -103.34 45.23
N VAL EB 16 71.24 -102.87 44.48
CA VAL EB 16 71.44 -103.26 43.08
C VAL EB 16 72.83 -103.84 42.93
N TRP EB 17 72.90 -105.06 42.41
CA TRP EB 17 74.17 -105.69 42.06
C TRP EB 17 74.36 -105.65 40.56
N SER EB 18 75.61 -105.63 40.12
CA SER EB 18 75.94 -105.65 38.71
C SER EB 18 77.22 -106.43 38.49
N ASP EB 19 77.29 -107.10 37.36
CA ASP EB 19 78.49 -107.87 37.02
C ASP EB 19 79.59 -106.91 36.61
N PRO EB 20 80.76 -106.95 37.27
CA PRO EB 20 81.84 -106.02 36.88
C PRO EB 20 82.29 -106.19 35.44
N THR EB 21 82.26 -107.42 34.93
CA THR EB 21 82.64 -107.64 33.53
C THR EB 21 81.59 -107.11 32.58
N ARG EB 22 80.31 -107.35 32.89
CA ARG EB 22 79.20 -106.96 32.02
C ARG EB 22 78.19 -106.20 32.89
N LEU EB 23 78.24 -104.87 32.84
CA LEU EB 23 77.43 -104.06 33.74
C LEU EB 23 75.96 -104.11 33.39
N SER EB 24 75.60 -104.59 32.20
CA SER EB 24 74.18 -104.65 31.82
C SER EB 24 73.42 -105.60 32.71
N THR EB 25 74.01 -106.76 33.03
CA THR EB 25 73.32 -107.75 33.85
C THR EB 25 73.27 -107.28 35.30
N THR EB 26 72.06 -107.07 35.82
CA THR EB 26 71.89 -106.56 37.16
C THR EB 26 70.96 -107.47 37.94
N PHE EB 27 70.79 -107.15 39.22
CA PHE EB 27 69.87 -107.87 40.09
C PHE EB 27 69.45 -106.92 41.20
N SER EB 28 68.17 -106.57 41.23
CA SER EB 28 67.67 -105.55 42.15
C SER EB 28 66.73 -106.18 43.17
N ALA EB 29 66.66 -105.55 44.33
CA ALA EB 29 65.76 -106.00 45.39
C ALA EB 29 65.26 -104.79 46.16
N SER EB 30 63.94 -104.66 46.25
CA SER EB 30 63.32 -103.56 46.98
C SER EB 30 62.22 -104.10 47.87
N LEU EB 31 62.05 -103.50 49.04
CA LEU EB 31 61.11 -103.98 50.04
C LEU EB 31 60.15 -102.88 50.46
N LEU EB 32 58.89 -103.24 50.62
CA LEU EB 32 57.86 -102.37 51.16
C LEU EB 32 57.30 -103.01 52.41
N ARG EB 33 57.42 -102.32 53.54
CA ARG EB 33 57.00 -102.84 54.84
C ARG EB 33 55.75 -102.07 55.28
N GLN EB 34 54.68 -102.79 55.53
CA GLN EB 34 53.37 -102.19 55.71
C GLN EB 34 52.78 -102.45 57.09
N ARG EB 35 51.70 -101.73 57.36
CA ARG EB 35 51.05 -101.61 58.65
C ARG EB 35 49.58 -101.93 58.46
N VAL EB 36 49.27 -103.23 58.34
CA VAL EB 36 47.97 -103.67 57.83
C VAL EB 36 47.20 -104.33 58.97
N LYS EB 37 45.92 -103.96 59.09
CA LYS EB 37 45.07 -104.41 60.18
C LYS EB 37 44.14 -105.49 59.64
N VAL EB 38 44.49 -106.75 59.88
CA VAL EB 38 43.64 -107.85 59.41
C VAL EB 38 42.32 -107.86 60.18
N GLY EB 39 42.41 -107.85 61.51
CA GLY EB 39 41.25 -107.67 62.36
C GLY EB 39 41.63 -107.83 63.82
N ILE EB 40 41.22 -106.88 64.66
CA ILE EB 40 41.52 -106.81 66.09
C ILE EB 40 42.94 -107.28 66.41
N ALA EB 41 43.85 -107.19 65.43
CA ALA EB 41 45.20 -107.71 65.56
C ALA EB 41 46.03 -107.17 64.40
N GLU EB 42 47.21 -106.61 64.72
CA GLU EB 42 48.08 -106.00 63.72
C GLU EB 42 49.15 -106.99 63.27
N LEU EB 43 49.38 -107.04 61.97
CA LEU EB 43 50.40 -107.89 61.39
C LEU EB 43 51.27 -107.04 60.46
N ASN EB 44 52.56 -107.33 60.46
CA ASN EB 44 53.52 -106.58 59.66
C ASN EB 44 53.65 -107.27 58.31
N ASN EB 45 53.37 -106.53 57.25
CA ASN EB 45 53.39 -107.05 55.90
C ASN EB 45 54.60 -106.50 55.16
N VAL EB 46 55.32 -107.39 54.48
CA VAL EB 46 56.50 -107.03 53.71
C VAL EB 46 56.31 -107.55 52.29
N SER EB 47 56.51 -106.68 51.31
CA SER EB 47 56.38 -107.03 49.90
C SER EB 47 57.72 -106.82 49.22
N GLY EB 48 58.52 -107.87 49.12
CA GLY EB 48 59.82 -107.81 48.49
C GLY EB 48 59.71 -108.03 46.99
N GLN EB 49 60.39 -107.18 46.22
CA GLN EB 49 60.38 -107.25 44.77
C GLN EB 49 61.80 -107.46 44.29
N TYR EB 50 62.03 -108.55 43.57
CA TYR EB 50 63.35 -108.92 43.08
C TYR EB 50 63.31 -108.94 41.57
N VAL EB 51 64.20 -108.17 40.95
CA VAL EB 51 64.23 -108.02 39.50
C VAL EB 51 65.61 -108.41 39.01
N SER EB 52 65.68 -109.36 38.08
CA SER EB 52 66.92 -109.76 37.44
C SER EB 52 66.75 -109.55 35.94
N VAL EB 53 67.69 -108.81 35.34
CA VAL EB 53 67.61 -108.46 33.93
C VAL EB 53 68.91 -108.88 33.25
N TYR EB 54 68.78 -109.35 32.01
CA TYR EB 54 69.93 -109.69 31.19
C TYR EB 54 69.67 -109.17 29.78
N LYS EB 55 70.73 -108.72 29.13
CA LYS EB 55 70.66 -108.27 27.75
C LYS EB 55 71.44 -109.26 26.89
N ARG EB 56 70.76 -109.88 25.93
CA ARG EB 56 71.37 -110.88 25.07
C ARG EB 56 71.17 -110.49 23.62
N PRO EB 57 72.20 -110.68 22.79
CA PRO EB 57 72.06 -110.35 21.36
C PRO EB 57 71.13 -111.31 20.65
N ALA EB 58 70.88 -111.02 19.39
CA ALA EB 58 70.02 -111.84 18.57
C ALA EB 58 70.66 -113.22 18.33
N PRO EB 59 69.85 -114.22 17.97
CA PRO EB 59 70.37 -115.60 17.89
C PRO EB 59 71.54 -115.80 16.95
N LYS EB 60 71.75 -114.90 15.99
CA LYS EB 60 72.81 -115.02 14.99
C LYS EB 60 72.62 -116.31 14.21
N PRO EB 61 71.66 -116.33 13.27
CA PRO EB 61 71.19 -117.60 12.68
C PRO EB 61 72.28 -118.55 12.23
N GLU EB 62 72.10 -119.83 12.59
CA GLU EB 62 72.83 -121.02 12.13
C GLU EB 62 74.31 -120.96 12.49
N GLY EB 63 74.76 -119.85 13.07
CA GLY EB 63 76.11 -119.80 13.59
C GLY EB 63 77.18 -119.23 12.68
N CYS EB 64 76.81 -118.50 11.63
CA CYS EB 64 77.84 -117.82 10.82
C CYS EB 64 78.45 -116.74 11.70
N ALA EB 65 79.68 -116.97 12.14
CA ALA EB 65 80.29 -116.19 13.21
C ALA EB 65 80.56 -114.75 12.84
N ASP EB 66 80.47 -114.38 11.56
CA ASP EB 66 80.78 -113.03 11.13
C ASP EB 66 82.19 -112.67 11.56
N ALA EB 67 82.29 -111.99 12.71
CA ALA EB 67 83.56 -111.65 13.33
C ALA EB 67 83.28 -110.96 14.66
N CYS EB 68 83.07 -109.64 14.61
CA CYS EB 68 82.57 -108.92 15.77
C CYS EB 68 81.81 -107.69 15.26
N VAL EB 69 80.50 -107.82 15.18
CA VAL EB 69 79.62 -106.70 14.91
C VAL EB 69 78.54 -106.67 15.98
N ILE EB 70 78.42 -105.55 16.68
CA ILE EB 70 77.49 -105.46 17.79
C ILE EB 70 76.06 -105.40 17.27
N MET EB 71 75.35 -106.53 17.39
CA MET EB 71 73.98 -106.63 16.93
C MET EB 71 73.06 -106.21 18.06
N PRO EB 72 72.04 -105.38 17.81
CA PRO EB 72 71.17 -104.91 18.90
C PRO EB 72 70.59 -106.05 19.73
N ASN EB 73 70.92 -106.04 21.02
CA ASN EB 73 70.50 -107.08 21.95
C ASN EB 73 69.08 -106.82 22.43
N GLU EB 74 68.52 -107.80 23.12
CA GLU EB 74 67.16 -107.70 23.66
C GLU EB 74 67.18 -108.05 25.15
N ASN EB 75 66.14 -107.58 25.84
CA ASN EB 75 66.10 -107.66 27.29
C ASN EB 75 65.47 -108.98 27.74
N GLN EB 76 66.17 -109.69 28.60
CA GLN EB 76 65.65 -110.88 29.26
C GLN EB 76 65.46 -110.54 30.73
N SER EB 77 64.22 -110.28 31.12
CA SER EB 77 63.91 -109.82 32.47
C SER EB 77 63.09 -110.86 33.21
N ILE EB 78 63.37 -111.01 34.50
CA ILE EB 78 62.64 -111.92 35.37
C ILE EB 78 62.35 -111.16 36.66
N ARG EB 79 61.08 -110.85 36.90
CA ARG EB 79 60.66 -110.14 38.10
C ARG EB 79 59.82 -111.06 38.96
N THR EB 80 60.04 -111.02 40.27
CA THR EB 80 59.24 -111.76 41.22
C THR EB 80 58.89 -110.85 42.38
N VAL EB 81 57.70 -111.06 42.95
CA VAL EB 81 57.22 -110.27 44.07
C VAL EB 81 56.75 -111.22 45.16
N ILE EB 82 57.29 -111.04 46.37
CA ILE EB 82 56.94 -111.87 47.51
C ILE EB 82 56.24 -110.97 48.51
N SER EB 83 54.96 -111.21 48.74
CA SER EB 83 54.16 -110.40 49.64
C SER EB 83 53.50 -111.29 50.68
N GLY EB 84 53.60 -110.90 51.94
CA GLY EB 84 52.97 -111.66 53.01
C GLY EB 84 53.36 -111.10 54.35
N SER EB 85 52.68 -111.60 55.38
CA SER EB 85 52.98 -111.18 56.74
C SER EB 85 54.33 -111.73 57.18
N ALA EB 86 55.09 -110.89 57.89
CA ALA EB 86 56.41 -111.32 58.36
C ALA EB 86 56.29 -112.44 59.37
N GLU EB 87 55.28 -112.39 60.23
CA GLU EB 87 55.10 -113.41 61.26
C GLU EB 87 54.80 -114.78 60.68
N ASN EB 88 54.32 -114.85 59.45
CA ASN EB 88 54.10 -116.12 58.76
C ASN EB 88 55.24 -116.43 57.80
N LEU EB 89 56.46 -116.00 58.14
CA LEU EB 89 57.59 -116.21 57.24
C LEU EB 89 57.89 -117.68 57.05
N ALA EB 90 57.82 -118.46 58.13
CA ALA EB 90 58.20 -119.87 58.06
C ALA EB 90 57.30 -120.62 57.08
N THR EB 91 55.99 -120.40 57.17
CA THR EB 91 55.09 -121.06 56.23
C THR EB 91 55.16 -120.45 54.85
N LEU EB 92 55.52 -119.17 54.75
CA LEU EB 92 55.60 -118.53 53.45
C LEU EB 92 56.76 -119.08 52.64
N LYS EB 93 57.86 -119.47 53.31
CA LYS EB 93 58.98 -120.05 52.59
C LYS EB 93 58.58 -121.35 51.92
N ALA EB 94 57.78 -122.17 52.58
CA ALA EB 94 57.25 -123.37 51.94
C ALA EB 94 56.38 -123.00 50.75
N GLU EB 95 55.61 -121.91 50.86
CA GLU EB 95 54.87 -121.41 49.72
C GLU EB 95 55.81 -121.02 48.59
N TRP EB 96 56.95 -120.42 48.93
CA TRP EB 96 57.94 -120.09 47.93
C TRP EB 96 58.50 -121.34 47.25
N GLU EB 97 58.77 -122.38 48.04
CA GLU EB 97 59.29 -123.62 47.47
C GLU EB 97 58.31 -124.24 46.51
N THR EB 98 57.02 -124.26 46.86
CA THR EB 98 56.01 -124.79 45.96
C THR EB 98 55.94 -123.97 44.69
N HIS EB 99 55.96 -122.64 44.82
CA HIS EB 99 55.87 -121.78 43.64
C HIS EB 99 57.02 -122.03 42.68
N LYS EB 100 58.21 -122.29 43.20
CA LYS EB 100 59.34 -122.60 42.34
C LYS EB 100 59.07 -123.88 41.55
N ARG EB 101 58.72 -124.96 42.26
CA ARG EB 101 58.49 -126.23 41.58
C ARG EB 101 57.25 -126.18 40.71
N ASN EB 102 56.25 -125.41 41.11
CA ASN EB 102 55.04 -125.28 40.30
C ASN EB 102 55.34 -124.63 38.96
N VAL EB 103 56.10 -123.54 38.97
CA VAL EB 103 56.45 -122.87 37.72
C VAL EB 103 57.37 -123.73 36.88
N ASP EB 104 58.29 -124.46 37.53
CA ASP EB 104 59.22 -125.30 36.79
C ASP EB 104 58.49 -126.33 35.94
N THR EB 105 57.32 -126.79 36.41
CA THR EB 105 56.54 -127.74 35.62
C THR EB 105 56.11 -127.13 34.30
N LEU EB 106 55.59 -125.90 34.34
CA LEU EB 106 55.15 -125.25 33.11
C LEU EB 106 56.33 -124.74 32.29
N PHE EB 107 57.32 -124.15 32.95
CA PHE EB 107 58.36 -123.42 32.24
C PHE EB 107 59.57 -124.29 31.93
N ALA EB 108 60.20 -124.86 32.96
CA ALA EB 108 61.41 -125.63 32.77
C ALA EB 108 61.13 -126.91 31.98
N SER EB 109 60.33 -127.80 32.56
CA SER EB 109 60.03 -129.05 31.89
C SER EB 109 59.13 -128.83 30.68
N GLY EB 110 58.08 -128.03 30.85
CA GLY EB 110 57.15 -127.77 29.76
C GLY EB 110 57.68 -126.74 28.79
N ASN EB 111 56.82 -126.38 27.84
CA ASN EB 111 57.16 -125.39 26.82
C ASN EB 111 56.29 -124.14 26.94
N ALA EB 112 55.86 -123.83 28.17
CA ALA EB 112 55.06 -122.63 28.38
C ALA EB 112 55.83 -121.36 28.02
N GLY EB 113 57.16 -121.39 28.12
CA GLY EB 113 57.94 -120.22 27.73
C GLY EB 113 57.81 -119.91 26.26
N LEU EB 114 57.57 -120.93 25.43
CA LEU EB 114 57.35 -120.71 24.00
C LEU EB 114 55.98 -120.11 23.70
N GLY EB 115 55.07 -120.13 24.66
CA GLY EB 115 53.72 -119.66 24.45
C GLY EB 115 52.66 -120.73 24.42
N PHE EB 116 52.89 -121.86 25.08
CA PHE EB 116 51.98 -123.01 25.03
C PHE EB 116 51.48 -123.30 26.44
N LEU EB 117 50.17 -123.13 26.65
CA LEU EB 117 49.56 -123.48 27.91
C LEU EB 117 49.17 -124.95 27.92
N ASP EB 118 49.59 -125.67 28.95
CA ASP EB 118 49.26 -127.08 29.09
C ASP EB 118 48.23 -127.26 30.19
N PRO EB 119 46.99 -127.60 29.88
CA PRO EB 119 45.98 -127.77 30.93
C PRO EB 119 46.10 -129.10 31.64
N THR EB 120 47.21 -129.82 31.43
CA THR EB 120 47.41 -131.13 32.02
C THR EB 120 48.62 -131.15 32.94
N ALA EB 121 49.27 -130.01 33.15
CA ALA EB 121 50.46 -129.97 34.00
C ALA EB 121 50.11 -130.37 35.43
N ALA EB 122 51.06 -131.04 36.08
CA ALA EB 122 50.87 -131.56 37.43
C ALA EB 122 51.13 -130.45 38.46
N ILE EB 123 50.11 -129.61 38.63
CA ILE EB 123 50.18 -128.55 39.63
C ILE EB 123 50.03 -129.15 41.02
N VAL EB 124 50.89 -128.73 41.94
CA VAL EB 124 50.86 -129.21 43.31
C VAL EB 124 50.86 -128.00 44.24
N SER EB 125 50.31 -128.19 45.43
CA SER EB 125 50.09 -127.09 46.36
C SER EB 125 51.14 -127.06 47.46
N SER EB 126 51.04 -126.04 48.31
CA SER EB 126 51.90 -125.99 49.49
C SER EB 126 51.43 -126.99 50.54
N ASP EB 127 50.12 -127.11 50.74
CA ASP EB 127 49.59 -128.04 51.72
C ASP EB 127 49.85 -129.46 51.29
N THR EB 128 50.23 -130.31 52.24
CA THR EB 128 50.49 -131.71 51.99
C THR EB 128 49.41 -132.57 52.63
N THR EB 129 49.32 -133.81 52.17
CA THR EB 129 48.33 -134.75 52.69
C THR EB 129 48.68 -135.18 54.12
N ALA FB 1 71.00 -110.47 78.26
CA ALA FB 1 70.33 -111.53 77.51
C ALA FB 1 69.17 -110.97 76.71
N ASN FB 2 69.17 -109.65 76.54
CA ASN FB 2 68.09 -109.00 75.80
C ASN FB 2 68.21 -109.27 74.32
N LYS FB 3 67.07 -109.24 73.63
CA LYS FB 3 67.06 -109.44 72.20
C LYS FB 3 67.69 -108.24 71.51
N PRO FB 4 68.73 -108.43 70.71
CA PRO FB 4 69.30 -107.30 69.97
C PRO FB 4 68.50 -106.99 68.72
N MET FB 5 68.49 -105.71 68.35
CA MET FB 5 67.87 -105.29 67.12
C MET FB 5 68.90 -105.18 66.00
N GLN FB 6 68.39 -104.96 64.80
CA GLN FB 6 69.21 -104.66 63.64
C GLN FB 6 68.67 -103.42 62.95
N PRO FB 7 69.52 -102.65 62.30
CA PRO FB 7 69.03 -101.45 61.59
C PRO FB 7 68.07 -101.83 60.49
N ILE FB 8 67.04 -101.02 60.33
CA ILE FB 8 66.05 -101.19 59.27
C ILE FB 8 66.20 -100.10 58.21
N THR FB 9 66.15 -98.84 58.61
CA THR FB 9 66.28 -97.71 57.71
C THR FB 9 67.51 -96.91 58.08
N SER FB 10 68.39 -96.68 57.12
CA SER FB 10 69.60 -95.90 57.32
C SER FB 10 69.48 -94.63 56.50
N THR FB 11 68.84 -93.62 57.09
CA THR FB 11 68.70 -92.32 56.46
C THR FB 11 69.95 -91.49 56.79
N ALA FB 12 70.07 -90.35 56.11
CA ALA FB 12 71.20 -89.46 56.37
C ALA FB 12 71.19 -88.96 57.81
N ASN FB 13 70.04 -88.95 58.46
CA ASN FB 13 69.95 -88.45 59.82
C ASN FB 13 69.33 -89.49 60.76
N LYS FB 14 68.55 -90.41 60.22
CA LYS FB 14 67.79 -91.36 61.03
C LYS FB 14 68.31 -92.77 60.83
N ILE FB 15 68.37 -93.52 61.94
CA ILE FB 15 68.56 -94.96 61.91
C ILE FB 15 67.54 -95.57 62.86
N VAL FB 16 66.82 -96.58 62.39
CA VAL FB 16 65.81 -97.25 63.20
C VAL FB 16 66.26 -98.69 63.41
N TRP FB 17 66.15 -99.16 64.65
CA TRP FB 17 66.45 -100.54 64.99
C TRP FB 17 65.16 -101.26 65.32
N SER FB 18 64.96 -102.43 64.71
CA SER FB 18 63.74 -103.19 64.94
C SER FB 18 64.11 -104.63 65.27
N ASP FB 19 63.39 -105.22 66.21
CA ASP FB 19 63.69 -106.57 66.66
C ASP FB 19 63.25 -107.57 65.59
N PRO FB 20 64.11 -108.52 65.22
CA PRO FB 20 63.72 -109.49 64.19
C PRO FB 20 62.49 -110.31 64.54
N THR FB 21 62.29 -110.62 65.83
CA THR FB 21 61.12 -111.39 66.22
C THR FB 21 59.89 -110.49 66.34
N ARG FB 22 59.96 -109.49 67.23
CA ARG FB 22 58.86 -108.56 67.42
C ARG FB 22 59.15 -107.32 66.58
N LEU FB 23 58.52 -107.24 65.42
CA LEU FB 23 58.75 -106.11 64.53
C LEU FB 23 58.11 -104.83 65.04
N SER FB 24 57.19 -104.93 66.01
CA SER FB 24 56.52 -103.75 66.50
C SER FB 24 57.47 -102.84 67.26
N THR FB 25 58.27 -103.42 68.17
CA THR FB 25 59.18 -102.60 68.96
C THR FB 25 60.28 -102.02 68.08
N THR FB 26 60.60 -100.75 68.31
CA THR FB 26 61.62 -100.06 67.53
C THR FB 26 62.44 -99.17 68.46
N PHE FB 27 63.51 -98.61 67.91
CA PHE FB 27 64.31 -97.62 68.59
C PHE FB 27 65.04 -96.81 67.53
N SER FB 28 64.75 -95.52 67.44
CA SER FB 28 65.27 -94.69 66.38
C SER FB 28 66.01 -93.50 66.96
N ALA FB 29 67.08 -93.09 66.29
CA ALA FB 29 67.83 -91.90 66.66
C ALA FB 29 67.95 -91.00 65.45
N SER FB 30 67.61 -89.73 65.62
CA SER FB 30 67.71 -88.74 64.55
C SER FB 30 68.53 -87.56 65.04
N LEU FB 31 69.50 -87.16 64.24
CA LEU FB 31 70.43 -86.09 64.61
C LEU FB 31 70.23 -84.89 63.69
N LEU FB 32 70.21 -83.70 64.27
CA LEU FB 32 70.09 -82.47 63.52
C LEU FB 32 71.26 -81.58 63.89
N ARG FB 33 72.17 -81.39 62.95
CA ARG FB 33 73.34 -80.55 63.18
C ARG FB 33 73.02 -79.13 62.72
N GLN FB 34 73.04 -78.19 63.65
CA GLN FB 34 72.68 -76.81 63.38
C GLN FB 34 73.87 -75.93 63.74
N ARG FB 35 74.20 -75.04 62.83
CA ARG FB 35 75.48 -74.35 62.83
C ARG FB 35 75.26 -73.00 63.52
N VAL FB 36 75.50 -72.97 64.82
CA VAL FB 36 74.98 -71.93 65.69
C VAL FB 36 76.04 -70.86 65.96
N LYS FB 37 75.58 -69.63 66.17
CA LYS FB 37 76.42 -68.48 66.45
C LYS FB 37 76.08 -67.88 67.81
N VAL FB 38 77.10 -67.62 68.63
CA VAL FB 38 76.96 -66.88 69.88
C VAL FB 38 77.98 -65.74 69.88
N GLY FB 39 77.99 -64.97 70.96
CA GLY FB 39 78.76 -63.73 71.00
C GLY FB 39 80.24 -63.92 70.76
N ILE FB 40 80.67 -63.55 69.56
CA ILE FB 40 82.05 -63.65 69.10
C ILE FB 40 82.58 -65.05 69.42
N ALA FB 41 81.76 -66.06 69.15
CA ALA FB 41 82.19 -67.43 69.25
C ALA FB 41 81.41 -68.24 68.22
N GLU FB 42 82.11 -69.17 67.58
CA GLU FB 42 81.60 -69.96 66.47
C GLU FB 42 81.42 -71.37 67.00
N LEU FB 43 80.18 -71.86 66.94
CA LEU FB 43 79.79 -73.05 67.65
C LEU FB 43 79.00 -73.98 66.75
N ASN FB 44 79.15 -75.27 67.02
CA ASN FB 44 78.39 -76.32 66.35
C ASN FB 44 77.36 -76.87 67.31
N ASN FB 45 76.11 -76.97 66.88
CA ASN FB 45 75.04 -77.45 67.72
C ASN FB 45 74.45 -78.73 67.14
N VAL FB 46 74.00 -79.61 68.03
CA VAL FB 46 73.36 -80.87 67.65
C VAL FB 46 72.08 -81.01 68.43
N SER FB 47 71.19 -81.90 67.97
CA SER FB 47 69.93 -82.19 68.63
C SER FB 47 69.59 -83.65 68.41
N GLY FB 48 69.94 -84.50 69.37
CA GLY FB 48 69.72 -85.93 69.27
C GLY FB 48 68.34 -86.31 69.77
N GLN FB 49 67.51 -86.79 68.86
CA GLN FB 49 66.15 -87.22 69.18
C GLN FB 49 66.09 -88.74 69.17
N TYR FB 50 65.87 -89.33 70.34
CA TYR FB 50 65.81 -90.77 70.50
C TYR FB 50 64.43 -91.14 71.02
N VAL FB 51 63.76 -92.05 70.32
CA VAL FB 51 62.45 -92.54 70.72
C VAL FB 51 62.50 -94.06 70.79
N SER FB 52 61.94 -94.61 71.86
CA SER FB 52 61.82 -96.05 72.04
C SER FB 52 60.33 -96.39 72.09
N VAL FB 53 59.90 -97.30 71.23
CA VAL FB 53 58.47 -97.61 71.07
C VAL FB 53 58.26 -99.09 71.32
N TYR FB 54 57.30 -99.39 72.20
CA TYR FB 54 56.87 -100.77 72.43
C TYR FB 54 55.35 -100.78 72.47
N LYS FB 55 54.78 -101.89 72.03
CA LYS FB 55 53.34 -102.08 72.03
C LYS FB 55 53.00 -103.23 72.97
N ARG FB 56 52.61 -102.89 74.18
CA ARG FB 56 52.25 -103.89 75.18
C ARG FB 56 50.80 -104.30 75.01
N PRO FB 57 50.48 -105.58 75.14
CA PRO FB 57 49.07 -105.98 75.24
C PRO FB 57 48.46 -105.46 76.54
N ALA FB 58 47.14 -105.29 76.53
CA ALA FB 58 46.46 -104.82 77.73
C ALA FB 58 46.66 -105.83 78.86
N PRO FB 59 46.65 -105.40 80.11
CA PRO FB 59 46.92 -106.32 81.22
C PRO FB 59 45.90 -107.45 81.33
N LYS FB 60 46.38 -108.63 81.70
CA LYS FB 60 45.48 -109.77 81.83
C LYS FB 60 44.55 -109.54 83.02
N PRO FB 61 43.24 -109.72 82.84
CA PRO FB 61 42.30 -109.32 83.89
C PRO FB 61 42.26 -110.27 85.08
N GLU FB 62 42.42 -109.71 86.27
CA GLU FB 62 42.45 -110.41 87.55
C GLU FB 62 43.12 -111.78 87.51
N GLY FB 63 44.28 -111.85 86.86
CA GLY FB 63 45.08 -113.06 86.90
C GLY FB 63 44.37 -114.29 86.37
N CYS FB 64 44.11 -114.32 85.06
CA CYS FB 64 43.46 -115.47 84.43
C CYS FB 64 44.42 -116.00 83.35
N ALA FB 65 45.32 -116.89 83.77
CA ALA FB 65 46.31 -117.47 82.86
C ALA FB 65 45.64 -118.64 82.13
N ASP FB 66 44.61 -118.31 81.34
CA ASP FB 66 43.93 -119.34 80.56
C ASP FB 66 44.86 -119.93 79.50
N ALA FB 67 45.64 -119.07 78.85
CA ALA FB 67 46.41 -119.31 77.63
C ALA FB 67 46.38 -118.06 76.76
N CYS FB 68 45.31 -117.86 76.00
CA CYS FB 68 45.25 -116.75 75.06
C CYS FB 68 43.83 -116.21 74.91
N VAL FB 69 43.60 -115.04 75.48
CA VAL FB 69 42.51 -114.17 75.07
C VAL FB 69 43.13 -112.84 74.66
N ILE FB 70 43.16 -112.59 73.35
CA ILE FB 70 43.92 -111.46 72.83
C ILE FB 70 43.26 -110.16 73.21
N MET FB 71 44.05 -109.26 73.77
CA MET FB 71 43.61 -107.93 74.15
C MET FB 71 44.40 -106.92 73.33
N PRO FB 72 43.83 -105.77 73.01
CA PRO FB 72 44.50 -104.85 72.08
C PRO FB 72 45.82 -104.33 72.64
N ASN FB 73 46.76 -104.02 71.75
CA ASN FB 73 48.08 -103.55 72.14
C ASN FB 73 48.02 -102.04 72.36
N GLU FB 74 48.51 -101.60 73.50
CA GLU FB 74 48.62 -100.19 73.82
C GLU FB 74 49.99 -99.68 73.40
N ASN FB 75 50.07 -98.39 73.10
CA ASN FB 75 51.31 -97.79 72.65
C ASN FB 75 52.07 -97.31 73.88
N GLN FB 76 53.29 -97.82 74.04
CA GLN FB 76 54.22 -97.32 75.05
C GLN FB 76 55.39 -96.67 74.34
N SER FB 77 55.65 -95.39 74.64
CA SER FB 77 56.67 -94.65 73.94
C SER FB 77 57.50 -93.85 74.93
N ILE FB 78 58.80 -93.81 74.70
CA ILE FB 78 59.73 -93.00 75.48
C ILE FB 78 60.57 -92.20 74.49
N ARG FB 79 60.47 -90.88 74.56
CA ARG FB 79 61.16 -89.99 73.63
C ARG FB 79 62.12 -89.11 74.43
N THR FB 80 63.35 -89.01 73.94
CA THR FB 80 64.39 -88.24 74.60
C THR FB 80 65.06 -87.32 73.60
N VAL FB 81 65.25 -86.06 74.00
CA VAL FB 81 65.89 -85.05 73.16
C VAL FB 81 67.09 -84.50 73.89
N ILE FB 82 68.25 -84.55 73.26
CA ILE FB 82 69.49 -84.02 73.81
C ILE FB 82 69.95 -82.89 72.91
N SER FB 83 70.10 -81.70 73.48
CA SER FB 83 70.50 -80.53 72.72
C SER FB 83 71.67 -79.83 73.40
N GLY FB 84 72.64 -79.41 72.62
CA GLY FB 84 73.78 -78.69 73.15
C GLY FB 84 74.89 -78.61 72.13
N SER FB 85 75.83 -77.73 72.41
CA SER FB 85 76.99 -77.57 71.55
C SER FB 85 77.94 -78.75 71.71
N ALA FB 86 78.56 -79.15 70.60
CA ALA FB 86 79.49 -80.27 70.65
C ALA FB 86 80.80 -79.91 71.31
N GLU FB 87 81.16 -78.64 71.33
CA GLU FB 87 82.46 -78.22 71.87
C GLU FB 87 82.56 -78.45 73.37
N ASN FB 88 81.44 -78.46 74.09
CA ASN FB 88 81.42 -78.78 75.51
C ASN FB 88 80.61 -80.04 75.77
N LEU FB 89 80.79 -81.06 74.93
CA LEU FB 89 80.07 -82.31 75.12
C LEU FB 89 80.49 -83.01 76.41
N ALA FB 90 81.74 -82.83 76.83
CA ALA FB 90 82.22 -83.54 78.02
C ALA FB 90 81.38 -83.20 79.23
N THR FB 91 81.07 -81.90 79.42
CA THR FB 91 80.16 -81.52 80.48
C THR FB 91 78.71 -81.81 80.09
N LEU FB 92 78.42 -81.89 78.80
CA LEU FB 92 77.06 -82.23 78.38
C LEU FB 92 76.67 -83.63 78.85
N LYS FB 93 77.64 -84.55 78.90
CA LYS FB 93 77.37 -85.88 79.41
C LYS FB 93 77.04 -85.85 80.89
N ALA FB 94 77.54 -84.84 81.60
CA ALA FB 94 77.41 -84.81 83.06
C ALA FB 94 75.95 -84.76 83.48
N GLU FB 95 75.25 -83.67 83.15
CA GLU FB 95 73.87 -83.54 83.61
C GLU FB 95 72.96 -84.58 82.95
N TRP FB 96 73.39 -85.18 81.84
CA TRP FB 96 72.65 -86.31 81.31
C TRP FB 96 72.57 -87.42 82.35
N GLU FB 97 73.68 -87.69 83.04
CA GLU FB 97 73.66 -88.68 84.10
C GLU FB 97 72.72 -88.25 85.23
N THR FB 98 72.80 -86.98 85.64
CA THR FB 98 71.92 -86.51 86.71
C THR FB 98 70.48 -86.49 86.25
N HIS FB 99 70.24 -86.13 84.99
CA HIS FB 99 68.89 -86.18 84.45
C HIS FB 99 68.33 -87.59 84.56
N LYS FB 100 69.19 -88.60 84.44
CA LYS FB 100 68.73 -89.98 84.61
C LYS FB 100 68.29 -90.23 86.04
N ARG FB 101 69.15 -89.87 87.01
CA ARG FB 101 68.81 -90.13 88.41
C ARG FB 101 67.70 -89.20 88.90
N ASN FB 102 67.66 -87.98 88.37
CA ASN FB 102 66.58 -87.06 88.75
C ASN FB 102 65.22 -87.61 88.33
N VAL FB 103 65.13 -88.13 87.12
CA VAL FB 103 63.89 -88.76 86.69
C VAL FB 103 63.66 -90.06 87.44
N ASP FB 104 64.73 -90.83 87.67
CA ASP FB 104 64.58 -92.11 88.35
C ASP FB 104 64.04 -91.93 89.76
N THR FB 105 64.58 -90.97 90.51
CA THR FB 105 64.11 -90.75 91.86
C THR FB 105 62.70 -90.19 91.88
N LEU FB 106 62.22 -89.67 90.75
CA LEU FB 106 60.90 -89.07 90.72
C LEU FB 106 59.89 -90.00 90.07
N PHE FB 107 60.31 -90.75 89.07
CA PHE FB 107 59.40 -91.63 88.33
C PHE FB 107 59.69 -93.11 88.58
N ALA FB 108 60.94 -93.54 88.44
CA ALA FB 108 61.26 -94.94 88.68
C ALA FB 108 61.11 -95.28 90.16
N SER FB 109 61.55 -94.40 91.04
CA SER FB 109 61.40 -94.62 92.47
C SER FB 109 60.04 -94.14 92.97
N GLY FB 110 59.70 -92.89 92.67
CA GLY FB 110 58.42 -92.36 93.07
C GLY FB 110 57.29 -92.94 92.25
N ASN FB 111 56.07 -92.57 92.62
CA ASN FB 111 54.87 -93.01 91.95
C ASN FB 111 54.34 -91.99 90.95
N ALA FB 112 55.23 -91.21 90.34
CA ALA FB 112 54.80 -90.29 89.30
C ALA FB 112 54.26 -91.01 88.08
N GLY FB 113 54.67 -92.26 87.87
CA GLY FB 113 54.15 -93.02 86.75
C GLY FB 113 52.65 -93.19 86.82
N LEU FB 114 52.12 -93.36 88.04
CA LEU FB 114 50.67 -93.43 88.20
C LEU FB 114 50.01 -92.09 87.88
N GLY FB 115 50.68 -91.00 88.23
CA GLY FB 115 50.12 -89.68 88.03
C GLY FB 115 50.29 -88.80 89.25
N PHE FB 116 51.12 -89.23 90.19
CA PHE FB 116 51.23 -88.55 91.47
C PHE FB 116 52.48 -87.68 91.47
N LEU FB 117 52.30 -86.41 91.78
CA LEU FB 117 53.42 -85.46 91.80
C LEU FB 117 53.74 -85.09 93.25
N ASP FB 118 55.01 -85.30 93.62
CA ASP FB 118 55.47 -85.00 94.97
C ASP FB 118 56.39 -83.80 94.93
N PRO FB 119 56.04 -82.66 95.52
CA PRO FB 119 56.94 -81.51 95.54
C PRO FB 119 58.06 -81.62 96.56
N THR FB 120 58.16 -82.74 97.28
CA THR FB 120 59.17 -82.94 98.31
C THR FB 120 60.13 -84.06 97.95
N ALA FB 121 60.43 -84.21 96.67
CA ALA FB 121 61.35 -85.25 96.23
C ALA FB 121 62.78 -84.74 96.26
N ALA FB 122 63.71 -85.66 96.51
CA ALA FB 122 65.13 -85.33 96.57
C ALA FB 122 65.66 -85.20 95.15
N ILE FB 123 65.84 -83.97 94.69
CA ILE FB 123 66.30 -83.69 93.34
C ILE FB 123 67.58 -82.87 93.43
N VAL FB 124 68.64 -83.35 92.80
CA VAL FB 124 69.97 -82.78 92.96
C VAL FB 124 70.46 -82.26 91.63
N SER FB 125 71.44 -81.37 91.70
CA SER FB 125 71.98 -80.67 90.53
C SER FB 125 73.12 -81.45 89.89
N SER FB 126 73.48 -81.00 88.69
CA SER FB 126 74.58 -81.63 87.96
C SER FB 126 75.91 -81.40 88.66
N ASP FB 127 76.17 -80.16 89.08
CA ASP FB 127 77.46 -79.84 89.67
C ASP FB 127 77.60 -80.51 91.04
N THR FB 128 78.84 -80.83 91.38
CA THR FB 128 79.15 -81.46 92.66
C THR FB 128 79.39 -80.41 93.73
N THR FB 129 79.27 -80.83 94.98
CA THR FB 129 79.50 -79.95 96.12
C THR FB 129 80.95 -79.49 96.18
N ALA GB 1 100.12 -92.75 62.03
CA ALA GB 1 98.80 -92.90 62.64
C ALA GB 1 98.04 -91.58 62.58
N ASN GB 2 96.81 -91.63 62.08
CA ASN GB 2 96.00 -90.45 61.89
C ASN GB 2 94.60 -90.70 62.43
N LYS GB 3 93.94 -89.63 62.86
CA LYS GB 3 92.57 -89.75 63.31
C LYS GB 3 91.68 -90.15 62.15
N PRO GB 4 90.97 -91.28 62.23
CA PRO GB 4 90.07 -91.67 61.14
C PRO GB 4 88.73 -90.97 61.26
N MET GB 5 88.21 -90.48 60.13
CA MET GB 5 86.90 -89.86 60.16
C MET GB 5 85.82 -90.93 60.28
N GLN GB 6 84.59 -90.47 60.44
CA GLN GB 6 83.41 -91.32 60.33
C GLN GB 6 82.42 -90.65 59.41
N PRO GB 7 81.61 -91.43 58.69
CA PRO GB 7 80.63 -90.83 57.79
C PRO GB 7 79.63 -89.98 58.55
N ILE GB 8 79.24 -88.87 57.94
CA ILE GB 8 78.26 -87.96 58.50
C ILE GB 8 76.95 -88.01 57.72
N THR GB 9 77.01 -87.79 56.41
CA THR GB 9 75.83 -87.77 55.55
C THR GB 9 75.96 -88.91 54.55
N SER GB 10 75.48 -90.08 54.94
CA SER GB 10 75.50 -91.23 54.05
C SER GB 10 74.33 -91.16 53.08
N THR GB 11 74.61 -91.42 51.81
CA THR GB 11 73.60 -91.37 50.77
C THR GB 11 74.02 -92.34 49.67
N ALA GB 12 73.05 -92.74 48.85
CA ALA GB 12 73.35 -93.63 47.74
C ALA GB 12 74.24 -92.98 46.70
N ASN GB 13 74.41 -91.66 46.75
CA ASN GB 13 75.22 -90.95 45.77
C ASN GB 13 76.35 -90.14 46.38
N LYS GB 14 76.36 -89.92 47.69
CA LYS GB 14 77.38 -89.09 48.30
C LYS GB 14 77.57 -89.49 49.75
N ILE GB 15 78.82 -89.57 50.18
CA ILE GB 15 79.16 -89.86 51.56
C ILE GB 15 80.15 -88.80 52.03
N VAL GB 16 79.91 -88.24 53.21
CA VAL GB 16 80.76 -87.19 53.76
C VAL GB 16 81.37 -87.69 55.06
N TRP GB 17 82.69 -87.66 55.14
CA TRP GB 17 83.42 -88.02 56.35
C TRP GB 17 83.85 -86.75 57.07
N SER GB 18 83.72 -86.75 58.39
CA SER GB 18 84.18 -85.64 59.21
C SER GB 18 84.92 -86.18 60.42
N ASP GB 19 85.92 -85.44 60.87
CA ASP GB 19 86.72 -85.88 61.99
C ASP GB 19 85.99 -85.63 63.30
N PRO GB 20 85.81 -86.64 64.16
CA PRO GB 20 85.13 -86.40 65.43
C PRO GB 20 85.81 -85.36 66.31
N THR GB 21 87.15 -85.35 66.34
CA THR GB 21 87.85 -84.40 67.21
C THR GB 21 87.69 -82.97 66.72
N ARG GB 22 87.89 -82.75 65.43
CA ARG GB 22 87.74 -81.44 64.82
C ARG GB 22 86.73 -81.56 63.69
N LEU GB 23 85.60 -80.86 63.82
CA LEU GB 23 84.51 -80.99 62.87
C LEU GB 23 84.72 -80.18 61.60
N SER GB 24 85.70 -79.27 61.59
CA SER GB 24 85.90 -78.43 60.42
C SER GB 24 86.38 -79.24 59.23
N THR GB 25 87.35 -80.11 59.44
CA THR GB 25 87.91 -80.90 58.34
C THR GB 25 86.92 -81.97 57.88
N THR GB 26 86.77 -82.08 56.57
CA THR GB 26 85.85 -83.04 55.98
C THR GB 26 86.49 -83.67 54.76
N PHE GB 27 85.87 -84.74 54.27
CA PHE GB 27 86.27 -85.38 53.02
C PHE GB 27 85.04 -86.04 52.42
N SER GB 28 84.51 -85.43 51.35
CA SER GB 28 83.27 -85.87 50.74
C SER GB 28 83.57 -86.50 49.39
N ALA GB 29 82.97 -87.67 49.14
CA ALA GB 29 83.12 -88.39 47.89
C ALA GB 29 81.77 -88.45 47.20
N SER GB 30 81.61 -87.66 46.13
CA SER GB 30 80.39 -87.63 45.34
C SER GB 30 80.68 -88.13 43.94
N LEU GB 31 79.63 -88.59 43.26
CA LEU GB 31 79.79 -89.20 41.95
C LEU GB 31 78.42 -89.43 41.35
N LEU GB 32 78.42 -89.80 40.07
CA LEU GB 32 77.20 -90.23 39.40
C LEU GB 32 77.57 -91.07 38.19
N ARG GB 33 76.62 -91.86 37.72
CA ARG GB 33 76.82 -92.75 36.58
C ARG GB 33 75.72 -92.53 35.56
N GLN GB 34 76.07 -92.63 34.29
CA GLN GB 34 75.13 -92.34 33.20
C GLN GB 34 75.33 -93.32 32.06
N ARG GB 35 74.63 -93.07 30.96
CA ARG GB 35 74.61 -93.92 29.79
C ARG GB 35 75.37 -93.23 28.67
N VAL GB 36 76.28 -93.96 28.02
CA VAL GB 36 77.15 -93.38 27.01
C VAL GB 36 77.13 -94.22 25.74
N LYS GB 37 76.92 -93.55 24.61
CA LYS GB 37 77.03 -94.13 23.28
C LYS GB 37 78.27 -93.57 22.61
N VAL GB 38 79.20 -94.44 22.22
CA VAL GB 38 80.34 -93.99 21.42
C VAL GB 38 80.44 -94.77 20.12
N GLY GB 39 80.70 -96.08 20.21
CA GLY GB 39 80.72 -96.91 19.02
C GLY GB 39 79.39 -97.61 18.82
N ILE GB 40 78.31 -96.82 18.82
CA ILE GB 40 76.93 -97.29 18.90
C ILE GB 40 76.83 -98.46 19.87
N ALA GB 41 77.66 -98.42 20.92
CA ALA GB 41 77.73 -99.47 21.93
C ALA GB 41 77.56 -98.83 23.30
N GLU GB 42 77.11 -99.63 24.27
CA GLU GB 42 76.83 -99.11 25.60
C GLU GB 42 78.11 -99.07 26.43
N LEU GB 43 78.40 -97.89 26.98
CA LEU GB 43 79.53 -97.69 27.87
C LEU GB 43 79.04 -97.08 29.16
N ASN GB 44 79.42 -97.68 30.28
CA ASN GB 44 79.00 -97.21 31.60
C ASN GB 44 80.07 -96.24 32.13
N ASN GB 45 79.77 -94.95 32.09
CA ASN GB 45 80.69 -93.93 32.52
C ASN GB 45 80.41 -93.56 33.97
N VAL GB 46 81.48 -93.48 34.77
CA VAL GB 46 81.39 -93.12 36.17
C VAL GB 46 82.29 -91.92 36.40
N SER GB 47 81.71 -90.83 36.88
CA SER GB 47 82.46 -89.61 37.18
C SER GB 47 82.43 -89.39 38.69
N GLY GB 48 83.60 -89.49 39.33
CA GLY GB 48 83.67 -89.39 40.76
C GLY GB 48 84.38 -88.14 41.26
N GLN GB 49 83.66 -87.32 42.02
CA GLN GB 49 84.19 -86.07 42.53
C GLN GB 49 84.58 -86.25 43.99
N TYR GB 50 85.86 -86.04 44.28
CA TYR GB 50 86.39 -86.21 45.62
C TYR GB 50 86.89 -84.86 46.11
N VAL GB 51 86.42 -84.44 47.28
CA VAL GB 51 86.74 -83.13 47.84
C VAL GB 51 87.26 -83.31 49.24
N SER GB 52 88.42 -82.72 49.52
CA SER GB 52 88.99 -82.69 50.87
C SER GB 52 89.15 -81.23 51.27
N VAL GB 53 88.62 -80.88 52.44
CA VAL GB 53 88.58 -79.50 52.91
C VAL GB 53 89.10 -79.45 54.33
N TYR GB 54 90.00 -78.51 54.60
CA TYR GB 54 90.53 -78.27 55.93
C TYR GB 54 90.49 -76.79 56.22
N LYS GB 55 90.18 -76.44 57.47
CA LYS GB 55 90.20 -75.05 57.92
C LYS GB 55 91.51 -74.81 58.65
N ARG GB 56 92.45 -74.15 57.98
CA ARG GB 56 93.75 -73.92 58.55
C ARG GB 56 93.85 -72.50 59.09
N PRO GB 57 94.21 -72.32 60.35
CA PRO GB 57 94.38 -70.96 60.89
C PRO GB 57 95.53 -70.24 60.21
N ALA GB 58 95.46 -68.91 60.22
CA ALA GB 58 96.49 -68.10 59.61
C ALA GB 58 97.82 -68.30 60.33
N PRO GB 59 98.95 -68.06 59.65
CA PRO GB 59 100.26 -68.43 60.23
C PRO GB 59 100.58 -67.73 61.53
N LYS GB 60 99.88 -66.63 61.82
CA LYS GB 60 100.00 -65.88 63.08
C LYS GB 60 101.33 -65.14 63.17
N PRO GB 61 101.30 -63.84 63.46
CA PRO GB 61 102.55 -63.06 63.53
C PRO GB 61 103.40 -63.53 64.69
N GLU GB 62 104.72 -63.60 64.46
CA GLU GB 62 105.61 -64.00 65.53
C GLU GB 62 105.70 -62.91 66.60
N GLY GB 63 106.17 -63.31 67.78
CA GLY GB 63 106.11 -62.46 68.94
C GLY GB 63 105.06 -62.84 69.95
N CYS GB 64 104.06 -63.62 69.57
CA CYS GB 64 103.08 -64.10 70.54
C CYS GB 64 102.47 -65.41 70.13
N ALA GB 65 102.91 -66.52 70.70
CA ALA GB 65 102.12 -67.75 70.67
C ALA GB 65 101.31 -67.89 71.96
N ASP GB 66 101.83 -67.37 73.07
CA ASP GB 66 101.13 -67.32 74.34
C ASP GB 66 99.89 -66.43 74.32
N ALA GB 67 99.99 -65.28 73.67
CA ALA GB 67 98.90 -64.30 73.74
C ALA GB 67 97.61 -64.90 73.20
N CYS GB 68 96.51 -64.59 73.88
CA CYS GB 68 95.21 -65.15 73.51
C CYS GB 68 94.70 -64.48 72.26
N VAL GB 69 95.24 -64.87 71.11
CA VAL GB 69 94.85 -64.32 69.81
C VAL GB 69 94.43 -65.49 68.94
N ILE GB 70 93.25 -65.40 68.33
CA ILE GB 70 92.70 -66.45 67.49
C ILE GB 70 92.33 -65.81 66.17
N MET GB 71 93.26 -65.84 65.22
CA MET GB 71 93.01 -65.36 63.88
C MET GB 71 92.13 -66.34 63.13
N PRO GB 72 91.35 -65.86 62.16
CA PRO GB 72 90.42 -66.75 61.47
C PRO GB 72 91.14 -67.76 60.60
N ASN GB 73 90.42 -68.84 60.28
CA ASN GB 73 90.94 -69.94 59.49
C ASN GB 73 90.87 -69.58 58.01
N GLU GB 74 91.69 -70.28 57.22
CA GLU GB 74 91.66 -70.14 55.78
C GLU GB 74 91.39 -71.51 55.15
N ASN GB 75 90.83 -71.47 53.95
CA ASN GB 75 90.32 -72.68 53.29
C ASN GB 75 91.44 -73.37 52.53
N GLN GB 76 91.68 -74.63 52.86
CA GLN GB 76 92.58 -75.50 52.10
C GLN GB 76 91.73 -76.59 51.48
N SER GB 77 91.53 -76.54 50.17
CA SER GB 77 90.66 -77.45 49.46
C SER GB 77 91.43 -78.17 48.37
N ILE GB 78 91.09 -79.45 48.17
CA ILE GB 78 91.68 -80.28 47.13
C ILE GB 78 90.55 -81.06 46.49
N ARG GB 79 90.26 -80.77 45.23
CA ARG GB 79 89.18 -81.40 44.50
C ARG GB 79 89.74 -82.20 43.33
N THR GB 80 89.32 -83.45 43.21
CA THR GB 80 89.69 -84.29 42.07
C THR GB 80 88.44 -84.93 41.51
N VAL GB 81 88.33 -84.97 40.19
CA VAL GB 81 87.24 -85.66 39.51
C VAL GB 81 87.83 -86.70 38.57
N ILE GB 82 87.31 -87.92 38.64
CA ILE GB 82 87.80 -89.03 37.84
C ILE GB 82 86.68 -89.47 36.91
N SER GB 83 86.95 -89.50 35.61
CA SER GB 83 85.97 -89.88 34.63
C SER GB 83 86.52 -90.98 33.74
N GLY GB 84 85.61 -91.74 33.15
CA GLY GB 84 85.97 -92.83 32.27
C GLY GB 84 84.99 -93.98 32.41
N SER GB 85 84.96 -94.84 31.40
CA SER GB 85 84.06 -95.97 31.40
C SER GB 85 84.53 -97.04 32.38
N ALA GB 86 83.58 -97.64 33.08
CA ALA GB 86 83.90 -98.76 33.94
C ALA GB 86 84.39 -99.97 33.15
N GLU GB 87 83.98 -100.10 31.89
CA GLU GB 87 84.43 -101.18 31.05
C GLU GB 87 85.93 -101.17 30.81
N ASN GB 88 86.58 -100.01 30.96
CA ASN GB 88 88.02 -99.89 30.77
C ASN GB 88 88.66 -99.32 32.03
N LEU GB 89 88.17 -99.73 33.20
CA LEU GB 89 88.67 -99.18 34.45
C LEU GB 89 90.10 -99.58 34.73
N ALA GB 90 90.52 -100.75 34.24
CA ALA GB 90 91.86 -101.24 34.56
C ALA GB 90 92.93 -100.26 34.11
N THR GB 91 92.77 -99.71 32.90
CA THR GB 91 93.72 -98.71 32.44
C THR GB 91 93.51 -97.36 33.12
N LEU GB 92 92.30 -97.10 33.63
CA LEU GB 92 92.06 -95.83 34.30
C LEU GB 92 92.85 -95.73 35.58
N LYS GB 93 93.05 -96.85 36.28
CA LYS GB 93 93.87 -96.84 37.48
C LYS GB 93 95.30 -96.43 37.17
N ALA GB 94 95.84 -96.92 36.06
CA ALA GB 94 97.17 -96.51 35.65
C ALA GB 94 97.22 -95.01 35.36
N GLU GB 95 96.15 -94.48 34.76
CA GLU GB 95 96.09 -93.05 34.52
C GLU GB 95 96.12 -92.26 35.82
N TRP GB 96 95.36 -92.72 36.81
CA TRP GB 96 95.31 -92.02 38.10
C TRP GB 96 96.68 -92.01 38.76
N GLU GB 97 97.38 -93.15 38.75
CA GLU GB 97 98.69 -93.20 39.36
C GLU GB 97 99.66 -92.28 38.64
N THR GB 98 99.63 -92.28 37.31
CA THR GB 98 100.49 -91.38 36.55
C THR GB 98 100.15 -89.92 36.84
N HIS GB 99 98.85 -89.61 36.91
CA HIS GB 99 98.44 -88.24 37.24
C HIS GB 99 99.00 -87.81 38.58
N LYS GB 100 99.15 -88.76 39.50
CA LYS GB 100 99.76 -88.43 40.79
C LYS GB 100 101.21 -87.99 40.62
N ARG GB 101 101.99 -88.76 39.87
CA ARG GB 101 103.40 -88.44 39.70
C ARG GB 101 103.58 -87.12 38.96
N ASN GB 102 102.75 -86.86 37.95
CA ASN GB 102 102.85 -85.61 37.22
C ASN GB 102 102.60 -84.42 38.13
N VAL GB 103 101.56 -84.49 38.96
CA VAL GB 103 101.27 -83.40 39.89
C VAL GB 103 102.36 -83.30 40.94
N ASP GB 104 102.88 -84.44 41.39
CA ASP GB 104 103.92 -84.42 42.41
C ASP GB 104 105.15 -83.67 41.93
N THR GB 105 105.53 -83.86 40.67
CA THR GB 105 106.71 -83.19 40.14
C THR GB 105 106.53 -81.68 40.15
N LEU GB 106 105.36 -81.21 39.69
CA LEU GB 106 105.10 -79.78 39.67
C LEU GB 106 104.91 -79.23 41.07
N PHE GB 107 104.09 -79.90 41.88
CA PHE GB 107 103.62 -79.32 43.14
C PHE GB 107 104.38 -79.86 44.34
N ALA GB 108 104.36 -81.19 44.54
CA ALA GB 108 104.96 -81.77 45.73
C ALA GB 108 106.46 -81.54 45.76
N SER GB 109 107.13 -81.77 44.64
CA SER GB 109 108.57 -81.58 44.58
C SER GB 109 108.96 -80.22 43.98
N GLY GB 110 108.21 -79.74 43.01
CA GLY GB 110 108.48 -78.45 42.41
C GLY GB 110 107.89 -77.32 43.23
N ASN GB 111 107.88 -76.13 42.62
CA ASN GB 111 107.41 -74.93 43.28
C ASN GB 111 106.11 -74.41 42.68
N ALA GB 112 105.26 -75.29 42.17
CA ALA GB 112 103.99 -74.85 41.63
C ALA GB 112 103.09 -74.26 42.70
N GLY GB 113 103.29 -74.66 43.96
CA GLY GB 113 102.47 -74.12 45.02
C GLY GB 113 102.63 -72.62 45.19
N LEU GB 114 103.86 -72.13 45.08
CA LEU GB 114 104.09 -70.69 45.19
C LEU GB 114 103.54 -69.93 44.00
N GLY GB 115 103.38 -70.58 42.86
CA GLY GB 115 102.82 -69.93 41.69
C GLY GB 115 103.77 -69.90 40.51
N PHE GB 116 104.74 -70.80 40.50
CA PHE GB 116 105.71 -70.88 39.42
C PHE GB 116 105.55 -72.21 38.70
N LEU GB 117 105.47 -72.14 37.37
CA LEU GB 117 105.33 -73.33 36.53
C LEU GB 117 106.68 -73.56 35.84
N ASP GB 118 107.39 -74.59 36.26
CA ASP GB 118 108.67 -74.90 35.66
C ASP GB 118 108.44 -75.52 34.29
N PRO GB 119 108.77 -74.83 33.20
CA PRO GB 119 108.43 -75.36 31.86
C PRO GB 119 109.32 -76.50 31.44
N THR GB 120 110.35 -76.80 32.25
CA THR GB 120 111.27 -77.89 31.95
C THR GB 120 111.10 -79.07 32.90
N ALA GB 121 109.94 -79.17 33.54
CA ALA GB 121 109.70 -80.28 34.45
C ALA GB 121 109.58 -81.59 33.70
N ALA GB 122 109.75 -82.70 34.41
CA ALA GB 122 109.73 -84.04 33.83
C ALA GB 122 108.32 -84.58 33.93
N ILE GB 123 107.59 -84.55 32.83
CA ILE GB 123 106.23 -85.09 32.75
C ILE GB 123 106.27 -86.36 31.93
N VAL GB 124 105.76 -87.45 32.50
CA VAL GB 124 105.85 -88.77 31.90
C VAL GB 124 104.44 -89.32 31.72
N SER GB 125 104.21 -89.96 30.58
CA SER GB 125 102.88 -90.42 30.22
C SER GB 125 102.59 -91.78 30.84
N SER GB 126 101.30 -92.13 30.86
CA SER GB 126 100.88 -93.37 31.49
C SER GB 126 101.46 -94.58 30.76
N ASP GB 127 101.43 -94.57 29.43
CA ASP GB 127 101.94 -95.70 28.67
C ASP GB 127 103.45 -95.79 28.79
N THR GB 128 103.95 -97.02 28.78
CA THR GB 128 105.35 -97.30 29.01
C THR GB 128 106.01 -97.76 27.72
N THR GB 129 107.28 -97.39 27.54
CA THR GB 129 108.03 -97.79 26.36
C THR GB 129 108.34 -99.27 26.38
N ALA HB 1 77.13 71.98 -99.95
CA ALA HB 1 77.94 71.93 -98.74
C ALA HB 1 77.06 71.91 -97.50
N ASN HB 2 77.04 70.77 -96.81
CA ASN HB 2 76.25 70.61 -95.60
C ASN HB 2 77.14 70.09 -94.49
N LYS HB 3 76.80 70.44 -93.26
CA LYS HB 3 77.58 70.03 -92.11
C LYS HB 3 77.47 68.52 -91.93
N PRO HB 4 78.58 67.79 -91.90
CA PRO HB 4 78.51 66.33 -91.73
C PRO HB 4 78.23 65.95 -90.29
N MET HB 5 77.54 64.83 -90.11
CA MET HB 5 77.38 64.27 -88.79
C MET HB 5 78.71 63.73 -88.29
N GLN HB 6 78.77 63.45 -86.99
CA GLN HB 6 79.91 62.83 -86.37
C GLN HB 6 79.41 61.60 -85.62
N PRO HB 7 79.97 60.42 -85.87
CA PRO HB 7 79.44 59.21 -85.24
C PRO HB 7 79.59 59.29 -83.73
N ILE HB 8 78.56 58.81 -83.02
CA ILE HB 8 78.54 58.85 -81.58
C ILE HB 8 78.56 57.45 -80.98
N THR HB 9 77.88 56.49 -81.63
CA THR HB 9 77.89 55.10 -81.18
C THR HB 9 78.31 54.23 -82.36
N SER HB 10 79.41 53.53 -82.21
CA SER HB 10 79.95 52.68 -83.26
C SER HB 10 79.99 51.24 -82.77
N THR HB 11 79.52 50.32 -83.61
CA THR HB 11 79.47 48.91 -83.27
C THR HB 11 79.60 48.11 -84.56
N ALA HB 12 80.01 46.85 -84.42
CA ALA HB 12 80.08 45.97 -85.57
C ALA HB 12 78.71 45.71 -86.19
N ASN HB 13 77.63 46.00 -85.46
CA ASN HB 13 76.28 45.77 -85.96
C ASN HB 13 75.64 47.06 -86.47
N LYS HB 14 75.79 48.15 -85.74
CA LYS HB 14 75.17 49.41 -86.12
C LYS HB 14 76.06 50.59 -85.72
N ILE HB 15 75.91 51.68 -86.46
CA ILE HB 15 76.58 52.94 -86.15
C ILE HB 15 75.54 54.05 -86.21
N VAL HB 16 75.55 54.91 -85.20
CA VAL HB 16 74.61 56.03 -85.12
C VAL HB 16 75.40 57.32 -85.24
N TRP HB 17 75.09 58.11 -86.25
CA TRP HB 17 75.64 59.45 -86.41
C TRP HB 17 74.68 60.48 -85.85
N SER HB 18 75.20 61.67 -85.57
CA SER HB 18 74.38 62.78 -85.11
C SER HB 18 75.06 64.08 -85.47
N ASP HB 19 74.26 65.12 -85.61
CA ASP HB 19 74.77 66.45 -85.91
C ASP HB 19 75.31 67.08 -84.64
N PRO HB 20 76.58 67.48 -84.59
CA PRO HB 20 77.08 68.17 -83.39
C PRO HB 20 76.31 69.45 -83.08
N THR HB 21 75.89 70.17 -84.12
CA THR HB 21 75.09 71.38 -83.90
C THR HB 21 73.71 71.04 -83.34
N ARG HB 22 73.09 69.99 -83.86
CA ARG HB 22 71.72 69.61 -83.49
C ARG HB 22 71.72 68.10 -83.25
N LEU HB 23 71.90 67.71 -81.99
CA LEU HB 23 71.99 66.28 -81.66
C LEU HB 23 70.67 65.55 -81.87
N SER HB 24 69.58 66.28 -82.08
CA SER HB 24 68.28 65.63 -82.27
C SER HB 24 68.26 64.80 -83.55
N THR HB 25 68.71 65.39 -84.66
CA THR HB 25 68.71 64.68 -85.92
C THR HB 25 69.80 63.61 -85.93
N THR HB 26 69.45 62.41 -86.39
CA THR HB 26 70.36 61.28 -86.39
C THR HB 26 70.22 60.51 -87.70
N PHE HB 27 71.24 59.72 -88.01
CA PHE HB 27 71.17 58.77 -89.11
C PHE HB 27 71.96 57.54 -88.71
N SER HB 28 71.29 56.41 -88.59
CA SER HB 28 71.90 55.18 -88.12
C SER HB 28 71.70 54.06 -89.13
N ALA HB 29 72.74 53.28 -89.36
CA ALA HB 29 72.70 52.13 -90.26
C ALA HB 29 73.01 50.87 -89.46
N SER HB 30 72.14 49.88 -89.56
CA SER HB 30 72.30 48.62 -88.84
C SER HB 30 72.27 47.47 -89.84
N LEU HB 31 73.19 46.54 -89.69
CA LEU HB 31 73.31 45.40 -90.60
C LEU HB 31 72.98 44.12 -89.85
N LEU HB 32 72.24 43.24 -90.53
CA LEU HB 32 71.85 41.95 -89.98
C LEU HB 32 72.21 40.89 -91.01
N ARG HB 33 73.33 40.21 -90.81
CA ARG HB 33 73.85 39.25 -91.77
C ARG HB 33 73.54 37.84 -91.30
N GLN HB 34 72.90 37.06 -92.17
CA GLN HB 34 72.59 35.67 -91.89
C GLN HB 34 72.95 34.84 -93.11
N ARG HB 35 72.80 33.53 -92.98
CA ARG HB 35 73.26 32.59 -93.98
C ARG HB 35 72.06 31.78 -94.46
N VAL HB 36 71.73 31.91 -95.74
CA VAL HB 36 70.46 31.40 -96.29
C VAL HB 36 70.75 30.31 -97.30
N LYS HB 37 69.90 29.28 -97.32
CA LYS HB 37 70.06 28.12 -98.19
C LYS HB 37 69.10 28.23 -99.36
N VAL HB 38 69.64 28.17 -100.58
CA VAL HB 38 68.84 28.01 -101.78
C VAL HB 38 69.20 26.68 -102.39
N GLY HB 39 68.53 26.31 -103.49
CA GLY HB 39 68.74 25.02 -104.10
C GLY HB 39 70.19 24.65 -104.33
N ILE HB 40 70.65 23.63 -103.61
CA ILE HB 40 72.02 23.09 -103.63
C ILE HB 40 73.04 24.22 -103.74
N ALA HB 41 72.83 25.28 -102.95
CA ALA HB 41 73.74 26.41 -102.92
C ALA HB 41 73.48 27.24 -101.68
N GLU HB 42 74.53 27.55 -100.91
CA GLU HB 42 74.36 28.29 -99.67
C GLU HB 42 74.78 29.73 -99.91
N LEU HB 43 73.90 30.67 -99.59
CA LEU HB 43 74.13 32.08 -99.87
C LEU HB 43 74.19 32.87 -98.58
N ASN HB 44 74.99 33.94 -98.60
CA ASN HB 44 75.13 34.84 -97.46
C ASN HB 44 74.17 36.00 -97.65
N ASN HB 45 73.05 35.98 -96.94
CA ASN HB 45 72.07 37.05 -97.04
C ASN HB 45 72.40 38.17 -96.05
N VAL HB 46 72.18 39.40 -96.48
CA VAL HB 46 72.45 40.57 -95.65
C VAL HB 46 71.26 41.52 -95.73
N SER HB 47 70.84 42.04 -94.58
CA SER HB 47 69.76 43.01 -94.52
C SER HB 47 70.23 44.21 -93.71
N GLY HB 48 70.14 45.40 -94.30
CA GLY HB 48 70.61 46.62 -93.67
C GLY HB 48 69.49 47.64 -93.55
N GLN HB 49 69.28 48.11 -92.33
CA GLN HB 49 68.32 49.17 -92.05
C GLN HB 49 69.05 50.50 -92.00
N TYR HB 50 68.61 51.44 -92.81
CA TYR HB 50 69.15 52.80 -92.81
C TYR HB 50 68.00 53.74 -92.49
N VAL HB 51 67.99 54.28 -91.29
CA VAL HB 51 66.91 55.15 -90.82
C VAL HB 51 67.48 56.53 -90.56
N SER HB 52 66.80 57.55 -91.09
CA SER HB 52 67.15 58.94 -90.86
C SER HB 52 65.99 59.62 -90.17
N VAL HB 53 66.26 60.28 -89.04
CA VAL HB 53 65.23 60.88 -88.21
C VAL HB 53 65.55 62.36 -88.04
N TYR HB 54 64.56 63.20 -88.31
CA TYR HB 54 64.66 64.62 -88.05
C TYR HB 54 63.46 65.08 -87.23
N LYS HB 55 63.74 65.90 -86.23
CA LYS HB 55 62.69 66.51 -85.41
C LYS HB 55 62.55 67.96 -85.84
N ARG HB 56 61.41 68.29 -86.45
CA ARG HB 56 61.17 69.62 -86.97
C ARG HB 56 59.96 70.20 -86.25
N PRO HB 57 59.98 71.48 -85.92
CA PRO HB 57 58.84 72.10 -85.24
C PRO HB 57 57.67 72.24 -86.20
N ALA HB 58 56.53 72.67 -85.64
CA ALA HB 58 55.32 72.81 -86.42
C ALA HB 58 55.52 73.86 -87.51
N PRO HB 59 54.85 73.70 -88.66
CA PRO HB 59 54.99 74.68 -89.75
C PRO HB 59 54.63 76.09 -89.29
N LYS HB 60 53.60 76.18 -88.44
CA LYS HB 60 53.23 77.40 -87.72
C LYS HB 60 52.62 78.44 -88.65
N PRO HB 61 51.58 79.16 -88.22
CA PRO HB 61 50.98 80.19 -89.07
C PRO HB 61 51.94 81.33 -89.37
N GLU HB 62 52.31 81.47 -90.63
CA GLU HB 62 53.43 82.32 -91.02
C GLU HB 62 53.25 83.75 -90.51
N GLY HB 63 54.35 84.30 -89.98
CA GLY HB 63 54.36 85.68 -89.57
C GLY HB 63 53.94 85.95 -88.14
N CYS HB 64 53.72 84.91 -87.35
CA CYS HB 64 53.30 85.13 -85.97
C CYS HB 64 54.31 84.67 -84.92
N ALA HB 65 54.70 83.40 -84.95
CA ALA HB 65 55.61 82.86 -83.94
C ALA HB 65 57.05 83.06 -84.42
N ASP HB 66 57.37 84.32 -84.71
CA ASP HB 66 58.69 84.72 -85.16
C ASP HB 66 59.53 85.24 -84.00
N ALA HB 67 58.96 85.21 -82.79
CA ALA HB 67 59.64 85.70 -81.60
C ALA HB 67 60.43 84.57 -80.96
N CYS HB 68 61.03 84.86 -79.81
CA CYS HB 68 61.83 83.88 -79.07
C CYS HB 68 60.87 82.91 -78.39
N VAL HB 69 60.22 82.08 -79.19
CA VAL HB 69 59.31 81.05 -78.67
C VAL HB 69 59.62 79.74 -79.39
N ILE HB 70 59.24 78.62 -78.78
CA ILE HB 70 59.50 77.31 -79.36
C ILE HB 70 58.20 76.53 -79.39
N MET HB 71 57.85 75.99 -80.55
CA MET HB 71 56.71 75.11 -80.68
C MET HB 71 57.15 73.66 -80.55
N PRO HB 72 56.27 72.79 -80.10
CA PRO HB 72 56.61 71.36 -80.07
C PRO HB 72 56.89 70.85 -81.47
N ASN HB 73 57.87 69.96 -81.58
CA ASN HB 73 58.34 69.49 -82.86
C ASN HB 73 57.78 68.12 -83.19
N GLU HB 74 57.62 67.88 -84.50
CA GLU HB 74 57.11 66.62 -85.01
C GLU HB 74 58.26 65.78 -85.55
N ASN HB 75 57.93 64.57 -85.98
CA ASN HB 75 58.92 63.58 -86.39
C ASN HB 75 58.92 63.42 -87.90
N GLN HB 76 60.09 63.50 -88.50
CA GLN HB 76 60.29 63.24 -89.92
C GLN HB 76 61.28 62.09 -90.04
N SER HB 77 60.76 60.89 -90.27
CA SER HB 77 61.56 59.67 -90.29
C SER HB 77 61.54 59.04 -91.66
N ILE HB 78 62.70 58.54 -92.09
CA ILE HB 78 62.85 57.85 -93.36
C ILE HB 78 63.75 56.65 -93.10
N ARG HB 79 63.19 55.45 -93.24
CA ARG HB 79 63.96 54.22 -93.03
C ARG HB 79 63.80 53.31 -94.23
N THR HB 80 64.90 52.68 -94.65
CA THR HB 80 64.90 51.75 -95.75
C THR HB 80 65.61 50.47 -95.34
N VAL HB 81 65.23 49.36 -95.95
CA VAL HB 81 65.87 48.08 -95.72
C VAL HB 81 66.31 47.52 -97.07
N ILE HB 82 67.52 46.96 -97.11
CA ILE HB 82 68.08 46.37 -98.32
C ILE HB 82 68.43 44.93 -97.99
N SER HB 83 67.82 43.99 -98.70
CA SER HB 83 68.01 42.56 -98.46
C SER HB 83 68.46 41.88 -99.74
N GLY HB 84 69.47 41.03 -99.62
CA GLY HB 84 69.97 40.30 -100.77
C GLY HB 84 71.27 39.62 -100.42
N SER HB 85 71.73 38.77 -101.34
CA SER HB 85 72.99 38.09 -101.16
C SER HB 85 74.14 38.96 -101.62
N ALA HB 86 75.30 38.80 -100.98
CA ALA HB 86 76.47 39.59 -101.33
C ALA HB 86 76.92 39.29 -102.76
N GLU HB 87 76.86 38.03 -103.17
CA GLU HB 87 77.28 37.65 -104.51
C GLU HB 87 76.38 38.26 -105.58
N ASN HB 88 75.16 38.63 -105.24
CA ASN HB 88 74.27 39.31 -106.16
C ASN HB 88 74.25 40.82 -105.93
N LEU HB 89 75.25 41.35 -105.24
CA LEU HB 89 75.29 42.78 -104.96
C LEU HB 89 75.39 43.61 -106.23
N ALA HB 90 76.17 43.15 -107.21
CA ALA HB 90 76.42 43.95 -108.40
C ALA HB 90 75.10 44.29 -109.11
N THR HB 91 74.24 43.29 -109.30
CA THR HB 91 72.94 43.54 -109.90
C THR HB 91 71.99 44.21 -108.90
N LEU HB 92 72.18 43.98 -107.61
CA LEU HB 92 71.31 44.60 -106.63
C LEU HB 92 71.49 46.11 -106.58
N LYS HB 93 72.70 46.59 -106.85
CA LYS HB 93 72.93 48.03 -106.86
C LYS HB 93 72.06 48.71 -107.90
N ALA HB 94 71.95 48.12 -109.10
CA ALA HB 94 71.05 48.66 -110.10
C ALA HB 94 69.61 48.66 -109.62
N GLU HB 95 69.23 47.62 -108.87
CA GLU HB 95 67.88 47.58 -108.30
C GLU HB 95 67.65 48.73 -107.35
N TRP HB 96 68.63 49.04 -106.51
CA TRP HB 96 68.51 50.16 -105.60
C TRP HB 96 68.38 51.47 -106.36
N GLU HB 97 69.16 51.64 -107.42
CA GLU HB 97 69.08 52.86 -108.22
C GLU HB 97 67.70 53.01 -108.85
N THR HB 98 67.14 51.90 -109.36
CA THR HB 98 65.81 51.96 -109.95
C THR HB 98 64.78 52.36 -108.90
N HIS HB 99 64.92 51.82 -107.69
CA HIS HB 99 63.99 52.16 -106.61
C HIS HB 99 63.97 53.66 -106.34
N LYS HB 100 65.10 54.33 -106.55
CA LYS HB 100 65.12 55.79 -106.42
C LYS HB 100 64.16 56.43 -107.40
N ARG HB 101 64.31 56.09 -108.69
CA ARG HB 101 63.46 56.68 -109.71
C ARG HB 101 62.00 56.32 -109.47
N ASN HB 102 61.75 55.07 -109.10
CA ASN HB 102 60.38 54.62 -108.90
C ASN HB 102 59.70 55.41 -107.78
N VAL HB 103 60.41 55.65 -106.69
CA VAL HB 103 59.85 56.47 -105.62
C VAL HB 103 59.83 57.93 -106.03
N ASP HB 104 60.89 58.41 -106.67
CA ASP HB 104 60.97 59.83 -107.01
C ASP HB 104 59.82 60.26 -107.92
N THR HB 105 59.52 59.45 -108.93
CA THR HB 105 58.42 59.78 -109.84
C THR HB 105 57.07 59.71 -109.14
N LEU HB 106 57.01 59.15 -107.95
CA LEU HB 106 55.78 59.06 -107.18
C LEU HB 106 55.72 60.07 -106.05
N PHE HB 107 56.73 60.10 -105.19
CA PHE HB 107 56.75 60.96 -104.01
C PHE HB 107 57.33 62.34 -104.32
N ALA HB 108 58.54 62.39 -104.88
CA ALA HB 108 59.18 63.66 -105.14
C ALA HB 108 58.50 64.38 -106.30
N SER HB 109 58.54 63.79 -107.49
CA SER HB 109 57.94 64.43 -108.65
C SER HB 109 56.43 64.55 -108.49
N GLY HB 110 55.77 63.48 -108.04
CA GLY HB 110 54.35 63.49 -107.83
C GLY HB 110 53.99 64.11 -106.48
N ASN HB 111 52.71 64.02 -106.16
CA ASN HB 111 52.20 64.51 -104.88
C ASN HB 111 51.75 63.38 -103.97
N ALA HB 112 52.48 62.25 -104.01
CA ALA HB 112 52.17 61.16 -103.10
C ALA HB 112 52.47 61.52 -101.65
N GLY HB 113 53.31 62.52 -101.42
CA GLY HB 113 53.60 62.92 -100.05
C GLY HB 113 52.36 63.39 -99.32
N LEU HB 114 51.50 64.14 -100.01
CA LEU HB 114 50.25 64.58 -99.40
C LEU HB 114 49.30 63.41 -99.15
N GLY HB 115 49.47 62.31 -99.86
CA GLY HB 115 48.64 61.14 -99.65
C GLY HB 115 47.78 60.78 -100.83
N PHE HB 116 48.20 61.17 -102.03
CA PHE HB 116 47.45 60.92 -103.25
C PHE HB 116 48.15 59.85 -104.07
N LEU HB 117 47.37 58.96 -104.67
CA LEU HB 117 47.90 57.96 -105.57
C LEU HB 117 47.72 58.40 -107.01
N ASP HB 118 48.67 58.00 -107.85
CA ASP HB 118 48.62 58.28 -109.28
C ASP HB 118 48.75 56.96 -110.03
N PRO HB 119 47.62 56.31 -110.33
CA PRO HB 119 47.69 55.05 -111.09
C PRO HB 119 48.27 55.21 -112.48
N THR HB 120 48.31 56.42 -113.01
CA THR HB 120 48.89 56.68 -114.32
C THR HB 120 50.36 57.02 -114.26
N ALA HB 121 50.98 56.96 -113.07
CA ALA HB 121 52.40 57.26 -112.96
C ALA HB 121 53.23 56.25 -113.74
N ALA HB 122 54.20 56.76 -114.49
CA ALA HB 122 55.05 55.93 -115.32
C ALA HB 122 56.24 55.46 -114.50
N ILE HB 123 56.28 54.17 -114.16
CA ILE HB 123 57.37 53.60 -113.38
C ILE HB 123 58.02 52.51 -114.22
N VAL HB 124 59.32 52.32 -113.99
CA VAL HB 124 60.13 51.45 -114.83
C VAL HB 124 60.84 50.43 -113.94
N SER HB 125 61.24 49.33 -114.54
CA SER HB 125 61.86 48.21 -113.85
C SER HB 125 63.36 48.19 -114.08
N SER HB 126 64.04 47.36 -113.29
CA SER HB 126 65.49 47.26 -113.41
C SER HB 126 65.89 46.73 -114.79
N ASP HB 127 65.16 45.73 -115.29
CA ASP HB 127 65.47 45.16 -116.59
C ASP HB 127 65.27 46.20 -117.68
N THR HB 128 66.25 46.32 -118.57
CA THR HB 128 66.19 47.26 -119.68
C THR HB 128 65.98 46.52 -120.98
N THR HB 129 65.89 47.28 -122.07
CA THR HB 129 65.68 46.70 -123.38
C THR HB 129 66.88 46.94 -124.29
N ALA IB 1 99.87 36.43 -104.42
CA ALA IB 1 99.14 37.46 -103.70
C ALA IB 1 97.86 36.89 -103.11
N ASN IB 2 97.79 36.83 -101.79
CA ASN IB 2 96.63 36.28 -101.11
C ASN IB 2 95.55 37.35 -100.92
N LYS IB 3 94.31 36.89 -100.86
CA LYS IB 3 93.20 37.81 -100.61
C LYS IB 3 93.29 38.31 -99.17
N PRO IB 4 93.39 39.61 -98.95
CA PRO IB 4 93.37 40.12 -97.57
C PRO IB 4 91.96 40.19 -97.04
N MET IB 5 91.81 39.94 -95.75
CA MET IB 5 90.54 40.12 -95.08
C MET IB 5 90.53 41.46 -94.34
N GLN IB 6 89.33 41.87 -93.95
CA GLN IB 6 89.13 42.96 -93.01
C GLN IB 6 87.99 42.58 -92.06
N PRO IB 7 88.03 43.07 -90.83
CA PRO IB 7 87.19 42.48 -89.78
C PRO IB 7 85.69 42.68 -90.04
N ILE IB 8 84.91 41.74 -89.53
CA ILE IB 8 83.46 41.82 -89.53
C ILE IB 8 82.92 42.22 -88.16
N THR IB 9 83.22 41.42 -87.14
CA THR IB 9 82.64 41.59 -85.82
C THR IB 9 83.75 41.86 -84.83
N SER IB 10 83.91 43.13 -84.44
CA SER IB 10 84.95 43.53 -83.49
C SER IB 10 84.35 43.62 -82.09
N THR IB 11 84.11 42.45 -81.50
CA THR IB 11 83.60 42.38 -80.15
C THR IB 11 84.69 42.80 -79.17
N ALA IB 12 84.39 42.78 -77.88
CA ALA IB 12 85.37 43.18 -76.87
C ALA IB 12 86.61 42.30 -76.92
N ASN IB 13 86.40 40.99 -77.06
CA ASN IB 13 87.52 40.04 -77.11
C ASN IB 13 87.60 39.25 -78.41
N LYS IB 14 86.47 38.99 -79.06
CA LYS IB 14 86.45 38.21 -80.29
C LYS IB 14 86.42 39.13 -81.50
N ILE IB 15 87.30 38.88 -82.46
CA ILE IB 15 87.35 39.62 -83.71
C ILE IB 15 87.40 38.62 -84.85
N VAL IB 16 86.53 38.81 -85.84
CA VAL IB 16 86.38 37.87 -86.95
C VAL IB 16 86.67 38.61 -88.24
N TRP IB 17 87.64 38.12 -88.99
CA TRP IB 17 87.88 38.61 -90.34
C TRP IB 17 87.07 37.78 -91.33
N SER IB 18 86.91 38.30 -92.54
CA SER IB 18 86.21 37.58 -93.59
C SER IB 18 86.55 38.20 -94.93
N ASP IB 19 86.65 37.36 -95.95
CA ASP IB 19 87.03 37.82 -97.29
C ASP IB 19 85.82 38.48 -97.93
N PRO IB 20 85.91 39.73 -98.36
CA PRO IB 20 84.77 40.35 -99.05
C PRO IB 20 84.35 39.62 -100.30
N THR IB 21 85.30 39.10 -101.08
CA THR IB 21 84.94 38.39 -102.30
C THR IB 21 84.19 37.10 -101.96
N ARG IB 22 84.63 36.39 -100.94
CA ARG IB 22 84.04 35.12 -100.53
C ARG IB 22 83.78 35.17 -99.03
N LEU IB 23 82.57 35.53 -98.64
CA LEU IB 23 82.23 35.66 -97.23
C LEU IB 23 82.28 34.32 -96.50
N SER IB 24 82.33 33.21 -97.22
CA SER IB 24 82.33 31.91 -96.57
C SER IB 24 83.58 31.72 -95.71
N THR IB 25 84.76 32.00 -96.27
CA THR IB 25 85.99 31.83 -95.52
C THR IB 25 86.13 32.92 -94.46
N THR IB 26 86.49 32.51 -93.25
CA THR IB 26 86.64 33.43 -92.13
C THR IB 26 87.86 33.04 -91.32
N PHE IB 27 88.36 34.00 -90.55
CA PHE IB 27 89.41 33.74 -89.57
C PHE IB 27 89.03 34.45 -88.29
N SER IB 28 88.81 33.68 -87.22
CA SER IB 28 88.35 34.22 -85.96
C SER IB 28 89.41 34.04 -84.89
N ALA IB 29 89.49 35.02 -83.99
CA ALA IB 29 90.44 34.98 -82.89
C ALA IB 29 89.77 35.56 -81.65
N SER IB 30 89.64 34.76 -80.60
CA SER IB 30 89.05 35.19 -79.35
C SER IB 30 90.02 34.89 -78.22
N LEU IB 31 90.21 35.85 -77.34
CA LEU IB 31 91.18 35.75 -76.24
C LEU IB 31 90.45 35.82 -74.91
N LEU IB 32 90.83 34.93 -74.00
CA LEU IB 32 90.29 34.90 -72.65
C LEU IB 32 91.44 35.10 -71.68
N ARG IB 33 91.40 36.18 -70.91
CA ARG IB 33 92.44 36.50 -69.94
C ARG IB 33 91.94 36.17 -68.54
N GLN IB 34 92.82 35.60 -67.72
CA GLN IB 34 92.41 35.06 -66.43
C GLN IB 34 93.46 35.40 -65.38
N ARG IB 35 92.98 35.53 -64.14
CA ARG IB 35 93.84 35.75 -62.98
C ARG IB 35 94.21 34.38 -62.41
N VAL IB 36 95.51 34.15 -62.22
CA VAL IB 36 95.99 32.85 -61.79
C VAL IB 36 97.04 33.02 -60.70
N LYS IB 37 96.89 32.24 -59.63
CA LYS IB 37 97.89 32.16 -58.56
C LYS IB 37 98.51 30.77 -58.62
N VAL IB 38 99.84 30.71 -58.73
CA VAL IB 38 100.52 29.41 -58.70
C VAL IB 38 101.08 29.18 -57.30
N GLY IB 39 102.00 30.04 -56.87
CA GLY IB 39 102.40 30.12 -55.48
C GLY IB 39 102.98 31.49 -55.21
N ILE IB 40 102.40 32.22 -54.26
CA ILE IB 40 102.76 33.60 -53.92
C ILE IB 40 103.23 34.39 -55.13
N ALA IB 41 102.61 34.16 -56.29
CA ALA IB 41 103.05 34.74 -57.55
C ALA IB 41 101.89 35.38 -58.27
N GLU IB 42 102.21 36.38 -59.10
CA GLU IB 42 101.22 37.12 -59.88
C GLU IB 42 101.37 36.70 -61.34
N LEU IB 43 100.39 35.96 -61.85
CA LEU IB 43 100.44 35.48 -63.22
C LEU IB 43 99.16 35.84 -63.95
N ASN IB 44 99.29 36.48 -65.10
CA ASN IB 44 98.17 36.74 -65.99
C ASN IB 44 98.11 35.62 -67.02
N ASN IB 45 97.04 34.86 -67.01
CA ASN IB 45 96.86 33.76 -67.95
C ASN IB 45 96.07 34.24 -69.16
N VAL IB 46 96.59 33.97 -70.34
CA VAL IB 46 95.96 34.37 -71.59
C VAL IB 46 95.69 33.11 -72.40
N SER IB 47 94.43 32.92 -72.80
CA SER IB 47 94.02 31.75 -73.56
C SER IB 47 93.49 32.21 -74.91
N GLY IB 48 94.36 32.23 -75.91
CA GLY IB 48 94.02 32.68 -77.23
C GLY IB 48 93.56 31.54 -78.11
N GLN IB 49 92.32 31.64 -78.59
CA GLN IB 49 91.75 30.63 -79.47
C GLN IB 49 91.59 31.23 -80.86
N TYR IB 50 92.20 30.59 -81.85
CA TYR IB 50 92.22 31.08 -83.21
C TYR IB 50 91.62 30.01 -84.11
N VAL IB 51 90.57 30.37 -84.85
CA VAL IB 51 89.83 29.42 -85.69
C VAL IB 51 89.85 29.94 -87.12
N SER IB 52 90.21 29.07 -88.06
CA SER IB 52 90.16 29.37 -89.48
C SER IB 52 89.20 28.38 -90.13
N VAL IB 53 88.23 28.91 -90.86
CA VAL IB 53 87.14 28.10 -91.42
C VAL IB 53 87.06 28.36 -92.91
N TYR IB 54 86.90 27.29 -93.70
CA TYR IB 54 86.74 27.40 -95.13
C TYR IB 54 85.75 26.34 -95.61
N LYS IB 55 84.79 26.77 -96.41
CA LYS IB 55 83.87 25.86 -97.10
C LYS IB 55 84.43 25.62 -98.49
N ARG IB 56 84.98 24.43 -98.70
CA ARG IB 56 85.59 24.07 -99.97
C ARG IB 56 84.68 23.10 -100.71
N PRO IB 57 84.48 23.27 -102.01
CA PRO IB 57 83.64 22.34 -102.76
C PRO IB 57 84.22 20.93 -102.74
N ALA IB 58 83.32 19.95 -102.84
CA ALA IB 58 83.73 18.56 -102.84
C ALA IB 58 84.65 18.29 -104.03
N PRO IB 59 85.55 17.31 -103.92
CA PRO IB 59 86.52 17.07 -105.01
C PRO IB 59 85.86 16.76 -106.34
N LYS IB 60 86.42 17.29 -107.41
CA LYS IB 60 85.88 17.02 -108.73
C LYS IB 60 86.14 15.57 -109.13
N PRO IB 61 85.13 14.84 -109.59
CA PRO IB 61 85.39 13.55 -110.23
C PRO IB 61 86.31 13.73 -111.42
N GLU IB 62 87.48 13.09 -111.39
CA GLU IB 62 88.53 13.36 -112.35
C GLU IB 62 88.12 12.92 -113.76
N GLY IB 63 88.96 13.23 -114.74
CA GLY IB 63 88.61 12.95 -116.12
C GLY IB 63 87.64 13.95 -116.72
N CYS IB 64 87.45 15.08 -116.06
CA CYS IB 64 86.52 16.09 -116.51
C CYS IB 64 87.05 17.47 -116.20
N ALA IB 65 86.71 18.44 -117.04
CA ALA IB 65 87.09 19.84 -116.86
C ALA IB 65 85.91 20.77 -117.09
N ASP IB 66 84.70 20.23 -117.00
CA ASP IB 66 83.52 21.07 -117.17
C ASP IB 66 83.32 21.96 -115.95
N ALA IB 67 82.89 23.18 -116.19
CA ALA IB 67 82.79 24.16 -115.11
C ALA IB 67 81.54 23.97 -114.27
N CYS IB 68 80.37 24.09 -114.87
CA CYS IB 68 79.11 24.15 -114.12
C CYS IB 68 78.56 22.76 -113.84
N VAL IB 69 79.32 22.02 -113.04
CA VAL IB 69 78.87 20.75 -112.48
C VAL IB 69 79.10 20.78 -110.97
N ILE IB 70 78.99 21.98 -110.38
CA ILE IB 70 79.47 22.23 -109.03
C ILE IB 70 78.97 21.20 -108.03
N MET IB 71 79.84 20.89 -107.07
CA MET IB 71 79.59 19.92 -106.00
C MET IB 71 79.23 20.65 -104.72
N PRO IB 72 78.70 19.96 -103.71
CA PRO IB 72 78.49 20.58 -102.41
C PRO IB 72 79.80 20.92 -101.73
N ASN IB 73 79.72 21.83 -100.77
CA ASN IB 73 80.89 22.30 -100.04
C ASN IB 73 81.04 21.54 -98.73
N GLU IB 74 82.27 21.43 -98.27
CA GLU IB 74 82.58 20.73 -97.04
C GLU IB 74 83.32 21.64 -96.07
N ASN IB 75 83.32 21.26 -94.80
CA ASN IB 75 84.06 21.99 -93.79
C ASN IB 75 85.56 21.79 -93.96
N GLN IB 76 86.31 22.85 -93.70
CA GLN IB 76 87.76 22.76 -93.58
C GLN IB 76 88.16 23.71 -92.46
N SER IB 77 88.23 23.18 -91.24
CA SER IB 77 88.41 23.99 -90.05
C SER IB 77 89.75 23.68 -89.41
N ILE IB 78 90.51 24.72 -89.08
CA ILE IB 78 91.75 24.60 -88.34
C ILE IB 78 91.66 25.58 -87.18
N ARG IB 79 91.68 25.06 -85.96
CA ARG IB 79 91.62 25.90 -84.78
C ARG IB 79 92.74 25.52 -83.82
N THR IB 80 93.37 26.52 -83.22
CA THR IB 80 94.41 26.33 -82.23
C THR IB 80 94.09 27.16 -81.00
N VAL IB 81 94.41 26.63 -79.83
CA VAL IB 81 94.25 27.34 -78.58
C VAL IB 81 95.61 27.39 -77.90
N ILE IB 82 96.01 28.58 -77.46
CA ILE IB 82 97.30 28.80 -76.83
C ILE IB 82 97.04 29.42 -75.47
N SER IB 83 97.47 28.74 -74.41
CA SER IB 83 97.27 29.19 -73.05
C SER IB 83 98.60 29.22 -72.32
N GLY IB 84 98.84 30.29 -71.57
CA GLY IB 84 100.07 30.39 -70.81
C GLY IB 84 100.13 31.73 -70.10
N SER IB 85 101.10 31.83 -69.20
CA SER IB 85 101.30 33.08 -68.48
C SER IB 85 101.86 34.14 -69.43
N ALA IB 86 101.37 35.37 -69.27
CA ALA IB 86 101.88 36.47 -70.08
C ALA IB 86 103.34 36.77 -69.77
N GLU IB 87 103.81 36.42 -68.58
CA GLU IB 87 105.20 36.68 -68.20
C GLU IB 87 106.18 35.72 -68.83
N ASN IB 88 105.71 34.63 -69.41
CA ASN IB 88 106.57 33.67 -70.10
C ASN IB 88 106.33 33.68 -71.60
N LEU IB 89 105.92 34.84 -72.13
CA LEU IB 89 105.65 34.93 -73.56
C LEU IB 89 106.89 34.68 -74.39
N ALA IB 90 108.05 35.10 -73.89
CA ALA IB 90 109.29 34.95 -74.66
C ALA IB 90 109.58 33.48 -74.96
N THR IB 91 109.42 32.62 -73.95
CA THR IB 91 109.64 31.20 -74.17
C THR IB 91 108.41 30.53 -74.78
N LEU IB 92 107.22 31.10 -74.58
CA LEU IB 92 106.02 30.52 -75.17
C LEU IB 92 106.06 30.58 -76.69
N LYS IB 93 106.60 31.66 -77.25
CA LYS IB 93 106.70 31.76 -78.70
C LYS IB 93 107.57 30.66 -79.26
N ALA IB 94 108.64 30.29 -78.54
CA ALA IB 94 109.44 29.15 -78.96
C ALA IB 94 108.62 27.87 -78.96
N GLU IB 95 107.73 27.72 -77.98
CA GLU IB 95 106.86 26.55 -77.94
C GLU IB 95 105.95 26.52 -79.15
N TRP IB 96 105.38 27.67 -79.51
CA TRP IB 96 104.57 27.74 -80.71
C TRP IB 96 105.40 27.42 -81.94
N GLU IB 97 106.65 27.86 -81.97
CA GLU IB 97 107.51 27.60 -83.11
C GLU IB 97 107.74 26.10 -83.30
N THR IB 98 108.12 25.40 -82.22
CA THR IB 98 108.39 23.98 -82.34
C THR IB 98 107.11 23.19 -82.56
N HIS IB 99 105.99 23.66 -82.00
CA HIS IB 99 104.72 23.00 -82.26
C HIS IB 99 104.42 22.96 -83.75
N LYS IB 100 104.80 24.01 -84.46
CA LYS IB 100 104.68 23.99 -85.92
C LYS IB 100 105.58 22.92 -86.53
N ARG IB 101 106.80 22.79 -86.00
CA ARG IB 101 107.73 21.80 -86.54
C ARG IB 101 107.19 20.40 -86.40
N ASN IB 102 106.67 20.07 -85.21
CA ASN IB 102 106.19 18.71 -84.97
C ASN IB 102 105.00 18.38 -85.86
N VAL IB 103 104.03 19.28 -85.95
CA VAL IB 103 102.86 19.02 -86.78
C VAL IB 103 103.27 18.91 -88.25
N ASP IB 104 104.24 19.73 -88.68
CA ASP IB 104 104.68 19.67 -90.05
C ASP IB 104 105.22 18.30 -90.41
N THR IB 105 106.00 17.70 -89.52
CA THR IB 105 106.51 16.35 -89.77
C THR IB 105 105.38 15.35 -89.88
N LEU IB 106 104.41 15.42 -88.98
CA LEU IB 106 103.30 14.49 -89.01
C LEU IB 106 102.35 14.79 -90.15
N PHE IB 107 102.00 16.06 -90.34
CA PHE IB 107 100.93 16.45 -91.25
C PHE IB 107 101.43 16.92 -92.60
N ALA IB 108 102.29 17.94 -92.61
CA ALA IB 108 102.72 18.52 -93.88
C ALA IB 108 103.50 17.52 -94.72
N SER IB 109 104.43 16.79 -94.10
CA SER IB 109 105.21 15.80 -94.82
C SER IB 109 104.62 14.41 -94.66
N GLY IB 110 104.40 13.99 -93.42
CA GLY IB 110 103.81 12.69 -93.19
C GLY IB 110 102.37 12.62 -93.65
N ASN IB 111 101.90 11.40 -93.86
CA ASN IB 111 100.54 11.15 -94.34
C ASN IB 111 99.54 11.02 -93.21
N ALA IB 112 99.81 11.63 -92.04
CA ALA IB 112 98.85 11.59 -90.95
C ALA IB 112 97.55 12.28 -91.32
N GLY IB 113 97.59 13.18 -92.30
CA GLY IB 113 96.37 13.80 -92.77
C GLY IB 113 95.43 12.83 -93.44
N LEU IB 114 95.93 11.67 -93.86
CA LEU IB 114 95.11 10.63 -94.46
C LEU IB 114 94.58 9.64 -93.43
N GLY IB 115 94.87 9.84 -92.15
CA GLY IB 115 94.42 8.93 -91.12
C GLY IB 115 95.45 7.96 -90.62
N PHE IB 116 96.70 8.06 -91.05
CA PHE IB 116 97.73 7.12 -90.64
C PHE IB 116 98.54 7.71 -89.49
N LEU IB 117 99.23 6.83 -88.76
CA LEU IB 117 100.15 7.23 -87.70
C LEU IB 117 101.54 6.70 -88.02
N ASP IB 118 102.56 7.49 -87.65
CA ASP IB 118 103.95 7.15 -87.92
C ASP IB 118 104.71 7.19 -86.59
N PRO IB 119 104.76 6.09 -85.85
CA PRO IB 119 105.42 6.11 -84.54
C PRO IB 119 106.90 6.42 -84.60
N THR IB 120 107.55 6.24 -85.76
CA THR IB 120 108.98 6.50 -85.89
C THR IB 120 109.27 7.88 -86.46
N ALA IB 121 108.25 8.72 -86.61
CA ALA IB 121 108.48 10.06 -87.13
C ALA IB 121 109.33 10.88 -86.15
N ALA IB 122 110.19 11.73 -86.70
CA ALA IB 122 111.12 12.50 -85.90
C ALA IB 122 110.42 13.70 -85.29
N ILE IB 123 110.29 13.70 -83.96
CA ILE IB 123 109.65 14.78 -83.22
C ILE IB 123 110.68 15.34 -82.26
N VAL IB 124 110.84 16.67 -82.26
CA VAL IB 124 111.92 17.32 -81.53
C VAL IB 124 111.33 18.24 -80.46
N SER IB 125 112.12 18.52 -79.44
CA SER IB 125 111.69 19.38 -78.35
C SER IB 125 112.08 20.83 -78.61
N SER IB 126 111.53 21.73 -77.78
CA SER IB 126 111.86 23.14 -77.92
C SER IB 126 113.28 23.43 -77.47
N ASP IB 127 113.66 22.93 -76.31
CA ASP IB 127 114.98 23.21 -75.77
C ASP IB 127 116.08 22.60 -76.65
N THR IB 128 117.24 23.25 -76.64
CA THR IB 128 118.34 22.90 -77.54
C THR IB 128 119.56 22.51 -76.72
N THR IB 129 120.36 21.61 -77.28
CA THR IB 129 121.58 21.15 -76.63
C THR IB 129 122.57 22.30 -76.45
N ALA JB 1 108.67 60.62 -74.47
CA ALA JB 1 108.39 59.32 -75.04
C ALA JB 1 108.02 58.32 -73.96
N ASN JB 2 106.74 57.97 -73.89
CA ASN JB 2 106.25 57.01 -72.91
C ASN JB 2 105.56 55.87 -73.62
N LYS JB 3 105.38 54.76 -72.92
CA LYS JB 3 104.73 53.61 -73.52
C LYS JB 3 103.26 53.94 -73.73
N PRO JB 4 102.74 53.80 -74.93
CA PRO JB 4 101.30 54.00 -75.14
C PRO JB 4 100.51 52.72 -74.89
N MET JB 5 99.36 52.84 -74.23
CA MET JB 5 98.54 51.67 -74.02
C MET JB 5 97.87 51.25 -75.33
N GLN JB 6 97.26 50.07 -75.29
CA GLN JB 6 96.38 49.60 -76.35
C GLN JB 6 95.06 49.20 -75.73
N PRO JB 7 93.95 49.33 -76.46
CA PRO JB 7 92.64 48.96 -75.90
C PRO JB 7 92.58 47.47 -75.62
N ILE JB 8 91.97 47.12 -74.48
CA ILE JB 8 91.80 45.73 -74.10
C ILE JB 8 90.34 45.33 -74.26
N THR JB 9 89.46 45.99 -73.51
CA THR JB 9 88.03 45.73 -73.56
C THR JB 9 87.36 46.89 -74.29
N SER JB 10 86.68 46.57 -75.39
CA SER JB 10 86.01 47.56 -76.21
C SER JB 10 84.51 47.37 -76.12
N THR JB 11 83.81 48.46 -75.83
CA THR JB 11 82.36 48.44 -75.69
C THR JB 11 81.83 49.78 -76.17
N ALA JB 12 80.55 49.81 -76.53
CA ALA JB 12 79.93 51.05 -76.99
C ALA JB 12 79.90 52.10 -75.90
N ASN JB 13 80.07 51.71 -74.63
CA ASN JB 13 79.99 52.65 -73.52
C ASN JB 13 81.25 52.66 -72.67
N LYS JB 14 82.26 51.86 -72.99
CA LYS JB 14 83.49 51.83 -72.20
C LYS JB 14 84.65 51.24 -72.98
N ILE JB 15 85.78 51.94 -72.98
CA ILE JB 15 87.01 51.44 -73.59
C ILE JB 15 88.09 51.44 -72.52
N VAL JB 16 88.79 50.32 -72.39
CA VAL JB 16 89.82 50.14 -71.37
C VAL JB 16 91.17 49.99 -72.06
N TRP JB 17 92.11 50.86 -71.72
CA TRP JB 17 93.46 50.78 -72.24
C TRP JB 17 94.38 50.19 -71.18
N SER JB 18 95.24 49.27 -71.58
CA SER JB 18 96.24 48.70 -70.69
C SER JB 18 97.59 48.70 -71.39
N ASP JB 19 98.64 48.77 -70.58
CA ASP JB 19 99.99 48.85 -71.12
C ASP JB 19 100.53 47.47 -71.42
N PRO JB 20 100.98 47.20 -72.64
CA PRO JB 20 101.55 45.88 -72.93
C PRO JB 20 102.78 45.55 -72.09
N THR JB 21 103.60 46.54 -71.76
CA THR JB 21 104.80 46.28 -70.98
C THR JB 21 104.45 45.77 -69.58
N ARG JB 22 103.51 46.44 -68.91
CA ARG JB 22 103.04 46.01 -67.61
C ARG JB 22 101.52 46.14 -67.57
N LEU JB 23 100.84 45.06 -67.17
CA LEU JB 23 99.39 45.02 -67.23
C LEU JB 23 98.72 45.67 -66.02
N SER JB 24 99.48 46.06 -65.02
CA SER JB 24 98.88 46.63 -63.81
C SER JB 24 98.22 47.97 -64.12
N THR JB 25 98.92 48.84 -64.87
CA THR JB 25 98.38 50.16 -65.15
C THR JB 25 97.33 50.11 -66.25
N THR JB 26 96.19 50.74 -65.99
CA THR JB 26 95.10 50.78 -66.97
C THR JB 26 94.51 52.18 -66.98
N PHE JB 27 93.83 52.50 -68.07
CA PHE JB 27 93.10 53.76 -68.21
C PHE JB 27 91.78 53.45 -68.91
N SER JB 28 90.68 53.57 -68.17
CA SER JB 28 89.36 53.23 -68.69
C SER JB 28 88.51 54.48 -68.78
N ALA JB 29 87.81 54.65 -69.90
CA ALA JB 29 86.92 55.78 -70.13
C ALA JB 29 85.50 55.24 -70.27
N SER JB 30 84.68 55.46 -69.25
CA SER JB 30 83.28 55.09 -69.29
C SER JB 30 82.43 56.31 -69.61
N LEU JB 31 81.49 56.13 -70.54
CA LEU JB 31 80.71 57.23 -71.06
C LEU JB 31 79.23 56.86 -71.00
N LEU JB 32 78.41 57.86 -70.68
CA LEU JB 32 76.97 57.64 -70.46
C LEU JB 32 76.20 58.77 -71.13
N ARG JB 33 75.55 58.45 -72.25
CA ARG JB 33 74.67 59.39 -72.92
C ARG JB 33 73.30 59.36 -72.26
N GLN JB 34 72.77 60.52 -71.93
CA GLN JB 34 71.45 60.63 -71.31
C GLN JB 34 70.77 61.88 -71.82
N ARG JB 35 69.52 61.73 -72.25
CA ARG JB 35 68.73 62.85 -72.77
C ARG JB 35 67.92 63.43 -71.63
N VAL JB 36 68.19 64.68 -71.28
CA VAL JB 36 67.60 65.31 -70.10
C VAL JB 36 66.70 66.46 -70.56
N LYS JB 37 65.57 66.60 -69.89
CA LYS JB 37 64.63 67.68 -70.17
C LYS JB 37 64.71 68.71 -69.06
N VAL JB 38 65.01 69.95 -69.43
CA VAL JB 38 65.03 71.06 -68.50
C VAL JB 38 63.84 71.95 -68.84
N GLY JB 39 63.61 72.97 -68.01
CA GLY JB 39 62.49 73.87 -68.20
C GLY JB 39 62.33 74.37 -69.62
N ILE JB 40 61.22 73.98 -70.25
CA ILE JB 40 60.85 74.29 -71.62
C ILE JB 40 62.06 74.23 -72.54
N ALA JB 41 62.86 73.17 -72.41
CA ALA JB 41 63.99 72.95 -73.30
C ALA JB 41 64.39 71.49 -73.24
N GLU JB 42 65.15 71.07 -74.25
CA GLU JB 42 65.67 69.71 -74.31
C GLU JB 42 67.18 69.74 -74.43
N LEU JB 43 67.84 68.95 -73.59
CA LEU JB 43 69.29 68.92 -73.56
C LEU JB 43 69.76 67.47 -73.60
N ASN JB 44 70.99 67.28 -74.04
CA ASN JB 44 71.63 65.97 -74.11
C ASN JB 44 72.82 65.96 -73.16
N ASN JB 45 72.70 65.23 -72.05
CA ASN JB 45 73.73 65.19 -71.03
C ASN JB 45 74.66 64.00 -71.27
N VAL JB 46 75.93 64.19 -70.98
CA VAL JB 46 76.95 63.17 -71.12
C VAL JB 46 77.72 63.06 -69.81
N SER JB 47 77.96 61.83 -69.37
CA SER JB 47 78.67 61.56 -68.13
C SER JB 47 79.94 60.78 -68.45
N GLY JB 48 81.04 61.49 -68.68
CA GLY JB 48 82.29 60.88 -69.04
C GLY JB 48 83.15 60.59 -67.83
N GLN JB 49 83.20 59.32 -67.45
CA GLN JB 49 83.98 58.88 -66.30
C GLN JB 49 85.30 58.31 -66.80
N TYR JB 50 86.41 58.88 -66.32
CA TYR JB 50 87.74 58.47 -66.71
C TYR JB 50 88.50 58.02 -65.46
N VAL JB 51 89.02 56.81 -65.48
CA VAL JB 51 89.71 56.22 -64.34
C VAL JB 51 91.11 55.83 -64.78
N SER JB 52 92.11 56.33 -64.05
CA SER JB 52 93.50 55.97 -64.27
C SER JB 52 94.04 55.36 -62.99
N VAL JB 53 94.60 54.16 -63.08
CA VAL JB 53 95.10 53.43 -61.92
C VAL JB 53 96.50 52.95 -62.21
N TYR JB 54 97.30 52.76 -61.16
CA TYR JB 54 98.68 52.34 -61.29
C TYR JB 54 99.12 51.73 -59.97
N LYS JB 55 99.71 50.53 -60.04
CA LYS JB 55 100.19 49.82 -58.87
C LYS JB 55 101.64 50.19 -58.63
N ARG JB 56 101.93 50.76 -57.47
CA ARG JB 56 103.27 51.19 -57.13
C ARG JB 56 103.74 50.46 -55.88
N PRO JB 57 104.92 49.86 -55.90
CA PRO JB 57 105.44 49.20 -54.70
C PRO JB 57 105.74 50.21 -53.61
N ALA JB 58 105.77 49.71 -52.38
CA ALA JB 58 106.07 50.55 -51.23
C ALA JB 58 107.48 51.12 -51.36
N PRO JB 59 107.75 52.26 -50.74
CA PRO JB 59 109.06 52.92 -50.89
C PRO JB 59 110.22 52.06 -50.42
N LYS JB 60 109.93 51.02 -49.64
CA LYS JB 60 110.85 49.99 -49.13
C LYS JB 60 111.82 50.60 -48.12
N PRO JB 61 112.32 49.81 -47.17
CA PRO JB 61 113.23 50.36 -46.17
C PRO JB 61 114.47 50.96 -46.81
N GLU JB 62 114.92 52.09 -46.26
CA GLU JB 62 116.07 52.80 -46.81
C GLU JB 62 117.34 51.99 -46.60
N GLY JB 63 118.35 52.27 -47.41
CA GLY JB 63 119.61 51.56 -47.31
C GLY JB 63 119.59 50.24 -48.05
N CYS JB 64 118.87 49.26 -47.52
CA CYS JB 64 118.65 47.99 -48.20
C CYS JB 64 118.15 48.20 -49.63
N ALA JB 65 118.96 47.76 -50.58
CA ALA JB 65 118.56 47.72 -51.98
C ALA JB 65 118.84 46.35 -52.57
N ASP JB 66 119.94 45.73 -52.12
CA ASP JB 66 120.48 44.51 -52.73
C ASP JB 66 119.51 43.33 -52.73
N ALA JB 67 118.94 43.01 -51.57
CA ALA JB 67 118.14 41.80 -51.43
C ALA JB 67 116.87 41.90 -52.26
N CYS JB 68 116.55 40.82 -52.98
CA CYS JB 68 115.35 40.80 -53.79
C CYS JB 68 114.12 40.61 -52.92
N VAL JB 69 113.53 41.72 -52.49
CA VAL JB 69 112.32 41.72 -51.68
C VAL JB 69 111.24 42.45 -52.47
N ILE JB 70 110.08 41.81 -52.61
CA ILE JB 70 108.98 42.38 -53.39
C ILE JB 70 107.92 42.82 -52.39
N MET JB 71 108.02 44.09 -51.98
CA MET JB 71 106.99 44.67 -51.15
C MET JB 71 105.69 44.80 -51.95
N PRO JB 72 104.54 44.56 -51.33
CA PRO JB 72 103.29 44.63 -52.08
C PRO JB 72 103.03 46.04 -52.60
N ASN JB 73 102.48 46.12 -53.81
CA ASN JB 73 102.20 47.40 -54.43
C ASN JB 73 100.94 48.03 -53.83
N GLU JB 74 100.93 49.36 -53.83
CA GLU JB 74 99.77 50.13 -53.42
C GLU JB 74 99.20 50.87 -54.63
N ASN JB 75 97.88 50.89 -54.72
CA ASN JB 75 97.18 51.42 -55.88
C ASN JB 75 97.14 52.95 -55.83
N GLN JB 76 97.21 53.57 -57.01
CA GLN JB 76 97.13 55.02 -57.15
C GLN JB 76 95.97 55.30 -58.10
N SER JB 77 94.82 55.64 -57.54
CA SER JB 77 93.57 55.73 -58.29
C SER JB 77 93.19 57.18 -58.49
N ILE JB 78 92.83 57.52 -59.73
CA ILE JB 78 92.37 58.87 -60.09
C ILE JB 78 91.13 58.71 -60.94
N ARG JB 79 90.00 59.21 -60.46
CA ARG JB 79 88.73 59.14 -61.17
C ARG JB 79 88.25 60.55 -61.47
N THR JB 80 87.82 60.77 -62.71
CA THR JB 80 87.29 62.05 -63.13
C THR JB 80 85.98 61.83 -63.87
N VAL JB 81 84.95 62.55 -63.47
CA VAL JB 81 83.64 62.49 -64.12
C VAL JB 81 83.32 63.88 -64.67
N ILE JB 82 82.90 63.91 -65.93
CA ILE JB 82 82.52 65.15 -66.59
C ILE JB 82 81.03 65.07 -66.87
N SER JB 83 80.30 66.07 -66.43
CA SER JB 83 78.86 66.13 -66.63
C SER JB 83 78.50 67.47 -67.26
N GLY JB 84 77.53 67.45 -68.13
CA GLY JB 84 77.06 68.68 -68.76
C GLY JB 84 76.44 68.42 -70.11
N SER JB 85 75.78 69.45 -70.64
CA SER JB 85 75.11 69.33 -71.92
C SER JB 85 76.10 69.35 -73.06
N ALA JB 86 75.79 68.60 -74.12
CA ALA JB 86 76.64 68.62 -75.31
C ALA JB 86 76.51 69.95 -76.05
N GLU JB 87 75.37 70.62 -75.93
CA GLU JB 87 75.19 71.91 -76.60
C GLU JB 87 76.06 73.00 -75.99
N ASN JB 88 76.41 72.87 -74.71
CA ASN JB 88 77.34 73.79 -74.07
C ASN JB 88 78.73 73.18 -73.96
N LEU JB 89 79.12 72.35 -74.92
CA LEU JB 89 80.42 71.70 -74.87
C LEU JB 89 81.56 72.70 -75.00
N ALA JB 90 81.42 73.69 -75.87
CA ALA JB 90 82.51 74.63 -76.12
C ALA JB 90 82.89 75.37 -74.85
N THR JB 91 81.89 75.83 -74.09
CA THR JB 91 82.18 76.49 -72.83
C THR JB 91 82.58 75.50 -71.76
N LEU JB 92 82.08 74.27 -71.82
CA LEU JB 92 82.45 73.27 -70.84
C LEU JB 92 83.93 72.92 -70.95
N LYS JB 93 84.45 72.86 -72.18
CA LYS JB 93 85.87 72.56 -72.36
C LYS JB 93 86.74 73.61 -71.68
N ALA JB 94 86.40 74.88 -71.84
CA ALA JB 94 87.16 75.93 -71.16
C ALA JB 94 87.07 75.79 -69.66
N GLU JB 95 85.88 75.45 -69.14
CA GLU JB 95 85.73 75.33 -67.70
C GLU JB 95 86.53 74.15 -67.19
N TRP JB 96 86.65 73.09 -67.99
CA TRP JB 96 87.68 72.07 -67.78
C TRP JB 96 89.08 72.64 -67.76
N GLU JB 97 89.40 73.56 -68.65
CA GLU JB 97 90.78 74.05 -68.67
C GLU JB 97 91.12 74.71 -67.33
N THR JB 98 90.17 75.46 -66.78
CA THR JB 98 90.39 76.06 -65.46
C THR JB 98 90.51 75.01 -64.38
N HIS JB 99 89.69 73.95 -64.45
CA HIS JB 99 89.67 72.95 -63.39
C HIS JB 99 91.07 72.35 -63.20
N LYS JB 100 91.82 72.18 -64.28
CA LYS JB 100 93.20 71.75 -64.16
C LYS JB 100 93.99 72.75 -63.33
N ARG JB 101 93.92 74.02 -63.73
CA ARG JB 101 94.67 75.07 -63.02
C ARG JB 101 94.17 75.19 -61.59
N ASN JB 102 92.88 75.00 -61.38
CA ASN JB 102 92.31 75.11 -60.04
C ASN JB 102 92.91 74.07 -59.11
N VAL JB 103 93.05 72.83 -59.58
CA VAL JB 103 93.58 71.78 -58.71
C VAL JB 103 95.09 71.79 -58.72
N ASP JB 104 95.70 72.18 -59.84
CA ASP JB 104 97.16 72.20 -59.91
C ASP JB 104 97.75 73.19 -58.92
N THR JB 105 97.18 74.39 -58.83
CA THR JB 105 97.68 75.38 -57.89
C THR JB 105 97.45 74.96 -56.45
N LEU JB 106 96.57 74.00 -56.21
CA LEU JB 106 96.26 73.54 -54.87
C LEU JB 106 96.89 72.20 -54.54
N PHE JB 107 97.06 71.31 -55.52
CA PHE JB 107 97.62 69.99 -55.28
C PHE JB 107 98.99 69.82 -55.95
N ALA JB 108 99.08 70.03 -57.26
CA ALA JB 108 100.34 69.80 -57.96
C ALA JB 108 101.39 70.82 -57.53
N SER JB 109 101.04 72.10 -57.58
CA SER JB 109 101.96 73.14 -57.13
C SER JB 109 101.97 73.25 -55.61
N GLY JB 110 100.81 73.15 -54.97
CA GLY JB 110 100.73 73.18 -53.53
C GLY JB 110 101.15 71.85 -52.93
N ASN JB 111 100.87 71.72 -51.64
CA ASN JB 111 101.20 70.52 -50.89
C ASN JB 111 99.97 69.89 -50.26
N ALA JB 112 98.83 69.97 -50.95
CA ALA JB 112 97.63 69.33 -50.47
C ALA JB 112 97.72 67.81 -50.50
N GLY JB 113 98.65 67.27 -51.29
CA GLY JB 113 98.81 65.82 -51.33
C GLY JB 113 99.19 65.24 -49.99
N LEU JB 114 99.95 65.97 -49.19
CA LEU JB 114 100.29 65.51 -47.85
C LEU JB 114 99.09 65.50 -46.92
N GLY JB 115 97.98 66.11 -47.31
CA GLY JB 115 96.81 66.19 -46.47
C GLY JB 115 96.52 67.56 -45.89
N PHE JB 116 97.22 68.59 -46.33
CA PHE JB 116 97.03 69.94 -45.82
C PHE JB 116 96.11 70.72 -46.74
N LEU JB 117 95.28 71.57 -46.15
CA LEU JB 117 94.39 72.44 -46.90
C LEU JB 117 94.86 73.88 -46.76
N ASP JB 118 94.99 74.57 -47.89
CA ASP JB 118 95.51 75.92 -47.89
C ASP JB 118 94.35 76.87 -48.10
N PRO JB 119 93.79 77.48 -47.04
CA PRO JB 119 92.68 78.41 -47.24
C PRO JB 119 93.03 79.63 -48.07
N THR JB 120 94.28 80.10 -48.01
CA THR JB 120 94.67 81.30 -48.72
C THR JB 120 95.20 81.01 -50.11
N ALA JB 121 95.10 79.77 -50.59
CA ALA JB 121 95.50 79.46 -51.96
C ALA JB 121 94.67 80.26 -52.94
N ALA JB 122 95.33 80.87 -53.92
CA ALA JB 122 94.68 81.76 -54.87
C ALA JB 122 94.18 80.94 -56.05
N ILE JB 123 92.90 80.59 -56.01
CA ILE JB 123 92.29 79.89 -57.13
C ILE JB 123 91.46 80.88 -57.93
N VAL JB 124 91.16 80.50 -59.17
CA VAL JB 124 90.55 81.42 -60.12
C VAL JB 124 89.42 80.70 -60.84
N SER JB 125 88.44 81.47 -61.32
CA SER JB 125 87.22 80.94 -61.88
C SER JB 125 87.28 80.87 -63.40
N SER JB 126 86.25 80.25 -63.98
CA SER JB 126 86.18 80.13 -65.43
C SER JB 126 85.92 81.48 -66.09
N ASP JB 127 85.00 82.26 -65.53
CA ASP JB 127 84.63 83.53 -66.13
C ASP JB 127 85.79 84.52 -66.02
N THR JB 128 86.19 85.08 -67.16
CA THR JB 128 87.30 86.01 -67.22
C THR JB 128 86.80 87.42 -66.92
N THR JB 129 87.70 88.39 -67.02
CA THR JB 129 87.37 89.79 -66.77
C THR JB 129 87.41 90.61 -68.05
N ALA KB 1 -17.19 80.72 119.32
CA ALA KB 1 -16.74 79.51 120.00
C ALA KB 1 -16.29 78.46 118.99
N ASN KB 2 -16.43 78.80 117.72
CA ASN KB 2 -16.10 77.89 116.63
C ASN KB 2 -14.62 77.97 116.29
N LYS KB 3 -14.06 76.82 115.93
CA LYS KB 3 -12.65 76.78 115.54
C LYS KB 3 -12.50 77.28 114.12
N PRO KB 4 -11.72 78.34 113.89
CA PRO KB 4 -11.51 78.80 112.52
C PRO KB 4 -10.69 77.80 111.72
N MET KB 5 -10.90 77.80 110.41
CA MET KB 5 -10.11 77.00 109.49
C MET KB 5 -8.96 77.83 108.98
N GLN KB 6 -7.83 77.24 108.89
CA GLN KB 6 -6.84 78.03 108.17
C GLN KB 6 -6.73 77.53 106.74
N PRO KB 7 -6.60 78.43 105.77
CA PRO KB 7 -6.66 78.03 104.37
C PRO KB 7 -5.49 77.13 104.00
N ILE KB 8 -5.75 76.19 103.09
CA ILE KB 8 -4.75 75.23 102.67
C ILE KB 8 -4.44 75.28 101.19
N THR KB 9 -5.23 76.02 100.40
CA THR KB 9 -4.98 76.11 98.96
C THR KB 9 -5.56 77.44 98.49
N SER KB 10 -4.68 78.42 98.26
CA SER KB 10 -5.09 79.76 97.90
C SER KB 10 -4.80 80.02 96.43
N THR KB 11 -5.81 80.56 95.73
CA THR KB 11 -5.66 80.93 94.33
C THR KB 11 -6.62 82.09 94.07
N ALA KB 12 -6.31 82.86 93.02
CA ALA KB 12 -7.19 83.95 92.64
C ALA KB 12 -8.55 83.49 92.17
N ASN KB 13 -8.71 82.20 91.89
CA ASN KB 13 -9.97 81.64 91.43
C ASN KB 13 -10.60 80.66 92.40
N LYS KB 14 -9.91 80.32 93.49
CA LYS KB 14 -10.44 79.33 94.42
C LYS KB 14 -9.64 79.38 95.71
N ILE KB 15 -10.34 79.34 96.84
CA ILE KB 15 -9.72 79.23 98.16
C ILE KB 15 -10.37 78.05 98.87
N VAL KB 16 -9.55 77.25 99.55
CA VAL KB 16 -10.03 76.10 100.31
C VAL KB 16 -9.56 76.23 101.74
N TRP KB 17 -10.50 76.25 102.67
CA TRP KB 17 -10.19 76.20 104.08
C TRP KB 17 -10.41 74.79 104.62
N SER KB 18 -9.66 74.44 105.66
CA SER KB 18 -9.77 73.12 106.27
C SER KB 18 -9.45 73.23 107.75
N ASP KB 19 -10.16 72.44 108.54
CA ASP KB 19 -9.96 72.44 109.97
C ASP KB 19 -8.63 71.78 110.31
N PRO KB 20 -7.73 72.44 111.01
CA PRO KB 20 -6.48 71.76 111.42
C PRO KB 20 -6.74 70.54 112.29
N THR KB 21 -7.76 70.59 113.15
CA THR KB 21 -8.06 69.44 113.98
C THR KB 21 -8.53 68.26 113.14
N ARG KB 22 -9.44 68.51 112.19
CA ARG KB 22 -9.94 67.48 111.29
C ARG KB 22 -9.84 68.01 109.86
N LEU KB 23 -8.81 67.58 109.14
CA LEU KB 23 -8.64 68.06 107.77
C LEU KB 23 -9.73 67.59 106.84
N SER KB 24 -10.56 66.63 107.28
CA SER KB 24 -11.69 66.21 106.47
C SER KB 24 -12.68 67.35 106.25
N THR KB 25 -12.97 68.11 107.31
CA THR KB 25 -13.86 69.24 107.18
C THR KB 25 -13.26 70.30 106.27
N THR KB 26 -14.05 70.74 105.28
CA THR KB 26 -13.55 71.70 104.30
C THR KB 26 -14.62 72.74 104.02
N PHE KB 27 -14.17 73.90 103.58
CA PHE KB 27 -15.03 74.93 103.03
C PHE KB 27 -14.30 75.55 101.85
N SER KB 28 -14.81 75.31 100.64
CA SER KB 28 -14.17 75.77 99.42
C SER KB 28 -15.04 76.82 98.75
N ALA KB 29 -14.41 77.89 98.28
CA ALA KB 29 -15.11 78.96 97.58
C ALA KB 29 -14.34 79.28 96.31
N SER KB 30 -15.01 79.17 95.17
CA SER KB 30 -14.39 79.45 93.87
C SER KB 30 -15.31 80.35 93.08
N LEU KB 31 -14.75 81.39 92.48
CA LEU KB 31 -15.50 82.28 91.62
C LEU KB 31 -15.30 81.89 90.16
N LEU KB 32 -16.18 82.40 89.31
CA LEU KB 32 -16.08 82.17 87.88
C LEU KB 32 -16.73 83.37 87.21
N ARG KB 33 -15.91 84.31 86.75
CA ARG KB 33 -16.37 85.60 86.29
C ARG KB 33 -16.28 85.68 84.78
N GLN KB 34 -17.30 86.25 84.15
CA GLN KB 34 -17.32 86.47 82.71
C GLN KB 34 -18.17 87.70 82.42
N ARG KB 35 -17.97 88.25 81.23
CA ARG KB 35 -18.68 89.44 80.78
C ARG KB 35 -19.90 88.97 80.00
N VAL KB 36 -21.07 89.46 80.39
CA VAL KB 36 -22.33 89.03 79.79
C VAL KB 36 -22.99 90.20 79.08
N LYS KB 37 -23.54 89.91 77.90
CA LYS KB 37 -24.11 90.93 77.03
C LYS KB 37 -25.61 90.99 77.22
N VAL KB 38 -26.12 92.22 77.44
CA VAL KB 38 -27.55 92.48 77.47
C VAL KB 38 -27.83 93.50 76.39
N GLY KB 39 -29.09 93.96 76.31
CA GLY KB 39 -29.47 94.95 75.32
C GLY KB 39 -28.57 96.16 75.30
N ILE KB 40 -27.83 96.33 74.20
CA ILE KB 40 -26.87 97.41 73.95
C ILE KB 40 -26.11 97.80 75.21
N ALA KB 41 -25.75 96.82 76.03
CA ALA KB 41 -24.98 97.06 77.23
C ALA KB 41 -24.22 95.80 77.59
N GLU KB 42 -23.02 96.00 78.15
CA GLU KB 42 -22.15 94.92 78.56
C GLU KB 42 -22.04 94.92 80.08
N LEU KB 43 -22.26 93.75 80.68
CA LEU KB 43 -22.33 93.67 82.13
C LEU KB 43 -21.42 92.56 82.62
N ASN KB 44 -20.83 92.78 83.80
CA ASN KB 44 -19.92 91.82 84.42
C ASN KB 44 -20.73 90.89 85.31
N ASN KB 45 -20.72 89.60 84.97
CA ASN KB 45 -21.46 88.60 85.73
C ASN KB 45 -20.50 87.75 86.54
N VAL KB 46 -20.83 87.55 87.81
CA VAL KB 46 -20.02 86.76 88.74
C VAL KB 46 -20.86 85.60 89.24
N SER KB 47 -20.32 84.39 89.15
CA SER KB 47 -21.01 83.17 89.56
C SER KB 47 -20.20 82.51 90.67
N GLY KB 48 -20.47 82.91 91.91
CA GLY KB 48 -19.78 82.31 93.03
C GLY KB 48 -20.25 80.89 93.30
N GLN KB 49 -19.41 80.14 94.00
CA GLN KB 49 -19.72 78.77 94.38
C GLN KB 49 -19.07 78.47 95.73
N TYR KB 50 -19.87 78.03 96.69
CA TYR KB 50 -19.40 77.75 98.03
C TYR KB 50 -19.84 76.36 98.44
N VAL KB 51 -18.90 75.54 98.91
CA VAL KB 51 -19.15 74.15 99.26
C VAL KB 51 -18.67 73.90 100.68
N SER KB 52 -19.53 73.31 101.49
CA SER KB 52 -19.17 72.86 102.83
C SER KB 52 -19.27 71.35 102.87
N VAL KB 53 -18.19 70.68 103.27
CA VAL KB 53 -18.12 69.23 103.27
C VAL KB 53 -17.69 68.77 104.66
N TYR KB 54 -18.38 67.75 105.18
CA TYR KB 54 -18.09 67.26 106.52
C TYR KB 54 -18.35 65.76 106.53
N LYS KB 55 -17.30 64.97 106.35
CA LYS KB 55 -17.40 63.54 106.58
C LYS KB 55 -17.80 63.28 108.03
N ARG KB 56 -18.71 62.34 108.22
CA ARG KB 56 -19.17 62.07 109.57
C ARG KB 56 -19.83 60.70 109.65
N PRO KB 57 -19.47 59.89 110.64
CA PRO KB 57 -20.13 58.59 110.80
C PRO KB 57 -21.37 58.69 111.68
N ALA KB 58 -22.50 58.23 111.19
CA ALA KB 58 -23.70 58.39 112.00
C ALA KB 58 -24.60 57.15 112.09
N PRO KB 59 -24.07 55.94 112.30
CA PRO KB 59 -24.96 54.88 112.80
C PRO KB 59 -25.47 55.23 114.18
N LYS KB 60 -24.53 55.43 115.11
CA LYS KB 60 -24.74 55.70 116.54
C LYS KB 60 -25.93 54.93 117.11
N PRO KB 61 -25.81 53.60 117.26
CA PRO KB 61 -26.82 52.87 118.02
C PRO KB 61 -27.00 53.47 119.40
N GLU KB 62 -28.22 53.90 119.72
CA GLU KB 62 -28.49 54.74 120.88
C GLU KB 62 -28.00 54.12 122.18
N GLY KB 63 -27.34 54.94 123.01
CA GLY KB 63 -26.86 54.48 124.29
C GLY KB 63 -25.52 53.78 124.19
N CYS KB 64 -25.57 52.45 124.20
CA CYS KB 64 -24.39 51.60 124.08
C CYS KB 64 -23.60 51.94 122.83
N ALA KB 65 -22.27 51.95 122.95
CA ALA KB 65 -21.38 52.08 121.81
C ALA KB 65 -20.01 51.55 122.20
N ASP KB 66 -19.30 50.96 121.24
CA ASP KB 66 -17.91 50.63 121.48
C ASP KB 66 -17.11 51.90 121.73
N ALA KB 67 -17.43 52.99 121.02
CA ALA KB 67 -16.91 54.32 121.27
C ALA KB 67 -15.40 54.38 121.12
N CYS KB 68 -14.79 53.29 120.67
CA CYS KB 68 -13.34 53.24 120.56
C CYS KB 68 -12.91 52.63 119.23
N VAL KB 69 -13.87 52.14 118.44
CA VAL KB 69 -13.62 51.65 117.10
C VAL KB 69 -14.48 52.49 116.16
N ILE KB 70 -13.83 53.11 115.16
CA ILE KB 70 -14.53 54.06 114.31
C ILE KB 70 -15.54 53.35 113.43
N MET KB 71 -16.59 54.07 113.03
CA MET KB 71 -17.64 53.71 112.10
C MET KB 71 -17.38 54.34 110.74
N PRO KB 72 -17.82 53.70 109.65
CA PRO KB 72 -17.65 54.31 108.33
C PRO KB 72 -18.37 55.64 108.25
N ASN KB 73 -17.74 56.60 107.56
CA ASN KB 73 -18.27 57.95 107.49
C ASN KB 73 -19.24 58.08 106.31
N GLU KB 74 -20.10 59.10 106.39
CA GLU KB 74 -21.00 59.44 105.30
C GLU KB 74 -20.89 60.93 105.04
N ASN KB 75 -21.36 61.35 103.87
CA ASN KB 75 -21.11 62.69 103.36
C ASN KB 75 -22.21 63.64 103.83
N GLN KB 76 -21.79 64.78 104.36
CA GLN KB 76 -22.68 65.90 104.62
C GLN KB 76 -22.16 67.09 103.85
N SER KB 77 -22.88 67.47 102.79
CA SER KB 77 -22.42 68.52 101.89
C SER KB 77 -23.51 69.54 101.66
N ILE KB 78 -23.09 70.79 101.47
CA ILE KB 78 -23.99 71.90 101.19
C ILE KB 78 -23.32 72.76 100.13
N ARG KB 79 -23.98 72.92 98.98
CA ARG KB 79 -23.44 73.69 97.87
C ARG KB 79 -24.40 74.82 97.51
N THR KB 80 -23.85 76.01 97.33
CA THR KB 80 -24.62 77.16 96.89
C THR KB 80 -23.87 77.85 95.77
N VAL KB 81 -24.61 78.34 94.78
CA VAL KB 81 -24.05 79.14 93.70
C VAL KB 81 -24.85 80.43 93.61
N ILE KB 82 -24.14 81.56 93.52
CA ILE KB 82 -24.76 82.87 93.43
C ILE KB 82 -24.36 83.46 92.09
N SER KB 83 -25.33 83.71 91.23
CA SER KB 83 -25.09 84.25 89.90
C SER KB 83 -25.81 85.58 89.78
N GLY KB 84 -25.11 86.58 89.25
CA GLY KB 84 -25.71 87.88 89.05
C GLY KB 84 -24.67 88.90 88.67
N SER KB 85 -25.15 90.01 88.13
CA SER KB 85 -24.28 91.10 87.73
C SER KB 85 -23.67 91.76 88.95
N ALA KB 86 -22.40 92.16 88.84
CA ALA KB 86 -21.69 92.73 89.98
C ALA KB 86 -22.33 94.04 90.43
N GLU KB 87 -22.74 94.88 89.49
CA GLU KB 87 -23.32 96.17 89.84
C GLU KB 87 -24.65 96.03 90.56
N ASN KB 88 -25.35 94.90 90.37
CA ASN KB 88 -26.58 94.62 91.09
C ASN KB 88 -26.32 93.89 92.39
N LEU KB 89 -25.14 94.05 92.97
CA LEU KB 89 -24.86 93.39 94.23
C LEU KB 89 -25.71 93.94 95.36
N ALA KB 90 -26.05 95.23 95.28
CA ALA KB 90 -26.85 95.83 96.34
C ALA KB 90 -28.20 95.12 96.49
N THR KB 91 -28.88 94.89 95.37
CA THR KB 91 -30.13 94.15 95.43
C THR KB 91 -29.91 92.67 95.65
N LEU KB 92 -28.78 92.14 95.19
CA LEU KB 92 -28.53 90.71 95.34
C LEU KB 92 -28.30 90.34 96.79
N LYS KB 93 -27.92 91.32 97.63
CA LYS KB 93 -27.84 91.07 99.06
C LYS KB 93 -29.18 90.60 99.60
N ALA KB 94 -30.25 91.34 99.30
CA ALA KB 94 -31.57 90.97 99.78
C ALA KB 94 -32.01 89.61 99.25
N GLU KB 95 -31.69 89.33 97.99
CA GLU KB 95 -32.05 88.04 97.42
C GLU KB 95 -31.41 86.90 98.21
N TRP KB 96 -30.15 87.09 98.62
CA TRP KB 96 -29.50 86.12 99.51
C TRP KB 96 -30.23 86.04 100.84
N GLU KB 97 -30.68 87.18 101.37
CA GLU KB 97 -31.35 87.18 102.66
C GLU KB 97 -32.68 86.44 102.59
N THR KB 98 -33.51 86.75 101.61
CA THR KB 98 -34.79 86.07 101.49
C THR KB 98 -34.59 84.58 101.20
N HIS KB 99 -33.59 84.26 100.39
CA HIS KB 99 -33.31 82.85 100.09
C HIS KB 99 -33.03 82.07 101.35
N LYS KB 100 -32.44 82.71 102.36
CA LYS KB 100 -32.28 82.07 103.65
C LYS KB 100 -33.63 81.72 104.27
N ARG KB 101 -34.54 82.70 104.31
CA ARG KB 101 -35.83 82.49 104.95
C ARG KB 101 -36.62 81.39 104.25
N ASN KB 102 -36.62 81.39 102.92
CA ASN KB 102 -37.36 80.39 102.17
C ASN KB 102 -36.84 79.00 102.47
N VAL KB 103 -35.51 78.84 102.51
CA VAL KB 103 -34.95 77.54 102.86
C VAL KB 103 -35.18 77.24 104.33
N ASP KB 104 -35.02 78.24 105.19
CA ASP KB 104 -35.16 78.02 106.63
C ASP KB 104 -36.55 77.52 106.97
N THR KB 105 -37.58 78.14 106.38
CA THR KB 105 -38.94 77.74 106.71
C THR KB 105 -39.26 76.34 106.19
N LEU KB 106 -38.49 75.85 105.22
CA LEU KB 106 -38.66 74.49 104.75
C LEU KB 106 -37.71 73.51 105.41
N PHE KB 107 -36.52 73.95 105.79
CA PHE KB 107 -35.48 73.07 106.28
C PHE KB 107 -35.23 73.23 107.78
N ALA KB 108 -34.96 74.45 108.24
CA ALA KB 108 -34.70 74.66 109.66
C ALA KB 108 -35.92 74.31 110.50
N SER KB 109 -37.11 74.71 110.05
CA SER KB 109 -38.34 74.44 110.78
C SER KB 109 -39.19 73.35 110.14
N GLY KB 110 -39.17 73.22 108.82
CA GLY KB 110 -39.97 72.23 108.14
C GLY KB 110 -39.33 70.85 108.17
N ASN KB 111 -39.95 69.94 107.42
CA ASN KB 111 -39.50 68.56 107.34
C ASN KB 111 -38.86 68.24 106.00
N ALA KB 112 -38.42 69.26 105.26
CA ALA KB 112 -37.73 68.98 104.00
C ALA KB 112 -36.46 68.19 104.23
N GLY KB 113 -35.82 68.35 105.39
CA GLY KB 113 -34.67 67.53 105.70
C GLY KB 113 -35.01 66.07 105.80
N LEU KB 114 -36.22 65.76 106.27
CA LEU KB 114 -36.67 64.38 106.34
C LEU KB 114 -37.14 63.85 104.99
N GLY KB 115 -37.38 64.73 104.02
CA GLY KB 115 -37.86 64.32 102.72
C GLY KB 115 -39.33 64.61 102.50
N PHE KB 116 -39.83 65.69 103.09
CA PHE KB 116 -41.23 66.05 103.00
C PHE KB 116 -41.37 67.46 102.43
N LEU KB 117 -42.31 67.62 101.51
CA LEU KB 117 -42.62 68.92 100.93
C LEU KB 117 -43.98 69.38 101.44
N ASP KB 118 -44.02 70.57 102.03
CA ASP KB 118 -45.26 71.11 102.59
C ASP KB 118 -45.77 72.22 101.69
N PRO KB 119 -46.86 71.99 100.93
CA PRO KB 119 -47.34 73.02 100.01
C PRO KB 119 -47.82 74.29 100.70
N THR KB 120 -48.20 74.22 101.97
CA THR KB 120 -48.75 75.38 102.65
C THR KB 120 -47.70 76.19 103.41
N ALA KB 121 -46.42 75.93 103.17
CA ALA KB 121 -45.37 76.72 103.80
C ALA KB 121 -45.38 78.14 103.28
N ALA KB 122 -45.02 79.09 104.15
CA ALA KB 122 -45.01 80.49 103.78
C ALA KB 122 -43.72 80.85 103.06
N ILE KB 123 -43.85 81.38 101.86
CA ILE KB 123 -42.70 81.81 101.05
C ILE KB 123 -42.86 83.30 100.77
N VAL KB 124 -41.81 84.05 101.09
CA VAL KB 124 -41.85 85.51 101.00
C VAL KB 124 -40.81 85.96 99.99
N SER KB 125 -41.15 86.98 99.21
CA SER KB 125 -40.28 87.44 98.13
C SER KB 125 -39.35 88.54 98.61
N SER KB 126 -38.41 88.92 97.74
CA SER KB 126 -37.51 90.02 98.06
C SER KB 126 -38.25 91.35 98.04
N ASP KB 127 -39.27 91.48 97.21
CA ASP KB 127 -40.01 92.73 97.12
C ASP KB 127 -40.76 92.99 98.43
N THR KB 128 -40.85 94.26 98.81
CA THR KB 128 -41.47 94.67 100.06
C THR KB 128 -42.71 95.50 99.77
N THR KB 129 -43.78 95.19 100.49
CA THR KB 129 -45.04 95.92 100.35
C THR KB 129 -44.87 97.40 100.68
N ALA LB 1 -6.22 112.07 94.17
CA ALA LB 1 -7.29 111.34 94.83
C ALA LB 1 -8.13 110.58 93.81
N ASN LB 2 -7.74 109.33 93.56
CA ASN LB 2 -8.43 108.50 92.58
C ASN LB 2 -8.72 107.14 93.20
N LYS LB 3 -9.64 106.43 92.59
CA LYS LB 3 -10.04 105.12 93.09
C LYS LB 3 -8.92 104.11 92.89
N PRO LB 4 -8.43 103.47 93.95
CA PRO LB 4 -7.44 102.41 93.78
C PRO LB 4 -8.08 101.11 93.29
N MET LB 5 -7.24 100.23 92.79
CA MET LB 5 -7.68 98.92 92.35
C MET LB 5 -7.22 97.85 93.35
N GLN LB 6 -7.70 96.64 93.12
CA GLN LB 6 -7.23 95.46 93.82
C GLN LB 6 -6.93 94.36 92.80
N PRO LB 7 -5.98 93.49 93.09
CA PRO LB 7 -5.66 92.43 92.13
C PRO LB 7 -6.84 91.50 91.92
N ILE LB 8 -7.02 91.08 90.66
CA ILE LB 8 -8.06 90.12 90.31
C ILE LB 8 -7.44 88.74 90.21
N THR LB 9 -6.48 88.58 89.30
CA THR LB 9 -5.86 87.29 89.03
C THR LB 9 -4.38 87.37 89.36
N SER LB 10 -3.93 86.52 90.27
CA SER LB 10 -2.52 86.39 90.58
C SER LB 10 -1.99 85.15 89.87
N THR LB 11 -1.00 85.34 89.00
CA THR LB 11 -0.41 84.25 88.25
C THR LB 11 1.10 84.30 88.46
N ALA LB 12 1.79 83.25 88.03
CA ALA LB 12 3.23 83.18 88.21
C ALA LB 12 3.92 84.36 87.52
N ASN LB 13 3.36 84.84 86.42
CA ASN LB 13 3.98 85.92 85.66
C ASN LB 13 2.94 86.91 85.17
N LYS LB 14 1.86 87.09 85.92
CA LYS LB 14 0.82 88.02 85.48
C LYS LB 14 -0.06 88.40 86.65
N ILE LB 15 -0.26 89.70 86.84
CA ILE LB 15 -1.18 90.22 87.85
C ILE LB 15 -2.14 91.17 87.15
N VAL LB 16 -3.41 91.10 87.51
CA VAL LB 16 -4.45 91.93 86.91
C VAL LB 16 -5.18 92.68 88.01
N TRP LB 17 -5.25 94.00 87.87
CA TRP LB 17 -5.99 94.85 88.79
C TRP LB 17 -7.27 95.34 88.15
N SER LB 18 -8.30 95.53 88.97
CA SER LB 18 -9.57 96.05 88.50
C SER LB 18 -10.18 96.93 89.57
N ASP LB 19 -11.02 97.86 89.12
CA ASP LB 19 -11.66 98.82 90.02
C ASP LB 19 -12.95 98.23 90.55
N PRO LB 20 -13.10 98.08 91.88
CA PRO LB 20 -14.34 97.49 92.39
C PRO LB 20 -15.59 98.26 91.99
N THR LB 21 -15.54 99.59 91.96
CA THR LB 21 -16.72 100.35 91.61
C THR LB 21 -16.99 100.33 90.11
N ARG LB 22 -16.01 99.94 89.30
CA ARG LB 22 -16.22 99.82 87.86
C ARG LB 22 -15.27 98.73 87.37
N LEU LB 23 -15.80 97.50 87.25
CA LEU LB 23 -14.96 96.37 86.86
C LEU LB 23 -14.48 96.46 85.43
N SER LB 24 -15.01 97.39 84.64
CA SER LB 24 -14.62 97.50 83.25
C SER LB 24 -13.14 97.85 83.11
N THR LB 25 -12.71 98.91 83.79
CA THR LB 25 -11.33 99.34 83.68
C THR LB 25 -10.40 98.33 84.36
N THR LB 26 -9.25 98.11 83.75
CA THR LB 26 -8.30 97.12 84.24
C THR LB 26 -6.87 97.64 84.04
N PHE LB 27 -5.93 96.92 84.62
CA PHE LB 27 -4.50 97.18 84.44
C PHE LB 27 -3.74 95.90 84.74
N SER LB 28 -3.14 95.32 83.70
CA SER LB 28 -2.47 94.04 83.83
C SER LB 28 -1.00 94.17 83.48
N ALA LB 29 -0.18 93.37 84.17
CA ALA LB 29 1.25 93.34 83.93
C ALA LB 29 1.70 91.90 83.76
N SER LB 30 2.48 91.65 82.71
CA SER LB 30 3.02 90.31 82.45
C SER LB 30 4.50 90.42 82.17
N LEU LB 31 5.27 89.49 82.74
CA LEU LB 31 6.73 89.54 82.67
C LEU LB 31 7.27 88.23 82.13
N LEU LB 32 8.17 88.32 81.16
CA LEU LB 32 8.84 87.18 80.58
C LEU LB 32 10.34 87.31 80.84
N ARG LB 33 10.91 86.34 81.54
CA ARG LB 33 12.34 86.31 81.81
C ARG LB 33 12.96 85.13 81.08
N GLN LB 34 14.12 85.36 80.47
CA GLN LB 34 14.76 84.33 79.66
C GLN LB 34 16.26 84.49 79.75
N ARG LB 35 16.98 83.49 79.26
CA ARG LB 35 18.43 83.44 79.28
C ARG LB 35 18.96 83.86 77.92
N VAL LB 36 19.84 84.85 77.90
CA VAL LB 36 20.47 85.32 76.67
C VAL LB 36 21.98 85.26 76.85
N LYS LB 37 22.66 84.68 75.88
CA LYS LB 37 24.11 84.48 75.91
C LYS LB 37 24.70 85.31 74.78
N VAL LB 38 25.07 86.55 75.10
CA VAL LB 38 25.51 87.50 74.08
C VAL LB 38 26.90 88.04 74.37
N GLY LB 39 27.12 88.54 75.59
CA GLY LB 39 28.38 89.18 75.91
C GLY LB 39 29.46 88.22 76.34
N ILE LB 40 29.53 87.07 75.67
CA ILE LB 40 30.44 85.98 76.03
C ILE LB 40 30.15 85.67 77.50
N ALA LB 41 28.89 85.82 77.90
CA ALA LB 41 28.48 85.64 79.28
C ALA LB 41 26.96 85.55 79.33
N GLU LB 42 26.45 85.05 80.44
CA GLU LB 42 25.01 84.97 80.64
C GLU LB 42 24.47 86.33 81.06
N LEU LB 43 23.32 86.70 80.51
CA LEU LB 43 22.70 87.98 80.78
C LEU LB 43 21.26 87.77 81.22
N ASN LB 44 20.86 88.45 82.29
CA ASN LB 44 19.51 88.33 82.83
C ASN LB 44 18.59 89.26 82.05
N ASN LB 45 17.82 88.72 81.12
CA ASN LB 45 16.93 89.49 80.27
C ASN LB 45 15.49 89.28 80.70
N VAL LB 46 14.73 90.36 80.77
CA VAL LB 46 13.31 90.30 81.11
C VAL LB 46 12.58 91.32 80.23
N SER LB 47 11.38 90.94 79.80
CA SER LB 47 10.56 91.79 78.95
C SER LB 47 9.18 91.92 79.59
N GLY LB 48 8.94 93.03 80.25
CA GLY LB 48 7.67 93.29 80.90
C GLY LB 48 6.65 93.83 79.91
N GLN LB 49 5.37 93.54 80.19
CA GLN LB 49 4.26 94.01 79.36
C GLN LB 49 3.23 94.64 80.27
N TYR LB 50 2.78 95.83 79.91
CA TYR LB 50 1.86 96.61 80.74
C TYR LB 50 0.70 97.09 79.88
N VAL LB 51 -0.51 96.73 80.28
CA VAL LB 51 -1.70 97.03 79.50
C VAL LB 51 -2.71 97.73 80.40
N SER LB 52 -3.17 98.89 79.97
CA SER LB 52 -4.23 99.63 80.65
C SER LB 52 -5.43 99.71 79.73
N VAL LB 53 -6.60 99.31 80.25
CA VAL LB 53 -7.81 99.22 79.46
C VAL LB 53 -8.91 100.01 80.14
N TYR LB 54 -9.63 100.80 79.35
CA TYR LB 54 -10.78 101.56 79.84
C TYR LB 54 -11.86 101.56 78.76
N LYS LB 55 -13.10 101.33 79.19
CA LYS LB 55 -14.25 101.41 78.30
C LYS LB 55 -14.97 102.71 78.61
N ARG LB 56 -15.08 103.58 77.61
CA ARG LB 56 -15.67 104.90 77.83
C ARG LB 56 -16.77 105.14 76.82
N PRO LB 57 -17.92 105.67 77.25
CA PRO LB 57 -18.99 105.97 76.30
C PRO LB 57 -18.58 107.06 75.32
N ALA LB 58 -19.19 107.03 74.14
CA ALA LB 58 -18.92 108.02 73.13
C ALA LB 58 -19.36 109.40 73.64
N PRO LB 59 -18.76 110.47 73.11
CA PRO LB 59 -19.03 111.81 73.65
C PRO LB 59 -20.50 112.19 73.52
N LYS LB 60 -20.99 112.95 74.48
CA LYS LB 60 -22.33 113.51 74.41
C LYS LB 60 -22.39 114.46 73.22
N PRO LB 61 -23.36 114.28 72.33
CA PRO LB 61 -23.30 114.91 70.99
C PRO LB 61 -22.83 116.36 70.92
N GLU LB 62 -23.53 117.29 71.55
CA GLU LB 62 -23.16 118.70 71.38
C GLU LB 62 -23.24 119.48 72.68
N GLY LB 63 -23.21 118.79 73.80
CA GLY LB 63 -23.52 119.44 75.06
C GLY LB 63 -24.99 119.29 75.39
N CYS LB 64 -25.46 118.05 75.35
CA CYS LB 64 -26.85 117.71 75.64
C CYS LB 64 -26.89 116.73 76.80
N ALA LB 65 -26.10 117.04 77.83
CA ALA LB 65 -25.92 116.15 78.98
C ALA LB 65 -27.22 115.88 79.71
N ASP LB 66 -28.07 116.90 79.83
CA ASP LB 66 -29.29 116.93 80.64
C ASP LB 66 -30.05 115.61 80.72
N ALA LB 67 -30.29 114.95 79.58
CA ALA LB 67 -31.03 113.69 79.59
C ALA LB 67 -30.10 112.54 79.96
N CYS LB 68 -30.60 111.31 79.94
CA CYS LB 68 -29.72 110.16 80.16
C CYS LB 68 -29.91 109.21 78.99
N VAL LB 69 -29.19 109.50 77.90
CA VAL LB 69 -29.37 108.80 76.63
C VAL LB 69 -28.05 108.14 76.27
N ILE LB 70 -27.40 107.54 77.27
CA ILE LB 70 -26.07 106.95 77.15
C ILE LB 70 -25.95 106.09 75.91
N MET LB 71 -24.76 106.07 75.33
CA MET LB 71 -24.47 105.37 74.08
C MET LB 71 -23.31 104.41 74.32
N PRO LB 72 -23.13 103.39 73.47
CA PRO LB 72 -22.16 102.33 73.77
C PRO LB 72 -20.74 102.83 73.96
N ASN LB 73 -20.01 102.17 74.84
CA ASN LB 73 -18.66 102.55 75.19
C ASN LB 73 -17.68 102.20 74.06
N GLU LB 74 -16.46 102.72 74.18
CA GLU LB 74 -15.41 102.48 73.20
C GLU LB 74 -14.15 102.05 73.93
N ASN LB 75 -13.24 101.44 73.16
CA ASN LB 75 -11.97 100.99 73.71
C ASN LB 75 -11.03 102.17 73.92
N GLN LB 76 -10.33 102.15 75.06
CA GLN LB 76 -9.24 103.09 75.33
C GLN LB 76 -8.12 102.26 75.96
N SER LB 77 -7.24 101.73 75.11
CA SER LB 77 -6.22 100.78 75.53
C SER LB 77 -4.84 101.38 75.34
N ILE LB 78 -4.01 101.25 76.36
CA ILE LB 78 -2.62 101.70 76.32
C ILE LB 78 -1.77 100.50 76.69
N ARG LB 79 -0.96 100.02 75.75
CA ARG LB 79 -0.12 98.85 75.95
C ARG LB 79 1.34 99.26 75.85
N THR LB 80 2.14 98.84 76.83
CA THR LB 80 3.54 99.17 76.88
C THR LB 80 4.35 97.92 77.21
N VAL LB 81 5.44 97.72 76.48
CA VAL LB 81 6.34 96.61 76.72
C VAL LB 81 7.76 97.16 76.90
N ILE LB 82 8.42 96.72 77.96
CA ILE LB 82 9.79 97.14 78.26
C ILE LB 82 10.65 95.89 78.24
N SER LB 83 11.67 95.88 77.39
CA SER LB 83 12.57 94.74 77.27
C SER LB 83 14.00 95.20 77.46
N GLY LB 84 14.77 94.43 78.21
CA GLY LB 84 16.16 94.76 78.45
C GLY LB 84 16.74 93.85 79.50
N SER LB 85 18.06 93.93 79.62
CA SER LB 85 18.78 93.12 80.59
C SER LB 85 18.69 93.74 81.98
N ALA LB 86 18.55 92.89 82.99
CA ALA LB 86 18.43 93.37 84.36
C ALA LB 86 19.72 93.95 84.90
N GLU LB 87 20.87 93.56 84.34
CA GLU LB 87 22.14 94.03 84.85
C GLU LB 87 22.28 95.54 84.71
N ASN LB 88 21.87 96.09 83.56
CA ASN LB 88 21.93 97.52 83.31
C ASN LB 88 20.54 98.15 83.43
N LEU LB 89 19.77 97.69 84.42
CA LEU LB 89 18.44 98.23 84.63
C LEU LB 89 18.47 99.70 84.98
N ALA LB 90 19.45 100.13 85.78
CA ALA LB 90 19.48 101.51 86.25
C ALA LB 90 19.54 102.49 85.09
N THR LB 91 20.39 102.21 84.10
CA THR LB 91 20.47 103.07 82.93
C THR LB 91 19.27 102.88 82.01
N LEU LB 92 18.57 101.75 82.13
CA LEU LB 92 17.35 101.57 81.36
C LEU LB 92 16.24 102.50 81.87
N LYS LB 93 16.14 102.67 83.19
CA LYS LB 93 15.09 103.53 83.75
C LYS LB 93 15.21 104.94 83.23
N ALA LB 94 16.41 105.53 83.28
CA ALA LB 94 16.59 106.88 82.78
C ALA LB 94 16.29 106.96 81.29
N GLU LB 95 16.63 105.91 80.55
CA GLU LB 95 16.29 105.87 79.13
C GLU LB 95 14.77 105.88 78.94
N TRP LB 96 14.05 105.17 79.80
CA TRP LB 96 12.60 105.21 79.74
C TRP LB 96 12.07 106.61 80.06
N GLU LB 97 12.75 107.33 80.95
CA GLU LB 97 12.30 108.67 81.31
C GLU LB 97 12.30 109.60 80.11
N THR LB 98 13.27 109.46 79.22
CA THR LB 98 13.25 110.25 77.99
C THR LB 98 12.12 109.80 77.08
N HIS LB 99 11.86 108.49 77.03
CA HIS LB 99 10.71 108.01 76.27
C HIS LB 99 9.42 108.60 76.82
N LYS LB 100 9.38 108.89 78.12
CA LYS LB 100 8.25 109.61 78.70
C LYS LB 100 8.11 110.98 78.06
N ARG LB 101 9.19 111.76 78.05
CA ARG LB 101 9.16 113.08 77.44
C ARG LB 101 8.92 113.00 75.95
N ASN LB 102 9.53 112.01 75.31
CA ASN LB 102 9.43 111.89 73.86
C ASN LB 102 7.99 111.77 73.40
N VAL LB 103 7.22 110.88 74.03
CA VAL LB 103 5.82 110.72 73.65
C VAL LB 103 5.02 111.96 74.02
N ASP LB 104 5.27 112.51 75.21
CA ASP LB 104 4.48 113.63 75.69
C ASP LB 104 4.62 114.83 74.78
N THR LB 105 5.84 115.15 74.35
CA THR LB 105 6.04 116.28 73.46
C THR LB 105 5.43 116.05 72.09
N LEU LB 106 5.20 114.80 71.72
CA LEU LB 106 4.64 114.49 70.41
C LEU LB 106 3.16 114.15 70.45
N PHE LB 107 2.66 113.61 71.56
CA PHE LB 107 1.27 113.23 71.69
C PHE LB 107 0.51 114.08 72.71
N ALA LB 108 1.02 114.17 73.94
CA ALA LB 108 0.31 114.91 74.98
C ALA LB 108 0.21 116.38 74.64
N SER LB 109 1.31 116.97 74.17
CA SER LB 109 1.31 118.36 73.76
C SER LB 109 1.21 118.54 72.25
N GLY LB 110 1.17 117.44 71.49
CA GLY LB 110 1.09 117.49 70.05
C GLY LB 110 -0.28 117.11 69.53
N ASN LB 111 -0.33 116.90 68.22
CA ASN LB 111 -1.56 116.49 67.54
C ASN LB 111 -1.47 115.06 67.01
N ALA LB 112 -0.62 114.23 67.62
CA ALA LB 112 -0.52 112.84 67.20
C ALA LB 112 -1.84 112.10 67.41
N GLY LB 113 -2.48 112.32 68.56
CA GLY LB 113 -3.71 111.63 68.84
C GLY LB 113 -4.84 111.95 67.87
N LEU LB 114 -4.77 113.11 67.21
CA LEU LB 114 -5.73 113.43 66.17
C LEU LB 114 -5.36 112.81 64.83
N GLY LB 115 -4.20 112.16 64.73
CA GLY LB 115 -3.74 111.63 63.48
C GLY LB 115 -2.77 112.51 62.71
N PHE LB 116 -2.26 113.57 63.33
CA PHE LB 116 -1.34 114.50 62.70
C PHE LB 116 0.07 114.23 63.19
N LEU LB 117 1.02 114.13 62.28
CA LEU LB 117 2.42 113.93 62.61
C LEU LB 117 3.22 115.19 62.30
N ASP LB 118 4.06 115.60 63.25
CA ASP LB 118 4.85 116.82 63.11
C ASP LB 118 6.32 116.47 62.95
N PRO LB 119 6.87 116.53 61.73
CA PRO LB 119 8.29 116.18 61.56
C PRO LB 119 9.24 117.13 62.27
N THR LB 120 8.81 118.33 62.61
CA THR LB 120 9.68 119.32 63.22
C THR LB 120 9.48 119.44 64.73
N ALA LB 121 9.02 118.37 65.38
CA ALA LB 121 8.86 118.40 66.82
C ALA LB 121 10.21 118.30 67.52
N ALA LB 122 10.18 118.53 68.83
CA ALA LB 122 11.39 118.46 69.65
C ALA LB 122 11.51 117.07 70.25
N ILE LB 123 12.57 116.34 69.87
CA ILE LB 123 12.82 114.99 70.35
C ILE LB 123 14.26 114.92 70.84
N VAL LB 124 14.44 114.40 72.05
CA VAL LB 124 15.75 114.38 72.70
C VAL LB 124 16.21 112.94 72.87
N SER LB 125 17.44 112.79 73.35
CA SER LB 125 18.05 111.50 73.55
C SER LB 125 18.15 111.16 75.03
N SER LB 126 18.45 109.88 75.30
CA SER LB 126 18.61 109.45 76.69
C SER LB 126 19.82 110.12 77.33
N ASP LB 127 20.97 110.07 76.67
CA ASP LB 127 22.18 110.65 77.22
C ASP LB 127 22.12 112.18 77.15
N THR LB 128 22.87 112.83 78.02
CA THR LB 128 22.97 114.28 78.04
C THR LB 128 24.19 114.74 77.27
N THR LB 129 24.29 116.06 77.10
CA THR LB 129 25.43 116.65 76.41
C THR LB 129 26.68 116.60 77.28
N ALA MB 1 20.36 91.02 109.07
CA ALA MB 1 20.85 91.93 108.03
C ALA MB 1 20.86 91.23 106.68
N ASN MB 2 20.30 90.03 106.64
CA ASN MB 2 20.28 89.26 105.40
C ASN MB 2 19.38 89.91 104.37
N LYS MB 3 19.75 89.77 103.11
CA LYS MB 3 18.93 90.29 102.02
C LYS MB 3 17.66 89.46 101.90
N PRO MB 4 16.48 90.06 102.00
CA PRO MB 4 15.26 89.28 101.81
C PRO MB 4 14.96 89.05 100.34
N MET MB 5 14.46 87.87 100.02
CA MET MB 5 14.04 87.59 98.65
C MET MB 5 12.58 87.98 98.46
N GLN MB 6 12.13 87.87 97.22
CA GLN MB 6 10.74 88.04 96.87
C GLN MB 6 10.30 86.87 96.00
N PRO MB 7 9.03 86.48 96.08
CA PRO MB 7 8.57 85.33 95.29
C PRO MB 7 8.58 85.65 93.80
N ILE MB 8 9.31 84.84 93.04
CA ILE MB 8 9.35 84.99 91.59
C ILE MB 8 8.21 84.25 90.93
N THR MB 9 8.10 82.95 91.19
CA THR MB 9 7.06 82.12 90.62
C THR MB 9 6.13 81.64 91.73
N SER MB 10 4.84 81.91 91.57
CA SER MB 10 3.85 81.56 92.57
C SER MB 10 2.89 80.52 91.98
N THR MB 11 2.67 79.45 92.73
CA THR MB 11 1.77 78.38 92.31
C THR MB 11 1.22 77.74 93.57
N ALA MB 12 0.05 77.11 93.44
CA ALA MB 12 -0.58 76.47 94.58
C ALA MB 12 0.28 75.36 95.17
N ASN MB 13 1.23 74.82 94.41
CA ASN MB 13 2.09 73.76 94.89
C ASN MB 13 3.57 74.11 94.81
N LYS MB 14 3.93 75.35 94.53
CA LYS MB 14 5.32 75.74 94.40
C LYS MB 14 5.43 77.25 94.48
N ILE MB 15 6.32 77.72 95.36
CA ILE MB 15 6.66 79.14 95.43
C ILE MB 15 8.18 79.24 95.40
N VAL MB 16 8.70 80.10 94.54
CA VAL MB 16 10.14 80.27 94.35
C VAL MB 16 10.51 81.70 94.70
N TRP MB 17 11.42 81.87 95.65
CA TRP MB 17 11.96 83.16 96.01
C TRP MB 17 13.34 83.33 95.38
N SER MB 18 13.64 84.57 94.99
CA SER MB 18 14.96 84.89 94.46
C SER MB 18 15.38 86.26 94.96
N ASP MB 19 16.68 86.46 95.07
CA ASP MB 19 17.20 87.72 95.58
C ASP MB 19 17.26 88.74 94.46
N PRO MB 20 16.69 89.93 94.62
CA PRO MB 20 16.78 90.94 93.55
C PRO MB 20 18.21 91.31 93.20
N THR MB 21 19.10 91.43 94.19
CA THR MB 21 20.46 91.85 93.89
C THR MB 21 21.22 90.78 93.13
N ARG MB 22 21.06 89.52 93.52
CA ARG MB 22 21.69 88.40 92.84
C ARG MB 22 20.61 87.42 92.43
N LEU MB 23 20.34 87.31 91.13
CA LEU MB 23 19.25 86.48 90.65
C LEU MB 23 19.58 85.00 90.73
N SER MB 24 20.85 84.64 90.81
CA SER MB 24 21.23 83.23 90.79
C SER MB 24 20.71 82.50 92.02
N THR MB 25 20.90 83.08 93.20
CA THR MB 25 20.49 82.43 94.42
C THR MB 25 18.96 82.36 94.52
N THR MB 26 18.45 81.19 94.87
CA THR MB 26 17.01 80.97 94.94
C THR MB 26 16.69 80.11 96.15
N PHE MB 27 15.41 80.08 96.52
CA PHE MB 27 14.91 79.20 97.56
C PHE MB 27 13.48 78.83 97.19
N SER MB 28 13.28 77.58 96.80
CA SER MB 28 11.98 77.10 96.37
C SER MB 28 11.44 76.08 97.36
N ALA MB 29 10.12 76.08 97.50
CA ALA MB 29 9.44 75.17 98.42
C ALA MB 29 8.25 74.58 97.70
N SER MB 30 8.41 73.37 97.17
CA SER MB 30 7.33 72.66 96.49
C SER MB 30 6.68 71.72 97.49
N LEU MB 31 5.36 71.85 97.64
CA LEU MB 31 4.60 71.10 98.63
C LEU MB 31 3.65 70.16 97.91
N LEU MB 32 3.61 68.92 98.35
CA LEU MB 32 2.68 67.92 97.82
C LEU MB 32 1.89 67.33 98.97
N ARG MB 33 0.56 67.42 98.88
CA ARG MB 33 -0.32 66.87 99.88
C ARG MB 33 -1.08 65.69 99.29
N GLN MB 34 -1.26 64.64 100.09
CA GLN MB 34 -1.86 63.41 99.61
C GLN MB 34 -2.57 62.71 100.77
N ARG MB 35 -3.53 61.86 100.41
CA ARG MB 35 -4.34 61.14 101.38
C ARG MB 35 -3.91 59.68 101.37
N VAL MB 36 -3.63 59.13 102.56
CA VAL MB 36 -3.08 57.79 102.70
C VAL MB 36 -3.92 57.00 103.69
N LYS MB 37 -4.17 55.74 103.37
CA LYS MB 37 -4.87 54.79 104.23
C LYS MB 37 -3.82 53.95 104.94
N VAL MB 38 -3.38 54.41 106.11
CA VAL MB 38 -2.36 53.68 106.85
C VAL MB 38 -2.91 52.33 107.32
N GLY MB 39 -4.10 52.34 107.90
CA GLY MB 39 -4.82 51.13 108.23
C GLY MB 39 -6.08 51.46 108.99
N ILE MB 40 -7.22 50.89 108.56
CA ILE MB 40 -8.55 51.14 109.08
C ILE MB 40 -8.71 52.61 109.52
N ALA MB 41 -8.03 53.51 108.81
CA ALA MB 41 -8.05 54.93 109.12
C ALA MB 41 -7.39 55.68 107.98
N GLU MB 42 -8.04 56.76 107.56
CA GLU MB 42 -7.54 57.61 106.49
C GLU MB 42 -6.83 58.82 107.07
N LEU MB 43 -5.61 59.06 106.59
CA LEU MB 43 -4.79 60.14 107.12
C LEU MB 43 -4.25 60.97 105.96
N ASN MB 44 -4.01 62.25 106.24
CA ASN MB 44 -3.53 63.17 105.22
C ASN MB 44 -2.02 63.34 105.36
N ASN MB 45 -1.30 63.04 104.28
CA ASN MB 45 0.15 63.13 104.27
C ASN MB 45 0.58 64.33 103.45
N VAL MB 46 1.64 65.00 103.89
CA VAL MB 46 2.19 66.16 103.20
C VAL MB 46 3.68 65.93 103.00
N SER MB 47 4.17 66.22 101.81
CA SER MB 47 5.58 66.10 101.49
C SER MB 47 6.06 67.44 100.96
N GLY MB 48 6.80 68.18 101.80
CA GLY MB 48 7.28 69.47 101.41
C GLY MB 48 8.75 69.44 101.01
N GLN MB 49 9.04 69.79 99.76
CA GLN MB 49 10.41 69.82 99.25
C GLN MB 49 10.93 71.24 99.33
N TYR MB 50 12.01 71.44 100.06
CA TYR MB 50 12.63 72.75 100.22
C TYR MB 50 14.03 72.69 99.65
N VAL MB 51 14.29 73.53 98.65
CA VAL MB 51 15.57 73.53 97.95
C VAL MB 51 16.17 74.92 98.03
N SER MB 52 17.40 75.02 98.50
CA SER MB 52 18.14 76.26 98.54
C SER MB 52 19.34 76.12 97.62
N VAL MB 53 19.51 77.07 96.71
CA VAL MB 53 20.55 77.00 95.68
C VAL MB 53 21.35 78.29 95.71
N TYR MB 54 22.68 78.16 95.73
CA TYR MB 54 23.57 79.30 95.64
C TYR MB 54 24.72 78.94 94.71
N LYS MB 55 25.13 79.91 93.89
CA LYS MB 55 26.27 79.74 93.00
C LYS MB 55 27.41 80.60 93.50
N ARG MB 56 28.57 79.98 93.73
CA ARG MB 56 29.71 80.69 94.29
C ARG MB 56 30.91 80.56 93.39
N PRO MB 57 31.75 81.60 93.32
CA PRO MB 57 32.93 81.54 92.46
C PRO MB 57 33.96 80.57 92.99
N ALA MB 58 34.94 80.27 92.14
CA ALA MB 58 36.00 79.35 92.52
C ALA MB 58 36.89 79.97 93.59
N PRO MB 59 37.66 79.16 94.33
CA PRO MB 59 38.48 79.69 95.43
C PRO MB 59 39.34 80.91 95.12
N LYS MB 60 39.57 81.22 93.85
CA LYS MB 60 40.36 82.39 93.46
C LYS MB 60 41.77 82.30 94.03
N PRO MB 61 42.64 81.44 93.46
CA PRO MB 61 43.99 81.23 93.99
C PRO MB 61 44.70 82.48 94.47
N GLU MB 62 45.50 82.34 95.53
CA GLU MB 62 46.16 83.47 96.17
C GLU MB 62 46.99 84.26 95.18
N GLY MB 63 47.11 85.56 95.44
CA GLY MB 63 47.83 86.43 94.53
C GLY MB 63 47.13 86.71 93.23
N CYS MB 64 45.80 86.53 93.19
CA CYS MB 64 45.00 86.79 92.00
C CYS MB 64 44.04 87.94 92.30
N ALA MB 65 44.55 88.94 93.03
CA ALA MB 65 43.78 90.14 93.35
C ALA MB 65 43.76 91.02 92.10
N ASP MB 66 43.08 90.55 91.07
CA ASP MB 66 43.02 91.22 89.77
C ASP MB 66 41.57 91.32 89.32
N ALA MB 67 41.25 92.45 88.68
CA ALA MB 67 39.88 92.71 88.29
C ALA MB 67 39.44 91.76 87.18
N CYS MB 68 38.22 91.23 87.33
CA CYS MB 68 37.58 90.31 86.37
C CYS MB 68 38.52 89.24 85.85
N VAL MB 69 39.18 88.52 86.76
CA VAL MB 69 39.82 87.25 86.45
C VAL MB 69 38.82 86.17 86.86
N ILE MB 70 37.54 86.54 86.80
CA ILE MB 70 36.46 85.72 87.35
C ILE MB 70 36.47 84.33 86.73
N MET MB 71 36.21 83.33 87.57
CA MET MB 71 36.14 81.93 87.19
C MET MB 71 34.70 81.46 87.36
N PRO MB 72 34.29 80.37 86.69
CA PRO MB 72 32.89 79.97 86.74
C PRO MB 72 32.46 79.56 88.14
N ASN MB 73 31.15 79.62 88.35
CA ASN MB 73 30.55 79.46 89.67
C ASN MB 73 30.18 77.99 89.87
N GLU MB 74 30.57 77.44 91.01
CA GLU MB 74 30.09 76.13 91.41
C GLU MB 74 28.67 76.23 91.95
N ASN MB 75 28.00 75.08 92.02
CA ASN MB 75 26.62 75.00 92.45
C ASN MB 75 26.58 74.46 93.87
N GLN MB 76 26.37 75.36 94.84
CA GLN MB 76 26.05 74.95 96.19
C GLN MB 76 24.55 74.79 96.34
N SER MB 77 24.12 73.64 96.83
CA SER MB 77 22.69 73.36 96.91
C SER MB 77 22.39 72.59 98.18
N ILE MB 78 21.22 72.84 98.75
CA ILE MB 78 20.73 72.12 99.92
C ILE MB 78 19.26 71.78 99.67
N ARG MB 79 18.91 70.51 99.81
CA ARG MB 79 17.56 70.04 99.58
C ARG MB 79 17.07 69.27 100.79
N THR MB 80 15.84 69.55 101.21
CA THR MB 80 15.24 68.89 102.37
C THR MB 80 13.78 68.60 102.07
N VAL MB 81 13.33 67.38 102.36
CA VAL MB 81 11.94 67.01 102.19
C VAL MB 81 11.41 66.55 103.55
N ILE MB 82 10.20 66.98 103.89
CA ILE MB 82 9.55 66.60 105.13
C ILE MB 82 8.29 65.83 104.77
N SER MB 83 8.18 64.60 105.23
CA SER MB 83 7.03 63.75 104.94
C SER MB 83 6.45 63.23 106.25
N GLY MB 84 5.14 63.34 106.39
CA GLY MB 84 4.48 62.86 107.58
C GLY MB 84 3.02 63.25 107.58
N SER MB 85 2.28 62.58 108.46
CA SER MB 85 0.85 62.84 108.58
C SER MB 85 0.59 64.23 109.11
N ALA MB 86 -0.48 64.85 108.63
CA ALA MB 86 -0.79 66.22 109.02
C ALA MB 86 -1.17 66.33 110.48
N GLU MB 87 -1.92 65.35 110.99
CA GLU MB 87 -2.40 65.43 112.37
C GLU MB 87 -1.25 65.34 113.37
N ASN MB 88 -0.19 64.61 113.02
CA ASN MB 88 0.96 64.44 113.89
C ASN MB 88 1.98 65.56 113.71
N LEU MB 89 1.56 66.69 113.15
CA LEU MB 89 2.48 67.80 112.93
C LEU MB 89 3.06 68.30 114.23
N ALA MB 90 2.25 68.33 115.30
CA ALA MB 90 2.73 68.83 116.58
C ALA MB 90 3.91 68.02 117.08
N THR MB 91 3.88 66.70 116.91
CA THR MB 91 5.00 65.87 117.35
C THR MB 91 6.04 65.70 116.25
N LEU MB 92 5.64 65.86 114.99
CA LEU MB 92 6.62 65.85 113.90
C LEU MB 92 7.53 67.06 113.96
N LYS MB 93 6.99 68.21 114.35
CA LYS MB 93 7.81 69.40 114.49
C LYS MB 93 8.94 69.18 115.49
N ALA MB 94 8.66 68.46 116.57
CA ALA MB 94 9.70 68.17 117.56
C ALA MB 94 10.84 67.38 116.92
N GLU MB 95 10.54 66.68 115.83
CA GLU MB 95 11.57 65.88 115.17
C GLU MB 95 12.45 66.73 114.27
N TRP MB 96 12.00 67.93 113.94
CA TRP MB 96 12.76 68.77 113.02
C TRP MB 96 14.07 69.22 113.64
N GLU MB 97 14.04 69.78 114.84
CA GLU MB 97 15.28 70.28 115.43
C GLU MB 97 16.20 69.15 115.84
N THR MB 98 15.63 68.02 116.26
CA THR MB 98 16.47 66.84 116.51
C THR MB 98 17.19 66.43 115.24
N HIS MB 99 16.48 66.46 114.11
CA HIS MB 99 17.16 66.26 112.83
C HIS MB 99 18.15 67.38 112.57
N LYS MB 100 17.78 68.62 112.91
CA LYS MB 100 18.72 69.73 112.76
C LYS MB 100 19.93 69.55 113.66
N ARG MB 101 19.70 69.19 114.93
CA ARG MB 101 20.81 69.03 115.86
C ARG MB 101 21.74 67.90 115.44
N ASN MB 102 21.16 66.77 115.02
CA ASN MB 102 21.99 65.64 114.64
C ASN MB 102 22.89 65.98 113.46
N VAL MB 103 22.34 66.65 112.45
CA VAL MB 103 23.16 67.07 111.32
C VAL MB 103 24.18 68.10 111.77
N ASP MB 104 23.81 68.98 112.69
CA ASP MB 104 24.75 70.00 113.16
C ASP MB 104 25.98 69.37 113.80
N THR MB 105 25.78 68.32 114.60
CA THR MB 105 26.92 67.63 115.18
C THR MB 105 27.78 67.01 114.11
N LEU MB 106 27.17 66.35 113.13
CA LEU MB 106 27.95 65.74 112.06
C LEU MB 106 28.55 66.78 111.14
N PHE MB 107 27.75 67.74 110.68
CA PHE MB 107 28.17 68.68 109.65
C PHE MB 107 28.71 69.98 110.22
N ALA MB 108 27.91 70.71 110.99
CA ALA MB 108 28.33 72.01 111.48
C ALA MB 108 29.53 71.88 112.42
N SER MB 109 29.33 71.22 113.57
CA SER MB 109 30.43 71.04 114.50
C SER MB 109 31.46 70.06 113.97
N GLY MB 110 31.00 68.92 113.44
CA GLY MB 110 31.90 67.90 112.95
C GLY MB 110 32.45 68.25 111.58
N ASN MB 111 33.15 67.28 111.01
CA ASN MB 111 33.79 67.44 109.71
C ASN MB 111 33.21 66.48 108.67
N ALA MB 112 31.90 66.26 108.71
CA ALA MB 112 31.26 65.45 107.69
C ALA MB 112 31.39 66.10 106.32
N GLY MB 113 31.47 67.44 106.28
CA GLY MB 113 31.61 68.12 105.01
C GLY MB 113 32.88 67.74 104.28
N LEU MB 114 33.97 67.56 105.02
CA LEU MB 114 35.21 67.14 104.39
C LEU MB 114 35.10 65.75 103.78
N GLY MB 115 34.23 64.91 104.33
CA GLY MB 115 34.04 63.58 103.82
C GLY MB 115 34.31 62.51 104.85
N PHE MB 116 34.39 62.90 106.11
CA PHE MB 116 34.70 62.00 107.21
C PHE MB 116 33.45 61.71 108.01
N LEU MB 117 33.19 60.44 108.28
CA LEU MB 117 32.04 60.00 109.05
C LEU MB 117 32.56 59.50 110.40
N ASP MB 118 32.47 60.34 111.42
CA ASP MB 118 32.93 59.94 112.73
C ASP MB 118 31.96 58.94 113.35
N PRO MB 119 32.37 57.70 113.61
CA PRO MB 119 31.43 56.74 114.22
C PRO MB 119 31.14 57.05 115.67
N THR MB 120 31.94 57.87 116.33
CA THR MB 120 31.74 58.20 117.73
C THR MB 120 30.92 59.46 117.94
N ALA MB 121 30.36 60.03 116.87
CA ALA MB 121 29.60 61.26 116.99
C ALA MB 121 28.41 61.07 117.93
N ALA MB 122 28.21 62.03 118.82
CA ALA MB 122 27.15 61.96 119.83
C ALA MB 122 25.86 62.51 119.22
N ILE MB 123 24.96 61.61 118.83
CA ILE MB 123 23.67 61.98 118.28
C ILE MB 123 22.60 61.41 119.19
N VAL MB 124 21.51 62.15 119.36
CA VAL MB 124 20.44 61.76 120.26
C VAL MB 124 19.11 61.86 119.53
N SER MB 125 18.13 61.12 120.03
CA SER MB 125 16.87 60.91 119.34
C SER MB 125 15.83 61.96 119.73
N SER MB 126 14.70 61.93 119.02
CA SER MB 126 13.61 62.85 119.33
C SER MB 126 13.05 62.56 120.71
N ASP MB 127 12.89 61.29 121.07
CA ASP MB 127 12.37 60.92 122.37
C ASP MB 127 13.37 61.30 123.46
N THR MB 128 12.84 61.70 124.61
CA THR MB 128 13.66 62.12 125.74
C THR MB 128 13.33 61.26 126.96
N THR MB 129 14.18 61.37 127.97
CA THR MB 129 14.00 60.61 129.20
C THR MB 129 13.09 61.36 130.17
N ALA NB 1 1.40 141.59 -39.69
CA ALA NB 1 1.52 140.40 -40.52
C ALA NB 1 1.69 139.16 -39.66
N ASN NB 2 1.08 138.06 -40.11
CA ASN NB 2 1.13 136.79 -39.39
C ASN NB 2 2.33 135.99 -39.86
N LYS NB 3 2.96 135.29 -38.93
CA LYS NB 3 4.25 134.67 -39.22
C LYS NB 3 4.09 133.53 -40.23
N PRO NB 4 4.88 133.51 -41.30
CA PRO NB 4 4.76 132.43 -42.28
C PRO NB 4 5.14 131.08 -41.69
N MET NB 5 4.52 130.05 -42.21
CA MET NB 5 4.73 128.68 -41.77
C MET NB 5 5.42 127.89 -42.88
N GLN NB 6 6.46 127.14 -42.50
CA GLN NB 6 7.18 126.47 -43.57
C GLN NB 6 7.04 124.95 -43.46
N PRO NB 7 7.09 124.24 -44.59
CA PRO NB 7 6.94 122.78 -44.53
C PRO NB 7 8.11 122.13 -43.82
N ILE NB 8 7.85 120.95 -43.26
CA ILE NB 8 8.89 120.11 -42.68
C ILE NB 8 9.00 118.77 -43.40
N THR NB 9 7.88 118.22 -43.84
CA THR NB 9 7.84 116.91 -44.49
C THR NB 9 6.95 116.99 -45.71
N SER NB 10 7.54 116.85 -46.89
CA SER NB 10 6.80 116.91 -48.14
C SER NB 10 6.69 115.52 -48.73
N THR NB 11 5.51 115.22 -49.30
CA THR NB 11 5.25 113.93 -49.91
C THR NB 11 4.19 114.13 -50.97
N ALA NB 12 4.09 113.17 -51.89
CA ALA NB 12 3.03 113.21 -52.90
C ALA NB 12 1.64 113.16 -52.29
N ASN NB 13 1.51 112.72 -51.04
CA ASN NB 13 0.22 112.66 -50.36
C ASN NB 13 0.13 113.67 -49.23
N LYS NB 14 1.12 113.73 -48.36
CA LYS NB 14 1.07 114.54 -47.15
C LYS NB 14 2.14 115.63 -47.19
N ILE NB 15 1.74 116.87 -46.92
CA ILE NB 15 2.66 117.96 -46.70
C ILE NB 15 2.40 118.51 -45.31
N VAL NB 16 3.42 118.56 -44.47
CA VAL NB 16 3.31 119.02 -43.10
C VAL NB 16 4.10 120.31 -42.95
N TRP NB 17 3.40 121.40 -42.63
CA TRP NB 17 4.03 122.67 -42.38
C TRP NB 17 4.24 122.88 -40.88
N SER NB 18 5.20 123.73 -40.55
CA SER NB 18 5.42 124.12 -39.16
C SER NB 18 6.11 125.47 -39.15
N ASP NB 19 5.88 126.22 -38.06
CA ASP NB 19 6.48 127.53 -37.92
C ASP NB 19 7.94 127.40 -37.53
N PRO NB 20 8.87 128.05 -38.23
CA PRO NB 20 10.28 127.98 -37.81
C PRO NB 20 10.51 128.48 -36.39
N THR NB 21 9.81 129.53 -35.99
CA THR NB 21 9.99 130.07 -34.64
C THR NB 21 9.57 129.07 -33.58
N ARG NB 22 8.44 128.40 -33.79
CA ARG NB 22 7.99 127.36 -32.87
C ARG NB 22 7.35 126.27 -33.72
N LEU NB 23 8.04 125.14 -33.84
CA LEU NB 23 7.59 124.05 -34.70
C LEU NB 23 6.52 123.18 -34.07
N SER NB 24 6.13 123.45 -32.82
CA SER NB 24 5.08 122.65 -32.19
C SER NB 24 3.76 122.79 -32.94
N THR NB 25 3.42 123.99 -33.36
CA THR NB 25 2.24 124.18 -34.21
C THR NB 25 2.47 123.51 -35.56
N THR NB 26 1.44 122.82 -36.05
CA THR NB 26 1.55 122.09 -37.30
C THR NB 26 0.28 122.28 -38.13
N PHE NB 27 0.41 122.08 -39.44
CA PHE NB 27 -0.72 122.10 -40.35
C PHE NB 27 -0.48 121.02 -41.39
N SER NB 28 -1.02 119.83 -41.15
CA SER NB 28 -0.82 118.68 -42.02
C SER NB 28 -2.03 118.53 -42.93
N ALA NB 29 -1.82 118.65 -44.23
CA ALA NB 29 -2.88 118.51 -45.23
C ALA NB 29 -2.62 117.26 -46.05
N SER NB 30 -3.43 116.23 -45.82
CA SER NB 30 -3.28 114.96 -46.50
C SER NB 30 -4.30 114.86 -47.63
N LEU NB 31 -3.94 114.09 -48.66
CA LEU NB 31 -4.81 113.85 -49.78
C LEU NB 31 -5.01 112.35 -49.96
N LEU NB 32 -6.14 111.97 -50.55
CA LEU NB 32 -6.50 110.56 -50.69
C LEU NB 32 -7.46 110.44 -51.87
N ARG NB 33 -6.95 109.99 -53.02
CA ARG NB 33 -7.71 109.95 -54.25
C ARG NB 33 -8.09 108.50 -54.58
N GLN NB 34 -9.35 108.31 -54.98
CA GLN NB 34 -9.85 107.00 -55.38
C GLN NB 34 -10.67 107.12 -56.65
N ARG NB 35 -10.95 105.98 -57.25
CA ARG NB 35 -11.73 105.89 -58.47
C ARG NB 35 -13.15 105.43 -58.13
N VAL NB 36 -14.14 106.24 -58.46
CA VAL NB 36 -15.52 105.92 -58.16
C VAL NB 36 -16.34 105.94 -59.44
N LYS NB 37 -17.02 104.83 -59.70
CA LYS NB 37 -17.90 104.68 -60.86
C LYS NB 37 -19.34 104.62 -60.37
N VAL NB 38 -20.16 105.56 -60.82
CA VAL NB 38 -21.56 105.58 -60.45
C VAL NB 38 -22.47 105.60 -61.67
N GLY NB 39 -22.41 106.68 -62.45
CA GLY NB 39 -23.28 106.83 -63.59
C GLY NB 39 -22.68 106.34 -64.89
N ILE NB 40 -22.40 105.03 -64.97
CA ILE NB 40 -21.70 104.39 -66.08
C ILE NB 40 -20.59 105.27 -66.62
N ALA NB 41 -19.97 106.04 -65.73
CA ALA NB 41 -18.90 106.98 -66.11
C ALA NB 41 -18.02 107.19 -64.89
N GLU NB 42 -16.77 106.79 -64.99
CA GLU NB 42 -15.82 107.00 -63.91
C GLU NB 42 -15.70 108.48 -63.56
N LEU NB 43 -15.63 108.77 -62.26
CA LEU NB 43 -15.52 110.12 -61.76
C LEU NB 43 -14.31 110.24 -60.84
N ASN NB 44 -13.74 111.44 -60.79
CA ASN NB 44 -12.53 111.68 -60.04
C ASN NB 44 -12.89 112.08 -58.62
N ASN NB 45 -12.61 111.19 -57.67
CA ASN NB 45 -12.96 111.40 -56.27
C ASN NB 45 -11.72 111.75 -55.46
N VAL NB 46 -11.81 112.85 -54.72
CA VAL NB 46 -10.72 113.35 -53.89
C VAL NB 46 -11.22 113.46 -52.47
N SER NB 47 -10.52 112.85 -51.53
CA SER NB 47 -10.81 112.96 -50.10
C SER NB 47 -9.72 113.81 -49.47
N GLY NB 48 -9.91 115.13 -49.49
CA GLY NB 48 -8.91 116.06 -49.02
C GLY NB 48 -9.02 116.32 -47.53
N GLN NB 49 -8.05 115.81 -46.78
CA GLN NB 49 -7.99 115.99 -45.34
C GLN NB 49 -7.10 117.17 -45.00
N TYR NB 50 -7.53 117.99 -44.04
CA TYR NB 50 -6.73 119.09 -43.53
C TYR NB 50 -6.81 119.09 -42.01
N VAL NB 51 -5.66 119.04 -41.36
CA VAL NB 51 -5.58 119.03 -39.91
C VAL NB 51 -4.71 120.21 -39.49
N SER NB 52 -5.30 121.13 -38.73
CA SER NB 52 -4.59 122.27 -38.17
C SER NB 52 -4.54 122.10 -36.66
N VAL NB 53 -3.33 122.02 -36.11
CA VAL NB 53 -3.13 121.81 -34.68
C VAL NB 53 -2.28 122.96 -34.15
N TYR NB 54 -2.78 123.63 -33.13
CA TYR NB 54 -2.03 124.65 -32.42
C TYR NB 54 -1.94 124.25 -30.95
N LYS NB 55 -0.84 124.67 -30.33
CA LYS NB 55 -0.55 124.33 -28.94
C LYS NB 55 -0.35 125.64 -28.18
N ARG NB 56 -1.15 125.86 -27.15
CA ARG NB 56 -1.03 127.07 -26.32
C ARG NB 56 -0.96 126.66 -24.85
N PRO NB 57 0.07 127.07 -24.13
CA PRO NB 57 0.29 126.51 -22.78
C PRO NB 57 -0.71 127.05 -21.78
N ALA NB 58 -1.34 126.13 -21.04
CA ALA NB 58 -2.18 126.33 -19.87
C ALA NB 58 -3.32 127.31 -20.03
N PRO NB 59 -4.22 127.41 -19.02
CA PRO NB 59 -5.13 128.54 -18.95
C PRO NB 59 -4.55 129.64 -18.08
N LYS NB 60 -3.32 129.40 -17.60
CA LYS NB 60 -2.54 130.36 -16.86
C LYS NB 60 -3.25 130.78 -15.56
N PRO NB 61 -3.31 129.89 -14.56
CA PRO NB 61 -3.92 130.28 -13.29
C PRO NB 61 -3.21 131.50 -12.67
N GLU NB 62 -4.00 132.36 -12.05
CA GLU NB 62 -3.49 133.63 -11.53
C GLU NB 62 -2.52 133.41 -10.38
N GLY NB 63 -1.56 134.31 -10.25
CA GLY NB 63 -0.67 134.32 -9.10
C GLY NB 63 0.10 133.02 -8.95
N CYS NB 64 0.39 132.66 -7.70
CA CYS NB 64 1.05 131.42 -7.30
C CYS NB 64 2.14 130.97 -8.26
N ALA NB 65 1.75 130.44 -9.43
CA ALA NB 65 2.67 129.83 -10.37
C ALA NB 65 3.19 130.81 -11.41
N ASP NB 66 2.89 132.10 -11.28
CA ASP NB 66 3.31 133.10 -12.27
C ASP NB 66 4.68 133.67 -11.96
N ALA NB 67 5.67 132.82 -11.68
CA ALA NB 67 7.02 133.34 -11.47
C ALA NB 67 7.96 132.88 -12.57
N CYS NB 68 8.15 131.57 -12.71
CA CYS NB 68 9.06 131.09 -13.74
C CYS NB 68 8.60 129.74 -14.29
N VAL NB 69 7.34 129.37 -14.05
CA VAL NB 69 6.87 128.02 -14.33
C VAL NB 69 5.55 128.07 -15.07
N ILE NB 70 5.37 127.10 -15.98
CA ILE NB 70 4.20 127.06 -16.86
C ILE NB 70 3.58 125.68 -16.77
N MET NB 71 2.26 125.63 -16.58
CA MET NB 71 1.55 124.37 -16.46
C MET NB 71 1.56 123.72 -17.84
N PRO NB 72 1.65 122.39 -17.92
CA PRO NB 72 1.85 121.72 -19.22
C PRO NB 72 0.92 122.20 -20.32
N ASN NB 73 1.47 122.20 -21.54
CA ASN NB 73 0.79 122.74 -22.71
C ASN NB 73 -0.41 121.89 -23.10
N GLU NB 74 -1.46 122.54 -23.59
CA GLU NB 74 -2.64 121.85 -24.05
C GLU NB 74 -2.62 121.72 -25.58
N ASN NB 75 -3.59 120.98 -26.11
CA ASN NB 75 -3.71 120.73 -27.54
C ASN NB 75 -4.99 121.34 -28.08
N GLN NB 76 -4.87 122.07 -29.19
CA GLN NB 76 -6.02 122.64 -29.89
C GLN NB 76 -5.97 122.14 -31.32
N SER NB 77 -6.97 121.33 -31.71
CA SER NB 77 -6.99 120.69 -33.01
C SER NB 77 -8.28 120.98 -33.75
N ILE NB 78 -8.17 121.29 -35.03
CA ILE NB 78 -9.30 121.43 -35.92
C ILE NB 78 -9.04 120.58 -37.15
N ARG NB 79 -9.89 119.58 -37.37
CA ARG NB 79 -9.73 118.63 -38.46
C ARG NB 79 -10.84 118.83 -39.48
N THR NB 80 -10.48 118.85 -40.75
CA THR NB 80 -11.43 119.03 -41.84
C THR NB 80 -11.08 118.08 -42.97
N VAL NB 81 -12.06 117.33 -43.44
CA VAL NB 81 -11.91 116.47 -44.62
C VAL NB 81 -12.98 116.87 -45.62
N ILE NB 82 -12.58 117.01 -46.88
CA ILE NB 82 -13.49 117.40 -47.95
C ILE NB 82 -13.53 116.26 -48.96
N SER NB 83 -14.73 115.77 -49.25
CA SER NB 83 -14.94 114.71 -50.20
C SER NB 83 -15.69 115.24 -51.42
N GLY NB 84 -16.04 114.34 -52.32
CA GLY NB 84 -16.77 114.68 -53.52
C GLY NB 84 -15.94 114.48 -54.78
N SER NB 85 -16.62 114.59 -55.90
CA SER NB 85 -15.96 114.41 -57.19
C SER NB 85 -15.17 115.66 -57.54
N ALA NB 86 -14.13 115.48 -58.35
CA ALA NB 86 -13.31 116.59 -58.81
C ALA NB 86 -13.84 117.24 -60.08
N GLU NB 87 -14.84 116.64 -60.73
CA GLU NB 87 -15.40 117.24 -61.93
C GLU NB 87 -16.28 118.45 -61.60
N ASN NB 88 -16.70 118.58 -60.35
CA ASN NB 88 -17.59 119.66 -59.93
C ASN NB 88 -17.03 120.39 -58.71
N LEU NB 89 -15.77 120.80 -58.78
CA LEU NB 89 -15.22 121.62 -57.71
C LEU NB 89 -15.96 122.94 -57.58
N ALA NB 90 -16.50 123.47 -58.69
CA ALA NB 90 -17.15 124.77 -58.65
C ALA NB 90 -18.26 124.79 -57.61
N THR NB 91 -19.08 123.75 -57.58
CA THR NB 91 -20.11 123.68 -56.54
C THR NB 91 -19.51 123.29 -55.19
N LEU NB 92 -18.40 122.54 -55.19
CA LEU NB 92 -17.72 122.24 -53.94
C LEU NB 92 -17.15 123.50 -53.32
N LYS NB 93 -16.62 124.41 -54.14
CA LYS NB 93 -16.18 125.70 -53.61
C LYS NB 93 -17.35 126.46 -53.01
N ALA NB 94 -18.50 126.46 -53.71
CA ALA NB 94 -19.64 127.23 -53.24
C ALA NB 94 -20.16 126.72 -51.91
N GLU NB 95 -20.24 125.40 -51.75
CA GLU NB 95 -20.76 124.86 -50.49
C GLU NB 95 -19.75 125.04 -49.37
N TRP NB 96 -18.46 125.03 -49.70
CA TRP NB 96 -17.43 125.14 -48.66
C TRP NB 96 -17.58 126.45 -47.89
N GLU NB 97 -17.66 127.57 -48.62
CA GLU NB 97 -17.90 128.85 -47.94
C GLU NB 97 -19.27 128.85 -47.27
N THR NB 98 -20.26 128.19 -47.87
CA THR NB 98 -21.54 128.02 -47.19
C THR NB 98 -21.35 127.23 -45.90
N HIS NB 99 -20.57 126.15 -45.95
CA HIS NB 99 -20.21 125.46 -44.72
C HIS NB 99 -19.44 126.39 -43.79
N LYS NB 100 -18.55 127.22 -44.34
CA LYS NB 100 -17.86 128.20 -43.52
C LYS NB 100 -18.83 129.17 -42.88
N ARG NB 101 -19.78 129.69 -43.66
CA ARG NB 101 -20.78 130.59 -43.09
C ARG NB 101 -21.70 129.86 -42.13
N ASN NB 102 -21.96 128.58 -42.38
CA ASN NB 102 -22.83 127.80 -41.51
C ASN NB 102 -22.17 127.57 -40.16
N VAL NB 103 -20.90 127.15 -40.17
CA VAL NB 103 -20.21 126.87 -38.92
C VAL NB 103 -20.00 128.14 -38.11
N ASP NB 104 -19.86 129.29 -38.77
CA ASP NB 104 -19.56 130.52 -38.05
C ASP NB 104 -20.69 130.89 -37.10
N THR NB 105 -21.94 130.76 -37.54
CA THR NB 105 -23.06 131.16 -36.68
C THR NB 105 -23.10 130.32 -35.41
N LEU NB 106 -22.87 129.01 -35.54
CA LEU NB 106 -22.83 128.17 -34.36
C LEU NB 106 -21.61 128.46 -33.50
N PHE NB 107 -20.43 128.53 -34.12
CA PHE NB 107 -19.17 128.63 -33.38
C PHE NB 107 -18.71 130.06 -33.20
N ALA NB 108 -18.44 130.77 -34.31
CA ALA NB 108 -17.86 132.10 -34.21
C ALA NB 108 -18.79 133.08 -33.51
N SER NB 109 -20.07 133.03 -33.83
CA SER NB 109 -21.06 133.91 -33.22
C SER NB 109 -21.83 133.26 -32.07
N GLY NB 110 -22.29 132.03 -32.26
CA GLY NB 110 -23.02 131.36 -31.20
C GLY NB 110 -22.11 130.85 -30.11
N ASN NB 111 -22.74 130.31 -29.07
CA ASN NB 111 -22.03 129.78 -27.92
C ASN NB 111 -21.74 128.29 -28.02
N ALA NB 112 -21.70 127.75 -29.25
CA ALA NB 112 -21.36 126.33 -29.39
C ALA NB 112 -19.96 126.04 -28.90
N GLY NB 113 -19.09 127.04 -28.90
CA GLY NB 113 -17.72 126.82 -28.43
C GLY NB 113 -17.66 126.38 -26.98
N LEU NB 114 -18.40 127.05 -26.11
CA LEU NB 114 -18.42 126.67 -24.70
C LEU NB 114 -19.15 125.35 -24.47
N GLY NB 115 -19.83 124.82 -25.48
CA GLY NB 115 -20.46 123.52 -25.38
C GLY NB 115 -21.97 123.50 -25.43
N PHE NB 116 -22.62 124.62 -25.70
CA PHE NB 116 -24.08 124.71 -25.66
C PHE NB 116 -24.60 125.01 -27.05
N LEU NB 117 -25.62 124.26 -27.47
CA LEU NB 117 -26.15 124.35 -28.82
C LEU NB 117 -27.13 125.52 -28.91
N ASP NB 118 -27.85 125.59 -30.02
CA ASP NB 118 -28.85 126.63 -30.26
C ASP NB 118 -29.85 126.16 -31.31
N PRO NB 119 -30.91 125.47 -30.89
CA PRO NB 119 -31.88 124.96 -31.88
C PRO NB 119 -32.54 126.06 -32.70
N THR NB 120 -32.56 127.29 -32.19
CA THR NB 120 -33.12 128.42 -32.92
C THR NB 120 -32.10 129.10 -33.83
N ALA NB 121 -31.06 128.39 -34.24
CA ALA NB 121 -30.06 128.97 -35.12
C ALA NB 121 -30.67 129.25 -36.49
N ALA NB 122 -29.93 130.01 -37.30
CA ALA NB 122 -30.37 130.39 -38.65
C ALA NB 122 -29.26 129.99 -39.62
N ILE NB 123 -29.39 128.80 -40.19
CA ILE NB 123 -28.42 128.29 -41.16
C ILE NB 123 -29.11 128.16 -42.50
N VAL NB 124 -28.31 128.22 -43.57
CA VAL NB 124 -28.84 128.14 -44.92
C VAL NB 124 -28.05 127.10 -45.71
N SER NB 125 -28.64 126.64 -46.80
CA SER NB 125 -28.02 125.66 -47.67
C SER NB 125 -27.12 126.34 -48.70
N SER NB 126 -26.36 125.52 -49.41
CA SER NB 126 -25.47 126.05 -50.44
C SER NB 126 -26.26 126.69 -51.57
N ASP NB 127 -27.38 126.09 -51.96
CA ASP NB 127 -28.17 126.60 -53.06
C ASP NB 127 -28.86 127.92 -52.70
N THR NB 128 -29.31 128.63 -53.73
CA THR NB 128 -29.85 129.97 -53.60
C THR NB 128 -31.12 130.10 -54.43
N THR NB 129 -32.09 130.85 -53.91
CA THR NB 129 -33.33 131.12 -54.62
C THR NB 129 -33.08 131.64 -56.03
N ALA OB 1 -1.99 124.33 -79.40
CA ALA OB 1 -1.02 124.09 -78.35
C ALA OB 1 -1.57 123.11 -77.31
N ASN OB 2 -0.78 122.08 -77.00
CA ASN OB 2 -1.21 121.08 -76.04
C ASN OB 2 -1.30 121.69 -74.64
N LYS OB 3 -2.33 121.29 -73.90
CA LYS OB 3 -2.48 121.74 -72.53
C LYS OB 3 -1.38 121.13 -71.68
N PRO OB 4 -0.74 121.90 -70.81
CA PRO OB 4 0.37 121.37 -70.03
C PRO OB 4 -0.13 120.46 -68.90
N MET OB 5 0.80 119.73 -68.33
CA MET OB 5 0.52 118.73 -67.31
C MET OB 5 1.59 118.84 -66.22
N GLN OB 6 1.24 118.45 -65.00
CA GLN OB 6 2.13 118.61 -63.86
C GLN OB 6 2.19 117.30 -63.08
N PRO OB 7 3.26 117.09 -62.31
CA PRO OB 7 3.37 115.84 -61.55
C PRO OB 7 2.28 115.74 -60.49
N ILE OB 8 1.85 114.51 -60.24
CA ILE OB 8 0.73 114.26 -59.33
C ILE OB 8 1.21 113.36 -58.20
N THR OB 9 2.20 112.54 -58.46
CA THR OB 9 2.65 111.55 -57.48
C THR OB 9 4.14 111.33 -57.69
N SER OB 10 4.94 111.90 -56.78
CA SER OB 10 6.39 111.81 -56.86
C SER OB 10 6.91 110.72 -55.94
N THR OB 11 7.98 110.07 -56.38
CA THR OB 11 8.66 109.02 -55.64
C THR OB 11 10.07 108.93 -56.21
N ALA OB 12 10.95 108.23 -55.50
CA ALA OB 12 12.31 108.04 -55.98
C ALA OB 12 12.32 107.46 -57.40
N ASN OB 13 11.36 106.60 -57.71
CA ASN OB 13 11.26 105.98 -59.03
C ASN OB 13 9.92 106.20 -59.73
N LYS OB 14 8.93 106.76 -59.04
CA LYS OB 14 7.63 107.06 -59.61
C LYS OB 14 7.47 108.56 -59.74
N ILE OB 15 7.30 109.03 -60.97
CA ILE OB 15 6.78 110.36 -61.23
C ILE OB 15 5.60 110.22 -62.16
N VAL OB 16 4.45 110.75 -61.73
CA VAL OB 16 3.19 110.58 -62.46
C VAL OB 16 2.59 111.95 -62.74
N TRP OB 17 2.28 112.21 -64.01
CA TRP OB 17 1.65 113.45 -64.41
C TRP OB 17 0.22 113.16 -64.83
N SER OB 18 -0.67 114.12 -64.60
CA SER OB 18 -2.05 114.01 -65.04
C SER OB 18 -2.60 115.39 -65.34
N ASP OB 19 -3.40 115.48 -66.38
CA ASP OB 19 -3.91 116.77 -66.82
C ASP OB 19 -4.85 117.35 -65.77
N PRO OB 20 -4.81 118.67 -65.53
CA PRO OB 20 -5.73 119.26 -64.55
C PRO OB 20 -7.18 119.23 -65.01
N THR OB 21 -7.46 119.67 -66.23
CA THR OB 21 -8.83 119.75 -66.70
C THR OB 21 -9.48 118.37 -66.71
N ARG OB 22 -8.77 117.37 -67.19
CA ARG OB 22 -9.24 115.99 -67.17
C ARG OB 22 -8.20 115.14 -66.45
N LEU OB 23 -8.51 114.74 -65.23
CA LEU OB 23 -7.60 113.91 -64.46
C LEU OB 23 -7.46 112.51 -65.05
N SER OB 24 -8.33 112.14 -65.99
CA SER OB 24 -8.31 110.80 -66.55
C SER OB 24 -6.99 110.48 -67.22
N THR OB 25 -6.55 111.35 -68.14
CA THR OB 25 -5.31 111.09 -68.86
C THR OB 25 -4.11 111.24 -67.94
N THR OB 26 -3.17 110.30 -68.04
CA THR OB 26 -2.01 110.27 -67.16
C THR OB 26 -0.76 109.91 -67.96
N PHE OB 27 0.40 110.12 -67.35
CA PHE OB 27 1.69 109.69 -67.88
C PHE OB 27 2.61 109.37 -66.71
N SER OB 28 3.43 108.34 -66.87
CA SER OB 28 4.28 107.88 -65.77
C SER OB 28 5.60 107.36 -66.30
N ALA OB 29 6.57 107.26 -65.41
CA ALA OB 29 7.91 106.77 -65.75
C ALA OB 29 8.49 106.10 -64.52
N SER OB 30 8.98 104.88 -64.69
CA SER OB 30 9.63 104.15 -63.63
C SER OB 30 11.08 103.93 -63.99
N LEU OB 31 11.96 104.75 -63.45
CA LEU OB 31 13.38 104.56 -63.69
C LEU OB 31 13.94 103.54 -62.71
N LEU OB 32 14.90 102.76 -63.18
CA LEU OB 32 15.41 101.63 -62.42
C LEU OB 32 16.93 101.65 -62.42
N ARG OB 33 17.52 101.20 -61.32
CA ARG OB 33 18.96 101.27 -61.11
C ARG OB 33 19.51 99.87 -60.97
N GLN OB 34 20.50 99.52 -61.79
CA GLN OB 34 21.11 98.21 -61.64
C GLN OB 34 22.62 98.30 -61.86
N ARG OB 35 23.34 97.60 -61.00
CA ARG OB 35 24.78 97.38 -61.12
C ARG OB 35 24.95 95.99 -61.73
N VAL OB 36 25.48 95.95 -62.94
CA VAL OB 36 25.58 94.71 -63.70
C VAL OB 36 27.03 94.49 -64.08
N LYS OB 37 27.50 93.26 -63.90
CA LYS OB 37 28.88 92.87 -64.12
C LYS OB 37 28.98 92.09 -65.43
N VAL OB 38 29.36 92.77 -66.51
CA VAL OB 38 29.41 92.13 -67.81
C VAL OB 38 30.82 92.14 -68.39
N GLY OB 39 31.35 93.32 -68.65
CA GLY OB 39 32.60 93.44 -69.38
C GLY OB 39 33.81 93.51 -68.49
N ILE OB 40 33.80 92.75 -67.41
CA ILE OB 40 34.83 92.78 -66.38
C ILE OB 40 34.93 94.24 -65.93
N ALA OB 41 33.78 94.88 -65.78
CA ALA OB 41 33.72 96.30 -65.47
C ALA OB 41 32.47 96.62 -64.68
N GLU OB 42 32.60 97.57 -63.77
CA GLU OB 42 31.45 98.07 -63.02
C GLU OB 42 30.53 98.83 -63.97
N LEU OB 43 29.39 98.24 -64.31
CA LEU OB 43 28.51 98.80 -65.32
C LEU OB 43 27.14 99.10 -64.71
N ASN OB 44 26.69 100.34 -64.87
CA ASN OB 44 25.40 100.77 -64.35
C ASN OB 44 24.33 100.63 -65.43
N ASN OB 45 23.33 99.81 -65.17
CA ASN OB 45 22.26 99.54 -66.11
C ASN OB 45 20.96 100.19 -65.62
N VAL OB 46 20.24 100.81 -66.53
CA VAL OB 46 18.96 101.44 -66.24
C VAL OB 46 17.92 100.93 -67.23
N SER OB 47 16.68 100.79 -66.77
CA SER OB 47 15.58 100.35 -67.60
C SER OB 47 14.32 101.07 -67.14
N GLY OB 48 13.84 102.00 -67.94
CA GLY OB 48 12.66 102.77 -67.57
C GLY OB 48 11.48 102.57 -68.48
N GLN OB 49 10.38 102.04 -67.95
CA GLN OB 49 9.15 101.92 -68.73
C GLN OB 49 8.38 103.23 -68.65
N TYR OB 50 7.80 103.63 -69.79
CA TYR OB 50 7.13 104.91 -69.92
C TYR OB 50 5.70 104.64 -70.35
N VAL OB 51 4.74 105.04 -69.53
CA VAL OB 51 3.35 104.65 -69.71
C VAL OB 51 2.52 105.91 -69.95
N SER OB 52 1.83 105.97 -71.08
CA SER OB 52 0.89 107.02 -71.39
C SER OB 52 -0.50 106.41 -71.55
N VAL OB 53 -1.47 106.90 -70.79
CA VAL OB 53 -2.80 106.32 -70.74
C VAL OB 53 -3.82 107.40 -71.05
N TYR OB 54 -4.76 107.09 -71.94
CA TYR OB 54 -5.90 107.95 -72.20
C TYR OB 54 -7.17 107.11 -72.18
N LYS OB 55 -8.27 107.73 -71.79
CA LYS OB 55 -9.58 107.06 -71.78
C LYS OB 55 -10.49 107.78 -72.76
N ARG OB 56 -10.41 107.38 -74.03
CA ARG OB 56 -11.23 108.10 -75.00
C ARG OB 56 -12.59 107.43 -75.15
N PRO OB 57 -13.65 108.21 -75.38
CA PRO OB 57 -14.96 107.62 -75.61
C PRO OB 57 -15.02 106.91 -76.96
N ALA OB 58 -15.99 106.01 -77.07
CA ALA OB 58 -16.19 105.25 -78.29
C ALA OB 58 -16.59 106.17 -79.44
N PRO OB 59 -16.34 105.76 -80.69
CA PRO OB 59 -16.73 106.59 -81.84
C PRO OB 59 -18.22 106.83 -81.91
N LYS OB 60 -18.61 108.01 -82.34
CA LYS OB 60 -20.02 108.36 -82.31
C LYS OB 60 -20.78 107.69 -83.45
N PRO OB 61 -22.05 107.33 -83.24
CA PRO OB 61 -22.88 106.88 -84.36
C PRO OB 61 -22.77 107.81 -85.55
N GLU OB 62 -22.43 107.25 -86.71
CA GLU OB 62 -22.10 108.04 -87.87
C GLU OB 62 -23.32 108.82 -88.37
N GLY OB 63 -23.07 110.03 -88.84
CA GLY OB 63 -24.09 110.84 -89.48
C GLY OB 63 -24.94 111.67 -88.54
N CYS OB 64 -24.69 111.60 -87.24
CA CYS OB 64 -25.46 112.39 -86.29
C CYS OB 64 -24.51 113.09 -85.33
N ALA OB 65 -24.97 114.23 -84.81
CA ALA OB 65 -24.22 114.98 -83.81
C ALA OB 65 -25.03 115.29 -82.56
N ASP OB 66 -26.37 115.32 -82.64
CA ASP OB 66 -27.35 115.42 -81.56
C ASP OB 66 -26.92 116.36 -80.43
N ALA OB 67 -27.41 116.12 -79.22
CA ALA OB 67 -26.96 116.89 -78.08
C ALA OB 67 -25.85 116.16 -77.35
N CYS OB 68 -26.17 114.97 -76.81
CA CYS OB 68 -25.19 114.13 -76.15
C CYS OB 68 -25.78 112.76 -75.87
N VAL OB 69 -25.03 111.70 -76.15
CA VAL OB 69 -25.40 110.36 -75.71
C VAL OB 69 -24.29 109.69 -74.91
N ILE OB 70 -23.09 110.29 -74.85
CA ILE OB 70 -21.95 109.86 -74.05
C ILE OB 70 -21.76 108.34 -74.00
N MET OB 71 -20.99 107.82 -74.95
CA MET OB 71 -20.61 106.42 -74.97
C MET OB 71 -19.57 106.14 -73.90
N PRO OB 72 -19.48 104.89 -73.46
CA PRO OB 72 -18.42 104.53 -72.51
C PRO OB 72 -17.05 104.70 -73.12
N ASN OB 73 -16.09 105.03 -72.26
CA ASN OB 73 -14.71 105.24 -72.68
C ASN OB 73 -13.99 103.91 -72.83
N GLU OB 74 -12.96 103.91 -73.66
CA GLU OB 74 -12.10 102.74 -73.84
C GLU OB 74 -10.65 103.16 -73.67
N ASN OB 75 -9.81 102.18 -73.35
CA ASN OB 75 -8.42 102.46 -73.05
C ASN OB 75 -7.64 102.82 -74.31
N GLN OB 76 -6.63 103.67 -74.14
CA GLN OB 76 -5.66 103.96 -75.19
C GLN OB 76 -4.30 104.08 -74.50
N SER OB 77 -3.59 102.95 -74.41
CA SER OB 77 -2.38 102.85 -73.62
C SER OB 77 -1.18 102.65 -74.53
N ILE OB 78 -0.09 103.36 -74.23
CA ILE OB 78 1.19 103.19 -74.91
C ILE OB 78 2.27 103.01 -73.86
N ARG OB 79 2.97 101.89 -73.92
CA ARG OB 79 4.05 101.59 -72.99
C ARG OB 79 5.34 101.38 -73.76
N THR OB 80 6.40 102.04 -73.33
CA THR OB 80 7.73 101.86 -73.90
C THR OB 80 8.72 101.58 -72.79
N VAL OB 81 9.69 100.72 -73.06
CA VAL OB 81 10.75 100.42 -72.12
C VAL OB 81 12.08 100.72 -72.77
N ILE OB 82 12.97 101.39 -72.04
CA ILE OB 82 14.30 101.75 -72.53
C ILE OB 82 15.29 101.13 -71.57
N SER OB 83 15.90 100.03 -71.97
CA SER OB 83 16.85 99.32 -71.12
C SER OB 83 18.22 99.34 -71.78
N GLY OB 84 19.23 99.73 -71.00
CA GLY OB 84 20.58 99.78 -71.52
C GLY OB 84 21.52 100.37 -70.50
N SER OB 85 22.80 100.27 -70.79
CA SER OB 85 23.81 100.80 -69.89
C SER OB 85 23.85 102.32 -69.94
N ALA OB 86 24.33 102.92 -68.85
CA ALA OB 86 24.39 104.37 -68.78
C ALA OB 86 25.48 104.94 -69.67
N GLU OB 87 26.62 104.27 -69.77
CA GLU OB 87 27.77 104.83 -70.48
C GLU OB 87 27.48 104.99 -71.97
N ASN OB 88 26.84 104.01 -72.59
CA ASN OB 88 26.58 104.03 -74.03
C ASN OB 88 25.24 104.66 -74.35
N LEU OB 89 24.79 105.55 -73.48
CA LEU OB 89 23.51 106.23 -73.69
C LEU OB 89 23.53 107.07 -74.95
N ALA OB 90 24.62 107.78 -75.19
CA ALA OB 90 24.66 108.71 -76.32
C ALA OB 90 24.41 107.98 -77.63
N THR OB 91 25.03 106.82 -77.80
CA THR OB 91 24.75 106.02 -78.99
C THR OB 91 23.46 105.23 -78.85
N LEU OB 92 22.95 105.11 -77.62
CA LEU OB 92 21.63 104.48 -77.44
C LEU OB 92 20.53 105.40 -77.92
N LYS OB 93 20.73 106.72 -77.82
CA LYS OB 93 19.72 107.66 -78.29
C LYS OB 93 19.41 107.46 -79.76
N ALA OB 94 20.45 107.21 -80.56
CA ALA OB 94 20.23 106.99 -81.99
C ALA OB 94 19.36 105.76 -82.23
N GLU OB 95 19.59 104.70 -81.46
CA GLU OB 95 18.75 103.51 -81.58
C GLU OB 95 17.31 103.84 -81.23
N TRP OB 96 17.10 104.65 -80.20
CA TRP OB 96 15.76 105.15 -79.93
C TRP OB 96 15.23 105.97 -81.10
N GLU OB 97 16.09 106.81 -81.68
CA GLU OB 97 15.66 107.65 -82.80
C GLU OB 97 15.17 106.80 -83.96
N THR OB 98 15.98 105.84 -84.40
CA THR OB 98 15.56 104.99 -85.51
C THR OB 98 14.34 104.17 -85.15
N HIS OB 99 14.23 103.74 -83.89
CA HIS OB 99 13.07 102.99 -83.45
C HIS OB 99 11.79 103.76 -83.72
N LYS OB 100 11.84 105.09 -83.59
CA LYS OB 100 10.68 105.91 -83.92
C LYS OB 100 10.31 105.78 -85.37
N ARG OB 101 11.20 106.20 -86.27
CA ARG OB 101 10.91 106.17 -87.69
C ARG OB 101 10.67 104.73 -88.17
N ASN OB 102 11.21 103.75 -87.45
CA ASN OB 102 10.93 102.36 -87.76
C ASN OB 102 9.48 102.02 -87.48
N VAL OB 103 8.96 102.46 -86.34
CA VAL OB 103 7.56 102.20 -86.01
C VAL OB 103 6.64 103.01 -86.90
N ASP OB 104 6.96 104.29 -87.10
CA ASP OB 104 6.06 105.16 -87.87
C ASP OB 104 5.92 104.69 -89.31
N THR OB 105 7.03 104.27 -89.93
CA THR OB 105 6.94 103.74 -91.28
C THR OB 105 6.14 102.45 -91.34
N LEU OB 106 5.89 101.82 -90.19
CA LEU OB 106 5.11 100.59 -90.13
C LEU OB 106 3.72 100.79 -89.59
N PHE OB 107 3.53 101.69 -88.62
CA PHE OB 107 2.24 101.90 -87.98
C PHE OB 107 1.63 103.24 -88.35
N ALA OB 108 2.35 104.34 -88.14
CA ALA OB 108 1.79 105.66 -88.42
C ALA OB 108 1.47 105.84 -89.89
N SER OB 109 2.46 105.59 -90.75
CA SER OB 109 2.22 105.70 -92.19
C SER OB 109 1.46 104.49 -92.74
N GLY OB 110 1.76 103.29 -92.24
CA GLY OB 110 1.09 102.09 -92.67
C GLY OB 110 -0.22 101.87 -91.96
N ASN OB 111 -0.77 100.66 -92.11
CA ASN OB 111 -2.03 100.30 -91.48
C ASN OB 111 -1.84 99.18 -90.47
N ALA OB 112 -0.68 99.11 -89.81
CA ALA OB 112 -0.48 98.13 -88.76
C ALA OB 112 -1.45 98.32 -87.62
N GLY OB 113 -1.93 99.54 -87.40
CA GLY OB 113 -2.92 99.78 -86.37
C GLY OB 113 -4.27 99.15 -86.64
N LEU OB 114 -4.49 98.68 -87.87
CA LEU OB 114 -5.71 97.97 -88.23
C LEU OB 114 -5.55 96.47 -88.10
N GLY OB 115 -4.41 95.99 -87.63
CA GLY OB 115 -4.15 94.57 -87.53
C GLY OB 115 -3.55 93.93 -88.75
N PHE OB 116 -2.99 94.73 -89.66
CA PHE OB 116 -2.41 94.21 -90.89
C PHE OB 116 -0.89 94.34 -90.82
N LEU OB 117 -0.19 93.37 -91.38
CA LEU OB 117 1.26 93.37 -91.42
C LEU OB 117 1.75 93.36 -92.86
N ASP OB 118 2.74 94.20 -93.14
CA ASP OB 118 3.33 94.28 -94.47
C ASP OB 118 4.79 93.83 -94.41
N PRO OB 119 5.09 92.60 -94.80
CA PRO OB 119 6.50 92.18 -94.82
C PRO OB 119 7.36 93.01 -95.74
N THR OB 120 6.78 93.66 -96.73
CA THR OB 120 7.53 94.49 -97.67
C THR OB 120 7.78 95.90 -97.16
N ALA OB 121 7.32 96.23 -95.96
CA ALA OB 121 7.55 97.56 -95.41
C ALA OB 121 9.04 97.80 -95.22
N ALA OB 122 9.50 98.99 -95.63
CA ALA OB 122 10.91 99.33 -95.52
C ALA OB 122 11.28 99.57 -94.06
N ILE OB 123 12.30 98.86 -93.59
CA ILE OB 123 12.78 99.00 -92.22
C ILE OB 123 14.30 99.07 -92.25
N VAL OB 124 14.86 100.08 -91.57
CA VAL OB 124 16.28 100.34 -91.62
C VAL OB 124 16.87 100.15 -90.23
N SER OB 125 18.20 100.09 -90.18
CA SER OB 125 18.93 99.96 -88.93
C SER OB 125 19.57 101.29 -88.55
N SER OB 126 20.00 101.36 -87.28
CA SER OB 126 20.64 102.57 -86.80
C SER OB 126 21.97 102.82 -87.51
N ASP OB 127 22.68 101.75 -87.85
CA ASP OB 127 23.97 101.89 -88.51
C ASP OB 127 23.81 102.61 -89.84
N THR OB 128 24.76 103.49 -90.15
CA THR OB 128 24.72 104.32 -91.33
C THR OB 128 25.87 103.96 -92.26
N THR OB 129 25.69 104.32 -93.54
CA THR OB 129 26.70 104.06 -94.55
C THR OB 129 27.73 105.19 -94.59
N ALA PB 1 35.20 126.96 -60.31
CA ALA PB 1 34.01 126.14 -60.06
C ALA PB 1 34.30 124.66 -60.29
N ASN PB 2 33.27 123.84 -60.21
CA ASN PB 2 33.42 122.41 -60.45
C ASN PB 2 32.06 121.77 -60.71
N LYS PB 3 32.03 120.45 -60.88
CA LYS PB 3 30.81 119.78 -61.31
C LYS PB 3 29.83 119.67 -60.15
N PRO PB 4 28.62 120.21 -60.26
CA PRO PB 4 27.58 119.93 -59.27
C PRO PB 4 26.70 118.78 -59.70
N MET PB 5 26.39 117.90 -58.75
CA MET PB 5 25.44 116.83 -59.04
C MET PB 5 24.02 117.32 -58.82
N GLN PB 6 23.07 116.41 -58.86
CA GLN PB 6 21.66 116.69 -58.71
C GLN PB 6 21.03 115.59 -57.87
N PRO PB 7 19.91 115.86 -57.22
CA PRO PB 7 19.32 114.84 -56.33
C PRO PB 7 18.72 113.70 -57.13
N ILE PB 8 19.10 112.48 -56.78
CA ILE PB 8 18.72 111.31 -57.54
C ILE PB 8 17.62 110.51 -56.84
N THR PB 9 17.66 110.42 -55.53
CA THR PB 9 16.73 109.59 -54.76
C THR PB 9 16.09 110.45 -53.69
N SER PB 10 14.92 111.02 -54.01
CA SER PB 10 14.21 111.86 -53.08
C SER PB 10 13.26 111.04 -52.22
N THR PB 11 13.28 111.30 -50.92
CA THR PB 11 12.43 110.58 -49.97
C THR PB 11 12.17 111.53 -48.80
N ALA PB 12 11.10 111.25 -48.07
CA ALA PB 12 10.73 112.11 -46.94
C ALA PB 12 11.84 112.18 -45.90
N ASN PB 13 12.56 111.07 -45.69
CA ASN PB 13 13.58 110.99 -44.66
C ASN PB 13 14.99 111.14 -45.20
N LYS PB 14 15.17 111.13 -46.51
CA LYS PB 14 16.52 111.29 -47.05
C LYS PB 14 16.44 111.70 -48.51
N ILE PB 15 17.47 112.42 -48.95
CA ILE PB 15 17.67 112.73 -50.36
C ILE PB 15 19.11 112.40 -50.71
N VAL PB 16 19.30 111.77 -51.86
CA VAL PB 16 20.62 111.33 -52.30
C VAL PB 16 20.99 112.10 -53.55
N TRP PB 17 22.22 112.60 -53.59
CA TRP PB 17 22.76 113.27 -54.76
C TRP PB 17 23.86 112.43 -55.37
N SER PB 18 23.86 112.34 -56.71
CA SER PB 18 24.89 111.62 -57.43
C SER PB 18 25.21 112.35 -58.72
N ASP PB 19 26.46 112.25 -59.14
CA ASP PB 19 26.96 113.02 -60.28
C ASP PB 19 26.56 112.37 -61.59
N PRO PB 20 26.15 113.15 -62.59
CA PRO PB 20 25.85 112.56 -63.90
C PRO PB 20 27.07 111.93 -64.56
N THR PB 21 28.19 112.66 -64.60
CA THR PB 21 29.39 112.13 -65.26
C THR PB 21 29.89 110.88 -64.56
N ARG PB 22 29.89 110.89 -63.23
CA ARG PB 22 30.40 109.77 -62.44
C ARG PB 22 29.31 109.35 -61.46
N LEU PB 23 28.73 108.18 -61.70
CA LEU PB 23 27.63 107.71 -60.85
C LEU PB 23 28.11 107.10 -59.54
N SER PB 24 29.41 106.85 -59.40
CA SER PB 24 29.90 106.23 -58.18
C SER PB 24 29.84 107.19 -57.00
N THR PB 25 30.27 108.43 -57.21
CA THR PB 25 30.26 109.42 -56.13
C THR PB 25 28.83 109.77 -55.74
N THR PB 26 28.57 109.83 -54.43
CA THR PB 26 27.24 110.10 -53.92
C THR PB 26 27.34 110.97 -52.68
N PHE PB 27 26.25 111.67 -52.39
CA PHE PB 27 26.09 112.40 -51.13
C PHE PB 27 24.68 112.13 -50.63
N SER PB 28 24.56 111.49 -49.47
CA SER PB 28 23.28 111.15 -48.89
C SER PB 28 23.07 111.94 -47.61
N ALA PB 29 21.90 112.53 -47.45
CA ALA PB 29 21.54 113.27 -46.26
C ALA PB 29 20.27 112.66 -45.67
N SER PB 30 20.43 111.89 -44.59
CA SER PB 30 19.31 111.23 -43.94
C SER PB 30 19.25 111.69 -42.50
N LEU PB 31 18.07 112.13 -42.07
CA LEU PB 31 17.89 112.67 -40.72
C LEU PB 31 16.72 111.97 -40.04
N LEU PB 32 16.76 111.94 -38.72
CA LEU PB 32 15.70 111.35 -37.92
C LEU PB 32 15.04 112.43 -37.07
N ARG PB 33 13.72 112.52 -37.16
CA ARG PB 33 12.95 113.45 -36.36
C ARG PB 33 12.47 112.73 -35.11
N GLN PB 34 12.67 113.34 -33.95
CA GLN PB 34 12.25 112.70 -32.71
C GLN PB 34 11.89 113.77 -31.69
N ARG PB 35 11.03 113.38 -30.77
CA ARG PB 35 10.55 114.23 -29.69
C ARG PB 35 11.11 113.73 -28.36
N VAL PB 36 11.69 114.65 -27.60
CA VAL PB 36 12.47 114.30 -26.41
C VAL PB 36 11.94 115.11 -25.22
N LYS PB 37 12.07 114.53 -24.03
CA LYS PB 37 11.49 115.05 -22.80
C LYS PB 37 12.58 115.13 -21.75
N VAL PB 38 13.07 116.35 -21.47
CA VAL PB 38 14.12 116.50 -20.46
C VAL PB 38 13.78 117.57 -19.43
N GLY PB 39 13.51 118.80 -19.88
CA GLY PB 39 13.35 119.91 -18.97
C GLY PB 39 11.90 120.18 -18.60
N ILE PB 40 11.21 119.14 -18.12
CA ILE PB 40 9.77 119.13 -17.84
C ILE PB 40 9.03 119.79 -18.99
N ALA PB 41 9.62 119.74 -20.19
CA ALA PB 41 9.10 120.44 -21.35
C ALA PB 41 9.39 119.62 -22.59
N GLU PB 42 8.45 119.64 -23.53
CA GLU PB 42 8.63 118.96 -24.80
C GLU PB 42 9.74 119.63 -25.61
N LEU PB 43 10.65 118.80 -26.14
CA LEU PB 43 11.68 119.28 -27.03
C LEU PB 43 11.80 118.32 -28.21
N ASN PB 44 12.27 118.84 -29.33
CA ASN PB 44 12.37 118.09 -30.57
C ASN PB 44 13.84 117.85 -30.89
N ASN PB 45 14.20 116.59 -31.13
CA ASN PB 45 15.56 116.19 -31.43
C ASN PB 45 15.69 115.84 -32.90
N VAL PB 46 16.71 116.38 -33.55
CA VAL PB 46 17.01 116.12 -34.95
C VAL PB 46 18.38 115.46 -35.03
N SER PB 47 18.45 114.31 -35.68
CA SER PB 47 19.69 113.55 -35.82
C SER PB 47 19.92 113.26 -37.30
N GLY PB 48 20.74 114.09 -37.95
CA GLY PB 48 20.96 113.97 -39.37
C GLY PB 48 22.26 113.30 -39.76
N GLN PB 49 22.18 112.19 -40.49
CA GLN PB 49 23.36 111.49 -40.99
C GLN PB 49 23.72 112.04 -42.36
N TYR PB 50 24.98 112.43 -42.53
CA TYR PB 50 25.48 112.94 -43.81
C TYR PB 50 26.65 112.07 -44.23
N VAL PB 51 26.54 111.45 -45.39
CA VAL PB 51 27.54 110.51 -45.89
C VAL PB 51 27.99 110.98 -47.26
N SER PB 52 29.30 111.15 -47.43
CA SER PB 52 29.90 111.46 -48.72
C SER PB 52 30.80 110.29 -49.10
N VAL PB 53 30.55 109.70 -50.27
CA VAL PB 53 31.25 108.51 -50.70
C VAL PB 53 31.87 108.76 -52.06
N TYR PB 54 33.14 108.42 -52.21
CA TYR PB 54 33.83 108.51 -53.48
C TYR PB 54 34.56 107.20 -53.75
N LYS PB 55 34.56 106.78 -55.01
CA LYS PB 55 35.33 105.63 -55.46
C LYS PB 55 36.52 106.13 -56.25
N ARG PB 56 37.72 105.92 -55.71
CA ARG PB 56 38.93 106.37 -56.36
C ARG PB 56 39.86 105.21 -56.62
N PRO PB 57 40.39 105.11 -57.83
CA PRO PB 57 41.34 104.03 -58.13
C PRO PB 57 42.62 104.19 -57.33
N ALA PB 58 43.34 103.09 -57.17
CA ALA PB 58 44.58 103.11 -56.41
C ALA PB 58 45.59 104.02 -57.08
N PRO PB 59 46.56 104.58 -56.33
CA PRO PB 59 47.48 105.56 -56.92
C PRO PB 59 48.34 105.01 -58.05
N LYS PB 60 48.23 103.71 -58.32
CA LYS PB 60 48.79 102.95 -59.45
C LYS PB 60 50.31 102.87 -59.35
N PRO PB 61 50.93 101.83 -59.92
CA PRO PB 61 52.39 101.78 -59.96
C PRO PB 61 52.95 102.98 -60.70
N GLU PB 62 53.81 103.75 -60.04
CA GLU PB 62 54.37 104.94 -60.64
C GLU PB 62 55.27 104.53 -61.80
N GLY PB 63 55.71 105.51 -62.58
CA GLY PB 63 56.36 105.22 -63.84
C GLY PB 63 55.40 105.35 -65.00
N CYS PB 64 54.84 104.23 -65.47
CA CYS PB 64 54.03 104.29 -66.67
C CYS PB 64 52.56 104.48 -66.33
N ALA PB 65 51.86 105.21 -67.19
CA ALA PB 65 50.41 105.29 -67.13
C ALA PB 65 49.86 105.21 -68.56
N ASP PB 66 50.47 104.36 -69.38
CA ASP PB 66 50.20 104.34 -70.81
C ASP PB 66 48.87 103.65 -71.14
N ALA PB 67 48.77 102.36 -70.82
CA ALA PB 67 47.61 101.59 -71.24
C ALA PB 67 46.49 101.73 -70.23
N CYS PB 68 45.32 101.15 -70.55
CA CYS PB 68 44.17 101.20 -69.65
C CYS PB 68 44.28 100.08 -68.62
N VAL PB 69 45.40 100.09 -67.92
CA VAL PB 69 45.61 99.23 -66.76
C VAL PB 69 44.87 99.89 -65.61
N ILE PB 70 43.68 99.38 -65.31
CA ILE PB 70 42.75 100.03 -64.40
C ILE PB 70 42.64 99.16 -63.16
N MET PB 71 43.38 99.53 -62.12
CA MET PB 71 43.28 98.86 -60.83
C MET PB 71 41.97 99.24 -60.15
N PRO PB 72 41.43 98.37 -59.31
CA PRO PB 72 40.11 98.65 -58.71
C PRO PB 72 40.17 99.84 -57.77
N ASN PB 73 39.02 100.48 -57.61
CA ASN PB 73 38.91 101.68 -56.81
C ASN PB 73 38.78 101.34 -55.33
N GLU PB 74 38.86 102.36 -54.49
CA GLU PB 74 38.72 102.24 -53.05
C GLU PB 74 37.63 103.16 -52.55
N ASN PB 75 37.27 102.99 -51.28
CA ASN PB 75 36.18 103.73 -50.66
C ASN PB 75 36.75 104.90 -49.86
N GLN PB 76 36.62 106.10 -50.41
CA GLN PB 76 36.87 107.34 -49.66
C GLN PB 76 35.51 107.84 -49.17
N SER PB 77 35.12 107.39 -47.99
CA SER PB 77 33.81 107.70 -47.45
C SER PB 77 33.95 108.32 -46.07
N ILE PB 78 33.18 109.38 -45.83
CA ILE PB 78 33.17 110.07 -44.54
C ILE PB 78 31.73 110.30 -44.13
N ARG PB 79 31.42 110.09 -42.85
CA ARG PB 79 30.06 110.21 -42.35
C ARG PB 79 30.03 111.19 -41.19
N THR PB 80 28.92 111.93 -41.07
CA THR PB 80 28.74 112.92 -40.02
C THR PB 80 27.30 112.87 -39.56
N VAL PB 81 27.09 112.86 -38.26
CA VAL PB 81 25.75 112.89 -37.67
C VAL PB 81 25.68 114.07 -36.70
N ILE PB 82 24.59 114.82 -36.79
CA ILE PB 82 24.40 116.02 -35.98
C ILE PB 82 23.17 115.78 -35.11
N SER PB 83 23.38 115.68 -33.80
CA SER PB 83 22.30 115.47 -32.85
C SER PB 83 22.14 116.70 -31.99
N GLY PB 84 20.92 117.24 -31.94
CA GLY PB 84 20.70 118.45 -31.18
C GLY PB 84 19.23 118.79 -31.15
N SER PB 85 18.91 119.83 -30.37
CA SER PB 85 17.55 120.27 -30.20
C SER PB 85 17.17 121.31 -31.26
N ALA PB 86 15.89 121.32 -31.62
CA ALA PB 86 15.42 122.21 -32.68
C ALA PB 86 15.56 123.68 -32.29
N GLU PB 87 15.36 123.99 -31.01
CA GLU PB 87 15.43 125.39 -30.59
C GLU PB 87 16.86 125.92 -30.54
N ASN PB 88 17.86 125.04 -30.46
CA ASN PB 88 19.23 125.46 -30.20
C ASN PB 88 20.12 125.40 -31.44
N LEU PB 89 19.57 125.60 -32.63
CA LEU PB 89 20.42 125.68 -33.81
C LEU PB 89 21.40 126.83 -33.74
N ALA PB 90 20.96 127.98 -33.21
CA ALA PB 90 21.84 129.14 -33.16
C ALA PB 90 23.12 128.83 -32.39
N THR PB 91 22.99 128.13 -31.27
CA THR PB 91 24.18 127.70 -30.54
C THR PB 91 24.80 126.45 -31.17
N LEU PB 92 24.00 125.67 -31.90
CA LEU PB 92 24.53 124.46 -32.51
C LEU PB 92 25.45 124.78 -33.68
N LYS PB 93 25.23 125.91 -34.36
CA LYS PB 93 26.11 126.28 -35.46
C LYS PB 93 27.54 126.47 -34.98
N ALA PB 94 27.71 127.10 -33.82
CA ALA PB 94 29.04 127.25 -33.25
C ALA PB 94 29.67 125.89 -32.99
N GLU PB 95 28.86 124.92 -32.56
CA GLU PB 95 29.38 123.57 -32.36
C GLU PB 95 29.86 122.98 -33.69
N TRP PB 96 29.13 123.25 -34.77
CA TRP PB 96 29.61 122.89 -36.08
C TRP PB 96 30.91 123.62 -36.41
N GLU PB 97 30.98 124.90 -36.07
CA GLU PB 97 32.18 125.67 -36.39
C GLU PB 97 33.38 125.19 -35.60
N THR PB 98 33.22 124.96 -34.30
CA THR PB 98 34.36 124.47 -33.52
C THR PB 98 34.73 123.06 -33.94
N HIS PB 99 33.77 122.30 -34.44
CA HIS PB 99 34.08 120.98 -34.99
C HIS PB 99 34.87 121.11 -36.28
N LYS PB 100 34.62 122.17 -37.05
CA LYS PB 100 35.42 122.44 -38.23
C LYS PB 100 36.90 122.58 -37.86
N ARG PB 101 37.19 123.48 -36.93
CA ARG PB 101 38.57 123.81 -36.63
C ARG PB 101 39.28 122.64 -35.94
N ASN PB 102 38.60 121.99 -35.00
CA ASN PB 102 39.23 120.92 -34.24
C ASN PB 102 39.64 119.77 -35.16
N VAL PB 103 38.75 119.38 -36.08
CA VAL PB 103 39.12 118.33 -37.03
C VAL PB 103 40.19 118.83 -37.98
N ASP PB 104 40.04 120.05 -38.49
CA ASP PB 104 41.05 120.60 -39.38
C ASP PB 104 42.41 120.67 -38.72
N THR PB 105 42.44 120.97 -37.41
CA THR PB 105 43.70 121.00 -36.69
C THR PB 105 44.38 119.63 -36.72
N LEU PB 106 43.60 118.57 -36.53
CA LEU PB 106 44.17 117.23 -36.58
C LEU PB 106 44.31 116.74 -38.02
N PHE PB 107 43.22 116.76 -38.76
CA PHE PB 107 43.21 116.14 -40.09
C PHE PB 107 43.82 117.06 -41.15
N ALA PB 108 43.25 118.24 -41.35
CA ALA PB 108 43.70 119.13 -42.40
C ALA PB 108 45.13 119.60 -42.17
N SER PB 109 45.35 120.38 -41.12
CA SER PB 109 46.68 120.91 -40.87
C SER PB 109 47.64 119.82 -40.42
N GLY PB 110 47.22 119.01 -39.46
CA GLY PB 110 48.08 117.99 -38.92
C GLY PB 110 48.16 116.77 -39.82
N ASN PB 111 49.06 115.85 -39.43
CA ASN PB 111 49.25 114.60 -40.15
C ASN PB 111 48.45 113.45 -39.55
N ALA PB 112 47.32 113.76 -38.90
CA ALA PB 112 46.52 112.71 -38.28
C ALA PB 112 45.93 111.75 -39.30
N GLY PB 113 45.81 112.18 -40.55
CA GLY PB 113 45.25 111.30 -41.58
C GLY PB 113 46.10 110.06 -41.79
N LEU PB 114 47.42 110.21 -41.70
CA LEU PB 114 48.30 109.05 -41.86
C LEU PB 114 48.19 108.07 -40.70
N GLY PB 115 47.69 108.52 -39.55
CA GLY PB 115 47.53 107.62 -38.43
C GLY PB 115 48.32 108.03 -37.21
N PHE PB 116 48.58 109.33 -37.06
CA PHE PB 116 49.36 109.85 -35.94
C PHE PB 116 48.49 110.69 -35.03
N LEU PB 117 48.61 110.47 -33.73
CA LEU PB 117 47.91 111.27 -32.73
C LEU PB 117 48.83 112.41 -32.32
N ASP PB 118 48.34 113.63 -32.38
CA ASP PB 118 49.12 114.78 -31.93
C ASP PB 118 48.61 115.13 -30.54
N PRO PB 119 49.34 114.85 -29.47
CA PRO PB 119 48.84 115.15 -28.12
C PRO PB 119 48.94 116.61 -27.74
N THR PB 120 49.76 117.39 -28.44
CA THR PB 120 49.89 118.82 -28.17
C THR PB 120 49.10 119.66 -29.17
N ALA PB 121 48.17 119.06 -29.90
CA ALA PB 121 47.39 119.80 -30.88
C ALA PB 121 46.55 120.87 -30.19
N ALA PB 122 46.37 122.00 -30.88
CA ALA PB 122 45.63 123.13 -30.33
C ALA PB 122 44.14 122.84 -30.46
N ILE PB 123 43.64 122.03 -29.53
CA ILE PB 123 42.21 121.72 -29.44
C ILE PB 123 41.56 122.79 -28.58
N VAL PB 124 40.46 123.36 -29.08
CA VAL PB 124 39.83 124.51 -28.45
C VAL PB 124 38.34 124.26 -28.38
N SER PB 125 37.68 124.85 -27.37
CA SER PB 125 36.25 124.65 -27.20
C SER PB 125 35.46 125.63 -28.05
N SER PB 126 34.14 125.47 -28.03
CA SER PB 126 33.27 126.40 -28.74
C SER PB 126 33.12 127.71 -27.99
N ASP PB 127 33.00 127.65 -26.66
CA ASP PB 127 32.78 128.85 -25.88
C ASP PB 127 34.00 129.76 -25.91
N THR PB 128 33.75 131.05 -26.05
CA THR PB 128 34.80 132.04 -26.15
C THR PB 128 35.10 132.64 -24.78
N THR PB 129 36.12 133.49 -24.73
CA THR PB 129 36.52 134.14 -23.50
C THR PB 129 35.90 135.54 -23.40
N ALA QB 1 -22.14 -36.20 141.48
CA ALA QB 1 -20.97 -35.66 142.17
C ALA QB 1 -19.85 -35.39 141.18
N ASN QB 2 -20.18 -35.40 139.90
CA ASN QB 2 -19.19 -35.15 138.87
C ASN QB 2 -18.80 -33.66 138.88
N LYS QB 3 -17.73 -33.34 138.16
CA LYS QB 3 -17.25 -31.98 138.11
C LYS QB 3 -18.31 -31.06 137.53
N PRO QB 4 -18.67 -29.99 138.22
CA PRO QB 4 -19.57 -28.99 137.60
C PRO QB 4 -18.94 -28.40 136.37
N MET QB 5 -19.76 -28.14 135.36
CA MET QB 5 -19.31 -27.61 134.09
C MET QB 5 -19.78 -26.18 133.95
N GLN QB 6 -18.91 -25.30 133.46
CA GLN QB 6 -19.23 -23.89 133.41
C GLN QB 6 -19.33 -23.43 131.96
N PRO QB 7 -20.18 -22.44 131.67
CA PRO QB 7 -20.40 -22.03 130.28
C PRO QB 7 -19.21 -21.26 129.73
N ILE QB 8 -19.06 -21.31 128.40
CA ILE QB 8 -18.03 -20.54 127.72
C ILE QB 8 -18.61 -19.62 126.65
N THR QB 9 -19.85 -19.82 126.23
CA THR QB 9 -20.44 -18.98 125.21
C THR QB 9 -21.95 -18.91 125.47
N SER QB 10 -22.42 -17.77 125.95
CA SER QB 10 -23.83 -17.60 126.29
C SER QB 10 -24.50 -16.71 125.27
N THR QB 11 -25.66 -17.15 124.78
CA THR QB 11 -26.43 -16.39 123.82
C THR QB 11 -27.90 -16.75 124.00
N ALA QB 12 -28.79 -15.87 123.55
CA ALA QB 12 -30.22 -16.13 123.64
C ALA QB 12 -30.62 -17.34 122.82
N ASN QB 13 -29.80 -17.78 121.88
CA ASN QB 13 -30.10 -18.93 121.04
C ASN QB 13 -29.33 -20.17 121.42
N LYS QB 14 -28.03 -20.04 121.64
CA LYS QB 14 -27.18 -21.18 121.96
C LYS QB 14 -26.33 -20.86 123.18
N ILE QB 15 -26.24 -21.82 124.10
CA ILE QB 15 -25.36 -21.72 125.25
C ILE QB 15 -24.51 -22.98 125.29
N VAL QB 16 -23.20 -22.82 125.38
CA VAL QB 16 -22.26 -23.93 125.34
C VAL QB 16 -21.49 -23.96 126.65
N TRP QB 17 -21.55 -25.09 127.35
CA TRP QB 17 -20.71 -25.31 128.52
C TRP QB 17 -19.55 -26.22 128.14
N SER QB 18 -18.44 -26.07 128.86
CA SER QB 18 -17.27 -26.90 128.67
C SER QB 18 -16.61 -27.15 130.01
N ASP QB 19 -16.11 -28.37 130.19
CA ASP QB 19 -15.47 -28.73 131.45
C ASP QB 19 -14.18 -27.93 131.62
N PRO QB 20 -13.98 -27.24 132.74
CA PRO QB 20 -12.77 -26.44 132.89
C PRO QB 20 -11.50 -27.26 132.83
N THR QB 21 -11.51 -28.48 133.39
CA THR QB 21 -10.31 -29.31 133.35
C THR QB 21 -10.04 -29.82 131.94
N ARG QB 22 -11.06 -30.33 131.27
CA ARG QB 22 -10.94 -30.86 129.92
C ARG QB 22 -11.90 -30.08 129.02
N LEU QB 23 -11.38 -29.08 128.32
CA LEU QB 23 -12.23 -28.27 127.46
C LEU QB 23 -12.73 -29.04 126.25
N SER QB 24 -12.15 -30.21 125.97
CA SER QB 24 -12.58 -30.99 124.82
C SER QB 24 -14.03 -31.43 124.96
N THR QB 25 -14.42 -31.90 126.14
CA THR QB 25 -15.79 -32.31 126.35
C THR QB 25 -16.69 -31.09 126.55
N THR QB 26 -17.84 -31.10 125.89
CA THR QB 26 -18.74 -29.95 125.88
C THR QB 26 -20.18 -30.42 125.99
N PHE QB 27 -21.03 -29.50 126.43
CA PHE QB 27 -22.48 -29.67 126.37
C PHE QB 27 -23.09 -28.37 125.87
N SER QB 28 -23.97 -28.48 124.88
CA SER QB 28 -24.55 -27.30 124.25
C SER QB 28 -26.05 -27.48 124.09
N ALA QB 29 -26.79 -26.40 124.28
CA ALA QB 29 -28.23 -26.39 124.10
C ALA QB 29 -28.58 -25.29 123.10
N SER QB 30 -29.30 -25.66 122.05
CA SER QB 30 -29.69 -24.72 121.00
C SER QB 30 -31.20 -24.73 120.84
N LEU QB 31 -31.78 -23.55 120.74
CA LEU QB 31 -33.22 -23.39 120.58
C LEU QB 31 -33.53 -22.65 119.29
N LEU QB 32 -34.48 -23.16 118.53
CA LEU QB 32 -35.08 -22.43 117.43
C LEU QB 32 -36.59 -22.48 117.62
N ARG QB 33 -37.24 -21.34 117.51
CA ARG QB 33 -38.64 -21.20 117.86
C ARG QB 33 -39.37 -20.45 116.76
N GLN QB 34 -40.54 -20.94 116.37
CA GLN QB 34 -41.33 -20.30 115.34
C GLN QB 34 -42.79 -20.66 115.52
N ARG QB 35 -43.66 -19.80 114.97
CA ARG QB 35 -45.09 -20.03 115.02
C ARG QB 35 -45.49 -21.07 113.99
N VAL QB 36 -46.46 -21.90 114.34
CA VAL QB 36 -46.92 -22.99 113.49
C VAL QB 36 -48.41 -22.84 113.25
N LYS QB 37 -48.80 -22.92 111.98
CA LYS QB 37 -50.20 -22.83 111.60
C LYS QB 37 -50.88 -24.18 111.75
N VAL QB 38 -52.05 -24.19 112.38
CA VAL QB 38 -52.84 -25.38 112.62
C VAL QB 38 -54.27 -25.08 112.22
N GLY QB 39 -55.19 -25.97 112.58
CA GLY QB 39 -56.57 -25.85 112.16
C GLY QB 39 -57.27 -24.65 112.78
N ILE QB 40 -56.94 -23.47 112.24
CA ILE QB 40 -57.48 -22.15 112.56
C ILE QB 40 -57.23 -21.85 114.03
N ALA QB 41 -56.10 -22.36 114.53
CA ALA QB 41 -55.55 -21.90 115.80
C ALA QB 41 -54.09 -21.51 115.54
N GLU QB 42 -53.45 -20.94 116.55
CA GLU QB 42 -52.06 -20.54 116.46
C GLU QB 42 -51.26 -21.25 117.54
N LEU QB 43 -50.27 -22.04 117.11
CA LEU QB 43 -49.38 -22.74 118.02
C LEU QB 43 -47.95 -22.30 117.73
N ASN QB 44 -47.24 -21.90 118.78
CA ASN QB 44 -45.82 -21.60 118.66
C ASN QB 44 -45.00 -22.82 119.05
N ASN QB 45 -44.00 -23.14 118.25
CA ASN QB 45 -43.26 -24.38 118.37
C ASN QB 45 -41.84 -24.08 118.83
N VAL QB 46 -41.33 -24.92 119.73
CA VAL QB 46 -39.96 -24.81 120.22
C VAL QB 46 -39.25 -26.12 119.88
N SER QB 47 -38.12 -26.02 119.21
CA SER QB 47 -37.33 -27.18 118.79
C SER QB 47 -35.96 -27.07 119.44
N GLY QB 48 -35.85 -27.56 120.67
CA GLY QB 48 -34.59 -27.47 121.39
C GLY QB 48 -33.65 -28.61 121.02
N GLN QB 49 -32.40 -28.25 120.75
CA GLN QB 49 -31.37 -29.20 120.34
C GLN QB 49 -30.28 -29.25 121.39
N TYR QB 50 -29.94 -30.45 121.83
CA TYR QB 50 -28.96 -30.65 122.89
C TYR QB 50 -27.91 -31.64 122.41
N VAL QB 51 -26.64 -31.25 122.48
CA VAL QB 51 -25.53 -32.07 122.02
C VAL QB 51 -24.55 -32.23 123.16
N SER QB 52 -24.16 -33.47 123.43
CA SER QB 52 -23.11 -33.79 124.40
C SER QB 52 -21.98 -34.48 123.64
N VAL QB 53 -20.76 -33.98 123.81
CA VAL QB 53 -19.61 -34.44 123.04
C VAL QB 53 -18.48 -34.77 124.00
N TYR QB 54 -17.85 -35.92 123.79
CA TYR QB 54 -16.66 -36.32 124.53
C TYR QB 54 -15.62 -36.84 123.57
N LYS QB 55 -14.35 -36.67 123.93
CA LYS QB 55 -13.22 -37.17 123.15
C LYS QB 55 -12.60 -38.32 123.91
N ARG QB 56 -13.12 -39.51 123.71
CA ARG QB 56 -12.63 -40.67 124.43
C ARG QB 56 -11.32 -41.14 123.81
N PRO QB 57 -10.25 -41.25 124.57
CA PRO QB 57 -8.96 -41.63 123.99
C PRO QB 57 -8.81 -43.14 123.79
N ALA QB 58 -8.87 -43.59 122.54
CA ALA QB 58 -8.54 -44.94 122.11
C ALA QB 58 -9.34 -46.02 122.85
N PRO QB 59 -9.11 -47.30 122.53
CA PRO QB 59 -9.66 -48.36 123.40
C PRO QB 59 -8.65 -48.83 124.44
N LYS QB 60 -7.43 -48.26 124.40
CA LYS QB 60 -6.35 -48.65 125.29
C LYS QB 60 -6.16 -50.16 125.20
N PRO QB 61 -5.54 -50.65 124.11
CA PRO QB 61 -5.77 -52.04 123.65
C PRO QB 61 -5.97 -53.10 124.71
N GLU QB 62 -5.05 -53.24 125.68
CA GLU QB 62 -5.29 -54.21 126.73
C GLU QB 62 -4.86 -53.70 128.10
N GLY QB 63 -4.17 -52.58 128.14
CA GLY QB 63 -3.58 -52.12 129.39
C GLY QB 63 -2.07 -52.31 129.42
N CYS QB 64 -1.41 -52.03 128.30
CA CYS QB 64 0.03 -52.20 128.20
C CYS QB 64 0.72 -50.86 127.96
N ALA QB 65 0.07 -49.99 127.19
CA ALA QB 65 0.68 -48.72 126.80
C ALA QB 65 1.23 -47.98 128.00
N ASP QB 66 0.44 -47.90 129.07
CA ASP QB 66 0.87 -47.39 130.38
C ASP QB 66 1.72 -46.14 130.27
N ALA QB 67 2.97 -46.30 129.84
CA ALA QB 67 3.82 -45.16 129.52
C ALA QB 67 3.16 -44.33 128.44
N CYS QB 68 2.96 -43.05 128.72
CA CYS QB 68 2.08 -42.24 127.88
C CYS QB 68 2.62 -42.05 126.47
N VAL QB 69 2.01 -42.75 125.53
CA VAL QB 69 2.11 -42.42 124.11
C VAL QB 69 0.68 -42.20 123.61
N ILE QB 70 0.25 -40.95 123.65
CA ILE QB 70 -1.17 -40.62 123.54
C ILE QB 70 -1.72 -41.01 122.17
N MET QB 71 -2.74 -41.85 122.17
CA MET QB 71 -3.42 -42.25 120.96
C MET QB 71 -4.36 -41.14 120.51
N PRO QB 72 -4.73 -41.10 119.23
CA PRO QB 72 -5.77 -40.17 118.82
C PRO QB 72 -7.10 -40.53 119.44
N ASN QB 73 -7.91 -39.51 119.69
CA ASN QB 73 -9.19 -39.68 120.38
C ASN QB 73 -10.29 -39.99 119.37
N GLU QB 74 -11.44 -40.41 119.88
CA GLU QB 74 -12.62 -40.64 119.06
C GLU QB 74 -13.78 -39.84 119.64
N ASN QB 75 -14.73 -39.52 118.76
CA ASN QB 75 -15.87 -38.70 119.16
C ASN QB 75 -16.97 -39.58 119.76
N GLN QB 76 -17.43 -39.19 120.94
CA GLN QB 76 -18.59 -39.81 121.57
C GLN QB 76 -19.67 -38.75 121.68
N SER QB 77 -20.54 -38.68 120.68
CA SER QB 77 -21.53 -37.62 120.57
C SER QB 77 -22.91 -38.16 120.84
N ILE QB 78 -23.74 -37.33 121.48
CA ILE QB 78 -25.12 -37.67 121.80
C ILE QB 78 -25.96 -36.43 121.52
N ARG QB 79 -26.79 -36.48 120.49
CA ARG QB 79 -27.64 -35.36 120.10
C ARG QB 79 -29.09 -35.72 120.36
N THR QB 80 -29.85 -34.78 120.90
CA THR QB 80 -31.27 -34.95 121.13
C THR QB 80 -31.98 -33.65 120.81
N VAL QB 81 -33.06 -33.74 120.05
CA VAL QB 81 -33.90 -32.57 119.74
C VAL QB 81 -35.32 -32.87 120.19
N ILE QB 82 -35.95 -31.89 120.82
CA ILE QB 82 -37.32 -32.00 121.30
C ILE QB 82 -38.13 -30.93 120.57
N SER QB 83 -39.16 -31.36 119.85
CA SER QB 83 -40.02 -30.46 119.10
C SER QB 83 -41.46 -30.63 119.55
N GLY QB 84 -42.13 -29.52 119.83
CA GLY QB 84 -43.52 -29.57 120.24
C GLY QB 84 -44.00 -28.19 120.63
N SER QB 85 -45.31 -28.07 120.71
CA SER QB 85 -45.94 -26.81 121.10
C SER QB 85 -45.66 -26.52 122.57
N ALA QB 86 -45.34 -25.26 122.87
CA ALA QB 86 -45.12 -24.88 124.26
C ALA QB 86 -46.36 -25.05 125.11
N GLU QB 87 -47.53 -24.96 124.49
CA GLU QB 87 -48.78 -25.12 125.22
C GLU QB 87 -48.94 -26.54 125.77
N ASN QB 88 -48.50 -27.54 125.00
CA ASN QB 88 -48.53 -28.93 125.46
C ASN QB 88 -47.21 -29.36 126.07
N LEU QB 89 -46.52 -28.43 126.74
CA LEU QB 89 -45.24 -28.77 127.35
C LEU QB 89 -45.39 -29.81 128.45
N ALA QB 90 -46.46 -29.71 129.25
CA ALA QB 90 -46.62 -30.61 130.39
C ALA QB 90 -46.68 -32.06 129.93
N THR QB 91 -47.47 -32.34 128.89
CA THR QB 91 -47.53 -33.69 128.35
C THR QB 91 -46.28 -34.04 127.56
N LEU QB 92 -45.58 -33.04 127.03
CA LEU QB 92 -44.34 -33.32 126.31
C LEU QB 92 -43.28 -33.87 127.26
N LYS QB 93 -43.30 -33.44 128.52
CA LYS QB 93 -42.38 -34.00 129.50
C LYS QB 93 -42.62 -35.49 129.69
N ALA QB 94 -43.90 -35.89 129.75
CA ALA QB 94 -44.21 -37.31 129.85
C ALA QB 94 -43.69 -38.06 128.64
N GLU QB 95 -43.79 -37.48 127.44
CA GLU QB 95 -43.17 -38.07 126.27
C GLU QB 95 -41.67 -38.19 126.44
N TRP QB 96 -41.04 -37.14 126.95
CA TRP QB 96 -39.60 -37.19 127.17
C TRP QB 96 -39.23 -38.27 128.19
N GLU QB 97 -40.02 -38.37 129.25
CA GLU QB 97 -39.75 -39.38 130.27
C GLU QB 97 -39.83 -40.78 129.68
N THR QB 98 -40.93 -41.09 128.98
CA THR QB 98 -41.08 -42.42 128.42
C THR QB 98 -40.10 -42.66 127.29
N HIS QB 99 -39.62 -41.60 126.64
CA HIS QB 99 -38.60 -41.77 125.62
C HIS QB 99 -37.32 -42.34 126.23
N LYS QB 100 -36.98 -41.90 127.44
CA LYS QB 100 -35.87 -42.50 128.17
C LYS QB 100 -36.07 -44.00 128.32
N ARG QB 101 -37.28 -44.38 128.73
CA ARG QB 101 -37.54 -45.78 129.07
C ARG QB 101 -37.30 -46.69 127.88
N ASN QB 102 -37.77 -46.28 126.71
CA ASN QB 102 -37.63 -47.12 125.52
C ASN QB 102 -36.17 -47.32 125.15
N VAL QB 103 -35.42 -46.22 125.02
CA VAL QB 103 -34.02 -46.34 124.60
C VAL QB 103 -33.20 -47.02 125.68
N ASP QB 104 -33.51 -46.78 126.95
CA ASP QB 104 -32.77 -47.43 128.03
C ASP QB 104 -32.89 -48.94 127.95
N THR QB 105 -34.12 -49.44 127.76
CA THR QB 105 -34.30 -50.88 127.58
C THR QB 105 -33.61 -51.37 126.33
N LEU QB 106 -33.71 -50.62 125.24
CA LEU QB 106 -33.11 -51.02 123.98
C LEU QB 106 -31.59 -50.92 123.99
N PHE QB 107 -31.04 -49.88 124.58
CA PHE QB 107 -29.60 -49.60 124.48
C PHE QB 107 -28.88 -49.76 125.81
N ALA QB 108 -29.34 -49.08 126.86
CA ALA QB 108 -28.66 -49.18 128.15
C ALA QB 108 -28.73 -50.59 128.71
N SER QB 109 -29.88 -51.25 128.55
CA SER QB 109 -30.06 -52.61 129.01
C SER QB 109 -29.97 -53.64 127.89
N GLY QB 110 -29.67 -53.21 126.68
CA GLY QB 110 -29.59 -54.13 125.55
C GLY QB 110 -28.30 -54.03 124.79
N ASN QB 111 -28.24 -54.69 123.63
CA ASN QB 111 -27.06 -54.69 122.78
C ASN QB 111 -27.20 -53.74 121.59
N ALA QB 112 -28.05 -52.72 121.71
CA ALA QB 112 -28.23 -51.78 120.61
C ALA QB 112 -26.94 -51.06 120.28
N GLY QB 113 -26.19 -50.66 121.31
CA GLY QB 113 -24.94 -49.95 121.06
C GLY QB 113 -23.93 -50.79 120.32
N LEU QB 114 -23.90 -52.10 120.58
CA LEU QB 114 -22.99 -52.98 119.86
C LEU QB 114 -23.39 -53.14 118.40
N GLY QB 115 -24.62 -52.80 118.03
CA GLY QB 115 -25.06 -52.94 116.67
C GLY QB 115 -26.10 -54.01 116.49
N PHE QB 116 -26.63 -54.51 117.61
CA PHE QB 116 -27.61 -55.59 117.58
C PHE QB 116 -28.97 -55.04 118.02
N LEU QB 117 -29.98 -55.21 117.17
CA LEU QB 117 -31.34 -54.82 117.50
C LEU QB 117 -32.14 -56.03 117.95
N ASP QB 118 -33.15 -55.77 118.76
CA ASP QB 118 -33.95 -56.84 119.34
C ASP QB 118 -35.44 -56.62 119.05
N PRO QB 119 -36.04 -57.43 118.19
CA PRO QB 119 -37.46 -57.24 117.86
C PRO QB 119 -38.43 -57.70 118.94
N THR QB 120 -37.95 -58.03 120.13
CA THR QB 120 -38.82 -58.44 121.23
C THR QB 120 -38.61 -57.61 122.48
N ALA QB 121 -38.02 -56.43 122.37
CA ALA QB 121 -37.85 -55.56 123.53
C ALA QB 121 -39.19 -55.03 124.01
N ALA QB 122 -39.28 -54.77 125.31
CA ALA QB 122 -40.52 -54.30 125.93
C ALA QB 122 -40.61 -52.79 125.77
N ILE QB 123 -41.15 -52.37 124.64
CA ILE QB 123 -41.35 -50.95 124.35
C ILE QB 123 -42.73 -50.54 124.82
N VAL QB 124 -42.78 -49.53 125.69
CA VAL QB 124 -44.03 -49.07 126.26
C VAL QB 124 -44.30 -47.65 125.77
N SER QB 125 -45.59 -47.30 125.68
CA SER QB 125 -45.99 -46.02 125.12
C SER QB 125 -45.98 -44.95 126.21
N SER QB 126 -46.42 -43.75 125.83
CA SER QB 126 -46.49 -42.66 126.80
C SER QB 126 -47.75 -42.77 127.65
N ASP QB 127 -48.91 -42.77 127.01
CA ASP QB 127 -50.17 -42.88 127.73
C ASP QB 127 -50.31 -44.26 128.36
N THR QB 128 -51.03 -44.31 129.47
CA THR QB 128 -51.21 -45.53 130.23
C THR QB 128 -52.66 -46.00 130.18
N THR QB 129 -52.89 -47.19 130.71
CA THR QB 129 -54.23 -47.76 130.76
C THR QB 129 -55.13 -46.95 131.68
N ALA RB 1 -52.01 -7.87 141.00
CA ALA RB 1 -50.75 -7.84 140.26
C ALA RB 1 -50.91 -8.47 138.90
N ASN RB 2 -49.92 -8.25 138.03
CA ASN RB 2 -49.91 -8.81 136.69
C ASN RB 2 -48.79 -9.83 136.58
N LYS RB 3 -48.91 -10.72 135.61
CA LYS RB 3 -47.92 -11.78 135.45
C LYS RB 3 -46.56 -11.17 135.12
N PRO RB 4 -45.51 -11.56 135.84
CA PRO RB 4 -44.18 -11.01 135.56
C PRO RB 4 -43.72 -11.38 134.16
N MET RB 5 -42.99 -10.46 133.56
CA MET RB 5 -42.55 -10.60 132.19
C MET RB 5 -41.15 -11.24 132.18
N GLN RB 6 -40.76 -11.83 131.05
CA GLN RB 6 -39.45 -12.47 130.99
C GLN RB 6 -38.79 -12.34 129.63
N PRO RB 7 -37.50 -12.07 129.59
CA PRO RB 7 -36.81 -11.90 128.30
C PRO RB 7 -36.62 -13.22 127.58
N ILE RB 8 -36.49 -13.12 126.26
CA ILE RB 8 -36.20 -14.26 125.41
C ILE RB 8 -34.95 -14.00 124.59
N THR RB 9 -34.98 -12.95 123.78
CA THR RB 9 -33.89 -12.63 122.86
C THR RB 9 -33.17 -11.39 123.36
N SER RB 10 -31.85 -11.48 123.46
CA SER RB 10 -31.01 -10.37 123.90
C SER RB 10 -30.00 -10.09 122.80
N THR RB 11 -30.40 -9.28 121.82
CA THR RB 11 -29.51 -8.84 120.77
C THR RB 11 -28.60 -7.74 121.32
N ALA RB 12 -27.57 -7.37 120.55
CA ALA RB 12 -26.64 -6.34 120.98
C ALA RB 12 -27.35 -5.02 121.28
N ASN RB 13 -28.51 -4.78 120.65
CA ASN RB 13 -29.24 -3.55 120.87
C ASN RB 13 -30.74 -3.76 121.08
N LYS RB 14 -31.21 -4.99 121.22
CA LYS RB 14 -32.64 -5.26 121.37
C LYS RB 14 -32.86 -6.40 122.34
N ILE RB 15 -33.83 -6.23 123.22
CA ILE RB 15 -34.28 -7.29 124.13
C ILE RB 15 -35.77 -7.47 123.95
N VAL RB 16 -36.19 -8.73 123.82
CA VAL RB 16 -37.60 -9.07 123.60
C VAL RB 16 -38.08 -9.87 124.79
N TRP RB 17 -39.13 -9.38 125.45
CA TRP RB 17 -39.78 -10.08 126.54
C TRP RB 17 -41.03 -10.75 126.02
N SER RB 18 -41.23 -12.02 126.36
CA SER RB 18 -42.45 -12.73 126.01
C SER RB 18 -42.93 -13.52 127.22
N ASP RB 19 -44.21 -13.45 127.50
CA ASP RB 19 -44.77 -14.03 128.71
C ASP RB 19 -44.67 -15.55 128.70
N PRO RB 20 -44.14 -16.17 129.76
CA PRO RB 20 -44.03 -17.64 129.77
C PRO RB 20 -45.36 -18.35 129.65
N THR RB 21 -46.42 -17.82 130.28
CA THR RB 21 -47.71 -18.50 130.22
C THR RB 21 -48.33 -18.40 128.83
N ARG RB 22 -48.26 -17.23 128.22
CA ARG RB 22 -48.78 -17.00 126.87
C ARG RB 22 -47.70 -16.26 126.09
N LEU RB 23 -46.94 -16.99 125.28
CA LEU RB 23 -45.82 -16.39 124.56
C LEU RB 23 -46.27 -15.48 123.44
N SER RB 24 -47.57 -15.43 123.15
CA SER RB 24 -48.06 -14.51 122.12
C SER RB 24 -47.76 -13.07 122.49
N THR RB 25 -47.98 -12.71 123.75
CA THR RB 25 -47.70 -11.36 124.19
C THR RB 25 -46.20 -11.10 124.19
N THR RB 26 -45.78 -9.97 123.66
CA THR RB 26 -44.37 -9.63 123.58
C THR RB 26 -44.18 -8.16 123.93
N PHE RB 27 -42.93 -7.83 124.26
CA PHE RB 27 -42.50 -6.45 124.46
C PHE RB 27 -41.03 -6.39 124.08
N SER RB 28 -40.72 -5.60 123.06
CA SER RB 28 -39.37 -5.47 122.56
C SER RB 28 -38.92 -4.02 122.65
N ALA RB 29 -37.69 -3.82 123.10
CA ALA RB 29 -37.09 -2.49 123.18
C ALA RB 29 -35.77 -2.52 122.45
N SER RB 30 -35.56 -1.55 121.55
CA SER RB 30 -34.34 -1.45 120.79
C SER RB 30 -33.88 -0.01 120.76
N LEU RB 31 -32.57 0.18 120.61
CA LEU RB 31 -31.98 1.50 120.70
C LEU RB 31 -31.04 1.73 119.52
N LEU RB 32 -30.91 2.99 119.12
CA LEU RB 32 -29.93 3.42 118.14
C LEU RB 32 -29.21 4.63 118.67
N ARG RB 33 -27.88 4.58 118.66
CA ARG RB 33 -27.05 5.67 119.17
C ARG RB 33 -26.25 6.26 118.02
N GLN RB 34 -26.44 7.54 117.75
CA GLN RB 34 -25.85 8.20 116.61
C GLN RB 34 -25.02 9.41 117.05
N ARG RB 35 -24.15 9.85 116.15
CA ARG RB 35 -23.38 11.07 116.33
C ARG RB 35 -24.03 12.17 115.51
N VAL RB 36 -24.43 13.26 116.17
CA VAL RB 36 -25.08 14.39 115.51
C VAL RB 36 -24.26 15.65 115.78
N LYS RB 37 -24.00 16.40 114.73
CA LYS RB 37 -23.20 17.62 114.80
C LYS RB 37 -24.13 18.80 114.55
N VAL RB 38 -24.78 19.27 115.61
CA VAL RB 38 -25.71 20.40 115.47
C VAL RB 38 -24.94 21.68 115.16
N GLY RB 39 -23.88 21.94 115.90
CA GLY RB 39 -23.03 23.09 115.66
C GLY RB 39 -22.03 23.28 116.78
N ILE RB 40 -20.77 23.53 116.41
CA ILE RB 40 -19.62 23.67 117.32
C ILE RB 40 -19.72 22.75 118.53
N ALA RB 41 -20.35 21.59 118.35
CA ALA RB 41 -20.55 20.64 119.44
C ALA RB 41 -21.08 19.34 118.86
N GLU RB 42 -20.52 18.23 119.33
CA GLU RB 42 -20.94 16.90 118.95
C GLU RB 42 -21.80 16.32 120.05
N LEU RB 43 -23.01 15.86 119.71
CA LEU RB 43 -24.00 15.43 120.68
C LEU RB 43 -24.30 13.96 120.51
N ASN RB 44 -24.74 13.32 121.59
CA ASN RB 44 -25.08 11.90 121.60
C ASN RB 44 -26.56 11.76 121.28
N ASN RB 45 -26.86 11.34 120.06
CA ASN RB 45 -28.23 11.11 119.63
C ASN RB 45 -28.65 9.70 119.99
N VAL RB 46 -29.88 9.54 120.46
CA VAL RB 46 -30.43 8.25 120.85
C VAL RB 46 -31.87 8.17 120.35
N SER RB 47 -32.25 7.01 119.83
CA SER RB 47 -33.62 6.78 119.36
C SER RB 47 -34.04 5.39 119.81
N GLY RB 48 -34.96 5.33 120.77
CA GLY RB 48 -35.42 4.08 121.33
C GLY RB 48 -36.82 3.76 120.85
N GLN RB 49 -36.97 2.57 120.26
CA GLN RB 49 -38.25 2.10 119.75
C GLN RB 49 -38.78 1.03 120.67
N TYR RB 50 -40.04 1.19 121.11
CA TYR RB 50 -40.66 0.31 122.08
C TYR RB 50 -41.94 -0.24 121.46
N VAL RB 51 -42.04 -1.57 121.40
CA VAL RB 51 -43.17 -2.23 120.75
C VAL RB 51 -43.81 -3.18 121.74
N SER RB 52 -45.12 -3.04 121.94
CA SER RB 52 -45.90 -3.95 122.77
C SER RB 52 -46.94 -4.61 121.89
N VAL RB 53 -46.93 -5.94 121.83
CA VAL RB 53 -47.78 -6.70 120.93
C VAL RB 53 -48.58 -7.70 121.74
N TYR RB 54 -49.88 -7.76 121.48
CA TYR RB 54 -50.78 -8.72 122.08
C TYR RB 54 -51.72 -9.23 121.01
N LYS RB 55 -51.87 -10.54 120.91
CA LYS RB 55 -52.85 -11.14 120.01
C LYS RB 55 -54.05 -11.59 120.83
N ARG RB 56 -55.14 -10.84 120.72
CA ARG RB 56 -56.33 -11.05 121.54
C ARG RB 56 -57.44 -11.63 120.68
N PRO RB 57 -58.22 -12.58 121.19
CA PRO RB 57 -59.34 -13.10 120.41
C PRO RB 57 -60.41 -12.05 120.18
N ALA RB 58 -61.20 -12.25 119.13
CA ALA RB 58 -62.25 -11.32 118.78
C ALA RB 58 -63.30 -11.27 119.89
N PRO RB 59 -64.03 -10.16 120.01
CA PRO RB 59 -65.04 -10.06 121.08
C PRO RB 59 -66.11 -11.13 120.94
N LYS RB 60 -66.58 -11.63 122.07
CA LYS RB 60 -67.57 -12.68 122.08
C LYS RB 60 -68.89 -12.16 121.51
N PRO RB 61 -69.59 -13.00 120.74
CA PRO RB 61 -70.92 -12.59 120.25
C PRO RB 61 -71.86 -12.27 121.40
N GLU RB 62 -72.94 -11.57 121.05
CA GLU RB 62 -73.79 -10.91 122.03
C GLU RB 62 -74.40 -11.88 123.03
N GLY RB 63 -74.15 -11.64 124.32
CA GLY RB 63 -74.83 -12.34 125.39
C GLY RB 63 -74.65 -13.84 125.42
N CYS RB 64 -73.41 -14.32 125.28
CA CYS RB 64 -73.15 -15.74 125.37
C CYS RB 64 -71.80 -15.95 126.02
N ALA RB 65 -71.78 -16.61 127.17
CA ALA RB 65 -70.52 -17.07 127.74
C ALA RB 65 -70.15 -18.44 127.21
N ASP RB 66 -71.13 -19.36 127.17
CA ASP RB 66 -70.96 -20.70 126.62
C ASP RB 66 -69.76 -21.40 127.24
N ALA RB 67 -68.81 -21.81 126.40
CA ALA RB 67 -67.67 -22.59 126.84
C ALA RB 67 -66.59 -22.62 125.77
N CYS RB 68 -66.58 -23.66 124.97
CA CYS RB 68 -65.59 -23.81 123.90
C CYS RB 68 -66.13 -23.18 122.62
N VAL RB 69 -66.14 -21.84 122.60
CA VAL RB 69 -66.37 -21.10 121.36
C VAL RB 69 -65.17 -20.20 121.15
N ILE RB 70 -64.52 -20.34 120.00
CA ILE RB 70 -63.18 -19.81 119.78
C ILE RB 70 -63.19 -18.96 118.52
N MET RB 71 -62.73 -17.73 118.64
CA MET RB 71 -62.58 -16.86 117.48
C MET RB 71 -61.10 -16.53 117.26
N PRO RB 72 -60.72 -16.27 116.02
CA PRO RB 72 -59.31 -15.96 115.73
C PRO RB 72 -58.92 -14.64 116.36
N ASN RB 73 -57.62 -14.50 116.58
CA ASN RB 73 -57.06 -13.35 117.27
C ASN RB 73 -56.76 -12.23 116.29
N GLU RB 74 -56.69 -11.01 116.82
CA GLU RB 74 -56.28 -9.85 116.04
C GLU RB 74 -55.19 -9.12 116.80
N ASN RB 75 -54.35 -8.42 116.06
CA ASN RB 75 -53.20 -7.74 116.65
C ASN RB 75 -53.65 -6.55 117.46
N GLN RB 76 -52.99 -6.34 118.59
CA GLN RB 76 -53.16 -5.14 119.42
C GLN RB 76 -51.76 -4.61 119.68
N SER RB 77 -51.25 -3.79 118.76
CA SER RB 77 -49.87 -3.35 118.78
C SER RB 77 -49.80 -1.89 119.18
N ILE RB 78 -48.91 -1.59 120.12
CA ILE RB 78 -48.63 -0.22 120.54
C ILE RB 78 -47.14 0.00 120.35
N ARG RB 79 -46.79 0.94 119.48
CA ARG RB 79 -45.40 1.21 119.14
C ARG RB 79 -45.07 2.65 119.53
N THR RB 80 -43.90 2.84 120.13
CA THR RB 80 -43.46 4.15 120.57
C THR RB 80 -41.98 4.30 120.28
N VAL RB 81 -41.61 5.45 119.71
CA VAL RB 81 -40.22 5.77 119.43
C VAL RB 81 -39.89 7.08 120.12
N ILE RB 82 -38.80 7.10 120.87
CA ILE RB 82 -38.34 8.27 121.59
C ILE RB 82 -37.01 8.69 120.97
N SER RB 83 -36.99 9.86 120.34
CA SER RB 83 -35.79 10.36 119.68
C SER RB 83 -35.33 11.64 120.37
N GLY RB 84 -34.04 11.71 120.67
CA GLY RB 84 -33.51 12.88 121.34
C GLY RB 84 -32.04 12.74 121.60
N SER RB 85 -31.53 13.62 122.46
CA SER RB 85 -30.12 13.65 122.82
C SER RB 85 -29.97 13.25 124.29
N ALA RB 86 -28.92 12.48 124.57
CA ALA RB 86 -28.70 12.02 125.94
C ALA RB 86 -28.45 13.19 126.89
N GLU RB 87 -27.78 14.24 126.41
CA GLU RB 87 -27.50 15.39 127.27
C GLU RB 87 -28.77 16.10 127.69
N ASN RB 88 -29.78 16.14 126.82
CA ASN RB 88 -31.06 16.77 127.13
C ASN RB 88 -32.06 15.77 127.68
N LEU RB 89 -31.60 14.62 128.18
CA LEU RB 89 -32.53 13.62 128.68
C LEU RB 89 -33.32 14.12 129.87
N ALA RB 90 -32.70 14.95 130.70
CA ALA RB 90 -33.38 15.43 131.91
C ALA RB 90 -34.66 16.17 131.57
N THR RB 91 -34.60 17.08 130.58
CA THR RB 91 -35.81 17.74 130.14
C THR RB 91 -36.63 16.83 129.22
N LEU RB 92 -35.98 15.83 128.61
CA LEU RB 92 -36.70 15.00 127.65
C LEU RB 92 -37.75 14.13 128.33
N LYS RB 93 -37.51 13.74 129.58
CA LYS RB 93 -38.53 13.00 130.31
C LYS RB 93 -39.78 13.84 130.51
N ALA RB 94 -39.63 15.17 130.50
CA ALA RB 94 -40.77 16.03 130.79
C ALA RB 94 -41.84 15.92 129.72
N GLU RB 95 -41.47 16.06 128.44
CA GLU RB 95 -42.49 16.00 127.41
C GLU RB 95 -43.00 14.58 127.23
N TRP RB 96 -42.18 13.58 127.53
CA TRP RB 96 -42.69 12.22 127.58
C TRP RB 96 -43.82 12.11 128.59
N GLU RB 97 -43.67 12.75 129.74
CA GLU RB 97 -44.72 12.73 130.74
C GLU RB 97 -45.98 13.42 130.21
N THR RB 98 -45.81 14.58 129.57
CA THR RB 98 -46.98 15.29 129.07
C THR RB 98 -47.53 14.63 127.80
N HIS RB 99 -46.66 14.00 127.01
CA HIS RB 99 -47.14 13.27 125.84
C HIS RB 99 -48.10 12.17 126.24
N LYS RB 100 -47.82 11.52 127.37
CA LYS RB 100 -48.77 10.56 127.92
C LYS RB 100 -50.09 11.23 128.27
N ARG RB 101 -50.01 12.41 128.89
CA ARG RB 101 -51.24 13.12 129.26
C ARG RB 101 -52.01 13.56 128.03
N ASN RB 102 -51.31 14.05 127.01
CA ASN RB 102 -51.99 14.49 125.80
C ASN RB 102 -52.71 13.32 125.13
N VAL RB 103 -52.05 12.16 125.05
CA VAL RB 103 -52.69 10.99 124.47
C VAL RB 103 -53.86 10.54 125.32
N ASP RB 104 -53.66 10.50 126.64
CA ASP RB 104 -54.70 10.00 127.53
C ASP RB 104 -55.97 10.83 127.44
N THR RB 105 -55.83 12.16 127.47
CA THR RB 105 -57.01 13.02 127.43
C THR RB 105 -57.68 12.98 126.07
N LEU RB 106 -56.97 12.55 125.04
CA LEU RB 106 -57.53 12.48 123.70
C LEU RB 106 -57.93 11.07 123.29
N PHE RB 107 -57.28 10.05 123.83
CA PHE RB 107 -57.57 8.66 123.49
C PHE RB 107 -58.15 7.89 124.66
N ALA RB 108 -57.50 7.91 125.82
CA ALA RB 108 -58.01 7.15 126.96
C ALA RB 108 -59.35 7.68 127.43
N SER RB 109 -59.52 9.00 127.46
CA SER RB 109 -60.79 9.60 127.84
C SER RB 109 -61.65 9.98 126.65
N GLY RB 110 -61.05 10.31 125.51
CA GLY RB 110 -61.78 10.70 124.33
C GLY RB 110 -62.24 9.51 123.52
N ASN RB 111 -62.74 9.80 122.32
CA ASN RB 111 -63.24 8.79 121.41
C ASN RB 111 -62.30 8.55 120.24
N ALA RB 112 -61.03 8.91 120.39
CA ALA RB 112 -60.07 8.67 119.32
C ALA RB 112 -59.88 7.18 119.06
N GLY RB 113 -60.18 6.34 120.05
CA GLY RB 113 -60.06 4.92 119.84
C GLY RB 113 -61.04 4.40 118.82
N LEU RB 114 -62.26 4.93 118.83
CA LEU RB 114 -63.27 4.49 117.87
C LEU RB 114 -63.11 5.12 116.50
N GLY RB 115 -62.27 6.16 116.38
CA GLY RB 115 -62.10 6.82 115.10
C GLY RB 115 -62.76 8.19 115.06
N PHE RB 116 -62.93 8.79 116.23
CA PHE RB 116 -63.56 10.09 116.36
C PHE RB 116 -62.50 11.10 116.79
N LEU RB 117 -62.35 12.16 116.01
CA LEU RB 117 -61.43 13.23 116.35
C LEU RB 117 -62.20 14.42 116.91
N ASP RB 118 -61.64 15.01 117.97
CA ASP RB 118 -62.29 16.10 118.69
C ASP RB 118 -61.40 17.33 118.64
N PRO RB 119 -61.65 18.26 117.71
CA PRO RB 119 -60.79 19.45 117.60
C PRO RB 119 -60.86 20.34 118.81
N THR RB 120 -61.88 20.22 119.65
CA THR RB 120 -62.03 21.06 120.82
C THR RB 120 -61.45 20.42 122.09
N ALA RB 121 -60.75 19.30 121.96
CA ALA RB 121 -60.16 18.66 123.13
C ALA RB 121 -59.10 19.55 123.76
N ALA RB 122 -59.05 19.54 125.08
CA ALA RB 122 -58.13 20.39 125.84
C ALA RB 122 -56.84 19.63 126.09
N ILE RB 123 -55.77 20.06 125.44
CA ILE RB 123 -54.45 19.45 125.60
C ILE RB 123 -53.45 20.57 125.87
N VAL RB 124 -52.43 20.26 126.67
CA VAL RB 124 -51.52 21.27 127.18
C VAL RB 124 -50.09 20.88 126.84
N SER RB 125 -49.19 21.84 127.00
CA SER RB 125 -47.80 21.68 126.61
C SER RB 125 -46.94 21.23 127.79
N SER RB 126 -45.73 20.77 127.46
CA SER RB 126 -44.78 20.37 128.49
C SER RB 126 -44.37 21.57 129.34
N ASP RB 127 -44.14 22.71 128.71
CA ASP RB 127 -43.68 23.90 129.43
C ASP RB 127 -44.72 24.36 130.43
N THR RB 128 -44.26 24.71 131.62
CA THR RB 128 -45.13 25.22 132.67
C THR RB 128 -45.28 26.73 132.54
N THR RB 129 -46.52 27.20 132.69
CA THR RB 129 -46.82 28.63 132.58
C THR RB 129 -46.08 29.43 133.65
N ALA SB 1 -14.96 3.91 145.32
CA ALA SB 1 -16.13 4.76 145.19
C ALA SB 1 -16.16 5.41 143.82
N ASN SB 2 -16.18 4.59 142.77
CA ASN SB 2 -16.17 5.06 141.40
C ASN SB 2 -17.47 4.68 140.72
N LYS SB 3 -17.71 5.29 139.57
CA LYS SB 3 -18.95 5.06 138.85
C LYS SB 3 -18.90 3.70 138.16
N PRO SB 4 -19.80 2.78 138.48
CA PRO SB 4 -19.86 1.53 137.71
C PRO SB 4 -20.41 1.77 136.32
N MET SB 5 -20.01 0.90 135.39
CA MET SB 5 -20.52 0.97 134.03
C MET SB 5 -21.62 -0.06 133.84
N GLN SB 6 -22.23 -0.01 132.66
CA GLN SB 6 -23.18 -1.00 132.21
C GLN SB 6 -22.86 -1.38 130.77
N PRO SB 7 -23.19 -2.60 130.37
CA PRO SB 7 -22.90 -3.02 128.99
C PRO SB 7 -23.63 -2.17 127.98
N ILE SB 8 -22.97 -1.92 126.85
CA ILE SB 8 -23.59 -1.22 125.73
C ILE SB 8 -23.75 -2.11 124.50
N THR SB 9 -22.87 -3.07 124.27
CA THR SB 9 -22.99 -3.96 123.12
C THR SB 9 -22.60 -5.36 123.59
N SER SB 10 -23.60 -6.13 124.02
CA SER SB 10 -23.37 -7.50 124.47
C SER SB 10 -23.28 -8.43 123.27
N THR SB 11 -22.24 -9.22 123.22
CA THR SB 11 -22.02 -10.16 122.12
C THR SB 11 -21.25 -11.34 122.67
N ALA SB 12 -21.36 -12.48 121.98
CA ALA SB 12 -20.62 -13.67 122.39
C ALA SB 12 -19.11 -13.49 122.30
N ASN SB 13 -18.64 -12.48 121.58
CA ASN SB 13 -17.21 -12.27 121.43
C ASN SB 13 -16.74 -10.90 121.90
N LYS SB 14 -17.63 -10.01 122.30
CA LYS SB 14 -17.21 -8.67 122.72
C LYS SB 14 -18.28 -8.05 123.59
N ILE SB 15 -17.85 -7.36 124.64
CA ILE SB 15 -18.72 -6.57 125.49
C ILE SB 15 -18.04 -5.23 125.73
N VAL SB 16 -18.81 -4.15 125.64
CA VAL SB 16 -18.30 -2.80 125.88
C VAL SB 16 -19.08 -2.19 127.03
N TRP SB 17 -18.37 -1.50 127.92
CA TRP SB 17 -18.98 -0.83 129.06
C TRP SB 17 -18.75 0.67 128.93
N SER SB 18 -19.81 1.45 129.07
CA SER SB 18 -19.73 2.89 129.02
C SER SB 18 -20.35 3.48 130.29
N ASP SB 19 -19.80 4.59 130.73
CA ASP SB 19 -20.28 5.24 131.94
C ASP SB 19 -21.56 6.01 131.65
N PRO SB 20 -22.65 5.78 132.38
CA PRO SB 20 -23.88 6.54 132.11
C PRO SB 20 -23.72 8.03 132.30
N THR SB 21 -22.94 8.46 133.30
CA THR SB 21 -22.79 9.89 133.54
C THR SB 21 -22.01 10.56 132.42
N ARG SB 22 -20.98 9.89 131.92
CA ARG SB 22 -20.17 10.38 130.80
C ARG SB 22 -20.01 9.23 129.83
N LEU SB 23 -20.74 9.28 128.71
CA LEU SB 23 -20.72 8.19 127.74
C LEU SB 23 -19.38 8.06 127.04
N SER SB 24 -18.49 9.03 127.21
CA SER SB 24 -17.21 9.01 126.51
C SER SB 24 -16.37 7.82 126.92
N THR SB 25 -16.33 7.51 128.22
CA THR SB 25 -15.48 6.43 128.70
C THR SB 25 -15.99 5.09 128.21
N THR SB 26 -15.07 4.23 127.79
CA THR SB 26 -15.43 2.89 127.36
C THR SB 26 -14.43 1.89 127.93
N PHE SB 27 -14.88 0.65 128.06
CA PHE SB 27 -14.01 -0.48 128.42
C PHE SB 27 -14.50 -1.68 127.65
N SER SB 28 -13.79 -2.05 126.60
CA SER SB 28 -14.20 -3.11 125.68
C SER SB 28 -13.32 -4.34 125.88
N ALA SB 29 -13.95 -5.48 126.09
CA ALA SB 29 -13.26 -6.75 126.22
C ALA SB 29 -13.65 -7.67 125.07
N SER SB 30 -12.67 -8.14 124.32
CA SER SB 30 -12.90 -9.06 123.23
C SER SB 30 -11.94 -10.24 123.36
N LEU SB 31 -12.49 -11.43 123.17
CA LEU SB 31 -11.70 -12.66 123.29
C LEU SB 31 -11.89 -13.51 122.05
N LEU SB 32 -10.78 -14.06 121.54
CA LEU SB 32 -10.80 -14.96 120.39
C LEU SB 32 -10.28 -16.31 120.86
N ARG SB 33 -11.13 -17.33 120.81
CA ARG SB 33 -10.78 -18.67 121.25
C ARG SB 33 -10.38 -19.49 120.03
N GLN SB 34 -9.19 -20.08 120.09
CA GLN SB 34 -8.61 -20.78 118.96
C GLN SB 34 -8.06 -22.12 119.42
N ARG SB 35 -8.11 -23.09 118.51
CA ARG SB 35 -7.54 -24.41 118.74
C ARG SB 35 -6.14 -24.43 118.16
N VAL SB 36 -5.16 -24.79 118.99
CA VAL SB 36 -3.77 -24.81 118.58
C VAL SB 36 -3.22 -26.21 118.76
N LYS SB 37 -2.57 -26.72 117.72
CA LYS SB 37 -2.04 -28.08 117.67
C LYS SB 37 -0.51 -27.98 117.71
N VAL SB 38 0.06 -28.18 118.89
CA VAL SB 38 1.51 -28.01 119.05
C VAL SB 38 2.17 -29.26 119.64
N GLY SB 39 1.75 -29.70 120.82
CA GLY SB 39 2.41 -30.77 121.52
C GLY SB 39 1.81 -32.14 121.29
N ILE SB 40 1.89 -32.63 120.05
CA ILE SB 40 1.26 -33.87 119.57
C ILE SB 40 -0.12 -34.06 120.19
N ALA SB 41 -0.78 -32.95 120.51
CA ALA SB 41 -2.07 -32.96 121.18
C ALA SB 41 -2.72 -31.59 121.02
N GLU SB 42 -4.04 -31.59 120.93
CA GLU SB 42 -4.76 -30.34 120.73
C GLU SB 42 -4.74 -29.48 121.98
N LEU SB 43 -4.65 -28.17 121.79
CA LEU SB 43 -4.71 -27.21 122.88
C LEU SB 43 -5.66 -26.10 122.50
N ASN SB 44 -6.30 -25.50 123.51
CA ASN SB 44 -7.25 -24.42 123.31
C ASN SB 44 -6.60 -23.11 123.73
N ASN SB 45 -6.44 -22.20 122.77
CA ASN SB 45 -5.80 -20.92 123.02
C ASN SB 45 -6.84 -19.81 122.99
N VAL SB 46 -6.67 -18.82 123.87
CA VAL SB 46 -7.57 -17.70 123.98
C VAL SB 46 -6.75 -16.41 124.01
N SER SB 47 -7.21 -15.39 123.29
CA SER SB 47 -6.56 -14.10 123.26
C SER SB 47 -7.59 -13.04 123.65
N GLY SB 48 -7.30 -12.29 124.70
CA GLY SB 48 -8.25 -11.31 125.18
C GLY SB 48 -7.79 -9.88 125.05
N GLN SB 49 -8.47 -9.11 124.21
CA GLN SB 49 -8.17 -7.69 124.04
C GLN SB 49 -9.01 -6.89 125.02
N TYR SB 50 -8.35 -6.19 125.93
CA TYR SB 50 -9.02 -5.33 126.90
C TYR SB 50 -8.58 -3.90 126.65
N VAL SB 51 -9.51 -3.07 126.22
CA VAL SB 51 -9.21 -1.71 125.79
C VAL SB 51 -9.97 -0.74 126.68
N SER SB 52 -9.25 0.19 127.29
CA SER SB 52 -9.85 1.25 128.08
C SER SB 52 -9.58 2.58 127.38
N VAL SB 53 -10.64 3.34 127.11
CA VAL SB 53 -10.55 4.56 126.32
C VAL SB 53 -11.14 5.71 127.13
N TYR SB 54 -10.46 6.84 127.11
CA TYR SB 54 -10.91 8.05 127.81
C TYR SB 54 -10.62 9.26 126.95
N LYS SB 55 -11.60 10.16 126.85
CA LYS SB 55 -11.38 11.48 126.27
C LYS SB 55 -11.11 12.44 127.41
N ARG SB 56 -9.87 12.92 127.50
CA ARG SB 56 -9.49 13.83 128.57
C ARG SB 56 -9.28 15.21 128.00
N PRO SB 57 -9.98 16.23 128.47
CA PRO SB 57 -9.71 17.60 128.02
C PRO SB 57 -8.28 18.01 128.33
N ALA SB 58 -7.69 18.76 127.42
CA ALA SB 58 -6.31 19.20 127.59
C ALA SB 58 -6.20 20.15 128.78
N PRO SB 59 -5.02 20.25 129.40
CA PRO SB 59 -4.87 21.11 130.58
C PRO SB 59 -5.21 22.56 130.31
N LYS SB 60 -5.77 23.22 131.30
CA LYS SB 60 -6.26 24.59 131.15
C LYS SB 60 -5.10 25.55 130.92
N PRO SB 61 -5.27 26.57 130.08
CA PRO SB 61 -4.18 27.54 129.89
C PRO SB 61 -3.99 28.47 131.08
N GLU SB 62 -3.18 28.04 132.04
CA GLU SB 62 -2.70 28.85 133.17
C GLU SB 62 -3.84 29.48 133.97
N GLY SB 63 -4.69 28.64 134.55
CA GLY SB 63 -5.61 29.07 135.59
C GLY SB 63 -6.63 30.12 135.21
N CYS SB 64 -7.35 29.90 134.11
CA CYS SB 64 -8.46 30.78 133.77
C CYS SB 64 -9.68 29.99 133.36
N ALA SB 65 -9.99 28.92 134.10
CA ALA SB 65 -11.20 28.13 133.85
C ALA SB 65 -12.48 28.93 134.05
N ASP SB 66 -12.41 30.06 134.75
CA ASP SB 66 -13.55 30.95 134.88
C ASP SB 66 -14.08 31.35 133.50
N ALA SB 67 -13.16 31.67 132.59
CA ALA SB 67 -13.51 31.94 131.21
C ALA SB 67 -14.04 30.67 130.55
N CYS SB 68 -15.31 30.70 130.12
CA CYS SB 68 -15.99 29.53 129.59
C CYS SB 68 -15.50 29.22 128.18
N VAL SB 69 -14.27 28.72 128.11
CA VAL SB 69 -13.70 28.21 126.88
C VAL SB 69 -13.26 26.78 127.15
N ILE SB 70 -13.60 25.87 126.24
CA ILE SB 70 -13.36 24.46 126.42
C ILE SB 70 -12.46 23.97 125.31
N MET SB 71 -11.26 23.56 125.68
CA MET SB 71 -10.29 23.06 124.72
C MET SB 71 -10.71 21.67 124.26
N PRO SB 72 -10.27 21.21 123.10
CA PRO SB 72 -10.60 19.86 122.68
C PRO SB 72 -9.92 18.85 123.60
N ASN SB 73 -10.55 17.67 123.69
CA ASN SB 73 -10.09 16.62 124.57
C ASN SB 73 -9.23 15.63 123.81
N GLU SB 74 -8.17 15.17 124.46
CA GLU SB 74 -7.27 14.20 123.83
C GLU SB 74 -7.73 12.78 124.12
N ASN SB 75 -6.95 11.83 123.63
CA ASN SB 75 -7.23 10.41 123.81
C ASN SB 75 -6.28 9.83 124.84
N GLN SB 76 -6.82 9.12 125.81
CA GLN SB 76 -6.05 8.31 126.73
C GLN SB 76 -6.48 6.86 126.56
N SER SB 77 -5.59 6.04 126.03
CA SER SB 77 -5.94 4.67 125.64
C SER SB 77 -5.01 3.68 126.31
N ILE SB 78 -5.57 2.54 126.69
CA ILE SB 78 -4.82 1.46 127.33
C ILE SB 78 -5.34 0.16 126.75
N ARG SB 79 -4.51 -0.54 125.99
CA ARG SB 79 -4.88 -1.82 125.38
C ARG SB 79 -4.02 -2.92 125.98
N THR SB 80 -4.66 -4.00 126.39
CA THR SB 80 -3.96 -5.14 126.97
C THR SB 80 -4.41 -6.40 126.25
N VAL SB 81 -3.46 -7.20 125.79
CA VAL SB 81 -3.74 -8.43 125.07
C VAL SB 81 -3.07 -9.57 125.84
N ILE SB 82 -3.86 -10.55 126.26
CA ILE SB 82 -3.37 -11.71 126.99
C ILE SB 82 -3.67 -12.94 126.16
N SER SB 83 -2.61 -13.67 125.80
CA SER SB 83 -2.75 -14.87 124.99
C SER SB 83 -2.08 -16.05 125.69
N GLY SB 84 -2.75 -17.19 125.68
CA GLY SB 84 -2.21 -18.38 126.28
C GLY SB 84 -3.19 -19.53 126.31
N SER SB 85 -2.68 -20.75 126.43
CA SER SB 85 -3.53 -21.92 126.51
C SER SB 85 -4.26 -21.96 127.84
N ALA SB 86 -5.56 -22.26 127.79
CA ALA SB 86 -6.35 -22.35 129.00
C ALA SB 86 -5.91 -23.49 129.90
N GLU SB 87 -5.24 -24.50 129.34
CA GLU SB 87 -4.73 -25.60 130.15
C GLU SB 87 -3.62 -25.15 131.10
N ASN SB 88 -2.97 -24.02 130.81
CA ASN SB 88 -1.97 -23.44 131.70
C ASN SB 88 -2.47 -22.16 132.33
N LEU SB 89 -3.77 -22.05 132.59
CA LEU SB 89 -4.32 -20.82 133.12
C LEU SB 89 -3.77 -20.49 134.50
N ALA SB 90 -3.54 -21.51 135.33
CA ALA SB 90 -3.07 -21.26 136.68
C ALA SB 90 -1.75 -20.53 136.69
N THR SB 91 -0.81 -20.96 135.86
CA THR SB 91 0.45 -20.25 135.76
C THR SB 91 0.32 -18.96 134.95
N LEU SB 92 -0.65 -18.90 134.04
CA LEU SB 92 -0.83 -17.69 133.25
C LEU SB 92 -1.22 -16.51 134.12
N LYS SB 93 -2.07 -16.74 135.13
CA LYS SB 93 -2.43 -15.66 136.04
C LYS SB 93 -1.21 -15.15 136.80
N ALA SB 94 -0.30 -16.04 137.17
CA ALA SB 94 0.95 -15.62 137.81
C ALA SB 94 1.76 -14.74 136.87
N GLU SB 95 1.77 -15.08 135.58
CA GLU SB 95 2.46 -14.23 134.61
C GLU SB 95 1.84 -12.85 134.55
N TRP SB 96 0.50 -12.79 134.59
CA TRP SB 96 -0.18 -11.51 134.45
C TRP SB 96 0.20 -10.55 135.57
N GLU SB 97 0.16 -11.04 136.81
CA GLU SB 97 0.47 -10.16 137.94
C GLU SB 97 1.94 -9.77 137.94
N THR SB 98 2.82 -10.67 137.48
CA THR SB 98 4.22 -10.32 137.37
C THR SB 98 4.44 -9.24 136.31
N HIS SB 99 3.90 -9.44 135.12
CA HIS SB 99 3.96 -8.41 134.10
C HIS SB 99 3.29 -7.13 134.58
N LYS SB 100 2.26 -7.27 135.40
CA LYS SB 100 1.63 -6.10 136.00
C LYS SB 100 2.60 -5.33 136.88
N ARG SB 101 3.38 -6.05 137.69
CA ARG SB 101 4.35 -5.39 138.56
C ARG SB 101 5.48 -4.77 137.76
N ASN SB 102 5.94 -5.47 136.71
CA ASN SB 102 7.05 -4.95 135.92
C ASN SB 102 6.68 -3.61 135.27
N VAL SB 103 5.48 -3.52 134.71
CA VAL SB 103 5.05 -2.25 134.11
C VAL SB 103 4.96 -1.16 135.16
N ASP SB 104 4.52 -1.52 136.38
CA ASP SB 104 4.43 -0.55 137.45
C ASP SB 104 5.79 0.06 137.75
N THR SB 105 6.83 -0.76 137.75
CA THR SB 105 8.18 -0.26 138.02
C THR SB 105 8.60 0.74 136.96
N LEU SB 106 8.40 0.41 135.69
CA LEU SB 106 8.79 1.32 134.62
C LEU SB 106 7.89 2.55 134.57
N PHE SB 107 6.58 2.35 134.59
CA PHE SB 107 5.64 3.41 134.31
C PHE SB 107 5.04 4.04 135.55
N ALA SB 108 4.40 3.24 136.41
CA ALA SB 108 3.72 3.79 137.57
C ALA SB 108 4.71 4.48 138.51
N SER SB 109 5.64 3.72 139.07
CA SER SB 109 6.62 4.27 139.99
C SER SB 109 7.82 4.87 139.29
N GLY SB 110 7.99 4.63 138.00
CA GLY SB 110 9.13 5.11 137.25
C GLY SB 110 8.80 6.35 136.43
N ASN SB 111 9.62 6.59 135.42
CA ASN SB 111 9.48 7.74 134.55
C ASN SB 111 9.26 7.36 133.09
N ALA SB 112 8.85 6.12 132.83
CA ALA SB 112 8.63 5.69 131.46
C ALA SB 112 7.53 6.48 130.79
N GLY SB 113 6.59 7.02 131.57
CA GLY SB 113 5.51 7.79 130.98
C GLY SB 113 6.02 9.04 130.26
N LEU SB 114 6.97 9.75 130.89
CA LEU SB 114 7.52 10.94 130.25
C LEU SB 114 8.32 10.60 129.01
N GLY SB 115 8.76 9.37 128.86
CA GLY SB 115 9.52 8.94 127.72
C GLY SB 115 10.95 8.52 127.99
N PHE SB 116 11.30 8.25 129.25
CA PHE SB 116 12.67 7.87 129.60
C PHE SB 116 12.68 6.39 129.97
N LEU SB 117 13.58 5.64 129.35
CA LEU SB 117 13.74 4.21 129.62
C LEU SB 117 14.90 4.02 130.58
N ASP SB 118 14.59 3.76 131.84
CA ASP SB 118 15.63 3.53 132.83
C ASP SB 118 16.18 2.12 132.66
N PRO SB 119 17.45 1.94 132.31
CA PRO SB 119 18.01 0.60 132.16
C PRO SB 119 18.44 -0.06 133.47
N THR SB 120 18.19 0.57 134.61
CA THR SB 120 18.59 0.01 135.90
C THR SB 120 17.38 -0.42 136.73
N ALA SB 121 16.22 -0.53 136.11
CA ALA SB 121 15.01 -0.91 136.84
C ALA SB 121 15.07 -2.37 137.25
N ALA SB 122 14.43 -2.69 138.39
CA ALA SB 122 14.42 -4.05 138.92
C ALA SB 122 13.28 -4.81 138.27
N ILE SB 123 13.63 -5.54 137.21
CA ILE SB 123 12.66 -6.37 136.51
C ILE SB 123 12.77 -7.80 137.00
N VAL SB 124 11.70 -8.31 137.60
CA VAL SB 124 11.71 -9.65 138.19
C VAL SB 124 10.75 -10.54 137.44
N SER SB 125 11.06 -11.83 137.40
CA SER SB 125 10.35 -12.78 136.56
C SER SB 125 9.20 -13.43 137.31
N SER SB 126 8.35 -14.12 136.55
CA SER SB 126 7.19 -14.78 137.15
C SER SB 126 7.61 -15.87 138.12
N ASP SB 127 8.58 -16.69 137.73
CA ASP SB 127 9.02 -17.76 138.61
C ASP SB 127 9.81 -17.20 139.79
N THR SB 128 9.93 -18.03 140.83
CA THR SB 128 10.60 -17.63 142.05
C THR SB 128 11.84 -18.50 142.27
N THR SB 129 12.74 -18.02 143.12
CA THR SB 129 13.96 -18.74 143.42
C THR SB 129 13.68 -20.01 144.20
N ALA TB 1 91.79 -93.18 -75.30
CA ALA TB 1 90.35 -93.16 -75.03
C ALA TB 1 89.98 -91.94 -74.19
N ASN TB 2 88.85 -92.04 -73.49
CA ASN TB 2 88.34 -90.95 -72.67
C ASN TB 2 88.68 -91.20 -71.21
N LYS TB 3 88.92 -90.13 -70.47
CA LYS TB 3 89.24 -90.26 -69.06
C LYS TB 3 88.00 -90.69 -68.29
N PRO TB 4 88.01 -91.83 -67.62
CA PRO TB 4 86.85 -92.22 -66.82
C PRO TB 4 86.69 -91.29 -65.62
N MET TB 5 85.44 -91.04 -65.25
CA MET TB 5 85.18 -90.33 -64.01
C MET TB 5 85.09 -91.33 -62.87
N GLN TB 6 85.43 -90.86 -61.68
CA GLN TB 6 85.18 -91.70 -60.53
C GLN TB 6 83.99 -91.14 -59.75
N PRO TB 7 83.15 -92.01 -59.19
CA PRO TB 7 81.89 -91.53 -58.60
C PRO TB 7 82.13 -90.57 -57.44
N ILE TB 8 81.26 -89.57 -57.34
CA ILE TB 8 81.33 -88.60 -56.25
C ILE TB 8 80.34 -88.93 -55.15
N THR TB 9 79.06 -88.97 -55.48
CA THR TB 9 78.01 -89.29 -54.53
C THR TB 9 77.35 -90.58 -54.95
N SER TB 10 77.31 -91.55 -54.03
CA SER TB 10 76.72 -92.85 -54.30
C SER TB 10 75.54 -93.09 -53.39
N THR TB 11 74.45 -93.57 -53.97
CA THR TB 11 73.22 -93.86 -53.22
C THR TB 11 72.48 -94.94 -53.98
N ALA TB 12 71.59 -95.62 -53.28
CA ALA TB 12 70.74 -96.62 -53.94
C ALA TB 12 69.83 -95.99 -54.98
N ASN TB 13 69.66 -94.66 -54.94
CA ASN TB 13 68.81 -93.94 -55.89
C ASN TB 13 69.61 -93.16 -56.92
N LYS TB 14 70.59 -92.37 -56.48
CA LYS TB 14 71.33 -91.50 -57.37
C LYS TB 14 72.82 -91.77 -57.27
N ILE TB 15 73.49 -91.76 -58.42
CA ILE TB 15 74.95 -91.83 -58.48
C ILE TB 15 75.44 -90.67 -59.34
N VAL TB 16 76.48 -90.00 -58.88
CA VAL TB 16 77.03 -88.85 -59.59
C VAL TB 16 78.50 -89.12 -59.89
N TRP TB 17 78.88 -88.99 -61.15
CA TRP TB 17 80.27 -89.06 -61.56
C TRP TB 17 80.77 -87.66 -61.92
N SER TB 18 82.08 -87.47 -61.81
CA SER TB 18 82.69 -86.19 -62.14
C SER TB 18 84.13 -86.41 -62.56
N ASP TB 19 84.56 -85.64 -63.53
CA ASP TB 19 85.93 -85.74 -64.02
C ASP TB 19 86.88 -85.26 -62.94
N PRO TB 20 87.87 -86.06 -62.51
CA PRO TB 20 88.83 -85.56 -61.53
C PRO TB 20 89.59 -84.34 -62.01
N THR TB 21 89.86 -84.26 -63.32
CA THR TB 21 90.53 -83.09 -63.86
C THR TB 21 89.60 -81.87 -63.84
N ARG TB 22 88.36 -82.05 -64.29
CA ARG TB 22 87.37 -80.98 -64.38
C ARG TB 22 86.15 -81.38 -63.57
N LEU TB 23 86.03 -80.85 -62.36
CA LEU TB 23 84.88 -81.17 -61.53
C LEU TB 23 83.58 -80.62 -62.12
N SER TB 24 83.67 -79.68 -63.07
CA SER TB 24 82.47 -79.18 -63.71
C SER TB 24 81.77 -80.27 -64.52
N THR TB 25 82.54 -81.08 -65.24
CA THR TB 25 81.97 -82.17 -66.01
C THR TB 25 81.31 -83.19 -65.08
N THR TB 26 80.05 -83.52 -65.35
CA THR TB 26 79.30 -84.40 -64.49
C THR TB 26 78.45 -85.34 -65.34
N PHE TB 27 78.08 -86.46 -64.75
CA PHE TB 27 77.09 -87.37 -65.35
C PHE TB 27 76.42 -88.13 -64.22
N SER TB 28 75.20 -87.74 -63.89
CA SER TB 28 74.49 -88.31 -62.75
C SER TB 28 73.28 -89.09 -63.24
N ALA TB 29 73.11 -90.30 -62.73
CA ALA TB 29 71.99 -91.16 -63.08
C ALA TB 29 71.14 -91.39 -61.83
N SER TB 30 69.85 -91.14 -61.93
CA SER TB 30 68.92 -91.34 -60.83
C SER TB 30 67.77 -92.21 -61.31
N LEU TB 31 67.22 -92.99 -60.37
CA LEU TB 31 66.15 -93.91 -60.68
C LEU TB 31 64.96 -93.67 -59.76
N LEU TB 32 63.77 -93.97 -60.27
CA LEU TB 32 62.53 -93.88 -59.50
C LEU TB 32 61.70 -95.10 -59.85
N ARG TB 33 61.50 -95.97 -58.87
CA ARG TB 33 60.78 -97.23 -59.07
C ARG TB 33 59.52 -97.22 -58.22
N GLN TB 34 58.41 -97.60 -58.84
CA GLN TB 34 57.14 -97.70 -58.12
C GLN TB 34 56.24 -98.69 -58.84
N ARG TB 35 55.22 -99.15 -58.11
CA ARG TB 35 54.27 -100.11 -58.64
C ARG TB 35 53.16 -99.36 -59.37
N VAL TB 36 52.84 -99.81 -60.58
CA VAL TB 36 51.78 -99.19 -61.38
C VAL TB 36 50.72 -100.24 -61.64
N LYS TB 37 49.45 -99.87 -61.46
CA LYS TB 37 48.36 -100.81 -61.62
C LYS TB 37 47.98 -100.92 -63.09
N VAL TB 38 47.92 -102.15 -63.60
CA VAL TB 38 47.52 -102.44 -64.97
C VAL TB 38 46.35 -103.40 -64.88
N GLY TB 39 45.59 -103.48 -65.98
CA GLY TB 39 44.44 -104.36 -66.02
C GLY TB 39 44.70 -105.75 -65.50
N ILE TB 40 44.06 -106.09 -64.37
CA ILE TB 40 44.18 -107.35 -63.63
C ILE TB 40 45.63 -107.82 -63.61
N ALA TB 41 46.56 -106.89 -63.47
CA ALA TB 41 47.98 -107.22 -63.40
C ALA TB 41 48.70 -106.11 -62.67
N GLU TB 42 49.90 -106.42 -62.18
CA GLU TB 42 50.73 -105.42 -61.51
C GLU TB 42 52.11 -105.42 -62.14
N LEU TB 43 52.58 -104.26 -62.54
CA LEU TB 43 53.85 -104.11 -63.22
C LEU TB 43 54.73 -103.15 -62.43
N ASN TB 44 56.01 -103.51 -62.29
CA ASN TB 44 56.99 -102.64 -61.63
C ASN TB 44 57.56 -101.69 -62.67
N ASN TB 45 57.32 -100.41 -62.48
CA ASN TB 45 57.74 -99.39 -63.45
C ASN TB 45 58.92 -98.61 -62.89
N VAL TB 46 59.89 -98.33 -63.75
CA VAL TB 46 61.08 -97.57 -63.40
C VAL TB 46 61.20 -96.40 -64.35
N SER TB 47 61.75 -95.29 -63.85
CA SER TB 47 61.98 -94.10 -64.66
C SER TB 47 63.42 -93.65 -64.41
N GLY TB 48 64.35 -94.21 -65.19
CA GLY TB 48 65.74 -93.84 -65.04
C GLY TB 48 66.04 -92.52 -65.71
N GLN TB 49 66.47 -91.53 -64.92
CA GLN TB 49 66.81 -90.22 -65.43
C GLN TB 49 68.32 -90.10 -65.49
N TYR TB 50 68.83 -89.78 -66.68
CA TYR TB 50 70.27 -89.65 -66.92
C TYR TB 50 70.54 -88.27 -67.47
N VAL TB 51 71.43 -87.53 -66.82
CA VAL TB 51 71.80 -86.19 -67.23
C VAL TB 51 73.31 -86.10 -67.35
N SER TB 52 73.78 -85.51 -68.45
CA SER TB 52 75.19 -85.23 -68.65
C SER TB 52 75.36 -83.73 -68.82
N VAL TB 53 76.23 -83.15 -68.01
CA VAL TB 53 76.41 -81.70 -67.98
C VAL TB 53 77.87 -81.38 -68.26
N TYR TB 54 78.10 -80.46 -69.18
CA TYR TB 54 79.44 -79.98 -69.46
C TYR TB 54 79.42 -78.45 -69.46
N LYS TB 55 80.50 -77.87 -68.96
CA LYS TB 55 80.66 -76.42 -68.92
C LYS TB 55 81.66 -76.03 -70.00
N ARG TB 56 81.18 -75.35 -71.03
CA ARG TB 56 81.99 -74.98 -72.16
C ARG TB 56 82.18 -73.48 -72.19
N PRO TB 57 83.41 -72.99 -72.38
CA PRO TB 57 83.62 -71.54 -72.51
C PRO TB 57 82.98 -71.00 -73.77
N ALA TB 58 83.07 -69.69 -73.92
CA ALA TB 58 82.59 -69.06 -75.15
C ALA TB 58 83.43 -69.56 -76.32
N PRO TB 59 82.88 -69.53 -77.55
CA PRO TB 59 83.57 -70.18 -78.67
C PRO TB 59 84.97 -69.62 -78.95
N LYS TB 60 85.23 -68.39 -78.51
CA LYS TB 60 86.50 -67.70 -78.77
C LYS TB 60 86.68 -67.66 -80.29
N PRO TB 61 85.92 -66.81 -80.98
CA PRO TB 61 86.00 -66.77 -82.44
C PRO TB 61 87.29 -66.11 -82.91
N GLU TB 62 87.35 -65.87 -84.23
CA GLU TB 62 88.52 -65.32 -84.92
C GLU TB 62 89.82 -65.97 -84.50
N GLY TB 63 90.93 -65.24 -84.56
CA GLY TB 63 92.24 -65.83 -84.43
C GLY TB 63 92.97 -65.63 -83.12
N CYS TB 64 92.77 -64.50 -82.44
CA CYS TB 64 93.58 -64.28 -81.25
C CYS TB 64 93.02 -65.13 -80.12
N ALA TB 65 93.78 -66.13 -79.69
CA ALA TB 65 93.38 -67.01 -78.60
C ALA TB 65 93.71 -66.42 -77.23
N ASP TB 66 94.36 -65.27 -77.20
CA ASP TB 66 94.87 -64.63 -75.97
C ASP TB 66 95.72 -65.65 -75.23
N ALA TB 67 95.92 -65.52 -73.92
CA ALA TB 67 96.60 -66.58 -73.19
C ALA TB 67 95.74 -67.14 -72.07
N CYS TB 68 95.28 -66.26 -71.17
CA CYS TB 68 94.48 -66.66 -70.02
C CYS TB 68 93.38 -65.64 -69.73
N VAL TB 69 92.71 -65.15 -70.78
CA VAL TB 69 91.57 -64.27 -70.57
C VAL TB 69 90.38 -65.00 -69.95
N ILE TB 70 90.33 -66.33 -70.04
CA ILE TB 70 89.33 -67.21 -69.45
C ILE TB 70 87.94 -66.59 -69.47
N MET TB 71 87.36 -66.49 -70.66
CA MET TB 71 86.02 -65.93 -70.81
C MET TB 71 85.01 -66.83 -70.09
N PRO TB 72 83.87 -66.29 -69.64
CA PRO TB 72 82.92 -67.11 -68.90
C PRO TB 72 82.36 -68.23 -69.75
N ASN TB 73 82.03 -69.34 -69.10
CA ASN TB 73 81.60 -70.55 -69.78
C ASN TB 73 80.07 -70.62 -69.83
N GLU TB 74 79.57 -71.60 -70.59
CA GLU TB 74 78.15 -71.80 -70.78
C GLU TB 74 77.81 -73.28 -70.63
N ASN TB 75 76.53 -73.56 -70.41
CA ASN TB 75 76.08 -74.88 -70.01
C ASN TB 75 75.68 -75.72 -71.23
N GLN TB 76 76.23 -76.93 -71.30
CA GLN TB 76 75.83 -77.92 -72.29
C GLN TB 76 75.29 -79.13 -71.53
N SER TB 77 74.01 -79.45 -71.77
CA SER TB 77 73.33 -80.49 -71.00
C SER TB 77 72.52 -81.38 -71.92
N ILE TB 78 72.50 -82.67 -71.59
CA ILE TB 78 71.67 -83.67 -72.26
C ILE TB 78 70.96 -84.47 -71.18
N ARG TB 79 69.62 -84.46 -71.20
CA ARG TB 79 68.82 -85.17 -70.22
C ARG TB 79 68.00 -86.23 -70.94
N THR TB 80 67.99 -87.44 -70.38
CA THR TB 80 67.16 -88.51 -70.89
C THR TB 80 66.44 -89.18 -69.73
N VAL TB 81 65.20 -89.59 -69.97
CA VAL TB 81 64.43 -90.37 -69.02
C VAL TB 81 63.89 -91.59 -69.75
N ILE TB 82 64.11 -92.77 -69.18
CA ILE TB 82 63.64 -94.02 -69.75
C ILE TB 82 62.60 -94.58 -68.80
N SER TB 83 61.35 -94.64 -69.25
CA SER TB 83 60.25 -95.10 -68.42
C SER TB 83 59.58 -96.31 -69.08
N GLY TB 84 59.30 -97.32 -68.27
CA GLY TB 84 58.64 -98.51 -68.79
C GLY TB 84 58.68 -99.61 -67.76
N SER TB 85 57.86 -100.63 -68.01
CA SER TB 85 57.80 -101.77 -67.12
C SER TB 85 59.10 -102.56 -67.17
N ALA TB 86 59.56 -102.99 -66.00
CA ALA TB 86 60.77 -103.80 -65.94
C ALA TB 86 60.60 -105.13 -66.64
N GLU TB 87 59.37 -105.64 -66.68
CA GLU TB 87 59.11 -106.93 -67.32
C GLU TB 87 59.31 -106.86 -68.83
N ASN TB 88 59.06 -105.70 -69.42
CA ASN TB 88 59.24 -105.50 -70.86
C ASN TB 88 60.56 -104.80 -71.18
N LEU TB 89 61.60 -105.08 -70.39
CA LEU TB 89 62.86 -104.39 -70.60
C LEU TB 89 63.56 -104.87 -71.88
N ALA TB 90 63.45 -106.16 -72.18
CA ALA TB 90 64.14 -106.70 -73.35
C ALA TB 90 63.71 -105.98 -74.62
N THR TB 91 62.41 -105.76 -74.77
CA THR TB 91 61.92 -104.97 -75.88
C THR TB 91 62.18 -103.49 -75.68
N LEU TB 92 62.29 -103.04 -74.43
CA LEU TB 92 62.55 -101.63 -74.17
C LEU TB 92 63.92 -101.21 -74.70
N LYS TB 93 64.90 -102.11 -74.64
CA LYS TB 93 66.21 -101.80 -75.20
C LYS TB 93 66.12 -101.52 -76.69
N ALA TB 94 65.31 -102.30 -77.41
CA ALA TB 94 65.11 -102.04 -78.83
C ALA TB 94 64.56 -100.64 -79.06
N GLU TB 95 63.69 -100.18 -78.16
CA GLU TB 95 63.21 -98.80 -78.25
C GLU TB 95 64.35 -97.81 -78.07
N TRP TB 96 65.27 -98.10 -77.15
CA TRP TB 96 66.39 -97.20 -76.93
C TRP TB 96 67.26 -97.08 -78.18
N GLU TB 97 67.48 -98.20 -78.87
CA GLU TB 97 68.25 -98.16 -80.11
C GLU TB 97 67.55 -97.30 -81.16
N THR TB 98 66.25 -97.47 -81.31
CA THR TB 98 65.51 -96.69 -82.30
C THR TB 98 65.56 -95.21 -81.94
N HIS TB 99 65.40 -94.88 -80.67
CA HIS TB 99 65.41 -93.48 -80.26
C HIS TB 99 66.75 -92.83 -80.57
N LYS TB 100 67.85 -93.54 -80.36
CA LYS TB 100 69.15 -93.03 -80.76
C LYS TB 100 69.21 -92.79 -82.26
N ARG TB 101 68.72 -93.75 -83.04
CA ARG TB 101 68.78 -93.63 -84.49
C ARG TB 101 67.98 -92.44 -84.98
N ASN TB 102 66.76 -92.26 -84.45
CA ASN TB 102 65.93 -91.15 -84.89
C ASN TB 102 66.55 -89.82 -84.51
N VAL TB 103 67.02 -89.70 -83.26
CA VAL TB 103 67.63 -88.44 -82.82
C VAL TB 103 68.87 -88.13 -83.64
N ASP TB 104 69.70 -89.13 -83.90
CA ASP TB 104 70.89 -88.92 -84.69
C ASP TB 104 70.56 -88.40 -86.08
N THR TB 105 69.42 -88.83 -86.63
CA THR TB 105 69.03 -88.37 -87.95
C THR TB 105 68.77 -86.87 -87.95
N LEU TB 106 67.97 -86.40 -87.00
CA LEU TB 106 67.66 -84.97 -86.94
C LEU TB 106 68.85 -84.16 -86.47
N PHE TB 107 69.52 -84.60 -85.40
CA PHE TB 107 70.50 -83.79 -84.71
C PHE TB 107 71.93 -84.09 -85.15
N ALA TB 108 72.37 -85.34 -85.04
CA ALA TB 108 73.74 -85.68 -85.37
C ALA TB 108 74.03 -85.46 -86.84
N SER TB 109 73.07 -85.81 -87.71
CA SER TB 109 73.26 -85.73 -89.15
C SER TB 109 72.34 -84.71 -89.80
N GLY TB 110 71.91 -83.71 -89.04
CA GLY TB 110 71.01 -82.70 -89.56
C GLY TB 110 71.20 -81.39 -88.83
N ASN TB 111 70.35 -80.43 -89.14
CA ASN TB 111 70.44 -79.08 -88.59
C ASN TB 111 69.46 -78.86 -87.45
N ALA TB 112 69.02 -79.92 -86.79
CA ALA TB 112 68.13 -79.76 -85.64
C ALA TB 112 68.81 -78.97 -84.52
N GLY TB 113 70.10 -79.21 -84.30
CA GLY TB 113 70.81 -78.48 -83.28
C GLY TB 113 70.85 -77.00 -83.55
N LEU TB 114 70.92 -76.61 -84.82
CA LEU TB 114 70.87 -75.21 -85.19
C LEU TB 114 69.46 -74.64 -85.14
N GLY TB 115 68.46 -75.47 -84.90
CA GLY TB 115 67.08 -75.02 -84.83
C GLY TB 115 66.26 -75.29 -86.06
N PHE TB 116 66.77 -76.04 -87.03
CA PHE TB 116 66.06 -76.29 -88.27
C PHE TB 116 65.40 -77.66 -88.20
N LEU TB 117 64.08 -77.70 -88.32
CA LEU TB 117 63.33 -78.94 -88.35
C LEU TB 117 63.15 -79.39 -89.79
N ASP TB 118 63.39 -80.68 -90.04
CA ASP TB 118 63.32 -81.21 -91.40
C ASP TB 118 62.11 -82.12 -91.53
N PRO TB 119 61.02 -81.67 -92.13
CA PRO TB 119 59.83 -82.52 -92.22
C PRO TB 119 60.01 -83.77 -93.05
N THR TB 120 60.99 -83.80 -93.95
CA THR TB 120 61.18 -84.95 -94.83
C THR TB 120 62.24 -85.91 -94.31
N ALA TB 121 62.71 -85.73 -93.09
CA ALA TB 121 63.70 -86.64 -92.53
C ALA TB 121 63.11 -88.04 -92.36
N ALA TB 122 63.92 -89.05 -92.64
CA ALA TB 122 63.46 -90.44 -92.58
C ALA TB 122 63.48 -90.90 -91.13
N ILE TB 123 62.31 -91.23 -90.59
CA ILE TB 123 62.16 -91.69 -89.22
C ILE TB 123 61.63 -93.11 -89.25
N VAL TB 124 62.37 -94.03 -88.65
CA VAL TB 124 61.99 -95.44 -88.63
C VAL TB 124 61.55 -95.81 -87.22
N SER TB 125 60.68 -96.81 -87.15
CA SER TB 125 60.06 -97.22 -85.90
C SER TB 125 60.77 -98.43 -85.31
N SER TB 126 60.38 -98.78 -84.09
CA SER TB 126 60.92 -99.97 -83.45
C SER TB 126 60.51 -101.23 -84.19
N ASP TB 127 59.26 -101.29 -84.64
CA ASP TB 127 58.76 -102.48 -85.32
C ASP TB 127 59.49 -102.68 -86.64
N THR TB 128 59.81 -103.94 -86.94
CA THR TB 128 60.52 -104.30 -88.16
C THR TB 128 59.56 -104.99 -89.12
N THR TB 129 59.92 -104.96 -90.40
CA THR TB 129 59.11 -105.57 -91.43
C THR TB 129 59.38 -107.06 -91.53
N ALA UB 1 71.15 -124.07 -56.91
CA ALA UB 1 69.95 -124.09 -57.73
C ALA UB 1 68.83 -123.32 -57.05
N ASN UB 2 69.03 -122.03 -56.85
CA ASN UB 2 68.04 -121.21 -56.17
C ASN UB 2 68.38 -119.74 -56.42
N LYS UB 3 67.37 -118.95 -56.73
CA LYS UB 3 67.58 -117.58 -57.21
C LYS UB 3 68.17 -116.70 -56.14
N PRO UB 4 69.27 -115.99 -56.41
CA PRO UB 4 69.77 -114.98 -55.48
C PRO UB 4 69.31 -113.57 -55.85
N MET UB 5 69.07 -112.76 -54.82
CA MET UB 5 68.72 -111.37 -55.07
C MET UB 5 69.93 -110.47 -54.95
N GLN UB 6 69.72 -109.19 -55.22
CA GLN UB 6 70.72 -108.15 -55.02
C GLN UB 6 70.08 -106.99 -54.28
N PRO UB 7 70.88 -106.22 -53.53
CA PRO UB 7 70.33 -105.07 -52.82
C PRO UB 7 69.72 -104.05 -53.79
N ILE UB 8 68.63 -103.42 -53.36
CA ILE UB 8 67.95 -102.42 -54.17
C ILE UB 8 67.93 -101.07 -53.44
N THR UB 9 67.93 -101.12 -52.11
CA THR UB 9 67.81 -99.88 -51.33
C THR UB 9 68.65 -100.06 -50.07
N SER UB 10 69.89 -99.58 -50.12
CA SER UB 10 70.78 -99.59 -48.97
C SER UB 10 70.65 -98.26 -48.26
N THR UB 11 70.22 -98.30 -47.01
CA THR UB 11 70.03 -97.11 -46.19
C THR UB 11 70.97 -97.23 -44.99
N ALA UB 12 70.87 -96.28 -44.06
CA ALA UB 12 71.71 -96.33 -42.86
C ALA UB 12 71.47 -97.59 -42.06
N ASN UB 13 70.21 -97.99 -41.91
CA ASN UB 13 69.84 -99.14 -41.09
C ASN UB 13 68.80 -100.00 -41.78
N LYS UB 14 68.89 -100.10 -43.11
CA LYS UB 14 67.92 -100.89 -43.85
C LYS UB 14 68.50 -101.26 -45.20
N ILE UB 15 68.38 -102.54 -45.56
CA ILE UB 15 68.79 -103.04 -46.86
C ILE UB 15 67.67 -103.93 -47.40
N VAL UB 16 67.34 -103.76 -48.67
CA VAL UB 16 66.29 -104.52 -49.32
C VAL UB 16 66.88 -105.27 -50.50
N TRP UB 17 66.67 -106.57 -50.54
CA TRP UB 17 67.07 -107.40 -51.67
C TRP UB 17 65.85 -107.78 -52.49
N SER UB 18 65.98 -107.69 -53.80
CA SER UB 18 64.91 -108.04 -54.72
C SER UB 18 65.44 -108.92 -55.84
N ASP UB 19 64.62 -109.86 -56.28
CA ASP UB 19 65.01 -110.76 -57.34
C ASP UB 19 64.98 -110.04 -58.68
N PRO UB 20 66.07 -110.04 -59.45
CA PRO UB 20 66.05 -109.35 -60.76
C PRO UB 20 64.99 -109.90 -61.70
N THR UB 21 64.78 -111.21 -61.71
CA THR UB 21 63.80 -111.78 -62.63
C THR UB 21 62.38 -111.38 -62.26
N ARG UB 22 62.06 -111.46 -60.96
CA ARG UB 22 60.75 -111.07 -60.45
C ARG UB 22 60.97 -110.02 -59.37
N LEU UB 23 60.72 -108.76 -59.72
CA LEU UB 23 60.92 -107.68 -58.76
C LEU UB 23 59.91 -107.73 -57.64
N SER UB 24 58.88 -108.55 -57.76
CA SER UB 24 57.84 -108.61 -56.74
C SER UB 24 58.38 -109.11 -55.40
N THR UB 25 59.07 -110.24 -55.41
CA THR UB 25 59.56 -110.81 -54.17
C THR UB 25 60.70 -109.98 -53.60
N THR UB 26 60.69 -109.79 -52.29
CA THR UB 26 61.68 -108.97 -51.62
C THR UB 26 62.09 -109.62 -50.31
N PHE UB 27 63.22 -109.16 -49.78
CA PHE UB 27 63.67 -109.53 -48.45
C PHE UB 27 64.40 -108.34 -47.86
N SER UB 28 63.91 -107.80 -46.76
CA SER UB 28 64.46 -106.61 -46.16
C SER UB 28 64.89 -106.88 -44.73
N ALA UB 29 65.88 -106.11 -44.27
CA ALA UB 29 66.38 -106.22 -42.91
C ALA UB 29 66.58 -104.82 -42.35
N SER UB 30 65.97 -104.55 -41.20
CA SER UB 30 66.06 -103.25 -40.56
C SER UB 30 66.53 -103.46 -39.12
N LEU UB 31 67.51 -102.67 -38.70
CA LEU UB 31 68.11 -102.79 -37.38
C LEU UB 31 67.93 -101.49 -36.61
N LEU UB 32 67.79 -101.62 -35.29
CA LEU UB 32 67.63 -100.47 -34.40
C LEU UB 32 68.42 -100.76 -33.13
N ARG UB 33 69.38 -99.89 -32.82
CA ARG UB 33 70.24 -100.04 -31.66
C ARG UB 33 70.11 -98.83 -30.76
N GLN UB 34 70.19 -99.08 -29.45
CA GLN UB 34 70.06 -98.01 -28.47
C GLN UB 34 70.70 -98.46 -27.16
N ARG UB 35 70.75 -97.55 -26.20
CA ARG UB 35 71.40 -97.78 -24.93
C ARG UB 35 70.35 -98.06 -23.87
N VAL UB 36 70.57 -99.10 -23.06
CA VAL UB 36 69.61 -99.50 -22.04
C VAL UB 36 70.31 -99.66 -20.71
N LYS UB 37 69.66 -99.20 -19.64
CA LYS UB 37 70.15 -99.36 -18.28
C LYS UB 37 69.38 -100.51 -17.61
N VAL UB 38 69.79 -101.74 -17.89
CA VAL UB 38 69.17 -102.88 -17.21
C VAL UB 38 69.48 -102.83 -15.72
N GLY UB 39 70.74 -102.57 -15.38
CA GLY UB 39 71.12 -102.28 -14.01
C GLY UB 39 72.60 -101.98 -13.90
N ILE UB 40 72.91 -100.84 -13.27
CA ILE UB 40 74.26 -100.35 -12.99
C ILE UB 40 75.24 -100.72 -14.12
N ALA UB 41 74.75 -100.70 -15.36
CA ALA UB 41 75.57 -101.07 -16.51
C ALA UB 41 74.84 -100.65 -17.78
N GLU UB 42 75.59 -100.62 -18.88
CA GLU UB 42 75.05 -100.35 -20.20
C GLU UB 42 75.20 -101.60 -21.05
N LEU UB 43 74.09 -102.07 -21.61
CA LEU UB 43 74.07 -103.25 -22.45
C LEU UB 43 73.67 -102.86 -23.86
N ASN UB 44 74.50 -103.23 -24.83
CA ASN UB 44 74.30 -102.83 -26.22
C ASN UB 44 73.09 -103.58 -26.76
N ASN UB 45 71.95 -102.90 -26.87
CA ASN UB 45 70.70 -103.51 -27.27
C ASN UB 45 70.49 -103.33 -28.77
N VAL UB 46 70.16 -104.42 -29.46
CA VAL UB 46 69.93 -104.41 -30.89
C VAL UB 46 68.56 -105.04 -31.17
N SER UB 47 67.76 -104.36 -31.99
CA SER UB 47 66.45 -104.85 -32.38
C SER UB 47 66.43 -105.01 -33.89
N GLY UB 48 66.57 -106.25 -34.35
CA GLY UB 48 66.60 -106.55 -35.78
C GLY UB 48 65.23 -107.00 -36.27
N GLN UB 49 64.86 -106.52 -37.46
CA GLN UB 49 63.58 -106.84 -38.07
C GLN UB 49 63.82 -107.32 -39.48
N TYR UB 50 63.35 -108.53 -39.79
CA TYR UB 50 63.54 -109.14 -41.10
C TYR UB 50 62.18 -109.44 -41.70
N VAL UB 51 61.99 -109.01 -42.95
CA VAL UB 51 60.71 -109.15 -43.64
C VAL UB 51 60.96 -109.85 -44.97
N SER UB 52 60.19 -110.91 -45.22
CA SER UB 52 60.21 -111.62 -46.49
C SER UB 52 58.82 -111.57 -47.09
N VAL UB 53 58.72 -111.11 -48.34
CA VAL UB 53 57.43 -110.86 -48.98
C VAL UB 53 57.42 -111.54 -50.34
N TYR UB 54 56.32 -112.24 -50.64
CA TYR UB 54 56.11 -112.85 -51.94
C TYR UB 54 54.67 -112.63 -52.37
N LYS UB 55 54.49 -112.31 -53.64
CA LYS UB 55 53.15 -112.15 -54.23
C LYS UB 55 52.83 -113.45 -54.98
N ARG UB 56 52.42 -114.45 -54.25
CA ARG UB 56 52.10 -115.71 -54.89
C ARG UB 56 50.75 -115.63 -55.58
N PRO UB 57 50.63 -116.10 -56.82
CA PRO UB 57 49.35 -116.05 -57.51
C PRO UB 57 48.32 -116.93 -56.82
N ALA UB 58 47.05 -116.58 -56.99
CA ALA UB 58 45.96 -117.35 -56.42
C ALA UB 58 45.99 -118.76 -56.99
N PRO UB 59 45.52 -119.77 -56.25
CA PRO UB 59 45.66 -121.16 -56.70
C PRO UB 59 44.97 -121.42 -58.02
N LYS UB 60 45.65 -122.07 -58.95
CA LYS UB 60 45.03 -122.37 -60.22
C LYS UB 60 43.88 -123.37 -60.00
N PRO UB 61 42.69 -123.10 -60.54
CA PRO UB 61 41.53 -123.94 -60.23
C PRO UB 61 41.76 -125.39 -60.56
N GLU UB 62 41.32 -126.27 -59.65
CA GLU UB 62 41.63 -127.69 -59.73
C GLU UB 62 41.08 -128.28 -61.03
N GLY UB 63 41.86 -129.18 -61.62
CA GLY UB 63 41.52 -129.76 -62.90
C GLY UB 63 42.22 -129.11 -64.08
N CYS UB 64 42.11 -127.79 -64.22
CA CYS UB 64 42.80 -127.12 -65.31
C CYS UB 64 44.30 -127.15 -65.12
N ALA UB 65 45.00 -127.59 -66.16
CA ALA UB 65 46.42 -127.34 -66.36
C ALA UB 65 46.60 -126.43 -67.57
N ASP UB 66 45.67 -125.50 -67.73
CA ASP UB 66 45.62 -124.68 -68.93
C ASP UB 66 46.87 -123.84 -69.07
N ALA UB 67 47.15 -123.42 -70.31
CA ALA UB 67 48.38 -122.71 -70.62
C ALA UB 67 48.49 -121.41 -69.81
N CYS UB 68 47.42 -120.62 -69.76
CA CYS UB 68 47.41 -119.42 -68.92
C CYS UB 68 45.99 -118.93 -68.69
N VAL UB 69 45.54 -119.02 -67.43
CA VAL UB 69 44.26 -118.48 -66.99
C VAL UB 69 44.48 -117.61 -65.76
N ILE UB 70 45.66 -116.98 -65.69
CA ILE UB 70 46.23 -116.39 -64.48
C ILE UB 70 45.24 -115.59 -63.63
N MET UB 71 45.45 -115.63 -62.32
CA MET UB 71 44.63 -114.97 -61.31
C MET UB 71 45.46 -113.93 -60.56
N PRO UB 72 44.79 -112.98 -59.89
CA PRO UB 72 45.55 -112.01 -59.08
C PRO UB 72 46.35 -112.67 -57.97
N ASN UB 73 47.50 -112.09 -57.65
CA ASN UB 73 48.36 -112.64 -56.61
C ASN UB 73 47.83 -112.29 -55.22
N GLU UB 74 48.42 -112.92 -54.21
CA GLU UB 74 48.00 -112.72 -52.83
C GLU UB 74 49.23 -112.70 -51.93
N ASN UB 75 49.10 -112.00 -50.81
CA ASN UB 75 50.23 -111.70 -49.93
C ASN UB 75 50.74 -112.95 -49.22
N GLN UB 76 52.05 -113.13 -49.23
CA GLN UB 76 52.71 -114.17 -48.45
C GLN UB 76 53.86 -113.53 -47.70
N SER UB 77 53.60 -113.11 -46.47
CA SER UB 77 54.55 -112.32 -45.69
C SER UB 77 55.03 -113.11 -44.48
N ILE UB 78 56.32 -112.97 -44.17
CA ILE UB 78 56.93 -113.59 -43.01
C ILE UB 78 57.82 -112.54 -42.35
N ARG UB 79 57.44 -112.10 -41.16
CA ARG UB 79 58.17 -111.06 -40.44
C ARG UB 79 58.75 -111.64 -39.17
N THR UB 80 60.04 -111.43 -38.96
CA THR UB 80 60.74 -111.91 -37.79
C THR UB 80 61.43 -110.74 -37.11
N VAL UB 81 61.24 -110.61 -35.81
CA VAL UB 81 61.85 -109.55 -35.01
C VAL UB 81 62.66 -110.21 -33.91
N ILE UB 82 63.94 -109.88 -33.85
CA ILE UB 82 64.85 -110.40 -32.84
C ILE UB 82 65.39 -109.22 -32.04
N SER UB 83 65.19 -109.26 -30.73
CA SER UB 83 65.63 -108.20 -29.84
C SER UB 83 66.43 -108.79 -28.70
N GLY UB 84 67.53 -108.13 -28.35
CA GLY UB 84 68.35 -108.60 -27.26
C GLY UB 84 69.62 -107.78 -27.16
N SER UB 85 70.37 -108.05 -26.10
CA SER UB 85 71.65 -107.38 -25.86
C SER UB 85 72.73 -108.03 -26.69
N ALA UB 86 73.58 -107.21 -27.32
CA ALA UB 86 74.66 -107.74 -28.13
C ALA UB 86 75.65 -108.54 -27.30
N GLU UB 87 75.75 -108.25 -26.01
CA GLU UB 87 76.66 -108.99 -25.14
C GLU UB 87 76.21 -110.44 -25.00
N ASN UB 88 74.91 -110.67 -24.88
CA ASN UB 88 74.37 -112.02 -24.78
C ASN UB 88 74.06 -112.62 -26.15
N LEU UB 89 74.74 -112.18 -27.21
CA LEU UB 89 74.47 -112.69 -28.54
C LEU UB 89 74.78 -114.18 -28.63
N ALA UB 90 75.76 -114.65 -27.86
CA ALA UB 90 76.15 -116.06 -27.96
C ALA UB 90 74.99 -116.96 -27.57
N THR UB 91 74.29 -116.64 -26.49
CA THR UB 91 73.14 -117.43 -26.10
C THR UB 91 71.90 -117.06 -26.90
N LEU UB 92 71.83 -115.82 -27.40
CA LEU UB 92 70.69 -115.42 -28.22
C LEU UB 92 70.62 -116.22 -29.51
N LYS UB 93 71.78 -116.59 -30.07
CA LYS UB 93 71.78 -117.43 -31.25
C LYS UB 93 71.15 -118.79 -30.97
N ALA UB 94 71.45 -119.35 -29.80
CA ALA UB 94 70.81 -120.61 -29.41
C ALA UB 94 69.31 -120.43 -29.29
N GLU UB 95 68.87 -119.28 -28.78
CA GLU UB 95 67.45 -118.99 -28.72
C GLU UB 95 66.83 -118.98 -30.11
N TRP UB 96 67.50 -118.34 -31.07
CA TRP UB 96 66.98 -118.31 -32.43
C TRP UB 96 66.90 -119.70 -33.01
N GLU UB 97 67.90 -120.55 -32.75
CA GLU UB 97 67.86 -121.92 -33.24
C GLU UB 97 66.68 -122.68 -32.62
N THR UB 98 66.47 -122.51 -31.32
CA THR UB 98 65.34 -123.17 -30.68
C THR UB 98 64.01 -122.66 -31.23
N HIS UB 99 63.93 -121.36 -31.46
CA HIS UB 99 62.69 -120.77 -31.98
C HIS UB 99 62.29 -121.42 -33.31
N LYS UB 100 63.27 -121.86 -34.10
CA LYS UB 100 62.96 -122.58 -35.32
C LYS UB 100 62.21 -123.88 -35.00
N ARG UB 101 62.76 -124.67 -34.07
CA ARG UB 101 62.18 -125.97 -33.77
C ARG UB 101 60.76 -125.83 -33.24
N ASN UB 102 60.55 -124.87 -32.34
CA ASN UB 102 59.22 -124.68 -31.76
C ASN UB 102 58.22 -124.28 -32.83
N VAL UB 103 58.59 -123.36 -33.70
CA VAL UB 103 57.69 -122.94 -34.77
C VAL UB 103 57.47 -124.08 -35.75
N ASP UB 104 58.53 -124.82 -36.06
CA ASP UB 104 58.41 -125.89 -37.05
C ASP UB 104 57.41 -126.95 -36.60
N THR UB 105 57.44 -127.33 -35.33
CA THR UB 105 56.57 -128.40 -34.87
C THR UB 105 55.11 -128.00 -34.84
N LEU UB 106 54.80 -126.71 -34.89
CA LEU UB 106 53.43 -126.24 -35.05
C LEU UB 106 53.07 -125.96 -36.50
N PHE UB 107 53.94 -125.25 -37.22
CA PHE UB 107 53.62 -124.78 -38.55
C PHE UB 107 54.09 -125.75 -39.62
N ALA UB 108 55.39 -126.04 -39.65
CA ALA UB 108 55.94 -126.89 -40.69
C ALA UB 108 55.36 -128.30 -40.62
N SER UB 109 55.24 -128.85 -39.41
CA SER UB 109 54.75 -130.21 -39.23
C SER UB 109 53.29 -130.28 -38.82
N GLY UB 110 52.83 -129.37 -37.98
CA GLY UB 110 51.46 -129.40 -37.51
C GLY UB 110 50.51 -128.71 -38.47
N ASN UB 111 49.29 -128.50 -37.99
CA ASN UB 111 48.24 -127.88 -38.78
C ASN UB 111 48.03 -126.42 -38.43
N ALA UB 112 48.99 -125.79 -37.77
CA ALA UB 112 48.84 -124.38 -37.44
C ALA UB 112 48.71 -123.52 -38.68
N GLY UB 113 49.27 -123.96 -39.80
CA GLY UB 113 49.14 -123.20 -41.03
C GLY UB 113 47.71 -123.07 -41.49
N LEU UB 114 46.95 -124.16 -41.42
CA LEU UB 114 45.55 -124.13 -41.82
C LEU UB 114 44.67 -123.38 -40.83
N GLY UB 115 45.20 -123.05 -39.66
CA GLY UB 115 44.41 -122.42 -38.62
C GLY UB 115 44.15 -123.30 -37.41
N PHE UB 116 44.81 -124.44 -37.30
CA PHE UB 116 44.50 -125.40 -36.26
C PHE UB 116 45.54 -125.30 -35.15
N LEU UB 117 45.06 -125.18 -33.92
CA LEU UB 117 45.94 -125.10 -32.76
C LEU UB 117 45.97 -126.44 -32.05
N ASP UB 118 47.17 -126.96 -31.85
CA ASP UB 118 47.34 -128.24 -31.19
C ASP UB 118 47.90 -128.01 -29.78
N PRO UB 119 47.12 -128.25 -28.73
CA PRO UB 119 47.61 -127.94 -27.38
C PRO UB 119 48.50 -129.02 -26.78
N THR UB 120 48.81 -130.09 -27.51
CA THR UB 120 49.67 -131.15 -26.99
C THR UB 120 50.89 -131.36 -27.86
N ALA UB 121 51.32 -130.34 -28.61
CA ALA UB 121 52.52 -130.46 -29.40
C ALA UB 121 53.76 -130.45 -28.51
N ALA UB 122 54.83 -131.07 -28.99
CA ALA UB 122 56.08 -131.17 -28.25
C ALA UB 122 56.85 -129.87 -28.40
N ILE UB 123 56.97 -129.12 -27.30
CA ILE UB 123 57.67 -127.84 -27.28
C ILE UB 123 58.81 -127.93 -26.29
N VAL UB 124 60.01 -127.58 -26.73
CA VAL UB 124 61.23 -127.76 -25.94
C VAL UB 124 61.91 -126.41 -25.79
N SER UB 125 62.48 -126.17 -24.61
CA SER UB 125 63.21 -124.93 -24.37
C SER UB 125 64.64 -125.05 -24.89
N SER UB 126 65.32 -123.90 -24.92
CA SER UB 126 66.72 -123.90 -25.32
C SER UB 126 67.59 -124.64 -24.31
N ASP UB 127 67.27 -124.50 -23.03
CA ASP UB 127 68.07 -125.13 -21.99
C ASP UB 127 68.04 -126.65 -22.14
N THR UB 128 69.19 -127.27 -21.92
CA THR UB 128 69.36 -128.71 -22.07
C THR UB 128 69.30 -129.37 -20.70
N THR UB 129 68.87 -130.63 -20.69
CA THR UB 129 68.74 -131.38 -19.45
C THR UB 129 70.11 -131.64 -18.83
N ALA VB 1 98.16 -108.01 -36.13
CA ALA VB 1 97.10 -107.73 -37.09
C ALA VB 1 95.94 -107.00 -36.42
N ASN VB 2 95.70 -105.77 -36.85
CA ASN VB 2 94.60 -104.98 -36.28
C ASN VB 2 93.26 -105.50 -36.78
N LYS VB 3 92.27 -105.50 -35.89
CA LYS VB 3 90.95 -105.98 -36.25
C LYS VB 3 90.20 -104.91 -37.02
N PRO VB 4 89.67 -105.21 -38.20
CA PRO VB 4 88.94 -104.19 -38.96
C PRO VB 4 87.57 -103.91 -38.39
N MET VB 5 86.99 -102.78 -38.81
CA MET VB 5 85.62 -102.46 -38.47
C MET VB 5 84.73 -102.64 -39.69
N GLN VB 6 83.45 -102.75 -39.44
CA GLN VB 6 82.44 -102.66 -40.48
C GLN VB 6 81.64 -101.37 -40.31
N PRO VB 7 81.17 -100.78 -41.41
CA PRO VB 7 80.42 -99.53 -41.30
C PRO VB 7 79.12 -99.73 -40.55
N ILE VB 8 78.71 -98.66 -39.86
CA ILE VB 8 77.45 -98.63 -39.11
C ILE VB 8 76.41 -97.78 -39.82
N THR VB 9 76.70 -96.49 -39.98
CA THR VB 9 75.79 -95.56 -40.64
C THR VB 9 76.39 -95.19 -41.99
N SER VB 10 75.62 -95.40 -43.05
CA SER VB 10 76.06 -95.09 -44.41
C SER VB 10 75.23 -93.93 -44.92
N THR VB 11 75.90 -92.90 -45.43
CA THR VB 11 75.22 -91.72 -45.95
C THR VB 11 76.11 -91.13 -47.03
N ALA VB 12 75.51 -90.33 -47.91
CA ALA VB 12 76.28 -89.68 -48.96
C ALA VB 12 77.31 -88.70 -48.42
N ASN VB 13 77.20 -88.31 -47.15
CA ASN VB 13 78.14 -87.38 -46.55
C ASN VB 13 78.90 -87.94 -45.36
N LYS VB 14 78.34 -88.90 -44.63
CA LYS VB 14 78.94 -89.38 -43.40
C LYS VB 14 78.90 -90.89 -43.34
N ILE VB 15 80.00 -91.50 -42.91
CA ILE VB 15 80.07 -92.93 -42.71
C ILE VB 15 80.80 -93.19 -41.39
N VAL VB 16 80.27 -94.11 -40.59
CA VAL VB 16 80.82 -94.44 -39.28
C VAL VB 16 81.12 -95.93 -39.22
N TRP VB 17 82.32 -96.25 -38.75
CA TRP VB 17 82.74 -97.62 -38.53
C TRP VB 17 82.75 -97.92 -37.04
N SER VB 18 82.61 -99.20 -36.69
CA SER VB 18 82.64 -99.61 -35.29
C SER VB 18 83.16 -101.04 -35.18
N ASP VB 19 83.96 -101.28 -34.16
CA ASP VB 19 84.56 -102.59 -33.98
C ASP VB 19 83.52 -103.60 -33.51
N PRO VB 20 83.39 -104.75 -34.17
CA PRO VB 20 82.43 -105.76 -33.70
C PRO VB 20 82.69 -106.23 -32.29
N THR VB 21 83.95 -106.39 -31.90
CA THR VB 21 84.24 -106.88 -30.56
C THR VB 21 83.95 -105.80 -29.52
N ARG VB 22 84.35 -104.57 -29.78
CA ARG VB 22 84.08 -103.44 -28.89
C ARG VB 22 83.37 -102.36 -29.69
N LEU VB 23 82.06 -102.28 -29.56
CA LEU VB 23 81.30 -101.28 -30.29
C LEU VB 23 81.57 -99.86 -29.81
N SER VB 24 82.24 -99.71 -28.67
CA SER VB 24 82.60 -98.38 -28.20
C SER VB 24 83.55 -97.68 -29.16
N THR VB 25 84.52 -98.43 -29.70
CA THR VB 25 85.45 -97.86 -30.66
C THR VB 25 84.73 -97.46 -31.94
N THR VB 26 85.04 -96.26 -32.43
CA THR VB 26 84.40 -95.75 -33.64
C THR VB 26 85.43 -95.02 -34.48
N PHE VB 27 85.06 -94.80 -35.74
CA PHE VB 27 85.86 -93.98 -36.65
C PHE VB 27 84.91 -93.43 -37.70
N SER VB 28 84.59 -92.14 -37.61
CA SER VB 28 83.60 -91.52 -38.46
C SER VB 28 84.28 -90.55 -39.43
N ALA VB 29 83.88 -90.61 -40.70
CA ALA VB 29 84.38 -89.70 -41.73
C ALA VB 29 83.20 -88.92 -42.28
N SER VB 30 83.27 -87.60 -42.19
CA SER VB 30 82.24 -86.71 -42.68
C SER VB 30 82.84 -85.72 -43.65
N LEU VB 31 82.22 -85.59 -44.83
CA LEU VB 31 82.71 -84.70 -45.87
C LEU VB 31 81.63 -83.68 -46.21
N LEU VB 32 82.02 -82.42 -46.28
CA LEU VB 32 81.16 -81.35 -46.76
C LEU VB 32 81.83 -80.74 -47.98
N ARG VB 33 81.25 -81.00 -49.15
CA ARG VB 33 81.78 -80.50 -50.41
C ARG VB 33 80.91 -79.37 -50.91
N GLN VB 34 81.55 -78.24 -51.23
CA GLN VB 34 80.81 -77.08 -51.71
C GLN VB 34 81.76 -76.21 -52.53
N ARG VB 35 81.16 -75.36 -53.35
CA ARG VB 35 81.88 -74.64 -54.40
C ARG VB 35 82.27 -73.25 -53.91
N VAL VB 36 83.51 -72.86 -54.18
CA VAL VB 36 84.05 -71.58 -53.74
C VAL VB 36 84.46 -70.77 -54.96
N LYS VB 37 84.21 -69.47 -54.90
CA LYS VB 37 84.55 -68.55 -55.97
C LYS VB 37 85.76 -67.72 -55.57
N VAL VB 38 86.80 -67.73 -56.40
CA VAL VB 38 87.96 -66.89 -56.19
C VAL VB 38 88.08 -65.96 -57.39
N GLY VB 39 89.12 -65.13 -57.43
CA GLY VB 39 89.32 -64.20 -58.51
C GLY VB 39 89.22 -64.83 -59.89
N ILE VB 40 88.17 -64.47 -60.62
CA ILE VB 40 87.85 -64.91 -61.98
C ILE VB 40 88.11 -66.41 -62.14
N ALA VB 41 87.90 -67.18 -61.07
CA ALA VB 41 88.09 -68.62 -61.14
C ALA VB 41 87.16 -69.29 -60.14
N GLU VB 42 86.83 -70.55 -60.42
CA GLU VB 42 85.92 -71.31 -59.59
C GLU VB 42 86.63 -72.57 -59.11
N LEU VB 43 86.53 -72.84 -57.82
CA LEU VB 43 87.16 -74.00 -57.22
C LEU VB 43 86.11 -74.81 -56.46
N ASN VB 44 86.36 -76.12 -56.39
CA ASN VB 44 85.51 -77.05 -55.67
C ASN VB 44 86.24 -77.42 -54.37
N ASN VB 45 85.68 -77.00 -53.24
CA ASN VB 45 86.32 -77.20 -51.96
C ASN VB 45 85.68 -78.35 -51.21
N VAL VB 46 86.51 -79.22 -50.64
CA VAL VB 46 86.05 -80.34 -49.84
C VAL VB 46 86.54 -80.13 -48.41
N SER VB 47 85.68 -80.43 -47.45
CA SER VB 47 86.02 -80.29 -46.03
C SER VB 47 85.89 -81.65 -45.37
N GLY VB 48 86.95 -82.44 -45.44
CA GLY VB 48 86.97 -83.73 -44.78
C GLY VB 48 87.02 -83.57 -43.27
N GLN VB 49 86.48 -84.57 -42.56
CA GLN VB 49 86.46 -84.56 -41.11
C GLN VB 49 86.48 -85.99 -40.63
N TYR VB 50 87.59 -86.42 -40.04
CA TYR VB 50 87.77 -87.79 -39.60
C TYR VB 50 87.96 -87.80 -38.10
N VAL VB 51 87.06 -88.49 -37.40
CA VAL VB 51 87.06 -88.54 -35.93
C VAL VB 51 87.24 -89.99 -35.51
N SER VB 52 88.25 -90.23 -34.68
CA SER VB 52 88.50 -91.55 -34.11
C SER VB 52 88.31 -91.46 -32.60
N VAL VB 53 87.47 -92.34 -32.06
CA VAL VB 53 87.10 -92.29 -30.65
C VAL VB 53 87.31 -93.66 -30.03
N TYR VB 54 87.96 -93.69 -28.87
CA TYR VB 54 88.14 -94.91 -28.10
C TYR VB 54 87.72 -94.66 -26.65
N LYS VB 55 87.07 -95.64 -26.06
CA LYS VB 55 86.68 -95.59 -24.64
C LYS VB 55 87.70 -96.42 -23.86
N ARG VB 56 88.72 -95.76 -23.32
CA ARG VB 56 89.81 -96.43 -22.65
C ARG VB 56 89.61 -96.38 -21.14
N PRO VB 57 89.68 -97.50 -20.45
CA PRO VB 57 89.40 -97.51 -19.01
C PRO VB 57 90.48 -96.79 -18.21
N ALA VB 58 90.21 -96.64 -16.92
CA ALA VB 58 91.08 -95.93 -16.01
C ALA VB 58 92.42 -96.64 -15.87
N PRO VB 59 93.47 -95.93 -15.46
CA PRO VB 59 94.81 -96.53 -15.40
C PRO VB 59 94.97 -97.66 -14.38
N LYS VB 60 93.94 -97.92 -13.55
CA LYS VB 60 93.94 -99.07 -12.66
C LYS VB 60 95.06 -99.03 -11.62
N PRO VB 61 94.89 -98.25 -10.56
CA PRO VB 61 95.95 -98.14 -9.56
C PRO VB 61 96.40 -99.50 -9.05
N GLU VB 62 97.70 -99.61 -8.79
CA GLU VB 62 98.35 -100.88 -8.53
C GLU VB 62 97.72 -101.59 -7.34
N GLY VB 63 98.02 -102.87 -7.22
CA GLY VB 63 97.38 -103.68 -6.21
C GLY VB 63 96.26 -104.53 -6.76
N CYS VB 64 95.01 -104.05 -6.65
CA CYS VB 64 93.84 -104.86 -6.97
C CYS VB 64 93.69 -105.05 -8.48
N ALA VB 65 94.75 -105.56 -9.10
CA ALA VB 65 94.76 -105.81 -10.54
C ALA VB 65 93.98 -107.08 -10.88
N ASP VB 66 93.97 -108.05 -9.97
CA ASP VB 66 93.15 -109.24 -10.11
C ASP VB 66 91.68 -108.99 -9.80
N ALA VB 67 91.41 -108.07 -8.89
CA ALA VB 67 90.06 -107.91 -8.35
C ALA VB 67 89.08 -107.52 -9.45
N CYS VB 68 87.88 -108.09 -9.37
CA CYS VB 68 86.87 -107.93 -10.40
C CYS VB 68 86.11 -106.62 -10.18
N VAL VB 69 86.84 -105.51 -10.22
CA VAL VB 69 86.37 -104.23 -9.70
C VAL VB 69 86.47 -103.13 -10.75
N ILE VB 70 86.25 -103.49 -12.02
CA ILE VB 70 86.48 -102.65 -13.20
C ILE VB 70 86.00 -101.20 -13.01
N MET VB 71 86.75 -100.25 -13.58
CA MET VB 71 86.59 -98.81 -13.41
C MET VB 71 85.77 -98.25 -14.57
N PRO VB 72 85.38 -96.97 -14.55
CA PRO VB 72 84.78 -96.38 -15.74
C PRO VB 72 85.84 -96.09 -16.80
N ASN VB 73 85.35 -95.71 -17.98
CA ASN VB 73 86.19 -95.48 -19.14
C ASN VB 73 86.44 -93.99 -19.32
N GLU VB 74 87.43 -93.67 -20.15
CA GLU VB 74 87.81 -92.30 -20.45
C GLU VB 74 87.92 -92.14 -21.97
N ASN VB 75 87.58 -90.94 -22.44
CA ASN VB 75 87.50 -90.67 -23.87
C ASN VB 75 88.87 -90.32 -24.43
N GLN VB 76 89.29 -91.08 -25.44
CA GLN VB 76 90.50 -90.77 -26.22
C GLN VB 76 90.04 -90.46 -27.63
N SER VB 77 89.91 -89.18 -27.95
CA SER VB 77 89.36 -88.73 -29.23
C SER VB 77 90.45 -88.06 -30.05
N ILE VB 78 90.42 -88.32 -31.36
CA ILE VB 78 91.36 -87.73 -32.32
C ILE VB 78 90.55 -87.37 -33.55
N ARG VB 79 90.37 -86.07 -33.80
CA ARG VB 79 89.63 -85.60 -34.95
C ARG VB 79 90.51 -84.71 -35.81
N THR VB 80 90.39 -84.86 -37.13
CA THR VB 80 91.19 -84.13 -38.11
C THR VB 80 90.28 -83.60 -39.20
N VAL VB 81 90.50 -82.36 -39.59
CA VAL VB 81 89.72 -81.73 -40.66
C VAL VB 81 90.68 -81.29 -41.75
N ILE VB 82 90.31 -81.57 -43.00
CA ILE VB 82 91.11 -81.22 -44.17
C ILE VB 82 90.24 -80.37 -45.07
N SER VB 83 90.73 -79.18 -45.41
CA SER VB 83 90.02 -78.28 -46.32
C SER VB 83 90.94 -77.93 -47.48
N GLY VB 84 90.42 -78.04 -48.69
CA GLY VB 84 91.20 -77.68 -49.86
C GLY VB 84 90.47 -78.03 -51.13
N SER VB 85 90.96 -77.48 -52.23
CA SER VB 85 90.41 -77.74 -53.55
C SER VB 85 90.81 -79.13 -54.03
N ALA VB 86 89.89 -79.79 -54.72
CA ALA VB 86 90.23 -81.00 -55.44
C ALA VB 86 91.24 -80.71 -56.55
N GLU VB 87 91.24 -79.49 -57.08
CA GLU VB 87 92.18 -79.10 -58.11
C GLU VB 87 93.61 -79.02 -57.60
N ASN VB 88 93.80 -78.93 -56.28
CA ASN VB 88 95.13 -78.96 -55.67
C ASN VB 88 95.31 -80.20 -54.81
N LEU VB 89 94.57 -81.27 -55.14
CA LEU VB 89 94.66 -82.49 -54.34
C LEU VB 89 96.06 -83.07 -54.36
N ALA VB 90 96.69 -83.07 -55.54
CA ALA VB 90 98.01 -83.69 -55.66
C ALA VB 90 99.02 -83.03 -54.73
N THR VB 91 99.02 -81.70 -54.68
CA THR VB 91 99.91 -81.01 -53.75
C THR VB 91 99.39 -81.03 -52.33
N LEU VB 92 98.06 -81.06 -52.15
CA LEU VB 92 97.51 -81.03 -50.79
C LEU VB 92 97.94 -82.25 -49.98
N LYS VB 93 98.14 -83.38 -50.65
CA LYS VB 93 98.62 -84.57 -49.94
C LYS VB 93 99.98 -84.33 -49.33
N ALA VB 94 100.78 -83.45 -49.94
CA ALA VB 94 102.10 -83.14 -49.40
C ALA VB 94 102.01 -82.50 -48.03
N GLU VB 95 101.09 -81.55 -47.84
CA GLU VB 95 100.92 -80.97 -46.52
C GLU VB 95 100.39 -82.00 -45.53
N TRP VB 96 99.56 -82.93 -46.00
CA TRP VB 96 99.05 -83.94 -45.08
C TRP VB 96 100.16 -84.78 -44.48
N GLU VB 97 101.11 -85.23 -45.32
CA GLU VB 97 102.18 -86.05 -44.80
C GLU VB 97 103.16 -85.22 -43.97
N THR VB 98 103.40 -83.96 -44.34
CA THR VB 98 104.30 -83.15 -43.54
C THR VB 98 103.62 -82.67 -42.26
N HIS VB 99 102.28 -82.54 -42.29
CA HIS VB 99 101.56 -82.30 -41.04
C HIS VB 99 101.72 -83.48 -40.09
N LYS VB 100 101.73 -84.70 -40.64
CA LYS VB 100 102.05 -85.87 -39.83
C LYS VB 100 103.46 -85.77 -39.26
N ARG VB 101 104.42 -85.36 -40.09
CA ARG VB 101 105.80 -85.27 -39.64
C ARG VB 101 105.96 -84.26 -38.52
N ASN VB 102 105.32 -83.09 -38.65
CA ASN VB 102 105.43 -82.08 -37.62
C ASN VB 102 104.80 -82.55 -36.32
N VAL VB 103 103.59 -83.12 -36.40
CA VAL VB 103 102.91 -83.57 -35.19
C VAL VB 103 103.71 -84.68 -34.51
N ASP VB 104 104.23 -85.63 -35.29
CA ASP VB 104 105.02 -86.70 -34.71
C ASP VB 104 106.22 -86.17 -33.96
N THR VB 105 106.83 -85.09 -34.47
CA THR VB 105 107.94 -84.47 -33.76
C THR VB 105 107.51 -83.93 -32.41
N LEU VB 106 106.38 -83.22 -32.38
CA LEU VB 106 105.92 -82.63 -31.13
C LEU VB 106 105.28 -83.65 -30.20
N PHE VB 107 104.58 -84.63 -30.75
CA PHE VB 107 103.72 -85.50 -29.95
C PHE VB 107 104.25 -86.92 -29.85
N ALA VB 108 104.51 -87.58 -30.99
CA ALA VB 108 104.96 -88.97 -30.94
C ALA VB 108 106.33 -89.09 -30.29
N SER VB 109 107.27 -88.23 -30.71
CA SER VB 109 108.62 -88.25 -30.16
C SER VB 109 108.84 -87.20 -29.08
N GLY VB 110 108.04 -86.15 -29.05
CA GLY VB 110 108.17 -85.10 -28.07
C GLY VB 110 107.40 -85.40 -26.81
N ASN VB 111 107.06 -84.33 -26.08
CA ASN VB 111 106.33 -84.45 -24.83
C ASN VB 111 105.08 -83.56 -24.82
N ALA VB 112 104.51 -83.29 -25.98
CA ALA VB 112 103.29 -82.50 -26.03
C ALA VB 112 102.13 -83.23 -25.35
N GLY VB 113 102.21 -84.56 -25.25
CA GLY VB 113 101.17 -85.30 -24.56
C GLY VB 113 101.08 -84.94 -23.09
N LEU VB 114 102.22 -84.66 -22.46
CA LEU VB 114 102.25 -84.32 -21.04
C LEU VB 114 101.88 -82.87 -20.78
N GLY VB 115 101.69 -82.07 -21.83
CA GLY VB 115 101.39 -80.66 -21.66
C GLY VB 115 102.55 -79.72 -21.88
N PHE VB 116 103.67 -80.21 -22.39
CA PHE VB 116 104.85 -79.38 -22.59
C PHE VB 116 105.01 -79.02 -24.05
N LEU VB 117 105.27 -77.74 -24.30
CA LEU VB 117 105.60 -77.25 -25.63
C LEU VB 117 107.11 -77.10 -25.74
N ASP VB 118 107.67 -77.48 -26.89
CA ASP VB 118 109.11 -77.43 -27.07
C ASP VB 118 109.45 -76.36 -28.09
N PRO VB 119 109.87 -75.16 -27.66
CA PRO VB 119 110.17 -74.10 -28.63
C PRO VB 119 111.30 -74.46 -29.58
N THR VB 120 112.28 -75.23 -29.14
CA THR VB 120 113.42 -75.59 -29.99
C THR VB 120 113.18 -76.85 -30.80
N ALA VB 121 111.96 -77.37 -30.83
CA ALA VB 121 111.67 -78.52 -31.65
C ALA VB 121 111.84 -78.18 -33.13
N ALA VB 122 112.38 -79.13 -33.89
CA ALA VB 122 112.72 -78.91 -35.29
C ALA VB 122 111.58 -79.39 -36.16
N ILE VB 123 110.60 -78.52 -36.38
CA ILE VB 123 109.50 -78.79 -37.30
C ILE VB 123 109.84 -78.15 -38.63
N VAL VB 124 109.32 -78.72 -39.71
CA VAL VB 124 109.78 -78.37 -41.05
C VAL VB 124 108.56 -78.18 -41.96
N SER VB 125 108.74 -77.40 -43.01
CA SER VB 125 107.64 -77.08 -43.91
C SER VB 125 107.45 -78.19 -44.93
N SER VB 126 106.57 -77.94 -45.91
CA SER VB 126 106.34 -78.88 -46.99
C SER VB 126 107.20 -78.57 -48.21
N ASP VB 127 107.47 -77.29 -48.47
CA ASP VB 127 108.30 -76.93 -49.61
C ASP VB 127 109.73 -77.43 -49.40
N THR VB 128 110.26 -78.12 -50.41
CA THR VB 128 111.59 -78.69 -50.33
C THR VB 128 112.62 -77.63 -50.74
N THR VB 129 113.87 -78.05 -50.88
CA THR VB 129 114.94 -77.14 -51.28
C THR VB 129 115.53 -77.55 -52.62
N ALA WB 1 110.42 40.77 88.29
CA ALA WB 1 109.40 41.75 87.94
C ALA WB 1 108.73 41.40 86.62
N ASN WB 2 107.43 41.63 86.53
CA ASN WB 2 106.66 41.35 85.34
C ASN WB 2 105.82 42.56 84.99
N LYS WB 3 105.57 42.76 83.69
CA LYS WB 3 104.72 43.85 83.27
C LYS WB 3 103.30 43.57 83.73
N PRO WB 4 102.70 44.42 84.55
CA PRO WB 4 101.31 44.19 84.95
C PRO WB 4 100.37 44.43 83.79
N MET WB 5 99.36 43.56 83.67
CA MET WB 5 98.37 43.77 82.64
C MET WB 5 97.49 44.96 82.97
N GLN WB 6 96.87 45.51 81.94
CA GLN WB 6 95.99 46.64 82.06
C GLN WB 6 94.56 46.18 81.80
N PRO WB 7 93.63 46.41 82.73
CA PRO WB 7 92.27 45.88 82.56
C PRO WB 7 91.62 46.42 81.30
N ILE WB 8 90.88 45.56 80.62
CA ILE WB 8 90.24 45.92 79.37
C ILE WB 8 88.73 46.03 79.47
N THR WB 9 88.06 45.06 80.10
CA THR WB 9 86.60 45.10 80.21
C THR WB 9 86.24 44.83 81.65
N SER WB 10 85.81 45.87 82.37
CA SER WB 10 85.45 45.75 83.78
C SER WB 10 83.94 45.60 83.90
N THR WB 11 83.52 44.62 84.69
CA THR WB 11 82.11 44.36 84.91
C THR WB 11 81.95 43.75 86.28
N ALA WB 12 80.72 43.80 86.80
CA ALA WB 12 80.44 43.16 88.08
C ALA WB 12 80.57 41.65 88.02
N ASN WB 13 80.64 41.06 86.84
CA ASN WB 13 80.72 39.62 86.67
C ASN WB 13 82.06 39.17 86.10
N LYS WB 14 82.53 39.81 85.03
CA LYS WB 14 83.76 39.39 84.35
C LYS WB 14 84.68 40.59 84.18
N ILE WB 15 85.95 40.40 84.51
CA ILE WB 15 86.99 41.39 84.23
C ILE WB 15 88.09 40.69 83.45
N VAL WB 16 88.53 41.31 82.36
CA VAL WB 16 89.57 40.76 81.51
C VAL WB 16 90.75 41.70 81.51
N TRP WB 17 91.91 41.20 81.94
CA TRP WB 17 93.16 41.92 81.82
C TRP WB 17 93.89 41.46 80.58
N SER WB 18 94.81 42.29 80.10
CA SER WB 18 95.66 41.92 78.98
C SER WB 18 96.89 42.80 78.99
N ASP WB 19 97.97 42.26 78.44
CA ASP WB 19 99.24 42.99 78.44
C ASP WB 19 99.21 44.11 77.42
N PRO WB 20 99.53 45.35 77.80
CA PRO WB 20 99.48 46.45 76.82
C PRO WB 20 100.43 46.25 75.65
N THR WB 21 101.60 45.65 75.90
CA THR WB 21 102.54 45.44 74.80
C THR WB 21 102.08 44.30 73.89
N ARG WB 22 101.49 43.26 74.47
CA ARG WB 22 101.01 42.10 73.72
C ARG WB 22 99.55 41.88 74.12
N LEU WB 23 98.64 42.42 73.32
CA LEU WB 23 97.22 42.29 73.62
C LEU WB 23 96.73 40.86 73.52
N SER WB 24 97.48 39.99 72.83
CA SER WB 24 97.02 38.62 72.63
C SER WB 24 96.93 37.87 73.95
N THR WB 25 97.93 38.02 74.82
CA THR WB 25 97.91 37.35 76.11
C THR WB 25 96.94 38.07 77.05
N THR WB 26 96.05 37.32 77.67
CA THR WB 26 95.01 37.88 78.53
C THR WB 26 94.90 37.04 79.79
N PHE WB 27 94.06 37.52 80.72
CA PHE WB 27 93.74 36.78 81.93
C PHE WB 27 92.37 37.26 82.38
N SER WB 28 91.37 36.38 82.28
CA SER WB 28 89.99 36.74 82.58
C SER WB 28 89.51 36.01 83.82
N ALA WB 29 88.69 36.69 84.61
CA ALA WB 29 88.10 36.12 85.80
C ALA WB 29 86.60 36.40 85.79
N SER WB 30 85.80 35.36 86.00
CA SER WB 30 84.35 35.48 85.99
C SER WB 30 83.77 34.79 87.21
N LEU WB 31 82.67 35.32 87.71
CA LEU WB 31 82.01 34.80 88.91
C LEU WB 31 80.56 34.51 88.61
N LEU WB 32 80.04 33.44 89.21
CA LEU WB 32 78.65 33.04 89.08
C LEU WB 32 78.13 32.74 90.47
N ARG WB 33 77.63 33.76 91.15
CA ARG WB 33 77.02 33.56 92.46
C ARG WB 33 75.70 32.82 92.32
N GLN WB 34 75.42 31.94 93.26
CA GLN WB 34 74.29 31.04 93.14
C GLN WB 34 73.76 30.73 94.53
N ARG WB 35 72.46 30.42 94.60
CA ARG WB 35 71.81 30.04 95.84
C ARG WB 35 71.73 28.53 95.91
N VAL WB 36 72.23 27.96 97.01
CA VAL WB 36 72.25 26.51 97.20
C VAL WB 36 71.68 26.19 98.57
N LYS WB 37 70.72 25.27 98.61
CA LYS WB 37 70.01 24.89 99.83
C LYS WB 37 70.38 23.47 100.20
N VAL WB 38 71.19 23.31 101.25
CA VAL WB 38 71.60 21.99 101.70
C VAL WB 38 71.30 21.78 103.18
N GLY WB 39 71.72 22.71 104.04
CA GLY WB 39 71.62 22.49 105.47
C GLY WB 39 70.36 23.07 106.08
N ILE WB 40 69.20 22.61 105.58
CA ILE WB 40 67.87 23.12 105.92
C ILE WB 40 67.93 24.65 106.04
N ALA WB 41 68.80 25.26 105.25
CA ALA WB 41 69.07 26.69 105.28
C ALA WB 41 69.81 27.05 104.01
N GLU WB 42 69.66 28.30 103.58
CA GLU WB 42 70.32 28.74 102.35
C GLU WB 42 71.81 28.92 102.56
N LEU WB 43 72.59 28.51 101.56
CA LEU WB 43 74.04 28.70 101.56
C LEU WB 43 74.44 29.58 100.39
N ASN WB 44 75.41 30.45 100.64
CA ASN WB 44 75.89 31.40 99.64
C ASN WB 44 76.97 30.71 98.82
N ASN WB 45 76.60 30.21 97.65
CA ASN WB 45 77.55 29.50 96.79
C ASN WB 45 78.07 30.41 95.69
N VAL WB 46 79.34 30.25 95.37
CA VAL WB 46 80.00 31.03 94.34
C VAL WB 46 80.91 30.11 93.54
N SER WB 47 80.98 30.35 92.23
CA SER WB 47 81.84 29.57 91.34
C SER WB 47 82.70 30.54 90.54
N GLY WB 48 83.95 30.71 90.97
CA GLY WB 48 84.87 31.61 90.32
C GLY WB 48 85.70 30.89 89.29
N GLN WB 49 85.56 31.31 88.04
CA GLN WB 49 86.29 30.73 86.91
C GLN WB 49 87.37 31.69 86.49
N TYR WB 50 88.61 31.18 86.41
CA TYR WB 50 89.77 31.98 86.05
C TYR WB 50 90.45 31.34 84.86
N VAL WB 51 90.59 32.10 83.77
CA VAL WB 51 91.15 31.59 82.53
C VAL WB 51 92.34 32.45 82.16
N SER WB 52 93.52 31.83 82.09
CA SER WB 52 94.74 32.50 81.64
C SER WB 52 95.17 31.85 80.33
N VAL WB 53 95.27 32.65 79.28
CA VAL WB 53 95.58 32.15 77.94
C VAL WB 53 96.77 32.94 77.39
N TYR WB 54 97.63 32.24 76.66
CA TYR WB 54 98.78 32.85 76.01
C TYR WB 54 98.95 32.22 74.64
N LYS WB 55 99.06 33.06 73.60
CA LYS WB 55 99.37 32.57 72.27
C LYS WB 55 100.88 32.54 72.11
N ARG WB 56 101.45 31.35 72.06
CA ARG WB 56 102.88 31.17 72.07
C ARG WB 56 103.36 30.67 70.72
N PRO WB 57 104.25 31.39 70.06
CA PRO WB 57 104.56 31.06 68.66
C PRO WB 57 105.46 29.86 68.49
N ALA WB 58 104.95 28.82 67.82
CA ALA WB 58 105.72 27.71 67.30
C ALA WB 58 106.41 26.89 68.37
N PRO WB 59 107.07 25.79 68.01
CA PRO WB 59 108.01 25.13 68.92
C PRO WB 59 109.42 25.72 68.90
N LYS WB 60 109.59 26.93 68.38
CA LYS WB 60 110.90 27.58 68.29
C LYS WB 60 111.87 26.75 67.45
N PRO WB 61 111.72 26.75 66.10
CA PRO WB 61 112.53 25.92 65.21
C PRO WB 61 113.98 25.75 65.64
N GLU WB 62 114.43 24.51 65.69
CA GLU WB 62 115.71 24.11 66.26
C GLU WB 62 116.90 24.74 65.55
N GLY WB 63 117.89 25.16 66.34
CA GLY WB 63 119.21 25.53 65.87
C GLY WB 63 119.33 26.46 64.68
N CYS WB 64 118.31 27.26 64.41
CA CYS WB 64 118.44 28.30 63.38
C CYS WB 64 117.42 29.41 63.63
N ALA WB 65 117.84 30.65 63.43
CA ALA WB 65 116.95 31.79 63.55
C ALA WB 65 116.28 32.03 62.19
N ASP WB 66 115.20 32.80 62.19
CA ASP WB 66 114.53 33.18 60.95
C ASP WB 66 114.34 34.69 60.94
N ALA WB 67 114.61 35.32 62.08
CA ALA WB 67 114.40 36.75 62.27
C ALA WB 67 112.97 37.12 61.88
N CYS WB 68 112.77 37.50 60.62
CA CYS WB 68 111.45 37.88 60.14
C CYS WB 68 110.68 36.64 59.70
N VAL WB 69 109.57 36.84 59.02
CA VAL WB 69 108.71 35.75 58.53
C VAL WB 69 108.24 34.95 59.73
N ILE WB 70 107.27 35.50 60.46
CA ILE WB 70 106.73 34.80 61.63
C ILE WB 70 105.93 33.58 61.18
N MET WB 71 106.13 32.48 61.89
CA MET WB 71 105.46 31.22 61.60
C MET WB 71 104.20 31.11 62.47
N PRO WB 72 103.28 30.19 62.19
CA PRO WB 72 101.98 30.21 62.88
C PRO WB 72 102.11 30.03 64.38
N ASN WB 73 101.17 30.62 65.09
CA ASN WB 73 101.14 30.65 66.55
C ASN WB 73 100.21 29.57 67.08
N GLU WB 74 100.45 29.15 68.32
CA GLU WB 74 99.68 28.09 68.95
C GLU WB 74 99.32 28.48 70.37
N ASN WB 75 98.30 27.83 70.90
CA ASN WB 75 97.63 28.27 72.12
C ASN WB 75 98.22 27.62 73.37
N GLN WB 76 98.12 28.35 74.48
CA GLN WB 76 98.51 27.86 75.80
C GLN WB 76 97.50 28.40 76.80
N SER WB 77 96.53 27.58 77.17
CA SER WB 77 95.42 28.02 78.00
C SER WB 77 95.43 27.29 79.34
N ILE WB 78 95.09 28.01 80.40
CA ILE WB 78 94.93 27.46 81.74
C ILE WB 78 93.61 27.95 82.31
N ARG WB 79 92.78 27.02 82.77
CA ARG WB 79 91.49 27.35 83.34
C ARG WB 79 91.37 26.73 84.72
N THR WB 80 90.88 27.52 85.68
CA THR WB 80 90.58 27.02 87.02
C THR WB 80 89.20 27.50 87.43
N VAL WB 81 88.43 26.63 88.06
CA VAL WB 81 87.13 26.98 88.61
C VAL WB 81 87.14 26.61 90.09
N ILE WB 82 86.71 27.53 90.93
CA ILE WB 82 86.66 27.33 92.36
C ILE WB 82 85.20 27.42 92.78
N SER WB 83 84.64 26.31 93.26
CA SER WB 83 83.25 26.25 93.65
C SER WB 83 83.17 25.90 95.13
N GLY WB 84 82.37 26.66 95.88
CA GLY WB 84 82.19 26.38 97.29
C GLY WB 84 81.34 27.45 97.92
N SER WB 85 80.89 27.16 99.14
CA SER WB 85 80.09 28.12 99.89
C SER WB 85 80.97 29.23 100.43
N ALA WB 86 80.45 30.46 100.40
CA ALA WB 86 81.19 31.59 100.92
C ALA WB 86 81.44 31.47 102.42
N GLU WB 87 80.55 30.78 103.13
CA GLU WB 87 80.72 30.61 104.57
C GLU WB 87 81.95 29.79 104.88
N ASN WB 88 82.25 28.79 104.06
CA ASN WB 88 83.42 27.95 104.22
C ASN WB 88 84.61 28.46 103.43
N LEU WB 89 84.71 29.78 103.24
CA LEU WB 89 85.83 30.33 102.48
C LEU WB 89 87.16 30.06 103.16
N ALA WB 90 87.22 30.18 104.48
CA ALA WB 90 88.49 30.06 105.19
C ALA WB 90 89.11 28.70 104.95
N THR WB 91 88.32 27.63 105.04
CA THR WB 91 88.84 26.30 104.74
C THR WB 91 89.01 26.09 103.25
N LEU WB 92 88.23 26.79 102.42
CA LEU WB 92 88.39 26.67 100.98
C LEU WB 92 89.77 27.14 100.53
N LYS WB 93 90.27 28.21 101.15
CA LYS WB 93 91.61 28.68 100.81
C LYS WB 93 92.66 27.61 101.12
N ALA WB 94 92.53 26.94 102.25
CA ALA WB 94 93.44 25.85 102.57
C ALA WB 94 93.31 24.73 101.55
N GLU WB 95 92.08 24.45 101.09
CA GLU WB 95 91.89 23.49 100.02
C GLU WB 95 92.63 23.94 98.75
N TRP WB 96 92.58 25.23 98.45
CA TRP WB 96 93.28 25.75 97.28
C TRP WB 96 94.79 25.59 97.43
N GLU WB 97 95.30 25.76 98.65
CA GLU WB 97 96.74 25.63 98.87
C GLU WB 97 97.22 24.22 98.55
N THR WB 98 96.51 23.21 99.05
CA THR WB 98 96.92 21.83 98.77
C THR WB 98 96.80 21.52 97.29
N HIS WB 99 95.71 21.96 96.65
CA HIS WB 99 95.51 21.71 95.23
C HIS WB 99 96.67 22.27 94.41
N LYS WB 100 97.26 23.37 94.88
CA LYS WB 100 98.46 23.89 94.24
C LYS WB 100 99.57 22.86 94.26
N ARG WB 101 100.04 22.51 95.45
CA ARG WB 101 101.13 21.55 95.58
C ARG WB 101 100.74 20.17 95.09
N ASN WB 102 99.44 19.86 95.10
CA ASN WB 102 98.99 18.56 94.62
C ASN WB 102 99.25 18.40 93.14
N VAL WB 103 98.92 19.41 92.34
CA VAL WB 103 99.20 19.33 90.92
C VAL WB 103 100.67 19.67 90.65
N ASP WB 104 101.28 20.48 91.50
CA ASP WB 104 102.69 20.79 91.32
C ASP WB 104 103.56 19.54 91.45
N THR WB 105 103.30 18.72 92.46
CA THR WB 105 104.08 17.51 92.65
C THR WB 105 103.81 16.49 91.56
N LEU WB 106 102.76 16.68 90.76
CA LEU WB 106 102.41 15.75 89.71
C LEU WB 106 102.67 16.29 88.31
N PHE WB 107 102.62 17.59 88.13
CA PHE WB 107 102.81 18.21 86.81
C PHE WB 107 104.08 19.02 86.73
N ALA WB 108 104.27 19.98 87.63
CA ALA WB 108 105.47 20.81 87.58
C ALA WB 108 106.72 20.02 87.89
N SER WB 109 106.72 19.26 88.99
CA SER WB 109 107.88 18.44 89.33
C SER WB 109 108.00 17.21 88.46
N GLY WB 110 106.90 16.54 88.17
CA GLY WB 110 106.89 15.36 87.33
C GLY WB 110 106.79 15.71 85.87
N ASN WB 111 106.42 14.72 85.05
CA ASN WB 111 106.31 14.91 83.62
C ASN WB 111 104.89 14.64 83.12
N ALA WB 112 103.88 15.02 83.90
CA ALA WB 112 102.51 14.85 83.45
C ALA WB 112 102.21 15.69 82.22
N GLY WB 113 102.82 16.86 82.10
CA GLY WB 113 102.60 17.70 80.96
C GLY WB 113 103.05 17.08 79.65
N LEU WB 114 103.85 16.02 79.72
CA LEU WB 114 104.28 15.29 78.54
C LEU WB 114 103.35 14.13 78.21
N GLY WB 115 102.26 13.98 78.93
CA GLY WB 115 101.32 12.91 78.69
C GLY WB 115 101.51 11.66 79.54
N PHE WB 116 102.27 11.75 80.62
CA PHE WB 116 102.56 10.61 81.47
C PHE WB 116 101.80 10.73 82.79
N LEU WB 117 101.53 9.58 83.40
CA LEU WB 117 100.95 9.53 84.74
C LEU WB 117 101.93 8.80 85.65
N ASP WB 118 101.95 9.19 86.92
CA ASP WB 118 102.84 8.60 87.92
C ASP WB 118 101.97 8.02 89.02
N PRO WB 119 101.61 6.74 88.92
CA PRO WB 119 100.70 6.17 89.92
C PRO WB 119 101.27 6.14 91.33
N THR WB 120 102.60 6.21 91.48
CA THR WB 120 103.22 6.20 92.79
C THR WB 120 103.60 7.59 93.27
N ALA WB 121 103.11 8.64 92.62
CA ALA WB 121 103.39 9.99 93.06
C ALA WB 121 102.75 10.26 94.41
N ALA WB 122 103.39 11.13 95.20
CA ALA WB 122 102.89 11.45 96.53
C ALA WB 122 101.80 12.51 96.45
N ILE WB 123 100.59 12.14 96.87
CA ILE WB 123 99.43 13.03 96.86
C ILE WB 123 98.96 13.20 98.30
N VAL WB 124 98.97 14.45 98.77
CA VAL WB 124 98.66 14.77 100.15
C VAL WB 124 97.33 15.52 100.20
N SER WB 125 96.58 15.30 101.27
CA SER WB 125 95.22 15.83 101.36
C SER WB 125 95.21 17.16 102.09
N SER WB 126 94.05 17.81 102.07
CA SER WB 126 93.88 19.05 102.82
C SER WB 126 94.01 18.81 104.31
N ASP WB 127 93.42 17.73 104.80
CA ASP WB 127 93.46 17.43 106.22
C ASP WB 127 94.88 17.05 106.64
N THR WB 128 95.25 17.42 107.86
CA THR WB 128 96.56 17.13 108.40
C THR WB 128 96.42 16.44 109.74
N THR WB 129 97.41 15.63 110.08
CA THR WB 129 97.40 14.89 111.35
C THR WB 129 97.45 15.84 112.53
N ALA XB 1 79.37 51.38 115.63
CA ALA XB 1 79.20 51.44 114.18
C ALA XB 1 78.55 50.17 113.67
N ASN XB 2 78.31 50.11 112.37
CA ASN XB 2 77.68 48.96 111.74
C ASN XB 2 78.51 48.52 110.55
N LYS XB 3 78.32 47.28 110.16
CA LYS XB 3 79.05 46.73 109.02
C LYS XB 3 78.68 47.47 107.75
N PRO XB 4 79.64 48.00 106.99
CA PRO XB 4 79.31 48.61 105.71
C PRO XB 4 79.31 47.57 104.60
N MET XB 5 78.37 47.71 103.67
CA MET XB 5 78.34 46.79 102.55
C MET XB 5 79.33 47.21 101.48
N GLN XB 6 79.41 46.41 100.42
CA GLN XB 6 80.17 46.74 99.24
C GLN XB 6 79.34 46.44 98.01
N PRO XB 7 79.55 47.17 96.92
CA PRO XB 7 78.76 46.90 95.71
C PRO XB 7 79.02 45.51 95.17
N ILE XB 8 77.98 44.90 94.60
CA ILE XB 8 78.08 43.57 94.02
C ILE XB 8 77.77 43.62 92.54
N THR XB 9 76.66 44.24 92.18
CA THR XB 9 76.22 44.24 90.79
C THR XB 9 76.04 45.69 90.35
N SER XB 10 77.08 46.24 89.72
CA SER XB 10 77.02 47.58 89.15
C SER XB 10 76.47 47.45 87.73
N THR XB 11 75.28 47.99 87.52
CA THR XB 11 74.60 47.90 86.23
C THR XB 11 74.33 49.33 85.75
N ALA XB 12 73.80 49.45 84.54
CA ALA XB 12 73.51 50.77 83.96
C ALA XB 12 72.59 51.58 84.87
N ASN XB 13 71.65 50.92 85.55
CA ASN XB 13 70.72 51.60 86.42
C ASN XB 13 70.72 51.07 87.84
N LYS XB 14 70.86 49.76 88.03
CA LYS XB 14 70.75 49.14 89.34
C LYS XB 14 72.12 48.88 89.94
N ILE XB 15 72.25 49.19 91.23
CA ILE XB 15 73.44 48.85 92.00
C ILE XB 15 73.00 48.11 93.25
N VAL XB 16 73.70 47.03 93.57
CA VAL XB 16 73.35 46.18 94.70
C VAL XB 16 74.52 46.12 95.68
N TRP XB 17 74.23 46.39 96.94
CA TRP XB 17 75.21 46.25 98.01
C TRP XB 17 74.89 45.01 98.83
N SER XB 18 75.94 44.37 99.33
CA SER XB 18 75.78 43.17 100.14
C SER XB 18 76.85 43.12 101.21
N ASP XB 19 76.48 42.64 102.38
CA ASP XB 19 77.42 42.55 103.49
C ASP XB 19 78.40 41.42 103.25
N PRO XB 20 79.70 41.66 103.29
CA PRO XB 20 80.66 40.56 103.08
C PRO XB 20 80.51 39.43 104.08
N THR XB 21 80.22 39.75 105.34
CA THR XB 21 80.08 38.69 106.34
C THR XB 21 78.79 37.93 106.18
N ARG XB 22 77.70 38.62 105.88
CA ARG XB 22 76.38 38.01 105.73
C ARG XB 22 75.86 38.36 104.34
N LEU XB 23 76.00 37.44 103.40
CA LEU XB 23 75.60 37.70 102.02
C LEU XB 23 74.10 37.84 101.88
N SER XB 24 73.32 37.34 102.84
CA SER XB 24 71.87 37.45 102.74
C SER XB 24 71.43 38.91 102.79
N THR XB 25 72.03 39.71 103.67
CA THR XB 25 71.69 41.12 103.76
C THR XB 25 71.98 41.81 102.44
N THR XB 26 71.03 42.64 101.99
CA THR XB 26 71.13 43.22 100.66
C THR XB 26 70.39 44.55 100.63
N PHE XB 27 71.03 45.54 100.01
CA PHE XB 27 70.39 46.82 99.70
C PHE XB 27 70.59 47.10 98.23
N SER XB 28 69.50 47.25 97.49
CA SER XB 28 69.56 47.47 96.05
C SER XB 28 68.80 48.75 95.69
N ALA XB 29 69.37 49.53 94.79
CA ALA XB 29 68.76 50.78 94.34
C ALA XB 29 68.76 50.80 92.83
N SER XB 30 67.61 51.10 92.24
CA SER XB 30 67.48 51.22 90.79
C SER XB 30 66.74 52.50 90.45
N LEU XB 31 67.16 53.13 89.36
CA LEU XB 31 66.55 54.36 88.90
C LEU XB 31 66.01 54.16 87.49
N LEU XB 32 64.92 54.84 87.19
CA LEU XB 32 64.28 54.78 85.87
C LEU XB 32 63.95 56.22 85.48
N ARG XB 33 64.88 56.85 84.76
CA ARG XB 33 64.66 58.21 84.29
C ARG XB 33 63.84 58.22 83.02
N GLN XB 34 62.95 59.20 82.91
CA GLN XB 34 62.08 59.32 81.74
C GLN XB 34 61.73 60.77 81.54
N ARG XB 35 61.77 61.21 80.28
CA ARG XB 35 61.44 62.59 79.92
C ARG XB 35 59.93 62.69 79.73
N VAL XB 36 59.23 63.13 80.78
CA VAL XB 36 57.79 63.26 80.73
C VAL XB 36 57.42 64.63 80.19
N LYS XB 37 56.34 64.68 79.42
CA LYS XB 37 55.83 65.91 78.84
C LYS XB 37 54.53 66.31 79.51
N VAL XB 38 54.49 67.53 80.05
CA VAL XB 38 53.26 68.11 80.56
C VAL XB 38 52.96 69.34 79.70
N GLY XB 39 51.88 70.04 80.03
CA GLY XB 39 51.46 71.19 79.23
C GLY XB 39 52.55 72.20 78.99
N ILE XB 40 52.94 72.35 77.72
CA ILE XB 40 53.96 73.27 77.24
C ILE XB 40 55.14 73.34 78.21
N ALA XB 41 55.55 72.18 78.73
CA ALA XB 41 56.67 72.11 79.65
C ALA XB 41 57.24 70.70 79.61
N GLU XB 42 58.49 70.56 79.18
CA GLU XB 42 59.17 69.28 79.17
C GLU XB 42 60.07 69.20 80.39
N LEU XB 43 60.00 68.07 81.10
CA LEU XB 43 60.73 67.90 82.34
C LEU XB 43 61.06 66.42 82.54
N ASN XB 44 62.10 66.18 83.32
CA ASN XB 44 62.62 64.82 83.51
C ASN XB 44 62.03 64.21 84.76
N ASN XB 45 61.46 63.02 84.61
CA ASN XB 45 60.87 62.29 85.72
C ASN XB 45 61.78 61.13 86.11
N VAL XB 46 62.08 61.04 87.41
CA VAL XB 46 62.94 59.99 87.94
C VAL XB 46 62.13 59.19 88.95
N SER XB 47 62.12 57.88 88.79
CA SER XB 47 61.45 56.97 89.71
C SER XB 47 62.51 56.09 90.35
N GLY XB 48 62.78 56.30 91.63
CA GLY XB 48 63.81 55.57 92.35
C GLY XB 48 63.19 54.46 93.20
N GLN XB 49 63.75 53.27 93.07
CA GLN XB 49 63.30 52.09 93.80
C GLN XB 49 64.43 51.61 94.69
N TYR XB 50 64.19 51.61 96.00
CA TYR XB 50 65.19 51.19 96.97
C TYR XB 50 64.62 50.03 97.76
N VAL XB 51 65.33 48.90 97.77
CA VAL XB 51 64.87 47.68 98.41
C VAL XB 51 65.95 47.23 99.39
N SER XB 52 65.55 47.03 100.64
CA SER XB 52 66.43 46.50 101.67
C SER XB 52 65.86 45.16 102.14
N VAL XB 53 66.68 44.12 102.08
CA VAL XB 53 66.25 42.76 102.37
C VAL XB 53 67.17 42.17 103.42
N TYR XB 54 66.57 41.52 104.42
CA TYR XB 54 67.33 40.86 105.48
C TYR XB 54 66.73 39.48 105.72
N LYS XB 55 67.59 38.46 105.74
CA LYS XB 55 67.18 37.12 106.13
C LYS XB 55 67.40 36.96 107.63
N ARG XB 56 66.31 36.93 108.38
CA ARG XB 56 66.41 36.88 109.82
C ARG XB 56 65.79 35.61 110.37
N PRO XB 57 66.48 34.88 111.25
CA PRO XB 57 65.91 33.65 111.79
C PRO XB 57 64.68 33.94 112.64
N ALA XB 58 63.78 32.97 112.69
CA ALA XB 58 62.59 33.10 113.52
C ALA XB 58 62.98 33.19 114.98
N PRO XB 59 62.25 33.95 115.79
CA PRO XB 59 62.64 34.12 117.19
C PRO XB 59 62.46 32.85 117.99
N LYS XB 60 63.51 32.45 118.69
CA LYS XB 60 63.43 31.30 119.57
C LYS XB 60 62.52 31.59 120.75
N PRO XB 61 61.90 30.57 121.32
CA PRO XB 61 61.11 30.77 122.54
C PRO XB 61 61.98 31.23 123.69
N GLU XB 62 61.32 31.71 124.74
CA GLU XB 62 62.01 32.39 125.82
C GLU XB 62 62.97 31.46 126.55
N GLY XB 63 64.11 32.02 126.97
CA GLY XB 63 65.12 31.27 127.69
C GLY XB 63 65.69 30.11 126.91
N CYS XB 64 66.04 30.35 125.64
CA CYS XB 64 66.56 29.25 124.81
C CYS XB 64 67.95 29.56 124.30
N ALA XB 65 68.66 30.49 124.92
CA ALA XB 65 70.04 30.78 124.53
C ALA XB 65 70.92 29.66 125.06
N ASP XB 66 70.87 28.51 124.39
CA ASP XB 66 71.52 27.32 124.90
C ASP XB 66 72.87 27.08 124.21
N ALA XB 67 72.84 26.99 122.88
CA ALA XB 67 74.02 26.65 122.09
C ALA XB 67 73.67 26.66 120.61
N CYS XB 68 73.39 25.48 120.05
CA CYS XB 68 73.00 25.35 118.66
C CYS XB 68 71.52 25.03 118.59
N VAL XB 69 70.73 26.01 118.18
CA VAL XB 69 69.32 25.79 117.84
C VAL XB 69 68.99 26.68 116.65
N ILE XB 70 68.63 26.07 115.53
CA ILE XB 70 68.51 26.76 114.27
C ILE XB 70 67.02 26.81 113.90
N MET XB 71 66.42 27.97 114.08
CA MET XB 71 65.08 28.22 113.60
C MET XB 71 65.12 28.43 112.09
N PRO XB 72 64.02 28.17 111.40
CA PRO XB 72 63.97 28.51 109.97
C PRO XB 72 64.15 30.01 109.78
N ASN XB 73 64.76 30.35 108.66
CA ASN XB 73 65.17 31.73 108.38
C ASN XB 73 64.10 32.40 107.54
N GLU XB 74 63.45 33.41 108.12
CA GLU XB 74 62.44 34.18 107.41
C GLU XB 74 63.03 35.51 106.95
N ASN XB 75 62.27 36.27 106.18
CA ASN XB 75 62.77 37.45 105.50
C ASN XB 75 62.02 38.70 105.90
N GLN XB 76 62.74 39.82 105.97
CA GLN XB 76 62.18 41.13 106.25
C GLN XB 76 62.55 42.07 105.12
N SER XB 77 61.55 42.71 104.53
CA SER XB 77 61.76 43.53 103.34
C SER XB 77 61.20 44.93 103.56
N ILE XB 78 61.95 45.92 103.08
CA ILE XB 78 61.50 47.31 103.10
C ILE XB 78 61.77 47.88 101.72
N ARG XB 79 60.70 48.13 100.96
CA ARG XB 79 60.80 48.70 99.63
C ARG XB 79 60.33 50.15 99.68
N THR XB 80 61.03 51.02 98.95
CA THR XB 80 60.70 52.43 98.89
C THR XB 80 60.75 52.88 97.44
N VAL XB 81 59.71 53.58 97.00
CA VAL XB 81 59.64 54.11 95.64
C VAL XB 81 59.49 55.62 95.73
N ILE XB 82 60.41 56.34 95.08
CA ILE XB 82 60.39 57.79 95.05
C ILE XB 82 60.22 58.20 93.59
N SER XB 83 59.12 58.87 93.29
CA SER XB 83 58.83 59.32 91.94
C SER XB 83 58.61 60.83 91.95
N GLY XB 84 59.24 61.52 91.01
CA GLY XB 84 59.10 62.95 90.92
C GLY XB 84 60.02 63.52 89.87
N SER XB 85 59.86 64.81 89.62
CA SER XB 85 60.65 65.49 88.61
C SER XB 85 61.94 66.03 89.21
N ALA XB 86 63.00 66.06 88.39
CA ALA XB 86 64.28 66.58 88.86
C ALA XB 86 64.17 68.07 89.18
N GLU XB 87 63.42 68.83 88.38
CA GLU XB 87 63.29 70.26 88.60
C GLU XB 87 62.60 70.58 89.92
N ASN XB 88 61.83 69.64 90.47
CA ASN XB 88 61.21 69.80 91.77
C ASN XB 88 61.92 69.01 92.85
N LEU XB 89 63.15 68.57 92.60
CA LEU XB 89 63.88 67.78 93.58
C LEU XB 89 64.11 68.55 94.87
N ALA XB 90 64.42 69.85 94.76
CA ALA XB 90 64.70 70.64 95.95
C ALA XB 90 63.51 70.64 96.91
N THR XB 91 62.31 70.81 96.37
CA THR XB 91 61.11 70.70 97.21
C THR XB 91 60.68 69.27 97.41
N LEU XB 92 61.20 68.32 96.61
CA LEU XB 92 60.79 66.93 96.78
C LEU XB 92 61.41 66.31 98.01
N LYS XB 93 62.61 66.76 98.41
CA LYS XB 93 63.21 66.24 99.63
C LYS XB 93 62.35 66.57 100.84
N ALA XB 94 61.55 67.64 100.75
CA ALA XB 94 60.76 68.06 101.90
C ALA XB 94 59.74 67.00 102.30
N GLU XB 95 58.92 66.53 101.36
CA GLU XB 95 57.89 65.58 101.73
C GLU XB 95 58.49 64.21 102.00
N TRP XB 96 59.68 63.93 101.47
CA TRP XB 96 60.39 62.72 101.87
C TRP XB 96 60.68 62.74 103.36
N GLU XB 97 61.10 63.90 103.88
CA GLU XB 97 61.38 64.01 105.30
C GLU XB 97 60.11 63.79 106.12
N THR XB 98 59.00 64.43 105.72
CA THR XB 98 57.78 64.28 106.50
C THR XB 98 57.16 62.90 106.28
N HIS XB 99 57.45 62.27 105.14
CA HIS XB 99 56.99 60.91 104.93
C HIS XB 99 57.59 59.98 105.98
N LYS XB 100 58.86 60.19 106.31
CA LYS XB 100 59.46 59.45 107.42
C LYS XB 100 58.72 59.73 108.72
N ARG XB 101 58.44 61.00 109.00
CA ARG XB 101 57.76 61.36 110.24
C ARG XB 101 56.39 60.72 110.31
N ASN XB 102 55.65 60.74 109.20
CA ASN XB 102 54.32 60.15 109.18
C ASN XB 102 54.39 58.65 109.43
N VAL XB 103 55.37 57.98 108.85
CA VAL XB 103 55.48 56.53 109.04
C VAL XB 103 55.91 56.22 110.47
N ASP XB 104 56.90 56.95 110.98
CA ASP XB 104 57.39 56.66 112.32
C ASP XB 104 56.30 56.86 113.37
N THR XB 105 55.57 57.96 113.28
CA THR XB 105 54.49 58.20 114.25
C THR XB 105 53.38 57.18 114.10
N LEU XB 106 53.31 56.50 112.96
CA LEU XB 106 52.26 55.52 112.72
C LEU XB 106 52.74 54.10 112.94
N PHE XB 107 53.97 53.78 112.56
CA PHE XB 107 54.48 52.41 112.63
C PHE XB 107 55.56 52.26 113.70
N ALA XB 108 56.61 53.07 113.66
CA ALA XB 108 57.69 52.94 114.63
C ALA XB 108 57.21 53.28 116.04
N SER XB 109 56.58 54.45 116.19
CA SER XB 109 56.05 54.83 117.49
C SER XB 109 54.76 54.09 117.84
N GLY XB 110 53.90 53.84 116.86
CA GLY XB 110 52.65 53.14 117.08
C GLY XB 110 52.81 51.64 116.99
N ASN XB 111 51.67 50.97 116.87
CA ASN XB 111 51.62 49.52 116.75
C ASN XB 111 51.07 49.07 115.41
N ALA XB 112 51.26 49.87 114.36
CA ALA XB 112 50.81 49.47 113.04
C ALA XB 112 51.52 48.23 112.55
N GLY XB 113 52.74 47.99 113.03
CA GLY XB 113 53.45 46.79 112.64
C GLY XB 113 52.74 45.52 113.07
N LEU XB 114 52.14 45.54 114.27
CA LEU XB 114 51.40 44.39 114.74
C LEU XB 114 50.19 44.11 113.86
N GLY XB 115 49.48 45.15 113.44
CA GLY XB 115 48.28 44.98 112.66
C GLY XB 115 47.20 45.97 113.05
N PHE XB 116 47.36 46.61 114.19
CA PHE XB 116 46.42 47.61 114.65
C PHE XB 116 46.55 48.89 113.82
N LEU XB 117 45.45 49.62 113.74
CA LEU XB 117 45.43 50.92 113.07
C LEU XB 117 44.87 51.96 114.02
N ASP XB 118 45.44 53.16 113.99
CA ASP XB 118 45.04 54.25 114.86
C ASP XB 118 44.55 55.42 114.02
N PRO XB 119 43.25 55.51 113.75
CA PRO XB 119 42.73 56.66 112.98
C PRO XB 119 42.92 57.98 113.70
N THR XB 120 43.15 57.97 115.01
CA THR XB 120 43.36 59.18 115.78
C THR XB 120 44.82 59.61 115.81
N ALA XB 121 45.71 58.87 115.15
CA ALA XB 121 47.12 59.23 115.14
C ALA XB 121 47.33 60.58 114.47
N ALA XB 122 48.15 61.41 115.09
CA ALA XB 122 48.40 62.77 114.61
C ALA XB 122 49.51 62.72 113.56
N ILE XB 123 49.15 62.94 112.30
CA ILE XB 123 50.11 62.95 111.21
C ILE XB 123 50.10 64.33 110.57
N VAL XB 124 51.22 64.66 109.93
CA VAL XB 124 51.61 66.03 109.66
C VAL XB 124 51.91 66.20 108.18
N SER XB 125 51.49 67.32 107.61
CA SER XB 125 51.75 67.61 106.20
C SER XB 125 53.18 68.10 105.99
N SER XB 126 53.62 68.04 104.73
CA SER XB 126 54.94 68.53 104.37
C SER XB 126 55.02 70.04 104.53
N ASP XB 127 54.07 70.76 103.94
CA ASP XB 127 54.10 72.22 103.99
C ASP XB 127 53.80 72.72 105.40
N THR XB 128 54.49 73.80 105.77
CA THR XB 128 54.36 74.38 107.10
C THR XB 128 53.29 75.47 107.10
N THR XB 129 52.87 75.84 108.30
CA THR XB 129 51.85 76.88 108.47
C THR XB 129 52.38 78.23 108.01
N ALA YB 1 87.70 76.28 86.14
CA ALA YB 1 86.75 75.58 86.99
C ALA YB 1 85.40 75.42 86.27
N ASN YB 2 85.05 74.17 85.95
CA ASN YB 2 83.81 73.87 85.28
C ASN YB 2 83.08 72.77 86.04
N LYS YB 3 81.76 72.76 85.90
CA LYS YB 3 80.96 71.76 86.57
C LYS YB 3 81.27 70.38 86.00
N PRO YB 4 81.62 69.40 86.85
CA PRO YB 4 81.94 68.07 86.34
C PRO YB 4 80.69 67.20 86.20
N MET YB 5 80.72 66.35 85.17
CA MET YB 5 79.65 65.38 84.98
C MET YB 5 79.87 64.16 85.86
N GLN YB 6 78.85 63.31 85.91
CA GLN YB 6 78.93 61.99 86.50
C GLN YB 6 78.31 60.99 85.56
N PRO YB 7 78.80 59.75 85.54
CA PRO YB 7 78.24 58.75 84.64
C PRO YB 7 76.77 58.50 84.94
N ILE YB 8 75.99 58.35 83.88
CA ILE YB 8 74.57 58.03 83.97
C ILE YB 8 74.30 56.58 83.61
N THR YB 9 74.71 56.17 82.41
CA THR YB 9 74.59 54.79 81.97
C THR YB 9 75.98 54.20 81.85
N SER YB 10 76.25 53.17 82.64
CA SER YB 10 77.53 52.47 82.61
C SER YB 10 77.35 51.11 81.97
N THR YB 11 78.19 50.81 80.99
CA THR YB 11 78.13 49.56 80.26
C THR YB 11 79.56 49.12 79.99
N ALA YB 12 79.75 47.83 79.74
CA ALA YB 12 81.08 47.30 79.52
C ALA YB 12 81.78 48.00 78.36
N ASN YB 13 81.02 48.56 77.41
CA ASN YB 13 81.60 49.23 76.26
C ASN YB 13 81.20 50.68 76.12
N LYS YB 14 80.05 51.09 76.64
CA LYS YB 14 79.56 52.44 76.45
C LYS YB 14 79.33 53.10 77.81
N ILE YB 15 79.80 54.32 77.97
CA ILE YB 15 79.61 55.09 79.19
C ILE YB 15 79.11 56.47 78.80
N VAL YB 16 78.07 56.94 79.48
CA VAL YB 16 77.45 58.22 79.20
C VAL YB 16 77.50 59.09 80.46
N TRP YB 17 78.06 60.28 80.33
CA TRP YB 17 78.06 61.25 81.40
C TRP YB 17 76.96 62.27 81.17
N SER YB 18 76.64 63.03 82.21
CA SER YB 18 75.66 64.10 82.12
C SER YB 18 75.80 65.00 83.33
N ASP YB 19 75.59 66.29 83.11
CA ASP YB 19 75.77 67.26 84.19
C ASP YB 19 74.57 67.21 85.14
N PRO YB 20 74.79 67.02 86.43
CA PRO YB 20 73.64 66.95 87.36
C PRO YB 20 72.80 68.22 87.38
N THR YB 21 73.42 69.38 87.25
CA THR YB 21 72.66 70.63 87.28
C THR YB 21 71.80 70.77 86.02
N ARG YB 22 72.39 70.48 84.87
CA ARG YB 22 71.69 70.56 83.59
C ARG YB 22 71.76 69.19 82.93
N LEU YB 23 70.66 68.44 83.00
CA LEU YB 23 70.66 67.07 82.52
C LEU YB 23 70.71 66.97 81.00
N SER YB 24 70.56 68.08 80.29
CA SER YB 24 70.57 68.03 78.83
C SER YB 24 71.96 67.72 78.30
N THR YB 25 72.98 68.39 78.82
CA THR YB 25 74.34 68.19 78.32
C THR YB 25 74.83 66.79 78.65
N THR YB 26 75.45 66.13 77.68
CA THR YB 26 75.93 64.78 77.85
C THR YB 26 77.28 64.62 77.19
N PHE YB 27 77.97 63.55 77.57
CA PHE YB 27 79.20 63.13 76.90
C PHE YB 27 79.24 61.61 76.92
N SER YB 28 79.13 61.00 75.74
CA SER YB 28 79.05 59.56 75.61
C SER YB 28 80.26 59.03 74.88
N ALA YB 29 80.88 57.99 75.43
CA ALA YB 29 82.01 57.32 74.82
C ALA YB 29 81.66 55.87 74.56
N SER YB 30 81.91 55.41 73.34
CA SER YB 30 81.59 54.04 72.94
C SER YB 30 82.64 53.59 71.94
N LEU YB 31 83.01 52.32 71.98
CA LEU YB 31 84.13 51.82 71.20
C LEU YB 31 83.88 50.39 70.77
N LEU YB 32 84.67 49.93 69.79
CA LEU YB 32 84.63 48.56 69.33
C LEU YB 32 86.02 47.94 69.36
N ARG YB 33 86.05 46.62 69.48
CA ARG YB 33 87.29 45.85 69.43
C ARG YB 33 87.10 44.72 68.45
N GLN YB 34 88.01 44.62 67.47
CA GLN YB 34 87.97 43.52 66.51
C GLN YB 34 89.37 42.99 66.30
N ARG YB 35 89.43 41.82 65.66
CA ARG YB 35 90.67 41.27 65.15
C ARG YB 35 90.78 41.60 63.68
N VAL YB 36 91.92 42.14 63.26
CA VAL YB 36 92.15 42.48 61.86
C VAL YB 36 93.40 41.75 61.37
N LYS YB 37 93.21 40.91 60.35
CA LYS YB 37 94.31 40.17 59.75
C LYS YB 37 94.91 41.03 58.65
N VAL YB 38 95.85 41.89 59.03
CA VAL YB 38 96.47 42.79 58.06
C VAL YB 38 97.36 42.00 57.11
N GLY YB 39 98.38 41.34 57.65
CA GLY YB 39 99.20 40.45 56.86
C GLY YB 39 100.23 39.73 57.69
N ILE YB 40 100.30 38.41 57.54
CA ILE YB 40 101.19 37.49 58.26
C ILE YB 40 101.28 37.89 59.74
N ALA YB 41 100.25 38.57 60.24
CA ALA YB 41 100.27 39.09 61.60
C ALA YB 41 98.86 39.54 61.97
N GLU YB 42 98.49 39.33 63.22
CA GLU YB 42 97.21 39.78 63.73
C GLU YB 42 97.37 41.07 64.52
N LEU YB 43 96.41 41.97 64.36
CA LEU YB 43 96.44 43.27 65.03
C LEU YB 43 95.12 43.53 65.73
N ASN YB 44 95.19 44.34 66.78
CA ASN YB 44 94.04 44.66 67.61
C ASN YB 44 93.54 46.06 67.26
N ASN YB 45 92.40 46.13 66.60
CA ASN YB 45 91.83 47.39 66.15
C ASN YB 45 90.80 47.88 67.15
N VAL YB 46 90.93 49.14 67.55
CA VAL YB 46 90.00 49.78 68.48
C VAL YB 46 89.45 51.02 67.81
N SER YB 47 88.12 51.15 67.79
CA SER YB 47 87.45 52.27 67.13
C SER YB 47 86.59 53.00 68.16
N GLY YB 48 87.20 53.95 68.86
CA GLY YB 48 86.49 54.74 69.85
C GLY YB 48 85.64 55.82 69.22
N GLN YB 49 84.52 56.13 69.86
CA GLN YB 49 83.61 57.16 69.40
C GLN YB 49 83.17 57.99 70.59
N TYR YB 50 83.31 59.31 70.49
CA TYR YB 50 83.04 60.21 71.60
C TYR YB 50 82.09 61.29 71.10
N VAL YB 51 80.94 61.43 71.75
CA VAL YB 51 79.91 62.35 71.32
C VAL YB 51 79.63 63.33 72.47
N SER YB 52 79.70 64.61 72.17
CA SER YB 52 79.35 65.67 73.12
C SER YB 52 78.15 66.43 72.57
N VAL YB 53 77.10 66.53 73.38
CA VAL YB 53 75.83 67.09 72.94
C VAL YB 53 75.41 68.19 73.92
N TYR YB 54 74.99 69.33 73.37
CA TYR YB 54 74.50 70.44 74.17
C TYR YB 54 73.17 70.92 73.61
N LYS YB 55 72.26 71.29 74.52
CA LYS YB 55 71.01 71.92 74.15
C LYS YB 55 71.16 73.42 74.40
N ARG YB 56 71.29 74.17 73.30
CA ARG YB 56 71.54 75.60 73.37
C ARG YB 56 70.29 76.36 72.99
N PRO YB 57 69.74 77.20 73.85
CA PRO YB 57 68.57 77.99 73.46
C PRO YB 57 68.91 78.96 72.36
N ALA YB 58 67.90 79.28 71.55
CA ALA YB 58 68.09 80.16 70.40
C ALA YB 58 68.55 81.54 70.88
N PRO YB 59 69.30 82.26 70.04
CA PRO YB 59 69.77 83.58 70.45
C PRO YB 59 68.62 84.52 70.75
N LYS YB 60 68.81 85.35 71.78
CA LYS YB 60 67.77 86.27 72.20
C LYS YB 60 67.56 87.36 71.15
N PRO YB 61 66.32 87.58 70.73
CA PRO YB 61 66.04 88.65 69.77
C PRO YB 61 66.42 90.00 70.38
N GLU YB 62 66.93 90.88 69.53
CA GLU YB 62 67.31 92.22 69.99
C GLU YB 62 66.12 92.97 70.54
N GLY YB 63 66.37 93.81 71.55
CA GLY YB 63 65.32 94.54 72.25
C GLY YB 63 64.50 93.69 73.20
N CYS YB 64 65.09 92.61 73.72
CA CYS YB 64 64.34 91.71 74.60
C CYS YB 64 65.31 91.12 75.63
N ALA YB 65 65.28 91.69 76.83
CA ALA YB 65 65.68 90.96 78.03
C ALA YB 65 64.53 90.99 79.02
N ASP YB 66 63.46 91.72 78.70
CA ASP YB 66 62.38 91.96 79.65
C ASP YB 66 61.44 90.76 79.73
N ALA YB 67 60.94 90.30 78.59
CA ALA YB 67 60.00 89.19 78.57
C ALA YB 67 60.70 87.89 78.98
N CYS YB 68 60.00 87.09 79.76
CA CYS YB 68 60.52 85.81 80.21
C CYS YB 68 60.11 84.66 79.29
N VAL YB 69 59.87 84.96 78.02
CA VAL YB 69 59.63 83.93 77.03
C VAL YB 69 60.93 83.19 76.77
N ILE YB 70 60.85 81.88 76.61
CA ILE YB 70 62.02 81.03 76.40
C ILE YB 70 61.93 80.40 75.02
N MET YB 71 63.07 80.34 74.34
CA MET YB 71 63.13 79.87 72.96
C MET YB 71 63.57 78.41 72.93
N PRO YB 72 63.23 77.69 71.86
CA PRO YB 72 63.63 76.29 71.77
C PRO YB 72 65.14 76.14 71.66
N ASN YB 73 65.63 75.00 72.17
CA ASN YB 73 67.04 74.68 72.07
C ASN YB 73 67.36 74.17 70.67
N GLU YB 74 68.66 74.07 70.37
CA GLU YB 74 69.11 73.67 69.05
C GLU YB 74 70.17 72.57 69.14
N ASN YB 75 70.57 72.10 67.97
CA ASN YB 75 71.71 71.19 67.87
C ASN YB 75 72.99 71.89 68.32
N GLN YB 76 73.76 71.19 69.14
CA GLN YB 76 75.18 71.53 69.33
C GLN YB 76 75.89 70.21 69.65
N SER YB 77 76.40 69.57 68.61
CA SER YB 77 76.95 68.23 68.70
C SER YB 77 78.34 68.19 68.12
N ILE YB 78 79.23 67.46 68.79
CA ILE YB 78 80.59 67.24 68.33
C ILE YB 78 80.92 65.78 68.59
N ARG YB 79 81.02 64.98 67.54
CA ARG YB 79 81.33 63.56 67.66
C ARG YB 79 82.57 63.25 66.85
N THR YB 80 83.53 62.57 67.47
CA THR YB 80 84.77 62.18 66.84
C THR YB 80 84.95 60.68 66.94
N VAL YB 81 85.48 60.08 65.89
CA VAL YB 81 85.73 58.64 65.84
C VAL YB 81 87.23 58.44 65.67
N ILE YB 82 87.82 57.69 66.58
CA ILE YB 82 89.26 57.38 66.55
C ILE YB 82 89.38 55.90 66.28
N SER YB 83 89.97 55.55 65.14
CA SER YB 83 90.15 54.16 64.74
C SER YB 83 91.62 53.90 64.47
N GLY YB 84 92.12 52.78 64.98
CA GLY YB 84 93.51 52.42 64.76
C GLY YB 84 93.89 51.21 65.56
N SER YB 85 95.08 50.69 65.26
CA SER YB 85 95.60 49.53 65.95
C SER YB 85 96.18 49.92 67.30
N ALA YB 86 95.99 49.05 68.28
CA ALA YB 86 96.55 49.31 69.61
C ALA YB 86 98.07 49.27 69.60
N GLU YB 87 98.65 48.53 68.66
CA GLU YB 87 100.11 48.44 68.60
C GLU YB 87 100.73 49.77 68.24
N ASN YB 88 100.12 50.51 67.31
CA ASN YB 88 100.59 51.84 66.94
C ASN YB 88 99.93 52.93 67.75
N LEU YB 89 99.48 52.62 68.97
CA LEU YB 89 98.81 53.61 69.80
C LEU YB 89 99.73 54.77 70.12
N ALA YB 90 101.01 54.48 70.38
CA ALA YB 90 101.95 55.52 70.80
C ALA YB 90 102.05 56.61 69.76
N THR YB 91 102.13 56.23 68.48
CA THR YB 91 102.18 57.24 67.43
C THR YB 91 100.81 57.76 67.07
N LEU YB 92 99.76 56.99 67.31
CA LEU YB 92 98.41 57.48 67.04
C LEU YB 92 98.06 58.65 67.94
N LYS YB 93 98.66 58.70 69.13
CA LYS YB 93 98.49 59.86 70.00
C LYS YB 93 98.95 61.14 69.31
N ALA YB 94 100.14 61.08 68.70
CA ALA YB 94 100.72 62.29 68.11
C ALA YB 94 99.87 62.82 66.97
N GLU YB 95 99.40 61.94 66.10
CA GLU YB 95 98.60 62.39 64.96
C GLU YB 95 97.26 62.95 65.42
N TRP YB 96 96.73 62.43 66.53
CA TRP YB 96 95.51 63.01 67.08
C TRP YB 96 95.73 64.45 67.48
N GLU YB 97 96.88 64.75 68.09
CA GLU YB 97 97.23 66.13 68.37
C GLU YB 97 97.33 66.93 67.08
N THR YB 98 97.92 66.34 66.04
CA THR YB 98 97.98 67.00 64.74
C THR YB 98 96.59 67.24 64.19
N HIS YB 99 95.70 66.24 64.30
CA HIS YB 99 94.33 66.41 63.85
C HIS YB 99 93.65 67.55 64.59
N LYS YB 100 94.00 67.75 65.87
CA LYS YB 100 93.49 68.90 66.60
C LYS YB 100 93.95 70.19 65.97
N ARG YB 101 95.23 70.27 65.61
CA ARG YB 101 95.79 71.51 65.08
C ARG YB 101 95.13 71.89 63.77
N ASN YB 102 94.93 70.92 62.88
CA ASN YB 102 94.35 71.22 61.58
C ASN YB 102 92.93 71.75 61.72
N VAL YB 103 92.14 71.15 62.62
CA VAL YB 103 90.77 71.60 62.82
C VAL YB 103 90.75 73.03 63.36
N ASP YB 104 91.66 73.34 64.29
CA ASP YB 104 91.68 74.67 64.88
C ASP YB 104 91.96 75.73 63.82
N THR YB 105 92.87 75.46 62.89
CA THR YB 105 93.16 76.42 61.85
C THR YB 105 91.93 76.73 61.01
N LEU YB 106 91.19 75.69 60.62
CA LEU YB 106 89.99 75.90 59.83
C LEU YB 106 88.86 76.48 60.68
N PHE YB 107 88.62 75.89 61.85
CA PHE YB 107 87.41 76.18 62.61
C PHE YB 107 87.64 77.18 63.74
N ALA YB 108 88.56 76.87 64.64
CA ALA YB 108 88.79 77.75 65.79
C ALA YB 108 89.31 79.11 65.35
N SER YB 109 90.50 79.13 64.76
CA SER YB 109 91.10 80.38 64.33
C SER YB 109 90.60 80.86 62.97
N GLY YB 110 89.96 79.98 62.20
CA GLY YB 110 89.51 80.33 60.87
C GLY YB 110 88.03 80.65 60.81
N ASN YB 111 87.49 80.59 59.60
CA ASN YB 111 86.08 80.88 59.36
C ASN YB 111 85.32 79.67 58.82
N ALA YB 112 85.87 78.47 58.95
CA ALA YB 112 85.15 77.28 58.52
C ALA YB 112 83.89 77.07 59.33
N GLY YB 113 83.79 77.69 60.50
CA GLY YB 113 82.58 77.55 61.29
C GLY YB 113 81.36 78.10 60.59
N LEU YB 114 81.49 79.26 59.96
CA LEU YB 114 80.35 79.87 59.30
C LEU YB 114 80.06 79.27 57.93
N GLY YB 115 80.99 78.49 57.38
CA GLY YB 115 80.74 77.83 56.11
C GLY YB 115 81.69 78.23 55.00
N PHE YB 116 82.90 78.66 55.37
CA PHE YB 116 83.90 79.08 54.40
C PHE YB 116 85.12 78.19 54.50
N LEU YB 117 85.50 77.57 53.39
CA LEU YB 117 86.68 76.72 53.32
C LEU YB 117 87.81 77.51 52.67
N ASP YB 118 88.71 78.03 53.47
CA ASP YB 118 89.87 78.72 52.93
C ASP YB 118 90.83 77.71 52.33
N PRO YB 119 91.16 77.80 51.04
CA PRO YB 119 92.10 76.86 50.43
C PRO YB 119 93.56 77.22 50.64
N THR YB 120 93.86 78.16 51.53
CA THR YB 120 95.24 78.58 51.78
C THR YB 120 95.68 78.37 53.22
N ALA YB 121 94.85 77.78 54.06
CA ALA YB 121 95.21 77.59 55.46
C ALA YB 121 96.38 76.61 55.57
N ALA YB 122 97.27 76.88 56.53
CA ALA YB 122 98.42 76.01 56.75
C ALA YB 122 97.97 74.72 57.43
N ILE YB 123 98.10 73.60 56.72
CA ILE YB 123 97.74 72.29 57.23
C ILE YB 123 99.02 71.49 57.41
N VAL YB 124 99.34 71.17 58.65
CA VAL YB 124 100.60 70.52 59.00
C VAL YB 124 100.34 69.04 59.23
N SER YB 125 101.30 68.20 58.85
CA SER YB 125 101.12 66.76 58.96
C SER YB 125 101.66 66.26 60.29
N SER YB 126 101.60 64.94 60.47
CA SER YB 126 102.11 64.31 61.68
C SER YB 126 103.62 64.10 61.63
N ASP YB 127 104.23 64.21 60.47
CA ASP YB 127 105.65 63.98 60.31
C ASP YB 127 106.41 65.29 60.47
N THR YB 128 107.49 65.24 61.25
CA THR YB 128 108.30 66.41 61.54
C THR YB 128 109.69 66.23 60.93
N THR YB 129 110.12 67.22 60.18
CA THR YB 129 111.43 67.18 59.54
C THR YB 129 112.54 67.45 60.56
N ALA ZB 1 141.57 1.01 44.42
CA ALA ZB 1 140.71 0.52 45.50
C ALA ZB 1 139.28 1.01 45.30
N ASN ZB 2 138.40 0.10 44.87
CA ASN ZB 2 137.02 0.42 44.60
C ASN ZB 2 136.13 -0.31 45.60
N LYS ZB 3 134.98 0.27 45.88
CA LYS ZB 3 134.05 -0.33 46.82
C LYS ZB 3 133.47 -1.60 46.20
N PRO ZB 4 133.65 -2.76 46.82
CA PRO ZB 4 133.05 -3.98 46.28
C PRO ZB 4 131.57 -4.03 46.58
N MET ZB 5 130.83 -4.68 45.69
CA MET ZB 5 129.42 -4.95 45.94
C MET ZB 5 129.26 -6.28 46.65
N GLN ZB 6 128.08 -6.53 47.12
CA GLN ZB 6 127.70 -7.84 47.62
C GLN ZB 6 126.47 -8.32 46.87
N PRO ZB 7 126.33 -9.63 46.68
CA PRO ZB 7 125.15 -10.15 45.97
C PRO ZB 7 123.87 -9.77 46.71
N ILE ZB 8 122.84 -9.45 45.95
CA ILE ZB 8 121.53 -9.13 46.49
C ILE ZB 8 120.52 -10.22 46.21
N THR ZB 9 120.44 -10.65 44.95
CA THR ZB 9 119.57 -11.74 44.55
C THR ZB 9 120.41 -12.75 43.79
N SER ZB 10 120.79 -13.84 44.45
CA SER ZB 10 121.63 -14.87 43.87
C SER ZB 10 120.77 -16.01 43.36
N THR ZB 11 120.96 -16.38 42.10
CA THR ZB 11 120.19 -17.44 41.48
C THR ZB 11 121.09 -18.11 40.44
N ALA ZB 12 120.77 -19.35 40.10
CA ALA ZB 12 121.55 -20.07 39.11
C ALA ZB 12 121.47 -19.46 37.73
N ASN ZB 13 120.53 -18.56 37.49
CA ASN ZB 13 120.40 -17.86 36.21
C ASN ZB 13 120.78 -16.40 36.27
N LYS ZB 14 120.42 -15.70 37.34
CA LYS ZB 14 120.69 -14.28 37.46
C LYS ZB 14 121.27 -13.98 38.84
N ILE ZB 15 122.31 -13.16 38.87
CA ILE ZB 15 122.88 -12.65 40.11
C ILE ZB 15 122.96 -11.13 40.01
N VAL ZB 16 122.50 -10.45 41.06
CA VAL ZB 16 122.46 -8.99 41.07
C VAL ZB 16 123.34 -8.51 42.21
N TRP ZB 17 124.33 -7.68 41.87
CA TRP ZB 17 125.14 -6.99 42.85
C TRP ZB 17 124.67 -5.56 43.00
N SER ZB 18 124.83 -5.01 44.20
CA SER ZB 18 124.51 -3.62 44.45
C SER ZB 18 125.43 -3.08 45.54
N ASP ZB 19 125.73 -1.80 45.46
CA ASP ZB 19 126.67 -1.18 46.39
C ASP ZB 19 125.99 -0.95 47.74
N PRO ZB 20 126.60 -1.40 48.84
CA PRO ZB 20 125.96 -1.20 50.15
C PRO ZB 20 125.76 0.26 50.51
N THR ZB 21 126.70 1.13 50.13
CA THR ZB 21 126.57 2.54 50.46
C THR ZB 21 125.45 3.18 49.63
N ARG ZB 22 125.44 2.94 48.33
CA ARG ZB 22 124.42 3.47 47.44
C ARG ZB 22 123.77 2.30 46.71
N LEU ZB 23 122.55 1.93 47.12
CA LEU ZB 23 121.86 0.81 46.53
C LEU ZB 23 121.37 1.09 45.11
N SER ZB 24 121.42 2.35 44.67
CA SER ZB 24 120.95 2.68 43.33
C SER ZB 24 121.78 1.98 42.26
N THR ZB 25 123.11 2.08 42.35
CA THR ZB 25 123.97 1.45 41.36
C THR ZB 25 123.92 -0.07 41.50
N THR ZB 26 123.86 -0.76 40.36
CA THR ZB 26 123.71 -2.20 40.36
C THR ZB 26 124.56 -2.79 39.25
N PHE ZB 27 124.83 -4.09 39.38
CA PHE ZB 27 125.47 -4.88 38.32
C PHE ZB 27 124.82 -6.25 38.33
N SER ZB 28 124.16 -6.61 37.24
CA SER ZB 28 123.42 -7.85 37.13
C SER ZB 28 123.96 -8.67 35.98
N ALA ZB 29 124.13 -9.97 36.21
CA ALA ZB 29 124.58 -10.90 35.19
C ALA ZB 29 123.53 -11.99 35.02
N SER ZB 30 123.08 -12.19 33.79
CA SER ZB 30 122.09 -13.20 33.47
C SER ZB 30 122.60 -14.10 32.37
N LEU ZB 31 122.30 -15.39 32.49
CA LEU ZB 31 122.74 -16.37 31.52
C LEU ZB 31 121.53 -17.08 30.91
N LEU ZB 32 121.63 -17.37 29.62
CA LEU ZB 32 120.60 -18.11 28.90
C LEU ZB 32 121.30 -19.20 28.11
N ARG ZB 33 121.18 -20.44 28.57
CA ARG ZB 33 121.78 -21.59 27.91
C ARG ZB 33 120.69 -22.39 27.20
N GLN ZB 34 120.91 -22.70 25.94
CA GLN ZB 34 119.91 -23.44 25.17
C GLN ZB 34 120.62 -24.39 24.22
N ARG ZB 35 119.81 -25.11 23.45
CA ARG ZB 35 120.28 -26.22 22.64
C ARG ZB 35 120.41 -25.75 21.20
N VAL ZB 36 121.58 -25.94 20.61
CA VAL ZB 36 121.83 -25.45 19.25
C VAL ZB 36 122.37 -26.57 18.38
N LYS ZB 37 121.80 -26.71 17.18
CA LYS ZB 37 122.08 -27.79 16.25
C LYS ZB 37 122.63 -27.19 14.96
N VAL ZB 38 123.94 -27.32 14.73
CA VAL ZB 38 124.53 -26.73 13.54
C VAL ZB 38 125.30 -27.74 12.69
N GLY ZB 39 126.37 -28.34 13.23
CA GLY ZB 39 127.24 -29.18 12.45
C GLY ZB 39 126.86 -30.65 12.50
N ILE ZB 40 125.67 -30.98 12.00
CA ILE ZB 40 125.02 -32.29 12.12
C ILE ZB 40 125.29 -32.87 13.51
N ALA ZB 41 125.41 -31.99 14.50
CA ALA ZB 41 125.73 -32.38 15.87
C ALA ZB 41 125.37 -31.21 16.76
N GLU ZB 42 124.89 -31.51 17.97
CA GLU ZB 42 124.48 -30.46 18.88
C GLU ZB 42 125.68 -29.62 19.33
N LEU ZB 43 125.42 -28.36 19.63
CA LEU ZB 43 126.44 -27.42 20.10
C LEU ZB 43 125.84 -26.57 21.20
N ASN ZB 44 126.46 -26.57 22.37
CA ASN ZB 44 125.91 -25.84 23.51
C ASN ZB 44 126.22 -24.36 23.40
N ASN ZB 45 125.18 -23.54 23.49
CA ASN ZB 45 125.31 -22.09 23.36
C ASN ZB 45 124.97 -21.42 24.68
N VAL ZB 46 125.73 -20.38 25.01
CA VAL ZB 46 125.51 -19.59 26.22
C VAL ZB 46 125.37 -18.14 25.82
N SER ZB 47 124.29 -17.51 26.27
CA SER ZB 47 124.04 -16.09 25.98
C SER ZB 47 124.07 -15.34 27.30
N GLY ZB 48 125.23 -14.83 27.67
CA GLY ZB 48 125.42 -14.13 28.92
C GLY ZB 48 125.15 -12.66 28.77
N GLN ZB 49 124.16 -12.17 29.51
CA GLN ZB 49 123.76 -10.77 29.48
C GLN ZB 49 124.27 -10.08 30.74
N TYR ZB 50 124.99 -8.98 30.56
CA TYR ZB 50 125.59 -8.24 31.66
C TYR ZB 50 125.11 -6.79 31.57
N VAL ZB 51 124.55 -6.28 32.66
CA VAL ZB 51 124.02 -4.93 32.71
C VAL ZB 51 124.60 -4.22 33.91
N SER ZB 52 125.14 -3.03 33.69
CA SER ZB 52 125.64 -2.16 34.75
C SER ZB 52 124.85 -0.87 34.71
N VAL ZB 53 124.29 -0.46 35.84
CA VAL ZB 53 123.38 0.68 35.93
C VAL ZB 53 123.89 1.62 37.02
N TYR ZB 54 123.91 2.91 36.71
CA TYR ZB 54 124.20 3.94 37.70
C TYR ZB 54 123.25 5.10 37.47
N LYS ZB 55 122.76 5.68 38.56
CA LYS ZB 55 121.94 6.88 38.51
C LYS ZB 55 122.76 8.06 38.98
N ARG ZB 56 123.15 8.93 38.06
CA ARG ZB 56 124.01 10.07 38.33
C ARG ZB 56 123.19 11.34 38.33
N PRO ZB 57 123.20 12.14 39.39
CA PRO ZB 57 122.33 13.31 39.43
C PRO ZB 57 122.83 14.49 38.62
N ALA ZB 58 122.27 14.65 37.41
CA ALA ZB 58 122.49 15.73 36.43
C ALA ZB 58 123.92 16.27 36.35
N PRO ZB 59 124.19 17.29 35.55
CA PRO ZB 59 125.36 18.13 35.80
C PRO ZB 59 125.02 19.38 36.59
N LYS ZB 60 125.73 19.64 37.67
CA LYS ZB 60 125.54 20.90 38.38
C LYS ZB 60 126.36 21.98 37.69
N PRO ZB 61 125.76 23.07 37.22
CA PRO ZB 61 126.50 24.04 36.40
C PRO ZB 61 127.53 24.81 37.22
N GLU ZB 62 128.78 24.76 36.76
CA GLU ZB 62 129.83 25.69 37.17
C GLU ZB 62 130.34 25.42 38.59
N GLY ZB 63 129.67 24.55 39.33
CA GLY ZB 63 130.01 24.39 40.72
C GLY ZB 63 129.19 25.30 41.62
N CYS ZB 64 127.88 25.31 41.39
CA CYS ZB 64 126.95 26.16 42.11
C CYS ZB 64 126.31 25.33 43.21
N ALA ZB 65 127.10 24.44 43.81
CA ALA ZB 65 126.61 23.35 44.63
C ALA ZB 65 126.06 23.78 45.99
N ASP ZB 66 124.74 23.84 46.10
CA ASP ZB 66 124.10 23.79 47.41
C ASP ZB 66 124.00 22.33 47.84
N ALA ZB 67 124.63 21.99 48.96
CA ALA ZB 67 124.84 20.58 49.29
C ALA ZB 67 123.53 19.83 49.39
N CYS ZB 68 122.61 20.29 50.25
CA CYS ZB 68 121.31 19.65 50.38
C CYS ZB 68 120.23 20.34 49.55
N VAL ZB 69 120.48 20.44 48.25
CA VAL ZB 69 119.45 20.48 47.23
C VAL ZB 69 119.81 19.43 46.20
N ILE ZB 70 118.83 18.61 45.82
CA ILE ZB 70 119.11 17.45 44.97
C ILE ZB 70 118.18 17.49 43.76
N MET ZB 71 118.77 17.50 42.57
CA MET ZB 71 118.07 17.41 41.31
C MET ZB 71 117.84 15.94 40.97
N PRO ZB 72 116.90 15.61 40.09
CA PRO ZB 72 116.66 14.21 39.75
C PRO ZB 72 117.85 13.58 39.04
N ASN ZB 73 117.96 12.28 39.17
CA ASN ZB 73 119.06 11.50 38.62
C ASN ZB 73 118.85 11.28 37.12
N GLU ZB 74 119.85 10.70 36.47
CA GLU ZB 74 119.73 10.22 35.11
C GLU ZB 74 120.29 8.80 35.06
N ASN ZB 75 119.78 8.02 34.12
CA ASN ZB 75 120.22 6.63 34.00
C ASN ZB 75 121.45 6.54 33.11
N GLN ZB 76 122.54 6.00 33.66
CA GLN ZB 76 123.73 5.68 32.88
C GLN ZB 76 123.79 4.17 32.77
N SER ZB 77 123.30 3.63 31.67
CA SER ZB 77 123.12 2.20 31.49
C SER ZB 77 124.17 1.67 30.52
N ILE ZB 78 124.79 0.55 30.89
CA ILE ZB 78 125.71 -0.18 30.03
C ILE ZB 78 125.26 -1.62 30.00
N ARG ZB 79 124.96 -2.13 28.81
CA ARG ZB 79 124.51 -3.51 28.65
C ARG ZB 79 125.42 -4.22 27.66
N THR ZB 80 125.59 -5.51 27.86
CA THR ZB 80 126.47 -6.32 27.01
C THR ZB 80 125.98 -7.75 27.04
N VAL ZB 81 125.78 -8.34 25.87
CA VAL ZB 81 125.39 -9.74 25.74
C VAL ZB 81 126.45 -10.44 24.89
N ILE ZB 82 126.92 -11.58 25.36
CA ILE ZB 82 127.91 -12.39 24.66
C ILE ZB 82 127.27 -13.72 24.36
N SER ZB 83 127.17 -14.06 23.07
CA SER ZB 83 126.58 -15.31 22.64
C SER ZB 83 127.58 -16.09 21.81
N GLY ZB 84 127.70 -17.37 22.10
CA GLY ZB 84 128.62 -18.22 21.35
C GLY ZB 84 128.66 -19.60 21.98
N SER ZB 85 129.14 -20.55 21.19
CA SER ZB 85 129.25 -21.92 21.64
C SER ZB 85 130.28 -22.04 22.75
N ALA ZB 86 129.93 -22.82 23.79
CA ALA ZB 86 130.87 -23.03 24.88
C ALA ZB 86 132.12 -23.76 24.42
N GLU ZB 87 132.01 -24.53 23.34
CA GLU ZB 87 133.18 -25.23 22.81
C GLU ZB 87 134.18 -24.27 22.20
N ASN ZB 88 133.72 -23.16 21.62
CA ASN ZB 88 134.59 -22.13 21.08
C ASN ZB 88 134.85 -21.03 22.10
N LEU ZB 89 134.82 -21.35 23.39
CA LEU ZB 89 134.99 -20.33 24.41
C LEU ZB 89 136.40 -19.74 24.39
N ALA ZB 90 137.42 -20.56 24.15
CA ALA ZB 90 138.79 -20.07 24.18
C ALA ZB 90 139.00 -18.96 23.17
N THR ZB 91 138.51 -19.17 21.95
CA THR ZB 91 138.60 -18.13 20.93
C THR ZB 91 137.56 -17.03 21.15
N LEU ZB 92 136.48 -17.33 21.86
CA LEU ZB 92 135.49 -16.29 22.14
C LEU ZB 92 136.06 -15.22 23.05
N LYS ZB 93 136.97 -15.59 23.94
CA LYS ZB 93 137.62 -14.59 24.78
C LYS ZB 93 138.40 -13.59 23.94
N ALA ZB 94 139.11 -14.07 22.92
CA ALA ZB 94 139.81 -13.17 22.01
C ALA ZB 94 138.83 -12.28 21.28
N GLU ZB 95 137.67 -12.81 20.92
CA GLU ZB 95 136.62 -11.99 20.32
C GLU ZB 95 136.21 -10.89 21.27
N TRP ZB 96 136.08 -11.20 22.57
CA TRP ZB 96 135.72 -10.19 23.55
C TRP ZB 96 136.81 -9.13 23.67
N GLU ZB 97 138.08 -9.56 23.65
CA GLU ZB 97 139.17 -8.60 23.81
C GLU ZB 97 139.21 -7.60 22.67
N THR ZB 98 139.12 -8.09 21.43
CA THR ZB 98 139.16 -7.18 20.29
C THR ZB 98 137.91 -6.31 20.22
N HIS ZB 99 136.78 -6.84 20.71
CA HIS ZB 99 135.57 -6.03 20.76
C HIS ZB 99 135.75 -4.85 21.72
N LYS ZB 100 136.42 -5.10 22.85
CA LYS ZB 100 136.73 -4.01 23.76
C LYS ZB 100 137.60 -2.95 23.10
N ARG ZB 101 138.63 -3.39 22.37
CA ARG ZB 101 139.55 -2.44 21.75
C ARG ZB 101 138.83 -1.59 20.71
N ASN ZB 102 137.95 -2.21 19.91
CA ASN ZB 102 137.24 -1.45 18.88
C ASN ZB 102 136.36 -0.38 19.51
N VAL ZB 103 135.68 -0.71 20.61
CA VAL ZB 103 134.82 0.27 21.26
C VAL ZB 103 135.65 1.39 21.85
N ASP ZB 104 136.77 1.05 22.48
CA ASP ZB 104 137.60 2.08 23.12
C ASP ZB 104 138.11 3.08 22.10
N THR ZB 105 138.67 2.59 20.99
CA THR ZB 105 139.20 3.50 19.99
C THR ZB 105 138.10 4.28 19.30
N LEU ZB 106 136.85 3.84 19.44
CA LEU ZB 106 135.73 4.55 18.85
C LEU ZB 106 135.04 5.47 19.85
N PHE ZB 107 134.90 5.02 21.10
CA PHE ZB 107 134.15 5.76 22.10
C PHE ZB 107 135.05 6.33 23.18
N ALA ZB 108 135.86 5.50 23.83
CA ALA ZB 108 136.73 5.99 24.89
C ALA ZB 108 137.78 6.95 24.36
N SER ZB 109 138.38 6.61 23.23
CA SER ZB 109 139.38 7.47 22.61
C SER ZB 109 138.79 8.39 21.55
N GLY ZB 110 137.50 8.25 21.25
CA GLY ZB 110 136.88 9.06 20.22
C GLY ZB 110 135.72 9.89 20.73
N ASN ZB 111 134.92 10.43 19.81
CA ASN ZB 111 133.79 11.27 20.15
C ASN ZB 111 132.46 10.55 19.99
N ALA ZB 112 132.46 9.21 20.02
CA ALA ZB 112 131.22 8.48 19.83
C ALA ZB 112 130.22 8.77 20.93
N GLY ZB 113 130.70 9.03 22.15
CA GLY ZB 113 129.79 9.29 23.25
C GLY ZB 113 128.94 10.53 23.04
N LEU ZB 114 129.55 11.57 22.47
CA LEU ZB 114 128.81 12.80 22.20
C LEU ZB 114 127.84 12.67 21.05
N GLY ZB 115 127.96 11.62 20.24
CA GLY ZB 115 127.08 11.45 19.10
C GLY ZB 115 127.78 11.69 17.78
N PHE ZB 116 129.04 11.31 17.70
CA PHE ZB 116 129.86 11.55 16.52
C PHE ZB 116 130.47 10.24 16.05
N LEU ZB 117 130.55 10.08 14.73
CA LEU ZB 117 131.07 8.86 14.14
C LEU ZB 117 132.14 9.19 13.11
N ASP ZB 118 133.29 8.54 13.24
CA ASP ZB 118 134.46 8.78 12.39
C ASP ZB 118 134.73 7.55 11.55
N PRO ZB 119 134.42 7.57 10.25
CA PRO ZB 119 134.74 6.43 9.39
C PRO ZB 119 136.23 6.16 9.27
N THR ZB 120 137.07 7.13 9.60
CA THR ZB 120 138.52 6.97 9.52
C THR ZB 120 139.09 6.20 10.70
N ALA ZB 121 138.32 6.01 11.76
CA ALA ZB 121 138.83 5.33 12.95
C ALA ZB 121 139.26 3.90 12.63
N ALA ZB 122 140.33 3.47 13.28
CA ALA ZB 122 140.91 2.16 12.99
C ALA ZB 122 140.18 1.07 13.75
N ILE ZB 123 139.72 0.06 13.03
CA ILE ZB 123 139.03 -1.09 13.60
C ILE ZB 123 139.83 -2.33 13.24
N VAL ZB 124 140.16 -3.15 14.24
CA VAL ZB 124 141.03 -4.30 14.06
C VAL ZB 124 140.25 -5.56 14.40
N SER ZB 125 140.47 -6.61 13.63
CA SER ZB 125 139.72 -7.85 13.78
C SER ZB 125 140.40 -8.78 14.79
N SER ZB 126 139.66 -9.81 15.21
CA SER ZB 126 140.20 -10.73 16.19
C SER ZB 126 141.38 -11.51 15.65
N ASP ZB 127 141.25 -12.06 14.45
CA ASP ZB 127 142.34 -12.82 13.86
C ASP ZB 127 143.51 -11.92 13.55
N THR ZB 128 144.72 -12.43 13.75
CA THR ZB 128 145.94 -11.65 13.61
C THR ZB 128 146.62 -11.95 12.28
N THR ZB 129 147.80 -11.38 12.10
CA THR ZB 129 148.56 -11.58 10.88
C THR ZB 129 149.91 -12.21 11.19
N ALA AC 1 141.56 -40.73 38.40
CA ALA AC 1 140.51 -39.82 38.86
C ALA AC 1 139.42 -39.69 37.80
N ASN AC 2 138.46 -38.82 38.06
CA ASN AC 2 137.35 -38.57 37.14
C ASN AC 2 137.01 -37.09 37.13
N LYS AC 3 136.35 -36.68 36.07
CA LYS AC 3 135.94 -35.28 35.93
C LYS AC 3 134.89 -34.95 36.98
N PRO AC 4 135.12 -33.94 37.82
CA PRO AC 4 134.06 -33.49 38.72
C PRO AC 4 133.10 -32.55 38.01
N MET AC 5 131.92 -32.40 38.58
CA MET AC 5 130.90 -31.52 38.01
C MET AC 5 130.61 -30.37 38.96
N GLN AC 6 130.06 -29.31 38.40
CA GLN AC 6 129.54 -28.21 39.18
C GLN AC 6 128.04 -28.07 38.96
N PRO AC 7 127.29 -27.63 39.96
CA PRO AC 7 125.85 -27.45 39.77
C PRO AC 7 125.56 -26.41 38.69
N ILE AC 8 124.50 -26.65 37.92
CA ILE AC 8 124.09 -25.72 36.88
C ILE AC 8 122.91 -24.91 37.34
N THR AC 9 121.79 -25.57 37.62
CA THR AC 9 120.57 -24.91 38.07
C THR AC 9 120.24 -25.42 39.46
N SER AC 10 120.14 -24.51 40.42
CA SER AC 10 119.71 -24.84 41.76
C SER AC 10 118.24 -24.47 41.93
N THR AC 11 117.51 -25.31 42.65
CA THR AC 11 116.09 -25.10 42.83
C THR AC 11 115.70 -25.71 44.18
N ALA AC 12 114.53 -25.32 44.68
CA ALA AC 12 114.05 -25.84 45.95
C ALA AC 12 113.91 -27.35 45.95
N ASN AC 13 113.74 -27.97 44.79
CA ASN AC 13 113.49 -29.40 44.70
C ASN AC 13 114.56 -30.16 43.92
N LYS AC 14 115.14 -29.56 42.88
CA LYS AC 14 116.04 -30.29 42.01
C LYS AC 14 117.35 -29.55 41.80
N ILE AC 15 118.44 -30.30 41.78
CA ILE AC 15 119.77 -29.79 41.50
C ILE AC 15 120.35 -30.59 40.34
N VAL AC 16 120.98 -29.91 39.39
CA VAL AC 16 121.60 -30.57 38.25
C VAL AC 16 123.06 -30.15 38.17
N TRP AC 17 123.92 -31.10 37.85
CA TRP AC 17 125.32 -30.84 37.56
C TRP AC 17 125.60 -31.16 36.10
N SER AC 18 126.69 -30.60 35.59
CA SER AC 18 127.14 -30.93 34.24
C SER AC 18 128.64 -30.71 34.16
N ASP AC 19 129.29 -31.54 33.36
CA ASP AC 19 130.73 -31.48 33.23
C ASP AC 19 131.14 -30.21 32.49
N PRO AC 20 132.03 -29.38 33.04
CA PRO AC 20 132.43 -28.16 32.32
C PRO AC 20 133.06 -28.43 30.98
N THR AC 21 133.87 -29.48 30.86
CA THR AC 21 134.53 -29.77 29.59
C THR AC 21 133.54 -30.25 28.55
N ARG AC 22 132.60 -31.11 28.95
CA ARG AC 22 131.59 -31.66 28.05
C ARG AC 22 130.23 -31.45 28.70
N LEU AC 23 129.52 -30.41 28.27
CA LEU AC 23 128.25 -30.06 28.89
C LEU AC 23 127.14 -31.05 28.58
N SER AC 24 127.35 -31.96 27.63
CA SER AC 24 126.30 -32.90 27.28
C SER AC 24 125.95 -33.81 28.45
N THR AC 25 126.96 -34.35 29.12
CA THR AC 25 126.72 -35.23 30.24
C THR AC 25 126.28 -34.44 31.48
N THR AC 26 125.20 -34.89 32.12
CA THR AC 26 124.67 -34.21 33.28
C THR AC 26 124.33 -35.24 34.35
N PHE AC 27 123.78 -34.74 35.46
CA PHE AC 27 123.32 -35.58 36.56
C PHE AC 27 122.34 -34.76 37.38
N SER AC 28 121.10 -35.23 37.47
CA SER AC 28 120.06 -34.51 38.17
C SER AC 28 119.66 -35.24 39.44
N ALA AC 29 119.03 -34.50 40.35
CA ALA AC 29 118.51 -35.07 41.59
C ALA AC 29 117.30 -34.25 42.01
N SER AC 30 116.11 -34.84 41.86
CA SER AC 30 114.86 -34.16 42.22
C SER AC 30 114.21 -34.89 43.37
N LEU AC 31 113.82 -34.14 44.39
CA LEU AC 31 113.23 -34.69 45.60
C LEU AC 31 111.81 -34.18 45.76
N LEU AC 32 110.91 -35.05 46.18
CA LEU AC 32 109.51 -34.70 46.41
C LEU AC 32 109.12 -35.19 47.79
N ARG AC 33 108.84 -34.26 48.69
CA ARG AC 33 108.46 -34.57 50.06
C ARG AC 33 106.99 -34.23 50.27
N GLN AC 34 106.26 -35.14 50.91
CA GLN AC 34 104.83 -34.98 51.09
C GLN AC 34 104.36 -35.89 52.21
N ARG AC 35 103.10 -35.71 52.59
CA ARG AC 35 102.55 -36.26 53.83
C ARG AC 35 101.75 -37.52 53.54
N VAL AC 36 101.96 -38.56 54.36
CA VAL AC 36 101.24 -39.81 54.23
C VAL AC 36 100.66 -40.19 55.59
N LYS AC 37 99.41 -40.64 55.60
CA LYS AC 37 98.74 -41.11 56.80
C LYS AC 37 98.44 -42.60 56.60
N VAL AC 38 99.31 -43.45 57.11
CA VAL AC 38 99.22 -44.88 56.83
C VAL AC 38 98.77 -45.65 58.07
N GLY AC 39 99.42 -45.40 59.21
CA GLY AC 39 99.14 -46.15 60.42
C GLY AC 39 98.61 -45.27 61.53
N ILE AC 40 97.66 -44.39 61.20
CA ILE AC 40 97.15 -43.32 62.07
C ILE AC 40 98.31 -42.65 62.80
N ALA AC 41 99.47 -42.62 62.14
CA ALA AC 41 100.67 -41.95 62.64
C ALA AC 41 101.38 -41.41 61.41
N GLU AC 42 101.32 -40.10 61.22
CA GLU AC 42 101.82 -39.49 60.00
C GLU AC 42 103.32 -39.73 59.84
N LEU AC 43 103.74 -39.99 58.61
CA LEU AC 43 105.14 -40.28 58.29
C LEU AC 43 105.62 -39.37 57.16
N ASN AC 44 106.92 -39.12 57.15
CA ASN AC 44 107.54 -38.28 56.14
C ASN AC 44 107.98 -39.15 54.97
N ASN AC 45 107.38 -38.93 53.81
CA ASN AC 45 107.69 -39.69 52.62
C ASN AC 45 108.49 -38.83 51.65
N VAL AC 46 109.65 -39.33 51.23
CA VAL AC 46 110.53 -38.64 50.30
C VAL AC 46 110.76 -39.54 49.10
N SER AC 47 110.53 -39.00 47.90
CA SER AC 47 110.74 -39.74 46.65
C SER AC 47 111.83 -39.03 45.87
N GLY AC 48 113.07 -39.49 46.02
CA GLY AC 48 114.21 -38.89 45.37
C GLY AC 48 114.43 -39.49 44.00
N GLN AC 49 114.38 -38.64 42.98
CA GLN AC 49 114.54 -39.05 41.59
C GLN AC 49 115.89 -38.57 41.09
N TYR AC 50 116.72 -39.50 40.63
CA TYR AC 50 118.04 -39.19 40.10
C TYR AC 50 118.16 -39.74 38.69
N VAL AC 51 118.61 -38.89 37.77
CA VAL AC 51 118.84 -39.29 36.38
C VAL AC 51 120.26 -38.94 36.00
N SER AC 52 120.82 -39.72 35.09
CA SER AC 52 122.17 -39.49 34.59
C SER AC 52 122.17 -39.78 33.09
N VAL AC 53 122.53 -38.79 32.29
CA VAL AC 53 122.46 -38.88 30.84
C VAL AC 53 123.84 -38.70 30.26
N TYR AC 54 124.07 -39.31 29.10
CA TYR AC 54 125.32 -39.16 28.37
C TYR AC 54 125.02 -39.24 26.89
N LYS AC 55 125.65 -38.35 26.12
CA LYS AC 55 125.54 -38.36 24.67
C LYS AC 55 126.80 -39.03 24.11
N ARG AC 56 126.73 -40.33 23.91
CA ARG AC 56 127.88 -41.12 23.52
C ARG AC 56 127.84 -41.40 22.03
N PRO AC 57 128.89 -41.05 21.28
CA PRO AC 57 128.88 -41.30 19.84
C PRO AC 57 128.75 -42.78 19.54
N ALA AC 58 128.09 -43.08 18.42
CA ALA AC 58 127.91 -44.46 18.01
C ALA AC 58 129.26 -45.10 17.73
N PRO AC 59 129.40 -46.41 17.91
CA PRO AC 59 130.71 -47.05 17.70
C PRO AC 59 131.17 -46.94 16.25
N LYS AC 60 132.32 -46.31 16.04
CA LYS AC 60 132.83 -46.17 14.69
C LYS AC 60 133.17 -47.54 14.12
N PRO AC 61 133.08 -47.70 12.79
CA PRO AC 61 133.36 -49.01 12.18
C PRO AC 61 134.72 -49.54 12.58
N GLU AC 62 134.77 -50.81 12.97
CA GLU AC 62 135.99 -51.39 13.50
C GLU AC 62 137.04 -51.49 12.39
N GLY AC 63 138.30 -51.50 12.81
CA GLY AC 63 139.39 -51.59 11.86
C GLY AC 63 140.10 -50.28 11.63
N CYS AC 64 139.46 -49.17 11.99
CA CYS AC 64 140.02 -47.83 11.76
C CYS AC 64 140.13 -47.07 13.08
N ALA AC 65 141.36 -46.70 13.42
CA ALA AC 65 141.60 -45.58 14.32
C ALA AC 65 141.97 -44.39 13.47
N ASP AC 66 141.02 -43.91 12.67
CA ASP AC 66 141.33 -42.97 11.59
C ASP AC 66 142.02 -41.72 12.12
N ALA AC 67 141.29 -40.90 12.88
CA ALA AC 67 141.68 -39.57 13.31
C ALA AC 67 140.41 -38.85 13.74
N CYS AC 68 139.49 -38.67 12.80
CA CYS AC 68 138.16 -38.16 13.12
C CYS AC 68 137.20 -38.59 12.03
N VAL AC 69 136.11 -39.22 12.45
CA VAL AC 69 134.98 -39.47 11.57
C VAL AC 69 133.71 -39.16 12.35
N ILE AC 70 132.92 -38.22 11.84
CA ILE AC 70 131.76 -37.76 12.59
C ILE AC 70 130.68 -38.82 12.58
N MET AC 71 130.29 -39.25 13.78
CA MET AC 71 129.16 -40.14 13.92
C MET AC 71 128.16 -39.56 14.91
N PRO AC 72 126.87 -39.66 14.62
CA PRO AC 72 125.86 -39.13 15.55
C PRO AC 72 125.95 -39.84 16.89
N ASN AC 73 125.72 -39.08 17.96
CA ASN AC 73 125.84 -39.58 19.31
C ASN AC 73 124.50 -40.05 19.83
N GLU AC 74 124.50 -41.27 20.38
CA GLU AC 74 123.30 -41.85 20.95
C GLU AC 74 123.10 -41.34 22.37
N ASN AC 75 121.90 -41.58 22.89
CA ASN AC 75 121.53 -41.12 24.23
C ASN AC 75 121.59 -42.29 25.19
N GLN AC 76 122.51 -42.22 26.14
CA GLN AC 76 122.62 -43.20 27.21
C GLN AC 76 122.07 -42.57 28.49
N SER AC 77 121.03 -43.18 29.06
CA SER AC 77 120.33 -42.60 30.19
C SER AC 77 120.16 -43.64 31.29
N ILE AC 78 120.24 -43.19 32.53
CA ILE AC 78 120.05 -44.02 33.71
C ILE AC 78 119.20 -43.23 34.68
N ARG AC 79 117.97 -43.66 34.90
CA ARG AC 79 117.03 -42.98 35.78
C ARG AC 79 116.71 -43.85 36.99
N THR AC 80 116.73 -43.25 38.17
CA THR AC 80 116.51 -43.98 39.41
C THR AC 80 115.60 -43.17 40.32
N VAL AC 81 114.68 -43.87 40.98
CA VAL AC 81 113.78 -43.25 41.96
C VAL AC 81 113.77 -44.12 43.21
N ILE AC 82 113.85 -43.48 44.37
CA ILE AC 82 113.78 -44.15 45.67
C ILE AC 82 112.67 -43.48 46.46
N SER AC 83 111.66 -44.26 46.86
CA SER AC 83 110.54 -43.75 47.63
C SER AC 83 110.42 -44.55 48.92
N GLY AC 84 110.30 -43.84 50.03
CA GLY AC 84 110.15 -44.50 51.31
C GLY AC 84 109.95 -43.49 52.42
N SER AC 85 109.52 -43.99 53.57
CA SER AC 85 109.36 -43.14 54.74
C SER AC 85 110.72 -42.68 55.25
N ALA AC 86 110.77 -41.45 55.74
CA ALA AC 86 112.02 -40.89 56.23
C ALA AC 86 112.53 -41.66 57.45
N GLU AC 87 111.63 -42.11 58.30
CA GLU AC 87 112.03 -42.83 59.51
C GLU AC 87 112.62 -44.20 59.23
N ASN AC 88 112.18 -44.87 58.15
CA ASN AC 88 112.75 -46.15 57.76
C ASN AC 88 113.95 -45.98 56.83
N LEU AC 89 114.61 -44.82 56.88
CA LEU AC 89 115.76 -44.60 56.03
C LEU AC 89 116.90 -45.56 56.35
N ALA AC 90 117.09 -45.90 57.62
CA ALA AC 90 118.19 -46.77 58.00
C ALA AC 90 118.08 -48.12 57.30
N THR AC 91 116.88 -48.71 57.31
CA THR AC 91 116.68 -49.95 56.59
C THR AC 91 116.51 -49.72 55.09
N LEU AC 92 116.15 -48.50 54.69
CA LEU AC 92 116.03 -48.22 53.26
C LEU AC 92 117.37 -48.30 52.56
N LYS AC 93 118.45 -47.87 53.24
CA LYS AC 93 119.78 -47.99 52.65
C LYS AC 93 120.12 -49.45 52.36
N ALA AC 94 119.69 -50.35 53.26
CA ALA AC 94 119.90 -51.77 53.01
C ALA AC 94 119.18 -52.23 51.75
N GLU AC 95 117.97 -51.70 51.52
CA GLU AC 95 117.26 -52.00 50.29
C GLU AC 95 118.06 -51.55 49.08
N TRP AC 96 118.66 -50.36 49.16
CA TRP AC 96 119.46 -49.86 48.05
C TRP AC 96 120.67 -50.75 47.81
N GLU AC 97 121.24 -51.31 48.87
CA GLU AC 97 122.39 -52.20 48.71
C GLU AC 97 122.04 -53.42 47.88
N THR AC 98 120.98 -54.13 48.26
CA THR AC 98 120.60 -55.33 47.54
C THR AC 98 120.12 -55.02 46.14
N HIS AC 99 119.42 -53.89 45.98
CA HIS AC 99 118.96 -53.50 44.65
C HIS AC 99 120.14 -53.33 43.70
N LYS AC 100 121.23 -52.71 44.19
CA LYS AC 100 122.43 -52.60 43.38
C LYS AC 100 122.95 -53.98 43.01
N ARG AC 101 123.01 -54.89 43.98
CA ARG AC 101 123.64 -56.18 43.73
C ARG AC 101 122.73 -57.08 42.91
N ASN AC 102 121.41 -56.97 43.10
CA ASN AC 102 120.48 -57.71 42.24
C ASN AC 102 120.60 -57.26 40.79
N VAL AC 103 120.60 -55.95 40.56
CA VAL AC 103 120.70 -55.44 39.19
C VAL AC 103 122.03 -55.83 38.57
N ASP AC 104 123.12 -55.71 39.34
CA ASP AC 104 124.43 -56.06 38.82
C ASP AC 104 124.49 -57.50 38.36
N THR AC 105 123.72 -58.38 39.01
CA THR AC 105 123.65 -59.77 38.56
C THR AC 105 123.06 -59.86 37.16
N LEU AC 106 121.90 -59.23 36.95
CA LEU AC 106 121.26 -59.31 35.64
C LEU AC 106 121.99 -58.48 34.61
N PHE AC 107 122.36 -57.24 34.95
CA PHE AC 107 122.88 -56.30 33.97
C PHE AC 107 124.40 -56.37 33.87
N ALA AC 108 125.10 -56.12 34.97
CA ALA AC 108 126.56 -56.10 34.92
C ALA AC 108 127.12 -57.49 34.62
N SER AC 109 126.83 -58.45 35.48
CA SER AC 109 127.35 -59.80 35.27
C SER AC 109 126.61 -60.53 34.16
N GLY AC 110 125.29 -60.40 34.09
CA GLY AC 110 124.50 -61.15 33.15
C GLY AC 110 124.43 -60.50 31.78
N ASN AC 111 123.46 -60.97 30.99
CA ASN AC 111 123.26 -60.51 29.63
C ASN AC 111 122.02 -59.66 29.46
N ALA AC 112 121.46 -59.15 30.56
CA ALA AC 112 120.23 -58.36 30.46
C ALA AC 112 120.43 -57.12 29.60
N GLY AC 113 121.66 -56.58 29.58
CA GLY AC 113 121.92 -55.43 28.74
C GLY AC 113 121.74 -55.72 27.26
N LEU AC 114 122.16 -56.91 26.83
CA LEU AC 114 122.01 -57.27 25.43
C LEU AC 114 120.54 -57.32 25.03
N GLY AC 115 119.69 -57.83 25.92
CA GLY AC 115 118.28 -57.99 25.61
C GLY AC 115 117.79 -59.37 26.01
N PHE AC 116 118.65 -60.12 26.69
CA PHE AC 116 118.33 -61.48 27.10
C PHE AC 116 117.92 -61.50 28.56
N LEU AC 117 117.05 -62.44 28.91
CA LEU AC 117 116.59 -62.63 30.27
C LEU AC 117 116.98 -64.02 30.74
N ASP AC 118 117.53 -64.09 31.95
CA ASP AC 118 118.02 -65.35 32.52
C ASP AC 118 117.17 -65.68 33.74
N PRO AC 119 116.16 -66.53 33.59
CA PRO AC 119 115.27 -66.84 34.73
C PRO AC 119 115.97 -67.55 35.87
N THR AC 120 117.11 -68.17 35.64
CA THR AC 120 117.81 -68.91 36.68
C THR AC 120 118.89 -68.11 37.37
N ALA AC 121 118.97 -66.81 37.10
CA ALA AC 121 119.96 -65.96 37.76
C ALA AC 121 119.67 -65.90 39.26
N ALA AC 122 120.71 -65.57 40.03
CA ALA AC 122 120.65 -65.57 41.48
C ALA AC 122 120.19 -64.22 41.97
N ILE AC 123 119.02 -64.17 42.60
CA ILE AC 123 118.48 -62.96 43.18
C ILE AC 123 118.26 -63.19 44.66
N VAL AC 124 118.83 -62.30 45.48
CA VAL AC 124 118.79 -62.46 46.92
C VAL AC 124 117.99 -61.32 47.53
N SER AC 125 117.44 -61.56 48.71
CA SER AC 125 116.54 -60.63 49.37
C SER AC 125 117.30 -59.67 50.27
N SER AC 126 116.61 -58.61 50.70
CA SER AC 126 117.22 -57.62 51.55
C SER AC 126 117.63 -58.21 52.89
N ASP AC 127 116.70 -58.90 53.56
CA ASP AC 127 116.99 -59.49 54.84
C ASP AC 127 117.94 -60.68 54.67
N THR AC 128 118.54 -61.09 55.78
CA THR AC 128 119.52 -62.17 55.79
C THR AC 128 119.14 -63.20 56.84
N THR AC 129 119.72 -64.39 56.72
CA THR AC 129 119.48 -65.47 57.65
C THR AC 129 119.92 -65.10 59.07
N ALA BC 1 126.37 -27.08 71.51
CA ALA BC 1 126.42 -28.17 70.53
C ALA BC 1 125.05 -28.43 69.94
N ASN BC 2 124.38 -27.35 69.54
CA ASN BC 2 123.05 -27.48 68.96
C ASN BC 2 123.11 -28.14 67.59
N LYS BC 3 122.09 -28.90 67.26
CA LYS BC 3 122.02 -29.55 65.96
C LYS BC 3 121.82 -28.49 64.88
N PRO BC 4 122.69 -28.40 63.90
CA PRO BC 4 122.48 -27.44 62.81
C PRO BC 4 121.41 -27.93 61.85
N MET BC 5 120.73 -26.98 61.23
CA MET BC 5 119.75 -27.30 60.20
C MET BC 5 120.38 -27.23 58.82
N GLN BC 6 119.62 -27.66 57.82
CA GLN BC 6 119.99 -27.54 56.43
C GLN BC 6 118.86 -26.87 55.65
N PRO BC 7 119.17 -26.11 54.61
CA PRO BC 7 118.11 -25.49 53.82
C PRO BC 7 117.26 -26.53 53.12
N ILE BC 8 115.99 -26.20 52.93
CA ILE BC 8 115.03 -27.08 52.27
C ILE BC 8 114.50 -26.43 50.99
N THR BC 9 113.78 -25.32 51.13
CA THR BC 9 113.23 -24.59 49.99
C THR BC 9 114.06 -23.34 49.80
N SER BC 10 114.99 -23.38 48.85
CA SER BC 10 115.86 -22.24 48.57
C SER BC 10 115.24 -21.41 47.46
N THR BC 11 115.04 -20.12 47.74
CA THR BC 11 114.41 -19.22 46.79
C THR BC 11 115.01 -17.85 46.99
N ALA BC 12 114.96 -17.02 45.94
CA ALA BC 12 115.51 -15.68 46.03
C ALA BC 12 114.83 -14.84 47.10
N ASN BC 13 113.63 -15.24 47.54
CA ASN BC 13 112.90 -14.49 48.55
C ASN BC 13 112.59 -15.31 49.80
N LYS BC 14 113.01 -16.57 49.85
CA LYS BC 14 112.63 -17.42 50.98
C LYS BC 14 113.52 -18.66 51.08
N ILE BC 15 114.08 -18.90 52.25
CA ILE BC 15 114.85 -20.11 52.53
C ILE BC 15 114.34 -20.71 53.83
N VAL BC 16 114.11 -22.02 53.83
CA VAL BC 16 113.58 -22.73 54.98
C VAL BC 16 114.60 -23.76 55.42
N TRP BC 17 114.93 -23.74 56.71
CA TRP BC 17 115.82 -24.72 57.30
C TRP BC 17 115.00 -25.73 58.11
N SER BC 18 115.42 -26.99 58.07
CA SER BC 18 114.78 -28.02 58.87
C SER BC 18 115.86 -28.98 59.38
N ASP BC 19 115.59 -29.59 60.52
CA ASP BC 19 116.56 -30.43 61.20
C ASP BC 19 116.51 -31.86 60.65
N PRO BC 20 117.65 -32.44 60.28
CA PRO BC 20 117.63 -33.83 59.79
C PRO BC 20 117.08 -34.82 60.79
N THR BC 21 117.39 -34.67 62.08
CA THR BC 21 116.89 -35.62 63.06
C THR BC 21 115.41 -35.40 63.34
N ARG BC 22 114.97 -34.14 63.34
CA ARG BC 22 113.58 -33.79 63.60
C ARG BC 22 113.11 -32.91 62.44
N LEU BC 23 112.48 -33.55 61.45
CA LEU BC 23 111.97 -32.80 60.29
C LEU BC 23 110.88 -31.83 60.68
N SER BC 24 110.28 -31.99 61.87
CA SER BC 24 109.15 -31.15 62.25
C SER BC 24 109.60 -29.71 62.49
N THR BC 25 110.67 -29.51 63.25
CA THR BC 25 111.12 -28.17 63.56
C THR BC 25 111.68 -27.49 62.32
N THR BC 26 111.36 -26.22 62.16
CA THR BC 26 111.80 -25.46 60.99
C THR BC 26 112.19 -24.05 61.41
N PHE BC 27 112.89 -23.38 60.50
CA PHE BC 27 113.20 -21.95 60.66
C PHE BC 27 113.29 -21.37 59.26
N SER BC 28 112.35 -20.50 58.91
CA SER BC 28 112.28 -19.96 57.56
C SER BC 28 112.35 -18.44 57.62
N ALA BC 29 113.18 -17.85 56.75
CA ALA BC 29 113.35 -16.42 56.66
C ALA BC 29 112.96 -15.96 55.27
N SER BC 30 112.10 -14.95 55.20
CA SER BC 30 111.64 -14.40 53.93
C SER BC 30 111.84 -12.89 53.93
N LEU BC 31 112.30 -12.37 52.80
CA LEU BC 31 112.54 -10.94 52.65
C LEU BC 31 111.64 -10.35 51.57
N LEU BC 32 111.19 -9.13 51.82
CA LEU BC 32 110.43 -8.35 50.84
C LEU BC 32 111.10 -6.99 50.75
N ARG BC 33 111.79 -6.73 49.64
CA ARG BC 33 112.51 -5.48 49.46
C ARG BC 33 111.70 -4.56 48.57
N GLN BC 34 111.53 -3.32 49.01
CA GLN BC 34 110.71 -2.34 48.30
C GLN BC 34 111.43 -1.00 48.29
N ARG BC 35 111.18 -0.24 47.24
CA ARG BC 35 111.77 1.08 47.06
C ARG BC 35 110.73 2.13 47.43
N VAL BC 36 111.09 3.03 48.34
CA VAL BC 36 110.13 3.93 48.97
C VAL BC 36 110.57 5.37 48.73
N LYS BC 37 109.61 6.20 48.30
CA LYS BC 37 109.80 7.64 48.19
C LYS BC 37 109.21 8.30 49.44
N VAL BC 38 110.03 8.35 50.49
CA VAL BC 38 109.54 8.93 51.75
C VAL BC 38 109.25 10.42 51.59
N GLY BC 39 110.15 11.14 50.94
CA GLY BC 39 109.93 12.53 50.61
C GLY BC 39 111.17 13.12 49.98
N ILE BC 40 111.00 13.81 48.84
CA ILE BC 40 112.08 14.40 48.05
C ILE BC 40 113.33 13.53 48.03
N ALA BC 41 113.14 12.21 48.13
CA ALA BC 41 114.23 11.25 48.19
C ALA BC 41 113.65 9.86 48.05
N GLU BC 42 114.38 9.01 47.33
CA GLU BC 42 113.99 7.63 47.10
C GLU BC 42 114.84 6.71 47.96
N LEU BC 43 114.19 5.82 48.70
CA LEU BC 43 114.89 4.97 49.64
C LEU BC 43 114.48 3.52 49.46
N ASN BC 44 115.38 2.61 49.82
CA ASN BC 44 115.17 1.18 49.66
C ASN BC 44 114.78 0.59 51.00
N ASN BC 45 113.55 0.09 51.09
CA ASN BC 45 113.05 -0.50 52.32
C ASN BC 45 113.05 -2.02 52.20
N VAL BC 46 113.34 -2.68 53.32
CA VAL BC 46 113.37 -4.13 53.40
C VAL BC 46 112.56 -4.57 54.59
N SER BC 47 111.82 -5.66 54.44
CA SER BC 47 111.02 -6.23 55.52
C SER BC 47 111.35 -7.72 55.63
N GLY BC 48 112.26 -8.06 56.53
CA GLY BC 48 112.67 -9.44 56.73
C GLY BC 48 111.80 -10.11 57.78
N GLN BC 49 111.20 -11.23 57.38
CA GLN BC 49 110.28 -11.98 58.23
C GLN BC 49 110.94 -13.30 58.60
N TYR BC 50 111.27 -13.46 59.89
CA TYR BC 50 111.91 -14.67 60.39
C TYR BC 50 110.95 -15.37 61.34
N VAL BC 51 110.67 -16.64 61.07
CA VAL BC 51 109.78 -17.44 61.90
C VAL BC 51 110.44 -18.77 62.20
N SER BC 52 110.39 -19.18 63.46
CA SER BC 52 110.90 -20.47 63.90
C SER BC 52 109.76 -21.26 64.52
N VAL BC 53 109.65 -22.53 64.12
CA VAL BC 53 108.51 -23.37 64.49
C VAL BC 53 109.04 -24.63 65.14
N TYR BC 54 108.43 -25.01 66.26
CA TYR BC 54 108.77 -26.24 66.96
C TYR BC 54 107.49 -26.93 67.42
N LYS BC 55 107.41 -28.23 67.18
CA LYS BC 55 106.30 -29.05 67.68
C LYS BC 55 106.86 -29.83 68.86
N ARG BC 56 106.28 -29.61 70.02
CA ARG BC 56 106.74 -30.25 71.24
C ARG BC 56 105.67 -31.18 71.79
N PRO BC 57 106.04 -32.28 72.43
CA PRO BC 57 105.04 -33.09 73.14
C PRO BC 57 104.41 -32.33 74.30
N ALA BC 58 103.17 -32.69 74.60
CA ALA BC 58 102.41 -32.06 75.66
C ALA BC 58 103.00 -32.41 77.04
N PRO BC 59 102.51 -31.75 78.12
CA PRO BC 59 103.09 -31.95 79.46
C PRO BC 59 103.46 -33.35 79.91
N LYS BC 60 102.88 -34.43 79.33
CA LYS BC 60 103.24 -35.78 79.77
C LYS BC 60 102.89 -35.97 81.25
N PRO BC 61 101.61 -36.15 81.58
CA PRO BC 61 101.20 -36.24 82.98
C PRO BC 61 102.02 -37.25 83.77
N GLU BC 62 102.17 -36.98 85.08
CA GLU BC 62 103.16 -37.66 85.89
C GLU BC 62 102.80 -39.12 86.12
N GLY BC 63 103.79 -39.88 86.56
CA GLY BC 63 103.61 -41.29 86.89
C GLY BC 63 103.18 -42.12 85.70
N CYS BC 64 103.80 -41.87 84.54
CA CYS BC 64 103.41 -42.52 83.30
C CYS BC 64 104.63 -42.98 82.51
N ALA BC 65 105.44 -43.86 83.10
CA ALA BC 65 106.67 -44.34 82.50
C ALA BC 65 106.44 -45.02 81.15
N ASP BC 66 105.21 -45.48 80.91
CA ASP BC 66 104.87 -46.16 79.67
C ASP BC 66 105.35 -45.38 78.46
N ALA BC 67 106.00 -46.08 77.53
CA ALA BC 67 106.65 -45.40 76.41
C ALA BC 67 105.66 -45.02 75.33
N CYS BC 68 104.92 -45.99 74.80
CA CYS BC 68 104.16 -45.74 73.59
C CYS BC 68 102.84 -45.00 73.83
N VAL BC 69 102.51 -44.67 75.08
CA VAL BC 69 101.43 -43.72 75.31
C VAL BC 69 101.91 -42.34 74.87
N ILE BC 70 101.32 -41.83 73.79
CA ILE BC 70 101.84 -40.62 73.16
C ILE BC 70 100.77 -39.55 73.04
N MET BC 71 101.11 -38.35 73.46
CA MET BC 71 100.23 -37.19 73.40
C MET BC 71 100.46 -36.46 72.09
N PRO BC 72 99.53 -35.61 71.67
CA PRO BC 72 99.76 -34.77 70.48
C PRO BC 72 100.73 -33.65 70.80
N ASN BC 73 101.04 -32.87 69.78
CA ASN BC 73 102.01 -31.79 69.87
C ASN BC 73 101.31 -30.43 69.78
N GLU BC 74 101.75 -29.50 70.61
CA GLU BC 74 101.28 -28.13 70.53
C GLU BC 74 102.08 -27.38 69.48
N ASN BC 75 101.91 -26.06 69.42
CA ASN BC 75 102.50 -25.23 68.37
C ASN BC 75 103.34 -24.15 69.03
N GLN BC 76 104.64 -24.40 69.15
CA GLN BC 76 105.58 -23.39 69.64
C GLN BC 76 106.15 -22.66 68.43
N SER BC 77 105.75 -21.41 68.27
CA SER BC 77 106.16 -20.60 67.12
C SER BC 77 106.58 -19.22 67.58
N ILE BC 78 107.59 -18.68 66.91
CA ILE BC 78 108.09 -17.33 67.19
C ILE BC 78 108.26 -16.62 65.85
N ARG BC 79 107.61 -15.47 65.70
CA ARG BC 79 107.65 -14.71 64.46
C ARG BC 79 108.27 -13.34 64.72
N THR BC 80 109.14 -12.92 63.82
CA THR BC 80 109.78 -11.62 63.91
C THR BC 80 109.83 -10.99 62.52
N VAL BC 81 109.53 -9.70 62.44
CA VAL BC 81 109.62 -8.95 61.20
C VAL BC 81 110.44 -7.69 61.47
N ILE BC 82 111.41 -7.42 60.61
CA ILE BC 82 112.27 -6.25 60.74
C ILE BC 82 112.06 -5.40 59.50
N SER BC 83 111.52 -4.21 59.68
CA SER BC 83 111.26 -3.29 58.59
C SER BC 83 112.06 -2.01 58.79
N GLY BC 84 112.79 -1.60 57.76
CA GLY BC 84 113.58 -0.40 57.86
C GLY BC 84 114.33 -0.16 56.57
N SER BC 85 114.77 1.08 56.40
CA SER BC 85 115.52 1.46 55.21
C SER BC 85 116.91 0.84 55.25
N ALA BC 86 117.39 0.44 54.06
CA ALA BC 86 118.68 -0.24 53.97
C ALA BC 86 119.81 0.66 54.44
N GLU BC 87 119.79 1.93 54.06
CA GLU BC 87 120.88 2.84 54.40
C GLU BC 87 120.99 3.07 55.90
N ASN BC 88 119.90 2.88 56.64
CA ASN BC 88 119.92 3.00 58.08
C ASN BC 88 120.13 1.65 58.77
N LEU BC 89 120.82 0.73 58.10
CA LEU BC 89 121.04 -0.58 58.68
C LEU BC 89 121.88 -0.51 59.94
N ALA BC 90 122.89 0.36 59.95
CA ALA BC 90 123.78 0.44 61.11
C ALA BC 90 123.01 0.84 62.37
N THR BC 91 122.13 1.84 62.25
CA THR BC 91 121.31 2.23 63.39
C THR BC 91 120.16 1.25 63.62
N LEU BC 92 119.71 0.57 62.57
CA LEU BC 92 118.65 -0.42 62.75
C LEU BC 92 119.11 -1.59 63.61
N LYS BC 93 120.37 -2.01 63.45
CA LYS BC 93 120.88 -3.10 64.27
C LYS BC 93 120.84 -2.73 65.74
N ALA BC 94 121.02 -1.44 66.06
CA ALA BC 94 120.84 -1.00 67.44
C ALA BC 94 119.41 -1.20 67.89
N GLU BC 95 118.44 -0.92 67.03
CA GLU BC 95 117.05 -1.16 67.37
C GLU BC 95 116.79 -2.63 67.66
N TRP BC 96 117.34 -3.50 66.82
CA TRP BC 96 117.16 -4.94 67.03
C TRP BC 96 117.77 -5.37 68.35
N GLU BC 97 118.96 -4.88 68.67
CA GLU BC 97 119.62 -5.28 69.91
C GLU BC 97 118.83 -4.83 71.13
N THR BC 98 118.39 -3.57 71.14
CA THR BC 98 117.64 -3.08 72.30
C THR BC 98 116.25 -3.71 72.35
N HIS BC 99 115.71 -4.10 71.20
CA HIS BC 99 114.42 -4.79 71.21
C HIS BC 99 114.52 -6.12 71.93
N LYS BC 100 115.63 -6.82 71.76
CA LYS BC 100 115.84 -8.07 72.48
C LYS BC 100 115.85 -7.85 73.98
N ARG BC 101 116.53 -6.80 74.44
CA ARG BC 101 116.62 -6.53 75.87
C ARG BC 101 115.26 -6.22 76.46
N ASN BC 102 114.46 -5.41 75.75
CA ASN BC 102 113.14 -5.06 76.26
C ASN BC 102 112.25 -6.29 76.38
N VAL BC 103 112.28 -7.16 75.37
CA VAL BC 103 111.49 -8.39 75.43
C VAL BC 103 112.02 -9.30 76.53
N ASP BC 104 113.34 -9.45 76.61
CA ASP BC 104 113.93 -10.33 77.61
C ASP BC 104 113.59 -9.86 79.02
N THR BC 105 113.73 -8.56 79.28
CA THR BC 105 113.47 -8.06 80.62
C THR BC 105 111.99 -8.11 80.96
N LEU BC 106 111.14 -8.31 79.96
CA LEU BC 106 109.70 -8.33 80.20
C LEU BC 106 109.12 -9.74 80.09
N PHE BC 107 109.72 -10.60 79.28
CA PHE BC 107 109.21 -11.95 79.08
C PHE BC 107 110.17 -13.01 79.58
N ALA BC 108 111.43 -12.98 79.16
CA ALA BC 108 112.39 -14.00 79.58
C ALA BC 108 112.57 -13.96 81.09
N SER BC 109 113.09 -12.86 81.62
CA SER BC 109 113.21 -12.71 83.06
C SER BC 109 111.87 -12.43 83.73
N GLY BC 110 110.95 -11.79 83.01
CA GLY BC 110 109.65 -11.45 83.55
C GLY BC 110 108.69 -12.61 83.47
N ASN BC 111 107.41 -12.31 83.75
CA ASN BC 111 106.35 -13.31 83.77
C ASN BC 111 105.36 -13.12 82.64
N ALA BC 112 105.78 -12.46 81.55
CA ALA BC 112 104.87 -12.26 80.43
C ALA BC 112 104.44 -13.58 79.80
N GLY BC 113 105.27 -14.60 79.90
CA GLY BC 113 104.93 -15.88 79.31
C GLY BC 113 103.69 -16.50 79.93
N LEU BC 114 103.56 -16.41 81.26
CA LEU BC 114 102.39 -16.94 81.92
C LEU BC 114 101.14 -16.14 81.60
N GLY BC 115 101.29 -14.91 81.12
CA GLY BC 115 100.18 -14.07 80.79
C GLY BC 115 100.03 -12.81 81.62
N PHE BC 116 101.07 -12.38 82.31
CA PHE BC 116 101.02 -11.23 83.19
C PHE BC 116 101.93 -10.13 82.67
N LEU BC 117 101.42 -8.89 82.66
CA LEU BC 117 102.19 -7.74 82.23
C LEU BC 117 102.56 -6.92 83.46
N ASP BC 118 103.83 -6.52 83.54
CA ASP BC 118 104.32 -5.79 84.70
C ASP BC 118 104.52 -4.32 84.34
N PRO BC 119 103.61 -3.43 84.74
CA PRO BC 119 103.77 -2.01 84.37
C PRO BC 119 105.01 -1.37 84.94
N THR BC 120 105.56 -1.91 86.02
CA THR BC 120 106.74 -1.32 86.64
C THR BC 120 108.04 -1.90 86.09
N ALA BC 121 107.98 -2.74 85.06
CA ALA BC 121 109.19 -3.26 84.47
C ALA BC 121 110.01 -2.14 83.85
N ALA BC 122 111.32 -2.19 84.06
CA ALA BC 122 112.22 -1.16 83.59
C ALA BC 122 112.73 -1.50 82.20
N ILE BC 123 112.26 -0.76 81.20
CA ILE BC 123 112.68 -0.95 79.82
C ILE BC 123 113.28 0.36 79.32
N VAL BC 124 114.29 0.26 78.47
CA VAL BC 124 115.02 1.42 77.99
C VAL BC 124 115.12 1.35 76.48
N SER BC 125 115.34 2.52 75.88
CA SER BC 125 115.37 2.66 74.42
C SER BC 125 116.79 2.55 73.89
N SER BC 126 116.91 2.60 72.56
CA SER BC 126 118.23 2.52 71.95
C SER BC 126 119.06 3.76 72.23
N ASP BC 127 118.41 4.93 72.29
CA ASP BC 127 119.14 6.16 72.50
C ASP BC 127 119.81 6.18 73.86
N THR BC 128 121.02 6.74 73.91
CA THR BC 128 121.83 6.75 75.12
C THR BC 128 122.08 8.19 75.57
N THR BC 129 122.32 8.34 76.86
CA THR BC 129 122.63 9.64 77.43
C THR BC 129 124.13 9.91 77.40
N ALA CC 1 128.10 64.59 28.80
CA ALA CC 1 127.51 64.26 27.51
C ALA CC 1 126.60 63.05 27.63
N ASN CC 2 125.70 62.89 26.66
CA ASN CC 2 124.76 61.78 26.64
C ASN CC 2 125.01 60.92 25.41
N LYS CC 3 124.45 59.72 25.43
CA LYS CC 3 124.63 58.78 24.34
C LYS CC 3 124.02 59.34 23.05
N PRO CC 4 124.75 59.35 21.94
CA PRO CC 4 124.13 59.70 20.66
C PRO CC 4 122.96 58.77 20.37
N MET CC 5 121.91 59.34 19.80
CA MET CC 5 120.61 58.70 19.74
C MET CC 5 120.42 58.22 18.30
N GLN CC 6 120.34 56.90 18.12
CA GLN CC 6 120.49 56.31 16.79
C GLN CC 6 119.14 56.25 16.09
N PRO CC 7 119.00 56.83 14.90
CA PRO CC 7 117.77 56.64 14.12
C PRO CC 7 117.65 55.22 13.63
N ILE CC 8 116.41 54.73 13.54
CA ILE CC 8 116.14 53.40 13.03
C ILE CC 8 115.18 53.44 11.85
N THR CC 9 114.13 54.25 11.92
CA THR CC 9 113.14 54.36 10.85
C THR CC 9 113.07 55.80 10.39
N SER CC 10 113.31 56.02 9.11
CA SER CC 10 113.30 57.36 8.52
C SER CC 10 112.26 57.44 7.42
N THR CC 11 111.47 58.51 7.45
CA THR CC 11 110.46 58.76 6.44
C THR CC 11 110.27 60.26 6.35
N ALA CC 12 109.74 60.71 5.21
CA ALA CC 12 109.49 62.14 5.02
C ALA CC 12 108.44 62.67 5.99
N ASN CC 13 107.65 61.80 6.61
CA ASN CC 13 106.63 62.21 7.55
C ASN CC 13 106.88 61.77 8.98
N LYS CC 14 107.88 60.92 9.22
CA LYS CC 14 108.12 60.42 10.57
C LYS CC 14 109.52 59.82 10.62
N ILE CC 15 110.28 60.20 11.65
CA ILE CC 15 111.60 59.64 11.90
C ILE CC 15 111.65 59.18 13.34
N VAL CC 16 112.17 57.98 13.57
CA VAL CC 16 112.23 57.38 14.89
C VAL CC 16 113.69 57.13 15.24
N TRP CC 17 114.09 57.60 16.42
CA TRP CC 17 115.43 57.34 16.94
C TRP CC 17 115.34 56.34 18.08
N SER CC 18 116.36 55.48 18.18
CA SER CC 18 116.45 54.50 19.24
C SER CC 18 117.85 54.49 19.81
N ASP CC 19 117.94 54.20 21.08
CA ASP CC 19 119.26 54.10 21.68
C ASP CC 19 119.84 52.72 21.43
N PRO CC 20 121.04 52.62 20.84
CA PRO CC 20 121.61 51.29 20.58
C PRO CC 20 121.79 50.47 21.83
N THR CC 21 122.14 51.10 22.96
CA THR CC 21 122.33 50.35 24.19
C THR CC 21 121.00 49.82 24.72
N ARG CC 22 119.98 50.68 24.79
CA ARG CC 22 118.64 50.30 25.22
C ARG CC 22 117.67 50.68 24.13
N LEU CC 23 117.18 49.69 23.40
CA LEU CC 23 116.25 49.95 22.30
C LEU CC 23 114.89 50.39 22.77
N SER CC 24 114.57 50.21 24.05
CA SER CC 24 113.28 50.65 24.57
C SER CC 24 113.14 52.16 24.50
N THR CC 25 114.19 52.89 24.86
CA THR CC 25 114.14 54.34 24.86
C THR CC 25 114.11 54.85 23.42
N THR CC 26 113.05 55.57 23.07
CA THR CC 26 112.87 56.05 21.71
C THR CC 26 112.45 57.52 21.74
N PHE CC 27 112.73 58.20 20.63
CA PHE CC 27 112.27 59.56 20.42
C PHE CC 27 111.91 59.71 18.95
N SER CC 28 110.62 59.93 18.69
CA SER CC 28 110.12 59.98 17.32
C SER CC 28 109.45 61.32 17.06
N ALA CC 29 109.74 61.89 15.89
CA ALA CC 29 109.15 63.14 15.46
C ALA CC 29 108.27 62.88 14.25
N SER CC 30 107.03 63.34 14.31
CA SER CC 30 106.09 63.19 13.22
C SER CC 30 105.59 64.57 12.81
N LEU CC 31 105.33 64.71 11.51
CA LEU CC 31 104.91 65.99 10.95
C LEU CC 31 103.60 65.81 10.19
N LEU CC 32 102.78 66.86 10.20
CA LEU CC 32 101.52 66.87 9.47
C LEU CC 32 101.39 68.24 8.80
N ARG CC 33 101.52 68.25 7.47
CA ARG CC 33 101.43 69.48 6.71
C ARG CC 33 100.00 69.67 6.24
N GLN CC 34 99.43 70.82 6.57
CA GLN CC 34 98.02 71.09 6.29
C GLN CC 34 97.88 72.47 5.68
N ARG CC 35 97.03 72.57 4.67
CA ARG CC 35 96.76 73.83 3.98
C ARG CC 35 95.53 74.48 4.62
N VAL CC 36 95.77 75.42 5.52
CA VAL CC 36 94.70 76.10 6.23
C VAL CC 36 94.30 77.35 5.46
N LYS CC 37 93.04 77.75 5.62
CA LYS CC 37 92.50 78.92 4.94
C LYS CC 37 92.07 79.96 5.98
N VAL CC 38 92.52 81.20 5.78
CA VAL CC 38 92.11 82.30 6.63
C VAL CC 38 91.48 83.37 5.75
N GLY CC 39 91.10 84.49 6.35
CA GLY CC 39 90.45 85.56 5.62
C GLY CC 39 91.18 85.98 4.36
N ILE CC 40 90.56 85.70 3.21
CA ILE CC 40 91.06 85.98 1.87
C ILE CC 40 92.56 85.71 1.78
N ALA CC 41 93.01 84.67 2.46
CA ALA CC 41 94.41 84.28 2.43
C ALA CC 41 94.52 82.80 2.78
N GLU CC 42 95.47 82.13 2.14
CA GLU CC 42 95.70 80.71 2.36
C GLU CC 42 97.08 80.55 2.98
N LEU CC 43 97.14 79.81 4.08
CA LEU CC 43 98.38 79.62 4.82
C LEU CC 43 98.71 78.15 4.93
N ASN CC 44 99.98 77.87 5.20
CA ASN CC 44 100.47 76.50 5.35
C ASN CC 44 100.63 76.22 6.83
N ASN CC 45 99.91 75.22 7.33
CA ASN CC 45 99.92 74.86 8.74
C ASN CC 45 100.68 73.55 8.92
N VAL CC 46 101.50 73.49 9.96
CA VAL CC 46 102.26 72.30 10.30
C VAL CC 46 101.91 71.87 11.71
N SER CC 47 101.82 70.56 11.93
CA SER CC 47 101.53 69.99 13.24
C SER CC 47 102.56 68.92 13.52
N GLY CC 48 103.53 69.23 14.38
CA GLY CC 48 104.60 68.29 14.64
C GLY CC 48 104.53 67.63 16.00
N GLN CC 49 104.39 66.31 16.02
CA GLN CC 49 104.38 65.56 17.27
C GLN CC 49 105.79 65.12 17.61
N TYR CC 50 106.17 65.34 18.87
CA TYR CC 50 107.49 64.94 19.36
C TYR CC 50 107.27 64.16 20.65
N VAL CC 51 107.39 62.84 20.56
CA VAL CC 51 107.16 61.95 21.69
C VAL CC 51 108.46 61.23 22.02
N SER CC 52 108.87 61.30 23.29
CA SER CC 52 110.04 60.58 23.78
C SER CC 52 109.58 59.61 24.86
N VAL CC 53 109.95 58.35 24.71
CA VAL CC 53 109.49 57.29 25.60
C VAL CC 53 110.70 56.64 26.25
N TYR CC 54 110.66 56.51 27.56
CA TYR CC 54 111.67 55.77 28.31
C TYR CC 54 110.95 54.77 29.20
N LYS CC 55 111.36 53.51 29.12
CA LYS CC 55 110.85 52.49 30.03
C LYS CC 55 111.78 52.41 31.22
N ARG CC 56 111.35 52.98 32.34
CA ARG CC 56 112.14 53.09 33.54
C ARG CC 56 111.61 52.13 34.60
N PRO CC 57 112.44 51.20 35.07
CA PRO CC 57 111.95 50.18 36.01
C PRO CC 57 111.50 50.78 37.33
N ALA CC 58 110.56 50.10 37.96
CA ALA CC 58 109.96 50.61 39.18
C ALA CC 58 111.03 50.77 40.26
N PRO CC 59 110.94 51.83 41.08
CA PRO CC 59 111.98 52.06 42.08
C PRO CC 59 112.01 50.96 43.12
N LYS CC 60 113.20 50.66 43.62
CA LYS CC 60 113.38 49.62 44.62
C LYS CC 60 113.81 50.28 45.92
N PRO CC 61 113.10 50.09 47.03
CA PRO CC 61 113.50 50.70 48.30
C PRO CC 61 114.97 50.49 48.64
N GLU CC 62 115.69 51.60 48.78
CA GLU CC 62 117.08 51.68 49.23
C GLU CC 62 118.03 50.85 48.39
N GLY CC 63 117.59 50.44 47.19
CA GLY CC 63 118.47 49.76 46.25
C GLY CC 63 118.54 48.27 46.50
N CYS CC 64 117.45 47.72 47.04
CA CYS CC 64 117.43 46.39 47.64
C CYS CC 64 116.92 45.36 46.63
N ALA CC 65 117.67 45.21 45.53
CA ALA CC 65 117.24 44.34 44.44
C ALA CC 65 118.38 43.43 43.99
N ASP CC 66 119.16 42.93 44.95
CA ASP CC 66 120.35 42.12 44.66
C ASP CC 66 121.21 42.90 43.67
N ALA CC 67 121.51 42.31 42.51
CA ALA CC 67 122.09 43.06 41.42
C ALA CC 67 121.30 42.82 40.14
N CYS CC 68 120.84 41.59 39.94
CA CYS CC 68 119.98 41.24 38.81
C CYS CC 68 118.77 40.47 39.32
N VAL CC 69 117.77 41.21 39.80
CA VAL CC 69 116.42 40.70 39.99
C VAL CC 69 115.49 41.73 39.39
N ILE CC 70 115.15 41.56 38.12
CA ILE CC 70 114.43 42.62 37.41
C ILE CC 70 112.98 42.66 37.85
N MET CC 71 112.49 43.87 38.07
CA MET CC 71 111.11 44.12 38.45
C MET CC 71 110.37 44.64 37.23
N PRO CC 72 109.05 44.53 37.16
CA PRO CC 72 108.33 44.98 35.97
C PRO CC 72 108.58 46.47 35.70
N ASN CC 73 108.64 46.79 34.41
CA ASN CC 73 109.11 48.08 33.95
C ASN CC 73 107.92 48.94 33.54
N GLU CC 74 107.78 50.10 34.18
CA GLU CC 74 106.72 51.03 33.85
C GLU CC 74 107.16 51.98 32.74
N ASN CC 75 106.23 52.79 32.27
CA ASN CC 75 106.44 53.61 31.08
C ASN CC 75 106.44 55.09 31.45
N GLN CC 76 107.43 55.82 30.94
CA GLN CC 76 107.49 57.27 31.04
C GLN CC 76 107.47 57.84 29.64
N SER CC 77 106.56 58.79 29.39
CA SER CC 77 106.40 59.37 28.07
C SER CC 77 106.18 60.87 28.17
N ILE CC 78 106.60 61.57 27.13
CA ILE CC 78 106.47 63.02 27.05
C ILE CC 78 106.11 63.36 25.60
N ARG CC 79 104.91 63.87 25.38
CA ARG CC 79 104.41 64.17 24.04
C ARG CC 79 104.19 65.67 23.92
N THR CC 80 104.64 66.25 22.80
CA THR CC 80 104.41 67.65 22.49
C THR CC 80 103.96 67.75 21.05
N VAL CC 81 103.07 68.70 20.77
CA VAL CC 81 102.69 69.03 19.40
C VAL CC 81 102.85 70.53 19.21
N ILE CC 82 103.37 70.92 18.06
CA ILE CC 82 103.55 72.33 17.73
C ILE CC 82 102.71 72.60 16.49
N SER CC 83 101.73 73.48 16.61
CA SER CC 83 100.82 73.80 15.52
C SER CC 83 100.91 75.28 15.21
N GLY CC 84 101.12 75.62 13.95
CA GLY CC 84 101.17 77.02 13.55
C GLY CC 84 101.52 77.13 12.09
N SER CC 85 101.40 78.36 11.58
CA SER CC 85 101.76 78.64 10.21
C SER CC 85 103.27 78.71 10.06
N ALA CC 86 103.75 78.35 8.86
CA ALA CC 86 105.17 78.35 8.61
C ALA CC 86 105.75 79.76 8.57
N GLU CC 87 104.98 80.73 8.06
CA GLU CC 87 105.49 82.09 7.93
C GLU CC 87 105.60 82.81 9.26
N ASN CC 88 104.73 82.50 10.23
CA ASN CC 88 104.85 83.03 11.57
C ASN CC 88 105.71 82.15 12.46
N LEU CC 89 106.62 81.38 11.86
CA LEU CC 89 107.52 80.55 12.65
C LEU CC 89 108.40 81.38 13.57
N ALA CC 90 108.89 82.52 13.09
CA ALA CC 90 109.81 83.33 13.89
C ALA CC 90 109.20 83.69 15.23
N THR CC 91 107.95 84.15 15.22
CA THR CC 91 107.25 84.39 16.48
C THR CC 91 106.77 83.10 17.13
N LEU CC 92 106.55 82.06 16.34
CA LEU CC 92 106.17 80.76 16.91
C LEU CC 92 107.28 80.21 17.79
N LYS CC 93 108.53 80.41 17.39
CA LYS CC 93 109.65 80.00 18.23
C LYS CC 93 109.57 80.68 19.59
N ALA CC 94 109.25 81.97 19.61
CA ALA CC 94 109.32 82.74 20.85
C ALA CC 94 108.34 82.21 21.89
N GLU CC 95 107.10 81.93 21.48
CA GLU CC 95 106.12 81.43 22.44
C GLU CC 95 106.52 80.05 22.95
N TRP CC 96 107.14 79.24 22.10
CA TRP CC 96 107.62 77.93 22.52
C TRP CC 96 108.61 78.07 23.67
N GLU CC 97 109.51 79.04 23.58
CA GLU CC 97 110.45 79.26 24.68
C GLU CC 97 109.73 79.64 25.95
N THR CC 98 108.74 80.53 25.86
CA THR CC 98 107.97 80.91 27.04
C THR CC 98 107.17 79.73 27.57
N HIS CC 99 106.63 78.90 26.66
CA HIS CC 99 105.91 77.72 27.08
C HIS CC 99 106.81 76.78 27.88
N LYS CC 100 108.07 76.67 27.48
CA LYS CC 100 109.02 75.89 28.26
C LYS CC 100 109.14 76.46 29.67
N ARG CC 101 109.25 77.79 29.78
CA ARG CC 101 109.35 78.42 31.08
C ARG CC 101 108.09 78.18 31.91
N ASN CC 102 106.93 78.30 31.30
CA ASN CC 102 105.68 78.13 32.03
C ASN CC 102 105.55 76.71 32.58
N VAL CC 103 105.91 75.71 31.78
CA VAL CC 103 105.87 74.34 32.28
C VAL CC 103 106.94 74.13 33.32
N ASP CC 104 108.13 74.71 33.11
CA ASP CC 104 109.22 74.53 34.05
C ASP CC 104 108.86 75.07 35.43
N THR CC 105 108.24 76.25 35.48
CA THR CC 105 107.93 76.84 36.77
C THR CC 105 106.83 76.07 37.49
N LEU CC 106 106.08 75.24 36.78
CA LEU CC 106 105.11 74.36 37.42
C LEU CC 106 105.65 72.98 37.69
N PHE CC 107 106.40 72.42 36.73
CA PHE CC 107 106.86 71.04 36.80
C PHE CC 107 108.26 70.92 37.38
N ALA CC 108 109.23 71.64 36.79
CA ALA CC 108 110.60 71.54 37.27
C ALA CC 108 110.75 72.12 38.66
N SER CC 109 110.26 73.34 38.87
CA SER CC 109 110.37 73.97 40.19
C SER CC 109 109.25 73.49 41.11
N GLY CC 110 108.01 73.72 40.70
CA GLY CC 110 106.89 73.30 41.51
C GLY CC 110 106.73 71.78 41.51
N ASN CC 111 105.81 71.32 42.35
CA ASN CC 111 105.55 69.89 42.51
C ASN CC 111 104.35 69.43 41.72
N ALA CC 112 104.12 70.02 40.54
CA ALA CC 112 103.04 69.54 39.68
C ALA CC 112 103.25 68.10 39.26
N GLY CC 113 104.50 67.66 39.20
CA GLY CC 113 104.75 66.25 38.89
C GLY CC 113 104.13 65.32 39.92
N LEU CC 114 104.22 65.69 41.19
CA LEU CC 114 103.58 64.90 42.23
C LEU CC 114 102.07 64.92 42.09
N GLY CC 115 101.51 66.02 41.61
CA GLY CC 115 100.08 66.09 41.38
C GLY CC 115 99.40 67.25 42.07
N PHE CC 116 100.17 68.25 42.48
CA PHE CC 116 99.63 69.42 43.16
C PHE CC 116 99.61 70.61 42.21
N LEU CC 117 98.53 71.38 42.26
CA LEU CC 117 98.43 72.60 41.47
C LEU CC 117 98.63 73.81 42.37
N ASP CC 118 99.34 74.81 41.84
CA ASP CC 118 99.69 76.00 42.59
C ASP CC 118 99.09 77.23 41.90
N PRO CC 119 97.90 77.65 42.32
CA PRO CC 119 97.27 78.81 41.66
C PRO CC 119 98.06 80.10 41.78
N THR CC 120 98.96 80.20 42.75
CA THR CC 120 99.74 81.41 42.94
C THR CC 120 101.06 81.40 42.18
N ALA CC 121 101.30 80.39 41.35
CA ALA CC 121 102.53 80.34 40.58
C ALA CC 121 102.58 81.46 39.56
N ALA CC 122 103.80 81.86 39.20
CA ALA CC 122 104.00 82.96 38.26
C ALA CC 122 103.96 82.42 36.83
N ILE CC 123 103.02 82.94 36.05
CA ILE CC 123 102.89 82.58 34.64
C ILE CC 123 103.04 83.84 33.81
N VAL CC 124 103.90 83.78 32.79
CA VAL CC 124 104.21 84.93 31.95
C VAL CC 124 103.76 84.62 30.53
N SER CC 125 103.17 85.61 29.88
CA SER CC 125 102.76 85.45 28.50
C SER CC 125 103.96 85.60 27.56
N SER CC 126 103.77 85.20 26.30
CA SER CC 126 104.83 85.30 25.32
C SER CC 126 105.19 86.75 25.05
N ASP CC 127 104.20 87.62 24.98
CA ASP CC 127 104.43 89.03 24.70
C ASP CC 127 105.19 89.68 25.84
N THR CC 128 105.98 90.70 25.50
CA THR CC 128 106.81 91.41 26.46
C THR CC 128 106.21 92.79 26.74
N THR CC 129 106.63 93.38 27.85
CA THR CC 129 106.16 94.70 28.25
C THR CC 129 106.61 95.76 27.26
N ALA DC 1 120.45 83.98 -9.08
CA ALA DC 1 120.58 83.08 -7.94
C ALA DC 1 119.21 82.74 -7.38
N ASN DC 2 118.57 81.75 -7.97
CA ASN DC 2 117.24 81.35 -7.54
C ASN DC 2 117.30 80.60 -6.22
N LYS DC 3 116.19 80.63 -5.49
CA LYS DC 3 116.11 79.92 -4.22
C LYS DC 3 116.09 78.42 -4.49
N PRO DC 4 117.02 77.66 -3.95
CA PRO DC 4 116.94 76.20 -4.07
C PRO DC 4 115.83 75.65 -3.19
N MET DC 5 115.31 74.50 -3.59
CA MET DC 5 114.34 73.77 -2.77
C MET DC 5 114.99 72.60 -2.09
N GLN DC 6 114.24 71.99 -1.17
CA GLN DC 6 114.59 70.71 -0.57
C GLN DC 6 113.37 69.81 -0.61
N PRO DC 7 113.58 68.50 -0.72
CA PRO DC 7 112.44 67.59 -0.83
C PRO DC 7 111.54 67.64 0.40
N ILE DC 8 110.24 67.56 0.18
CA ILE DC 8 109.26 67.45 1.24
C ILE DC 8 108.92 66.00 1.47
N THR DC 9 108.38 65.35 0.45
CA THR DC 9 107.92 63.97 0.53
C THR DC 9 108.80 63.10 -0.37
N SER DC 10 109.37 62.05 0.22
CA SER DC 10 110.12 61.06 -0.52
C SER DC 10 109.32 59.77 -0.55
N THR DC 11 109.04 59.29 -1.75
CA THR DC 11 108.25 58.09 -1.96
C THR DC 11 109.07 57.15 -2.83
N ALA DC 12 108.61 55.91 -2.98
CA ALA DC 12 109.30 54.95 -3.83
C ALA DC 12 109.48 55.48 -5.25
N ASN DC 13 108.58 56.32 -5.71
CA ASN DC 13 108.65 56.86 -7.05
C ASN DC 13 108.62 58.39 -7.09
N LYS DC 14 107.84 59.02 -6.21
CA LYS DC 14 107.59 60.45 -6.29
C LYS DC 14 108.44 61.22 -5.30
N ILE DC 15 109.06 62.30 -5.78
CA ILE DC 15 109.82 63.21 -4.94
C ILE DC 15 109.26 64.61 -5.15
N VAL DC 16 108.98 65.31 -4.05
CA VAL DC 16 108.35 66.63 -4.10
C VAL DC 16 109.24 67.61 -3.36
N TRP DC 17 109.67 68.66 -4.06
CA TRP DC 17 110.41 69.75 -3.46
C TRP DC 17 109.46 70.88 -3.08
N SER DC 18 109.99 71.84 -2.32
CA SER DC 18 109.24 73.03 -1.95
C SER DC 18 110.21 74.05 -1.37
N ASP DC 19 109.96 75.32 -1.66
CA ASP DC 19 110.84 76.39 -1.22
C ASP DC 19 110.60 76.71 0.24
N PRO DC 20 111.63 76.75 1.08
CA PRO DC 20 111.42 77.08 2.51
C PRO DC 20 110.79 78.45 2.71
N THR DC 21 111.19 79.44 1.93
CA THR DC 21 110.68 80.79 2.14
C THR DC 21 109.24 80.96 1.65
N ARG DC 22 108.76 80.06 0.80
CA ARG DC 22 107.39 80.12 0.31
C ARG DC 22 106.98 78.71 -0.05
N LEU DC 23 106.12 78.11 0.76
CA LEU DC 23 105.77 76.71 0.57
C LEU DC 23 104.76 76.50 -0.55
N SER DC 24 104.15 77.56 -1.07
CA SER DC 24 103.19 77.40 -2.15
C SER DC 24 103.87 76.85 -3.40
N THR DC 25 105.02 77.40 -3.77
CA THR DC 25 105.74 76.92 -4.93
C THR DC 25 106.39 75.57 -4.64
N THR DC 26 106.20 74.62 -5.55
CA THR DC 26 106.74 73.28 -5.39
C THR DC 26 107.27 72.79 -6.73
N PHE DC 27 107.75 71.55 -6.73
CA PHE DC 27 108.14 70.88 -7.96
C PHE DC 27 108.07 69.38 -7.69
N SER DC 28 107.19 68.69 -8.39
CA SER DC 28 106.96 67.27 -8.17
C SER DC 28 107.45 66.47 -9.37
N ALA DC 29 108.08 65.34 -9.09
CA ALA DC 29 108.57 64.44 -10.12
C ALA DC 29 108.24 63.01 -9.72
N SER DC 30 107.32 62.38 -10.45
CA SER DC 30 106.91 61.01 -10.19
C SER DC 30 107.20 60.17 -11.41
N LEU DC 31 107.80 59.00 -11.20
CA LEU DC 31 108.23 58.13 -12.29
C LEU DC 31 107.47 56.82 -12.23
N LEU DC 32 106.98 56.39 -13.38
CA LEU DC 32 106.28 55.12 -13.52
C LEU DC 32 107.07 54.25 -14.47
N ARG DC 33 107.71 53.21 -13.92
CA ARG DC 33 108.48 52.27 -14.71
C ARG DC 33 107.68 50.99 -14.88
N GLN DC 34 107.73 50.41 -16.07
CA GLN DC 34 106.94 49.21 -16.34
C GLN DC 34 107.52 48.53 -17.58
N ARG DC 35 107.49 47.20 -17.55
CA ARG DC 35 108.16 46.37 -18.55
C ARG DC 35 107.22 46.19 -19.74
N VAL DC 36 107.64 46.66 -20.91
CA VAL DC 36 106.85 46.57 -22.13
C VAL DC 36 107.51 45.59 -23.07
N LYS DC 37 106.70 44.69 -23.64
CA LYS DC 37 107.17 43.69 -24.57
C LYS DC 37 106.68 44.02 -25.98
N VAL DC 38 107.60 44.00 -26.93
CA VAL DC 38 107.26 44.18 -28.34
C VAL DC 38 107.70 42.92 -29.08
N GLY DC 39 107.54 42.92 -30.40
CA GLY DC 39 107.88 41.77 -31.21
C GLY DC 39 109.26 41.21 -30.93
N ILE DC 40 109.30 40.00 -30.37
CA ILE DC 40 110.50 39.27 -29.95
C ILE DC 40 111.56 40.20 -29.39
N ALA DC 41 111.14 41.19 -28.61
CA ALA DC 41 112.08 42.14 -28.02
C ALA DC 41 111.46 42.70 -26.75
N GLU DC 42 112.21 42.64 -25.66
CA GLU DC 42 111.75 43.17 -24.37
C GLU DC 42 112.45 44.48 -24.07
N LEU DC 43 111.71 45.43 -23.51
CA LEU DC 43 112.26 46.74 -23.23
C LEU DC 43 111.61 47.30 -21.97
N ASN DC 44 112.33 48.22 -21.33
CA ASN DC 44 111.86 48.88 -20.11
C ASN DC 44 111.33 50.25 -20.47
N ASN DC 45 110.09 50.53 -20.08
CA ASN DC 45 109.44 51.80 -20.38
C ASN DC 45 109.38 52.67 -19.13
N VAL DC 46 109.78 53.93 -19.29
CA VAL DC 46 109.78 54.89 -18.19
C VAL DC 46 108.92 56.07 -18.61
N SER DC 47 107.95 56.42 -17.77
CA SER DC 47 107.08 57.56 -18.00
C SER DC 47 107.05 58.39 -16.73
N GLY DC 48 107.75 59.52 -16.74
CA GLY DC 48 107.88 60.37 -15.58
C GLY DC 48 107.14 61.68 -15.77
N GLN DC 49 106.35 62.05 -14.76
CA GLN DC 49 105.62 63.31 -14.75
C GLN DC 49 106.40 64.32 -13.93
N TYR DC 50 106.57 65.53 -14.48
CA TYR DC 50 107.27 66.61 -13.80
C TYR DC 50 106.33 67.80 -13.73
N VAL DC 51 105.81 68.07 -12.54
CA VAL DC 51 104.80 69.11 -12.33
C VAL DC 51 105.42 70.23 -11.52
N SER DC 52 105.30 71.45 -12.03
CA SER DC 52 105.77 72.64 -11.34
C SER DC 52 104.61 73.61 -11.21
N VAL DC 53 104.29 74.00 -9.98
CA VAL DC 53 103.17 74.91 -9.71
C VAL DC 53 103.70 76.09 -8.91
N TYR DC 54 103.03 77.23 -9.04
CA TYR DC 54 103.40 78.44 -8.32
C TYR DC 54 102.13 79.24 -8.09
N LYS DC 55 101.74 79.40 -6.83
CA LYS DC 55 100.58 80.21 -6.52
C LYS DC 55 100.98 81.67 -6.58
N ARG DC 56 100.44 82.39 -7.56
CA ARG DC 56 100.95 83.72 -7.86
C ARG DC 56 99.85 84.77 -7.76
N PRO DC 57 100.14 85.92 -7.15
CA PRO DC 57 99.12 86.95 -6.99
C PRO DC 57 98.66 87.52 -8.33
N ALA DC 58 97.45 88.07 -8.32
CA ALA DC 58 96.82 88.66 -9.48
C ALA DC 58 97.56 89.93 -9.91
N PRO DC 59 97.35 90.40 -11.15
CA PRO DC 59 98.18 91.47 -11.71
C PRO DC 59 98.35 92.72 -10.86
N LYS DC 60 97.45 92.98 -9.89
CA LYS DC 60 97.58 94.17 -9.06
C LYS DC 60 97.55 95.43 -9.94
N PRO DC 61 96.38 95.85 -10.40
CA PRO DC 61 96.30 96.73 -11.57
C PRO DC 61 97.14 97.99 -11.46
N GLU DC 62 97.47 98.54 -12.62
CA GLU DC 62 98.50 99.56 -12.74
C GLU DC 62 98.12 100.85 -12.00
N GLY DC 63 99.06 101.77 -11.96
CA GLY DC 63 98.86 103.04 -11.30
C GLY DC 63 99.24 102.98 -9.83
N CYS DC 64 98.52 102.16 -9.07
CA CYS DC 64 98.76 102.09 -7.63
C CYS DC 64 99.88 101.14 -7.27
N ALA DC 65 101.04 101.68 -6.96
CA ALA DC 65 102.10 100.95 -6.28
C ALA DC 65 101.91 101.25 -4.80
N ASP DC 66 100.78 100.81 -4.26
CA ASP DC 66 100.39 101.08 -2.88
C ASP DC 66 101.48 100.67 -1.91
N ALA DC 67 101.77 99.36 -1.90
CA ALA DC 67 102.67 98.65 -0.99
C ALA DC 67 102.07 97.27 -0.78
N CYS DC 68 100.83 97.26 -0.29
CA CYS DC 68 100.07 96.01 -0.16
C CYS DC 68 98.58 96.35 -0.18
N VAL DC 69 97.96 96.11 -1.33
CA VAL DC 69 96.52 96.16 -1.49
C VAL DC 69 96.15 94.74 -1.94
N ILE DC 70 96.91 93.78 -1.42
CA ILE DC 70 97.03 92.44 -1.98
C ILE DC 70 95.66 91.86 -2.33
N MET DC 71 95.60 91.24 -3.50
CA MET DC 71 94.43 90.57 -4.03
C MET DC 71 94.74 89.09 -4.16
N PRO DC 72 93.75 88.21 -4.14
CA PRO DC 72 94.04 86.77 -4.01
C PRO DC 72 94.84 86.25 -5.19
N ASN DC 73 95.64 85.23 -4.89
CA ASN DC 73 96.59 84.67 -5.84
C ASN DC 73 95.96 83.56 -6.68
N GLU DC 74 96.50 83.41 -7.88
CA GLU DC 74 95.99 82.48 -8.88
C GLU DC 74 97.04 81.40 -9.13
N ASN DC 75 96.63 80.31 -9.77
CA ASN DC 75 97.45 79.12 -9.92
C ASN DC 75 98.13 79.10 -11.29
N GLN DC 76 99.44 78.90 -11.28
CA GLN DC 76 100.23 78.74 -12.50
C GLN DC 76 100.89 77.37 -12.45
N SER DC 77 100.45 76.45 -13.29
CA SER DC 77 100.93 75.07 -13.26
C SER DC 77 101.53 74.69 -14.60
N ILE DC 78 102.69 74.02 -14.55
CA ILE DC 78 103.33 73.45 -15.72
C ILE DC 78 103.66 72.01 -15.40
N ARG DC 79 103.14 71.07 -16.19
CA ARG DC 79 103.43 69.66 -16.00
C ARG DC 79 103.88 69.05 -17.32
N THR DC 80 104.81 68.10 -17.23
CA THR DC 80 105.41 67.46 -18.39
C THR DC 80 105.56 65.97 -18.12
N VAL DC 81 105.24 65.17 -19.13
CA VAL DC 81 105.43 63.72 -19.04
C VAL DC 81 106.34 63.29 -20.19
N ILE DC 82 107.35 62.50 -19.87
CA ILE DC 82 108.29 61.97 -20.85
C ILE DC 82 108.11 60.45 -20.85
N SER DC 83 107.61 59.91 -21.95
CA SER DC 83 107.38 58.48 -22.07
C SER DC 83 108.22 57.94 -23.20
N GLY DC 84 108.98 56.88 -22.92
CA GLY DC 84 109.83 56.27 -23.93
C GLY DC 84 110.59 55.12 -23.34
N SER DC 85 111.17 54.32 -24.24
CA SER DC 85 111.94 53.17 -23.82
C SER DC 85 113.28 53.60 -23.25
N ALA DC 86 113.77 52.84 -22.27
CA ALA DC 86 115.04 53.18 -21.63
C ALA DC 86 116.23 52.92 -22.53
N GLU DC 87 116.16 51.92 -23.41
CA GLU DC 87 117.31 51.57 -24.23
C GLU DC 87 117.66 52.64 -25.25
N ASN DC 88 116.66 53.21 -25.91
CA ASN DC 88 116.90 54.26 -26.90
C ASN DC 88 116.79 55.64 -26.26
N LEU DC 89 117.18 55.72 -24.99
CA LEU DC 89 117.10 56.99 -24.26
C LEU DC 89 117.98 58.05 -24.87
N ALA DC 90 119.07 57.66 -25.53
CA ALA DC 90 120.01 58.64 -26.07
C ALA DC 90 119.32 59.55 -27.08
N THR DC 91 118.50 58.97 -27.96
CA THR DC 91 117.75 59.81 -28.89
C THR DC 91 116.58 60.49 -28.21
N LEU DC 92 116.11 59.96 -27.08
CA LEU DC 92 115.00 60.59 -26.37
C LEU DC 92 115.40 61.95 -25.83
N LYS DC 93 116.64 62.10 -25.37
CA LYS DC 93 117.13 63.41 -24.95
C LYS DC 93 117.07 64.40 -26.11
N ALA DC 94 117.45 63.94 -27.30
CA ALA DC 94 117.36 64.80 -28.48
C ALA DC 94 115.93 65.21 -28.76
N GLU DC 95 114.99 64.27 -28.59
CA GLU DC 95 113.58 64.60 -28.75
C GLU DC 95 113.15 65.69 -27.78
N TRP DC 96 113.56 65.56 -26.52
CA TRP DC 96 113.20 66.57 -25.53
C TRP DC 96 113.81 67.91 -25.87
N GLU DC 97 115.06 67.92 -26.32
CA GLU DC 97 115.70 69.17 -26.70
C GLU DC 97 114.95 69.85 -27.82
N THR DC 98 114.58 69.09 -28.86
CA THR DC 98 113.80 69.66 -29.95
C THR DC 98 112.43 70.09 -29.49
N HIS DC 99 111.79 69.29 -28.64
CA HIS DC 99 110.48 69.64 -28.12
C HIS DC 99 110.51 70.98 -27.39
N LYS DC 100 111.62 71.26 -26.70
CA LYS DC 100 111.75 72.55 -26.04
C LYS DC 100 111.74 73.70 -27.05
N ARG DC 101 112.47 73.53 -28.15
CA ARG DC 101 112.53 74.60 -29.15
C ARG DC 101 111.17 74.85 -29.79
N ASN DC 102 110.43 73.78 -30.07
CA ASN DC 102 109.14 73.94 -30.72
C ASN DC 102 108.18 74.73 -29.85
N VAL DC 103 108.16 74.44 -28.54
CA VAL DC 103 107.32 75.21 -27.64
C VAL DC 103 107.79 76.64 -27.56
N ASP DC 104 109.11 76.84 -27.46
CA ASP DC 104 109.65 78.19 -27.31
C ASP DC 104 109.29 79.06 -28.51
N THR DC 105 109.45 78.52 -29.72
CA THR DC 105 109.14 79.31 -30.91
C THR DC 105 107.64 79.52 -31.06
N LEU DC 106 106.83 78.80 -30.28
CA LEU DC 106 105.39 78.95 -30.37
C LEU DC 106 104.80 79.70 -29.19
N PHE DC 107 105.34 79.52 -27.99
CA PHE DC 107 104.80 80.13 -26.79
C PHE DC 107 105.72 81.21 -26.24
N ALA DC 108 106.99 80.90 -25.99
CA ALA DC 108 107.92 81.90 -25.47
C ALA DC 108 108.11 83.03 -26.47
N SER DC 109 108.22 82.71 -27.75
CA SER DC 109 108.38 83.72 -28.78
C SER DC 109 107.07 84.09 -29.46
N GLY DC 110 106.15 83.14 -29.62
CA GLY DC 110 104.88 83.39 -30.27
C GLY DC 110 103.85 83.93 -29.31
N ASN DC 111 102.61 83.99 -29.80
CA ASN DC 111 101.49 84.49 -29.02
C ASN DC 111 100.55 83.37 -28.58
N ALA DC 112 101.07 82.15 -28.50
CA ALA DC 112 100.25 81.04 -28.03
C ALA DC 112 99.80 81.25 -26.59
N GLY DC 113 100.61 81.96 -25.80
CA GLY DC 113 100.21 82.22 -24.42
C GLY DC 113 98.93 83.02 -24.32
N LEU DC 114 98.78 84.03 -25.17
CA LEU DC 114 97.56 84.83 -25.14
C LEU DC 114 96.35 84.00 -25.51
N GLY DC 115 96.48 83.14 -26.52
CA GLY DC 115 95.37 82.35 -26.99
C GLY DC 115 95.31 82.33 -28.51
N PHE DC 116 96.28 82.98 -29.14
CA PHE DC 116 96.38 83.03 -30.59
C PHE DC 116 97.37 81.97 -31.07
N LEU DC 117 96.98 81.23 -32.10
CA LEU DC 117 97.82 80.19 -32.67
C LEU DC 117 98.20 80.59 -34.09
N ASP DC 118 99.49 80.48 -34.41
CA ASP DC 118 100.02 80.95 -35.68
C ASP DC 118 100.40 79.77 -36.54
N PRO DC 119 99.62 79.45 -37.58
CA PRO DC 119 99.96 78.29 -38.43
C PRO DC 119 101.27 78.46 -39.19
N THR DC 120 101.77 79.68 -39.33
CA THR DC 120 102.99 79.92 -40.10
C THR DC 120 104.25 79.80 -39.26
N ALA DC 121 104.14 79.41 -37.99
CA ALA DC 121 105.31 79.32 -37.12
C ALA DC 121 106.26 78.26 -37.64
N ALA DC 122 107.56 78.52 -37.50
CA ALA DC 122 108.58 77.59 -37.95
C ALA DC 122 108.79 76.49 -36.91
N ILE DC 123 108.33 75.28 -37.22
CA ILE DC 123 108.42 74.13 -36.33
C ILE DC 123 109.33 73.12 -37.00
N VAL DC 124 110.38 72.71 -36.29
CA VAL DC 124 111.44 71.89 -36.86
C VAL DC 124 111.49 70.55 -36.15
N SER DC 125 111.94 69.53 -36.86
CA SER DC 125 112.04 68.19 -36.31
C SER DC 125 113.37 67.98 -35.60
N SER DC 126 113.46 66.87 -34.86
CA SER DC 126 114.69 66.54 -34.16
C SER DC 126 115.79 66.15 -35.14
N ASP DC 127 115.48 65.26 -36.08
CA ASP DC 127 116.49 64.78 -37.01
C ASP DC 127 116.97 65.91 -37.92
N THR DC 128 118.28 65.93 -38.17
CA THR DC 128 118.87 66.93 -39.03
C THR DC 128 118.89 66.44 -40.47
N THR DC 129 119.31 67.32 -41.38
CA THR DC 129 119.38 66.99 -42.79
C THR DC 129 120.51 66.00 -43.06
N ALA EC 1 136.94 48.36 -10.29
CA ALA EC 1 135.92 49.42 -10.35
C ALA EC 1 134.58 48.84 -10.76
N ASN EC 2 133.71 48.60 -9.78
CA ASN EC 2 132.41 48.01 -10.06
C ASN EC 2 131.37 49.09 -10.28
N LYS EC 3 130.33 48.75 -11.03
CA LYS EC 3 129.22 49.67 -11.23
C LYS EC 3 128.49 49.89 -9.92
N PRO EC 4 128.31 51.14 -9.49
CA PRO EC 4 127.52 51.39 -8.29
C PRO EC 4 126.04 51.56 -8.62
N MET EC 5 125.17 50.86 -7.89
CA MET EC 5 123.75 51.02 -8.13
C MET EC 5 123.22 52.28 -7.46
N GLN EC 6 121.95 52.57 -7.70
CA GLN EC 6 121.22 53.59 -7.00
C GLN EC 6 119.85 53.03 -6.61
N PRO EC 7 119.28 53.51 -5.52
CA PRO EC 7 117.96 53.01 -5.09
C PRO EC 7 116.90 53.27 -6.15
N ILE EC 8 115.98 52.31 -6.28
CA ILE EC 8 114.88 52.41 -7.24
C ILE EC 8 113.56 52.49 -6.48
N THR EC 9 113.51 51.83 -5.32
CA THR EC 9 112.29 51.77 -4.52
C THR EC 9 112.69 51.90 -3.05
N SER EC 10 112.56 53.11 -2.52
CA SER EC 10 112.87 53.37 -1.12
C SER EC 10 111.62 53.24 -0.28
N THR EC 11 111.75 52.55 0.85
CA THR EC 11 110.63 52.33 1.74
C THR EC 11 111.19 52.15 3.15
N ALA EC 12 110.35 52.36 4.15
CA ALA EC 12 110.78 52.20 5.54
C ALA EC 12 111.18 50.77 5.85
N ASN EC 13 110.82 49.80 5.00
CA ASN EC 13 111.14 48.41 5.24
C ASN EC 13 112.06 47.82 4.17
N LYS EC 14 111.90 48.22 2.92
CA LYS EC 14 112.66 47.64 1.82
C LYS EC 14 113.28 48.74 0.97
N ILE EC 15 114.54 48.56 0.59
CA ILE EC 15 115.20 49.42 -0.37
C ILE EC 15 115.79 48.55 -1.47
N VAL EC 16 115.53 48.91 -2.72
CA VAL EC 16 115.93 48.11 -3.87
C VAL EC 16 116.90 48.93 -4.71
N TRP EC 17 118.09 48.37 -4.93
CA TRP EC 17 119.09 48.97 -5.80
C TRP EC 17 119.08 48.28 -7.15
N SER EC 18 119.23 49.07 -8.21
CA SER EC 18 119.32 48.53 -9.55
C SER EC 18 120.39 49.28 -10.31
N ASP EC 19 121.00 48.62 -11.28
CA ASP EC 19 122.11 49.21 -11.99
C ASP EC 19 121.62 50.02 -13.18
N PRO EC 20 122.08 51.26 -13.34
CA PRO EC 20 121.62 52.06 -14.48
C PRO EC 20 122.01 51.48 -15.82
N THR EC 21 123.24 50.99 -15.96
CA THR EC 21 123.68 50.45 -17.25
C THR EC 21 122.89 49.20 -17.62
N ARG EC 22 122.64 48.33 -16.65
CA ARG EC 22 121.88 47.09 -16.87
C ARG EC 22 120.76 47.05 -15.83
N LEU EC 23 119.53 47.30 -16.27
CA LEU EC 23 118.41 47.35 -15.35
C LEU EC 23 118.10 46.00 -14.73
N SER EC 24 118.58 44.91 -15.33
CA SER EC 24 118.28 43.59 -14.80
C SER EC 24 118.95 43.38 -13.44
N THR EC 25 120.19 43.82 -13.31
CA THR EC 25 120.92 43.63 -12.06
C THR EC 25 120.20 44.32 -10.91
N THR EC 26 120.03 43.61 -9.80
CA THR EC 26 119.23 44.10 -8.70
C THR EC 26 119.82 43.61 -7.39
N PHE EC 27 119.67 44.43 -6.34
CA PHE EC 27 120.07 44.05 -5.00
C PHE EC 27 119.08 44.68 -4.03
N SER EC 28 118.23 43.87 -3.43
CA SER EC 28 117.21 44.33 -2.50
C SER EC 28 117.59 43.99 -1.07
N ALA EC 29 117.09 44.78 -0.13
CA ALA EC 29 117.33 44.56 1.28
C ALA EC 29 116.08 44.95 2.06
N SER EC 30 115.46 43.98 2.71
CA SER EC 30 114.23 44.21 3.46
C SER EC 30 114.44 43.80 4.90
N LEU EC 31 113.94 44.63 5.82
CA LEU EC 31 114.09 44.40 7.24
C LEU EC 31 112.73 44.19 7.90
N LEU EC 32 112.73 43.40 8.97
CA LEU EC 32 111.53 43.17 9.76
C LEU EC 32 111.97 43.17 11.22
N ARG EC 33 111.62 44.23 11.94
CA ARG EC 33 112.00 44.39 13.34
C ARG EC 33 110.85 43.93 14.22
N GLN EC 34 111.16 43.09 15.19
CA GLN EC 34 110.14 42.44 16.01
C GLN EC 34 110.60 42.43 17.46
N ARG EC 35 109.62 42.51 18.36
CA ARG EC 35 109.85 42.44 19.80
C ARG EC 35 109.53 41.03 20.25
N VAL EC 36 110.55 40.33 20.76
CA VAL EC 36 110.42 38.93 21.16
C VAL EC 36 110.52 38.86 22.68
N LYS EC 37 109.60 38.11 23.29
CA LYS EC 37 109.50 37.99 24.74
C LYS EC 37 110.05 36.61 25.12
N VAL EC 38 111.36 36.54 25.34
CA VAL EC 38 111.98 35.35 25.88
C VAL EC 38 111.73 35.35 27.38
N GLY EC 39 112.04 34.23 28.05
CA GLY EC 39 111.81 34.13 29.47
C GLY EC 39 112.44 35.24 30.27
N ILE EC 40 111.62 35.92 31.07
CA ILE EC 40 111.99 37.02 31.98
C ILE EC 40 112.99 37.95 31.31
N ALA EC 41 112.79 38.22 30.02
CA ALA EC 41 113.63 39.16 29.29
C ALA EC 41 112.93 39.54 28.00
N GLU EC 42 112.99 40.82 27.64
CA GLU EC 42 112.44 41.32 26.39
C GLU EC 42 113.56 41.70 25.45
N LEU EC 43 113.55 41.12 24.25
CA LEU EC 43 114.59 41.34 23.26
C LEU EC 43 113.99 41.93 22.00
N ASN EC 44 114.77 42.74 21.31
CA ASN EC 44 114.36 43.36 20.05
C ASN EC 44 115.02 42.59 18.92
N ASN EC 45 114.22 41.85 18.16
CA ASN EC 45 114.72 40.99 17.11
C ASN EC 45 114.51 41.62 15.74
N VAL EC 46 115.48 41.42 14.85
CA VAL EC 46 115.40 41.87 13.48
C VAL EC 46 115.68 40.67 12.57
N SER EC 47 115.10 40.70 11.37
CA SER EC 47 115.31 39.63 10.39
C SER EC 47 115.64 40.30 9.06
N GLY EC 48 116.93 40.58 8.84
CA GLY EC 48 117.35 41.15 7.59
C GLY EC 48 117.31 40.13 6.46
N GLN EC 49 116.87 40.59 5.30
CA GLN EC 49 116.78 39.74 4.12
C GLN EC 49 117.37 40.50 2.93
N TYR EC 50 118.51 40.03 2.44
CA TYR EC 50 119.21 40.67 1.34
C TYR EC 50 119.19 39.73 0.14
N VAL EC 51 118.70 40.22 -0.98
CA VAL EC 51 118.55 39.42 -2.19
C VAL EC 51 119.34 40.08 -3.30
N SER EC 52 120.26 39.35 -3.90
CA SER EC 52 121.03 39.81 -5.05
C SER EC 52 120.65 38.98 -6.26
N VAL EC 53 120.27 39.63 -7.35
CA VAL EC 53 119.76 38.97 -8.53
C VAL EC 53 120.52 39.44 -9.75
N TYR EC 54 120.98 38.50 -10.56
CA TYR EC 54 121.58 38.78 -11.85
C TYR EC 54 120.99 37.82 -12.88
N LYS EC 55 120.78 38.33 -14.09
CA LYS EC 55 120.27 37.53 -15.19
C LYS EC 55 121.40 37.36 -16.21
N ARG EC 56 122.18 36.31 -16.01
CA ARG EC 56 123.33 36.03 -16.87
C ARG EC 56 122.87 35.28 -18.10
N PRO EC 57 123.35 35.62 -19.29
CA PRO EC 57 122.97 34.89 -20.50
C PRO EC 57 123.50 33.47 -20.48
N ALA EC 58 122.92 32.65 -21.35
CA ALA EC 58 123.22 31.23 -21.44
C ALA EC 58 124.66 31.02 -21.89
N PRO EC 59 125.20 29.81 -21.68
CA PRO EC 59 126.64 29.61 -21.91
C PRO EC 59 127.12 29.87 -23.33
N LYS EC 60 126.25 30.26 -24.26
CA LYS EC 60 126.66 30.75 -25.57
C LYS EC 60 127.54 29.71 -26.26
N PRO EC 61 126.94 28.62 -26.79
CA PRO EC 61 127.72 27.46 -27.25
C PRO EC 61 128.96 27.78 -28.07
N GLU EC 62 130.01 26.98 -27.86
CA GLU EC 62 131.29 27.21 -28.51
C GLU EC 62 131.17 27.10 -30.02
N GLY EC 63 132.02 27.85 -30.72
CA GLY EC 63 131.98 27.88 -32.17
C GLY EC 63 130.92 28.84 -32.68
N CYS EC 64 129.80 28.90 -31.95
CA CYS EC 64 128.72 29.81 -32.28
C CYS EC 64 129.07 31.25 -31.98
N ALA EC 65 129.32 32.04 -33.02
CA ALA EC 65 129.39 33.49 -32.90
C ALA EC 65 128.87 34.07 -34.21
N ASP EC 66 127.57 34.33 -34.26
CA ASP EC 66 127.00 35.08 -35.36
C ASP EC 66 127.13 36.57 -35.08
N ALA EC 67 126.42 37.02 -34.05
CA ALA EC 67 126.37 38.41 -33.61
C ALA EC 67 125.21 38.58 -32.63
N CYS EC 68 124.00 38.37 -33.11
CA CYS EC 68 122.79 38.63 -32.33
C CYS EC 68 121.92 37.39 -32.18
N VAL EC 69 122.54 36.21 -32.06
CA VAL EC 69 121.79 34.99 -31.75
C VAL EC 69 121.07 35.15 -30.41
N ILE EC 70 121.71 35.86 -29.48
CA ILE EC 70 121.19 36.21 -28.16
C ILE EC 70 120.24 35.16 -27.58
N MET EC 71 120.80 34.03 -27.19
CA MET EC 71 120.02 33.01 -26.49
C MET EC 71 119.59 33.52 -25.12
N PRO EC 72 118.45 33.02 -24.63
CA PRO EC 72 117.86 33.58 -23.42
C PRO EC 72 118.76 33.44 -22.21
N ASN EC 73 118.66 34.41 -21.30
CA ASN EC 73 119.47 34.44 -20.09
C ASN EC 73 118.81 33.66 -18.97
N GLU EC 74 119.64 33.05 -18.14
CA GLU EC 74 119.19 32.33 -16.96
C GLU EC 74 119.08 33.30 -15.79
N ASN EC 75 118.69 32.75 -14.63
CA ASN EC 75 118.53 33.53 -13.41
C ASN EC 75 119.59 33.10 -12.40
N GLN EC 76 120.34 34.07 -11.90
CA GLN EC 76 121.35 33.83 -10.86
C GLN EC 76 120.92 34.60 -9.62
N SER EC 77 120.51 33.87 -8.58
CA SER EC 77 119.95 34.47 -7.38
C SER EC 77 120.73 34.06 -6.16
N ILE EC 78 120.94 35.01 -5.24
CA ILE EC 78 121.62 34.78 -3.97
C ILE EC 78 120.89 35.61 -2.93
N ARG EC 79 120.27 34.95 -1.96
CA ARG EC 79 119.59 35.64 -0.88
C ARG EC 79 120.07 35.10 0.46
N THR EC 80 120.15 35.99 1.45
CA THR EC 80 120.55 35.63 2.79
C THR EC 80 119.55 36.20 3.79
N VAL EC 81 119.34 35.46 4.87
CA VAL EC 81 118.45 35.89 5.95
C VAL EC 81 119.27 35.87 7.24
N ILE EC 82 119.34 37.02 7.90
CA ILE EC 82 120.06 37.15 9.15
C ILE EC 82 119.04 37.56 10.22
N SER EC 83 118.89 36.72 11.24
CA SER EC 83 117.93 36.98 12.30
C SER EC 83 118.62 36.88 13.65
N GLY EC 84 118.26 37.77 14.55
CA GLY EC 84 118.82 37.76 15.89
C GLY EC 84 118.50 39.05 16.61
N SER EC 85 118.70 39.00 17.93
CA SER EC 85 118.44 40.17 18.77
C SER EC 85 119.47 41.25 18.50
N ALA EC 86 119.00 42.50 18.45
CA ALA EC 86 119.91 43.62 18.25
C ALA EC 86 120.83 43.80 19.46
N GLU EC 87 120.43 43.29 20.62
CA GLU EC 87 121.26 43.41 21.81
C GLU EC 87 122.53 42.58 21.70
N ASN EC 88 122.46 41.45 21.01
CA ASN EC 88 123.62 40.61 20.76
C ASN EC 88 124.23 40.88 19.39
N LEU EC 89 124.09 42.10 18.90
CA LEU EC 89 124.56 42.42 17.55
C LEU EC 89 126.06 42.24 17.43
N ALA EC 90 126.81 42.69 18.45
CA ALA EC 90 128.27 42.66 18.36
C ALA EC 90 128.76 41.23 18.20
N THR EC 91 128.25 40.30 19.00
CA THR EC 91 128.66 38.91 18.86
C THR EC 91 128.02 38.26 17.65
N LEU EC 92 126.86 38.77 17.22
CA LEU EC 92 126.19 38.16 16.06
C LEU EC 92 126.99 38.39 14.79
N LYS EC 93 127.71 39.51 14.71
CA LYS EC 93 128.57 39.75 13.56
C LYS EC 93 129.66 38.71 13.45
N ALA EC 94 130.02 38.06 14.56
CA ALA EC 94 131.07 37.05 14.51
C ALA EC 94 130.63 35.85 13.68
N GLU EC 95 129.41 35.37 13.88
CA GLU EC 95 128.94 34.24 13.09
C GLU EC 95 128.81 34.60 11.63
N TRP EC 96 128.54 35.87 11.33
CA TRP EC 96 128.50 36.30 9.94
C TRP EC 96 129.85 36.09 9.27
N GLU EC 97 130.92 36.36 10.01
CA GLU EC 97 132.26 36.11 9.48
C GLU EC 97 132.49 34.62 9.25
N THR EC 98 132.17 33.80 10.25
CA THR EC 98 132.42 32.38 10.10
C THR EC 98 131.42 31.75 9.13
N HIS EC 99 130.26 32.37 8.94
CA HIS EC 99 129.36 31.93 7.89
C HIS EC 99 130.01 32.09 6.53
N LYS EC 100 130.71 33.20 6.32
CA LYS EC 100 131.48 33.38 5.09
C LYS EC 100 132.52 32.28 4.95
N ARG EC 101 133.27 32.03 6.02
CA ARG EC 101 134.35 31.04 5.95
C ARG EC 101 133.82 29.67 5.63
N ASN EC 102 132.73 29.27 6.30
CA ASN EC 102 132.19 27.93 6.10
C ASN EC 102 131.67 27.76 4.68
N VAL EC 103 130.98 28.76 4.15
CA VAL EC 103 130.47 28.66 2.79
C VAL EC 103 131.62 28.69 1.79
N ASP EC 104 132.56 29.61 1.98
CA ASP EC 104 133.67 29.74 1.04
C ASP EC 104 134.49 28.45 0.98
N THR EC 105 134.80 27.88 2.15
CA THR EC 105 135.59 26.65 2.16
C THR EC 105 134.78 25.47 1.63
N LEU EC 106 133.47 25.63 1.47
CA LEU EC 106 132.64 24.54 1.00
C LEU EC 106 132.17 24.76 -0.43
N PHE EC 107 131.90 26.01 -0.81
CA PHE EC 107 131.39 26.31 -2.15
C PHE EC 107 132.37 27.11 -2.98
N ALA EC 108 132.85 28.24 -2.47
CA ALA EC 108 133.77 29.07 -3.26
C ALA EC 108 135.09 28.35 -3.49
N SER EC 109 135.65 27.73 -2.46
CA SER EC 109 136.88 26.97 -2.60
C SER EC 109 136.61 25.54 -3.05
N GLY EC 110 135.54 24.92 -2.54
CA GLY EC 110 135.16 23.58 -2.95
C GLY EC 110 134.40 23.59 -4.25
N ASN EC 111 133.86 22.42 -4.59
CA ASN EC 111 133.06 22.26 -5.80
C ASN EC 111 131.60 21.99 -5.48
N ALA EC 112 131.10 22.54 -4.38
CA ALA EC 112 129.69 22.35 -4.04
C ALA EC 112 128.77 22.97 -5.07
N GLY EC 113 129.24 23.99 -5.79
CA GLY EC 113 128.43 24.58 -6.84
C GLY EC 113 128.07 23.57 -7.92
N LEU EC 114 129.00 22.67 -8.24
CA LEU EC 114 128.69 21.59 -9.17
C LEU EC 114 127.62 20.67 -8.63
N GLY EC 115 127.50 20.54 -7.31
CA GLY EC 115 126.49 19.70 -6.72
C GLY EC 115 127.09 18.55 -5.92
N PHE EC 116 128.33 18.71 -5.50
CA PHE EC 116 129.03 17.68 -4.73
C PHE EC 116 129.19 18.13 -3.30
N LEU EC 117 128.90 17.23 -2.37
CA LEU EC 117 129.05 17.49 -0.95
C LEU EC 117 130.27 16.75 -0.44
N ASP EC 118 131.18 17.47 0.22
CA ASP EC 118 132.40 16.86 0.69
C ASP EC 118 132.32 16.69 2.20
N PRO EC 119 132.09 15.47 2.71
CA PRO EC 119 131.99 15.30 4.16
C PRO EC 119 133.25 15.70 4.92
N THR EC 120 134.43 15.50 4.34
CA THR EC 120 135.67 15.82 5.02
C THR EC 120 136.03 17.29 4.94
N ALA EC 121 135.10 18.15 4.54
CA ALA EC 121 135.36 19.58 4.52
C ALA EC 121 135.61 20.10 5.93
N ALA EC 122 136.62 20.96 6.06
CA ALA EC 122 137.05 21.46 7.36
C ALA EC 122 136.41 22.81 7.59
N ILE EC 123 135.16 22.81 8.03
CA ILE EC 123 134.47 24.03 8.43
C ILE EC 123 134.66 24.20 9.92
N VAL EC 124 134.55 25.44 10.39
CA VAL EC 124 134.96 25.77 11.74
C VAL EC 124 133.90 26.66 12.37
N SER EC 125 133.87 26.68 13.70
CA SER EC 125 132.82 27.35 14.45
C SER EC 125 133.19 28.80 14.75
N SER EC 126 132.24 29.50 15.35
CA SER EC 126 132.49 30.88 15.74
C SER EC 126 133.40 30.96 16.96
N ASP EC 127 133.16 30.10 17.95
CA ASP EC 127 133.95 30.12 19.17
C ASP EC 127 135.39 29.72 18.89
N THR EC 128 136.33 30.42 19.51
CA THR EC 128 137.74 30.16 19.33
C THR EC 128 138.32 29.49 20.58
N THR EC 129 139.43 28.79 20.38
CA THR EC 129 140.10 28.10 21.47
C THR EC 129 140.66 29.09 22.48
N ALA FC 1 119.22 21.56 -83.58
CA ALA FC 1 119.89 20.98 -82.41
C ALA FC 1 118.91 20.81 -81.26
N ASN FC 2 117.80 20.13 -81.54
CA ASN FC 2 116.75 19.89 -80.56
C ASN FC 2 116.74 18.42 -80.19
N LYS FC 3 116.74 18.13 -78.90
CA LYS FC 3 116.72 16.74 -78.47
C LYS FC 3 115.37 16.14 -78.81
N PRO FC 4 115.31 15.07 -79.61
CA PRO FC 4 114.03 14.47 -79.94
C PRO FC 4 113.42 13.78 -78.74
N MET FC 5 112.09 13.76 -78.69
CA MET FC 5 111.43 12.94 -77.68
C MET FC 5 111.43 11.48 -78.12
N GLN FC 6 110.91 10.62 -77.25
CA GLN FC 6 110.77 9.22 -77.56
C GLN FC 6 109.34 8.81 -77.27
N PRO FC 7 108.72 8.02 -78.15
CA PRO FC 7 107.33 7.64 -77.94
C PRO FC 7 107.16 6.89 -76.63
N ILE FC 8 106.06 7.19 -75.94
CA ILE FC 8 105.76 6.54 -74.67
C ILE FC 8 104.53 5.65 -74.74
N THR FC 9 103.55 5.97 -75.60
CA THR FC 9 102.36 5.14 -75.73
C THR FC 9 102.02 5.11 -77.22
N SER FC 10 102.29 3.97 -77.86
CA SER FC 10 102.02 3.79 -79.28
C SER FC 10 100.69 3.08 -79.46
N THR FC 11 99.83 3.66 -80.30
CA THR FC 11 98.52 3.09 -80.57
C THR FC 11 98.11 3.53 -81.96
N ALA FC 12 97.13 2.83 -82.53
CA ALA FC 12 96.60 3.21 -83.83
C ALA FC 12 95.89 4.56 -83.80
N ASN FC 13 95.58 5.07 -82.62
CA ASN FC 13 94.87 6.34 -82.49
C ASN FC 13 95.73 7.43 -81.85
N LYS FC 14 96.39 7.14 -80.74
CA LYS FC 14 97.15 8.13 -80.01
C LYS FC 14 98.62 7.74 -79.97
N ILE FC 15 99.50 8.70 -80.25
CA ILE FC 15 100.92 8.54 -80.03
C ILE FC 15 101.38 9.69 -79.14
N VAL FC 16 102.07 9.36 -78.06
CA VAL FC 16 102.53 10.35 -77.08
C VAL FC 16 104.05 10.30 -77.04
N TRP FC 17 104.67 11.44 -77.27
CA TRP FC 17 106.12 11.59 -77.15
C TRP FC 17 106.44 12.37 -75.89
N SER FC 18 107.55 12.02 -75.25
CA SER FC 18 108.02 12.73 -74.08
C SER FC 18 109.54 12.78 -74.11
N ASP FC 19 110.09 13.88 -73.63
CA ASP FC 19 111.53 14.05 -73.65
C ASP FC 19 112.18 13.14 -72.61
N PRO FC 20 113.16 12.32 -72.99
CA PRO FC 20 113.74 11.39 -72.01
C PRO FC 20 114.35 12.08 -70.81
N THR FC 21 114.96 13.25 -71.00
CA THR FC 21 115.55 13.96 -69.85
C THR FC 21 114.46 14.55 -68.97
N ARG FC 22 113.47 15.18 -69.57
CA ARG FC 22 112.38 15.84 -68.83
C ARG FC 22 111.07 15.22 -69.30
N LEU FC 23 110.51 14.32 -68.48
CA LEU FC 23 109.28 13.64 -68.84
C LEU FC 23 108.05 14.52 -68.70
N SER FC 24 108.16 15.69 -68.07
CA SER FC 24 107.01 16.56 -67.92
C SER FC 24 106.53 17.08 -69.27
N THR FC 25 107.45 17.52 -70.12
CA THR FC 25 107.07 18.00 -71.44
C THR FC 25 106.67 16.85 -72.34
N THR FC 26 105.59 17.05 -73.09
CA THR FC 26 105.03 16.00 -73.93
C THR FC 26 104.57 16.59 -75.25
N PHE FC 27 104.24 15.69 -76.18
CA PHE FC 27 103.60 16.08 -77.43
C PHE FC 27 102.81 14.87 -77.92
N SER FC 28 101.49 14.95 -77.88
CA SER FC 28 100.63 13.84 -78.21
C SER FC 28 99.79 14.17 -79.43
N ALA FC 29 99.62 13.16 -80.30
CA ALA FC 29 98.81 13.32 -81.51
C ALA FC 29 97.70 12.28 -81.48
N SER FC 30 96.48 12.70 -81.77
CA SER FC 30 95.33 11.82 -81.78
C SER FC 30 94.52 12.05 -83.05
N LEU FC 31 94.12 10.96 -83.69
CA LEU FC 31 93.37 11.01 -84.93
C LEU FC 31 92.00 10.38 -84.73
N LEU FC 32 90.97 11.06 -85.20
CA LEU FC 32 89.61 10.56 -85.19
C LEU FC 32 89.10 10.57 -86.63
N ARG FC 33 88.93 9.39 -87.22
CA ARG FC 33 88.53 9.25 -88.60
C ARG FC 33 87.03 8.98 -88.66
N GLN FC 34 86.33 9.74 -89.50
CA GLN FC 34 84.88 9.68 -89.57
C GLN FC 34 84.44 9.73 -91.02
N ARG FC 35 83.39 8.98 -91.36
CA ARG FC 35 82.80 9.00 -92.69
C ARG FC 35 81.67 10.01 -92.71
N VAL FC 36 81.92 11.15 -93.33
CA VAL FC 36 80.93 12.22 -93.41
C VAL FC 36 80.14 12.06 -94.71
N LYS FC 37 78.88 12.47 -94.68
CA LYS FC 37 78.00 12.39 -95.82
C LYS FC 37 77.81 13.78 -96.42
N VAL FC 38 78.16 13.93 -97.69
CA VAL FC 38 77.88 15.15 -98.42
C VAL FC 38 76.89 14.79 -99.53
N GLY FC 39 76.49 15.78 -100.33
CA GLY FC 39 75.56 15.55 -101.41
C GLY FC 39 75.88 14.33 -102.25
N ILE FC 40 74.96 13.35 -102.20
CA ILE FC 40 75.06 12.05 -102.88
C ILE FC 40 76.48 11.51 -102.90
N ALA FC 41 77.20 11.66 -101.79
CA ALA FC 41 78.56 11.15 -101.71
C ALA FC 41 78.95 10.96 -100.25
N GLU FC 42 79.65 9.86 -99.99
CA GLU FC 42 80.20 9.56 -98.67
C GLU FC 42 81.70 9.81 -98.71
N LEU FC 43 82.17 10.68 -97.82
CA LEU FC 43 83.58 11.04 -97.79
C LEU FC 43 84.14 10.80 -96.40
N ASN FC 44 85.45 10.59 -96.34
CA ASN FC 44 86.14 10.30 -95.10
C ASN FC 44 86.71 11.58 -94.52
N ASN FC 45 86.38 11.87 -93.27
CA ASN FC 45 86.84 13.05 -92.57
C ASN FC 45 87.70 12.64 -91.38
N VAL FC 46 88.84 13.31 -91.21
CA VAL FC 46 89.79 12.99 -90.15
C VAL FC 46 89.96 14.23 -89.29
N SER FC 47 89.84 14.07 -87.98
CA SER FC 47 90.05 15.15 -87.03
C SER FC 47 91.33 14.85 -86.25
N GLY FC 48 92.44 15.43 -86.69
CA GLY FC 48 93.73 15.20 -86.09
C GLY FC 48 94.00 16.20 -84.99
N GLN FC 49 94.01 15.72 -83.75
CA GLN FC 49 94.26 16.55 -82.59
C GLN FC 49 95.72 16.42 -82.18
N TYR FC 50 96.41 17.55 -82.12
CA TYR FC 50 97.82 17.59 -81.73
C TYR FC 50 97.95 18.49 -80.52
N VAL FC 51 98.50 17.97 -79.44
CA VAL FC 51 98.65 18.70 -78.19
C VAL FC 51 100.12 18.72 -77.81
N SER FC 52 100.65 19.91 -77.59
CA SER FC 52 102.02 20.09 -77.10
C SER FC 52 101.94 20.76 -75.75
N VAL FC 53 102.53 20.12 -74.74
CA VAL FC 53 102.46 20.60 -73.36
C VAL FC 53 103.88 20.73 -72.82
N TYR FC 54 104.16 21.87 -72.20
CA TYR FC 54 105.41 22.07 -71.49
C TYR FC 54 105.10 22.51 -70.07
N LYS FC 55 105.84 21.96 -69.12
CA LYS FC 55 105.68 22.32 -67.72
C LYS FC 55 106.79 23.26 -67.33
N ARG FC 56 106.44 24.49 -66.98
CA ARG FC 56 107.46 25.50 -66.78
C ARG FC 56 107.28 26.25 -65.48
N PRO FC 57 108.36 26.52 -64.75
CA PRO FC 57 108.26 27.35 -63.55
C PRO FC 57 107.96 28.80 -63.89
N ALA FC 58 107.33 29.48 -62.95
CA ALA FC 58 107.09 30.91 -63.09
C ALA FC 58 108.43 31.64 -63.18
N PRO FC 59 108.51 32.73 -63.94
CA PRO FC 59 109.80 33.42 -64.11
C PRO FC 59 110.33 33.93 -62.78
N LYS FC 60 111.65 33.82 -62.61
CA LYS FC 60 112.30 34.27 -61.39
C LYS FC 60 112.17 35.79 -61.29
N PRO FC 61 111.62 36.30 -60.19
CA PRO FC 61 111.48 37.76 -60.05
C PRO FC 61 112.81 38.50 -60.15
N GLU FC 62 112.79 39.60 -60.89
CA GLU FC 62 113.91 40.53 -61.07
C GLU FC 62 115.24 39.84 -61.36
N GLY FC 63 115.21 38.64 -61.93
CA GLY FC 63 116.40 38.00 -62.46
C GLY FC 63 117.53 37.82 -61.47
N CYS FC 64 117.20 37.33 -60.27
CA CYS FC 64 118.19 37.18 -59.21
C CYS FC 64 118.06 35.82 -58.55
N ALA FC 65 118.07 34.75 -59.36
CA ALA FC 65 117.73 33.43 -58.86
C ALA FC 65 118.80 32.91 -57.90
N ASP FC 66 118.81 33.47 -56.69
CA ASP FC 66 119.64 32.92 -55.62
C ASP FC 66 119.13 31.57 -55.17
N ALA FC 67 117.81 31.44 -55.02
CA ALA FC 67 117.20 30.18 -54.60
C ALA FC 67 117.22 29.18 -55.74
N CYS FC 68 118.25 28.33 -55.77
CA CYS FC 68 118.30 27.27 -56.78
C CYS FC 68 117.56 26.03 -56.29
N VAL FC 69 116.90 26.13 -55.15
CA VAL FC 69 115.90 25.15 -54.73
C VAL FC 69 114.72 25.31 -55.67
N ILE FC 70 113.90 24.27 -55.81
CA ILE FC 70 112.80 24.27 -56.77
C ILE FC 70 111.77 25.33 -56.40
N MET FC 71 110.94 25.70 -57.37
CA MET FC 71 109.92 26.73 -57.23
C MET FC 71 108.78 26.28 -58.15
N PRO FC 72 107.55 26.21 -57.64
CA PRO FC 72 106.50 25.48 -58.35
C PRO FC 72 106.20 26.03 -59.73
N ASN FC 73 105.80 25.12 -60.61
CA ASN FC 73 105.72 25.37 -62.04
C ASN FC 73 104.27 25.40 -62.51
N GLU FC 74 104.09 25.89 -63.73
CA GLU FC 74 102.79 26.09 -64.33
C GLU FC 74 102.73 25.44 -65.71
N ASN FC 75 101.59 25.58 -66.37
CA ASN FC 75 101.28 24.82 -67.58
C ASN FC 75 101.32 25.71 -68.81
N GLN FC 76 102.12 25.32 -69.79
CA GLN FC 76 102.13 25.93 -71.12
C GLN FC 76 101.60 24.89 -72.09
N SER FC 77 100.46 25.19 -72.73
CA SER FC 77 99.78 24.23 -73.59
C SER FC 77 99.47 24.85 -74.93
N ILE FC 78 99.65 24.06 -75.99
CA ILE FC 78 99.25 24.43 -77.34
C ILE FC 78 98.52 23.23 -77.93
N ARG FC 79 97.27 23.45 -78.33
CA ARG FC 79 96.42 22.39 -78.85
C ARG FC 79 95.90 22.77 -80.22
N THR FC 80 95.99 21.84 -81.16
CA THR FC 80 95.57 22.07 -82.53
C THR FC 80 94.78 20.87 -83.03
N VAL FC 81 93.66 21.14 -83.70
CA VAL FC 81 92.88 20.10 -84.34
C VAL FC 81 92.70 20.47 -85.80
N ILE FC 82 92.83 19.49 -86.68
CA ILE FC 82 92.70 19.68 -88.12
C ILE FC 82 91.56 18.79 -88.61
N SER FC 83 90.55 19.39 -89.20
CA SER FC 83 89.39 18.65 -89.69
C SER FC 83 89.22 18.90 -91.18
N GLY FC 84 88.94 17.83 -91.92
CA GLY FC 84 88.71 17.97 -93.35
C GLY FC 84 88.74 16.61 -94.01
N SER FC 85 88.20 16.58 -95.23
CA SER FC 85 88.16 15.35 -95.99
C SER FC 85 89.56 14.94 -96.40
N ALA FC 86 89.78 13.62 -96.46
CA ALA FC 86 91.10 13.10 -96.75
C ALA FC 86 91.54 13.46 -98.17
N GLU FC 87 90.63 13.37 -99.14
CA GLU FC 87 91.01 13.58 -100.53
C GLU FC 87 91.43 15.03 -100.78
N ASN FC 88 90.96 15.95 -99.96
CA ASN FC 88 91.31 17.36 -100.07
C ASN FC 88 92.56 17.70 -99.28
N LEU FC 89 93.41 16.70 -99.04
CA LEU FC 89 94.61 16.93 -98.23
C LEU FC 89 95.53 17.94 -98.89
N ALA FC 90 95.70 17.87 -100.21
CA ALA FC 90 96.61 18.77 -100.90
C ALA FC 90 96.19 20.23 -100.71
N THR FC 91 94.91 20.52 -100.92
CA THR FC 91 94.43 21.88 -100.72
C THR FC 91 94.35 22.23 -99.24
N LEU FC 92 94.08 21.25 -98.37
CA LEU FC 92 94.01 21.54 -96.95
C LEU FC 92 95.39 21.87 -96.39
N LYS FC 93 96.45 21.26 -96.93
CA LYS FC 93 97.79 21.56 -96.46
C LYS FC 93 98.12 23.03 -96.69
N ALA FC 94 97.72 23.58 -97.84
CA ALA FC 94 97.93 25.00 -98.08
C ALA FC 94 97.22 25.85 -97.04
N GLU FC 95 96.05 25.39 -96.58
CA GLU FC 95 95.35 26.10 -95.52
C GLU FC 95 96.16 26.12 -94.24
N TRP FC 96 96.80 25.00 -93.92
CA TRP FC 96 97.66 24.95 -92.74
C TRP FC 96 98.78 25.98 -92.82
N GLU FC 97 99.26 26.26 -94.04
CA GLU FC 97 100.29 27.27 -94.20
C GLU FC 97 99.77 28.65 -93.84
N THR FC 98 98.63 29.04 -94.42
CA THR FC 98 98.09 30.36 -94.15
C THR FC 98 97.67 30.51 -92.70
N HIS FC 99 97.07 29.47 -92.12
CA HIS FC 99 96.68 29.52 -90.73
C HIS FC 99 97.89 29.76 -89.83
N LYS FC 100 99.02 29.17 -90.18
CA LYS FC 100 100.26 29.46 -89.46
C LYS FC 100 100.61 30.93 -89.59
N ARG FC 101 100.52 31.47 -90.80
CA ARG FC 101 100.94 32.85 -91.03
C ARG FC 101 100.00 33.83 -90.35
N ASN FC 102 98.69 33.57 -90.39
CA ASN FC 102 97.74 34.46 -89.74
C ASN FC 102 97.98 34.53 -88.24
N VAL FC 103 98.18 33.38 -87.61
CA VAL FC 103 98.44 33.35 -86.18
C VAL FC 103 99.77 34.04 -85.87
N ASP FC 104 100.76 33.86 -86.76
CA ASP FC 104 102.08 34.45 -86.53
C ASP FC 104 101.99 35.96 -86.42
N THR FC 105 101.22 36.61 -87.30
CA THR FC 105 101.05 38.04 -87.22
C THR FC 105 100.40 38.45 -85.91
N LEU FC 106 99.35 37.74 -85.51
CA LEU FC 106 98.66 38.07 -84.27
C LEU FC 106 99.51 37.75 -83.06
N PHE FC 107 100.11 36.57 -83.02
CA PHE FC 107 100.76 36.07 -81.81
C PHE FC 107 102.27 36.27 -81.83
N ALA FC 108 102.95 35.74 -82.85
CA ALA FC 108 104.40 35.82 -82.88
C ALA FC 108 104.86 37.26 -83.08
N SER FC 109 104.27 37.97 -84.04
CA SER FC 109 104.65 39.33 -84.35
C SER FC 109 103.74 40.37 -83.70
N GLY FC 110 102.76 39.95 -82.92
CA GLY FC 110 101.84 40.89 -82.31
C GLY FC 110 101.81 40.79 -80.79
N ASN FC 111 100.78 41.37 -80.19
CA ASN FC 111 100.62 41.36 -78.75
C ASN FC 111 99.48 40.46 -78.29
N ALA FC 112 99.05 39.52 -79.13
CA ALA FC 112 97.98 38.61 -78.74
C ALA FC 112 98.40 37.75 -77.55
N GLY FC 113 99.70 37.54 -77.37
CA GLY FC 113 100.15 36.79 -76.22
C GLY FC 113 99.80 37.45 -74.90
N LEU FC 114 99.80 38.78 -74.89
CA LEU FC 114 99.51 39.54 -73.67
C LEU FC 114 98.04 39.88 -73.53
N GLY FC 115 97.18 39.39 -74.43
CA GLY FC 115 95.77 39.69 -74.38
C GLY FC 115 95.34 40.89 -75.19
N PHE FC 116 96.18 41.37 -76.10
CA PHE FC 116 95.91 42.57 -76.88
C PHE FC 116 95.50 42.17 -78.29
N LEU FC 117 94.45 42.80 -78.81
CA LEU FC 117 93.96 42.52 -80.15
C LEU FC 117 94.28 43.70 -81.07
N ASP FC 118 94.56 43.38 -82.33
CA ASP FC 118 94.99 44.36 -83.33
C ASP FC 118 93.95 44.32 -84.44
N PRO FC 119 92.95 45.20 -84.41
CA PRO FC 119 91.94 45.20 -85.47
C PRO FC 119 92.50 45.48 -86.85
N THR FC 120 93.61 46.23 -86.95
CA THR FC 120 94.18 46.57 -88.24
C THR FC 120 95.29 45.62 -88.67
N ALA FC 121 95.38 44.45 -88.04
CA ALA FC 121 96.37 43.46 -88.46
C ALA FC 121 96.03 42.93 -89.84
N ALA FC 122 97.07 42.51 -90.57
CA ALA FC 122 96.91 42.02 -91.93
C ALA FC 122 96.64 40.52 -91.91
N ILE FC 123 95.47 40.12 -92.40
CA ILE FC 123 95.08 38.72 -92.50
C ILE FC 123 94.85 38.41 -93.96
N VAL FC 124 95.53 37.38 -94.46
CA VAL FC 124 95.50 37.01 -95.87
C VAL FC 124 95.06 35.57 -95.99
N SER FC 125 94.21 35.30 -96.97
CA SER FC 125 93.56 34.00 -97.11
C SER FC 125 94.40 33.02 -97.91
N SER FC 126 93.90 31.79 -98.01
CA SER FC 126 94.58 30.77 -98.80
C SER FC 126 94.46 31.04 -100.29
N ASP FC 127 93.37 31.67 -100.72
CA ASP FC 127 93.20 31.98 -102.13
C ASP FC 127 94.26 32.97 -102.60
N THR FC 128 94.85 32.70 -103.76
CA THR FC 128 95.93 33.49 -104.31
C THR FC 128 95.45 34.24 -105.54
N THR FC 129 95.70 35.54 -105.58
CA THR FC 129 95.28 36.37 -106.70
C THR FC 129 96.02 36.00 -107.98
N ALA GC 1 101.36 -3.36 -111.35
CA ALA GC 1 101.20 -3.80 -109.96
C ALA GC 1 99.97 -3.17 -109.34
N ASN GC 2 99.79 -3.39 -108.04
CA ASN GC 2 98.63 -2.91 -107.30
C ASN GC 2 99.10 -2.00 -106.17
N LYS GC 3 98.27 -1.03 -105.81
CA LYS GC 3 98.63 -0.18 -104.69
C LYS GC 3 98.66 -1.03 -103.42
N PRO GC 4 99.67 -0.86 -102.57
CA PRO GC 4 99.68 -1.56 -101.29
C PRO GC 4 99.02 -0.73 -100.20
N MET GC 5 98.33 -1.44 -99.30
CA MET GC 5 97.71 -0.77 -98.17
C MET GC 5 98.69 -0.67 -97.01
N GLN GC 6 98.28 0.10 -96.01
CA GLN GC 6 99.00 0.18 -94.75
C GLN GC 6 98.02 -0.04 -93.61
N PRO GC 7 98.48 -0.60 -92.49
CA PRO GC 7 97.57 -0.84 -91.38
C PRO GC 7 96.99 0.46 -90.84
N ILE GC 8 95.73 0.39 -90.41
CA ILE GC 8 95.05 1.55 -89.87
C ILE GC 8 94.88 1.35 -88.37
N THR GC 9 94.11 0.32 -88.01
CA THR GC 9 93.89 -0.04 -86.62
C THR GC 9 94.56 -1.39 -86.36
N SER GC 10 95.46 -1.43 -85.38
CA SER GC 10 96.16 -2.64 -85.02
C SER GC 10 95.78 -2.97 -83.58
N THR GC 11 94.65 -3.65 -83.42
CA THR GC 11 94.18 -4.06 -82.11
C THR GC 11 94.92 -5.35 -81.71
N ALA GC 12 94.60 -5.89 -80.54
CA ALA GC 12 95.22 -7.14 -80.10
C ALA GC 12 94.96 -8.26 -81.10
N ASN GC 13 93.78 -8.26 -81.70
CA ASN GC 13 93.40 -9.31 -82.64
C ASN GC 13 93.14 -8.78 -84.04
N LYS GC 14 92.49 -7.63 -84.17
CA LYS GC 14 92.10 -7.11 -85.47
C LYS GC 14 93.13 -6.14 -86.01
N ILE GC 15 93.50 -6.31 -87.28
CA ILE GC 15 94.33 -5.36 -88.00
C ILE GC 15 93.65 -5.04 -89.33
N VAL GC 16 93.52 -3.76 -89.65
CA VAL GC 16 92.78 -3.30 -90.80
C VAL GC 16 93.72 -2.56 -91.73
N TRP GC 17 93.75 -2.97 -93.00
CA TRP GC 17 94.50 -2.27 -94.03
C TRP GC 17 93.54 -1.43 -94.87
N SER GC 18 93.97 -0.22 -95.22
CA SER GC 18 93.18 0.64 -96.08
C SER GC 18 94.10 1.33 -97.07
N ASP GC 19 93.60 1.53 -98.28
CA ASP GC 19 94.41 2.11 -99.35
C ASP GC 19 94.52 3.61 -99.16
N PRO GC 20 95.73 4.17 -99.09
CA PRO GC 20 95.85 5.62 -98.88
C PRO GC 20 95.18 6.46 -99.96
N THR GC 21 95.25 6.02 -101.22
CA THR GC 21 94.66 6.81 -102.30
C THR GC 21 93.14 6.81 -102.21
N ARG GC 22 92.55 5.65 -101.97
CA ARG GC 22 91.11 5.51 -101.84
C ARG GC 22 90.82 4.77 -100.54
N LEU GC 23 90.30 5.49 -99.55
CA LEU GC 23 90.12 4.92 -98.23
C LEU GC 23 88.93 3.97 -98.14
N SER GC 24 88.08 3.93 -99.16
CA SER GC 24 86.96 2.99 -99.15
C SER GC 24 87.45 1.55 -99.16
N THR GC 25 88.48 1.27 -99.96
CA THR GC 25 89.02 -0.08 -100.03
C THR GC 25 89.65 -0.47 -98.71
N THR GC 26 89.19 -1.58 -98.14
CA THR GC 26 89.72 -2.06 -96.87
C THR GC 26 89.92 -3.56 -96.96
N PHE GC 27 90.77 -4.07 -96.08
CA PHE GC 27 90.98 -5.51 -95.92
C PHE GC 27 91.44 -5.75 -94.51
N SER GC 28 90.57 -6.30 -93.67
CA SER GC 28 90.85 -6.49 -92.25
C SER GC 28 90.81 -7.96 -91.92
N ALA GC 29 91.80 -8.42 -91.16
CA ALA GC 29 91.87 -9.80 -90.71
C ALA GC 29 91.72 -9.83 -89.20
N SER GC 30 90.79 -10.64 -88.71
CA SER GC 30 90.51 -10.78 -87.30
C SER GC 30 90.65 -12.24 -86.90
N LEU GC 31 91.41 -12.49 -85.84
CA LEU GC 31 91.65 -13.85 -85.35
C LEU GC 31 91.06 -14.00 -83.96
N LEU GC 32 90.26 -15.05 -83.79
CA LEU GC 32 89.74 -15.44 -82.49
C LEU GC 32 90.25 -16.84 -82.20
N ARG GC 33 91.03 -16.97 -81.13
CA ARG GC 33 91.67 -18.23 -80.78
C ARG GC 33 91.07 -18.72 -79.47
N GLN GC 34 90.86 -20.04 -79.38
CA GLN GC 34 90.15 -20.64 -78.27
C GLN GC 34 90.86 -21.91 -77.84
N ARG GC 35 90.57 -22.33 -76.62
CA ARG GC 35 91.33 -23.37 -75.93
C ARG GC 35 90.37 -24.53 -75.73
N VAL GC 36 90.54 -25.60 -76.51
CA VAL GC 36 89.51 -26.62 -76.67
C VAL GC 36 90.11 -28.00 -76.43
N LYS GC 37 89.29 -28.91 -75.92
CA LYS GC 37 89.66 -30.30 -75.70
C LYS GC 37 88.74 -31.17 -76.53
N VAL GC 38 89.24 -31.69 -77.66
CA VAL GC 38 88.41 -32.53 -78.51
C VAL GC 38 88.08 -33.85 -77.82
N GLY GC 39 89.09 -34.51 -77.26
CA GLY GC 39 88.87 -35.68 -76.42
C GLY GC 39 90.18 -36.31 -76.01
N ILE GC 40 90.34 -36.58 -74.71
CA ILE GC 40 91.57 -37.05 -74.06
C ILE GC 40 92.81 -36.46 -74.74
N ALA GC 41 92.67 -35.21 -75.21
CA ALA GC 41 93.75 -34.50 -75.89
C ALA GC 41 93.38 -33.02 -75.98
N GLU GC 42 94.34 -32.13 -75.84
CA GLU GC 42 94.05 -30.72 -75.73
C GLU GC 42 94.54 -30.00 -76.99
N LEU GC 43 93.66 -29.21 -77.59
CA LEU GC 43 93.93 -28.58 -78.88
C LEU GC 43 93.76 -27.08 -78.80
N ASN GC 44 94.51 -26.37 -79.65
CA ASN GC 44 94.37 -24.93 -79.81
C ASN GC 44 93.58 -24.64 -81.08
N ASN GC 45 92.41 -24.04 -80.93
CA ASN GC 45 91.54 -23.71 -82.04
C ASN GC 45 91.76 -22.27 -82.47
N VAL GC 46 91.86 -22.05 -83.78
CA VAL GC 46 92.04 -20.72 -84.35
C VAL GC 46 90.94 -20.48 -85.36
N SER GC 47 90.21 -19.37 -85.21
CA SER GC 47 89.14 -18.99 -86.12
C SER GC 47 89.49 -17.63 -86.71
N GLY GC 48 90.13 -17.64 -87.89
CA GLY GC 48 90.56 -16.43 -88.54
C GLY GC 48 89.51 -15.92 -89.50
N GLN GC 49 89.09 -14.67 -89.29
CA GLN GC 49 88.06 -14.04 -90.11
C GLN GC 49 88.73 -12.99 -91.00
N TYR GC 50 88.49 -13.08 -92.29
CA TYR GC 50 89.10 -12.20 -93.28
C TYR GC 50 88.00 -11.58 -94.12
N VAL GC 51 87.97 -10.26 -94.22
CA VAL GC 51 86.96 -9.55 -94.98
C VAL GC 51 87.63 -8.49 -95.83
N SER GC 52 87.19 -8.37 -97.08
CA SER GC 52 87.66 -7.34 -98.00
C SER GC 52 86.45 -6.59 -98.54
N VAL GC 53 86.52 -5.27 -98.50
CA VAL GC 53 85.37 -4.42 -98.85
C VAL GC 53 85.82 -3.42 -99.92
N TYR GC 54 84.96 -3.21 -100.91
CA TYR GC 54 85.19 -2.23 -101.95
C TYR GC 54 83.90 -1.50 -102.26
N LYS GC 55 84.01 -0.19 -102.48
CA LYS GC 55 82.88 0.64 -102.88
C LYS GC 55 83.07 1.01 -104.35
N ARG GC 56 82.23 0.44 -105.21
CA ARG GC 56 82.39 0.68 -106.63
C ARG GC 56 81.16 1.39 -107.19
N PRO GC 57 81.34 2.28 -108.16
CA PRO GC 57 80.19 2.96 -108.76
C PRO GC 57 79.32 2.00 -109.56
N ALA GC 58 78.20 2.54 -110.03
CA ALA GC 58 77.24 1.75 -110.79
C ALA GC 58 77.85 1.33 -112.13
N PRO GC 59 77.26 0.30 -112.77
CA PRO GC 59 77.81 -0.19 -114.05
C PRO GC 59 78.00 0.88 -115.13
N LYS GC 60 77.43 2.07 -114.93
CA LYS GC 60 77.65 3.20 -115.84
C LYS GC 60 77.20 2.82 -117.25
N PRO GC 61 75.88 2.76 -117.48
CA PRO GC 61 75.32 2.21 -118.74
C PRO GC 61 76.06 2.60 -120.01
N GLU GC 62 76.09 1.67 -120.97
CA GLU GC 62 76.79 1.90 -122.23
C GLU GC 62 76.28 3.18 -122.88
N GLY GC 63 77.20 3.94 -123.46
CA GLY GC 63 76.90 5.29 -123.89
C GLY GC 63 77.47 6.27 -122.90
N CYS GC 64 77.31 5.98 -121.61
CA CYS GC 64 78.01 6.75 -120.60
C CYS GC 64 79.48 6.36 -120.58
N ALA GC 65 80.34 7.37 -120.78
CA ALA GC 65 81.77 7.17 -120.88
C ALA GC 65 82.46 8.53 -120.93
N ASP GC 66 82.34 9.22 -122.05
CA ASP GC 66 82.80 10.59 -122.16
C ASP GC 66 81.81 11.50 -121.44
N ALA GC 67 81.84 11.48 -120.11
CA ALA GC 67 80.86 12.23 -119.33
C ALA GC 67 81.44 12.52 -117.96
N CYS GC 68 80.82 13.45 -117.27
CA CYS GC 68 81.25 13.84 -115.93
C CYS GC 68 80.19 13.43 -114.91
N VAL GC 69 79.48 12.34 -115.19
CA VAL GC 69 78.36 11.89 -114.39
C VAL GC 69 78.85 10.79 -113.47
N ILE GC 70 78.47 10.87 -112.19
CA ILE GC 70 78.88 9.89 -111.19
C ILE GC 70 77.63 9.26 -110.59
N MET GC 71 77.62 7.94 -110.56
CA MET GC 71 76.49 7.21 -110.01
C MET GC 71 76.90 6.55 -108.70
N PRO GC 72 75.95 6.28 -107.79
CA PRO GC 72 76.32 5.90 -106.43
C PRO GC 72 77.10 4.59 -106.35
N ASN GC 73 77.65 4.32 -105.17
CA ASN GC 73 78.53 3.18 -104.95
C ASN GC 73 77.77 2.08 -104.23
N GLU GC 74 78.03 0.84 -104.64
CA GLU GC 74 77.47 -0.32 -103.99
C GLU GC 74 78.58 -1.13 -103.32
N ASN GC 75 78.20 -1.94 -102.35
CA ASN GC 75 79.16 -2.70 -101.58
C ASN GC 75 79.61 -3.95 -102.33
N GLN GC 76 80.89 -4.27 -102.23
CA GLN GC 76 81.44 -5.50 -102.77
C GLN GC 76 82.28 -6.13 -101.66
N SER GC 77 81.69 -7.07 -100.93
CA SER GC 77 82.31 -7.64 -99.75
C SER GC 77 82.66 -9.10 -99.99
N ILE GC 78 83.88 -9.48 -99.61
CA ILE GC 78 84.34 -10.85 -99.64
C ILE GC 78 84.74 -11.23 -98.23
N ARG GC 79 83.99 -12.14 -97.62
CA ARG GC 79 84.26 -12.58 -96.26
C ARG GC 79 84.76 -14.01 -96.29
N THR GC 80 85.65 -14.34 -95.35
CA THR GC 80 86.21 -15.67 -95.27
C THR GC 80 86.56 -15.97 -93.82
N VAL GC 81 86.16 -17.16 -93.35
CA VAL GC 81 86.51 -17.61 -92.01
C VAL GC 81 87.19 -18.97 -92.14
N ILE GC 82 88.30 -19.14 -91.45
CA ILE GC 82 89.06 -20.38 -91.44
C ILE GC 82 89.09 -20.87 -89.99
N SER GC 83 88.47 -22.01 -89.73
CA SER GC 83 88.42 -22.58 -88.40
C SER GC 83 89.11 -23.93 -88.40
N GLY GC 84 90.06 -24.11 -87.49
CA GLY GC 84 90.78 -25.36 -87.40
C GLY GC 84 91.80 -25.30 -86.28
N SER GC 85 92.35 -26.46 -85.97
CA SER GC 85 93.36 -26.56 -84.93
C SER GC 85 94.74 -26.24 -85.51
N ALA GC 86 95.54 -25.53 -84.71
CA ALA GC 86 96.88 -25.17 -85.17
C ALA GC 86 97.74 -26.41 -85.40
N GLU GC 87 97.43 -27.51 -84.73
CA GLU GC 87 98.20 -28.73 -84.93
C GLU GC 87 98.00 -29.31 -86.32
N ASN GC 88 96.77 -29.24 -86.84
CA ASN GC 88 96.47 -29.71 -88.19
C ASN GC 88 96.56 -28.59 -89.21
N LEU GC 89 97.39 -27.57 -88.95
CA LEU GC 89 97.53 -26.47 -89.89
C LEU GC 89 98.09 -26.94 -91.22
N ALA GC 90 98.95 -27.96 -91.21
CA ALA GC 90 99.57 -28.41 -92.45
C ALA GC 90 98.52 -28.91 -93.44
N THR GC 91 97.59 -29.74 -92.98
CA THR GC 91 96.54 -30.22 -93.87
C THR GC 91 95.47 -29.16 -94.11
N LEU GC 92 95.29 -28.23 -93.17
CA LEU GC 92 94.31 -27.18 -93.36
C LEU GC 92 94.66 -26.30 -94.55
N LYS GC 93 95.96 -26.10 -94.80
CA LYS GC 93 96.38 -25.35 -95.97
C LYS GC 93 95.92 -26.04 -97.25
N ALA GC 94 96.01 -27.37 -97.28
CA ALA GC 94 95.53 -28.11 -98.44
C ALA GC 94 94.03 -27.91 -98.63
N GLU GC 95 93.28 -27.84 -97.53
CA GLU GC 95 91.86 -27.54 -97.62
C GLU GC 95 91.64 -26.18 -98.28
N TRP GC 96 92.44 -25.19 -97.90
CA TRP GC 96 92.30 -23.86 -98.47
C TRP GC 96 92.52 -23.86 -99.97
N GLU GC 97 93.51 -24.63 -100.43
CA GLU GC 97 93.81 -24.66 -101.86
C GLU GC 97 92.64 -25.22 -102.66
N THR GC 98 92.13 -26.38 -102.26
CA THR GC 98 91.03 -26.98 -102.97
C THR GC 98 89.76 -26.17 -102.84
N HIS GC 99 89.53 -25.58 -101.66
CA HIS GC 99 88.37 -24.72 -101.49
C HIS GC 99 88.38 -23.57 -102.48
N LYS GC 100 89.57 -23.05 -102.79
CA LYS GC 100 89.67 -22.04 -103.84
C LYS GC 100 89.25 -22.60 -105.19
N ARG GC 101 89.74 -23.79 -105.52
CA ARG GC 101 89.42 -24.37 -106.83
C ARG GC 101 87.94 -24.68 -106.94
N ASN GC 102 87.33 -25.20 -105.87
CA ASN GC 102 85.90 -25.48 -105.91
C ASN GC 102 85.09 -24.22 -106.15
N VAL GC 103 85.45 -23.12 -105.47
CA VAL GC 103 84.77 -21.86 -105.71
C VAL GC 103 85.05 -21.36 -107.12
N ASP GC 104 86.30 -21.47 -107.56
CA ASP GC 104 86.67 -20.97 -108.88
C ASP GC 104 85.87 -21.67 -109.98
N THR GC 105 85.82 -23.00 -109.94
CA THR GC 105 85.10 -23.74 -110.97
C THR GC 105 83.60 -23.52 -110.89
N LEU GC 106 83.11 -22.98 -109.76
CA LEU GC 106 81.69 -22.74 -109.59
C LEU GC 106 81.32 -21.28 -109.68
N PHE GC 107 82.24 -20.37 -109.36
CA PHE GC 107 81.96 -18.94 -109.39
C PHE GC 107 82.78 -18.23 -110.46
N ALA GC 108 84.10 -18.37 -110.45
CA ALA GC 108 84.93 -17.68 -111.42
C ALA GC 108 84.64 -18.17 -112.83
N SER GC 109 84.54 -19.49 -112.99
CA SER GC 109 84.25 -20.08 -114.30
C SER GC 109 82.77 -20.37 -114.50
N GLY GC 110 82.00 -20.51 -113.43
CA GLY GC 110 80.60 -20.83 -113.52
C GLY GC 110 79.73 -19.59 -113.64
N ASN GC 111 78.46 -19.76 -113.26
CA ASN GC 111 77.50 -18.67 -113.31
C ASN GC 111 76.88 -18.39 -111.95
N ALA GC 112 77.53 -18.83 -110.87
CA ALA GC 112 76.96 -18.60 -109.53
C ALA GC 112 76.87 -17.13 -109.21
N GLY GC 113 77.73 -16.30 -109.81
CA GLY GC 113 77.67 -14.87 -109.54
C GLY GC 113 76.37 -14.25 -110.01
N LEU GC 114 75.81 -14.77 -111.09
CA LEU GC 114 74.55 -14.25 -111.62
C LEU GC 114 73.33 -14.88 -110.97
N GLY GC 115 73.52 -15.79 -110.03
CA GLY GC 115 72.41 -16.44 -109.37
C GLY GC 115 72.05 -17.81 -109.90
N PHE GC 116 72.91 -18.41 -110.73
CA PHE GC 116 72.63 -19.70 -111.34
C PHE GC 116 73.40 -20.81 -110.64
N LEU GC 117 72.77 -21.98 -110.56
CA LEU GC 117 73.40 -23.16 -110.01
C LEU GC 117 73.64 -24.17 -111.12
N ASP GC 118 74.77 -24.89 -111.02
CA ASP GC 118 75.15 -25.91 -112.00
C ASP GC 118 75.37 -27.18 -111.19
N PRO GC 119 74.35 -28.03 -111.05
CA PRO GC 119 74.53 -29.28 -110.30
C PRO GC 119 75.53 -30.23 -110.93
N THR GC 120 75.85 -30.05 -112.21
CA THR GC 120 76.80 -30.91 -112.91
C THR GC 120 78.22 -30.40 -112.82
N ALA GC 121 78.48 -29.34 -112.04
CA ALA GC 121 79.82 -28.78 -111.96
C ALA GC 121 80.78 -29.80 -111.37
N ALA GC 122 82.00 -29.82 -111.91
CA ALA GC 122 83.02 -30.78 -111.51
C ALA GC 122 83.73 -30.25 -110.27
N ILE GC 123 83.18 -30.56 -109.11
CA ILE GC 123 83.76 -30.16 -107.83
C ILE GC 123 84.45 -31.36 -107.22
N VAL GC 124 85.70 -31.15 -106.78
CA VAL GC 124 86.57 -32.26 -106.44
C VAL GC 124 87.10 -32.05 -105.02
N SER GC 125 87.50 -33.16 -104.39
CA SER GC 125 87.92 -33.14 -103.01
C SER GC 125 89.39 -32.77 -102.86
N SER GC 126 89.82 -32.63 -101.61
CA SER GC 126 91.22 -32.38 -101.33
C SER GC 126 92.05 -33.64 -101.44
N ASP GC 127 91.49 -34.77 -101.01
CA ASP GC 127 92.25 -36.01 -100.98
C ASP GC 127 92.64 -36.43 -102.39
N THR GC 128 93.92 -36.79 -102.55
CA THR GC 128 94.47 -37.15 -103.84
C THR GC 128 94.31 -38.65 -104.09
N THR GC 129 94.12 -39.01 -105.35
CA THR GC 129 93.95 -40.39 -105.74
C THR GC 129 95.20 -41.21 -105.48
N ALA HC 1 121.15 -20.92 -81.79
CA ALA HC 1 120.16 -20.07 -82.44
C ALA HC 1 118.77 -20.33 -81.89
N ASN HC 2 118.35 -19.51 -80.94
CA ASN HC 2 117.03 -19.66 -80.34
C ASN HC 2 115.95 -19.22 -81.30
N LYS HC 3 114.84 -19.95 -81.30
CA LYS HC 3 113.72 -19.59 -82.17
C LYS HC 3 113.01 -18.36 -81.62
N PRO HC 4 112.85 -17.31 -82.40
CA PRO HC 4 112.21 -16.10 -81.89
C PRO HC 4 110.70 -16.28 -81.76
N MET HC 5 110.09 -15.42 -80.94
CA MET HC 5 108.65 -15.38 -80.83
C MET HC 5 108.10 -14.26 -81.71
N GLN HC 6 106.77 -14.21 -81.79
CA GLN HC 6 106.05 -13.09 -82.37
C GLN HC 6 105.00 -12.62 -81.38
N PRO HC 7 104.68 -11.34 -81.37
CA PRO HC 7 103.65 -10.84 -80.45
C PRO HC 7 102.30 -11.47 -80.74
N ILE HC 8 101.55 -11.71 -79.68
CA ILE HC 8 100.19 -12.24 -79.76
C ILE HC 8 99.17 -11.17 -79.39
N THR HC 9 99.31 -10.56 -78.23
CA THR HC 9 98.44 -9.50 -77.78
C THR HC 9 99.23 -8.21 -77.68
N SER HC 10 98.75 -7.17 -78.35
CA SER HC 10 99.40 -5.86 -78.35
C SER HC 10 98.50 -4.85 -77.66
N THR HC 11 99.06 -4.12 -76.71
CA THR HC 11 98.32 -3.12 -75.96
C THR HC 11 99.31 -2.06 -75.51
N ALA HC 12 98.79 -0.86 -75.22
CA ALA HC 12 99.64 0.22 -74.76
C ALA HC 12 100.34 -0.11 -73.44
N ASN HC 13 99.84 -1.10 -72.71
CA ASN HC 13 100.45 -1.48 -71.44
C ASN HC 13 101.06 -2.87 -71.45
N LYS HC 14 100.44 -3.82 -72.15
CA LYS HC 14 100.89 -5.21 -72.12
C LYS HC 14 101.13 -5.71 -73.53
N ILE HC 15 102.23 -6.45 -73.71
CA ILE HC 15 102.54 -7.13 -74.96
C ILE HC 15 102.92 -8.57 -74.63
N VAL HC 16 102.32 -9.52 -75.32
CA VAL HC 16 102.55 -10.94 -75.06
C VAL HC 16 103.16 -11.58 -76.29
N TRP HC 17 104.29 -12.26 -76.10
CA TRP HC 17 104.93 -13.04 -77.14
C TRP HC 17 104.65 -14.51 -76.89
N SER HC 18 104.71 -15.31 -77.96
CA SER HC 18 104.61 -16.75 -77.85
C SER HC 18 105.25 -17.39 -79.07
N ASP HC 19 105.78 -18.58 -78.88
CA ASP HC 19 106.52 -19.25 -79.94
C ASP HC 19 105.57 -19.91 -80.92
N PRO HC 20 105.71 -19.68 -82.22
CA PRO HC 20 104.82 -20.34 -83.19
C PRO HC 20 104.88 -21.85 -83.13
N THR HC 21 106.07 -22.43 -82.90
CA THR HC 21 106.17 -23.89 -82.87
C THR HC 21 105.52 -24.45 -81.62
N ARG HC 22 105.80 -23.86 -80.46
CA ARG HC 22 105.20 -24.27 -79.19
C ARG HC 22 104.34 -23.12 -78.67
N LEU HC 23 103.03 -23.26 -78.81
CA LEU HC 23 102.13 -22.23 -78.33
C LEU HC 23 102.11 -22.12 -76.82
N SER HC 24 102.60 -23.14 -76.11
CA SER HC 24 102.57 -23.13 -74.65
C SER HC 24 103.49 -22.05 -74.09
N THR HC 25 104.74 -22.01 -74.55
CA THR HC 25 105.70 -21.06 -74.00
C THR HC 25 105.37 -19.64 -74.43
N THR HC 26 105.38 -18.72 -73.47
CA THR HC 26 105.07 -17.33 -73.74
C THR HC 26 106.03 -16.44 -72.96
N PHE HC 27 106.05 -15.16 -73.33
CA PHE HC 27 106.81 -14.16 -72.59
C PHE HC 27 106.05 -12.84 -72.69
N SER HC 28 105.52 -12.39 -71.56
CA SER HC 28 104.69 -11.19 -71.53
C SER HC 28 105.34 -10.10 -70.71
N ALA HC 29 105.17 -8.86 -71.16
CA ALA HC 29 105.70 -7.70 -70.46
C ALA HC 29 104.58 -6.68 -70.30
N SER HC 30 104.35 -6.23 -69.06
CA SER HC 30 103.32 -5.26 -68.76
C SER HC 30 103.93 -4.14 -67.95
N LEU HC 31 103.61 -2.90 -68.30
CA LEU HC 31 104.17 -1.73 -67.66
C LEU HC 31 103.06 -0.88 -67.04
N LEU HC 32 103.37 -0.26 -65.91
CA LEU HC 32 102.47 0.65 -65.24
C LEU HC 32 103.19 1.97 -65.04
N ARG HC 33 102.61 3.04 -65.56
CA ARG HC 33 103.20 4.37 -65.48
C ARG HC 33 102.52 5.15 -64.35
N GLN HC 34 103.34 5.78 -63.51
CA GLN HC 34 102.82 6.47 -62.35
C GLN HC 34 103.66 7.71 -62.08
N ARG HC 35 102.98 8.79 -61.69
CA ARG HC 35 103.61 10.03 -61.29
C ARG HC 35 103.52 10.13 -59.78
N VAL HC 36 104.67 10.24 -59.12
CA VAL HC 36 104.75 10.15 -57.67
C VAL HC 36 105.37 11.44 -57.13
N LYS HC 37 104.85 11.89 -55.99
CA LYS HC 37 105.26 13.15 -55.36
C LYS HC 37 105.92 12.83 -54.03
N VAL HC 38 107.24 12.64 -54.04
CA VAL HC 38 107.96 12.33 -52.82
C VAL HC 38 109.10 13.31 -52.58
N GLY HC 39 109.94 13.53 -53.59
CA GLY HC 39 111.07 14.43 -53.43
C GLY HC 39 110.66 15.89 -53.56
N ILE HC 40 109.67 16.29 -52.77
CA ILE HC 40 109.03 17.61 -52.81
C ILE HC 40 108.75 18.05 -54.24
N ALA HC 41 108.66 17.09 -55.15
CA ALA HC 41 108.47 17.34 -56.58
C ALA HC 41 108.01 16.05 -57.21
N GLU HC 42 107.44 16.17 -58.41
CA GLU HC 42 106.88 15.03 -59.10
C GLU HC 42 107.97 14.18 -59.74
N LEU HC 43 107.81 12.86 -59.63
CA LEU HC 43 108.69 11.92 -60.30
C LEU HC 43 107.83 10.92 -61.05
N ASN HC 44 108.30 10.52 -62.23
CA ASN HC 44 107.57 9.58 -63.06
C ASN HC 44 108.12 8.18 -62.81
N ASN HC 45 107.33 7.36 -62.11
CA ASN HC 45 107.73 6.02 -61.75
C ASN HC 45 107.12 5.01 -62.71
N VAL HC 46 107.87 3.97 -63.02
CA VAL HC 46 107.41 2.90 -63.89
C VAL HC 46 107.56 1.58 -63.14
N SER HC 47 106.63 0.66 -63.37
CA SER HC 47 106.67 -0.67 -62.77
C SER HC 47 106.57 -1.69 -63.88
N GLY HC 48 107.72 -2.19 -64.33
CA GLY HC 48 107.77 -3.15 -65.42
C GLY HC 48 107.71 -4.57 -64.91
N GLN HC 49 106.69 -5.29 -65.33
CA GLN HC 49 106.49 -6.69 -64.96
C GLN HC 49 106.78 -7.57 -66.17
N TYR HC 50 107.62 -8.58 -65.96
CA TYR HC 50 108.03 -9.48 -67.03
C TYR HC 50 107.83 -10.91 -66.56
N VAL HC 51 107.00 -11.66 -67.29
CA VAL HC 51 106.66 -13.03 -66.93
C VAL HC 51 107.05 -13.93 -68.09
N SER HC 52 107.85 -14.95 -67.80
CA SER HC 52 108.22 -15.97 -68.77
C SER HC 52 107.79 -17.33 -68.22
N VAL HC 53 107.06 -18.09 -69.03
CA VAL HC 53 106.49 -19.35 -68.59
C VAL HC 53 106.79 -20.42 -69.63
N TYR HC 54 107.01 -21.64 -69.14
CA TYR HC 54 107.25 -22.80 -69.99
C TYR HC 54 106.52 -24.00 -69.41
N LYS HC 55 105.94 -24.81 -70.28
CA LYS HC 55 105.31 -26.06 -69.91
C LYS HC 55 106.29 -27.19 -70.23
N ARG HC 56 106.88 -27.78 -69.19
CA ARG HC 56 107.93 -28.75 -69.34
C ARG HC 56 107.45 -30.12 -68.88
N PRO HC 57 107.66 -31.18 -69.66
CA PRO HC 57 107.19 -32.50 -69.26
C PRO HC 57 107.93 -33.03 -68.04
N ALA HC 58 107.35 -34.06 -67.43
CA ALA HC 58 107.91 -34.70 -66.27
C ALA HC 58 109.19 -35.45 -66.62
N PRO HC 59 110.02 -35.81 -65.62
CA PRO HC 59 111.36 -36.34 -65.90
C PRO HC 59 111.42 -37.65 -66.67
N LYS HC 60 110.28 -38.18 -67.12
CA LYS HC 60 110.26 -39.34 -68.02
C LYS HC 60 110.92 -40.55 -67.34
N PRO HC 61 110.23 -41.17 -66.36
CA PRO HC 61 110.85 -42.19 -65.50
C PRO HC 61 111.83 -43.16 -66.14
N GLU HC 62 112.97 -43.35 -65.47
CA GLU HC 62 113.91 -44.46 -65.60
C GLU HC 62 114.45 -44.68 -67.02
N GLY HC 63 114.20 -43.75 -67.93
CA GLY HC 63 114.68 -43.94 -69.29
C GLY HC 63 113.83 -44.95 -70.02
N CYS HC 64 112.54 -44.63 -70.14
CA CYS HC 64 111.53 -45.54 -70.64
C CYS HC 64 111.28 -45.23 -72.11
N ALA HC 65 111.65 -46.17 -72.99
CA ALA HC 65 111.50 -45.92 -74.41
C ALA HC 65 110.05 -46.08 -74.85
N ASP HC 66 109.51 -47.30 -74.72
CA ASP HC 66 108.08 -47.55 -74.87
C ASP HC 66 107.49 -46.93 -76.12
N ALA HC 67 106.71 -45.87 -75.93
CA ALA HC 67 105.96 -45.19 -76.98
C ALA HC 67 105.68 -43.77 -76.52
N CYS HC 68 104.72 -43.11 -77.15
CA CYS HC 68 104.39 -41.74 -76.74
C CYS HC 68 103.68 -41.83 -75.39
N VAL HC 69 104.49 -41.90 -74.33
CA VAL HC 69 103.93 -41.88 -72.98
C VAL HC 69 103.49 -40.46 -72.70
N ILE HC 70 102.19 -40.21 -72.85
CA ILE HC 70 101.65 -38.86 -72.68
C ILE HC 70 101.89 -38.42 -71.25
N MET HC 71 102.73 -37.43 -71.09
CA MET HC 71 103.22 -37.13 -69.76
C MET HC 71 102.84 -35.71 -69.37
N PRO HC 72 102.26 -35.50 -68.20
CA PRO HC 72 101.81 -34.15 -67.82
C PRO HC 72 102.97 -33.18 -67.71
N ASN HC 73 102.67 -31.92 -68.02
CA ASN HC 73 103.67 -30.87 -68.05
C ASN HC 73 103.59 -30.04 -66.77
N GLU HC 74 104.75 -29.67 -66.26
CA GLU HC 74 104.84 -28.77 -65.13
C GLU HC 74 105.03 -27.35 -65.61
N ASN HC 75 104.89 -26.40 -64.69
CA ASN HC 75 104.99 -24.98 -65.00
C ASN HC 75 106.35 -24.46 -64.54
N GLN HC 76 107.15 -24.00 -65.49
CA GLN HC 76 108.41 -23.33 -65.20
C GLN HC 76 108.19 -21.84 -65.47
N SER HC 77 107.91 -21.09 -64.42
CA SER HC 77 107.58 -19.68 -64.55
C SER HC 77 108.65 -18.83 -63.89
N ILE HC 78 108.98 -17.72 -64.54
CA ILE HC 78 109.93 -16.75 -64.02
C ILE HC 78 109.28 -15.38 -64.11
N ARG HC 79 109.12 -14.70 -62.98
CA ARG HC 79 108.50 -13.40 -62.92
C ARG HC 79 109.51 -12.38 -62.41
N THR HC 80 109.53 -11.22 -63.04
CA THR HC 80 110.44 -10.14 -62.65
C THR HC 80 109.69 -8.83 -62.68
N VAL HC 81 109.82 -8.05 -61.62
CA VAL HC 81 109.22 -6.73 -61.52
C VAL HC 81 110.33 -5.72 -61.24
N ILE HC 82 110.34 -4.63 -61.98
CA ILE HC 82 111.33 -3.57 -61.83
C ILE HC 82 110.57 -2.27 -61.62
N SER HC 83 110.85 -1.58 -60.52
CA SER HC 83 110.20 -0.33 -60.18
C SER HC 83 111.25 0.71 -59.85
N GLY HC 84 111.07 1.93 -60.35
CA GLY HC 84 111.98 3.00 -60.05
C GLY HC 84 111.64 4.24 -60.84
N SER HC 85 112.18 5.36 -60.38
CA SER HC 85 111.95 6.63 -61.06
C SER HC 85 112.62 6.62 -62.42
N ALA HC 86 111.90 7.11 -63.44
CA ALA HC 86 112.46 7.16 -64.78
C ALA HC 86 113.66 8.09 -64.84
N GLU HC 87 113.70 9.09 -63.96
CA GLU HC 87 114.83 10.03 -63.94
C GLU HC 87 116.11 9.35 -63.47
N ASN HC 88 116.01 8.25 -62.73
CA ASN HC 88 117.17 7.50 -62.28
C ASN HC 88 117.36 6.23 -63.10
N LEU HC 89 116.97 6.27 -64.37
CA LEU HC 89 117.05 5.06 -65.20
C LEU HC 89 118.49 4.60 -65.38
N ALA HC 90 119.40 5.54 -65.62
CA ALA HC 90 120.79 5.17 -65.89
C ALA HC 90 121.40 4.42 -64.72
N THR HC 91 121.19 4.92 -63.50
CA THR HC 91 121.71 4.24 -62.32
C THR HC 91 120.89 3.01 -61.97
N LEU HC 92 119.60 2.96 -62.34
CA LEU HC 92 118.80 1.78 -62.08
C LEU HC 92 119.25 0.61 -62.94
N LYS HC 93 119.76 0.88 -64.13
CA LYS HC 93 120.26 -0.19 -64.99
C LYS HC 93 121.41 -0.94 -64.31
N ALA HC 94 122.26 -0.22 -63.57
CA ALA HC 94 123.32 -0.87 -62.83
C ALA HC 94 122.76 -1.84 -61.80
N GLU HC 95 121.63 -1.47 -61.18
CA GLU HC 95 120.99 -2.36 -60.23
C GLU HC 95 120.56 -3.67 -60.88
N TRP HC 96 120.04 -3.60 -62.11
CA TRP HC 96 119.63 -4.80 -62.81
C TRP HC 96 120.82 -5.73 -63.03
N GLU HC 97 121.98 -5.16 -63.36
CA GLU HC 97 123.18 -5.97 -63.50
C GLU HC 97 123.55 -6.64 -62.17
N THR HC 98 123.54 -5.85 -61.10
CA THR HC 98 123.89 -6.40 -59.79
C THR HC 98 122.89 -7.45 -59.36
N HIS HC 99 121.59 -7.20 -59.57
CA HIS HC 99 120.58 -8.19 -59.22
C HIS HC 99 120.79 -9.47 -60.01
N LYS HC 100 121.21 -9.34 -61.27
CA LYS HC 100 121.54 -10.54 -62.05
C LYS HC 100 122.70 -11.29 -61.41
N ARG HC 101 123.74 -10.57 -61.00
CA ARG HC 101 124.91 -11.22 -60.43
C ARG HC 101 124.58 -11.91 -59.11
N ASN HC 102 123.83 -11.23 -58.25
CA ASN HC 102 123.52 -11.81 -56.94
C ASN HC 102 122.69 -13.07 -57.09
N VAL HC 103 121.67 -13.04 -57.95
CA VAL HC 103 120.83 -14.20 -58.14
C VAL HC 103 121.64 -15.36 -58.73
N ASP HC 104 122.49 -15.05 -59.71
CA ASP HC 104 123.30 -16.10 -60.33
C ASP HC 104 124.17 -16.81 -59.30
N THR HC 105 124.68 -16.08 -58.32
CA THR HC 105 125.50 -16.69 -57.29
C THR HC 105 124.71 -17.72 -56.50
N LEU HC 106 123.49 -17.38 -56.10
CA LEU HC 106 122.68 -18.33 -55.34
C LEU HC 106 122.08 -19.41 -56.21
N PHE HC 107 121.71 -19.08 -57.44
CA PHE HC 107 120.87 -19.96 -58.25
C PHE HC 107 121.64 -20.59 -59.41
N ALA HC 108 122.27 -19.78 -60.25
CA ALA HC 108 122.98 -20.32 -61.41
C ALA HC 108 124.13 -21.21 -60.97
N SER HC 109 124.89 -20.78 -59.97
CA SER HC 109 126.02 -21.55 -59.46
C SER HC 109 125.71 -22.27 -58.16
N GLY HC 110 124.90 -21.68 -57.29
CA GLY HC 110 124.60 -22.27 -56.01
C GLY HC 110 123.52 -23.34 -56.11
N ASN HC 111 123.06 -23.78 -54.94
CA ASN HC 111 122.08 -24.85 -54.84
C ASN HC 111 120.70 -24.33 -54.42
N ALA HC 112 120.42 -23.05 -54.69
CA ALA HC 112 119.10 -22.52 -54.35
C ALA HC 112 118.00 -23.23 -55.12
N GLY HC 113 118.31 -23.73 -56.32
CA GLY HC 113 117.32 -24.47 -57.07
C GLY HC 113 116.88 -25.74 -56.36
N LEU HC 114 117.83 -26.44 -55.75
CA LEU HC 114 117.52 -27.66 -55.02
C LEU HC 114 116.83 -27.38 -53.69
N GLY HC 115 116.75 -26.13 -53.27
CA GLY HC 115 116.08 -25.77 -52.05
C GLY HC 115 116.98 -25.43 -50.89
N PHE HC 116 118.22 -25.05 -51.14
CA PHE HC 116 119.19 -24.78 -50.09
C PHE HC 116 119.65 -23.33 -50.15
N LEU HC 117 119.74 -22.70 -48.99
CA LEU HC 117 120.24 -21.34 -48.86
C LEU HC 117 121.65 -21.38 -48.30
N ASP HC 118 122.56 -20.63 -48.93
CA ASP HC 118 123.95 -20.64 -48.52
C ASP HC 118 124.29 -19.33 -47.82
N PRO HC 119 124.31 -19.29 -46.48
CA PRO HC 119 124.59 -18.03 -45.79
C PRO HC 119 125.97 -17.47 -46.07
N THR HC 120 126.92 -18.29 -46.50
CA THR HC 120 128.26 -17.82 -46.79
C THR HC 120 128.44 -17.39 -48.23
N ALA HC 121 127.36 -17.32 -49.01
CA ALA HC 121 127.46 -16.85 -50.38
C ALA HC 121 127.95 -15.40 -50.41
N ALA HC 122 128.81 -15.10 -51.37
CA ALA HC 122 129.44 -13.79 -51.46
C ALA HC 122 128.72 -12.92 -52.48
N ILE HC 123 127.59 -12.38 -52.06
CA ILE HC 123 126.86 -11.45 -52.92
C ILE HC 123 127.42 -10.05 -52.72
N VAL HC 124 127.27 -9.21 -53.74
CA VAL HC 124 127.93 -7.92 -53.78
C VAL HC 124 126.94 -6.87 -54.24
N SER HC 125 127.09 -5.66 -53.71
CA SER HC 125 126.21 -4.54 -54.00
C SER HC 125 126.64 -3.81 -55.25
N SER HC 126 125.78 -2.91 -55.73
CA SER HC 126 126.06 -2.17 -56.94
C SER HC 126 127.13 -1.12 -56.71
N ASP HC 127 127.12 -0.47 -55.55
CA ASP HC 127 128.09 0.58 -55.27
C ASP HC 127 129.51 0.02 -55.33
N THR HC 128 130.36 0.69 -56.08
CA THR HC 128 131.71 0.21 -56.34
C THR HC 128 132.70 0.90 -55.40
N THR HC 129 133.71 0.16 -54.99
CA THR HC 129 134.74 0.68 -54.10
C THR HC 129 135.49 1.83 -54.75
N ALA IC 1 18.94 119.16 78.76
CA ALA IC 1 20.38 118.96 78.64
C ALA IC 1 20.69 117.77 77.75
N ASN IC 2 19.65 117.16 77.21
CA ASN IC 2 19.81 116.03 76.30
C ASN IC 2 20.04 116.53 74.88
N LYS IC 3 20.80 115.73 74.12
CA LYS IC 3 21.12 116.08 72.75
C LYS IC 3 19.92 115.76 71.86
N PRO IC 4 19.33 116.73 71.19
CA PRO IC 4 18.24 116.42 70.26
C PRO IC 4 18.77 115.73 69.02
N MET IC 5 17.92 114.89 68.42
CA MET IC 5 18.24 114.27 67.14
C MET IC 5 17.21 114.70 66.11
N GLN IC 6 17.69 114.94 64.90
CA GLN IC 6 16.84 115.31 63.78
C GLN IC 6 16.28 114.07 63.09
N PRO IC 7 15.10 114.17 62.48
CA PRO IC 7 14.50 112.99 61.84
C PRO IC 7 15.30 112.57 60.61
N ILE IC 8 15.24 111.28 60.30
CA ILE IC 8 15.94 110.73 59.14
C ILE IC 8 14.99 110.19 58.09
N THR IC 9 13.71 109.98 58.42
CA THR IC 9 12.75 109.45 57.46
C THR IC 9 11.38 110.00 57.83
N SER IC 10 10.94 111.03 57.12
CA SER IC 10 9.67 111.67 57.40
C SER IC 10 8.61 111.20 56.41
N THR IC 11 7.45 110.82 56.94
CA THR IC 11 6.34 110.36 56.12
C THR IC 11 5.06 110.66 56.88
N ALA IC 12 3.95 110.72 56.15
CA ALA IC 12 2.66 110.98 56.78
C ALA IC 12 2.25 109.87 57.73
N ASN IC 13 2.90 108.71 57.66
CA ASN IC 13 2.58 107.58 58.53
C ASN IC 13 3.67 107.30 59.54
N LYS IC 14 4.94 107.30 59.12
CA LYS IC 14 6.05 107.03 60.01
C LYS IC 14 7.05 108.18 59.96
N ILE IC 15 7.56 108.55 61.12
CA ILE IC 15 8.71 109.45 61.23
C ILE IC 15 9.72 108.81 62.17
N VAL IC 16 10.96 108.73 61.72
CA VAL IC 16 12.02 108.08 62.48
C VAL IC 16 13.08 109.12 62.80
N TRP IC 17 13.38 109.26 64.09
CA TRP IC 17 14.46 110.12 64.55
C TRP IC 17 15.64 109.25 64.98
N SER IC 18 16.85 109.76 64.74
CA SER IC 18 18.04 109.01 65.07
C SER IC 18 19.13 109.97 65.49
N ASP IC 19 19.87 109.59 66.52
CA ASP IC 19 20.90 110.48 67.07
C ASP IC 19 22.02 110.69 66.07
N PRO IC 20 22.35 111.93 65.72
CA PRO IC 20 23.43 112.15 64.73
C PRO IC 20 24.77 111.62 65.18
N THR IC 21 25.09 111.70 66.47
CA THR IC 21 26.38 111.22 66.95
C THR IC 21 26.48 109.71 66.80
N ARG IC 22 25.48 108.98 67.29
CA ARG IC 22 25.40 107.53 67.13
C ARG IC 22 24.03 107.18 66.59
N LEU IC 23 23.99 106.57 65.42
CA LEU IC 23 22.73 106.34 64.73
C LEU IC 23 22.04 105.06 65.17
N SER IC 24 22.65 104.29 66.07
CA SER IC 24 22.00 103.10 66.58
C SER IC 24 20.72 103.44 67.33
N THR IC 25 20.76 104.49 68.14
CA THR IC 25 19.60 104.89 68.92
C THR IC 25 18.57 105.54 68.04
N THR IC 26 17.34 105.04 68.09
CA THR IC 26 16.28 105.55 67.23
C THR IC 26 15.01 105.73 68.05
N PHE IC 27 14.14 106.60 67.55
CA PHE IC 27 12.80 106.76 68.09
C PHE IC 27 11.86 106.96 66.92
N SER IC 28 11.05 105.94 66.63
CA SER IC 28 10.15 105.95 65.48
C SER IC 28 8.72 105.95 65.97
N ALA IC 29 7.93 106.90 65.46
CA ALA IC 29 6.51 106.99 65.78
C ALA IC 29 5.72 106.66 64.52
N SER IC 30 5.00 105.53 64.56
CA SER IC 30 4.17 105.10 63.45
C SER IC 30 2.72 105.24 63.87
N LEU IC 31 1.91 105.87 63.01
CA LEU IC 31 0.54 106.21 63.34
C LEU IC 31 -0.39 105.55 62.33
N LEU IC 32 -1.46 104.93 62.82
CA LEU IC 32 -2.44 104.26 61.99
C LEU IC 32 -3.81 104.85 62.26
N ARG IC 33 -4.47 105.32 61.20
CA ARG IC 33 -5.80 105.90 61.29
C ARG IC 33 -6.83 104.90 60.80
N GLN IC 34 -7.98 104.86 61.47
CA GLN IC 34 -9.03 103.93 61.08
C GLN IC 34 -10.37 104.47 61.59
N ARG IC 35 -11.38 104.37 60.75
CA ARG IC 35 -12.72 104.82 61.07
C ARG IC 35 -13.57 103.63 61.48
N VAL IC 36 -14.14 103.70 62.69
CA VAL IC 36 -14.83 102.57 63.30
C VAL IC 36 -16.24 102.99 63.66
N LYS IC 37 -17.19 102.07 63.46
CA LYS IC 37 -18.60 102.31 63.77
C LYS IC 37 -18.96 101.61 65.09
N VAL IC 38 -19.37 102.39 66.08
CA VAL IC 38 -19.82 101.81 67.34
C VAL IC 38 -21.19 102.32 67.75
N GLY IC 39 -21.33 103.62 67.97
CA GLY IC 39 -22.58 104.19 68.44
C GLY IC 39 -23.47 104.66 67.31
N ILE IC 40 -23.92 103.72 66.46
CA ILE IC 40 -24.65 103.98 65.22
C ILE IC 40 -24.10 105.22 64.52
N ALA IC 41 -22.80 105.45 64.66
CA ALA IC 41 -22.13 106.61 64.10
C ALA IC 41 -20.66 106.31 63.98
N GLU IC 42 -20.03 106.87 62.94
CA GLU IC 42 -18.62 106.62 62.71
C GLU IC 42 -17.77 107.27 63.79
N LEU IC 43 -16.74 106.54 64.22
CA LEU IC 43 -15.76 107.06 65.15
C LEU IC 43 -14.38 106.94 64.53
N ASN IC 44 -13.53 107.92 64.80
CA ASN IC 44 -12.19 107.99 64.23
C ASN IC 44 -11.20 107.45 65.24
N ASN IC 45 -10.70 106.25 64.98
CA ASN IC 45 -9.80 105.55 65.89
C ASN IC 45 -8.37 105.63 65.38
N VAL IC 46 -7.44 105.98 66.26
CA VAL IC 46 -6.03 106.11 65.92
C VAL IC 46 -5.23 105.18 66.83
N SER IC 47 -4.21 104.55 66.25
CA SER IC 47 -3.32 103.67 67.00
C SER IC 47 -1.89 104.15 66.76
N GLY IC 48 -1.31 104.80 67.76
CA GLY IC 48 0.02 105.35 67.62
C GLY IC 48 1.10 104.51 68.27
N GLN IC 49 1.94 103.88 67.46
CA GLN IC 49 3.06 103.09 67.94
C GLN IC 49 4.27 103.99 68.10
N TYR IC 50 4.78 104.10 69.31
CA TYR IC 50 5.98 104.88 69.61
C TYR IC 50 7.04 103.93 70.11
N VAL IC 51 8.11 103.75 69.33
CA VAL IC 51 9.15 102.78 69.64
C VAL IC 51 10.44 103.54 69.88
N SER IC 52 11.06 103.28 71.03
CA SER IC 52 12.36 103.83 71.37
C SER IC 52 13.34 102.67 71.52
N VAL IC 53 14.49 102.78 70.85
CA VAL IC 53 15.46 101.69 70.79
C VAL IC 53 16.83 102.25 71.16
N TYR IC 54 17.54 101.52 72.02
CA TYR IC 54 18.92 101.83 72.37
C TYR IC 54 19.74 100.56 72.26
N LYS IC 55 21.01 100.72 71.91
CA LYS IC 55 21.97 99.62 71.90
C LYS IC 55 22.96 99.87 73.02
N ARG IC 56 22.84 99.12 74.11
CA ARG IC 56 23.63 99.36 75.31
C ARG IC 56 24.71 98.29 75.42
N PRO IC 57 25.98 98.65 75.31
CA PRO IC 57 27.03 97.64 75.13
C PRO IC 57 27.50 96.96 76.40
N ALA IC 58 26.77 95.93 76.85
CA ALA IC 58 27.19 95.02 77.90
C ALA IC 58 27.37 95.70 79.26
N PRO IC 59 27.52 94.95 80.36
CA PRO IC 59 27.71 95.59 81.66
C PRO IC 59 29.16 95.93 81.98
N LYS IC 60 30.12 95.20 81.38
CA LYS IC 60 31.54 95.40 81.67
C LYS IC 60 31.78 95.28 83.18
N PRO IC 61 31.78 94.08 83.73
CA PRO IC 61 31.73 93.92 85.19
C PRO IC 61 32.85 94.64 85.92
N GLU IC 62 32.48 95.31 87.01
CA GLU IC 62 33.33 96.15 87.86
C GLU IC 62 34.32 97.00 87.07
N GLY IC 63 33.93 97.45 85.88
CA GLY IC 63 34.72 98.39 85.11
C GLY IC 63 36.18 98.03 84.97
N CYS IC 64 36.47 96.78 84.64
CA CYS IC 64 37.84 96.28 84.58
C CYS IC 64 38.44 96.43 83.18
N ALA IC 65 37.81 95.85 82.17
CA ALA IC 65 38.31 96.00 80.80
C ALA IC 65 37.89 97.36 80.26
N ASP IC 66 38.67 98.39 80.58
CA ASP IC 66 38.38 99.73 80.11
C ASP IC 66 39.25 100.03 78.89
N ALA IC 67 39.93 99.01 78.38
CA ALA IC 67 40.70 99.13 77.17
C ALA IC 67 39.78 99.44 75.99
N CYS IC 68 40.35 100.11 74.99
CA CYS IC 68 39.57 100.56 73.84
C CYS IC 68 39.31 99.36 72.94
N VAL IC 69 38.54 98.41 73.48
CA VAL IC 69 38.07 97.26 72.71
C VAL IC 69 36.56 97.16 72.90
N ILE IC 70 35.84 97.05 71.79
CA ILE IC 70 34.37 97.07 71.84
C ILE IC 70 33.84 95.76 72.41
N MET IC 71 32.75 95.85 73.14
CA MET IC 71 32.04 94.68 73.65
C MET IC 71 30.89 94.37 72.71
N PRO IC 72 30.40 93.12 72.67
CA PRO IC 72 29.19 92.85 71.89
C PRO IC 72 28.00 93.59 72.50
N ASN IC 73 27.19 94.21 71.65
CA ASN IC 73 26.17 95.14 72.10
C ASN IC 73 24.80 94.48 72.08
N GLU IC 74 24.08 94.62 73.19
CA GLU IC 74 22.72 94.10 73.29
C GLU IC 74 21.70 95.19 73.02
N ASN IC 75 20.43 94.81 72.96
CA ASN IC 75 19.37 95.67 72.49
C ASN IC 75 18.45 96.02 73.65
N GLN IC 76 18.20 97.31 73.85
CA GLN IC 76 17.23 97.80 74.81
C GLN IC 76 16.08 98.43 74.04
N SER IC 77 14.87 97.96 74.28
CA SER IC 77 13.71 98.35 73.49
C SER IC 77 12.56 98.77 74.39
N ILE IC 78 11.92 99.89 74.02
CA ILE IC 78 10.74 100.38 74.72
C ILE IC 78 9.76 100.90 73.69
N ARG IC 79 8.64 100.20 73.51
CA ARG IC 79 7.62 100.59 72.55
C ARG IC 79 6.25 100.56 73.23
N THR IC 80 5.44 101.57 72.95
CA THR IC 80 4.10 101.68 73.50
C THR IC 80 3.13 102.02 72.37
N VAL IC 81 1.89 101.59 72.52
CA VAL IC 81 0.84 101.84 71.55
C VAL IC 81 -0.33 102.50 72.27
N ILE IC 82 -0.86 103.57 71.67
CA ILE IC 82 -2.01 104.29 72.21
C ILE IC 82 -3.14 104.14 71.22
N SER IC 83 -4.26 103.58 71.66
CA SER IC 83 -5.42 103.36 70.81
C SER IC 83 -6.64 104.02 71.44
N GLY IC 84 -7.41 104.71 70.62
CA GLY IC 84 -8.61 105.38 71.12
C GLY IC 84 -9.17 106.30 70.05
N SER IC 85 -10.34 106.84 70.33
CA SER IC 85 -11.00 107.76 69.42
C SER IC 85 -10.49 109.18 69.64
N ALA IC 86 -10.23 109.88 68.55
CA ALA IC 86 -9.80 111.27 68.65
C ALA IC 86 -10.88 112.14 69.29
N GLU IC 87 -12.15 111.73 69.18
CA GLU IC 87 -13.24 112.50 69.77
C GLU IC 87 -13.12 112.55 71.28
N ASN IC 88 -12.74 111.44 71.91
CA ASN IC 88 -12.50 111.40 73.35
C ASN IC 88 -11.02 111.55 73.70
N LEU IC 89 -10.28 112.32 72.90
CA LEU IC 89 -8.86 112.49 73.18
C LEU IC 89 -8.61 113.25 74.49
N ALA IC 90 -9.53 114.13 74.87
CA ALA IC 90 -9.30 114.95 76.06
C ALA IC 90 -9.11 114.08 77.29
N THR IC 91 -9.94 113.04 77.43
CA THR IC 91 -9.75 112.10 78.53
C THR IC 91 -8.66 111.09 78.24
N LEU IC 92 -8.35 110.85 76.96
CA LEU IC 92 -7.28 109.92 76.62
C LEU IC 92 -5.94 110.39 77.17
N LYS IC 93 -5.71 111.71 77.17
CA LYS IC 93 -4.50 112.23 77.80
C LYS IC 93 -4.48 111.89 79.29
N ALA IC 94 -5.63 112.03 79.96
CA ALA IC 94 -5.72 111.62 81.36
C ALA IC 94 -5.47 110.13 81.50
N GLU IC 95 -5.97 109.34 80.56
CA GLU IC 95 -5.66 107.91 80.54
C GLU IC 95 -4.16 107.70 80.38
N TRP IC 96 -3.54 108.46 79.48
CA TRP IC 96 -2.10 108.30 79.25
C TRP IC 96 -1.30 108.65 80.49
N GLU IC 97 -1.65 109.76 81.16
CA GLU IC 97 -0.90 110.16 82.34
C GLU IC 97 -1.07 109.16 83.46
N THR IC 98 -2.28 108.64 83.65
CA THR IC 98 -2.51 107.63 84.67
C THR IC 98 -1.74 106.36 84.38
N HIS IC 99 -1.70 105.97 83.11
CA HIS IC 99 -0.90 104.80 82.74
C HIS IC 99 0.56 104.99 83.09
N LYS IC 100 1.05 106.23 83.03
CA LYS IC 100 2.45 106.48 83.35
C LYS IC 100 2.74 106.20 84.81
N ARG IC 101 1.94 106.78 85.71
CA ARG IC 101 2.22 106.64 87.14
C ARG IC 101 2.05 105.19 87.59
N ASN IC 102 1.16 104.45 86.94
CA ASN IC 102 1.02 103.03 87.28
C ASN IC 102 2.29 102.27 86.99
N VAL IC 103 2.88 102.51 85.81
CA VAL IC 103 4.15 101.87 85.49
C VAL IC 103 5.25 102.36 86.41
N ASP IC 104 5.21 103.65 86.77
CA ASP IC 104 6.18 104.19 87.71
C ASP IC 104 6.15 103.41 89.02
N THR IC 105 4.94 103.14 89.52
CA THR IC 105 4.82 102.39 90.77
C THR IC 105 5.39 100.99 90.63
N LEU IC 106 5.11 100.32 89.52
CA LEU IC 106 5.57 98.95 89.35
C LEU IC 106 7.02 98.89 88.90
N PHE IC 107 7.37 99.66 87.87
CA PHE IC 107 8.67 99.51 87.24
C PHE IC 107 9.71 100.47 87.79
N ALA IC 108 9.42 101.77 87.78
CA ALA IC 108 10.41 102.76 88.21
C ALA IC 108 10.79 102.58 89.67
N SER IC 109 9.80 102.35 90.54
CA SER IC 109 10.07 102.19 91.95
C SER IC 109 10.23 100.72 92.34
N GLY IC 110 9.31 99.87 91.90
CA GLY IC 110 9.37 98.48 92.26
C GLY IC 110 10.41 97.71 91.47
N ASN IC 111 10.49 96.42 91.76
CA ASN IC 111 11.46 95.53 91.14
C ASN IC 111 10.91 94.85 89.90
N ALA IC 112 9.93 95.47 89.23
CA ALA IC 112 9.42 94.90 87.98
C ALA IC 112 10.51 94.82 86.92
N GLY IC 113 11.49 95.71 86.98
CA GLY IC 113 12.57 95.66 86.01
C GLY IC 113 13.47 94.45 86.19
N LEU IC 114 13.45 93.85 87.37
CA LEU IC 114 14.27 92.67 87.64
C LEU IC 114 13.48 91.37 87.49
N GLY IC 115 12.21 91.44 87.09
CA GLY IC 115 11.37 90.27 86.99
C GLY IC 115 10.45 90.04 88.17
N PHE IC 116 10.58 90.83 89.24
CA PHE IC 116 9.76 90.64 90.42
C PHE IC 116 8.45 91.39 90.28
N LEU IC 117 7.35 90.75 90.70
CA LEU IC 117 6.03 91.34 90.64
C LEU IC 117 5.48 91.51 92.05
N ASP IC 118 4.98 92.70 92.34
CA ASP IC 118 4.43 93.00 93.66
C ASP IC 118 2.92 93.09 93.60
N PRO IC 119 2.19 92.13 94.17
CA PRO IC 119 0.73 92.19 94.15
C PRO IC 119 0.13 93.18 95.14
N THR IC 120 0.94 94.02 95.78
CA THR IC 120 0.45 95.00 96.74
C THR IC 120 0.78 96.43 96.32
N ALA IC 121 1.08 96.65 95.04
CA ALA IC 121 1.40 97.98 94.56
C ALA IC 121 0.16 98.86 94.58
N ALA IC 122 0.34 100.12 95.01
CA ALA IC 122 -0.77 101.07 95.11
C ALA IC 122 -1.06 101.65 93.72
N ILE IC 123 -1.77 100.86 92.93
CA ILE IC 123 -2.10 101.25 91.58
C ILE IC 123 -3.37 102.10 91.58
N VAL IC 124 -3.33 103.18 90.79
CA VAL IC 124 -4.31 104.26 90.87
C VAL IC 124 -4.97 104.42 89.51
N SER IC 125 -6.28 104.61 89.53
CA SER IC 125 -7.09 104.71 88.31
C SER IC 125 -7.19 106.15 87.83
N SER IC 126 -7.57 106.29 86.56
CA SER IC 126 -7.75 107.63 85.99
C SER IC 126 -8.93 108.35 86.63
N ASP IC 127 -10.03 107.65 86.85
CA ASP IC 127 -11.21 108.27 87.44
C ASP IC 127 -10.91 108.71 88.87
N THR IC 128 -11.31 109.93 89.20
CA THR IC 128 -11.04 110.49 90.51
C THR IC 128 -12.23 110.28 91.44
N THR IC 129 -11.96 110.41 92.73
CA THR IC 129 -12.99 110.24 93.75
C THR IC 129 -13.91 111.46 93.80
N ALA JC 1 -13.96 133.61 59.45
CA ALA JC 1 -13.65 132.88 60.66
C ALA JC 1 -13.88 131.39 60.47
N ASN JC 2 -13.70 130.92 59.24
CA ASN JC 2 -13.88 129.50 58.95
C ASN JC 2 -12.68 128.70 59.43
N LYS JC 3 -12.95 127.51 59.93
CA LYS JC 3 -11.88 126.68 60.48
C LYS JC 3 -11.00 126.14 59.36
N PRO JC 4 -9.68 126.27 59.47
CA PRO JC 4 -8.79 125.80 58.41
C PRO JC 4 -8.32 124.36 58.65
N MET JC 5 -7.95 123.73 57.55
CA MET JC 5 -7.48 122.35 57.55
C MET JC 5 -5.98 122.30 57.29
N GLN JC 6 -5.36 121.21 57.73
CA GLN JC 6 -3.96 120.93 57.50
C GLN JC 6 -3.79 119.48 57.08
N PRO JC 7 -2.74 119.16 56.34
CA PRO JC 7 -2.66 117.84 55.69
C PRO JC 7 -2.66 116.69 56.67
N ILE JC 8 -3.23 115.57 56.23
CA ILE JC 8 -3.14 114.29 56.93
C ILE JC 8 -2.19 113.34 56.22
N THR JC 9 -2.50 112.98 54.99
CA THR JC 9 -1.73 112.00 54.24
C THR JC 9 -1.03 112.67 53.07
N SER JC 10 0.28 112.44 52.97
CA SER JC 10 1.07 112.94 51.86
C SER JC 10 1.48 111.79 50.96
N THR JC 11 1.45 112.05 49.66
CA THR JC 11 1.80 111.04 48.66
C THR JC 11 2.37 111.79 47.46
N ALA JC 12 3.06 111.04 46.60
CA ALA JC 12 3.64 111.64 45.40
C ALA JC 12 2.60 112.32 44.54
N ASN JC 13 1.35 111.88 44.60
CA ASN JC 13 0.30 112.43 43.75
C ASN JC 13 -0.84 113.04 44.56
N LYS JC 14 -1.20 112.40 45.67
CA LYS JC 14 -2.41 112.73 46.40
C LYS JC 14 -2.09 113.34 47.75
N ILE JC 15 -2.69 114.49 48.04
CA ILE JC 15 -2.58 115.15 49.32
C ILE JC 15 -3.99 115.38 49.84
N VAL JC 16 -4.22 115.08 51.11
CA VAL JC 16 -5.54 115.22 51.71
C VAL JC 16 -5.43 116.11 52.95
N TRP JC 17 -6.45 116.91 53.19
CA TRP JC 17 -6.56 117.71 54.40
C TRP JC 17 -7.77 117.24 55.21
N SER JC 18 -7.72 117.50 56.51
CA SER JC 18 -8.85 117.19 57.37
C SER JC 18 -8.85 118.14 58.55
N ASP JC 19 -10.03 118.44 59.06
CA ASP JC 19 -10.15 119.39 60.16
C ASP JC 19 -9.87 118.71 61.48
N PRO JC 20 -8.98 119.25 62.32
CA PRO JC 20 -8.71 118.61 63.61
C PRO JC 20 -9.94 118.49 64.50
N THR JC 21 -10.82 119.49 64.48
CA THR JC 21 -11.99 119.43 65.35
C THR JC 21 -12.97 118.36 64.89
N ARG JC 22 -13.22 118.29 63.58
CA ARG JC 22 -14.14 117.30 63.00
C ARG JC 22 -13.39 116.59 61.89
N LEU JC 23 -13.04 115.33 62.13
CA LEU JC 23 -12.23 114.58 61.17
C LEU JC 23 -13.05 114.06 60.01
N SER JC 24 -14.38 114.17 60.06
CA SER JC 24 -15.20 113.68 58.96
C SER JC 24 -14.95 114.48 57.68
N THR JC 25 -14.87 115.80 57.80
CA THR JC 25 -14.66 116.63 56.63
C THR JC 25 -13.24 116.51 56.11
N THR JC 26 -13.11 116.40 54.79
CA THR JC 26 -11.81 116.29 54.15
C THR JC 26 -11.85 117.00 52.81
N PHE JC 27 -10.67 117.34 52.32
CA PHE JC 27 -10.50 117.88 50.97
C PHE JC 27 -9.24 117.29 50.38
N SER JC 28 -9.39 116.53 49.30
CA SER JC 28 -8.27 115.83 48.69
C SER JC 28 -7.92 116.45 47.35
N ALA JC 29 -6.70 116.18 46.89
CA ALA JC 29 -6.24 116.65 45.59
C ALA JC 29 -5.21 115.67 45.05
N SER JC 30 -5.54 115.04 43.93
CA SER JC 30 -4.64 114.07 43.29
C SER JC 30 -4.34 114.56 41.89
N LEU JC 31 -3.05 114.54 41.52
CA LEU JC 31 -2.60 115.06 40.24
C LEU JC 31 -2.01 113.93 39.41
N LEU JC 32 -2.13 114.06 38.10
CA LEU JC 32 -1.63 113.05 37.16
C LEU JC 32 -1.05 113.77 35.95
N ARG JC 33 0.22 113.52 35.66
CA ARG JC 33 0.93 114.19 34.58
C ARG JC 33 1.41 113.17 33.56
N GLN JC 34 1.22 113.49 32.28
CA GLN JC 34 1.57 112.59 31.18
C GLN JC 34 2.39 113.33 30.14
N ARG JC 35 3.16 112.56 29.38
CA ARG JC 35 3.94 113.09 28.27
C ARG JC 35 3.14 112.88 26.99
N VAL JC 36 2.81 113.97 26.31
CA VAL JC 36 1.94 113.94 25.14
C VAL JC 36 2.70 114.49 23.94
N LYS JC 37 2.74 113.71 22.86
CA LYS JC 37 3.39 114.10 21.62
C LYS JC 37 2.36 114.20 20.50
N VAL JC 38 2.38 115.33 19.79
CA VAL JC 38 1.64 115.49 18.55
C VAL JC 38 2.63 115.98 17.50
N GLY JC 39 2.12 116.36 16.33
CA GLY JC 39 2.98 116.86 15.28
C GLY JC 39 3.83 118.04 15.72
N ILE JC 40 5.14 117.88 15.60
CA ILE JC 40 6.17 118.87 15.96
C ILE JC 40 5.80 119.69 17.19
N ALA JC 41 5.26 119.03 18.21
CA ALA JC 41 4.89 119.73 19.43
C ALA JC 41 4.94 118.76 20.61
N GLU JC 42 5.30 119.29 21.77
CA GLU JC 42 5.31 118.55 23.02
C GLU JC 42 4.32 119.18 23.98
N LEU JC 43 3.45 118.36 24.55
CA LEU JC 43 2.42 118.83 25.47
C LEU JC 43 2.58 118.20 26.84
N ASN JC 44 2.42 119.03 27.87
CA ASN JC 44 2.50 118.59 29.25
C ASN JC 44 1.09 118.48 29.78
N ASN JC 45 0.57 117.26 29.82
CA ASN JC 45 -0.83 117.03 30.20
C ASN JC 45 -0.92 116.82 31.70
N VAL JC 46 -1.81 117.56 32.34
CA VAL JC 46 -2.02 117.47 33.78
C VAL JC 46 -3.51 117.29 34.03
N SER JC 47 -3.85 116.31 34.87
CA SER JC 47 -5.22 116.07 35.26
C SER JC 47 -5.28 116.09 36.78
N GLY JC 48 -5.96 117.10 37.34
CA GLY JC 48 -6.04 117.25 38.78
C GLY JC 48 -7.44 116.99 39.32
N GLN JC 49 -7.58 115.94 40.12
CA GLN JC 49 -8.84 115.60 40.76
C GLN JC 49 -8.93 116.32 42.10
N TYR JC 50 -10.02 117.05 42.32
CA TYR JC 50 -10.20 117.85 43.52
C TYR JC 50 -11.51 117.43 44.17
N VAL JC 51 -11.41 116.64 45.24
CA VAL JC 51 -12.59 116.09 45.90
C VAL JC 51 -12.70 116.72 47.28
N SER JC 52 -13.84 117.36 47.53
CA SER JC 52 -14.18 117.89 48.84
C SER JC 52 -15.47 117.21 49.30
N VAL JC 53 -15.42 116.55 50.44
CA VAL JC 53 -16.54 115.77 50.95
C VAL JC 53 -16.81 116.15 52.40
N TYR JC 54 -18.08 116.28 52.74
CA TYR JC 54 -18.50 116.53 54.11
C TYR JC 54 -19.39 115.38 54.57
N LYS JC 55 -19.51 115.24 55.88
CA LYS JC 55 -20.40 114.26 56.48
C LYS JC 55 -21.41 115.05 57.32
N ARG JC 56 -22.46 115.50 56.66
CA ARG JC 56 -23.47 116.37 57.23
C ARG JC 56 -24.59 115.54 57.84
N PRO JC 57 -25.05 115.87 59.05
CA PRO JC 57 -26.18 115.14 59.63
C PRO JC 57 -27.45 115.36 58.83
N ALA JC 58 -28.33 114.38 58.90
CA ALA JC 58 -29.62 114.49 58.24
C ALA JC 58 -30.43 115.62 58.86
N PRO JC 59 -31.31 116.26 58.08
CA PRO JC 59 -32.08 117.39 58.62
C PRO JC 59 -32.98 117.00 59.77
N LYS JC 60 -32.80 117.65 60.92
CA LYS JC 60 -33.65 117.40 62.07
C LYS JC 60 -35.09 117.81 61.73
N PRO JC 61 -36.08 117.03 62.16
CA PRO JC 61 -37.47 117.38 61.86
C PRO JC 61 -37.83 118.75 62.39
N GLU JC 62 -38.64 119.48 61.63
CA GLU JC 62 -38.92 120.88 61.90
C GLU JC 62 -39.72 121.05 63.18
N GLY JC 63 -39.70 122.26 63.73
CA GLY JC 63 -40.46 122.57 64.92
C GLY JC 63 -39.87 122.04 66.21
N CYS JC 64 -38.65 121.53 66.19
CA CYS JC 64 -38.09 120.99 67.42
C CYS JC 64 -36.57 120.94 67.31
N ALA JC 65 -35.91 121.42 68.37
CA ALA JC 65 -34.49 121.18 68.60
C ALA JC 65 -34.29 120.31 69.83
N ASP JC 66 -34.80 120.76 70.98
CA ASP JC 66 -34.93 119.95 72.18
C ASP JC 66 -33.62 119.32 72.64
N ALA JC 67 -33.72 118.30 73.49
CA ALA JC 67 -32.58 117.46 73.81
C ALA JC 67 -32.08 116.80 72.54
N CYS JC 68 -30.77 116.62 72.43
CA CYS JC 68 -30.15 116.11 71.20
C CYS JC 68 -30.86 114.86 70.69
N VAL JC 69 -31.43 114.96 69.49
CA VAL JC 69 -31.91 113.78 68.78
C VAL JC 69 -30.95 113.54 67.62
N ILE JC 70 -30.22 112.44 67.67
CA ILE JC 70 -29.12 112.21 66.73
C ILE JC 70 -29.70 111.76 65.40
N MET JC 71 -29.74 112.68 64.44
CA MET JC 71 -30.04 112.32 63.08
C MET JC 71 -28.82 111.65 62.45
N PRO JC 72 -29.03 110.76 61.49
CA PRO JC 72 -27.90 110.13 60.80
C PRO JC 72 -27.16 111.17 59.95
N ASN JC 73 -26.06 110.71 59.34
CA ASN JC 73 -25.23 111.55 58.52
C ASN JC 73 -25.24 111.06 57.07
N GLU JC 74 -25.06 112.01 56.16
CA GLU JC 74 -24.96 111.72 54.74
C GLU JC 74 -23.75 112.45 54.18
N ASN JC 75 -23.22 111.93 53.08
CA ASN JC 75 -22.01 112.47 52.49
C ASN JC 75 -22.35 113.47 51.38
N GLN JC 76 -21.91 114.71 51.56
CA GLN JC 76 -22.05 115.76 50.55
C GLN JC 76 -20.70 115.91 49.85
N SER JC 77 -20.59 115.34 48.66
CA SER JC 77 -19.31 115.29 47.95
C SER JC 77 -19.33 116.25 46.77
N ILE JC 78 -18.28 117.07 46.67
CA ILE JC 78 -18.08 117.97 45.54
C ILE JC 78 -16.72 117.63 44.96
N ARG JC 79 -16.70 117.16 43.71
CA ARG JC 79 -15.45 116.77 43.07
C ARG JC 79 -15.36 117.36 41.68
N THR JC 80 -14.15 117.81 41.34
CA THR JC 80 -13.86 118.41 40.04
C THR JC 80 -12.55 117.85 39.52
N VAL JC 81 -12.39 117.84 38.20
CA VAL JC 81 -11.14 117.48 37.55
C VAL JC 81 -10.82 118.54 36.52
N ILE JC 82 -9.54 118.89 36.41
CA ILE JC 82 -9.06 119.88 35.45
C ILE JC 82 -8.10 119.15 34.52
N SER JC 83 -8.41 119.11 33.23
CA SER JC 83 -7.58 118.44 32.25
C SER JC 83 -7.16 119.43 31.18
N GLY JC 84 -5.87 119.43 30.85
CA GLY JC 84 -5.37 120.33 29.83
C GLY JC 84 -3.86 120.35 29.82
N SER JC 85 -3.33 121.08 28.85
CA SER JC 85 -1.89 121.26 28.73
C SER JC 85 -1.39 122.32 29.71
N ALA JC 86 -0.12 122.21 30.07
CA ALA JC 86 0.44 123.12 31.07
C ALA JC 86 0.72 124.50 30.50
N GLU JC 87 1.11 124.58 29.23
CA GLU JC 87 1.59 125.85 28.68
C GLU JC 87 0.50 126.90 28.65
N ASN JC 88 -0.73 126.51 28.30
CA ASN JC 88 -1.84 127.44 28.22
C ASN JC 88 -2.66 127.48 29.51
N LEU JC 89 -2.01 127.20 30.63
CA LEU JC 89 -2.70 127.23 31.92
C LEU JC 89 -3.21 128.62 32.24
N ALA JC 90 -2.40 129.65 31.97
CA ALA JC 90 -2.76 131.00 32.40
C ALA JC 90 -4.09 131.44 31.81
N THR JC 91 -4.31 131.14 30.54
CA THR JC 91 -5.60 131.41 29.92
C THR JC 91 -6.62 130.31 30.18
N LEU JC 92 -6.21 129.21 30.80
CA LEU JC 92 -7.18 128.20 31.22
C LEU JC 92 -7.94 128.62 32.46
N LYS JC 93 -7.36 129.48 33.30
CA LYS JC 93 -8.04 129.92 34.51
C LYS JC 93 -9.34 130.62 34.19
N ALA JC 94 -9.36 131.44 33.13
CA ALA JC 94 -10.58 132.13 32.75
C ALA JC 94 -11.69 131.15 32.41
N GLU JC 95 -11.36 130.08 31.68
CA GLU JC 95 -12.34 129.04 31.42
C GLU JC 95 -12.84 128.41 32.71
N TRP JC 96 -11.92 128.12 33.63
CA TRP JC 96 -12.32 127.67 34.96
C TRP JC 96 -13.13 128.74 35.67
N GLU JC 97 -12.73 130.00 35.52
CA GLU JC 97 -13.53 131.09 36.07
C GLU JC 97 -14.91 131.13 35.44
N THR JC 98 -14.99 130.92 34.13
CA THR JC 98 -16.28 130.84 33.47
C THR JC 98 -17.10 129.68 34.01
N HIS JC 99 -16.45 128.54 34.21
CA HIS JC 99 -17.15 127.36 34.73
C HIS JC 99 -17.75 127.63 36.09
N LYS JC 100 -17.11 128.51 36.88
CA LYS JC 100 -17.68 128.91 38.16
C LYS JC 100 -19.04 129.58 37.96
N ARG JC 101 -19.06 130.73 37.29
CA ARG JC 101 -20.29 131.49 37.12
C ARG JC 101 -21.32 130.70 36.31
N ASN JC 102 -20.86 129.89 35.36
CA ASN JC 102 -21.78 129.09 34.56
C ASN JC 102 -22.57 128.14 35.44
N VAL JC 103 -21.90 127.43 36.34
CA VAL JC 103 -22.59 126.54 37.26
C VAL JC 103 -23.37 127.33 38.29
N ASP JC 104 -22.77 128.41 38.82
CA ASP JC 104 -23.43 129.20 39.85
C ASP JC 104 -24.79 129.71 39.36
N THR JC 105 -24.85 130.17 38.12
CA THR JC 105 -26.12 130.60 37.56
C THR JC 105 -27.13 129.47 37.52
N LEU JC 106 -26.69 128.29 37.07
CA LEU JC 106 -27.60 127.17 36.91
C LEU JC 106 -28.01 126.60 38.25
N PHE JC 107 -27.05 126.38 39.15
CA PHE JC 107 -27.32 125.67 40.39
C PHE JC 107 -27.48 126.61 41.58
N ALA JC 108 -26.47 127.43 41.86
CA ALA JC 108 -26.51 128.28 43.05
C ALA JC 108 -27.60 129.33 42.95
N SER JC 109 -27.63 130.07 41.84
CA SER JC 109 -28.68 131.06 41.66
C SER JC 109 -30.02 130.40 41.41
N GLY JC 110 -30.05 129.41 40.54
CA GLY JC 110 -31.27 128.72 40.20
C GLY JC 110 -31.65 127.67 41.21
N ASN JC 111 -32.64 126.85 40.83
CA ASN JC 111 -33.11 125.75 41.67
C ASN JC 111 -32.78 124.40 41.06
N ALA JC 112 -31.71 124.32 40.26
CA ALA JC 112 -31.32 123.04 39.68
C ALA JC 112 -30.87 122.04 40.73
N GLY JC 113 -30.59 122.50 41.94
CA GLY JC 113 -30.22 121.58 43.00
C GLY JC 113 -31.34 120.61 43.33
N LEU JC 114 -32.58 121.10 43.37
CA LEU JC 114 -33.71 120.21 43.62
C LEU JC 114 -33.94 119.23 42.49
N GLY JC 115 -33.47 119.54 41.29
CA GLY JC 115 -33.70 118.70 40.13
C GLY JC 115 -34.52 119.43 39.08
N PHE JC 116 -34.52 120.74 39.15
CA PHE JC 116 -35.28 121.59 38.23
C PHE JC 116 -34.32 122.07 37.15
N LEU JC 117 -34.40 121.45 35.98
CA LEU JC 117 -33.56 121.86 34.85
C LEU JC 117 -34.21 123.02 34.12
N ASP JC 118 -33.44 124.09 33.91
CA ASP JC 118 -33.92 125.32 33.28
C ASP JC 118 -33.20 125.51 31.95
N PRO JC 119 -33.85 125.17 30.83
CA PRO JC 119 -33.22 125.38 29.52
C PRO JC 119 -33.10 126.86 29.17
N THR JC 120 -33.71 127.73 29.97
CA THR JC 120 -33.68 129.16 29.73
C THR JC 120 -32.63 129.87 30.59
N ALA JC 121 -31.77 129.13 31.27
CA ALA JC 121 -30.74 129.75 32.09
C ALA JC 121 -29.75 130.52 31.22
N ALA JC 122 -29.43 131.73 31.66
CA ALA JC 122 -28.52 132.61 30.93
C ALA JC 122 -27.09 132.22 31.29
N ILE JC 123 -26.45 131.46 30.40
CA ILE JC 123 -25.08 131.00 30.61
C ILE JC 123 -24.25 131.44 29.42
N VAL JC 124 -23.00 131.82 29.68
CA VAL JC 124 -22.14 132.41 28.67
C VAL JC 124 -20.91 131.54 28.49
N SER JC 125 -20.07 131.92 27.53
CA SER JC 125 -18.85 131.18 27.20
C SER JC 125 -17.63 131.97 27.67
N SER JC 126 -16.48 131.30 27.60
CA SER JC 126 -15.24 131.92 28.07
C SER JC 126 -14.87 133.12 27.22
N ASP JC 127 -14.95 133.00 25.90
CA ASP JC 127 -14.55 134.09 25.02
C ASP JC 127 -15.56 135.24 25.12
N THR JC 128 -15.05 136.46 25.07
CA THR JC 128 -15.85 137.66 25.17
C THR JC 128 -15.93 138.35 23.80
N THR JC 129 -16.58 139.51 23.78
CA THR JC 129 -16.71 140.28 22.55
C THR JC 129 -15.88 141.56 22.64
N ALA KC 1 20.59 134.79 40.26
CA ALA KC 1 19.14 134.95 40.23
C ALA KC 1 18.49 133.86 39.40
N ASN KC 2 18.77 132.61 39.76
CA ASN KC 2 18.22 131.46 39.06
C ASN KC 2 16.80 131.19 39.54
N LYS KC 3 15.92 130.86 38.61
CA LYS KC 3 14.55 130.51 38.99
C LYS KC 3 14.57 129.19 39.76
N PRO KC 4 13.97 129.13 40.94
CA PRO KC 4 14.07 127.92 41.76
C PRO KC 4 13.05 126.87 41.33
N MET KC 5 13.47 125.60 41.45
CA MET KC 5 12.55 124.50 41.24
C MET KC 5 11.73 124.27 42.51
N GLN KC 6 10.82 123.32 42.44
CA GLN KC 6 10.06 122.86 43.58
C GLN KC 6 9.90 121.35 43.45
N PRO KC 7 9.66 120.64 44.55
CA PRO KC 7 9.62 119.18 44.49
C PRO KC 7 8.39 118.67 43.76
N ILE KC 8 8.61 117.90 42.69
CA ILE KC 8 7.52 117.22 42.01
C ILE KC 8 7.03 116.04 42.83
N THR KC 9 7.90 115.06 43.06
CA THR KC 9 7.56 113.82 43.71
C THR KC 9 8.32 113.73 45.03
N SER KC 10 7.58 113.56 46.12
CA SER KC 10 8.18 113.42 47.44
C SER KC 10 8.03 111.97 47.90
N THR KC 11 9.13 111.41 48.40
CA THR KC 11 9.15 110.04 48.86
C THR KC 11 10.18 109.94 49.99
N ALA KC 12 10.01 108.93 50.85
CA ALA KC 12 10.96 108.72 51.93
C ALA KC 12 12.35 108.38 51.42
N ASN KC 13 12.50 108.01 50.15
CA ASN KC 13 13.78 107.63 49.61
C ASN KC 13 14.27 108.49 48.44
N LYS KC 14 13.40 109.27 47.81
CA LYS KC 14 13.84 110.09 46.69
C LYS KC 14 12.89 111.28 46.53
N ILE KC 15 13.44 112.38 46.03
CA ILE KC 15 12.68 113.59 45.77
C ILE KC 15 13.09 114.11 44.39
N VAL KC 16 12.12 114.60 43.63
CA VAL KC 16 12.36 115.12 42.29
C VAL KC 16 11.89 116.57 42.23
N TRP KC 17 12.77 117.46 41.80
CA TRP KC 17 12.45 118.85 41.57
C TRP KC 17 12.35 119.12 40.08
N SER KC 18 11.53 120.11 39.71
CA SER KC 18 11.48 120.56 38.33
C SER KC 18 11.02 122.01 38.31
N ASP KC 19 11.27 122.66 37.18
CA ASP KC 19 11.03 124.08 36.99
C ASP KC 19 9.63 124.33 36.46
N PRO KC 20 8.83 125.16 37.12
CA PRO KC 20 7.52 125.52 36.54
C PRO KC 20 7.64 126.13 35.16
N THR KC 21 8.63 126.99 34.92
CA THR KC 21 8.78 127.61 33.61
C THR KC 21 9.10 126.57 32.55
N ARG KC 22 9.97 125.62 32.87
CA ARG KC 22 10.39 124.59 31.93
C ARG KC 22 10.36 123.26 32.65
N LEU KC 23 9.37 122.43 32.33
CA LEU KC 23 9.21 121.16 33.01
C LEU KC 23 10.22 120.10 32.57
N SER KC 24 10.97 120.36 31.50
CA SER KC 24 11.94 119.38 31.03
C SER KC 24 13.08 119.21 32.03
N THR KC 25 13.62 120.31 32.54
CA THR KC 25 14.74 120.24 33.47
C THR KC 25 14.28 119.67 34.80
N THR KC 26 15.13 118.86 35.42
CA THR KC 26 14.79 118.19 36.67
C THR KC 26 16.01 118.14 37.57
N PHE KC 27 15.80 117.67 38.79
CA PHE KC 27 16.88 117.42 39.74
C PHE KC 27 16.36 116.42 40.75
N SER KC 28 16.88 115.19 40.70
CA SER KC 28 16.40 114.10 41.53
C SER KC 28 17.52 113.59 42.42
N ALA KC 29 17.19 113.35 43.69
CA ALA KC 29 18.14 112.81 44.66
C ALA KC 29 17.53 111.59 45.31
N SER KC 30 18.27 110.48 45.33
CA SER KC 30 17.83 109.25 45.95
C SER KC 30 18.91 108.75 46.90
N LEU KC 31 18.47 108.17 48.00
CA LEU KC 31 19.38 107.77 49.08
C LEU KC 31 19.18 106.31 49.44
N LEU KC 32 20.29 105.64 49.70
CA LEU KC 32 20.29 104.25 50.18
C LEU KC 32 21.09 104.20 51.47
N ARG KC 33 20.46 103.70 52.53
CA ARG KC 33 21.09 103.55 53.83
C ARG KC 33 21.26 102.08 54.12
N GLN KC 34 22.49 101.65 54.37
CA GLN KC 34 22.82 100.25 54.53
C GLN KC 34 23.51 100.01 55.87
N ARG KC 35 23.49 98.75 56.30
CA ARG KC 35 24.23 98.31 57.47
C ARG KC 35 25.49 97.58 57.00
N VAL KC 36 26.65 98.07 57.40
CA VAL KC 36 27.92 97.49 57.00
C VAL KC 36 28.69 97.09 58.25
N LYS KC 37 29.18 95.86 58.25
CA LYS KC 37 30.03 95.34 59.33
C LYS KC 37 31.42 95.17 58.73
N VAL KC 38 32.20 96.24 58.76
CA VAL KC 38 33.53 96.22 58.15
C VAL KC 38 34.60 96.60 59.17
N GLY KC 39 34.35 97.63 59.96
CA GLY KC 39 35.30 98.05 60.97
C GLY KC 39 35.11 97.27 62.25
N ILE KC 40 35.13 95.93 62.13
CA ILE KC 40 34.84 94.97 63.20
C ILE KC 40 33.69 95.48 64.08
N ALA KC 41 32.79 96.24 63.49
CA ALA KC 41 31.68 96.89 64.19
C ALA KC 41 30.70 97.36 63.13
N GLU KC 42 29.52 97.77 63.57
CA GLU KC 42 28.47 98.21 62.66
C GLU KC 42 28.64 99.68 62.33
N LEU KC 43 28.64 100.00 61.04
CA LEU KC 43 28.82 101.37 60.58
C LEU KC 43 27.61 101.82 59.78
N ASN KC 44 27.37 103.12 59.81
CA ASN KC 44 26.21 103.72 59.16
C ASN KC 44 26.64 104.20 57.77
N ASN KC 45 26.23 103.47 56.74
CA ASN KC 45 26.61 103.79 55.37
C ASN KC 45 25.42 104.40 54.64
N VAL KC 46 25.64 105.55 54.00
CA VAL KC 46 24.63 106.23 53.22
C VAL KC 46 25.19 106.48 51.83
N SER KC 47 24.47 106.01 50.81
CA SER KC 47 24.87 106.18 49.42
C SER KC 47 23.76 106.89 48.67
N GLY KC 48 24.00 108.16 48.33
CA GLY KC 48 23.00 108.98 47.67
C GLY KC 48 23.46 109.37 46.28
N GLN KC 49 22.54 109.28 45.32
CA GLN KC 49 22.80 109.69 43.94
C GLN KC 49 22.07 111.00 43.68
N TYR KC 50 22.76 111.95 43.06
CA TYR KC 50 22.20 113.24 42.71
C TYR KC 50 22.25 113.39 41.20
N VAL KC 51 21.09 113.56 40.58
CA VAL KC 51 20.95 113.58 39.13
C VAL KC 51 20.35 114.90 38.71
N SER KC 52 21.02 115.60 37.81
CA SER KC 52 20.51 116.83 37.22
C SER KC 52 20.41 116.64 35.71
N VAL KC 53 19.22 116.91 35.17
CA VAL KC 53 18.92 116.68 33.77
C VAL KC 53 18.43 117.98 33.14
N TYR KC 54 18.92 118.29 31.95
CA TYR KC 54 18.46 119.46 31.21
C TYR KC 54 18.26 119.08 29.74
N LYS KC 55 17.24 119.66 29.14
CA LYS KC 55 16.95 119.52 27.72
C LYS KC 55 17.28 120.84 27.05
N ARG KC 56 18.47 120.94 26.46
CA ARG KC 56 18.89 122.16 25.76
C ARG KC 56 19.16 121.85 24.30
N PRO KC 57 18.24 122.17 23.40
CA PRO KC 57 18.51 122.08 21.97
C PRO KC 57 19.29 123.30 21.50
N ALA KC 58 20.58 123.11 21.25
CA ALA KC 58 21.32 124.19 20.62
C ALA KC 58 22.25 123.72 19.50
N PRO KC 59 21.81 122.86 18.57
CA PRO KC 59 22.57 122.78 17.31
C PRO KC 59 22.61 124.11 16.58
N LYS KC 60 21.44 124.66 16.26
CA LYS KC 60 21.29 125.93 15.55
C LYS KC 60 22.17 125.94 14.31
N PRO KC 61 21.80 125.19 13.26
CA PRO KC 61 22.67 125.09 12.07
C PRO KC 61 23.10 126.44 11.55
N GLU KC 62 24.41 126.71 11.60
CA GLU KC 62 25.06 127.97 11.20
C GLU KC 62 24.21 129.13 11.69
N GLY KC 63 24.06 130.21 10.93
CA GLY KC 63 23.30 131.37 11.38
C GLY KC 63 21.95 131.55 10.73
N CYS KC 64 21.20 130.47 10.52
CA CYS KC 64 19.84 130.59 10.01
C CYS KC 64 19.01 131.46 10.95
N ALA KC 65 18.26 132.39 10.38
CA ALA KC 65 17.51 133.37 11.16
C ALA KC 65 16.03 133.02 11.28
N ASP KC 66 15.63 131.82 10.87
CA ASP KC 66 14.25 131.41 11.05
C ASP KC 66 13.95 131.29 12.54
N ALA KC 67 12.84 131.90 12.97
CA ALA KC 67 12.54 131.98 14.40
C ALA KC 67 12.27 130.61 15.01
N CYS KC 68 11.51 129.77 14.32
CA CYS KC 68 11.17 128.43 14.79
C CYS KC 68 11.53 127.38 13.76
N VAL KC 69 12.75 127.49 13.22
CA VAL KC 69 13.41 126.31 12.67
C VAL KC 69 13.85 125.45 13.86
N ILE KC 70 13.15 124.35 14.09
CA ILE KC 70 13.19 123.66 15.37
C ILE KC 70 14.02 122.40 15.22
N MET KC 71 14.79 122.08 16.25
CA MET KC 71 15.65 120.92 16.32
C MET KC 71 15.45 120.20 17.65
N PRO KC 72 15.71 118.91 17.72
CA PRO KC 72 15.49 118.18 18.96
C PRO KC 72 16.46 118.62 20.05
N ASN KC 73 16.13 118.28 21.29
CA ASN KC 73 16.96 118.61 22.43
C ASN KC 73 18.16 117.67 22.49
N GLU KC 74 18.97 117.82 23.54
CA GLU KC 74 20.11 116.96 23.77
C GLU KC 74 20.19 116.64 25.25
N ASN KC 75 20.67 115.44 25.56
CA ASN KC 75 20.77 115.00 26.95
C ASN KC 75 21.94 115.69 27.62
N GLN KC 76 21.67 116.81 28.29
CA GLN KC 76 22.65 117.47 29.15
C GLN KC 76 22.33 117.05 30.57
N SER KC 77 22.81 115.88 30.96
CA SER KC 77 22.56 115.33 32.28
C SER KC 77 23.88 114.94 32.93
N ILE KC 78 24.03 115.27 34.20
CA ILE KC 78 25.22 114.90 34.97
C ILE KC 78 24.75 114.33 36.31
N ARG KC 79 25.39 113.25 36.74
CA ARG KC 79 24.99 112.51 37.92
C ARG KC 79 26.15 112.40 38.89
N THR KC 80 25.85 112.57 40.18
CA THR KC 80 26.85 112.50 41.23
C THR KC 80 26.42 111.46 42.25
N VAL KC 81 27.36 110.63 42.69
CA VAL KC 81 27.10 109.58 43.66
C VAL KC 81 28.05 109.76 44.83
N ILE KC 82 27.51 109.81 46.04
CA ILE KC 82 28.29 109.97 47.26
C ILE KC 82 28.02 108.76 48.12
N SER KC 83 29.09 108.06 48.51
CA SER KC 83 28.99 106.90 49.40
C SER KC 83 30.04 107.03 50.48
N GLY KC 84 29.63 106.79 51.72
CA GLY KC 84 30.56 106.86 52.83
C GLY KC 84 29.85 106.60 54.14
N SER KC 85 30.66 106.36 55.17
CA SER KC 85 30.12 106.15 56.50
C SER KC 85 29.57 107.45 57.06
N ALA KC 86 28.41 107.35 57.72
CA ALA KC 86 27.82 108.54 58.33
C ALA KC 86 28.69 109.05 59.48
N GLU KC 87 29.45 108.16 60.11
CA GLU KC 87 30.33 108.58 61.19
C GLU KC 87 31.40 109.54 60.70
N ASN KC 88 31.99 109.27 59.53
CA ASN KC 88 33.03 110.11 58.96
C ASN KC 88 32.46 111.23 58.09
N LEU KC 89 31.18 111.57 58.28
CA LEU KC 89 30.54 112.56 57.45
C LEU KC 89 31.21 113.92 57.59
N ALA KC 90 31.56 114.31 58.82
CA ALA KC 90 32.13 115.63 59.05
C ALA KC 90 33.38 115.85 58.20
N THR KC 91 34.19 114.81 58.08
CA THR KC 91 35.34 114.84 57.18
C THR KC 91 35.04 114.25 55.81
N LEU KC 92 33.81 113.80 55.57
CA LEU KC 92 33.42 113.42 54.21
C LEU KC 92 33.15 114.64 53.35
N LYS KC 93 32.63 115.71 53.96
CA LYS KC 93 32.39 116.93 53.21
C LYS KC 93 33.69 117.52 52.69
N ALA KC 94 34.76 117.45 53.50
CA ALA KC 94 36.02 118.05 53.10
C ALA KC 94 36.57 117.42 51.83
N GLU KC 95 36.53 116.09 51.73
CA GLU KC 95 37.04 115.44 50.53
C GLU KC 95 36.09 115.62 49.35
N TRP KC 96 34.83 115.94 49.63
CA TRP KC 96 33.93 116.33 48.55
C TRP KC 96 34.38 117.64 47.91
N GLU KC 97 34.87 118.57 48.74
CA GLU KC 97 35.33 119.85 48.22
C GLU KC 97 36.48 119.67 47.26
N THR KC 98 37.49 118.88 47.65
CA THR KC 98 38.64 118.70 46.77
C THR KC 98 38.26 117.91 45.54
N HIS KC 99 37.25 117.03 45.65
CA HIS KC 99 36.75 116.36 44.46
C HIS KC 99 36.16 117.37 43.49
N LYS KC 100 35.42 118.35 44.00
CA LYS KC 100 34.96 119.44 43.15
C LYS KC 100 36.14 120.21 42.56
N ARG KC 101 37.13 120.51 43.40
CA ARG KC 101 38.30 121.24 42.91
C ARG KC 101 39.05 120.45 41.86
N ASN KC 102 39.23 119.15 42.08
CA ASN KC 102 39.96 118.33 41.12
C ASN KC 102 39.24 118.29 39.78
N VAL KC 103 37.92 118.13 39.79
CA VAL KC 103 37.18 118.14 38.54
C VAL KC 103 37.25 119.51 37.89
N ASP KC 104 37.08 120.58 38.67
CA ASP KC 104 37.07 121.92 38.11
C ASP KC 104 38.39 122.24 37.42
N THR KC 105 39.51 121.95 38.09
CA THR KC 105 40.81 122.23 37.48
C THR KC 105 41.08 121.33 36.29
N LEU KC 106 40.37 120.21 36.20
CA LEU KC 106 40.53 119.32 35.06
C LEU KC 106 39.48 119.53 33.99
N PHE KC 107 38.24 119.82 34.39
CA PHE KC 107 37.14 119.98 33.44
C PHE KC 107 36.77 121.43 33.21
N ALA KC 108 36.50 122.19 34.27
CA ALA KC 108 36.07 123.57 34.10
C ALA KC 108 37.21 124.44 33.57
N SER KC 109 38.28 124.57 34.35
CA SER KC 109 39.43 125.33 33.90
C SER KC 109 40.08 124.68 32.68
N GLY KC 110 40.22 123.36 32.71
CA GLY KC 110 40.79 122.64 31.60
C GLY KC 110 39.82 122.50 30.45
N ASN KC 111 40.29 121.85 29.39
CA ASN KC 111 39.49 121.60 28.20
C ASN KC 111 39.13 120.12 28.08
N ALA KC 112 39.01 119.42 29.21
CA ALA KC 112 38.66 118.01 29.18
C ALA KC 112 37.27 117.77 28.61
N GLY KC 113 36.42 118.78 28.61
CA GLY KC 113 35.09 118.62 28.03
C GLY KC 113 35.16 118.30 26.54
N LEU KC 114 36.14 118.87 25.84
CA LEU KC 114 36.32 118.52 24.44
C LEU KC 114 36.66 117.04 24.27
N GLY KC 115 37.39 116.47 25.22
CA GLY KC 115 37.75 115.07 25.15
C GLY KC 115 39.24 114.83 25.30
N PHE KC 116 39.95 115.82 25.83
CA PHE KC 116 41.40 115.75 25.98
C PHE KC 116 41.78 115.73 27.45
N LEU KC 117 42.67 114.83 27.81
CA LEU KC 117 43.16 114.70 29.18
C LEU KC 117 44.58 115.25 29.28
N ASP KC 118 44.79 116.11 30.28
CA ASP KC 118 46.11 116.70 30.49
C ASP KC 118 46.83 115.91 31.57
N PRO KC 119 47.85 115.12 31.23
CA PRO KC 119 48.55 114.34 32.25
C PRO KC 119 49.27 115.18 33.28
N THR KC 120 49.53 116.45 33.00
CA THR KC 120 50.21 117.32 33.94
C THR KC 120 49.24 118.25 34.69
N ALA KC 121 47.95 117.93 34.67
CA ALA KC 121 46.98 118.71 35.42
C ALA KC 121 47.28 118.63 36.91
N ALA KC 122 47.07 119.75 37.60
CA ALA KC 122 47.43 119.86 39.03
C ALA KC 122 46.33 119.24 39.88
N ILE KC 123 46.35 117.92 39.96
CA ILE KC 123 45.39 117.19 40.79
C ILE KC 123 45.89 117.21 42.23
N VAL KC 124 45.02 117.60 43.16
CA VAL KC 124 45.39 117.84 44.54
C VAL KC 124 44.51 116.99 45.44
N SER KC 125 45.09 116.47 46.51
CA SER KC 125 44.38 115.59 47.43
C SER KC 125 43.56 116.41 48.44
N SER KC 126 42.98 115.70 49.40
CA SER KC 126 42.26 116.32 50.49
C SER KC 126 43.17 116.62 51.69
N ASP KC 127 44.06 115.69 52.01
CA ASP KC 127 44.97 115.89 53.13
C ASP KC 127 45.94 117.03 52.83
N THR KC 128 46.09 117.94 53.79
CA THR KC 128 46.99 119.06 53.64
C THR KC 128 48.43 118.62 53.89
N THR KC 129 49.36 119.55 53.77
CA THR KC 129 50.77 119.27 53.99
C THR KC 129 51.05 119.07 55.49
N ALA LC 1 78.96 -85.18 96.48
CA ALA LC 1 77.55 -84.90 96.58
C ALA LC 1 77.15 -83.76 95.65
N ASN LC 2 75.85 -83.66 95.37
CA ASN LC 2 75.31 -82.64 94.49
C ASN LC 2 74.40 -81.72 95.28
N LYS LC 3 74.46 -80.44 94.96
CA LYS LC 3 73.58 -79.47 95.62
C LYS LC 3 72.13 -79.75 95.21
N PRO LC 4 71.23 -80.00 96.16
CA PRO LC 4 69.83 -80.26 95.78
C PRO LC 4 69.10 -78.98 95.43
N MET LC 5 68.31 -79.03 94.36
CA MET LC 5 67.47 -77.89 94.05
C MET LC 5 66.35 -77.76 95.07
N GLN LC 6 65.72 -76.58 95.07
CA GLN LC 6 64.60 -76.30 95.93
C GLN LC 6 63.41 -75.90 95.08
N PRO LC 7 62.25 -76.51 95.26
CA PRO LC 7 61.13 -76.28 94.35
C PRO LC 7 60.72 -74.82 94.34
N ILE LC 8 60.34 -74.32 93.16
CA ILE LC 8 59.98 -72.93 92.99
C ILE LC 8 58.50 -72.75 92.67
N THR LC 9 57.93 -73.56 91.79
CA THR LC 9 56.52 -73.41 91.43
C THR LC 9 55.88 -74.79 91.56
N SER LC 10 55.24 -75.04 92.69
CA SER LC 10 54.62 -76.33 92.97
C SER LC 10 53.16 -76.29 92.54
N THR LC 11 52.76 -77.28 91.76
CA THR LC 11 51.40 -77.38 91.27
C THR LC 11 51.08 -78.84 91.05
N ALA LC 12 49.79 -79.18 91.07
CA ALA LC 12 49.37 -80.55 90.85
C ALA LC 12 49.68 -81.03 89.45
N ASN LC 13 50.02 -80.14 88.52
CA ASN LC 13 50.34 -80.52 87.16
C ASN LC 13 51.78 -80.24 86.74
N LYS LC 14 52.51 -79.45 87.51
CA LYS LC 14 53.87 -79.10 87.12
C LYS LC 14 54.61 -78.54 88.32
N ILE LC 15 55.82 -79.03 88.54
CA ILE LC 15 56.70 -78.53 89.59
C ILE LC 15 58.04 -78.18 88.97
N VAL LC 16 58.54 -77.00 89.28
CA VAL LC 16 59.80 -76.50 88.73
C VAL LC 16 60.79 -76.32 89.88
N TRP LC 17 61.86 -77.11 89.85
CA TRP LC 17 62.95 -76.96 90.80
C TRP LC 17 64.02 -76.04 90.20
N SER LC 18 64.78 -75.40 91.08
CA SER LC 18 65.88 -74.56 90.67
C SER LC 18 66.93 -74.52 91.76
N ASP LC 19 68.18 -74.42 91.35
CA ASP LC 19 69.28 -74.42 92.29
C ASP LC 19 69.35 -73.08 93.00
N PRO LC 20 69.33 -73.04 94.34
CA PRO LC 20 69.35 -71.74 95.02
C PRO LC 20 70.58 -70.90 94.72
N THR LC 21 71.73 -71.53 94.54
CA THR LC 21 72.95 -70.77 94.26
C THR LC 21 72.89 -70.14 92.88
N ARG LC 22 72.51 -70.92 91.88
CA ARG LC 22 72.40 -70.44 90.51
C ARG LC 22 70.99 -70.76 90.02
N LEU LC 23 70.17 -69.72 89.87
CA LEU LC 23 68.77 -69.91 89.51
C LEU LC 23 68.56 -70.21 88.03
N SER LC 24 69.59 -70.02 87.19
CA SER LC 24 69.43 -70.26 85.77
C SER LC 24 69.14 -71.73 85.49
N THR LC 25 69.88 -72.63 86.14
CA THR LC 25 69.64 -74.05 85.96
C THR LC 25 68.34 -74.47 86.63
N THR LC 26 67.54 -75.27 85.92
CA THR LC 26 66.24 -75.68 86.42
C THR LC 26 66.00 -77.14 86.07
N PHE LC 27 64.94 -77.69 86.65
CA PHE LC 27 64.45 -79.02 86.30
C PHE LC 27 62.98 -79.07 86.64
N SER LC 28 62.12 -79.15 85.62
CA SER LC 28 60.68 -79.11 85.81
C SER LC 28 60.05 -80.37 85.24
N ALA LC 29 59.08 -80.91 85.97
CA ALA LC 29 58.34 -82.09 85.56
C ALA LC 29 56.87 -81.73 85.43
N SER LC 30 56.27 -82.11 84.31
CA SER LC 30 54.86 -81.85 84.06
C SER LC 30 54.16 -83.14 83.68
N LEU LC 31 52.91 -83.26 84.10
CA LEU LC 31 52.14 -84.48 83.89
C LEU LC 31 50.86 -84.16 83.14
N LEU LC 32 50.57 -84.96 82.12
CA LEU LC 32 49.32 -84.88 81.39
C LEU LC 32 48.64 -86.24 81.45
N ARG LC 33 47.50 -86.30 82.11
CA ARG LC 33 46.78 -87.55 82.34
C ARG LC 33 45.50 -87.56 81.53
N GLN LC 34 45.25 -88.67 80.85
CA GLN LC 34 44.10 -88.81 79.95
C GLN LC 34 43.51 -90.19 80.11
N ARG LC 35 42.30 -90.36 79.58
CA ARG LC 35 41.65 -91.66 79.50
C ARG LC 35 41.72 -92.14 78.06
N VAL LC 36 42.23 -93.35 77.87
CA VAL LC 36 42.45 -93.92 76.55
C VAL LC 36 41.62 -95.19 76.43
N LYS LC 37 40.81 -95.26 75.37
CA LYS LC 37 39.98 -96.43 75.09
C LYS LC 37 40.73 -97.26 74.05
N VAL LC 38 41.22 -98.42 74.47
CA VAL LC 38 41.90 -99.31 73.53
C VAL LC 38 40.90 -100.20 72.80
N GLY LC 39 40.14 -100.99 73.54
CA GLY LC 39 39.04 -101.76 72.98
C GLY LC 39 38.27 -102.44 74.09
N ILE LC 40 36.96 -102.23 74.12
CA ILE LC 40 36.04 -102.70 75.16
C ILE LC 40 36.69 -102.58 76.54
N ALA LC 41 37.55 -101.58 76.70
CA ALA LC 41 38.30 -101.40 77.95
C ALA LC 41 38.84 -99.98 78.03
N GLU LC 42 38.60 -99.33 79.16
CA GLU LC 42 39.09 -97.97 79.37
C GLU LC 42 40.40 -98.01 80.16
N LEU LC 43 41.35 -97.18 79.72
CA LEU LC 43 42.67 -97.16 80.32
C LEU LC 43 43.07 -95.72 80.61
N ASN LC 44 43.85 -95.55 81.68
CA ASN LC 44 44.33 -94.25 82.10
C ASN LC 44 45.76 -94.06 81.61
N ASN LC 45 45.97 -93.05 80.77
CA ASN LC 45 47.27 -92.79 80.17
C ASN LC 45 47.87 -91.52 80.76
N VAL LC 46 49.18 -91.55 81.00
CA VAL LC 46 49.91 -90.41 81.53
C VAL LC 46 51.10 -90.14 80.61
N SER LC 47 51.44 -88.87 80.45
CA SER LC 47 52.60 -88.46 79.66
C SER LC 47 53.43 -87.51 80.51
N GLY LC 48 54.46 -88.05 81.16
CA GLY LC 48 55.30 -87.28 82.05
C GLY LC 48 56.42 -86.61 81.27
N GLN LC 49 56.41 -85.28 81.27
CA GLN LC 49 57.41 -84.49 80.57
C GLN LC 49 58.42 -83.97 81.59
N TYR LC 50 59.69 -84.33 81.40
CA TYR LC 50 60.76 -83.90 82.27
C TYR LC 50 61.82 -83.19 81.43
N VAL LC 51 62.13 -81.95 81.80
CA VAL LC 51 63.11 -81.16 81.08
C VAL LC 51 64.13 -80.63 82.07
N SER LC 52 65.41 -80.78 81.73
CA SER LC 52 66.51 -80.24 82.51
C SER LC 52 67.26 -79.23 81.66
N VAL LC 53 67.43 -78.02 82.19
CA VAL LC 53 68.01 -76.92 81.45
C VAL LC 53 69.20 -76.36 82.22
N TYR LC 54 70.31 -76.15 81.51
CA TYR LC 54 71.50 -75.55 82.09
C TYR LC 54 72.02 -74.47 81.17
N LYS LC 55 72.35 -73.33 81.76
CA LYS LC 55 72.98 -72.23 81.03
C LYS LC 55 74.49 -72.34 81.23
N ARG LC 56 75.20 -72.72 80.17
CA ARG LC 56 76.63 -72.96 80.25
C ARG LC 56 77.37 -71.83 79.56
N PRO LC 57 78.32 -71.19 80.23
CA PRO LC 57 78.93 -69.97 79.68
C PRO LC 57 79.98 -70.22 78.61
N ALA LC 58 79.64 -71.02 77.60
CA ALA LC 58 80.48 -71.22 76.42
C ALA LC 58 81.81 -71.88 76.78
N PRO LC 59 82.60 -72.31 75.79
CA PRO LC 59 83.96 -72.78 76.11
C PRO LC 59 85.00 -71.68 75.99
N LYS LC 60 86.03 -71.74 76.82
CA LYS LC 60 87.13 -70.79 76.78
C LYS LC 60 88.37 -71.46 76.21
N PRO LC 61 88.98 -70.87 75.17
CA PRO LC 61 90.20 -71.46 74.61
C PRO LC 61 91.31 -71.64 75.63
N GLU LC 62 91.84 -72.87 75.70
CA GLU LC 62 92.97 -73.26 76.55
C GLU LC 62 93.28 -72.34 77.72
N GLY LC 63 94.33 -71.53 77.61
CA GLY LC 63 94.78 -70.65 78.67
C GLY LC 63 94.20 -69.26 78.66
N CYS LC 64 93.06 -69.05 78.00
CA CYS LC 64 92.46 -67.72 77.91
C CYS LC 64 91.49 -67.49 79.05
N ALA LC 65 91.47 -68.41 80.03
CA ALA LC 65 90.49 -68.35 81.10
C ALA LC 65 90.75 -67.17 82.02
N ASP LC 66 91.93 -66.57 81.92
CA ASP LC 66 92.30 -65.46 82.79
C ASP LC 66 91.33 -64.29 82.62
N ALA LC 67 90.86 -64.05 81.39
CA ALA LC 67 89.91 -62.98 81.13
C ALA LC 67 88.64 -63.21 81.93
N CYS LC 68 88.44 -62.40 82.97
CA CYS LC 68 87.33 -62.63 83.90
C CYS LC 68 86.18 -61.66 83.60
N VAL LC 69 85.72 -61.72 82.35
CA VAL LC 69 84.45 -61.13 81.93
C VAL LC 69 83.48 -62.30 81.86
N ILE LC 70 82.23 -62.05 81.47
CA ILE LC 70 81.22 -63.09 81.38
C ILE LC 70 80.72 -63.12 79.93
N MET LC 71 81.18 -64.10 79.19
CA MET LC 71 80.77 -64.31 77.81
C MET LC 71 79.34 -64.81 77.77
N PRO LC 72 78.63 -64.66 76.65
CA PRO LC 72 77.26 -65.19 76.58
C PRO LC 72 77.25 -66.69 76.77
N ASN LC 73 76.22 -67.17 77.47
CA ASN LC 73 76.10 -68.59 77.76
C ASN LC 73 75.25 -69.27 76.69
N GLU LC 74 75.15 -70.59 76.77
CA GLU LC 74 74.50 -71.39 75.75
C GLU LC 74 73.60 -72.41 76.41
N ASN LC 75 72.55 -72.83 75.69
CA ASN LC 75 71.50 -73.68 76.23
C ASN LC 75 71.90 -75.15 76.17
N GLN LC 76 71.82 -75.82 77.31
CA GLN LC 76 71.95 -77.28 77.37
C GLN LC 76 70.65 -77.83 77.93
N SER LC 77 69.80 -78.35 77.07
CA SER LC 77 68.47 -78.80 77.46
C SER LC 77 68.32 -80.29 77.16
N ILE LC 78 67.73 -81.01 78.11
CA ILE LC 78 67.49 -82.44 77.99
C ILE LC 78 66.01 -82.67 78.29
N ARG LC 79 65.28 -83.20 77.32
CA ARG LC 79 63.85 -83.38 77.43
C ARG LC 79 63.51 -84.85 77.23
N THR LC 80 62.73 -85.42 78.15
CA THR LC 80 62.23 -86.78 78.01
C THR LC 80 60.74 -86.77 78.32
N VAL LC 81 59.97 -87.50 77.53
CA VAL LC 81 58.55 -87.69 77.78
C VAL LC 81 58.29 -89.19 77.88
N ILE LC 82 57.56 -89.58 78.91
CA ILE LC 82 57.25 -90.98 79.16
C ILE LC 82 55.74 -91.13 79.04
N SER LC 83 55.30 -91.90 78.05
CA SER LC 83 53.88 -92.07 77.77
C SER LC 83 53.51 -93.54 77.90
N GLY LC 84 52.44 -93.81 78.62
CA GLY LC 84 51.98 -95.18 78.78
C GLY LC 84 50.90 -95.24 79.83
N SER LC 85 50.18 -96.36 79.83
CA SER LC 85 49.08 -96.55 80.77
C SER LC 85 49.61 -96.85 82.16
N ALA LC 86 48.85 -96.43 83.17
CA ALA LC 86 49.27 -96.62 84.55
C ALA LC 86 49.27 -98.09 84.93
N GLU LC 87 48.32 -98.86 84.40
CA GLU LC 87 48.21 -100.27 84.78
C GLU LC 87 49.42 -101.08 84.35
N ASN LC 88 50.04 -100.76 83.21
CA ASN LC 88 51.26 -101.41 82.78
C ASN LC 88 52.50 -100.65 83.20
N LEU LC 89 52.45 -99.95 84.33
CA LEU LC 89 53.61 -99.21 84.79
C LEU LC 89 54.79 -100.12 85.08
N ALA LC 90 54.53 -101.32 85.61
CA ALA LC 90 55.60 -102.22 85.98
C ALA LC 90 56.46 -102.59 84.78
N THR LC 91 55.83 -102.97 83.66
CA THR LC 91 56.60 -103.28 82.47
C THR LC 91 57.16 -102.03 81.83
N LEU LC 92 56.51 -100.88 82.04
CA LEU LC 92 57.02 -99.63 81.47
C LEU LC 92 58.31 -99.21 82.15
N LYS LC 93 58.49 -99.54 83.43
CA LYS LC 93 59.74 -99.21 84.11
C LYS LC 93 60.92 -99.89 83.44
N ALA LC 94 60.74 -101.14 83.02
CA ALA LC 94 61.81 -101.83 82.29
C ALA LC 94 62.10 -101.13 80.98
N GLU LC 95 61.07 -100.61 80.31
CA GLU LC 95 61.29 -99.84 79.10
C GLU LC 95 62.17 -98.63 79.37
N TRP LC 96 61.95 -97.97 80.50
CA TRP LC 96 62.81 -96.85 80.87
C TRP LC 96 64.24 -97.32 81.10
N GLU LC 97 64.40 -98.50 81.70
CA GLU LC 97 65.74 -99.02 81.95
C GLU LC 97 66.47 -99.30 80.64
N THR LC 98 65.84 -100.03 79.73
CA THR LC 98 66.50 -100.35 78.48
C THR LC 98 66.70 -99.12 77.61
N HIS LC 99 65.77 -98.16 77.68
CA HIS LC 99 65.95 -96.92 76.94
C HIS LC 99 67.18 -96.18 77.43
N LYS LC 100 67.40 -96.18 78.75
CA LYS LC 100 68.62 -95.59 79.29
C LYS LC 100 69.85 -96.30 78.75
N ARG LC 101 69.82 -97.63 78.73
CA ARG LC 101 70.97 -98.40 78.26
C ARG LC 101 71.24 -98.12 76.78
N ASN LC 102 70.19 -98.06 75.98
CA ASN LC 102 70.37 -97.84 74.54
C ASN LC 102 70.97 -96.47 74.27
N VAL LC 103 70.43 -95.42 74.90
CA VAL LC 103 70.93 -94.08 74.66
C VAL LC 103 72.38 -93.95 75.13
N ASP LC 104 72.69 -94.56 76.28
CA ASP LC 104 74.06 -94.51 76.78
C ASP LC 104 75.03 -95.10 75.77
N THR LC 105 74.61 -96.16 75.07
CA THR LC 105 75.47 -96.75 74.06
C THR LC 105 75.76 -95.77 72.93
N LEU LC 106 74.72 -95.11 72.42
CA LEU LC 106 74.92 -94.16 71.33
C LEU LC 106 75.62 -92.90 71.81
N PHE LC 107 75.16 -92.34 72.93
CA PHE LC 107 75.56 -90.99 73.35
C PHE LC 107 76.73 -91.02 74.31
N ALA LC 108 76.57 -91.68 75.46
CA ALA LC 108 77.63 -91.67 76.46
C ALA LC 108 78.87 -92.42 75.98
N SER LC 109 78.67 -93.62 75.45
CA SER LC 109 79.80 -94.44 75.02
C SER LC 109 80.17 -94.23 73.56
N GLY LC 110 79.39 -93.45 72.81
CA GLY LC 110 79.67 -93.26 71.41
C GLY LC 110 79.89 -91.82 71.02
N ASN LC 111 79.76 -91.51 69.74
CA ASN LC 111 79.96 -90.17 69.23
C ASN LC 111 78.66 -89.52 68.77
N ALA LC 112 77.53 -89.93 69.36
CA ALA LC 112 76.24 -89.36 68.96
C ALA LC 112 76.19 -87.88 69.26
N GLY LC 113 76.73 -87.46 70.40
CA GLY LC 113 76.72 -86.04 70.73
C GLY LC 113 77.48 -85.21 69.73
N LEU LC 114 78.60 -85.72 69.24
CA LEU LC 114 79.38 -85.00 68.24
C LEU LC 114 78.60 -84.82 66.94
N GLY LC 115 77.75 -85.76 66.60
CA GLY LC 115 76.99 -85.67 65.37
C GLY LC 115 77.15 -86.90 64.49
N PHE LC 116 77.73 -87.96 65.06
CA PHE LC 116 78.01 -89.18 64.33
C PHE LC 116 77.09 -90.29 64.81
N LEU LC 117 76.57 -91.05 63.87
CA LEU LC 117 75.71 -92.20 64.16
C LEU LC 117 76.42 -93.47 63.73
N ASP LC 118 76.42 -94.46 64.62
CA ASP LC 118 77.10 -95.73 64.35
C ASP LC 118 76.08 -96.81 64.06
N PRO LC 119 75.91 -97.22 62.81
CA PRO LC 119 74.90 -98.26 62.50
C PRO LC 119 75.21 -99.59 63.13
N THR LC 120 76.45 -99.86 63.51
CA THR LC 120 76.82 -101.15 64.08
C THR LC 120 76.80 -101.16 65.60
N ALA LC 121 76.30 -100.09 66.24
CA ALA LC 121 76.23 -100.06 67.68
C ALA LC 121 75.22 -101.10 68.18
N ALA LC 122 75.55 -101.74 69.30
CA ALA LC 122 74.67 -102.77 69.85
C ALA LC 122 73.46 -102.14 70.53
N ILE LC 123 72.28 -102.59 70.14
CA ILE LC 123 71.02 -102.11 70.71
C ILE LC 123 70.25 -103.31 71.22
N VAL LC 124 69.79 -103.23 72.46
CA VAL LC 124 69.11 -104.35 73.12
C VAL LC 124 67.70 -103.91 73.48
N SER LC 125 66.78 -104.88 73.51
CA SER LC 125 65.38 -104.60 73.76
C SER LC 125 65.03 -104.86 75.21
N SER LC 126 63.79 -104.55 75.59
CA SER LC 126 63.32 -104.84 76.94
C SER LC 126 63.08 -106.33 77.13
N ASP LC 127 62.69 -107.04 76.07
CA ASP LC 127 62.48 -108.47 76.18
C ASP LC 127 63.79 -109.19 76.44
N THR LC 128 63.70 -110.32 77.15
CA THR LC 128 64.87 -111.10 77.53
C THR LC 128 64.72 -112.52 77.00
N THR LC 129 65.82 -113.05 76.46
CA THR LC 129 65.84 -114.40 75.93
C THR LC 129 65.63 -115.43 77.04
N ALA MC 1 40.15 -102.89 106.44
CA ALA MC 1 40.78 -101.64 106.05
C ALA MC 1 40.55 -101.35 104.57
N ASN MC 2 40.67 -100.09 104.20
CA ASN MC 2 40.40 -99.65 102.83
C ASN MC 2 41.64 -98.99 102.25
N LYS MC 3 41.78 -99.04 100.94
CA LYS MC 3 42.88 -98.34 100.29
C LYS MC 3 42.67 -96.84 100.42
N PRO MC 4 43.60 -96.12 101.02
CA PRO MC 4 43.48 -94.66 101.08
C PRO MC 4 43.76 -94.04 99.72
N MET MC 5 43.20 -92.87 99.49
CA MET MC 5 43.50 -92.13 98.28
C MET MC 5 44.55 -91.06 98.58
N GLN MC 6 44.97 -90.37 97.53
CA GLN MC 6 45.84 -89.21 97.64
C GLN MC 6 45.32 -88.12 96.72
N PRO MC 7 45.57 -86.85 97.03
CA PRO MC 7 45.07 -85.77 96.19
C PRO MC 7 45.66 -85.85 94.79
N ILE MC 8 44.89 -85.40 93.80
CA ILE MC 8 45.33 -85.45 92.42
C ILE MC 8 45.52 -84.04 91.88
N THR MC 9 44.44 -83.28 91.80
CA THR MC 9 44.45 -81.94 91.25
C THR MC 9 44.07 -80.97 92.36
N SER MC 10 45.09 -80.43 93.03
CA SER MC 10 44.87 -79.48 94.12
C SER MC 10 44.65 -78.11 93.52
N THR MC 11 43.40 -77.68 93.47
CA THR MC 11 43.01 -76.38 92.93
C THR MC 11 42.63 -75.47 94.10
N ALA MC 12 42.33 -74.21 93.78
CA ALA MC 12 41.98 -73.26 94.83
C ALA MC 12 40.73 -73.69 95.58
N ASN MC 13 39.75 -74.23 94.87
CA ASN MC 13 38.48 -74.60 95.48
C ASN MC 13 38.06 -76.02 95.13
N LYS MC 14 39.01 -76.90 94.82
CA LYS MC 14 38.65 -78.25 94.43
C LYS MC 14 39.85 -79.17 94.67
N ILE MC 15 39.59 -80.28 95.37
CA ILE MC 15 40.61 -81.30 95.60
C ILE MC 15 40.04 -82.62 95.13
N VAL MC 16 40.85 -83.37 94.37
CA VAL MC 16 40.42 -84.64 93.80
C VAL MC 16 41.33 -85.73 94.32
N TRP MC 17 40.74 -86.78 94.90
CA TRP MC 17 41.47 -87.95 95.33
C TRP MC 17 41.19 -89.11 94.40
N SER MC 18 42.18 -89.95 94.17
CA SER MC 18 42.00 -91.15 93.37
C SER MC 18 42.96 -92.23 93.84
N ASP MC 19 42.50 -93.47 93.79
CA ASP MC 19 43.26 -94.58 94.33
C ASP MC 19 44.46 -94.91 93.44
N PRO MC 20 45.66 -95.11 94.00
CA PRO MC 20 46.80 -95.44 93.16
C PRO MC 20 46.62 -96.72 92.37
N THR MC 21 46.03 -97.75 92.97
CA THR MC 21 45.87 -99.02 92.28
C THR MC 21 44.73 -98.96 91.27
N ARG MC 22 43.65 -98.24 91.60
CA ARG MC 22 42.48 -98.12 90.76
C ARG MC 22 42.28 -96.64 90.46
N LEU MC 23 42.84 -96.18 89.34
CA LEU MC 23 42.70 -94.78 88.97
C LEU MC 23 41.26 -94.41 88.64
N SER MC 24 40.41 -95.41 88.41
CA SER MC 24 39.02 -95.13 88.07
C SER MC 24 38.28 -94.45 89.22
N THR MC 25 38.35 -95.04 90.40
CA THR MC 25 37.59 -94.51 91.53
C THR MC 25 38.18 -93.17 91.97
N THR MC 26 37.29 -92.23 92.27
CA THR MC 26 37.68 -90.87 92.64
C THR MC 26 36.80 -90.37 93.76
N PHE MC 27 37.22 -89.26 94.36
CA PHE MC 27 36.42 -88.54 95.35
C PHE MC 27 36.85 -87.08 95.30
N SER MC 28 35.94 -86.21 94.87
CA SER MC 28 36.25 -84.80 94.67
C SER MC 28 35.39 -83.94 95.58
N ALA MC 29 36.00 -82.87 96.10
CA ALA MC 29 35.32 -81.92 96.95
C ALA MC 29 35.50 -80.52 96.39
N SER MC 30 34.40 -79.78 96.26
CA SER MC 30 34.43 -78.43 95.74
C SER MC 30 33.68 -77.50 96.68
N LEU MC 31 34.26 -76.32 96.91
CA LEU MC 31 33.71 -75.36 97.86
C LEU MC 31 33.35 -74.08 97.15
N LEU MC 32 32.19 -73.54 97.48
CA LEU MC 32 31.75 -72.23 96.98
C LEU MC 32 31.48 -71.34 98.18
N ARG MC 33 32.34 -70.36 98.40
CA ARG MC 33 32.18 -69.41 99.50
C ARG MC 33 31.72 -68.08 98.92
N GLN MC 34 30.57 -67.61 99.38
CA GLN MC 34 30.00 -66.36 98.92
C GLN MC 34 29.30 -65.69 100.10
N ARG MC 35 29.26 -64.36 100.08
CA ARG MC 35 28.79 -63.55 101.19
C ARG MC 35 27.33 -63.15 100.93
N VAL MC 36 26.40 -63.89 101.50
CA VAL MC 36 24.99 -63.56 101.33
C VAL MC 36 24.62 -62.39 102.23
N LYS MC 37 23.52 -61.72 101.89
CA LYS MC 37 22.97 -60.62 102.67
C LYS MC 37 21.58 -61.01 103.14
N VAL MC 38 21.38 -61.04 104.46
CA VAL MC 38 20.06 -61.25 105.05
C VAL MC 38 19.68 -59.96 105.75
N GLY MC 39 18.50 -59.94 106.36
CA GLY MC 39 18.01 -58.74 107.02
C GLY MC 39 19.02 -58.09 107.93
N ILE MC 40 19.48 -56.90 107.54
CA ILE MC 40 20.47 -56.07 108.21
C ILE MC 40 21.57 -56.94 108.84
N ALA MC 41 22.05 -57.92 108.08
CA ALA MC 41 23.13 -58.78 108.56
C ALA MC 41 23.86 -59.36 107.36
N GLU MC 42 25.18 -59.47 107.47
CA GLU MC 42 26.01 -60.04 106.42
C GLU MC 42 26.50 -61.42 106.86
N LEU MC 43 26.28 -62.42 106.03
CA LEU MC 43 26.62 -63.79 106.36
C LEU MC 43 27.51 -64.39 105.28
N ASN MC 44 28.30 -65.38 105.67
CA ASN MC 44 29.17 -66.11 104.77
C ASN MC 44 28.50 -67.45 104.45
N ASN MC 45 28.23 -67.68 103.18
CA ASN MC 45 27.58 -68.90 102.74
C ASN MC 45 28.59 -69.82 102.08
N VAL MC 46 28.55 -71.10 102.42
CA VAL MC 46 29.45 -72.09 101.87
C VAL MC 46 28.63 -73.21 101.24
N SER MC 47 28.95 -73.54 99.99
CA SER MC 47 28.28 -74.61 99.27
C SER MC 47 29.30 -75.68 98.93
N GLY MC 48 29.39 -76.72 99.77
CA GLY MC 48 30.34 -77.77 99.59
C GLY MC 48 29.75 -78.92 98.78
N GLN MC 49 30.38 -79.22 97.65
CA GLN MC 49 29.91 -80.25 96.74
C GLN MC 49 30.90 -81.40 96.75
N TYR MC 50 30.41 -82.60 97.08
CA TYR MC 50 31.24 -83.79 97.18
C TYR MC 50 30.73 -84.84 96.21
N VAL MC 51 31.62 -85.37 95.38
CA VAL MC 51 31.27 -86.33 94.36
C VAL MC 51 32.14 -87.56 94.54
N SER MC 52 31.50 -88.73 94.64
CA SER MC 52 32.20 -90.01 94.71
C SER MC 52 31.82 -90.82 93.48
N VAL MC 53 32.83 -91.27 92.73
CA VAL MC 53 32.62 -91.92 91.44
C VAL MC 53 33.36 -93.25 91.43
N TYR MC 54 32.69 -94.28 90.91
CA TYR MC 54 33.27 -95.61 90.78
C TYR MC 54 32.78 -96.23 89.48
N LYS MC 55 33.70 -96.81 88.72
CA LYS MC 55 33.36 -97.57 87.53
C LYS MC 55 33.32 -99.04 87.90
N ARG MC 56 32.18 -99.67 87.73
CA ARG MC 56 32.05 -101.03 88.20
C ARG MC 56 31.58 -101.97 87.09
N PRO MC 57 32.16 -103.16 86.99
CA PRO MC 57 31.72 -104.10 85.97
C PRO MC 57 30.28 -104.55 86.19
N ALA MC 58 29.66 -104.98 85.10
CA ALA MC 58 28.27 -105.40 85.13
C ALA MC 58 28.12 -106.68 85.96
N PRO MC 59 26.88 -107.02 86.39
CA PRO MC 59 26.70 -108.10 87.37
C PRO MC 59 27.32 -109.46 87.05
N LYS MC 60 27.93 -109.63 85.87
CA LYS MC 60 28.63 -110.87 85.54
C LYS MC 60 27.70 -112.07 85.69
N PRO MC 61 26.85 -112.33 84.66
CA PRO MC 61 25.69 -113.21 84.83
C PRO MC 61 25.89 -114.44 85.71
N GLU MC 62 24.92 -114.66 86.59
CA GLU MC 62 25.02 -115.63 87.67
C GLU MC 62 25.35 -117.02 87.15
N GLY MC 63 25.92 -117.84 88.03
CA GLY MC 63 26.30 -119.19 87.69
C GLY MC 63 27.40 -119.25 86.64
N CYS MC 64 28.24 -118.22 86.61
CA CYS MC 64 29.38 -118.19 85.70
C CYS MC 64 30.60 -117.75 86.49
N ALA MC 65 31.28 -118.72 87.11
CA ALA MC 65 32.53 -118.45 87.83
C ALA MC 65 33.74 -118.65 86.93
N ASP MC 66 33.76 -118.03 85.76
CA ASP MC 66 34.86 -118.20 84.84
C ASP MC 66 36.07 -117.39 85.32
N ALA MC 67 37.25 -117.77 84.83
CA ALA MC 67 38.48 -117.06 85.19
C ALA MC 67 38.38 -115.59 84.81
N CYS MC 68 38.01 -115.31 83.56
CA CYS MC 68 37.82 -113.93 83.13
C CYS MC 68 36.96 -113.88 81.88
N VAL MC 69 35.75 -113.34 82.03
CA VAL MC 69 34.95 -112.88 80.91
C VAL MC 69 34.53 -111.44 81.22
N ILE MC 70 35.32 -110.49 80.74
CA ILE MC 70 35.20 -109.11 81.20
C ILE MC 70 34.11 -108.39 80.42
N MET MC 71 33.08 -107.96 81.12
CA MET MC 71 32.02 -107.12 80.56
C MET MC 71 32.29 -105.67 80.93
N PRO MC 72 31.74 -104.71 80.20
CA PRO MC 72 32.11 -103.30 80.43
C PRO MC 72 31.66 -102.83 81.80
N ASN MC 73 32.24 -101.71 82.21
CA ASN MC 73 31.99 -101.11 83.51
C ASN MC 73 30.78 -100.19 83.46
N GLU MC 74 30.19 -99.98 84.64
CA GLU MC 74 28.98 -99.19 84.75
C GLU MC 74 29.16 -98.17 85.88
N ASN MC 75 28.61 -96.98 85.65
CA ASN MC 75 28.82 -95.85 86.55
C ASN MC 75 28.17 -96.07 87.90
N GLN MC 76 28.80 -95.52 88.94
CA GLN MC 76 28.24 -95.54 90.29
C GLN MC 76 28.64 -94.22 90.93
N SER MC 77 27.74 -93.24 90.88
CA SER MC 77 28.05 -91.89 91.29
C SER MC 77 27.20 -91.47 92.49
N ILE MC 78 27.85 -90.84 93.46
CA ILE MC 78 27.17 -90.25 94.61
C ILE MC 78 27.57 -88.79 94.67
N ARG MC 79 26.59 -87.89 94.66
CA ARG MC 79 26.83 -86.46 94.74
C ARG MC 79 26.11 -85.90 95.93
N THR MC 80 26.79 -85.06 96.70
CA THR MC 80 26.22 -84.42 97.87
C THR MC 80 26.63 -82.96 97.89
N VAL MC 81 25.67 -82.08 98.16
CA VAL MC 81 25.94 -80.65 98.26
C VAL MC 81 25.39 -80.16 99.59
N ILE MC 82 26.20 -79.43 100.34
CA ILE MC 82 25.81 -78.87 101.63
C ILE MC 82 25.86 -77.37 101.50
N SER MC 83 24.72 -76.71 101.69
CA SER MC 83 24.63 -75.26 101.59
C SER MC 83 24.08 -74.72 102.90
N GLY MC 84 24.72 -73.68 103.42
CA GLY MC 84 24.26 -73.05 104.64
C GLY MC 84 25.23 -71.99 105.09
N SER MC 85 24.73 -71.13 105.96
CA SER MC 85 25.56 -70.06 106.52
C SER MC 85 26.67 -70.64 107.38
N ALA MC 86 27.82 -70.00 107.35
CA ALA MC 86 28.99 -70.55 108.03
C ALA MC 86 28.92 -70.43 109.54
N GLU MC 87 28.16 -69.47 110.07
CA GLU MC 87 28.23 -69.20 111.50
C GLU MC 87 27.51 -70.26 112.31
N ASN MC 88 26.40 -70.80 111.80
CA ASN MC 88 25.63 -71.81 112.50
C ASN MC 88 26.00 -73.21 112.01
N LEU MC 89 27.27 -73.38 111.68
CA LEU MC 89 27.75 -74.69 111.24
C LEU MC 89 27.56 -75.75 112.32
N ALA MC 90 27.59 -75.35 113.58
CA ALA MC 90 27.41 -76.32 114.67
C ALA MC 90 26.06 -77.01 114.56
N THR MC 91 25.01 -76.25 114.31
CA THR MC 91 23.70 -76.86 114.13
C THR MC 91 23.47 -77.33 112.69
N LEU MC 92 24.32 -76.90 111.76
CA LEU MC 92 24.24 -77.45 110.41
C LEU MC 92 24.58 -78.93 110.37
N LYS MC 93 25.54 -79.35 111.21
CA LYS MC 93 25.89 -80.76 111.29
C LYS MC 93 24.72 -81.61 111.76
N ALA MC 94 23.79 -81.02 112.51
CA ALA MC 94 22.74 -81.80 113.15
C ALA MC 94 21.87 -82.51 112.12
N GLU MC 95 21.34 -81.75 111.15
CA GLU MC 95 20.48 -82.38 110.15
C GLU MC 95 21.28 -83.19 109.16
N TRP MC 96 22.59 -82.92 109.05
CA TRP MC 96 23.44 -83.80 108.26
C TRP MC 96 23.40 -85.21 108.81
N GLU MC 97 23.46 -85.35 110.14
CA GLU MC 97 23.24 -86.65 110.75
C GLU MC 97 21.83 -87.15 110.47
N THR MC 98 20.84 -86.26 110.56
CA THR MC 98 19.48 -86.63 110.24
C THR MC 98 19.34 -86.99 108.76
N HIS MC 99 19.97 -86.21 107.89
CA HIS MC 99 19.93 -86.52 106.47
C HIS MC 99 20.48 -87.91 106.21
N LYS MC 100 21.51 -88.31 106.94
CA LYS MC 100 21.97 -89.69 106.89
C LYS MC 100 20.88 -90.64 107.34
N ARG MC 101 20.22 -90.33 108.46
CA ARG MC 101 19.23 -91.24 109.02
C ARG MC 101 18.07 -91.44 108.07
N ASN MC 102 17.59 -90.36 107.46
CA ASN MC 102 16.42 -90.47 106.59
C ASN MC 102 16.70 -91.36 105.39
N VAL MC 103 17.79 -91.10 104.67
CA VAL MC 103 18.06 -91.85 103.46
C VAL MC 103 18.41 -93.30 103.78
N ASP MC 104 19.04 -93.54 104.94
CA ASP MC 104 19.37 -94.90 105.31
C ASP MC 104 18.12 -95.75 105.43
N THR MC 105 17.09 -95.22 106.09
CA THR MC 105 15.82 -95.94 106.16
C THR MC 105 15.19 -96.09 104.79
N LEU MC 106 15.25 -95.04 103.97
CA LEU MC 106 14.57 -95.02 102.69
C LEU MC 106 15.34 -95.73 101.59
N PHE MC 107 16.67 -95.72 101.65
CA PHE MC 107 17.48 -96.31 100.59
C PHE MC 107 18.28 -97.52 101.07
N ALA MC 108 19.08 -97.36 102.13
CA ALA MC 108 19.90 -98.47 102.59
C ALA MC 108 19.05 -99.63 103.09
N SER MC 109 18.01 -99.33 103.86
CA SER MC 109 17.10 -100.36 104.34
C SER MC 109 15.82 -100.47 103.53
N GLY MC 110 15.48 -99.44 102.76
CA GLY MC 110 14.29 -99.44 101.94
C GLY MC 110 14.55 -100.08 100.59
N ASN MC 111 13.67 -99.77 99.64
CA ASN MC 111 13.77 -100.28 98.28
C ASN MC 111 13.90 -99.17 97.25
N ALA MC 112 14.38 -98.00 97.68
CA ALA MC 112 14.57 -96.90 96.72
C ALA MC 112 15.61 -97.25 95.68
N GLY MC 113 16.53 -98.16 96.00
CA GLY MC 113 17.50 -98.58 95.01
C GLY MC 113 16.86 -99.26 93.82
N LEU MC 114 15.79 -100.00 94.05
CA LEU MC 114 15.09 -100.70 92.99
C LEU MC 114 13.98 -99.88 92.36
N GLY MC 115 13.78 -98.64 92.80
CA GLY MC 115 12.76 -97.78 92.24
C GLY MC 115 11.46 -97.75 93.01
N PHE MC 116 11.29 -98.60 94.02
CA PHE MC 116 10.07 -98.58 94.83
C PHE MC 116 10.11 -97.41 95.81
N LEU MC 117 8.96 -96.79 96.01
CA LEU MC 117 8.79 -95.73 96.99
C LEU MC 117 7.87 -96.21 98.10
N ASP MC 118 8.24 -95.93 99.35
CA ASP MC 118 7.42 -96.32 100.48
C ASP MC 118 6.90 -95.07 101.18
N PRO MC 119 5.64 -94.68 100.98
CA PRO MC 119 5.12 -93.51 101.70
C PRO MC 119 4.90 -93.75 103.18
N THR MC 120 5.05 -94.99 103.65
CA THR MC 120 4.90 -95.30 105.07
C THR MC 120 6.23 -95.35 105.80
N ALA MC 121 7.33 -94.99 105.15
CA ALA MC 121 8.63 -95.01 105.80
C ALA MC 121 8.70 -94.00 106.92
N ALA MC 122 9.42 -94.35 107.98
CA ALA MC 122 9.57 -93.49 109.15
C ALA MC 122 10.68 -92.48 108.89
N ILE MC 123 10.31 -91.20 108.83
CA ILE MC 123 11.26 -90.13 108.59
C ILE MC 123 11.25 -89.22 109.81
N VAL MC 124 12.42 -89.02 110.41
CA VAL MC 124 12.55 -88.24 111.64
C VAL MC 124 13.23 -86.93 111.32
N SER MC 125 13.01 -85.94 112.18
CA SER MC 125 13.47 -84.58 111.96
C SER MC 125 14.75 -84.30 112.73
N SER MC 126 15.41 -83.21 112.34
CA SER MC 126 16.68 -82.84 112.98
C SER MC 126 16.48 -82.52 114.46
N ASP MC 127 15.45 -81.72 114.77
CA ASP MC 127 15.20 -81.36 116.15
C ASP MC 127 14.61 -82.54 116.93
N THR MC 128 14.63 -82.40 118.25
CA THR MC 128 14.12 -83.43 119.14
C THR MC 128 13.12 -82.83 120.10
N THR MC 129 12.27 -83.69 120.66
CA THR MC 129 11.25 -83.25 121.62
C THR MC 129 11.89 -82.68 122.87
N ALA NC 1 49.09 -68.71 123.23
CA ALA NC 1 49.25 -69.07 121.82
C ALA NC 1 48.26 -68.32 120.95
N ASN NC 2 48.54 -68.27 119.66
CA ASN NC 2 47.69 -67.58 118.70
C ASN NC 2 46.96 -68.58 117.83
N LYS NC 3 45.76 -68.21 117.39
CA LYS NC 3 45.00 -69.09 116.52
C LYS NC 3 45.69 -69.22 115.18
N PRO NC 4 46.03 -70.42 114.73
CA PRO NC 4 46.62 -70.57 113.40
C PRO NC 4 45.55 -70.52 112.32
N MET NC 5 45.93 -70.02 111.15
CA MET NC 5 45.04 -70.01 110.00
C MET NC 5 45.33 -71.22 109.11
N GLN NC 6 44.48 -71.37 108.10
CA GLN NC 6 44.68 -72.36 107.06
C GLN NC 6 44.50 -71.69 105.70
N PRO NC 7 45.19 -72.18 104.67
CA PRO NC 7 45.06 -71.57 103.35
C PRO NC 7 43.65 -71.70 102.81
N ILE NC 8 43.25 -70.70 102.04
CA ILE NC 8 41.92 -70.69 101.43
C ILE NC 8 42.08 -70.83 99.92
N THR NC 9 42.73 -69.85 99.31
CA THR NC 9 42.94 -69.82 97.87
C THR NC 9 44.40 -70.16 97.61
N SER NC 10 44.66 -71.41 97.25
CA SER NC 10 46.00 -71.86 96.92
C SER NC 10 46.26 -71.65 95.43
N THR NC 11 47.39 -71.03 95.11
CA THR NC 11 47.74 -70.76 93.73
C THR NC 11 49.25 -70.72 93.65
N ALA NC 12 49.78 -70.90 92.44
CA ALA NC 12 51.23 -70.84 92.25
C ALA NC 12 51.80 -69.48 92.62
N ASN NC 13 50.96 -68.44 92.67
CA ASN NC 13 51.42 -67.10 93.01
C ASN NC 13 50.85 -66.61 94.34
N LYS NC 14 49.54 -66.63 94.51
CA LYS NC 14 48.88 -66.05 95.67
C LYS NC 14 48.34 -67.15 96.57
N ILE NC 15 48.61 -67.03 97.88
CA ILE NC 15 48.05 -67.92 98.87
C ILE NC 15 47.46 -67.06 99.98
N VAL NC 16 46.22 -67.36 100.38
CA VAL NC 16 45.50 -66.57 101.37
C VAL NC 16 45.11 -67.47 102.53
N TRP NC 17 45.48 -67.06 103.74
CA TRP NC 17 45.10 -67.74 104.96
C TRP NC 17 43.94 -67.01 105.62
N SER NC 18 43.05 -67.76 106.26
CA SER NC 18 41.94 -67.19 107.01
C SER NC 18 41.72 -68.00 108.28
N ASP NC 19 41.23 -67.33 109.30
CA ASP NC 19 41.05 -67.94 110.61
C ASP NC 19 39.69 -68.61 110.70
N PRO NC 20 39.61 -69.87 111.13
CA PRO NC 20 38.31 -70.53 111.22
C PRO NC 20 37.34 -69.83 112.15
N THR NC 21 37.81 -69.29 113.28
CA THR NC 21 36.90 -68.64 114.21
C THR NC 21 36.38 -67.33 113.64
N ARG NC 22 37.26 -66.51 113.07
CA ARG NC 22 36.87 -65.26 112.43
C ARG NC 22 37.31 -65.31 110.98
N LEU NC 23 36.36 -65.57 110.08
CA LEU NC 23 36.68 -65.63 108.66
C LEU NC 23 37.12 -64.28 108.11
N SER NC 24 36.88 -63.20 108.86
CA SER NC 24 37.18 -61.87 108.35
C SER NC 24 38.68 -61.63 108.27
N THR NC 25 39.41 -61.96 109.31
CA THR NC 25 40.85 -61.72 109.32
C THR NC 25 41.55 -62.64 108.32
N THR NC 26 42.51 -62.07 107.59
CA THR NC 26 43.19 -62.80 106.52
C THR NC 26 44.66 -62.43 106.51
N PHE NC 27 45.44 -63.26 105.82
CA PHE NC 27 46.85 -62.97 105.54
C PHE NC 27 47.14 -63.48 104.13
N SER NC 28 47.38 -62.57 103.20
CA SER NC 28 47.60 -62.93 101.81
C SER NC 28 49.03 -62.62 101.41
N ALA NC 29 49.66 -63.56 100.73
CA ALA NC 29 51.01 -63.39 100.23
C ALA NC 29 51.04 -63.74 98.75
N SER NC 30 51.56 -62.83 97.93
CA SER NC 30 51.68 -63.06 96.50
C SER NC 30 53.07 -62.68 96.05
N LEU NC 31 53.59 -63.45 95.09
CA LEU NC 31 54.94 -63.25 94.57
C LEU NC 31 54.87 -62.93 93.10
N LEU NC 32 55.76 -62.06 92.65
CA LEU NC 32 55.94 -61.76 91.23
C LEU NC 32 57.41 -62.00 90.91
N ARG NC 33 57.73 -63.20 90.47
CA ARG NC 33 59.09 -63.56 90.11
C ARG NC 33 59.33 -63.17 88.64
N GLN NC 34 60.35 -62.38 88.40
CA GLN NC 34 60.61 -61.86 87.06
C GLN NC 34 62.10 -61.61 86.92
N ARG NC 35 62.61 -61.86 85.73
CA ARG NC 35 64.04 -61.88 85.45
C ARG NC 35 64.47 -60.53 84.89
N VAL NC 36 65.58 -60.01 85.39
CA VAL NC 36 66.00 -58.64 85.12
C VAL NC 36 67.38 -58.64 84.47
N LYS NC 37 67.51 -57.92 83.37
CA LYS NC 37 68.79 -57.65 82.71
C LYS NC 37 69.36 -56.38 83.30
N VAL NC 38 70.11 -56.50 84.40
CA VAL NC 38 70.53 -55.32 85.15
C VAL NC 38 71.69 -54.61 84.45
N GLY NC 39 72.84 -55.27 84.33
CA GLY NC 39 73.96 -54.72 83.60
C GLY NC 39 74.94 -55.80 83.20
N ILE NC 40 75.26 -55.87 81.90
CA ILE NC 40 76.12 -56.88 81.27
C ILE NC 40 75.89 -58.27 81.87
N ALA NC 41 74.77 -58.45 82.57
CA ALA NC 41 74.49 -59.69 83.27
C ALA NC 41 73.00 -59.77 83.55
N GLU NC 42 72.54 -60.98 83.83
CA GLU NC 42 71.13 -61.25 84.07
C GLU NC 42 70.90 -61.55 85.54
N LEU NC 43 69.79 -61.08 86.07
CA LEU NC 43 69.46 -61.26 87.48
C LEU NC 43 68.00 -61.65 87.62
N ASN NC 44 67.74 -62.60 88.52
CA ASN NC 44 66.38 -63.02 88.83
C ASN NC 44 65.87 -62.19 89.99
N ASN NC 45 64.76 -61.49 89.79
CA ASN NC 45 64.19 -60.60 90.78
C ASN NC 45 62.86 -61.15 91.26
N VAL NC 46 62.57 -60.94 92.55
CA VAL NC 46 61.35 -61.40 93.18
C VAL NC 46 60.70 -60.22 93.90
N SER NC 47 59.38 -60.10 93.76
CA SER NC 47 58.61 -59.03 94.39
C SER NC 47 57.60 -59.69 95.32
N GLY NC 48 57.90 -59.71 96.61
CA GLY NC 48 57.06 -60.37 97.59
C GLY NC 48 56.13 -59.40 98.28
N GLN NC 49 54.85 -59.48 97.97
CA GLN NC 49 53.83 -58.62 98.53
C GLN NC 49 53.05 -59.39 99.59
N TYR NC 50 53.10 -58.91 100.83
CA TYR NC 50 52.42 -59.56 101.95
C TYR NC 50 51.41 -58.58 102.52
N VAL NC 51 50.17 -59.04 102.69
CA VAL NC 51 49.08 -58.20 103.17
C VAL NC 51 48.41 -58.90 104.34
N SER NC 52 48.26 -58.18 105.44
CA SER NC 52 47.52 -58.66 106.62
C SER NC 52 46.33 -57.74 106.84
N VAL NC 53 45.15 -58.34 106.96
CA VAL NC 53 43.89 -57.60 107.07
C VAL NC 53 43.16 -58.04 108.32
N TYR NC 54 42.69 -57.07 109.09
CA TYR NC 54 41.87 -57.35 110.27
C TYR NC 54 40.74 -56.34 110.33
N LYS NC 55 39.54 -56.85 110.61
CA LYS NC 55 38.36 -56.02 110.81
C LYS NC 55 38.13 -55.87 112.31
N ARG NC 56 38.27 -54.65 112.80
CA ARG NC 56 38.16 -54.38 114.22
C ARG NC 56 36.90 -53.59 114.51
N PRO NC 57 36.12 -53.98 115.51
CA PRO NC 57 34.95 -53.18 115.89
C PRO NC 57 35.38 -51.83 116.45
N ALA NC 58 34.49 -50.85 116.32
CA ALA NC 58 34.79 -49.52 116.81
C ALA NC 58 34.96 -49.55 118.33
N PRO NC 59 35.72 -48.60 118.90
CA PRO NC 59 35.99 -48.62 120.34
C PRO NC 59 34.74 -48.53 121.20
N LYS NC 60 33.67 -47.96 120.65
CA LYS NC 60 32.32 -47.88 121.20
C LYS NC 60 32.24 -46.84 122.32
N PRO NC 61 31.12 -46.14 122.44
CA PRO NC 61 30.91 -45.27 123.61
C PRO NC 61 30.73 -46.10 124.87
N GLU NC 62 31.22 -45.57 125.98
CA GLU NC 62 31.16 -46.27 127.25
C GLU NC 62 29.81 -46.06 127.93
N GLY NC 63 29.61 -46.76 129.04
CA GLY NC 63 28.38 -46.67 129.81
C GLY NC 63 27.23 -47.44 129.20
N CYS NC 64 27.55 -48.34 128.27
CA CYS NC 64 26.53 -49.18 127.64
C CYS NC 64 26.99 -50.63 127.58
N ALA NC 65 27.42 -51.18 128.71
CA ALA NC 65 27.74 -52.60 128.73
C ALA NC 65 26.52 -53.38 128.26
N ASP NC 66 26.61 -53.92 127.05
CA ASP NC 66 25.48 -54.52 126.37
C ASP NC 66 26.01 -55.26 125.15
N ALA NC 67 25.52 -56.47 124.93
CA ALA NC 67 26.01 -57.29 123.83
C ALA NC 67 25.49 -56.80 122.50
N CYS NC 68 24.17 -56.64 122.39
CA CYS NC 68 23.51 -56.25 121.14
C CYS NC 68 23.30 -54.74 121.06
N VAL NC 69 24.43 -54.04 121.08
CA VAL NC 69 24.50 -52.63 120.69
C VAL NC 69 25.61 -52.49 119.66
N ILE NC 70 25.82 -53.55 118.89
CA ILE NC 70 27.00 -53.72 118.05
C ILE NC 70 27.08 -52.59 117.01
N MET NC 71 28.30 -52.18 116.68
CA MET NC 71 28.63 -51.08 115.79
C MET NC 71 29.57 -51.57 114.70
N PRO NC 72 29.68 -50.88 113.56
CA PRO NC 72 30.42 -51.43 112.42
C PRO NC 72 31.91 -51.55 112.70
N ASN NC 73 32.55 -52.42 111.93
CA ASN NC 73 33.97 -52.70 112.05
C ASN NC 73 34.77 -51.65 111.27
N GLU NC 74 36.09 -51.70 111.46
CA GLU NC 74 36.99 -50.80 110.77
C GLU NC 74 38.11 -51.61 110.14
N ASN NC 75 38.75 -51.02 109.13
CA ASN NC 75 39.86 -51.67 108.46
C ASN NC 75 41.14 -51.52 109.26
N GLN NC 76 41.93 -52.58 109.31
CA GLN NC 76 43.27 -52.56 109.88
C GLN NC 76 44.16 -53.39 108.96
N SER NC 77 44.87 -52.71 108.07
CA SER NC 77 45.64 -53.38 107.03
C SER NC 77 47.11 -53.04 107.17
N ILE NC 78 47.96 -54.04 106.92
CA ILE NC 78 49.41 -53.87 106.94
C ILE NC 78 49.94 -54.57 105.70
N ARG NC 79 50.43 -53.80 104.73
CA ARG NC 79 50.95 -54.33 103.48
C ARG NC 79 52.45 -54.13 103.45
N THR NC 80 53.16 -55.14 102.95
CA THR NC 80 54.61 -55.10 102.83
C THR NC 80 55.02 -55.69 101.50
N VAL NC 81 55.93 -55.00 100.81
CA VAL NC 81 56.47 -55.49 99.54
C VAL NC 81 57.98 -55.61 99.70
N ILE NC 82 58.52 -56.74 99.27
CA ILE NC 82 59.96 -57.00 99.30
C ILE NC 82 60.41 -57.25 97.88
N SER NC 83 61.25 -56.36 97.36
CA SER NC 83 61.76 -56.46 96.00
C SER NC 83 63.28 -56.53 96.04
N GLY NC 84 63.84 -57.51 95.35
CA GLY NC 84 65.28 -57.66 95.29
C GLY NC 84 65.65 -58.95 94.60
N SER NC 85 66.88 -58.98 94.09
CA SER NC 85 67.36 -60.16 93.41
C SER NC 85 67.59 -61.29 94.40
N ALA NC 86 67.20 -62.50 94.02
CA ALA NC 86 67.44 -63.66 94.87
C ALA NC 86 68.91 -63.94 95.08
N GLU NC 87 69.77 -63.49 94.15
CA GLU NC 87 71.20 -63.71 94.28
C GLU NC 87 71.78 -62.99 95.48
N ASN NC 88 71.14 -61.91 95.93
CA ASN NC 88 71.57 -61.19 97.13
C ASN NC 88 70.56 -61.38 98.26
N LEU NC 89 70.01 -62.58 98.39
CA LEU NC 89 69.02 -62.83 99.42
C LEU NC 89 69.63 -62.69 100.81
N ALA NC 90 70.90 -63.06 100.98
CA ALA NC 90 71.52 -63.00 102.30
C ALA NC 90 71.52 -61.57 102.83
N THR NC 91 71.93 -60.61 102.01
CA THR NC 91 71.92 -59.22 102.46
C THR NC 91 70.50 -58.66 102.49
N LEU NC 92 69.60 -59.19 101.66
CA LEU NC 92 68.23 -58.72 101.67
C LEU NC 92 67.56 -59.04 102.99
N LYS NC 93 67.83 -60.23 103.54
CA LYS NC 93 67.28 -60.57 104.84
C LYS NC 93 67.77 -59.62 105.93
N ALA NC 94 69.06 -59.27 105.88
CA ALA NC 94 69.58 -58.29 106.82
C ALA NC 94 68.90 -56.95 106.66
N GLU NC 95 68.56 -56.58 105.43
CA GLU NC 95 67.80 -55.36 105.20
C GLU NC 95 66.43 -55.44 105.88
N TRP NC 96 65.78 -56.61 105.78
CA TRP NC 96 64.44 -56.74 106.32
C TRP NC 96 64.41 -56.52 107.82
N GLU NC 97 65.35 -57.12 108.55
CA GLU NC 97 65.35 -56.96 110.00
C GLU NC 97 65.71 -55.54 110.39
N THR NC 98 66.61 -54.89 109.64
CA THR NC 98 66.89 -53.48 109.89
C THR NC 98 65.66 -52.63 109.65
N HIS NC 99 64.95 -52.90 108.56
CA HIS NC 99 63.70 -52.20 108.29
C HIS NC 99 62.70 -52.39 109.41
N LYS NC 100 62.74 -53.55 110.07
CA LYS NC 100 61.85 -53.79 111.20
C LYS NC 100 62.17 -52.85 112.35
N ARG NC 101 63.46 -52.72 112.68
CA ARG NC 101 63.85 -51.89 113.81
C ARG NC 101 63.53 -50.42 113.58
N ASN NC 102 63.77 -49.93 112.36
CA ASN NC 102 63.46 -48.54 112.05
C ASN NC 102 61.98 -48.26 112.21
N VAL NC 103 61.14 -49.15 111.67
CA VAL NC 103 59.69 -48.96 111.79
C VAL NC 103 59.27 -49.07 113.25
N ASP NC 104 59.81 -50.05 113.97
CA ASP NC 104 59.45 -50.21 115.37
C ASP NC 104 59.82 -48.99 116.18
N THR NC 105 60.99 -48.40 115.91
CA THR NC 105 61.39 -47.19 116.61
C THR NC 105 60.40 -46.06 116.34
N LEU NC 106 60.04 -45.86 115.07
CA LEU NC 106 59.11 -44.79 114.73
C LEU NC 106 57.70 -45.10 115.23
N PHE NC 107 57.22 -46.32 114.98
CA PHE NC 107 55.82 -46.65 115.18
C PHE NC 107 55.57 -47.38 116.49
N ALA NC 108 56.22 -48.53 116.68
CA ALA NC 108 55.94 -49.35 117.85
C ALA NC 108 56.30 -48.62 119.14
N SER NC 109 57.52 -48.11 119.22
CA SER NC 109 57.98 -47.40 120.41
C SER NC 109 57.75 -45.90 120.34
N GLY NC 110 57.35 -45.38 119.17
CA GLY NC 110 57.11 -43.97 119.00
C GLY NC 110 55.64 -43.65 118.82
N ASN NC 111 55.39 -42.38 118.55
CA ASN NC 111 54.03 -41.87 118.35
C ASN NC 111 53.69 -41.67 116.89
N ALA NC 112 54.37 -42.37 115.98
CA ALA NC 112 54.04 -42.26 114.57
C ALA NC 112 52.64 -42.76 114.28
N GLY NC 113 52.13 -43.67 115.11
CA GLY NC 113 50.77 -44.16 114.91
C GLY NC 113 49.74 -43.06 115.03
N LEU NC 114 49.93 -42.14 115.98
CA LEU NC 114 49.00 -41.04 116.15
C LEU NC 114 49.12 -39.99 115.05
N GLY NC 115 50.20 -40.01 114.27
CA GLY NC 115 50.36 -39.06 113.19
C GLY NC 115 51.41 -38.02 113.46
N PHE NC 116 52.39 -38.35 114.29
CA PHE NC 116 53.47 -37.43 114.64
C PHE NC 116 54.79 -37.98 114.11
N LEU NC 117 55.57 -37.12 113.47
CA LEU NC 117 56.86 -37.49 112.91
C LEU NC 117 57.96 -36.90 113.79
N ASP NC 118 58.59 -37.72 114.60
CA ASP NC 118 59.71 -37.26 115.39
C ASP NC 118 60.95 -37.19 114.50
N PRO NC 119 61.55 -36.02 114.32
CA PRO NC 119 62.77 -35.92 113.52
C PRO NC 119 64.04 -36.29 114.27
N THR NC 120 63.92 -36.75 115.52
CA THR NC 120 65.07 -37.12 116.33
C THR NC 120 65.14 -38.62 116.59
N ALA NC 121 64.39 -39.41 115.83
CA ALA NC 121 64.40 -40.85 116.02
C ALA NC 121 65.76 -41.43 115.65
N ALA NC 122 66.16 -42.49 116.36
CA ALA NC 122 67.46 -43.11 116.17
C ALA NC 122 67.36 -44.15 115.04
N ILE NC 123 67.27 -43.63 113.82
CA ILE NC 123 67.25 -44.51 112.65
C ILE NC 123 68.66 -44.99 112.38
N VAL NC 124 68.81 -46.30 112.21
CA VAL NC 124 70.11 -46.93 112.00
C VAL NC 124 70.06 -47.77 110.74
N SER NC 125 71.22 -47.91 110.10
CA SER NC 125 71.32 -48.52 108.78
C SER NC 125 71.63 -50.00 108.87
N SER NC 126 71.36 -50.71 107.76
CA SER NC 126 71.69 -52.13 107.70
C SER NC 126 73.18 -52.37 107.80
N ASP NC 127 73.98 -51.53 107.14
CA ASP NC 127 75.43 -51.68 107.20
C ASP NC 127 75.91 -51.48 108.63
N THR NC 128 76.81 -52.36 109.05
CA THR NC 128 77.37 -52.29 110.40
C THR NC 128 78.56 -51.32 110.40
N THR NC 129 79.22 -51.20 111.54
CA THR NC 129 80.36 -50.31 111.66
C THR NC 129 81.66 -51.10 111.76
N ALA OC 1 -65.59 124.45 -29.22
CA ALA OC 1 -64.23 124.00 -28.96
C ALA OC 1 -64.22 122.74 -28.13
N ASN OC 2 -63.04 122.25 -27.80
CA ASN OC 2 -62.87 121.05 -27.00
C ASN OC 2 -61.66 121.22 -26.10
N LYS OC 3 -61.31 120.17 -25.38
CA LYS OC 3 -60.18 120.21 -24.46
C LYS OC 3 -58.89 119.97 -25.23
N PRO OC 4 -57.97 120.92 -25.27
CA PRO OC 4 -56.66 120.67 -25.88
C PRO OC 4 -55.82 119.79 -24.97
N MET OC 5 -54.83 119.13 -25.58
CA MET OC 5 -53.89 118.32 -24.83
C MET OC 5 -52.51 118.95 -24.90
N GLN OC 6 -51.67 118.61 -23.94
CA GLN OC 6 -50.28 119.01 -23.98
C GLN OC 6 -49.41 117.78 -24.17
N PRO OC 7 -48.31 117.87 -24.92
CA PRO OC 7 -47.43 116.72 -25.07
C PRO OC 7 -46.84 116.32 -23.73
N ILE OC 8 -46.74 115.01 -23.51
CA ILE OC 8 -46.16 114.49 -22.28
C ILE OC 8 -44.93 113.63 -22.54
N THR OC 9 -44.65 113.26 -23.78
CA THR OC 9 -43.47 112.48 -24.11
C THR OC 9 -43.02 112.90 -25.51
N SER OC 10 -42.09 113.84 -25.57
CA SER OC 10 -41.61 114.35 -26.84
C SER OC 10 -40.30 113.69 -27.24
N THR OC 11 -40.15 113.45 -28.54
CA THR OC 11 -38.96 112.84 -29.10
C THR OC 11 -38.91 113.23 -30.57
N ALA OC 12 -37.72 113.11 -31.17
CA ALA OC 12 -37.56 113.47 -32.58
C ALA OC 12 -38.48 112.67 -33.49
N ASN OC 13 -38.91 111.48 -33.07
CA ASN OC 13 -39.84 110.67 -33.85
C ASN OC 13 -41.00 110.17 -33.02
N LYS OC 14 -41.21 110.75 -31.83
CA LYS OC 14 -42.26 110.30 -30.93
C LYS OC 14 -42.80 111.49 -30.13
N ILE OC 15 -44.03 111.88 -30.41
CA ILE OC 15 -44.74 112.87 -29.61
C ILE OC 15 -46.09 112.29 -29.22
N VAL OC 16 -46.39 112.33 -27.93
CA VAL OC 16 -47.64 111.78 -27.40
C VAL OC 16 -48.34 112.87 -26.60
N TRP OC 17 -49.58 113.17 -26.97
CA TRP OC 17 -50.43 114.07 -26.20
C TRP OC 17 -51.40 113.26 -25.36
N SER OC 18 -51.84 113.86 -24.25
CA SER OC 18 -52.87 113.26 -23.42
C SER OC 18 -53.63 114.37 -22.73
N ASP OC 19 -54.91 114.11 -22.44
CA ASP OC 19 -55.75 115.10 -21.80
C ASP OC 19 -55.39 115.21 -20.32
N PRO OC 20 -55.09 116.41 -19.82
CA PRO OC 20 -54.80 116.53 -18.38
C PRO OC 20 -55.95 116.09 -17.50
N THR OC 21 -57.19 116.38 -17.91
CA THR OC 21 -58.34 115.96 -17.12
C THR OC 21 -58.53 114.45 -17.18
N ARG OC 22 -58.49 113.89 -18.38
CA ARG OC 22 -58.62 112.45 -18.58
C ARG OC 22 -57.33 111.95 -19.24
N LEU OC 23 -56.38 111.50 -18.41
CA LEU OC 23 -55.11 111.05 -18.93
C LEU OC 23 -55.22 109.78 -19.76
N SER OC 24 -56.37 109.10 -19.70
CA SER OC 24 -56.56 107.89 -20.50
C SER OC 24 -56.54 108.21 -21.99
N THR OC 25 -57.18 109.29 -22.40
CA THR OC 25 -57.22 109.66 -23.81
C THR OC 25 -55.83 110.08 -24.27
N THR OC 26 -55.43 109.58 -25.44
CA THR OC 26 -54.10 109.86 -25.97
C THR OC 26 -54.18 110.07 -27.47
N PHE OC 27 -53.13 110.69 -28.00
CA PHE OC 27 -52.93 110.77 -29.45
C PHE OC 27 -51.44 110.71 -29.71
N SER OC 28 -50.98 109.65 -30.39
CA SER OC 28 -49.57 109.42 -30.63
C SER OC 28 -49.28 109.56 -32.11
N ALA OC 29 -48.14 110.18 -32.43
CA ALA OC 29 -47.68 110.34 -33.80
C ALA OC 29 -46.26 109.85 -33.90
N SER OC 30 -46.00 108.94 -34.84
CA SER OC 30 -44.68 108.39 -35.08
C SER OC 30 -44.33 108.57 -36.54
N LEU OC 31 -43.13 109.11 -36.80
CA LEU OC 31 -42.64 109.28 -38.15
C LEU OC 31 -41.36 108.47 -38.32
N LEU OC 32 -41.32 107.65 -39.36
CA LEU OC 32 -40.16 106.85 -39.69
C LEU OC 32 -39.63 107.30 -41.05
N ARG OC 33 -38.47 107.91 -41.06
CA ARG OC 33 -37.84 108.39 -42.28
C ARG OC 33 -36.85 107.35 -42.78
N GLN OC 34 -36.90 107.06 -44.08
CA GLN OC 34 -35.99 106.11 -44.68
C GLN OC 34 -35.77 106.51 -46.14
N ARG OC 35 -34.59 106.21 -46.64
CA ARG OC 35 -34.26 106.50 -48.03
C ARG OC 35 -34.40 105.22 -48.86
N VAL OC 36 -35.23 105.28 -49.90
CA VAL OC 36 -35.53 104.14 -50.74
C VAL OC 36 -35.05 104.46 -52.15
N LYS OC 37 -34.51 103.47 -52.84
CA LYS OC 37 -34.01 103.65 -54.19
C LYS OC 37 -34.99 103.07 -55.20
N VAL OC 38 -35.36 103.88 -56.19
CA VAL OC 38 -36.15 103.40 -57.32
C VAL OC 38 -35.29 103.58 -58.56
N GLY OC 39 -35.85 103.24 -59.73
CA GLY OC 39 -35.09 103.32 -60.96
C GLY OC 39 -34.44 104.67 -61.19
N ILE OC 40 -33.11 104.66 -61.38
CA ILE OC 40 -32.26 105.83 -61.59
C ILE OC 40 -32.71 107.04 -60.80
N ALA OC 41 -33.18 106.81 -59.57
CA ALA OC 41 -33.66 107.89 -58.73
C ALA OC 41 -33.65 107.44 -57.28
N GLU OC 42 -32.88 108.13 -56.45
CA GLU OC 42 -32.93 107.92 -55.01
C GLU OC 42 -34.13 108.66 -54.45
N LEU OC 43 -34.87 108.02 -53.55
CA LEU OC 43 -36.12 108.55 -53.06
C LEU OC 43 -36.08 108.62 -51.54
N ASN OC 44 -36.69 109.65 -50.98
CA ASN OC 44 -36.72 109.89 -49.54
C ASN OC 44 -38.14 109.66 -49.04
N ASN OC 45 -38.37 108.50 -48.43
CA ASN OC 45 -39.69 108.09 -48.00
C ASN OC 45 -39.89 108.36 -46.51
N VAL OC 46 -41.13 108.61 -46.13
CA VAL OC 46 -41.52 108.82 -44.75
C VAL OC 46 -42.85 108.10 -44.52
N SER OC 47 -42.97 107.44 -43.37
CA SER OC 47 -44.20 106.76 -42.98
C SER OC 47 -44.80 107.48 -41.79
N GLY OC 48 -46.05 107.93 -41.94
CA GLY OC 48 -46.75 108.62 -40.87
C GLY OC 48 -47.62 107.66 -40.11
N GLN OC 49 -47.33 107.49 -38.83
CA GLN OC 49 -48.07 106.60 -37.95
C GLN OC 49 -48.83 107.45 -36.94
N TYR OC 50 -50.14 107.25 -36.87
CA TYR OC 50 -51.01 108.07 -36.02
C TYR OC 50 -51.96 107.16 -35.28
N VAL OC 51 -51.95 107.23 -33.95
CA VAL OC 51 -52.78 106.39 -33.10
C VAL OC 51 -53.57 107.30 -32.17
N SER OC 52 -54.90 107.16 -32.20
CA SER OC 52 -55.79 107.89 -31.31
C SER OC 52 -56.56 106.87 -30.48
N VAL OC 53 -56.55 107.06 -29.16
CA VAL OC 53 -57.15 106.13 -28.22
C VAL OC 53 -58.09 106.91 -27.32
N TYR OC 54 -59.27 106.35 -27.05
CA TYR OC 54 -60.22 106.93 -26.11
C TYR OC 54 -60.73 105.79 -25.23
N LYS OC 55 -60.38 105.87 -23.95
CA LYS OC 55 -60.85 104.86 -23.02
C LYS OC 55 -62.27 105.22 -22.58
N ARG OC 56 -63.18 104.26 -22.66
CA ARG OC 56 -64.58 104.61 -22.46
C ARG OC 56 -65.44 103.44 -22.02
N PRO OC 57 -66.24 103.58 -20.96
CA PRO OC 57 -67.21 102.54 -20.62
C PRO OC 57 -68.45 102.67 -21.47
N ALA OC 58 -68.67 101.67 -22.32
CA ALA OC 58 -69.55 101.89 -23.46
C ALA OC 58 -71.05 101.98 -23.17
N PRO OC 59 -71.78 100.87 -22.84
CA PRO OC 59 -73.25 100.96 -22.88
C PRO OC 59 -73.94 101.14 -21.54
N LYS OC 60 -74.82 102.11 -21.40
CA LYS OC 60 -75.61 102.17 -20.17
C LYS OC 60 -76.80 101.23 -20.33
N PRO OC 61 -76.94 100.22 -19.47
CA PRO OC 61 -78.02 99.26 -19.66
C PRO OC 61 -79.36 99.96 -19.69
N GLU OC 62 -80.13 99.68 -20.76
CA GLU OC 62 -81.38 100.37 -21.05
C GLU OC 62 -81.23 101.86 -20.77
N GLY OC 63 -82.17 102.45 -20.03
CA GLY OC 63 -82.17 103.88 -19.84
C GLY OC 63 -82.24 104.41 -18.41
N CYS OC 64 -81.54 103.78 -17.46
CA CYS OC 64 -81.57 104.27 -16.09
C CYS OC 64 -80.32 105.10 -15.80
N ALA OC 65 -80.20 105.52 -14.54
CA ALA OC 65 -78.99 106.18 -14.04
C ALA OC 65 -78.91 105.94 -12.55
N ASP OC 66 -77.74 105.49 -12.10
CA ASP OC 66 -77.58 105.04 -10.73
C ASP OC 66 -76.11 104.87 -10.40
N ALA OC 67 -75.80 104.82 -9.11
CA ALA OC 67 -74.44 104.66 -8.63
C ALA OC 67 -73.89 103.25 -8.84
N CYS OC 68 -74.61 102.21 -8.38
CA CYS OC 68 -74.08 100.85 -8.47
C CYS OC 68 -74.24 100.27 -9.87
N VAL OC 69 -73.92 101.07 -10.89
CA VAL OC 69 -73.60 100.53 -12.20
C VAL OC 69 -72.30 101.20 -12.61
N ILE OC 70 -71.19 100.58 -12.29
CA ILE OC 70 -69.88 100.99 -12.76
C ILE OC 70 -69.35 99.84 -13.59
N MET OC 71 -69.75 99.84 -14.83
CA MET OC 71 -69.46 98.75 -15.75
C MET OC 71 -68.02 98.82 -16.24
N PRO OC 72 -67.47 97.75 -16.78
CA PRO OC 72 -66.06 97.78 -17.18
C PRO OC 72 -65.80 98.85 -18.23
N ASN OC 73 -64.60 99.39 -18.19
CA ASN OC 73 -64.18 100.45 -19.09
C ASN OC 73 -63.43 99.82 -20.26
N GLU OC 74 -63.93 100.08 -21.47
CA GLU OC 74 -63.30 99.52 -22.67
C GLU OC 74 -62.63 100.61 -23.48
N ASN OC 75 -61.97 100.21 -24.56
CA ASN OC 75 -61.10 101.09 -25.33
C ASN OC 75 -61.62 101.28 -26.76
N GLN OC 76 -61.36 102.46 -27.31
CA GLN OC 76 -61.71 102.79 -28.68
C GLN OC 76 -60.48 103.39 -29.35
N SER OC 77 -59.82 102.60 -30.20
CA SER OC 77 -58.59 103.01 -30.85
C SER OC 77 -58.79 103.14 -32.35
N ILE OC 78 -58.30 104.23 -32.90
CA ILE OC 78 -58.30 104.47 -34.34
C ILE OC 78 -56.87 104.74 -34.77
N ARG OC 79 -56.30 103.85 -35.58
CA ARG OC 79 -54.93 103.97 -36.04
C ARG OC 79 -54.92 104.26 -37.53
N THR OC 80 -54.10 105.23 -37.92
CA THR OC 80 -54.00 105.63 -39.31
C THR OC 80 -52.52 105.68 -39.71
N VAL OC 81 -52.19 105.06 -40.84
CA VAL OC 81 -50.83 104.99 -41.33
C VAL OC 81 -50.78 105.60 -42.72
N ILE OC 82 -49.87 106.53 -42.93
CA ILE OC 82 -49.67 107.18 -44.21
C ILE OC 82 -48.23 106.99 -44.64
N SER OC 83 -48.02 106.55 -45.88
CA SER OC 83 -46.69 106.36 -46.43
C SER OC 83 -46.65 106.96 -47.82
N GLY OC 84 -45.49 107.52 -48.18
CA GLY OC 84 -45.33 108.09 -49.51
C GLY OC 84 -44.07 108.92 -49.59
N SER OC 85 -43.69 109.20 -50.82
CA SER OC 85 -42.49 109.98 -51.09
C SER OC 85 -42.67 111.43 -50.63
N ALA OC 86 -41.58 112.02 -50.16
CA ALA OC 86 -41.67 113.34 -49.54
C ALA OC 86 -42.13 114.40 -50.54
N GLU OC 87 -41.56 114.39 -51.75
CA GLU OC 87 -41.87 115.47 -52.69
C GLU OC 87 -43.24 115.31 -53.32
N ASN OC 88 -43.80 114.11 -53.33
CA ASN OC 88 -45.15 113.89 -53.82
C ASN OC 88 -46.18 114.22 -52.76
N LEU OC 89 -45.79 114.97 -51.73
CA LEU OC 89 -46.72 115.34 -50.68
C LEU OC 89 -47.87 116.16 -51.22
N ALA OC 90 -47.63 116.97 -52.26
CA ALA OC 90 -48.70 117.78 -52.84
C ALA OC 90 -49.86 116.90 -53.29
N THR OC 91 -49.57 115.86 -54.07
CA THR OC 91 -50.63 114.94 -54.47
C THR OC 91 -50.94 113.94 -53.38
N LEU OC 92 -50.00 113.71 -52.45
CA LEU OC 92 -50.28 112.83 -51.32
C LEU OC 92 -51.44 113.36 -50.49
N LYS OC 93 -51.55 114.68 -50.37
CA LYS OC 93 -52.64 115.27 -49.60
C LYS OC 93 -53.99 114.94 -50.21
N ALA OC 94 -54.11 115.13 -51.52
CA ALA OC 94 -55.43 115.08 -52.16
C ALA OC 94 -56.07 113.71 -52.01
N GLU OC 95 -55.29 112.65 -52.22
CA GLU OC 95 -55.84 111.32 -52.05
C GLU OC 95 -56.15 111.03 -50.57
N TRP OC 96 -55.38 111.62 -49.66
CA TRP OC 96 -55.75 111.56 -48.25
C TRP OC 96 -57.10 112.23 -48.03
N GLU OC 97 -57.32 113.38 -48.65
CA GLU OC 97 -58.65 113.98 -48.63
C GLU OC 97 -59.66 113.06 -49.28
N THR OC 98 -59.28 112.43 -50.39
CA THR OC 98 -60.15 111.43 -51.00
C THR OC 98 -60.39 110.27 -50.05
N HIS OC 99 -59.33 109.81 -49.37
CA HIS OC 99 -59.48 108.71 -48.42
C HIS OC 99 -60.47 109.07 -47.31
N LYS OC 100 -60.50 110.34 -46.91
CA LYS OC 100 -61.49 110.80 -45.93
C LYS OC 100 -62.89 110.55 -46.44
N ARG OC 101 -63.26 111.19 -47.55
CA ARG OC 101 -64.58 111.04 -48.11
C ARG OC 101 -64.89 109.58 -48.43
N ASN OC 102 -63.88 108.85 -48.88
CA ASN OC 102 -64.09 107.46 -49.28
C ASN OC 102 -64.56 106.61 -48.11
N VAL OC 103 -63.94 106.77 -46.95
CA VAL OC 103 -64.39 106.02 -45.79
C VAL OC 103 -65.60 106.67 -45.14
N ASP OC 104 -65.76 107.99 -45.33
CA ASP OC 104 -66.93 108.68 -44.79
C ASP OC 104 -68.22 108.05 -45.30
N THR OC 105 -68.33 107.90 -46.62
CA THR OC 105 -69.54 107.34 -47.21
C THR OC 105 -69.75 105.88 -46.84
N LEU OC 106 -68.74 105.21 -46.31
CA LEU OC 106 -68.85 103.81 -45.94
C LEU OC 106 -69.07 103.59 -44.45
N PHE OC 107 -68.40 104.36 -43.60
CA PHE OC 107 -68.47 104.18 -42.16
C PHE OC 107 -69.26 105.26 -41.46
N ALA OC 108 -68.97 106.53 -41.75
CA ALA OC 108 -69.68 107.62 -41.09
C ALA OC 108 -71.16 107.62 -41.44
N SER OC 109 -71.48 107.40 -42.72
CA SER OC 109 -72.87 107.35 -43.14
C SER OC 109 -73.40 105.93 -43.31
N GLY OC 110 -72.55 104.99 -43.72
CA GLY OC 110 -72.96 103.62 -43.84
C GLY OC 110 -72.93 102.89 -42.50
N ASN OC 111 -73.35 101.63 -42.54
CA ASN OC 111 -73.38 100.79 -41.36
C ASN OC 111 -72.15 99.91 -41.24
N ALA OC 112 -71.02 100.33 -41.82
CA ALA OC 112 -69.81 99.54 -41.75
C ALA OC 112 -69.36 99.35 -40.31
N GLY OC 113 -69.65 100.31 -39.44
CA GLY OC 113 -69.26 100.17 -38.04
C GLY OC 113 -69.97 99.01 -37.36
N LEU OC 114 -71.23 98.75 -37.74
CA LEU OC 114 -71.94 97.60 -37.19
C LEU OC 114 -71.25 96.30 -37.56
N GLY OC 115 -70.81 96.18 -38.80
CA GLY OC 115 -70.23 94.94 -39.28
C GLY OC 115 -70.69 94.62 -40.68
N PHE OC 116 -71.58 95.45 -41.21
CA PHE OC 116 -72.16 95.24 -42.52
C PHE OC 116 -71.33 95.94 -43.60
N LEU OC 117 -71.32 95.34 -44.78
CA LEU OC 117 -70.61 95.90 -45.93
C LEU OC 117 -71.58 96.09 -47.08
N ASP OC 118 -71.46 97.23 -47.74
CA ASP OC 118 -72.39 97.60 -48.81
C ASP OC 118 -71.69 97.54 -50.15
N PRO OC 119 -71.95 96.51 -50.97
CA PRO OC 119 -71.27 96.43 -52.28
C PRO OC 119 -71.57 97.60 -53.18
N THR OC 120 -72.75 98.21 -53.08
CA THR OC 120 -73.13 99.30 -53.97
C THR OC 120 -72.81 100.68 -53.38
N ALA OC 121 -71.97 100.74 -52.36
CA ALA OC 121 -71.56 102.03 -51.81
C ALA OC 121 -70.75 102.80 -52.83
N ALA OC 122 -70.95 104.12 -52.85
CA ALA OC 122 -70.26 104.97 -53.82
C ALA OC 122 -68.82 105.18 -53.39
N ILE OC 123 -67.88 104.71 -54.22
CA ILE OC 123 -66.46 104.85 -53.95
C ILE OC 123 -65.84 105.60 -55.12
N VAL OC 124 -64.96 106.56 -54.80
CA VAL OC 124 -64.33 107.38 -55.81
C VAL OC 124 -62.82 107.36 -55.60
N SER OC 125 -62.09 107.68 -56.65
CA SER OC 125 -60.64 107.75 -56.63
C SER OC 125 -60.18 109.19 -56.54
N SER OC 126 -58.88 109.36 -56.28
CA SER OC 126 -58.33 110.70 -56.10
C SER OC 126 -58.46 111.53 -57.36
N ASP OC 127 -58.17 110.93 -58.51
CA ASP OC 127 -58.21 111.68 -59.76
C ASP OC 127 -59.63 112.10 -60.11
N THR OC 128 -59.74 113.19 -60.85
CA THR OC 128 -61.03 113.74 -61.26
C THR OC 128 -61.02 113.99 -62.76
N THR OC 129 -62.22 114.05 -63.33
CA THR OC 129 -62.36 114.27 -64.76
C THR OC 129 -62.21 115.75 -65.10
N ALA PC 1 -30.69 135.80 -50.26
CA ALA PC 1 -31.53 135.05 -51.18
C ALA PC 1 -31.28 133.56 -51.05
N ASN PC 2 -30.67 133.17 -49.94
CA ASN PC 2 -30.31 131.77 -49.73
C ASN PC 2 -31.38 131.09 -48.89
N LYS PC 3 -31.82 129.92 -49.35
CA LYS PC 3 -32.91 129.22 -48.68
C LYS PC 3 -32.43 128.62 -47.36
N PRO PC 4 -33.08 128.93 -46.24
CA PRO PC 4 -32.68 128.33 -44.97
C PRO PC 4 -33.38 126.99 -44.76
N MET PC 5 -32.88 126.25 -43.78
CA MET PC 5 -33.45 124.97 -43.37
C MET PC 5 -33.84 125.05 -41.90
N GLN PC 6 -34.39 123.95 -41.39
CA GLN PC 6 -34.95 123.92 -40.05
C GLN PC 6 -34.65 122.57 -39.42
N PRO PC 7 -34.63 122.49 -38.08
CA PRO PC 7 -34.14 121.28 -37.42
C PRO PC 7 -35.03 120.07 -37.69
N ILE PC 8 -34.43 118.89 -37.62
CA ILE PC 8 -35.14 117.62 -37.80
C ILE PC 8 -35.12 116.81 -36.52
N THR PC 9 -33.93 116.44 -36.03
CA THR PC 9 -33.77 115.71 -34.78
C THR PC 9 -33.17 116.63 -33.74
N SER PC 10 -33.87 116.78 -32.63
CA SER PC 10 -33.43 117.63 -31.52
C SER PC 10 -32.98 116.74 -30.37
N THR PC 11 -31.76 116.98 -29.89
CA THR PC 11 -31.19 116.21 -28.79
C THR PC 11 -30.27 117.13 -28.00
N ALA PC 12 -30.02 116.74 -26.74
CA ALA PC 12 -29.10 117.52 -25.91
C ALA PC 12 -27.70 117.53 -26.49
N ASN PC 13 -27.39 116.59 -27.39
CA ASN PC 13 -26.08 116.53 -28.02
C ASN PC 13 -26.09 116.82 -29.51
N LYS PC 14 -27.10 116.35 -30.24
CA LYS PC 14 -27.11 116.43 -31.70
C LYS PC 14 -28.33 117.23 -32.16
N ILE PC 15 -28.10 118.13 -33.12
CA ILE PC 15 -29.15 118.86 -33.81
C ILE PC 15 -29.01 118.61 -35.30
N VAL PC 16 -30.07 118.12 -35.92
CA VAL PC 16 -30.05 117.76 -37.34
C VAL PC 16 -30.85 118.80 -38.10
N TRP PC 17 -30.21 119.45 -39.05
CA TRP PC 17 -30.89 120.41 -39.90
C TRP PC 17 -31.16 119.75 -41.24
N SER PC 18 -32.14 120.25 -41.99
CA SER PC 18 -32.39 119.72 -43.33
C SER PC 18 -33.36 120.63 -44.06
N ASP PC 19 -33.15 120.78 -45.35
CA ASP PC 19 -33.98 121.61 -46.20
C ASP PC 19 -35.32 120.93 -46.47
N PRO PC 20 -36.45 121.58 -46.19
CA PRO PC 20 -37.73 121.00 -46.62
C PRO PC 20 -37.86 120.89 -48.13
N THR PC 21 -37.29 121.84 -48.88
CA THR PC 21 -37.39 121.80 -50.33
C THR PC 21 -36.63 120.60 -50.89
N ARG PC 22 -35.46 120.32 -50.34
CA ARG PC 22 -34.58 119.24 -50.82
C ARG PC 22 -34.07 118.50 -49.59
N LEU PC 23 -34.71 117.38 -49.28
CA LEU PC 23 -34.36 116.64 -48.07
C LEU PC 23 -33.01 115.95 -48.17
N SER PC 24 -32.41 115.89 -49.36
CA SER PC 24 -31.12 115.23 -49.48
C SER PC 24 -30.04 115.98 -48.70
N THR PC 25 -29.95 117.29 -48.91
CA THR PC 25 -28.96 118.08 -48.20
C THR PC 25 -29.31 118.19 -46.73
N THR PC 26 -28.30 118.16 -45.88
CA THR PC 26 -28.51 118.29 -44.44
C THR PC 26 -27.24 118.80 -43.80
N PHE PC 27 -27.40 119.35 -42.60
CA PHE PC 27 -26.30 119.82 -41.78
C PHE PC 27 -26.60 119.43 -40.35
N SER PC 28 -25.72 118.68 -39.71
CA SER PC 28 -25.96 118.29 -38.34
C SER PC 28 -24.74 118.66 -37.49
N ALA PC 29 -24.98 118.84 -36.20
CA ALA PC 29 -23.94 119.24 -35.27
C ALA PC 29 -24.11 118.46 -33.98
N SER PC 30 -23.11 117.65 -33.65
CA SER PC 30 -23.04 116.97 -32.37
C SER PC 30 -21.74 117.38 -31.70
N LEU PC 31 -21.74 117.46 -30.38
CA LEU PC 31 -20.57 117.88 -29.63
C LEU PC 31 -20.51 117.14 -28.31
N LEU PC 32 -19.30 116.75 -27.92
CA LEU PC 32 -19.06 116.04 -26.67
C LEU PC 32 -18.01 116.79 -25.88
N ARG PC 33 -18.29 117.04 -24.61
CA ARG PC 33 -17.37 117.73 -23.71
C ARG PC 33 -16.80 116.72 -22.73
N GLN PC 34 -15.54 116.92 -22.35
CA GLN PC 34 -14.85 115.98 -21.49
C GLN PC 34 -14.14 116.72 -20.36
N ARG PC 35 -14.17 116.11 -19.18
CA ARG PC 35 -13.64 116.72 -17.97
C ARG PC 35 -12.21 116.19 -17.79
N VAL PC 36 -11.21 117.03 -18.06
CA VAL PC 36 -9.84 116.55 -18.23
C VAL PC 36 -8.88 117.35 -17.37
N LYS PC 37 -7.88 116.67 -16.83
CA LYS PC 37 -6.74 117.27 -16.14
C LYS PC 37 -5.49 116.88 -16.93
N VAL PC 38 -5.00 117.82 -17.75
CA VAL PC 38 -3.85 117.50 -18.59
C VAL PC 38 -2.55 117.67 -17.80
N GLY PC 39 -2.27 118.88 -17.32
CA GLY PC 39 -1.13 119.09 -16.43
C GLY PC 39 -1.56 119.19 -14.98
N ILE PC 40 -2.14 118.11 -14.46
CA ILE PC 40 -2.68 118.01 -13.10
C ILE PC 40 -3.54 119.23 -12.77
N ALA PC 41 -4.09 119.86 -13.81
CA ALA PC 41 -4.97 121.01 -13.66
C ALA PC 41 -6.16 120.81 -14.59
N GLU PC 42 -7.34 121.19 -14.10
CA GLU PC 42 -8.58 120.88 -14.81
C GLU PC 42 -8.69 121.70 -16.09
N LEU PC 43 -9.35 121.14 -17.10
CA LEU PC 43 -9.51 121.78 -18.40
C LEU PC 43 -10.90 121.50 -18.94
N ASN PC 44 -11.43 122.43 -19.72
CA ASN PC 44 -12.78 122.34 -20.27
C ASN PC 44 -12.68 122.06 -21.76
N ASN PC 45 -12.59 120.78 -22.12
CA ASN PC 45 -12.44 120.38 -23.51
C ASN PC 45 -13.80 120.08 -24.11
N VAL PC 46 -14.14 120.77 -25.20
CA VAL PC 46 -15.38 120.60 -25.92
C VAL PC 46 -15.05 120.25 -27.36
N SER PC 47 -15.60 119.13 -27.84
CA SER PC 47 -15.29 118.60 -29.17
C SER PC 47 -16.55 118.69 -30.03
N GLY PC 48 -16.65 119.77 -30.81
CA GLY PC 48 -17.79 119.99 -31.67
C GLY PC 48 -17.52 119.49 -33.07
N GLN PC 49 -18.17 118.39 -33.43
CA GLN PC 49 -17.97 117.73 -34.72
C GLN PC 49 -19.15 118.05 -35.61
N TYR PC 50 -18.88 118.55 -36.81
CA TYR PC 50 -19.89 119.10 -37.69
C TYR PC 50 -19.83 118.36 -39.02
N VAL PC 51 -21.00 117.99 -39.55
CA VAL PC 51 -21.09 117.34 -40.85
C VAL PC 51 -22.02 118.15 -41.72
N SER PC 52 -21.66 118.30 -43.00
CA SER PC 52 -22.50 118.93 -44.00
C SER PC 52 -22.40 118.13 -45.28
N VAL PC 53 -23.50 117.52 -45.69
CA VAL PC 53 -23.52 116.64 -46.85
C VAL PC 53 -24.55 117.15 -47.84
N TYR PC 54 -24.21 117.11 -49.11
CA TYR PC 54 -25.12 117.48 -50.18
C TYR PC 54 -25.02 116.45 -51.28
N LYS PC 55 -26.15 115.87 -51.66
CA LYS PC 55 -26.21 114.93 -52.77
C LYS PC 55 -26.54 115.72 -54.03
N ARG PC 56 -25.50 116.11 -54.76
CA ARG PC 56 -25.66 116.92 -55.96
C ARG PC 56 -25.29 116.11 -57.19
N PRO PC 57 -26.25 115.68 -58.01
CA PRO PC 57 -25.90 115.01 -59.26
C PRO PC 57 -25.47 116.02 -60.30
N ALA PC 58 -24.17 116.08 -60.55
CA ALA PC 58 -23.69 117.04 -61.54
C ALA PC 58 -22.56 116.48 -62.42
N PRO PC 59 -22.74 115.32 -63.07
CA PRO PC 59 -21.80 114.96 -64.14
C PRO PC 59 -21.95 115.92 -65.29
N LYS PC 60 -23.20 116.09 -65.74
CA LYS PC 60 -23.61 117.05 -66.75
C LYS PC 60 -22.72 117.00 -67.98
N PRO PC 61 -22.87 115.98 -68.82
CA PRO PC 61 -22.06 115.89 -70.05
C PRO PC 61 -21.97 117.19 -70.83
N GLU PC 62 -20.86 117.36 -71.57
CA GLU PC 62 -20.51 118.64 -72.18
C GLU PC 62 -21.65 119.21 -73.03
N GLY PC 63 -22.02 120.45 -72.74
CA GLY PC 63 -23.03 121.16 -73.49
C GLY PC 63 -24.36 120.43 -73.60
N CYS PC 64 -24.70 119.66 -72.58
CA CYS PC 64 -25.91 118.83 -72.63
C CYS PC 64 -26.93 119.27 -71.58
N ALA PC 65 -26.87 120.53 -71.16
CA ALA PC 65 -27.89 121.12 -70.32
C ALA PC 65 -29.08 121.46 -71.21
N ASP PC 66 -29.76 120.43 -71.71
CA ASP PC 66 -30.69 120.62 -72.81
C ASP PC 66 -32.12 120.19 -72.47
N ALA PC 67 -32.28 119.01 -71.89
CA ALA PC 67 -33.61 118.43 -71.74
C ALA PC 67 -33.72 117.55 -70.51
N CYS PC 68 -34.75 116.70 -70.48
CA CYS PC 68 -35.00 115.80 -69.37
C CYS PC 68 -33.97 114.67 -69.41
N VAL PC 69 -32.75 115.01 -69.00
CA VAL PC 69 -31.67 114.04 -68.96
C VAL PC 69 -31.16 113.94 -67.53
N ILE PC 70 -31.73 113.01 -66.76
CA ILE PC 70 -31.38 112.92 -65.35
C ILE PC 70 -30.09 112.15 -65.19
N MET PC 71 -29.27 112.57 -64.23
CA MET PC 71 -28.03 111.92 -63.87
C MET PC 71 -28.14 111.32 -62.48
N PRO PC 72 -27.46 110.21 -62.23
CA PRO PC 72 -27.44 109.65 -60.88
C PRO PC 72 -26.68 110.57 -59.94
N ASN PC 73 -27.04 110.49 -58.66
CA ASN PC 73 -26.52 111.42 -57.68
C ASN PC 73 -25.18 110.95 -57.12
N GLU PC 74 -24.39 111.92 -56.67
CA GLU PC 74 -23.09 111.67 -56.09
C GLU PC 74 -22.95 112.46 -54.79
N ASN PC 75 -22.10 111.95 -53.90
CA ASN PC 75 -22.00 112.48 -52.56
C ASN PC 75 -20.98 113.61 -52.46
N GLN PC 76 -21.27 114.57 -51.59
CA GLN PC 76 -20.34 115.64 -51.24
C GLN PC 76 -20.43 115.87 -49.74
N SER PC 77 -19.52 115.28 -48.98
CA SER PC 77 -19.57 115.33 -47.53
C SER PC 77 -18.40 116.14 -46.99
N ILE PC 78 -18.67 116.97 -46.00
CA ILE PC 78 -17.67 117.84 -45.39
C ILE PC 78 -17.72 117.61 -43.89
N ARG PC 79 -16.63 117.13 -43.32
CA ARG PC 79 -16.54 116.78 -41.92
C ARG PC 79 -15.58 117.73 -41.23
N THR PC 80 -16.03 118.36 -40.15
CA THR PC 80 -15.20 119.25 -39.35
C THR PC 80 -15.33 118.89 -37.88
N VAL PC 81 -14.19 118.78 -37.21
CA VAL PC 81 -14.15 118.43 -35.79
C VAL PC 81 -13.27 119.46 -35.10
N ILE PC 82 -13.86 120.24 -34.20
CA ILE PC 82 -13.16 121.26 -33.45
C ILE PC 82 -13.17 120.86 -31.98
N SER PC 83 -11.98 120.66 -31.42
CA SER PC 83 -11.84 120.28 -30.02
C SER PC 83 -10.78 121.16 -29.37
N GLY PC 84 -11.08 121.63 -28.17
CA GLY PC 84 -10.15 122.49 -27.46
C GLY PC 84 -10.72 122.92 -26.13
N SER PC 85 -9.90 123.67 -25.40
CA SER PC 85 -10.29 124.15 -24.08
C SER PC 85 -11.26 125.32 -24.20
N ALA PC 86 -12.37 125.23 -23.46
CA ALA PC 86 -13.37 126.29 -23.52
C ALA PC 86 -12.82 127.59 -22.94
N GLU PC 87 -11.94 127.50 -21.95
CA GLU PC 87 -11.36 128.70 -21.36
C GLU PC 87 -10.56 129.49 -22.39
N ASN PC 88 -9.84 128.80 -23.26
CA ASN PC 88 -9.10 129.45 -24.33
C ASN PC 88 -9.91 129.56 -25.61
N LEU PC 89 -11.23 129.61 -25.51
CA LEU PC 89 -12.07 129.66 -26.70
C LEU PC 89 -11.81 130.90 -27.52
N ALA PC 90 -11.57 132.04 -26.88
CA ALA PC 90 -11.37 133.29 -27.60
C ALA PC 90 -10.20 133.18 -28.56
N THR PC 91 -9.05 132.69 -28.08
CA THR PC 91 -7.93 132.48 -28.98
C THR PC 91 -8.13 131.23 -29.83
N LEU PC 92 -8.90 130.26 -29.35
CA LEU PC 92 -9.27 129.14 -30.20
C LEU PC 92 -10.09 129.62 -31.39
N LYS PC 93 -11.01 130.55 -31.15
CA LYS PC 93 -11.67 131.22 -32.26
C LYS PC 93 -10.65 131.87 -33.19
N ALA PC 94 -9.68 132.58 -32.62
CA ALA PC 94 -8.69 133.29 -33.43
C ALA PC 94 -7.91 132.32 -34.31
N GLU PC 95 -7.61 131.14 -33.79
CA GLU PC 95 -6.94 130.13 -34.61
C GLU PC 95 -7.86 129.64 -35.74
N TRP PC 96 -9.17 129.77 -35.55
CA TRP PC 96 -10.10 129.12 -36.45
C TRP PC 96 -10.09 129.77 -37.84
N GLU PC 97 -10.09 131.11 -37.92
CA GLU PC 97 -10.05 131.72 -39.24
C GLU PC 97 -8.71 131.51 -39.90
N THR PC 98 -7.65 131.30 -39.11
CA THR PC 98 -6.38 130.90 -39.68
C THR PC 98 -6.51 129.59 -40.42
N HIS PC 99 -7.26 128.64 -39.84
CA HIS PC 99 -7.56 127.40 -40.53
C HIS PC 99 -8.37 127.68 -41.79
N LYS PC 100 -9.32 128.62 -41.72
CA LYS PC 100 -10.09 128.99 -42.90
C LYS PC 100 -9.18 129.38 -44.05
N ARG PC 101 -8.42 130.46 -43.87
CA ARG PC 101 -7.59 130.98 -44.94
C ARG PC 101 -6.54 129.97 -45.39
N ASN PC 102 -5.94 129.25 -44.43
CA ASN PC 102 -4.94 128.24 -44.79
C ASN PC 102 -5.52 127.22 -45.75
N VAL PC 103 -6.70 126.69 -45.42
CA VAL PC 103 -7.38 125.79 -46.35
C VAL PC 103 -7.76 126.53 -47.62
N ASP PC 104 -8.26 127.76 -47.48
CA ASP PC 104 -8.69 128.53 -48.64
C ASP PC 104 -7.54 128.78 -49.61
N THR PC 105 -6.37 129.13 -49.07
CA THR PC 105 -5.23 129.42 -49.93
C THR PC 105 -4.82 128.19 -50.73
N LEU PC 106 -4.66 127.04 -50.06
CA LEU PC 106 -4.16 125.86 -50.75
C LEU PC 106 -5.26 125.17 -51.55
N PHE PC 107 -6.51 125.28 -51.11
CA PHE PC 107 -7.60 124.55 -51.74
C PHE PC 107 -8.60 125.44 -52.46
N ALA PC 108 -9.22 126.40 -51.75
CA ALA PC 108 -10.24 127.22 -52.39
C ALA PC 108 -9.65 128.08 -53.49
N SER PC 109 -8.58 128.81 -53.18
CA SER PC 109 -7.87 129.56 -54.20
C SER PC 109 -6.77 128.74 -54.86
N GLY PC 110 -6.21 127.77 -54.14
CA GLY PC 110 -5.24 126.87 -54.73
C GLY PC 110 -5.87 125.81 -55.60
N ASN PC 111 -5.18 124.71 -55.79
CA ASN PC 111 -5.64 123.67 -56.70
C ASN PC 111 -5.40 122.32 -56.02
N ALA PC 112 -5.82 122.22 -54.76
CA ALA PC 112 -5.77 120.96 -54.04
C ALA PC 112 -7.03 120.12 -54.23
N GLY PC 113 -8.12 120.72 -54.71
CA GLY PC 113 -9.34 119.96 -54.90
C GLY PC 113 -9.21 118.92 -56.00
N LEU PC 114 -8.47 119.26 -57.05
CA LEU PC 114 -8.22 118.29 -58.12
C LEU PC 114 -7.36 117.13 -57.64
N GLY PC 115 -6.76 117.24 -56.45
CA GLY PC 115 -5.86 116.23 -55.96
C GLY PC 115 -4.40 116.57 -56.08
N PHE PC 116 -4.06 117.78 -56.52
CA PHE PC 116 -2.68 118.18 -56.67
C PHE PC 116 -2.21 118.76 -55.34
N LEU PC 117 -0.92 119.08 -55.24
CA LEU PC 117 -0.38 119.62 -54.00
C LEU PC 117 0.77 120.56 -54.33
N ASP PC 118 0.80 121.71 -53.66
CA ASP PC 118 1.86 122.70 -53.84
C ASP PC 118 2.55 122.95 -52.51
N PRO PC 119 3.73 122.38 -52.28
CA PRO PC 119 4.46 122.67 -51.04
C PRO PC 119 4.84 124.13 -50.91
N THR PC 120 4.94 124.85 -52.03
CA THR PC 120 5.33 126.26 -52.01
C THR PC 120 4.17 127.20 -51.74
N ALA PC 121 2.95 126.68 -51.57
CA ALA PC 121 1.81 127.54 -51.31
C ALA PC 121 1.98 128.26 -49.99
N ALA PC 122 1.51 129.51 -49.94
CA ALA PC 122 1.67 130.34 -48.75
C ALA PC 122 0.83 129.79 -47.61
N ILE PC 123 1.48 129.25 -46.59
CA ILE PC 123 0.82 128.75 -45.40
C ILE PC 123 1.26 129.58 -44.21
N VAL PC 124 0.30 130.09 -43.46
CA VAL PC 124 0.57 131.05 -42.39
C VAL PC 124 -0.06 130.55 -41.11
N SER PC 125 0.48 131.00 -39.99
CA SER PC 125 0.04 130.56 -38.67
C SER PC 125 -0.79 131.66 -37.99
N SER PC 126 -1.30 131.34 -36.80
CA SER PC 126 -2.20 132.24 -36.10
C SER PC 126 -1.49 133.47 -35.58
N ASP PC 127 -0.34 133.27 -34.93
CA ASP PC 127 0.35 134.40 -34.31
C ASP PC 127 0.92 135.34 -35.36
N THR PC 128 1.14 136.59 -34.95
CA THR PC 128 1.63 137.62 -35.84
C THR PC 128 3.01 138.09 -35.38
N THR PC 129 3.63 138.91 -36.22
CA THR PC 129 4.93 139.47 -35.92
C THR PC 129 4.81 140.59 -34.88
N ALA QC 1 -59.68 -82.31 109.69
CA ALA QC 1 -58.25 -82.23 109.95
C ALA QC 1 -57.49 -81.93 108.66
N ASN QC 2 -56.63 -80.92 108.71
CA ASN QC 2 -55.84 -80.51 107.56
C ASN QC 2 -54.38 -80.43 107.97
N LYS QC 3 -53.50 -80.58 106.97
CA LYS QC 3 -52.06 -80.54 107.22
C LYS QC 3 -51.61 -79.08 107.31
N PRO QC 4 -51.12 -78.62 108.45
CA PRO QC 4 -50.58 -77.26 108.52
C PRO QC 4 -49.35 -77.12 107.65
N MET QC 5 -49.16 -75.93 107.11
CA MET QC 5 -47.99 -75.64 106.30
C MET QC 5 -47.05 -74.70 107.05
N GLN QC 6 -45.82 -74.63 106.56
CA GLN QC 6 -44.81 -73.77 107.14
C GLN QC 6 -44.60 -72.53 106.28
N PRO QC 7 -44.29 -71.40 106.90
CA PRO QC 7 -43.97 -70.21 106.12
C PRO QC 7 -42.70 -70.42 105.30
N ILE QC 8 -42.66 -69.76 104.14
CA ILE QC 8 -41.51 -69.82 103.25
C ILE QC 8 -40.75 -68.50 103.26
N THR QC 9 -41.43 -67.41 102.92
CA THR QC 9 -40.85 -66.08 102.97
C THR QC 9 -41.59 -65.28 104.03
N SER QC 10 -40.88 -64.84 105.06
CA SER QC 10 -41.45 -64.06 106.15
C SER QC 10 -40.90 -62.65 106.08
N THR QC 11 -41.80 -61.67 106.08
CA THR QC 11 -41.41 -60.27 105.99
C THR QC 11 -42.47 -59.45 106.70
N ALA QC 12 -42.09 -58.25 107.13
CA ALA QC 12 -43.02 -57.34 107.78
C ALA QC 12 -44.15 -56.92 106.86
N ASN QC 13 -44.03 -57.12 105.55
CA ASN QC 13 -45.06 -56.74 104.60
C ASN QC 13 -45.76 -57.93 103.97
N LYS QC 14 -45.02 -58.93 103.53
CA LYS QC 14 -45.59 -60.10 102.87
C LYS QC 14 -45.11 -61.37 103.54
N ILE QC 15 -46.04 -62.25 103.88
CA ILE QC 15 -45.72 -63.57 104.39
C ILE QC 15 -46.44 -64.59 103.51
N VAL QC 16 -45.71 -65.62 103.07
CA VAL QC 16 -46.26 -66.66 102.21
C VAL QC 16 -46.02 -68.01 102.86
N TRP QC 17 -47.06 -68.84 102.89
CA TRP QC 17 -46.96 -70.21 103.36
C TRP QC 17 -46.97 -71.16 102.18
N SER QC 18 -46.70 -72.43 102.46
CA SER QC 18 -46.70 -73.47 101.43
C SER QC 18 -46.69 -74.83 102.10
N ASP QC 19 -47.53 -75.73 101.59
CA ASP QC 19 -47.61 -77.07 102.16
C ASP QC 19 -46.30 -77.81 101.95
N PRO QC 20 -45.69 -78.36 103.00
CA PRO QC 20 -44.42 -79.08 102.82
C PRO QC 20 -44.55 -80.29 101.91
N THR QC 21 -45.67 -81.01 101.98
CA THR QC 21 -45.83 -82.20 101.14
C THR QC 21 -45.92 -81.82 99.67
N ARG QC 22 -46.66 -80.78 99.35
CA ARG QC 22 -46.79 -80.27 97.98
C ARG QC 22 -46.68 -78.76 98.05
N LEU QC 23 -45.57 -78.22 97.57
CA LEU QC 23 -45.32 -76.79 97.68
C LEU QC 23 -45.96 -75.98 96.57
N SER QC 24 -46.70 -76.62 95.67
CA SER QC 24 -47.49 -75.86 94.71
C SER QC 24 -48.54 -75.03 95.41
N THR QC 25 -49.14 -75.58 96.47
CA THR QC 25 -50.15 -74.85 97.22
C THR QC 25 -49.50 -73.71 98.00
N THR QC 26 -50.06 -72.52 97.87
CA THR QC 26 -49.53 -71.36 98.57
C THR QC 26 -50.66 -70.55 99.16
N PHE QC 27 -50.34 -69.83 100.24
CA PHE QC 27 -51.24 -68.86 100.83
C PHE QC 27 -50.40 -67.68 101.30
N SER QC 28 -50.54 -66.54 100.65
CA SER QC 28 -49.72 -65.38 100.92
C SER QC 28 -50.59 -64.20 101.34
N ALA QC 29 -50.11 -63.45 102.33
CA ALA QC 29 -50.81 -62.28 102.83
C ALA QC 29 -49.87 -61.09 102.77
N SER QC 30 -50.31 -60.03 102.10
CA SER QC 30 -49.54 -58.80 101.99
C SER QC 30 -50.40 -57.63 102.45
N LEU QC 31 -49.77 -56.66 103.10
CA LEU QC 31 -50.47 -55.54 103.70
C LEU QC 31 -49.90 -54.23 103.17
N LEU QC 32 -50.79 -53.32 102.76
CA LEU QC 32 -50.42 -51.96 102.40
C LEU QC 32 -51.04 -51.03 103.43
N ARG QC 33 -50.19 -50.38 104.21
CA ARG QC 33 -50.62 -49.46 105.26
C ARG QC 33 -50.26 -48.04 104.85
N GLN QC 34 -51.23 -47.14 104.94
CA GLN QC 34 -51.01 -45.76 104.55
C GLN QC 34 -52.00 -44.87 105.28
N ARG QC 35 -51.67 -43.58 105.33
CA ARG QC 35 -52.54 -42.58 105.93
C ARG QC 35 -53.45 -41.99 104.87
N VAL QC 36 -54.74 -41.88 105.19
CA VAL QC 36 -55.74 -41.31 104.30
C VAL QC 36 -56.34 -40.08 104.97
N LYS QC 37 -56.59 -39.05 104.19
CA LYS QC 37 -57.12 -37.80 104.70
C LYS QC 37 -58.63 -37.77 104.54
N VAL QC 38 -59.34 -37.57 105.64
CA VAL QC 38 -60.77 -37.33 105.61
C VAL QC 38 -61.01 -35.93 106.18
N GLY QC 39 -62.27 -35.53 106.27
CA GLY QC 39 -62.60 -34.21 106.79
C GLY QC 39 -61.93 -33.91 108.12
N ILE QC 40 -61.00 -32.96 108.09
CA ILE QC 40 -60.20 -32.49 109.24
C ILE QC 40 -59.84 -33.61 110.20
N ALA QC 41 -59.52 -34.79 109.67
CA ALA QC 41 -59.12 -35.91 110.50
C ALA QC 41 -58.19 -36.81 109.71
N GLU QC 42 -57.41 -37.60 110.44
CA GLU QC 42 -56.44 -38.50 109.83
C GLU QC 42 -56.75 -39.92 110.24
N LEU QC 43 -56.87 -40.81 109.25
CA LEU QC 43 -57.19 -42.21 109.50
C LEU QC 43 -56.13 -43.10 108.86
N ASN QC 44 -55.73 -44.12 109.60
CA ASN QC 44 -54.77 -45.10 109.10
C ASN QC 44 -55.53 -46.22 108.39
N ASN QC 45 -55.25 -46.38 107.10
CA ASN QC 45 -55.96 -47.34 106.27
C ASN QC 45 -55.02 -48.46 105.86
N VAL QC 46 -55.50 -49.69 105.92
CA VAL QC 46 -54.73 -50.87 105.57
C VAL QC 46 -55.53 -51.68 104.55
N SER QC 47 -54.82 -52.24 103.57
CA SER QC 47 -55.45 -53.06 102.54
C SER QC 47 -54.72 -54.40 102.49
N GLY QC 48 -55.24 -55.39 103.19
CA GLY QC 48 -54.63 -56.71 103.25
C GLY QC 48 -55.08 -57.56 102.07
N GLN QC 49 -54.12 -58.00 101.28
CA GLN QC 49 -54.36 -58.83 100.11
C GLN QC 49 -54.03 -60.28 100.46
N TYR QC 50 -54.98 -61.17 100.27
CA TYR QC 50 -54.84 -62.57 100.64
C TYR QC 50 -55.04 -63.43 99.40
N VAL QC 51 -54.06 -64.26 99.09
CA VAL QC 51 -54.06 -65.05 97.87
C VAL QC 51 -53.88 -66.51 98.24
N SER QC 52 -54.78 -67.36 97.74
CA SER QC 52 -54.70 -68.81 97.92
C SER QC 52 -54.63 -69.47 96.56
N VAL QC 53 -53.63 -70.32 96.36
CA VAL QC 53 -53.36 -70.92 95.06
C VAL QC 53 -53.23 -72.43 95.22
N TYR QC 54 -53.86 -73.18 94.32
CA TYR QC 54 -53.70 -74.61 94.20
C TYR QC 54 -53.50 -74.98 92.74
N LYS QC 55 -52.67 -75.98 92.49
CA LYS QC 55 -52.47 -76.55 91.17
C LYS QC 55 -53.26 -77.85 91.08
N ARG QC 56 -54.26 -77.88 90.22
CA ARG QC 56 -55.13 -79.03 90.13
C ARG QC 56 -55.05 -79.63 88.72
N PRO QC 57 -54.94 -80.95 88.60
CA PRO QC 57 -54.86 -81.56 87.27
C PRO QC 57 -56.18 -81.48 86.53
N ALA QC 58 -56.18 -82.07 85.34
CA ALA QC 58 -57.38 -82.08 84.50
C ALA QC 58 -58.42 -83.02 85.11
N PRO QC 59 -59.69 -82.93 84.70
CA PRO QC 59 -60.74 -83.77 85.29
C PRO QC 59 -60.49 -85.27 85.18
N LYS QC 60 -59.71 -85.70 84.19
CA LYS QC 60 -59.43 -87.11 83.97
C LYS QC 60 -60.75 -87.85 83.74
N PRO QC 61 -61.35 -87.70 82.55
CA PRO QC 61 -62.77 -88.02 82.37
C PRO QC 61 -63.22 -89.40 82.83
N GLU QC 62 -64.39 -89.41 83.49
CA GLU QC 62 -65.23 -90.55 83.87
C GLU QC 62 -64.51 -91.52 84.80
N GLY QC 63 -63.26 -91.24 85.15
CA GLY QC 63 -62.60 -92.03 86.18
C GLY QC 63 -61.69 -93.14 85.68
N CYS QC 64 -61.37 -93.17 84.38
CA CYS QC 64 -60.47 -94.20 83.90
C CYS QC 64 -59.08 -94.01 84.50
N ALA QC 65 -58.70 -94.90 85.42
CA ALA QC 65 -57.45 -94.77 86.14
C ALA QC 65 -56.30 -95.18 85.22
N ASP QC 66 -55.86 -94.25 84.39
CA ASP QC 66 -54.75 -94.53 83.49
C ASP QC 66 -53.44 -94.62 84.26
N ALA QC 67 -53.27 -93.79 85.29
CA ALA QC 67 -52.14 -93.83 86.22
C ALA QC 67 -50.84 -93.38 85.57
N CYS QC 68 -50.13 -92.47 86.22
CA CYS QC 68 -48.84 -91.94 85.74
C CYS QC 68 -48.89 -91.59 84.25
N VAL QC 69 -49.99 -90.95 83.87
CA VAL QC 69 -50.15 -90.33 82.56
C VAL QC 69 -50.30 -88.85 82.82
N ILE QC 70 -49.64 -88.38 83.88
CA ILE QC 70 -49.91 -87.11 84.54
C ILE QC 70 -50.00 -85.96 83.55
N MET QC 71 -51.16 -85.31 83.53
CA MET QC 71 -51.53 -84.22 82.64
C MET QC 71 -51.17 -82.88 83.27
N PRO QC 72 -51.09 -81.80 82.50
CA PRO QC 72 -50.76 -80.50 83.08
C PRO QC 72 -51.87 -80.02 84.02
N ASN QC 73 -51.48 -79.14 84.93
CA ASN QC 73 -52.35 -78.67 85.99
C ASN QC 73 -52.99 -77.35 85.58
N GLU QC 74 -54.00 -76.95 86.33
CA GLU QC 74 -54.66 -75.67 86.15
C GLU QC 74 -54.73 -74.95 87.49
N ASN QC 75 -54.79 -73.62 87.41
CA ASN QC 75 -54.69 -72.77 88.59
C ASN QC 75 -56.06 -72.52 89.19
N GLN QC 76 -56.20 -72.78 90.48
CA GLN QC 76 -57.38 -72.42 91.25
C GLN QC 76 -56.97 -71.37 92.26
N SER QC 77 -57.26 -70.11 91.96
CA SER QC 77 -56.79 -68.98 92.76
C SER QC 77 -57.97 -68.27 93.40
N ILE QC 78 -57.84 -67.99 94.69
CA ILE QC 78 -58.82 -67.21 95.44
C ILE QC 78 -58.09 -66.00 96.00
N ARG QC 79 -58.33 -64.83 95.43
CA ARG QC 79 -57.71 -63.60 95.87
C ARG QC 79 -58.74 -62.75 96.60
N THR QC 80 -58.38 -62.26 97.78
CA THR QC 80 -59.26 -61.46 98.60
C THR QC 80 -58.52 -60.20 99.06
N VAL QC 81 -59.19 -59.06 98.95
CA VAL QC 81 -58.63 -57.78 99.37
C VAL QC 81 -59.60 -57.16 100.37
N ILE QC 82 -59.09 -56.77 101.52
CA ILE QC 82 -59.88 -56.12 102.56
C ILE QC 82 -59.25 -54.76 102.83
N SER QC 83 -59.99 -53.69 102.57
CA SER QC 83 -59.49 -52.34 102.74
C SER QC 83 -60.42 -51.57 103.68
N GLY QC 84 -59.82 -50.84 104.61
CA GLY QC 84 -60.59 -50.03 105.54
C GLY QC 84 -59.69 -49.45 106.60
N SER QC 85 -60.21 -48.43 107.27
CA SER QC 85 -59.47 -47.80 108.34
C SER QC 85 -59.42 -48.71 109.56
N ALA QC 86 -58.29 -48.70 110.26
CA ALA QC 86 -58.13 -49.56 111.43
C ALA QC 86 -58.92 -49.05 112.62
N GLU QC 87 -59.32 -47.78 112.62
CA GLU QC 87 -60.01 -47.22 113.78
C GLU QC 87 -61.38 -47.86 113.98
N ASN QC 88 -62.11 -48.08 112.90
CA ASN QC 88 -63.43 -48.71 112.95
C ASN QC 88 -63.36 -50.16 112.50
N LEU QC 89 -62.29 -50.85 112.89
CA LEU QC 89 -62.09 -52.23 112.48
C LEU QC 89 -63.18 -53.15 113.02
N ALA QC 90 -63.77 -52.79 114.17
CA ALA QC 90 -64.78 -53.65 114.78
C ALA QC 90 -65.93 -53.91 113.82
N THR QC 91 -66.44 -52.85 113.19
CA THR QC 91 -67.52 -53.03 112.22
C THR QC 91 -67.02 -53.65 110.93
N LEU QC 92 -65.73 -53.50 110.63
CA LEU QC 92 -65.18 -54.08 109.40
C LEU QC 92 -65.25 -55.60 109.45
N LYS QC 93 -65.04 -56.19 110.62
CA LYS QC 93 -65.19 -57.63 110.75
C LYS QC 93 -66.63 -58.05 110.45
N ALA QC 94 -67.60 -57.31 110.98
CA ALA QC 94 -69.00 -57.62 110.69
C ALA QC 94 -69.28 -57.50 109.20
N GLU QC 95 -68.67 -56.52 108.54
CA GLU QC 95 -68.78 -56.43 107.09
C GLU QC 95 -68.20 -57.67 106.43
N TRP QC 96 -67.10 -58.18 106.97
CA TRP QC 96 -66.48 -59.37 106.39
C TRP QC 96 -67.38 -60.59 106.53
N GLU QC 97 -68.10 -60.70 107.66
CA GLU QC 97 -69.01 -61.82 107.85
C GLU QC 97 -70.10 -61.84 106.77
N THR QC 98 -70.74 -60.69 106.55
CA THR QC 98 -71.79 -60.62 105.55
C THR QC 98 -71.25 -60.88 104.15
N HIS QC 99 -70.06 -60.34 103.86
CA HIS QC 99 -69.46 -60.59 102.55
C HIS QC 99 -69.27 -62.07 102.31
N LYS QC 100 -68.94 -62.83 103.36
CA LYS QC 100 -68.92 -64.27 103.24
C LYS QC 100 -70.31 -64.81 102.93
N ARG QC 101 -71.32 -64.32 103.64
CA ARG QC 101 -72.67 -64.86 103.50
C ARG QC 101 -73.20 -64.66 102.09
N ASN QC 102 -73.03 -63.45 101.54
CA ASN QC 102 -73.56 -63.17 100.22
C ASN QC 102 -72.92 -64.05 99.16
N VAL QC 103 -71.60 -64.13 99.16
CA VAL QC 103 -70.92 -64.94 98.15
C VAL QC 103 -71.22 -66.42 98.38
N ASP QC 104 -71.52 -66.80 99.62
CA ASP QC 104 -71.92 -68.18 99.87
C ASP QC 104 -73.19 -68.53 99.13
N THR QC 105 -74.23 -67.72 99.29
CA THR QC 105 -75.49 -68.01 98.61
C THR QC 105 -75.30 -67.95 97.10
N LEU QC 106 -74.50 -67.00 96.62
CA LEU QC 106 -74.30 -66.88 95.19
C LEU QC 106 -73.49 -68.04 94.62
N PHE QC 107 -72.39 -68.39 95.28
CA PHE QC 107 -71.42 -69.34 94.73
C PHE QC 107 -71.44 -70.69 95.43
N ALA QC 108 -71.37 -70.70 96.77
CA ALA QC 108 -71.33 -71.98 97.47
C ALA QC 108 -72.62 -72.75 97.32
N SER QC 109 -73.75 -72.04 97.21
CA SER QC 109 -75.04 -72.69 97.02
C SER QC 109 -75.58 -72.56 95.60
N GLY QC 110 -75.42 -71.40 94.98
CA GLY QC 110 -75.89 -71.20 93.63
C GLY QC 110 -74.91 -71.72 92.60
N ASN QC 111 -75.24 -71.48 91.34
CA ASN QC 111 -74.44 -71.91 90.21
C ASN QC 111 -73.54 -70.81 89.68
N ALA QC 112 -73.08 -69.91 90.55
CA ALA QC 112 -72.19 -68.85 90.09
C ALA QC 112 -70.89 -69.41 89.55
N GLY QC 113 -70.33 -70.41 90.24
CA GLY QC 113 -69.09 -71.00 89.77
C GLY QC 113 -69.17 -71.58 88.38
N LEU QC 114 -70.37 -71.99 87.96
CA LEU QC 114 -70.56 -72.45 86.61
C LEU QC 114 -70.74 -71.32 85.61
N GLY QC 115 -70.91 -70.09 86.09
CA GLY QC 115 -71.08 -68.96 85.19
C GLY QC 115 -72.53 -68.54 85.05
N PHE QC 116 -73.30 -68.68 86.11
CA PHE QC 116 -74.72 -68.38 86.11
C PHE QC 116 -75.03 -67.28 87.12
N LEU QC 117 -75.98 -66.42 86.78
CA LEU QC 117 -76.40 -65.31 87.63
C LEU QC 117 -77.83 -65.55 88.06
N ASP QC 118 -78.10 -65.40 89.36
CA ASP QC 118 -79.46 -65.49 89.85
C ASP QC 118 -79.88 -64.15 90.43
N PRO QC 119 -80.65 -63.34 89.69
CA PRO QC 119 -81.10 -62.05 90.24
C PRO QC 119 -82.12 -62.20 91.35
N THR QC 120 -82.56 -63.41 91.67
CA THR QC 120 -83.51 -63.64 92.75
C THR QC 120 -82.84 -64.14 94.02
N ALA QC 121 -81.52 -64.14 94.07
CA ALA QC 121 -80.81 -64.62 95.25
C ALA QC 121 -81.01 -63.65 96.42
N ALA QC 122 -80.90 -64.20 97.63
CA ALA QC 122 -81.09 -63.43 98.84
C ALA QC 122 -79.75 -62.84 99.27
N ILE QC 123 -79.63 -61.52 99.20
CA ILE QC 123 -78.43 -60.80 99.60
C ILE QC 123 -78.79 -59.91 100.79
N VAL QC 124 -78.06 -60.07 101.89
CA VAL QC 124 -78.33 -59.32 103.11
C VAL QC 124 -77.11 -58.49 103.44
N SER QC 125 -77.35 -57.31 104.00
CA SER QC 125 -76.27 -56.36 104.27
C SER QC 125 -75.80 -56.45 105.70
N SER QC 126 -74.75 -55.69 106.01
CA SER QC 126 -74.22 -55.69 107.36
C SER QC 126 -75.19 -55.10 108.36
N ASP QC 127 -76.05 -54.18 107.92
CA ASP QC 127 -76.98 -53.52 108.82
C ASP QC 127 -78.02 -54.52 109.35
N THR QC 128 -78.46 -54.28 110.57
CA THR QC 128 -79.40 -55.15 111.26
C THR QC 128 -80.70 -54.39 111.52
N THR QC 129 -81.81 -55.00 111.14
CA THR QC 129 -83.13 -54.39 111.36
C THR QC 129 -83.62 -54.68 112.76
N ALA RC 1 -48.04 -48.68 133.65
CA ALA RC 1 -49.03 -49.50 132.96
C ALA RC 1 -49.26 -48.98 131.55
N ASN RC 2 -48.19 -48.55 130.91
CA ASN RC 2 -48.29 -48.04 129.55
C ASN RC 2 -48.59 -49.18 128.58
N LYS RC 3 -49.36 -48.86 127.55
CA LYS RC 3 -49.66 -49.86 126.53
C LYS RC 3 -48.42 -50.17 125.73
N PRO RC 4 -47.99 -51.43 125.68
CA PRO RC 4 -46.82 -51.77 124.85
C PRO RC 4 -47.15 -51.72 123.38
N MET RC 5 -46.13 -51.51 122.57
CA MET RC 5 -46.30 -51.62 121.13
C MET RC 5 -45.83 -53.00 120.66
N GLN RC 6 -45.86 -53.19 119.35
CA GLN RC 6 -45.32 -54.36 118.69
C GLN RC 6 -44.52 -53.92 117.47
N PRO RC 7 -43.53 -54.70 117.06
CA PRO RC 7 -42.79 -54.37 115.85
C PRO RC 7 -43.72 -54.37 114.64
N ILE RC 8 -43.46 -53.45 113.71
CA ILE RC 8 -44.30 -53.30 112.54
C ILE RC 8 -43.51 -53.59 111.29
N THR RC 9 -42.47 -52.80 111.05
CA THR RC 9 -41.64 -52.92 109.86
C THR RC 9 -40.24 -53.33 110.30
N SER RC 10 -40.03 -54.63 110.44
CA SER RC 10 -38.71 -55.14 110.78
C SER RC 10 -37.85 -55.16 109.53
N THR RC 11 -36.68 -54.53 109.61
CA THR RC 11 -35.79 -54.44 108.46
C THR RC 11 -34.39 -54.87 108.91
N ALA RC 12 -33.41 -54.78 108.01
CA ALA RC 12 -32.04 -55.11 108.40
C ALA RC 12 -31.54 -54.17 109.49
N ASN RC 13 -31.90 -52.90 109.42
CA ASN RC 13 -31.43 -51.90 110.37
C ASN RC 13 -32.53 -51.15 111.10
N LYS RC 14 -33.76 -51.19 110.61
CA LYS RC 14 -34.85 -50.43 111.19
C LYS RC 14 -35.93 -51.35 111.73
N ILE RC 15 -36.41 -51.05 112.94
CA ILE RC 15 -37.62 -51.66 113.49
C ILE RC 15 -38.47 -50.55 114.08
N VAL RC 16 -39.76 -50.56 113.77
CA VAL RC 16 -40.68 -49.52 114.23
C VAL RC 16 -41.75 -50.18 115.08
N TRP RC 17 -42.03 -49.59 116.24
CA TRP RC 17 -43.10 -50.03 117.11
C TRP RC 17 -44.25 -49.04 117.04
N SER RC 18 -45.47 -49.55 116.98
CA SER RC 18 -46.64 -48.69 116.94
C SER RC 18 -47.73 -49.30 117.82
N ASP RC 19 -48.43 -48.44 118.53
CA ASP RC 19 -49.46 -48.89 119.46
C ASP RC 19 -50.68 -49.41 118.70
N PRO RC 20 -51.20 -50.58 119.02
CA PRO RC 20 -52.38 -51.07 118.30
C PRO RC 20 -53.57 -50.14 118.42
N THR RC 21 -53.77 -49.52 119.58
CA THR RC 21 -54.93 -48.64 119.75
C THR RC 21 -54.76 -47.35 118.96
N ARG RC 22 -53.58 -46.75 119.00
CA ARG RC 22 -53.29 -45.52 118.29
C ARG RC 22 -52.12 -45.80 117.34
N LEU RC 23 -52.42 -45.92 116.05
CA LEU RC 23 -51.37 -46.16 115.07
C LEU RC 23 -50.49 -44.94 114.86
N SER RC 24 -50.93 -43.76 115.30
CA SER RC 24 -50.15 -42.55 115.09
C SER RC 24 -48.86 -42.58 115.90
N THR RC 25 -48.94 -42.90 117.18
CA THR RC 25 -47.75 -42.94 118.01
C THR RC 25 -46.82 -44.07 117.55
N THR RC 26 -45.52 -43.79 117.56
CA THR RC 26 -44.55 -44.70 116.98
C THR RC 26 -43.19 -44.47 117.62
N PHE RC 27 -42.45 -45.56 117.80
CA PHE RC 27 -41.08 -45.51 118.28
C PHE RC 27 -40.22 -46.30 117.31
N SER RC 28 -39.27 -45.64 116.68
CA SER RC 28 -38.44 -46.26 115.64
C SER RC 28 -36.98 -46.18 116.03
N ALA RC 29 -36.25 -47.26 115.78
CA ALA RC 29 -34.82 -47.32 116.05
C ALA RC 29 -34.09 -47.84 114.82
N SER RC 30 -33.01 -47.16 114.44
CA SER RC 30 -32.19 -47.58 113.32
C SER RC 30 -30.73 -47.51 113.72
N LEU RC 31 -29.95 -48.49 113.26
CA LEU RC 31 -28.53 -48.54 113.54
C LEU RC 31 -27.74 -48.45 112.23
N LEU RC 32 -26.58 -47.81 112.30
CA LEU RC 32 -25.69 -47.68 111.16
C LEU RC 32 -24.29 -48.01 111.64
N ARG RC 33 -23.80 -49.20 111.31
CA ARG RC 33 -22.49 -49.65 111.72
C ARG RC 33 -21.54 -49.66 110.54
N GLN RC 34 -20.32 -49.20 110.77
CA GLN RC 34 -19.32 -49.11 109.72
C GLN RC 34 -17.94 -49.01 110.35
N ARG RC 35 -16.92 -49.19 109.52
CA ARG RC 35 -15.55 -49.35 109.99
C ARG RC 35 -14.87 -47.99 110.03
N VAL RC 36 -14.25 -47.66 111.16
CA VAL RC 36 -13.48 -46.43 111.29
C VAL RC 36 -12.06 -46.77 111.71
N LYS RC 37 -11.10 -46.11 111.07
CA LYS RC 37 -9.69 -46.37 111.28
C LYS RC 37 -9.06 -45.18 112.00
N VAL RC 38 -8.43 -45.45 113.15
CA VAL RC 38 -7.69 -44.43 113.88
C VAL RC 38 -6.24 -44.88 113.89
N GLY RC 39 -5.38 -44.12 114.57
CA GLY RC 39 -3.97 -44.44 114.64
C GLY RC 39 -3.73 -45.89 115.01
N ILE RC 40 -3.19 -46.65 114.06
CA ILE RC 40 -2.87 -48.07 114.15
C ILE RC 40 -3.92 -48.87 114.92
N ALA RC 41 -5.19 -48.50 114.78
CA ALA RC 41 -6.27 -49.23 115.43
C ALA RC 41 -7.54 -49.12 114.59
N GLU RC 42 -8.20 -50.26 114.40
CA GLU RC 42 -9.47 -50.32 113.71
C GLU RC 42 -10.58 -50.52 114.73
N LEU RC 43 -11.59 -49.65 114.70
CA LEU RC 43 -12.61 -49.61 115.74
C LEU RC 43 -13.99 -49.84 115.15
N ASN RC 44 -14.88 -50.38 115.98
CA ASN RC 44 -16.25 -50.70 115.58
C ASN RC 44 -17.12 -49.50 115.94
N ASN RC 45 -17.46 -48.69 114.94
CA ASN RC 45 -18.31 -47.53 115.14
C ASN RC 45 -19.77 -47.88 114.88
N VAL RC 46 -20.64 -47.39 115.76
CA VAL RC 46 -22.08 -47.63 115.67
C VAL RC 46 -22.79 -46.33 115.96
N SER RC 47 -23.72 -45.96 115.08
CA SER RC 47 -24.55 -44.78 115.27
C SER RC 47 -26.02 -45.21 115.18
N GLY RC 48 -26.79 -44.91 116.21
CA GLY RC 48 -28.18 -45.34 116.30
C GLY RC 48 -29.12 -44.16 116.40
N GLN RC 49 -30.12 -44.14 115.52
CA GLN RC 49 -31.16 -43.13 115.53
C GLN RC 49 -32.39 -43.69 116.22
N TYR RC 50 -32.90 -42.97 117.22
CA TYR RC 50 -34.06 -43.41 117.98
C TYR RC 50 -35.06 -42.27 117.98
N VAL RC 51 -36.14 -42.42 117.21
CA VAL RC 51 -37.15 -41.37 117.07
C VAL RC 51 -38.42 -41.83 117.76
N SER RC 52 -39.06 -40.92 118.47
CA SER RC 52 -40.35 -41.16 119.11
C SER RC 52 -41.29 -40.04 118.68
N VAL RC 53 -42.44 -40.41 118.14
CA VAL RC 53 -43.37 -39.45 117.56
C VAL RC 53 -44.76 -39.68 118.13
N TYR RC 54 -45.50 -38.60 118.35
CA TYR RC 54 -46.85 -38.65 118.85
C TYR RC 54 -47.69 -37.61 118.15
N LYS RC 55 -48.90 -37.99 117.76
CA LYS RC 55 -49.88 -37.07 117.19
C LYS RC 55 -50.85 -36.72 118.30
N ARG RC 56 -50.62 -35.59 118.96
CA ARG RC 56 -51.42 -35.22 120.10
C ARG RC 56 -52.36 -34.08 119.74
N PRO RC 57 -53.62 -34.13 120.15
CA PRO RC 57 -54.55 -33.04 119.82
C PRO RC 57 -54.12 -31.74 120.48
N ALA RC 58 -54.48 -30.64 119.82
CA ALA RC 58 -54.18 -29.32 120.36
C ALA RC 58 -54.92 -29.14 121.69
N PRO RC 59 -54.39 -28.31 122.59
CA PRO RC 59 -55.01 -28.16 123.91
C PRO RC 59 -56.43 -27.66 123.81
N LYS RC 60 -57.29 -28.21 124.67
CA LYS RC 60 -58.68 -27.81 124.70
C LYS RC 60 -58.79 -26.37 125.19
N PRO RC 61 -59.76 -25.61 124.68
CA PRO RC 61 -59.90 -24.21 125.10
C PRO RC 61 -60.09 -24.09 126.60
N GLU RC 62 -59.56 -23.00 127.15
CA GLU RC 62 -59.45 -22.85 128.59
C GLU RC 62 -60.82 -22.84 129.26
N GLY RC 63 -60.91 -23.51 130.40
CA GLY RC 63 -62.10 -23.49 131.23
C GLY RC 63 -63.33 -24.05 130.56
N CYS RC 64 -63.15 -25.08 129.73
CA CYS RC 64 -64.30 -25.74 129.12
C CYS RC 64 -63.90 -27.15 128.72
N ALA RC 65 -64.73 -28.12 129.06
CA ALA RC 65 -64.52 -29.52 128.71
C ALA RC 65 -65.81 -30.03 128.06
N ASP RC 66 -65.92 -29.80 126.76
CA ASP RC 66 -67.10 -30.23 126.03
C ASP RC 66 -67.12 -31.75 125.92
N ALA RC 67 -68.30 -32.30 125.66
CA ALA RC 67 -68.44 -33.73 125.43
C ALA RC 67 -67.50 -34.19 124.32
N CYS RC 68 -67.50 -33.48 123.20
CA CYS RC 68 -66.51 -33.70 122.15
C CYS RC 68 -66.41 -32.48 121.26
N VAL RC 69 -65.28 -31.78 121.35
CA VAL RC 69 -64.89 -30.82 120.34
C VAL RC 69 -63.49 -31.21 119.87
N ILE RC 70 -63.38 -31.60 118.60
CA ILE RC 70 -62.12 -32.16 118.12
C ILE RC 70 -61.14 -31.02 117.81
N MET RC 71 -59.96 -31.13 118.40
CA MET RC 71 -58.88 -30.21 118.09
C MET RC 71 -57.91 -30.87 117.12
N PRO RC 72 -57.45 -30.15 116.10
CA PRO RC 72 -56.51 -30.75 115.15
C PRO RC 72 -55.18 -31.06 115.83
N ASN RC 73 -54.78 -32.32 115.75
CA ASN RC 73 -53.58 -32.78 116.43
C ASN RC 73 -52.33 -32.20 115.79
N GLU RC 74 -51.32 -31.98 116.63
CA GLU RC 74 -50.01 -31.54 116.19
C GLU RC 74 -48.99 -32.63 116.47
N ASN RC 75 -47.82 -32.48 115.87
CA ASN RC 75 -46.78 -33.49 115.93
C ASN RC 75 -45.83 -33.20 117.09
N GLN RC 76 -45.65 -34.19 117.97
CA GLN RC 76 -44.62 -34.16 118.99
C GLN RC 76 -43.57 -35.20 118.64
N SER RC 77 -42.32 -34.77 118.53
CA SER RC 77 -41.25 -35.66 118.10
C SER RC 77 -40.05 -35.52 119.03
N ILE RC 78 -39.41 -36.65 119.31
CA ILE RC 78 -38.21 -36.70 120.13
C ILE RC 78 -37.29 -37.74 119.51
N ARG RC 79 -36.18 -37.29 118.93
CA ARG RC 79 -35.25 -38.19 118.27
C ARG RC 79 -33.86 -38.00 118.85
N THR RC 80 -33.15 -39.12 119.05
CA THR RC 80 -31.85 -39.13 119.68
C THR RC 80 -30.90 -40.00 118.86
N VAL RC 81 -29.66 -39.54 118.71
CA VAL RC 81 -28.63 -40.29 118.00
C VAL RC 81 -27.48 -40.52 118.97
N ILE RC 82 -27.04 -41.78 119.05
CA ILE RC 82 -25.91 -42.17 119.89
C ILE RC 82 -24.82 -42.67 118.96
N SER RC 83 -23.71 -41.94 118.90
CA SER RC 83 -22.58 -42.30 118.06
C SER RC 83 -21.38 -42.61 118.95
N GLY RC 84 -20.76 -43.76 118.73
CA GLY RC 84 -19.64 -44.16 119.56
C GLY RC 84 -19.09 -45.49 119.11
N SER RC 85 -18.07 -45.94 119.82
CA SER RC 85 -17.38 -47.19 119.49
C SER RC 85 -17.85 -48.31 120.40
N ALA RC 86 -17.78 -49.53 119.90
CA ALA RC 86 -18.29 -50.68 120.65
C ALA RC 86 -17.36 -51.04 121.81
N GLU RC 87 -16.06 -50.88 121.62
CA GLU RC 87 -15.09 -51.32 122.62
C GLU RC 87 -15.27 -50.56 123.92
N ASN RC 88 -15.49 -49.25 123.85
CA ASN RC 88 -15.68 -48.42 125.02
C ASN RC 88 -17.15 -48.11 125.27
N LEU RC 89 -18.04 -49.05 124.93
CA LEU RC 89 -19.46 -48.86 125.19
C LEU RC 89 -19.74 -48.69 126.68
N ALA RC 90 -18.88 -49.25 127.53
CA ALA RC 90 -19.10 -49.15 128.97
C ALA RC 90 -19.08 -47.70 129.43
N THR RC 91 -18.09 -46.93 128.97
CA THR RC 91 -18.06 -45.52 129.33
C THR RC 91 -19.07 -44.70 128.54
N LEU RC 92 -19.47 -45.18 127.38
CA LEU RC 92 -20.51 -44.49 126.62
C LEU RC 92 -21.84 -44.51 127.37
N LYS RC 93 -22.16 -45.62 128.03
CA LYS RC 93 -23.38 -45.69 128.82
C LYS RC 93 -23.38 -44.65 129.92
N ALA RC 94 -22.25 -44.48 130.61
CA ALA RC 94 -22.15 -43.43 131.62
C ALA RC 94 -22.31 -42.06 130.99
N GLU RC 95 -21.74 -41.87 129.80
CA GLU RC 95 -21.94 -40.61 129.08
C GLU RC 95 -23.41 -40.40 128.75
N TRP RC 96 -24.10 -41.45 128.36
CA TRP RC 96 -25.53 -41.35 128.09
C TRP RC 96 -26.30 -40.95 129.34
N GLU RC 97 -25.94 -41.52 130.49
CA GLU RC 97 -26.67 -41.22 131.72
C GLU RC 97 -26.57 -39.75 132.09
N THR RC 98 -25.36 -39.17 131.98
CA THR RC 98 -25.20 -37.77 132.29
C THR RC 98 -25.96 -36.89 131.31
N HIS RC 99 -25.96 -37.27 130.03
CA HIS RC 99 -26.71 -36.52 129.04
C HIS RC 99 -28.18 -36.43 129.41
N LYS RC 100 -28.73 -37.49 129.99
CA LYS RC 100 -30.09 -37.42 130.51
C LYS RC 100 -30.18 -36.41 131.65
N ARG RC 101 -29.19 -36.41 132.54
CA ARG RC 101 -29.22 -35.49 133.68
C ARG RC 101 -29.17 -34.04 133.23
N ASN RC 102 -28.28 -33.74 132.28
CA ASN RC 102 -28.13 -32.37 131.83
C ASN RC 102 -29.40 -31.86 131.15
N VAL RC 103 -30.01 -32.71 130.32
CA VAL RC 103 -31.25 -32.29 129.65
C VAL RC 103 -32.34 -32.06 130.67
N ASP RC 104 -32.47 -32.97 131.64
CA ASP RC 104 -33.53 -32.84 132.64
C ASP RC 104 -33.35 -31.56 133.46
N THR RC 105 -32.12 -31.23 133.83
CA THR RC 105 -31.90 -30.14 134.77
C THR RC 105 -32.25 -28.79 134.15
N LEU RC 106 -32.36 -28.73 132.83
CA LEU RC 106 -32.69 -27.47 132.17
C LEU RC 106 -33.96 -27.54 131.33
N PHE RC 107 -34.39 -28.73 130.92
CA PHE RC 107 -35.62 -28.87 130.16
C PHE RC 107 -36.77 -29.38 131.03
N ALA RC 108 -36.57 -30.48 131.75
CA ALA RC 108 -37.63 -31.00 132.61
C ALA RC 108 -37.85 -30.09 133.81
N SER RC 109 -36.82 -29.95 134.66
CA SER RC 109 -36.94 -29.06 135.81
C SER RC 109 -37.00 -27.61 135.35
N GLY RC 110 -36.15 -27.23 134.41
CA GLY RC 110 -36.16 -25.89 133.88
C GLY RC 110 -37.30 -25.65 132.91
N ASN RC 111 -37.31 -24.46 132.33
CA ASN RC 111 -38.33 -24.07 131.36
C ASN RC 111 -37.75 -23.83 129.97
N ALA RC 112 -36.74 -24.61 129.60
CA ALA RC 112 -36.17 -24.46 128.26
C ALA RC 112 -37.17 -24.85 127.18
N GLY RC 113 -38.16 -25.69 127.52
CA GLY RC 113 -39.16 -26.06 126.55
C GLY RC 113 -39.97 -24.88 126.07
N LEU RC 114 -40.21 -23.91 126.95
CA LEU RC 114 -40.92 -22.70 126.57
C LEU RC 114 -40.08 -21.78 125.70
N GLY RC 115 -38.79 -22.06 125.56
CA GLY RC 115 -37.90 -21.21 124.78
C GLY RC 115 -36.99 -20.34 125.61
N PHE RC 116 -37.09 -20.39 126.94
CA PHE RC 116 -36.23 -19.60 127.80
C PHE RC 116 -34.96 -20.38 128.10
N LEU RC 117 -33.82 -19.80 127.75
CA LEU RC 117 -32.52 -20.41 128.00
C LEU RC 117 -31.87 -19.76 129.22
N ASP RC 118 -31.49 -20.57 130.20
CA ASP RC 118 -30.86 -20.07 131.41
C ASP RC 118 -29.38 -20.38 131.37
N PRO RC 119 -28.50 -19.37 131.33
CA PRO RC 119 -27.06 -19.64 131.36
C PRO RC 119 -26.51 -19.92 132.74
N THR RC 120 -27.34 -19.86 133.77
CA THR RC 120 -26.92 -20.18 135.13
C THR RC 120 -27.33 -21.59 135.55
N ALA RC 121 -27.85 -22.38 134.62
CA ALA RC 121 -28.20 -23.76 134.93
C ALA RC 121 -26.95 -24.54 135.32
N ALA RC 122 -27.06 -25.33 136.38
CA ALA RC 122 -25.93 -26.05 136.94
C ALA RC 122 -25.89 -27.47 136.37
N ILE RC 123 -25.50 -27.57 135.12
CA ILE RC 123 -25.31 -28.87 134.48
C ILE RC 123 -23.99 -29.44 134.96
N VAL RC 124 -23.88 -30.76 134.93
CA VAL RC 124 -22.74 -31.45 135.52
C VAL RC 124 -22.10 -32.33 134.46
N SER RC 125 -20.77 -32.41 134.52
CA SER RC 125 -20.03 -33.19 133.54
C SER RC 125 -20.19 -34.68 133.80
N SER RC 126 -19.45 -35.49 133.04
CA SER RC 126 -19.54 -36.95 133.14
C SER RC 126 -18.55 -37.50 134.17
N ASP RC 127 -17.29 -37.13 134.06
CA ASP RC 127 -16.27 -37.64 134.95
C ASP RC 127 -16.56 -37.22 136.39
N THR RC 128 -16.52 -38.18 137.30
CA THR RC 128 -16.80 -37.91 138.71
C THR RC 128 -15.60 -37.28 139.38
N THR RC 129 -15.85 -36.53 140.44
CA THR RC 129 -14.79 -35.88 141.20
C THR RC 129 -14.04 -36.89 142.07
N ALA SC 1 -20.57 -74.46 126.93
CA ALA SC 1 -21.37 -73.24 126.77
C ALA SC 1 -20.70 -72.28 125.81
N ASN SC 2 -21.33 -72.07 124.66
CA ASN SC 2 -20.79 -71.21 123.62
C ASN SC 2 -21.58 -69.92 123.55
N LYS SC 3 -20.91 -68.83 123.23
CA LYS SC 3 -21.58 -67.56 123.08
C LYS SC 3 -22.54 -67.62 121.89
N PRO SC 4 -23.83 -67.36 122.10
CA PRO SC 4 -24.77 -67.39 120.97
C PRO SC 4 -24.74 -66.07 120.20
N MET SC 5 -24.72 -66.16 118.88
CA MET SC 5 -24.75 -64.95 118.09
C MET SC 5 -26.17 -64.37 118.07
N GLN SC 6 -26.27 -63.16 117.54
CA GLN SC 6 -27.55 -62.52 117.27
C GLN SC 6 -27.55 -62.03 115.84
N PRO SC 7 -28.71 -62.02 115.18
CA PRO SC 7 -28.77 -61.57 113.79
C PRO SC 7 -28.36 -60.11 113.66
N ILE SC 8 -27.62 -59.82 112.61
CA ILE SC 8 -27.21 -58.46 112.28
C ILE SC 8 -27.99 -57.92 111.10
N THR SC 9 -27.92 -58.61 109.96
CA THR SC 9 -28.67 -58.24 108.78
C THR SC 9 -29.70 -59.33 108.52
N SER SC 10 -30.97 -58.95 108.46
CA SER SC 10 -32.06 -59.89 108.24
C SER SC 10 -32.72 -59.60 106.90
N THR SC 11 -32.93 -60.65 106.11
CA THR SC 11 -33.53 -60.53 104.80
C THR SC 11 -34.26 -61.83 104.50
N ALA SC 12 -35.21 -61.77 103.57
CA ALA SC 12 -35.92 -62.96 103.15
C ALA SC 12 -34.98 -64.01 102.58
N ASN SC 13 -33.79 -63.60 102.12
CA ASN SC 13 -32.83 -64.53 101.55
C ASN SC 13 -31.50 -64.57 102.30
N LYS SC 14 -31.31 -63.75 103.33
CA LYS SC 14 -30.02 -63.65 103.99
C LYS SC 14 -30.21 -63.26 105.45
N ILE SC 15 -29.60 -64.02 106.34
CA ILE SC 15 -29.46 -63.62 107.75
C ILE SC 15 -28.02 -63.86 108.16
N VAL SC 16 -27.40 -62.86 108.76
CA VAL SC 16 -26.00 -62.91 109.13
C VAL SC 16 -25.92 -62.76 110.65
N TRP SC 17 -25.76 -63.87 111.35
CA TRP SC 17 -25.51 -63.80 112.78
C TRP SC 17 -24.08 -63.35 113.04
N SER SC 18 -23.89 -62.58 114.11
CA SER SC 18 -22.57 -62.16 114.53
C SER SC 18 -22.50 -62.16 116.04
N ASP SC 19 -21.32 -62.43 116.57
CA ASP SC 19 -21.16 -62.52 118.01
C ASP SC 19 -21.15 -61.13 118.63
N PRO SC 20 -21.83 -60.93 119.75
CA PRO SC 20 -21.82 -59.62 120.40
C PRO SC 20 -20.45 -59.26 120.95
N THR SC 21 -19.80 -60.21 121.63
CA THR SC 21 -18.51 -59.93 122.24
C THR SC 21 -17.47 -59.59 121.18
N ARG SC 22 -17.33 -60.45 120.17
CA ARG SC 22 -16.41 -60.23 119.07
C ARG SC 22 -17.21 -60.05 117.78
N LEU SC 23 -16.99 -58.92 117.11
CA LEU SC 23 -17.75 -58.60 115.91
C LEU SC 23 -17.19 -59.24 114.65
N SER SC 24 -16.02 -59.88 114.74
CA SER SC 24 -15.42 -60.51 113.57
C SER SC 24 -15.95 -61.91 113.30
N THR SC 25 -16.63 -62.53 114.26
CA THR SC 25 -17.15 -63.88 114.10
C THR SC 25 -18.55 -63.79 113.52
N THR SC 26 -18.72 -64.31 112.31
CA THR SC 26 -20.00 -64.25 111.62
C THR SC 26 -20.39 -65.62 111.12
N PHE SC 27 -21.70 -65.81 110.95
CA PHE SC 27 -22.24 -67.03 110.36
C PHE SC 27 -23.46 -66.62 109.53
N SER SC 28 -23.32 -66.67 108.21
CA SER SC 28 -24.36 -66.18 107.30
C SER SC 28 -24.97 -67.34 106.55
N ALA SC 29 -26.29 -67.35 106.45
CA ALA SC 29 -27.03 -68.35 105.70
C ALA SC 29 -27.79 -67.68 104.57
N SER SC 30 -27.59 -68.16 103.35
CA SER SC 30 -28.27 -67.63 102.18
C SER SC 30 -28.92 -68.77 101.42
N LEU SC 31 -30.15 -68.55 100.97
CA LEU SC 31 -30.89 -69.56 100.24
C LEU SC 31 -31.43 -68.98 98.95
N LEU SC 32 -31.40 -69.78 97.89
CA LEU SC 32 -31.94 -69.40 96.59
C LEU SC 32 -32.87 -70.52 96.15
N ARG SC 33 -34.17 -70.29 96.31
CA ARG SC 33 -35.19 -71.25 95.91
C ARG SC 33 -35.73 -70.86 94.54
N GLN SC 34 -35.87 -71.84 93.66
CA GLN SC 34 -36.32 -71.55 92.31
C GLN SC 34 -36.98 -72.79 91.72
N ARG SC 35 -37.24 -72.75 90.41
CA ARG SC 35 -38.28 -73.54 89.80
C ARG SC 35 -37.58 -74.52 88.85
N VAL SC 36 -37.89 -75.81 88.96
CA VAL SC 36 -37.21 -76.82 88.14
C VAL SC 36 -38.23 -77.80 87.56
N LYS SC 37 -38.04 -78.16 86.30
CA LYS SC 37 -38.94 -79.10 85.63
C LYS SC 37 -38.09 -80.19 85.00
N VAL SC 38 -38.32 -81.46 85.39
CA VAL SC 38 -37.44 -82.53 84.97
C VAL SC 38 -38.16 -83.65 84.22
N GLY SC 39 -39.10 -84.32 84.88
CA GLY SC 39 -39.69 -85.55 84.37
C GLY SC 39 -41.18 -85.47 84.17
N ILE SC 40 -41.64 -84.38 83.54
CA ILE SC 40 -43.02 -83.88 83.52
C ILE SC 40 -43.57 -83.93 84.95
N ALA SC 41 -42.66 -83.87 85.92
CA ALA SC 41 -43.00 -83.72 87.33
C ALA SC 41 -42.28 -82.46 87.80
N GLU SC 42 -43.04 -81.53 88.37
CA GLU SC 42 -42.46 -80.24 88.69
C GLU SC 42 -41.79 -80.28 90.06
N LEU SC 43 -40.52 -79.94 90.10
CA LEU SC 43 -39.70 -80.00 91.30
C LEU SC 43 -39.16 -78.61 91.62
N ASN SC 44 -39.20 -78.24 92.90
CA ASN SC 44 -38.65 -76.96 93.33
C ASN SC 44 -37.34 -77.19 94.06
N ASN SC 45 -36.29 -76.51 93.61
CA ASN SC 45 -34.95 -76.69 94.13
C ASN SC 45 -34.58 -75.54 95.04
N VAL SC 46 -33.83 -75.86 96.09
CA VAL SC 46 -33.33 -74.87 97.04
C VAL SC 46 -31.83 -75.08 97.19
N SER SC 47 -31.09 -73.97 97.20
CA SER SC 47 -29.63 -74.00 97.26
C SER SC 47 -29.17 -73.26 98.50
N GLY SC 48 -28.76 -74.01 99.52
CA GLY SC 48 -28.26 -73.39 100.73
C GLY SC 48 -26.89 -72.78 100.54
N GLN SC 49 -26.55 -71.87 101.45
CA GLN SC 49 -25.26 -71.19 101.42
C GLN SC 49 -24.94 -70.78 102.86
N TYR SC 50 -24.15 -71.60 103.54
CA TYR SC 50 -23.82 -71.36 104.95
C TYR SC 50 -22.33 -71.11 105.06
N VAL SC 51 -21.97 -69.92 105.54
CA VAL SC 51 -20.58 -69.49 105.62
C VAL SC 51 -20.29 -69.13 107.07
N SER SC 52 -19.22 -69.71 107.61
CA SER SC 52 -18.73 -69.38 108.94
C SER SC 52 -17.36 -68.74 108.80
N VAL SC 53 -17.19 -67.55 109.37
CA VAL SC 53 -15.98 -66.77 109.22
C VAL SC 53 -15.44 -66.42 110.60
N TYR SC 54 -14.14 -66.62 110.80
CA TYR SC 54 -13.48 -66.28 112.04
C TYR SC 54 -12.12 -65.66 111.74
N LYS SC 55 -11.72 -64.73 112.59
CA LYS SC 55 -10.40 -64.12 112.52
C LYS SC 55 -9.64 -64.49 113.78
N ARG SC 56 -8.54 -65.22 113.64
CA ARG SC 56 -7.79 -65.73 114.77
C ARG SC 56 -6.30 -65.49 114.57
N PRO SC 57 -5.74 -64.48 115.22
CA PRO SC 57 -4.29 -64.27 115.15
C PRO SC 57 -3.54 -65.17 116.12
N ALA SC 58 -2.90 -66.23 115.63
CA ALA SC 58 -2.08 -67.01 116.54
C ALA SC 58 -0.78 -67.54 115.94
N PRO SC 59 0.03 -66.72 115.25
CA PRO SC 59 1.43 -67.13 115.04
C PRO SC 59 2.15 -67.32 116.36
N LYS SC 60 2.19 -66.26 117.17
CA LYS SC 60 2.77 -66.21 118.51
C LYS SC 60 4.16 -66.84 118.55
N PRO SC 61 5.19 -66.14 118.06
CA PRO SC 61 6.56 -66.63 118.22
C PRO SC 61 6.89 -66.87 119.68
N GLU SC 62 7.12 -68.14 120.02
CA GLU SC 62 7.13 -68.62 121.40
C GLU SC 62 8.38 -68.11 122.12
N GLY SC 63 8.55 -68.55 123.37
CA GLY SC 63 9.60 -68.05 124.22
C GLY SC 63 9.43 -66.59 124.57
N CYS SC 64 8.22 -66.07 124.41
CA CYS SC 64 7.93 -64.64 124.40
C CYS SC 64 6.47 -64.45 124.76
N ALA SC 65 6.22 -63.91 125.96
CA ALA SC 65 4.86 -63.70 126.45
C ALA SC 65 4.83 -62.31 127.10
N ASP SC 66 4.55 -61.30 126.29
CA ASP SC 66 4.61 -59.94 126.77
C ASP SC 66 3.24 -59.26 126.68
N ALA SC 67 3.20 -57.99 127.06
CA ALA SC 67 1.95 -57.26 127.20
C ALA SC 67 1.24 -57.01 125.87
N CYS SC 68 1.98 -56.54 124.86
CA CYS SC 68 1.42 -56.17 123.55
C CYS SC 68 2.40 -56.44 122.42
N VAL SC 69 2.00 -57.33 121.52
CA VAL SC 69 2.60 -57.43 120.19
C VAL SC 69 1.53 -57.41 119.10
N ILE SC 70 0.45 -58.18 119.29
CA ILE SC 70 -0.73 -58.19 118.43
C ILE SC 70 -0.35 -58.57 117.00
N MET SC 71 -0.37 -59.86 116.70
CA MET SC 71 -0.14 -60.27 115.34
C MET SC 71 -1.39 -60.00 114.50
N PRO SC 72 -1.24 -59.72 113.22
CA PRO SC 72 -2.40 -59.61 112.35
C PRO SC 72 -3.17 -60.92 112.28
N ASN SC 73 -4.48 -60.81 112.33
CA ASN SC 73 -5.33 -61.98 112.34
C ASN SC 73 -5.45 -62.59 110.94
N GLU SC 74 -5.73 -63.88 110.89
CA GLU SC 74 -5.86 -64.62 109.64
C GLU SC 74 -7.29 -65.14 109.52
N ASN SC 75 -7.67 -65.51 108.30
CA ASN SC 75 -9.04 -65.84 107.98
C ASN SC 75 -9.25 -67.35 108.04
N GLN SC 76 -10.24 -67.78 108.82
CA GLN SC 76 -10.66 -69.18 108.89
C GLN SC 76 -12.09 -69.23 108.37
N SER SC 77 -12.26 -69.60 107.11
CA SER SC 77 -13.57 -69.59 106.47
C SER SC 77 -14.00 -71.01 106.16
N ILE SC 78 -15.24 -71.34 106.51
CA ILE SC 78 -15.85 -72.62 106.18
C ILE SC 78 -17.20 -72.31 105.55
N ARG SC 79 -17.39 -72.70 104.29
CA ARG SC 79 -18.64 -72.48 103.60
C ARG SC 79 -19.18 -73.80 103.09
N THR SC 80 -20.51 -73.87 102.96
CA THR SC 80 -21.19 -75.09 102.58
C THR SC 80 -22.40 -74.75 101.73
N VAL SC 81 -22.68 -75.58 100.74
CA VAL SC 81 -23.86 -75.44 99.90
C VAL SC 81 -24.61 -76.76 99.88
N ILE SC 82 -25.93 -76.69 99.99
CA ILE SC 82 -26.80 -77.85 99.90
C ILE SC 82 -27.79 -77.58 98.79
N SER SC 83 -27.75 -78.38 97.73
CA SER SC 83 -28.65 -78.23 96.59
C SER SC 83 -29.44 -79.51 96.41
N GLY SC 84 -30.76 -79.39 96.34
CA GLY SC 84 -31.61 -80.54 96.13
C GLY SC 84 -33.06 -80.13 96.17
N SER SC 85 -33.88 -80.99 95.59
CA SER SC 85 -35.32 -80.75 95.56
C SER SC 85 -35.89 -80.84 96.98
N ALA SC 86 -36.87 -79.98 97.25
CA ALA SC 86 -37.53 -80.01 98.55
C ALA SC 86 -38.26 -81.32 98.77
N GLU SC 87 -38.86 -81.86 97.72
CA GLU SC 87 -39.59 -83.12 97.83
C GLU SC 87 -38.70 -84.29 98.21
N ASN SC 88 -37.39 -84.19 97.97
CA ASN SC 88 -36.43 -85.19 98.41
C ASN SC 88 -35.68 -84.76 99.67
N LEU SC 89 -36.26 -83.87 100.47
CA LEU SC 89 -35.58 -83.39 101.67
C LEU SC 89 -35.31 -84.52 102.64
N ALA SC 90 -36.22 -85.49 102.72
CA ALA SC 90 -36.06 -86.58 103.69
C ALA SC 90 -34.78 -87.36 103.43
N THR SC 91 -34.50 -87.66 102.16
CA THR SC 91 -33.27 -88.37 101.83
C THR SC 91 -32.08 -87.44 101.73
N LEU SC 92 -32.30 -86.15 101.50
CA LEU SC 92 -31.19 -85.21 101.43
C LEU SC 92 -30.52 -85.06 102.80
N LYS SC 93 -31.30 -85.12 103.87
CA LYS SC 93 -30.73 -85.04 105.21
C LYS SC 93 -29.77 -86.19 105.45
N ALA SC 94 -30.13 -87.39 105.01
CA ALA SC 94 -29.22 -88.52 105.11
C ALA SC 94 -27.96 -88.27 104.29
N GLU SC 95 -28.11 -87.65 103.11
CA GLU SC 95 -26.95 -87.27 102.33
C GLU SC 95 -26.06 -86.32 103.11
N TRP SC 96 -26.64 -85.31 103.74
CA TRP SC 96 -25.86 -84.36 104.51
C TRP SC 96 -25.19 -85.02 105.69
N GLU SC 97 -25.90 -85.93 106.36
CA GLU SC 97 -25.34 -86.60 107.53
C GLU SC 97 -24.10 -87.40 107.18
N THR SC 98 -24.18 -88.20 106.10
CA THR SC 98 -23.01 -88.99 105.72
C THR SC 98 -21.93 -88.12 105.13
N HIS SC 99 -22.27 -86.94 104.62
CA HIS SC 99 -21.26 -86.00 104.14
C HIS SC 99 -20.36 -85.55 105.27
N LYS SC 100 -20.92 -85.44 106.48
CA LYS SC 100 -20.10 -85.14 107.65
C LYS SC 100 -19.04 -86.21 107.87
N ARG SC 101 -19.46 -87.47 107.87
CA ARG SC 101 -18.55 -88.55 108.23
C ARG SC 101 -17.40 -88.68 107.24
N ASN SC 102 -17.70 -88.54 105.94
CA ASN SC 102 -16.65 -88.59 104.94
C ASN SC 102 -15.63 -87.49 105.15
N VAL SC 103 -16.10 -86.26 105.38
CA VAL SC 103 -15.19 -85.15 105.63
C VAL SC 103 -14.44 -85.38 106.94
N ASP SC 104 -15.16 -85.82 107.98
CA ASP SC 104 -14.52 -86.03 109.27
C ASP SC 104 -13.40 -87.05 109.17
N THR SC 105 -13.59 -88.10 108.37
CA THR SC 105 -12.54 -89.10 108.21
C THR SC 105 -11.30 -88.50 107.57
N LEU SC 106 -11.48 -87.67 106.55
CA LEU SC 106 -10.33 -87.10 105.88
C LEU SC 106 -9.70 -85.97 106.69
N PHE SC 107 -10.53 -85.15 107.33
CA PHE SC 107 -10.07 -83.90 107.92
C PHE SC 107 -10.05 -83.94 109.45
N ALA SC 108 -11.19 -84.25 110.07
CA ALA SC 108 -11.24 -84.24 111.53
C ALA SC 108 -10.33 -85.31 112.12
N SER SC 109 -10.35 -86.51 111.54
CA SER SC 109 -9.52 -87.60 112.03
C SER SC 109 -8.27 -87.82 111.21
N GLY SC 110 -8.28 -87.46 109.93
CA GLY SC 110 -7.12 -87.61 109.06
C GLY SC 110 -6.20 -86.42 109.12
N ASN SC 111 -5.39 -86.28 108.07
CA ASN SC 111 -4.43 -85.18 107.99
C ASN SC 111 -4.66 -84.34 106.73
N ALA SC 112 -5.88 -84.33 106.20
CA ALA SC 112 -6.15 -83.47 105.06
C ALA SC 112 -6.00 -82.00 105.43
N GLY SC 113 -6.10 -81.68 106.71
CA GLY SC 113 -5.86 -80.31 107.14
C GLY SC 113 -4.44 -79.86 106.87
N LEU SC 114 -3.47 -80.75 107.12
CA LEU SC 114 -2.08 -80.39 106.86
C LEU SC 114 -1.78 -80.34 105.37
N GLY SC 115 -2.63 -80.94 104.54
CA GLY SC 115 -2.44 -80.88 103.11
C GLY SC 115 -2.12 -82.22 102.48
N PHE SC 116 -2.56 -83.31 103.11
CA PHE SC 116 -2.25 -84.65 102.64
C PHE SC 116 -3.55 -85.42 102.45
N LEU SC 117 -3.70 -86.06 101.29
CA LEU SC 117 -4.86 -86.89 101.01
C LEU SC 117 -4.46 -88.35 101.09
N ASP SC 118 -5.21 -89.13 101.86
CA ASP SC 118 -4.90 -90.54 102.03
C ASP SC 118 -5.87 -91.38 101.22
N PRO SC 119 -5.44 -92.01 100.13
CA PRO SC 119 -6.35 -92.90 99.39
C PRO SC 119 -6.82 -94.08 100.23
N THR SC 120 -6.03 -94.49 101.22
CA THR SC 120 -6.41 -95.59 102.09
C THR SC 120 -7.59 -95.25 102.99
N ALA SC 121 -7.93 -93.96 103.12
CA ALA SC 121 -9.02 -93.56 104.00
C ALA SC 121 -10.32 -94.23 103.58
N ALA SC 122 -11.05 -94.76 104.55
CA ALA SC 122 -12.29 -95.47 104.29
C ALA SC 122 -13.46 -94.51 104.39
N ILE SC 123 -14.18 -94.35 103.29
CA ILE SC 123 -15.35 -93.48 103.23
C ILE SC 123 -16.51 -94.29 102.69
N VAL SC 124 -17.72 -93.98 103.17
CA VAL SC 124 -18.90 -94.78 102.84
C VAL SC 124 -19.97 -93.89 102.24
N SER SC 125 -20.92 -94.51 101.55
CA SER SC 125 -21.96 -93.80 100.82
C SER SC 125 -23.23 -93.70 101.67
N SER SC 126 -24.19 -92.93 101.16
CA SER SC 126 -25.42 -92.70 101.90
C SER SC 126 -26.21 -93.99 102.08
N ASP SC 127 -26.47 -94.70 100.99
CA ASP SC 127 -27.31 -95.88 101.04
C ASP SC 127 -26.61 -97.01 101.79
N THR SC 128 -27.39 -97.77 102.53
CA THR SC 128 -26.90 -98.86 103.36
C THR SC 128 -27.02 -100.19 102.60
N THR SC 129 -26.52 -101.24 103.22
CA THR SC 129 -26.55 -102.57 102.62
C THR SC 129 -27.84 -103.30 102.99
N ALA TC 1 38.85 -82.66 -119.39
CA ALA TC 1 39.74 -82.47 -118.25
C ALA TC 1 39.29 -81.27 -117.42
N ASN TC 2 39.06 -81.50 -116.14
CA ASN TC 2 38.58 -80.47 -115.24
C ASN TC 2 39.71 -79.51 -114.88
N LYS TC 3 39.35 -78.42 -114.19
CA LYS TC 3 40.33 -77.42 -113.79
C LYS TC 3 40.91 -77.83 -112.44
N PRO TC 4 42.19 -78.17 -112.36
CA PRO TC 4 42.77 -78.48 -111.05
C PRO TC 4 42.91 -77.24 -110.20
N MET TC 5 42.42 -77.31 -108.97
CA MET TC 5 42.63 -76.17 -108.10
C MET TC 5 44.05 -76.18 -107.56
N GLN TC 6 44.44 -75.05 -106.97
CA GLN TC 6 45.76 -74.88 -106.40
C GLN TC 6 45.62 -74.56 -104.93
N PRO TC 7 46.29 -75.28 -104.03
CA PRO TC 7 46.06 -75.07 -102.60
C PRO TC 7 46.43 -73.66 -102.17
N ILE TC 8 45.68 -73.14 -101.20
CA ILE TC 8 45.93 -71.80 -100.67
C ILE TC 8 46.35 -71.82 -99.21
N THR TC 9 45.86 -72.76 -98.41
CA THR TC 9 46.18 -72.78 -96.99
C THR TC 9 46.51 -74.23 -96.62
N SER TC 10 47.79 -74.56 -96.65
CA SER TC 10 48.24 -75.89 -96.26
C SER TC 10 48.53 -75.90 -94.77
N THR TC 11 47.96 -76.88 -94.08
CA THR TC 11 48.11 -76.99 -92.64
C THR TC 11 47.95 -78.45 -92.27
N ALA TC 12 48.48 -78.82 -91.11
CA ALA TC 12 48.35 -80.19 -90.62
C ALA TC 12 46.91 -80.59 -90.37
N ASN TC 13 45.99 -79.62 -90.27
CA ASN TC 13 44.59 -79.91 -89.99
C ASN TC 13 43.62 -79.44 -91.08
N LYS TC 14 44.03 -78.54 -91.96
CA LYS TC 14 43.16 -78.06 -93.02
C LYS TC 14 43.97 -77.75 -94.27
N ILE TC 15 43.43 -78.14 -95.42
CA ILE TC 15 43.98 -77.73 -96.71
C ILE TC 15 42.82 -77.23 -97.55
N VAL TC 16 42.98 -76.04 -98.13
CA VAL TC 16 41.93 -75.40 -98.90
C VAL TC 16 42.42 -75.23 -100.34
N TRP TC 17 41.64 -75.74 -101.29
CA TRP TC 17 41.91 -75.57 -102.70
C TRP TC 17 40.88 -74.63 -103.31
N SER TC 18 41.31 -73.81 -104.25
CA SER TC 18 40.40 -72.95 -104.99
C SER TC 18 40.93 -72.79 -106.41
N ASP TC 19 40.00 -72.57 -107.33
CA ASP TC 19 40.35 -72.46 -108.74
C ASP TC 19 41.08 -71.15 -108.98
N PRO TC 20 42.27 -71.18 -109.58
CA PRO TC 20 42.93 -69.91 -109.93
C PRO TC 20 42.10 -69.06 -110.88
N THR TC 21 41.37 -69.69 -111.80
CA THR TC 21 40.53 -68.93 -112.71
C THR TC 21 39.41 -68.22 -111.97
N ARG TC 22 38.77 -68.91 -111.03
CA ARG TC 22 37.69 -68.34 -110.22
C ARG TC 22 37.97 -68.77 -108.78
N LEU TC 23 38.46 -67.85 -107.97
CA LEU TC 23 38.80 -68.16 -106.58
C LEU TC 23 37.56 -68.36 -105.73
N SER TC 24 36.38 -68.01 -106.23
CA SER TC 24 35.17 -68.10 -105.43
C SER TC 24 34.88 -69.54 -105.03
N THR TC 25 35.00 -70.48 -105.98
CA THR TC 25 34.78 -71.88 -105.68
C THR TC 25 35.92 -72.40 -104.81
N THR TC 26 35.59 -73.31 -103.89
CA THR TC 26 36.56 -73.80 -102.93
C THR TC 26 36.31 -75.27 -102.66
N PHE TC 27 37.30 -75.91 -102.04
CA PHE TC 27 37.16 -77.28 -101.54
C PHE TC 27 38.16 -77.46 -100.43
N SER TC 28 37.67 -77.61 -99.19
CA SER TC 28 38.52 -77.68 -98.02
C SER TC 28 38.32 -79.03 -97.33
N ALA TC 29 39.42 -79.67 -96.97
CA ALA TC 29 39.40 -80.91 -96.21
C ALA TC 29 39.95 -80.65 -94.81
N SER TC 30 39.18 -81.01 -93.80
CA SER TC 30 39.56 -80.82 -92.41
C SER TC 30 39.53 -82.15 -91.68
N LEU TC 31 40.50 -82.36 -90.81
CA LEU TC 31 40.62 -83.60 -90.07
C LEU TC 31 40.56 -83.32 -88.57
N LEU TC 32 40.23 -84.36 -87.82
CA LEU TC 32 40.14 -84.27 -86.37
C LEU TC 32 40.55 -85.61 -85.78
N ARG TC 33 41.81 -85.75 -85.42
CA ARG TC 33 42.30 -86.94 -84.75
C ARG TC 33 41.88 -86.88 -83.29
N GLN TC 34 41.28 -87.96 -82.79
CA GLN TC 34 40.82 -87.98 -81.41
C GLN TC 34 40.73 -89.43 -80.96
N ARG TC 35 40.95 -89.64 -79.67
CA ARG TC 35 41.13 -90.97 -79.09
C ARG TC 35 39.91 -91.37 -78.27
N VAL TC 36 39.42 -92.59 -78.50
CA VAL TC 36 38.21 -93.10 -77.85
C VAL TC 36 38.49 -94.43 -77.18
N LYS TC 37 37.96 -94.60 -75.97
CA LYS TC 37 37.89 -95.88 -75.30
C LYS TC 37 36.62 -96.60 -75.72
N VAL TC 38 36.75 -97.80 -76.27
CA VAL TC 38 35.58 -98.57 -76.67
C VAL TC 38 35.58 -99.96 -76.05
N GLY TC 39 36.65 -100.71 -76.26
CA GLY TC 39 36.71 -102.09 -75.80
C GLY TC 39 37.81 -102.35 -74.80
N ILE TC 40 37.92 -101.47 -73.79
CA ILE TC 40 39.04 -101.39 -72.85
C ILE TC 40 40.36 -101.56 -73.58
N ALA TC 41 40.37 -101.15 -74.86
CA ALA TC 41 41.55 -101.14 -75.70
C ALA TC 41 41.42 -99.97 -76.64
N GLU TC 42 42.50 -99.22 -76.82
CA GLU TC 42 42.40 -97.95 -77.52
C GLU TC 42 42.17 -98.14 -79.00
N LEU TC 43 41.24 -97.37 -79.56
CA LEU TC 43 41.04 -97.24 -80.99
C LEU TC 43 41.15 -95.77 -81.36
N ASN TC 44 41.99 -95.46 -82.33
CA ASN TC 44 42.18 -94.08 -82.78
C ASN TC 44 41.06 -93.73 -83.74
N ASN TC 45 40.30 -92.69 -83.42
CA ASN TC 45 39.16 -92.27 -84.23
C ASN TC 45 39.54 -91.05 -85.04
N VAL TC 46 39.22 -91.09 -86.33
CA VAL TC 46 39.51 -90.00 -87.25
C VAL TC 46 38.21 -89.48 -87.81
N SER TC 47 38.00 -88.17 -87.71
CA SER TC 47 36.81 -87.51 -88.23
C SER TC 47 37.24 -86.49 -89.27
N GLY TC 48 36.97 -86.79 -90.54
CA GLY TC 48 37.37 -85.91 -91.62
C GLY TC 48 36.20 -85.20 -92.25
N GLN TC 49 36.22 -83.87 -92.22
CA GLN TC 49 35.16 -83.05 -92.80
C GLN TC 49 35.62 -82.52 -94.15
N TYR TC 50 34.84 -82.80 -95.19
CA TYR TC 50 35.12 -82.35 -96.55
C TYR TC 50 34.00 -81.44 -96.99
N VAL TC 51 34.35 -80.22 -97.40
CA VAL TC 51 33.37 -79.21 -97.80
C VAL TC 51 33.73 -78.71 -99.18
N SER TC 52 32.74 -78.72 -100.08
CA SER TC 52 32.89 -78.18 -101.42
C SER TC 52 31.86 -77.07 -101.60
N VAL TC 53 32.31 -75.90 -102.04
CA VAL TC 53 31.47 -74.71 -102.16
C VAL TC 53 31.66 -74.12 -103.53
N TYR TC 54 30.56 -73.71 -104.16
CA TYR TC 54 30.60 -73.11 -105.49
C TYR TC 54 29.56 -72.00 -105.57
N LYS TC 55 29.99 -70.76 -105.41
CA LYS TC 55 29.13 -69.63 -105.73
C LYS TC 55 28.74 -69.67 -107.19
N ARG TC 56 27.46 -69.48 -107.47
CA ARG TC 56 26.99 -69.57 -108.84
C ARG TC 56 25.95 -68.49 -109.13
N PRO TC 57 26.07 -67.78 -110.24
CA PRO TC 57 25.01 -66.85 -110.63
C PRO TC 57 23.84 -67.61 -111.21
N ALA TC 58 22.71 -67.60 -110.51
CA ALA TC 58 21.56 -68.44 -110.86
C ALA TC 58 20.29 -67.61 -110.94
N PRO TC 59 20.16 -66.76 -111.95
CA PRO TC 59 18.87 -66.12 -112.21
C PRO TC 59 18.01 -66.90 -113.19
N LYS TC 60 18.60 -67.84 -113.93
CA LYS TC 60 17.96 -68.55 -115.03
C LYS TC 60 17.21 -67.57 -115.93
N PRO TC 61 17.91 -66.70 -116.64
CA PRO TC 61 17.19 -65.70 -117.46
C PRO TC 61 16.56 -66.35 -118.69
N GLU TC 62 15.73 -67.35 -118.41
CA GLU TC 62 15.05 -68.19 -119.39
C GLU TC 62 15.58 -68.05 -120.82
N GLY TC 63 14.90 -67.31 -121.67
CA GLY TC 63 15.33 -67.17 -123.05
C GLY TC 63 16.04 -65.87 -123.27
N CYS TC 64 16.95 -65.49 -122.36
CA CYS TC 64 17.61 -64.20 -122.41
C CYS TC 64 19.11 -64.40 -122.19
N ALA TC 65 19.89 -64.28 -123.27
CA ALA TC 65 21.32 -64.09 -123.09
C ALA TC 65 21.61 -62.74 -122.45
N ASP TC 66 20.74 -61.76 -122.66
CA ASP TC 66 20.84 -60.44 -122.07
C ASP TC 66 22.17 -59.75 -122.35
N ALA TC 67 22.82 -59.31 -121.28
CA ALA TC 67 24.02 -58.49 -121.33
C ALA TC 67 24.77 -58.63 -120.03
N CYS TC 68 25.67 -57.69 -119.75
CA CYS TC 68 26.44 -57.73 -118.51
C CYS TC 68 25.49 -57.35 -117.38
N VAL TC 69 24.70 -58.33 -116.95
CA VAL TC 69 23.58 -58.12 -116.04
C VAL TC 69 23.88 -58.83 -114.73
N ILE TC 70 25.15 -58.83 -114.33
CA ILE TC 70 25.67 -59.67 -113.26
C ILE TC 70 24.80 -59.56 -112.01
N MET TC 71 24.23 -60.69 -111.60
CA MET TC 71 23.30 -60.79 -110.47
C MET TC 71 23.95 -61.52 -109.30
N PRO TC 72 23.50 -61.31 -108.07
CA PRO TC 72 24.18 -61.91 -106.92
C PRO TC 72 24.03 -63.42 -106.89
N ASN TC 73 25.00 -64.06 -106.26
CA ASN TC 73 25.13 -65.52 -106.30
C ASN TC 73 24.39 -66.12 -105.12
N GLU TC 74 24.36 -67.45 -105.09
CA GLU TC 74 23.80 -68.21 -103.99
C GLU TC 74 24.71 -69.37 -103.62
N ASN TC 75 24.34 -70.08 -102.56
CA ASN TC 75 25.12 -71.18 -102.04
C ASN TC 75 24.89 -72.44 -102.85
N GLN TC 76 25.98 -73.15 -103.14
CA GLN TC 76 25.93 -74.54 -103.60
C GLN TC 76 27.02 -75.28 -102.83
N SER TC 77 26.67 -75.77 -101.65
CA SER TC 77 27.64 -76.34 -100.73
C SER TC 77 27.33 -77.81 -100.49
N ILE TC 78 28.38 -78.62 -100.48
CA ILE TC 78 28.29 -80.04 -100.13
C ILE TC 78 29.31 -80.32 -99.05
N ARG TC 79 28.82 -80.72 -97.88
CA ARG TC 79 29.68 -81.02 -96.74
C ARG TC 79 29.56 -82.49 -96.40
N THR TC 80 30.69 -83.16 -96.23
CA THR TC 80 30.74 -84.59 -95.95
C THR TC 80 31.67 -84.83 -94.78
N VAL TC 81 31.24 -85.65 -93.82
CA VAL TC 81 32.04 -86.00 -92.67
C VAL TC 81 32.17 -87.52 -92.62
N ILE TC 82 33.40 -88.00 -92.43
CA ILE TC 82 33.67 -89.42 -92.32
C ILE TC 82 34.27 -89.66 -90.95
N SER TC 83 33.59 -90.48 -90.14
CA SER TC 83 34.03 -90.76 -88.78
C SER TC 83 34.16 -92.27 -88.60
N GLY TC 84 35.26 -92.69 -87.99
CA GLY TC 84 35.47 -94.10 -87.75
C GLY TC 84 36.87 -94.35 -87.27
N SER TC 85 37.05 -95.54 -86.70
CA SER TC 85 38.37 -95.94 -86.23
C SER TC 85 39.30 -96.17 -87.42
N ALA TC 86 40.53 -95.70 -87.31
CA ALA TC 86 41.49 -95.86 -88.40
C ALA TC 86 41.83 -97.33 -88.63
N GLU TC 87 41.67 -98.16 -87.60
CA GLU TC 87 42.01 -99.58 -87.74
C GLU TC 87 41.01 -100.29 -88.64
N ASN TC 88 39.76 -99.84 -88.64
CA ASN TC 88 38.73 -100.37 -89.53
C ASN TC 88 38.62 -99.58 -90.83
N LEU TC 89 39.71 -98.96 -91.28
CA LEU TC 89 39.66 -98.13 -92.47
C LEU TC 89 39.29 -98.92 -93.71
N ALA TC 90 39.86 -100.12 -93.87
CA ALA TC 90 39.64 -100.89 -95.09
C ALA TC 90 38.15 -101.19 -95.29
N THR TC 91 37.48 -101.62 -94.23
CA THR TC 91 36.04 -101.83 -94.31
C THR TC 91 35.26 -100.53 -94.26
N LEU TC 92 35.86 -99.46 -93.72
CA LEU TC 92 35.19 -98.17 -93.74
C LEU TC 92 35.03 -97.65 -95.17
N LYS TC 93 36.01 -97.92 -96.02
CA LYS TC 93 35.91 -97.50 -97.42
C LYS TC 93 34.71 -98.16 -98.09
N ALA TC 94 34.41 -99.41 -97.73
CA ALA TC 94 33.23 -100.07 -98.27
C ALA TC 94 31.96 -99.31 -97.89
N GLU TC 95 31.92 -98.77 -96.68
CA GLU TC 95 30.80 -97.92 -96.30
C GLU TC 95 30.67 -96.72 -97.22
N TRP TC 96 31.82 -96.10 -97.55
CA TRP TC 96 31.80 -94.93 -98.42
C TRP TC 96 31.25 -95.27 -99.79
N GLU TC 97 31.63 -96.43 -100.34
CA GLU TC 97 31.08 -96.84 -101.63
C GLU TC 97 29.59 -97.08 -101.55
N THR TC 98 29.14 -97.79 -100.51
CA THR TC 98 27.71 -98.01 -100.34
C THR TC 98 26.97 -96.71 -100.10
N HIS TC 99 27.56 -95.80 -99.32
CA HIS TC 99 26.92 -94.51 -99.08
C HIS TC 99 26.75 -93.75 -100.39
N LYS TC 100 27.74 -93.82 -101.27
CA LYS TC 100 27.63 -93.16 -102.57
C LYS TC 100 26.46 -93.73 -103.37
N ARG TC 101 26.31 -95.05 -103.35
CA ARG TC 101 25.23 -95.69 -104.11
C ARG TC 101 23.86 -95.24 -103.58
N ASN TC 102 23.70 -95.21 -102.27
CA ASN TC 102 22.40 -94.86 -101.70
C ASN TC 102 22.02 -93.42 -102.05
N VAL TC 103 22.96 -92.48 -101.89
CA VAL TC 103 22.67 -91.10 -102.19
C VAL TC 103 22.35 -90.92 -103.66
N ASP TC 104 23.11 -91.58 -104.53
CA ASP TC 104 22.87 -91.48 -105.96
C ASP TC 104 21.46 -91.97 -106.30
N THR TC 105 20.97 -92.98 -105.59
CA THR TC 105 19.63 -93.49 -105.85
C THR TC 105 18.59 -92.41 -105.60
N LEU TC 106 18.70 -91.70 -104.47
CA LEU TC 106 17.74 -90.65 -104.16
C LEU TC 106 18.05 -89.37 -104.92
N PHE TC 107 19.30 -88.91 -104.86
CA PHE TC 107 19.63 -87.60 -105.39
C PHE TC 107 19.82 -87.65 -106.91
N ALA TC 108 20.79 -88.43 -107.37
CA ALA TC 108 21.12 -88.43 -108.79
C ALA TC 108 19.98 -89.01 -109.63
N SER TC 109 19.47 -90.17 -109.23
CA SER TC 109 18.47 -90.88 -110.02
C SER TC 109 17.04 -90.55 -109.60
N GLY TC 110 16.85 -89.67 -108.61
CA GLY TC 110 15.53 -89.35 -108.16
C GLY TC 110 15.29 -87.87 -108.00
N ASN TC 111 14.18 -87.50 -107.36
CA ASN TC 111 13.80 -86.12 -107.17
C ASN TC 111 14.14 -85.61 -105.77
N ALA TC 112 15.16 -86.20 -105.13
CA ALA TC 112 15.55 -85.74 -103.80
C ALA TC 112 16.03 -84.29 -103.85
N GLY TC 113 16.79 -83.93 -104.88
CA GLY TC 113 17.24 -82.56 -105.01
C GLY TC 113 16.09 -81.58 -105.12
N LEU TC 114 15.03 -81.97 -105.84
CA LEU TC 114 13.87 -81.10 -105.96
C LEU TC 114 13.18 -80.90 -104.63
N GLY TC 115 13.25 -81.89 -103.75
CA GLY TC 115 12.54 -81.86 -102.48
C GLY TC 115 11.64 -83.06 -102.24
N PHE TC 116 11.72 -84.10 -103.06
CA PHE TC 116 10.81 -85.22 -102.96
C PHE TC 116 11.49 -86.41 -102.28
N LEU TC 117 10.68 -87.23 -101.62
CA LEU TC 117 11.15 -88.45 -100.98
C LEU TC 117 10.45 -89.64 -101.63
N ASP TC 118 11.22 -90.67 -101.94
CA ASP TC 118 10.66 -91.86 -102.58
C ASP TC 118 10.73 -93.03 -101.60
N PRO TC 119 9.61 -93.40 -100.97
CA PRO TC 119 9.65 -94.49 -99.98
C PRO TC 119 10.03 -95.83 -100.56
N THR TC 120 9.89 -96.03 -101.88
CA THR TC 120 10.17 -97.32 -102.49
C THR TC 120 11.52 -97.34 -103.21
N ALA TC 121 12.39 -96.37 -102.91
CA ALA TC 121 13.73 -96.38 -103.49
C ALA TC 121 14.53 -97.56 -102.98
N ALA TC 122 15.36 -98.11 -103.86
CA ALA TC 122 16.16 -99.30 -103.53
C ALA TC 122 17.40 -98.87 -102.76
N ILE TC 123 17.47 -99.23 -101.49
CA ILE TC 123 18.60 -98.92 -100.63
C ILE TC 123 19.27 -100.23 -100.24
N VAL TC 124 20.55 -100.35 -100.55
CA VAL TC 124 21.31 -101.55 -100.26
C VAL TC 124 22.32 -101.26 -99.17
N SER TC 125 22.67 -102.27 -98.41
CA SER TC 125 23.56 -102.12 -97.28
C SER TC 125 25.00 -102.41 -97.66
N SER TC 126 25.93 -102.01 -96.79
CA SER TC 126 27.33 -102.33 -97.01
C SER TC 126 27.56 -103.84 -97.00
N ASP TC 127 26.90 -104.54 -96.09
CA ASP TC 127 27.00 -105.99 -96.04
C ASP TC 127 26.40 -106.59 -97.31
N THR TC 128 27.03 -107.65 -97.80
CA THR TC 128 26.60 -108.33 -99.01
C THR TC 128 26.27 -109.78 -98.69
N THR TC 129 25.84 -110.50 -99.73
CA THR TC 129 25.49 -111.90 -99.58
C THR TC 129 26.24 -112.76 -100.58
N ALA UC 1 64.90 -103.86 -91.87
CA ALA UC 1 64.11 -102.67 -92.19
C ALA UC 1 63.09 -102.39 -91.10
N ASN UC 2 62.72 -101.13 -90.95
CA ASN UC 2 61.77 -100.71 -89.94
C ASN UC 2 60.67 -99.88 -90.58
N LYS UC 3 59.52 -99.86 -89.94
CA LYS UC 3 58.39 -99.10 -90.46
C LYS UC 3 58.71 -97.61 -90.43
N PRO UC 4 58.68 -96.92 -91.56
CA PRO UC 4 58.87 -95.47 -91.54
C PRO UC 4 57.60 -94.76 -91.11
N MET UC 5 57.76 -93.57 -90.55
CA MET UC 5 56.63 -92.73 -90.19
C MET UC 5 56.53 -91.56 -91.14
N GLN UC 6 55.45 -90.80 -90.99
CA GLN UC 6 55.21 -89.58 -91.73
C GLN UC 6 54.82 -88.47 -90.77
N PRO UC 7 55.14 -87.22 -91.11
CA PRO UC 7 54.75 -86.11 -90.22
C PRO UC 7 53.23 -86.01 -90.11
N ILE UC 8 52.78 -85.63 -88.92
CA ILE UC 8 51.36 -85.48 -88.63
C ILE UC 8 51.00 -84.02 -88.37
N THR UC 9 51.56 -83.43 -87.32
CA THR UC 9 51.34 -82.04 -86.97
C THR UC 9 52.63 -81.27 -87.19
N SER UC 10 52.59 -80.30 -88.08
CA SER UC 10 53.77 -79.48 -88.39
C SER UC 10 53.53 -78.10 -87.80
N THR UC 11 53.82 -77.95 -86.52
CA THR UC 11 53.76 -76.65 -85.86
C THR UC 11 55.02 -75.86 -86.23
N ALA UC 12 54.98 -74.55 -85.98
CA ALA UC 12 56.14 -73.71 -86.26
C ALA UC 12 57.38 -74.20 -85.54
N ASN UC 13 57.21 -74.85 -84.38
CA ASN UC 13 58.34 -75.35 -83.60
C ASN UC 13 58.28 -76.84 -83.30
N LYS UC 14 57.13 -77.49 -83.45
CA LYS UC 14 56.99 -78.90 -83.14
C LYS UC 14 56.53 -79.67 -84.37
N ILE UC 15 57.09 -80.87 -84.54
CA ILE UC 15 56.66 -81.78 -85.60
C ILE UC 15 56.61 -83.19 -85.03
N VAL UC 16 55.55 -83.92 -85.38
CA VAL UC 16 55.31 -85.25 -84.83
C VAL UC 16 55.14 -86.25 -85.96
N TRP UC 17 55.78 -87.39 -85.84
CA TRP UC 17 55.58 -88.52 -86.73
C TRP UC 17 54.74 -89.58 -86.02
N SER UC 18 54.10 -90.44 -86.81
CA SER UC 18 53.36 -91.56 -86.27
C SER UC 18 53.22 -92.63 -87.34
N ASP UC 19 53.27 -93.88 -86.92
CA ASP UC 19 53.26 -94.99 -87.86
C ASP UC 19 51.88 -95.16 -88.47
N PRO UC 20 51.76 -95.20 -89.80
CA PRO UC 20 50.44 -95.41 -90.40
C PRO UC 20 49.78 -96.70 -89.97
N THR UC 21 50.54 -97.79 -89.83
CA THR UC 21 49.95 -99.06 -89.46
C THR UC 21 49.49 -99.06 -88.01
N ARG UC 22 50.30 -98.50 -87.12
CA ARG UC 22 49.96 -98.42 -85.69
C ARG UC 22 50.13 -96.97 -85.26
N LEU UC 23 49.01 -96.27 -85.09
CA LEU UC 23 49.06 -94.86 -84.74
C LEU UC 23 49.47 -94.63 -83.29
N SER UC 24 49.55 -95.68 -82.48
CA SER UC 24 49.93 -95.50 -81.07
C SER UC 24 51.35 -94.98 -80.96
N THR UC 25 52.28 -95.60 -81.68
CA THR UC 25 53.68 -95.18 -81.60
C THR UC 25 53.88 -93.84 -82.31
N THR UC 26 54.65 -92.96 -81.68
CA THR UC 26 54.88 -91.62 -82.21
C THR UC 26 56.30 -91.19 -81.89
N PHE UC 27 56.78 -90.21 -82.65
CA PHE UC 27 58.04 -89.53 -82.41
C PHE UC 27 57.83 -88.04 -82.58
N SER UC 28 58.26 -87.26 -81.59
CA SER UC 28 58.02 -85.83 -81.60
C SER UC 28 59.33 -85.09 -81.40
N ALA UC 29 59.49 -83.98 -82.11
CA ALA UC 29 60.65 -83.11 -81.97
C ALA UC 29 60.18 -81.68 -81.87
N SER UC 30 60.53 -81.02 -80.78
CA SER UC 30 60.20 -79.61 -80.57
C SER UC 30 61.46 -78.84 -80.25
N LEU UC 31 61.61 -77.67 -80.83
CA LEU UC 31 62.80 -76.85 -80.66
C LEU UC 31 62.42 -75.54 -79.98
N LEU UC 32 63.16 -75.18 -78.95
CA LEU UC 32 62.98 -73.92 -78.26
C LEU UC 32 64.24 -73.08 -78.45
N ARG UC 33 64.10 -71.98 -79.18
CA ARG UC 33 65.20 -71.08 -79.46
C ARG UC 33 64.99 -69.78 -78.71
N GLN UC 34 66.04 -69.27 -78.09
CA GLN UC 34 65.95 -68.04 -77.35
C GLN UC 34 67.29 -67.32 -77.39
N ARG UC 35 67.28 -66.07 -76.96
CA ARG UC 35 68.45 -65.20 -76.95
C ARG UC 35 69.00 -65.12 -75.53
N VAL UC 36 70.18 -65.69 -75.32
CA VAL UC 36 70.82 -65.74 -74.00
C VAL UC 36 72.10 -64.92 -74.06
N LYS UC 37 72.33 -64.13 -73.01
CA LYS UC 37 73.43 -63.19 -72.95
C LYS UC 37 74.45 -63.69 -71.93
N VAL UC 38 75.68 -63.92 -72.39
CA VAL UC 38 76.80 -64.22 -71.52
C VAL UC 38 77.79 -63.07 -71.62
N GLY UC 39 78.87 -63.15 -70.85
CA GLY UC 39 79.81 -62.06 -70.75
C GLY UC 39 80.27 -61.51 -72.08
N ILE UC 40 79.83 -60.29 -72.39
CA ILE UC 40 80.16 -59.52 -73.59
C ILE UC 40 80.22 -60.42 -74.83
N ALA UC 41 79.26 -61.34 -74.94
CA ALA UC 41 79.27 -62.28 -76.05
C ALA UC 41 77.85 -62.44 -76.59
N GLU UC 42 77.76 -62.83 -77.85
CA GLU UC 42 76.49 -63.12 -78.51
C GLU UC 42 76.46 -64.57 -78.95
N LEU UC 43 75.48 -65.31 -78.48
CA LEU UC 43 75.33 -66.72 -78.82
C LEU UC 43 73.87 -67.13 -78.72
N ASN UC 44 73.40 -67.85 -79.73
CA ASN UC 44 72.03 -68.33 -79.78
C ASN UC 44 71.94 -69.68 -79.10
N ASN UC 45 70.97 -69.84 -78.22
CA ASN UC 45 70.78 -71.09 -77.48
C ASN UC 45 69.60 -71.85 -78.07
N VAL UC 46 69.79 -73.14 -78.31
CA VAL UC 46 68.75 -74.00 -78.87
C VAL UC 46 68.50 -75.14 -77.89
N SER UC 47 67.24 -75.38 -77.56
CA SER UC 47 66.84 -76.42 -76.61
C SER UC 47 65.97 -77.42 -77.34
N GLY UC 48 66.56 -78.55 -77.74
CA GLY UC 48 65.83 -79.58 -78.44
C GLY UC 48 65.21 -80.58 -77.48
N GLN UC 49 63.98 -80.99 -77.79
CA GLN UC 49 63.25 -81.95 -76.97
C GLN UC 49 62.68 -83.01 -77.88
N TYR UC 50 63.02 -84.27 -77.61
CA TYR UC 50 62.64 -85.39 -78.46
C TYR UC 50 62.01 -86.45 -77.58
N VAL UC 51 60.80 -86.89 -77.95
CA VAL UC 51 60.10 -87.93 -77.22
C VAL UC 51 59.70 -89.02 -78.19
N SER UC 52 59.84 -90.28 -77.77
CA SER UC 52 59.39 -91.43 -78.53
C SER UC 52 58.51 -92.27 -77.62
N VAL UC 53 57.30 -92.57 -78.09
CA VAL UC 53 56.29 -93.23 -77.26
C VAL UC 53 55.82 -94.48 -77.98
N TYR UC 54 55.70 -95.58 -77.25
CA TYR UC 54 55.16 -96.82 -77.78
C TYR UC 54 54.19 -97.40 -76.77
N LYS UC 55 53.03 -97.84 -77.26
CA LYS UC 55 52.01 -98.45 -76.42
C LYS UC 55 52.11 -99.97 -76.56
N ARG UC 56 53.13 -100.53 -75.96
CA ARG UC 56 53.34 -101.96 -76.03
C ARG UC 56 52.32 -102.67 -75.14
N PRO UC 57 51.81 -103.83 -75.55
CA PRO UC 57 50.98 -104.63 -74.65
C PRO UC 57 51.81 -105.21 -73.52
N ALA UC 58 51.12 -105.50 -72.42
CA ALA UC 58 51.77 -106.15 -71.29
C ALA UC 58 52.27 -107.53 -71.71
N PRO UC 59 53.33 -108.03 -71.06
CA PRO UC 59 53.85 -109.35 -71.43
C PRO UC 59 52.87 -110.45 -71.07
N LYS UC 60 52.40 -111.18 -72.07
CA LYS UC 60 51.44 -112.24 -71.84
C LYS UC 60 52.07 -113.31 -70.95
N PRO UC 61 51.28 -113.96 -70.10
CA PRO UC 61 51.85 -114.92 -69.14
C PRO UC 61 52.61 -116.05 -69.82
N GLU UC 62 53.71 -116.46 -69.19
CA GLU UC 62 54.58 -117.46 -69.77
C GLU UC 62 53.86 -118.80 -69.88
N GLY UC 63 54.18 -119.54 -70.94
CA GLY UC 63 53.62 -120.84 -71.15
C GLY UC 63 52.40 -120.91 -72.05
N CYS UC 64 51.92 -119.79 -72.56
CA CYS UC 64 50.80 -119.83 -73.49
C CYS UC 64 51.15 -119.03 -74.73
N ALA UC 65 51.04 -119.69 -75.88
CA ALA UC 65 51.18 -119.05 -77.18
C ALA UC 65 49.80 -118.90 -77.80
N ASP UC 66 48.82 -118.57 -76.97
CA ASP UC 66 47.42 -118.49 -77.41
C ASP UC 66 47.30 -117.57 -78.62
N ALA UC 67 46.33 -117.86 -79.48
CA ALA UC 67 46.13 -117.09 -80.70
C ALA UC 67 45.95 -115.61 -80.38
N CYS UC 68 45.11 -115.30 -79.41
CA CYS UC 68 44.85 -113.92 -79.02
C CYS UC 68 44.27 -113.85 -77.61
N VAL UC 69 45.08 -113.37 -76.67
CA VAL UC 69 44.61 -112.93 -75.37
C VAL UC 69 45.04 -111.47 -75.21
N ILE UC 70 44.10 -110.60 -74.87
CA ILE UC 70 44.32 -109.15 -75.00
C ILE UC 70 44.61 -108.57 -73.62
N MET UC 71 45.89 -108.43 -73.32
CA MET UC 71 46.28 -107.70 -72.12
C MET UC 71 46.46 -106.22 -72.44
N PRO UC 72 46.07 -105.32 -71.55
CA PRO UC 72 46.15 -103.88 -71.86
C PRO UC 72 47.59 -103.40 -72.02
N ASN UC 73 47.73 -102.31 -72.75
CA ASN UC 73 49.02 -101.72 -73.05
C ASN UC 73 49.56 -100.94 -71.85
N GLU UC 74 50.88 -100.72 -71.86
CA GLU UC 74 51.54 -99.79 -70.95
C GLU UC 74 52.22 -98.69 -71.77
N ASN UC 75 52.95 -97.81 -71.08
CA ASN UC 75 53.55 -96.63 -71.70
C ASN UC 75 55.06 -96.79 -71.71
N GLN UC 76 55.61 -97.28 -72.80
CA GLN UC 76 57.05 -97.29 -73.00
C GLN UC 76 57.45 -95.95 -73.60
N SER UC 77 58.05 -95.09 -72.80
CA SER UC 77 58.33 -93.72 -73.19
C SER UC 77 59.81 -93.40 -73.01
N ILE UC 78 60.36 -92.67 -73.98
CA ILE UC 78 61.74 -92.20 -73.92
C ILE UC 78 61.74 -90.73 -74.30
N ARG UC 79 62.31 -89.90 -73.43
CA ARG UC 79 62.42 -88.46 -73.66
C ARG UC 79 63.87 -88.04 -73.60
N THR UC 80 64.26 -87.16 -74.52
CA THR UC 80 65.61 -86.64 -74.56
C THR UC 80 65.55 -85.13 -74.74
N VAL UC 81 66.34 -84.41 -73.94
CA VAL UC 81 66.41 -82.96 -74.01
C VAL UC 81 67.87 -82.57 -74.22
N ILE UC 82 68.13 -81.81 -75.28
CA ILE UC 82 69.47 -81.33 -75.59
C ILE UC 82 69.43 -79.81 -75.63
N SER UC 83 70.27 -79.18 -74.82
CA SER UC 83 70.34 -77.73 -74.75
C SER UC 83 71.79 -77.31 -74.90
N GLY UC 84 72.03 -76.32 -75.75
CA GLY UC 84 73.38 -75.82 -75.96
C GLY UC 84 73.37 -74.74 -77.01
N SER UC 85 74.45 -73.97 -77.03
CA SER UC 85 74.59 -72.90 -78.00
C SER UC 85 74.82 -73.47 -79.39
N ALA UC 86 74.31 -72.77 -80.40
CA ALA UC 86 74.51 -73.20 -81.78
C ALA UC 86 75.97 -73.13 -82.18
N GLU UC 87 76.69 -72.11 -81.69
CA GLU UC 87 78.09 -71.94 -82.06
C GLU UC 87 78.97 -73.06 -81.50
N ASN UC 88 78.53 -73.73 -80.44
CA ASN UC 88 79.27 -74.85 -79.87
C ASN UC 88 78.71 -76.19 -80.33
N LEU UC 89 77.93 -76.20 -81.41
CA LEU UC 89 77.33 -77.44 -81.89
C LEU UC 89 78.38 -78.46 -82.28
N ALA UC 90 79.56 -78.02 -82.70
CA ALA UC 90 80.59 -78.95 -83.13
C ALA UC 90 81.01 -79.87 -82.00
N THR UC 91 81.22 -79.31 -80.80
CA THR UC 91 81.58 -80.14 -79.67
C THR UC 91 80.34 -80.77 -79.03
N LEU UC 92 79.17 -80.19 -79.23
CA LEU UC 92 77.96 -80.76 -78.66
C LEU UC 92 77.67 -82.14 -79.24
N LYS UC 93 77.94 -82.34 -80.52
CA LYS UC 93 77.72 -83.65 -81.12
C LYS UC 93 78.55 -84.72 -80.43
N ALA UC 94 79.81 -84.40 -80.14
CA ALA UC 94 80.65 -85.34 -79.40
C ALA UC 94 80.10 -85.57 -78.01
N GLU UC 95 79.60 -84.52 -77.36
CA GLU UC 95 79.01 -84.67 -76.05
C GLU UC 95 77.80 -85.59 -76.10
N TRP UC 96 76.96 -85.43 -77.12
CA TRP UC 96 75.85 -86.36 -77.32
C TRP UC 96 76.36 -87.77 -77.56
N GLU UC 97 77.49 -87.91 -78.26
CA GLU UC 97 78.01 -89.23 -78.58
C GLU UC 97 78.33 -90.01 -77.31
N THR UC 98 79.11 -89.40 -76.41
CA THR UC 98 79.48 -90.09 -75.18
C THR UC 98 78.26 -90.32 -74.28
N HIS UC 99 77.33 -89.37 -74.27
CA HIS UC 99 76.11 -89.56 -73.49
C HIS UC 99 75.38 -90.82 -73.91
N LYS UC 100 75.41 -91.14 -75.20
CA LYS UC 100 74.86 -92.41 -75.65
C LYS UC 100 75.64 -93.58 -75.05
N ARG UC 101 76.97 -93.47 -75.04
CA ARG UC 101 77.80 -94.54 -74.50
C ARG UC 101 77.61 -94.68 -73.00
N ASN UC 102 77.53 -93.57 -72.28
CA ASN UC 102 77.37 -93.63 -70.84
C ASN UC 102 76.05 -94.27 -70.45
N VAL UC 103 74.97 -93.93 -71.16
CA VAL UC 103 73.69 -94.56 -70.87
C VAL UC 103 73.74 -96.03 -71.25
N ASP UC 104 74.44 -96.36 -72.34
CA ASP UC 104 74.52 -97.74 -72.79
C ASP UC 104 75.19 -98.62 -71.75
N THR UC 105 76.28 -98.14 -71.15
CA THR UC 105 77.01 -98.97 -70.20
C THR UC 105 76.23 -99.17 -68.90
N LEU UC 106 75.18 -98.39 -68.67
CA LEU UC 106 74.31 -98.57 -67.52
C LEU UC 106 73.01 -99.27 -67.88
N PHE UC 107 72.30 -98.75 -68.90
CA PHE UC 107 71.00 -99.27 -69.27
C PHE UC 107 71.13 -100.51 -70.15
N ALA UC 108 71.85 -100.39 -71.26
CA ALA UC 108 71.94 -101.49 -72.22
C ALA UC 108 72.78 -102.63 -71.66
N SER UC 109 74.06 -102.37 -71.39
CA SER UC 109 74.93 -103.43 -70.91
C SER UC 109 74.54 -103.86 -69.50
N GLY UC 110 74.36 -102.90 -68.60
CA GLY UC 110 74.02 -103.20 -67.23
C GLY UC 110 72.55 -103.48 -67.06
N ASN UC 111 72.16 -103.66 -65.80
CA ASN UC 111 70.77 -103.91 -65.44
C ASN UC 111 70.15 -102.72 -64.73
N ALA UC 112 70.58 -101.50 -65.09
CA ALA UC 112 69.99 -100.31 -64.48
C ALA UC 112 68.51 -100.20 -64.80
N GLY UC 113 68.08 -100.77 -65.92
CA GLY UC 113 66.66 -100.76 -66.24
C GLY UC 113 65.84 -101.55 -65.25
N LEU UC 114 66.41 -102.62 -64.70
CA LEU UC 114 65.69 -103.39 -63.70
C LEU UC 114 65.42 -102.57 -62.45
N GLY UC 115 66.31 -101.64 -62.12
CA GLY UC 115 66.17 -100.86 -60.91
C GLY UC 115 67.40 -100.99 -60.03
N PHE UC 116 68.50 -101.42 -60.61
CA PHE UC 116 69.74 -101.65 -59.89
C PHE UC 116 70.76 -100.59 -60.27
N LEU UC 117 71.36 -99.95 -59.28
CA LEU UC 117 72.40 -98.96 -59.51
C LEU UC 117 73.76 -99.60 -59.24
N ASP UC 118 74.64 -99.55 -60.24
CA ASP UC 118 75.99 -100.09 -60.10
C ASP UC 118 76.99 -98.95 -60.02
N PRO UC 119 77.54 -98.65 -58.84
CA PRO UC 119 78.51 -97.56 -58.73
C PRO UC 119 79.91 -97.90 -59.23
N THR UC 120 80.07 -99.03 -59.93
CA THR UC 120 81.37 -99.44 -60.45
C THR UC 120 81.38 -99.45 -61.98
N ALA UC 121 80.42 -98.80 -62.62
CA ALA UC 121 80.37 -98.78 -64.07
C ALA UC 121 81.53 -97.97 -64.65
N ALA UC 122 82.03 -98.41 -65.80
CA ALA UC 122 83.15 -97.76 -66.45
C ALA UC 122 82.68 -96.60 -67.32
N ILE UC 123 82.23 -95.55 -66.64
CA ILE UC 123 81.74 -94.36 -67.33
C ILE UC 123 82.90 -93.46 -67.69
N VAL UC 124 82.97 -93.07 -68.96
CA VAL UC 124 84.10 -92.33 -69.50
C VAL UC 124 83.62 -90.95 -69.95
N SER UC 125 84.53 -89.98 -69.91
CA SER UC 125 84.20 -88.59 -70.21
C SER UC 125 84.07 -88.38 -71.71
N SER UC 126 83.94 -87.11 -72.11
CA SER UC 126 83.79 -86.76 -73.51
C SER UC 126 85.14 -86.58 -74.21
N ASP UC 127 85.94 -85.63 -73.72
CA ASP UC 127 87.24 -85.39 -74.31
C ASP UC 127 88.17 -86.58 -74.08
N THR UC 128 89.07 -86.80 -75.05
CA THR UC 128 89.98 -87.92 -74.99
C THR UC 128 91.30 -87.49 -74.35
N THR UC 129 92.23 -88.43 -74.22
CA THR UC 129 93.54 -88.15 -73.66
C THR UC 129 94.42 -87.45 -74.68
N ALA VC 1 77.25 -69.67 -106.40
CA ALA VC 1 76.51 -70.65 -105.61
C ALA VC 1 76.16 -70.07 -104.24
N ASN VC 2 74.94 -69.55 -104.12
CA ASN VC 2 74.51 -68.98 -102.86
C ASN VC 2 74.01 -70.06 -101.91
N LYS VC 3 74.23 -69.84 -100.62
CA LYS VC 3 73.81 -70.81 -99.62
C LYS VC 3 72.30 -70.75 -99.42
N PRO VC 4 71.59 -71.85 -99.61
CA PRO VC 4 70.13 -71.82 -99.41
C PRO VC 4 69.77 -71.79 -97.94
N MET VC 5 68.59 -71.26 -97.65
CA MET VC 5 68.05 -71.28 -96.30
C MET VC 5 67.09 -72.45 -96.14
N GLN VC 6 66.67 -72.66 -94.90
CA GLN VC 6 65.58 -73.55 -94.56
C GLN VC 6 64.60 -72.81 -93.68
N PRO VC 7 63.31 -73.14 -93.78
CA PRO VC 7 62.32 -72.43 -92.96
C PRO VC 7 62.56 -72.62 -91.47
N ILE VC 8 62.34 -71.56 -90.72
CA ILE VC 8 62.41 -71.59 -89.26
C ILE VC 8 61.03 -71.62 -88.65
N THR VC 9 60.20 -70.63 -88.97
CA THR VC 9 58.84 -70.56 -88.49
C THR VC 9 57.90 -70.77 -89.66
N SER VC 10 57.02 -71.77 -89.54
CA SER VC 10 56.06 -72.09 -90.57
C SER VC 10 54.66 -71.79 -90.06
N THR VC 11 53.90 -71.03 -90.84
CA THR VC 11 52.55 -70.66 -90.47
C THR VC 11 51.75 -70.48 -91.76
N ALA VC 12 50.43 -70.62 -91.66
CA ALA VC 12 49.58 -70.46 -92.83
C ALA VC 12 49.68 -69.07 -93.44
N ASN VC 13 50.16 -68.09 -92.68
CA ASN VC 13 50.27 -66.72 -93.18
C ASN VC 13 51.70 -66.24 -93.31
N LYS VC 14 52.62 -66.70 -92.44
CA LYS VC 14 53.98 -66.21 -92.42
C LYS VC 14 54.95 -67.38 -92.37
N ILE VC 15 55.96 -67.35 -93.25
CA ILE VC 15 57.05 -68.31 -93.22
C ILE VC 15 58.35 -67.54 -93.17
N VAL VC 16 59.27 -67.99 -92.31
CA VAL VC 16 60.54 -67.31 -92.10
C VAL VC 16 61.67 -68.26 -92.45
N TRP VC 17 62.55 -67.83 -93.35
CA TRP VC 17 63.76 -68.57 -93.68
C TRP VC 17 64.96 -67.91 -93.00
N SER VC 18 65.87 -68.74 -92.50
CA SER VC 18 67.11 -68.25 -91.92
C SER VC 18 68.26 -69.12 -92.40
N ASP VC 19 69.44 -68.52 -92.46
CA ASP VC 19 70.60 -69.20 -93.01
C ASP VC 19 71.20 -70.15 -91.98
N PRO VC 20 71.39 -71.43 -92.32
CA PRO VC 20 71.91 -72.37 -91.32
C PRO VC 20 73.29 -72.02 -90.80
N THR VC 21 74.18 -71.52 -91.66
CA THR VC 21 75.54 -71.20 -91.23
C THR VC 21 75.69 -69.75 -90.80
N ARG VC 22 74.63 -68.95 -90.84
CA ARG VC 22 74.63 -67.62 -90.26
C ARG VC 22 73.20 -67.33 -89.83
N LEU VC 23 72.90 -67.58 -88.56
CA LEU VC 23 71.52 -67.52 -88.08
C LEU VC 23 70.94 -66.13 -88.15
N SER VC 24 71.79 -65.10 -88.28
CA SER VC 24 71.28 -63.73 -88.28
C SER VC 24 70.57 -63.41 -89.60
N THR VC 25 71.07 -63.92 -90.71
CA THR VC 25 70.43 -63.68 -91.99
C THR VC 25 69.01 -64.23 -91.99
N THR VC 26 68.08 -63.45 -92.52
CA THR VC 26 66.67 -63.79 -92.41
C THR VC 26 65.92 -63.29 -93.64
N PHE VC 27 64.95 -64.08 -94.07
CA PHE VC 27 64.05 -63.67 -95.15
C PHE VC 27 62.69 -64.29 -94.85
N SER VC 28 61.67 -63.44 -94.67
CA SER VC 28 60.35 -63.89 -94.28
C SER VC 28 59.31 -63.34 -95.24
N ALA VC 29 58.23 -64.08 -95.42
CA ALA VC 29 57.12 -63.69 -96.28
C ALA VC 29 55.82 -63.80 -95.50
N SER VC 30 55.04 -62.72 -95.51
CA SER VC 30 53.76 -62.68 -94.84
C SER VC 30 52.69 -62.18 -95.80
N LEU VC 31 51.55 -62.84 -95.79
CA LEU VC 31 50.46 -62.54 -96.70
C LEU VC 31 49.17 -62.28 -95.93
N LEU VC 32 48.35 -61.40 -96.50
CA LEU VC 32 47.04 -61.06 -95.95
C LEU VC 32 46.07 -61.06 -97.12
N ARG VC 33 45.11 -61.98 -97.10
CA ARG VC 33 44.08 -62.07 -98.11
C ARG VC 33 42.78 -61.51 -97.56
N GLN VC 34 42.14 -60.64 -98.31
CA GLN VC 34 41.03 -59.84 -97.80
C GLN VC 34 39.88 -59.85 -98.79
N ARG VC 35 38.68 -59.64 -98.28
CA ARG VC 35 37.48 -59.54 -99.08
C ARG VC 35 37.30 -58.08 -99.47
N VAL VC 36 37.60 -57.76 -100.73
CA VAL VC 36 37.48 -56.40 -101.22
C VAL VC 36 36.29 -56.31 -102.17
N LYS VC 37 35.44 -55.32 -101.95
CA LYS VC 37 34.21 -55.14 -102.71
C LYS VC 37 34.34 -53.86 -103.53
N VAL VC 38 34.19 -54.00 -104.84
CA VAL VC 38 34.16 -52.86 -105.74
C VAL VC 38 32.81 -52.83 -106.44
N GLY VC 39 32.61 -51.82 -107.29
CA GLY VC 39 31.34 -51.61 -107.97
C GLY VC 39 30.79 -52.87 -108.61
N ILE VC 40 29.67 -53.35 -108.07
CA ILE VC 40 28.97 -54.59 -108.46
C ILE VC 40 29.97 -55.67 -108.84
N ALA VC 41 31.00 -55.85 -108.00
CA ALA VC 41 31.99 -56.87 -108.25
C ALA VC 41 32.76 -57.13 -106.96
N GLU VC 42 32.90 -58.41 -106.60
CA GLU VC 42 33.71 -58.84 -105.48
C GLU VC 42 35.06 -59.32 -106.00
N LEU VC 43 36.13 -58.81 -105.40
CA LEU VC 43 37.47 -59.12 -105.87
C LEU VC 43 38.25 -59.79 -104.75
N ASN VC 44 39.34 -60.43 -105.13
CA ASN VC 44 40.19 -61.19 -104.21
C ASN VC 44 41.59 -60.62 -104.26
N ASN VC 45 41.94 -59.77 -103.30
CA ASN VC 45 43.23 -59.14 -103.25
C ASN VC 45 44.13 -59.82 -102.22
N VAL VC 46 45.42 -59.84 -102.49
CA VAL VC 46 46.41 -60.45 -101.60
C VAL VC 46 47.51 -59.43 -101.35
N SER VC 47 47.80 -59.17 -100.08
CA SER VC 47 48.86 -58.25 -99.70
C SER VC 47 50.04 -59.07 -99.18
N GLY VC 48 51.07 -59.20 -100.00
CA GLY VC 48 52.23 -60.00 -99.63
C GLY VC 48 53.43 -59.17 -99.21
N GLN VC 49 53.82 -59.28 -97.96
CA GLN VC 49 54.93 -58.51 -97.40
C GLN VC 49 56.16 -59.39 -97.33
N TYR VC 50 57.19 -59.04 -98.09
CA TYR VC 50 58.45 -59.76 -98.10
C TYR VC 50 59.53 -58.85 -97.54
N VAL VC 51 60.22 -59.31 -96.51
CA VAL VC 51 61.30 -58.54 -95.88
C VAL VC 51 62.54 -59.41 -95.80
N SER VC 52 63.66 -58.88 -96.26
CA SER VC 52 64.96 -59.55 -96.20
C SER VC 52 65.88 -58.74 -95.30
N VAL VC 53 66.46 -59.39 -94.31
CA VAL VC 53 67.27 -58.73 -93.30
C VAL VC 53 68.65 -59.36 -93.29
N TYR VC 54 69.69 -58.53 -93.36
CA TYR VC 54 71.06 -58.99 -93.20
C TYR VC 54 71.77 -58.11 -92.17
N LYS VC 55 72.69 -58.72 -91.46
CA LYS VC 55 73.47 -58.06 -90.41
C LYS VC 55 74.93 -58.04 -90.86
N ARG VC 56 75.33 -57.00 -91.57
CA ARG VC 56 76.72 -56.88 -92.00
C ARG VC 56 77.47 -56.01 -91.00
N PRO VC 57 78.52 -56.53 -90.37
CA PRO VC 57 79.12 -55.80 -89.25
C PRO VC 57 80.06 -54.69 -89.69
N ALA VC 58 79.62 -53.43 -89.54
CA ALA VC 58 80.46 -52.24 -89.66
C ALA VC 58 81.27 -52.22 -90.95
N PRO VC 59 82.30 -51.38 -91.06
CA PRO VC 59 83.30 -51.62 -92.11
C PRO VC 59 84.66 -51.95 -91.50
N LYS VC 60 85.65 -51.08 -91.69
CA LYS VC 60 86.95 -51.25 -91.05
C LYS VC 60 87.37 -49.95 -90.40
N PRO VC 61 88.18 -49.98 -89.35
CA PRO VC 61 88.57 -48.73 -88.66
C PRO VC 61 89.30 -47.78 -89.59
N GLU VC 62 90.47 -48.20 -90.07
CA GLU VC 62 91.15 -47.50 -91.16
C GLU VC 62 91.78 -48.53 -92.08
N GLY VC 63 91.38 -49.79 -91.94
CA GLY VC 63 92.06 -50.87 -92.61
C GLY VC 63 93.29 -51.32 -91.83
N CYS VC 64 93.08 -51.78 -90.61
CA CYS VC 64 94.16 -52.32 -89.78
C CYS VC 64 94.06 -53.83 -89.81
N ALA VC 65 95.21 -54.48 -89.64
CA ALA VC 65 95.27 -55.94 -89.66
C ALA VC 65 95.18 -56.49 -88.25
N ASP VC 66 94.01 -57.03 -87.91
CA ASP VC 66 93.80 -57.63 -86.61
C ASP VC 66 92.58 -58.54 -86.64
N ALA VC 67 92.70 -59.72 -86.04
CA ALA VC 67 91.58 -60.67 -86.06
C ALA VC 67 90.50 -60.27 -85.06
N CYS VC 68 90.94 -60.01 -83.83
CA CYS VC 68 90.02 -59.66 -82.78
C CYS VC 68 89.11 -58.51 -83.11
N VAL VC 69 89.70 -57.38 -83.44
CA VAL VC 69 88.89 -56.22 -83.71
C VAL VC 69 87.67 -56.69 -84.48
N ILE VC 70 86.49 -56.40 -83.96
CA ILE VC 70 85.29 -56.90 -84.59
C ILE VC 70 84.34 -55.78 -85.00
N MET VC 71 84.15 -54.81 -84.12
CA MET VC 71 83.21 -53.72 -84.37
C MET VC 71 81.79 -54.24 -84.41
N PRO VC 72 80.81 -53.48 -83.92
CA PRO VC 72 79.45 -54.01 -83.85
C PRO VC 72 78.83 -54.14 -85.22
N ASN VC 73 77.61 -54.65 -85.22
CA ASN VC 73 76.94 -55.04 -86.45
C ASN VC 73 75.70 -54.19 -86.67
N GLU VC 74 75.49 -53.78 -87.93
CA GLU VC 74 74.44 -52.84 -88.29
C GLU VC 74 73.41 -53.48 -89.20
N ASN VC 75 72.34 -52.73 -89.47
CA ASN VC 75 71.14 -53.27 -90.11
C ASN VC 75 71.18 -53.07 -91.62
N GLN VC 76 70.89 -54.14 -92.35
CA GLN VC 76 70.63 -54.08 -93.78
C GLN VC 76 69.32 -54.79 -94.05
N SER VC 77 68.29 -54.03 -94.42
CA SER VC 77 66.95 -54.58 -94.60
C SER VC 77 66.36 -54.10 -95.92
N ILE VC 78 65.50 -54.93 -96.49
CA ILE VC 78 64.79 -54.62 -97.72
C ILE VC 78 63.36 -55.13 -97.55
N ARG VC 79 62.39 -54.22 -97.62
CA ARG VC 79 60.99 -54.55 -97.44
C ARG VC 79 60.22 -54.25 -98.72
N THR VC 80 59.42 -55.20 -99.18
CA THR VC 80 58.54 -55.00 -100.31
C THR VC 80 57.16 -55.54 -99.98
N VAL VC 81 56.12 -54.82 -100.37
CA VAL VC 81 54.74 -55.25 -100.20
C VAL VC 81 54.08 -55.23 -101.57
N ILE VC 82 53.38 -56.31 -101.90
CA ILE VC 82 52.69 -56.45 -103.17
C ILE VC 82 51.20 -56.58 -102.87
N SER VC 83 50.41 -55.66 -103.39
CA SER VC 83 48.97 -55.66 -103.17
C SER VC 83 48.24 -55.58 -104.50
N GLY VC 84 47.27 -56.47 -104.69
CA GLY VC 84 46.48 -56.45 -105.91
C GLY VC 84 45.56 -57.65 -105.94
N SER VC 85 44.57 -57.57 -106.82
CA SER VC 85 43.59 -58.63 -106.96
C SER VC 85 44.24 -59.87 -107.57
N ALA VC 86 43.77 -61.04 -107.14
CA ALA VC 86 44.35 -62.28 -107.63
C ALA VC 86 44.05 -62.50 -109.12
N GLU VC 87 42.85 -62.11 -109.55
CA GLU VC 87 42.49 -62.33 -110.95
C GLU VC 87 43.27 -61.42 -111.90
N ASN VC 88 43.76 -60.29 -111.40
CA ASN VC 88 44.66 -59.44 -112.17
C ASN VC 88 46.13 -59.77 -111.94
N LEU VC 89 46.42 -61.00 -111.49
CA LEU VC 89 47.80 -61.37 -111.22
C LEU VC 89 48.64 -61.39 -112.48
N ALA VC 90 48.03 -61.68 -113.63
CA ALA VC 90 48.79 -61.73 -114.88
C ALA VC 90 49.44 -60.40 -115.18
N THR VC 91 48.69 -59.31 -115.04
CA THR VC 91 49.26 -57.98 -115.24
C THR VC 91 50.02 -57.50 -114.02
N LEU VC 92 49.70 -58.03 -112.83
CA LEU VC 92 50.43 -57.63 -111.63
C LEU VC 92 51.90 -58.05 -111.72
N LYS VC 93 52.17 -59.23 -112.27
CA LYS VC 93 53.56 -59.63 -112.47
C LYS VC 93 54.29 -58.68 -113.39
N ALA VC 94 53.59 -58.16 -114.41
CA ALA VC 94 54.21 -57.17 -115.29
C ALA VC 94 54.60 -55.93 -114.51
N GLU VC 95 53.74 -55.49 -113.58
CA GLU VC 95 54.07 -54.33 -112.75
C GLU VC 95 55.29 -54.61 -111.90
N TRP VC 96 55.43 -55.84 -111.40
CA TRP VC 96 56.62 -56.19 -110.63
C TRP VC 96 57.88 -56.07 -111.47
N GLU VC 97 57.81 -56.49 -112.74
CA GLU VC 97 58.97 -56.40 -113.62
C GLU VC 97 59.39 -54.96 -113.83
N THR VC 98 58.45 -54.10 -114.22
CA THR VC 98 58.80 -52.72 -114.49
C THR VC 98 59.18 -51.98 -113.21
N HIS VC 99 58.61 -52.37 -112.07
CA HIS VC 99 59.00 -51.76 -110.81
C HIS VC 99 60.45 -52.08 -110.49
N LYS VC 100 60.88 -53.31 -110.76
CA LYS VC 100 62.27 -53.67 -110.59
C LYS VC 100 63.16 -52.84 -111.50
N ARG VC 101 62.78 -52.68 -112.76
CA ARG VC 101 63.60 -51.93 -113.70
C ARG VC 101 63.71 -50.47 -113.29
N ASN VC 102 62.60 -49.87 -112.87
CA ASN VC 102 62.62 -48.46 -112.50
C ASN VC 102 63.54 -48.21 -111.31
N VAL VC 103 63.36 -48.98 -110.23
CA VAL VC 103 64.18 -48.79 -109.05
C VAL VC 103 65.63 -49.16 -109.33
N ASP VC 104 65.87 -50.07 -110.28
CA ASP VC 104 67.24 -50.43 -110.62
C ASP VC 104 67.99 -49.23 -111.18
N THR VC 105 67.35 -48.46 -112.06
CA THR VC 105 68.00 -47.27 -112.59
C THR VC 105 68.31 -46.27 -111.49
N LEU VC 106 67.39 -46.09 -110.55
CA LEU VC 106 67.62 -45.18 -109.45
C LEU VC 106 68.65 -45.69 -108.45
N PHE VC 107 68.65 -47.00 -108.17
CA PHE VC 107 69.47 -47.55 -107.11
C PHE VC 107 70.70 -48.28 -107.63
N ALA VC 108 70.53 -49.26 -108.52
CA ALA VC 108 71.67 -50.04 -108.99
C ALA VC 108 72.60 -49.17 -109.83
N SER VC 109 72.11 -48.67 -110.96
CA SER VC 109 72.94 -47.79 -111.78
C SER VC 109 73.07 -46.41 -111.16
N GLY VC 110 71.98 -45.89 -110.60
CA GLY VC 110 71.99 -44.56 -110.03
C GLY VC 110 72.65 -44.53 -108.66
N ASN VC 111 72.57 -43.36 -108.04
CA ASN VC 111 73.20 -43.11 -106.75
C ASN VC 111 72.18 -42.79 -105.67
N ALA VC 112 70.97 -43.35 -105.78
CA ALA VC 112 69.98 -43.15 -104.74
C ALA VC 112 70.44 -43.71 -103.40
N GLY VC 113 71.33 -44.71 -103.43
CA GLY VC 113 71.85 -45.25 -102.19
C GLY VC 113 72.66 -44.22 -101.42
N LEU VC 114 73.46 -43.42 -102.11
CA LEU VC 114 74.21 -42.37 -101.44
C LEU VC 114 73.30 -41.31 -100.84
N GLY VC 115 72.16 -41.05 -101.48
CA GLY VC 115 71.23 -40.06 -100.96
C GLY VC 115 70.88 -38.98 -101.95
N PHE VC 116 71.09 -39.24 -103.24
CA PHE VC 116 70.80 -38.29 -104.29
C PHE VC 116 69.78 -38.88 -105.26
N LEU VC 117 68.74 -38.10 -105.56
CA LEU VC 117 67.69 -38.53 -106.48
C LEU VC 117 67.90 -37.79 -107.80
N ASP VC 118 68.25 -38.52 -108.84
CA ASP VC 118 68.45 -37.89 -110.14
C ASP VC 118 67.09 -37.58 -110.76
N PRO VC 119 66.75 -36.31 -110.99
CA PRO VC 119 65.44 -35.99 -111.55
C PRO VC 119 65.32 -36.24 -113.04
N THR VC 120 66.42 -36.59 -113.72
CA THR VC 120 66.39 -36.86 -115.14
C THR VC 120 66.59 -38.34 -115.46
N ALA VC 121 66.38 -39.21 -114.47
CA ALA VC 121 66.51 -40.64 -114.71
C ALA VC 121 65.37 -41.14 -115.59
N ALA VC 122 65.64 -42.24 -116.30
CA ALA VC 122 64.68 -42.82 -117.22
C ALA VC 122 63.76 -43.77 -116.46
N ILE VC 123 62.49 -43.38 -116.32
CA ILE VC 123 61.50 -44.19 -115.62
C ILE VC 123 60.43 -44.58 -116.64
N VAL VC 124 60.17 -45.87 -116.76
CA VAL VC 124 59.31 -46.42 -117.80
C VAL VC 124 58.14 -47.15 -117.14
N SER VC 125 56.96 -47.01 -117.73
CA SER VC 125 55.77 -47.62 -117.18
C SER VC 125 55.66 -49.08 -117.61
N SER VC 126 54.75 -49.80 -116.95
CA SER VC 126 54.48 -51.18 -117.34
C SER VC 126 53.90 -51.26 -118.74
N ASP VC 127 53.00 -50.34 -119.08
CA ASP VC 127 52.37 -50.37 -120.40
C ASP VC 127 53.39 -50.13 -121.49
N THR VC 128 53.15 -50.74 -122.64
CA THR VC 128 54.04 -50.66 -123.78
C THR VC 128 53.39 -49.86 -124.90
N THR VC 129 54.20 -49.21 -125.71
CA THR VC 129 53.71 -48.40 -126.81
C THR VC 129 53.10 -49.29 -127.90
N ALA WC 1 20.45 -147.64 28.36
CA ALA WC 1 19.86 -147.89 27.05
C ALA WC 1 19.49 -146.57 26.37
N ASN WC 2 20.21 -145.50 26.72
CA ASN WC 2 19.94 -144.17 26.22
C ASN WC 2 21.13 -143.68 25.40
N LYS WC 3 20.83 -142.98 24.31
CA LYS WC 3 21.88 -142.48 23.44
C LYS WC 3 22.64 -141.36 24.14
N PRO WC 4 23.95 -141.49 24.34
CA PRO WC 4 24.71 -140.38 24.94
C PRO WC 4 24.80 -139.20 23.98
N MET WC 5 24.97 -138.02 24.54
CA MET WC 5 25.22 -136.81 23.74
C MET WC 5 26.68 -136.47 23.80
N GLN WC 6 27.27 -136.16 22.64
CA GLN WC 6 28.58 -135.55 22.65
C GLN WC 6 28.44 -134.07 22.99
N PRO WC 7 29.43 -133.49 23.64
CA PRO WC 7 29.39 -132.05 23.90
C PRO WC 7 29.44 -131.27 22.60
N ILE WC 8 28.75 -130.12 22.59
CA ILE WC 8 28.76 -129.24 21.43
C ILE WC 8 29.50 -127.94 21.71
N THR WC 9 29.58 -127.50 22.96
CA THR WC 9 30.36 -126.32 23.30
C THR WC 9 30.92 -126.52 24.69
N SER WC 10 32.24 -126.71 24.79
CA SER WC 10 32.91 -126.93 26.06
C SER WC 10 33.59 -125.64 26.49
N THR WC 11 33.36 -125.24 27.73
CA THR WC 11 33.93 -124.01 28.27
C THR WC 11 34.10 -124.19 29.77
N ALA WC 12 34.95 -123.36 30.36
CA ALA WC 12 35.12 -123.40 31.81
C ALA WC 12 33.85 -123.02 32.56
N ASN WC 13 32.88 -122.41 31.87
CA ASN WC 13 31.65 -121.98 32.51
C ASN WC 13 30.47 -122.86 32.13
N LYS WC 14 30.22 -123.03 30.84
CA LYS WC 14 29.04 -123.76 30.38
C LYS WC 14 29.45 -124.83 29.37
N ILE WC 15 28.82 -126.00 29.49
CA ILE WC 15 28.97 -127.09 28.54
C ILE WC 15 27.60 -127.48 28.04
N VAL WC 16 27.47 -127.64 26.73
CA VAL WC 16 26.20 -127.96 26.09
C VAL WC 16 26.33 -129.31 25.38
N TRP WC 17 25.45 -130.24 25.71
CA TRP WC 17 25.35 -131.51 25.02
C TRP WC 17 24.13 -131.50 24.10
N SER WC 18 24.18 -132.33 23.07
CA SER WC 18 23.07 -132.44 22.14
C SER WC 18 23.08 -133.81 21.50
N ASP WC 19 21.88 -134.33 21.25
CA ASP WC 19 21.73 -135.65 20.65
C ASP WC 19 22.12 -135.59 19.18
N PRO WC 20 23.07 -136.43 18.73
CA PRO WC 20 23.40 -136.41 17.29
C PRO WC 20 22.22 -136.74 16.41
N THR WC 21 21.33 -137.64 16.84
CA THR WC 21 20.15 -137.95 16.04
C THR WC 21 19.19 -136.77 15.99
N ARG WC 22 18.94 -136.13 17.13
CA ARG WC 22 18.04 -135.00 17.22
C ARG WC 22 18.78 -133.86 17.90
N LEU WC 23 19.31 -132.93 17.10
CA LEU WC 23 20.03 -131.81 17.67
C LEU WC 23 19.11 -130.82 18.38
N SER WC 24 17.79 -130.96 18.19
CA SER WC 24 16.86 -130.07 18.87
C SER WC 24 16.94 -130.24 20.38
N THR WC 25 16.92 -131.49 20.84
CA THR WC 25 17.02 -131.74 22.27
C THR WC 25 18.44 -131.50 22.75
N THR WC 26 18.58 -130.86 23.91
CA THR WC 26 19.89 -130.49 24.43
C THR WC 26 19.92 -130.71 25.93
N PHE WC 27 21.07 -130.43 26.52
CA PHE WC 27 21.23 -130.39 27.97
C PHE WC 27 22.46 -129.56 28.27
N SER WC 28 22.27 -128.42 28.91
CA SER WC 28 23.35 -127.49 29.20
C SER WC 28 23.51 -127.33 30.70
N ALA WC 29 24.76 -127.20 31.14
CA ALA WC 29 25.07 -126.96 32.54
C ALA WC 29 26.03 -125.79 32.64
N SER WC 30 25.67 -124.81 33.48
CA SER WC 30 26.48 -123.62 33.66
C SER WC 30 26.70 -123.37 35.14
N LEU WC 31 27.88 -122.84 35.46
CA LEU WC 31 28.26 -122.54 36.83
C LEU WC 31 28.53 -121.05 36.96
N LEU WC 32 28.53 -120.57 38.21
CA LEU WC 32 28.82 -119.18 38.49
C LEU WC 32 29.35 -119.10 39.92
N ARG WC 33 30.67 -118.94 40.05
CA ARG WC 33 31.29 -118.89 41.36
C ARG WC 33 31.34 -117.46 41.87
N GLN WC 34 31.21 -117.32 43.19
CA GLN WC 34 31.23 -116.02 43.83
C GLN WC 34 31.84 -116.15 45.21
N ARG WC 35 32.18 -115.00 45.79
CA ARG WC 35 32.69 -114.93 47.15
C ARG WC 35 31.60 -114.37 48.06
N VAL WC 36 31.30 -115.08 49.15
CA VAL WC 36 30.25 -114.68 50.06
C VAL WC 36 30.83 -114.49 51.46
N LYS WC 37 30.55 -113.34 52.06
CA LYS WC 37 31.03 -113.01 53.39
C LYS WC 37 29.90 -113.21 54.39
N VAL WC 38 29.72 -114.47 54.80
CA VAL WC 38 28.63 -114.79 55.73
C VAL WC 38 28.88 -114.13 57.09
N GLY WC 39 30.10 -114.26 57.60
CA GLY WC 39 30.49 -113.60 58.82
C GLY WC 39 31.82 -114.09 59.34
N ILE WC 40 32.69 -113.17 59.74
CA ILE WC 40 34.03 -113.43 60.28
C ILE WC 40 34.73 -114.62 59.62
N ALA WC 41 34.38 -114.88 58.36
CA ALA WC 41 34.90 -116.00 57.60
C ALA WC 41 34.37 -115.86 56.18
N GLU WC 42 35.11 -116.43 55.23
CA GLU WC 42 34.77 -116.35 53.82
C GLU WC 42 34.44 -117.73 53.28
N LEU WC 43 33.31 -117.84 52.60
CA LEU WC 43 32.85 -119.10 52.03
C LEU WC 43 32.81 -119.01 50.52
N ASN WC 44 32.97 -120.14 49.87
CA ASN WC 44 32.95 -120.23 48.41
C ASN WC 44 31.64 -120.89 47.99
N ASN WC 45 30.84 -120.17 47.22
CA ASN WC 45 29.54 -120.66 46.80
C ASN WC 45 29.49 -120.76 45.28
N VAL WC 46 28.69 -121.70 44.79
CA VAL WC 46 28.48 -121.90 43.36
C VAL WC 46 26.98 -121.91 43.10
N SER WC 47 26.60 -121.66 41.85
CA SER WC 47 25.20 -121.69 41.43
C SER WC 47 25.12 -122.56 40.18
N GLY WC 48 24.98 -123.86 40.38
CA GLY WC 48 24.89 -124.77 39.27
C GLY WC 48 23.56 -124.70 38.55
N GLN WC 49 23.55 -124.14 37.35
CA GLN WC 49 22.33 -123.99 36.56
C GLN WC 49 22.32 -125.06 35.49
N TYR WC 50 21.34 -125.97 35.57
CA TYR WC 50 21.24 -127.10 34.67
C TYR WC 50 19.93 -126.99 33.91
N VAL WC 51 20.01 -127.05 32.58
CA VAL WC 51 18.85 -126.89 31.72
C VAL WC 51 18.74 -128.10 30.80
N SER WC 52 17.56 -128.70 30.76
CA SER WC 52 17.26 -129.78 29.85
C SER WC 52 16.09 -129.35 28.97
N VAL WC 53 16.28 -129.42 27.66
CA VAL WC 53 15.29 -128.91 26.71
C VAL WC 53 14.96 -130.02 25.71
N TYR WC 54 13.66 -130.18 25.45
CA TYR WC 54 13.19 -131.10 24.41
C TYR WC 54 12.11 -130.40 23.61
N LYS WC 55 12.11 -130.64 22.31
CA LYS WC 55 11.06 -130.17 21.43
C LYS WC 55 10.13 -131.33 21.12
N ARG WC 56 8.93 -131.30 21.69
CA ARG WC 56 7.94 -132.33 21.49
C ARG WC 56 6.81 -131.81 20.62
N PRO WC 57 6.46 -132.51 19.56
CA PRO WC 57 5.39 -132.03 18.68
C PRO WC 57 4.03 -132.10 19.36
N ALA WC 58 3.03 -131.64 18.63
CA ALA WC 58 1.66 -131.67 19.14
C ALA WC 58 1.26 -133.10 19.44
N PRO WC 59 0.41 -133.33 20.45
CA PRO WC 59 0.12 -134.72 20.85
C PRO WC 59 -0.60 -135.50 19.77
N LYS WC 60 -1.26 -134.82 18.84
CA LYS WC 60 -1.74 -135.43 17.61
C LYS WC 60 -2.67 -136.61 17.92
N PRO WC 61 -3.86 -136.34 18.42
CA PRO WC 61 -4.63 -137.39 19.13
C PRO WC 61 -5.38 -138.35 18.22
N GLU WC 62 -6.21 -139.19 18.84
CA GLU WC 62 -7.08 -140.22 18.24
C GLU WC 62 -6.40 -141.06 17.18
N GLY WC 63 -5.08 -141.16 17.24
CA GLY WC 63 -4.36 -142.21 16.56
C GLY WC 63 -4.39 -142.23 15.04
N CYS WC 64 -5.27 -141.43 14.41
CA CYS WC 64 -5.28 -141.44 12.95
C CYS WC 64 -3.93 -140.94 12.48
N ALA WC 65 -3.28 -141.70 11.61
CA ALA WC 65 -1.84 -141.59 11.42
C ALA WC 65 -1.43 -140.31 10.69
N ASP WC 66 -2.39 -139.54 10.17
CA ASP WC 66 -2.09 -138.35 9.38
C ASP WC 66 -1.12 -138.67 8.26
N ALA WC 67 0.13 -138.20 8.38
CA ALA WC 67 1.12 -138.36 7.32
C ALA WC 67 2.50 -137.94 7.80
N CYS WC 68 3.46 -137.90 6.87
CA CYS WC 68 4.77 -137.33 7.13
C CYS WC 68 4.72 -135.81 7.27
N VAL WC 69 3.54 -135.21 7.12
CA VAL WC 69 3.36 -133.79 7.36
C VAL WC 69 3.65 -133.51 8.82
N ILE WC 70 4.71 -132.73 9.08
CA ILE WC 70 5.14 -132.50 10.44
C ILE WC 70 4.12 -131.60 11.17
N MET WC 71 3.78 -132.00 12.38
CA MET WC 71 2.92 -131.20 13.25
C MET WC 71 3.76 -130.07 13.84
N PRO WC 72 3.15 -128.97 14.29
CA PRO WC 72 3.94 -127.94 14.96
C PRO WC 72 4.53 -128.46 16.26
N ASN WC 73 5.75 -128.02 16.53
CA ASN WC 73 6.57 -128.57 17.60
C ASN WC 73 6.62 -127.57 18.75
N GLU WC 74 6.15 -127.98 19.92
CA GLU WC 74 6.21 -127.13 21.09
C GLU WC 74 7.42 -127.50 21.95
N ASN WC 75 7.57 -126.79 23.06
CA ASN WC 75 8.79 -126.81 23.85
C ASN WC 75 8.53 -127.44 25.21
N GLN WC 76 9.40 -128.37 25.60
CA GLN WC 76 9.42 -128.92 26.95
C GLN WC 76 10.79 -128.64 27.54
N SER WC 77 10.81 -127.98 28.70
CA SER WC 77 12.06 -127.57 29.33
C SER WC 77 12.01 -127.84 30.82
N ILE WC 78 13.19 -128.12 31.39
CA ILE WC 78 13.35 -128.36 32.82
C ILE WC 78 14.60 -127.62 33.26
N ARG WC 79 14.47 -126.66 34.16
CA ARG WC 79 15.58 -125.87 34.65
C ARG WC 79 15.78 -126.16 36.12
N THR WC 80 17.04 -126.26 36.55
CA THR WC 80 17.38 -126.53 37.93
C THR WC 80 18.62 -125.74 38.31
N VAL WC 81 18.51 -124.91 39.32
CA VAL WC 81 19.63 -124.14 39.83
C VAL WC 81 19.90 -124.56 41.27
N ILE WC 82 21.15 -124.85 41.58
CA ILE WC 82 21.56 -125.30 42.90
C ILE WC 82 22.60 -124.31 43.42
N SER WC 83 22.28 -123.63 44.51
CA SER WC 83 23.15 -122.62 45.08
C SER WC 83 23.51 -123.00 46.51
N GLY WC 84 24.78 -122.90 46.84
CA GLY WC 84 25.23 -123.17 48.19
C GLY WC 84 26.73 -123.09 48.29
N SER WC 85 27.21 -123.10 49.53
CA SER WC 85 28.64 -123.04 49.77
C SER WC 85 29.31 -124.32 49.31
N ALA WC 86 30.44 -124.17 48.61
CA ALA WC 86 31.17 -125.34 48.14
C ALA WC 86 31.73 -126.14 49.30
N GLU WC 87 31.92 -125.50 50.45
CA GLU WC 87 32.42 -126.20 51.63
C GLU WC 87 31.39 -127.09 52.29
N ASN WC 88 30.14 -127.05 51.84
CA ASN WC 88 29.08 -127.84 52.44
C ASN WC 88 28.36 -128.73 51.44
N LEU WC 89 29.00 -129.11 50.33
CA LEU WC 89 28.29 -129.92 49.36
C LEU WC 89 27.95 -131.29 49.91
N ALA WC 90 28.75 -131.79 50.85
CA ALA WC 90 28.50 -133.11 51.43
C ALA WC 90 27.13 -133.15 52.08
N THR WC 91 26.79 -132.11 52.84
CA THR WC 91 25.46 -132.01 53.39
C THR WC 91 24.49 -131.40 52.37
N LEU WC 92 25.01 -130.64 51.40
CA LEU WC 92 24.13 -130.07 50.39
C LEU WC 92 23.56 -131.15 49.47
N LYS WC 93 24.32 -132.22 49.21
CA LYS WC 93 23.78 -133.32 48.42
C LYS WC 93 22.60 -133.98 49.12
N ALA WC 94 22.52 -133.84 50.44
CA ALA WC 94 21.45 -134.51 51.19
C ALA WC 94 20.09 -133.97 50.79
N GLU WC 95 19.92 -132.65 50.78
CA GLU WC 95 18.60 -132.13 50.44
C GLU WC 95 18.33 -132.22 48.95
N TRP WC 96 19.39 -132.34 48.14
CA TRP WC 96 19.19 -132.55 46.72
C TRP WC 96 18.32 -133.77 46.45
N GLU WC 97 18.69 -134.91 47.03
CA GLU WC 97 17.85 -136.09 46.88
C GLU WC 97 16.53 -135.90 47.61
N THR WC 98 16.54 -135.18 48.72
CA THR WC 98 15.29 -134.82 49.38
C THR WC 98 14.44 -133.94 48.48
N HIS WC 99 15.06 -132.96 47.83
CA HIS WC 99 14.34 -132.10 46.90
C HIS WC 99 13.76 -132.93 45.76
N LYS WC 100 14.48 -133.95 45.31
CA LYS WC 100 13.94 -134.85 44.29
C LYS WC 100 12.72 -135.58 44.81
N ARG WC 101 12.80 -136.08 46.05
CA ARG WC 101 11.68 -136.83 46.60
C ARG WC 101 10.44 -135.95 46.79
N ASN WC 102 10.64 -134.73 47.28
CA ASN WC 102 9.50 -133.84 47.46
C ASN WC 102 8.84 -133.52 46.12
N VAL WC 103 9.64 -133.25 45.10
CA VAL WC 103 9.07 -132.98 43.78
C VAL WC 103 8.38 -134.22 43.23
N ASP WC 104 8.95 -135.40 43.52
CA ASP WC 104 8.37 -136.63 42.99
C ASP WC 104 6.95 -136.83 43.47
N THR WC 105 6.67 -136.57 44.74
CA THR WC 105 5.34 -136.76 45.27
C THR WC 105 4.33 -135.84 44.57
N LEU WC 106 4.71 -134.57 44.40
CA LEU WC 106 3.79 -133.64 43.75
C LEU WC 106 3.66 -133.93 42.27
N PHE WC 107 4.77 -134.11 41.58
CA PHE WC 107 4.79 -134.17 40.12
C PHE WC 107 4.76 -135.59 39.59
N ALA WC 108 5.73 -136.41 39.97
CA ALA WC 108 5.78 -137.78 39.48
C ALA WC 108 4.60 -138.60 40.00
N SER WC 109 4.28 -138.45 41.29
CA SER WC 109 3.19 -139.21 41.88
C SER WC 109 1.86 -138.49 41.75
N GLY WC 110 1.78 -137.27 42.25
CA GLY WC 110 0.57 -136.50 42.14
C GLY WC 110 0.39 -135.93 40.74
N ASN WC 111 -0.74 -135.25 40.56
CA ASN WC 111 -1.09 -134.63 39.28
C ASN WC 111 -0.76 -133.15 39.23
N ALA WC 112 0.31 -132.73 39.92
CA ALA WC 112 0.71 -131.32 39.85
C ALA WC 112 1.07 -130.91 38.44
N GLY WC 113 1.54 -131.85 37.61
CA GLY WC 113 1.83 -131.53 36.23
C GLY WC 113 0.59 -131.06 35.49
N LEU WC 114 -0.55 -131.67 35.76
CA LEU WC 114 -1.81 -131.22 35.17
C LEU WC 114 -2.20 -129.84 35.67
N GLY WC 115 -1.65 -129.40 36.79
CA GLY WC 115 -1.96 -128.09 37.34
C GLY WC 115 -2.70 -128.10 38.66
N PHE WC 116 -2.69 -129.20 39.39
CA PHE WC 116 -3.47 -129.33 40.61
C PHE WC 116 -2.53 -129.29 41.81
N LEU WC 117 -2.98 -128.65 42.89
CA LEU WC 117 -2.22 -128.57 44.12
C LEU WC 117 -2.91 -129.37 45.21
N ASP WC 118 -2.19 -130.31 45.81
CA ASP WC 118 -2.72 -131.08 46.92
C ASP WC 118 -2.09 -130.58 48.21
N PRO WC 119 -2.84 -129.90 49.08
CA PRO WC 119 -2.27 -129.46 50.35
C PRO WC 119 -2.12 -130.57 51.38
N THR WC 120 -2.43 -131.82 51.02
CA THR WC 120 -2.29 -132.95 51.93
C THR WC 120 -1.16 -133.87 51.53
N ALA WC 121 -0.31 -133.47 50.59
CA ALA WC 121 0.80 -134.31 50.18
C ALA WC 121 1.82 -134.43 51.29
N ALA WC 122 2.56 -135.53 51.27
CA ALA WC 122 3.59 -135.79 52.28
C ALA WC 122 4.90 -135.16 51.84
N ILE WC 123 5.37 -134.19 52.61
CA ILE WC 123 6.62 -133.49 52.35
C ILE WC 123 7.55 -133.75 53.52
N VAL WC 124 8.73 -134.30 53.24
CA VAL WC 124 9.68 -134.72 54.26
C VAL WC 124 10.97 -133.97 54.06
N SER WC 125 11.59 -133.56 55.17
CA SER WC 125 12.76 -132.69 55.11
C SER WC 125 14.05 -133.50 55.01
N SER WC 126 15.13 -132.79 54.71
CA SER WC 126 16.45 -133.41 54.69
C SER WC 126 16.87 -133.88 56.07
N ASP WC 127 16.40 -133.19 57.11
CA ASP WC 127 16.75 -133.56 58.48
C ASP WC 127 16.13 -134.91 58.83
N THR WC 128 16.90 -135.71 59.56
CA THR WC 128 16.51 -137.08 59.92
C THR WC 128 16.09 -137.11 61.38
N THR WC 129 14.93 -137.71 61.65
CA THR WC 129 14.43 -137.85 63.01
C THR WC 129 15.34 -138.73 63.85
N ALA XC 1 53.62 -136.85 48.84
CA ALA XC 1 52.40 -136.42 49.49
C ALA XC 1 52.21 -134.91 49.35
N ASN XC 2 51.34 -134.51 48.44
CA ASN XC 2 51.09 -133.10 48.21
C ASN XC 2 49.76 -132.94 47.48
N LYS XC 3 49.06 -131.86 47.81
CA LYS XC 3 47.75 -131.61 47.23
C LYS XC 3 47.87 -131.20 45.77
N PRO XC 4 47.24 -131.90 44.84
CA PRO XC 4 47.19 -131.42 43.45
C PRO XC 4 45.94 -130.59 43.19
N MET XC 5 46.03 -129.75 42.18
CA MET XC 5 44.91 -128.95 41.74
C MET XC 5 44.37 -129.45 40.42
N GLN XC 6 43.24 -128.89 40.03
CA GLN XC 6 42.64 -129.07 38.72
C GLN XC 6 42.42 -127.71 38.07
N PRO XC 7 42.42 -127.63 36.74
CA PRO XC 7 42.11 -126.36 36.08
C PRO XC 7 40.69 -125.93 36.39
N ILE XC 8 40.52 -124.62 36.53
CA ILE XC 8 39.21 -124.02 36.80
C ILE XC 8 38.72 -123.20 35.63
N THR XC 9 39.47 -122.15 35.27
CA THR XC 9 39.13 -121.28 34.17
C THR XC 9 40.14 -121.47 33.05
N SER XC 10 39.64 -121.79 31.86
CA SER XC 10 40.47 -121.93 30.68
C SER XC 10 40.14 -120.81 29.71
N THR XC 11 41.19 -120.18 29.16
CA THR XC 11 41.01 -119.04 28.30
C THR XC 11 42.13 -119.09 27.26
N ALA XC 12 42.05 -118.20 26.27
CA ALA XC 12 43.07 -118.16 25.22
C ALA XC 12 44.46 -117.93 25.79
N ASN XC 13 44.56 -117.21 26.90
CA ASN XC 13 45.87 -116.85 27.44
C ASN XC 13 46.01 -117.25 28.91
N LYS XC 14 44.93 -117.15 29.67
CA LYS XC 14 44.97 -117.34 31.11
C LYS XC 14 44.37 -118.69 31.48
N ILE XC 15 45.07 -119.40 32.36
CA ILE XC 15 44.58 -120.66 32.93
C ILE XC 15 44.94 -120.69 34.40
N VAL XC 16 44.01 -121.17 35.23
CA VAL XC 16 44.18 -121.15 36.67
C VAL XC 16 43.88 -122.54 37.23
N TRP XC 17 44.43 -122.81 38.41
CA TRP XC 17 44.16 -124.02 39.15
C TRP XC 17 43.71 -123.66 40.56
N SER XC 18 42.91 -124.54 41.15
CA SER XC 18 42.43 -124.33 42.51
C SER XC 18 42.26 -125.68 43.20
N ASP XC 19 42.64 -125.72 44.46
CA ASP XC 19 42.59 -126.96 45.22
C ASP XC 19 41.14 -127.35 45.52
N PRO XC 20 40.72 -128.58 45.23
CA PRO XC 20 39.33 -128.96 45.52
C PRO XC 20 38.99 -128.86 46.99
N THR XC 21 39.92 -129.21 47.88
CA THR XC 21 39.62 -129.14 49.31
C THR XC 21 39.55 -127.70 49.79
N ARG XC 22 40.48 -126.87 49.35
CA ARG XC 22 40.52 -125.45 49.70
C ARG XC 22 40.48 -124.64 48.41
N LEU XC 23 39.28 -124.17 48.04
CA LEU XC 23 39.16 -123.36 46.84
C LEU XC 23 39.87 -122.02 46.99
N SER XC 24 40.25 -121.65 48.21
CA SER XC 24 40.92 -120.38 48.43
C SER XC 24 42.26 -120.31 47.70
N THR XC 25 43.11 -121.31 47.92
CA THR XC 25 44.42 -121.30 47.29
C THR XC 25 44.29 -121.53 45.79
N THR XC 26 45.03 -120.73 45.01
CA THR XC 26 44.97 -120.80 43.56
C THR XC 26 46.38 -120.66 43.00
N PHE XC 27 46.49 -120.92 41.70
CA PHE XC 27 47.74 -120.70 40.98
C PHE XC 27 47.38 -120.34 39.54
N SER XC 28 47.61 -119.09 39.17
CA SER XC 28 47.30 -118.60 37.85
C SER XC 28 48.52 -118.69 36.94
N ALA XC 29 48.28 -118.64 35.64
CA ALA XC 29 49.34 -118.65 34.64
C ALA XC 29 48.78 -118.08 33.35
N SER XC 30 49.28 -116.91 32.94
CA SER XC 30 48.81 -116.23 31.75
C SER XC 30 50.00 -115.87 30.88
N LEU XC 31 49.85 -116.05 29.57
CA LEU XC 31 50.90 -115.76 28.61
C LEU XC 31 50.45 -114.64 27.68
N LEU XC 32 51.40 -113.79 27.32
CA LEU XC 32 51.16 -112.69 26.38
C LEU XC 32 52.26 -112.74 25.34
N ARG XC 33 51.95 -113.28 24.17
CA ARG XC 33 52.92 -113.43 23.09
C ARG XC 33 52.79 -112.27 22.12
N GLN XC 34 53.93 -111.84 21.57
CA GLN XC 34 53.97 -110.72 20.65
C GLN XC 34 55.22 -110.84 19.79
N ARG XC 35 55.15 -110.24 18.60
CA ARG XC 35 56.24 -110.29 17.63
C ARG XC 35 57.01 -108.98 17.69
N VAL XC 36 58.31 -109.07 17.91
CA VAL XC 36 59.16 -107.91 18.15
C VAL XC 36 60.24 -107.84 17.08
N LYS XC 37 60.40 -106.65 16.50
CA LYS XC 37 61.48 -106.37 15.55
C LYS XC 37 62.60 -105.69 16.33
N VAL XC 38 63.46 -106.48 16.97
CA VAL XC 38 64.55 -105.92 17.77
C VAL XC 38 65.52 -105.14 16.88
N GLY XC 39 65.88 -105.71 15.75
CA GLY XC 39 66.63 -105.02 14.72
C GLY XC 39 66.96 -105.96 13.59
N ILE XC 40 66.68 -105.54 12.36
CA ILE XC 40 66.82 -106.32 11.13
C ILE XC 40 66.52 -107.80 11.38
N ALA XC 41 65.57 -108.07 12.28
CA ALA XC 41 65.22 -109.43 12.64
C ALA XC 41 63.91 -109.41 13.41
N GLU XC 42 63.09 -110.43 13.17
CA GLU XC 42 61.82 -110.60 13.84
C GLU XC 42 61.95 -111.61 14.96
N LEU XC 43 61.52 -111.22 16.15
CA LEU XC 43 61.62 -112.07 17.33
C LEU XC 43 60.26 -112.19 17.98
N ASN XC 44 59.96 -113.38 18.49
CA ASN XC 44 58.69 -113.66 19.16
C ASN XC 44 58.90 -113.50 20.66
N ASN XC 45 58.30 -112.46 21.24
CA ASN XC 45 58.41 -112.18 22.65
C ASN XC 45 57.24 -112.83 23.38
N VAL XC 46 57.56 -113.62 24.41
CA VAL XC 46 56.55 -114.29 25.22
C VAL XC 46 56.74 -113.81 26.65
N SER XC 47 55.74 -113.14 27.19
CA SER XC 47 55.78 -112.63 28.56
C SER XC 47 54.82 -113.44 29.40
N GLY XC 48 55.35 -114.41 30.14
CA GLY XC 48 54.55 -115.27 30.99
C GLY XC 48 54.41 -114.71 32.39
N GLN XC 49 53.21 -114.80 32.93
CA GLN XC 49 52.90 -114.29 34.26
C GLN XC 49 52.32 -115.41 35.10
N TYR XC 50 52.94 -115.69 36.24
CA TYR XC 50 52.51 -116.76 37.12
C TYR XC 50 52.26 -116.19 38.51
N VAL XC 51 51.06 -116.44 39.04
CA VAL XC 51 50.64 -115.91 40.32
C VAL XC 51 50.20 -117.08 41.20
N SER XC 52 50.78 -117.18 42.38
CA SER XC 52 50.38 -118.15 43.38
C SER XC 52 49.80 -117.41 44.58
N VAL XC 53 48.58 -117.76 44.97
CA VAL XC 53 47.85 -117.06 46.01
C VAL XC 53 47.41 -118.05 47.06
N TYR XC 54 47.65 -117.70 48.32
CA TYR XC 54 47.20 -118.50 49.45
C TYR XC 54 46.67 -117.56 50.54
N LYS XC 55 45.49 -117.88 51.05
CA LYS XC 55 44.90 -117.16 52.16
C LYS XC 55 45.16 -117.97 53.43
N ARG XC 56 46.06 -117.49 54.27
CA ARG XC 56 46.44 -118.20 55.47
C ARG XC 56 45.87 -117.49 56.68
N PRO XC 57 45.39 -118.21 57.69
CA PRO XC 57 44.91 -117.55 58.90
C PRO XC 57 46.06 -116.85 59.62
N ALA XC 58 45.71 -115.81 60.37
CA ALA XC 58 46.72 -115.08 61.13
C ALA XC 58 47.37 -116.02 62.15
N PRO XC 59 48.63 -115.78 62.50
CA PRO XC 59 49.35 -116.73 63.36
C PRO XC 59 48.66 -116.94 64.69
N LYS XC 60 48.64 -118.19 65.15
CA LYS XC 60 48.02 -118.51 66.41
C LYS XC 60 48.78 -117.85 67.55
N PRO XC 61 48.07 -117.31 68.53
CA PRO XC 61 48.74 -116.68 69.67
C PRO XC 61 49.64 -117.66 70.43
N GLU XC 62 50.47 -117.08 71.30
CA GLU XC 62 51.55 -117.79 71.96
C GLU XC 62 51.13 -119.11 72.59
N GLY XC 63 51.65 -120.21 72.03
CA GLY XC 63 51.53 -121.55 72.60
C GLY XC 63 50.19 -121.95 73.17
N CYS XC 64 49.11 -121.71 72.43
CA CYS XC 64 47.78 -122.15 72.85
C CYS XC 64 47.09 -122.86 71.69
N ALA XC 65 47.35 -124.16 71.54
CA ALA XC 65 46.54 -124.97 70.64
C ALA XC 65 45.11 -125.02 71.14
N ASP XC 66 44.90 -125.67 72.29
CA ASP XC 66 43.68 -125.57 73.11
C ASP XC 66 42.47 -125.84 72.23
N ALA XC 67 41.71 -124.82 71.83
CA ALA XC 67 40.41 -125.04 71.22
C ALA XC 67 40.20 -124.13 70.01
N CYS XC 68 38.96 -124.00 69.61
CA CYS XC 68 38.59 -123.45 68.30
C CYS XC 68 38.65 -121.93 68.35
N VAL XC 69 39.83 -121.38 68.04
CA VAL XC 69 39.97 -119.94 67.88
C VAL XC 69 40.31 -119.67 66.43
N ILE XC 70 39.49 -118.87 65.76
CA ILE XC 70 39.65 -118.64 64.33
C ILE XC 70 40.05 -117.18 64.12
N MET XC 71 41.18 -116.97 63.49
CA MET XC 71 41.66 -115.64 63.18
C MET XC 71 41.48 -115.35 61.70
N PRO XC 72 41.29 -114.08 61.34
CA PRO XC 72 41.03 -113.76 59.94
C PRO XC 72 42.21 -114.14 59.04
N ASN XC 73 41.88 -114.54 57.83
CA ASN XC 73 42.88 -114.94 56.87
C ASN XC 73 43.62 -113.72 56.33
N GLU XC 74 44.77 -113.96 55.72
CA GLU XC 74 45.60 -112.87 55.22
C GLU XC 74 46.30 -113.32 53.96
N ASN XC 75 46.63 -112.35 53.11
CA ASN XC 75 47.13 -112.63 51.77
C ASN XC 75 48.56 -113.13 51.80
N GLN XC 76 48.84 -114.15 51.00
CA GLN XC 76 50.20 -114.63 50.77
C GLN XC 76 50.32 -114.90 49.28
N SER XC 77 50.74 -113.89 48.53
CA SER XC 77 50.76 -113.95 47.07
C SER XC 77 52.20 -113.90 46.57
N ILE XC 78 52.51 -114.78 45.62
CA ILE XC 78 53.79 -114.79 44.95
C ILE XC 78 53.52 -114.59 43.47
N ARG XC 79 54.06 -113.52 42.90
CA ARG XC 79 53.85 -113.18 41.50
C ARG XC 79 55.18 -113.20 40.78
N THR XC 80 55.22 -113.82 39.61
CA THR XC 80 56.43 -113.91 38.81
C THR XC 80 56.09 -113.66 37.35
N VAL XC 81 56.91 -112.86 36.68
CA VAL XC 81 56.75 -112.58 35.27
C VAL XC 81 58.06 -112.90 34.56
N ILE XC 82 57.97 -113.60 33.43
CA ILE XC 82 59.13 -113.99 32.65
C ILE XC 82 58.97 -113.39 31.25
N SER XC 83 59.94 -112.59 30.84
CA SER XC 83 59.90 -111.93 29.53
C SER XC 83 61.15 -112.28 28.74
N GLY XC 84 60.98 -112.51 27.45
CA GLY XC 84 62.10 -112.79 26.59
C GLY XC 84 61.63 -113.38 25.27
N SER XC 85 62.59 -113.54 24.37
CA SER XC 85 62.33 -114.11 23.06
C SER XC 85 62.36 -115.63 23.13
N ALA XC 86 61.39 -116.26 22.46
CA ALA XC 86 61.33 -117.71 22.46
C ALA XC 86 62.57 -118.31 21.80
N GLU XC 87 63.12 -117.61 20.81
CA GLU XC 87 64.33 -118.08 20.15
C GLU XC 87 65.51 -118.14 21.10
N ASN XC 88 65.50 -117.34 22.16
CA ASN XC 88 66.54 -117.33 23.17
C ASN XC 88 66.15 -118.10 24.42
N LEU XC 89 65.06 -118.88 24.36
CA LEU XC 89 64.59 -119.59 25.54
C LEU XC 89 65.63 -120.57 26.06
N ALA XC 90 66.47 -121.10 25.18
CA ALA XC 90 67.47 -122.08 25.62
C ALA XC 90 68.36 -121.50 26.70
N THR XC 91 68.87 -120.29 26.48
CA THR XC 91 69.67 -119.63 27.51
C THR XC 91 68.81 -118.94 28.56
N LEU XC 92 67.58 -118.58 28.21
CA LEU XC 92 66.73 -117.87 29.17
C LEU XC 92 66.41 -118.74 30.38
N LYS XC 93 66.36 -120.05 30.20
CA LYS XC 93 66.14 -120.95 31.32
C LYS XC 93 67.30 -120.87 32.31
N ALA XC 94 68.49 -120.52 31.82
CA ALA XC 94 69.68 -120.58 32.66
C ALA XC 94 69.62 -119.57 33.79
N GLU XC 95 69.33 -118.31 33.48
CA GLU XC 95 69.33 -117.30 34.54
C GLU XC 95 68.15 -117.50 35.47
N TRP XC 96 67.06 -118.09 34.97
CA TRP XC 96 65.94 -118.41 35.84
C TRP XC 96 66.39 -119.31 36.98
N GLU XC 97 67.29 -120.26 36.70
CA GLU XC 97 67.87 -121.06 37.76
C GLU XC 97 68.69 -120.19 38.71
N THR XC 98 69.51 -119.29 38.17
CA THR XC 98 70.28 -118.39 39.02
C THR XC 98 69.37 -117.40 39.73
N HIS XC 99 68.35 -116.91 39.03
CA HIS XC 99 67.39 -116.03 39.68
C HIS XC 99 66.74 -116.70 40.87
N LYS XC 100 66.48 -118.01 40.76
CA LYS XC 100 66.02 -118.77 41.92
C LYS XC 100 67.09 -118.77 43.01
N ARG XC 101 68.34 -119.01 42.62
CA ARG XC 101 69.42 -119.04 43.61
C ARG XC 101 69.61 -117.69 44.27
N ASN XC 102 69.59 -116.61 43.48
CA ASN XC 102 69.86 -115.29 44.03
C ASN XC 102 68.83 -114.90 45.06
N VAL XC 103 67.55 -115.08 44.75
CA VAL XC 103 66.52 -114.73 45.72
C VAL XC 103 66.54 -115.69 46.91
N ASP XC 104 66.93 -116.94 46.69
CA ASP XC 104 67.01 -117.88 47.79
C ASP XC 104 68.03 -117.43 48.83
N THR XC 105 69.17 -116.91 48.38
CA THR XC 105 70.16 -116.39 49.32
C THR XC 105 69.59 -115.22 50.12
N LEU XC 106 68.89 -114.31 49.45
CA LEU XC 106 68.32 -113.16 50.14
C LEU XC 106 67.14 -113.57 51.00
N PHE XC 107 66.24 -114.39 50.46
CA PHE XC 107 64.96 -114.67 51.10
C PHE XC 107 64.94 -115.99 51.86
N ALA XC 108 65.25 -117.09 51.17
CA ALA XC 108 65.14 -118.40 51.81
C ALA XC 108 66.13 -118.55 52.95
N SER XC 109 67.38 -118.12 52.74
CA SER XC 109 68.38 -118.20 53.79
C SER XC 109 68.48 -116.90 54.58
N GLY XC 110 68.65 -115.78 53.89
CA GLY XC 110 68.71 -114.50 54.56
C GLY XC 110 67.37 -114.09 55.12
N ASN XC 111 67.40 -113.03 55.93
CA ASN XC 111 66.20 -112.53 56.61
C ASN XC 111 65.54 -111.40 55.85
N ALA XC 112 65.64 -111.38 54.52
CA ALA XC 112 64.97 -110.34 53.75
C ALA XC 112 63.46 -110.43 53.89
N GLY XC 113 62.93 -111.59 54.26
CA GLY XC 113 61.50 -111.71 54.46
C GLY XC 113 61.00 -110.81 55.58
N LEU XC 114 61.76 -110.73 56.68
CA LEU XC 114 61.37 -109.86 57.78
C LEU XC 114 61.40 -108.40 57.36
N GLY XC 115 62.40 -108.00 56.58
CA GLY XC 115 62.50 -106.63 56.13
C GLY XC 115 63.92 -106.09 56.15
N PHE XC 116 64.83 -106.87 56.72
CA PHE XC 116 66.23 -106.48 56.78
C PHE XC 116 66.90 -106.78 55.44
N LEU XC 117 67.66 -105.81 54.93
CA LEU XC 117 68.44 -106.03 53.73
C LEU XC 117 69.90 -106.29 54.08
N ASP XC 118 70.55 -107.14 53.29
CA ASP XC 118 71.94 -107.52 53.52
C ASP XC 118 72.79 -107.10 52.35
N PRO XC 119 73.53 -105.99 52.45
CA PRO XC 119 74.36 -105.56 51.32
C PRO XC 119 75.50 -106.51 51.00
N THR XC 120 75.85 -107.41 51.91
CA THR XC 120 76.98 -108.32 51.71
C THR XC 120 76.53 -109.71 51.29
N ALA XC 121 75.32 -109.84 50.75
CA ALA XC 121 74.85 -111.13 50.28
C ALA XC 121 75.65 -111.58 49.05
N ALA XC 122 75.84 -112.90 48.94
CA ALA XC 122 76.64 -113.48 47.85
C ALA XC 122 75.73 -113.75 46.66
N ILE XC 123 75.54 -112.72 45.85
CA ILE XC 123 74.75 -112.85 44.64
C ILE XC 123 75.63 -113.38 43.52
N VAL XC 124 75.08 -114.26 42.70
CA VAL XC 124 75.85 -115.02 41.72
C VAL XC 124 75.21 -114.83 40.35
N SER XC 125 76.03 -114.52 39.35
CA SER XC 125 75.52 -114.17 38.03
C SER XC 125 75.18 -115.43 37.23
N SER XC 126 74.45 -115.20 36.13
CA SER XC 126 73.97 -116.32 35.32
C SER XC 126 75.11 -117.02 34.59
N ASP XC 127 75.98 -116.25 33.95
CA ASP XC 127 77.05 -116.86 33.16
C ASP XC 127 78.05 -117.56 34.07
N THR XC 128 78.83 -118.46 33.47
CA THR XC 128 79.76 -119.30 34.22
C THR XC 128 81.18 -119.08 33.70
N THR XC 129 82.15 -119.34 34.56
CA THR XC 129 83.56 -119.17 34.21
C THR XC 129 83.97 -120.17 33.12
N ALA YC 1 57.48 -139.55 10.61
CA ALA YC 1 57.02 -138.90 11.84
C ALA YC 1 56.83 -137.41 11.62
N ASN YC 2 55.67 -136.90 12.03
CA ASN YC 2 55.34 -135.50 11.85
C ASN YC 2 55.30 -134.80 13.20
N LYS YC 3 55.77 -133.57 13.23
CA LYS YC 3 55.79 -132.82 14.48
C LYS YC 3 54.38 -132.45 14.89
N PRO YC 4 53.91 -132.86 16.06
CA PRO YC 4 52.58 -132.46 16.51
C PRO YC 4 52.57 -130.99 16.92
N MET YC 5 51.37 -130.40 16.88
CA MET YC 5 51.18 -129.02 17.32
C MET YC 5 50.26 -128.99 18.54
N GLN YC 6 50.53 -128.06 19.42
CA GLN YC 6 49.65 -127.82 20.55
C GLN YC 6 48.86 -126.56 20.33
N PRO YC 7 47.63 -126.51 20.85
CA PRO YC 7 46.80 -125.31 20.65
C PRO YC 7 47.42 -124.08 21.29
N ILE YC 8 47.26 -122.95 20.62
CA ILE YC 8 47.69 -121.66 21.14
C ILE YC 8 46.53 -120.91 21.76
N THR YC 9 45.45 -120.72 21.00
CA THR YC 9 44.24 -120.09 21.50
C THR YC 9 43.11 -121.11 21.47
N SER YC 10 42.27 -121.06 22.50
CA SER YC 10 41.12 -121.94 22.60
C SER YC 10 39.87 -121.11 22.81
N THR YC 11 38.79 -121.48 22.12
CA THR YC 11 37.55 -120.74 22.19
C THR YC 11 36.44 -121.71 21.81
N ALA YC 12 35.21 -121.35 22.19
CA ALA YC 12 34.06 -122.21 21.89
C ALA YC 12 33.86 -122.43 20.40
N ASN YC 13 34.43 -121.56 19.56
CA ASN YC 13 34.26 -121.69 18.12
C ASN YC 13 35.53 -121.53 17.31
N LYS YC 14 36.69 -121.38 17.94
CA LYS YC 14 37.94 -121.22 17.20
C LYS YC 14 39.10 -121.79 18.00
N ILE YC 15 39.93 -122.58 17.33
CA ILE YC 15 41.13 -123.14 17.93
C ILE YC 15 42.26 -123.05 16.91
N VAL YC 16 43.44 -122.64 17.39
CA VAL YC 16 44.61 -122.50 16.54
C VAL YC 16 45.75 -123.32 17.13
N TRP YC 17 46.35 -124.18 16.30
CA TRP YC 17 47.53 -124.93 16.67
C TRP YC 17 48.76 -124.29 16.06
N SER YC 18 49.91 -124.47 16.71
CA SER YC 18 51.18 -124.01 16.19
C SER YC 18 52.26 -124.99 16.59
N ASP YC 19 53.28 -125.08 15.76
CA ASP YC 19 54.40 -125.98 16.04
C ASP YC 19 55.34 -125.36 17.05
N PRO YC 20 55.66 -126.04 18.16
CA PRO YC 20 56.62 -125.46 19.11
C PRO YC 20 57.98 -125.20 18.50
N THR YC 21 58.48 -126.10 17.65
CA THR YC 21 59.80 -125.91 17.07
C THR YC 21 59.80 -124.73 16.11
N ARG YC 22 58.73 -124.56 15.34
CA ARG YC 22 58.59 -123.47 14.39
C ARG YC 22 57.25 -122.79 14.66
N LEU YC 23 57.29 -121.65 15.35
CA LEU YC 23 56.08 -120.92 15.69
C LEU YC 23 55.41 -120.34 14.46
N SER YC 24 56.08 -120.33 13.32
CA SER YC 24 55.57 -119.72 12.11
C SER YC 24 54.37 -120.48 11.53
N THR YC 25 54.49 -121.80 11.40
CA THR YC 25 53.41 -122.57 10.82
C THR YC 25 52.24 -122.69 11.80
N THR YC 26 51.02 -122.65 11.26
CA THR YC 26 49.82 -122.69 12.08
C THR YC 26 48.78 -123.58 11.42
N PHE YC 27 47.73 -123.87 12.17
CA PHE YC 27 46.57 -124.57 11.63
C PHE YC 27 45.37 -124.19 12.50
N SER YC 28 44.38 -123.54 11.91
CA SER YC 28 43.25 -123.01 12.65
C SER YC 28 41.96 -123.59 12.11
N ALA YC 29 41.04 -123.91 13.02
CA ALA YC 29 39.72 -124.42 12.67
C ALA YC 29 38.66 -123.54 13.33
N SER YC 30 37.75 -123.01 12.52
CA SER YC 30 36.66 -122.19 13.01
C SER YC 30 35.34 -122.69 12.47
N LEU YC 31 34.33 -122.67 13.33
CA LEU YC 31 32.99 -123.14 13.00
C LEU YC 31 31.96 -122.07 13.29
N LEU YC 32 30.86 -122.13 12.55
CA LEU YC 32 29.71 -121.25 12.74
C LEU YC 32 28.46 -122.08 12.56
N ARG YC 33 27.71 -122.28 13.65
CA ARG YC 33 26.48 -123.05 13.64
C ARG YC 33 25.30 -122.10 13.58
N GLN YC 34 24.36 -122.39 12.68
CA GLN YC 34 23.30 -121.44 12.39
C GLN YC 34 22.00 -122.17 12.11
N ARG YC 35 20.89 -121.48 12.34
CA ARG YC 35 19.56 -122.01 12.09
C ARG YC 35 19.17 -121.76 10.64
N VAL YC 36 18.74 -122.81 9.95
CA VAL YC 36 18.32 -122.71 8.56
C VAL YC 36 16.92 -123.32 8.43
N LYS YC 37 16.01 -122.56 7.83
CA LYS YC 37 14.61 -122.95 7.69
C LYS YC 37 14.35 -123.18 6.21
N VAL YC 38 14.32 -124.44 5.78
CA VAL YC 38 14.15 -124.75 4.37
C VAL YC 38 12.93 -125.62 4.14
N GLY YC 39 12.90 -126.82 4.73
CA GLY YC 39 11.81 -127.75 4.49
C GLY YC 39 10.70 -127.64 5.50
N ILE YC 40 10.14 -126.43 5.63
CA ILE YC 40 9.15 -126.06 6.64
C ILE YC 40 9.49 -126.68 7.98
N ALA YC 41 10.78 -126.90 8.21
CA ALA YC 41 11.28 -127.55 9.42
C ALA YC 41 12.69 -127.05 9.68
N GLU YC 42 13.08 -127.02 10.95
CA GLU YC 42 14.43 -126.61 11.29
C GLU YC 42 15.45 -127.63 10.82
N LEU YC 43 16.57 -127.13 10.28
CA LEU YC 43 17.73 -127.95 9.97
C LEU YC 43 18.94 -127.38 10.69
N ASN YC 44 19.77 -128.26 11.23
CA ASN YC 44 20.98 -127.84 11.92
C ASN YC 44 22.11 -127.68 10.91
N ASN YC 45 22.63 -126.46 10.76
CA ASN YC 45 23.64 -126.16 9.77
C ASN YC 45 24.91 -125.70 10.45
N VAL YC 46 26.05 -126.15 9.93
CA VAL YC 46 27.36 -125.81 10.44
C VAL YC 46 28.22 -125.33 9.28
N SER YC 47 29.25 -124.55 9.58
CA SER YC 47 30.21 -124.09 8.59
C SER YC 47 31.60 -124.14 9.19
N GLY YC 48 32.36 -125.19 8.86
CA GLY YC 48 33.68 -125.35 9.41
C GLY YC 48 34.78 -124.84 8.50
N GLN YC 49 35.51 -123.83 8.95
CA GLN YC 49 36.57 -123.19 8.17
C GLN YC 49 37.91 -123.64 8.71
N TYR YC 50 38.69 -124.32 7.88
CA TYR YC 50 39.99 -124.84 8.27
C TYR YC 50 41.07 -124.18 7.42
N VAL YC 51 42.09 -123.65 8.08
CA VAL YC 51 43.16 -122.92 7.42
C VAL YC 51 44.49 -123.52 7.85
N SER YC 52 45.36 -123.80 6.89
CA SER YC 52 46.72 -124.24 7.14
C SER YC 52 47.67 -123.23 6.53
N VAL YC 53 48.62 -122.74 7.33
CA VAL YC 53 49.54 -121.69 6.90
C VAL YC 53 50.96 -122.15 7.17
N TYR YC 54 51.82 -122.02 6.17
CA TYR YC 54 53.24 -122.27 6.32
C TYR YC 54 54.01 -121.18 5.60
N LYS YC 55 55.09 -120.72 6.23
CA LYS YC 55 55.96 -119.72 5.65
C LYS YC 55 57.21 -120.41 5.13
N ARG YC 56 57.36 -120.44 3.81
CA ARG YC 56 58.49 -121.12 3.20
C ARG YC 56 59.41 -120.13 2.53
N PRO YC 57 60.71 -120.20 2.81
CA PRO YC 57 61.66 -119.26 2.20
C PRO YC 57 61.77 -119.48 0.70
N ALA YC 58 62.08 -118.40 0.00
CA ALA YC 58 62.24 -118.47 -1.45
C ALA YC 58 63.39 -119.42 -1.79
N PRO YC 59 63.31 -120.14 -2.90
CA PRO YC 59 64.36 -121.11 -3.23
C PRO YC 59 65.71 -120.46 -3.41
N LYS YC 60 66.76 -121.12 -2.92
CA LYS YC 60 68.10 -120.58 -3.00
C LYS YC 60 68.57 -120.57 -4.45
N PRO YC 61 69.01 -119.42 -4.96
CA PRO YC 61 69.35 -119.34 -6.39
C PRO YC 61 70.64 -120.07 -6.70
N GLU YC 62 70.66 -120.74 -7.86
CA GLU YC 62 71.85 -121.25 -8.53
C GLU YC 62 72.67 -122.21 -7.67
N GLY YC 63 72.21 -122.48 -6.45
CA GLY YC 63 72.94 -123.37 -5.57
C GLY YC 63 73.90 -122.65 -4.63
N CYS YC 64 73.48 -121.55 -4.02
CA CYS YC 64 74.31 -120.89 -3.03
C CYS YC 64 74.53 -121.79 -1.83
N ALA YC 65 75.80 -121.98 -1.48
CA ALA YC 65 76.10 -122.59 -0.19
C ALA YC 65 76.08 -121.51 0.89
N ASP YC 66 77.02 -120.58 0.80
CA ASP YC 66 77.22 -119.48 1.74
C ASP YC 66 77.13 -120.04 3.16
N ALA YC 67 76.70 -119.23 4.13
CA ALA YC 67 76.31 -119.80 5.41
C ALA YC 67 74.97 -119.25 5.88
N CYS YC 68 74.72 -117.96 5.69
CA CYS YC 68 73.54 -117.35 6.27
C CYS YC 68 72.85 -116.33 5.38
N VAL YC 69 72.86 -116.51 4.06
CA VAL YC 69 71.94 -115.76 3.22
C VAL YC 69 70.51 -116.17 3.58
N ILE YC 70 69.65 -115.17 3.78
CA ILE YC 70 68.31 -115.39 4.29
C ILE YC 70 67.32 -114.86 3.27
N MET YC 71 66.80 -115.74 2.43
CA MET YC 71 65.75 -115.35 1.50
C MET YC 71 64.45 -115.15 2.25
N PRO YC 72 63.69 -114.11 1.93
CA PRO YC 72 62.38 -113.91 2.57
C PRO YC 72 61.43 -115.06 2.25
N ASN YC 73 60.54 -115.32 3.20
CA ASN YC 73 59.64 -116.46 3.11
C ASN YC 73 58.24 -116.03 2.69
N GLU YC 74 57.61 -116.87 1.86
CA GLU YC 74 56.35 -116.57 1.22
C GLU YC 74 55.24 -117.42 1.86
N ASN YC 75 53.99 -117.13 1.51
CA ASN YC 75 52.82 -117.73 2.14
C ASN YC 75 52.38 -118.96 1.37
N GLN YC 76 52.30 -120.09 2.06
CA GLN YC 76 51.70 -121.31 1.54
C GLN YC 76 50.45 -121.57 2.37
N SER YC 77 49.31 -121.06 1.91
CA SER YC 77 48.06 -121.14 2.66
C SER YC 77 47.11 -122.10 1.99
N ILE YC 78 46.31 -122.80 2.80
CA ILE YC 78 45.31 -123.74 2.33
C ILE YC 78 44.07 -123.56 3.20
N ARG YC 79 43.00 -123.05 2.61
CA ARG YC 79 41.75 -122.83 3.33
C ARG YC 79 40.70 -123.81 2.82
N THR YC 80 39.81 -124.23 3.72
CA THR YC 80 38.74 -125.16 3.37
C THR YC 80 37.53 -124.83 4.23
N VAL YC 81 36.37 -124.71 3.60
CA VAL YC 81 35.12 -124.46 4.31
C VAL YC 81 34.18 -125.62 4.00
N ILE YC 82 33.51 -126.12 5.03
CA ILE YC 82 32.57 -127.22 4.91
C ILE YC 82 31.23 -126.72 5.42
N SER YC 83 30.29 -126.49 4.50
CA SER YC 83 28.97 -126.01 4.85
C SER YC 83 27.94 -127.08 4.50
N GLY YC 84 27.09 -127.42 5.45
CA GLY YC 84 26.06 -128.42 5.22
C GLY YC 84 25.25 -128.65 6.48
N SER YC 85 24.22 -129.48 6.32
CA SER YC 85 23.35 -129.81 7.43
C SER YC 85 23.97 -130.92 8.26
N ALA YC 86 23.90 -130.79 9.58
CA ALA YC 86 24.39 -131.83 10.46
C ALA YC 86 23.58 -133.11 10.35
N GLU YC 87 22.32 -133.02 9.94
CA GLU YC 87 21.50 -134.22 9.78
C GLU YC 87 22.03 -135.12 8.67
N ASN YC 88 22.44 -134.52 7.55
CA ASN YC 88 23.00 -135.25 6.42
C ASN YC 88 24.50 -135.46 6.53
N LEU YC 89 25.04 -135.47 7.76
CA LEU YC 89 26.47 -135.53 7.95
C LEU YC 89 27.07 -136.80 7.37
N ALA YC 90 26.40 -137.93 7.54
CA ALA YC 90 26.97 -139.20 7.09
C ALA YC 90 27.25 -139.18 5.60
N THR YC 91 26.30 -138.66 4.82
CA THR YC 91 26.51 -138.55 3.38
C THR YC 91 27.49 -137.44 3.04
N LEU YC 92 27.46 -136.34 3.78
CA LEU YC 92 28.35 -135.22 3.48
C LEU YC 92 29.81 -135.62 3.66
N LYS YC 93 30.09 -136.61 4.51
CA LYS YC 93 31.44 -137.12 4.60
C LYS YC 93 31.89 -137.71 3.27
N ALA YC 94 30.99 -138.42 2.58
CA ALA YC 94 31.32 -138.94 1.26
C ALA YC 94 31.61 -137.81 0.29
N GLU YC 95 30.95 -136.67 0.46
CA GLU YC 95 31.26 -135.51 -0.36
C GLU YC 95 32.70 -135.07 -0.15
N TRP YC 96 33.15 -135.08 1.11
CA TRP YC 96 34.53 -134.71 1.41
C TRP YC 96 35.50 -135.68 0.76
N GLU YC 97 35.17 -136.96 0.75
CA GLU YC 97 36.07 -137.95 0.15
C GLU YC 97 36.27 -137.69 -1.34
N THR YC 98 35.16 -137.50 -2.07
CA THR YC 98 35.26 -137.26 -3.50
C THR YC 98 35.92 -135.91 -3.79
N HIS YC 99 35.59 -134.89 -2.99
CA HIS YC 99 36.22 -133.59 -3.19
C HIS YC 99 37.73 -133.69 -3.02
N LYS YC 100 38.18 -134.50 -2.07
CA LYS YC 100 39.60 -134.81 -1.97
C LYS YC 100 40.09 -135.51 -3.23
N ARG YC 101 39.29 -136.46 -3.72
CA ARG YC 101 39.72 -137.24 -4.88
C ARG YC 101 39.76 -136.38 -6.13
N ASN YC 102 38.78 -135.49 -6.29
CA ASN YC 102 38.74 -134.64 -7.47
C ASN YC 102 39.88 -133.64 -7.49
N VAL YC 103 40.15 -133.01 -6.34
CA VAL YC 103 41.25 -132.05 -6.28
C VAL YC 103 42.58 -132.74 -6.51
N ASP YC 104 42.72 -133.97 -6.02
CA ASP YC 104 43.98 -134.69 -6.19
C ASP YC 104 44.30 -134.91 -7.66
N THR YC 105 43.28 -135.28 -8.45
CA THR YC 105 43.54 -135.58 -9.85
C THR YC 105 43.84 -134.32 -10.65
N LEU YC 106 43.52 -133.15 -10.09
CA LEU YC 106 43.90 -131.90 -10.75
C LEU YC 106 45.19 -131.34 -10.19
N PHE YC 107 45.34 -131.36 -8.87
CA PHE YC 107 46.47 -130.69 -8.23
C PHE YC 107 47.62 -131.67 -7.98
N ALA YC 108 47.38 -132.71 -7.20
CA ALA YC 108 48.44 -133.66 -6.86
C ALA YC 108 48.94 -134.38 -8.10
N SER YC 109 48.08 -135.22 -8.70
CA SER YC 109 48.48 -135.96 -9.89
C SER YC 109 48.60 -135.06 -11.11
N GLY YC 110 47.70 -134.10 -11.27
CA GLY YC 110 47.74 -133.20 -12.40
C GLY YC 110 48.74 -132.08 -12.19
N ASN YC 111 48.60 -131.04 -13.00
CA ASN YC 111 49.52 -129.90 -12.97
C ASN YC 111 48.77 -128.59 -12.78
N ALA YC 112 47.67 -128.60 -12.03
CA ALA YC 112 46.95 -127.36 -11.78
C ALA YC 112 47.80 -126.39 -10.98
N GLY YC 113 48.75 -126.88 -10.20
CA GLY YC 113 49.58 -126.00 -9.41
C GLY YC 113 50.36 -125.02 -10.25
N LEU YC 114 50.88 -125.48 -11.40
CA LEU YC 114 51.59 -124.58 -12.29
C LEU YC 114 50.68 -123.51 -12.86
N GLY YC 115 49.41 -123.84 -13.06
CA GLY YC 115 48.47 -122.88 -13.60
C GLY YC 115 47.79 -123.38 -14.85
N PHE YC 116 47.86 -124.68 -15.10
CA PHE YC 116 47.24 -125.30 -16.26
C PHE YC 116 45.99 -126.05 -15.82
N LEU YC 117 44.92 -125.89 -16.59
CA LEU YC 117 43.66 -126.58 -16.34
C LEU YC 117 43.48 -127.61 -17.44
N ASP YC 118 43.31 -128.87 -17.05
CA ASP YC 118 43.14 -129.90 -18.06
C ASP YC 118 41.66 -130.17 -18.27
N PRO YC 119 41.10 -129.78 -19.41
CA PRO YC 119 39.66 -130.00 -19.64
C PRO YC 119 39.28 -131.46 -19.75
N THR YC 120 40.24 -132.35 -20.03
CA THR YC 120 39.95 -133.77 -20.18
C THR YC 120 40.28 -134.56 -18.92
N ALA YC 121 40.59 -133.89 -17.82
CA ALA YC 121 40.88 -134.60 -16.58
C ALA YC 121 39.65 -135.36 -16.11
N ALA YC 122 39.88 -136.56 -15.59
CA ALA YC 122 38.80 -137.46 -15.19
C ALA YC 122 38.44 -137.19 -13.73
N ILE YC 123 37.22 -136.73 -13.50
CA ILE YC 123 36.72 -136.48 -12.16
C ILE YC 123 35.38 -137.20 -12.01
N VAL YC 124 35.08 -137.60 -10.78
CA VAL YC 124 33.90 -138.41 -10.50
C VAL YC 124 33.10 -137.77 -9.37
N SER YC 125 31.83 -138.16 -9.28
CA SER YC 125 30.91 -137.59 -8.32
C SER YC 125 30.85 -138.45 -7.05
N SER YC 126 30.02 -137.99 -6.10
CA SER YC 126 29.87 -138.73 -4.86
C SER YC 126 29.06 -140.00 -5.06
N ASP YC 127 27.98 -139.92 -5.84
CA ASP YC 127 27.10 -141.05 -6.02
C ASP YC 127 27.80 -142.17 -6.80
N THR YC 128 27.26 -143.37 -6.67
CA THR YC 128 27.83 -144.58 -7.24
C THR YC 128 26.85 -145.19 -8.22
N THR YC 129 27.38 -145.77 -9.30
CA THR YC 129 26.57 -146.44 -10.30
C THR YC 129 25.72 -147.55 -9.68
N ALA ZC 1 27.39 45.82 -135.96
CA ALA ZC 1 26.79 47.01 -135.36
C ALA ZC 1 25.84 46.64 -134.24
N ASN ZC 2 26.36 46.52 -133.03
CA ASN ZC 2 25.58 46.18 -131.86
C ASN ZC 2 25.85 47.20 -130.76
N LYS ZC 3 24.88 47.34 -129.87
CA LYS ZC 3 24.98 48.35 -128.82
C LYS ZC 3 26.07 47.97 -127.83
N PRO ZC 4 27.11 48.79 -127.67
CA PRO ZC 4 28.14 48.48 -126.67
C PRO ZC 4 27.65 48.77 -125.26
N MET ZC 5 28.25 48.08 -124.30
CA MET ZC 5 28.00 48.35 -122.89
C MET ZC 5 29.09 49.27 -122.35
N GLN ZC 6 28.97 49.59 -121.07
CA GLN ZC 6 29.92 50.39 -120.33
C GLN ZC 6 30.09 49.81 -118.95
N PRO ZC 7 31.25 50.00 -118.32
CA PRO ZC 7 31.48 49.41 -117.00
C PRO ZC 7 30.47 49.92 -115.98
N ILE ZC 8 30.06 49.02 -115.09
CA ILE ZC 8 29.17 49.36 -114.00
C ILE ZC 8 29.82 49.20 -112.64
N THR ZC 9 30.76 48.27 -112.48
CA THR ZC 9 31.47 48.10 -111.22
C THR ZC 9 32.90 47.71 -111.58
N SER ZC 10 33.78 48.71 -111.65
CA SER ZC 10 35.16 48.48 -112.04
C SER ZC 10 36.01 48.19 -110.81
N THR ZC 11 36.81 47.15 -110.90
CA THR ZC 11 37.69 46.74 -109.80
C THR ZC 11 38.89 46.04 -110.41
N ALA ZC 12 39.96 45.94 -109.61
CA ALA ZC 12 41.15 45.25 -110.07
C ALA ZC 12 40.92 43.76 -110.29
N ASN ZC 13 39.83 43.22 -109.76
CA ASN ZC 13 39.51 41.80 -109.89
C ASN ZC 13 38.31 41.54 -110.79
N LYS ZC 14 37.31 42.42 -110.78
CA LYS ZC 14 36.07 42.19 -111.50
C LYS ZC 14 35.56 43.49 -112.10
N ILE ZC 15 35.12 43.42 -113.35
CA ILE ZC 15 34.42 44.52 -114.01
C ILE ZC 15 33.14 43.98 -114.62
N VAL ZC 16 32.03 44.66 -114.38
CA VAL ZC 16 30.73 44.25 -114.89
C VAL ZC 16 30.24 45.29 -115.89
N TRP ZC 17 29.92 44.83 -117.09
CA TRP ZC 17 29.32 45.66 -118.12
C TRP ZC 17 27.83 45.39 -118.17
N SER ZC 18 27.04 46.42 -118.44
CA SER ZC 18 25.60 46.27 -118.56
C SER ZC 18 25.09 47.16 -119.68
N ASP ZC 19 24.10 46.67 -120.41
CA ASP ZC 19 23.53 47.42 -121.52
C ASP ZC 19 22.71 48.59 -120.97
N PRO ZC 20 22.99 49.83 -121.36
CA PRO ZC 20 22.19 50.94 -120.85
C PRO ZC 20 20.72 50.82 -121.18
N THR ZC 21 20.39 50.31 -122.36
CA THR ZC 21 18.99 50.13 -122.72
C THR ZC 21 18.35 49.01 -121.90
N ARG ZC 22 19.06 47.90 -121.72
CA ARG ZC 22 18.55 46.73 -121.00
C ARG ZC 22 19.58 46.30 -119.98
N LEU ZC 23 19.41 46.72 -118.74
CA LEU ZC 23 20.39 46.42 -117.70
C LEU ZC 23 20.39 44.96 -117.29
N SER ZC 24 19.41 44.18 -117.73
CA SER ZC 24 19.40 42.76 -117.39
C SER ZC 24 20.60 42.05 -118.01
N THR ZC 25 20.90 42.35 -119.27
CA THR ZC 25 22.02 41.71 -119.95
C THR ZC 25 23.33 42.26 -119.44
N THR ZC 26 24.19 41.39 -118.91
CA THR ZC 26 25.46 41.81 -118.34
C THR ZC 26 26.56 40.90 -118.87
N PHE ZC 27 27.79 41.43 -118.82
CA PHE ZC 27 28.99 40.65 -119.15
C PHE ZC 27 30.04 41.00 -118.10
N SER ZC 28 30.34 40.06 -117.22
CA SER ZC 28 31.26 40.29 -116.12
C SER ZC 28 32.49 39.41 -116.29
N ALA ZC 29 33.66 39.99 -116.05
CA ALA ZC 29 34.93 39.27 -116.11
C ALA ZC 29 35.60 39.33 -114.75
N SER ZC 30 36.08 38.18 -114.29
CA SER ZC 30 36.75 38.08 -113.00
C SER ZC 30 38.08 37.36 -113.17
N LEU ZC 31 39.07 37.81 -112.42
CA LEU ZC 31 40.42 37.26 -112.51
C LEU ZC 31 40.87 36.79 -111.13
N LEU ZC 32 41.66 35.72 -111.12
CA LEU ZC 32 42.20 35.14 -109.89
C LEU ZC 32 43.63 34.72 -110.14
N ARG ZC 33 44.52 35.07 -109.22
CA ARG ZC 33 45.95 34.84 -109.41
C ARG ZC 33 46.51 34.00 -108.28
N GLN ZC 34 47.37 33.04 -108.63
CA GLN ZC 34 48.15 32.28 -107.67
C GLN ZC 34 49.53 32.04 -108.24
N ARG ZC 35 50.44 31.70 -107.34
CA ARG ZC 35 51.77 31.20 -107.71
C ARG ZC 35 51.80 29.70 -107.51
N VAL ZC 36 52.16 28.97 -108.55
CA VAL ZC 36 52.13 27.51 -108.54
C VAL ZC 36 53.55 26.98 -108.48
N LYS ZC 37 53.83 26.17 -107.46
CA LYS ZC 37 55.16 25.60 -107.26
C LYS ZC 37 55.31 24.40 -108.19
N VAL ZC 38 55.58 24.69 -109.46
CA VAL ZC 38 55.88 23.66 -110.44
C VAL ZC 38 57.26 23.09 -110.08
N GLY ZC 39 57.58 21.89 -110.56
CA GLY ZC 39 58.87 21.29 -110.30
C GLY ZC 39 60.03 22.23 -110.52
N ILE ZC 40 60.76 22.51 -109.43
CA ILE ZC 40 61.88 23.45 -109.36
C ILE ZC 40 61.61 24.69 -110.22
N ALA ZC 41 60.39 25.22 -110.11
CA ALA ZC 41 60.01 26.42 -110.84
C ALA ZC 41 58.83 27.07 -110.13
N GLU ZC 42 58.63 28.35 -110.40
CA GLU ZC 42 57.49 29.09 -109.89
C GLU ZC 42 56.78 29.76 -111.05
N LEU ZC 43 55.48 29.51 -111.17
CA LEU ZC 43 54.70 30.04 -112.28
C LEU ZC 43 53.50 30.81 -111.74
N ASN ZC 44 53.22 31.95 -112.35
CA ASN ZC 44 52.09 32.79 -111.95
C ASN ZC 44 50.85 32.30 -112.69
N ASN ZC 45 49.98 31.60 -111.97
CA ASN ZC 45 48.76 31.06 -112.55
C ASN ZC 45 47.69 32.15 -112.54
N VAL ZC 46 46.84 32.13 -113.57
CA VAL ZC 46 45.75 33.09 -113.71
C VAL ZC 46 44.48 32.32 -114.04
N SER ZC 47 43.38 32.71 -113.43
CA SER ZC 47 42.08 32.09 -113.66
C SER ZC 47 41.09 33.17 -114.06
N GLY ZC 48 40.86 33.30 -115.37
CA GLY ZC 48 39.97 34.30 -115.89
C GLY ZC 48 38.59 33.73 -116.15
N GLN ZC 49 37.61 34.20 -115.39
CA GLN ZC 49 36.24 33.71 -115.47
C GLN ZC 49 35.37 34.79 -116.09
N TYR ZC 50 34.71 34.47 -117.21
CA TYR ZC 50 33.87 35.41 -117.93
C TYR ZC 50 32.46 34.85 -117.98
N VAL ZC 51 31.49 35.67 -117.61
CA VAL ZC 51 30.09 35.26 -117.52
C VAL ZC 51 29.26 36.19 -118.38
N SER ZC 52 28.47 35.62 -119.28
CA SER ZC 52 27.55 36.36 -120.13
C SER ZC 52 26.14 35.87 -119.85
N VAL ZC 53 25.34 36.70 -119.19
CA VAL ZC 53 23.94 36.37 -118.91
C VAL ZC 53 23.05 37.31 -119.71
N TYR ZC 54 22.10 36.73 -120.42
CA TYR ZC 54 21.10 37.49 -121.16
C TYR ZC 54 19.75 37.09 -120.59
N LYS ZC 55 19.26 37.85 -119.63
CA LYS ZC 55 17.91 37.65 -119.13
C LYS ZC 55 16.95 37.91 -120.27
N ARG ZC 56 16.34 36.86 -120.80
CA ARG ZC 56 15.51 36.96 -122.00
C ARG ZC 56 14.07 36.65 -121.65
N PRO ZC 57 13.26 37.64 -121.29
CA PRO ZC 57 11.86 37.38 -121.01
C PRO ZC 57 11.09 37.10 -122.29
N ALA ZC 58 11.58 36.17 -123.10
CA ALA ZC 58 10.95 35.80 -124.36
C ALA ZC 58 10.89 34.29 -124.49
N PRO ZC 59 10.09 33.61 -123.65
CA PRO ZC 59 9.69 32.25 -124.01
C PRO ZC 59 8.65 32.33 -125.12
N LYS ZC 60 9.09 32.09 -126.36
CA LYS ZC 60 8.32 32.54 -127.51
C LYS ZC 60 6.96 31.87 -127.58
N PRO ZC 61 5.87 32.64 -127.64
CA PRO ZC 61 4.65 32.12 -128.25
C PRO ZC 61 4.86 32.02 -129.75
N GLU ZC 62 4.20 31.07 -130.42
CA GLU ZC 62 4.53 30.74 -131.81
C GLU ZC 62 4.12 31.85 -132.78
N GLY ZC 63 4.74 33.02 -132.66
CA GLY ZC 63 4.32 34.18 -133.43
C GLY ZC 63 2.88 34.48 -133.08
N CYS ZC 64 2.56 34.25 -131.81
CA CYS ZC 64 1.17 34.00 -131.41
C CYS ZC 64 0.60 35.15 -130.59
N ALA ZC 65 1.15 35.39 -129.42
CA ALA ZC 65 0.40 36.11 -128.39
C ALA ZC 65 0.16 37.56 -128.78
N ASP ZC 66 1.22 38.30 -129.08
CA ASP ZC 66 1.12 39.68 -129.54
C ASP ZC 66 0.53 40.59 -128.46
N ALA ZC 67 0.19 40.01 -127.31
CA ALA ZC 67 -0.33 40.77 -126.19
C ALA ZC 67 0.75 41.65 -125.59
N CYS ZC 68 0.39 42.88 -125.26
CA CYS ZC 68 1.35 43.86 -124.78
C CYS ZC 68 1.40 43.76 -123.25
N VAL ZC 69 1.61 42.52 -122.80
CA VAL ZC 69 1.76 42.22 -121.38
C VAL ZC 69 3.00 41.35 -121.23
N ILE ZC 70 3.81 41.65 -120.23
CA ILE ZC 70 5.09 40.97 -120.05
C ILE ZC 70 4.84 39.58 -119.47
N MET ZC 71 5.47 38.59 -120.07
CA MET ZC 71 5.49 37.23 -119.56
C MET ZC 71 6.77 37.03 -118.75
N PRO ZC 72 6.87 35.97 -117.95
CA PRO ZC 72 8.08 35.79 -117.14
C PRO ZC 72 9.33 35.61 -118.00
N ASN ZC 73 10.47 35.56 -117.32
CA ASN ZC 73 11.77 35.60 -117.96
C ASN ZC 73 12.55 34.34 -117.63
N GLU ZC 74 13.41 33.93 -118.56
CA GLU ZC 74 14.26 32.78 -118.40
C GLU ZC 74 15.72 33.18 -118.58
N ASN ZC 75 16.61 32.42 -117.94
CA ASN ZC 75 18.03 32.76 -117.91
C ASN ZC 75 18.78 32.15 -119.08
N GLN ZC 76 19.75 32.89 -119.60
CA GLN ZC 76 20.63 32.42 -120.67
C GLN ZC 76 22.05 32.81 -120.29
N SER ZC 77 22.77 31.89 -119.64
CA SER ZC 77 24.09 32.16 -119.11
C SER ZC 77 25.14 31.34 -119.84
N ILE ZC 78 26.25 31.99 -120.16
CA ILE ZC 78 27.40 31.34 -120.77
C ILE ZC 78 28.62 31.70 -119.94
N ARG ZC 79 29.09 30.77 -119.12
CA ARG ZC 79 30.25 31.00 -118.27
C ARG ZC 79 31.44 30.25 -118.83
N THR ZC 80 32.52 30.97 -119.11
CA THR ZC 80 33.77 30.39 -119.54
C THR ZC 80 34.85 30.72 -118.53
N VAL ZC 81 35.84 29.83 -118.43
CA VAL ZC 81 36.97 30.04 -117.54
C VAL ZC 81 38.23 29.59 -118.25
N ILE ZC 82 39.28 30.40 -118.13
CA ILE ZC 82 40.58 30.11 -118.72
C ILE ZC 82 41.59 30.01 -117.58
N SER ZC 83 42.30 28.89 -117.52
CA SER ZC 83 43.29 28.66 -116.49
C SER ZC 83 44.62 28.26 -117.13
N GLY ZC 84 45.70 28.83 -116.64
CA GLY ZC 84 47.01 28.49 -117.16
C GLY ZC 84 48.05 29.46 -116.64
N SER ZC 85 49.30 29.13 -116.92
CA SER ZC 85 50.41 29.98 -116.53
C SER ZC 85 50.51 31.18 -117.45
N ALA ZC 86 50.95 32.31 -116.88
CA ALA ZC 86 51.13 33.52 -117.68
C ALA ZC 86 52.23 33.33 -118.71
N GLU ZC 87 53.26 32.56 -118.37
CA GLU ZC 87 54.38 32.35 -119.29
C GLU ZC 87 53.92 31.62 -120.54
N ASN ZC 88 53.03 30.65 -120.39
CA ASN ZC 88 52.51 29.87 -121.51
C ASN ZC 88 51.29 30.54 -122.15
N LEU ZC 89 51.15 31.85 -122.03
CA LEU ZC 89 50.00 32.54 -122.60
C LEU ZC 89 49.95 32.38 -124.11
N ALA ZC 90 51.09 32.50 -124.78
CA ALA ZC 90 51.09 32.47 -126.24
C ALA ZC 90 50.54 31.16 -126.77
N THR ZC 91 50.96 30.04 -126.19
CA THR ZC 91 50.41 28.76 -126.58
C THR ZC 91 49.01 28.54 -126.01
N LEU ZC 92 48.66 29.26 -124.94
CA LEU ZC 92 47.32 29.13 -124.39
C LEU ZC 92 46.28 29.73 -125.32
N LYS ZC 93 46.63 30.80 -126.03
CA LYS ZC 93 45.69 31.41 -126.97
C LYS ZC 93 45.31 30.44 -128.07
N ALA ZC 94 46.28 29.66 -128.57
CA ALA ZC 94 45.96 28.64 -129.54
C ALA ZC 94 45.02 27.60 -128.95
N GLU ZC 95 45.21 27.26 -127.68
CA GLU ZC 95 44.28 26.36 -127.01
C GLU ZC 95 42.87 26.93 -126.99
N TRP ZC 96 42.75 28.23 -126.71
CA TRP ZC 96 41.45 28.87 -126.72
C TRP ZC 96 40.83 28.84 -128.11
N GLU ZC 97 41.65 29.07 -129.13
CA GLU ZC 97 41.14 29.03 -130.50
C GLU ZC 97 40.58 27.65 -130.83
N THR ZC 98 41.32 26.61 -130.47
CA THR ZC 98 40.84 25.25 -130.72
C THR ZC 98 39.55 24.97 -129.95
N HIS ZC 99 39.49 25.41 -128.69
CA HIS ZC 99 38.30 25.18 -127.88
C HIS ZC 99 37.06 25.77 -128.54
N LYS ZC 100 37.21 26.92 -129.20
CA LYS ZC 100 36.12 27.45 -130.02
C LYS ZC 100 35.71 26.45 -131.09
N ARG ZC 101 36.69 25.90 -131.80
CA ARG ZC 101 36.40 25.03 -132.93
C ARG ZC 101 35.64 23.79 -132.48
N ASN ZC 102 36.06 23.18 -131.37
CA ASN ZC 102 35.41 21.97 -130.90
C ASN ZC 102 33.97 22.23 -130.50
N VAL ZC 103 33.74 23.28 -129.70
CA VAL ZC 103 32.38 23.57 -129.25
C VAL ZC 103 31.49 23.95 -130.43
N ASP ZC 104 32.01 24.78 -131.34
CA ASP ZC 104 31.21 25.20 -132.48
C ASP ZC 104 30.81 24.01 -133.34
N THR ZC 105 31.75 23.12 -133.63
CA THR ZC 105 31.44 21.97 -134.46
C THR ZC 105 30.56 20.96 -133.73
N LEU ZC 106 30.43 21.11 -132.41
CA LEU ZC 106 29.64 20.16 -131.64
C LEU ZC 106 28.30 20.74 -131.20
N PHE ZC 107 28.25 22.03 -130.91
CA PHE ZC 107 27.05 22.68 -130.41
C PHE ZC 107 26.48 23.68 -131.41
N ALA ZC 108 27.29 24.63 -131.86
CA ALA ZC 108 26.80 25.62 -132.81
C ALA ZC 108 26.45 24.98 -134.14
N SER ZC 109 27.33 24.10 -134.65
CA SER ZC 109 27.06 23.43 -135.91
C SER ZC 109 26.16 22.22 -135.70
N GLY ZC 110 26.44 21.43 -134.67
CA GLY ZC 110 25.62 20.26 -134.39
C GLY ZC 110 24.35 20.62 -133.65
N ASN ZC 111 23.69 19.62 -133.07
CA ASN ZC 111 22.45 19.84 -132.35
C ASN ZC 111 22.59 19.45 -130.89
N ALA ZC 112 23.80 19.60 -130.33
CA ALA ZC 112 24.00 19.30 -128.92
C ALA ZC 112 23.21 20.24 -128.03
N GLY ZC 113 22.92 21.45 -128.52
CA GLY ZC 113 22.15 22.39 -127.73
C GLY ZC 113 20.77 21.87 -127.39
N LEU ZC 114 20.16 21.12 -128.31
CA LEU ZC 114 18.87 20.52 -128.02
C LEU ZC 114 18.96 19.48 -126.92
N GLY ZC 115 20.15 18.96 -126.64
CA GLY ZC 115 20.32 18.00 -125.58
C GLY ZC 115 20.89 16.67 -126.06
N PHE ZC 116 21.44 16.66 -127.26
CA PHE ZC 116 21.95 15.43 -127.86
C PHE ZC 116 23.48 15.40 -127.81
N LEU ZC 117 24.02 14.22 -128.11
CA LEU ZC 117 25.45 14.04 -128.24
C LEU ZC 117 25.73 13.18 -129.46
N ASP ZC 118 26.76 13.56 -130.23
CA ASP ZC 118 27.13 12.86 -131.45
C ASP ZC 118 28.53 12.29 -131.29
N PRO ZC 119 28.67 11.01 -130.95
CA PRO ZC 119 30.01 10.42 -130.86
C PRO ZC 119 30.77 10.43 -132.17
N THR ZC 120 30.09 10.58 -133.29
CA THR ZC 120 30.75 10.63 -134.59
C THR ZC 120 31.23 12.03 -134.96
N ALA ZC 121 31.00 13.02 -134.10
CA ALA ZC 121 31.42 14.38 -134.40
C ALA ZC 121 32.94 14.46 -134.52
N ALA ZC 122 33.40 15.25 -135.47
CA ALA ZC 122 34.82 15.40 -135.73
C ALA ZC 122 35.36 16.60 -134.96
N ILE ZC 123 36.28 16.33 -134.03
CA ILE ZC 123 36.91 17.38 -133.24
C ILE ZC 123 38.42 17.23 -133.37
N VAL ZC 124 39.14 18.34 -133.26
CA VAL ZC 124 40.58 18.36 -133.49
C VAL ZC 124 41.25 19.04 -132.31
N SER ZC 125 42.54 18.76 -132.15
CA SER ZC 125 43.33 19.28 -131.04
C SER ZC 125 44.10 20.53 -131.48
N SER ZC 126 44.76 21.14 -130.49
CA SER ZC 126 45.60 22.30 -130.80
C SER ZC 126 46.82 21.89 -131.63
N ASP ZC 127 47.42 20.75 -131.30
CA ASP ZC 127 48.59 20.29 -132.03
C ASP ZC 127 48.21 19.94 -133.47
N THR ZC 128 49.10 20.27 -134.40
CA THR ZC 128 48.87 20.04 -135.81
C THR ZC 128 50.05 19.31 -136.43
N THR ZC 129 49.78 18.60 -137.52
CA THR ZC 129 50.81 17.84 -138.21
C THR ZC 129 51.69 18.77 -139.04
N ALA AD 1 66.32 51.76 -122.43
CA ALA AD 1 64.96 51.93 -121.96
C ALA AD 1 64.56 50.77 -121.06
N ASN AD 2 64.01 51.10 -119.90
CA ASN AD 2 63.62 50.10 -118.92
C ASN AD 2 62.20 49.63 -119.17
N LYS AD 3 61.91 48.44 -118.67
CA LYS AD 3 60.57 47.87 -118.82
C LYS AD 3 59.59 48.60 -117.92
N PRO AD 4 58.51 49.17 -118.46
CA PRO AD 4 57.53 49.85 -117.61
C PRO AD 4 56.46 48.90 -117.10
N MET AD 5 56.04 49.06 -115.85
CA MET AD 5 55.00 48.21 -115.31
C MET AD 5 53.62 48.78 -115.60
N GLN AD 6 52.61 47.99 -115.26
CA GLN AD 6 51.21 48.41 -115.25
C GLN AD 6 50.61 48.02 -113.91
N PRO AD 7 49.62 48.77 -113.43
CA PRO AD 7 49.02 48.44 -112.14
C PRO AD 7 48.33 47.09 -112.17
N ILE AD 8 48.35 46.40 -111.04
CA ILE AD 8 47.64 45.14 -110.85
C ILE AD 8 46.45 45.31 -109.92
N THR AD 9 46.70 45.69 -108.67
CA THR AD 9 45.65 45.87 -107.68
C THR AD 9 45.53 47.35 -107.35
N SER AD 10 44.34 47.90 -107.56
CA SER AD 10 44.06 49.28 -107.23
C SER AD 10 43.18 49.31 -105.98
N THR AD 11 43.60 50.07 -104.98
CA THR AD 11 42.88 50.13 -103.72
C THR AD 11 42.99 51.56 -103.19
N ALA AD 12 42.12 51.88 -102.24
CA ALA AD 12 42.11 53.22 -101.66
C ALA AD 12 43.49 53.62 -101.14
N ASN AD 13 44.19 52.68 -100.53
CA ASN AD 13 45.47 52.96 -99.90
C ASN AD 13 46.64 52.19 -100.47
N LYS AD 14 46.43 51.39 -101.53
CA LYS AD 14 47.51 50.56 -102.04
C LYS AD 14 47.36 50.38 -103.54
N ILE AD 15 48.46 50.57 -104.26
CA ILE AD 15 48.54 50.32 -105.69
C ILE AD 15 49.75 49.43 -105.94
N VAL AD 16 49.56 48.40 -106.75
CA VAL AD 16 50.61 47.44 -107.04
C VAL AD 16 50.82 47.36 -108.54
N TRP AD 17 52.05 47.61 -108.98
CA TRP AD 17 52.44 47.41 -110.37
C TRP AD 17 53.22 46.11 -110.50
N SER AD 18 53.23 45.55 -111.70
CA SER AD 18 54.03 44.37 -111.98
C SER AD 18 54.37 44.34 -113.46
N ASP AD 19 55.58 43.92 -113.77
CA ASP AD 19 56.02 43.89 -115.16
C ASP AD 19 55.23 42.83 -115.91
N PRO AD 20 54.72 43.15 -117.12
CA PRO AD 20 53.94 42.13 -117.84
C PRO AD 20 54.77 40.96 -118.29
N THR AD 21 56.01 41.19 -118.74
CA THR AD 21 56.84 40.09 -119.21
C THR AD 21 57.24 39.17 -118.06
N ARG AD 22 57.57 39.74 -116.90
CA ARG AD 22 57.97 38.98 -115.72
C ARG AD 22 57.07 39.39 -114.56
N LEU AD 23 56.17 38.49 -114.16
CA LEU AD 23 55.18 38.83 -113.15
C LEU AD 23 55.79 38.88 -111.75
N SER AD 24 56.94 38.26 -111.54
CA SER AD 24 57.57 38.30 -110.22
C SER AD 24 57.98 39.72 -109.85
N THR AD 25 58.52 40.45 -110.81
CA THR AD 25 58.95 41.83 -110.55
C THR AD 25 57.75 42.71 -110.29
N THR AD 26 57.61 43.16 -109.05
CA THR AD 26 56.49 44.03 -108.69
C THR AD 26 57.01 45.20 -107.86
N PHE AD 27 56.24 46.28 -107.86
CA PHE AD 27 56.51 47.45 -107.03
C PHE AD 27 55.19 47.95 -106.49
N SER AD 28 55.09 48.04 -105.17
CA SER AD 28 53.85 48.41 -104.51
C SER AD 28 54.08 49.60 -103.59
N ALA AD 29 53.15 50.54 -103.60
CA ALA AD 29 53.19 51.69 -102.72
C ALA AD 29 51.90 51.73 -101.91
N SER AD 30 52.04 51.82 -100.60
CA SER AD 30 50.90 51.87 -99.70
C SER AD 30 51.02 53.09 -98.80
N LEU AD 31 49.94 53.84 -98.67
CA LEU AD 31 49.92 55.08 -97.89
C LEU AD 31 48.90 54.97 -96.78
N LEU AD 32 49.30 55.38 -95.58
CA LEU AD 32 48.42 55.45 -94.42
C LEU AD 32 48.44 56.88 -93.92
N ARG AD 33 47.27 57.51 -93.88
CA ARG AD 33 47.13 58.89 -93.46
C ARG AD 33 46.38 58.94 -92.13
N GLN AD 34 46.74 59.89 -91.29
CA GLN AD 34 46.14 60.01 -89.97
C GLN AD 34 46.17 61.47 -89.53
N ARG AD 35 45.27 61.80 -88.61
CA ARG AD 35 45.21 63.13 -88.02
C ARG AD 35 46.04 63.12 -86.74
N VAL AD 36 47.09 63.93 -86.72
CA VAL AD 36 48.01 63.98 -85.58
C VAL AD 36 47.93 65.37 -84.96
N LYS AD 37 47.85 65.42 -83.64
CA LYS AD 37 47.69 66.67 -82.90
C LYS AD 37 49.00 67.01 -82.18
N VAL AD 38 49.54 68.18 -82.49
CA VAL AD 38 50.66 68.72 -81.72
C VAL AD 38 50.15 69.97 -81.02
N GLY AD 39 51.03 70.63 -80.26
CA GLY AD 39 50.64 71.82 -79.52
C GLY AD 39 49.89 72.83 -80.35
N ILE AD 40 48.61 73.05 -79.99
CA ILE AD 40 47.68 73.99 -80.62
C ILE AD 40 47.81 73.96 -82.14
N ALA AD 41 47.96 72.76 -82.70
CA ALA AD 41 48.09 72.63 -84.15
C ALA AD 41 47.74 71.21 -84.55
N GLU AD 42 46.75 71.06 -85.42
CA GLU AD 42 46.40 69.77 -85.99
C GLU AD 42 47.13 69.57 -87.31
N LEU AD 43 47.78 68.43 -87.47
CA LEU AD 43 48.60 68.14 -88.63
C LEU AD 43 48.13 66.88 -89.31
N ASN AD 44 48.43 66.77 -90.60
CA ASN AD 44 48.11 65.60 -91.40
C ASN AD 44 49.42 64.91 -91.76
N ASN AD 45 49.69 63.77 -91.15
CA ASN AD 45 50.89 63.00 -91.44
C ASN AD 45 50.56 61.84 -92.35
N VAL AD 46 51.47 61.57 -93.28
CA VAL AD 46 51.30 60.48 -94.24
C VAL AD 46 52.50 59.56 -94.11
N SER AD 47 52.23 58.27 -93.92
CA SER AD 47 53.26 57.25 -93.79
C SER AD 47 53.22 56.38 -95.03
N GLY AD 48 53.92 56.81 -96.09
CA GLY AD 48 53.93 56.11 -97.35
C GLY AD 48 54.98 55.02 -97.35
N GLN AD 49 54.53 53.79 -97.58
CA GLN AD 49 55.40 52.62 -97.62
C GLN AD 49 55.57 52.19 -99.06
N TYR AD 50 56.82 52.01 -99.49
CA TYR AD 50 57.13 51.66 -100.88
C TYR AD 50 57.99 50.41 -100.86
N VAL AD 51 57.54 49.37 -101.56
CA VAL AD 51 58.23 48.08 -101.59
C VAL AD 51 58.55 47.76 -103.04
N SER AD 52 59.82 47.48 -103.32
CA SER AD 52 60.25 47.00 -104.62
C SER AD 52 60.89 45.63 -104.42
N VAL AD 53 60.38 44.63 -105.12
CA VAL AD 53 60.82 43.24 -104.95
C VAL AD 53 61.16 42.67 -106.31
N TYR AD 54 62.23 41.89 -106.36
CA TYR AD 54 62.68 41.22 -107.57
C TYR AD 54 63.15 39.82 -107.19
N LYS AD 55 63.05 38.90 -108.15
CA LYS AD 55 63.52 37.53 -107.95
C LYS AD 55 64.60 37.24 -108.98
N ARG AD 56 65.86 37.27 -108.55
CA ARG AD 56 66.97 36.97 -109.43
C ARG AD 56 67.41 35.53 -109.24
N PRO AD 57 67.72 34.82 -110.31
CA PRO AD 57 68.32 33.50 -110.15
C PRO AD 57 69.68 33.62 -109.48
N ALA AD 58 70.04 32.59 -108.73
CA ALA AD 58 71.33 32.60 -108.05
C ALA AD 58 72.46 32.69 -109.06
N PRO AD 59 73.56 33.36 -108.73
CA PRO AD 59 74.64 33.49 -109.71
C PRO AD 59 75.22 32.14 -110.11
N LYS AD 60 75.09 31.81 -111.39
CA LYS AD 60 75.60 30.54 -111.87
C LYS AD 60 77.12 30.51 -111.74
N PRO AD 61 77.71 29.33 -111.55
CA PRO AD 61 79.16 29.25 -111.37
C PRO AD 61 79.92 29.79 -112.56
N GLU AD 62 81.02 30.48 -112.28
CA GLU AD 62 81.79 31.11 -113.34
C GLU AD 62 82.41 30.06 -114.24
N GLY AD 63 82.79 30.49 -115.44
CA GLY AD 63 83.44 29.61 -116.39
C GLY AD 63 82.48 28.71 -117.13
N CYS AD 64 81.19 28.83 -116.84
CA CYS AD 64 80.20 28.10 -117.60
C CYS AD 64 79.06 29.02 -118.02
N ALA AD 65 79.14 29.53 -119.24
CA ALA AD 65 78.06 30.30 -119.84
C ALA AD 65 77.22 29.47 -120.78
N ASP AD 66 76.98 28.19 -120.45
CA ASP AD 66 76.25 27.30 -121.34
C ASP AD 66 74.85 27.82 -121.59
N ALA AD 67 74.18 27.20 -122.56
CA ALA AD 67 72.84 27.61 -122.98
C ALA AD 67 71.92 27.79 -121.78
N CYS AD 68 71.66 26.72 -121.02
CA CYS AD 68 70.89 26.82 -119.78
C CYS AD 68 71.26 25.73 -118.79
N VAL AD 69 71.66 26.17 -117.60
CA VAL AD 69 71.50 25.40 -116.37
C VAL AD 69 70.87 26.37 -115.37
N ILE AD 70 69.70 26.00 -114.86
CA ILE AD 70 68.87 26.94 -114.10
C ILE AD 70 68.96 26.59 -112.62
N MET AD 71 69.43 27.55 -111.83
CA MET AD 71 69.39 27.46 -110.38
C MET AD 71 68.27 28.33 -109.85
N PRO AD 72 67.80 28.07 -108.63
CA PRO AD 72 66.61 28.78 -108.13
C PRO AD 72 66.82 30.28 -107.99
N ASN AD 73 65.75 31.00 -107.66
CA ASN AD 73 65.74 32.44 -107.66
C ASN AD 73 65.88 32.96 -106.23
N GLU AD 74 66.77 33.94 -106.05
CA GLU AD 74 66.90 34.63 -104.78
C GLU AD 74 65.89 35.76 -104.72
N ASN AD 75 65.27 35.93 -103.55
CA ASN AD 75 64.27 36.96 -103.34
C ASN AD 75 64.99 38.24 -102.92
N GLN AD 76 65.16 39.16 -103.87
CA GLN AD 76 65.70 40.48 -103.57
C GLN AD 76 64.55 41.45 -103.34
N SER AD 77 64.58 42.15 -102.21
CA SER AD 77 63.53 43.11 -101.90
C SER AD 77 64.12 44.25 -101.09
N ILE AD 78 63.77 45.47 -101.46
CA ILE AD 78 64.18 46.65 -100.72
C ILE AD 78 62.95 47.51 -100.47
N ARG AD 79 62.76 47.92 -99.23
CA ARG AD 79 61.54 48.55 -98.78
C ARG AD 79 61.84 49.90 -98.16
N THR AD 80 61.02 50.88 -98.48
CA THR AD 80 61.21 52.25 -98.00
C THR AD 80 59.88 52.80 -97.51
N VAL AD 81 59.90 53.43 -96.34
CA VAL AD 81 58.73 54.07 -95.77
C VAL AD 81 59.11 55.47 -95.31
N ILE AD 82 58.29 56.46 -95.67
CA ILE AD 82 58.52 57.85 -95.32
C ILE AD 82 57.33 58.32 -94.50
N SER AD 83 57.59 58.93 -93.36
CA SER AD 83 56.54 59.44 -92.48
C SER AD 83 56.81 60.90 -92.17
N GLY AD 84 55.76 61.71 -92.17
CA GLY AD 84 55.89 63.12 -91.84
C GLY AD 84 54.63 63.91 -92.11
N SER AD 85 54.53 65.09 -91.52
CA SER AD 85 53.37 65.94 -91.74
C SER AD 85 53.33 66.41 -93.19
N ALA AD 86 52.11 66.50 -93.74
CA ALA AD 86 51.96 66.93 -95.12
C ALA AD 86 52.39 68.38 -95.31
N GLU AD 87 52.21 69.21 -94.28
CA GLU AD 87 52.53 70.63 -94.43
C GLU AD 87 54.04 70.85 -94.50
N ASN AD 88 54.82 69.93 -93.93
CA ASN AD 88 56.27 69.96 -94.05
C ASN AD 88 56.79 69.16 -95.23
N LEU AD 89 55.97 69.02 -96.28
CA LEU AD 89 56.41 68.24 -97.44
C LEU AD 89 57.61 68.87 -98.13
N ALA AD 90 57.65 70.21 -98.18
CA ALA AD 90 58.74 70.87 -98.89
C ALA AD 90 60.09 70.54 -98.27
N THR AD 91 60.17 70.58 -96.94
CA THR AD 91 61.42 70.22 -96.27
C THR AD 91 61.63 68.71 -96.24
N LEU AD 92 60.54 67.94 -96.28
CA LEU AD 92 60.67 66.48 -96.30
C LEU AD 92 61.40 66.02 -97.56
N LYS AD 93 61.19 66.72 -98.67
CA LYS AD 93 61.90 66.38 -99.89
C LYS AD 93 63.41 66.51 -99.70
N ALA AD 94 63.84 67.55 -99.01
CA ALA AD 94 65.26 67.71 -98.73
C ALA AD 94 65.80 66.56 -97.90
N GLU AD 95 65.04 66.14 -96.89
CA GLU AD 95 65.47 64.99 -96.09
C GLU AD 95 65.58 63.73 -96.94
N TRP AD 96 64.60 63.51 -97.82
CA TRP AD 96 64.66 62.37 -98.72
C TRP AD 96 65.87 62.45 -99.64
N GLU AD 97 66.17 63.65 -100.13
CA GLU AD 97 67.36 63.82 -100.96
C GLU AD 97 68.62 63.49 -100.19
N THR AD 98 68.71 63.96 -98.95
CA THR AD 98 69.85 63.62 -98.10
C THR AD 98 69.91 62.13 -97.83
N HIS AD 99 68.76 61.51 -97.56
CA HIS AD 99 68.74 60.08 -97.28
C HIS AD 99 69.32 59.28 -98.42
N LYS AD 100 69.12 59.74 -99.66
CA LYS AD 100 69.75 59.08 -100.79
C LYS AD 100 71.26 59.10 -100.68
N ARG AD 101 71.83 60.28 -100.44
CA ARG AD 101 73.28 60.41 -100.43
C ARG AD 101 73.91 59.59 -99.31
N ASN AD 102 73.32 59.63 -98.12
CA ASN AD 102 73.91 58.91 -96.99
C ASN AD 102 73.96 57.41 -97.27
N VAL AD 103 72.86 56.86 -97.81
CA VAL AD 103 72.89 55.45 -98.21
C VAL AD 103 73.88 55.24 -99.35
N ASP AD 104 73.87 56.15 -100.33
CA ASP AD 104 74.75 56.00 -101.48
C ASP AD 104 76.21 56.02 -101.07
N THR AD 105 76.60 56.99 -100.26
CA THR AD 105 78.00 57.08 -99.86
C THR AD 105 78.40 55.91 -98.97
N LEU AD 106 77.43 55.22 -98.41
CA LEU AD 106 77.72 54.14 -97.48
C LEU AD 106 77.49 52.76 -98.08
N PHE AD 107 76.44 52.60 -98.89
CA PHE AD 107 76.10 51.32 -99.49
C PHE AD 107 76.52 51.24 -100.96
N ALA AD 108 76.17 52.25 -101.77
CA ALA AD 108 76.52 52.21 -103.19
C ALA AD 108 78.03 52.38 -103.38
N SER AD 109 78.56 53.53 -102.97
CA SER AD 109 80.00 53.76 -103.10
C SER AD 109 80.79 52.80 -102.22
N GLY AD 110 80.37 52.66 -100.97
CA GLY AD 110 81.04 51.77 -100.04
C GLY AD 110 80.68 50.32 -100.29
N ASN AD 111 81.19 49.46 -99.40
CA ASN AD 111 80.94 48.03 -99.47
C ASN AD 111 80.07 47.54 -98.32
N ALA AD 112 79.20 48.41 -97.79
CA ALA AD 112 78.31 47.99 -96.72
C ALA AD 112 77.34 46.90 -97.17
N GLY AD 113 77.07 46.81 -98.47
CA GLY AD 113 76.23 45.75 -98.96
C GLY AD 113 76.81 44.38 -98.69
N LEU AD 114 78.15 44.27 -98.74
CA LEU AD 114 78.79 43.00 -98.44
C LEU AD 114 78.61 42.61 -96.98
N GLY AD 115 78.56 43.58 -96.09
CA GLY AD 115 78.40 43.28 -94.67
C GLY AD 115 79.44 43.96 -93.81
N PHE AD 116 80.12 44.96 -94.37
CA PHE AD 116 81.19 45.67 -93.69
C PHE AD 116 80.72 47.08 -93.34
N LEU AD 117 80.92 47.48 -92.09
CA LEU AD 117 80.53 48.79 -91.63
C LEU AD 117 81.76 49.69 -91.50
N ASP AD 118 81.62 50.94 -91.94
CA ASP AD 118 82.73 51.89 -91.98
C ASP AD 118 82.47 53.04 -91.02
N PRO AD 119 83.05 53.02 -89.82
CA PRO AD 119 82.83 54.12 -88.87
C PRO AD 119 83.34 55.47 -89.36
N THR AD 120 84.28 55.49 -90.28
CA THR AD 120 84.85 56.75 -90.76
C THR AD 120 84.22 57.26 -92.04
N ALA AD 121 83.18 56.59 -92.53
CA ALA AD 121 82.49 57.05 -93.73
C ALA AD 121 81.91 58.44 -93.50
N ALA AD 122 82.08 59.31 -94.49
CA ALA AD 122 81.68 60.71 -94.38
C ALA AD 122 80.26 60.86 -94.87
N ILE AD 123 79.32 61.00 -93.95
CA ILE AD 123 77.93 61.21 -94.30
C ILE AD 123 77.56 62.66 -93.99
N VAL AD 124 76.46 63.11 -94.60
CA VAL AD 124 76.17 64.54 -94.74
C VAL AD 124 74.75 64.81 -94.29
N SER AD 125 74.55 65.91 -93.58
CA SER AD 125 73.24 66.31 -93.09
C SER AD 125 72.43 67.02 -94.16
N SER AD 126 71.14 67.21 -93.88
CA SER AD 126 70.29 67.97 -94.78
C SER AD 126 70.57 69.46 -94.67
N ASP AD 127 70.74 69.96 -93.46
CA ASP AD 127 70.96 71.39 -93.26
C ASP AD 127 72.25 71.84 -93.92
N THR AD 128 72.19 72.96 -94.63
CA THR AD 128 73.34 73.50 -95.32
C THR AD 128 73.98 74.61 -94.48
N THR AD 129 75.30 74.69 -94.57
CA THR AD 129 76.06 75.68 -93.81
C THR AD 129 75.92 77.07 -94.42
N ALA BD 1 40.96 79.75 -113.36
CA ALA BD 1 40.48 78.38 -113.30
C ALA BD 1 40.39 77.91 -111.86
N ASN BD 2 39.85 76.71 -111.66
CA ASN BD 2 39.66 76.13 -110.35
C ASN BD 2 40.62 74.96 -110.18
N LYS BD 3 41.32 74.92 -109.06
CA LYS BD 3 42.25 73.85 -108.79
C LYS BD 3 41.51 72.52 -108.65
N PRO BD 4 41.87 71.49 -109.41
CA PRO BD 4 41.17 70.22 -109.31
C PRO BD 4 41.59 69.44 -108.09
N MET BD 5 40.73 68.50 -107.69
CA MET BD 5 41.05 67.57 -106.62
C MET BD 5 41.65 66.30 -107.20
N GLN BD 6 42.00 65.38 -106.31
CA GLN BD 6 42.42 64.05 -106.68
C GLN BD 6 41.65 63.02 -105.85
N PRO BD 7 41.34 61.85 -106.42
CA PRO BD 7 40.65 60.83 -105.63
C PRO BD 7 41.51 60.35 -104.47
N ILE BD 8 40.85 60.04 -103.37
CA ILE BD 8 41.52 59.60 -102.15
C ILE BD 8 41.18 58.16 -101.81
N THR BD 9 39.89 57.86 -101.65
CA THR BD 9 39.43 56.52 -101.30
C THR BD 9 38.67 55.96 -102.49
N SER BD 10 39.34 55.14 -103.29
CA SER BD 10 38.74 54.53 -104.46
C SER BD 10 38.00 53.27 -104.06
N THR BD 11 36.72 53.20 -104.40
CA THR BD 11 35.90 52.05 -104.05
C THR BD 11 34.80 51.95 -105.10
N ALA BD 12 34.25 50.75 -105.24
CA ALA BD 12 33.15 50.54 -106.18
C ALA BD 12 31.90 51.33 -105.81
N ASN BD 13 31.81 51.84 -104.58
CA ASN BD 13 30.65 52.59 -104.14
C ASN BD 13 30.94 54.03 -103.76
N LYS BD 14 32.14 54.33 -103.29
CA LYS BD 14 32.49 55.68 -102.86
C LYS BD 14 33.84 56.08 -103.41
N ILE BD 15 33.92 57.29 -103.93
CA ILE BD 15 35.18 57.92 -104.29
C ILE BD 15 35.19 59.32 -103.69
N VAL BD 16 36.26 59.64 -102.97
CA VAL BD 16 36.37 60.91 -102.27
C VAL BD 16 37.50 61.69 -102.91
N TRP BD 17 37.18 62.84 -103.49
CA TRP BD 17 38.21 63.72 -104.01
C TRP BD 17 38.61 64.73 -102.94
N SER BD 18 39.89 65.07 -102.90
CA SER BD 18 40.39 66.07 -101.97
C SER BD 18 41.46 66.90 -102.66
N ASP BD 19 41.53 68.17 -102.29
CA ASP BD 19 42.43 69.10 -102.95
C ASP BD 19 43.85 68.93 -102.40
N PRO BD 20 44.87 68.98 -103.27
CA PRO BD 20 46.24 68.88 -102.76
C PRO BD 20 46.67 70.04 -101.91
N THR BD 21 46.37 71.28 -102.33
CA THR BD 21 46.79 72.44 -101.56
C THR BD 21 46.13 72.46 -100.18
N ARG BD 22 44.84 72.17 -100.13
CA ARG BD 22 44.09 72.17 -98.88
C ARG BD 22 43.36 70.85 -98.73
N LEU BD 23 43.65 70.14 -97.64
CA LEU BD 23 43.10 68.81 -97.43
C LEU BD 23 41.71 68.83 -96.81
N SER BD 24 41.27 69.97 -96.28
CA SER BD 24 39.93 70.03 -95.70
C SER BD 24 38.85 69.88 -96.76
N THR BD 25 39.06 70.49 -97.92
CA THR BD 25 38.06 70.45 -98.97
C THR BD 25 37.95 69.06 -99.56
N THR BD 26 36.77 68.45 -99.43
CA THR BD 26 36.54 67.13 -99.99
C THR BD 26 35.21 67.14 -100.72
N PHE BD 27 35.07 66.20 -101.66
CA PHE BD 27 33.82 66.00 -102.40
C PHE BD 27 33.62 64.51 -102.56
N SER BD 28 32.65 63.96 -101.85
CA SER BD 28 32.42 62.52 -101.80
C SER BD 28 31.18 62.18 -102.60
N ALA BD 29 31.30 61.18 -103.48
CA ALA BD 29 30.18 60.68 -104.27
C ALA BD 29 29.95 59.23 -103.90
N SER BD 30 28.83 58.95 -103.25
CA SER BD 30 28.46 57.61 -102.84
C SER BD 30 27.23 57.19 -103.62
N LEU BD 31 27.29 56.01 -104.23
CA LEU BD 31 26.21 55.52 -105.08
C LEU BD 31 25.77 54.16 -104.61
N LEU BD 32 24.46 53.90 -104.69
CA LEU BD 32 23.85 52.64 -104.29
C LEU BD 32 23.02 52.10 -105.44
N ARG BD 33 23.31 50.89 -105.87
CA ARG BD 33 22.57 50.22 -106.94
C ARG BD 33 21.58 49.24 -106.31
N GLN BD 34 20.31 49.37 -106.68
CA GLN BD 34 19.27 48.52 -106.13
C GLN BD 34 18.33 48.10 -107.24
N ARG BD 35 17.78 46.90 -107.11
CA ARG BD 35 16.85 46.33 -108.06
C ARG BD 35 15.48 46.30 -107.41
N VAL BD 36 14.57 47.14 -107.88
CA VAL BD 36 13.25 47.30 -107.29
C VAL BD 36 12.21 46.72 -108.25
N LYS BD 37 11.23 46.02 -107.70
CA LYS BD 37 10.15 45.44 -108.48
C LYS BD 37 8.90 46.28 -108.22
N VAL BD 38 8.60 47.20 -109.14
CA VAL BD 38 7.36 47.95 -109.10
C VAL BD 38 6.30 47.02 -109.67
N GLY BD 39 5.02 47.40 -109.55
CA GLY BD 39 3.93 46.60 -110.09
C GLY BD 39 4.18 46.11 -111.49
N ILE BD 40 4.19 44.77 -111.64
CA ILE BD 40 4.42 44.05 -112.90
C ILE BD 40 5.50 44.71 -113.74
N ALA BD 41 6.63 45.02 -113.10
CA ALA BD 41 7.80 45.54 -113.80
C ALA BD 41 8.99 45.53 -112.86
N GLU BD 42 10.17 45.22 -113.41
CA GLU BD 42 11.41 45.23 -112.66
C GLU BD 42 12.22 46.45 -113.06
N LEU BD 43 12.62 47.24 -112.07
CA LEU BD 43 13.36 48.47 -112.33
C LEU BD 43 14.66 48.46 -111.55
N ASN BD 44 15.68 49.09 -112.11
CA ASN BD 44 16.99 49.19 -111.49
C ASN BD 44 17.11 50.58 -110.86
N ASN BD 45 16.72 50.65 -109.59
CA ASN BD 45 16.82 51.91 -108.87
C ASN BD 45 18.27 52.25 -108.58
N VAL BD 46 18.58 53.55 -108.61
CA VAL BD 46 19.90 54.05 -108.27
C VAL BD 46 19.73 55.27 -107.38
N SER BD 47 20.57 55.37 -106.34
CA SER BD 47 20.52 56.49 -105.42
C SER BD 47 21.94 57.01 -105.21
N GLY BD 48 22.27 58.11 -105.87
CA GLY BD 48 23.59 58.70 -105.79
C GLY BD 48 23.60 59.83 -104.77
N GLN BD 49 24.46 59.70 -103.77
CA GLN BD 49 24.61 60.69 -102.73
C GLN BD 49 25.90 61.45 -102.96
N TYR BD 50 25.81 62.78 -103.00
CA TYR BD 50 26.93 63.65 -103.34
C TYR BD 50 27.14 64.62 -102.19
N VAL BD 51 28.30 64.55 -101.56
CA VAL BD 51 28.62 65.35 -100.40
C VAL BD 51 29.79 66.26 -100.75
N SER BD 52 29.60 67.56 -100.57
CA SER BD 52 30.65 68.54 -100.76
C SER BD 52 30.78 69.35 -99.48
N VAL BD 53 31.96 69.34 -98.88
CA VAL BD 53 32.19 70.01 -97.62
C VAL BD 53 33.34 70.99 -97.77
N TYR BD 54 33.39 71.95 -96.86
CA TYR BD 54 34.47 72.93 -96.83
C TYR BD 54 34.59 73.48 -95.42
N LYS BD 55 35.81 73.69 -94.99
CA LYS BD 55 36.12 74.29 -93.71
C LYS BD 55 36.63 75.70 -93.96
N ARG BD 56 35.91 76.70 -93.46
CA ARG BD 56 36.21 78.09 -93.76
C ARG BD 56 36.30 78.91 -92.48
N PRO BD 57 37.44 79.55 -92.22
CA PRO BD 57 37.57 80.41 -91.04
C PRO BD 57 37.05 81.80 -91.33
N ALA BD 58 35.74 81.96 -91.31
CA ALA BD 58 35.08 83.20 -91.70
C ALA BD 58 35.06 84.29 -90.63
N PRO BD 59 34.69 83.99 -89.37
CA PRO BD 59 34.38 85.09 -88.43
C PRO BD 59 35.59 85.92 -88.05
N LYS BD 60 36.20 86.58 -89.03
CA LYS BD 60 37.26 87.52 -88.76
C LYS BD 60 36.65 88.86 -88.36
N PRO BD 61 36.91 89.36 -87.16
CA PRO BD 61 36.26 90.61 -86.74
C PRO BD 61 36.72 91.78 -87.60
N GLU BD 62 35.91 92.82 -87.62
CA GLU BD 62 36.20 93.99 -88.45
C GLU BD 62 37.39 94.75 -87.90
N GLY BD 63 38.16 95.37 -88.79
CA GLY BD 63 39.28 96.20 -88.40
C GLY BD 63 40.35 95.45 -87.63
N CYS BD 64 40.72 94.27 -88.12
CA CYS BD 64 41.72 93.44 -87.46
C CYS BD 64 42.86 93.22 -88.44
N ALA BD 65 43.92 94.01 -88.33
CA ALA BD 65 45.09 93.88 -89.17
C ALA BD 65 46.03 92.79 -88.66
N ASP BD 66 45.67 92.14 -87.56
CA ASP BD 66 46.47 91.06 -87.00
C ASP BD 66 46.62 89.87 -87.93
N ALA BD 67 47.87 89.56 -88.29
CA ALA BD 67 48.15 88.32 -89.00
C ALA BD 67 47.95 87.13 -88.08
N CYS BD 68 47.94 87.38 -86.78
CA CYS BD 68 47.75 86.33 -85.79
C CYS BD 68 46.27 86.14 -85.46
N VAL BD 69 46.00 85.34 -84.44
CA VAL BD 69 44.64 85.06 -83.99
C VAL BD 69 43.87 84.47 -85.17
N ILE BD 70 44.21 83.24 -85.53
CA ILE BD 70 43.49 82.56 -86.61
C ILE BD 70 42.09 82.20 -86.12
N MET BD 71 41.08 82.56 -86.89
CA MET BD 71 39.72 82.29 -86.48
C MET BD 71 39.48 80.78 -86.47
N PRO BD 72 38.78 80.25 -85.47
CA PRO BD 72 38.46 78.83 -85.47
C PRO BD 72 37.64 78.48 -86.69
N ASN BD 73 37.87 77.28 -87.21
CA ASN BD 73 37.37 76.96 -88.54
C ASN BD 73 36.02 76.27 -88.46
N GLU BD 74 35.08 76.70 -89.30
CA GLU BD 74 33.71 76.23 -89.26
C GLU BD 74 33.33 75.55 -90.57
N ASN BD 75 32.20 74.86 -90.54
CA ASN BD 75 31.84 73.90 -91.58
C ASN BD 75 30.87 74.50 -92.58
N GLN BD 76 31.12 74.23 -93.86
CA GLN BD 76 30.20 74.55 -94.95
C GLN BD 76 29.98 73.28 -95.75
N SER BD 77 28.78 72.72 -95.68
CA SER BD 77 28.50 71.43 -96.29
C SER BD 77 27.30 71.53 -97.21
N ILE BD 78 27.38 70.89 -98.36
CA ILE BD 78 26.27 70.77 -99.29
C ILE BD 78 26.12 69.30 -99.64
N ARG BD 79 24.96 68.73 -99.32
CA ARG BD 79 24.69 67.32 -99.58
C ARG BD 79 23.53 67.20 -100.55
N THR BD 80 23.72 66.40 -101.58
CA THR BD 80 22.71 66.18 -102.60
C THR BD 80 22.55 64.68 -102.84
N VAL BD 81 21.30 64.22 -102.86
CA VAL BD 81 20.98 62.82 -103.12
C VAL BD 81 19.97 62.77 -104.24
N ILE BD 82 20.21 61.90 -105.22
CA ILE BD 82 19.36 61.76 -106.40
C ILE BD 82 18.94 60.30 -106.49
N SER BD 83 17.64 60.07 -106.59
CA SER BD 83 17.08 58.72 -106.66
C SER BD 83 16.28 58.56 -107.94
N GLY BD 84 16.44 57.43 -108.60
CA GLY BD 84 15.72 57.19 -109.83
C GLY BD 84 16.12 55.88 -110.47
N SER BD 85 15.61 55.66 -111.68
CA SER BD 85 15.88 54.45 -112.43
C SER BD 85 16.54 54.80 -113.76
N ALA BD 86 17.39 53.90 -114.25
CA ALA BD 86 18.19 54.19 -115.43
C ALA BD 86 17.32 54.36 -116.68
N GLU BD 87 16.28 53.55 -116.81
CA GLU BD 87 15.42 53.66 -117.99
C GLU BD 87 14.74 55.02 -118.06
N ASN BD 88 14.54 55.67 -116.92
CA ASN BD 88 14.01 57.03 -116.86
C ASN BD 88 15.10 58.06 -116.60
N LEU BD 89 16.36 57.70 -116.87
CA LEU BD 89 17.46 58.63 -116.62
C LEU BD 89 17.38 59.86 -117.51
N ALA BD 90 17.00 59.67 -118.78
CA ALA BD 90 16.93 60.80 -119.69
C ALA BD 90 15.96 61.86 -119.19
N THR BD 91 14.78 61.44 -118.75
CA THR BD 91 13.84 62.38 -118.14
C THR BD 91 14.24 62.74 -116.73
N LEU BD 92 15.05 61.90 -116.06
CA LEU BD 92 15.54 62.27 -114.74
C LEU BD 92 16.53 63.42 -114.83
N LYS BD 93 17.31 63.49 -115.90
CA LYS BD 93 18.27 64.58 -116.06
C LYS BD 93 17.56 65.93 -116.11
N ALA BD 94 16.45 66.00 -116.84
CA ALA BD 94 15.66 67.23 -116.87
C ALA BD 94 15.16 67.58 -115.49
N GLU BD 95 14.83 66.58 -114.68
CA GLU BD 95 14.42 66.84 -113.31
C GLU BD 95 15.55 67.49 -112.52
N TRP BD 96 16.78 67.01 -112.72
CA TRP BD 96 17.92 67.61 -112.01
C TRP BD 96 18.10 69.06 -112.40
N GLU BD 97 18.01 69.37 -113.69
CA GLU BD 97 18.18 70.75 -114.13
C GLU BD 97 17.10 71.65 -113.55
N THR BD 98 15.85 71.17 -113.56
CA THR BD 98 14.77 71.95 -112.97
C THR BD 98 14.99 72.17 -111.48
N HIS BD 99 15.41 71.11 -110.77
CA HIS BD 99 15.72 71.25 -109.36
C HIS BD 99 16.83 72.27 -109.14
N LYS BD 100 17.78 72.35 -110.06
CA LYS BD 100 18.85 73.34 -109.95
C LYS BD 100 18.29 74.76 -110.01
N ARG BD 101 17.44 75.03 -111.00
CA ARG BD 101 16.97 76.40 -111.19
C ARG BD 101 15.99 76.80 -110.09
N ASN BD 102 15.24 75.85 -109.55
CA ASN BD 102 14.33 76.17 -108.46
C ASN BD 102 15.09 76.61 -107.23
N VAL BD 103 16.20 75.93 -106.92
CA VAL BD 103 17.01 76.34 -105.78
C VAL BD 103 17.64 77.71 -106.03
N ASP BD 104 18.15 77.92 -107.24
CA ASP BD 104 18.81 79.18 -107.55
C ASP BD 104 17.85 80.36 -107.40
N THR BD 105 16.65 80.24 -107.96
CA THR BD 105 15.70 81.34 -107.86
C THR BD 105 15.20 81.53 -106.45
N LEU BD 106 15.43 80.56 -105.57
CA LEU BD 106 14.98 80.66 -104.20
C LEU BD 106 16.13 80.90 -103.22
N PHE BD 107 17.31 80.35 -103.50
CA PHE BD 107 18.45 80.47 -102.60
C PHE BD 107 19.55 81.37 -103.16
N ALA BD 108 20.02 81.09 -104.38
CA ALA BD 108 21.10 81.89 -104.95
C ALA BD 108 20.62 83.30 -105.27
N SER BD 109 19.64 83.42 -106.17
CA SER BD 109 19.09 84.72 -106.48
C SER BD 109 18.34 85.31 -105.28
N GLY BD 110 17.58 84.48 -104.58
CA GLY BD 110 16.86 84.91 -103.41
C GLY BD 110 17.75 85.04 -102.20
N ASN BD 111 17.12 85.34 -101.06
CA ASN BD 111 17.82 85.49 -99.79
C ASN BD 111 17.45 84.40 -98.80
N ALA BD 112 17.08 83.22 -99.28
CA ALA BD 112 16.75 82.13 -98.37
C ALA BD 112 17.98 81.59 -97.64
N GLY BD 113 19.19 81.91 -98.13
CA GLY BD 113 20.38 81.44 -97.46
C GLY BD 113 20.48 81.93 -96.04
N LEU BD 114 20.13 83.19 -95.82
CA LEU BD 114 20.13 83.73 -94.46
C LEU BD 114 18.90 83.30 -93.67
N GLY BD 115 17.88 82.75 -94.33
CA GLY BD 115 16.79 82.13 -93.61
C GLY BD 115 15.44 82.78 -93.77
N PHE BD 116 15.20 83.43 -94.91
CA PHE BD 116 13.93 84.10 -95.18
C PHE BD 116 13.23 83.39 -96.33
N LEU BD 117 11.93 83.18 -96.19
CA LEU BD 117 11.16 82.49 -97.22
C LEU BD 117 10.43 83.50 -98.07
N ASP BD 118 10.26 83.16 -99.35
CA ASP BD 118 9.62 84.05 -100.31
C ASP BD 118 8.48 83.22 -100.90
N PRO BD 119 7.29 83.28 -100.31
CA PRO BD 119 6.18 82.47 -100.80
C PRO BD 119 5.70 82.90 -102.18
N THR BD 120 6.18 84.05 -102.64
CA THR BD 120 5.82 84.55 -103.97
C THR BD 120 6.90 84.24 -105.00
N ALA BD 121 7.90 83.45 -104.65
CA ALA BD 121 8.97 83.13 -105.59
C ALA BD 121 8.43 82.32 -106.75
N ALA BD 122 8.88 82.65 -107.96
CA ALA BD 122 8.41 82.00 -109.17
C ALA BD 122 9.28 80.78 -109.44
N ILE BD 123 8.77 79.60 -109.11
CA ILE BD 123 9.45 78.34 -109.37
C ILE BD 123 8.62 77.56 -110.37
N VAL BD 124 9.29 76.85 -111.28
CA VAL BD 124 8.63 76.22 -112.41
C VAL BD 124 8.96 74.74 -112.41
N SER BD 125 8.09 73.97 -113.05
CA SER BD 125 8.17 72.52 -113.06
C SER BD 125 8.92 72.01 -114.29
N SER BD 126 9.22 70.72 -114.28
CA SER BD 126 9.92 70.11 -115.40
C SER BD 126 9.08 70.16 -116.67
N ASP BD 127 7.79 69.89 -116.56
CA ASP BD 127 6.92 69.83 -117.73
C ASP BD 127 6.79 71.20 -118.37
N THR BD 128 6.71 71.22 -119.70
CA THR BD 128 6.64 72.44 -120.48
C THR BD 128 5.29 72.52 -121.17
N THR BD 129 4.78 73.75 -121.32
CA THR BD 129 3.51 73.96 -122.01
C THR BD 129 3.61 73.53 -123.47
N ALA CD 1 -79.35 77.41 93.11
CA ALA CD 1 -79.45 76.22 93.94
C ALA CD 1 -79.21 74.97 93.12
N ASN CD 2 -78.04 74.90 92.49
CA ASN CD 2 -77.67 73.78 91.65
C ASN CD 2 -76.76 72.83 92.43
N LYS CD 3 -76.72 71.59 91.97
CA LYS CD 3 -75.87 70.59 92.61
C LYS CD 3 -74.41 70.94 92.35
N PRO CD 4 -73.61 71.14 93.39
CA PRO CD 4 -72.18 71.41 93.17
C PRO CD 4 -71.45 70.13 92.79
N MET CD 5 -70.58 70.24 91.80
CA MET CD 5 -69.78 69.09 91.42
C MET CD 5 -68.73 68.81 92.50
N GLN CD 6 -68.15 67.61 92.42
CA GLN CD 6 -67.09 67.21 93.31
C GLN CD 6 -65.84 66.92 92.48
N PRO CD 7 -64.71 67.53 92.79
CA PRO CD 7 -63.51 67.33 91.97
C PRO CD 7 -63.10 65.87 91.95
N ILE CD 8 -62.71 65.40 90.77
CA ILE CD 8 -62.35 64.01 90.56
C ILE CD 8 -60.84 63.84 90.44
N THR CD 9 -60.22 64.63 89.56
CA THR CD 9 -58.79 64.59 89.35
C THR CD 9 -58.22 65.97 89.58
N SER CD 10 -57.15 66.06 90.37
CA SER CD 10 -56.52 67.32 90.69
C SER CD 10 -55.06 67.28 90.28
N THR CD 11 -54.62 68.34 89.61
CA THR CD 11 -53.22 68.50 89.22
C THR CD 11 -52.94 69.99 89.15
N ALA CD 12 -51.66 70.34 89.16
CA ALA CD 12 -51.27 71.74 89.14
C ALA CD 12 -51.75 72.46 87.89
N ASN CD 13 -51.97 71.75 86.80
CA ASN CD 13 -52.40 72.36 85.55
C ASN CD 13 -53.73 71.83 85.05
N LYS CD 14 -54.09 70.61 85.40
CA LYS CD 14 -55.32 69.99 84.96
C LYS CD 14 -56.18 69.62 86.17
N ILE CD 15 -57.48 69.84 86.06
CA ILE CD 15 -58.39 69.48 87.14
C ILE CD 15 -59.78 69.31 86.56
N VAL CD 16 -60.48 68.27 87.00
CA VAL CD 16 -61.78 67.89 86.45
C VAL CD 16 -62.78 67.72 87.59
N TRP CD 17 -63.94 68.33 87.45
CA TRP CD 17 -65.06 68.11 88.34
C TRP CD 17 -66.08 67.20 87.67
N SER CD 18 -67.08 66.80 88.44
CA SER CD 18 -68.16 65.96 87.94
C SER CD 18 -69.25 65.88 89.01
N ASP CD 19 -70.49 65.76 88.56
CA ASP CD 19 -71.60 65.66 89.48
C ASP CD 19 -71.56 64.31 90.19
N PRO CD 20 -71.66 64.28 91.52
CA PRO CD 20 -71.62 62.99 92.22
C PRO CD 20 -72.74 62.04 91.82
N THR CD 21 -73.94 62.56 91.57
CA THR CD 21 -75.05 61.71 91.20
C THR CD 21 -74.89 61.18 89.77
N ARG CD 22 -74.52 62.06 88.84
CA ARG CD 22 -74.36 61.72 87.44
C ARG CD 22 -72.93 62.04 87.03
N LEU CD 23 -72.13 61.01 86.80
CA LEU CD 23 -70.72 61.23 86.50
C LEU CD 23 -70.47 61.50 85.03
N SER CD 24 -71.48 61.37 84.17
CA SER CD 24 -71.30 61.70 82.76
C SER CD 24 -71.00 63.18 82.59
N THR CD 25 -71.74 64.03 83.29
CA THR CD 25 -71.51 65.47 83.19
C THR CD 25 -70.26 65.87 83.95
N THR CD 26 -69.41 66.67 83.30
CA THR CD 26 -68.13 67.05 83.87
C THR CD 26 -67.85 68.51 83.53
N PHE CD 27 -66.90 69.08 84.27
CA PHE CD 27 -66.35 70.40 83.97
C PHE CD 27 -64.84 70.30 84.13
N SER CD 28 -64.11 70.50 83.04
CA SER CD 28 -62.66 70.34 83.03
C SER CD 28 -62.01 71.69 82.77
N ALA CD 29 -61.01 72.01 83.58
CA ALA CD 29 -60.23 73.23 83.41
C ALA CD 29 -58.76 72.86 83.31
N SER CD 30 -58.09 73.38 82.29
CA SER CD 30 -56.67 73.12 82.08
C SER CD 30 -55.95 74.42 81.79
N LEU CD 31 -54.69 74.49 82.20
CA LEU CD 31 -53.88 75.68 82.02
C LEU CD 31 -52.60 75.33 81.27
N LEU CD 32 -52.20 76.21 80.37
CA LEU CD 32 -50.92 76.10 79.67
C LEU CD 32 -50.23 77.43 79.82
N ARG CD 33 -49.33 77.53 80.80
CA ARG CD 33 -48.58 78.75 81.04
C ARG CD 33 -47.25 78.67 80.32
N GLN CD 34 -46.92 79.72 79.59
CA GLN CD 34 -45.68 79.76 78.83
C GLN CD 34 -45.25 81.20 78.64
N ARG CD 35 -43.96 81.38 78.42
CA ARG CD 35 -43.38 82.69 78.24
C ARG CD 35 -43.46 83.13 76.79
N VAL CD 36 -43.70 84.42 76.58
CA VAL CD 36 -43.75 85.00 75.25
C VAL CD 36 -42.87 86.24 75.22
N LYS CD 37 -42.10 86.38 74.15
CA LYS CD 37 -41.14 87.46 73.99
C LYS CD 37 -41.61 88.36 72.86
N VAL CD 38 -42.07 89.56 73.21
CA VAL CD 38 -42.59 90.48 72.21
C VAL CD 38 -41.92 91.85 72.29
N GLY CD 39 -42.04 92.53 73.43
CA GLY CD 39 -41.57 93.89 73.55
C GLY CD 39 -40.17 94.05 74.11
N ILE CD 40 -39.17 93.55 73.37
CA ILE CD 40 -37.78 93.46 73.80
C ILE CD 40 -37.71 93.11 75.28
N ALA CD 41 -38.67 92.31 75.74
CA ALA CD 41 -38.80 91.96 77.14
C ALA CD 41 -39.71 90.75 77.25
N GLU CD 42 -39.30 89.76 78.04
CA GLU CD 42 -40.11 88.58 78.25
C GLU CD 42 -41.45 88.93 78.87
N LEU CD 43 -42.48 88.21 78.45
CA LEU CD 43 -43.83 88.43 78.96
C LEU CD 43 -44.46 87.08 79.25
N ASN CD 44 -45.17 86.99 80.37
CA ASN CD 44 -45.82 85.74 80.75
C ASN CD 44 -47.17 85.62 80.05
N ASN CD 45 -47.47 84.42 79.57
CA ASN CD 45 -48.71 84.15 78.88
C ASN CD 45 -49.34 82.89 79.43
N VAL CD 46 -50.67 82.89 79.52
CA VAL CD 46 -51.43 81.74 80.00
C VAL CD 46 -52.60 81.51 79.06
N SER CD 47 -52.88 80.24 78.78
CA SER CD 47 -53.98 79.86 77.91
C SER CD 47 -54.87 78.89 78.67
N GLY CD 48 -55.92 79.42 79.29
CA GLY CD 48 -56.83 78.62 80.09
C GLY CD 48 -57.92 78.02 79.24
N GLN CD 49 -58.02 76.70 79.25
CA GLN CD 49 -59.02 75.97 78.49
C GLN CD 49 -60.03 75.37 79.44
N TYR CD 50 -61.31 75.64 79.21
CA TYR CD 50 -62.39 75.19 80.07
C TYR CD 50 -63.41 74.44 79.22
N VAL CD 51 -63.73 73.22 79.65
CA VAL CD 51 -64.62 72.34 78.89
C VAL CD 51 -65.75 71.88 79.80
N SER CD 52 -66.98 72.02 79.33
CA SER CD 52 -68.15 71.51 80.02
C SER CD 52 -68.87 70.53 79.10
N VAL CD 53 -69.15 69.33 79.61
CA VAL CD 53 -69.72 68.26 78.81
C VAL CD 53 -70.96 67.73 79.52
N TYR CD 54 -72.04 67.57 78.76
CA TYR CD 54 -73.25 66.94 79.27
C TYR CD 54 -73.74 65.93 78.23
N LYS CD 55 -74.39 64.88 78.72
CA LYS CD 55 -74.96 63.86 77.85
C LYS CD 55 -76.46 63.79 78.10
N ARG CD 56 -77.25 63.90 77.04
CA ARG CD 56 -78.69 63.89 77.12
C ARG CD 56 -79.27 63.05 76.01
N PRO CD 57 -80.41 62.40 76.24
CA PRO CD 57 -81.01 61.52 75.23
C PRO CD 57 -81.75 62.33 74.18
N ALA CD 58 -82.34 61.61 73.23
CA ALA CD 58 -83.09 62.24 72.15
C ALA CD 58 -84.37 62.87 72.69
N PRO CD 59 -84.94 63.85 71.96
CA PRO CD 59 -86.12 64.56 72.47
C PRO CD 59 -87.33 63.69 72.78
N LYS CD 60 -87.57 62.63 71.99
CA LYS CD 60 -88.76 61.79 72.20
C LYS CD 60 -90.03 62.64 72.18
N PRO CD 61 -90.53 63.01 70.98
CA PRO CD 61 -91.44 64.16 70.83
C PRO CD 61 -92.39 64.45 71.99
N GLU CD 62 -93.06 63.43 72.52
CA GLU CD 62 -93.81 63.63 73.74
C GLU CD 62 -93.74 62.36 74.58
N GLY CD 63 -94.47 62.30 75.68
CA GLY CD 63 -94.32 61.19 76.60
C GLY CD 63 -94.63 59.83 76.02
N CYS CD 64 -93.57 59.08 75.72
CA CYS CD 64 -93.62 57.64 75.49
C CYS CD 64 -92.42 57.02 76.18
N ALA CD 65 -91.46 57.85 76.57
CA ALA CD 65 -90.28 57.38 77.25
C ALA CD 65 -90.61 56.95 78.68
N ASP CD 66 -91.84 57.23 79.12
CA ASP CD 66 -92.32 56.78 80.42
C ASP CD 66 -92.14 55.26 80.52
N ALA CD 67 -92.46 54.54 79.44
CA ALA CD 67 -92.02 53.16 79.31
C ALA CD 67 -90.50 53.17 79.27
N CYS CD 68 -89.86 52.68 80.33
CA CYS CD 68 -88.44 52.93 80.51
C CYS CD 68 -87.56 52.03 79.65
N VAL CD 69 -87.04 52.60 78.57
CA VAL CD 69 -85.91 52.06 77.83
C VAL CD 69 -84.96 53.20 77.55
N ILE CD 70 -83.67 52.96 77.73
CA ILE CD 70 -82.67 54.01 77.60
C ILE CD 70 -82.56 54.38 76.14
N MET CD 71 -82.41 55.68 75.88
CA MET CD 71 -82.17 56.14 74.52
C MET CD 71 -80.74 56.62 74.41
N PRO CD 72 -80.12 56.45 73.25
CA PRO CD 72 -78.74 56.92 73.08
C PRO CD 72 -78.64 58.42 73.27
N ASN CD 73 -77.51 58.84 73.84
CA ASN CD 73 -77.32 60.23 74.23
C ASN CD 73 -76.23 60.86 73.35
N GLU CD 74 -76.48 62.11 72.96
CA GLU CD 74 -75.50 62.90 72.26
C GLU CD 74 -74.66 63.67 73.27
N ASN CD 75 -73.68 64.41 72.77
CA ASN CD 75 -72.77 65.18 73.60
C ASN CD 75 -73.05 66.67 73.42
N GLN CD 76 -73.42 67.33 74.49
CA GLN CD 76 -73.58 68.78 74.51
C GLN CD 76 -72.34 69.35 75.18
N SER CD 77 -71.40 69.82 74.38
CA SER CD 77 -70.10 70.25 74.87
C SER CD 77 -69.91 71.74 74.61
N ILE CD 78 -69.22 72.40 75.53
CA ILE CD 78 -68.91 73.81 75.43
C ILE CD 78 -67.42 73.99 75.68
N ARG CD 79 -66.71 74.52 74.71
CA ARG CD 79 -65.28 74.74 74.80
C ARG CD 79 -65.00 76.23 74.93
N THR CD 80 -63.97 76.58 75.70
CA THR CD 80 -63.58 77.96 75.86
C THR CD 80 -62.09 78.01 76.16
N VAL CD 81 -61.37 78.86 75.41
CA VAL CD 81 -59.96 79.09 75.64
C VAL CD 81 -59.74 80.58 75.79
N ILE CD 82 -58.92 80.96 76.77
CA ILE CD 82 -58.61 82.36 77.04
C ILE CD 82 -57.09 82.47 77.08
N SER CD 83 -56.53 83.21 76.13
CA SER CD 83 -55.09 83.38 76.03
C SER CD 83 -54.75 84.86 76.08
N GLY CD 84 -53.79 85.22 76.92
CA GLY CD 84 -53.36 86.60 77.03
C GLY CD 84 -52.30 86.73 78.09
N SER CD 85 -51.69 87.91 78.12
CA SER CD 85 -50.65 88.21 79.10
C SER CD 85 -51.26 88.25 80.49
N ALA CD 86 -50.53 87.72 81.48
CA ALA CD 86 -51.06 87.63 82.83
C ALA CD 86 -51.31 89.00 83.43
N GLU CD 87 -50.39 89.94 83.24
CA GLU CD 87 -50.52 91.26 83.86
C GLU CD 87 -51.74 92.02 83.33
N ASN CD 88 -52.17 91.73 82.11
CA ASN CD 88 -53.31 92.39 81.51
C ASN CD 88 -54.61 91.68 81.83
N LEU CD 89 -54.65 90.94 82.94
CA LEU CD 89 -55.88 90.24 83.31
C LEU CD 89 -57.02 91.21 83.53
N ALA CD 90 -56.77 92.32 84.22
CA ALA CD 90 -57.84 93.25 84.57
C ALA CD 90 -58.52 93.79 83.32
N THR CD 91 -57.73 94.20 82.33
CA THR CD 91 -58.33 94.63 81.07
C THR CD 91 -58.85 93.46 80.26
N LEU CD 92 -58.30 92.26 80.49
CA LEU CD 92 -58.81 91.09 79.79
C LEU CD 92 -60.15 90.66 80.36
N LYS CD 93 -60.43 90.99 81.63
CA LYS CD 93 -61.73 90.69 82.20
C LYS CD 93 -62.84 91.33 81.39
N ALA CD 94 -62.67 92.60 81.02
CA ALA CD 94 -63.67 93.27 80.20
C ALA CD 94 -63.81 92.58 78.84
N GLU CD 95 -62.71 92.08 78.29
CA GLU CD 95 -62.80 91.30 77.07
C GLU CD 95 -63.66 90.07 77.28
N TRP CD 96 -63.48 89.39 78.42
CA TRP CD 96 -64.31 88.24 78.73
C TRP CD 96 -65.77 88.64 78.90
N GLU CD 97 -66.03 89.73 79.61
CA GLU CD 97 -67.40 90.18 79.78
C GLU CD 97 -68.04 90.55 78.46
N THR CD 98 -67.30 91.29 77.62
CA THR CD 98 -67.83 91.66 76.32
C THR CD 98 -68.05 90.43 75.46
N HIS CD 99 -67.19 89.44 75.58
CA HIS CD 99 -67.36 88.20 74.82
C HIS CD 99 -68.69 87.53 75.19
N LYS CD 100 -69.06 87.61 76.47
CA LYS CD 100 -70.36 87.07 76.90
C LYS CD 100 -71.50 87.73 76.14
N ARG CD 101 -71.51 89.06 76.10
CA ARG CD 101 -72.65 89.76 75.52
C ARG CD 101 -72.78 89.46 74.03
N ASN CD 102 -71.66 89.42 73.32
CA ASN CD 102 -71.70 89.19 71.88
C ASN CD 102 -72.33 87.84 71.56
N VAL CD 103 -71.87 86.78 72.23
CA VAL CD 103 -72.44 85.47 72.00
C VAL CD 103 -73.88 85.40 72.53
N ASP CD 104 -74.14 86.02 73.68
CA ASP CD 104 -75.50 85.99 74.21
C ASP CD 104 -76.46 86.69 73.26
N THR CD 105 -76.06 87.83 72.72
CA THR CD 105 -76.88 88.49 71.72
C THR CD 105 -77.02 87.64 70.47
N LEU CD 106 -75.92 87.08 69.98
CA LEU CD 106 -75.96 86.33 68.74
C LEU CD 106 -76.57 84.95 68.91
N PHE CD 107 -76.27 84.26 70.01
CA PHE CD 107 -76.72 82.88 70.21
C PHE CD 107 -77.86 82.76 71.20
N ALA CD 108 -77.71 83.32 72.40
CA ALA CD 108 -78.72 83.10 73.44
C ALA CD 108 -80.04 83.78 73.08
N SER CD 109 -80.03 85.10 72.94
CA SER CD 109 -81.23 85.81 72.53
C SER CD 109 -81.59 85.46 71.08
N GLY CD 110 -80.59 85.37 70.22
CA GLY CD 110 -80.82 85.08 68.82
C GLY CD 110 -81.12 83.62 68.57
N ASN CD 111 -81.24 83.27 67.30
CA ASN CD 111 -81.55 81.92 66.87
C ASN CD 111 -80.35 81.24 66.22
N ALA CD 112 -79.14 81.59 66.65
CA ALA CD 112 -77.94 81.01 66.07
C ALA CD 112 -77.84 79.52 66.30
N GLY CD 113 -78.35 79.02 67.43
CA GLY CD 113 -78.21 77.61 67.73
C GLY CD 113 -78.86 76.69 66.72
N LEU CD 114 -79.81 77.20 65.94
CA LEU CD 114 -80.43 76.39 64.91
C LEU CD 114 -79.65 76.42 63.59
N GLY CD 115 -78.66 77.30 63.47
CA GLY CD 115 -77.88 77.39 62.25
C GLY CD 115 -78.17 78.64 61.46
N PHE CD 116 -78.57 79.70 62.14
CA PHE CD 116 -78.90 80.97 61.50
C PHE CD 116 -77.94 82.06 61.97
N LEU CD 117 -77.45 82.84 61.04
CA LEU CD 117 -76.54 83.93 61.32
C LEU CD 117 -77.13 85.24 60.82
N ASP CD 118 -77.26 86.21 61.74
CA ASP CD 118 -77.89 87.48 61.42
C ASP CD 118 -76.82 88.56 61.29
N PRO CD 119 -76.54 89.05 60.08
CA PRO CD 119 -75.58 90.16 59.95
C PRO CD 119 -76.02 91.43 60.63
N THR CD 120 -77.31 91.58 60.93
CA THR CD 120 -77.81 92.79 61.58
C THR CD 120 -77.77 92.70 63.10
N ALA CD 121 -77.21 91.63 63.66
CA ALA CD 121 -77.12 91.49 65.10
C ALA CD 121 -76.29 92.62 65.69
N ALA CD 122 -76.80 93.22 66.76
CA ALA CD 122 -76.13 94.37 67.39
C ALA CD 122 -75.08 93.86 68.36
N ILE CD 123 -73.82 93.93 67.95
CA ILE CD 123 -72.70 93.53 68.79
C ILE CD 123 -71.72 94.69 68.89
N VAL CD 124 -71.00 94.76 70.00
CA VAL CD 124 -70.12 95.89 70.29
C VAL CD 124 -68.76 95.36 70.75
N SER CD 125 -67.82 96.29 70.87
CA SER CD 125 -66.48 95.98 71.34
C SER CD 125 -66.38 96.17 72.85
N SER CD 126 -65.25 95.74 73.41
CA SER CD 126 -65.02 95.89 74.83
C SER CD 126 -64.84 97.36 75.21
N ASP CD 127 -64.14 98.12 74.37
CA ASP CD 127 -63.88 99.52 74.68
C ASP CD 127 -65.18 100.32 74.70
N THR CD 128 -65.22 101.34 75.56
CA THR CD 128 -66.37 102.20 75.71
C THR CD 128 -66.17 103.48 74.93
N THR CD 129 -67.09 104.42 75.09
CA THR CD 129 -67.00 105.71 74.41
C THR CD 129 -66.72 106.83 75.40
N ALA DD 1 -42.75 94.12 105.25
CA ALA DD 1 -43.34 92.86 104.81
C ALA DD 1 -42.73 92.43 103.49
N ASN DD 2 -43.22 91.30 102.96
CA ASN DD 2 -42.75 90.77 101.69
C ASN DD 2 -43.92 90.18 100.92
N LYS DD 3 -43.78 90.11 99.61
CA LYS DD 3 -44.78 89.49 98.79
C LYS DD 3 -44.84 88.00 99.09
N PRO DD 4 -45.97 87.47 99.52
CA PRO DD 4 -46.06 86.02 99.76
C PRO DD 4 -46.43 85.26 98.50
N MET DD 5 -45.62 84.27 98.12
CA MET DD 5 -45.97 83.48 96.96
C MET DD 5 -47.01 82.43 97.33
N GLN DD 6 -47.27 81.53 96.40
CA GLN DD 6 -48.14 80.38 96.63
C GLN DD 6 -47.82 79.34 95.56
N PRO DD 7 -48.07 78.07 95.84
CA PRO DD 7 -47.60 77.01 94.94
C PRO DD 7 -48.20 77.13 93.54
N ILE DD 8 -47.39 76.77 92.55
CA ILE DD 8 -47.80 76.77 91.15
C ILE DD 8 -47.86 75.36 90.60
N THR DD 9 -46.76 74.63 90.66
CA THR DD 9 -46.70 73.24 90.23
C THR DD 9 -46.48 72.35 91.43
N SER DD 10 -47.36 71.36 91.60
CA SER DD 10 -47.25 70.40 92.68
C SER DD 10 -46.86 69.05 92.11
N THR DD 11 -45.89 68.40 92.74
CA THR DD 11 -45.38 67.13 92.25
C THR DD 11 -44.85 66.36 93.46
N ALA DD 12 -44.57 65.07 93.25
CA ALA DD 12 -44.02 64.24 94.32
C ALA DD 12 -42.70 64.80 94.83
N ASN DD 13 -41.94 65.48 93.97
CA ASN DD 13 -40.63 66.00 94.35
C ASN DD 13 -40.40 67.41 93.81
N LYS DD 14 -41.45 68.11 93.39
CA LYS DD 14 -41.30 69.45 92.84
C LYS DD 14 -42.44 70.33 93.32
N ILE DD 15 -42.09 71.44 93.94
CA ILE DD 15 -43.06 72.50 94.24
C ILE DD 15 -42.41 73.82 93.90
N VAL DD 16 -43.10 74.66 93.14
CA VAL DD 16 -42.59 75.96 92.75
C VAL DD 16 -43.57 77.03 93.21
N TRP DD 17 -43.06 78.05 93.88
CA TRP DD 17 -43.85 79.21 94.24
C TRP DD 17 -43.46 80.39 93.35
N SER DD 18 -44.47 81.11 92.87
CA SER DD 18 -44.22 82.30 92.07
C SER DD 18 -45.13 83.42 92.54
N ASP DD 19 -44.64 84.64 92.44
CA ASP DD 19 -45.37 85.80 92.92
C ASP DD 19 -46.56 86.07 92.00
N PRO DD 20 -47.78 86.14 92.52
CA PRO DD 20 -48.90 86.58 91.69
C PRO DD 20 -48.69 87.96 91.10
N THR DD 21 -48.05 88.87 91.85
CA THR DD 21 -47.77 90.19 91.31
C THR DD 21 -46.79 90.11 90.15
N ARG DD 22 -45.67 89.42 90.35
CA ARG DD 22 -44.65 89.24 89.32
C ARG DD 22 -44.48 87.74 89.09
N LEU DD 23 -45.12 87.22 88.04
CA LEU DD 23 -44.99 85.80 87.74
C LEU DD 23 -43.56 85.43 87.38
N SER DD 24 -42.72 86.41 87.08
CA SER DD 24 -41.35 86.12 86.67
C SER DD 24 -40.55 85.51 87.81
N THR DD 25 -40.58 86.13 88.98
CA THR DD 25 -39.80 85.64 90.12
C THR DD 25 -40.42 84.35 90.64
N THR DD 26 -39.56 83.35 90.91
CA THR DD 26 -40.02 82.04 91.34
C THR DD 26 -39.08 81.51 92.41
N PHE DD 27 -39.58 80.53 93.17
CA PHE DD 27 -38.77 79.78 94.12
C PHE DD 27 -39.13 78.31 93.97
N SER DD 28 -38.15 77.50 93.63
CA SER DD 28 -38.37 76.08 93.37
C SER DD 28 -37.71 75.24 94.47
N ALA DD 29 -38.45 74.25 94.96
CA ALA DD 29 -37.94 73.34 95.96
C ALA DD 29 -38.07 71.91 95.44
N SER DD 30 -36.95 71.21 95.36
CA SER DD 30 -36.93 69.84 94.87
C SER DD 30 -36.02 69.00 95.77
N LEU DD 31 -36.38 67.73 95.92
CA LEU DD 31 -35.59 66.82 96.72
C LEU DD 31 -35.61 65.44 96.08
N LEU DD 32 -34.56 64.66 96.34
CA LEU DD 32 -34.37 63.34 95.76
C LEU DD 32 -34.00 62.38 96.88
N ARG DD 33 -35.00 61.74 97.47
CA ARG DD 33 -34.75 60.75 98.51
C ARG DD 33 -34.08 59.52 97.92
N GLN DD 34 -33.20 58.92 98.70
CA GLN DD 34 -32.41 57.79 98.20
C GLN DD 34 -32.00 56.91 99.37
N ARG DD 35 -31.99 55.61 99.12
CA ARG DD 35 -31.55 54.61 100.09
C ARG DD 35 -30.06 54.35 99.87
N VAL DD 36 -29.25 54.57 100.91
CA VAL DD 36 -27.80 54.46 100.81
C VAL DD 36 -27.31 53.53 101.91
N LYS DD 37 -26.29 52.73 101.59
CA LYS DD 37 -25.71 51.75 102.51
C LYS DD 37 -24.29 52.19 102.81
N VAL DD 38 -24.13 52.99 103.87
CA VAL DD 38 -22.79 53.45 104.26
C VAL DD 38 -21.94 52.26 104.72
N GLY DD 39 -22.49 51.43 105.59
CA GLY DD 39 -21.87 50.18 105.97
C GLY DD 39 -22.67 49.50 107.05
N ILE DD 40 -22.93 48.20 106.87
CA ILE DD 40 -23.70 47.35 107.79
C ILE DD 40 -24.87 48.09 108.43
N ALA DD 41 -25.42 49.07 107.72
CA ALA DD 41 -26.50 49.89 108.26
C ALA DD 41 -27.16 50.66 107.12
N GLU DD 42 -28.47 50.50 106.99
CA GLU DD 42 -29.23 51.24 105.99
C GLU DD 42 -29.39 52.69 106.43
N LEU DD 43 -29.13 53.61 105.51
CA LEU DD 43 -29.28 55.04 105.74
C LEU DD 43 -30.16 55.63 104.65
N ASN DD 44 -31.02 56.58 105.03
CA ASN DD 44 -31.88 57.28 104.09
C ASN DD 44 -31.22 58.61 103.73
N ASN DD 45 -30.68 58.69 102.52
CA ASN DD 45 -30.02 59.91 102.06
C ASN DD 45 -31.00 60.71 101.22
N VAL DD 46 -31.14 61.99 101.54
CA VAL DD 46 -32.01 62.90 100.79
C VAL DD 46 -31.18 64.11 100.39
N SER DD 47 -31.32 64.53 99.14
CA SER DD 47 -30.63 65.69 98.62
C SER DD 47 -31.67 66.72 98.19
N GLY DD 48 -31.63 67.89 98.82
CA GLY DD 48 -32.63 68.91 98.55
C GLY DD 48 -32.11 70.04 97.70
N GLN DD 49 -32.77 70.30 96.58
CA GLN DD 49 -32.40 71.38 95.68
C GLN DD 49 -33.37 72.54 95.88
N TYR DD 50 -32.81 73.73 96.11
CA TYR DD 50 -33.59 74.94 96.35
C TYR DD 50 -33.08 76.03 95.43
N VAL DD 51 -33.94 76.48 94.52
CA VAL DD 51 -33.56 77.44 93.49
C VAL DD 51 -34.45 78.66 93.64
N SER DD 52 -33.83 79.83 93.72
CA SER DD 52 -34.54 81.11 93.73
C SER DD 52 -34.14 81.88 92.49
N VAL DD 53 -35.12 82.31 91.71
CA VAL DD 53 -34.90 82.94 90.42
C VAL DD 53 -35.55 84.32 90.42
N TYR DD 54 -34.82 85.32 89.97
CA TYR DD 54 -35.35 86.67 89.81
C TYR DD 54 -34.75 87.30 88.57
N LYS DD 55 -35.60 87.95 87.78
CA LYS DD 55 -35.16 88.74 86.63
C LYS DD 55 -35.24 90.21 87.00
N ARG DD 56 -34.09 90.80 87.28
CA ARG DD 56 -34.05 92.21 87.62
C ARG DD 56 -33.54 93.03 86.45
N PRO DD 57 -34.11 94.19 86.20
CA PRO DD 57 -33.59 95.07 85.15
C PRO DD 57 -32.21 95.59 85.49
N ALA DD 58 -31.47 95.95 84.46
CA ALA DD 58 -30.14 96.50 84.65
C ALA DD 58 -30.24 97.83 85.41
N PRO DD 59 -29.18 98.22 86.13
CA PRO DD 59 -29.22 99.52 86.81
C PRO DD 59 -29.37 100.68 85.84
N LYS DD 60 -30.18 101.66 86.19
CA LYS DD 60 -30.37 102.80 85.31
C LYS DD 60 -29.16 103.74 85.38
N PRO DD 61 -28.92 104.51 84.32
CA PRO DD 61 -27.80 105.46 84.35
C PRO DD 61 -27.83 106.33 85.59
N GLU DD 62 -26.66 106.70 86.11
CA GLU DD 62 -26.57 107.31 87.43
C GLU DD 62 -27.41 108.57 87.54
N GLY DD 63 -28.27 108.64 88.56
CA GLY DD 63 -29.12 109.79 88.75
C GLY DD 63 -30.07 110.06 87.61
N CYS DD 64 -30.68 109.02 87.04
CA CYS DD 64 -31.56 109.19 85.90
C CYS DD 64 -32.90 108.52 86.15
N ALA DD 65 -33.45 108.72 87.35
CA ALA DD 65 -34.79 108.21 87.63
C ALA DD 65 -35.81 108.81 86.67
N ASP DD 66 -36.01 110.13 86.78
CA ASP DD 66 -36.75 111.01 85.86
C ASP DD 66 -37.68 110.28 84.89
N ALA DD 67 -37.52 110.56 83.59
CA ALA DD 67 -38.27 109.82 82.58
C ALA DD 67 -37.93 108.34 82.65
N CYS DD 68 -38.94 107.51 82.42
CA CYS DD 68 -38.77 106.07 82.57
C CYS DD 68 -38.27 105.44 81.27
N VAL DD 69 -37.31 104.53 81.41
CA VAL DD 69 -36.78 103.79 80.27
C VAL DD 69 -36.73 102.31 80.63
N ILE DD 70 -37.13 101.46 79.69
CA ILE DD 70 -37.21 100.03 79.91
C ILE DD 70 -35.93 99.35 79.43
N MET DD 71 -35.32 98.58 80.31
CA MET DD 71 -34.05 97.94 80.03
C MET DD 71 -34.19 96.42 80.15
N PRO DD 72 -33.29 95.64 79.57
CA PRO DD 72 -33.40 94.19 79.67
C PRO DD 72 -33.28 93.69 81.09
N ASN DD 73 -33.93 92.57 81.39
CA ASN DD 73 -33.85 91.92 82.69
C ASN DD 73 -32.71 90.93 82.69
N GLU DD 74 -31.96 90.89 83.79
CA GLU DD 74 -30.83 89.99 83.92
C GLU DD 74 -31.08 89.00 85.04
N ASN DD 75 -30.59 87.78 84.86
CA ASN DD 75 -30.89 86.68 85.76
C ASN DD 75 -30.16 86.85 87.08
N GLN DD 76 -30.91 86.71 88.18
CA GLN DD 76 -30.35 86.71 89.52
C GLN DD 76 -30.76 85.40 90.18
N SER DD 77 -29.90 84.39 90.07
CA SER DD 77 -30.22 83.03 90.46
C SER DD 77 -29.40 82.63 91.68
N ILE DD 78 -30.06 82.04 92.66
CA ILE DD 78 -29.42 81.50 93.86
C ILE DD 78 -29.88 80.06 94.00
N ARG DD 79 -28.95 79.12 93.82
CA ARG DD 79 -29.26 77.71 93.89
C ARG DD 79 -28.56 77.09 95.08
N THR DD 80 -29.30 76.32 95.86
CA THR DD 80 -28.77 75.68 97.06
C THR DD 80 -29.05 74.19 97.00
N VAL DD 81 -28.03 73.40 97.31
CA VAL DD 81 -28.14 71.94 97.35
C VAL DD 81 -27.69 71.47 98.72
N ILE DD 82 -28.55 70.72 99.40
CA ILE DD 82 -28.25 70.18 100.72
C ILE DD 82 -28.36 68.68 100.64
N SER DD 83 -27.29 67.98 101.00
CA SER DD 83 -27.24 66.53 100.94
C SER DD 83 -26.85 65.96 102.29
N GLY DD 84 -27.28 64.75 102.54
CA GLY DD 84 -26.98 64.08 103.80
C GLY DD 84 -28.08 63.12 104.18
N SER DD 85 -27.74 62.21 105.09
CA SER DD 85 -28.68 61.22 105.55
C SER DD 85 -29.72 61.85 106.45
N ALA DD 86 -30.95 61.33 106.39
CA ALA DD 86 -32.02 61.85 107.22
C ALA DD 86 -31.84 61.53 108.69
N GLU DD 87 -31.07 60.47 109.00
CA GLU DD 87 -30.93 60.04 110.39
C GLU DD 87 -30.21 61.09 111.22
N ASN DD 88 -29.19 61.73 110.67
CA ASN DD 88 -28.35 62.66 111.41
C ASN DD 88 -28.59 64.11 111.01
N LEU DD 89 -29.80 64.43 110.52
CA LEU DD 89 -30.05 65.80 110.10
C LEU DD 89 -30.10 66.77 111.28
N ALA DD 90 -30.18 66.27 112.51
CA ALA DD 90 -30.15 67.14 113.66
C ALA DD 90 -28.85 67.93 113.71
N THR DD 91 -27.73 67.26 113.47
CA THR DD 91 -26.45 67.97 113.40
C THR DD 91 -26.22 68.55 112.01
N LEU DD 92 -26.94 68.06 111.00
CA LEU DD 92 -26.78 68.63 109.67
C LEU DD 92 -27.34 70.03 109.60
N LYS DD 93 -28.39 70.33 110.39
CA LYS DD 93 -28.90 71.69 110.47
C LYS DD 93 -27.83 72.64 110.98
N ALA DD 94 -26.98 72.16 111.89
CA ALA DD 94 -25.84 72.96 112.33
C ALA DD 94 -24.91 73.27 111.16
N GLU DD 95 -24.68 72.29 110.29
CA GLU DD 95 -23.89 72.54 109.08
C GLU DD 95 -24.54 73.63 108.24
N TRP DD 96 -25.86 73.58 108.10
CA TRP DD 96 -26.56 74.60 107.34
C TRP DD 96 -26.40 75.97 107.98
N GLU DD 97 -26.46 76.03 109.31
CA GLU DD 97 -26.35 77.31 109.99
C GLU DD 97 -24.98 77.93 109.76
N THR DD 98 -23.91 77.17 109.97
CA THR DD 98 -22.57 77.72 109.79
C THR DD 98 -22.31 78.03 108.33
N HIS DD 99 -22.92 77.28 107.41
CA HIS DD 99 -22.77 77.56 106.00
C HIS DD 99 -23.26 78.96 105.68
N LYS DD 100 -24.33 79.39 106.34
CA LYS DD 100 -24.76 80.78 106.23
C LYS DD 100 -23.66 81.73 106.68
N ARG DD 101 -23.12 81.50 107.87
CA ARG DD 101 -22.17 82.44 108.46
C ARG DD 101 -20.89 82.53 107.63
N ASN DD 102 -20.39 81.39 107.15
CA ASN DD 102 -19.18 81.42 106.34
C ASN DD 102 -19.40 82.18 105.04
N VAL DD 103 -20.53 81.93 104.38
CA VAL DD 103 -20.81 82.62 103.12
C VAL DD 103 -20.98 84.11 103.36
N ASP DD 104 -21.67 84.48 104.44
CA ASP DD 104 -21.90 85.90 104.72
C ASP DD 104 -20.59 86.65 104.87
N THR DD 105 -19.58 86.01 105.46
CA THR DD 105 -18.28 86.67 105.58
C THR DD 105 -17.70 86.99 104.22
N LEU DD 106 -17.74 86.03 103.29
CA LEU DD 106 -17.25 86.29 101.94
C LEU DD 106 -18.20 87.16 101.14
N PHE DD 107 -19.50 86.90 101.21
CA PHE DD 107 -20.47 87.54 100.35
C PHE DD 107 -21.07 88.79 100.99
N ALA DD 108 -21.70 88.67 102.15
CA ALA DD 108 -22.37 89.81 102.75
C ALA DD 108 -21.38 90.87 103.20
N SER DD 109 -20.52 90.52 104.17
CA SER DD 109 -19.53 91.48 104.65
C SER DD 109 -18.44 91.69 103.61
N GLY DD 110 -17.93 90.60 103.04
CA GLY DD 110 -16.86 90.70 102.07
C GLY DD 110 -17.35 91.15 100.71
N ASN DD 111 -16.40 91.30 99.79
CA ASN DD 111 -16.69 91.73 98.43
C ASN DD 111 -16.49 90.63 97.41
N ALA DD 112 -16.77 89.38 97.79
CA ALA DD 112 -16.67 88.28 96.84
C ALA DD 112 -17.68 88.42 95.71
N GLY DD 113 -18.76 89.17 95.91
CA GLY DD 113 -19.71 89.37 94.84
C GLY DD 113 -19.11 90.12 93.66
N LEU DD 114 -18.25 91.09 93.94
CA LEU DD 114 -17.57 91.81 92.86
C LEU DD 114 -16.65 90.88 92.08
N GLY DD 115 -15.96 89.98 92.78
CA GLY DD 115 -15.00 89.12 92.12
C GLY DD 115 -13.68 89.02 92.84
N PHE DD 116 -13.65 89.50 94.08
CA PHE DD 116 -12.42 89.52 94.88
C PHE DD 116 -12.44 88.40 95.90
N LEU DD 117 -11.39 87.58 95.91
CA LEU DD 117 -11.20 86.61 96.97
C LEU DD 117 -10.40 87.23 98.10
N ASP DD 118 -10.63 86.72 99.32
CA ASP DD 118 -9.89 87.16 100.49
C ASP DD 118 -9.40 85.94 101.25
N PRO DD 119 -8.14 85.54 101.05
CA PRO DD 119 -7.61 84.40 101.81
C PRO DD 119 -7.54 84.64 103.30
N THR DD 120 -7.61 85.89 103.74
CA THR DD 120 -7.53 86.22 105.16
C THR DD 120 -8.89 86.25 105.85
N ALA DD 121 -9.97 85.90 105.14
CA ALA DD 121 -11.29 85.94 105.74
C ALA DD 121 -11.42 84.93 106.87
N ALA DD 122 -12.20 85.28 107.88
CA ALA DD 122 -12.41 84.42 109.03
C ALA DD 122 -13.50 83.40 108.73
N ILE DD 123 -13.13 82.13 108.66
CA ILE DD 123 -14.06 81.05 108.37
C ILE DD 123 -14.14 80.17 109.60
N VAL DD 124 -15.35 80.00 110.13
CA VAL DD 124 -15.56 79.28 111.38
C VAL DD 124 -16.26 77.97 111.08
N SER DD 125 -15.97 76.96 111.91
CA SER DD 125 -16.47 75.62 111.71
C SER DD 125 -17.71 75.36 112.55
N SER DD 126 -18.36 74.23 112.27
CA SER DD 126 -19.57 73.87 113.01
C SER DD 126 -19.25 73.55 114.46
N ASP DD 127 -18.22 72.76 114.70
CA ASP DD 127 -17.89 72.35 116.05
C ASP DD 127 -17.42 73.55 116.87
N THR DD 128 -17.60 73.45 118.19
CA THR DD 128 -17.32 74.55 119.09
C THR DD 128 -16.36 74.08 120.19
N THR DD 129 -15.62 75.03 120.74
CA THR DD 129 -14.67 74.75 121.80
C THR DD 129 -15.38 74.23 123.06
N ALA ED 1 -53.14 59.36 120.91
CA ALA ED 1 -52.85 60.13 119.71
C ALA ED 1 -51.65 59.56 118.97
N ASN ED 2 -51.91 58.96 117.81
CA ASN ED 2 -50.83 58.38 117.02
C ASN ED 2 -50.16 59.44 116.18
N LYS ED 3 -48.99 59.09 115.64
CA LYS ED 3 -48.23 60.04 114.84
C LYS ED 3 -48.83 60.15 113.44
N PRO ED 4 -49.17 61.34 112.98
CA PRO ED 4 -49.68 61.51 111.61
C PRO ED 4 -48.54 61.42 110.60
N MET ED 5 -48.92 61.13 109.36
CA MET ED 5 -47.97 61.08 108.26
C MET ED 5 -48.12 62.30 107.36
N GLN ED 6 -47.10 62.52 106.55
CA GLN ED 6 -47.10 63.50 105.49
C GLN ED 6 -46.98 62.81 104.14
N PRO ED 7 -47.65 63.32 103.12
CA PRO ED 7 -47.55 62.69 101.80
C PRO ED 7 -46.12 62.74 101.27
N ILE ED 8 -45.71 61.66 100.60
CA ILE ED 8 -44.38 61.58 100.01
C ILE ED 8 -44.50 61.75 98.50
N THR ED 9 -45.25 60.85 97.87
CA THR ED 9 -45.43 60.86 96.42
C THR ED 9 -46.88 61.21 96.13
N SER ED 10 -47.09 62.32 95.43
CA SER ED 10 -48.42 62.80 95.07
C SER ED 10 -48.61 62.64 93.57
N THR ED 11 -49.74 62.04 93.19
CA THR ED 11 -50.03 61.80 91.78
C THR ED 11 -51.55 61.81 91.62
N ALA ED 12 -51.99 62.03 90.39
CA ALA ED 12 -53.43 62.00 90.11
C ALA ED 12 -54.06 60.66 90.45
N ASN ED 13 -53.27 59.59 90.52
CA ASN ED 13 -53.81 58.28 90.83
C ASN ED 13 -53.03 57.56 91.92
N LYS ED 14 -52.19 58.27 92.66
CA LYS ED 14 -51.35 57.61 93.65
C LYS ED 14 -50.83 58.58 94.69
N ILE ED 15 -51.23 58.40 95.95
CA ILE ED 15 -50.74 59.21 97.05
C ILE ED 15 -50.10 58.29 98.07
N VAL ED 16 -48.89 58.64 98.50
CA VAL ED 16 -48.13 57.82 99.44
C VAL ED 16 -47.77 58.68 100.64
N TRP ED 17 -48.10 58.21 101.84
CA TRP ED 17 -47.69 58.83 103.07
C TRP ED 17 -46.63 57.98 103.76
N SER ED 18 -45.82 58.63 104.60
CA SER ED 18 -44.85 57.92 105.41
C SER ED 18 -44.61 58.71 106.67
N ASP ED 19 -44.38 58.00 107.77
CA ASP ED 19 -44.19 58.66 109.05
C ASP ED 19 -42.89 59.45 109.05
N PRO ED 20 -42.89 60.68 109.58
CA PRO ED 20 -41.62 61.43 109.64
C PRO ED 20 -40.59 60.79 110.55
N THR ED 21 -41.00 60.35 111.75
CA THR ED 21 -40.04 59.75 112.66
C THR ED 21 -39.52 58.42 112.11
N ARG ED 22 -40.40 57.61 111.53
CA ARG ED 22 -40.02 56.33 110.94
C ARG ED 22 -40.30 56.40 109.44
N LEU ED 23 -39.26 56.65 108.65
CA LEU ED 23 -39.42 56.68 107.20
C LEU ED 23 -39.80 55.33 106.64
N SER ED 24 -39.60 54.25 107.39
CA SER ED 24 -39.80 52.92 106.85
C SER ED 24 -41.29 52.62 106.65
N THR ED 25 -42.11 52.95 107.65
CA THR ED 25 -43.54 52.67 107.54
C THR ED 25 -44.20 53.62 106.56
N THR ED 26 -45.16 53.10 105.80
CA THR ED 26 -45.83 53.86 104.75
C THR ED 26 -47.28 53.45 104.65
N PHE ED 27 -48.07 54.29 103.99
CA PHE ED 27 -49.44 53.96 103.62
C PHE ED 27 -49.71 54.58 102.26
N SER ED 28 -50.10 53.75 101.30
CA SER ED 28 -50.28 54.19 99.92
C SER ED 28 -51.68 53.85 99.43
N ALA ED 29 -52.27 54.78 98.69
CA ALA ED 29 -53.59 54.60 98.11
C ALA ED 29 -53.52 54.90 96.63
N SER ED 30 -54.06 53.99 95.81
CA SER ED 30 -54.08 54.15 94.36
C SER ED 30 -55.47 53.82 93.84
N LEU ED 31 -55.90 54.57 92.84
CA LEU ED 31 -57.23 54.41 92.27
C LEU ED 31 -57.14 54.31 90.75
N LEU ED 32 -58.14 53.67 90.15
CA LEU ED 32 -58.28 53.63 88.70
C LEU ED 32 -59.75 53.81 88.37
N ARG ED 33 -60.06 54.81 87.55
CA ARG ED 33 -61.41 55.05 87.11
C ARG ED 33 -61.64 54.45 85.73
N GLN ED 34 -62.59 53.51 85.65
CA GLN ED 34 -62.75 52.72 84.44
C GLN ED 34 -64.20 52.76 83.99
N ARG ED 35 -64.38 52.89 82.67
CA ARG ED 35 -65.70 52.91 82.06
C ARG ED 35 -66.19 51.48 81.93
N VAL ED 36 -67.23 51.11 82.67
CA VAL ED 36 -67.75 49.75 82.68
C VAL ED 36 -69.12 49.75 82.02
N LYS ED 37 -69.35 48.75 81.17
CA LYS ED 37 -70.59 48.59 80.43
C LYS ED 37 -71.15 47.22 80.80
N VAL ED 38 -72.00 47.18 81.83
CA VAL ED 38 -72.55 45.92 82.30
C VAL ED 38 -73.68 45.44 81.40
N GLY ED 39 -74.62 46.33 81.09
CA GLY ED 39 -75.73 45.99 80.24
C GLY ED 39 -76.82 47.03 80.30
N ILE ED 40 -77.41 47.35 79.14
CA ILE ED 40 -78.49 48.32 78.95
C ILE ED 40 -78.28 49.55 79.84
N ALA ED 41 -77.02 49.86 80.13
CA ALA ED 41 -76.64 51.03 80.92
C ALA ED 41 -75.13 51.15 80.92
N GLU ED 42 -74.63 52.38 80.98
CA GLU ED 42 -73.21 52.65 81.15
C GLU ED 42 -72.96 53.09 82.58
N LEU ED 43 -72.00 52.44 83.24
CA LEU ED 43 -71.73 52.65 84.65
C LEU ED 43 -70.29 53.07 84.86
N ASN ED 44 -70.01 53.51 86.09
CA ASN ED 44 -68.72 54.03 86.47
C ASN ED 44 -68.10 53.08 87.48
N ASN ED 45 -66.87 52.63 87.22
CA ASN ED 45 -66.22 51.66 88.08
C ASN ED 45 -64.93 52.24 88.63
N VAL ED 46 -64.71 52.05 89.94
CA VAL ED 46 -63.51 52.51 90.62
C VAL ED 46 -62.91 51.34 91.38
N SER ED 47 -61.59 51.23 91.35
CA SER ED 47 -60.86 50.21 92.08
C SER ED 47 -59.82 50.90 92.94
N GLY ED 48 -59.86 50.66 94.25
CA GLY ED 48 -58.94 51.32 95.15
C GLY ED 48 -58.07 50.37 95.92
N GLN ED 49 -56.75 50.55 95.83
CA GLN ED 49 -55.78 49.77 96.58
C GLN ED 49 -55.25 50.61 97.72
N TYR ED 50 -55.31 50.07 98.93
CA TYR ED 50 -54.85 50.78 100.13
C TYR ED 50 -53.87 49.87 100.85
N VAL ED 51 -52.58 50.15 100.69
CA VAL ED 51 -51.52 49.29 101.20
C VAL ED 51 -50.88 49.96 102.39
N SER ED 52 -50.92 49.30 103.54
CA SER ED 52 -50.25 49.76 104.74
C SER ED 52 -49.09 48.83 105.03
N VAL ED 53 -47.90 49.40 105.19
CA VAL ED 53 -46.67 48.63 105.33
C VAL ED 53 -45.96 49.05 106.59
N TYR ED 54 -45.54 48.08 107.39
CA TYR ED 54 -44.72 48.32 108.57
C TYR ED 54 -43.55 47.35 108.57
N LYS ED 55 -42.37 47.88 108.83
CA LYS ED 55 -41.16 47.09 108.98
C LYS ED 55 -40.90 46.91 110.47
N ARG ED 56 -41.21 45.73 110.99
CA ARG ED 56 -41.15 45.45 112.41
C ARG ED 56 -39.89 44.66 112.72
N PRO ED 57 -39.17 44.99 113.79
CA PRO ED 57 -38.04 44.15 114.20
C PRO ED 57 -38.51 42.77 114.66
N ALA ED 58 -37.67 41.78 114.49
CA ALA ED 58 -38.02 40.48 115.00
C ALA ED 58 -38.17 40.61 116.47
N PRO ED 59 -38.82 39.63 117.09
CA PRO ED 59 -38.90 39.68 118.53
C PRO ED 59 -37.60 39.19 119.08
N LYS ED 60 -36.58 39.22 118.24
CA LYS ED 60 -35.27 38.72 118.64
C LYS ED 60 -35.02 38.65 120.13
N PRO ED 61 -34.96 39.81 120.79
CA PRO ED 61 -34.59 39.74 122.19
C PRO ED 61 -35.15 38.51 122.86
N GLU ED 62 -34.28 37.73 123.49
CA GLU ED 62 -34.72 36.57 124.21
C GLU ED 62 -34.23 36.72 125.63
N GLY ED 63 -34.92 37.49 126.46
CA GLY ED 63 -34.44 37.75 127.82
C GLY ED 63 -33.18 38.55 127.65
N CYS ED 64 -32.06 37.90 127.44
CA CYS ED 64 -30.79 38.55 127.14
C CYS ED 64 -31.06 39.97 126.66
N ALA ED 65 -30.52 40.96 127.36
CA ALA ED 65 -30.89 42.38 127.19
C ALA ED 65 -29.63 43.24 127.16
N ASP ED 66 -29.09 43.48 125.97
CA ASP ED 66 -27.83 44.20 125.83
C ASP ED 66 -27.88 45.34 124.82
N ALA ED 67 -29.08 45.81 124.50
CA ALA ED 67 -29.28 47.00 123.66
C ALA ED 67 -28.62 46.87 122.29
N CYS ED 68 -27.29 46.99 122.22
CA CYS ED 68 -26.60 46.98 120.92
C CYS ED 68 -26.53 45.56 120.36
N VAL ED 69 -27.72 44.98 120.19
CA VAL ED 69 -27.90 43.76 119.40
C VAL ED 69 -29.21 43.95 118.63
N ILE ED 70 -29.10 44.11 117.31
CA ILE ED 70 -30.22 44.51 116.50
C ILE ED 70 -30.57 43.38 115.53
N MET ED 71 -31.83 42.95 115.61
CA MET ED 71 -32.39 41.97 114.71
C MET ED 71 -32.75 42.63 113.39
N PRO ED 72 -32.83 41.88 112.30
CA PRO ED 72 -33.34 42.46 111.05
C PRO ED 72 -34.85 42.66 111.13
N ASN ED 73 -35.42 43.27 110.10
CA ASN ED 73 -36.81 43.72 110.14
C ASN ED 73 -37.66 42.79 109.29
N GLU ED 74 -38.77 42.32 109.84
CA GLU ED 74 -39.80 41.67 109.05
C GLU ED 74 -40.89 42.68 108.72
N ASN ED 75 -41.52 42.48 107.57
CA ASN ED 75 -42.49 43.42 107.04
C ASN ED 75 -43.91 42.95 107.33
N GLN ED 76 -44.70 43.84 107.94
CA GLN ED 76 -46.11 43.58 108.18
C GLN ED 76 -46.91 44.41 107.18
N SER ED 77 -47.61 43.73 106.27
CA SER ED 77 -48.31 44.40 105.17
C SER ED 77 -49.79 44.09 105.24
N ILE ED 78 -50.60 45.13 105.10
CA ILE ED 78 -52.05 44.98 105.04
C ILE ED 78 -52.56 45.81 103.87
N ARG ED 79 -53.03 45.13 102.82
CA ARG ED 79 -53.53 45.82 101.64
C ARG ED 79 -54.94 45.32 101.34
N THR ED 80 -55.84 46.24 101.02
CA THR ED 80 -57.22 45.92 100.69
C THR ED 80 -57.58 46.54 99.35
N VAL ED 81 -58.49 45.89 98.65
CA VAL ED 81 -58.95 46.35 97.34
C VAL ED 81 -60.46 46.55 97.41
N ILE ED 82 -60.91 47.74 97.02
CA ILE ED 82 -62.32 48.09 97.00
C ILE ED 82 -62.72 48.30 95.56
N SER ED 83 -63.70 47.53 95.10
CA SER ED 83 -64.18 47.62 93.72
C SER ED 83 -65.69 47.76 93.72
N GLY ED 84 -66.20 48.72 92.96
CA GLY ED 84 -67.63 48.93 92.87
C GLY ED 84 -67.93 50.11 91.98
N SER ED 85 -69.22 50.48 91.95
CA SER ED 85 -69.67 51.62 91.18
C SER ED 85 -69.91 52.81 92.08
N ALA ED 86 -69.69 54.00 91.54
CA ALA ED 86 -69.84 55.22 92.34
C ALA ED 86 -71.30 55.46 92.73
N GLU ED 87 -72.22 55.20 91.81
CA GLU ED 87 -73.63 55.39 92.14
C GLU ED 87 -74.11 54.43 93.22
N ASN ED 88 -73.44 53.29 93.37
CA ASN ED 88 -73.69 52.39 94.48
C ASN ED 88 -72.72 52.60 95.62
N LEU ED 89 -72.17 53.80 95.77
CA LEU ED 89 -71.26 54.08 96.87
C LEU ED 89 -71.98 53.97 98.21
N ALA ED 90 -73.23 54.40 98.28
CA ALA ED 90 -73.96 54.40 99.55
C ALA ED 90 -74.07 52.99 100.11
N THR ED 91 -74.41 52.03 99.28
CA THR ED 91 -74.49 50.64 99.73
C THR ED 91 -73.11 50.01 99.88
N LEU ED 92 -72.12 50.48 99.12
CA LEU ED 92 -70.77 49.95 99.26
C LEU ED 92 -70.20 50.26 100.64
N LYS ED 93 -70.61 51.39 101.22
CA LYS ED 93 -70.21 51.69 102.60
C LYS ED 93 -70.71 50.60 103.54
N ALA ED 94 -71.95 50.17 103.36
CA ALA ED 94 -72.48 49.09 104.20
C ALA ED 94 -71.69 47.81 103.99
N GLU ED 95 -71.33 47.51 102.73
CA GLU ED 95 -70.51 46.33 102.47
C GLU ED 95 -69.17 46.45 103.17
N TRP ED 96 -68.54 47.63 103.09
CA TRP ED 96 -67.22 47.79 103.66
C TRP ED 96 -67.23 47.60 105.17
N GLU ED 97 -68.16 48.26 105.86
CA GLU ED 97 -68.21 48.12 107.31
C GLU ED 97 -68.62 46.70 107.72
N THR ED 98 -69.44 46.05 106.91
CA THR ED 98 -69.75 44.65 107.16
C THR ED 98 -68.51 43.78 106.99
N HIS ED 99 -67.72 44.07 105.95
CA HIS ED 99 -66.49 43.32 105.72
C HIS ED 99 -65.56 43.43 106.93
N LYS ED 100 -65.57 44.56 107.61
CA LYS ED 100 -64.82 44.70 108.85
C LYS ED 100 -65.24 43.63 109.85
N ARG ED 101 -66.52 43.61 110.20
CA ARG ED 101 -67.00 42.76 111.28
C ARG ED 101 -66.68 41.30 111.02
N ASN ED 102 -66.77 40.87 109.76
CA ASN ED 102 -66.41 39.51 109.43
C ASN ED 102 -64.94 39.23 109.73
N VAL ED 103 -64.06 40.11 109.27
CA VAL ED 103 -62.64 39.90 109.55
C VAL ED 103 -62.34 40.08 111.02
N ASP ED 104 -63.02 41.02 111.68
CA ASP ED 104 -62.88 41.15 113.13
C ASP ED 104 -63.17 39.82 113.83
N THR ED 105 -64.19 39.11 113.36
CA THR ED 105 -64.54 37.83 113.99
C THR ED 105 -63.41 36.82 113.85
N LEU ED 106 -62.89 36.64 112.63
CA LEU ED 106 -61.81 35.68 112.45
C LEU ED 106 -60.51 36.17 113.04
N PHE ED 107 -60.14 37.42 112.75
CA PHE ED 107 -58.80 37.89 113.04
C PHE ED 107 -58.70 38.59 114.39
N ALA ED 108 -59.45 39.68 114.58
CA ALA ED 108 -59.36 40.46 115.80
C ALA ED 108 -59.84 39.66 116.99
N SER ED 109 -61.13 39.33 117.01
CA SER ED 109 -61.68 38.57 118.12
C SER ED 109 -61.20 37.13 118.10
N GLY ED 110 -61.19 36.51 116.94
CA GLY ED 110 -60.76 35.13 116.81
C GLY ED 110 -59.26 35.00 116.79
N ASN ED 111 -58.80 33.81 116.45
CA ASN ED 111 -57.38 33.49 116.41
C ASN ED 111 -56.96 33.01 115.03
N ALA ED 112 -57.60 33.53 113.98
CA ALA ED 112 -57.22 33.15 112.62
C ALA ED 112 -55.82 33.63 112.27
N GLY ED 113 -55.25 34.55 113.05
CA GLY ED 113 -53.90 35.00 112.76
C GLY ED 113 -52.87 33.90 112.87
N LEU ED 114 -52.99 33.05 113.89
CA LEU ED 114 -52.04 31.96 114.06
C LEU ED 114 -52.15 30.93 112.94
N GLY ED 115 -53.26 30.90 112.22
CA GLY ED 115 -53.40 29.97 111.11
C GLY ED 115 -54.53 28.98 111.28
N PHE ED 116 -55.53 29.34 112.09
CA PHE ED 116 -56.65 28.47 112.35
C PHE ED 116 -57.93 29.08 111.77
N LEU ED 117 -58.60 28.34 110.91
CA LEU ED 117 -59.88 28.74 110.36
C LEU ED 117 -60.99 28.14 111.21
N ASP ED 118 -61.65 28.97 111.99
CA ASP ED 118 -62.75 28.50 112.81
C ASP ED 118 -63.96 28.26 111.93
N PRO ED 119 -64.46 27.04 111.83
CA PRO ED 119 -65.57 26.78 110.90
C PRO ED 119 -66.92 27.13 111.47
N THR ED 120 -66.97 27.63 112.70
CA THR ED 120 -68.23 28.01 113.33
C THR ED 120 -68.21 29.46 113.80
N ALA ED 121 -67.46 30.30 113.10
CA ALA ED 121 -67.46 31.72 113.42
C ALA ED 121 -68.79 32.34 113.01
N ALA ED 122 -69.17 33.41 113.72
CA ALA ED 122 -70.47 34.06 113.51
C ALA ED 122 -70.37 35.05 112.35
N ILE ED 123 -70.26 34.49 111.15
CA ILE ED 123 -70.20 35.30 109.94
C ILE ED 123 -71.60 35.81 109.62
N VAL ED 124 -71.70 37.09 109.32
CA VAL ED 124 -72.99 37.74 109.11
C VAL ED 124 -72.93 38.58 107.85
N SER ED 125 -74.08 38.76 107.21
CA SER ED 125 -74.16 39.47 105.94
C SER ED 125 -74.35 40.97 106.16
N SER ED 126 -74.26 41.71 105.05
CA SER ED 126 -74.56 43.14 105.10
C SER ED 126 -76.05 43.39 105.13
N ASP ED 127 -76.82 42.57 104.42
CA ASP ED 127 -78.26 42.75 104.38
C ASP ED 127 -78.87 42.51 105.75
N THR ED 128 -79.75 43.40 106.16
CA THR ED 128 -80.38 43.32 107.47
C THR ED 128 -81.73 42.61 107.36
N THR ED 129 -82.35 42.33 108.49
CA THR ED 129 -83.63 41.65 108.51
C THR ED 129 -84.75 42.60 108.92
N ALA FD 1 -115.33 -31.26 -87.93
CA ALA FD 1 -114.42 -30.13 -87.82
C ALA FD 1 -113.78 -30.08 -86.45
N ASN FD 2 -112.77 -29.23 -86.30
CA ASN FD 2 -112.06 -29.09 -85.04
C ASN FD 2 -111.87 -27.61 -84.72
N LYS FD 3 -111.78 -27.31 -83.44
CA LYS FD 3 -111.66 -25.92 -83.01
C LYS FD 3 -110.30 -25.35 -83.40
N PRO FD 4 -110.26 -24.25 -84.14
CA PRO FD 4 -108.97 -23.65 -84.51
C PRO FD 4 -108.37 -22.88 -83.35
N MET FD 5 -107.06 -22.69 -83.42
CA MET FD 5 -106.36 -21.83 -82.49
C MET FD 5 -106.31 -20.42 -83.02
N GLN FD 6 -105.85 -19.50 -82.17
CA GLN FD 6 -105.62 -18.13 -82.57
C GLN FD 6 -104.27 -17.69 -82.05
N PRO FD 7 -103.51 -16.94 -82.85
CA PRO FD 7 -102.14 -16.61 -82.45
C PRO FD 7 -102.10 -15.82 -81.15
N ILE FD 8 -101.11 -16.13 -80.32
CA ILE FD 8 -100.89 -15.40 -79.07
C ILE FD 8 -99.56 -14.69 -79.03
N THR FD 9 -98.62 -15.05 -79.91
CA THR FD 9 -97.32 -14.37 -79.97
C THR FD 9 -96.87 -14.42 -81.42
N SER FD 10 -97.15 -13.36 -82.16
CA SER FD 10 -96.81 -13.27 -83.56
C SER FD 10 -95.53 -12.47 -83.74
N THR FD 11 -94.59 -13.04 -84.49
CA THR FD 11 -93.33 -12.35 -84.78
C THR FD 11 -92.88 -12.80 -86.16
N ALA FD 12 -92.06 -11.96 -86.78
CA ALA FD 12 -91.46 -12.32 -88.07
C ALA FD 12 -90.52 -13.51 -87.96
N ASN FD 13 -90.12 -13.88 -86.75
CA ASN FD 13 -89.23 -15.00 -86.51
C ASN FD 13 -89.94 -16.21 -85.92
N LYS FD 14 -90.87 -16.01 -85.00
CA LYS FD 14 -91.53 -17.10 -84.31
C LYS FD 14 -93.02 -16.77 -84.12
N ILE FD 15 -93.87 -17.76 -84.34
CA ILE FD 15 -95.30 -17.62 -84.13
C ILE FD 15 -95.78 -18.76 -83.25
N VAL FD 16 -96.66 -18.44 -82.30
CA VAL FD 16 -97.20 -19.42 -81.38
C VAL FD 16 -98.71 -19.32 -81.39
N TRP FD 17 -99.39 -20.44 -81.62
CA TRP FD 17 -100.83 -20.52 -81.48
C TRP FD 17 -101.17 -21.29 -80.22
N SER FD 18 -102.37 -21.04 -79.70
CA SER FD 18 -102.87 -21.78 -78.55
C SER FD 18 -104.38 -21.91 -78.66
N ASP FD 19 -104.90 -23.00 -78.11
CA ASP FD 19 -106.34 -23.23 -78.16
C ASP FD 19 -107.04 -22.29 -77.18
N PRO FD 20 -108.03 -21.52 -77.63
CA PRO FD 20 -108.71 -20.59 -76.71
C PRO FD 20 -109.40 -21.30 -75.56
N THR FD 21 -109.94 -22.49 -75.78
CA THR FD 21 -110.59 -23.22 -74.70
C THR FD 21 -109.57 -23.82 -73.74
N ARG FD 22 -108.49 -24.37 -74.28
CA ARG FD 22 -107.42 -24.97 -73.48
C ARG FD 22 -106.12 -24.31 -73.88
N LEU FD 23 -105.71 -23.28 -73.14
CA LEU FD 23 -104.50 -22.55 -73.48
C LEU FD 23 -103.24 -23.40 -73.35
N SER FD 24 -103.31 -24.54 -72.67
CA SER FD 24 -102.14 -25.39 -72.54
C SER FD 24 -101.73 -25.97 -73.89
N THR FD 25 -102.70 -26.36 -74.70
CA THR FD 25 -102.40 -26.86 -76.03
C THR FD 25 -101.81 -25.74 -76.88
N THR FD 26 -100.65 -26.00 -77.48
CA THR FD 26 -99.94 -24.98 -78.24
C THR FD 26 -99.41 -25.59 -79.54
N PHE FD 27 -99.17 -24.71 -80.51
CA PHE FD 27 -98.47 -25.06 -81.75
C PHE FD 27 -97.60 -23.87 -82.11
N SER FD 28 -96.28 -24.06 -82.06
CA SER FD 28 -95.32 -23.00 -82.30
C SER FD 28 -94.51 -23.33 -83.54
N ALA FD 29 -94.39 -22.36 -84.44
CA ALA FD 29 -93.56 -22.48 -85.63
C ALA FD 29 -92.45 -21.45 -85.58
N SER FD 30 -91.22 -21.90 -85.74
CA SER FD 30 -90.07 -21.02 -85.72
C SER FD 30 -89.22 -21.27 -86.96
N LEU FD 31 -88.69 -20.18 -87.52
CA LEU FD 31 -87.87 -20.25 -88.72
C LEU FD 31 -86.51 -19.65 -88.44
N LEU FD 32 -85.47 -20.33 -88.90
CA LEU FD 32 -84.10 -19.85 -88.77
C LEU FD 32 -83.49 -19.87 -90.16
N ARG FD 33 -83.31 -18.68 -90.74
CA ARG FD 33 -82.80 -18.53 -92.09
C ARG FD 33 -81.38 -17.98 -92.01
N GLN FD 34 -80.48 -18.57 -92.79
CA GLN FD 34 -79.08 -18.21 -92.69
C GLN FD 34 -78.44 -18.31 -94.07
N ARG FD 35 -77.14 -18.01 -94.10
CA ARG FD 35 -76.40 -17.88 -95.35
C ARG FD 35 -75.57 -19.15 -95.54
N VAL FD 36 -75.67 -19.75 -96.73
CA VAL FD 36 -74.98 -21.00 -97.01
C VAL FD 36 -74.17 -20.87 -98.29
N LYS FD 37 -72.89 -21.26 -98.21
CA LYS FD 37 -71.99 -21.27 -99.35
C LYS FD 37 -71.76 -22.70 -99.81
N VAL FD 38 -71.90 -22.93 -101.11
CA VAL FD 38 -71.52 -24.19 -101.73
C VAL FD 38 -70.52 -23.87 -102.84
N GLY FD 39 -70.14 -24.91 -103.58
CA GLY FD 39 -69.16 -24.76 -104.64
C GLY FD 39 -69.52 -23.70 -105.65
N ILE FD 40 -68.78 -22.59 -105.62
CA ILE FD 40 -68.95 -21.41 -106.48
C ILE FD 40 -70.43 -21.12 -106.73
N ALA FD 41 -71.24 -21.26 -105.68
CA ALA FD 41 -72.66 -20.98 -105.78
C ALA FD 41 -73.18 -20.60 -104.41
N GLU FD 42 -74.32 -19.90 -104.39
CA GLU FD 42 -74.91 -19.40 -103.17
C GLU FD 42 -76.36 -19.84 -103.11
N LEU FD 43 -76.72 -20.54 -102.04
CA LEU FD 43 -78.09 -21.02 -101.85
C LEU FD 43 -78.59 -20.56 -100.49
N ASN FD 44 -79.81 -20.03 -100.46
CA ASN FD 44 -80.40 -19.58 -99.21
C ASN FD 44 -81.06 -20.76 -98.51
N ASN FD 45 -80.63 -21.01 -97.28
CA ASN FD 45 -81.13 -22.13 -96.49
C ASN FD 45 -81.97 -21.62 -95.33
N VAL FD 46 -83.04 -22.35 -95.02
CA VAL FD 46 -83.92 -22.04 -93.91
C VAL FD 46 -84.30 -23.33 -93.21
N SER FD 47 -84.37 -23.29 -91.89
CA SER FD 47 -84.71 -24.46 -91.09
C SER FD 47 -85.97 -24.14 -90.29
N GLY FD 48 -87.09 -24.75 -90.69
CA GLY FD 48 -88.35 -24.53 -90.02
C GLY FD 48 -88.49 -25.44 -88.83
N GLN FD 49 -88.57 -24.83 -87.64
CA GLN FD 49 -88.69 -25.56 -86.39
C GLN FD 49 -90.15 -25.52 -85.97
N TYR FD 50 -90.81 -26.68 -85.98
CA TYR FD 50 -92.23 -26.78 -85.68
C TYR FD 50 -92.40 -27.65 -84.44
N VAL FD 51 -93.17 -27.17 -83.48
CA VAL FD 51 -93.42 -27.89 -82.24
C VAL FD 51 -94.91 -27.89 -81.96
N SER FD 52 -95.46 -29.08 -81.68
CA SER FD 52 -96.84 -29.23 -81.26
C SER FD 52 -96.85 -29.90 -79.90
N VAL FD 53 -97.53 -29.28 -78.93
CA VAL FD 53 -97.52 -29.74 -77.55
C VAL FD 53 -98.96 -29.86 -77.07
N TYR FD 54 -99.29 -30.99 -76.47
CA TYR FD 54 -100.56 -31.18 -75.77
C TYR FD 54 -100.27 -31.69 -74.37
N LYS FD 55 -101.00 -31.17 -73.40
CA LYS FD 55 -100.83 -31.53 -72.00
C LYS FD 55 -101.98 -32.46 -71.64
N ARG FD 56 -101.71 -33.75 -71.60
CA ARG FD 56 -102.76 -34.74 -71.46
C ARG FD 56 -102.46 -35.70 -70.32
N PRO FD 57 -103.41 -35.91 -69.44
CA PRO FD 57 -103.20 -36.83 -68.31
C PRO FD 57 -103.23 -38.28 -68.78
N ALA FD 58 -102.89 -39.18 -67.87
CA ALA FD 58 -102.92 -40.60 -68.16
C ALA FD 58 -103.92 -41.28 -67.23
N PRO FD 59 -105.19 -40.91 -67.30
CA PRO FD 59 -106.13 -41.32 -66.25
C PRO FD 59 -106.81 -42.64 -66.51
N LYS FD 60 -107.74 -42.98 -65.61
CA LYS FD 60 -108.79 -43.98 -65.83
C LYS FD 60 -108.23 -45.38 -65.96
N PRO FD 61 -107.66 -45.96 -64.91
CA PRO FD 61 -107.37 -47.40 -64.94
C PRO FD 61 -108.66 -48.20 -65.00
N GLU FD 62 -108.64 -49.35 -65.67
CA GLU FD 62 -109.74 -50.31 -65.71
C GLU FD 62 -111.09 -49.67 -66.02
N GLY FD 63 -111.09 -48.50 -66.62
CA GLY FD 63 -112.32 -47.78 -66.84
C GLY FD 63 -112.88 -47.09 -65.62
N CYS FD 64 -112.02 -46.73 -64.66
CA CYS FD 64 -112.47 -46.13 -63.42
C CYS FD 64 -112.94 -44.70 -63.66
N ALA FD 65 -114.26 -44.52 -63.74
CA ALA FD 65 -114.80 -43.21 -64.13
C ALA FD 65 -114.50 -42.14 -63.09
N ASP FD 66 -114.82 -42.42 -61.82
CA ASP FD 66 -114.61 -41.48 -60.71
C ASP FD 66 -115.33 -40.15 -60.88
N ALA FD 67 -115.18 -39.28 -59.89
CA ALA FD 67 -115.57 -37.89 -59.93
C ALA FD 67 -114.37 -37.07 -60.40
N CYS FD 68 -114.43 -35.75 -60.22
CA CYS FD 68 -113.29 -34.90 -60.54
C CYS FD 68 -112.21 -35.16 -59.50
N VAL FD 69 -111.34 -36.11 -59.80
CA VAL FD 69 -110.25 -36.52 -58.94
C VAL FD 69 -108.96 -36.33 -59.73
N ILE FD 70 -108.94 -35.32 -60.60
CA ILE FD 70 -108.01 -35.19 -61.71
C ILE FD 70 -106.59 -35.55 -61.32
N MET FD 71 -105.99 -36.46 -62.07
CA MET FD 71 -104.67 -37.01 -61.79
C MET FD 71 -103.61 -36.18 -62.49
N PRO FD 72 -102.37 -36.22 -62.00
CA PRO FD 72 -101.34 -35.31 -62.53
C PRO FD 72 -101.12 -35.50 -64.02
N ASN FD 73 -100.91 -34.38 -64.69
CA ASN FD 73 -100.92 -34.32 -66.14
C ASN FD 73 -99.51 -34.44 -66.69
N GLU FD 74 -99.38 -34.77 -67.96
CA GLU FD 74 -98.08 -34.98 -68.57
C GLU FD 74 -98.15 -34.55 -70.04
N ASN FD 75 -96.97 -34.25 -70.60
CA ASN FD 75 -96.87 -33.61 -71.90
C ASN FD 75 -96.81 -34.63 -73.03
N GLN FD 76 -97.30 -34.22 -74.20
CA GLN FD 76 -97.21 -35.01 -75.43
C GLN FD 76 -96.69 -34.08 -76.52
N SER FD 77 -95.40 -34.18 -76.82
CA SER FD 77 -94.73 -33.24 -77.70
C SER FD 77 -94.38 -33.91 -79.02
N ILE FD 78 -94.51 -33.15 -80.10
CA ILE FD 78 -94.15 -33.59 -81.44
C ILE FD 78 -93.37 -32.45 -82.08
N ARG FD 79 -92.07 -32.66 -82.27
CA ARG FD 79 -91.19 -31.64 -82.82
C ARG FD 79 -90.64 -32.09 -84.15
N THR FD 80 -90.63 -31.19 -85.13
CA THR FD 80 -90.07 -31.48 -86.44
C THR FD 80 -89.28 -30.29 -86.94
N VAL FD 81 -88.27 -30.56 -87.76
CA VAL FD 81 -87.43 -29.54 -88.37
C VAL FD 81 -87.31 -29.82 -89.85
N ILE FD 82 -87.41 -28.78 -90.67
CA ILE FD 82 -87.33 -28.90 -92.12
C ILE FD 82 -86.18 -28.03 -92.56
N SER FD 83 -85.04 -28.64 -92.86
CA SER FD 83 -83.85 -27.90 -93.28
C SER FD 83 -83.56 -28.18 -94.74
N GLY FD 84 -83.45 -27.13 -95.53
CA GLY FD 84 -83.15 -27.27 -96.94
C GLY FD 84 -83.17 -25.92 -97.62
N SER FD 85 -82.59 -25.88 -98.80
CA SER FD 85 -82.48 -24.63 -99.55
C SER FD 85 -83.80 -24.30 -100.23
N ALA FD 86 -84.20 -23.04 -100.15
CA ALA FD 86 -85.43 -22.61 -100.78
C ALA FD 86 -85.35 -22.66 -102.30
N GLU FD 87 -84.15 -22.63 -102.86
CA GLU FD 87 -84.00 -22.63 -104.31
C GLU FD 87 -84.49 -23.93 -104.93
N ASN FD 88 -84.36 -25.04 -104.22
CA ASN FD 88 -84.89 -26.34 -104.66
C ASN FD 88 -85.99 -26.79 -103.72
N LEU FD 89 -86.87 -25.86 -103.35
CA LEU FD 89 -87.96 -26.17 -102.42
C LEU FD 89 -88.93 -27.17 -103.00
N ALA FD 90 -89.07 -27.21 -104.33
CA ALA FD 90 -90.09 -28.05 -104.94
C ALA FD 90 -89.87 -29.52 -104.62
N THR FD 91 -88.62 -29.98 -104.70
CA THR FD 91 -88.33 -31.36 -104.34
C THR FD 91 -88.43 -31.58 -102.84
N LEU FD 92 -88.18 -30.52 -102.06
CA LEU FD 92 -88.31 -30.65 -100.61
C LEU FD 92 -89.74 -30.94 -100.20
N LYS FD 93 -90.71 -30.53 -101.01
CA LYS FD 93 -92.10 -30.90 -100.76
C LYS FD 93 -92.25 -32.42 -100.74
N ALA FD 94 -91.67 -33.10 -101.74
CA ALA FD 94 -91.75 -34.56 -101.78
C ALA FD 94 -91.05 -35.19 -100.60
N GLU FD 95 -89.89 -34.65 -100.19
CA GLU FD 95 -89.17 -35.20 -99.06
C GLU FD 95 -90.05 -35.19 -97.82
N TRP FD 96 -90.71 -34.06 -97.55
CA TRP FD 96 -91.62 -34.00 -96.42
C TRP FD 96 -92.78 -34.97 -96.60
N GLU FD 97 -93.31 -35.08 -97.81
CA GLU FD 97 -94.45 -35.96 -98.05
C GLU FD 97 -94.06 -37.41 -97.84
N THR FD 98 -92.97 -37.85 -98.46
CA THR FD 98 -92.55 -39.24 -98.31
C THR FD 98 -92.08 -39.51 -96.88
N HIS FD 99 -91.58 -38.50 -96.18
CA HIS FD 99 -91.20 -38.68 -94.80
C HIS FD 99 -92.42 -39.01 -93.95
N LYS FD 100 -93.54 -38.37 -94.22
CA LYS FD 100 -94.79 -38.69 -93.54
C LYS FD 100 -95.13 -40.16 -93.71
N ARG FD 101 -95.13 -40.63 -94.96
CA ARG FD 101 -95.55 -42.00 -95.23
C ARG FD 101 -94.62 -43.00 -94.58
N ASN FD 102 -93.33 -42.69 -94.53
CA ASN FD 102 -92.39 -43.57 -93.84
C ASN FD 102 -92.72 -43.67 -92.36
N VAL FD 103 -92.94 -42.53 -91.70
CA VAL FD 103 -93.29 -42.55 -90.28
C VAL FD 103 -94.64 -43.22 -90.07
N ASP FD 104 -95.57 -43.02 -91.00
CA ASP FD 104 -96.86 -43.71 -90.92
C ASP FD 104 -96.67 -45.22 -90.83
N THR FD 105 -95.69 -45.75 -91.56
CA THR FD 105 -95.47 -47.19 -91.57
C THR FD 105 -95.01 -47.69 -90.22
N LEU FD 106 -93.99 -47.05 -89.65
CA LEU FD 106 -93.44 -47.51 -88.38
C LEU FD 106 -94.37 -47.19 -87.22
N PHE FD 107 -94.90 -45.97 -87.20
CA PHE FD 107 -95.60 -45.46 -86.02
C PHE FD 107 -97.12 -45.58 -86.15
N ALA FD 108 -97.69 -44.98 -87.19
CA ALA FD 108 -99.15 -44.96 -87.31
C ALA FD 108 -99.70 -46.36 -87.51
N SER FD 109 -99.05 -47.16 -88.37
CA SER FD 109 -99.53 -48.50 -88.68
C SER FD 109 -98.65 -49.58 -88.07
N GLY FD 110 -97.77 -49.22 -87.14
CA GLY FD 110 -96.90 -50.19 -86.51
C GLY FD 110 -96.86 -50.07 -85.01
N ASN FD 111 -95.85 -50.66 -84.38
CA ASN FD 111 -95.72 -50.65 -82.93
C ASN FD 111 -94.57 -49.76 -82.47
N ALA FD 112 -94.11 -48.85 -83.32
CA ALA FD 112 -93.05 -47.93 -82.91
C ALA FD 112 -93.47 -47.09 -81.72
N GLY FD 113 -94.76 -46.76 -81.63
CA GLY FD 113 -95.24 -45.99 -80.50
C GLY FD 113 -95.13 -46.70 -79.18
N LEU FD 114 -95.09 -48.03 -79.19
CA LEU FD 114 -94.94 -48.81 -77.98
C LEU FD 114 -93.49 -49.15 -77.67
N GLY FD 115 -92.55 -48.69 -78.49
CA GLY FD 115 -91.16 -48.98 -78.28
C GLY FD 115 -90.60 -50.12 -79.10
N PHE FD 116 -91.25 -50.49 -80.19
CA PHE FD 116 -90.86 -51.65 -80.97
C PHE FD 116 -90.29 -51.20 -82.32
N LEU FD 117 -89.25 -51.88 -82.78
CA LEU FD 117 -88.71 -51.68 -84.12
C LEU FD 117 -88.96 -52.91 -84.97
N ASP FD 118 -89.45 -52.68 -86.19
CA ASP FD 118 -89.71 -53.77 -87.13
C ASP FD 118 -88.74 -53.65 -88.30
N PRO FD 119 -87.65 -54.43 -88.33
CA PRO FD 119 -86.67 -54.28 -89.41
C PRO FD 119 -87.21 -54.64 -90.78
N THR FD 120 -88.32 -55.37 -90.86
CA THR FD 120 -88.89 -55.76 -92.14
C THR FD 120 -89.96 -54.82 -92.64
N ALA FD 121 -90.09 -53.64 -92.02
CA ALA FD 121 -91.08 -52.67 -92.47
C ALA FD 121 -90.70 -52.13 -93.85
N ALA FD 122 -91.70 -51.71 -94.60
CA ALA FD 122 -91.49 -51.18 -95.96
C ALA FD 122 -91.10 -49.71 -95.86
N ILE FD 123 -89.84 -49.42 -96.15
CA ILE FD 123 -89.33 -48.05 -96.16
C ILE FD 123 -89.09 -47.65 -97.60
N VAL FD 124 -89.75 -46.57 -98.02
CA VAL FD 124 -89.81 -46.23 -99.44
C VAL FD 124 -89.25 -44.82 -99.65
N SER FD 125 -88.38 -44.70 -100.64
CA SER FD 125 -87.70 -43.45 -100.93
C SER FD 125 -88.56 -42.54 -101.80
N SER FD 126 -88.17 -41.27 -101.85
CA SER FD 126 -88.95 -40.29 -102.60
C SER FD 126 -88.81 -40.49 -104.10
N ASP FD 127 -87.58 -40.67 -104.58
CA ASP FD 127 -87.35 -40.80 -106.01
C ASP FD 127 -88.06 -42.04 -106.56
N THR FD 128 -88.52 -41.94 -107.81
CA THR FD 128 -89.48 -42.86 -108.37
C THR FD 128 -88.98 -43.42 -109.69
N THR FD 129 -89.23 -44.70 -109.91
CA THR FD 129 -88.96 -45.32 -111.21
C THR FD 129 -89.97 -44.82 -112.24
N ALA GD 1 -95.71 -4.42 -113.34
CA ALA GD 1 -95.15 -5.52 -114.11
C ALA GD 1 -93.85 -6.01 -113.49
N ASN GD 2 -93.70 -5.77 -112.19
CA ASN GD 2 -92.54 -6.20 -111.42
C ASN GD 2 -93.00 -7.08 -110.27
N LYS GD 3 -92.26 -8.15 -110.01
CA LYS GD 3 -92.66 -9.06 -108.94
C LYS GD 3 -92.57 -8.35 -107.60
N PRO GD 4 -93.64 -8.35 -106.81
CA PRO GD 4 -93.62 -7.64 -105.53
C PRO GD 4 -92.90 -8.42 -104.45
N MET GD 5 -92.45 -7.68 -103.43
CA MET GD 5 -91.82 -8.29 -102.28
C MET GD 5 -92.83 -8.50 -101.15
N GLN GD 6 -92.40 -9.21 -100.12
CA GLN GD 6 -93.14 -9.35 -98.88
C GLN GD 6 -92.17 -9.25 -97.73
N PRO GD 7 -92.62 -8.78 -96.56
CA PRO GD 7 -91.70 -8.58 -95.45
C PRO GD 7 -91.08 -9.89 -94.97
N ILE GD 8 -89.83 -9.80 -94.55
CA ILE GD 8 -89.13 -10.90 -93.86
C ILE GD 8 -89.06 -10.63 -92.37
N THR GD 9 -88.39 -9.55 -91.98
CA THR GD 9 -88.20 -9.21 -90.58
C THR GD 9 -88.98 -7.94 -90.28
N SER GD 10 -89.89 -8.03 -89.31
CA SER GD 10 -90.65 -6.89 -88.83
C SER GD 10 -90.13 -6.52 -87.46
N THR GD 11 -89.73 -5.26 -87.31
CA THR GD 11 -89.13 -4.77 -86.08
C THR GD 11 -89.70 -3.39 -85.81
N ALA GD 12 -89.51 -2.91 -84.58
CA ALA GD 12 -90.03 -1.59 -84.20
C ALA GD 12 -89.52 -0.51 -85.13
N ASN GD 13 -88.29 -0.64 -85.64
CA ASN GD 13 -87.68 0.38 -86.46
C ASN GD 13 -86.96 -0.22 -87.66
N LYS GD 14 -87.46 -1.34 -88.19
CA LYS GD 14 -86.80 -1.97 -89.33
C LYS GD 14 -87.77 -2.93 -90.00
N ILE GD 15 -87.92 -2.79 -91.31
CA ILE GD 15 -88.72 -3.70 -92.12
C ILE GD 15 -87.87 -4.16 -93.29
N VAL GD 16 -87.81 -5.47 -93.50
CA VAL GD 16 -86.98 -6.07 -94.54
C VAL GD 16 -87.90 -6.79 -95.52
N TRP GD 17 -87.71 -6.51 -96.81
CA TRP GD 17 -88.54 -7.02 -97.87
C TRP GD 17 -87.69 -7.96 -98.73
N SER GD 18 -88.32 -9.01 -99.27
CA SER GD 18 -87.59 -9.96 -100.09
C SER GD 18 -88.48 -10.59 -101.15
N ASP GD 19 -87.86 -10.93 -102.27
CA ASP GD 19 -88.57 -11.55 -103.37
C ASP GD 19 -88.72 -13.05 -103.12
N PRO GD 20 -89.94 -13.59 -103.14
CA PRO GD 20 -90.08 -15.06 -103.04
C PRO GD 20 -89.35 -15.81 -104.14
N THR GD 21 -89.36 -15.27 -105.36
CA THR GD 21 -88.71 -15.96 -106.47
C THR GD 21 -87.21 -16.04 -106.26
N ARG GD 22 -86.58 -14.93 -105.90
CA ARG GD 22 -85.15 -14.88 -105.62
C ARG GD 22 -84.96 -14.22 -104.26
N LEU GD 23 -84.61 -15.02 -103.26
CA LEU GD 23 -84.46 -14.51 -101.90
C LEU GD 23 -83.31 -13.55 -101.76
N SER GD 24 -82.43 -13.47 -102.76
CA SER GD 24 -81.26 -12.60 -102.65
C SER GD 24 -81.64 -11.14 -102.71
N THR GD 25 -82.62 -10.79 -103.55
CA THR GD 25 -83.04 -9.40 -103.67
C THR GD 25 -83.75 -8.95 -102.40
N THR GD 26 -83.27 -7.85 -101.81
CA THR GD 26 -83.84 -7.35 -100.58
C THR GD 26 -84.02 -5.85 -100.67
N PHE GD 27 -84.96 -5.34 -99.86
CA PHE GD 27 -85.14 -3.90 -99.68
C PHE GD 27 -85.51 -3.67 -98.23
N SER GD 28 -84.73 -2.87 -97.52
CA SER GD 28 -84.93 -2.65 -96.11
C SER GD 28 -85.09 -1.16 -95.82
N ALA GD 29 -85.85 -0.87 -94.78
CA ALA GD 29 -86.07 0.50 -94.33
C ALA GD 29 -85.91 0.56 -92.82
N SER GD 30 -84.97 1.37 -92.36
CA SER GD 30 -84.73 1.56 -90.94
C SER GD 30 -84.71 3.05 -90.66
N LEU GD 31 -85.37 3.47 -89.58
CA LEU GD 31 -85.52 4.88 -89.28
C LEU GD 31 -85.42 5.11 -87.79
N LEU GD 32 -84.92 6.28 -87.42
CA LEU GD 32 -84.73 6.66 -86.03
C LEU GD 32 -85.46 7.97 -85.75
N ARG GD 33 -85.92 8.13 -84.51
CA ARG GD 33 -86.64 9.32 -84.09
C ARG GD 33 -85.95 9.92 -82.87
N GLN GD 34 -85.55 11.18 -83.00
CA GLN GD 34 -84.85 11.90 -81.93
C GLN GD 34 -85.64 13.14 -81.54
N ARG GD 35 -85.38 13.61 -80.33
CA ARG GD 35 -85.97 14.85 -79.82
C ARG GD 35 -84.89 15.92 -79.81
N VAL GD 36 -84.99 16.87 -80.74
CA VAL GD 36 -83.97 17.90 -80.91
C VAL GD 36 -84.63 19.27 -80.76
N LYS GD 37 -84.05 20.11 -79.91
CA LYS GD 37 -84.53 21.46 -79.69
C LYS GD 37 -83.49 22.42 -80.26
N VAL GD 38 -83.75 22.92 -81.47
CA VAL GD 38 -82.81 23.83 -82.10
C VAL GD 38 -82.69 25.12 -81.30
N GLY GD 39 -83.81 25.67 -80.86
CA GLY GD 39 -83.83 26.82 -79.99
C GLY GD 39 -85.25 27.29 -79.75
N ILE GD 40 -85.61 27.52 -78.49
CA ILE GD 40 -86.94 27.90 -78.03
C ILE GD 40 -88.04 27.19 -78.83
N ALA GD 41 -87.74 25.98 -79.30
CA ALA GD 41 -88.66 25.23 -80.14
C ALA GD 41 -88.21 23.77 -80.22
N GLU GD 42 -89.14 22.85 -80.00
CA GLU GD 42 -88.85 21.42 -79.97
C GLU GD 42 -89.13 20.83 -81.35
N LEU GD 43 -88.18 20.10 -81.90
CA LEU GD 43 -88.28 19.56 -83.24
C LEU GD 43 -88.16 18.04 -83.21
N ASN GD 44 -89.00 17.37 -83.98
CA ASN GD 44 -88.95 15.92 -84.15
C ASN GD 44 -88.34 15.61 -85.51
N ASN GD 45 -87.15 15.03 -85.50
CA ASN GD 45 -86.46 14.67 -86.73
C ASN GD 45 -86.49 13.16 -86.92
N VAL GD 46 -86.47 12.73 -88.18
CA VAL GD 46 -86.51 11.32 -88.54
C VAL GD 46 -85.37 11.04 -89.50
N SER GD 47 -84.57 10.03 -89.20
CA SER GD 47 -83.44 9.64 -90.04
C SER GD 47 -83.72 8.24 -90.56
N GLY GD 48 -84.36 8.16 -91.73
CA GLY GD 48 -84.68 6.88 -92.31
C GLY GD 48 -83.75 6.49 -93.44
N GLN GD 49 -83.10 5.34 -93.31
CA GLN GD 49 -82.18 4.85 -94.32
C GLN GD 49 -82.83 3.68 -95.05
N TYR GD 50 -82.74 3.71 -96.38
CA TYR GD 50 -83.37 2.71 -97.23
C TYR GD 50 -82.29 2.03 -98.05
N VAL GD 51 -82.29 0.70 -98.04
CA VAL GD 51 -81.21 -0.08 -98.62
C VAL GD 51 -81.81 -1.01 -99.66
N SER GD 52 -81.28 -0.95 -100.88
CA SER GD 52 -81.66 -1.86 -101.96
C SER GD 52 -80.43 -2.68 -102.34
N VAL GD 53 -80.57 -4.01 -102.30
CA VAL GD 53 -79.45 -4.91 -102.51
C VAL GD 53 -79.83 -5.92 -103.58
N TYR GD 54 -78.91 -6.16 -104.52
CA TYR GD 54 -79.11 -7.14 -105.57
C TYR GD 54 -77.78 -7.79 -105.92
N LYS GD 55 -77.81 -9.10 -106.11
CA LYS GD 55 -76.67 -9.87 -106.58
C LYS GD 55 -76.88 -10.20 -108.04
N ARG GD 56 -76.08 -9.63 -108.91
CA ARG GD 56 -76.23 -9.88 -110.33
C ARG GD 56 -75.02 -10.60 -110.89
N PRO GD 57 -75.21 -11.49 -111.87
CA PRO GD 57 -74.07 -12.20 -112.44
C PRO GD 57 -73.14 -11.26 -113.20
N ALA GD 58 -71.95 -11.80 -113.50
CA ALA GD 58 -70.95 -11.04 -114.23
C ALA GD 58 -71.45 -10.72 -115.63
N PRO GD 59 -70.76 -9.83 -116.36
CA PRO GD 59 -71.26 -9.38 -117.67
C PRO GD 59 -71.49 -10.51 -118.68
N LYS GD 60 -70.96 -11.69 -118.39
CA LYS GD 60 -71.07 -12.82 -119.32
C LYS GD 60 -70.25 -12.50 -120.50
N PRO GD 61 -69.12 -13.17 -120.61
CA PRO GD 61 -68.22 -12.79 -121.68
C PRO GD 61 -68.97 -12.80 -122.96
N GLU GD 62 -68.69 -11.81 -123.78
CA GLU GD 62 -69.42 -11.69 -125.01
C GLU GD 62 -69.32 -12.96 -125.80
N GLY GD 63 -70.25 -13.12 -126.73
CA GLY GD 63 -70.23 -14.29 -127.56
C GLY GD 63 -70.76 -15.46 -126.79
N CYS GD 64 -70.34 -15.57 -125.53
CA CYS GD 64 -70.87 -16.63 -124.72
C CYS GD 64 -72.32 -16.42 -124.72
N ALA GD 65 -72.99 -17.17 -125.53
CA ALA GD 65 -74.44 -17.07 -125.51
C ALA GD 65 -74.91 -18.40 -124.96
N ASP GD 66 -73.96 -19.16 -124.42
CA ASP GD 66 -74.21 -20.47 -123.88
C ASP GD 66 -75.10 -20.37 -122.65
N ALA GD 67 -76.05 -21.30 -122.54
CA ALA GD 67 -77.11 -21.19 -121.54
C ALA GD 67 -76.60 -21.26 -120.10
N CYS GD 68 -75.46 -21.92 -119.86
CA CYS GD 68 -74.90 -21.95 -118.51
C CYS GD 68 -73.38 -21.90 -118.59
N VAL GD 69 -72.81 -20.73 -118.32
CA VAL GD 69 -71.42 -20.59 -117.96
C VAL GD 69 -71.26 -20.10 -116.51
N ILE GD 70 -72.14 -19.21 -116.07
CA ILE GD 70 -72.40 -18.95 -114.66
C ILE GD 70 -71.18 -18.40 -113.92
N MET GD 71 -71.07 -17.08 -113.88
CA MET GD 71 -70.07 -16.43 -113.05
C MET GD 71 -70.70 -15.93 -111.77
N PRO GD 72 -69.92 -15.82 -110.70
CA PRO GD 72 -70.49 -15.43 -109.41
C PRO GD 72 -70.98 -13.99 -109.41
N ASN GD 73 -71.87 -13.71 -108.47
CA ASN GD 73 -72.58 -12.44 -108.40
C ASN GD 73 -71.76 -11.41 -107.65
N GLU GD 74 -72.14 -10.15 -107.81
CA GLU GD 74 -71.55 -9.04 -107.09
C GLU GD 74 -72.65 -8.14 -106.55
N ASN GD 75 -72.29 -7.36 -105.53
CA ASN GD 75 -73.24 -6.44 -104.91
C ASN GD 75 -73.64 -5.33 -105.86
N GLN GD 76 -74.93 -5.02 -105.88
CA GLN GD 76 -75.44 -3.77 -106.45
C GLN GD 76 -76.28 -3.15 -105.35
N SER GD 77 -75.61 -2.47 -104.43
CA SER GD 77 -76.27 -1.91 -103.24
C SER GD 77 -76.29 -0.40 -103.35
N ILE GD 78 -77.47 0.19 -103.17
CA ILE GD 78 -77.63 1.64 -103.23
C ILE GD 78 -78.39 2.07 -101.99
N ARG GD 79 -77.87 3.09 -101.31
CA ARG GD 79 -78.35 3.52 -100.02
C ARG GD 79 -78.75 5.00 -100.06
N THR GD 80 -79.88 5.31 -99.44
CA THR GD 80 -80.30 6.70 -99.27
C THR GD 80 -80.67 6.90 -97.82
N VAL GD 81 -80.21 8.01 -97.24
CA VAL GD 81 -80.54 8.38 -95.87
C VAL GD 81 -81.28 9.70 -95.92
N ILE GD 82 -82.50 9.71 -95.37
CA ILE GD 82 -83.34 10.90 -95.35
C ILE GD 82 -83.39 11.41 -93.93
N SER GD 83 -82.87 12.61 -93.71
CA SER GD 83 -82.82 13.20 -92.38
C SER GD 83 -83.43 14.59 -92.41
N GLY GD 84 -84.28 14.87 -91.43
CA GLY GD 84 -84.89 16.19 -91.34
C GLY GD 84 -86.02 16.18 -90.35
N SER GD 85 -86.42 17.38 -89.95
CA SER GD 85 -87.51 17.54 -88.99
C SER GD 85 -88.84 17.13 -89.62
N ALA GD 86 -89.68 16.49 -88.81
CA ALA GD 86 -90.97 16.03 -89.30
C ALA GD 86 -91.89 17.20 -89.64
N GLU GD 87 -91.79 18.30 -88.89
CA GLU GD 87 -92.62 19.46 -89.16
C GLU GD 87 -92.32 20.06 -90.52
N ASN GD 88 -91.06 20.07 -90.93
CA ASN GD 88 -90.68 20.55 -92.24
C ASN GD 88 -90.74 19.46 -93.31
N LEU GD 89 -91.57 18.44 -93.11
CA LEU GD 89 -91.66 17.36 -94.08
C LEU GD 89 -92.17 17.85 -95.42
N ALA GD 90 -93.10 18.80 -95.42
CA ALA GD 90 -93.73 19.22 -96.67
C ALA GD 90 -92.69 19.76 -97.65
N THR GD 91 -91.78 20.60 -97.17
CA THR GD 91 -90.70 21.07 -98.03
C THR GD 91 -89.62 20.02 -98.22
N LEU GD 92 -89.44 19.13 -97.22
CA LEU GD 92 -88.41 18.11 -97.35
C LEU GD 92 -88.72 17.15 -98.48
N LYS GD 93 -90.01 16.91 -98.76
CA LYS GD 93 -90.38 16.16 -99.94
C LYS GD 93 -89.90 16.86 -101.21
N ALA GD 94 -90.00 18.19 -101.24
CA ALA GD 94 -89.61 18.93 -102.44
C ALA GD 94 -88.12 18.77 -102.73
N GLU GD 95 -87.28 18.90 -101.71
CA GLU GD 95 -85.84 18.79 -101.93
C GLU GD 95 -85.45 17.38 -102.33
N TRP GD 96 -86.14 16.37 -101.80
CA TRP GD 96 -85.92 15.00 -102.26
C TRP GD 96 -86.23 14.87 -103.74
N GLU GD 97 -87.28 15.56 -104.20
CA GLU GD 97 -87.61 15.53 -105.62
C GLU GD 97 -86.46 16.08 -106.46
N THR GD 98 -85.91 17.22 -106.08
CA THR GD 98 -84.77 17.78 -106.79
C THR GD 98 -83.55 16.89 -106.64
N HIS GD 99 -83.35 16.33 -105.45
CA HIS GD 99 -82.21 15.42 -105.23
C HIS GD 99 -82.22 14.29 -106.24
N LYS GD 100 -83.41 13.75 -106.54
CA LYS GD 100 -83.51 12.76 -107.61
C LYS GD 100 -83.11 13.36 -108.95
N ARG GD 101 -83.57 14.58 -109.24
CA ARG GD 101 -83.25 15.20 -110.51
C ARG GD 101 -81.76 15.45 -110.66
N ASN GD 102 -81.12 15.91 -109.59
CA ASN GD 102 -79.69 16.18 -109.65
C ASN GD 102 -78.90 14.92 -109.96
N VAL GD 103 -79.24 13.82 -109.29
CA VAL GD 103 -78.53 12.57 -109.53
C VAL GD 103 -78.78 12.08 -110.96
N ASP GD 104 -80.03 12.19 -111.42
CA ASP GD 104 -80.36 11.66 -112.74
C ASP GD 104 -79.55 12.35 -113.84
N THR GD 105 -79.45 13.68 -113.76
CA THR GD 105 -78.65 14.40 -114.75
C THR GD 105 -77.19 13.99 -114.65
N LEU GD 106 -76.69 13.83 -113.42
CA LEU GD 106 -75.27 13.54 -113.24
C LEU GD 106 -74.95 12.07 -113.41
N PHE GD 107 -75.86 11.17 -113.02
CA PHE GD 107 -75.59 9.74 -113.06
C PHE GD 107 -76.40 9.01 -114.13
N ALA GD 108 -77.72 9.15 -114.12
CA ALA GD 108 -78.54 8.41 -115.07
C ALA GD 108 -78.24 8.85 -116.51
N SER GD 109 -78.10 10.15 -116.73
CA SER GD 109 -77.76 10.66 -118.05
C SER GD 109 -76.26 10.86 -118.23
N GLY GD 110 -75.55 11.23 -117.16
CA GLY GD 110 -74.13 11.48 -117.25
C GLY GD 110 -73.34 10.20 -117.19
N ASN GD 111 -72.03 10.36 -116.96
CA ASN GD 111 -71.12 9.22 -116.92
C ASN GD 111 -70.48 9.05 -115.55
N ALA GD 112 -71.19 9.47 -114.49
CA ALA GD 112 -70.67 9.26 -113.14
C ALA GD 112 -70.52 7.78 -112.84
N GLY GD 113 -71.48 6.97 -113.26
CA GLY GD 113 -71.42 5.55 -112.98
C GLY GD 113 -70.18 4.89 -113.55
N LEU GD 114 -69.57 5.49 -114.57
CA LEU GD 114 -68.32 4.98 -115.11
C LEU GD 114 -67.11 5.57 -114.42
N GLY GD 115 -67.30 6.51 -113.50
CA GLY GD 115 -66.22 7.14 -112.78
C GLY GD 115 -65.85 8.52 -113.25
N PHE GD 116 -66.37 8.96 -114.40
CA PHE GD 116 -66.06 10.28 -114.90
C PHE GD 116 -66.84 11.34 -114.14
N LEU GD 117 -66.38 12.58 -114.24
CA LEU GD 117 -67.03 13.72 -113.63
C LEU GD 117 -67.31 14.78 -114.70
N ASP GD 118 -68.38 15.54 -114.49
CA ASP GD 118 -68.77 16.63 -115.38
C ASP GD 118 -69.03 17.87 -114.56
N PRO GD 119 -67.99 18.67 -114.29
CA PRO GD 119 -68.23 19.94 -113.58
C PRO GD 119 -69.12 20.90 -114.36
N THR GD 120 -69.31 20.66 -115.65
CA THR GD 120 -70.18 21.48 -116.47
C THR GD 120 -71.63 21.00 -116.48
N ALA GD 121 -71.94 19.96 -115.70
CA ALA GD 121 -73.29 19.44 -115.67
C ALA GD 121 -74.25 20.44 -115.06
N ALA GD 122 -75.51 20.37 -115.48
CA ALA GD 122 -76.54 21.29 -115.03
C ALA GD 122 -77.19 20.76 -113.77
N ILE GD 123 -77.00 21.47 -112.67
CA ILE GD 123 -77.53 21.10 -111.37
C ILE GD 123 -78.44 22.22 -110.89
N VAL GD 124 -79.69 21.88 -110.57
CA VAL GD 124 -80.71 22.84 -110.20
C VAL GD 124 -81.00 22.74 -108.71
N SER GD 125 -81.47 23.84 -108.13
CA SER GD 125 -81.73 23.89 -106.70
C SER GD 125 -83.15 23.43 -106.37
N SER GD 126 -83.40 23.26 -105.07
CA SER GD 126 -84.75 23.02 -104.60
C SER GD 126 -85.64 24.22 -104.86
N ASP GD 127 -85.12 25.42 -104.58
CA ASP GD 127 -85.88 26.63 -104.79
C ASP GD 127 -86.04 26.91 -106.28
N THR GD 128 -87.08 27.67 -106.62
CA THR GD 128 -87.38 28.00 -108.00
C THR GD 128 -87.53 29.51 -108.14
N THR GD 129 -87.32 29.99 -109.36
CA THR GD 129 -87.43 31.41 -109.66
C THR GD 129 -88.81 31.76 -110.19
N ALA HD 1 -115.55 11.63 -87.77
CA ALA HD 1 -114.74 10.62 -87.11
C ALA HD 1 -113.56 11.26 -86.40
N ASN HD 2 -112.54 10.44 -86.12
CA ASN HD 2 -111.35 10.90 -85.44
C ASN HD 2 -110.12 10.35 -86.15
N LYS HD 3 -109.00 11.03 -85.98
CA LYS HD 3 -107.77 10.62 -86.65
C LYS HD 3 -107.28 9.30 -86.08
N PRO HD 4 -107.13 8.26 -86.90
CA PRO HD 4 -106.58 7.01 -86.39
C PRO HD 4 -105.08 7.10 -86.23
N MET HD 5 -104.55 6.38 -85.23
CA MET HD 5 -103.12 6.33 -85.08
C MET HD 5 -102.53 5.22 -85.94
N GLN HD 6 -101.21 5.14 -85.94
CA GLN HD 6 -100.47 4.04 -86.54
C GLN HD 6 -99.42 3.56 -85.55
N PRO HD 7 -99.08 2.28 -85.59
CA PRO HD 7 -98.08 1.76 -84.65
C PRO HD 7 -96.72 2.39 -84.86
N ILE HD 8 -96.00 2.58 -83.76
CA ILE HD 8 -94.63 3.08 -83.78
C ILE HD 8 -93.64 2.00 -83.35
N THR HD 9 -93.85 1.42 -82.18
CA THR HD 9 -93.00 0.36 -81.66
C THR HD 9 -93.83 -0.91 -81.59
N SER HD 10 -93.38 -1.96 -82.29
CA SER HD 10 -94.07 -3.23 -82.32
C SER HD 10 -93.20 -4.29 -81.64
N THR HD 11 -93.81 -5.02 -80.70
CA THR HD 11 -93.11 -6.03 -79.94
C THR HD 11 -94.13 -7.09 -79.54
N ALA HD 12 -93.63 -8.28 -79.21
CA ALA HD 12 -94.52 -9.34 -78.75
C ALA HD 12 -95.23 -8.98 -77.45
N ASN HD 13 -94.75 -7.96 -76.74
CA ASN HD 13 -95.34 -7.57 -75.47
C ASN HD 13 -95.80 -6.11 -75.43
N LYS HD 14 -95.38 -5.29 -76.38
CA LYS HD 14 -95.73 -3.88 -76.36
C LYS HD 14 -96.01 -3.38 -77.76
N ILE HD 15 -97.10 -2.64 -77.91
CA ILE HD 15 -97.39 -1.91 -79.14
C ILE HD 15 -97.83 -0.51 -78.77
N VAL HD 16 -97.24 0.50 -79.40
CA VAL HD 16 -97.61 1.89 -79.15
C VAL HD 16 -98.11 2.49 -80.45
N TRP HD 17 -99.24 3.18 -80.37
CA TRP HD 17 -99.79 3.90 -81.50
C TRP HD 17 -99.60 5.39 -81.30
N SER HD 18 -99.24 6.09 -82.37
CA SER HD 18 -99.06 7.53 -82.31
C SER HD 18 -99.78 8.17 -83.49
N ASP HD 19 -100.27 9.38 -83.27
CA ASP HD 19 -101.06 10.07 -84.28
C ASP HD 19 -100.13 10.76 -85.27
N PRO HD 20 -100.28 10.53 -86.57
CA PRO HD 20 -99.40 11.21 -87.54
C PRO HD 20 -99.48 12.71 -87.47
N THR HD 21 -100.68 13.27 -87.25
CA THR HD 21 -100.80 14.72 -87.19
C THR HD 21 -100.08 15.30 -85.99
N ARG HD 22 -100.26 14.69 -84.82
CA ARG HD 22 -99.60 15.13 -83.60
C ARG HD 22 -98.85 13.94 -83.00
N LEU HD 23 -97.52 13.97 -83.12
CA LEU HD 23 -96.72 12.88 -82.58
C LEU HD 23 -96.74 12.86 -81.05
N SER HD 24 -97.23 13.92 -80.42
CA SER HD 24 -97.26 13.98 -78.96
C SER HD 24 -98.20 12.94 -78.39
N THR HD 25 -99.44 12.89 -78.86
CA THR HD 25 -100.42 11.97 -78.32
C THR HD 25 -100.12 10.54 -78.75
N THR HD 26 -100.12 9.63 -77.80
CA THR HD 26 -99.87 8.21 -78.07
C THR HD 26 -100.82 7.37 -77.24
N PHE HD 27 -100.92 6.09 -77.62
CA PHE HD 27 -101.69 5.12 -76.87
C PHE HD 27 -100.93 3.80 -76.89
N SER HD 28 -100.51 3.34 -75.72
CA SER HD 28 -99.64 2.18 -75.60
C SER HD 28 -100.39 1.05 -74.92
N ALA HD 29 -100.26 -0.15 -75.47
CA ALA HD 29 -100.84 -1.36 -74.89
C ALA HD 29 -99.72 -2.34 -74.59
N SER HD 30 -99.39 -2.49 -73.31
CA SER HD 30 -98.37 -3.41 -72.85
C SER HD 30 -99.03 -4.59 -72.18
N LEU HD 31 -98.70 -5.79 -72.63
CA LEU HD 31 -99.33 -7.01 -72.17
C LEU HD 31 -98.29 -7.94 -71.55
N LEU HD 32 -98.62 -8.50 -70.38
CA LEU HD 32 -97.75 -9.40 -69.66
C LEU HD 32 -98.51 -10.68 -69.41
N ARG HD 33 -97.95 -11.81 -69.82
CA ARG HD 33 -98.59 -13.11 -69.74
C ARG HD 33 -97.83 -13.99 -68.76
N GLN HD 34 -98.56 -14.79 -67.99
CA GLN HD 34 -97.91 -15.62 -66.98
C GLN HD 34 -98.84 -16.76 -66.59
N ARG HD 35 -98.23 -17.89 -66.26
CA ARG HD 35 -98.97 -19.09 -65.87
C ARG HD 35 -98.93 -19.20 -64.35
N VAL HD 36 -100.10 -19.17 -63.72
CA VAL HD 36 -100.22 -19.21 -62.26
C VAL HD 36 -101.16 -20.34 -61.88
N LYS HD 37 -100.77 -21.12 -60.88
CA LYS HD 37 -101.57 -22.25 -60.41
C LYS HD 37 -102.12 -21.90 -59.04
N VAL HD 38 -103.41 -21.53 -59.01
CA VAL HD 38 -104.07 -21.21 -57.76
C VAL HD 38 -104.21 -22.44 -56.88
N GLY HD 39 -104.07 -23.63 -57.46
CA GLY HD 39 -104.19 -24.88 -56.75
C GLY HD 39 -105.04 -25.86 -57.53
N ILE HD 40 -104.45 -27.02 -57.83
CA ILE HD 40 -105.04 -28.10 -58.63
C ILE HD 40 -105.74 -27.51 -59.86
N ALA HD 41 -105.28 -26.36 -60.33
CA ALA HD 41 -105.91 -25.68 -61.47
C ALA HD 41 -104.94 -25.36 -62.59
N GLU HD 42 -103.72 -24.91 -62.28
CA GLU HD 42 -102.69 -24.62 -63.27
C GLU HD 42 -103.22 -23.66 -64.35
N LEU HD 43 -103.51 -22.45 -63.90
CA LEU HD 43 -104.26 -21.49 -64.71
C LEU HD 43 -103.32 -20.59 -65.49
N ASN HD 44 -103.92 -19.77 -66.36
CA ASN HD 44 -103.22 -18.82 -67.21
C ASN HD 44 -103.69 -17.41 -66.90
N ASN HD 45 -102.75 -16.51 -66.66
CA ASN HD 45 -103.07 -15.14 -66.28
C ASN HD 45 -102.48 -14.16 -67.27
N VAL HD 46 -103.24 -13.10 -67.56
CA VAL HD 46 -102.80 -12.03 -68.44
C VAL HD 46 -102.97 -10.71 -67.70
N SER HD 47 -101.98 -9.83 -67.83
CA SER HD 47 -102.02 -8.52 -67.17
C SER HD 47 -101.76 -7.46 -68.23
N GLY HD 48 -102.82 -7.02 -68.90
CA GLY HD 48 -102.70 -6.01 -69.94
C GLY HD 48 -102.81 -4.61 -69.38
N GLN HD 49 -101.82 -3.78 -69.73
CA GLN HD 49 -101.75 -2.41 -69.26
C GLN HD 49 -101.88 -1.48 -70.46
N TYR HD 50 -102.88 -0.61 -70.43
CA TYR HD 50 -103.19 0.29 -71.52
C TYR HD 50 -102.99 1.72 -71.05
N VAL HD 51 -102.16 2.48 -71.78
CA VAL HD 51 -101.80 3.84 -71.40
C VAL HD 51 -102.04 4.74 -72.58
N SER HD 52 -102.79 5.82 -72.37
CA SER HD 52 -102.98 6.87 -73.36
C SER HD 52 -102.52 8.18 -72.73
N VAL HD 53 -101.68 8.92 -73.43
CA VAL HD 53 -101.19 10.22 -72.95
C VAL HD 53 -101.55 11.28 -73.98
N TYR HD 54 -101.90 12.46 -73.49
CA TYR HD 54 -102.12 13.62 -74.33
C TYR HD 54 -101.43 14.82 -73.69
N LYS HD 55 -100.91 15.71 -74.53
CA LYS HD 55 -100.28 16.95 -74.07
C LYS HD 55 -101.16 18.10 -74.55
N ARG HD 56 -102.07 18.54 -73.69
CA ARG HD 56 -102.97 19.62 -74.06
C ARG HD 56 -102.45 20.94 -73.54
N PRO HD 57 -102.37 21.97 -74.37
CA PRO HD 57 -101.83 23.25 -73.89
C PRO HD 57 -102.73 23.88 -72.84
N ALA HD 58 -102.12 24.67 -71.96
CA ALA HD 58 -102.86 25.30 -70.89
C ALA HD 58 -103.86 26.32 -71.46
N PRO HD 59 -104.97 26.55 -70.76
CA PRO HD 59 -105.99 27.47 -71.29
C PRO HD 59 -105.49 28.90 -71.39
N LYS HD 60 -106.03 29.62 -72.37
CA LYS HD 60 -105.57 30.97 -72.70
C LYS HD 60 -105.84 31.92 -71.54
N PRO HD 61 -105.00 32.93 -71.32
CA PRO HD 61 -105.16 33.77 -70.14
C PRO HD 61 -106.09 34.93 -70.42
N GLU HD 62 -106.85 35.34 -69.40
CA GLU HD 62 -107.63 36.57 -69.37
C GLU HD 62 -108.50 36.74 -70.61
N GLY HD 63 -108.70 35.66 -71.36
CA GLY HD 63 -109.39 35.72 -72.63
C GLY HD 63 -108.71 36.66 -73.61
N CYS HD 64 -107.39 36.63 -73.66
CA CYS HD 64 -106.62 37.53 -74.50
C CYS HD 64 -106.49 36.92 -75.90
N ALA HD 65 -106.74 37.73 -76.92
CA ALA HD 65 -106.68 37.27 -78.31
C ALA HD 65 -105.31 37.60 -78.90
N ASP HD 66 -104.35 36.76 -78.52
CA ASP HD 66 -102.99 36.92 -79.00
C ASP HD 66 -102.86 36.44 -80.44
N ALA HD 67 -101.63 36.47 -80.93
CA ALA HD 67 -101.26 35.76 -82.15
C ALA HD 67 -100.53 34.47 -81.86
N CYS HD 68 -99.55 34.50 -80.95
CA CYS HD 68 -98.83 33.30 -80.51
C CYS HD 68 -98.07 33.64 -79.22
N VAL HD 69 -98.37 32.90 -78.15
CA VAL HD 69 -97.58 32.94 -76.95
C VAL HD 69 -96.98 31.57 -76.60
N ILE HD 70 -97.66 30.48 -76.91
CA ILE HD 70 -97.18 29.12 -76.71
C ILE HD 70 -96.81 28.90 -75.24
N MET HD 71 -97.81 28.57 -74.43
CA MET HD 71 -97.55 28.23 -73.05
C MET HD 71 -96.86 26.87 -72.97
N PRO HD 72 -96.16 26.56 -71.88
CA PRO HD 72 -95.67 25.20 -71.70
C PRO HD 72 -96.84 24.23 -71.69
N ASN HD 73 -96.61 23.06 -72.29
CA ASN HD 73 -97.70 22.12 -72.49
C ASN HD 73 -97.85 21.22 -71.28
N GLU HD 74 -99.03 21.25 -70.68
CA GLU HD 74 -99.30 20.37 -69.54
C GLU HD 74 -99.73 19.00 -70.04
N ASN HD 75 -99.64 18.02 -69.15
CA ASN HD 75 -99.77 16.62 -69.52
C ASN HD 75 -101.04 16.04 -68.92
N GLN HD 76 -101.81 15.34 -69.74
CA GLN HD 76 -102.97 14.58 -69.31
C GLN HD 76 -102.68 13.11 -69.52
N SER HD 77 -102.81 12.32 -68.47
CA SER HD 77 -102.45 10.91 -68.50
C SER HD 77 -103.64 10.08 -68.03
N ILE HD 78 -103.81 8.91 -68.64
CA ILE HD 78 -104.94 8.04 -68.36
C ILE HD 78 -104.47 6.60 -68.55
N ARG HD 79 -104.61 5.79 -67.50
CA ARG HD 79 -104.10 4.42 -67.49
C ARG HD 79 -105.11 3.48 -66.85
N THR HD 80 -105.27 2.31 -67.45
CA THR HD 80 -105.99 1.20 -66.82
C THR HD 80 -105.21 -0.08 -67.06
N VAL HD 81 -105.36 -1.04 -66.15
CA VAL HD 81 -104.79 -2.37 -66.31
C VAL HD 81 -105.89 -3.39 -66.10
N ILE HD 82 -105.83 -4.47 -66.87
CA ILE HD 82 -106.78 -5.58 -66.77
C ILE HD 82 -105.99 -6.83 -66.43
N SER HD 83 -106.34 -7.48 -65.33
CA SER HD 83 -105.65 -8.70 -64.91
C SER HD 83 -106.66 -9.74 -64.50
N GLY HD 84 -106.41 -10.98 -64.87
CA GLY HD 84 -107.30 -12.07 -64.52
C GLY HD 84 -106.98 -13.33 -65.29
N SER HD 85 -107.68 -14.39 -64.91
CA SER HD 85 -107.49 -15.69 -65.54
C SER HD 85 -107.92 -15.65 -67.00
N ALA HD 86 -107.19 -16.39 -67.84
CA ALA HD 86 -107.41 -16.30 -69.28
C ALA HD 86 -108.80 -16.77 -69.70
N GLU HD 87 -109.26 -17.90 -69.18
CA GLU HD 87 -110.51 -18.46 -69.70
C GLU HD 87 -111.71 -17.64 -69.27
N ASN HD 88 -111.58 -16.87 -68.19
CA ASN HD 88 -112.68 -16.12 -67.62
C ASN HD 88 -112.82 -14.74 -68.24
N LEU HD 89 -112.34 -14.55 -69.46
CA LEU HD 89 -112.64 -13.32 -70.16
C LEU HD 89 -114.14 -13.17 -70.36
N ALA HD 90 -114.87 -14.28 -70.38
CA ALA HD 90 -116.32 -14.21 -70.47
C ALA HD 90 -116.90 -13.40 -69.32
N THR HD 91 -116.38 -13.61 -68.11
CA THR HD 91 -116.80 -12.80 -66.97
C THR HD 91 -115.91 -11.58 -66.76
N LEU HD 92 -114.65 -11.63 -67.19
CA LEU HD 92 -113.83 -10.43 -67.12
C LEU HD 92 -114.38 -9.34 -68.02
N LYS HD 93 -114.80 -9.70 -69.23
CA LYS HD 93 -115.44 -8.72 -70.10
C LYS HD 93 -116.68 -8.15 -69.45
N ALA HD 94 -117.49 -9.01 -68.82
CA ALA HD 94 -118.67 -8.52 -68.11
C ALA HD 94 -118.25 -7.58 -66.97
N GLU HD 95 -117.17 -7.92 -66.28
CA GLU HD 95 -116.65 -7.04 -65.23
C GLU HD 95 -116.24 -5.68 -65.80
N TRP HD 96 -115.93 -5.64 -67.08
CA TRP HD 96 -115.33 -4.43 -67.66
C TRP HD 96 -116.34 -3.29 -67.73
N GLU HD 97 -117.54 -3.55 -68.25
CA GLU HD 97 -118.52 -2.47 -68.37
C GLU HD 97 -118.95 -1.99 -66.99
N THR HD 98 -119.14 -2.90 -66.04
CA THR HD 98 -119.53 -2.48 -64.70
C THR HD 98 -118.47 -1.58 -64.09
N HIS HD 99 -117.21 -1.86 -64.37
CA HIS HD 99 -116.16 -0.90 -64.02
C HIS HD 99 -116.36 0.42 -64.74
N LYS HD 100 -116.70 0.36 -66.02
CA LYS HD 100 -116.85 1.59 -66.80
C LYS HD 100 -117.99 2.46 -66.27
N ARG HD 101 -119.13 1.85 -65.96
CA ARG HD 101 -120.26 2.66 -65.52
C ARG HD 101 -120.02 3.24 -64.13
N ASN HD 102 -119.28 2.51 -63.28
CA ASN HD 102 -118.97 3.04 -61.96
C ASN HD 102 -118.15 4.32 -62.05
N VAL HD 103 -117.04 4.28 -62.78
CA VAL HD 103 -116.22 5.48 -62.92
C VAL HD 103 -116.98 6.54 -63.71
N ASP HD 104 -117.85 6.14 -64.64
CA ASP HD 104 -118.70 7.12 -65.31
C ASP HD 104 -119.59 7.82 -64.30
N THR HD 105 -120.14 7.08 -63.34
CA THR HD 105 -120.94 7.70 -62.30
C THR HD 105 -120.11 8.67 -61.47
N LEU HD 106 -118.93 8.24 -61.04
CA LEU HD 106 -118.10 9.10 -60.20
C LEU HD 106 -117.49 10.24 -60.99
N PHE HD 107 -116.92 9.96 -62.15
CA PHE HD 107 -116.09 10.92 -62.86
C PHE HD 107 -116.78 11.54 -64.06
N ALA HD 108 -117.27 10.73 -64.99
CA ALA HD 108 -117.88 11.27 -66.20
C ALA HD 108 -119.12 12.08 -65.87
N SER HD 109 -119.96 11.58 -64.97
CA SER HD 109 -121.17 12.29 -64.57
C SER HD 109 -121.01 13.07 -63.28
N GLY HD 110 -120.26 12.55 -62.32
CA GLY HD 110 -120.07 13.21 -61.05
C GLY HD 110 -118.98 14.28 -61.12
N ASN HD 111 -118.61 14.75 -59.94
CA ASN HD 111 -117.60 15.79 -59.80
C ASN HD 111 -116.27 15.25 -59.27
N ALA HD 112 -116.03 13.95 -59.41
CA ALA HD 112 -114.76 13.40 -58.98
C ALA HD 112 -113.60 14.00 -59.75
N GLY HD 113 -113.85 14.45 -60.98
CA GLY HD 113 -112.81 15.12 -61.73
C GLY HD 113 -112.33 16.39 -61.05
N LEU HD 114 -113.27 17.15 -60.47
CA LEU HD 114 -112.89 18.34 -59.71
C LEU HD 114 -112.21 18.00 -58.40
N GLY HD 115 -112.26 16.75 -57.96
CA GLY HD 115 -111.62 16.33 -56.73
C GLY HD 115 -112.56 16.04 -55.58
N PHE HD 116 -113.85 15.87 -55.83
CA PHE HD 116 -114.82 15.63 -54.77
C PHE HD 116 -115.34 14.20 -54.88
N LEU HD 117 -115.19 13.44 -53.80
CA LEU HD 117 -115.74 12.09 -53.71
C LEU HD 117 -117.17 12.17 -53.17
N ASP HD 118 -118.11 11.59 -53.91
CA ASP HD 118 -119.50 11.63 -53.48
C ASP HD 118 -119.83 10.36 -52.73
N PRO HD 119 -120.02 10.42 -51.40
CA PRO HD 119 -120.33 9.19 -50.66
C PRO HD 119 -121.69 8.61 -50.98
N THR HD 120 -122.63 9.40 -51.50
CA THR HD 120 -123.96 8.92 -51.80
C THR HD 120 -124.14 8.51 -53.25
N ALA HD 121 -123.06 8.52 -54.04
CA ALA HD 121 -123.17 8.11 -55.43
C ALA HD 121 -123.63 6.66 -55.53
N ALA HD 122 -124.50 6.40 -56.50
CA ALA HD 122 -125.12 5.07 -56.65
C ALA HD 122 -124.30 4.27 -57.65
N ILE HD 123 -123.35 3.49 -57.15
CA ILE HD 123 -122.56 2.57 -57.95
C ILE HD 123 -123.12 1.17 -57.75
N VAL HD 124 -122.87 0.29 -58.71
CA VAL HD 124 -123.54 -1.00 -58.76
C VAL HD 124 -122.50 -2.09 -59.04
N SER HD 125 -122.85 -3.32 -58.69
CA SER HD 125 -121.96 -4.46 -58.86
C SER HD 125 -122.12 -5.08 -60.24
N SER HD 126 -121.25 -6.05 -60.52
CA SER HD 126 -121.36 -6.79 -61.78
C SER HD 126 -122.46 -7.83 -61.73
N ASP HD 127 -122.63 -8.48 -60.57
CA ASP HD 127 -123.62 -9.53 -60.45
C ASP HD 127 -125.03 -8.96 -60.54
N THR HD 128 -125.84 -9.55 -61.40
CA THR HD 128 -127.20 -9.09 -61.65
C THR HD 128 -128.15 -9.81 -60.71
N THR HD 129 -129.27 -9.16 -60.41
CA THR HD 129 -130.26 -9.74 -59.51
C THR HD 129 -131.00 -10.89 -60.17
N ALA ID 1 -142.87 -20.99 -28.47
CA ALA ID 1 -142.44 -22.05 -27.57
C ALA ID 1 -140.92 -22.22 -27.63
N ASN ID 2 -140.25 -21.78 -26.58
CA ASN ID 2 -138.79 -21.84 -26.49
C ASN ID 2 -138.39 -22.62 -25.26
N LYS ID 3 -137.35 -23.42 -25.39
CA LYS ID 3 -136.84 -24.19 -24.26
C LYS ID 3 -136.28 -23.22 -23.23
N PRO ID 4 -136.77 -23.23 -21.99
CA PRO ID 4 -136.22 -22.34 -20.97
C PRO ID 4 -134.92 -22.87 -20.41
N MET ID 5 -133.98 -21.96 -20.16
CA MET ID 5 -132.79 -22.36 -19.44
C MET ID 5 -133.12 -22.59 -17.97
N GLN ID 6 -132.09 -22.88 -17.18
CA GLN ID 6 -132.27 -23.06 -15.76
C GLN ID 6 -130.95 -22.75 -15.09
N PRO ID 7 -130.98 -22.16 -13.89
CA PRO ID 7 -129.75 -21.61 -13.32
C PRO ID 7 -128.70 -22.67 -13.08
N ILE ID 8 -127.44 -22.26 -13.28
CA ILE ID 8 -126.30 -23.13 -13.00
C ILE ID 8 -125.43 -22.63 -11.86
N THR ID 9 -125.33 -21.32 -11.65
CA THR ID 9 -124.59 -20.78 -10.51
C THR ID 9 -125.38 -19.57 -10.02
N SER ID 10 -126.02 -19.72 -8.86
CA SER ID 10 -126.86 -18.67 -8.30
C SER ID 10 -126.09 -17.93 -7.21
N THR ID 11 -125.98 -16.62 -7.38
CA THR ID 11 -125.35 -15.78 -6.38
C THR ID 11 -126.08 -14.44 -6.39
N ALA ID 12 -126.11 -13.79 -5.22
CA ALA ID 12 -126.88 -12.56 -5.09
C ALA ID 12 -126.37 -11.45 -5.98
N ASN ID 13 -125.12 -11.53 -6.44
CA ASN ID 13 -124.56 -10.52 -7.32
C ASN ID 13 -124.47 -10.96 -8.77
N LYS ID 14 -124.39 -12.26 -9.04
CA LYS ID 14 -124.29 -12.77 -10.40
C LYS ID 14 -124.99 -14.11 -10.52
N ILE ID 15 -125.77 -14.28 -11.58
CA ILE ID 15 -126.49 -15.51 -11.87
C ILE ID 15 -126.28 -15.88 -13.33
N VAL ID 16 -125.96 -17.13 -13.59
CA VAL ID 16 -125.76 -17.64 -14.94
C VAL ID 16 -126.72 -18.81 -15.17
N TRP ID 17 -127.34 -18.83 -16.32
CA TRP ID 17 -128.29 -19.86 -16.71
C TRP ID 17 -127.69 -20.68 -17.85
N SER ID 18 -128.31 -21.80 -18.15
CA SER ID 18 -127.86 -22.62 -19.28
C SER ID 18 -128.98 -23.55 -19.71
N ASP ID 19 -128.94 -23.91 -20.97
CA ASP ID 19 -129.96 -24.79 -21.53
C ASP ID 19 -129.62 -26.25 -21.21
N PRO ID 20 -130.53 -27.00 -20.59
CA PRO ID 20 -130.19 -28.39 -20.24
C PRO ID 20 -129.86 -29.26 -21.44
N THR ID 21 -130.54 -29.07 -22.57
CA THR ID 21 -130.27 -29.90 -23.73
C THR ID 21 -128.91 -29.61 -24.32
N ARG ID 22 -128.52 -28.33 -24.36
CA ARG ID 22 -127.21 -27.92 -24.88
C ARG ID 22 -126.62 -26.92 -23.89
N LEU ID 23 -125.67 -27.38 -23.09
CA LEU ID 23 -125.10 -26.54 -22.04
C LEU ID 23 -124.24 -25.42 -22.60
N SER ID 24 -123.92 -25.44 -23.89
CA SER ID 24 -123.07 -24.40 -24.45
C SER ID 24 -123.73 -23.03 -24.35
N THR ID 25 -125.03 -22.96 -24.66
CA THR ID 25 -125.73 -21.69 -24.60
C THR ID 25 -125.98 -21.29 -23.14
N THR ID 26 -125.61 -20.05 -22.81
CA THR ID 26 -125.78 -19.54 -21.46
C THR ID 26 -126.45 -18.18 -21.51
N PHE ID 27 -126.71 -17.62 -20.33
CA PHE ID 27 -127.20 -16.25 -20.21
C PHE ID 27 -126.85 -15.78 -18.80
N SER ID 28 -125.93 -14.83 -18.70
CA SER ID 28 -125.44 -14.39 -17.42
C SER ID 28 -125.93 -12.98 -17.12
N ALA ID 29 -126.03 -12.66 -15.83
CA ALA ID 29 -126.44 -11.34 -15.37
C ALA ID 29 -125.72 -11.05 -14.06
N SER ID 30 -124.95 -9.97 -14.04
CA SER ID 30 -124.25 -9.54 -12.84
C SER ID 30 -124.53 -8.07 -12.61
N LEU ID 31 -124.45 -7.67 -11.34
CA LEU ID 31 -124.83 -6.32 -10.92
C LEU ID 31 -123.74 -5.71 -10.07
N LEU ID 32 -123.58 -4.40 -10.17
CA LEU ID 32 -122.66 -3.64 -9.34
C LEU ID 32 -123.40 -2.49 -8.71
N ARG ID 33 -123.14 -2.25 -7.42
CA ARG ID 33 -123.81 -1.19 -6.67
C ARG ID 33 -122.76 -0.24 -6.11
N GLN ID 34 -122.86 1.03 -6.48
CA GLN ID 34 -121.90 2.02 -6.06
C GLN ID 34 -122.61 3.23 -5.47
N ARG ID 35 -121.87 3.99 -4.68
CA ARG ID 35 -122.32 5.25 -4.12
C ARG ID 35 -121.83 6.40 -4.99
N VAL ID 36 -122.73 7.30 -5.35
CA VAL ID 36 -122.40 8.41 -6.23
C VAL ID 36 -122.87 9.72 -5.61
N LYS ID 37 -122.04 10.75 -5.72
CA LYS ID 37 -122.33 12.07 -5.18
C LYS ID 37 -122.55 13.02 -6.36
N VAL ID 38 -123.73 13.65 -6.41
CA VAL ID 38 -123.96 14.63 -7.47
C VAL ID 38 -124.33 16.00 -6.93
N GLY ID 39 -125.52 16.13 -6.34
CA GLY ID 39 -125.93 17.38 -5.74
C GLY ID 39 -125.71 17.41 -4.25
N ILE ID 40 -124.45 17.27 -3.84
CA ILE ID 40 -124.04 17.02 -2.45
C ILE ID 40 -125.05 16.10 -1.76
N ALA ID 41 -125.65 15.20 -2.54
CA ALA ID 41 -126.69 14.30 -2.07
C ALA ID 41 -126.36 12.90 -2.54
N GLU ID 42 -126.36 11.95 -1.61
CA GLU ID 42 -126.06 10.56 -1.95
C GLU ID 42 -127.11 10.00 -2.87
N LEU ID 43 -126.67 9.19 -3.83
CA LEU ID 43 -127.56 8.63 -4.83
C LEU ID 43 -127.15 7.18 -5.09
N ASN ID 44 -128.15 6.32 -5.28
CA ASN ID 44 -127.90 4.91 -5.56
C ASN ID 44 -127.67 4.68 -7.04
N ASN ID 45 -126.64 3.93 -7.36
CA ASN ID 45 -126.32 3.60 -8.76
C ASN ID 45 -126.23 2.09 -8.91
N VAL ID 46 -126.78 1.58 -9.99
CA VAL ID 46 -126.77 0.16 -10.30
C VAL ID 46 -126.34 -0.01 -11.75
N SER ID 47 -125.33 -0.85 -11.98
CA SER ID 47 -124.83 -1.13 -13.32
C SER ID 47 -124.90 -2.63 -13.55
N GLY ID 48 -125.94 -3.08 -14.26
CA GLY ID 48 -126.11 -4.49 -14.52
C GLY ID 48 -125.74 -4.87 -15.94
N GLN ID 49 -124.81 -5.82 -16.08
CA GLN ID 49 -124.37 -6.29 -17.39
C GLN ID 49 -124.93 -7.67 -17.66
N TYR ID 50 -125.62 -7.81 -18.79
CA TYR ID 50 -126.23 -9.06 -19.21
C TYR ID 50 -125.56 -9.53 -20.49
N VAL ID 51 -125.06 -10.75 -20.49
CA VAL ID 51 -124.36 -11.31 -21.63
C VAL ID 51 -125.02 -12.62 -22.02
N SER ID 52 -125.27 -12.79 -23.32
CA SER ID 52 -125.84 -14.01 -23.87
C SER ID 52 -124.91 -14.53 -24.96
N VAL ID 53 -124.59 -15.82 -24.90
CA VAL ID 53 -123.61 -16.42 -25.80
C VAL ID 53 -124.23 -17.64 -26.46
N TYR ID 54 -123.83 -17.90 -27.71
CA TYR ID 54 -124.23 -19.07 -28.45
C TYR ID 54 -123.04 -19.54 -29.28
N LYS ID 55 -122.94 -20.86 -29.44
CA LYS ID 55 -121.88 -21.47 -30.23
C LYS ID 55 -122.50 -22.08 -31.48
N ARG ID 56 -122.63 -21.27 -32.52
CA ARG ID 56 -123.24 -21.71 -33.77
C ARG ID 56 -122.25 -22.58 -34.53
N PRO ID 57 -122.64 -23.80 -34.92
CA PRO ID 57 -121.71 -24.67 -35.63
C PRO ID 57 -121.55 -24.29 -37.09
N ALA ID 58 -120.43 -23.68 -37.43
CA ALA ID 58 -120.07 -23.29 -38.79
C ALA ID 58 -121.15 -22.43 -39.44
N PRO ID 59 -121.00 -22.06 -40.72
CA PRO ID 59 -122.15 -21.51 -41.43
C PRO ID 59 -122.86 -22.55 -42.26
N LYS ID 60 -122.38 -23.79 -42.19
CA LYS ID 60 -122.79 -24.86 -43.10
C LYS ID 60 -122.63 -24.37 -44.54
N PRO ID 61 -121.38 -24.28 -45.04
CA PRO ID 61 -121.08 -23.50 -46.25
C PRO ID 61 -122.15 -23.45 -47.32
N GLU ID 62 -122.70 -24.59 -47.71
CA GLU ID 62 -123.83 -24.59 -48.64
C GLU ID 62 -124.70 -25.79 -48.32
N GLY ID 63 -125.81 -25.95 -49.06
CA GLY ID 63 -126.75 -26.98 -48.72
C GLY ID 63 -126.39 -28.30 -49.35
N CYS ID 64 -125.64 -29.11 -48.61
CA CYS ID 64 -125.34 -30.48 -48.97
C CYS ID 64 -124.94 -31.24 -47.71
N ALA ID 65 -125.85 -32.09 -47.23
CA ALA ID 65 -125.67 -32.73 -45.94
C ALA ID 65 -124.36 -33.53 -45.90
N ASP ID 66 -123.41 -33.05 -45.09
CA ASP ID 66 -122.10 -33.68 -44.96
C ASP ID 66 -122.05 -34.68 -43.82
N ALA ID 67 -123.01 -35.60 -43.79
CA ALA ID 67 -123.13 -36.62 -42.73
C ALA ID 67 -123.02 -35.91 -41.38
N CYS ID 68 -122.10 -36.31 -40.51
CA CYS ID 68 -121.83 -35.59 -39.28
C CYS ID 68 -120.32 -35.43 -39.13
N VAL ID 69 -119.80 -34.27 -39.55
CA VAL ID 69 -118.39 -33.94 -39.34
C VAL ID 69 -118.20 -32.82 -38.35
N ILE ID 70 -119.28 -32.19 -37.86
CA ILE ID 70 -119.28 -31.23 -36.76
C ILE ID 70 -118.13 -30.23 -36.86
N MET ID 71 -118.24 -29.31 -37.81
CA MET ID 71 -117.25 -28.24 -37.91
C MET ID 71 -117.21 -27.46 -36.61
N PRO ID 72 -116.07 -26.92 -36.20
CA PRO ID 72 -116.00 -26.20 -34.93
C PRO ID 72 -116.96 -25.02 -34.88
N ASN ID 73 -117.52 -24.77 -33.71
CA ASN ID 73 -118.54 -23.74 -33.55
C ASN ID 73 -117.91 -22.36 -33.71
N GLU ID 74 -118.74 -21.34 -33.83
CA GLU ID 74 -118.28 -19.95 -33.84
C GLU ID 74 -119.11 -19.16 -32.84
N ASN ID 75 -118.48 -18.21 -32.18
CA ASN ID 75 -119.09 -17.53 -31.04
C ASN ID 75 -120.06 -16.45 -31.49
N GLN ID 76 -121.21 -16.40 -30.84
CA GLN ID 76 -122.20 -15.35 -31.06
C GLN ID 76 -122.59 -14.80 -29.71
N SER ID 77 -122.05 -13.64 -29.35
CA SER ID 77 -122.24 -13.05 -28.03
C SER ID 77 -122.95 -11.72 -28.15
N ILE ID 78 -123.95 -11.51 -27.31
CA ILE ID 78 -124.66 -10.25 -27.20
C ILE ID 78 -124.51 -9.79 -25.76
N ARG ID 79 -123.79 -8.69 -25.56
CA ARG ID 79 -123.52 -8.16 -24.23
C ARG ID 79 -124.15 -6.78 -24.11
N THR ID 80 -124.90 -6.56 -23.03
CA THR ID 80 -125.52 -5.29 -22.74
C THR ID 80 -125.21 -4.89 -21.30
N VAL ID 81 -125.07 -3.58 -21.08
CA VAL ID 81 -124.91 -3.04 -19.74
C VAL ID 81 -125.93 -1.93 -19.56
N ILE ID 82 -126.56 -1.89 -18.40
CA ILE ID 82 -127.51 -0.84 -18.05
C ILE ID 82 -127.02 -0.16 -16.79
N SER ID 83 -126.71 1.13 -16.89
CA SER ID 83 -126.22 1.90 -15.76
C SER ID 83 -127.12 3.10 -15.55
N GLY ID 84 -127.24 3.52 -14.30
CA GLY ID 84 -128.05 4.67 -13.96
C GLY ID 84 -128.46 4.60 -12.51
N SER ID 85 -129.12 5.67 -12.07
CA SER ID 85 -129.60 5.75 -10.71
C SER ID 85 -130.81 4.85 -10.52
N ALA ID 86 -130.89 4.21 -9.36
CA ALA ID 86 -131.99 3.29 -9.09
C ALA ID 86 -133.33 4.02 -9.07
N GLU ID 87 -133.36 5.23 -8.50
CA GLU ID 87 -134.62 5.95 -8.37
C GLU ID 87 -135.22 6.34 -9.71
N ASN ID 88 -134.42 6.40 -10.76
CA ASN ID 88 -134.87 6.84 -12.08
C ASN ID 88 -135.18 5.68 -13.02
N LEU ID 89 -135.65 4.54 -12.52
CA LEU ID 89 -135.97 3.44 -13.44
C LEU ID 89 -137.11 3.82 -14.39
N ALA ID 90 -138.09 4.60 -13.91
CA ALA ID 90 -139.23 4.94 -14.74
C ALA ID 90 -138.78 5.58 -16.05
N THR ID 91 -137.85 6.53 -15.96
CA THR ID 91 -137.24 7.05 -17.17
C THR ID 91 -136.21 6.10 -17.76
N LEU ID 92 -135.48 5.37 -16.91
CA LEU ID 92 -134.47 4.47 -17.41
C LEU ID 92 -135.09 3.35 -18.25
N LYS ID 93 -136.23 2.83 -17.80
CA LYS ID 93 -136.94 1.84 -18.60
C LYS ID 93 -137.38 2.42 -19.93
N ALA ID 94 -137.76 3.70 -19.94
CA ALA ID 94 -138.09 4.37 -21.19
C ALA ID 94 -136.88 4.44 -22.11
N GLU ID 95 -135.70 4.74 -21.55
CA GLU ID 95 -134.48 4.77 -22.35
C GLU ID 95 -134.19 3.39 -22.93
N TRP ID 96 -134.44 2.33 -22.16
CA TRP ID 96 -134.21 0.99 -22.67
C TRP ID 96 -135.09 0.68 -23.87
N GLU ID 97 -136.36 1.10 -23.81
CA GLU ID 97 -137.25 0.89 -24.95
C GLU ID 97 -136.75 1.64 -26.17
N THR ID 98 -136.34 2.90 -25.98
CA THR ID 98 -135.81 3.67 -27.10
C THR ID 98 -134.52 3.05 -27.62
N HIS ID 99 -133.67 2.56 -26.72
CA HIS ID 99 -132.41 1.97 -27.15
C HIS ID 99 -132.64 0.75 -28.03
N LYS ID 100 -133.64 -0.06 -27.69
CA LYS ID 100 -133.95 -1.24 -28.51
C LYS ID 100 -134.35 -0.83 -29.92
N ARG ID 101 -135.21 0.19 -30.04
CA ARG ID 101 -135.69 0.58 -31.35
C ARG ID 101 -134.57 1.13 -32.22
N ASN ID 102 -133.69 1.95 -31.65
CA ASN ID 102 -132.61 2.51 -32.44
C ASN ID 102 -131.71 1.42 -32.99
N VAL ID 103 -131.39 0.42 -32.18
CA VAL ID 103 -130.61 -0.72 -32.67
C VAL ID 103 -131.38 -1.45 -33.76
N ASP ID 104 -132.68 -1.65 -33.55
CA ASP ID 104 -133.49 -2.38 -34.52
C ASP ID 104 -133.49 -1.71 -35.88
N THR ID 105 -133.54 -0.38 -35.91
CA THR ID 105 -133.63 0.34 -37.17
C THR ID 105 -132.42 0.07 -38.06
N LEU ID 106 -131.24 0.09 -37.48
CA LEU ID 106 -130.03 -0.07 -38.28
C LEU ID 106 -129.46 -1.48 -38.25
N PHE ID 107 -129.92 -2.33 -37.34
CA PHE ID 107 -129.41 -3.70 -37.26
C PHE ID 107 -130.46 -4.74 -37.64
N ALA ID 108 -131.61 -4.72 -36.97
CA ALA ID 108 -132.66 -5.69 -37.31
C ALA ID 108 -133.16 -5.47 -38.73
N SER ID 109 -133.33 -4.21 -39.13
CA SER ID 109 -133.77 -3.88 -40.47
C SER ID 109 -132.66 -3.38 -41.38
N GLY ID 110 -131.63 -2.75 -40.80
CA GLY ID 110 -130.52 -2.25 -41.59
C GLY ID 110 -129.51 -3.33 -41.90
N ASN ID 111 -128.35 -2.88 -42.39
CA ASN ID 111 -127.27 -3.77 -42.77
C ASN ID 111 -126.07 -3.68 -41.84
N ALA ID 112 -126.28 -3.21 -40.61
CA ALA ID 112 -125.17 -3.12 -39.66
C ALA ID 112 -124.59 -4.49 -39.36
N GLY ID 113 -125.41 -5.54 -39.43
CA GLY ID 113 -124.90 -6.87 -39.19
C GLY ID 113 -123.86 -7.30 -40.20
N LEU ID 114 -123.90 -6.74 -41.39
CA LEU ID 114 -122.91 -7.03 -42.42
C LEU ID 114 -121.75 -6.06 -42.41
N GLY ID 115 -121.75 -5.09 -41.51
CA GLY ID 115 -120.67 -4.14 -41.41
C GLY ID 115 -120.89 -2.81 -42.11
N PHE ID 116 -122.12 -2.47 -42.44
CA PHE ID 116 -122.43 -1.21 -43.10
C PHE ID 116 -123.13 -0.27 -42.13
N LEU ID 117 -122.89 1.03 -42.29
CA LEU ID 117 -123.55 2.04 -41.49
C LEU ID 117 -124.27 3.02 -42.40
N ASP ID 118 -125.54 3.30 -42.06
CA ASP ID 118 -126.35 4.22 -42.85
C ASP ID 118 -126.51 5.52 -42.08
N PRO ID 119 -125.83 6.60 -42.47
CA PRO ID 119 -126.03 7.88 -41.78
C PRO ID 119 -127.43 8.42 -41.93
N THR ID 120 -128.19 7.95 -42.91
CA THR ID 120 -129.54 8.44 -43.16
C THR ID 120 -130.61 7.65 -42.39
N ALA ID 121 -130.20 6.69 -41.57
CA ALA ID 121 -131.17 5.91 -40.82
C ALA ID 121 -131.92 6.79 -39.82
N ALA ID 122 -133.16 6.42 -39.55
CA ALA ID 122 -134.03 7.17 -38.65
C ALA ID 122 -133.71 6.79 -37.20
N ILE ID 123 -133.12 7.72 -36.46
CA ILE ID 123 -132.79 7.51 -35.06
C ILE ID 123 -133.58 8.50 -34.24
N VAL ID 124 -134.38 8.00 -33.31
CA VAL ID 124 -135.31 8.81 -32.53
C VAL ID 124 -134.96 8.66 -31.05
N SER ID 125 -135.09 9.76 -30.31
CA SER ID 125 -134.68 9.80 -28.92
C SER ID 125 -135.85 9.46 -27.99
N SER ID 126 -135.52 9.26 -26.71
CA SER ID 126 -136.53 8.92 -25.73
C SER ID 126 -137.52 10.07 -25.54
N ASP ID 127 -137.03 11.30 -25.53
CA ASP ID 127 -137.90 12.45 -25.38
C ASP ID 127 -138.86 12.56 -26.56
N THR ID 128 -140.11 12.90 -26.27
CA THR ID 128 -141.13 13.05 -27.29
C THR ID 128 -141.41 14.53 -27.52
N THR ID 129 -142.33 14.81 -28.45
CA THR ID 129 -142.73 16.18 -28.74
C THR ID 129 -144.13 16.46 -28.24
N ALA JD 1 -149.03 -0.57 8.03
CA ALA JD 1 -147.89 -1.42 8.33
C ALA JD 1 -146.62 -0.87 7.71
N ASN JD 2 -145.47 -1.23 8.29
CA ASN JD 2 -144.20 -0.75 7.79
C ASN JD 2 -143.82 -1.49 6.51
N LYS JD 3 -142.99 -0.83 5.71
CA LYS JD 3 -142.59 -1.38 4.41
C LYS JD 3 -141.60 -2.53 4.59
N PRO JD 4 -141.87 -3.69 4.01
CA PRO JD 4 -140.91 -4.79 4.07
C PRO JD 4 -139.71 -4.50 3.20
N MET JD 5 -138.59 -5.12 3.54
CA MET JD 5 -137.40 -5.13 2.70
C MET JD 5 -137.25 -6.51 2.07
N GLN JD 6 -136.41 -6.58 1.05
CA GLN JD 6 -136.02 -7.83 0.43
C GLN JD 6 -134.52 -7.99 0.53
N PRO JD 7 -134.01 -9.22 0.59
CA PRO JD 7 -132.57 -9.41 0.67
C PRO JD 7 -131.86 -8.91 -0.58
N ILE JD 8 -130.64 -8.44 -0.38
CA ILE JD 8 -129.83 -7.89 -1.45
C ILE JD 8 -128.62 -8.77 -1.75
N THR JD 9 -127.75 -8.97 -0.77
CA THR JD 9 -126.61 -9.87 -0.93
C THR JD 9 -126.71 -10.97 0.11
N SER JD 10 -126.38 -12.18 -0.31
CA SER JD 10 -126.42 -13.35 0.56
C SER JD 10 -125.05 -14.02 0.50
N THR JD 11 -124.50 -14.33 1.68
CA THR JD 11 -123.19 -14.94 1.76
C THR JD 11 -123.29 -16.09 2.76
N ALA JD 12 -122.17 -16.77 3.03
CA ALA JD 12 -122.18 -17.83 4.04
C ALA JD 12 -122.52 -17.26 5.41
N ASN JD 13 -122.06 -16.05 5.71
CA ASN JD 13 -122.28 -15.43 7.01
C ASN JD 13 -123.20 -14.22 6.95
N LYS JD 14 -122.93 -13.26 6.08
CA LYS JD 14 -123.71 -12.03 6.06
C LYS JD 14 -124.93 -12.16 5.16
N ILE JD 15 -126.08 -11.74 5.68
CA ILE JD 15 -127.29 -11.55 4.90
C ILE JD 15 -127.78 -10.14 5.17
N VAL JD 16 -128.02 -9.37 4.12
CA VAL JD 16 -128.45 -7.98 4.27
C VAL JD 16 -129.82 -7.84 3.62
N TRP JD 17 -130.61 -6.91 4.14
CA TRP JD 17 -131.86 -6.51 3.52
C TRP JD 17 -131.75 -5.04 3.13
N SER JD 18 -132.65 -4.61 2.24
CA SER JD 18 -132.69 -3.21 1.85
C SER JD 18 -134.07 -2.89 1.32
N ASP JD 19 -134.55 -1.71 1.67
CA ASP JD 19 -135.86 -1.27 1.22
C ASP JD 19 -135.84 -1.00 -0.28
N PRO JD 20 -136.69 -1.67 -1.07
CA PRO JD 20 -136.70 -1.38 -2.51
C PRO JD 20 -137.03 0.06 -2.83
N THR JD 21 -137.93 0.68 -2.07
CA THR JD 21 -138.27 2.07 -2.31
C THR JD 21 -137.08 2.98 -2.04
N ARG JD 22 -136.36 2.73 -0.94
CA ARG JD 22 -135.21 3.53 -0.56
C ARG JD 22 -134.05 2.60 -0.21
N LEU JD 23 -133.02 2.60 -1.05
CA LEU JD 23 -131.92 1.67 -0.88
C LEU JD 23 -130.98 2.04 0.25
N SER JD 24 -131.08 3.27 0.78
CA SER JD 24 -130.23 3.67 1.89
C SER JD 24 -130.53 2.83 3.13
N THR JD 25 -131.80 2.59 3.41
CA THR JD 25 -132.19 1.83 4.58
C THR JD 25 -131.80 0.37 4.43
N THR JD 26 -130.94 -0.12 5.32
CA THR JD 26 -130.47 -1.49 5.27
C THR JD 26 -130.52 -2.09 6.67
N PHE JD 27 -130.59 -3.43 6.71
CA PHE JD 27 -130.51 -4.17 7.95
C PHE JD 27 -129.72 -5.44 7.67
N SER JD 28 -128.50 -5.51 8.21
CA SER JD 28 -127.57 -6.60 7.90
C SER JD 28 -127.39 -7.46 9.13
N ALA JD 29 -127.56 -8.76 8.96
CA ALA JD 29 -127.34 -9.74 10.02
C ALA JD 29 -126.13 -10.57 9.66
N SER JD 30 -125.05 -10.40 10.43
CA SER JD 30 -123.82 -11.15 10.23
C SER JD 30 -123.64 -12.10 11.40
N LEU JD 31 -123.49 -13.39 11.11
CA LEU JD 31 -123.41 -14.42 12.13
C LEU JD 31 -122.07 -15.12 12.03
N LEU JD 32 -121.39 -15.24 13.17
CA LEU JD 32 -120.11 -15.92 13.27
C LEU JD 32 -120.24 -17.04 14.29
N ARG JD 33 -119.83 -18.24 13.91
CA ARG JD 33 -119.94 -19.41 14.76
C ARG JD 33 -118.54 -19.90 15.15
N GLN JD 34 -118.45 -20.46 16.35
CA GLN JD 34 -117.16 -20.90 16.87
C GLN JD 34 -117.38 -22.05 17.85
N ARG JD 35 -116.45 -22.98 17.85
CA ARG JD 35 -116.46 -24.12 18.77
C ARG JD 35 -115.36 -23.91 19.81
N VAL JD 36 -115.76 -23.82 21.07
CA VAL JD 36 -114.82 -23.58 22.17
C VAL JD 36 -115.25 -24.43 23.35
N LYS JD 37 -114.27 -24.98 24.07
CA LYS JD 37 -114.52 -25.80 25.25
C LYS JD 37 -114.32 -24.96 26.50
N VAL JD 38 -115.38 -24.81 27.29
CA VAL JD 38 -115.25 -24.08 28.55
C VAL JD 38 -114.45 -24.90 29.56
N GLY JD 39 -114.74 -26.19 29.65
CA GLY JD 39 -113.97 -27.10 30.47
C GLY JD 39 -114.51 -28.51 30.34
N ILE JD 40 -113.61 -29.47 30.08
CA ILE JD 40 -113.92 -30.88 29.84
C ILE JD 40 -115.24 -31.08 29.11
N ALA JD 41 -115.58 -30.13 28.23
CA ALA JD 41 -116.83 -30.17 27.48
C ALA JD 41 -116.74 -29.14 26.37
N GLU JD 42 -117.10 -29.54 25.16
CA GLU JD 42 -117.03 -28.67 23.99
C GLU JD 42 -118.35 -27.93 23.83
N LEU JD 43 -118.25 -26.63 23.55
CA LEU JD 43 -119.41 -25.78 23.37
C LEU JD 43 -119.33 -25.10 22.01
N ASN JD 44 -120.48 -24.77 21.45
CA ASN JD 44 -120.55 -24.03 20.21
C ASN JD 44 -120.96 -22.59 20.51
N ASN JD 45 -120.11 -21.65 20.16
CA ASN JD 45 -120.33 -20.24 20.42
C ASN JD 45 -120.78 -19.55 19.14
N VAL JD 46 -121.78 -18.69 19.26
CA VAL JD 46 -122.30 -17.91 18.14
C VAL JD 46 -122.24 -16.45 18.50
N SER JD 47 -121.89 -15.62 17.51
CA SER JD 47 -121.82 -14.17 17.69
C SER JD 47 -122.48 -13.52 16.48
N GLY JD 48 -123.69 -13.02 16.66
CA GLY JD 48 -124.44 -12.42 15.58
C GLY JD 48 -124.42 -10.91 15.67
N GLN JD 49 -123.97 -10.28 14.60
CA GLN JD 49 -123.93 -8.83 14.48
C GLN JD 49 -125.14 -8.40 13.66
N TYR JD 50 -126.04 -7.65 14.29
CA TYR JD 50 -127.25 -7.16 13.63
C TYR JD 50 -127.13 -5.65 13.50
N VAL JD 51 -126.92 -5.18 12.28
CA VAL JD 51 -126.66 -3.77 12.00
C VAL JD 51 -127.84 -3.23 11.20
N SER JD 52 -128.50 -2.22 11.75
CA SER JD 52 -129.57 -1.52 11.06
C SER JD 52 -129.13 -0.09 10.83
N VAL JD 53 -129.21 0.38 9.58
CA VAL JD 53 -128.70 1.68 9.19
C VAL JD 53 -129.81 2.45 8.49
N TYR JD 54 -130.02 3.70 8.92
CA TYR JD 54 -130.91 4.62 8.26
C TYR JD 54 -130.18 5.91 7.97
N LYS JD 55 -130.37 6.41 6.76
CA LYS JD 55 -129.82 7.70 6.34
C LYS JD 55 -130.96 8.72 6.45
N ARG JD 56 -130.88 9.57 7.47
CA ARG JD 56 -131.99 10.49 7.60
C ARG JD 56 -131.54 11.92 7.31
N PRO JD 57 -132.37 12.72 6.64
CA PRO JD 57 -132.03 14.13 6.46
C PRO JD 57 -132.03 14.88 7.77
N ALA JD 58 -131.23 15.94 7.82
CA ALA JD 58 -131.14 16.76 9.02
C ALA JD 58 -132.49 17.42 9.31
N PRO JD 59 -132.78 17.73 10.58
CA PRO JD 59 -134.12 18.21 10.93
C PRO JD 59 -134.50 19.51 10.23
N LYS JD 60 -135.77 19.61 9.85
CA LYS JD 60 -136.28 20.79 9.17
C LYS JD 60 -136.29 21.96 10.15
N PRO JD 61 -135.66 23.07 9.81
CA PRO JD 61 -135.55 24.18 10.77
C PRO JD 61 -136.88 24.85 11.06
N GLU JD 62 -137.24 24.89 12.36
CA GLU JD 62 -138.34 25.69 12.89
C GLU JD 62 -139.58 25.70 12.01
N GLY JD 63 -140.00 24.53 11.55
CA GLY JD 63 -141.20 24.42 10.74
C GLY JD 63 -141.13 25.15 9.43
N CYS JD 64 -140.03 24.97 8.69
CA CYS JD 64 -139.81 25.65 7.41
C CYS JD 64 -139.81 24.64 6.28
N ALA JD 65 -140.67 23.63 6.35
CA ALA JD 65 -140.69 22.62 5.30
C ALA JD 65 -141.09 23.23 3.96
N ASP JD 66 -142.36 23.64 3.83
CA ASP JD 66 -142.89 24.35 2.67
C ASP JD 66 -142.36 23.85 1.34
N ALA JD 67 -141.23 24.41 0.91
CA ALA JD 67 -140.57 24.03 -0.33
C ALA JD 67 -139.76 22.77 -0.16
N CYS JD 68 -138.89 22.49 -1.12
CA CYS JD 68 -137.89 21.43 -0.99
C CYS JD 68 -136.57 22.10 -0.65
N VAL JD 69 -136.45 22.52 0.60
CA VAL JD 69 -135.20 23.12 1.05
C VAL JD 69 -134.11 22.07 1.16
N ILE JD 70 -134.46 20.88 1.65
CA ILE JD 70 -133.61 19.69 1.63
C ILE JD 70 -132.34 19.88 2.45
N MET JD 71 -132.35 19.42 3.65
CA MET JD 71 -131.15 19.43 4.46
C MET JD 71 -130.23 18.29 4.05
N PRO JD 72 -128.91 18.43 4.26
CA PRO JD 72 -128.01 17.32 4.00
C PRO JD 72 -128.37 16.13 4.88
N ASN JD 73 -128.25 14.94 4.32
CA ASN JD 73 -128.66 13.72 5.01
C ASN JD 73 -127.58 13.29 5.99
N GLU JD 74 -128.00 12.97 7.22
CA GLU JD 74 -127.10 12.51 8.26
C GLU JD 74 -127.39 11.04 8.58
N ASN JD 75 -126.42 10.41 9.25
CA ASN JD 75 -126.39 8.96 9.39
C ASN JD 75 -126.89 8.54 10.76
N GLN JD 76 -127.91 7.67 10.77
CA GLN JD 76 -128.41 7.04 11.97
C GLN JD 76 -128.08 5.56 11.90
N SER JD 77 -127.34 5.06 12.88
CA SER JD 77 -126.93 3.67 12.90
C SER JD 77 -127.21 3.06 14.25
N ILE JD 78 -127.50 1.76 14.25
CA ILE JD 78 -127.80 1.02 15.46
C ILE JD 78 -127.28 -0.40 15.29
N ARG JD 79 -126.38 -0.81 16.18
CA ARG JD 79 -125.68 -2.08 16.07
C ARG JD 79 -125.94 -2.91 17.31
N THR JD 80 -126.23 -4.20 17.11
CA THR JD 80 -126.47 -5.13 18.21
C THR JD 80 -125.67 -6.40 17.95
N VAL JD 81 -124.87 -6.80 18.94
CA VAL JD 81 -124.12 -8.05 18.88
C VAL JD 81 -124.54 -8.91 20.07
N ILE JD 82 -124.84 -10.17 19.80
CA ILE JD 82 -125.25 -11.13 20.81
C ILE JD 82 -124.29 -12.32 20.75
N SER JD 83 -123.72 -12.68 21.90
CA SER JD 83 -122.78 -13.78 21.97
C SER JD 83 -123.18 -14.72 23.09
N GLY JD 84 -123.00 -16.01 22.85
CA GLY JD 84 -123.33 -17.02 23.84
C GLY JD 84 -123.31 -18.42 23.28
N SER JD 85 -123.20 -19.41 24.15
CA SER JD 85 -123.19 -20.79 23.69
C SER JD 85 -124.57 -21.19 23.17
N ALA JD 86 -124.60 -21.77 21.97
CA ALA JD 86 -125.85 -22.19 21.37
C ALA JD 86 -126.53 -23.32 22.14
N GLU JD 87 -125.79 -24.04 22.99
CA GLU JD 87 -126.36 -25.17 23.71
C GLU JD 87 -127.40 -24.74 24.74
N ASN JD 88 -127.37 -23.48 25.18
CA ASN JD 88 -128.34 -22.99 26.15
C ASN JD 88 -128.85 -21.62 25.73
N LEU JD 89 -129.19 -21.45 24.45
CA LEU JD 89 -129.73 -20.17 24.02
C LEU JD 89 -131.10 -19.89 24.61
N ALA JD 90 -131.75 -20.91 25.18
CA ALA JD 90 -133.07 -20.70 25.77
C ALA JD 90 -133.01 -19.64 26.86
N THR JD 91 -131.96 -19.68 27.68
CA THR JD 91 -131.80 -18.65 28.71
C THR JD 91 -131.36 -17.33 28.11
N LEU JD 92 -130.72 -17.37 26.93
CA LEU JD 92 -130.30 -16.13 26.28
C LEU JD 92 -131.50 -15.29 25.89
N LYS JD 93 -132.58 -15.93 25.45
CA LYS JD 93 -133.79 -15.17 25.11
C LYS JD 93 -134.30 -14.40 26.31
N ALA JD 94 -134.21 -14.99 27.51
CA ALA JD 94 -134.52 -14.25 28.72
C ALA JD 94 -133.56 -13.09 28.90
N GLU JD 95 -132.28 -13.34 28.63
CA GLU JD 95 -131.29 -12.26 28.68
C GLU JD 95 -131.60 -11.18 27.66
N TRP JD 96 -131.99 -11.57 26.46
CA TRP JD 96 -132.31 -10.58 25.43
C TRP JD 96 -133.49 -9.72 25.85
N GLU JD 97 -134.51 -10.34 26.44
CA GLU JD 97 -135.70 -9.59 26.83
C GLU JD 97 -135.39 -8.54 27.86
N THR JD 98 -134.66 -8.90 28.92
CA THR JD 98 -134.34 -7.94 29.97
C THR JD 98 -133.37 -6.89 29.46
N HIS JD 99 -132.46 -7.27 28.56
CA HIS JD 99 -131.58 -6.29 27.95
C HIS JD 99 -132.38 -5.23 27.22
N LYS JD 100 -133.44 -5.64 26.52
CA LYS JD 100 -134.33 -4.68 25.89
C LYS JD 100 -134.98 -3.79 26.94
N ARG JD 101 -135.42 -4.39 28.05
CA ARG JD 101 -136.11 -3.63 29.08
C ARG JD 101 -135.19 -2.57 29.69
N ASN JD 102 -133.94 -2.94 29.96
CA ASN JD 102 -133.03 -2.01 30.62
C ASN JD 102 -132.76 -0.79 29.75
N VAL JD 103 -132.37 -1.01 28.50
CA VAL JD 103 -132.04 0.11 27.62
C VAL JD 103 -133.28 0.95 27.35
N ASP JD 104 -134.46 0.32 27.40
CA ASP JD 104 -135.69 1.08 27.21
C ASP JD 104 -135.86 2.12 28.31
N THR JD 105 -135.54 1.76 29.55
CA THR JD 105 -135.63 2.73 30.64
C THR JD 105 -134.67 3.88 30.42
N LEU JD 106 -133.42 3.57 30.02
CA LEU JD 106 -132.44 4.63 29.83
C LEU JD 106 -132.72 5.43 28.57
N PHE JD 107 -133.04 4.76 27.47
CA PHE JD 107 -133.11 5.42 26.17
C PHE JD 107 -134.55 5.75 25.78
N ALA JD 108 -135.43 4.75 25.74
CA ALA JD 108 -136.79 4.98 25.28
C ALA JD 108 -137.54 5.94 26.20
N SER JD 109 -137.39 5.77 27.51
CA SER JD 109 -138.05 6.63 28.49
C SER JD 109 -137.13 7.72 29.00
N GLY JD 110 -135.96 7.35 29.52
CA GLY JD 110 -135.04 8.34 30.01
C GLY JD 110 -134.41 9.14 28.90
N ASN JD 111 -133.83 10.28 29.28
CA ASN JD 111 -133.21 11.18 28.31
C ASN JD 111 -131.75 10.85 28.04
N ALA JD 112 -131.34 9.60 28.27
CA ALA JD 112 -129.98 9.21 27.93
C ALA JD 112 -129.71 9.36 26.44
N GLY JD 113 -130.77 9.27 25.64
CA GLY JD 113 -130.62 9.53 24.21
C GLY JD 113 -130.10 10.93 23.93
N LEU JD 114 -130.54 11.90 24.72
CA LEU JD 114 -130.04 13.26 24.57
C LEU JD 114 -128.61 13.41 25.04
N GLY JD 115 -128.05 12.39 25.68
CA GLY JD 115 -126.71 12.44 26.20
C GLY JD 115 -126.61 12.54 27.71
N PHE JD 116 -127.72 12.40 28.41
CA PHE JD 116 -127.77 12.69 29.85
C PHE JD 116 -127.93 11.37 30.60
N LEU JD 117 -126.87 10.92 31.26
CA LEU JD 117 -126.96 9.72 32.08
C LEU JD 117 -127.80 9.98 33.33
N ASP JD 118 -128.57 8.98 33.73
CA ASP JD 118 -129.37 9.04 34.95
C ASP JD 118 -128.87 8.00 35.93
N PRO JD 119 -128.24 8.40 37.04
CA PRO JD 119 -127.64 7.42 37.95
C PRO JD 119 -128.64 6.74 38.87
N THR JD 120 -129.90 7.15 38.87
CA THR JD 120 -130.91 6.54 39.72
C THR JD 120 -131.98 5.81 38.94
N ALA JD 121 -131.76 5.55 37.65
CA ALA JD 121 -132.74 4.83 36.86
C ALA JD 121 -132.92 3.41 37.39
N ALA JD 122 -134.16 2.95 37.44
CA ALA JD 122 -134.49 1.64 37.98
C ALA JD 122 -134.41 0.59 36.89
N ILE JD 123 -133.44 -0.32 37.00
CA ILE JD 123 -133.29 -1.42 36.06
C ILE JD 123 -133.17 -2.72 36.85
N VAL JD 124 -133.55 -3.82 36.22
CA VAL JD 124 -133.72 -5.09 36.90
C VAL JD 124 -132.89 -6.15 36.20
N SER JD 125 -132.54 -7.20 36.93
CA SER JD 125 -131.74 -8.29 36.38
C SER JD 125 -132.61 -9.25 35.56
N SER JD 126 -131.94 -10.15 34.85
CA SER JD 126 -132.65 -11.16 34.09
C SER JD 126 -133.41 -12.11 35.01
N ASP JD 127 -132.77 -12.55 36.08
CA ASP JD 127 -133.40 -13.52 36.97
C ASP JD 127 -134.57 -12.89 37.70
N THR JD 128 -135.66 -13.64 37.80
CA THR JD 128 -136.84 -13.16 38.48
C THR JD 128 -136.65 -13.19 39.98
N THR JD 129 -137.56 -12.53 40.69
CA THR JD 129 -137.51 -12.48 42.15
C THR JD 129 -137.72 -13.86 42.77
N ALA KD 1 -141.02 -39.11 10.35
CA ALA KD 1 -140.90 -37.67 10.45
C ALA KD 1 -139.49 -37.26 10.87
N ASN KD 2 -138.56 -37.39 9.94
CA ASN KD 2 -137.17 -37.05 10.23
C ASN KD 2 -137.00 -35.54 10.38
N LYS KD 3 -136.05 -35.14 11.22
CA LYS KD 3 -135.80 -33.73 11.40
C LYS KD 3 -135.17 -33.14 10.14
N PRO KD 4 -135.76 -32.11 9.56
CA PRO KD 4 -135.12 -31.43 8.42
C PRO KD 4 -133.92 -30.61 8.88
N MET KD 5 -133.01 -30.36 7.93
CA MET KD 5 -131.85 -29.51 8.18
C MET KD 5 -132.05 -28.16 7.54
N GLN KD 6 -131.17 -27.23 7.88
CA GLN KD 6 -131.07 -25.94 7.22
C GLN KD 6 -129.63 -25.67 6.82
N PRO KD 7 -129.41 -24.96 5.72
CA PRO KD 7 -128.05 -24.67 5.29
C PRO KD 7 -127.32 -23.82 6.32
N ILE KD 8 -126.02 -24.09 6.47
CA ILE KD 8 -125.17 -23.32 7.36
C ILE KD 8 -124.28 -22.40 6.54
N THR KD 9 -123.48 -22.98 5.65
CA THR KD 9 -122.59 -22.22 4.78
C THR KD 9 -123.04 -22.45 3.34
N SER KD 10 -123.83 -21.52 2.81
CA SER KD 10 -124.30 -21.60 1.44
C SER KD 10 -123.32 -20.88 0.52
N THR KD 11 -122.90 -21.57 -0.53
CA THR KD 11 -122.00 -20.99 -1.52
C THR KD 11 -122.41 -21.49 -2.89
N ALA KD 12 -122.05 -20.73 -3.93
CA ALA KD 12 -122.34 -21.15 -5.29
C ALA KD 12 -121.66 -22.46 -5.66
N ASN KD 13 -120.63 -22.85 -4.91
CA ASN KD 13 -119.89 -24.08 -5.15
C ASN KD 13 -120.26 -25.17 -4.17
N LYS KD 14 -120.20 -24.90 -2.88
CA LYS KD 14 -120.42 -25.91 -1.84
C LYS KD 14 -121.45 -25.39 -0.85
N ILE KD 15 -122.34 -26.28 -0.40
CA ILE KD 15 -123.39 -25.92 0.54
C ILE KD 15 -123.50 -27.02 1.58
N VAL KD 16 -123.66 -26.64 2.84
CA VAL KD 16 -123.63 -27.56 3.96
C VAL KD 16 -124.89 -27.41 4.79
N TRP KD 17 -125.51 -28.53 5.13
CA TRP KD 17 -126.65 -28.56 6.02
C TRP KD 17 -126.24 -29.04 7.40
N SER KD 18 -127.02 -28.65 8.42
CA SER KD 18 -126.80 -29.12 9.77
C SER KD 18 -128.11 -29.09 10.53
N ASP KD 19 -128.33 -30.09 11.38
CA ASP KD 19 -129.58 -30.17 12.11
C ASP KD 19 -129.62 -29.11 13.20
N PRO KD 20 -130.75 -28.43 13.39
CA PRO KD 20 -130.81 -27.41 14.43
C PRO KD 20 -130.70 -27.97 15.83
N THR KD 21 -131.46 -29.03 16.14
CA THR KD 21 -131.41 -29.61 17.48
C THR KD 21 -130.03 -30.18 17.78
N ARG KD 22 -129.44 -30.87 16.82
CA ARG KD 22 -128.13 -31.50 16.96
C ARG KD 22 -127.26 -30.97 15.83
N LEU KD 23 -126.61 -29.83 16.05
CA LEU KD 23 -125.76 -29.24 15.03
C LEU KD 23 -124.51 -30.05 14.77
N SER KD 24 -124.32 -31.16 15.49
CA SER KD 24 -123.22 -32.06 15.18
C SER KD 24 -123.39 -32.72 13.82
N THR KD 25 -124.61 -33.16 13.51
CA THR KD 25 -124.88 -33.80 12.24
C THR KD 25 -124.75 -32.81 11.09
N THR KD 26 -124.09 -33.24 10.01
CA THR KD 26 -123.89 -32.40 8.85
C THR KD 26 -124.20 -33.18 7.58
N PHE KD 27 -124.44 -32.43 6.50
CA PHE KD 27 -124.61 -33.03 5.17
C PHE KD 27 -124.17 -31.98 4.17
N SER KD 28 -123.07 -32.25 3.47
CA SER KD 28 -122.45 -31.27 2.57
C SER KD 28 -122.46 -31.78 1.15
N ALA KD 29 -122.71 -30.88 0.20
CA ALA KD 29 -122.69 -31.18 -1.21
C ALA KD 29 -121.78 -30.18 -1.91
N SER KD 30 -120.87 -30.70 -2.75
CA SER KD 30 -119.93 -29.86 -3.48
C SER KD 30 -119.85 -30.34 -4.93
N LEU KD 31 -119.96 -29.41 -5.86
CA LEU KD 31 -119.92 -29.71 -7.28
C LEU KD 31 -118.82 -28.90 -7.94
N LEU KD 32 -118.03 -29.55 -8.79
CA LEU KD 32 -117.05 -28.87 -9.63
C LEU KD 32 -117.35 -29.21 -11.08
N ARG KD 33 -117.44 -28.19 -11.92
CA ARG KD 33 -117.80 -28.33 -13.32
C ARG KD 33 -116.61 -27.97 -14.20
N GLN KD 34 -116.36 -28.78 -15.22
CA GLN KD 34 -115.31 -28.50 -16.19
C GLN KD 34 -115.69 -29.09 -17.52
N ARG KD 35 -115.33 -28.40 -18.60
CA ARG KD 35 -115.56 -28.92 -19.94
C ARG KD 35 -114.50 -29.96 -20.29
N VAL KD 36 -114.93 -31.01 -20.99
CA VAL KD 36 -114.06 -32.14 -21.30
C VAL KD 36 -114.14 -32.43 -22.79
N LYS KD 37 -112.97 -32.51 -23.43
CA LYS KD 37 -112.86 -32.81 -24.85
C LYS KD 37 -112.37 -34.25 -24.98
N VAL KD 38 -113.31 -35.19 -24.92
CA VAL KD 38 -112.95 -36.61 -24.91
C VAL KD 38 -112.44 -37.05 -26.28
N GLY KD 39 -113.18 -36.70 -27.33
CA GLY KD 39 -112.75 -37.01 -28.68
C GLY KD 39 -112.91 -35.79 -29.56
N ILE KD 40 -113.62 -35.91 -30.67
CA ILE KD 40 -114.09 -34.73 -31.40
C ILE KD 40 -115.47 -34.41 -30.83
N ALA KD 41 -115.46 -33.81 -29.64
CA ALA KD 41 -116.68 -33.48 -28.91
C ALA KD 41 -116.34 -32.68 -27.66
N GLU KD 42 -117.16 -31.71 -27.31
CA GLU KD 42 -116.98 -30.92 -26.10
C GLU KD 42 -118.04 -31.37 -25.10
N LEU KD 43 -117.60 -31.98 -24.01
CA LEU KD 43 -118.48 -32.50 -22.98
C LEU KD 43 -118.35 -31.70 -21.70
N ASN KD 44 -119.47 -31.59 -20.98
CA ASN KD 44 -119.53 -30.84 -19.73
C ASN KD 44 -119.62 -31.85 -18.60
N ASN KD 45 -118.47 -32.15 -17.99
CA ASN KD 45 -118.42 -33.10 -16.89
C ASN KD 45 -118.67 -32.39 -15.57
N VAL KD 46 -119.30 -33.11 -14.65
CA VAL KD 46 -119.61 -32.59 -13.32
C VAL KD 46 -119.26 -33.67 -12.31
N SER KD 47 -118.60 -33.25 -11.22
CA SER KD 47 -118.22 -34.15 -10.14
C SER KD 47 -119.04 -33.79 -8.90
N GLY KD 48 -119.82 -34.73 -8.41
CA GLY KD 48 -120.72 -34.50 -7.30
C GLY KD 48 -120.19 -35.10 -6.00
N GLN KD 49 -119.83 -34.22 -5.07
CA GLN KD 49 -119.33 -34.60 -3.76
C GLN KD 49 -120.47 -34.53 -2.77
N TYR KD 50 -120.77 -35.64 -2.10
CA TYR KD 50 -121.85 -35.71 -1.12
C TYR KD 50 -121.33 -36.42 0.12
N VAL KD 51 -121.37 -35.74 1.25
CA VAL KD 51 -120.84 -36.27 2.51
C VAL KD 51 -121.92 -36.19 3.57
N SER KD 52 -122.13 -37.30 4.28
CA SER KD 52 -123.00 -37.35 5.44
C SER KD 52 -122.17 -37.75 6.64
N VAL KD 53 -122.22 -36.94 7.71
CA VAL KD 53 -121.37 -37.13 8.88
C VAL KD 53 -122.23 -37.11 10.12
N TYR KD 54 -122.02 -38.08 11.00
CA TYR KD 54 -122.72 -38.14 12.28
C TYR KD 54 -121.72 -38.51 13.37
N LYS KD 55 -121.71 -37.72 14.45
CA LYS KD 55 -120.91 -38.01 15.64
C LYS KD 55 -121.75 -38.92 16.53
N ARG KD 56 -121.74 -40.22 16.23
CA ARG KD 56 -122.54 -41.14 17.02
C ARG KD 56 -121.78 -41.53 18.28
N PRO KD 57 -122.43 -41.42 19.45
CA PRO KD 57 -121.77 -41.78 20.70
C PRO KD 57 -121.44 -43.27 20.75
N ALA KD 58 -120.36 -43.58 21.46
CA ALA KD 58 -119.94 -44.97 21.61
C ALA KD 58 -120.94 -45.73 22.46
N PRO KD 59 -121.01 -47.06 22.31
CA PRO KD 59 -121.95 -47.84 23.12
C PRO KD 59 -121.44 -48.10 24.53
N LYS KD 60 -122.23 -47.73 25.53
CA LYS KD 60 -121.82 -47.93 26.91
C LYS KD 60 -121.84 -49.42 27.27
N PRO KD 61 -121.02 -49.84 28.23
CA PRO KD 61 -121.14 -51.20 28.74
C PRO KD 61 -122.50 -51.43 29.36
N GLU KD 62 -122.96 -52.67 29.26
CA GLU KD 62 -124.30 -53.02 29.70
C GLU KD 62 -124.43 -52.88 31.21
N GLY KD 63 -125.67 -52.71 31.66
CA GLY KD 63 -125.94 -52.57 33.09
C GLY KD 63 -125.97 -51.13 33.54
N CYS KD 64 -125.59 -50.21 32.65
CA CYS KD 64 -125.50 -48.81 33.02
C CYS KD 64 -126.68 -48.02 32.46
N ALA KD 65 -126.79 -46.77 32.93
CA ALA KD 65 -127.84 -45.81 32.61
C ALA KD 65 -127.66 -44.66 33.60
N ASP KD 66 -128.05 -44.91 34.85
CA ASP KD 66 -127.62 -44.21 36.05
C ASP KD 66 -127.32 -42.73 35.88
N ALA KD 67 -126.16 -42.30 36.34
CA ALA KD 67 -125.80 -40.89 36.35
C ALA KD 67 -125.18 -40.50 35.02
N CYS KD 68 -124.60 -39.31 34.97
CA CYS KD 68 -123.99 -38.79 33.76
C CYS KD 68 -122.67 -39.49 33.50
N VAL KD 69 -122.72 -40.53 32.66
CA VAL KD 69 -121.53 -41.17 32.11
C VAL KD 69 -121.62 -41.04 30.59
N ILE KD 70 -120.58 -40.47 29.98
CA ILE KD 70 -120.62 -40.13 28.57
C ILE KD 70 -119.33 -40.62 27.91
N MET KD 71 -119.45 -41.13 26.70
CA MET KD 71 -118.31 -41.60 25.94
C MET KD 71 -117.99 -40.62 24.83
N PRO KD 72 -116.73 -40.52 24.43
CA PRO KD 72 -116.41 -39.76 23.21
C PRO KD 72 -117.06 -40.41 22.01
N ASN KD 73 -117.53 -39.56 21.10
CA ASN KD 73 -118.29 -40.02 19.95
C ASN KD 73 -117.34 -40.41 18.83
N GLU KD 74 -117.82 -41.28 17.94
CA GLU KD 74 -117.08 -41.69 16.76
C GLU KD 74 -117.86 -41.29 15.52
N ASN KD 75 -117.14 -40.98 14.46
CA ASN KD 75 -117.77 -40.58 13.21
C ASN KD 75 -118.37 -41.77 12.49
N GLN KD 76 -119.50 -41.53 11.83
CA GLN KD 76 -120.10 -42.47 10.88
C GLN KD 76 -120.29 -41.71 9.58
N SER KD 77 -119.25 -41.65 8.77
CA SER KD 77 -119.23 -40.80 7.58
C SER KD 77 -119.43 -41.64 6.33
N ILE KD 78 -120.36 -41.21 5.50
CA ILE KD 78 -120.63 -41.85 4.21
C ILE KD 78 -120.51 -40.77 3.16
N ARG KD 79 -119.56 -40.92 2.24
CA ARG KD 79 -119.37 -39.96 1.17
C ARG KD 79 -119.44 -40.64 -0.19
N THR KD 80 -119.96 -39.92 -1.17
CA THR KD 80 -120.21 -40.45 -2.50
C THR KD 80 -119.77 -39.42 -3.54
N VAL KD 81 -119.25 -39.89 -4.66
CA VAL KD 81 -118.89 -39.02 -5.77
C VAL KD 81 -119.64 -39.50 -7.01
N ILE KD 82 -120.22 -38.55 -7.75
CA ILE KD 82 -120.90 -38.82 -9.01
C ILE KD 82 -120.14 -38.09 -10.10
N SER KD 83 -119.67 -38.82 -11.10
CA SER KD 83 -118.90 -38.24 -12.19
C SER KD 83 -119.49 -38.67 -13.53
N GLY KD 84 -119.70 -37.72 -14.41
CA GLY KD 84 -120.20 -38.02 -15.73
C GLY KD 84 -120.64 -36.77 -16.44
N SER KD 85 -120.81 -36.90 -17.76
CA SER KD 85 -121.25 -35.78 -18.57
C SER KD 85 -122.74 -35.52 -18.35
N ALA KD 86 -123.11 -34.24 -18.40
CA ALA KD 86 -124.50 -33.88 -18.12
C ALA KD 86 -125.42 -34.23 -19.28
N GLU KD 87 -124.92 -34.16 -20.52
CA GLU KD 87 -125.77 -34.35 -21.68
C GLU KD 87 -126.33 -35.77 -21.77
N ASN KD 88 -125.70 -36.74 -21.13
CA ASN KD 88 -126.25 -38.09 -21.01
C ASN KD 88 -126.53 -38.42 -19.56
N LEU KD 89 -127.10 -37.45 -18.84
CA LEU KD 89 -127.41 -37.63 -17.42
C LEU KD 89 -128.50 -38.67 -17.19
N ALA KD 90 -129.42 -38.82 -18.14
CA ALA KD 90 -130.57 -39.70 -17.93
C ALA KD 90 -130.11 -41.12 -17.60
N THR KD 91 -129.07 -41.59 -18.27
CA THR KD 91 -128.55 -42.91 -17.95
C THR KD 91 -127.74 -42.90 -16.67
N LEU KD 92 -127.10 -41.77 -16.34
CA LEU KD 92 -126.37 -41.68 -15.08
C LEU KD 92 -127.31 -41.81 -13.90
N LYS KD 93 -128.54 -41.33 -14.04
CA LYS KD 93 -129.54 -41.54 -13.00
C LYS KD 93 -129.80 -43.02 -12.80
N ALA KD 94 -129.86 -43.78 -13.89
CA ALA KD 94 -129.98 -45.23 -13.77
C ALA KD 94 -128.74 -45.85 -13.14
N GLU KD 95 -127.56 -45.30 -13.44
CA GLU KD 95 -126.34 -45.80 -12.82
C GLU KD 95 -126.40 -45.65 -11.31
N TRP KD 96 -126.88 -44.50 -10.83
CA TRP KD 96 -127.00 -44.29 -9.39
C TRP KD 96 -127.96 -45.29 -8.77
N GLU KD 97 -129.07 -45.56 -9.44
CA GLU KD 97 -130.05 -46.50 -8.88
C GLU KD 97 -129.46 -47.89 -8.76
N THR KD 98 -128.76 -48.37 -9.80
CA THR KD 98 -128.14 -49.68 -9.74
C THR KD 98 -127.06 -49.72 -8.66
N HIS KD 99 -126.28 -48.65 -8.56
CA HIS KD 99 -125.23 -48.58 -7.54
C HIS KD 99 -125.82 -48.74 -6.15
N LYS KD 100 -126.99 -48.14 -5.91
CA LYS KD 100 -127.67 -48.33 -4.64
C LYS KD 100 -128.02 -49.80 -4.43
N ARG KD 101 -128.56 -50.44 -5.46
CA ARG KD 101 -129.00 -51.83 -5.34
C ARG KD 101 -127.82 -52.76 -5.08
N ASN KD 102 -126.71 -52.55 -5.78
CA ASN KD 102 -125.55 -53.42 -5.61
C ASN KD 102 -124.97 -53.29 -4.21
N VAL KD 103 -124.86 -52.06 -3.70
CA VAL KD 103 -124.36 -51.88 -2.35
C VAL KD 103 -125.34 -52.43 -1.32
N ASP KD 104 -126.64 -52.22 -1.55
CA ASP KD 104 -127.64 -52.67 -0.59
C ASP KD 104 -127.61 -54.19 -0.44
N THR KD 105 -127.52 -54.91 -1.55
CA THR KD 105 -127.48 -56.36 -1.48
C THR KD 105 -126.15 -56.85 -0.92
N LEU KD 106 -125.16 -55.99 -0.83
CA LEU KD 106 -123.86 -56.38 -0.31
C LEU KD 106 -123.65 -55.89 1.12
N PHE KD 107 -124.03 -54.63 1.39
CA PHE KD 107 -123.81 -54.03 2.70
C PHE KD 107 -125.07 -54.03 3.55
N ALA KD 108 -126.15 -53.43 3.04
CA ALA KD 108 -127.36 -53.25 3.86
C ALA KD 108 -127.96 -54.58 4.26
N SER KD 109 -128.17 -55.46 3.29
CA SER KD 109 -128.74 -56.78 3.56
C SER KD 109 -127.69 -57.86 3.71
N GLY KD 110 -126.46 -57.59 3.30
CA GLY KD 110 -125.37 -58.54 3.42
C GLY KD 110 -124.64 -58.43 4.73
N ASN KD 111 -123.36 -58.80 4.71
CA ASN KD 111 -122.54 -58.75 5.92
C ASN KD 111 -121.27 -57.95 5.72
N ALA KD 112 -121.21 -57.12 4.67
CA ALA KD 112 -120.06 -56.25 4.50
C ALA KD 112 -119.98 -55.19 5.58
N GLY KD 113 -121.06 -55.00 6.34
CA GLY KD 113 -121.05 -53.97 7.36
C GLY KD 113 -120.01 -54.21 8.43
N LEU KD 114 -119.74 -55.47 8.75
CA LEU KD 114 -118.76 -55.81 9.76
C LEU KD 114 -117.48 -56.39 9.19
N GLY KD 115 -117.29 -56.29 7.87
CA GLY KD 115 -116.00 -56.61 7.28
C GLY KD 115 -115.89 -57.97 6.64
N PHE KD 116 -116.91 -58.37 5.88
CA PHE KD 116 -116.88 -59.63 5.15
C PHE KD 116 -117.41 -59.44 3.74
N LEU KD 117 -116.68 -59.96 2.77
CA LEU KD 117 -117.08 -59.93 1.37
C LEU KD 117 -117.57 -61.31 0.96
N ASP KD 118 -118.75 -61.36 0.36
CA ASP KD 118 -119.32 -62.61 -0.08
C ASP KD 118 -119.19 -62.73 -1.59
N PRO KD 119 -118.27 -63.55 -2.10
CA PRO KD 119 -118.14 -63.68 -3.55
C PRO KD 119 -119.38 -64.22 -4.23
N THR KD 120 -120.26 -64.89 -3.49
CA THR KD 120 -121.48 -65.45 -4.06
C THR KD 120 -122.62 -64.44 -4.10
N ALA KD 121 -122.39 -63.20 -3.67
CA ALA KD 121 -123.44 -62.19 -3.70
C ALA KD 121 -123.92 -61.97 -5.12
N ALA KD 122 -125.24 -61.95 -5.29
CA ALA KD 122 -125.85 -61.79 -6.61
C ALA KD 122 -126.06 -60.31 -6.89
N ILE KD 123 -125.16 -59.71 -7.65
CA ILE KD 123 -125.26 -58.31 -8.03
C ILE KD 123 -125.55 -58.23 -9.51
N VAL KD 124 -126.18 -57.12 -9.92
CA VAL KD 124 -126.65 -56.96 -11.28
C VAL KD 124 -126.20 -55.61 -11.81
N SER KD 125 -126.16 -55.50 -13.13
CA SER KD 125 -125.71 -54.30 -13.81
C SER KD 125 -126.89 -53.43 -14.23
N SER KD 126 -126.57 -52.19 -14.63
CA SER KD 126 -127.60 -51.29 -15.10
C SER KD 126 -128.22 -51.76 -16.41
N ASP KD 127 -127.43 -52.43 -17.24
CA ASP KD 127 -127.94 -52.92 -18.52
C ASP KD 127 -129.03 -53.95 -18.30
N THR KD 128 -130.04 -53.91 -19.16
CA THR KD 128 -131.23 -54.74 -19.01
C THR KD 128 -131.27 -55.77 -20.14
N THR KD 129 -131.61 -57.01 -19.80
CA THR KD 129 -131.71 -58.09 -20.77
C THR KD 129 -132.70 -57.74 -21.87
N ALA LD 1 -117.68 -80.73 -43.92
CA ALA LD 1 -116.31 -81.08 -44.27
C ALA LD 1 -115.42 -79.86 -44.20
N ASN LD 2 -114.10 -80.09 -44.12
CA ASN LD 2 -113.12 -79.03 -44.06
C ASN LD 2 -111.97 -79.35 -44.99
N LYS LD 3 -111.31 -78.31 -45.47
CA LYS LD 3 -110.19 -78.50 -46.39
C LYS LD 3 -109.01 -79.11 -45.65
N PRO LD 4 -108.52 -80.27 -46.05
CA PRO LD 4 -107.32 -80.81 -45.40
C PRO LD 4 -106.10 -79.96 -45.68
N MET LD 5 -105.28 -79.75 -44.65
CA MET LD 5 -104.06 -79.00 -44.84
C MET LD 5 -103.01 -79.84 -45.56
N GLN LD 6 -102.04 -79.15 -46.14
CA GLN LD 6 -100.96 -79.79 -46.87
C GLN LD 6 -99.67 -79.67 -46.06
N PRO LD 7 -99.03 -80.78 -45.72
CA PRO LD 7 -97.77 -80.68 -44.96
C PRO LD 7 -96.71 -79.94 -45.77
N ILE LD 8 -96.04 -79.00 -45.12
CA ILE LD 8 -95.02 -78.21 -45.79
C ILE LD 8 -93.65 -78.81 -45.53
N THR LD 9 -93.26 -78.85 -44.26
CA THR LD 9 -91.98 -79.41 -43.86
C THR LD 9 -92.23 -80.67 -43.04
N SER LD 10 -91.52 -81.74 -43.40
CA SER LD 10 -91.64 -83.01 -42.72
C SER LD 10 -90.29 -83.42 -42.16
N THR LD 11 -90.29 -83.88 -40.92
CA THR LD 11 -89.07 -84.26 -40.24
C THR LD 11 -89.43 -85.32 -39.21
N ALA LD 12 -88.41 -86.07 -38.76
CA ALA LD 12 -88.65 -87.08 -37.74
C ALA LD 12 -89.10 -86.47 -36.43
N ASN LD 13 -88.92 -85.15 -36.26
CA ASN LD 13 -89.31 -84.47 -35.03
C ASN LD 13 -90.51 -83.55 -35.21
N LYS LD 14 -90.51 -82.73 -36.25
CA LYS LD 14 -91.55 -81.75 -36.47
C LYS LD 14 -92.19 -81.92 -37.84
N ILE LD 15 -93.51 -81.83 -37.89
CA ILE LD 15 -94.25 -81.77 -39.14
C ILE LD 15 -95.21 -80.59 -39.05
N VAL LD 16 -95.27 -79.79 -40.11
CA VAL LD 16 -96.10 -78.59 -40.14
C VAL LD 16 -97.06 -78.69 -41.32
N TRP LD 17 -98.34 -78.52 -41.04
CA TRP LD 17 -99.36 -78.43 -42.06
C TRP LD 17 -99.86 -77.00 -42.17
N SER LD 18 -100.43 -76.66 -43.33
CA SER LD 18 -101.08 -75.38 -43.52
C SER LD 18 -102.10 -75.49 -44.64
N ASP LD 19 -103.09 -74.61 -44.58
CA ASP LD 19 -104.17 -74.63 -45.56
C ASP LD 19 -103.67 -74.11 -46.90
N PRO LD 20 -103.86 -74.84 -48.00
CA PRO LD 20 -103.46 -74.29 -49.31
C PRO LD 20 -104.19 -73.01 -49.66
N THR LD 21 -105.46 -72.88 -49.23
CA THR LD 21 -106.21 -71.67 -49.54
C THR LD 21 -105.59 -70.44 -48.89
N ARG LD 22 -105.36 -70.51 -47.58
CA ARG LD 22 -104.65 -69.44 -46.86
C ARG LD 22 -103.52 -70.09 -46.09
N LEU LD 23 -102.29 -69.62 -46.33
CA LEU LD 23 -101.13 -70.29 -45.80
C LEU LD 23 -100.84 -69.93 -44.35
N SER LD 24 -101.48 -68.89 -43.82
CA SER LD 24 -101.22 -68.49 -42.45
C SER LD 24 -101.75 -69.52 -41.47
N THR LD 25 -102.91 -70.10 -41.75
CA THR LD 25 -103.49 -71.11 -40.87
C THR LD 25 -102.61 -72.36 -40.87
N THR LD 26 -102.04 -72.67 -39.71
CA THR LD 26 -101.08 -73.77 -39.62
C THR LD 26 -101.41 -74.66 -38.44
N PHE LD 27 -100.94 -75.90 -38.52
CA PHE LD 27 -101.01 -76.85 -37.42
C PHE LD 27 -99.73 -77.67 -37.41
N SER LD 28 -98.91 -77.49 -36.38
CA SER LD 28 -97.60 -78.12 -36.32
C SER LD 28 -97.54 -79.05 -35.11
N ALA LD 29 -97.04 -80.27 -35.34
CA ALA LD 29 -96.85 -81.24 -34.28
C ALA LD 29 -95.36 -81.52 -34.14
N SER LD 30 -94.84 -81.38 -32.93
CA SER LD 30 -93.43 -81.61 -32.66
C SER LD 30 -93.28 -82.60 -31.52
N LEU LD 31 -92.37 -83.55 -31.67
CA LEU LD 31 -92.12 -84.57 -30.66
C LEU LD 31 -90.74 -84.39 -30.06
N LEU LD 32 -90.65 -84.65 -28.77
CA LEU LD 32 -89.38 -84.68 -28.05
C LEU LD 32 -89.38 -85.92 -27.19
N ARG LD 33 -88.56 -86.90 -27.55
CA ARG LD 33 -88.51 -88.19 -26.87
C ARG LD 33 -87.31 -88.24 -25.94
N GLN LD 34 -87.57 -88.55 -24.68
CA GLN LD 34 -86.56 -88.55 -23.63
C GLN LD 34 -86.61 -89.88 -22.89
N ARG LD 35 -85.43 -90.41 -22.59
CA ARG LD 35 -85.29 -91.69 -21.91
C ARG LD 35 -85.12 -91.42 -20.43
N VAL LD 36 -86.24 -91.41 -19.70
CA VAL LD 36 -86.21 -91.03 -18.29
C VAL LD 36 -85.86 -92.23 -17.43
N LYS LD 37 -85.31 -91.97 -16.26
CA LYS LD 37 -84.93 -93.00 -15.30
C LYS LD 37 -85.88 -92.96 -14.11
N VAL LD 38 -86.53 -94.09 -13.84
CA VAL LD 38 -87.42 -94.20 -12.68
C VAL LD 38 -86.76 -95.24 -11.77
N GLY LD 39 -87.38 -95.51 -10.62
CA GLY LD 39 -86.84 -96.48 -9.69
C GLY LD 39 -86.42 -97.78 -10.33
N ILE LD 40 -85.12 -98.07 -10.28
CA ILE LD 40 -84.46 -99.25 -10.86
C ILE LD 40 -85.09 -99.68 -12.18
N ALA LD 41 -85.52 -98.71 -12.99
CA ALA LD 41 -86.09 -99.02 -14.29
C ALA LD 41 -85.92 -97.81 -15.19
N GLU LD 42 -85.89 -98.08 -16.49
CA GLU LD 42 -85.70 -97.04 -17.50
C GLU LD 42 -86.97 -96.95 -18.34
N LEU LD 43 -87.51 -95.74 -18.46
CA LEU LD 43 -88.74 -95.51 -19.20
C LEU LD 43 -88.51 -94.48 -20.28
N ASN LD 44 -89.28 -94.56 -21.36
CA ASN LD 44 -89.18 -93.62 -22.45
C ASN LD 44 -90.29 -92.57 -22.33
N ASN LD 45 -89.90 -91.30 -22.35
CA ASN LD 45 -90.84 -90.20 -22.18
C ASN LD 45 -90.99 -89.46 -23.50
N VAL LD 46 -92.21 -89.02 -23.78
CA VAL LD 46 -92.54 -88.33 -25.01
C VAL LD 46 -93.24 -87.02 -24.67
N SER LD 47 -92.96 -85.98 -25.43
CA SER LD 47 -93.58 -84.67 -25.24
C SER LD 47 -93.97 -84.14 -26.61
N GLY LD 48 -95.28 -84.09 -26.87
CA GLY LD 48 -95.76 -83.63 -28.15
C GLY LD 48 -96.36 -82.25 -28.13
N GLN LD 49 -95.62 -81.25 -28.59
CA GLN LD 49 -96.13 -79.89 -28.68
C GLN LD 49 -96.99 -79.78 -29.93
N TYR LD 50 -98.31 -79.72 -29.76
CA TYR LD 50 -99.24 -79.56 -30.85
C TYR LD 50 -99.75 -78.13 -30.84
N VAL LD 51 -99.46 -77.39 -31.91
CA VAL LD 51 -99.76 -75.97 -31.99
C VAL LD 51 -100.58 -75.72 -33.24
N SER LD 52 -101.77 -75.14 -33.07
CA SER LD 52 -102.60 -74.70 -34.18
C SER LD 52 -102.73 -73.19 -34.11
N VAL LD 53 -102.42 -72.52 -35.22
CA VAL LD 53 -102.39 -71.07 -35.28
C VAL LD 53 -103.36 -70.61 -36.35
N TYR LD 54 -104.20 -69.63 -36.01
CA TYR LD 54 -105.09 -69.02 -36.97
C TYR LD 54 -105.03 -67.51 -36.79
N LYS LD 55 -105.02 -66.81 -37.91
CA LYS LD 55 -105.07 -65.35 -37.95
C LYS LD 55 -106.45 -64.92 -38.42
N ARG LD 56 -107.19 -64.21 -37.57
CA ARG LD 56 -108.52 -63.73 -37.92
C ARG LD 56 -108.54 -62.22 -37.69
N PRO LD 57 -108.80 -61.42 -38.72
CA PRO LD 57 -108.64 -59.98 -38.58
C PRO LD 57 -109.80 -59.32 -37.86
N ALA LD 58 -109.59 -58.96 -36.59
CA ALA LD 58 -110.53 -58.23 -35.74
C ALA LD 58 -111.95 -58.78 -35.81
N PRO LD 59 -112.94 -58.08 -35.27
CA PRO LD 59 -114.33 -58.38 -35.62
C PRO LD 59 -115.16 -57.11 -35.70
N LYS LD 60 -115.24 -56.50 -36.89
CA LYS LD 60 -115.86 -55.19 -36.99
C LYS LD 60 -117.38 -55.35 -36.90
N PRO LD 61 -118.06 -54.60 -36.03
CA PRO LD 61 -119.49 -54.82 -35.82
C PRO LD 61 -120.38 -54.44 -37.00
N GLU LD 62 -121.55 -55.08 -37.08
CA GLU LD 62 -122.71 -54.70 -37.88
C GLU LD 62 -122.48 -54.73 -39.39
N GLY LD 63 -121.26 -55.06 -39.81
CA GLY LD 63 -121.00 -55.25 -41.23
C GLY LD 63 -120.59 -54.00 -41.97
N CYS LD 64 -119.74 -53.17 -41.37
CA CYS LD 64 -119.17 -52.04 -42.09
C CYS LD 64 -117.85 -52.36 -42.75
N ALA LD 65 -117.22 -53.48 -42.41
CA ALA LD 65 -115.91 -53.80 -42.96
C ALA LD 65 -115.98 -54.20 -44.43
N ASP LD 66 -117.16 -54.04 -45.04
CA ASP LD 66 -117.36 -54.41 -46.44
C ASP LD 66 -116.41 -53.67 -47.38
N ALA LD 67 -115.90 -52.52 -46.93
CA ALA LD 67 -114.84 -51.82 -47.65
C ALA LD 67 -113.70 -52.78 -47.95
N CYS LD 68 -113.26 -52.80 -49.20
CA CYS LD 68 -112.29 -53.76 -49.70
C CYS LD 68 -110.98 -53.72 -48.91
N VAL LD 69 -110.61 -52.54 -48.43
CA VAL LD 69 -109.41 -52.40 -47.62
C VAL LD 69 -109.51 -53.31 -46.41
N ILE LD 70 -108.41 -53.97 -46.05
CA ILE LD 70 -108.40 -54.97 -45.00
C ILE LD 70 -107.95 -54.34 -43.69
N MET LD 71 -108.59 -54.74 -42.60
CA MET LD 71 -108.22 -54.30 -41.26
C MET LD 71 -107.02 -55.12 -40.80
N PRO LD 72 -106.29 -54.68 -39.78
CA PRO LD 72 -105.16 -55.48 -39.31
C PRO LD 72 -105.62 -56.81 -38.74
N ASN LD 73 -104.67 -57.73 -38.63
CA ASN LD 73 -104.96 -59.13 -38.37
C ASN LD 73 -104.41 -59.53 -37.01
N GLU LD 74 -105.26 -60.10 -36.16
CA GLU LD 74 -104.82 -60.52 -34.84
C GLU LD 74 -104.60 -62.02 -34.82
N ASN LD 75 -104.09 -62.51 -33.68
CA ASN LD 75 -103.58 -63.87 -33.57
C ASN LD 75 -104.48 -64.69 -32.66
N GLN LD 76 -104.94 -65.83 -33.15
CA GLN LD 76 -105.64 -66.83 -32.36
C GLN LD 76 -104.75 -68.07 -32.33
N SER LD 77 -104.20 -68.37 -31.16
CA SER LD 77 -103.25 -69.47 -31.00
C SER LD 77 -103.73 -70.45 -29.95
N ILE LD 78 -103.42 -71.71 -30.16
CA ILE LD 78 -103.81 -72.79 -29.25
C ILE LD 78 -102.67 -73.80 -29.23
N ARG LD 79 -102.24 -74.20 -28.03
CA ARG LD 79 -101.13 -75.13 -27.87
C ARG LD 79 -101.54 -76.27 -26.97
N THR LD 80 -100.83 -77.39 -27.10
CA THR LD 80 -101.10 -78.57 -26.29
C THR LD 80 -99.84 -79.41 -26.24
N VAL LD 81 -99.35 -79.68 -25.04
CA VAL LD 81 -98.19 -80.55 -24.83
C VAL LD 81 -98.64 -81.71 -23.96
N ILE LD 82 -98.33 -82.92 -24.40
CA ILE LD 82 -98.72 -84.14 -23.71
C ILE LD 82 -97.44 -84.86 -23.31
N SER LD 83 -97.26 -85.10 -22.02
CA SER LD 83 -96.06 -85.74 -21.50
C SER LD 83 -96.46 -86.97 -20.70
N GLY LD 84 -95.83 -88.10 -21.01
CA GLY LD 84 -96.10 -89.32 -20.30
C GLY LD 84 -95.22 -90.44 -20.82
N SER LD 85 -95.10 -91.49 -20.00
CA SER LD 85 -94.31 -92.64 -20.39
C SER LD 85 -94.90 -93.29 -21.64
N ALA LD 86 -94.02 -93.72 -22.55
CA ALA LD 86 -94.46 -94.25 -23.83
C ALA LD 86 -95.31 -95.50 -23.65
N GLU LD 87 -94.93 -96.37 -22.71
CA GLU LD 87 -95.68 -97.61 -22.51
C GLU LD 87 -97.08 -97.38 -21.99
N ASN LD 88 -97.34 -96.23 -21.36
CA ASN LD 88 -98.61 -95.97 -20.70
C ASN LD 88 -99.61 -95.27 -21.63
N LEU LD 89 -99.49 -95.47 -22.94
CA LEU LD 89 -100.49 -94.90 -23.85
C LEU LD 89 -101.88 -95.44 -23.56
N ALA LD 90 -101.97 -96.62 -22.94
CA ALA LD 90 -103.27 -97.19 -22.63
C ALA LD 90 -104.07 -96.26 -21.73
N THR LD 91 -103.39 -95.50 -20.88
CA THR LD 91 -104.07 -94.61 -19.95
C THR LD 91 -103.94 -93.14 -20.30
N LEU LD 92 -102.92 -92.76 -21.08
CA LEU LD 92 -102.84 -91.37 -21.54
C LEU LD 92 -104.06 -91.02 -22.37
N LYS LD 93 -104.49 -91.92 -23.24
CA LYS LD 93 -105.69 -91.69 -24.02
C LYS LD 93 -106.89 -91.50 -23.11
N ALA LD 94 -106.99 -92.31 -22.05
CA ALA LD 94 -108.02 -92.09 -21.05
C ALA LD 94 -107.83 -90.74 -20.36
N GLU LD 95 -106.59 -90.41 -20.02
CA GLU LD 95 -106.32 -89.09 -19.45
C GLU LD 95 -106.64 -87.98 -20.45
N TRP LD 96 -106.27 -88.18 -21.71
CA TRP LD 96 -106.50 -87.16 -22.72
C TRP LD 96 -107.99 -86.86 -22.86
N GLU LD 97 -108.83 -87.89 -22.81
CA GLU LD 97 -110.27 -87.66 -22.88
C GLU LD 97 -110.76 -86.87 -21.69
N THR LD 98 -110.28 -87.21 -20.49
CA THR LD 98 -110.70 -86.50 -19.30
C THR LD 98 -110.26 -85.04 -19.34
N HIS LD 99 -109.04 -84.80 -19.77
CA HIS LD 99 -108.56 -83.42 -19.90
C HIS LD 99 -109.41 -82.64 -20.89
N LYS LD 100 -109.91 -83.31 -21.92
CA LYS LD 100 -110.77 -82.63 -22.90
C LYS LD 100 -112.05 -82.14 -22.25
N ARG LD 101 -112.76 -83.02 -21.55
CA ARG LD 101 -114.07 -82.64 -21.02
C ARG LD 101 -113.95 -81.62 -19.90
N ASN LD 102 -112.85 -81.62 -19.16
CA ASN LD 102 -112.69 -80.65 -18.09
C ASN LD 102 -112.64 -79.23 -18.63
N VAL LD 103 -111.76 -78.98 -19.60
CA VAL LD 103 -111.67 -77.63 -20.16
C VAL LD 103 -112.94 -77.28 -20.92
N ASP LD 104 -113.67 -78.28 -21.41
CA ASP LD 104 -114.95 -78.02 -22.05
C ASP LD 104 -115.92 -77.35 -21.09
N THR LD 105 -115.97 -77.83 -19.86
CA THR LD 105 -116.84 -77.21 -18.86
C THR LD 105 -116.41 -75.79 -18.58
N LEU LD 106 -115.10 -75.55 -18.45
CA LEU LD 106 -114.63 -74.20 -18.18
C LEU LD 106 -114.74 -73.31 -19.40
N PHE LD 107 -114.37 -73.82 -20.57
CA PHE LD 107 -114.20 -72.97 -21.75
C PHE LD 107 -115.29 -73.20 -22.79
N ALA LD 108 -115.48 -74.44 -23.24
CA ALA LD 108 -116.50 -74.70 -24.25
C ALA LD 108 -117.90 -74.42 -23.70
N SER LD 109 -118.17 -74.86 -22.48
CA SER LD 109 -119.48 -74.65 -21.86
C SER LD 109 -119.51 -73.42 -20.98
N GLY LD 110 -118.45 -73.17 -20.22
CA GLY LD 110 -118.39 -72.00 -19.36
C GLY LD 110 -117.92 -70.77 -20.11
N ASN LD 111 -117.69 -69.71 -19.35
CA ASN LD 111 -117.25 -68.43 -19.90
C ASN LD 111 -115.82 -68.09 -19.51
N ALA LD 112 -114.96 -69.10 -19.34
CA ALA LD 112 -113.56 -68.83 -19.03
C ALA LD 112 -112.89 -68.09 -20.18
N GLY LD 113 -113.37 -68.30 -21.41
CA GLY LD 113 -112.82 -67.57 -22.54
C GLY LD 113 -113.01 -66.08 -22.41
N LEU LD 114 -114.13 -65.67 -21.81
CA LEU LD 114 -114.33 -64.25 -21.52
C LEU LD 114 -113.41 -63.76 -20.41
N GLY LD 115 -112.72 -64.65 -19.72
CA GLY LD 115 -111.85 -64.27 -18.63
C GLY LD 115 -112.39 -64.55 -17.25
N PHE LD 116 -113.51 -65.26 -17.14
CA PHE LD 116 -114.07 -65.51 -15.82
C PHE LD 116 -113.62 -66.88 -15.31
N LEU LD 117 -113.77 -67.09 -14.01
CA LEU LD 117 -113.43 -68.34 -13.38
C LEU LD 117 -114.52 -68.75 -12.42
N ASP LD 118 -114.98 -69.99 -12.52
CA ASP LD 118 -116.09 -70.49 -11.72
C ASP LD 118 -115.63 -71.60 -10.80
N PRO LD 119 -115.41 -71.33 -9.51
CA PRO LD 119 -115.02 -72.40 -8.58
C PRO LD 119 -116.07 -73.47 -8.42
N THR LD 120 -117.33 -73.18 -8.74
CA THR LD 120 -118.41 -74.15 -8.59
C THR LD 120 -118.55 -75.06 -9.79
N ALA LD 121 -117.70 -74.91 -10.81
CA ALA LD 121 -117.76 -75.78 -11.96
C ALA LD 121 -117.48 -77.23 -11.56
N ALA LD 122 -118.20 -78.15 -12.18
CA ALA LD 122 -118.13 -79.56 -11.81
C ALA LD 122 -117.20 -80.31 -12.77
N ILE LD 123 -115.90 -80.12 -12.55
CA ILE LD 123 -114.93 -80.90 -13.30
C ILE LD 123 -114.73 -82.24 -12.62
N VAL LD 124 -114.29 -83.23 -13.39
CA VAL LD 124 -114.26 -84.60 -12.91
C VAL LD 124 -112.94 -85.23 -13.32
N SER LD 125 -112.48 -86.19 -12.52
CA SER LD 125 -111.18 -86.80 -12.71
C SER LD 125 -111.28 -87.97 -13.69
N SER LD 126 -110.14 -88.59 -13.97
CA SER LD 126 -110.09 -89.69 -14.93
C SER LD 126 -110.46 -91.03 -14.31
N ASP LD 127 -110.10 -91.26 -13.06
CA ASP LD 127 -110.43 -92.52 -12.41
C ASP LD 127 -111.93 -92.65 -12.22
N THR LD 128 -112.46 -93.81 -12.56
CA THR LD 128 -113.89 -94.07 -12.43
C THR LD 128 -114.20 -94.43 -10.98
N THR LD 129 -115.43 -94.88 -10.73
CA THR LD 129 -115.84 -95.28 -9.40
C THR LD 129 -116.91 -96.36 -9.46
N ALA MD 1 -92.88 -115.38 -36.67
CA ALA MD 1 -92.84 -114.00 -37.12
C ALA MD 1 -92.05 -113.14 -36.13
N ASN MD 2 -91.69 -111.94 -36.58
CA ASN MD 2 -90.94 -111.00 -35.76
C ASN MD 2 -91.58 -109.63 -35.85
N LYS MD 3 -91.46 -108.86 -34.78
CA LYS MD 3 -92.05 -107.53 -34.75
C LYS MD 3 -91.31 -106.62 -35.73
N PRO MD 4 -91.98 -106.06 -36.73
CA PRO MD 4 -91.34 -105.05 -37.57
C PRO MD 4 -91.10 -103.77 -36.80
N MET MD 5 -90.06 -103.05 -37.18
CA MET MD 5 -89.82 -101.74 -36.62
C MET MD 5 -90.29 -100.67 -37.60
N GLN MD 6 -90.13 -99.41 -37.22
CA GLN MD 6 -90.44 -98.28 -38.08
C GLN MD 6 -89.30 -97.28 -37.98
N PRO MD 7 -89.06 -96.49 -39.02
CA PRO MD 7 -88.00 -95.48 -38.94
C PRO MD 7 -88.31 -94.48 -37.84
N ILE MD 8 -87.26 -94.02 -37.15
CA ILE MD 8 -87.43 -93.06 -36.06
C ILE MD 8 -86.74 -91.74 -36.31
N THR MD 9 -85.59 -91.70 -37.00
CA THR MD 9 -84.86 -90.45 -37.21
C THR MD 9 -84.21 -90.51 -38.59
N SER MD 10 -84.91 -89.97 -39.58
CA SER MD 10 -84.44 -90.01 -40.96
C SER MD 10 -83.52 -88.81 -41.19
N THR MD 11 -82.27 -88.96 -40.79
CA THR MD 11 -81.23 -87.97 -41.05
C THR MD 11 -80.71 -88.20 -42.47
N ALA MD 12 -79.98 -87.20 -43.00
CA ALA MD 12 -79.50 -87.30 -44.37
C ALA MD 12 -78.67 -88.55 -44.60
N ASN MD 13 -78.01 -89.05 -43.56
CA ASN MD 13 -77.15 -90.22 -43.71
C ASN MD 13 -77.51 -91.34 -42.74
N LYS MD 14 -78.21 -91.00 -41.66
CA LYS MD 14 -78.53 -91.96 -40.61
C LYS MD 14 -80.03 -92.14 -40.50
N ILE MD 15 -80.47 -93.38 -40.37
CA ILE MD 15 -81.87 -93.71 -40.12
C ILE MD 15 -81.92 -94.78 -39.05
N VAL MD 16 -82.85 -94.64 -38.11
CA VAL MD 16 -82.94 -95.51 -36.94
C VAL MD 16 -84.32 -96.12 -36.89
N TRP MD 17 -84.38 -97.43 -36.69
CA TRP MD 17 -85.65 -98.12 -36.45
C TRP MD 17 -85.83 -98.33 -34.96
N SER MD 18 -87.05 -98.71 -34.56
CA SER MD 18 -87.34 -99.02 -33.17
C SER MD 18 -88.66 -99.78 -33.11
N ASP MD 19 -88.74 -100.70 -32.16
CA ASP MD 19 -89.92 -101.55 -32.03
C ASP MD 19 -91.02 -100.78 -31.30
N PRO MD 20 -92.22 -100.68 -31.87
CA PRO MD 20 -93.28 -99.92 -31.19
C PRO MD 20 -93.62 -100.46 -29.82
N THR MD 21 -93.61 -101.78 -29.65
CA THR MD 21 -93.95 -102.36 -28.34
C THR MD 21 -92.86 -102.10 -27.33
N ARG MD 22 -91.60 -102.23 -27.72
CA ARG MD 22 -90.46 -102.04 -26.83
C ARG MD 22 -89.49 -101.08 -27.50
N LEU MD 23 -89.47 -99.83 -27.04
CA LEU MD 23 -88.65 -98.81 -27.68
C LEU MD 23 -87.17 -98.96 -27.38
N SER MD 24 -86.79 -99.81 -26.42
CA SER MD 24 -85.39 -100.01 -26.12
C SER MD 24 -84.66 -100.64 -27.32
N THR MD 25 -85.31 -101.62 -27.95
CA THR MD 25 -84.70 -102.28 -29.10
C THR MD 25 -84.66 -101.34 -30.29
N THR MD 26 -83.48 -101.18 -30.89
CA THR MD 26 -83.29 -100.28 -32.01
C THR MD 26 -82.42 -100.94 -33.06
N PHE MD 27 -82.37 -100.31 -34.24
CA PHE MD 27 -81.48 -100.73 -35.32
C PHE MD 27 -81.14 -99.49 -36.13
N SER MD 28 -79.86 -99.13 -36.16
CA SER MD 28 -79.41 -97.90 -36.78
C SER MD 28 -78.50 -98.20 -37.96
N ALA MD 29 -78.66 -97.43 -39.03
CA ALA MD 29 -77.82 -97.54 -40.20
C ALA MD 29 -77.24 -96.17 -40.53
N SER MD 30 -75.92 -96.09 -40.64
CA SER MD 30 -75.23 -94.86 -40.98
C SER MD 30 -74.29 -95.10 -42.14
N LEU MD 31 -74.27 -94.15 -43.07
CA LEU MD 31 -73.51 -94.30 -44.30
C LEU MD 31 -72.65 -93.07 -44.54
N LEU MD 32 -71.43 -93.29 -45.00
CA LEU MD 32 -70.51 -92.22 -45.37
C LEU MD 32 -70.00 -92.47 -46.77
N ARG MD 33 -70.08 -91.44 -47.62
CA ARG MD 33 -69.54 -91.49 -48.97
C ARG MD 33 -68.36 -90.54 -49.05
N GLN MD 34 -67.26 -91.01 -49.64
CA GLN MD 34 -66.04 -90.21 -49.69
C GLN MD 34 -65.53 -90.16 -51.13
N ARG MD 35 -64.87 -89.05 -51.44
CA ARG MD 35 -64.21 -88.87 -52.73
C ARG MD 35 -62.80 -89.43 -52.60
N VAL MD 36 -62.56 -90.60 -53.16
CA VAL MD 36 -61.34 -91.36 -52.92
C VAL MD 36 -60.59 -91.55 -54.22
N LYS MD 37 -59.31 -91.19 -54.21
CA LYS MD 37 -58.44 -91.43 -55.34
C LYS MD 37 -57.51 -92.59 -55.03
N VAL MD 38 -57.42 -93.55 -55.95
CA VAL MD 38 -56.68 -94.79 -55.74
C VAL MD 38 -55.62 -94.93 -56.83
N GLY MD 39 -55.00 -93.81 -57.20
CA GLY MD 39 -54.10 -93.83 -58.34
C GLY MD 39 -54.81 -93.65 -59.67
N ILE MD 40 -55.32 -92.43 -59.87
CA ILE MD 40 -55.94 -91.92 -61.10
C ILE MD 40 -57.07 -92.85 -61.55
N ALA MD 41 -57.72 -93.50 -60.58
CA ALA MD 41 -58.90 -94.30 -60.86
C ALA MD 41 -60.06 -93.71 -60.07
N GLU MD 42 -61.18 -93.49 -60.76
CA GLU MD 42 -62.34 -92.85 -60.15
C GLU MD 42 -63.12 -93.86 -59.31
N LEU MD 43 -63.01 -93.75 -58.00
CA LEU MD 43 -63.65 -94.70 -57.08
C LEU MD 43 -64.39 -93.94 -55.99
N ASN MD 44 -65.61 -94.40 -55.70
CA ASN MD 44 -66.43 -93.84 -54.63
C ASN MD 44 -66.48 -94.86 -53.49
N ASN MD 45 -66.03 -94.44 -52.31
CA ASN MD 45 -65.97 -95.32 -51.16
C ASN MD 45 -67.20 -95.13 -50.28
N VAL MD 46 -67.81 -96.25 -49.89
CA VAL MD 46 -68.98 -96.24 -49.02
C VAL MD 46 -68.64 -97.04 -47.78
N SER MD 47 -68.85 -96.44 -46.60
CA SER MD 47 -68.62 -97.10 -45.32
C SER MD 47 -69.93 -97.11 -44.56
N GLY MD 48 -70.59 -98.26 -44.55
CA GLY MD 48 -71.89 -98.42 -43.90
C GLY MD 48 -71.71 -98.84 -42.46
N GLN MD 49 -72.43 -98.15 -41.57
CA GLN MD 49 -72.38 -98.40 -40.14
C GLN MD 49 -73.73 -98.96 -39.70
N TYR MD 50 -73.72 -100.16 -39.12
CA TYR MD 50 -74.94 -100.84 -38.73
C TYR MD 50 -74.82 -101.25 -37.27
N VAL MD 51 -75.80 -100.84 -36.46
CA VAL MD 51 -75.80 -101.11 -35.02
C VAL MD 51 -77.15 -101.69 -34.64
N SER MD 52 -77.13 -102.81 -33.92
CA SER MD 52 -78.33 -103.42 -33.38
C SER MD 52 -78.17 -103.50 -31.86
N VAL MD 53 -79.16 -102.98 -31.13
CA VAL MD 53 -79.07 -102.87 -29.68
C VAL MD 53 -80.33 -103.47 -29.07
N TYR MD 54 -80.15 -104.34 -28.08
CA TYR MD 54 -81.24 -104.87 -27.28
C TYR MD 54 -80.91 -104.67 -25.81
N LYS MD 55 -81.91 -104.26 -25.04
CA LYS MD 55 -81.76 -104.07 -23.61
C LYS MD 55 -82.28 -105.32 -22.93
N ARG MD 56 -81.50 -106.38 -23.00
CA ARG MD 56 -81.89 -107.68 -22.47
C ARG MD 56 -81.81 -107.67 -20.94
N PRO MD 57 -82.85 -108.05 -20.24
CA PRO MD 57 -82.76 -108.17 -18.78
C PRO MD 57 -81.79 -109.28 -18.39
N ALA MD 58 -81.18 -109.10 -17.21
CA ALA MD 58 -80.25 -110.08 -16.71
C ALA MD 58 -80.96 -111.41 -16.46
N PRO MD 59 -80.25 -112.53 -16.59
CA PRO MD 59 -80.91 -113.83 -16.42
C PRO MD 59 -81.32 -114.03 -14.97
N LYS MD 60 -82.62 -114.21 -14.75
CA LYS MD 60 -83.12 -114.42 -13.40
C LYS MD 60 -82.57 -115.74 -12.86
N PRO MD 61 -82.41 -115.85 -11.55
CA PRO MD 61 -81.82 -117.07 -10.97
C PRO MD 61 -82.67 -118.28 -11.32
N GLU MD 62 -81.99 -119.38 -11.62
CA GLU MD 62 -82.66 -120.59 -12.07
C GLU MD 62 -83.46 -121.20 -10.92
N GLY MD 63 -84.38 -122.09 -11.27
CA GLY MD 63 -85.21 -122.75 -10.28
C GLY MD 63 -86.34 -121.92 -9.75
N CYS MD 64 -86.60 -120.75 -10.31
CA CYS MD 64 -87.75 -119.96 -9.88
C CYS MD 64 -88.43 -119.26 -11.05
N ALA MD 65 -89.62 -119.72 -11.43
CA ALA MD 65 -90.44 -119.02 -12.41
C ALA MD 65 -91.37 -118.09 -11.65
N ASP MD 66 -90.76 -117.25 -10.80
CA ASP MD 66 -91.54 -116.38 -9.94
C ASP MD 66 -92.29 -115.35 -10.77
N ALA MD 67 -93.47 -114.97 -10.28
CA ALA MD 67 -94.36 -114.11 -11.05
C ALA MD 67 -93.72 -112.76 -11.35
N CYS MD 68 -93.47 -111.96 -10.32
CA CYS MD 68 -92.97 -110.59 -10.49
C CYS MD 68 -91.61 -110.46 -9.83
N VAL MD 69 -90.56 -110.81 -10.58
CA VAL MD 69 -89.19 -110.46 -10.19
C VAL MD 69 -88.50 -109.89 -11.42
N ILE MD 70 -87.84 -108.74 -11.26
CA ILE MD 70 -87.23 -108.02 -12.36
C ILE MD 70 -85.74 -107.91 -12.11
N MET MD 71 -84.95 -108.49 -13.01
CA MET MD 71 -83.52 -108.28 -12.99
C MET MD 71 -83.17 -106.99 -13.70
N PRO MD 72 -82.08 -106.32 -13.31
CA PRO MD 72 -81.63 -105.16 -14.05
C PRO MD 72 -81.22 -105.54 -15.46
N ASN MD 73 -81.41 -104.59 -16.39
CA ASN MD 73 -81.15 -104.84 -17.79
C ASN MD 73 -79.71 -104.48 -18.14
N GLU MD 74 -79.18 -105.20 -19.14
CA GLU MD 74 -77.89 -104.89 -19.72
C GLU MD 74 -78.05 -104.84 -21.23
N ASN MD 75 -77.15 -104.13 -21.89
CA ASN MD 75 -77.24 -103.95 -23.33
C ASN MD 75 -76.51 -105.06 -24.07
N GLN MD 76 -77.11 -105.52 -25.17
CA GLN MD 76 -76.50 -106.48 -26.08
C GLN MD 76 -76.35 -105.79 -27.43
N SER MD 77 -75.13 -105.39 -27.76
CA SER MD 77 -74.87 -104.59 -28.94
C SER MD 77 -74.13 -105.41 -29.98
N ILE MD 78 -74.50 -105.20 -31.24
CA ILE MD 78 -73.86 -105.84 -32.37
C ILE MD 78 -73.62 -104.75 -33.42
N ARG MD 79 -72.37 -104.39 -33.64
CA ARG MD 79 -72.02 -103.35 -34.60
C ARG MD 79 -71.28 -103.96 -35.76
N THR MD 80 -71.57 -103.46 -36.96
CA THR MD 80 -70.93 -103.92 -38.18
C THR MD 80 -70.63 -102.72 -39.06
N VAL MD 81 -69.43 -102.68 -39.62
CA VAL MD 81 -69.04 -101.63 -40.55
C VAL MD 81 -68.56 -102.29 -41.84
N ILE MD 82 -69.10 -101.84 -42.96
CA ILE MD 82 -68.76 -102.38 -44.27
C ILE MD 82 -68.16 -101.24 -45.07
N SER MD 83 -66.86 -101.33 -45.36
CA SER MD 83 -66.14 -100.29 -46.08
C SER MD 83 -65.61 -100.85 -47.38
N GLY MD 84 -65.89 -100.17 -48.47
CA GLY MD 84 -65.42 -100.61 -49.77
C GLY MD 84 -65.94 -99.70 -50.86
N SER MD 85 -65.30 -99.81 -52.02
CA SER MD 85 -65.70 -99.01 -53.16
C SER MD 85 -67.03 -99.49 -53.71
N ALA MD 86 -67.83 -98.55 -54.24
CA ALA MD 86 -69.12 -98.91 -54.81
C ALA MD 86 -68.97 -99.78 -56.05
N GLU MD 87 -67.95 -99.52 -56.87
CA GLU MD 87 -67.77 -100.27 -58.11
C GLU MD 87 -67.38 -101.72 -57.86
N ASN MD 88 -66.78 -102.02 -56.71
CA ASN MD 88 -66.45 -103.39 -56.34
C ASN MD 88 -67.52 -104.02 -55.46
N LEU MD 89 -68.73 -103.45 -55.43
CA LEU MD 89 -69.79 -103.98 -54.61
C LEU MD 89 -70.16 -105.41 -55.03
N ALA MD 90 -69.98 -105.75 -56.30
CA ALA MD 90 -70.32 -107.08 -56.76
C ALA MD 90 -69.57 -108.14 -55.98
N THR MD 91 -68.24 -107.99 -55.86
CA THR MD 91 -67.48 -108.95 -55.08
C THR MD 91 -67.63 -108.75 -53.59
N LEU MD 92 -68.02 -107.54 -53.17
CA LEU MD 92 -68.18 -107.27 -51.74
C LEU MD 92 -69.31 -108.10 -51.14
N LYS MD 93 -70.31 -108.45 -51.94
CA LYS MD 93 -71.40 -109.28 -51.44
C LYS MD 93 -70.86 -110.63 -50.95
N ALA MD 94 -70.11 -111.32 -51.80
CA ALA MD 94 -69.60 -112.63 -51.43
C ALA MD 94 -68.62 -112.52 -50.26
N GLU MD 95 -67.77 -111.50 -50.28
CA GLU MD 95 -66.84 -111.30 -49.18
C GLU MD 95 -67.59 -111.04 -47.89
N TRP MD 96 -68.70 -110.29 -47.96
CA TRP MD 96 -69.58 -110.16 -46.81
C TRP MD 96 -70.16 -111.51 -46.41
N GLU MD 97 -70.60 -112.31 -47.38
CA GLU MD 97 -71.19 -113.60 -47.07
C GLU MD 97 -70.17 -114.50 -46.37
N THR MD 98 -68.93 -114.49 -46.84
CA THR MD 98 -67.89 -115.29 -46.20
C THR MD 98 -67.67 -114.83 -44.76
N HIS MD 99 -67.63 -113.52 -44.54
CA HIS MD 99 -67.43 -113.00 -43.18
C HIS MD 99 -68.52 -113.49 -42.25
N LYS MD 100 -69.74 -113.64 -42.76
CA LYS MD 100 -70.82 -114.19 -41.95
C LYS MD 100 -70.51 -115.62 -41.52
N ARG MD 101 -70.02 -116.44 -42.46
CA ARG MD 101 -69.73 -117.83 -42.14
C ARG MD 101 -68.58 -117.94 -41.15
N ASN MD 102 -67.51 -117.17 -41.35
CA ASN MD 102 -66.36 -117.26 -40.47
C ASN MD 102 -66.72 -116.87 -39.05
N VAL MD 103 -67.52 -115.82 -38.89
CA VAL MD 103 -67.97 -115.44 -37.55
C VAL MD 103 -68.85 -116.53 -36.96
N ASP MD 104 -69.70 -117.13 -37.79
CA ASP MD 104 -70.60 -118.17 -37.32
C ASP MD 104 -69.82 -119.36 -36.77
N THR MD 105 -68.77 -119.78 -37.46
CA THR MD 105 -68.05 -120.97 -37.03
C THR MD 105 -67.26 -120.73 -35.75
N LEU MD 106 -66.99 -119.46 -35.42
CA LEU MD 106 -66.33 -119.17 -34.14
C LEU MD 106 -67.34 -118.93 -33.05
N PHE MD 107 -68.39 -118.15 -33.33
CA PHE MD 107 -69.33 -117.71 -32.31
C PHE MD 107 -70.62 -118.54 -32.31
N ALA MD 108 -71.30 -118.62 -33.46
CA ALA MD 108 -72.59 -119.30 -33.50
C ALA MD 108 -72.45 -120.78 -33.19
N SER MD 109 -71.56 -121.46 -33.89
CA SER MD 109 -71.37 -122.89 -33.67
C SER MD 109 -70.23 -123.20 -32.70
N GLY MD 110 -69.37 -122.22 -32.42
CA GLY MD 110 -68.29 -122.39 -31.47
C GLY MD 110 -68.63 -121.77 -30.14
N ASN MD 111 -67.69 -121.92 -29.20
CA ASN MD 111 -67.84 -121.39 -27.86
C ASN MD 111 -67.03 -120.11 -27.64
N ALA MD 112 -66.53 -119.49 -28.71
CA ALA MD 112 -65.75 -118.27 -28.57
C ALA MD 112 -66.57 -117.16 -27.92
N GLY MD 113 -67.89 -117.22 -28.04
CA GLY MD 113 -68.73 -116.23 -27.39
C GLY MD 113 -68.60 -116.27 -25.88
N LEU MD 114 -68.38 -117.46 -25.31
CA LEU MD 114 -68.20 -117.57 -23.87
C LEU MD 114 -66.95 -116.82 -23.41
N GLY MD 115 -65.91 -116.80 -24.24
CA GLY MD 115 -64.68 -116.13 -23.88
C GLY MD 115 -63.46 -116.92 -24.30
N PHE MD 116 -63.68 -118.08 -24.91
CA PHE MD 116 -62.58 -118.93 -25.31
C PHE MD 116 -62.16 -118.61 -26.74
N LEU MD 117 -61.18 -119.35 -27.24
CA LEU MD 117 -60.73 -119.23 -28.61
C LEU MD 117 -60.28 -120.59 -29.12
N ASP MD 118 -60.56 -120.85 -30.40
CA ASP MD 118 -60.22 -122.12 -31.03
C ASP MD 118 -59.23 -121.89 -32.16
N PRO MD 119 -57.94 -122.09 -31.92
CA PRO MD 119 -56.95 -121.88 -32.99
C PRO MD 119 -57.12 -122.85 -34.17
N THR MD 120 -57.81 -123.97 -33.97
CA THR MD 120 -57.98 -124.96 -35.01
C THR MD 120 -59.33 -124.88 -35.71
N ALA MD 121 -60.08 -123.80 -35.48
CA ALA MD 121 -61.38 -123.65 -36.12
C ALA MD 121 -61.21 -123.52 -37.63
N ALA MD 122 -62.19 -124.04 -38.38
CA ALA MD 122 -62.14 -124.07 -39.83
C ALA MD 122 -62.53 -122.71 -40.38
N ILE MD 123 -61.54 -121.91 -40.75
CA ILE MD 123 -61.78 -120.61 -41.36
C ILE MD 123 -61.72 -120.78 -42.87
N VAL MD 124 -62.55 -120.01 -43.57
CA VAL MD 124 -62.78 -120.19 -45.00
C VAL MD 124 -62.58 -118.87 -45.71
N SER MD 125 -61.97 -118.93 -46.90
CA SER MD 125 -61.67 -117.74 -47.67
C SER MD 125 -62.84 -117.33 -48.56
N SER MD 126 -62.88 -116.03 -48.88
CA SER MD 126 -63.92 -115.52 -49.77
C SER MD 126 -63.79 -116.12 -51.16
N ASP MD 127 -62.57 -116.20 -51.67
CA ASP MD 127 -62.36 -116.76 -53.00
C ASP MD 127 -62.61 -118.27 -52.99
N THR MD 128 -62.75 -118.83 -54.19
CA THR MD 128 -63.05 -120.24 -54.36
C THR MD 128 -62.04 -120.88 -55.29
N THR MD 129 -61.98 -122.20 -55.24
CA THR MD 129 -61.07 -122.97 -56.09
C THR MD 129 -61.47 -122.83 -57.56
N ALA ND 1 -89.58 -95.52 -68.99
CA ALA ND 1 -88.73 -96.66 -69.26
C ALA ND 1 -87.27 -96.29 -69.10
N ASN ND 2 -87.01 -95.35 -68.21
CA ASN ND 2 -85.67 -94.86 -67.95
C ASN ND 2 -85.23 -95.23 -66.54
N LYS ND 3 -83.99 -94.90 -66.22
CA LYS ND 3 -83.46 -95.14 -64.89
C LYS ND 3 -84.16 -94.26 -63.87
N PRO ND 4 -84.69 -94.81 -62.78
CA PRO ND 4 -85.23 -93.97 -61.70
C PRO ND 4 -84.19 -93.71 -60.63
N MET ND 5 -84.06 -92.47 -60.18
CA MET ND 5 -83.07 -92.18 -59.15
C MET ND 5 -83.61 -92.59 -57.78
N GLN ND 6 -82.79 -92.39 -56.75
CA GLN ND 6 -83.19 -92.56 -55.37
C GLN ND 6 -82.65 -91.39 -54.57
N PRO ND 7 -83.35 -90.97 -53.52
CA PRO ND 7 -82.87 -89.84 -52.73
C PRO ND 7 -81.59 -90.20 -51.98
N ILE ND 8 -80.77 -89.17 -51.73
CA ILE ND 8 -79.52 -89.31 -51.01
C ILE ND 8 -79.52 -88.49 -49.73
N THR ND 9 -79.61 -87.17 -49.85
CA THR ND 9 -79.63 -86.27 -48.71
C THR ND 9 -81.04 -85.74 -48.57
N SER ND 10 -81.70 -86.10 -47.48
CA SER ND 10 -83.06 -85.66 -47.19
C SER ND 10 -83.01 -84.58 -46.13
N THR ND 11 -83.62 -83.43 -46.42
CA THR ND 11 -83.58 -82.29 -45.53
C THR ND 11 -84.89 -81.53 -45.69
N ALA ND 12 -85.22 -80.72 -44.69
CA ALA ND 12 -86.44 -79.91 -44.78
C ALA ND 12 -86.38 -78.91 -45.93
N ASN ND 13 -85.20 -78.66 -46.49
CA ASN ND 13 -85.08 -77.68 -47.57
C ASN ND 13 -84.61 -78.33 -48.86
N LYS ND 14 -83.61 -79.21 -48.79
CA LYS ND 14 -82.98 -79.75 -49.97
C LYS ND 14 -83.01 -81.27 -49.96
N ILE ND 15 -83.44 -81.85 -51.08
CA ILE ND 15 -83.34 -83.28 -51.32
C ILE ND 15 -82.66 -83.49 -52.66
N VAL ND 16 -81.65 -84.35 -52.68
CA VAL ND 16 -80.88 -84.63 -53.88
C VAL ND 16 -81.01 -86.12 -54.18
N TRP ND 17 -81.31 -86.44 -55.42
CA TRP ND 17 -81.41 -87.82 -55.87
C TRP ND 17 -80.15 -88.22 -56.63
N SER ND 18 -79.93 -89.52 -56.74
CA SER ND 18 -78.80 -90.05 -57.50
C SER ND 18 -79.19 -91.41 -58.06
N ASP ND 19 -78.57 -91.75 -59.18
CA ASP ND 19 -78.89 -92.99 -59.86
C ASP ND 19 -77.98 -94.12 -59.38
N PRO ND 20 -78.57 -95.26 -59.00
CA PRO ND 20 -77.75 -96.37 -58.52
C PRO ND 20 -76.75 -96.88 -59.55
N THR ND 21 -77.14 -96.95 -60.82
CA THR ND 21 -76.23 -97.47 -61.84
C THR ND 21 -75.08 -96.50 -62.10
N ARG ND 22 -75.37 -95.20 -62.14
CA ARG ND 22 -74.36 -94.17 -62.38
C ARG ND 22 -74.45 -93.15 -61.27
N LEU ND 23 -73.47 -93.16 -60.36
CA LEU ND 23 -73.51 -92.26 -59.22
C LEU ND 23 -73.23 -90.82 -59.61
N SER ND 24 -72.73 -90.58 -60.82
CA SER ND 24 -72.38 -89.22 -61.22
C SER ND 24 -73.63 -88.36 -61.40
N THR ND 25 -74.63 -88.87 -62.11
CA THR ND 25 -75.81 -88.07 -62.39
C THR ND 25 -76.62 -87.84 -61.12
N THR ND 26 -77.10 -86.60 -60.96
CA THR ND 26 -77.84 -86.21 -59.78
C THR ND 26 -78.98 -85.28 -60.18
N PHE ND 27 -79.90 -85.09 -59.25
CA PHE ND 27 -80.99 -84.12 -59.43
C PHE ND 27 -81.39 -83.62 -58.05
N SER ND 28 -81.07 -82.37 -57.75
CA SER ND 28 -81.33 -81.79 -56.45
C SER ND 28 -82.38 -80.70 -56.54
N ALA ND 29 -83.20 -80.61 -55.50
CA ALA ND 29 -84.25 -79.59 -55.40
C ALA ND 29 -84.14 -78.90 -54.05
N SER ND 30 -84.10 -77.58 -54.07
CA SER ND 30 -84.04 -76.78 -52.85
C SER ND 30 -85.09 -75.68 -52.90
N LEU ND 31 -85.64 -75.37 -51.73
CA LEU ND 31 -86.74 -74.41 -51.64
C LEU ND 31 -86.49 -73.42 -50.52
N LEU ND 32 -86.81 -72.16 -50.79
CA LEU ND 32 -86.77 -71.10 -49.80
C LEU ND 32 -88.16 -70.48 -49.73
N ARG ND 33 -88.71 -70.40 -48.52
CA ARG ND 33 -90.02 -69.83 -48.29
C ARG ND 33 -89.87 -68.57 -47.44
N GLN ND 34 -90.40 -67.46 -47.94
CA GLN ND 34 -90.26 -66.17 -47.28
C GLN ND 34 -91.63 -65.52 -47.14
N ARG ND 35 -91.71 -64.56 -46.23
CA ARG ND 35 -92.93 -63.77 -46.04
C ARG ND 35 -92.67 -62.39 -46.64
N VAL ND 36 -93.10 -62.20 -47.88
CA VAL ND 36 -92.88 -60.94 -48.59
C VAL ND 36 -94.02 -59.98 -48.30
N LYS ND 37 -93.67 -58.77 -47.86
CA LYS ND 37 -94.67 -57.74 -47.58
C LYS ND 37 -94.86 -56.89 -48.83
N VAL ND 38 -96.10 -56.84 -49.31
CA VAL ND 38 -96.46 -55.97 -50.43
C VAL ND 38 -97.42 -54.94 -49.90
N GLY ND 39 -97.87 -54.02 -50.76
CA GLY ND 39 -98.79 -52.99 -50.35
C GLY ND 39 -99.98 -53.49 -49.56
N ILE ND 40 -100.03 -53.10 -48.28
CA ILE ND 40 -101.06 -53.44 -47.31
C ILE ND 40 -101.50 -54.90 -47.45
N ALA ND 41 -100.56 -55.77 -47.80
CA ALA ND 41 -100.87 -57.19 -47.91
C ALA ND 41 -99.60 -58.00 -47.68
N GLU ND 42 -99.80 -59.21 -47.16
CA GLU ND 42 -98.70 -60.12 -46.87
C GLU ND 42 -98.88 -61.39 -47.68
N LEU ND 43 -97.86 -61.74 -48.47
CA LEU ND 43 -97.94 -62.86 -49.39
C LEU ND 43 -96.89 -63.90 -49.06
N ASN ND 44 -97.21 -65.16 -49.36
CA ASN ND 44 -96.32 -66.28 -49.09
C ASN ND 44 -95.49 -66.57 -50.33
N ASN ND 45 -94.26 -66.08 -50.34
CA ASN ND 45 -93.35 -66.31 -51.45
C ASN ND 45 -92.59 -67.61 -51.25
N VAL ND 46 -92.27 -68.26 -52.37
CA VAL ND 46 -91.48 -69.49 -52.38
C VAL ND 46 -90.51 -69.42 -53.54
N SER ND 47 -89.30 -69.91 -53.32
CA SER ND 47 -88.25 -69.91 -54.35
C SER ND 47 -87.71 -71.33 -54.45
N GLY ND 48 -88.07 -72.03 -55.53
CA GLY ND 48 -87.62 -73.38 -55.76
C GLY ND 48 -86.48 -73.40 -56.77
N GLN ND 49 -85.42 -74.12 -56.42
CA GLN ND 49 -84.25 -74.24 -57.27
C GLN ND 49 -84.03 -75.71 -57.60
N TYR ND 50 -84.00 -76.03 -58.89
CA TYR ND 50 -83.82 -77.40 -59.36
C TYR ND 50 -82.57 -77.45 -60.22
N VAL ND 51 -81.67 -78.37 -59.89
CA VAL ND 51 -80.41 -78.52 -60.60
C VAL ND 51 -80.29 -79.97 -61.05
N SER ND 52 -80.12 -80.17 -62.35
CA SER ND 52 -79.88 -81.50 -62.91
C SER ND 52 -78.48 -81.52 -63.51
N VAL ND 53 -77.66 -82.46 -63.08
CA VAL ND 53 -76.26 -82.53 -63.46
C VAL ND 53 -75.97 -83.91 -64.03
N TYR ND 54 -75.34 -83.94 -65.20
CA TYR ND 54 -74.90 -85.18 -65.83
C TYR ND 54 -73.49 -84.99 -66.34
N LYS ND 55 -72.66 -86.02 -66.19
CA LYS ND 55 -71.29 -86.01 -66.67
C LYS ND 55 -71.19 -86.95 -67.86
N ARG ND 56 -70.79 -86.42 -69.01
CA ARG ND 56 -70.63 -87.24 -70.19
C ARG ND 56 -69.18 -87.27 -70.62
N PRO ND 57 -68.70 -88.41 -71.13
CA PRO ND 57 -67.37 -88.43 -71.74
C PRO ND 57 -67.33 -87.59 -72.99
N ALA ND 58 -66.15 -87.07 -73.29
CA ALA ND 58 -65.95 -86.36 -74.54
C ALA ND 58 -66.15 -87.31 -75.71
N PRO ND 59 -66.55 -86.80 -76.88
CA PRO ND 59 -66.75 -87.68 -78.04
C PRO ND 59 -65.49 -88.42 -78.44
N LYS ND 60 -65.65 -89.62 -78.97
CA LYS ND 60 -64.54 -90.43 -79.44
C LYS ND 60 -63.73 -89.62 -80.45
N PRO ND 61 -62.38 -89.57 -80.33
CA PRO ND 61 -61.59 -88.56 -81.05
C PRO ND 61 -62.00 -88.30 -82.50
N GLU ND 62 -61.98 -89.32 -83.35
CA GLU ND 62 -62.49 -89.14 -84.70
C GLU ND 62 -63.24 -90.37 -85.17
N GLY ND 63 -63.42 -91.34 -84.27
CA GLY ND 63 -64.08 -92.57 -84.64
C GLY ND 63 -63.17 -93.78 -84.50
N CYS ND 64 -62.00 -93.59 -83.90
CA CYS ND 64 -61.08 -94.69 -83.67
C CYS ND 64 -61.74 -95.73 -82.76
N ALA ND 65 -61.60 -97.00 -83.12
CA ALA ND 65 -62.30 -98.09 -82.45
C ALA ND 65 -61.94 -98.18 -80.98
N ASP ND 66 -60.65 -98.43 -80.70
CA ASP ND 66 -59.91 -98.42 -79.42
C ASP ND 66 -60.55 -99.31 -78.36
N ALA ND 67 -59.72 -99.87 -77.48
CA ALA ND 67 -60.26 -100.79 -76.47
C ALA ND 67 -60.92 -100.02 -75.35
N CYS ND 68 -60.13 -99.28 -74.57
CA CYS ND 68 -60.68 -98.45 -73.51
C CYS ND 68 -59.92 -97.14 -73.35
N VAL ND 69 -59.61 -96.47 -74.45
CA VAL ND 69 -59.03 -95.14 -74.37
C VAL ND 69 -60.13 -94.22 -73.84
N ILE ND 70 -60.01 -93.84 -72.57
CA ILE ND 70 -61.10 -93.17 -71.85
C ILE ND 70 -60.75 -91.69 -71.77
N MET ND 71 -61.49 -90.88 -72.51
CA MET ND 71 -61.41 -89.43 -72.41
C MET ND 71 -62.14 -88.97 -71.15
N PRO ND 72 -61.77 -87.83 -70.60
CA PRO ND 72 -62.41 -87.36 -69.37
C PRO ND 72 -63.83 -86.87 -69.63
N ASN ND 73 -64.51 -86.54 -68.54
CA ASN ND 73 -65.92 -86.18 -68.56
C ASN ND 73 -66.07 -84.68 -68.48
N GLU ND 74 -67.18 -84.19 -69.05
CA GLU ND 74 -67.55 -82.80 -68.95
C GLU ND 74 -68.96 -82.70 -68.36
N ASN ND 75 -69.24 -81.57 -67.72
CA ASN ND 75 -70.46 -81.40 -66.94
C ASN ND 75 -71.52 -80.71 -67.77
N GLN ND 76 -72.67 -81.34 -67.90
CA GLN ND 76 -73.87 -80.72 -68.45
C GLN ND 76 -74.79 -80.39 -67.28
N SER ND 77 -75.07 -79.11 -67.09
CA SER ND 77 -75.88 -78.64 -65.98
C SER ND 77 -77.10 -77.90 -66.50
N ILE ND 78 -78.25 -78.16 -65.88
CA ILE ND 78 -79.49 -77.49 -66.19
C ILE ND 78 -80.10 -77.03 -64.87
N ARG ND 79 -79.93 -75.75 -64.56
CA ARG ND 79 -80.42 -75.17 -63.32
C ARG ND 79 -81.67 -74.33 -63.60
N THR ND 80 -82.71 -74.57 -62.82
CA THR ND 80 -83.97 -73.86 -62.98
C THR ND 80 -84.39 -73.27 -61.65
N VAL ND 81 -84.82 -72.02 -61.67
CA VAL ND 81 -85.27 -71.31 -60.48
C VAL ND 81 -86.69 -70.85 -60.71
N ILE ND 82 -87.58 -71.23 -59.79
CA ILE ND 82 -88.98 -70.84 -59.84
C ILE ND 82 -89.25 -69.99 -58.61
N SER ND 83 -89.68 -68.76 -58.82
CA SER ND 83 -89.98 -67.84 -57.73
C SER ND 83 -91.36 -67.23 -57.93
N GLY ND 84 -92.11 -67.10 -56.86
CA GLY ND 84 -93.42 -66.49 -56.94
C GLY ND 84 -94.20 -66.73 -55.67
N SER ND 85 -95.27 -65.95 -55.53
CA SER ND 85 -96.16 -66.09 -54.38
C SER ND 85 -96.97 -67.37 -54.49
N ALA ND 86 -97.17 -68.04 -53.35
CA ALA ND 86 -97.97 -69.26 -53.33
C ALA ND 86 -99.44 -68.98 -53.61
N GLU ND 87 -99.92 -67.77 -53.32
CA GLU ND 87 -101.33 -67.47 -53.55
C GLU ND 87 -101.66 -67.50 -55.04
N ASN ND 88 -100.75 -67.00 -55.88
CA ASN ND 88 -100.94 -67.00 -57.32
C ASN ND 88 -100.32 -68.22 -57.97
N LEU ND 89 -100.30 -69.35 -57.26
CA LEU ND 89 -99.66 -70.55 -57.78
C LEU ND 89 -100.34 -71.06 -59.04
N ALA ND 90 -101.67 -71.01 -59.09
CA ALA ND 90 -102.40 -71.63 -60.18
C ALA ND 90 -101.99 -71.04 -61.52
N THR ND 91 -101.88 -69.71 -61.60
CA THR ND 91 -101.41 -69.10 -62.83
C THR ND 91 -99.91 -69.26 -63.01
N LEU ND 92 -99.16 -69.40 -61.91
CA LEU ND 92 -97.72 -69.57 -62.03
C LEU ND 92 -97.38 -70.84 -62.78
N LYS ND 93 -98.14 -71.91 -62.55
CA LYS ND 93 -97.93 -73.13 -63.32
C LYS ND 93 -98.15 -72.90 -64.80
N ALA ND 94 -99.18 -72.10 -65.15
CA ALA ND 94 -99.41 -71.78 -66.54
C ALA ND 94 -98.25 -71.00 -67.14
N GLU ND 95 -97.63 -70.14 -66.34
CA GLU ND 95 -96.48 -69.39 -66.82
C GLU ND 95 -95.34 -70.32 -67.20
N TRP ND 96 -95.10 -71.35 -66.39
CA TRP ND 96 -94.00 -72.25 -66.67
C TRP ND 96 -94.23 -73.06 -67.93
N GLU ND 97 -95.49 -73.37 -68.25
CA GLU ND 97 -95.77 -74.11 -69.48
C GLU ND 97 -95.32 -73.32 -70.70
N THR ND 98 -95.58 -72.02 -70.69
CA THR ND 98 -95.08 -71.17 -71.78
C THR ND 98 -93.57 -71.08 -71.73
N HIS ND 99 -93.00 -71.03 -70.53
CA HIS ND 99 -91.54 -70.99 -70.41
C HIS ND 99 -90.90 -72.21 -71.06
N LYS ND 100 -91.58 -73.36 -71.00
CA LYS ND 100 -91.12 -74.51 -71.76
C LYS ND 100 -91.16 -74.21 -73.26
N ARG ND 101 -92.29 -73.72 -73.74
CA ARG ND 101 -92.45 -73.48 -75.17
C ARG ND 101 -91.42 -72.48 -75.67
N ASN ND 102 -91.25 -71.37 -74.95
CA ASN ND 102 -90.31 -70.35 -75.38
C ASN ND 102 -88.89 -70.90 -75.44
N VAL ND 103 -88.49 -71.68 -74.43
CA VAL ND 103 -87.18 -72.29 -74.46
C VAL ND 103 -87.09 -73.33 -75.55
N ASP ND 104 -88.13 -74.17 -75.68
CA ASP ND 104 -88.11 -75.23 -76.67
C ASP ND 104 -88.01 -74.68 -78.08
N THR ND 105 -88.83 -73.67 -78.40
CA THR ND 105 -88.81 -73.12 -79.75
C THR ND 105 -87.52 -72.38 -80.04
N LEU ND 106 -86.76 -72.04 -79.00
CA LEU ND 106 -85.54 -71.28 -79.19
C LEU ND 106 -84.29 -72.14 -79.05
N PHE ND 107 -84.32 -73.17 -78.21
CA PHE ND 107 -83.16 -74.00 -77.97
C PHE ND 107 -83.35 -75.43 -78.46
N ALA ND 108 -84.43 -76.11 -78.03
CA ALA ND 108 -84.63 -77.49 -78.44
C ALA ND 108 -84.88 -77.58 -79.94
N SER ND 109 -85.75 -76.73 -80.46
CA SER ND 109 -86.04 -76.72 -81.89
C SER ND 109 -85.16 -75.76 -82.66
N GLY ND 110 -84.68 -74.70 -82.01
CA GLY ND 110 -83.82 -73.73 -82.64
C GLY ND 110 -82.37 -74.16 -82.63
N ASN ND 111 -81.48 -73.18 -82.79
CA ASN ND 111 -80.04 -73.42 -82.83
C ASN ND 111 -79.32 -72.70 -81.70
N ALA ND 112 -80.02 -72.37 -80.61
CA ALA ND 112 -79.37 -71.73 -79.49
C ALA ND 112 -78.32 -72.64 -78.85
N GLY ND 113 -78.48 -73.95 -79.00
CA GLY ND 113 -77.48 -74.86 -78.47
C GLY ND 113 -76.12 -74.66 -79.10
N LEU ND 114 -76.09 -74.34 -80.39
CA LEU ND 114 -74.82 -74.06 -81.06
C LEU ND 114 -74.29 -72.68 -80.72
N GLY ND 115 -75.12 -71.80 -80.17
CA GLY ND 115 -74.72 -70.46 -79.83
C GLY ND 115 -75.29 -69.37 -80.72
N PHE ND 116 -76.43 -69.59 -81.35
CA PHE ND 116 -77.03 -68.63 -82.26
C PHE ND 116 -78.35 -68.12 -81.69
N LEU ND 117 -78.58 -66.82 -81.85
CA LEU ND 117 -79.83 -66.18 -81.41
C LEU ND 117 -80.62 -65.78 -82.64
N ASP ND 118 -81.87 -66.22 -82.71
CA ASP ND 118 -82.70 -65.93 -83.86
C ASP ND 118 -83.67 -64.82 -83.51
N PRO ND 119 -83.50 -63.61 -84.03
CA PRO ND 119 -84.46 -62.53 -83.73
C PRO ND 119 -85.86 -62.81 -84.25
N THR ND 120 -86.00 -63.72 -85.22
CA THR ND 120 -87.29 -64.02 -85.82
C THR ND 120 -88.00 -65.18 -85.13
N ALA ND 121 -87.47 -65.67 -84.01
CA ALA ND 121 -88.12 -66.76 -83.30
C ALA ND 121 -89.50 -66.34 -82.84
N ALA ND 122 -90.46 -67.25 -82.96
CA ALA ND 122 -91.85 -66.97 -82.64
C ALA ND 122 -92.14 -67.48 -81.23
N ILE ND 123 -91.75 -66.68 -80.25
CA ILE ND 123 -92.02 -66.97 -78.86
C ILE ND 123 -93.33 -66.28 -78.48
N VAL ND 124 -94.02 -66.85 -77.49
CA VAL ND 124 -95.38 -66.44 -77.18
C VAL ND 124 -95.54 -66.29 -75.68
N SER ND 125 -96.32 -65.27 -75.29
CA SER ND 125 -96.61 -65.00 -73.89
C SER ND 125 -97.64 -65.99 -73.34
N SER ND 126 -97.94 -65.84 -72.05
CA SER ND 126 -98.85 -66.77 -71.39
C SER ND 126 -100.30 -66.35 -71.57
N ASP ND 127 -100.58 -65.05 -71.51
CA ASP ND 127 -101.95 -64.57 -71.65
C ASP ND 127 -102.50 -64.90 -73.03
N THR ND 128 -103.74 -65.40 -73.05
CA THR ND 128 -104.40 -65.75 -74.30
C THR ND 128 -105.02 -64.51 -74.91
N THR ND 129 -105.66 -64.66 -76.07
CA THR ND 129 -106.30 -63.55 -76.75
C THR ND 129 -107.74 -63.40 -76.29
N ALA OD 1 -112.86 -51.12 82.88
CA ALA OD 1 -111.47 -50.71 83.09
C ALA OD 1 -110.81 -50.35 81.77
N ASN OD 2 -109.49 -50.43 81.74
CA ASN OD 2 -108.71 -50.11 80.56
C ASN OD 2 -107.75 -51.25 80.25
N LYS OD 3 -107.36 -51.35 78.99
CA LYS OD 3 -106.48 -52.43 78.56
C LYS OD 3 -105.08 -52.22 79.13
N PRO OD 4 -104.55 -53.14 79.92
CA PRO OD 4 -103.16 -53.01 80.36
C PRO OD 4 -102.20 -53.22 79.20
N MET OD 5 -101.07 -52.51 79.25
CA MET OD 5 -100.07 -52.73 78.23
C MET OD 5 -99.26 -53.98 78.55
N GLN OD 6 -98.32 -54.28 77.66
CA GLN OD 6 -97.40 -55.38 77.82
C GLN OD 6 -95.98 -54.86 77.68
N PRO OD 7 -95.10 -55.11 78.64
CA PRO OD 7 -93.72 -54.65 78.51
C PRO OD 7 -93.08 -55.23 77.26
N ILE OD 8 -92.27 -54.41 76.59
CA ILE OD 8 -91.65 -54.80 75.34
C ILE OD 8 -90.15 -54.95 75.53
N THR OD 9 -89.51 -53.86 75.93
CA THR OD 9 -88.08 -53.85 76.22
C THR OD 9 -87.90 -53.64 77.72
N SER OD 10 -87.24 -54.60 78.37
CA SER OD 10 -86.99 -54.55 79.80
C SER OD 10 -85.50 -54.39 80.04
N THR OD 11 -85.13 -53.39 80.82
CA THR OD 11 -83.74 -53.11 81.13
C THR OD 11 -83.67 -52.48 82.51
N ALA OD 12 -82.50 -52.57 83.13
CA ALA OD 12 -82.30 -51.98 84.44
C ALA OD 12 -82.47 -50.47 84.44
N ASN OD 13 -82.40 -49.82 83.29
CA ASN OD 13 -82.52 -48.38 83.19
C ASN OD 13 -83.79 -47.92 82.50
N LYS OD 14 -84.23 -48.61 81.45
CA LYS OD 14 -85.40 -48.20 80.69
C LYS OD 14 -86.32 -49.38 80.47
N ILE OD 15 -87.61 -49.16 80.70
CA ILE OD 15 -88.64 -50.15 80.40
C ILE OD 15 -89.73 -49.47 79.59
N VAL OD 16 -90.21 -50.13 78.54
CA VAL OD 16 -91.25 -49.59 77.69
C VAL OD 16 -92.43 -50.56 77.70
N TRP OD 17 -93.64 -50.00 77.76
CA TRP OD 17 -94.86 -50.78 77.66
C TRP OD 17 -95.61 -50.38 76.40
N SER OD 18 -96.30 -51.33 75.79
CA SER OD 18 -97.08 -51.06 74.60
C SER OD 18 -98.38 -51.85 74.65
N ASP OD 19 -99.42 -51.27 74.08
CA ASP OD 19 -100.72 -51.93 74.05
C ASP OD 19 -100.75 -52.96 72.94
N PRO OD 20 -101.09 -54.22 73.22
CA PRO OD 20 -101.08 -55.24 72.16
C PRO OD 20 -101.99 -54.91 70.99
N THR OD 21 -103.15 -54.32 71.24
CA THR OD 21 -104.05 -53.97 70.14
C THR OD 21 -103.46 -52.91 69.25
N ARG OD 22 -102.88 -51.86 69.84
CA ARG OD 22 -102.20 -50.79 69.12
C ARG OD 22 -100.84 -50.60 69.76
N LEU OD 23 -99.81 -51.24 69.21
CA LEU OD 23 -98.49 -51.09 69.79
C LEU OD 23 -97.91 -49.70 69.57
N SER OD 24 -98.55 -48.88 68.76
CA SER OD 24 -98.04 -47.53 68.52
C SER OD 24 -98.04 -46.71 69.80
N THR OD 25 -99.11 -46.79 70.59
CA THR OD 25 -99.13 -46.10 71.87
C THR OD 25 -98.16 -46.80 72.83
N THR OD 26 -97.44 -45.99 73.61
CA THR OD 26 -96.35 -46.51 74.42
C THR OD 26 -96.28 -45.78 75.75
N PHE OD 27 -95.55 -46.37 76.69
CA PHE OD 27 -95.21 -45.73 77.96
C PHE OD 27 -93.81 -46.18 78.33
N SER OD 28 -92.87 -45.24 78.37
CA SER OD 28 -91.46 -45.55 78.62
C SER OD 28 -91.01 -44.85 79.89
N ALA OD 29 -90.33 -45.59 80.76
CA ALA OD 29 -89.78 -45.06 81.99
C ALA OD 29 -88.28 -45.23 81.98
N SER OD 30 -87.54 -44.16 82.25
CA SER OD 30 -86.09 -44.18 82.27
C SER OD 30 -85.58 -43.53 83.55
N LEU OD 31 -84.46 -44.03 84.05
CA LEU OD 31 -83.88 -43.56 85.30
C LEU OD 31 -82.41 -43.24 85.11
N LEU OD 32 -81.99 -42.11 85.67
CA LEU OD 32 -80.58 -41.71 85.71
C LEU OD 32 -80.19 -41.52 87.16
N ARG OD 33 -79.50 -42.50 87.72
CA ARG OD 33 -79.09 -42.47 89.12
C ARG OD 33 -77.74 -41.78 89.22
N GLN OD 34 -77.69 -40.66 89.92
CA GLN OD 34 -76.51 -39.83 90.00
C GLN OD 34 -76.10 -39.64 91.45
N ARG OD 35 -74.79 -39.49 91.64
CA ARG OD 35 -74.18 -39.37 92.97
C ARG OD 35 -73.72 -37.92 93.12
N VAL OD 36 -74.60 -37.07 93.65
CA VAL OD 36 -74.39 -35.63 93.68
C VAL OD 36 -73.90 -35.22 95.06
N LYS OD 37 -72.99 -34.23 95.10
CA LYS OD 37 -72.33 -33.83 96.32
C LYS OD 37 -72.94 -32.51 96.82
N VAL OD 38 -73.48 -32.54 98.02
CA VAL OD 38 -73.92 -31.34 98.70
C VAL OD 38 -72.94 -31.03 99.83
N GLY OD 39 -73.11 -29.87 100.46
CA GLY OD 39 -72.20 -29.42 101.50
C GLY OD 39 -71.84 -30.44 102.54
N ILE OD 40 -70.55 -30.81 102.57
CA ILE OD 40 -69.94 -31.78 103.49
C ILE OD 40 -70.88 -32.97 103.72
N ALA OD 41 -71.52 -33.43 102.65
CA ALA OD 41 -72.41 -34.57 102.70
C ALA OD 41 -72.51 -35.17 101.31
N GLU OD 42 -73.05 -36.37 101.23
CA GLU OD 42 -73.19 -37.05 99.95
C GLU OD 42 -74.61 -37.58 99.80
N LEU OD 43 -75.25 -37.23 98.69
CA LEU OD 43 -76.62 -37.63 98.42
C LEU OD 43 -76.71 -38.31 97.06
N ASN OD 44 -77.67 -39.21 96.93
CA ASN OD 44 -77.90 -39.95 95.69
C ASN OD 44 -79.08 -39.33 94.96
N ASN OD 45 -78.83 -38.86 93.74
CA ASN OD 45 -79.86 -38.22 92.92
C ASN OD 45 -80.32 -39.17 91.82
N VAL OD 46 -81.62 -39.18 91.56
CA VAL OD 46 -82.21 -39.96 90.49
C VAL OD 46 -83.17 -39.06 89.73
N SER OD 47 -83.14 -39.15 88.40
CA SER OD 47 -84.02 -38.39 87.54
C SER OD 47 -84.89 -39.35 86.74
N GLY OD 48 -86.11 -39.59 87.22
CA GLY OD 48 -87.03 -40.47 86.57
C GLY OD 48 -87.79 -39.76 85.48
N GLN OD 49 -87.61 -40.22 84.24
CA GLN OD 49 -88.25 -39.63 83.07
C GLN OD 49 -89.28 -40.61 82.54
N TYR OD 50 -90.53 -40.15 82.45
CA TYR OD 50 -91.64 -40.99 81.99
C TYR OD 50 -92.27 -40.32 80.78
N VAL OD 51 -92.43 -41.09 79.71
CA VAL OD 51 -92.95 -40.57 78.44
C VAL OD 51 -94.16 -41.40 78.06
N SER OD 52 -95.26 -40.71 77.76
CA SER OD 52 -96.47 -41.34 77.25
C SER OD 52 -96.74 -40.78 75.86
N VAL OD 53 -96.92 -41.66 74.89
CA VAL OD 53 -97.07 -41.28 73.49
C VAL OD 53 -98.31 -41.96 72.92
N TYR OD 54 -99.11 -41.20 72.19
CA TYR OD 54 -100.29 -41.74 71.52
C TYR OD 54 -100.37 -41.17 70.12
N LYS OD 55 -100.87 -41.97 69.19
CA LYS OD 55 -101.09 -41.55 67.81
C LYS OD 55 -102.58 -41.42 67.59
N ARG OD 56 -103.03 -40.23 67.21
CA ARG OD 56 -104.44 -39.97 67.03
C ARG OD 56 -104.68 -39.53 65.59
N PRO OD 57 -105.67 -40.10 64.91
CA PRO OD 57 -105.82 -39.82 63.48
C PRO OD 57 -106.60 -38.54 63.19
N ALA OD 58 -106.08 -37.39 63.62
CA ALA OD 58 -106.64 -36.08 63.31
C ALA OD 58 -108.09 -35.95 63.78
N PRO OD 59 -108.72 -34.77 63.66
CA PRO OD 59 -110.16 -34.69 63.95
C PRO OD 59 -111.02 -34.86 62.72
N LYS OD 60 -112.08 -35.65 62.84
CA LYS OD 60 -113.01 -35.82 61.73
C LYS OD 60 -113.92 -34.61 61.63
N PRO OD 61 -114.00 -33.94 60.48
CA PRO OD 61 -114.79 -32.70 60.39
C PRO OD 61 -116.27 -32.94 60.58
N GLU OD 62 -116.84 -32.26 61.59
CA GLU OD 62 -118.27 -32.26 61.94
C GLU OD 62 -118.97 -33.59 61.75
N GLY OD 63 -118.35 -34.67 62.17
CA GLY OD 63 -119.00 -35.97 62.10
C GLY OD 63 -119.19 -36.54 60.72
N CYS OD 64 -118.37 -36.12 59.76
CA CYS OD 64 -118.46 -36.60 58.38
C CYS OD 64 -117.80 -37.96 58.21
N ALA OD 65 -117.65 -38.73 59.27
CA ALA OD 65 -116.90 -39.98 59.22
C ALA OD 65 -117.68 -41.05 58.47
N ASP OD 66 -117.33 -41.24 57.20
CA ASP OD 66 -117.83 -42.33 56.39
C ASP OD 66 -116.68 -42.96 55.62
N ALA OD 67 -115.66 -42.15 55.37
CA ALA OD 67 -114.48 -42.58 54.63
C ALA OD 67 -113.72 -43.67 55.38
N CYS OD 68 -113.55 -44.81 54.72
CA CYS OD 68 -112.73 -45.88 55.29
C CYS OD 68 -111.26 -45.44 55.39
N VAL OD 69 -110.81 -44.64 54.42
CA VAL OD 69 -109.43 -44.19 54.36
C VAL OD 69 -109.05 -43.49 55.66
N ILE OD 70 -107.85 -43.77 56.14
CA ILE OD 70 -107.40 -43.26 57.43
C ILE OD 70 -106.64 -41.96 57.23
N MET OD 71 -106.93 -40.98 58.08
CA MET OD 71 -106.23 -39.72 58.09
C MET OD 71 -104.88 -39.91 58.76
N PRO OD 72 -103.88 -39.09 58.45
CA PRO OD 72 -102.58 -39.23 59.12
C PRO OD 72 -102.68 -38.90 60.60
N ASN OD 73 -101.83 -39.56 61.38
CA ASN OD 73 -101.82 -39.42 62.82
C ASN OD 73 -101.03 -38.18 63.22
N GLU OD 74 -101.24 -37.76 64.48
CA GLU OD 74 -100.59 -36.58 65.02
C GLU OD 74 -100.08 -36.88 66.43
N ASN OD 75 -98.98 -36.24 66.79
CA ASN OD 75 -98.28 -36.53 68.03
C ASN OD 75 -99.13 -36.14 69.24
N GLN OD 76 -99.07 -36.99 70.27
CA GLN OD 76 -99.66 -36.68 71.57
C GLN OD 76 -98.71 -37.23 72.62
N SER OD 77 -97.79 -36.39 73.09
CA SER OD 77 -96.73 -36.81 73.99
C SER OD 77 -96.88 -36.12 75.34
N ILE OD 78 -96.56 -36.85 76.39
CA ILE OD 78 -96.56 -36.32 77.75
C ILE OD 78 -95.29 -36.83 78.43
N ARG OD 79 -94.31 -35.95 78.59
CA ARG OD 79 -93.05 -36.29 79.22
C ARG OD 79 -93.00 -35.67 80.60
N THR OD 80 -92.73 -36.49 81.61
CA THR OD 80 -92.62 -36.05 82.99
C THR OD 80 -91.24 -36.42 83.51
N VAL OD 81 -90.49 -35.40 83.93
CA VAL OD 81 -89.15 -35.61 84.48
C VAL OD 81 -89.17 -35.11 85.91
N ILE OD 82 -88.91 -36.01 86.86
CA ILE OD 82 -88.82 -35.67 88.27
C ILE OD 82 -87.45 -36.08 88.78
N SER OD 83 -86.85 -35.24 89.61
CA SER OD 83 -85.51 -35.49 90.11
C SER OD 83 -85.39 -34.96 91.53
N GLY OD 84 -84.64 -35.69 92.35
CA GLY OD 84 -84.42 -35.28 93.71
C GLY OD 84 -83.65 -36.35 94.46
N SER OD 85 -83.17 -35.98 95.63
CA SER OD 85 -82.43 -36.92 96.46
C SER OD 85 -83.34 -38.06 96.90
N ALA OD 86 -82.81 -39.28 96.84
CA ALA OD 86 -83.60 -40.43 97.26
C ALA OD 86 -83.91 -40.39 98.75
N GLU OD 87 -83.06 -39.71 99.53
CA GLU OD 87 -83.31 -39.63 100.97
C GLU OD 87 -84.54 -38.80 101.28
N ASN OD 88 -84.75 -37.71 100.55
CA ASN OD 88 -85.91 -36.86 100.72
C ASN OD 88 -87.10 -37.32 99.89
N LEU OD 89 -87.15 -38.61 99.54
CA LEU OD 89 -88.23 -39.11 98.71
C LEU OD 89 -89.59 -38.93 99.38
N ALA OD 90 -89.64 -38.99 100.71
CA ALA OD 90 -90.91 -38.86 101.40
C ALA OD 90 -91.55 -37.50 101.11
N THR OD 91 -90.77 -36.43 101.22
CA THR OD 91 -91.31 -35.10 100.93
C THR OD 91 -91.43 -34.85 99.43
N LEU OD 92 -90.65 -35.56 98.61
CA LEU OD 92 -90.74 -35.35 97.17
C LEU OD 92 -92.06 -35.88 96.62
N LYS OD 93 -92.60 -36.94 97.22
CA LYS OD 93 -93.90 -37.43 96.81
C LYS OD 93 -94.97 -36.36 96.99
N ALA OD 94 -94.89 -35.60 98.09
CA ALA OD 94 -95.82 -34.50 98.29
C ALA OD 94 -95.68 -33.47 97.18
N GLU OD 95 -94.46 -33.26 96.69
CA GLU OD 95 -94.26 -32.36 95.56
C GLU OD 95 -95.01 -32.86 94.34
N TRP OD 96 -94.99 -34.18 94.11
CA TRP OD 96 -95.71 -34.74 92.99
C TRP OD 96 -97.21 -34.48 93.09
N GLU OD 97 -97.77 -34.61 94.30
CA GLU OD 97 -99.18 -34.32 94.49
C GLU OD 97 -99.48 -32.85 94.19
N THR OD 98 -98.63 -31.95 94.71
CA THR OD 98 -98.82 -30.54 94.45
C THR OD 98 -98.65 -30.22 92.97
N HIS OD 99 -97.66 -30.84 92.32
CA HIS OD 99 -97.45 -30.61 90.91
C HIS OD 99 -98.66 -31.01 90.09
N LYS OD 100 -99.28 -32.13 90.45
CA LYS OD 100 -100.50 -32.55 89.75
C LYS OD 100 -101.62 -31.53 89.95
N ARG OD 101 -101.78 -31.04 91.18
CA ARG OD 101 -102.84 -30.07 91.43
C ARG OD 101 -102.64 -28.80 90.63
N ASN OD 102 -101.42 -28.27 90.62
CA ASN OD 102 -101.17 -27.01 89.92
C ASN OD 102 -101.41 -27.16 88.43
N VAL OD 103 -100.97 -28.26 87.84
CA VAL OD 103 -101.25 -28.48 86.42
C VAL OD 103 -102.74 -28.62 86.17
N ASP OD 104 -103.42 -29.37 87.02
CA ASP OD 104 -104.85 -29.59 86.84
C ASP OD 104 -105.61 -28.27 86.92
N THR OD 105 -105.34 -27.47 87.95
CA THR OD 105 -106.08 -26.22 88.12
C THR OD 105 -105.74 -25.23 87.01
N LEU OD 106 -104.68 -25.49 86.25
CA LEU OD 106 -104.29 -24.60 85.17
C LEU OD 106 -104.53 -25.19 83.79
N PHE OD 107 -104.51 -26.51 83.68
CA PHE OD 107 -104.69 -27.15 82.38
C PHE OD 107 -105.93 -28.04 82.32
N ALA OD 108 -106.14 -28.90 83.33
CA ALA OD 108 -107.30 -29.78 83.30
C ALA OD 108 -108.59 -28.99 83.36
N SER OD 109 -108.64 -27.96 84.20
CA SER OD 109 -109.82 -27.12 84.33
C SER OD 109 -109.68 -25.78 83.62
N GLY OD 110 -108.50 -25.48 83.08
CA GLY OD 110 -108.24 -24.21 82.43
C GLY OD 110 -108.12 -24.35 80.91
N ASN OD 111 -107.79 -23.22 80.29
CA ASN OD 111 -107.62 -23.15 78.85
C ASN OD 111 -106.15 -23.25 78.43
N ALA OD 112 -105.32 -23.90 79.24
CA ALA OD 112 -103.92 -24.09 78.87
C ALA OD 112 -103.81 -24.94 77.61
N GLY OD 113 -104.64 -25.98 77.51
CA GLY OD 113 -104.61 -26.80 76.31
C GLY OD 113 -104.91 -26.02 75.06
N LEU OD 114 -105.84 -25.06 75.16
CA LEU OD 114 -106.11 -24.18 74.02
C LEU OD 114 -105.02 -23.17 73.77
N GLY OD 115 -104.13 -22.93 74.74
CA GLY OD 115 -103.05 -21.99 74.57
C GLY OD 115 -103.19 -20.69 75.32
N PHE OD 116 -103.93 -20.68 76.43
CA PHE OD 116 -104.19 -19.46 77.19
C PHE OD 116 -103.61 -19.57 78.58
N LEU OD 117 -103.18 -18.44 79.12
CA LEU OD 117 -102.63 -18.37 80.47
C LEU OD 117 -103.55 -17.49 81.33
N ASP OD 118 -103.84 -17.97 82.54
CA ASP OD 118 -104.69 -17.23 83.48
C ASP OD 118 -103.85 -16.79 84.67
N PRO OD 119 -103.41 -15.54 84.72
CA PRO OD 119 -102.64 -15.08 85.88
C PRO OD 119 -103.44 -15.13 87.18
N THR OD 120 -104.76 -15.09 87.10
CA THR OD 120 -105.59 -15.12 88.30
C THR OD 120 -105.87 -16.53 88.79
N ALA OD 121 -105.37 -17.55 88.10
CA ALA OD 121 -105.63 -18.93 88.53
C ALA OD 121 -105.00 -19.18 89.88
N ALA OD 122 -105.73 -19.89 90.74
CA ALA OD 122 -105.25 -20.20 92.08
C ALA OD 122 -104.26 -21.35 92.00
N ILE OD 123 -103.05 -21.13 92.50
CA ILE OD 123 -101.99 -22.13 92.46
C ILE OD 123 -101.51 -22.38 93.89
N VAL OD 124 -101.38 -23.65 94.25
CA VAL OD 124 -101.21 -24.08 95.63
C VAL OD 124 -99.82 -24.66 95.81
N SER OD 125 -99.18 -24.33 96.93
CA SER OD 125 -97.86 -24.85 97.25
C SER OD 125 -97.96 -26.13 98.07
N SER OD 126 -96.82 -26.81 98.18
CA SER OD 126 -96.78 -28.05 98.97
C SER OD 126 -96.86 -27.75 100.46
N ASP OD 127 -96.20 -26.67 100.91
CA ASP OD 127 -96.17 -26.36 102.33
C ASP OD 127 -97.56 -26.03 102.84
N THR OD 128 -97.90 -26.57 104.00
CA THR OD 128 -99.19 -26.35 104.64
C THR OD 128 -99.13 -25.12 105.52
N THR OD 129 -100.30 -24.65 105.92
CA THR OD 129 -100.39 -23.48 106.79
C THR OD 129 -100.71 -23.88 108.21
N ALA PD 1 -82.56 -59.71 111.96
CA ALA PD 1 -82.07 -60.09 110.64
C ALA PD 1 -81.29 -58.95 110.00
N ASN PD 2 -81.17 -59.00 108.68
CA ASN PD 2 -80.45 -57.98 107.95
C ASN PD 2 -81.31 -57.47 106.80
N LYS PD 3 -81.10 -56.22 106.42
CA LYS PD 3 -81.88 -55.66 105.34
C LYS PD 3 -81.49 -56.31 104.02
N PRO PD 4 -82.42 -56.95 103.31
CA PRO PD 4 -82.09 -57.51 102.00
C PRO PD 4 -81.93 -56.39 100.98
N MET PD 5 -81.14 -56.68 99.94
CA MET PD 5 -81.02 -55.76 98.82
C MET PD 5 -81.90 -56.21 97.67
N GLN PD 6 -81.90 -55.41 96.61
CA GLN PD 6 -82.52 -55.76 95.35
C GLN PD 6 -81.57 -55.45 94.21
N PRO PD 7 -81.66 -56.19 93.11
CA PRO PD 7 -80.80 -55.88 91.97
C PRO PD 7 -81.09 -54.49 91.43
N ILE PD 8 -80.03 -53.81 91.00
CA ILE PD 8 -80.13 -52.46 90.45
C ILE PD 8 -79.73 -52.43 88.98
N THR PD 9 -78.48 -52.74 88.69
CA THR PD 9 -77.97 -52.77 87.33
C THR PD 9 -77.77 -54.22 86.92
N SER PD 10 -78.57 -54.68 85.96
CA SER PD 10 -78.44 -56.03 85.43
C SER PD 10 -77.81 -55.97 84.05
N THR PD 11 -76.76 -56.76 83.86
CA THR PD 11 -76.02 -56.78 82.62
C THR PD 11 -75.82 -58.24 82.24
N ALA PD 12 -75.22 -58.48 81.08
CA ALA PD 12 -74.96 -59.84 80.63
C ALA PD 12 -74.09 -60.60 81.63
N ASN PD 13 -73.24 -59.89 82.37
CA ASN PD 13 -72.35 -60.55 83.30
C ASN PD 13 -72.44 -59.95 84.71
N LYS PD 14 -72.66 -58.65 84.80
CA LYS PD 14 -72.63 -57.95 86.07
C LYS PD 14 -74.03 -57.73 86.63
N ILE PD 15 -74.19 -57.98 87.92
CA ILE PD 15 -75.42 -57.68 88.64
C ILE PD 15 -75.06 -56.96 89.92
N VAL PD 16 -75.76 -55.86 90.20
CA VAL PD 16 -75.45 -55.01 91.34
C VAL PD 16 -76.66 -54.92 92.25
N TRP PD 17 -76.45 -55.18 93.54
CA TRP PD 17 -77.46 -54.99 94.56
C TRP PD 17 -77.13 -53.75 95.37
N SER PD 18 -78.16 -53.13 95.95
CA SER PD 18 -77.94 -52.04 96.90
C SER PD 18 -79.16 -51.92 97.79
N ASP PD 19 -78.92 -51.48 99.02
CA ASP PD 19 -79.99 -51.39 100.01
C ASP PD 19 -80.93 -50.25 99.66
N PRO PD 20 -82.25 -50.50 99.61
CA PRO PD 20 -83.19 -49.41 99.34
C PRO PD 20 -83.16 -48.31 100.38
N THR PD 21 -82.98 -48.65 101.66
CA THR PD 21 -82.96 -47.62 102.70
C THR PD 21 -81.67 -46.83 102.65
N ARG PD 22 -80.55 -47.50 102.43
CA ARG PD 22 -79.23 -46.86 102.34
C ARG PD 22 -78.65 -47.22 100.98
N LEU PD 23 -78.79 -46.33 100.01
CA LEU PD 23 -78.28 -46.59 98.67
C LEU PD 23 -76.77 -46.67 98.65
N SER PD 24 -76.11 -46.24 99.73
CA SER PD 24 -74.66 -46.24 99.77
C SER PD 24 -74.09 -47.64 99.67
N THR PD 25 -74.55 -48.55 100.52
CA THR PD 25 -74.00 -49.91 100.53
C THR PD 25 -74.45 -50.69 99.31
N THR PD 26 -73.50 -51.40 98.69
CA THR PD 26 -73.78 -52.15 97.48
C THR PD 26 -73.05 -53.48 97.54
N PHE PD 27 -73.51 -54.42 96.72
CA PHE PD 27 -72.83 -55.69 96.52
C PHE PD 27 -72.97 -56.08 95.05
N SER PD 28 -71.85 -56.20 94.36
CA SER PD 28 -71.85 -56.48 92.94
C SER PD 28 -71.08 -57.76 92.65
N ALA PD 29 -71.52 -58.46 91.61
CA ALA PD 29 -70.86 -59.69 91.17
C ALA PD 29 -70.78 -59.68 89.66
N SER PD 30 -69.57 -59.82 89.13
CA SER PD 30 -69.34 -59.87 87.70
C SER PD 30 -68.49 -61.10 87.39
N LEU PD 31 -68.92 -61.88 86.40
CA LEU PD 31 -68.24 -63.12 86.03
C LEU PD 31 -67.78 -63.05 84.59
N LEU PD 32 -66.50 -63.33 84.37
CA LEU PD 32 -65.92 -63.38 83.04
C LEU PD 32 -65.76 -64.85 82.67
N ARG PD 33 -66.44 -65.25 81.61
CA ARG PD 33 -66.44 -66.64 81.14
C ARG PD 33 -65.49 -66.74 79.96
N GLN PD 34 -64.49 -67.61 80.08
CA GLN PD 34 -63.44 -67.71 79.08
C GLN PD 34 -63.18 -69.16 78.76
N ARG PD 35 -62.84 -69.41 77.49
CA ARG PD 35 -62.60 -70.76 76.98
C ARG PD 35 -61.09 -71.00 76.93
N VAL PD 36 -60.62 -71.98 77.70
CA VAL PD 36 -59.20 -72.21 77.87
C VAL PD 36 -58.87 -73.64 77.44
N LYS PD 37 -57.81 -73.78 76.65
CA LYS PD 37 -57.34 -75.07 76.15
C LYS PD 37 -55.91 -75.27 76.66
N VAL PD 38 -55.75 -76.11 77.68
CA VAL PD 38 -54.43 -76.31 78.26
C VAL PD 38 -54.06 -77.79 78.27
N GLY PD 39 -54.94 -78.65 78.77
CA GLY PD 39 -54.64 -80.07 78.84
C GLY PD 39 -55.20 -80.84 77.68
N ILE PD 40 -55.00 -80.31 76.47
CA ILE PD 40 -55.59 -80.80 75.22
C ILE PD 40 -57.01 -81.31 75.45
N ALA PD 41 -57.75 -80.64 76.32
CA ALA PD 41 -59.10 -81.05 76.69
C ALA PD 41 -59.96 -79.80 76.86
N GLU PD 42 -61.26 -79.97 76.69
CA GLU PD 42 -62.19 -78.86 76.89
C GLU PD 42 -62.17 -78.41 78.34
N LEU PD 43 -61.98 -77.11 78.55
CA LEU PD 43 -61.98 -76.53 79.88
C LEU PD 43 -62.63 -75.16 79.84
N ASN PD 44 -63.69 -74.98 80.62
CA ASN PD 44 -64.39 -73.70 80.72
C ASN PD 44 -63.90 -73.00 81.97
N ASN PD 45 -63.36 -71.79 81.80
CA ASN PD 45 -62.82 -71.02 82.91
C ASN PD 45 -63.76 -69.89 83.27
N VAL PD 46 -63.93 -69.65 84.56
CA VAL PD 46 -64.76 -68.58 85.08
C VAL PD 46 -63.92 -67.77 86.05
N SER PD 47 -64.28 -66.49 86.22
CA SER PD 47 -63.63 -65.61 87.18
C SER PD 47 -64.67 -64.62 87.66
N GLY PD 48 -65.14 -64.78 88.90
CA GLY PD 48 -66.18 -63.94 89.44
C GLY PD 48 -65.61 -62.92 90.41
N GLN PD 49 -65.83 -61.65 90.08
CA GLN PD 49 -65.45 -60.53 90.94
C GLN PD 49 -66.63 -60.22 91.84
N TYR PD 50 -66.46 -60.46 93.15
CA TYR PD 50 -67.48 -60.14 94.13
C TYR PD 50 -66.96 -59.00 94.99
N VAL PD 51 -67.70 -57.89 94.99
CA VAL PD 51 -67.28 -56.66 95.65
C VAL PD 51 -68.39 -56.22 96.59
N SER PD 52 -68.04 -55.98 97.85
CA SER PD 52 -68.94 -55.42 98.84
C SER PD 52 -68.40 -54.06 99.27
N VAL PD 53 -69.22 -53.03 99.16
CA VAL PD 53 -68.79 -51.66 99.40
C VAL PD 53 -69.70 -51.03 100.44
N TYR PD 54 -69.09 -50.33 101.40
CA TYR PD 54 -69.82 -49.62 102.44
C TYR PD 54 -69.10 -48.33 102.75
N LYS PD 55 -69.88 -47.25 102.87
CA LYS PD 55 -69.36 -45.94 103.27
C LYS PD 55 -69.64 -45.79 104.76
N ARG PD 56 -68.74 -46.34 105.57
CA ARG PD 56 -68.88 -46.29 107.01
C ARG PD 56 -68.57 -44.89 107.50
N PRO PD 57 -69.39 -44.30 108.36
CA PRO PD 57 -69.05 -43.00 108.94
C PRO PD 57 -67.80 -43.10 109.80
N ALA PD 58 -67.10 -41.98 109.95
CA ALA PD 58 -65.86 -41.96 110.72
C ALA PD 58 -66.14 -42.34 112.16
N PRO PD 59 -65.13 -42.86 112.88
CA PRO PD 59 -65.35 -43.20 114.29
C PRO PD 59 -65.70 -41.98 115.11
N LYS PD 60 -66.63 -42.15 116.03
CA LYS PD 60 -67.14 -41.04 116.81
C LYS PD 60 -66.14 -40.66 117.91
N PRO PD 61 -65.99 -39.38 118.20
CA PRO PD 61 -65.04 -38.96 119.23
C PRO PD 61 -65.34 -39.59 120.58
N GLU PD 62 -64.29 -39.83 121.34
CA GLU PD 62 -64.34 -40.67 122.53
C GLU PD 62 -65.31 -40.11 123.57
N GLY PD 63 -66.18 -40.98 124.08
CA GLY PD 63 -67.06 -40.66 125.18
C GLY PD 63 -67.99 -39.49 124.92
N CYS PD 64 -68.57 -39.44 123.73
CA CYS PD 64 -69.43 -38.33 123.34
C CYS PD 64 -70.58 -38.88 122.52
N ALA PD 65 -71.80 -38.81 123.06
CA ALA PD 65 -72.99 -39.27 122.36
C ALA PD 65 -73.79 -38.12 121.75
N ASP PD 66 -73.64 -36.91 122.30
CA ASP PD 66 -74.24 -35.66 121.83
C ASP PD 66 -75.48 -35.82 120.95
N ALA PD 67 -75.36 -35.48 119.66
CA ALA PD 67 -76.52 -35.44 118.78
C ALA PD 67 -76.14 -35.34 117.30
N CYS PD 68 -75.99 -34.12 116.79
CA CYS PD 68 -75.64 -33.87 115.39
C CYS PD 68 -74.19 -33.44 115.31
N VAL PD 69 -73.27 -34.39 115.15
CA VAL PD 69 -71.87 -34.08 114.92
C VAL PD 69 -71.34 -34.89 113.75
N ILE PD 70 -72.23 -35.29 112.84
CA ILE PD 70 -71.91 -36.21 111.75
C ILE PD 70 -70.61 -35.85 111.07
N MET PD 71 -69.75 -36.84 110.92
CA MET PD 71 -68.42 -36.72 110.33
C MET PD 71 -68.38 -37.38 108.96
N PRO PD 72 -67.45 -36.98 108.10
CA PRO PD 72 -67.39 -37.60 106.77
C PRO PD 72 -67.11 -39.10 106.87
N ASN PD 73 -67.74 -39.83 105.97
CA ASN PD 73 -67.65 -41.28 105.96
C ASN PD 73 -66.43 -41.72 105.15
N GLU PD 74 -66.05 -42.98 105.32
CA GLU PD 74 -64.94 -43.57 104.59
C GLU PD 74 -65.38 -44.91 104.04
N ASN PD 75 -64.82 -45.25 102.88
CA ASN PD 75 -65.23 -46.46 102.17
C ASN PD 75 -64.66 -47.70 102.82
N GLN PD 76 -65.48 -48.74 102.90
CA GLN PD 76 -65.06 -50.07 103.36
C GLN PD 76 -65.38 -51.05 102.25
N SER PD 77 -64.34 -51.62 101.64
CA SER PD 77 -64.50 -52.46 100.48
C SER PD 77 -63.86 -53.82 100.71
N ILE PD 78 -64.47 -54.86 100.13
CA ILE PD 78 -63.95 -56.22 100.19
C ILE PD 78 -64.14 -56.83 98.81
N ARG PD 79 -63.04 -57.08 98.11
CA ARG PD 79 -63.07 -57.63 96.77
C ARG PD 79 -62.57 -59.06 96.80
N THR PD 80 -63.31 -59.96 96.14
CA THR PD 80 -62.95 -61.37 96.07
C THR PD 80 -63.10 -61.83 94.64
N VAL PD 81 -62.06 -62.47 94.10
CA VAL PD 81 -62.09 -63.06 92.77
C VAL PD 81 -61.79 -64.55 92.90
N ILE PD 82 -62.57 -65.37 92.21
CA ILE PD 82 -62.42 -66.81 92.24
C ILE PD 82 -62.28 -67.29 90.80
N SER PD 83 -61.13 -67.89 90.51
CA SER PD 83 -60.83 -68.37 89.17
C SER PD 83 -60.61 -69.87 89.21
N GLY PD 84 -61.25 -70.59 88.29
CA GLY PD 84 -61.08 -72.03 88.22
C GLY PD 84 -61.88 -72.59 87.07
N SER PD 85 -61.51 -73.79 86.66
CA SER PD 85 -62.22 -74.47 85.59
C SER PD 85 -63.63 -74.82 86.05
N ALA PD 86 -64.60 -74.65 85.16
CA ALA PD 86 -65.99 -74.87 85.52
C ALA PD 86 -66.24 -76.31 85.93
N GLU PD 87 -65.66 -77.26 85.20
CA GLU PD 87 -65.85 -78.67 85.50
C GLU PD 87 -65.34 -79.08 86.87
N ASN PD 88 -64.32 -78.39 87.39
CA ASN PD 88 -63.70 -78.75 88.66
C ASN PD 88 -64.26 -77.95 89.81
N LEU PD 89 -65.50 -77.49 89.69
CA LEU PD 89 -66.11 -76.69 90.75
C LEU PD 89 -66.20 -77.46 92.06
N ALA PD 90 -66.31 -78.79 92.00
CA ALA PD 90 -66.52 -79.58 93.21
C ALA PD 90 -65.39 -79.37 94.22
N THR PD 91 -64.15 -79.44 93.75
CA THR PD 91 -63.02 -79.21 94.64
C THR PD 91 -62.82 -77.73 94.94
N LEU PD 92 -63.23 -76.86 94.02
CA LEU PD 92 -63.01 -75.43 94.22
C LEU PD 92 -63.84 -74.89 95.38
N LYS PD 93 -65.01 -75.48 95.63
CA LYS PD 93 -65.80 -75.07 96.78
C LYS PD 93 -65.07 -75.35 98.08
N ALA PD 94 -64.42 -76.51 98.18
CA ALA PD 94 -63.59 -76.78 99.34
C ALA PD 94 -62.44 -75.80 99.41
N GLU PD 95 -61.89 -75.41 98.26
CA GLU PD 95 -60.86 -74.39 98.23
C GLU PD 95 -61.37 -73.08 98.81
N TRP PD 96 -62.58 -72.67 98.41
CA TRP PD 96 -63.15 -71.44 98.92
C TRP PD 96 -63.39 -71.53 100.42
N GLU PD 97 -63.84 -72.69 100.90
CA GLU PD 97 -64.14 -72.84 102.32
C GLU PD 97 -62.89 -72.67 103.17
N THR PD 98 -61.78 -73.28 102.78
CA THR PD 98 -60.57 -73.16 103.57
C THR PD 98 -60.00 -71.74 103.50
N HIS PD 99 -60.13 -71.10 102.34
CA HIS PD 99 -59.70 -69.71 102.22
C HIS PD 99 -60.40 -68.83 103.26
N LYS PD 100 -61.66 -69.14 103.55
CA LYS PD 100 -62.34 -68.48 104.67
C LYS PD 100 -61.57 -68.69 105.96
N ARG PD 101 -61.22 -69.95 106.24
CA ARG PD 101 -60.61 -70.29 107.52
C ARG PD 101 -59.27 -69.59 107.68
N ASN PD 102 -58.49 -69.52 106.61
CA ASN PD 102 -57.14 -68.96 106.71
C ASN PD 102 -57.19 -67.47 107.05
N VAL PD 103 -58.02 -66.70 106.35
CA VAL PD 103 -58.09 -65.27 106.63
C VAL PD 103 -58.74 -65.04 107.98
N ASP PD 104 -59.74 -65.85 108.36
CA ASP PD 104 -60.39 -65.65 109.64
C ASP PD 104 -59.42 -65.84 110.79
N THR PD 105 -58.59 -66.87 110.74
CA THR PD 105 -57.61 -67.06 111.80
C THR PD 105 -56.48 -66.05 111.70
N LEU PD 106 -56.39 -65.34 110.58
CA LEU PD 106 -55.35 -64.35 110.41
C LEU PD 106 -55.87 -62.93 110.58
N PHE PD 107 -57.08 -62.64 110.13
CA PHE PD 107 -57.62 -61.29 110.16
C PHE PD 107 -58.73 -61.13 111.19
N ALA PD 108 -59.68 -62.06 111.25
CA ALA PD 108 -60.75 -61.95 112.23
C ALA PD 108 -60.24 -62.24 113.63
N SER PD 109 -59.74 -63.46 113.85
CA SER PD 109 -59.17 -63.79 115.16
C SER PD 109 -57.88 -63.01 115.40
N GLY PD 110 -57.01 -62.94 114.41
CA GLY PD 110 -55.78 -62.21 114.54
C GLY PD 110 -55.99 -60.72 114.41
N ASN PD 111 -54.88 -59.98 114.53
CA ASN PD 111 -54.90 -58.53 114.43
C ASN PD 111 -54.25 -58.03 113.14
N ALA PD 112 -54.26 -58.84 112.08
CA ALA PD 112 -53.73 -58.39 110.81
C ALA PD 112 -54.48 -57.20 110.26
N GLY PD 113 -55.73 -57.01 110.66
CA GLY PD 113 -56.46 -55.83 110.25
C GLY PD 113 -55.89 -54.54 110.78
N LEU PD 114 -55.09 -54.60 111.83
CA LEU PD 114 -54.44 -53.43 112.38
C LEU PD 114 -53.07 -53.19 111.75
N GLY PD 115 -52.69 -53.99 110.77
CA GLY PD 115 -51.40 -53.86 110.14
C GLY PD 115 -50.32 -54.77 110.71
N PHE PD 116 -50.64 -55.64 111.65
CA PHE PD 116 -49.65 -56.48 112.29
C PHE PD 116 -49.68 -57.86 111.65
N LEU PD 117 -48.55 -58.28 111.08
CA LEU PD 117 -48.44 -59.61 110.51
C LEU PD 117 -47.90 -60.58 111.54
N ASP PD 118 -48.48 -61.78 111.59
CA ASP PD 118 -48.09 -62.80 112.55
C ASP PD 118 -47.51 -64.01 111.83
N PRO PD 119 -46.18 -64.12 111.75
CA PRO PD 119 -45.58 -65.26 111.04
C PRO PD 119 -45.85 -66.60 111.69
N THR PD 120 -46.27 -66.62 112.96
CA THR PD 120 -46.53 -67.86 113.66
C THR PD 120 -48.01 -68.23 113.68
N ALA PD 121 -48.81 -67.62 112.81
CA ALA PD 121 -50.22 -67.96 112.75
C ALA PD 121 -50.41 -69.39 112.28
N ALA PD 122 -51.40 -70.06 112.85
CA ALA PD 122 -51.67 -71.48 112.54
C ALA PD 122 -52.71 -71.53 111.44
N ILE PD 123 -52.24 -71.68 110.21
CA ILE PD 123 -53.11 -71.81 109.04
C ILE PD 123 -52.93 -73.21 108.47
N VAL PD 124 -54.00 -73.74 107.88
CA VAL PD 124 -54.02 -75.12 107.44
C VAL PD 124 -54.16 -75.17 105.93
N SER PD 125 -54.02 -76.37 105.37
CA SER PD 125 -54.15 -76.59 103.94
C SER PD 125 -55.56 -77.03 103.58
N SER PD 126 -55.88 -76.95 102.30
CA SER PD 126 -57.21 -77.32 101.85
C SER PD 126 -57.46 -78.82 102.01
N ASP PD 127 -56.53 -79.63 101.52
CA ASP PD 127 -56.74 -81.07 101.53
C ASP PD 127 -56.69 -81.62 102.96
N THR PD 128 -57.51 -82.64 103.21
CA THR PD 128 -57.52 -83.27 104.52
C THR PD 128 -56.32 -84.19 104.68
N THR PD 129 -56.01 -84.50 105.93
CA THR PD 129 -54.88 -85.36 106.24
C THR PD 129 -55.13 -86.79 105.76
N ALA QD 1 -88.73 -85.74 82.61
CA ALA QD 1 -88.27 -84.56 83.31
C ALA QD 1 -86.93 -84.09 82.75
N ASN QD 2 -86.96 -83.00 81.98
CA ASN QD 2 -85.75 -82.47 81.39
C ASN QD 2 -85.11 -81.44 82.30
N LYS QD 3 -83.79 -81.39 82.30
CA LYS QD 3 -83.08 -80.42 83.11
C LYS QD 3 -83.27 -79.03 82.51
N PRO QD 4 -83.79 -78.07 83.26
CA PRO QD 4 -83.94 -76.72 82.74
C PRO QD 4 -82.58 -76.02 82.58
N MET QD 5 -82.57 -75.02 81.71
CA MET QD 5 -81.41 -74.17 81.56
C MET QD 5 -81.60 -72.90 82.38
N GLN QD 6 -80.56 -72.07 82.42
CA GLN QD 6 -80.66 -70.75 83.02
C GLN QD 6 -80.00 -69.76 82.09
N PRO QD 7 -80.48 -68.51 82.08
CA PRO QD 7 -79.91 -67.51 81.17
C PRO QD 7 -78.43 -67.28 81.44
N ILE QD 8 -77.70 -67.01 80.37
CA ILE QD 8 -76.27 -66.72 80.46
C ILE QD 8 -75.91 -65.33 79.98
N THR QD 9 -76.64 -64.77 79.01
CA THR QD 9 -76.32 -63.46 78.48
C THR QD 9 -77.63 -62.76 78.16
N SER QD 10 -78.12 -61.96 79.09
CA SER QD 10 -79.38 -61.26 78.92
C SER QD 10 -79.14 -59.90 78.27
N THR QD 11 -80.00 -59.57 77.30
CA THR QD 11 -79.92 -58.28 76.62
C THR QD 11 -81.34 -57.91 76.20
N ALA QD 12 -81.52 -56.62 75.90
CA ALA QD 12 -82.85 -56.14 75.52
C ALA QD 12 -83.37 -56.80 74.26
N ASN QD 13 -82.49 -57.36 73.44
CA ASN QD 13 -82.90 -57.97 72.18
C ASN QD 13 -82.44 -59.41 72.01
N LYS QD 14 -81.57 -59.91 72.88
CA LYS QD 14 -81.03 -61.25 72.75
C LYS QD 14 -80.76 -61.84 74.13
N ILE QD 15 -81.06 -63.13 74.29
CA ILE QD 15 -80.86 -63.82 75.55
C ILE QD 15 -80.51 -65.27 75.26
N VAL QD 16 -79.54 -65.81 76.00
CA VAL QD 16 -79.01 -67.14 75.75
C VAL QD 16 -79.10 -67.95 77.03
N TRP QD 17 -79.64 -69.16 76.93
CA TRP QD 17 -79.66 -70.10 78.02
C TRP QD 17 -78.57 -71.16 77.82
N SER QD 18 -78.19 -71.81 78.91
CA SER QD 18 -77.25 -72.92 78.85
C SER QD 18 -77.51 -73.84 80.03
N ASP QD 19 -77.14 -75.09 79.86
CA ASP QD 19 -77.38 -76.08 80.90
C ASP QD 19 -76.24 -76.10 81.90
N PRO QD 20 -76.53 -75.95 83.19
CA PRO QD 20 -75.43 -75.99 84.18
C PRO QD 20 -74.67 -77.30 84.20
N THR QD 21 -75.35 -78.43 84.01
CA THR QD 21 -74.66 -79.72 84.06
C THR QD 21 -73.71 -79.89 82.88
N ARG QD 22 -74.16 -79.47 81.69
CA ARG QD 22 -73.36 -79.55 80.48
C ARG QD 22 -73.47 -78.21 79.76
N LEU QD 23 -72.38 -77.44 79.76
CA LEU QD 23 -72.43 -76.09 79.22
C LEU QD 23 -72.39 -76.06 77.70
N SER QD 24 -72.15 -77.20 77.05
CA SER QD 24 -72.07 -77.21 75.60
C SER QD 24 -73.42 -76.88 74.97
N THR QD 25 -74.48 -77.51 75.45
CA THR QD 25 -75.81 -77.28 74.89
C THR QD 25 -76.32 -75.89 75.28
N THR QD 26 -76.94 -75.21 74.32
CA THR QD 26 -77.42 -73.85 74.53
C THR QD 26 -78.72 -73.66 73.76
N PHE QD 27 -79.43 -72.59 74.10
CA PHE QD 27 -80.61 -72.16 73.38
C PHE QD 27 -80.60 -70.63 73.32
N SER QD 28 -80.63 -70.09 72.11
CA SER QD 28 -80.57 -68.64 71.93
C SER QD 28 -81.88 -68.12 71.36
N ALA QD 29 -82.15 -66.84 71.61
CA ALA QD 29 -83.32 -66.16 71.09
C ALA QD 29 -82.95 -64.72 70.79
N SER QD 30 -83.15 -64.30 69.55
CA SER QD 30 -82.85 -62.93 69.12
C SER QD 30 -84.06 -62.34 68.43
N LEU QD 31 -84.28 -61.05 68.65
CA LEU QD 31 -85.47 -60.37 68.16
C LEU QD 31 -85.07 -59.09 67.44
N LEU QD 32 -85.82 -58.79 66.38
CA LEU QD 32 -85.65 -57.53 65.64
C LEU QD 32 -87.00 -56.91 65.41
N ARG QD 33 -87.14 -55.63 65.76
CA ARG QD 33 -88.37 -54.89 65.54
C ARG QD 33 -88.07 -53.64 64.72
N GLN QD 34 -88.85 -53.44 63.67
CA GLN QD 34 -88.72 -52.25 62.83
C GLN QD 34 -90.10 -51.93 62.27
N ARG QD 35 -90.19 -50.81 61.56
CA ARG QD 35 -91.48 -50.31 61.09
C ARG QD 35 -91.54 -50.54 59.59
N VAL QD 36 -92.63 -51.15 59.12
CA VAL QD 36 -92.79 -51.46 57.71
C VAL QD 36 -94.01 -50.71 57.19
N LYS QD 37 -93.80 -49.94 56.12
CA LYS QD 37 -94.87 -49.15 55.49
C LYS QD 37 -95.39 -49.94 54.29
N VAL QD 38 -96.51 -50.62 54.48
CA VAL QD 38 -97.10 -51.41 53.40
C VAL QD 38 -97.93 -50.58 52.43
N GLY QD 39 -98.21 -49.33 52.76
CA GLY QD 39 -99.05 -48.49 51.92
C GLY QD 39 -100.29 -48.03 52.64
N ILE QD 40 -100.43 -46.71 52.80
CA ILE QD 40 -101.50 -46.04 53.53
C ILE QD 40 -101.82 -46.75 54.84
N ALA QD 41 -100.83 -47.44 55.40
CA ALA QD 41 -100.97 -48.18 56.64
C ALA QD 41 -99.60 -48.58 57.12
N GLU QD 42 -99.37 -48.39 58.42
CA GLU QD 42 -98.08 -48.69 59.03
C GLU QD 42 -98.21 -49.95 59.87
N LEU QD 43 -97.31 -50.91 59.63
CA LEU QD 43 -97.27 -52.15 60.39
C LEU QD 43 -95.97 -52.24 61.15
N ASN QD 44 -96.03 -52.93 62.28
CA ASN QD 44 -94.90 -53.10 63.18
C ASN QD 44 -94.46 -54.56 63.14
N ASN QD 45 -93.44 -54.85 62.35
CA ASN QD 45 -92.99 -56.21 62.10
C ASN QD 45 -91.98 -56.63 63.14
N VAL QD 46 -91.97 -57.92 63.47
CA VAL QD 46 -91.02 -58.49 64.42
C VAL QD 46 -90.39 -59.71 63.76
N SER QD 47 -89.07 -59.85 63.95
CA SER QD 47 -88.33 -61.00 63.42
C SER QD 47 -87.64 -61.69 64.58
N GLY QD 48 -88.15 -62.87 64.96
CA GLY QD 48 -87.60 -63.64 66.05
C GLY QD 48 -86.84 -64.84 65.53
N GLN QD 49 -85.58 -64.93 65.93
CA GLN QD 49 -84.70 -66.01 65.52
C GLN QD 49 -84.40 -66.90 66.72
N TYR QD 50 -84.52 -68.21 66.52
CA TYR QD 50 -84.41 -69.17 67.60
C TYR QD 50 -83.35 -70.21 67.21
N VAL QD 51 -82.32 -70.35 68.02
CA VAL QD 51 -81.21 -71.25 67.73
C VAL QD 51 -81.04 -72.21 68.89
N SER QD 52 -81.10 -73.50 68.62
CA SER QD 52 -80.81 -74.54 69.59
C SER QD 52 -79.60 -75.33 69.10
N VAL QD 53 -78.59 -75.45 69.95
CA VAL QD 53 -77.32 -76.06 69.58
C VAL QD 53 -77.00 -77.16 70.59
N TYR QD 54 -76.60 -78.32 70.07
CA TYR QD 54 -76.16 -79.43 70.91
C TYR QD 54 -74.89 -80.02 70.34
N LYS QD 55 -73.96 -80.37 71.24
CA LYS QD 55 -72.70 -81.02 70.88
C LYS QD 55 -72.86 -82.50 71.20
N ARG QD 56 -72.97 -83.33 70.17
CA ARG QD 56 -73.23 -84.74 70.34
C ARG QD 56 -71.97 -85.55 70.07
N PRO QD 57 -71.33 -86.12 71.08
CA PRO QD 57 -70.17 -86.98 70.86
C PRO QD 57 -70.56 -88.44 70.69
N ALA QD 58 -71.36 -88.71 69.65
CA ALA QD 58 -71.79 -90.08 69.47
C ALA QD 58 -71.49 -90.67 68.09
N PRO QD 59 -70.26 -90.56 67.57
CA PRO QD 59 -69.86 -91.50 66.51
C PRO QD 59 -69.99 -92.94 66.97
N LYS QD 60 -69.34 -93.27 68.09
CA LYS QD 60 -69.38 -94.57 68.75
C LYS QD 60 -69.06 -95.70 67.77
N PRO QD 61 -67.80 -95.85 67.38
CA PRO QD 61 -67.41 -97.04 66.61
C PRO QD 61 -67.71 -98.29 67.40
N GLU QD 62 -68.33 -99.26 66.75
CA GLU QD 62 -68.83 -100.43 67.44
C GLU QD 62 -67.70 -101.40 67.78
N GLY QD 63 -68.09 -102.48 68.46
CA GLY QD 63 -67.14 -103.46 68.96
C GLY QD 63 -66.21 -102.94 70.05
N CYS QD 64 -66.71 -102.11 70.95
CA CYS QD 64 -65.95 -101.75 72.15
C CYS QD 64 -66.71 -100.88 73.14
N ALA QD 65 -66.39 -101.06 74.43
CA ALA QD 65 -66.70 -100.05 75.45
C ALA QD 65 -65.41 -99.34 75.85
N ASP QD 66 -64.41 -100.07 76.36
CA ASP QD 66 -63.15 -99.50 76.82
C ASP QD 66 -63.38 -98.45 77.91
N ALA QD 67 -62.30 -97.88 78.43
CA ALA QD 67 -62.44 -96.93 79.52
C ALA QD 67 -62.54 -95.51 78.99
N CYS QD 68 -61.48 -95.03 78.35
CA CYS QD 68 -61.45 -93.69 77.76
C CYS QD 68 -61.00 -93.81 76.32
N VAL QD 69 -61.96 -94.03 75.43
CA VAL QD 69 -61.81 -93.76 74.01
C VAL QD 69 -62.84 -92.71 73.65
N ILE QD 70 -62.44 -91.44 73.71
CA ILE QD 70 -63.35 -90.31 73.67
C ILE QD 70 -63.39 -89.76 72.25
N MET QD 71 -64.57 -89.79 71.65
CA MET QD 71 -64.73 -89.32 70.29
C MET QD 71 -65.12 -87.85 70.27
N PRO QD 72 -64.66 -87.10 69.29
CA PRO QD 72 -65.06 -85.70 69.17
C PRO QD 72 -66.54 -85.58 68.84
N ASN QD 73 -67.12 -84.49 69.31
CA ASN QD 73 -68.55 -84.25 69.19
C ASN QD 73 -68.87 -83.58 67.85
N GLU QD 74 -70.15 -83.39 67.58
CA GLU QD 74 -70.61 -82.82 66.32
C GLU QD 74 -71.64 -81.75 66.59
N ASN QD 75 -71.85 -80.89 65.59
CA ASN QD 75 -72.75 -79.76 65.71
C ASN QD 75 -74.16 -80.17 65.30
N GLN QD 76 -75.02 -80.39 66.30
CA GLN QD 76 -76.45 -80.62 66.05
C GLN QD 76 -77.20 -79.34 66.39
N SER QD 77 -77.59 -78.61 65.36
CA SER QD 77 -78.20 -77.30 65.52
C SER QD 77 -79.51 -77.23 64.78
N ILE QD 78 -80.50 -76.60 65.40
CA ILE QD 78 -81.78 -76.31 64.76
C ILE QD 78 -82.02 -74.82 64.88
N ARG QD 79 -82.12 -74.13 63.75
CA ARG QD 79 -82.34 -72.69 63.72
C ARG QD 79 -83.70 -72.39 63.11
N THR QD 80 -84.43 -71.48 63.75
CA THR QD 80 -85.77 -71.11 63.33
C THR QD 80 -85.93 -69.60 63.38
N VAL QD 81 -86.56 -69.03 62.35
CA VAL QD 81 -86.84 -67.61 62.30
C VAL QD 81 -88.33 -67.43 62.05
N ILE QD 82 -88.94 -66.49 62.77
CA ILE QD 82 -90.35 -66.16 62.62
C ILE QD 82 -90.44 -64.69 62.24
N SER QD 83 -91.13 -64.42 61.13
CA SER QD 83 -91.31 -63.06 60.67
C SER QD 83 -92.79 -62.80 60.42
N GLY QD 84 -93.27 -61.64 60.83
CA GLY QD 84 -94.65 -61.30 60.62
C GLY QD 84 -95.11 -60.06 61.37
N SER QD 85 -96.18 -59.44 60.89
CA SER QD 85 -96.71 -58.26 61.57
C SER QD 85 -97.30 -58.65 62.92
N ALA QD 86 -97.10 -57.76 63.90
CA ALA QD 86 -97.57 -58.05 65.25
C ALA QD 86 -99.09 -58.12 65.31
N GLU QD 87 -99.78 -57.28 64.55
CA GLU QD 87 -101.24 -57.30 64.56
C GLU QD 87 -101.79 -58.62 64.05
N ASN QD 88 -101.05 -59.29 63.18
CA ASN QD 88 -101.44 -60.61 62.70
C ASN QD 88 -100.87 -61.74 63.55
N LEU QD 89 -100.54 -61.47 64.81
CA LEU QD 89 -99.99 -62.50 65.67
C LEU QD 89 -100.98 -63.63 65.88
N ALA QD 90 -102.25 -63.30 66.10
CA ALA QD 90 -103.24 -64.33 66.40
C ALA QD 90 -103.30 -65.38 65.30
N THR QD 91 -103.30 -64.93 64.05
CA THR QD 91 -103.21 -65.87 62.94
C THR QD 91 -101.79 -66.39 62.74
N LEU QD 92 -100.78 -65.60 63.12
CA LEU QD 92 -99.40 -66.04 62.92
C LEU QD 92 -99.11 -67.32 63.69
N LYS QD 93 -99.66 -67.47 64.88
CA LYS QD 93 -99.46 -68.68 65.64
C LYS QD 93 -99.98 -69.90 64.89
N ALA QD 94 -100.95 -69.70 63.99
CA ALA QD 94 -101.52 -70.82 63.24
C ALA QD 94 -100.50 -71.43 62.29
N GLU QD 95 -99.79 -70.61 61.52
CA GLU QD 95 -98.80 -71.16 60.60
C GLU QD 95 -97.71 -71.91 61.35
N TRP QD 96 -97.24 -71.35 62.46
CA TRP QD 96 -96.20 -72.03 63.22
C TRP QD 96 -96.66 -73.39 63.69
N GLU QD 97 -97.91 -73.47 64.18
CA GLU QD 97 -98.48 -74.77 64.49
C GLU QD 97 -98.58 -75.62 63.24
N THR QD 98 -99.06 -75.05 62.14
CA THR QD 98 -99.13 -75.78 60.88
C THR QD 98 -97.73 -76.16 60.39
N HIS QD 99 -96.79 -75.21 60.47
CA HIS QD 99 -95.42 -75.49 60.04
C HIS QD 99 -94.82 -76.61 60.87
N LYS QD 100 -95.09 -76.62 62.18
CA LYS QD 100 -94.62 -77.71 63.03
C LYS QD 100 -95.13 -79.05 62.52
N ARG QD 101 -96.45 -79.16 62.32
CA ARG QD 101 -97.01 -80.40 61.80
C ARG QD 101 -96.52 -80.68 60.39
N ASN QD 102 -96.34 -79.63 59.60
CA ASN QD 102 -95.94 -79.81 58.21
C ASN QD 102 -94.55 -80.43 58.12
N VAL QD 103 -93.60 -79.89 58.87
CA VAL QD 103 -92.24 -80.42 58.80
C VAL QD 103 -92.15 -81.76 59.50
N ASP QD 104 -93.05 -82.01 60.46
CA ASP QD 104 -93.02 -83.27 61.18
C ASP QD 104 -93.24 -84.46 60.26
N THR QD 105 -94.19 -84.34 59.33
CA THR QD 105 -94.50 -85.45 58.45
C THR QD 105 -93.38 -85.72 57.45
N LEU QD 106 -92.42 -84.80 57.32
CA LEU QD 106 -91.25 -85.02 56.49
C LEU QD 106 -90.05 -85.51 57.30
N PHE QD 107 -89.71 -84.81 58.38
CA PHE QD 107 -88.51 -85.11 59.14
C PHE QD 107 -88.74 -86.17 60.20
N ALA QD 108 -89.65 -85.91 61.13
CA ALA QD 108 -89.83 -86.82 62.26
C ALA QD 108 -90.61 -88.06 61.85
N SER QD 109 -91.87 -87.89 61.45
CA SER QD 109 -92.66 -89.03 61.01
C SER QD 109 -92.13 -89.58 59.69
N GLY QD 110 -91.73 -88.71 58.78
CA GLY QD 110 -91.26 -89.11 57.48
C GLY QD 110 -89.83 -89.64 57.53
N ASN QD 111 -89.15 -89.50 56.40
CA ASN QD 111 -87.80 -90.02 56.24
C ASN QD 111 -86.88 -89.00 55.58
N ALA QD 112 -87.15 -87.72 55.79
CA ALA QD 112 -86.33 -86.69 55.19
C ALA QD 112 -85.01 -86.47 55.91
N GLY QD 113 -84.86 -87.00 57.13
CA GLY QD 113 -83.61 -86.85 57.84
C GLY QD 113 -82.46 -87.54 57.15
N LEU QD 114 -82.71 -88.73 56.59
CA LEU QD 114 -81.65 -89.44 55.89
C LEU QD 114 -81.19 -88.68 54.65
N GLY QD 115 -82.07 -87.89 54.05
CA GLY QD 115 -81.73 -87.14 52.86
C GLY QD 115 -82.65 -87.44 51.69
N PHE QD 116 -83.85 -87.95 51.98
CA PHE QD 116 -84.81 -88.33 50.96
C PHE QD 116 -86.01 -87.41 51.02
N LEU QD 117 -86.35 -86.80 49.89
CA LEU QD 117 -87.50 -85.92 49.78
C LEU QD 117 -88.63 -86.68 49.09
N ASP QD 118 -89.56 -87.20 49.87
CA ASP QD 118 -90.69 -87.90 49.30
C ASP QD 118 -91.68 -86.90 48.75
N PRO QD 119 -91.96 -86.89 47.45
CA PRO QD 119 -92.91 -85.93 46.88
C PRO QD 119 -94.37 -86.30 47.07
N THR QD 120 -94.67 -87.36 47.82
CA THR QD 120 -96.04 -87.76 48.09
C THR QD 120 -96.44 -87.54 49.53
N ALA QD 121 -95.68 -86.77 50.29
CA ALA QD 121 -96.00 -86.54 51.69
C ALA QD 121 -97.25 -85.67 51.81
N ALA QD 122 -97.98 -85.87 52.91
CA ALA QD 122 -99.18 -85.10 53.17
C ALA QD 122 -98.80 -83.73 53.73
N ILE QD 123 -99.06 -82.69 52.95
CA ILE QD 123 -98.76 -81.32 53.33
C ILE QD 123 -100.08 -80.56 53.44
N VAL QD 124 -100.34 -79.97 54.60
CA VAL QD 124 -101.62 -79.36 54.90
C VAL QD 124 -101.42 -77.87 55.16
N SER QD 125 -102.34 -77.06 54.67
CA SER QD 125 -102.21 -75.61 54.74
C SER QD 125 -102.68 -75.08 56.10
N SER QD 126 -102.38 -73.81 56.34
CA SER QD 126 -102.80 -73.18 57.58
C SER QD 126 -104.32 -73.07 57.66
N ASP QD 127 -104.96 -72.68 56.56
CA ASP QD 127 -106.40 -72.50 56.56
C ASP QD 127 -107.10 -73.85 56.46
N THR QD 128 -108.41 -73.82 56.68
CA THR QD 128 -109.22 -75.03 56.78
C THR QD 128 -110.48 -74.87 55.94
N THR QD 129 -111.05 -75.99 55.52
CA THR QD 129 -112.31 -76.00 54.79
C THR QD 129 -113.41 -75.30 55.57
N ALA RD 1 -14.05 -116.58 -93.98
CA ALA RD 1 -14.87 -115.64 -94.73
C ALA RD 1 -15.37 -114.53 -93.83
N ASN RD 2 -14.61 -113.45 -93.77
CA ASN RD 2 -14.95 -112.29 -92.95
C ASN RD 2 -14.70 -111.03 -93.74
N LYS RD 3 -15.39 -109.96 -93.36
CA LYS RD 3 -15.18 -108.68 -94.00
C LYS RD 3 -13.81 -108.15 -93.62
N PRO RD 4 -12.92 -107.92 -94.57
CA PRO RD 4 -11.58 -107.40 -94.24
C PRO RD 4 -11.65 -105.91 -93.99
N MET RD 5 -11.21 -105.48 -92.82
CA MET RD 5 -11.17 -104.06 -92.52
C MET RD 5 -10.16 -103.37 -93.43
N GLN RD 6 -10.43 -102.12 -93.72
CA GLN RD 6 -9.44 -101.36 -94.47
C GLN RD 6 -8.86 -100.26 -93.59
N PRO RD 7 -7.54 -100.03 -93.68
CA PRO RD 7 -6.92 -99.09 -92.75
C PRO RD 7 -7.46 -97.68 -92.92
N ILE RD 8 -7.61 -96.97 -91.81
CA ILE RD 8 -8.12 -95.61 -91.83
C ILE RD 8 -7.08 -94.58 -91.44
N THR RD 9 -6.11 -94.93 -90.61
CA THR RD 9 -4.98 -94.06 -90.30
C THR RD 9 -3.71 -94.89 -90.34
N SER RD 10 -2.75 -94.46 -91.16
CA SER RD 10 -1.52 -95.18 -91.37
C SER RD 10 -0.34 -94.34 -90.91
N THR RD 11 0.58 -94.99 -90.18
CA THR RD 11 1.77 -94.32 -89.68
C THR RD 11 2.86 -95.36 -89.53
N ALA RD 12 4.10 -94.88 -89.45
CA ALA RD 12 5.21 -95.80 -89.23
C ALA RD 12 5.14 -96.48 -87.88
N ASN RD 13 4.30 -96.01 -86.97
CA ASN RD 13 4.17 -96.56 -85.63
C ASN RD 13 2.81 -97.14 -85.34
N LYS RD 14 1.74 -96.55 -85.87
CA LYS RD 14 0.38 -96.99 -85.59
C LYS RD 14 -0.37 -97.21 -86.90
N ILE RD 15 -1.03 -98.37 -87.00
CA ILE RD 15 -1.97 -98.64 -88.08
C ILE RD 15 -3.27 -99.09 -87.43
N VAL RD 16 -4.38 -98.50 -87.87
CA VAL RD 16 -5.69 -98.82 -87.32
C VAL RD 16 -6.60 -99.26 -88.46
N TRP RD 17 -7.15 -100.45 -88.34
CA TRP RD 17 -8.16 -100.95 -89.25
C TRP RD 17 -9.53 -100.86 -88.60
N SER RD 18 -10.56 -100.76 -89.43
CA SER RD 18 -11.93 -100.72 -88.93
C SER RD 18 -12.88 -101.12 -90.05
N ASP RD 19 -13.94 -101.82 -89.66
CA ASP RD 19 -14.83 -102.42 -90.65
C ASP RD 19 -15.64 -101.33 -91.36
N PRO RD 20 -15.70 -101.34 -92.69
CA PRO RD 20 -16.46 -100.30 -93.39
C PRO RD 20 -17.94 -100.28 -93.05
N THR RD 21 -18.55 -101.44 -92.81
CA THR RD 21 -19.97 -101.45 -92.47
C THR RD 21 -20.19 -100.95 -91.05
N ARG RD 22 -19.39 -101.43 -90.10
CA ARG RD 22 -19.45 -101.00 -88.71
C ARG RD 22 -18.05 -100.51 -88.34
N LEU RD 23 -17.85 -99.20 -88.37
CA LEU RD 23 -16.54 -98.66 -88.03
C LEU RD 23 -16.26 -98.72 -86.55
N SER RD 24 -17.26 -99.02 -85.72
CA SER RD 24 -17.06 -99.08 -84.28
C SER RD 24 -16.03 -100.14 -83.92
N THR RD 25 -16.13 -101.31 -84.52
CA THR RD 25 -15.11 -102.33 -84.32
C THR RD 25 -13.82 -101.93 -84.99
N THR RD 26 -12.70 -102.18 -84.31
CA THR RD 26 -11.40 -101.73 -84.77
C THR RD 26 -10.34 -102.76 -84.43
N PHE RD 27 -9.20 -102.64 -85.10
CA PHE RD 27 -8.01 -103.41 -84.75
C PHE RD 27 -6.81 -102.47 -84.89
N SER RD 28 -6.17 -102.16 -83.78
CA SER RD 28 -5.06 -101.22 -83.76
C SER RD 28 -3.77 -101.95 -83.42
N ALA RD 29 -2.72 -101.67 -84.17
CA ALA RD 29 -1.40 -102.25 -83.94
C ALA RD 29 -0.40 -101.12 -83.81
N SER RD 30 0.42 -101.18 -82.76
CA SER RD 30 1.43 -100.17 -82.51
C SER RD 30 2.74 -100.84 -82.17
N LEU RD 31 3.85 -100.20 -82.55
CA LEU RD 31 5.18 -100.71 -82.28
C LEU RD 31 6.00 -99.63 -81.59
N LEU RD 32 6.77 -100.04 -80.59
CA LEU RD 32 7.69 -99.16 -79.89
C LEU RD 32 9.06 -99.79 -79.90
N ARG RD 33 10.02 -99.13 -80.55
CA ARG RD 33 11.35 -99.68 -80.74
C ARG RD 33 12.29 -99.14 -79.67
N GLN RD 34 13.06 -100.04 -79.07
CA GLN RD 34 13.90 -99.68 -77.94
C GLN RD 34 15.26 -100.34 -78.06
N ARG RD 35 16.25 -99.75 -77.40
CA ARG RD 35 17.60 -100.27 -77.34
C ARG RD 35 17.95 -100.57 -75.90
N VAL RD 36 18.46 -101.77 -75.65
CA VAL RD 36 18.69 -102.24 -74.28
C VAL RD 36 20.13 -102.72 -74.15
N LYS RD 37 20.75 -102.42 -73.02
CA LYS RD 37 22.10 -102.88 -72.71
C LYS RD 37 21.99 -104.08 -71.78
N VAL RD 38 22.26 -105.28 -72.30
CA VAL RD 38 22.21 -106.46 -71.45
C VAL RD 38 23.55 -107.20 -71.47
N GLY RD 39 23.95 -107.72 -72.61
CA GLY RD 39 25.21 -108.44 -72.70
C GLY RD 39 26.35 -107.57 -73.15
N ILE RD 40 26.56 -106.45 -72.46
CA ILE RD 40 27.46 -105.36 -72.86
C ILE RD 40 27.42 -105.19 -74.38
N ALA RD 41 26.24 -105.36 -74.96
CA ALA RD 41 26.07 -105.31 -76.40
C ALA RD 41 24.63 -104.91 -76.69
N GLU RD 42 24.43 -104.02 -77.64
CA GLU RD 42 23.11 -103.50 -77.92
C GLU RD 42 22.20 -104.58 -78.51
N LEU RD 43 20.96 -104.63 -78.04
CA LEU RD 43 19.94 -105.49 -78.62
C LEU RD 43 18.69 -104.68 -78.87
N ASN RD 44 18.16 -104.78 -80.08
CA ASN RD 44 16.99 -104.01 -80.46
C ASN RD 44 15.73 -104.68 -79.95
N ASN RD 45 14.97 -103.96 -79.14
CA ASN RD 45 13.77 -104.48 -78.50
C ASN RD 45 12.55 -103.78 -79.06
N VAL RD 46 11.50 -104.56 -79.34
CA VAL RD 46 10.27 -104.04 -79.91
C VAL RD 46 9.11 -104.49 -79.03
N SER RD 47 8.19 -103.57 -78.75
CA SER RD 47 6.98 -103.87 -78.00
C SER RD 47 5.79 -103.58 -78.89
N GLY RD 48 4.98 -104.59 -79.16
CA GLY RD 48 3.85 -104.46 -80.06
C GLY RD 48 2.54 -104.56 -79.31
N GLN RD 49 1.77 -103.47 -79.36
CA GLN RD 49 0.44 -103.42 -78.78
C GLN RD 49 -0.58 -103.71 -79.87
N TYR RD 50 -1.37 -104.76 -79.69
CA TYR RD 50 -2.40 -105.15 -80.64
C TYR RD 50 -3.73 -105.11 -79.90
N VAL RD 51 -4.58 -104.15 -80.26
CA VAL RD 51 -5.83 -103.90 -79.57
C VAL RD 51 -6.97 -104.19 -80.53
N SER RD 52 -7.86 -105.09 -80.14
CA SER RD 52 -9.07 -105.39 -80.89
C SER RD 52 -10.27 -104.98 -80.05
N VAL RD 53 -11.11 -104.11 -80.60
CA VAL RD 53 -12.24 -103.53 -79.87
C VAL RD 53 -13.51 -103.84 -80.64
N TYR RD 54 -14.53 -104.32 -79.93
CA TYR RD 54 -15.83 -104.55 -80.50
C TYR RD 54 -16.89 -103.94 -79.59
N LYS RD 55 -17.93 -103.40 -80.19
CA LYS RD 55 -19.06 -102.83 -79.47
C LYS RD 55 -20.24 -103.79 -79.59
N ARG RD 56 -20.67 -104.33 -78.45
CA ARG RD 56 -21.67 -105.39 -78.45
C ARG RD 56 -22.91 -104.95 -77.67
N PRO RD 57 -24.09 -105.06 -78.26
CA PRO RD 57 -25.31 -104.65 -77.56
C PRO RD 57 -25.60 -105.56 -76.37
N ALA RD 58 -26.68 -105.23 -75.67
CA ALA RD 58 -27.05 -105.95 -74.47
C ALA RD 58 -27.45 -107.39 -74.80
N PRO RD 59 -27.37 -108.30 -73.82
CA PRO RD 59 -27.79 -109.69 -74.07
C PRO RD 59 -29.25 -109.80 -74.50
N LYS RD 60 -30.07 -108.83 -74.11
CA LYS RD 60 -31.45 -108.68 -74.56
C LYS RD 60 -32.23 -109.93 -74.19
N PRO RD 61 -32.56 -110.09 -72.89
CA PRO RD 61 -32.84 -111.42 -72.30
C PRO RD 61 -32.93 -112.63 -73.22
N GLU RD 62 -34.08 -113.29 -73.23
CA GLU RD 62 -34.24 -114.59 -73.88
C GLU RD 62 -34.72 -114.47 -75.31
N GLY RD 63 -34.82 -113.26 -75.84
CA GLY RD 63 -35.53 -113.08 -77.10
C GLY RD 63 -36.67 -112.09 -77.01
N CYS RD 64 -36.51 -111.07 -76.18
CA CYS RD 64 -37.37 -109.90 -76.24
C CYS RD 64 -37.42 -109.41 -77.68
N ALA RD 65 -38.54 -109.64 -78.35
CA ALA RD 65 -38.68 -109.14 -79.71
C ALA RD 65 -38.75 -107.63 -79.67
N ASP RD 66 -37.60 -106.99 -79.87
CA ASP RD 66 -37.44 -105.58 -79.58
C ASP RD 66 -38.11 -104.68 -80.61
N ALA RD 67 -38.51 -105.24 -81.74
CA ALA RD 67 -38.99 -104.48 -82.90
C ALA RD 67 -37.90 -103.53 -83.40
N CYS RD 68 -36.67 -103.93 -83.08
CA CYS RD 68 -35.48 -103.23 -83.55
C CYS RD 68 -35.51 -101.75 -83.16
N VAL RD 69 -35.45 -101.48 -81.86
CA VAL RD 69 -35.14 -100.15 -81.35
C VAL RD 69 -33.90 -100.30 -80.47
N ILE RD 70 -32.81 -99.67 -80.89
CA ILE RD 70 -31.47 -99.99 -80.39
C ILE RD 70 -31.35 -99.79 -78.88
N MET RD 71 -30.58 -100.66 -78.24
CA MET RD 71 -30.37 -100.69 -76.80
C MET RD 71 -28.94 -100.26 -76.51
N PRO RD 72 -28.59 -99.90 -75.28
CA PRO RD 72 -27.23 -99.42 -75.02
C PRO RD 72 -26.19 -100.51 -75.27
N ASN RD 73 -25.01 -100.06 -75.66
CA ASN RD 73 -23.94 -100.90 -76.15
C ASN RD 73 -22.79 -100.92 -75.13
N GLU RD 74 -22.03 -102.02 -75.16
CA GLU RD 74 -20.95 -102.20 -74.21
C GLU RD 74 -19.71 -102.68 -74.95
N ASN RD 75 -18.55 -102.49 -74.31
CA ASN RD 75 -17.26 -102.64 -74.96
C ASN RD 75 -16.67 -104.02 -74.72
N GLN RD 76 -16.11 -104.61 -75.78
CA GLN RD 76 -15.33 -105.85 -75.69
C GLN RD 76 -13.96 -105.55 -76.26
N SER RD 77 -12.91 -105.72 -75.45
CA SER RD 77 -11.57 -105.36 -75.84
C SER RD 77 -10.61 -106.50 -75.56
N ILE RD 78 -9.57 -106.59 -76.39
CA ILE RD 78 -8.49 -107.56 -76.22
C ILE RD 78 -7.19 -106.84 -76.58
N ARG RD 79 -6.31 -106.67 -75.59
CA ARG RD 79 -5.01 -106.06 -75.82
C ARG RD 79 -3.92 -107.11 -75.62
N THR RD 80 -3.01 -107.17 -76.58
CA THR RD 80 -1.89 -108.10 -76.53
C THR RD 80 -0.60 -107.31 -76.70
N VAL RD 81 0.37 -107.58 -75.82
CA VAL RD 81 1.66 -106.90 -75.85
C VAL RD 81 2.74 -107.96 -76.02
N ILE RD 82 3.56 -107.80 -77.04
CA ILE RD 82 4.66 -108.71 -77.33
C ILE RD 82 5.94 -107.89 -77.23
N SER RD 83 6.73 -108.17 -76.21
CA SER RD 83 7.99 -107.47 -76.00
C SER RD 83 9.13 -108.47 -76.02
N GLY RD 84 10.15 -108.17 -76.80
CA GLY RD 84 11.32 -109.04 -76.88
C GLY RD 84 12.27 -108.52 -77.92
N SER RD 85 13.52 -108.94 -77.79
CA SER RD 85 14.55 -108.52 -78.73
C SER RD 85 14.29 -109.14 -80.10
N ALA RD 86 14.57 -108.37 -81.15
CA ALA RD 86 14.32 -108.84 -82.50
C ALA RD 86 15.32 -109.90 -82.95
N GLU RD 87 16.48 -109.97 -82.30
CA GLU RD 87 17.52 -110.90 -82.73
C GLU RD 87 17.11 -112.34 -82.48
N ASN RD 88 16.41 -112.62 -81.39
CA ASN RD 88 15.89 -113.95 -81.10
C ASN RD 88 14.39 -114.02 -81.41
N LEU RD 89 13.98 -113.37 -82.49
CA LEU RD 89 12.58 -113.40 -82.90
C LEU RD 89 12.09 -114.82 -83.16
N ALA RD 90 12.97 -115.68 -83.67
CA ALA RD 90 12.53 -117.03 -84.05
C ALA RD 90 11.97 -117.78 -82.86
N THR RD 91 12.65 -117.73 -81.72
CA THR RD 91 12.14 -118.39 -80.53
C THR RD 91 10.96 -117.63 -79.93
N LEU RD 92 10.88 -116.32 -80.19
CA LEU RD 92 9.74 -115.55 -79.69
C LEU RD 92 8.44 -116.00 -80.34
N LYS RD 93 8.49 -116.33 -81.63
CA LYS RD 93 7.29 -116.81 -82.30
C LYS RD 93 6.79 -118.10 -81.68
N ALA RD 94 7.71 -119.00 -81.34
CA ALA RD 94 7.31 -120.25 -80.68
C ALA RD 94 6.63 -119.96 -79.34
N GLU RD 95 7.03 -118.87 -78.69
CA GLU RD 95 6.38 -118.49 -77.44
C GLU RD 95 4.96 -118.02 -77.69
N TRP RD 96 4.75 -117.28 -78.78
CA TRP RD 96 3.43 -116.73 -79.05
C TRP RD 96 2.39 -117.83 -79.20
N GLU RD 97 2.73 -118.89 -79.93
CA GLU RD 97 1.77 -119.98 -80.08
C GLU RD 97 1.59 -120.74 -78.77
N THR RD 98 2.66 -120.88 -77.98
CA THR RD 98 2.53 -121.51 -76.68
C THR RD 98 1.65 -120.68 -75.75
N HIS RD 99 1.85 -119.36 -75.74
CA HIS RD 99 0.98 -118.49 -74.97
C HIS RD 99 -0.46 -118.60 -75.45
N LYS RD 100 -0.66 -118.84 -76.74
CA LYS RD 100 -2.01 -119.04 -77.26
C LYS RD 100 -2.64 -120.28 -76.64
N ARG RD 101 -1.90 -121.38 -76.57
CA ARG RD 101 -2.44 -122.60 -76.00
C ARG RD 101 -2.80 -122.43 -74.53
N ASN RD 102 -1.92 -121.77 -73.77
CA ASN RD 102 -2.17 -121.65 -72.34
C ASN RD 102 -3.43 -120.86 -72.06
N VAL RD 103 -3.63 -119.75 -72.78
CA VAL RD 103 -4.86 -118.98 -72.61
C VAL RD 103 -6.05 -119.78 -73.11
N ASP RD 104 -5.90 -120.45 -74.26
CA ASP RD 104 -7.01 -121.21 -74.81
C ASP RD 104 -7.42 -122.33 -73.87
N THR RD 105 -6.44 -123.07 -73.33
CA THR RD 105 -6.77 -124.17 -72.43
C THR RD 105 -7.28 -123.66 -71.11
N LEU RD 106 -7.12 -122.37 -70.83
CA LEU RD 106 -7.61 -121.81 -69.58
C LEU RD 106 -8.87 -120.97 -69.77
N PHE RD 107 -8.98 -120.25 -70.88
CA PHE RD 107 -10.10 -119.36 -71.12
C PHE RD 107 -11.09 -119.96 -72.12
N ALA RD 108 -10.62 -120.43 -73.26
CA ALA RD 108 -11.53 -121.01 -74.25
C ALA RD 108 -12.09 -122.35 -73.79
N SER RD 109 -11.20 -123.32 -73.57
CA SER RD 109 -11.65 -124.63 -73.11
C SER RD 109 -12.27 -124.54 -71.72
N GLY RD 110 -11.65 -123.79 -70.82
CA GLY RD 110 -12.16 -123.61 -69.49
C GLY RD 110 -13.21 -122.52 -69.43
N ASN RD 111 -13.55 -122.13 -68.21
CA ASN RD 111 -14.53 -121.07 -67.97
C ASN RD 111 -13.91 -119.90 -67.22
N ALA RD 112 -12.65 -119.59 -67.54
CA ALA RD 112 -11.99 -118.45 -66.91
C ALA RD 112 -12.67 -117.15 -67.26
N GLY RD 113 -13.28 -117.06 -68.45
CA GLY RD 113 -13.96 -115.84 -68.83
C GLY RD 113 -15.13 -115.53 -67.93
N LEU RD 114 -15.75 -116.55 -67.35
CA LEU RD 114 -16.85 -116.34 -66.43
C LEU RD 114 -16.39 -115.82 -65.07
N GLY RD 115 -15.10 -115.86 -64.79
CA GLY RD 115 -14.58 -115.45 -63.50
C GLY RD 115 -14.04 -116.56 -62.63
N PHE RD 116 -13.70 -117.71 -63.21
CA PHE RD 116 -13.30 -118.88 -62.45
C PHE RD 116 -11.85 -119.23 -62.74
N LEU RD 117 -11.13 -119.64 -61.70
CA LEU RD 117 -9.75 -120.09 -61.82
C LEU RD 117 -9.67 -121.58 -61.51
N ASP RD 118 -8.97 -122.31 -62.36
CA ASP RD 118 -8.87 -123.77 -62.22
C ASP RD 118 -7.41 -124.11 -61.99
N PRO RD 119 -6.99 -124.32 -60.74
CA PRO RD 119 -5.59 -124.67 -60.49
C PRO RD 119 -5.17 -125.99 -61.10
N THR RD 120 -6.12 -126.89 -61.34
CA THR RD 120 -5.81 -128.19 -61.91
C THR RD 120 -5.53 -128.12 -63.40
N ALA RD 121 -5.88 -127.02 -64.06
CA ALA RD 121 -5.70 -126.90 -65.50
C ALA RD 121 -4.25 -127.14 -65.88
N ALA RD 122 -4.05 -127.93 -66.93
CA ALA RD 122 -2.72 -128.38 -67.34
C ALA RD 122 -2.19 -127.46 -68.42
N ILE RD 123 -1.48 -126.42 -68.00
CA ILE RD 123 -0.81 -125.55 -68.96
C ILE RD 123 0.60 -126.06 -69.21
N VAL RD 124 1.13 -125.76 -70.39
CA VAL RD 124 2.35 -126.37 -70.88
C VAL RD 124 3.28 -125.26 -71.39
N SER RD 125 4.57 -125.47 -71.19
CA SER RD 125 5.59 -124.46 -71.47
C SER RD 125 6.06 -124.54 -72.92
N SER RD 126 6.84 -123.53 -73.31
CA SER RD 126 7.37 -123.51 -74.67
C SER RD 126 8.46 -124.57 -74.85
N ASP RD 127 9.27 -124.79 -73.82
CA ASP RD 127 10.36 -125.77 -73.92
C ASP RD 127 9.80 -127.16 -74.14
N THR RD 128 10.48 -127.92 -75.01
CA THR RD 128 10.05 -129.25 -75.40
C THR RD 128 10.99 -130.28 -74.80
N THR RD 129 10.43 -131.35 -74.23
CA THR RD 129 11.21 -132.43 -73.66
C THR RD 129 12.06 -133.11 -74.73
N ALA SD 1 25.77 -108.62 -104.26
CA ALA SD 1 24.36 -108.65 -103.91
C ALA SD 1 24.16 -108.15 -102.49
N ASN SD 2 24.16 -106.84 -102.32
CA ASN SD 2 23.99 -106.25 -101.01
C ASN SD 2 22.57 -106.46 -100.50
N LYS SD 3 22.43 -106.66 -99.20
CA LYS SD 3 21.10 -106.82 -98.61
C LYS SD 3 20.34 -105.50 -98.70
N PRO SD 4 19.13 -105.50 -99.21
CA PRO SD 4 18.35 -104.26 -99.26
C PRO SD 4 17.72 -103.95 -97.90
N MET SD 5 17.37 -102.70 -97.73
CA MET SD 5 16.67 -102.25 -96.53
C MET SD 5 15.20 -102.03 -96.83
N GLN SD 6 14.43 -101.79 -95.78
CA GLN SD 6 13.07 -101.32 -95.87
C GLN SD 6 12.87 -100.15 -94.92
N PRO SD 7 11.98 -99.21 -95.25
CA PRO SD 7 11.77 -98.06 -94.37
C PRO SD 7 11.25 -98.48 -93.02
N ILE SD 8 11.68 -97.76 -91.98
CA ILE SD 8 11.17 -97.93 -90.63
C ILE SD 8 10.29 -96.76 -90.23
N THR SD 9 10.82 -95.54 -90.30
CA THR SD 9 10.09 -94.36 -89.91
C THR SD 9 9.78 -93.53 -91.15
N SER SD 10 8.50 -93.31 -91.41
CA SER SD 10 8.05 -92.45 -92.50
C SER SD 10 7.56 -91.15 -91.91
N THR SD 11 8.08 -90.03 -92.42
CA THR SD 11 7.75 -88.72 -91.91
C THR SD 11 7.65 -87.77 -93.10
N ALA SD 12 7.05 -86.60 -92.87
CA ALA SD 12 6.90 -85.62 -93.93
C ALA SD 12 8.23 -85.20 -94.52
N ASN SD 13 9.32 -85.31 -93.78
CA ASN SD 13 10.62 -84.86 -94.25
C ASN SD 13 11.75 -85.85 -94.04
N LYS SD 14 11.56 -86.89 -93.23
CA LYS SD 14 12.63 -87.82 -92.91
C LYS SD 14 12.18 -89.26 -93.11
N ILE SD 15 12.97 -90.02 -93.84
CA ILE SD 15 12.73 -91.44 -94.06
C ILE SD 15 13.96 -92.20 -93.58
N VAL SD 16 13.74 -93.31 -92.89
CA VAL SD 16 14.83 -94.09 -92.31
C VAL SD 16 14.71 -95.53 -92.80
N TRP SD 17 15.78 -96.04 -93.38
CA TRP SD 17 15.88 -97.44 -93.79
C TRP SD 17 16.74 -98.20 -92.80
N SER SD 18 16.34 -99.44 -92.49
CA SER SD 18 17.11 -100.29 -91.60
C SER SD 18 17.09 -101.72 -92.12
N ASP SD 19 18.20 -102.41 -91.93
CA ASP SD 19 18.33 -103.77 -92.42
C ASP SD 19 17.59 -104.74 -91.50
N PRO SD 20 16.67 -105.55 -92.02
CA PRO SD 20 15.95 -106.48 -91.13
C PRO SD 20 16.86 -107.46 -90.40
N THR SD 21 17.91 -107.95 -91.07
CA THR SD 21 18.78 -108.93 -90.42
C THR SD 21 19.56 -108.30 -89.28
N ARG SD 22 20.06 -107.10 -89.48
CA ARG SD 22 20.81 -106.37 -88.45
C ARG SD 22 20.22 -104.97 -88.37
N LEU SD 23 19.46 -104.70 -87.31
CA LEU SD 23 18.78 -103.43 -87.17
C LEU SD 23 19.74 -102.28 -86.88
N SER SD 24 20.99 -102.57 -86.54
CA SER SD 24 21.95 -101.51 -86.24
C SER SD 24 22.22 -100.66 -87.48
N THR SD 25 22.37 -101.29 -88.63
CA THR SD 25 22.64 -100.55 -89.86
C THR SD 25 21.43 -99.73 -90.26
N THR SD 26 21.67 -98.44 -90.53
CA THR SD 26 20.59 -97.53 -90.91
C THR SD 26 21.09 -96.57 -91.97
N PHE SD 27 20.15 -96.00 -92.70
CA PHE SD 27 20.44 -94.94 -93.65
C PHE SD 27 19.24 -94.01 -93.69
N SER SD 28 19.41 -92.80 -93.18
CA SER SD 28 18.32 -91.85 -93.03
C SER SD 28 18.52 -90.65 -93.95
N ALA SD 29 17.43 -90.15 -94.50
CA ALA SD 29 17.45 -88.98 -95.36
C ALA SD 29 16.46 -87.95 -94.83
N SER SD 30 16.94 -86.73 -94.64
CA SER SD 30 16.10 -85.64 -94.16
C SER SD 30 16.22 -84.47 -95.12
N LEU SD 31 15.08 -83.80 -95.36
CA LEU SD 31 15.02 -82.73 -96.33
C LEU SD 31 14.38 -81.50 -95.70
N LEU SD 32 14.94 -80.34 -96.02
CA LEU SD 32 14.41 -79.05 -95.58
C LEU SD 32 14.31 -78.14 -96.78
N ARG SD 33 13.17 -77.48 -96.92
CA ARG SD 33 12.93 -76.55 -98.01
C ARG SD 33 12.57 -75.18 -97.44
N GLN SD 34 13.15 -74.14 -98.02
CA GLN SD 34 12.93 -72.78 -97.56
C GLN SD 34 12.59 -71.90 -98.76
N ARG SD 35 12.16 -70.68 -98.45
CA ARG SD 35 11.62 -69.76 -99.45
C ARG SD 35 12.60 -68.60 -99.49
N VAL SD 36 13.68 -68.73 -100.26
CA VAL SD 36 14.79 -67.79 -100.20
C VAL SD 36 14.69 -66.75 -101.31
N LYS SD 37 14.96 -65.50 -100.97
CA LYS SD 37 14.77 -64.37 -101.88
C LYS SD 37 16.14 -63.80 -102.26
N VAL SD 38 16.58 -64.11 -103.47
CA VAL SD 38 17.75 -63.48 -104.06
C VAL SD 38 17.31 -62.12 -104.59
N GLY SD 39 18.26 -61.21 -104.80
CA GLY SD 39 17.95 -59.92 -105.39
C GLY SD 39 17.09 -60.04 -106.63
N ILE SD 40 15.87 -59.51 -106.56
CA ILE SD 40 14.80 -59.59 -107.57
C ILE SD 40 14.78 -61.00 -108.17
N ALA SD 41 14.85 -62.01 -107.31
CA ALA SD 41 14.77 -63.40 -107.77
C ALA SD 41 14.36 -64.26 -106.59
N GLU SD 42 13.37 -65.12 -106.80
CA GLU SD 42 12.84 -65.98 -105.76
C GLU SD 42 13.24 -67.42 -106.07
N LEU SD 43 13.86 -68.08 -105.09
CA LEU SD 43 14.44 -69.40 -105.30
C LEU SD 43 13.93 -70.37 -104.24
N ASN SD 44 13.90 -71.65 -104.60
CA ASN SD 44 13.53 -72.73 -103.68
C ASN SD 44 14.80 -73.41 -103.20
N ASN SD 45 15.25 -73.06 -102.00
CA ASN SD 45 16.43 -73.68 -101.42
C ASN SD 45 16.04 -75.01 -100.79
N VAL SD 46 16.80 -76.05 -101.12
CA VAL SD 46 16.55 -77.39 -100.61
C VAL SD 46 17.82 -77.88 -99.93
N SER SD 47 17.70 -78.31 -98.68
CA SER SD 47 18.82 -78.85 -97.92
C SER SD 47 18.52 -80.29 -97.55
N GLY SD 48 19.24 -81.21 -98.17
CA GLY SD 48 19.05 -82.64 -97.94
C GLY SD 48 20.18 -83.19 -97.11
N GLN SD 49 19.81 -83.85 -96.01
CA GLN SD 49 20.76 -84.46 -95.09
C GLN SD 49 20.66 -85.97 -95.19
N TYR SD 50 21.79 -86.62 -95.43
CA TYR SD 50 21.85 -88.06 -95.62
C TYR SD 50 22.87 -88.63 -94.66
N VAL SD 51 22.46 -89.62 -93.87
CA VAL SD 51 23.29 -90.19 -92.82
C VAL SD 51 23.33 -91.70 -93.01
N SER SD 52 24.54 -92.26 -93.01
CA SER SD 52 24.74 -93.70 -93.04
C SER SD 52 25.42 -94.11 -91.74
N VAL SD 53 24.85 -95.10 -91.06
CA VAL SD 53 25.34 -95.52 -89.75
C VAL SD 53 25.57 -97.02 -89.77
N TYR SD 54 26.73 -97.45 -89.28
CA TYR SD 54 27.03 -98.86 -89.10
C TYR SD 54 27.70 -99.07 -87.76
N LYS SD 55 27.33 -100.15 -87.08
CA LYS SD 55 27.94 -100.53 -85.81
C LYS SD 55 28.88 -101.69 -86.11
N ARG SD 56 30.15 -101.38 -86.31
CA ARG SD 56 31.11 -102.38 -86.69
C ARG SD 56 31.90 -102.86 -85.48
N PRO SD 57 32.23 -104.13 -85.38
CA PRO SD 57 33.03 -104.61 -84.25
C PRO SD 57 34.48 -104.15 -84.36
N ALA SD 58 35.17 -104.20 -83.23
CA ALA SD 58 36.56 -103.80 -83.17
C ALA SD 58 37.43 -104.80 -83.92
N PRO SD 59 38.67 -104.41 -84.30
CA PRO SD 59 39.45 -105.21 -85.26
C PRO SD 59 39.64 -106.68 -84.95
N LYS SD 60 39.35 -107.13 -83.71
CA LYS SD 60 39.53 -108.53 -83.35
C LYS SD 60 40.96 -108.97 -83.66
N PRO SD 61 41.93 -108.60 -82.80
CA PRO SD 61 43.35 -108.76 -83.11
C PRO SD 61 43.73 -110.05 -83.83
N GLU SD 62 44.67 -109.92 -84.77
CA GLU SD 62 44.99 -111.00 -85.70
C GLU SD 62 45.28 -112.31 -84.97
N GLY SD 63 44.99 -113.41 -85.65
CA GLY SD 63 45.17 -114.73 -85.10
C GLY SD 63 43.94 -115.31 -84.44
N CYS SD 64 42.92 -114.48 -84.19
CA CYS SD 64 41.75 -114.97 -83.46
C CYS SD 64 40.96 -115.93 -84.34
N ALA SD 65 41.23 -117.22 -84.21
CA ALA SD 65 40.48 -118.26 -84.88
C ALA SD 65 39.29 -118.73 -84.05
N ASP SD 66 39.07 -118.11 -82.90
CA ASP SD 66 37.89 -118.45 -82.08
C ASP SD 66 36.62 -118.16 -82.84
N ALA SD 67 36.58 -117.03 -83.56
CA ALA SD 67 35.43 -116.61 -84.35
C ALA SD 67 34.21 -116.33 -83.48
N CYS SD 68 34.34 -116.54 -82.18
CA CYS SD 68 33.29 -116.16 -81.25
C CYS SD 68 33.87 -115.56 -79.97
N VAL SD 69 34.89 -114.72 -80.12
CA VAL SD 69 35.31 -113.82 -79.06
C VAL SD 69 34.78 -112.44 -79.46
N ILE SD 70 34.00 -111.83 -78.57
CA ILE SD 70 33.14 -110.72 -78.93
C ILE SD 70 33.70 -109.46 -78.29
N MET SD 71 34.21 -108.57 -79.11
CA MET SD 71 34.61 -107.25 -78.68
C MET SD 71 33.59 -106.22 -79.15
N PRO SD 72 33.39 -105.15 -78.38
CA PRO SD 72 32.24 -104.26 -78.63
C PRO SD 72 32.39 -103.48 -79.92
N ASN SD 73 31.27 -102.96 -80.38
CA ASN SD 73 31.16 -102.24 -81.64
C ASN SD 73 31.56 -100.79 -81.46
N GLU SD 74 31.86 -100.13 -82.59
CA GLU SD 74 32.09 -98.71 -82.63
C GLU SD 74 31.35 -98.11 -83.81
N ASN SD 75 31.06 -96.80 -83.70
CA ASN SD 75 30.28 -96.12 -84.73
C ASN SD 75 31.09 -95.97 -86.02
N GLN SD 76 30.37 -95.97 -87.14
CA GLN SD 76 30.94 -95.67 -88.44
C GLN SD 76 29.89 -94.86 -89.19
N SER SD 77 29.98 -93.53 -89.09
CA SER SD 77 28.95 -92.65 -89.60
C SER SD 77 29.48 -91.85 -90.78
N ILE SD 78 28.60 -91.61 -91.75
CA ILE SD 78 28.90 -90.80 -92.92
C ILE SD 78 27.71 -89.90 -93.15
N ARG SD 79 27.89 -88.60 -92.92
CA ARG SD 79 26.83 -87.61 -93.11
C ARG SD 79 27.19 -86.69 -94.24
N THR SD 80 26.29 -86.52 -95.20
CA THR SD 80 26.45 -85.58 -96.30
C THR SD 80 25.23 -84.68 -96.35
N VAL SD 81 25.47 -83.38 -96.54
CA VAL SD 81 24.40 -82.41 -96.68
C VAL SD 81 24.55 -81.75 -98.05
N ILE SD 82 23.47 -81.72 -98.81
CA ILE SD 82 23.46 -81.12 -100.13
C ILE SD 82 22.53 -79.93 -100.08
N SER SD 83 23.06 -78.74 -100.33
CA SER SD 83 22.29 -77.51 -100.26
C SER SD 83 22.36 -76.79 -101.60
N GLY SD 84 21.26 -76.15 -101.96
CA GLY SD 84 21.21 -75.40 -103.20
C GLY SD 84 19.78 -75.22 -103.66
N SER SD 85 19.62 -74.36 -104.65
CA SER SD 85 18.30 -74.10 -105.21
C SER SD 85 17.89 -75.25 -106.12
N ALA SD 86 16.61 -75.59 -106.09
CA ALA SD 86 16.11 -76.66 -106.95
C ALA SD 86 16.14 -76.27 -108.42
N GLU SD 87 16.29 -74.99 -108.73
CA GLU SD 87 16.22 -74.55 -110.11
C GLU SD 87 17.47 -74.93 -110.90
N ASN SD 88 18.65 -74.81 -110.29
CA ASN SD 88 19.91 -75.19 -110.93
C ASN SD 88 20.38 -76.56 -110.49
N LEU SD 89 19.45 -77.48 -110.22
CA LEU SD 89 19.86 -78.81 -109.78
C LEU SD 89 20.69 -79.52 -110.84
N ALA SD 90 20.45 -79.20 -112.12
CA ALA SD 90 21.17 -79.88 -113.20
C ALA SD 90 22.67 -79.66 -113.07
N THR SD 91 23.10 -78.43 -112.84
CA THR SD 91 24.52 -78.18 -112.63
C THR SD 91 24.96 -78.63 -111.25
N LEU SD 92 24.03 -78.65 -110.29
CA LEU SD 92 24.40 -79.08 -108.94
C LEU SD 92 24.68 -80.58 -108.92
N LYS SD 93 23.98 -81.35 -109.74
CA LYS SD 93 24.26 -82.79 -109.82
C LYS SD 93 25.69 -83.04 -110.28
N ALA SD 94 26.13 -82.31 -111.31
CA ALA SD 94 27.48 -82.49 -111.81
C ALA SD 94 28.51 -82.11 -110.76
N GLU SD 95 28.26 -81.02 -110.04
CA GLU SD 95 29.19 -80.60 -109.00
C GLU SD 95 29.23 -81.62 -107.88
N TRP SD 96 28.11 -82.32 -107.64
CA TRP SD 96 28.12 -83.40 -106.66
C TRP SD 96 29.05 -84.53 -107.10
N GLU SD 97 29.06 -84.84 -108.39
CA GLU SD 97 29.93 -85.89 -108.89
C GLU SD 97 31.40 -85.55 -108.63
N THR SD 98 31.77 -84.29 -108.87
CA THR SD 98 33.15 -83.88 -108.63
C THR SD 98 33.51 -84.01 -107.15
N HIS SD 99 32.57 -83.67 -106.28
CA HIS SD 99 32.82 -83.84 -104.85
C HIS SD 99 33.14 -85.28 -104.52
N LYS SD 100 32.48 -86.23 -105.17
CA LYS SD 100 32.84 -87.62 -105.02
C LYS SD 100 34.26 -87.87 -105.51
N ARG SD 101 34.62 -87.29 -106.65
CA ARG SD 101 35.96 -87.48 -107.19
C ARG SD 101 37.02 -86.93 -106.25
N ASN SD 102 36.80 -85.73 -105.73
CA ASN SD 102 37.79 -85.10 -104.87
C ASN SD 102 37.99 -85.88 -103.58
N VAL SD 103 36.90 -86.33 -102.97
CA VAL SD 103 37.02 -87.11 -101.74
C VAL SD 103 37.73 -88.43 -102.03
N ASP SD 104 37.36 -89.09 -103.12
CA ASP SD 104 37.95 -90.39 -103.44
C ASP SD 104 39.45 -90.28 -103.63
N THR SD 105 39.89 -89.29 -104.41
CA THR SD 105 41.33 -89.15 -104.65
C THR SD 105 42.07 -88.68 -103.42
N LEU SD 106 41.34 -88.19 -102.42
CA LEU SD 106 41.97 -87.71 -101.20
C LEU SD 106 41.81 -88.68 -100.04
N PHE SD 107 40.73 -89.46 -100.01
CA PHE SD 107 40.47 -90.38 -98.91
C PHE SD 107 40.46 -91.83 -99.36
N ALA SD 108 39.70 -92.16 -100.41
CA ALA SD 108 39.62 -93.54 -100.85
C ALA SD 108 40.97 -94.04 -101.36
N SER SD 109 41.70 -93.20 -102.09
CA SER SD 109 43.00 -93.59 -102.60
C SER SD 109 44.15 -93.01 -101.78
N GLY SD 110 43.89 -92.07 -100.88
CA GLY SD 110 44.91 -91.46 -100.08
C GLY SD 110 44.94 -92.01 -98.67
N ASN SD 111 45.61 -91.27 -97.78
CA ASN SD 111 45.73 -91.66 -96.38
C ASN SD 111 44.98 -90.72 -95.46
N ALA SD 112 43.99 -89.99 -95.98
CA ALA SD 112 43.24 -89.06 -95.14
C ALA SD 112 42.51 -89.79 -94.02
N GLY SD 113 41.95 -90.96 -94.33
CA GLY SD 113 41.24 -91.71 -93.31
C GLY SD 113 42.14 -92.10 -92.15
N LEU SD 114 43.39 -92.46 -92.45
CA LEU SD 114 44.34 -92.77 -91.39
C LEU SD 114 44.71 -91.55 -90.57
N GLY SD 115 44.44 -90.35 -91.07
CA GLY SD 115 44.74 -89.14 -90.35
C GLY SD 115 45.81 -88.27 -90.97
N PHE SD 116 46.25 -88.57 -92.19
CA PHE SD 116 47.33 -87.84 -92.84
C PHE SD 116 46.76 -86.99 -93.97
N LEU SD 117 47.10 -85.71 -93.99
CA LEU SD 117 46.74 -84.87 -95.11
C LEU SD 117 47.73 -85.07 -96.25
N ASP SD 118 47.49 -84.38 -97.37
CA ASP SD 118 48.35 -84.50 -98.54
C ASP SD 118 48.21 -83.23 -99.37
N PRO SD 119 49.08 -82.25 -99.15
CA PRO SD 119 48.94 -80.97 -99.86
C PRO SD 119 49.14 -81.07 -101.36
N THR SD 120 49.77 -82.13 -101.85
CA THR SD 120 50.07 -82.24 -103.27
C THR SD 120 49.07 -83.12 -104.03
N ALA SD 121 47.98 -83.51 -103.39
CA ALA SD 121 46.99 -84.34 -104.06
C ALA SD 121 46.32 -83.58 -105.20
N ALA SD 122 45.89 -84.30 -106.21
CA ALA SD 122 45.28 -83.71 -107.40
C ALA SD 122 43.78 -83.53 -107.17
N ILE SD 123 43.35 -82.26 -107.13
CA ILE SD 123 41.96 -81.90 -106.88
C ILE SD 123 41.45 -81.12 -108.09
N VAL SD 124 40.34 -81.55 -108.66
CA VAL SD 124 39.82 -81.01 -109.91
C VAL SD 124 38.49 -80.32 -109.66
N SER SD 125 38.17 -79.32 -110.49
CA SER SD 125 36.96 -78.55 -110.33
C SER SD 125 35.80 -79.16 -111.12
N SER SD 126 34.62 -78.54 -110.96
CA SER SD 126 33.44 -78.97 -111.69
C SER SD 126 33.53 -78.58 -113.17
N ASP SD 127 33.91 -77.33 -113.44
CA ASP SD 127 33.96 -76.85 -114.82
C ASP SD 127 35.06 -77.57 -115.59
N THR SD 128 34.87 -77.67 -116.90
CA THR SD 128 35.78 -78.43 -117.74
C THR SD 128 35.81 -77.83 -119.14
N THR SD 129 37.01 -77.65 -119.66
CA THR SD 129 37.18 -77.21 -121.04
C THR SD 129 37.73 -78.34 -121.90
N ALA TD 1 -1.26 -86.22 -121.90
CA ALA TD 1 -1.10 -86.71 -120.54
C ALA TD 1 -0.72 -85.59 -119.59
N ASN TD 2 -1.16 -85.70 -118.34
CA ASN TD 2 -0.90 -84.69 -117.33
C ASN TD 2 0.18 -85.19 -116.39
N LYS TD 3 1.17 -84.34 -116.12
CA LYS TD 3 2.27 -84.73 -115.25
C LYS TD 3 1.77 -84.95 -113.84
N PRO TD 4 2.07 -86.08 -113.22
CA PRO TD 4 1.61 -86.33 -111.85
C PRO TD 4 2.43 -85.57 -110.83
N MET TD 5 1.86 -85.44 -109.63
CA MET TD 5 2.61 -84.90 -108.51
C MET TD 5 3.19 -86.03 -107.68
N GLN TD 6 3.97 -85.66 -106.68
CA GLN TD 6 4.45 -86.57 -105.65
C GLN TD 6 4.19 -85.96 -104.29
N PRO TD 7 3.94 -86.80 -103.28
CA PRO TD 7 3.66 -86.26 -101.95
C PRO TD 7 4.86 -85.53 -101.37
N ILE TD 8 4.57 -84.51 -100.57
CA ILE TD 8 5.60 -83.74 -99.90
C ILE TD 8 5.49 -83.92 -98.40
N THR TD 9 4.37 -83.50 -97.84
CA THR TD 9 4.11 -83.58 -96.41
C THR TD 9 3.09 -84.68 -96.17
N SER TD 10 3.57 -85.86 -95.81
CA SER TD 10 2.71 -86.99 -95.53
C SER TD 10 2.44 -87.07 -94.04
N THR TD 11 1.16 -87.17 -93.68
CA THR TD 11 0.74 -87.19 -92.29
C THR TD 11 -0.54 -88.01 -92.20
N ALA TD 12 -0.85 -88.48 -91.00
CA ALA TD 12 -2.06 -89.27 -90.80
C ALA TD 12 -3.33 -88.49 -91.12
N ASN TD 13 -3.25 -87.16 -91.19
CA ASN TD 13 -4.42 -86.33 -91.46
C ASN TD 13 -4.30 -85.49 -92.71
N LYS TD 14 -3.10 -85.01 -93.04
CA LYS TD 14 -2.90 -84.12 -94.17
C LYS TD 14 -1.81 -84.67 -95.07
N ILE TD 15 -2.09 -84.70 -96.38
CA ILE TD 15 -1.11 -85.08 -97.38
C ILE TD 15 -1.07 -83.99 -98.44
N VAL TD 16 0.13 -83.53 -98.76
CA VAL TD 16 0.32 -82.46 -99.73
C VAL TD 16 1.16 -82.97 -100.89
N TRP TD 17 0.66 -82.81 -102.10
CA TRP TD 17 1.41 -83.13 -103.30
C TRP TD 17 1.92 -81.84 -103.94
N SER TD 18 2.94 -81.97 -104.78
CA SER TD 18 3.44 -80.85 -105.56
C SER TD 18 4.08 -81.39 -106.83
N ASP TD 19 4.05 -80.58 -107.87
CA ASP TD 19 4.54 -81.01 -109.17
C ASP TD 19 6.05 -80.86 -109.24
N PRO TD 20 6.78 -81.91 -109.62
CA PRO TD 20 8.25 -81.77 -109.72
C PRO TD 20 8.69 -80.69 -110.70
N THR TD 21 8.01 -80.57 -111.84
CA THR TD 21 8.44 -79.59 -112.84
C THR TD 21 8.17 -78.17 -112.36
N ARG TD 22 7.08 -77.97 -111.63
CA ARG TD 22 6.71 -76.65 -111.11
C ARG TD 22 6.37 -76.80 -109.64
N LEU TD 23 7.32 -76.47 -108.77
CA LEU TD 23 7.12 -76.66 -107.34
C LEU TD 23 6.01 -75.78 -106.79
N SER TD 24 5.63 -74.73 -107.51
CA SER TD 24 4.61 -73.82 -107.00
C SER TD 24 3.25 -74.50 -106.90
N THR TD 25 2.91 -75.34 -107.87
CA THR TD 25 1.58 -75.94 -107.93
C THR TD 25 1.47 -77.07 -106.91
N THR TD 26 0.46 -77.02 -106.07
CA THR TD 26 0.26 -78.02 -105.04
C THR TD 26 -1.21 -78.44 -104.99
N PHE TD 27 -1.44 -79.65 -104.49
CA PHE TD 27 -2.77 -80.15 -104.18
C PHE TD 27 -2.71 -80.86 -102.84
N SER TD 28 -3.39 -80.31 -101.85
CA SER TD 28 -3.36 -80.86 -100.50
C SER TD 28 -4.74 -81.39 -100.13
N ALA TD 29 -4.74 -82.46 -99.34
CA ALA TD 29 -5.98 -83.11 -98.92
C ALA TD 29 -5.88 -83.43 -97.44
N SER TD 30 -6.54 -82.64 -96.61
CA SER TD 30 -6.58 -82.86 -95.17
C SER TD 30 -8.02 -83.07 -94.76
N LEU TD 31 -8.24 -84.03 -93.88
CA LEU TD 31 -9.59 -84.41 -93.48
C LEU TD 31 -9.64 -84.59 -91.96
N LEU TD 32 -10.82 -84.39 -91.39
CA LEU TD 32 -11.05 -84.52 -89.97
C LEU TD 32 -12.15 -85.55 -89.74
N ARG TD 33 -11.88 -86.53 -88.89
CA ARG TD 33 -12.86 -87.52 -88.49
C ARG TD 33 -13.31 -87.23 -87.06
N GLN TD 34 -14.61 -87.36 -86.81
CA GLN TD 34 -15.17 -86.88 -85.56
C GLN TD 34 -16.33 -87.78 -85.16
N ARG TD 35 -16.56 -87.87 -83.86
CA ARG TD 35 -17.71 -88.57 -83.31
C ARG TD 35 -18.90 -87.61 -83.30
N VAL TD 36 -19.97 -87.99 -83.99
CA VAL TD 36 -21.18 -87.16 -84.04
C VAL TD 36 -22.35 -87.97 -83.50
N LYS TD 37 -23.09 -87.37 -82.58
CA LYS TD 37 -24.18 -88.03 -81.88
C LYS TD 37 -25.52 -87.50 -82.37
N VAL TD 38 -26.46 -88.41 -82.61
CA VAL TD 38 -27.80 -88.07 -83.04
C VAL TD 38 -28.79 -88.78 -82.12
N GLY TD 39 -30.07 -88.76 -82.47
CA GLY TD 39 -31.12 -89.18 -81.57
C GLY TD 39 -31.11 -90.66 -81.26
N ILE TD 40 -30.14 -91.06 -80.44
CA ILE TD 40 -29.90 -92.33 -79.75
C ILE TD 40 -28.90 -93.13 -80.59
N ALA TD 41 -28.49 -92.56 -81.72
CA ALA TD 41 -27.54 -93.24 -82.60
C ALA TD 41 -26.24 -92.46 -82.66
N GLU TD 42 -25.15 -93.17 -82.92
CA GLU TD 42 -23.84 -92.58 -83.08
C GLU TD 42 -23.42 -92.73 -84.54
N LEU TD 43 -23.15 -91.60 -85.18
CA LEU TD 43 -22.76 -91.57 -86.58
C LEU TD 43 -21.31 -91.16 -86.69
N ASN TD 44 -20.74 -91.38 -87.87
CA ASN TD 44 -19.31 -91.25 -88.06
C ASN TD 44 -19.03 -90.11 -89.03
N ASN TD 45 -18.80 -88.92 -88.50
CA ASN TD 45 -18.63 -87.73 -89.32
C ASN TD 45 -17.18 -87.64 -89.78
N VAL TD 46 -17.01 -87.39 -91.08
CA VAL TD 46 -15.70 -87.15 -91.67
C VAL TD 46 -15.83 -85.91 -92.55
N SER TD 47 -14.84 -85.02 -92.48
CA SER TD 47 -14.88 -83.75 -93.20
C SER TD 47 -13.58 -83.60 -93.96
N GLY TD 48 -13.57 -84.02 -95.22
CA GLY TD 48 -12.38 -83.91 -96.04
C GLY TD 48 -12.31 -82.58 -96.77
N GLN TD 49 -11.16 -81.94 -96.66
CA GLN TD 49 -10.92 -80.63 -97.27
C GLN TD 49 -9.81 -80.77 -98.29
N TYR TD 50 -10.10 -80.41 -99.54
CA TYR TD 50 -9.15 -80.52 -100.64
C TYR TD 50 -8.90 -79.14 -101.22
N VAL TD 51 -7.63 -78.77 -101.34
CA VAL TD 51 -7.24 -77.45 -101.81
C VAL TD 51 -6.29 -77.64 -102.99
N SER TD 52 -6.63 -77.02 -104.12
CA SER TD 52 -5.78 -77.03 -105.30
C SER TD 52 -5.45 -75.60 -105.66
N VAL TD 53 -4.16 -75.31 -105.84
CA VAL TD 53 -3.71 -73.96 -106.13
C VAL TD 53 -2.82 -73.97 -107.37
N TYR TD 54 -2.66 -72.79 -107.97
CA TYR TD 54 -1.77 -72.61 -109.10
C TYR TD 54 -1.25 -71.19 -109.09
N LYS TD 55 0.03 -71.04 -109.39
CA LYS TD 55 0.66 -69.72 -109.49
C LYS TD 55 0.66 -69.25 -110.95
N ARG TD 56 -0.53 -69.02 -111.46
CA ARG TD 56 -0.68 -68.63 -112.86
C ARG TD 56 -0.08 -67.26 -113.08
N PRO TD 57 0.82 -67.10 -114.05
CA PRO TD 57 1.35 -65.76 -114.33
C PRO TD 57 0.27 -64.86 -114.88
N ALA TD 58 0.43 -63.56 -114.64
CA ALA TD 58 -0.53 -62.59 -115.11
C ALA TD 58 -0.60 -62.60 -116.63
N PRO TD 59 -1.77 -62.35 -117.20
CA PRO TD 59 -1.90 -62.39 -118.67
C PRO TD 59 -1.03 -61.32 -119.32
N LYS TD 60 -0.42 -61.70 -120.43
CA LYS TD 60 0.48 -60.79 -121.12
C LYS TD 60 -0.32 -59.74 -121.88
N PRO TD 61 -0.07 -58.46 -121.65
CA PRO TD 61 -0.68 -57.42 -122.48
C PRO TD 61 -0.17 -57.53 -123.91
N GLU TD 62 -1.07 -57.72 -124.86
CA GLU TD 62 -0.69 -58.04 -126.23
C GLU TD 62 0.11 -56.88 -126.82
N GLY TD 63 0.90 -57.19 -127.85
CA GLY TD 63 1.75 -56.19 -128.46
C GLY TD 63 3.18 -56.15 -127.96
N CYS TD 64 3.68 -57.26 -127.41
CA CYS TD 64 5.08 -57.34 -127.05
C CYS TD 64 5.58 -58.77 -127.06
N ALA TD 65 6.55 -59.07 -127.94
CA ALA TD 65 7.24 -60.35 -127.89
C ALA TD 65 8.41 -60.22 -126.93
N ASP TD 66 8.11 -59.75 -125.72
CA ASP TD 66 9.13 -59.36 -124.75
C ASP TD 66 10.00 -60.54 -124.38
N ALA TD 67 11.31 -60.33 -124.39
CA ALA TD 67 12.24 -61.41 -124.08
C ALA TD 67 12.14 -61.82 -122.62
N CYS TD 68 12.25 -60.85 -121.69
CA CYS TD 68 12.23 -61.18 -120.26
C CYS TD 68 11.43 -60.20 -119.41
N VAL TD 69 10.48 -59.48 -119.98
CA VAL TD 69 9.53 -58.77 -119.13
C VAL TD 69 8.63 -59.80 -118.46
N ILE TD 70 8.90 -60.08 -117.19
CA ILE TD 70 8.26 -61.17 -116.45
C ILE TD 70 7.30 -60.57 -115.43
N MET TD 71 6.04 -60.95 -115.53
CA MET TD 71 4.99 -60.35 -114.72
C MET TD 71 4.61 -61.27 -113.56
N PRO TD 72 4.35 -60.69 -112.38
CA PRO TD 72 4.10 -61.53 -111.21
C PRO TD 72 2.85 -62.38 -111.37
N ASN TD 73 2.91 -63.58 -110.81
CA ASN TD 73 1.84 -64.56 -110.91
C ASN TD 73 0.72 -64.24 -109.93
N GLU TD 74 -0.46 -64.78 -110.21
CA GLU TD 74 -1.66 -64.58 -109.42
C GLU TD 74 -2.02 -65.86 -108.68
N ASN TD 75 -3.17 -65.82 -108.01
CA ASN TD 75 -3.66 -66.96 -107.24
C ASN TD 75 -4.81 -67.61 -107.99
N GLN TD 76 -4.73 -68.92 -108.16
CA GLN TD 76 -5.82 -69.71 -108.76
C GLN TD 76 -6.09 -70.86 -107.80
N SER TD 77 -6.96 -70.63 -106.83
CA SER TD 77 -7.19 -71.58 -105.73
C SER TD 77 -8.59 -72.16 -105.85
N ILE TD 78 -8.68 -73.48 -105.71
CA ILE TD 78 -9.95 -74.19 -105.68
C ILE TD 78 -9.98 -75.03 -104.42
N ARG TD 79 -10.89 -74.72 -103.51
CA ARG TD 79 -10.98 -75.40 -102.23
C ARG TD 79 -12.33 -76.10 -102.12
N THR TD 80 -12.31 -77.36 -101.71
CA THR TD 80 -13.52 -78.16 -101.59
C THR TD 80 -13.50 -78.90 -100.27
N VAL TD 81 -14.59 -78.81 -99.52
CA VAL TD 81 -14.76 -79.57 -98.29
C VAL TD 81 -16.02 -80.42 -98.42
N ILE TD 82 -15.93 -81.67 -98.00
CA ILE TD 82 -17.04 -82.60 -98.05
C ILE TD 82 -17.26 -83.15 -96.65
N SER TD 83 -18.48 -83.05 -96.16
CA SER TD 83 -18.81 -83.49 -94.82
C SER TD 83 -20.01 -84.42 -94.85
N GLY TD 84 -20.03 -85.36 -93.92
CA GLY TD 84 -21.14 -86.29 -93.83
C GLY TD 84 -20.74 -87.54 -93.06
N SER TD 85 -21.75 -88.35 -92.78
CA SER TD 85 -21.54 -89.59 -92.06
C SER TD 85 -20.85 -90.61 -92.94
N ALA TD 86 -19.90 -91.35 -92.35
CA ALA TD 86 -19.21 -92.39 -93.10
C ALA TD 86 -20.16 -93.51 -93.49
N GLU TD 87 -21.19 -93.75 -92.69
CA GLU TD 87 -22.16 -94.80 -92.98
C GLU TD 87 -23.02 -94.49 -94.18
N ASN TD 88 -22.98 -93.27 -94.70
CA ASN TD 88 -23.79 -92.86 -95.84
C ASN TD 88 -22.95 -92.40 -97.02
N LEU TD 89 -21.70 -92.83 -97.12
CA LEU TD 89 -20.89 -92.38 -98.25
C LEU TD 89 -21.43 -92.92 -99.57
N ALA TD 90 -22.11 -94.06 -99.53
CA ALA TD 90 -22.69 -94.62 -100.76
C ALA TD 90 -23.64 -93.63 -101.40
N THR TD 91 -24.56 -93.07 -100.60
CA THR TD 91 -25.42 -92.01 -101.12
C THR TD 91 -24.69 -90.67 -101.17
N LEU TD 92 -23.70 -90.47 -100.29
CA LEU TD 92 -23.00 -89.20 -100.26
C LEU TD 92 -22.27 -88.92 -101.56
N LYS TD 93 -21.80 -89.98 -102.23
CA LYS TD 93 -21.17 -89.80 -103.53
C LYS TD 93 -22.16 -89.29 -104.57
N ALA TD 94 -23.46 -89.54 -104.35
CA ALA TD 94 -24.45 -89.18 -105.37
C ALA TD 94 -24.52 -87.67 -105.57
N GLU TD 95 -24.71 -86.91 -104.48
CA GLU TD 95 -24.81 -85.46 -104.66
C GLU TD 95 -23.46 -84.87 -105.03
N TRP TD 96 -22.36 -85.49 -104.62
CA TRP TD 96 -21.05 -85.08 -105.11
C TRP TD 96 -21.03 -85.09 -106.63
N GLU TD 97 -21.64 -86.11 -107.23
CA GLU TD 97 -21.76 -86.12 -108.69
C GLU TD 97 -22.62 -84.96 -109.16
N THR TD 98 -23.78 -84.76 -108.53
CA THR TD 98 -24.66 -83.68 -108.97
C THR TD 98 -24.07 -82.32 -108.61
N HIS TD 99 -23.36 -82.23 -107.47
CA HIS TD 99 -22.67 -81.00 -107.14
C HIS TD 99 -21.73 -80.60 -108.27
N LYS TD 100 -21.06 -81.58 -108.87
CA LYS TD 100 -20.26 -81.30 -110.05
C LYS TD 100 -21.14 -80.79 -111.19
N ARG TD 101 -22.30 -81.41 -111.37
CA ARG TD 101 -23.19 -81.01 -112.45
C ARG TD 101 -23.68 -79.57 -112.27
N ASN TD 102 -24.05 -79.20 -111.05
CA ASN TD 102 -24.64 -77.89 -110.83
C ASN TD 102 -23.64 -76.78 -111.13
N VAL TD 103 -22.45 -76.85 -110.54
CA VAL TD 103 -21.47 -75.79 -110.74
C VAL TD 103 -21.01 -75.75 -112.19
N ASP TD 104 -21.07 -76.90 -112.88
CA ASP TD 104 -20.76 -76.90 -114.31
C ASP TD 104 -21.74 -76.06 -115.08
N THR TD 105 -23.02 -76.13 -114.71
CA THR TD 105 -24.03 -75.31 -115.38
C THR TD 105 -23.89 -73.84 -115.05
N LEU TD 106 -23.07 -73.49 -114.06
CA LEU TD 106 -22.85 -72.11 -113.68
C LEU TD 106 -21.44 -71.63 -114.03
N PHE TD 107 -20.41 -72.36 -113.59
CA PHE TD 107 -19.05 -71.91 -113.80
C PHE TD 107 -18.42 -72.46 -115.06
N ALA TD 108 -18.69 -73.72 -115.40
CA ALA TD 108 -18.05 -74.31 -116.57
C ALA TD 108 -18.76 -73.89 -117.86
N SER TD 109 -20.03 -74.27 -118.00
CA SER TD 109 -20.79 -73.93 -119.19
C SER TD 109 -21.47 -72.58 -119.09
N GLY TD 110 -21.52 -71.97 -117.91
CA GLY TD 110 -22.18 -70.70 -117.71
C GLY TD 110 -21.21 -69.54 -117.71
N ASN TD 111 -21.59 -68.49 -116.99
CA ASN TD 111 -20.78 -67.29 -116.89
C ASN TD 111 -20.55 -66.87 -115.45
N ALA TD 112 -20.61 -67.81 -114.52
CA ALA TD 112 -20.38 -67.47 -113.12
C ALA TD 112 -18.95 -66.99 -112.89
N GLY TD 113 -18.01 -67.43 -113.72
CA GLY TD 113 -16.63 -67.01 -113.54
C GLY TD 113 -16.44 -65.52 -113.70
N LEU TD 114 -17.07 -64.93 -114.72
CA LEU TD 114 -16.93 -63.50 -114.95
C LEU TD 114 -17.60 -62.67 -113.87
N GLY TD 115 -18.47 -63.26 -113.07
CA GLY TD 115 -19.14 -62.56 -112.01
C GLY TD 115 -20.64 -62.40 -112.17
N PHE TD 116 -21.28 -63.16 -113.06
CA PHE TD 116 -22.70 -63.04 -113.30
C PHE TD 116 -23.41 -64.32 -112.89
N LEU TD 117 -24.57 -64.17 -112.26
CA LEU TD 117 -25.38 -65.29 -111.83
C LEU TD 117 -26.62 -65.37 -112.70
N ASP TD 118 -26.90 -66.56 -113.24
CA ASP TD 118 -28.09 -66.74 -114.06
C ASP TD 118 -29.17 -67.40 -113.23
N PRO TD 119 -30.24 -66.70 -112.85
CA PRO TD 119 -31.31 -67.32 -112.07
C PRO TD 119 -32.13 -68.33 -112.86
N THR TD 120 -31.92 -68.43 -114.18
CA THR TD 120 -32.67 -69.36 -115.02
C THR TD 120 -31.88 -70.63 -115.33
N ALA TD 121 -30.78 -70.86 -114.62
CA ALA TD 121 -29.97 -72.04 -114.87
C ALA TD 121 -30.73 -73.30 -114.44
N ALA TD 122 -30.37 -74.42 -115.07
CA ALA TD 122 -31.02 -75.70 -114.82
C ALA TD 122 -30.24 -76.40 -113.70
N ILE TD 123 -30.80 -76.38 -112.51
CA ILE TD 123 -30.20 -77.01 -111.33
C ILE TD 123 -31.02 -78.25 -110.99
N VAL TD 124 -30.35 -79.40 -110.96
CA VAL TD 124 -31.02 -80.68 -110.72
C VAL TD 124 -30.51 -81.24 -109.39
N SER TD 125 -31.39 -81.93 -108.68
CA SER TD 125 -31.08 -82.42 -107.35
C SER TD 125 -30.46 -83.82 -107.42
N SER TD 126 -29.88 -84.24 -106.31
CA SER TD 126 -29.36 -85.59 -106.22
C SER TD 126 -30.47 -86.62 -106.35
N ASP TD 127 -31.62 -86.36 -105.74
CA ASP TD 127 -32.76 -87.26 -105.85
C ASP TD 127 -33.24 -87.31 -107.30
N THR TD 128 -33.75 -88.47 -107.69
CA THR TD 128 -34.23 -88.69 -109.05
C THR TD 128 -35.74 -88.87 -109.06
N THR TD 129 -36.35 -88.65 -110.21
CA THR TD 129 -37.79 -88.81 -110.36
C THR TD 129 -38.16 -90.29 -110.50
N ALA UD 1 -83.91 84.50 -79.88
CA ALA UD 1 -85.12 83.85 -79.40
C ALA UD 1 -84.79 82.55 -78.68
N ASN UD 2 -84.02 82.65 -77.60
CA ASN UD 2 -83.60 81.52 -76.81
C ASN UD 2 -83.99 81.75 -75.35
N LYS UD 3 -84.14 80.65 -74.62
CA LYS UD 3 -84.47 80.74 -73.20
C LYS UD 3 -83.21 81.15 -72.45
N PRO UD 4 -83.19 82.30 -71.79
CA PRO UD 4 -81.99 82.69 -71.04
C PRO UD 4 -81.77 81.80 -69.84
N MET UD 5 -80.50 81.57 -69.50
CA MET UD 5 -80.20 80.90 -68.25
C MET UD 5 -80.37 81.88 -67.10
N GLN UD 6 -80.14 81.39 -65.89
CA GLN UD 6 -80.06 82.25 -64.72
C GLN UD 6 -78.97 81.70 -63.82
N PRO UD 7 -78.24 82.57 -63.12
CA PRO UD 7 -77.02 82.14 -62.45
C PRO UD 7 -77.31 81.15 -61.33
N ILE UD 8 -76.31 80.31 -61.07
CA ILE UD 8 -76.38 79.32 -60.00
C ILE UD 8 -75.40 79.64 -58.87
N THR UD 9 -74.14 79.85 -59.20
CA THR UD 9 -73.10 80.17 -58.22
C THR UD 9 -72.46 81.49 -58.61
N SER UD 10 -72.57 82.48 -57.74
CA SER UD 10 -72.02 83.81 -57.99
C SER UD 10 -70.82 84.04 -57.10
N THR UD 11 -69.70 84.43 -57.72
CA THR UD 11 -68.49 84.75 -56.98
C THR UD 11 -67.75 85.83 -57.76
N ALA UD 12 -66.97 86.63 -57.03
CA ALA UD 12 -66.25 87.72 -57.67
C ALA UD 12 -65.24 87.22 -58.69
N ASN UD 13 -64.81 85.97 -58.60
CA ASN UD 13 -63.88 85.41 -59.56
C ASN UD 13 -64.44 84.25 -60.37
N LYS UD 14 -65.72 83.92 -60.21
CA LYS UD 14 -66.31 82.82 -60.96
C LYS UD 14 -67.83 82.97 -60.96
N ILE UD 15 -68.43 82.78 -62.12
CA ILE UD 15 -69.88 82.80 -62.28
C ILE UD 15 -70.28 81.54 -63.02
N VAL UD 16 -71.40 80.93 -62.62
CA VAL UD 16 -71.90 79.71 -63.24
C VAL UD 16 -73.37 79.90 -63.55
N TRP UD 17 -73.78 79.54 -64.75
CA TRP UD 17 -75.15 79.66 -65.20
C TRP UD 17 -75.70 78.28 -65.54
N SER UD 18 -77.02 78.19 -65.60
CA SER UD 18 -77.67 76.92 -65.92
C SER UD 18 -79.08 77.20 -66.40
N ASP UD 19 -79.55 76.36 -67.30
CA ASP UD 19 -80.89 76.53 -67.86
C ASP UD 19 -81.93 75.93 -66.93
N PRO UD 20 -82.97 76.67 -66.56
CA PRO UD 20 -83.98 76.10 -65.65
C PRO UD 20 -84.67 74.87 -66.21
N THR UD 21 -84.92 74.82 -67.52
CA THR UD 21 -85.59 73.65 -68.09
C THR UD 21 -84.67 72.44 -68.08
N ARG UD 22 -83.43 72.62 -68.52
CA ARG UD 22 -82.43 71.55 -68.51
C ARG UD 22 -81.22 72.03 -67.72
N LEU UD 23 -81.10 71.55 -66.49
CA LEU UD 23 -80.00 71.97 -65.64
C LEU UD 23 -78.66 71.41 -66.10
N SER UD 24 -78.65 70.47 -67.05
CA SER UD 24 -77.39 69.87 -67.48
C SER UD 24 -76.54 70.88 -68.25
N THR UD 25 -77.14 71.59 -69.21
CA THR UD 25 -76.39 72.57 -69.97
C THR UD 25 -75.99 73.74 -69.08
N THR UD 26 -74.77 74.22 -69.26
CA THR UD 26 -74.20 75.22 -68.37
C THR UD 26 -73.33 76.19 -69.16
N PHE UD 27 -73.07 77.33 -68.54
CA PHE UD 27 -72.08 78.29 -69.04
C PHE UD 27 -71.45 78.97 -67.83
N SER UD 28 -70.14 78.85 -67.71
CA SER UD 28 -69.43 79.40 -66.56
C SER UD 28 -68.22 80.19 -67.03
N ALA UD 29 -67.91 81.25 -66.30
CA ALA UD 29 -66.77 82.11 -66.60
C ALA UD 29 -65.95 82.33 -65.34
N SER UD 30 -64.62 82.25 -65.47
CA SER UD 30 -63.71 82.48 -64.37
C SER UD 30 -62.59 83.40 -64.84
N LEU UD 31 -62.05 84.18 -63.90
CA LEU UD 31 -61.04 85.18 -64.22
C LEU UD 31 -59.86 85.08 -63.29
N LEU UD 32 -58.67 85.31 -63.83
CA LEU UD 32 -57.44 85.40 -63.05
C LEU UD 32 -56.77 86.73 -63.34
N ARG UD 33 -56.28 87.38 -62.29
CA ARG UD 33 -55.66 88.70 -62.39
C ARG UD 33 -54.23 88.63 -61.90
N GLN UD 34 -53.31 89.20 -62.68
CA GLN UD 34 -51.90 89.08 -62.41
C GLN UD 34 -51.20 90.39 -62.73
N ARG UD 35 -50.00 90.55 -62.19
CA ARG UD 35 -49.14 91.68 -62.49
C ARG UD 35 -47.94 91.21 -63.31
N VAL UD 36 -47.54 92.01 -64.28
CA VAL UD 36 -46.50 91.64 -65.23
C VAL UD 36 -45.46 92.75 -65.33
N LYS UD 37 -44.19 92.38 -65.22
CA LYS UD 37 -43.07 93.25 -65.54
C LYS UD 37 -42.68 93.05 -66.99
N VAL UD 38 -42.68 94.13 -67.77
CA VAL UD 38 -42.23 94.08 -69.15
C VAL UD 38 -41.13 95.10 -69.40
N GLY UD 39 -41.44 96.38 -69.19
CA GLY UD 39 -40.51 97.46 -69.41
C GLY UD 39 -40.17 98.16 -68.11
N ILE UD 40 -39.92 97.37 -67.06
CA ILE UD 40 -39.86 97.77 -65.66
C ILE UD 40 -41.04 98.71 -65.40
N ALA UD 41 -42.16 98.44 -66.07
CA ALA UD 41 -43.40 99.18 -65.91
C ALA UD 41 -44.52 98.17 -65.76
N GLU UD 42 -45.28 98.29 -64.67
CA GLU UD 42 -46.35 97.33 -64.40
C GLU UD 42 -47.53 97.56 -65.32
N LEU UD 43 -48.01 96.46 -65.92
CA LEU UD 43 -49.28 96.45 -66.65
C LEU UD 43 -50.04 95.20 -66.24
N ASN UD 44 -51.31 95.39 -65.90
CA ASN UD 44 -52.11 94.34 -65.29
C ASN UD 44 -52.62 93.36 -66.33
N ASN UD 45 -52.46 92.07 -66.06
CA ASN UD 45 -52.88 91.01 -66.96
C ASN UD 45 -54.06 90.26 -66.38
N VAL UD 46 -55.02 89.94 -67.24
CA VAL UD 46 -56.21 89.19 -66.85
C VAL UD 46 -56.40 88.07 -67.85
N SER UD 47 -56.75 86.88 -67.34
CA SER UD 47 -56.96 85.70 -68.17
C SER UD 47 -58.33 85.12 -67.85
N GLY UD 48 -59.31 85.43 -68.70
CA GLY UD 48 -60.65 84.92 -68.53
C GLY UD 48 -60.82 83.56 -69.19
N GLN UD 49 -61.52 82.67 -68.50
CA GLN UD 49 -61.75 81.31 -69.00
C GLN UD 49 -63.23 81.12 -69.20
N TYR UD 50 -63.63 80.74 -70.42
CA TYR UD 50 -65.03 80.68 -70.81
C TYR UD 50 -65.31 79.28 -71.32
N VAL UD 51 -66.16 78.54 -70.62
CA VAL UD 51 -66.50 77.18 -71.00
C VAL UD 51 -68.01 77.04 -71.05
N SER UD 52 -68.51 76.47 -72.15
CA SER UD 52 -69.92 76.17 -72.33
C SER UD 52 -70.06 74.68 -72.60
N VAL UD 53 -70.91 74.02 -71.84
CA VAL UD 53 -71.07 72.57 -71.90
C VAL UD 53 -72.53 72.23 -72.16
N TYR UD 54 -72.76 71.36 -73.12
CA TYR UD 54 -74.09 70.83 -73.40
C TYR UD 54 -74.05 69.31 -73.44
N LYS UD 55 -75.08 68.70 -72.89
CA LYS UD 55 -75.25 67.25 -72.91
C LYS UD 55 -76.17 66.91 -74.07
N ARG UD 56 -75.63 66.25 -75.09
CA ARG UD 56 -76.38 65.99 -76.31
C ARG UD 56 -76.70 64.50 -76.39
N PRO UD 57 -77.97 64.11 -76.39
CA PRO UD 57 -78.32 62.69 -76.43
C PRO UD 57 -78.32 62.08 -77.81
N ALA UD 58 -77.46 61.08 -78.02
CA ALA UD 58 -77.47 60.18 -79.15
C ALA UD 58 -77.24 60.88 -80.49
N PRO UD 59 -77.00 60.12 -81.56
CA PRO UD 59 -77.02 60.70 -82.90
C PRO UD 59 -78.42 60.71 -83.48
N LYS UD 60 -79.43 60.54 -82.61
CA LYS UD 60 -80.81 60.36 -83.03
C LYS UD 60 -80.83 59.14 -83.92
N PRO UD 61 -80.75 57.94 -83.33
CA PRO UD 61 -80.36 56.73 -84.07
C PRO UD 61 -81.00 56.54 -85.44
N GLU UD 62 -80.15 56.57 -86.46
CA GLU UD 62 -80.44 56.20 -87.84
C GLU UD 62 -81.82 56.64 -88.34
N GLY UD 63 -82.24 57.84 -87.98
CA GLY UD 63 -83.51 58.36 -88.46
C GLY UD 63 -84.70 57.49 -88.11
N CYS UD 64 -84.65 56.85 -86.94
CA CYS UD 64 -85.72 55.96 -86.50
C CYS UD 64 -86.57 56.67 -85.46
N ALA UD 65 -87.89 56.57 -85.62
CA ALA UD 65 -88.81 57.14 -84.65
C ALA UD 65 -88.88 56.26 -83.41
N ASP UD 66 -87.78 56.16 -82.67
CA ASP UD 66 -87.78 55.42 -81.42
C ASP UD 66 -88.78 56.01 -80.45
N ALA UD 67 -89.60 55.15 -79.83
CA ALA UD 67 -90.73 55.62 -79.05
C ALA UD 67 -90.28 56.49 -77.89
N CYS UD 68 -89.65 55.87 -76.88
CA CYS UD 68 -89.02 56.65 -75.82
C CYS UD 68 -88.07 55.79 -74.98
N VAL UD 69 -86.79 56.13 -75.01
CA VAL UD 69 -85.76 55.56 -74.16
C VAL UD 69 -84.67 56.61 -73.98
N ILE UD 70 -84.28 56.88 -72.75
CA ILE UD 70 -83.10 57.71 -72.53
C ILE UD 70 -81.88 56.84 -72.76
N MET UD 71 -80.94 57.31 -73.56
CA MET UD 71 -79.71 56.57 -73.77
C MET UD 71 -78.59 57.39 -73.16
N PRO UD 72 -77.72 56.80 -72.34
CA PRO UD 72 -76.76 57.61 -71.57
C PRO UD 72 -75.88 58.48 -72.46
N ASN UD 73 -75.57 59.68 -71.99
CA ASN UD 73 -75.15 60.76 -72.88
C ASN UD 73 -73.68 61.09 -72.73
N GLU UD 74 -73.28 62.10 -73.49
CA GLU UD 74 -71.93 62.64 -73.44
C GLU UD 74 -72.07 64.16 -73.33
N ASN UD 75 -70.96 64.87 -73.47
CA ASN UD 75 -70.98 66.32 -73.44
C ASN UD 75 -70.43 66.91 -74.72
N GLN UD 76 -70.99 68.05 -75.09
CA GLN UD 76 -70.64 68.79 -76.30
C GLN UD 76 -70.11 70.12 -75.81
N SER UD 77 -68.82 70.18 -75.49
CA SER UD 77 -68.23 71.25 -74.69
C SER UD 77 -67.30 72.11 -75.53
N ILE UD 78 -67.35 73.42 -75.27
CA ILE UD 78 -66.46 74.38 -75.89
C ILE UD 78 -65.84 75.21 -74.77
N ARG UD 79 -64.52 75.36 -74.81
CA ARG UD 79 -63.79 76.17 -73.84
C ARG UD 79 -63.01 77.25 -74.55
N THR UD 80 -62.97 78.43 -73.96
CA THR UD 80 -62.24 79.56 -74.51
C THR UD 80 -61.48 80.25 -73.39
N VAL UD 81 -60.26 80.68 -73.69
CA VAL UD 81 -59.40 81.35 -72.71
C VAL UD 81 -58.92 82.65 -73.31
N ILE UD 82 -59.40 83.77 -72.78
CA ILE UD 82 -58.90 85.10 -73.12
C ILE UD 82 -57.64 85.33 -72.30
N SER UD 83 -56.66 86.00 -72.88
CA SER UD 83 -55.47 86.37 -72.14
C SER UD 83 -54.90 87.65 -72.71
N GLY UD 84 -54.51 88.56 -71.83
CA GLY UD 84 -53.94 89.82 -72.26
C GLY UD 84 -54.12 90.88 -71.20
N SER UD 85 -53.44 92.00 -71.43
CA SER UD 85 -53.50 93.10 -70.48
C SER UD 85 -54.77 93.92 -70.66
N ALA UD 86 -55.29 94.44 -69.56
CA ALA UD 86 -56.44 95.33 -69.63
C ALA UD 86 -56.08 96.67 -70.24
N GLU UD 87 -54.80 97.06 -70.21
CA GLU UD 87 -54.41 98.35 -70.76
C GLU UD 87 -54.69 98.44 -72.25
N ASN UD 88 -54.40 97.38 -73.00
CA ASN UD 88 -54.71 97.32 -74.43
C ASN UD 88 -55.92 96.45 -74.69
N LEU UD 89 -56.91 96.51 -73.81
CA LEU UD 89 -58.11 95.70 -73.98
C LEU UD 89 -58.84 96.03 -75.27
N ALA UD 90 -58.88 97.31 -75.64
CA ALA UD 90 -59.65 97.72 -76.81
C ALA UD 90 -59.17 97.01 -78.06
N THR UD 91 -57.86 96.94 -78.27
CA THR UD 91 -57.34 96.23 -79.43
C THR UD 91 -57.42 94.72 -79.27
N LEU UD 92 -57.46 94.23 -78.03
CA LEU UD 92 -57.63 92.79 -77.83
C LEU UD 92 -59.00 92.34 -78.30
N LYS UD 93 -60.01 93.22 -78.18
CA LYS UD 93 -61.32 92.91 -78.73
C LYS UD 93 -61.24 92.73 -80.24
N ALA UD 94 -60.41 93.54 -80.91
CA ALA UD 94 -60.32 93.48 -82.35
C ALA UD 94 -59.84 92.12 -82.83
N GLU UD 95 -58.79 91.57 -82.20
CA GLU UD 95 -58.30 90.27 -82.63
C GLU UD 95 -59.29 89.15 -82.28
N TRP UD 96 -60.09 89.35 -81.24
CA TRP UD 96 -61.13 88.38 -80.92
C TRP UD 96 -62.07 88.18 -82.10
N GLU UD 97 -62.46 89.27 -82.77
CA GLU UD 97 -63.33 89.13 -83.93
C GLU UD 97 -62.65 88.32 -85.03
N THR UD 98 -61.36 88.59 -85.28
CA THR UD 98 -60.64 87.82 -86.27
C THR UD 98 -60.50 86.38 -85.85
N HIS UD 99 -60.24 86.13 -84.57
CA HIS UD 99 -60.17 84.75 -84.08
C HIS UD 99 -61.48 84.02 -84.33
N LYS UD 100 -62.60 84.71 -84.15
CA LYS UD 100 -63.89 84.11 -84.47
C LYS UD 100 -63.98 83.79 -85.96
N ARG UD 101 -63.55 84.73 -86.82
CA ARG UD 101 -63.60 84.49 -88.25
C ARG UD 101 -62.69 83.34 -88.66
N ASN UD 102 -61.47 83.30 -88.09
CA ASN UD 102 -60.55 82.24 -88.43
C ASN UD 102 -61.10 80.87 -88.09
N VAL UD 103 -61.68 80.74 -86.89
CA VAL UD 103 -62.29 79.47 -86.51
C VAL UD 103 -63.49 79.17 -87.38
N ASP UD 104 -64.36 80.17 -87.59
CA ASP UD 104 -65.56 79.94 -88.40
C ASP UD 104 -65.20 79.54 -89.82
N THR UD 105 -64.22 80.21 -90.42
CA THR UD 105 -63.77 79.83 -91.74
C THR UD 105 -63.21 78.42 -91.74
N LEU UD 106 -62.40 78.08 -90.74
CA LEU UD 106 -61.74 76.79 -90.72
C LEU UD 106 -62.64 75.69 -90.21
N PHE UD 107 -63.58 76.00 -89.32
CA PHE UD 107 -64.40 74.98 -88.68
C PHE UD 107 -65.86 75.03 -89.14
N ALA UD 108 -66.51 76.19 -89.00
CA ALA UD 108 -67.93 76.27 -89.37
C ALA UD 108 -68.13 76.03 -90.85
N SER UD 109 -67.39 76.77 -91.69
CA SER UD 109 -67.49 76.55 -93.13
C SER UD 109 -66.76 75.30 -93.59
N GLY UD 110 -65.64 74.97 -92.96
CA GLY UD 110 -64.85 73.82 -93.36
C GLY UD 110 -65.30 72.54 -92.68
N ASN UD 111 -64.48 71.51 -92.85
CA ASN UD 111 -64.75 70.19 -92.28
C ASN UD 111 -63.86 69.89 -91.08
N ALA UD 112 -63.42 70.92 -90.36
CA ALA UD 112 -62.50 70.71 -89.25
C ALA UD 112 -63.10 69.84 -88.17
N GLY UD 113 -64.37 70.06 -87.83
CA GLY UD 113 -65.00 69.25 -86.80
C GLY UD 113 -65.05 67.79 -87.17
N LEU UD 114 -65.14 67.48 -88.46
CA LEU UD 114 -65.08 66.10 -88.90
C LEU UD 114 -63.73 65.47 -88.56
N GLY UD 115 -62.65 66.24 -88.68
CA GLY UD 115 -61.33 65.72 -88.42
C GLY UD 115 -60.37 65.98 -89.57
N PHE UD 116 -60.74 66.92 -90.43
CA PHE UD 116 -59.93 67.25 -91.60
C PHE UD 116 -59.40 68.67 -91.47
N LEU UD 117 -58.16 68.86 -91.92
CA LEU UD 117 -57.52 70.16 -91.93
C LEU UD 117 -57.23 70.55 -93.38
N ASP UD 118 -57.57 71.79 -93.74
CA ASP UD 118 -57.42 72.29 -95.10
C ASP UD 118 -56.32 73.33 -95.13
N PRO UD 119 -55.14 73.01 -95.66
CA PRO UD 119 -54.04 73.98 -95.66
C PRO UD 119 -54.32 75.22 -96.49
N THR UD 120 -55.27 75.18 -97.42
CA THR UD 120 -55.54 76.34 -98.26
C THR UD 120 -56.65 77.22 -97.70
N ALA UD 121 -57.11 76.97 -96.47
CA ALA UD 121 -58.12 77.81 -95.86
C ALA UD 121 -57.59 79.24 -95.71
N ALA UD 122 -58.48 80.21 -95.95
CA ALA UD 122 -58.10 81.62 -95.96
C ALA UD 122 -58.06 82.14 -94.53
N ILE UD 123 -56.90 82.04 -93.90
CA ILE UD 123 -56.70 82.60 -92.58
C ILE UD 123 -56.42 84.09 -92.71
N VAL UD 124 -56.88 84.86 -91.73
CA VAL UD 124 -56.84 86.31 -91.81
C VAL UD 124 -56.27 86.86 -90.50
N SER UD 125 -55.41 87.86 -90.61
CA SER UD 125 -54.75 88.47 -89.45
C SER UD 125 -55.63 89.55 -88.82
N SER UD 126 -55.27 89.91 -87.59
CA SER UD 126 -56.01 90.94 -86.88
C SER UD 126 -55.82 92.30 -87.52
N ASP UD 127 -54.57 92.67 -87.82
CA ASP UD 127 -54.29 93.97 -88.38
C ASP UD 127 -54.76 94.03 -89.83
N THR UD 128 -55.03 95.25 -90.30
CA THR UD 128 -55.52 95.49 -91.64
C THR UD 128 -54.42 96.09 -92.51
N THR UD 129 -54.80 96.43 -93.74
CA THR UD 129 -53.86 97.03 -94.68
C THR UD 129 -54.35 98.40 -95.14
N ALA VD 1 -65.82 115.59 -59.69
CA ALA VD 1 -65.92 114.60 -60.76
C ALA VD 1 -64.90 113.49 -60.58
N ASN VD 2 -64.73 113.06 -59.34
CA ASN VD 2 -63.81 111.97 -59.05
C ASN VD 2 -64.29 110.69 -59.72
N LYS VD 3 -63.35 109.92 -60.24
CA LYS VD 3 -63.69 108.71 -60.97
C LYS VD 3 -64.34 107.69 -60.05
N PRO VD 4 -65.55 107.24 -60.34
CA PRO VD 4 -66.15 106.17 -59.54
C PRO VD 4 -65.53 104.83 -59.88
N MET VD 5 -65.49 103.96 -58.88
CA MET VD 5 -64.86 102.66 -59.01
C MET VD 5 -65.81 101.58 -58.50
N GLN VD 6 -65.80 100.45 -59.18
CA GLN VD 6 -66.67 99.33 -58.88
C GLN VD 6 -65.90 98.24 -58.14
N PRO VD 7 -66.59 97.44 -57.33
CA PRO VD 7 -65.90 96.36 -56.62
C PRO VD 7 -65.34 95.32 -57.59
N ILE VD 8 -64.18 94.78 -57.24
CA ILE VD 8 -63.53 93.73 -58.01
C ILE VD 8 -63.69 92.38 -57.33
N THR VD 9 -63.16 92.23 -56.12
CA THR VD 9 -63.21 90.99 -55.38
C THR VD 9 -64.02 91.19 -54.12
N SER VD 10 -65.05 90.38 -53.95
CA SER VD 10 -65.86 90.37 -52.75
C SER VD 10 -65.61 89.09 -51.97
N THR VD 11 -65.78 89.16 -50.66
CA THR VD 11 -65.51 88.04 -49.78
C THR VD 11 -66.40 88.23 -48.56
N ALA VD 12 -66.48 87.19 -47.73
CA ALA VD 12 -67.24 87.28 -46.49
C ALA VD 12 -66.70 88.35 -45.56
N ASN VD 13 -65.46 88.80 -45.78
CA ASN VD 13 -64.84 89.76 -44.88
C ASN VD 13 -64.50 91.09 -45.57
N LYS VD 14 -63.93 91.05 -46.77
CA LYS VD 14 -63.46 92.27 -47.41
C LYS VD 14 -64.01 92.42 -48.82
N ILE VD 15 -64.05 93.66 -49.28
CA ILE VD 15 -64.35 93.99 -50.66
C ILE VD 15 -63.33 95.00 -51.15
N VAL VD 16 -62.85 94.82 -52.36
CA VAL VD 16 -61.87 95.71 -52.97
C VAL VD 16 -62.55 96.46 -54.10
N TRP VD 17 -62.29 97.75 -54.19
CA TRP VD 17 -62.71 98.56 -55.33
C TRP VD 17 -61.49 98.93 -56.16
N SER VD 18 -61.68 99.07 -57.46
CA SER VD 18 -60.61 99.46 -58.34
C SER VD 18 -61.18 100.29 -59.49
N ASP VD 19 -60.44 101.32 -59.88
CA ASP VD 19 -60.86 102.17 -60.97
C ASP VD 19 -60.76 101.42 -62.30
N PRO VD 20 -61.84 101.32 -63.07
CA PRO VD 20 -61.74 100.62 -64.37
C PRO VD 20 -60.75 101.25 -65.32
N THR VD 21 -60.64 102.58 -65.32
CA THR VD 21 -59.73 103.24 -66.26
C THR VD 21 -58.28 102.97 -65.89
N ARG VD 22 -57.98 102.91 -64.59
CA ARG VD 22 -56.60 102.68 -64.13
C ARG VD 22 -56.67 101.65 -63.01
N LEU VD 23 -56.33 100.40 -63.34
CA LEU VD 23 -56.47 99.30 -62.40
C LEU VD 23 -55.49 99.40 -61.23
N SER VD 24 -54.48 100.26 -61.33
CA SER VD 24 -53.49 100.36 -60.27
C SER VD 24 -54.11 100.83 -58.97
N THR VD 25 -54.83 101.95 -59.01
CA THR VD 25 -55.42 102.50 -57.80
C THR VD 25 -56.55 101.62 -57.31
N THR VD 26 -56.58 101.36 -56.00
CA THR VD 26 -57.57 100.48 -55.43
C THR VD 26 -57.97 100.98 -54.05
N PHE VD 27 -59.04 100.40 -53.51
CA PHE VD 27 -59.46 100.64 -52.14
C PHE VD 27 -60.17 99.40 -51.63
N SER VD 28 -59.77 98.92 -50.47
CA SER VD 28 -60.37 97.74 -49.86
C SER VD 28 -60.73 98.02 -48.41
N ALA VD 29 -61.87 97.49 -47.98
CA ALA VD 29 -62.33 97.63 -46.61
C ALA VD 29 -62.67 96.26 -46.05
N SER VD 30 -61.76 95.70 -45.26
CA SER VD 30 -62.02 94.44 -44.58
C SER VD 30 -62.77 94.72 -43.29
N LEU VD 31 -63.13 93.65 -42.58
CA LEU VD 31 -63.90 93.80 -41.34
C LEU VD 31 -63.79 92.52 -40.54
N LEU VD 32 -63.16 92.60 -39.37
CA LEU VD 32 -63.12 91.50 -38.42
C LEU VD 32 -64.06 91.83 -37.26
N ARG VD 33 -65.00 90.95 -36.99
CA ARG VD 33 -66.01 91.16 -35.96
C ARG VD 33 -65.85 90.12 -34.87
N GLN VD 34 -66.12 90.53 -33.62
CA GLN VD 34 -65.83 89.68 -32.49
C GLN VD 34 -66.82 89.98 -31.37
N ARG VD 35 -67.07 88.96 -30.55
CA ARG VD 35 -67.95 89.05 -29.39
C ARG VD 35 -67.15 88.76 -28.14
N VAL VD 36 -67.27 89.62 -27.13
CA VAL VD 36 -66.50 89.50 -25.90
C VAL VD 36 -67.43 89.63 -24.70
N LYS VD 37 -67.13 88.85 -23.67
CA LYS VD 37 -67.85 88.87 -22.40
C LYS VD 37 -66.90 89.44 -21.35
N VAL VD 38 -67.12 90.68 -20.93
CA VAL VD 38 -66.17 91.34 -20.06
C VAL VD 38 -66.78 91.66 -18.69
N GLY VD 39 -67.91 92.36 -18.67
CA GLY VD 39 -68.53 92.76 -17.42
C GLY VD 39 -69.97 92.31 -17.30
N ILE VD 40 -70.24 91.05 -17.66
CA ILE VD 40 -71.58 90.51 -17.74
C ILE VD 40 -72.32 91.38 -18.75
N ALA VD 41 -71.58 91.86 -19.76
CA ALA VD 41 -72.13 92.65 -20.85
C ALA VD 41 -71.43 92.25 -22.13
N GLU VD 42 -72.22 92.05 -23.19
CA GLU VD 42 -71.71 91.57 -24.46
C GLU VD 42 -71.36 92.75 -25.34
N LEU VD 43 -70.08 92.84 -25.72
CA LEU VD 43 -69.60 93.92 -26.55
C LEU VD 43 -69.16 93.35 -27.89
N ASN VD 44 -69.75 93.85 -28.97
CA ASN VD 44 -69.45 93.37 -30.31
C ASN VD 44 -68.33 94.23 -30.89
N ASN VD 45 -67.11 93.70 -30.90
CA ASN VD 45 -65.97 94.42 -31.43
C ASN VD 45 -65.97 94.37 -32.95
N VAL VD 46 -65.78 95.52 -33.58
CA VAL VD 46 -65.68 95.63 -35.02
C VAL VD 46 -64.40 96.39 -35.36
N SER VD 47 -63.60 95.82 -36.26
CA SER VD 47 -62.35 96.44 -36.67
C SER VD 47 -62.20 96.28 -38.17
N GLY VD 48 -62.12 97.39 -38.89
CA GLY VD 48 -62.03 97.33 -40.34
C GLY VD 48 -60.79 97.95 -40.92
N GLN VD 49 -59.93 97.13 -41.50
CA GLN VD 49 -58.73 97.62 -42.16
C GLN VD 49 -59.13 98.30 -43.46
N TYR VD 50 -59.02 99.63 -43.51
CA TYR VD 50 -59.39 100.41 -44.68
C TYR VD 50 -58.11 100.94 -45.31
N VAL VD 51 -57.71 100.35 -46.43
CA VAL VD 51 -56.48 100.72 -47.11
C VAL VD 51 -56.82 101.21 -48.51
N SER VD 52 -56.30 102.38 -48.87
CA SER VD 52 -56.40 102.92 -50.22
C SER VD 52 -54.98 103.05 -50.77
N VAL VD 53 -54.76 102.48 -51.96
CA VAL VD 53 -53.43 102.39 -52.53
C VAL VD 53 -53.43 103.10 -53.88
N TYR VD 54 -52.46 103.98 -54.06
CA TYR VD 54 -52.22 104.64 -55.34
C TYR VD 54 -50.75 104.48 -55.70
N LYS VD 55 -50.50 104.24 -56.98
CA LYS VD 55 -49.14 104.09 -57.50
C LYS VD 55 -48.89 105.24 -58.47
N ARG VD 56 -48.33 106.32 -57.95
CA ARG VD 56 -48.04 107.48 -58.78
C ARG VD 56 -46.58 107.43 -59.25
N PRO VD 57 -46.32 107.86 -60.49
CA PRO VD 57 -44.94 107.94 -60.95
C PRO VD 57 -44.14 108.96 -60.15
N ALA VD 58 -42.84 108.72 -60.04
CA ALA VD 58 -41.96 109.66 -59.37
C ALA VD 58 -41.94 110.99 -60.13
N PRO VD 59 -41.65 112.11 -59.47
CA PRO VD 59 -41.71 113.40 -60.16
C PRO VD 59 -40.78 113.49 -61.35
N LYS VD 60 -41.26 114.13 -62.42
CA LYS VD 60 -40.43 114.33 -63.60
C LYS VD 60 -39.38 115.39 -63.31
N PRO VD 61 -38.23 115.37 -64.02
CA PRO VD 61 -37.15 116.29 -63.69
C PRO VD 61 -37.58 117.74 -63.74
N GLU VD 62 -37.11 118.51 -62.76
CA GLU VD 62 -37.58 119.88 -62.52
C GLU VD 62 -37.38 120.76 -63.74
N GLY VD 63 -38.39 121.56 -64.06
CA GLY VD 63 -38.32 122.51 -65.15
C GLY VD 63 -38.03 121.88 -66.50
N CYS VD 64 -38.60 120.70 -66.75
CA CYS VD 64 -38.41 120.04 -68.04
C CYS VD 64 -39.62 119.14 -68.28
N ALA VD 65 -40.26 119.31 -69.43
CA ALA VD 65 -41.43 118.53 -69.81
C ALA VD 65 -41.22 117.98 -71.22
N ASP VD 66 -40.75 116.74 -71.31
CA ASP VD 66 -40.53 116.13 -72.62
C ASP VD 66 -41.85 115.91 -73.35
N ALA VD 67 -42.71 115.06 -72.77
CA ALA VD 67 -43.95 114.56 -73.35
C ALA VD 67 -44.26 113.22 -72.68
N CYS VD 68 -43.30 112.30 -72.75
CA CYS VD 68 -43.38 111.05 -72.01
C CYS VD 68 -41.96 110.56 -71.75
N VAL VD 69 -41.49 110.80 -70.53
CA VAL VD 69 -40.32 110.14 -69.98
C VAL VD 69 -40.78 109.47 -68.69
N ILE VD 70 -40.78 108.14 -68.68
CA ILE VD 70 -41.50 107.40 -67.65
C ILE VD 70 -40.63 107.12 -66.44
N MET VD 71 -41.15 107.42 -65.27
CA MET VD 71 -40.53 107.17 -63.99
C MET VD 71 -41.08 105.88 -63.39
N PRO VD 72 -40.30 105.19 -62.56
CA PRO VD 72 -40.87 104.06 -61.81
C PRO VD 72 -41.94 104.56 -60.85
N ASN VD 73 -43.07 103.86 -60.84
CA ASN VD 73 -44.18 104.25 -59.97
C ASN VD 73 -43.82 103.97 -58.51
N GLU VD 74 -44.12 104.93 -57.66
CA GLU VD 74 -43.89 104.79 -56.23
C GLU VD 74 -45.22 104.62 -55.51
N ASN VD 75 -45.19 103.87 -54.41
CA ASN VD 75 -46.40 103.49 -53.69
C ASN VD 75 -46.83 104.61 -52.75
N GLN VD 76 -48.10 104.97 -52.83
CA GLN VD 76 -48.74 105.89 -51.88
C GLN VD 76 -49.90 105.13 -51.25
N SER VD 77 -49.73 104.67 -50.02
CA SER VD 77 -50.73 103.86 -49.34
C SER VD 77 -51.14 104.52 -48.04
N ILE VD 78 -52.44 104.48 -47.74
CA ILE VD 78 -52.98 104.90 -46.45
C ILE VD 78 -53.69 103.72 -45.83
N ARG VD 79 -53.33 103.37 -44.61
CA ARG VD 79 -53.97 102.29 -43.88
C ARG VD 79 -54.69 102.85 -42.66
N THR VD 80 -55.96 102.46 -42.51
CA THR VD 80 -56.78 102.95 -41.42
C THR VD 80 -57.54 101.79 -40.80
N VAL VD 81 -57.47 101.68 -39.48
CA VAL VD 81 -58.21 100.66 -38.73
C VAL VD 81 -59.00 101.37 -37.66
N ILE VD 82 -60.22 100.89 -37.42
CA ILE VD 82 -61.13 101.47 -36.44
C ILE VD 82 -61.63 100.33 -35.58
N SER VD 83 -61.01 100.14 -34.42
CA SER VD 83 -61.34 99.06 -33.51
C SER VD 83 -62.21 99.61 -32.39
N GLY VD 84 -63.38 99.02 -32.21
CA GLY VD 84 -64.28 99.46 -31.16
C GLY VD 84 -65.49 98.56 -31.08
N SER VD 85 -66.25 98.73 -30.00
CA SER VD 85 -67.45 97.96 -29.82
C SER VD 85 -68.58 98.50 -30.70
N ALA VD 86 -69.48 97.61 -31.10
CA ALA VD 86 -70.57 97.98 -31.99
C ALA VD 86 -71.63 98.85 -31.30
N GLU VD 87 -71.56 99.00 -29.98
CA GLU VD 87 -72.56 99.74 -29.23
C GLU VD 87 -72.22 101.22 -29.11
N ASN VD 88 -71.24 101.72 -29.87
CA ASN VD 88 -70.80 103.11 -29.66
C ASN VD 88 -70.57 103.86 -30.95
N LEU VD 89 -71.13 103.42 -32.08
CA LEU VD 89 -71.03 104.22 -33.30
C LEU VD 89 -71.65 105.59 -33.08
N ALA VD 90 -72.61 105.69 -32.17
CA ALA VD 90 -73.12 106.99 -31.78
C ALA VD 90 -72.01 107.90 -31.31
N THR VD 91 -71.00 107.35 -30.64
CA THR VD 91 -69.87 108.15 -30.19
C THR VD 91 -68.56 107.80 -30.88
N LEU VD 92 -68.46 106.65 -31.54
CA LEU VD 92 -67.25 106.35 -32.30
C LEU VD 92 -67.08 107.33 -33.45
N LYS VD 93 -68.17 107.80 -34.03
CA LYS VD 93 -68.06 108.81 -35.06
C LYS VD 93 -67.59 110.14 -34.48
N ALA VD 94 -67.77 110.34 -33.18
CA ALA VD 94 -67.40 111.62 -32.57
C ALA VD 94 -65.90 111.86 -32.65
N GLU VD 95 -65.11 111.04 -31.97
CA GLU VD 95 -63.68 111.30 -31.92
C GLU VD 95 -63.01 111.08 -33.26
N TRP VD 96 -63.61 110.27 -34.13
CA TRP VD 96 -63.07 110.11 -35.47
C TRP VD 96 -63.07 111.44 -36.21
N GLU VD 97 -64.11 112.25 -36.03
CA GLU VD 97 -64.10 113.59 -36.60
C GLU VD 97 -62.96 114.41 -36.01
N THR VD 98 -62.74 114.29 -34.71
CA THR VD 98 -61.56 114.89 -34.11
C THR VD 98 -60.29 114.27 -34.66
N HIS VD 99 -60.29 112.93 -34.82
CA HIS VD 99 -59.13 112.26 -35.39
C HIS VD 99 -58.82 112.80 -36.78
N LYS VD 100 -59.86 113.06 -37.58
CA LYS VD 100 -59.66 113.79 -38.83
C LYS VD 100 -58.97 115.12 -38.57
N ARG VD 101 -59.51 115.90 -37.65
CA ARG VD 101 -58.97 117.23 -37.39
C ARG VD 101 -57.56 117.15 -36.82
N ASN VD 102 -57.31 116.17 -35.96
CA ASN VD 102 -56.01 116.06 -35.31
C ASN VD 102 -54.90 115.88 -36.34
N VAL VD 103 -55.04 114.88 -37.21
CA VAL VD 103 -54.00 114.65 -38.22
C VAL VD 103 -53.95 115.80 -39.21
N ASP VD 104 -55.10 116.40 -39.51
CA ASP VD 104 -55.11 117.52 -40.45
C ASP VD 104 -54.31 118.70 -39.92
N THR VD 105 -54.35 118.94 -38.61
CA THR VD 105 -53.61 120.05 -38.03
C THR VD 105 -52.12 119.89 -38.26
N LEU VD 106 -51.58 118.71 -37.93
CA LEU VD 106 -50.14 118.54 -37.98
C LEU VD 106 -49.64 117.98 -39.30
N PHE VD 107 -50.50 117.31 -40.08
CA PHE VD 107 -50.06 116.73 -41.34
C PHE VD 107 -50.64 117.47 -42.54
N ALA VD 108 -51.96 117.59 -42.64
CA ALA VD 108 -52.55 118.26 -43.80
C ALA VD 108 -52.21 119.75 -43.79
N SER VD 109 -52.45 120.42 -42.67
CA SER VD 109 -52.05 121.81 -42.52
C SER VD 109 -50.59 121.95 -42.15
N GLY VD 110 -50.07 121.05 -41.34
CA GLY VD 110 -48.68 121.07 -40.93
C GLY VD 110 -47.76 120.47 -41.98
N ASN VD 111 -46.52 120.26 -41.58
CA ASN VD 111 -45.50 119.70 -42.45
C ASN VD 111 -44.96 118.36 -41.96
N ALA VD 112 -45.78 117.60 -41.22
CA ALA VD 112 -45.36 116.27 -40.79
C ALA VD 112 -45.16 115.35 -41.98
N GLY VD 113 -45.85 115.62 -43.09
CA GLY VD 113 -45.63 114.82 -44.29
C GLY VD 113 -44.20 114.92 -44.78
N LEU VD 114 -43.55 116.05 -44.52
CA LEU VD 114 -42.15 116.22 -44.88
C LEU VD 114 -41.20 115.61 -43.86
N GLY VD 115 -41.70 114.87 -42.88
CA GLY VD 115 -40.87 114.27 -41.87
C GLY VD 115 -40.66 115.12 -40.63
N PHE VD 116 -41.19 116.34 -40.61
CA PHE VD 116 -40.96 117.25 -39.51
C PHE VD 116 -41.97 117.05 -38.39
N LEU VD 117 -41.61 117.51 -37.20
CA LEU VD 117 -42.49 117.43 -36.04
C LEU VD 117 -42.55 118.78 -35.35
N ASP VD 118 -43.62 118.99 -34.60
CA ASP VD 118 -43.76 120.19 -33.76
C ASP VD 118 -44.65 119.94 -32.55
N PRO VD 119 -44.07 119.91 -31.35
CA PRO VD 119 -44.90 119.71 -30.15
C PRO VD 119 -45.92 120.80 -29.94
N THR VD 120 -45.69 121.98 -30.49
CA THR VD 120 -46.60 123.12 -30.35
C THR VD 120 -47.85 123.00 -31.21
N ALA VD 121 -48.12 121.84 -31.81
CA ALA VD 121 -49.29 121.70 -32.65
C ALA VD 121 -50.56 121.88 -31.84
N ALA VD 122 -51.53 122.60 -32.41
CA ALA VD 122 -52.80 122.88 -31.74
C ALA VD 122 -53.66 121.62 -31.82
N ILE VD 123 -53.51 120.78 -30.81
CA ILE VD 123 -54.23 119.51 -30.75
C ILE VD 123 -55.53 119.69 -29.99
N VAL VD 124 -56.54 118.93 -30.37
CA VAL VD 124 -57.89 119.05 -29.84
C VAL VD 124 -58.46 117.67 -29.61
N SER VD 125 -59.08 117.46 -28.45
CA SER VD 125 -59.64 116.16 -28.09
C SER VD 125 -61.12 116.09 -28.43
N SER VD 126 -61.71 114.92 -28.19
CA SER VD 126 -63.13 114.73 -28.48
C SER VD 126 -64.00 115.41 -27.44
N ASP VD 127 -63.62 115.32 -26.17
CA ASP VD 127 -64.44 115.86 -25.09
C ASP VD 127 -64.53 117.38 -25.19
N THR VD 128 -65.74 117.90 -25.01
CA THR VD 128 -66.01 119.33 -25.15
C THR VD 128 -66.00 120.00 -23.79
N THR VD 129 -65.30 121.13 -23.69
CA THR VD 129 -65.25 121.90 -22.46
C THR VD 129 -66.63 122.44 -22.11
N ALA WD 1 -94.70 98.27 -41.69
CA ALA WD 1 -93.40 97.83 -42.18
C ALA WD 1 -92.51 97.38 -41.03
N ASN WD 2 -91.39 96.75 -41.37
CA ASN WD 2 -90.44 96.28 -40.38
C ASN WD 2 -89.03 96.62 -40.83
N LYS WD 3 -88.10 96.59 -39.90
CA LYS WD 3 -86.72 96.93 -40.21
C LYS WD 3 -86.06 95.82 -41.03
N PRO WD 4 -85.59 96.10 -42.23
CA PRO WD 4 -84.93 95.07 -43.03
C PRO WD 4 -83.54 94.75 -42.49
N MET WD 5 -83.05 93.57 -42.88
CA MET WD 5 -81.70 93.16 -42.55
C MET WD 5 -80.77 93.43 -43.72
N GLN WD 6 -79.48 93.28 -43.45
CA GLN WD 6 -78.46 93.28 -44.49
C GLN WD 6 -77.59 92.04 -44.34
N PRO WD 7 -77.07 91.49 -45.43
CA PRO WD 7 -76.23 90.29 -45.31
C PRO WD 7 -74.97 90.58 -44.51
N ILE WD 8 -74.75 89.79 -43.47
CA ILE WD 8 -73.58 89.94 -42.63
C ILE WD 8 -72.46 89.02 -43.07
N THR WD 9 -72.79 87.93 -43.75
CA THR WD 9 -71.82 86.99 -44.31
C THR WD 9 -72.35 86.48 -45.63
N SER WD 10 -71.54 86.60 -46.68
CA SER WD 10 -71.93 86.19 -48.02
C SER WD 10 -71.05 85.04 -48.49
N THR WD 11 -71.69 83.99 -48.99
CA THR WD 11 -70.97 82.83 -49.52
C THR WD 11 -71.83 82.21 -50.62
N ALA WD 12 -71.19 81.44 -51.48
CA ALA WD 12 -71.92 80.79 -52.58
C ALA WD 12 -72.93 79.78 -52.06
N ASN WD 13 -72.83 79.36 -50.80
CA ASN WD 13 -73.71 78.35 -50.24
C ASN WD 13 -74.59 78.87 -49.13
N LYS WD 14 -74.13 79.86 -48.37
CA LYS WD 14 -74.88 80.37 -47.23
C LYS WD 14 -74.80 81.89 -47.18
N ILE WD 15 -75.94 82.52 -46.95
CA ILE WD 15 -76.04 83.96 -46.72
C ILE WD 15 -76.67 84.16 -45.35
N VAL WD 16 -76.06 85.01 -44.53
CA VAL WD 16 -76.56 85.32 -43.20
C VAL WD 16 -76.89 86.80 -43.14
N TRP WD 17 -78.11 87.12 -42.73
CA TRP WD 17 -78.53 88.50 -42.56
C TRP WD 17 -78.63 88.83 -41.07
N SER WD 18 -78.53 90.12 -40.76
CA SER WD 18 -78.68 90.58 -39.38
C SER WD 18 -79.31 91.97 -39.39
N ASP WD 19 -80.00 92.28 -38.31
CA ASP WD 19 -80.63 93.59 -38.19
C ASP WD 19 -79.63 94.60 -37.66
N PRO WD 20 -79.43 95.71 -38.36
CA PRO WD 20 -78.47 96.72 -37.87
C PRO WD 20 -78.82 97.26 -36.48
N THR WD 21 -80.10 97.47 -36.20
CA THR WD 21 -80.50 97.98 -34.90
C THR WD 21 -80.40 96.93 -33.80
N ARG WD 22 -80.58 95.66 -34.15
CA ARG WD 22 -80.48 94.57 -33.18
C ARG WD 22 -79.75 93.42 -33.88
N LEU WD 23 -78.43 93.39 -33.73
CA LEU WD 23 -77.63 92.41 -34.45
C LEU WD 23 -77.80 91.00 -33.88
N SER WD 24 -78.49 90.84 -32.76
CA SER WD 24 -78.68 89.51 -32.19
C SER WD 24 -79.55 88.65 -33.09
N THR WD 25 -80.65 89.21 -33.59
CA THR WD 25 -81.54 88.44 -34.46
C THR WD 25 -80.89 88.24 -35.82
N THR WD 26 -81.12 87.05 -36.40
CA THR WD 26 -80.49 86.68 -37.65
C THR WD 26 -81.45 85.87 -38.50
N PHE WD 27 -81.13 85.78 -39.79
CA PHE WD 27 -81.81 84.88 -40.71
C PHE WD 27 -80.75 84.34 -41.67
N SER WD 28 -80.49 83.04 -41.59
CA SER WD 28 -79.45 82.41 -42.39
C SER WD 28 -80.10 81.39 -43.32
N ALA WD 29 -79.72 81.42 -44.59
CA ALA WD 29 -80.21 80.50 -45.59
C ALA WD 29 -79.04 79.77 -46.23
N SER WD 30 -79.06 78.44 -46.17
CA SER WD 30 -78.01 77.61 -46.73
C SER WD 30 -78.62 76.67 -47.76
N LEU WD 31 -78.01 76.61 -48.94
CA LEU WD 31 -78.43 75.70 -50.00
C LEU WD 31 -77.35 74.64 -50.20
N LEU WD 32 -77.78 73.39 -50.42
CA LEU WD 32 -76.88 72.31 -50.78
C LEU WD 32 -77.46 71.63 -52.01
N ARG WD 33 -76.89 71.90 -53.18
CA ARG WD 33 -77.35 71.34 -54.44
C ARG WD 33 -76.56 70.06 -54.71
N GLN WD 34 -77.26 69.04 -55.18
CA GLN WD 34 -76.63 67.75 -55.44
C GLN WD 34 -77.26 67.11 -56.68
N ARG WD 35 -76.41 66.47 -57.47
CA ARG WD 35 -76.83 65.75 -58.66
C ARG WD 35 -77.04 64.29 -58.29
N VAL WD 36 -78.28 63.84 -58.32
CA VAL WD 36 -78.65 62.51 -57.85
C VAL WD 36 -79.12 61.67 -59.04
N LYS WD 37 -78.56 60.48 -59.16
CA LYS WD 37 -78.98 59.51 -60.18
C LYS WD 37 -80.04 58.60 -59.56
N VAL WD 38 -81.25 58.67 -60.09
CA VAL WD 38 -82.32 57.78 -59.71
C VAL WD 38 -82.54 56.80 -60.85
N GLY WD 39 -83.43 55.83 -60.63
CA GLY WD 39 -83.75 54.87 -61.67
C GLY WD 39 -84.21 55.54 -62.95
N ILE WD 40 -83.60 55.16 -64.07
CA ILE WD 40 -83.92 55.58 -65.43
C ILE WD 40 -84.17 57.09 -65.51
N ALA WD 41 -83.48 57.85 -64.67
CA ALA WD 41 -83.61 59.30 -64.69
C ALA WD 41 -82.45 59.93 -63.94
N GLU WD 42 -82.21 61.22 -64.21
CA GLU WD 42 -81.24 62.01 -63.49
C GLU WD 42 -81.92 63.25 -62.93
N LEU WD 43 -81.69 63.52 -61.65
CA LEU WD 43 -82.34 64.64 -60.98
C LEU WD 43 -81.30 65.48 -60.26
N ASN WD 44 -81.63 66.75 -60.08
CA ASN WD 44 -80.80 67.69 -59.34
C ASN WD 44 -81.58 68.12 -58.11
N ASN WD 45 -81.11 67.68 -56.94
CA ASN WD 45 -81.80 67.92 -55.68
C ASN WD 45 -81.10 69.04 -54.91
N VAL WD 46 -81.90 69.92 -54.32
CA VAL WD 46 -81.39 71.03 -53.50
C VAL WD 46 -82.04 70.94 -52.13
N SER WD 47 -81.23 71.10 -51.08
CA SER WD 47 -81.71 71.09 -49.71
C SER WD 47 -81.63 72.51 -49.17
N GLY WD 48 -82.73 73.24 -49.25
CA GLY WD 48 -82.75 74.62 -48.81
C GLY WD 48 -83.03 74.77 -47.32
N GLN WD 49 -82.00 75.04 -46.54
CA GLN WD 49 -82.12 75.19 -45.10
C GLN WD 49 -82.18 76.67 -44.76
N TYR WD 50 -83.28 77.09 -44.16
CA TYR WD 50 -83.47 78.47 -43.73
C TYR WD 50 -83.66 78.48 -42.22
N VAL WD 51 -82.84 79.26 -41.53
CA VAL WD 51 -82.85 79.32 -40.08
C VAL WD 51 -83.15 80.75 -39.67
N SER WD 52 -84.21 80.94 -38.89
CA SER WD 52 -84.55 82.23 -38.32
C SER WD 52 -84.36 82.15 -36.81
N VAL WD 53 -83.53 83.02 -36.28
CA VAL WD 53 -83.18 83.03 -34.86
C VAL WD 53 -83.50 84.40 -34.29
N TYR WD 54 -84.23 84.41 -33.18
CA TYR WD 54 -84.51 85.64 -32.45
C TYR WD 54 -84.14 85.46 -30.99
N LYS WD 55 -83.79 86.56 -30.36
CA LYS WD 55 -83.44 86.58 -28.94
C LYS WD 55 -84.32 87.59 -28.23
N ARG WD 56 -85.05 87.15 -27.22
CA ARG WD 56 -85.82 88.05 -26.37
C ARG WD 56 -85.56 87.65 -24.92
N PRO WD 57 -85.41 88.59 -24.01
CA PRO WD 57 -84.93 88.25 -22.67
C PRO WD 57 -86.04 87.91 -21.69
N ALA WD 58 -86.70 86.77 -21.89
CA ALA WD 58 -87.70 86.23 -20.99
C ALA WD 58 -88.85 87.21 -20.76
N PRO WD 59 -89.88 86.85 -19.97
CA PRO WD 59 -90.89 87.85 -19.62
C PRO WD 59 -90.62 88.50 -18.27
N LYS WD 60 -90.94 89.79 -18.16
CA LYS WD 60 -90.69 90.51 -16.92
C LYS WD 60 -91.51 89.92 -15.78
N PRO WD 61 -90.99 89.90 -14.55
CA PRO WD 61 -91.81 89.51 -13.41
C PRO WD 61 -93.05 90.38 -13.30
N GLU WD 62 -94.16 89.75 -12.92
CA GLU WD 62 -95.46 90.41 -12.95
C GLU WD 62 -95.51 91.59 -11.99
N GLY WD 63 -96.30 92.59 -12.36
CA GLY WD 63 -96.51 93.74 -11.51
C GLY WD 63 -95.36 94.73 -11.54
N CYS WD 64 -94.24 94.34 -10.92
CA CYS WD 64 -93.09 95.24 -10.80
C CYS WD 64 -92.36 95.38 -12.12
N ALA WD 65 -92.06 96.61 -12.51
CA ALA WD 65 -91.23 96.91 -13.68
C ALA WD 65 -90.31 98.06 -13.33
N ASP WD 66 -89.13 97.73 -12.80
CA ASP WD 66 -88.12 98.75 -12.50
C ASP WD 66 -87.20 98.92 -13.70
N ALA WD 67 -86.17 99.74 -13.55
CA ALA WD 67 -85.23 100.01 -14.62
C ALA WD 67 -83.90 99.32 -14.34
N CYS WD 68 -83.22 98.94 -15.41
CA CYS WD 68 -81.94 98.25 -15.35
C CYS WD 68 -82.03 97.02 -14.46
N VAL WD 69 -83.02 96.18 -14.75
CA VAL WD 69 -83.28 94.95 -14.03
C VAL WD 69 -82.97 93.83 -15.02
N ILE WD 70 -81.99 94.09 -15.89
CA ILE WD 70 -81.70 93.30 -17.08
C ILE WD 70 -81.78 91.81 -16.79
N MET WD 71 -82.59 91.13 -17.57
CA MET WD 71 -82.94 89.71 -17.45
C MET WD 71 -82.24 88.89 -18.53
N PRO WD 72 -81.84 87.66 -18.19
CA PRO WD 72 -81.09 86.86 -19.16
C PRO WD 72 -81.91 86.56 -20.39
N ASN WD 73 -81.21 86.45 -21.52
CA ASN WD 73 -81.83 86.31 -22.82
C ASN WD 73 -82.40 84.91 -23.01
N GLU WD 74 -83.40 84.81 -23.88
CA GLU WD 74 -84.02 83.54 -24.21
C GLU WD 74 -83.99 83.36 -25.72
N ASN WD 75 -83.89 82.11 -26.15
CA ASN WD 75 -83.65 81.78 -27.55
C ASN WD 75 -84.94 81.30 -28.21
N GLN WD 76 -85.30 81.95 -29.32
CA GLN WD 76 -86.40 81.51 -30.17
C GLN WD 76 -85.84 81.20 -31.55
N SER WD 77 -86.03 79.96 -32.00
CA SER WD 77 -85.46 79.51 -33.25
C SER WD 77 -86.53 78.88 -34.13
N ILE WD 78 -86.51 79.25 -35.42
CA ILE WD 78 -87.38 78.68 -36.42
C ILE WD 78 -86.50 78.27 -37.59
N ARG WD 79 -86.48 76.99 -37.92
CA ARG WD 79 -85.69 76.51 -39.04
C ARG WD 79 -86.53 75.60 -39.93
N THR WD 80 -86.23 75.65 -41.22
CA THR WD 80 -86.96 74.90 -42.23
C THR WD 80 -85.99 74.39 -43.28
N VAL WD 81 -86.22 73.17 -43.75
CA VAL WD 81 -85.43 72.58 -44.82
C VAL WD 81 -86.38 72.18 -45.94
N ILE WD 82 -86.05 72.57 -47.16
CA ILE WD 82 -86.83 72.22 -48.35
C ILE WD 82 -85.98 71.32 -49.20
N SER WD 83 -86.47 70.09 -49.44
CA SER WD 83 -85.76 69.11 -50.23
C SER WD 83 -86.63 68.70 -51.40
N GLY WD 84 -86.07 68.78 -52.60
CA GLY WD 84 -86.79 68.42 -53.80
C GLY WD 84 -85.98 68.78 -55.02
N SER WD 85 -86.39 68.20 -56.14
CA SER WD 85 -85.69 68.42 -57.40
C SER WD 85 -86.17 69.70 -58.06
N ALA WD 86 -85.23 70.47 -58.60
CA ALA WD 86 -85.58 71.68 -59.33
C ALA WD 86 -86.32 71.38 -60.62
N GLU WD 87 -86.27 70.13 -61.08
CA GLU WD 87 -86.92 69.77 -62.34
C GLU WD 87 -88.43 69.98 -62.27
N ASN WD 88 -89.04 69.63 -61.13
CA ASN WD 88 -90.45 69.84 -60.90
C ASN WD 88 -90.66 70.81 -59.74
N LEU WD 89 -89.91 71.92 -59.76
CA LEU WD 89 -90.01 72.92 -58.70
C LEU WD 89 -91.40 73.52 -58.60
N ALA WD 90 -92.18 73.50 -59.67
CA ALA WD 90 -93.51 74.13 -59.65
C ALA WD 90 -94.39 73.51 -58.57
N THR WD 91 -94.29 72.19 -58.38
CA THR WD 91 -95.12 71.56 -57.36
C THR WD 91 -94.60 71.82 -55.95
N LEU WD 92 -93.29 72.06 -55.80
CA LEU WD 92 -92.76 72.38 -54.48
C LEU WD 92 -93.37 73.67 -53.96
N LYS WD 93 -93.52 74.67 -54.83
CA LYS WD 93 -94.18 75.90 -54.44
C LYS WD 93 -95.60 75.61 -53.96
N ALA WD 94 -96.31 74.74 -54.67
CA ALA WD 94 -97.62 74.29 -54.20
C ALA WD 94 -97.49 73.53 -52.89
N GLU WD 95 -96.49 72.64 -52.81
CA GLU WD 95 -96.25 71.92 -51.57
C GLU WD 95 -95.96 72.88 -50.42
N TRP WD 96 -95.08 73.84 -50.66
CA TRP WD 96 -94.68 74.75 -49.60
C TRP WD 96 -95.85 75.60 -49.12
N GLU WD 97 -96.77 75.93 -50.03
CA GLU WD 97 -97.90 76.76 -49.65
C GLU WD 97 -98.87 75.99 -48.75
N THR WD 98 -99.18 74.75 -49.10
CA THR WD 98 -100.08 73.96 -48.27
C THR WD 98 -99.47 73.70 -46.90
N HIS WD 99 -98.16 73.47 -46.86
CA HIS WD 99 -97.47 73.28 -45.59
C HIS WD 99 -97.72 74.46 -44.65
N LYS WD 100 -97.77 75.67 -45.19
CA LYS WD 100 -98.12 76.83 -44.37
C LYS WD 100 -99.48 76.65 -43.72
N ARG WD 101 -100.49 76.33 -44.53
CA ARG WD 101 -101.83 76.11 -44.00
C ARG WD 101 -101.83 74.97 -43.00
N ASN WD 102 -100.99 73.96 -43.23
CA ASN WD 102 -100.98 72.79 -42.37
C ASN WD 102 -100.55 73.16 -40.95
N VAL WD 103 -99.42 73.85 -40.82
CA VAL WD 103 -98.94 74.22 -39.49
C VAL WD 103 -99.78 75.35 -38.91
N ASP WD 104 -100.24 76.28 -39.75
CA ASP WD 104 -100.99 77.43 -39.24
C ASP WD 104 -102.26 76.97 -38.56
N THR WD 105 -103.00 76.05 -39.16
CA THR WD 105 -104.20 75.53 -38.52
C THR WD 105 -103.86 74.68 -37.32
N LEU WD 106 -102.60 74.25 -37.20
CA LEU WD 106 -102.20 73.38 -36.10
C LEU WD 106 -101.49 74.15 -34.99
N PHE WD 107 -100.66 75.13 -35.34
CA PHE WD 107 -99.87 75.85 -34.35
C PHE WD 107 -100.24 77.32 -34.26
N ALA WD 108 -100.25 78.03 -35.39
CA ALA WD 108 -100.52 79.47 -35.35
C ALA WD 108 -101.96 79.74 -34.90
N SER WD 109 -102.91 79.01 -35.46
CA SER WD 109 -104.30 79.14 -35.05
C SER WD 109 -104.74 78.02 -34.12
N GLY WD 110 -103.86 77.06 -33.84
CA GLY WD 110 -104.16 75.94 -32.97
C GLY WD 110 -103.62 76.16 -31.56
N ASN WD 111 -103.15 75.07 -30.96
CA ASN WD 111 -102.61 75.15 -29.61
C ASN WD 111 -101.32 74.34 -29.46
N ALA WD 112 -100.69 73.94 -30.55
CA ALA WD 112 -99.46 73.17 -30.46
C ALA WD 112 -98.33 73.95 -29.81
N GLY WD 113 -98.40 75.28 -29.86
CA GLY WD 113 -97.32 76.08 -29.29
C GLY WD 113 -97.15 75.84 -27.80
N LEU WD 114 -98.26 75.81 -27.06
CA LEU WD 114 -98.20 75.58 -25.63
C LEU WD 114 -97.99 74.11 -25.27
N GLY WD 115 -98.10 73.20 -26.23
CA GLY WD 115 -97.74 71.83 -25.98
C GLY WD 115 -98.82 70.81 -26.24
N PHE WD 116 -99.98 71.25 -26.71
CA PHE WD 116 -101.10 70.37 -27.00
C PHE WD 116 -101.30 70.26 -28.50
N LEU WD 117 -101.17 69.04 -29.02
CA LEU WD 117 -101.38 68.78 -30.44
C LEU WD 117 -102.76 68.17 -30.59
N ASP WD 118 -103.66 68.92 -31.22
CA ASP WD 118 -105.03 68.47 -31.37
C ASP WD 118 -105.12 67.33 -32.37
N PRO WD 119 -105.84 66.26 -32.06
CA PRO WD 119 -105.95 65.12 -32.99
C PRO WD 119 -107.11 65.22 -33.98
N THR WD 120 -107.87 66.32 -33.97
CA THR WD 120 -108.98 66.48 -34.90
C THR WD 120 -108.84 67.73 -35.75
N ALA WD 121 -107.62 68.25 -35.90
CA ALA WD 121 -107.40 69.42 -36.73
C ALA WD 121 -107.70 69.10 -38.19
N ALA WD 122 -108.43 69.99 -38.85
CA ALA WD 122 -108.86 69.78 -40.24
C ALA WD 122 -107.75 70.23 -41.19
N ILE WD 123 -106.79 69.36 -41.38
CA ILE WD 123 -105.67 69.62 -42.27
C ILE WD 123 -105.96 69.01 -43.64
N VAL WD 124 -105.47 69.66 -44.68
CA VAL WD 124 -105.75 69.26 -46.06
C VAL WD 124 -104.43 69.07 -46.79
N SER WD 125 -104.48 68.30 -47.87
CA SER WD 125 -103.30 67.93 -48.63
C SER WD 125 -103.14 68.82 -49.85
N SER WD 126 -101.99 68.68 -50.51
CA SER WD 126 -101.68 69.50 -51.67
C SER WD 126 -102.66 69.23 -52.81
N ASP WD 127 -102.98 67.97 -53.07
CA ASP WD 127 -103.84 67.61 -54.19
C ASP WD 127 -105.22 68.23 -54.01
N THR WD 128 -105.73 68.83 -55.09
CA THR WD 128 -107.01 69.52 -55.03
C THR WD 128 -108.12 68.53 -55.42
N THR WD 129 -109.34 69.06 -55.57
CA THR WD 129 -110.48 68.25 -55.93
C THR WD 129 -110.67 68.20 -57.45
N ALA XD 1 2.77 -148.01 -36.40
CA ALA XD 1 2.22 -146.87 -37.11
C ALA XD 1 1.95 -145.71 -36.15
N ASN XD 2 1.81 -144.51 -36.71
CA ASN XD 2 1.55 -143.32 -35.92
C ASN XD 2 0.36 -142.58 -36.51
N LYS XD 3 -0.13 -141.59 -35.77
CA LYS XD 3 -1.28 -140.82 -36.22
C LYS XD 3 -0.84 -139.81 -37.28
N PRO XD 4 -1.40 -139.87 -38.49
CA PRO XD 4 -1.16 -138.79 -39.45
C PRO XD 4 -1.99 -137.57 -39.11
N MET XD 5 -1.43 -136.40 -39.38
CA MET XD 5 -2.20 -135.17 -39.19
C MET XD 5 -3.00 -134.86 -40.44
N GLN XD 6 -3.90 -133.91 -40.31
CA GLN XD 6 -4.57 -133.38 -41.48
C GLN XD 6 -4.44 -131.86 -41.48
N PRO XD 7 -4.26 -131.24 -42.64
CA PRO XD 7 -3.92 -129.81 -42.69
C PRO XD 7 -5.05 -128.95 -42.15
N ILE XD 8 -4.68 -127.81 -41.57
CA ILE XD 8 -5.67 -126.84 -41.10
C ILE XD 8 -5.58 -125.52 -41.86
N THR XD 9 -4.40 -125.11 -42.31
CA THR XD 9 -4.26 -123.82 -42.99
C THR XD 9 -3.42 -124.06 -44.24
N SER XD 10 -4.08 -124.34 -45.36
CA SER XD 10 -3.40 -124.55 -46.63
C SER XD 10 -3.25 -123.23 -47.36
N THR XD 11 -2.04 -122.98 -47.86
CA THR XD 11 -1.74 -121.75 -48.57
C THR XD 11 -0.58 -122.05 -49.52
N ALA XD 12 -0.39 -121.16 -50.49
CA ALA XD 12 0.76 -121.30 -51.38
C ALA XD 12 2.08 -121.10 -50.66
N ASN XD 13 2.07 -120.56 -49.44
CA ASN XD 13 3.28 -120.28 -48.70
C ASN XD 13 3.44 -121.13 -47.47
N LYS XD 14 2.37 -121.28 -46.67
CA LYS XD 14 2.45 -121.98 -45.39
C LYS XD 14 1.37 -123.05 -45.32
N ILE XD 15 1.75 -124.25 -44.89
CA ILE XD 15 0.82 -125.32 -44.60
C ILE XD 15 1.01 -125.71 -43.14
N VAL XD 16 -0.09 -125.83 -42.40
CA VAL XD 16 -0.05 -126.20 -40.99
C VAL XD 16 -0.86 -127.48 -40.81
N TRP XD 17 -0.23 -128.50 -40.24
CA TRP XD 17 -0.91 -129.72 -39.84
C TRP XD 17 -1.00 -129.78 -38.33
N SER XD 18 -2.01 -130.48 -37.83
CA SER XD 18 -2.15 -130.75 -36.42
C SER XD 18 -2.87 -132.06 -36.23
N ASP XD 19 -2.58 -132.72 -35.11
CA ASP XD 19 -3.19 -134.01 -34.83
C ASP XD 19 -4.65 -133.84 -34.47
N PRO XD 20 -5.57 -134.57 -35.12
CA PRO XD 20 -6.98 -134.46 -34.71
C PRO XD 20 -7.21 -134.85 -33.26
N THR XD 21 -6.44 -135.81 -32.74
CA THR XD 21 -6.58 -136.17 -31.34
C THR XD 21 -5.98 -135.12 -30.43
N ARG XD 22 -4.81 -134.59 -30.79
CA ARG XD 22 -4.12 -133.55 -30.03
C ARG XD 22 -3.90 -132.36 -30.94
N LEU XD 23 -4.80 -131.38 -30.88
CA LEU XD 23 -4.60 -130.18 -31.70
C LEU XD 23 -3.46 -129.32 -31.18
N SER XD 24 -2.94 -129.60 -29.99
CA SER XD 24 -1.81 -128.84 -29.47
C SER XD 24 -0.56 -129.06 -30.32
N THR XD 25 -0.25 -130.33 -30.61
CA THR XD 25 0.93 -130.62 -31.41
C THR XD 25 0.68 -130.27 -32.86
N THR XD 26 1.65 -129.60 -33.48
CA THR XD 26 1.51 -129.15 -34.87
C THR XD 26 2.84 -129.33 -35.59
N PHE XD 27 2.75 -129.40 -36.91
CA PHE XD 27 3.92 -129.35 -37.78
C PHE XD 27 3.56 -128.46 -38.96
N SER XD 28 4.23 -127.31 -39.07
CA SER XD 28 3.93 -126.34 -40.09
C SER XD 28 5.17 -126.04 -40.91
N ALA XD 29 5.00 -125.98 -42.22
CA ALA XD 29 6.08 -125.69 -43.16
C ALA XD 29 5.78 -124.39 -43.87
N SER XD 30 6.78 -123.50 -43.92
CA SER XD 30 6.64 -122.22 -44.58
C SER XD 30 7.80 -122.03 -45.55
N LEU XD 31 7.50 -121.40 -46.69
CA LEU XD 31 8.49 -121.19 -47.73
C LEU XD 31 8.48 -119.73 -48.16
N LEU XD 32 9.67 -119.16 -48.32
CA LEU XD 32 9.83 -117.86 -48.95
C LEU XD 32 10.87 -118.01 -50.04
N ARG XD 33 10.60 -117.45 -51.21
CA ARG XD 33 11.46 -117.63 -52.37
C ARG XD 33 11.73 -116.27 -53.00
N GLN XD 34 12.97 -116.07 -53.43
CA GLN XD 34 13.34 -114.84 -54.12
C GLN XD 34 14.55 -115.11 -54.99
N ARG XD 35 14.72 -114.25 -55.99
CA ARG XD 35 15.84 -114.36 -56.91
C ARG XD 35 17.07 -113.70 -56.32
N VAL XD 36 18.23 -114.34 -56.49
CA VAL XD 36 19.49 -113.81 -56.00
C VAL XD 36 20.47 -113.73 -57.16
N LYS XD 37 21.40 -112.79 -57.05
CA LYS XD 37 22.39 -112.52 -58.07
C LYS XD 37 23.74 -113.02 -57.56
N VAL XD 38 24.14 -114.22 -58.00
CA VAL XD 38 25.42 -114.78 -57.55
C VAL XD 38 26.57 -114.22 -58.38
N GLY XD 39 26.54 -114.43 -59.69
CA GLY XD 39 27.47 -113.77 -60.58
C GLY XD 39 26.95 -113.80 -62.01
N ILE XD 40 26.88 -112.62 -62.64
CA ILE XD 40 26.34 -112.39 -63.98
C ILE XD 40 25.20 -113.35 -64.31
N ALA XD 41 24.40 -113.71 -63.31
CA ALA XD 41 23.33 -114.69 -63.49
C ALA XD 41 22.44 -114.66 -62.27
N GLU XD 42 21.12 -114.66 -62.48
CA GLU XD 42 20.18 -114.75 -61.38
C GLU XD 42 19.99 -116.19 -60.95
N LEU XD 43 19.72 -116.38 -59.66
CA LEU XD 43 19.44 -117.70 -59.12
C LEU XD 43 18.18 -117.61 -58.26
N ASN XD 44 17.38 -118.67 -58.31
CA ASN XD 44 16.14 -118.74 -57.55
C ASN XD 44 16.44 -119.42 -56.23
N ASN XD 45 16.67 -118.63 -55.19
CA ASN XD 45 16.94 -119.14 -53.86
C ASN XD 45 15.63 -119.29 -53.11
N VAL XD 46 15.46 -120.42 -52.43
CA VAL XD 46 14.27 -120.71 -51.66
C VAL XD 46 14.70 -121.06 -50.24
N SER XD 47 14.00 -120.51 -49.26
CA SER XD 47 14.25 -120.78 -47.85
C SER XD 47 13.03 -121.46 -47.26
N GLY XD 48 13.20 -122.70 -46.79
CA GLY XD 48 12.12 -123.48 -46.23
C GLY XD 48 12.23 -123.56 -44.72
N GLN XD 49 11.16 -123.19 -44.04
CA GLN XD 49 11.09 -123.23 -42.58
C GLN XD 49 10.15 -124.34 -42.17
N TYR XD 50 10.65 -125.26 -41.36
CA TYR XD 50 9.89 -126.41 -40.90
C TYR XD 50 9.98 -126.46 -39.39
N VAL XD 51 8.88 -126.14 -38.71
CA VAL XD 51 8.83 -126.10 -37.26
C VAL XD 51 7.76 -127.07 -36.79
N SER XD 52 8.12 -127.92 -35.83
CA SER XD 52 7.20 -128.85 -35.21
C SER XD 52 7.28 -128.66 -33.70
N VAL XD 53 6.12 -128.42 -33.08
CA VAL XD 53 6.06 -128.09 -31.66
C VAL XD 53 5.11 -129.08 -30.98
N TYR XD 54 5.40 -129.41 -29.73
CA TYR XD 54 4.61 -130.33 -28.95
C TYR XD 54 4.41 -129.79 -27.54
N LYS XD 55 3.21 -129.96 -27.01
CA LYS XD 55 2.87 -129.57 -25.65
C LYS XD 55 2.84 -130.82 -24.79
N ARG XD 56 3.78 -130.93 -23.87
CA ARG XD 56 3.90 -132.14 -23.06
C ARG XD 56 4.15 -131.77 -21.61
N PRO XD 57 3.51 -132.48 -20.68
CA PRO XD 57 3.78 -132.28 -19.25
C PRO XD 57 4.97 -133.12 -18.80
N ALA XD 58 6.01 -132.41 -18.38
CA ALA XD 58 7.29 -133.02 -18.05
C ALA XD 58 7.36 -133.69 -16.67
N PRO XD 59 6.88 -133.03 -15.57
CA PRO XD 59 7.08 -133.58 -14.22
C PRO XD 59 6.64 -135.02 -13.96
N LYS XD 60 5.70 -135.17 -13.04
CA LYS XD 60 5.31 -136.48 -12.51
C LYS XD 60 6.54 -137.26 -12.03
N PRO XD 61 7.15 -136.84 -10.92
CA PRO XD 61 8.40 -137.47 -10.47
C PRO XD 61 8.25 -138.95 -10.17
N GLU XD 62 9.04 -139.77 -10.86
CA GLU XD 62 9.07 -141.22 -10.70
C GLU XD 62 7.65 -141.78 -10.73
N GLY XD 63 7.43 -142.96 -10.18
CA GLY XD 63 6.09 -143.49 -10.18
C GLY XD 63 5.30 -142.94 -9.01
N CYS XD 64 4.57 -141.86 -9.27
CA CYS XD 64 3.68 -141.27 -8.29
C CYS XD 64 2.41 -140.80 -8.96
N ALA XD 65 2.05 -141.47 -10.06
CA ALA XD 65 0.84 -141.16 -10.81
C ALA XD 65 -0.33 -140.96 -9.86
N ASP XD 66 -0.92 -139.77 -9.91
CA ASP XD 66 -1.89 -139.33 -8.92
C ASP XD 66 -3.30 -139.19 -9.47
N ALA XD 67 -3.49 -139.62 -10.72
CA ALA XD 67 -4.80 -139.59 -11.35
C ALA XD 67 -5.19 -138.19 -11.68
N CYS XD 68 -4.58 -137.67 -12.74
CA CYS XD 68 -4.93 -136.34 -13.20
C CYS XD 68 -4.57 -135.21 -12.29
N VAL XD 69 -4.39 -134.04 -12.87
CA VAL XD 69 -4.00 -132.87 -12.13
C VAL XD 69 -3.49 -131.97 -13.22
N ILE XD 70 -3.33 -132.53 -14.42
CA ILE XD 70 -2.86 -131.77 -15.57
C ILE XD 70 -1.83 -130.70 -15.25
N MET XD 71 -0.58 -131.10 -15.08
CA MET XD 71 0.45 -130.12 -14.84
C MET XD 71 0.67 -129.32 -16.10
N PRO XD 72 0.93 -128.03 -15.95
CA PRO XD 72 1.13 -127.17 -17.11
C PRO XD 72 2.20 -127.74 -18.03
N ASN XD 73 2.03 -127.51 -19.33
CA ASN XD 73 2.91 -128.05 -20.34
C ASN XD 73 4.02 -127.06 -20.66
N GLU XD 74 5.03 -127.53 -21.37
CA GLU XD 74 6.10 -126.68 -21.88
C GLU XD 74 6.33 -127.00 -23.35
N ASN XD 75 6.88 -126.02 -24.07
CA ASN XD 75 7.08 -126.18 -25.49
C ASN XD 75 8.23 -127.14 -25.77
N GLN XD 76 8.00 -128.08 -26.69
CA GLN XD 76 9.04 -128.94 -27.24
C GLN XD 76 9.06 -128.66 -28.73
N SER XD 77 9.91 -127.73 -29.15
CA SER XD 77 9.91 -127.23 -30.51
C SER XD 77 11.18 -127.66 -31.24
N ILE XD 78 11.03 -127.94 -32.53
CA ILE XD 78 12.14 -128.31 -33.41
C ILE XD 78 11.96 -127.51 -34.69
N ARG XD 79 12.81 -126.51 -34.90
CA ARG XD 79 12.71 -125.65 -36.06
C ARG XD 79 13.97 -125.80 -36.90
N THR XD 80 13.79 -126.08 -38.18
CA THR XD 80 14.89 -126.20 -39.12
C THR XD 80 14.66 -125.27 -40.30
N VAL XD 81 15.74 -124.69 -40.81
CA VAL XD 81 15.68 -123.79 -41.94
C VAL XD 81 16.65 -124.30 -43.00
N ILE XD 82 16.14 -124.51 -44.21
CA ILE XD 82 16.94 -124.95 -45.35
C ILE XD 82 16.95 -123.83 -46.38
N SER XD 83 18.15 -123.40 -46.75
CA SER XD 83 18.31 -122.33 -47.73
C SER XD 83 19.31 -122.76 -48.79
N GLY XD 84 19.02 -122.38 -50.03
CA GLY XD 84 19.92 -122.69 -51.12
C GLY XD 84 19.23 -122.54 -52.45
N SER XD 85 20.04 -122.48 -53.49
CA SER XD 85 19.52 -122.33 -54.84
C SER XD 85 18.80 -123.59 -55.28
N ALA XD 86 17.66 -123.41 -55.96
CA ALA XD 86 16.92 -124.55 -56.46
C ALA XD 86 17.69 -125.32 -57.52
N GLU XD 87 18.60 -124.65 -58.23
CA GLU XD 87 19.41 -125.31 -59.24
C GLU XD 87 20.44 -126.25 -58.62
N ASN XD 88 20.78 -126.07 -57.35
CA ASN XD 88 21.67 -126.97 -56.64
C ASN XD 88 20.90 -127.87 -55.68
N LEU XD 89 19.67 -128.24 -56.04
CA LEU XD 89 18.84 -129.03 -55.14
C LEU XD 89 19.40 -130.44 -54.94
N ALA XD 90 19.97 -131.03 -55.99
CA ALA XD 90 20.43 -132.41 -55.89
C ALA XD 90 21.51 -132.56 -54.82
N THR XD 91 22.45 -131.62 -54.79
CA THR XD 91 23.49 -131.66 -53.76
C THR XD 91 22.96 -131.21 -52.40
N LEU XD 92 21.94 -130.36 -52.38
CA LEU XD 92 21.39 -129.91 -51.10
C LEU XD 92 20.77 -131.05 -50.33
N LYS XD 93 20.22 -132.04 -51.02
CA LYS XD 93 19.70 -133.22 -50.35
C LYS XD 93 20.81 -133.95 -49.60
N ALA XD 94 21.98 -134.07 -50.23
CA ALA XD 94 23.13 -134.64 -49.54
C ALA XD 94 23.54 -133.79 -48.36
N GLU XD 95 23.48 -132.47 -48.50
CA GLU XD 95 23.76 -131.58 -47.38
C GLU XD 95 22.80 -131.86 -46.23
N TRP XD 96 21.51 -132.00 -46.53
CA TRP XD 96 20.53 -132.29 -45.50
C TRP XD 96 20.80 -133.64 -44.86
N GLU XD 97 21.16 -134.63 -45.66
CA GLU XD 97 21.39 -135.97 -45.12
C GLU XD 97 22.54 -135.98 -44.13
N THR XD 98 23.67 -135.36 -44.49
CA THR XD 98 24.80 -135.33 -43.59
C THR XD 98 24.51 -134.49 -42.35
N HIS XD 99 23.78 -133.39 -42.53
CA HIS XD 99 23.42 -132.55 -41.38
C HIS XD 99 22.63 -133.35 -40.35
N LYS XD 100 21.82 -134.30 -40.81
CA LYS XD 100 21.14 -135.20 -39.88
C LYS XD 100 22.14 -136.03 -39.10
N ARG XD 101 23.15 -136.57 -39.79
CA ARG XD 101 24.13 -137.43 -39.14
C ARG XD 101 24.93 -136.66 -38.10
N ASN XD 102 25.34 -135.43 -38.43
CA ASN XD 102 26.13 -134.64 -37.49
C ASN XD 102 25.33 -134.34 -36.23
N VAL XD 103 24.08 -133.89 -36.39
CA VAL XD 103 23.25 -133.60 -35.22
C VAL XD 103 22.99 -134.88 -34.43
N ASP XD 104 22.71 -135.98 -35.13
CA ASP XD 104 22.45 -137.24 -34.44
C ASP XD 104 23.63 -137.64 -33.57
N THR XD 105 24.85 -137.38 -34.03
CA THR XD 105 26.02 -137.71 -33.23
C THR XD 105 26.04 -136.95 -31.93
N LEU XD 106 25.82 -135.64 -31.98
CA LEU XD 106 25.83 -134.84 -30.75
C LEU XD 106 24.58 -135.07 -29.93
N PHE XD 107 23.41 -135.11 -30.58
CA PHE XD 107 22.14 -135.10 -29.88
C PHE XD 107 21.59 -136.50 -29.64
N ALA XD 108 21.35 -137.26 -30.71
CA ALA XD 108 20.75 -138.57 -30.55
C ALA XD 108 21.68 -139.53 -29.80
N SER XD 109 22.97 -139.47 -30.09
CA SER XD 109 23.92 -140.38 -29.48
C SER XD 109 24.69 -139.77 -28.32
N GLY XD 110 24.87 -138.45 -28.30
CA GLY XD 110 25.64 -137.79 -27.28
C GLY XD 110 24.78 -137.18 -26.20
N ASN XD 111 25.35 -136.19 -25.51
CA ASN XD 111 24.68 -135.53 -24.40
C ASN XD 111 24.38 -134.06 -24.70
N ALA XD 112 24.24 -133.72 -25.98
CA ALA XD 112 23.96 -132.33 -26.33
C ALA XD 112 22.64 -131.86 -25.75
N GLY XD 113 21.64 -132.75 -25.74
CA GLY XD 113 20.35 -132.37 -25.19
C GLY XD 113 20.43 -132.01 -23.71
N LEU XD 114 21.29 -132.71 -22.97
CA LEU XD 114 21.44 -132.42 -21.55
C LEU XD 114 22.16 -131.10 -21.33
N GLY XD 115 23.06 -130.72 -22.22
CA GLY XD 115 23.77 -129.46 -22.08
C GLY XD 115 25.27 -129.61 -22.18
N PHE XD 116 25.73 -130.77 -22.65
CA PHE XD 116 27.15 -131.07 -22.76
C PHE XD 116 27.55 -131.15 -24.23
N LEU XD 117 28.66 -130.50 -24.56
CA LEU XD 117 29.24 -130.53 -25.90
C LEU XD 117 30.55 -131.30 -25.86
N ASP XD 118 30.69 -132.26 -26.78
CA ASP XD 118 31.86 -133.12 -26.79
C ASP XD 118 32.81 -132.66 -27.90
N PRO XD 119 33.94 -132.05 -27.57
CA PRO XD 119 34.84 -131.56 -28.62
C PRO XD 119 35.55 -132.65 -29.39
N THR XD 120 35.44 -133.92 -28.97
CA THR XD 120 36.06 -135.02 -29.69
C THR XD 120 35.05 -135.87 -30.45
N ALA XD 121 33.85 -135.34 -30.71
CA ALA XD 121 32.87 -136.08 -31.48
C ALA XD 121 33.29 -136.16 -32.94
N ALA XD 122 32.83 -137.22 -33.61
CA ALA XD 122 33.17 -137.47 -35.00
C ALA XD 122 32.18 -136.72 -35.88
N ILE XD 123 32.65 -135.70 -36.59
CA ILE XD 123 31.84 -134.89 -37.48
C ILE XD 123 32.34 -135.10 -38.90
N VAL XD 124 31.43 -135.44 -39.81
CA VAL XD 124 31.77 -135.80 -41.17
C VAL XD 124 31.05 -134.86 -42.13
N SER XD 125 31.76 -134.43 -43.17
CA SER XD 125 31.21 -133.48 -44.11
C SER XD 125 30.46 -134.18 -45.24
N SER XD 126 29.77 -133.39 -46.06
CA SER XD 126 29.08 -133.95 -47.21
C SER XD 126 30.05 -134.54 -48.21
N ASP XD 127 31.19 -133.89 -48.42
CA ASP XD 127 32.19 -134.37 -49.36
C ASP XD 127 32.71 -135.74 -48.91
N THR XD 128 32.78 -136.68 -49.85
CA THR XD 128 33.26 -138.01 -49.55
C THR XD 128 34.65 -138.21 -50.15
N THR XD 129 35.30 -139.29 -49.73
CA THR XD 129 36.64 -139.59 -50.21
C THR XD 129 36.66 -140.92 -50.97
N ALA YD 1 4.50 -132.65 -76.04
CA ALA YD 1 5.83 -133.11 -75.68
C ALA YD 1 6.58 -132.03 -74.92
N ASN YD 2 5.90 -130.93 -74.65
CA ASN YD 2 6.52 -129.82 -73.94
C ASN YD 2 6.33 -129.98 -72.44
N LYS YD 3 7.21 -129.32 -71.68
CA LYS YD 3 7.20 -129.45 -70.22
C LYS YD 3 5.99 -128.74 -69.64
N PRO YD 4 5.21 -129.39 -68.78
CA PRO YD 4 4.12 -128.69 -68.09
C PRO YD 4 4.61 -127.99 -66.84
N MET YD 5 3.87 -126.98 -66.42
CA MET YD 5 4.16 -126.30 -65.17
C MET YD 5 3.29 -126.88 -64.07
N GLN YD 6 3.48 -126.35 -62.86
CA GLN YD 6 2.60 -126.58 -61.73
C GLN YD 6 2.41 -125.26 -61.01
N PRO YD 7 1.26 -125.06 -60.38
CA PRO YD 7 1.01 -123.77 -59.71
C PRO YD 7 1.99 -123.55 -58.57
N ILE YD 8 2.35 -122.28 -58.37
CA ILE YD 8 3.26 -121.90 -57.30
C ILE YD 8 2.52 -121.00 -56.32
N THR YD 9 2.06 -119.85 -56.80
CA THR YD 9 1.38 -118.87 -55.97
C THR YD 9 -0.12 -118.90 -56.28
N SER YD 10 -0.92 -119.09 -55.25
CA SER YD 10 -2.37 -119.07 -55.36
C SER YD 10 -2.91 -117.91 -54.55
N THR YD 11 -3.91 -117.24 -55.10
CA THR YD 11 -4.48 -116.06 -54.47
C THR YD 11 -5.97 -116.05 -54.80
N ALA YD 12 -6.71 -115.12 -54.19
CA ALA YD 12 -8.13 -115.00 -54.46
C ALA YD 12 -8.41 -114.84 -55.94
N ASN YD 13 -7.62 -114.01 -56.62
CA ASN YD 13 -7.82 -113.76 -58.04
C ASN YD 13 -6.50 -113.75 -58.78
N LYS YD 14 -5.62 -114.71 -58.49
CA LYS YD 14 -4.36 -114.82 -59.21
C LYS YD 14 -3.76 -116.18 -58.97
N ILE YD 15 -3.41 -116.86 -60.05
CA ILE YD 15 -2.72 -118.14 -60.00
C ILE YD 15 -1.47 -118.04 -60.88
N VAL YD 16 -0.33 -118.47 -60.35
CA VAL YD 16 0.93 -118.41 -61.07
C VAL YD 16 1.53 -119.80 -61.14
N TRP YD 17 1.89 -120.22 -62.35
CA TRP YD 17 2.58 -121.48 -62.56
C TRP YD 17 4.07 -121.23 -62.81
N SER YD 18 4.86 -122.29 -62.67
CA SER YD 18 6.28 -122.21 -62.93
C SER YD 18 6.80 -123.60 -63.27
N ASP YD 19 7.81 -123.63 -64.12
CA ASP YD 19 8.41 -124.89 -64.56
C ASP YD 19 9.36 -125.40 -63.50
N PRO YD 20 9.22 -126.65 -63.03
CA PRO YD 20 10.15 -127.15 -62.01
C PRO YD 20 11.60 -127.17 -62.48
N THR YD 21 11.84 -127.45 -63.76
CA THR YD 21 13.21 -127.48 -64.25
C THR YD 21 13.80 -126.09 -64.33
N ARG YD 22 13.06 -125.14 -64.89
CA ARG YD 22 13.49 -123.74 -64.99
C ARG YD 22 12.47 -122.89 -64.25
N LEU YD 23 12.81 -122.50 -63.02
CA LEU YD 23 11.88 -121.70 -62.22
C LEU YD 23 11.66 -120.32 -62.81
N SER YD 24 12.49 -119.91 -63.77
CA SER YD 24 12.36 -118.58 -64.34
C SER YD 24 11.06 -118.44 -65.14
N THR YD 25 10.75 -119.45 -65.95
CA THR YD 25 9.56 -119.37 -66.80
C THR YD 25 8.30 -119.39 -65.96
N THR YD 26 7.37 -118.48 -66.27
CA THR YD 26 6.14 -118.38 -65.50
C THR YD 26 4.97 -118.12 -66.45
N PHE YD 27 3.77 -118.36 -65.94
CA PHE YD 27 2.54 -117.97 -66.62
C PHE YD 27 1.55 -117.54 -65.54
N SER YD 28 1.18 -116.27 -65.56
CA SER YD 28 0.32 -115.69 -64.53
C SER YD 28 -1.05 -115.37 -65.11
N ALA YD 29 -2.08 -115.54 -64.28
CA ALA YD 29 -3.45 -115.23 -64.66
C ALA YD 29 -4.14 -114.55 -63.48
N SER YD 30 -4.68 -113.36 -63.72
CA SER YD 30 -5.40 -112.62 -62.70
C SER YD 30 -6.72 -112.11 -63.27
N LEU YD 31 -7.73 -112.03 -62.41
CA LEU YD 31 -9.08 -111.72 -62.84
C LEU YD 31 -9.69 -110.64 -61.97
N LEU YD 32 -10.59 -109.86 -62.56
CA LEU YD 32 -11.38 -108.87 -61.85
C LEU YD 32 -12.83 -109.00 -62.28
N ARG YD 33 -13.75 -108.80 -61.33
CA ARG YD 33 -15.17 -108.88 -61.59
C ARG YD 33 -15.84 -107.59 -61.12
N GLN YD 34 -16.47 -106.88 -62.05
CA GLN YD 34 -17.17 -105.63 -61.76
C GLN YD 34 -18.65 -105.77 -62.06
N ARG YD 35 -19.44 -104.95 -61.38
CA ARG YD 35 -20.89 -104.93 -61.54
C ARG YD 35 -21.25 -103.69 -62.33
N VAL YD 36 -21.07 -103.75 -63.64
CA VAL YD 36 -21.16 -102.57 -64.48
C VAL YD 36 -22.61 -102.17 -64.68
N LYS YD 37 -22.84 -100.88 -64.88
CA LYS YD 37 -24.19 -100.31 -65.04
C LYS YD 37 -24.43 -100.04 -66.52
N VAL YD 38 -24.85 -101.07 -67.25
CA VAL YD 38 -25.39 -100.84 -68.57
C VAL YD 38 -26.79 -100.22 -68.45
N GLY YD 39 -27.11 -99.35 -69.40
CA GLY YD 39 -28.38 -98.64 -69.40
C GLY YD 39 -29.57 -99.53 -69.09
N ILE YD 40 -30.28 -99.19 -68.02
CA ILE YD 40 -31.40 -99.95 -67.45
C ILE YD 40 -31.14 -101.45 -67.53
N ALA YD 41 -29.91 -101.86 -67.18
CA ALA YD 41 -29.57 -103.27 -67.21
C ALA YD 41 -28.46 -103.53 -66.19
N GLU YD 42 -28.41 -104.77 -65.72
CA GLU YD 42 -27.35 -105.23 -64.85
C GLU YD 42 -26.46 -106.19 -65.63
N LEU YD 43 -25.16 -106.00 -65.52
CA LEU YD 43 -24.24 -106.79 -66.33
C LEU YD 43 -23.02 -107.14 -65.49
N ASN YD 44 -22.54 -108.38 -65.62
CA ASN YD 44 -21.35 -108.84 -64.92
C ASN YD 44 -20.16 -108.75 -65.86
N ASN YD 45 -19.16 -107.97 -65.47
CA ASN YD 45 -17.97 -107.74 -66.27
C ASN YD 45 -16.79 -108.50 -65.66
N VAL YD 46 -16.03 -109.16 -66.53
CA VAL YD 46 -14.84 -109.91 -66.14
C VAL YD 46 -13.67 -109.39 -66.95
N SER YD 47 -12.60 -109.01 -66.27
CA SER YD 47 -11.37 -108.54 -66.92
C SER YD 47 -10.22 -109.42 -66.46
N GLY YD 48 -9.82 -110.36 -67.29
CA GLY YD 48 -8.76 -111.27 -66.93
C GLY YD 48 -7.51 -111.08 -67.77
N GLN YD 49 -6.37 -110.89 -67.11
CA GLN YD 49 -5.10 -110.67 -67.78
C GLN YD 49 -4.21 -111.88 -67.59
N TYR YD 50 -3.47 -112.23 -68.65
CA TYR YD 50 -2.60 -113.39 -68.65
C TYR YD 50 -1.23 -112.97 -69.12
N VAL YD 51 -0.21 -113.28 -68.31
CA VAL YD 51 1.16 -112.87 -68.58
C VAL YD 51 2.03 -114.11 -68.65
N SER YD 52 2.76 -114.25 -69.75
CA SER YD 52 3.73 -115.33 -69.92
C SER YD 52 5.11 -114.70 -70.02
N VAL YD 53 6.01 -115.10 -69.13
CA VAL YD 53 7.33 -114.48 -69.00
C VAL YD 53 8.40 -115.55 -69.12
N TYR YD 54 9.44 -115.25 -69.89
CA TYR YD 54 10.56 -116.16 -70.09
C TYR YD 54 11.86 -115.36 -70.07
N LYS YD 55 12.88 -115.93 -69.44
CA LYS YD 55 14.22 -115.35 -69.45
C LYS YD 55 15.09 -116.27 -70.30
N ARG YD 56 15.35 -115.86 -71.53
CA ARG YD 56 16.11 -116.68 -72.46
C ARG YD 56 17.37 -115.96 -72.88
N PRO YD 57 18.54 -116.54 -72.68
CA PRO YD 57 19.75 -115.94 -73.22
C PRO YD 57 19.94 -116.33 -74.67
N ALA YD 58 19.69 -115.41 -75.60
CA ALA YD 58 19.90 -115.79 -76.99
C ALA YD 58 20.58 -114.72 -77.84
N PRO YD 59 21.64 -114.05 -77.37
CA PRO YD 59 22.52 -113.38 -78.33
C PRO YD 59 23.22 -114.43 -79.19
N LYS YD 60 23.88 -115.37 -78.51
CA LYS YD 60 24.55 -116.52 -79.10
C LYS YD 60 25.35 -116.10 -80.33
N PRO YD 61 26.50 -115.45 -80.13
CA PRO YD 61 27.30 -115.01 -81.27
C PRO YD 61 27.63 -116.18 -82.19
N GLU YD 62 27.46 -115.98 -83.50
CA GLU YD 62 27.60 -117.07 -84.45
C GLU YD 62 29.05 -117.54 -84.50
N GLY YD 63 29.33 -118.55 -85.31
CA GLY YD 63 30.61 -119.20 -85.24
C GLY YD 63 30.57 -120.42 -84.35
N CYS YD 64 31.00 -120.30 -83.10
CA CYS YD 64 30.99 -121.46 -82.22
C CYS YD 64 29.64 -121.60 -81.53
N ALA YD 65 29.24 -122.84 -81.30
CA ALA YD 65 28.13 -123.15 -80.41
C ALA YD 65 28.48 -124.16 -79.33
N ASP YD 66 29.43 -125.06 -79.58
CA ASP YD 66 29.87 -125.99 -78.55
C ASP YD 66 30.54 -125.26 -77.39
N ALA YD 67 31.32 -124.22 -77.71
CA ALA YD 67 32.06 -123.50 -76.67
C ALA YD 67 31.07 -122.81 -75.73
N CYS YD 68 30.96 -123.33 -74.51
CA CYS YD 68 29.97 -122.84 -73.57
C CYS YD 68 30.38 -121.50 -72.98
N VAL YD 69 29.80 -120.43 -73.52
CA VAL YD 69 29.97 -119.08 -73.01
C VAL YD 69 28.58 -118.60 -72.61
N ILE YD 70 28.45 -118.10 -71.37
CA ILE YD 70 27.15 -117.67 -70.89
C ILE YD 70 26.87 -116.25 -71.34
N MET YD 71 25.76 -116.07 -72.05
CA MET YD 71 25.24 -114.73 -72.32
C MET YD 71 24.12 -114.46 -71.33
N PRO YD 72 23.88 -113.21 -70.95
CA PRO YD 72 22.85 -112.94 -69.96
C PRO YD 72 21.45 -113.08 -70.54
N ASN YD 73 20.44 -112.90 -69.70
CA ASN YD 73 19.06 -113.20 -70.05
C ASN YD 73 18.32 -111.94 -70.41
N GLU YD 74 17.32 -112.09 -71.28
CA GLU YD 74 16.46 -111.00 -71.70
C GLU YD 74 15.02 -111.31 -71.32
N ASN YD 75 14.17 -110.28 -71.39
CA ASN YD 75 12.76 -110.43 -71.07
C ASN YD 75 11.98 -110.74 -72.35
N GLN YD 76 11.37 -111.91 -72.40
CA GLN YD 76 10.42 -112.28 -73.44
C GLN YD 76 9.07 -112.43 -72.76
N SER YD 77 8.27 -111.36 -72.78
CA SER YD 77 7.02 -111.32 -72.07
C SER YD 77 5.87 -111.12 -73.03
N ILE YD 78 4.77 -111.81 -72.78
CA ILE YD 78 3.56 -111.69 -73.59
C ILE YD 78 2.41 -111.42 -72.63
N ARG YD 79 1.81 -110.25 -72.73
CA ARG YD 79 0.70 -109.84 -71.88
C ARG YD 79 -0.57 -109.78 -72.71
N THR YD 80 -1.64 -110.36 -72.18
CA THR YD 80 -2.94 -110.33 -72.83
C THR YD 80 -4.00 -110.05 -71.79
N VAL YD 81 -4.92 -109.15 -72.13
CA VAL YD 81 -6.04 -108.82 -71.25
C VAL YD 81 -7.33 -109.07 -72.03
N ILE YD 82 -8.31 -109.69 -71.38
CA ILE YD 82 -9.60 -109.97 -71.98
C ILE YD 82 -10.65 -109.32 -71.10
N SER YD 83 -11.43 -108.42 -71.69
CA SER YD 83 -12.47 -107.69 -70.98
C SER YD 83 -13.79 -107.85 -71.72
N GLY YD 84 -14.83 -108.20 -70.99
CA GLY YD 84 -16.13 -108.36 -71.59
C GLY YD 84 -17.13 -108.86 -70.58
N SER YD 85 -18.38 -108.94 -71.00
CA SER YD 85 -19.45 -109.41 -70.15
C SER YD 85 -19.43 -110.93 -70.07
N ALA YD 86 -19.99 -111.46 -68.97
CA ALA YD 86 -20.10 -112.91 -68.84
C ALA YD 86 -21.06 -113.49 -69.87
N GLU YD 87 -22.15 -112.79 -70.16
CA GLU YD 87 -23.17 -113.32 -71.05
C GLU YD 87 -22.68 -113.34 -72.50
N ASN YD 88 -22.06 -112.27 -72.95
CA ASN YD 88 -21.57 -112.20 -74.32
C ASN YD 88 -20.30 -113.02 -74.53
N LEU YD 89 -19.93 -113.84 -73.55
CA LEU YD 89 -18.73 -114.67 -73.69
C LEU YD 89 -18.82 -115.59 -74.89
N ALA YD 90 -20.03 -116.04 -75.24
CA ALA YD 90 -20.18 -116.93 -76.39
C ALA YD 90 -19.68 -116.24 -77.66
N THR YD 91 -20.06 -114.98 -77.86
CA THR YD 91 -19.54 -114.24 -78.99
C THR YD 91 -18.12 -113.77 -78.76
N LEU YD 92 -17.77 -113.44 -77.51
CA LEU YD 92 -16.43 -112.96 -77.22
C LEU YD 92 -15.39 -114.03 -77.50
N LYS YD 93 -15.71 -115.30 -77.23
CA LYS YD 93 -14.76 -116.37 -77.56
C LYS YD 93 -14.47 -116.40 -79.05
N ALA YD 94 -15.49 -116.27 -79.88
CA ALA YD 94 -15.27 -116.21 -81.32
C ALA YD 94 -14.47 -114.97 -81.69
N GLU YD 95 -14.74 -113.85 -81.01
CA GLU YD 95 -13.98 -112.64 -81.27
C GLU YD 95 -12.51 -112.84 -80.90
N TRP YD 96 -12.24 -113.54 -79.80
CA TRP YD 96 -10.85 -113.85 -79.43
C TRP YD 96 -10.18 -114.67 -80.51
N GLU YD 97 -10.93 -115.57 -81.16
CA GLU YD 97 -10.37 -116.37 -82.25
C GLU YD 97 -9.86 -115.47 -83.37
N THR YD 98 -10.64 -114.46 -83.73
CA THR YD 98 -10.22 -113.53 -84.77
C THR YD 98 -8.98 -112.76 -84.36
N HIS YD 99 -8.92 -112.33 -83.10
CA HIS YD 99 -7.78 -111.57 -82.62
C HIS YD 99 -6.48 -112.36 -82.78
N LYS YD 100 -6.53 -113.66 -82.53
CA LYS YD 100 -5.35 -114.49 -82.74
C LYS YD 100 -4.96 -114.51 -84.22
N ARG YD 101 -5.94 -114.64 -85.11
CA ARG YD 101 -5.63 -114.72 -86.52
C ARG YD 101 -5.08 -113.39 -87.03
N ASN YD 102 -5.63 -112.28 -86.55
CA ASN YD 102 -5.14 -110.97 -86.97
C ASN YD 102 -3.69 -110.77 -86.57
N VAL YD 103 -3.35 -111.13 -85.33
CA VAL YD 103 -1.97 -110.97 -84.88
C VAL YD 103 -1.05 -111.90 -85.65
N ASP YD 104 -1.47 -113.15 -85.85
CA ASP YD 104 -0.62 -114.11 -86.53
C ASP YD 104 -0.30 -113.66 -87.95
N THR YD 105 -1.30 -113.18 -88.68
CA THR YD 105 -1.07 -112.79 -90.06
C THR YD 105 -0.27 -111.51 -90.15
N LEU YD 106 -0.08 -110.82 -89.04
CA LEU YD 106 0.67 -109.56 -89.06
C LEU YD 106 2.00 -109.67 -88.32
N PHE YD 107 2.09 -110.53 -87.31
CA PHE YD 107 3.31 -110.68 -86.54
C PHE YD 107 3.97 -112.04 -86.79
N ALA YD 108 3.22 -113.13 -86.60
CA ALA YD 108 3.80 -114.46 -86.81
C ALA YD 108 4.11 -114.69 -88.29
N SER YD 109 3.19 -114.32 -89.17
CA SER YD 109 3.40 -114.50 -90.60
C SER YD 109 4.15 -113.34 -91.23
N GLY YD 110 4.02 -112.14 -90.69
CA GLY YD 110 4.71 -110.97 -91.20
C GLY YD 110 6.03 -110.74 -90.50
N ASN YD 111 6.44 -109.47 -90.45
CA ASN YD 111 7.67 -109.10 -89.77
C ASN YD 111 7.44 -107.95 -88.79
N ALA YD 112 6.28 -107.90 -88.16
CA ALA YD 112 6.02 -106.88 -87.16
C ALA YD 112 6.94 -107.00 -85.96
N GLY YD 113 7.49 -108.18 -85.72
CA GLY YD 113 8.42 -108.36 -84.63
C GLY YD 113 9.80 -107.79 -84.88
N LEU YD 114 10.05 -107.29 -86.09
CA LEU YD 114 11.30 -106.62 -86.40
C LEU YD 114 11.14 -105.11 -86.45
N GLY YD 115 10.02 -104.58 -85.99
CA GLY YD 115 9.75 -103.17 -86.06
C GLY YD 115 9.14 -102.69 -87.36
N PHE YD 116 8.85 -103.61 -88.29
CA PHE YD 116 8.30 -103.26 -89.58
C PHE YD 116 6.78 -103.39 -89.55
N LEU YD 117 6.09 -102.31 -89.90
CA LEU YD 117 4.64 -102.31 -89.97
C LEU YD 117 4.20 -102.37 -91.43
N ASP YD 118 3.32 -103.32 -91.73
CA ASP YD 118 2.83 -103.50 -93.09
C ASP YD 118 1.41 -102.98 -93.19
N PRO YD 119 1.16 -101.87 -93.91
CA PRO YD 119 -0.20 -101.34 -94.00
C PRO YD 119 -1.10 -102.05 -94.98
N THR YD 120 -0.59 -103.07 -95.69
CA THR YD 120 -1.40 -103.80 -96.65
C THR YD 120 -1.70 -105.22 -96.21
N ALA YD 121 -1.43 -105.56 -94.95
CA ALA YD 121 -1.70 -106.90 -94.45
C ALA YD 121 -3.20 -107.17 -94.41
N ALA YD 122 -3.58 -108.39 -94.76
CA ALA YD 122 -4.98 -108.79 -94.79
C ALA YD 122 -5.46 -109.04 -93.37
N ILE YD 123 -6.44 -108.27 -92.93
CA ILE YD 123 -6.97 -108.35 -91.57
C ILE YD 123 -8.49 -108.42 -91.65
N VAL YD 124 -9.06 -109.52 -91.17
CA VAL YD 124 -10.49 -109.80 -91.32
C VAL YD 124 -11.15 -109.70 -89.95
N SER YD 125 -12.45 -109.40 -89.96
CA SER YD 125 -13.17 -109.06 -88.76
C SER YD 125 -13.75 -110.31 -88.09
N SER YD 126 -14.29 -110.11 -86.88
CA SER YD 126 -14.86 -111.22 -86.12
C SER YD 126 -16.08 -111.81 -86.83
N ASP YD 127 -16.97 -110.95 -87.32
CA ASP YD 127 -18.16 -111.42 -88.00
C ASP YD 127 -17.80 -112.10 -89.32
N THR YD 128 -18.79 -112.76 -89.90
CA THR YD 128 -18.61 -113.49 -91.14
C THR YD 128 -19.58 -112.97 -92.19
N THR YD 129 -19.23 -113.16 -93.46
CA THR YD 129 -20.05 -112.70 -94.57
C THR YD 129 -21.39 -113.43 -94.61
N ALA ZD 1 -28.80 -134.44 -60.07
CA ALA ZD 1 -28.38 -133.74 -61.28
C ALA ZD 1 -28.21 -132.25 -61.01
N ASN ZD 2 -27.92 -131.92 -59.76
CA ASN ZD 2 -27.71 -130.53 -59.38
C ASN ZD 2 -26.42 -129.99 -60.00
N LYS ZD 3 -26.48 -128.76 -60.48
CA LYS ZD 3 -25.30 -128.14 -61.06
C LYS ZD 3 -24.32 -127.77 -59.95
N PRO ZD 4 -23.06 -128.20 -60.06
CA PRO ZD 4 -22.08 -127.84 -59.04
C PRO ZD 4 -21.43 -126.50 -59.32
N MET ZD 5 -21.09 -125.79 -58.24
CA MET ZD 5 -20.37 -124.54 -58.38
C MET ZD 5 -18.87 -124.78 -58.37
N GLN ZD 6 -18.12 -123.69 -58.51
CA GLN ZD 6 -16.67 -123.69 -58.38
C GLN ZD 6 -16.26 -122.53 -57.49
N PRO ZD 7 -15.14 -122.65 -56.77
CA PRO ZD 7 -14.72 -121.58 -55.88
C PRO ZD 7 -14.40 -120.30 -56.63
N ILE ZD 8 -14.65 -119.18 -55.98
CA ILE ZD 8 -14.32 -117.86 -56.50
C ILE ZD 8 -13.17 -117.22 -55.73
N THR ZD 9 -13.30 -117.11 -54.41
CA THR ZD 9 -12.32 -116.44 -53.57
C THR ZD 9 -11.80 -117.45 -52.55
N SER ZD 10 -10.75 -118.17 -52.93
CA SER ZD 10 -10.12 -119.10 -52.01
C SER ZD 10 -9.24 -118.34 -51.04
N THR ZD 11 -9.41 -118.63 -49.75
CA THR ZD 11 -8.64 -117.97 -48.70
C THR ZD 11 -8.47 -118.95 -47.55
N ALA ZD 12 -7.49 -118.67 -46.69
CA ALA ZD 12 -7.25 -119.51 -45.53
C ALA ZD 12 -8.41 -119.51 -44.54
N ASN ZD 13 -9.35 -118.57 -44.66
CA ASN ZD 13 -10.46 -118.47 -43.75
C ASN ZD 13 -11.82 -118.58 -44.43
N LYS ZD 14 -11.95 -118.10 -45.66
CA LYS ZD 14 -13.23 -118.07 -46.36
C LYS ZD 14 -13.08 -118.59 -47.77
N ILE ZD 15 -14.00 -119.46 -48.18
CA ILE ZD 15 -14.09 -119.94 -49.56
C ILE ZD 15 -15.53 -119.74 -50.02
N VAL ZD 16 -15.70 -119.14 -51.19
CA VAL ZD 16 -17.03 -118.86 -51.74
C VAL ZD 16 -17.17 -119.63 -53.06
N TRP ZD 17 -18.30 -120.31 -53.22
CA TRP ZD 17 -18.61 -121.01 -54.45
C TRP ZD 17 -19.71 -120.26 -55.18
N SER ZD 18 -19.62 -120.23 -56.51
CA SER ZD 18 -20.64 -119.61 -57.33
C SER ZD 18 -20.85 -120.45 -58.58
N ASP ZD 19 -22.10 -120.52 -59.02
CA ASP ZD 19 -22.45 -121.35 -60.16
C ASP ZD 19 -22.08 -120.64 -61.46
N PRO ZD 20 -21.32 -121.28 -62.35
CA PRO ZD 20 -20.98 -120.61 -63.62
C PRO ZD 20 -22.19 -120.23 -64.44
N THR ZD 21 -23.23 -121.07 -64.48
CA THR ZD 21 -24.40 -120.75 -65.30
C THR ZD 21 -25.20 -119.59 -64.71
N ARG ZD 22 -25.17 -119.43 -63.39
CA ARG ZD 22 -25.87 -118.34 -62.71
C ARG ZD 22 -24.93 -117.74 -61.68
N LEU ZD 23 -24.28 -116.63 -62.05
CA LEU ZD 23 -23.30 -116.01 -61.16
C LEU ZD 23 -23.94 -115.50 -59.89
N SER ZD 24 -25.26 -115.32 -59.87
CA SER ZD 24 -25.90 -114.72 -58.70
C SER ZD 24 -25.86 -115.65 -57.50
N THR ZD 25 -26.22 -116.91 -57.69
CA THR ZD 25 -26.27 -117.85 -56.57
C THR ZD 25 -24.87 -118.15 -56.06
N THR ZD 26 -24.73 -118.19 -54.73
CA THR ZD 26 -23.44 -118.38 -54.10
C THR ZD 26 -23.59 -119.28 -52.89
N PHE ZD 27 -22.45 -119.77 -52.40
CA PHE ZD 27 -22.39 -120.50 -51.14
C PHE ZD 27 -21.05 -120.20 -50.51
N SER ZD 28 -21.05 -119.51 -49.38
CA SER ZD 28 -19.84 -119.07 -48.72
C SER ZD 28 -19.68 -119.77 -47.38
N ALA ZD 29 -18.48 -120.27 -47.11
CA ALA ZD 29 -18.13 -120.89 -45.85
C ALA ZD 29 -16.92 -120.18 -45.26
N SER ZD 30 -17.02 -119.77 -44.01
CA SER ZD 30 -15.92 -119.11 -43.32
C SER ZD 30 -15.70 -119.76 -41.97
N LEU ZD 31 -14.45 -119.79 -41.54
CA LEU ZD 31 -14.06 -120.44 -40.30
C LEU ZD 31 -13.35 -119.45 -39.40
N LEU ZD 32 -13.62 -119.54 -38.10
CA LEU ZD 32 -12.94 -118.73 -37.08
C LEU ZD 32 -12.52 -119.68 -35.97
N ARG ZD 33 -11.29 -120.13 -36.02
CA ARG ZD 33 -10.75 -121.08 -35.04
C ARG ZD 33 -10.11 -120.29 -33.90
N GLN ZD 34 -10.48 -120.62 -32.67
CA GLN ZD 34 -10.05 -119.88 -31.50
C GLN ZD 34 -9.72 -120.85 -30.38
N ARG ZD 35 -8.82 -120.42 -29.51
CA ARG ZD 35 -8.27 -121.26 -28.43
C ARG ZD 35 -8.71 -120.66 -27.11
N VAL ZD 36 -9.38 -121.46 -26.27
CA VAL ZD 36 -10.07 -120.93 -25.10
C VAL ZD 36 -9.84 -121.81 -23.87
N LYS ZD 37 -9.82 -121.18 -22.70
CA LYS ZD 37 -9.84 -121.84 -21.41
C LYS ZD 37 -11.27 -121.95 -20.91
N VAL ZD 38 -11.65 -123.15 -20.45
CA VAL ZD 38 -12.94 -123.31 -19.76
C VAL ZD 38 -12.72 -124.00 -18.41
N GLY ZD 39 -12.06 -125.16 -18.43
CA GLY ZD 39 -11.85 -125.95 -17.23
C GLY ZD 39 -10.38 -126.11 -16.91
N ILE ZD 40 -9.64 -125.00 -17.00
CA ILE ZD 40 -8.17 -124.93 -16.98
C ILE ZD 40 -7.60 -125.98 -17.93
N ALA ZD 41 -8.38 -126.34 -18.94
CA ALA ZD 41 -7.96 -127.26 -19.98
C ALA ZD 41 -8.13 -126.56 -21.32
N GLU ZD 42 -7.19 -126.77 -22.22
CA GLU ZD 42 -7.26 -126.12 -23.53
C GLU ZD 42 -8.39 -126.73 -24.37
N LEU ZD 43 -9.24 -125.86 -24.90
CA LEU ZD 43 -10.28 -126.27 -25.83
C LEU ZD 43 -10.20 -125.39 -27.07
N ASN ZD 44 -10.21 -126.05 -28.23
CA ASN ZD 44 -10.02 -125.39 -29.51
C ASN ZD 44 -11.37 -125.16 -30.15
N ASN ZD 45 -11.88 -123.94 -30.03
CA ASN ZD 45 -13.19 -123.60 -30.57
C ASN ZD 45 -13.09 -123.33 -32.07
N VAL ZD 46 -14.15 -123.68 -32.78
CA VAL ZD 46 -14.30 -123.37 -34.19
C VAL ZD 46 -15.67 -122.77 -34.41
N SER ZD 47 -15.75 -121.75 -35.26
CA SER ZD 47 -17.02 -121.07 -35.56
C SER ZD 47 -17.16 -121.02 -37.07
N GLY ZD 48 -18.02 -121.87 -37.62
CA GLY ZD 48 -18.19 -121.97 -39.05
C GLY ZD 48 -19.46 -121.29 -39.52
N GLN ZD 49 -19.30 -120.22 -40.27
CA GLN ZD 49 -20.42 -119.49 -40.86
C GLN ZD 49 -20.64 -120.02 -42.27
N TYR ZD 50 -21.86 -120.47 -42.55
CA TYR ZD 50 -22.23 -120.96 -43.88
C TYR ZD 50 -23.45 -120.17 -44.34
N VAL ZD 51 -23.34 -119.52 -45.49
CA VAL ZD 51 -24.42 -118.74 -46.05
C VAL ZD 51 -24.70 -119.23 -47.47
N SER ZD 52 -25.96 -119.44 -47.79
CA SER ZD 52 -26.40 -119.78 -49.14
C SER ZD 52 -27.33 -118.68 -49.62
N VAL ZD 53 -27.08 -118.18 -50.82
CA VAL ZD 53 -27.79 -117.03 -51.36
C VAL ZD 53 -28.36 -117.38 -52.72
N TYR ZD 54 -29.63 -117.04 -52.94
CA TYR ZD 54 -30.26 -117.16 -54.24
C TYR ZD 54 -31.10 -115.91 -54.48
N LYS ZD 55 -31.32 -115.60 -55.76
CA LYS ZD 55 -32.18 -114.49 -56.15
C LYS ZD 55 -33.33 -115.05 -56.98
N ARG ZD 56 -34.53 -114.98 -56.42
CA ARG ZD 56 -35.71 -115.44 -57.14
C ARG ZD 56 -36.45 -114.26 -57.75
N PRO ZD 57 -36.75 -114.29 -59.03
CA PRO ZD 57 -37.39 -113.13 -59.68
C PRO ZD 57 -38.90 -113.10 -59.52
N ALA ZD 58 -39.37 -112.76 -58.31
CA ALA ZD 58 -40.79 -112.55 -58.01
C ALA ZD 58 -41.63 -113.80 -58.28
N PRO ZD 59 -42.95 -113.78 -58.02
CA PRO ZD 59 -43.76 -114.95 -58.35
C PRO ZD 59 -44.45 -114.86 -59.71
N LYS ZD 60 -44.34 -113.69 -60.37
CA LYS ZD 60 -44.85 -113.42 -61.71
C LYS ZD 60 -46.37 -113.30 -61.69
N PRO ZD 61 -46.95 -112.31 -62.38
CA PRO ZD 61 -48.35 -111.93 -62.16
C PRO ZD 61 -49.38 -112.97 -62.55
N GLU ZD 62 -50.23 -113.41 -61.59
CA GLU ZD 62 -51.48 -114.13 -61.81
C GLU ZD 62 -51.51 -115.02 -63.05
N GLY ZD 63 -50.48 -115.83 -63.25
CA GLY ZD 63 -50.43 -116.68 -64.44
C GLY ZD 63 -50.45 -115.89 -65.73
N CYS ZD 64 -50.07 -114.61 -65.65
CA CYS ZD 64 -49.89 -113.76 -66.81
C CYS ZD 64 -48.67 -114.21 -67.58
N ALA ZD 65 -48.89 -114.61 -68.83
CA ALA ZD 65 -47.81 -115.16 -69.64
C ALA ZD 65 -47.56 -114.26 -70.83
N ASP ZD 66 -46.38 -113.64 -70.82
CA ASP ZD 66 -45.78 -113.07 -72.02
C ASP ZD 66 -44.29 -113.23 -71.86
N ALA ZD 67 -43.54 -113.19 -72.95
CA ALA ZD 67 -42.13 -113.52 -72.87
C ALA ZD 67 -41.30 -112.47 -72.15
N CYS ZD 68 -41.36 -111.21 -72.60
CA CYS ZD 68 -40.33 -110.25 -72.23
C CYS ZD 68 -40.76 -109.31 -71.10
N VAL ZD 69 -40.93 -109.83 -69.88
CA VAL ZD 69 -41.13 -109.00 -68.70
C VAL ZD 69 -40.22 -109.50 -67.58
N ILE ZD 70 -39.40 -108.60 -67.02
CA ILE ZD 70 -38.44 -108.96 -65.97
C ILE ZD 70 -38.83 -108.27 -64.67
N MET ZD 71 -39.23 -109.06 -63.68
CA MET ZD 71 -39.47 -108.48 -62.36
C MET ZD 71 -38.21 -108.58 -61.51
N PRO ZD 72 -37.95 -107.60 -60.65
CA PRO ZD 72 -36.74 -107.64 -59.82
C PRO ZD 72 -36.75 -108.84 -58.90
N ASN ZD 73 -35.58 -109.41 -58.69
CA ASN ZD 73 -35.44 -110.63 -57.91
C ASN ZD 73 -35.35 -110.34 -56.42
N GLU ZD 74 -35.96 -111.21 -55.63
CA GLU ZD 74 -35.87 -111.15 -54.18
C GLU ZD 74 -34.64 -111.90 -53.70
N ASN ZD 75 -34.30 -111.69 -52.44
CA ASN ZD 75 -33.11 -112.28 -51.83
C ASN ZD 75 -33.53 -113.43 -50.93
N GLN ZD 76 -33.15 -114.65 -51.31
CA GLN ZD 76 -33.38 -115.83 -50.48
C GLN ZD 76 -32.09 -116.19 -49.78
N SER ZD 77 -32.09 -116.15 -48.45
CA SER ZD 77 -30.88 -116.33 -47.67
C SER ZD 77 -31.06 -117.44 -46.65
N ILE ZD 78 -29.99 -118.20 -46.43
CA ILE ZD 78 -29.96 -119.26 -45.42
C ILE ZD 78 -28.58 -119.21 -44.77
N ARG ZD 79 -28.55 -118.87 -43.48
CA ARG ZD 79 -27.31 -118.73 -42.74
C ARG ZD 79 -27.31 -119.68 -41.54
N THR ZD 80 -26.23 -120.44 -41.40
CA THR ZD 80 -26.05 -121.32 -40.25
C THR ZD 80 -24.66 -121.11 -39.68
N VAL ZD 81 -24.56 -121.05 -38.37
CA VAL ZD 81 -23.28 -120.95 -37.67
C VAL ZD 81 -23.20 -122.11 -36.69
N ILE ZD 82 -22.06 -122.80 -36.68
CA ILE ZD 82 -21.85 -123.94 -35.79
C ILE ZD 82 -20.63 -123.62 -34.94
N SER ZD 83 -20.82 -123.61 -33.63
CA SER ZD 83 -19.77 -123.30 -32.68
C SER ZD 83 -19.57 -124.45 -31.71
N GLY ZD 84 -18.32 -124.79 -31.46
CA GLY ZD 84 -18.00 -125.86 -30.54
C GLY ZD 84 -16.53 -126.23 -30.58
N SER ZD 85 -16.04 -126.90 -29.55
CA SER ZD 85 -14.66 -127.32 -29.52
C SER ZD 85 -14.43 -128.50 -30.43
N ALA ZD 86 -13.27 -128.51 -31.10
CA ALA ZD 86 -12.93 -129.62 -31.97
C ALA ZD 86 -12.74 -130.93 -31.21
N GLU ZD 87 -12.44 -130.85 -29.92
CA GLU ZD 87 -12.27 -132.05 -29.10
C GLU ZD 87 -13.55 -132.84 -28.94
N ASN ZD 88 -14.71 -132.24 -29.25
CA ASN ZD 88 -15.98 -132.93 -29.21
C ASN ZD 88 -16.67 -132.93 -30.56
N LEU ZD 89 -15.90 -132.96 -31.65
CA LEU ZD 89 -16.52 -132.97 -32.98
C LEU ZD 89 -17.34 -134.23 -33.19
N ALA ZD 90 -16.90 -135.35 -32.65
CA ALA ZD 90 -17.62 -136.61 -32.87
C ALA ZD 90 -19.04 -136.53 -32.36
N THR ZD 91 -19.24 -135.93 -31.19
CA THR ZD 91 -20.59 -135.77 -30.68
C THR ZD 91 -21.26 -134.52 -31.23
N LEU ZD 92 -20.49 -133.48 -31.57
CA LEU ZD 92 -21.07 -132.25 -32.07
C LEU ZD 92 -21.90 -132.48 -33.32
N LYS ZD 93 -21.50 -133.44 -34.15
CA LYS ZD 93 -22.29 -133.76 -35.33
C LYS ZD 93 -23.67 -134.28 -34.97
N ALA ZD 94 -23.80 -134.91 -33.80
CA ALA ZD 94 -25.11 -135.41 -33.38
C ALA ZD 94 -26.09 -134.27 -33.19
N GLU ZD 95 -25.66 -133.19 -32.54
CA GLU ZD 95 -26.56 -132.03 -32.41
C GLU ZD 95 -26.84 -131.41 -33.76
N TRP ZD 96 -25.89 -131.48 -34.69
CA TRP ZD 96 -26.13 -130.93 -36.02
C TRP ZD 96 -27.23 -131.70 -36.74
N GLU ZD 97 -27.15 -133.03 -36.72
CA GLU ZD 97 -28.12 -133.82 -37.48
C GLU ZD 97 -29.50 -133.76 -36.83
N THR ZD 98 -29.57 -133.64 -35.51
CA THR ZD 98 -30.87 -133.48 -34.88
C THR ZD 98 -31.39 -132.07 -35.08
N HIS ZD 99 -30.49 -131.10 -35.22
CA HIS ZD 99 -30.91 -129.74 -35.55
C HIS ZD 99 -31.60 -129.72 -36.91
N LYS ZD 100 -31.09 -130.51 -37.86
CA LYS ZD 100 -31.77 -130.71 -39.13
C LYS ZD 100 -33.23 -131.11 -38.91
N ARG ZD 101 -33.43 -132.27 -38.29
CA ARG ZD 101 -34.77 -132.81 -38.11
C ARG ZD 101 -35.61 -131.89 -37.23
N ASN ZD 102 -34.97 -131.18 -36.30
CA ASN ZD 102 -35.72 -130.31 -35.41
C ASN ZD 102 -36.41 -129.18 -36.18
N VAL ZD 103 -35.66 -128.47 -37.02
CA VAL ZD 103 -36.26 -127.38 -37.78
C VAL ZD 103 -37.12 -127.92 -38.91
N ASP ZD 104 -36.84 -129.16 -39.34
CA ASP ZD 104 -37.65 -129.77 -40.39
C ASP ZD 104 -39.09 -129.94 -39.93
N THR ZD 105 -39.28 -130.32 -38.66
CA THR ZD 105 -40.63 -130.48 -38.13
C THR ZD 105 -41.36 -129.15 -38.03
N LEU ZD 106 -40.64 -128.04 -37.96
CA LEU ZD 106 -41.25 -126.71 -37.92
C LEU ZD 106 -41.36 -126.07 -39.29
N PHE ZD 107 -40.31 -126.15 -40.10
CA PHE ZD 107 -40.23 -125.41 -41.35
C PHE ZD 107 -40.45 -126.28 -42.57
N ALA ZD 108 -39.72 -127.38 -42.69
CA ALA ZD 108 -39.85 -128.22 -43.88
C ALA ZD 108 -41.23 -128.85 -43.95
N SER ZD 109 -41.70 -129.43 -42.85
CA SER ZD 109 -43.01 -130.07 -42.83
C SER ZD 109 -44.09 -129.18 -42.24
N GLY ZD 110 -43.73 -128.22 -41.38
CA GLY ZD 110 -44.70 -127.35 -40.76
C GLY ZD 110 -44.94 -126.10 -41.56
N ASN ZD 111 -45.48 -125.09 -40.87
CA ASN ZD 111 -45.81 -123.81 -41.49
C ASN ZD 111 -45.03 -122.66 -40.89
N ALA ZD 112 -43.83 -122.93 -40.36
CA ALA ZD 112 -43.01 -121.86 -39.80
C ALA ZD 112 -42.65 -120.83 -40.85
N GLY ZD 113 -42.43 -121.27 -42.09
CA GLY ZD 113 -42.08 -120.33 -43.15
C GLY ZD 113 -43.18 -119.34 -43.43
N LEU ZD 114 -44.44 -119.79 -43.39
CA LEU ZD 114 -45.57 -118.90 -43.64
C LEU ZD 114 -45.72 -117.86 -42.55
N GLY ZD 115 -45.09 -118.06 -41.39
CA GLY ZD 115 -45.22 -117.14 -40.28
C GLY ZD 115 -45.89 -117.72 -39.06
N PHE ZD 116 -46.42 -118.94 -39.14
CA PHE ZD 116 -47.08 -119.57 -38.02
C PHE ZD 116 -46.09 -120.45 -37.27
N LEU ZD 117 -45.96 -120.20 -35.97
CA LEU ZD 117 -45.04 -120.94 -35.11
C LEU ZD 117 -45.86 -121.82 -34.18
N ASP ZD 118 -45.83 -123.13 -34.41
CA ASP ZD 118 -46.73 -124.05 -33.73
C ASP ZD 118 -46.13 -124.48 -32.40
N PRO ZD 119 -46.74 -124.16 -31.27
CA PRO ZD 119 -46.21 -124.65 -29.99
C PRO ZD 119 -46.37 -126.15 -29.80
N THR ZD 120 -47.28 -126.78 -30.52
CA THR ZD 120 -47.57 -128.19 -30.29
C THR ZD 120 -46.67 -129.13 -31.09
N ALA ZD 121 -45.76 -128.59 -31.90
CA ALA ZD 121 -44.89 -129.44 -32.71
C ALA ZD 121 -44.02 -130.31 -31.82
N ALA ZD 122 -43.90 -131.59 -32.21
CA ALA ZD 122 -43.13 -132.56 -31.44
C ALA ZD 122 -41.68 -132.51 -31.91
N ILE ZD 123 -40.81 -131.96 -31.09
CA ILE ZD 123 -39.41 -131.85 -31.42
C ILE ZD 123 -38.61 -132.84 -30.58
N VAL ZD 124 -37.38 -133.11 -30.99
CA VAL ZD 124 -36.62 -134.24 -30.49
C VAL ZD 124 -35.22 -133.77 -30.11
N SER ZD 125 -34.72 -134.29 -29.00
CA SER ZD 125 -33.43 -133.90 -28.44
C SER ZD 125 -32.30 -134.77 -28.97
N SER ZD 126 -31.07 -134.36 -28.64
CA SER ZD 126 -29.89 -135.09 -29.08
C SER ZD 126 -29.74 -136.41 -28.34
N ASP ZD 127 -29.89 -136.39 -27.02
CA ASP ZD 127 -29.64 -137.57 -26.22
C ASP ZD 127 -30.70 -138.63 -26.47
N THR ZD 128 -30.25 -139.86 -26.72
CA THR ZD 128 -31.16 -140.96 -26.98
C THR ZD 128 -31.62 -141.57 -25.65
N THR ZD 129 -32.55 -142.52 -25.73
CA THR ZD 129 -33.10 -143.14 -24.52
C THR ZD 129 -32.54 -144.54 -24.33
N ALA AE 1 -32.90 74.64 -120.13
CA ALA AE 1 -32.95 73.39 -120.89
C ALA AE 1 -32.61 72.21 -119.99
N ASN AE 2 -32.18 72.51 -118.76
CA ASN AE 2 -31.88 71.46 -117.80
C ASN AE 2 -33.16 70.71 -117.43
N LYS AE 3 -33.02 69.40 -117.25
CA LYS AE 3 -34.18 68.59 -116.89
C LYS AE 3 -34.60 68.92 -115.46
N PRO AE 4 -35.82 69.38 -115.24
CA PRO AE 4 -36.26 69.66 -113.87
C PRO AE 4 -36.57 68.36 -113.14
N MET AE 5 -36.31 68.37 -111.84
CA MET AE 5 -36.73 67.28 -110.99
C MET AE 5 -38.05 67.60 -110.32
N GLN AE 6 -38.55 66.64 -109.55
CA GLN AE 6 -39.83 66.73 -108.87
C GLN AE 6 -39.68 66.29 -107.43
N PRO AE 7 -40.50 66.81 -106.52
CA PRO AE 7 -40.33 66.49 -105.10
C PRO AE 7 -40.50 65.01 -104.83
N ILE AE 8 -39.73 64.51 -103.87
CA ILE AE 8 -39.81 63.13 -103.43
C ILE AE 8 -40.39 63.03 -102.03
N THR AE 9 -39.85 63.78 -101.09
CA THR AE 9 -40.30 63.79 -99.71
C THR AE 9 -40.58 65.22 -99.28
N SER AE 10 -41.77 65.45 -98.74
CA SER AE 10 -42.14 66.75 -98.23
C SER AE 10 -42.42 66.65 -96.74
N THR AE 11 -42.02 67.69 -96.02
CA THR AE 11 -42.14 67.69 -94.56
C THR AE 11 -42.32 69.15 -94.14
N ALA AE 12 -42.70 69.35 -92.87
CA ALA AE 12 -42.91 70.70 -92.37
C ALA AE 12 -41.68 71.57 -92.54
N ASN AE 13 -40.49 70.99 -92.49
CA ASN AE 13 -39.26 71.75 -92.59
C ASN AE 13 -38.39 71.36 -93.77
N LYS AE 14 -38.39 70.09 -94.16
CA LYS AE 14 -37.50 69.59 -95.21
C LYS AE 14 -38.30 69.13 -96.42
N ILE AE 15 -37.87 69.56 -97.60
CA ILE AE 15 -38.40 69.07 -98.86
C ILE AE 15 -37.23 68.56 -99.69
N VAL AE 16 -37.36 67.34 -100.21
CA VAL AE 16 -36.29 66.69 -100.96
C VAL AE 16 -36.77 66.46 -102.38
N TRP AE 17 -36.01 66.96 -103.33
CA TRP AE 17 -36.25 66.69 -104.74
C TRP AE 17 -35.29 65.61 -105.23
N SER AE 18 -35.55 65.10 -106.43
CA SER AE 18 -34.66 64.12 -107.04
C SER AE 18 -35.03 63.99 -108.51
N ASP AE 19 -34.02 63.84 -109.35
CA ASP AE 19 -34.24 63.73 -110.79
C ASP AE 19 -34.95 62.43 -111.11
N PRO AE 20 -36.09 62.47 -111.82
CA PRO AE 20 -36.77 61.22 -112.17
C PRO AE 20 -35.93 60.28 -113.02
N THR AE 21 -35.11 60.83 -113.92
CA THR AE 21 -34.28 59.98 -114.75
C THR AE 21 -33.12 59.39 -113.98
N ARG AE 22 -32.56 60.15 -113.04
CA ARG AE 22 -31.43 59.68 -112.23
C ARG AE 22 -31.76 60.01 -110.78
N LEU AE 23 -32.25 59.01 -110.04
CA LEU AE 23 -32.68 59.25 -108.67
C LEU AE 23 -31.53 59.54 -107.74
N SER AE 24 -30.29 59.27 -108.17
CA SER AE 24 -29.14 59.51 -107.32
C SER AE 24 -28.98 61.00 -107.00
N THR AE 25 -29.16 61.86 -108.00
CA THR AE 25 -28.99 63.28 -107.79
C THR AE 25 -30.16 63.84 -107.01
N THR AE 26 -29.85 64.60 -105.96
CA THR AE 26 -30.89 65.13 -105.08
C THR AE 26 -30.58 66.58 -104.76
N PHE AE 27 -31.62 67.32 -104.39
CA PHE AE 27 -31.49 68.65 -103.82
C PHE AE 27 -32.48 68.77 -102.66
N SER AE 28 -31.95 68.83 -101.45
CA SER AE 28 -32.77 68.85 -100.24
C SER AE 28 -32.63 70.19 -99.56
N ALA AE 29 -33.76 70.81 -99.21
CA ALA AE 29 -33.78 72.08 -98.51
C ALA AE 29 -34.47 71.88 -97.17
N SER AE 30 -33.75 72.10 -96.08
CA SER AE 30 -34.29 72.04 -94.73
C SER AE 30 -33.90 73.32 -94.02
N LEU AE 31 -34.87 73.94 -93.34
CA LEU AE 31 -34.65 75.22 -92.69
C LEU AE 31 -35.22 75.18 -91.28
N LEU AE 32 -34.58 75.93 -90.38
CA LEU AE 32 -34.92 75.94 -88.97
C LEU AE 32 -35.46 77.31 -88.59
N ARG AE 33 -36.51 77.32 -87.77
CA ARG AE 33 -37.06 78.54 -87.22
C ARG AE 33 -36.68 78.67 -85.75
N GLN AE 34 -36.35 79.89 -85.35
CA GLN AE 34 -35.84 80.13 -84.00
C GLN AE 34 -36.11 81.58 -83.63
N ARG AE 35 -36.39 81.81 -82.36
CA ARG AE 35 -36.63 83.14 -81.83
C ARG AE 35 -35.42 83.56 -81.01
N VAL AE 36 -34.88 84.74 -81.28
CA VAL AE 36 -33.67 85.21 -80.62
C VAL AE 36 -33.86 86.65 -80.14
N LYS AE 37 -33.41 86.92 -78.93
CA LYS AE 37 -33.45 88.24 -78.33
C LYS AE 37 -32.10 88.92 -78.50
N VAL AE 38 -32.09 90.11 -79.09
CA VAL AE 38 -30.88 90.92 -79.12
C VAL AE 38 -31.16 92.33 -78.58
N GLY AE 39 -31.99 93.09 -79.28
CA GLY AE 39 -32.24 94.47 -78.92
C GLY AE 39 -33.47 94.68 -78.06
N ILE AE 40 -33.46 94.12 -76.85
CA ILE AE 40 -34.58 94.12 -75.91
C ILE AE 40 -35.89 93.87 -76.67
N ALA AE 41 -35.79 93.10 -77.75
CA ALA AE 41 -36.93 92.82 -78.62
C ALA AE 41 -36.67 91.50 -79.32
N GLU AE 42 -37.73 90.75 -79.58
CA GLU AE 42 -37.60 89.47 -80.25
C GLU AE 42 -37.37 89.68 -81.74
N LEU AE 43 -36.36 89.00 -82.29
CA LEU AE 43 -36.05 89.04 -83.71
C LEU AE 43 -36.20 87.64 -84.30
N ASN AE 44 -36.98 87.52 -85.36
CA ASN AE 44 -37.20 86.23 -85.98
C ASN AE 44 -35.96 85.79 -86.74
N ASN AE 45 -35.56 84.54 -86.51
CA ASN AE 45 -34.35 83.98 -87.11
C ASN AE 45 -34.69 82.75 -87.93
N VAL AE 46 -34.08 82.65 -89.10
CA VAL AE 46 -34.28 81.54 -90.02
C VAL AE 46 -32.92 80.99 -90.43
N SER AE 47 -32.78 79.67 -90.43
CA SER AE 47 -31.53 79.02 -90.80
C SER AE 47 -31.80 78.06 -91.95
N GLY AE 48 -31.74 78.58 -93.17
CA GLY AE 48 -31.95 77.76 -94.36
C GLY AE 48 -30.70 76.94 -94.65
N GLN AE 49 -30.89 75.64 -94.80
CA GLN AE 49 -29.80 74.69 -95.01
C GLN AE 49 -30.09 73.90 -96.28
N TYR AE 50 -29.30 74.13 -97.32
CA TYR AE 50 -29.53 73.53 -98.63
C TYR AE 50 -28.38 72.59 -98.97
N VAL AE 51 -28.71 71.41 -99.47
CA VAL AE 51 -27.73 70.40 -99.82
C VAL AE 51 -28.02 69.91 -101.23
N SER AE 52 -27.01 69.97 -102.09
CA SER AE 52 -27.09 69.43 -103.45
C SER AE 52 -26.08 68.30 -103.57
N VAL AE 53 -26.54 67.15 -104.05
CA VAL AE 53 -25.73 65.93 -104.10
C VAL AE 53 -25.81 65.33 -105.49
N TYR AE 54 -24.65 64.95 -106.01
CA TYR AE 54 -24.56 64.28 -107.31
C TYR AE 54 -23.63 63.08 -107.18
N LYS AE 55 -24.06 61.95 -107.74
CA LYS AE 55 -23.23 60.75 -107.81
C LYS AE 55 -22.62 60.69 -109.19
N ARG AE 56 -21.29 60.76 -109.26
CA ARG AE 56 -20.63 60.81 -110.55
C ARG AE 56 -19.53 59.76 -110.62
N PRO AE 57 -19.47 58.99 -111.71
CA PRO AE 57 -18.43 57.97 -111.83
C PRO AE 57 -17.05 58.60 -111.96
N ALA AE 58 -16.04 57.82 -111.57
CA ALA AE 58 -14.67 58.29 -111.69
C ALA AE 58 -14.34 58.54 -113.16
N PRO AE 59 -13.56 59.56 -113.48
CA PRO AE 59 -13.27 59.87 -114.89
C PRO AE 59 -12.54 58.73 -115.58
N LYS AE 60 -12.84 58.53 -116.86
CA LYS AE 60 -12.21 57.48 -117.62
C LYS AE 60 -10.71 57.76 -117.73
N PRO AE 61 -9.85 56.76 -117.52
CA PRO AE 61 -8.41 57.03 -117.40
C PRO AE 61 -7.83 57.91 -118.50
N GLU AE 62 -7.90 57.45 -119.76
CA GLU AE 62 -7.57 58.31 -120.90
C GLU AE 62 -8.09 57.73 -122.20
N GLY AE 63 -9.01 58.44 -122.86
CA GLY AE 63 -9.46 58.15 -124.21
C GLY AE 63 -9.69 56.70 -124.58
N CYS AE 64 -10.12 55.91 -123.61
CA CYS AE 64 -10.42 54.50 -123.84
C CYS AE 64 -11.83 54.21 -123.37
N ALA AE 65 -12.74 55.15 -123.65
CA ALA AE 65 -14.07 55.16 -123.04
C ALA AE 65 -14.95 54.05 -123.62
N ASP AE 66 -14.57 52.82 -123.30
CA ASP AE 66 -15.51 51.72 -123.45
C ASP AE 66 -16.53 51.74 -122.31
N ALA AE 67 -17.81 51.64 -122.65
CA ALA AE 67 -18.86 51.81 -121.66
C ALA AE 67 -19.15 50.46 -121.01
N CYS AE 68 -20.05 50.45 -120.03
CA CYS AE 68 -20.49 49.24 -119.31
C CYS AE 68 -19.30 48.37 -118.93
N VAL AE 69 -18.24 49.03 -118.48
CA VAL AE 69 -17.18 48.45 -117.68
C VAL AE 69 -17.10 49.37 -116.48
N ILE AE 70 -18.25 50.01 -116.20
CA ILE AE 70 -18.30 51.20 -115.35
C ILE AE 70 -17.75 50.93 -113.96
N MET AE 71 -16.98 51.91 -113.47
CA MET AE 71 -16.35 51.90 -112.16
C MET AE 71 -17.27 52.54 -111.13
N PRO AE 72 -17.03 52.33 -109.83
CA PRO AE 72 -17.87 52.97 -108.82
C PRO AE 72 -17.78 54.48 -108.88
N ASN AE 73 -18.85 55.13 -108.45
CA ASN AE 73 -19.01 56.57 -108.56
C ASN AE 73 -18.67 57.25 -107.26
N GLU AE 74 -18.08 58.44 -107.37
CA GLU AE 74 -17.65 59.21 -106.21
C GLU AE 74 -18.70 60.24 -105.83
N ASN AE 75 -18.40 61.00 -104.78
CA ASN AE 75 -19.37 61.88 -104.14
C ASN AE 75 -19.10 63.33 -104.49
N GLN AE 76 -20.11 64.00 -105.04
CA GLN AE 76 -20.05 65.43 -105.34
C GLN AE 76 -21.18 66.11 -104.58
N SER AE 77 -20.84 66.77 -103.48
CA SER AE 77 -21.83 67.39 -102.60
C SER AE 77 -21.53 68.87 -102.45
N ILE AE 78 -22.58 69.69 -102.51
CA ILE AE 78 -22.50 71.12 -102.27
C ILE AE 78 -23.51 71.46 -101.20
N ARG AE 79 -23.04 71.93 -100.07
CA ARG AE 79 -23.89 72.21 -98.92
C ARG AE 79 -23.69 73.64 -98.46
N THR AE 80 -24.78 74.41 -98.43
CA THR AE 80 -24.74 75.79 -97.96
C THR AE 80 -25.84 75.99 -96.94
N VAL AE 81 -25.51 76.64 -95.83
CA VAL AE 81 -26.49 77.03 -94.84
C VAL AE 81 -26.36 78.52 -94.59
N ILE AE 82 -27.48 79.23 -94.65
CA ILE AE 82 -27.52 80.67 -94.47
C ILE AE 82 -28.46 80.99 -93.32
N SER AE 83 -28.06 81.93 -92.47
CA SER AE 83 -28.83 82.28 -91.29
C SER AE 83 -28.85 83.79 -91.12
N GLY AE 84 -29.93 84.29 -90.52
CA GLY AE 84 -30.04 85.70 -90.27
C GLY AE 84 -31.45 86.04 -89.85
N SER AE 85 -31.62 87.30 -89.45
CA SER AE 85 -32.92 87.80 -89.06
C SER AE 85 -33.81 87.99 -90.29
N ALA AE 86 -35.04 87.50 -90.21
CA ALA AE 86 -35.97 87.65 -91.32
C ALA AE 86 -36.29 89.11 -91.58
N GLU AE 87 -36.20 89.95 -90.55
CA GLU AE 87 -36.49 91.37 -90.73
C GLU AE 87 -35.45 92.06 -91.60
N ASN AE 88 -34.23 91.54 -91.61
CA ASN AE 88 -33.16 92.07 -92.45
C ASN AE 88 -32.96 91.22 -93.70
N LEU AE 89 -34.04 90.66 -94.24
CA LEU AE 89 -33.93 89.82 -95.41
C LEU AE 89 -33.41 90.59 -96.61
N ALA AE 90 -33.89 91.81 -96.81
CA ALA AE 90 -33.53 92.57 -98.01
C ALA AE 90 -32.04 92.79 -98.10
N THR AE 91 -31.40 93.16 -96.98
CA THR AE 91 -29.96 93.30 -96.99
C THR AE 91 -29.24 91.96 -96.95
N LEU AE 92 -29.86 90.94 -96.35
CA LEU AE 92 -29.23 89.62 -96.33
C LEU AE 92 -29.17 89.03 -97.73
N LYS AE 93 -30.17 89.32 -98.56
CA LYS AE 93 -30.11 88.89 -99.94
C LYS AE 93 -28.94 89.51 -100.67
N ALA AE 94 -28.69 90.80 -100.43
CA ALA AE 94 -27.59 91.47 -101.10
C ALA AE 94 -26.25 90.86 -100.73
N GLU AE 95 -26.02 90.61 -99.45
CA GLU AE 95 -24.76 90.01 -99.04
C GLU AE 95 -24.67 88.56 -99.50
N TRP AE 96 -25.80 87.91 -99.76
CA TRP AE 96 -25.75 86.59 -100.38
C TRP AE 96 -25.20 86.69 -101.79
N GLU AE 97 -25.55 87.76 -102.52
CA GLU AE 97 -25.05 87.93 -103.88
C GLU AE 97 -23.55 88.12 -103.89
N THR AE 98 -23.03 89.01 -103.04
CA THR AE 98 -21.59 89.21 -102.99
C THR AE 98 -20.88 87.97 -102.46
N HIS AE 99 -21.59 87.13 -101.71
CA HIS AE 99 -21.00 85.86 -101.30
C HIS AE 99 -20.73 84.97 -102.49
N LYS AE 100 -21.59 85.03 -103.50
CA LYS AE 100 -21.34 84.29 -104.74
C LYS AE 100 -20.05 84.76 -105.40
N ARG AE 101 -19.89 86.09 -105.53
CA ARG AE 101 -18.70 86.63 -106.18
C ARG AE 101 -17.44 86.24 -105.42
N ASN AE 102 -17.48 86.31 -104.10
CA ASN AE 102 -16.30 85.96 -103.31
C ASN AE 102 -15.90 84.51 -103.52
N VAL AE 103 -16.89 83.61 -103.55
CA VAL AE 103 -16.57 82.21 -103.83
C VAL AE 103 -16.13 82.04 -105.28
N ASP AE 104 -16.85 82.66 -106.20
CA ASP AE 104 -16.53 82.49 -107.62
C ASP AE 104 -15.15 83.05 -107.94
N THR AE 105 -14.81 84.21 -107.38
CA THR AE 105 -13.57 84.87 -107.77
C THR AE 105 -12.34 84.09 -107.36
N LEU AE 106 -12.48 83.08 -106.51
CA LEU AE 106 -11.35 82.26 -106.12
C LEU AE 106 -11.55 80.77 -106.36
N PHE AE 107 -12.77 80.32 -106.63
CA PHE AE 107 -13.02 78.91 -106.91
C PHE AE 107 -13.42 78.69 -108.36
N ALA AE 108 -14.46 79.36 -108.84
CA ALA AE 108 -14.85 79.20 -110.24
C ALA AE 108 -13.78 79.73 -111.17
N SER AE 109 -13.32 80.95 -110.92
CA SER AE 109 -12.27 81.55 -111.72
C SER AE 109 -10.87 81.32 -111.16
N GLY AE 110 -10.78 80.73 -109.97
CA GLY AE 110 -9.52 80.50 -109.31
C GLY AE 110 -9.11 79.03 -109.29
N ASN AE 111 -8.13 78.74 -108.44
CA ASN AE 111 -7.60 77.39 -108.29
C ASN AE 111 -7.96 76.77 -106.95
N ALA AE 112 -8.99 77.29 -106.29
CA ALA AE 112 -9.38 76.73 -105.00
C ALA AE 112 -9.83 75.28 -105.14
N GLY AE 113 -10.53 74.97 -106.23
CA GLY AE 113 -11.00 73.61 -106.40
C GLY AE 113 -9.87 72.60 -106.45
N LEU AE 114 -8.74 72.98 -107.04
CA LEU AE 114 -7.59 72.09 -107.02
C LEU AE 114 -7.02 71.98 -105.61
N GLY AE 115 -7.18 73.01 -104.80
CA GLY AE 115 -6.61 73.02 -103.47
C GLY AE 115 -5.57 74.11 -103.29
N PHE AE 116 -5.75 75.22 -103.99
CA PHE AE 116 -4.79 76.31 -104.01
C PHE AE 116 -5.45 77.58 -103.51
N LEU AE 117 -4.76 78.27 -102.60
CA LEU AE 117 -5.24 79.55 -102.07
C LEU AE 117 -4.25 80.64 -102.44
N ASP AE 118 -4.74 81.70 -103.06
CA ASP AE 118 -3.90 82.84 -103.42
C ASP AE 118 -4.34 84.06 -102.63
N PRO AE 119 -3.50 84.58 -101.74
CA PRO AE 119 -3.89 85.77 -100.98
C PRO AE 119 -4.15 86.99 -101.84
N THR AE 120 -3.61 87.04 -103.05
CA THR AE 120 -3.80 88.18 -103.93
C THR AE 120 -5.17 88.19 -104.60
N ALA AE 121 -6.07 87.30 -104.22
CA ALA AE 121 -7.39 87.28 -104.81
C ALA AE 121 -8.19 88.53 -104.42
N ALA AE 122 -9.07 88.96 -105.32
CA ALA AE 122 -9.86 90.17 -105.12
C ALA AE 122 -11.16 89.78 -104.42
N ILE AE 123 -11.18 89.93 -103.10
CA ILE AE 123 -12.37 89.65 -102.30
C ILE AE 123 -13.13 90.95 -102.10
N VAL AE 124 -14.42 90.93 -102.38
CA VAL AE 124 -15.25 92.12 -102.39
C VAL AE 124 -16.34 91.97 -101.33
N SER AE 125 -16.69 93.09 -100.70
CA SER AE 125 -17.64 93.08 -99.59
C SER AE 125 -19.00 93.62 -100.03
N SER AE 126 -19.94 93.55 -99.10
CA SER AE 126 -21.31 93.99 -99.39
C SER AE 126 -21.39 95.51 -99.50
N ASP AE 127 -20.72 96.22 -98.59
CA ASP AE 127 -20.87 97.67 -98.53
C ASP AE 127 -20.33 98.34 -99.78
N THR AE 128 -21.04 99.36 -100.24
CA THR AE 128 -20.71 100.07 -101.46
C THR AE 128 -19.91 101.33 -101.12
N THR AE 129 -18.80 101.54 -101.83
CA THR AE 129 -17.97 102.71 -101.63
C THR AE 129 -18.75 103.99 -101.95
N ALA BE 1 -60.07 95.49 -95.05
CA ALA BE 1 -59.41 94.25 -95.45
C ALA BE 1 -58.15 94.02 -94.64
N ASN BE 2 -58.03 92.82 -94.08
CA ASN BE 2 -56.89 92.44 -93.26
C ASN BE 2 -55.95 91.58 -94.08
N LYS BE 3 -54.65 91.82 -93.93
CA LYS BE 3 -53.66 91.06 -94.66
C LYS BE 3 -53.72 89.59 -94.26
N PRO BE 4 -53.72 88.67 -95.21
CA PRO BE 4 -53.82 87.25 -94.87
C PRO BE 4 -52.49 86.65 -94.48
N MET BE 5 -52.46 85.34 -94.25
CA MET BE 5 -51.22 84.63 -94.01
C MET BE 5 -51.33 83.24 -94.62
N GLN BE 6 -50.19 82.55 -94.64
CA GLN BE 6 -50.16 81.21 -95.22
C GLN BE 6 -49.56 80.24 -94.21
N PRO BE 7 -49.82 78.94 -94.34
CA PRO BE 7 -49.36 77.97 -93.34
C PRO BE 7 -47.85 77.79 -93.36
N ILE BE 8 -47.21 78.12 -92.24
CA ILE BE 8 -45.77 77.92 -92.13
C ILE BE 8 -45.45 76.44 -91.96
N THR BE 9 -46.05 75.80 -90.97
CA THR BE 9 -45.84 74.39 -90.70
C THR BE 9 -47.12 73.62 -91.05
N SER BE 10 -46.99 72.68 -91.97
CA SER BE 10 -48.14 71.91 -92.45
C SER BE 10 -48.02 70.47 -92.01
N THR BE 11 -49.04 69.97 -91.34
CA THR BE 11 -49.11 68.59 -90.90
C THR BE 11 -50.57 68.22 -90.73
N ALA BE 12 -50.89 66.94 -90.99
CA ALA BE 12 -52.26 66.49 -90.87
C ALA BE 12 -52.80 66.59 -89.45
N ASN BE 13 -51.92 66.76 -88.45
CA ASN BE 13 -52.35 66.93 -87.07
C ASN BE 13 -52.20 68.36 -86.58
N LYS BE 14 -51.31 69.15 -87.18
CA LYS BE 14 -51.09 70.53 -86.75
C LYS BE 14 -50.76 71.37 -87.96
N ILE BE 15 -51.47 72.48 -88.13
CA ILE BE 15 -51.14 73.48 -89.13
C ILE BE 15 -51.08 74.82 -88.44
N VAL BE 16 -50.01 75.57 -88.66
CA VAL BE 16 -49.84 76.90 -88.09
C VAL BE 16 -49.68 77.89 -89.22
N TRP BE 17 -50.42 78.99 -89.15
CA TRP BE 17 -50.29 80.08 -90.10
C TRP BE 17 -49.61 81.26 -89.43
N SER BE 18 -48.78 81.97 -90.19
CA SER BE 18 -48.08 83.13 -89.66
C SER BE 18 -48.03 84.20 -90.72
N ASP BE 19 -48.18 85.45 -90.30
CA ASP BE 19 -48.20 86.56 -91.23
C ASP BE 19 -46.81 86.79 -91.79
N PRO BE 20 -46.65 86.81 -93.11
CA PRO BE 20 -45.30 87.01 -93.68
C PRO BE 20 -44.66 88.33 -93.26
N THR BE 21 -45.44 89.40 -93.14
CA THR BE 21 -44.86 90.68 -92.76
C THR BE 21 -44.45 90.68 -91.29
N ARG BE 22 -45.19 89.97 -90.44
CA ARG BE 22 -44.95 89.95 -89.00
C ARG BE 22 -44.99 88.50 -88.54
N LEU BE 23 -43.81 87.89 -88.42
CA LEU BE 23 -43.73 86.47 -88.12
C LEU BE 23 -44.18 86.14 -86.71
N SER BE 24 -44.20 87.13 -85.81
CA SER BE 24 -44.59 86.86 -84.44
C SER BE 24 -46.05 86.44 -84.34
N THR BE 25 -46.93 87.08 -85.12
CA THR BE 25 -48.35 86.84 -85.02
C THR BE 25 -48.70 85.56 -85.78
N THR BE 26 -49.07 84.51 -85.05
CA THR BE 26 -49.34 83.22 -85.66
C THR BE 26 -50.71 82.72 -85.24
N PHE BE 27 -51.34 81.95 -86.12
CA PHE BE 27 -52.57 81.24 -85.82
C PHE BE 27 -52.31 79.75 -86.02
N SER BE 28 -52.69 78.95 -85.01
CA SER BE 28 -52.40 77.53 -85.03
C SER BE 28 -53.68 76.75 -84.77
N ALA BE 29 -53.83 75.63 -85.45
CA ALA BE 29 -54.97 74.73 -85.28
C ALA BE 29 -54.46 73.32 -85.16
N SER BE 30 -54.55 72.74 -83.95
CA SER BE 30 -54.16 71.37 -83.70
C SER BE 30 -55.41 70.54 -83.48
N LEU BE 31 -55.49 69.42 -84.18
CA LEU BE 31 -56.68 68.57 -84.14
C LEU BE 31 -56.30 67.21 -83.59
N LEU BE 32 -57.10 66.72 -82.65
CA LEU BE 32 -56.90 65.41 -82.05
C LEU BE 32 -58.12 64.56 -82.33
N ARG BE 33 -57.89 63.36 -82.87
CA ARG BE 33 -58.95 62.46 -83.29
C ARG BE 33 -58.93 61.24 -82.37
N GLN BE 34 -60.08 60.92 -81.78
CA GLN BE 34 -60.13 59.93 -80.72
C GLN BE 34 -61.24 58.93 -80.99
N ARG BE 35 -61.01 57.70 -80.53
CA ARG BE 35 -61.86 56.55 -80.82
C ARG BE 35 -62.68 56.27 -79.57
N VAL BE 36 -64.00 56.45 -79.63
CA VAL BE 36 -64.84 56.39 -78.44
C VAL BE 36 -66.08 55.55 -78.70
N LYS BE 37 -66.38 54.64 -77.78
CA LYS BE 37 -67.60 53.84 -77.81
C LYS BE 37 -68.73 54.64 -77.17
N VAL BE 38 -69.73 55.01 -77.97
CA VAL BE 38 -70.66 56.07 -77.59
C VAL BE 38 -72.05 55.57 -77.23
N GLY BE 39 -72.77 55.02 -78.21
CA GLY BE 39 -74.17 54.74 -78.02
C GLY BE 39 -74.50 53.26 -78.03
N ILE BE 40 -73.65 52.47 -77.37
CA ILE BE 40 -73.56 51.04 -77.62
C ILE BE 40 -73.28 50.96 -79.12
N ALA BE 41 -72.46 51.90 -79.59
CA ALA BE 41 -72.14 52.08 -80.98
C ALA BE 41 -70.92 52.98 -81.07
N GLU BE 42 -69.88 52.50 -81.74
CA GLU BE 42 -68.63 53.23 -81.80
C GLU BE 42 -68.80 54.50 -82.62
N LEU BE 43 -68.41 55.64 -82.06
CA LEU BE 43 -68.51 56.91 -82.76
C LEU BE 43 -67.22 57.68 -82.57
N ASN BE 44 -67.13 58.83 -83.25
CA ASN BE 44 -65.87 59.54 -83.36
C ASN BE 44 -65.90 60.84 -82.56
N ASN BE 45 -64.86 61.05 -81.75
CA ASN BE 45 -64.71 62.25 -80.95
C ASN BE 45 -63.51 63.02 -81.47
N VAL BE 46 -63.64 64.34 -81.57
CA VAL BE 46 -62.60 65.22 -82.09
C VAL BE 46 -62.29 66.27 -81.04
N SER BE 47 -61.05 66.76 -81.05
CA SER BE 47 -60.61 67.83 -80.17
C SER BE 47 -59.73 68.77 -80.98
N GLY BE 48 -60.20 69.99 -81.22
CA GLY BE 48 -59.44 70.94 -82.00
C GLY BE 48 -59.03 72.16 -81.22
N GLN BE 49 -57.72 72.29 -80.95
CA GLN BE 49 -57.19 73.44 -80.24
C GLN BE 49 -56.87 74.52 -81.26
N TYR BE 50 -57.58 75.64 -81.20
CA TYR BE 50 -57.35 76.76 -82.08
C TYR BE 50 -56.73 77.89 -81.28
N VAL BE 51 -55.48 78.22 -81.60
CA VAL BE 51 -54.70 79.19 -80.85
C VAL BE 51 -54.29 80.31 -81.79
N SER BE 52 -54.55 81.54 -81.40
CA SER BE 52 -54.06 82.72 -82.09
C SER BE 52 -53.29 83.57 -81.09
N VAL BE 53 -52.10 84.02 -81.48
CA VAL BE 53 -51.23 84.78 -80.59
C VAL BE 53 -50.82 86.05 -81.32
N TYR BE 54 -50.78 87.16 -80.59
CA TYR BE 54 -50.35 88.44 -81.12
C TYR BE 54 -49.37 89.08 -80.15
N LYS BE 55 -48.50 89.92 -80.70
CA LYS BE 55 -47.53 90.67 -79.92
C LYS BE 55 -47.89 92.14 -80.02
N ARG BE 56 -48.13 92.78 -78.87
CA ARG BE 56 -48.54 94.18 -78.82
C ARG BE 56 -47.60 94.97 -77.93
N PRO BE 57 -47.06 96.08 -78.38
CA PRO BE 57 -45.98 96.75 -77.63
C PRO BE 57 -46.51 97.69 -76.56
N ALA BE 58 -47.03 97.14 -75.47
CA ALA BE 58 -47.50 97.88 -74.30
C ALA BE 58 -48.47 99.00 -74.69
N PRO BE 59 -48.84 99.95 -73.80
CA PRO BE 59 -49.76 101.00 -74.27
C PRO BE 59 -49.07 102.22 -74.87
N LYS BE 60 -47.75 102.34 -74.72
CA LYS BE 60 -47.02 103.49 -75.25
C LYS BE 60 -47.59 104.76 -74.64
N PRO BE 61 -47.28 105.05 -73.38
CA PRO BE 61 -47.97 106.12 -72.63
C PRO BE 61 -48.30 107.37 -73.43
N GLU BE 62 -49.53 107.86 -73.27
CA GLU BE 62 -50.06 108.89 -74.14
C GLU BE 62 -49.28 110.20 -73.98
N GLY BE 63 -49.64 111.16 -74.82
CA GLY BE 63 -48.94 112.42 -74.87
C GLY BE 63 -47.67 112.40 -75.70
N CYS BE 64 -47.36 111.27 -76.36
CA CYS BE 64 -46.14 111.20 -77.16
C CYS BE 64 -46.35 110.21 -78.31
N ALA BE 65 -46.70 110.76 -79.47
CA ALA BE 65 -46.59 110.02 -80.72
C ALA BE 65 -45.30 110.51 -81.39
N ASP BE 66 -44.16 110.23 -80.76
CA ASP BE 66 -42.93 110.91 -81.13
C ASP BE 66 -42.32 110.29 -82.38
N ALA BE 67 -41.91 109.02 -82.28
CA ALA BE 67 -41.22 108.30 -83.35
C ALA BE 67 -40.76 106.94 -82.84
N CYS BE 68 -39.52 106.88 -82.37
CA CYS BE 68 -38.93 105.64 -81.90
C CYS BE 68 -38.70 105.74 -80.40
N VAL BE 69 -39.58 105.11 -79.63
CA VAL BE 69 -39.36 104.94 -78.20
C VAL BE 69 -39.33 103.44 -77.91
N ILE BE 70 -40.29 102.71 -78.49
CA ILE BE 70 -40.31 101.26 -78.54
C ILE BE 70 -40.18 100.66 -77.13
N MET BE 71 -41.29 100.56 -76.44
CA MET BE 71 -41.36 99.84 -75.18
C MET BE 71 -41.51 98.35 -75.49
N PRO BE 72 -41.09 97.46 -74.59
CA PRO BE 72 -41.06 96.04 -74.94
C PRO BE 72 -42.44 95.50 -75.24
N ASN BE 73 -42.48 94.51 -76.13
CA ASN BE 73 -43.73 93.95 -76.59
C ASN BE 73 -44.20 92.83 -75.68
N GLU BE 74 -45.52 92.77 -75.48
CA GLU BE 74 -46.13 91.85 -74.53
C GLU BE 74 -47.05 90.88 -75.27
N ASN BE 75 -47.59 89.93 -74.52
CA ASN BE 75 -48.25 88.76 -75.09
C ASN BE 75 -49.77 88.88 -75.01
N GLN BE 76 -50.43 88.74 -76.15
CA GLN BE 76 -51.89 88.70 -76.24
C GLN BE 76 -52.27 87.39 -76.90
N SER BE 77 -52.76 86.44 -76.13
CA SER BE 77 -53.02 85.09 -76.60
C SER BE 77 -54.49 84.73 -76.41
N ILE BE 78 -55.08 84.13 -77.45
CA ILE BE 78 -56.43 83.59 -77.39
C ILE BE 78 -56.38 82.11 -77.76
N ARG BE 79 -57.05 81.29 -76.97
CA ARG BE 79 -57.07 79.85 -77.16
C ARG BE 79 -58.50 79.34 -77.10
N THR BE 80 -58.83 78.39 -77.98
CA THR BE 80 -60.16 77.81 -78.05
C THR BE 80 -60.04 76.33 -78.36
N VAL BE 81 -60.84 75.52 -77.68
CA VAL BE 81 -60.87 74.08 -77.92
C VAL BE 81 -62.30 73.67 -78.20
N ILE BE 82 -62.50 72.87 -79.24
CA ILE BE 82 -63.79 72.33 -79.60
C ILE BE 82 -63.72 70.83 -79.36
N SER BE 83 -64.66 70.30 -78.57
CA SER BE 83 -64.70 68.88 -78.28
C SER BE 83 -66.13 68.37 -78.40
N GLY BE 84 -66.29 67.24 -79.08
CA GLY BE 84 -67.60 66.65 -79.24
C GLY BE 84 -67.57 65.59 -80.32
N SER BE 85 -68.68 64.85 -80.39
CA SER BE 85 -68.80 63.79 -81.39
C SER BE 85 -69.02 64.38 -82.77
N ALA BE 86 -68.37 63.80 -83.76
CA ALA BE 86 -68.42 64.35 -85.11
C ALA BE 86 -69.76 64.07 -85.78
N GLU BE 87 -70.43 62.98 -85.38
CA GLU BE 87 -71.65 62.58 -86.06
C GLU BE 87 -72.78 63.60 -85.89
N ASN BE 88 -72.95 64.16 -84.70
CA ASN BE 88 -73.96 65.17 -84.45
C ASN BE 88 -73.34 66.57 -84.51
N LEU BE 89 -72.39 66.74 -85.43
CA LEU BE 89 -71.75 68.04 -85.59
C LEU BE 89 -72.74 69.13 -85.97
N ALA BE 90 -73.89 68.75 -86.54
CA ALA BE 90 -74.87 69.74 -86.97
C ALA BE 90 -75.26 70.67 -85.84
N THR BE 91 -75.23 70.19 -84.61
CA THR BE 91 -75.53 71.04 -83.45
C THR BE 91 -74.28 71.64 -82.82
N LEU BE 92 -73.09 71.16 -83.19
CA LEU BE 92 -71.87 71.86 -82.77
C LEU BE 92 -71.87 73.29 -83.27
N LYS BE 93 -72.30 73.49 -84.52
CA LYS BE 93 -72.40 74.85 -85.06
C LYS BE 93 -73.35 75.68 -84.23
N ALA BE 94 -74.49 75.12 -83.85
CA ALA BE 94 -75.43 75.85 -83.00
C ALA BE 94 -74.82 76.15 -81.65
N GLU BE 95 -74.12 75.18 -81.06
CA GLU BE 95 -73.44 75.42 -79.80
C GLU BE 95 -72.35 76.48 -79.96
N TRP BE 96 -71.59 76.41 -81.06
CA TRP BE 96 -70.49 77.34 -81.26
C TRP BE 96 -70.98 78.78 -81.36
N GLU BE 97 -71.98 79.02 -82.20
CA GLU BE 97 -72.47 80.39 -82.35
C GLU BE 97 -73.09 80.90 -81.06
N THR BE 98 -73.76 80.01 -80.32
CA THR BE 98 -74.28 80.41 -79.02
C THR BE 98 -73.14 80.76 -78.07
N HIS BE 99 -72.06 79.98 -78.11
CA HIS BE 99 -70.89 80.32 -77.32
C HIS BE 99 -70.36 81.70 -77.68
N LYS BE 100 -70.31 82.01 -78.98
CA LYS BE 100 -69.84 83.32 -79.41
C LYS BE 100 -70.69 84.43 -78.81
N ARG BE 101 -72.01 84.32 -78.93
CA ARG BE 101 -72.89 85.37 -78.42
C ARG BE 101 -72.79 85.50 -76.91
N ASN BE 102 -72.54 84.38 -76.22
CA ASN BE 102 -72.44 84.43 -74.77
C ASN BE 102 -71.23 85.24 -74.32
N VAL BE 103 -70.06 84.95 -74.88
CA VAL BE 103 -68.86 85.67 -74.47
C VAL BE 103 -68.91 87.11 -74.94
N ASP BE 104 -69.46 87.35 -76.13
CA ASP BE 104 -69.52 88.72 -76.65
C ASP BE 104 -70.35 89.60 -75.73
N THR BE 105 -71.53 89.13 -75.30
CA THR BE 105 -72.37 89.95 -74.45
C THR BE 105 -71.78 90.09 -73.06
N LEU BE 106 -70.82 89.25 -72.70
CA LEU BE 106 -70.22 89.32 -71.38
C LEU BE 106 -68.81 89.89 -71.39
N PHE BE 107 -68.04 89.66 -72.45
CA PHE BE 107 -66.67 90.12 -72.53
C PHE BE 107 -66.49 91.24 -73.54
N ALA BE 108 -67.03 91.08 -74.75
CA ALA BE 108 -66.89 92.13 -75.76
C ALA BE 108 -67.71 93.36 -75.37
N SER BE 109 -69.03 93.19 -75.24
CA SER BE 109 -69.86 94.31 -74.81
C SER BE 109 -69.64 94.63 -73.34
N GLY BE 110 -69.59 93.60 -72.49
CA GLY BE 110 -69.36 93.82 -71.08
C GLY BE 110 -67.92 94.18 -70.80
N ASN BE 111 -67.67 94.57 -69.55
CA ASN BE 111 -66.34 94.94 -69.11
C ASN BE 111 -65.61 93.80 -68.41
N ALA BE 112 -65.89 92.56 -68.79
CA ALA BE 112 -65.18 91.43 -68.21
C ALA BE 112 -63.70 91.44 -68.57
N GLY BE 113 -63.34 92.00 -69.71
CA GLY BE 113 -61.93 92.08 -70.07
C GLY BE 113 -61.13 92.93 -69.11
N LEU BE 114 -61.79 93.85 -68.41
CA LEU BE 114 -61.13 94.67 -67.41
C LEU BE 114 -60.90 93.91 -66.11
N GLY BE 115 -61.45 92.72 -65.96
CA GLY BE 115 -61.40 91.97 -64.73
C GLY BE 115 -62.68 91.98 -63.93
N PHE BE 116 -63.63 92.85 -64.29
CA PHE BE 116 -64.90 92.90 -63.60
C PHE BE 116 -65.78 91.73 -64.00
N LEU BE 117 -66.71 91.38 -63.13
CA LEU BE 117 -67.73 90.38 -63.41
C LEU BE 117 -69.11 91.02 -63.39
N ASP BE 118 -70.02 90.48 -64.19
CA ASP BE 118 -71.36 91.02 -64.36
C ASP BE 118 -72.33 89.87 -64.13
N PRO BE 119 -72.65 89.58 -62.86
CA PRO BE 119 -73.57 88.47 -62.57
C PRO BE 119 -74.97 88.70 -63.10
N THR BE 120 -75.35 89.94 -63.40
CA THR BE 120 -76.68 90.24 -63.90
C THR BE 120 -76.73 90.35 -65.42
N ALA BE 121 -75.70 89.89 -66.12
CA ALA BE 121 -75.70 89.94 -67.57
C ALA BE 121 -76.77 89.00 -68.13
N ALA BE 122 -77.08 89.20 -69.41
CA ALA BE 122 -78.12 88.43 -70.10
C ALA BE 122 -77.46 87.47 -71.08
N ILE BE 123 -77.55 86.18 -70.78
CA ILE BE 123 -77.01 85.13 -71.65
C ILE BE 123 -78.14 84.17 -71.99
N VAL BE 124 -78.13 83.65 -73.21
CA VAL BE 124 -79.18 82.79 -73.70
C VAL BE 124 -78.59 81.45 -74.12
N SER BE 125 -79.43 80.42 -74.12
CA SER BE 125 -78.99 79.06 -74.37
C SER BE 125 -79.02 78.73 -75.86
N SER BE 126 -78.39 77.61 -76.21
CA SER BE 126 -78.38 77.17 -77.59
C SER BE 126 -79.78 76.84 -78.08
N ASP BE 127 -80.58 76.20 -77.23
CA ASP BE 127 -81.95 75.88 -77.60
C ASP BE 127 -82.77 77.15 -77.76
N THR BE 128 -83.60 77.19 -78.80
CA THR BE 128 -84.44 78.35 -79.04
C THR BE 128 -85.74 78.24 -78.25
N THR BE 129 -86.53 79.30 -78.31
CA THR BE 129 -87.80 79.34 -77.62
C THR BE 129 -88.79 78.35 -78.22
N ALA CE 1 -69.99 60.56 -110.01
CA ALA CE 1 -70.15 61.62 -109.02
C ALA CE 1 -69.78 61.11 -107.63
N ASN CE 2 -68.69 60.32 -107.58
CA ASN CE 2 -68.25 59.77 -106.31
C ASN CE 2 -67.76 60.88 -105.38
N LYS CE 3 -68.08 60.76 -104.11
CA LYS CE 3 -67.70 61.78 -103.14
C LYS CE 3 -66.21 61.68 -102.85
N PRO CE 4 -65.45 62.75 -103.06
CA PRO CE 4 -64.00 62.69 -102.83
C PRO CE 4 -63.67 62.62 -101.36
N MET CE 5 -62.48 62.09 -101.06
CA MET CE 5 -61.96 62.06 -99.71
C MET CE 5 -61.00 63.22 -99.49
N GLN CE 6 -60.55 63.36 -98.25
CA GLN CE 6 -59.45 64.25 -97.91
C GLN CE 6 -58.51 63.54 -96.96
N PRO CE 7 -57.21 63.80 -97.06
CA PRO CE 7 -56.26 63.10 -96.19
C PRO CE 7 -56.48 63.46 -94.73
N ILE CE 8 -56.25 62.48 -93.86
CA ILE CE 8 -56.31 62.69 -92.42
C ILE CE 8 -54.98 62.42 -91.74
N THR CE 9 -54.04 61.77 -92.40
CA THR CE 9 -52.75 61.47 -91.81
C THR CE 9 -51.70 61.52 -92.90
N SER CE 10 -50.76 62.45 -92.78
CA SER CE 10 -49.71 62.64 -93.76
C SER CE 10 -48.36 62.29 -93.16
N THR CE 11 -47.55 61.59 -93.93
CA THR CE 11 -46.22 61.18 -93.49
C THR CE 11 -45.34 61.14 -94.73
N ALA CE 12 -44.02 61.18 -94.51
CA ALA CE 12 -43.08 61.14 -95.63
C ALA CE 12 -43.23 59.88 -96.46
N ASN CE 13 -43.83 58.82 -95.91
CA ASN CE 13 -43.98 57.58 -96.64
C ASN CE 13 -45.35 56.95 -96.45
N LYS CE 14 -46.36 57.75 -96.08
CA LYS CE 14 -47.69 57.20 -95.89
C LYS CE 14 -48.71 58.34 -95.85
N ILE CE 15 -49.80 58.17 -96.60
CA ILE CE 15 -50.94 59.08 -96.53
C ILE CE 15 -52.21 58.24 -96.42
N VAL CE 16 -53.17 58.73 -95.65
CA VAL CE 16 -54.44 58.05 -95.45
C VAL CE 16 -55.57 59.02 -95.76
N TRP CE 17 -56.47 58.62 -96.64
CA TRP CE 17 -57.66 59.39 -96.96
C TRP CE 17 -58.86 58.82 -96.21
N SER CE 18 -59.88 59.64 -96.04
CA SER CE 18 -61.13 59.21 -95.43
C SER CE 18 -62.26 60.09 -95.93
N ASP CE 19 -63.44 59.51 -96.06
CA ASP CE 19 -64.58 60.22 -96.59
C ASP CE 19 -65.22 61.07 -95.51
N PRO CE 20 -65.38 62.38 -95.73
CA PRO CE 20 -66.02 63.21 -94.69
C PRO CE 20 -67.45 62.79 -94.38
N THR CE 21 -68.20 62.33 -95.39
CA THR CE 21 -69.59 61.93 -95.15
C THR CE 21 -69.65 60.70 -94.24
N ARG CE 22 -68.87 59.67 -94.57
CA ARG CE 22 -68.74 58.48 -93.73
C ARG CE 22 -67.26 58.19 -93.60
N LEU CE 23 -66.70 58.45 -92.42
CA LEU CE 23 -65.27 58.31 -92.21
C LEU CE 23 -64.87 56.92 -91.76
N SER CE 24 -65.81 55.97 -91.73
CA SER CE 24 -65.45 54.58 -91.51
C SER CE 24 -64.60 54.05 -92.66
N THR CE 25 -65.00 54.37 -93.89
CA THR CE 25 -64.23 53.95 -95.05
C THR CE 25 -63.01 54.84 -95.22
N THR CE 26 -61.90 54.23 -95.66
CA THR CE 26 -60.64 54.94 -95.82
C THR CE 26 -59.95 54.46 -97.10
N PHE CE 27 -58.77 55.01 -97.34
CA PHE CE 27 -57.89 54.54 -98.40
C PHE CE 27 -56.47 54.94 -98.03
N SER CE 28 -55.66 53.96 -97.66
CA SER CE 28 -54.30 54.22 -97.20
C SER CE 28 -53.30 53.80 -98.27
N ALA CE 29 -52.31 54.66 -98.50
CA ALA CE 29 -51.23 54.38 -99.42
C ALA CE 29 -49.90 54.55 -98.69
N SER CE 30 -49.03 53.57 -98.84
CA SER CE 30 -47.72 53.60 -98.19
C SER CE 30 -46.65 53.24 -99.20
N LEU CE 31 -45.58 54.02 -99.25
CA LEU CE 31 -44.48 53.80 -100.18
C LEU CE 31 -43.21 53.52 -99.41
N LEU CE 32 -42.44 52.55 -99.89
CA LEU CE 32 -41.18 52.17 -99.28
C LEU CE 32 -40.11 52.11 -100.37
N ARG CE 33 -39.14 53.02 -100.29
CA ARG CE 33 -38.05 53.09 -101.25
C ARG CE 33 -36.81 52.43 -100.63
N GLN CE 34 -36.19 51.54 -101.39
CA GLN CE 34 -34.98 50.87 -100.92
C GLN CE 34 -33.98 50.80 -102.07
N ARG CE 35 -32.70 50.96 -101.73
CA ARG CE 35 -31.61 50.93 -102.69
C ARG CE 35 -31.01 49.53 -102.71
N VAL CE 36 -30.97 48.92 -103.89
CA VAL CE 36 -30.48 47.56 -104.06
C VAL CE 36 -29.49 47.53 -105.23
N LYS CE 37 -28.31 46.97 -104.99
CA LYS CE 37 -27.34 46.75 -106.06
C LYS CE 37 -27.54 45.33 -106.59
N VAL CE 38 -27.90 45.20 -107.87
CA VAL CE 38 -28.10 43.88 -108.46
C VAL CE 38 -27.19 43.69 -109.66
N GLY CE 39 -27.41 44.47 -110.72
CA GLY CE 39 -26.61 44.32 -111.91
C GLY CE 39 -25.68 45.48 -112.16
N ILE CE 40 -24.38 45.30 -111.85
CA ILE CE 40 -23.28 46.23 -112.11
C ILE CE 40 -23.69 47.69 -111.95
N ALA CE 41 -24.70 47.94 -111.12
CA ALA CE 41 -25.25 49.29 -110.96
C ALA CE 41 -26.22 49.28 -109.79
N GLU CE 42 -26.24 50.38 -109.04
CA GLU CE 42 -27.16 50.54 -107.92
C GLU CE 42 -28.55 50.75 -108.49
N LEU CE 43 -29.45 49.82 -108.16
CA LEU CE 43 -30.81 49.89 -108.68
C LEU CE 43 -31.76 50.41 -107.61
N ASN CE 44 -32.57 51.40 -107.98
CA ASN CE 44 -33.46 52.06 -107.04
C ASN CE 44 -34.81 51.35 -107.07
N ASN CE 45 -35.15 50.68 -105.97
CA ASN CE 45 -36.38 49.92 -105.87
C ASN CE 45 -37.37 50.62 -104.95
N VAL CE 46 -38.64 50.51 -105.29
CA VAL CE 46 -39.72 51.10 -104.52
C VAL CE 46 -40.85 50.08 -104.42
N SER CE 47 -41.48 50.01 -103.24
CA SER CE 47 -42.59 49.11 -103.00
C SER CE 47 -43.78 49.94 -102.55
N GLY CE 48 -44.82 49.98 -103.38
CA GLY CE 48 -45.98 50.78 -103.08
C GLY CE 48 -47.14 49.96 -102.55
N GLN CE 49 -47.49 50.15 -101.28
CA GLN CE 49 -48.57 49.41 -100.64
C GLN CE 49 -49.82 50.26 -100.66
N TYR CE 50 -50.89 49.73 -101.24
CA TYR CE 50 -52.17 50.43 -101.37
C TYR CE 50 -53.25 49.58 -100.74
N VAL CE 51 -53.95 50.14 -99.77
CA VAL CE 51 -54.99 49.42 -99.04
C VAL CE 51 -56.27 50.27 -99.05
N SER CE 52 -57.37 49.65 -99.47
CA SER CE 52 -58.68 50.29 -99.45
C SER CE 52 -59.63 49.41 -98.66
N VAL CE 53 -60.36 50.02 -97.73
CA VAL CE 53 -61.28 49.29 -96.87
C VAL CE 53 -62.61 50.02 -96.82
N TYR CE 54 -63.70 49.26 -96.83
CA TYR CE 54 -65.04 49.78 -96.65
C TYR CE 54 -65.69 49.03 -95.51
N LYS CE 55 -66.53 49.73 -94.75
CA LYS CE 55 -67.22 49.15 -93.61
C LYS CE 55 -68.68 48.95 -94.02
N ARG CE 56 -68.98 47.80 -94.61
CA ARG CE 56 -70.26 47.54 -95.25
C ARG CE 56 -71.17 46.72 -94.34
N PRO CE 57 -72.42 47.14 -94.19
CA PRO CE 57 -73.35 46.38 -93.34
C PRO CE 57 -73.72 45.04 -93.94
N ALA CE 58 -74.35 44.21 -93.11
CA ALA CE 58 -74.78 42.89 -93.51
C ALA CE 58 -75.92 42.96 -94.51
N PRO CE 59 -76.11 41.91 -95.31
CA PRO CE 59 -77.17 41.96 -96.35
C PRO CE 59 -78.58 42.08 -95.78
N LYS CE 60 -78.79 41.73 -94.51
CA LYS CE 60 -80.04 41.87 -93.79
C LYS CE 60 -81.09 40.87 -94.28
N PRO CE 61 -81.84 40.25 -93.37
CA PRO CE 61 -82.89 39.32 -93.79
C PRO CE 61 -83.96 40.04 -94.60
N GLU CE 62 -84.68 39.26 -95.41
CA GLU CE 62 -85.64 39.75 -96.41
C GLU CE 62 -86.31 41.05 -96.00
N GLY CE 63 -86.33 42.04 -96.88
CA GLY CE 63 -86.67 43.40 -96.50
C GLY CE 63 -88.03 43.50 -95.84
N CYS CE 64 -88.02 43.50 -94.51
CA CYS CE 64 -89.25 43.48 -93.73
C CYS CE 64 -89.37 44.71 -92.85
N ALA CE 65 -88.38 44.89 -91.97
CA ALA CE 65 -88.43 45.89 -90.92
C ALA CE 65 -87.46 47.03 -91.21
N ASP CE 66 -87.99 48.17 -91.67
CA ASP CE 66 -87.14 49.31 -91.97
C ASP CE 66 -86.82 50.13 -90.73
N ALA CE 67 -87.59 49.97 -89.66
CA ALA CE 67 -87.44 50.83 -88.48
C ALA CE 67 -86.24 50.41 -87.65
N CYS CE 68 -85.11 51.07 -87.88
CA CYS CE 68 -83.89 51.00 -87.08
C CYS CE 68 -83.56 49.60 -86.59
N VAL CE 69 -83.31 48.67 -87.52
CA VAL CE 69 -82.68 47.39 -87.21
C VAL CE 69 -81.23 47.49 -87.65
N ILE CE 70 -80.31 47.38 -86.70
CA ILE CE 70 -78.91 47.67 -86.93
C ILE CE 70 -78.13 46.36 -86.87
N MET CE 71 -77.53 46.00 -87.99
CA MET CE 71 -76.75 44.76 -88.06
C MET CE 71 -75.27 45.11 -88.10
N PRO CE 72 -74.39 44.26 -87.57
CA PRO CE 72 -72.96 44.57 -87.56
C PRO CE 72 -72.42 44.73 -88.97
N ASN CE 73 -71.49 45.65 -89.14
CA ASN CE 73 -70.89 45.89 -90.44
C ASN CE 73 -69.85 44.82 -90.74
N GLU CE 74 -69.47 44.70 -92.00
CA GLU CE 74 -68.51 43.70 -92.45
C GLU CE 74 -67.41 44.41 -93.22
N ASN CE 75 -66.20 43.87 -93.13
CA ASN CE 75 -65.01 44.52 -93.68
C ASN CE 75 -64.75 44.05 -95.10
N GLN CE 76 -64.81 44.98 -96.04
CA GLN CE 76 -64.44 44.73 -97.43
C GLN CE 76 -63.11 45.44 -97.67
N SER CE 77 -62.03 44.67 -97.75
CA SER CE 77 -60.69 45.21 -97.88
C SER CE 77 -60.07 44.74 -99.19
N ILE CE 78 -59.40 45.67 -99.88
CA ILE CE 78 -58.65 45.37 -101.09
C ILE CE 78 -57.25 45.96 -100.92
N ARG CE 79 -56.25 45.10 -100.94
CA ARG CE 79 -54.87 45.52 -100.76
C ARG CE 79 -54.07 45.18 -102.00
N THR CE 80 -53.15 46.07 -102.36
CA THR CE 80 -52.31 45.89 -103.53
C THR CE 80 -50.92 46.42 -103.23
N VAL CE 81 -49.91 45.67 -103.67
CA VAL CE 81 -48.52 46.07 -103.52
C VAL CE 81 -47.85 46.04 -104.88
N ILE CE 82 -47.10 47.09 -105.20
CA ILE CE 82 -46.36 47.19 -106.44
C ILE CE 82 -44.89 47.21 -106.10
N SER CE 83 -44.13 46.26 -106.63
CA SER CE 83 -42.70 46.18 -106.41
C SER CE 83 -41.98 46.25 -107.74
N GLY CE 84 -41.02 47.15 -107.85
CA GLY CE 84 -40.27 47.31 -109.07
C GLY CE 84 -39.38 48.53 -108.98
N SER CE 85 -38.40 48.57 -109.87
CA SER CE 85 -37.45 49.67 -109.90
C SER CE 85 -38.03 50.84 -110.67
N ALA CE 86 -37.69 52.06 -110.22
CA ALA CE 86 -38.10 53.24 -110.96
C ALA CE 86 -37.42 53.35 -112.31
N GLU CE 87 -36.30 52.65 -112.50
CA GLU CE 87 -35.59 52.71 -113.77
C GLU CE 87 -36.41 52.15 -114.91
N ASN CE 88 -37.13 51.05 -114.69
CA ASN CE 88 -37.99 50.45 -115.69
C ASN CE 88 -39.46 50.61 -115.35
N LEU CE 89 -39.84 51.78 -114.83
CA LEU CE 89 -41.24 52.01 -114.46
C LEU CE 89 -42.16 51.94 -115.68
N ALA CE 90 -41.67 52.32 -116.85
CA ALA CE 90 -42.52 52.42 -118.03
C ALA CE 90 -43.15 51.07 -118.36
N THR CE 91 -42.36 50.01 -118.32
CA THR CE 91 -42.91 48.68 -118.56
C THR CE 91 -43.73 48.20 -117.36
N LEU CE 92 -43.40 48.68 -116.16
CA LEU CE 92 -44.19 48.34 -114.99
C LEU CE 92 -45.60 48.91 -115.10
N LYS CE 93 -45.74 50.07 -115.75
CA LYS CE 93 -47.07 50.63 -115.98
C LYS CE 93 -47.94 49.65 -116.75
N ALA CE 94 -47.42 49.13 -117.86
CA ALA CE 94 -48.16 48.13 -118.62
C ALA CE 94 -48.32 46.84 -117.82
N GLU CE 95 -47.37 46.54 -116.95
CA GLU CE 95 -47.50 45.36 -116.10
C GLU CE 95 -48.69 45.48 -115.17
N TRP CE 96 -48.90 46.66 -114.60
CA TRP CE 96 -50.02 46.85 -113.70
C TRP CE 96 -51.35 46.71 -114.42
N GLU CE 97 -51.47 47.28 -115.62
CA GLU CE 97 -52.76 47.28 -116.30
C GLU CE 97 -53.12 45.88 -116.80
N THR CE 98 -52.14 45.10 -117.23
CA THR CE 98 -52.43 43.73 -117.63
C THR CE 98 -52.79 42.88 -116.42
N HIS CE 99 -52.25 43.24 -115.26
CA HIS CE 99 -52.69 42.59 -114.03
C HIS CE 99 -54.15 42.89 -113.73
N LYS CE 100 -54.58 44.12 -114.02
CA LYS CE 100 -55.98 44.48 -113.88
C LYS CE 100 -56.85 43.62 -114.79
N ARG CE 101 -56.52 43.57 -116.07
CA ARG CE 101 -57.27 42.75 -117.01
C ARG CE 101 -57.20 41.27 -116.63
N ASN CE 102 -56.12 40.86 -115.99
CA ASN CE 102 -56.01 39.48 -115.54
C ASN CE 102 -57.00 39.18 -114.44
N VAL CE 103 -57.07 40.06 -113.42
CA VAL CE 103 -57.90 39.79 -112.26
C VAL CE 103 -59.38 39.89 -112.61
N ASP CE 104 -59.79 40.96 -113.28
CA ASP CE 104 -61.21 41.18 -113.51
C ASP CE 104 -61.81 40.07 -114.37
N THR CE 105 -61.02 39.55 -115.32
CA THR CE 105 -61.46 38.39 -116.07
C THR CE 105 -61.70 37.21 -115.15
N LEU CE 106 -60.80 36.99 -114.20
CA LEU CE 106 -60.98 35.88 -113.26
C LEU CE 106 -62.03 36.18 -112.22
N PHE CE 107 -62.14 37.44 -111.78
CA PHE CE 107 -62.98 37.77 -110.64
C PHE CE 107 -64.18 38.62 -111.01
N ALA CE 108 -63.95 39.79 -111.62
CA ALA CE 108 -65.07 40.69 -111.91
C ALA CE 108 -66.00 40.10 -112.95
N SER CE 109 -65.44 39.66 -114.08
CA SER CE 109 -66.23 39.04 -115.12
C SER CE 109 -66.53 37.58 -114.86
N GLY CE 110 -65.71 36.91 -114.05
CA GLY CE 110 -65.94 35.53 -113.66
C GLY CE 110 -66.70 35.45 -112.35
N ASN CE 111 -66.52 34.34 -111.66
CA ASN CE 111 -67.17 34.12 -110.37
C ASN CE 111 -66.17 33.66 -109.32
N ALA CE 112 -64.95 34.22 -109.35
CA ALA CE 112 -63.97 33.87 -108.34
C ALA CE 112 -64.40 34.33 -106.95
N GLY CE 113 -65.24 35.36 -106.88
CA GLY CE 113 -65.67 35.85 -105.58
C GLY CE 113 -66.47 34.82 -104.80
N LEU CE 114 -67.27 34.03 -105.50
CA LEU CE 114 -68.02 32.98 -104.83
C LEU CE 114 -67.12 31.87 -104.31
N GLY CE 115 -65.90 31.79 -104.77
CA GLY CE 115 -64.97 30.77 -104.35
C GLY CE 115 -64.64 29.71 -105.40
N PHE CE 116 -64.89 29.99 -106.68
CA PHE CE 116 -64.63 29.04 -107.76
C PHE CE 116 -63.57 29.62 -108.68
N LEU CE 117 -62.56 28.82 -108.98
CA LEU CE 117 -61.46 29.24 -109.86
C LEU CE 117 -61.55 28.43 -111.13
N ASP CE 118 -62.01 29.05 -112.20
CA ASP CE 118 -62.09 28.38 -113.49
C ASP CE 118 -60.69 28.12 -114.02
N PRO CE 119 -60.30 26.87 -114.26
CA PRO CE 119 -58.98 26.60 -114.85
C PRO CE 119 -58.90 26.88 -116.34
N THR CE 120 -60.00 27.30 -116.97
CA THR CE 120 -60.03 27.59 -118.39
C THR CE 120 -60.19 29.08 -118.67
N ALA CE 121 -59.96 29.93 -117.68
CA ALA CE 121 -60.10 31.36 -117.90
C ALA CE 121 -59.03 31.86 -118.85
N ALA CE 122 -59.46 32.59 -119.88
CA ALA CE 122 -58.54 33.11 -120.89
C ALA CE 122 -57.79 34.30 -120.30
N ILE CE 123 -56.57 34.07 -119.85
CA ILE CE 123 -55.74 35.10 -119.24
C ILE CE 123 -54.52 35.31 -120.12
N VAL CE 124 -54.04 36.55 -120.18
CA VAL CE 124 -52.95 36.92 -121.08
C VAL CE 124 -51.88 37.66 -120.29
N SER CE 125 -50.66 37.64 -120.82
CA SER CE 125 -49.51 38.23 -120.16
C SER CE 125 -49.26 39.64 -120.65
N SER CE 126 -48.27 40.30 -120.03
CA SER CE 126 -47.93 41.65 -120.43
C SER CE 126 -47.32 41.68 -121.83
N ASP CE 127 -46.54 40.66 -122.18
CA ASP CE 127 -45.87 40.65 -123.48
C ASP CE 127 -46.88 40.60 -124.61
N THR CE 128 -46.58 41.32 -125.68
CA THR CE 128 -47.46 41.44 -126.84
C THR CE 128 -46.96 40.51 -127.95
N THR CE 129 -47.89 39.80 -128.58
CA THR CE 129 -47.54 38.88 -129.66
C THR CE 129 -47.04 39.63 -130.89
N ALA DE 1 -106.42 16.40 99.13
CA ALA DE 1 -107.16 16.01 97.93
C ALA DE 1 -106.20 15.84 96.76
N ASN DE 2 -105.35 14.82 96.83
CA ASN DE 2 -104.37 14.55 95.79
C ASN DE 2 -105.01 13.71 94.70
N LYS DE 3 -104.93 14.19 93.47
CA LYS DE 3 -105.48 13.44 92.34
C LYS DE 3 -104.62 12.21 92.06
N PRO DE 4 -105.20 11.02 92.02
CA PRO DE 4 -104.41 9.83 91.73
C PRO DE 4 -103.94 9.82 90.28
N MET DE 5 -102.79 9.19 90.05
CA MET DE 5 -102.34 9.05 88.68
C MET DE 5 -102.99 7.84 88.03
N GLN DE 6 -102.85 7.77 86.70
CA GLN DE 6 -103.31 6.65 85.91
C GLN DE 6 -102.11 5.84 85.48
N PRO DE 7 -101.97 4.57 85.88
CA PRO DE 7 -100.86 3.76 85.40
C PRO DE 7 -100.86 3.68 83.88
N ILE DE 8 -99.67 3.78 83.30
CA ILE DE 8 -99.54 3.87 81.84
C ILE DE 8 -98.80 2.69 81.24
N THR DE 9 -97.85 2.10 81.96
CA THR DE 9 -97.09 0.96 81.43
C THR DE 9 -96.94 -0.05 82.54
N SER DE 10 -97.74 -1.11 82.49
CA SER DE 10 -97.69 -2.16 83.49
C SER DE 10 -96.85 -3.31 82.97
N THR DE 11 -95.91 -3.77 83.80
CA THR DE 11 -95.01 -4.85 83.44
C THR DE 11 -94.62 -5.56 84.73
N ALA DE 12 -94.17 -6.81 84.58
CA ALA DE 12 -93.74 -7.58 85.74
C ALA DE 12 -92.58 -6.93 86.47
N ASN DE 13 -91.86 -6.02 85.82
CA ASN DE 13 -90.73 -5.33 86.43
C ASN DE 13 -90.98 -3.85 86.66
N LYS DE 14 -91.37 -3.12 85.62
CA LYS DE 14 -91.54 -1.67 85.69
C LYS DE 14 -93.01 -1.32 85.58
N ILE DE 15 -93.47 -0.42 86.45
CA ILE DE 15 -94.80 0.16 86.36
C ILE DE 15 -94.66 1.67 86.50
N VAL DE 16 -95.29 2.42 85.61
CA VAL DE 16 -95.21 3.88 85.62
C VAL DE 16 -96.61 4.45 85.76
N TRP DE 17 -96.74 5.48 86.57
CA TRP DE 17 -97.97 6.25 86.68
C TRP DE 17 -97.70 7.66 86.20
N SER DE 18 -98.74 8.32 85.69
CA SER DE 18 -98.63 9.72 85.34
C SER DE 18 -99.99 10.38 85.48
N ASP DE 19 -99.95 11.68 85.74
CA ASP DE 19 -101.17 12.45 85.98
C ASP DE 19 -101.91 12.63 84.66
N PRO DE 20 -103.17 12.21 84.56
CA PRO DE 20 -103.92 12.47 83.32
C PRO DE 20 -104.03 13.93 82.98
N THR DE 21 -104.10 14.81 83.99
CA THR DE 21 -104.18 16.24 83.72
C THR DE 21 -102.93 16.74 83.01
N ARG DE 22 -101.77 16.30 83.48
CA ARG DE 22 -100.50 16.61 82.82
C ARG DE 22 -99.60 15.39 82.88
N LEU DE 23 -99.29 14.83 81.71
CA LEU DE 23 -98.54 13.59 81.64
C LEU DE 23 -97.08 13.76 82.01
N SER DE 24 -96.61 15.00 82.14
CA SER DE 24 -95.21 15.23 82.50
C SER DE 24 -94.90 14.66 83.88
N THR DE 25 -95.79 14.89 84.84
CA THR DE 25 -95.61 14.33 86.17
C THR DE 25 -95.72 12.81 86.11
N THR DE 26 -94.63 12.12 86.46
CA THR DE 26 -94.61 10.68 86.39
C THR DE 26 -93.99 10.11 87.65
N PHE DE 27 -94.31 8.85 87.91
CA PHE DE 27 -93.71 8.12 89.04
C PHE DE 27 -93.52 6.68 88.59
N SER DE 28 -92.28 6.25 88.47
CA SER DE 28 -91.95 4.93 87.98
C SER DE 28 -91.31 4.10 89.10
N ALA DE 29 -91.84 2.91 89.31
CA ALA DE 29 -91.30 1.98 90.29
C ALA DE 29 -90.78 0.75 89.57
N SER DE 30 -89.46 0.63 89.49
CA SER DE 30 -88.82 -0.50 88.84
C SER DE 30 -88.18 -1.38 89.90
N LEU DE 31 -88.26 -2.69 89.69
CA LEU DE 31 -87.77 -3.66 90.65
C LEU DE 31 -86.86 -4.65 89.95
N LEU DE 32 -85.82 -5.08 90.65
CA LEU DE 32 -84.82 -6.00 90.11
C LEU DE 32 -84.53 -7.05 91.17
N ARG DE 33 -85.08 -8.24 91.01
CA ARG DE 33 -84.87 -9.34 91.94
C ARG DE 33 -83.55 -10.03 91.62
N GLN DE 34 -82.81 -10.37 92.67
CA GLN DE 34 -81.48 -10.92 92.49
C GLN DE 34 -81.25 -12.01 93.54
N ARG DE 35 -80.39 -12.96 93.19
CA ARG DE 35 -80.00 -14.05 94.07
C ARG DE 35 -78.58 -13.82 94.56
N VAL DE 36 -78.39 -13.88 95.87
CA VAL DE 36 -77.10 -13.60 96.49
C VAL DE 36 -76.70 -14.78 97.36
N LYS DE 37 -75.40 -15.00 97.49
CA LYS DE 37 -74.83 -16.11 98.24
C LYS DE 37 -74.00 -15.52 99.39
N VAL DE 38 -74.58 -15.49 100.59
CA VAL DE 38 -73.88 -14.90 101.73
C VAL DE 38 -73.78 -15.88 102.90
N GLY DE 39 -74.91 -16.32 103.44
CA GLY DE 39 -74.91 -17.12 104.65
C GLY DE 39 -74.93 -18.61 104.40
N ILE DE 40 -73.91 -19.13 103.71
CA ILE DE 40 -73.84 -20.51 103.23
C ILE DE 40 -75.20 -20.99 102.77
N ALA DE 41 -76.00 -20.06 102.24
CA ALA DE 41 -77.38 -20.33 101.83
C ALA DE 41 -77.82 -19.16 100.98
N GLU DE 42 -78.40 -19.46 99.82
CA GLU DE 42 -78.79 -18.40 98.89
C GLU DE 42 -79.89 -17.54 99.48
N LEU DE 43 -79.77 -16.23 99.31
CA LEU DE 43 -80.78 -15.28 99.72
C LEU DE 43 -81.32 -14.54 98.50
N ASN DE 44 -82.59 -14.17 98.57
CA ASN DE 44 -83.24 -13.46 97.48
C ASN DE 44 -83.15 -11.97 97.74
N ASN DE 45 -82.33 -11.28 96.95
CA ASN DE 45 -82.14 -9.85 97.10
C ASN DE 45 -83.01 -9.10 96.09
N VAL DE 46 -83.54 -7.96 96.53
CA VAL DE 46 -84.37 -7.10 95.70
C VAL DE 46 -83.81 -5.70 95.75
N SER DE 47 -83.84 -5.00 94.62
CA SER DE 47 -83.37 -3.63 94.52
C SER DE 47 -84.49 -2.78 93.94
N GLY DE 48 -85.40 -2.33 94.80
CA GLY DE 48 -86.51 -1.52 94.35
C GLY DE 48 -86.05 -0.10 94.03
N GLN DE 49 -86.25 0.30 92.79
CA GLN DE 49 -85.89 1.64 92.33
C GLN DE 49 -87.17 2.42 92.09
N TYR DE 50 -87.31 3.55 92.77
CA TYR DE 50 -88.49 4.39 92.66
C TYR DE 50 -88.07 5.79 92.23
N VAL DE 51 -88.66 6.28 91.15
CA VAL DE 51 -88.32 7.58 90.57
C VAL DE 51 -89.58 8.40 90.47
N SER DE 52 -89.54 9.62 90.99
CA SER DE 52 -90.62 10.58 90.87
C SER DE 52 -90.10 11.81 90.14
N VAL DE 53 -90.77 12.18 89.05
CA VAL DE 53 -90.31 13.26 88.18
C VAL DE 53 -91.44 14.27 88.03
N TYR DE 54 -91.09 15.55 88.14
CA TYR DE 54 -92.03 16.64 87.92
C TYR DE 54 -91.36 17.70 87.06
N LYS DE 55 -92.10 18.22 86.10
CA LYS DE 55 -91.65 19.32 85.27
C LYS DE 55 -92.17 20.63 85.87
N ARG DE 56 -91.27 21.41 86.46
CA ARG DE 56 -91.66 22.62 87.15
C ARG DE 56 -91.15 23.85 86.40
N PRO DE 57 -92.05 24.77 86.04
CA PRO DE 57 -91.64 25.92 85.25
C PRO DE 57 -90.71 26.85 86.01
N ALA DE 58 -90.24 27.87 85.30
CA ALA DE 58 -89.28 28.81 85.86
C ALA DE 58 -89.96 29.65 86.95
N PRO DE 59 -89.18 30.26 87.85
CA PRO DE 59 -89.78 31.06 88.93
C PRO DE 59 -90.64 32.21 88.44
N LYS DE 60 -90.24 32.86 87.36
CA LYS DE 60 -90.91 34.05 86.85
C LYS DE 60 -91.08 35.07 87.96
N PRO DE 61 -89.99 35.75 88.36
CA PRO DE 61 -90.00 36.60 89.57
C PRO DE 61 -91.23 37.47 89.72
N GLU DE 62 -91.67 37.63 90.97
CA GLU DE 62 -92.94 38.27 91.29
C GLU DE 62 -93.01 39.69 90.78
N GLY DE 63 -94.09 40.00 90.06
CA GLY DE 63 -94.28 41.31 89.47
C GLY DE 63 -94.52 41.16 87.99
N CYS DE 64 -93.79 40.23 87.38
CA CYS DE 64 -94.00 39.85 85.99
C CYS DE 64 -94.75 38.53 85.87
N ALA DE 65 -95.34 38.04 86.96
CA ALA DE 65 -96.07 36.78 86.94
C ALA DE 65 -97.22 36.83 85.94
N ASP DE 66 -97.77 38.03 85.73
CA ASP DE 66 -98.85 38.23 84.77
C ASP DE 66 -98.42 37.92 83.34
N ALA DE 67 -97.11 37.88 83.08
CA ALA DE 67 -96.59 37.57 81.75
C ALA DE 67 -97.21 36.28 81.23
N CYS DE 68 -98.09 36.40 80.23
CA CYS DE 68 -99.03 35.35 79.86
C CYS DE 68 -98.39 34.49 78.77
N VAL DE 69 -97.15 34.08 79.05
CA VAL DE 69 -96.35 33.30 78.12
C VAL DE 69 -95.72 32.12 78.86
N ILE DE 70 -95.84 30.92 78.27
CA ILE DE 70 -95.15 29.76 78.81
C ILE DE 70 -93.65 30.01 78.75
N MET DE 71 -92.96 29.65 79.83
CA MET DE 71 -91.53 29.89 80.00
C MET DE 71 -90.78 28.56 79.93
N PRO DE 72 -89.46 28.56 79.74
CA PRO DE 72 -88.73 27.29 79.70
C PRO DE 72 -88.90 26.53 81.01
N ASN DE 73 -89.00 25.20 80.88
CA ASN DE 73 -89.38 24.33 81.97
C ASN DE 73 -88.17 23.54 82.46
N GLU DE 74 -88.02 23.45 83.78
CA GLU DE 74 -86.91 22.76 84.40
C GLU DE 74 -87.40 21.53 85.16
N ASN DE 75 -86.45 20.71 85.57
CA ASN DE 75 -86.73 19.34 86.02
C ASN DE 75 -86.57 19.25 87.54
N GLN DE 76 -87.53 18.60 88.18
CA GLN DE 76 -87.45 18.21 89.59
C GLN DE 76 -87.59 16.70 89.66
N SER DE 77 -86.58 16.03 90.20
CA SER DE 77 -86.56 14.57 90.23
C SER DE 77 -86.16 14.08 91.61
N ILE DE 78 -86.74 12.96 92.02
CA ILE DE 78 -86.46 12.32 93.29
C ILE DE 78 -86.37 10.83 93.03
N ARG DE 79 -85.18 10.26 93.21
CA ARG DE 79 -84.93 8.85 92.95
C ARG DE 79 -84.55 8.16 94.25
N THR DE 80 -85.17 7.01 94.51
CA THR DE 80 -84.91 6.24 95.70
C THR DE 80 -84.61 4.81 95.32
N VAL DE 81 -83.59 4.22 95.96
CA VAL DE 81 -83.20 2.85 95.71
C VAL DE 81 -83.16 2.13 97.06
N ILE DE 82 -83.86 1.01 97.14
CA ILE DE 82 -83.90 0.20 98.35
C ILE DE 82 -83.39 -1.19 98.00
N SER DE 83 -82.34 -1.62 98.69
CA SER DE 83 -81.72 -2.91 98.46
C SER DE 83 -81.67 -3.70 99.75
N GLY DE 84 -82.01 -4.99 99.67
CA GLY DE 84 -81.95 -5.85 100.84
C GLY DE 84 -82.59 -7.20 100.60
N SER DE 85 -82.21 -8.19 101.40
CA SER DE 85 -82.81 -9.51 101.27
C SER DE 85 -84.26 -9.47 101.72
N ALA DE 86 -85.12 -10.15 100.96
CA ALA DE 86 -86.54 -10.20 101.30
C ALA DE 86 -86.81 -10.97 102.59
N GLU DE 87 -85.87 -11.80 103.04
CA GLU DE 87 -86.04 -12.52 104.29
C GLU DE 87 -85.94 -11.62 105.51
N ASN DE 88 -85.36 -10.43 105.36
CA ASN DE 88 -85.29 -9.45 106.44
C ASN DE 88 -86.15 -8.23 106.12
N LEU DE 89 -87.25 -8.44 105.38
CA LEU DE 89 -88.12 -7.33 105.02
C LEU DE 89 -88.68 -6.63 106.25
N ALA DE 90 -88.77 -7.33 107.37
CA ALA DE 90 -89.31 -6.73 108.59
C ALA DE 90 -88.43 -5.56 109.03
N THR DE 91 -87.11 -5.72 108.97
CA THR DE 91 -86.23 -4.67 109.43
C THR DE 91 -86.02 -3.57 108.39
N LEU DE 92 -86.19 -3.89 107.11
CA LEU DE 92 -86.13 -2.84 106.09
C LEU DE 92 -87.21 -1.79 106.32
N LYS DE 93 -88.35 -2.22 106.87
CA LYS DE 93 -89.39 -1.26 107.23
C LYS DE 93 -88.86 -0.24 108.24
N ALA DE 94 -88.15 -0.73 109.27
CA ALA DE 94 -87.53 0.19 110.23
C ALA DE 94 -86.45 1.01 109.57
N GLU DE 95 -85.65 0.38 108.69
CA GLU DE 95 -84.61 1.12 107.98
C GLU DE 95 -85.20 2.22 107.13
N TRP DE 96 -86.32 1.94 106.46
CA TRP DE 96 -86.98 2.96 105.67
C TRP DE 96 -87.46 4.10 106.56
N GLU DE 97 -87.98 3.78 107.74
CA GLU DE 97 -88.46 4.82 108.64
C GLU DE 97 -87.32 5.72 109.08
N THR DE 98 -86.22 5.13 109.56
CA THR DE 98 -85.13 5.95 110.07
C THR DE 98 -84.43 6.70 108.94
N HIS DE 99 -84.47 6.16 107.73
CA HIS DE 99 -83.92 6.89 106.59
C HIS DE 99 -84.67 8.19 106.36
N LYS DE 100 -86.00 8.14 106.44
CA LYS DE 100 -86.80 9.33 106.25
C LYS DE 100 -86.49 10.37 107.32
N ARG DE 101 -86.33 9.93 108.57
CA ARG DE 101 -86.04 10.86 109.66
C ARG DE 101 -84.74 11.61 109.41
N ASN DE 102 -83.69 10.88 109.03
CA ASN DE 102 -82.40 11.52 108.79
C ASN DE 102 -82.46 12.48 107.62
N VAL DE 103 -83.14 12.11 106.54
CA VAL DE 103 -83.28 13.02 105.41
C VAL DE 103 -84.11 14.23 105.81
N ASP DE 104 -85.18 14.01 106.56
CA ASP DE 104 -86.05 15.11 106.96
C ASP DE 104 -85.31 16.14 107.79
N THR DE 105 -84.51 15.69 108.75
CA THR DE 105 -83.83 16.65 109.62
C THR DE 105 -82.74 17.40 108.89
N LEU DE 106 -82.34 16.93 107.70
CA LEU DE 106 -81.41 17.67 106.87
C LEU DE 106 -82.13 18.46 105.78
N PHE DE 107 -82.93 17.78 104.97
CA PHE DE 107 -83.56 18.42 103.81
C PHE DE 107 -84.85 19.13 104.21
N ALA DE 108 -85.80 18.40 104.81
CA ALA DE 108 -87.09 18.99 105.12
C ALA DE 108 -86.96 20.09 106.17
N SER DE 109 -86.21 19.82 107.24
CA SER DE 109 -86.09 20.78 108.34
C SER DE 109 -84.95 21.76 108.09
N GLY DE 110 -83.74 21.25 107.93
CA GLY DE 110 -82.60 22.11 107.66
C GLY DE 110 -82.59 22.61 106.22
N ASN DE 111 -81.64 23.47 105.93
CA ASN DE 111 -81.48 24.05 104.61
C ASN DE 111 -80.52 23.25 103.74
N ALA DE 112 -80.40 21.94 103.97
CA ALA DE 112 -79.56 21.12 103.11
C ALA DE 112 -80.03 21.15 101.67
N GLY DE 113 -81.33 21.34 101.46
CA GLY DE 113 -81.83 21.46 100.10
C GLY DE 113 -81.24 22.65 99.38
N LEU DE 114 -81.03 23.76 100.09
CA LEU DE 114 -80.39 24.92 99.49
C LEU DE 114 -78.93 24.70 99.16
N GLY DE 115 -78.33 23.62 99.66
CA GLY DE 115 -76.93 23.35 99.42
C GLY DE 115 -76.03 23.50 100.62
N PHE DE 116 -76.59 23.66 101.82
CA PHE DE 116 -75.81 23.93 103.02
C PHE DE 116 -75.76 22.67 103.87
N LEU DE 117 -74.55 22.27 104.24
CA LEU DE 117 -74.35 21.11 105.10
C LEU DE 117 -73.95 21.55 106.50
N ASP DE 118 -74.33 20.76 107.49
CA ASP DE 118 -74.02 21.09 108.88
C ASP DE 118 -73.80 19.87 109.76
N PRO DE 119 -72.59 19.69 110.28
CA PRO DE 119 -72.33 18.56 111.19
C PRO DE 119 -73.15 18.60 112.46
N THR DE 120 -73.61 19.78 112.87
CA THR DE 120 -74.38 19.89 114.10
C THR DE 120 -75.75 19.22 113.99
N ALA DE 121 -76.18 18.86 112.79
CA ALA DE 121 -77.46 18.20 112.62
C ALA DE 121 -77.49 16.90 113.40
N ALA DE 122 -78.60 16.67 114.10
CA ALA DE 122 -78.75 15.50 114.96
C ALA DE 122 -79.51 14.42 114.21
N ILE DE 123 -78.78 13.47 113.65
CA ILE DE 123 -79.36 12.32 112.97
C ILE DE 123 -79.22 11.12 113.87
N VAL DE 124 -80.14 10.17 113.76
CA VAL DE 124 -80.22 9.08 114.71
C VAL DE 124 -80.37 7.78 113.93
N SER DE 125 -79.97 6.68 114.58
CA SER DE 125 -79.92 5.36 113.94
C SER DE 125 -81.24 4.64 114.05
N SER DE 126 -81.32 3.48 113.37
CA SER DE 126 -82.48 2.63 113.49
C SER DE 126 -82.49 1.88 114.82
N ASP DE 127 -81.32 1.44 115.27
CA ASP DE 127 -81.23 0.73 116.53
C ASP DE 127 -81.63 1.63 117.68
N THR DE 128 -82.41 1.08 118.61
CA THR DE 128 -82.88 1.83 119.77
C THR DE 128 -82.25 1.28 121.03
N THR DE 129 -82.15 2.14 122.03
CA THR DE 129 -81.55 1.76 123.31
C THR DE 129 -82.53 0.94 124.14
N ALA EE 1 -105.05 -26.79 104.11
CA ALA EE 1 -104.73 -25.47 103.59
C ALA EE 1 -103.24 -25.34 103.28
N ASN EE 2 -102.92 -24.67 102.19
CA ASN EE 2 -101.54 -24.51 101.76
C ASN EE 2 -101.32 -23.07 101.31
N LYS EE 3 -100.05 -22.69 101.26
CA LYS EE 3 -99.70 -21.32 100.87
C LYS EE 3 -100.03 -21.10 99.40
N PRO EE 4 -100.85 -20.11 99.05
CA PRO EE 4 -101.00 -19.75 97.65
C PRO EE 4 -99.81 -18.95 97.15
N MET EE 5 -99.65 -18.92 95.83
CA MET EE 5 -98.58 -18.17 95.21
C MET EE 5 -99.13 -16.94 94.50
N GLN EE 6 -98.22 -16.08 94.06
CA GLN EE 6 -98.55 -14.90 93.28
C GLN EE 6 -97.70 -14.88 92.02
N PRO EE 7 -98.25 -14.40 90.89
CA PRO EE 7 -97.46 -14.28 89.67
C PRO EE 7 -96.30 -13.33 89.88
N ILE EE 8 -95.17 -13.64 89.24
CA ILE EE 8 -93.94 -12.85 89.36
C ILE EE 8 -93.57 -12.21 88.04
N THR EE 9 -93.29 -13.01 87.02
CA THR EE 9 -92.82 -12.52 85.73
C THR EE 9 -93.82 -12.94 84.66
N SER EE 10 -94.84 -12.10 84.47
CA SER EE 10 -95.84 -12.35 83.44
C SER EE 10 -95.28 -11.92 82.08
N THR EE 11 -95.04 -12.89 81.21
CA THR EE 11 -94.52 -12.63 79.88
C THR EE 11 -95.58 -13.09 78.88
N ALA EE 12 -95.39 -12.73 77.60
CA ALA EE 12 -96.37 -13.06 76.57
C ALA EE 12 -96.64 -14.56 76.51
N ASN EE 13 -95.67 -15.38 76.86
CA ASN EE 13 -95.84 -16.83 76.81
C ASN EE 13 -95.61 -17.50 78.16
N LYS EE 14 -94.67 -17.03 78.95
CA LYS EE 14 -94.30 -17.66 80.21
C LYS EE 14 -94.78 -16.81 81.38
N ILE EE 15 -95.30 -17.47 82.40
CA ILE EE 15 -95.72 -16.83 83.64
C ILE EE 15 -95.27 -17.68 84.81
N VAL EE 16 -94.76 -17.03 85.86
CA VAL EE 16 -94.11 -17.72 86.97
C VAL EE 16 -94.76 -17.27 88.27
N TRP EE 17 -95.07 -18.24 89.13
CA TRP EE 17 -95.51 -17.97 90.49
C TRP EE 17 -94.36 -18.21 91.45
N SER EE 18 -94.50 -17.67 92.66
CA SER EE 18 -93.54 -17.94 93.73
C SER EE 18 -94.21 -17.62 95.06
N ASP EE 19 -93.90 -18.44 96.06
CA ASP EE 19 -94.52 -18.27 97.36
C ASP EE 19 -93.93 -17.05 98.06
N PRO EE 20 -94.77 -16.13 98.55
CA PRO EE 20 -94.23 -14.93 99.21
C PRO EE 20 -93.40 -15.24 100.45
N THR EE 21 -93.74 -16.30 101.18
CA THR EE 21 -92.96 -16.65 102.37
C THR EE 21 -91.59 -17.18 101.98
N ARG EE 22 -91.57 -18.28 101.25
CA ARG EE 22 -90.33 -18.85 100.71
C ARG EE 22 -90.28 -18.52 99.23
N LEU EE 23 -89.56 -17.45 98.88
CA LEU EE 23 -89.47 -17.05 97.48
C LEU EE 23 -88.74 -18.08 96.64
N SER EE 24 -88.03 -19.02 97.28
CA SER EE 24 -87.33 -20.04 96.53
C SER EE 24 -88.30 -20.96 95.79
N THR EE 25 -89.41 -21.30 96.43
CA THR EE 25 -90.40 -22.17 95.80
C THR EE 25 -91.11 -21.44 94.68
N THR EE 26 -91.06 -22.01 93.47
CA THR EE 26 -91.69 -21.38 92.32
C THR EE 26 -92.40 -22.45 91.49
N PHE EE 27 -93.28 -21.98 90.60
CA PHE EE 27 -93.98 -22.83 89.67
C PHE EE 27 -94.13 -22.07 88.36
N SER EE 28 -93.52 -22.58 87.29
CA SER EE 28 -93.47 -21.88 86.02
C SER EE 28 -94.28 -22.63 84.97
N ALA EE 29 -95.00 -21.88 84.15
CA ALA EE 29 -95.74 -22.43 83.03
C ALA EE 29 -95.44 -21.62 81.78
N SER EE 30 -95.02 -22.31 80.73
CA SER EE 30 -94.74 -21.67 79.46
C SER EE 30 -95.41 -22.45 78.34
N LEU EE 31 -96.04 -21.72 77.42
CA LEU EE 31 -96.82 -22.32 76.34
C LEU EE 31 -96.26 -21.86 75.01
N LEU EE 32 -96.07 -22.81 74.09
CA LEU EE 32 -95.59 -22.52 72.75
C LEU EE 32 -96.65 -22.95 71.75
N ARG EE 33 -97.14 -22.00 70.97
CA ARG EE 33 -98.18 -22.26 69.98
C ARG EE 33 -97.59 -22.06 68.60
N GLN EE 34 -97.88 -23.00 67.69
CA GLN EE 34 -97.42 -22.90 66.32
C GLN EE 34 -98.37 -23.67 65.42
N ARG EE 35 -98.36 -23.30 64.14
CA ARG EE 35 -99.26 -23.89 63.15
C ARG EE 35 -98.60 -25.11 62.54
N VAL EE 36 -99.13 -26.29 62.84
CA VAL EE 36 -98.61 -27.54 62.31
C VAL EE 36 -99.47 -27.98 61.14
N LYS EE 37 -98.83 -28.50 60.10
CA LYS EE 37 -99.52 -28.93 58.89
C LYS EE 37 -99.52 -30.45 58.82
N VAL EE 38 -100.71 -31.04 58.73
CA VAL EE 38 -100.85 -32.48 58.52
C VAL EE 38 -101.58 -32.67 57.20
N GLY EE 39 -101.85 -33.93 56.85
CA GLY EE 39 -102.50 -34.24 55.59
C GLY EE 39 -103.73 -33.41 55.30
N ILE EE 40 -103.62 -32.56 54.28
CA ILE EE 40 -104.65 -31.60 53.84
C ILE EE 40 -105.39 -31.01 55.03
N ALA EE 41 -104.65 -30.60 56.06
CA ALA EE 41 -105.25 -29.97 57.22
C ALA EE 41 -104.20 -29.15 57.93
N GLU EE 42 -104.44 -27.85 58.06
CA GLU EE 42 -103.57 -26.96 58.83
C GLU EE 42 -104.09 -26.92 60.26
N LEU EE 43 -103.22 -27.20 61.21
CA LEU EE 43 -103.64 -27.44 62.58
C LEU EE 43 -102.81 -26.61 63.54
N ASN EE 44 -103.43 -26.20 64.64
CA ASN EE 44 -102.74 -25.45 65.69
C ASN EE 44 -102.28 -26.40 66.78
N ASN EE 45 -101.02 -26.24 67.20
CA ASN EE 45 -100.40 -27.11 68.17
C ASN EE 45 -99.89 -26.29 69.33
N VAL EE 46 -99.99 -26.84 70.54
CA VAL EE 46 -99.49 -26.21 71.75
C VAL EE 46 -98.57 -27.20 72.46
N SER EE 47 -97.56 -26.68 73.14
CA SER EE 47 -96.64 -27.49 73.93
C SER EE 47 -96.45 -26.80 75.27
N GLY EE 48 -97.32 -27.09 76.22
CA GLY EE 48 -97.19 -26.52 77.55
C GLY EE 48 -95.99 -27.10 78.27
N GLN EE 49 -95.29 -26.23 78.98
CA GLN EE 49 -94.11 -26.63 79.75
C GLN EE 49 -94.31 -26.17 81.19
N TYR EE 50 -94.45 -27.12 82.10
CA TYR EE 50 -94.79 -26.83 83.48
C TYR EE 50 -93.66 -27.32 84.37
N VAL EE 51 -93.07 -26.40 85.13
CA VAL EE 51 -91.92 -26.70 85.98
C VAL EE 51 -92.24 -26.30 87.41
N SER EE 52 -92.02 -27.22 88.33
CA SER EE 52 -92.17 -26.97 89.76
C SER EE 52 -90.84 -27.31 90.43
N VAL EE 53 -90.27 -26.34 91.13
CA VAL EE 53 -88.96 -26.51 91.75
C VAL EE 53 -89.07 -26.13 93.22
N TYR EE 54 -88.25 -26.75 94.05
CA TYR EE 54 -88.26 -26.52 95.49
C TYR EE 54 -86.86 -26.83 96.03
N LYS EE 55 -86.34 -25.92 96.84
CA LYS EE 55 -85.06 -26.15 97.50
C LYS EE 55 -85.31 -26.78 98.86
N ARG EE 56 -84.85 -28.02 99.03
CA ARG EE 56 -85.14 -28.75 100.24
C ARG EE 56 -83.88 -28.95 101.06
N PRO EE 57 -83.95 -28.75 102.37
CA PRO EE 57 -82.78 -28.98 103.22
C PRO EE 57 -82.39 -30.45 103.25
N ALA EE 58 -81.18 -30.69 103.74
CA ALA EE 58 -80.64 -32.04 103.77
C ALA EE 58 -81.41 -32.91 104.77
N PRO EE 59 -81.31 -34.24 104.65
CA PRO EE 59 -82.07 -35.14 105.53
C PRO EE 59 -82.04 -34.82 107.01
N LYS EE 60 -80.99 -34.16 107.51
CA LYS EE 60 -80.90 -33.79 108.91
C LYS EE 60 -80.98 -35.03 109.77
N PRO EE 61 -79.87 -35.79 109.87
CA PRO EE 61 -79.93 -37.20 110.32
C PRO EE 61 -80.79 -37.49 111.54
N GLU EE 62 -81.32 -38.72 111.56
CA GLU EE 62 -82.26 -39.17 112.59
C GLU EE 62 -81.57 -39.21 113.94
N GLY EE 63 -82.30 -39.59 114.98
CA GLY EE 63 -81.72 -39.52 116.30
C GLY EE 63 -81.78 -38.08 116.76
N CYS EE 64 -80.63 -37.41 116.64
CA CYS EE 64 -80.54 -35.97 116.85
C CYS EE 64 -81.76 -35.24 116.31
N ALA EE 65 -82.43 -34.51 117.20
CA ALA EE 65 -83.54 -33.63 116.86
C ALA EE 65 -83.28 -32.25 117.43
N ASP EE 66 -82.04 -31.80 117.30
CA ASP EE 66 -81.64 -30.50 117.81
C ASP EE 66 -82.50 -29.41 117.18
N ALA EE 67 -82.66 -28.30 117.91
CA ALA EE 67 -83.44 -27.15 117.45
C ALA EE 67 -83.16 -26.86 115.99
N CYS EE 68 -81.90 -26.60 115.65
CA CYS EE 68 -81.51 -26.44 114.25
C CYS EE 68 -79.99 -26.51 114.12
N VAL EE 69 -79.54 -27.45 113.31
CA VAL EE 69 -78.20 -27.42 112.72
C VAL EE 69 -78.41 -27.32 111.21
N ILE EE 70 -78.12 -26.16 110.65
CA ILE EE 70 -78.53 -25.85 109.29
C ILE EE 70 -77.68 -26.64 108.31
N MET EE 71 -78.34 -27.47 107.51
CA MET EE 71 -77.66 -28.25 106.49
C MET EE 71 -78.04 -27.71 105.12
N PRO EE 72 -77.21 -27.91 104.10
CA PRO EE 72 -77.45 -27.22 102.82
C PRO EE 72 -78.74 -27.64 102.13
N ASN EE 73 -79.06 -26.97 101.03
CA ASN EE 73 -80.30 -27.18 100.32
C ASN EE 73 -80.05 -27.89 99.00
N GLU EE 74 -80.87 -28.89 98.72
CA GLU EE 74 -80.81 -29.63 97.48
C GLU EE 74 -82.13 -29.45 96.74
N ASN EE 75 -82.05 -29.25 95.44
CA ASN EE 75 -83.23 -28.88 94.67
C ASN EE 75 -84.06 -30.10 94.28
N GLN EE 76 -85.37 -29.89 94.18
CA GLN EE 76 -86.31 -30.92 93.77
C GLN EE 76 -87.17 -30.35 92.65
N SER EE 77 -86.97 -30.85 91.43
CA SER EE 77 -87.64 -30.30 90.26
C SER EE 77 -88.54 -31.35 89.62
N ILE EE 78 -89.71 -30.92 89.20
CA ILE EE 78 -90.66 -31.76 88.47
C ILE EE 78 -91.04 -31.01 87.20
N ARG EE 79 -90.65 -31.55 86.06
CA ARG EE 79 -90.91 -30.93 84.77
C ARG EE 79 -91.86 -31.78 83.96
N THR EE 80 -92.86 -31.14 83.36
CA THR EE 80 -93.86 -31.82 82.56
C THR EE 80 -94.13 -31.02 81.30
N VAL EE 81 -94.21 -31.72 80.16
CA VAL EE 81 -94.53 -31.08 78.89
C VAL EE 81 -95.70 -31.82 78.27
N ILE EE 82 -96.70 -31.07 77.80
CA ILE EE 82 -97.88 -31.62 77.15
C ILE EE 82 -97.93 -31.02 75.75
N SER EE 83 -97.86 -31.88 74.74
CA SER EE 83 -97.90 -31.44 73.35
C SER EE 83 -99.05 -32.13 72.63
N GLY EE 84 -99.85 -31.35 71.91
CA GLY EE 84 -100.96 -31.91 71.16
C GLY EE 84 -101.75 -30.81 70.50
N SER EE 85 -102.59 -31.22 69.56
CA SER EE 85 -103.43 -30.27 68.85
C SER EE 85 -104.51 -29.72 69.77
N ALA EE 86 -104.88 -28.46 69.53
CA ALA EE 86 -105.84 -27.80 70.42
C ALA EE 86 -107.20 -28.48 70.38
N GLU EE 87 -107.67 -28.85 69.19
CA GLU EE 87 -109.01 -29.42 69.07
C GLU EE 87 -109.12 -30.78 69.73
N ASN EE 88 -108.02 -31.54 69.80
CA ASN EE 88 -108.01 -32.85 70.44
C ASN EE 88 -107.78 -32.76 71.93
N LEU EE 89 -108.11 -31.61 72.53
CA LEU EE 89 -107.96 -31.43 73.96
C LEU EE 89 -108.83 -32.41 74.73
N ALA EE 90 -109.98 -32.80 74.18
CA ALA EE 90 -110.88 -33.69 74.89
C ALA EE 90 -110.21 -35.01 75.23
N THR EE 91 -109.54 -35.62 74.26
CA THR EE 91 -108.83 -36.86 74.53
C THR EE 91 -107.52 -36.63 75.27
N LEU EE 92 -106.89 -35.47 75.06
CA LEU EE 92 -105.65 -35.19 75.77
C LEU EE 92 -105.88 -35.15 77.28
N LYS EE 93 -107.05 -34.70 77.71
CA LYS EE 93 -107.40 -34.79 79.12
C LYS EE 93 -107.39 -36.23 79.60
N ALA EE 94 -107.95 -37.13 78.80
CA ALA EE 94 -107.92 -38.55 79.15
C ALA EE 94 -106.49 -39.06 79.22
N GLU EE 95 -105.67 -38.68 78.24
CA GLU EE 95 -104.26 -39.06 78.27
C GLU EE 95 -103.57 -38.53 79.52
N TRP EE 96 -103.79 -37.26 79.84
CA TRP EE 96 -103.13 -36.68 81.00
C TRP EE 96 -103.54 -37.39 82.28
N GLU EE 97 -104.83 -37.71 82.41
CA GLU EE 97 -105.28 -38.45 83.59
C GLU EE 97 -104.64 -39.84 83.63
N THR EE 98 -104.57 -40.51 82.49
CA THR EE 98 -103.93 -41.82 82.45
C THR EE 98 -102.45 -41.72 82.79
N HIS EE 99 -101.77 -40.70 82.26
CA HIS EE 99 -100.36 -40.52 82.56
C HIS EE 99 -100.13 -40.31 84.04
N LYS EE 100 -101.12 -39.75 84.74
CA LYS EE 100 -101.04 -39.66 86.20
C LYS EE 100 -100.97 -41.05 86.82
N ARG EE 101 -101.91 -41.91 86.45
CA ARG EE 101 -102.02 -43.21 87.09
C ARG EE 101 -100.77 -44.05 86.86
N ASN EE 102 -100.27 -44.04 85.62
CA ASN EE 102 -99.10 -44.84 85.28
C ASN EE 102 -97.90 -44.41 86.11
N VAL EE 103 -97.69 -43.10 86.25
CA VAL EE 103 -96.58 -42.62 87.07
C VAL EE 103 -96.83 -42.96 88.53
N ASP EE 104 -98.05 -42.73 89.01
CA ASP EE 104 -98.35 -42.98 90.42
C ASP EE 104 -98.16 -44.45 90.77
N THR EE 105 -98.67 -45.34 89.91
CA THR EE 105 -98.52 -46.77 90.21
C THR EE 105 -97.08 -47.22 90.07
N LEU EE 106 -96.25 -46.43 89.39
CA LEU EE 106 -94.85 -46.78 89.22
C LEU EE 106 -93.94 -46.07 90.21
N PHE EE 107 -94.22 -44.80 90.49
CA PHE EE 107 -93.35 -43.99 91.34
C PHE EE 107 -93.93 -43.78 92.73
N ALA EE 108 -95.20 -43.41 92.83
CA ALA EE 108 -95.79 -43.15 94.15
C ALA EE 108 -95.99 -44.44 94.91
N SER EE 109 -96.83 -45.34 94.39
CA SER EE 109 -97.05 -46.61 95.07
C SER EE 109 -95.79 -47.47 95.07
N GLY EE 110 -95.10 -47.52 93.93
CA GLY EE 110 -93.88 -48.29 93.82
C GLY EE 110 -92.69 -47.57 94.41
N ASN EE 111 -91.55 -48.24 94.35
CA ASN EE 111 -90.30 -47.68 94.85
C ASN EE 111 -89.35 -47.30 93.72
N ALA EE 112 -89.88 -47.08 92.52
CA ALA EE 112 -89.04 -46.65 91.41
C ALA EE 112 -88.44 -45.28 91.64
N GLY EE 113 -89.01 -44.50 92.57
CA GLY EE 113 -88.50 -43.17 92.82
C GLY EE 113 -87.13 -43.15 93.45
N LEU EE 114 -86.73 -44.23 94.11
CA LEU EE 114 -85.44 -44.29 94.76
C LEU EE 114 -84.41 -45.08 93.97
N GLY EE 115 -84.70 -45.42 92.72
CA GLY EE 115 -83.71 -45.99 91.82
C GLY EE 115 -84.05 -47.35 91.25
N PHE EE 116 -85.12 -48.00 91.67
CA PHE EE 116 -85.41 -49.34 91.19
C PHE EE 116 -86.37 -49.29 90.01
N LEU EE 117 -86.52 -50.44 89.35
CA LEU EE 117 -87.46 -50.59 88.24
C LEU EE 117 -88.23 -51.89 88.41
N ASP EE 118 -89.53 -51.83 88.19
CA ASP EE 118 -90.38 -53.01 88.31
C ASP EE 118 -90.98 -53.34 86.95
N PRO EE 119 -90.49 -54.36 86.24
CA PRO EE 119 -91.07 -54.74 84.96
C PRO EE 119 -92.41 -55.45 85.06
N THR EE 120 -93.00 -55.53 86.25
CA THR EE 120 -94.28 -56.19 86.43
C THR EE 120 -95.36 -55.22 86.92
N ALA EE 121 -95.11 -53.93 86.91
CA ALA EE 121 -96.09 -52.96 87.36
C ALA EE 121 -97.29 -52.94 86.43
N ALA EE 122 -98.48 -52.81 87.00
CA ALA EE 122 -99.72 -52.78 86.23
C ALA EE 122 -99.83 -51.43 85.54
N ILE EE 123 -99.48 -51.38 84.26
CA ILE EE 123 -99.56 -50.17 83.46
C ILE EE 123 -100.86 -50.21 82.67
N VAL EE 124 -101.64 -49.13 82.76
CA VAL EE 124 -103.02 -49.10 82.30
C VAL EE 124 -103.16 -48.04 81.21
N SER EE 125 -103.80 -48.40 80.11
CA SER EE 125 -103.86 -47.54 78.94
C SER EE 125 -104.97 -46.49 79.07
N SER EE 126 -104.91 -45.50 78.18
CA SER EE 126 -105.88 -44.42 78.22
C SER EE 126 -107.26 -44.90 77.79
N ASP EE 127 -107.34 -45.60 76.67
CA ASP EE 127 -108.62 -46.06 76.17
C ASP EE 127 -109.16 -47.19 77.05
N THR EE 128 -110.47 -47.34 77.05
CA THR EE 128 -111.14 -48.34 77.86
C THR EE 128 -111.54 -49.54 77.00
N THR EE 129 -111.73 -50.67 77.64
CA THR EE 129 -112.11 -51.90 76.96
C THR EE 129 -113.49 -51.79 76.35
N ALA FE 1 -125.89 -12.08 73.83
CA ALA FE 1 -124.74 -12.66 74.50
C ALA FE 1 -123.76 -13.25 73.49
N ASN FE 2 -122.55 -12.71 73.46
CA ASN FE 2 -121.50 -13.20 72.58
C ASN FE 2 -120.42 -13.83 73.44
N LYS FE 3 -119.73 -14.82 72.89
CA LYS FE 3 -118.75 -15.56 73.68
C LYS FE 3 -117.63 -14.63 74.11
N PRO FE 4 -117.17 -14.71 75.36
CA PRO FE 4 -116.12 -13.82 75.84
C PRO FE 4 -114.81 -14.06 75.11
N MET FE 5 -113.88 -13.15 75.32
CA MET FE 5 -112.68 -13.07 74.52
C MET FE 5 -111.49 -13.12 75.46
N GLN FE 6 -110.45 -13.88 75.10
CA GLN FE 6 -109.35 -14.13 76.03
C GLN FE 6 -108.00 -13.69 75.48
N PRO FE 7 -107.15 -13.10 76.31
CA PRO FE 7 -105.85 -12.63 75.83
C PRO FE 7 -104.91 -13.76 75.49
N ILE FE 8 -103.96 -13.47 74.62
CA ILE FE 8 -102.92 -14.41 74.21
C ILE FE 8 -101.53 -13.86 74.47
N THR FE 9 -101.23 -12.69 73.92
CA THR FE 9 -99.93 -12.06 74.04
C THR FE 9 -100.07 -10.78 74.85
N SER FE 10 -99.24 -10.63 75.87
CA SER FE 10 -99.25 -9.45 76.71
C SER FE 10 -97.92 -8.73 76.62
N THR FE 11 -97.96 -7.43 76.37
CA THR FE 11 -96.77 -6.61 76.26
C THR FE 11 -97.15 -5.19 76.65
N ALA FE 12 -96.13 -4.40 77.01
CA ALA FE 12 -96.38 -3.04 77.48
C ALA FE 12 -97.04 -2.18 76.41
N ASN FE 13 -96.94 -2.55 75.13
CA ASN FE 13 -97.49 -1.75 74.06
C ASN FE 13 -98.48 -2.49 73.17
N LYS FE 14 -98.35 -3.80 73.05
CA LYS FE 14 -99.18 -4.59 72.16
C LYS FE 14 -99.77 -5.79 72.90
N ILE FE 15 -101.07 -6.02 72.71
CA ILE FE 15 -101.77 -7.10 73.37
C ILE FE 15 -102.74 -7.74 72.37
N VAL FE 16 -102.84 -9.06 72.42
CA VAL FE 16 -103.66 -9.82 71.47
C VAL FE 16 -104.63 -10.70 72.23
N TRP FE 17 -105.88 -10.69 71.80
CA TRP FE 17 -106.90 -11.60 72.31
C TRP FE 17 -107.27 -12.59 71.20
N SER FE 18 -107.55 -13.83 71.60
CA SER FE 18 -108.09 -14.82 70.67
C SER FE 18 -109.19 -15.59 71.34
N ASP FE 19 -110.17 -16.02 70.56
CA ASP FE 19 -111.32 -16.73 71.11
C ASP FE 19 -110.96 -18.17 71.39
N PRO FE 20 -111.11 -18.67 72.62
CA PRO FE 20 -110.81 -20.08 72.88
C PRO FE 20 -111.65 -21.03 72.04
N THR FE 21 -112.91 -20.70 71.78
CA THR FE 21 -113.75 -21.57 70.96
C THR FE 21 -113.20 -21.69 69.55
N ARG FE 22 -112.79 -20.58 68.95
CA ARG FE 22 -112.28 -20.54 67.58
C ARG FE 22 -111.05 -19.66 67.56
N LEU FE 23 -109.87 -20.28 67.44
CA LEU FE 23 -108.63 -19.55 67.54
C LEU FE 23 -108.35 -18.68 66.31
N SER FE 24 -109.10 -18.85 65.23
CA SER FE 24 -108.84 -18.06 64.03
C SER FE 24 -109.15 -16.59 64.27
N THR FE 25 -110.28 -16.30 64.90
CA THR FE 25 -110.67 -14.92 65.13
C THR FE 25 -109.87 -14.32 66.28
N THR FE 26 -109.36 -13.11 66.07
CA THR FE 26 -108.56 -12.43 67.07
C THR FE 26 -108.93 -10.96 67.12
N PHE FE 27 -108.46 -10.29 68.17
CA PHE FE 27 -108.56 -8.84 68.28
C PHE FE 27 -107.28 -8.34 68.94
N SER FE 28 -106.52 -7.51 68.23
CA SER FE 28 -105.23 -7.04 68.70
C SER FE 28 -105.23 -5.52 68.79
N ALA FE 29 -104.61 -5.00 69.83
CA ALA FE 29 -104.51 -3.56 70.05
C ALA FE 29 -103.05 -3.20 70.31
N SER FE 30 -102.60 -2.12 69.69
CA SER FE 30 -101.23 -1.64 69.85
C SER FE 30 -101.26 -0.15 70.13
N LEU FE 31 -100.27 0.31 70.88
CA LEU FE 31 -100.19 1.71 71.26
C LEU FE 31 -98.80 2.24 71.00
N LEU FE 32 -98.72 3.49 70.59
CA LEU FE 32 -97.47 4.20 70.38
C LEU FE 32 -97.52 5.53 71.12
N ARG FE 33 -96.44 5.85 71.81
CA ARG FE 33 -96.34 7.08 72.58
C ARG FE 33 -95.10 7.86 72.14
N GLN FE 34 -95.32 9.12 71.74
CA GLN FE 34 -94.22 10.00 71.40
C GLN FE 34 -94.47 11.37 72.02
N ARG FE 35 -93.47 12.22 71.87
CA ARG FE 35 -93.52 13.60 72.34
C ARG FE 35 -93.35 14.51 71.13
N VAL FE 36 -94.27 15.44 70.95
CA VAL FE 36 -94.26 16.30 69.77
C VAL FE 36 -94.19 17.76 70.21
N LYS FE 37 -93.27 18.50 69.61
CA LYS FE 37 -93.11 19.93 69.87
C LYS FE 37 -93.89 20.69 68.82
N VAL FE 38 -95.09 21.15 69.17
CA VAL FE 38 -95.94 21.82 68.18
C VAL FE 38 -96.32 23.22 68.65
N GLY FE 39 -96.97 23.34 69.80
CA GLY FE 39 -97.44 24.63 70.26
C GLY FE 39 -96.45 25.32 71.17
N ILE FE 40 -95.26 25.59 70.65
CA ILE FE 40 -94.10 26.11 71.38
C ILE FE 40 -94.02 25.49 72.77
N ALA FE 41 -94.49 24.25 72.89
CA ALA FE 41 -94.49 23.51 74.13
C ALA FE 41 -94.61 22.03 73.78
N GLU FE 42 -94.24 21.19 74.73
CA GLU FE 42 -94.24 19.75 74.48
C GLU FE 42 -95.65 19.20 74.65
N LEU FE 43 -96.08 18.39 73.67
CA LEU FE 43 -97.42 17.84 73.66
C LEU FE 43 -97.33 16.33 73.51
N ASN FE 44 -98.04 15.60 74.37
CA ASN FE 44 -97.98 14.15 74.38
C ASN FE 44 -99.01 13.57 73.41
N ASN FE 45 -98.53 12.75 72.48
CA ASN FE 45 -99.37 12.17 71.43
C ASN FE 45 -99.40 10.66 71.58
N VAL FE 46 -100.57 10.08 71.37
CA VAL FE 46 -100.76 8.64 71.43
C VAL FE 46 -101.48 8.19 70.16
N SER FE 47 -100.91 7.20 69.48
CA SER FE 47 -101.50 6.64 68.26
C SER FE 47 -101.79 5.17 68.52
N GLY FE 48 -103.07 4.82 68.58
CA GLY FE 48 -103.50 3.46 68.88
C GLY FE 48 -103.95 2.75 67.61
N GLN FE 49 -103.54 1.49 67.49
CA GLN FE 49 -103.91 0.65 66.35
C GLN FE 49 -104.74 -0.51 66.86
N TYR FE 50 -105.91 -0.72 66.26
CA TYR FE 50 -106.84 -1.76 66.68
C TYR FE 50 -107.21 -2.58 65.46
N VAL FE 51 -106.87 -3.86 65.47
CA VAL FE 51 -107.09 -4.75 64.35
C VAL FE 51 -107.97 -5.90 64.81
N SER FE 52 -109.09 -6.11 64.13
CA SER FE 52 -109.97 -7.24 64.38
C SER FE 52 -110.05 -8.06 63.11
N VAL FE 53 -109.79 -9.36 63.22
CA VAL FE 53 -109.75 -10.25 62.06
C VAL FE 53 -110.66 -11.44 62.32
N TYR FE 54 -111.21 -12.00 61.26
CA TYR FE 54 -112.06 -13.18 61.34
C TYR FE 54 -111.88 -13.99 60.07
N LYS FE 55 -111.64 -15.28 60.23
CA LYS FE 55 -111.55 -16.19 59.10
C LYS FE 55 -112.93 -16.78 58.85
N ARG FE 56 -113.55 -16.35 57.76
CA ARG FE 56 -114.92 -16.74 57.46
C ARG FE 56 -114.94 -17.67 56.27
N PRO FE 57 -115.61 -18.82 56.37
CA PRO FE 57 -115.65 -19.76 55.23
C PRO FE 57 -116.37 -19.16 54.03
N ALA FE 58 -115.95 -19.60 52.86
CA ALA FE 58 -116.58 -19.17 51.63
C ALA FE 58 -118.04 -19.62 51.59
N PRO FE 59 -118.90 -18.88 50.90
CA PRO FE 59 -120.33 -19.23 50.91
C PRO FE 59 -120.61 -20.59 50.29
N LYS FE 60 -121.55 -21.31 50.87
CA LYS FE 60 -121.88 -22.64 50.36
C LYS FE 60 -122.65 -22.51 49.04
N PRO FE 61 -122.25 -23.21 47.98
CA PRO FE 61 -123.09 -23.28 46.78
C PRO FE 61 -124.46 -23.84 47.12
N GLU FE 62 -125.49 -23.04 46.92
CA GLU FE 62 -126.81 -23.30 47.50
C GLU FE 62 -127.42 -24.61 47.00
N GLY FE 63 -128.50 -25.04 47.64
CA GLY FE 63 -129.07 -26.33 47.35
C GLY FE 63 -128.20 -27.50 47.78
N CYS FE 64 -127.36 -27.32 48.80
CA CYS FE 64 -126.40 -28.35 49.17
C CYS FE 64 -126.19 -28.44 50.67
N ALA FE 65 -126.70 -29.51 51.29
CA ALA FE 65 -126.32 -29.82 52.66
C ALA FE 65 -125.13 -30.76 52.70
N ASP FE 66 -125.10 -31.73 51.78
CA ASP FE 66 -123.92 -32.54 51.52
C ASP FE 66 -123.32 -33.22 52.74
N ALA FE 67 -122.02 -32.99 52.92
CA ALA FE 67 -121.20 -33.61 53.94
C ALA FE 67 -120.00 -32.69 54.16
N CYS FE 68 -118.93 -33.20 54.77
CA CYS FE 68 -117.72 -32.40 54.90
C CYS FE 68 -117.23 -31.95 53.53
N VAL FE 69 -117.42 -30.67 53.23
CA VAL FE 69 -116.95 -30.09 51.98
C VAL FE 69 -116.02 -28.93 52.31
N ILE FE 70 -116.42 -28.12 53.29
CA ILE FE 70 -115.70 -26.97 53.84
C ILE FE 70 -114.81 -26.26 52.82
N MET FE 71 -115.34 -25.22 52.21
CA MET FE 71 -114.56 -24.37 51.31
C MET FE 71 -113.53 -23.59 52.10
N PRO FE 72 -112.44 -23.18 51.47
CA PRO FE 72 -111.41 -22.44 52.20
C PRO FE 72 -111.96 -21.13 52.75
N ASN FE 73 -111.47 -20.77 53.94
CA ASN FE 73 -111.92 -19.57 54.62
C ASN FE 73 -111.35 -18.33 53.91
N GLU FE 74 -111.99 -17.19 54.16
CA GLU FE 74 -111.52 -15.91 53.66
C GLU FE 74 -111.50 -14.92 54.81
N ASN FE 75 -110.46 -14.10 54.86
CA ASN FE 75 -110.24 -13.22 55.98
C ASN FE 75 -111.15 -11.99 55.91
N GLN FE 76 -111.62 -11.55 57.07
CA GLN FE 76 -112.43 -10.34 57.20
C GLN FE 76 -111.74 -9.46 58.24
N SER FE 77 -110.75 -8.69 57.81
CA SER FE 77 -109.95 -7.88 58.70
C SER FE 77 -110.33 -6.42 58.57
N ILE FE 78 -110.64 -5.79 59.70
CA ILE FE 78 -110.97 -4.38 59.73
C ILE FE 78 -110.14 -3.71 60.81
N ARG FE 79 -109.46 -2.62 60.45
CA ARG FE 79 -108.51 -1.97 61.32
C ARG FE 79 -108.88 -0.50 61.50
N THR FE 80 -108.71 0.01 62.72
CA THR FE 80 -108.88 1.42 63.00
C THR FE 80 -107.64 1.94 63.70
N VAL FE 81 -107.21 3.15 63.30
CA VAL FE 81 -106.07 3.81 63.90
C VAL FE 81 -106.54 5.15 64.46
N ILE FE 82 -106.31 5.36 65.74
CA ILE FE 82 -106.71 6.58 66.42
C ILE FE 82 -105.45 7.31 66.83
N SER FE 83 -105.29 8.55 66.38
CA SER FE 83 -104.11 9.35 66.67
C SER FE 83 -104.53 10.72 67.18
N GLY FE 84 -103.81 11.22 68.16
CA GLY FE 84 -104.10 12.54 68.70
C GLY FE 84 -103.44 12.73 70.04
N SER FE 85 -103.42 13.99 70.47
CA SER FE 85 -102.78 14.33 71.73
C SER FE 85 -103.61 13.83 72.91
N ALA FE 86 -102.91 13.33 73.93
CA ALA FE 86 -103.59 12.88 75.13
C ALA FE 86 -104.22 14.05 75.88
N GLU FE 87 -103.66 15.24 75.74
CA GLU FE 87 -104.23 16.42 76.38
C GLU FE 87 -105.63 16.72 75.83
N ASN FE 88 -105.81 16.54 74.53
CA ASN FE 88 -107.11 16.73 73.88
C ASN FE 88 -107.90 15.42 73.81
N LEU FE 89 -107.67 14.52 74.76
CA LEU FE 89 -108.38 13.24 74.75
C LEU FE 89 -109.88 13.45 74.91
N ALA FE 90 -110.28 14.35 75.82
CA ALA FE 90 -111.70 14.54 76.10
C ALA FE 90 -112.48 14.90 74.84
N THR FE 91 -111.96 15.85 74.07
CA THR FE 91 -112.61 16.17 72.81
C THR FE 91 -112.36 15.10 71.76
N LEU FE 92 -111.24 14.37 71.86
CA LEU FE 92 -110.93 13.36 70.86
C LEU FE 92 -111.97 12.26 70.86
N LYS FE 93 -112.58 11.97 72.01
CA LYS FE 93 -113.68 11.01 72.05
C LYS FE 93 -114.81 11.45 71.12
N ALA FE 94 -115.03 12.76 71.00
CA ALA FE 94 -116.21 13.25 70.30
C ALA FE 94 -116.19 12.90 68.82
N GLU FE 95 -115.10 13.24 68.12
CA GLU FE 95 -115.12 13.05 66.67
C GLU FE 95 -115.14 11.58 66.30
N TRP FE 96 -114.52 10.73 67.13
CA TRP FE 96 -114.61 9.30 66.88
C TRP FE 96 -116.05 8.84 66.98
N GLU FE 97 -116.81 9.39 67.92
CA GLU FE 97 -118.23 9.09 68.01
C GLU FE 97 -118.94 9.47 66.73
N THR FE 98 -118.65 10.66 66.20
CA THR FE 98 -119.20 11.04 64.91
C THR FE 98 -118.62 10.20 63.79
N HIS FE 99 -117.31 9.91 63.86
CA HIS FE 99 -116.69 9.08 62.85
C HIS FE 99 -117.35 7.71 62.78
N LYS FE 100 -117.85 7.22 63.92
CA LYS FE 100 -118.58 5.95 63.93
C LYS FE 100 -119.84 6.05 63.08
N ARG FE 101 -120.67 7.06 63.36
CA ARG FE 101 -121.92 7.18 62.63
C ARG FE 101 -121.73 7.70 61.22
N ASN FE 102 -120.61 8.41 60.97
CA ASN FE 102 -120.30 8.80 59.61
C ASN FE 102 -120.05 7.57 58.74
N VAL FE 103 -119.31 6.59 59.28
CA VAL FE 103 -119.12 5.34 58.55
C VAL FE 103 -120.41 4.55 58.50
N ASP FE 104 -121.14 4.51 59.60
CA ASP FE 104 -122.37 3.72 59.65
C ASP FE 104 -123.38 4.20 58.62
N THR FE 105 -123.56 5.51 58.52
CA THR FE 105 -124.50 6.04 57.55
C THR FE 105 -124.04 5.83 56.12
N LEU FE 106 -122.76 5.49 55.92
CA LEU FE 106 -122.22 5.29 54.59
C LEU FE 106 -121.95 3.83 54.27
N PHE FE 107 -121.73 2.99 55.28
CA PHE FE 107 -121.43 1.59 55.08
C PHE FE 107 -122.54 0.68 55.60
N ALA FE 108 -122.95 0.86 56.85
CA ALA FE 108 -124.01 0.02 57.41
C ALA FE 108 -125.34 0.29 56.72
N SER FE 109 -125.86 1.51 56.85
CA SER FE 109 -127.09 1.85 56.16
C SER FE 109 -126.87 1.99 54.66
N GLY FE 110 -125.68 2.39 54.25
CA GLY FE 110 -125.37 2.59 52.86
C GLY FE 110 -124.95 1.31 52.16
N ASN FE 111 -124.39 1.47 50.97
CA ASN FE 111 -123.96 0.35 50.14
C ASN FE 111 -122.47 0.43 49.83
N ALA FE 112 -121.69 0.95 50.77
CA ALA FE 112 -120.25 1.00 50.55
C ALA FE 112 -119.65 -0.39 50.43
N GLY FE 113 -120.22 -1.37 51.13
CA GLY FE 113 -119.70 -2.72 51.05
C GLY FE 113 -119.81 -3.30 49.65
N LEU FE 114 -120.91 -3.01 48.96
CA LEU FE 114 -121.04 -3.44 47.57
C LEU FE 114 -119.94 -2.83 46.71
N GLY FE 115 -119.55 -1.59 47.02
CA GLY FE 115 -118.55 -0.90 46.23
C GLY FE 115 -119.08 0.39 45.66
N PHE FE 116 -120.19 0.88 46.22
CA PHE FE 116 -120.84 2.09 45.76
C PHE FE 116 -120.61 3.21 46.77
N LEU FE 117 -120.16 4.35 46.28
CA LEU FE 117 -119.90 5.53 47.09
C LEU FE 117 -120.96 6.58 46.74
N ASP FE 118 -122.05 6.59 47.50
CA ASP FE 118 -123.12 7.53 47.24
C ASP FE 118 -122.67 8.94 47.62
N PRO FE 119 -122.64 9.88 46.68
CA PRO FE 119 -122.17 11.24 46.99
C PRO FE 119 -123.20 12.15 47.62
N THR FE 120 -124.40 11.65 47.95
CA THR FE 120 -125.43 12.47 48.57
C THR FE 120 -125.76 11.99 49.99
N ALA FE 121 -124.87 11.19 50.59
CA ALA FE 121 -125.11 10.73 51.95
C ALA FE 121 -124.94 11.88 52.94
N ALA FE 122 -125.51 11.69 54.13
CA ALA FE 122 -125.45 12.70 55.17
C ALA FE 122 -124.21 12.49 56.02
N ILE FE 123 -123.25 13.40 55.91
CA ILE FE 123 -122.01 13.35 56.67
C ILE FE 123 -121.99 14.54 57.60
N VAL FE 124 -121.93 14.27 58.91
CA VAL FE 124 -122.07 15.29 59.94
C VAL FE 124 -120.76 15.41 60.69
N SER FE 125 -120.36 16.65 60.98
CA SER FE 125 -119.08 16.89 61.61
C SER FE 125 -119.17 16.72 63.12
N SER FE 126 -118.00 16.64 63.76
CA SER FE 126 -117.95 16.56 65.21
C SER FE 126 -118.54 17.82 65.84
N ASP FE 127 -118.25 18.99 65.26
CA ASP FE 127 -118.80 20.23 65.77
C ASP FE 127 -120.30 20.27 65.56
N THR FE 128 -121.01 20.83 66.53
CA THR FE 128 -122.45 20.98 66.47
C THR FE 128 -122.84 22.44 66.56
N THR FE 129 -124.13 22.71 66.36
CA THR FE 129 -124.65 24.07 66.42
C THR FE 129 -125.56 24.25 67.62
N ALA GE 1 -78.63 113.55 40.17
CA ALA GE 1 -80.01 113.27 40.55
C ALA GE 1 -80.75 112.61 39.40
N ASN GE 2 -80.06 111.74 38.68
CA ASN GE 2 -80.63 111.03 37.55
C ASN GE 2 -81.00 109.60 37.98
N LYS GE 3 -81.32 108.77 37.00
CA LYS GE 3 -81.82 107.43 37.30
C LYS GE 3 -80.80 106.65 38.11
N PRO GE 4 -81.19 106.03 39.22
CA PRO GE 4 -80.25 105.21 39.99
C PRO GE 4 -80.26 103.76 39.55
N MET GE 5 -79.07 103.18 39.47
CA MET GE 5 -78.97 101.75 39.20
C MET GE 5 -79.25 100.99 40.49
N GLN GE 6 -79.38 99.67 40.36
CA GLN GE 6 -79.60 98.79 41.48
C GLN GE 6 -78.63 97.61 41.41
N PRO GE 7 -78.20 97.09 42.55
CA PRO GE 7 -77.09 96.12 42.55
C PRO GE 7 -77.46 94.82 41.85
N ILE GE 8 -76.45 94.17 41.31
CA ILE GE 8 -76.61 92.89 40.64
C ILE GE 8 -75.90 91.76 41.36
N THR GE 9 -74.78 92.01 42.02
CA THR GE 9 -74.03 90.97 42.70
C THR GE 9 -73.41 91.57 43.95
N SER GE 10 -73.90 91.16 45.10
CA SER GE 10 -73.40 91.64 46.38
C SER GE 10 -72.51 90.57 47.00
N THR GE 11 -71.34 91.00 47.47
CA THR GE 11 -70.37 90.09 48.05
C THR GE 11 -69.54 90.87 49.06
N ALA GE 12 -68.93 90.16 50.00
CA ALA GE 12 -68.10 90.79 51.00
C ALA GE 12 -66.94 91.57 50.40
N ASN GE 13 -66.54 91.25 49.17
CA ASN GE 13 -65.43 91.92 48.52
C ASN GE 13 -65.85 92.77 47.34
N LYS GE 14 -66.56 92.19 46.38
CA LYS GE 14 -66.93 92.89 45.15
C LYS GE 14 -68.43 93.10 45.11
N ILE GE 15 -68.85 94.33 44.83
CA ILE GE 15 -70.25 94.66 44.64
C ILE GE 15 -70.38 95.40 43.32
N VAL GE 16 -71.20 94.88 42.41
CA VAL GE 16 -71.39 95.48 41.10
C VAL GE 16 -72.82 96.00 41.01
N TRP GE 17 -73.02 96.98 40.15
CA TRP GE 17 -74.32 97.58 39.93
C TRP GE 17 -74.63 97.59 38.44
N SER GE 18 -75.88 97.90 38.11
CA SER GE 18 -76.29 98.01 36.72
C SER GE 18 -77.62 98.73 36.66
N ASP GE 19 -77.78 99.56 35.64
CA ASP GE 19 -79.03 100.27 35.43
C ASP GE 19 -80.08 99.30 34.89
N PRO GE 20 -81.28 99.23 35.48
CA PRO GE 20 -82.27 98.26 34.99
C PRO GE 20 -82.64 98.47 33.54
N THR GE 21 -82.77 99.72 33.10
CA THR GE 21 -83.14 99.98 31.71
C THR GE 21 -82.05 99.51 30.76
N ARG GE 22 -80.79 99.82 31.08
CA ARG GE 22 -79.64 99.43 30.28
C ARG GE 22 -78.65 98.72 31.19
N LEU GE 23 -78.58 97.40 31.09
CA LEU GE 23 -77.65 96.64 31.89
C LEU GE 23 -76.20 96.85 31.46
N SER GE 24 -75.99 97.53 30.34
CA SER GE 24 -74.64 97.78 29.86
C SER GE 24 -73.81 98.55 30.89
N THR GE 25 -74.33 99.66 31.38
CA THR GE 25 -73.59 100.47 32.33
C THR GE 25 -73.48 99.75 33.68
N THR GE 26 -72.27 99.72 34.23
CA THR GE 26 -72.01 99.04 35.48
C THR GE 26 -71.09 99.91 36.33
N PHE GE 27 -71.10 99.65 37.63
CA PHE GE 27 -70.21 100.34 38.57
C PHE GE 27 -69.72 99.31 39.57
N SER GE 28 -68.57 98.71 39.29
CA SER GE 28 -67.98 97.70 40.16
C SER GE 28 -67.22 98.36 41.30
N ALA GE 29 -67.09 97.62 42.39
CA ALA GE 29 -66.34 98.10 43.56
C ALA GE 29 -65.78 96.88 44.28
N SER GE 30 -64.45 96.75 44.27
CA SER GE 30 -63.78 95.63 44.92
C SER GE 30 -62.75 96.18 45.90
N LEU GE 31 -62.58 95.47 47.02
CA LEU GE 31 -61.67 95.88 48.07
C LEU GE 31 -60.73 94.74 48.41
N LEU GE 32 -59.44 95.07 48.59
CA LEU GE 32 -58.44 94.14 49.07
C LEU GE 32 -57.83 94.74 50.33
N ARG GE 33 -58.02 94.07 51.46
CA ARG GE 33 -57.56 94.56 52.76
C ARG GE 33 -56.37 93.73 53.21
N GLN GE 34 -55.28 94.40 53.57
CA GLN GE 34 -54.04 93.76 53.98
C GLN GE 34 -53.52 94.43 55.24
N ARG GE 35 -52.59 93.75 55.90
CA ARG GE 35 -51.86 94.29 57.03
C ARG GE 35 -50.45 94.63 56.57
N VAL GE 36 -50.02 95.85 56.85
CA VAL GE 36 -48.71 96.35 56.42
C VAL GE 36 -47.88 96.64 57.64
N LYS GE 37 -46.65 96.12 57.66
CA LYS GE 37 -45.70 96.40 58.73
C LYS GE 37 -44.88 97.62 58.31
N VAL GE 38 -45.32 98.80 58.73
CA VAL GE 38 -44.60 100.02 58.39
C VAL GE 38 -43.32 100.12 59.21
N GLY GE 39 -43.45 100.20 60.53
CA GLY GE 39 -42.31 100.13 61.41
C GLY GE 39 -42.74 100.03 62.85
N ILE GE 40 -42.21 99.03 63.57
CA ILE GE 40 -42.54 98.69 64.95
C ILE GE 40 -44.04 98.90 65.21
N ALA GE 41 -44.86 98.69 64.18
CA ALA GE 41 -46.30 98.91 64.26
C ALA GE 41 -46.94 98.26 63.04
N GLU GE 42 -48.19 97.85 63.20
CA GLU GE 42 -48.93 97.20 62.14
C GLU GE 42 -50.12 98.06 61.75
N LEU GE 43 -50.35 98.20 60.44
CA LEU GE 43 -51.44 99.00 59.93
C LEU GE 43 -52.20 98.22 58.87
N ASN GE 44 -53.46 98.60 58.67
CA ASN GE 44 -54.31 97.94 57.69
C ASN GE 44 -54.40 98.80 56.43
N ASN GE 45 -54.08 98.21 55.30
CA ASN GE 45 -54.12 98.88 54.01
C ASN GE 45 -55.21 98.26 53.15
N VAL GE 46 -56.03 99.10 52.53
CA VAL GE 46 -57.13 98.66 51.69
C VAL GE 46 -56.92 99.21 50.28
N SER GE 47 -57.13 98.37 49.29
CA SER GE 47 -57.02 98.77 47.89
C SER GE 47 -58.42 98.77 47.29
N GLY GE 48 -59.05 99.94 47.28
CA GLY GE 48 -60.39 100.08 46.75
C GLY GE 48 -60.34 100.38 45.26
N GLN GE 49 -60.65 99.38 44.46
CA GLN GE 49 -60.63 99.50 43.00
C GLN GE 49 -62.05 99.73 42.52
N TYR GE 50 -62.29 100.89 41.92
CA TYR GE 50 -63.61 101.27 41.44
C TYR GE 50 -63.59 101.35 39.93
N VAL GE 51 -64.57 100.75 39.27
CA VAL GE 51 -64.64 100.68 37.82
C VAL GE 51 -66.01 101.17 37.38
N SER GE 52 -66.03 102.06 36.40
CA SER GE 52 -67.25 102.51 35.74
C SER GE 52 -67.14 102.15 34.26
N VAL GE 53 -68.13 101.44 33.74
CA VAL GE 53 -68.11 100.97 32.36
C VAL GE 53 -69.44 101.31 31.71
N TYR GE 54 -69.38 101.77 30.46
CA TYR GE 54 -70.57 102.06 29.68
C TYR GE 54 -70.26 101.84 28.21
N LYS GE 55 -71.14 101.12 27.52
CA LYS GE 55 -71.00 100.94 26.08
C LYS GE 55 -71.69 102.08 25.35
N ARG GE 56 -70.91 102.84 24.58
CA ARG GE 56 -71.41 103.98 23.84
C ARG GE 56 -71.17 103.75 22.36
N PRO GE 57 -72.19 103.87 21.52
CA PRO GE 57 -72.01 103.63 20.09
C PRO GE 57 -71.17 104.72 19.45
N ALA GE 58 -70.53 104.35 18.34
CA ALA GE 58 -69.74 105.30 17.58
C ALA GE 58 -70.66 106.36 16.98
N PRO GE 59 -70.16 107.58 16.79
CA PRO GE 59 -71.01 108.64 16.21
C PRO GE 59 -71.47 108.27 14.81
N LYS GE 60 -72.65 108.75 14.46
CA LYS GE 60 -73.28 108.40 13.20
C LYS GE 60 -72.46 108.95 12.02
N PRO GE 61 -72.37 108.23 10.91
CA PRO GE 61 -71.61 108.74 9.77
C PRO GE 61 -72.32 109.89 9.08
N GLU GE 62 -72.16 111.09 9.64
CA GLU GE 62 -72.81 112.33 9.18
C GLU GE 62 -74.26 112.14 8.78
N GLY GE 63 -74.99 111.27 9.47
CA GLY GE 63 -76.41 111.09 9.24
C GLY GE 63 -76.78 110.59 7.86
N CYS GE 64 -75.98 109.66 7.32
CA CYS GE 64 -76.28 109.04 6.05
C CYS GE 64 -76.75 107.59 6.17
N ALA GE 65 -76.54 106.95 7.31
CA ALA GE 65 -77.01 105.59 7.56
C ALA GE 65 -78.16 105.54 8.55
N ASP GE 66 -78.02 106.21 9.69
CA ASP GE 66 -79.11 106.47 10.64
C ASP GE 66 -79.94 105.24 11.01
N ALA GE 67 -81.11 105.11 10.38
CA ALA GE 67 -82.17 104.22 10.83
C ALA GE 67 -81.71 102.78 11.00
N CYS GE 68 -81.71 102.32 12.26
CA CYS GE 68 -81.43 100.94 12.67
C CYS GE 68 -80.35 100.25 11.83
N VAL GE 69 -79.18 100.88 11.77
CA VAL GE 69 -78.00 100.30 11.13
C VAL GE 69 -76.91 100.24 12.18
N ILE GE 70 -77.32 99.98 13.43
CA ILE GE 70 -76.53 100.21 14.63
C ILE GE 70 -75.10 99.68 14.49
N MET GE 71 -74.13 100.55 14.71
CA MET GE 71 -72.71 100.23 14.73
C MET GE 71 -72.34 99.74 16.13
N PRO GE 72 -71.21 99.07 16.29
CA PRO GE 72 -70.83 98.59 17.63
C PRO GE 72 -70.62 99.74 18.60
N ASN GE 73 -70.42 99.36 19.87
CA ASN GE 73 -70.25 100.30 20.95
C ASN GE 73 -68.77 100.37 21.33
N GLU GE 74 -68.33 101.56 21.74
CA GLU GE 74 -66.97 101.69 22.24
C GLU GE 74 -66.92 101.30 23.71
N ASN GE 75 -65.76 101.53 24.33
CA ASN GE 75 -65.51 101.12 25.71
C ASN GE 75 -65.20 102.38 26.52
N GLN GE 76 -66.24 103.06 27.00
CA GLN GE 76 -66.05 104.23 27.85
C GLN GE 76 -65.91 103.75 29.29
N SER GE 77 -64.68 103.42 29.69
CA SER GE 77 -64.43 102.84 31.00
C SER GE 77 -63.49 103.74 31.80
N ILE GE 78 -63.80 103.91 33.08
CA ILE GE 78 -62.96 104.67 34.00
C ILE GE 78 -62.66 103.79 35.19
N ARG GE 79 -61.38 103.45 35.37
CA ARG GE 79 -60.93 102.66 36.50
C ARG GE 79 -60.14 103.56 37.44
N THR GE 80 -60.43 103.45 38.74
CA THR GE 80 -59.70 104.21 39.74
C THR GE 80 -59.45 103.29 40.94
N VAL GE 81 -58.25 103.35 41.49
CA VAL GE 81 -57.86 102.56 42.64
C VAL GE 81 -57.30 103.49 43.69
N ILE GE 82 -57.58 103.19 44.96
CA ILE GE 82 -57.11 103.99 46.08
C ILE GE 82 -56.51 103.04 47.10
N SER GE 83 -55.28 103.33 47.53
CA SER GE 83 -54.59 102.52 48.52
C SER GE 83 -54.02 103.43 49.60
N GLY GE 84 -54.07 102.96 50.84
CA GLY GE 84 -53.52 103.73 51.95
C GLY GE 84 -53.95 103.14 53.27
N SER GE 85 -53.27 103.61 54.31
CA SER GE 85 -53.59 103.16 55.66
C SER GE 85 -54.96 103.69 56.08
N ALA GE 86 -55.78 102.79 56.64
CA ALA GE 86 -57.09 103.22 57.12
C ALA GE 86 -56.97 104.22 58.25
N GLU GE 87 -55.86 104.20 58.99
CA GLU GE 87 -55.66 105.15 60.08
C GLU GE 87 -55.47 106.57 59.59
N ASN GE 88 -54.99 106.76 58.37
CA ASN GE 88 -54.82 108.06 57.77
C ASN GE 88 -55.91 108.34 56.74
N LEU GE 89 -57.13 107.89 57.02
CA LEU GE 89 -58.20 108.03 56.04
C LEU GE 89 -58.59 109.48 55.84
N ALA GE 90 -58.73 110.24 56.94
CA ALA GE 90 -59.22 111.61 56.83
C ALA GE 90 -58.31 112.45 55.94
N THR GE 91 -57.00 112.40 56.18
CA THR GE 91 -56.07 113.08 55.30
C THR GE 91 -56.04 112.47 53.92
N LEU GE 92 -56.32 111.17 53.80
CA LEU GE 92 -56.42 110.56 52.49
C LEU GE 92 -57.65 111.07 51.76
N LYS GE 93 -58.72 111.38 52.48
CA LYS GE 93 -59.87 112.01 51.86
C LYS GE 93 -59.50 113.38 51.31
N ALA GE 94 -58.68 114.13 52.05
CA ALA GE 94 -58.30 115.47 51.61
C ALA GE 94 -57.55 115.43 50.29
N GLU GE 95 -56.57 114.53 50.17
CA GLU GE 95 -55.83 114.44 48.92
C GLU GE 95 -56.70 113.90 47.79
N TRP GE 96 -57.76 113.17 48.13
CA TRP GE 96 -58.70 112.73 47.10
C TRP GE 96 -59.36 113.94 46.44
N GLU GE 97 -59.63 114.99 47.20
CA GLU GE 97 -60.19 116.20 46.63
C GLU GE 97 -59.20 116.87 45.69
N THR GE 98 -57.96 117.09 46.16
CA THR GE 98 -56.98 117.73 45.30
C THR GE 98 -56.61 116.84 44.13
N HIS GE 99 -56.81 115.53 44.25
CA HIS GE 99 -56.69 114.67 43.09
C HIS GE 99 -57.74 115.00 42.05
N LYS GE 100 -58.97 115.25 42.50
CA LYS GE 100 -60.02 115.69 41.58
C LYS GE 100 -59.64 117.01 40.92
N ARG GE 101 -59.16 117.96 41.73
CA ARG GE 101 -58.77 119.26 41.19
C ARG GE 101 -57.69 119.11 40.14
N ASN GE 102 -56.64 118.34 40.45
CA ASN GE 102 -55.54 118.19 39.51
C ASN GE 102 -56.00 117.52 38.22
N VAL GE 103 -56.85 116.48 38.35
CA VAL GE 103 -57.39 115.85 37.16
C VAL GE 103 -58.28 116.82 36.39
N ASP GE 104 -59.18 117.52 37.10
CA ASP GE 104 -60.13 118.39 36.44
C ASP GE 104 -59.43 119.59 35.81
N THR GE 105 -58.43 120.15 36.50
CA THR GE 105 -57.81 121.37 36.02
C THR GE 105 -57.07 121.16 34.72
N LEU GE 106 -56.74 119.92 34.38
CA LEU GE 106 -56.06 119.66 33.12
C LEU GE 106 -56.89 118.83 32.16
N PHE GE 107 -57.84 118.03 32.66
CA PHE GE 107 -58.65 117.19 31.79
C PHE GE 107 -60.08 117.70 31.65
N ALA GE 108 -60.80 117.91 32.75
CA ALA GE 108 -62.16 118.39 32.66
C ALA GE 108 -62.19 119.82 32.14
N SER GE 109 -61.41 120.71 32.75
CA SER GE 109 -61.32 122.09 32.31
C SER GE 109 -60.32 122.28 31.18
N GLY GE 110 -59.51 121.27 30.87
CA GLY GE 110 -58.54 121.33 29.81
C GLY GE 110 -58.87 120.42 28.66
N ASN GE 111 -57.93 120.34 27.73
CA ASN GE 111 -58.06 119.49 26.56
C ASN GE 111 -57.26 118.21 26.66
N ALA GE 112 -56.97 117.75 27.88
CA ALA GE 112 -56.24 116.49 28.03
C ALA GE 112 -57.00 115.33 27.42
N GLY GE 113 -58.34 115.42 27.42
CA GLY GE 113 -59.11 114.41 26.72
C GLY GE 113 -58.76 114.31 25.25
N LEU GE 114 -58.52 115.46 24.62
CA LEU GE 114 -58.01 115.45 23.25
C LEU GE 114 -56.64 114.80 23.20
N GLY GE 115 -55.76 115.13 24.16
CA GLY GE 115 -54.48 114.47 24.26
C GLY GE 115 -53.29 115.39 24.35
N PHE GE 116 -53.50 116.70 24.20
CA PHE GE 116 -52.42 117.66 24.31
C PHE GE 116 -52.10 117.91 25.78
N LEU GE 117 -50.92 117.48 26.21
CA LEU GE 117 -50.49 117.77 27.57
C LEU GE 117 -50.20 119.26 27.72
N ASP GE 118 -50.47 119.78 28.92
CA ASP GE 118 -50.29 121.19 29.22
C ASP GE 118 -49.19 121.32 30.27
N PRO GE 119 -47.96 121.62 29.87
CA PRO GE 119 -46.87 121.77 30.84
C PRO GE 119 -47.13 122.88 31.85
N THR GE 120 -47.83 123.94 31.46
CA THR GE 120 -48.07 125.07 32.35
C THR GE 120 -49.37 124.95 33.13
N ALA GE 121 -50.06 123.81 33.03
CA ALA GE 121 -51.29 123.62 33.78
C ALA GE 121 -51.03 123.71 35.28
N ALA GE 122 -51.85 124.50 35.97
CA ALA GE 122 -51.65 124.74 37.40
C ALA GE 122 -52.07 123.51 38.19
N ILE GE 123 -51.11 122.91 38.89
CA ILE GE 123 -51.35 121.72 39.69
C ILE GE 123 -50.80 121.96 41.08
N VAL GE 124 -51.65 121.75 42.09
CA VAL GE 124 -51.27 121.97 43.47
C VAL GE 124 -51.33 120.65 44.22
N SER GE 125 -50.72 120.64 45.40
CA SER GE 125 -50.71 119.47 46.26
C SER GE 125 -51.82 119.54 47.30
N SER GE 126 -51.92 118.47 48.08
CA SER GE 126 -52.93 118.44 49.14
C SER GE 126 -52.59 119.41 50.27
N ASP GE 127 -51.31 119.61 50.53
CA ASP GE 127 -50.90 120.47 51.63
C ASP GE 127 -51.26 121.93 51.36
N THR GE 128 -51.42 122.69 52.44
CA THR GE 128 -51.82 124.08 52.36
C THR GE 128 -50.71 124.97 52.91
N THR GE 129 -50.62 126.18 52.37
CA THR GE 129 -49.61 127.14 52.79
C THR GE 129 -49.84 127.60 54.22
N ALA HE 1 -72.02 102.43 77.30
CA ALA HE 1 -71.99 102.50 75.85
C ALA HE 1 -70.65 102.04 75.30
N ASN HE 2 -70.69 101.10 74.36
CA ASN HE 2 -69.49 100.56 73.75
C ASN HE 2 -69.57 100.72 72.24
N LYS HE 3 -68.42 100.82 71.60
CA LYS HE 3 -68.36 101.02 70.16
C LYS HE 3 -69.01 99.86 69.43
N PRO HE 4 -70.06 100.11 68.65
CA PRO HE 4 -70.60 99.05 67.79
C PRO HE 4 -69.65 98.77 66.64
N MET HE 5 -69.76 97.55 66.10
CA MET HE 5 -68.92 97.14 64.99
C MET HE 5 -69.79 96.50 63.90
N GLN HE 6 -69.37 96.71 62.66
CA GLN HE 6 -70.14 96.32 61.49
C GLN HE 6 -69.53 95.10 60.83
N PRO HE 7 -70.32 94.33 60.07
CA PRO HE 7 -69.77 93.18 59.36
C PRO HE 7 -68.81 93.60 58.27
N ILE HE 8 -67.88 92.70 57.94
CA ILE HE 8 -66.94 92.89 56.84
C ILE HE 8 -67.05 91.76 55.84
N THR HE 9 -66.77 90.54 56.26
CA THR HE 9 -66.77 89.38 55.38
C THR HE 9 -68.00 88.53 55.67
N SER HE 10 -68.93 88.50 54.72
CA SER HE 10 -70.12 87.67 54.81
C SER HE 10 -69.89 86.44 53.94
N THR HE 11 -69.79 85.28 54.59
CA THR HE 11 -69.51 84.03 53.91
C THR HE 11 -70.67 83.08 54.17
N ALA HE 12 -70.67 81.95 53.45
CA ALA HE 12 -71.72 80.95 53.64
C ALA HE 12 -71.77 80.47 55.08
N ASN HE 13 -70.66 80.55 55.81
CA ASN HE 13 -70.61 80.11 57.19
C ASN HE 13 -69.98 81.10 58.15
N LYS HE 14 -69.22 82.08 57.68
CA LYS HE 14 -68.49 82.99 58.54
C LYS HE 14 -68.97 84.42 58.33
N ILE HE 15 -69.23 85.11 59.43
CA ILE HE 15 -69.45 86.55 59.42
C ILE HE 15 -68.53 87.16 60.46
N VAL HE 16 -67.68 88.09 60.03
CA VAL HE 16 -66.72 88.75 60.90
C VAL HE 16 -67.24 90.13 61.22
N TRP HE 17 -66.78 90.70 62.31
CA TRP HE 17 -67.08 92.07 62.69
C TRP HE 17 -65.79 92.76 63.11
N SER HE 18 -65.75 94.07 62.96
CA SER HE 18 -64.55 94.82 63.35
C SER HE 18 -64.93 96.24 63.72
N ASP HE 19 -64.25 96.77 64.72
CA ASP HE 19 -64.47 98.15 65.14
C ASP HE 19 -64.05 99.10 64.03
N PRO HE 20 -64.91 100.01 63.60
CA PRO HE 20 -64.49 100.99 62.58
C PRO HE 20 -63.33 101.87 63.02
N THR HE 21 -63.30 102.29 64.29
CA THR HE 21 -62.24 103.18 64.74
C THR HE 21 -60.88 102.51 64.68
N ARG HE 22 -60.81 101.26 65.12
CA ARG HE 22 -59.58 100.46 65.01
C ARG HE 22 -59.95 99.09 64.47
N LEU HE 23 -59.41 98.76 63.30
CA LEU HE 23 -59.79 97.52 62.62
C LEU HE 23 -59.19 96.29 63.27
N SER HE 24 -58.29 96.46 64.23
CA SER HE 24 -57.62 95.31 64.84
C SER HE 24 -58.62 94.41 65.56
N THR HE 25 -59.48 95.00 66.38
CA THR HE 25 -60.42 94.21 67.16
C THR HE 25 -61.44 93.54 66.24
N THR HE 26 -61.63 92.24 66.43
CA THR HE 26 -62.51 91.48 65.57
C THR HE 26 -63.37 90.54 66.39
N PHE HE 27 -64.45 90.07 65.79
CA PHE HE 27 -65.31 89.06 66.39
C PHE HE 27 -65.99 88.30 65.27
N SER HE 28 -65.60 87.06 65.06
CA SER HE 28 -66.13 86.25 63.95
C SER HE 28 -66.86 85.05 64.51
N ALA HE 29 -68.08 84.84 64.02
CA ALA HE 29 -68.88 83.67 64.37
C ALA HE 29 -68.93 82.74 63.17
N SER HE 30 -68.22 81.62 63.27
CA SER HE 30 -68.21 80.60 62.22
C SER HE 30 -69.10 79.46 62.66
N LEU HE 31 -70.20 79.26 61.95
CA LEU HE 31 -71.20 78.26 62.31
C LEU HE 31 -71.10 77.10 61.33
N LEU HE 32 -71.02 75.89 61.86
CA LEU HE 32 -70.97 74.67 61.05
C LEU HE 32 -72.15 73.79 61.43
N ARG HE 33 -73.02 73.52 60.46
CA ARG HE 33 -74.18 72.67 60.67
C ARG HE 33 -73.95 71.36 59.93
N GLN HE 34 -74.09 70.25 60.65
CA GLN HE 34 -73.88 68.93 60.07
C GLN HE 34 -74.99 68.01 60.54
N ARG HE 35 -75.60 67.31 59.59
CA ARG HE 35 -76.65 66.35 59.93
C ARG HE 35 -76.02 65.10 60.52
N VAL HE 36 -76.49 64.70 61.70
CA VAL HE 36 -75.93 63.56 62.41
C VAL HE 36 -77.05 62.54 62.63
N LYS HE 37 -76.67 61.28 62.74
CA LYS HE 37 -77.62 60.20 62.98
C LYS HE 37 -77.19 59.39 64.18
N VAL HE 38 -78.07 59.31 65.18
CA VAL HE 38 -77.87 58.44 66.33
C VAL HE 38 -78.94 57.35 66.24
N GLY HE 39 -78.96 56.45 67.21
CA GLY HE 39 -79.87 55.31 67.18
C GLY HE 39 -81.29 55.67 66.81
N ILE HE 40 -81.71 55.23 65.62
CA ILE HE 40 -83.03 55.47 65.01
C ILE HE 40 -83.57 56.86 65.31
N ALA HE 41 -82.69 57.85 65.41
CA ALA HE 41 -83.12 59.21 65.71
C ALA HE 41 -82.40 60.18 64.78
N GLU HE 42 -83.16 61.08 64.18
CA GLU HE 42 -82.63 62.08 63.27
C GLU HE 42 -82.29 63.35 64.05
N LEU HE 43 -81.07 63.84 63.85
CA LEU HE 43 -80.61 65.01 64.59
C LEU HE 43 -79.73 65.87 63.69
N ASN HE 44 -79.50 67.10 64.14
CA ASN HE 44 -78.61 68.03 63.44
C ASN HE 44 -77.73 68.72 64.46
N ASN HE 45 -76.41 68.63 64.27
CA ASN HE 45 -75.46 69.29 65.15
C ASN HE 45 -75.13 70.67 64.61
N VAL HE 46 -74.78 71.58 65.52
CA VAL HE 46 -74.28 72.90 65.17
C VAL HE 46 -73.02 73.14 65.98
N SER HE 47 -72.00 73.70 65.34
CA SER HE 47 -70.73 73.99 65.99
C SER HE 47 -70.34 75.42 65.68
N GLY HE 48 -70.52 76.32 66.66
CA GLY HE 48 -70.20 77.72 66.45
C GLY HE 48 -68.87 78.12 67.06
N GLN HE 49 -67.85 78.24 66.22
CA GLN HE 49 -66.51 78.59 66.69
C GLN HE 49 -66.44 80.11 66.82
N TYR HE 50 -66.96 80.60 67.94
CA TYR HE 50 -67.00 82.04 68.18
C TYR HE 50 -65.67 82.50 68.77
N VAL HE 51 -65.01 83.44 68.09
CA VAL HE 51 -63.72 83.94 68.54
C VAL HE 51 -63.79 85.46 68.62
N SER HE 52 -63.16 86.02 69.65
CA SER HE 52 -63.03 87.45 69.82
C SER HE 52 -61.56 87.78 69.96
N VAL HE 53 -61.06 88.69 69.12
CA VAL HE 53 -59.65 89.02 69.06
C VAL HE 53 -59.46 90.49 69.36
N TYR HE 54 -58.55 90.80 70.27
CA TYR HE 54 -58.17 92.16 70.59
C TYR HE 54 -56.67 92.23 70.71
N LYS HE 55 -56.04 93.13 69.97
CA LYS HE 55 -54.62 93.38 70.08
C LYS HE 55 -54.41 94.54 71.06
N ARG HE 56 -53.64 94.29 72.11
CA ARG HE 56 -53.51 95.26 73.17
C ARG HE 56 -52.04 95.68 73.35
N PRO HE 57 -51.79 96.94 73.67
CA PRO HE 57 -50.41 97.37 73.94
C PRO HE 57 -49.87 96.73 75.21
N ALA HE 58 -48.53 96.75 75.32
CA ALA HE 58 -47.84 96.17 76.46
C ALA HE 58 -48.18 96.95 77.74
N PRO HE 59 -47.73 96.45 78.92
CA PRO HE 59 -48.09 97.10 80.19
C PRO HE 59 -47.81 98.60 80.30
N LYS HE 60 -46.75 99.11 79.66
CA LYS HE 60 -46.40 100.52 79.78
C LYS HE 60 -46.11 100.86 81.24
N PRO HE 61 -44.87 100.61 81.71
CA PRO HE 61 -44.56 100.53 83.15
C PRO HE 61 -45.32 101.49 84.06
N GLU HE 62 -45.76 100.94 85.19
CA GLU HE 62 -46.68 101.61 86.09
C GLU HE 62 -46.08 102.91 86.62
N GLY HE 63 -46.97 103.79 87.10
CA GLY HE 63 -46.58 105.05 87.68
C GLY HE 63 -45.85 105.95 86.72
N CYS HE 64 -45.99 105.69 85.42
CA CYS HE 64 -45.24 106.47 84.44
C CYS HE 64 -45.96 106.52 83.10
N ALA HE 65 -46.70 107.61 82.86
CA ALA HE 65 -47.35 107.84 81.58
C ALA HE 65 -46.89 109.19 81.06
N ASP HE 66 -45.74 109.18 80.38
CA ASP HE 66 -45.09 110.42 79.99
C ASP HE 66 -45.73 111.01 78.73
N ALA HE 67 -45.69 110.25 77.64
CA ALA HE 67 -45.93 110.78 76.31
C ALA HE 67 -46.16 109.63 75.35
N CYS HE 68 -46.08 109.89 74.04
CA CYS HE 68 -46.14 108.77 73.12
C CYS HE 68 -44.87 107.94 73.29
N VAL HE 69 -44.96 106.94 74.17
CA VAL HE 69 -43.87 106.04 74.48
C VAL HE 69 -44.34 104.65 74.08
N ILE HE 70 -45.04 104.59 72.94
CA ILE HE 70 -45.92 103.50 72.57
C ILE HE 70 -45.26 102.14 72.78
N MET HE 71 -45.91 101.32 73.59
CA MET HE 71 -45.45 99.96 73.82
C MET HE 71 -45.93 99.08 72.66
N PRO HE 72 -45.22 97.98 72.40
CA PRO HE 72 -45.63 97.09 71.31
C PRO HE 72 -46.96 96.43 71.63
N ASN HE 73 -47.49 95.72 70.63
CA ASN HE 73 -48.86 95.25 70.64
C ASN HE 73 -48.87 93.74 70.77
N GLU HE 74 -49.57 93.24 71.79
CA GLU HE 74 -49.71 91.81 72.02
C GLU HE 74 -51.17 91.39 71.80
N ASN HE 75 -51.39 90.08 71.82
CA ASN HE 75 -52.64 89.48 71.38
C ASN HE 75 -53.47 89.03 72.57
N GLN HE 76 -54.75 89.38 72.56
CA GLN HE 76 -55.73 88.87 73.52
C GLN HE 76 -56.84 88.20 72.73
N SER HE 77 -57.02 86.89 72.94
CA SER HE 77 -57.97 86.12 72.16
C SER HE 77 -58.83 85.27 73.07
N ILE HE 78 -60.12 85.19 72.74
CA ILE HE 78 -61.07 84.35 73.45
C ILE HE 78 -61.88 83.58 72.41
N ARG HE 79 -61.89 82.26 72.50
CA ARG HE 79 -62.57 81.41 71.55
C ARG HE 79 -63.56 80.51 72.28
N THR HE 80 -64.77 80.41 71.75
CA THR HE 80 -65.82 79.59 72.34
C THR HE 80 -66.42 78.71 71.26
N VAL HE 81 -66.70 77.46 71.63
CA VAL HE 81 -67.29 76.50 70.70
C VAL HE 81 -68.50 75.86 71.38
N ILE HE 82 -69.65 75.93 70.72
CA ILE HE 82 -70.89 75.33 71.21
C ILE HE 82 -71.27 74.21 70.25
N SER HE 83 -71.34 72.99 70.75
CA SER HE 83 -71.69 71.82 69.95
C SER HE 83 -72.86 71.11 70.60
N GLY HE 84 -73.86 70.78 69.80
CA GLY HE 84 -75.03 70.08 70.31
C GLY HE 84 -76.06 69.94 69.23
N SER HE 85 -77.10 69.18 69.55
CA SER HE 85 -78.20 68.98 68.61
C SER HE 85 -79.15 70.16 68.67
N ALA HE 86 -79.60 70.61 67.49
CA ALA HE 86 -80.53 71.73 67.44
C ALA HE 86 -81.86 71.40 68.10
N GLU HE 87 -82.25 70.13 68.13
CA GLU HE 87 -83.53 69.74 68.71
C GLU HE 87 -83.54 69.88 70.23
N ASN HE 88 -82.38 70.07 70.86
CA ASN HE 88 -82.30 70.27 72.30
C ASN HE 88 -81.87 71.69 72.65
N LEU HE 89 -81.97 72.62 71.71
CA LEU HE 89 -81.49 73.97 71.95
C LEU HE 89 -82.14 74.59 73.19
N ALA HE 90 -83.36 74.18 73.50
CA ALA HE 90 -84.03 74.70 74.69
C ALA HE 90 -83.18 74.49 75.94
N THR HE 91 -82.52 73.34 76.03
CA THR HE 91 -81.69 73.08 77.21
C THR HE 91 -80.25 73.49 77.00
N LEU HE 92 -79.76 73.54 75.75
CA LEU HE 92 -78.42 74.06 75.50
C LEU HE 92 -78.21 75.44 76.12
N LYS HE 93 -79.26 76.26 76.13
CA LYS HE 93 -79.16 77.56 76.78
C LYS HE 93 -78.84 77.42 78.27
N ALA HE 94 -79.23 76.29 78.87
CA ALA HE 94 -79.03 76.12 80.30
C ALA HE 94 -77.56 75.97 80.65
N GLU HE 95 -76.91 74.90 80.15
CA GLU HE 95 -75.53 74.67 80.54
C GLU HE 95 -74.62 75.76 79.97
N TRP HE 96 -75.04 76.41 78.89
CA TRP HE 96 -74.32 77.59 78.43
C TRP HE 96 -74.33 78.66 79.52
N GLU HE 97 -75.47 78.85 80.18
CA GLU HE 97 -75.53 79.82 81.26
C GLU HE 97 -74.66 79.40 82.43
N THR HE 98 -74.68 78.12 82.80
CA THR HE 98 -73.86 77.70 83.93
C THR HE 98 -72.40 77.55 83.52
N HIS HE 99 -72.13 77.47 82.22
CA HIS HE 99 -70.75 77.56 81.76
C HIS HE 99 -70.16 78.91 82.12
N LYS HE 100 -70.97 79.95 82.03
CA LYS HE 100 -70.52 81.28 82.45
C LYS HE 100 -70.08 81.27 83.90
N ARG HE 101 -71.01 80.97 84.81
CA ARG HE 101 -70.73 81.10 86.24
C ARG HE 101 -69.57 80.20 86.66
N ASN HE 102 -69.43 79.04 86.02
CA ASN HE 102 -68.33 78.15 86.38
C ASN HE 102 -66.98 78.79 86.06
N VAL HE 103 -66.80 79.27 84.83
CA VAL HE 103 -65.52 79.89 84.49
C VAL HE 103 -65.38 81.22 85.21
N ASP HE 104 -66.49 81.90 85.51
CA ASP HE 104 -66.39 83.12 86.29
C ASP HE 104 -65.79 82.86 87.66
N THR HE 105 -66.18 81.75 88.28
CA THR HE 105 -65.61 81.39 89.58
C THR HE 105 -64.11 81.15 89.46
N LEU HE 106 -63.69 80.42 88.43
CA LEU HE 106 -62.28 80.11 88.28
C LEU HE 106 -61.49 81.29 87.75
N PHE HE 107 -62.07 82.06 86.83
CA PHE HE 107 -61.33 83.08 86.11
C PHE HE 107 -61.72 84.49 86.50
N ALA HE 108 -63.01 84.83 86.42
CA ALA HE 108 -63.42 86.19 86.74
C ALA HE 108 -63.14 86.53 88.19
N SER HE 109 -63.39 85.58 89.10
CA SER HE 109 -63.18 85.81 90.52
C SER HE 109 -61.99 85.05 91.08
N GLY HE 110 -61.53 83.99 90.41
CA GLY HE 110 -60.40 83.21 90.86
C GLY HE 110 -59.09 83.76 90.35
N ASN HE 111 -58.06 82.92 90.40
CA ASN HE 111 -56.73 83.29 89.95
C ASN HE 111 -56.27 82.47 88.75
N ALA HE 112 -57.20 81.80 88.07
CA ALA HE 112 -56.83 81.07 86.86
C ALA HE 112 -56.30 82.00 85.79
N GLY HE 113 -56.66 83.28 85.84
CA GLY HE 113 -56.10 84.24 84.91
C GLY HE 113 -54.60 84.39 85.10
N LEU HE 114 -54.13 84.31 86.34
CA LEU HE 114 -52.70 84.37 86.61
C LEU HE 114 -52.01 83.04 86.43
N GLY HE 115 -52.76 81.97 86.17
CA GLY HE 115 -52.19 80.65 86.05
C GLY HE 115 -52.30 79.79 87.29
N PHE HE 116 -53.06 80.22 88.30
CA PHE HE 116 -53.18 79.47 89.54
C PHE HE 116 -54.51 78.74 89.55
N LEU HE 117 -54.49 77.45 89.86
CA LEU HE 117 -55.70 76.66 89.97
C LEU HE 117 -56.11 76.53 91.43
N ASP HE 118 -57.43 76.50 91.66
CA ASP HE 118 -57.99 76.38 92.99
C ASP HE 118 -58.84 75.13 93.06
N PRO HE 119 -58.29 74.03 93.59
CA PRO HE 119 -59.07 72.79 93.67
C PRO HE 119 -60.32 72.90 94.52
N THR HE 120 -60.34 73.81 95.48
CA THR HE 120 -61.49 73.95 96.37
C THR HE 120 -62.55 74.91 95.85
N ALA HE 121 -62.42 75.38 94.61
CA ALA HE 121 -63.40 76.30 94.06
C ALA HE 121 -64.78 75.65 93.99
N ALA HE 122 -65.80 76.42 94.34
CA ALA HE 122 -67.17 75.91 94.37
C ALA HE 122 -67.85 76.20 93.03
N ILE HE 123 -68.18 75.13 92.32
CA ILE HE 123 -68.83 75.23 91.01
C ILE HE 123 -70.02 74.29 90.99
N VAL HE 124 -71.06 74.68 90.27
CA VAL HE 124 -72.33 73.97 90.28
C VAL HE 124 -72.69 73.55 88.86
N SER HE 125 -73.58 72.57 88.78
CA SER HE 125 -73.99 72.00 87.50
C SER HE 125 -75.16 72.76 86.90
N SER HE 126 -75.47 72.44 85.65
CA SER HE 126 -76.65 73.00 85.01
C SER HE 126 -77.91 72.54 85.71
N ASP HE 127 -77.95 71.28 86.13
CA ASP HE 127 -79.11 70.75 86.82
C ASP HE 127 -79.30 71.48 88.15
N THR HE 128 -80.56 71.70 88.50
CA THR HE 128 -80.93 72.42 89.71
C THR HE 128 -81.61 71.46 90.68
N THR HE 129 -81.33 71.65 91.97
CA THR HE 129 -81.94 70.83 93.01
C THR HE 129 -83.45 71.00 93.06
N ALA IE 1 -99.99 84.32 57.69
CA ALA IE 1 -99.87 83.81 59.05
C ALA IE 1 -99.04 82.53 59.08
N ASN IE 2 -97.97 82.53 58.30
CA ASN IE 2 -97.11 81.36 58.17
C ASN IE 2 -95.69 81.74 58.57
N LYS IE 3 -94.93 80.74 59.01
CA LYS IE 3 -93.60 81.00 59.53
C LYS IE 3 -92.68 81.45 58.42
N PRO IE 4 -92.06 82.63 58.53
CA PRO IE 4 -91.02 83.02 57.56
C PRO IE 4 -89.74 82.25 57.81
N MET IE 5 -88.92 82.17 56.77
CA MET IE 5 -87.61 81.52 56.90
C MET IE 5 -86.53 82.56 57.11
N GLN IE 6 -85.32 82.08 57.32
CA GLN IE 6 -84.12 82.89 57.33
C GLN IE 6 -83.10 82.28 56.38
N PRO IE 7 -82.24 83.09 55.77
CA PRO IE 7 -81.26 82.53 54.83
C PRO IE 7 -80.28 81.59 55.53
N ILE IE 8 -79.80 80.61 54.77
CA ILE IE 8 -78.77 79.69 55.24
C ILE IE 8 -77.44 79.88 54.52
N THR IE 9 -77.44 79.99 53.21
CA THR IE 9 -76.20 80.11 52.45
C THR IE 9 -76.35 81.30 51.50
N SER IE 10 -75.92 82.47 51.95
CA SER IE 10 -75.98 83.68 51.15
C SER IE 10 -74.78 83.71 50.21
N THR IE 11 -75.04 83.56 48.91
CA THR IE 11 -73.99 83.57 47.90
C THR IE 11 -74.43 84.48 46.76
N ALA IE 12 -73.44 85.00 46.04
CA ALA IE 12 -73.71 85.96 44.97
C ALA IE 12 -74.62 85.40 43.89
N ASN IE 13 -74.70 84.07 43.75
CA ASN IE 13 -75.49 83.47 42.70
C ASN IE 13 -76.52 82.46 43.19
N LYS IE 14 -76.56 82.16 44.49
CA LYS IE 14 -77.49 81.17 45.00
C LYS IE 14 -77.71 81.44 46.49
N ILE IE 15 -78.95 81.27 46.94
CA ILE IE 15 -79.29 81.55 48.33
C ILE IE 15 -80.43 80.63 48.74
N VAL IE 16 -80.33 80.08 49.94
CA VAL IE 16 -81.26 79.07 50.43
C VAL IE 16 -81.81 79.52 51.78
N TRP IE 17 -83.11 79.36 51.96
CA TRP IE 17 -83.77 79.62 53.24
C TRP IE 17 -84.16 78.31 53.90
N SER IE 18 -84.39 78.37 55.20
CA SER IE 18 -84.84 77.20 55.95
C SER IE 18 -85.65 77.67 57.14
N ASP IE 19 -86.72 76.95 57.44
CA ASP IE 19 -87.61 77.34 58.52
C ASP IE 19 -86.93 77.13 59.87
N PRO IE 20 -87.09 78.05 60.81
CA PRO IE 20 -86.48 77.83 62.12
C PRO IE 20 -87.15 76.73 62.92
N THR IE 21 -88.48 76.68 62.95
CA THR IE 21 -89.16 75.66 63.74
C THR IE 21 -88.82 74.26 63.24
N ARG IE 22 -88.84 74.08 61.92
CA ARG IE 22 -88.51 72.80 61.31
C ARG IE 22 -87.44 73.02 60.26
N LEU IE 23 -86.30 72.33 60.41
CA LEU IE 23 -85.16 72.56 59.55
C LEU IE 23 -85.24 71.82 58.22
N SER IE 24 -86.18 70.90 58.07
CA SER IE 24 -86.28 70.16 56.81
C SER IE 24 -86.83 71.04 55.70
N THR IE 25 -87.81 71.88 56.02
CA THR IE 25 -88.41 72.73 55.00
C THR IE 25 -87.43 73.78 54.52
N THR IE 26 -87.15 73.80 53.22
CA THR IE 26 -86.22 74.76 52.64
C THR IE 26 -86.76 75.26 51.32
N PHE IE 27 -86.29 76.44 50.92
CA PHE IE 27 -86.62 77.01 49.62
C PHE IE 27 -85.41 77.78 49.14
N SER IE 28 -84.75 77.28 48.10
CA SER IE 28 -83.52 77.87 47.60
C SER IE 28 -83.74 78.41 46.20
N ALA IE 29 -83.18 79.58 45.94
CA ALA IE 29 -83.25 80.23 44.63
C ALA IE 29 -81.85 80.37 44.07
N SER IE 30 -81.67 80.00 42.80
CA SER IE 30 -80.38 80.09 42.14
C SER IE 30 -80.54 80.79 40.81
N LEU IE 31 -79.57 81.63 40.47
CA LEU IE 31 -79.57 82.38 39.22
C LEU IE 31 -78.30 82.07 38.46
N LEU IE 32 -78.32 82.39 37.16
CA LEU IE 32 -77.15 82.27 36.30
C LEU IE 32 -77.25 83.34 35.23
N ARG IE 33 -76.48 84.40 35.38
CA ARG IE 33 -76.47 85.52 34.43
C ARG IE 33 -75.57 85.17 33.25
N GLN IE 34 -75.93 85.71 32.08
CA GLN IE 34 -75.16 85.41 30.88
C GLN IE 34 -75.49 86.45 29.81
N ARG IE 35 -74.49 86.75 28.99
CA ARG IE 35 -74.66 87.59 27.81
C ARG IE 35 -74.79 86.68 26.60
N VAL IE 36 -75.81 86.94 25.77
CA VAL IE 36 -76.13 86.10 24.63
C VAL IE 36 -76.11 86.97 23.38
N LYS IE 37 -75.58 86.44 22.29
CA LYS IE 37 -75.52 87.15 21.02
C LYS IE 37 -76.62 86.65 20.09
N VAL IE 38 -77.37 87.60 19.51
CA VAL IE 38 -78.30 87.32 18.44
C VAL IE 38 -77.99 88.27 17.29
N GLY IE 39 -78.82 88.26 16.25
CA GLY IE 39 -78.59 89.10 15.10
C GLY IE 39 -78.37 90.57 15.44
N ILE IE 40 -77.13 91.03 15.21
CA ILE IE 40 -76.66 92.38 15.52
C ILE IE 40 -77.28 92.93 16.80
N ALA IE 41 -77.43 92.09 17.82
CA ALA IE 41 -78.00 92.52 19.08
C ALA IE 41 -77.39 91.71 20.21
N GLU IE 42 -77.17 92.38 21.34
CA GLU IE 42 -76.64 91.75 22.54
C GLU IE 42 -77.72 91.77 23.62
N LEU IE 43 -78.02 90.60 24.17
CA LEU IE 43 -79.04 90.49 25.21
C LEU IE 43 -78.50 89.73 26.40
N ASN IE 44 -78.87 90.19 27.59
CA ASN IE 44 -78.44 89.58 28.84
C ASN IE 44 -79.45 88.53 29.24
N ASN IE 45 -79.02 87.27 29.23
CA ASN IE 45 -79.89 86.16 29.58
C ASN IE 45 -79.72 85.82 31.06
N VAL IE 46 -80.81 85.43 31.69
CA VAL IE 46 -80.81 85.01 33.09
C VAL IE 46 -81.67 83.78 33.22
N SER IE 47 -81.16 82.78 33.95
CA SER IE 47 -81.91 81.56 34.23
C SER IE 47 -82.22 81.51 35.72
N GLY IE 48 -83.50 81.43 36.04
CA GLY IE 48 -83.91 81.46 37.44
C GLY IE 48 -84.27 80.10 37.99
N GLN IE 49 -83.38 79.52 38.79
CA GLN IE 49 -83.59 78.21 39.39
C GLN IE 49 -84.27 78.40 40.74
N TYR IE 50 -85.49 77.85 40.88
CA TYR IE 50 -86.23 77.91 42.12
C TYR IE 50 -86.69 76.51 42.48
N VAL IE 51 -86.39 76.08 43.69
CA VAL IE 51 -86.81 74.77 44.18
C VAL IE 51 -87.30 74.90 45.61
N SER IE 52 -88.43 74.25 45.91
CA SER IE 52 -88.99 74.19 47.24
C SER IE 52 -89.28 72.74 47.59
N VAL IE 53 -88.85 72.31 48.77
CA VAL IE 53 -89.01 70.93 49.19
C VAL IE 53 -89.66 70.90 50.56
N TYR IE 54 -90.31 69.78 50.88
CA TYR IE 54 -90.92 69.56 52.18
C TYR IE 54 -90.77 68.10 52.54
N LYS IE 55 -90.36 67.85 53.79
CA LYS IE 55 -90.20 66.49 54.29
C LYS IE 55 -91.47 66.03 54.99
N ARG IE 56 -92.56 65.99 54.22
CA ARG IE 56 -93.86 65.68 54.78
C ARG IE 56 -93.95 64.20 55.14
N PRO IE 57 -94.37 63.84 56.34
CA PRO IE 57 -94.51 62.44 56.71
C PRO IE 57 -95.65 61.77 55.93
N ALA IE 58 -95.50 60.46 55.77
CA ALA IE 58 -96.51 59.65 55.12
C ALA IE 58 -97.77 59.58 55.98
N PRO IE 59 -98.94 59.38 55.37
CA PRO IE 59 -100.17 59.34 56.15
C PRO IE 59 -100.22 58.10 57.02
N LYS IE 60 -100.55 58.30 58.29
CA LYS IE 60 -100.59 57.20 59.23
C LYS IE 60 -101.77 56.28 58.94
N PRO IE 61 -101.68 55.01 59.34
CA PRO IE 61 -102.83 54.11 59.18
C PRO IE 61 -104.04 54.67 59.91
N GLU IE 62 -105.20 54.57 59.26
CA GLU IE 62 -106.42 55.13 59.79
C GLU IE 62 -106.83 54.41 61.06
N GLY IE 63 -107.51 55.14 61.94
CA GLY IE 63 -107.96 54.60 63.20
C GLY IE 63 -106.82 54.17 64.11
N CYS IE 64 -105.80 55.01 64.20
CA CYS IE 64 -104.66 54.73 65.09
C CYS IE 64 -104.30 56.04 65.79
N ALA IE 65 -104.37 56.03 67.11
CA ALA IE 65 -104.05 57.18 67.93
C ALA IE 65 -102.82 56.89 68.78
N ASP IE 66 -101.68 57.42 68.36
CA ASP IE 66 -100.43 57.26 69.11
C ASP IE 66 -99.43 58.26 68.56
N ALA IE 67 -98.81 59.02 69.47
CA ALA IE 67 -97.80 59.97 69.04
C ALA IE 67 -96.52 59.28 68.61
N CYS IE 68 -96.07 58.31 69.42
CA CYS IE 68 -94.80 57.65 69.13
C CYS IE 68 -94.96 56.47 68.18
N VAL IE 69 -95.63 56.71 67.06
CA VAL IE 69 -95.57 55.82 65.90
C VAL IE 69 -95.26 56.70 64.69
N ILE IE 70 -94.00 56.65 64.25
CA ILE IE 70 -93.51 57.59 63.26
C ILE IE 70 -93.07 56.82 62.02
N MET IE 71 -93.79 56.99 60.93
CA MET IE 71 -93.43 56.44 59.64
C MET IE 71 -92.46 57.37 58.94
N PRO IE 72 -91.70 56.86 57.97
CA PRO IE 72 -90.75 57.72 57.25
C PRO IE 72 -91.46 58.82 56.49
N ASN IE 73 -90.67 59.78 56.05
CA ASN IE 73 -91.19 60.96 55.37
C ASN IE 73 -90.93 60.85 53.88
N GLU IE 74 -91.80 61.47 53.09
CA GLU IE 74 -91.56 61.62 51.67
C GLU IE 74 -91.04 63.03 51.42
N ASN IE 75 -90.73 63.33 50.16
CA ASN IE 75 -90.14 64.60 49.78
C ASN IE 75 -91.01 65.30 48.72
N GLN IE 76 -91.99 66.07 49.19
CA GLN IE 76 -92.83 66.87 48.32
C GLN IE 76 -92.00 68.02 47.81
N SER IE 77 -91.49 67.90 46.59
CA SER IE 77 -90.57 68.87 46.03
C SER IE 77 -91.15 69.47 44.75
N ILE IE 78 -91.07 70.79 44.65
CA ILE IE 78 -91.50 71.51 43.45
C ILE IE 78 -90.35 72.44 43.05
N ARG IE 79 -89.91 72.33 41.80
CA ARG IE 79 -88.84 73.17 41.29
C ARG IE 79 -89.20 73.72 39.92
N THR IE 80 -88.96 75.02 39.73
CA THR IE 80 -89.27 75.72 38.50
C THR IE 80 -88.05 76.50 38.05
N VAL IE 81 -87.89 76.65 36.74
CA VAL IE 81 -86.82 77.46 36.17
C VAL IE 81 -87.43 78.47 35.21
N ILE IE 82 -86.85 79.66 35.16
CA ILE IE 82 -87.31 80.74 34.30
C ILE IE 82 -86.14 81.15 33.41
N SER IE 83 -86.39 81.22 32.11
CA SER IE 83 -85.37 81.58 31.13
C SER IE 83 -85.85 82.75 30.29
N GLY IE 84 -84.98 83.72 30.08
CA GLY IE 84 -85.34 84.87 29.27
C GLY IE 84 -84.31 85.97 29.44
N SER IE 85 -84.53 87.05 28.70
CA SER IE 85 -83.67 88.21 28.78
C SER IE 85 -84.30 89.27 29.69
N ALA IE 86 -83.48 90.23 30.11
CA ALA IE 86 -83.95 91.25 31.05
C ALA IE 86 -84.79 92.31 30.35
N GLU IE 87 -84.48 92.59 29.08
CA GLU IE 87 -85.21 93.66 28.39
C GLU IE 87 -86.67 93.28 28.16
N ASN IE 88 -86.92 92.03 27.75
CA ASN IE 88 -88.29 91.54 27.63
C ASN IE 88 -88.78 90.90 28.92
N LEU IE 89 -88.18 91.25 30.06
CA LEU IE 89 -88.71 90.81 31.34
C LEU IE 89 -90.10 91.37 31.57
N ALA IE 90 -90.39 92.55 31.02
CA ALA IE 90 -91.71 93.15 31.21
C ALA IE 90 -92.81 92.22 30.71
N THR IE 91 -92.63 91.65 29.52
CA THR IE 91 -93.60 90.67 29.05
C THR IE 91 -93.38 89.31 29.70
N LEU IE 92 -92.15 89.02 30.12
CA LEU IE 92 -91.87 87.72 30.73
C LEU IE 92 -92.70 87.51 31.99
N LYS IE 93 -93.13 88.59 32.64
CA LYS IE 93 -94.04 88.47 33.77
C LYS IE 93 -95.33 87.78 33.35
N ALA IE 94 -95.82 88.10 32.14
CA ALA IE 94 -97.12 87.62 31.72
C ALA IE 94 -97.17 86.12 31.54
N GLU IE 95 -96.13 85.51 30.92
CA GLU IE 95 -96.17 84.07 30.72
C GLU IE 95 -96.22 83.34 32.05
N TRP IE 96 -95.41 83.78 33.02
CA TRP IE 96 -95.47 83.19 34.34
C TRP IE 96 -96.88 83.29 34.92
N GLU IE 97 -97.55 84.41 34.67
CA GLU IE 97 -98.95 84.54 35.08
C GLU IE 97 -99.83 83.54 34.34
N THR IE 98 -99.64 83.41 33.03
CA THR IE 98 -100.44 82.45 32.28
C THR IE 98 -99.96 81.03 32.53
N HIS IE 99 -98.65 80.84 32.68
CA HIS IE 99 -98.15 79.53 33.08
C HIS IE 99 -98.77 79.10 34.41
N LYS IE 100 -98.97 80.05 35.31
CA LYS IE 100 -99.69 79.78 36.54
C LYS IE 100 -101.09 79.23 36.23
N ARG IE 101 -101.83 79.93 35.37
CA ARG IE 101 -103.23 79.58 35.13
C ARG IE 101 -103.35 78.18 34.53
N ASN IE 102 -102.48 77.86 33.58
CA ASN IE 102 -102.58 76.57 32.90
C ASN IE 102 -102.41 75.41 33.88
N VAL IE 103 -101.33 75.44 34.66
CA VAL IE 103 -101.12 74.39 35.65
C VAL IE 103 -102.15 74.47 36.76
N ASP IE 104 -102.63 75.68 37.09
CA ASP IE 104 -103.76 75.80 38.00
C ASP IE 104 -104.94 74.97 37.51
N THR IE 105 -105.31 75.14 36.24
CA THR IE 105 -106.39 74.34 35.68
C THR IE 105 -106.03 72.86 35.66
N LEU IE 106 -104.81 72.53 35.26
CA LEU IE 106 -104.45 71.14 35.08
C LEU IE 106 -104.24 70.42 36.41
N PHE IE 107 -103.57 71.07 37.35
CA PHE IE 107 -103.14 70.43 38.58
C PHE IE 107 -103.98 70.83 39.78
N ALA IE 108 -104.11 72.12 40.05
CA ALA IE 108 -104.83 72.57 41.24
C ALA IE 108 -106.30 72.16 41.16
N SER IE 109 -107.03 72.71 40.19
CA SER IE 109 -108.43 72.37 40.01
C SER IE 109 -108.62 71.07 39.23
N GLY IE 110 -107.59 70.57 38.57
CA GLY IE 110 -107.68 69.35 37.79
C GLY IE 110 -107.32 68.13 38.62
N ASN IE 111 -106.99 67.05 37.91
CA ASN IE 111 -106.62 65.81 38.55
C ASN IE 111 -105.23 65.34 38.12
N ALA IE 112 -104.38 66.26 37.67
CA ALA IE 112 -103.03 65.88 37.29
C ALA IE 112 -102.26 65.30 38.47
N GLY IE 113 -102.62 65.69 39.69
CA GLY IE 113 -101.95 65.15 40.86
C GLY IE 113 -102.13 63.66 40.99
N LEU IE 114 -103.35 63.17 40.73
CA LEU IE 114 -103.58 61.73 40.78
C LEU IE 114 -102.88 61.00 39.65
N GLY IE 115 -102.51 61.71 38.60
CA GLY IE 115 -101.86 61.12 37.45
C GLY IE 115 -102.68 61.07 36.19
N PHE IE 116 -103.73 61.89 36.08
CA PHE IE 116 -104.61 61.88 34.92
C PHE IE 116 -104.44 63.18 34.15
N LEU IE 117 -104.18 63.06 32.85
CA LEU IE 117 -104.03 64.21 31.96
C LEU IE 117 -105.33 64.37 31.18
N ASP IE 118 -106.17 65.28 31.63
CA ASP IE 118 -107.42 65.54 30.92
C ASP IE 118 -107.12 66.27 29.62
N PRO IE 119 -107.46 65.70 28.47
CA PRO IE 119 -107.15 66.34 27.18
C PRO IE 119 -108.14 67.40 26.73
N THR IE 120 -109.02 67.87 27.60
CA THR IE 120 -109.97 68.92 27.24
C THR IE 120 -109.91 70.12 28.20
N ALA IE 121 -108.91 70.20 29.05
CA ALA IE 121 -108.78 71.32 29.97
C ALA IE 121 -108.49 72.60 29.20
N ALA IE 122 -109.12 73.69 29.62
CA ALA IE 122 -108.90 74.97 28.97
C ALA IE 122 -107.48 75.47 29.24
N ILE IE 123 -106.78 75.82 28.16
CA ILE IE 123 -105.41 76.31 28.23
C ILE IE 123 -105.38 77.67 27.55
N VAL IE 124 -104.90 78.69 28.26
CA VAL IE 124 -104.94 80.06 27.80
C VAL IE 124 -103.51 80.54 27.57
N SER IE 125 -103.31 81.30 26.50
CA SER IE 125 -101.98 81.73 26.12
C SER IE 125 -101.64 83.08 26.78
N SER IE 126 -100.37 83.47 26.64
CA SER IE 126 -99.93 84.75 27.18
C SER IE 126 -100.60 85.90 26.45
N ASP IE 127 -100.71 85.82 25.13
CA ASP IE 127 -101.37 86.87 24.37
C ASP IE 127 -102.88 86.82 24.60
N THR IE 128 -103.53 87.92 24.23
CA THR IE 128 -104.96 88.10 24.48
C THR IE 128 -105.56 88.89 23.33
N THR IE 129 -106.79 88.54 22.96
CA THR IE 129 -107.55 89.27 21.94
C THR IE 129 -107.66 90.74 22.28
N ALA JE 1 -22.96 -127.68 78.10
CA ALA JE 1 -22.45 -127.87 76.74
C ALA JE 1 -22.50 -126.56 75.96
N ASN JE 2 -21.43 -126.28 75.23
CA ASN JE 2 -21.29 -125.04 74.48
C ASN JE 2 -21.39 -125.32 73.00
N LYS JE 3 -22.15 -124.50 72.30
CA LYS JE 3 -22.34 -124.70 70.86
C LYS JE 3 -21.05 -124.39 70.12
N PRO JE 4 -20.47 -125.35 69.41
CA PRO JE 4 -19.31 -125.03 68.57
C PRO JE 4 -19.71 -124.12 67.42
N MET JE 5 -18.80 -123.24 67.02
CA MET JE 5 -19.08 -122.37 65.90
C MET JE 5 -18.69 -123.04 64.60
N GLN JE 6 -19.34 -122.62 63.51
CA GLN JE 6 -18.96 -123.03 62.18
C GLN JE 6 -17.96 -122.05 61.62
N PRO JE 7 -16.78 -122.46 61.19
CA PRO JE 7 -15.86 -121.52 60.55
C PRO JE 7 -16.51 -120.91 59.31
N ILE JE 8 -16.25 -119.62 59.11
CA ILE JE 8 -16.89 -118.88 58.04
C ILE JE 8 -15.91 -118.42 56.97
N THR JE 9 -14.66 -118.13 57.34
CA THR JE 9 -13.68 -117.69 56.34
C THR JE 9 -12.35 -118.33 56.72
N SER JE 10 -12.08 -119.50 56.14
CA SER JE 10 -10.84 -120.23 56.39
C SER JE 10 -9.76 -119.70 55.47
N THR JE 11 -8.62 -119.35 56.05
CA THR JE 11 -7.49 -118.82 55.29
C THR JE 11 -6.23 -119.15 56.05
N ALA JE 12 -5.10 -119.09 55.34
CA ALA JE 12 -3.81 -119.31 55.98
C ALA JE 12 -3.46 -118.22 56.98
N ASN JE 13 -4.18 -117.10 56.98
CA ASN JE 13 -3.92 -116.00 57.91
C ASN JE 13 -5.06 -115.77 58.88
N LYS JE 14 -6.29 -115.63 58.39
CA LYS JE 14 -7.44 -115.33 59.22
C LYS JE 14 -8.47 -116.44 59.12
N ILE JE 15 -8.91 -116.94 60.26
CA ILE JE 15 -10.03 -117.87 60.34
C ILE JE 15 -11.03 -117.30 61.33
N VAL JE 16 -12.29 -117.18 60.90
CA VAL JE 16 -13.34 -116.63 61.75
C VAL JE 16 -14.37 -117.72 61.99
N TRP JE 17 -14.74 -117.89 63.25
CA TRP JE 17 -15.82 -118.78 63.63
C TRP JE 17 -17.00 -117.95 64.12
N SER JE 18 -18.21 -118.36 63.73
CA SER JE 18 -19.41 -117.68 64.15
C SER JE 18 -20.48 -118.70 64.48
N ASP JE 19 -21.34 -118.34 65.42
CA ASP JE 19 -22.36 -119.26 65.90
C ASP JE 19 -23.46 -119.42 64.86
N PRO JE 20 -23.77 -120.64 64.41
CA PRO JE 20 -24.87 -120.80 63.46
C PRO JE 20 -26.21 -120.29 63.98
N THR JE 21 -26.46 -120.42 65.29
CA THR JE 21 -27.73 -119.94 65.84
C THR JE 21 -27.83 -118.42 65.73
N ARG JE 22 -26.80 -117.70 66.17
CA ARG JE 22 -26.73 -116.26 66.03
C ARG JE 22 -25.40 -115.88 65.43
N LEU JE 23 -25.44 -115.25 64.26
CA LEU JE 23 -24.22 -114.97 63.51
C LEU JE 23 -23.43 -113.80 64.07
N SER JE 24 -24.03 -113.01 64.97
CA SER JE 24 -23.30 -111.89 65.56
C SER JE 24 -22.11 -112.37 66.37
N THR JE 25 -22.28 -113.45 67.13
CA THR JE 25 -21.18 -113.99 67.91
C THR JE 25 -20.08 -114.48 66.99
N THR JE 26 -18.86 -114.00 67.22
CA THR JE 26 -17.74 -114.33 66.36
C THR JE 26 -16.50 -114.58 67.21
N PHE JE 27 -15.53 -115.27 66.62
CA PHE JE 27 -14.22 -115.46 67.22
C PHE JE 27 -13.21 -115.57 66.08
N SER JE 28 -12.36 -114.55 65.92
CA SER JE 28 -11.43 -114.47 64.81
C SER JE 28 -10.01 -114.66 65.31
N ALA JE 29 -9.26 -115.53 64.64
CA ALA JE 29 -7.86 -115.75 64.94
C ALA JE 29 -7.03 -115.31 63.74
N SER JE 30 -6.08 -114.41 63.99
CA SER JE 30 -5.22 -113.89 62.94
C SER JE 30 -3.77 -113.96 63.39
N LEU JE 31 -2.90 -114.37 62.47
CA LEU JE 31 -1.48 -114.51 62.74
C LEU JE 31 -0.67 -113.72 61.72
N LEU JE 32 0.38 -113.08 62.21
CA LEU JE 32 1.32 -112.35 61.36
C LEU JE 32 2.71 -112.87 61.70
N ARG JE 33 3.25 -113.72 60.85
CA ARG JE 33 4.55 -114.32 61.06
C ARG JE 33 5.60 -113.41 60.41
N GLN JE 34 6.54 -112.93 61.21
CA GLN JE 34 7.59 -112.04 60.74
C GLN JE 34 8.92 -112.51 61.29
N ARG JE 35 9.97 -112.30 60.51
CA ARG JE 35 11.28 -112.90 60.76
C ARG JE 35 12.16 -111.83 61.40
N VAL JE 36 12.33 -111.93 62.73
CA VAL JE 36 13.00 -110.90 63.52
C VAL JE 36 14.47 -111.27 63.72
N LYS JE 37 15.32 -110.24 63.77
CA LYS JE 37 16.77 -110.40 63.90
C LYS JE 37 17.22 -109.93 65.27
N VAL JE 38 17.96 -110.80 65.96
CA VAL JE 38 18.60 -110.44 67.23
C VAL JE 38 20.11 -110.51 67.03
N GLY JE 39 20.86 -110.20 68.07
CA GLY JE 39 22.32 -110.21 67.99
C GLY JE 39 22.89 -111.48 67.39
N ILE JE 40 23.49 -111.36 66.20
CA ILE JE 40 24.11 -112.42 65.41
C ILE JE 40 23.31 -113.72 65.53
N ALA JE 41 21.99 -113.60 65.48
CA ALA JE 41 21.10 -114.76 65.49
C ALA JE 41 19.77 -114.33 64.90
N GLU JE 42 19.07 -115.29 64.32
CA GLU JE 42 17.82 -114.98 63.64
C GLU JE 42 16.69 -115.78 64.26
N LEU JE 43 15.57 -115.12 64.52
CA LEU JE 43 14.44 -115.73 65.18
C LEU JE 43 13.18 -115.53 64.33
N ASN JE 44 12.25 -116.48 64.44
CA ASN JE 44 10.96 -116.39 63.77
C ASN JE 44 9.94 -115.91 64.79
N ASN JE 45 9.49 -114.67 64.63
CA ASN JE 45 8.53 -114.08 65.53
C ASN JE 45 7.12 -114.30 65.01
N VAL JE 46 6.22 -114.68 65.91
CA VAL JE 46 4.82 -114.94 65.58
C VAL JE 46 3.94 -114.05 66.44
N SER JE 47 3.04 -113.32 65.80
CA SER JE 47 2.12 -112.42 66.48
C SER JE 47 0.70 -112.92 66.24
N GLY JE 48 0.12 -113.59 67.25
CA GLY JE 48 -1.21 -114.12 67.14
C GLY JE 48 -2.23 -113.16 67.73
N GLN JE 49 -3.24 -112.84 66.93
CA GLN JE 49 -4.31 -111.93 67.34
C GLN JE 49 -5.61 -112.71 67.42
N TYR JE 50 -6.26 -112.64 68.58
CA TYR JE 50 -7.52 -113.34 68.82
C TYR JE 50 -8.56 -112.34 69.30
N VAL JE 51 -9.73 -112.35 68.65
CA VAL JE 51 -10.79 -111.42 68.94
C VAL JE 51 -12.08 -112.20 69.19
N SER JE 52 -12.76 -111.90 70.29
CA SER JE 52 -14.06 -112.47 70.59
C SER JE 52 -15.07 -111.34 70.73
N VAL JE 53 -16.17 -111.44 69.99
CA VAL JE 53 -17.14 -110.36 69.89
C VAL JE 53 -18.53 -110.91 70.15
N TYR JE 54 -19.33 -110.17 70.92
CA TYR JE 54 -20.72 -110.51 71.16
C TYR JE 54 -21.56 -109.25 71.13
N LYS JE 55 -22.70 -109.32 70.43
CA LYS JE 55 -23.68 -108.24 70.41
C LYS JE 55 -24.66 -108.48 71.55
N ARG JE 56 -24.35 -107.91 72.71
CA ARG JE 56 -25.16 -108.14 73.90
C ARG JE 56 -26.24 -107.08 73.98
N PRO JE 57 -27.51 -107.45 74.06
CA PRO JE 57 -28.57 -106.45 74.23
C PRO JE 57 -28.43 -105.72 75.55
N ALA JE 58 -28.82 -104.46 75.56
CA ALA JE 58 -28.76 -103.67 76.78
C ALA JE 58 -29.70 -104.27 77.81
N PRO JE 59 -29.31 -104.29 79.09
CA PRO JE 59 -30.16 -104.93 80.10
C PRO JE 59 -31.48 -104.19 80.26
N LYS JE 60 -32.54 -104.94 80.47
CA LYS JE 60 -33.86 -104.36 80.61
C LYS JE 60 -34.09 -103.96 82.06
N PRO JE 61 -34.50 -102.71 82.32
CA PRO JE 61 -34.57 -102.21 83.70
C PRO JE 61 -35.23 -103.15 84.69
N GLU JE 62 -34.44 -103.65 85.64
CA GLU JE 62 -34.87 -104.39 86.83
C GLU JE 62 -35.75 -105.59 86.50
N GLY JE 63 -35.86 -105.93 85.22
CA GLY JE 63 -36.72 -107.03 84.81
C GLY JE 63 -38.08 -106.57 84.32
N CYS JE 64 -38.15 -105.33 83.83
CA CYS JE 64 -39.38 -104.81 83.25
C CYS JE 64 -39.52 -105.31 81.81
N ALA JE 65 -39.86 -106.58 81.69
CA ALA JE 65 -39.96 -107.23 80.39
C ALA JE 65 -41.20 -106.76 79.65
N ASP JE 66 -41.12 -105.60 79.01
CA ASP JE 66 -42.23 -105.05 78.23
C ASP JE 66 -42.31 -105.82 76.91
N ALA JE 67 -42.76 -107.07 77.00
CA ALA JE 67 -42.84 -107.95 75.86
C ALA JE 67 -41.53 -107.99 75.10
N CYS JE 68 -41.59 -107.84 73.79
CA CYS JE 68 -40.40 -107.83 72.94
C CYS JE 68 -40.40 -106.55 72.10
N VAL JE 69 -39.83 -105.50 72.67
CA VAL JE 69 -39.61 -104.27 71.90
C VAL JE 69 -38.22 -104.27 71.28
N ILE JE 70 -37.30 -105.09 71.78
CA ILE JE 70 -35.95 -105.25 71.27
C ILE JE 70 -35.20 -103.93 71.36
N MET JE 71 -34.49 -103.73 72.46
CA MET JE 71 -33.63 -102.58 72.62
C MET JE 71 -32.34 -102.78 71.84
N PRO JE 72 -31.69 -101.70 71.42
CA PRO JE 72 -30.43 -101.86 70.68
C PRO JE 72 -29.38 -102.52 71.56
N ASN JE 73 -28.57 -103.35 70.92
CA ASN JE 73 -27.56 -104.15 71.60
C ASN JE 73 -26.21 -103.45 71.57
N GLU JE 74 -25.46 -103.59 72.65
CA GLU JE 74 -24.13 -103.03 72.76
C GLU JE 74 -23.08 -104.07 72.42
N ASN JE 75 -21.83 -103.62 72.33
CA ASN JE 75 -20.73 -104.45 71.85
C ASN JE 75 -19.89 -104.93 73.02
N GLN JE 76 -19.59 -106.21 73.05
CA GLN JE 76 -18.68 -106.81 74.02
C GLN JE 76 -17.53 -107.45 73.25
N SER JE 77 -16.42 -106.73 73.16
CA SER JE 77 -15.26 -107.19 72.41
C SER JE 77 -14.12 -107.51 73.37
N ILE JE 78 -13.49 -108.67 73.17
CA ILE JE 78 -12.39 -109.12 74.00
C ILE JE 78 -11.27 -109.53 73.07
N ARG JE 79 -10.23 -108.69 72.99
CA ARG JE 79 -9.16 -108.85 72.02
C ARG JE 79 -7.85 -109.09 72.76
N THR JE 80 -7.11 -110.10 72.32
CA THR JE 80 -5.82 -110.43 72.92
C THR JE 80 -4.79 -110.65 71.82
N VAL JE 81 -3.53 -110.37 72.16
CA VAL JE 81 -2.43 -110.48 71.22
C VAL JE 81 -1.28 -111.21 71.91
N ILE JE 82 -0.77 -112.26 71.27
CA ILE JE 82 0.37 -113.02 71.77
C ILE JE 82 1.51 -112.81 70.79
N SER JE 83 2.62 -112.28 71.27
CA SER JE 83 3.80 -112.02 70.44
C SER JE 83 5.02 -112.64 71.10
N GLY JE 84 5.83 -113.33 70.30
CA GLY JE 84 7.03 -113.95 70.82
C GLY JE 84 7.67 -114.82 69.77
N SER JE 85 8.94 -115.14 70.00
CA SER JE 85 9.68 -115.99 69.09
C SER JE 85 9.10 -117.41 69.11
N ALA JE 86 8.96 -117.99 67.93
CA ALA JE 86 8.46 -119.35 67.82
C ALA JE 86 9.42 -120.37 68.40
N GLU JE 87 10.68 -120.02 68.59
CA GLU JE 87 11.67 -120.93 69.14
C GLU JE 87 11.69 -120.93 70.66
N ASN JE 88 10.87 -120.10 71.30
CA ASN JE 88 10.71 -120.11 72.74
C ASN JE 88 9.27 -120.36 73.15
N LEU JE 89 8.53 -121.11 72.34
CA LEU JE 89 7.12 -121.35 72.60
C LEU JE 89 6.91 -122.10 73.92
N ALA JE 90 7.89 -122.88 74.34
CA ALA JE 90 7.73 -123.68 75.56
C ALA JE 90 7.51 -122.79 76.77
N THR JE 91 8.27 -121.71 76.88
CA THR JE 91 8.10 -120.80 77.99
C THR JE 91 7.02 -119.75 77.73
N LEU JE 92 6.70 -119.50 76.46
CA LEU JE 92 5.64 -118.55 76.15
C LEU JE 92 4.31 -119.04 76.69
N LYS JE 93 4.09 -120.36 76.69
CA LYS JE 93 2.86 -120.90 77.26
C LYS JE 93 2.77 -120.61 78.75
N ALA JE 94 3.91 -120.69 79.45
CA ALA JE 94 3.93 -120.33 80.86
C ALA JE 94 3.57 -118.86 81.04
N GLU JE 95 4.09 -117.99 80.17
CA GLU JE 95 3.68 -116.59 80.18
C GLU JE 95 2.18 -116.46 79.96
N TRP JE 96 1.63 -117.23 79.02
CA TRP JE 96 0.20 -117.15 78.75
C TRP JE 96 -0.61 -117.54 79.97
N GLU JE 97 -0.24 -118.65 80.62
CA GLU JE 97 -0.99 -119.09 81.79
C GLU JE 97 -0.89 -118.09 82.93
N THR JE 98 0.31 -117.54 83.15
CA THR JE 98 0.48 -116.54 84.18
C THR JE 98 -0.34 -115.28 83.87
N HIS JE 99 -0.35 -114.87 82.60
CA HIS JE 99 -1.15 -113.73 82.20
C HIS JE 99 -2.62 -113.93 82.54
N LYS JE 100 -3.09 -115.18 82.50
CA LYS JE 100 -4.46 -115.46 82.92
C LYS JE 100 -4.66 -115.11 84.39
N ARG JE 101 -3.76 -115.57 85.25
CA ARG JE 101 -3.93 -115.39 86.69
C ARG JE 101 -3.94 -113.91 87.06
N ASN JE 102 -3.00 -113.14 86.51
CA ASN JE 102 -2.93 -111.73 86.85
C ASN JE 102 -4.18 -110.99 86.41
N VAL JE 103 -4.66 -111.26 85.20
CA VAL JE 103 -5.89 -110.63 84.73
C VAL JE 103 -7.07 -111.10 85.58
N ASP JE 104 -7.11 -112.39 85.89
CA ASP JE 104 -8.22 -112.92 86.67
C ASP JE 104 -8.28 -112.26 88.04
N THR JE 105 -7.13 -112.04 88.68
CA THR JE 105 -7.11 -111.41 89.98
C THR JE 105 -7.70 -110.01 89.92
N LEU JE 106 -7.30 -109.22 88.93
CA LEU JE 106 -7.82 -107.87 88.80
C LEU JE 106 -9.27 -107.88 88.34
N PHE JE 107 -9.58 -108.66 87.31
CA PHE JE 107 -10.84 -108.56 86.61
C PHE JE 107 -11.84 -109.64 87.04
N ALA JE 108 -11.47 -110.92 86.90
CA ALA JE 108 -12.41 -111.98 87.24
C ALA JE 108 -12.75 -111.98 88.73
N SER JE 109 -11.73 -111.80 89.58
CA SER JE 109 -11.96 -111.77 91.02
C SER JE 109 -12.28 -110.38 91.51
N GLY JE 110 -11.41 -109.41 91.21
CA GLY JE 110 -11.64 -108.05 91.63
C GLY JE 110 -12.67 -107.36 90.77
N ASN JE 111 -12.90 -106.08 91.09
CA ASN JE 111 -13.88 -105.26 90.40
C ASN JE 111 -13.25 -104.30 89.38
N ALA JE 112 -12.15 -104.71 88.75
CA ALA JE 112 -11.51 -103.85 87.76
C ALA JE 112 -12.43 -103.54 86.60
N GLY JE 113 -13.28 -104.49 86.21
CA GLY JE 113 -14.17 -104.25 85.10
C GLY JE 113 -15.12 -103.09 85.34
N LEU JE 114 -15.50 -102.89 86.60
CA LEU JE 114 -16.35 -101.75 86.93
C LEU JE 114 -15.63 -100.42 86.71
N GLY JE 115 -14.31 -100.40 86.92
CA GLY JE 115 -13.54 -99.19 86.72
C GLY JE 115 -12.60 -98.86 87.85
N PHE JE 116 -12.43 -99.80 88.78
CA PHE JE 116 -11.60 -99.58 89.95
C PHE JE 116 -10.31 -100.38 89.84
N LEU JE 117 -9.19 -99.71 90.02
CA LEU JE 117 -7.89 -100.38 90.07
C LEU JE 117 -7.45 -100.54 91.52
N ASP JE 118 -7.01 -101.73 91.86
CA ASP JE 118 -6.60 -102.03 93.24
C ASP JE 118 -5.09 -102.07 93.32
N PRO JE 119 -4.44 -101.07 93.89
CA PRO JE 119 -2.97 -101.08 93.98
C PRO JE 119 -2.42 -102.25 94.77
N THR JE 120 -3.15 -102.74 95.76
CA THR JE 120 -2.64 -103.80 96.62
C THR JE 120 -3.02 -105.20 96.13
N ALA JE 121 -3.63 -105.31 94.95
CA ALA JE 121 -3.99 -106.62 94.42
C ALA JE 121 -2.76 -107.50 94.28
N ALA JE 122 -2.90 -108.75 94.72
CA ALA JE 122 -1.77 -109.68 94.79
C ALA JE 122 -1.60 -110.36 93.44
N ILE JE 123 -0.57 -109.97 92.70
CA ILE JE 123 -0.23 -110.58 91.42
C ILE JE 123 1.21 -111.05 91.49
N VAL JE 124 1.61 -111.86 90.50
CA VAL JE 124 2.91 -112.50 90.48
C VAL JE 124 3.50 -112.40 89.08
N SER JE 125 4.72 -112.88 88.95
CA SER JE 125 5.39 -113.04 87.67
C SER JE 125 5.54 -114.52 87.35
N SER JE 126 5.87 -114.80 86.08
CA SER JE 126 5.91 -116.19 85.63
C SER JE 126 7.02 -116.97 86.32
N ASP JE 127 8.20 -116.37 86.46
CA ASP JE 127 9.33 -117.09 87.03
C ASP JE 127 9.03 -117.48 88.47
N THR JE 128 9.28 -118.74 88.79
CA THR JE 128 8.94 -119.29 90.09
C THR JE 128 10.12 -119.12 91.06
N THR JE 129 10.01 -119.73 92.23
CA THR JE 129 11.05 -119.66 93.24
C THR JE 129 11.52 -121.06 93.63
N ALA KE 1 13.80 -141.77 59.49
CA ALA KE 1 12.77 -141.07 58.74
C ALA KE 1 13.14 -139.61 58.55
N ASN KE 2 12.14 -138.78 58.27
CA ASN KE 2 12.35 -137.35 58.08
C ASN KE 2 11.19 -136.59 58.69
N LYS KE 3 11.48 -135.38 59.16
CA LYS KE 3 10.43 -134.58 59.76
C LYS KE 3 9.48 -134.09 58.67
N PRO KE 4 8.20 -134.41 58.76
CA PRO KE 4 7.25 -133.87 57.79
C PRO KE 4 7.03 -132.38 58.02
N MET KE 5 6.67 -131.68 56.95
CA MET KE 5 6.30 -130.28 57.04
C MET KE 5 4.78 -130.16 56.95
N GLN KE 6 4.28 -129.03 57.43
CA GLN KE 6 2.87 -128.73 57.25
C GLN KE 6 2.72 -127.47 56.41
N PRO KE 7 1.66 -127.37 55.61
CA PRO KE 7 1.47 -126.17 54.78
C PRO KE 7 1.32 -124.94 55.66
N ILE KE 8 1.87 -123.82 55.17
CA ILE KE 8 1.79 -122.57 55.91
C ILE KE 8 0.79 -121.67 55.23
N THR KE 9 1.05 -121.31 53.98
CA THR KE 9 0.18 -120.47 53.19
C THR KE 9 -0.38 -121.30 52.04
N SER KE 10 -1.69 -121.37 51.93
CA SER KE 10 -2.35 -122.08 50.84
C SER KE 10 -3.00 -121.03 49.94
N THR KE 11 -2.21 -120.48 49.03
CA THR KE 11 -2.69 -119.53 48.05
C THR KE 11 -3.32 -120.30 46.89
N ALA KE 12 -4.04 -119.58 46.03
CA ALA KE 12 -4.70 -120.22 44.89
C ALA KE 12 -3.71 -120.98 44.01
N ASN KE 13 -2.47 -120.51 43.93
CA ASN KE 13 -1.48 -121.16 43.07
C ASN KE 13 -0.19 -121.47 43.80
N LYS KE 14 -0.01 -120.89 44.99
CA LYS KE 14 1.19 -121.10 45.79
C LYS KE 14 0.85 -121.82 47.09
N ILE KE 15 1.68 -122.77 47.47
CA ILE KE 15 1.59 -123.41 48.77
C ILE KE 15 3.00 -123.61 49.30
N VAL KE 16 3.21 -123.30 50.57
CA VAL KE 16 4.52 -123.37 51.19
C VAL KE 16 4.46 -124.29 52.39
N TRP KE 17 5.41 -125.21 52.49
CA TRP KE 17 5.57 -126.04 53.67
C TRP KE 17 6.70 -125.50 54.52
N SER KE 18 6.67 -125.85 55.81
CA SER KE 18 7.73 -125.45 56.72
C SER KE 18 7.77 -126.42 57.89
N ASP KE 19 8.96 -126.72 58.36
CA ASP KE 19 9.13 -127.69 59.42
C ASP KE 19 8.79 -127.08 60.76
N PRO KE 20 7.89 -127.68 61.55
CA PRO KE 20 7.57 -127.10 62.85
C PRO KE 20 8.77 -126.95 63.77
N THR KE 21 9.68 -127.92 63.78
CA THR KE 21 10.82 -127.84 64.68
C THR KE 21 11.79 -126.74 64.25
N ARG KE 22 12.06 -126.64 62.95
CA ARG KE 22 12.96 -125.62 62.40
C ARG KE 22 12.19 -124.86 61.32
N LEU KE 23 11.75 -123.65 61.65
CA LEU KE 23 10.95 -122.88 60.70
C LEU KE 23 11.78 -122.30 59.58
N SER KE 24 13.11 -122.32 59.70
CA SER KE 24 13.95 -121.76 58.65
C SER KE 24 13.81 -122.53 57.36
N THR KE 25 13.83 -123.87 57.44
CA THR KE 25 13.72 -124.69 56.25
C THR KE 25 12.29 -124.68 55.73
N THR KE 26 12.15 -124.54 54.41
CA THR KE 26 10.84 -124.48 53.78
C THR KE 26 10.89 -125.22 52.45
N PHE KE 27 9.71 -125.49 51.91
CA PHE KE 27 9.58 -126.08 50.58
C PHE KE 27 8.33 -125.49 49.93
N SER KE 28 8.51 -124.66 48.93
CA SER KE 28 7.41 -123.99 48.26
C SER KE 28 7.18 -124.60 46.88
N ALA KE 29 5.94 -124.53 46.42
CA ALA KE 29 5.56 -125.03 45.11
C ALA KE 29 4.50 -124.11 44.53
N SER KE 30 4.89 -123.30 43.55
CA SER KE 30 3.98 -122.34 42.93
C SER KE 30 3.95 -122.60 41.43
N LEU KE 31 2.78 -122.93 40.92
CA LEU KE 31 2.61 -123.25 39.51
C LEU KE 31 1.48 -122.40 38.92
N LEU KE 32 1.65 -122.03 37.65
CA LEU KE 32 0.68 -121.21 36.96
C LEU KE 32 0.77 -121.50 35.47
N ARG KE 33 -0.38 -121.49 34.80
CA ARG KE 33 -0.52 -122.02 33.45
C ARG KE 33 -1.39 -121.05 32.65
N GLN KE 34 -1.28 -121.15 31.32
CA GLN KE 34 -2.15 -120.41 30.42
C GLN KE 34 -2.47 -121.25 29.19
N ARG KE 35 -3.35 -120.73 28.35
CA ARG KE 35 -3.95 -121.45 27.23
C ARG KE 35 -3.38 -120.90 25.93
N VAL KE 36 -2.70 -121.75 25.16
CA VAL KE 36 -1.79 -121.31 24.11
C VAL KE 36 -2.06 -122.04 22.80
N LYS KE 37 -1.87 -121.33 21.68
CA LYS KE 37 -1.73 -121.90 20.36
C LYS KE 37 -0.33 -122.46 20.16
N VAL KE 38 -0.23 -123.76 19.92
CA VAL KE 38 0.96 -124.31 19.27
C VAL KE 38 0.79 -124.27 17.77
N GLY KE 39 -0.23 -124.96 17.27
CA GLY KE 39 -0.70 -124.80 15.92
C GLY KE 39 -2.03 -125.48 15.74
N ILE KE 40 -3.01 -124.75 15.22
CA ILE KE 40 -4.39 -125.21 14.97
C ILE KE 40 -4.89 -126.08 16.12
N ALA KE 41 -4.39 -125.84 17.33
CA ALA KE 41 -4.72 -126.70 18.46
C ALA KE 41 -4.46 -125.95 19.75
N GLU KE 42 -5.39 -126.05 20.70
CA GLU KE 42 -5.20 -125.48 22.02
C GLU KE 42 -4.37 -126.40 22.90
N LEU KE 43 -3.36 -125.82 23.54
CA LEU KE 43 -2.54 -126.55 24.50
C LEU KE 43 -2.57 -125.82 25.83
N ASN KE 44 -2.43 -126.58 26.91
CA ASN KE 44 -2.36 -126.03 28.25
C ASN KE 44 -1.04 -126.45 28.88
N ASN KE 45 -0.12 -125.49 29.00
CA ASN KE 45 1.20 -125.74 29.53
C ASN KE 45 1.30 -125.22 30.95
N VAL KE 46 1.77 -126.07 31.85
CA VAL KE 46 1.85 -125.77 33.27
C VAL KE 46 3.32 -125.63 33.64
N SER KE 47 3.65 -124.52 34.31
CA SER KE 47 5.02 -124.25 34.72
C SER KE 47 5.04 -123.94 36.21
N GLY KE 48 5.69 -124.80 36.99
CA GLY KE 48 5.72 -124.61 38.43
C GLY KE 48 7.09 -124.65 39.06
N GLN KE 49 7.42 -123.63 39.84
CA GLN KE 49 8.66 -123.66 40.62
C GLN KE 49 8.53 -124.66 41.75
N TYR KE 50 9.65 -125.24 42.15
CA TYR KE 50 9.74 -126.08 43.33
C TYR KE 50 11.00 -125.66 44.07
N VAL KE 51 10.83 -124.88 45.13
CA VAL KE 51 11.93 -124.22 45.80
C VAL KE 51 12.12 -124.87 47.16
N SER KE 52 13.33 -125.36 47.41
CA SER KE 52 13.71 -125.90 48.70
C SER KE 52 14.79 -124.99 49.29
N VAL KE 53 14.55 -124.49 50.49
CA VAL KE 53 15.44 -123.53 51.13
C VAL KE 53 15.84 -124.09 52.49
N TYR KE 54 17.14 -124.07 52.77
CA TYR KE 54 17.67 -124.47 54.06
C TYR KE 54 18.66 -123.43 54.54
N LYS KE 55 18.56 -123.08 55.81
CA LYS KE 55 19.52 -122.16 56.44
C LYS KE 55 20.51 -123.02 57.21
N ARG KE 56 21.45 -123.58 56.50
CA ARG KE 56 22.47 -124.46 57.05
C ARG KE 56 23.58 -123.64 57.69
N PRO KE 57 23.97 -123.93 58.92
CA PRO KE 57 25.05 -123.17 59.55
C PRO KE 57 26.37 -123.37 58.83
N ALA KE 58 27.22 -122.35 58.90
CA ALA KE 58 28.53 -122.43 58.28
C ALA KE 58 29.33 -123.56 58.92
N PRO KE 59 30.20 -124.22 58.16
CA PRO KE 59 30.95 -125.35 58.70
C PRO KE 59 31.96 -124.89 59.72
N LYS KE 60 31.74 -125.30 60.97
CA LYS KE 60 32.69 -125.01 62.03
C LYS KE 60 34.03 -125.69 61.74
N PRO KE 61 35.13 -125.08 62.14
CA PRO KE 61 36.44 -125.63 61.80
C PRO KE 61 36.66 -127.00 62.43
N GLU KE 62 37.73 -127.66 62.00
CA GLU KE 62 38.00 -129.02 62.45
C GLU KE 62 38.32 -129.05 63.94
N GLY KE 63 37.95 -130.17 64.58
CA GLY KE 63 38.13 -130.33 66.01
C GLY KE 63 37.32 -129.38 66.84
N CYS KE 64 36.04 -129.22 66.50
CA CYS KE 64 35.19 -128.24 67.17
C CYS KE 64 33.84 -128.83 67.58
N ALA KE 65 33.74 -130.16 67.61
CA ALA KE 65 32.51 -130.80 68.03
C ALA KE 65 32.16 -130.40 69.46
N ASP KE 66 33.16 -130.37 70.33
CA ASP KE 66 32.97 -130.03 71.73
C ASP KE 66 32.46 -128.61 71.95
N ALA KE 67 33.14 -127.63 71.37
CA ALA KE 67 32.78 -126.24 71.61
C ALA KE 67 31.53 -125.86 70.82
N CYS KE 68 30.64 -125.11 71.48
CA CYS KE 68 29.42 -124.64 70.83
C CYS KE 68 29.63 -123.21 70.35
N VAL KE 69 30.52 -123.08 69.38
CA VAL KE 69 30.71 -121.82 68.68
C VAL KE 69 29.61 -121.66 67.64
N ILE KE 70 28.96 -120.50 67.65
CA ILE KE 70 27.77 -120.27 66.84
C ILE KE 70 28.22 -119.77 65.48
N MET KE 71 28.31 -120.68 64.51
CA MET KE 71 28.56 -120.28 63.14
C MET KE 71 27.30 -119.70 62.51
N PRO KE 72 27.44 -118.61 61.75
CA PRO KE 72 26.28 -118.06 61.05
C PRO KE 72 25.81 -119.00 59.94
N ASN KE 73 24.56 -118.81 59.54
CA ASN KE 73 23.92 -119.65 58.55
C ASN KE 73 24.10 -119.07 57.16
N GLU KE 74 24.26 -119.95 56.18
CA GLU KE 74 24.22 -119.56 54.78
C GLU KE 74 22.90 -120.04 54.18
N ASN KE 75 22.70 -119.74 52.90
CA ASN KE 75 21.43 -120.00 52.23
C ASN KE 75 21.64 -121.14 51.23
N GLN KE 76 21.32 -122.36 51.65
CA GLN KE 76 21.30 -123.49 50.74
C GLN KE 76 19.96 -123.50 50.02
N SER KE 77 19.97 -123.31 48.71
CA SER KE 77 18.75 -123.17 47.93
C SER KE 77 18.79 -124.07 46.71
N ILE KE 78 17.66 -124.69 46.40
CA ILE KE 78 17.47 -125.47 45.19
C ILE KE 78 16.15 -125.06 44.57
N ARG KE 79 16.19 -124.66 43.30
CA ARG KE 79 15.00 -124.24 42.58
C ARG KE 79 14.85 -125.06 41.31
N THR KE 80 13.62 -125.46 41.01
CA THR KE 80 13.34 -126.27 39.83
C THR KE 80 12.03 -125.82 39.21
N VAL KE 81 12.02 -125.73 37.89
CA VAL KE 81 10.81 -125.37 37.14
C VAL KE 81 10.60 -126.40 36.04
N ILE KE 82 9.36 -126.85 35.90
CA ILE KE 82 8.99 -127.82 34.87
C ILE KE 82 7.95 -127.16 33.98
N SER KE 83 8.28 -126.99 32.71
CA SER KE 83 7.41 -126.35 31.74
C SER KE 83 7.03 -127.36 30.67
N GLY KE 84 5.74 -127.49 30.40
CA GLY KE 84 5.29 -128.40 29.36
C GLY KE 84 3.78 -128.47 29.34
N SER KE 85 3.25 -128.89 28.20
CA SER KE 85 1.81 -129.00 28.02
C SER KE 85 1.27 -130.18 28.80
N ALA KE 86 0.15 -129.99 29.48
CA ALA KE 86 -0.47 -131.09 30.21
C ALA KE 86 -0.97 -132.17 29.27
N GLU KE 87 -1.25 -131.81 28.02
CA GLU KE 87 -1.79 -132.77 27.07
C GLU KE 87 -0.81 -133.90 26.77
N ASN KE 88 0.48 -133.66 26.88
CA ASN KE 88 1.49 -134.70 26.71
C ASN KE 88 2.33 -134.85 27.98
N LEU KE 89 1.68 -134.78 29.15
CA LEU KE 89 2.38 -134.88 30.41
C LEU KE 89 3.07 -136.23 30.58
N ALA KE 90 2.58 -137.27 29.92
CA ALA KE 90 3.12 -138.61 30.13
C ALA KE 90 4.60 -138.65 29.80
N THR KE 91 5.00 -138.04 28.69
CA THR KE 91 6.41 -138.03 28.33
C THR KE 91 7.21 -137.06 29.18
N LEU KE 92 6.55 -136.05 29.76
CA LEU KE 92 7.26 -135.09 30.58
C LEU KE 92 7.86 -135.75 31.82
N LYS KE 93 7.16 -136.74 32.38
CA LYS KE 93 7.71 -137.49 33.50
C LYS KE 93 8.99 -138.21 33.09
N ALA KE 94 9.00 -138.75 31.87
CA ALA KE 94 10.23 -139.36 31.36
C ALA KE 94 11.35 -138.34 31.26
N GLU KE 95 11.02 -137.12 30.80
CA GLU KE 95 12.00 -136.05 30.81
C GLU KE 95 12.50 -135.77 32.23
N TRP KE 96 11.59 -135.71 33.19
CA TRP KE 96 11.99 -135.41 34.56
C TRP KE 96 12.92 -136.50 35.10
N GLU KE 97 12.64 -137.76 34.78
CA GLU KE 97 13.52 -138.84 35.21
C GLU KE 97 14.90 -138.68 34.61
N THR KE 98 14.97 -138.38 33.31
CA THR KE 98 16.28 -138.24 32.66
C THR KE 98 17.03 -137.05 33.21
N HIS KE 99 16.35 -135.92 33.40
CA HIS KE 99 17.00 -134.73 33.95
C HIS KE 99 17.59 -135.01 35.32
N LYS KE 100 16.93 -135.89 36.10
CA LYS KE 100 17.47 -136.27 37.39
C LYS KE 100 18.79 -137.00 37.23
N ARG KE 101 18.85 -137.95 36.30
CA ARG KE 101 20.06 -138.75 36.13
C ARG KE 101 21.22 -137.90 35.62
N ASN KE 102 20.94 -136.98 34.69
CA ASN KE 102 22.01 -136.16 34.12
C ASN KE 102 22.67 -135.31 35.19
N VAL KE 103 21.87 -134.64 36.03
CA VAL KE 103 22.43 -133.80 37.07
C VAL KE 103 23.24 -134.63 38.05
N ASP KE 104 22.77 -135.85 38.34
CA ASP KE 104 23.45 -136.69 39.32
C ASP KE 104 24.88 -136.99 38.89
N THR KE 105 25.09 -137.26 37.60
CA THR KE 105 26.44 -137.53 37.12
C THR KE 105 27.34 -136.32 37.31
N LEU KE 106 26.84 -135.13 36.96
CA LEU KE 106 27.65 -133.93 37.12
C LEU KE 106 27.80 -133.55 38.57
N PHE KE 107 26.69 -133.54 39.33
CA PHE KE 107 26.68 -132.97 40.67
C PHE KE 107 26.80 -134.02 41.76
N ALA KE 108 25.89 -135.00 41.78
CA ALA KE 108 25.91 -136.00 42.85
C ALA KE 108 27.15 -136.87 42.76
N SER KE 109 27.45 -137.37 41.57
CA SER KE 109 28.63 -138.21 41.38
C SER KE 109 29.87 -137.38 41.10
N GLY KE 110 29.79 -136.46 40.15
CA GLY KE 110 30.91 -135.61 39.82
C GLY KE 110 31.12 -134.52 40.85
N ASN KE 111 32.13 -133.69 40.61
CA ASN KE 111 32.48 -132.61 41.50
C ASN KE 111 32.10 -131.25 40.93
N ALA KE 112 31.00 -131.20 40.18
CA ALA KE 112 30.51 -129.91 39.69
C ALA KE 112 30.05 -129.03 40.84
N GLY KE 113 29.74 -129.63 42.00
CA GLY KE 113 29.43 -128.82 43.16
C GLY KE 113 30.59 -127.97 43.60
N LEU KE 114 31.82 -128.47 43.42
CA LEU KE 114 33.00 -127.68 43.74
C LEU KE 114 33.08 -126.45 42.83
N GLY KE 115 32.76 -126.60 41.56
CA GLY KE 115 32.90 -125.54 40.59
C GLY KE 115 33.69 -125.99 39.38
N PHE KE 116 33.81 -127.30 39.21
CA PHE KE 116 34.60 -127.89 38.13
C PHE KE 116 33.66 -128.45 37.07
N LEU KE 117 33.96 -128.19 35.81
CA LEU KE 117 33.22 -128.76 34.70
C LEU KE 117 33.94 -130.00 34.20
N ASP KE 118 33.16 -131.03 33.84
CA ASP KE 118 33.71 -132.31 33.42
C ASP KE 118 33.18 -132.61 32.02
N PRO KE 119 33.87 -132.17 30.97
CA PRO KE 119 33.34 -132.35 29.60
C PRO KE 119 33.18 -133.79 29.18
N THR KE 120 33.87 -134.73 29.81
CA THR KE 120 33.78 -136.13 29.42
C THR KE 120 32.74 -136.91 30.21
N ALA KE 121 31.93 -136.23 31.02
CA ALA KE 121 30.88 -136.92 31.76
C ALA KE 121 29.85 -137.51 30.81
N ALA KE 122 29.30 -138.66 31.20
CA ALA KE 122 28.35 -139.39 30.38
C ALA KE 122 26.95 -138.83 30.58
N ILE KE 123 26.40 -138.18 29.55
CA ILE KE 123 25.07 -137.61 29.58
C ILE KE 123 24.18 -138.43 28.66
N VAL KE 124 23.07 -138.92 29.20
CA VAL KE 124 22.19 -139.83 28.48
C VAL KE 124 20.86 -139.14 28.22
N SER KE 125 20.25 -139.45 27.09
CA SER KE 125 19.05 -138.77 26.65
C SER KE 125 17.79 -139.49 27.12
N SER KE 126 16.67 -138.79 27.04
CA SER KE 126 15.41 -139.35 27.52
C SER KE 126 14.99 -140.57 26.71
N ASP KE 127 14.96 -140.42 25.39
CA ASP KE 127 14.55 -141.53 24.54
C ASP KE 127 15.58 -142.66 24.59
N THR KE 128 15.10 -143.88 24.40
CA THR KE 128 15.93 -145.06 24.50
C THR KE 128 16.17 -145.66 23.12
N THR KE 129 17.24 -146.43 23.01
CA THR KE 129 17.60 -147.07 21.75
C THR KE 129 16.65 -148.22 21.43
N ALA LE 1 -18.60 -145.30 38.55
CA ALA LE 1 -18.81 -144.03 39.23
C ALA LE 1 -18.52 -142.86 38.29
N ASN LE 2 -17.99 -141.77 38.86
CA ASN LE 2 -17.70 -140.58 38.09
C ASN LE 2 -16.36 -140.01 38.51
N LYS LE 3 -15.73 -139.28 37.60
CA LYS LE 3 -14.47 -138.63 37.90
C LYS LE 3 -14.70 -137.49 38.88
N PRO LE 4 -13.99 -137.45 40.00
CA PRO LE 4 -14.09 -136.29 40.89
C PRO LE 4 -13.07 -135.23 40.55
N MET LE 5 -13.47 -133.96 40.53
CA MET LE 5 -12.50 -132.91 40.30
C MET LE 5 -11.74 -132.62 41.60
N GLN LE 6 -10.73 -131.78 41.49
CA GLN LE 6 -10.02 -131.24 42.63
C GLN LE 6 -10.10 -129.72 42.53
N PRO LE 7 -9.98 -129.01 43.64
CA PRO LE 7 -9.97 -127.55 43.57
C PRO LE 7 -8.75 -127.06 42.82
N ILE LE 8 -8.94 -125.94 42.10
CA ILE LE 8 -7.87 -125.39 41.28
C ILE LE 8 -7.48 -124.02 41.83
N THR LE 9 -8.44 -123.32 42.42
CA THR LE 9 -8.21 -121.99 42.97
C THR LE 9 -9.00 -121.87 44.25
N SER LE 10 -8.31 -121.75 45.37
CA SER LE 10 -8.94 -121.62 46.67
C SER LE 10 -8.88 -120.17 47.12
N THR LE 11 -10.03 -119.60 47.45
CA THR LE 11 -10.11 -118.22 47.89
C THR LE 11 -11.21 -118.15 48.94
N ALA LE 12 -11.13 -117.13 49.80
CA ALA LE 12 -12.07 -117.00 50.90
C ALA LE 12 -13.51 -116.90 50.43
N ASN LE 13 -13.74 -116.48 49.18
CA ASN LE 13 -15.09 -116.31 48.68
C ASN LE 13 -15.35 -116.99 47.34
N LYS LE 14 -14.38 -117.70 46.78
CA LYS LE 14 -14.60 -118.37 45.50
C LYS LE 14 -13.65 -119.55 45.37
N ILE LE 15 -14.18 -120.70 44.96
CA ILE LE 15 -13.39 -121.89 44.71
C ILE LE 15 -13.82 -122.48 43.38
N VAL LE 16 -12.86 -122.90 42.57
CA VAL LE 16 -13.14 -123.53 41.28
C VAL LE 16 -12.58 -124.94 41.32
N TRP LE 17 -13.32 -125.87 40.74
CA TRP LE 17 -12.82 -127.23 40.52
C TRP LE 17 -12.72 -127.50 39.03
N SER LE 18 -11.77 -128.35 38.65
CA SER LE 18 -11.63 -128.79 37.29
C SER LE 18 -11.21 -130.25 37.27
N ASP LE 19 -11.63 -130.94 36.24
CA ASP LE 19 -11.31 -132.35 36.11
C ASP LE 19 -9.90 -132.54 35.58
N PRO LE 20 -9.17 -133.54 36.09
CA PRO LE 20 -7.84 -133.82 35.52
C PRO LE 20 -7.88 -134.38 34.12
N THR LE 21 -8.77 -135.35 33.85
CA THR LE 21 -8.81 -135.95 32.53
C THR LE 21 -9.24 -134.94 31.47
N ARG LE 22 -10.21 -134.10 31.80
CA ARG LE 22 -10.67 -133.04 30.90
C ARG LE 22 -10.56 -131.71 31.63
N LEU LE 23 -9.55 -130.93 31.28
CA LEU LE 23 -9.36 -129.63 31.92
C LEU LE 23 -10.46 -128.64 31.55
N SER LE 24 -11.19 -128.89 30.47
CA SER LE 24 -12.19 -127.93 30.01
C SER LE 24 -13.36 -127.83 30.99
N THR LE 25 -13.90 -128.97 31.40
CA THR LE 25 -15.04 -128.96 32.32
C THR LE 25 -14.63 -128.40 33.67
N THR LE 26 -15.57 -127.72 34.33
CA THR LE 26 -15.25 -127.06 35.58
C THR LE 26 -16.54 -126.80 36.35
N PHE LE 27 -16.38 -126.46 37.63
CA PHE LE 27 -17.48 -126.10 38.51
C PHE LE 27 -16.93 -125.16 39.56
N SER LE 28 -17.56 -124.00 39.71
CA SER LE 28 -17.09 -122.99 40.65
C SER LE 28 -18.23 -122.52 41.54
N ALA LE 29 -17.88 -122.12 42.75
CA ALA LE 29 -18.83 -121.59 43.71
C ALA LE 29 -18.30 -120.29 44.28
N SER LE 30 -19.12 -119.25 44.26
CA SER LE 30 -18.75 -117.96 44.83
C SER LE 30 -19.86 -117.50 45.76
N LEU LE 31 -19.45 -116.93 46.89
CA LEU LE 31 -20.39 -116.53 47.92
C LEU LE 31 -20.24 -115.05 48.22
N LEU LE 32 -21.38 -114.37 48.34
CA LEU LE 32 -21.43 -112.98 48.76
C LEU LE 32 -22.24 -112.93 50.04
N ARG LE 33 -21.65 -112.40 51.10
CA ARG LE 33 -22.31 -112.29 52.40
C ARG LE 33 -22.40 -110.82 52.79
N GLN LE 34 -23.61 -110.36 53.12
CA GLN LE 34 -23.80 -108.96 53.46
C GLN LE 34 -24.50 -108.79 54.80
N ARG LE 35 -24.86 -107.54 55.09
CA ARG LE 35 -25.25 -107.07 56.40
C ARG LE 35 -26.46 -106.16 56.22
N VAL LE 36 -27.65 -106.70 56.48
CA VAL LE 36 -28.90 -106.11 56.02
C VAL LE 36 -29.79 -105.87 57.23
N LYS LE 37 -30.52 -104.74 57.20
CA LYS LE 37 -31.45 -104.38 58.27
C LYS LE 37 -32.86 -104.38 57.68
N VAL LE 38 -33.65 -105.38 58.07
CA VAL LE 38 -35.04 -105.46 57.61
C VAL LE 38 -35.99 -104.60 58.43
N GLY LE 39 -35.49 -103.91 59.45
CA GLY LE 39 -36.34 -103.10 60.29
C GLY LE 39 -36.70 -103.79 61.59
N ILE LE 40 -36.34 -103.15 62.71
CA ILE LE 40 -36.51 -103.65 64.08
C ILE LE 40 -36.17 -105.14 64.17
N ALA LE 41 -35.28 -105.59 63.30
CA ALA LE 41 -34.88 -106.99 63.20
C ALA LE 41 -33.71 -107.04 62.24
N GLU LE 42 -32.76 -107.94 62.48
CA GLU LE 42 -31.56 -108.02 61.68
C GLU LE 42 -31.36 -109.43 61.13
N LEU LE 43 -30.94 -109.51 59.87
CA LEU LE 43 -30.73 -110.78 59.20
C LEU LE 43 -29.34 -110.77 58.56
N ASN LE 44 -28.77 -111.96 58.43
CA ASN LE 44 -27.49 -112.16 57.75
C ASN LE 44 -27.79 -112.72 56.37
N ASN LE 45 -27.56 -111.92 55.33
CA ASN LE 45 -27.87 -112.30 53.96
C ASN LE 45 -26.64 -112.93 53.32
N VAL LE 46 -26.85 -114.03 52.62
CA VAL LE 46 -25.79 -114.75 51.92
C VAL LE 46 -26.27 -115.05 50.51
N SER LE 47 -25.42 -114.81 49.52
CA SER LE 47 -25.74 -115.03 48.12
C SER LE 47 -24.71 -115.98 47.54
N GLY LE 48 -25.14 -117.19 47.19
CA GLY LE 48 -24.25 -118.18 46.62
C GLY LE 48 -24.55 -118.37 45.14
N GLN LE 49 -23.50 -118.34 44.32
CA GLN LE 49 -23.62 -118.50 42.88
C GLN LE 49 -22.84 -119.73 42.47
N TYR LE 50 -23.47 -120.60 41.68
CA TYR LE 50 -22.91 -121.89 41.31
C TYR LE 50 -23.02 -122.03 39.81
N VAL LE 51 -21.89 -122.20 39.13
CA VAL LE 51 -21.88 -122.37 37.68
C VAL LE 51 -21.10 -123.63 37.34
N SER LE 52 -21.67 -124.46 36.47
CA SER LE 52 -21.02 -125.65 35.96
C SER LE 52 -20.86 -125.51 34.46
N VAL LE 53 -19.64 -125.67 33.97
CA VAL LE 53 -19.31 -125.43 32.57
C VAL LE 53 -18.75 -126.70 31.96
N TYR LE 54 -19.29 -127.08 30.81
CA TYR LE 54 -18.78 -128.19 30.04
C TYR LE 54 -18.75 -127.80 28.57
N LYS LE 55 -17.68 -128.20 27.88
CA LYS LE 55 -17.55 -127.98 26.46
C LYS LE 55 -17.78 -129.31 25.75
N ARG LE 56 -18.80 -129.36 24.91
CA ARG LE 56 -19.22 -130.58 24.29
C ARG LE 56 -18.93 -130.55 22.80
N PRO LE 57 -18.45 -131.65 22.22
CA PRO LE 57 -18.21 -131.67 20.78
C PRO LE 57 -19.52 -131.53 20.01
N ALA LE 58 -19.40 -131.03 18.78
CA ALA LE 58 -20.58 -130.86 17.93
C ALA LE 58 -21.18 -132.21 17.60
N PRO LE 59 -22.47 -132.27 17.22
CA PRO LE 59 -23.15 -133.56 17.06
C PRO LE 59 -22.47 -134.58 16.16
N LYS LE 60 -21.44 -134.18 15.39
CA LYS LE 60 -20.69 -135.13 14.57
C LYS LE 60 -21.59 -135.82 13.56
N PRO LE 61 -21.94 -135.14 12.46
CA PRO LE 61 -22.93 -135.69 11.52
C PRO LE 61 -22.71 -137.16 11.19
N GLU LE 62 -23.80 -137.82 10.83
CA GLU LE 62 -23.82 -139.27 10.74
C GLU LE 62 -22.96 -139.76 9.57
N GLY LE 63 -22.60 -141.04 9.62
CA GLY LE 63 -21.81 -141.67 8.58
C GLY LE 63 -20.44 -141.03 8.42
N CYS LE 64 -19.83 -140.64 9.53
CA CYS LE 64 -18.54 -139.97 9.50
C CYS LE 64 -17.53 -140.72 10.36
N ALA LE 65 -17.46 -142.04 10.18
CA ALA LE 65 -16.56 -142.85 10.98
C ALA LE 65 -15.13 -142.61 10.53
N ASP LE 66 -14.47 -141.66 11.19
CA ASP LE 66 -13.10 -141.28 10.92
C ASP LE 66 -12.43 -141.04 12.26
N ALA LE 67 -11.19 -140.54 12.26
CA ALA LE 67 -10.60 -140.12 13.52
C ALA LE 67 -10.06 -138.70 13.44
N CYS LE 68 -9.42 -138.33 12.33
CA CYS LE 68 -8.85 -137.00 12.19
C CYS LE 68 -9.89 -135.89 12.16
N VAL LE 69 -11.17 -136.23 11.97
CA VAL LE 69 -12.21 -135.21 11.88
C VAL LE 69 -12.51 -134.70 13.28
N ILE LE 70 -12.39 -133.38 13.48
CA ILE LE 70 -12.51 -132.74 14.78
C ILE LE 70 -13.40 -131.52 14.60
N MET LE 71 -14.68 -131.67 14.92
CA MET LE 71 -15.62 -130.56 14.91
C MET LE 71 -15.47 -129.74 16.17
N PRO LE 72 -15.79 -128.44 16.12
CA PRO LE 72 -15.57 -127.57 17.28
C PRO LE 72 -16.43 -127.94 18.48
N ASN LE 73 -16.20 -127.25 19.60
CA ASN LE 73 -16.88 -127.53 20.84
C ASN LE 73 -18.00 -126.54 21.06
N GLU LE 74 -19.14 -127.05 21.53
CA GLU LE 74 -20.30 -126.24 21.85
C GLU LE 74 -20.42 -126.16 23.36
N ASN LE 75 -20.67 -124.95 23.86
CA ASN LE 75 -20.62 -124.70 25.30
C ASN LE 75 -21.92 -125.12 25.97
N GLN LE 76 -21.80 -125.77 27.12
CA GLN LE 76 -22.93 -126.21 27.92
C GLN LE 76 -22.72 -125.69 29.33
N SER LE 77 -23.50 -124.69 29.72
CA SER LE 77 -23.34 -124.02 31.00
C SER LE 77 -24.63 -124.09 31.81
N ILE LE 78 -24.48 -124.20 33.12
CA ILE LE 78 -25.60 -124.24 34.05
C ILE LE 78 -25.23 -123.35 35.23
N ARG LE 79 -25.98 -122.29 35.45
CA ARG LE 79 -25.70 -121.33 36.50
C ARG LE 79 -26.91 -121.20 37.43
N THR LE 80 -26.67 -121.31 38.73
CA THR LE 80 -27.72 -121.15 39.73
C THR LE 80 -27.27 -120.16 40.78
N VAL LE 81 -28.21 -119.40 41.32
CA VAL LE 81 -27.94 -118.43 42.37
C VAL LE 81 -28.89 -118.70 43.53
N ILE LE 82 -28.33 -118.80 44.73
CA ILE LE 82 -29.10 -119.01 45.95
C ILE LE 82 -28.89 -117.79 46.83
N SER LE 83 -29.96 -117.05 47.09
CA SER LE 83 -29.91 -115.86 47.93
C SER LE 83 -30.97 -115.96 49.01
N GLY LE 84 -30.57 -115.73 50.26
CA GLY LE 84 -31.50 -115.76 51.36
C GLY LE 84 -30.80 -115.49 52.66
N SER LE 85 -31.62 -115.29 53.69
CA SER LE 85 -31.09 -115.04 55.02
C SER LE 85 -30.53 -116.32 55.62
N ALA LE 86 -29.37 -116.20 56.29
CA ALA LE 86 -28.76 -117.36 56.92
C ALA LE 86 -29.60 -117.91 58.06
N GLU LE 87 -30.36 -117.06 58.73
CA GLU LE 87 -31.21 -117.48 59.84
C GLU LE 87 -32.40 -118.31 59.40
N ASN LE 88 -32.81 -118.19 58.14
CA ASN LE 88 -33.89 -119.00 57.58
C ASN LE 88 -33.35 -120.10 56.69
N LEU LE 89 -32.20 -120.65 57.04
CA LEU LE 89 -31.57 -121.66 56.19
C LEU LE 89 -32.38 -122.94 56.11
N ALA LE 90 -32.91 -123.38 57.25
CA ALA LE 90 -33.62 -124.66 57.27
C ALA LE 90 -34.84 -124.63 56.36
N THR LE 91 -35.61 -123.55 56.42
CA THR LE 91 -36.78 -123.45 55.54
C THR LE 91 -36.37 -123.21 54.10
N LEU LE 92 -35.25 -122.53 53.89
CA LEU LE 92 -34.81 -122.26 52.52
C LEU LE 92 -34.34 -123.54 51.84
N LYS LE 93 -33.73 -124.46 52.58
CA LYS LE 93 -33.26 -125.70 51.98
C LYS LE 93 -34.40 -126.50 51.37
N ALA LE 94 -35.50 -126.62 52.11
CA ALA LE 94 -36.65 -127.35 51.58
C ALA LE 94 -37.20 -126.65 50.34
N GLU LE 95 -37.26 -125.32 50.38
CA GLU LE 95 -37.70 -124.57 49.21
C GLU LE 95 -36.73 -124.75 48.04
N TRP LE 96 -35.44 -124.97 48.33
CA TRP LE 96 -34.50 -125.34 47.28
C TRP LE 96 -34.88 -126.68 46.66
N GLU LE 97 -35.26 -127.65 47.50
CA GLU LE 97 -35.61 -128.96 46.99
C GLU LE 97 -36.81 -128.90 46.05
N THR LE 98 -37.83 -128.12 46.43
CA THR LE 98 -38.99 -127.97 45.56
C THR LE 98 -38.61 -127.31 44.25
N HIS LE 99 -37.73 -126.32 44.31
CA HIS LE 99 -37.26 -125.67 43.08
C HIS LE 99 -36.65 -126.67 42.12
N LYS LE 100 -35.94 -127.67 42.67
CA LYS LE 100 -35.42 -128.74 41.82
C LYS LE 100 -36.55 -129.50 41.15
N ARG LE 101 -37.60 -129.83 41.92
CA ARG LE 101 -38.72 -130.56 41.35
C ARG LE 101 -39.45 -129.73 40.31
N ASN LE 102 -39.63 -128.44 40.57
CA ASN LE 102 -40.31 -127.58 39.61
C ASN LE 102 -39.55 -127.49 38.30
N VAL LE 103 -38.23 -127.39 38.37
CA VAL LE 103 -37.43 -127.36 37.15
C VAL LE 103 -37.47 -128.72 36.46
N ASP LE 104 -37.47 -129.80 37.25
CA ASP LE 104 -37.44 -131.13 36.66
C ASP LE 104 -38.67 -131.39 35.82
N THR LE 105 -39.84 -130.99 36.30
CA THR LE 105 -41.07 -131.26 35.55
C THR LE 105 -41.13 -130.46 34.25
N LEU LE 106 -40.28 -129.45 34.09
CA LEU LE 106 -40.19 -128.72 32.84
C LEU LE 106 -39.02 -129.17 31.98
N PHE LE 107 -37.83 -129.27 32.56
CA PHE LE 107 -36.63 -129.60 31.79
C PHE LE 107 -36.39 -131.11 31.73
N ALA LE 108 -36.26 -131.74 32.89
CA ALA LE 108 -35.92 -133.16 32.92
C ALA LE 108 -37.00 -134.01 32.27
N SER LE 109 -38.26 -133.74 32.60
CA SER LE 109 -39.39 -134.50 32.07
C SER LE 109 -40.04 -133.82 30.88
N GLY LE 110 -40.40 -132.55 31.02
CA GLY LE 110 -41.08 -131.85 29.94
C GLY LE 110 -40.14 -131.50 28.81
N ASN LE 111 -40.71 -130.80 27.83
CA ASN LE 111 -39.98 -130.44 26.63
C ASN LE 111 -39.45 -129.01 26.67
N ALA LE 112 -39.20 -128.47 27.86
CA ALA LE 112 -38.63 -127.13 27.95
C ALA LE 112 -37.22 -127.09 27.37
N GLY LE 113 -36.54 -128.22 27.34
CA GLY LE 113 -35.22 -128.25 26.74
C GLY LE 113 -35.24 -127.89 25.26
N LEU LE 114 -36.24 -128.40 24.55
CA LEU LE 114 -36.37 -128.06 23.13
C LEU LE 114 -36.70 -126.60 22.94
N GLY LE 115 -37.52 -126.03 23.83
CA GLY LE 115 -37.89 -124.64 23.73
C GLY LE 115 -39.37 -124.39 23.87
N PHE LE 116 -40.10 -125.39 24.35
CA PHE LE 116 -41.55 -125.31 24.49
C PHE LE 116 -41.93 -125.07 25.95
N LEU LE 117 -42.82 -124.11 26.17
CA LEU LE 117 -43.34 -123.82 27.51
C LEU LE 117 -44.69 -124.49 27.64
N ASP LE 118 -44.75 -125.54 28.45
CA ASP LE 118 -46.03 -126.18 28.69
C ASP LE 118 -46.81 -125.38 29.74
N PRO LE 119 -47.93 -124.75 29.38
CA PRO LE 119 -48.66 -123.95 30.37
C PRO LE 119 -49.51 -124.77 31.31
N THR LE 120 -49.61 -126.08 31.10
CA THR LE 120 -50.39 -126.95 31.98
C THR LE 120 -49.50 -127.87 32.80
N ALA LE 121 -48.23 -127.51 32.97
CA ALA LE 121 -47.33 -128.32 33.77
C ALA LE 121 -47.75 -128.28 35.24
N ALA LE 122 -47.44 -129.37 35.95
CA ALA LE 122 -47.87 -129.52 37.35
C ALA LE 122 -46.85 -128.87 38.28
N ILE LE 123 -46.78 -127.54 38.18
CA ILE LE 123 -45.94 -126.78 39.09
C ILE LE 123 -46.51 -126.84 40.50
N VAL LE 124 -45.65 -127.12 41.46
CA VAL LE 124 -46.07 -127.34 42.84
C VAL LE 124 -45.16 -126.56 43.77
N SER LE 125 -45.73 -126.02 44.85
CA SER LE 125 -45.02 -125.09 45.71
C SER LE 125 -44.25 -125.83 46.80
N SER LE 126 -43.68 -125.06 47.72
CA SER LE 126 -42.98 -125.62 48.86
C SER LE 126 -43.89 -125.80 50.06
N ASP LE 127 -44.88 -124.93 50.23
CA ASP LE 127 -45.82 -125.07 51.33
C ASP LE 127 -46.73 -126.28 51.12
N THR LE 128 -46.79 -127.15 52.11
CA THR LE 128 -47.59 -128.35 52.04
C THR LE 128 -48.99 -128.09 52.60
N THR LE 129 -49.89 -129.03 52.36
CA THR LE 129 -51.26 -128.93 52.85
C THR LE 129 -51.37 -129.45 54.27
N ALA ME 1 36.30 -20.95 -142.74
CA ALA ME 1 36.91 -20.23 -141.64
C ALA ME 1 36.22 -20.56 -140.33
N ASN ME 2 36.01 -19.53 -139.50
CA ASN ME 2 35.35 -19.68 -138.22
C ASN ME 2 34.10 -18.82 -138.19
N LYS ME 3 33.13 -19.25 -137.40
CA LYS ME 3 31.89 -18.49 -137.27
C LYS ME 3 32.19 -17.12 -136.67
N PRO ME 4 31.82 -16.03 -137.33
CA PRO ME 4 32.09 -14.71 -136.77
C PRO ME 4 31.31 -14.50 -135.48
N MET ME 5 32.03 -14.21 -134.41
CA MET ME 5 31.42 -13.99 -133.12
C MET ME 5 30.64 -12.68 -133.15
N GLN ME 6 29.63 -12.58 -132.28
CA GLN ME 6 28.73 -11.45 -132.35
C GLN ME 6 28.63 -10.76 -131.00
N PRO ME 7 28.80 -9.43 -130.97
CA PRO ME 7 28.82 -8.72 -129.69
C PRO ME 7 27.45 -8.72 -129.03
N ILE ME 8 27.47 -8.67 -127.69
CA ILE ME 8 26.23 -8.68 -126.92
C ILE ME 8 26.13 -7.40 -126.10
N THR ME 9 27.09 -7.17 -125.22
CA THR ME 9 27.13 -5.99 -124.37
C THR ME 9 28.31 -5.12 -124.81
N SER ME 10 28.03 -3.88 -125.17
CA SER ME 10 29.04 -2.94 -125.60
C SER ME 10 29.12 -1.77 -124.64
N THR ME 11 30.33 -1.43 -124.22
CA THR ME 11 30.55 -0.34 -123.28
C THR ME 11 31.95 0.20 -123.55
N ALA ME 12 32.17 1.45 -123.14
CA ALA ME 12 33.49 2.05 -123.30
C ALA ME 12 34.55 1.38 -122.45
N ASN ME 13 34.16 0.54 -121.49
CA ASN ME 13 35.10 -0.19 -120.66
C ASN ME 13 35.16 -1.68 -120.98
N LYS ME 14 34.01 -2.33 -121.08
CA LYS ME 14 33.95 -3.76 -121.33
C LYS ME 14 33.05 -4.05 -122.53
N ILE ME 15 33.51 -4.94 -123.40
CA ILE ME 15 32.72 -5.41 -124.54
C ILE ME 15 32.68 -6.93 -124.48
N VAL ME 16 31.50 -7.50 -124.63
CA VAL ME 16 31.30 -8.94 -124.54
C VAL ME 16 30.77 -9.44 -125.88
N TRP ME 17 31.46 -10.42 -126.44
CA TRP ME 17 31.02 -11.07 -127.67
C TRP ME 17 30.43 -12.44 -127.33
N SER ME 18 29.71 -13.01 -128.29
CA SER ME 18 29.13 -14.33 -128.13
C SER ME 18 28.80 -14.91 -129.50
N ASP ME 19 28.63 -16.22 -129.52
CA ASP ME 19 28.32 -16.92 -130.76
C ASP ME 19 26.81 -17.08 -130.87
N PRO ME 20 26.18 -16.56 -131.93
CA PRO ME 20 24.73 -16.75 -132.06
C PRO ME 20 24.31 -18.21 -132.10
N THR ME 21 25.12 -19.08 -132.70
CA THR ME 21 24.79 -20.50 -132.73
C THR ME 21 24.83 -21.12 -131.34
N ARG ME 22 25.78 -20.68 -130.51
CA ARG ME 22 25.90 -21.22 -129.16
C ARG ME 22 26.28 -20.05 -128.24
N LEU ME 23 25.29 -19.53 -127.52
CA LEU ME 23 25.53 -18.36 -126.69
C LEU ME 23 26.36 -18.67 -125.46
N SER ME 24 26.61 -19.94 -125.17
CA SER ME 24 27.40 -20.29 -123.98
C SER ME 24 28.83 -19.80 -124.10
N THR ME 25 29.46 -20.06 -125.25
CA THR ME 25 30.81 -19.57 -125.47
C THR ME 25 30.82 -18.06 -125.62
N THR ME 26 31.91 -17.43 -125.20
CA THR ME 26 31.98 -15.98 -125.22
C THR ME 26 33.43 -15.53 -125.21
N PHE ME 27 33.63 -14.24 -125.45
CA PHE ME 27 34.96 -13.64 -125.41
C PHE ME 27 34.80 -12.16 -125.08
N SER ME 28 35.25 -11.77 -123.90
CA SER ME 28 35.05 -10.41 -123.40
C SER ME 28 36.39 -9.71 -123.20
N ALA ME 29 36.39 -8.40 -123.39
CA ALA ME 29 37.57 -7.58 -123.21
C ALA ME 29 37.21 -6.38 -122.34
N SER ME 30 38.03 -6.10 -121.33
CA SER ME 30 37.82 -4.97 -120.44
C SER ME 30 39.13 -4.21 -120.28
N LEU ME 31 39.02 -2.91 -120.07
CA LEU ME 31 40.17 -2.03 -120.02
C LEU ME 31 40.14 -1.18 -118.76
N LEU ME 32 41.30 -0.98 -118.16
CA LEU ME 32 41.47 -0.04 -117.05
C LEU ME 32 42.61 0.90 -117.40
N ARG ME 33 42.32 2.20 -117.39
CA ARG ME 33 43.30 3.22 -117.70
C ARG ME 33 43.56 4.07 -116.46
N GLN ME 34 44.83 4.23 -116.11
CA GLN ME 34 45.19 4.96 -114.90
C GLN ME 34 46.43 5.79 -115.15
N ARG ME 35 46.66 6.74 -114.24
CA ARG ME 35 47.82 7.61 -114.28
C ARG ME 35 48.91 7.01 -113.41
N VAL ME 36 50.13 6.93 -113.95
CA VAL ME 36 51.27 6.39 -113.21
C VAL ME 36 52.40 7.41 -113.25
N LYS ME 37 52.99 7.66 -112.08
CA LYS ME 37 54.07 8.61 -111.91
C LYS ME 37 55.37 7.82 -111.70
N VAL ME 38 56.35 8.04 -112.57
CA VAL ME 38 57.63 7.33 -112.50
C VAL ME 38 58.76 8.25 -112.03
N GLY ME 39 59.05 9.32 -112.77
CA GLY ME 39 60.01 10.31 -112.36
C GLY ME 39 59.99 11.49 -113.29
N ILE ME 40 59.84 12.70 -112.74
CA ILE ME 40 59.70 13.96 -113.46
C ILE ME 40 58.91 13.77 -114.76
N ALA ME 41 57.95 12.85 -114.72
CA ALA ME 41 57.18 12.50 -115.92
C ALA ME 41 55.95 11.67 -115.55
N GLU ME 42 54.83 11.97 -116.19
CA GLU ME 42 53.60 11.22 -116.00
C GLU ME 42 53.34 10.34 -117.22
N LEU ME 43 52.95 9.09 -116.95
CA LEU ME 43 52.74 8.11 -118.00
C LEU ME 43 51.31 7.61 -117.95
N ASN ME 44 50.80 7.21 -119.12
CA ASN ME 44 49.44 6.69 -119.24
C ASN ME 44 49.52 5.16 -119.27
N ASN ME 45 49.01 4.53 -118.22
CA ASN ME 45 49.04 3.08 -118.10
C ASN ME 45 47.67 2.51 -118.43
N VAL ME 46 47.65 1.39 -119.14
CA VAL ME 46 46.43 0.69 -119.49
C VAL ME 46 46.63 -0.79 -119.20
N SER ME 47 45.59 -1.43 -118.69
CA SER ME 47 45.62 -2.86 -118.39
C SER ME 47 44.42 -3.52 -119.05
N GLY ME 48 44.66 -4.26 -120.13
CA GLY ME 48 43.60 -4.92 -120.86
C GLY ME 48 43.46 -6.36 -120.40
N GLN ME 49 42.22 -6.75 -120.15
CA GLN ME 49 41.88 -8.11 -119.73
C GLN ME 49 41.02 -8.75 -120.82
N TYR ME 50 41.48 -9.88 -121.34
CA TYR ME 50 40.76 -10.61 -122.37
C TYR ME 50 40.48 -12.00 -121.86
N VAL ME 51 39.21 -12.40 -121.90
CA VAL ME 51 38.78 -13.69 -121.36
C VAL ME 51 37.99 -14.41 -122.44
N SER ME 52 38.44 -15.60 -122.80
CA SER ME 52 37.73 -16.46 -123.74
C SER ME 52 37.25 -17.69 -122.99
N VAL ME 53 35.94 -17.93 -123.03
CA VAL ME 53 35.32 -19.00 -122.26
C VAL ME 53 34.58 -19.92 -123.22
N TYR ME 54 34.85 -21.21 -123.12
CA TYR ME 54 34.12 -22.24 -123.84
C TYR ME 54 33.62 -23.27 -122.85
N LYS ME 55 32.35 -23.63 -122.95
CA LYS ME 55 31.75 -24.68 -122.13
C LYS ME 55 31.70 -25.95 -122.95
N ARG ME 56 32.65 -26.84 -122.72
CA ARG ME 56 32.75 -28.04 -123.52
C ARG ME 56 32.25 -29.25 -122.72
N PRO ME 57 31.43 -30.09 -123.33
CA PRO ME 57 30.85 -31.23 -122.59
C PRO ME 57 31.90 -32.27 -122.19
N ALA ME 58 31.44 -33.37 -121.62
CA ALA ME 58 32.31 -34.41 -121.13
C ALA ME 58 33.07 -35.05 -122.30
N PRO ME 59 34.22 -35.68 -122.01
CA PRO ME 59 35.02 -36.25 -123.10
C PRO ME 59 34.34 -37.38 -123.86
N LYS ME 60 33.16 -37.82 -123.43
CA LYS ME 60 32.41 -38.89 -124.09
C LYS ME 60 33.28 -40.14 -124.15
N PRO ME 61 33.44 -40.83 -123.01
CA PRO ME 61 34.41 -41.93 -122.91
C PRO ME 61 34.30 -42.97 -124.04
N GLU ME 62 35.44 -43.60 -124.32
CA GLU ME 62 35.68 -44.49 -125.47
C GLU ME 62 35.02 -44.03 -126.76
N GLY ME 63 34.97 -44.93 -127.74
CA GLY ME 63 34.51 -44.58 -129.07
C GLY ME 63 33.05 -44.90 -129.36
N CYS ME 64 32.14 -44.46 -128.49
CA CYS ME 64 30.71 -44.68 -128.74
C CYS ME 64 29.94 -43.48 -128.15
N ALA ME 65 29.62 -42.53 -129.02
CA ALA ME 65 28.84 -41.37 -128.63
C ALA ME 65 27.36 -41.70 -128.43
N ASP ME 66 26.94 -42.89 -128.89
CA ASP ME 66 25.59 -43.45 -128.77
C ASP ME 66 24.46 -42.44 -128.53
N ALA ME 67 23.65 -42.68 -127.49
CA ALA ME 67 22.41 -41.96 -127.26
C ALA ME 67 22.61 -40.45 -127.13
N CYS ME 68 21.68 -39.68 -127.69
CA CYS ME 68 21.72 -38.23 -127.56
C CYS ME 68 21.29 -37.83 -126.15
N VAL ME 69 22.26 -37.68 -125.25
CA VAL ME 69 21.99 -37.29 -123.88
C VAL ME 69 22.94 -36.17 -123.51
N ILE ME 70 22.42 -35.12 -122.87
CA ILE ME 70 23.22 -33.96 -122.53
C ILE ME 70 24.21 -34.34 -121.44
N MET ME 71 25.47 -34.46 -121.80
CA MET ME 71 26.51 -34.74 -120.84
C MET ME 71 26.74 -33.53 -119.93
N PRO ME 72 27.21 -33.76 -118.71
CA PRO ME 72 27.61 -32.63 -117.87
C PRO ME 72 28.71 -31.84 -118.54
N ASN ME 73 28.66 -30.53 -118.36
CA ASN ME 73 29.52 -29.62 -119.08
C ASN ME 73 30.58 -29.02 -118.15
N GLU ME 74 31.76 -28.80 -118.71
CA GLU ME 74 32.90 -28.33 -117.95
C GLU ME 74 33.48 -27.08 -118.61
N ASN ME 75 34.28 -26.35 -117.85
CA ASN ME 75 34.73 -25.03 -118.24
C ASN ME 75 36.10 -25.07 -118.89
N GLN ME 76 36.22 -24.42 -120.04
CA GLN ME 76 37.49 -24.19 -120.71
C GLN ME 76 37.64 -22.68 -120.86
N SER ME 77 38.49 -22.07 -120.04
CA SER ME 77 38.64 -20.63 -119.98
C SER ME 77 40.10 -20.25 -120.19
N ILE ME 78 40.31 -19.20 -120.99
CA ILE ME 78 41.64 -18.65 -121.23
C ILE ME 78 41.55 -17.15 -120.92
N ARG ME 79 42.33 -16.70 -119.95
CA ARG ME 79 42.31 -15.31 -119.52
C ARG ME 79 43.72 -14.74 -119.59
N THR ME 80 43.87 -13.59 -120.22
CA THR ME 80 45.16 -12.93 -120.35
C THR ME 80 45.03 -11.47 -119.95
N VAL ME 81 46.14 -10.92 -119.46
CA VAL ME 81 46.18 -9.53 -119.00
C VAL ME 81 47.42 -8.87 -119.60
N ILE ME 82 47.21 -7.74 -120.27
CA ILE ME 82 48.29 -6.97 -120.86
C ILE ME 82 48.33 -5.63 -120.14
N SER ME 83 49.42 -5.36 -119.44
CA SER ME 83 49.57 -4.13 -118.66
C SER ME 83 50.85 -3.42 -119.07
N GLY ME 84 50.74 -2.11 -119.31
CA GLY ME 84 51.90 -1.33 -119.66
C GLY ME 84 51.48 0.07 -120.07
N SER ME 85 52.48 0.92 -120.24
CA SER ME 85 52.24 2.30 -120.67
C SER ME 85 51.89 2.34 -122.14
N ALA ME 86 50.95 3.23 -122.49
CA ALA ME 86 50.56 3.40 -123.89
C ALA ME 86 51.71 3.95 -124.71
N GLU ME 87 52.55 4.80 -124.10
CA GLU ME 87 53.65 5.41 -124.82
C GLU ME 87 54.67 4.40 -125.31
N ASN ME 88 54.86 3.30 -124.58
CA ASN ME 88 55.76 2.24 -124.99
C ASN ME 88 55.03 1.08 -125.66
N LEU ME 89 53.87 1.36 -126.27
CA LEU ME 89 53.11 0.29 -126.90
C LEU ME 89 53.88 -0.35 -128.04
N ALA ME 90 54.56 0.47 -128.85
CA ALA ME 90 55.28 -0.07 -130.00
C ALA ME 90 56.29 -1.12 -129.57
N THR ME 91 56.99 -0.86 -128.46
CA THR ME 91 57.88 -1.87 -127.90
C THR ME 91 57.16 -2.80 -126.94
N LEU ME 92 55.87 -2.61 -126.72
CA LEU ME 92 55.10 -3.53 -125.89
C LEU ME 92 54.49 -4.66 -126.69
N LYS ME 93 54.14 -4.40 -127.96
CA LYS ME 93 53.71 -5.49 -128.82
C LYS ME 93 54.82 -6.51 -129.03
N ALA ME 94 56.07 -6.11 -128.82
CA ALA ME 94 57.19 -7.02 -129.03
C ALA ME 94 57.13 -8.21 -128.08
N GLU ME 95 56.99 -7.96 -126.79
CA GLU ME 95 57.00 -9.06 -125.84
C GLU ME 95 55.70 -9.85 -125.90
N TRP ME 96 54.62 -9.24 -126.40
CA TRP ME 96 53.42 -10.00 -126.71
C TRP ME 96 53.74 -11.12 -127.69
N GLU ME 97 54.57 -10.82 -128.69
CA GLU ME 97 54.94 -11.83 -129.67
C GLU ME 97 55.74 -12.96 -129.02
N THR ME 98 56.76 -12.61 -128.24
CA THR ME 98 57.58 -13.65 -127.64
C THR ME 98 56.85 -14.35 -126.51
N HIS ME 99 55.93 -13.66 -125.84
CA HIS ME 99 55.11 -14.33 -124.83
C HIS ME 99 54.29 -15.43 -125.46
N LYS ME 100 53.74 -15.19 -126.65
CA LYS ME 100 53.10 -16.26 -127.40
C LYS ME 100 54.10 -17.35 -127.76
N ARG ME 101 55.29 -16.95 -128.19
CA ARG ME 101 56.32 -17.94 -128.53
C ARG ME 101 56.69 -18.79 -127.32
N ASN ME 102 56.85 -18.15 -126.17
CA ASN ME 102 57.24 -18.89 -124.97
C ASN ME 102 56.16 -19.87 -124.54
N VAL ME 103 54.90 -19.42 -124.53
CA VAL ME 103 53.82 -20.30 -124.13
C VAL ME 103 53.66 -21.43 -125.14
N ASP ME 104 53.78 -21.12 -126.43
CA ASP ME 104 53.66 -22.16 -127.44
C ASP ME 104 54.73 -23.23 -127.25
N THR ME 105 55.96 -22.83 -126.97
CA THR ME 105 57.02 -23.80 -126.72
C THR ME 105 56.69 -24.66 -125.51
N LEU ME 106 56.16 -24.05 -124.46
CA LEU ME 106 55.85 -24.79 -123.25
C LEU ME 106 54.55 -25.56 -123.40
N PHE ME 107 53.44 -24.84 -123.61
CA PHE ME 107 52.11 -25.44 -123.57
C PHE ME 107 51.70 -26.04 -124.91
N ALA ME 108 51.72 -25.24 -125.97
CA ALA ME 108 51.22 -25.72 -127.26
C ALA ME 108 52.06 -26.86 -127.80
N SER ME 109 53.38 -26.73 -127.73
CA SER ME 109 54.25 -27.77 -128.25
C SER ME 109 54.49 -28.89 -127.24
N GLY ME 110 54.99 -28.55 -126.07
CA GLY ME 110 55.24 -29.54 -125.05
C GLY ME 110 53.96 -29.98 -124.37
N ASN ME 111 54.12 -30.92 -123.43
CA ASN ME 111 53.01 -31.43 -122.65
C ASN ME 111 52.77 -30.66 -121.36
N ALA ME 112 53.13 -29.37 -121.35
CA ALA ME 112 52.89 -28.56 -120.16
C ALA ME 112 51.41 -28.49 -119.83
N GLY ME 113 50.54 -28.59 -120.83
CA GLY ME 113 49.12 -28.59 -120.57
C GLY ME 113 48.68 -29.79 -119.75
N LEU ME 114 49.33 -30.94 -119.95
CA LEU ME 114 49.01 -32.11 -119.15
C LEU ME 114 49.26 -31.86 -117.67
N GLY ME 115 50.29 -31.07 -117.36
CA GLY ME 115 50.65 -30.81 -115.98
C GLY ME 115 52.14 -30.97 -115.76
N PHE ME 116 52.87 -31.13 -116.85
CA PHE ME 116 54.29 -31.42 -116.77
C PHE ME 116 55.09 -30.15 -117.00
N LEU ME 117 56.24 -30.05 -116.35
CA LEU ME 117 57.10 -28.89 -116.49
C LEU ME 117 58.51 -29.33 -116.87
N ASP ME 118 59.02 -28.78 -117.97
CA ASP ME 118 60.33 -29.14 -118.51
C ASP ME 118 61.29 -27.99 -118.33
N PRO ME 119 62.25 -28.08 -117.41
CA PRO ME 119 63.23 -27.00 -117.24
C PRO ME 119 64.17 -26.82 -118.42
N THR ME 120 64.18 -27.76 -119.37
CA THR ME 120 65.08 -27.66 -120.51
C THR ME 120 64.43 -26.99 -121.72
N ALA ME 121 63.22 -26.47 -121.58
CA ALA ME 121 62.55 -25.82 -122.69
C ALA ME 121 63.29 -24.54 -123.07
N ALA ME 122 63.26 -24.22 -124.36
CA ALA ME 122 63.94 -23.04 -124.89
C ALA ME 122 63.04 -21.82 -124.72
N ILE ME 123 63.49 -20.87 -123.91
CA ILE ME 123 62.77 -19.62 -123.67
C ILE ME 123 63.61 -18.49 -124.24
N VAL ME 124 63.01 -17.69 -125.11
CA VAL ME 124 63.70 -16.60 -125.81
C VAL ME 124 63.12 -15.28 -125.32
N SER ME 125 64.00 -14.30 -125.13
CA SER ME 125 63.58 -13.02 -124.57
C SER ME 125 63.16 -12.07 -125.68
N SER ME 126 62.57 -10.94 -125.27
CA SER ME 126 62.21 -9.91 -126.23
C SER ME 126 63.43 -9.34 -126.93
N ASP ME 127 64.50 -9.11 -126.16
CA ASP ME 127 65.72 -8.54 -126.72
C ASP ME 127 66.37 -9.53 -127.67
N THR ME 128 66.99 -8.99 -128.72
CA THR ME 128 67.66 -9.80 -129.72
C THR ME 128 69.15 -9.50 -129.72
N THR ME 129 69.92 -10.47 -130.22
CA THR ME 129 71.38 -10.34 -130.27
C THR ME 129 71.80 -9.24 -131.24
N ALA NE 1 46.12 21.11 -140.22
CA ALA NE 1 45.74 19.70 -140.10
C ALA NE 1 45.97 19.22 -138.68
N ASN NE 2 45.07 19.56 -137.78
CA ASN NE 2 45.19 19.17 -136.38
C ASN NE 2 44.89 17.69 -136.21
N LYS NE 3 45.42 17.12 -135.14
CA LYS NE 3 45.20 15.71 -134.86
C LYS NE 3 43.77 15.51 -134.35
N PRO NE 4 42.96 14.68 -135.01
CA PRO NE 4 41.63 14.40 -134.48
C PRO NE 4 41.68 13.43 -133.32
N MET NE 5 40.72 13.56 -132.41
CA MET NE 5 40.58 12.63 -131.31
C MET NE 5 39.56 11.55 -131.62
N GLN NE 6 39.55 10.51 -130.80
CA GLN NE 6 38.50 9.51 -130.81
C GLN NE 6 37.87 9.41 -129.43
N PRO NE 7 36.58 9.10 -129.36
CA PRO NE 7 35.93 8.99 -128.04
C PRO NE 7 36.57 7.90 -127.21
N ILE NE 8 36.68 8.17 -125.91
CA ILE NE 8 37.30 7.23 -124.98
C ILE NE 8 36.20 6.57 -124.15
N THR NE 9 35.51 7.37 -123.37
CA THR NE 9 34.45 6.89 -122.49
C THR NE 9 33.13 7.52 -122.93
N SER NE 10 32.16 6.68 -123.22
CA SER NE 10 30.82 7.12 -123.58
C SER NE 10 29.88 6.81 -122.44
N THR NE 11 29.29 7.85 -121.86
CA THR NE 11 28.39 7.72 -120.73
C THR NE 11 26.99 8.14 -121.22
N ALA NE 12 25.98 7.96 -120.35
CA ALA NE 12 24.63 8.35 -120.70
C ALA NE 12 24.56 9.83 -121.08
N ASN NE 13 25.41 10.66 -120.45
CA ASN NE 13 25.38 12.09 -120.70
C ASN NE 13 26.75 12.70 -120.97
N LYS NE 14 27.83 11.94 -120.80
CA LYS NE 14 29.18 12.48 -120.94
C LYS NE 14 29.94 11.71 -122.01
N ILE NE 15 30.63 12.46 -122.87
CA ILE NE 15 31.48 11.88 -123.91
C ILE NE 15 32.86 12.52 -123.80
N VAL NE 16 33.90 11.70 -123.80
CA VAL NE 16 35.26 12.15 -123.62
C VAL NE 16 36.10 11.70 -124.80
N TRP NE 17 36.85 12.62 -125.40
CA TRP NE 17 37.78 12.32 -126.47
C TRP NE 17 39.22 12.47 -125.95
N SER NE 18 40.14 11.76 -126.58
CA SER NE 18 41.56 11.90 -126.25
C SER NE 18 42.40 11.63 -127.49
N ASP NE 19 43.53 12.31 -127.56
CA ASP NE 19 44.43 12.17 -128.70
C ASP NE 19 45.17 10.85 -128.63
N PRO NE 20 45.12 10.02 -129.66
CA PRO NE 20 45.88 8.75 -129.61
C PRO NE 20 47.38 8.96 -129.42
N THR NE 21 47.94 10.00 -130.03
CA THR NE 21 49.38 10.24 -129.90
C THR NE 21 49.72 10.70 -128.49
N ARG NE 22 48.96 11.66 -127.97
CA ARG NE 22 49.17 12.20 -126.62
C ARG NE 22 47.88 11.99 -125.83
N LEU NE 23 47.86 10.96 -124.99
CA LEU NE 23 46.65 10.64 -124.24
C LEU NE 23 46.26 11.73 -123.27
N SER NE 24 47.19 12.64 -122.95
CA SER NE 24 46.90 13.70 -121.98
C SER NE 24 45.82 14.64 -122.50
N THR NE 25 45.90 15.02 -123.78
CA THR NE 25 44.96 15.98 -124.33
C THR NE 25 43.56 15.39 -124.39
N THR NE 26 42.60 16.07 -123.77
CA THR NE 26 41.23 15.57 -123.69
C THR NE 26 40.25 16.70 -124.00
N PHE NE 27 39.06 16.31 -124.42
CA PHE NE 27 37.95 17.24 -124.60
C PHE NE 27 36.68 16.50 -124.19
N SER NE 28 36.04 16.94 -123.12
CA SER NE 28 34.89 16.25 -122.56
C SER NE 28 33.66 17.15 -122.65
N ALA NE 29 32.52 16.55 -122.98
CA ALA NE 29 31.26 17.27 -123.05
C ALA NE 29 30.22 16.48 -122.26
N SER NE 30 29.56 17.15 -121.33
CA SER NE 30 28.51 16.53 -120.52
C SER NE 30 27.28 17.42 -120.55
N LEU NE 31 26.11 16.80 -120.67
CA LEU NE 31 24.85 17.52 -120.80
C LEU NE 31 23.91 17.13 -119.68
N LEU NE 32 23.24 18.11 -119.11
CA LEU NE 32 22.22 17.89 -118.08
C LEU NE 32 20.89 18.38 -118.60
N ARG NE 33 19.91 17.48 -118.65
CA ARG NE 33 18.58 17.81 -119.15
C ARG NE 33 17.64 18.02 -117.97
N GLN NE 34 17.00 19.19 -117.94
CA GLN NE 34 16.13 19.56 -116.85
C GLN NE 34 14.80 20.07 -117.41
N ARG NE 35 13.72 19.73 -116.72
CA ARG NE 35 12.38 20.16 -117.08
C ARG NE 35 12.08 21.43 -116.30
N VAL NE 36 12.21 22.58 -116.96
CA VAL NE 36 12.02 23.87 -116.32
C VAL NE 36 10.63 24.37 -116.67
N LYS NE 37 9.99 25.03 -115.71
CA LYS NE 37 8.64 25.54 -115.86
C LYS NE 37 8.61 27.02 -115.56
N VAL NE 38 8.15 27.81 -116.52
CA VAL NE 38 7.94 29.24 -116.30
C VAL NE 38 6.43 29.49 -116.36
N GLY NE 39 6.02 30.74 -116.16
CA GLY NE 39 4.62 31.08 -116.14
C GLY NE 39 3.83 30.51 -117.29
N ILE NE 40 2.89 29.62 -116.96
CA ILE NE 40 2.03 28.89 -117.90
C ILE NE 40 2.81 28.46 -119.14
N ALA NE 41 4.02 27.93 -118.93
CA ALA NE 41 4.82 27.44 -120.05
C ALA NE 41 5.83 26.42 -119.51
N GLU NE 42 5.64 25.17 -119.88
CA GLU NE 42 6.57 24.10 -119.54
C GLU NE 42 7.63 23.98 -120.61
N LEU NE 43 8.90 23.96 -120.20
CA LEU NE 43 9.99 24.11 -121.15
C LEU NE 43 11.07 23.08 -120.86
N ASN NE 44 11.96 22.90 -121.84
CA ASN NE 44 13.09 21.99 -121.74
C ASN NE 44 14.36 22.81 -121.52
N ASN NE 45 15.11 22.46 -120.48
CA ASN NE 45 16.35 23.15 -120.16
C ASN NE 45 17.53 22.22 -120.32
N VAL NE 46 18.64 22.74 -120.86
CA VAL NE 46 19.86 21.99 -121.06
C VAL NE 46 21.01 22.79 -120.47
N SER NE 47 21.99 22.09 -119.90
CA SER NE 47 23.19 22.71 -119.35
C SER NE 47 24.40 21.97 -119.91
N GLY NE 48 24.85 22.39 -121.09
CA GLY NE 48 26.00 21.77 -121.72
C GLY NE 48 27.29 22.27 -121.11
N GLN NE 49 28.16 21.33 -120.72
CA GLN NE 49 29.43 21.65 -120.12
C GLN NE 49 30.54 21.03 -120.96
N TYR NE 50 31.46 21.87 -121.43
CA TYR NE 50 32.52 21.45 -122.32
C TYR NE 50 33.87 21.82 -121.70
N VAL NE 51 34.76 20.84 -121.60
CA VAL NE 51 36.04 21.00 -120.94
C VAL NE 51 37.15 20.57 -121.88
N SER NE 52 38.14 21.44 -122.08
CA SER NE 52 39.31 21.12 -122.88
C SER NE 52 40.53 21.21 -121.97
N VAL NE 53 41.33 20.15 -121.94
CA VAL NE 53 42.47 20.04 -121.04
C VAL NE 53 43.72 19.74 -121.85
N TYR NE 54 44.80 20.44 -121.53
CA TYR NE 54 46.11 20.15 -122.10
C TYR NE 54 47.15 20.24 -121.00
N LYS NE 55 48.07 19.28 -121.00
CA LYS NE 55 49.22 19.30 -120.10
C LYS NE 55 50.40 19.87 -120.88
N ARG NE 56 50.67 21.15 -120.67
CA ARG NE 56 51.69 21.86 -121.41
C ARG NE 56 52.96 21.92 -120.58
N PRO NE 57 54.09 21.43 -121.08
CA PRO NE 57 55.33 21.52 -120.31
C PRO NE 57 55.70 22.96 -120.04
N ALA NE 58 56.36 23.19 -118.91
CA ALA NE 58 56.72 24.54 -118.52
C ALA NE 58 57.64 25.17 -119.56
N PRO NE 59 57.59 26.49 -119.75
CA PRO NE 59 58.38 27.11 -120.82
C PRO NE 59 59.87 26.86 -120.67
N LYS NE 60 60.53 26.52 -121.78
CA LYS NE 60 61.94 26.26 -121.76
C LYS NE 60 62.72 27.55 -121.54
N PRO NE 61 63.79 27.51 -120.73
CA PRO NE 61 64.54 28.73 -120.45
C PRO NE 61 65.07 29.38 -121.72
N GLU NE 62 65.28 30.69 -121.63
CA GLU NE 62 65.48 31.53 -122.81
C GLU NE 62 66.67 31.08 -123.64
N GLY NE 63 66.46 31.04 -124.95
CA GLY NE 63 67.51 30.86 -125.94
C GLY NE 63 68.33 29.60 -125.81
N CYS NE 64 67.68 28.48 -125.45
CA CYS NE 64 68.40 27.23 -125.33
C CYS NE 64 67.50 26.05 -125.76
N ALA NE 65 67.66 25.63 -127.01
CA ALA NE 65 67.14 24.34 -127.44
C ALA NE 65 68.21 23.28 -127.22
N ASP NE 66 68.22 22.66 -126.03
CA ASP NE 66 69.29 21.76 -125.63
C ASP NE 66 68.75 20.33 -125.57
N ALA NE 67 68.75 19.66 -126.72
CA ALA NE 67 68.40 18.24 -126.79
C ALA NE 67 67.09 17.97 -126.06
N CYS NE 68 67.20 17.47 -124.84
CA CYS NE 68 66.05 17.22 -123.97
C CYS NE 68 66.38 17.71 -122.57
N VAL NE 69 65.60 18.66 -122.08
CA VAL NE 69 65.72 19.16 -120.71
C VAL NE 69 64.44 18.79 -119.98
N ILE NE 70 63.31 18.87 -120.69
CA ILE NE 70 61.98 18.43 -120.26
C ILE NE 70 61.65 18.81 -118.83
N MET NE 71 61.04 19.98 -118.65
CA MET NE 71 60.49 20.39 -117.37
C MET NE 71 59.13 19.78 -117.18
N PRO NE 72 58.65 19.70 -115.94
CA PRO NE 72 57.31 19.14 -115.70
C PRO NE 72 56.24 19.98 -116.39
N ASN NE 73 55.06 19.38 -116.52
CA ASN NE 73 53.96 19.97 -117.26
C ASN NE 73 52.94 20.58 -116.31
N GLU NE 74 52.40 21.72 -116.70
CA GLU NE 74 51.32 22.36 -115.96
C GLU NE 74 50.02 22.22 -116.75
N ASN NE 75 48.92 22.57 -116.09
CA ASN NE 75 47.58 22.26 -116.59
C ASN NE 75 47.01 23.48 -117.30
N GLN NE 76 46.68 23.32 -118.58
CA GLN NE 76 45.95 24.32 -119.34
C GLN NE 76 44.53 23.82 -119.55
N SER NE 77 43.58 24.45 -118.89
CA SER NE 77 42.19 24.00 -118.90
C SER NE 77 41.28 25.14 -119.33
N ILE NE 78 40.37 24.83 -120.25
CA ILE NE 78 39.35 25.78 -120.70
C ILE NE 78 38.00 25.11 -120.54
N ARG NE 79 37.13 25.70 -119.73
CA ARG NE 79 35.84 25.11 -119.42
C ARG NE 79 34.74 26.13 -119.62
N THR NE 80 33.74 25.77 -120.44
CA THR NE 80 32.60 26.63 -120.69
C THR NE 80 31.33 25.84 -120.42
N VAL NE 81 30.34 26.50 -119.82
CA VAL NE 81 29.03 25.92 -119.59
C VAL NE 81 27.99 26.81 -120.25
N ILE NE 82 27.08 26.20 -121.00
CA ILE NE 82 26.03 26.93 -121.69
C ILE NE 82 24.70 26.43 -121.15
N SER NE 83 23.94 27.32 -120.53
CA SER NE 83 22.66 27.00 -119.92
C SER NE 83 21.56 27.79 -120.61
N GLY NE 84 20.53 27.10 -121.08
CA GLY NE 84 19.40 27.77 -121.70
C GLY NE 84 18.35 26.76 -122.09
N SER NE 85 17.17 27.28 -122.44
CA SER NE 85 16.05 26.45 -122.84
C SER NE 85 16.26 25.98 -124.27
N ALA NE 86 15.78 24.77 -124.55
CA ALA NE 86 16.03 24.17 -125.86
C ALA NE 86 15.39 24.96 -126.99
N GLU NE 87 14.16 25.44 -126.78
CA GLU NE 87 13.46 26.17 -127.84
C GLU NE 87 14.16 27.48 -128.15
N ASN NE 88 14.96 27.99 -127.23
CA ASN NE 88 15.65 29.26 -127.41
C ASN NE 88 16.98 29.10 -128.14
N LEU NE 89 17.29 27.88 -128.58
CA LEU NE 89 18.54 27.63 -129.26
C LEU NE 89 18.74 28.54 -130.47
N ALA NE 90 17.64 28.93 -131.12
CA ALA NE 90 17.75 29.81 -132.28
C ALA NE 90 18.39 31.14 -131.89
N THR NE 91 17.95 31.71 -130.77
CA THR NE 91 18.53 32.97 -130.32
C THR NE 91 19.73 32.74 -129.42
N LEU NE 92 19.81 31.57 -128.78
CA LEU NE 92 20.90 31.33 -127.84
C LEU NE 92 22.23 31.24 -128.57
N LYS NE 93 22.23 30.72 -129.80
CA LYS NE 93 23.46 30.66 -130.57
C LYS NE 93 23.99 32.06 -130.86
N ALA NE 94 23.12 33.07 -130.87
CA ALA NE 94 23.55 34.42 -131.22
C ALA NE 94 24.57 34.96 -130.23
N GLU NE 95 24.24 34.94 -128.93
CA GLU NE 95 25.15 35.53 -127.96
C GLU NE 95 26.39 34.67 -127.77
N TRP NE 96 26.32 33.39 -128.14
CA TRP NE 96 27.53 32.58 -128.16
C TRP NE 96 28.58 33.20 -129.07
N GLU NE 97 28.16 33.68 -130.24
CA GLU NE 97 29.05 34.48 -131.07
C GLU NE 97 29.49 35.73 -130.32
N THR NE 98 28.53 36.43 -129.70
CA THR NE 98 28.86 37.63 -128.96
C THR NE 98 29.77 37.32 -127.78
N HIS NE 99 29.48 36.24 -127.06
CA HIS NE 99 30.33 35.85 -125.95
C HIS NE 99 31.76 35.60 -126.40
N LYS NE 100 31.92 35.00 -127.58
CA LYS NE 100 33.26 34.78 -128.10
C LYS NE 100 33.95 36.09 -128.42
N ARG NE 101 33.23 37.04 -129.02
CA ARG NE 101 33.83 38.33 -129.36
C ARG NE 101 34.29 39.07 -128.12
N ASN NE 102 33.46 39.08 -127.08
CA ASN NE 102 33.83 39.79 -125.86
C ASN NE 102 35.07 39.19 -125.23
N VAL NE 103 35.14 37.86 -125.17
CA VAL NE 103 36.33 37.21 -124.60
C VAL NE 103 37.55 37.51 -125.45
N ASP NE 104 37.40 37.50 -126.76
CA ASP NE 104 38.54 37.75 -127.65
C ASP NE 104 39.14 39.13 -127.40
N THR NE 105 38.29 40.14 -127.27
CA THR NE 105 38.79 41.49 -127.00
C THR NE 105 39.48 41.55 -125.65
N LEU NE 106 38.90 40.92 -124.63
CA LEU NE 106 39.51 40.96 -123.30
C LEU NE 106 40.74 40.07 -123.22
N PHE NE 107 40.66 38.86 -123.76
CA PHE NE 107 41.70 37.86 -123.57
C PHE NE 107 42.58 37.65 -124.79
N ALA NE 108 41.99 37.33 -125.94
CA ALA NE 108 42.79 37.06 -127.12
C ALA NE 108 43.54 38.29 -127.59
N SER NE 109 42.89 39.46 -127.56
CA SER NE 109 43.52 40.70 -127.97
C SER NE 109 44.02 41.52 -126.79
N GLY NE 110 43.36 41.46 -125.65
CA GLY NE 110 43.74 42.22 -124.48
C GLY NE 110 44.80 41.49 -123.66
N ASN NE 111 45.09 42.06 -122.49
CA ASN NE 111 46.08 41.51 -121.59
C ASN NE 111 45.46 40.80 -120.40
N ALA NE 112 44.18 40.44 -120.48
CA ALA NE 112 43.54 39.75 -119.37
C ALA NE 112 44.21 38.42 -119.07
N GLY NE 113 44.85 37.81 -120.08
CA GLY NE 113 45.53 36.55 -119.84
C GLY NE 113 46.66 36.70 -118.84
N LEU NE 114 47.47 37.75 -119.00
CA LEU NE 114 48.56 37.98 -118.06
C LEU NE 114 48.03 38.33 -116.68
N GLY NE 115 46.94 39.09 -116.63
CA GLY NE 115 46.38 39.50 -115.35
C GLY NE 115 45.89 40.93 -115.36
N PHE NE 116 46.14 41.64 -116.46
CA PHE NE 116 45.75 43.04 -116.57
C PHE NE 116 44.28 43.11 -116.93
N LEU NE 117 43.51 43.86 -116.16
CA LEU NE 117 42.09 44.08 -116.44
C LEU NE 117 41.92 45.47 -117.03
N ASP NE 118 41.27 45.55 -118.19
CA ASP NE 118 41.15 46.80 -118.93
C ASP NE 118 39.71 47.30 -118.87
N PRO NE 119 39.42 48.36 -118.12
CA PRO NE 119 38.03 48.83 -118.00
C PRO NE 119 37.50 49.54 -119.23
N THR NE 120 38.34 49.88 -120.21
CA THR NE 120 37.89 50.60 -121.38
C THR NE 120 37.77 49.71 -122.61
N ALA NE 121 37.75 48.40 -122.43
CA ALA NE 121 37.65 47.48 -123.57
C ALA NE 121 36.30 47.68 -124.28
N ALA NE 122 36.32 47.53 -125.61
CA ALA NE 122 35.13 47.73 -126.43
C ALA NE 122 34.30 46.45 -126.42
N ILE NE 123 33.57 46.25 -125.32
CA ILE NE 123 32.77 45.05 -125.16
C ILE NE 123 31.38 45.31 -125.70
N VAL NE 124 30.88 44.36 -126.50
CA VAL NE 124 29.73 44.58 -127.38
C VAL NE 124 28.64 43.58 -127.04
N SER NE 125 27.39 44.02 -127.13
CA SER NE 125 26.23 43.18 -126.82
C SER NE 125 25.83 42.32 -128.00
N SER NE 126 24.98 41.34 -127.71
CA SER NE 126 24.42 40.52 -128.78
C SER NE 126 23.36 41.29 -129.58
N ASP NE 127 22.54 42.08 -128.90
CA ASP NE 127 21.48 42.81 -129.57
C ASP NE 127 22.06 43.81 -130.56
N THR NE 128 21.53 43.81 -131.77
CA THR NE 128 21.99 44.71 -132.81
C THR NE 128 21.32 46.08 -132.65
N THR NE 129 21.92 47.07 -133.30
CA THR NE 129 21.37 48.43 -133.26
C THR NE 129 20.25 48.59 -134.26
N ALA OE 1 9.49 9.24 -145.99
CA ALA OE 1 10.43 10.24 -145.50
C ALA OE 1 9.91 10.89 -144.22
N ASN OE 2 10.50 10.49 -143.09
CA ASN OE 2 10.11 11.02 -141.80
C ASN OE 2 11.36 11.38 -141.01
N LYS OE 3 11.22 12.28 -140.06
CA LYS OE 3 12.36 12.76 -139.30
C LYS OE 3 12.84 11.67 -138.34
N PRO OE 4 14.09 11.24 -138.42
CA PRO OE 4 14.62 10.25 -137.49
C PRO OE 4 14.96 10.87 -136.15
N MET OE 5 15.03 10.02 -135.13
CA MET OE 5 15.41 10.46 -133.80
C MET OE 5 16.93 10.36 -133.63
N GLN OE 6 17.37 10.70 -132.43
CA GLN OE 6 18.75 10.52 -132.01
C GLN OE 6 18.77 9.88 -130.63
N PRO OE 7 19.75 9.01 -130.36
CA PRO OE 7 19.84 8.40 -129.03
C PRO OE 7 20.09 9.45 -127.96
N ILE OE 8 19.49 9.25 -126.80
CA ILE OE 8 19.61 10.17 -125.67
C ILE OE 8 20.37 9.56 -124.52
N THR OE 9 19.83 8.49 -123.94
CA THR OE 9 20.45 7.81 -122.80
C THR OE 9 20.95 6.47 -123.29
N SER OE 10 22.26 6.36 -123.50
CA SER OE 10 22.88 5.13 -123.97
C SER OE 10 23.30 4.29 -122.77
N THR OE 11 22.89 3.04 -122.75
CA THR OE 11 23.21 2.14 -121.65
C THR OE 11 23.22 0.72 -122.22
N ALA OE 12 23.93 -0.17 -121.54
CA ALA OE 12 24.01 -1.55 -121.99
C ALA OE 12 22.67 -2.25 -121.96
N ASN OE 13 21.68 -1.69 -121.27
CA ASN OE 13 20.36 -2.29 -121.17
C ASN OE 13 19.23 -1.43 -121.73
N LYS OE 14 19.40 -0.11 -121.81
CA LYS OE 14 18.34 0.77 -122.24
C LYS OE 14 18.90 1.85 -123.15
N ILE OE 15 18.21 2.11 -124.26
CA ILE OE 15 18.54 3.22 -125.14
C ILE OE 15 17.26 3.98 -125.43
N VAL OE 16 17.30 5.30 -125.28
CA VAL OE 16 16.15 6.15 -125.47
C VAL OE 16 16.44 7.12 -126.61
N TRP OE 17 15.54 7.17 -127.59
CA TRP OE 17 15.64 8.11 -128.69
C TRP OE 17 14.61 9.22 -128.50
N SER OE 18 14.85 10.35 -129.17
CA SER OE 18 13.91 11.45 -129.15
C SER OE 18 14.17 12.34 -130.35
N ASP OE 19 13.10 12.84 -130.95
CA ASP OE 19 13.23 13.64 -132.15
C ASP OE 19 13.80 15.02 -131.82
N PRO OE 20 14.79 15.50 -132.57
CA PRO OE 20 15.34 16.84 -132.28
C PRO OE 20 14.30 17.95 -132.37
N THR OE 21 13.39 17.90 -133.33
CA THR OE 21 12.43 18.98 -133.50
C THR OE 21 11.39 18.95 -132.39
N ARG OE 22 10.88 17.78 -132.06
CA ARG OE 22 9.85 17.61 -131.04
C ARG OE 22 10.41 16.71 -129.94
N LEU OE 23 10.73 17.31 -128.80
CA LEU OE 23 11.34 16.53 -127.72
C LEU OE 23 10.34 15.64 -127.00
N SER OE 24 9.05 15.89 -127.17
CA SER OE 24 8.05 15.10 -126.47
C SER OE 24 8.07 13.65 -126.93
N THR OE 25 8.12 13.41 -128.24
CA THR OE 25 8.08 12.06 -128.75
C THR OE 25 9.38 11.32 -128.46
N THR OE 26 9.25 10.09 -127.98
CA THR OE 26 10.41 9.27 -127.63
C THR OE 26 10.14 7.84 -128.06
N PHE OE 27 11.23 7.06 -128.12
CA PHE OE 27 11.15 5.63 -128.35
C PHE OE 27 12.28 4.98 -127.55
N SER OE 28 11.91 4.17 -126.57
CA SER OE 28 12.88 3.56 -125.67
C SER OE 28 12.82 2.05 -125.80
N ALA OE 29 13.98 1.42 -125.91
CA ALA OE 29 14.10 -0.02 -125.98
C ALA OE 29 14.92 -0.51 -124.80
N SER OE 30 14.35 -1.43 -124.04
CA SER OE 30 15.02 -2.00 -122.88
C SER OE 30 14.96 -3.51 -122.94
N LEU OE 31 16.10 -4.15 -122.69
CA LEU OE 31 16.21 -5.60 -122.68
C LEU OE 31 16.94 -6.06 -121.43
N LEU OE 32 16.47 -7.17 -120.87
CA LEU OE 32 17.17 -7.87 -119.80
C LEU OE 32 17.42 -9.29 -120.28
N ARG OE 33 18.67 -9.72 -120.21
CA ARG OE 33 19.07 -11.05 -120.66
C ARG OE 33 19.44 -11.87 -119.44
N GLN OE 34 18.65 -12.90 -119.16
CA GLN OE 34 18.89 -13.78 -118.03
C GLN OE 34 18.70 -15.22 -118.47
N ARG OE 35 19.54 -16.10 -117.92
CA ARG OE 35 19.63 -17.48 -118.35
C ARG OE 35 18.67 -18.35 -117.55
N VAL OE 36 18.01 -19.28 -118.24
CA VAL OE 36 16.95 -20.10 -117.66
C VAL OE 36 17.24 -21.55 -117.98
N LYS OE 37 16.98 -22.44 -117.02
CA LYS OE 37 17.04 -23.88 -117.24
C LYS OE 37 15.61 -24.40 -117.11
N VAL OE 38 14.91 -24.50 -118.24
CA VAL OE 38 13.54 -25.01 -118.21
C VAL OE 38 13.55 -26.51 -117.89
N GLY OE 39 14.52 -27.24 -118.45
CA GLY OE 39 14.72 -28.63 -118.11
C GLY OE 39 15.83 -29.26 -118.92
N ILE OE 40 16.73 -29.97 -118.22
CA ILE OE 40 17.88 -30.69 -118.78
C ILE OE 40 18.46 -29.95 -119.99
N ALA OE 41 18.46 -28.62 -119.94
CA ALA OE 41 18.95 -27.82 -121.05
C ALA OE 41 19.07 -26.38 -120.58
N GLU OE 42 20.11 -25.70 -121.06
CA GLU OE 42 20.37 -24.31 -120.70
C GLU OE 42 19.72 -23.41 -121.74
N LEU OE 43 18.86 -22.50 -121.30
CA LEU OE 43 18.10 -21.65 -122.18
C LEU OE 43 18.50 -20.20 -121.94
N ASN OE 44 18.82 -19.49 -123.02
CA ASN OE 44 19.23 -18.09 -122.96
C ASN OE 44 18.03 -17.23 -123.29
N ASN OE 45 17.35 -16.74 -122.27
CA ASN OE 45 16.11 -16.00 -122.45
C ASN OE 45 16.38 -14.50 -122.44
N VAL OE 46 15.68 -13.79 -123.31
CA VAL OE 46 15.78 -12.34 -123.41
C VAL OE 46 14.37 -11.74 -123.39
N SER OE 47 14.22 -10.63 -122.69
CA SER OE 47 12.95 -9.92 -122.61
C SER OE 47 13.18 -8.48 -123.03
N GLY OE 48 12.70 -8.11 -124.20
CA GLY OE 48 12.92 -6.79 -124.76
C GLY OE 48 11.66 -5.94 -124.68
N GLN OE 49 11.77 -4.82 -123.98
CA GLN OE 49 10.69 -3.85 -123.87
C GLN OE 49 10.89 -2.75 -124.90
N TYR OE 50 9.83 -2.43 -125.64
CA TYR OE 50 9.87 -1.37 -126.63
C TYR OE 50 8.67 -0.46 -126.39
N VAL OE 51 8.94 0.78 -125.99
CA VAL OE 51 7.90 1.73 -125.66
C VAL OE 51 8.02 2.91 -126.61
N SER OE 52 6.95 3.18 -127.35
CA SER OE 52 6.87 4.34 -128.22
C SER OE 52 5.85 5.29 -127.64
N VAL OE 53 6.26 6.53 -127.39
CA VAL OE 53 5.40 7.53 -126.77
C VAL OE 53 5.34 8.75 -127.69
N TYR OE 54 4.12 9.16 -128.03
CA TYR OE 54 3.88 10.43 -128.68
C TYR OE 54 2.90 11.23 -127.83
N LYS OE 55 3.17 12.51 -127.69
CA LYS OE 55 2.48 13.35 -126.72
C LYS OE 55 1.64 14.31 -127.54
N ARG OE 56 0.44 13.87 -127.93
CA ARG OE 56 -0.34 14.53 -128.97
C ARG OE 56 -1.43 15.40 -128.37
N PRO OE 57 -1.61 16.63 -128.87
CA PRO OE 57 -2.68 17.48 -128.35
C PRO OE 57 -4.06 16.94 -128.69
N ALA OE 58 -5.02 17.31 -127.85
CA ALA OE 58 -6.41 16.95 -128.08
C ALA OE 58 -6.93 17.64 -129.33
N PRO OE 59 -7.97 17.11 -129.97
CA PRO OE 59 -8.59 17.83 -131.09
C PRO OE 59 -9.35 19.06 -130.63
N LYS OE 60 -9.23 20.16 -131.35
CA LYS OE 60 -10.01 21.34 -131.01
C LYS OE 60 -11.48 21.08 -131.33
N PRO OE 61 -12.42 21.63 -130.54
CA PRO OE 61 -13.81 21.15 -130.56
C PRO OE 61 -14.44 21.12 -131.94
N GLU OE 62 -14.33 22.23 -132.66
CA GLU OE 62 -14.87 22.33 -134.01
C GLU OE 62 -14.03 23.36 -134.76
N GLY OE 63 -14.51 23.80 -135.93
CA GLY OE 63 -13.84 24.90 -136.57
C GLY OE 63 -13.89 26.10 -135.65
N CYS OE 64 -12.77 26.38 -134.99
CA CYS OE 64 -12.72 27.42 -133.98
C CYS OE 64 -11.33 28.04 -133.91
N ALA OE 65 -10.52 27.77 -134.92
CA ALA OE 65 -9.19 28.37 -135.00
C ALA OE 65 -9.28 29.87 -135.23
N ASP OE 66 -9.04 30.65 -134.17
CA ASP OE 66 -8.69 32.04 -134.37
C ASP OE 66 -7.21 32.16 -134.74
N ALA OE 67 -6.35 31.55 -133.92
CA ALA OE 67 -4.90 31.56 -134.03
C ALA OE 67 -4.32 30.91 -132.79
N CYS OE 68 -4.47 31.60 -131.66
CA CYS OE 68 -3.83 31.27 -130.39
C CYS OE 68 -4.80 30.52 -129.48
N VAL OE 69 -4.86 29.21 -129.66
CA VAL OE 69 -5.55 28.37 -128.67
C VAL OE 69 -4.66 27.19 -128.31
N ILE OE 70 -3.90 27.34 -127.22
CA ILE OE 70 -3.11 26.23 -126.71
C ILE OE 70 -4.06 25.30 -125.98
N MET OE 71 -3.89 24.00 -126.17
CA MET OE 71 -4.84 23.03 -125.72
C MET OE 71 -4.13 21.96 -124.91
N PRO OE 72 -4.66 21.56 -123.76
CA PRO OE 72 -3.93 20.64 -122.89
C PRO OE 72 -3.57 19.36 -123.63
N ASN OE 73 -2.37 18.87 -123.36
CA ASN OE 73 -1.73 17.86 -124.16
C ASN OE 73 -1.93 16.49 -123.52
N GLU OE 74 -2.35 15.52 -124.34
CA GLU OE 74 -2.43 14.14 -123.88
C GLU OE 74 -1.37 13.30 -124.59
N ASN OE 75 -1.27 12.03 -124.23
CA ASN OE 75 -0.22 11.17 -124.73
C ASN OE 75 -0.77 9.88 -125.31
N GLN OE 76 -0.09 9.38 -126.35
CA GLN OE 76 -0.42 8.10 -126.98
C GLN OE 76 0.76 7.17 -126.77
N SER OE 77 0.50 6.01 -126.16
CA SER OE 77 1.56 5.12 -125.72
C SER OE 77 1.38 3.74 -126.33
N ILE OE 78 2.48 3.16 -126.78
CA ILE OE 78 2.51 1.80 -127.29
C ILE OE 78 3.69 1.07 -126.65
N ARG OE 79 3.41 -0.05 -126.00
CA ARG OE 79 4.44 -0.84 -125.35
C ARG OE 79 4.39 -2.26 -125.90
N THR OE 80 5.55 -2.85 -126.13
CA THR OE 80 5.65 -4.21 -126.63
C THR OE 80 6.80 -4.91 -125.92
N VAL OE 81 6.55 -6.12 -125.43
CA VAL OE 81 7.57 -6.92 -124.77
C VAL OE 81 7.65 -8.26 -125.50
N ILE OE 82 8.87 -8.67 -125.83
CA ILE OE 82 9.13 -9.93 -126.52
C ILE OE 82 10.00 -10.78 -125.61
N SER OE 83 9.52 -11.96 -125.26
CA SER OE 83 10.25 -12.86 -124.38
C SER OE 83 10.43 -14.20 -125.07
N GLY OE 84 11.66 -14.70 -125.09
CA GLY OE 84 11.95 -16.00 -125.69
C GLY OE 84 13.42 -16.28 -125.67
N SER OE 85 13.76 -17.51 -126.04
CA SER OE 85 15.14 -17.97 -126.06
C SER OE 85 15.81 -17.52 -127.34
N ALA OE 86 17.08 -17.10 -127.22
CA ALA OE 86 17.81 -16.62 -128.38
C ALA OE 86 17.99 -17.70 -129.44
N GLU OE 87 18.26 -18.94 -129.01
CA GLU OE 87 18.47 -20.01 -129.97
C GLU OE 87 17.17 -20.49 -130.61
N ASN OE 88 16.02 -20.00 -130.16
CA ASN OE 88 14.77 -20.17 -130.90
C ASN OE 88 14.30 -18.86 -131.52
N LEU OE 89 15.24 -17.97 -131.82
CA LEU OE 89 14.88 -16.68 -132.41
C LEU OE 89 14.26 -16.83 -133.78
N ALA OE 90 14.75 -17.78 -134.57
CA ALA OE 90 14.31 -17.89 -135.96
C ALA OE 90 12.80 -18.11 -136.03
N THR OE 91 12.28 -19.02 -135.22
CA THR OE 91 10.83 -19.21 -135.18
C THR OE 91 10.14 -18.07 -134.43
N LEU OE 92 10.83 -17.46 -133.47
CA LEU OE 92 10.21 -16.37 -132.72
C LEU OE 92 9.95 -15.17 -133.61
N LYS OE 93 10.78 -14.95 -134.62
CA LYS OE 93 10.52 -13.87 -135.57
C LYS OE 93 9.21 -14.11 -136.31
N ALA OE 94 8.92 -15.36 -136.67
CA ALA OE 94 7.65 -15.67 -137.30
C ALA OE 94 6.49 -15.35 -136.37
N GLU OE 95 6.69 -15.54 -135.06
CA GLU OE 95 5.66 -15.15 -134.11
C GLU OE 95 5.42 -13.65 -134.12
N TRP OE 96 6.51 -12.87 -134.22
CA TRP OE 96 6.35 -11.42 -134.20
C TRP OE 96 5.53 -10.93 -135.38
N GLU OE 97 5.84 -11.43 -136.57
CA GLU OE 97 5.13 -10.94 -137.76
C GLU OE 97 3.66 -11.36 -137.74
N THR OE 98 3.36 -12.57 -137.28
CA THR OE 98 1.98 -12.99 -137.22
C THR OE 98 1.23 -12.29 -136.10
N HIS OE 99 1.95 -11.93 -135.03
CA HIS OE 99 1.33 -11.11 -133.99
C HIS OE 99 0.94 -9.75 -134.52
N LYS OE 100 1.77 -9.18 -135.39
CA LYS OE 100 1.40 -7.94 -136.07
C LYS OE 100 0.15 -8.15 -136.91
N ARG OE 101 0.09 -9.26 -137.63
CA ARG OE 101 -1.06 -9.51 -138.49
C ARG OE 101 -2.35 -9.63 -137.69
N ASN OE 102 -2.29 -10.33 -136.55
CA ASN OE 102 -3.47 -10.49 -135.72
C ASN OE 102 -3.93 -9.14 -135.16
N VAL OE 103 -2.98 -8.32 -134.70
CA VAL OE 103 -3.35 -7.01 -134.19
C VAL OE 103 -3.92 -6.14 -135.29
N ASP OE 104 -3.30 -6.16 -136.46
CA ASP OE 104 -3.77 -5.34 -137.57
C ASP OE 104 -5.20 -5.70 -137.96
N THR OE 105 -5.47 -6.98 -138.13
CA THR OE 105 -6.80 -7.40 -138.53
C THR OE 105 -7.84 -7.16 -137.43
N LEU OE 106 -7.39 -6.85 -136.22
CA LEU OE 106 -8.29 -6.60 -135.11
C LEU OE 106 -8.35 -5.13 -134.71
N PHE OE 107 -7.25 -4.40 -134.87
CA PHE OE 107 -7.19 -3.01 -134.44
C PHE OE 107 -7.05 -2.04 -135.61
N ALA OE 108 -6.04 -2.23 -136.47
CA ALA OE 108 -5.82 -1.29 -137.56
C ALA OE 108 -7.00 -1.30 -138.53
N SER OE 109 -7.48 -2.47 -138.89
CA SER OE 109 -8.63 -2.58 -139.77
C SER OE 109 -9.94 -2.74 -139.02
N GLY OE 110 -9.90 -3.24 -137.79
CA GLY OE 110 -11.08 -3.43 -136.98
C GLY OE 110 -11.45 -2.19 -136.22
N ASN OE 111 -12.36 -2.35 -135.26
CA ASN OE 111 -12.83 -1.25 -134.45
C ASN OE 111 -12.36 -1.35 -133.00
N ALA OE 112 -11.35 -2.20 -132.73
CA ALA OE 112 -10.84 -2.31 -131.37
C ALA OE 112 -10.18 -1.02 -130.89
N GLY OE 113 -9.81 -0.14 -131.82
CA GLY OE 113 -9.21 1.12 -131.42
C GLY OE 113 -10.14 1.98 -130.60
N LEU OE 114 -11.43 1.98 -130.96
CA LEU OE 114 -12.40 2.77 -130.20
C LEU OE 114 -13.02 2.00 -129.04
N GLY OE 115 -12.90 0.67 -129.04
CA GLY OE 115 -13.43 -0.08 -127.91
C GLY OE 115 -14.41 -1.21 -128.21
N PHE OE 116 -14.30 -1.83 -129.38
CA PHE OE 116 -15.17 -2.94 -129.76
C PHE OE 116 -14.35 -4.19 -130.04
N LEU OE 117 -14.78 -5.33 -129.50
CA LEU OE 117 -14.22 -6.65 -129.80
C LEU OE 117 -15.16 -7.38 -130.74
N ASP OE 118 -14.78 -7.49 -132.00
CA ASP OE 118 -15.52 -8.32 -132.92
C ASP OE 118 -15.13 -9.77 -132.71
N PRO OE 119 -16.05 -10.65 -132.28
CA PRO OE 119 -15.67 -12.04 -132.02
C PRO OE 119 -15.57 -12.89 -133.27
N THR OE 120 -16.11 -12.45 -134.40
CA THR OE 120 -16.03 -13.21 -135.63
C THR OE 120 -14.82 -12.82 -136.48
N ALA OE 121 -13.99 -11.89 -136.01
CA ALA OE 121 -12.81 -11.51 -136.77
C ALA OE 121 -11.88 -12.69 -136.94
N ALA OE 122 -11.34 -12.84 -138.14
CA ALA OE 122 -10.50 -13.99 -138.48
C ALA OE 122 -9.05 -13.67 -138.15
N ILE OE 123 -8.47 -14.43 -137.23
CA ILE OE 123 -7.07 -14.30 -136.86
C ILE OE 123 -6.40 -15.65 -137.08
N VAL OE 124 -5.16 -15.62 -137.56
CA VAL OE 124 -4.47 -16.82 -137.96
C VAL OE 124 -3.24 -17.01 -137.06
N SER OE 125 -2.71 -18.23 -137.05
CA SER OE 125 -1.60 -18.60 -136.19
C SER OE 125 -0.28 -18.50 -136.93
N SER OE 126 0.81 -18.62 -136.16
CA SER OE 126 2.13 -18.64 -136.77
C SER OE 126 2.31 -19.88 -137.64
N ASP OE 127 1.79 -21.02 -137.19
CA ASP OE 127 1.93 -22.26 -137.94
C ASP OE 127 1.11 -22.21 -139.22
N THR OE 128 1.60 -22.91 -140.25
CA THR OE 128 0.98 -22.94 -141.56
C THR OE 128 0.42 -24.32 -141.84
N THR OE 129 -0.62 -24.38 -142.67
CA THR OE 129 -1.22 -25.65 -143.06
C THR OE 129 -0.23 -26.52 -143.82
N ALA PE 1 124.57 -63.80 54.62
CA ALA PE 1 123.90 -64.55 53.56
C ALA PE 1 122.44 -64.18 53.47
N ASN PE 2 122.02 -63.72 52.29
CA ASN PE 2 120.65 -63.31 52.04
C ASN PE 2 119.86 -64.47 51.44
N LYS PE 3 118.59 -64.53 51.77
CA LYS PE 3 117.75 -65.62 51.27
C LYS PE 3 117.43 -65.39 49.81
N PRO PE 4 117.82 -66.30 48.91
CA PRO PE 4 117.39 -66.17 47.51
C PRO PE 4 115.91 -66.44 47.39
N MET PE 5 115.29 -65.86 46.35
CA MET PE 5 113.88 -66.08 46.08
C MET PE 5 113.71 -66.74 44.74
N GLN PE 6 112.69 -67.58 44.62
CA GLN PE 6 112.35 -68.20 43.36
C GLN PE 6 111.57 -67.22 42.49
N PRO PE 7 111.70 -67.33 41.18
CA PRO PE 7 110.85 -66.52 40.29
C PRO PE 7 109.41 -66.98 40.35
N ILE PE 8 108.51 -66.06 40.06
CA ILE PE 8 107.08 -66.34 40.11
C ILE PE 8 106.40 -66.24 38.76
N THR PE 9 106.87 -65.39 37.85
CA THR PE 9 106.25 -65.25 36.55
C THR PE 9 107.37 -65.04 35.53
N SER PE 10 107.74 -66.10 34.83
CA SER PE 10 108.83 -66.05 33.87
C SER PE 10 108.27 -65.79 32.47
N THR PE 11 108.87 -64.84 31.77
CA THR PE 11 108.43 -64.47 30.43
C THR PE 11 109.66 -63.94 29.70
N ALA PE 12 109.58 -63.94 28.36
CA ALA PE 12 110.68 -63.42 27.56
C ALA PE 12 110.88 -61.92 27.77
N ASN PE 13 109.92 -61.24 28.40
CA ASN PE 13 110.02 -59.81 28.67
C ASN PE 13 110.12 -59.47 30.14
N LYS PE 14 109.30 -60.09 30.99
CA LYS PE 14 109.25 -59.75 32.41
C LYS PE 14 109.43 -61.00 33.25
N ILE PE 15 110.21 -60.87 34.32
CA ILE PE 15 110.34 -61.91 35.33
C ILE PE 15 110.16 -61.28 36.69
N VAL PE 16 109.36 -61.91 37.54
CA VAL PE 16 109.08 -61.41 38.88
C VAL PE 16 109.59 -62.42 39.89
N TRP PE 17 110.44 -61.96 40.80
CA TRP PE 17 110.96 -62.77 41.89
C TRP PE 17 110.26 -62.38 43.18
N SER PE 18 110.01 -63.36 44.04
CA SER PE 18 109.34 -63.11 45.31
C SER PE 18 109.89 -64.05 46.37
N ASP PE 19 110.14 -63.51 47.56
CA ASP PE 19 110.72 -64.29 48.65
C ASP PE 19 109.76 -65.40 49.06
N PRO PE 20 110.17 -66.66 49.05
CA PRO PE 20 109.25 -67.73 49.48
C PRO PE 20 108.72 -67.54 50.88
N THR PE 21 109.55 -67.06 51.80
CA THR PE 21 109.07 -66.82 53.16
C THR PE 21 108.10 -65.65 53.21
N ARG PE 22 108.44 -64.55 52.56
CA ARG PE 22 107.64 -63.33 52.55
C ARG PE 22 107.47 -62.90 51.10
N LEU PE 23 106.45 -63.46 50.43
CA LEU PE 23 106.27 -63.17 49.01
C LEU PE 23 105.68 -61.80 48.76
N SER PE 24 105.45 -61.00 49.80
CA SER PE 24 105.14 -59.59 49.58
C SER PE 24 106.33 -58.87 48.96
N THR PE 25 107.53 -59.18 49.42
CA THR PE 25 108.74 -58.63 48.81
C THR PE 25 108.87 -59.11 47.37
N THR PE 26 109.19 -58.19 46.47
CA THR PE 26 109.27 -58.51 45.06
C THR PE 26 110.48 -57.84 44.44
N PHE PE 27 110.93 -58.37 43.30
CA PHE PE 27 111.97 -57.75 42.50
C PHE PE 27 111.69 -58.14 41.05
N SER PE 28 111.12 -57.23 40.28
CA SER PE 28 110.69 -57.51 38.92
C SER PE 28 111.59 -56.78 37.93
N ALA PE 29 112.05 -57.48 36.91
CA ALA PE 29 112.85 -56.92 35.85
C ALA PE 29 112.13 -57.14 34.52
N SER PE 30 111.94 -56.07 33.76
CA SER PE 30 111.26 -56.13 32.48
C SER PE 30 112.08 -55.37 31.46
N LEU PE 31 112.17 -55.91 30.24
CA LEU PE 31 112.95 -55.33 29.18
C LEU PE 31 112.06 -54.87 28.03
N LEU PE 32 112.45 -53.79 27.38
CA LEU PE 32 111.79 -53.30 26.17
C LEU PE 32 112.88 -53.04 25.15
N ARG PE 33 112.93 -53.86 24.11
CA ARG PE 33 113.93 -53.75 23.06
C ARG PE 33 113.34 -53.02 21.87
N GLN PE 34 114.12 -52.13 21.28
CA GLN PE 34 113.62 -51.27 20.21
C GLN PE 34 114.78 -50.91 19.30
N ARG PE 35 114.45 -50.60 18.04
CA ARG PE 35 115.41 -50.17 17.05
C ARG PE 35 115.36 -48.66 16.92
N VAL PE 36 116.52 -48.02 16.94
CA VAL PE 36 116.62 -46.56 16.87
C VAL PE 36 117.56 -46.19 15.73
N LYS PE 37 117.13 -45.23 14.92
CA LYS PE 37 117.90 -44.77 13.76
C LYS PE 37 118.65 -43.51 14.18
N VAL PE 38 119.85 -43.69 14.72
CA VAL PE 38 120.65 -42.54 15.13
C VAL PE 38 121.05 -41.70 13.92
N GLY PE 39 121.53 -42.35 12.87
CA GLY PE 39 121.80 -41.70 11.62
C GLY PE 39 122.57 -42.61 10.69
N ILE PE 40 122.14 -42.70 9.43
CA ILE PE 40 122.68 -43.57 8.38
C ILE PE 40 123.15 -44.90 8.94
N ALA PE 41 122.50 -45.38 10.00
CA ALA PE 41 122.86 -46.60 10.69
C ALA PE 41 121.75 -46.94 11.66
N GLU PE 42 121.57 -48.24 11.90
CA GLU PE 42 120.49 -48.72 12.75
C GLU PE 42 121.09 -49.35 14.00
N LEU PE 43 120.53 -49.00 15.15
CA LEU PE 43 121.02 -49.50 16.43
C LEU PE 43 119.86 -50.08 17.22
N ASN PE 44 120.13 -51.17 17.94
CA ASN PE 44 119.13 -51.81 18.78
C ASN PE 44 119.23 -51.22 20.18
N ASN PE 45 118.17 -50.57 20.63
CA ASN PE 45 118.13 -49.93 21.94
C ASN PE 45 117.26 -50.76 22.87
N VAL PE 46 117.74 -50.96 24.10
CA VAL PE 46 117.02 -51.75 25.10
C VAL PE 46 116.74 -50.85 26.30
N SER PE 47 115.56 -51.01 26.88
CA SER PE 47 115.15 -50.27 28.06
C SER PE 47 114.70 -51.28 29.11
N GLY PE 48 115.48 -51.42 30.18
CA GLY PE 48 115.19 -52.38 31.21
C GLY PE 48 114.75 -51.71 32.49
N GLN PE 49 113.54 -52.03 32.93
CA GLN PE 49 113.00 -51.54 34.19
C GLN PE 49 113.25 -52.56 35.28
N TYR PE 50 113.91 -52.14 36.35
CA TYR PE 50 114.23 -53.01 37.48
C TYR PE 50 113.59 -52.41 38.71
N VAL PE 51 112.59 -53.10 39.25
CA VAL PE 51 111.79 -52.59 40.36
C VAL PE 51 111.94 -53.55 41.53
N SER PE 52 112.37 -53.02 42.67
CA SER PE 52 112.43 -53.77 43.92
C SER PE 52 111.44 -53.14 44.88
N VAL PE 53 110.51 -53.95 45.39
CA VAL PE 53 109.43 -53.46 46.23
C VAL PE 53 109.46 -54.21 47.56
N TYR PE 54 109.42 -53.46 48.66
CA TYR PE 54 109.32 -54.05 49.98
C TYR PE 54 108.17 -53.39 50.73
N LYS PE 55 107.38 -54.20 51.41
CA LYS PE 55 106.28 -53.73 52.24
C LYS PE 55 106.76 -53.75 53.69
N ARG PE 56 107.13 -52.59 54.20
CA ARG PE 56 107.70 -52.46 55.52
C ARG PE 56 106.68 -51.88 56.47
N PRO PE 57 106.58 -52.39 57.70
CA PRO PE 57 105.57 -51.87 58.64
C PRO PE 57 105.97 -50.51 59.20
N ALA PE 58 105.14 -50.04 60.11
CA ALA PE 58 105.33 -48.74 60.72
C ALA PE 58 106.60 -48.73 61.58
N PRO PE 59 107.15 -47.54 61.85
CA PRO PE 59 108.40 -47.47 62.63
C PRO PE 59 108.29 -48.06 64.03
N LYS PE 60 107.09 -48.08 64.62
CA LYS PE 60 106.88 -48.63 65.95
C LYS PE 60 107.73 -47.86 66.97
N PRO PE 61 107.27 -46.68 67.40
CA PRO PE 61 108.00 -45.91 68.42
C PRO PE 61 108.56 -46.78 69.54
N GLU PE 62 109.77 -46.48 69.95
CA GLU PE 62 110.54 -47.36 70.83
C GLU PE 62 109.89 -47.47 72.20
N GLY PE 63 110.08 -48.63 72.84
CA GLY PE 63 109.63 -48.83 74.20
C GLY PE 63 108.61 -49.93 74.37
N CYS PE 64 107.66 -50.04 73.44
CA CYS PE 64 106.66 -51.09 73.52
C CYS PE 64 106.86 -52.12 72.41
N ALA PE 65 106.45 -53.37 72.69
CA ALA PE 65 106.56 -54.47 71.74
C ALA PE 65 105.15 -55.03 71.49
N ASP PE 66 104.45 -54.42 70.53
CA ASP PE 66 103.11 -54.89 70.23
C ASP PE 66 103.14 -56.24 69.51
N ALA PE 67 104.03 -56.40 68.53
CA ALA PE 67 104.30 -57.68 67.91
C ALA PE 67 103.04 -58.30 67.34
N CYS PE 68 102.40 -59.15 68.16
CA CYS PE 68 101.24 -59.91 67.72
C CYS PE 68 100.00 -59.04 67.54
N VAL PE 69 100.11 -57.74 67.86
CA VAL PE 69 99.21 -56.79 67.21
C VAL PE 69 100.04 -55.91 66.28
N ILE PE 70 99.60 -55.81 65.02
CA ILE PE 70 100.48 -55.37 63.93
C ILE PE 70 99.95 -54.07 63.33
N MET PE 71 100.87 -53.16 63.03
CA MET PE 71 100.58 -51.93 62.30
C MET PE 71 100.45 -52.24 60.81
N PRO PE 72 99.84 -51.37 60.01
CA PRO PE 72 99.88 -51.56 58.56
C PRO PE 72 101.29 -51.30 58.03
N ASN PE 73 101.45 -51.53 56.73
CA ASN PE 73 102.75 -51.45 56.10
C ASN PE 73 102.78 -50.30 55.11
N GLU PE 74 103.98 -49.76 54.92
CA GLU PE 74 104.25 -48.75 53.91
C GLU PE 74 105.10 -49.36 52.80
N ASN PE 75 105.22 -48.63 51.70
CA ASN PE 75 105.86 -49.12 50.49
C ASN PE 75 107.26 -48.56 50.38
N GLN PE 76 108.25 -49.44 50.28
CA GLN PE 76 109.63 -49.07 50.00
C GLN PE 76 109.97 -49.61 48.62
N SER PE 77 110.09 -48.72 47.64
CA SER PE 77 110.28 -49.13 46.25
C SER PE 77 111.46 -48.40 45.65
N ILE PE 78 112.24 -49.12 44.85
CA ILE PE 78 113.36 -48.56 44.10
C ILE PE 78 113.21 -48.99 42.65
N ARG PE 79 113.17 -48.03 41.73
CA ARG PE 79 113.04 -48.30 40.31
C ARG PE 79 114.21 -47.70 39.57
N THR PE 80 114.83 -48.49 38.70
CA THR PE 80 115.90 -48.03 37.83
C THR PE 80 115.59 -48.45 36.40
N VAL PE 81 115.82 -47.56 35.45
CA VAL PE 81 115.67 -47.87 34.03
C VAL PE 81 116.99 -47.58 33.35
N ILE PE 82 117.44 -48.50 32.52
CA ILE PE 82 118.69 -48.38 31.79
C ILE PE 82 118.37 -48.43 30.31
N SER PE 83 118.74 -47.38 29.58
CA SER PE 83 118.46 -47.28 28.16
C SER PE 83 119.75 -46.99 27.40
N GLY PE 84 119.97 -47.72 26.33
CA GLY PE 84 121.14 -47.51 25.50
C GLY PE 84 121.28 -48.61 24.47
N SER PE 85 122.08 -48.32 23.46
CA SER PE 85 122.32 -49.30 22.41
C SER PE 85 123.15 -50.47 22.94
N ALA PE 86 122.80 -51.67 22.50
CA ALA PE 86 123.57 -52.84 22.90
C ALA PE 86 124.99 -52.80 22.35
N GLU PE 87 125.19 -52.07 21.26
CA GLU PE 87 126.53 -51.94 20.69
C GLU PE 87 127.47 -51.17 21.62
N ASN PE 88 126.96 -50.13 22.28
CA ASN PE 88 127.73 -49.37 23.25
C ASN PE 88 127.54 -49.91 24.66
N LEU PE 89 127.25 -51.20 24.80
CA LEU PE 89 127.00 -51.76 26.11
C LEU PE 89 128.25 -51.75 26.98
N ALA PE 90 129.43 -51.93 26.37
CA ALA PE 90 130.66 -52.01 27.15
C ALA PE 90 130.85 -50.76 27.99
N THR PE 91 130.62 -49.58 27.40
CA THR PE 91 130.72 -48.34 28.14
C THR PE 91 129.50 -48.08 29.00
N LEU PE 92 128.38 -48.72 28.70
CA LEU PE 92 127.18 -48.52 29.51
C LEU PE 92 127.38 -49.06 30.93
N LYS PE 93 128.12 -50.15 31.07
CA LYS PE 93 128.45 -50.66 32.39
C LYS PE 93 129.21 -49.62 33.20
N ALA PE 94 130.17 -48.94 32.55
CA ALA PE 94 130.92 -47.90 33.23
C ALA PE 94 130.00 -46.77 33.66
N GLU PE 95 129.02 -46.42 32.82
CA GLU PE 95 128.03 -45.43 33.22
C GLU PE 95 127.26 -45.89 34.45
N TRP PE 96 126.88 -47.16 34.49
CA TRP PE 96 126.11 -47.67 35.60
C TRP PE 96 126.91 -47.61 36.90
N GLU PE 97 128.22 -47.83 36.82
CA GLU PE 97 129.05 -47.78 38.01
C GLU PE 97 129.11 -46.37 38.58
N THR PE 98 129.36 -45.38 37.73
CA THR PE 98 129.44 -44.00 38.22
C THR PE 98 128.11 -43.53 38.74
N HIS PE 99 127.02 -43.88 38.05
CA HIS PE 99 125.69 -43.51 38.54
C HIS PE 99 125.44 -44.11 39.92
N LYS PE 100 125.94 -45.31 40.16
CA LYS PE 100 125.88 -45.88 41.51
C LYS PE 100 126.64 -45.00 42.49
N ARG PE 101 127.86 -44.60 42.11
CA ARG PE 101 128.68 -43.80 43.00
C ARG PE 101 128.06 -42.45 43.28
N ASN PE 102 127.50 -41.81 42.25
CA ASN PE 102 126.90 -40.49 42.43
C ASN PE 102 125.72 -40.57 43.39
N VAL PE 103 124.85 -41.56 43.22
CA VAL PE 103 123.70 -41.69 44.12
C VAL PE 103 124.16 -42.00 45.52
N ASP PE 104 125.14 -42.89 45.67
CA ASP PE 104 125.65 -43.22 47.00
C ASP PE 104 126.17 -41.99 47.71
N THR PE 105 126.81 -41.08 46.97
CA THR PE 105 127.27 -39.83 47.57
C THR PE 105 126.10 -39.03 48.11
N LEU PE 106 125.03 -38.90 47.33
CA LEU PE 106 123.88 -38.12 47.76
C LEU PE 106 123.05 -38.86 48.78
N PHE PE 107 122.86 -40.17 48.62
CA PHE PE 107 121.90 -40.93 49.40
C PHE PE 107 122.56 -41.79 50.46
N ALA PE 108 123.49 -42.66 50.08
CA ALA PE 108 124.12 -43.54 51.05
C ALA PE 108 124.94 -42.74 52.05
N SER PE 109 125.69 -41.75 51.57
CA SER PE 109 126.53 -40.95 52.45
C SER PE 109 125.82 -39.69 52.94
N GLY PE 110 125.24 -38.92 52.02
CA GLY PE 110 124.50 -37.74 52.39
C GLY PE 110 123.14 -38.08 52.98
N ASN PE 111 122.42 -37.04 53.37
CA ASN PE 111 121.10 -37.17 53.96
C ASN PE 111 120.00 -36.78 52.98
N ALA PE 112 120.20 -37.08 51.69
CA ALA PE 112 119.17 -36.77 50.72
C ALA PE 112 117.91 -37.59 50.95
N GLY PE 113 118.05 -38.77 51.56
CA GLY PE 113 116.87 -39.58 51.83
C GLY PE 113 115.87 -38.90 52.74
N LEU PE 114 116.37 -38.12 53.71
CA LEU PE 114 115.49 -37.36 54.58
C LEU PE 114 114.80 -36.21 53.86
N GLY PE 115 115.22 -35.89 52.64
CA GLY PE 115 114.63 -34.81 51.89
C GLY PE 115 115.54 -33.61 51.68
N PHE PE 116 116.82 -33.73 52.03
CA PHE PE 116 117.72 -32.59 51.89
C PHE PE 116 118.47 -32.67 50.57
N LEU PE 117 119.00 -31.52 50.16
CA LEU PE 117 119.86 -31.41 49.00
C LEU PE 117 121.16 -30.73 49.40
N ASP PE 118 122.27 -31.25 48.89
CA ASP PE 118 123.60 -30.72 49.20
C ASP PE 118 124.23 -30.21 47.91
N PRO PE 119 124.09 -28.92 47.60
CA PRO PE 119 124.65 -28.38 46.36
C PRO PE 119 126.17 -28.40 46.32
N THR PE 120 126.84 -28.76 47.41
CA THR PE 120 128.29 -28.82 47.44
C THR PE 120 128.82 -30.24 47.46
N ALA PE 121 127.98 -31.23 47.19
CA ALA PE 121 128.45 -32.61 47.14
C ALA PE 121 129.38 -32.82 45.97
N ALA PE 122 130.42 -33.62 46.18
CA ALA PE 122 131.41 -33.92 45.15
C ALA PE 122 130.94 -35.13 44.37
N ILE PE 123 130.44 -34.90 43.17
CA ILE PE 123 129.94 -35.97 42.33
C ILE PE 123 130.92 -36.23 41.20
N VAL PE 124 130.76 -37.36 40.52
CA VAL PE 124 131.80 -37.93 39.68
C VAL PE 124 131.23 -38.28 38.31
N SER PE 125 132.01 -37.99 37.27
CA SER PE 125 131.65 -38.33 35.91
C SER PE 125 132.33 -39.62 35.48
N SER PE 126 131.76 -40.24 34.44
CA SER PE 126 132.34 -41.45 33.89
C SER PE 126 133.71 -41.20 33.30
N ASP PE 127 133.89 -40.05 32.64
CA ASP PE 127 135.16 -39.76 31.99
C ASP PE 127 136.27 -39.63 33.01
N THR PE 128 137.46 -40.11 32.64
CA THR PE 128 138.63 -40.07 33.50
C THR PE 128 139.61 -39.03 32.98
N THR PE 129 140.53 -38.63 33.84
CA THR PE 129 141.55 -37.66 33.48
C THR PE 129 142.70 -38.31 32.72
N ALA QE 1 133.69 -74.04 13.74
CA ALA QE 1 133.63 -72.71 14.30
C ALA QE 1 132.54 -71.88 13.64
N ASN QE 2 131.48 -71.60 14.39
CA ASN QE 2 130.37 -70.81 13.87
C ASN QE 2 129.60 -70.23 15.04
N LYS QE 3 129.17 -68.98 14.91
CA LYS QE 3 128.64 -68.24 16.05
C LYS QE 3 127.31 -68.81 16.50
N PRO QE 4 127.18 -69.25 17.74
CA PRO QE 4 125.90 -69.80 18.21
C PRO QE 4 124.88 -68.70 18.48
N MET QE 5 123.63 -69.11 18.48
CA MET QE 5 122.51 -68.20 18.69
C MET QE 5 121.87 -68.47 20.03
N GLN QE 6 121.05 -67.52 20.49
CA GLN QE 6 120.30 -67.68 21.72
C GLN QE 6 118.86 -67.21 21.52
N PRO QE 7 117.91 -67.84 22.19
CA PRO QE 7 116.52 -67.41 22.07
C PRO QE 7 116.31 -66.03 22.69
N ILE QE 8 115.34 -65.30 22.15
CA ILE QE 8 115.03 -63.96 22.64
C ILE QE 8 113.60 -63.93 23.14
N THR QE 9 112.65 -64.18 22.25
CA THR QE 9 111.24 -64.14 22.57
C THR QE 9 110.67 -65.55 22.50
N SER QE 10 110.00 -65.97 23.57
CA SER QE 10 109.37 -67.28 23.63
C SER QE 10 107.85 -67.09 23.69
N THR QE 11 107.14 -67.94 22.96
CA THR QE 11 105.69 -67.85 22.88
C THR QE 11 105.14 -69.25 22.70
N ALA QE 12 103.83 -69.38 22.83
CA ALA QE 12 103.19 -70.68 22.64
C ALA QE 12 103.42 -71.23 21.25
N ASN QE 13 103.62 -70.34 20.26
CA ASN QE 13 103.77 -70.77 18.88
C ASN QE 13 104.90 -70.05 18.14
N LYS QE 14 105.84 -69.44 18.85
CA LYS QE 14 106.91 -68.71 18.17
C LYS QE 14 108.07 -68.51 19.13
N ILE QE 15 109.27 -68.87 18.69
CA ILE QE 15 110.49 -68.58 19.42
C ILE QE 15 111.49 -67.95 18.45
N VAL QE 16 112.12 -66.86 18.89
CA VAL QE 16 113.01 -66.07 18.06
C VAL QE 16 114.42 -66.16 18.62
N TRP QE 17 115.37 -66.51 17.77
CA TRP QE 17 116.78 -66.55 18.12
C TRP QE 17 117.50 -65.38 17.49
N SER QE 18 118.47 -64.81 18.22
CA SER QE 18 119.27 -63.72 17.70
C SER QE 18 120.69 -63.84 18.21
N ASP QE 19 121.61 -63.24 17.48
CA ASP QE 19 123.03 -63.31 17.82
C ASP QE 19 123.38 -62.22 18.83
N PRO QE 20 123.99 -62.56 19.96
CA PRO QE 20 124.35 -61.51 20.93
C PRO QE 20 125.31 -60.48 20.37
N THR QE 21 126.27 -60.89 19.54
CA THR QE 21 127.24 -59.94 19.02
C THR QE 21 126.59 -59.00 18.00
N ARG QE 22 125.76 -59.55 17.12
CA ARG QE 22 125.06 -58.76 16.11
C ARG QE 22 123.57 -59.04 16.25
N LEU QE 23 122.85 -58.09 16.86
CA LEU QE 23 121.44 -58.31 17.15
C LEU QE 23 120.58 -58.35 15.90
N SER QE 24 121.08 -57.83 14.78
CA SER QE 24 120.28 -57.82 13.56
C SER QE 24 120.02 -59.24 13.06
N THR QE 25 121.02 -60.11 13.13
CA THR QE 25 120.84 -61.50 12.72
C THR QE 25 119.75 -62.16 13.53
N THR QE 26 118.86 -62.88 12.85
CA THR QE 26 117.68 -63.41 13.50
C THR QE 26 117.24 -64.70 12.80
N PHE QE 27 116.74 -65.64 13.59
CA PHE QE 27 116.12 -66.85 13.08
C PHE QE 27 114.92 -67.17 13.97
N SER QE 28 113.73 -67.15 13.39
CA SER QE 28 112.49 -67.36 14.13
C SER QE 28 111.74 -68.54 13.54
N ALA QE 29 111.21 -69.39 14.42
CA ALA QE 29 110.43 -70.55 14.03
C ALA QE 29 109.04 -70.45 14.62
N SER QE 30 108.02 -70.60 13.80
CA SER QE 30 106.64 -70.53 14.24
C SER QE 30 105.87 -71.75 13.73
N LEU QE 31 105.00 -72.27 14.58
CA LEU QE 31 104.15 -73.39 14.21
C LEU QE 31 102.69 -73.00 14.32
N LEU QE 32 101.86 -73.67 13.53
CA LEU QE 32 100.42 -73.47 13.58
C LEU QE 32 99.77 -74.82 13.32
N ARG QE 33 99.21 -75.41 14.37
CA ARG QE 33 98.61 -76.74 14.30
C ARG QE 33 97.09 -76.61 14.34
N GLN QE 34 96.42 -77.31 13.43
CA GLN QE 34 94.97 -77.33 13.38
C GLN QE 34 94.51 -78.75 13.09
N ARG QE 35 93.19 -78.97 13.20
CA ARG QE 35 92.63 -80.32 13.26
C ARG QE 35 91.97 -80.60 11.91
N VAL QE 36 92.74 -81.18 10.99
CA VAL QE 36 92.27 -81.33 9.62
C VAL QE 36 91.44 -82.59 9.47
N LYS QE 37 90.38 -82.51 8.67
CA LYS QE 37 89.45 -83.61 8.43
C LYS QE 37 89.65 -84.13 7.01
N VAL QE 38 89.88 -85.43 6.89
CA VAL QE 38 90.02 -86.07 5.58
C VAL QE 38 89.06 -87.23 5.50
N GLY QE 39 89.11 -87.98 4.40
CA GLY QE 39 88.22 -89.10 4.20
C GLY QE 39 88.16 -90.08 5.36
N ILE QE 40 86.99 -90.13 6.01
CA ILE QE 40 86.67 -90.99 7.15
C ILE QE 40 87.86 -91.07 8.13
N ALA QE 41 88.63 -89.99 8.22
CA ALA QE 41 89.73 -89.94 9.17
C ALA QE 41 89.86 -88.52 9.68
N GLU QE 42 90.37 -88.41 10.90
CA GLU QE 42 90.62 -87.14 11.55
C GLU QE 42 92.11 -87.01 11.79
N LEU QE 43 92.70 -85.92 11.31
CA LEU QE 43 94.15 -85.85 11.19
C LEU QE 43 94.69 -84.58 11.83
N ASN QE 44 95.99 -84.60 12.11
CA ASN QE 44 96.69 -83.47 12.73
C ASN QE 44 97.60 -82.82 11.70
N ASN QE 45 97.35 -81.55 11.41
CA ASN QE 45 98.15 -80.82 10.43
C ASN QE 45 99.02 -79.79 11.15
N VAL QE 46 100.29 -79.73 10.76
CA VAL QE 46 101.24 -78.77 11.30
C VAL QE 46 101.85 -77.98 10.16
N SER QE 47 101.83 -76.66 10.30
CA SER QE 47 102.36 -75.75 9.27
C SER QE 47 103.52 -74.97 9.90
N GLY QE 48 104.74 -75.47 9.70
CA GLY QE 48 105.90 -74.85 10.31
C GLY QE 48 106.50 -73.79 9.43
N GLN QE 49 106.65 -72.59 9.96
CA GLN QE 49 107.19 -71.45 9.24
C GLN QE 49 108.53 -71.05 9.87
N TYR QE 50 109.57 -70.99 9.04
CA TYR QE 50 110.92 -70.70 9.51
C TYR QE 50 111.46 -69.54 8.70
N VAL QE 51 111.97 -68.52 9.40
CA VAL QE 51 112.41 -67.29 8.76
C VAL QE 51 113.81 -66.97 9.26
N SER QE 52 114.75 -66.79 8.33
CA SER QE 52 116.11 -66.38 8.64
C SER QE 52 116.34 -65.00 8.02
N VAL QE 53 116.81 -64.06 8.83
CA VAL QE 53 116.97 -62.68 8.42
C VAL QE 53 118.38 -62.22 8.73
N TYR QE 54 119.02 -61.57 7.77
CA TYR QE 54 120.33 -60.99 7.96
C TYR QE 54 120.37 -59.60 7.33
N LYS QE 55 121.02 -58.66 8.01
CA LYS QE 55 121.26 -57.33 7.48
C LYS QE 55 122.68 -57.30 6.93
N ARG QE 56 122.82 -57.44 5.62
CA ARG QE 56 124.12 -57.53 4.98
C ARG QE 56 124.48 -56.18 4.39
N PRO QE 57 125.61 -55.59 4.78
CA PRO QE 57 126.01 -54.31 4.21
C PRO QE 57 126.19 -54.42 2.70
N ALA QE 58 125.84 -53.34 2.01
CA ALA QE 58 125.93 -53.35 0.55
C ALA QE 58 127.40 -53.47 0.13
N PRO QE 59 127.68 -54.06 -1.03
CA PRO QE 59 129.08 -54.27 -1.43
C PRO QE 59 129.77 -52.96 -1.73
N LYS QE 60 130.90 -52.74 -1.08
CA LYS QE 60 131.71 -51.57 -1.34
C LYS QE 60 132.39 -51.70 -2.70
N PRO QE 61 132.80 -50.59 -3.30
CA PRO QE 61 133.50 -50.66 -4.59
C PRO QE 61 134.77 -51.50 -4.48
N GLU QE 62 135.05 -52.26 -5.52
CA GLU QE 62 136.16 -53.20 -5.53
C GLU QE 62 137.49 -52.48 -5.39
N GLY QE 63 137.60 -51.28 -5.96
CA GLY QE 63 138.86 -50.57 -5.99
C GLY QE 63 139.41 -50.26 -4.62
N CYS QE 64 138.59 -49.72 -3.73
CA CYS QE 64 139.08 -49.34 -2.41
C CYS QE 64 138.84 -50.41 -1.36
N ALA QE 65 139.92 -50.80 -0.69
CA ALA QE 65 139.89 -51.80 0.38
C ALA QE 65 139.87 -51.13 1.74
N ASP QE 66 139.58 -49.83 1.78
CA ASP QE 66 139.50 -49.11 3.05
C ASP QE 66 138.32 -49.64 3.86
N ALA QE 67 138.63 -50.39 4.91
CA ALA QE 67 137.58 -51.00 5.73
C ALA QE 67 136.71 -49.97 6.43
N CYS QE 68 137.21 -48.74 6.62
CA CYS QE 68 136.50 -47.76 7.44
C CYS QE 68 135.73 -46.81 6.54
N VAL QE 69 134.85 -47.41 5.72
CA VAL QE 69 133.83 -46.66 4.99
C VAL QE 69 132.64 -47.58 4.81
N ILE QE 70 131.48 -47.16 5.32
CA ILE QE 70 130.34 -48.05 5.43
C ILE QE 70 129.15 -47.43 4.69
N MET QE 71 128.43 -48.27 3.97
CA MET QE 71 127.19 -47.94 3.29
C MET QE 71 126.10 -48.82 3.88
N PRO QE 72 124.82 -48.45 3.78
CA PRO QE 72 123.77 -49.14 4.54
C PRO QE 72 123.62 -50.59 4.11
N ASN QE 73 122.96 -51.35 4.97
CA ASN QE 73 122.77 -52.78 4.80
C ASN QE 73 121.50 -53.05 3.99
N GLU QE 74 121.31 -54.31 3.65
CA GLU QE 74 120.17 -54.74 2.86
C GLU QE 74 119.55 -55.98 3.49
N ASN QE 75 118.31 -56.25 3.11
CA ASN QE 75 117.61 -57.41 3.62
C ASN QE 75 118.08 -58.68 2.92
N GLN QE 76 118.37 -59.71 3.70
CA GLN QE 76 118.66 -61.04 3.18
C GLN QE 76 117.79 -62.00 3.97
N SER QE 77 116.58 -62.27 3.47
CA SER QE 77 115.59 -63.06 4.18
C SER QE 77 115.35 -64.36 3.45
N ILE QE 78 115.31 -65.45 4.21
CA ILE QE 78 114.97 -66.77 3.68
C ILE QE 78 113.82 -67.31 4.51
N ARG QE 79 112.65 -67.43 3.89
CA ARG QE 79 111.45 -67.91 4.56
C ARG QE 79 111.07 -69.27 4.00
N THR QE 80 110.81 -70.22 4.90
CA THR QE 80 110.41 -71.56 4.50
C THR QE 80 109.22 -71.99 5.36
N VAL QE 81 108.18 -72.51 4.70
CA VAL QE 81 107.02 -73.02 5.40
C VAL QE 81 106.86 -74.49 5.07
N ILE QE 82 106.65 -75.31 6.10
CA ILE QE 82 106.50 -76.75 5.94
C ILE QE 82 105.10 -77.12 6.41
N SER QE 83 104.29 -77.64 5.50
CA SER QE 83 102.92 -78.03 5.79
C SER QE 83 102.73 -79.51 5.48
N GLY QE 84 102.10 -80.22 6.39
CA GLY QE 84 101.84 -81.64 6.18
C GLY QE 84 101.23 -82.26 7.41
N SER QE 85 100.66 -83.44 7.20
CA SER QE 85 100.03 -84.18 8.29
C SER QE 85 101.08 -84.69 9.27
N ALA QE 86 100.65 -84.93 10.51
CA ALA QE 86 101.59 -85.32 11.56
C ALA QE 86 102.19 -86.70 11.29
N GLU QE 87 101.36 -87.68 10.95
CA GLU QE 87 101.86 -89.05 10.84
C GLU QE 87 102.79 -89.21 9.65
N ASN QE 88 102.55 -88.45 8.59
CA ASN QE 88 103.37 -88.53 7.38
C ASN QE 88 104.70 -87.82 7.54
N LEU QE 89 105.08 -87.46 8.76
CA LEU QE 89 106.34 -86.80 8.99
C LEU QE 89 107.52 -87.65 8.53
N ALA QE 90 107.38 -88.98 8.60
CA ALA QE 90 108.47 -89.85 8.17
C ALA QE 90 108.77 -89.66 6.70
N THR QE 91 107.73 -89.71 5.85
CA THR QE 91 107.94 -89.51 4.43
C THR QE 91 108.10 -88.05 4.07
N LEU QE 92 107.59 -87.15 4.91
CA LEU QE 92 107.70 -85.73 4.60
C LEU QE 92 109.14 -85.25 4.72
N LYS QE 93 109.91 -85.82 5.65
CA LYS QE 93 111.33 -85.47 5.75
C LYS QE 93 112.07 -85.77 4.46
N ALA QE 94 111.72 -86.89 3.81
CA ALA QE 94 112.32 -87.20 2.52
C ALA QE 94 111.98 -86.12 1.50
N GLU QE 95 110.76 -85.58 1.54
CA GLU QE 95 110.40 -84.49 0.66
C GLU QE 95 111.27 -83.27 0.92
N TRP QE 96 111.50 -82.96 2.21
CA TRP QE 96 112.37 -81.85 2.54
C TRP QE 96 113.78 -82.07 2.02
N GLU QE 97 114.24 -83.32 2.04
CA GLU QE 97 115.57 -83.63 1.53
C GLU QE 97 115.70 -83.32 0.05
N THR QE 98 114.76 -83.83 -0.75
CA THR QE 98 114.82 -83.60 -2.18
C THR QE 98 114.54 -82.14 -2.51
N HIS QE 99 113.60 -81.52 -1.80
CA HIS QE 99 113.34 -80.10 -2.00
C HIS QE 99 114.60 -79.28 -1.78
N LYS QE 100 115.44 -79.68 -0.83
CA LYS QE 100 116.75 -79.06 -0.68
C LYS QE 100 117.60 -79.30 -1.91
N ARG QE 101 117.60 -80.52 -2.44
CA ARG QE 101 118.39 -80.83 -3.62
C ARG QE 101 117.90 -80.04 -4.82
N ASN QE 102 116.59 -79.94 -5.00
CA ASN QE 102 116.06 -79.22 -6.15
C ASN QE 102 116.46 -77.76 -6.12
N VAL QE 103 116.34 -77.12 -4.96
CA VAL QE 103 116.70 -75.71 -4.84
C VAL QE 103 118.18 -75.52 -5.10
N ASP QE 104 119.01 -76.43 -4.59
CA ASP QE 104 120.45 -76.31 -4.77
C ASP QE 104 120.83 -76.30 -6.24
N THR QE 105 120.16 -77.13 -7.04
CA THR QE 105 120.46 -77.19 -8.47
C THR QE 105 120.16 -75.84 -9.14
N LEU QE 106 119.01 -75.26 -8.82
CA LEU QE 106 118.64 -73.99 -9.44
C LEU QE 106 119.44 -72.84 -8.85
N PHE QE 107 119.59 -72.82 -7.51
CA PHE QE 107 120.12 -71.66 -6.82
C PHE QE 107 121.60 -71.80 -6.47
N ALA QE 108 121.96 -72.86 -5.75
CA ALA QE 108 123.36 -73.00 -5.32
C ALA QE 108 124.27 -73.24 -6.50
N SER QE 109 124.08 -74.35 -7.21
CA SER QE 109 124.91 -74.64 -8.38
C SER QE 109 124.53 -73.74 -9.55
N GLY QE 110 123.24 -73.57 -9.79
CA GLY QE 110 122.77 -72.75 -10.89
C GLY QE 110 122.88 -71.28 -10.58
N ASN QE 111 122.45 -70.47 -11.54
CA ASN QE 111 122.50 -69.02 -11.42
C ASN QE 111 121.10 -68.41 -11.35
N ALA QE 112 120.16 -69.11 -10.71
CA ALA QE 112 118.86 -68.51 -10.47
C ALA QE 112 118.95 -67.33 -9.51
N GLY QE 113 120.02 -67.27 -8.72
CA GLY QE 113 120.23 -66.13 -7.86
C GLY QE 113 120.37 -64.84 -8.63
N LEU QE 114 121.07 -64.88 -9.77
CA LEU QE 114 121.21 -63.70 -10.60
C LEU QE 114 119.87 -63.26 -11.19
N GLY QE 115 118.89 -64.14 -11.25
CA GLY QE 115 117.64 -63.87 -11.91
C GLY QE 115 117.42 -64.62 -13.20
N PHE QE 116 118.21 -65.66 -13.46
CA PHE QE 116 118.12 -66.40 -14.71
C PHE QE 116 117.38 -67.70 -14.46
N LEU QE 117 116.57 -68.11 -15.43
CA LEU QE 117 115.89 -69.39 -15.36
C LEU QE 117 116.57 -70.39 -16.30
N ASP QE 118 116.62 -71.65 -15.87
CA ASP QE 118 117.23 -72.73 -16.64
C ASP QE 118 116.18 -73.80 -16.87
N PRO QE 119 115.47 -73.77 -17.99
CA PRO QE 119 114.41 -74.76 -18.24
C PRO QE 119 114.92 -76.18 -18.44
N THR QE 120 116.23 -76.38 -18.55
CA THR QE 120 116.78 -77.71 -18.76
C THR QE 120 117.55 -78.23 -17.55
N ALA QE 121 117.36 -77.61 -16.38
CA ALA QE 121 118.04 -78.07 -15.18
C ALA QE 121 117.51 -79.44 -14.74
N ALA QE 122 118.37 -80.20 -14.09
CA ALA QE 122 118.01 -81.54 -13.62
C ALA QE 122 117.25 -81.42 -12.30
N ILE QE 123 115.95 -81.70 -12.35
CA ILE QE 123 115.09 -81.67 -11.18
C ILE QE 123 114.69 -83.10 -10.85
N VAL QE 124 114.89 -83.50 -9.61
CA VAL QE 124 114.82 -84.89 -9.19
C VAL QE 124 113.72 -85.03 -8.14
N SER QE 125 112.87 -86.03 -8.32
CA SER QE 125 111.71 -86.20 -7.45
C SER QE 125 112.06 -87.04 -6.21
N SER QE 126 111.17 -86.97 -5.22
CA SER QE 126 111.39 -87.73 -3.99
C SER QE 126 111.31 -89.22 -4.23
N ASP QE 127 110.33 -89.67 -5.02
CA ASP QE 127 110.18 -91.09 -5.29
C ASP QE 127 111.39 -91.62 -6.03
N THR QE 128 111.87 -92.78 -5.61
CA THR QE 128 113.05 -93.41 -6.19
C THR QE 128 112.62 -94.54 -7.11
N THR QE 129 113.50 -94.89 -8.04
CA THR QE 129 113.22 -95.94 -9.01
C THR QE 129 113.11 -97.30 -8.32
N ALA RE 1 109.97 -97.24 32.62
CA ALA RE 1 110.13 -96.10 31.73
C ALA RE 1 108.77 -95.66 31.20
N ASN RE 2 108.64 -94.36 30.95
CA ASN RE 2 107.41 -93.78 30.43
C ASN RE 2 107.74 -92.78 29.35
N LYS RE 3 106.82 -92.58 28.43
CA LYS RE 3 107.00 -91.58 27.38
C LYS RE 3 106.98 -90.19 28.01
N PRO RE 4 108.03 -89.41 27.87
CA PRO RE 4 108.01 -88.04 28.40
C PRO RE 4 107.40 -87.07 27.42
N MET RE 5 106.52 -86.21 27.92
CA MET RE 5 105.94 -85.20 27.06
C MET RE 5 106.87 -83.99 26.96
N GLN RE 6 106.50 -83.06 26.10
CA GLN RE 6 107.14 -81.76 25.99
C GLN RE 6 106.05 -80.70 25.91
N PRO RE 7 106.34 -79.49 26.36
CA PRO RE 7 105.32 -78.44 26.35
C PRO RE 7 104.87 -78.11 24.93
N ILE RE 8 103.59 -77.79 24.80
CA ILE RE 8 103.02 -77.36 23.53
C ILE RE 8 102.54 -75.92 23.57
N THR RE 9 102.07 -75.44 24.71
CA THR RE 9 101.58 -74.07 24.83
C THR RE 9 102.14 -73.49 26.12
N SER RE 10 103.16 -72.63 25.98
CA SER RE 10 103.79 -72.02 27.13
C SER RE 10 103.20 -70.65 27.40
N THR RE 11 102.86 -70.40 28.66
CA THR RE 11 102.25 -69.14 29.06
C THR RE 11 102.63 -68.89 30.52
N ALA RE 12 102.48 -67.64 30.94
CA ALA RE 12 102.75 -67.31 32.34
C ALA RE 12 101.78 -68.01 33.29
N ASN RE 13 100.66 -68.51 32.79
CA ASN RE 13 99.65 -69.16 33.61
C ASN RE 13 99.45 -70.62 33.26
N LYS RE 14 99.31 -70.95 31.99
CA LYS RE 14 98.99 -72.31 31.56
C LYS RE 14 100.15 -72.92 30.80
N ILE RE 15 100.49 -74.15 31.15
CA ILE RE 15 101.48 -74.94 30.41
C ILE RE 15 100.82 -76.25 30.05
N VAL RE 16 100.92 -76.63 28.78
CA VAL RE 16 100.28 -77.84 28.26
C VAL RE 16 101.35 -78.75 27.68
N TRP RE 17 101.43 -79.97 28.18
CA TRP RE 17 102.30 -81.00 27.62
C TRP RE 17 101.47 -81.95 26.77
N SER RE 18 102.15 -82.63 25.86
CA SER RE 18 101.52 -83.68 25.06
C SER RE 18 102.60 -84.63 24.56
N ASP RE 19 102.23 -85.89 24.44
CA ASP RE 19 103.18 -86.92 24.05
C ASP RE 19 103.48 -86.79 22.55
N PRO RE 20 104.75 -86.70 22.15
CA PRO RE 20 105.05 -86.61 20.71
C PRO RE 20 104.57 -87.81 19.92
N THR RE 21 104.66 -89.02 20.49
CA THR RE 21 104.25 -90.20 19.76
C THR RE 21 102.74 -90.23 19.56
N ARG RE 22 101.99 -89.80 20.57
CA ARG RE 22 100.53 -89.78 20.51
C ARG RE 22 100.06 -88.40 20.95
N LEU RE 23 99.61 -87.60 19.97
CA LEU RE 23 99.22 -86.22 20.27
C LEU RE 23 97.90 -86.13 21.00
N SER RE 24 97.16 -87.23 21.10
CA SER RE 24 95.85 -87.18 21.77
C SER RE 24 96.00 -86.92 23.26
N THR RE 25 96.88 -87.68 23.91
CA THR RE 25 97.05 -87.54 25.36
C THR RE 25 97.74 -86.23 25.69
N THR RE 26 97.26 -85.56 26.73
CA THR RE 26 97.79 -84.28 27.15
C THR RE 26 97.81 -84.21 28.67
N PHE RE 27 98.56 -83.25 29.19
CA PHE RE 27 98.57 -82.94 30.62
C PHE RE 27 98.74 -81.44 30.77
N SER RE 28 97.67 -80.75 31.09
CA SER RE 28 97.70 -79.30 31.21
C SER RE 28 97.66 -78.88 32.68
N ALA RE 29 98.39 -77.81 32.98
CA ALA RE 29 98.46 -77.28 34.34
C ALA RE 29 98.40 -75.77 34.26
N SER RE 30 97.34 -75.18 34.81
CA SER RE 30 97.19 -73.74 34.89
C SER RE 30 96.82 -73.38 36.31
N LEU RE 31 97.43 -72.32 36.83
CA LEU RE 31 97.16 -71.87 38.19
C LEU RE 31 96.91 -70.37 38.20
N LEU RE 32 96.02 -69.96 39.09
CA LEU RE 32 95.64 -68.56 39.25
C LEU RE 32 96.08 -68.12 40.64
N ARG RE 33 96.99 -67.14 40.68
CA ARG RE 33 97.50 -66.60 41.93
C ARG RE 33 96.77 -65.30 42.21
N GLN RE 34 96.13 -65.21 43.36
CA GLN RE 34 95.28 -64.08 43.70
C GLN RE 34 95.44 -63.76 45.17
N ARG RE 35 95.14 -62.51 45.52
CA ARG RE 35 95.52 -61.90 46.79
C ARG RE 35 94.27 -61.68 47.63
N VAL RE 36 94.18 -62.37 48.78
CA VAL RE 36 92.99 -62.35 49.62
C VAL RE 36 93.31 -61.76 50.98
N LYS RE 37 92.55 -60.75 51.39
CA LYS RE 37 92.61 -60.19 52.73
C LYS RE 37 91.57 -60.89 53.58
N VAL RE 38 91.98 -61.83 54.41
CA VAL RE 38 91.02 -62.65 55.15
C VAL RE 38 90.89 -62.20 56.59
N GLY RE 39 91.95 -62.30 57.38
CA GLY RE 39 91.90 -61.84 58.75
C GLY RE 39 93.02 -60.90 59.13
N ILE RE 40 92.69 -59.63 59.33
CA ILE RE 40 93.57 -58.57 59.82
C ILE RE 40 94.98 -58.67 59.22
N ALA RE 41 95.10 -59.39 58.10
CA ALA RE 41 96.40 -59.64 57.49
C ALA RE 41 96.17 -60.14 56.07
N GLU RE 42 97.21 -60.01 55.25
CA GLU RE 42 97.10 -60.33 53.84
C GLU RE 42 97.68 -61.71 53.56
N LEU RE 43 96.91 -62.52 52.82
CA LEU RE 43 97.31 -63.87 52.45
C LEU RE 43 97.28 -64.00 50.93
N ASN RE 44 98.34 -64.56 50.38
CA ASN RE 44 98.44 -64.78 48.94
C ASN RE 44 97.91 -66.18 48.62
N ASN RE 45 96.87 -66.24 47.81
CA ASN RE 45 96.21 -67.50 47.50
C ASN RE 45 96.63 -67.99 46.12
N VAL RE 46 96.87 -69.29 46.02
CA VAL RE 46 97.24 -69.94 44.77
C VAL RE 46 96.26 -71.06 44.51
N SER RE 47 95.65 -71.06 43.33
CA SER RE 47 94.65 -72.06 42.96
C SER RE 47 95.15 -72.83 41.75
N GLY RE 48 95.87 -73.91 42.00
CA GLY RE 48 96.38 -74.74 40.92
C GLY RE 48 95.30 -75.62 40.33
N GLN RE 49 95.44 -75.91 39.04
CA GLN RE 49 94.50 -76.76 38.32
C GLN RE 49 95.27 -77.63 37.37
N TYR RE 50 95.15 -78.94 37.53
CA TYR RE 50 95.91 -79.91 36.74
C TYR RE 50 94.94 -80.88 36.09
N VAL RE 51 95.02 -80.99 34.77
CA VAL RE 51 94.12 -81.83 33.98
C VAL RE 51 94.95 -82.83 33.20
N SER RE 52 94.63 -84.11 33.34
CA SER RE 52 95.25 -85.18 32.56
C SER RE 52 94.17 -85.80 31.69
N VAL RE 53 94.43 -85.88 30.38
CA VAL RE 53 93.44 -86.32 29.41
C VAL RE 53 94.04 -87.41 28.55
N TYR RE 54 93.29 -88.48 28.33
CA TYR RE 54 93.70 -89.57 27.47
C TYR RE 54 92.53 -90.00 26.59
N LYS RE 55 92.82 -90.22 25.31
CA LYS RE 55 91.86 -90.76 24.36
C LYS RE 55 92.06 -92.26 24.31
N ARG RE 56 91.12 -93.01 24.88
CA ARG RE 56 91.25 -94.46 24.94
C ARG RE 56 90.23 -95.11 24.01
N PRO RE 57 90.67 -95.99 23.11
CA PRO RE 57 89.71 -96.71 22.27
C PRO RE 57 88.81 -97.61 23.11
N ALA RE 58 87.56 -97.71 22.68
CA ALA RE 58 86.61 -98.55 23.40
C ALA RE 58 87.04 -100.02 23.31
N PRO RE 59 86.81 -100.82 24.35
CA PRO RE 59 87.23 -102.22 24.30
C PRO RE 59 86.43 -102.97 23.25
N LYS RE 60 87.12 -103.83 22.53
CA LYS RE 60 86.52 -104.55 21.41
C LYS RE 60 86.85 -106.04 21.53
N PRO RE 61 86.58 -106.68 22.67
CA PRO RE 61 86.90 -108.11 22.78
C PRO RE 61 86.00 -108.99 21.94
N GLU RE 62 84.69 -108.96 22.20
CA GLU RE 62 83.69 -109.81 21.56
C GLU RE 62 84.20 -111.24 21.40
N GLY RE 63 84.43 -111.65 20.16
CA GLY RE 63 85.18 -112.85 19.86
C GLY RE 63 86.28 -112.54 18.86
N CYS RE 64 86.08 -111.48 18.10
CA CYS RE 64 86.91 -111.21 16.94
C CYS RE 64 88.31 -110.77 17.36
N ALA RE 65 89.25 -110.94 16.43
CA ALA RE 65 90.60 -110.42 16.60
C ALA RE 65 91.06 -109.79 15.29
N ASP RE 66 90.11 -109.27 14.52
CA ASP RE 66 90.45 -108.61 13.26
C ASP RE 66 91.26 -107.35 13.54
N ALA RE 67 92.23 -107.09 12.65
CA ALA RE 67 93.16 -106.00 12.85
C ALA RE 67 92.51 -104.64 12.67
N CYS RE 68 91.98 -104.36 11.47
CA CYS RE 68 91.54 -103.00 11.13
C CYS RE 68 90.04 -102.87 11.32
N VAL RE 69 89.60 -102.92 12.57
CA VAL RE 69 88.23 -102.54 12.92
C VAL RE 69 88.30 -101.55 14.08
N ILE RE 70 88.27 -100.25 13.76
CA ILE RE 70 88.65 -99.24 14.73
C ILE RE 70 87.48 -98.87 15.63
N MET RE 71 87.80 -98.37 16.82
CA MET RE 71 86.82 -97.95 17.79
C MET RE 71 86.93 -96.45 18.03
N PRO RE 72 85.82 -95.75 18.21
CA PRO RE 72 85.91 -94.35 18.65
C PRO RE 72 86.54 -94.28 20.03
N ASN RE 73 87.37 -93.27 20.24
CA ASN RE 73 88.01 -93.12 21.53
C ASN RE 73 87.02 -92.64 22.58
N GLU RE 74 87.37 -92.84 23.85
CA GLU RE 74 86.55 -92.38 24.95
C GLU RE 74 87.37 -91.43 25.81
N ASN RE 75 86.66 -90.53 26.49
CA ASN RE 75 87.31 -89.60 27.39
C ASN RE 75 87.78 -90.31 28.65
N GLN RE 76 89.05 -90.07 29.01
CA GLN RE 76 89.59 -90.49 30.30
C GLN RE 76 90.31 -89.28 30.88
N SER RE 77 89.58 -88.50 31.67
CA SER RE 77 90.08 -87.23 32.20
C SER RE 77 90.18 -87.30 33.71
N ILE RE 78 91.24 -86.70 34.23
CA ILE RE 78 91.46 -86.61 35.67
C ILE RE 78 91.85 -85.17 35.96
N ARG RE 79 90.94 -84.43 36.57
CA ARG RE 79 91.16 -83.01 36.85
C ARG RE 79 91.35 -82.82 38.34
N THR RE 80 92.41 -82.12 38.72
CA THR RE 80 92.75 -81.88 40.12
C THR RE 80 92.88 -80.40 40.35
N VAL RE 81 92.22 -79.89 41.39
CA VAL RE 81 92.29 -78.49 41.75
C VAL RE 81 92.82 -78.41 43.18
N ILE RE 82 93.90 -77.66 43.37
CA ILE RE 82 94.51 -77.47 44.67
C ILE RE 82 94.49 -75.97 44.95
N SER RE 83 93.85 -75.58 46.05
CA SER RE 83 93.71 -74.17 46.42
C SER RE 83 94.10 -74.00 47.88
N GLY RE 84 94.93 -73.00 48.15
CA GLY RE 84 95.32 -72.71 49.51
C GLY RE 84 96.34 -71.60 49.54
N SER RE 85 96.54 -71.05 50.73
CA SER RE 85 97.46 -69.96 50.93
C SER RE 85 98.89 -70.44 50.70
N ALA RE 86 99.69 -69.60 50.03
CA ALA RE 86 101.09 -69.95 49.80
C ALA RE 86 101.87 -69.98 51.11
N GLU RE 87 101.43 -69.22 52.12
CA GLU RE 87 102.12 -69.21 53.39
C GLU RE 87 101.98 -70.53 54.14
N ASN RE 88 100.88 -71.24 53.96
CA ASN RE 88 100.67 -72.55 54.57
C ASN RE 88 101.03 -73.67 53.62
N LEU RE 89 102.01 -73.43 52.73
CA LEU RE 89 102.35 -74.41 51.71
C LEU RE 89 102.89 -75.69 52.31
N ALA RE 90 103.72 -75.59 53.36
CA ALA RE 90 104.35 -76.78 53.91
C ALA RE 90 103.32 -77.77 54.44
N THR RE 91 102.33 -77.27 55.17
CA THR RE 91 101.29 -78.14 55.69
C THR RE 91 100.30 -78.56 54.61
N LEU RE 92 100.12 -77.73 53.58
CA LEU RE 92 99.18 -78.06 52.53
C LEU RE 92 99.68 -79.23 51.69
N LYS RE 93 100.99 -79.40 51.60
CA LYS RE 93 101.53 -80.59 50.95
C LYS RE 93 101.10 -81.86 51.68
N ALA RE 94 101.10 -81.82 53.01
CA ALA RE 94 100.60 -82.95 53.78
C ALA RE 94 99.13 -83.21 53.47
N GLU RE 95 98.38 -82.15 53.18
CA GLU RE 95 96.99 -82.32 52.77
C GLU RE 95 96.90 -83.15 51.49
N TRP RE 96 97.77 -82.86 50.53
CA TRP RE 96 97.76 -83.58 49.28
C TRP RE 96 98.13 -85.05 49.48
N GLU RE 97 99.02 -85.32 50.42
CA GLU RE 97 99.41 -86.70 50.69
C GLU RE 97 98.23 -87.53 51.17
N THR RE 98 97.54 -87.05 52.20
CA THR RE 98 96.40 -87.79 52.73
C THR RE 98 95.24 -87.82 51.75
N HIS RE 99 95.06 -86.74 51.00
CA HIS RE 99 94.04 -86.75 49.96
C HIS RE 99 94.32 -87.83 48.93
N LYS RE 100 95.60 -88.10 48.66
CA LYS RE 100 95.95 -89.15 47.73
C LYS RE 100 95.55 -90.52 48.26
N ARG RE 101 95.93 -90.83 49.50
CA ARG RE 101 95.64 -92.15 50.04
C ARG RE 101 94.15 -92.34 50.28
N ASN RE 102 93.45 -91.27 50.66
CA ASN RE 102 92.00 -91.37 50.84
C ASN RE 102 91.32 -91.77 49.53
N VAL RE 103 91.71 -91.13 48.42
CA VAL RE 103 91.16 -91.52 47.13
C VAL RE 103 91.61 -92.93 46.77
N ASP RE 104 92.84 -93.29 47.11
CA ASP RE 104 93.35 -94.60 46.77
C ASP RE 104 92.52 -95.71 47.40
N THR RE 105 92.16 -95.55 48.68
CA THR RE 105 91.34 -96.55 49.34
C THR RE 105 89.97 -96.65 48.68
N LEU RE 106 89.36 -95.52 48.37
CA LEU RE 106 88.04 -95.54 47.76
C LEU RE 106 88.10 -96.00 46.31
N PHE RE 107 89.02 -95.44 45.53
CA PHE RE 107 89.06 -95.67 44.08
C PHE RE 107 90.01 -96.80 43.70
N ALA RE 108 91.30 -96.66 44.02
CA ALA RE 108 92.27 -97.68 43.62
C ALA RE 108 91.99 -99.00 44.30
N SER RE 109 92.08 -99.03 45.63
CA SER RE 109 91.85 -100.26 46.38
C SER RE 109 90.38 -100.63 46.46
N GLY RE 110 89.49 -99.64 46.40
CA GLY RE 110 88.06 -99.88 46.51
C GLY RE 110 87.41 -100.09 45.15
N ASN RE 111 86.09 -99.93 45.15
CA ASN RE 111 85.30 -100.11 43.95
C ASN RE 111 84.52 -98.85 43.57
N ALA RE 112 85.03 -97.68 43.97
CA ALA RE 112 84.34 -96.44 43.63
C ALA RE 112 84.29 -96.24 42.12
N GLY RE 113 85.26 -96.78 41.39
CA GLY RE 113 85.23 -96.67 39.95
C GLY RE 113 84.02 -97.35 39.33
N LEU RE 114 83.64 -98.51 39.88
CA LEU RE 114 82.44 -99.19 39.41
C LEU RE 114 81.18 -98.43 39.78
N GLY RE 115 81.25 -97.50 40.71
CA GLY RE 115 80.10 -96.77 41.18
C GLY RE 115 79.60 -97.16 42.56
N PHE RE 116 80.34 -97.97 43.30
CA PHE RE 116 79.94 -98.41 44.63
C PHE RE 116 80.66 -97.59 45.69
N LEU RE 117 79.94 -97.25 46.74
CA LEU RE 117 80.47 -96.46 47.85
C LEU RE 117 80.60 -97.37 49.07
N ASP RE 118 81.76 -97.37 49.67
CA ASP RE 118 81.97 -98.22 50.84
C ASP RE 118 81.81 -97.34 52.07
N PRO RE 119 80.66 -97.42 52.75
CA PRO RE 119 80.45 -96.56 53.92
C PRO RE 119 81.39 -96.85 55.07
N THR RE 120 81.96 -98.05 55.15
CA THR RE 120 82.88 -98.40 56.21
C THR RE 120 84.34 -98.39 55.75
N ALA RE 121 84.63 -97.76 54.61
CA ALA RE 121 86.00 -97.63 54.17
C ALA RE 121 86.79 -96.75 55.14
N ALA RE 122 88.06 -97.08 55.32
CA ALA RE 122 88.91 -96.37 56.27
C ALA RE 122 89.42 -95.08 55.64
N ILE RE 123 89.04 -93.94 56.22
CA ILE RE 123 89.48 -92.63 55.78
C ILE RE 123 90.22 -91.97 56.93
N VAL RE 124 91.45 -91.53 56.67
CA VAL RE 124 92.32 -90.98 57.69
C VAL RE 124 92.58 -89.52 57.39
N SER RE 125 92.76 -88.72 58.44
CA SER RE 125 92.96 -87.29 58.29
C SER RE 125 94.44 -86.95 58.23
N SER RE 126 94.72 -85.69 57.91
CA SER RE 126 96.10 -85.24 57.86
C SER RE 126 96.72 -85.21 59.25
N ASP RE 127 95.98 -84.74 60.24
CA ASP RE 127 96.54 -84.60 61.58
C ASP RE 127 96.83 -85.96 62.18
N THR RE 128 98.04 -86.11 62.71
CA THR RE 128 98.46 -87.37 63.29
C THR RE 128 98.02 -87.47 64.74
N THR RE 129 98.07 -88.68 65.28
CA THR RE 129 97.67 -88.93 66.65
C THR RE 129 98.85 -89.39 67.49
N ALA SE 1 121.04 71.31 -40.62
CA ALA SE 1 119.93 71.91 -39.89
C ALA SE 1 118.78 70.92 -39.74
N ASN SE 2 117.74 71.33 -39.04
CA ASN SE 2 116.59 70.49 -38.77
C ASN SE 2 115.54 70.72 -39.84
N LYS SE 3 115.03 69.65 -40.43
CA LYS SE 3 114.00 69.77 -41.45
C LYS SE 3 112.70 70.22 -40.80
N PRO SE 4 112.13 71.34 -41.21
CA PRO SE 4 110.87 71.80 -40.61
C PRO SE 4 109.70 70.95 -41.07
N MET SE 5 108.76 70.73 -40.15
CA MET SE 5 107.54 70.07 -40.57
C MET SE 5 106.62 71.06 -41.25
N GLN SE 6 105.52 70.55 -41.77
CA GLN SE 6 104.57 71.33 -42.53
C GLN SE 6 103.18 71.04 -41.98
N PRO SE 7 102.39 72.07 -41.66
CA PRO SE 7 101.11 71.84 -40.98
C PRO SE 7 100.16 71.02 -41.83
N ILE SE 8 99.34 70.22 -41.17
CA ILE SE 8 98.34 69.40 -41.85
C ILE SE 8 96.92 69.80 -41.47
N THR SE 9 96.63 70.10 -40.21
CA THR SE 9 95.26 70.34 -39.77
C THR SE 9 95.24 71.65 -39.02
N SER SE 10 94.99 72.73 -39.75
CA SER SE 10 94.96 74.07 -39.17
C SER SE 10 93.56 74.36 -38.63
N THR SE 11 93.50 74.75 -37.37
CA THR SE 11 92.23 75.07 -36.71
C THR SE 11 92.53 76.09 -35.63
N ALA SE 12 91.52 76.89 -35.28
CA ALA SE 12 91.70 77.90 -34.26
C ALA SE 12 92.04 77.31 -32.90
N ASN SE 13 91.80 76.01 -32.69
CA ASN SE 13 92.08 75.37 -31.42
C ASN SE 13 93.24 74.38 -31.46
N LYS SE 14 93.64 73.90 -32.64
CA LYS SE 14 94.69 72.90 -32.72
C LYS SE 14 95.29 72.90 -34.11
N ILE SE 15 96.62 72.88 -34.17
CA ILE SE 15 97.36 72.73 -35.42
C ILE SE 15 98.35 71.59 -35.25
N VAL SE 16 98.40 70.69 -36.22
CA VAL SE 16 99.28 69.53 -36.17
C VAL SE 16 100.29 69.63 -37.30
N TRP SE 17 101.57 69.57 -36.95
CA TRP SE 17 102.64 69.50 -37.92
C TRP SE 17 103.15 68.07 -38.01
N SER SE 18 103.71 67.72 -39.16
CA SER SE 18 104.35 66.43 -39.32
C SER SE 18 105.40 66.55 -40.42
N ASP SE 19 106.43 65.72 -40.31
CA ASP SE 19 107.53 65.78 -41.25
C ASP SE 19 107.10 65.20 -42.59
N PRO SE 20 107.27 65.92 -43.70
CA PRO SE 20 106.83 65.38 -44.99
C PRO SE 20 107.51 64.07 -45.35
N THR SE 21 108.80 63.91 -45.01
CA THR SE 21 109.48 62.66 -45.32
C THR SE 21 109.00 61.53 -44.44
N ARG SE 22 108.60 61.83 -43.20
CA ARG SE 22 108.18 60.81 -42.24
C ARG SE 22 106.92 61.33 -41.55
N LEU SE 23 105.76 60.87 -42.01
CA LEU SE 23 104.50 61.33 -41.44
C LEU SE 23 104.23 60.76 -40.06
N SER SE 24 104.99 59.76 -39.63
CA SER SE 24 104.77 59.19 -38.31
C SER SE 24 105.05 60.19 -37.22
N THR SE 25 106.15 60.93 -37.34
CA THR SE 25 106.49 61.94 -36.34
C THR SE 25 105.60 63.16 -36.51
N THR SE 26 105.01 63.63 -35.41
CA THR SE 26 104.09 64.75 -35.43
C THR SE 26 104.40 65.68 -34.28
N PHE SE 27 103.79 66.86 -34.32
CA PHE SE 27 103.86 67.82 -33.21
C PHE SE 27 102.52 68.55 -33.15
N SER SE 28 101.71 68.23 -32.15
CA SER SE 28 100.38 68.78 -32.01
C SER SE 28 100.39 69.85 -30.93
N ALA SE 29 99.78 71.00 -31.23
CA ALA SE 29 99.67 72.09 -30.28
C ALA SE 29 98.20 72.46 -30.15
N SER SE 30 97.54 71.92 -29.14
CA SER SE 30 96.15 72.21 -28.86
C SER SE 30 96.06 73.22 -27.73
N LEU SE 31 95.05 74.09 -27.80
CA LEU SE 31 94.92 75.18 -26.86
C LEU SE 31 93.48 75.32 -26.41
N LEU SE 32 93.30 75.67 -25.14
CA LEU SE 32 91.98 75.81 -24.54
C LEU SE 32 91.92 77.11 -23.76
N ARG SE 33 90.92 77.94 -24.04
CA ARG SE 33 90.73 79.22 -23.37
C ARG SE 33 89.57 79.13 -22.40
N GLN SE 34 89.79 79.60 -21.18
CA GLN SE 34 88.79 79.50 -20.13
C GLN SE 34 88.74 80.81 -19.38
N ARG SE 35 87.58 81.10 -18.80
CA ARG SE 35 87.36 82.29 -18.00
C ARG SE 35 87.19 81.88 -16.54
N VAL SE 36 88.05 82.39 -15.67
CA VAL SE 36 88.02 82.09 -14.25
C VAL SE 36 88.13 83.40 -13.47
N LYS SE 37 87.31 83.53 -12.43
CA LYS SE 37 87.29 84.72 -11.60
C LYS SE 37 87.82 84.36 -10.22
N VAL SE 38 88.72 85.18 -9.68
CA VAL SE 38 89.29 84.93 -8.36
C VAL SE 38 89.10 86.14 -7.45
N GLY SE 39 89.70 87.27 -7.80
CA GLY SE 39 89.59 88.46 -6.99
C GLY SE 39 88.44 89.35 -7.41
N ILE SE 40 87.21 88.87 -7.19
CA ILE SE 40 85.96 89.49 -7.63
C ILE SE 40 86.13 90.11 -9.01
N ALA SE 41 86.95 89.48 -9.86
CA ALA SE 41 87.26 90.00 -11.18
C ALA SE 41 87.56 88.82 -12.08
N GLU SE 42 87.03 88.85 -13.30
CA GLU SE 42 87.25 87.77 -14.24
C GLU SE 42 88.64 87.88 -14.86
N LEU SE 43 89.39 86.78 -14.81
CA LEU SE 43 90.73 86.72 -15.39
C LEU SE 43 90.77 85.59 -16.41
N ASN SE 44 91.21 85.91 -17.62
CA ASN SE 44 91.21 84.95 -18.71
C ASN SE 44 92.30 83.91 -18.50
N ASN SE 45 91.95 82.65 -18.66
CA ASN SE 45 92.88 81.54 -18.45
C ASN SE 45 93.06 80.76 -19.75
N VAL SE 46 94.26 80.25 -19.96
CA VAL SE 46 94.59 79.45 -21.13
C VAL SE 46 95.31 78.20 -20.65
N SER SE 47 95.18 77.11 -21.42
CA SER SE 47 95.85 75.85 -21.14
C SER SE 47 96.35 75.27 -22.45
N GLY SE 48 97.60 75.59 -22.79
CA GLY SE 48 98.17 75.15 -24.05
C GLY SE 48 98.83 73.79 -23.91
N GLN SE 49 98.21 72.80 -24.54
CA GLN SE 49 98.72 71.43 -24.53
C GLN SE 49 99.51 71.19 -25.80
N TYR SE 50 100.81 70.95 -25.65
CA TYR SE 50 101.70 70.71 -26.77
C TYR SE 50 102.21 69.27 -26.70
N VAL SE 51 102.04 68.53 -27.79
CA VAL SE 51 102.37 67.12 -27.83
C VAL SE 51 103.38 66.89 -28.95
N SER SE 52 104.45 66.18 -28.64
CA SER SE 52 105.43 65.75 -29.62
C SER SE 52 105.51 64.24 -29.61
N VAL SE 53 105.35 63.61 -30.77
CA VAL SE 53 105.26 62.16 -30.88
C VAL SE 53 106.28 61.71 -31.92
N TYR SE 54 107.04 60.67 -31.58
CA TYR SE 54 107.98 60.05 -32.50
C TYR SE 54 107.86 58.54 -32.40
N LYS SE 55 108.02 57.87 -33.54
CA LYS SE 55 108.02 56.42 -33.61
C LYS SE 55 109.45 55.95 -33.85
N ARG SE 56 109.94 55.10 -32.94
CA ARG SE 56 111.30 54.61 -33.05
C ARG SE 56 111.32 53.09 -33.02
N PRO SE 57 112.10 52.46 -33.89
CA PRO SE 57 112.16 51.00 -33.89
C PRO SE 57 112.87 50.47 -32.67
N ALA SE 58 112.97 49.14 -32.62
CA ALA SE 58 113.59 48.48 -31.47
C ALA SE 58 115.07 48.83 -31.39
N PRO SE 59 115.68 48.68 -30.21
CA PRO SE 59 117.12 48.98 -30.09
C PRO SE 59 117.99 48.19 -31.04
N LYS SE 60 117.61 46.95 -31.35
CA LYS SE 60 118.30 46.12 -32.34
C LYS SE 60 119.79 46.00 -32.02
N PRO SE 61 120.17 45.12 -31.08
CA PRO SE 61 121.58 44.97 -30.68
C PRO SE 61 122.55 45.05 -31.85
N GLU SE 62 123.62 45.82 -31.64
CA GLU SE 62 124.51 46.29 -32.69
C GLU SE 62 125.19 45.17 -33.48
N GLY SE 63 125.28 43.97 -32.89
CA GLY SE 63 126.08 42.93 -33.51
C GLY SE 63 125.67 42.63 -34.94
N CYS SE 64 124.41 42.26 -35.14
CA CYS SE 64 123.99 41.89 -36.49
C CYS SE 64 123.43 43.11 -37.23
N ALA SE 65 123.12 42.90 -38.50
CA ALA SE 65 122.65 43.97 -39.38
C ALA SE 65 121.53 43.42 -40.24
N ASP SE 66 120.29 43.70 -39.83
CA ASP SE 66 119.11 43.19 -40.51
C ASP SE 66 118.94 43.74 -41.92
N ALA SE 67 119.38 44.98 -42.17
CA ALA SE 67 119.24 45.63 -43.47
C ALA SE 67 117.78 45.68 -43.90
N CYS SE 68 117.29 44.57 -44.43
CA CYS SE 68 116.00 44.51 -45.11
C CYS SE 68 114.88 44.07 -44.18
N VAL SE 69 115.19 43.86 -42.90
CA VAL SE 69 114.22 43.36 -41.94
C VAL SE 69 113.88 44.46 -40.95
N ILE SE 70 112.72 45.08 -41.13
CA ILE SE 70 112.30 46.13 -40.21
C ILE SE 70 111.52 45.53 -39.06
N MET SE 71 111.65 46.13 -37.89
CA MET SE 71 111.00 45.67 -36.67
C MET SE 71 109.98 46.71 -36.21
N PRO SE 72 108.99 46.33 -35.41
CA PRO SE 72 107.97 47.30 -35.01
C PRO SE 72 108.56 48.44 -34.19
N ASN SE 73 107.93 49.59 -34.30
CA ASN SE 73 108.40 50.81 -33.66
C ASN SE 73 107.83 50.90 -32.25
N GLU SE 74 108.20 51.96 -31.54
CA GLU SE 74 107.65 52.24 -30.22
C GLU SE 74 107.48 53.74 -30.08
N ASN SE 75 106.60 54.14 -29.18
CA ASN SE 75 106.20 55.53 -29.04
C ASN SE 75 107.16 56.28 -28.13
N GLN SE 76 107.69 57.39 -28.63
CA GLN SE 76 108.47 58.34 -27.83
C GLN SE 76 107.66 59.63 -27.79
N SER SE 77 106.84 59.77 -26.75
CA SER SE 77 105.88 60.86 -26.66
C SER SE 77 106.31 61.83 -25.57
N ILE SE 78 106.18 63.12 -25.86
CA ILE SE 78 106.47 64.20 -24.93
C ILE SE 78 105.34 65.22 -25.05
N ARG SE 79 104.59 65.42 -23.98
CA ARG SE 79 103.53 66.41 -23.97
C ARG SE 79 103.62 67.27 -22.73
N THR SE 80 103.30 68.56 -22.89
CA THR SE 80 103.27 69.52 -21.80
C THR SE 80 101.98 70.31 -21.88
N VAL SE 81 101.49 70.76 -20.73
CA VAL SE 81 100.37 71.68 -20.68
C VAL SE 81 100.81 72.89 -19.84
N ILE SE 82 100.52 74.08 -20.33
CA ILE SE 82 100.87 75.32 -19.66
C ILE SE 82 99.57 76.02 -19.29
N SER SE 83 99.29 76.11 -17.99
CA SER SE 83 98.06 76.72 -17.51
C SER SE 83 98.41 77.96 -16.69
N GLY SE 84 97.75 79.07 -17.01
CA GLY SE 84 98.00 80.30 -16.28
C GLY SE 84 97.18 81.42 -16.88
N SER SE 85 97.00 82.47 -16.07
CA SER SE 85 96.24 83.63 -16.51
C SER SE 85 96.97 84.36 -17.62
N ALA SE 86 96.20 84.90 -18.56
CA ALA SE 86 96.80 85.61 -19.69
C ALA SE 86 97.56 86.85 -19.22
N GLU SE 87 97.04 87.54 -18.21
CA GLU SE 87 97.65 88.78 -17.76
C GLU SE 87 98.99 88.54 -17.07
N ASN SE 88 99.16 87.42 -16.38
CA ASN SE 88 100.43 87.08 -15.74
C ASN SE 88 101.36 86.33 -16.67
N LEU SE 89 101.20 86.52 -17.98
CA LEU SE 89 102.02 85.77 -18.94
C LEU SE 89 103.48 86.20 -18.88
N ALA SE 90 103.73 87.47 -18.57
CA ALA SE 90 105.12 87.95 -18.53
C ALA SE 90 105.93 87.18 -17.52
N THR SE 91 105.36 86.91 -16.34
CA THR SE 91 106.05 86.10 -15.35
C THR SE 91 105.85 84.61 -15.58
N LEU SE 92 104.73 84.22 -16.21
CA LEU SE 92 104.54 82.82 -16.55
C LEU SE 92 105.60 82.35 -17.53
N LYS SE 93 106.03 83.23 -18.44
CA LYS SE 93 107.14 82.89 -19.32
C LYS SE 93 108.38 82.54 -18.52
N ALA SE 94 108.70 83.36 -17.51
CA ALA SE 94 109.90 83.11 -16.71
C ALA SE 94 109.83 81.75 -16.03
N GLU SE 95 108.62 81.28 -15.74
CA GLU SE 95 108.48 79.97 -15.11
C GLU SE 95 108.76 78.86 -16.10
N TRP SE 96 108.64 79.14 -17.40
CA TRP SE 96 108.87 78.10 -18.40
C TRP SE 96 110.32 77.66 -18.40
N GLU SE 97 111.25 78.61 -18.42
CA GLU SE 97 112.67 78.24 -18.40
C GLU SE 97 113.04 77.60 -17.06
N THR SE 98 112.46 78.09 -15.97
CA THR SE 98 112.71 77.48 -14.68
C THR SE 98 112.26 76.03 -14.67
N HIS SE 99 111.09 75.76 -15.26
CA HIS SE 99 110.64 74.37 -15.39
C HIS SE 99 111.58 73.58 -16.29
N LYS SE 100 112.11 74.22 -17.33
CA LYS SE 100 113.00 73.52 -18.25
C LYS SE 100 114.28 73.09 -17.55
N ARG SE 101 114.94 74.02 -16.86
CA ARG SE 101 116.21 73.69 -16.21
C ARG SE 101 116.00 72.69 -15.08
N ASN SE 102 114.87 72.77 -14.38
CA ASN SE 102 114.58 71.81 -13.33
C ASN SE 102 114.49 70.40 -13.91
N VAL SE 103 113.81 70.25 -15.05
CA VAL SE 103 113.78 68.95 -15.71
C VAL SE 103 115.16 68.62 -16.27
N ASP SE 104 115.85 69.60 -16.83
CA ASP SE 104 117.15 69.34 -17.43
C ASP SE 104 118.14 68.83 -16.39
N THR SE 105 118.19 69.47 -15.22
CA THR SE 105 119.10 69.01 -14.18
C THR SE 105 118.66 67.67 -13.60
N LEU SE 106 117.41 67.28 -13.84
CA LEU SE 106 116.90 66.02 -13.33
C LEU SE 106 116.86 64.93 -14.38
N PHE SE 107 116.61 65.28 -15.64
CA PHE SE 107 116.46 64.32 -16.72
C PHE SE 107 117.57 64.42 -17.75
N ALA SE 108 117.86 65.62 -18.26
CA ALA SE 108 118.89 65.76 -19.28
C ALA SE 108 120.25 65.37 -18.74
N SER SE 109 120.57 65.79 -17.52
CA SER SE 109 121.85 65.47 -16.90
C SER SE 109 121.76 64.37 -15.86
N GLY SE 110 120.55 63.99 -15.45
CA GLY SE 110 120.36 62.98 -14.43
C GLY SE 110 120.06 61.61 -15.02
N ASN SE 111 119.57 60.73 -14.16
CA ASN SE 111 119.19 59.38 -14.55
C ASN SE 111 117.69 59.16 -14.45
N ALA SE 112 116.90 60.23 -14.46
CA ALA SE 112 115.45 60.08 -14.38
C ALA SE 112 114.90 59.30 -15.55
N GLY SE 113 115.56 59.38 -16.71
CA GLY SE 113 115.08 58.65 -17.87
C GLY SE 113 115.09 57.16 -17.68
N LEU SE 114 116.01 56.65 -16.88
CA LEU SE 114 116.13 55.22 -16.63
C LEU SE 114 115.34 54.77 -15.42
N GLY SE 115 114.63 55.67 -14.74
CA GLY SE 115 113.84 55.33 -13.59
C GLY SE 115 114.45 55.67 -12.25
N PHE SE 116 115.58 56.36 -12.24
CA PHE SE 116 116.27 56.68 -11.00
C PHE SE 116 115.93 58.11 -10.55
N LEU SE 117 115.86 58.28 -9.23
CA LEU SE 117 115.63 59.58 -8.63
C LEU SE 117 116.82 59.95 -7.75
N ASP SE 118 117.21 61.21 -7.79
CA ASP SE 118 118.31 61.73 -6.99
C ASP SE 118 117.80 62.85 -6.10
N PRO SE 119 117.42 62.55 -4.86
CA PRO SE 119 116.97 63.61 -3.96
C PRO SE 119 118.03 64.67 -3.72
N THR SE 120 119.31 64.31 -3.83
CA THR SE 120 120.38 65.28 -3.64
C THR SE 120 120.54 66.23 -4.81
N ALA SE 121 119.82 66.00 -5.91
CA ALA SE 121 119.92 66.90 -7.06
C ALA SE 121 119.48 68.30 -6.69
N ALA SE 122 120.17 69.29 -7.23
CA ALA SE 122 119.91 70.69 -6.92
C ALA SE 122 118.95 71.28 -7.95
N ILE SE 123 117.82 71.81 -7.47
CA ILE SE 123 116.85 72.47 -8.33
C ILE SE 123 116.61 73.86 -7.77
N VAL SE 124 116.19 74.77 -8.64
CA VAL SE 124 116.05 76.18 -8.30
C VAL SE 124 114.66 76.65 -8.70
N SER SE 125 114.22 77.74 -8.07
CA SER SE 125 112.88 78.27 -8.23
C SER SE 125 112.84 79.37 -9.27
N SER SE 126 111.64 79.89 -9.51
CA SER SE 126 111.47 80.96 -10.49
C SER SE 126 112.09 82.26 -9.98
N ASP SE 127 111.80 82.63 -8.75
CA ASP SE 127 112.30 83.88 -8.20
C ASP SE 127 113.79 83.78 -7.89
N THR SE 128 114.42 84.94 -7.73
CA THR SE 128 115.83 85.02 -7.44
C THR SE 128 116.06 86.05 -6.34
N THR SE 129 117.18 85.91 -5.64
CA THR SE 129 117.53 86.81 -4.56
C THR SE 129 117.74 88.24 -5.07
N ALA TE 1 95.05 106.26 -32.30
CA ALA TE 1 95.56 104.99 -32.80
C ALA TE 1 94.93 103.83 -32.06
N ASN TE 2 93.82 103.33 -32.58
CA ASN TE 2 93.10 102.23 -31.94
C ASN TE 2 93.93 100.95 -32.02
N LYS TE 3 93.92 100.19 -30.93
CA LYS TE 3 94.65 98.92 -30.92
C LYS TE 3 93.93 97.91 -31.80
N PRO TE 4 94.61 97.31 -32.77
CA PRO TE 4 93.97 96.30 -33.62
C PRO TE 4 93.68 95.03 -32.85
N MET TE 5 92.80 94.21 -33.42
CA MET TE 5 92.52 92.88 -32.90
C MET TE 5 93.02 91.83 -33.87
N GLN TE 6 93.48 90.73 -33.34
CA GLN TE 6 93.70 89.54 -34.13
C GLN TE 6 92.60 88.53 -33.87
N PRO TE 7 92.24 87.73 -34.87
CA PRO TE 7 91.20 86.72 -34.66
C PRO TE 7 91.61 85.70 -33.61
N ILE TE 8 90.66 85.32 -32.77
CA ILE TE 8 90.90 84.32 -31.74
C ILE TE 8 90.43 82.96 -32.25
N THR TE 9 89.14 82.85 -32.56
CA THR TE 9 88.57 81.61 -33.02
C THR TE 9 87.90 81.83 -34.38
N SER TE 10 88.14 80.90 -35.30
CA SER TE 10 87.54 80.94 -36.63
C SER TE 10 86.69 79.70 -36.81
N THR TE 11 85.46 79.91 -37.27
CA THR TE 11 84.52 78.82 -37.51
C THR TE 11 84.06 78.95 -38.95
N ALA TE 12 83.22 78.01 -39.41
CA ALA TE 12 82.72 78.07 -40.77
C ALA TE 12 81.98 79.38 -41.04
N ASN TE 13 81.25 79.88 -40.04
CA ASN TE 13 80.49 81.11 -40.19
C ASN TE 13 80.88 82.21 -39.23
N LYS TE 14 81.43 81.88 -38.06
CA LYS TE 14 81.72 82.87 -37.03
C LYS TE 14 83.21 83.06 -36.88
N ILE TE 15 83.64 84.32 -36.86
CA ILE TE 15 85.03 84.69 -36.60
C ILE TE 15 85.03 85.76 -35.53
N VAL TE 16 85.85 85.57 -34.49
CA VAL TE 16 85.86 86.43 -33.32
C VAL TE 16 87.22 87.08 -33.20
N TRP TE 17 87.23 88.41 -33.10
CA TRP TE 17 88.43 89.17 -32.81
C TRP TE 17 88.46 89.52 -31.33
N SER TE 18 89.66 89.60 -30.77
CA SER TE 18 89.81 89.98 -29.37
C SER TE 18 91.15 90.67 -29.20
N ASP TE 19 91.17 91.69 -28.34
CA ASP TE 19 92.37 92.48 -28.14
C ASP TE 19 93.42 91.69 -27.37
N PRO TE 20 94.66 91.60 -27.86
CA PRO TE 20 95.68 90.87 -27.10
C PRO TE 20 95.96 91.48 -25.74
N THR TE 21 95.96 92.81 -25.62
CA THR TE 21 96.26 93.43 -24.34
C THR TE 21 95.12 93.23 -23.35
N ARG TE 22 93.88 93.33 -23.82
CA ARG TE 22 92.70 93.15 -22.98
C ARG TE 22 91.80 92.13 -23.67
N LEU TE 23 91.80 90.89 -23.17
CA LEU TE 23 91.04 89.83 -23.82
C LEU TE 23 89.54 90.00 -23.62
N SER TE 24 89.12 90.86 -22.70
CA SER TE 24 87.70 91.02 -22.43
C SER TE 24 86.96 91.57 -23.64
N THR TE 25 87.47 92.63 -24.23
CA THR TE 25 86.80 93.23 -25.37
C THR TE 25 86.90 92.35 -26.60
N THR TE 26 85.78 92.15 -27.28
CA THR TE 26 85.72 91.28 -28.45
C THR TE 26 84.84 91.91 -29.50
N PHE TE 27 84.98 91.41 -30.73
CA PHE TE 27 84.08 91.79 -31.81
C PHE TE 27 83.96 90.58 -32.74
N SER TE 28 82.75 90.04 -32.86
CA SER TE 28 82.52 88.81 -33.59
C SER TE 28 81.47 89.02 -34.67
N ALA TE 29 81.68 88.37 -35.81
CA ALA TE 29 80.74 88.43 -36.92
C ALA TE 29 80.37 87.01 -37.33
N SER TE 30 79.08 86.72 -37.34
CA SER TE 30 78.57 85.42 -37.75
C SER TE 30 77.53 85.64 -38.85
N LEU TE 31 77.69 84.94 -39.96
CA LEU TE 31 76.85 85.12 -41.12
C LEU TE 31 76.07 83.84 -41.40
N LEU TE 32 74.76 83.97 -41.54
CA LEU TE 32 73.90 82.86 -41.92
C LEU TE 32 73.33 83.18 -43.29
N ARG TE 33 73.86 82.52 -44.31
CA ARG TE 33 73.38 82.68 -45.68
C ARG TE 33 72.29 81.64 -45.92
N GLN TE 34 71.11 82.09 -46.33
CA GLN TE 34 69.96 81.22 -46.43
C GLN TE 34 69.47 81.21 -47.87
N ARG TE 35 68.72 80.15 -48.20
CA ARG TE 35 68.35 79.85 -49.56
C ARG TE 35 66.88 80.22 -49.74
N VAL TE 36 66.60 81.22 -50.58
CA VAL TE 36 65.31 81.89 -50.58
C VAL TE 36 64.73 81.95 -52.00
N LYS TE 37 63.40 81.77 -52.08
CA LYS TE 37 62.64 82.03 -53.29
C LYS TE 37 61.56 83.06 -52.96
N VAL TE 38 61.62 84.22 -53.60
CA VAL TE 38 60.65 85.27 -53.31
C VAL TE 38 59.38 85.08 -54.15
N GLY TE 39 59.51 85.13 -55.47
CA GLY TE 39 58.39 84.83 -56.35
C GLY TE 39 58.82 84.82 -57.80
N ILE TE 40 58.50 83.74 -58.53
CA ILE TE 40 58.90 83.49 -59.91
C ILE TE 40 60.32 84.02 -60.17
N ALA TE 41 61.15 83.98 -59.14
CA ALA TE 41 62.50 84.50 -59.17
C ALA TE 41 63.23 83.97 -57.95
N GLU TE 42 64.53 83.77 -58.09
CA GLU TE 42 65.30 83.05 -57.10
C GLU TE 42 66.45 83.94 -56.63
N LEU TE 43 66.66 83.99 -55.32
CA LEU TE 43 67.62 84.92 -54.74
C LEU TE 43 68.28 84.29 -53.53
N ASN TE 44 69.44 84.85 -53.16
CA ASN TE 44 70.22 84.35 -52.03
C ASN TE 44 70.25 85.38 -50.93
N ASN TE 45 69.83 84.98 -49.73
CA ASN TE 45 69.71 85.88 -48.60
C ASN TE 45 70.77 85.57 -47.55
N VAL TE 46 71.27 86.63 -46.91
CA VAL TE 46 72.30 86.51 -45.88
C VAL TE 46 71.83 87.27 -44.65
N SER TE 47 72.35 86.88 -43.49
CA SER TE 47 72.06 87.55 -42.23
C SER TE 47 73.32 87.57 -41.39
N GLY TE 48 73.91 88.75 -41.24
CA GLY TE 48 75.17 88.92 -40.52
C GLY TE 48 74.96 89.62 -39.19
N GLN TE 49 75.28 88.92 -38.12
CA GLN TE 49 75.19 89.46 -36.76
C GLN TE 49 76.58 89.90 -36.34
N TYR TE 50 76.74 91.20 -36.13
CA TYR TE 50 78.02 91.77 -35.71
C TYR TE 50 77.87 92.25 -34.28
N VAL TE 51 78.56 91.59 -33.37
CA VAL TE 51 78.44 91.84 -31.94
C VAL TE 51 79.76 92.42 -31.44
N SER TE 52 79.69 93.59 -30.82
CA SER TE 52 80.85 94.21 -30.19
C SER TE 52 80.61 94.29 -28.69
N VAL TE 53 81.51 93.70 -27.92
CA VAL TE 53 81.37 93.60 -26.48
C VAL TE 53 82.57 94.25 -25.81
N TYR TE 54 82.31 95.12 -24.85
CA TYR TE 54 83.37 95.73 -24.05
C TYR TE 54 82.98 95.67 -22.59
N LYS TE 55 83.97 95.39 -21.74
CA LYS TE 55 83.77 95.36 -20.29
C LYS TE 55 84.28 96.68 -19.73
N ARG TE 56 83.35 97.53 -19.31
CA ARG TE 56 83.68 98.86 -18.84
C ARG TE 56 83.62 98.90 -17.33
N PRO TE 57 84.69 99.30 -16.65
CA PRO TE 57 84.64 99.43 -15.20
C PRO TE 57 83.61 100.46 -14.77
N ALA TE 58 83.04 100.24 -13.59
CA ALA TE 58 82.03 101.13 -13.07
C ALA TE 58 82.61 102.53 -12.87
N PRO TE 59 81.78 103.57 -12.91
CA PRO TE 59 82.30 104.93 -12.84
C PRO TE 59 82.84 105.28 -11.46
N LYS TE 60 84.14 105.54 -11.38
CA LYS TE 60 84.73 105.97 -10.13
C LYS TE 60 84.27 107.39 -9.79
N PRO TE 61 83.79 107.62 -8.58
CA PRO TE 61 83.16 108.90 -8.26
C PRO TE 61 84.16 110.05 -8.30
N GLU TE 62 83.64 111.26 -8.10
CA GLU TE 62 84.42 112.46 -8.34
C GLU TE 62 85.57 112.59 -7.36
N GLY TE 63 86.70 113.08 -7.87
CA GLY TE 63 87.83 113.43 -7.04
C GLY TE 63 88.76 112.28 -6.67
N CYS TE 64 88.20 111.09 -6.46
CA CYS TE 64 88.97 109.98 -5.91
C CYS TE 64 89.64 109.17 -7.02
N ALA TE 65 90.30 109.88 -7.93
CA ALA TE 65 91.14 109.24 -8.93
C ALA TE 65 92.58 109.40 -8.45
N ASP TE 66 92.93 108.61 -7.43
CA ASP TE 66 94.21 108.81 -6.76
C ASP TE 66 95.11 107.62 -7.05
N ALA TE 67 94.73 106.41 -6.64
CA ALA TE 67 95.57 105.27 -6.99
C ALA TE 67 94.80 104.21 -7.77
N CYS TE 68 93.84 103.56 -7.11
CA CYS TE 68 93.00 102.52 -7.70
C CYS TE 68 91.95 102.15 -6.66
N VAL TE 69 90.69 102.11 -7.06
CA VAL TE 69 89.62 101.65 -6.19
C VAL TE 69 89.03 100.32 -6.66
N ILE TE 70 89.18 100.00 -7.94
CA ILE TE 70 88.74 98.73 -8.52
C ILE TE 70 87.26 98.51 -8.24
N MET TE 71 86.40 99.18 -8.98
CA MET TE 71 84.99 98.83 -8.94
C MET TE 71 84.74 97.62 -9.84
N PRO TE 72 83.74 96.79 -9.51
CA PRO TE 72 83.46 95.62 -10.35
C PRO TE 72 83.12 96.03 -11.77
N ASN TE 73 83.60 95.25 -12.72
CA ASN TE 73 83.43 95.55 -14.13
C ASN TE 73 82.01 95.20 -14.59
N GLU TE 74 81.48 96.03 -15.48
CA GLU TE 74 80.13 95.84 -16.01
C GLU TE 74 80.20 95.75 -17.53
N ASN TE 75 79.05 95.40 -18.12
CA ASN TE 75 78.99 94.98 -19.51
C ASN TE 75 78.44 96.08 -20.40
N GLN TE 76 79.18 96.41 -21.46
CA GLN TE 76 78.69 97.23 -22.55
C GLN TE 76 78.72 96.41 -23.82
N SER TE 77 77.58 96.34 -24.52
CA SER TE 77 77.49 95.52 -25.71
C SER TE 77 76.70 96.26 -26.79
N ILE TE 78 77.05 95.97 -28.05
CA ILE TE 78 76.37 96.51 -29.21
C ILE TE 78 76.38 95.42 -30.27
N ARG TE 79 75.19 94.95 -30.66
CA ARG TE 79 75.08 93.94 -31.70
C ARG TE 79 74.18 94.45 -32.81
N THR TE 80 74.59 94.22 -34.05
CA THR TE 80 73.87 94.68 -35.24
C THR TE 80 73.57 93.49 -36.14
N VAL TE 81 72.36 93.46 -36.68
CA VAL TE 81 71.93 92.39 -37.56
C VAL TE 81 71.53 93.00 -38.90
N ILE TE 82 72.12 92.49 -39.97
CA ILE TE 82 71.85 92.97 -41.33
C ILE TE 82 71.29 91.81 -42.12
N SER TE 83 70.14 92.02 -42.76
CA SER TE 83 69.49 90.99 -43.55
C SER TE 83 69.14 91.53 -44.93
N GLY TE 84 69.24 90.67 -45.93
CA GLY TE 84 68.94 91.07 -47.30
C GLY TE 84 69.50 90.07 -48.27
N SER TE 85 69.29 90.37 -49.55
CA SER TE 85 69.80 89.51 -50.61
C SER TE 85 71.15 90.00 -51.12
N ALA TE 86 71.88 89.09 -51.76
CA ALA TE 86 73.18 89.45 -52.31
C ALA TE 86 73.03 90.43 -53.48
N GLU TE 87 72.04 90.23 -54.34
CA GLU TE 87 71.92 91.08 -55.52
C GLU TE 87 71.35 92.45 -55.20
N ASN TE 88 70.73 92.62 -54.03
CA ASN TE 88 70.30 93.94 -53.57
C ASN TE 88 71.35 94.62 -52.72
N LEU TE 89 72.57 94.10 -52.71
CA LEU TE 89 73.61 94.66 -51.84
C LEU TE 89 73.92 96.11 -52.18
N ALA TE 90 73.98 96.44 -53.47
CA ALA TE 90 74.40 97.78 -53.87
C ALA TE 90 73.50 98.85 -53.26
N THR TE 91 72.20 98.58 -53.21
CA THR TE 91 71.27 99.52 -52.61
C THR TE 91 71.11 99.30 -51.10
N LEU TE 92 71.50 98.13 -50.61
CA LEU TE 92 71.39 97.88 -49.17
C LEU TE 92 72.46 98.64 -48.39
N LYS TE 93 73.60 98.94 -49.01
CA LYS TE 93 74.61 99.73 -48.33
C LYS TE 93 74.05 101.10 -47.95
N ALA TE 94 73.31 101.72 -48.86
CA ALA TE 94 72.69 103.00 -48.53
C ALA TE 94 71.74 102.86 -47.35
N GLU TE 95 71.05 101.73 -47.25
CA GLU TE 95 70.19 101.47 -46.10
C GLU TE 95 71.00 101.44 -44.81
N TRP TE 96 72.14 100.76 -44.83
CA TRP TE 96 73.00 100.75 -43.65
C TRP TE 96 73.50 102.15 -43.34
N GLU TE 97 73.88 102.90 -44.37
CA GLU TE 97 74.38 104.25 -44.14
C GLU TE 97 73.31 105.15 -43.54
N THR TE 98 72.09 105.11 -44.09
CA THR TE 98 71.04 105.98 -43.56
C THR TE 98 70.58 105.49 -42.19
N HIS TE 99 70.75 104.19 -41.91
CA HIS TE 99 70.44 103.68 -40.58
C HIS TE 99 71.37 104.29 -39.54
N LYS TE 100 72.61 104.57 -39.92
CA LYS TE 100 73.54 105.22 -39.02
C LYS TE 100 73.04 106.60 -38.62
N ARG TE 101 72.59 107.38 -39.60
CA ARG TE 101 72.17 108.75 -39.31
C ARG TE 101 70.98 108.77 -38.35
N ASN TE 102 70.00 107.90 -38.58
CA ASN TE 102 68.83 107.88 -37.71
C ASN TE 102 69.22 107.56 -36.28
N VAL TE 103 70.09 106.57 -36.10
CA VAL TE 103 70.56 106.25 -34.75
C VAL TE 103 71.39 107.39 -34.19
N ASP TE 104 72.25 107.98 -35.02
CA ASP TE 104 73.11 109.06 -34.55
C ASP TE 104 72.30 110.25 -34.07
N THR TE 105 71.35 110.72 -34.89
CA THR TE 105 70.57 111.88 -34.51
C THR TE 105 69.65 111.58 -33.33
N LEU TE 106 69.36 110.31 -33.09
CA LEU TE 106 68.48 109.93 -31.99
C LEU TE 106 69.25 109.59 -30.72
N PHE TE 107 70.38 108.90 -30.84
CA PHE TE 107 71.13 108.41 -29.69
C PHE TE 107 72.44 109.16 -29.50
N ALA TE 108 73.28 109.23 -30.53
CA ALA TE 108 74.57 109.91 -30.39
C ALA TE 108 74.38 111.39 -30.10
N SER TE 109 73.57 112.06 -30.93
CA SER TE 109 73.31 113.49 -30.70
C SER TE 109 72.26 113.70 -29.63
N GLY TE 110 71.17 112.94 -29.68
CA GLY TE 110 70.11 113.06 -28.70
C GLY TE 110 70.49 112.41 -27.38
N ASN TE 111 69.54 112.43 -26.46
CA ASN TE 111 69.72 111.85 -25.14
C ASN TE 111 68.97 110.54 -24.98
N ALA TE 112 68.77 109.79 -26.07
CA ALA TE 112 68.11 108.50 -25.96
C ALA TE 112 68.91 107.52 -25.13
N GLY TE 113 70.22 107.73 -24.98
CA GLY TE 113 71.02 106.87 -24.14
C GLY TE 113 70.67 106.96 -22.67
N LEU TE 114 69.94 108.00 -22.28
CA LEU TE 114 69.48 108.18 -20.91
C LEU TE 114 68.05 107.70 -20.71
N GLY TE 115 67.48 107.01 -21.70
CA GLY TE 115 66.12 106.53 -21.61
C GLY TE 115 65.08 107.50 -22.13
N PHE TE 116 65.47 108.67 -22.61
CA PHE TE 116 64.51 109.65 -23.10
C PHE TE 116 64.14 109.37 -24.55
N LEU TE 117 62.92 109.75 -24.90
CA LEU TE 117 62.43 109.67 -26.27
C LEU TE 117 62.11 111.06 -26.77
N ASP TE 118 62.38 111.30 -28.05
CA ASP TE 118 62.20 112.60 -28.68
C ASP TE 118 61.38 112.43 -29.95
N PRO TE 119 60.06 112.51 -29.84
CA PRO TE 119 59.21 112.34 -31.03
C PRO TE 119 59.44 113.39 -32.10
N THR TE 120 60.06 114.51 -31.76
CA THR TE 120 60.28 115.59 -32.72
C THR TE 120 61.61 115.47 -33.44
N ALA TE 121 62.37 114.41 -33.22
CA ALA TE 121 63.66 114.25 -33.89
C ALA TE 121 63.46 114.03 -35.38
N ALA TE 122 64.41 114.54 -36.17
CA ALA TE 122 64.35 114.39 -37.61
C ALA TE 122 64.89 113.05 -38.05
N ILE TE 123 64.07 112.28 -38.76
CA ILE TE 123 64.43 110.95 -39.23
C ILE TE 123 64.31 110.95 -40.76
N VAL TE 124 65.45 110.86 -41.44
CA VAL TE 124 65.50 110.95 -42.89
C VAL TE 124 65.51 109.55 -43.47
N SER TE 125 64.89 109.39 -44.64
CA SER TE 125 64.74 108.08 -45.26
C SER TE 125 65.95 107.75 -46.13
N SER TE 126 66.00 106.48 -46.56
CA SER TE 126 67.06 106.07 -47.48
C SER TE 126 66.94 106.78 -48.82
N ASP TE 127 65.73 106.88 -49.34
CA ASP TE 127 65.51 107.51 -50.63
C ASP TE 127 65.86 108.99 -50.57
N THR TE 128 66.41 109.50 -51.66
CA THR TE 128 66.78 110.90 -51.77
C THR TE 128 65.70 111.68 -52.51
N THR TE 129 65.65 112.98 -52.26
CA THR TE 129 64.67 113.84 -52.89
C THR TE 129 64.88 113.91 -54.39
N ALA UE 1 93.59 86.10 -66.86
CA ALA UE 1 93.06 86.75 -65.66
C ALA UE 1 91.55 86.58 -65.58
N ASN UE 2 91.09 85.92 -64.51
CA ASN UE 2 89.68 85.67 -64.32
C ASN UE 2 89.31 86.09 -62.90
N LYS UE 3 88.07 85.83 -62.51
CA LYS UE 3 87.60 86.20 -61.18
C LYS UE 3 88.14 85.21 -60.17
N PRO UE 4 88.91 85.65 -59.17
CA PRO UE 4 89.25 84.75 -58.07
C PRO UE 4 88.07 84.54 -57.15
N MET UE 5 88.05 83.41 -56.47
CA MET UE 5 87.03 83.16 -55.46
C MET UE 5 87.56 83.52 -54.08
N GLN UE 6 86.67 83.41 -53.10
CA GLN UE 6 87.02 83.47 -51.69
C GLN UE 6 86.37 82.30 -50.98
N PRO UE 7 87.02 81.77 -49.94
CA PRO UE 7 86.45 80.61 -49.24
C PRO UE 7 85.14 80.98 -48.56
N ILE UE 8 84.26 79.99 -48.44
CA ILE UE 8 82.98 80.13 -47.77
C ILE UE 8 82.96 79.37 -46.44
N THR UE 9 83.09 78.05 -46.50
CA THR UE 9 83.10 77.21 -45.31
C THR UE 9 84.51 76.65 -45.14
N SER UE 10 85.24 77.18 -44.17
CA SER UE 10 86.59 76.73 -43.87
C SER UE 10 86.52 75.66 -42.80
N THR UE 11 87.06 74.49 -43.10
CA THR UE 11 87.01 73.36 -42.20
C THR UE 11 88.31 72.58 -42.35
N ALA UE 12 88.66 71.81 -41.31
CA ALA UE 12 89.84 70.98 -41.37
C ALA UE 12 89.79 69.95 -42.49
N ASN UE 13 88.61 69.65 -43.03
CA ASN UE 13 88.46 68.64 -44.06
C ASN UE 13 87.78 69.16 -45.31
N LYS UE 14 87.40 70.43 -45.36
CA LYS UE 14 86.68 70.93 -46.53
C LYS UE 14 86.75 72.45 -46.57
N ILE UE 15 87.03 72.99 -47.76
CA ILE UE 15 86.92 74.41 -48.03
C ILE UE 15 86.18 74.59 -49.35
N VAL UE 16 85.16 75.43 -49.35
CA VAL UE 16 84.36 75.67 -50.53
C VAL UE 16 84.55 77.13 -50.93
N TRP UE 17 85.16 77.36 -52.09
CA TRP UE 17 85.28 78.70 -52.61
C TRP UE 17 84.06 79.06 -53.43
N SER UE 18 83.76 80.35 -53.51
CA SER UE 18 82.66 80.84 -54.32
C SER UE 18 83.02 82.22 -54.86
N ASP UE 19 82.45 82.55 -56.02
CA ASP UE 19 82.80 83.78 -56.71
C ASP UE 19 81.93 84.93 -56.23
N PRO UE 20 82.51 86.03 -55.75
CA PRO UE 20 81.66 87.16 -55.32
C PRO UE 20 80.78 87.70 -56.42
N THR UE 21 81.28 87.77 -57.66
CA THR UE 21 80.48 88.29 -58.75
C THR UE 21 79.27 87.41 -59.02
N ARG UE 22 79.46 86.09 -59.01
CA ARG UE 22 78.38 85.13 -59.22
C ARG UE 22 78.61 83.98 -58.25
N LEU UE 23 77.90 84.00 -57.13
CA LEU UE 23 78.13 83.01 -56.09
C LEU UE 23 77.64 81.63 -56.47
N SER UE 24 76.93 81.50 -57.60
CA SER UE 24 76.44 80.19 -58.00
C SER UE 24 77.59 79.22 -58.28
N THR UE 25 78.61 79.68 -58.99
CA THR UE 25 79.75 78.83 -59.27
C THR UE 25 80.58 78.61 -58.00
N THR UE 26 81.02 77.38 -57.81
CA THR UE 26 81.76 77.01 -56.60
C THR UE 26 82.89 76.07 -56.96
N PHE UE 27 83.83 75.93 -56.03
CA PHE UE 27 84.91 74.95 -56.13
C PHE UE 27 85.22 74.46 -54.74
N SER UE 28 84.97 73.19 -54.47
CA SER UE 28 85.13 72.61 -53.15
C SER UE 28 86.19 71.53 -53.18
N ALA UE 29 87.05 71.52 -52.17
CA ALA UE 29 88.08 70.52 -52.01
C ALA UE 29 87.89 69.79 -50.68
N SER UE 30 87.88 68.47 -50.72
CA SER UE 30 87.70 67.66 -49.53
C SER UE 30 88.74 66.56 -49.50
N LEU UE 31 89.37 66.38 -48.35
CA LEU UE 31 90.42 65.39 -48.16
C LEU UE 31 90.08 64.46 -47.01
N LEU UE 32 90.43 63.19 -47.18
CA LEU UE 32 90.22 62.17 -46.17
C LEU UE 32 91.55 61.47 -45.94
N ARG UE 33 92.27 61.88 -44.91
CA ARG UE 33 93.57 61.30 -44.58
C ARG UE 33 93.36 60.05 -43.74
N GLN UE 34 94.11 59.00 -44.06
CA GLN UE 34 93.93 57.72 -43.40
C GLN UE 34 95.24 56.95 -43.43
N ARG UE 35 95.41 56.06 -42.47
CA ARG UE 35 96.61 55.24 -42.34
C ARG UE 35 96.26 53.81 -42.68
N VAL UE 36 97.05 53.20 -43.56
CA VAL UE 36 96.77 51.86 -44.06
C VAL UE 36 98.05 51.02 -43.97
N LYS UE 37 97.90 49.77 -43.56
CA LYS UE 37 99.01 48.85 -43.37
C LYS UE 37 98.99 47.84 -44.50
N VAL UE 38 100.04 47.82 -45.32
CA VAL UE 38 100.15 46.85 -46.41
C VAL UE 38 101.49 46.12 -46.39
N GLY UE 39 102.57 46.84 -46.64
CA GLY UE 39 103.88 46.23 -46.77
C GLY UE 39 104.65 46.15 -45.48
N ILE UE 40 104.21 45.28 -44.56
CA ILE UE 40 104.74 45.10 -43.21
C ILE UE 40 105.11 46.45 -42.60
N ALA UE 41 104.38 47.49 -42.99
CA ALA UE 41 104.67 48.85 -42.56
C ALA UE 41 103.44 49.71 -42.81
N GLU UE 42 103.16 50.63 -41.89
CA GLU UE 42 102.05 51.55 -42.06
C GLU UE 42 102.29 52.46 -43.25
N LEU UE 43 101.20 52.86 -43.90
CA LEU UE 43 101.27 53.77 -45.04
C LEU UE 43 100.21 54.84 -44.85
N ASN UE 44 100.59 56.10 -45.04
CA ASN UE 44 99.68 57.21 -44.88
C ASN UE 44 98.98 57.48 -46.21
N ASN UE 45 97.68 57.20 -46.26
CA ASN UE 45 96.90 57.38 -47.47
C ASN UE 45 96.04 58.63 -47.37
N VAL UE 46 95.82 59.26 -48.52
CA VAL UE 46 95.02 60.47 -48.61
C VAL UE 46 94.15 60.38 -49.86
N SER UE 47 92.90 60.82 -49.74
CA SER UE 47 91.96 60.83 -50.85
C SER UE 47 91.40 62.23 -50.99
N GLY UE 48 91.91 62.98 -51.96
CA GLY UE 48 91.48 64.35 -52.17
C GLY UE 48 90.39 64.41 -53.23
N GLN UE 49 89.25 64.96 -52.84
CA GLN UE 49 88.11 65.12 -53.72
C GLN UE 49 87.97 66.58 -54.10
N TYR UE 50 87.89 66.85 -55.39
CA TYR UE 50 87.80 68.21 -55.91
C TYR UE 50 86.58 68.30 -56.81
N VAL UE 51 85.67 69.21 -56.49
CA VAL UE 51 84.43 69.36 -57.23
C VAL UE 51 84.34 70.80 -57.74
N SER UE 52 84.16 70.95 -59.04
CA SER UE 52 83.93 72.24 -59.67
C SER UE 52 82.52 72.25 -60.24
N VAL UE 53 81.73 73.25 -59.88
CA VAL UE 53 80.32 73.31 -60.24
C VAL UE 53 80.04 74.66 -60.88
N TYR UE 54 79.36 74.64 -62.02
CA TYR UE 54 78.89 75.84 -62.68
C TYR UE 54 77.44 75.66 -63.09
N LYS UE 55 76.65 76.72 -62.93
CA LYS UE 55 75.25 76.73 -63.33
C LYS UE 55 75.15 77.64 -64.55
N ARG UE 56 75.41 77.09 -65.70
CA ARG UE 56 75.35 77.89 -66.92
C ARG UE 56 73.93 77.90 -67.47
N PRO UE 57 73.44 79.04 -67.95
CA PRO UE 57 72.13 79.06 -68.60
C PRO UE 57 72.14 78.24 -69.88
N ALA UE 58 70.97 77.71 -70.23
CA ALA UE 58 70.83 76.92 -71.44
C ALA UE 58 71.08 77.81 -72.66
N PRO UE 59 71.45 77.22 -73.81
CA PRO UE 59 71.57 78.03 -75.02
C PRO UE 59 70.22 78.48 -75.51
N LYS UE 60 70.06 79.79 -75.71
CA LYS UE 60 68.75 80.33 -76.06
C LYS UE 60 68.41 79.96 -77.50
N PRO UE 61 67.11 79.98 -77.88
CA PRO UE 61 66.74 79.61 -79.25
C PRO UE 61 67.45 80.46 -80.30
N GLU UE 62 67.90 79.80 -81.36
CA GLU UE 62 68.70 80.46 -82.39
C GLU UE 62 67.90 81.46 -83.19
N GLY UE 63 68.59 82.40 -83.84
CA GLY UE 63 67.97 83.39 -84.68
C GLY UE 63 66.98 84.28 -83.94
N CYS UE 64 67.15 84.38 -82.63
CA CYS UE 64 66.27 85.21 -81.81
C CYS UE 64 66.93 85.56 -80.49
N ALA UE 65 67.28 86.84 -80.30
CA ALA UE 65 67.67 87.31 -78.97
C ALA UE 65 67.26 88.77 -78.87
N ASP UE 66 66.04 89.00 -78.39
CA ASP UE 66 65.53 90.36 -78.22
C ASP UE 66 65.19 90.65 -76.77
N ALA UE 67 64.35 89.81 -76.17
CA ALA UE 67 63.77 90.07 -74.87
C ALA UE 67 64.44 89.23 -73.79
N CYS UE 68 64.38 89.70 -72.56
CA CYS UE 68 64.91 88.93 -71.44
C CYS UE 68 64.11 87.65 -71.25
N VAL UE 69 64.79 86.50 -71.33
CA VAL UE 69 64.19 85.22 -70.97
C VAL UE 69 65.14 84.53 -70.00
N ILE UE 70 64.58 84.07 -68.90
CA ILE UE 70 65.35 83.45 -67.82
C ILE UE 70 65.21 81.95 -67.99
N MET UE 71 66.18 81.35 -68.66
CA MET UE 71 66.14 79.93 -68.95
C MET UE 71 66.80 79.16 -67.82
N PRO UE 72 66.26 78.01 -67.42
CA PRO UE 72 66.85 77.26 -66.30
C PRO UE 72 68.29 76.87 -66.62
N ASN UE 73 69.14 76.95 -65.60
CA ASN UE 73 70.53 76.58 -65.75
C ASN UE 73 70.69 75.07 -65.60
N GLU UE 74 71.76 74.55 -66.18
CA GLU UE 74 72.15 73.16 -65.99
C GLU UE 74 73.46 73.11 -65.22
N ASN UE 75 73.75 71.94 -64.66
CA ASN UE 75 74.90 71.76 -63.78
C ASN UE 75 76.09 71.29 -64.61
N GLN UE 76 76.93 72.21 -65.03
CA GLN UE 76 78.23 71.86 -65.60
C GLN UE 76 79.13 71.46 -64.45
N SER UE 77 79.14 70.17 -64.11
CA SER UE 77 79.78 69.69 -62.91
C SER UE 77 80.96 68.80 -63.24
N ILE UE 78 82.05 69.00 -62.51
CA ILE UE 78 83.28 68.24 -62.67
C ILE UE 78 83.76 67.81 -61.29
N ARG UE 79 84.00 66.51 -61.12
CA ARG UE 79 84.50 65.96 -59.87
C ARG UE 79 85.79 65.21 -60.17
N THR UE 80 86.80 65.45 -59.35
CA THR UE 80 88.07 64.75 -59.48
C THR UE 80 88.45 64.17 -58.12
N VAL UE 81 88.96 62.95 -58.15
CA VAL UE 81 89.36 62.24 -56.94
C VAL UE 81 90.77 61.70 -57.16
N ILE UE 82 91.66 61.94 -56.21
CA ILE UE 82 93.02 61.43 -56.24
C ILE UE 82 93.27 60.68 -54.94
N SER UE 83 93.69 59.43 -55.06
CA SER UE 83 93.98 58.58 -53.90
C SER UE 83 95.38 58.00 -54.04
N GLY UE 84 96.17 58.11 -52.97
CA GLY UE 84 97.52 57.58 -53.00
C GLY UE 84 98.21 57.85 -51.68
N SER UE 85 99.34 57.19 -51.52
CA SER UE 85 100.15 57.36 -50.31
C SER UE 85 101.03 58.58 -50.44
N ALA UE 86 101.18 59.32 -49.34
CA ALA UE 86 102.01 60.52 -49.37
C ALA UE 86 103.49 60.20 -49.51
N GLU UE 87 103.87 58.95 -49.23
CA GLU UE 87 105.28 58.59 -49.26
C GLU UE 87 105.83 58.62 -50.67
N ASN UE 88 105.14 57.99 -51.61
CA ASN UE 88 105.52 58.01 -53.03
C ASN UE 88 104.79 59.10 -53.79
N LEU UE 89 104.48 60.21 -53.12
CA LEU UE 89 103.70 61.28 -53.73
C LEU UE 89 104.37 61.89 -54.93
N ALA UE 90 105.71 61.94 -54.96
CA ALA UE 90 106.40 62.57 -56.07
C ALA UE 90 106.03 61.91 -57.39
N THR UE 91 105.88 60.58 -57.38
CA THR UE 91 105.42 59.90 -58.59
C THR UE 91 103.96 60.21 -58.88
N LEU UE 92 103.15 60.40 -57.84
CA LEU UE 92 101.73 60.66 -58.05
C LEU UE 92 101.52 61.98 -58.78
N LYS UE 93 102.29 63.00 -58.44
CA LYS UE 93 102.18 64.28 -59.14
C LYS UE 93 102.50 64.12 -60.62
N ALA UE 94 103.59 63.41 -60.93
CA ALA UE 94 103.92 63.16 -62.32
C ALA UE 94 102.85 62.32 -63.00
N GLU UE 95 102.32 61.33 -62.28
CA GLU UE 95 101.27 60.49 -62.84
C GLU UE 95 100.01 61.31 -63.10
N TRP UE 96 99.71 62.27 -62.22
CA TRP UE 96 98.64 63.22 -62.49
C TRP UE 96 98.81 63.89 -63.84
N GLU UE 97 100.03 64.31 -64.18
CA GLU UE 97 100.24 65.02 -65.44
C GLU UE 97 99.86 64.14 -66.63
N THR UE 98 100.21 62.86 -66.58
CA THR UE 98 99.83 61.95 -67.64
C THR UE 98 98.32 61.80 -67.73
N HIS UE 99 97.65 61.71 -66.57
CA HIS UE 99 96.19 61.59 -66.58
C HIS UE 99 95.55 62.81 -67.23
N LYS UE 100 96.11 63.99 -66.99
CA LYS UE 100 95.56 65.20 -67.58
C LYS UE 100 95.66 65.16 -69.10
N ARG UE 101 96.81 64.75 -69.62
CA ARG UE 101 96.98 64.73 -71.07
C ARG UE 101 96.20 63.59 -71.70
N ASN UE 102 95.96 62.52 -70.94
CA ASN UE 102 95.17 61.41 -71.46
C ASN UE 102 93.73 61.83 -71.73
N VAL UE 103 93.11 62.48 -70.74
CA VAL UE 103 91.73 62.92 -70.94
C VAL UE 103 91.67 64.01 -72.00
N ASP UE 104 92.70 64.85 -72.07
CA ASP UE 104 92.70 65.93 -73.05
C ASP UE 104 92.70 65.36 -74.47
N THR UE 105 93.57 64.40 -74.74
CA THR UE 105 93.62 63.83 -76.09
C THR UE 105 92.36 63.05 -76.42
N LEU UE 106 91.55 62.74 -75.41
CA LEU UE 106 90.31 62.02 -75.62
C LEU UE 106 89.10 62.93 -75.58
N PHE UE 107 89.12 63.96 -74.75
CA PHE UE 107 87.97 64.82 -74.55
C PHE UE 107 88.21 66.25 -74.99
N ALA UE 108 89.29 66.88 -74.52
CA ALA UE 108 89.54 68.28 -74.88
C ALA UE 108 89.76 68.43 -76.38
N SER UE 109 90.61 67.56 -76.96
CA SER UE 109 90.80 67.60 -78.40
C SER UE 109 89.94 66.57 -79.12
N GLY UE 110 89.61 65.48 -78.44
CA GLY UE 110 88.76 64.45 -79.02
C GLY UE 110 87.31 64.85 -78.98
N ASN UE 111 86.45 63.90 -79.34
CA ASN UE 111 85.01 64.11 -79.39
C ASN UE 111 84.28 63.33 -78.31
N ALA UE 112 84.97 62.96 -77.23
CA ALA UE 112 84.31 62.22 -76.16
C ALA UE 112 83.19 63.02 -75.54
N GLY UE 113 83.29 64.35 -75.55
CA GLY UE 113 82.23 65.17 -74.99
C GLY UE 113 80.92 65.01 -75.75
N LEU UE 114 81.00 64.84 -77.07
CA LEU UE 114 79.79 64.60 -77.85
C LEU UE 114 79.13 63.29 -77.46
N GLY UE 115 79.91 62.33 -76.98
CA GLY UE 115 79.37 61.05 -76.59
C GLY UE 115 79.94 59.90 -77.38
N PHE UE 116 81.09 60.12 -78.00
CA PHE UE 116 81.72 59.13 -78.87
C PHE UE 116 83.09 58.76 -78.30
N LEU UE 117 83.32 57.46 -78.15
CA LEU UE 117 84.61 56.94 -77.70
C LEU UE 117 85.41 56.50 -78.92
N ASP UE 118 86.66 56.94 -79.01
CA ASP UE 118 87.49 56.63 -80.16
C ASP UE 118 88.49 55.55 -79.78
N PRO UE 119 88.37 54.33 -80.29
CA PRO UE 119 89.33 53.28 -79.92
C PRO UE 119 90.76 53.61 -80.31
N THR UE 120 90.98 54.33 -81.41
CA THR UE 120 92.32 54.60 -81.90
C THR UE 120 92.94 55.84 -81.26
N ALA UE 121 92.44 56.27 -80.11
CA ALA UE 121 93.02 57.42 -79.43
C ALA UE 121 94.44 57.10 -78.95
N ALA UE 122 95.29 58.12 -78.98
CA ALA UE 122 96.69 57.97 -78.61
C ALA UE 122 96.83 58.12 -77.10
N ILE UE 123 96.49 57.07 -76.39
CA ILE UE 123 96.66 57.03 -74.94
C ILE UE 123 98.09 56.63 -74.61
N VAL UE 124 98.73 57.36 -73.72
CA VAL UE 124 100.11 57.11 -73.35
C VAL UE 124 100.20 57.04 -71.84
N SER UE 125 101.20 56.31 -71.34
CA SER UE 125 101.32 56.04 -69.91
C SER UE 125 102.23 57.05 -69.23
N SER UE 126 102.32 56.93 -67.91
CA SER UE 126 103.11 57.88 -67.14
C SER UE 126 104.60 57.59 -67.27
N ASP UE 127 105.00 56.33 -67.10
CA ASP UE 127 106.41 55.98 -67.19
C ASP UE 127 106.92 56.12 -68.62
N THR UE 128 108.12 56.65 -68.76
CA THR UE 128 108.71 56.95 -70.06
C THR UE 128 109.57 55.80 -70.54
N THR UE 129 109.90 55.82 -71.83
CA THR UE 129 110.75 54.79 -72.41
C THR UE 129 112.19 54.94 -71.96
N ALA VE 1 56.33 73.61 112.58
CA ALA VE 1 54.88 73.51 112.70
C ALA VE 1 54.23 73.41 111.33
N ASN VE 2 53.58 72.29 111.05
CA ASN VE 2 52.92 72.06 109.79
C ASN VE 2 51.47 71.66 110.04
N LYS VE 3 50.62 71.92 109.06
CA LYS VE 3 49.20 71.67 109.22
C LYS VE 3 48.92 70.18 109.26
N PRO VE 4 48.34 69.64 110.34
CA PRO VE 4 48.00 68.22 110.37
C PRO VE 4 46.87 67.91 109.40
N MET VE 5 46.88 66.68 108.88
CA MET VE 5 45.78 66.22 108.05
C MET VE 5 44.63 65.74 108.92
N GLN VE 6 43.56 65.34 108.26
CA GLN VE 6 42.39 64.78 108.92
C GLN VE 6 41.99 63.50 108.24
N PRO VE 7 41.60 62.48 108.99
CA PRO VE 7 41.13 61.25 108.38
C PRO VE 7 39.94 61.51 107.46
N ILE VE 8 39.92 60.81 106.34
CA ILE VE 8 38.87 60.95 105.33
C ILE VE 8 38.11 59.65 105.14
N THR VE 9 38.82 58.55 104.97
CA THR VE 9 38.22 57.23 104.84
C THR VE 9 38.89 56.31 105.85
N SER VE 10 38.18 55.99 106.92
CA SER VE 10 38.72 55.16 107.99
C SER VE 10 38.15 53.76 107.89
N THR VE 11 39.03 52.76 107.99
CA THR VE 11 38.64 51.36 107.86
C THR VE 11 39.65 50.55 108.64
N ALA VE 12 39.27 49.31 108.97
CA ALA VE 12 40.18 48.42 109.66
C ALA VE 12 41.37 48.02 108.81
N ASN VE 13 41.34 48.30 107.50
CA ASN VE 13 42.44 47.97 106.60
C ASN VE 13 43.17 49.20 106.09
N LYS VE 14 42.45 50.16 105.51
CA LYS VE 14 43.06 51.33 104.91
C LYS VE 14 42.48 52.60 105.52
N ILE VE 15 43.36 53.54 105.86
CA ILE VE 15 42.96 54.86 106.35
C ILE VE 15 43.60 55.90 105.45
N VAL VE 16 42.80 56.83 104.96
CA VAL VE 16 43.28 57.89 104.07
C VAL VE 16 43.13 59.22 104.79
N TRP VE 17 44.24 59.93 104.95
CA TRP VE 17 44.23 61.29 105.44
C TRP VE 17 44.33 62.26 104.28
N SER VE 18 44.00 63.51 104.54
CA SER VE 18 44.14 64.55 103.52
C SER VE 18 44.18 65.90 104.22
N ASP VE 19 44.89 66.84 103.60
CA ASP VE 19 45.02 68.17 104.18
C ASP VE 19 43.73 68.95 103.95
N PRO VE 20 43.12 69.50 105.00
CA PRO VE 20 41.88 70.26 104.78
C PRO VE 20 42.07 71.48 103.90
N THR VE 21 43.21 72.15 103.98
CA THR VE 21 43.46 73.31 103.14
C THR VE 21 43.57 72.93 101.68
N ARG VE 22 44.35 71.90 101.38
CA ARG VE 22 44.54 71.40 100.02
C ARG VE 22 44.22 69.90 100.04
N LEU VE 23 43.02 69.55 99.59
CA LEU VE 23 42.56 68.17 99.66
C LEU VE 23 43.35 67.24 98.77
N SER VE 24 44.13 67.76 97.82
CA SER VE 24 44.88 66.90 96.92
C SER VE 24 45.98 66.16 97.67
N THR VE 25 46.62 66.81 98.63
CA THR VE 25 47.64 66.15 99.44
C THR VE 25 47.02 64.97 100.18
N THR VE 26 47.70 63.83 100.16
CA THR VE 26 47.12 62.61 100.66
C THR VE 26 48.21 61.74 101.28
N PHE VE 27 47.86 61.07 102.37
CA PHE VE 27 48.72 60.07 102.98
C PHE VE 27 47.84 58.90 103.41
N SER VE 28 48.03 57.74 102.79
CA SER VE 28 47.18 56.59 103.03
C SER VE 28 48.03 55.42 103.52
N ALA VE 29 47.53 54.69 104.50
CA ALA VE 29 48.19 53.51 105.04
C ALA VE 29 47.28 52.31 104.89
N SER VE 30 47.82 51.22 104.35
CA SER VE 30 47.08 49.99 104.17
C SER VE 30 47.89 48.82 104.69
N LEU VE 31 47.20 47.82 105.23
CA LEU VE 31 47.85 46.66 105.80
C LEU VE 31 47.30 45.39 105.18
N LEU VE 32 48.04 44.30 105.38
CA LEU VE 32 47.65 42.99 104.88
C LEU VE 32 48.27 41.95 105.80
N ARG VE 33 47.42 41.18 106.49
CA ARG VE 33 47.88 40.21 107.47
C ARG VE 33 47.78 38.81 106.88
N GLN VE 34 48.92 38.13 106.81
CA GLN VE 34 49.00 36.77 106.31
C GLN VE 34 49.52 35.86 107.41
N ARG VE 35 49.21 34.57 107.27
CA ARG VE 35 49.74 33.54 108.16
C ARG VE 35 50.78 32.77 107.36
N VAL VE 36 52.03 33.21 107.46
CA VAL VE 36 53.12 32.61 106.70
C VAL VE 36 53.61 31.37 107.42
N LYS VE 37 53.88 30.32 106.66
CA LYS VE 37 54.33 29.04 107.22
C LYS VE 37 55.85 28.95 107.14
N VAL VE 38 56.49 28.74 108.28
CA VAL VE 38 57.92 28.47 108.32
C VAL VE 38 58.12 27.09 108.92
N GLY VE 39 59.37 26.65 109.03
CA GLY VE 39 59.66 25.33 109.56
C GLY VE 39 59.02 25.04 110.90
N ILE VE 40 58.08 24.10 110.90
CA ILE VE 40 57.33 23.62 112.06
C ILE VE 40 56.95 24.77 112.99
N ALA VE 41 56.58 25.90 112.39
CA ALA VE 41 56.17 27.06 113.17
C ALA VE 41 55.29 27.95 112.31
N GLU VE 42 54.47 28.76 112.99
CA GLU VE 42 53.54 29.65 112.32
C GLU VE 42 53.81 31.09 112.76
N LEU VE 43 53.85 31.99 111.79
CA LEU VE 43 54.13 33.39 112.05
C LEU VE 43 53.13 34.27 111.34
N ASN VE 44 52.67 35.32 112.02
CA ASN VE 44 51.75 36.29 111.44
C ASN VE 44 52.56 37.39 110.79
N ASN VE 45 52.48 37.50 109.47
CA ASN VE 45 53.24 38.48 108.71
C ASN VE 45 52.34 39.65 108.34
N VAL VE 46 52.83 40.86 108.57
CA VAL VE 46 52.09 42.08 108.28
C VAL VE 46 52.86 42.87 107.23
N SER VE 47 52.18 43.28 106.17
CA SER VE 47 52.78 44.03 105.08
C SER VE 47 52.08 45.39 105.00
N GLY VE 48 52.58 46.35 105.77
CA GLY VE 48 52.01 47.68 105.78
C GLY VE 48 52.54 48.49 104.60
N GLN VE 49 51.62 49.04 103.82
CA GLN VE 49 51.96 49.86 102.66
C GLN VE 49 51.53 51.29 102.94
N TYR VE 50 52.49 52.21 102.90
CA TYR VE 50 52.24 53.62 103.16
C TYR VE 50 52.54 54.42 101.91
N VAL VE 51 51.57 55.22 101.47
CA VAL VE 51 51.68 56.01 100.26
C VAL VE 51 51.42 57.47 100.61
N SER VE 52 52.37 58.33 100.31
CA SER VE 52 52.22 59.77 100.49
C SER VE 52 52.25 60.45 99.13
N VAL VE 53 51.23 61.24 98.83
CA VAL VE 53 51.08 61.86 97.53
C VAL VE 53 50.95 63.36 97.69
N TYR VE 54 51.79 64.10 96.97
CA TYR VE 54 51.64 65.54 96.87
C TYR VE 54 51.53 65.90 95.39
N LYS VE 55 50.70 66.89 95.11
CA LYS VE 55 50.42 67.31 93.75
C LYS VE 55 51.04 68.70 93.58
N ARG VE 56 52.18 68.76 92.89
CA ARG VE 56 53.03 69.95 92.88
C ARG VE 56 53.10 70.55 91.48
N PRO VE 57 52.96 71.86 91.34
CA PRO VE 57 52.89 72.45 90.00
C PRO VE 57 54.27 72.54 89.34
N ALA VE 58 54.25 73.08 88.13
CA ALA VE 58 55.48 73.20 87.35
C ALA VE 58 56.41 74.24 87.98
N PRO VE 59 57.72 74.16 87.69
CA PRO VE 59 58.67 75.07 88.33
C PRO VE 59 58.47 76.55 88.03
N LYS VE 60 57.77 76.88 86.93
CA LYS VE 60 57.54 78.25 86.52
C LYS VE 60 58.88 78.96 86.32
N PRO VE 61 59.56 78.69 85.22
CA PRO VE 61 61.02 78.87 85.15
C PRO VE 61 61.48 80.31 85.41
N GLU VE 62 62.69 80.41 85.97
CA GLU VE 62 63.58 81.56 86.15
C GLU VE 62 62.97 82.63 87.05
N GLY VE 63 61.72 82.45 87.47
CA GLY VE 63 61.16 83.27 88.52
C GLY VE 63 60.18 84.36 88.09
N CYS VE 64 59.85 84.47 86.80
CA CYS VE 64 58.77 85.39 86.44
C CYS VE 64 57.45 84.80 86.93
N ALA VE 65 56.80 85.49 87.86
CA ALA VE 65 55.67 84.93 88.60
C ALA VE 65 54.35 85.11 87.87
N ASP VE 66 54.35 85.79 86.72
CA ASP VE 66 53.13 86.03 85.95
C ASP VE 66 52.05 86.64 86.82
N ALA VE 67 51.05 85.84 87.19
CA ALA VE 67 49.89 86.31 87.97
C ALA VE 67 48.95 85.15 88.27
N CYS VE 68 47.99 84.92 87.37
CA CYS VE 68 47.08 83.79 87.47
C CYS VE 68 47.34 82.89 86.27
N VAL VE 69 48.32 82.01 86.40
CA VAL VE 69 48.85 81.25 85.28
C VAL VE 69 48.84 79.76 85.65
N ILE VE 70 47.88 79.35 86.47
CA ILE VE 70 47.84 78.01 87.02
C ILE VE 70 47.96 76.99 85.89
N MET VE 71 49.02 76.21 85.94
CA MET VE 71 49.41 75.32 84.84
C MET VE 71 49.07 73.89 85.19
N PRO VE 72 49.18 72.96 84.23
CA PRO VE 72 49.03 71.54 84.58
C PRO VE 72 50.03 71.15 85.64
N ASN VE 73 49.59 70.33 86.57
CA ASN VE 73 50.30 70.09 87.81
C ASN VE 73 50.90 68.70 87.78
N GLU VE 74 52.19 68.58 88.11
CA GLU VE 74 52.83 67.28 88.08
C GLU VE 74 52.68 66.58 89.43
N ASN VE 75 52.85 65.25 89.41
CA ASN VE 75 52.56 64.41 90.55
C ASN VE 75 53.84 63.97 91.23
N GLN VE 76 53.93 64.19 92.54
CA GLN VE 76 55.01 63.67 93.37
C GLN VE 76 54.46 62.57 94.25
N SER VE 77 55.09 61.40 94.20
CA SER VE 77 54.61 60.24 94.92
C SER VE 77 55.75 59.56 95.68
N ILE VE 78 55.42 59.03 96.85
CA ILE VE 78 56.37 58.30 97.69
C ILE VE 78 55.61 57.11 98.28
N ARG VE 79 56.06 55.90 97.99
CA ARG VE 79 55.42 54.69 98.48
C ARG VE 79 56.46 53.83 99.16
N THR VE 80 56.12 53.31 100.33
CA THR VE 80 56.96 52.37 101.06
C THR VE 80 56.15 51.16 101.47
N VAL VE 81 56.82 50.01 101.55
CA VAL VE 81 56.19 48.76 101.96
C VAL VE 81 57.09 48.10 103.00
N ILE VE 82 56.54 47.78 104.15
CA ILE VE 82 57.26 47.11 105.21
C ILE VE 82 56.56 45.77 105.46
N SER VE 83 57.27 44.68 105.20
CA SER VE 83 56.73 43.34 105.37
C SER VE 83 57.64 42.55 106.30
N GLY VE 84 57.04 41.91 107.29
CA GLY VE 84 57.82 41.11 108.22
C GLY VE 84 56.91 40.47 109.25
N SER VE 85 57.48 39.53 109.98
CA SER VE 85 56.75 38.86 111.05
C SER VE 85 56.52 39.82 112.21
N ALA VE 86 55.31 39.77 112.78
CA ALA VE 86 55.01 40.61 113.93
C ALA VE 86 55.86 40.25 115.14
N GLU VE 87 56.34 39.01 115.23
CA GLU VE 87 57.15 38.59 116.37
C GLU VE 87 58.54 39.21 116.34
N ASN VE 88 59.03 39.59 115.17
CA ASN VE 88 60.32 40.25 115.04
C ASN VE 88 60.17 41.76 114.87
N LEU VE 89 59.16 42.33 115.51
CA LEU VE 89 58.90 43.76 115.33
C LEU VE 89 60.03 44.61 115.86
N ALA VE 90 60.58 44.25 117.02
CA ALA VE 90 61.59 45.08 117.66
C ALA VE 90 62.82 45.24 116.76
N THR VE 91 63.27 44.14 116.17
CA THR VE 91 64.39 44.22 115.24
C THR VE 91 63.97 44.81 113.89
N LEU VE 92 62.69 44.64 113.52
CA LEU VE 92 62.21 45.24 112.27
C LEU VE 92 62.30 46.75 112.32
N LYS VE 93 61.97 47.34 113.46
CA LYS VE 93 62.08 48.79 113.61
C LYS VE 93 63.52 49.25 113.42
N ALA VE 94 64.48 48.43 113.87
CA ALA VE 94 65.88 48.78 113.69
C ALA VE 94 66.26 48.88 112.23
N GLU VE 95 65.78 47.93 111.42
CA GLU VE 95 66.06 47.98 109.99
C GLU VE 95 65.44 49.21 109.35
N TRP VE 96 64.26 49.60 109.83
CA TRP VE 96 63.63 50.82 109.34
C TRP VE 96 64.52 52.03 109.56
N GLU VE 97 65.23 52.06 110.69
CA GLU VE 97 66.23 53.11 110.90
C GLU VE 97 67.35 52.99 109.88
N THR VE 98 67.84 51.77 109.64
CA THR VE 98 68.89 51.57 108.66
C THR VE 98 68.42 51.95 107.26
N HIS VE 99 67.19 51.56 106.91
CA HIS VE 99 66.67 51.89 105.58
C HIS VE 99 66.60 53.39 105.39
N LYS VE 100 66.35 54.14 106.46
CA LYS VE 100 66.43 55.59 106.39
C LYS VE 100 67.85 56.03 106.04
N ARG VE 101 68.83 55.53 106.80
CA ARG VE 101 70.21 55.99 106.65
C ARG VE 101 70.72 55.70 105.25
N ASN VE 102 70.45 54.50 104.74
CA ASN VE 102 70.91 54.14 103.40
C ASN VE 102 70.28 55.04 102.35
N VAL VE 103 68.97 55.23 102.41
CA VAL VE 103 68.30 56.08 101.44
C VAL VE 103 68.75 57.52 101.59
N ASP VE 104 68.83 58.01 102.83
CA ASP VE 104 69.25 59.39 103.04
C ASP VE 104 70.65 59.63 102.51
N THR VE 105 71.56 58.69 102.77
CA THR VE 105 72.91 58.83 102.24
C THR VE 105 72.90 58.87 100.72
N LEU VE 106 72.14 57.97 100.10
CA LEU VE 106 72.11 57.87 98.65
C LEU VE 106 71.30 58.97 98.01
N PHE VE 107 70.18 59.36 98.63
CA PHE VE 107 69.22 60.27 98.00
C PHE VE 107 69.22 61.65 98.63
N ALA VE 108 69.06 61.74 99.94
CA ALA VE 108 68.99 63.06 100.59
C ALA VE 108 70.30 63.82 100.43
N SER VE 109 71.43 63.14 100.64
CA SER VE 109 72.73 63.78 100.51
C SER VE 109 73.37 63.58 99.14
N GLY VE 110 72.76 62.78 98.26
CA GLY VE 110 73.32 62.48 96.97
C GLY VE 110 72.46 62.97 95.82
N ASN VE 111 72.87 62.58 94.61
CA ASN VE 111 72.17 62.93 93.39
C ASN VE 111 71.29 61.80 92.88
N ALA VE 112 70.84 60.91 93.76
CA ALA VE 112 69.99 59.81 93.32
C ALA VE 112 68.69 60.32 92.71
N GLY VE 113 68.11 61.37 93.31
CA GLY VE 113 66.89 61.92 92.77
C GLY VE 113 67.07 62.47 91.37
N LEU VE 114 68.23 63.06 91.09
CA LEU VE 114 68.49 63.57 89.75
C LEU VE 114 68.61 62.45 88.73
N GLY VE 115 68.97 61.24 89.16
CA GLY VE 115 69.09 60.13 88.24
C GLY VE 115 70.50 59.59 88.18
N PHE VE 116 71.27 59.81 89.25
CA PHE VE 116 72.68 59.44 89.30
C PHE VE 116 72.90 58.38 90.37
N LEU VE 117 73.84 57.47 90.08
CA LEU VE 117 74.22 56.43 91.02
C LEU VE 117 75.65 56.69 91.48
N ASP VE 118 75.92 56.42 92.75
CA ASP VE 118 77.24 56.63 93.35
C ASP VE 118 77.71 55.29 93.90
N PRO VE 119 78.48 54.52 93.11
CA PRO VE 119 78.91 53.20 93.59
C PRO VE 119 79.77 53.25 94.84
N THR VE 120 80.48 54.35 95.08
CA THR VE 120 81.35 54.45 96.25
C THR VE 120 80.64 55.05 97.45
N ALA VE 121 79.35 55.31 97.36
CA ALA VE 121 78.61 55.84 98.51
C ALA VE 121 78.63 54.85 99.66
N ALA VE 122 78.69 55.37 100.88
CA ALA VE 122 78.80 54.55 102.07
C ALA VE 122 77.42 53.99 102.42
N ILE VE 123 77.25 52.69 102.26
CA ILE VE 123 76.03 51.99 102.64
C ILE VE 123 76.33 51.14 103.86
N VAL VE 124 75.55 51.31 104.91
CA VAL VE 124 75.84 50.75 106.22
C VAL VE 124 74.68 49.87 106.65
N SER VE 125 74.99 48.67 107.13
CA SER VE 125 73.96 47.68 107.45
C SER VE 125 73.37 47.94 108.83
N SER VE 126 72.44 47.07 109.20
CA SER VE 126 71.77 47.19 110.50
C SER VE 126 72.59 46.56 111.62
N ASP VE 127 73.26 45.44 111.35
CA ASP VE 127 74.02 44.77 112.39
C ASP VE 127 75.20 45.62 112.83
N THR VE 128 75.43 45.65 114.13
CA THR VE 128 76.48 46.47 114.74
C THR VE 128 77.71 45.62 115.00
N THR VE 129 78.88 46.23 114.83
CA THR VE 129 80.14 45.54 115.08
C THR VE 129 80.30 45.21 116.55
N ALA WE 1 44.65 39.72 136.53
CA ALA WE 1 44.93 40.55 135.36
C ALA WE 1 45.08 39.70 134.11
N ASN WE 2 44.55 40.19 133.00
CA ASN WE 2 44.61 39.47 131.73
C ASN WE 2 44.99 40.45 130.63
N LYS WE 3 45.55 39.91 129.56
CA LYS WE 3 45.92 40.73 128.42
C LYS WE 3 44.65 41.26 127.75
N PRO WE 4 44.47 42.57 127.64
CA PRO WE 4 43.32 43.10 126.90
C PRO WE 4 43.59 43.06 125.40
N MET WE 5 42.63 42.55 124.65
CA MET WE 5 42.76 42.53 123.20
C MET WE 5 42.39 43.87 122.60
N GLN WE 6 42.96 44.16 121.50
CA GLN WE 6 42.53 45.31 120.72
C GLN WE 6 41.77 44.86 119.49
N PRO WE 7 40.80 45.65 119.03
CA PRO WE 7 40.05 45.27 117.82
C PRO WE 7 40.96 45.23 116.60
N ILE WE 8 40.64 44.33 115.68
CA ILE WE 8 41.38 44.17 114.42
C ILE WE 8 40.53 44.59 113.23
N THR WE 9 39.46 43.86 112.98
CA THR WE 9 38.59 44.12 111.83
C THR WE 9 37.24 44.58 112.34
N SER WE 10 36.85 45.79 111.96
CA SER WE 10 35.54 46.34 112.29
C SER WE 10 34.70 46.33 111.02
N THR WE 11 33.49 45.79 111.13
CA THR WE 11 32.63 45.62 109.98
C THR WE 11 31.20 45.85 110.44
N ALA WE 12 30.27 45.93 109.48
CA ALA WE 12 28.87 46.10 109.83
C ALA WE 12 28.38 45.00 110.76
N ASN WE 13 28.95 43.80 110.64
CA ASN WE 13 28.53 42.67 111.46
C ASN WE 13 29.65 42.16 112.37
N LYS WE 14 30.82 41.87 111.81
CA LYS WE 14 31.87 41.17 112.53
C LYS WE 14 32.90 42.14 113.07
N ILE WE 15 33.25 41.96 114.34
CA ILE WE 15 34.33 42.69 114.99
C ILE WE 15 35.23 41.69 115.70
N VAL WE 16 36.52 41.77 115.43
CA VAL WE 16 37.48 40.77 115.89
C VAL WE 16 38.50 41.44 116.79
N TRP WE 17 38.62 40.94 118.01
CA TRP WE 17 39.70 41.32 118.91
C TRP WE 17 40.80 40.27 118.84
N SER WE 18 42.05 40.72 119.00
CA SER WE 18 43.17 39.81 119.05
C SER WE 18 44.24 40.39 119.96
N ASP WE 19 44.93 39.50 120.67
CA ASP WE 19 45.92 39.93 121.64
C ASP WE 19 47.11 40.57 120.94
N PRO WE 20 47.63 41.69 121.45
CA PRO WE 20 48.79 42.31 120.80
C PRO WE 20 50.06 41.50 120.91
N THR WE 21 50.42 41.04 122.11
CA THR WE 21 51.67 40.30 122.27
C THR WE 21 51.59 38.89 121.74
N ARG WE 22 50.41 38.44 121.31
CA ARG WE 22 50.27 37.14 120.65
C ARG WE 22 49.08 37.25 119.70
N LEU WE 23 49.38 37.43 118.41
CA LEU WE 23 48.31 37.54 117.42
C LEU WE 23 47.55 36.24 117.23
N SER WE 24 48.06 35.14 117.79
CA SER WE 24 47.42 33.85 117.62
C SER WE 24 46.01 33.85 118.19
N THR WE 25 45.85 34.25 119.44
CA THR WE 25 44.55 34.18 120.10
C THR WE 25 43.67 35.34 119.68
N THR WE 26 42.42 35.04 119.31
CA THR WE 26 41.46 36.05 118.89
C THR WE 26 40.12 35.76 119.53
N PHE WE 27 39.25 36.76 119.48
CA PHE WE 27 37.87 36.62 119.93
C PHE WE 27 37.00 37.52 119.06
N SER WE 28 36.10 36.93 118.29
CA SER WE 28 35.29 37.66 117.33
C SER WE 28 33.82 37.50 117.64
N ALA WE 29 33.05 38.56 117.41
CA ALA WE 29 31.60 38.54 117.59
C ALA WE 29 30.96 39.07 116.33
N SER WE 30 29.99 38.32 115.80
CA SER WE 30 29.26 38.69 114.61
C SER WE 30 27.77 38.59 114.89
N LEU WE 31 27.02 39.56 114.38
CA LEU WE 31 25.59 39.65 114.66
C LEU WE 31 24.82 39.65 113.35
N LEU WE 32 23.64 39.04 113.37
CA LEU WE 32 22.76 38.99 112.21
C LEU WE 32 21.37 39.41 112.66
N ARG WE 33 20.92 40.56 112.20
CA ARG WE 33 19.60 41.09 112.52
C ARG WE 33 18.65 40.77 111.36
N GLN WE 34 17.54 40.11 111.68
CA GLN WE 34 16.61 39.65 110.65
C GLN WE 34 15.19 39.96 111.09
N ARG WE 35 14.32 40.15 110.10
CA ARG WE 35 12.97 40.66 110.30
C ARG WE 35 12.07 39.45 110.57
N VAL WE 36 11.41 39.41 111.72
CA VAL WE 36 10.64 38.25 112.13
C VAL WE 36 9.16 38.58 112.24
N LYS WE 37 8.34 37.77 111.58
CA LYS WE 37 6.88 37.82 111.67
C LYS WE 37 6.40 36.48 112.20
N VAL WE 38 6.02 36.44 113.49
CA VAL WE 38 5.60 35.19 114.11
C VAL WE 38 4.09 35.01 113.97
N GLY WE 39 3.33 35.97 114.47
CA GLY WE 39 1.88 35.97 114.29
C GLY WE 39 1.28 37.28 114.77
N ILE WE 40 0.49 37.91 113.91
CA ILE WE 40 -0.18 39.20 114.14
C ILE WE 40 0.72 40.18 114.90
N ALA WE 41 2.03 39.99 114.80
CA ALA WE 41 2.98 40.82 115.52
C ALA WE 41 4.34 40.70 114.84
N GLU WE 42 5.17 41.72 115.03
CA GLU WE 42 6.48 41.78 114.40
C GLU WE 42 7.54 41.72 115.50
N LEU WE 43 8.56 40.89 115.28
CA LEU WE 43 9.65 40.71 116.23
C LEU WE 43 10.98 40.94 115.54
N ASN WE 44 11.95 41.43 116.30
CA ASN WE 44 13.31 41.61 115.82
C ASN WE 44 14.18 40.52 116.42
N ASN WE 45 14.79 39.71 115.56
CA ASN WE 45 15.64 38.62 116.01
C ASN WE 45 17.11 38.99 115.83
N VAL WE 46 17.93 38.60 116.79
CA VAL WE 46 19.36 38.84 116.76
C VAL WE 46 20.06 37.50 116.95
N SER WE 47 20.95 37.15 116.02
CA SER WE 47 21.72 35.93 116.10
C SER WE 47 23.19 36.30 116.17
N GLY WE 48 23.80 36.09 117.34
CA GLY WE 48 25.17 36.49 117.59
C GLY WE 48 26.07 35.29 117.74
N GLN WE 49 27.13 35.26 116.94
CA GLN WE 49 28.16 34.24 117.04
C GLN WE 49 29.34 34.83 117.80
N TYR WE 50 29.86 34.08 118.76
CA TYR WE 50 31.00 34.51 119.56
C TYR WE 50 32.01 33.38 119.56
N VAL WE 51 33.12 33.58 118.86
CA VAL WE 51 34.12 32.53 118.65
C VAL WE 51 35.39 32.96 119.34
N SER WE 52 35.93 32.08 120.18
CA SER WE 52 37.21 32.30 120.84
C SER WE 52 38.14 31.15 120.47
N VAL WE 53 39.29 31.48 119.89
CA VAL WE 53 40.26 30.51 119.44
C VAL WE 53 41.60 30.78 120.12
N TYR WE 54 42.40 29.73 120.28
CA TYR WE 54 43.69 29.86 120.94
C TYR WE 54 44.57 28.70 120.49
N LYS WE 55 45.50 28.97 119.59
CA LYS WE 55 46.53 27.99 119.29
C LYS WE 55 47.42 27.81 120.50
N ARG WE 56 47.69 26.55 120.86
CA ARG WE 56 48.35 26.23 122.09
C ARG WE 56 49.37 25.12 121.87
N PRO WE 57 50.54 25.19 122.49
CA PRO WE 57 51.48 24.07 122.42
C PRO WE 57 50.80 22.80 122.90
N ALA WE 58 51.03 21.70 122.17
CA ALA WE 58 50.16 20.54 122.31
C ALA WE 58 50.21 19.97 123.73
N PRO WE 59 51.33 19.43 124.22
CA PRO WE 59 51.50 19.40 125.67
C PRO WE 59 52.94 19.59 126.07
N LYS WE 60 53.42 18.66 126.89
CA LYS WE 60 54.83 18.50 127.20
C LYS WE 60 54.99 17.15 127.87
N PRO WE 61 55.84 16.27 127.32
CA PRO WE 61 56.07 14.98 127.97
C PRO WE 61 56.49 15.19 129.41
N GLU WE 62 55.71 14.61 130.33
CA GLU WE 62 55.86 14.83 131.76
C GLU WE 62 57.26 14.54 132.26
N GLY WE 63 57.55 14.92 133.50
CA GLY WE 63 58.94 14.92 133.92
C GLY WE 63 59.55 16.25 133.59
N CYS WE 64 60.08 16.34 132.37
CA CYS WE 64 60.83 17.54 132.02
C CYS WE 64 60.26 18.43 130.96
N ALA WE 65 60.88 19.59 130.81
CA ALA WE 65 60.40 20.55 129.85
C ALA WE 65 61.56 21.26 129.19
N ASP WE 66 62.75 21.11 129.72
CA ASP WE 66 63.91 21.70 129.08
C ASP WE 66 63.65 23.09 128.57
N ALA WE 67 64.59 23.97 128.79
CA ALA WE 67 64.47 25.32 128.27
C ALA WE 67 63.32 25.40 127.28
N CYS WE 68 63.44 24.64 126.19
CA CYS WE 68 62.45 24.62 125.12
C CYS WE 68 62.66 23.48 124.14
N VAL WE 69 61.68 22.58 124.10
CA VAL WE 69 61.49 21.61 123.03
C VAL WE 69 60.08 21.81 122.50
N ILE WE 70 59.96 22.51 121.37
CA ILE WE 70 58.68 23.08 120.97
C ILE WE 70 57.78 22.01 120.38
N MET WE 71 56.63 21.81 121.04
CA MET WE 71 55.54 20.99 120.51
C MET WE 71 54.75 21.84 119.52
N PRO WE 72 54.03 21.23 118.59
CA PRO WE 72 53.20 22.03 117.67
C PRO WE 72 51.96 22.57 118.34
N ASN WE 73 51.09 23.23 117.58
CA ASN WE 73 49.91 23.88 118.11
C ASN WE 73 48.65 23.25 117.55
N GLU WE 74 47.55 23.38 118.30
CA GLU WE 74 46.26 22.83 117.91
C GLU WE 74 45.17 23.84 118.19
N ASN WE 75 44.03 23.64 117.53
CA ASN WE 75 42.88 24.52 117.73
C ASN WE 75 42.30 24.32 119.12
N GLN WE 76 41.93 25.43 119.76
CA GLN WE 76 41.15 25.40 121.00
C GLN WE 76 40.01 26.39 120.82
N SER WE 77 38.93 25.93 120.20
CA SER WE 77 37.84 26.79 119.77
C SER WE 77 36.64 26.63 120.67
N ILE WE 78 36.05 27.76 121.04
CA ILE WE 78 34.79 27.80 121.77
C ILE WE 78 33.86 28.73 121.01
N ARG WE 79 32.75 28.19 120.51
CA ARG WE 79 31.77 28.96 119.77
C ARG WE 79 30.44 28.91 120.51
N THR WE 80 29.79 30.05 120.63
CA THR WE 80 28.45 30.12 121.18
C THR WE 80 27.57 30.96 120.27
N VAL WE 81 26.29 30.59 120.19
CA VAL WE 81 25.33 31.27 119.36
C VAL WE 81 24.12 31.61 120.21
N ILE WE 82 23.75 32.89 120.24
CA ILE WE 82 22.59 33.35 120.99
C ILE WE 82 21.57 33.86 120.00
N SER WE 83 20.39 33.26 119.99
CA SER WE 83 19.34 33.62 119.06
C SER WE 83 18.03 33.81 119.81
N GLY WE 84 17.34 34.89 119.50
CA GLY WE 84 16.06 35.17 120.13
C GLY WE 84 15.63 36.59 119.84
N SER WE 85 14.36 36.84 120.13
CA SER WE 85 13.78 38.16 119.92
C SER WE 85 14.38 39.17 120.88
N ALA WE 86 14.68 40.36 120.36
CA ALA WE 86 15.17 41.43 121.21
C ALA WE 86 14.13 41.88 122.22
N GLU WE 87 12.85 41.63 121.96
CA GLU WE 87 11.79 42.01 122.89
C GLU WE 87 11.71 41.09 124.10
N ASN WE 88 12.29 39.90 124.02
CA ASN WE 88 12.37 38.99 125.16
C ASN WE 88 13.76 38.98 125.77
N LEU WE 89 14.56 39.99 125.41
CA LEU WE 89 15.96 40.01 125.84
C LEU WE 89 16.07 40.09 127.36
N ALA WE 90 15.18 40.85 128.00
CA ALA WE 90 15.24 40.99 129.45
C ALA WE 90 15.20 39.63 130.13
N THR WE 91 14.35 38.74 129.66
CA THR WE 91 14.31 37.39 130.21
C THR WE 91 15.21 36.44 129.42
N LEU WE 92 15.70 36.84 128.25
CA LEU WE 92 16.62 35.98 127.51
C LEU WE 92 17.96 35.86 128.21
N LYS WE 93 18.37 36.91 128.93
CA LYS WE 93 19.59 36.81 129.73
C LYS WE 93 19.48 35.72 130.78
N ALA WE 94 18.26 35.39 131.21
CA ALA WE 94 18.08 34.43 132.28
C ALA WE 94 18.57 33.05 131.88
N GLU WE 95 18.11 32.54 130.73
CA GLU WE 95 18.52 31.19 130.36
C GLU WE 95 19.97 31.15 129.92
N TRP WE 96 20.51 32.29 129.47
CA TRP WE 96 21.94 32.36 129.21
C TRP WE 96 22.72 32.09 130.48
N GLU WE 97 22.26 32.64 131.61
CA GLU WE 97 22.93 32.39 132.87
C GLU WE 97 22.85 30.92 133.25
N THR WE 98 21.66 30.32 133.12
CA THR WE 98 21.54 28.92 133.51
C THR WE 98 22.18 28.00 132.48
N HIS WE 99 22.26 28.45 131.23
CA HIS WE 99 23.02 27.70 130.24
C HIS WE 99 24.48 27.61 130.62
N LYS WE 100 25.02 28.71 131.15
CA LYS WE 100 26.38 28.68 131.68
C LYS WE 100 26.51 27.64 132.79
N ARG WE 101 25.56 27.65 133.72
CA ARG WE 101 25.67 26.74 134.86
C ARG WE 101 25.35 25.31 134.45
N ASN WE 102 24.49 25.13 133.46
CA ASN WE 102 24.24 23.78 132.95
C ASN WE 102 25.50 23.20 132.32
N VAL WE 103 26.22 24.01 131.55
CA VAL WE 103 27.46 23.53 130.95
C VAL WE 103 28.51 23.30 132.04
N ASP WE 104 28.61 24.22 133.00
CA ASP WE 104 29.62 24.11 134.02
C ASP WE 104 29.45 22.84 134.84
N THR WE 105 28.20 22.53 135.23
CA THR WE 105 27.97 21.32 136.00
C THR WE 105 28.22 20.07 135.15
N LEU WE 106 28.27 20.21 133.84
CA LEU WE 106 28.53 19.09 132.96
C LEU WE 106 29.96 19.04 132.45
N PHE WE 107 30.55 20.20 132.17
CA PHE WE 107 31.87 20.27 131.55
C PHE WE 107 32.96 20.61 132.55
N ALA WE 108 32.78 21.68 133.34
CA ALA WE 108 33.80 22.06 134.31
C ALA WE 108 33.84 21.08 135.47
N SER WE 109 32.75 20.97 136.22
CA SER WE 109 32.72 20.03 137.34
C SER WE 109 32.80 18.59 136.85
N GLY WE 110 32.05 18.26 135.81
CA GLY WE 110 32.07 16.93 135.26
C GLY WE 110 33.27 16.69 134.37
N ASN WE 111 33.31 15.51 133.78
CA ASN WE 111 34.38 15.12 132.87
C ASN WE 111 33.87 14.94 131.44
N ALA WE 112 32.91 15.77 131.03
CA ALA WE 112 32.40 15.69 129.67
C ALA WE 112 33.48 16.01 128.65
N GLY WE 113 34.42 16.88 129.01
CA GLY WE 113 35.50 17.21 128.10
C GLY WE 113 36.41 16.05 127.79
N LEU WE 114 36.35 14.98 128.56
CA LEU WE 114 37.14 13.79 128.31
C LEU WE 114 36.42 12.77 127.46
N GLY WE 115 35.21 13.09 126.99
CA GLY WE 115 34.43 12.16 126.20
C GLY WE 115 33.46 11.31 127.00
N PHE WE 116 33.38 11.50 128.31
CA PHE WE 116 32.49 10.73 129.15
C PHE WE 116 31.22 11.52 129.42
N LEU WE 117 30.07 10.88 129.22
CA LEU WE 117 28.78 11.51 129.44
C LEU WE 117 28.13 10.94 130.70
N ASP WE 118 27.65 11.83 131.56
CA ASP WE 118 27.00 11.43 132.79
C ASP WE 118 25.49 11.64 132.67
N PRO WE 119 24.69 10.57 132.55
CA PRO WE 119 23.24 10.76 132.43
C PRO WE 119 22.54 11.10 133.72
N THR WE 120 23.26 11.19 134.84
CA THR WE 120 22.65 11.50 136.13
C THR WE 120 23.10 12.85 136.68
N ALA WE 121 23.74 13.68 135.86
CA ALA WE 121 24.16 15.00 136.33
C ALA WE 121 22.95 15.88 136.60
N ALA WE 122 23.10 16.76 137.59
CA ALA WE 122 22.01 17.63 138.00
C ALA WE 122 21.88 18.77 137.00
N ILE WE 123 20.78 18.77 136.25
CA ILE WE 123 20.49 19.81 135.26
C ILE WE 123 19.22 20.52 135.70
N VAL WE 124 19.28 21.85 135.77
CA VAL WE 124 18.16 22.65 136.22
C VAL WE 124 17.71 23.56 135.08
N SER WE 125 16.52 24.13 135.24
CA SER WE 125 15.92 24.98 134.23
C SER WE 125 16.03 26.45 134.62
N SER WE 126 15.81 27.31 133.63
CA SER WE 126 15.84 28.74 133.88
C SER WE 126 14.74 29.17 134.85
N ASP WE 127 13.56 28.57 134.71
CA ASP WE 127 12.45 28.91 135.59
C ASP WE 127 12.77 28.57 137.04
N THR WE 128 12.42 29.48 137.94
CA THR WE 128 12.62 29.28 139.36
C THR WE 128 11.28 28.93 140.02
N THR WE 129 11.33 28.70 141.33
CA THR WE 129 10.14 28.30 142.07
C THR WE 129 9.63 29.43 142.95
N ALA XE 1 18.28 65.55 127.31
CA ALA XE 1 17.94 64.30 127.97
C ALA XE 1 17.39 63.30 126.96
N ASN XE 2 17.72 63.53 125.69
CA ASN XE 2 17.25 62.64 124.63
C ASN XE 2 18.00 61.32 124.64
N LYS XE 3 17.39 60.31 124.06
CA LYS XE 3 18.03 59.00 123.98
C LYS XE 3 19.11 59.03 122.91
N PRO XE 4 20.36 58.76 123.24
CA PRO XE 4 21.38 58.62 122.20
C PRO XE 4 21.23 57.30 121.47
N MET XE 5 21.66 57.29 120.21
CA MET XE 5 21.68 56.06 119.45
C MET XE 5 23.07 55.43 119.50
N GLN XE 6 23.17 54.24 118.93
CA GLN XE 6 24.44 53.58 118.68
C GLN XE 6 24.51 53.17 117.23
N PRO XE 7 25.71 53.16 116.64
CA PRO XE 7 25.81 52.79 115.23
C PRO XE 7 25.41 51.34 114.99
N ILE XE 8 24.88 51.09 113.80
CA ILE XE 8 24.48 49.75 113.38
C ILE XE 8 25.40 49.25 112.28
N THR XE 9 25.55 50.06 111.23
CA THR XE 9 26.27 49.63 110.03
C THR XE 9 27.37 50.65 109.76
N SER XE 10 28.58 50.37 110.21
CA SER XE 10 29.71 51.26 109.98
C SER XE 10 30.36 50.92 108.65
N THR XE 11 30.38 51.88 107.74
CA THR XE 11 30.98 51.71 106.43
C THR XE 11 31.66 53.02 106.04
N ALA XE 12 32.65 52.91 105.17
CA ALA XE 12 33.42 54.09 104.76
C ALA XE 12 32.55 55.15 104.11
N ASN XE 13 31.38 54.78 103.60
CA ASN XE 13 30.49 55.71 102.93
C ASN XE 13 29.17 55.92 103.65
N LYS XE 14 28.69 54.94 104.41
CA LYS XE 14 27.39 55.03 105.06
C LYS XE 14 27.49 54.52 106.48
N ILE XE 15 26.78 55.18 107.39
CA ILE XE 15 26.73 54.79 108.79
C ILE XE 15 25.31 55.00 109.29
N VAL XE 16 24.78 54.02 110.02
CA VAL XE 16 23.40 54.02 110.45
C VAL XE 16 23.34 53.89 111.97
N TRP XE 17 22.55 54.74 112.59
CA TRP XE 17 22.29 54.67 114.03
C TRP XE 17 20.90 54.11 114.28
N SER XE 18 20.66 53.69 115.52
CA SER XE 18 19.37 53.18 115.93
C SER XE 18 19.25 53.29 117.44
N ASP XE 19 18.05 53.56 117.90
CA ASP XE 19 17.81 53.74 119.32
C ASP XE 19 17.70 52.39 120.01
N PRO XE 20 18.47 52.13 121.07
CA PRO XE 20 18.37 50.83 121.74
C PRO XE 20 16.98 50.54 122.29
N THR XE 21 16.30 51.54 122.85
CA THR XE 21 14.98 51.29 123.42
C THR XE 21 13.95 51.04 122.34
N ARG XE 22 14.02 51.78 121.23
CA ARG XE 22 13.08 51.67 120.12
C ARG XE 22 13.89 51.46 118.86
N LEU XE 23 13.99 50.20 118.41
CA LEU XE 23 14.84 49.87 117.28
C LEU XE 23 14.35 50.50 115.98
N SER XE 24 13.07 50.87 115.91
CA SER XE 24 12.55 51.43 114.67
C SER XE 24 13.15 52.80 114.37
N THR XE 25 13.35 53.62 115.41
CA THR XE 25 13.97 54.91 115.22
C THR XE 25 15.37 54.76 114.67
N THR XE 26 15.71 55.60 113.69
CA THR XE 26 17.01 55.49 113.04
C THR XE 26 17.42 56.82 112.45
N PHE XE 27 18.71 56.93 112.16
CA PHE XE 27 19.28 58.11 111.51
C PHE XE 27 20.57 57.68 110.84
N SER XE 28 20.61 57.75 109.52
CA SER XE 28 21.77 57.31 108.77
C SER XE 28 22.29 58.43 107.88
N ALA XE 29 23.60 58.52 107.78
CA ALA XE 29 24.26 59.52 106.96
C ALA XE 29 25.13 58.81 105.94
N SER XE 30 24.93 59.12 104.66
CA SER XE 30 25.68 58.50 103.58
C SER XE 30 26.33 59.59 102.74
N LEU XE 31 27.60 59.40 102.42
CA LEU XE 31 28.37 60.37 101.67
C LEU XE 31 29.01 59.73 100.46
N LEU XE 32 29.09 60.49 99.37
CA LEU XE 32 29.93 60.15 98.23
C LEU XE 32 30.74 61.40 97.88
N ARG XE 33 32.04 61.25 97.79
CA ARG XE 33 32.93 62.37 97.52
C ARG XE 33 33.40 62.31 96.08
N GLN XE 34 33.29 63.44 95.38
CA GLN XE 34 33.63 63.52 93.97
C GLN XE 34 34.71 64.57 93.78
N ARG XE 35 35.41 64.45 92.65
CA ARG XE 35 36.50 65.35 92.29
C ARG XE 35 36.16 65.91 90.92
N VAL XE 36 35.75 67.18 90.89
CA VAL XE 36 35.09 67.76 89.73
C VAL XE 36 35.96 68.85 89.14
N LYS XE 37 36.22 68.74 87.83
CA LYS XE 37 37.09 69.66 87.11
C LYS XE 37 36.23 70.68 86.37
N VAL XE 38 36.18 71.92 86.85
CA VAL XE 38 35.31 72.92 86.24
C VAL XE 38 36.08 74.17 85.81
N GLY XE 39 36.60 74.92 86.78
CA GLY XE 39 37.18 76.22 86.49
C GLY XE 39 38.67 76.24 86.29
N ILE XE 40 39.16 75.56 85.24
CA ILE XE 40 40.58 75.34 84.93
C ILE XE 40 41.33 75.01 86.22
N ALA XE 41 40.60 74.45 87.19
CA ALA XE 41 41.15 74.08 88.48
C ALA XE 41 40.31 72.92 89.01
N GLU XE 42 40.88 72.19 89.96
CA GLU XE 42 40.24 70.99 90.47
C GLU XE 42 39.50 71.30 91.76
N LEU XE 43 38.22 70.92 91.81
CA LEU XE 43 37.37 71.12 92.98
C LEU XE 43 36.89 69.77 93.49
N ASN XE 44 37.10 69.51 94.76
CA ASN XE 44 36.66 68.27 95.39
C ASN XE 44 35.24 68.48 95.91
N ASN XE 45 34.29 67.77 95.31
CA ASN XE 45 32.88 67.91 95.64
C ASN XE 45 32.48 66.82 96.62
N VAL XE 46 31.62 67.17 97.57
CA VAL XE 46 31.11 66.25 98.57
C VAL XE 46 29.59 66.36 98.57
N SER XE 47 28.91 65.23 98.76
CA SER XE 47 27.46 65.20 98.85
C SER XE 47 27.07 64.25 99.96
N GLY XE 48 26.48 64.80 101.02
CA GLY XE 48 26.09 63.99 102.14
C GLY XE 48 24.58 63.93 102.32
N GLN XE 49 24.04 62.73 102.42
CA GLN XE 49 22.62 62.52 102.58
C GLN XE 49 22.33 62.13 104.03
N TYR XE 50 21.39 62.82 104.64
CA TYR XE 50 21.04 62.61 106.04
C TYR XE 50 19.55 62.32 106.11
N VAL XE 51 19.19 61.12 106.55
CA VAL XE 51 17.80 60.71 106.64
C VAL XE 51 17.50 60.33 108.07
N SER XE 52 16.45 60.93 108.63
CA SER XE 52 15.99 60.62 109.98
C SER XE 52 14.58 60.03 109.86
N VAL XE 53 14.43 58.78 110.29
CA VAL XE 53 13.19 58.05 110.11
C VAL XE 53 12.66 57.63 111.46
N TYR XE 54 11.40 57.95 111.73
CA TYR XE 54 10.71 57.57 112.94
C TYR XE 54 9.37 56.98 112.58
N LYS XE 55 8.96 55.96 113.30
CA LYS XE 55 7.76 55.21 112.97
C LYS XE 55 6.77 55.41 114.12
N ARG XE 56 5.68 56.13 113.87
CA ARG XE 56 4.80 56.50 114.97
C ARG XE 56 3.38 56.00 114.75
N PRO XE 57 2.66 55.70 115.82
CA PRO XE 57 1.27 55.27 115.67
C PRO XE 57 0.39 56.41 115.19
N ALA XE 58 -0.64 56.05 114.42
CA ALA XE 58 -1.72 56.99 114.14
C ALA XE 58 -2.44 57.31 115.45
N PRO XE 59 -3.03 58.51 115.58
CA PRO XE 59 -3.63 58.89 116.87
C PRO XE 59 -4.60 57.85 117.40
N LYS XE 60 -4.22 57.22 118.49
CA LYS XE 60 -4.99 56.13 119.11
C LYS XE 60 -6.35 56.60 119.60
N PRO XE 61 -6.45 57.67 120.39
CA PRO XE 61 -7.77 58.06 120.89
C PRO XE 61 -8.66 58.57 119.77
N GLU XE 62 -9.93 58.20 119.84
CA GLU XE 62 -10.99 58.85 119.10
C GLU XE 62 -12.00 59.45 120.06
N GLY XE 63 -12.55 58.62 120.94
CA GLY XE 63 -13.23 59.05 122.13
C GLY XE 63 -12.93 58.09 123.26
N CYS XE 64 -11.81 57.39 123.15
CA CYS XE 64 -11.49 56.29 124.05
C CYS XE 64 -10.01 56.34 124.39
N ALA XE 65 -9.64 55.61 125.44
CA ALA XE 65 -8.26 55.26 125.70
C ALA XE 65 -8.05 53.79 126.01
N ASP XE 66 -9.07 53.12 126.55
CA ASP XE 66 -9.13 51.70 126.93
C ASP XE 66 -7.77 51.09 127.27
N ALA XE 67 -7.46 49.91 126.72
CA ALA XE 67 -6.19 49.28 127.03
C ALA XE 67 -5.41 48.85 125.81
N CYS XE 68 -6.07 48.34 124.77
CA CYS XE 68 -5.34 47.80 123.62
C CYS XE 68 -6.23 47.89 122.37
N VAL XE 69 -6.00 48.92 121.57
CA VAL XE 69 -6.44 48.98 120.18
C VAL XE 69 -5.31 49.45 119.26
N ILE XE 70 -4.06 49.12 119.59
CA ILE XE 70 -2.90 49.63 118.88
C ILE XE 70 -3.03 49.37 117.38
N MET XE 71 -2.93 50.43 116.59
CA MET XE 71 -3.12 50.40 115.14
C MET XE 71 -1.76 50.59 114.45
N PRO XE 72 -1.65 50.34 113.14
CA PRO XE 72 -0.34 50.43 112.51
C PRO XE 72 0.21 51.84 112.55
N ASN XE 73 1.46 51.95 112.11
CA ASN XE 73 2.25 53.15 112.30
C ASN XE 73 2.44 53.85 110.95
N GLU XE 74 2.72 55.15 110.99
CA GLU XE 74 3.03 55.91 109.79
C GLU XE 74 4.51 56.29 109.78
N ASN XE 75 4.97 56.71 108.61
CA ASN XE 75 6.38 57.00 108.36
C ASN XE 75 6.61 58.50 108.50
N GLN XE 76 7.23 58.91 109.59
CA GLN XE 76 7.69 60.28 109.75
C GLN XE 76 9.17 60.34 109.37
N SER XE 77 9.45 60.81 108.16
CA SER XE 77 10.79 60.79 107.61
C SER XE 77 11.22 62.19 107.22
N ILE XE 78 12.49 62.50 107.48
CA ILE XE 78 13.10 63.77 107.09
C ILE XE 78 14.39 63.46 106.34
N ARG XE 79 14.52 64.02 105.15
CA ARG XE 79 15.69 63.80 104.30
C ARG XE 79 16.41 65.12 104.08
N THR XE 80 17.72 65.04 103.91
CA THR XE 80 18.53 66.24 103.70
C THR XE 80 19.78 65.85 102.91
N VAL XE 81 20.06 66.57 101.83
CA VAL XE 81 21.27 66.37 101.05
C VAL XE 81 22.01 67.69 100.98
N ILE XE 82 23.31 67.65 101.25
CA ILE XE 82 24.17 68.83 101.22
C ILE XE 82 25.24 68.56 100.18
N SER XE 83 25.29 69.40 99.15
CA SER XE 83 26.24 69.24 98.06
C SER XE 83 27.05 70.52 97.90
N GLY XE 84 28.36 70.36 97.69
CA GLY XE 84 29.22 71.51 97.47
C GLY XE 84 30.67 71.10 97.57
N SER XE 85 31.52 72.01 97.12
CA SER XE 85 32.96 71.78 97.18
C SER XE 85 33.48 72.03 98.59
N ALA XE 86 34.41 71.19 99.03
CA ALA XE 86 35.00 71.35 100.35
C ALA XE 86 35.95 72.54 100.41
N GLU XE 87 36.37 73.06 99.27
CA GLU XE 87 37.33 74.16 99.24
C GLU XE 87 36.77 75.43 99.87
N ASN XE 88 35.48 75.71 99.66
CA ASN XE 88 34.81 76.85 100.29
C ASN XE 88 33.74 76.37 101.24
N LEU XE 89 34.08 75.36 102.04
CA LEU XE 89 33.10 74.77 102.94
C LEU XE 89 32.66 75.75 104.02
N ALA XE 90 33.51 76.73 104.35
CA ALA XE 90 33.18 77.67 105.41
C ALA XE 90 31.91 78.45 105.08
N THR XE 91 31.82 78.97 103.86
CA THR XE 91 30.61 79.69 103.47
C THR XE 91 29.44 78.74 103.26
N LEU XE 92 29.71 77.47 102.95
CA LEU XE 92 28.63 76.52 102.80
C LEU XE 92 27.95 76.25 104.13
N LYS XE 93 28.69 76.30 105.23
CA LYS XE 93 28.08 76.21 106.55
C LYS XE 93 27.11 77.36 106.78
N ALA XE 94 27.52 78.57 106.38
CA ALA XE 94 26.68 79.74 106.61
C ALA XE 94 25.35 79.63 105.87
N GLU XE 95 25.39 79.18 104.62
CA GLU XE 95 24.14 79.06 103.88
C GLU XE 95 23.31 77.88 104.37
N TRP XE 96 23.96 76.92 105.04
CA TRP XE 96 23.19 75.87 105.71
C TRP XE 96 22.36 76.44 106.84
N GLU XE 97 22.94 77.37 107.60
CA GLU XE 97 22.22 77.95 108.73
C GLU XE 97 21.01 78.74 108.26
N THR XE 98 21.17 79.53 107.20
CA THR XE 98 20.04 80.32 106.71
C THR XE 98 19.00 79.43 106.05
N HIS XE 99 19.42 78.29 105.50
CA HIS XE 99 18.46 77.31 105.01
C HIS XE 99 17.61 76.78 106.16
N LYS XE 100 18.23 76.56 107.32
CA LYS XE 100 17.48 76.19 108.51
C LYS XE 100 16.47 77.27 108.87
N ARG XE 101 16.90 78.54 108.82
CA ARG XE 101 16.01 79.64 109.16
C ARG XE 101 14.89 79.77 108.15
N ASN XE 102 15.19 79.59 106.86
CA ASN XE 102 14.15 79.71 105.84
C ASN XE 102 13.11 78.61 105.98
N VAL XE 103 13.53 77.39 106.28
CA VAL XE 103 12.57 76.31 106.48
C VAL XE 103 11.77 76.55 107.74
N ASP XE 104 12.42 77.04 108.80
CA ASP XE 104 11.73 77.24 110.07
C ASP XE 104 10.61 78.26 109.92
N THR XE 105 10.85 79.36 109.21
CA THR XE 105 9.84 80.40 109.09
C THR XE 105 8.64 79.95 108.28
N LEU XE 106 8.75 78.84 107.56
CA LEU XE 106 7.59 78.24 106.90
C LEU XE 106 7.01 77.08 107.69
N PHE XE 107 7.86 76.15 108.13
CA PHE XE 107 7.39 74.91 108.75
C PHE XE 107 7.16 75.08 110.25
N ALA XE 108 8.19 75.49 111.00
CA ALA XE 108 8.08 75.56 112.45
C ALA XE 108 7.16 76.70 112.87
N SER XE 109 7.57 77.94 112.59
CA SER XE 109 6.76 79.08 112.99
C SER XE 109 5.47 79.14 112.20
N GLY XE 110 5.56 79.00 110.88
CA GLY XE 110 4.39 78.99 110.04
C GLY XE 110 3.67 77.66 110.08
N ASN XE 111 2.65 77.55 109.25
CA ASN XE 111 1.84 76.34 109.16
C ASN XE 111 1.94 75.72 107.77
N ALA XE 112 3.13 75.74 107.20
CA ALA XE 112 3.35 75.09 105.92
C ALA XE 112 3.18 73.59 106.00
N GLY XE 113 3.40 73.00 107.19
CA GLY XE 113 3.20 71.57 107.34
C GLY XE 113 1.76 71.16 107.12
N LEU XE 114 0.82 72.05 107.43
CA LEU XE 114 -0.59 71.75 107.19
C LEU XE 114 -0.86 71.54 105.71
N GLY XE 115 -0.14 72.24 104.84
CA GLY XE 115 -0.33 72.12 103.41
C GLY XE 115 -0.53 73.45 102.73
N PHE XE 116 -0.24 74.53 103.46
CA PHE XE 116 -0.45 75.89 102.97
C PHE XE 116 0.87 76.59 102.79
N LEU XE 117 1.12 77.10 101.59
CA LEU XE 117 2.29 77.90 101.28
C LEU XE 117 1.91 79.37 101.42
N ASP XE 118 2.57 80.07 102.34
CA ASP XE 118 2.27 81.48 102.56
C ASP XE 118 3.20 82.32 101.71
N PRO XE 119 2.71 83.02 100.68
CA PRO XE 119 3.60 83.76 99.79
C PRO XE 119 4.19 85.01 100.40
N THR XE 120 3.76 85.43 101.58
CA THR XE 120 4.29 86.62 102.22
C THR XE 120 5.28 86.31 103.32
N ALA XE 121 5.70 85.05 103.45
CA ALA XE 121 6.67 84.69 104.47
C ALA XE 121 8.02 85.35 104.19
N ALA XE 122 8.73 85.67 105.26
CA ALA XE 122 10.03 86.32 105.14
C ALA XE 122 11.10 85.30 104.82
N ILE XE 123 11.76 85.46 103.67
CA ILE XE 123 12.84 84.58 103.24
C ILE XE 123 14.10 85.42 103.14
N VAL XE 124 15.13 85.03 103.90
CA VAL XE 124 16.35 85.82 104.03
C VAL XE 124 17.51 85.02 103.46
N SER XE 125 18.37 85.70 102.70
CA SER XE 125 19.44 85.02 101.98
C SER XE 125 20.67 84.85 102.84
N SER XE 126 21.62 84.08 102.32
CA SER XE 126 22.86 83.82 103.06
C SER XE 126 23.65 85.11 103.28
N ASP XE 127 23.80 85.91 102.24
CA ASP XE 127 24.55 87.16 102.36
C ASP XE 127 23.78 88.16 103.21
N THR XE 128 24.52 89.08 103.82
CA THR XE 128 23.94 90.08 104.70
C THR XE 128 24.35 91.47 104.23
N THR XE 129 23.51 92.46 104.53
CA THR XE 129 23.79 93.83 104.15
C THR XE 129 24.94 94.40 104.99
N ALA YE 1 68.88 115.69 -48.03
CA ALA YE 1 68.33 115.47 -49.36
C ALA YE 1 67.41 114.26 -49.37
N ASN YE 2 67.05 113.78 -48.19
CA ASN YE 2 66.14 112.65 -48.04
C ASN YE 2 64.80 113.11 -47.50
N LYS YE 3 63.75 112.40 -47.89
CA LYS YE 3 62.43 112.71 -47.35
C LYS YE 3 62.40 112.31 -45.90
N PRO YE 4 62.16 113.23 -44.96
CA PRO YE 4 62.09 112.84 -43.56
C PRO YE 4 60.81 112.07 -43.28
N MET YE 5 60.90 111.06 -42.43
CA MET YE 5 59.68 110.42 -42.00
C MET YE 5 58.94 111.33 -41.01
N GLN YE 6 57.71 110.94 -40.71
CA GLN YE 6 56.98 111.57 -39.62
C GLN YE 6 56.38 110.48 -38.76
N PRO YE 7 56.37 110.67 -37.44
CA PRO YE 7 55.99 109.57 -36.54
C PRO YE 7 54.57 109.10 -36.78
N ILE YE 8 54.38 107.79 -36.67
CA ILE YE 8 53.06 107.20 -36.80
C ILE YE 8 52.43 106.93 -35.45
N THR YE 9 53.08 106.10 -34.65
CA THR YE 9 52.63 105.83 -33.29
C THR YE 9 53.74 106.24 -32.32
N SER YE 10 53.35 106.91 -31.25
CA SER YE 10 54.31 107.39 -30.26
C SER YE 10 53.93 106.85 -28.88
N THR YE 11 54.95 106.52 -28.11
CA THR YE 11 54.78 106.02 -26.76
C THR YE 11 56.02 106.39 -25.97
N ALA YE 12 55.90 106.35 -24.64
CA ALA YE 12 57.06 106.58 -23.79
C ALA YE 12 58.15 105.54 -24.00
N ASN YE 13 57.79 104.38 -24.55
CA ASN YE 13 58.76 103.31 -24.79
C ASN YE 13 59.23 103.28 -26.23
N LYS YE 14 58.31 103.15 -27.19
CA LYS YE 14 58.67 102.98 -28.60
C LYS YE 14 57.98 104.03 -29.46
N ILE YE 15 58.71 104.52 -30.46
CA ILE YE 15 58.19 105.47 -31.43
C ILE YE 15 58.49 104.92 -32.82
N VAL YE 16 57.51 104.97 -33.71
CA VAL YE 16 57.64 104.43 -35.04
C VAL YE 16 57.48 105.55 -36.05
N TRP YE 17 58.48 105.73 -36.92
CA TRP YE 17 58.41 106.66 -38.02
C TRP YE 17 58.14 105.89 -39.31
N SER YE 18 57.40 106.52 -40.22
CA SER YE 18 57.18 105.95 -41.54
C SER YE 18 57.11 107.07 -42.57
N ASP YE 19 57.46 106.72 -43.80
CA ASP YE 19 57.51 107.69 -44.88
C ASP YE 19 56.09 107.94 -45.41
N PRO YE 20 55.62 109.18 -45.47
CA PRO YE 20 54.31 109.42 -46.08
C PRO YE 20 54.22 108.94 -47.51
N THR YE 21 55.30 109.08 -48.29
CA THR YE 21 55.28 108.61 -49.67
C THR YE 21 55.19 107.09 -49.73
N ARG YE 22 55.97 106.40 -48.91
CA ARG YE 22 55.98 104.94 -48.87
C ARG YE 22 55.77 104.50 -47.43
N LEU YE 23 54.56 104.07 -47.11
CA LEU YE 23 54.28 103.61 -45.75
C LEU YE 23 54.94 102.27 -45.45
N SER YE 24 55.44 101.58 -46.46
CA SER YE 24 56.09 100.29 -46.23
C SER YE 24 57.37 100.46 -45.41
N THR YE 25 58.19 101.45 -45.76
CA THR YE 25 59.44 101.66 -45.04
C THR YE 25 59.17 102.31 -43.69
N THR YE 26 59.78 101.76 -42.64
CA THR YE 26 59.56 102.24 -41.29
C THR YE 26 60.90 102.31 -40.57
N PHE YE 27 60.91 103.01 -39.44
CA PHE YE 27 62.06 103.05 -38.55
C PHE YE 27 61.54 103.19 -37.12
N SER YE 28 61.72 102.15 -36.32
CA SER YE 28 61.20 102.11 -34.97
C SER YE 28 62.34 102.09 -33.96
N ALA YE 29 62.10 102.71 -32.81
CA ALA YE 29 63.08 102.74 -31.72
C ALA YE 29 62.35 102.47 -30.42
N SER YE 30 62.66 101.35 -29.79
CA SER YE 30 62.06 100.97 -28.52
C SER YE 30 63.13 100.90 -27.46
N LEU YE 31 62.83 101.44 -26.28
CA LEU YE 31 63.78 101.49 -25.19
C LEU YE 31 63.28 100.65 -24.03
N LEU YE 32 64.19 99.87 -23.46
CA LEU YE 32 63.91 99.07 -22.27
C LEU YE 32 64.90 99.49 -21.20
N ARG YE 33 64.40 100.19 -20.18
CA ARG YE 33 65.23 100.69 -19.09
C ARG YE 33 65.10 99.75 -17.90
N GLN YE 34 66.23 99.48 -17.25
CA GLN YE 34 66.26 98.51 -16.17
C GLN YE 34 67.38 98.84 -15.21
N ARG YE 35 67.15 98.59 -13.92
CA ARG YE 35 68.15 98.74 -12.89
C ARG YE 35 68.92 97.43 -12.76
N VAL YE 36 70.25 97.53 -12.78
CA VAL YE 36 71.12 96.35 -12.73
C VAL YE 36 71.98 96.45 -11.48
N LYS YE 37 72.06 95.35 -10.73
CA LYS YE 37 72.88 95.30 -9.54
C LYS YE 37 74.33 95.07 -9.91
N VAL YE 38 75.21 95.87 -9.31
CA VAL YE 38 76.65 95.76 -9.46
C VAL YE 38 77.22 95.70 -8.05
N GLY YE 39 78.48 95.25 -7.93
CA GLY YE 39 79.10 95.13 -6.63
C GLY YE 39 78.96 96.37 -5.77
N ILE YE 40 78.19 96.23 -4.68
CA ILE YE 40 77.80 97.30 -3.76
C ILE YE 40 77.52 98.59 -4.53
N ALA YE 41 76.81 98.47 -5.64
CA ALA YE 41 76.45 99.63 -6.45
C ALA YE 41 75.25 99.27 -7.32
N GLU YE 42 74.26 100.14 -7.34
CA GLU YE 42 73.07 99.94 -8.16
C GLU YE 42 73.16 100.88 -9.36
N LEU YE 43 72.97 100.32 -10.55
CA LEU YE 43 73.17 101.06 -11.79
C LEU YE 43 71.95 100.95 -12.69
N ASN YE 44 71.80 101.95 -13.55
CA ASN YE 44 70.67 102.04 -14.47
C ASN YE 44 71.12 101.62 -15.86
N ASN YE 45 70.41 100.67 -16.45
CA ASN YE 45 70.73 100.13 -17.77
C ASN YE 45 69.60 100.43 -18.73
N VAL YE 46 69.96 100.71 -19.98
CA VAL YE 46 69.00 101.01 -21.03
C VAL YE 46 69.33 100.13 -22.24
N SER YE 47 68.30 99.58 -22.86
CA SER YE 47 68.45 98.74 -24.04
C SER YE 47 67.68 99.39 -25.19
N GLY YE 48 68.40 100.19 -25.99
CA GLY YE 48 67.77 100.88 -27.09
C GLY YE 48 67.77 100.08 -28.37
N GLN YE 49 66.64 99.46 -28.69
CA GLN YE 49 66.51 98.63 -29.88
C GLN YE 49 66.02 99.50 -31.02
N TYR YE 50 66.83 99.58 -32.07
CA TYR YE 50 66.52 100.40 -33.25
C TYR YE 50 66.37 99.48 -34.45
N VAL YE 51 65.25 99.62 -35.15
CA VAL YE 51 64.91 98.75 -36.27
C VAL YE 51 64.60 99.61 -37.48
N SER YE 52 65.20 99.28 -38.61
CA SER YE 52 64.93 99.94 -39.88
C SER YE 52 64.53 98.89 -40.91
N VAL YE 53 63.39 99.09 -41.56
CA VAL YE 53 62.84 98.11 -42.49
C VAL YE 53 62.47 98.81 -43.79
N TYR YE 54 62.85 98.21 -44.91
CA TYR YE 54 62.45 98.69 -46.22
C TYR YE 54 61.93 97.50 -47.03
N LYS YE 55 61.08 97.79 -48.02
CA LYS YE 55 60.44 96.77 -48.83
C LYS YE 55 60.83 97.00 -50.28
N ARG YE 56 61.74 96.18 -50.79
CA ARG YE 56 62.22 96.37 -52.15
C ARG YE 56 61.90 95.16 -53.03
N PRO YE 57 61.55 95.38 -54.28
CA PRO YE 57 61.32 94.25 -55.19
C PRO YE 57 62.62 93.58 -55.55
N ALA YE 58 62.53 92.32 -55.92
CA ALA YE 58 63.69 91.60 -56.41
C ALA YE 58 64.19 92.27 -57.68
N PRO YE 59 65.49 92.51 -57.84
CA PRO YE 59 65.98 93.18 -59.04
C PRO YE 59 65.55 92.45 -60.31
N LYS YE 60 64.71 93.10 -61.09
CA LYS YE 60 64.20 92.50 -62.30
C LYS YE 60 65.33 92.39 -63.33
N PRO YE 61 65.27 91.41 -64.25
CA PRO YE 61 66.27 91.31 -65.32
C PRO YE 61 66.67 92.66 -65.91
N GLU YE 62 67.98 92.89 -65.94
CA GLU YE 62 68.58 94.19 -66.27
C GLU YE 62 68.23 94.65 -67.67
N GLY YE 63 68.26 95.97 -67.88
CA GLY YE 63 68.04 96.53 -69.20
C GLY YE 63 66.58 96.51 -69.60
N CYS YE 64 66.05 95.32 -69.85
CA CYS YE 64 64.65 95.16 -70.20
C CYS YE 64 63.76 95.66 -69.06
N ALA YE 65 62.76 96.47 -69.40
CA ALA YE 65 61.87 97.04 -68.39
C ALA YE 65 60.42 96.80 -68.81
N ASP YE 66 59.67 96.14 -67.94
CA ASP YE 66 58.23 96.08 -68.12
C ASP YE 66 57.62 97.45 -67.88
N ALA YE 67 56.45 97.67 -68.46
CA ALA YE 67 55.78 98.96 -68.28
C ALA YE 67 55.51 99.20 -66.80
N CYS YE 68 54.59 98.42 -66.23
CA CYS YE 68 54.25 98.56 -64.80
C CYS YE 68 53.72 97.21 -64.35
N VAL YE 69 54.57 96.43 -63.69
CA VAL YE 69 54.19 95.12 -63.15
C VAL YE 69 54.74 95.04 -61.73
N ILE YE 70 53.92 94.57 -60.79
CA ILE YE 70 54.33 94.53 -59.40
C ILE YE 70 54.92 93.16 -59.10
N MET YE 71 56.25 93.10 -58.92
CA MET YE 71 56.90 91.89 -58.43
C MET YE 71 56.77 91.84 -56.92
N PRO YE 72 56.89 90.68 -56.29
CA PRO YE 72 56.86 90.63 -54.82
C PRO YE 72 58.07 91.34 -54.23
N ASN YE 73 57.94 91.84 -53.01
CA ASN YE 73 58.95 92.71 -52.42
C ASN YE 73 59.78 91.91 -51.42
N GLU YE 74 61.10 92.04 -51.52
CA GLU YE 74 61.98 91.46 -50.52
C GLU YE 74 61.95 92.30 -49.24
N ASN YE 75 62.22 91.63 -48.12
CA ASN YE 75 62.34 92.30 -46.83
C ASN YE 75 63.80 92.62 -46.55
N GLN YE 76 64.10 93.90 -46.43
CA GLN YE 76 65.41 94.36 -46.00
C GLN YE 76 65.25 94.99 -44.62
N SER YE 77 65.93 94.44 -43.63
CA SER YE 77 65.82 94.91 -42.26
C SER YE 77 67.20 95.09 -41.66
N ILE YE 78 67.33 96.08 -40.79
CA ILE YE 78 68.56 96.33 -40.06
C ILE YE 78 68.20 96.49 -38.58
N ARG YE 79 68.74 95.63 -37.74
CA ARG YE 79 68.48 95.66 -36.31
C ARG YE 79 69.73 96.12 -35.57
N THR YE 80 69.51 96.88 -34.51
CA THR YE 80 70.63 97.40 -33.72
C THR YE 80 70.12 97.66 -32.31
N VAL YE 81 70.69 96.97 -31.33
CA VAL YE 81 70.36 97.16 -29.93
C VAL YE 81 71.63 97.58 -29.20
N ILE YE 82 71.49 98.53 -28.28
CA ILE YE 82 72.61 99.03 -27.50
C ILE YE 82 72.26 98.88 -26.03
N SER YE 83 73.15 98.26 -25.27
CA SER YE 83 72.97 98.06 -23.84
C SER YE 83 74.18 98.60 -23.09
N GLY YE 84 73.92 99.23 -21.96
CA GLY YE 84 74.99 99.76 -21.16
C GLY YE 84 74.47 100.69 -20.09
N SER YE 85 75.29 100.88 -19.06
CA SER YE 85 74.92 101.76 -17.97
C SER YE 85 74.73 103.19 -18.47
N ALA YE 86 73.75 103.88 -17.91
CA ALA YE 86 73.40 105.20 -18.40
C ALA YE 86 74.53 106.21 -18.22
N GLU YE 87 75.24 106.15 -17.09
CA GLU YE 87 76.25 107.17 -16.81
C GLU YE 87 77.44 107.07 -17.74
N ASN YE 88 77.65 105.91 -18.36
CA ASN YE 88 78.85 105.67 -19.16
C ASN YE 88 78.63 105.95 -20.65
N LEU YE 89 77.72 106.86 -20.98
CA LEU YE 89 77.51 107.19 -22.39
C LEU YE 89 78.78 107.76 -23.01
N ALA YE 90 79.55 108.51 -22.24
CA ALA YE 90 80.77 109.10 -22.78
C ALA YE 90 81.69 108.02 -23.35
N THR YE 91 81.86 106.92 -22.60
CA THR YE 91 82.59 105.79 -23.16
C THR YE 91 81.74 105.03 -24.17
N LEU YE 92 80.46 104.82 -23.85
CA LEU YE 92 79.60 104.02 -24.72
C LEU YE 92 79.43 104.65 -26.09
N LYS YE 93 79.25 105.97 -26.15
CA LYS YE 93 79.12 106.64 -27.43
C LYS YE 93 80.38 106.46 -28.27
N ALA YE 94 81.54 106.58 -27.64
CA ALA YE 94 82.80 106.44 -28.37
C ALA YE 94 82.94 105.05 -28.97
N GLU YE 95 82.66 104.01 -28.19
CA GLU YE 95 82.80 102.65 -28.73
C GLU YE 95 81.72 102.36 -29.76
N TRP YE 96 80.58 103.05 -29.67
CA TRP YE 96 79.59 102.96 -30.74
C TRP YE 96 80.17 103.41 -32.06
N GLU YE 97 80.99 104.47 -32.04
CA GLU YE 97 81.63 104.92 -33.27
C GLU YE 97 82.55 103.85 -33.84
N THR YE 98 83.31 103.18 -32.97
CA THR YE 98 84.18 102.11 -33.44
C THR YE 98 83.37 100.96 -33.99
N HIS YE 99 82.21 100.67 -33.40
CA HIS YE 99 81.35 99.62 -33.93
C HIS YE 99 80.95 99.91 -35.36
N LYS YE 100 80.80 101.19 -35.70
CA LYS YE 100 80.56 101.57 -37.08
C LYS YE 100 81.73 101.18 -37.96
N ARG YE 101 82.94 101.59 -37.57
CA ARG YE 101 84.12 101.35 -38.38
C ARG YE 101 84.40 99.86 -38.53
N ASN YE 102 84.26 99.10 -37.43
CA ASN YE 102 84.49 97.66 -37.50
C ASN YE 102 83.51 97.01 -38.47
N VAL YE 103 82.24 97.41 -38.42
CA VAL YE 103 81.27 96.87 -39.37
C VAL YE 103 81.57 97.38 -40.77
N ASP YE 104 81.89 98.67 -40.90
CA ASP YE 104 82.10 99.26 -42.22
C ASP YE 104 83.27 98.59 -42.94
N THR YE 105 84.40 98.45 -42.26
CA THR YE 105 85.57 97.86 -42.90
C THR YE 105 85.33 96.40 -43.25
N LEU YE 106 84.34 95.77 -42.63
CA LEU YE 106 84.05 94.37 -42.87
C LEU YE 106 82.83 94.17 -43.75
N PHE YE 107 81.88 95.10 -43.76
CA PHE YE 107 80.66 94.96 -44.56
C PHE YE 107 80.62 95.94 -45.72
N ALA YE 108 80.74 97.25 -45.46
CA ALA YE 108 80.65 98.23 -46.53
C ALA YE 108 81.84 98.10 -47.48
N SER YE 109 83.05 98.11 -46.92
CA SER YE 109 84.25 97.96 -47.72
C SER YE 109 84.61 96.51 -48.03
N GLY YE 110 84.00 95.56 -47.32
CA GLY YE 110 84.28 94.16 -47.52
C GLY YE 110 83.22 93.46 -48.33
N ASN YE 111 83.27 92.13 -48.28
CA ASN YE 111 82.32 91.29 -49.01
C ASN YE 111 81.41 90.52 -48.08
N ALA YE 112 81.19 91.03 -46.87
CA ALA YE 112 80.33 90.33 -45.91
C ALA YE 112 78.91 90.20 -46.42
N GLY YE 113 78.39 91.26 -47.03
CA GLY YE 113 77.02 91.21 -47.52
C GLY YE 113 76.80 90.12 -48.55
N LEU YE 114 77.86 89.71 -49.24
CA LEU YE 114 77.78 88.56 -50.14
C LEU YE 114 77.95 87.24 -49.40
N GLY YE 115 78.20 87.28 -48.10
CA GLY YE 115 78.45 86.06 -47.34
C GLY YE 115 79.89 85.68 -47.22
N PHE YE 116 80.83 86.58 -47.50
CA PHE YE 116 82.24 86.28 -47.46
C PHE YE 116 82.83 86.85 -46.18
N LEU YE 117 83.66 86.07 -45.51
CA LEU YE 117 84.34 86.49 -44.29
C LEU YE 117 85.82 86.63 -44.56
N ASP YE 118 86.39 87.78 -44.20
CA ASP YE 118 87.80 88.02 -44.41
C ASP YE 118 88.51 87.96 -43.07
N PRO YE 119 89.28 86.91 -42.78
CA PRO YE 119 89.92 86.80 -41.47
C PRO YE 119 91.04 87.80 -41.24
N THR YE 120 91.51 88.51 -42.27
CA THR YE 120 92.58 89.48 -42.11
C THR YE 120 92.07 90.92 -42.16
N ALA YE 121 90.75 91.11 -41.98
CA ALA YE 121 90.20 92.46 -41.96
C ALA YE 121 90.74 93.24 -40.77
N ALA YE 122 90.96 94.54 -40.99
CA ALA YE 122 91.56 95.40 -39.98
C ALA YE 122 90.49 95.83 -38.99
N ILE YE 123 90.32 95.05 -37.94
CA ILE YE 123 89.42 95.39 -36.83
C ILE YE 123 90.21 96.18 -35.80
N VAL YE 124 89.60 97.24 -35.28
CA VAL YE 124 90.25 98.10 -34.30
C VAL YE 124 89.29 98.33 -33.13
N SER YE 125 89.86 98.68 -31.99
CA SER YE 125 89.12 98.72 -30.74
C SER YE 125 88.79 100.15 -30.33
N SER YE 126 87.88 100.27 -29.36
CA SER YE 126 87.53 101.58 -28.83
C SER YE 126 88.73 102.24 -28.15
N ASP YE 127 89.49 101.47 -27.40
CA ASP YE 127 90.68 102.01 -26.74
C ASP YE 127 91.73 102.38 -27.77
N THR YE 128 92.47 103.44 -27.48
CA THR YE 128 93.53 103.93 -28.35
C THR YE 128 94.86 103.90 -27.60
N THR YE 129 95.89 104.41 -28.26
CA THR YE 129 97.22 104.47 -27.67
C THR YE 129 97.74 105.90 -27.63
N ALA ZE 1 70.38 127.84 -9.41
CA ALA ZE 1 69.18 127.06 -9.69
C ALA ZE 1 69.40 125.60 -9.32
N ASN ZE 2 68.45 124.76 -9.70
CA ASN ZE 2 68.50 123.33 -9.41
C ASN ZE 2 68.29 122.55 -10.70
N LYS ZE 3 68.61 121.27 -10.67
CA LYS ZE 3 68.50 120.43 -11.85
C LYS ZE 3 67.03 120.16 -12.16
N PRO ZE 4 66.56 120.49 -13.36
CA PRO ZE 4 65.20 120.12 -13.74
C PRO ZE 4 65.16 118.77 -14.45
N MET ZE 5 64.07 118.05 -14.23
CA MET ZE 5 63.91 116.75 -14.85
C MET ZE 5 63.21 116.87 -16.19
N GLN ZE 6 63.07 115.73 -16.85
CA GLN ZE 6 62.24 115.58 -18.04
C GLN ZE 6 61.31 114.40 -17.85
N PRO ZE 7 60.11 114.43 -18.45
CA PRO ZE 7 59.19 113.31 -18.30
C PRO ZE 7 59.77 112.03 -18.89
N ILE ZE 8 59.45 110.92 -18.24
CA ILE ZE 8 59.92 109.61 -18.70
C ILE ZE 8 58.76 108.86 -19.33
N THR ZE 9 57.73 108.59 -18.54
CA THR ZE 9 56.58 107.81 -18.98
C THR ZE 9 55.38 108.75 -19.02
N SER ZE 10 55.14 109.34 -20.19
CA SER ZE 10 54.01 110.24 -20.37
C SER ZE 10 52.77 109.40 -20.66
N THR ZE 11 51.87 109.32 -19.69
CA THR ZE 11 50.66 108.53 -19.80
C THR ZE 11 49.48 109.39 -19.37
N ALA ZE 12 48.27 108.90 -19.66
CA ALA ZE 12 47.06 109.63 -19.30
C ALA ZE 12 46.95 109.80 -17.79
N ASN ZE 13 47.27 108.76 -17.03
CA ASN ZE 13 47.05 108.75 -15.60
C ASN ZE 13 48.33 108.90 -14.79
N LYS ZE 14 49.48 109.01 -15.44
CA LYS ZE 14 50.73 109.08 -14.69
C LYS ZE 14 51.82 109.64 -15.58
N ILE ZE 15 52.59 110.58 -15.04
CA ILE ZE 15 53.81 111.07 -15.67
C ILE ZE 15 54.91 111.07 -14.64
N VAL ZE 16 56.05 110.48 -14.99
CA VAL ZE 16 57.19 110.38 -14.09
C VAL ZE 16 58.34 111.17 -14.69
N TRP ZE 17 58.95 112.03 -13.89
CA TRP ZE 17 60.14 112.76 -14.28
C TRP ZE 17 61.36 112.13 -13.65
N SER ZE 18 62.51 112.30 -14.31
CA SER ZE 18 63.77 111.79 -13.79
C SER ZE 18 64.90 112.70 -14.25
N ASP ZE 19 65.84 112.92 -13.36
CA ASP ZE 19 66.97 113.79 -13.65
C ASP ZE 19 67.89 113.09 -14.66
N PRO ZE 20 68.19 113.71 -15.80
CA PRO ZE 20 69.15 113.08 -16.72
C PRO ZE 20 70.52 112.85 -16.09
N THR ZE 21 70.99 113.76 -15.26
CA THR ZE 21 72.29 113.58 -14.62
C THR ZE 21 72.25 112.41 -13.64
N ARG ZE 22 71.17 112.30 -12.87
CA ARG ZE 22 71.02 111.25 -11.87
C ARG ZE 22 69.65 110.61 -12.09
N LEU ZE 23 69.63 109.48 -12.79
CA LEU ZE 23 68.37 108.80 -13.07
C LEU ZE 23 67.71 108.27 -11.81
N SER ZE 24 68.44 108.22 -10.69
CA SER ZE 24 67.89 107.66 -9.47
C SER ZE 24 66.73 108.49 -8.95
N THR ZE 25 66.92 109.80 -8.82
CA THR ZE 25 65.88 110.65 -8.28
C THR ZE 25 64.74 110.82 -9.27
N THR ZE 26 63.50 110.68 -8.78
CA THR ZE 26 62.33 110.77 -9.62
C THR ZE 26 61.23 111.53 -8.89
N PHE ZE 27 60.26 112.03 -9.67
CA PHE ZE 27 59.03 112.58 -9.13
C PHE ZE 27 57.89 112.08 -9.99
N SER ZE 28 56.95 111.36 -9.37
CA SER ZE 28 55.84 110.73 -10.08
C SER ZE 28 54.55 111.42 -9.67
N ALA ZE 29 53.71 111.72 -10.65
CA ALA ZE 29 52.40 112.32 -10.41
C ALA ZE 29 51.34 111.43 -11.02
N SER ZE 30 50.74 110.57 -10.21
CA SER ZE 30 49.66 109.70 -10.65
C SER ZE 30 48.33 110.29 -10.19
N LEU ZE 31 47.37 110.28 -11.10
CA LEU ZE 31 46.10 110.96 -10.88
C LEU ZE 31 44.96 110.03 -11.24
N LEU ZE 32 43.85 110.14 -10.52
CA LEU ZE 32 42.74 109.20 -10.62
C LEU ZE 32 41.43 109.96 -10.71
N ARG ZE 33 40.64 109.65 -11.75
CA ARG ZE 33 39.31 110.19 -11.92
C ARG ZE 33 38.27 109.32 -11.24
N GLN ZE 34 37.19 109.96 -10.79
CA GLN ZE 34 36.02 109.25 -10.31
C GLN ZE 34 34.88 110.23 -10.16
N ARG ZE 35 33.69 109.84 -10.61
CA ARG ZE 35 32.50 110.67 -10.47
C ARG ZE 35 31.78 110.26 -9.21
N VAL ZE 36 31.66 111.18 -8.26
CA VAL ZE 36 31.11 110.89 -6.94
C VAL ZE 36 29.73 111.52 -6.83
N LYS ZE 37 28.80 110.78 -6.25
CA LYS ZE 37 27.43 111.23 -6.06
C LYS ZE 37 27.19 111.55 -4.60
N VAL ZE 38 26.79 112.79 -4.31
CA VAL ZE 38 26.37 113.18 -2.98
C VAL ZE 38 24.89 113.50 -3.05
N GLY ZE 39 24.29 113.89 -1.92
CA GLY ZE 39 22.87 114.20 -1.87
C GLY ZE 39 22.40 115.11 -3.00
N ILE ZE 40 21.55 114.56 -3.86
CA ILE ZE 40 20.99 115.20 -5.05
C ILE ZE 40 22.03 116.06 -5.76
N ALA ZE 41 23.23 115.51 -5.93
CA ALA ZE 41 24.29 116.22 -6.63
C ALA ZE 41 25.34 115.23 -7.11
N GLU ZE 42 25.58 115.22 -8.42
CA GLU ZE 42 26.66 114.47 -9.04
C GLU ZE 42 27.89 115.35 -9.09
N LEU ZE 43 29.01 114.84 -8.56
CA LEU ZE 43 30.22 115.64 -8.44
C LEU ZE 43 31.40 114.89 -9.02
N ASN ZE 44 32.45 115.63 -9.37
CA ASN ZE 44 33.67 115.05 -9.91
C ASN ZE 44 34.75 115.05 -8.84
N ASN ZE 45 35.36 113.89 -8.62
CA ASN ZE 45 36.37 113.72 -7.59
C ASN ZE 45 37.68 113.29 -8.22
N VAL ZE 46 38.79 113.80 -7.69
CA VAL ZE 46 40.12 113.51 -8.19
C VAL ZE 46 40.98 113.04 -7.02
N SER ZE 47 42.06 112.32 -7.34
CA SER ZE 47 42.99 111.81 -6.33
C SER ZE 47 44.38 111.82 -6.93
N GLY ZE 48 45.16 112.84 -6.61
CA GLY ZE 48 46.49 112.98 -7.17
C GLY ZE 48 47.59 112.55 -6.23
N GLN ZE 49 48.25 111.43 -6.54
CA GLN ZE 49 49.34 110.90 -5.75
C GLN ZE 49 50.65 111.47 -6.29
N TYR ZE 50 51.40 112.16 -5.45
CA TYR ZE 50 52.67 112.75 -5.83
C TYR ZE 50 53.76 112.13 -4.98
N VAL ZE 51 54.71 111.46 -5.63
CA VAL ZE 51 55.76 110.71 -4.96
C VAL ZE 51 57.10 111.26 -5.41
N SER ZE 52 57.90 111.71 -4.44
CA SER ZE 52 59.26 112.17 -4.69
C SER ZE 52 60.22 111.18 -4.04
N VAL ZE 53 61.16 110.66 -4.83
CA VAL ZE 53 62.05 109.60 -4.41
C VAL ZE 53 63.48 110.05 -4.61
N TYR ZE 54 64.32 109.83 -3.60
CA TYR ZE 54 65.74 110.11 -3.68
C TYR ZE 54 66.51 109.01 -2.98
N LYS ZE 55 67.65 108.64 -3.55
CA LYS ZE 55 68.54 107.63 -3.00
C LYS ZE 55 69.82 108.33 -2.55
N ARG ZE 56 69.81 108.82 -1.32
CA ARG ZE 56 71.00 109.51 -0.81
C ARG ZE 56 71.92 108.52 -0.09
N PRO ZE 57 73.22 108.60 -0.31
CA PRO ZE 57 74.13 107.64 0.33
C PRO ZE 57 74.45 107.98 1.77
N ALA ZE 58 73.84 107.24 2.71
CA ALA ZE 58 74.15 107.23 4.14
C ALA ZE 58 74.36 108.62 4.75
N PRO ZE 59 74.90 108.73 5.98
CA PRO ZE 59 75.36 110.05 6.43
C PRO ZE 59 76.84 110.29 6.16
N LYS ZE 60 77.49 109.36 5.45
CA LYS ZE 60 78.92 109.46 5.14
C LYS ZE 60 79.68 109.65 6.44
N PRO ZE 61 79.82 108.57 7.25
CA PRO ZE 61 80.32 108.67 8.63
C PRO ZE 61 80.48 110.07 9.22
N GLU ZE 62 81.71 110.43 9.55
CA GLU ZE 62 82.02 111.75 10.06
C GLU ZE 62 83.53 111.92 9.94
N GLY ZE 63 84.02 113.09 10.30
CA GLY ZE 63 85.45 113.31 10.22
C GLY ZE 63 85.92 113.27 8.77
N CYS ZE 64 86.53 112.14 8.40
CA CYS ZE 64 87.15 111.94 7.11
C CYS ZE 64 86.31 112.45 5.95
N ALA ZE 65 86.79 113.47 5.26
CA ALA ZE 65 86.27 113.83 3.95
C ALA ZE 65 86.80 112.91 2.86
N ASP ZE 66 88.07 112.49 2.97
CA ASP ZE 66 88.69 111.53 2.07
C ASP ZE 66 88.53 111.95 0.63
N ALA ZE 67 87.59 111.31 -0.08
CA ALA ZE 67 87.36 111.46 -1.50
C ALA ZE 67 86.34 110.43 -1.92
N CYS ZE 68 86.66 109.15 -1.73
CA CYS ZE 68 85.71 108.07 -1.96
C CYS ZE 68 85.91 106.97 -0.93
N VAL ZE 69 85.18 107.06 0.16
CA VAL ZE 69 84.86 105.89 0.97
C VAL ZE 69 83.34 105.80 0.98
N ILE ZE 70 82.80 105.06 0.02
CA ILE ZE 70 81.39 105.11 -0.29
C ILE ZE 70 80.70 103.87 0.23
N MET ZE 71 79.46 104.05 0.67
CA MET ZE 71 78.64 103.00 1.25
C MET ZE 71 77.25 103.12 0.63
N PRO ZE 72 76.41 102.08 0.68
CA PRO ZE 72 75.16 102.12 -0.08
C PRO ZE 72 74.23 103.22 0.39
N ASN ZE 73 73.20 103.46 -0.42
CA ASN ZE 73 72.29 104.58 -0.24
C ASN ZE 73 70.92 104.08 0.20
N GLU ZE 74 70.27 104.89 1.02
CA GLU ZE 74 68.91 104.61 1.47
C GLU ZE 74 67.93 105.47 0.68
N ASN ZE 75 66.65 105.12 0.76
CA ASN ZE 75 65.62 105.75 -0.05
C ASN ZE 75 64.86 106.77 0.79
N GLN ZE 76 65.06 108.05 0.49
CA GLN ZE 76 64.21 109.10 1.04
C GLN ZE 76 63.02 109.31 0.12
N SER ZE 77 61.82 109.05 0.63
CA SER ZE 77 60.62 109.09 -0.19
C SER ZE 77 59.55 109.91 0.50
N ILE ZE 78 58.89 110.77 -0.26
CA ILE ZE 78 57.77 111.56 0.22
C ILE ZE 78 56.59 111.33 -0.72
N ARG ZE 79 55.49 110.84 -0.18
CA ARG ZE 79 54.29 110.58 -0.95
C ARG ZE 79 53.16 111.45 -0.42
N THR ZE 80 52.50 112.17 -1.31
CA THR ZE 80 51.40 113.06 -0.95
C THR ZE 80 50.22 112.77 -1.87
N VAL ZE 81 49.04 112.64 -1.28
CA VAL ZE 81 47.82 112.38 -2.04
C VAL ZE 81 46.82 113.49 -1.75
N ILE ZE 82 46.17 113.99 -2.79
CA ILE ZE 82 45.18 115.06 -2.68
C ILE ZE 82 43.84 114.49 -3.09
N SER ZE 83 42.89 114.48 -2.17
CA SER ZE 83 41.55 113.96 -2.44
C SER ZE 83 40.53 115.05 -2.15
N GLY ZE 84 39.68 115.32 -3.13
CA GLY ZE 84 38.65 116.33 -2.95
C GLY ZE 84 37.91 116.56 -4.24
N SER ZE 85 36.74 117.17 -4.10
CA SER ZE 85 35.89 117.47 -5.24
C SER ZE 85 36.55 118.55 -6.11
N ALA ZE 86 36.36 118.43 -7.43
CA ALA ZE 86 36.97 119.36 -8.35
C ALA ZE 86 36.41 120.76 -8.19
N GLU ZE 87 35.09 120.87 -8.00
CA GLU ZE 87 34.46 122.19 -7.92
C GLU ZE 87 34.92 122.97 -6.69
N ASN ZE 88 35.32 122.28 -5.63
CA ASN ZE 88 35.89 122.92 -4.44
C ASN ZE 88 37.40 123.05 -4.54
N LEU ZE 89 37.94 123.15 -5.75
CA LEU ZE 89 39.37 123.35 -5.91
C LEU ZE 89 39.82 124.65 -5.25
N ALA ZE 90 39.01 125.70 -5.32
CA ALA ZE 90 39.43 127.00 -4.81
C ALA ZE 90 39.77 126.92 -3.32
N THR ZE 91 38.91 126.25 -2.55
CA THR ZE 91 39.19 126.11 -1.14
C THR ZE 91 40.27 125.06 -0.89
N LEU ZE 92 40.32 124.02 -1.73
CA LEU ZE 92 41.28 122.95 -1.52
C LEU ZE 92 42.71 123.47 -1.48
N LYS ZE 93 42.98 124.58 -2.17
CA LYS ZE 93 44.30 125.19 -2.07
C LYS ZE 93 44.59 125.67 -0.66
N ALA ZE 94 43.57 126.20 0.02
CA ALA ZE 94 43.79 126.78 1.34
C ALA ZE 94 44.26 125.73 2.34
N GLU ZE 95 43.52 124.63 2.46
CA GLU ZE 95 43.93 123.57 3.37
C GLU ZE 95 45.26 122.97 2.95
N TRP ZE 96 45.49 122.83 1.64
CA TRP ZE 96 46.79 122.39 1.18
C TRP ZE 96 47.87 123.34 1.65
N GLU ZE 97 47.64 124.65 1.54
CA GLU ZE 97 48.58 125.60 2.09
C GLU ZE 97 48.66 125.47 3.60
N THR ZE 98 47.51 125.30 4.26
CA THR ZE 98 47.51 125.12 5.71
C THR ZE 98 48.24 123.85 6.09
N HIS ZE 99 47.99 122.76 5.37
CA HIS ZE 99 48.68 121.51 5.64
C HIS ZE 99 50.19 121.68 5.53
N LYS ZE 100 50.64 122.45 4.53
CA LYS ZE 100 52.06 122.73 4.40
C LYS ZE 100 52.61 123.41 5.65
N ARG ZE 101 51.89 124.40 6.17
CA ARG ZE 101 52.33 125.05 7.39
C ARG ZE 101 52.29 124.10 8.57
N ASN ZE 102 51.22 123.30 8.68
CA ASN ZE 102 51.07 122.41 9.82
C ASN ZE 102 52.21 121.40 9.88
N VAL ZE 103 52.55 120.79 8.75
CA VAL ZE 103 53.65 119.85 8.74
C VAL ZE 103 54.96 120.57 9.04
N ASP ZE 104 55.18 121.73 8.43
CA ASP ZE 104 56.43 122.46 8.64
C ASP ZE 104 56.61 122.83 10.11
N THR ZE 105 55.55 123.31 10.75
CA THR ZE 105 55.65 123.68 12.15
C THR ZE 105 55.80 122.46 13.04
N LEU ZE 106 55.49 121.29 12.52
CA LEU ZE 106 55.60 120.06 13.31
C LEU ZE 106 56.80 119.23 12.93
N PHE ZE 107 57.21 119.22 11.65
CA PHE ZE 107 58.31 118.40 11.19
C PHE ZE 107 59.54 119.22 10.84
N ALA ZE 108 59.38 120.30 10.07
CA ALA ZE 108 60.53 121.11 9.69
C ALA ZE 108 61.10 121.85 10.88
N SER ZE 109 60.30 122.75 11.48
CA SER ZE 109 60.76 123.45 12.67
C SER ZE 109 60.93 122.50 13.84
N GLY ZE 110 59.97 121.60 14.04
CA GLY ZE 110 60.02 120.65 15.13
C GLY ZE 110 61.00 119.54 14.86
N ASN ZE 111 61.14 118.66 15.85
CA ASN ZE 111 62.04 117.52 15.77
C ASN ZE 111 61.29 116.22 15.57
N ALA ZE 112 60.09 116.28 14.99
CA ALA ZE 112 59.35 115.06 14.69
C ALA ZE 112 60.07 114.19 13.67
N GLY ZE 113 60.92 114.78 12.84
CA GLY ZE 113 61.72 113.99 11.93
C GLY ZE 113 62.61 113.01 12.66
N LEU ZE 114 63.14 113.41 13.81
CA LEU ZE 114 63.89 112.48 14.64
C LEU ZE 114 63.00 111.44 15.29
N GLY ZE 115 61.69 111.65 15.29
CA GLY ZE 115 60.76 110.74 15.94
C GLY ZE 115 60.14 111.26 17.22
N PHE ZE 116 60.27 112.54 17.53
CA PHE ZE 116 59.81 113.08 18.81
C PHE ZE 116 58.46 113.76 18.59
N LEU ZE 117 57.45 113.34 19.33
CA LEU ZE 117 56.16 114.01 19.26
C LEU ZE 117 56.16 115.23 20.17
N ASP ZE 118 55.41 116.25 19.76
CA ASP ZE 118 55.33 117.52 20.48
C ASP ZE 118 53.85 117.80 20.67
N PRO ZE 119 53.25 117.30 21.76
CA PRO ZE 119 51.81 117.53 21.97
C PRO ZE 119 51.46 119.00 22.08
N THR ZE 120 52.36 119.84 22.60
CA THR ZE 120 52.08 121.26 22.78
C THR ZE 120 52.46 122.08 21.56
N ALA ZE 121 52.53 121.47 20.38
CA ALA ZE 121 52.81 122.23 19.17
C ALA ZE 121 51.66 123.18 18.85
N ALA ZE 122 52.01 124.36 18.35
CA ALA ZE 122 51.04 125.40 18.05
C ALA ZE 122 50.71 125.35 16.56
N ILE ZE 123 49.67 124.59 16.22
CA ILE ZE 123 49.25 124.41 14.84
C ILE ZE 123 47.86 125.01 14.67
N VAL ZE 124 47.52 125.40 13.44
CA VAL ZE 124 46.32 126.17 13.17
C VAL ZE 124 45.54 125.53 12.04
N SER ZE 125 44.26 125.89 11.94
CA SER ZE 125 43.37 125.36 10.92
C SER ZE 125 43.34 126.26 9.68
N SER ZE 126 42.72 125.73 8.63
CA SER ZE 126 42.56 126.51 7.40
C SER ZE 126 41.65 127.72 7.64
N ASP ZE 127 40.55 127.51 8.36
CA ASP ZE 127 39.60 128.59 8.58
C ASP ZE 127 40.25 129.71 9.39
N THR ZE 128 39.86 130.95 9.07
CA THR ZE 128 40.42 132.12 9.71
C THR ZE 128 39.31 132.85 10.48
N THR ZE 129 39.72 133.58 11.52
CA THR ZE 129 38.77 134.30 12.35
C THR ZE 129 38.26 135.55 11.64
N ALA AF 1 38.32 134.19 -29.43
CA ALA AF 1 39.31 133.66 -28.48
C ALA AF 1 38.67 132.61 -27.59
N ASN AF 2 38.40 131.44 -28.17
CA ASN AF 2 37.78 130.36 -27.42
C ASN AF 2 38.79 129.74 -26.45
N LYS AF 3 38.28 129.20 -25.36
CA LYS AF 3 39.15 128.62 -24.35
C LYS AF 3 39.84 127.38 -24.89
N PRO AF 4 41.16 127.29 -24.79
CA PRO AF 4 41.86 126.07 -25.23
C PRO AF 4 41.47 124.87 -24.36
N MET AF 5 41.70 123.69 -24.91
CA MET AF 5 41.29 122.44 -24.28
C MET AF 5 42.51 121.56 -24.05
N GLN AF 6 42.55 120.92 -22.90
CA GLN AF 6 43.64 120.03 -22.53
C GLN AF 6 43.20 118.57 -22.59
N PRO AF 7 44.13 117.66 -22.86
CA PRO AF 7 43.76 116.24 -22.95
C PRO AF 7 43.55 115.60 -21.59
N ILE AF 8 42.83 114.48 -21.61
CA ILE AF 8 42.59 113.67 -20.41
C ILE AF 8 43.19 112.28 -20.59
N THR AF 9 42.64 111.53 -21.54
CA THR AF 9 43.07 110.17 -21.81
C THR AF 9 43.97 110.16 -23.03
N SER AF 10 45.18 109.64 -22.86
CA SER AF 10 46.14 109.53 -23.95
C SER AF 10 46.40 108.06 -24.23
N THR AF 11 46.38 107.70 -25.51
CA THR AF 11 46.57 106.33 -25.94
C THR AF 11 47.16 106.37 -27.33
N ALA AF 12 47.75 105.25 -27.76
CA ALA AF 12 48.32 105.18 -29.09
C ALA AF 12 47.26 105.33 -30.18
N ASN AF 13 45.98 105.21 -29.82
CA ASN AF 13 44.91 105.33 -30.80
C ASN AF 13 43.89 106.40 -30.43
N LYS AF 14 43.63 106.58 -29.15
CA LYS AF 14 42.58 107.48 -28.67
C LYS AF 14 43.16 108.58 -27.79
N ILE AF 15 42.71 109.80 -28.01
CA ILE AF 15 43.02 110.93 -27.14
C ILE AF 15 41.73 111.70 -26.87
N VAL AF 16 41.51 112.08 -25.61
CA VAL AF 16 40.30 112.77 -25.19
C VAL AF 16 40.70 114.11 -24.57
N TRP AF 17 40.11 115.18 -25.07
CA TRP AF 17 40.31 116.52 -24.54
C TRP AF 17 39.11 116.92 -23.69
N SER AF 18 39.35 117.77 -22.69
CA SER AF 18 38.29 118.30 -21.85
C SER AF 18 38.63 119.72 -21.42
N ASP AF 19 37.62 120.56 -21.36
CA ASP AF 19 37.83 121.95 -20.98
C ASP AF 19 37.99 122.07 -19.46
N PRO AF 20 38.98 122.83 -18.99
CA PRO AF 20 39.11 123.02 -17.54
C PRO AF 20 37.91 123.69 -16.91
N THR AF 21 37.46 124.81 -17.47
CA THR AF 21 36.35 125.55 -16.87
C THR AF 21 35.04 124.77 -16.95
N ARG AF 22 34.93 123.83 -17.88
CA ARG AF 22 33.69 123.07 -18.04
C ARG AF 22 34.08 121.64 -18.40
N LEU AF 23 34.09 120.77 -17.39
CA LEU AF 23 34.50 119.39 -17.61
C LEU AF 23 33.47 118.59 -18.41
N SER AF 24 32.25 119.12 -18.57
CA SER AF 24 31.23 118.40 -19.32
C SER AF 24 31.59 118.31 -20.79
N THR AF 25 31.96 119.43 -21.40
CA THR AF 25 32.28 119.45 -22.82
C THR AF 25 33.60 118.75 -23.07
N THR AF 26 33.64 117.89 -24.09
CA THR AF 26 34.81 117.11 -24.41
C THR AF 26 34.96 117.02 -25.91
N PHE AF 27 36.18 116.70 -26.35
CA PHE AF 27 36.44 116.35 -27.74
C PHE AF 27 37.43 115.19 -27.73
N SER AF 28 37.00 114.04 -28.22
CA SER AF 28 37.81 112.83 -28.22
C SER AF 28 37.98 112.33 -29.64
N ALA AF 29 39.22 111.99 -29.99
CA ALA AF 29 39.54 111.48 -31.31
C ALA AF 29 40.22 110.14 -31.19
N SER AF 30 39.75 109.16 -31.95
CA SER AF 30 40.36 107.83 -31.98
C SER AF 30 40.35 107.33 -33.41
N LEU AF 31 41.47 106.76 -33.85
CA LEU AF 31 41.59 106.23 -35.19
C LEU AF 31 42.38 104.93 -35.18
N LEU AF 32 41.99 104.02 -36.06
CA LEU AF 32 42.59 102.71 -36.18
C LEU AF 32 43.08 102.50 -37.60
N ARG AF 33 44.25 101.89 -37.74
CA ARG AF 33 44.84 101.59 -39.04
C ARG AF 33 44.93 100.08 -39.21
N GLN AF 34 44.59 99.60 -40.40
CA GLN AF 34 44.49 98.17 -40.62
C GLN AF 34 45.12 97.84 -41.98
N ARG AF 35 45.01 96.57 -42.36
CA ARG AF 35 45.64 96.04 -43.55
C ARG AF 35 44.56 95.75 -44.58
N VAL AF 36 44.65 96.39 -45.74
CA VAL AF 36 43.65 96.23 -46.79
C VAL AF 36 44.34 95.86 -48.09
N LYS AF 37 44.11 94.63 -48.55
CA LYS AF 37 44.61 94.14 -49.83
C LYS AF 37 43.53 94.21 -50.91
N VAL AF 38 43.22 95.43 -51.34
CA VAL AF 38 42.08 95.60 -52.25
C VAL AF 38 42.51 95.35 -53.69
N GLY AF 39 43.50 96.07 -54.19
CA GLY AF 39 43.87 95.97 -55.58
C GLY AF 39 45.31 95.55 -55.81
N ILE AF 40 45.51 94.35 -56.35
CA ILE AF 40 46.80 93.74 -56.70
C ILE AF 40 47.92 94.06 -55.70
N ALA AF 41 48.15 95.33 -55.41
CA ALA AF 41 49.13 95.74 -54.42
C ALA AF 41 48.44 95.91 -53.07
N GLU AF 42 49.20 96.36 -52.07
CA GLU AF 42 48.66 96.59 -50.74
C GLU AF 42 48.35 98.06 -50.55
N LEU AF 43 47.35 98.34 -49.71
CA LEU AF 43 46.86 99.70 -49.54
C LEU AF 43 46.64 99.95 -48.06
N ASN AF 44 47.29 100.98 -47.53
CA ASN AF 44 47.13 101.35 -46.12
C ASN AF 44 45.83 102.13 -45.94
N ASN AF 45 45.00 101.67 -45.01
CA ASN AF 45 43.71 102.28 -44.74
C ASN AF 45 43.68 102.80 -43.31
N VAL AF 46 43.27 104.06 -43.15
CA VAL AF 46 43.13 104.69 -41.85
C VAL AF 46 41.70 105.16 -41.71
N SER AF 47 41.04 104.74 -40.63
CA SER AF 47 39.66 105.11 -40.36
C SER AF 47 39.58 105.68 -38.96
N GLY AF 48 39.31 106.98 -38.86
CA GLY AF 48 39.24 107.66 -37.58
C GLY AF 48 37.98 108.50 -37.47
N GLN AF 49 37.37 108.47 -36.29
CA GLN AF 49 36.21 109.30 -36.01
C GLN AF 49 36.56 110.30 -34.92
N TYR AF 50 35.94 111.47 -35.00
CA TYR AF 50 36.18 112.56 -34.06
C TYR AF 50 34.82 112.98 -33.51
N VAL AF 51 34.62 112.77 -32.21
CA VAL AF 51 33.35 113.07 -31.57
C VAL AF 51 33.58 114.16 -30.54
N SER AF 52 32.75 115.20 -30.59
CA SER AF 52 32.76 116.29 -29.61
C SER AF 52 31.34 116.46 -29.09
N VAL AF 53 31.20 116.49 -27.77
CA VAL AF 53 29.91 116.57 -27.12
C VAL AF 53 29.90 117.77 -26.19
N TYR AF 54 28.76 118.44 -26.12
CA TYR AF 54 28.56 119.54 -25.18
C TYR AF 54 27.33 119.26 -24.35
N LYS AF 55 27.41 119.59 -23.07
CA LYS AF 55 26.30 119.39 -22.15
C LYS AF 55 25.59 120.74 -22.01
N ARG AF 56 24.79 121.08 -23.00
CA ARG AF 56 24.17 122.39 -23.14
C ARG AF 56 22.90 122.46 -22.31
N PRO AF 57 22.68 123.55 -21.57
CA PRO AF 57 21.45 123.68 -20.79
C PRO AF 57 20.22 123.82 -21.66
N ALA AF 58 19.08 123.47 -21.08
CA ALA AF 58 17.80 123.56 -21.74
C ALA AF 58 17.42 125.02 -21.97
N PRO AF 59 16.41 125.29 -22.80
CA PRO AF 59 16.07 126.69 -23.10
C PRO AF 59 15.70 127.53 -21.90
N LYS AF 60 15.30 126.90 -20.79
CA LYS AF 60 14.96 127.60 -19.55
C LYS AF 60 13.92 128.67 -19.84
N PRO AF 61 12.61 128.28 -19.96
CA PRO AF 61 11.58 129.17 -20.52
C PRO AF 61 11.74 130.65 -20.18
N GLU AF 62 11.84 131.47 -21.23
CA GLU AF 62 12.16 132.88 -21.08
C GLU AF 62 11.05 133.62 -20.34
N GLY AF 63 11.44 134.62 -19.54
CA GLY AF 63 10.47 135.38 -18.79
C GLY AF 63 10.87 135.49 -17.33
N CYS AF 64 11.90 134.77 -16.94
CA CYS AF 64 12.25 134.60 -15.54
C CYS AF 64 13.73 134.29 -15.48
N ALA AF 65 14.38 134.70 -14.37
CA ALA AF 65 15.73 134.23 -14.05
C ALA AF 65 15.95 134.44 -12.55
N ASP AF 66 15.80 133.37 -11.77
CA ASP AF 66 16.20 133.42 -10.36
C ASP AF 66 17.55 132.72 -10.19
N ALA AF 67 18.06 132.73 -8.96
CA ALA AF 67 19.43 132.32 -8.67
C ALA AF 67 19.76 130.90 -9.11
N CYS AF 68 19.08 129.93 -8.52
CA CYS AF 68 19.46 128.52 -8.64
C CYS AF 68 18.41 127.69 -9.37
N VAL AF 69 17.84 128.20 -10.46
CA VAL AF 69 16.97 127.41 -11.32
C VAL AF 69 17.89 126.51 -12.15
N ILE AF 70 18.10 125.30 -11.63
CA ILE AF 70 18.99 124.36 -12.31
C ILE AF 70 18.22 123.61 -13.40
N MET AF 71 18.12 124.25 -14.56
CA MET AF 71 17.39 123.70 -15.68
C MET AF 71 18.22 122.59 -16.33
N PRO AF 72 17.71 121.37 -16.42
CA PRO AF 72 18.57 120.23 -16.76
C PRO AF 72 19.18 120.35 -18.15
N ASN AF 73 20.37 119.79 -18.30
CA ASN AF 73 21.13 119.86 -19.54
C ASN AF 73 20.62 118.84 -20.54
N GLU AF 74 20.97 119.07 -21.81
CA GLU AF 74 20.80 118.07 -22.86
C GLU AF 74 22.13 117.89 -23.57
N ASN AF 75 22.14 117.00 -24.55
CA ASN AF 75 23.35 116.65 -25.28
C ASN AF 75 23.35 117.30 -26.65
N GLN AF 76 24.46 117.94 -26.99
CA GLN AF 76 24.70 118.45 -28.34
C GLN AF 76 25.90 117.68 -28.86
N SER AF 77 25.65 116.50 -29.43
CA SER AF 77 26.71 115.59 -29.85
C SER AF 77 26.89 115.71 -31.35
N ILE AF 78 28.04 116.25 -31.75
CA ILE AF 78 28.40 116.43 -33.15
C ILE AF 78 29.68 115.66 -33.40
N ARG AF 79 29.69 114.81 -34.43
CA ARG AF 79 30.75 113.84 -34.59
C ARG AF 79 30.88 113.43 -36.04
N THR AF 80 32.12 113.14 -36.45
CA THR AF 80 32.45 112.80 -37.82
C THR AF 80 33.37 111.59 -37.81
N VAL AF 81 33.32 110.81 -38.89
CA VAL AF 81 34.20 109.68 -39.10
C VAL AF 81 34.76 109.76 -40.51
N ILE AF 82 36.05 109.47 -40.65
CA ILE AF 82 36.76 109.57 -41.93
C ILE AF 82 37.48 108.26 -42.17
N SER AF 83 37.26 107.66 -43.33
CA SER AF 83 37.94 106.44 -43.74
C SER AF 83 38.54 106.63 -45.13
N GLY AF 84 39.80 106.23 -45.28
CA GLY AF 84 40.47 106.38 -46.54
C GLY AF 84 41.87 105.86 -46.48
N SER AF 85 42.63 106.12 -47.55
CA SER AF 85 43.99 105.63 -47.67
C SER AF 85 44.99 106.76 -47.56
N ALA AF 86 46.06 106.54 -46.81
CA ALA AF 86 47.14 107.51 -46.72
C ALA AF 86 47.86 107.64 -48.05
N GLU AF 87 47.81 106.61 -48.90
CA GLU AF 87 48.47 106.68 -50.20
C GLU AF 87 47.89 107.79 -51.06
N ASN AF 88 46.56 107.92 -51.09
CA ASN AF 88 45.90 109.02 -51.78
C ASN AF 88 45.28 109.97 -50.77
N LEU AF 89 46.00 110.25 -49.69
CA LEU AF 89 45.48 111.15 -48.67
C LEU AF 89 45.28 112.56 -49.22
N ALA AF 90 46.08 112.95 -50.22
CA ALA AF 90 46.02 114.31 -50.73
C ALA AF 90 44.64 114.61 -51.31
N THR AF 91 44.08 113.69 -52.08
CA THR AF 91 42.74 113.90 -52.62
C THR AF 91 41.67 113.73 -51.55
N LEU AF 92 41.95 112.96 -50.50
CA LEU AF 92 41.02 112.88 -49.38
C LEU AF 92 40.90 114.23 -48.68
N LYS AF 93 41.99 114.99 -48.66
CA LYS AF 93 41.97 116.32 -48.07
C LYS AF 93 40.93 117.20 -48.75
N ALA AF 94 40.99 117.28 -50.08
CA ALA AF 94 40.04 118.10 -50.82
C ALA AF 94 38.63 117.56 -50.69
N GLU AF 95 38.48 116.23 -50.76
CA GLU AF 95 37.16 115.63 -50.63
C GLU AF 95 36.53 115.98 -49.28
N TRP AF 96 37.36 116.08 -48.24
CA TRP AF 96 36.88 116.62 -46.97
C TRP AF 96 36.28 118.02 -47.15
N GLU AF 97 37.03 118.93 -47.77
CA GLU AF 97 36.60 120.31 -47.83
C GLU AF 97 35.31 120.45 -48.62
N THR AF 98 35.16 119.65 -49.69
CA THR AF 98 33.89 119.64 -50.41
C THR AF 98 32.76 119.18 -49.52
N HIS AF 99 33.01 118.14 -48.72
CA HIS AF 99 31.98 117.64 -47.82
C HIS AF 99 31.58 118.70 -46.80
N LYS AF 100 32.51 119.56 -46.40
CA LYS AF 100 32.19 120.63 -45.48
C LYS AF 100 31.15 121.56 -46.08
N ARG AF 101 31.41 122.05 -47.29
CA ARG AF 101 30.54 123.04 -47.91
C ARG AF 101 29.25 122.40 -48.40
N ASN AF 102 29.26 121.10 -48.68
CA ASN AF 102 28.01 120.41 -48.96
C ASN AF 102 27.11 120.40 -47.74
N VAL AF 103 27.66 120.08 -46.57
CA VAL AF 103 26.87 120.10 -45.35
C VAL AF 103 26.50 121.53 -44.96
N ASP AF 104 27.43 122.47 -45.17
CA ASP AF 104 27.16 123.86 -44.80
C ASP AF 104 25.96 124.42 -45.54
N THR AF 105 25.85 124.13 -46.83
CA THR AF 105 24.76 124.69 -47.62
C THR AF 105 23.41 124.12 -47.23
N LEU AF 106 23.39 123.04 -46.43
CA LEU AF 106 22.17 122.57 -45.81
C LEU AF 106 22.03 122.99 -44.37
N PHE AF 107 23.11 122.87 -43.58
CA PHE AF 107 23.02 123.11 -42.15
C PHE AF 107 23.29 124.56 -41.79
N ALA AF 108 24.47 125.07 -42.17
CA ALA AF 108 24.85 126.42 -41.77
C ALA AF 108 23.92 127.47 -42.38
N SER AF 109 23.71 127.41 -43.69
CA SER AF 109 22.88 128.41 -44.36
C SER AF 109 21.43 127.96 -44.46
N GLY AF 110 21.21 126.72 -44.87
CA GLY AF 110 19.85 126.20 -45.00
C GLY AF 110 19.25 125.84 -43.66
N ASN AF 111 18.01 125.38 -43.71
CA ASN AF 111 17.26 125.01 -42.51
C ASN AF 111 17.23 123.50 -42.30
N ALA AF 112 18.31 122.80 -42.66
CA ALA AF 112 18.34 121.36 -42.46
C ALA AF 112 18.31 120.99 -40.99
N GLY AF 113 18.86 121.85 -40.13
CA GLY AF 113 18.90 121.54 -38.71
C GLY AF 113 17.52 121.41 -38.12
N LEU AF 114 16.63 122.35 -38.44
CA LEU AF 114 15.27 122.29 -37.91
C LEU AF 114 14.46 121.18 -38.55
N GLY AF 115 14.89 120.66 -39.69
CA GLY AF 115 14.23 119.48 -40.23
C GLY AF 115 13.68 119.56 -41.64
N PHE AF 116 14.26 120.39 -42.50
CA PHE AF 116 13.92 120.37 -43.91
C PHE AF 116 15.10 119.99 -44.79
N LEU AF 117 14.77 119.36 -45.92
CA LEU AF 117 15.75 118.95 -46.93
C LEU AF 117 15.42 119.72 -48.19
N ASP AF 118 16.30 120.61 -48.59
CA ASP AF 118 16.03 121.38 -49.80
C ASP AF 118 16.45 120.57 -51.02
N PRO AF 119 15.51 120.13 -51.83
CA PRO AF 119 15.87 119.30 -53.00
C PRO AF 119 16.45 120.14 -54.12
N THR AF 120 16.49 121.46 -53.92
CA THR AF 120 17.10 122.38 -54.86
C THR AF 120 18.46 122.86 -54.36
N ALA AF 121 18.97 122.29 -53.28
CA ALA AF 121 20.22 122.76 -52.71
C ALA AF 121 21.38 122.49 -53.67
N ALA AF 122 22.33 123.42 -53.67
CA ALA AF 122 23.49 123.33 -54.57
C ALA AF 122 24.52 122.35 -54.02
N ILE AF 123 24.20 121.06 -54.14
CA ILE AF 123 25.16 120.03 -53.77
C ILE AF 123 26.23 119.96 -54.84
N VAL AF 124 27.49 119.93 -54.40
CA VAL AF 124 28.62 120.09 -55.30
C VAL AF 124 29.60 118.96 -55.08
N SER AF 125 30.35 118.61 -56.13
CA SER AF 125 31.34 117.55 -56.07
C SER AF 125 32.73 118.09 -55.76
N SER AF 126 33.65 117.17 -55.47
CA SER AF 126 35.05 117.52 -55.33
C SER AF 126 35.78 117.55 -56.67
N ASP AF 127 35.16 117.05 -57.73
CA ASP AF 127 35.82 116.94 -59.03
C ASP AF 127 35.71 118.28 -59.75
N THR AF 128 36.85 118.94 -59.93
CA THR AF 128 36.88 120.22 -60.61
C THR AF 128 36.58 120.06 -62.09
N THR AF 129 35.72 120.93 -62.61
CA THR AF 129 35.38 120.91 -64.03
C THR AF 129 36.32 121.81 -64.83
N ALA BF 1 16.99 27.12 143.26
CA ALA BF 1 15.54 26.94 143.34
C ALA BF 1 14.93 26.84 141.95
N ASN BF 2 15.40 25.88 141.16
CA ASN BF 2 14.93 25.66 139.80
C ASN BF 2 14.48 24.22 139.65
N LYS BF 3 13.54 23.98 138.74
CA LYS BF 3 13.12 22.60 138.48
C LYS BF 3 14.32 21.82 137.98
N PRO BF 4 14.71 20.74 138.63
CA PRO BF 4 15.72 19.86 138.05
C PRO BF 4 15.17 19.21 136.79
N MET BF 5 16.00 19.16 135.76
CA MET BF 5 15.58 18.51 134.53
C MET BF 5 15.53 17.01 134.73
N GLN BF 6 14.96 16.32 133.75
CA GLN BF 6 14.87 14.87 133.81
C GLN BF 6 15.26 14.33 132.45
N PRO BF 7 16.23 13.44 132.37
CA PRO BF 7 16.71 12.96 131.07
C PRO BF 7 15.62 12.25 130.30
N ILE BF 8 15.63 12.43 128.98
CA ILE BF 8 14.63 11.84 128.11
C ILE BF 8 15.22 10.82 127.15
N THR BF 9 16.47 10.98 126.73
CA THR BF 9 17.08 10.05 125.78
C THR BF 9 18.56 9.93 126.15
N SER BF 10 18.90 8.81 126.78
CA SER BF 10 20.27 8.57 127.21
C SER BF 10 21.01 7.73 126.16
N THR BF 11 22.19 8.21 125.76
CA THR BF 11 23.01 7.51 124.79
C THR BF 11 24.45 7.85 125.08
N ALA BF 12 25.36 7.00 124.58
CA ALA BF 12 26.79 7.25 124.77
C ALA BF 12 27.25 8.51 124.05
N ASN BF 13 26.47 9.03 123.11
CA ASN BF 13 26.85 10.20 122.33
C ASN BF 13 26.00 11.42 122.67
N LYS BF 14 24.68 11.25 122.83
CA LYS BF 14 23.78 12.36 123.08
C LYS BF 14 22.91 12.07 124.28
N ILE BF 15 22.74 13.08 125.13
CA ILE BF 15 21.80 13.05 126.24
C ILE BF 15 20.87 14.23 126.09
N VAL BF 16 19.58 13.99 126.21
CA VAL BF 16 18.57 15.03 126.04
C VAL BF 16 17.80 15.18 127.36
N TRP BF 17 17.73 16.40 127.86
CA TRP BF 17 17.00 16.73 129.07
C TRP BF 17 15.82 17.62 128.72
N SER BF 18 14.71 17.45 129.44
CA SER BF 18 13.56 18.31 129.27
C SER BF 18 12.87 18.52 130.61
N ASP BF 19 12.16 19.64 130.72
CA ASP BF 19 11.46 19.97 131.94
C ASP BF 19 10.20 19.14 132.08
N PRO BF 20 10.00 18.45 133.22
CA PRO BF 20 8.79 17.63 133.35
C PRO BF 20 7.50 18.42 133.23
N THR BF 21 7.46 19.66 133.73
CA THR BF 21 6.23 20.44 133.65
C THR BF 21 5.88 20.77 132.20
N ARG BF 22 6.87 21.24 131.44
CA ARG BF 22 6.68 21.50 130.01
C ARG BF 22 7.85 20.92 129.24
N LEU BF 23 7.56 20.05 128.28
CA LEU BF 23 8.61 19.39 127.52
C LEU BF 23 9.23 20.27 126.45
N SER BF 24 8.69 21.47 126.24
CA SER BF 24 9.30 22.38 125.28
C SER BF 24 10.71 22.76 125.70
N THR BF 25 10.91 23.02 127.00
CA THR BF 25 12.25 23.27 127.51
C THR BF 25 13.15 22.08 127.23
N THR BF 26 14.35 22.35 126.74
CA THR BF 26 15.24 21.28 126.32
C THR BF 26 16.68 21.72 126.49
N PHE BF 27 17.50 20.81 127.00
CA PHE BF 27 18.95 21.03 127.10
C PHE BF 27 19.63 19.71 126.77
N SER BF 28 20.21 19.61 125.59
CA SER BF 28 20.80 18.37 125.09
C SER BF 28 22.29 18.57 124.82
N ALA BF 29 23.08 17.58 125.22
CA ALA BF 29 24.53 17.62 125.04
C ALA BF 29 24.96 16.47 124.16
N SER BF 30 25.70 16.78 123.10
CA SER BF 30 26.20 15.78 122.18
C SER BF 30 27.71 15.86 122.12
N LEU BF 31 28.35 14.68 122.03
CA LEU BF 31 29.80 14.58 122.04
C LEU BF 31 30.30 13.89 120.78
N LEU BF 32 31.38 14.42 120.23
CA LEU BF 32 32.02 13.84 119.05
C LEU BF 32 33.52 13.77 119.31
N ARG BF 33 34.07 12.57 119.25
CA ARG BF 33 35.47 12.34 119.55
C ARG BF 33 36.19 11.78 118.33
N GLN BF 34 37.38 12.32 118.07
CA GLN BF 34 38.12 11.98 116.85
C GLN BF 34 39.61 11.88 117.18
N ARG BF 35 40.36 11.36 116.22
CA ARG BF 35 41.81 11.29 116.28
C ARG BF 35 42.38 12.48 115.52
N VAL BF 36 43.31 13.21 116.14
CA VAL BF 36 43.98 14.32 115.48
C VAL BF 36 45.49 14.08 115.53
N LYS BF 37 46.11 14.09 114.35
CA LYS BF 37 47.55 13.86 114.24
C LYS BF 37 48.22 15.21 114.10
N VAL BF 38 48.57 15.82 115.24
CA VAL BF 38 49.13 17.16 115.23
C VAL BF 38 50.52 17.15 114.64
N GLY BF 39 51.45 16.45 115.28
CA GLY BF 39 52.78 16.29 114.74
C GLY BF 39 53.59 15.30 115.56
N ILE BF 40 54.16 14.30 114.89
CA ILE BF 40 54.90 13.18 115.48
C ILE BF 40 54.26 12.75 116.81
N ALA BF 41 52.93 12.86 116.89
CA ALA BF 41 52.19 12.58 118.11
C ALA BF 41 50.71 12.57 117.77
N GLU BF 42 49.94 11.84 118.58
CA GLU BF 42 48.51 11.71 118.42
C GLU BF 42 47.82 12.25 119.66
N LEU BF 43 46.76 13.02 119.46
CA LEU BF 43 46.03 13.66 120.57
C LEU BF 43 44.56 13.29 120.50
N ASN BF 44 43.87 13.47 121.62
CA ASN BF 44 42.48 13.08 121.76
C ASN BF 44 41.61 14.32 121.65
N ASN BF 45 40.85 14.43 120.57
CA ASN BF 45 40.03 15.60 120.30
C ASN BF 45 38.56 15.26 120.54
N VAL BF 46 37.86 16.15 121.26
CA VAL BF 46 36.43 16.01 121.49
C VAL BF 46 35.75 17.30 121.07
N SER BF 47 34.49 17.21 120.68
CA SER BF 47 33.68 18.36 120.29
C SER BF 47 32.34 18.28 121.00
N GLY BF 48 32.24 18.95 122.14
CA GLY BF 48 31.03 18.95 122.94
C GLY BF 48 30.08 20.04 122.48
N GLN BF 49 28.93 19.64 121.98
CA GLN BF 49 27.90 20.56 121.51
C GLN BF 49 26.77 20.57 122.52
N TYR BF 50 26.58 21.70 123.19
CA TYR BF 50 25.53 21.87 124.18
C TYR BF 50 24.55 22.91 123.66
N VAL BF 51 23.29 22.52 123.52
CA VAL BF 51 22.24 23.41 123.04
C VAL BF 51 21.13 23.46 124.07
N SER BF 52 20.72 24.66 124.44
CA SER BF 52 19.60 24.88 125.34
C SER BF 52 18.50 25.61 124.58
N VAL BF 53 17.29 25.06 124.61
CA VAL BF 53 16.18 25.59 123.85
C VAL BF 53 15.04 25.90 124.82
N TYR BF 54 14.50 27.11 124.71
CA TYR BF 54 13.34 27.52 125.48
C TYR BF 54 12.38 28.27 124.56
N LYS BF 55 11.11 28.25 124.93
CA LYS BF 55 10.07 28.88 124.12
C LYS BF 55 9.32 29.87 124.99
N ARG BF 56 9.17 31.10 124.50
CA ARG BF 56 8.45 32.15 125.20
C ARG BF 56 7.53 32.86 124.21
N PRO BF 57 6.25 32.91 124.48
CA PRO BF 57 5.27 33.22 123.44
C PRO BF 57 5.02 34.70 123.22
N ALA BF 58 5.87 35.37 122.44
CA ALA BF 58 5.55 36.66 121.81
C ALA BF 58 4.92 37.64 122.79
N PRO BF 59 5.71 38.24 123.68
CA PRO BF 59 5.13 39.04 124.78
C PRO BF 59 4.12 40.08 124.32
N LYS BF 60 2.95 40.05 124.92
CA LYS BF 60 1.79 40.89 124.66
C LYS BF 60 2.05 42.32 125.13
N PRO BF 61 1.36 43.29 124.53
CA PRO BF 61 1.48 44.67 125.00
C PRO BF 61 1.13 44.80 126.47
N GLU BF 62 1.81 45.71 127.17
CA GLU BF 62 1.48 45.95 128.57
C GLU BF 62 0.03 46.39 128.68
N GLY BF 63 -0.59 46.06 129.81
CA GLY BF 63 -2.03 46.21 129.89
C GLY BF 63 -2.71 44.90 129.55
N CYS BF 64 -3.12 44.74 128.29
CA CYS BF 64 -3.81 43.54 127.84
C CYS BF 64 -2.81 42.39 127.84
N ALA BF 65 -2.58 41.81 129.02
CA ALA BF 65 -1.77 40.60 129.15
C ALA BF 65 -2.53 39.58 129.99
N ASP BF 66 -3.82 39.44 129.71
CA ASP BF 66 -4.69 38.58 130.51
C ASP BF 66 -5.52 37.59 129.69
N ALA BF 67 -5.86 37.92 128.45
CA ALA BF 67 -6.71 37.04 127.65
C ALA BF 67 -6.02 35.71 127.42
N CYS BF 68 -6.75 34.62 127.69
CA CYS BF 68 -6.21 33.27 127.52
C CYS BF 68 -6.32 32.89 126.05
N VAL BF 69 -5.64 33.65 125.20
CA VAL BF 69 -5.52 33.33 123.79
C VAL BF 69 -4.04 33.07 123.49
N ILE BF 70 -3.68 31.80 123.37
CA ILE BF 70 -2.28 31.45 123.24
C ILE BF 70 -1.78 31.86 121.86
N MET BF 71 -0.87 32.82 121.83
CA MET BF 71 -0.24 33.31 120.63
C MET BF 71 0.88 32.35 120.23
N PRO BF 72 1.29 32.35 118.96
CA PRO BF 72 2.41 31.48 118.57
C PRO BF 72 3.67 31.82 119.34
N ASN BF 73 4.41 30.78 119.69
CA ASN BF 73 5.60 30.94 120.52
C ASN BF 73 6.86 30.90 119.65
N GLU BF 74 7.88 31.60 120.11
CA GLU BF 74 9.12 31.76 119.37
C GLU BF 74 10.27 31.05 120.08
N ASN BF 75 11.28 30.68 119.31
CA ASN BF 75 12.37 29.87 119.81
C ASN BF 75 13.48 30.72 120.40
N GLN BF 76 14.02 30.27 121.52
CA GLN BF 76 15.19 30.89 122.14
C GLN BF 76 16.24 29.82 122.33
N SER BF 77 17.22 29.77 121.44
CA SER BF 77 18.21 28.71 121.40
C SER BF 77 19.58 29.28 121.75
N ILE BF 78 20.36 28.51 122.50
CA ILE BF 78 21.71 28.85 122.87
C ILE BF 78 22.59 27.64 122.60
N ARG BF 79 23.40 27.71 121.56
CA ARG BF 79 24.24 26.60 121.12
C ARG BF 79 25.69 26.91 121.46
N THR BF 80 26.34 26.00 122.15
CA THR BF 80 27.73 26.15 122.54
C THR BF 80 28.51 24.93 122.09
N VAL BF 81 29.65 25.15 121.45
CA VAL BF 81 30.50 24.08 120.96
C VAL BF 81 31.89 24.26 121.57
N ILE BF 82 32.41 23.21 122.19
CA ILE BF 82 33.73 23.22 122.80
C ILE BF 82 34.59 22.20 122.07
N SER BF 83 35.72 22.65 121.55
CA SER BF 83 36.63 21.77 120.83
C SER BF 83 38.04 21.94 121.38
N GLY BF 84 38.77 20.84 121.47
CA GLY BF 84 40.13 20.88 121.95
C GLY BF 84 40.62 19.50 122.30
N SER BF 85 41.92 19.43 122.59
CA SER BF 85 42.54 18.17 122.97
C SER BF 85 42.17 17.81 124.41
N ALA BF 86 41.98 16.51 124.63
CA ALA BF 86 41.67 16.03 125.97
C ALA BF 86 42.83 16.26 126.93
N GLU BF 87 44.06 16.23 126.42
CA GLU BF 87 45.23 16.42 127.27
C GLU BF 87 45.34 17.85 127.77
N ASN BF 88 44.83 18.82 127.02
CA ASN BF 88 44.82 20.21 127.45
C ASN BF 88 43.50 20.60 128.10
N LEU BF 89 42.79 19.64 128.68
CA LEU BF 89 41.51 19.94 129.31
C LEU BF 89 41.67 20.90 130.48
N ALA BF 90 42.79 20.80 131.21
CA ALA BF 90 42.99 21.67 132.37
C ALA BF 90 43.01 23.12 131.95
N THR BF 91 43.75 23.44 130.89
CA THR BF 91 43.79 24.82 130.41
C THR BF 91 42.56 25.18 129.58
N LEU BF 92 41.91 24.18 128.98
CA LEU BF 92 40.69 24.46 128.23
C LEU BF 92 39.60 25.01 129.14
N LYS BF 93 39.51 24.50 130.38
CA LYS BF 93 38.54 25.03 131.32
C LYS BF 93 38.78 26.52 131.58
N ALA BF 94 40.05 26.92 131.65
CA ALA BF 94 40.36 28.33 131.82
C ALA BF 94 39.85 29.15 130.65
N GLU BF 95 39.99 28.62 129.43
CA GLU BF 95 39.44 29.31 128.27
C GLU BF 95 37.93 29.44 128.37
N TRP BF 96 37.27 28.41 128.91
CA TRP BF 96 35.83 28.48 129.12
C TRP BF 96 35.47 29.63 130.05
N GLU BF 97 36.23 29.80 131.13
CA GLU BF 97 35.96 30.90 132.04
C GLU BF 97 36.16 32.24 131.36
N THR BF 98 37.23 32.38 130.58
CA THR BF 98 37.45 33.60 129.83
C THR BF 98 36.33 33.84 128.83
N HIS BF 99 35.90 32.77 128.14
CA HIS BF 99 34.83 32.90 127.17
C HIS BF 99 33.55 33.42 127.82
N LYS BF 100 33.32 33.04 129.08
CA LYS BF 100 32.18 33.57 129.82
C LYS BF 100 32.25 35.08 129.92
N ARG BF 101 33.40 35.60 130.39
CA ARG BF 101 33.52 37.03 130.62
C ARG BF 101 33.36 37.81 129.33
N ASN BF 102 33.98 37.34 128.25
CA ASN BF 102 33.95 38.07 126.99
C ASN BF 102 32.52 38.23 126.48
N VAL BF 103 31.74 37.15 126.54
CA VAL BF 103 30.35 37.25 126.13
C VAL BF 103 29.56 38.09 127.13
N ASP BF 104 29.87 37.94 128.42
CA ASP BF 104 29.13 38.69 129.43
C ASP BF 104 29.29 40.19 129.25
N THR BF 105 30.51 40.64 128.97
CA THR BF 105 30.72 42.07 128.75
C THR BF 105 29.96 42.55 127.53
N LEU BF 106 30.00 41.78 126.44
CA LEU BF 106 29.31 42.19 125.22
C LEU BF 106 27.80 42.04 125.37
N PHE BF 107 27.34 40.91 125.90
CA PHE BF 107 25.94 40.55 125.87
C PHE BF 107 25.23 40.73 127.20
N ALA BF 108 25.74 40.12 128.27
CA ALA BF 108 25.08 40.22 129.55
C ALA BF 108 25.06 41.65 130.07
N SER BF 109 26.18 42.36 129.92
CA SER BF 109 26.28 43.73 130.39
C SER BF 109 26.10 44.76 129.29
N GLY BF 110 26.42 44.43 128.04
CA GLY BF 110 26.34 45.35 126.95
C GLY BF 110 25.03 45.24 126.18
N ASN BF 111 25.02 45.86 125.01
CA ASN BF 111 23.86 45.89 124.14
C ASN BF 111 23.99 44.97 122.94
N ALA BF 112 24.82 43.94 123.03
CA ALA BF 112 24.99 43.02 121.91
C ALA BF 112 23.69 42.30 121.57
N GLY BF 113 22.90 41.97 122.59
CA GLY BF 113 21.65 41.28 122.33
C GLY BF 113 20.70 42.10 121.47
N LEU BF 114 20.67 43.41 121.69
CA LEU BF 114 19.80 44.27 120.88
C LEU BF 114 20.21 44.26 119.43
N GLY BF 115 21.51 44.26 119.15
CA GLY BF 115 22.01 44.34 117.79
C GLY BF 115 23.14 45.33 117.66
N PHE BF 116 23.59 45.87 118.79
CA PHE BF 116 24.64 46.86 118.83
C PHE BF 116 25.97 46.21 119.19
N LEU BF 117 27.05 46.89 118.79
CA LEU BF 117 28.40 46.44 119.11
C LEU BF 117 29.17 47.58 119.75
N ASP BF 118 30.06 47.24 120.67
CA ASP BF 118 30.89 48.21 121.37
C ASP BF 118 32.35 47.89 121.08
N PRO BF 119 32.98 48.57 120.11
CA PRO BF 119 34.41 48.35 119.87
C PRO BF 119 35.27 48.73 121.06
N THR BF 120 34.77 49.56 121.97
CA THR BF 120 35.51 49.95 123.16
C THR BF 120 35.30 49.00 124.33
N ALA BF 121 34.56 47.91 124.14
CA ALA BF 121 34.33 46.97 125.22
C ALA BF 121 35.63 46.29 125.64
N ALA BF 122 35.75 46.03 126.94
CA ALA BF 122 36.95 45.42 127.47
C ALA BF 122 36.91 43.92 127.26
N ILE BF 123 37.86 43.41 126.49
CA ILE BF 123 37.99 41.98 126.21
C ILE BF 123 39.32 41.50 126.76
N VAL BF 124 39.28 40.53 127.65
CA VAL BF 124 40.45 40.07 128.39
C VAL BF 124 40.74 38.63 128.01
N SER BF 125 42.02 38.31 127.81
CA SER BF 125 42.43 37.01 127.34
C SER BF 125 42.59 36.03 128.50
N SER BF 126 42.84 34.77 128.14
CA SER BF 126 43.08 33.76 129.17
C SER BF 126 44.44 33.97 129.82
N ASP BF 127 45.44 34.37 129.06
CA ASP BF 127 46.77 34.58 129.61
C ASP BF 127 46.77 35.71 130.62
N THR BF 128 47.57 35.58 131.66
CA THR BF 128 47.65 36.55 132.74
C THR BF 128 49.00 37.23 132.75
N THR BF 129 49.11 38.26 133.60
CA THR BF 129 50.35 39.02 133.73
C THR BF 129 51.19 38.49 134.89
N ALA CF 1 46.02 -1.45 142.33
CA ALA CF 1 46.48 -0.08 142.14
C ALA CF 1 46.37 0.32 140.68
N ASN CF 2 45.78 -0.55 139.87
CA ASN CF 2 45.62 -0.28 138.46
C ASN CF 2 44.59 0.81 138.22
N LYS CF 3 44.78 1.57 137.15
CA LYS CF 3 43.82 2.59 136.78
C LYS CF 3 42.50 1.94 136.36
N PRO CF 4 41.38 2.30 136.97
CA PRO CF 4 40.09 1.71 136.58
C PRO CF 4 39.48 2.47 135.40
N MET CF 5 39.14 1.76 134.34
CA MET CF 5 38.51 2.41 133.21
C MET CF 5 37.05 2.72 133.52
N GLN CF 6 36.46 3.54 132.65
CA GLN CF 6 35.03 3.80 132.64
C GLN CF 6 34.50 3.57 131.25
N PRO CF 7 33.24 3.15 131.12
CA PRO CF 7 32.67 2.94 129.79
C PRO CF 7 32.61 4.23 128.99
N ILE CF 8 32.84 4.12 127.70
CA ILE CF 8 32.78 5.24 126.77
C ILE CF 8 31.59 5.11 125.82
N THR CF 9 31.52 4.01 125.09
CA THR CF 9 30.46 3.78 124.13
C THR CF 9 29.68 2.53 124.54
N SER CF 10 28.36 2.67 124.65
CA SER CF 10 27.49 1.57 125.01
C SER CF 10 26.56 1.26 123.84
N THR CF 11 26.46 -0.02 123.51
CA THR CF 11 25.62 -0.47 122.41
C THR CF 11 24.85 -1.68 122.90
N ALA CF 12 23.86 -2.12 122.12
CA ALA CF 12 23.10 -3.30 122.48
C ALA CF 12 23.99 -4.52 122.64
N ASN CF 13 25.14 -4.54 121.97
CA ASN CF 13 26.05 -5.67 122.03
C ASN CF 13 27.49 -5.30 122.37
N LYS CF 14 27.94 -4.09 122.08
CA LYS CF 14 29.33 -3.70 122.26
C LYS CF 14 29.44 -2.61 123.31
N ILE CF 15 30.35 -2.81 124.26
CA ILE CF 15 30.67 -1.81 125.28
C ILE CF 15 32.18 -1.69 125.35
N VAL CF 16 32.68 -0.45 125.33
CA VAL CF 16 34.11 -0.18 125.32
C VAL CF 16 34.45 0.68 126.53
N TRP CF 17 35.49 0.31 127.25
CA TRP CF 17 36.01 1.10 128.34
C TRP CF 17 37.21 1.91 127.86
N SER CF 18 37.58 2.93 128.63
CA SER CF 18 38.74 3.75 128.29
C SER CF 18 39.18 4.49 129.53
N ASP CF 19 40.49 4.60 129.69
CA ASP CF 19 41.05 5.21 130.89
C ASP CF 19 40.96 6.73 130.79
N PRO CF 20 40.40 7.42 131.78
CA PRO CF 20 40.31 8.88 131.69
C PRO CF 20 41.66 9.56 131.57
N THR CF 21 42.68 9.08 132.26
CA THR CF 21 43.99 9.73 132.20
C THR CF 21 44.66 9.52 130.86
N ARG CF 22 44.44 8.37 130.24
CA ARG CF 22 45.02 8.06 128.93
C ARG CF 22 43.91 7.41 128.10
N LEU CF 23 43.28 8.23 127.25
CA LEU CF 23 42.19 7.72 126.42
C LEU CF 23 42.68 6.75 125.35
N SER CF 24 43.99 6.66 125.16
CA SER CF 24 44.53 5.76 124.15
C SER CF 24 44.21 4.31 124.46
N THR CF 25 44.47 3.87 125.69
CA THR CF 25 44.22 2.49 126.06
C THR CF 25 42.72 2.24 126.20
N THR CF 26 42.26 1.14 125.61
CA THR CF 26 40.84 0.78 125.66
C THR CF 26 40.71 -0.71 125.91
N PHE CF 27 39.47 -1.11 126.21
CA PHE CF 27 39.13 -2.51 126.36
C PHE CF 27 37.64 -2.65 126.07
N SER CF 28 37.29 -3.42 125.05
CA SER CF 28 35.92 -3.53 124.61
C SER CF 28 35.49 -4.98 124.52
N ALA CF 29 34.21 -5.21 124.77
CA ALA CF 29 33.61 -6.54 124.66
C ALA CF 29 32.38 -6.45 123.79
N SER CF 30 32.31 -7.30 122.77
CA SER CF 30 31.15 -7.35 121.88
C SER CF 30 30.66 -8.79 121.81
N LEU CF 31 29.35 -8.97 121.87
CA LEU CF 31 28.74 -10.29 121.94
C LEU CF 31 27.78 -10.48 120.79
N LEU CF 32 27.75 -11.69 120.25
CA LEU CF 32 26.82 -12.06 119.18
C LEU CF 32 26.06 -13.30 119.61
N ARG CF 33 24.76 -13.15 119.85
CA ARG CF 33 23.90 -14.25 120.23
C ARG CF 33 23.28 -14.88 118.98
N GLN CF 34 23.29 -16.20 118.93
CA GLN CF 34 22.89 -16.89 117.71
C GLN CF 34 22.06 -18.11 118.06
N ARG CF 35 21.14 -18.43 117.16
CA ARG CF 35 20.26 -19.58 117.28
C ARG CF 35 20.89 -20.73 116.51
N VAL CF 36 21.18 -21.84 117.20
CA VAL CF 36 21.88 -22.97 116.59
C VAL CF 36 21.03 -24.22 116.74
N LYS CF 37 20.91 -24.97 115.65
CA LYS CF 37 20.13 -26.20 115.57
C LYS CF 37 21.11 -27.35 115.32
N VAL CF 38 21.65 -27.90 116.42
CA VAL CF 38 22.65 -28.96 116.28
C VAL CF 38 21.99 -30.29 115.96
N GLY CF 39 20.96 -30.66 116.73
CA GLY CF 39 20.21 -31.87 116.46
C GLY CF 39 19.19 -32.15 117.54
N ILE CF 40 17.96 -32.44 117.14
CA ILE CF 40 16.80 -32.71 117.99
C ILE CF 40 16.81 -31.86 119.26
N ALA CF 41 17.36 -30.66 119.17
CA ALA CF 41 17.48 -29.74 120.29
C ALA CF 41 17.92 -28.38 119.75
N GLU CF 42 17.33 -27.32 120.32
CA GLU CF 42 17.70 -25.96 119.94
C GLU CF 42 18.53 -25.35 121.07
N LEU CF 43 19.67 -24.77 120.70
CA LEU CF 43 20.67 -24.34 121.67
C LEU CF 43 20.98 -22.86 121.47
N ASN CF 44 21.49 -22.22 122.51
CA ASN CF 44 21.85 -20.80 122.47
C ASN CF 44 23.36 -20.68 122.34
N ASN CF 45 23.81 -20.06 121.26
CA ASN CF 45 25.23 -19.88 121.00
C ASN CF 45 25.61 -18.42 121.19
N VAL CF 46 26.71 -18.20 121.91
CA VAL CF 46 27.21 -16.87 122.20
C VAL CF 46 28.68 -16.81 121.81
N SER CF 47 29.06 -15.76 121.08
CA SER CF 47 30.43 -15.55 120.67
C SER CF 47 30.93 -14.26 121.31
N GLY CF 48 31.63 -14.38 122.43
CA GLY CF 48 32.11 -13.23 123.16
C GLY CF 48 33.48 -12.81 122.65
N GLN CF 49 33.53 -11.62 122.05
CA GLN CF 49 34.74 -11.09 121.46
C GLN CF 49 35.31 -10.00 122.37
N TYR CF 50 36.55 -10.17 122.79
CA TYR CF 50 37.20 -9.27 123.74
C TYR CF 50 38.51 -8.81 123.14
N VAL CF 51 38.68 -7.50 122.99
CA VAL CF 51 39.91 -6.93 122.45
C VAL CF 51 40.39 -5.84 123.41
N SER CF 52 41.69 -5.86 123.70
CA SER CF 52 42.33 -4.85 124.54
C SER CF 52 43.53 -4.30 123.79
N VAL CF 53 43.58 -2.97 123.64
CA VAL CF 53 44.66 -2.32 122.92
C VAL CF 53 45.33 -1.30 123.83
N TYR CF 54 46.58 -0.99 123.53
CA TYR CF 54 47.34 -0.01 124.31
C TYR CF 54 48.50 0.47 123.46
N LYS CF 55 48.47 1.73 123.04
CA LYS CF 55 49.62 2.30 122.35
C LYS CF 55 50.81 2.34 123.29
N ARG CF 56 51.94 1.84 122.82
CA ARG CF 56 53.14 1.77 123.63
C ARG CF 56 54.27 2.49 122.91
N PRO CF 57 54.92 3.47 123.55
CA PRO CF 57 56.05 4.13 122.91
C PRO CF 57 57.16 3.13 122.60
N ALA CF 58 57.89 3.37 121.53
CA ALA CF 58 58.94 2.47 121.17
C ALA CF 58 59.97 2.44 122.24
N PRO CF 59 60.74 1.38 122.27
CA PRO CF 59 61.75 1.26 123.31
C PRO CF 59 62.71 2.40 123.23
N LYS CF 60 62.89 3.11 124.32
CA LYS CF 60 63.82 4.20 124.32
C LYS CF 60 65.19 3.70 124.02
N PRO CF 61 66.04 4.55 123.47
CA PRO CF 61 67.41 4.12 123.26
C PRO CF 61 67.96 3.72 124.58
N GLU CF 62 68.92 2.83 124.57
CA GLU CF 62 69.49 2.34 125.81
C GLU CF 62 69.98 3.46 126.69
N GLY CF 63 70.34 3.12 127.92
CA GLY CF 63 70.86 4.11 128.83
C GLY CF 63 70.58 5.55 128.47
N CYS CF 64 69.32 5.95 128.56
CA CYS CF 64 68.97 7.30 128.19
C CYS CF 64 67.87 7.83 129.04
N ALA CF 65 68.18 8.01 130.31
CA ALA CF 65 67.17 8.46 131.23
C ALA CF 65 67.00 9.93 131.08
N ASP CF 66 66.65 10.34 129.88
CA ASP CF 66 66.42 11.75 129.63
C ASP CF 66 64.93 11.80 129.77
N ALA CF 67 64.24 12.40 128.82
CA ALA CF 67 62.80 12.37 128.85
C ALA CF 67 62.36 13.18 127.69
N CYS CF 68 63.05 14.27 127.45
CA CYS CF 68 62.72 15.03 126.28
C CYS CF 68 62.65 14.05 125.14
N VAL CF 69 63.60 13.13 125.10
CA VAL CF 69 63.57 12.12 124.08
C VAL CF 69 62.22 11.46 124.10
N ILE CF 70 61.51 11.52 122.99
CA ILE CF 70 60.21 10.91 122.93
C ILE CF 70 60.12 10.04 121.71
N MET CF 71 59.86 8.77 121.92
CA MET CF 71 59.80 7.84 120.83
C MET CF 71 58.38 7.74 120.37
N PRO CF 72 58.19 7.28 119.14
CA PRO CF 72 56.84 7.07 118.66
C PRO CF 72 56.19 5.92 119.38
N ASN CF 73 54.96 5.60 119.05
CA ASN CF 73 54.25 4.56 119.76
C ASN CF 73 53.81 3.46 118.82
N GLU CF 74 53.91 2.21 119.27
CA GLU CF 74 53.47 1.09 118.45
C GLU CF 74 52.05 0.68 118.84
N ASN CF 75 51.66 -0.51 118.38
CA ASN CF 75 50.35 -1.07 118.70
C ASN CF 75 50.55 -2.36 119.49
N GLN CF 76 49.94 -2.42 120.68
CA GLN CF 76 49.92 -3.63 121.50
C GLN CF 76 48.47 -4.03 121.73
N SER CF 77 48.05 -5.14 121.13
CA SER CF 77 46.66 -5.55 121.19
C SER CF 77 46.54 -7.03 121.52
N ILE CF 78 45.44 -7.39 122.18
CA ILE CF 78 45.11 -8.78 122.45
C ILE CF 78 43.65 -9.00 122.09
N ARG CF 79 43.39 -9.94 121.20
CA ARG CF 79 42.03 -10.29 120.81
C ARG CF 79 41.70 -11.68 121.33
N THR CF 80 40.50 -11.83 121.88
CA THR CF 80 40.04 -13.10 122.42
C THR CF 80 38.58 -13.30 122.08
N VAL CF 81 38.24 -14.50 121.60
CA VAL CF 81 36.86 -14.82 121.25
C VAL CF 81 36.47 -16.11 121.98
N ILE CF 82 35.33 -16.08 122.64
CA ILE CF 82 34.80 -17.24 123.35
C ILE CF 82 33.56 -17.68 122.58
N SER CF 83 33.64 -18.83 121.93
CA SER CF 83 32.52 -19.36 121.15
C SER CF 83 32.06 -20.66 121.80
N GLY CF 84 30.78 -20.73 122.13
CA GLY CF 84 30.22 -21.94 122.73
C GLY CF 84 28.77 -21.72 123.07
N SER CF 85 28.11 -22.81 123.42
CA SER CF 85 26.70 -22.78 123.79
C SER CF 85 26.57 -22.25 125.22
N ALA CF 86 25.54 -21.44 125.45
CA ALA CF 86 25.39 -20.76 126.73
C ALA CF 86 25.18 -21.75 127.87
N GLU CF 87 24.38 -22.78 127.64
CA GLU CF 87 24.07 -23.73 128.70
C GLU CF 87 25.25 -24.62 129.06
N ASN CF 88 26.21 -24.77 128.15
CA ASN CF 88 27.45 -25.49 128.45
C ASN CF 88 28.50 -24.57 129.05
N LEU CF 89 28.08 -23.45 129.64
CA LEU CF 89 29.04 -22.49 130.15
C LEU CF 89 29.84 -23.04 131.32
N ALA CF 90 29.21 -23.90 132.13
CA ALA CF 90 29.88 -24.40 133.32
C ALA CF 90 31.17 -25.13 132.97
N THR CF 91 31.13 -25.99 131.96
CA THR CF 91 32.35 -26.62 131.48
C THR CF 91 33.19 -25.68 130.64
N LEU CF 92 32.55 -24.69 130.01
CA LEU CF 92 33.30 -23.75 129.16
C LEU CF 92 34.27 -22.92 129.99
N LYS CF 93 33.94 -22.65 131.25
CA LYS CF 93 34.86 -21.94 132.13
C LYS CF 93 36.14 -22.75 132.32
N ALA CF 94 36.03 -24.07 132.47
CA ALA CF 94 37.21 -24.91 132.55
C ALA CF 94 38.03 -24.81 131.28
N GLU CF 95 37.36 -24.73 130.13
CA GLU CF 95 38.06 -24.55 128.87
C GLU CF 95 38.83 -23.24 128.86
N TRP CF 96 38.19 -22.16 129.30
CA TRP CF 96 38.87 -20.87 129.37
C TRP CF 96 40.00 -20.91 130.38
N GLU CF 97 39.78 -21.57 131.52
CA GLU CF 97 40.84 -21.70 132.52
C GLU CF 97 42.03 -22.45 131.97
N THR CF 98 41.79 -23.55 131.26
CA THR CF 98 42.89 -24.31 130.69
C THR CF 98 43.58 -23.52 129.59
N HIS CF 99 42.81 -22.76 128.81
CA HIS CF 99 43.40 -21.94 127.75
C HIS CF 99 44.46 -21.00 128.32
N LYS CF 100 44.24 -20.49 129.53
CA LYS CF 100 45.23 -19.65 130.18
C LYS CF 100 46.54 -20.41 130.36
N ARG CF 101 46.45 -21.62 130.92
CA ARG CF 101 47.65 -22.38 131.26
C ARG CF 101 48.48 -22.69 130.03
N ASN CF 102 47.83 -23.14 128.96
CA ASN CF 102 48.56 -23.51 127.75
C ASN CF 102 49.26 -22.31 127.15
N VAL CF 103 48.57 -21.17 127.07
CA VAL CF 103 49.21 -19.97 126.53
C VAL CF 103 50.31 -19.49 127.47
N ASP CF 104 50.06 -19.53 128.78
CA ASP CF 104 51.03 -19.03 129.73
C ASP CF 104 52.33 -19.80 129.65
N THR CF 105 52.25 -21.13 129.59
CA THR CF 105 53.47 -21.92 129.54
C THR CF 105 54.14 -21.83 128.18
N LEU CF 106 53.44 -21.31 127.17
CA LEU CF 106 53.99 -21.23 125.83
C LEU CF 106 54.47 -19.83 125.49
N PHE CF 107 53.78 -18.81 125.98
CA PHE CF 107 54.12 -17.42 125.67
C PHE CF 107 54.57 -16.65 126.90
N ALA CF 108 53.80 -16.69 127.99
CA ALA CF 108 54.19 -15.96 129.19
C ALA CF 108 55.47 -16.53 129.79
N SER CF 109 55.62 -17.85 129.77
CA SER CF 109 56.80 -18.50 130.31
C SER CF 109 57.74 -19.01 129.24
N GLY CF 110 57.30 -19.06 127.99
CA GLY CF 110 58.11 -19.56 126.90
C GLY CF 110 58.77 -18.46 126.11
N ASN CF 111 59.04 -18.75 124.83
CA ASN CF 111 59.67 -17.79 123.93
C ASN CF 111 58.81 -17.47 122.72
N ALA CF 112 57.52 -17.82 122.77
CA ALA CF 112 56.65 -17.53 121.64
C ALA CF 112 56.55 -16.04 121.37
N GLY CF 113 56.70 -15.22 122.40
CA GLY CF 113 56.68 -13.78 122.19
C GLY CF 113 57.82 -13.30 121.30
N LEU CF 114 58.98 -13.95 121.41
CA LEU CF 114 60.11 -13.60 120.56
C LEU CF 114 60.04 -14.24 119.18
N GLY CF 115 59.05 -15.11 118.94
CA GLY CF 115 58.94 -15.80 117.68
C GLY CF 115 59.49 -17.20 117.66
N PHE CF 116 59.84 -17.76 118.81
CA PHE CF 116 60.41 -19.10 118.88
C PHE CF 116 59.31 -20.10 119.20
N LEU CF 117 59.28 -21.19 118.46
CA LEU CF 117 58.35 -22.28 118.73
C LEU CF 117 59.07 -23.39 119.48
N ASP CF 118 58.40 -23.96 120.49
CA ASP CF 118 58.97 -24.99 121.35
C ASP CF 118 58.09 -26.23 121.27
N PRO CF 119 58.40 -27.18 120.39
CA PRO CF 119 57.56 -28.38 120.28
C PRO CF 119 57.55 -29.23 121.53
N THR CF 120 58.53 -29.06 122.42
CA THR CF 120 58.62 -29.87 123.63
C THR CF 120 57.90 -29.24 124.82
N ALA CF 121 57.16 -28.17 124.60
CA ALA CF 121 56.43 -27.54 125.70
C ALA CF 121 55.35 -28.47 126.24
N ALA CF 122 55.11 -28.37 127.55
CA ALA CF 122 54.14 -29.22 128.23
C ALA CF 122 52.76 -28.56 128.12
N ILE CF 123 51.95 -29.05 127.19
CA ILE CF 123 50.60 -28.54 126.97
C ILE CF 123 49.63 -29.47 127.66
N VAL CF 124 48.82 -28.92 128.57
CA VAL CF 124 47.98 -29.70 129.47
C VAL CF 124 46.53 -29.50 129.06
N SER CF 125 45.80 -30.61 128.92
CA SER CF 125 44.42 -30.55 128.49
C SER CF 125 43.50 -30.17 129.65
N SER CF 126 42.27 -29.77 129.29
CA SER CF 126 41.29 -29.43 130.32
C SER CF 126 40.81 -30.66 131.06
N ASP CF 127 40.52 -31.74 130.33
CA ASP CF 127 40.04 -32.96 130.96
C ASP CF 127 41.08 -33.50 131.93
N THR CF 128 40.65 -33.78 133.15
CA THR CF 128 41.55 -34.23 134.21
C THR CF 128 41.51 -35.75 134.30
N THR CF 129 42.57 -36.33 134.86
CA THR CF 129 42.67 -37.77 135.02
C THR CF 129 41.61 -38.30 135.97
N ALA DF 1 10.83 -14.31 146.53
CA ALA DF 1 11.80 -13.61 145.70
C ALA DF 1 11.77 -14.14 144.28
N ASN DF 2 11.82 -13.24 143.31
CA ASN DF 2 11.78 -13.59 141.91
C ASN DF 2 13.14 -13.29 141.27
N LYS DF 3 13.51 -14.11 140.29
CA LYS DF 3 14.79 -13.92 139.64
C LYS DF 3 14.78 -12.65 138.81
N PRO DF 4 15.66 -11.69 139.08
CA PRO DF 4 15.72 -10.49 138.24
C PRO DF 4 16.30 -10.79 136.88
N MET DF 5 15.91 -10.00 135.89
CA MET DF 5 16.50 -10.08 134.57
C MET DF 5 17.61 -9.05 134.43
N GLN DF 6 18.25 -9.04 133.28
CA GLN DF 6 19.23 -8.04 132.90
C GLN DF 6 18.95 -7.56 131.49
N PRO DF 7 19.27 -6.30 131.18
CA PRO DF 7 19.03 -5.80 129.82
C PRO DF 7 19.85 -6.57 128.81
N ILE DF 8 19.25 -6.76 127.62
CA ILE DF 8 19.88 -7.54 126.57
C ILE DF 8 20.10 -6.67 125.34
N THR DF 9 19.22 -5.70 125.14
CA THR DF 9 19.28 -4.81 123.99
C THR DF 9 18.96 -3.40 124.48
N SER DF 10 20.01 -2.68 124.86
CA SER DF 10 19.84 -1.32 125.33
C SER DF 10 19.82 -0.36 124.15
N THR DF 11 18.76 0.43 124.04
CA THR DF 11 18.61 1.36 122.94
C THR DF 11 17.82 2.56 123.45
N ALA DF 12 17.92 3.67 122.71
CA ALA DF 12 17.19 4.87 123.09
C ALA DF 12 15.68 4.69 123.01
N ASN DF 13 15.22 3.63 122.36
CA ASN DF 13 13.79 3.42 122.18
C ASN DF 13 13.31 2.04 122.59
N LYS DF 14 14.20 1.13 122.97
CA LYS DF 14 13.78 -0.21 123.33
C LYS DF 14 14.80 -0.85 124.26
N ILE DF 15 14.31 -1.43 125.34
CA ILE DF 15 15.13 -2.19 126.28
C ILE DF 15 14.51 -3.57 126.44
N VAL DF 16 15.34 -4.61 126.38
CA VAL DF 16 14.87 -5.99 126.47
C VAL DF 16 15.60 -6.67 127.62
N TRP DF 17 14.83 -7.27 128.54
CA TRP DF 17 15.37 -8.02 129.65
C TRP DF 17 15.18 -9.51 129.41
N SER DF 18 16.13 -10.32 129.90
CA SER DF 18 16.02 -11.77 129.79
C SER DF 18 16.63 -12.42 131.01
N ASP DF 19 16.02 -13.50 131.46
CA ASP DF 19 16.48 -14.16 132.68
C ASP DF 19 17.76 -14.93 132.40
N PRO DF 20 18.77 -14.82 133.28
CA PRO DF 20 20.00 -15.60 133.07
C PRO DF 20 19.77 -17.10 133.02
N THR DF 21 18.88 -17.63 133.87
CA THR DF 21 18.66 -19.08 133.88
C THR DF 21 17.88 -19.52 132.66
N ARG DF 22 16.84 -18.77 132.29
CA ARG DF 22 16.01 -19.08 131.13
C ARG DF 22 16.09 -17.93 130.16
N LEU DF 23 16.82 -18.12 129.06
CA LEU DF 23 16.89 -17.09 128.03
C LEU DF 23 15.57 -16.93 127.29
N SER DF 24 14.64 -17.86 127.48
CA SER DF 24 13.35 -17.78 126.79
C SER DF 24 12.52 -16.62 127.33
N THR DF 25 12.45 -16.48 128.65
CA THR DF 25 11.62 -15.45 129.25
C THR DF 25 12.18 -14.07 128.92
N THR DF 26 11.30 -13.17 128.48
CA THR DF 26 11.72 -11.84 128.08
C THR DF 26 10.70 -10.82 128.54
N PHE DF 27 11.16 -9.58 128.68
CA PHE DF 27 10.28 -8.44 128.92
C PHE DF 27 10.88 -7.25 128.19
N SER DF 28 10.18 -6.74 127.19
CA SER DF 28 10.67 -5.66 126.35
C SER DF 28 9.75 -4.46 126.45
N ALA DF 29 10.34 -3.28 126.57
CA ALA DF 29 9.61 -2.02 126.61
C ALA DF 29 10.03 -1.16 125.44
N SER DF 30 9.06 -0.69 124.67
CA SER DF 30 9.32 0.15 123.51
C SER DF 30 8.47 1.41 123.63
N LEU DF 31 9.08 2.56 123.35
CA LEU DF 31 8.43 3.86 123.51
C LEU DF 31 8.49 4.63 122.21
N LEU DF 32 7.46 5.42 121.96
CA LEU DF 32 7.40 6.32 120.82
C LEU DF 32 6.99 7.70 121.33
N ARG DF 33 7.83 8.69 121.06
CA ARG DF 33 7.57 10.07 121.46
C ARG DF 33 7.17 10.86 120.22
N GLN DF 34 6.02 11.52 120.29
CA GLN DF 34 5.51 12.27 119.16
C GLN DF 34 4.94 13.60 119.63
N ARG DF 35 5.05 14.60 118.76
CA ARG DF 35 4.57 15.96 119.02
C ARG DF 35 3.21 16.09 118.35
N VAL DF 36 2.16 15.78 119.10
CA VAL DF 36 0.80 15.82 118.58
C VAL DF 36 0.22 17.21 118.82
N LYS DF 37 -0.50 17.73 117.84
CA LYS DF 37 -1.08 19.06 117.90
C LYS DF 37 -2.60 18.97 117.91
N VAL DF 38 -3.21 19.63 118.89
CA VAL DF 38 -4.66 19.75 118.96
C VAL DF 38 -5.01 21.23 118.86
N GLY DF 39 -6.29 21.56 118.98
CA GLY DF 39 -6.75 22.93 118.88
C GLY DF 39 -6.00 23.89 119.78
N ILE DF 40 -5.28 24.82 119.17
CA ILE DF 40 -4.46 25.86 119.82
C ILE DF 40 -3.76 25.29 121.05
N ALA DF 41 -3.22 24.08 120.93
CA ALA DF 41 -2.52 23.45 122.03
C ALA DF 41 -1.60 22.38 121.49
N GLU DF 42 -0.35 22.40 121.94
CA GLU DF 42 0.65 21.42 121.52
C GLU DF 42 0.88 20.42 122.66
N LEU DF 43 0.78 19.14 122.34
CA LEU DF 43 0.89 18.08 123.33
C LEU DF 43 2.00 17.12 122.93
N ASN DF 44 2.69 16.59 123.93
CA ASN DF 44 3.74 15.60 123.72
C ASN DF 44 3.17 14.24 124.07
N ASN DF 45 2.95 13.41 123.06
CA ASN DF 45 2.31 12.12 123.23
C ASN DF 45 3.37 11.03 123.36
N VAL DF 46 3.18 10.14 124.33
CA VAL DF 46 4.06 9.02 124.56
C VAL DF 46 3.23 7.75 124.48
N SER DF 47 3.66 6.81 123.65
CA SER DF 47 2.95 5.54 123.45
C SER DF 47 3.87 4.41 123.88
N GLY DF 48 3.83 4.08 125.17
CA GLY DF 48 4.60 2.96 125.68
C GLY DF 48 4.06 1.64 125.18
N GLN DF 49 4.94 0.64 125.16
CA GLN DF 49 4.57 -0.69 124.68
C GLN DF 49 5.41 -1.72 125.43
N TYR DF 50 4.78 -2.49 126.29
CA TYR DF 50 5.46 -3.46 127.14
C TYR DF 50 4.97 -4.85 126.78
N VAL DF 51 5.90 -5.75 126.50
CA VAL DF 51 5.58 -7.11 126.08
C VAL DF 51 6.31 -8.08 126.99
N SER DF 52 5.55 -9.00 127.58
CA SER DF 52 6.10 -10.05 128.42
C SER DF 52 5.86 -11.39 127.74
N VAL DF 53 6.93 -12.18 127.58
CA VAL DF 53 6.89 -13.42 126.84
C VAL DF 53 7.46 -14.53 127.70
N TYR DF 54 6.76 -15.66 127.74
CA TYR DF 54 7.20 -16.85 128.46
C TYR DF 54 6.99 -18.07 127.58
N LYS DF 55 8.00 -18.93 127.50
CA LYS DF 55 7.89 -20.21 126.82
C LYS DF 55 7.50 -21.25 127.86
N ARG DF 56 6.20 -21.41 128.07
CA ARG DF 56 5.69 -22.35 129.05
C ARG DF 56 5.65 -23.73 128.42
N PRO DF 57 6.24 -24.75 129.04
CA PRO DF 57 6.09 -26.10 128.52
C PRO DF 57 4.64 -26.55 128.55
N ALA DF 58 4.24 -27.32 127.54
CA ALA DF 58 2.89 -27.85 127.51
C ALA DF 58 2.70 -28.81 128.67
N PRO DF 59 1.47 -28.93 129.20
CA PRO DF 59 1.27 -29.76 130.39
C PRO DF 59 1.64 -31.21 130.18
N LYS DF 60 2.39 -31.77 131.13
CA LYS DF 60 2.77 -33.17 131.06
C LYS DF 60 1.52 -34.04 131.18
N PRO DF 61 1.35 -35.03 130.29
CA PRO DF 61 0.23 -35.97 130.46
C PRO DF 61 0.30 -36.65 131.81
N GLU DF 62 -0.85 -36.78 132.49
CA GLU DF 62 -0.86 -37.34 133.83
C GLU DF 62 -0.45 -38.81 133.77
N GLY DF 63 -0.19 -39.41 134.93
CA GLY DF 63 0.33 -40.76 134.93
C GLY DF 63 1.84 -40.75 134.76
N CYS DF 64 2.29 -40.99 133.53
CA CYS DF 64 3.71 -40.99 133.20
C CYS DF 64 4.42 -39.78 133.81
N ALA DF 65 5.46 -40.06 134.60
CA ALA DF 65 6.34 -39.04 135.13
C ALA DF 65 7.78 -39.57 135.05
N ASP DF 66 8.43 -39.29 133.93
CA ASP DF 66 9.80 -39.75 133.72
C ASP DF 66 10.60 -38.68 132.99
N ALA DF 67 11.88 -38.93 132.78
CA ALA DF 67 12.80 -37.96 132.24
C ALA DF 67 12.90 -38.10 130.72
N CYS DF 68 13.64 -37.17 130.10
CA CYS DF 68 13.85 -37.09 128.65
C CYS DF 68 12.58 -37.38 127.86
N VAL DF 69 11.46 -36.85 128.36
CA VAL DF 69 10.21 -36.77 127.61
C VAL DF 69 9.70 -35.34 127.70
N ILE DF 70 10.08 -34.52 126.73
CA ILE DF 70 9.85 -33.08 126.80
C ILE DF 70 8.97 -32.68 125.63
N MET DF 71 7.72 -32.39 125.91
CA MET DF 71 6.81 -31.81 124.95
C MET DF 71 7.18 -30.37 124.68
N PRO DF 72 6.81 -29.82 123.53
CA PRO DF 72 7.24 -28.46 123.18
C PRO DF 72 6.59 -27.41 124.06
N ASN DF 73 7.02 -26.17 123.85
CA ASN DF 73 6.56 -25.04 124.63
C ASN DF 73 5.50 -24.29 123.84
N GLU DF 74 4.65 -23.55 124.56
CA GLU DF 74 3.67 -22.68 123.94
C GLU DF 74 3.87 -21.25 124.43
N ASN DF 75 3.39 -20.31 123.63
CA ASN DF 75 3.54 -18.90 123.96
C ASN DF 75 2.66 -18.54 125.16
N GLN DF 76 3.21 -17.73 126.05
CA GLN DF 76 2.45 -17.08 127.11
C GLN DF 76 2.82 -15.61 127.06
N SER DF 77 2.13 -14.86 126.20
CA SER DF 77 2.50 -13.48 125.89
C SER DF 77 1.46 -12.53 126.43
N ILE DF 78 1.91 -11.44 127.04
CA ILE DF 78 1.06 -10.38 127.53
C ILE DF 78 1.60 -9.08 126.98
N ARG DF 79 0.81 -8.40 126.16
CA ARG DF 79 1.20 -7.13 125.55
C ARG DF 79 0.29 -6.02 126.06
N THR DF 80 0.88 -4.90 126.45
CA THR DF 80 0.13 -3.74 126.86
C THR DF 80 0.74 -2.50 126.22
N VAL DF 81 -0.11 -1.55 125.85
CA VAL DF 81 0.33 -0.27 125.30
C VAL DF 81 -0.33 0.85 126.09
N ILE DF 82 0.44 1.85 126.45
CA ILE DF 82 -0.04 3.00 127.20
C ILE DF 82 0.17 4.21 126.33
N SER DF 83 -0.91 4.82 125.86
CA SER DF 83 -0.85 5.97 124.99
C SER DF 83 -1.53 7.16 125.64
N GLY DF 84 -0.85 8.30 125.62
CA GLY DF 84 -1.40 9.51 126.20
C GLY DF 84 -0.35 10.59 126.29
N SER DF 85 -0.83 11.81 126.51
CA SER DF 85 0.06 12.96 126.62
C SER DF 85 0.70 12.99 128.00
N ALA DF 86 2.00 13.29 128.03
CA ALA DF 86 2.70 13.39 129.31
C ALA DF 86 2.32 14.65 130.08
N GLU DF 87 1.67 15.61 129.43
CA GLU DF 87 1.30 16.84 130.11
C GLU DF 87 0.31 16.58 131.24
N ASN DF 88 -0.66 15.70 131.00
CA ASN DF 88 -1.61 15.29 132.02
C ASN DF 88 -1.34 13.86 132.46
N LEU DF 89 -0.06 13.51 132.59
CA LEU DF 89 0.34 12.15 132.91
C LEU DF 89 -0.18 11.71 134.27
N ALA DF 90 -0.37 12.63 135.21
CA ALA DF 90 -0.74 12.25 136.57
C ALA DF 90 -2.05 11.49 136.59
N THR DF 91 -3.03 11.92 135.81
CA THR DF 91 -4.30 11.21 135.75
C THR DF 91 -4.15 9.88 135.04
N LEU DF 92 -3.20 9.78 134.10
CA LEU DF 92 -2.99 8.53 133.40
C LEU DF 92 -2.48 7.44 134.34
N LYS DF 93 -1.81 7.84 135.42
CA LYS DF 93 -1.40 6.89 136.44
C LYS DF 93 -2.62 6.20 137.04
N ALA DF 94 -3.64 6.98 137.40
CA ALA DF 94 -4.87 6.40 137.93
C ALA DF 94 -5.59 5.55 136.90
N GLU DF 95 -5.59 5.99 135.65
CA GLU DF 95 -6.24 5.23 134.59
C GLU DF 95 -5.61 3.85 134.45
N TRP DF 96 -4.29 3.79 134.48
CA TRP DF 96 -3.61 2.50 134.46
C TRP DF 96 -4.01 1.67 135.67
N GLU DF 97 -4.09 2.30 136.84
CA GLU DF 97 -4.51 1.58 138.04
C GLU DF 97 -5.94 1.09 137.90
N THR DF 98 -6.82 1.93 137.36
CA THR DF 98 -8.21 1.50 137.18
C THR DF 98 -8.32 0.39 136.14
N HIS DF 99 -7.64 0.55 135.01
CA HIS DF 99 -7.61 -0.51 134.01
C HIS DF 99 -7.03 -1.80 134.59
N LYS DF 100 -6.16 -1.65 135.60
CA LYS DF 100 -5.57 -2.82 136.24
C LYS DF 100 -6.63 -3.68 136.91
N ARG DF 101 -7.47 -3.07 137.75
CA ARG DF 101 -8.44 -3.85 138.51
C ARG DF 101 -9.60 -4.29 137.64
N ASN DF 102 -9.91 -3.53 136.59
CA ASN DF 102 -11.03 -3.90 135.72
C ASN DF 102 -10.76 -5.24 135.04
N VAL DF 103 -9.60 -5.37 134.41
CA VAL DF 103 -9.25 -6.64 133.80
C VAL DF 103 -9.04 -7.71 134.86
N ASP DF 104 -8.51 -7.32 136.02
CA ASP DF 104 -8.33 -8.27 137.11
C ASP DF 104 -9.67 -8.87 137.54
N THR DF 105 -10.69 -8.03 137.68
CA THR DF 105 -12.01 -8.52 138.00
C THR DF 105 -12.52 -9.45 136.90
N LEU DF 106 -12.31 -9.08 135.65
CA LEU DF 106 -12.84 -9.86 134.55
C LEU DF 106 -12.03 -11.12 134.31
N PHE DF 107 -10.71 -11.05 134.47
CA PHE DF 107 -9.83 -12.15 134.09
C PHE DF 107 -9.19 -12.83 135.30
N ALA DF 108 -8.50 -12.07 136.16
CA ALA DF 108 -7.82 -12.68 137.29
C ALA DF 108 -8.81 -13.35 138.24
N SER DF 109 -9.92 -12.67 138.52
CA SER DF 109 -10.96 -13.25 139.37
C SER DF 109 -12.08 -13.91 138.58
N GLY DF 110 -12.35 -13.43 137.38
CA GLY DF 110 -13.41 -13.98 136.55
C GLY DF 110 -12.93 -15.18 135.75
N ASN DF 111 -13.79 -15.61 134.82
CA ASN DF 111 -13.50 -16.76 133.98
C ASN DF 111 -13.18 -16.37 132.55
N ALA DF 112 -12.76 -15.11 132.34
CA ALA DF 112 -12.38 -14.69 131.00
C ALA DF 112 -11.22 -15.52 130.46
N GLY DF 113 -10.37 -16.04 131.35
CA GLY DF 113 -9.27 -16.86 130.90
C GLY DF 113 -9.73 -18.10 130.17
N LEU DF 114 -10.78 -18.75 130.67
CA LEU DF 114 -11.33 -19.89 129.97
C LEU DF 114 -12.03 -19.49 128.68
N GLY DF 115 -12.38 -18.22 128.52
CA GLY DF 115 -13.01 -17.76 127.31
C GLY DF 115 -14.48 -17.44 127.47
N PHE DF 116 -14.87 -17.02 128.68
CA PHE DF 116 -16.27 -16.73 128.99
C PHE DF 116 -16.44 -15.25 129.30
N LEU DF 117 -17.45 -14.64 128.72
CA LEU DF 117 -17.78 -13.24 128.95
C LEU DF 117 -18.84 -13.17 130.04
N ASP DF 118 -18.46 -12.65 131.20
CA ASP DF 118 -19.45 -12.40 132.23
C ASP DF 118 -20.04 -11.01 132.00
N PRO DF 119 -21.31 -10.89 131.61
CA PRO DF 119 -21.87 -9.58 131.31
C PRO DF 119 -22.37 -8.82 132.54
N THR DF 120 -22.20 -9.38 133.73
CA THR DF 120 -22.62 -8.72 134.96
C THR DF 120 -21.44 -8.40 135.88
N ALA DF 121 -20.23 -8.35 135.33
CA ALA DF 121 -19.07 -8.03 136.13
C ALA DF 121 -19.10 -6.57 136.56
N ALA DF 122 -18.56 -6.31 137.75
CA ALA DF 122 -18.59 -4.97 138.33
C ALA DF 122 -17.44 -4.15 137.75
N ILE DF 123 -17.67 -3.64 136.54
CA ILE DF 123 -16.69 -2.77 135.90
C ILE DF 123 -16.72 -1.41 136.57
N VAL DF 124 -15.53 -0.84 136.79
CA VAL DF 124 -15.36 0.34 137.62
C VAL DF 124 -14.63 1.40 136.82
N SER DF 125 -15.14 2.63 136.85
CA SER DF 125 -14.54 3.72 136.10
C SER DF 125 -13.36 4.33 136.85
N SER DF 126 -12.55 5.09 136.12
CA SER DF 126 -11.39 5.73 136.73
C SER DF 126 -11.81 6.84 137.68
N ASP DF 127 -12.71 7.72 137.25
CA ASP DF 127 -13.14 8.82 138.09
C ASP DF 127 -14.03 8.30 139.23
N THR DF 128 -14.06 9.07 140.31
CA THR DF 128 -14.80 8.69 141.51
C THR DF 128 -15.97 9.64 141.71
N THR DF 129 -16.92 9.21 142.53
CA THR DF 129 -18.09 10.01 142.82
C THR DF 129 -17.72 11.24 143.65
N ALA EF 1 119.13 -92.49 -7.13
CA ALA EF 1 118.39 -92.87 -8.33
C ALA EF 1 116.90 -92.58 -8.16
N ASN EF 2 116.48 -91.41 -8.65
CA ASN EF 2 115.09 -90.99 -8.55
C ASN EF 2 114.61 -90.49 -9.91
N LYS EF 3 113.31 -90.58 -10.11
CA LYS EF 3 112.73 -90.17 -11.38
C LYS EF 3 112.81 -88.65 -11.52
N PRO EF 4 113.46 -88.12 -12.55
CA PRO EF 4 113.45 -86.68 -12.75
C PRO EF 4 112.13 -86.21 -13.31
N MET EF 5 111.70 -85.02 -12.90
CA MET EF 5 110.49 -84.47 -13.49
C MET EF 5 110.76 -84.02 -14.92
N GLN EF 6 109.68 -83.68 -15.62
CA GLN EF 6 109.77 -83.18 -16.98
C GLN EF 6 109.03 -81.86 -17.01
N PRO EF 7 109.67 -80.75 -17.38
CA PRO EF 7 109.00 -79.45 -17.32
C PRO EF 7 107.78 -79.43 -18.21
N ILE EF 8 106.71 -78.79 -17.72
CA ILE EF 8 105.44 -78.73 -18.44
C ILE EF 8 105.00 -77.31 -18.73
N THR EF 9 105.64 -76.29 -18.14
CA THR EF 9 105.26 -74.91 -18.40
C THR EF 9 106.51 -74.06 -18.22
N SER EF 10 107.14 -73.70 -19.34
CA SER EF 10 108.36 -72.90 -19.31
C SER EF 10 108.02 -71.46 -19.63
N THR EF 11 108.54 -70.55 -18.79
CA THR EF 11 108.30 -69.12 -18.95
C THR EF 11 109.50 -68.38 -18.39
N ALA EF 12 109.66 -67.13 -18.81
CA ALA EF 12 110.77 -66.33 -18.31
C ALA EF 12 110.70 -66.11 -16.81
N ASN EF 13 109.52 -66.27 -16.22
CA ASN EF 13 109.33 -66.04 -14.78
C ASN EF 13 109.07 -67.33 -14.02
N LYS EF 14 108.21 -68.20 -14.52
CA LYS EF 14 107.78 -69.38 -13.80
C LYS EF 14 108.12 -70.64 -14.59
N ILE EF 15 108.71 -71.62 -13.91
CA ILE EF 15 108.96 -72.93 -14.48
C ILE EF 15 108.27 -73.95 -13.58
N VAL EF 16 107.50 -74.85 -14.18
CA VAL EF 16 106.74 -75.84 -13.43
C VAL EF 16 107.17 -77.22 -13.91
N TRP EF 17 107.92 -77.93 -13.09
CA TRP EF 17 108.21 -79.34 -13.35
C TRP EF 17 107.14 -80.20 -12.70
N SER EF 18 106.95 -81.40 -13.26
CA SER EF 18 106.02 -82.35 -12.70
C SER EF 18 106.42 -83.75 -13.11
N ASP EF 19 106.17 -84.71 -12.24
CA ASP EF 19 106.56 -86.08 -12.50
C ASP EF 19 105.70 -86.66 -13.61
N PRO EF 20 106.29 -87.35 -14.59
CA PRO EF 20 105.46 -87.91 -15.67
C PRO EF 20 104.62 -89.10 -15.22
N THR EF 21 105.18 -89.97 -14.37
CA THR EF 21 104.41 -91.10 -13.88
C THR EF 21 103.23 -90.65 -13.03
N ARG EF 22 103.46 -89.67 -12.16
CA ARG EF 22 102.42 -89.11 -11.30
C ARG EF 22 102.46 -87.59 -11.41
N LEU EF 23 101.49 -87.04 -12.14
CA LEU EF 23 101.50 -85.60 -12.38
C LEU EF 23 101.17 -84.78 -11.15
N SER EF 24 100.69 -85.41 -10.07
CA SER EF 24 100.41 -84.66 -8.86
C SER EF 24 101.67 -84.07 -8.26
N THR EF 25 102.77 -84.82 -8.31
CA THR EF 25 104.04 -84.33 -7.79
C THR EF 25 104.58 -83.23 -8.68
N THR EF 26 104.66 -82.02 -8.15
CA THR EF 26 105.12 -80.88 -8.92
C THR EF 26 106.20 -80.12 -8.14
N PHE EF 27 107.04 -79.41 -8.87
CA PHE EF 27 108.04 -78.52 -8.28
C PHE EF 27 108.07 -77.25 -9.11
N SER EF 28 107.59 -76.15 -8.53
CA SER EF 28 107.46 -74.89 -9.24
C SER EF 28 108.49 -73.90 -8.72
N ALA EF 29 109.14 -73.19 -9.65
CA ALA EF 29 110.11 -72.16 -9.31
C ALA EF 29 109.71 -70.88 -10.02
N SER EF 30 109.55 -69.81 -9.27
CA SER EF 30 109.15 -68.52 -9.82
C SER EF 30 110.07 -67.43 -9.30
N LEU EF 31 110.37 -66.46 -10.16
CA LEU EF 31 111.24 -65.35 -9.81
C LEU EF 31 110.50 -64.05 -10.03
N LEU EF 32 110.96 -63.00 -9.34
CA LEU EF 32 110.30 -61.70 -9.34
C LEU EF 32 111.34 -60.64 -9.03
N ARG EF 33 111.57 -59.75 -9.99
CA ARG EF 33 112.68 -58.81 -9.95
C ARG EF 33 112.17 -57.38 -9.76
N GLN EF 34 112.71 -56.70 -8.75
CA GLN EF 34 112.61 -55.25 -8.66
C GLN EF 34 114.00 -54.68 -8.49
N ARG EF 35 114.05 -53.34 -8.51
CA ARG EF 35 115.28 -52.59 -8.46
C ARG EF 35 115.20 -51.67 -7.26
N VAL EF 36 115.91 -51.99 -6.19
CA VAL EF 36 115.72 -51.36 -4.90
C VAL EF 36 116.84 -50.36 -4.64
N LYS EF 37 116.48 -49.27 -3.97
CA LYS EF 37 117.41 -48.20 -3.63
C LYS EF 37 117.77 -48.33 -2.15
N VAL EF 38 119.04 -48.58 -1.86
CA VAL EF 38 119.46 -48.71 -0.47
C VAL EF 38 120.01 -47.39 0.06
N GLY EF 39 121.02 -46.84 -0.61
CA GLY EF 39 121.55 -45.54 -0.26
C GLY EF 39 122.65 -45.12 -1.21
N ILE EF 40 122.55 -43.89 -1.74
CA ILE EF 40 123.44 -43.33 -2.74
C ILE EF 40 123.92 -44.38 -3.74
N ALA EF 41 123.08 -45.37 -4.01
CA ALA EF 41 123.42 -46.50 -4.86
C ALA EF 41 122.16 -47.31 -5.08
N GLU EF 42 122.09 -47.98 -6.24
CA GLU EF 42 120.91 -48.70 -6.65
C GLU EF 42 121.23 -50.19 -6.75
N LEU EF 43 120.31 -51.02 -6.26
CA LEU EF 43 120.54 -52.45 -6.19
C LEU EF 43 119.43 -53.20 -6.92
N ASN EF 44 119.78 -54.36 -7.46
CA ASN EF 44 118.85 -55.23 -8.16
C ASN EF 44 118.49 -56.38 -7.24
N ASN EF 45 117.21 -56.52 -6.94
CA ASN EF 45 116.73 -57.50 -5.97
C ASN EF 45 115.95 -58.60 -6.68
N VAL EF 46 116.14 -59.84 -6.20
CA VAL EF 46 115.43 -61.00 -6.72
C VAL EF 46 114.80 -61.74 -5.55
N SER EF 47 113.60 -62.27 -5.77
CA SER EF 47 112.89 -63.03 -4.76
C SER EF 47 112.42 -64.35 -5.38
N GLY EF 48 113.29 -65.35 -5.35
CA GLY EF 48 112.95 -66.63 -5.91
C GLY EF 48 112.05 -67.46 -5.01
N GLN EF 49 110.82 -67.70 -5.45
CA GLN EF 49 109.86 -68.49 -4.70
C GLN EF 49 109.86 -69.91 -5.26
N TYR EF 50 110.25 -70.87 -4.43
CA TYR EF 50 110.34 -72.27 -4.84
C TYR EF 50 109.30 -73.07 -4.07
N VAL EF 51 108.45 -73.79 -4.79
CA VAL EF 51 107.36 -74.55 -4.20
C VAL EF 51 107.48 -76.00 -4.65
N SER EF 52 107.36 -76.92 -3.70
CA SER EF 52 107.33 -78.35 -3.98
C SER EF 52 106.06 -78.92 -3.36
N VAL EF 53 105.27 -79.61 -4.18
CA VAL EF 53 103.96 -80.10 -3.78
C VAL EF 53 103.89 -81.60 -4.03
N TYR EF 54 103.42 -82.34 -3.04
CA TYR EF 54 103.18 -83.77 -3.18
C TYR EF 54 101.86 -84.11 -2.49
N LYS EF 55 101.11 -85.02 -3.09
CA LYS EF 55 99.84 -85.48 -2.54
C LYS EF 55 100.02 -86.89 -2.02
N ARG EF 56 99.80 -87.09 -0.72
CA ARG EF 56 100.06 -88.36 -0.06
C ARG EF 56 98.76 -88.96 0.45
N PRO EF 57 98.47 -90.22 0.13
CA PRO EF 57 97.18 -90.80 0.54
C PRO EF 57 97.16 -91.30 1.97
N ALA EF 58 96.47 -90.55 2.85
CA ALA EF 58 96.10 -90.91 4.22
C ALA EF 58 97.24 -91.50 5.05
N PRO EF 59 96.97 -91.94 6.30
CA PRO EF 59 97.96 -92.79 7.00
C PRO EF 59 97.90 -94.26 6.58
N LYS EF 60 96.70 -94.75 6.25
CA LYS EF 60 96.49 -96.18 5.98
C LYS EF 60 96.97 -96.98 7.19
N PRO EF 61 96.18 -97.05 8.26
CA PRO EF 61 96.59 -97.80 9.46
C PRO EF 61 97.00 -99.22 9.12
N GLU EF 62 98.10 -99.68 9.73
CA GLU EF 62 98.71 -100.95 9.33
C GLU EF 62 97.78 -102.11 9.70
N GLY EF 63 98.15 -103.33 9.28
CA GLY EF 63 97.27 -104.47 9.37
C GLY EF 63 96.71 -104.81 8.00
N CYS EF 64 95.41 -104.57 7.78
CA CYS EF 64 94.90 -104.76 6.43
C CYS EF 64 95.35 -103.60 5.55
N ALA EF 65 95.90 -103.92 4.38
CA ALA EF 65 96.33 -102.87 3.44
C ALA EF 65 95.60 -103.14 2.13
N ASP EF 66 94.40 -102.57 2.01
CA ASP EF 66 93.61 -102.80 0.81
C ASP EF 66 94.02 -101.82 -0.28
N ALA EF 67 94.56 -102.37 -1.37
CA ALA EF 67 94.94 -101.60 -2.54
C ALA EF 67 93.73 -101.22 -3.39
N CYS EF 68 92.53 -101.58 -2.96
CA CYS EF 68 91.31 -101.31 -3.71
C CYS EF 68 90.64 -100.00 -3.36
N VAL EF 69 90.73 -99.57 -2.10
CA VAL EF 69 89.92 -98.44 -1.64
C VAL EF 69 90.42 -97.14 -2.24
N ILE EF 70 91.74 -96.97 -2.35
CA ILE EF 70 92.43 -95.72 -2.69
C ILE EF 70 91.68 -94.52 -2.12
N MET EF 71 91.76 -94.34 -0.80
CA MET EF 71 91.08 -93.27 -0.09
C MET EF 71 91.68 -91.91 -0.48
N PRO EF 72 90.97 -90.81 -0.26
CA PRO EF 72 91.50 -89.50 -0.69
C PRO EF 72 92.81 -89.16 -0.01
N ASN EF 73 93.64 -88.41 -0.73
CA ASN EF 73 94.98 -88.07 -0.31
C ASN EF 73 95.02 -86.67 0.29
N GLU EF 74 95.97 -86.46 1.20
CA GLU EF 74 96.20 -85.16 1.80
C GLU EF 74 97.39 -84.48 1.12
N ASN EF 75 97.53 -83.18 1.38
CA ASN EF 75 98.44 -82.33 0.62
C ASN EF 75 99.68 -82.00 1.44
N GLN EF 76 100.85 -82.26 0.86
CA GLN EF 76 102.13 -81.96 1.47
C GLN EF 76 102.82 -80.90 0.62
N SER EF 77 103.18 -79.78 1.23
CA SER EF 77 103.75 -78.65 0.49
C SER EF 77 104.98 -78.11 1.21
N ILE EF 78 105.98 -77.73 0.42
CA ILE EF 78 107.21 -77.12 0.91
C ILE EF 78 107.41 -75.84 0.10
N ARG EF 79 107.17 -74.70 0.72
CA ARG EF 79 107.34 -73.41 0.05
C ARG EF 79 108.52 -72.67 0.69
N THR EF 80 109.42 -72.19 -0.14
CA THR EF 80 110.53 -71.37 0.31
C THR EF 80 110.71 -70.18 -0.62
N VAL EF 81 111.14 -69.06 -0.04
CA VAL EF 81 111.43 -67.86 -0.81
C VAL EF 81 112.79 -67.34 -0.37
N ILE EF 82 113.57 -66.85 -1.32
CA ILE EF 82 114.89 -66.30 -1.06
C ILE EF 82 114.93 -64.91 -1.67
N SER EF 83 115.12 -63.90 -0.84
CA SER EF 83 115.09 -62.50 -1.27
C SER EF 83 116.42 -61.85 -0.93
N GLY EF 84 116.98 -61.13 -1.90
CA GLY EF 84 118.22 -60.42 -1.68
C GLY EF 84 118.78 -59.93 -3.00
N SER EF 85 119.73 -59.01 -2.88
CA SER EF 85 120.35 -58.43 -4.07
C SER EF 85 121.28 -59.44 -4.73
N ALA EF 86 121.27 -59.44 -6.07
CA ALA EF 86 122.16 -60.31 -6.82
C ALA EF 86 123.63 -59.93 -6.62
N GLU EF 87 123.90 -58.69 -6.22
CA GLU EF 87 125.28 -58.24 -6.03
C GLU EF 87 125.95 -58.90 -4.84
N ASN EF 88 125.19 -59.47 -3.90
CA ASN EF 88 125.73 -60.15 -2.74
C ASN EF 88 125.38 -61.64 -2.77
N LEU EF 89 125.23 -62.19 -3.97
CA LEU EF 89 124.78 -63.58 -4.08
C LEU EF 89 125.80 -64.52 -3.45
N ALA EF 90 127.09 -64.26 -3.67
CA ALA EF 90 128.12 -65.16 -3.15
C ALA EF 90 128.02 -65.29 -1.63
N THR EF 91 127.83 -64.17 -0.93
CA THR EF 91 127.61 -64.22 0.50
C THR EF 91 126.16 -64.51 0.85
N LEU EF 92 125.23 -64.37 -0.10
CA LEU EF 92 123.85 -64.74 0.18
C LEU EF 92 123.65 -66.25 0.12
N LYS EF 93 124.42 -66.94 -0.72
CA LYS EF 93 124.36 -68.40 -0.69
C LYS EF 93 124.85 -68.95 0.64
N ALA EF 94 125.67 -68.18 1.36
CA ALA EF 94 126.30 -68.68 2.57
C ALA EF 94 125.26 -69.08 3.62
N GLU EF 95 124.29 -68.19 3.90
CA GLU EF 95 123.33 -68.49 4.94
C GLU EF 95 122.30 -69.51 4.46
N TRP EF 96 122.28 -69.79 3.16
CA TRP EF 96 121.35 -70.80 2.66
C TRP EF 96 121.60 -72.14 3.31
N GLU EF 97 122.85 -72.57 3.37
CA GLU EF 97 123.17 -73.78 4.13
C GLU EF 97 122.91 -73.57 5.61
N THR EF 98 123.25 -72.39 6.12
CA THR EF 98 122.96 -72.09 7.52
C THR EF 98 121.47 -72.16 7.79
N HIS EF 99 120.66 -71.60 6.89
CA HIS EF 99 119.23 -71.76 7.00
C HIS EF 99 118.83 -73.22 6.87
N LYS EF 100 119.46 -73.95 5.95
CA LYS EF 100 119.24 -75.39 5.85
C LYS EF 100 119.68 -76.10 7.11
N ARG EF 101 120.85 -75.73 7.65
CA ARG EF 101 121.35 -76.37 8.85
C ARG EF 101 120.43 -76.10 10.04
N ASN EF 102 120.00 -74.85 10.19
CA ASN EF 102 119.16 -74.50 11.32
C ASN EF 102 117.82 -75.21 11.26
N VAL EF 103 117.18 -75.22 10.09
CA VAL EF 103 115.89 -75.90 9.96
C VAL EF 103 116.05 -77.39 10.19
N ASP EF 104 117.14 -77.98 9.67
CA ASP EF 104 117.38 -79.41 9.86
C ASP EF 104 117.48 -79.73 11.34
N THR EF 105 118.07 -78.84 12.13
CA THR EF 105 118.19 -79.09 13.56
C THR EF 105 116.82 -79.20 14.21
N LEU EF 106 115.93 -78.25 13.92
CA LEU EF 106 114.60 -78.29 14.52
C LEU EF 106 113.73 -79.37 13.89
N PHE EF 107 113.77 -79.49 12.57
CA PHE EF 107 112.81 -80.31 11.84
C PHE EF 107 113.36 -81.69 11.49
N ALA EF 108 114.49 -81.75 10.77
CA ALA EF 108 115.02 -83.04 10.37
C ALA EF 108 115.43 -83.88 11.57
N SER EF 109 116.07 -83.26 12.56
CA SER EF 109 116.50 -83.95 13.77
C SER EF 109 115.49 -83.86 14.90
N GLY EF 110 115.08 -82.65 15.26
CA GLY EF 110 114.11 -82.49 16.32
C GLY EF 110 112.70 -82.84 15.87
N ASN EF 111 111.78 -82.76 16.82
CA ASN EF 111 110.38 -83.11 16.58
C ASN EF 111 109.52 -81.87 16.30
N ALA EF 112 110.10 -80.86 15.65
CA ALA EF 112 109.34 -79.65 15.36
C ALA EF 112 108.20 -79.93 14.39
N GLY EF 113 108.32 -80.98 13.57
CA GLY EF 113 107.27 -81.28 12.62
C GLY EF 113 105.97 -81.68 13.28
N LEU EF 114 106.05 -82.38 14.41
CA LEU EF 114 104.83 -82.80 15.09
C LEU EF 114 104.16 -81.66 15.84
N GLY EF 115 104.85 -80.55 16.06
CA GLY EF 115 104.25 -79.42 16.74
C GLY EF 115 104.93 -79.07 18.04
N PHE EF 116 106.23 -79.33 18.13
CA PHE EF 116 106.99 -79.14 19.35
C PHE EF 116 108.14 -78.17 19.10
N LEU EF 117 108.47 -77.36 20.10
CA LEU EF 117 109.60 -76.46 20.04
C LEU EF 117 110.60 -76.82 21.12
N ASP EF 118 111.89 -76.76 20.77
CA ASP EF 118 112.96 -76.95 21.75
C ASP EF 118 113.76 -75.67 21.85
N PRO EF 119 113.54 -74.83 22.86
CA PRO EF 119 114.32 -73.60 23.01
C PRO EF 119 115.79 -73.85 23.32
N THR EF 120 116.20 -75.10 23.49
CA THR EF 120 117.59 -75.44 23.74
C THR EF 120 118.30 -75.96 22.50
N ALA EF 121 117.69 -75.83 21.32
CA ALA EF 121 118.32 -76.31 20.10
C ALA EF 121 119.56 -75.51 19.78
N ALA EF 122 120.55 -76.18 19.20
CA ALA EF 122 121.85 -75.56 18.90
C ALA EF 122 121.78 -74.79 17.57
N ILE EF 123 120.94 -73.75 17.56
CA ILE EF 123 120.82 -72.91 16.39
C ILE EF 123 122.05 -72.03 16.25
N VAL EF 124 122.56 -71.92 15.03
CA VAL EF 124 123.83 -71.26 14.77
C VAL EF 124 123.62 -70.20 13.70
N SER EF 125 124.49 -69.20 13.72
CA SER EF 125 124.41 -68.09 12.79
C SER EF 125 125.24 -68.35 11.54
N SER EF 126 125.09 -67.47 10.55
CA SER EF 126 125.89 -67.57 9.34
C SER EF 126 127.32 -67.11 9.60
N ASP EF 127 127.49 -66.03 10.36
CA ASP EF 127 128.82 -65.50 10.62
C ASP EF 127 129.61 -66.47 11.50
N THR EF 128 130.84 -66.76 11.08
CA THR EF 128 131.68 -67.71 11.79
C THR EF 128 132.76 -66.97 12.57
N THR EF 129 133.23 -67.60 13.64
CA THR EF 129 134.27 -67.02 14.47
C THR EF 129 135.64 -67.15 13.81
N ALA FF 1 138.03 -60.50 -24.98
CA ALA FF 1 136.74 -60.22 -25.60
C ALA FF 1 135.87 -59.39 -24.66
N ASN FF 2 134.56 -59.64 -24.70
CA ASN FF 2 133.61 -58.91 -23.88
C ASN FF 2 132.65 -59.92 -23.24
N LYS FF 3 132.04 -59.50 -22.15
CA LYS FF 3 131.12 -60.39 -21.44
C LYS FF 3 129.80 -60.49 -22.19
N PRO FF 4 129.36 -61.69 -22.59
CA PRO FF 4 128.08 -61.81 -23.28
C PRO FF 4 126.91 -61.72 -22.31
N MET FF 5 125.75 -61.42 -22.86
CA MET FF 5 124.52 -61.39 -22.08
C MET FF 5 123.77 -62.71 -22.19
N GLN FF 6 122.76 -62.86 -21.35
CA GLN FF 6 121.80 -63.96 -21.42
C GLN FF 6 120.40 -63.39 -21.47
N PRO FF 7 119.48 -64.07 -22.15
CA PRO FF 7 118.11 -63.57 -22.21
C PRO FF 7 117.44 -63.57 -20.84
N ILE FF 8 116.54 -62.62 -20.64
CA ILE FF 8 115.79 -62.49 -19.39
C ILE FF 8 114.33 -62.80 -19.59
N THR FF 9 113.64 -62.03 -20.42
CA THR FF 9 112.21 -62.21 -20.68
C THR FF 9 112.04 -62.68 -22.11
N SER FF 10 111.80 -63.96 -22.29
CA SER FF 10 111.62 -64.55 -23.63
C SER FF 10 110.16 -64.40 -24.08
N THR FF 11 109.70 -63.16 -24.07
CA THR FF 11 108.35 -62.85 -24.51
C THR FF 11 108.24 -63.14 -26.02
N ALA FF 12 107.00 -63.29 -26.48
CA ALA FF 12 106.77 -63.68 -27.87
C ALA FF 12 107.33 -62.65 -28.84
N ASN FF 13 107.14 -61.36 -28.56
CA ASN FF 13 107.57 -60.30 -29.46
C ASN FF 13 108.69 -59.45 -28.89
N LYS FF 14 109.25 -59.83 -27.75
CA LYS FF 14 110.33 -59.05 -27.15
C LYS FF 14 111.26 -59.97 -26.40
N ILE FF 15 112.56 -59.84 -26.65
CA ILE FF 15 113.58 -60.57 -25.93
C ILE FF 15 114.49 -59.55 -25.27
N VAL FF 16 114.76 -59.73 -23.98
CA VAL FF 16 115.57 -58.82 -23.20
C VAL FF 16 116.77 -59.58 -22.68
N TRP FF 17 117.97 -59.10 -23.02
CA TRP FF 17 119.21 -59.66 -22.50
C TRP FF 17 119.72 -58.78 -21.38
N SER FF 18 120.45 -59.38 -20.44
CA SER FF 18 121.06 -58.63 -19.35
C SER FF 18 122.36 -59.30 -18.96
N ASP FF 19 123.35 -58.49 -18.62
CA ASP FF 19 124.65 -59.02 -18.26
C ASP FF 19 124.63 -59.59 -16.84
N PRO FF 20 124.99 -60.86 -16.65
CA PRO FF 20 125.00 -61.40 -15.28
C PRO FF 20 125.91 -60.66 -14.33
N THR FF 21 127.06 -60.18 -14.80
CA THR FF 21 127.97 -59.45 -13.92
C THR FF 21 127.38 -58.12 -13.47
N ARG FF 22 126.80 -57.37 -14.41
CA ARG FF 22 126.16 -56.10 -14.11
C ARG FF 22 124.76 -56.13 -14.73
N LEU FF 23 123.74 -56.35 -13.89
CA LEU FF 23 122.38 -56.43 -14.40
C LEU FF 23 121.85 -55.09 -14.86
N SER FF 24 122.55 -54.01 -14.57
CA SER FF 24 122.09 -52.69 -14.99
C SER FF 24 122.08 -52.58 -16.51
N THR FF 25 123.14 -53.03 -17.16
CA THR FF 25 123.21 -52.93 -18.61
C THR FF 25 122.35 -53.99 -19.27
N THR FF 26 121.62 -53.60 -20.31
CA THR FF 26 120.67 -54.48 -20.97
C THR FF 26 120.62 -54.15 -22.45
N PHE FF 27 120.08 -55.08 -23.23
CA PHE FF 27 119.81 -54.87 -24.64
C PHE FF 27 118.58 -55.67 -25.00
N SER FF 28 117.51 -54.99 -25.39
CA SER FF 28 116.24 -55.63 -25.67
C SER FF 28 115.81 -55.34 -27.10
N ALA FF 29 115.24 -56.34 -27.75
CA ALA FF 29 114.74 -56.22 -29.11
C ALA FF 29 113.24 -56.48 -29.13
N SER FF 30 112.50 -55.58 -29.75
CA SER FF 30 111.05 -55.71 -29.88
C SER FF 30 110.67 -55.60 -31.34
N LEU FF 31 109.67 -56.37 -31.74
CA LEU FF 31 109.26 -56.43 -33.14
C LEU FF 31 107.75 -56.24 -33.26
N LEU FF 32 107.34 -55.58 -34.33
CA LEU FF 32 105.94 -55.40 -34.68
C LEU FF 32 105.71 -55.92 -36.09
N ARG FF 33 104.63 -56.67 -36.27
CA ARG FF 33 104.25 -57.20 -37.57
C ARG FF 33 102.85 -56.71 -37.91
N GLN FF 34 102.68 -56.23 -39.15
CA GLN FF 34 101.42 -55.64 -39.56
C GLN FF 34 101.35 -55.70 -41.07
N ARG FF 35 100.15 -55.94 -41.59
CA ARG FF 35 99.97 -56.20 -43.02
C ARG FF 35 99.66 -54.88 -43.73
N VAL FF 36 100.45 -54.56 -44.75
CA VAL FF 36 100.40 -53.24 -45.38
C VAL FF 36 99.93 -53.36 -46.82
N LYS FF 37 98.99 -52.50 -47.19
CA LYS FF 37 98.56 -52.31 -48.57
C LYS FF 37 99.26 -51.10 -49.14
N VAL FF 38 100.02 -51.30 -50.22
CA VAL FF 38 100.58 -50.16 -50.94
C VAL FF 38 99.71 -49.92 -52.17
N GLY FF 39 99.41 -50.98 -52.90
CA GLY FF 39 98.40 -50.97 -53.95
C GLY FF 39 98.37 -52.32 -54.62
N ILE FF 40 97.18 -52.90 -54.77
CA ILE FF 40 96.94 -54.23 -55.34
C ILE FF 40 98.05 -55.22 -54.98
N ALA FF 41 98.61 -55.09 -53.77
CA ALA FF 41 99.71 -55.94 -53.37
C ALA FF 41 99.66 -56.18 -51.87
N GLU FF 42 100.24 -57.31 -51.44
CA GLU FF 42 100.34 -57.69 -50.05
C GLU FF 42 101.75 -57.45 -49.55
N LEU FF 43 101.88 -56.71 -48.45
CA LEU FF 43 103.19 -56.38 -47.90
C LEU FF 43 103.24 -56.75 -46.43
N ASN FF 44 104.29 -57.44 -46.04
CA ASN FF 44 104.57 -57.79 -44.65
C ASN FF 44 105.58 -56.79 -44.10
N ASN FF 45 105.11 -55.86 -43.28
CA ASN FF 45 105.97 -54.82 -42.72
C ASN FF 45 106.39 -55.20 -41.31
N VAL FF 46 107.68 -55.07 -41.03
CA VAL FF 46 108.25 -55.39 -39.73
C VAL FF 46 108.92 -54.14 -39.17
N SER FF 47 108.58 -53.80 -37.94
CA SER FF 47 109.15 -52.64 -37.25
C SER FF 47 109.86 -53.14 -36.00
N GLY FF 48 111.18 -53.06 -35.99
CA GLY FF 48 111.96 -53.57 -34.88
C GLY FF 48 112.62 -52.51 -34.04
N GLN FF 49 112.33 -52.49 -32.75
CA GLN FF 49 112.94 -51.55 -31.81
C GLN FF 49 114.07 -52.25 -31.07
N TYR FF 50 115.24 -51.62 -31.07
CA TYR FF 50 116.41 -52.13 -30.37
C TYR FF 50 116.93 -51.04 -29.45
N VAL FF 51 116.96 -51.31 -28.16
CA VAL FF 51 117.41 -50.33 -27.17
C VAL FF 51 118.54 -50.95 -26.38
N SER FF 52 119.63 -50.21 -26.25
CA SER FF 52 120.76 -50.61 -25.42
C SER FF 52 120.93 -49.58 -24.31
N VAL FF 53 120.92 -50.04 -23.07
CA VAL FF 53 120.92 -49.16 -21.90
C VAL FF 53 122.10 -49.52 -21.02
N TYR FF 54 122.85 -48.50 -20.61
CA TYR FF 54 123.98 -48.67 -19.70
C TYR FF 54 123.90 -47.62 -18.62
N LYS FF 55 124.03 -48.05 -17.37
CA LYS FF 55 124.11 -47.16 -16.22
C LYS FF 55 125.58 -46.95 -15.90
N ARG FF 56 126.12 -45.81 -16.30
CA ARG FF 56 127.52 -45.51 -16.10
C ARG FF 56 127.68 -44.45 -15.02
N PRO FF 57 128.62 -44.60 -14.10
CA PRO FF 57 128.86 -43.55 -13.11
C PRO FF 57 129.31 -42.26 -13.78
N ALA FF 58 128.96 -41.15 -13.13
CA ALA FF 58 129.36 -39.85 -13.66
C ALA FF 58 130.89 -39.75 -13.70
N PRO FF 59 131.44 -38.97 -14.63
CA PRO FF 59 132.91 -38.90 -14.73
C PRO FF 59 133.54 -38.38 -13.46
N LYS FF 60 134.46 -39.15 -12.91
CA LYS FF 60 135.08 -38.78 -11.65
C LYS FF 60 135.97 -37.56 -11.85
N PRO FF 61 136.22 -36.79 -10.80
CA PRO FF 61 137.05 -35.59 -10.94
C PRO FF 61 138.44 -35.90 -11.48
N GLU FF 62 138.96 -35.02 -12.32
CA GLU FF 62 140.17 -35.31 -13.07
C GLU FF 62 141.42 -35.23 -12.19
N GLY FF 63 142.51 -35.80 -12.70
CA GLY FF 63 143.80 -35.63 -12.05
C GLY FF 63 143.91 -36.38 -10.74
N CYS FF 64 143.02 -37.34 -10.51
CA CYS FF 64 143.00 -38.05 -9.23
C CYS FF 64 142.34 -39.41 -9.43
N ALA FF 65 143.16 -40.45 -9.50
CA ALA FF 65 142.67 -41.82 -9.55
C ALA FF 65 142.39 -42.24 -8.11
N ASP FF 66 141.20 -41.92 -7.62
CA ASP FF 66 140.87 -42.11 -6.22
C ASP FF 66 140.08 -43.39 -6.04
N ALA FF 67 139.95 -43.85 -4.80
CA ALA FF 67 139.54 -45.21 -4.53
C ALA FF 67 138.07 -45.34 -4.14
N CYS FF 68 137.63 -44.67 -3.08
CA CYS FF 68 136.23 -44.70 -2.66
C CYS FF 68 135.51 -43.43 -3.12
N VAL FF 69 135.26 -43.34 -4.42
CA VAL FF 69 134.58 -42.15 -4.95
C VAL FF 69 133.10 -42.42 -5.15
N ILE FF 70 132.76 -43.51 -5.86
CA ILE FF 70 131.39 -43.90 -6.23
C ILE FF 70 130.41 -42.74 -6.30
N MET FF 71 130.49 -41.97 -7.38
CA MET FF 71 129.47 -40.97 -7.67
C MET FF 71 128.32 -41.66 -8.38
N PRO FF 72 127.11 -41.09 -8.37
CA PRO FF 72 125.95 -41.81 -8.91
C PRO FF 72 126.09 -42.07 -10.40
N ASN FF 73 125.18 -42.91 -10.89
CA ASN FF 73 125.24 -43.42 -12.25
C ASN FF 73 124.30 -42.63 -13.14
N GLU FF 74 124.80 -42.20 -14.30
CA GLU FF 74 123.95 -41.67 -15.35
C GLU FF 74 123.54 -42.80 -16.27
N ASN FF 75 122.51 -42.54 -17.09
CA ASN FF 75 122.03 -43.51 -18.05
C ASN FF 75 122.56 -43.18 -19.45
N GLN FF 76 122.85 -44.22 -20.22
CA GLN FF 76 123.30 -44.08 -21.60
C GLN FF 76 122.47 -45.03 -22.45
N SER FF 77 121.68 -44.46 -23.36
CA SER FF 77 120.73 -45.24 -24.13
C SER FF 77 120.96 -45.02 -25.62
N ILE FF 78 120.72 -46.07 -26.39
CA ILE FF 78 120.80 -46.01 -27.85
C ILE FF 78 119.60 -46.78 -28.38
N ARG FF 79 118.70 -46.09 -29.07
CA ARG FF 79 117.49 -46.70 -29.61
C ARG FF 79 117.53 -46.61 -31.12
N THR FF 80 117.19 -47.72 -31.78
CA THR FF 80 117.03 -47.75 -33.22
C THR FF 80 115.75 -48.48 -33.57
N VAL FF 81 115.04 -47.97 -34.56
CA VAL FF 81 113.86 -48.63 -35.11
C VAL FF 81 114.10 -48.85 -36.59
N ILE FF 82 113.85 -50.06 -37.06
CA ILE FF 82 114.00 -50.41 -38.46
C ILE FF 82 112.62 -50.78 -38.98
N SER FF 83 112.09 -49.98 -39.89
CA SER FF 83 110.76 -50.19 -40.43
C SER FF 83 110.85 -50.39 -41.93
N GLY FF 84 110.17 -51.44 -42.42
CA GLY FF 84 110.17 -51.72 -43.83
C GLY FF 84 109.60 -53.09 -44.09
N SER FF 85 109.21 -53.30 -45.34
CA SER FF 85 108.66 -54.59 -45.75
C SER FF 85 109.75 -55.64 -45.82
N ALA FF 86 109.37 -56.89 -45.52
CA ALA FF 86 110.32 -57.99 -45.58
C ALA FF 86 110.63 -58.41 -47.01
N GLU FF 87 109.77 -58.06 -47.98
CA GLU FF 87 109.98 -58.49 -49.36
C GLU FF 87 111.18 -57.82 -50.00
N ASN FF 88 111.50 -56.59 -49.62
CA ASN FF 88 112.68 -55.89 -50.10
C ASN FF 88 113.67 -55.73 -48.95
N LEU FF 89 113.81 -56.78 -48.15
CA LEU FF 89 114.71 -56.74 -47.01
C LEU FF 89 116.16 -56.65 -47.44
N ALA FF 90 116.54 -57.36 -48.51
CA ALA FF 90 117.94 -57.43 -48.90
C ALA FF 90 118.49 -56.05 -49.22
N THR FF 91 117.72 -55.25 -49.97
CA THR FF 91 118.14 -53.88 -50.22
C THR FF 91 117.99 -53.01 -48.98
N LEU FF 92 117.10 -53.37 -48.07
CA LEU FF 92 116.99 -52.62 -46.82
C LEU FF 92 118.21 -52.85 -45.94
N LYS FF 93 118.81 -54.03 -46.00
CA LYS FF 93 120.03 -54.28 -45.25
C LYS FF 93 121.13 -53.32 -45.69
N ALA FF 94 121.26 -53.11 -47.00
CA ALA FF 94 122.32 -52.25 -47.51
C ALA FF 94 122.15 -50.82 -47.02
N GLU FF 95 120.94 -50.29 -47.08
CA GLU FF 95 120.73 -48.91 -46.66
C GLU FF 95 120.81 -48.78 -45.14
N TRP FF 96 120.63 -49.90 -44.42
CA TRP FF 96 120.97 -49.89 -43.01
C TRP FF 96 122.45 -49.69 -42.80
N GLU FF 97 123.27 -50.35 -43.62
CA GLU FF 97 124.71 -50.24 -43.45
C GLU FF 97 125.18 -48.81 -43.67
N THR FF 98 124.66 -48.14 -44.70
CA THR FF 98 125.09 -46.77 -44.95
C THR FF 98 124.64 -45.84 -43.84
N HIS FF 99 123.51 -46.17 -43.19
CA HIS FF 99 123.07 -45.37 -42.05
C HIS FF 99 124.08 -45.43 -40.91
N LYS FF 100 124.64 -46.61 -40.67
CA LYS FF 100 125.74 -46.72 -39.71
C LYS FF 100 126.89 -45.81 -40.11
N ARG FF 101 127.33 -45.91 -41.37
CA ARG FF 101 128.42 -45.07 -41.84
C ARG FF 101 128.02 -43.60 -41.80
N ASN FF 102 126.80 -43.29 -42.19
CA ASN FF 102 126.36 -41.90 -42.23
C ASN FF 102 126.35 -41.28 -40.84
N VAL FF 103 125.88 -42.02 -39.84
CA VAL FF 103 125.89 -41.50 -38.48
C VAL FF 103 127.31 -41.40 -37.96
N ASP FF 104 128.15 -42.38 -38.29
CA ASP FF 104 129.51 -42.41 -37.76
C ASP FF 104 130.30 -41.16 -38.15
N THR FF 105 130.18 -40.74 -39.40
CA THR FF 105 130.90 -39.55 -39.84
C THR FF 105 130.38 -38.29 -39.16
N LEU FF 106 129.23 -38.35 -38.51
CA LEU FF 106 128.66 -37.20 -37.83
C LEU FF 106 128.84 -37.24 -36.32
N PHE FF 107 128.80 -38.43 -35.73
CA PHE FF 107 128.87 -38.59 -34.28
C PHE FF 107 130.17 -39.25 -33.83
N ALA FF 108 130.51 -40.40 -34.40
CA ALA FF 108 131.73 -41.10 -33.98
C ALA FF 108 132.97 -40.26 -34.28
N SER FF 109 133.02 -39.65 -35.45
CA SER FF 109 134.15 -38.82 -35.83
C SER FF 109 133.86 -37.33 -35.70
N GLY FF 110 132.60 -36.92 -35.78
CA GLY FF 110 132.22 -35.53 -35.67
C GLY FF 110 132.09 -35.09 -34.23
N ASN FF 111 131.44 -33.95 -34.04
CA ASN FF 111 131.22 -33.38 -32.72
C ASN FF 111 129.74 -33.32 -32.37
N ALA FF 112 128.91 -34.11 -33.05
CA ALA FF 112 127.48 -34.14 -32.71
C ALA FF 112 127.26 -34.63 -31.29
N GLY FF 113 128.21 -35.41 -30.75
CA GLY FF 113 128.07 -35.89 -29.40
C GLY FF 113 128.23 -34.81 -28.35
N LEU FF 114 128.74 -33.64 -28.74
CA LEU FF 114 128.89 -32.52 -27.82
C LEU FF 114 127.88 -31.42 -28.08
N GLY FF 115 126.90 -31.66 -28.94
CA GLY FF 115 125.92 -30.65 -29.26
C GLY FF 115 126.29 -29.74 -30.42
N PHE FF 116 127.23 -30.14 -31.26
CA PHE FF 116 127.70 -29.32 -32.36
C PHE FF 116 127.23 -29.90 -33.68
N LEU FF 117 126.70 -29.04 -34.55
CA LEU FF 117 126.29 -29.45 -35.88
C LEU FF 117 127.32 -29.00 -36.90
N ASP FF 118 127.52 -29.82 -37.92
CA ASP FF 118 128.53 -29.58 -38.96
C ASP FF 118 127.85 -29.66 -40.32
N PRO FF 119 127.32 -28.54 -40.81
CA PRO FF 119 126.59 -28.57 -42.09
C PRO FF 119 127.42 -29.07 -43.25
N THR FF 120 128.73 -28.81 -43.24
CA THR FF 120 129.60 -29.20 -44.33
C THR FF 120 130.19 -30.60 -44.16
N ALA FF 121 129.61 -31.43 -43.29
CA ALA FF 121 130.08 -32.79 -43.14
C ALA FF 121 129.71 -33.62 -44.36
N ALA FF 122 130.50 -34.66 -44.62
CA ALA FF 122 130.29 -35.50 -45.78
C ALA FF 122 129.20 -36.53 -45.49
N ILE FF 123 128.11 -36.46 -46.25
CA ILE FF 123 126.96 -37.34 -46.06
C ILE FF 123 126.81 -38.17 -47.33
N VAL FF 124 126.78 -39.49 -47.16
CA VAL FF 124 126.90 -40.44 -48.27
C VAL FF 124 125.62 -41.25 -48.36
N SER FF 125 125.12 -41.43 -49.58
CA SER FF 125 123.83 -42.07 -49.80
C SER FF 125 123.98 -43.58 -49.98
N SER FF 126 122.86 -44.28 -49.80
CA SER FF 126 122.84 -45.73 -49.99
C SER FF 126 123.13 -46.09 -51.45
N ASP FF 127 122.50 -45.40 -52.39
CA ASP FF 127 122.69 -45.71 -53.79
C ASP FF 127 124.10 -45.36 -54.24
N THR FF 128 124.67 -46.23 -55.07
CA THR FF 128 126.01 -46.01 -55.58
C THR FF 128 125.95 -45.24 -56.89
N THR FF 129 127.14 -44.94 -57.43
CA THR FF 129 127.25 -44.21 -58.68
C THR FF 129 126.83 -45.08 -59.86
N ALA GF 1 115.66 -82.10 -48.50
CA ALA GF 1 115.08 -81.61 -47.25
C ALA GF 1 114.13 -80.46 -47.52
N ASN GF 2 113.32 -80.11 -46.52
CA ASN GF 2 112.35 -79.04 -46.63
C ASN GF 2 112.78 -77.85 -45.77
N LYS GF 3 112.12 -76.74 -45.97
CA LYS GF 3 112.45 -75.52 -45.25
C LYS GF 3 112.04 -75.63 -43.79
N PRO GF 4 112.96 -75.49 -42.84
CA PRO GF 4 112.56 -75.44 -41.44
C PRO GF 4 111.95 -74.09 -41.09
N MET GF 5 111.07 -74.10 -40.10
CA MET GF 5 110.49 -72.86 -39.60
C MET GF 5 111.19 -72.41 -38.33
N GLN GF 6 110.83 -71.22 -37.87
CA GLN GF 6 111.24 -70.69 -36.59
C GLN GF 6 110.03 -70.12 -35.88
N PRO GF 7 110.01 -70.15 -34.55
CA PRO GF 7 108.84 -69.66 -33.82
C PRO GF 7 108.63 -68.17 -34.06
N ILE GF 8 107.36 -67.77 -34.06
CA ILE GF 8 106.97 -66.38 -34.19
C ILE GF 8 106.40 -65.89 -32.87
N THR GF 9 105.47 -66.64 -32.31
CA THR GF 9 104.81 -66.27 -31.07
C THR GF 9 105.03 -67.39 -30.07
N SER GF 10 105.79 -67.14 -29.03
CA SER GF 10 106.07 -68.11 -27.99
C SER GF 10 105.26 -67.77 -26.75
N THR GF 11 104.56 -68.77 -26.22
CA THR GF 11 103.70 -68.59 -25.06
C THR GF 11 103.64 -69.92 -24.33
N ALA GF 12 103.26 -69.86 -23.06
CA ALA GF 12 103.14 -71.09 -22.28
C ALA GF 12 102.09 -72.03 -22.85
N ASN GF 13 101.18 -71.53 -23.68
CA ASN GF 13 100.15 -72.35 -24.28
C ASN GF 13 100.26 -72.48 -25.79
N LYS GF 14 100.43 -71.38 -26.50
CA LYS GF 14 100.41 -71.37 -27.97
C LYS GF 14 101.81 -71.08 -28.50
N ILE GF 15 102.25 -71.90 -29.45
CA ILE GF 15 103.50 -71.68 -30.18
C ILE GF 15 103.18 -71.66 -31.66
N VAL GF 16 103.69 -70.67 -32.37
CA VAL GF 16 103.43 -70.50 -33.79
C VAL GF 16 104.74 -70.45 -34.53
N TRP GF 17 104.89 -71.29 -35.55
CA TRP GF 17 106.05 -71.29 -36.42
C TRP GF 17 105.67 -70.73 -37.78
N SER GF 18 106.64 -70.09 -38.44
CA SER GF 18 106.45 -69.62 -39.80
C SER GF 18 107.78 -69.76 -40.56
N ASP GF 19 107.66 -69.93 -41.87
CA ASP GF 19 108.84 -70.14 -42.71
C ASP GF 19 109.44 -68.80 -43.09
N PRO GF 20 110.73 -68.58 -42.86
CA PRO GF 20 111.33 -67.29 -43.24
C PRO GF 20 111.23 -66.97 -44.72
N THR GF 21 111.36 -67.98 -45.59
CA THR GF 21 111.26 -67.73 -47.02
C THR GF 21 109.84 -67.35 -47.42
N ARG GF 22 108.85 -68.02 -46.84
CA ARG GF 22 107.45 -67.77 -47.14
C ARG GF 22 106.72 -67.58 -45.81
N LEU GF 23 106.55 -66.31 -45.41
CA LEU GF 23 105.87 -66.03 -44.14
C LEU GF 23 104.42 -66.45 -44.17
N SER GF 24 103.89 -66.74 -45.35
CA SER GF 24 102.48 -67.14 -45.46
C SER GF 24 102.22 -68.45 -44.73
N THR GF 25 103.01 -69.47 -45.00
CA THR GF 25 102.78 -70.79 -44.40
C THR GF 25 103.13 -70.76 -42.91
N THR GF 26 102.30 -71.41 -42.11
CA THR GF 26 102.48 -71.42 -40.66
C THR GF 26 102.15 -72.80 -40.12
N PHE GF 27 102.56 -73.04 -38.88
CA PHE GF 27 102.20 -74.23 -38.13
C PHE GF 27 102.07 -73.84 -36.67
N SER GF 28 100.85 -73.87 -36.15
CA SER GF 28 100.58 -73.47 -34.78
C SER GF 28 100.14 -74.67 -33.94
N ALA GF 29 100.65 -74.73 -32.72
CA ALA GF 29 100.31 -75.80 -31.79
C ALA GF 29 99.86 -75.18 -30.48
N SER GF 30 98.66 -75.52 -30.05
CA SER GF 30 98.10 -75.02 -28.81
C SER GF 30 97.71 -76.19 -27.92
N LEU GF 31 97.93 -76.02 -26.61
CA LEU GF 31 97.66 -77.06 -25.64
C LEU GF 31 96.77 -76.52 -24.54
N LEU GF 32 95.95 -77.39 -23.97
CA LEU GF 32 95.03 -77.03 -22.91
C LEU GF 32 94.99 -78.19 -21.91
N ARG GF 33 95.58 -77.97 -20.74
CA ARG GF 33 95.63 -78.98 -19.69
C ARG GF 33 94.53 -78.68 -18.68
N GLN GF 34 93.78 -79.72 -18.31
CA GLN GF 34 92.57 -79.54 -17.53
C GLN GF 34 92.48 -80.63 -16.47
N ARG GF 35 91.89 -80.26 -15.33
CA ARG GF 35 91.62 -81.20 -14.25
C ARG GF 35 90.31 -81.91 -14.56
N VAL GF 36 90.37 -83.21 -14.78
CA VAL GF 36 89.19 -84.02 -15.08
C VAL GF 36 89.01 -85.05 -13.99
N LYS GF 37 87.81 -85.11 -13.42
CA LYS GF 37 87.49 -86.03 -12.34
C LYS GF 37 86.60 -87.14 -12.87
N VAL GF 38 87.03 -88.38 -12.66
CA VAL GF 38 86.19 -89.54 -12.95
C VAL GF 38 85.93 -90.27 -11.65
N GLY GF 39 85.23 -91.40 -11.72
CA GLY GF 39 84.90 -92.17 -10.53
C GLY GF 39 86.09 -92.44 -9.64
N ILE GF 40 86.06 -91.83 -8.45
CA ILE GF 40 87.09 -91.90 -7.40
C ILE GF 40 88.49 -91.92 -8.04
N ALA GF 41 88.71 -91.04 -9.00
CA ALA GF 41 90.02 -90.95 -9.66
C ALA GF 41 90.12 -89.63 -10.39
N GLU GF 42 91.20 -88.90 -10.13
CA GLU GF 42 91.50 -87.64 -10.80
C GLU GF 42 92.51 -87.89 -11.90
N LEU GF 43 92.18 -87.47 -13.12
CA LEU GF 43 93.01 -87.71 -14.28
C LEU GF 43 93.56 -86.39 -14.81
N ASN GF 44 94.61 -86.48 -15.61
CA ASN GF 44 95.28 -85.33 -16.19
C ASN GF 44 95.01 -85.31 -17.68
N ASN GF 45 94.07 -84.46 -18.10
CA ASN GF 45 93.68 -84.38 -19.50
C ASN GF 45 94.46 -83.28 -20.20
N VAL GF 46 95.01 -83.61 -21.37
CA VAL GF 46 95.75 -82.66 -22.19
C VAL GF 46 95.09 -82.64 -23.55
N SER GF 47 94.59 -81.48 -23.96
CA SER GF 47 93.95 -81.30 -25.26
C SER GF 47 94.84 -80.43 -26.12
N GLY GF 48 95.57 -81.05 -27.03
CA GLY GF 48 96.49 -80.32 -27.87
C GLY GF 48 95.96 -80.11 -29.28
N GLN GF 49 95.88 -78.85 -29.70
CA GLN GF 49 95.36 -78.49 -31.01
C GLN GF 49 96.51 -78.11 -31.93
N TYR GF 50 96.62 -78.80 -33.06
CA TYR GF 50 97.68 -78.56 -34.02
C TYR GF 50 97.05 -78.10 -35.33
N VAL GF 51 97.53 -76.98 -35.87
CA VAL GF 51 96.98 -76.38 -37.07
C VAL GF 51 98.11 -76.12 -38.05
N SER GF 52 97.92 -76.54 -39.30
CA SER GF 52 98.84 -76.26 -40.38
C SER GF 52 98.09 -75.50 -41.46
N VAL GF 53 98.67 -74.41 -41.94
CA VAL GF 53 98.02 -73.52 -42.89
C VAL GF 53 98.97 -73.23 -44.04
N TYR GF 54 98.45 -73.28 -45.26
CA TYR GF 54 99.21 -72.92 -46.45
C TYR GF 54 98.33 -72.12 -47.39
N LYS GF 55 98.90 -71.08 -47.99
CA LYS GF 55 98.23 -70.30 -49.02
C LYS GF 55 98.78 -70.73 -50.36
N ARG GF 56 97.93 -71.31 -51.20
CA ARG GF 56 98.41 -71.79 -52.49
C ARG GF 56 97.72 -71.06 -53.62
N PRO GF 57 98.48 -70.64 -54.64
CA PRO GF 57 97.87 -69.94 -55.77
C PRO GF 57 96.88 -70.80 -56.52
N ALA GF 58 96.16 -70.16 -57.44
CA ALA GF 58 95.14 -70.83 -58.22
C ALA GF 58 95.76 -71.84 -59.18
N PRO GF 59 94.96 -72.80 -59.68
CA PRO GF 59 95.50 -73.83 -60.56
C PRO GF 59 96.20 -73.32 -61.82
N LYS GF 60 96.11 -72.01 -62.10
CA LYS GF 60 96.85 -71.40 -63.21
C LYS GF 60 96.43 -72.04 -64.53
N PRO GF 61 95.25 -71.69 -65.07
CA PRO GF 61 94.79 -72.28 -66.33
C PRO GF 61 95.87 -72.31 -67.40
N GLU GF 62 96.07 -73.49 -67.98
CA GLU GF 62 97.21 -73.72 -68.85
C GLU GF 62 97.14 -72.89 -70.11
N GLY GF 63 98.20 -72.95 -70.91
CA GLY GF 63 98.33 -72.13 -72.08
C GLY GF 63 98.95 -70.79 -71.74
N CYS GF 64 98.33 -70.06 -70.83
CA CYS GF 64 98.84 -68.77 -70.39
C CYS GF 64 100.19 -68.94 -69.72
N ALA GF 65 101.26 -68.45 -70.37
CA ALA GF 65 102.59 -68.55 -69.81
C ALA GF 65 103.07 -67.18 -69.38
N ASP GF 66 102.15 -66.24 -69.18
CA ASP GF 66 102.52 -64.91 -68.72
C ASP GF 66 103.15 -65.00 -67.33
N ALA GF 67 104.27 -64.30 -67.15
CA ALA GF 67 105.04 -64.43 -65.92
C ALA GF 67 104.27 -63.91 -64.71
N CYS GF 68 103.55 -62.81 -64.89
CA CYS GF 68 103.00 -62.06 -63.76
C CYS GF 68 101.49 -61.85 -63.85
N VAL GF 69 100.75 -62.90 -64.23
CA VAL GF 69 99.31 -62.88 -64.05
C VAL GF 69 98.95 -62.93 -62.57
N ILE GF 70 99.73 -63.70 -61.79
CA ILE GF 70 99.59 -63.91 -60.35
C ILE GF 70 98.13 -63.99 -59.91
N MET GF 71 97.62 -65.22 -59.81
CA MET GF 71 96.26 -65.43 -59.36
C MET GF 71 96.24 -65.49 -57.84
N PRO GF 72 95.08 -65.30 -57.22
CA PRO GF 72 95.01 -65.29 -55.76
C PRO GF 72 95.31 -66.66 -55.16
N ASN GF 73 95.39 -66.67 -53.83
CA ASN GF 73 95.83 -67.84 -53.09
C ASN GF 73 94.66 -68.48 -52.36
N GLU GF 74 94.65 -69.81 -52.35
CA GLU GF 74 93.61 -70.58 -51.69
C GLU GF 74 94.08 -71.02 -50.30
N ASN GF 75 93.10 -71.30 -49.44
CA ASN GF 75 93.35 -71.71 -48.07
C ASN GF 75 93.48 -73.22 -48.00
N GLN GF 76 94.71 -73.71 -47.93
CA GLN GF 76 94.97 -75.11 -47.61
C GLN GF 76 95.28 -75.20 -46.12
N SER GF 77 94.36 -75.75 -45.36
CA SER GF 77 94.48 -75.82 -43.91
C SER GF 77 94.24 -77.23 -43.43
N ILE GF 78 94.98 -77.64 -42.41
CA ILE GF 78 94.83 -78.93 -41.75
C ILE GF 78 94.84 -78.71 -40.25
N ARG GF 79 93.84 -79.23 -39.56
CA ARG GF 79 93.75 -79.10 -38.12
C ARG GF 79 93.63 -80.49 -37.50
N THR GF 80 94.10 -80.60 -36.26
CA THR GF 80 94.05 -81.85 -35.53
C THR GF 80 94.13 -81.54 -34.05
N VAL GF 81 93.19 -82.08 -33.27
CA VAL GF 81 93.22 -81.94 -31.82
C VAL GF 81 93.34 -83.34 -31.22
N ILE GF 82 94.17 -83.46 -30.19
CA ILE GF 82 94.40 -84.72 -29.51
C ILE GF 82 93.93 -84.54 -28.06
N SER GF 83 92.99 -85.39 -27.64
CA SER GF 83 92.45 -85.31 -26.29
C SER GF 83 92.63 -86.64 -25.61
N GLY GF 84 92.94 -86.61 -24.32
CA GLY GF 84 93.10 -87.83 -23.55
C GLY GF 84 93.85 -87.57 -22.27
N SER GF 85 93.86 -88.59 -21.43
CA SER GF 85 94.56 -88.51 -20.16
C SER GF 85 96.06 -88.72 -20.37
N ALA GF 86 96.86 -87.89 -19.70
CA ALA GF 86 98.31 -88.03 -19.80
C ALA GF 86 98.78 -89.35 -19.23
N GLU GF 87 98.06 -89.89 -18.25
CA GLU GF 87 98.42 -91.18 -17.68
C GLU GF 87 98.27 -92.31 -18.69
N ASN GF 88 97.48 -92.11 -19.73
CA ASN GF 88 97.31 -93.09 -20.80
C ASN GF 88 98.02 -92.65 -22.07
N LEU GF 89 99.11 -91.90 -21.93
CA LEU GF 89 99.82 -91.39 -23.11
C LEU GF 89 100.39 -92.52 -23.95
N ALA GF 90 100.97 -93.52 -23.31
CA ALA GF 90 101.64 -94.59 -24.05
C ALA GF 90 100.66 -95.32 -24.96
N THR GF 91 99.48 -95.64 -24.44
CA THR GF 91 98.46 -96.27 -25.27
C THR GF 91 97.76 -95.29 -26.20
N LEU GF 92 97.73 -94.01 -25.84
CA LEU GF 92 97.11 -93.03 -26.74
C LEU GF 92 97.98 -92.77 -27.95
N LYS GF 93 99.31 -92.88 -27.80
CA LYS GF 93 100.18 -92.72 -28.95
C LYS GF 93 99.89 -93.77 -30.01
N ALA GF 94 99.62 -95.01 -29.58
CA ALA GF 94 99.21 -96.03 -30.53
C ALA GF 94 97.89 -95.65 -31.19
N GLU GF 95 96.99 -95.01 -30.46
CA GLU GF 95 95.75 -94.53 -31.06
C GLU GF 95 96.03 -93.55 -32.18
N TRP GF 96 97.00 -92.65 -31.98
CA TRP GF 96 97.37 -91.69 -33.00
C TRP GF 96 97.89 -92.38 -34.24
N GLU GF 97 98.69 -93.44 -34.06
CA GLU GF 97 99.30 -94.10 -35.20
C GLU GF 97 98.24 -94.70 -36.12
N THR GF 98 97.29 -95.43 -35.55
CA THR GF 98 96.24 -96.03 -36.38
C THR GF 98 95.36 -94.98 -37.02
N HIS GF 99 95.07 -93.90 -36.29
CA HIS GF 99 94.29 -92.81 -36.87
C HIS GF 99 94.96 -92.26 -38.12
N LYS GF 100 96.29 -92.22 -38.12
CA LYS GF 100 97.01 -91.86 -39.34
C LYS GF 100 96.75 -92.89 -40.44
N ARG GF 101 96.79 -94.17 -40.08
CA ARG GF 101 96.61 -95.23 -41.08
C ARG GF 101 95.22 -95.17 -41.70
N ASN GF 102 94.19 -95.00 -40.87
CA ASN GF 102 92.82 -94.98 -41.38
C ASN GF 102 92.61 -93.81 -42.31
N VAL GF 103 93.12 -92.64 -41.96
CA VAL GF 103 92.98 -91.48 -42.84
C VAL GF 103 93.76 -91.72 -44.13
N ASP GF 104 94.97 -92.26 -44.02
CA ASP GF 104 95.80 -92.48 -45.20
C ASP GF 104 95.13 -93.44 -46.18
N THR GF 105 94.59 -94.55 -45.67
CA THR GF 105 93.95 -95.51 -46.55
C THR GF 105 92.62 -94.99 -47.08
N LEU GF 106 92.11 -93.92 -46.49
CA LEU GF 106 90.85 -93.34 -46.95
C LEU GF 106 91.06 -92.08 -47.77
N PHE GF 107 92.10 -91.31 -47.47
CA PHE GF 107 92.34 -90.03 -48.13
C PHE GF 107 93.59 -90.04 -48.99
N ALA GF 108 94.74 -90.40 -48.43
CA ALA GF 108 95.97 -90.40 -49.22
C ALA GF 108 95.90 -91.39 -50.36
N SER GF 109 95.39 -92.59 -50.09
CA SER GF 109 95.24 -93.61 -51.13
C SER GF 109 93.86 -93.63 -51.74
N GLY GF 110 92.83 -93.27 -50.98
CA GLY GF 110 91.48 -93.24 -51.49
C GLY GF 110 91.18 -91.95 -52.21
N ASN GF 111 89.91 -91.77 -52.54
CA ASN GF 111 89.44 -90.59 -53.27
C ASN GF 111 88.60 -89.69 -52.39
N ALA GF 112 88.80 -89.72 -51.08
CA ALA GF 112 88.09 -88.81 -50.20
C ALA GF 112 88.42 -87.36 -50.51
N GLY GF 113 89.59 -87.12 -51.10
CA GLY GF 113 89.93 -85.76 -51.50
C GLY GF 113 88.97 -85.22 -52.55
N LEU GF 114 88.60 -86.05 -53.51
CA LEU GF 114 87.63 -85.63 -54.51
C LEU GF 114 86.22 -85.52 -53.95
N GLY GF 115 85.97 -86.12 -52.79
CA GLY GF 115 84.66 -86.00 -52.16
C GLY GF 115 83.87 -87.29 -52.17
N PHE GF 116 84.56 -88.42 -52.31
CA PHE GF 116 83.91 -89.72 -52.40
C PHE GF 116 84.27 -90.56 -51.17
N LEU GF 117 83.25 -91.18 -50.59
CA LEU GF 117 83.43 -92.11 -49.48
C LEU GF 117 83.26 -93.54 -49.98
N ASP GF 118 84.24 -94.38 -49.67
CA ASP GF 118 84.22 -95.76 -50.13
C ASP GF 118 83.85 -96.67 -48.97
N PRO GF 119 82.63 -97.20 -48.93
CA PRO GF 119 82.24 -98.04 -47.79
C PRO GF 119 83.08 -99.28 -47.64
N THR GF 120 83.67 -99.78 -48.72
CA THR GF 120 84.46 -101.00 -48.65
C THR GF 120 85.92 -100.75 -48.30
N ALA GF 121 86.28 -99.52 -47.92
CA ALA GF 121 87.65 -99.25 -47.53
C ALA GF 121 88.02 -100.02 -46.28
N ALA GF 122 89.22 -100.59 -46.28
CA ALA GF 122 89.69 -101.39 -45.15
C ALA GF 122 90.17 -100.46 -44.05
N ILE GF 123 89.45 -100.45 -42.93
CA ILE GF 123 89.78 -99.61 -41.79
C ILE GF 123 90.02 -100.49 -40.58
N VAL GF 124 91.19 -100.34 -39.97
CA VAL GF 124 91.62 -101.21 -38.88
C VAL GF 124 91.66 -100.39 -37.59
N SER GF 125 91.61 -101.09 -36.47
CA SER GF 125 91.51 -100.48 -35.16
C SER GF 125 92.84 -100.53 -34.43
N SER GF 126 92.91 -99.79 -33.32
CA SER GF 126 94.12 -99.77 -32.52
C SER GF 126 94.42 -101.12 -31.91
N ASP GF 127 93.40 -101.77 -31.35
CA ASP GF 127 93.59 -103.05 -30.70
C ASP GF 127 93.90 -104.13 -31.73
N THR GF 128 94.91 -104.93 -31.43
CA THR GF 128 95.32 -106.02 -32.31
C THR GF 128 94.49 -107.26 -32.00
N THR GF 129 94.81 -108.36 -32.68
CA THR GF 129 94.11 -109.62 -32.46
C THR GF 129 94.66 -110.34 -31.23
N ALA HF 1 81.34 102.74 60.41
CA ALA HF 1 81.34 102.37 59.00
C ALA HF 1 80.30 101.29 58.72
N ASN HF 2 80.75 100.16 58.21
CA ASN HF 2 79.86 99.05 57.89
C ASN HF 2 80.57 97.73 58.20
N LYS HF 3 79.78 96.68 58.36
CA LYS HF 3 80.34 95.37 58.66
C LYS HF 3 80.79 94.71 57.37
N PRO HF 4 82.09 94.44 57.21
CA PRO HF 4 82.54 93.68 56.03
C PRO HF 4 82.01 92.25 56.09
N MET HF 5 81.80 91.67 54.91
CA MET HF 5 81.37 90.28 54.80
C MET HF 5 82.57 89.42 54.44
N GLN HF 6 82.70 88.30 55.12
CA GLN HF 6 83.63 87.28 54.67
C GLN HF 6 82.93 86.33 53.71
N PRO HF 7 83.57 85.94 52.62
CA PRO HF 7 82.89 85.07 51.64
C PRO HF 7 82.56 83.72 52.24
N ILE HF 8 81.48 83.12 51.74
CA ILE HF 8 81.08 81.78 52.13
C ILE HF 8 81.31 80.77 51.00
N THR HF 9 80.81 81.07 49.80
CA THR HF 9 81.02 80.22 48.65
C THR HF 9 81.99 80.90 47.71
N SER HF 10 83.10 80.25 47.41
CA SER HF 10 84.11 80.79 46.52
C SER HF 10 84.26 79.88 45.31
N THR HF 11 84.20 80.48 44.12
CA THR HF 11 84.30 79.73 42.87
C THR HF 11 84.85 80.67 41.81
N ALA HF 12 85.36 80.09 40.74
CA ALA HF 12 85.83 80.90 39.62
C ALA HF 12 84.69 81.66 38.94
N ASN HF 13 83.44 81.29 39.20
CA ASN HF 13 82.29 81.95 38.60
C ASN HF 13 81.49 82.77 39.61
N LYS HF 14 81.20 82.21 40.78
CA LYS HF 14 80.31 82.85 41.73
C LYS HF 14 81.01 83.01 43.08
N ILE HF 15 80.93 84.21 43.63
CA ILE HF 15 81.39 84.50 44.99
C ILE HF 15 80.19 85.01 45.77
N VAL HF 16 79.97 84.41 46.95
CA VAL HF 16 78.83 84.78 47.80
C VAL HF 16 79.36 85.30 49.12
N TRP HF 17 78.89 86.46 49.52
CA TRP HF 17 79.20 87.04 50.82
C TRP HF 17 77.93 87.08 51.67
N SER HF 18 78.13 87.07 52.99
CA SER HF 18 77.02 87.23 53.92
C SER HF 18 77.55 87.78 55.23
N ASP HF 19 76.76 88.63 55.87
CA ASP HF 19 77.19 89.26 57.11
C ASP HF 19 77.28 88.21 58.21
N PRO HF 20 78.36 88.21 59.00
CA PRO HF 20 78.47 87.20 60.07
C PRO HF 20 77.34 87.27 61.08
N THR HF 21 76.88 88.47 61.44
CA THR HF 21 75.81 88.57 62.42
C THR HF 21 74.47 88.14 61.82
N ARG HF 22 74.18 88.61 60.61
CA ARG HF 22 72.96 88.24 59.90
C ARG HF 22 73.34 87.50 58.63
N LEU HF 23 73.27 86.18 58.67
CA LEU HF 23 73.53 85.39 57.48
C LEU HF 23 72.45 85.55 56.42
N SER HF 24 71.33 86.16 56.78
CA SER HF 24 70.24 86.35 55.84
C SER HF 24 70.64 87.28 54.70
N THR HF 25 71.26 88.41 55.03
CA THR HF 25 71.68 89.35 54.00
C THR HF 25 72.90 88.81 53.26
N THR HF 26 72.86 88.90 51.94
CA THR HF 26 73.95 88.38 51.12
C THR HF 26 74.30 89.38 50.03
N PHE HF 27 75.38 89.09 49.33
CA PHE HF 27 75.77 89.83 48.13
C PHE HF 27 76.62 88.90 47.27
N SER HF 28 76.03 88.35 46.22
CA SER HF 28 76.71 87.36 45.39
C SER HF 28 76.98 87.94 44.02
N ALA HF 29 78.18 87.70 43.50
CA ALA HF 29 78.59 88.16 42.18
C ALA HF 29 78.87 86.95 41.31
N SER HF 30 78.24 86.92 40.14
CA SER HF 30 78.41 85.82 39.20
C SER HF 30 78.84 86.37 37.85
N LEU HF 31 79.69 85.63 37.17
CA LEU HF 31 80.23 86.04 35.88
C LEU HF 31 80.01 84.94 34.85
N LEU HF 32 79.81 85.35 33.60
CA LEU HF 32 79.64 84.43 32.48
C LEU HF 32 80.38 85.02 31.30
N ARG HF 33 81.44 84.35 30.87
CA ARG HF 33 82.33 84.84 29.83
C ARG HF 33 82.17 84.00 28.58
N GLN HF 34 82.07 84.67 27.43
CA GLN HF 34 81.95 83.98 26.15
C GLN HF 34 82.62 84.84 25.08
N ARG HF 35 82.65 84.30 23.86
CA ARG HF 35 83.27 84.97 22.73
C ARG HF 35 82.20 85.33 21.71
N VAL HF 36 82.20 86.58 21.27
CA VAL HF 36 81.19 87.09 20.35
C VAL HF 36 81.88 87.57 19.09
N LYS HF 37 81.45 87.04 17.95
CA LYS HF 37 82.01 87.38 16.64
C LYS HF 37 81.28 88.61 16.12
N VAL HF 38 81.85 89.79 16.35
CA VAL HF 38 81.18 91.02 15.95
C VAL HF 38 81.34 91.25 14.45
N GLY HF 39 82.57 91.32 13.97
CA GLY HF 39 82.83 91.44 12.55
C GLY HF 39 84.32 91.32 12.26
N ILE HF 40 84.68 90.44 11.32
CA ILE HF 40 86.05 90.13 10.92
C ILE HF 40 87.02 90.18 12.10
N ALA HF 41 86.53 89.84 13.29
CA ALA HF 41 87.31 89.94 14.51
C ALA HF 41 86.53 89.25 15.63
N GLU HF 42 87.27 88.81 16.64
CA GLU HF 42 86.70 88.11 17.79
C GLU HF 42 86.87 88.97 19.03
N LEU HF 43 85.79 89.12 19.80
CA LEU HF 43 85.82 89.88 21.04
C LEU HF 43 85.37 89.00 22.19
N ASN HF 44 86.00 89.17 23.34
CA ASN HF 44 85.64 88.44 24.54
C ASN HF 44 84.55 89.20 25.28
N ASN HF 45 83.42 88.56 25.50
CA ASN HF 45 82.28 89.18 26.15
C ASN HF 45 82.13 88.65 27.57
N VAL HF 46 81.80 89.54 28.49
CA VAL HF 46 81.57 89.21 29.89
C VAL HF 46 80.18 89.71 30.27
N SER HF 47 79.48 88.93 31.07
CA SER HF 47 78.16 89.32 31.58
C SER HF 47 78.16 89.12 33.08
N GLY HF 48 78.63 90.12 33.81
CA GLY HF 48 78.60 90.09 35.25
C GLY HF 48 77.19 90.26 35.79
N GLN HF 49 76.90 89.55 36.88
CA GLN HF 49 75.60 89.64 37.53
C GLN HF 49 75.83 89.85 39.01
N TYR HF 50 75.18 90.86 39.57
CA TYR HF 50 75.44 91.30 40.94
C TYR HF 50 74.10 91.42 41.64
N VAL HF 51 73.93 90.71 42.75
CA VAL HF 51 72.68 90.72 43.49
C VAL HF 51 72.96 91.04 44.94
N SER HF 52 72.03 91.75 45.58
CA SER HF 52 72.07 92.05 47.00
C SER HF 52 70.70 91.79 47.58
N VAL HF 53 70.63 91.05 48.67
CA VAL HF 53 69.35 90.70 49.29
C VAL HF 53 69.38 91.15 50.74
N TYR HF 54 68.19 91.24 51.33
CA TYR HF 54 68.04 91.63 52.72
C TYR HF 54 66.67 91.18 53.19
N LYS HF 55 66.62 90.57 54.38
CA LYS HF 55 65.35 90.14 54.96
C LYS HF 55 64.82 91.27 55.84
N ARG HF 56 64.46 92.36 55.20
CA ARG HF 56 63.97 93.52 55.91
C ARG HF 56 62.61 93.21 56.52
N PRO HF 57 62.42 93.42 57.82
CA PRO HF 57 61.17 93.01 58.47
C PRO HF 57 59.97 93.84 58.06
N ALA HF 58 58.85 93.59 58.72
CA ALA HF 58 57.59 94.24 58.40
C ALA HF 58 57.69 95.75 58.65
N PRO HF 59 56.80 96.54 58.05
CA PRO HF 59 56.88 98.00 58.17
C PRO HF 59 56.85 98.52 59.61
N LYS HF 60 56.39 97.70 60.56
CA LYS HF 60 56.44 98.06 61.98
C LYS HF 60 55.63 99.34 62.24
N PRO HF 61 54.29 99.26 62.26
CA PRO HF 61 53.49 100.46 62.58
C PRO HF 61 54.00 101.20 63.80
N GLU HF 62 54.27 102.48 63.63
CA GLU HF 62 55.10 103.25 64.55
C GLU HF 62 54.52 103.33 65.96
N GLY HF 63 55.40 103.47 66.95
CA GLY HF 63 55.01 103.67 68.32
C GLY HF 63 54.69 102.41 69.08
N CYS HF 64 54.65 101.26 68.42
CA CYS HF 64 54.27 100.02 69.08
C CYS HF 64 54.98 98.81 68.49
N ALA HF 65 54.60 97.63 68.97
CA ALA HF 65 55.20 96.37 68.56
C ALA HF 65 56.72 96.44 68.67
N ASP HF 66 57.17 97.18 69.68
CA ASP HF 66 58.58 97.43 69.89
C ASP HF 66 59.13 96.35 70.80
N ALA HF 67 58.27 95.38 71.12
CA ALA HF 67 58.71 94.11 71.67
C ALA HF 67 59.01 93.19 70.50
N CYS HF 68 59.61 92.04 70.75
CA CYS HF 68 60.01 91.11 69.69
C CYS HF 68 59.04 89.94 69.62
N VAL HF 69 58.05 90.07 68.76
CA VAL HF 69 57.25 88.95 68.28
C VAL HF 69 57.70 88.54 66.88
N ILE HF 70 58.57 89.36 66.27
CA ILE HF 70 59.26 89.14 65.00
C ILE HF 70 58.29 88.73 63.89
N MET HF 71 57.82 89.70 63.14
CA MET HF 71 56.97 89.44 62.00
C MET HF 71 57.80 88.89 60.84
N PRO HF 72 57.17 88.19 59.91
CA PRO HF 72 57.92 87.72 58.73
C PRO HF 72 58.51 88.89 57.97
N ASN HF 73 59.71 88.70 57.46
CA ASN HF 73 60.41 89.77 56.77
C ASN HF 73 59.93 89.82 55.32
N GLU HF 74 60.56 90.64 54.50
CA GLU HF 74 60.22 90.74 53.09
C GLU HF 74 61.50 90.94 52.30
N ASN HF 75 61.43 90.61 51.01
CA ASN HF 75 62.62 90.58 50.17
C ASN HF 75 62.93 91.96 49.65
N GLN HF 76 64.10 92.47 50.01
CA GLN HF 76 64.62 93.72 49.46
C GLN HF 76 65.82 93.33 48.59
N SER HF 77 65.56 93.00 47.34
CA SER HF 77 66.58 92.47 46.45
C SER HF 77 66.94 93.51 45.39
N ILE HF 78 68.23 93.72 45.20
CA ILE HF 78 68.75 94.62 44.18
C ILE HF 78 69.71 93.82 43.31
N ARG HF 79 69.37 93.66 42.04
CA ARG HF 79 70.19 92.90 41.11
C ARG HF 79 70.52 93.76 39.90
N THR HF 80 71.77 93.70 39.46
CA THR HF 80 72.23 94.42 38.29
C THR HF 80 73.06 93.49 37.41
N VAL HF 81 73.07 93.78 36.12
CA VAL HF 81 73.79 92.99 35.13
C VAL HF 81 74.58 93.93 34.24
N ILE HF 82 75.88 93.65 34.10
CA ILE HF 82 76.77 94.42 33.25
C ILE HF 82 77.27 93.49 32.15
N SER HF 83 77.01 93.85 30.90
CA SER HF 83 77.42 93.06 29.75
C SER HF 83 78.16 93.93 28.76
N GLY HF 84 79.26 93.44 28.21
CA GLY HF 84 79.99 94.19 27.23
C GLY HF 84 81.33 93.54 26.93
N SER HF 85 81.98 94.06 25.90
CA SER HF 85 83.29 93.55 25.50
C SER HF 85 84.35 94.00 26.51
N ALA HF 86 85.24 93.07 26.88
CA ALA HF 86 86.31 93.41 27.81
C ALA HF 86 87.27 94.42 27.23
N GLU HF 87 87.39 94.47 25.89
CA GLU HF 87 88.31 95.40 25.27
C GLU HF 87 87.85 96.84 25.45
N ASN HF 88 86.53 97.06 25.45
CA ASN HF 88 85.96 98.39 25.66
C ASN HF 88 85.65 98.65 27.13
N LEU HF 89 86.34 97.97 28.03
CA LEU HF 89 86.07 98.14 29.46
C LEU HF 89 86.33 99.56 29.92
N ALA HF 90 87.38 100.19 29.40
CA ALA HF 90 87.73 101.54 29.84
C ALA HF 90 86.57 102.50 29.64
N THR HF 91 85.97 102.47 28.46
CA THR HF 91 84.79 103.29 28.21
C THR HF 91 83.54 102.67 28.80
N LEU HF 92 83.53 101.36 29.05
CA LEU HF 92 82.35 100.73 29.61
C LEU HF 92 82.10 101.17 31.04
N LYS HF 93 83.16 101.54 31.76
CA LYS HF 93 83.00 102.08 33.10
C LYS HF 93 82.18 103.36 33.06
N ALA HF 94 82.28 104.11 31.96
CA ALA HF 94 81.69 105.44 31.92
C ALA HF 94 80.18 105.39 32.00
N GLU HF 95 79.53 104.58 31.16
CA GLU HF 95 78.07 104.60 31.14
C GLU HF 95 77.51 104.00 32.43
N TRP HF 96 78.24 103.07 33.04
CA TRP HF 96 77.83 102.56 34.34
C TRP HF 96 77.78 103.69 35.35
N GLU HF 97 78.75 104.60 35.30
CA GLU HF 97 78.72 105.76 36.16
C GLU HF 97 77.50 106.63 35.85
N THR HF 98 77.18 106.81 34.57
CA THR HF 98 76.00 107.59 34.22
C THR HF 98 74.73 106.80 34.49
N HIS HF 99 74.77 105.48 34.27
CA HIS HF 99 73.57 104.67 34.51
C HIS HF 99 73.16 104.75 35.96
N LYS HF 100 74.11 104.72 36.89
CA LYS HF 100 73.77 104.84 38.29
C LYS HF 100 73.23 106.24 38.60
N ARG HF 101 73.75 107.26 37.94
CA ARG HF 101 73.26 108.61 38.18
C ARG HF 101 71.87 108.80 37.59
N ASN HF 102 71.63 108.26 36.40
CA ASN HF 102 70.31 108.36 35.80
C ASN HF 102 69.26 107.68 36.68
N VAL HF 103 69.60 106.54 37.26
CA VAL HF 103 68.72 105.92 38.23
C VAL HF 103 68.59 106.81 39.47
N ASP HF 104 69.69 107.39 39.92
CA ASP HF 104 69.66 108.24 41.10
C ASP HF 104 68.72 109.42 40.91
N THR HF 105 68.81 110.09 39.76
CA THR HF 105 67.96 111.25 39.52
C THR HF 105 66.51 110.83 39.30
N LEU HF 106 66.25 109.54 39.16
CA LEU HF 106 64.91 109.06 38.92
C LEU HF 106 64.35 108.22 40.06
N PHE HF 107 65.22 107.57 40.84
CA PHE HF 107 64.78 106.71 41.93
C PHE HF 107 65.15 107.28 43.29
N ALA HF 108 66.44 107.56 43.51
CA ALA HF 108 66.85 108.12 44.80
C ALA HF 108 66.27 109.51 45.00
N SER HF 109 66.26 110.33 43.95
CA SER HF 109 65.70 111.67 44.04
C SER HF 109 64.22 111.71 43.67
N GLY HF 110 63.80 110.90 42.70
CA GLY HF 110 62.43 110.85 42.28
C GLY HF 110 61.58 109.96 43.17
N ASN HF 111 60.35 109.72 42.72
CA ASN HF 111 59.40 108.88 43.43
C ASN HF 111 59.22 107.53 42.74
N ALA HF 112 60.28 107.02 42.11
CA ALA HF 112 60.18 105.74 41.43
C ALA HF 112 59.88 104.61 42.39
N GLY HF 113 60.51 104.62 43.56
CA GLY HF 113 60.31 103.53 44.51
C GLY HF 113 58.86 103.36 44.90
N LEU HF 114 58.14 104.47 45.09
CA LEU HF 114 56.72 104.39 45.37
C LEU HF 114 55.94 103.86 44.18
N GLY HF 115 56.42 104.07 42.96
CA GLY HF 115 55.73 103.59 41.78
C GLY HF 115 55.26 104.71 40.87
N PHE HF 116 55.98 105.82 40.86
CA PHE HF 116 55.68 106.95 40.00
C PHE HF 116 56.85 107.23 39.09
N LEU HF 117 56.56 107.43 37.81
CA LEU HF 117 57.57 107.74 36.80
C LEU HF 117 57.34 109.14 36.27
N ASP HF 118 58.37 109.97 36.31
CA ASP HF 118 58.26 111.36 35.88
C ASP HF 118 58.86 111.51 34.49
N PRO HF 119 58.04 111.76 33.46
CA PRO HF 119 58.59 111.94 32.11
C PRO HF 119 59.48 113.17 31.99
N THR HF 120 59.38 114.13 32.90
CA THR HF 120 60.16 115.35 32.84
C THR HF 120 61.51 115.24 33.52
N ALA HF 121 61.88 114.06 33.99
CA ALA HF 121 63.15 113.90 34.69
C ALA HF 121 64.32 114.19 33.76
N ALA HF 122 65.36 114.78 34.33
CA ALA HF 122 66.56 115.14 33.58
C ALA HF 122 67.49 113.93 33.51
N ILE HF 123 67.59 113.33 32.33
CA ILE HF 123 68.43 112.16 32.10
C ILE HF 123 69.45 112.51 31.05
N VAL HF 124 70.74 112.33 31.38
CA VAL HF 124 71.84 112.71 30.51
C VAL HF 124 72.59 111.47 30.09
N SER HF 125 73.20 111.53 28.91
CA SER HF 125 73.84 110.37 28.32
C SER HF 125 75.32 110.30 28.73
N SER HF 126 75.93 109.15 28.44
CA SER HF 126 77.35 108.99 28.71
C SER HF 126 78.18 109.89 27.81
N ASP HF 127 77.74 110.08 26.56
CA ASP HF 127 78.47 110.93 25.63
C ASP HF 127 78.42 112.37 26.09
N THR HF 128 79.59 112.96 26.29
CA THR HF 128 79.70 114.33 26.77
C THR HF 128 79.49 115.30 25.61
N THR HF 129 79.75 116.58 25.86
CA THR HF 129 79.61 117.60 24.83
C THR HF 129 80.95 117.89 24.16
N ALA IF 1 110.61 92.30 30.46
CA ALA IF 1 109.89 91.22 31.12
C ALA IF 1 108.77 90.69 30.24
N ASN IF 2 107.79 90.04 30.86
CA ASN IF 2 106.63 89.52 30.16
C ASN IF 2 105.38 89.83 30.96
N LYS IF 3 104.25 89.96 30.28
CA LYS IF 3 103.01 90.25 30.96
C LYS IF 3 102.59 89.04 31.80
N PRO IF 4 102.42 89.19 33.11
CA PRO IF 4 101.99 88.05 33.93
C PRO IF 4 100.53 87.72 33.70
N MET IF 5 100.18 86.48 33.99
CA MET IF 5 98.81 86.01 33.88
C MET IF 5 98.21 85.79 35.27
N GLN IF 6 96.90 85.63 35.29
CA GLN IF 6 96.16 85.31 36.51
C GLN IF 6 95.18 84.20 36.21
N PRO IF 7 94.85 83.38 37.21
CA PRO IF 7 93.91 82.29 36.98
C PRO IF 7 92.54 82.79 36.58
N ILE IF 8 91.88 82.01 35.74
CA ILE IF 8 90.52 82.32 35.29
C ILE IF 8 89.55 81.28 35.82
N THR IF 9 89.97 80.01 35.82
CA THR IF 9 89.06 78.91 36.16
C THR IF 9 89.81 77.93 37.06
N SER IF 10 89.60 78.05 38.36
CA SER IF 10 90.27 77.20 39.33
C SER IF 10 89.42 75.95 39.59
N THR IF 11 89.37 75.10 38.56
CA THR IF 11 88.72 73.81 38.71
C THR IF 11 89.53 72.93 39.67
N ALA IF 12 88.88 71.89 40.18
CA ALA IF 12 89.53 71.02 41.16
C ALA IF 12 90.83 70.43 40.61
N ASN IF 13 90.89 70.19 39.31
CA ASN IF 13 92.08 69.59 38.70
C ASN IF 13 92.77 70.47 37.68
N LYS IF 14 92.07 71.41 37.04
CA LYS IF 14 92.65 72.24 36.00
C LYS IF 14 92.54 73.71 36.38
N ILE IF 15 93.53 74.49 35.97
CA ILE IF 15 93.56 75.93 36.18
C ILE IF 15 93.95 76.60 34.87
N VAL IF 16 93.23 77.67 34.51
CA VAL IF 16 93.46 78.38 33.26
C VAL IF 16 93.97 79.77 33.59
N TRP IF 17 95.12 80.14 33.03
CA TRP IF 17 95.68 81.47 33.16
C TRP IF 17 95.37 82.27 31.90
N SER IF 18 95.27 83.59 32.05
CA SER IF 18 95.02 84.46 30.92
C SER IF 18 95.70 85.80 31.14
N ASP IF 19 96.04 86.46 30.05
CA ASP IF 19 96.61 87.80 30.11
C ASP IF 19 95.49 88.82 30.20
N PRO IF 20 95.45 89.66 31.23
CA PRO IF 20 94.40 90.69 31.29
C PRO IF 20 94.41 91.64 30.09
N THR IF 21 95.60 91.99 29.60
CA THR IF 21 95.67 92.89 28.45
C THR IF 21 95.03 92.28 27.22
N ARG IF 22 95.30 91.00 26.97
CA ARG IF 22 94.71 90.25 25.86
C ARG IF 22 94.15 88.96 26.42
N LEU IF 23 92.84 88.92 26.64
CA LEU IF 23 92.23 87.75 27.26
C LEU IF 23 92.34 86.51 26.39
N SER IF 24 92.63 86.69 25.10
CA SER IF 24 92.67 85.54 24.20
C SER IF 24 93.83 84.61 24.54
N THR IF 25 94.99 85.18 24.88
CA THR IF 25 96.15 84.37 25.20
C THR IF 25 95.91 83.62 26.51
N THR IF 26 96.10 82.30 26.48
CA THR IF 26 95.81 81.47 27.64
C THR IF 26 96.90 80.44 27.82
N PHE IF 27 96.96 79.89 29.03
CA PHE IF 27 97.84 78.76 29.36
C PHE IF 27 97.20 77.99 30.49
N SER IF 28 96.73 76.79 30.22
CA SER IF 28 96.02 76.00 31.20
C SER IF 28 96.72 74.68 31.43
N ALA IF 29 96.68 74.21 32.67
CA ALA IF 29 97.30 72.94 33.06
C ALA IF 29 96.23 72.07 33.71
N SER IF 30 96.11 70.84 33.24
CA SER IF 30 95.15 69.89 33.79
C SER IF 30 95.90 68.63 34.20
N LEU IF 31 95.64 68.16 35.40
CA LEU IF 31 96.33 66.99 35.95
C LEU IF 31 95.31 65.89 36.24
N LEU IF 32 95.67 64.67 35.83
CA LEU IF 32 94.86 63.49 36.09
C LEU IF 32 95.72 62.46 36.80
N ARG IF 33 95.26 62.00 37.95
CA ARG IF 33 96.00 61.04 38.76
C ARG IF 33 95.23 59.72 38.81
N GLN IF 34 95.97 58.62 38.74
CA GLN IF 34 95.37 57.29 38.76
C GLN IF 34 96.39 56.33 39.37
N ARG IF 35 95.89 55.25 39.94
CA ARG IF 35 96.71 54.28 40.67
C ARG IF 35 97.05 53.13 39.74
N VAL IF 36 98.28 53.12 39.24
CA VAL IF 36 98.76 52.01 38.42
C VAL IF 36 99.34 50.94 39.32
N LYS IF 37 99.06 49.68 38.99
CA LYS IF 37 99.57 48.54 39.75
C LYS IF 37 100.51 47.75 38.87
N VAL IF 38 101.77 47.66 39.30
CA VAL IF 38 102.75 46.79 38.65
C VAL IF 38 102.98 45.59 39.56
N GLY IF 39 103.76 44.63 39.07
CA GLY IF 39 104.06 43.43 39.81
C GLY IF 39 104.44 43.67 41.25
N ILE IF 40 103.60 43.17 42.17
CA ILE IF 40 103.71 43.32 43.61
C ILE IF 40 104.23 44.71 44.01
N ALA IF 41 103.69 45.74 43.38
CA ALA IF 41 104.06 47.11 43.73
C ALA IF 41 102.99 48.06 43.20
N GLU IF 42 102.55 48.98 44.05
CA GLU IF 42 101.56 49.98 43.68
C GLU IF 42 102.25 51.32 43.50
N LEU IF 43 101.99 51.98 42.37
CA LEU IF 43 102.67 53.21 42.01
C LEU IF 43 101.63 54.31 41.82
N ASN IF 44 102.04 55.55 42.07
CA ASN IF 44 101.16 56.70 41.93
C ASN IF 44 101.45 57.38 40.60
N ASN IF 45 100.56 57.20 39.63
CA ASN IF 45 100.76 57.73 38.29
C ASN IF 45 100.10 59.10 38.16
N VAL IF 46 100.84 60.05 37.61
CA VAL IF 46 100.36 61.41 37.39
C VAL IF 46 100.49 61.73 35.91
N SER IF 47 99.41 62.20 35.31
CA SER IF 47 99.38 62.56 33.89
C SER IF 47 98.95 64.01 33.77
N GLY IF 48 99.91 64.90 33.59
CA GLY IF 48 99.65 66.33 33.53
C GLY IF 48 99.71 66.81 32.09
N GLN IF 49 98.69 67.58 31.70
CA GLN IF 49 98.58 68.13 30.37
C GLN IF 49 98.65 69.65 30.45
N TYR IF 50 99.49 70.25 29.63
CA TYR IF 50 99.71 71.70 29.61
C TYR IF 50 99.55 72.19 28.18
N VAL IF 51 98.72 73.22 28.00
CA VAL IF 51 98.46 73.77 26.66
C VAL IF 51 98.72 75.26 26.71
N SER IF 52 99.35 75.78 25.66
CA SER IF 52 99.57 77.21 25.49
C SER IF 52 98.98 77.64 24.16
N VAL IF 53 98.09 78.63 24.21
CA VAL IF 53 97.32 79.05 23.04
C VAL IF 53 97.51 80.54 22.84
N TYR IF 54 97.80 80.93 21.60
CA TYR IF 54 97.91 82.33 21.23
C TYR IF 54 97.17 82.56 19.92
N LYS IF 55 96.47 83.68 19.84
CA LYS IF 55 95.78 84.08 18.61
C LYS IF 55 96.66 85.10 17.90
N ARG IF 56 97.57 84.61 17.07
CA ARG IF 56 98.53 85.45 16.40
C ARG IF 56 98.00 85.87 15.05
N PRO IF 57 97.94 87.16 14.75
CA PRO IF 57 97.43 87.60 13.46
C PRO IF 57 98.32 87.14 12.32
N ALA IF 58 97.71 86.96 11.15
CA ALA IF 58 98.47 86.57 9.97
C ALA IF 58 99.51 87.63 9.65
N PRO IF 59 100.63 87.24 9.04
CA PRO IF 59 101.68 88.22 8.76
C PRO IF 59 101.20 89.33 7.83
N LYS IF 60 101.64 90.55 8.12
CA LYS IF 60 101.33 91.67 7.25
C LYS IF 60 102.02 91.47 5.91
N PRO IF 61 101.33 91.65 4.79
CA PRO IF 61 101.96 91.41 3.49
C PRO IF 61 103.12 92.36 3.23
N GLU IF 62 104.33 91.80 3.21
CA GLU IF 62 105.61 92.52 3.10
C GLU IF 62 105.64 93.70 4.06
N GLY IF 63 106.45 94.72 3.77
CA GLY IF 63 106.54 95.86 4.64
C GLY IF 63 105.42 96.87 4.45
N CYS IF 64 104.48 96.91 5.39
CA CYS IF 64 103.36 97.83 5.31
C CYS IF 64 103.09 98.55 6.63
N ALA IF 65 104.12 99.10 7.25
CA ALA IF 65 103.88 99.99 8.36
C ALA IF 65 103.16 101.23 7.84
N ASP IF 66 101.84 101.27 8.03
CA ASP IF 66 100.99 102.20 7.32
C ASP IF 66 99.68 102.37 8.08
N ALA IF 67 98.67 102.90 7.40
CA ALA IF 67 97.33 102.95 7.97
C ALA IF 67 96.85 101.52 8.15
N CYS IF 68 96.83 101.07 9.40
CA CYS IF 68 96.82 99.66 9.73
C CYS IF 68 95.62 98.92 9.17
N VAL IF 69 95.87 97.81 8.50
CA VAL IF 69 94.83 96.89 8.06
C VAL IF 69 94.96 95.62 8.89
N ILE IF 70 93.84 95.09 9.36
CA ILE IF 70 93.83 93.99 10.31
C ILE IF 70 93.41 92.73 9.59
N MET IF 71 94.31 91.76 9.55
CA MET IF 71 94.01 90.43 9.03
C MET IF 71 93.70 89.49 10.19
N PRO IF 72 92.94 88.43 9.94
CA PRO IF 72 92.48 87.56 11.02
C PRO IF 72 93.65 86.87 11.72
N ASN IF 73 93.30 86.08 12.75
CA ASN IF 73 94.26 85.43 13.61
C ASN IF 73 94.35 83.95 13.27
N GLU IF 74 95.55 83.39 13.42
CA GLU IF 74 95.75 81.96 13.29
C GLU IF 74 95.80 81.32 14.67
N ASN IF 75 95.79 79.98 14.69
CA ASN IF 75 95.80 79.21 15.94
C ASN IF 75 97.22 78.74 16.24
N GLN IF 76 97.99 79.55 16.96
CA GLN IF 76 99.28 79.11 17.46
C GLN IF 76 99.07 78.39 18.79
N SER IF 77 99.01 77.07 18.74
CA SER IF 77 98.76 76.26 19.93
C SER IF 77 99.78 75.14 20.04
N ILE IF 78 100.33 74.98 21.23
CA ILE IF 78 101.23 73.87 21.54
C ILE IF 78 100.81 73.27 22.88
N ARG IF 79 100.81 71.94 22.96
CA ARG IF 79 100.40 71.25 24.17
C ARG IF 79 101.43 70.19 24.53
N THR IF 80 101.54 69.89 25.81
CA THR IF 80 102.42 68.84 26.29
C THR IF 80 101.69 67.98 27.30
N VAL IF 81 102.05 66.70 27.33
CA VAL IF 81 101.56 65.78 28.34
C VAL IF 81 102.76 65.03 28.92
N ILE IF 82 102.79 64.89 30.23
CA ILE IF 82 103.85 64.17 30.92
C ILE IF 82 103.18 63.07 31.75
N SER IF 83 103.60 61.83 31.54
CA SER IF 83 103.04 60.69 32.24
C SER IF 83 104.14 59.92 32.93
N GLY IF 84 103.87 59.46 34.14
CA GLY IF 84 104.84 58.69 34.89
C GLY IF 84 104.47 58.63 36.35
N SER IF 85 105.12 57.71 37.05
CA SER IF 85 104.89 57.56 38.47
C SER IF 85 105.51 58.72 39.24
N ALA IF 86 104.87 59.10 40.34
CA ALA IF 86 105.40 60.16 41.18
C ALA IF 86 106.57 59.69 42.03
N GLU IF 87 106.72 58.38 42.22
CA GLU IF 87 107.79 57.86 43.05
C GLU IF 87 109.16 58.04 42.42
N ASN IF 88 109.23 58.19 41.10
CA ASN IF 88 110.47 58.45 40.39
C ASN IF 88 110.39 59.77 39.62
N LEU IF 89 109.89 60.80 40.30
CA LEU IF 89 109.81 62.12 39.67
C LEU IF 89 111.18 62.69 39.35
N ALA IF 90 112.17 62.43 40.20
CA ALA IF 90 113.48 63.05 40.03
C ALA IF 90 114.11 62.64 38.69
N THR IF 91 114.01 61.37 38.34
CA THR IF 91 114.52 60.95 37.04
C THR IF 91 113.62 61.43 35.90
N LEU IF 92 112.33 61.65 36.18
CA LEU IF 92 111.44 62.16 35.14
C LEU IF 92 111.77 63.60 34.79
N LYS IF 93 112.22 64.39 35.77
CA LYS IF 93 112.59 65.77 35.47
C LYS IF 93 113.76 65.82 34.52
N ALA IF 94 114.73 64.92 34.67
CA ALA IF 94 115.81 64.82 33.70
C ALA IF 94 115.27 64.43 32.33
N GLU IF 95 114.24 63.58 32.30
CA GLU IF 95 113.62 63.22 31.03
C GLU IF 95 113.05 64.44 30.34
N TRP IF 96 112.37 65.31 31.11
CA TRP IF 96 111.84 66.54 30.54
C TRP IF 96 112.96 67.45 30.07
N GLU IF 97 114.05 67.51 30.84
CA GLU IF 97 115.16 68.38 30.47
C GLU IF 97 115.76 67.95 29.14
N THR IF 98 116.07 66.67 28.99
CA THR IF 98 116.65 66.20 27.74
C THR IF 98 115.65 66.30 26.60
N HIS IF 99 114.36 66.18 26.91
CA HIS IF 99 113.33 66.31 25.88
C HIS IF 99 113.34 67.71 25.29
N LYS IF 100 113.51 68.72 26.13
CA LYS IF 100 113.58 70.10 25.64
C LYS IF 100 114.76 70.28 24.71
N ARG IF 101 115.94 69.83 25.12
CA ARG IF 101 117.12 69.94 24.26
C ARG IF 101 116.93 69.13 22.99
N ASN IF 102 116.32 67.95 23.10
CA ASN IF 102 116.14 67.09 21.94
C ASN IF 102 115.23 67.74 20.90
N VAL IF 103 114.13 68.34 21.32
CA VAL IF 103 113.22 68.96 20.37
C VAL IF 103 113.79 70.29 19.87
N ASP IF 104 114.50 71.02 20.73
CA ASP IF 104 115.05 72.30 20.32
C ASP IF 104 116.08 72.14 19.21
N THR IF 105 116.96 71.14 19.35
CA THR IF 105 117.97 70.92 18.33
C THR IF 105 117.36 70.48 17.01
N LEU IF 106 116.10 70.09 17.00
CA LEU IF 106 115.42 69.68 15.79
C LEU IF 106 114.38 70.69 15.32
N PHE IF 107 113.83 71.49 16.23
CA PHE IF 107 112.83 72.48 15.88
C PHE IF 107 113.33 73.90 16.10
N ALA IF 108 113.80 74.23 17.31
CA ALA IF 108 114.24 75.59 17.59
C ALA IF 108 115.46 75.96 16.75
N SER IF 109 116.49 75.12 16.77
CA SER IF 109 117.65 75.34 15.92
C SER IF 109 117.56 74.59 14.60
N GLY IF 110 116.69 73.59 14.52
CA GLY IF 110 116.48 72.83 13.31
C GLY IF 110 115.56 73.55 12.35
N ASN IF 111 115.15 72.83 11.31
CA ASN IF 111 114.31 73.40 10.27
C ASN IF 111 113.00 72.64 10.16
N ALA IF 112 112.65 71.84 11.16
CA ALA IF 112 111.42 71.05 11.11
C ALA IF 112 110.18 71.91 11.20
N GLY IF 113 110.31 73.14 11.68
CA GLY IF 113 109.14 73.99 11.83
C GLY IF 113 108.46 74.27 10.51
N LEU IF 114 109.24 74.49 9.45
CA LEU IF 114 108.66 74.72 8.13
C LEU IF 114 107.93 73.48 7.63
N GLY IF 115 108.48 72.30 7.88
CA GLY IF 115 107.88 71.08 7.40
C GLY IF 115 108.91 70.06 6.97
N PHE IF 116 110.17 70.46 6.96
CA PHE IF 116 111.24 69.53 6.61
C PHE IF 116 111.50 68.58 7.77
N LEU IF 117 112.21 67.50 7.47
CA LEU IF 117 112.67 66.55 8.49
C LEU IF 117 114.13 66.23 8.24
N ASP IF 118 114.93 66.26 9.30
CA ASP IF 118 116.36 65.99 9.18
C ASP IF 118 116.68 64.62 9.75
N PRO IF 119 116.95 63.62 8.92
CA PRO IF 119 117.30 62.30 9.46
C PRO IF 119 118.68 62.24 10.07
N THR IF 120 119.48 63.31 9.96
CA THR IF 120 120.83 63.34 10.50
C THR IF 120 120.97 64.36 11.63
N ALA IF 121 119.87 64.75 12.26
CA ALA IF 121 119.93 65.71 13.36
C ALA IF 121 120.70 65.12 14.53
N ALA IF 122 121.41 65.98 15.25
CA ALA IF 122 122.24 65.56 16.38
C ALA IF 122 121.38 65.30 17.61
N ILE IF 123 120.45 64.35 17.46
CA ILE IF 123 119.57 63.97 18.54
C ILE IF 123 120.34 63.12 19.54
N VAL IF 124 120.14 63.39 20.83
CA VAL IF 124 120.92 62.75 21.88
C VAL IF 124 119.95 62.15 22.89
N SER IF 125 120.43 61.16 23.64
CA SER IF 125 119.62 60.45 24.61
C SER IF 125 119.65 61.19 25.94
N SER IF 126 119.12 60.56 26.98
CA SER IF 126 119.00 61.17 28.31
C SER IF 126 120.13 60.82 29.24
N ASP IF 127 120.42 59.53 29.41
CA ASP IF 127 121.46 59.13 30.35
C ASP IF 127 122.84 59.55 29.85
N THR IF 128 123.77 59.67 30.79
CA THR IF 128 125.11 60.15 30.52
C THR IF 128 126.07 58.97 30.35
N THR IF 129 127.35 59.29 30.21
CA THR IF 129 128.38 58.28 30.05
C THR IF 129 128.83 57.73 31.39
N ALA JF 1 108.82 71.08 63.03
CA ALA JF 1 108.43 71.59 61.72
C ALA JF 1 107.74 70.51 60.91
N ASN JF 2 106.42 70.43 61.07
CA ASN JF 2 105.64 69.43 60.36
C ASN JF 2 105.54 69.77 58.88
N LYS JF 3 105.41 68.75 58.05
CA LYS JF 3 105.28 68.96 56.62
C LYS JF 3 103.93 69.58 56.30
N PRO JF 4 103.88 70.75 55.68
CA PRO JF 4 102.59 71.29 55.22
C PRO JF 4 102.12 70.55 53.98
N MET JF 5 100.82 70.27 53.94
CA MET JF 5 100.27 69.66 52.73
C MET JF 5 99.83 70.73 51.75
N GLN JF 6 99.46 70.28 50.56
CA GLN JF 6 98.88 71.12 49.54
C GLN JF 6 97.51 70.61 49.16
N PRO JF 7 96.57 71.48 48.83
CA PRO JF 7 95.23 71.01 48.45
C PRO JF 7 95.27 70.16 47.18
N ILE JF 8 94.40 69.17 47.12
CA ILE JF 8 94.29 68.28 45.97
C ILE JF 8 93.04 68.58 45.16
N THR JF 9 91.88 68.42 45.76
CA THR JF 9 90.60 68.68 45.10
C THR JF 9 89.97 69.89 45.76
N SER JF 10 89.90 71.00 45.03
CA SER JF 10 89.31 72.23 45.53
C SER JF 10 87.87 72.31 45.07
N THR JF 11 86.96 72.55 46.01
CA THR JF 11 85.54 72.61 45.73
C THR JF 11 84.91 73.57 46.71
N ALA JF 12 83.70 74.03 46.39
CA ALA JF 12 82.95 74.87 47.31
C ALA JF 12 82.54 74.13 48.57
N ASN JF 13 82.66 72.81 48.60
CA ASN JF 13 82.24 72.02 49.75
C ASN JF 13 83.33 71.12 50.31
N LYS JF 14 84.28 70.69 49.48
CA LYS JF 14 85.32 69.78 49.93
C LYS JF 14 86.68 70.26 49.47
N ILE JF 15 87.65 70.23 50.38
CA ILE JF 15 89.05 70.46 50.05
C ILE JF 15 89.87 69.37 50.71
N VAL JF 16 90.75 68.74 49.94
CA VAL JF 16 91.58 67.65 50.42
C VAL JF 16 93.04 68.03 50.29
N TRP JF 17 93.77 67.96 51.40
CA TRP JF 17 95.19 68.22 51.42
C TRP JF 17 95.96 66.90 51.39
N SER JF 18 97.16 66.91 50.84
CA SER JF 18 98.02 65.74 50.82
C SER JF 18 99.47 66.17 50.85
N ASP JF 19 100.30 65.34 51.45
CA ASP JF 19 101.71 65.64 51.66
C ASP JF 19 102.52 65.29 50.42
N PRO JF 20 103.37 66.21 49.94
CA PRO JF 20 104.20 65.88 48.76
C PRO JF 20 105.12 64.70 48.98
N THR JF 21 105.73 64.58 50.16
CA THR JF 21 106.67 63.49 50.39
C THR JF 21 105.94 62.14 50.43
N ARG JF 22 104.78 62.09 51.06
CA ARG JF 22 103.99 60.87 51.16
C ARG JF 22 102.55 61.18 50.82
N LEU JF 23 102.06 60.61 49.72
CA LEU JF 23 100.72 60.91 49.24
C LEU JF 23 99.64 60.11 49.93
N SER JF 24 100.00 59.09 50.71
CA SER JF 24 98.99 58.29 51.40
C SER JF 24 98.23 59.14 52.40
N THR JF 25 98.94 59.98 53.15
CA THR JF 25 98.29 60.82 54.15
C THR JF 25 97.47 61.92 53.48
N THR JF 26 96.24 62.08 53.96
CA THR JF 26 95.37 63.15 53.49
C THR JF 26 94.61 63.72 54.68
N PHE JF 27 94.11 64.94 54.49
CA PHE JF 27 93.24 65.59 55.48
C PHE JF 27 92.09 66.23 54.74
N SER JF 28 90.93 65.62 54.81
CA SER JF 28 89.75 66.08 54.09
C SER JF 28 88.84 66.87 55.00
N ALA JF 29 88.38 68.02 54.52
CA ALA JF 29 87.46 68.87 55.26
C ALA JF 29 86.22 69.10 54.41
N SER JF 30 85.16 68.36 54.72
CA SER JF 30 83.90 68.45 53.99
C SER JF 30 82.92 69.27 54.81
N LEU JF 31 82.35 70.30 54.18
CA LEU JF 31 81.46 71.22 54.85
C LEU JF 31 80.10 71.19 54.18
N LEU JF 32 79.05 71.07 54.97
CA LEU JF 32 77.68 71.10 54.49
C LEU JF 32 76.92 72.17 55.25
N ARG JF 33 76.34 73.12 54.53
CA ARG JF 33 75.57 74.20 55.12
C ARG JF 33 74.09 73.96 54.85
N GLN JF 34 73.26 74.23 55.86
CA GLN JF 34 71.83 73.97 55.74
C GLN JF 34 71.08 75.06 56.48
N ARG JF 35 69.93 75.44 55.93
CA ARG JF 35 69.11 76.53 56.46
C ARG JF 35 67.87 75.91 57.09
N VAL JF 36 67.82 75.89 58.43
CA VAL JF 36 66.80 75.15 59.16
C VAL JF 36 66.11 76.07 60.17
N LYS JF 37 64.79 76.01 60.19
CA LYS JF 37 63.98 76.76 61.15
C LYS JF 37 63.59 75.82 62.28
N VAL JF 38 64.00 76.14 63.51
CA VAL JF 38 63.72 75.28 64.64
C VAL JF 38 62.42 75.71 65.34
N GLY JF 39 62.34 76.97 65.75
CA GLY JF 39 61.10 77.50 66.28
C GLY JF 39 60.97 78.99 66.03
N ILE JF 40 59.91 79.40 65.33
CA ILE JF 40 59.58 80.78 64.98
C ILE JF 40 60.84 81.59 64.69
N ALA JF 41 61.87 80.92 64.16
CA ALA JF 41 63.16 81.58 63.90
C ALA JF 41 63.95 80.70 62.96
N GLU JF 42 64.46 81.29 61.88
CA GLU JF 42 65.27 80.57 60.92
C GLU JF 42 66.74 80.67 61.31
N LEU JF 43 67.42 79.52 61.30
CA LEU JF 43 68.82 79.47 61.71
C LEU JF 43 69.63 78.74 60.65
N ASN JF 44 70.80 79.29 60.35
CA ASN JF 44 71.71 78.69 59.38
C ASN JF 44 72.59 77.68 60.11
N ASN JF 45 72.57 76.44 59.63
CA ASN JF 45 73.29 75.34 60.26
C ASN JF 45 74.43 74.89 59.37
N VAL JF 46 75.51 74.43 60.01
CA VAL JF 46 76.69 73.94 59.30
C VAL JF 46 77.08 72.59 59.90
N SER JF 47 77.54 71.69 59.05
CA SER JF 47 78.01 70.37 59.47
C SER JF 47 79.35 70.11 58.81
N GLY JF 48 80.42 70.55 59.45
CA GLY JF 48 81.77 70.40 58.91
C GLY JF 48 82.36 69.06 59.30
N GLN JF 49 82.64 68.24 58.28
CA GLN JF 49 83.17 66.90 58.47
C GLN JF 49 84.67 66.95 58.19
N TYR JF 50 85.48 66.64 59.20
CA TYR JF 50 86.93 66.66 59.09
C TYR JF 50 87.45 65.24 59.23
N VAL JF 51 88.19 64.77 58.23
CA VAL JF 51 88.72 63.42 58.23
C VAL JF 51 90.22 63.49 58.03
N SER JF 52 90.97 62.99 58.99
CA SER JF 52 92.42 62.87 58.89
C SER JF 52 92.74 61.38 58.88
N VAL JF 53 93.38 60.91 57.81
CA VAL JF 53 93.72 59.50 57.65
C VAL JF 53 95.20 59.40 57.35
N TYR JF 54 95.88 58.47 58.03
CA TYR JF 54 97.28 58.21 57.80
C TYR JF 54 97.48 56.70 57.76
N LYS JF 55 98.43 56.25 56.98
CA LYS JF 55 98.71 54.81 56.83
C LYS JF 55 100.03 54.49 57.50
N ARG JF 56 99.98 53.67 58.54
CA ARG JF 56 101.17 53.19 59.22
C ARG JF 56 101.50 51.77 58.78
N PRO JF 57 102.76 51.46 58.51
CA PRO JF 57 103.17 50.07 58.39
C PRO JF 57 102.99 49.37 59.73
N ALA JF 58 102.68 48.08 59.66
CA ALA JF 58 102.59 47.29 60.88
C ALA JF 58 103.95 47.26 61.56
N PRO JF 59 104.01 47.15 62.88
CA PRO JF 59 105.30 47.23 63.58
C PRO JF 59 106.29 46.17 63.13
N LYS JF 60 107.58 46.52 63.11
CA LYS JF 60 108.62 45.58 62.72
C LYS JF 60 108.59 44.39 63.67
N PRO JF 61 108.44 43.16 63.16
CA PRO JF 61 108.38 41.99 64.05
C PRO JF 61 109.61 41.86 64.94
N GLU JF 62 109.41 42.05 66.25
CA GLU JF 62 110.39 41.76 67.31
C GLU JF 62 111.75 42.39 67.04
N GLY JF 63 111.82 43.33 66.10
CA GLY JF 63 113.11 43.85 65.68
C GLY JF 63 113.86 42.82 64.86
N CYS JF 64 113.19 42.25 63.87
CA CYS JF 64 113.75 41.16 63.08
C CYS JF 64 114.75 41.74 62.07
N ALA JF 65 115.19 40.91 61.13
CA ALA JF 65 116.22 41.33 60.19
C ALA JF 65 115.81 42.59 59.45
N ASP JF 66 116.73 43.55 59.39
CA ASP JF 66 116.50 44.78 58.65
C ASP JF 66 116.61 44.59 57.15
N ALA JF 67 116.98 43.38 56.70
CA ALA JF 67 116.85 43.03 55.31
C ALA JF 67 115.41 43.26 54.89
N CYS JF 68 115.22 43.81 53.70
CA CYS JF 68 113.95 44.40 53.32
C CYS JF 68 112.78 43.44 53.47
N VAL JF 69 111.91 43.71 54.45
CA VAL JF 69 110.63 43.02 54.59
C VAL JF 69 109.55 44.08 54.82
N ILE JF 70 108.88 44.49 53.74
CA ILE JF 70 107.85 45.50 53.88
C ILE JF 70 106.53 44.83 54.23
N MET JF 71 105.93 45.28 55.32
CA MET JF 71 104.66 44.78 55.80
C MET JF 71 103.53 45.68 55.33
N PRO JF 72 102.33 45.12 55.14
CA PRO JF 72 101.21 45.94 54.66
C PRO JF 72 100.81 46.99 55.67
N ASN JF 73 100.24 48.06 55.15
CA ASN JF 73 99.88 49.24 55.93
C ASN JF 73 98.49 49.07 56.53
N GLU JF 74 98.35 49.53 57.76
CA GLU JF 74 97.04 49.61 58.39
C GLU JF 74 96.42 50.97 58.07
N ASN JF 75 95.31 51.31 58.73
CA ASN JF 75 94.59 52.54 58.42
C ASN JF 75 94.29 53.30 59.70
N GLN JF 76 95.20 54.18 60.09
CA GLN JF 76 94.92 55.15 61.14
C GLN JF 76 94.04 56.25 60.59
N SER JF 77 92.90 56.49 61.22
CA SER JF 77 91.96 57.47 60.71
C SER JF 77 91.26 58.15 61.88
N ILE JF 78 91.01 59.45 61.72
CA ILE JF 78 90.27 60.24 62.69
C ILE JF 78 89.19 61.02 61.94
N ARG JF 79 87.95 60.87 62.36
CA ARG JF 79 86.83 61.53 61.72
C ARG JF 79 86.12 62.40 62.74
N THR JF 80 85.80 63.63 62.34
CA THR JF 80 85.18 64.59 63.25
C THR JF 80 84.17 65.43 62.48
N VAL JF 81 82.96 65.52 63.02
CA VAL JF 81 81.92 66.36 62.46
C VAL JF 81 81.43 67.30 63.55
N ILE JF 82 81.16 68.55 63.17
CA ILE JF 82 80.70 69.57 64.10
C ILE JF 82 79.42 70.16 63.54
N SER JF 83 78.35 70.13 64.34
CA SER JF 83 77.05 70.61 63.93
C SER JF 83 76.59 71.71 64.89
N GLY JF 84 76.11 72.81 64.33
CA GLY JF 84 75.60 73.89 65.15
C GLY JF 84 75.26 75.09 64.29
N SER JF 85 74.43 75.96 64.85
CA SER JF 85 74.04 77.18 64.17
C SER JF 85 75.21 78.16 64.12
N ALA JF 86 75.27 78.94 63.05
CA ALA JF 86 76.32 79.94 62.92
C ALA JF 86 76.14 81.05 63.94
N GLU JF 87 74.90 81.34 64.32
CA GLU JF 87 74.65 82.43 65.26
C GLU JF 87 75.28 82.19 66.61
N ASN JF 88 75.16 80.97 67.14
CA ASN JF 88 75.73 80.60 68.43
C ASN JF 88 77.13 80.04 68.31
N LEU JF 89 77.82 80.35 67.20
CA LEU JF 89 79.17 79.82 67.00
C LEU JF 89 80.13 80.31 68.07
N ALA JF 90 79.88 81.49 68.66
CA ALA JF 90 80.78 82.03 69.66
C ALA JF 90 80.98 81.05 70.81
N THR JF 91 79.91 80.38 71.21
CA THR JF 91 80.01 79.35 72.25
C THR JF 91 80.33 77.98 71.68
N LEU JF 92 79.98 77.72 70.42
CA LEU JF 92 80.35 76.45 69.80
C LEU JF 92 81.85 76.23 69.84
N LYS JF 93 82.63 77.30 69.72
CA LYS JF 93 84.08 77.17 69.86
C LYS JF 93 84.45 76.70 71.27
N ALA JF 94 83.76 77.24 72.28
CA ALA JF 94 83.97 76.76 73.64
C ALA JF 94 83.57 75.30 73.77
N GLU JF 95 82.52 74.90 73.06
CA GLU JF 95 82.14 73.50 73.03
C GLU JF 95 83.27 72.64 72.47
N TRP JF 96 83.89 73.11 71.39
CA TRP JF 96 84.93 72.33 70.73
C TRP JF 96 86.14 72.14 71.64
N GLU JF 97 86.61 73.21 72.28
CA GLU JF 97 87.78 73.09 73.13
C GLU JF 97 87.48 72.27 74.38
N THR JF 98 86.26 72.37 74.89
CA THR JF 98 85.86 71.49 75.99
C THR JF 98 85.82 70.04 75.54
N HIS JF 99 85.28 69.79 74.35
CA HIS JF 99 85.27 68.44 73.80
C HIS JF 99 86.68 67.90 73.66
N LYS JF 100 87.65 68.77 73.39
CA LYS JF 100 89.04 68.36 73.37
C LYS JF 100 89.46 67.75 74.70
N ARG JF 101 89.21 68.48 75.78
CA ARG JF 101 89.68 68.06 77.09
C ARG JF 101 89.05 66.74 77.51
N ASN JF 102 87.75 66.58 77.26
CA ASN JF 102 87.07 65.35 77.64
C ASN JF 102 87.65 64.16 76.88
N VAL JF 103 87.90 64.32 75.58
CA VAL JF 103 88.51 63.25 74.81
C VAL JF 103 89.95 63.03 75.26
N ASP JF 104 90.68 64.11 75.51
CA ASP JF 104 92.09 63.98 75.88
C ASP JF 104 92.25 63.20 77.18
N THR JF 105 91.41 63.47 78.18
CA THR JF 105 91.56 62.79 79.45
C THR JF 105 91.22 61.31 79.34
N LEU JF 106 90.30 60.97 78.44
CA LEU JF 106 89.99 59.56 78.24
C LEU JF 106 91.05 58.86 77.39
N PHE JF 107 91.57 59.55 76.38
CA PHE JF 107 92.38 58.91 75.36
C PHE JF 107 93.84 59.33 75.43
N ALA JF 108 94.13 60.63 75.36
CA ALA JF 108 95.51 61.09 75.41
C ALA JF 108 96.16 60.73 76.74
N SER JF 109 95.42 60.90 77.83
CA SER JF 109 95.93 60.57 79.15
C SER JF 109 95.52 59.18 79.62
N GLY JF 110 94.28 58.78 79.37
CA GLY JF 110 93.79 57.49 79.81
C GLY JF 110 94.17 56.38 78.85
N ASN JF 111 93.56 55.21 79.06
CA ASN JF 111 93.83 54.03 78.26
C ASN JF 111 92.66 53.66 77.36
N ALA JF 112 91.90 54.67 76.89
CA ALA JF 112 90.77 54.37 76.02
C ALA JF 112 91.22 53.73 74.72
N GLY JF 113 92.43 54.04 74.25
CA GLY JF 113 92.92 53.44 73.03
C GLY JF 113 93.08 51.94 73.14
N LEU JF 114 93.58 51.46 74.28
CA LEU JF 114 93.70 50.02 74.48
C LEU JF 114 92.33 49.35 74.51
N GLY JF 115 91.31 50.06 74.99
CA GLY JF 115 89.98 49.50 75.03
C GLY JF 115 89.34 49.55 76.40
N PHE JF 116 89.88 50.38 77.28
CA PHE JF 116 89.39 50.51 78.65
C PHE JF 116 88.75 51.88 78.86
N LEU JF 117 87.55 51.89 79.42
CA LEU JF 117 86.83 53.12 79.74
C LEU JF 117 86.76 53.25 81.26
N ASP JF 118 87.60 54.11 81.82
CA ASP JF 118 87.61 54.33 83.25
C ASP JF 118 86.35 55.09 83.65
N PRO JF 119 85.44 54.46 84.39
CA PRO JF 119 84.23 55.18 84.81
C PRO JF 119 84.50 56.34 85.74
N THR JF 120 85.62 56.34 86.45
CA THR JF 120 85.93 57.43 87.38
C THR JF 120 86.71 58.56 86.74
N ALA JF 121 86.95 58.50 85.43
CA ALA JF 121 87.69 59.55 84.76
C ALA JF 121 86.97 60.89 84.90
N ALA JF 122 87.75 61.94 85.12
CA ALA JF 122 87.19 63.26 85.32
C ALA JF 122 86.67 63.83 84.00
N ILE JF 123 85.41 64.23 83.98
CA ILE JF 123 84.77 64.81 82.81
C ILE JF 123 84.34 66.22 83.15
N VAL JF 124 84.54 67.14 82.22
CA VAL JF 124 84.37 68.57 82.46
C VAL JF 124 83.36 69.13 81.47
N SER JF 125 82.40 69.88 81.99
CA SER JF 125 81.40 70.52 81.14
C SER JF 125 81.94 71.82 80.55
N SER JF 126 81.30 72.27 79.48
CA SER JF 126 81.64 73.56 78.89
C SER JF 126 81.30 74.70 79.83
N ASP JF 127 80.14 74.61 80.50
CA ASP JF 127 79.70 75.68 81.38
C ASP JF 127 80.63 75.81 82.58
N THR JF 128 80.85 77.05 83.00
CA THR JF 128 81.72 77.35 84.12
C THR JF 128 80.91 77.40 85.42
N THR JF 129 81.60 77.18 86.53
CA THR JF 129 80.96 77.21 87.84
C THR JF 129 80.57 78.63 88.21
N ALA KF 1 104.85 -25.82 103.09
CA ALA KF 1 104.20 -24.54 102.79
C ALA KF 1 103.23 -24.69 101.64
N ASN KF 2 102.97 -23.59 100.93
CA ASN KF 2 102.09 -23.59 99.78
C ASN KF 2 102.73 -22.76 98.67
N LYS KF 3 102.60 -23.22 97.43
CA LYS KF 3 103.10 -22.43 96.31
C LYS KF 3 102.27 -21.17 96.19
N PRO KF 4 102.86 -19.98 96.28
CA PRO KF 4 102.08 -18.77 96.12
C PRO KF 4 101.71 -18.53 94.66
N MET KF 5 100.45 -18.19 94.43
CA MET KF 5 100.07 -17.84 93.07
C MET KF 5 100.67 -16.51 92.69
N GLN KF 6 100.68 -16.24 91.38
CA GLN KF 6 101.13 -14.98 90.87
C GLN KF 6 100.04 -14.38 89.99
N PRO KF 7 99.80 -13.08 90.07
CA PRO KF 7 98.70 -12.48 89.31
C PRO KF 7 98.92 -12.61 87.82
N ILE KF 8 97.84 -12.89 87.09
CA ILE KF 8 97.90 -12.99 85.64
C ILE KF 8 97.25 -11.78 84.98
N THR KF 9 96.16 -11.28 85.54
CA THR KF 9 95.55 -10.04 85.10
C THR KF 9 95.33 -9.16 86.33
N SER KF 10 95.73 -7.89 86.23
CA SER KF 10 95.64 -6.97 87.34
C SER KF 10 94.88 -5.73 86.91
N THR KF 11 93.92 -5.33 87.73
CA THR KF 11 93.11 -4.14 87.47
C THR KF 11 92.64 -3.61 88.81
N ALA KF 12 92.40 -2.30 88.86
CA ALA KF 12 91.94 -1.68 90.09
C ALA KF 12 90.56 -2.15 90.52
N ASN KF 13 89.83 -2.83 89.64
CA ASN KF 13 88.53 -3.38 89.98
C ASN KF 13 88.54 -4.87 90.24
N LYS KF 14 89.51 -5.61 89.71
CA LYS KF 14 89.60 -7.04 89.95
C LYS KF 14 91.01 -7.52 89.68
N ILE KF 15 91.46 -8.49 90.46
CA ILE KF 15 92.76 -9.13 90.28
C ILE KF 15 92.57 -10.63 90.31
N VAL KF 16 93.21 -11.33 89.38
CA VAL KF 16 93.09 -12.77 89.27
C VAL KF 16 94.48 -13.39 89.45
N TRP KF 17 94.61 -14.26 90.43
CA TRP KF 17 95.82 -15.05 90.61
C TRP KF 17 95.64 -16.42 89.99
N SER KF 18 96.75 -17.10 89.77
CA SER KF 18 96.73 -18.44 89.22
C SER KF 18 98.04 -19.14 89.56
N ASP KF 19 97.95 -20.44 89.78
CA ASP KF 19 99.14 -21.21 90.12
C ASP KF 19 100.01 -21.39 88.88
N PRO KF 20 101.27 -21.00 88.91
CA PRO KF 20 102.15 -21.29 87.78
C PRO KF 20 102.28 -22.77 87.50
N THR KF 21 102.20 -23.62 88.54
CA THR KF 21 102.26 -25.05 88.32
C THR KF 21 101.10 -25.53 87.46
N ARG KF 22 99.87 -25.18 87.84
CA ARG KF 22 98.69 -25.50 87.04
C ARG KF 22 97.79 -24.28 86.98
N LEU KF 23 97.41 -23.90 85.77
CA LEU KF 23 96.65 -22.67 85.57
C LEU KF 23 95.18 -22.83 85.93
N SER KF 24 94.71 -24.05 86.16
CA SER KF 24 93.31 -24.24 86.52
C SER KF 24 92.99 -23.60 87.86
N THR KF 25 93.89 -23.75 88.83
CA THR KF 25 93.68 -23.13 90.14
C THR KF 25 93.61 -21.62 89.99
N THR KF 26 92.62 -21.01 90.63
CA THR KF 26 92.36 -19.60 90.44
C THR KF 26 91.84 -18.99 91.74
N PHE KF 27 92.16 -17.72 91.96
CA PHE KF 27 91.61 -16.97 93.08
C PHE KF 27 91.47 -15.52 92.62
N SER KF 28 90.23 -15.08 92.42
CA SER KF 28 89.97 -13.75 91.88
C SER KF 28 89.25 -12.91 92.93
N ALA KF 29 89.75 -11.70 93.14
CA ALA KF 29 89.16 -10.74 94.06
C ALA KF 29 88.63 -9.55 93.26
N SER KF 30 87.35 -9.25 93.44
CA SER KF 30 86.70 -8.16 92.72
C SER KF 30 85.98 -7.26 93.70
N LEU KF 31 85.96 -5.97 93.38
CA LEU KF 31 85.36 -4.96 94.24
C LEU KF 31 84.38 -4.12 93.43
N LEU KF 32 83.39 -3.57 94.14
CA LEU KF 32 82.37 -2.72 93.54
C LEU KF 32 82.06 -1.61 94.54
N ARG KF 33 82.75 -0.48 94.39
CA ARG KF 33 82.52 0.65 95.26
C ARG KF 33 81.18 1.29 94.95
N GLN KF 34 80.51 1.77 95.98
CA GLN KF 34 79.18 2.33 95.81
C GLN KF 34 78.91 3.33 96.93
N ARG KF 35 78.20 4.39 96.58
CA ARG KF 35 77.89 5.48 97.49
C ARG KF 35 76.43 5.34 97.89
N VAL KF 36 76.17 5.07 99.17
CA VAL KF 36 74.86 4.60 99.63
C VAL KF 36 74.25 5.63 100.58
N LYS KF 37 72.98 5.96 100.34
CA LYS KF 37 72.30 7.03 101.06
C LYS KF 37 71.58 6.46 102.27
N VAL KF 38 71.88 7.01 103.45
CA VAL KF 38 71.14 6.71 104.67
C VAL KF 38 70.62 8.01 105.27
N GLY KF 39 69.92 7.92 106.40
CA GLY KF 39 69.32 9.08 107.02
C GLY KF 39 70.26 10.25 107.22
N ILE KF 40 70.01 11.35 106.49
CA ILE KF 40 70.75 12.60 106.50
C ILE KF 40 72.25 12.37 106.59
N ALA KF 41 72.72 11.26 106.01
CA ALA KF 41 74.14 10.94 106.03
C ALA KF 41 74.47 10.13 104.79
N GLU KF 42 75.66 10.34 104.26
CA GLU KF 42 76.15 9.63 103.08
C GLU KF 42 77.32 8.75 103.47
N LEU KF 43 77.27 7.48 103.09
CA LEU KF 43 78.27 6.52 103.51
C LEU KF 43 78.80 5.74 102.31
N ASN KF 44 80.09 5.43 102.34
CA ASN KF 44 80.74 4.71 101.25
C ASN KF 44 80.59 3.21 101.45
N ASN KF 45 79.91 2.55 100.53
CA ASN KF 45 79.70 1.11 100.61
C ASN KF 45 80.68 0.38 99.68
N VAL KF 46 81.25 -0.70 100.19
CA VAL KF 46 82.18 -1.53 99.43
C VAL KF 46 81.69 -2.97 99.49
N SER KF 47 81.59 -3.61 98.32
CA SER KF 47 81.14 -4.98 98.22
C SER KF 47 82.20 -5.78 97.48
N GLY KF 48 83.03 -6.51 98.24
CA GLY KF 48 84.10 -7.28 97.65
C GLY KF 48 83.74 -8.74 97.47
N GLN KF 49 83.79 -9.22 96.23
CA GLN KF 49 83.49 -10.61 95.90
C GLN KF 49 84.79 -11.35 95.67
N TYR KF 50 84.98 -12.47 96.37
CA TYR KF 50 86.17 -13.28 96.28
C TYR KF 50 85.80 -14.68 95.86
N VAL KF 51 86.43 -15.18 94.80
CA VAL KF 51 86.14 -16.48 94.22
C VAL KF 51 87.41 -17.29 94.17
N SER KF 52 87.36 -18.51 94.68
CA SER KF 52 88.45 -19.47 94.59
C SER KF 52 87.94 -20.70 93.85
N VAL KF 53 88.65 -21.09 92.79
CA VAL KF 53 88.19 -22.16 91.90
C VAL KF 53 89.30 -23.18 91.76
N TYR KF 54 88.94 -24.45 91.90
CA TYR KF 54 89.85 -25.56 91.69
C TYR KF 54 89.16 -26.62 90.83
N LYS KF 55 89.92 -27.18 89.89
CA LYS KF 55 89.45 -28.26 89.04
C LYS KF 55 90.02 -29.56 89.60
N ARG KF 56 89.17 -30.39 90.19
CA ARG KF 56 89.62 -31.63 90.81
C ARG KF 56 89.21 -32.81 89.94
N PRO KF 57 90.15 -33.65 89.52
CA PRO KF 57 89.80 -34.75 88.62
C PRO KF 57 89.19 -35.95 89.34
N ALA KF 58 87.88 -36.13 89.17
CA ALA KF 58 87.13 -37.31 89.60
C ALA KF 58 87.31 -37.65 91.07
N PRO KF 59 86.67 -38.72 91.57
CA PRO KF 59 87.04 -39.23 92.89
C PRO KF 59 88.05 -40.36 92.79
N LYS KF 60 88.32 -40.82 91.57
CA LYS KF 60 89.26 -41.90 91.31
C LYS KF 60 88.92 -43.13 92.15
N PRO KF 61 87.90 -43.91 91.76
CA PRO KF 61 87.56 -45.12 92.52
C PRO KF 61 88.77 -45.97 92.87
N GLU KF 62 88.92 -46.27 94.17
CA GLU KF 62 90.14 -46.83 94.71
C GLU KF 62 90.19 -48.32 94.37
N GLY KF 63 91.12 -49.06 94.98
CA GLY KF 63 91.37 -50.44 94.62
C GLY KF 63 92.52 -50.59 93.65
N CYS KF 64 92.34 -50.14 92.41
CA CYS KF 64 93.42 -50.24 91.43
C CYS KF 64 94.17 -48.92 91.32
N ALA KF 65 95.47 -49.02 91.06
CA ALA KF 65 96.26 -47.82 90.80
C ALA KF 65 95.82 -47.18 89.49
N ASP KF 66 95.97 -45.86 89.40
CA ASP KF 66 95.50 -45.11 88.26
C ASP KF 66 96.22 -45.46 86.97
N ALA KF 67 95.47 -45.91 85.96
CA ALA KF 67 96.00 -46.05 84.62
C ALA KF 67 96.15 -44.67 84.00
N CYS KF 68 97.17 -44.48 83.18
CA CYS KF 68 97.45 -43.14 82.66
C CYS KF 68 96.44 -42.71 81.61
N VAL KF 69 95.27 -42.28 82.08
CA VAL KF 69 94.31 -41.55 81.27
C VAL KF 69 93.72 -40.46 82.16
N ILE KF 70 93.49 -39.29 81.59
CA ILE KF 70 93.04 -38.17 82.39
C ILE KF 70 91.59 -38.36 82.78
N MET KF 71 91.28 -38.13 84.05
CA MET KF 71 89.92 -38.14 84.54
C MET KF 71 89.27 -36.80 84.27
N PRO KF 72 88.03 -36.76 83.80
CA PRO KF 72 87.31 -35.49 83.71
C PRO KF 72 87.18 -34.88 85.11
N ASN KF 73 87.46 -33.59 85.20
CA ASN KF 73 87.58 -32.91 86.48
C ASN KF 73 86.32 -32.11 86.78
N GLU KF 74 85.95 -32.09 88.05
CA GLU KF 74 84.82 -31.32 88.54
C GLU KF 74 85.30 -29.98 89.08
N ASN KF 75 84.33 -29.08 89.29
CA ASN KF 75 84.62 -27.74 89.78
C ASN KF 75 84.37 -27.66 91.27
N GLN KF 76 85.41 -27.31 92.02
CA GLN KF 76 85.28 -26.99 93.44
C GLN KF 76 85.45 -25.48 93.57
N SER KF 77 84.34 -24.78 93.75
CA SER KF 77 84.34 -23.33 93.77
C SER KF 77 83.86 -22.84 95.13
N ILE KF 78 84.59 -21.87 95.69
CA ILE KF 78 84.23 -21.21 96.93
C ILE KF 78 84.11 -19.74 96.62
N ARG KF 79 82.89 -19.21 96.68
CA ARG KF 79 82.62 -17.81 96.39
C ARG KF 79 82.23 -17.10 97.67
N THR KF 80 82.82 -15.94 97.90
CA THR KF 80 82.56 -15.15 99.10
C THR KF 80 82.39 -13.70 98.71
N VAL KF 81 81.26 -13.10 99.07
CA VAL KF 81 81.01 -11.69 98.85
C VAL KF 81 80.80 -11.03 100.21
N ILE KF 82 81.52 -9.94 100.44
CA ILE KF 82 81.48 -9.20 101.69
C ILE KF 82 81.01 -7.80 101.38
N SER KF 83 79.89 -7.39 102.00
CA SER KF 83 79.30 -6.08 101.75
C SER KF 83 79.14 -5.33 103.06
N GLY KF 84 79.45 -4.04 103.03
CA GLY KF 84 79.32 -3.22 104.22
C GLY KF 84 79.93 -1.87 104.00
N SER KF 85 79.55 -0.95 104.88
CA SER KF 85 80.08 0.41 104.80
C SER KF 85 81.57 0.41 105.14
N ALA KF 86 82.32 1.28 104.46
CA ALA KF 86 83.76 1.30 104.64
C ALA KF 86 84.15 1.77 106.03
N GLU KF 87 83.42 2.75 106.56
CA GLU KF 87 83.77 3.31 107.86
C GLU KF 87 83.54 2.33 109.01
N ASN KF 88 82.61 1.39 108.85
CA ASN KF 88 82.38 0.35 109.85
C ASN KF 88 83.27 -0.86 109.60
N LEU KF 89 84.41 -0.67 108.94
CA LEU KF 89 85.31 -1.78 108.68
C LEU KF 89 85.83 -2.41 109.96
N ALA KF 90 86.01 -1.60 111.00
CA ALA KF 90 86.53 -2.13 112.27
C ALA KF 90 85.59 -3.18 112.85
N THR KF 91 84.29 -2.90 112.85
CA THR KF 91 83.33 -3.86 113.40
C THR KF 91 82.96 -4.93 112.39
N LEU KF 92 83.10 -4.65 111.09
CA LEU KF 92 82.78 -5.67 110.10
C LEU KF 92 83.78 -6.81 110.13
N LYS KF 93 85.03 -6.52 110.48
CA LYS KF 93 86.03 -7.57 110.59
C LYS KF 93 85.64 -8.58 111.67
N ALA KF 94 85.13 -8.09 112.81
CA ALA KF 94 84.64 -8.99 113.84
C ALA KF 94 83.47 -9.81 113.32
N GLU KF 95 82.60 -9.20 112.51
CA GLU KF 95 81.53 -9.94 111.88
C GLU KF 95 82.09 -11.01 110.94
N TRP KF 96 83.17 -10.68 110.22
CA TRP KF 96 83.81 -11.67 109.37
C TRP KF 96 84.35 -12.83 110.19
N GLU KF 97 84.97 -12.53 111.33
CA GLU KF 97 85.56 -13.59 112.15
C GLU KF 97 84.50 -14.55 112.66
N THR KF 98 83.41 -14.02 113.21
CA THR KF 98 82.36 -14.89 113.73
C THR KF 98 81.67 -15.64 112.61
N HIS KF 99 81.63 -15.06 111.40
CA HIS KF 99 81.05 -15.76 110.27
C HIS KF 99 81.89 -16.99 109.91
N LYS KF 100 83.21 -16.87 109.99
CA LYS KF 100 84.07 -18.02 109.72
C LYS KF 100 83.81 -19.14 110.70
N ARG KF 101 83.64 -18.81 111.98
CA ARG KF 101 83.38 -19.85 112.98
C ARG KF 101 82.05 -20.53 112.73
N ASN KF 102 81.02 -19.76 112.38
CA ASN KF 102 79.70 -20.34 112.17
C ASN KF 102 79.72 -21.33 111.01
N VAL KF 103 80.33 -20.96 109.89
CA VAL KF 103 80.40 -21.88 108.77
C VAL KF 103 81.25 -23.09 109.12
N ASP KF 104 82.34 -22.86 109.86
CA ASP KF 104 83.18 -23.98 110.29
C ASP KF 104 82.38 -24.97 111.13
N THR KF 105 81.50 -24.46 112.00
CA THR KF 105 80.68 -25.35 112.80
C THR KF 105 79.78 -26.22 111.93
N LEU KF 106 79.14 -25.62 110.93
CA LEU KF 106 78.26 -26.38 110.05
C LEU KF 106 79.01 -27.27 109.08
N PHE KF 107 80.11 -26.77 108.50
CA PHE KF 107 80.74 -27.40 107.36
C PHE KF 107 82.07 -28.05 107.71
N ALA KF 108 82.99 -27.29 108.31
CA ALA KF 108 84.30 -27.85 108.64
C ALA KF 108 84.17 -28.96 109.67
N SER KF 109 83.32 -28.77 110.68
CA SER KF 109 83.14 -29.76 111.73
C SER KF 109 81.88 -30.59 111.58
N GLY KF 110 80.84 -30.06 110.94
CA GLY KF 110 79.60 -30.77 110.75
C GLY KF 110 79.57 -31.55 109.45
N ASN KF 111 78.35 -31.91 109.04
CA ASN KF 111 78.13 -32.67 107.82
C ASN KF 111 77.39 -31.85 106.76
N ALA KF 112 77.57 -30.53 106.76
CA ALA KF 112 76.89 -29.70 105.78
C ALA KF 112 77.36 -30.03 104.37
N GLY KF 113 78.65 -30.28 104.20
CA GLY KF 113 79.16 -30.61 102.88
C GLY KF 113 78.51 -31.84 102.29
N LEU KF 114 78.29 -32.86 103.13
CA LEU KF 114 77.59 -34.06 102.68
C LEU KF 114 76.13 -33.80 102.36
N GLY KF 115 75.59 -32.65 102.75
CA GLY KF 115 74.20 -32.33 102.50
C GLY KF 115 73.30 -32.42 103.72
N PHE KF 116 73.86 -32.59 104.91
CA PHE KF 116 73.07 -32.72 106.12
C PHE KF 116 73.08 -31.40 106.89
N LEU KF 117 71.97 -31.08 107.52
CA LEU KF 117 71.83 -29.86 108.31
C LEU KF 117 71.50 -30.23 109.74
N ASP KF 118 72.26 -29.69 110.68
CA ASP KF 118 72.05 -29.98 112.09
C ASP KF 118 71.34 -28.79 112.73
N PRO KF 119 70.07 -28.92 113.11
CA PRO KF 119 69.37 -27.78 113.71
C PRO KF 119 69.75 -27.55 115.16
N THR KF 120 70.77 -28.25 115.65
CA THR KF 120 71.22 -28.12 117.02
C THR KF 120 72.65 -27.60 117.12
N ALA KF 121 73.22 -27.11 116.04
CA ALA KF 121 74.58 -26.60 116.07
C ALA KF 121 74.67 -25.31 116.88
N ALA KF 122 75.84 -25.08 117.45
CA ALA KF 122 76.09 -23.89 118.26
C ALA KF 122 76.50 -22.74 117.34
N ILE KF 123 75.69 -21.69 117.30
CA ILE KF 123 75.95 -20.52 116.47
C ILE KF 123 76.10 -19.32 117.39
N VAL KF 124 77.22 -18.60 117.25
CA VAL KF 124 77.54 -17.47 118.11
C VAL KF 124 77.62 -16.21 117.26
N SER KF 125 77.04 -15.13 117.77
CA SER KF 125 76.94 -13.90 117.00
C SER KF 125 78.18 -13.03 117.21
N SER KF 126 78.26 -11.96 116.43
CA SER KF 126 79.38 -11.03 116.56
C SER KF 126 79.37 -10.36 117.94
N ASP KF 127 78.19 -9.98 118.43
CA ASP KF 127 78.08 -9.36 119.73
C ASP KF 127 78.52 -10.32 120.82
N THR KF 128 79.32 -9.82 121.75
CA THR KF 128 79.79 -10.60 122.88
C THR KF 128 79.07 -10.16 124.16
N THR KF 129 79.07 -11.06 125.13
CA THR KF 129 78.42 -10.80 126.41
C THR KF 129 79.37 -10.13 127.38
N ALA LF 1 101.48 17.63 108.74
CA ALA LF 1 101.58 16.36 108.07
C ALA LF 1 100.26 15.98 107.42
N ASN LF 2 100.11 16.31 106.14
CA ASN LF 2 98.88 16.03 105.43
C ASN LF 2 98.71 14.53 105.20
N LYS LF 3 97.47 14.07 105.25
CA LYS LF 3 97.18 12.67 104.98
C LYS LF 3 97.47 12.35 103.53
N PRO LF 4 98.25 11.31 103.24
CA PRO LF 4 98.47 10.91 101.84
C PRO LF 4 97.41 9.92 101.38
N MET LF 5 97.04 10.03 100.11
CA MET LF 5 96.10 9.09 99.52
C MET LF 5 96.84 8.04 98.70
N GLN LF 6 96.09 7.06 98.23
CA GLN LF 6 96.55 6.04 97.31
C GLN LF 6 95.56 5.93 96.16
N PRO LF 7 96.00 5.49 94.99
CA PRO LF 7 95.08 5.41 93.85
C PRO LF 7 93.91 4.48 94.12
N ILE LF 8 92.74 4.87 93.62
CA ILE LF 8 91.54 4.06 93.74
C ILE LF 8 91.37 3.23 92.48
N THR LF 9 91.20 3.91 91.35
CA THR LF 9 91.04 3.25 90.07
C THR LF 9 92.10 3.78 89.11
N SER LF 10 92.63 2.89 88.29
CA SER LF 10 93.59 3.25 87.27
C SER LF 10 92.97 3.07 85.89
N THR LF 11 93.35 3.94 84.97
CA THR LF 11 92.80 3.93 83.63
C THR LF 11 93.93 4.33 82.69
N ALA LF 12 93.75 4.04 81.40
CA ALA LF 12 94.74 4.43 80.41
C ALA LF 12 95.06 5.92 80.50
N ASN LF 13 94.07 6.75 80.79
CA ASN LF 13 94.28 8.19 80.87
C ASN LF 13 93.54 8.79 82.05
N LYS LF 14 93.54 8.10 83.20
CA LYS LF 14 92.87 8.63 84.37
C LYS LF 14 93.35 7.91 85.61
N ILE LF 15 93.76 8.69 86.61
CA ILE LF 15 94.12 8.18 87.94
C ILE LF 15 93.42 9.03 88.97
N VAL LF 16 92.85 8.39 89.99
CA VAL LF 16 92.18 9.10 91.07
C VAL LF 16 92.74 8.60 92.40
N TRP LF 17 92.90 9.52 93.34
CA TRP LF 17 93.31 9.19 94.70
C TRP LF 17 92.18 9.47 95.67
N SER LF 18 92.19 8.78 96.81
CA SER LF 18 91.21 9.02 97.86
C SER LF 18 91.80 8.70 99.21
N ASP LF 19 91.42 9.46 100.21
CA ASP LF 19 91.96 9.29 101.55
C ASP LF 19 91.33 8.07 102.21
N PRO LF 20 92.13 7.13 102.72
CA PRO LF 20 91.53 5.97 103.40
C PRO LF 20 90.66 6.34 104.58
N THR LF 21 91.03 7.38 105.34
CA THR LF 21 90.21 7.77 106.48
C THR LF 21 88.90 8.40 106.02
N ARG LF 22 88.93 9.21 104.97
CA ARG LF 22 87.74 9.85 104.44
C ARG LF 22 87.69 9.59 102.94
N LEU LF 23 86.84 8.66 102.52
CA LEU LF 23 86.75 8.31 101.10
C LEU LF 23 86.13 9.42 100.28
N SER LF 24 85.50 10.40 100.91
CA SER LF 24 84.91 11.51 100.17
C SER LF 24 85.97 12.32 99.45
N THR LF 25 87.09 12.59 100.11
CA THR LF 25 88.16 13.37 99.51
C THR LF 25 88.75 12.63 98.32
N THR LF 26 88.84 13.32 97.17
CA THR LF 26 89.36 12.70 95.97
C THR LF 26 90.28 13.69 95.25
N PHE LF 27 91.12 13.16 94.37
CA PHE LF 27 91.96 13.97 93.49
C PHE LF 27 92.10 13.21 92.18
N SER LF 28 91.49 13.72 91.13
CA SER LF 28 91.45 13.05 89.84
C SER LF 28 92.35 13.76 88.86
N ALA LF 29 93.23 13.00 88.21
CA ALA LF 29 94.09 13.53 87.16
C ALA LF 29 93.78 12.78 85.87
N SER LF 30 93.37 13.52 84.85
CA SER LF 30 93.01 12.93 83.56
C SER LF 30 93.76 13.66 82.46
N LEU LF 31 94.39 12.90 81.58
CA LEU LF 31 95.16 13.45 80.47
C LEU LF 31 94.51 13.07 79.15
N LEU LF 32 94.61 13.98 78.18
CA LEU LF 32 94.11 13.74 76.84
C LEU LF 32 95.16 14.23 75.86
N ARG LF 33 95.87 13.28 75.25
CA ARG LF 33 96.96 13.60 74.32
C ARG LF 33 96.46 13.42 72.90
N GLN LF 34 96.70 14.43 72.06
CA GLN LF 34 96.19 14.42 70.70
C GLN LF 34 97.21 15.06 69.77
N ARG LF 35 97.25 14.59 68.54
CA ARG LF 35 98.22 15.04 67.54
C ARG LF 35 97.68 16.29 66.85
N VAL LF 36 98.37 17.42 67.06
CA VAL LF 36 97.92 18.70 66.53
C VAL LF 36 98.77 19.07 65.32
N LYS LF 37 98.10 19.31 64.19
CA LYS LF 37 98.77 19.77 62.98
C LYS LF 37 98.76 21.29 62.92
N VAL LF 38 99.91 21.85 62.56
CA VAL LF 38 100.12 23.29 62.51
C VAL LF 38 100.73 23.57 61.13
N GLY LF 39 101.20 24.79 60.91
CA GLY LF 39 101.73 25.18 59.62
C GLY LF 39 103.04 24.49 59.33
N ILE LF 40 102.93 23.20 58.98
CA ILE LF 40 104.02 22.25 58.74
C ILE LF 40 104.99 22.31 59.91
N ALA LF 41 104.43 22.41 61.12
CA ALA LF 41 105.19 22.26 62.36
C ALA LF 41 104.38 21.32 63.24
N GLU LF 42 104.62 20.02 63.09
CA GLU LF 42 103.85 19.03 63.85
C GLU LF 42 104.11 19.18 65.33
N LEU LF 43 103.05 19.06 66.12
CA LEU LF 43 103.15 19.25 67.56
C LEU LF 43 102.27 18.23 68.27
N ASN LF 44 102.62 17.92 69.51
CA ASN LF 44 101.85 17.04 70.36
C ASN LF 44 101.22 17.86 71.48
N ASN LF 45 99.91 17.74 71.64
CA ASN LF 45 99.17 18.52 72.61
C ASN LF 45 98.61 17.62 73.70
N VAL LF 46 98.52 18.14 74.91
CA VAL LF 46 97.98 17.43 76.06
C VAL LF 46 96.96 18.32 76.75
N SER LF 47 95.97 17.71 77.39
CA SER LF 47 94.95 18.42 78.14
C SER LF 47 94.79 17.73 79.48
N GLY LF 48 95.28 18.37 80.54
CA GLY LF 48 95.20 17.78 81.86
C GLY LF 48 94.10 18.37 82.71
N GLN LF 49 93.10 17.56 83.02
CA GLN LF 49 91.99 17.97 83.87
C GLN LF 49 92.23 17.42 85.27
N TYR LF 50 92.59 18.31 86.20
CA TYR LF 50 92.89 17.93 87.58
C TYR LF 50 91.76 18.41 88.45
N VAL LF 51 91.11 17.50 89.17
CA VAL LF 51 89.93 17.81 89.97
C VAL LF 51 90.23 17.43 91.42
N SER LF 52 90.02 18.38 92.32
CA SER LF 52 90.13 18.14 93.75
C SER LF 52 88.74 18.35 94.36
N VAL LF 53 88.21 17.32 95.00
CA VAL LF 53 86.85 17.34 95.52
C VAL LF 53 86.89 17.06 97.02
N TYR LF 54 86.21 17.90 97.79
CA TYR LF 54 86.08 17.71 99.22
C TYR LF 54 84.62 17.93 99.62
N LYS LF 55 84.11 17.04 100.44
CA LYS LF 55 82.77 17.17 101.02
C LYS LF 55 82.93 17.63 102.45
N ARG LF 56 82.59 18.89 102.71
CA ARG LF 56 82.79 19.48 104.01
C ARG LF 56 81.45 19.81 104.65
N PRO LF 57 81.26 19.51 105.93
CA PRO LF 57 80.01 19.88 106.59
C PRO LF 57 79.82 21.38 106.63
N ALA LF 58 78.56 21.80 106.58
CA ALA LF 58 78.23 23.21 106.66
C ALA LF 58 78.65 23.75 108.04
N PRO LF 59 78.99 25.03 108.14
CA PRO LF 59 79.47 25.54 109.43
C PRO LF 59 78.37 25.56 110.47
N LYS LF 60 78.68 25.02 111.64
CA LYS LF 60 77.73 24.95 112.74
C LYS LF 60 77.49 26.33 113.32
N PRO LF 61 76.38 26.51 114.07
CA PRO LF 61 76.08 27.82 114.62
C PRO LF 61 77.21 28.32 115.52
N GLU LF 62 77.40 29.64 115.52
CA GLU LF 62 78.51 30.24 116.23
C GLU LF 62 78.40 30.00 117.73
N GLY LF 63 79.55 29.86 118.36
CA GLY LF 63 79.60 29.75 119.82
C GLY LF 63 79.05 28.46 120.37
N CYS LF 64 79.00 27.42 119.55
CA CYS LF 64 78.60 26.11 120.07
C CYS LF 64 79.18 24.97 119.25
N ALA LF 65 80.21 24.32 119.79
CA ALA LF 65 80.77 23.13 119.16
C ALA LF 65 80.47 21.88 119.99
N ASP LF 66 80.14 22.08 121.27
CA ASP LF 66 79.83 21.00 122.20
C ASP LF 66 78.82 20.01 121.64
N ALA LF 67 77.63 20.51 121.28
CA ALA LF 67 76.58 19.63 120.78
C ALA LF 67 77.03 18.95 119.50
N CYS LF 68 77.06 17.62 119.53
CA CYS LF 68 77.49 16.85 118.37
C CYS LF 68 76.35 16.84 117.36
N VAL LF 69 76.24 17.93 116.61
CA VAL LF 69 75.20 18.09 115.60
C VAL LF 69 75.88 18.12 114.24
N ILE LF 70 75.40 17.31 113.32
CA ILE LF 70 76.03 17.15 112.02
C ILE LF 70 75.15 17.84 110.98
N MET LF 71 75.69 18.88 110.36
CA MET LF 71 75.03 19.49 109.23
C MET LF 71 75.37 18.70 107.97
N PRO LF 72 74.44 18.62 107.02
CA PRO LF 72 74.73 17.90 105.78
C PRO LF 72 75.88 18.57 105.04
N ASN LF 73 76.88 17.77 104.68
CA ASN LF 73 78.08 18.31 104.08
C ASN LF 73 77.80 18.87 102.69
N GLU LF 74 78.56 19.88 102.32
CA GLU LF 74 78.44 20.54 101.03
C GLU LF 74 79.65 20.22 100.17
N ASN LF 75 79.54 20.51 98.89
CA ASN LF 75 80.52 20.11 97.89
C ASN LF 75 81.50 21.26 97.63
N GLN LF 76 82.79 20.98 97.82
CA GLN LF 76 83.85 21.91 97.48
C GLN LF 76 84.67 21.30 96.35
N SER LF 77 84.81 22.05 95.26
CA SER LF 77 85.47 21.54 94.06
C SER LF 77 86.48 22.55 93.54
N ILE LF 78 87.62 22.05 93.09
CA ILE LF 78 88.65 22.85 92.44
C ILE LF 78 89.11 22.06 91.22
N ARG LF 79 88.87 22.60 90.03
CA ARG LF 79 89.21 21.93 88.79
C ARG LF 79 90.15 22.81 87.98
N THR LF 80 91.21 22.20 87.46
CA THR LF 80 92.22 22.89 86.67
C THR LF 80 92.40 22.18 85.34
N VAL LF 81 92.53 22.95 84.27
CA VAL LF 81 92.74 22.42 82.93
C VAL LF 81 94.01 23.04 82.37
N ILE LF 82 94.95 22.20 81.96
CA ILE LF 82 96.21 22.65 81.39
C ILE LF 82 96.25 22.14 79.95
N SER LF 83 96.40 23.05 79.00
CA SER LF 83 96.45 22.71 77.59
C SER LF 83 97.65 23.39 76.95
N GLY LF 84 98.43 22.63 76.19
CA GLY LF 84 99.57 23.19 75.49
C GLY LF 84 100.40 22.08 74.88
N SER LF 85 101.31 22.49 74.01
CA SER LF 85 102.20 21.56 73.33
C SER LF 85 103.28 21.08 74.28
N ALA LF 86 103.61 19.79 74.19
CA ALA LF 86 104.65 19.24 75.04
C ALA LF 86 106.01 19.85 74.74
N GLU LF 87 106.23 20.28 73.51
CA GLU LF 87 107.50 20.90 73.14
C GLU LF 87 107.70 22.22 73.87
N ASN LF 88 106.63 23.01 74.00
CA ASN LF 88 106.68 24.27 74.72
C ASN LF 88 106.38 24.12 76.20
N LEU LF 89 106.59 22.93 76.76
CA LEU LF 89 106.25 22.69 78.16
C LEU LF 89 107.11 23.53 79.10
N ALA LF 90 108.39 23.70 78.79
CA ALA LF 90 109.30 24.36 79.71
C ALA LF 90 108.83 25.77 80.04
N THR LF 91 108.43 26.53 79.02
CA THR LF 91 107.85 27.83 79.26
C THR LF 91 106.41 27.74 79.75
N LEU LF 92 105.72 26.65 79.43
CA LEU LF 92 104.35 26.48 79.92
C LEU LF 92 104.33 26.33 81.43
N LYS LF 93 105.39 25.79 82.02
CA LYS LF 93 105.47 25.74 83.47
C LYS LF 93 105.46 27.13 84.07
N ALA LF 94 106.18 28.07 83.44
CA ALA LF 94 106.11 29.46 83.87
C ALA LF 94 104.69 30.00 83.74
N GLU LF 95 103.97 29.57 82.70
CA GLU LF 95 102.57 29.95 82.56
C GLU LF 95 101.77 29.49 83.77
N TRP LF 96 101.97 28.25 84.20
CA TRP LF 96 101.27 27.74 85.36
C TRP LF 96 101.66 28.51 86.62
N GLU LF 97 102.95 28.79 86.79
CA GLU LF 97 103.39 29.50 87.98
C GLU LF 97 102.81 30.90 88.02
N THR LF 98 102.80 31.60 86.87
CA THR LF 98 102.19 32.92 86.82
C THR LF 98 100.70 32.85 87.10
N HIS LF 99 100.04 31.81 86.58
CA HIS LF 99 98.61 31.65 86.81
C HIS LF 99 98.30 31.57 88.30
N LYS LF 100 99.15 30.88 89.06
CA LYS LF 100 98.96 30.82 90.50
C LYS LF 100 99.05 32.21 91.13
N ARG LF 101 100.01 33.02 90.69
CA ARG LF 101 100.19 34.34 91.26
C ARG LF 101 98.96 35.21 91.05
N ASN LF 102 98.40 35.17 89.85
CA ASN LF 102 97.23 35.98 89.57
C ASN LF 102 96.02 35.54 90.39
N VAL LF 103 95.80 34.24 90.47
CA VAL LF 103 94.65 33.73 91.23
C VAL LF 103 94.78 34.09 92.70
N ASP LF 104 95.98 33.92 93.26
CA ASP LF 104 96.19 34.26 94.67
C ASP LF 104 95.88 35.72 94.94
N THR LF 105 96.17 36.59 93.96
CA THR LF 105 95.88 38.00 94.14
C THR LF 105 94.38 38.23 94.32
N LEU LF 106 93.57 37.66 93.43
CA LEU LF 106 92.12 37.82 93.54
C LEU LF 106 91.53 36.97 94.66
N PHE LF 107 91.97 35.73 94.78
CA PHE LF 107 91.30 34.77 95.66
C PHE LF 107 91.86 34.80 97.07
N ALA LF 108 93.16 34.54 97.22
CA ALA LF 108 93.73 34.42 98.56
C ALA LF 108 93.83 35.76 99.25
N SER LF 109 94.67 36.66 98.72
CA SER LF 109 94.81 37.98 99.33
C SER LF 109 93.52 38.78 99.20
N GLY LF 110 92.90 38.74 98.03
CA GLY LF 110 91.66 39.46 97.80
C GLY LF 110 90.47 38.72 98.37
N ASN LF 111 89.28 39.24 98.06
CA ASN LF 111 88.04 38.67 98.53
C ASN LF 111 87.14 38.27 97.36
N ALA LF 112 87.73 37.82 96.26
CA ALA LF 112 86.92 37.33 95.15
C ALA LF 112 86.15 36.08 95.52
N GLY LF 113 86.58 35.36 96.56
CA GLY LF 113 85.85 34.20 97.00
C GLY LF 113 84.48 34.54 97.55
N LEU LF 114 84.34 35.69 98.19
CA LEU LF 114 83.05 36.10 98.72
C LEU LF 114 82.10 36.62 97.66
N GLY LF 115 82.54 36.74 96.41
CA GLY LF 115 81.71 37.27 95.36
C GLY LF 115 82.01 38.70 94.96
N PHE LF 116 83.07 39.29 95.50
CA PHE LF 116 83.40 40.68 95.25
C PHE LF 116 84.57 40.75 94.28
N LEU LF 117 84.39 41.46 93.19
CA LEU LF 117 85.43 41.60 92.18
C LEU LF 117 86.12 42.95 92.28
N ASP LF 118 87.45 42.93 92.21
CA ASP LF 118 88.27 44.13 92.28
C ASP LF 118 88.96 44.37 90.95
N PRO LF 119 88.55 45.39 90.18
CA PRO LF 119 89.25 45.73 88.94
C PRO LF 119 90.54 46.51 89.17
N THR LF 120 91.04 46.57 90.40
CA THR LF 120 92.23 47.33 90.73
C THR LF 120 93.43 46.45 91.07
N ALA LF 121 93.19 45.20 91.44
CA ALA LF 121 94.27 44.33 91.90
C ALA LF 121 95.33 44.14 90.82
N ALA LF 122 96.58 44.03 91.24
CA ALA LF 122 97.70 43.92 90.32
C ALA LF 122 97.78 42.52 89.74
N ILE LF 123 97.73 42.44 88.41
CA ILE LF 123 97.81 41.18 87.68
C ILE LF 123 99.03 41.25 86.79
N VAL LF 124 100.02 40.40 87.06
CA VAL LF 124 101.32 40.48 86.42
C VAL LF 124 101.41 39.45 85.31
N SER LF 125 102.22 39.75 84.29
CA SER LF 125 102.37 38.88 83.14
C SER LF 125 103.33 37.74 83.45
N SER LF 126 103.29 36.73 82.57
CA SER LF 126 104.22 35.61 82.70
C SER LF 126 105.65 36.05 82.44
N ASP LF 127 105.88 36.77 81.35
CA ASP LF 127 107.22 37.20 81.01
C ASP LF 127 107.72 38.24 82.01
N THR LF 128 109.04 38.42 82.03
CA THR LF 128 109.69 39.32 82.96
C THR LF 128 110.11 40.59 82.23
N THR LF 129 110.42 41.62 83.01
CA THR LF 129 110.81 42.92 82.46
C THR LF 129 112.16 42.82 81.77
N ALA MF 1 123.48 3.41 79.47
CA ALA MF 1 123.01 4.76 79.78
C ALA MF 1 121.79 5.11 78.95
N ASN MF 2 121.05 4.08 78.56
CA ASN MF 2 119.85 4.28 77.75
C ASN MF 2 118.76 4.97 78.58
N LYS MF 3 118.04 5.88 77.94
CA LYS MF 3 116.90 6.50 78.61
C LYS MF 3 115.78 5.48 78.75
N PRO MF 4 115.15 5.39 79.92
CA PRO MF 4 114.00 4.50 80.08
C PRO MF 4 112.70 5.17 79.71
N MET MF 5 111.79 4.40 79.11
CA MET MF 5 110.48 4.93 78.80
C MET MF 5 109.61 4.93 80.05
N GLN MF 6 108.40 5.45 79.90
CA GLN MF 6 107.36 5.39 80.91
C GLN MF 6 106.09 4.87 80.29
N PRO MF 7 105.27 4.14 81.03
CA PRO MF 7 104.01 3.66 80.48
C PRO MF 7 103.10 4.81 80.09
N ILE MF 8 102.39 4.61 78.98
CA ILE MF 8 101.47 5.62 78.47
C ILE MF 8 100.03 5.13 78.62
N THR MF 9 99.77 3.92 78.14
CA THR MF 9 98.41 3.38 78.11
C THR MF 9 98.42 2.06 78.87
N SER MF 10 97.98 2.09 80.12
CA SER MF 10 97.93 0.89 80.94
C SER MF 10 96.59 0.18 80.75
N THR MF 11 96.65 -1.12 80.55
CA THR MF 11 95.46 -1.93 80.36
C THR MF 11 95.78 -3.36 80.79
N ALA MF 12 94.74 -4.15 81.04
CA ALA MF 12 94.94 -5.55 81.40
C ALA MF 12 95.57 -6.35 80.27
N ASN MF 13 95.53 -5.84 79.03
CA ASN MF 13 96.06 -6.55 77.88
C ASN MF 13 97.27 -5.86 77.27
N LYS MF 14 97.18 -4.57 77.00
CA LYS MF 14 98.25 -3.85 76.33
C LYS MF 14 98.87 -2.80 77.26
N ILE MF 15 100.20 -2.75 77.27
CA ILE MF 15 100.94 -1.71 77.96
C ILE MF 15 101.84 -1.04 76.94
N VAL MF 16 101.78 0.28 76.85
CA VAL MF 16 102.56 1.04 75.89
C VAL MF 16 103.51 1.95 76.64
N TRP MF 17 104.78 1.89 76.28
CA TRP MF 17 105.80 2.78 76.83
C TRP MF 17 106.21 3.79 75.77
N SER MF 18 106.60 4.98 76.23
CA SER MF 18 107.11 6.01 75.32
C SER MF 18 108.16 6.83 76.06
N ASP MF 19 109.09 7.37 75.30
CA ASP MF 19 110.21 8.11 75.88
C ASP MF 19 109.76 9.54 76.19
N PRO MF 20 109.91 10.00 77.44
CA PRO MF 20 109.60 11.41 77.73
C PRO MF 20 110.43 12.38 76.92
N THR MF 21 111.70 12.06 76.65
CA THR MF 21 112.53 12.96 75.86
C THR MF 21 112.02 13.06 74.42
N ARG MF 22 111.77 11.91 73.80
CA ARG MF 22 111.22 11.86 72.45
C ARG MF 22 109.93 11.06 72.49
N LEU MF 23 108.80 11.75 72.39
CA LEU MF 23 107.50 11.11 72.53
C LEU MF 23 107.18 10.17 71.39
N SER MF 24 107.94 10.19 70.31
CA SER MF 24 107.54 9.46 69.11
C SER MF 24 107.90 7.98 69.21
N THR MF 25 109.07 7.65 69.74
CA THR MF 25 109.46 6.26 69.88
C THR MF 25 108.58 5.56 70.91
N THR MF 26 108.22 4.31 70.63
CA THR MF 26 107.30 3.56 71.48
C THR MF 26 107.73 2.11 71.54
N PHE MF 27 107.21 1.42 72.57
CA PHE MF 27 107.37 -0.02 72.70
C PHE MF 27 106.14 -0.55 73.39
N SER MF 28 105.35 -1.35 72.70
CA SER MF 28 104.09 -1.86 73.23
C SER MF 28 104.10 -3.38 73.25
N ALA MF 29 103.44 -3.94 74.26
CA ALA MF 29 103.30 -5.38 74.42
C ALA MF 29 101.84 -5.70 74.68
N SER MF 30 101.27 -6.60 73.88
CA SER MF 30 99.88 -7.01 74.03
C SER MF 30 99.83 -8.53 74.12
N LEU MF 31 99.04 -9.03 75.06
CA LEU MF 31 98.95 -10.46 75.32
C LEU MF 31 97.53 -10.95 75.06
N LEU MF 32 97.42 -12.08 74.39
CA LEU MF 32 96.15 -12.74 74.12
C LEU MF 32 96.23 -14.15 74.69
N ARG MF 33 95.53 -14.38 75.80
CA ARG MF 33 95.56 -15.67 76.48
C ARG MF 33 94.37 -16.49 76.01
N GLN MF 34 94.65 -17.49 75.18
CA GLN MF 34 93.65 -18.40 74.65
C GLN MF 34 93.67 -19.68 75.47
N ARG MF 35 92.55 -20.39 75.49
CA ARG MF 35 92.37 -21.53 76.38
C ARG MF 35 92.18 -22.73 75.45
N VAL MF 36 93.27 -23.35 75.03
CA VAL MF 36 93.23 -24.25 73.88
C VAL MF 36 92.95 -25.68 74.31
N LYS MF 37 92.56 -26.50 73.32
CA LYS MF 37 92.25 -27.91 73.51
C LYS MF 37 93.02 -28.73 72.49
N VAL MF 38 93.83 -29.67 72.96
CA VAL MF 38 94.52 -30.61 72.08
C VAL MF 38 94.04 -32.00 72.41
N GLY MF 39 94.55 -33.00 71.68
CA GLY MF 39 94.14 -34.37 71.88
C GLY MF 39 94.16 -34.83 73.33
N ILE MF 40 92.97 -35.13 73.86
CA ILE MF 40 92.72 -35.51 75.26
C ILE MF 40 93.62 -34.73 76.21
N ALA MF 41 93.70 -33.42 76.01
CA ALA MF 41 94.48 -32.56 76.89
C ALA MF 41 94.02 -31.12 76.70
N GLU MF 42 93.75 -30.45 77.82
CA GLU MF 42 93.24 -29.08 77.81
C GLU MF 42 94.35 -28.16 78.29
N LEU MF 43 94.75 -27.22 77.44
CA LEU MF 43 95.97 -26.44 77.65
C LEU MF 43 95.69 -24.94 77.60
N ASN MF 44 96.60 -24.18 78.20
CA ASN MF 44 96.53 -22.72 78.22
C ASN MF 44 97.53 -22.17 77.22
N ASN MF 45 97.08 -21.28 76.35
CA ASN MF 45 97.93 -20.66 75.35
C ASN MF 45 98.08 -19.17 75.63
N VAL MF 46 99.30 -18.67 75.49
CA VAL MF 46 99.60 -17.26 75.63
C VAL MF 46 100.26 -16.78 74.34
N SER MF 47 99.72 -15.73 73.75
CA SER MF 47 100.24 -15.17 72.51
C SER MF 47 100.65 -13.73 72.77
N GLY MF 48 101.94 -13.51 73.04
CA GLY MF 48 102.45 -12.20 73.34
C GLY MF 48 103.01 -11.54 72.10
N GLN MF 49 102.53 -10.33 71.83
CA GLN MF 49 102.97 -9.54 70.69
C GLN MF 49 103.73 -8.33 71.19
N TYR MF 50 104.95 -8.13 70.68
CA TYR MF 50 105.83 -7.07 71.15
C TYR MF 50 106.26 -6.25 69.94
N VAL MF 51 106.00 -4.94 70.00
CA VAL MF 51 106.25 -4.04 68.88
C VAL MF 51 107.11 -2.90 69.37
N SER MF 52 108.23 -2.65 68.68
CA SER MF 52 109.10 -1.52 68.96
C SER MF 52 109.17 -0.65 67.70
N VAL MF 53 108.90 0.64 67.86
CA VAL MF 53 108.79 1.56 66.74
C VAL MF 53 109.67 2.77 67.00
N TYR MF 54 110.44 3.17 65.99
CA TYR MF 54 111.25 4.37 66.06
C TYR MF 54 111.09 5.14 64.75
N LYS MF 55 110.92 6.45 64.87
CA LYS MF 55 110.90 7.35 63.71
C LYS MF 55 112.28 7.97 63.59
N ARG MF 56 113.02 7.54 62.58
CA ARG MF 56 114.37 8.00 62.34
C ARG MF 56 114.42 8.85 61.09
N PRO MF 57 115.03 10.03 61.16
CA PRO MF 57 115.07 10.92 59.99
C PRO MF 57 115.89 10.30 58.86
N ALA MF 58 115.68 10.85 57.67
CA ALA MF 58 116.36 10.36 56.49
C ALA MF 58 117.87 10.60 56.63
N PRO MF 59 118.69 9.80 55.94
CA PRO MF 59 120.14 9.94 56.09
C PRO MF 59 120.67 11.31 55.68
N LYS MF 60 119.93 12.00 54.81
CA LYS MF 60 120.13 13.35 54.30
C LYS MF 60 121.35 13.41 53.38
N PRO MF 61 121.31 14.23 52.34
CA PRO MF 61 122.53 14.45 51.55
C PRO MF 61 123.60 15.10 52.40
N GLU MF 62 124.84 14.70 52.16
CA GLU MF 62 125.95 15.22 52.96
C GLU MF 62 126.34 16.62 52.49
N GLY MF 63 126.99 17.36 53.38
CA GLY MF 63 127.62 18.61 53.04
C GLY MF 63 127.02 19.87 53.63
N CYS MF 64 125.73 19.89 53.93
CA CYS MF 64 125.11 21.12 54.42
C CYS MF 64 125.12 21.13 55.94
N ALA MF 65 125.84 22.10 56.51
CA ALA MF 65 125.83 22.30 57.95
C ALA MF 65 124.54 22.98 58.43
N ASP MF 66 123.73 23.47 57.50
CA ASP MF 66 122.49 24.15 57.85
C ASP MF 66 121.63 23.26 58.74
N ALA MF 67 121.32 23.76 59.94
CA ALA MF 67 120.61 22.97 60.93
C ALA MF 67 119.18 22.68 60.50
N CYS MF 68 118.39 23.72 60.25
CA CYS MF 68 116.97 23.53 59.98
C CYS MF 68 116.70 23.20 58.52
N VAL MF 69 117.29 22.12 58.02
CA VAL MF 69 116.78 21.38 56.88
C VAL MF 69 116.24 20.08 57.43
N ILE MF 70 114.92 19.90 57.35
CA ILE MF 70 114.25 18.81 58.03
C ILE MF 70 113.87 17.77 56.98
N MET MF 71 114.50 16.61 57.06
CA MET MF 71 114.12 15.50 56.19
C MET MF 71 113.10 14.61 56.90
N PRO MF 72 112.10 14.12 56.19
CA PRO MF 72 111.05 13.33 56.84
C PRO MF 72 111.60 12.07 57.48
N ASN MF 73 111.01 11.69 58.61
CA ASN MF 73 111.41 10.50 59.33
C ASN MF 73 110.74 9.26 58.75
N GLU MF 74 111.45 8.15 58.80
CA GLU MF 74 110.99 6.89 58.25
C GLU MF 74 110.72 5.91 59.38
N ASN MF 75 109.94 4.86 59.08
CA ASN MF 75 109.47 3.91 60.08
C ASN MF 75 110.51 2.81 60.28
N GLN MF 76 111.00 2.67 61.51
CA GLN MF 76 111.80 1.52 61.91
C GLN MF 76 110.97 0.74 62.92
N SER MF 77 110.46 -0.41 62.51
CA SER MF 77 109.55 -1.19 63.32
C SER MF 77 110.08 -2.61 63.49
N ILE MF 78 109.86 -3.16 64.68
CA ILE MF 78 110.26 -4.53 65.00
C ILE MF 78 109.10 -5.17 65.75
N ARG MF 79 108.47 -6.16 65.14
CA ARG MF 79 107.35 -6.86 65.74
C ARG MF 79 107.76 -8.28 66.05
N THR MF 80 107.49 -8.73 67.28
CA THR MF 80 107.79 -10.09 67.71
C THR MF 80 106.53 -10.71 68.28
N VAL MF 81 106.23 -11.93 67.85
CA VAL MF 81 105.06 -12.66 68.31
C VAL MF 81 105.53 -13.97 68.93
N ILE MF 82 105.17 -14.20 70.18
CA ILE MF 82 105.55 -15.41 70.90
C ILE MF 82 104.26 -16.15 71.23
N SER MF 83 104.13 -17.36 70.71
CA SER MF 83 102.95 -18.19 70.94
C SER MF 83 103.39 -19.54 71.48
N GLY MF 84 102.74 -19.99 72.55
CA GLY MF 84 103.06 -21.29 73.12
C GLY MF 84 102.27 -21.52 74.39
N SER MF 85 102.39 -22.73 74.90
CA SER MF 85 101.69 -23.12 76.11
C SER MF 85 102.47 -22.68 77.35
N ALA MF 86 101.73 -22.23 78.37
CA ALA MF 86 102.37 -21.80 79.61
C ALA MF 86 103.03 -22.97 80.31
N GLU MF 87 102.49 -24.19 80.13
CA GLU MF 87 103.09 -25.36 80.75
C GLU MF 87 104.50 -25.61 80.23
N ASN MF 88 104.71 -25.43 78.92
CA ASN MF 88 106.02 -25.59 78.32
C ASN MF 88 106.78 -24.28 78.25
N LEU MF 89 106.54 -23.38 79.21
CA LEU MF 89 107.22 -22.09 79.20
C LEU MF 89 108.73 -22.24 79.35
N ALA MF 90 109.18 -23.14 80.22
CA ALA MF 90 110.61 -23.25 80.50
C ALA MF 90 111.38 -23.61 79.23
N THR MF 91 110.89 -24.58 78.47
CA THR MF 91 111.56 -24.94 77.23
C THR MF 91 111.35 -23.88 76.16
N LEU MF 92 110.23 -23.15 76.22
CA LEU MF 92 109.99 -22.11 75.23
C LEU MF 92 110.97 -20.97 75.39
N LYS MF 93 111.43 -20.70 76.61
CA LYS MF 93 112.45 -19.68 76.81
C LYS MF 93 113.72 -20.02 76.05
N ALA MF 94 114.14 -21.28 76.11
CA ALA MF 94 115.30 -21.71 75.33
C ALA MF 94 115.02 -21.57 73.84
N GLU MF 95 113.78 -21.84 73.41
CA GLU MF 95 113.42 -21.61 72.02
C GLU MF 95 113.57 -20.15 71.65
N TRP MF 96 113.17 -19.25 72.55
CA TRP MF 96 113.34 -17.82 72.30
C TRP MF 96 114.82 -17.47 72.16
N GLU MF 97 115.66 -18.02 73.04
CA GLU MF 97 117.08 -17.73 72.97
C GLU MF 97 117.67 -18.21 71.65
N THR MF 98 117.30 -19.43 71.23
CA THR MF 98 117.80 -19.95 69.96
C THR MF 98 117.32 -19.08 68.80
N HIS MF 99 116.06 -18.67 68.84
CA HIS MF 99 115.54 -17.80 67.79
C HIS MF 99 116.33 -16.50 67.71
N LYS MF 100 116.79 -15.99 68.84
CA LYS MF 100 117.66 -14.82 68.83
C LYS MF 100 118.96 -15.11 68.11
N ARG MF 101 119.56 -16.28 68.38
CA ARG MF 101 120.85 -16.61 67.78
C ARG MF 101 120.72 -16.75 66.27
N ASN MF 102 119.66 -17.40 65.80
CA ASN MF 102 119.50 -17.61 64.37
C ASN MF 102 119.32 -16.29 63.63
N VAL MF 103 118.47 -15.41 64.16
CA VAL MF 103 118.25 -14.11 63.52
C VAL MF 103 119.53 -13.30 63.51
N ASP MF 104 120.26 -13.31 64.64
CA ASP MF 104 121.50 -12.56 64.71
C ASP MF 104 122.48 -13.02 63.63
N THR MF 105 122.47 -14.31 63.31
CA THR MF 105 123.34 -14.81 62.25
C THR MF 105 122.99 -14.20 60.91
N LEU MF 106 121.70 -14.21 60.55
CA LEU MF 106 121.28 -13.64 59.28
C LEU MF 106 121.41 -12.12 59.29
N PHE MF 107 120.87 -11.49 60.32
CA PHE MF 107 120.68 -10.04 60.32
C PHE MF 107 121.86 -9.29 60.95
N ALA MF 108 122.18 -9.61 62.21
CA ALA MF 108 123.23 -8.86 62.90
C ALA MF 108 124.60 -9.12 62.29
N SER MF 109 125.06 -10.38 62.37
CA SER MF 109 126.37 -10.70 61.81
C SER MF 109 126.35 -10.67 60.29
N GLY MF 110 125.34 -11.27 59.68
CA GLY MF 110 125.23 -11.31 58.24
C GLY MF 110 124.70 -10.00 57.69
N ASN MF 111 124.47 -10.00 56.38
CA ASN MF 111 123.97 -8.82 55.67
C ASN MF 111 122.56 -9.05 55.14
N ALA MF 112 121.72 -9.76 55.90
CA ALA MF 112 120.33 -9.94 55.49
C ALA MF 112 119.58 -8.63 55.44
N GLY MF 113 119.97 -7.65 56.25
CA GLY MF 113 119.30 -6.36 56.22
C GLY MF 113 119.42 -5.69 54.87
N LEU MF 114 120.56 -5.87 54.20
CA LEU MF 114 120.74 -5.28 52.89
C LEU MF 114 119.84 -5.94 51.84
N GLY MF 115 119.51 -7.21 52.03
CA GLY MF 115 118.59 -7.87 51.13
C GLY MF 115 119.11 -9.19 50.58
N PHE MF 116 120.15 -9.73 51.19
CA PHE MF 116 120.75 -10.99 50.75
C PHE MF 116 120.55 -12.05 51.81
N LEU MF 117 120.10 -13.23 51.40
CA LEU MF 117 119.93 -14.37 52.29
C LEU MF 117 120.96 -15.41 51.91
N ASP MF 118 121.85 -15.72 52.86
CA ASP MF 118 122.91 -16.68 52.59
C ASP MF 118 122.41 -18.10 52.87
N PRO MF 119 122.36 -18.96 51.85
CA PRO MF 119 121.98 -20.36 52.09
C PRO MF 119 122.98 -21.11 52.95
N THR MF 120 124.21 -20.62 53.07
CA THR MF 120 125.25 -21.30 53.80
C THR MF 120 125.40 -20.84 55.24
N ALA MF 121 124.48 -20.00 55.72
CA ALA MF 121 124.57 -19.51 57.09
C ALA MF 121 124.35 -20.64 58.08
N ALA MF 122 124.96 -20.51 59.26
CA ALA MF 122 124.85 -21.53 60.30
C ALA MF 122 123.56 -21.33 61.08
N ILE MF 123 122.63 -22.27 60.94
CA ILE MF 123 121.36 -22.25 61.64
C ILE MF 123 121.33 -23.44 62.58
N VAL MF 124 121.14 -23.17 63.87
CA VAL MF 124 121.19 -24.19 64.90
C VAL MF 124 119.84 -24.27 65.60
N SER MF 125 119.48 -25.47 66.05
CA SER MF 125 118.21 -25.70 66.70
C SER MF 125 118.31 -25.52 68.20
N SER MF 126 117.15 -25.45 68.85
CA SER MF 126 117.14 -25.39 70.30
C SER MF 126 117.66 -26.68 70.91
N ASP MF 127 117.39 -27.81 70.27
CA ASP MF 127 117.87 -29.10 70.77
C ASP MF 127 119.39 -29.15 70.70
N THR MF 128 119.97 -29.90 71.64
CA THR MF 128 121.41 -30.03 71.77
C THR MF 128 121.80 -31.50 71.79
N THR MF 129 122.94 -31.81 71.19
CA THR MF 129 123.46 -33.17 71.17
C THR MF 129 123.71 -33.69 72.59
N ALA NF 1 145.83 11.86 -22.84
CA ALA NF 1 145.40 12.72 -21.74
C ALA NF 1 143.95 13.15 -21.91
N ASN NF 2 143.13 12.85 -20.92
CA ASN NF 2 141.72 13.18 -20.93
C ASN NF 2 141.37 13.95 -19.67
N LYS NF 3 140.27 14.68 -19.72
CA LYS NF 3 139.81 15.43 -18.55
C LYS NF 3 139.10 14.50 -17.58
N PRO NF 4 139.50 14.44 -16.31
CA PRO NF 4 138.82 13.56 -15.36
C PRO NF 4 137.53 14.18 -14.85
N MET NF 5 136.59 13.32 -14.46
CA MET NF 5 135.38 13.79 -13.81
C MET NF 5 135.65 14.04 -12.33
N GLN NF 6 134.63 14.52 -11.65
CA GLN NF 6 134.65 14.62 -10.20
C GLN NF 6 133.32 14.13 -9.67
N PRO NF 7 133.31 13.48 -8.50
CA PRO NF 7 132.08 12.85 -8.02
C PRO NF 7 130.98 13.86 -7.80
N ILE NF 8 129.75 13.45 -8.08
CA ILE NF 8 128.57 14.29 -7.88
C ILE NF 8 127.84 13.82 -6.64
N THR NF 9 127.43 12.56 -6.64
CA THR NF 9 126.72 11.96 -5.52
C THR NF 9 127.54 10.81 -4.97
N SER NF 10 127.84 10.86 -3.68
CA SER NF 10 128.59 9.81 -3.01
C SER NF 10 127.71 9.10 -2.00
N THR NF 11 127.76 7.78 -2.02
CA THR NF 11 126.95 6.95 -1.14
C THR NF 11 127.68 5.65 -0.91
N ALA NF 12 127.28 4.93 0.15
CA ALA NF 12 127.88 3.65 0.44
C ALA NF 12 127.61 2.62 -0.65
N ASN NF 13 126.65 2.85 -1.53
CA ASN NF 13 126.30 1.92 -2.59
C ASN NF 13 126.56 2.48 -3.98
N LYS NF 14 126.12 3.70 -4.24
CA LYS NF 14 126.17 4.28 -5.58
C LYS NF 14 127.04 5.54 -5.57
N ILE NF 15 127.93 5.63 -6.55
CA ILE NF 15 128.74 6.83 -6.77
C ILE NF 15 128.51 7.29 -8.19
N VAL NF 16 128.31 8.60 -8.38
CA VAL NF 16 128.07 9.16 -9.69
C VAL NF 16 129.12 10.23 -9.95
N TRP NF 17 129.84 10.10 -11.06
CA TRP NF 17 130.77 11.11 -11.53
C TRP NF 17 130.19 11.83 -12.73
N SER NF 18 130.62 13.07 -12.93
CA SER NF 18 130.18 13.85 -14.07
C SER NF 18 131.31 14.79 -14.49
N ASP NF 19 131.33 15.11 -15.77
CA ASP NF 19 132.34 16.00 -16.31
C ASP NF 19 132.01 17.44 -15.93
N PRO NF 20 132.93 18.19 -15.33
CA PRO NF 20 132.61 19.58 -14.96
C PRO NF 20 132.23 20.44 -16.16
N THR NF 21 132.85 20.24 -17.31
CA THR NF 21 132.50 21.03 -18.48
C THR NF 21 131.13 20.63 -19.03
N ARG NF 22 130.89 19.32 -19.12
CA ARG NF 22 129.62 18.80 -19.63
C ARG NF 22 129.04 17.90 -18.55
N LEU NF 23 128.13 18.46 -17.75
CA LEU NF 23 127.49 17.66 -16.71
C LEU NF 23 126.60 16.58 -17.28
N SER NF 24 126.28 16.65 -18.57
CA SER NF 24 125.44 15.63 -19.19
C SER NF 24 126.12 14.26 -19.17
N THR NF 25 127.42 14.24 -19.44
CA THR NF 25 128.16 12.99 -19.47
C THR NF 25 128.39 12.50 -18.05
N THR NF 26 128.02 11.24 -17.78
CA THR NF 26 128.11 10.69 -16.43
C THR NF 26 128.75 9.32 -16.48
N PHE NF 27 129.20 8.87 -15.31
CA PHE NF 27 129.66 7.51 -15.10
C PHE NF 27 129.27 7.12 -13.69
N SER NF 28 128.33 6.19 -13.56
CA SER NF 28 127.81 5.80 -12.27
C SER NF 28 128.16 4.35 -11.99
N ALA NF 29 128.55 4.08 -10.74
CA ALA NF 29 128.88 2.73 -10.30
C ALA NF 29 128.05 2.42 -9.07
N SER NF 30 127.32 1.31 -9.11
CA SER NF 30 126.49 0.89 -8.00
C SER NF 30 126.79 -0.57 -7.68
N LEU NF 31 126.64 -0.92 -6.41
CA LEU NF 31 126.94 -2.26 -5.94
C LEU NF 31 125.74 -2.84 -5.20
N LEU NF 32 125.58 -4.15 -5.32
CA LEU NF 32 124.53 -4.88 -4.62
C LEU NF 32 125.15 -6.14 -4.06
N ARG NF 33 125.23 -6.24 -2.74
CA ARG NF 33 125.92 -7.31 -2.05
C ARG NF 33 124.91 -8.22 -1.37
N GLN NF 34 125.08 -9.53 -1.53
CA GLN NF 34 124.19 -10.52 -0.93
C GLN NF 34 125.01 -11.66 -0.38
N ARG NF 35 124.32 -12.64 0.19
CA ARG NF 35 124.91 -13.89 0.65
C ARG NF 35 124.15 -15.04 0.02
N VAL NF 36 124.87 -15.99 -0.56
CA VAL NF 36 124.27 -17.10 -1.27
C VAL NF 36 124.76 -18.41 -0.65
N LYS NF 37 123.82 -19.29 -0.35
CA LYS NF 37 124.13 -20.60 0.24
C LYS NF 37 124.44 -21.55 -0.89
N VAL NF 38 125.72 -21.59 -1.29
CA VAL NF 38 126.13 -22.47 -2.38
C VAL NF 38 126.00 -23.93 -1.97
N GLY NF 39 126.69 -24.32 -0.90
CA GLY NF 39 126.57 -25.65 -0.36
C GLY NF 39 127.47 -25.85 0.85
N ILE NF 40 126.90 -26.41 1.92
CA ILE NF 40 127.53 -26.62 3.22
C ILE NF 40 128.43 -25.44 3.58
N ALA NF 41 128.06 -24.24 3.12
CA ALA NF 41 128.81 -23.03 3.35
C ALA NF 41 127.98 -21.86 2.87
N GLU NF 42 128.09 -20.74 3.57
CA GLU NF 42 127.44 -19.50 3.21
C GLU NF 42 128.45 -18.61 2.51
N LEU NF 43 128.07 -18.06 1.36
CA LEU NF 43 129.03 -17.42 0.47
C LEU NF 43 128.61 -15.99 0.17
N ASN NF 44 129.55 -15.07 0.29
CA ASN NF 44 129.29 -13.67 -0.01
C ASN NF 44 129.28 -13.44 -1.52
N ASN NF 45 128.25 -12.75 -1.99
CA ASN NF 45 128.11 -12.43 -3.41
C ASN NF 45 127.99 -10.93 -3.59
N VAL NF 46 128.57 -10.42 -4.68
CA VAL NF 46 128.56 -9.01 -4.99
C VAL NF 46 128.14 -8.85 -6.44
N SER NF 47 127.32 -7.83 -6.71
CA SER NF 47 126.84 -7.54 -8.06
C SER NF 47 127.17 -6.09 -8.39
N GLY NF 48 128.25 -5.86 -9.11
CA GLY NF 48 128.69 -4.53 -9.45
C GLY NF 48 128.15 -4.11 -10.81
N GLN NF 49 127.50 -2.94 -10.83
CA GLN NF 49 126.93 -2.39 -12.05
C GLN NF 49 127.61 -1.07 -12.36
N TYR NF 50 128.12 -0.94 -13.57
CA TYR NF 50 128.81 0.27 -14.02
C TYR NF 50 128.15 0.77 -15.29
N VAL NF 51 127.76 2.03 -15.30
CA VAL NF 51 127.04 2.64 -16.42
C VAL NF 51 127.77 3.89 -16.85
N SER NF 52 128.03 4.00 -18.15
CA SER NF 52 128.63 5.18 -18.75
C SER NF 52 127.66 5.75 -19.77
N VAL NF 53 127.39 7.05 -19.68
CA VAL NF 53 126.39 7.70 -20.51
C VAL NF 53 127.00 8.92 -21.18
N TYR NF 54 126.77 9.07 -22.47
CA TYR NF 54 127.21 10.23 -23.22
C TYR NF 54 126.06 10.72 -24.08
N LYS NF 55 126.01 12.04 -24.29
CA LYS NF 55 125.03 12.65 -25.17
C LYS NF 55 125.78 13.44 -26.25
N ARG NF 56 125.50 13.12 -27.51
CA ARG NF 56 126.11 13.82 -28.62
C ARG NF 56 125.05 14.08 -29.68
N PRO NF 57 125.04 15.26 -30.28
CA PRO NF 57 123.97 15.59 -31.22
C PRO NF 57 124.19 15.02 -32.62
N ALA NF 58 123.47 13.96 -32.95
CA ALA NF 58 123.33 13.40 -34.30
C ALA NF 58 124.66 13.21 -35.02
N PRO NF 59 124.65 12.85 -36.31
CA PRO NF 59 125.83 13.12 -37.14
C PRO NF 59 125.70 14.49 -37.81
N LYS NF 60 126.67 14.85 -38.64
CA LYS NF 60 126.59 16.10 -39.41
C LYS NF 60 126.25 15.75 -40.84
N PRO NF 61 125.03 16.07 -41.28
CA PRO NF 61 124.61 15.74 -42.65
C PRO NF 61 125.53 16.34 -43.70
N GLU NF 62 126.05 15.52 -44.60
CA GLU NF 62 126.91 15.86 -45.73
C GLU NF 62 128.27 16.37 -45.25
N GLY NF 63 128.49 16.48 -43.95
CA GLY NF 63 129.70 17.11 -43.45
C GLY NF 63 129.77 18.56 -43.86
N CYS NF 64 128.66 19.27 -43.66
CA CYS NF 64 128.55 20.66 -44.06
C CYS NF 64 128.81 21.54 -42.84
N ALA NF 65 129.59 22.61 -43.02
CA ALA NF 65 129.74 23.59 -41.97
C ALA NF 65 128.48 24.44 -41.88
N ASP NF 66 127.55 24.00 -41.03
CA ASP NF 66 126.25 24.64 -40.95
C ASP NF 66 126.12 25.48 -39.69
N ALA NF 67 127.25 25.99 -39.21
CA ALA NF 67 127.29 26.92 -38.09
C ALA NF 67 126.65 26.33 -36.83
N CYS NF 68 125.40 26.69 -36.58
CA CYS NF 68 124.81 26.54 -35.26
C CYS NF 68 123.33 26.21 -35.32
N VAL NF 69 122.62 26.47 -34.21
CA VAL NF 69 121.29 25.95 -33.96
C VAL NF 69 121.42 24.43 -33.92
N ILE NF 70 121.97 23.93 -32.81
CA ILE NF 70 122.31 22.53 -32.66
C ILE NF 70 121.06 21.66 -32.69
N MET NF 71 121.19 20.45 -33.22
CA MET NF 71 120.11 19.47 -33.28
C MET NF 71 120.07 18.69 -31.96
N PRO NF 72 118.95 18.04 -31.64
CA PRO NF 72 118.87 17.32 -30.36
C PRO NF 72 119.88 16.20 -30.28
N ASN NF 73 120.31 15.90 -29.06
CA ASN NF 73 121.31 14.88 -28.80
C ASN NF 73 120.70 13.49 -28.95
N GLU NF 74 121.56 12.48 -28.93
CA GLU NF 74 121.14 11.09 -28.90
C GLU NF 74 121.96 10.33 -27.87
N ASN NF 75 121.37 9.29 -27.31
CA ASN NF 75 121.91 8.64 -26.12
C ASN NF 75 122.91 7.57 -26.50
N GLN NF 76 124.08 7.62 -25.87
CA GLN NF 76 125.10 6.58 -26.01
C GLN NF 76 125.40 6.05 -24.62
N SER NF 77 124.95 4.84 -24.34
CA SER NF 77 125.09 4.24 -23.02
C SER NF 77 125.82 2.91 -23.12
N ILE NF 78 126.61 2.62 -22.09
CA ILE NF 78 127.34 1.36 -21.98
C ILE NF 78 127.19 0.89 -20.54
N ARG NF 79 126.47 -0.22 -20.35
CA ARG NF 79 126.25 -0.77 -19.03
C ARG NF 79 127.00 -2.09 -18.89
N THR NF 80 127.65 -2.28 -17.75
CA THR NF 80 128.38 -3.51 -17.47
C THR NF 80 127.96 -4.01 -16.09
N VAL NF 81 127.68 -5.31 -16.01
CA VAL NF 81 127.26 -5.94 -14.77
C VAL NF 81 128.25 -7.03 -14.44
N ILE NF 82 128.84 -6.96 -13.25
CA ILE NF 82 129.80 -7.94 -12.78
C ILE NF 82 129.22 -8.58 -11.54
N SER NF 83 129.06 -9.90 -11.56
CA SER NF 83 128.52 -10.65 -10.43
C SER NF 83 129.40 -11.86 -10.17
N GLY NF 84 129.67 -12.14 -8.91
CA GLY NF 84 130.48 -13.28 -8.55
C GLY NF 84 130.80 -13.26 -7.07
N SER NF 85 131.30 -14.40 -6.60
CA SER NF 85 131.68 -14.53 -5.20
C SER NF 85 132.88 -13.65 -4.89
N ALA NF 86 132.93 -13.15 -3.65
CA ALA NF 86 133.93 -12.17 -3.28
C ALA NF 86 135.34 -12.75 -3.37
N GLU NF 87 135.54 -13.97 -2.87
CA GLU NF 87 136.91 -14.50 -2.79
C GLU NF 87 137.41 -14.89 -4.17
N ASN NF 88 136.51 -15.25 -5.07
CA ASN NF 88 136.92 -15.69 -6.41
C ASN NF 88 137.20 -14.53 -7.30
N LEU NF 89 137.35 -13.37 -6.67
CA LEU NF 89 137.75 -12.16 -7.39
C LEU NF 89 139.06 -12.36 -8.13
N ALA NF 90 139.95 -13.21 -7.59
CA ALA NF 90 141.22 -13.45 -8.26
C ALA NF 90 141.01 -14.06 -9.64
N THR NF 91 140.19 -15.12 -9.72
CA THR NF 91 139.93 -15.72 -11.02
C THR NF 91 138.93 -14.91 -11.83
N LEU NF 92 138.04 -14.17 -11.18
CA LEU NF 92 137.05 -13.41 -11.90
C LEU NF 92 137.68 -12.25 -12.67
N LYS NF 93 138.73 -11.64 -12.11
CA LYS NF 93 139.42 -10.57 -12.81
C LYS NF 93 139.97 -11.07 -14.15
N ALA NF 94 140.62 -12.22 -14.14
CA ALA NF 94 141.12 -12.78 -15.39
C ALA NF 94 139.99 -13.09 -16.34
N GLU NF 95 138.88 -13.62 -15.80
CA GLU NF 95 137.71 -13.87 -16.63
C GLU NF 95 137.14 -12.57 -17.17
N TRP NF 96 137.19 -11.51 -16.38
CA TRP NF 96 136.75 -10.20 -16.86
C TRP NF 96 137.61 -9.73 -18.03
N GLU NF 97 138.93 -9.91 -17.92
CA GLU NF 97 139.81 -9.47 -19.00
C GLU NF 97 139.51 -10.25 -20.28
N THR NF 98 139.20 -11.54 -20.15
CA THR NF 98 138.80 -12.31 -21.32
C THR NF 98 137.54 -11.74 -21.95
N HIS NF 99 136.57 -11.35 -21.13
CA HIS NF 99 135.36 -10.74 -21.65
C HIS NF 99 135.67 -9.45 -22.39
N LYS NF 100 136.68 -8.70 -21.91
CA LYS NF 100 137.11 -7.50 -22.62
C LYS NF 100 137.60 -7.85 -24.03
N ARG NF 101 138.52 -8.80 -24.11
CA ARG NF 101 139.00 -9.25 -25.42
C ARG NF 101 137.89 -9.85 -26.25
N ASN NF 102 137.02 -10.64 -25.60
CA ASN NF 102 135.95 -11.32 -26.33
C ASN NF 102 135.00 -10.33 -26.98
N VAL NF 103 134.64 -9.27 -26.26
CA VAL NF 103 133.76 -8.26 -26.86
C VAL NF 103 134.49 -7.50 -27.96
N ASP NF 104 135.79 -7.26 -27.77
CA ASP NF 104 136.54 -6.46 -28.73
C ASP NF 104 136.56 -7.12 -30.10
N THR NF 105 136.75 -8.44 -30.15
CA THR NF 105 136.87 -9.12 -31.43
C THR NF 105 135.56 -9.08 -32.21
N LEU NF 106 134.44 -8.77 -31.56
CA LEU NF 106 133.17 -8.57 -32.24
C LEU NF 106 132.85 -7.11 -32.47
N PHE NF 107 133.16 -6.26 -31.49
CA PHE NF 107 132.79 -4.85 -31.54
C PHE NF 107 133.94 -3.97 -32.00
N ALA NF 108 135.09 -4.06 -31.32
CA ALA NF 108 136.22 -3.20 -31.66
C ALA NF 108 136.72 -3.48 -33.07
N SER NF 109 136.88 -4.75 -33.41
CA SER NF 109 137.44 -5.14 -34.70
C SER NF 109 136.40 -5.77 -35.63
N GLY NF 110 135.13 -5.75 -35.25
CA GLY NF 110 134.11 -6.34 -36.08
C GLY NF 110 133.01 -5.38 -36.48
N ASN NF 111 131.90 -5.90 -36.96
CA ASN NF 111 130.76 -5.08 -37.36
C ASN NF 111 129.57 -5.25 -36.43
N ALA NF 112 129.82 -5.65 -35.18
CA ALA NF 112 128.73 -5.82 -34.23
C ALA NF 112 128.01 -4.50 -33.99
N GLY NF 113 128.77 -3.41 -33.84
CA GLY NF 113 128.14 -2.11 -33.62
C GLY NF 113 127.26 -1.69 -34.78
N LEU NF 114 127.65 -2.03 -36.01
CA LEU NF 114 126.83 -1.72 -37.17
C LEU NF 114 125.58 -2.56 -37.25
N GLY NF 115 125.44 -3.58 -36.41
CA GLY NF 115 124.27 -4.43 -36.42
C GLY NF 115 124.48 -5.79 -37.04
N PHE NF 116 125.71 -6.16 -37.37
CA PHE NF 116 125.98 -7.45 -37.99
C PHE NF 116 126.56 -8.41 -36.96
N LEU NF 117 126.47 -9.70 -37.26
CA LEU NF 117 127.01 -10.73 -36.39
C LEU NF 117 127.80 -11.72 -37.23
N ASP NF 118 129.05 -11.96 -36.83
CA ASP NF 118 129.93 -12.85 -37.58
C ASP NF 118 129.99 -14.20 -36.90
N PRO NF 119 129.48 -15.26 -37.50
CA PRO NF 119 129.45 -16.55 -36.83
C PRO NF 119 130.78 -17.28 -36.85
N THR NF 120 131.83 -16.63 -37.34
CA THR NF 120 133.15 -17.25 -37.41
C THR NF 120 134.23 -16.41 -36.75
N ALA NF 121 133.86 -15.59 -35.77
CA ALA NF 121 134.85 -14.80 -35.04
C ALA NF 121 135.71 -15.68 -34.16
N ALA NF 122 136.94 -15.24 -33.91
CA ALA NF 122 137.91 -15.99 -33.13
C ALA NF 122 137.68 -15.77 -31.63
N ILE NF 123 136.49 -16.15 -31.18
CA ILE NF 123 136.14 -16.03 -29.77
C ILE NF 123 136.85 -17.10 -28.97
N VAL NF 124 137.50 -16.68 -27.88
CA VAL NF 124 138.37 -17.56 -27.11
C VAL NF 124 138.02 -17.41 -25.64
N SER NF 125 138.32 -18.46 -24.86
CA SER NF 125 137.83 -18.58 -23.50
C SER NF 125 138.86 -18.09 -22.49
N SER NF 126 138.51 -18.24 -21.21
CA SER NF 126 139.36 -17.80 -20.12
C SER NF 126 140.39 -18.86 -19.74
N ASP NF 127 140.01 -20.14 -19.80
CA ASP NF 127 140.92 -21.20 -19.42
C ASP NF 127 142.10 -21.26 -20.39
N THR NF 128 143.29 -21.52 -19.84
CA THR NF 128 144.52 -21.54 -20.61
C THR NF 128 144.89 -22.97 -20.95
N THR NF 129 145.55 -23.14 -22.08
CA THR NF 129 146.00 -24.46 -22.51
C THR NF 129 147.38 -24.77 -21.95
N ALA OF 1 150.18 -8.02 13.51
CA ALA OF 1 149.07 -7.42 14.21
C ALA OF 1 147.74 -7.95 13.68
N ASN OF 2 146.69 -7.15 13.84
CA ASN OF 2 145.35 -7.52 13.44
C ASN OF 2 144.96 -6.77 12.17
N LYS OF 3 144.40 -7.49 11.21
CA LYS OF 3 144.03 -6.88 9.95
C LYS OF 3 142.93 -5.85 10.18
N PRO OF 4 143.08 -4.64 9.65
CA PRO OF 4 142.02 -3.63 9.82
C PRO OF 4 140.89 -3.84 8.84
N MET OF 5 139.70 -3.39 9.25
CA MET OF 5 138.54 -3.42 8.38
C MET OF 5 138.43 -2.11 7.61
N GLN OF 6 137.42 -2.03 6.76
CA GLN OF 6 137.07 -0.82 6.04
C GLN OF 6 135.58 -0.56 6.17
N PRO OF 7 135.17 0.70 6.18
CA PRO OF 7 133.74 1.01 6.27
C PRO OF 7 133.00 0.48 5.05
N ILE OF 8 131.75 0.08 5.26
CA ILE OF 8 130.91 -0.49 4.21
C ILE OF 8 129.68 0.36 3.95
N THR OF 9 128.82 0.49 4.95
CA THR OF 9 127.55 1.19 4.82
C THR OF 9 127.61 2.45 5.68
N SER OF 10 128.09 3.54 5.08
CA SER OF 10 128.24 4.80 5.79
C SER OF 10 126.91 5.55 5.84
N THR OF 11 125.95 4.94 6.53
CA THR OF 11 124.65 5.56 6.74
C THR OF 11 124.80 6.74 7.69
N ALA OF 12 123.77 7.59 7.76
CA ALA OF 12 123.82 8.75 8.65
C ALA OF 12 123.98 8.32 10.10
N ASN OF 13 123.41 7.18 10.48
CA ASN OF 13 123.45 6.71 11.85
C ASN OF 13 124.39 5.54 12.06
N LYS OF 14 124.45 4.60 11.13
CA LYS OF 14 125.21 3.37 11.30
C LYS OF 14 126.35 3.29 10.30
N ILE OF 15 127.52 2.88 10.77
CA ILE OF 15 128.66 2.58 9.92
C ILE OF 15 129.12 1.16 10.21
N VAL OF 16 129.35 0.39 9.16
CA VAL OF 16 129.66 -1.03 9.27
C VAL OF 16 131.05 -1.27 8.69
N TRP OF 17 131.90 -1.92 9.46
CA TRP OF 17 133.21 -2.35 9.00
C TRP OF 17 133.21 -3.86 8.74
N SER OF 18 133.97 -4.27 7.73
CA SER OF 18 134.11 -5.69 7.43
C SER OF 18 135.49 -5.92 6.83
N ASP OF 19 136.09 -7.05 7.17
CA ASP OF 19 137.45 -7.33 6.75
C ASP OF 19 137.49 -7.69 5.27
N PRO OF 20 138.39 -7.07 4.48
CA PRO OF 20 138.43 -7.40 3.05
C PRO OF 20 138.72 -8.86 2.77
N THR OF 21 139.59 -9.49 3.56
CA THR OF 21 139.94 -10.88 3.30
C THR OF 21 138.79 -11.82 3.63
N ARG OF 22 138.16 -11.62 4.78
CA ARG OF 22 137.02 -12.42 5.21
C ARG OF 22 135.85 -11.49 5.45
N LEU OF 23 134.81 -11.62 4.63
CA LEU OF 23 133.67 -10.71 4.72
C LEU OF 23 132.71 -11.10 5.82
N SER OF 24 132.81 -12.31 6.36
CA SER OF 24 131.88 -12.75 7.38
C SER OF 24 132.01 -11.92 8.64
N THR OF 25 133.23 -11.66 9.08
CA THR OF 25 133.44 -10.87 10.29
C THR OF 25 132.99 -9.43 10.05
N THR OF 26 132.51 -8.80 11.12
CA THR OF 26 131.86 -7.52 10.99
C THR OF 26 131.84 -6.80 12.33
N PHE OF 27 132.08 -5.50 12.30
CA PHE OF 27 131.90 -4.63 13.46
C PHE OF 27 131.14 -3.40 13.00
N SER OF 28 129.98 -3.17 13.61
CA SER OF 28 129.11 -2.07 13.22
C SER OF 28 128.70 -1.28 14.46
N ALA OF 29 128.65 0.04 14.30
CA ALA OF 29 128.26 0.94 15.39
C ALA OF 29 127.07 1.78 14.94
N SER OF 30 126.05 1.83 15.78
CA SER OF 30 124.87 2.63 15.50
C SER OF 30 124.64 3.59 16.67
N LEU OF 31 124.31 4.83 16.33
CA LEU OF 31 124.15 5.89 17.32
C LEU OF 31 122.76 6.48 17.23
N LEU OF 32 122.14 6.66 18.39
CA LEU OF 32 120.81 7.25 18.48
C LEU OF 32 120.89 8.45 19.42
N ARG OF 33 120.47 9.61 18.92
CA ARG OF 33 120.47 10.84 19.69
C ARG OF 33 119.05 11.21 20.06
N GLN OF 34 118.83 11.46 21.35
CA GLN OF 34 117.50 11.70 21.86
C GLN OF 34 117.54 12.94 22.75
N ARG OF 35 116.46 13.71 22.71
CA ARG OF 35 116.39 15.04 23.30
C ARG OF 35 115.51 14.92 24.55
N VAL OF 36 116.14 14.70 25.70
CA VAL OF 36 115.44 14.24 26.90
C VAL OF 36 115.07 15.42 27.78
N LYS OF 37 114.00 15.25 28.55
CA LYS OF 37 113.58 16.24 29.53
C LYS OF 37 114.06 15.83 30.93
N VAL OF 38 114.59 16.80 31.67
CA VAL OF 38 114.95 16.60 33.06
C VAL OF 38 114.31 17.74 33.86
N GLY OF 39 114.05 17.47 35.13
CA GLY OF 39 113.45 18.47 36.00
C GLY OF 39 114.23 19.76 36.02
N ILE OF 40 113.65 20.80 35.40
CA ILE OF 40 114.25 22.12 35.17
C ILE OF 40 115.74 21.96 34.83
N ALA OF 41 116.08 20.87 34.16
CA ALA OF 41 117.43 20.61 33.70
C ALA OF 41 117.34 20.06 32.29
N GLU OF 42 118.39 20.29 31.51
CA GLU OF 42 118.33 19.96 30.10
C GLU OF 42 119.55 19.14 29.71
N LEU OF 43 119.31 17.96 29.14
CA LEU OF 43 120.38 17.03 28.81
C LEU OF 43 120.18 16.51 27.39
N ASN OF 44 121.28 16.06 26.78
CA ASN OF 44 121.24 15.40 25.48
C ASN OF 44 121.65 13.94 25.67
N ASN OF 45 120.80 13.02 25.23
CA ASN OF 45 121.01 11.60 25.44
C ASN OF 45 121.56 10.95 24.17
N VAL OF 46 122.54 10.07 24.34
CA VAL OF 46 123.14 9.33 23.24
C VAL OF 46 123.09 7.85 23.58
N SER OF 47 122.61 7.04 22.64
CA SER OF 47 122.55 5.59 22.79
C SER OF 47 123.32 4.96 21.64
N GLY OF 48 124.42 4.29 21.95
CA GLY OF 48 125.26 3.71 20.92
C GLY OF 48 125.32 2.20 20.97
N GLN OF 49 124.89 1.54 19.90
CA GLN OF 49 124.93 0.09 19.81
C GLN OF 49 126.17 -0.32 19.04
N TYR OF 50 127.05 -1.09 19.67
CA TYR OF 50 128.27 -1.59 19.04
C TYR OF 50 128.15 -3.10 18.95
N VAL OF 51 128.17 -3.63 17.73
CA VAL OF 51 127.97 -5.05 17.48
C VAL OF 51 129.20 -5.61 16.79
N SER OF 52 129.73 -6.70 17.32
CA SER OF 52 130.83 -7.43 16.71
C SER OF 52 130.36 -8.84 16.38
N VAL OF 53 130.53 -9.24 15.13
CA VAL OF 53 130.00 -10.51 14.64
C VAL OF 53 131.13 -11.29 13.99
N TYR OF 54 131.24 -12.57 14.33
CA TYR OF 54 132.18 -13.48 13.71
C TYR OF 54 131.47 -14.77 13.35
N LYS OF 55 131.90 -15.38 12.25
CA LYS OF 55 131.38 -16.67 11.81
C LYS OF 55 132.50 -17.68 11.95
N ARG OF 56 132.52 -18.37 13.08
CA ARG OF 56 133.63 -19.30 13.26
C ARG OF 56 133.18 -20.73 13.01
N PRO OF 57 134.00 -21.53 12.32
CA PRO OF 57 133.66 -22.94 12.15
C PRO OF 57 133.66 -23.67 13.48
N ALA OF 58 132.82 -24.69 13.56
CA ALA OF 58 132.76 -25.49 14.78
C ALA OF 58 134.09 -26.18 15.02
N PRO OF 59 134.43 -26.50 16.27
CA PRO OF 59 135.72 -27.16 16.53
C PRO OF 59 135.80 -28.55 15.93
N LYS OF 60 136.95 -28.89 15.37
CA LYS OF 60 137.14 -30.22 14.82
C LYS OF 60 137.52 -31.21 15.91
N PRO OF 61 137.26 -32.49 15.71
CA PRO OF 61 137.62 -33.49 16.70
C PRO OF 61 139.13 -33.51 16.94
N GLU OF 62 139.51 -33.82 18.17
CA GLU OF 62 140.90 -33.71 18.57
C GLU OF 62 141.80 -34.63 17.76
N GLY OF 63 143.00 -34.15 17.48
CA GLY OF 63 144.00 -34.92 16.76
C GLY OF 63 143.60 -35.29 15.34
N CYS OF 64 142.82 -34.43 14.68
CA CYS OF 64 142.43 -34.70 13.30
C CYS OF 64 142.57 -33.43 12.46
N ALA OF 65 143.71 -32.75 12.56
CA ALA OF 65 143.96 -31.60 11.70
C ALA OF 65 144.21 -32.11 10.29
N ASP OF 66 143.14 -32.55 9.62
CA ASP OF 66 143.28 -33.18 8.31
C ASP OF 66 143.84 -32.21 7.29
N ALA OF 67 143.08 -31.17 6.97
CA ALA OF 67 143.36 -30.20 5.91
C ALA OF 67 142.06 -29.51 5.53
N CYS OF 68 141.25 -30.18 4.71
CA CYS OF 68 139.96 -29.67 4.27
C CYS OF 68 138.89 -30.68 4.67
N VAL OF 69 138.44 -30.57 5.92
CA VAL OF 69 137.38 -31.41 6.46
C VAL OF 69 136.34 -30.47 7.05
N ILE OF 70 136.31 -29.24 6.54
CA ILE OF 70 135.62 -28.11 7.13
C ILE OF 70 134.17 -28.40 7.50
N MET OF 71 133.70 -27.72 8.54
CA MET OF 71 132.36 -27.87 9.11
C MET OF 71 131.63 -26.54 9.02
N PRO OF 72 130.31 -26.52 9.10
CA PRO OF 72 129.59 -25.25 9.04
C PRO OF 72 129.94 -24.34 10.21
N ASN OF 73 129.90 -23.05 9.94
CA ASN OF 73 130.31 -22.04 10.90
C ASN OF 73 129.21 -21.76 11.91
N GLU OF 74 129.64 -21.27 13.07
CA GLU OF 74 128.74 -20.91 14.15
C GLU OF 74 128.92 -19.44 14.48
N ASN OF 75 127.81 -18.78 14.81
CA ASN OF 75 127.80 -17.34 14.95
C ASN OF 75 128.27 -16.93 16.34
N GLN OF 76 129.24 -16.02 16.39
CA GLN OF 76 129.73 -15.43 17.63
C GLN OF 76 129.45 -13.94 17.58
N SER OF 77 128.52 -13.48 18.42
CA SER OF 77 128.11 -12.08 18.42
C SER OF 77 128.32 -11.50 19.81
N ILE OF 78 128.91 -10.31 19.86
CA ILE OF 78 129.14 -9.57 21.10
C ILE OF 78 128.67 -8.15 20.86
N ARG OF 79 127.43 -7.85 21.23
CA ARG OF 79 126.88 -6.52 21.04
C ARG OF 79 126.70 -5.85 22.39
N THR OF 80 126.99 -4.56 22.45
CA THR OF 80 126.86 -3.78 23.67
C THR OF 80 126.22 -2.44 23.32
N VAL OF 81 125.53 -1.85 24.28
CA VAL OF 81 124.85 -0.58 24.12
C VAL OF 81 125.24 0.33 25.27
N ILE OF 82 125.57 1.58 24.94
CA ILE OF 82 125.95 2.59 25.93
C ILE OF 82 124.90 3.68 25.89
N SER OF 83 124.27 3.94 27.03
CA SER OF 83 123.24 4.96 27.13
C SER OF 83 123.60 5.93 28.25
N GLY OF 84 123.53 7.21 27.94
CA GLY OF 84 123.84 8.23 28.94
C GLY OF 84 123.88 9.59 28.29
N SER OF 85 123.88 10.61 29.14
CA SER OF 85 123.91 11.99 28.66
C SER OF 85 125.30 12.36 28.19
N ALA OF 86 125.36 13.18 27.14
CA ALA OF 86 126.65 13.65 26.65
C ALA OF 86 127.33 14.55 27.67
N GLU OF 87 126.55 15.33 28.41
CA GLU OF 87 127.11 16.25 29.39
C GLU OF 87 127.82 15.51 30.53
N ASN OF 88 127.48 14.24 30.77
CA ASN OF 88 128.15 13.43 31.76
C ASN OF 88 129.03 12.36 31.12
N LEU OF 89 129.59 12.65 29.95
CA LEU OF 89 130.43 11.68 29.27
C LEU OF 89 131.69 11.36 30.06
N ALA OF 90 132.31 12.38 30.64
CA ALA OF 90 133.59 12.18 31.33
C ALA OF 90 133.45 11.19 32.47
N THR OF 91 132.38 11.31 33.26
CA THR OF 91 132.13 10.36 34.32
C THR OF 91 131.60 9.04 33.77
N LEU OF 92 130.96 9.07 32.61
CA LEU OF 92 130.44 7.83 32.04
C LEU OF 92 131.56 6.92 31.57
N LYS OF 93 132.69 7.49 31.16
CA LYS OF 93 133.81 6.67 30.72
C LYS OF 93 134.30 5.78 31.85
N ALA OF 94 134.28 6.28 33.09
CA ALA OF 94 134.66 5.46 34.22
C ALA OF 94 133.75 4.24 34.36
N GLU OF 95 132.46 4.41 34.04
CA GLU OF 95 131.56 3.27 34.03
C GLU OF 95 132.02 2.21 33.05
N TRP OF 96 132.46 2.65 31.87
CA TRP OF 96 132.92 1.70 30.86
C TRP OF 96 134.15 0.94 31.34
N GLU OF 97 135.07 1.63 32.02
CA GLU OF 97 136.22 0.95 32.59
C GLU OF 97 135.80 -0.05 33.65
N THR OF 98 134.89 0.34 34.55
CA THR OF 98 134.41 -0.58 35.57
C THR OF 98 133.65 -1.74 34.94
N HIS OF 99 132.80 -1.45 33.95
CA HIS OF 99 132.04 -2.50 33.30
C HIS OF 99 132.96 -3.52 32.65
N LYS OF 100 134.09 -3.07 32.11
CA LYS OF 100 135.07 -3.99 31.57
C LYS OF 100 135.59 -4.93 32.66
N ARG OF 101 135.95 -4.38 33.81
CA ARG OF 101 136.53 -5.19 34.87
C ARG OF 101 135.55 -6.23 35.38
N ASN OF 102 134.30 -5.82 35.62
CA ASN OF 102 133.32 -6.75 36.17
C ASN OF 102 133.06 -7.90 35.22
N VAL OF 103 132.93 -7.61 33.93
CA VAL OF 103 132.74 -8.68 32.95
C VAL OF 103 133.98 -9.56 32.89
N ASP OF 104 135.16 -8.94 32.88
CA ASP OF 104 136.40 -9.71 32.78
C ASP OF 104 136.56 -10.62 33.98
N THR OF 105 136.32 -10.11 35.19
CA THR OF 105 136.49 -10.94 36.38
C THR OF 105 135.39 -11.98 36.48
N LEU OF 106 134.35 -11.88 35.67
CA LEU OF 106 133.27 -12.85 35.69
C LEU OF 106 133.29 -13.76 34.48
N PHE OF 107 133.70 -13.25 33.33
CA PHE OF 107 133.68 -14.01 32.08
C PHE OF 107 135.08 -14.35 31.58
N ALA OF 108 135.96 -13.36 31.47
CA ALA OF 108 137.30 -13.62 30.96
C ALA OF 108 138.07 -14.57 31.87
N SER OF 109 137.95 -14.39 33.19
CA SER OF 109 138.62 -15.26 34.14
C SER OF 109 137.69 -16.30 34.76
N GLY OF 110 136.41 -15.96 34.94
CA GLY OF 110 135.46 -16.89 35.50
C GLY OF 110 134.96 -17.89 34.47
N ASN OF 111 134.03 -18.73 34.92
CA ASN OF 111 133.44 -19.76 34.08
C ASN OF 111 132.05 -19.37 33.61
N ALA OF 112 131.72 -18.08 33.61
CA ALA OF 112 130.40 -17.66 33.15
C ALA OF 112 130.16 -18.02 31.71
N GLY OF 113 131.20 -18.02 30.88
CA GLY OF 113 131.04 -18.40 29.49
C GLY OF 113 130.58 -19.83 29.33
N LEU OF 114 131.11 -20.74 30.16
CA LEU OF 114 130.71 -22.14 30.11
C LEU OF 114 129.29 -22.36 30.58
N GLY OF 115 128.66 -21.36 31.19
CA GLY OF 115 127.31 -21.51 31.71
C GLY OF 115 127.20 -21.49 33.21
N PHE OF 116 128.30 -21.26 33.93
CA PHE OF 116 128.25 -21.26 35.38
C PHE OF 116 128.02 -19.85 35.91
N LEU OF 117 127.59 -19.76 37.16
CA LEU OF 117 127.50 -18.51 37.88
C LEU OF 117 128.29 -18.62 39.18
N ASP OF 118 128.97 -17.53 39.55
CA ASP OF 118 129.78 -17.49 40.76
C ASP OF 118 129.33 -16.31 41.62
N PRO OF 119 128.43 -16.55 42.57
CA PRO OF 119 128.01 -15.46 43.47
C PRO OF 119 129.13 -14.96 44.36
N THR OF 120 130.24 -15.68 44.45
CA THR OF 120 131.36 -15.28 45.28
C THR OF 120 132.39 -14.43 44.54
N ALA OF 121 132.11 -14.07 43.29
CA ALA OF 121 133.05 -13.27 42.52
C ALA OF 121 133.19 -11.87 43.10
N ALA OF 122 134.35 -11.27 42.87
CA ALA OF 122 134.64 -9.93 43.37
C ALA OF 122 134.23 -8.90 42.34
N ILE OF 123 133.21 -8.09 42.66
CA ILE OF 123 132.69 -7.07 41.77
C ILE OF 123 132.95 -5.71 42.41
N VAL OF 124 133.75 -4.89 41.74
CA VAL OF 124 134.12 -3.58 42.26
C VAL OF 124 133.30 -2.52 41.54
N SER OF 125 133.06 -1.41 42.23
CA SER OF 125 132.24 -0.34 41.69
C SER OF 125 133.10 0.76 41.09
N SER OF 126 132.44 1.66 40.34
CA SER OF 126 133.16 2.78 39.76
C SER OF 126 133.73 3.69 40.83
N ASP OF 127 132.95 3.97 41.87
CA ASP OF 127 133.41 4.82 42.95
C ASP OF 127 134.57 4.16 43.69
N THR OF 128 135.53 4.98 44.09
CA THR OF 128 136.74 4.49 44.73
C THR OF 128 136.97 5.24 46.03
N THR OF 129 137.63 4.57 46.97
CA THR OF 129 137.94 5.15 48.27
C THR OF 129 139.05 6.18 48.16
N ALA PF 1 142.42 30.46 16.53
CA ALA PF 1 141.95 29.15 16.08
C ALA PF 1 140.58 28.83 16.66
N ASN PF 2 139.59 28.66 15.79
CA ASN PF 2 138.25 28.36 16.25
C ASN PF 2 138.04 26.85 16.32
N LYS PF 3 136.94 26.46 16.95
CA LYS PF 3 136.65 25.04 17.12
C LYS PF 3 136.13 24.45 15.82
N PRO PF 4 136.80 23.45 15.25
CA PRO PF 4 136.26 22.80 14.05
C PRO PF 4 135.09 21.90 14.38
N MET PF 5 134.23 21.69 13.39
CA MET PF 5 133.13 20.75 13.55
C MET PF 5 133.47 19.43 12.85
N GLN PF 6 132.48 18.56 12.81
CA GLN PF 6 132.54 17.30 12.08
C GLN PF 6 131.11 16.86 11.80
N PRO PF 7 130.91 16.03 10.77
CA PRO PF 7 129.53 15.71 10.36
C PRO PF 7 128.74 14.99 11.44
N ILE PF 8 127.43 15.24 11.44
CA ILE PF 8 126.53 14.61 12.40
C ILE PF 8 125.56 13.72 11.66
N THR PF 9 125.23 14.10 10.43
CA THR PF 9 124.21 13.40 9.65
C THR PF 9 124.62 13.49 8.18
N SER PF 10 125.28 12.44 7.70
CA SER PF 10 125.72 12.40 6.32
C SER PF 10 124.62 11.85 5.43
N THR PF 11 124.32 12.57 4.35
CA THR PF 11 123.29 12.16 3.41
C THR PF 11 123.68 12.65 2.04
N ALA PF 12 123.09 12.05 1.00
CA ALA PF 12 123.39 12.45 -0.36
C ALA PF 12 122.98 13.89 -0.66
N ASN PF 13 122.13 14.47 0.17
CA ASN PF 13 121.64 15.82 -0.08
C ASN PF 13 121.76 16.77 1.10
N LYS PF 14 122.27 16.30 2.24
CA LYS PF 14 122.37 17.16 3.41
C LYS PF 14 123.41 16.61 4.37
N ILE PF 15 124.27 17.49 4.86
CA ILE PF 15 125.24 17.14 5.90
C ILE PF 15 125.19 18.22 6.97
N VAL PF 16 125.12 17.80 8.22
CA VAL PF 16 125.03 18.71 9.35
C VAL PF 16 126.30 18.57 10.19
N TRP PF 17 126.90 19.71 10.52
CA TRP PF 17 128.05 19.76 11.40
C TRP PF 17 127.66 20.40 12.73
N SER PF 18 128.12 19.81 13.83
CA SER PF 18 127.88 20.36 15.15
C SER PF 18 129.16 20.37 15.95
N ASP PF 19 129.28 21.35 16.82
CA ASP PF 19 130.48 21.51 17.63
C ASP PF 19 130.53 20.44 18.71
N PRO PF 20 131.60 19.65 18.81
CA PRO PF 20 131.68 18.69 19.91
C PRO PF 20 131.60 19.32 21.28
N THR PF 21 132.16 20.51 21.45
CA THR PF 21 132.12 21.16 22.76
C THR PF 21 130.79 21.85 23.04
N ARG PF 22 129.94 22.02 22.02
CA ARG PF 22 128.64 22.64 22.21
C ARG PF 22 127.71 22.10 21.12
N LEU PF 23 126.84 21.17 21.50
CA LEU PF 23 125.96 20.53 20.54
C LEU PF 23 124.91 21.47 19.96
N SER PF 24 124.73 22.65 20.55
CA SER PF 24 123.71 23.56 20.06
C SER PF 24 124.07 24.13 18.70
N THR PF 25 125.31 24.58 18.54
CA THR PF 25 125.73 25.21 17.29
C THR PF 25 125.74 24.20 16.15
N THR PF 26 125.18 24.59 15.01
CA THR PF 26 125.07 23.70 13.87
C THR PF 26 125.34 24.48 12.59
N PHE PF 27 125.73 23.75 11.56
CA PHE PF 27 125.89 24.31 10.21
C PHE PF 27 125.51 23.21 9.24
N SER PF 28 124.35 23.35 8.60
CA SER PF 28 123.82 22.36 7.70
C SER PF 28 123.81 22.90 6.28
N ALA PF 29 124.33 22.12 5.34
CA ALA PF 29 124.33 22.48 3.93
C ALA PF 29 123.46 21.48 3.18
N SER PF 30 122.49 21.99 2.43
CA SER PF 30 121.59 21.16 1.64
C SER PF 30 121.54 21.67 0.21
N LEU PF 31 121.53 20.74 -0.73
CA LEU PF 31 121.54 21.07 -2.15
C LEU PF 31 120.44 20.31 -2.87
N LEU PF 32 119.88 20.96 -3.88
CA LEU PF 32 118.86 20.36 -4.74
C LEU PF 32 119.31 20.55 -6.18
N ARG PF 33 119.94 19.54 -6.75
CA ARG PF 33 120.43 19.61 -8.11
C ARG PF 33 119.28 19.30 -9.07
N GLN PF 34 119.13 20.14 -10.09
CA GLN PF 34 118.01 20.04 -11.00
C GLN PF 34 118.47 20.29 -12.42
N ARG PF 35 117.76 19.68 -13.37
CA ARG PF 35 117.96 19.92 -14.78
C ARG PF 35 116.82 20.80 -15.27
N VAL PF 36 117.16 21.96 -15.81
CA VAL PF 36 116.19 22.96 -16.23
C VAL PF 36 116.39 23.26 -17.71
N LYS PF 37 115.30 23.32 -18.45
CA LYS PF 37 115.31 23.66 -19.87
C LYS PF 37 114.97 25.14 -20.00
N VAL PF 38 116.00 25.98 -20.18
CA VAL PF 38 115.79 27.41 -20.27
C VAL PF 38 115.38 27.79 -21.69
N GLY PF 39 116.23 27.49 -22.67
CA GLY PF 39 115.88 27.68 -24.06
C GLY PF 39 116.79 26.89 -24.97
N ILE PF 40 116.19 26.07 -25.84
CA ILE PF 40 116.86 25.23 -26.84
C ILE PF 40 118.16 24.63 -26.31
N ALA PF 41 118.25 24.43 -25.00
CA ALA PF 41 119.47 23.94 -24.37
C ALA PF 41 119.15 23.53 -22.95
N GLU PF 42 119.62 22.35 -22.55
CA GLU PF 42 119.40 21.87 -21.20
C GLU PF 42 120.44 22.44 -20.26
N LEU PF 43 120.01 22.85 -19.08
CA LEU PF 43 120.91 23.43 -18.08
C LEU PF 43 120.76 22.68 -16.77
N ASN PF 44 121.89 22.42 -16.12
CA ASN PF 44 121.91 21.78 -14.82
C ASN PF 44 121.93 22.86 -13.74
N ASN PF 45 120.84 22.97 -13.00
CA ASN PF 45 120.69 24.00 -11.98
C ASN PF 45 120.96 23.40 -10.61
N VAL PF 46 121.79 24.10 -9.83
CA VAL PF 46 122.13 23.69 -8.48
C VAL PF 46 121.71 24.81 -7.53
N SER PF 47 120.86 24.48 -6.56
CA SER PF 47 120.35 25.46 -5.60
C SER PF 47 120.78 25.01 -4.21
N GLY PF 48 121.99 25.39 -3.82
CA GLY PF 48 122.48 25.04 -2.50
C GLY PF 48 121.87 25.92 -1.42
N GLN PF 49 121.73 25.34 -0.23
CA GLN PF 49 121.17 26.05 0.91
C GLN PF 49 122.04 25.79 2.13
N TYR PF 50 122.44 26.86 2.81
CA TYR PF 50 123.36 26.77 3.95
C TYR PF 50 122.74 27.48 5.13
N VAL PF 51 122.59 26.78 6.24
CA VAL PF 51 122.02 27.34 7.45
C VAL PF 51 123.04 27.21 8.57
N SER PF 52 123.41 28.34 9.17
CA SER PF 52 124.30 28.37 10.32
C SER PF 52 123.49 28.84 11.53
N VAL PF 53 123.46 28.02 12.57
CA VAL PF 53 122.64 28.29 13.75
C VAL PF 53 123.52 28.32 14.98
N TYR PF 54 123.44 29.41 15.72
CA TYR PF 54 124.08 29.53 17.02
C TYR PF 54 123.03 29.99 18.03
N LYS PF 55 123.11 29.44 19.24
CA LYS PF 55 122.23 29.83 20.33
C LYS PF 55 123.08 30.48 21.41
N ARG PF 56 123.09 31.81 21.43
CA ARG PF 56 123.80 32.59 22.43
C ARG PF 56 122.87 32.88 23.60
N PRO PF 57 123.35 32.74 24.84
CA PRO PF 57 122.50 33.07 25.99
C PRO PF 57 122.12 34.55 25.95
N ALA PF 58 120.94 34.85 26.46
CA ALA PF 58 120.44 36.22 26.46
C ALA PF 58 121.39 37.10 27.26
N PRO PF 59 121.56 38.38 26.89
CA PRO PF 59 122.53 39.23 27.60
C PRO PF 59 122.24 39.35 29.08
N LYS PF 60 123.22 39.01 29.90
CA LYS PF 60 123.02 38.99 31.33
C LYS PF 60 122.91 40.42 31.87
N PRO PF 61 121.98 40.68 32.78
CA PRO PF 61 121.85 42.03 33.33
C PRO PF 61 123.11 42.46 34.06
N GLU PF 62 123.35 43.77 34.10
CA GLU PF 62 124.60 44.31 34.59
C GLU PF 62 124.70 44.16 36.11
N GLY PF 63 125.93 44.20 36.62
CA GLY PF 63 126.16 44.18 38.05
C GLY PF 63 126.43 42.81 38.65
N CYS PF 64 125.46 41.90 38.54
CA CYS PF 64 125.56 40.62 39.21
C CYS PF 64 126.67 39.76 38.63
N ALA PF 65 127.38 39.06 39.51
CA ALA PF 65 128.33 38.02 39.14
C ALA PF 65 127.92 36.69 39.73
N ASP PF 66 126.67 36.60 40.19
CA ASP PF 66 126.19 35.39 40.86
C ASP PF 66 126.13 34.22 39.89
N ALA PF 67 126.24 33.01 40.47
CA ALA PF 67 126.45 31.80 39.70
C ALA PF 67 125.19 31.28 39.02
N CYS PF 68 124.19 30.88 39.81
CA CYS PF 68 123.00 30.23 39.28
C CYS PF 68 122.00 31.26 38.80
N VAL PF 69 122.41 32.04 37.79
CA VAL PF 69 121.49 32.86 37.02
C VAL PF 69 121.68 32.57 35.53
N ILE PF 70 120.90 31.64 35.01
CA ILE PF 70 120.97 31.25 33.61
C ILE PF 70 119.62 31.57 32.97
N MET PF 71 119.65 32.48 32.00
CA MET PF 71 118.45 32.96 31.33
C MET PF 71 118.26 32.21 30.02
N PRO PF 72 117.05 32.19 29.45
CA PRO PF 72 116.80 31.37 28.27
C PRO PF 72 117.74 31.68 27.12
N ASN PF 73 118.15 30.63 26.41
CA ASN PF 73 119.09 30.75 25.31
C ASN PF 73 118.33 31.25 24.09
N GLU PF 74 118.72 32.43 23.57
CA GLU PF 74 118.06 32.98 22.41
C GLU PF 74 118.74 32.51 21.13
N ASN PF 75 117.98 32.47 20.05
CA ASN PF 75 118.40 31.82 18.81
C ASN PF 75 118.94 32.84 17.82
N GLN PF 76 120.08 32.50 17.21
CA GLN PF 76 120.66 33.27 16.11
C GLN PF 76 120.81 32.35 14.92
N SER PF 77 120.37 32.81 13.75
CA SER PF 77 120.41 32.00 12.54
C SER PF 77 120.85 32.85 11.36
N ILE PF 78 121.54 32.21 10.41
CA ILE PF 78 121.96 32.85 9.18
C ILE PF 78 121.73 31.86 8.05
N ARG PF 79 120.72 32.10 7.22
CA ARG PF 79 120.37 31.23 6.12
C ARG PF 79 120.86 31.85 4.82
N THR PF 80 121.40 31.01 3.93
CA THR PF 80 121.88 31.47 2.63
C THR PF 80 121.56 30.40 1.60
N VAL PF 81 121.03 30.82 0.46
CA VAL PF 81 120.79 29.92 -0.66
C VAL PF 81 121.47 30.51 -1.89
N ILE PF 82 122.05 29.64 -2.72
CA ILE PF 82 122.72 30.03 -3.94
C ILE PF 82 122.09 29.24 -5.08
N SER PF 83 121.53 29.95 -6.05
CA SER PF 83 120.86 29.32 -7.18
C SER PF 83 121.55 29.74 -8.48
N GLY PF 84 121.75 28.79 -9.37
CA GLY PF 84 122.37 29.07 -10.65
C GLY PF 84 122.81 27.83 -11.39
N SER PF 85 123.01 27.94 -12.70
CA SER PF 85 123.46 26.80 -13.48
C SER PF 85 124.93 26.52 -13.21
N ALA PF 86 125.29 25.24 -13.24
CA ALA PF 86 126.69 24.86 -13.08
C ALA PF 86 127.55 25.35 -14.23
N GLU PF 87 126.95 25.59 -15.40
CA GLU PF 87 127.72 26.07 -16.55
C GLU PF 87 128.27 27.46 -16.34
N ASN PF 88 127.57 28.31 -15.58
CA ASN PF 88 128.04 29.64 -15.25
C ASN PF 88 128.56 29.70 -13.83
N LEU PF 89 129.14 28.60 -13.35
CA LEU PF 89 129.65 28.56 -11.98
C LEU PF 89 130.78 29.54 -11.78
N ALA PF 90 131.69 29.63 -12.76
CA ALA PF 90 132.86 30.49 -12.60
C ALA PF 90 132.45 31.94 -12.41
N THR PF 91 131.52 32.42 -13.21
CA THR PF 91 131.03 33.78 -13.04
C THR PF 91 130.10 33.91 -11.85
N LEU PF 92 129.48 32.82 -11.42
CA LEU PF 92 128.60 32.88 -10.26
C LEU PF 92 129.39 33.10 -8.97
N LYS PF 93 130.61 32.57 -8.90
CA LYS PF 93 131.43 32.80 -7.71
C LYS PF 93 131.69 34.29 -7.51
N ALA PF 94 131.98 35.01 -8.60
CA ALA PF 94 132.15 36.46 -8.49
C ALA PF 94 130.88 37.12 -7.99
N GLU PF 95 129.72 36.62 -8.41
CA GLU PF 95 128.45 37.13 -7.90
C GLU PF 95 128.35 36.94 -6.39
N TRP PF 96 128.76 35.77 -5.90
CA TRP PF 96 128.75 35.52 -4.46
C TRP PF 96 129.71 36.45 -3.75
N GLU PF 97 130.87 36.71 -4.34
CA GLU PF 97 131.82 37.62 -3.73
C GLU PF 97 131.26 39.03 -3.63
N THR PF 98 130.62 39.51 -4.69
CA THR PF 98 130.02 40.84 -4.65
C THR PF 98 128.89 40.89 -3.63
N HIS PF 99 128.06 39.85 -3.60
CA HIS PF 99 126.97 39.80 -2.62
C HIS PF 99 127.50 39.92 -1.20
N LYS PF 100 128.66 39.33 -0.94
CA LYS PF 100 129.30 39.50 0.37
C LYS PF 100 129.64 40.96 0.62
N ARG PF 101 130.17 41.64 -0.39
CA ARG PF 101 130.58 43.03 -0.21
C ARG PF 101 129.38 43.93 0.11
N ASN PF 102 128.28 43.74 -0.61
CA ASN PF 102 127.12 44.59 -0.40
C ASN PF 102 126.53 44.39 0.99
N VAL PF 103 126.39 43.14 1.42
CA VAL PF 103 125.83 42.89 2.74
C VAL PF 103 126.75 43.45 3.82
N ASP PF 104 128.05 43.28 3.66
CA ASP PF 104 129.00 43.83 4.63
C ASP PF 104 128.86 45.34 4.74
N THR PF 105 128.55 46.01 3.62
CA THR PF 105 128.36 47.45 3.66
C THR PF 105 127.17 47.84 4.54
N LEU PF 106 126.04 47.18 4.35
CA LEU PF 106 124.87 47.49 5.16
C LEU PF 106 124.99 46.96 6.58
N PHE PF 107 125.44 45.72 6.74
CA PHE PF 107 125.37 45.02 8.01
C PHE PF 107 126.68 45.05 8.78
N ALA PF 108 127.76 44.54 8.20
CA ALA PF 108 129.02 44.46 8.93
C ALA PF 108 129.58 45.84 9.23
N SER PF 109 129.67 46.69 8.22
CA SER PF 109 130.18 48.05 8.40
C SER PF 109 129.09 49.01 8.82
N GLY PF 110 127.93 48.95 8.17
CA GLY PF 110 126.82 49.79 8.54
C GLY PF 110 126.11 49.28 9.77
N ASN PF 111 125.00 49.95 10.09
CA ASN PF 111 124.21 49.61 11.26
C ASN PF 111 122.84 49.03 10.89
N ALA PF 112 122.76 48.31 9.77
CA ALA PF 112 121.49 47.71 9.37
C ALA PF 112 121.00 46.69 10.36
N GLY PF 113 121.90 46.11 11.17
CA GLY PF 113 121.47 45.13 12.16
C GLY PF 113 120.54 45.73 13.20
N LEU PF 114 120.78 46.98 13.59
CA LEU PF 114 119.93 47.63 14.57
C LEU PF 114 118.52 47.84 14.05
N GLY PF 115 118.32 47.79 12.74
CA GLY PF 115 117.00 47.94 12.16
C GLY PF 115 116.84 49.19 11.34
N PHE PF 116 117.95 49.71 10.82
CA PHE PF 116 117.94 50.94 10.03
C PHE PF 116 118.54 50.67 8.66
N LEU PF 117 117.82 51.12 7.62
CA LEU PF 117 118.28 51.01 6.25
C LEU PF 117 118.86 52.34 5.81
N ASP PF 118 120.08 52.32 5.30
CA ASP PF 118 120.73 53.54 4.86
C ASP PF 118 120.60 53.63 3.35
N PRO PF 119 119.75 54.52 2.82
CA PRO PF 119 119.57 54.60 1.36
C PRO PF 119 120.77 55.18 0.62
N THR PF 120 121.74 55.76 1.32
CA THR PF 120 122.91 56.34 0.67
C THR PF 120 124.13 55.45 0.77
N ALA PF 121 123.96 54.17 1.10
CA ALA PF 121 125.09 53.27 1.14
C ALA PF 121 125.59 52.96 -0.25
N ALA PF 122 126.88 52.62 -0.34
CA ALA PF 122 127.51 52.33 -1.63
C ALA PF 122 127.30 50.86 -1.97
N ILE PF 123 126.57 50.61 -3.06
CA ILE PF 123 126.26 49.25 -3.51
C ILE PF 123 126.93 49.06 -4.86
N VAL PF 124 127.92 48.19 -4.92
CA VAL PF 124 128.68 47.94 -6.14
C VAL PF 124 128.17 46.66 -6.77
N SER PF 125 128.25 46.58 -8.09
CA SER PF 125 127.74 45.45 -8.83
C SER PF 125 128.83 44.44 -9.14
N SER PF 126 128.41 43.25 -9.57
CA SER PF 126 129.38 42.25 -10.00
C SER PF 126 130.15 42.72 -11.23
N ASP PF 127 129.47 43.37 -12.16
CA ASP PF 127 130.13 43.86 -13.36
C ASP PF 127 131.11 44.96 -13.01
N THR PF 128 132.26 44.95 -13.68
CA THR PF 128 133.32 45.92 -13.43
C THR PF 128 133.73 46.59 -14.74
N THR PF 129 134.43 47.71 -14.59
CA THR PF 129 134.92 48.46 -15.74
C THR PF 129 136.43 48.62 -15.69
N ALA QF 1 131.84 -46.01 -54.90
CA ALA QF 1 131.45 -44.82 -54.15
C ALA QF 1 129.94 -44.61 -54.23
N ASN QF 2 129.46 -43.55 -53.58
CA ASN QF 2 128.05 -43.22 -53.57
C ASN QF 2 127.88 -41.73 -53.76
N LYS QF 3 126.72 -41.35 -54.29
CA LYS QF 3 126.43 -39.94 -54.53
C LYS QF 3 126.17 -39.23 -53.21
N PRO QF 4 126.93 -38.20 -52.86
CA PRO QF 4 126.66 -37.48 -51.62
C PRO QF 4 125.42 -36.61 -51.74
N MET QF 5 124.79 -36.36 -50.59
CA MET QF 5 123.73 -35.37 -50.57
C MET QF 5 124.30 -34.00 -50.19
N GLN QF 6 123.42 -33.01 -50.18
CA GLN QF 6 123.75 -31.68 -49.72
C GLN QF 6 122.65 -31.21 -48.77
N PRO QF 7 122.99 -30.35 -47.82
CA PRO QF 7 121.97 -29.85 -46.89
C PRO QF 7 120.88 -29.09 -47.62
N ILE QF 8 119.66 -29.23 -47.11
CA ILE QF 8 118.50 -28.54 -47.66
C ILE QF 8 117.99 -27.55 -46.64
N THR QF 9 118.22 -27.86 -45.36
CA THR QF 9 117.79 -26.99 -44.26
C THR QF 9 118.86 -27.06 -43.18
N SER QF 10 119.72 -26.05 -43.14
CA SER QF 10 120.82 -25.99 -42.17
C SER QF 10 120.38 -25.12 -41.01
N THR QF 11 120.22 -25.75 -39.84
CA THR QF 11 119.83 -25.05 -38.63
C THR QF 11 120.73 -25.54 -37.50
N ALA QF 12 120.91 -24.69 -36.49
CA ALA QF 12 121.76 -25.06 -35.35
C ALA QF 12 121.25 -26.29 -34.64
N ASN QF 13 119.97 -26.63 -34.79
CA ASN QF 13 119.40 -27.83 -34.18
C ASN QF 13 119.25 -28.98 -35.16
N LYS QF 14 118.58 -28.74 -36.30
CA LYS QF 14 118.28 -29.79 -37.26
C LYS QF 14 118.92 -29.47 -38.59
N ILE QF 15 119.55 -30.48 -39.20
CA ILE QF 15 120.09 -30.38 -40.55
C ILE QF 15 119.56 -31.54 -41.36
N VAL QF 16 119.06 -31.25 -42.56
CA VAL QF 16 118.46 -32.25 -43.43
C VAL QF 16 119.24 -32.30 -44.74
N TRP QF 17 119.69 -33.49 -45.10
CA TRP QF 17 120.33 -33.73 -46.39
C TRP QF 17 119.37 -34.49 -47.29
N SER QF 18 119.45 -34.21 -48.59
CA SER QF 18 118.61 -34.91 -49.56
C SER QF 18 119.42 -35.19 -50.82
N ASP QF 19 119.08 -36.28 -51.49
CA ASP QF 19 119.78 -36.68 -52.69
C ASP QF 19 119.33 -35.79 -53.85
N PRO QF 20 120.25 -35.07 -54.51
CA PRO QF 20 119.82 -34.24 -55.65
C PRO QF 20 119.17 -35.03 -56.75
N THR QF 21 119.62 -36.27 -56.99
CA THR QF 21 119.00 -37.10 -58.02
C THR QF 21 117.62 -37.56 -57.58
N ARG QF 22 117.45 -37.90 -56.30
CA ARG QF 22 116.21 -38.42 -55.76
C ARG QF 22 115.90 -37.67 -54.46
N LEU QF 23 115.09 -36.61 -54.56
CA LEU QF 23 114.85 -35.76 -53.41
C LEU QF 23 114.05 -36.48 -52.32
N SER QF 24 113.44 -37.63 -52.63
CA SER QF 24 112.73 -38.38 -51.61
C SER QF 24 113.69 -38.90 -50.54
N THR QF 25 114.86 -39.39 -50.96
CA THR QF 25 115.84 -39.90 -50.01
C THR QF 25 116.35 -38.77 -49.13
N THR QF 26 116.32 -38.99 -47.83
CA THR QF 26 116.71 -37.95 -46.88
C THR QF 26 117.54 -38.57 -45.76
N PHE QF 27 118.23 -37.71 -45.02
CA PHE QF 27 118.92 -38.09 -43.79
C PHE QF 27 119.01 -36.85 -42.93
N SER QF 28 118.19 -36.78 -41.89
CA SER QF 28 118.07 -35.59 -41.06
C SER QF 28 118.55 -35.89 -39.66
N ALA QF 29 119.41 -35.02 -39.13
CA ALA QF 29 119.93 -35.15 -37.78
C ALA QF 29 119.51 -33.95 -36.97
N SER QF 30 118.96 -34.19 -35.78
CA SER QF 30 118.54 -33.13 -34.88
C SER QF 30 119.06 -33.42 -33.48
N LEU QF 31 119.44 -32.36 -32.78
CA LEU QF 31 120.01 -32.47 -31.45
C LEU QF 31 119.10 -31.79 -30.45
N LEU QF 32 119.08 -32.32 -29.24
CA LEU QF 32 118.35 -31.72 -28.13
C LEU QF 32 119.29 -31.72 -26.92
N ARG QF 33 119.89 -30.58 -26.64
CA ARG QF 33 120.82 -30.44 -25.53
C ARG QF 33 120.04 -30.08 -24.27
N GLN QF 34 120.29 -30.82 -23.19
CA GLN QF 34 119.46 -30.76 -22.01
C GLN QF 34 120.34 -30.67 -20.77
N ARG QF 35 119.78 -30.10 -19.71
CA ARG QF 35 120.43 -29.97 -18.42
C ARG QF 35 119.92 -31.05 -17.48
N VAL QF 36 120.84 -31.76 -16.83
CA VAL QF 36 120.49 -32.82 -15.90
C VAL QF 36 121.34 -32.69 -14.65
N LYS QF 37 120.72 -32.90 -13.49
CA LYS QF 37 121.40 -32.93 -12.20
C LYS QF 37 121.41 -34.37 -11.72
N VAL QF 38 122.56 -35.03 -11.80
CA VAL QF 38 122.64 -36.42 -11.39
C VAL QF 38 123.66 -36.59 -10.27
N GLY QF 39 124.87 -36.09 -10.46
CA GLY QF 39 125.88 -36.16 -9.41
C GLY QF 39 125.93 -34.89 -8.60
N ILE QF 40 124.75 -34.37 -8.25
CA ILE QF 40 124.55 -33.05 -7.64
C ILE QF 40 125.53 -32.06 -8.24
N ALA QF 41 125.75 -32.16 -9.55
CA ALA QF 41 126.75 -31.37 -10.23
C ALA QF 41 126.28 -31.09 -11.65
N GLU QF 42 127.13 -30.39 -12.40
CA GLU QF 42 126.79 -29.95 -13.75
C GLU QF 42 127.01 -31.10 -14.73
N LEU QF 43 125.90 -31.63 -15.26
CA LEU QF 43 125.97 -32.60 -16.34
C LEU QF 43 125.12 -32.11 -17.50
N ASN QF 44 125.70 -32.09 -18.69
CA ASN QF 44 125.04 -31.62 -19.89
C ASN QF 44 124.72 -32.83 -20.77
N ASN QF 45 123.43 -33.04 -21.03
CA ASN QF 45 122.97 -34.21 -21.76
C ASN QF 45 122.54 -33.81 -23.16
N VAL QF 46 122.94 -34.60 -24.15
CA VAL QF 46 122.59 -34.37 -25.54
C VAL QF 46 121.85 -35.60 -26.05
N SER QF 47 120.71 -35.37 -26.71
CA SER QF 47 119.88 -36.45 -27.24
C SER QF 47 119.83 -36.29 -28.76
N GLY QF 48 120.80 -36.87 -29.46
CA GLY QF 48 120.91 -36.73 -30.89
C GLY QF 48 120.02 -37.72 -31.61
N GLN QF 49 119.09 -37.20 -32.40
CA GLN QF 49 118.15 -38.01 -33.16
C GLN QF 49 118.57 -38.00 -34.63
N TYR QF 50 118.72 -39.18 -35.21
CA TYR QF 50 119.15 -39.34 -36.58
C TYR QF 50 118.14 -40.19 -37.32
N VAL QF 51 117.64 -39.69 -38.45
CA VAL QF 51 116.60 -40.36 -39.21
C VAL QF 51 117.05 -40.48 -40.65
N SER QF 52 116.93 -41.67 -41.23
CA SER QF 52 117.19 -41.92 -42.63
C SER QF 52 115.93 -42.47 -43.26
N VAL QF 53 115.51 -41.89 -44.38
CA VAL QF 53 114.25 -42.22 -45.02
C VAL QF 53 114.50 -42.53 -46.49
N TYR QF 54 113.96 -43.64 -46.96
CA TYR QF 54 114.00 -43.99 -48.37
C TYR QF 54 112.60 -44.45 -48.78
N LYS QF 55 112.23 -44.16 -50.02
CA LYS QF 55 110.96 -44.58 -50.58
C LYS QF 55 111.23 -45.58 -51.70
N ARG QF 56 111.31 -46.86 -51.33
CA ARG QF 56 111.58 -47.92 -52.28
C ARG QF 56 110.28 -48.37 -52.92
N PRO QF 57 110.15 -48.32 -54.24
CA PRO QF 57 108.86 -48.67 -54.85
C PRO QF 57 108.65 -50.17 -54.95
N ALA QF 58 107.84 -50.70 -54.02
CA ALA QF 58 107.44 -52.09 -53.83
C ALA QF 58 108.46 -53.14 -54.27
N PRO QF 59 108.11 -54.43 -54.32
CA PRO QF 59 108.78 -55.34 -55.26
C PRO QF 59 107.96 -55.58 -56.52
N LYS QF 60 108.55 -55.37 -57.68
CA LYS QF 60 107.86 -55.72 -58.92
C LYS QF 60 107.86 -57.24 -59.07
N PRO QF 61 106.79 -57.85 -59.58
CA PRO QF 61 106.79 -59.31 -59.76
C PRO QF 61 107.95 -59.79 -60.61
N GLU QF 62 108.50 -60.95 -60.24
CA GLU QF 62 109.70 -61.49 -60.87
C GLU QF 62 109.48 -61.80 -62.35
N GLY QF 63 110.52 -61.58 -63.16
CA GLY QF 63 110.50 -61.91 -64.57
C GLY QF 63 109.38 -61.28 -65.36
N CYS QF 64 108.79 -60.20 -64.84
CA CYS QF 64 107.71 -59.55 -65.59
C CYS QF 64 107.78 -58.03 -65.44
N ALA QF 65 108.94 -57.46 -65.12
CA ALA QF 65 109.05 -56.02 -64.95
C ALA QF 65 108.83 -55.29 -66.28
N ASP QF 66 107.97 -54.28 -66.22
CA ASP QF 66 107.70 -53.39 -67.35
C ASP QF 66 108.31 -52.03 -67.08
N ALA QF 67 108.76 -51.36 -68.14
CA ALA QF 67 109.49 -50.11 -68.00
C ALA QF 67 108.66 -49.04 -67.30
N CYS QF 68 107.41 -48.87 -67.71
CA CYS QF 68 106.55 -47.82 -67.18
C CYS QF 68 105.21 -48.28 -66.62
N VAL QF 69 105.21 -49.28 -65.74
CA VAL QF 69 104.11 -49.44 -64.78
C VAL QF 69 104.72 -49.20 -63.41
N ILE QF 70 104.69 -47.95 -62.96
CA ILE QF 70 105.32 -47.55 -61.70
C ILE QF 70 104.25 -47.59 -60.61
N MET QF 71 104.48 -48.45 -59.62
CA MET QF 71 103.57 -48.60 -58.50
C MET QF 71 103.96 -47.66 -57.37
N PRO QF 72 103.07 -47.35 -56.44
CA PRO QF 72 103.43 -46.48 -55.32
C PRO QF 72 104.54 -47.09 -54.48
N ASN QF 73 105.33 -46.22 -53.86
CA ASN QF 73 106.49 -46.62 -53.09
C ASN QF 73 106.08 -47.02 -51.67
N GLU QF 74 107.05 -47.46 -50.89
CA GLU QF 74 106.83 -47.76 -49.47
C GLU QF 74 108.01 -47.22 -48.69
N ASN QF 75 107.77 -46.89 -47.43
CA ASN QF 75 108.75 -46.18 -46.61
C ASN QF 75 109.73 -47.17 -45.98
N GLN QF 76 111.01 -46.92 -46.20
CA GLN QF 76 112.08 -47.63 -45.52
C GLN QF 76 112.75 -46.64 -44.59
N SER QF 77 112.42 -46.72 -43.30
CA SER QF 77 112.80 -45.70 -42.33
C SER QF 77 113.73 -46.30 -41.27
N ILE QF 78 114.74 -45.53 -40.89
CA ILE QF 78 115.65 -45.88 -39.81
C ILE QF 78 115.82 -44.67 -38.93
N ARG QF 79 115.51 -44.81 -37.64
CA ARG QF 79 115.64 -43.74 -36.68
C ARG QF 79 116.56 -44.18 -35.56
N THR QF 80 117.48 -43.31 -35.17
CA THR QF 80 118.42 -43.60 -34.10
C THR QF 80 118.52 -42.40 -33.17
N VAL QF 81 118.47 -42.65 -31.87
CA VAL QF 81 118.65 -41.60 -30.87
C VAL QF 81 119.75 -42.04 -29.91
N ILE QF 82 120.68 -41.14 -29.64
CA ILE QF 82 121.77 -41.39 -28.70
C ILE QF 82 121.65 -40.35 -27.60
N SER QF 83 121.50 -40.81 -26.36
CA SER QF 83 121.35 -39.93 -25.21
C SER QF 83 122.45 -40.21 -24.21
N GLY QF 84 123.10 -39.15 -23.75
CA GLY QF 84 124.15 -39.30 -22.76
C GLY QF 84 124.83 -37.97 -22.51
N SER QF 85 125.54 -37.91 -21.39
CA SER QF 85 126.27 -36.70 -21.05
C SER QF 85 127.44 -36.50 -22.00
N ALA QF 86 127.71 -35.23 -22.32
CA ALA QF 86 128.85 -34.93 -23.19
C ALA QF 86 130.17 -35.31 -22.54
N GLU QF 87 130.23 -35.25 -21.20
CA GLU QF 87 131.45 -35.55 -20.49
C GLU QF 87 131.86 -37.01 -20.64
N ASN QF 88 130.92 -37.88 -21.01
CA ASN QF 88 131.20 -39.30 -21.21
C ASN QF 88 131.13 -39.68 -22.68
N LEU QF 89 131.58 -38.79 -23.56
CA LEU QF 89 131.54 -39.11 -24.99
C LEU QF 89 132.46 -40.27 -25.34
N ALA QF 90 133.63 -40.36 -24.71
CA ALA QF 90 134.58 -41.39 -25.06
C ALA QF 90 134.02 -42.77 -24.83
N THR QF 91 133.35 -42.97 -23.69
CA THR QF 91 132.71 -44.26 -23.43
C THR QF 91 131.41 -44.42 -24.23
N LEU QF 92 130.74 -43.31 -24.54
CA LEU QF 92 129.51 -43.40 -25.33
C LEU QF 92 129.80 -43.91 -26.73
N LYS QF 93 130.93 -43.52 -27.32
CA LYS QF 93 131.29 -44.04 -28.63
C LYS QF 93 131.52 -45.55 -28.57
N ALA QF 94 132.04 -46.04 -27.44
CA ALA QF 94 132.15 -47.49 -27.26
C ALA QF 94 130.77 -48.13 -27.23
N GLU QF 95 129.79 -47.46 -26.62
CA GLU QF 95 128.42 -47.96 -26.65
C GLU QF 95 127.92 -48.08 -28.09
N TRP QF 96 128.20 -47.07 -28.91
CA TRP QF 96 127.72 -47.08 -30.28
C TRP QF 96 128.31 -48.25 -31.06
N GLU QF 97 129.60 -48.52 -30.89
CA GLU QF 97 130.23 -49.64 -31.57
C GLU QF 97 129.59 -50.96 -31.14
N THR QF 98 129.42 -51.14 -29.83
CA THR QF 98 128.83 -52.38 -29.33
C THR QF 98 127.38 -52.51 -29.78
N HIS QF 99 126.62 -51.41 -29.71
CA HIS QF 99 125.22 -51.46 -30.13
C HIS QF 99 125.10 -51.84 -31.60
N LYS QF 100 126.01 -51.32 -32.44
CA LYS QF 100 126.00 -51.68 -33.84
C LYS QF 100 126.24 -53.17 -34.03
N ARG QF 101 127.18 -53.73 -33.27
CA ARG QF 101 127.50 -55.15 -33.43
C ARG QF 101 126.31 -56.03 -33.04
N ASN QF 102 125.69 -55.73 -31.90
CA ASN QF 102 124.61 -56.57 -31.42
C ASN QF 102 123.44 -56.58 -32.39
N VAL QF 103 123.04 -55.41 -32.87
CA VAL QF 103 121.92 -55.34 -33.81
C VAL QF 103 122.30 -56.02 -35.12
N ASP QF 104 123.59 -56.00 -35.47
CA ASP QF 104 124.02 -56.68 -36.68
C ASP QF 104 123.78 -58.18 -36.59
N THR QF 105 124.09 -58.77 -35.44
CA THR QF 105 123.90 -60.21 -35.28
C THR QF 105 122.43 -60.58 -35.41
N LEU QF 106 121.54 -59.80 -34.79
CA LEU QF 106 120.12 -60.07 -34.90
C LEU QF 106 119.58 -59.76 -36.28
N PHE QF 107 120.03 -58.67 -36.90
CA PHE QF 107 119.42 -58.15 -38.10
C PHE QF 107 120.27 -58.33 -39.35
N ALA QF 108 121.51 -57.86 -39.33
CA ALA QF 108 122.35 -57.96 -40.52
C ALA QF 108 122.61 -59.42 -40.88
N SER QF 109 122.85 -60.27 -39.88
CA SER QF 109 123.13 -61.67 -40.11
C SER QF 109 121.98 -62.60 -39.73
N GLY QF 110 120.97 -62.11 -39.01
CA GLY QF 110 119.87 -62.91 -38.57
C GLY QF 110 118.60 -62.66 -39.35
N ASN QF 111 117.50 -63.16 -38.80
CA ASN QF 111 116.18 -63.03 -39.42
C ASN QF 111 115.29 -62.05 -38.68
N ALA QF 112 115.86 -61.16 -37.88
CA ALA QF 112 115.05 -60.19 -37.16
C ALA QF 112 114.28 -59.29 -38.11
N GLY QF 113 114.87 -58.99 -39.27
CA GLY QF 113 114.16 -58.18 -40.25
C GLY QF 113 112.89 -58.85 -40.73
N LEU QF 114 112.94 -60.16 -40.96
CA LEU QF 114 111.76 -60.87 -41.43
C LEU QF 114 110.68 -60.94 -40.36
N GLY QF 115 111.05 -60.99 -39.09
CA GLY QF 115 110.07 -61.09 -38.02
C GLY QF 115 110.38 -62.19 -37.04
N PHE QF 116 111.60 -62.70 -37.08
CA PHE QF 116 112.01 -63.84 -36.26
C PHE QF 116 113.01 -63.38 -35.20
N LEU QF 117 112.74 -63.73 -33.95
CA LEU QF 117 113.65 -63.49 -32.85
C LEU QF 117 114.42 -64.77 -32.56
N ASP QF 118 115.72 -64.63 -32.29
CA ASP QF 118 116.56 -65.78 -32.00
C ASP QF 118 117.05 -65.70 -30.57
N PRO QF 119 116.43 -66.40 -29.62
CA PRO QF 119 116.86 -66.29 -28.22
C PRO QF 119 118.27 -66.79 -27.98
N THR QF 120 118.81 -67.65 -28.83
CA THR QF 120 120.15 -68.16 -28.65
C THR QF 120 121.20 -67.35 -29.40
N ALA QF 121 120.81 -66.25 -30.04
CA ALA QF 121 121.76 -65.41 -30.73
C ALA QF 121 122.80 -64.86 -29.77
N ALA QF 122 124.05 -64.85 -30.20
CA ALA QF 122 125.17 -64.46 -29.35
C ALA QF 122 125.39 -62.96 -29.46
N ILE QF 123 124.90 -62.21 -28.48
CA ILE QF 123 125.16 -60.79 -28.36
C ILE QF 123 126.03 -60.57 -27.14
N VAL QF 124 126.78 -59.48 -27.13
CA VAL QF 124 127.80 -59.28 -26.12
C VAL QF 124 127.80 -57.82 -25.69
N SER QF 125 128.33 -57.58 -24.49
CA SER QF 125 128.31 -56.25 -23.90
C SER QF 125 129.51 -55.43 -24.35
N SER QF 126 129.49 -54.15 -24.00
CA SER QF 126 130.60 -53.27 -24.35
C SER QF 126 131.81 -53.51 -23.44
N ASP QF 127 131.56 -53.79 -22.16
CA ASP QF 127 132.66 -53.97 -21.23
C ASP QF 127 133.49 -55.18 -21.61
N THR QF 128 134.80 -55.02 -21.56
CA THR QF 128 135.72 -56.09 -21.92
C THR QF 128 135.89 -57.03 -20.73
N THR QF 129 136.68 -58.09 -20.93
CA THR QF 129 136.93 -59.05 -19.86
C THR QF 129 138.37 -58.97 -19.38
N ALA RF 1 146.96 -18.28 -25.62
CA ALA RF 1 146.88 -19.73 -25.41
C ALA RF 1 145.67 -20.08 -24.55
N ASN RF 2 144.48 -19.97 -25.14
CA ASN RF 2 143.24 -20.29 -24.46
C ASN RF 2 142.35 -21.10 -25.39
N LYS RF 3 141.47 -21.88 -24.79
CA LYS RF 3 140.56 -22.72 -25.55
C LYS RF 3 139.58 -21.83 -26.33
N PRO RF 4 139.44 -22.02 -27.63
CA PRO RF 4 138.43 -21.26 -28.38
C PRO RF 4 137.10 -21.99 -28.37
N MET RF 5 136.02 -21.20 -28.37
CA MET RF 5 134.70 -21.81 -28.44
C MET RF 5 134.29 -22.00 -29.90
N GLN RF 6 133.14 -22.64 -30.07
CA GLN RF 6 132.46 -22.75 -31.34
C GLN RF 6 131.02 -22.30 -31.20
N PRO RF 7 130.42 -21.73 -32.24
CA PRO RF 7 129.00 -21.39 -32.18
C PRO RF 7 128.14 -22.63 -31.97
N ILE RF 8 127.06 -22.46 -31.20
CA ILE RF 8 126.19 -23.57 -30.83
C ILE RF 8 124.78 -23.37 -31.39
N THR RF 9 124.09 -22.32 -30.96
CA THR RF 9 122.73 -22.05 -31.40
C THR RF 9 122.72 -20.70 -32.13
N SER RF 10 122.97 -20.73 -33.43
CA SER RF 10 122.80 -19.53 -34.23
C SER RF 10 121.32 -19.15 -34.29
N THR RF 11 121.07 -17.86 -34.46
CA THR RF 11 119.71 -17.35 -34.49
C THR RF 11 119.74 -16.06 -35.30
N ALA RF 12 118.55 -15.56 -35.65
CA ALA RF 12 118.46 -14.35 -36.45
C ALA RF 12 119.21 -13.19 -35.80
N ASN RF 13 119.27 -13.15 -34.48
CA ASN RF 13 119.94 -12.06 -33.78
C ASN RF 13 120.88 -12.51 -32.67
N LYS RF 14 120.97 -13.80 -32.36
CA LYS RF 14 121.80 -14.29 -31.27
C LYS RF 14 122.66 -15.46 -31.73
N ILE RF 15 123.92 -15.43 -31.36
CA ILE RF 15 124.81 -16.57 -31.52
C ILE RF 15 125.50 -16.82 -30.18
N VAL RF 16 125.50 -18.07 -29.73
CA VAL RF 16 126.14 -18.45 -28.47
C VAL RF 16 127.34 -19.32 -28.79
N TRP RF 17 128.42 -19.09 -28.05
CA TRP RF 17 129.60 -19.93 -28.13
C TRP RF 17 129.76 -20.72 -26.85
N SER RF 18 130.27 -21.94 -26.96
CA SER RF 18 130.47 -22.77 -25.79
C SER RF 18 131.72 -23.62 -25.99
N ASP RF 19 132.46 -23.83 -24.92
CA ASP RF 19 133.70 -24.58 -25.00
C ASP RF 19 133.41 -26.06 -25.19
N PRO RF 20 133.93 -26.69 -26.24
CA PRO RF 20 133.74 -28.14 -26.37
C PRO RF 20 134.26 -28.93 -25.18
N THR RF 21 135.38 -28.52 -24.60
CA THR RF 21 135.91 -29.23 -23.45
C THR RF 21 135.01 -29.06 -22.23
N ARG RF 22 134.51 -27.85 -22.00
CA ARG RF 22 133.62 -27.55 -20.88
C ARG RF 22 132.39 -26.85 -21.43
N LEU RF 23 131.30 -27.61 -21.61
CA LEU RF 23 130.09 -27.03 -22.19
C LEU RF 23 129.46 -25.99 -21.29
N SER RF 24 129.85 -25.92 -20.03
CA SER RF 24 129.23 -24.98 -19.10
C SER RF 24 129.57 -23.54 -19.48
N THR RF 25 130.84 -23.26 -19.75
CA THR RF 25 131.25 -21.90 -20.07
C THR RF 25 130.69 -21.48 -21.41
N THR RF 26 130.04 -20.32 -21.44
CA THR RF 26 129.41 -19.84 -22.66
C THR RF 26 129.66 -18.34 -22.80
N PHE RF 27 129.51 -17.86 -24.03
CA PHE RF 27 129.60 -16.44 -24.32
C PHE RF 27 128.58 -16.14 -25.41
N SER RF 28 127.55 -15.37 -25.08
CA SER RF 28 126.45 -15.11 -25.99
C SER RF 28 126.46 -13.65 -26.42
N ALA RF 29 126.15 -13.41 -27.68
CA ALA RF 29 126.02 -12.06 -28.22
C ALA RF 29 124.64 -11.91 -28.85
N SER RF 30 123.90 -10.91 -28.42
CA SER RF 30 122.58 -10.64 -28.95
C SER RF 30 122.49 -9.19 -29.39
N LEU RF 31 121.82 -8.99 -30.52
CA LEU RF 31 121.73 -7.67 -31.13
C LEU RF 31 120.28 -7.31 -31.37
N LEU RF 32 119.97 -6.02 -31.20
CA LEU RF 32 118.63 -5.50 -31.44
C LEU RF 32 118.78 -4.16 -32.15
N ARG RF 33 118.42 -4.13 -33.43
CA ARG RF 33 118.52 -2.93 -34.24
C ARG RF 33 117.15 -2.24 -34.25
N GLN RF 34 117.14 -0.96 -33.93
CA GLN RF 34 115.89 -0.20 -33.80
C GLN RF 34 115.88 0.91 -34.84
N ARG RF 35 114.68 1.19 -35.34
CA ARG RF 35 114.52 2.07 -36.50
C ARG RF 35 114.13 3.43 -35.93
N VAL RF 36 115.11 4.15 -35.41
CA VAL RF 36 114.88 5.26 -34.48
C VAL RF 36 114.76 6.56 -35.25
N LYS RF 37 114.16 7.57 -34.61
CA LYS RF 37 113.94 8.89 -35.18
C LYS RF 37 114.23 9.97 -34.14
N VAL RF 38 115.05 10.95 -34.51
CA VAL RF 38 115.29 12.12 -33.67
C VAL RF 38 114.87 13.36 -34.45
N GLY RF 39 115.04 14.53 -33.85
CA GLY RF 39 114.58 15.77 -34.45
C GLY RF 39 115.02 15.98 -35.88
N ILE RF 40 114.05 15.94 -36.80
CA ILE RF 40 114.20 16.03 -38.25
C ILE RF 40 115.47 15.29 -38.70
N ALA RF 41 115.72 14.14 -38.09
CA ALA RF 41 116.86 13.32 -38.46
C ALA RF 41 116.51 11.86 -38.18
N GLU RF 42 116.68 11.02 -39.19
CA GLU RF 42 116.27 9.63 -39.14
C GLU RF 42 117.50 8.75 -38.99
N LEU RF 43 117.52 7.88 -37.98
CA LEU RF 43 118.74 7.20 -37.58
C LEU RF 43 118.49 5.72 -37.37
N ASN RF 44 119.57 4.94 -37.37
CA ASN RF 44 119.50 3.51 -37.06
C ASN RF 44 120.18 3.26 -35.71
N ASN RF 45 119.41 2.76 -34.75
CA ASN RF 45 119.93 2.50 -33.41
C ASN RF 45 120.21 1.01 -33.25
N VAL RF 46 121.38 0.69 -32.70
CA VAL RF 46 121.80 -0.69 -32.47
C VAL RF 46 122.04 -0.87 -30.99
N SER RF 47 121.44 -1.92 -30.42
CA SER RF 47 121.56 -2.21 -28.99
C SER RF 47 122.11 -3.63 -28.84
N GLY RF 48 123.43 -3.74 -28.85
CA GLY RF 48 124.09 -5.03 -28.67
C GLY RF 48 124.16 -5.41 -27.21
N GLN RF 49 124.15 -6.72 -26.96
CA GLN RF 49 124.20 -7.26 -25.61
C GLN RF 49 125.09 -8.48 -25.60
N TYR RF 50 126.12 -8.47 -24.76
CA TYR RF 50 127.09 -9.55 -24.68
C TYR RF 50 127.09 -10.12 -23.28
N VAL RF 51 126.97 -11.44 -23.18
CA VAL RF 51 126.91 -12.13 -21.90
C VAL RF 51 128.00 -13.21 -21.89
N SER RF 52 128.86 -13.16 -20.89
CA SER RF 52 129.87 -14.19 -20.67
C SER RF 52 129.57 -14.87 -19.36
N VAL RF 53 129.45 -16.20 -19.39
CA VAL RF 53 129.02 -16.97 -18.24
C VAL RF 53 130.05 -18.06 -17.96
N TYR RF 54 130.48 -18.15 -16.70
CA TYR RF 54 131.37 -19.20 -16.24
C TYR RF 54 130.84 -19.75 -14.93
N LYS RF 55 130.85 -21.07 -14.80
CA LYS RF 55 130.50 -21.74 -13.55
C LYS RF 55 131.78 -22.13 -12.84
N ARG RF 56 132.13 -21.37 -11.80
CA ARG RF 56 133.35 -21.58 -11.07
C ARG RF 56 133.09 -22.42 -9.83
N PRO RF 57 133.84 -23.49 -9.62
CA PRO RF 57 133.68 -24.26 -8.38
C PRO RF 57 134.01 -23.40 -7.16
N ALA RF 58 133.33 -23.70 -6.06
CA ALA RF 58 133.54 -22.94 -4.84
C ALA RF 58 135.00 -23.10 -4.39
N PRO RF 59 135.57 -22.11 -3.71
CA PRO RF 59 136.98 -22.20 -3.34
C PRO RF 59 137.26 -23.33 -2.37
N LYS RF 60 138.08 -24.28 -2.81
CA LYS RF 60 138.52 -25.33 -1.91
C LYS RF 60 139.33 -24.72 -0.77
N PRO RF 61 139.10 -25.13 0.47
CA PRO RF 61 139.78 -24.49 1.59
C PRO RF 61 141.29 -24.64 1.48
N GLU RF 62 141.99 -23.68 2.06
CA GLU RF 62 143.43 -23.61 1.93
C GLU RF 62 144.10 -24.79 2.61
N GLY RF 63 145.38 -24.97 2.30
CA GLY RF 63 146.16 -26.01 2.95
C GLY RF 63 145.77 -27.42 2.55
N CYS RF 64 145.24 -27.59 1.35
CA CYS RF 64 144.94 -28.93 0.86
C CYS RF 64 144.93 -28.94 -0.66
N ALA RF 65 145.66 -29.89 -1.23
CA ALA RF 65 145.59 -30.25 -2.65
C ALA RF 65 145.19 -31.71 -2.74
N ASP RF 66 144.18 -32.07 -1.95
CA ASP RF 66 143.85 -33.45 -1.66
C ASP RF 66 143.25 -34.15 -2.87
N ALA RF 67 142.79 -35.38 -2.62
CA ALA RF 67 142.21 -36.22 -3.65
C ALA RF 67 140.82 -35.76 -4.05
N CYS RF 68 140.75 -34.57 -4.65
CA CYS RF 68 139.55 -34.12 -5.34
C CYS RF 68 138.31 -34.07 -4.47
N VAL RF 69 138.30 -33.20 -3.46
CA VAL RF 69 137.06 -32.87 -2.76
C VAL RF 69 136.32 -31.87 -3.65
N ILE RF 70 135.35 -32.37 -4.41
CA ILE RF 70 134.64 -31.54 -5.37
C ILE RF 70 133.79 -30.51 -4.63
N MET RF 71 133.91 -29.27 -5.07
CA MET RF 71 133.14 -28.20 -4.47
C MET RF 71 132.02 -27.81 -5.42
N PRO RF 72 130.87 -27.35 -4.91
CA PRO RF 72 129.79 -26.91 -5.79
C PRO RF 72 130.21 -25.69 -6.59
N ASN RF 73 129.62 -25.57 -7.78
CA ASN RF 73 129.97 -24.51 -8.70
C ASN RF 73 129.10 -23.28 -8.46
N GLU RF 74 129.74 -22.12 -8.48
CA GLU RF 74 129.06 -20.86 -8.27
C GLU RF 74 129.17 -20.04 -9.55
N ASN RF 75 128.10 -19.32 -9.88
CA ASN RF 75 128.00 -18.67 -11.17
C ASN RF 75 128.85 -17.41 -11.22
N GLN RF 76 129.52 -17.22 -12.34
CA GLN RF 76 130.30 -16.00 -12.59
C GLN RF 76 129.85 -15.49 -13.95
N SER RF 77 129.12 -14.38 -13.96
CA SER RF 77 128.53 -13.84 -15.19
C SER RF 77 128.93 -12.39 -15.37
N ILE RF 78 129.13 -12.00 -16.63
CA ILE RF 78 129.37 -10.62 -17.01
C ILE RF 78 128.43 -10.29 -18.16
N ARG RF 79 127.63 -9.24 -17.99
CA ARG RF 79 126.72 -8.78 -19.02
C ARG RF 79 127.08 -7.35 -19.40
N THR RF 80 127.20 -7.11 -20.70
CA THR RF 80 127.54 -5.80 -21.23
C THR RF 80 126.58 -5.46 -22.36
N VAL RF 81 125.99 -4.27 -22.32
CA VAL RF 81 125.10 -3.81 -23.36
C VAL RF 81 125.63 -2.49 -23.92
N ILE RF 82 125.62 -2.38 -25.24
CA ILE RF 82 126.07 -1.18 -25.94
C ILE RF 82 124.90 -0.65 -26.74
N SER RF 83 124.55 0.61 -26.53
CA SER RF 83 123.43 1.24 -27.22
C SER RF 83 123.90 2.53 -27.87
N GLY RF 84 123.53 2.71 -29.14
CA GLY RF 84 123.88 3.93 -29.84
C GLY RF 84 123.55 3.81 -31.30
N SER RF 85 123.67 4.95 -31.99
CA SER RF 85 123.38 5.00 -33.41
C SER RF 85 124.52 4.36 -34.20
N ALA RF 86 124.18 3.84 -35.38
CA ALA RF 86 125.18 3.16 -36.20
C ALA RF 86 126.21 4.14 -36.75
N GLU RF 87 125.77 5.33 -37.14
CA GLU RF 87 126.69 6.28 -37.78
C GLU RF 87 127.71 6.81 -36.77
N ASN RF 88 127.33 6.97 -35.51
CA ASN RF 88 128.22 7.45 -34.48
C ASN RF 88 129.09 6.34 -33.91
N LEU RF 89 129.18 5.22 -34.62
CA LEU RF 89 130.01 4.11 -34.17
C LEU RF 89 131.46 4.53 -33.96
N ALA RF 90 131.96 5.45 -34.80
CA ALA RF 90 133.36 5.85 -34.70
C ALA RF 90 133.67 6.45 -33.33
N THR RF 91 132.87 7.42 -32.90
CA THR RF 91 133.08 7.99 -31.58
C THR RF 91 132.59 7.08 -30.47
N LEU RF 92 131.55 6.28 -30.74
CA LEU RF 92 131.07 5.37 -29.72
C LEU RF 92 132.09 4.26 -29.44
N LYS RF 93 132.89 3.90 -30.44
CA LYS RF 93 134.01 3.01 -30.20
C LYS RF 93 134.95 3.61 -29.16
N ALA RF 94 135.22 4.91 -29.28
CA ALA RF 94 136.09 5.57 -28.31
C ALA RF 94 135.50 5.53 -26.91
N GLU RF 95 134.18 5.49 -26.80
CA GLU RF 95 133.56 5.38 -25.49
C GLU RF 95 133.91 4.04 -24.84
N TRP RF 96 134.15 3.02 -25.65
CA TRP RF 96 134.33 1.67 -25.13
C TRP RF 96 135.58 1.58 -24.25
N GLU RF 97 136.73 2.02 -24.76
CA GLU RF 97 137.96 1.87 -23.98
C GLU RF 97 137.93 2.78 -22.77
N THR RF 98 137.33 3.96 -22.89
CA THR RF 98 137.14 4.81 -21.72
C THR RF 98 136.29 4.11 -20.68
N HIS RF 99 135.19 3.50 -21.11
CA HIS RF 99 134.38 2.70 -20.19
C HIS RF 99 135.20 1.54 -19.65
N LYS RF 100 136.00 0.90 -20.50
CA LYS RF 100 136.88 -0.17 -20.02
C LYS RF 100 137.87 0.36 -18.99
N ARG RF 101 138.51 1.49 -19.30
CA ARG RF 101 139.51 2.05 -18.41
C ARG RF 101 138.90 2.57 -17.11
N ASN RF 102 137.70 3.15 -17.17
CA ASN RF 102 137.03 3.56 -15.94
C ASN RF 102 136.71 2.36 -15.05
N VAL RF 103 136.19 1.28 -15.65
CA VAL RF 103 135.89 0.10 -14.87
C VAL RF 103 137.18 -0.53 -14.33
N ASP RF 104 138.21 -0.61 -15.16
CA ASP RF 104 139.46 -1.24 -14.74
C ASP RF 104 140.07 -0.49 -13.56
N THR RF 105 140.11 0.83 -13.63
CA THR RF 105 140.72 1.59 -12.54
C THR RF 105 139.88 1.53 -11.28
N LEU RF 106 138.61 1.15 -11.41
CA LEU RF 106 137.72 1.08 -10.26
C LEU RF 106 137.52 -0.34 -9.75
N PHE RF 107 137.67 -1.33 -10.62
CA PHE RF 107 137.44 -2.73 -10.26
C PHE RF 107 138.70 -3.57 -10.34
N ALA RF 108 139.40 -3.54 -11.48
CA ALA RF 108 140.61 -4.34 -11.62
C ALA RF 108 141.71 -3.84 -10.70
N SER RF 109 141.99 -2.54 -10.74
CA SER RF 109 143.00 -2.00 -9.83
C SER RF 109 142.48 -1.89 -8.41
N GLY RF 110 141.24 -1.42 -8.25
CA GLY RF 110 140.65 -1.22 -6.96
C GLY RF 110 140.11 -2.50 -6.37
N ASN RF 111 139.36 -2.34 -5.27
CA ASN RF 111 138.75 -3.46 -4.58
C ASN RF 111 137.23 -3.33 -4.57
N ALA RF 112 136.66 -2.75 -5.63
CA ALA RF 112 135.21 -2.67 -5.72
C ALA RF 112 134.58 -4.04 -5.82
N GLY RF 113 135.31 -5.01 -6.38
CA GLY RF 113 134.79 -6.37 -6.42
C GLY RF 113 134.60 -6.96 -5.03
N LEU RF 114 135.45 -6.57 -4.10
CA LEU RF 114 135.28 -7.01 -2.72
C LEU RF 114 134.06 -6.39 -2.06
N GLY RF 115 133.44 -5.39 -2.67
CA GLY RF 115 132.28 -4.73 -2.12
C GLY RF 115 132.50 -3.32 -1.67
N PHE RF 116 133.73 -2.82 -1.73
CA PHE RF 116 134.03 -1.49 -1.25
C PHE RF 116 133.81 -0.46 -2.36
N LEU RF 117 133.61 0.78 -1.96
CA LEU RF 117 133.51 1.90 -2.89
C LEU RF 117 134.57 2.92 -2.54
N ASP RF 118 135.21 3.49 -3.57
CA ASP RF 118 136.28 4.47 -3.39
C ASP RF 118 135.87 5.76 -4.09
N PRO RF 119 135.21 6.68 -3.39
CA PRO RF 119 134.77 7.93 -4.03
C PRO RF 119 135.91 8.85 -4.44
N THR RF 120 137.15 8.50 -4.14
CA THR RF 120 138.31 9.29 -4.55
C THR RF 120 139.06 8.63 -5.70
N ALA RF 121 138.49 7.62 -6.33
CA ALA RF 121 139.14 6.98 -7.47
C ALA RF 121 139.19 7.94 -8.65
N ALA RF 122 140.34 8.00 -9.31
CA ALA RF 122 140.56 8.95 -10.40
C ALA RF 122 140.13 8.31 -11.71
N ILE RF 123 138.86 8.48 -12.06
CA ILE RF 123 138.34 8.03 -13.35
C ILE RF 123 138.27 9.23 -14.28
N VAL RF 124 138.42 8.98 -15.57
CA VAL RF 124 138.65 10.04 -16.53
C VAL RF 124 137.70 9.87 -17.71
N SER RF 125 137.46 10.96 -18.45
CA SER RF 125 136.40 11.01 -19.43
C SER RF 125 136.85 10.51 -20.80
N SER RF 126 135.88 10.24 -21.65
CA SER RF 126 136.16 9.87 -23.03
C SER RF 126 136.79 11.02 -23.79
N ASP RF 127 136.27 12.23 -23.59
CA ASP RF 127 136.78 13.40 -24.29
C ASP RF 127 138.22 13.69 -23.87
N THR RF 128 138.94 14.39 -24.74
CA THR RF 128 140.34 14.70 -24.51
C THR RF 128 140.51 16.20 -24.36
N THR RF 129 141.55 16.59 -23.63
CA THR RF 129 141.84 17.99 -23.37
C THR RF 129 142.15 18.75 -24.65
N ALA SF 1 136.34 -3.04 -58.02
CA ALA SF 1 135.51 -3.89 -57.17
C ALA SF 1 134.30 -3.12 -56.65
N ASN SF 2 133.50 -3.81 -55.84
CA ASN SF 2 132.27 -3.23 -55.31
C ASN SF 2 131.90 -3.91 -53.99
N LYS SF 3 131.06 -3.22 -53.22
CA LYS SF 3 130.87 -3.57 -51.82
C LYS SF 3 130.10 -4.87 -51.68
N PRO SF 4 130.63 -5.85 -50.94
CA PRO SF 4 129.85 -7.03 -50.59
C PRO SF 4 129.07 -6.82 -49.29
N MET SF 5 127.97 -7.54 -49.17
CA MET SF 5 127.16 -7.46 -47.97
C MET SF 5 127.54 -8.56 -46.98
N GLN SF 6 126.83 -8.57 -45.87
CA GLN SF 6 126.86 -9.64 -44.88
C GLN SF 6 125.43 -9.99 -44.49
N PRO SF 7 125.17 -11.24 -44.12
CA PRO SF 7 123.81 -11.61 -43.72
C PRO SF 7 123.36 -10.87 -42.49
N ILE SF 8 122.06 -10.55 -42.46
CA ILE SF 8 121.47 -9.84 -41.33
C ILE SF 8 120.45 -10.67 -40.56
N THR SF 9 119.73 -11.59 -41.21
CA THR SF 9 118.70 -12.36 -40.52
C THR SF 9 118.73 -13.77 -41.14
N SER SF 10 119.49 -14.65 -40.53
CA SER SF 10 119.59 -16.02 -41.01
C SER SF 10 118.41 -16.83 -40.52
N THR SF 11 117.81 -17.59 -41.45
CA THR SF 11 116.66 -18.42 -41.15
C THR SF 11 116.65 -19.55 -42.17
N ALA SF 12 115.93 -20.63 -41.85
CA ALA SF 12 115.83 -21.75 -42.77
C ALA SF 12 115.27 -21.31 -44.12
N ASN SF 13 114.49 -20.24 -44.14
CA ASN SF 13 113.88 -19.76 -45.38
C ASN SF 13 114.40 -18.40 -45.80
N LYS SF 14 114.32 -17.39 -44.93
CA LYS SF 14 114.69 -16.02 -45.27
C LYS SF 14 116.11 -15.73 -44.82
N ILE SF 15 116.90 -15.19 -45.74
CA ILE SF 15 118.21 -14.62 -45.40
C ILE SF 15 118.32 -13.27 -46.07
N VAL SF 16 118.64 -12.25 -45.27
CA VAL SF 16 118.72 -10.88 -45.76
C VAL SF 16 120.13 -10.37 -45.55
N TRP SF 17 120.72 -9.83 -46.61
CA TRP SF 17 122.02 -9.20 -46.56
C TRP SF 17 121.84 -7.69 -46.56
N SER SF 18 122.79 -6.98 -45.97
CA SER SF 18 122.78 -5.52 -46.01
C SER SF 18 124.21 -5.01 -46.01
N ASP SF 19 124.39 -3.81 -46.53
CA ASP SF 19 125.71 -3.23 -46.73
C ASP SF 19 126.16 -2.56 -45.43
N PRO SF 20 127.33 -2.92 -44.89
CA PRO SF 20 127.82 -2.21 -43.69
C PRO SF 20 127.98 -0.72 -43.90
N THR SF 21 128.43 -0.29 -45.09
CA THR SF 21 128.61 1.13 -45.34
C THR SF 21 127.30 1.84 -45.62
N ARG SF 22 126.23 1.11 -45.91
CA ARG SF 22 124.94 1.72 -46.20
C ARG SF 22 123.86 0.71 -45.81
N LEU SF 23 123.28 0.91 -44.63
CA LEU SF 23 122.29 -0.03 -44.13
C LEU SF 23 121.00 -0.01 -44.95
N SER SF 24 120.84 0.99 -45.81
CA SER SF 24 119.61 1.11 -46.57
C SER SF 24 119.46 -0.03 -47.58
N THR SF 25 120.48 -0.29 -48.37
CA THR SF 25 120.37 -1.28 -49.42
C THR SF 25 120.42 -2.69 -48.86
N THR SF 26 119.58 -3.57 -49.40
CA THR SF 26 119.48 -4.93 -48.92
C THR SF 26 119.29 -5.87 -50.10
N PHE SF 27 119.39 -7.17 -49.81
CA PHE SF 27 119.12 -8.22 -50.79
C PHE SF 27 118.56 -9.42 -50.03
N SER SF 28 117.25 -9.65 -50.13
CA SER SF 28 116.59 -10.71 -49.41
C SER SF 28 116.22 -11.84 -50.36
N ALA SF 29 116.51 -13.07 -49.94
CA ALA SF 29 116.18 -14.26 -50.72
C ALA SF 29 115.34 -15.18 -49.86
N SER SF 30 114.20 -15.61 -50.40
CA SER SF 30 113.30 -16.51 -49.70
C SER SF 30 113.01 -17.72 -50.56
N LEU SF 31 112.99 -18.89 -49.94
CA LEU SF 31 112.69 -20.13 -50.63
C LEU SF 31 111.48 -20.81 -49.99
N LEU SF 32 110.60 -21.33 -50.84
CA LEU SF 32 109.42 -22.06 -50.38
C LEU SF 32 109.38 -23.37 -51.14
N ARG SF 33 109.75 -24.46 -50.48
CA ARG SF 33 109.78 -25.78 -51.09
C ARG SF 33 108.48 -26.49 -50.78
N GLN SF 34 107.83 -27.01 -51.82
CA GLN SF 34 106.56 -27.68 -51.67
C GLN SF 34 106.51 -28.90 -52.59
N ARG SF 35 105.87 -29.95 -52.11
CA ARG SF 35 105.82 -31.22 -52.83
C ARG SF 35 104.53 -31.26 -53.64
N VAL SF 36 104.65 -31.45 -54.95
CA VAL SF 36 103.56 -31.29 -55.89
C VAL SF 36 103.28 -32.62 -56.57
N LYS SF 37 102.01 -33.00 -56.63
CA LYS SF 37 101.57 -34.16 -57.38
C LYS SF 37 101.08 -33.71 -58.76
N VAL SF 38 101.62 -34.32 -59.81
CA VAL SF 38 101.28 -33.96 -61.18
C VAL SF 38 100.55 -35.07 -61.91
N GLY SF 39 100.41 -36.25 -61.29
CA GLY SF 39 99.82 -37.38 -61.98
C GLY SF 39 100.82 -38.51 -62.10
N ILE SF 40 100.56 -39.60 -61.37
CA ILE SF 40 101.42 -40.79 -61.23
C ILE SF 40 102.88 -40.33 -61.20
N ALA SF 41 103.13 -39.20 -60.53
CA ALA SF 41 104.45 -38.64 -60.38
C ALA SF 41 104.40 -37.54 -59.33
N GLU SF 42 105.33 -37.59 -58.38
CA GLU SF 42 105.41 -36.59 -57.32
C GLU SF 42 106.62 -35.71 -57.57
N LEU SF 43 106.39 -34.40 -57.63
CA LEU SF 43 107.43 -33.45 -58.00
C LEU SF 43 107.68 -32.51 -56.84
N ASN SF 44 108.97 -32.29 -56.54
CA ASN SF 44 109.37 -31.41 -55.44
C ASN SF 44 109.58 -30.02 -56.01
N ASN SF 45 108.54 -29.19 -55.94
CA ASN SF 45 108.60 -27.85 -56.47
C ASN SF 45 109.20 -26.89 -55.45
N VAL SF 46 109.94 -25.92 -55.96
CA VAL SF 46 110.56 -24.89 -55.13
C VAL SF 46 110.22 -23.52 -55.71
N SER SF 47 109.91 -22.57 -54.84
CA SER SF 47 109.58 -21.20 -55.24
C SER SF 47 110.57 -20.25 -54.57
N GLY SF 48 111.56 -19.80 -55.33
CA GLY SF 48 112.56 -18.91 -54.79
C GLY SF 48 112.30 -17.46 -55.13
N GLN SF 49 112.11 -16.63 -54.10
CA GLN SF 49 111.85 -15.21 -54.28
C GLN SF 49 113.09 -14.42 -53.89
N TYR SF 50 113.50 -13.51 -54.76
CA TYR SF 50 114.69 -12.69 -54.55
C TYR SF 50 114.32 -11.23 -54.72
N VAL SF 51 114.67 -10.41 -53.74
CA VAL SF 51 114.34 -8.99 -53.73
C VAL SF 51 115.61 -8.19 -53.49
N SER SF 52 115.87 -7.21 -54.36
CA SER SF 52 116.96 -6.27 -54.19
C SER SF 52 116.37 -4.88 -54.01
N VAL SF 53 116.81 -4.17 -52.97
CA VAL SF 53 116.19 -2.91 -52.56
C VAL SF 53 117.27 -1.85 -52.45
N TYR SF 54 117.00 -0.66 -52.97
CA TYR SF 54 117.86 0.50 -52.80
C TYR SF 54 117.01 1.74 -52.61
N LYS SF 55 117.47 2.64 -51.75
CA LYS SF 55 116.85 3.94 -51.56
C LYS SF 55 117.77 4.98 -52.19
N ARG SF 56 117.53 5.28 -53.47
CA ARG SF 56 118.37 6.18 -54.24
C ARG SF 56 117.87 7.60 -54.07
N PRO SF 57 118.71 8.55 -53.68
CA PRO SF 57 118.25 9.92 -53.50
C PRO SF 57 117.79 10.55 -54.80
N ALA SF 58 116.85 11.48 -54.69
CA ALA SF 58 116.32 12.15 -55.87
C ALA SF 58 117.42 12.99 -56.53
N PRO SF 59 117.38 13.17 -57.85
CA PRO SF 59 118.45 13.92 -58.52
C PRO SF 59 118.45 15.38 -58.11
N LYS SF 60 119.64 15.97 -58.07
CA LYS SF 60 119.77 17.34 -57.60
C LYS SF 60 119.10 18.28 -58.58
N PRO SF 61 118.32 19.25 -58.11
CA PRO SF 61 117.51 20.06 -59.01
C PRO SF 61 118.32 21.17 -59.69
N GLU SF 62 118.24 21.17 -61.02
CA GLU SF 62 118.89 22.13 -61.91
C GLU SF 62 120.28 22.54 -61.47
N GLY SF 63 121.19 21.58 -61.38
CA GLY SF 63 122.58 21.92 -61.12
C GLY SF 63 123.00 21.93 -59.66
N CYS SF 64 122.93 23.11 -59.04
CA CYS SF 64 123.61 23.41 -57.78
C CYS SF 64 123.56 22.25 -56.79
N ALA SF 65 124.75 21.88 -56.31
CA ALA SF 65 124.87 21.09 -55.09
C ALA SF 65 125.93 21.75 -54.22
N ASP SF 66 125.52 22.76 -53.45
CA ASP SF 66 126.45 23.65 -52.75
C ASP SF 66 125.93 23.92 -51.34
N ALA SF 67 125.15 22.98 -50.83
CA ALA SF 67 124.59 23.09 -49.50
C ALA SF 67 124.15 21.70 -49.06
N CYS SF 68 124.26 21.44 -47.76
CA CYS SF 68 123.85 20.15 -47.22
C CYS SF 68 122.33 20.11 -47.15
N VAL SF 69 121.68 20.05 -48.31
CA VAL SF 69 120.25 19.86 -48.41
C VAL SF 69 120.01 18.59 -49.23
N ILE SF 70 119.25 17.67 -48.66
CA ILE SF 70 119.08 16.35 -49.28
C ILE SF 70 117.60 16.03 -49.44
N MET SF 71 117.18 15.79 -50.68
CA MET SF 71 115.82 15.37 -50.93
C MET SF 71 115.62 13.93 -50.43
N PRO SF 72 114.41 13.56 -50.04
CA PRO SF 72 114.18 12.19 -49.60
C PRO SF 72 114.50 11.19 -50.70
N ASN SF 73 115.07 10.06 -50.30
CA ASN SF 73 115.42 9.02 -51.25
C ASN SF 73 114.17 8.36 -51.81
N GLU SF 74 114.19 8.08 -53.10
CA GLU SF 74 113.14 7.30 -53.73
C GLU SF 74 113.51 5.83 -53.75
N ASN SF 75 112.50 4.98 -53.94
CA ASN SF 75 112.64 3.55 -53.72
C ASN SF 75 112.90 2.84 -55.04
N GLN SF 76 114.07 2.21 -55.14
CA GLN SF 76 114.41 1.35 -56.26
C GLN SF 76 114.40 -0.09 -55.79
N SER SF 77 113.60 -0.92 -56.44
CA SER SF 77 113.46 -2.31 -56.05
C SER SF 77 113.36 -3.20 -57.28
N ILE SF 78 114.05 -4.33 -57.22
CA ILE SF 78 113.97 -5.36 -58.25
C ILE SF 78 113.64 -6.67 -57.55
N ARG SF 79 112.52 -7.29 -57.92
CA ARG SF 79 112.07 -8.52 -57.31
C ARG SF 79 111.81 -9.57 -58.37
N THR SF 80 112.33 -10.77 -58.16
CA THR SF 80 112.11 -11.88 -59.07
C THR SF 80 111.72 -13.11 -58.27
N VAL SF 81 110.95 -13.99 -58.91
CA VAL SF 81 110.57 -15.26 -58.33
C VAL SF 81 110.90 -16.37 -59.32
N ILE SF 82 111.36 -17.50 -58.82
CA ILE SF 82 111.71 -18.66 -59.64
C ILE SF 82 110.94 -19.84 -59.08
N SER SF 83 110.06 -20.42 -59.88
CA SER SF 83 109.23 -21.54 -59.46
C SER SF 83 109.40 -22.69 -60.44
N GLY SF 84 109.67 -23.88 -59.92
CA GLY SF 84 109.80 -25.05 -60.74
C GLY SF 84 110.30 -26.23 -59.93
N SER SF 85 110.10 -27.41 -60.48
CA SER SF 85 110.55 -28.62 -59.83
C SER SF 85 112.07 -28.72 -59.85
N ALA SF 86 112.64 -29.20 -58.74
CA ALA SF 86 114.08 -29.40 -58.68
C ALA SF 86 114.54 -30.51 -59.62
N GLU SF 87 113.64 -31.41 -60.02
CA GLU SF 87 114.03 -32.47 -60.94
C GLU SF 87 114.38 -31.92 -62.31
N ASN SF 88 113.70 -30.86 -62.74
CA ASN SF 88 114.00 -30.19 -64.00
C ASN SF 88 114.85 -28.95 -63.78
N LEU SF 89 115.73 -28.98 -62.77
CA LEU SF 89 116.55 -27.81 -62.47
C LEU SF 89 117.50 -27.47 -63.60
N ALA SF 90 118.14 -28.48 -64.20
CA ALA SF 90 119.15 -28.21 -65.21
C ALA SF 90 118.54 -27.49 -66.41
N THR SF 91 117.37 -27.94 -66.86
CA THR SF 91 116.71 -27.26 -67.95
C THR SF 91 116.08 -25.95 -67.50
N LEU SF 92 115.72 -25.83 -66.23
CA LEU SF 92 115.16 -24.58 -65.74
C LEU SF 92 116.21 -23.48 -65.69
N LYS SF 93 117.47 -23.85 -65.47
CA LYS SF 93 118.54 -22.85 -65.49
C LYS SF 93 118.62 -22.18 -66.85
N ALA SF 94 118.44 -22.95 -67.92
CA ALA SF 94 118.43 -22.36 -69.26
C ALA SF 94 117.31 -21.35 -69.40
N GLU SF 95 116.18 -21.58 -68.73
CA GLU SF 95 115.10 -20.61 -68.74
C GLU SF 95 115.53 -19.29 -68.15
N TRP SF 96 116.30 -19.34 -67.05
CA TRP SF 96 116.76 -18.12 -66.41
C TRP SF 96 117.67 -17.32 -67.34
N GLU SF 97 118.56 -18.01 -68.06
CA GLU SF 97 119.43 -17.32 -69.00
C GLU SF 97 118.61 -16.64 -70.10
N THR SF 98 117.66 -17.37 -70.67
CA THR SF 98 116.81 -16.78 -71.70
C THR SF 98 116.00 -15.62 -71.15
N HIS SF 99 115.44 -15.79 -69.94
CA HIS SF 99 114.67 -14.72 -69.34
C HIS SF 99 115.52 -13.48 -69.14
N LYS SF 100 116.79 -13.65 -68.79
CA LYS SF 100 117.70 -12.52 -68.68
C LYS SF 100 117.89 -11.84 -70.03
N ARG SF 101 118.05 -12.63 -71.09
CA ARG SF 101 118.25 -12.06 -72.41
C ARG SF 101 117.04 -11.25 -72.86
N ASN SF 102 115.84 -11.79 -72.64
CA ASN SF 102 114.63 -11.12 -73.09
C ASN SF 102 114.46 -9.78 -72.38
N VAL SF 103 114.71 -9.74 -71.07
CA VAL SF 103 114.56 -8.49 -70.34
C VAL SF 103 115.63 -7.50 -70.80
N ASP SF 104 116.86 -7.96 -70.97
CA ASP SF 104 117.94 -7.07 -71.35
C ASP SF 104 117.67 -6.41 -72.69
N THR SF 105 117.24 -7.20 -73.68
CA THR SF 105 117.02 -6.64 -75.01
C THR SF 105 115.79 -5.73 -75.03
N LEU SF 106 114.93 -5.82 -74.02
CA LEU SF 106 113.73 -5.02 -74.00
C LEU SF 106 113.80 -3.88 -72.98
N PHE SF 107 114.52 -4.07 -71.89
CA PHE SF 107 114.66 -3.04 -70.86
C PHE SF 107 116.06 -2.49 -70.74
N ALA SF 108 117.06 -3.35 -70.50
CA ALA SF 108 118.41 -2.87 -70.29
C ALA SF 108 118.97 -2.22 -71.55
N SER SF 109 118.91 -2.94 -72.67
CA SER SF 109 119.37 -2.40 -73.94
C SER SF 109 118.29 -1.61 -74.68
N GLY SF 110 117.05 -1.73 -74.25
CA GLY SF 110 115.94 -1.02 -74.85
C GLY SF 110 115.63 0.26 -74.12
N ASN SF 111 114.35 0.61 -74.10
CA ASN SF 111 113.88 1.81 -73.42
C ASN SF 111 112.60 1.58 -72.63
N ALA SF 112 112.36 0.34 -72.16
CA ALA SF 112 111.16 0.08 -71.37
C ALA SF 112 111.18 0.85 -70.06
N GLY SF 113 112.36 1.27 -69.61
CA GLY SF 113 112.43 2.06 -68.39
C GLY SF 113 111.66 3.36 -68.50
N LEU SF 114 111.68 3.99 -69.68
CA LEU SF 114 110.91 5.21 -69.87
C LEU SF 114 109.42 4.93 -69.86
N GLY SF 115 109.01 3.77 -70.35
CA GLY SF 115 107.61 3.40 -70.34
C GLY SF 115 107.09 2.96 -71.69
N PHE SF 116 108.00 2.76 -72.64
CA PHE SF 116 107.63 2.38 -73.99
C PHE SF 116 107.89 0.89 -74.20
N LEU SF 117 106.93 0.20 -74.81
CA LEU SF 117 107.05 -1.20 -75.14
C LEU SF 117 107.26 -1.31 -76.64
N ASP SF 118 108.38 -1.87 -77.05
CA ASP SF 118 108.67 -2.00 -78.47
C ASP SF 118 108.06 -3.29 -79.00
N PRO SF 119 107.05 -3.22 -79.88
CA PRO SF 119 106.42 -4.45 -80.37
C PRO SF 119 107.29 -5.24 -81.32
N THR SF 120 108.33 -4.65 -81.90
CA THR SF 120 109.19 -5.33 -82.85
C THR SF 120 110.52 -5.77 -82.23
N ALA SF 121 110.64 -5.72 -80.91
CA ALA SF 121 111.86 -6.17 -80.26
C ALA SF 121 112.04 -7.67 -80.42
N ALA SF 122 113.30 -8.10 -80.54
CA ALA SF 122 113.60 -9.50 -80.75
C ALA SF 122 113.54 -10.25 -79.41
N ILE SF 123 112.67 -11.25 -79.35
CA ILE SF 123 112.52 -12.10 -78.17
C ILE SF 123 112.82 -13.53 -78.58
N VAL SF 124 113.80 -14.14 -77.93
CA VAL SF 124 114.27 -15.48 -78.26
C VAL SF 124 113.85 -16.43 -77.15
N SER SF 125 113.52 -17.66 -77.51
CA SER SF 125 113.05 -18.63 -76.55
C SER SF 125 114.20 -19.45 -75.98
N SER SF 126 113.90 -20.21 -74.94
CA SER SF 126 114.90 -21.10 -74.37
C SER SF 126 115.31 -22.17 -75.37
N ASP SF 127 114.36 -22.76 -76.07
CA ASP SF 127 114.67 -23.77 -77.06
C ASP SF 127 115.44 -23.18 -78.22
N THR SF 128 116.44 -23.90 -78.69
CA THR SF 128 117.23 -23.48 -79.83
C THR SF 128 116.80 -24.27 -81.07
N THR SF 129 117.39 -23.93 -82.21
CA THR SF 129 117.07 -24.60 -83.47
C THR SF 129 117.99 -25.77 -83.70
N ALA TF 1 45.84 134.82 10.92
CA ALA TF 1 45.02 134.54 12.09
C ALA TF 1 44.10 133.36 11.85
N ASN TF 2 44.42 132.22 12.46
CA ASN TF 2 43.61 131.02 12.35
C ASN TF 2 43.36 130.44 13.73
N LYS TF 3 42.26 129.72 13.85
CA LYS TF 3 41.90 129.11 15.13
C LYS TF 3 42.79 127.89 15.37
N PRO TF 4 43.59 127.87 16.42
CA PRO TF 4 44.33 126.64 16.74
C PRO TF 4 43.38 125.54 17.18
N MET TF 5 43.78 124.30 16.91
CA MET TF 5 43.00 123.14 17.28
C MET TF 5 43.55 122.54 18.56
N GLN TF 6 42.66 122.35 19.53
CA GLN TF 6 43.07 121.70 20.76
C GLN TF 6 43.34 120.22 20.48
N PRO TF 7 44.47 119.69 20.96
CA PRO TF 7 44.73 118.25 20.79
C PRO TF 7 43.65 117.44 21.48
N ILE TF 8 43.30 116.31 20.86
CA ILE TF 8 42.24 115.45 21.38
C ILE TF 8 42.78 114.14 21.92
N THR TF 9 43.87 113.61 21.38
CA THR TF 9 44.41 112.35 21.85
C THR TF 9 45.93 112.41 21.69
N SER TF 10 46.64 112.53 22.80
CA SER TF 10 48.09 112.64 22.80
C SER TF 10 48.69 111.28 23.13
N THR TF 11 49.57 110.79 22.27
CA THR TF 11 50.23 109.50 22.48
C THR TF 11 51.60 109.58 21.84
N ALA TF 12 52.51 108.72 22.32
CA ALA TF 12 53.85 108.68 21.76
C ALA TF 12 53.86 108.26 20.29
N ASN TF 13 52.78 107.66 19.80
CA ASN TF 13 52.69 107.24 18.41
C ASN TF 13 51.81 108.18 17.58
N LYS TF 14 50.63 108.51 18.09
CA LYS TF 14 49.66 109.31 17.36
C LYS TF 14 49.20 110.48 18.21
N ILE TF 15 49.11 111.66 17.59
CA ILE TF 15 48.48 112.81 18.22
C ILE TF 15 47.47 113.38 17.23
N VAL TF 16 46.25 113.61 17.70
CA VAL TF 16 45.16 114.10 16.86
C VAL TF 16 44.70 115.45 17.40
N TRP TF 17 44.73 116.47 16.56
CA TRP TF 17 44.14 117.76 16.87
C TRP TF 17 42.76 117.86 16.22
N SER TF 18 41.97 118.80 16.72
CA SER TF 18 40.65 119.04 16.15
C SER TF 18 40.19 120.43 16.53
N ASP TF 19 39.46 121.06 15.62
CA ASP TF 19 39.01 122.43 15.84
C ASP TF 19 37.90 122.45 16.88
N PRO TF 20 38.02 123.27 17.94
CA PRO TF 20 36.96 123.28 18.95
C PRO TF 20 35.60 123.71 18.42
N THR TF 21 35.57 124.66 17.48
CA THR TF 21 34.29 125.09 16.92
C THR TF 21 33.69 124.01 16.04
N ARG TF 22 34.49 123.44 15.14
CA ARG TF 22 34.06 122.33 14.30
C ARG TF 22 34.98 121.15 14.58
N LEU TF 23 34.49 120.20 15.37
CA LEU TF 23 35.30 119.02 15.66
C LEU TF 23 35.47 118.12 14.45
N SER TF 24 34.75 118.37 13.36
CA SER TF 24 34.95 117.61 12.14
C SER TF 24 36.34 117.82 11.58
N THR TF 25 36.82 119.07 11.58
CA THR TF 25 38.16 119.37 11.10
C THR TF 25 39.19 118.74 12.02
N THR TF 26 40.12 117.98 11.45
CA THR TF 26 41.11 117.26 12.23
C THR TF 26 42.48 117.35 11.56
N PHE TF 27 43.51 117.02 12.32
CA PHE TF 27 44.87 116.89 11.81
C PHE TF 27 45.61 115.91 12.70
N SER TF 28 45.88 114.72 12.17
CA SER TF 28 46.50 113.65 12.95
C SER TF 28 47.89 113.36 12.40
N ALA TF 29 48.86 113.26 13.29
CA ALA TF 29 50.24 112.93 12.94
C ALA TF 29 50.61 111.63 13.64
N SER TF 30 51.00 110.62 12.86
CA SER TF 30 51.41 109.33 13.41
C SER TF 30 52.76 108.97 12.84
N LEU TF 31 53.64 108.46 13.70
CA LEU TF 31 55.00 108.10 13.32
C LEU TF 31 55.25 106.64 13.63
N LEU TF 32 55.87 105.94 12.68
CA LEU TF 32 56.30 104.57 12.86
C LEU TF 32 57.81 104.53 12.68
N ARG TF 33 58.51 104.04 13.69
CA ARG TF 33 59.97 104.05 13.70
C ARG TF 33 60.50 102.62 13.83
N GLN TF 34 61.55 102.31 13.07
CA GLN TF 34 62.18 101.02 13.14
C GLN TF 34 63.59 101.12 12.57
N ARG TF 35 64.38 100.09 12.84
CA ARG TF 35 65.76 100.05 12.37
C ARG TF 35 65.84 99.39 11.01
N VAL TF 36 66.82 99.83 10.22
CA VAL TF 36 67.05 99.28 8.88
C VAL TF 36 68.52 98.97 8.72
N LYS TF 37 68.82 97.81 8.14
CA LYS TF 37 70.19 97.36 7.93
C LYS TF 37 70.59 97.77 6.52
N VAL TF 38 71.19 98.96 6.40
CA VAL TF 38 71.58 99.45 5.08
C VAL TF 38 72.78 98.66 4.56
N GLY TF 39 73.91 98.75 5.27
CA GLY TF 39 75.08 97.97 4.93
C GLY TF 39 76.18 98.20 5.92
N ILE TF 40 76.77 97.11 6.44
CA ILE TF 40 77.77 97.10 7.51
C ILE TF 40 77.51 98.21 8.53
N ALA TF 41 76.24 98.53 8.76
CA ALA TF 41 75.83 99.62 9.64
C ALA TF 41 74.33 99.54 9.82
N GLU TF 42 73.82 100.27 10.80
CA GLU TF 42 72.40 100.29 11.11
C GLU TF 42 71.91 101.72 11.12
N LEU TF 43 70.67 101.91 10.66
CA LEU TF 43 70.07 103.23 10.61
C LEU TF 43 68.66 103.16 11.17
N ASN TF 44 68.19 104.30 11.67
CA ASN TF 44 66.85 104.43 12.22
C ASN TF 44 65.98 105.16 11.21
N ASN TF 45 64.91 104.52 10.77
CA ASN TF 45 64.02 105.08 9.77
C ASN TF 45 62.69 105.42 10.42
N VAL TF 46 62.21 106.64 10.17
CA VAL TF 46 60.92 107.10 10.67
C VAL TF 46 59.97 107.23 9.49
N SER TF 47 58.68 107.08 9.77
CA SER TF 47 57.65 107.21 8.75
C SER TF 47 56.53 108.08 9.30
N GLY TF 48 56.67 109.40 9.12
CA GLY TF 48 55.70 110.34 9.61
C GLY TF 48 54.51 110.45 8.67
N GLN TF 49 53.39 109.89 9.10
CA GLN TF 49 52.15 109.96 8.34
C GLN TF 49 51.34 111.13 8.87
N TYR TF 50 51.03 112.08 7.99
CA TYR TF 50 50.31 113.29 8.36
C TYR TF 50 49.02 113.35 7.56
N VAL TF 51 47.90 113.42 8.25
CA VAL TF 51 46.58 113.40 7.62
C VAL TF 51 45.83 114.65 8.04
N SER TF 52 45.37 115.43 7.06
CA SER TF 52 44.52 116.59 7.31
C SER TF 52 43.18 116.32 6.64
N VAL TF 53 42.11 116.43 7.41
CA VAL TF 53 40.76 116.10 6.94
C VAL TF 53 39.86 117.30 7.18
N TYR TF 54 39.10 117.67 6.14
CA TYR TF 54 38.09 118.71 6.25
C TYR TF 54 36.83 118.24 5.54
N LYS TF 55 35.69 118.65 6.09
CA LYS TF 55 34.38 118.38 5.49
C LYS TF 55 33.85 119.70 4.95
N ARG TF 56 33.80 119.82 3.62
CA ARG TF 56 33.29 121.02 2.97
C ARG TF 56 31.92 120.72 2.38
N PRO TF 57 30.84 121.28 2.91
CA PRO TF 57 29.51 120.84 2.48
C PRO TF 57 29.10 121.37 1.11
N ALA TF 58 29.05 120.48 0.13
CA ALA TF 58 28.54 120.74 -1.21
C ALA TF 58 29.29 121.86 -1.92
N PRO TF 59 28.99 122.15 -3.20
CA PRO TF 59 29.53 123.37 -3.80
C PRO TF 59 28.64 124.58 -3.55
N LYS TF 60 27.37 124.32 -3.20
CA LYS TF 60 26.40 125.35 -2.90
C LYS TF 60 26.34 126.38 -4.02
N PRO TF 61 25.68 126.07 -5.13
CA PRO TF 61 25.48 127.07 -6.19
C PRO TF 61 24.91 128.35 -5.61
N GLU TF 62 25.61 129.46 -5.82
CA GLU TF 62 25.34 130.70 -5.12
C GLU TF 62 23.98 131.28 -5.45
N GLY TF 63 23.62 132.36 -4.77
CA GLY TF 63 22.35 133.03 -4.98
C GLY TF 63 21.27 132.63 -4.00
N CYS TF 64 20.81 131.38 -4.07
CA CYS TF 64 19.79 130.93 -3.12
C CYS TF 64 20.45 130.28 -1.91
N ALA TF 65 20.30 130.89 -0.75
CA ALA TF 65 20.86 130.36 0.49
C ALA TF 65 19.71 129.99 1.42
N ASP TF 66 19.33 128.72 1.41
CA ASP TF 66 18.37 128.18 2.36
C ASP TF 66 18.96 128.12 3.77
N ALA TF 67 20.26 128.39 3.90
CA ALA TF 67 20.95 128.54 5.17
C ALA TF 67 20.85 127.31 6.06
N CYS TF 68 19.84 127.27 6.94
CA CYS TF 68 19.74 126.17 7.89
C CYS TF 68 19.22 124.88 7.28
N VAL TF 69 18.66 124.95 6.07
CA VAL TF 69 18.52 123.73 5.29
C VAL TF 69 19.92 123.26 4.90
N ILE TF 70 20.30 122.08 5.42
CA ILE TF 70 21.68 121.62 5.34
C ILE TF 70 21.73 120.33 4.53
N MET TF 71 22.73 120.21 3.67
CA MET TF 71 22.90 119.09 2.77
C MET TF 71 24.08 118.23 3.22
N PRO TF 72 24.25 117.02 2.68
CA PRO TF 72 25.42 116.22 3.05
C PRO TF 72 26.73 116.91 2.69
N ASN TF 73 27.80 116.37 3.24
CA ASN TF 73 29.11 117.00 3.19
C ASN TF 73 30.13 115.99 2.70
N GLU TF 74 31.05 116.45 1.84
CA GLU TF 74 32.05 115.59 1.23
C GLU TF 74 33.38 115.68 1.95
N ASN TF 75 34.29 114.76 1.59
CA ASN TF 75 35.56 114.59 2.29
C ASN TF 75 36.67 115.29 1.51
N GLN TF 76 37.38 116.19 2.18
CA GLN TF 76 38.58 116.81 1.64
C GLN TF 76 39.76 116.39 2.50
N SER TF 77 40.46 115.35 2.08
CA SER TF 77 41.56 114.78 2.85
C SER TF 77 42.87 115.03 2.13
N ILE TF 78 43.88 115.48 2.89
CA ILE TF 78 45.22 115.70 2.38
C ILE TF 78 46.16 114.87 3.24
N ARG TF 79 46.73 113.82 2.66
CA ARG TF 79 47.56 112.87 3.38
C ARG TF 79 48.96 112.88 2.78
N THR TF 80 49.97 112.97 3.65
CA THR TF 80 51.36 112.93 3.22
C THR TF 80 52.14 112.00 4.13
N VAL TF 81 53.16 111.35 3.57
CA VAL TF 81 54.00 110.41 4.28
C VAL TF 81 55.45 110.79 4.06
N ILE TF 82 56.20 110.93 5.15
CA ILE TF 82 57.61 111.30 5.09
C ILE TF 82 58.40 110.12 5.65
N SER TF 83 59.26 109.53 4.82
CA SER TF 83 60.07 108.39 5.21
C SER TF 83 61.54 108.68 4.92
N GLY TF 84 62.39 108.32 5.86
CA GLY TF 84 63.82 108.52 5.67
C GLY TF 84 64.57 108.30 6.96
N SER TF 85 65.88 108.13 6.81
CA SER TF 85 66.74 107.94 7.97
C SER TF 85 66.84 109.22 8.78
N ALA TF 86 66.79 109.09 10.11
CA ALA TF 86 66.94 110.25 10.97
C ALA TF 86 68.32 110.86 10.85
N GLU TF 87 69.33 110.06 10.50
CA GLU TF 87 70.69 110.59 10.36
C GLU TF 87 70.79 111.56 9.19
N ASN TF 88 69.97 111.38 8.17
CA ASN TF 88 69.91 112.29 7.03
C ASN TF 88 68.73 113.25 7.14
N LEU TF 89 68.39 113.67 8.36
CA LEU TF 89 67.24 114.57 8.53
C LEU TF 89 67.50 115.92 7.85
N ALA TF 90 68.69 116.47 8.02
CA ALA TF 90 68.96 117.82 7.53
C ALA TF 90 68.78 117.90 6.02
N THR TF 91 69.33 116.93 5.30
CA THR TF 91 69.15 116.91 3.85
C THR TF 91 67.72 116.54 3.47
N LEU TF 92 67.03 115.76 4.30
CA LEU TF 92 65.66 115.41 4.00
C LEU TF 92 64.74 116.63 4.07
N LYS TF 93 65.00 117.53 5.02
CA LYS TF 93 64.19 118.74 5.14
C LYS TF 93 64.28 119.56 3.86
N ALA TF 94 65.50 119.73 3.34
CA ALA TF 94 65.67 120.48 2.09
C ALA TF 94 64.95 119.78 0.94
N GLU TF 95 65.02 118.46 0.90
CA GLU TF 95 64.31 117.73 -0.14
C GLU TF 95 62.81 117.88 0.01
N TRP TF 96 62.34 118.02 1.25
CA TRP TF 96 60.92 118.28 1.49
C TRP TF 96 60.50 119.60 0.86
N GLU TF 97 61.38 120.60 0.89
CA GLU TF 97 61.08 121.89 0.28
C GLU TF 97 60.76 121.73 -1.20
N THR TF 98 61.61 121.02 -1.93
CA THR TF 98 61.42 120.87 -3.37
C THR TF 98 60.15 120.09 -3.67
N HIS TF 99 59.82 119.11 -2.83
CA HIS TF 99 58.58 118.38 -3.02
C HIS TF 99 57.39 119.32 -2.93
N LYS TF 100 57.44 120.27 -2.00
CA LYS TF 100 56.37 121.28 -1.93
C LYS TF 100 56.33 122.11 -3.20
N ARG TF 101 57.49 122.59 -3.65
CA ARG TF 101 57.52 123.42 -4.85
C ARG TF 101 57.06 122.65 -6.07
N ASN TF 102 57.50 121.40 -6.21
CA ASN TF 102 57.10 120.60 -7.37
C ASN TF 102 55.60 120.40 -7.40
N VAL TF 103 55.00 120.05 -6.26
CA VAL TF 103 53.55 119.90 -6.21
C VAL TF 103 52.87 121.24 -6.42
N ASP TF 104 53.42 122.30 -5.83
CA ASP TF 104 52.83 123.62 -6.01
C ASP TF 104 52.79 124.02 -7.47
N THR TF 105 53.89 123.77 -8.20
CA THR TF 105 53.90 124.07 -9.62
C THR TF 105 52.84 123.28 -10.36
N LEU TF 106 52.73 121.99 -10.06
CA LEU TF 106 51.77 121.16 -10.77
C LEU TF 106 50.35 121.37 -10.30
N PHE TF 107 50.14 121.58 -9.00
CA PHE TF 107 48.80 121.60 -8.43
C PHE TF 107 48.35 122.99 -8.00
N ALA TF 108 49.14 123.67 -7.16
CA ALA TF 108 48.75 125.00 -6.71
C ALA TF 108 48.68 125.98 -7.87
N SER TF 109 49.64 125.89 -8.80
CA SER TF 109 49.67 126.78 -9.94
C SER TF 109 49.08 126.16 -11.20
N GLY TF 110 49.08 124.83 -11.31
CA GLY TF 110 48.59 124.15 -12.49
C GLY TF 110 47.13 123.74 -12.36
N ASN TF 111 46.73 122.85 -13.25
CA ASN TF 111 45.35 122.33 -13.28
C ASN TF 111 45.25 120.92 -12.74
N ALA TF 112 46.27 120.46 -12.01
CA ALA TF 112 46.22 119.11 -11.45
C ALA TF 112 45.03 118.92 -10.53
N GLY TF 113 44.61 119.99 -9.86
CA GLY TF 113 43.41 119.89 -9.03
C GLY TF 113 42.18 119.55 -9.84
N LEU TF 114 42.02 120.21 -10.99
CA LEU TF 114 40.96 119.82 -11.91
C LEU TF 114 41.20 118.45 -12.49
N GLY TF 115 42.44 117.96 -12.42
CA GLY TF 115 42.78 116.65 -12.92
C GLY TF 115 43.56 116.64 -14.21
N PHE TF 116 44.02 117.78 -14.70
CA PHE TF 116 44.83 117.78 -15.90
C PHE TF 116 46.29 117.54 -15.54
N LEU TF 117 47.01 116.89 -16.44
CA LEU TF 117 48.41 116.60 -16.24
C LEU TF 117 49.22 117.26 -17.35
N ASP TF 118 50.24 118.02 -16.98
CA ASP TF 118 51.00 118.80 -17.94
C ASP TF 118 52.39 118.20 -18.11
N PRO TF 119 52.64 117.49 -19.21
CA PRO TF 119 53.99 116.92 -19.40
C PRO TF 119 55.06 117.99 -19.55
N THR TF 120 54.71 119.20 -19.93
CA THR TF 120 55.69 120.27 -20.07
C THR TF 120 55.81 121.14 -18.83
N ALA TF 121 55.15 120.76 -17.73
CA ALA TF 121 55.28 121.51 -16.49
C ALA TF 121 56.72 121.50 -16.01
N ALA TF 122 57.20 122.66 -15.60
CA ALA TF 122 58.61 122.82 -15.23
C ALA TF 122 58.77 122.47 -13.76
N ILE TF 123 59.18 121.23 -13.48
CA ILE TF 123 59.48 120.77 -12.15
C ILE TF 123 60.99 120.61 -12.03
N VAL TF 124 61.50 120.76 -10.81
CA VAL TF 124 62.93 120.85 -10.60
C VAL TF 124 63.29 120.06 -9.35
N SER TF 125 64.53 119.59 -9.30
CA SER TF 125 64.98 118.65 -8.28
C SER TF 125 65.64 119.38 -7.11
N SER TF 126 66.06 118.59 -6.12
CA SER TF 126 66.68 119.16 -4.93
C SER TF 126 68.12 119.59 -5.19
N ASP TF 127 68.87 118.82 -5.97
CA ASP TF 127 70.26 119.14 -6.22
C ASP TF 127 70.38 120.46 -6.97
N THR TF 128 71.33 121.29 -6.54
CA THR TF 128 71.53 122.61 -7.12
C THR TF 128 72.83 122.65 -7.88
N THR TF 129 72.88 123.53 -8.89
CA THR TF 129 74.06 123.67 -9.72
C THR TF 129 75.14 124.49 -9.01
N ALA UF 1 78.63 118.23 31.17
CA ALA UF 1 77.63 118.81 30.28
C ALA UF 1 77.28 117.85 29.16
N ASN UF 2 77.07 116.58 29.53
CA ASN UF 2 76.76 115.56 28.55
C ASN UF 2 75.35 115.75 27.99
N LYS UF 3 75.11 115.15 26.83
CA LYS UF 3 73.84 115.34 26.15
C LYS UF 3 72.70 114.72 26.95
N PRO UF 4 71.55 115.39 27.02
CA PRO UF 4 70.37 114.78 27.63
C PRO UF 4 69.50 114.09 26.58
N MET UF 5 68.52 113.33 27.07
CA MET UF 5 67.58 112.66 26.21
C MET UF 5 66.20 113.28 26.34
N GLN UF 6 65.25 112.72 25.60
CA GLN UF 6 63.84 113.04 25.71
C GLN UF 6 63.03 111.74 25.67
N PRO UF 7 61.85 111.73 26.27
CA PRO UF 7 61.03 110.52 26.24
C PRO UF 7 60.64 110.15 24.82
N ILE UF 8 60.53 108.85 24.56
CA ILE UF 8 60.20 108.35 23.24
C ILE UF 8 58.84 107.69 23.27
N THR UF 9 58.59 106.90 24.32
CA THR UF 9 57.35 106.13 24.41
C THR UF 9 56.87 106.21 25.86
N SER UF 10 55.99 107.17 26.13
CA SER UF 10 55.47 107.38 27.47
C SER UF 10 54.28 106.46 27.75
N THR UF 11 54.58 105.16 27.79
CA THR UF 11 53.58 104.16 28.11
C THR UF 11 53.18 104.29 29.57
N ALA UF 12 52.09 103.63 29.95
CA ALA UF 12 51.59 103.72 31.33
C ALA UF 12 52.64 103.26 32.33
N ASN UF 13 53.40 102.22 31.99
CA ASN UF 13 54.40 101.67 32.89
C ASN UF 13 55.83 101.86 32.41
N LYS UF 14 56.07 102.02 31.11
CA LYS UF 14 57.40 102.10 30.56
C LYS UF 14 57.60 103.43 29.85
N ILE UF 15 58.69 104.11 30.18
CA ILE UF 15 59.10 105.33 29.48
C ILE UF 15 60.55 105.15 29.06
N VAL UF 16 60.82 105.39 27.78
CA VAL UF 16 62.14 105.18 27.20
C VAL UF 16 62.67 106.51 26.70
N TRP UF 17 63.94 106.79 27.00
CA TRP UF 17 64.61 107.96 26.50
C TRP UF 17 65.59 107.57 25.40
N SER UF 18 65.86 108.52 24.50
CA SER UF 18 66.81 108.29 23.42
C SER UF 18 67.47 109.60 23.04
N ASP UF 19 68.76 109.55 22.77
CA ASP UF 19 69.52 110.73 22.41
C ASP UF 19 69.13 111.17 21.00
N PRO UF 20 68.67 112.41 20.81
CA PRO UF 20 68.36 112.85 19.45
C PRO UF 20 69.54 112.78 18.49
N THR UF 21 70.74 113.10 18.97
CA THR UF 21 71.92 113.05 18.10
C THR UF 21 72.21 111.62 17.66
N ARG UF 22 72.15 110.66 18.58
CA ARG UF 22 72.39 109.25 18.29
C ARG UF 22 71.25 108.45 18.90
N LEU UF 23 70.38 107.91 18.05
CA LEU UF 23 69.18 107.25 18.54
C LEU UF 23 69.46 105.85 19.07
N SER UF 24 70.65 105.30 18.84
CA SER UF 24 70.97 103.99 19.38
C SER UF 24 71.00 104.01 20.90
N THR UF 25 71.58 105.07 21.48
CA THR UF 25 71.63 105.20 22.92
C THR UF 25 70.23 105.36 23.50
N THR UF 26 69.88 104.50 24.45
CA THR UF 26 68.56 104.53 25.05
C THR UF 26 68.68 104.41 26.55
N PHE UF 27 67.57 104.68 27.24
CA PHE UF 27 67.45 104.44 28.67
C PHE UF 27 66.00 104.14 28.95
N SER UF 28 65.70 102.88 29.27
CA SER UF 28 64.33 102.44 29.51
C SER UF 28 64.13 102.20 31.00
N ALA UF 29 62.97 102.64 31.49
CA ALA UF 29 62.57 102.43 32.88
C ALA UF 29 61.13 101.96 32.89
N SER UF 30 60.93 100.65 33.09
CA SER UF 30 59.61 100.09 33.21
C SER UF 30 59.42 99.60 34.63
N LEU UF 31 58.28 99.92 35.22
CA LEU UF 31 58.02 99.65 36.63
C LEU UF 31 56.79 98.77 36.76
N LEU UF 32 56.87 97.80 37.65
CA LEU UF 32 55.77 96.88 37.94
C LEU UF 32 55.42 97.00 39.41
N ARG UF 33 54.15 97.27 39.69
CA ARG UF 33 53.65 97.38 41.06
C ARG UF 33 52.79 96.16 41.36
N GLN UF 34 52.97 95.58 42.54
CA GLN UF 34 52.35 94.32 42.89
C GLN UF 34 51.62 94.44 44.23
N ARG UF 35 50.51 93.72 44.33
CA ARG UF 35 49.70 93.66 45.54
C ARG UF 35 50.14 92.43 46.34
N VAL UF 36 51.21 92.60 47.11
CA VAL UF 36 51.80 91.49 47.85
C VAL UF 36 51.20 91.44 49.25
N LYS UF 37 51.00 90.22 49.75
CA LYS UF 37 50.38 89.99 51.05
C LYS UF 37 51.41 89.38 51.99
N VAL UF 38 51.93 90.19 52.90
CA VAL UF 38 52.78 89.69 53.97
C VAL UF 38 51.88 89.22 55.10
N GLY UF 39 52.41 88.33 55.95
CA GLY UF 39 51.67 87.86 57.11
C GLY UF 39 51.00 88.95 57.89
N ILE UF 40 49.67 88.92 57.95
CA ILE UF 40 48.80 89.92 58.57
C ILE UF 40 49.32 91.33 58.28
N ALA UF 41 49.70 91.58 57.04
CA ALA UF 41 50.21 92.89 56.64
C ALA UF 41 50.03 93.05 55.14
N GLU UF 42 49.45 94.17 54.73
CA GLU UF 42 49.25 94.48 53.31
C GLU UF 42 50.37 95.41 52.86
N LEU UF 43 51.15 94.96 51.88
CA LEU UF 43 52.31 95.70 51.40
C LEU UF 43 52.16 95.97 49.91
N ASN UF 44 52.69 97.11 49.47
CA ASN UF 44 52.77 97.44 48.05
C ASN UF 44 54.18 97.16 47.57
N ASN UF 45 54.31 96.19 46.67
CA ASN UF 45 55.60 95.80 46.14
C ASN UF 45 55.85 96.50 44.80
N VAL UF 46 57.03 97.07 44.67
CA VAL UF 46 57.44 97.78 43.46
C VAL UF 46 58.73 97.15 42.95
N SER UF 47 58.72 96.76 41.68
CA SER UF 47 59.88 96.13 41.05
C SER UF 47 60.23 96.95 39.81
N GLY UF 48 61.03 97.99 39.99
CA GLY UF 48 61.42 98.88 38.92
C GLY UF 48 62.72 98.44 38.29
N GLN UF 49 62.67 98.10 37.01
CA GLN UF 49 63.84 97.69 36.26
C GLN UF 49 64.31 98.84 35.38
N TYR UF 50 65.62 99.02 35.31
CA TYR UF 50 66.21 100.13 34.57
C TYR UF 50 67.30 99.56 33.68
N VAL UF 51 67.15 99.73 32.36
CA VAL UF 51 68.10 99.19 31.40
C VAL UF 51 68.66 100.36 30.60
N SER UF 52 69.99 100.37 30.43
CA SER UF 52 70.67 101.35 29.60
C SER UF 52 71.41 100.60 28.50
N VAL UF 53 71.17 101.00 27.25
CA VAL UF 53 71.70 100.30 26.09
C VAL UF 53 72.53 101.29 25.28
N TYR UF 54 73.73 100.88 24.90
CA TYR UF 54 74.61 101.69 24.07
C TYR UF 54 75.17 100.84 22.95
N LYS UF 55 75.03 101.33 21.72
CA LYS UF 55 75.69 100.74 20.56
C LYS UF 55 77.02 101.47 20.39
N ARG UF 56 78.11 100.78 20.71
CA ARG UF 56 79.42 101.40 20.70
C ARG UF 56 80.27 100.82 19.57
N PRO UF 57 81.05 101.64 18.89
CA PRO UF 57 82.01 101.10 17.93
C PRO UF 57 83.07 100.24 18.60
N ALA UF 58 83.49 99.19 17.90
CA ALA UF 58 84.54 98.33 18.41
C ALA UF 58 85.90 99.03 18.31
N PRO UF 59 86.85 98.71 19.18
CA PRO UF 59 88.18 99.32 19.08
C PRO UF 59 88.94 98.82 17.86
N LYS UF 60 89.55 99.74 17.12
CA LYS UF 60 90.16 99.42 15.83
C LYS UF 60 91.62 99.83 15.85
N PRO UF 61 92.52 99.10 15.11
CA PRO UF 61 93.98 99.20 15.35
C PRO UF 61 94.45 100.13 16.46
N GLU UF 62 94.53 99.58 17.67
CA GLU UF 62 94.92 100.38 18.82
C GLU UF 62 96.33 100.91 18.66
N GLY UF 63 96.49 102.21 18.88
CA GLY UF 63 97.77 102.86 18.68
C GLY UF 63 97.94 103.34 17.26
N CYS UF 64 97.13 102.82 16.36
CA CYS UF 64 97.21 103.13 14.94
C CYS UF 64 95.82 103.60 14.51
N ALA UF 65 95.56 104.89 14.72
CA ALA UF 65 94.20 105.40 14.60
C ALA UF 65 93.88 105.84 13.18
N ASP UF 66 94.90 106.06 12.36
CA ASP UF 66 94.81 106.59 11.00
C ASP UF 66 93.83 107.76 10.93
N ALA UF 67 93.13 107.91 9.81
CA ALA UF 67 92.12 108.95 9.70
C ALA UF 67 90.81 108.46 10.32
N CYS UF 68 90.20 107.44 9.73
CA CYS UF 68 89.03 106.78 10.29
C CYS UF 68 88.67 105.60 9.41
N VAL UF 69 88.22 104.52 10.04
CA VAL UF 69 87.71 103.35 9.34
C VAL UF 69 86.46 102.88 10.08
N ILE UF 70 85.44 102.46 9.34
CA ILE UF 70 84.16 102.08 9.92
C ILE UF 70 84.26 100.65 10.44
N MET UF 71 83.73 100.41 11.64
CA MET UF 71 83.71 99.15 12.34
C MET UF 71 82.29 98.75 12.73
N PRO UF 72 82.01 97.47 12.88
CA PRO UF 72 80.72 97.05 13.43
C PRO UF 72 80.61 97.47 14.89
N ASN UF 73 79.37 97.68 15.33
CA ASN UF 73 79.11 98.08 16.70
C ASN UF 73 78.70 96.88 17.54
N GLU UF 74 79.16 96.89 18.79
CA GLU UF 74 78.87 95.87 19.79
C GLU UF 74 77.91 96.43 20.83
N ASN UF 75 77.26 95.53 21.55
CA ASN UF 75 76.23 95.90 22.51
C ASN UF 75 76.88 96.13 23.87
N GLN UF 76 76.58 97.27 24.47
CA GLN UF 76 76.88 97.54 25.87
C GLN UF 76 75.58 97.78 26.59
N SER UF 77 75.20 96.86 27.47
CA SER UF 77 73.92 96.93 28.15
C SER UF 77 74.12 96.82 29.65
N ILE UF 78 73.35 97.61 30.40
CA ILE UF 78 73.36 97.59 31.85
C ILE UF 78 71.91 97.54 32.31
N ARG UF 79 71.56 96.50 33.05
CA ARG UF 79 70.19 96.31 33.54
C ARG UF 79 70.23 96.26 35.05
N THR UF 80 69.33 97.01 35.68
CA THR UF 80 69.22 97.03 37.14
C THR UF 80 67.77 96.81 37.52
N VAL UF 81 67.54 96.00 38.54
CA VAL UF 81 66.20 95.70 39.02
C VAL UF 81 66.15 96.00 40.51
N ILE UF 82 65.22 96.87 40.92
CA ILE UF 82 65.05 97.25 42.31
C ILE UF 82 63.70 96.70 42.76
N SER UF 83 63.72 95.81 43.74
CA SER UF 83 62.51 95.20 44.25
C SER UF 83 62.40 95.43 45.75
N GLY UF 84 61.20 95.75 46.21
CA GLY UF 84 60.97 95.95 47.63
C GLY UF 84 59.62 96.60 47.86
N SER UF 85 59.21 96.58 49.12
CA SER UF 85 57.97 97.21 49.51
C SER UF 85 58.13 98.73 49.53
N ALA UF 86 57.15 99.43 48.96
CA ALA UF 86 57.20 100.89 48.95
C ALA UF 86 57.19 101.45 50.37
N GLU UF 87 56.56 100.73 51.30
CA GLU UF 87 56.51 101.19 52.69
C GLU UF 87 57.90 101.25 53.32
N ASN UF 88 58.82 100.41 52.87
CA ASN UF 88 60.20 100.42 53.37
C ASN UF 88 61.15 101.08 52.38
N LEU UF 89 60.66 102.05 51.62
CA LEU UF 89 61.50 102.69 50.63
C LEU UF 89 62.65 103.45 51.28
N ALA UF 90 62.36 104.14 52.39
CA ALA UF 90 63.38 104.97 53.02
C ALA UF 90 64.60 104.15 53.42
N THR UF 91 64.37 102.99 54.01
CA THR UF 91 65.48 102.09 54.32
C THR UF 91 66.00 101.39 53.07
N LEU UF 92 65.15 101.24 52.06
CA LEU UF 92 65.57 100.56 50.84
C LEU UF 92 66.66 101.34 50.11
N LYS UF 93 66.60 102.67 50.16
CA LYS UF 93 67.63 103.47 49.51
C LYS UF 93 69.01 103.17 50.07
N ALA UF 94 69.09 102.74 51.32
CA ALA UF 94 70.39 102.46 51.92
C ALA UF 94 71.12 101.35 51.18
N GLU UF 95 70.41 100.25 50.86
CA GLU UF 95 71.05 99.18 50.09
C GLU UF 95 71.47 99.66 48.71
N TRP UF 96 70.61 100.44 48.05
CA TRP UF 96 70.97 100.94 46.73
C TRP UF 96 72.27 101.74 46.78
N GLU UF 97 72.41 102.58 47.81
CA GLU UF 97 73.69 103.25 48.01
C GLU UF 97 74.79 102.24 48.30
N THR UF 98 74.50 101.25 49.15
CA THR UF 98 75.49 100.23 49.45
C THR UF 98 75.77 99.36 48.22
N HIS UF 99 74.71 98.98 47.50
CA HIS UF 99 74.87 98.15 46.31
C HIS UF 99 75.78 98.82 45.29
N LYS UF 100 75.80 100.15 45.29
CA LYS UF 100 76.75 100.88 44.45
C LYS UF 100 78.17 100.57 44.87
N ARG UF 101 78.47 100.74 46.15
CA ARG UF 101 79.85 100.62 46.61
C ARG UF 101 80.34 99.20 46.53
N ASN UF 102 79.47 98.22 46.76
CA ASN UF 102 79.85 96.83 46.58
C ASN UF 102 80.27 96.55 45.15
N VAL UF 103 79.48 97.04 44.19
CA VAL UF 103 79.84 96.84 42.78
C VAL UF 103 81.06 97.66 42.42
N ASP UF 104 81.12 98.92 42.87
CA ASP UF 104 82.22 99.79 42.50
C ASP UF 104 83.56 99.23 42.97
N THR UF 105 83.61 98.78 44.24
CA THR UF 105 84.86 98.25 44.75
C THR UF 105 85.24 96.95 44.07
N LEU UF 106 84.29 96.27 43.45
CA LEU UF 106 84.55 95.00 42.82
C LEU UF 106 84.65 95.10 41.31
N PHE UF 107 83.84 95.95 40.68
CA PHE UF 107 83.84 96.10 39.23
C PHE UF 107 84.57 97.36 38.79
N ALA UF 108 84.21 98.52 39.35
CA ALA UF 108 84.86 99.76 38.94
C ALA UF 108 86.31 99.78 39.40
N SER UF 109 86.54 99.73 40.72
CA SER UF 109 87.91 99.69 41.22
C SER UF 109 88.61 98.40 40.82
N GLY UF 110 87.92 97.27 40.92
CA GLY UF 110 88.51 96.00 40.59
C GLY UF 110 88.54 95.73 39.10
N ASN UF 111 89.00 94.53 38.76
CA ASN UF 111 89.08 94.08 37.37
C ASN UF 111 88.05 93.00 37.07
N ALA UF 112 86.89 93.06 37.72
CA ALA UF 112 85.86 92.07 37.49
C ALA UF 112 85.34 92.08 36.06
N GLY UF 113 85.41 93.23 35.38
CA GLY UF 113 84.97 93.29 34.02
C GLY UF 113 85.82 92.48 33.07
N LEU UF 114 87.06 92.19 33.44
CA LEU UF 114 87.92 91.35 32.62
C LEU UF 114 87.72 89.87 32.87
N GLY UF 115 86.81 89.50 33.75
CA GLY UF 115 86.55 88.11 34.06
C GLY UF 115 87.17 87.62 35.35
N PHE UF 116 88.15 88.34 35.89
CA PHE UF 116 88.77 87.94 37.14
C PHE UF 116 87.88 88.30 38.33
N LEU UF 117 87.83 87.41 39.31
CA LEU UF 117 87.10 87.63 40.55
C LEU UF 117 88.08 87.65 41.70
N ASP UF 118 87.84 88.52 42.67
CA ASP UF 118 88.74 88.65 43.82
C ASP UF 118 88.02 88.22 45.09
N PRO UF 119 88.24 86.98 45.57
CA PRO UF 119 87.59 86.56 46.82
C PRO UF 119 87.99 87.41 48.01
N THR UF 120 89.16 88.00 48.01
CA THR UF 120 89.62 88.82 49.12
C THR UF 120 89.21 90.28 48.99
N ALA UF 121 88.46 90.64 47.96
CA ALA UF 121 88.03 92.02 47.80
C ALA UF 121 87.16 92.45 48.98
N ALA UF 122 87.39 93.67 49.44
CA ALA UF 122 86.68 94.18 50.61
C ALA UF 122 85.35 94.78 50.21
N ILE UF 123 84.27 94.28 50.82
CA ILE UF 123 82.93 94.80 50.60
C ILE UF 123 82.31 95.10 51.95
N VAL UF 124 81.28 95.95 51.93
CA VAL UF 124 80.65 96.44 53.15
C VAL UF 124 79.15 96.24 53.04
N SER UF 125 78.48 96.27 54.19
CA SER UF 125 77.06 96.01 54.29
C SER UF 125 76.29 97.31 54.51
N SER UF 126 74.97 97.22 54.30
CA SER UF 126 74.12 98.37 54.53
C SER UF 126 74.12 98.78 56.00
N ASP UF 127 74.05 97.81 56.90
CA ASP UF 127 74.00 98.11 58.32
C ASP UF 127 75.29 98.75 58.79
N THR UF 128 75.17 99.69 59.73
CA THR UF 128 76.31 100.40 60.29
C THR UF 128 76.53 99.96 61.73
N THR UF 129 77.79 100.00 62.16
CA THR UF 129 78.15 99.60 63.51
C THR UF 129 77.52 100.50 64.56
N ALA VF 1 48.68 124.28 51.25
CA ALA VF 1 47.66 123.58 50.47
C ALA VF 1 47.66 122.10 50.81
N ASN VF 2 47.26 121.28 49.85
CA ASN VF 2 47.20 119.84 50.02
C ASN VF 2 48.24 119.17 49.15
N LYS VF 3 48.61 117.96 49.53
CA LYS VF 3 49.62 117.21 48.81
C LYS VF 3 49.10 116.84 47.41
N PRO VF 4 49.79 117.22 46.35
CA PRO VF 4 49.32 116.88 45.01
C PRO VF 4 49.63 115.43 44.64
N MET VF 5 48.85 114.91 43.71
CA MET VF 5 49.09 113.59 43.15
C MET VF 5 49.87 113.70 41.86
N GLN VF 6 50.32 112.54 41.36
CA GLN VF 6 50.84 112.41 40.02
C GLN VF 6 50.30 111.11 39.42
N PRO VF 7 50.10 111.06 38.12
CA PRO VF 7 49.46 109.89 37.52
C PRO VF 7 50.31 108.64 37.67
N ILE VF 8 49.64 107.50 37.79
CA ILE VF 8 50.30 106.20 37.76
C ILE VF 8 50.01 105.45 36.48
N THR VF 9 48.81 105.61 35.93
CA THR VF 9 48.41 104.95 34.69
C THR VF 9 48.02 106.01 33.67
N SER VF 10 48.64 105.96 32.50
CA SER VF 10 48.39 106.92 31.44
C SER VF 10 47.80 106.20 30.24
N THR VF 11 46.68 106.71 29.75
CA THR VF 11 46.01 106.15 28.58
C THR VF 11 45.25 107.27 27.90
N ALA VF 12 44.93 107.05 26.62
CA ALA VF 12 44.15 108.04 25.88
C ALA VF 12 42.75 108.20 26.45
N ASN VF 13 42.29 107.26 27.28
CA ASN VF 13 40.97 107.33 27.89
C ASN VF 13 41.03 107.55 29.39
N LYS VF 14 41.76 106.70 30.12
CA LYS VF 14 41.78 106.75 31.57
C LYS VF 14 43.15 107.18 32.07
N ILE VF 15 43.16 108.12 33.01
CA ILE VF 15 44.36 108.49 33.75
C ILE VF 15 44.02 108.45 35.22
N VAL VF 16 44.87 107.79 36.01
CA VAL VF 16 44.64 107.60 37.43
C VAL VF 16 45.77 108.25 38.21
N TRP VF 17 45.42 109.13 39.13
CA TRP VF 17 46.38 109.76 40.02
C TRP VF 17 46.35 109.06 41.38
N SER VF 18 47.46 109.14 42.10
CA SER VF 18 47.54 108.57 43.44
C SER VF 18 48.56 109.35 44.25
N ASP VF 19 48.26 109.52 45.52
CA ASP VF 19 49.13 110.32 46.38
C ASP VF 19 50.39 109.54 46.73
N PRO VF 20 51.58 110.12 46.53
CA PRO VF 20 52.80 109.41 46.93
C PRO VF 20 52.85 109.08 48.41
N THR VF 21 52.36 109.97 49.26
CA THR VF 21 52.39 109.71 50.70
C THR VF 21 51.43 108.58 51.07
N ARG VF 22 50.22 108.60 50.51
CA ARG VF 22 49.21 107.57 50.76
C ARG VF 22 48.81 106.97 49.43
N LEU VF 23 49.29 105.76 49.15
CA LEU VF 23 48.99 105.12 47.88
C LEU VF 23 47.53 104.67 47.79
N SER VF 24 46.82 104.66 48.92
CA SER VF 24 45.45 104.16 48.91
C SER VF 24 44.52 105.11 48.16
N THR VF 25 44.61 106.41 48.45
CA THR VF 25 43.71 107.36 47.82
C THR VF 25 44.03 107.51 46.34
N THR VF 26 42.98 107.58 45.53
CA THR VF 26 43.10 107.64 44.08
C THR VF 26 42.07 108.61 43.51
N PHE VF 27 42.33 109.07 42.29
CA PHE VF 27 41.38 109.90 41.55
C PHE VF 27 41.50 109.53 40.08
N SER VF 28 40.50 108.82 39.56
CA SER VF 28 40.51 108.31 38.20
C SER VF 28 39.57 109.15 37.34
N ALA VF 29 40.05 109.55 36.17
CA ALA VF 29 39.26 110.32 35.21
C ALA VF 29 39.20 109.55 33.90
N SER VF 30 38.01 109.05 33.57
CA SER VF 30 37.81 108.31 32.34
C SER VF 30 36.61 108.88 31.60
N LEU VF 31 36.64 108.75 30.28
CA LEU VF 31 35.61 109.35 29.45
C LEU VF 31 35.43 108.50 28.20
N LEU VF 32 34.30 108.69 27.53
CA LEU VF 32 34.03 108.02 26.26
C LEU VF 32 33.66 109.09 25.23
N ARG VF 33 34.38 109.11 24.11
CA ARG VF 33 34.07 109.97 23.00
C ARG VF 33 33.22 109.21 21.99
N GLN VF 34 32.15 109.84 21.53
CA GLN VF 34 31.23 109.17 20.62
C GLN VF 34 30.60 110.19 19.70
N ARG VF 35 30.28 109.74 18.49
CA ARG VF 35 29.64 110.56 17.47
C ARG VF 35 28.15 110.24 17.47
N VAL VF 36 27.32 111.27 17.61
CA VAL VF 36 25.88 111.10 17.73
C VAL VF 36 25.22 111.80 16.55
N LYS VF 37 24.24 111.14 15.95
CA LYS VF 37 23.51 111.67 14.79
C LYS VF 37 22.04 111.42 15.04
N VAL VF 38 21.32 112.44 15.50
CA VAL VF 38 19.90 112.33 15.82
C VAL VF 38 19.05 113.35 15.06
N GLY VF 39 19.28 114.63 15.30
CA GLY VF 39 18.49 115.67 14.67
C GLY VF 39 19.09 116.22 13.40
N ILE VF 40 19.24 115.37 12.39
CA ILE VF 40 19.92 115.67 11.12
C ILE VF 40 21.14 116.54 11.39
N ALA VF 41 21.85 116.26 12.48
CA ALA VF 41 22.99 117.06 12.91
C ALA VF 41 24.04 116.14 13.49
N GLU VF 42 25.29 116.38 13.16
CA GLU VF 42 26.40 115.64 13.75
C GLU VF 42 26.65 116.14 15.17
N LEU VF 43 26.73 115.20 16.12
CA LEU VF 43 26.97 115.55 17.51
C LEU VF 43 28.17 114.78 18.02
N ASN VF 44 29.09 115.49 18.66
CA ASN VF 44 30.24 114.89 19.32
C ASN VF 44 29.97 114.87 20.82
N ASN VF 45 29.78 113.69 21.37
CA ASN VF 45 29.40 113.52 22.76
C ASN VF 45 30.55 112.98 23.58
N VAL VF 46 30.68 113.47 24.80
CA VAL VF 46 31.69 113.03 25.75
C VAL VF 46 31.00 112.63 27.04
N SER VF 47 31.37 111.48 27.59
CA SER VF 47 30.80 110.96 28.83
C SER VF 47 31.95 110.71 29.80
N GLY VF 48 32.32 111.73 30.55
CA GLY VF 48 33.46 111.61 31.44
C GLY VF 48 33.10 111.17 32.85
N GLN VF 49 33.67 110.06 33.29
CA GLN VF 49 33.48 109.56 34.64
C GLN VF 49 34.67 110.00 35.49
N TYR VF 50 34.37 110.57 36.65
CA TYR VF 50 35.40 111.01 37.59
C TYR VF 50 35.13 110.34 38.92
N VAL VF 51 36.09 109.55 39.40
CA VAL VF 51 35.94 108.77 40.61
C VAL VF 51 37.07 109.15 41.56
N SER VF 52 36.70 109.54 42.77
CA SER VF 52 37.66 109.83 43.83
C SER VF 52 37.41 108.85 44.97
N VAL VF 53 38.46 108.14 45.38
CA VAL VF 53 38.36 107.09 46.38
C VAL VF 53 39.33 107.39 47.52
N TYR VF 54 38.86 107.25 48.75
CA TYR VF 54 39.68 107.44 49.93
C TYR VF 54 39.40 106.33 50.92
N LYS VF 55 40.43 105.94 51.67
CA LYS VF 55 40.33 104.94 52.72
C LYS VF 55 40.57 105.64 54.05
N ARG VF 56 39.54 105.73 54.87
CA ARG VF 56 39.66 106.38 56.17
C ARG VF 56 39.41 105.35 57.27
N PRO VF 57 40.35 105.19 58.20
CA PRO VF 57 40.21 104.13 59.20
C PRO VF 57 39.29 104.48 60.35
N ALA VF 58 38.07 103.90 60.32
CA ALA VF 58 37.06 103.85 61.37
C ALA VF 58 36.91 105.14 62.21
N PRO VF 59 36.17 105.11 63.33
CA PRO VF 59 36.29 106.23 64.29
C PRO VF 59 37.20 105.92 65.47
N LYS VF 60 37.84 104.75 65.48
CA LYS VF 60 38.72 104.33 66.57
C LYS VF 60 38.00 104.46 67.91
N PRO VF 61 37.07 103.54 68.21
CA PRO VF 61 36.05 103.74 69.24
C PRO VF 61 36.03 105.07 69.97
N GLU VF 62 36.44 105.06 71.23
CA GLU VF 62 36.44 106.27 72.07
C GLU VF 62 37.50 106.06 73.14
N GLY VF 63 37.50 106.93 74.14
CA GLY VF 63 38.42 106.79 75.24
C GLY VF 63 39.87 106.97 74.83
N CYS VF 64 40.63 105.89 74.83
CA CYS VF 64 42.05 105.95 74.56
C CYS VF 64 42.32 105.95 73.06
N ALA VF 65 43.35 106.69 72.64
CA ALA VF 65 43.78 106.68 71.25
C ALA VF 65 45.21 106.16 71.19
N ASP VF 66 45.92 106.27 72.32
CA ASP VF 66 47.27 105.74 72.45
C ASP VF 66 47.28 104.24 72.18
N ALA VF 67 46.20 103.55 72.54
CA ALA VF 67 46.06 102.14 72.21
C ALA VF 67 46.16 101.97 70.71
N CYS VF 68 47.24 101.36 70.25
CA CYS VF 68 47.56 101.29 68.83
C CYS VF 68 47.00 100.03 68.18
N VAL VF 69 45.70 100.00 67.95
CA VAL VF 69 45.09 98.94 67.18
C VAL VF 69 44.65 99.51 65.84
N ILE VF 70 45.26 99.00 64.76
CA ILE VF 70 44.94 99.51 63.44
C ILE VF 70 43.68 98.81 62.94
N MET VF 71 42.53 99.41 63.22
CA MET VF 71 41.29 98.76 62.88
C MET VF 71 40.86 99.15 61.47
N PRO VF 72 40.17 98.24 60.76
CA PRO VF 72 40.03 98.38 59.31
C PRO VF 72 39.35 99.67 58.89
N ASN VF 73 39.75 100.15 57.73
CA ASN VF 73 39.21 101.35 57.11
C ASN VF 73 38.06 100.98 56.18
N GLU VF 74 37.29 102.01 55.82
CA GLU VF 74 36.15 101.85 54.92
C GLU VF 74 36.29 102.81 53.75
N ASN VF 75 35.80 102.38 52.59
CA ASN VF 75 35.94 103.14 51.37
C ASN VF 75 34.89 104.25 51.28
N GLN VF 76 35.31 105.37 50.69
CA GLN VF 76 34.43 106.50 50.42
C GLN VF 76 34.67 106.95 48.99
N SER VF 77 33.64 106.83 48.16
CA SER VF 77 33.77 107.07 46.73
C SER VF 77 32.85 108.20 46.30
N ILE VF 78 33.32 109.01 45.37
CA ILE VF 78 32.51 110.04 44.72
C ILE VF 78 32.63 109.83 43.23
N ARG VF 79 31.52 109.48 42.59
CA ARG VF 79 31.49 109.25 41.15
C ARG VF 79 30.62 110.31 40.49
N THR VF 80 31.18 110.99 39.50
CA THR VF 80 30.44 111.99 38.74
C THR VF 80 30.61 111.70 37.26
N VAL VF 81 29.51 111.77 36.52
CA VAL VF 81 29.51 111.55 35.07
C VAL VF 81 29.02 112.84 34.42
N ILE VF 82 29.72 113.28 33.38
CA ILE VF 82 29.37 114.49 32.65
C ILE VF 82 29.07 114.09 31.21
N SER VF 83 27.85 114.36 30.77
CA SER VF 83 27.42 114.01 29.42
C SER VF 83 26.88 115.25 28.72
N GLY VF 84 27.23 115.39 27.45
CA GLY VF 84 26.73 116.50 26.66
C GLY VF 84 27.54 116.66 25.40
N SER VF 85 27.00 117.45 24.49
CA SER VF 85 27.67 117.73 23.23
C SER VF 85 28.89 118.61 23.45
N ALA VF 86 29.87 118.44 22.58
CA ALA VF 86 31.11 119.19 22.71
C ALA VF 86 30.88 120.69 22.52
N GLU VF 87 30.07 121.06 21.53
CA GLU VF 87 29.90 122.47 21.22
C GLU VF 87 29.12 123.19 22.32
N ASN VF 88 28.26 122.47 23.05
CA ASN VF 88 27.56 123.06 24.17
C ASN VF 88 28.40 123.05 25.45
N LEU VF 89 29.71 122.86 25.33
CA LEU VF 89 30.58 122.99 26.50
C LEU VF 89 30.45 124.37 27.13
N ALA VF 90 30.18 125.39 26.32
CA ALA VF 90 30.04 126.74 26.85
C ALA VF 90 28.92 126.79 27.89
N THR VF 91 27.76 126.23 27.55
CA THR VF 91 26.68 126.18 28.53
C THR VF 91 26.85 125.04 29.52
N LEU VF 92 27.49 123.94 29.10
CA LEU VF 92 27.57 122.77 29.96
C LEU VF 92 28.32 123.07 31.26
N LYS VF 93 29.20 124.06 31.24
CA LYS VF 93 29.84 124.50 32.47
C LYS VF 93 28.79 125.00 33.45
N ALA VF 94 27.76 125.70 32.96
CA ALA VF 94 26.78 126.33 33.83
C ALA VF 94 26.00 125.31 34.65
N GLU VF 95 25.49 124.25 34.00
CA GLU VF 95 24.74 123.24 34.74
C GLU VF 95 25.61 122.58 35.79
N TRP VF 96 26.86 122.28 35.44
CA TRP VF 96 27.76 121.69 36.42
C TRP VF 96 27.94 122.63 37.62
N GLU VF 97 28.07 123.92 37.36
CA GLU VF 97 28.20 124.87 38.45
C GLU VF 97 26.96 124.83 39.34
N THR VF 98 25.77 124.84 38.73
CA THR VF 98 24.55 124.78 39.53
C THR VF 98 24.39 123.41 40.19
N HIS VF 99 24.61 122.34 39.43
CA HIS VF 99 24.65 121.01 40.01
C HIS VF 99 25.61 120.95 41.18
N LYS VF 100 26.77 121.59 41.03
CA LYS VF 100 27.71 121.69 42.15
C LYS VF 100 27.07 122.45 43.31
N ARG VF 101 26.36 123.52 43.01
CA ARG VF 101 25.73 124.31 44.07
C ARG VF 101 24.52 123.61 44.65
N ASN VF 102 23.73 122.94 43.80
CA ASN VF 102 22.52 122.28 44.28
C ASN VF 102 22.87 121.17 45.27
N VAL VF 103 23.91 120.39 44.97
CA VAL VF 103 24.30 119.31 45.87
C VAL VF 103 24.72 119.86 47.23
N ASP VF 104 25.47 120.96 47.23
CA ASP VF 104 25.94 121.54 48.48
C ASP VF 104 24.79 121.90 49.40
N THR VF 105 23.65 122.29 48.83
CA THR VF 105 22.48 122.61 49.64
C THR VF 105 22.01 121.39 50.42
N LEU VF 106 21.97 120.22 49.76
CA LEU VF 106 21.50 119.02 50.44
C LEU VF 106 22.59 118.37 51.27
N PHE VF 107 23.82 118.33 50.75
CA PHE VF 107 24.89 117.56 51.37
C PHE VF 107 25.81 118.43 52.20
N ALA VF 108 26.43 119.45 51.61
CA ALA VF 108 27.40 120.25 52.33
C ALA VF 108 26.73 121.02 53.47
N SER VF 109 25.56 121.59 53.22
CA SER VF 109 24.84 122.37 54.22
C SER VF 109 23.69 121.63 54.86
N GLY VF 110 23.00 120.77 54.12
CA GLY VF 110 21.89 120.03 54.66
C GLY VF 110 22.34 118.78 55.40
N ASN VF 111 21.39 117.88 55.61
CA ASN VF 111 21.63 116.64 56.32
C ASN VF 111 21.49 115.41 55.43
N ALA VF 112 21.51 115.59 54.11
CA ALA VF 112 21.38 114.45 53.21
C ALA VF 112 22.54 113.48 53.33
N GLY VF 113 23.68 113.93 53.85
CA GLY VF 113 24.82 113.04 53.99
C GLY VF 113 24.52 111.87 54.92
N LEU VF 114 23.85 112.13 56.03
CA LEU VF 114 23.56 111.09 56.99
C LEU VF 114 22.23 110.39 56.74
N GLY VF 115 21.46 110.82 55.75
CA GLY VF 115 20.29 110.07 55.34
C GLY VF 115 18.95 110.73 55.55
N PHE VF 116 18.89 112.06 55.45
CA PHE VF 116 17.63 112.78 55.54
C PHE VF 116 17.44 113.68 54.32
N LEU VF 117 16.26 113.60 53.73
CA LEU VF 117 15.91 114.39 52.55
C LEU VF 117 14.98 115.52 52.98
N ASP VF 118 15.44 116.75 52.83
CA ASP VF 118 14.62 117.90 53.17
C ASP VF 118 13.82 118.31 51.93
N PRO VF 119 12.49 118.24 51.98
CA PRO VF 119 11.67 118.67 50.83
C PRO VF 119 11.51 120.17 50.69
N THR VF 120 12.16 120.97 51.53
CA THR VF 120 12.05 122.42 51.50
C THR VF 120 13.42 123.05 51.30
N ALA VF 121 14.20 122.51 50.38
CA ALA VF 121 15.53 123.03 50.07
C ALA VF 121 15.47 123.87 48.81
N ALA VF 122 16.16 125.02 48.84
CA ALA VF 122 16.19 125.89 47.68
C ALA VF 122 16.99 125.27 46.55
N ILE VF 123 16.30 124.80 45.52
CA ILE VF 123 16.92 124.16 44.37
C ILE VF 123 16.69 125.05 43.16
N VAL VF 124 17.77 125.63 42.64
CA VAL VF 124 17.69 126.62 41.58
C VAL VF 124 18.24 126.01 40.29
N SER VF 125 17.74 126.53 39.16
CA SER VF 125 18.09 125.99 37.86
C SER VF 125 19.34 126.65 37.30
N SER VF 126 19.77 126.16 36.15
CA SER VF 126 20.93 126.75 35.47
C SER VF 126 20.62 128.16 34.98
N ASP VF 127 19.51 128.31 34.27
CA ASP VF 127 19.16 129.62 33.72
C ASP VF 127 18.72 130.57 34.83
N THR VF 128 19.05 131.85 34.65
CA THR VF 128 18.69 132.87 35.62
C THR VF 128 17.33 133.48 35.25
N THR VF 129 16.91 134.45 36.05
CA THR VF 129 15.63 135.12 35.82
C THR VF 129 15.64 135.91 34.52
N ALA WF 1 45.94 -32.80 138.34
CA ALA WF 1 46.60 -32.88 137.05
C ALA WF 1 45.62 -33.25 135.95
N ASN WF 2 46.11 -33.30 134.72
CA ASN WF 2 45.28 -33.61 133.56
C ASN WF 2 46.08 -34.50 132.62
N LYS WF 3 45.57 -34.65 131.39
CA LYS WF 3 46.25 -35.44 130.39
C LYS WF 3 46.99 -34.49 129.45
N PRO WF 4 48.31 -34.39 129.53
CA PRO WF 4 49.04 -33.53 128.60
C PRO WF 4 48.97 -34.09 127.18
N MET WF 5 48.70 -33.22 126.21
CA MET WF 5 48.68 -33.68 124.84
C MET WF 5 50.10 -33.91 124.34
N GLN WF 6 50.20 -34.47 123.15
CA GLN WF 6 51.47 -34.58 122.47
C GLN WF 6 51.32 -34.09 121.04
N PRO WF 7 52.36 -33.49 120.47
CA PRO WF 7 52.20 -32.79 119.19
C PRO WF 7 51.80 -33.75 118.08
N ILE WF 8 51.01 -33.23 117.14
CA ILE WF 8 50.61 -33.95 115.95
C ILE WF 8 51.42 -33.51 114.74
N THR WF 9 51.40 -32.22 114.44
CA THR WF 9 52.22 -31.66 113.38
C THR WF 9 53.08 -30.55 113.97
N SER WF 10 54.35 -30.55 113.60
CA SER WF 10 55.31 -29.57 114.11
C SER WF 10 55.92 -28.82 112.95
N THR WF 11 55.95 -27.49 113.06
CA THR WF 11 56.51 -26.64 112.02
C THR WF 11 57.05 -25.39 112.70
N ALA WF 12 57.96 -24.70 112.00
CA ALA WF 12 58.49 -23.46 112.53
C ALA WF 12 57.42 -22.38 112.67
N ASN WF 13 56.27 -22.55 112.02
CA ASN WF 13 55.18 -21.59 112.09
C ASN WF 13 54.03 -22.07 112.95
N LYS WF 14 53.61 -23.31 112.79
CA LYS WF 14 52.43 -23.83 113.47
C LYS WF 14 52.74 -25.16 114.13
N ILE WF 15 52.30 -25.31 115.38
CA ILE WF 15 52.37 -26.58 116.09
C ILE WF 15 50.99 -26.90 116.62
N VAL WF 16 50.57 -28.16 116.48
CA VAL WF 16 49.24 -28.60 116.89
C VAL WF 16 49.40 -29.75 117.87
N TRP WF 17 48.80 -29.61 119.05
CA TRP WF 17 48.74 -30.68 120.02
C TRP WF 17 47.34 -31.28 120.04
N SER WF 18 47.26 -32.57 120.35
CA SER WF 18 45.97 -33.25 120.47
C SER WF 18 46.05 -34.28 121.59
N ASP WF 19 44.92 -34.50 122.24
CA ASP WF 19 44.85 -35.48 123.30
C ASP WF 19 44.92 -36.89 122.70
N PRO WF 20 45.83 -37.74 123.18
CA PRO WF 20 45.90 -39.10 122.61
C PRO WF 20 44.63 -39.90 122.77
N THR WF 21 43.93 -39.76 123.90
CA THR WF 21 42.70 -40.50 124.10
C THR WF 21 41.57 -39.93 123.25
N ARG WF 22 41.47 -38.61 123.20
CA ARG WF 22 40.46 -37.92 122.42
C ARG WF 22 41.17 -37.03 121.41
N LEU WF 23 41.34 -37.54 120.19
CA LEU WF 23 41.97 -36.75 119.14
C LEU WF 23 41.12 -35.56 118.72
N SER WF 24 39.87 -35.51 119.15
CA SER WF 24 39.00 -34.38 118.78
C SER WF 24 39.52 -33.07 119.35
N THR WF 25 39.79 -33.03 120.65
CA THR WF 25 40.25 -31.79 121.27
C THR WF 25 41.67 -31.48 120.84
N THR WF 26 41.92 -30.22 120.51
CA THR WF 26 43.22 -29.81 119.99
C THR WF 26 43.61 -28.48 120.61
N PHE WF 27 44.89 -28.14 120.46
CA PHE WF 27 45.41 -26.82 120.81
C PHE WF 27 46.50 -26.48 119.82
N SER WF 28 46.29 -25.43 119.03
CA SER WF 28 47.21 -25.05 117.97
C SER WF 28 47.74 -23.66 118.21
N ALA WF 29 49.04 -23.48 118.02
CA ALA WF 29 49.69 -22.18 118.12
C ALA WF 29 50.38 -21.88 116.79
N SER WF 30 50.10 -20.70 116.23
CA SER WF 30 50.70 -20.29 114.98
C SER WF 30 51.23 -18.87 115.15
N LEU WF 31 52.43 -18.63 114.65
CA LEU WF 31 53.10 -17.34 114.77
C LEU WF 31 53.35 -16.76 113.39
N LEU WF 32 52.97 -15.50 113.22
CA LEU WF 32 53.25 -14.76 112.00
C LEU WF 32 54.18 -13.60 112.37
N ARG WF 33 55.44 -13.72 111.96
CA ARG WF 33 56.46 -12.73 112.30
C ARG WF 33 56.76 -11.89 111.07
N GLN WF 34 56.80 -10.57 111.25
CA GLN WF 34 57.09 -9.65 110.16
C GLN WF 34 57.61 -8.36 110.77
N ARG WF 35 57.99 -7.42 109.91
CA ARG WF 35 58.77 -6.26 110.31
C ARG WF 35 57.97 -4.98 110.10
N VAL WF 36 58.02 -4.09 111.10
CA VAL WF 36 57.28 -2.84 111.07
C VAL WF 36 58.23 -1.68 111.32
N LYS WF 37 58.12 -0.64 110.51
CA LYS WF 37 58.95 0.54 110.62
C LYS WF 37 58.08 1.68 111.14
N VAL WF 38 58.31 2.08 112.39
CA VAL WF 38 57.51 3.13 113.00
C VAL WF 38 58.37 4.27 113.54
N GLY WF 39 59.28 3.96 114.45
CA GLY WF 39 60.04 5.00 115.14
C GLY WF 39 61.38 5.31 114.51
N ILE WF 40 61.35 5.83 113.29
CA ILE WF 40 62.53 6.11 112.45
C ILE WF 40 63.54 4.99 112.59
N ALA WF 41 63.03 3.78 112.83
CA ALA WF 41 63.86 2.60 113.06
C ALA WF 41 62.99 1.37 112.86
N GLU WF 42 63.63 0.27 112.49
CA GLU WF 42 62.90 -0.96 112.23
C GLU WF 42 62.63 -1.71 113.53
N LEU WF 43 61.43 -2.30 113.62
CA LEU WF 43 61.05 -3.11 114.76
C LEU WF 43 60.45 -4.42 114.28
N ASN WF 44 60.68 -5.48 115.05
CA ASN WF 44 60.16 -6.79 114.71
C ASN WF 44 58.82 -7.01 115.40
N ASN WF 45 57.82 -7.42 114.62
CA ASN WF 45 56.48 -7.64 115.13
C ASN WF 45 56.12 -9.12 114.99
N VAL WF 46 55.41 -9.64 115.98
CA VAL WF 46 54.95 -11.03 115.98
C VAL WF 46 53.46 -11.03 116.29
N SER WF 47 52.73 -11.98 115.73
CA SER WF 47 51.31 -12.14 115.97
C SER WF 47 51.04 -13.61 116.27
N GLY WF 48 51.12 -13.98 117.55
CA GLY WF 48 50.94 -15.35 117.95
C GLY WF 48 49.46 -15.67 118.10
N GLN WF 49 48.99 -16.59 117.26
CA GLN WF 49 47.61 -17.03 117.26
C GLN WF 49 47.51 -18.35 118.00
N TYR WF 50 46.73 -18.38 119.08
CA TYR WF 50 46.55 -19.56 119.90
C TYR WF 50 45.09 -19.96 119.86
N VAL WF 51 44.81 -21.19 119.46
CA VAL WF 51 43.45 -21.68 119.28
C VAL WF 51 43.28 -22.95 120.10
N SER WF 52 42.26 -22.95 120.96
CA SER WF 52 41.88 -24.13 121.73
C SER WF 52 40.49 -24.55 121.28
N VAL WF 53 40.36 -25.79 120.84
CA VAL WF 53 39.13 -26.31 120.26
C VAL WF 53 38.74 -27.58 120.99
N TYR WF 54 37.47 -27.68 121.37
CA TYR WF 54 36.93 -28.87 122.02
C TYR WF 54 35.55 -29.15 121.45
N LYS WF 55 35.30 -30.42 121.15
CA LYS WF 55 34.00 -30.88 120.69
C LYS WF 55 33.29 -31.53 121.88
N ARG WF 56 32.14 -30.97 122.25
CA ARG WF 56 31.42 -31.43 123.43
C ARG WF 56 29.98 -31.75 123.05
N PRO WF 57 29.45 -32.87 123.54
CA PRO WF 57 28.08 -33.25 123.18
C PRO WF 57 27.03 -32.29 123.71
N ALA WF 58 25.77 -32.53 123.36
CA ALA WF 58 24.68 -31.66 123.75
C ALA WF 58 24.46 -31.75 125.26
N PRO WF 59 23.73 -30.78 125.83
CA PRO WF 59 23.49 -30.82 127.29
C PRO WF 59 22.88 -32.12 127.78
N LYS WF 60 22.01 -32.76 126.98
CA LYS WF 60 21.50 -34.08 127.31
C LYS WF 60 20.77 -34.03 128.64
N PRO WF 61 19.55 -33.49 128.69
CA PRO WF 61 18.85 -33.32 129.96
C PRO WF 61 18.84 -34.56 130.83
N GLU WF 62 19.19 -34.39 132.10
CA GLU WF 62 19.44 -35.49 133.02
C GLU WF 62 18.22 -36.37 133.26
N GLY WF 63 18.45 -37.52 133.88
CA GLY WF 63 17.38 -38.41 134.30
C GLY WF 63 17.42 -39.75 133.63
N CYS WF 64 17.61 -39.75 132.31
CA CYS WF 64 17.77 -41.00 131.55
C CYS WF 64 19.17 -40.99 130.95
N ALA WF 65 19.95 -42.00 131.31
CA ALA WF 65 21.40 -42.04 131.10
C ALA WF 65 21.82 -43.03 130.02
N ASP WF 66 21.10 -43.04 128.89
CA ASP WF 66 21.38 -43.94 127.77
C ASP WF 66 22.87 -44.04 127.48
N ALA WF 67 23.51 -42.89 127.25
CA ALA WF 67 24.97 -42.74 127.18
C ALA WF 67 25.58 -43.33 125.90
N CYS WF 68 24.76 -43.99 125.08
CA CYS WF 68 25.16 -44.44 123.75
C CYS WF 68 24.03 -44.31 122.74
N VAL WF 69 23.28 -43.20 122.83
CA VAL WF 69 22.33 -42.77 121.83
C VAL WF 69 22.95 -41.47 121.35
N ILE WF 70 24.29 -41.46 121.30
CA ILE WF 70 25.12 -40.27 121.25
C ILE WF 70 24.60 -39.24 120.26
N MET WF 71 24.35 -38.05 120.77
CA MET WF 71 23.76 -36.91 120.06
C MET WF 71 24.82 -36.17 119.27
N PRO WF 72 24.43 -35.31 118.34
CA PRO WF 72 25.42 -34.52 117.60
C PRO WF 72 26.24 -33.66 118.55
N ASN WF 73 27.49 -33.43 118.16
CA ASN WF 73 28.51 -32.84 119.01
C ASN WF 73 28.67 -31.37 118.64
N GLU WF 74 28.50 -30.48 119.61
CA GLU WF 74 28.65 -29.06 119.36
C GLU WF 74 30.07 -28.60 119.67
N ASN WF 75 30.43 -27.43 119.16
CA ASN WF 75 31.80 -26.96 119.13
C ASN WF 75 32.03 -25.90 120.19
N GLN WF 76 33.09 -26.07 120.98
CA GLN WF 76 33.58 -25.06 121.89
C GLN WF 76 34.98 -24.67 121.44
N SER WF 77 35.15 -23.42 121.03
CA SER WF 77 36.43 -22.94 120.51
C SER WF 77 36.81 -21.62 121.16
N ILE WF 78 38.09 -21.44 121.42
CA ILE WF 78 38.65 -20.21 121.94
C ILE WF 78 39.87 -19.86 121.11
N ARG WF 79 39.90 -18.63 120.59
CA ARG WF 79 41.04 -18.13 119.82
C ARG WF 79 41.60 -16.89 120.48
N THR WF 80 42.91 -16.79 120.53
CA THR WF 80 43.60 -15.63 121.08
C THR WF 80 44.77 -15.27 120.18
N VAL WF 81 44.93 -13.98 119.89
CA VAL WF 81 46.05 -13.49 119.09
C VAL WF 81 46.78 -12.43 119.91
N ILE WF 82 48.10 -12.52 119.95
CA ILE WF 82 48.92 -11.59 120.70
C ILE WF 82 49.80 -10.86 119.69
N SER WF 83 49.66 -9.54 119.61
CA SER WF 83 50.40 -8.73 118.66
C SER WF 83 51.20 -7.68 119.41
N GLY WF 84 52.47 -7.55 119.05
CA GLY WF 84 53.32 -6.54 119.68
C GLY WF 84 54.75 -6.72 119.21
N SER WF 85 55.57 -5.74 119.56
CA SER WF 85 56.99 -5.79 119.21
C SER WF 85 57.73 -6.72 120.15
N ALA WF 86 58.75 -7.38 119.61
CA ALA WF 86 59.57 -8.27 120.43
C ALA WF 86 60.31 -7.50 121.51
N GLU WF 87 60.77 -6.29 121.21
CA GLU WF 87 61.55 -5.53 122.18
C GLU WF 87 60.71 -5.07 123.36
N ASN WF 88 59.44 -4.78 123.14
CA ASN WF 88 58.53 -4.44 124.22
C ASN WF 88 57.80 -5.65 124.76
N LEU WF 89 58.39 -6.84 124.66
CA LEU WF 89 57.77 -8.04 125.19
C LEU WF 89 57.60 -7.97 126.70
N ALA WF 90 58.58 -7.40 127.40
CA ALA WF 90 58.54 -7.40 128.86
C ALA WF 90 57.27 -6.74 129.37
N THR WF 91 56.88 -5.62 128.77
CA THR WF 91 55.64 -4.98 129.18
C THR WF 91 54.42 -5.65 128.57
N LEU WF 92 54.61 -6.43 127.50
CA LEU WF 92 53.47 -7.11 126.88
C LEU WF 92 52.90 -8.19 127.78
N LYS WF 93 53.76 -8.91 128.50
CA LYS WF 93 53.28 -9.95 129.40
C LYS WF 93 52.39 -9.38 130.48
N ALA WF 94 52.79 -8.26 131.07
CA ALA WF 94 51.94 -7.63 132.08
C ALA WF 94 50.62 -7.18 131.48
N GLU WF 95 50.66 -6.60 130.29
CA GLU WF 95 49.43 -6.25 129.58
C GLU WF 95 48.63 -7.50 129.25
N TRP WF 96 49.32 -8.60 128.93
CA TRP WF 96 48.63 -9.89 128.81
C TRP WF 96 48.00 -10.30 130.13
N GLU WF 97 48.74 -10.16 131.23
CA GLU WF 97 48.21 -10.58 132.52
C GLU WF 97 46.98 -9.76 132.89
N THR WF 98 47.00 -8.46 132.63
CA THR WF 98 45.84 -7.62 132.90
C THR WF 98 44.66 -8.05 132.03
N HIS WF 99 44.91 -8.34 130.76
CA HIS WF 99 43.82 -8.75 129.87
C HIS WF 99 43.13 -9.99 130.40
N LYS WF 100 43.87 -10.87 131.06
CA LYS WF 100 43.25 -12.03 131.70
C LYS WF 100 42.29 -11.57 132.79
N ARG WF 101 42.71 -10.60 133.61
CA ARG WF 101 41.88 -10.14 134.71
C ARG WF 101 40.59 -9.50 134.19
N ASN WF 102 40.70 -8.69 133.14
CA ASN WF 102 39.52 -8.00 132.63
C ASN WF 102 38.47 -8.99 132.14
N VAL WF 103 38.90 -10.02 131.41
CA VAL WF 103 37.96 -11.00 130.91
C VAL WF 103 37.33 -11.77 132.07
N ASP WF 104 38.14 -12.16 133.05
CA ASP WF 104 37.63 -12.95 134.16
C ASP WF 104 36.57 -12.19 134.94
N THR WF 105 36.84 -10.91 135.24
CA THR WF 105 35.87 -10.12 135.99
C THR WF 105 34.58 -9.93 135.20
N LEU WF 106 34.65 -10.03 133.88
CA LEU WF 106 33.48 -9.78 133.05
C LEU WF 106 32.83 -11.06 132.56
N PHE WF 107 33.60 -12.14 132.41
CA PHE WF 107 33.07 -13.40 131.91
C PHE WF 107 33.15 -14.53 132.92
N ALA WF 108 34.32 -14.76 133.52
CA ALA WF 108 34.46 -15.85 134.47
C ALA WF 108 33.63 -15.61 135.72
N SER WF 109 33.61 -14.37 136.21
CA SER WF 109 32.81 -14.01 137.36
C SER WF 109 31.52 -13.28 136.99
N GLY WF 110 31.31 -13.03 135.70
CA GLY WF 110 30.13 -12.35 135.22
C GLY WF 110 29.20 -13.28 134.46
N ASN WF 111 28.27 -12.66 133.73
CA ASN WF 111 27.32 -13.39 132.91
C ASN WF 111 27.52 -13.14 131.42
N ALA WF 112 28.76 -12.83 131.02
CA ALA WF 112 29.04 -12.63 129.61
C ALA WF 112 28.80 -13.90 128.82
N GLY WF 113 29.16 -15.06 129.38
CA GLY WF 113 28.94 -16.31 128.68
C GLY WF 113 27.49 -16.55 128.32
N LEU WF 114 26.58 -16.21 129.24
CA LEU WF 114 25.16 -16.32 128.94
C LEU WF 114 24.72 -15.31 127.89
N GLY WF 115 25.47 -14.23 127.71
CA GLY WF 115 25.10 -13.19 126.79
C GLY WF 115 24.77 -11.84 127.42
N PHE WF 116 25.13 -11.63 128.68
CA PHE WF 116 24.76 -10.41 129.40
C PHE WF 116 25.99 -9.53 129.52
N LEU WF 117 25.80 -8.22 129.35
CA LEU WF 117 26.87 -7.24 129.47
C LEU WF 117 26.59 -6.34 130.67
N ASP WF 118 27.57 -6.20 131.55
CA ASP WF 118 27.43 -5.35 132.72
C ASP WF 118 28.27 -4.10 132.56
N PRO WF 119 27.68 -2.92 132.34
CA PRO WF 119 28.48 -1.71 132.21
C PRO WF 119 29.06 -1.20 133.52
N THR WF 120 28.75 -1.86 134.65
CA THR WF 120 29.26 -1.44 135.95
C THR WF 120 30.40 -2.33 136.43
N ALA WF 121 30.89 -3.24 135.58
CA ALA WF 121 31.98 -4.11 135.99
C ALA WF 121 33.27 -3.33 136.18
N ALA WF 122 34.14 -3.84 137.04
CA ALA WF 122 35.41 -3.20 137.34
C ALA WF 122 36.44 -3.61 136.30
N ILE WF 123 36.87 -2.66 135.49
CA ILE WF 123 37.87 -2.90 134.45
C ILE WF 123 39.11 -2.08 134.80
N VAL WF 124 40.25 -2.75 134.92
CA VAL WF 124 41.48 -2.12 135.36
C VAL WF 124 42.49 -2.16 134.23
N SER WF 125 43.37 -1.16 134.22
CA SER WF 125 44.35 -1.00 133.16
C SER WF 125 45.68 -1.64 133.54
N SER WF 126 46.54 -1.80 132.53
CA SER WF 126 47.89 -2.29 132.79
C SER WF 126 48.68 -1.29 133.63
N ASP WF 127 48.45 -0.01 133.42
CA ASP WF 127 49.12 1.02 134.20
C ASP WF 127 48.69 0.93 135.67
N THR WF 128 49.65 1.14 136.57
CA THR WF 128 49.41 1.07 138.00
C THR WF 128 49.68 2.43 138.63
N THR WF 129 48.84 2.81 139.57
CA THR WF 129 48.99 4.08 140.26
C THR WF 129 50.23 4.08 141.15
N ALA XF 1 82.14 -14.74 125.97
CA ALA XF 1 81.52 -15.52 124.92
C ALA XF 1 80.59 -14.67 124.06
N ASN XF 2 79.81 -15.33 123.20
CA ASN XF 2 78.89 -14.64 122.33
C ASN XF 2 77.49 -15.22 122.52
N LYS XF 3 76.49 -14.38 122.30
CA LYS XF 3 75.11 -14.80 122.47
C LYS XF 3 74.74 -15.85 121.44
N PRO XF 4 74.31 -17.03 121.83
CA PRO XF 4 73.89 -18.03 120.84
C PRO XF 4 72.58 -17.62 120.18
N MET XF 5 72.38 -18.11 118.96
CA MET XF 5 71.14 -17.90 118.25
C MET XF 5 70.25 -19.14 118.38
N GLN XF 6 69.00 -18.94 118.20
CA GLN XF 6 68.14 -20.09 118.13
C GLN XF 6 67.56 -20.24 116.73
N PRO XF 7 67.33 -21.46 116.27
CA PRO XF 7 66.74 -21.64 114.94
C PRO XF 7 65.35 -21.02 114.87
N ILE XF 8 65.04 -20.42 113.73
CA ILE XF 8 63.76 -19.75 113.53
C ILE XF 8 62.89 -20.56 112.59
N THR XF 9 63.34 -20.71 111.36
CA THR XF 9 62.58 -21.36 110.30
C THR XF 9 63.30 -22.62 109.87
N SER XF 10 62.81 -23.77 110.33
CA SER XF 10 63.36 -25.06 109.93
C SER XF 10 62.63 -25.54 108.70
N THR XF 11 63.30 -25.50 107.55
CA THR XF 11 62.75 -25.92 106.28
C THR XF 11 63.52 -27.16 105.83
N ALA XF 12 63.04 -27.81 104.76
CA ALA XF 12 63.70 -29.00 104.26
C ALA XF 12 65.15 -28.71 103.90
N ASN XF 13 65.43 -27.53 103.36
CA ASN XF 13 66.77 -27.18 102.93
C ASN XF 13 67.38 -25.98 103.66
N LYS XF 14 66.57 -25.16 104.30
CA LYS XF 14 67.05 -23.93 104.92
C LYS XF 14 66.73 -23.90 106.41
N ILE XF 15 67.70 -23.48 107.21
CA ILE XF 15 67.51 -23.22 108.62
C ILE XF 15 68.09 -21.86 108.94
N VAL XF 16 67.32 -21.03 109.62
CA VAL XF 16 67.70 -19.65 109.91
C VAL XF 16 67.82 -19.48 111.43
N TRP XF 17 68.96 -18.99 111.87
CA TRP XF 17 69.18 -18.65 113.27
C TRP XF 17 68.93 -17.16 113.49
N SER XF 18 68.69 -16.80 114.74
CA SER XF 18 68.49 -15.39 115.09
C SER XF 18 68.74 -15.20 116.57
N ASP XF 19 69.37 -14.10 116.92
CA ASP XF 19 69.66 -13.81 118.31
C ASP XF 19 68.37 -13.40 119.02
N PRO XF 20 68.03 -14.02 120.14
CA PRO XF 20 66.78 -13.65 120.83
C PRO XF 20 66.73 -12.19 121.23
N THR XF 21 67.85 -11.61 121.65
CA THR XF 21 67.84 -10.21 122.06
C THR XF 21 67.74 -9.28 120.87
N ARG XF 22 68.44 -9.57 119.79
CA ARG XF 22 68.42 -8.77 118.57
C ARG XF 22 67.97 -9.66 117.43
N LEU XF 23 66.70 -9.54 117.05
CA LEU XF 23 66.18 -10.36 115.97
C LEU XF 23 66.73 -9.96 114.61
N SER XF 24 67.36 -8.80 114.50
CA SER XF 24 67.91 -8.37 113.22
C SER XF 24 69.04 -9.27 112.79
N THR XF 25 69.93 -9.62 113.70
CA THR XF 25 71.07 -10.46 113.36
C THR XF 25 70.60 -11.87 113.05
N THR XF 26 71.05 -12.40 111.91
CA THR XF 26 70.62 -13.72 111.47
C THR XF 26 71.80 -14.45 110.86
N PHE XF 27 71.69 -15.77 110.81
CA PHE XF 27 72.66 -16.61 110.11
C PHE XF 27 71.88 -17.75 109.47
N SER XF 28 71.71 -17.70 108.15
CA SER XF 28 70.89 -18.66 107.44
C SER XF 28 71.78 -19.52 106.55
N ALA XF 29 71.59 -20.84 106.63
CA ALA XF 29 72.33 -21.80 105.82
C ALA XF 29 71.33 -22.56 104.95
N SER XF 30 71.58 -22.56 103.65
CA SER XF 30 70.72 -23.24 102.70
C SER XF 30 71.54 -24.23 101.89
N LEU XF 31 71.00 -25.41 101.69
CA LEU XF 31 71.68 -26.48 100.96
C LEU XF 31 70.91 -26.83 99.70
N LEU XF 32 71.64 -27.14 98.64
CA LEU XF 32 71.05 -27.55 97.37
C LEU XF 32 71.84 -28.75 96.87
N ARG XF 33 71.25 -29.93 97.00
CA ARG XF 33 71.91 -31.18 96.61
C ARG XF 33 71.48 -31.53 95.18
N GLN XF 34 72.44 -31.76 94.31
CA GLN XF 34 72.18 -32.01 92.91
C GLN XF 34 72.84 -33.31 92.48
N ARG XF 35 72.21 -33.97 91.51
CA ARG XF 35 72.65 -35.26 91.00
C ARG XF 35 73.38 -35.00 89.69
N VAL XF 36 74.71 -35.05 89.74
CA VAL XF 36 75.56 -34.75 88.60
C VAL XF 36 76.38 -35.98 88.26
N LYS XF 37 76.53 -36.25 86.97
CA LYS XF 37 77.28 -37.40 86.50
C LYS XF 37 78.40 -36.94 85.57
N VAL XF 38 79.61 -37.40 85.86
CA VAL XF 38 80.76 -37.12 85.01
C VAL XF 38 81.21 -38.43 84.38
N GLY XF 39 82.26 -38.38 83.56
CA GLY XF 39 82.73 -39.56 82.85
C GLY XF 39 82.80 -40.81 83.69
N ILE XF 40 81.98 -41.81 83.33
CA ILE XF 40 81.82 -43.09 84.00
C ILE XF 40 81.89 -42.96 85.52
N ALA XF 41 81.33 -41.88 86.05
CA ALA XF 41 81.33 -41.67 87.50
C ALA XF 41 80.07 -40.93 87.90
N GLU XF 42 79.45 -41.37 88.99
CA GLU XF 42 78.25 -40.76 89.53
C GLU XF 42 78.62 -39.94 90.76
N LEU XF 43 78.23 -38.67 90.75
CA LEU XF 43 78.63 -37.74 91.80
C LEU XF 43 77.40 -37.11 92.44
N ASN XF 44 77.55 -36.71 93.69
CA ASN XF 44 76.51 -36.01 94.44
C ASN XF 44 77.01 -34.59 94.71
N ASN XF 45 76.57 -33.64 93.89
CA ASN XF 45 77.00 -32.27 94.05
C ASN XF 45 76.16 -31.57 95.13
N VAL XF 46 76.86 -30.85 96.01
CA VAL XF 46 76.22 -30.11 97.09
C VAL XF 46 76.69 -28.67 97.02
N SER XF 47 75.75 -27.73 96.98
CA SER XF 47 76.06 -26.31 96.94
C SER XF 47 75.43 -25.66 98.17
N GLY XF 48 76.26 -25.39 99.17
CA GLY XF 48 75.80 -24.83 100.42
C GLY XF 48 75.99 -23.33 100.47
N GLN XF 49 74.89 -22.61 100.70
CA GLN XF 49 74.88 -21.17 100.77
C GLN XF 49 74.72 -20.74 102.22
N TYR XF 50 75.62 -19.89 102.70
CA TYR XF 50 75.61 -19.41 104.07
C TYR XF 50 75.58 -17.88 104.06
N VAL XF 51 74.62 -17.30 104.77
CA VAL XF 51 74.42 -15.86 104.79
C VAL XF 51 74.46 -15.40 106.23
N SER XF 52 75.26 -14.37 106.50
CA SER XF 52 75.33 -13.74 107.81
C SER XF 52 74.92 -12.28 107.65
N VAL XF 53 73.92 -11.86 108.41
CA VAL XF 53 73.35 -10.52 108.29
C VAL XF 53 73.40 -9.83 109.64
N TYR XF 54 73.85 -8.58 109.64
CA TYR XF 54 73.84 -7.74 110.83
C TYR XF 54 73.52 -6.32 110.42
N LYS XF 55 72.63 -5.69 111.19
CA LYS XF 55 72.28 -4.29 110.97
C LYS XF 55 73.06 -3.44 111.97
N ARG XF 56 73.94 -2.58 111.45
CA ARG XF 56 74.85 -1.83 112.30
C ARG XF 56 74.49 -0.35 112.28
N PRO XF 57 74.49 0.31 113.44
CA PRO XF 57 74.23 1.74 113.47
C PRO XF 57 75.31 2.55 112.77
N ALA XF 58 75.00 3.78 112.46
CA ALA XF 58 75.95 4.52 111.69
C ALA XF 58 77.18 4.72 112.49
N PRO XF 59 78.22 5.19 111.84
CA PRO XF 59 79.46 5.44 112.55
C PRO XF 59 79.27 6.17 113.84
N LYS XF 60 78.18 6.94 113.99
CA LYS XF 60 77.93 7.73 115.19
C LYS XF 60 78.78 8.96 115.18
N PRO XF 61 78.14 10.10 115.39
CA PRO XF 61 78.90 11.34 115.28
C PRO XF 61 80.18 11.13 115.95
N GLU XF 62 81.22 11.53 115.27
CA GLU XF 62 82.53 11.39 115.81
C GLU XF 62 82.70 12.28 116.98
N GLY XF 63 83.91 12.76 117.15
CA GLY XF 63 84.18 13.58 118.30
C GLY XF 63 83.66 12.73 119.42
N CYS XF 64 82.56 13.15 120.01
CA CYS XF 64 81.96 12.37 121.06
C CYS XF 64 80.53 12.12 120.73
N ALA XF 65 79.85 11.47 121.66
CA ALA XF 65 78.47 11.23 121.47
C ALA XF 65 77.85 10.92 122.81
N ASP XF 66 76.58 11.25 122.96
CA ASP XF 66 75.91 11.01 124.20
C ASP XF 66 75.47 9.58 124.24
N ALA XF 67 74.17 9.39 124.45
CA ALA XF 67 73.64 8.06 124.45
C ALA XF 67 72.27 8.25 123.92
N CYS XF 68 72.07 9.33 123.21
CA CYS XF 68 70.73 9.63 122.72
C CYS XF 68 70.84 10.27 121.36
N VAL XF 69 71.76 9.79 120.54
CA VAL XF 69 71.80 10.33 119.20
C VAL XF 69 71.16 9.34 118.29
N ILE XF 70 71.45 8.06 118.50
CA ILE XF 70 70.80 7.02 117.71
C ILE XF 70 70.77 7.31 116.24
N MET XF 71 71.86 7.01 115.56
CA MET XF 71 71.91 7.24 114.14
C MET XF 71 71.26 6.09 113.44
N PRO XF 72 70.93 6.27 112.17
CA PRO XF 72 70.27 5.22 111.43
C PRO XF 72 71.10 3.96 111.38
N ASN XF 73 70.52 2.90 110.84
CA ASN XF 73 71.25 1.66 110.75
C ASN XF 73 71.54 1.30 109.32
N GLU XF 74 72.53 0.46 109.10
CA GLU XF 74 73.00 0.10 107.77
C GLU XF 74 73.25 -1.40 107.73
N ASN XF 75 73.15 -1.96 106.54
CA ASN XF 75 73.18 -3.40 106.36
C ASN XF 75 74.60 -3.90 106.15
N GLN XF 76 75.01 -4.85 106.98
CA GLN XF 76 76.27 -5.57 106.81
C GLN XF 76 75.95 -7.02 106.49
N SER XF 77 76.46 -7.52 105.37
CA SER XF 77 76.14 -8.85 104.91
C SER XF 77 77.40 -9.59 104.50
N ILE XF 78 77.38 -10.91 104.70
CA ILE XF 78 78.47 -11.79 104.32
C ILE XF 78 77.86 -13.06 103.76
N ARG XF 79 78.06 -13.33 102.49
CA ARG XF 79 77.53 -14.52 101.84
C ARG XF 79 78.67 -15.36 101.30
N THR XF 80 78.62 -16.66 101.59
CA THR XF 80 79.58 -17.62 101.05
C THR XF 80 78.81 -18.80 100.51
N VAL XF 81 79.23 -19.32 99.36
CA VAL XF 81 78.65 -20.52 98.78
C VAL XF 81 79.78 -21.53 98.57
N ILE XF 82 79.52 -22.78 98.92
CA ILE XF 82 80.49 -23.86 98.79
C ILE XF 82 79.88 -24.88 97.85
N SER XF 83 80.50 -25.06 96.69
CA SER XF 83 79.98 -25.96 95.68
C SER XF 83 81.01 -27.03 95.38
N GLY XF 84 80.56 -28.28 95.35
CA GLY XF 84 81.45 -29.39 95.04
C GLY XF 84 80.78 -30.70 95.37
N SER XF 85 81.43 -31.77 94.91
CA SER XF 85 80.92 -33.11 95.14
C SER XF 85 81.25 -33.56 96.56
N ALA XF 86 80.32 -34.27 97.19
CA ALA XF 86 80.56 -34.79 98.52
C ALA XF 86 81.54 -35.96 98.50
N GLU XF 87 81.77 -36.56 97.33
CA GLU XF 87 82.65 -37.73 97.26
C GLU XF 87 84.09 -37.38 97.62
N ASN XF 88 84.55 -36.19 97.27
CA ASN XF 88 85.88 -35.71 97.61
C ASN XF 88 85.78 -34.53 98.56
N LEU XF 89 84.91 -34.66 99.57
CA LEU XF 89 84.70 -33.58 100.53
C LEU XF 89 85.96 -33.30 101.34
N ALA XF 90 86.69 -34.33 101.74
CA ALA XF 90 87.83 -34.14 102.64
C ALA XF 90 88.84 -33.20 102.03
N THR XF 91 89.16 -33.38 100.74
CA THR XF 91 90.06 -32.46 100.07
C THR XF 91 89.38 -31.15 99.74
N LEU XF 92 88.04 -31.15 99.67
CA LEU XF 92 87.33 -29.90 99.43
C LEU XF 92 87.45 -28.97 100.61
N LYS XF 93 87.56 -29.53 101.82
CA LYS XF 93 87.78 -28.68 102.99
C LYS XF 93 89.14 -28.01 102.93
N ALA XF 94 90.09 -28.59 102.20
CA ALA XF 94 91.46 -28.10 102.24
C ALA XF 94 91.55 -26.66 101.74
N GLU XF 95 90.87 -26.33 100.64
CA GLU XF 95 90.95 -24.96 100.15
C GLU XF 95 90.08 -24.03 100.97
N TRP XF 96 89.18 -24.56 101.80
CA TRP XF 96 88.32 -23.70 102.61
C TRP XF 96 89.14 -22.79 103.51
N GLU XF 97 90.07 -23.36 104.28
CA GLU XF 97 90.95 -22.51 105.07
C GLU XF 97 91.92 -21.76 104.17
N THR XF 98 92.32 -22.37 103.05
CA THR XF 98 93.12 -21.64 102.08
C THR XF 98 92.35 -20.45 101.53
N HIS XF 99 91.07 -20.66 101.20
CA HIS XF 99 90.22 -19.53 100.82
C HIS XF 99 90.08 -18.57 101.98
N LYS XF 100 89.95 -19.09 103.20
CA LYS XF 100 89.95 -18.25 104.38
C LYS XF 100 91.27 -17.49 104.50
N ARG XF 101 92.38 -18.18 104.29
CA ARG XF 101 93.68 -17.54 104.40
C ARG XF 101 93.86 -16.46 103.35
N ASN XF 102 93.45 -16.74 102.11
CA ASN XF 102 93.66 -15.79 101.03
C ASN XF 102 92.87 -14.52 101.24
N VAL XF 103 91.61 -14.64 101.66
CA VAL XF 103 90.80 -13.45 101.90
C VAL XF 103 91.31 -12.69 103.11
N ASP XF 104 91.75 -13.41 104.15
CA ASP XF 104 92.25 -12.74 105.35
C ASP XF 104 93.51 -11.93 105.03
N THR XF 105 94.44 -12.52 104.29
CA THR XF 105 95.65 -11.79 103.96
C THR XF 105 95.38 -10.66 102.98
N LEU XF 106 94.21 -10.66 102.36
CA LEU XF 106 93.86 -9.62 101.39
C LEU XF 106 92.89 -8.60 101.94
N PHE XF 107 91.97 -9.02 102.83
CA PHE XF 107 90.95 -8.14 103.37
C PHE XF 107 91.14 -7.86 104.85
N ALA XF 108 91.43 -8.88 105.64
CA ALA XF 108 91.61 -8.67 107.08
C ALA XF 108 92.90 -7.90 107.36
N SER XF 109 94.05 -8.48 107.01
CA SER XF 109 95.30 -7.77 107.22
C SER XF 109 95.43 -6.59 106.28
N GLY XF 110 94.96 -6.73 105.04
CA GLY XF 110 95.01 -5.65 104.07
C GLY XF 110 93.90 -4.66 104.26
N ASN XF 111 93.76 -3.77 103.28
CA ASN XF 111 92.74 -2.73 103.30
C ASN XF 111 91.77 -2.85 102.14
N ALA XF 112 91.54 -4.07 101.66
CA ALA XF 112 90.60 -4.27 100.55
C ALA XF 112 89.18 -3.87 100.95
N GLY XF 113 88.85 -3.96 102.23
CA GLY XF 113 87.54 -3.54 102.67
C GLY XF 113 87.30 -2.06 102.43
N LEU XF 114 88.35 -1.25 102.55
CA LEU XF 114 88.22 0.17 102.25
C LEU XF 114 87.88 0.41 100.78
N GLY XF 115 88.49 -0.38 99.89
CA GLY XF 115 88.26 -0.22 98.48
C GLY XF 115 89.54 -0.30 97.68
N PHE XF 116 90.63 -0.61 98.36
CA PHE XF 116 91.94 -0.70 97.71
C PHE XF 116 92.20 -2.12 97.23
N LEU XF 117 93.06 -2.24 96.23
CA LEU XF 117 93.53 -3.52 95.75
C LEU XF 117 95.04 -3.57 95.87
N ASP XF 118 95.57 -4.73 96.23
CA ASP XF 118 97.00 -4.92 96.46
C ASP XF 118 97.44 -6.01 95.49
N PRO XF 119 97.91 -5.65 94.30
CA PRO XF 119 98.36 -6.68 93.34
C PRO XF 119 99.56 -7.47 93.81
N THR XF 120 100.31 -6.98 94.79
CA THR XF 120 101.52 -7.66 95.25
C THR XF 120 101.30 -8.44 96.53
N ALA XF 121 100.05 -8.68 96.93
CA ALA XF 121 99.78 -9.43 98.13
C ALA XF 121 100.12 -10.91 97.94
N ALA XF 122 100.37 -11.59 99.05
CA ALA XF 122 100.78 -12.99 99.03
C ALA XF 122 99.54 -13.87 99.07
N ILE XF 123 99.30 -14.59 97.97
CA ILE XF 123 98.16 -15.49 97.84
C ILE XF 123 98.70 -16.89 97.61
N VAL XF 124 98.43 -17.78 98.55
CA VAL XF 124 99.01 -19.12 98.57
C VAL XF 124 97.97 -20.14 98.11
N SER XF 125 98.43 -21.24 97.54
CA SER XF 125 97.54 -22.26 97.03
C SER XF 125 97.08 -23.21 98.13
N SER XF 126 96.02 -23.97 97.84
CA SER XF 126 95.56 -25.00 98.76
C SER XF 126 96.58 -26.11 98.90
N ASP XF 127 97.18 -26.53 97.78
CA ASP XF 127 98.14 -27.63 97.82
C ASP XF 127 99.40 -27.25 98.60
N THR XF 128 100.12 -28.27 99.04
CA THR XF 128 101.33 -28.10 99.81
C THR XF 128 102.56 -28.12 98.90
N THR XF 129 103.66 -27.55 99.40
CA THR XF 129 104.92 -27.55 98.68
C THR XF 129 105.61 -28.91 98.75
N ALA YF 1 77.90 -51.91 115.88
CA ALA YF 1 76.65 -51.15 115.80
C ALA YF 1 76.30 -50.86 114.35
N ASN YF 2 75.43 -49.87 114.15
CA ASN YF 2 74.99 -49.47 112.83
C ASN YF 2 75.10 -47.96 112.69
N LYS YF 3 75.62 -47.51 111.56
CA LYS YF 3 75.74 -46.08 111.32
C LYS YF 3 74.35 -45.46 111.22
N PRO YF 4 74.02 -44.48 112.04
CA PRO YF 4 72.70 -43.87 111.97
C PRO YF 4 72.57 -42.93 110.78
N MET YF 5 71.36 -42.82 110.25
CA MET YF 5 71.12 -41.82 109.23
C MET YF 5 70.78 -40.48 109.88
N GLN YF 6 70.83 -39.43 109.07
CA GLN YF 6 70.38 -38.12 109.47
C GLN YF 6 69.23 -37.69 108.60
N PRO YF 7 68.28 -36.92 109.12
CA PRO YF 7 67.18 -36.43 108.29
C PRO YF 7 67.69 -35.54 107.18
N ILE YF 8 67.03 -35.61 106.03
CA ILE YF 8 67.39 -34.83 104.84
C ILE YF 8 66.37 -33.73 104.58
N THR YF 9 65.14 -34.11 104.28
CA THR YF 9 64.06 -33.16 104.07
C THR YF 9 63.01 -33.38 105.15
N SER YF 10 62.73 -32.32 105.91
CA SER YF 10 61.76 -32.38 106.98
C SER YF 10 60.47 -31.67 106.54
N THR YF 11 59.35 -32.33 106.76
CA THR YF 11 58.06 -31.80 106.38
C THR YF 11 57.03 -32.29 107.37
N ALA YF 12 55.89 -31.60 107.43
CA ALA YF 12 54.82 -32.01 108.33
C ALA YF 12 54.30 -33.40 108.01
N ASN YF 13 54.55 -33.90 106.79
CA ASN YF 13 54.09 -35.21 106.38
C ASN YF 13 55.22 -36.22 106.19
N LYS YF 14 56.34 -35.81 105.61
CA LYS YF 14 57.37 -36.74 105.20
C LYS YF 14 58.73 -36.33 105.75
N ILE YF 15 59.49 -37.30 106.21
CA ILE YF 15 60.88 -37.09 106.65
C ILE YF 15 61.73 -38.18 106.00
N VAL YF 16 62.87 -37.79 105.45
CA VAL YF 16 63.74 -38.70 104.72
C VAL YF 16 65.08 -38.76 105.42
N TRP YF 17 65.54 -39.98 105.73
CA TRP YF 17 66.84 -40.21 106.33
C TRP YF 17 67.80 -40.75 105.29
N SER YF 18 69.05 -40.31 105.34
CA SER YF 18 70.09 -40.81 104.45
C SER YF 18 71.39 -40.98 105.23
N ASP YF 19 72.18 -41.96 104.82
CA ASP YF 19 73.40 -42.30 105.54
C ASP YF 19 74.53 -41.39 105.12
N PRO YF 20 75.27 -40.79 106.07
CA PRO YF 20 76.39 -39.93 105.68
C PRO YF 20 77.46 -40.64 104.87
N THR YF 21 77.79 -41.89 105.20
CA THR YF 21 78.83 -42.58 104.47
C THR YF 21 78.36 -42.99 103.08
N ARG YF 22 77.14 -43.52 102.98
CA ARG YF 22 76.53 -43.89 101.71
C ARG YF 22 75.30 -43.02 101.51
N LEU YF 23 75.43 -41.98 100.68
CA LEU YF 23 74.33 -41.05 100.48
C LEU YF 23 73.12 -41.72 99.84
N SER YF 24 73.31 -42.87 99.19
CA SER YF 24 72.20 -43.49 98.47
C SER YF 24 71.27 -44.23 99.42
N THR YF 25 71.80 -44.81 100.50
CA THR YF 25 70.95 -45.50 101.46
C THR YF 25 69.92 -44.55 102.03
N THR YF 26 68.66 -44.98 102.06
CA THR YF 26 67.56 -44.08 102.36
C THR YF 26 66.47 -44.81 103.13
N PHE YF 27 65.95 -44.14 104.16
CA PHE YF 27 64.76 -44.59 104.88
C PHE YF 27 63.81 -43.40 104.98
N SER YF 28 62.69 -43.47 104.28
CA SER YF 28 61.73 -42.38 104.24
C SER YF 28 60.41 -42.82 104.84
N ALA YF 29 59.76 -41.92 105.57
CA ALA YF 29 58.46 -42.18 106.17
C ALA YF 29 57.52 -41.03 105.86
N SER YF 30 56.33 -41.35 105.38
CA SER YF 30 55.32 -40.35 105.06
C SER YF 30 53.98 -40.81 105.62
N LEU YF 31 53.26 -39.87 106.23
CA LEU YF 31 51.99 -40.16 106.89
C LEU YF 31 50.88 -39.31 106.30
N LEU YF 32 49.72 -39.93 106.13
CA LEU YF 32 48.52 -39.25 105.64
C LEU YF 32 47.43 -39.46 106.68
N ARG YF 33 47.11 -38.42 107.43
CA ARG YF 33 46.10 -38.48 108.48
C ARG YF 33 44.77 -38.01 107.91
N GLN YF 34 43.71 -38.79 108.18
CA GLN YF 34 42.40 -38.53 107.62
C GLN YF 34 41.35 -38.92 108.64
N ARG YF 35 40.21 -38.24 108.57
CA ARG YF 35 39.08 -38.52 109.45
C ARG YF 35 38.01 -39.25 108.65
N VAL YF 36 37.56 -40.40 109.18
CA VAL YF 36 36.52 -41.19 108.56
C VAL YF 36 35.46 -41.48 109.60
N LYS YF 37 34.23 -41.68 109.16
CA LYS YF 37 33.10 -41.99 110.02
C LYS YF 37 32.41 -43.25 109.53
N VAL YF 38 32.20 -44.21 110.43
CA VAL YF 38 31.56 -45.46 110.07
C VAL YF 38 30.31 -45.69 110.93
N GLY YF 39 30.47 -45.71 112.25
CA GLY YF 39 29.35 -45.87 113.15
C GLY YF 39 28.85 -44.54 113.65
N ILE YF 40 28.40 -43.68 112.73
CA ILE YF 40 28.01 -42.30 112.97
C ILE YF 40 28.92 -41.64 114.00
N ALA YF 41 30.19 -42.05 114.01
CA ALA YF 41 31.19 -41.52 114.93
C ALA YF 41 32.47 -41.29 114.14
N GLU YF 42 33.03 -40.09 114.25
CA GLU YF 42 34.23 -39.76 113.51
C GLU YF 42 35.41 -40.56 114.05
N LEU YF 43 36.25 -41.06 113.15
CA LEU YF 43 37.47 -41.75 113.51
C LEU YF 43 38.65 -41.13 112.75
N ASN YF 44 39.75 -40.95 113.46
CA ASN YF 44 40.95 -40.34 112.90
C ASN YF 44 41.85 -41.46 112.40
N ASN YF 45 41.82 -41.69 111.09
CA ASN YF 45 42.62 -42.74 110.47
C ASN YF 45 43.99 -42.20 110.09
N VAL YF 46 45.02 -42.99 110.35
CA VAL YF 46 46.40 -42.62 110.06
C VAL YF 46 46.99 -43.68 109.15
N SER YF 47 47.53 -43.24 108.01
CA SER YF 47 48.16 -44.13 107.05
C SER YF 47 49.65 -43.78 106.98
N GLY YF 48 50.48 -44.68 107.48
CA GLY YF 48 51.91 -44.44 107.52
C GLY YF 48 52.69 -45.28 106.52
N GLN YF 49 53.36 -44.62 105.58
CA GLN YF 49 54.11 -45.30 104.53
C GLN YF 49 55.60 -45.24 104.88
N TYR YF 50 56.20 -46.40 105.08
CA TYR YF 50 57.61 -46.51 105.42
C TYR YF 50 58.34 -47.22 104.29
N VAL YF 51 59.39 -46.59 103.77
CA VAL YF 51 60.14 -47.12 102.64
C VAL YF 51 61.62 -47.13 102.99
N SER YF 52 62.27 -48.26 102.75
CA SER YF 52 63.71 -48.42 102.94
C SER YF 52 64.34 -48.81 101.61
N VAL YF 53 65.39 -48.10 101.21
CA VAL YF 53 66.03 -48.29 99.92
C VAL YF 53 67.53 -48.47 100.13
N TYR YF 54 68.09 -49.49 99.50
CA TYR YF 54 69.52 -49.74 99.49
C TYR YF 54 69.94 -50.14 98.09
N LYS YF 55 71.14 -49.76 97.69
CA LYS YF 55 71.64 -50.08 96.35
C LYS YF 55 72.76 -51.11 96.50
N ARG YF 56 72.40 -52.38 96.58
CA ARG YF 56 73.40 -53.42 96.69
C ARG YF 56 74.06 -53.63 95.34
N PRO YF 57 75.38 -53.55 95.23
CA PRO YF 57 76.04 -53.98 94.00
C PRO YF 57 75.76 -55.45 93.74
N ALA YF 58 75.49 -55.77 92.48
CA ALA YF 58 75.14 -57.14 92.13
C ALA YF 58 76.36 -58.04 92.30
N PRO YF 59 76.18 -59.37 92.41
CA PRO YF 59 77.32 -60.22 92.79
C PRO YF 59 78.41 -60.23 91.73
N LYS YF 60 79.19 -59.16 91.72
CA LYS YF 60 80.28 -58.92 90.78
C LYS YF 60 81.21 -60.11 90.62
N PRO YF 61 81.75 -60.69 91.70
CA PRO YF 61 82.74 -61.76 91.51
C PRO YF 61 82.12 -62.97 90.85
N GLU YF 62 82.92 -63.59 89.98
CA GLU YF 62 82.59 -64.85 89.33
C GLU YF 62 83.87 -65.71 89.37
N GLY YF 63 84.46 -65.80 90.55
CA GLY YF 63 85.76 -66.41 90.68
C GLY YF 63 86.80 -65.30 90.67
N CYS YF 64 86.75 -64.44 89.68
CA CYS YF 64 87.65 -63.30 89.59
C CYS YF 64 87.14 -62.10 90.38
N ALA YF 65 87.90 -61.67 91.39
CA ALA YF 65 87.57 -60.46 92.13
C ALA YF 65 88.07 -59.19 91.43
N ASP YF 66 89.38 -59.10 91.24
CA ASP YF 66 90.06 -57.96 90.61
C ASP YF 66 89.92 -56.68 91.42
N ALA YF 67 90.91 -55.79 91.30
CA ALA YF 67 90.93 -54.56 92.09
C ALA YF 67 89.71 -53.67 91.80
N CYS YF 68 89.44 -53.35 90.54
CA CYS YF 68 88.43 -52.35 90.24
C CYS YF 68 87.57 -52.65 89.02
N VAL YF 69 87.07 -53.88 88.86
CA VAL YF 69 85.89 -54.06 88.03
C VAL YF 69 84.67 -53.65 88.85
N ILE YF 70 83.95 -52.64 88.38
CA ILE YF 70 82.84 -52.07 89.13
C ILE YF 70 81.59 -52.21 88.26
N MET YF 71 80.67 -53.06 88.69
CA MET YF 71 79.48 -53.33 87.91
C MET YF 71 78.29 -52.79 88.70
N PRO YF 72 77.18 -52.43 88.05
CA PRO YF 72 76.21 -51.55 88.68
C PRO YF 72 75.44 -52.20 89.83
N ASN YF 73 74.69 -51.36 90.52
CA ASN YF 73 73.96 -51.73 91.72
C ASN YF 73 72.58 -52.27 91.35
N GLU YF 74 71.92 -52.87 92.32
CA GLU YF 74 70.55 -53.35 92.17
C GLU YF 74 69.64 -52.65 93.16
N ASN YF 75 68.35 -52.70 92.89
CA ASN YF 75 67.35 -52.05 93.73
C ASN YF 75 66.90 -53.00 94.83
N GLN YF 76 67.03 -52.57 96.08
CA GLN YF 76 66.52 -53.32 97.22
C GLN YF 76 65.58 -52.43 98.02
N SER YF 77 64.29 -52.50 97.73
CA SER YF 77 63.30 -51.64 98.36
C SER YF 77 62.39 -52.46 99.25
N ILE YF 78 62.06 -51.90 100.41
CA ILE YF 78 61.10 -52.49 101.34
C ILE YF 78 60.11 -51.40 101.71
N ARG YF 79 58.85 -51.59 101.36
CA ARG YF 79 57.81 -50.61 101.64
C ARG YF 79 56.76 -51.24 102.54
N THR YF 80 56.36 -50.50 103.57
CA THR YF 80 55.32 -50.93 104.49
C THR YF 80 54.34 -49.79 104.68
N VAL YF 81 53.05 -50.10 104.62
CA VAL YF 81 51.99 -49.13 104.88
C VAL YF 81 51.18 -49.63 106.06
N ILE YF 82 50.98 -48.75 107.05
CA ILE YF 82 50.24 -49.07 108.25
C ILE YF 82 49.00 -48.20 108.27
N SER YF 83 47.83 -48.83 108.35
CA SER YF 83 46.57 -48.11 108.30
C SER YF 83 45.69 -48.57 109.45
N GLY YF 84 44.84 -47.66 109.92
CA GLY YF 84 43.93 -47.94 111.00
C GLY YF 84 43.73 -46.72 111.86
N SER YF 85 42.59 -46.70 112.56
CA SER YF 85 42.25 -45.57 113.41
C SER YF 85 43.17 -45.50 114.61
N ALA YF 86 43.50 -44.28 115.03
CA ALA YF 86 44.34 -44.09 116.20
C ALA YF 86 43.62 -44.51 117.48
N GLU YF 87 42.29 -44.60 117.43
CA GLU YF 87 41.54 -45.03 118.61
C GLU YF 87 41.87 -46.46 119.00
N ASN YF 88 41.96 -47.36 118.01
CA ASN YF 88 42.38 -48.73 118.24
C ASN YF 88 43.87 -48.93 118.00
N LEU YF 89 44.67 -47.89 118.28
CA LEU YF 89 46.11 -48.00 118.08
C LEU YF 89 46.72 -49.07 118.95
N ALA YF 90 46.20 -49.26 120.17
CA ALA YF 90 46.78 -50.22 121.10
C ALA YF 90 46.75 -51.63 120.52
N THR YF 91 45.60 -52.04 119.98
CA THR YF 91 45.51 -53.35 119.37
C THR YF 91 46.20 -53.39 118.02
N LEU YF 92 46.33 -52.24 117.35
CA LEU YF 92 46.98 -52.23 116.05
C LEU YF 92 48.46 -52.52 116.16
N LYS YF 93 49.08 -52.12 117.28
CA LYS YF 93 50.48 -52.49 117.51
C LYS YF 93 50.63 -54.01 117.54
N ALA YF 94 49.69 -54.69 118.20
CA ALA YF 94 49.72 -56.15 118.20
C ALA YF 94 49.56 -56.70 116.79
N GLU YF 95 48.76 -56.04 115.96
CA GLU YF 95 48.63 -56.44 114.57
C GLU YF 95 49.98 -56.35 113.86
N TRP YF 96 50.71 -55.26 114.10
CA TRP YF 96 52.04 -55.13 113.54
C TRP YF 96 52.97 -56.21 114.09
N GLU YF 97 52.85 -56.52 115.38
CA GLU YF 97 53.67 -57.56 115.97
C GLU YF 97 53.43 -58.90 115.28
N THR YF 98 52.17 -59.28 115.12
CA THR YF 98 51.86 -60.54 114.45
C THR YF 98 52.30 -60.53 113.00
N HIS YF 99 52.06 -59.42 112.30
CA HIS YF 99 52.43 -59.33 110.90
C HIS YF 99 53.92 -59.56 110.71
N LYS YF 100 54.73 -59.11 111.67
CA LYS YF 100 56.17 -59.32 111.58
C LYS YF 100 56.50 -60.81 111.63
N ARG YF 101 55.89 -61.54 112.57
CA ARG YF 101 56.17 -62.96 112.70
C ARG YF 101 55.70 -63.74 111.48
N ASN YF 102 54.52 -63.40 110.97
CA ASN YF 102 54.00 -64.11 109.80
C ASN YF 102 54.92 -63.93 108.60
N VAL YF 103 55.38 -62.71 108.37
CA VAL YF 103 56.31 -62.47 107.27
C VAL YF 103 57.63 -63.19 107.53
N ASP YF 104 58.08 -63.17 108.78
CA ASP YF 104 59.34 -63.83 109.12
C ASP YF 104 59.28 -65.32 108.80
N THR YF 105 58.13 -65.94 109.02
CA THR YF 105 58.00 -67.37 108.73
C THR YF 105 58.17 -67.63 107.24
N LEU YF 106 57.49 -66.85 106.41
CA LEU YF 106 57.56 -67.08 104.97
C LEU YF 106 58.90 -66.68 104.39
N PHE YF 107 59.39 -65.51 104.77
CA PHE YF 107 60.55 -64.91 104.11
C PHE YF 107 61.84 -65.09 104.89
N ALA YF 108 61.87 -64.65 106.14
CA ALA YF 108 63.12 -64.66 106.90
C ALA YF 108 63.62 -66.08 107.11
N SER YF 109 62.73 -67.01 107.45
CA SER YF 109 63.11 -68.39 107.66
C SER YF 109 62.78 -69.28 106.48
N GLY YF 110 61.67 -69.02 105.80
CA GLY YF 110 61.27 -69.81 104.65
C GLY YF 110 62.02 -69.40 103.40
N ASN YF 111 61.55 -69.93 102.28
CA ASN YF 111 62.18 -69.69 100.98
C ASN YF 111 61.33 -68.80 100.08
N ALA YF 112 60.51 -67.92 100.67
CA ALA YF 112 59.76 -66.98 99.87
C ALA YF 112 60.69 -66.04 99.10
N GLY YF 113 61.86 -65.76 99.66
CA GLY YF 113 62.82 -64.93 98.94
C GLY YF 113 63.26 -65.55 97.64
N LEU YF 114 63.42 -66.87 97.62
CA LEU YF 114 63.77 -67.56 96.39
C LEU YF 114 62.63 -67.54 95.38
N GLY YF 115 61.39 -67.37 95.83
CA GLY YF 115 60.27 -67.33 94.93
C GLY YF 115 59.36 -68.53 95.07
N PHE YF 116 59.28 -69.08 96.28
CA PHE YF 116 58.48 -70.27 96.55
C PHE YF 116 57.47 -69.99 97.64
N LEU YF 117 56.24 -70.48 97.45
CA LEU YF 117 55.19 -70.37 98.43
C LEU YF 117 55.07 -71.68 99.18
N ASP YF 118 55.04 -71.62 100.50
CA ASP YF 118 54.93 -72.83 101.29
C ASP YF 118 53.51 -72.91 101.84
N PRO YF 119 52.64 -73.75 101.28
CA PRO YF 119 51.26 -73.81 101.78
C PRO YF 119 51.15 -74.29 103.21
N THR YF 120 52.05 -75.16 103.68
CA THR YF 120 51.93 -75.73 105.01
C THR YF 120 52.69 -74.94 106.06
N ALA YF 121 53.21 -73.76 105.72
CA ALA YF 121 53.92 -72.96 106.70
C ALA YF 121 52.97 -72.50 107.80
N ALA YF 122 53.50 -72.36 109.01
CA ALA YF 122 52.68 -72.01 110.17
C ALA YF 122 52.40 -70.52 110.18
N ILE YF 123 51.12 -70.15 110.05
CA ILE YF 123 50.68 -68.77 110.08
C ILE YF 123 49.67 -68.62 111.20
N VAL YF 124 49.86 -67.61 112.05
CA VAL YF 124 49.05 -67.42 113.24
C VAL YF 124 48.41 -66.03 113.19
N SER YF 125 47.30 -65.88 113.88
CA SER YF 125 46.57 -64.62 113.91
C SER YF 125 47.02 -63.76 115.08
N SER YF 126 46.61 -62.49 115.03
CA SER YF 126 46.87 -61.59 116.15
C SER YF 126 46.10 -62.04 117.39
N ASP YF 127 44.86 -62.46 117.21
CA ASP YF 127 44.05 -62.91 118.33
C ASP YF 127 44.66 -64.15 118.96
N THR YF 128 44.80 -64.13 120.28
CA THR YF 128 45.39 -65.24 121.01
C THR YF 128 44.31 -66.14 121.59
N THR YF 129 44.71 -67.35 121.95
CA THR YF 129 43.78 -68.32 122.53
C THR YF 129 43.73 -68.18 124.04
#